data_7PIW
#
_entry.id   7PIW
#
_cell.length_a   1.00
_cell.length_b   1.00
_cell.length_c   1.00
_cell.angle_alpha   90.00
_cell.angle_beta   90.00
_cell.angle_gamma   90.00
#
_symmetry.space_group_name_H-M   'P 1'
#
loop_
_entity.id
_entity.type
_entity.pdbx_description
1 polymer 'Photosystem II protein D1'
2 polymer 'Photosystem II CP47 reaction center protein'
3 polymer 'Photosystem II reaction center protein Ycf12'
4 polymer 'Photosystem II CP43 reaction center protein'
5 polymer 'Photosystem II D2 protein'
6 polymer 'Cytochrome b559 subunit alpha'
7 polymer 'Cytochrome b559 subunit beta'
8 polymer 'Photosystem II reaction center protein H'
9 polymer 'Photosystem II reaction center protein I'
10 polymer 'Photosystem II reaction center protein J'
11 polymer 'Photosystem II reaction center protein K'
12 polymer 'Photosystem II reaction center protein L'
13 polymer 'Photosystem II reaction center protein M'
14 polymer PsbO
15 polymer PsbP
16 polymer 'Photosystem II reaction center protein T'
17 polymer PsbW
18 polymer PsbX
19 polymer PsbZ
20 polymer 'LHCII M3'
21 polymer 'LHCII M2'
22 polymer CP29
23 polymer CP26
24 polymer 'LHCII M1'
25 polymer PsbU
26 polymer 'Photosystem II reaction center protein M'
27 polymer CP29
28 non-polymer 'CA-MN4-O5 CLUSTER'
29 non-polymer 'FE (II) ION'
30 non-polymer 'CHLORIDE ION'
31 non-polymer 'CHLOROPHYLL A'
32 non-polymer 'PHEOPHYTIN A'
33 non-polymer BETA-CAROTENE
34 non-polymer 1,2-DI-O-ACYL-3-O-[6-DEOXY-6-SULFO-ALPHA-D-GLUCOPYRANOSYL]-SN-GLYCEROL
35 non-polymer 1,2-DISTEAROYL-MONOGALACTOSYL-DIGLYCERIDE
36 non-polymer 'SODIUM ION'
37 non-polymer (1~{S})-3,5,5-trimethyl-4-[(1~{E},3~{E},5~{E},7~{E},9~{E},11~{E},13~{E},15~{E},17~{E})-3,7,12,16-tetramethyl-18-[(4~{S})-2,6,6-trimethyl-4-oxidanyl-cyclohexen-1-yl]octadeca-1,3,5,7,9,11,13,15,17-nonaenyl]cyclohex-3-en-1-ol
38 non-polymer 'DIACYL GLYCEROL'
39 non-polymer GLYCEROL
40 non-polymer 'DIGALACTOSYL DIACYL GLYCEROL (DGDG)'
41 non-polymer 1,2-DIPALMITOYL-PHOSPHATIDYL-GLYCEROLE
42 non-polymer trimethyl-[(2~{R})-1-oxidanyl-1-oxidanylidene-4-[(2~{S})-2-[(1~{S})-1-oxidanyloctadecoxy]-3-[(1~{R})-1-oxidanyloctadecoxy]propoxy]butan-2-yl]azanium
43 non-polymer 'BICARBONATE ION'
44 non-polymer 2,3-DIMETHYL-5-(3,7,11,15,19,23,27,31,35-NONAMETHYL-2,6,10,14,18,22,26,30,34-HEXATRIACONTANONAENYL-2,5-CYCLOHEXADIENE-1,4-DIONE-2,3-DIMETHYL-5-SOLANESYL-1,4-BENZOQUINONE
45 non-polymer 'PROTOPORPHYRIN IX CONTAINING FE'
46 non-polymer (3R)-beta,beta-caroten-3-ol
47 non-polymer 'CHLOROPHYLL B'
48 non-polymer "(3R,3'R,6S)-4,5-DIDEHYDRO-5,6-DIHYDRO-BETA,BETA-CAROTENE-3,3'-DIOL"
49 non-polymer "(3S,5R,6S,3'S,5'R,6'S)-5,6,5',6'-DIEPOXY-5,6,5',6'- TETRAHYDRO-BETA,BETA-CAROTENE-3,3'-DIOL"
50 non-polymer (1R,3R)-6-{(3E,5E,7E,9E,11E,13E,15E,17E)-18-[(1S,4R,6R)-4-HYDROXY-2,2,6-TRIMETHYL-7-OXABICYCLO[4.1.0]HEPT-1-YL]-3,7,12,16-TETRAMETHYLOCTADECA-1,3,5,7,9,11,13,15,17-NONAENYLIDENE}-1,5,5-TRIMETHYLCYCLOHEXANE-1,3-DIOL
51 non-polymer '(2S)-3-{[(R)-(2-aminoethoxy)(hydroxy)phosphoryl]oxy}-2-hydroxypropyl hexadecanoate'
52 non-polymer 1,2-DIACYL-GLYCEROL-3-SN-PHOSPHATE
53 non-polymer SPHINGOSINE
54 non-polymer Tripalmitoylglycerol
55 non-polymer DODECYL-BETA-D-MALTOSIDE
56 non-polymer ERGOSTEROL
57 non-polymer PHOSPHATIDYLETHANOLAMINE
#
loop_
_entity_poly.entity_id
_entity_poly.type
_entity_poly.pdbx_seq_one_letter_code
_entity_poly.pdbx_strand_id
1 'polypeptide(L)'
;ENTSLWARFCEWITSTENRLYIGWFGVIMIPTLLTAISVYIIAFIAAPPVDIDGIREPVSGSLLYGNNIITGAVVPTSNA
IGLHFYPIWEAASLDEWLYNGGPYQLVVCHFFLGVCCYMGREWELSYRLGMRPWIAVAYSAPVAAATAVFIIYPIGQGSF
SDGMPLGISGTFNFMIVFQAEHNILMHPFHMFGVAGVFGGSLFSAMHGSLVTSSLIRETTENESANAGYKFGQEEETYNI
VAAHGYFGRLIFQYASFNNSRSLHFFLAVWPVVCIWLTALGISTMAFNLNGFNFNQSVVDSNGRVLNTWADIINRANLGM
EVMHERNAHNFPLDLA
;
A,a,A1,a1
2 'polypeptide(L)'
;GLPWYRVHTVVINDPGRLISVHLMHTALVAGWAGAMTLFEIAVFDPSDPVLNPMWRQGMFVLPFLTRLGVTQSWGGWTIS
GETSSNPGIWSYEGAAASHIVLSGLLFLASVWHWVYWDLELFRDPRTGKTALDLPKIFGIHLFLAGLLCFGFGAFHVTGV
FGPGIWVSDPYGLTGSVQPVAPSWGAEGFDPYNPGGVPAHHIAAGILGVLAGLFHLCVRPSIRLYFGLSMGSIESVLSSS
IAAVFWAAFVVAGTMWYGSAATPIELFGPTRYQWDQGFFQQEIQKRVAQSTSEGLSVSEAWAKIPEKLAFYDYIGNNPAK
GGLFRTGAMNSGDGIAVGWLGHASFKDQEGRELFVRRMPTFFETFPVVLIDKDGVVRADVPFRKAESKYSIEQVGVSVTF
YGGELNGLTFTDPSTVKKYARKAQLGEIFEFDRSTLQSDGVFRSSPRGWFTFGHLSFALLFFFGHIWHGSRTIFRDVFAG
IDED
;
B,b,B1,b1
3 'polypeptide(L)' SLTLILQLVALFAVVAAGPLVVVLLSVRGGNL V,v,V1,v1
4 'polypeptide(L)'
;GRDQETTGFAWWAGNARLINLSGKLLGAHVAHAGLIVFWAGAMNLFEVSHFVPEKPMYEQGLILLPHIATLGYGVGPGGE
VLDTFPYFVSGVLHLISSAVLGFGGVYHSLIGPETLEESYPFFGYVWKDKNKMTNILGYHLIILGCGAWLLVLKALYFGG
VYDTWAPGGGDVRIISNPTTNAAIIFGYIVKSPFGGDGWIVSVDNLEDIIGGHIWIGTLCILGGIWHIYTTPWPWARRAF
VWSGEAYLSYSLAAVSLMGFTACCFAWFNNTAYPSEFYGPTGPEASQAQAFTFLVRDQRLGANVASAQGPTGLGKYLMRS
PTGEIIFGGETMRFWDFRGPWVEPLRGPSGLDLVKLKNDIQPWQERRAAEYMTHAPLGSLNSVGGVATEINAVNFVSPRS
WLATSHFCLGFFFFVGHLWHAGRARAAAAGFEKGIDRVDEPVLSMRPLD
;
C,c,C1,c1
5 'polypeptide(L)'
;IGTYQEKRTWFDDADDWLRQDRFVFVGWSGLLLLPCAYFAVGGWLTGCTFVTSWYTHGLASSYIEGCNFLTAAVSTPANS
LGHSLLFVWGPEAQGDLTRWFQLGGLWAFVALHGAFGLIGFMLRQFEIARSVNLRPYNAIAFSAPIAVFVSVFLIYPLGQ
SGWFFAPSFGVASIFRFILFFQGFHNWTLNPFHMMGVAGVLGAALLCAIHGATVENTLFEDGDGANTFRAFNPTQAEETY
SMVTANRFWSQIFGVAFSNKRWLHFFMLFVPVTGLWMSALGVVGLALNLRAYDFVSQEIRAAEDPEFETFYTKNILLNEG
IRAWMAAQDQPHEKLTLPEEVLPRGNAL
;
D,d,D1,d1
6 'polypeptide(L)' ERPFSDILTSIRYWVIHSITVPSLFIAGWLFVSTGLAYDVFGSPRPNEYFTEDRQDAPLITDRFNALEQVKKLSAQ E,e,E1,e1
7 'polypeptide(L)' IFTVRWLAIHAIAVPTIFFLGAITAMQFIQR F,f,F1,f1
8 'polypeptide(L)' EPGIVTPLGTLLRPLNSEAGKVLPGWGTTVLMAVAILLFAVFLLIILEIYNSSLILDGVTNSWESLA H,h,H1,h1
9 'polypeptide(L)' MLTLKIFVYTVVTFFVGLFIFGFLSNDPSRNPGKG I,i,I1,i1
10 'polypeptide(L)' IGRIPLWLVGTVVGLLAIGLLAIFFYGSYVGLGSSL J,j,J1,j1
11 'polypeptide(L)' KLPEAYAPFSPIVDVLPIIPVLFILLAFVWQASVSFR K,k,K1,k1
12 'polypeptide(L)' MARPNPNKQVVELNRSSLYWGLLLIFVLAVLFSSYIFN L,l,L1
13 'polypeptide(L)' EVNILGLTATALFIIIPTSFLLILYVKTAASE M,m
14 'polypeptide(L)'
;LTYDELQGLTYLQVKGTGIANTCPVVEQGTSNVRELKPGDYKLEKFCMEPTSFTVKEEDAKGREEFVKTKLLTRLTYGLD
GMNGSMKINNDGSVEFREDEGLDYAATTVKLPGGEYVPFLFTIKEFDGKGTLDSFSGDFLVPSYRGSTFLDPKGRGGATG
YDNAIALPAKADADEIQRLNNKSYTPGKGSAVFSVAKVDTETGEIAGVFESIQPSDTEMGAHPAKDIKITGLWYGQLT
;
O,o,O1,o1
15 'polypeptide(L)'
;AYGEGANVFGRVTNKSGFVPYAGDSFALLLPSKWNPSDEKEVDSIVLRYADNFDAVNNVYVIAQDTDKSSIQDYGSPEEF
ISQFGYLLGRQAWAGQTVSEGGFDANKVSSAALLGVATEKDKKGKTYYKFEILSRTADGNEGGRHQLVKATVSNGKLYLL
KVQAGDKRWFKGTDKECLGVLDSFTVV
;
P,p,P1,p1
16 'polypeptide(L)' MEALVYTFLLIGTLGIIFFSIFFREPPRIA T,t,T1,t1
17 'polypeptide(L)' LVDDRMNGDGTGLPFGVNDGILGWVIAGTLGTIWAIYFVSQKDL W,w,W1,w1
18 'polypeptide(L)' SVTPSLKNFLLSLVAGAVVLAAIAGAVTAV X,x,X1,x1
19 'polypeptide(L)' MTSILQIALLGLVLVSFALVVGVPVVFASPNGWTENKGVVFSGLSVWFLLVFAVGVFNSFA Z,z,Z1,z1
20 'polypeptide(L)'
;TINQFYGPDRNKWLGPYSTNTPPYLTGEFPGDYGWDTAGLSADPETFKRYRELELIHARWALLGALGMVTPELLQDDDGI
MFGESAIWFKAGAAIFQEGGLNYLGNPSLIHAQNIVATLAVQVVLMGLVEGYRVNGGPAGEGLDPLYPGEAFDPLGLADD
PEAFAELKVKEIKNGRLAMFACLGFFVQAIVTGKGPIENLTDHLANPAENNAFAYATKFTPQ
;
N,n,N1,n1
21 'polypeptide(L)'
;EFYGPDRAKFLGPFSENDTPEYLTGEFPGDYGWDTAGLSADPQTFARYREIELIHARWALLGALGILTPELLSQYAGVQF
GEPVWFKAGAQIFAAGGLNYLGNESLIHAQSIIATLAVQVVLMGLAEAYRANGGSEGFLDDLDTLYPGGAFDPLGLADDP
DTFAELKVKEIKNGRLAMFSCLGFFVQAIVTGKGPVQNLTDHLADPTVNNAFASATKFTPG
;
G,g,G1,g1
22 'polypeptide(L)'
;SLSYLDGHLPGDMGFDPLHLSSPTVSLQIGVDEEDQNQAQNKKGDVEAIFRPEVFGLARFRETEVIHGRWAMLGTLGAIV
GEAATGVSWVDAGKVELDGAQYLGQSLPFSISQLIWIEAILVGGVEVLRNNELDLEKRIYPGGAFDPLNLADEEDEEKSF
RLKTAEIKHGRLAMVAFLGFGIQAAATGEGALGSLAKFTSSL
;
R,r
23 'polypeptide(L)'
;PDLEKWYGPDRKLFLPGGLLDRDDVPEYLNGELAGDYGYDPLGLGKDEEQVEKYRANELLHARWAMLAAAGIIIPEGLQA
NGADIKGGTWFETGAEMLNGGTLNYFAVPFGVVQNPLPLAAVTLIEIVLLGAVEKFRVDGTGPAGFSPGVGKFDSDIFDG
LDKLYPGGPFDPLNLADDPEVFAELQVKEIKNGRLAMIAVLAFAIQSYVTGEGPYANITKHLSDPFGYNLLTVLQGDDRV
PTL
;
S,s,S1,s1
24 'polypeptide(L)'
;SAWYGPDRPLFLGSLSGEPPSYLTGEFPGDYGWDTAGLSADPTTFARYRTIELIHARWALLGALGIITPELLAKNGVPFS
EDGAIWFKAGAEIFKEGGLNYLGNENLIHAQSILATLAVQVIVMGAAEGFRANGEAPGVEGLDPLYPGGPFDPLGLADDP
EAFAELKVKEIKNGRLAMFSCLGFFVQAIVTGKGPIQNLQDHLADPGVNNAFASATKFVPTP
;
Y,y,Y1,y1
25 'polypeptide(L)' QRVRTVLDMDDPAKEETVKELRKDINN U,u,U1,u1
26 'polypeptide(L)' VNILGLTATALFIIIPTSFLLILYVKTAASE M1,m1
27 'polypeptide(L)'
;SLSYLDGHLPGDMGFDPLHLSSPTV(SEP)LQIGVDEEDQNQAQNKKGDVEAIFRPEVFGLARFRETEVIHGRWAMLGTL
GAIVGEAATGVSWVDAGKVELDGAQYLGQSLPFSISQLIWIEAILVGGVEVLRNNELDLEKRIYPGGAFDPLNLADEEDE
EKSFRLKTAEIKHGRLAMVAFLGFGIQAAATGEGALGSLAKFTSSL
;
R1,r1
#
loop_
_chem_comp.id
_chem_comp.type
_chem_comp.name
_chem_comp.formula
3PH non-polymer 1,2-DIACYL-GLYCEROL-3-SN-PHOSPHATE 'C39 H77 O8 P'
4RF non-polymer Tripalmitoylglycerol 'C51 H98 O6'
BCR non-polymer BETA-CAROTENE 'C40 H56'
BCT non-polymer 'BICARBONATE ION' 'C H O3 -1'
C7Z non-polymer (1~{S})-3,5,5-trimethyl-4-[(1~{E},3~{E},5~{E},7~{E},9~{E},11~{E},13~{E},15~{E},17~{E})-3,7,12,16-tetramethyl-18-[(4~{S})-2,6,6-trimethyl-4-oxidanyl-cyclohexen-1-yl]octadeca-1,3,5,7,9,11,13,15,17-nonaenyl]cyclohex-3-en-1-ol 'C40 H56 O2'
CHL non-polymer 'CHLOROPHYLL B' 'C55 H70 Mg N4 O6 2'
CL non-polymer 'CHLORIDE ION' 'Cl -1'
CLA non-polymer 'CHLOROPHYLL A' 'C55 H72 Mg N4 O5'
DGA non-polymer 'DIACYL GLYCEROL' 'C39 H76 O5'
DGD saccharide 'DIGALACTOSYL DIACYL GLYCEROL (DGDG)' 'C51 H96 O15'
ERG non-polymer ERGOSTEROL 'C28 H44 O'
FE2 non-polymer 'FE (II) ION' 'Fe 2'
GOL non-polymer GLYCEROL 'C3 H8 O3'
HEM non-polymer 'PROTOPORPHYRIN IX CONTAINING FE' 'C34 H32 Fe N4 O4'
LHG non-polymer 1,2-DIPALMITOYL-PHOSPHATIDYL-GLYCEROLE 'C38 H75 O10 P'
LMG non-polymer 1,2-DISTEAROYL-MONOGALACTOSYL-DIGLYCERIDE 'C45 H86 O10'
LMK non-polymer trimethyl-[(2~{R})-1-oxidanyl-1-oxidanylidene-4-[(2~{S})-2-[(1~{S})-1-oxidanyloctadecoxy]-3-[(1~{R})-1-oxidanyloctadecoxy]propoxy]butan-2-yl]azanium 'C46 H94 N O7 1'
LMT D-saccharide DODECYL-BETA-D-MALTOSIDE 'C24 H46 O11'
LPX non-polymer '(2S)-3-{[(R)-(2-aminoethoxy)(hydroxy)phosphoryl]oxy}-2-hydroxypropyl hexadecanoate' 'C21 H44 N O7 P'
LUT non-polymer (3R,3'R,6S)-4,5-DIDEHYDRO-5,6-DIHYDRO-BETA,BETA-CAROTENE-3,3'-DIOL 'C40 H56 O2'
NA non-polymer 'SODIUM ION' 'Na 1'
NEX non-polymer (1R,3R)-6-{(3E,5E,7E,9E,11E,13E,15E,17E)-18-[(1S,4R,6R)-4-HYDROXY-2,2,6-TRIMETHYL-7-OXABICYCLO[4.1.0]HEPT-1-YL]-3,7,12,16-TETRAMETHYLOCTADECA-1,3,5,7,9,11,13,15,17-NONAENYLIDENE}-1,5,5-TRIMETHYLCYCLOHEXANE-1,3-DIOL 'C40 H56 O4'
OEX non-polymer 'CA-MN4-O5 CLUSTER' 'Ca Mn4 O5'
PHO non-polymer 'PHEOPHYTIN A' 'C55 H74 N4 O5'
PL9 non-polymer 2,3-DIMETHYL-5-(3,7,11,15,19,23,27,31,35-NONAMETHYL-2,6,10,14,18,22,26,30,34-HEXATRIACONTANONAENYL-2,5-CYCLOHEXADIENE-1,4-DIONE-2,3-DIMETHYL-5-SOLANESYL-1,4-BENZOQUINONE 'C53 H80 O2'
PTY non-polymer PHOSPHATIDYLETHANOLAMINE 'C40 H80 N O8 P'
RRX non-polymer (3R)-beta,beta-caroten-3-ol 'C40 H56 O'
SPH non-polymer SPHINGOSINE 'C18 H37 N O2'
SQD non-polymer 1,2-DI-O-ACYL-3-O-[6-DEOXY-6-SULFO-ALPHA-D-GLUCOPYRANOSYL]-SN-GLYCEROL 'C41 H78 O12 S'
XAT non-polymer '(3S,5R,6S,3'S,5'R,6'S)-5,6,5',6'-DIEPOXY-5,6,5',6'- TETRAHYDRO-BETA,BETA-CAROTENE-3,3'-DIOL' 'C40 H56 O4'
#
# COMPACT_ATOMS: atom_id res chain seq x y z
N GLU A 1 36.00 -33.93 -3.08
CA GLU A 1 34.77 -33.16 -2.97
C GLU A 1 34.92 -31.76 -3.57
N ASN A 2 35.64 -31.69 -4.69
CA ASN A 2 35.91 -30.46 -5.42
C ASN A 2 36.64 -29.43 -4.54
N THR A 3 37.53 -29.91 -3.67
CA THR A 3 38.42 -29.03 -2.94
C THR A 3 39.78 -28.90 -3.61
N SER A 4 39.94 -29.49 -4.79
CA SER A 4 41.16 -29.35 -5.57
C SER A 4 40.90 -28.48 -6.78
N LEU A 5 41.96 -27.79 -7.20
CA LEU A 5 41.83 -26.69 -8.17
C LEU A 5 41.31 -27.18 -9.51
N TRP A 6 41.86 -28.29 -10.02
CA TRP A 6 41.47 -28.71 -11.35
C TRP A 6 40.10 -29.37 -11.31
N ALA A 7 39.69 -29.90 -10.15
CA ALA A 7 38.33 -30.39 -10.00
C ALA A 7 37.33 -29.24 -10.04
N ARG A 8 37.63 -28.13 -9.34
CA ARG A 8 36.78 -26.95 -9.47
C ARG A 8 36.82 -26.38 -10.87
N PHE A 9 37.97 -26.49 -11.55
CA PHE A 9 38.07 -26.01 -12.92
C PHE A 9 37.20 -26.83 -13.87
N CYS A 10 37.25 -28.15 -13.73
CA CYS A 10 36.41 -29.02 -14.55
C CYS A 10 34.94 -28.84 -14.20
N GLU A 11 34.63 -28.53 -12.94
CA GLU A 11 33.27 -28.20 -12.56
C GLU A 11 32.79 -26.91 -13.22
N TRP A 12 33.62 -25.86 -13.25
CA TRP A 12 33.20 -24.62 -13.87
C TRP A 12 33.11 -24.74 -15.39
N ILE A 13 34.01 -25.52 -15.99
CA ILE A 13 33.95 -25.77 -17.43
C ILE A 13 32.71 -26.57 -17.78
N THR A 14 32.43 -27.63 -17.02
CA THR A 14 31.31 -28.53 -17.28
C THR A 14 29.96 -27.90 -16.93
N SER A 15 29.94 -26.93 -16.02
CA SER A 15 28.68 -26.37 -15.53
C SER A 15 27.92 -25.64 -16.62
N THR A 16 26.59 -25.73 -16.55
CA THR A 16 25.69 -25.02 -17.44
C THR A 16 25.24 -23.69 -16.86
N GLU A 17 25.77 -23.28 -15.70
CA GLU A 17 25.32 -22.07 -15.05
C GLU A 17 25.95 -20.80 -15.62
N ASN A 18 26.95 -20.91 -16.49
CA ASN A 18 27.51 -19.73 -17.12
C ASN A 18 26.52 -19.21 -18.17
N ARG A 19 26.64 -17.91 -18.48
CA ARG A 19 25.75 -17.30 -19.47
C ARG A 19 25.91 -17.96 -20.83
N LEU A 20 27.15 -18.20 -21.25
CA LEU A 20 27.43 -18.97 -22.44
C LEU A 20 28.19 -20.21 -22.01
N TYR A 21 27.67 -21.38 -22.37
CA TYR A 21 28.32 -22.63 -22.01
C TYR A 21 29.66 -22.73 -22.73
N ILE A 22 30.72 -22.99 -21.98
CA ILE A 22 32.06 -23.07 -22.54
C ILE A 22 32.35 -24.52 -22.90
N GLY A 23 32.47 -25.35 -21.89
CA GLY A 23 32.70 -26.76 -22.12
C GLY A 23 34.11 -27.13 -22.53
N TRP A 24 34.35 -28.44 -22.62
CA TRP A 24 35.67 -28.92 -22.98
C TRP A 24 35.94 -28.70 -24.46
N PHE A 25 34.89 -28.62 -25.28
CA PHE A 25 35.04 -28.08 -26.62
C PHE A 25 35.09 -26.56 -26.60
N GLY A 26 34.61 -25.95 -25.51
CA GLY A 26 34.64 -24.51 -25.37
C GLY A 26 36.02 -23.95 -25.09
N VAL A 27 36.89 -24.79 -24.51
CA VAL A 27 38.26 -24.36 -24.27
C VAL A 27 39.04 -24.21 -25.57
N ILE A 28 38.49 -24.68 -26.69
CA ILE A 28 39.12 -24.45 -27.98
C ILE A 28 38.22 -23.52 -28.79
N MET A 29 36.93 -23.47 -28.43
CA MET A 29 36.05 -22.38 -28.86
C MET A 29 36.64 -21.01 -28.64
N ILE A 30 36.77 -20.61 -27.38
CA ILE A 30 37.01 -19.22 -27.04
C ILE A 30 38.32 -18.66 -27.62
N PRO A 31 39.49 -19.28 -27.42
CA PRO A 31 40.71 -18.63 -27.94
C PRO A 31 40.82 -18.66 -29.46
N THR A 32 40.38 -19.73 -30.11
CA THR A 32 40.53 -19.81 -31.57
C THR A 32 39.67 -18.78 -32.27
N LEU A 33 38.39 -18.67 -31.90
CA LEU A 33 37.57 -17.70 -32.60
C LEU A 33 37.86 -16.27 -32.14
N LEU A 34 38.30 -16.04 -30.89
CA LEU A 34 38.72 -14.66 -30.61
C LEU A 34 39.99 -14.29 -31.38
N THR A 35 40.91 -15.25 -31.58
CA THR A 35 42.08 -14.97 -32.41
C THR A 35 41.67 -14.68 -33.85
N ALA A 36 40.79 -15.51 -34.40
CA ALA A 36 40.33 -15.31 -35.78
C ALA A 36 39.58 -13.99 -35.92
N ILE A 37 38.72 -13.65 -34.96
CA ILE A 37 37.92 -12.44 -35.09
C ILE A 37 38.80 -11.20 -34.89
N SER A 38 39.80 -11.29 -34.01
CA SER A 38 40.68 -10.15 -33.80
C SER A 38 41.50 -9.87 -35.05
N VAL A 39 42.05 -10.93 -35.64
CA VAL A 39 42.83 -10.75 -36.86
C VAL A 39 41.94 -10.30 -38.00
N TYR A 40 40.69 -10.80 -38.04
CA TYR A 40 39.75 -10.39 -39.09
C TYR A 40 39.42 -8.91 -38.97
N ILE A 41 39.08 -8.43 -37.78
CA ILE A 41 38.73 -7.03 -37.59
C ILE A 41 39.93 -6.13 -37.92
N ILE A 42 41.10 -6.47 -37.38
CA ILE A 42 42.26 -5.62 -37.58
C ILE A 42 42.70 -5.61 -39.05
N ALA A 43 42.63 -6.77 -39.71
CA ALA A 43 42.99 -6.84 -41.12
C ALA A 43 41.99 -6.10 -41.99
N PHE A 44 40.70 -6.29 -41.73
CA PHE A 44 39.66 -5.62 -42.52
C PHE A 44 39.71 -4.12 -42.32
N ILE A 45 40.18 -3.65 -41.17
CA ILE A 45 40.26 -2.22 -40.93
C ILE A 45 41.53 -1.63 -41.55
N ALA A 46 42.70 -2.19 -41.24
CA ALA A 46 43.95 -1.52 -41.60
C ALA A 46 44.98 -2.46 -42.20
N ALA A 47 44.56 -3.41 -43.02
CA ALA A 47 45.56 -4.30 -43.60
C ALA A 47 46.19 -3.66 -44.83
N PRO A 48 47.50 -3.80 -45.02
CA PRO A 48 48.13 -3.35 -46.25
C PRO A 48 47.70 -4.24 -47.41
N PRO A 49 47.82 -3.77 -48.65
CA PRO A 49 47.39 -4.58 -49.79
C PRO A 49 48.13 -5.90 -49.88
N VAL A 50 47.39 -6.96 -50.22
CA VAL A 50 47.89 -8.33 -50.16
C VAL A 50 48.12 -8.82 -51.59
N ASP A 51 49.33 -9.28 -51.86
CA ASP A 51 49.65 -9.87 -53.17
C ASP A 51 49.02 -11.25 -53.22
N ILE A 52 47.87 -11.35 -53.87
CA ILE A 52 47.14 -12.62 -53.94
C ILE A 52 47.72 -13.56 -54.98
N ASP A 53 47.96 -13.08 -56.19
CA ASP A 53 48.19 -13.93 -57.34
C ASP A 53 49.68 -14.20 -57.54
N GLY A 54 50.53 -13.54 -56.74
CA GLY A 54 51.95 -13.80 -56.82
C GLY A 54 52.65 -13.13 -57.96
N ILE A 55 52.00 -12.19 -58.65
CA ILE A 55 52.64 -11.50 -59.76
C ILE A 55 52.87 -10.04 -59.40
N ARG A 56 53.03 -9.78 -58.11
CA ARG A 56 53.26 -8.43 -57.56
C ARG A 56 52.09 -7.49 -57.90
N GLU A 57 50.88 -8.04 -57.89
CA GLU A 57 49.65 -7.26 -58.06
C GLU A 57 48.83 -7.39 -56.77
N PRO A 58 48.98 -6.46 -55.83
CA PRO A 58 48.27 -6.58 -54.55
C PRO A 58 46.84 -6.07 -54.60
N VAL A 59 45.97 -6.75 -53.87
CA VAL A 59 44.58 -6.33 -53.67
C VAL A 59 44.51 -5.59 -52.34
N SER A 60 43.92 -4.39 -52.35
CA SER A 60 43.89 -3.56 -51.14
C SER A 60 43.02 -4.21 -50.06
N GLY A 61 41.73 -4.38 -50.33
CA GLY A 61 40.88 -5.15 -49.45
C GLY A 61 40.49 -4.56 -48.10
N SER A 62 41.25 -3.59 -47.60
CA SER A 62 41.01 -3.03 -46.29
C SER A 62 40.51 -1.59 -46.40
N LEU A 63 39.60 -1.24 -45.47
CA LEU A 63 38.86 0.02 -45.57
C LEU A 63 39.77 1.23 -45.57
N LEU A 64 40.79 1.24 -44.69
CA LEU A 64 41.68 2.37 -44.60
C LEU A 64 42.55 2.56 -45.84
N TYR A 65 42.59 1.58 -46.75
CA TYR A 65 43.30 1.73 -48.00
C TYR A 65 42.37 2.08 -49.16
N GLY A 66 41.13 2.44 -48.86
CA GLY A 66 40.28 3.03 -49.87
C GLY A 66 39.24 2.15 -50.54
N ASN A 67 38.48 1.39 -49.76
CA ASN A 67 37.33 0.69 -50.31
C ASN A 67 36.28 0.53 -49.21
N ASN A 68 35.04 0.38 -49.63
CA ASN A 68 33.91 0.23 -48.73
C ASN A 68 33.81 -1.22 -48.26
N ILE A 69 32.80 -1.51 -47.43
CA ILE A 69 32.69 -2.85 -46.86
C ILE A 69 32.11 -3.84 -47.86
N ILE A 70 31.44 -3.34 -48.90
CA ILE A 70 30.93 -4.24 -49.93
C ILE A 70 32.07 -4.81 -50.75
N THR A 71 33.01 -3.96 -51.17
CA THR A 71 34.16 -4.40 -51.95
C THR A 71 35.37 -4.71 -51.09
N GLY A 72 35.30 -4.48 -49.78
CA GLY A 72 36.43 -4.80 -48.92
C GLY A 72 36.44 -6.27 -48.55
N ALA A 73 37.62 -6.86 -48.56
CA ALA A 73 37.76 -8.28 -48.29
C ALA A 73 39.17 -8.57 -47.79
N VAL A 74 39.24 -9.41 -46.77
CA VAL A 74 40.52 -9.98 -46.36
C VAL A 74 40.97 -10.92 -47.47
N VAL A 75 42.01 -10.52 -48.17
CA VAL A 75 42.47 -11.14 -49.40
C VAL A 75 43.11 -12.49 -49.07
N PRO A 76 42.91 -13.51 -49.91
CA PRO A 76 43.55 -14.81 -49.67
C PRO A 76 45.07 -14.75 -49.68
N THR A 77 45.67 -15.86 -49.26
CA THR A 77 47.11 -15.98 -49.13
C THR A 77 47.75 -15.94 -50.53
N SER A 78 49.04 -15.64 -50.58
CA SER A 78 49.72 -15.44 -51.85
C SER A 78 49.81 -16.74 -52.65
N ASN A 79 50.01 -16.61 -53.96
CA ASN A 79 50.22 -17.79 -54.80
C ASN A 79 51.64 -18.31 -54.66
N ALA A 80 52.59 -17.42 -54.37
CA ALA A 80 53.99 -17.83 -54.23
C ALA A 80 54.17 -18.83 -53.10
N ILE A 81 53.49 -18.61 -51.98
CA ILE A 81 53.61 -19.51 -50.84
C ILE A 81 52.86 -20.82 -51.12
N GLY A 82 51.72 -20.74 -51.81
CA GLY A 82 50.87 -21.91 -51.93
C GLY A 82 50.25 -22.29 -50.60
N LEU A 83 49.98 -23.58 -50.42
CA LEU A 83 49.44 -24.09 -49.16
C LEU A 83 50.57 -24.60 -48.25
N HIS A 84 51.57 -23.75 -48.07
CA HIS A 84 52.79 -24.16 -47.39
C HIS A 84 52.84 -23.81 -45.92
N PHE A 85 51.72 -23.40 -45.32
CA PHE A 85 51.64 -23.06 -43.90
C PHE A 85 52.62 -21.96 -43.50
N TYR A 86 52.32 -20.73 -43.87
CA TYR A 86 53.19 -19.61 -43.56
C TYR A 86 52.57 -18.73 -42.48
N PRO A 87 53.01 -18.89 -41.23
CA PRO A 87 52.55 -18.03 -40.14
C PRO A 87 53.52 -16.88 -39.85
N ILE A 88 53.20 -16.08 -38.83
CA ILE A 88 53.95 -14.87 -38.50
C ILE A 88 55.43 -15.18 -38.28
N TRP A 89 55.72 -16.22 -37.51
CA TRP A 89 57.10 -16.53 -37.21
C TRP A 89 57.86 -17.04 -38.43
N GLU A 90 57.18 -17.61 -39.42
CA GLU A 90 57.89 -17.95 -40.63
C GLU A 90 58.16 -16.73 -41.51
N ALA A 91 57.54 -15.60 -41.18
CA ALA A 91 57.78 -14.35 -41.87
C ALA A 91 58.92 -13.60 -41.19
N ALA A 92 59.78 -13.00 -42.02
CA ALA A 92 60.86 -12.19 -41.47
C ALA A 92 60.35 -10.89 -40.88
N SER A 93 59.18 -10.45 -41.30
CA SER A 93 58.63 -9.19 -40.80
C SER A 93 57.11 -9.24 -40.88
N LEU A 94 56.49 -8.39 -40.06
CA LEU A 94 55.03 -8.25 -40.10
C LEU A 94 54.59 -7.70 -41.45
N ASP A 95 55.38 -6.81 -42.05
CA ASP A 95 55.07 -6.30 -43.38
C ASP A 95 55.07 -7.42 -44.41
N GLU A 96 56.07 -8.31 -44.34
CA GLU A 96 56.14 -9.45 -45.26
C GLU A 96 54.98 -10.41 -45.04
N TRP A 97 54.64 -10.64 -43.77
CA TRP A 97 53.50 -11.48 -43.43
C TRP A 97 52.21 -10.93 -44.03
N LEU A 98 52.02 -9.61 -43.94
CA LEU A 98 50.82 -9.00 -44.48
C LEU A 98 50.84 -8.98 -46.01
N TYR A 99 52.02 -8.87 -46.62
CA TYR A 99 52.08 -8.84 -48.07
C TYR A 99 51.81 -10.21 -48.68
N ASN A 100 52.22 -11.28 -48.01
CA ASN A 100 52.06 -12.62 -48.56
C ASN A 100 50.74 -13.27 -48.17
N GLY A 101 49.83 -12.54 -47.52
CA GLY A 101 48.53 -13.10 -47.19
C GLY A 101 48.48 -13.98 -45.96
N GLY A 102 49.31 -13.70 -44.95
CA GLY A 102 49.30 -14.42 -43.70
C GLY A 102 48.03 -14.35 -42.87
N PRO A 103 47.39 -13.17 -42.74
CA PRO A 103 46.12 -13.13 -41.99
C PRO A 103 45.03 -14.02 -42.56
N TYR A 104 45.03 -14.29 -43.87
CA TYR A 104 44.05 -15.21 -44.43
C TYR A 104 44.24 -16.62 -43.87
N GLN A 105 45.47 -17.12 -43.86
CA GLN A 105 45.73 -18.44 -43.30
C GLN A 105 45.39 -18.46 -41.80
N LEU A 106 45.75 -17.38 -41.09
CA LEU A 106 45.43 -17.28 -39.67
C LEU A 106 43.94 -17.42 -39.41
N VAL A 107 43.14 -16.57 -40.07
CA VAL A 107 41.71 -16.55 -39.85
C VAL A 107 41.06 -17.84 -40.32
N VAL A 108 41.50 -18.38 -41.46
CA VAL A 108 40.87 -19.58 -42.01
C VAL A 108 41.15 -20.79 -41.12
N CYS A 109 42.39 -20.97 -40.68
CA CYS A 109 42.71 -22.11 -39.82
C CYS A 109 42.00 -22.00 -38.48
N HIS A 110 42.01 -20.81 -37.87
CA HIS A 110 41.33 -20.65 -36.60
C HIS A 110 39.83 -20.78 -36.74
N PHE A 111 39.26 -20.37 -37.89
CA PHE A 111 37.84 -20.52 -38.11
C PHE A 111 37.47 -21.97 -38.33
N PHE A 112 38.35 -22.76 -38.95
CA PHE A 112 38.09 -24.19 -39.12
C PHE A 112 38.10 -24.90 -37.77
N LEU A 113 39.10 -24.61 -36.93
CA LEU A 113 39.08 -25.15 -35.57
C LEU A 113 37.86 -24.67 -34.80
N GLY A 114 37.46 -23.41 -35.00
CA GLY A 114 36.31 -22.88 -34.31
C GLY A 114 35.01 -23.54 -34.72
N VAL A 115 34.83 -23.79 -36.02
CA VAL A 115 33.59 -24.42 -36.43
C VAL A 115 33.52 -25.89 -35.99
N CYS A 116 34.64 -26.63 -36.07
CA CYS A 116 34.62 -28.00 -35.55
CA CYS A 116 34.62 -28.00 -35.55
C CYS A 116 34.36 -28.03 -34.05
N CYS A 117 34.96 -27.10 -33.31
CA CYS A 117 34.69 -27.06 -31.88
C CYS A 117 33.31 -26.50 -31.56
N TYR A 118 32.68 -25.79 -32.50
CA TYR A 118 31.31 -25.34 -32.26
C TYR A 118 30.36 -26.49 -32.45
N MET A 119 30.67 -27.35 -33.42
CA MET A 119 30.00 -28.64 -33.59
C MET A 119 30.07 -29.44 -32.30
N GLY A 120 31.29 -29.60 -31.77
CA GLY A 120 31.49 -30.36 -30.55
C GLY A 120 30.83 -29.72 -29.35
N ARG A 121 30.82 -28.39 -29.28
CA ARG A 121 30.20 -27.69 -28.15
C ARG A 121 28.69 -27.81 -28.19
N GLU A 122 28.11 -27.79 -29.39
CA GLU A 122 26.68 -28.05 -29.52
C GLU A 122 26.34 -29.45 -29.02
N TRP A 123 27.15 -30.45 -29.41
CA TRP A 123 26.94 -31.79 -28.87
C TRP A 123 27.12 -31.80 -27.36
N GLU A 124 28.08 -31.03 -26.85
CA GLU A 124 28.40 -31.07 -25.43
C GLU A 124 27.27 -30.49 -24.59
N LEU A 125 26.71 -29.35 -25.01
CA LEU A 125 25.55 -28.82 -24.30
C LEU A 125 24.35 -29.75 -24.44
N SER A 126 24.20 -30.38 -25.61
CA SER A 126 23.15 -31.38 -25.75
C SER A 126 23.33 -32.53 -24.75
N TYR A 127 24.57 -32.89 -24.45
CA TYR A 127 24.84 -33.95 -23.49
C TYR A 127 24.56 -33.49 -22.06
N ARG A 128 25.00 -32.28 -21.70
CA ARG A 128 24.78 -31.80 -20.34
C ARG A 128 23.32 -31.48 -20.06
N LEU A 129 22.53 -31.13 -21.06
CA LEU A 129 21.11 -30.84 -20.86
C LEU A 129 20.22 -32.04 -21.11
N GLY A 130 20.78 -33.17 -21.55
CA GLY A 130 20.00 -34.37 -21.72
C GLY A 130 18.99 -34.38 -22.85
N MET A 131 19.31 -33.79 -24.00
CA MET A 131 18.43 -33.90 -25.15
C MET A 131 19.00 -34.93 -26.12
N ARG A 132 18.40 -35.00 -27.30
CA ARG A 132 19.08 -35.75 -28.35
C ARG A 132 20.18 -34.88 -28.96
N PRO A 133 21.30 -35.46 -29.38
CA PRO A 133 22.48 -34.66 -29.74
C PRO A 133 22.69 -34.35 -31.23
N TRP A 134 21.73 -34.66 -32.09
CA TRP A 134 21.97 -34.56 -33.53
C TRP A 134 21.82 -33.16 -34.09
N ILE A 135 21.73 -32.14 -33.23
CA ILE A 135 21.74 -30.76 -33.69
C ILE A 135 23.10 -30.44 -34.32
N ALA A 136 24.18 -30.99 -33.75
CA ALA A 136 25.49 -30.86 -34.38
C ALA A 136 25.54 -31.59 -35.71
N VAL A 137 24.85 -32.73 -35.82
CA VAL A 137 24.81 -33.45 -37.10
C VAL A 137 24.07 -32.62 -38.14
N ALA A 138 23.05 -31.88 -37.72
CA ALA A 138 22.38 -30.98 -38.65
C ALA A 138 23.27 -29.79 -39.01
N TYR A 139 24.07 -29.32 -38.05
CA TYR A 139 24.96 -28.20 -38.32
C TYR A 139 26.19 -28.66 -39.09
N SER A 140 26.34 -29.97 -39.27
CA SER A 140 27.45 -30.51 -40.04
C SER A 140 27.40 -30.12 -41.53
N ALA A 141 26.28 -29.59 -42.02
CA ALA A 141 26.22 -29.20 -43.44
C ALA A 141 26.83 -27.82 -43.73
N PRO A 142 26.46 -26.73 -43.02
CA PRO A 142 27.16 -25.46 -43.29
C PRO A 142 28.64 -25.50 -42.99
N VAL A 143 29.06 -26.25 -41.97
CA VAL A 143 30.50 -26.40 -41.70
C VAL A 143 31.18 -27.20 -42.80
N ALA A 144 30.48 -28.18 -43.38
CA ALA A 144 31.03 -28.90 -44.52
C ALA A 144 31.22 -27.96 -45.69
N ALA A 145 30.24 -27.08 -45.91
CA ALA A 145 30.35 -26.08 -46.96
C ALA A 145 31.51 -25.14 -46.70
N ALA A 146 31.69 -24.74 -45.44
CA ALA A 146 32.77 -23.83 -45.08
C ALA A 146 34.14 -24.45 -45.30
N THR A 147 34.32 -25.71 -44.88
CA THR A 147 35.59 -26.38 -45.10
C THR A 147 35.84 -26.59 -46.60
N ALA A 148 34.80 -26.96 -47.35
CA ALA A 148 34.95 -27.16 -48.79
C ALA A 148 35.32 -25.89 -49.50
N VAL A 149 34.76 -24.75 -49.09
CA VAL A 149 35.07 -23.50 -49.79
C VAL A 149 36.39 -22.90 -49.29
N PHE A 150 36.80 -23.19 -48.05
CA PHE A 150 37.92 -22.48 -47.45
C PHE A 150 39.23 -23.24 -47.47
N ILE A 151 39.24 -24.54 -47.16
CA ILE A 151 40.48 -25.32 -47.14
C ILE A 151 40.50 -26.41 -48.20
N ILE A 152 39.37 -27.06 -48.47
CA ILE A 152 39.38 -28.21 -49.37
C ILE A 152 39.61 -27.77 -50.81
N TYR A 153 38.98 -26.68 -51.23
CA TYR A 153 39.26 -26.15 -52.57
C TYR A 153 40.70 -25.69 -52.73
N PRO A 154 41.32 -24.97 -51.78
CA PRO A 154 42.77 -24.75 -51.89
C PRO A 154 43.60 -26.00 -51.90
N ILE A 155 43.21 -27.04 -51.15
CA ILE A 155 43.97 -28.30 -51.17
C ILE A 155 43.89 -28.94 -52.55
N GLY A 156 42.69 -28.95 -53.13
CA GLY A 156 42.54 -29.55 -54.45
C GLY A 156 43.25 -28.79 -55.54
N GLN A 157 43.16 -27.45 -55.52
CA GLN A 157 43.77 -26.66 -56.58
C GLN A 157 45.22 -26.30 -56.30
N GLY A 158 45.75 -26.63 -55.13
CA GLY A 158 47.15 -26.47 -54.84
C GLY A 158 47.58 -25.24 -54.07
N SER A 159 46.72 -24.24 -53.91
CA SER A 159 47.17 -23.04 -53.23
C SER A 159 46.00 -22.33 -52.54
N PHE A 160 46.29 -21.74 -51.38
CA PHE A 160 45.30 -20.99 -50.61
C PHE A 160 44.83 -19.73 -51.32
N SER A 161 45.59 -19.23 -52.29
CA SER A 161 45.10 -18.14 -53.14
C SER A 161 43.84 -18.53 -53.88
N ASP A 162 43.61 -19.83 -54.04
CA ASP A 162 42.43 -20.36 -54.69
C ASP A 162 41.20 -20.30 -53.81
N GLY A 163 41.37 -20.07 -52.51
CA GLY A 163 40.24 -20.11 -51.61
C GLY A 163 39.36 -18.88 -51.72
N MET A 164 38.27 -18.93 -50.98
CA MET A 164 37.33 -17.82 -50.90
C MET A 164 37.95 -16.60 -50.22
N PRO A 165 37.92 -15.43 -50.83
CA PRO A 165 38.28 -14.22 -50.11
C PRO A 165 37.29 -13.94 -48.99
N LEU A 166 37.79 -13.42 -47.88
CA LEU A 166 36.92 -13.15 -46.73
C LEU A 166 36.27 -11.78 -46.95
N GLY A 167 35.21 -11.79 -47.75
CA GLY A 167 34.49 -10.56 -48.05
C GLY A 167 33.29 -10.85 -48.91
N ILE A 168 32.80 -9.82 -49.59
CA ILE A 168 31.59 -9.90 -50.40
C ILE A 168 31.93 -9.89 -51.89
N SER A 169 32.63 -8.85 -52.36
CA SER A 169 33.04 -8.82 -53.76
C SER A 169 34.07 -9.90 -54.04
N GLY A 170 34.90 -10.23 -53.05
CA GLY A 170 35.78 -11.38 -53.20
C GLY A 170 35.01 -12.68 -53.31
N THR A 171 33.90 -12.78 -52.57
CA THR A 171 33.01 -13.93 -52.73
C THR A 171 32.47 -14.01 -54.15
N PHE A 172 32.04 -12.88 -54.71
CA PHE A 172 31.54 -12.87 -56.08
C PHE A 172 32.62 -13.26 -57.07
N ASN A 173 33.85 -12.77 -56.86
CA ASN A 173 34.97 -13.12 -57.74
C ASN A 173 35.26 -14.60 -57.68
N PHE A 174 35.31 -15.17 -56.47
CA PHE A 174 35.59 -16.60 -56.31
C PHE A 174 34.51 -17.44 -56.98
N MET A 175 33.26 -17.04 -56.80
CA MET A 175 32.14 -17.76 -57.40
C MET A 175 32.19 -17.72 -58.93
N ILE A 176 32.51 -16.55 -59.49
CA ILE A 176 32.54 -16.40 -60.94
C ILE A 176 33.67 -17.21 -61.54
N VAL A 177 34.88 -17.13 -60.96
CA VAL A 177 35.99 -17.91 -61.51
C VAL A 177 35.77 -19.40 -61.25
N PHE A 178 34.98 -19.72 -60.23
CA PHE A 178 34.59 -21.10 -59.99
C PHE A 178 33.73 -21.63 -61.12
N GLN A 179 32.74 -20.84 -61.55
CA GLN A 179 31.92 -21.22 -62.70
C GLN A 179 32.77 -21.33 -63.95
N ALA A 180 33.72 -20.40 -64.11
CA ALA A 180 34.58 -20.39 -65.29
C ALA A 180 35.44 -21.64 -65.39
N GLU A 181 36.01 -22.08 -64.28
CA GLU A 181 36.97 -23.17 -64.32
C GLU A 181 36.35 -24.53 -64.01
N HIS A 182 35.08 -24.57 -63.60
CA HIS A 182 34.49 -25.85 -63.20
C HIS A 182 33.09 -26.11 -63.73
N ASN A 183 32.37 -25.11 -64.25
CA ASN A 183 30.98 -25.24 -64.69
C ASN A 183 30.10 -25.80 -63.58
N ILE A 184 30.03 -25.04 -62.48
CA ILE A 184 29.30 -25.51 -61.30
C ILE A 184 27.79 -25.53 -61.55
N LEU A 185 27.26 -24.55 -62.28
CA LEU A 185 25.81 -24.44 -62.49
C LEU A 185 25.22 -25.67 -63.15
N MET A 186 26.00 -26.37 -63.97
CA MET A 186 25.54 -27.57 -64.65
C MET A 186 26.04 -28.84 -63.97
N HIS A 187 26.11 -28.84 -62.64
CA HIS A 187 26.48 -30.00 -61.84
C HIS A 187 25.30 -30.44 -60.98
N PRO A 188 24.97 -31.74 -60.98
CA PRO A 188 23.81 -32.22 -60.22
C PRO A 188 23.90 -31.98 -58.72
N PHE A 189 25.10 -32.02 -58.14
CA PHE A 189 25.23 -31.72 -56.71
C PHE A 189 24.88 -30.27 -56.44
N HIS A 190 25.32 -29.36 -57.30
CA HIS A 190 24.96 -27.95 -57.14
C HIS A 190 23.47 -27.73 -57.37
N MET A 191 22.87 -28.46 -58.32
CA MET A 191 21.42 -28.36 -58.48
C MET A 191 20.69 -28.88 -57.24
N PHE A 192 21.22 -29.95 -56.63
CA PHE A 192 20.63 -30.45 -55.39
C PHE A 192 20.73 -29.42 -54.28
N GLY A 193 21.86 -28.73 -54.18
CA GLY A 193 21.98 -27.68 -53.16
C GLY A 193 21.06 -26.51 -53.40
N VAL A 194 20.93 -26.07 -54.66
CA VAL A 194 20.02 -24.98 -54.99
C VAL A 194 18.58 -25.39 -54.69
N ALA A 195 18.21 -26.61 -55.07
CA ALA A 195 16.90 -27.14 -54.71
C ALA A 195 16.73 -27.23 -53.21
N GLY A 196 17.82 -27.48 -52.49
CA GLY A 196 17.72 -27.56 -51.05
C GLY A 196 17.45 -26.23 -50.38
N VAL A 197 18.11 -25.17 -50.83
CA VAL A 197 17.82 -23.86 -50.23
C VAL A 197 16.47 -23.34 -50.72
N PHE A 198 16.09 -23.63 -51.96
CA PHE A 198 14.76 -23.23 -52.42
C PHE A 198 13.67 -23.97 -51.66
N GLY A 199 13.84 -25.28 -51.45
CA GLY A 199 12.91 -26.05 -50.66
C GLY A 199 12.98 -25.69 -49.19
N GLY A 200 14.14 -25.26 -48.70
CA GLY A 200 14.22 -24.78 -47.33
C GLY A 200 13.41 -23.52 -47.14
N SER A 201 13.51 -22.58 -48.08
CA SER A 201 12.67 -21.39 -48.03
C SER A 201 11.19 -21.75 -48.15
N LEU A 202 10.88 -22.67 -49.08
CA LEU A 202 9.50 -23.10 -49.31
C LEU A 202 8.91 -23.74 -48.06
N PHE A 203 9.63 -24.72 -47.50
CA PHE A 203 9.11 -25.47 -46.36
C PHE A 203 9.13 -24.65 -45.09
N SER A 204 10.06 -23.71 -44.95
CA SER A 204 10.03 -22.79 -43.82
C SER A 204 8.81 -21.89 -43.89
N ALA A 205 8.54 -21.33 -45.08
CA ALA A 205 7.33 -20.51 -45.24
C ALA A 205 6.07 -21.34 -45.03
N MET A 206 6.09 -22.59 -45.52
CA MET A 206 4.92 -23.45 -45.43
C MET A 206 4.65 -23.84 -43.99
N HIS A 207 5.69 -24.20 -43.23
CA HIS A 207 5.53 -24.53 -41.82
C HIS A 207 5.10 -23.33 -41.00
N GLY A 208 5.71 -22.16 -41.25
CA GLY A 208 5.30 -20.97 -40.53
C GLY A 208 3.86 -20.59 -40.80
N SER A 209 3.45 -20.71 -42.07
CA SER A 209 2.07 -20.44 -42.45
C SER A 209 1.11 -21.43 -41.82
N LEU A 210 1.48 -22.71 -41.79
CA LEU A 210 0.57 -23.72 -41.27
C LEU A 210 0.48 -23.68 -39.74
N VAL A 211 1.53 -23.27 -39.06
CA VAL A 211 1.43 -23.16 -37.61
C VAL A 211 0.74 -21.87 -37.21
N THR A 212 1.15 -20.74 -37.80
CA THR A 212 0.52 -19.46 -37.50
C THR A 212 -0.92 -19.39 -37.97
N SER A 213 -1.28 -20.19 -38.98
CA SER A 213 -2.66 -20.26 -39.43
C SER A 213 -3.52 -21.05 -38.45
N SER A 214 -2.98 -22.16 -37.95
CA SER A 214 -3.70 -23.05 -37.04
C SER A 214 -3.53 -22.52 -35.62
N LEU A 215 -4.30 -21.49 -35.30
CA LEU A 215 -4.27 -20.85 -33.99
C LEU A 215 -5.69 -20.62 -33.49
N ILE A 216 -5.80 -20.37 -32.19
CA ILE A 216 -7.07 -20.07 -31.54
C ILE A 216 -6.96 -18.67 -30.96
N ARG A 217 -8.12 -18.09 -30.67
CA ARG A 217 -8.19 -16.71 -30.16
C ARG A 217 -7.63 -16.65 -28.75
N GLU A 218 -6.39 -16.18 -28.64
CA GLU A 218 -5.77 -15.84 -27.37
C GLU A 218 -5.05 -14.50 -27.40
N THR A 219 -4.71 -14.00 -28.59
CA THR A 219 -4.09 -12.69 -28.75
C THR A 219 -4.94 -11.92 -29.75
N THR A 220 -5.72 -10.97 -29.26
CA THR A 220 -6.61 -10.18 -30.10
C THR A 220 -5.81 -9.08 -30.79
N GLU A 221 -6.52 -8.07 -31.33
CA GLU A 221 -5.86 -6.92 -31.95
C GLU A 221 -4.98 -6.15 -30.96
N ASN A 222 -5.24 -6.28 -29.66
CA ASN A 222 -4.39 -5.69 -28.63
C ASN A 222 -3.17 -6.56 -28.38
N GLU A 223 -2.44 -6.28 -27.30
CA GLU A 223 -1.23 -7.04 -27.00
C GLU A 223 -1.55 -8.50 -26.64
N SER A 224 -2.58 -8.73 -25.82
CA SER A 224 -2.95 -10.08 -25.44
C SER A 224 -4.39 -10.09 -24.95
N ALA A 225 -5.14 -11.12 -25.36
CA ALA A 225 -6.52 -11.31 -24.91
C ALA A 225 -6.49 -12.29 -23.74
N ASN A 226 -6.16 -11.77 -22.57
CA ASN A 226 -5.98 -12.57 -21.37
C ASN A 226 -7.17 -12.51 -20.42
N ALA A 227 -8.26 -11.84 -20.84
CA ALA A 227 -9.42 -11.68 -19.95
C ALA A 227 -10.05 -13.01 -19.59
N GLY A 228 -9.97 -14.00 -20.48
CA GLY A 228 -10.39 -15.35 -20.12
C GLY A 228 -9.50 -15.93 -19.04
N TYR A 229 -8.19 -15.77 -19.19
CA TYR A 229 -7.21 -16.20 -18.20
C TYR A 229 -5.87 -15.56 -18.54
N LYS A 230 -5.16 -15.10 -17.50
CA LYS A 230 -3.88 -14.44 -17.66
C LYS A 230 -2.76 -15.48 -17.82
N PHE A 231 -1.52 -15.03 -17.74
CA PHE A 231 -0.38 -15.94 -17.78
C PHE A 231 -0.24 -16.67 -16.46
N GLY A 232 0.12 -17.95 -16.53
CA GLY A 232 0.25 -18.77 -15.35
C GLY A 232 -0.60 -20.02 -15.41
N GLN A 233 -0.96 -20.44 -16.62
CA GLN A 233 -1.79 -21.62 -16.83
C GLN A 233 -1.15 -22.47 -17.93
N GLU A 234 -1.37 -23.78 -17.83
CA GLU A 234 -0.76 -24.76 -18.72
C GLU A 234 -1.72 -25.27 -19.79
N GLU A 235 -2.80 -24.55 -20.07
CA GLU A 235 -3.79 -25.01 -21.04
C GLU A 235 -3.28 -24.92 -22.47
N GLU A 236 -2.95 -26.07 -23.05
CA GLU A 236 -2.45 -26.12 -24.42
C GLU A 236 -3.58 -26.44 -25.38
N THR A 237 -4.06 -25.42 -26.10
CA THR A 237 -5.19 -25.57 -27.00
C THR A 237 -4.99 -24.81 -28.31
N TYR A 238 -3.77 -24.72 -28.82
CA TYR A 238 -3.45 -23.88 -29.98
C TYR A 238 -4.19 -24.37 -31.22
N ASN A 239 -3.81 -25.52 -31.75
CA ASN A 239 -4.49 -26.31 -32.78
C ASN A 239 -3.67 -27.57 -33.03
N ILE A 240 -4.35 -28.66 -33.41
CA ILE A 240 -3.66 -29.93 -33.61
C ILE A 240 -3.97 -30.54 -34.98
N VAL A 241 -5.18 -30.31 -35.50
CA VAL A 241 -5.70 -31.10 -36.60
C VAL A 241 -5.94 -30.27 -37.86
N ALA A 242 -6.34 -29.01 -37.72
CA ALA A 242 -6.77 -28.21 -38.86
C ALA A 242 -5.64 -27.91 -39.85
N ALA A 243 -4.41 -27.77 -39.36
CA ALA A 243 -3.28 -27.55 -40.27
C ALA A 243 -3.05 -28.76 -41.17
N HIS A 244 -3.10 -29.96 -40.59
CA HIS A 244 -2.95 -31.18 -41.40
C HIS A 244 -4.13 -31.37 -42.33
N GLY A 245 -5.34 -30.99 -41.88
CA GLY A 245 -6.49 -31.06 -42.77
C GLY A 245 -6.36 -30.13 -43.96
N TYR A 246 -5.87 -28.91 -43.72
CA TYR A 246 -5.64 -27.97 -44.80
C TYR A 246 -4.57 -28.49 -45.76
N PHE A 247 -3.49 -29.06 -45.22
CA PHE A 247 -2.42 -29.59 -46.06
C PHE A 247 -2.92 -30.78 -46.89
N GLY A 248 -3.80 -31.60 -46.33
CA GLY A 248 -4.38 -32.69 -47.10
C GLY A 248 -5.31 -32.20 -48.18
N ARG A 249 -6.21 -31.28 -47.84
CA ARG A 249 -7.15 -30.75 -48.83
C ARG A 249 -6.49 -29.86 -49.87
N LEU A 250 -5.22 -29.48 -49.66
CA LEU A 250 -4.55 -28.63 -50.66
C LEU A 250 -4.42 -29.33 -52.01
N ILE A 251 -3.88 -30.55 -52.05
CA ILE A 251 -3.75 -31.21 -53.35
C ILE A 251 -4.47 -32.56 -53.42
N PHE A 252 -3.99 -33.57 -52.68
CA PHE A 252 -4.52 -34.91 -52.91
C PHE A 252 -4.74 -35.77 -51.66
N GLN A 253 -4.62 -35.20 -50.45
CA GLN A 253 -4.99 -35.83 -49.18
C GLN A 253 -4.18 -37.08 -48.80
N TYR A 254 -3.22 -37.49 -49.63
CA TYR A 254 -2.39 -38.64 -49.29
C TYR A 254 -0.96 -38.26 -48.94
N ALA A 255 -0.56 -37.00 -49.12
CA ALA A 255 0.72 -36.52 -48.59
C ALA A 255 0.53 -36.39 -47.08
N SER A 256 0.82 -37.48 -46.39
CA SER A 256 0.54 -37.58 -44.96
C SER A 256 1.70 -36.98 -44.17
N PHE A 257 1.48 -35.77 -43.64
CA PHE A 257 2.37 -35.12 -42.69
C PHE A 257 1.63 -34.87 -41.39
N ASN A 258 0.72 -35.80 -41.04
CA ASN A 258 0.02 -35.72 -39.76
C ASN A 258 1.00 -35.84 -38.60
N ASN A 259 2.01 -36.68 -38.74
CA ASN A 259 3.04 -36.83 -37.71
C ASN A 259 3.92 -35.58 -37.72
N SER A 260 3.79 -34.75 -36.68
CA SER A 260 4.59 -33.54 -36.58
C SER A 260 6.06 -33.85 -36.39
N ARG A 261 6.37 -34.97 -35.72
CA ARG A 261 7.75 -35.44 -35.61
C ARG A 261 8.33 -35.74 -36.98
N SER A 262 7.60 -36.47 -37.83
CA SER A 262 8.08 -36.77 -39.17
C SER A 262 8.20 -35.50 -40.00
N LEU A 263 7.26 -34.57 -39.82
CA LEU A 263 7.31 -33.30 -40.53
C LEU A 263 8.58 -32.53 -40.18
N HIS A 264 8.90 -32.45 -38.89
CA HIS A 264 10.10 -31.72 -38.49
C HIS A 264 11.37 -32.47 -38.88
N PHE A 265 11.34 -33.80 -38.89
CA PHE A 265 12.50 -34.55 -39.34
C PHE A 265 12.80 -34.29 -40.80
N PHE A 266 11.77 -34.31 -41.65
CA PHE A 266 11.95 -34.00 -43.06
C PHE A 266 12.38 -32.56 -43.25
N LEU A 267 11.78 -31.65 -42.47
CA LEU A 267 12.11 -30.23 -42.50
C LEU A 267 13.58 -29.99 -42.16
N ALA A 268 14.13 -30.80 -41.26
CA ALA A 268 15.55 -30.67 -40.95
C ALA A 268 16.42 -31.34 -42.00
N VAL A 269 16.06 -32.55 -42.42
CA VAL A 269 17.00 -33.34 -43.19
C VAL A 269 17.11 -32.87 -44.64
N TRP A 270 16.04 -32.31 -45.24
CA TRP A 270 16.11 -31.96 -46.65
C TRP A 270 17.15 -30.88 -46.95
N PRO A 271 17.13 -29.69 -46.32
CA PRO A 271 18.20 -28.73 -46.60
C PRO A 271 19.57 -29.19 -46.11
N VAL A 272 19.63 -29.99 -45.04
CA VAL A 272 20.90 -30.45 -44.52
C VAL A 272 21.57 -31.40 -45.52
N VAL A 273 20.81 -32.37 -46.05
CA VAL A 273 21.42 -33.31 -47.00
C VAL A 273 21.73 -32.60 -48.30
N CYS A 274 20.94 -31.59 -48.67
CA CYS A 274 21.23 -30.89 -49.92
C CYS A 274 22.48 -30.01 -49.80
N ILE A 275 22.68 -29.38 -48.64
CA ILE A 275 23.91 -28.64 -48.43
C ILE A 275 25.10 -29.58 -48.31
N TRP A 276 24.88 -30.79 -47.76
CA TRP A 276 25.90 -31.82 -47.81
C TRP A 276 26.30 -32.12 -49.25
N LEU A 277 25.29 -32.25 -50.13
CA LEU A 277 25.54 -32.59 -51.52
C LEU A 277 26.29 -31.47 -52.24
N THR A 278 25.90 -30.21 -52.02
CA THR A 278 26.62 -29.13 -52.70
C THR A 278 28.02 -28.91 -52.12
N ALA A 279 28.21 -29.15 -50.81
CA ALA A 279 29.55 -29.06 -50.24
C ALA A 279 30.45 -30.13 -50.80
N LEU A 280 29.93 -31.35 -50.96
CA LEU A 280 30.73 -32.38 -51.61
C LEU A 280 30.94 -32.08 -53.08
N GLY A 281 29.99 -31.40 -53.72
CA GLY A 281 30.21 -30.97 -55.09
C GLY A 281 31.37 -30.01 -55.21
N ILE A 282 31.48 -29.06 -54.27
CA ILE A 282 32.60 -28.12 -54.27
C ILE A 282 33.91 -28.85 -54.00
N SER A 283 33.87 -29.82 -53.08
CA SER A 283 35.08 -30.59 -52.80
C SER A 283 35.50 -31.44 -53.99
N THR A 284 34.54 -31.92 -54.78
CA THR A 284 34.88 -32.65 -55.99
C THR A 284 35.45 -31.71 -57.03
N MET A 285 34.92 -30.48 -57.08
CA MET A 285 35.46 -29.46 -57.98
C MET A 285 36.90 -29.16 -57.65
N ALA A 286 37.26 -29.26 -56.36
CA ALA A 286 38.65 -29.09 -55.95
C ALA A 286 39.58 -30.06 -56.68
N PHE A 287 39.10 -31.28 -56.95
CA PHE A 287 39.88 -32.27 -57.69
C PHE A 287 39.49 -32.33 -59.16
N ASN A 288 38.94 -31.22 -59.67
CA ASN A 288 38.66 -31.00 -61.09
C ASN A 288 37.71 -32.05 -61.67
N LEU A 289 36.62 -32.34 -60.95
CA LEU A 289 35.62 -33.23 -61.50
C LEU A 289 34.63 -32.52 -62.41
N ASN A 290 34.55 -31.19 -62.32
CA ASN A 290 33.80 -30.32 -63.22
C ASN A 290 32.32 -30.65 -63.36
N GLY A 291 31.63 -29.97 -64.29
CA GLY A 291 30.22 -30.13 -64.50
C GLY A 291 29.91 -30.77 -65.84
N PHE A 292 28.62 -30.80 -66.15
CA PHE A 292 28.17 -31.37 -67.41
C PHE A 292 28.61 -30.47 -68.56
N ASN A 293 29.37 -31.02 -69.49
CA ASN A 293 29.85 -30.29 -70.66
C ASN A 293 29.19 -30.91 -71.88
N PHE A 294 27.96 -30.49 -72.16
CA PHE A 294 27.24 -30.88 -73.36
C PHE A 294 27.48 -29.90 -74.50
N ASN A 295 28.61 -29.20 -74.47
CA ASN A 295 28.95 -28.30 -75.56
C ASN A 295 29.27 -29.09 -76.83
N GLN A 296 28.91 -28.51 -77.98
CA GLN A 296 28.98 -29.12 -79.33
C GLN A 296 28.43 -30.54 -79.35
N SER A 297 27.48 -30.84 -78.48
CA SER A 297 26.88 -32.17 -78.43
C SER A 297 25.76 -32.35 -79.45
N VAL A 298 25.07 -31.29 -79.82
CA VAL A 298 24.00 -31.34 -80.80
C VAL A 298 24.61 -31.11 -82.17
N VAL A 299 24.57 -32.14 -83.01
CA VAL A 299 25.09 -32.06 -84.36
C VAL A 299 24.02 -32.57 -85.32
N ASP A 300 24.06 -32.07 -86.55
CA ASP A 300 23.11 -32.47 -87.57
C ASP A 300 23.62 -33.74 -88.26
N SER A 301 22.91 -34.17 -89.32
CA SER A 301 23.30 -35.39 -90.03
C SER A 301 24.65 -35.25 -90.71
N ASN A 302 25.06 -34.02 -91.03
CA ASN A 302 26.36 -33.75 -91.62
C ASN A 302 27.45 -33.56 -90.58
N GLY A 303 27.14 -33.73 -89.30
CA GLY A 303 28.14 -33.57 -88.26
C GLY A 303 28.44 -32.12 -87.88
N ARG A 304 27.74 -31.18 -88.48
CA ARG A 304 27.96 -29.77 -88.16
C ARG A 304 27.31 -29.41 -86.84
N VAL A 305 28.03 -28.59 -86.06
CA VAL A 305 27.63 -28.31 -84.68
C VAL A 305 26.40 -27.42 -84.67
N LEU A 306 25.37 -27.85 -83.96
CA LEU A 306 24.17 -27.06 -83.74
C LEU A 306 24.25 -26.43 -82.36
N ASN A 307 24.08 -25.12 -82.30
CA ASN A 307 24.27 -24.41 -81.04
C ASN A 307 23.13 -24.70 -80.06
N THR A 308 23.37 -24.38 -78.80
CA THR A 308 22.38 -24.61 -77.75
C THR A 308 22.70 -23.73 -76.55
N TRP A 309 21.81 -23.83 -75.54
CA TRP A 309 21.98 -23.08 -74.32
C TRP A 309 23.27 -23.48 -73.60
N ALA A 310 23.64 -24.76 -73.70
CA ALA A 310 24.91 -25.20 -73.13
C ALA A 310 26.08 -24.55 -73.85
N ASP A 311 25.98 -24.34 -75.16
CA ASP A 311 27.02 -23.62 -75.89
C ASP A 311 27.08 -22.16 -75.46
N ILE A 312 25.93 -21.54 -75.21
CA ILE A 312 25.95 -20.16 -74.71
C ILE A 312 26.63 -20.09 -73.34
N ILE A 313 26.30 -21.05 -72.46
CA ILE A 313 26.93 -21.12 -71.15
C ILE A 313 28.42 -21.36 -71.29
N ASN A 314 28.82 -22.18 -72.28
CA ASN A 314 30.24 -22.41 -72.55
C ASN A 314 30.93 -21.14 -73.00
N ARG A 315 30.27 -20.34 -73.84
CA ARG A 315 30.85 -19.08 -74.27
C ARG A 315 31.04 -18.13 -73.10
N ALA A 316 30.05 -18.06 -72.21
CA ALA A 316 30.20 -17.22 -71.01
C ALA A 316 31.31 -17.75 -70.10
N ASN A 317 31.43 -19.08 -70.00
CA ASN A 317 32.47 -19.69 -69.18
C ASN A 317 33.86 -19.36 -69.70
N LEU A 318 34.05 -19.45 -71.01
CA LEU A 318 35.35 -19.06 -71.57
C LEU A 318 35.56 -17.54 -71.52
N GLY A 319 34.48 -16.76 -71.53
CA GLY A 319 34.63 -15.32 -71.34
C GLY A 319 35.13 -14.95 -69.96
N MET A 320 34.67 -15.68 -68.94
CA MET A 320 35.25 -15.48 -67.60
C MET A 320 36.63 -16.12 -67.49
N GLU A 321 36.89 -17.16 -68.29
CA GLU A 321 38.21 -17.79 -68.29
C GLU A 321 39.29 -16.83 -68.80
N VAL A 322 38.97 -16.07 -69.86
CA VAL A 322 39.97 -15.23 -70.49
C VAL A 322 40.18 -13.89 -69.81
N MET A 323 39.57 -13.66 -68.66
CA MET A 323 39.65 -12.39 -67.96
C MET A 323 40.17 -12.50 -66.54
N HIS A 324 40.01 -13.66 -65.89
CA HIS A 324 40.34 -13.78 -64.48
C HIS A 324 41.84 -13.92 -64.27
N GLU A 325 42.33 -13.30 -63.19
CA GLU A 325 43.76 -13.21 -62.86
C GLU A 325 44.56 -12.74 -64.07
N ARG A 326 44.33 -11.46 -64.38
CA ARG A 326 44.55 -10.81 -65.68
C ARG A 326 45.89 -11.18 -66.32
N ASN A 327 46.98 -11.12 -65.56
CA ASN A 327 48.32 -11.39 -66.06
C ASN A 327 49.00 -12.55 -65.34
N ALA A 328 48.24 -13.56 -64.94
CA ALA A 328 48.80 -14.71 -64.23
C ALA A 328 49.28 -15.81 -65.16
N HIS A 329 48.94 -15.76 -66.43
CA HIS A 329 49.18 -16.87 -67.34
C HIS A 329 50.47 -16.65 -68.12
N ASN A 330 51.13 -17.76 -68.46
CA ASN A 330 52.27 -17.73 -69.36
C ASN A 330 52.14 -18.72 -70.50
N PHE A 331 51.58 -19.86 -70.24
CA PHE A 331 51.35 -21.11 -70.93
C PHE A 331 49.87 -21.27 -71.26
N PRO A 332 49.57 -21.84 -72.44
CA PRO A 332 48.21 -21.75 -73.01
C PRO A 332 47.06 -22.24 -72.16
N LEU A 333 47.06 -23.52 -71.81
CA LEU A 333 45.93 -24.09 -71.10
C LEU A 333 46.16 -24.06 -69.59
N ASP A 334 45.07 -23.82 -68.86
CA ASP A 334 45.09 -23.44 -67.44
C ASP A 334 45.07 -24.70 -66.58
N LEU A 335 46.15 -24.93 -65.84
CA LEU A 335 46.32 -26.10 -64.99
C LEU A 335 46.64 -25.73 -63.55
N ALA A 336 45.59 -25.46 -62.77
CA ALA A 336 45.65 -25.36 -61.31
C ALA A 336 46.65 -24.36 -60.72
N GLY B 1 -1.74 -3.41 -24.66
CA GLY B 1 -1.27 -2.34 -25.51
C GLY B 1 -1.49 -2.62 -26.98
N LEU B 2 -0.67 -2.03 -27.84
CA LEU B 2 -0.83 -2.22 -29.27
C LEU B 2 0.53 -2.13 -29.95
N PRO B 3 0.88 -3.10 -30.80
CA PRO B 3 2.21 -3.12 -31.40
C PRO B 3 2.46 -1.94 -32.34
N TRP B 4 3.75 -1.65 -32.52
CA TRP B 4 4.21 -0.48 -33.28
C TRP B 4 3.67 -0.46 -34.70
N TYR B 5 3.44 -1.63 -35.29
CA TYR B 5 3.00 -1.73 -36.66
C TYR B 5 1.49 -1.79 -36.79
N ARG B 6 0.75 -1.49 -35.72
CA ARG B 6 -0.70 -1.50 -35.80
C ARG B 6 -1.32 -0.23 -35.24
N VAL B 7 -0.53 0.84 -35.04
CA VAL B 7 -1.01 2.03 -34.34
C VAL B 7 -2.08 2.78 -35.13
N HIS B 8 -2.23 2.53 -36.43
CA HIS B 8 -3.28 3.17 -37.20
C HIS B 8 -4.56 2.33 -37.25
N THR B 9 -4.62 1.21 -36.53
CA THR B 9 -5.84 0.43 -36.48
C THR B 9 -6.85 0.97 -35.48
N VAL B 10 -6.49 2.00 -34.70
CA VAL B 10 -7.41 2.55 -33.73
C VAL B 10 -8.46 3.44 -34.39
N VAL B 11 -8.21 3.90 -35.60
CA VAL B 11 -9.11 4.82 -36.28
C VAL B 11 -10.02 4.08 -37.28
N ILE B 12 -10.13 2.76 -37.14
CA ILE B 12 -10.99 1.98 -38.04
C ILE B 12 -12.46 2.30 -37.78
N ASN B 13 -12.89 2.21 -36.53
CA ASN B 13 -14.28 2.48 -36.19
C ASN B 13 -14.48 3.92 -35.71
N ASP B 14 -13.89 4.85 -36.43
CA ASP B 14 -13.96 6.29 -36.20
C ASP B 14 -13.93 7.00 -37.55
N PRO B 15 -15.09 7.33 -38.14
CA PRO B 15 -15.06 8.13 -39.36
C PRO B 15 -14.46 9.50 -39.17
N GLY B 16 -14.61 10.10 -37.98
CA GLY B 16 -13.99 11.39 -37.72
C GLY B 16 -12.48 11.32 -37.67
N ARG B 17 -11.92 10.32 -36.98
CA ARG B 17 -10.48 10.21 -36.95
C ARG B 17 -9.92 9.74 -38.29
N LEU B 18 -10.69 8.92 -39.00
CA LEU B 18 -10.33 8.51 -40.35
C LEU B 18 -10.27 9.70 -41.29
N ILE B 19 -11.25 10.60 -41.23
CA ILE B 19 -11.24 11.75 -42.11
C ILE B 19 -10.16 12.74 -41.68
N SER B 20 -9.86 12.77 -40.37
CA SER B 20 -8.76 13.60 -39.89
C SER B 20 -7.42 13.14 -40.46
N VAL B 21 -7.18 11.83 -40.44
CA VAL B 21 -5.90 11.36 -40.98
C VAL B 21 -5.87 11.45 -42.50
N HIS B 22 -7.02 11.29 -43.17
CA HIS B 22 -7.06 11.50 -44.62
C HIS B 22 -6.74 12.95 -44.97
N LEU B 23 -7.30 13.89 -44.19
CA LEU B 23 -7.02 15.31 -44.39
C LEU B 23 -5.56 15.64 -44.16
N MET B 24 -4.97 15.12 -43.08
CA MET B 24 -3.57 15.42 -42.81
C MET B 24 -2.65 14.75 -43.83
N HIS B 25 -3.06 13.59 -44.34
CA HIS B 25 -2.29 12.96 -45.40
C HIS B 25 -2.31 13.80 -46.68
N THR B 26 -3.49 14.31 -47.05
CA THR B 26 -3.57 15.18 -48.21
C THR B 26 -2.77 16.46 -47.98
N ALA B 27 -2.75 16.94 -46.74
CA ALA B 27 -1.92 18.10 -46.39
C ALA B 27 -0.44 17.82 -46.61
N LEU B 28 0.02 16.65 -46.16
CA LEU B 28 1.44 16.29 -46.33
C LEU B 28 1.80 16.13 -47.80
N VAL B 29 0.91 15.50 -48.59
CA VAL B 29 1.18 15.31 -50.01
C VAL B 29 1.23 16.66 -50.73
N ALA B 30 0.27 17.55 -50.43
CA ALA B 30 0.27 18.89 -51.04
C ALA B 30 1.48 19.70 -50.61
N GLY B 31 1.90 19.56 -49.35
CA GLY B 31 3.08 20.26 -48.89
C GLY B 31 4.34 19.78 -49.60
N TRP B 32 4.46 18.47 -49.81
CA TRP B 32 5.58 17.98 -50.61
C TRP B 32 5.51 18.52 -52.04
N ALA B 33 4.30 18.58 -52.61
CA ALA B 33 4.15 19.06 -53.98
C ALA B 33 4.64 20.50 -54.11
N GLY B 34 4.21 21.37 -53.19
CA GLY B 34 4.66 22.75 -53.23
C GLY B 34 6.16 22.88 -53.00
N ALA B 35 6.68 22.16 -52.00
CA ALA B 35 8.10 22.25 -51.69
C ALA B 35 8.96 21.73 -52.83
N MET B 36 8.54 20.64 -53.47
CA MET B 36 9.31 20.07 -54.57
C MET B 36 9.27 20.96 -55.79
N THR B 37 8.11 21.55 -56.08
CA THR B 37 8.03 22.50 -57.19
C THR B 37 8.94 23.71 -56.96
N LEU B 38 8.95 24.27 -55.75
CA LEU B 38 9.84 25.39 -55.51
C LEU B 38 11.31 24.98 -55.51
N PHE B 39 11.63 23.77 -55.03
CA PHE B 39 13.01 23.30 -55.09
C PHE B 39 13.46 23.12 -56.53
N GLU B 40 12.60 22.56 -57.38
CA GLU B 40 12.95 22.39 -58.78
C GLU B 40 13.04 23.73 -59.51
N ILE B 41 12.22 24.71 -59.14
CA ILE B 41 12.33 26.03 -59.72
C ILE B 41 13.64 26.69 -59.29
N ALA B 42 14.04 26.50 -58.03
CA ALA B 42 15.29 27.06 -57.53
C ALA B 42 16.49 26.43 -58.22
N VAL B 43 16.47 25.11 -58.45
CA VAL B 43 17.59 24.45 -59.10
C VAL B 43 17.50 24.45 -60.62
N PHE B 44 16.43 24.99 -61.18
CA PHE B 44 16.23 24.95 -62.62
C PHE B 44 16.97 26.08 -63.32
N ASP B 45 17.52 25.77 -64.49
CA ASP B 45 18.21 26.75 -65.33
C ASP B 45 17.51 26.82 -66.68
N PRO B 46 16.66 27.81 -66.90
CA PRO B 46 15.87 27.86 -68.15
C PRO B 46 16.60 28.60 -69.27
N SER B 47 17.90 28.77 -69.12
CA SER B 47 18.68 29.57 -70.07
C SER B 47 18.68 28.98 -71.46
N ASP B 48 18.92 27.67 -71.59
CA ASP B 48 18.97 26.99 -72.88
C ASP B 48 17.79 26.04 -72.98
N PRO B 49 16.74 26.42 -73.70
CA PRO B 49 15.67 25.47 -73.92
C PRO B 49 15.87 24.52 -75.10
N VAL B 50 17.10 24.30 -75.56
CA VAL B 50 17.35 23.34 -76.63
C VAL B 50 18.37 22.30 -76.19
N LEU B 51 19.58 22.75 -75.85
CA LEU B 51 20.67 21.83 -75.57
C LEU B 51 20.87 21.59 -74.08
N ASN B 52 20.14 22.28 -73.22
CA ASN B 52 20.08 21.98 -71.79
C ASN B 52 18.61 21.84 -71.40
N PRO B 53 17.95 20.79 -71.90
CA PRO B 53 16.51 20.65 -71.68
C PRO B 53 16.20 20.28 -70.24
N MET B 54 14.94 20.51 -69.87
CA MET B 54 14.51 20.37 -68.48
C MET B 54 14.66 18.95 -67.98
N TRP B 55 14.43 17.96 -68.84
CA TRP B 55 14.60 16.56 -68.43
C TRP B 55 16.05 16.18 -68.21
N ARG B 56 17.00 16.98 -68.72
CA ARG B 56 18.40 16.74 -68.39
C ARG B 56 18.77 17.28 -67.02
N GLN B 57 17.92 18.11 -66.41
CA GLN B 57 18.21 18.69 -65.11
C GLN B 57 17.59 17.91 -63.97
N GLY B 58 17.07 16.71 -64.24
CA GLY B 58 16.41 15.94 -63.21
C GLY B 58 15.06 16.47 -62.82
N MET B 59 14.40 17.23 -63.69
CA MET B 59 13.11 17.81 -63.39
C MET B 59 12.05 16.72 -63.29
N PHE B 60 11.59 16.46 -62.07
CA PHE B 60 10.60 15.43 -61.84
C PHE B 60 9.18 15.97 -61.88
N VAL B 61 8.88 16.99 -61.07
CA VAL B 61 7.51 17.45 -60.94
C VAL B 61 7.17 18.60 -61.91
N LEU B 62 8.17 19.32 -62.40
CA LEU B 62 7.91 20.33 -63.43
C LEU B 62 7.31 19.77 -64.72
N PRO B 63 7.74 18.62 -65.28
CA PRO B 63 7.04 18.11 -66.47
C PRO B 63 5.56 17.85 -66.23
N PHE B 64 5.21 17.38 -65.03
CA PHE B 64 3.81 17.15 -64.70
C PHE B 64 3.07 18.45 -64.48
N LEU B 65 3.75 19.51 -64.05
CA LEU B 65 3.13 20.83 -64.06
C LEU B 65 2.85 21.31 -65.48
N THR B 66 3.84 21.16 -66.36
CA THR B 66 3.75 21.76 -67.69
C THR B 66 2.83 20.98 -68.61
N ARG B 67 2.49 19.75 -68.24
CA ARG B 67 1.73 18.90 -69.15
C ARG B 67 0.29 19.37 -69.29
N LEU B 68 -0.18 20.20 -68.37
CA LEU B 68 -1.55 20.70 -68.42
C LEU B 68 -1.65 22.23 -68.50
N GLY B 69 -0.59 22.92 -68.90
CA GLY B 69 -0.78 24.33 -69.21
C GLY B 69 0.22 25.36 -68.75
N VAL B 70 0.80 25.23 -67.57
CA VAL B 70 1.73 26.24 -67.09
C VAL B 70 3.08 26.05 -67.78
N THR B 71 3.64 27.13 -68.31
CA THR B 71 4.92 27.07 -69.00
C THR B 71 5.91 28.12 -68.50
N GLN B 72 5.41 29.17 -67.86
CA GLN B 72 6.22 30.31 -67.44
C GLN B 72 5.99 30.60 -65.96
N SER B 73 7.01 31.14 -65.30
CA SER B 73 7.02 31.44 -63.87
C SER B 73 7.13 32.95 -63.63
N TRP B 74 7.35 33.30 -62.37
CA TRP B 74 7.59 34.68 -61.94
C TRP B 74 8.96 35.19 -62.36
N GLY B 75 9.83 34.34 -62.88
CA GLY B 75 11.16 34.75 -63.27
C GLY B 75 11.24 35.46 -64.60
N GLY B 76 10.12 35.61 -65.31
CA GLY B 76 10.11 36.27 -66.59
C GLY B 76 10.58 35.40 -67.74
N TRP B 77 10.64 34.08 -67.55
CA TRP B 77 11.12 33.16 -68.56
C TRP B 77 10.06 32.10 -68.84
N THR B 78 10.16 31.50 -70.03
CA THR B 78 9.27 30.43 -70.45
C THR B 78 10.14 29.26 -70.88
N ILE B 79 9.71 28.04 -70.51
CA ILE B 79 10.52 26.86 -70.81
C ILE B 79 10.66 26.61 -72.31
N SER B 80 9.71 27.08 -73.12
CA SER B 80 9.85 26.98 -74.57
C SER B 80 10.78 28.04 -75.15
N GLY B 81 11.16 29.04 -74.36
CA GLY B 81 11.98 30.13 -74.84
C GLY B 81 11.22 31.29 -75.45
N GLU B 82 9.91 31.16 -75.61
CA GLU B 82 9.04 32.17 -76.21
C GLU B 82 8.90 33.37 -75.26
N THR B 83 8.63 34.54 -75.85
CA THR B 83 8.59 35.80 -75.13
C THR B 83 7.56 35.78 -74.01
N SER B 84 7.97 36.22 -72.82
CA SER B 84 7.19 36.06 -71.60
C SER B 84 5.87 36.81 -71.66
N SER B 85 4.77 36.08 -71.49
CA SER B 85 3.45 36.66 -71.31
C SER B 85 3.17 36.90 -69.83
N ASN B 86 1.91 37.12 -69.52
CA ASN B 86 1.47 37.29 -68.14
C ASN B 86 0.80 36.02 -67.63
N PRO B 87 1.42 35.28 -66.69
CA PRO B 87 0.80 34.10 -66.14
C PRO B 87 -0.53 34.32 -65.45
N GLY B 88 -0.72 35.48 -64.82
CA GLY B 88 -1.82 35.55 -63.88
C GLY B 88 -1.35 34.91 -62.59
N ILE B 89 -2.30 34.48 -61.76
CA ILE B 89 -1.94 33.80 -60.51
C ILE B 89 -1.34 32.42 -60.79
N TRP B 90 -1.64 31.84 -61.94
CA TRP B 90 -1.23 30.46 -62.23
C TRP B 90 0.10 30.45 -62.99
N SER B 91 1.17 30.53 -62.22
CA SER B 91 2.52 30.33 -62.69
C SER B 91 3.10 29.12 -61.96
N TYR B 92 4.38 28.82 -62.20
CA TYR B 92 5.02 27.72 -61.48
C TYR B 92 5.03 27.99 -59.99
N GLU B 93 5.58 29.13 -59.59
CA GLU B 93 5.69 29.47 -58.17
C GLU B 93 4.35 29.85 -57.56
N GLY B 94 3.47 30.47 -58.35
CA GLY B 94 2.13 30.77 -57.85
C GLY B 94 1.33 29.51 -57.56
N ALA B 95 1.38 28.54 -58.48
CA ALA B 95 0.72 27.26 -58.23
C ALA B 95 1.39 26.53 -57.06
N ALA B 96 2.70 26.67 -56.94
CA ALA B 96 3.41 26.07 -55.82
C ALA B 96 2.92 26.59 -54.48
N ALA B 97 2.80 27.92 -54.37
CA ALA B 97 2.28 28.50 -53.14
C ALA B 97 0.81 28.16 -52.93
N SER B 98 0.07 27.95 -54.02
CA SER B 98 -1.31 27.49 -53.89
C SER B 98 -1.38 26.11 -53.24
N HIS B 99 -0.50 25.20 -53.68
CA HIS B 99 -0.41 23.89 -53.01
C HIS B 99 0.03 24.03 -51.56
N ILE B 100 0.94 24.95 -51.26
CA ILE B 100 1.38 25.12 -49.87
C ILE B 100 0.23 25.64 -48.99
N VAL B 101 -0.54 26.59 -49.51
CA VAL B 101 -1.70 27.10 -48.77
C VAL B 101 -2.73 26.00 -48.58
N LEU B 102 -2.98 25.22 -49.63
CA LEU B 102 -3.89 24.09 -49.54
C LEU B 102 -3.43 23.08 -48.49
N SER B 103 -2.13 22.84 -48.43
CA SER B 103 -1.58 21.95 -47.42
C SER B 103 -1.83 22.48 -46.01
N GLY B 104 -1.64 23.79 -45.80
CA GLY B 104 -1.91 24.36 -44.50
C GLY B 104 -3.37 24.26 -44.10
N LEU B 105 -4.28 24.53 -45.03
CA LEU B 105 -5.70 24.44 -44.71
C LEU B 105 -6.16 23.01 -44.47
N LEU B 106 -5.62 22.05 -45.25
CA LEU B 106 -5.95 20.65 -44.99
C LEU B 106 -5.39 20.20 -43.64
N PHE B 107 -4.20 20.70 -43.27
CA PHE B 107 -3.67 20.45 -41.93
C PHE B 107 -4.61 20.97 -40.85
N LEU B 108 -5.09 22.21 -41.01
CA LEU B 108 -5.93 22.80 -39.98
C LEU B 108 -7.28 22.09 -39.89
N ALA B 109 -7.84 21.69 -41.04
CA ALA B 109 -9.08 20.93 -41.05
C ALA B 109 -8.89 19.55 -40.46
N SER B 110 -7.70 18.95 -40.65
CA SER B 110 -7.39 17.67 -40.03
C SER B 110 -7.35 17.78 -38.51
N VAL B 111 -6.74 18.86 -38.02
CA VAL B 111 -6.73 19.10 -36.58
C VAL B 111 -8.16 19.30 -36.06
N TRP B 112 -8.99 20.01 -36.82
CA TRP B 112 -10.38 20.22 -36.41
C TRP B 112 -11.14 18.91 -36.32
N HIS B 113 -11.06 18.08 -37.37
CA HIS B 113 -11.76 16.80 -37.36
C HIS B 113 -11.16 15.81 -36.37
N TRP B 114 -9.91 16.02 -35.95
CA TRP B 114 -9.41 15.24 -34.83
C TRP B 114 -10.06 15.67 -33.52
N VAL B 115 -10.17 16.98 -33.30
CA VAL B 115 -10.75 17.46 -32.04
C VAL B 115 -12.23 17.09 -31.97
N TYR B 116 -12.96 17.25 -33.07
CA TYR B 116 -14.39 16.95 -33.14
C TYR B 116 -14.56 15.71 -34.00
N TRP B 117 -14.70 14.55 -33.34
CA TRP B 117 -14.77 13.27 -34.03
C TRP B 117 -16.06 12.49 -33.78
N ASP B 118 -16.91 12.94 -32.86
CA ASP B 118 -18.09 12.19 -32.43
C ASP B 118 -19.36 12.66 -33.13
N LEU B 119 -19.27 13.04 -34.40
CA LEU B 119 -20.42 13.59 -35.11
C LEU B 119 -21.53 12.57 -35.28
N GLU B 120 -22.76 13.00 -34.99
CA GLU B 120 -23.94 12.16 -35.15
C GLU B 120 -24.20 11.85 -36.62
N LEU B 121 -23.61 12.61 -37.53
CA LEU B 121 -23.60 12.24 -38.95
C LEU B 121 -22.99 10.86 -39.15
N PHE B 122 -21.97 10.52 -38.37
CA PHE B 122 -21.39 9.20 -38.41
C PHE B 122 -22.16 8.20 -37.57
N ARG B 123 -23.42 8.52 -37.24
CA ARG B 123 -24.28 7.71 -36.40
C ARG B 123 -25.39 7.07 -37.22
N ASP B 124 -25.72 5.83 -36.88
CA ASP B 124 -26.83 5.14 -37.50
C ASP B 124 -28.13 5.68 -36.91
N PRO B 125 -29.04 6.24 -37.72
CA PRO B 125 -30.28 6.81 -37.16
C PRO B 125 -31.18 5.81 -36.47
N ARG B 126 -31.21 4.55 -36.92
CA ARG B 126 -32.15 3.58 -36.39
C ARG B 126 -31.56 2.67 -35.31
N THR B 127 -30.25 2.44 -35.30
CA THR B 127 -29.65 1.61 -34.27
C THR B 127 -28.78 2.40 -33.30
N GLY B 128 -28.29 3.57 -33.69
CA GLY B 128 -27.54 4.42 -32.79
C GLY B 128 -26.07 4.11 -32.66
N LYS B 129 -25.55 3.13 -33.39
CA LYS B 129 -24.13 2.82 -33.32
C LYS B 129 -23.37 3.61 -34.38
N THR B 130 -22.05 3.40 -34.42
CA THR B 130 -21.19 4.07 -35.39
C THR B 130 -21.12 3.23 -36.66
N ALA B 131 -21.63 3.78 -37.75
CA ALA B 131 -21.68 3.06 -39.01
C ALA B 131 -21.67 4.06 -40.17
N LEU B 132 -21.31 3.55 -41.35
CA LEU B 132 -21.26 4.35 -42.56
C LEU B 132 -21.92 3.59 -43.70
N ASP B 133 -22.76 4.27 -44.47
CA ASP B 133 -23.41 3.68 -45.64
C ASP B 133 -22.44 3.75 -46.81
N LEU B 134 -21.50 2.81 -46.81
CA LEU B 134 -20.42 2.81 -47.78
C LEU B 134 -20.85 2.75 -49.25
N PRO B 135 -21.87 1.96 -49.66
CA PRO B 135 -22.32 2.08 -51.06
C PRO B 135 -22.83 3.46 -51.43
N LYS B 136 -23.51 4.14 -50.51
CA LYS B 136 -23.96 5.50 -50.79
C LYS B 136 -22.79 6.48 -50.87
N ILE B 137 -21.83 6.32 -49.96
CA ILE B 137 -20.60 7.12 -50.00
C ILE B 137 -19.89 6.93 -51.33
N PHE B 138 -19.83 5.68 -51.78
CA PHE B 138 -19.22 5.37 -53.08
C PHE B 138 -19.98 6.01 -54.22
N GLY B 139 -21.31 5.97 -54.17
CA GLY B 139 -22.09 6.59 -55.23
C GLY B 139 -21.86 8.09 -55.31
N ILE B 140 -21.77 8.75 -54.15
CA ILE B 140 -21.49 10.18 -54.13
C ILE B 140 -20.10 10.47 -54.68
N HIS B 141 -19.10 9.69 -54.28
CA HIS B 141 -17.74 9.92 -54.78
C HIS B 141 -17.62 9.58 -56.26
N LEU B 142 -18.39 8.60 -56.73
CA LEU B 142 -18.41 8.28 -58.16
C LEU B 142 -19.03 9.42 -58.94
N PHE B 143 -20.09 10.02 -58.40
CA PHE B 143 -20.70 11.19 -59.03
C PHE B 143 -19.70 12.35 -59.12
N LEU B 144 -18.95 12.58 -58.03
CA LEU B 144 -17.96 13.65 -58.01
C LEU B 144 -16.83 13.38 -59.01
N ALA B 145 -16.35 12.13 -59.06
CA ALA B 145 -15.28 11.79 -59.99
C ALA B 145 -15.74 11.90 -61.44
N GLY B 146 -16.99 11.51 -61.71
CA GLY B 146 -17.53 11.66 -63.05
C GLY B 146 -17.66 13.12 -63.45
N LEU B 147 -18.14 13.97 -62.53
CA LEU B 147 -18.23 15.39 -62.84
C LEU B 147 -16.84 15.99 -63.05
N LEU B 148 -15.86 15.53 -62.27
CA LEU B 148 -14.49 16.01 -62.46
C LEU B 148 -13.93 15.58 -63.82
N CYS B 149 -14.18 14.34 -64.23
CA CYS B 149 -13.74 13.89 -65.56
C CYS B 149 -14.41 14.71 -66.66
N PHE B 150 -15.71 14.92 -66.54
CA PHE B 150 -16.44 15.64 -67.57
C PHE B 150 -15.94 17.08 -67.66
N GLY B 151 -15.69 17.71 -66.51
CA GLY B 151 -15.15 19.05 -66.52
C GLY B 151 -13.74 19.14 -67.08
N PHE B 152 -12.86 18.23 -66.64
CA PHE B 152 -11.47 18.25 -67.07
C PHE B 152 -11.33 17.92 -68.55
N GLY B 153 -12.27 17.16 -69.10
CA GLY B 153 -12.22 16.83 -70.50
C GLY B 153 -12.93 17.82 -71.41
N ALA B 154 -14.02 18.40 -70.93
CA ALA B 154 -14.81 19.29 -71.75
C ALA B 154 -14.49 20.77 -71.57
N PHE B 155 -13.62 21.12 -70.62
CA PHE B 155 -13.27 22.53 -70.46
C PHE B 155 -11.78 22.81 -70.45
N HIS B 156 -10.97 21.92 -69.89
CA HIS B 156 -9.54 22.22 -69.75
C HIS B 156 -8.73 21.74 -70.95
N VAL B 157 -8.76 20.42 -71.22
CA VAL B 157 -7.92 19.87 -72.26
C VAL B 157 -8.40 20.23 -73.67
N THR B 158 -9.71 20.34 -73.89
CA THR B 158 -10.19 20.75 -75.20
C THR B 158 -10.06 22.25 -75.42
N GLY B 159 -9.72 23.00 -74.37
CA GLY B 159 -9.35 24.39 -74.49
C GLY B 159 -10.48 25.37 -74.73
N VAL B 160 -11.73 24.95 -74.58
CA VAL B 160 -12.82 25.91 -74.71
C VAL B 160 -12.80 26.89 -73.54
N PHE B 161 -12.25 26.48 -72.41
CA PHE B 161 -12.02 27.34 -71.25
C PHE B 161 -10.58 27.23 -70.75
N GLY B 162 -10.00 26.04 -70.80
CA GLY B 162 -8.65 25.82 -70.33
C GLY B 162 -7.61 26.13 -71.39
N PRO B 163 -6.33 25.93 -71.06
CA PRO B 163 -5.25 26.25 -72.00
C PRO B 163 -4.97 25.11 -72.98
N GLY B 164 -5.57 23.96 -72.76
CA GLY B 164 -5.29 22.79 -73.57
C GLY B 164 -4.31 21.86 -72.90
N ILE B 165 -3.50 21.20 -73.73
CA ILE B 165 -2.45 20.31 -73.24
C ILE B 165 -1.19 20.53 -74.07
N TRP B 166 -0.12 19.86 -73.65
CA TRP B 166 1.13 19.90 -74.39
C TRP B 166 1.06 18.89 -75.52
N VAL B 167 1.17 19.38 -76.75
CA VAL B 167 1.28 18.53 -77.93
C VAL B 167 2.48 19.03 -78.73
N SER B 168 3.21 18.09 -79.32
CA SER B 168 4.48 18.38 -79.95
C SER B 168 4.59 17.64 -81.28
N ASP B 169 5.79 17.70 -81.84
CA ASP B 169 6.07 17.00 -83.09
C ASP B 169 6.16 15.50 -82.86
N PRO B 170 6.06 14.69 -83.91
CA PRO B 170 6.34 13.26 -83.76
C PRO B 170 7.76 12.97 -83.32
N TYR B 171 8.70 13.89 -83.58
CA TYR B 171 10.11 13.72 -83.24
C TYR B 171 10.63 14.79 -82.29
N GLY B 172 9.75 15.43 -81.53
CA GLY B 172 10.15 16.29 -80.43
C GLY B 172 10.94 17.54 -80.80
N LEU B 173 10.56 18.23 -81.86
CA LEU B 173 11.27 19.44 -82.23
C LEU B 173 10.51 20.70 -81.80
N THR B 174 9.27 20.84 -82.27
CA THR B 174 8.43 21.99 -81.97
C THR B 174 7.18 21.50 -81.24
N GLY B 175 6.90 22.10 -80.08
CA GLY B 175 5.73 21.71 -79.31
C GLY B 175 5.33 22.79 -78.34
N SER B 176 4.04 22.78 -77.98
CA SER B 176 3.53 23.79 -77.06
C SER B 176 2.23 23.30 -76.44
N VAL B 177 1.69 24.12 -75.55
CA VAL B 177 0.41 23.86 -74.91
C VAL B 177 -0.66 24.62 -75.66
N GLN B 178 -1.63 23.90 -76.22
CA GLN B 178 -2.78 24.52 -76.85
C GLN B 178 -3.94 23.53 -76.81
N PRO B 179 -5.17 23.99 -77.08
CA PRO B 179 -6.29 23.06 -77.17
C PRO B 179 -6.12 22.00 -78.24
N VAL B 180 -6.79 20.87 -78.03
CA VAL B 180 -6.73 19.72 -78.93
C VAL B 180 -8.15 19.34 -79.32
N ALA B 181 -8.34 18.99 -80.58
CA ALA B 181 -9.64 18.53 -81.05
C ALA B 181 -9.82 17.05 -80.67
N PRO B 182 -10.91 16.69 -79.98
CA PRO B 182 -11.09 15.30 -79.59
C PRO B 182 -11.29 14.39 -80.79
N SER B 183 -10.69 13.20 -80.69
CA SER B 183 -10.80 12.17 -81.72
C SER B 183 -11.77 11.11 -81.21
N TRP B 184 -12.94 11.03 -81.84
CA TRP B 184 -14.02 10.18 -81.36
C TRP B 184 -14.06 8.83 -82.07
N GLY B 185 -13.13 8.57 -82.99
CA GLY B 185 -13.09 7.31 -83.71
C GLY B 185 -12.11 6.32 -83.11
N ALA B 186 -11.77 5.31 -83.92
CA ALA B 186 -10.79 4.32 -83.51
C ALA B 186 -9.42 4.95 -83.28
N GLU B 187 -9.11 6.01 -84.03
CA GLU B 187 -7.87 6.76 -83.81
C GLU B 187 -7.82 7.36 -82.41
N GLY B 188 -8.98 7.62 -81.80
CA GLY B 188 -9.01 8.09 -80.42
C GLY B 188 -8.46 7.07 -79.45
N PHE B 189 -8.52 5.78 -79.79
CA PHE B 189 -7.89 4.74 -78.98
C PHE B 189 -6.47 4.46 -79.42
N ASP B 190 -5.95 5.22 -80.36
CA ASP B 190 -4.52 5.24 -80.62
C ASP B 190 -3.84 5.80 -79.39
N PRO B 191 -2.83 5.13 -78.83
CA PRO B 191 -2.18 5.64 -77.62
C PRO B 191 -1.50 6.98 -77.78
N TYR B 192 -1.02 7.29 -78.98
CA TYR B 192 -0.25 8.51 -79.19
C TYR B 192 -1.08 9.66 -79.76
N ASN B 193 -2.33 9.42 -80.15
CA ASN B 193 -3.14 10.50 -80.70
C ASN B 193 -3.66 11.37 -79.57
N PRO B 194 -3.24 12.64 -79.48
CA PRO B 194 -3.62 13.46 -78.32
C PRO B 194 -5.09 13.76 -78.22
N GLY B 195 -5.81 13.75 -79.35
CA GLY B 195 -7.24 13.97 -79.32
C GLY B 195 -8.02 12.88 -78.62
N GLY B 196 -7.42 11.72 -78.44
CA GLY B 196 -8.09 10.65 -77.71
C GLY B 196 -8.26 10.90 -76.24
N VAL B 197 -7.49 11.82 -75.66
CA VAL B 197 -7.54 12.13 -74.23
C VAL B 197 -8.76 13.00 -73.90
N PRO B 198 -9.06 14.11 -74.60
CA PRO B 198 -10.31 14.82 -74.28
C PRO B 198 -11.56 13.99 -74.54
N ALA B 199 -11.58 13.20 -75.61
CA ALA B 199 -12.72 12.33 -75.89
C ALA B 199 -12.88 11.29 -74.78
N HIS B 200 -11.75 10.71 -74.34
CA HIS B 200 -11.79 9.76 -73.24
C HIS B 200 -12.34 10.40 -71.97
N HIS B 201 -11.86 11.59 -71.63
CA HIS B 201 -12.29 12.20 -70.39
C HIS B 201 -13.76 12.64 -70.45
N ILE B 202 -14.23 13.08 -71.62
CA ILE B 202 -15.64 13.44 -71.75
C ILE B 202 -16.53 12.22 -71.62
N ALA B 203 -16.21 11.15 -72.36
CA ALA B 203 -17.03 9.94 -72.29
C ALA B 203 -16.95 9.28 -70.92
N ALA B 204 -15.76 9.30 -70.31
CA ALA B 204 -15.59 8.78 -68.96
C ALA B 204 -16.38 9.60 -67.95
N GLY B 205 -16.45 10.92 -68.14
CA GLY B 205 -17.25 11.74 -67.25
C GLY B 205 -18.73 11.46 -67.35
N ILE B 206 -19.24 11.28 -68.58
CA ILE B 206 -20.67 10.99 -68.73
C ILE B 206 -20.99 9.60 -68.18
N LEU B 207 -20.08 8.64 -68.37
CA LEU B 207 -20.32 7.31 -67.80
C LEU B 207 -20.21 7.34 -66.28
N GLY B 208 -19.30 8.15 -65.75
CA GLY B 208 -19.16 8.26 -64.30
C GLY B 208 -20.35 8.92 -63.63
N VAL B 209 -20.90 9.96 -64.25
CA VAL B 209 -22.07 10.60 -63.66
C VAL B 209 -23.30 9.70 -63.76
N LEU B 210 -23.42 8.95 -64.86
CA LEU B 210 -24.53 8.00 -64.97
C LEU B 210 -24.41 6.87 -63.95
N ALA B 211 -23.19 6.36 -63.74
CA ALA B 211 -22.99 5.31 -62.75
C ALA B 211 -23.16 5.84 -61.33
N GLY B 212 -22.78 7.10 -61.09
CA GLY B 212 -23.04 7.70 -59.79
C GLY B 212 -24.52 7.86 -59.51
N LEU B 213 -25.29 8.24 -60.53
CA LEU B 213 -26.74 8.29 -60.38
C LEU B 213 -27.31 6.91 -60.11
N PHE B 214 -26.79 5.89 -60.79
CA PHE B 214 -27.24 4.52 -60.55
C PHE B 214 -26.96 4.07 -59.11
N HIS B 215 -25.77 4.39 -58.61
CA HIS B 215 -25.43 3.94 -57.27
C HIS B 215 -26.14 4.76 -56.20
N LEU B 216 -26.48 6.01 -56.49
CA LEU B 216 -27.39 6.75 -55.61
C LEU B 216 -28.78 6.11 -55.58
N CYS B 217 -29.27 5.69 -56.74
CA CYS B 217 -30.64 5.18 -56.82
C CYS B 217 -30.79 3.75 -56.29
N VAL B 218 -29.78 2.90 -56.45
CA VAL B 218 -29.94 1.46 -56.23
C VAL B 218 -29.01 1.00 -55.12
N ARG B 219 -29.56 0.27 -54.15
CA ARG B 219 -28.82 -0.38 -53.09
C ARG B 219 -28.23 -1.70 -53.60
N PRO B 220 -27.16 -2.19 -52.99
CA PRO B 220 -26.58 -3.47 -53.42
C PRO B 220 -27.47 -4.65 -53.06
N SER B 221 -27.04 -5.83 -53.48
CA SER B 221 -27.75 -7.07 -53.22
C SER B 221 -27.15 -7.79 -52.02
N ILE B 222 -28.00 -8.53 -51.29
CA ILE B 222 -27.62 -9.08 -50.00
C ILE B 222 -26.55 -10.16 -50.14
N ARG B 223 -26.66 -11.02 -51.17
CA ARG B 223 -25.68 -12.07 -51.34
C ARG B 223 -24.31 -11.49 -51.67
N LEU B 224 -24.26 -10.46 -52.52
CA LEU B 224 -23.02 -9.78 -52.82
C LEU B 224 -22.53 -8.99 -51.61
N TYR B 225 -23.47 -8.39 -50.86
CA TYR B 225 -23.13 -7.62 -49.66
C TYR B 225 -22.43 -8.50 -48.64
N PHE B 226 -22.91 -9.73 -48.45
CA PHE B 226 -22.30 -10.65 -47.51
C PHE B 226 -21.05 -11.31 -48.08
N GLY B 227 -21.01 -11.58 -49.39
CA GLY B 227 -19.84 -12.20 -49.98
C GLY B 227 -18.62 -11.32 -49.98
N LEU B 228 -18.79 -10.03 -50.27
CA LEU B 228 -17.66 -9.11 -50.31
C LEU B 228 -17.48 -8.35 -49.00
N SER B 229 -18.45 -8.44 -48.08
CA SER B 229 -18.45 -7.71 -46.81
C SER B 229 -18.36 -6.20 -47.05
N MET B 230 -19.41 -5.69 -47.70
CA MET B 230 -19.50 -4.27 -48.03
C MET B 230 -19.69 -3.39 -46.80
N GLY B 231 -20.11 -3.94 -45.67
CA GLY B 231 -20.22 -3.13 -44.48
C GLY B 231 -18.90 -2.84 -43.82
N SER B 232 -17.81 -3.39 -44.32
CA SER B 232 -16.49 -3.26 -43.72
C SER B 232 -15.70 -2.19 -44.46
N ILE B 233 -14.83 -1.49 -43.73
CA ILE B 233 -14.03 -0.43 -44.32
C ILE B 233 -12.67 -0.94 -44.79
N GLU B 234 -12.16 -2.03 -44.21
CA GLU B 234 -10.94 -2.61 -44.75
C GLU B 234 -11.18 -3.35 -46.07
N SER B 235 -12.42 -3.77 -46.33
CA SER B 235 -12.75 -4.35 -47.63
C SER B 235 -12.58 -3.33 -48.74
N VAL B 236 -13.13 -2.13 -48.54
CA VAL B 236 -12.98 -1.10 -49.54
C VAL B 236 -11.58 -0.52 -49.52
N LEU B 237 -10.87 -0.67 -48.40
CA LEU B 237 -9.44 -0.35 -48.39
C LEU B 237 -8.69 -1.26 -49.34
N SER B 238 -8.96 -2.57 -49.28
CA SER B 238 -8.32 -3.52 -50.18
C SER B 238 -8.68 -3.26 -51.63
N SER B 239 -9.96 -2.96 -51.89
CA SER B 239 -10.38 -2.67 -53.26
C SER B 239 -9.74 -1.39 -53.79
N SER B 240 -9.65 -0.35 -52.96
CA SER B 240 -9.01 0.89 -53.37
C SER B 240 -7.53 0.68 -53.64
N ILE B 241 -6.87 -0.13 -52.81
CA ILE B 241 -5.47 -0.46 -53.04
C ILE B 241 -5.30 -1.23 -54.35
N ALA B 242 -6.25 -2.12 -54.65
CA ALA B 242 -6.23 -2.84 -55.92
C ALA B 242 -6.30 -1.88 -57.10
N ALA B 243 -7.27 -0.97 -57.06
CA ALA B 243 -7.45 -0.02 -58.15
C ALA B 243 -6.23 0.89 -58.31
N VAL B 244 -5.65 1.33 -57.19
CA VAL B 244 -4.54 2.28 -57.32
C VAL B 244 -3.28 1.58 -57.80
N PHE B 245 -3.06 0.30 -57.47
CA PHE B 245 -1.84 -0.27 -58.02
C PHE B 245 -2.03 -0.72 -59.46
N TRP B 246 -3.26 -1.03 -59.88
CA TRP B 246 -3.49 -1.23 -61.31
C TRP B 246 -3.18 0.05 -62.06
N ALA B 247 -3.67 1.18 -61.54
CA ALA B 247 -3.40 2.47 -62.16
C ALA B 247 -1.91 2.78 -62.17
N ALA B 248 -1.19 2.36 -61.12
CA ALA B 248 0.26 2.52 -61.09
C ALA B 248 0.94 1.72 -62.18
N PHE B 249 0.51 0.47 -62.38
CA PHE B 249 1.07 -0.35 -63.45
C PHE B 249 0.82 0.27 -64.81
N VAL B 250 -0.40 0.80 -65.01
CA VAL B 250 -0.75 1.42 -66.28
C VAL B 250 0.09 2.68 -66.54
N VAL B 251 0.24 3.53 -65.51
CA VAL B 251 1.01 4.75 -65.73
C VAL B 251 2.48 4.44 -65.92
N ALA B 252 3.01 3.44 -65.22
CA ALA B 252 4.42 3.07 -65.40
C ALA B 252 4.65 2.52 -66.79
N GLY B 253 3.75 1.68 -67.29
CA GLY B 253 3.89 1.16 -68.64
C GLY B 253 3.79 2.23 -69.70
N THR B 254 2.81 3.14 -69.56
CA THR B 254 2.65 4.19 -70.55
C THR B 254 3.83 5.15 -70.52
N MET B 255 4.37 5.43 -69.33
CA MET B 255 5.54 6.29 -69.22
C MET B 255 6.77 5.65 -69.84
N TRP B 256 6.96 4.35 -69.61
CA TRP B 256 8.13 3.68 -70.16
C TRP B 256 8.05 3.51 -71.68
N TYR B 257 6.85 3.28 -72.22
CA TYR B 257 6.74 3.08 -73.65
C TYR B 257 6.40 4.35 -74.43
N GLY B 258 6.12 5.46 -73.75
CA GLY B 258 5.71 6.67 -74.43
C GLY B 258 4.22 6.66 -74.73
N SER B 259 3.58 7.83 -74.70
CA SER B 259 2.15 7.93 -74.96
C SER B 259 1.82 9.37 -75.32
N ALA B 260 0.56 9.62 -75.65
CA ALA B 260 0.10 10.98 -75.90
C ALA B 260 0.18 11.83 -74.65
N ALA B 261 -0.02 11.22 -73.48
CA ALA B 261 0.18 11.89 -72.21
C ALA B 261 1.64 11.87 -71.76
N THR B 262 2.56 11.51 -72.65
CA THR B 262 3.98 11.42 -72.33
C THR B 262 4.78 12.14 -73.41
N PRO B 263 4.97 13.44 -73.28
CA PRO B 263 5.79 14.16 -74.26
C PRO B 263 7.27 13.85 -74.10
N ILE B 264 7.93 13.64 -75.24
CA ILE B 264 9.37 13.45 -75.22
C ILE B 264 10.08 14.73 -74.79
N GLU B 265 9.56 15.88 -75.22
CA GLU B 265 10.13 17.17 -74.81
C GLU B 265 9.97 17.44 -73.32
N LEU B 266 9.09 16.72 -72.63
CA LEU B 266 8.88 16.88 -71.20
C LEU B 266 9.58 15.82 -70.36
N PHE B 267 9.60 14.56 -70.81
CA PHE B 267 10.15 13.48 -70.01
C PHE B 267 11.39 12.85 -70.60
N GLY B 268 12.01 13.47 -71.60
CA GLY B 268 13.17 12.89 -72.23
C GLY B 268 12.80 11.88 -73.30
N PRO B 269 13.79 11.45 -74.07
CA PRO B 269 13.53 10.40 -75.07
C PRO B 269 13.33 9.04 -74.44
N THR B 270 13.15 8.03 -75.26
CA THR B 270 12.83 6.69 -74.78
C THR B 270 13.85 5.69 -75.33
N ARG B 271 14.14 4.67 -74.51
CA ARG B 271 15.05 3.61 -74.93
C ARG B 271 14.54 2.88 -76.17
N TYR B 272 13.23 2.82 -76.37
CA TYR B 272 12.70 2.16 -77.55
C TYR B 272 12.93 2.96 -78.82
N GLN B 273 12.78 4.29 -78.79
CA GLN B 273 13.13 5.08 -79.97
C GLN B 273 14.64 5.27 -80.11
N TRP B 274 15.40 4.99 -79.06
CA TRP B 274 16.85 4.89 -79.25
C TRP B 274 17.21 3.59 -79.96
N ASP B 275 16.58 2.48 -79.56
CA ASP B 275 16.86 1.20 -80.18
C ASP B 275 16.40 1.17 -81.64
N GLN B 276 15.18 1.62 -81.90
CA GLN B 276 14.57 1.50 -83.21
C GLN B 276 15.02 2.58 -84.19
N GLY B 277 15.97 3.43 -83.82
CA GLY B 277 16.55 4.38 -84.75
C GLY B 277 15.58 5.44 -85.24
N PHE B 278 14.92 6.14 -84.32
CA PHE B 278 13.83 7.04 -84.67
C PHE B 278 14.39 8.44 -84.98
N PHE B 279 15.12 9.02 -84.03
CA PHE B 279 15.81 10.28 -84.28
C PHE B 279 16.93 10.10 -85.29
N GLN B 280 17.67 8.99 -85.20
CA GLN B 280 18.67 8.66 -86.22
C GLN B 280 18.00 8.44 -87.57
N GLN B 281 16.77 7.92 -87.56
CA GLN B 281 16.02 7.68 -88.80
C GLN B 281 15.75 8.99 -89.53
N GLU B 282 15.17 9.97 -88.84
CA GLU B 282 14.95 11.24 -89.54
C GLU B 282 16.23 12.03 -89.76
N ILE B 283 17.27 11.83 -88.94
CA ILE B 283 18.53 12.49 -89.24
C ILE B 283 19.07 12.02 -90.59
N GLN B 284 19.11 10.71 -90.79
CA GLN B 284 19.63 10.16 -92.04
C GLN B 284 18.67 10.45 -93.20
N LYS B 285 17.37 10.38 -92.96
CA LYS B 285 16.41 10.64 -94.03
C LYS B 285 16.46 12.10 -94.48
N ARG B 286 16.57 13.03 -93.52
CA ARG B 286 16.68 14.44 -93.85
C ARG B 286 17.97 14.75 -94.59
N VAL B 287 19.08 14.12 -94.17
CA VAL B 287 20.35 14.35 -94.85
C VAL B 287 20.31 13.81 -96.27
N ALA B 288 19.74 12.61 -96.45
CA ALA B 288 19.62 12.05 -97.81
C ALA B 288 18.69 12.89 -98.67
N GLN B 289 17.59 13.38 -98.10
CA GLN B 289 16.67 14.23 -98.85
C GLN B 289 17.33 15.55 -99.26
N SER B 290 18.14 16.12 -98.38
CA SER B 290 18.83 17.37 -98.72
C SER B 290 19.91 17.14 -99.77
N THR B 291 20.63 16.02 -99.67
CA THR B 291 21.69 15.73 -100.64
C THR B 291 21.15 15.25 -101.99
N SER B 292 19.91 14.76 -102.04
CA SER B 292 19.34 14.31 -103.30
C SER B 292 18.73 15.44 -104.12
N GLU B 293 18.73 16.67 -103.60
CA GLU B 293 18.18 17.82 -104.29
C GLU B 293 19.28 18.73 -104.85
N GLY B 294 20.37 18.14 -105.33
CA GLY B 294 21.45 18.90 -105.93
C GLY B 294 22.17 19.80 -104.95
N LEU B 295 22.43 19.29 -103.75
CA LEU B 295 23.10 20.05 -102.71
C LEU B 295 24.29 19.25 -102.20
N SER B 296 25.46 19.88 -102.16
CA SER B 296 26.67 19.21 -101.71
C SER B 296 26.56 18.86 -100.23
N VAL B 297 27.22 17.77 -99.82
CA VAL B 297 27.11 17.32 -98.45
C VAL B 297 28.14 18.01 -97.56
N SER B 298 27.90 19.30 -97.31
CA SER B 298 28.59 20.06 -96.28
C SER B 298 27.66 20.98 -95.51
N GLU B 299 26.53 21.38 -96.10
CA GLU B 299 25.52 22.20 -95.44
C GLU B 299 24.22 21.46 -95.21
N ALA B 300 24.09 20.24 -95.73
CA ALA B 300 22.92 19.42 -95.47
C ALA B 300 22.83 19.06 -93.99
N TRP B 301 23.97 18.82 -93.34
CA TRP B 301 24.01 18.51 -91.92
C TRP B 301 23.73 19.75 -91.07
N ALA B 302 24.15 20.93 -91.55
CA ALA B 302 23.85 22.18 -90.87
C ALA B 302 22.37 22.47 -90.83
N LYS B 303 21.60 21.94 -91.79
CA LYS B 303 20.15 22.06 -91.76
C LYS B 303 19.53 21.23 -90.65
N ILE B 304 20.27 20.27 -90.09
CA ILE B 304 19.74 19.45 -89.00
C ILE B 304 19.73 20.27 -87.72
N PRO B 305 18.60 20.37 -87.02
CA PRO B 305 18.54 21.18 -85.79
C PRO B 305 19.31 20.54 -84.64
N GLU B 306 19.54 21.36 -83.61
CA GLU B 306 20.25 20.88 -82.42
C GLU B 306 19.41 19.91 -81.61
N LYS B 307 18.08 20.05 -81.64
CA LYS B 307 17.22 19.20 -80.81
C LYS B 307 17.24 17.74 -81.28
N LEU B 308 17.14 17.53 -82.60
CA LEU B 308 17.10 16.17 -83.13
C LEU B 308 18.42 15.44 -82.92
N ALA B 309 19.54 16.13 -83.18
CA ALA B 309 20.84 15.52 -83.00
C ALA B 309 21.11 15.20 -81.54
N PHE B 310 20.55 15.99 -80.62
CA PHE B 310 20.70 15.66 -79.21
C PHE B 310 19.77 14.53 -78.82
N TYR B 311 18.61 14.43 -79.48
CA TYR B 311 17.70 13.32 -79.20
C TYR B 311 18.32 11.99 -79.63
N ASP B 312 19.13 12.02 -80.68
CA ASP B 312 19.89 10.83 -81.08
C ASP B 312 21.20 10.78 -80.31
N TYR B 313 21.08 10.49 -79.01
CA TYR B 313 22.25 10.39 -78.14
C TYR B 313 21.92 9.42 -77.00
N ILE B 314 22.73 8.38 -76.87
CA ILE B 314 22.45 7.29 -75.93
C ILE B 314 22.58 7.76 -74.49
N GLY B 315 23.32 8.83 -74.24
CA GLY B 315 23.37 9.39 -72.90
C GLY B 315 22.05 9.97 -72.43
N ASN B 316 21.18 10.33 -73.38
CA ASN B 316 19.82 10.73 -73.06
C ASN B 316 18.89 9.54 -72.96
N ASN B 317 19.43 8.35 -73.16
CA ASN B 317 18.70 7.10 -73.05
C ASN B 317 18.26 6.88 -71.60
N PRO B 318 16.96 6.73 -71.33
CA PRO B 318 16.53 6.49 -69.94
C PRO B 318 17.00 5.16 -69.39
N ALA B 319 17.21 4.15 -70.23
CA ALA B 319 17.62 2.83 -69.76
C ALA B 319 19.14 2.68 -69.77
N LYS B 320 19.83 3.64 -69.17
CA LYS B 320 21.29 3.58 -69.05
C LYS B 320 21.81 3.94 -67.67
N GLY B 321 21.07 4.70 -66.87
CA GLY B 321 21.56 5.17 -65.59
C GLY B 321 21.65 4.07 -64.55
N GLY B 322 22.08 4.48 -63.36
CA GLY B 322 22.28 3.56 -62.26
C GLY B 322 21.36 3.89 -61.10
N LEU B 323 21.10 2.87 -60.28
CA LEU B 323 20.22 3.03 -59.13
C LEU B 323 20.79 4.00 -58.11
N PHE B 324 22.10 3.96 -57.90
CA PHE B 324 22.76 4.88 -56.99
C PHE B 324 23.59 5.91 -57.73
N ARG B 325 23.39 6.04 -59.04
CA ARG B 325 23.90 7.17 -59.80
C ARG B 325 22.90 8.30 -59.58
N THR B 326 23.00 8.91 -58.41
CA THR B 326 22.02 9.88 -57.95
C THR B 326 22.25 11.24 -58.59
N GLY B 327 21.15 11.95 -58.83
CA GLY B 327 21.21 13.31 -59.30
C GLY B 327 20.68 13.48 -60.71
N ALA B 328 20.91 14.67 -61.24
CA ALA B 328 20.44 15.02 -62.58
C ALA B 328 21.26 14.30 -63.65
N MET B 329 20.68 14.21 -64.84
CA MET B 329 21.40 13.62 -65.97
C MET B 329 22.59 14.49 -66.37
N ASN B 330 22.47 15.81 -66.20
CA ASN B 330 23.60 16.69 -66.47
C ASN B 330 24.75 16.45 -65.50
N SER B 331 24.42 16.05 -64.27
CA SER B 331 25.43 15.79 -63.25
C SER B 331 26.22 14.52 -63.53
N GLY B 332 25.83 13.74 -64.53
CA GLY B 332 26.58 12.55 -64.89
C GLY B 332 27.70 12.82 -65.87
N ASP B 333 27.37 13.43 -67.00
CA ASP B 333 28.36 13.66 -68.05
C ASP B 333 28.39 15.12 -68.50
N GLY B 334 28.20 16.06 -67.57
CA GLY B 334 28.29 17.47 -67.89
C GLY B 334 27.04 17.98 -68.59
N ILE B 335 27.12 19.23 -69.01
CA ILE B 335 26.03 19.86 -69.76
C ILE B 335 26.47 20.02 -71.21
N ALA B 336 25.57 19.67 -72.14
CA ALA B 336 25.86 19.82 -73.56
C ALA B 336 25.85 21.30 -73.94
N VAL B 337 26.87 21.71 -74.68
CA VAL B 337 27.01 23.11 -75.12
C VAL B 337 27.11 23.25 -76.63
N GLY B 338 27.35 22.18 -77.38
CA GLY B 338 27.45 22.29 -78.82
C GLY B 338 27.45 20.91 -79.46
N TRP B 339 27.09 20.89 -80.74
CA TRP B 339 26.98 19.65 -81.52
C TRP B 339 28.16 19.62 -82.48
N LEU B 340 29.01 18.60 -82.39
CA LEU B 340 30.18 18.56 -83.25
C LEU B 340 29.83 18.20 -84.69
N GLY B 341 28.83 17.36 -84.88
CA GLY B 341 28.41 16.94 -86.20
C GLY B 341 28.57 15.45 -86.40
N HIS B 342 28.25 15.01 -87.62
CA HIS B 342 28.40 13.60 -87.98
C HIS B 342 29.86 13.29 -88.23
N ALA B 343 30.39 12.31 -87.49
CA ALA B 343 31.72 11.79 -87.78
C ALA B 343 31.60 10.79 -88.92
N SER B 344 32.01 11.19 -90.11
CA SER B 344 32.03 10.30 -91.27
C SER B 344 33.45 9.81 -91.47
N PHE B 345 33.61 8.50 -91.59
CA PHE B 345 34.90 7.85 -91.63
C PHE B 345 35.18 7.29 -93.03
N LYS B 346 36.40 7.50 -93.50
CA LYS B 346 36.81 7.04 -94.81
C LYS B 346 38.04 6.15 -94.70
N ASP B 347 38.06 5.13 -95.56
CA ASP B 347 39.18 4.23 -95.72
C ASP B 347 40.22 4.91 -96.61
N GLN B 348 41.45 4.37 -96.63
CA GLN B 348 42.52 4.98 -97.41
C GLN B 348 42.21 4.95 -98.90
N GLU B 349 41.72 3.82 -99.41
CA GLU B 349 41.39 3.75 -100.84
C GLU B 349 40.08 4.48 -101.14
N GLY B 350 39.22 4.64 -100.14
CA GLY B 350 37.99 5.38 -100.28
C GLY B 350 36.73 4.54 -100.24
N ARG B 351 36.11 4.49 -99.07
CA ARG B 351 34.80 3.89 -98.84
C ARG B 351 34.33 4.28 -97.45
N GLU B 352 33.07 4.68 -97.37
CA GLU B 352 32.51 5.20 -96.13
C GLU B 352 32.26 4.09 -95.12
N LEU B 353 32.69 4.32 -93.88
CA LEU B 353 32.51 3.39 -92.78
C LEU B 353 31.58 3.99 -91.74
N PHE B 354 30.92 3.13 -90.97
CA PHE B 354 29.97 3.55 -89.96
C PHE B 354 30.27 2.81 -88.66
N VAL B 355 30.28 3.54 -87.55
CA VAL B 355 30.49 2.93 -86.24
C VAL B 355 29.24 2.14 -85.85
N ARG B 356 29.46 0.97 -85.26
CA ARG B 356 28.35 0.20 -84.72
C ARG B 356 27.88 0.87 -83.44
N ARG B 357 26.62 1.27 -83.41
CA ARG B 357 26.12 2.03 -82.27
C ARG B 357 26.00 1.17 -81.02
N MET B 358 26.31 1.79 -79.90
CA MET B 358 26.34 1.08 -78.63
C MET B 358 24.92 0.69 -78.24
N PRO B 359 24.69 -0.55 -77.81
CA PRO B 359 23.31 -0.98 -77.50
C PRO B 359 22.83 -0.44 -76.16
N THR B 360 21.65 -0.89 -75.77
CA THR B 360 21.06 -0.41 -74.52
C THR B 360 21.70 -1.05 -73.30
N PHE B 361 22.07 -2.33 -73.40
CA PHE B 361 22.54 -3.07 -72.23
C PHE B 361 23.94 -2.66 -71.79
N PHE B 362 24.81 -2.36 -72.75
CA PHE B 362 26.24 -2.28 -72.48
C PHE B 362 26.61 -1.01 -71.73
N GLU B 363 27.46 -1.16 -70.72
CA GLU B 363 28.18 -0.03 -70.14
C GLU B 363 29.27 0.46 -71.08
N THR B 364 30.03 -0.48 -71.67
CA THR B 364 31.07 -0.19 -72.64
C THR B 364 30.94 -1.19 -73.79
N PHE B 365 31.43 -0.79 -74.96
CA PHE B 365 31.29 -1.56 -76.18
C PHE B 365 32.58 -1.53 -76.97
N PRO B 366 32.94 -2.59 -77.68
CA PRO B 366 34.08 -2.52 -78.58
C PRO B 366 33.76 -1.62 -79.77
N VAL B 367 34.73 -0.78 -80.12
CA VAL B 367 34.55 0.19 -81.21
C VAL B 367 34.87 -0.53 -82.52
N VAL B 368 33.84 -0.78 -83.32
CA VAL B 368 34.01 -1.37 -84.63
C VAL B 368 33.32 -0.48 -85.66
N LEU B 369 33.96 -0.36 -86.82
CA LEU B 369 33.50 0.46 -87.94
C LEU B 369 33.32 -0.48 -89.12
N ILE B 370 32.07 -0.66 -89.56
CA ILE B 370 31.77 -1.60 -90.61
C ILE B 370 31.26 -0.86 -91.84
N ASP B 371 31.29 -1.55 -92.97
CA ASP B 371 31.00 -0.98 -94.27
C ASP B 371 29.49 -1.08 -94.58
N LYS B 372 29.12 -0.54 -95.74
CA LYS B 372 27.71 -0.53 -96.15
C LYS B 372 27.15 -1.94 -96.34
N ASP B 373 27.97 -2.84 -96.88
CA ASP B 373 27.49 -4.20 -97.11
C ASP B 373 27.23 -4.94 -95.80
N GLY B 374 28.07 -4.71 -94.80
CA GLY B 374 27.85 -5.31 -93.49
C GLY B 374 29.00 -6.14 -92.97
N VAL B 375 30.19 -5.96 -93.54
CA VAL B 375 31.38 -6.68 -93.11
C VAL B 375 32.24 -5.72 -92.28
N VAL B 376 33.02 -6.29 -91.36
CA VAL B 376 33.86 -5.47 -90.49
C VAL B 376 35.09 -5.03 -91.28
N ARG B 377 35.34 -3.72 -91.28
CA ARG B 377 36.47 -3.16 -92.00
C ARG B 377 37.48 -2.43 -91.11
N ALA B 378 37.06 -1.93 -89.95
CA ALA B 378 37.99 -1.25 -89.05
C ALA B 378 37.49 -1.46 -87.62
N ASP B 379 38.40 -1.25 -86.66
CA ASP B 379 38.07 -1.43 -85.25
C ASP B 379 39.15 -0.80 -84.39
N VAL B 380 38.81 -0.54 -83.14
CA VAL B 380 39.81 -0.16 -82.14
C VAL B 380 40.18 -1.44 -81.42
N PRO B 381 41.34 -2.01 -81.71
CA PRO B 381 41.62 -3.37 -81.25
C PRO B 381 41.98 -3.42 -79.77
N PHE B 382 41.92 -4.64 -79.24
CA PHE B 382 42.35 -4.90 -77.88
C PHE B 382 43.80 -5.35 -77.83
N ARG B 383 44.17 -6.29 -78.71
CA ARG B 383 45.52 -6.86 -78.72
C ARG B 383 46.56 -5.90 -79.29
N LYS B 384 46.26 -5.27 -80.45
CA LYS B 384 47.16 -4.33 -81.12
C LYS B 384 48.46 -5.03 -81.59
N ALA B 385 48.50 -6.35 -81.51
CA ALA B 385 49.68 -7.13 -81.84
C ALA B 385 49.53 -7.95 -83.10
N GLU B 386 48.43 -8.70 -83.24
CA GLU B 386 48.13 -9.42 -84.46
C GLU B 386 46.90 -8.86 -85.16
N SER B 387 46.61 -7.59 -84.90
CA SER B 387 45.45 -6.94 -85.51
C SER B 387 45.70 -6.71 -87.00
N LYS B 388 44.62 -6.71 -87.77
CA LYS B 388 44.68 -6.39 -89.19
C LYS B 388 43.71 -5.29 -89.57
N TYR B 389 42.62 -5.13 -88.82
CA TYR B 389 41.63 -4.11 -89.11
C TYR B 389 41.91 -2.80 -88.40
N SER B 390 43.02 -2.70 -87.66
CA SER B 390 43.23 -1.57 -86.78
C SER B 390 43.41 -0.27 -87.56
N ILE B 391 42.96 0.82 -86.95
CA ILE B 391 42.89 2.12 -87.60
C ILE B 391 44.26 2.63 -88.01
N GLU B 392 45.29 2.36 -87.20
CA GLU B 392 46.63 2.85 -87.49
C GLU B 392 47.19 2.28 -88.79
N GLN B 393 46.76 1.08 -89.21
CA GLN B 393 47.21 0.51 -90.46
C GLN B 393 46.18 0.55 -91.58
N VAL B 394 44.89 0.65 -91.27
CA VAL B 394 43.89 0.70 -92.34
C VAL B 394 43.66 2.13 -92.79
N GLY B 395 44.02 3.11 -91.95
CA GLY B 395 43.94 4.51 -92.34
C GLY B 395 42.55 5.11 -92.36
N VAL B 396 41.88 5.09 -91.22
CA VAL B 396 40.55 5.71 -91.11
C VAL B 396 40.72 7.19 -90.86
N SER B 397 40.05 8.01 -91.68
CA SER B 397 40.07 9.46 -91.53
C SER B 397 38.65 9.97 -91.32
N VAL B 398 38.50 10.88 -90.36
CA VAL B 398 37.19 11.42 -90.03
C VAL B 398 37.06 12.81 -90.67
N THR B 399 35.83 13.16 -91.09
CA THR B 399 35.63 14.38 -91.84
C THR B 399 34.88 15.46 -91.07
N PHE B 400 33.77 15.12 -90.40
CA PHE B 400 32.92 15.99 -89.58
C PHE B 400 32.13 16.99 -90.42
N TYR B 401 30.84 17.20 -90.12
CA TYR B 401 30.04 18.05 -90.99
C TYR B 401 29.07 18.96 -90.21
N GLY B 402 29.33 19.21 -88.93
CA GLY B 402 28.34 19.91 -88.13
C GLY B 402 28.64 21.33 -87.73
N GLY B 403 28.23 21.71 -86.51
CA GLY B 403 28.32 23.08 -86.07
C GLY B 403 29.70 23.64 -85.81
N GLU B 404 30.37 23.19 -84.75
CA GLU B 404 31.69 23.73 -84.45
C GLU B 404 32.76 23.19 -85.38
N LEU B 405 32.68 21.91 -85.74
CA LEU B 405 33.63 21.30 -86.67
C LEU B 405 32.85 20.94 -87.93
N ASN B 406 33.02 21.75 -88.97
CA ASN B 406 32.33 21.53 -90.24
C ASN B 406 33.23 20.97 -91.34
N GLY B 407 34.53 21.22 -91.28
CA GLY B 407 35.43 20.72 -92.30
C GLY B 407 36.75 20.25 -91.74
N LEU B 408 36.81 20.07 -90.42
CA LEU B 408 38.04 19.64 -89.76
C LEU B 408 38.23 18.15 -90.02
N THR B 409 39.04 17.83 -91.03
CA THR B 409 39.34 16.45 -91.38
C THR B 409 40.56 15.99 -90.59
N PHE B 410 40.39 14.91 -89.81
CA PHE B 410 41.46 14.37 -88.98
C PHE B 410 41.91 13.03 -89.53
N THR B 411 43.22 12.89 -89.74
CA THR B 411 43.84 11.62 -90.10
C THR B 411 44.72 11.06 -89.00
N ASP B 412 44.82 11.76 -87.87
CA ASP B 412 45.57 11.28 -86.72
C ASP B 412 44.85 10.09 -86.11
N PRO B 413 45.47 8.92 -86.00
CA PRO B 413 44.76 7.73 -85.49
C PRO B 413 44.24 7.88 -84.07
N SER B 414 44.95 8.61 -83.20
CA SER B 414 44.46 8.78 -81.83
C SER B 414 43.16 9.58 -81.80
N THR B 415 43.12 10.71 -82.51
CA THR B 415 41.89 11.49 -82.57
C THR B 415 40.79 10.76 -83.32
N VAL B 416 41.14 9.97 -84.34
CA VAL B 416 40.14 9.19 -85.06
C VAL B 416 39.53 8.13 -84.15
N LYS B 417 40.35 7.45 -83.34
CA LYS B 417 39.84 6.47 -82.39
C LYS B 417 38.98 7.14 -81.33
N LYS B 418 39.39 8.32 -80.85
CA LYS B 418 38.58 9.06 -79.89
C LYS B 418 37.23 9.45 -80.48
N TYR B 419 37.21 9.94 -81.72
CA TYR B 419 35.96 10.35 -82.33
C TYR B 419 35.10 9.15 -82.69
N ALA B 420 35.70 8.00 -82.98
CA ALA B 420 34.93 6.79 -83.20
C ALA B 420 34.27 6.33 -81.91
N ARG B 421 35.01 6.38 -80.79
CA ARG B 421 34.42 5.99 -79.51
C ARG B 421 33.38 7.00 -79.05
N LYS B 422 33.49 8.27 -79.48
CA LYS B 422 32.45 9.23 -79.19
C LYS B 422 31.24 9.06 -80.11
N ALA B 423 31.44 8.66 -81.35
CA ALA B 423 30.36 8.51 -82.31
C ALA B 423 29.64 7.18 -82.18
N GLN B 424 30.21 6.22 -81.47
CA GLN B 424 29.48 4.98 -81.22
C GLN B 424 28.30 5.20 -80.27
N LEU B 425 28.30 6.31 -79.55
CA LEU B 425 27.25 6.66 -78.62
C LEU B 425 26.17 7.54 -79.23
N GLY B 426 26.18 7.71 -80.55
CA GLY B 426 25.24 8.60 -81.20
C GLY B 426 25.95 9.81 -81.77
N GLU B 427 25.28 10.95 -81.80
CA GLU B 427 25.91 12.16 -82.31
C GLU B 427 26.81 12.76 -81.25
N ILE B 428 27.97 13.26 -81.67
CA ILE B 428 28.99 13.73 -80.75
C ILE B 428 28.61 15.13 -80.27
N PHE B 429 28.80 15.38 -78.97
CA PHE B 429 28.44 16.66 -78.39
C PHE B 429 29.52 17.11 -77.41
N GLU B 430 29.74 18.43 -77.36
CA GLU B 430 30.60 19.02 -76.33
C GLU B 430 29.86 19.08 -75.01
N PHE B 431 30.54 18.66 -73.94
CA PHE B 431 29.99 18.72 -72.60
C PHE B 431 30.98 19.42 -71.68
N ASP B 432 30.47 20.28 -70.81
CA ASP B 432 31.29 20.87 -69.76
C ASP B 432 30.98 20.13 -68.46
N ARG B 433 32.04 19.61 -67.84
CA ARG B 433 31.94 18.85 -66.60
C ARG B 433 32.45 19.64 -65.41
N SER B 434 32.88 20.89 -65.62
CA SER B 434 33.33 21.74 -64.53
C SER B 434 32.23 22.63 -63.98
N THR B 435 31.12 22.77 -64.69
CA THR B 435 30.02 23.62 -64.21
C THR B 435 29.35 23.03 -62.98
N LEU B 436 29.18 21.71 -62.94
CA LEU B 436 28.50 21.05 -61.85
C LEU B 436 29.36 19.96 -61.20
N GLN B 437 30.62 19.84 -61.63
CA GLN B 437 31.53 18.78 -61.18
C GLN B 437 30.91 17.40 -61.44
N SER B 438 30.73 17.10 -62.72
CA SER B 438 30.01 15.92 -63.13
C SER B 438 30.82 14.64 -62.88
N ASP B 439 30.12 13.51 -62.99
CA ASP B 439 30.68 12.21 -62.64
C ASP B 439 31.50 11.63 -63.79
N GLY B 440 30.88 11.41 -64.94
CA GLY B 440 31.52 10.75 -66.06
C GLY B 440 30.63 9.67 -66.64
N VAL B 441 29.86 9.01 -65.77
CA VAL B 441 28.96 7.92 -66.16
C VAL B 441 27.59 8.48 -66.46
N PHE B 442 26.82 7.74 -67.24
CA PHE B 442 25.52 8.23 -67.68
C PHE B 442 24.48 8.06 -66.58
N ARG B 443 23.46 8.93 -66.58
CA ARG B 443 22.42 8.89 -65.58
C ARG B 443 21.07 8.52 -66.19
N SER B 444 20.08 8.36 -65.32
CA SER B 444 18.74 7.94 -65.70
C SER B 444 17.81 9.15 -65.82
N SER B 445 16.89 9.06 -66.77
CA SER B 445 15.94 10.12 -67.05
C SER B 445 14.85 10.17 -65.96
N PRO B 446 14.16 11.31 -65.82
CA PRO B 446 13.00 11.32 -64.91
C PRO B 446 11.91 10.35 -65.33
N ARG B 447 11.80 10.04 -66.62
CA ARG B 447 10.93 8.98 -67.07
C ARG B 447 11.32 7.65 -66.45
N GLY B 448 12.62 7.33 -66.46
CA GLY B 448 13.09 6.09 -65.87
C GLY B 448 12.89 6.04 -64.37
N TRP B 449 13.20 7.14 -63.68
CA TRP B 449 13.00 7.17 -62.23
C TRP B 449 11.53 7.06 -61.86
N PHE B 450 10.66 7.73 -62.63
CA PHE B 450 9.22 7.64 -62.42
C PHE B 450 8.73 6.22 -62.59
N THR B 451 9.19 5.55 -63.66
CA THR B 451 8.75 4.18 -63.90
C THR B 451 9.25 3.24 -62.80
N PHE B 452 10.47 3.45 -62.32
CA PHE B 452 10.99 2.59 -61.27
C PHE B 452 10.21 2.75 -59.98
N GLY B 453 9.99 4.01 -59.56
CA GLY B 453 9.22 4.25 -58.35
C GLY B 453 7.81 3.71 -58.45
N HIS B 454 7.15 3.90 -59.59
CA HIS B 454 5.77 3.47 -59.71
C HIS B 454 5.64 1.96 -59.85
N LEU B 455 6.60 1.29 -60.50
CA LEU B 455 6.53 -0.17 -60.57
C LEU B 455 6.81 -0.78 -59.19
N SER B 456 7.75 -0.21 -58.43
CA SER B 456 7.99 -0.70 -57.08
C SER B 456 6.75 -0.51 -56.21
N PHE B 457 6.14 0.68 -56.27
CA PHE B 457 4.94 0.93 -55.48
C PHE B 457 3.79 0.05 -55.94
N ALA B 458 3.77 -0.30 -57.23
CA ALA B 458 2.77 -1.23 -57.74
C ALA B 458 2.93 -2.61 -57.12
N LEU B 459 4.17 -3.09 -56.98
CA LEU B 459 4.36 -4.39 -56.34
C LEU B 459 4.01 -4.36 -54.85
N LEU B 460 4.45 -3.31 -54.14
CA LEU B 460 4.12 -3.25 -52.71
C LEU B 460 2.61 -3.14 -52.48
N PHE B 461 1.90 -2.34 -53.29
CA PHE B 461 0.45 -2.32 -53.15
C PHE B 461 -0.24 -3.56 -53.71
N PHE B 462 0.42 -4.33 -54.58
CA PHE B 462 -0.13 -5.65 -54.88
C PHE B 462 -0.13 -6.51 -53.62
N PHE B 463 0.98 -6.52 -52.89
CA PHE B 463 1.03 -7.26 -51.64
C PHE B 463 0.05 -6.69 -50.62
N GLY B 464 -0.06 -5.36 -50.56
CA GLY B 464 -0.97 -4.73 -49.61
C GLY B 464 -2.43 -5.05 -49.90
N HIS B 465 -2.81 -5.05 -51.19
CA HIS B 465 -4.15 -5.43 -51.56
C HIS B 465 -4.43 -6.89 -51.23
N ILE B 466 -3.48 -7.78 -51.52
CA ILE B 466 -3.66 -9.19 -51.20
C ILE B 466 -3.82 -9.37 -49.70
N TRP B 467 -3.03 -8.64 -48.92
CA TRP B 467 -3.07 -8.81 -47.47
C TRP B 467 -4.35 -8.25 -46.88
N HIS B 468 -4.78 -7.08 -47.35
CA HIS B 468 -5.99 -6.47 -46.80
C HIS B 468 -7.24 -7.23 -47.24
N GLY B 469 -7.20 -7.81 -48.44
CA GLY B 469 -8.27 -8.73 -48.83
C GLY B 469 -8.29 -9.97 -47.96
N SER B 470 -7.10 -10.47 -47.58
CA SER B 470 -7.02 -11.55 -46.61
C SER B 470 -7.68 -11.17 -45.30
N ARG B 471 -7.38 -9.96 -44.80
CA ARG B 471 -7.96 -9.50 -43.55
C ARG B 471 -9.47 -9.34 -43.63
N THR B 472 -9.98 -8.86 -44.75
CA THR B 472 -11.41 -8.57 -44.78
C THR B 472 -12.27 -9.77 -45.16
N ILE B 473 -11.76 -10.70 -45.97
CA ILE B 473 -12.50 -11.94 -46.16
C ILE B 473 -12.40 -12.79 -44.91
N PHE B 474 -11.25 -12.77 -44.23
CA PHE B 474 -11.00 -13.68 -43.12
C PHE B 474 -11.09 -12.95 -41.80
N ARG B 475 -12.05 -12.03 -41.71
CA ARG B 475 -12.23 -11.18 -40.54
C ARG B 475 -12.64 -12.00 -39.31
N ASP B 476 -13.21 -13.18 -39.52
CA ASP B 476 -13.64 -13.98 -38.37
C ASP B 476 -12.46 -14.61 -37.66
N VAL B 477 -11.59 -15.31 -38.39
CA VAL B 477 -10.41 -15.91 -37.79
C VAL B 477 -9.39 -14.88 -37.35
N PHE B 478 -9.31 -13.73 -38.04
CA PHE B 478 -8.40 -12.67 -37.62
C PHE B 478 -8.89 -11.96 -36.36
N ALA B 479 -10.18 -12.07 -36.04
CA ALA B 479 -10.72 -11.54 -34.79
C ALA B 479 -10.83 -12.62 -33.72
N GLY B 480 -11.33 -13.80 -34.07
CA GLY B 480 -11.42 -14.90 -33.13
C GLY B 480 -12.54 -15.87 -33.48
N ILE B 481 -12.38 -17.12 -33.03
CA ILE B 481 -13.37 -18.16 -33.28
C ILE B 481 -14.08 -18.63 -32.01
N ASP B 482 -13.45 -18.48 -30.84
CA ASP B 482 -14.04 -18.80 -29.53
C ASP B 482 -14.45 -20.27 -29.44
N GLU B 483 -13.48 -21.15 -29.68
CA GLU B 483 -13.65 -22.61 -29.62
C GLU B 483 -14.76 -23.11 -30.54
N ASP B 484 -14.83 -22.55 -31.74
CA ASP B 484 -15.85 -22.93 -32.70
C ASP B 484 -15.25 -23.17 -34.09
N SER C 1 23.40 -57.87 -82.29
CA SER C 1 24.65 -58.63 -82.22
C SER C 1 24.57 -59.71 -81.15
N LEU C 2 25.42 -60.73 -81.28
CA LEU C 2 25.46 -61.80 -80.29
C LEU C 2 25.95 -61.31 -78.94
N THR C 3 26.94 -60.41 -78.93
CA THR C 3 27.46 -59.89 -77.67
C THR C 3 26.39 -59.13 -76.91
N LEU C 4 25.61 -58.29 -77.61
CA LEU C 4 24.53 -57.55 -76.97
C LEU C 4 23.42 -58.47 -76.49
N ILE C 5 23.08 -59.49 -77.29
CA ILE C 5 22.03 -60.43 -76.89
C ILE C 5 22.44 -61.18 -75.63
N LEU C 6 23.70 -61.62 -75.58
CA LEU C 6 24.16 -62.33 -74.39
C LEU C 6 24.28 -61.40 -73.19
N GLN C 7 24.64 -60.13 -73.42
CA GLN C 7 24.68 -59.15 -72.34
C GLN C 7 23.28 -58.92 -71.76
N LEU C 8 22.27 -58.83 -72.64
CA LEU C 8 20.92 -58.62 -72.17
C LEU C 8 20.35 -59.85 -71.48
N VAL C 9 20.68 -61.05 -71.98
CA VAL C 9 20.16 -62.26 -71.32
C VAL C 9 20.83 -62.44 -69.96
N ALA C 10 22.10 -62.06 -69.84
CA ALA C 10 22.76 -62.09 -68.54
C ALA C 10 22.16 -61.05 -67.60
N LEU C 11 21.85 -59.85 -68.11
CA LEU C 11 21.24 -58.82 -67.29
C LEU C 11 19.88 -59.27 -66.79
N PHE C 12 19.07 -59.87 -67.66
CA PHE C 12 17.74 -60.26 -67.20
C PHE C 12 17.80 -61.50 -66.31
N ALA C 13 18.80 -62.36 -66.49
CA ALA C 13 18.97 -63.48 -65.57
C ALA C 13 19.38 -63.00 -64.19
N VAL C 14 20.23 -61.97 -64.10
CA VAL C 14 20.67 -61.52 -62.78
C VAL C 14 19.65 -60.55 -62.16
N VAL C 15 18.85 -59.87 -62.97
CA VAL C 15 17.84 -58.96 -62.42
C VAL C 15 16.62 -59.73 -61.96
N ALA C 16 16.20 -60.75 -62.72
CA ALA C 16 15.06 -61.54 -62.31
C ALA C 16 15.41 -62.55 -61.23
N ALA C 17 16.69 -62.73 -60.91
CA ALA C 17 17.09 -63.74 -59.92
C ALA C 17 16.59 -63.40 -58.52
N GLY C 18 16.72 -62.14 -58.12
CA GLY C 18 16.32 -61.70 -56.80
C GLY C 18 14.83 -61.79 -56.54
N PRO C 19 14.03 -61.11 -57.36
CA PRO C 19 12.57 -61.26 -57.24
C PRO C 19 12.08 -62.69 -57.40
N LEU C 20 12.77 -63.53 -58.17
CA LEU C 20 12.41 -64.94 -58.21
C LEU C 20 12.60 -65.59 -56.84
N VAL C 21 13.69 -65.25 -56.15
CA VAL C 21 13.91 -65.76 -54.78
C VAL C 21 12.81 -65.27 -53.85
N VAL C 22 12.43 -64.00 -53.96
CA VAL C 22 11.42 -63.44 -53.06
C VAL C 22 10.05 -64.08 -53.33
N VAL C 23 9.67 -64.24 -54.60
CA VAL C 23 8.37 -64.86 -54.89
C VAL C 23 8.39 -66.34 -54.52
N LEU C 24 9.53 -67.02 -54.66
CA LEU C 24 9.60 -68.42 -54.28
C LEU C 24 9.44 -68.59 -52.77
N LEU C 25 10.05 -67.70 -51.99
CA LEU C 25 9.87 -67.78 -50.55
C LEU C 25 8.46 -67.34 -50.14
N SER C 26 7.83 -66.47 -50.91
CA SER C 26 6.46 -66.08 -50.59
C SER C 26 5.47 -67.20 -50.86
N VAL C 27 5.68 -67.95 -51.96
CA VAL C 27 4.77 -69.03 -52.31
C VAL C 27 5.20 -70.38 -51.73
N ARG C 28 6.33 -70.45 -51.05
CA ARG C 28 6.75 -71.71 -50.44
C ARG C 28 6.89 -71.52 -48.93
N GLY C 29 5.90 -70.87 -48.32
CA GLY C 29 5.91 -70.74 -46.87
C GLY C 29 6.16 -69.34 -46.34
N GLY C 30 7.34 -69.12 -45.78
CA GLY C 30 7.61 -67.88 -45.08
C GLY C 30 9.03 -67.79 -44.56
N ASN C 31 9.18 -67.44 -43.27
CA ASN C 31 10.47 -67.31 -42.60
C ASN C 31 11.34 -66.23 -43.24
N LEU C 32 10.73 -65.06 -43.44
CA LEU C 32 11.45 -63.91 -43.97
C LEU C 32 10.87 -62.64 -43.38
N GLY D 1 13.20 -61.88 -40.31
CA GLY D 1 13.64 -61.11 -39.15
C GLY D 1 12.50 -60.80 -38.21
N ARG D 2 12.73 -59.87 -37.27
CA ARG D 2 11.71 -59.46 -36.34
C ARG D 2 11.07 -58.15 -36.81
N ASP D 3 10.04 -57.72 -36.09
CA ASP D 3 9.28 -56.55 -36.44
C ASP D 3 9.49 -55.44 -35.41
N GLN D 4 8.78 -54.32 -35.60
CA GLN D 4 9.09 -53.09 -34.86
C GLN D 4 8.60 -53.10 -33.42
N GLU D 5 7.48 -53.75 -33.11
CA GLU D 5 6.94 -53.62 -31.76
C GLU D 5 7.77 -54.40 -30.73
N THR D 6 8.47 -55.44 -31.15
CA THR D 6 9.32 -56.18 -30.22
C THR D 6 10.72 -55.60 -30.09
N THR D 7 11.12 -54.71 -30.99
CA THR D 7 12.45 -54.14 -30.98
C THR D 7 12.46 -52.63 -30.81
N GLY D 8 11.39 -51.94 -31.20
CA GLY D 8 11.38 -50.50 -31.18
C GLY D 8 12.12 -49.85 -32.33
N PHE D 9 12.54 -50.63 -33.32
CA PHE D 9 13.30 -50.12 -34.46
C PHE D 9 12.50 -50.35 -35.74
N ALA D 10 12.39 -49.30 -36.56
CA ALA D 10 11.64 -49.38 -37.79
C ALA D 10 12.45 -50.08 -38.87
N TRP D 11 11.82 -50.27 -40.04
CA TRP D 11 12.46 -50.97 -41.15
C TRP D 11 13.72 -50.25 -41.61
N TRP D 12 13.66 -48.92 -41.70
CA TRP D 12 14.80 -48.08 -42.06
C TRP D 12 15.83 -47.98 -40.95
N ALA D 13 15.68 -48.77 -39.88
CA ALA D 13 16.68 -48.91 -38.84
C ALA D 13 16.84 -50.39 -38.48
N GLY D 14 16.55 -51.27 -39.44
CA GLY D 14 16.49 -52.70 -39.16
C GLY D 14 17.81 -53.30 -38.70
N ASN D 15 18.94 -52.82 -39.24
CA ASN D 15 20.22 -53.32 -38.79
C ASN D 15 20.51 -52.96 -37.34
N ALA D 16 19.80 -51.99 -36.76
CA ALA D 16 19.93 -51.74 -35.34
C ALA D 16 19.37 -52.90 -34.52
N ARG D 17 18.41 -53.65 -35.07
CA ARG D 17 17.87 -54.82 -34.39
C ARG D 17 18.93 -55.89 -34.18
N LEU D 18 20.00 -55.88 -34.97
CA LEU D 18 21.12 -56.79 -34.83
C LEU D 18 22.12 -56.31 -33.78
N ILE D 19 21.73 -55.36 -32.94
CA ILE D 19 22.66 -54.82 -31.94
C ILE D 19 22.96 -55.86 -30.87
N ASN D 20 22.08 -56.85 -30.73
CA ASN D 20 22.24 -57.87 -29.70
C ASN D 20 22.31 -59.28 -30.26
N LEU D 21 21.94 -59.49 -31.52
CA LEU D 21 21.97 -60.80 -32.16
C LEU D 21 23.35 -60.95 -32.81
N SER D 22 24.29 -61.51 -32.05
CA SER D 22 25.67 -61.58 -32.51
C SER D 22 25.86 -62.54 -33.68
N GLY D 23 25.08 -63.64 -33.70
CA GLY D 23 25.21 -64.57 -34.81
C GLY D 23 24.74 -63.98 -36.13
N LYS D 24 23.57 -63.33 -36.12
CA LYS D 24 23.10 -62.64 -37.31
C LYS D 24 24.01 -61.47 -37.66
N LEU D 25 24.60 -60.84 -36.64
CA LEU D 25 25.50 -59.72 -36.86
C LEU D 25 26.75 -60.16 -37.61
N LEU D 26 27.39 -61.24 -37.15
CA LEU D 26 28.57 -61.75 -37.85
C LEU D 26 28.20 -62.28 -39.23
N GLY D 27 26.99 -62.83 -39.39
CA GLY D 27 26.56 -63.25 -40.70
C GLY D 27 26.42 -62.10 -41.68
N ALA D 28 25.84 -60.99 -41.22
CA ALA D 28 25.76 -59.80 -42.05
C ALA D 28 27.15 -59.27 -42.38
N HIS D 29 28.07 -59.33 -41.40
CA HIS D 29 29.43 -58.90 -41.63
C HIS D 29 30.13 -59.72 -42.71
N VAL D 30 30.02 -61.05 -42.63
CA VAL D 30 30.74 -61.88 -43.59
C VAL D 30 30.09 -61.81 -44.97
N ALA D 31 28.76 -61.65 -45.02
CA ALA D 31 28.11 -61.39 -46.30
C ALA D 31 28.57 -60.06 -46.89
N HIS D 32 28.80 -59.07 -46.03
CA HIS D 32 29.32 -57.79 -46.49
C HIS D 32 30.72 -57.91 -47.06
N ALA D 33 31.58 -58.68 -46.38
CA ALA D 33 32.93 -58.91 -46.90
C ALA D 33 32.87 -59.65 -48.23
N GLY D 34 31.91 -60.57 -48.36
CA GLY D 34 31.68 -61.21 -49.64
C GLY D 34 31.27 -60.25 -50.72
N LEU D 35 30.44 -59.26 -50.37
CA LEU D 35 30.09 -58.20 -51.32
C LEU D 35 31.32 -57.41 -51.74
N ILE D 36 32.21 -57.11 -50.79
CA ILE D 36 33.41 -56.33 -51.11
C ILE D 36 34.31 -57.09 -52.08
N VAL D 37 34.61 -58.35 -51.77
CA VAL D 37 35.42 -59.12 -52.71
C VAL D 37 34.67 -59.46 -53.99
N PHE D 38 33.34 -59.47 -53.98
CA PHE D 38 32.58 -59.64 -55.20
C PHE D 38 32.77 -58.45 -56.13
N TRP D 39 32.69 -57.24 -55.57
CA TRP D 39 32.96 -56.05 -56.39
C TRP D 39 34.39 -56.07 -56.89
N ALA D 40 35.33 -56.46 -56.01
CA ALA D 40 36.74 -56.51 -56.43
C ALA D 40 36.93 -57.46 -57.60
N GLY D 41 36.45 -58.70 -57.48
CA GLY D 41 36.62 -59.67 -58.55
C GLY D 41 35.87 -59.32 -59.81
N ALA D 42 34.62 -58.86 -59.68
CA ALA D 42 33.82 -58.50 -60.85
C ALA D 42 34.43 -57.31 -61.57
N MET D 43 34.93 -56.32 -60.82
CA MET D 43 35.58 -55.17 -61.45
C MET D 43 36.88 -55.59 -62.12
N ASN D 44 37.64 -56.50 -61.51
CA ASN D 44 38.84 -57.03 -62.16
C ASN D 44 38.51 -57.70 -63.48
N LEU D 45 37.48 -58.55 -63.48
CA LEU D 45 37.13 -59.30 -64.68
C LEU D 45 36.58 -58.38 -65.77
N PHE D 46 35.66 -57.48 -65.40
CA PHE D 46 35.11 -56.51 -66.35
C PHE D 46 36.20 -55.59 -66.90
N GLU D 47 37.13 -55.19 -66.04
CA GLU D 47 38.15 -54.24 -66.41
C GLU D 47 39.23 -54.87 -67.28
N VAL D 48 39.50 -56.17 -67.08
CA VAL D 48 40.35 -56.90 -68.01
C VAL D 48 39.64 -57.11 -69.34
N SER D 49 38.34 -57.43 -69.29
CA SER D 49 37.56 -57.62 -70.51
C SER D 49 37.46 -56.34 -71.32
N HIS D 50 37.51 -55.18 -70.67
CA HIS D 50 37.48 -53.89 -71.34
C HIS D 50 38.84 -53.22 -71.38
N PHE D 51 39.90 -53.99 -71.57
CA PHE D 51 41.26 -53.48 -71.50
C PHE D 51 41.90 -53.40 -72.87
N VAL D 52 42.61 -52.30 -73.12
CA VAL D 52 43.35 -52.06 -74.36
C VAL D 52 44.83 -52.04 -74.02
N PRO D 53 45.64 -52.93 -74.62
CA PRO D 53 47.04 -53.04 -74.16
C PRO D 53 47.96 -51.92 -74.64
N GLU D 54 47.84 -51.48 -75.89
CA GLU D 54 48.81 -50.51 -76.41
C GLU D 54 48.54 -49.11 -75.87
N LYS D 55 47.32 -48.81 -75.53
CA LYS D 55 46.99 -47.54 -74.93
C LYS D 55 47.43 -47.56 -73.47
N PRO D 56 48.06 -46.49 -72.97
CA PRO D 56 48.54 -46.51 -71.58
C PRO D 56 47.40 -46.65 -70.59
N MET D 57 47.70 -47.38 -69.51
CA MET D 57 46.66 -48.05 -68.73
C MET D 57 45.80 -47.06 -67.94
N TYR D 58 46.26 -45.84 -67.74
CA TYR D 58 45.49 -44.85 -67.00
C TYR D 58 44.45 -44.12 -67.85
N GLU D 59 44.37 -44.39 -69.16
CA GLU D 59 43.44 -43.69 -70.03
C GLU D 59 42.12 -44.42 -70.25
N GLN D 60 41.96 -45.63 -69.74
CA GLN D 60 40.70 -46.35 -69.88
C GLN D 60 39.80 -46.15 -68.67
N GLY D 61 40.14 -45.23 -67.77
CA GLY D 61 39.42 -45.10 -66.53
C GLY D 61 39.59 -46.31 -65.66
N LEU D 62 40.83 -46.58 -65.23
CA LEU D 62 41.16 -47.83 -64.55
C LEU D 62 41.66 -47.49 -63.15
N ILE D 63 41.02 -48.06 -62.13
CA ILE D 63 41.28 -47.65 -60.75
C ILE D 63 42.01 -48.71 -59.93
N LEU D 64 41.84 -50.00 -60.21
CA LEU D 64 42.46 -51.03 -59.39
C LEU D 64 43.36 -52.00 -60.16
N LEU D 65 43.26 -52.07 -61.49
CA LEU D 65 44.39 -52.59 -62.23
C LEU D 65 45.68 -51.84 -61.91
N PRO D 66 45.70 -50.51 -61.73
CA PRO D 66 46.91 -49.90 -61.15
C PRO D 66 47.24 -50.41 -59.76
N HIS D 67 46.23 -50.83 -58.97
CA HIS D 67 46.53 -51.38 -57.65
C HIS D 67 47.31 -52.68 -57.76
N ILE D 68 46.94 -53.57 -58.69
CA ILE D 68 47.77 -54.77 -58.86
C ILE D 68 49.10 -54.40 -59.53
N ALA D 69 49.08 -53.52 -60.52
CA ALA D 69 50.28 -53.21 -61.29
C ALA D 69 51.34 -52.51 -60.45
N THR D 70 50.93 -51.77 -59.42
CA THR D 70 51.90 -51.18 -58.50
C THR D 70 52.67 -52.25 -57.75
N LEU D 71 52.02 -53.38 -57.47
CA LEU D 71 52.68 -54.51 -56.81
C LEU D 71 53.70 -55.19 -57.71
N GLY D 72 53.72 -54.88 -59.00
CA GLY D 72 54.71 -55.45 -59.90
C GLY D 72 54.29 -56.72 -60.62
N TYR D 73 52.99 -57.03 -60.64
CA TYR D 73 52.50 -58.23 -61.30
C TYR D 73 52.13 -57.89 -62.74
N GLY D 74 52.89 -58.46 -63.68
CA GLY D 74 52.63 -58.25 -65.09
C GLY D 74 52.87 -56.83 -65.56
N VAL D 75 54.12 -56.37 -65.48
CA VAL D 75 54.49 -55.05 -65.96
C VAL D 75 55.99 -55.03 -66.22
N GLY D 76 56.38 -54.34 -67.30
CA GLY D 76 57.76 -54.31 -67.72
C GLY D 76 58.57 -53.15 -67.17
N PRO D 77 59.70 -52.86 -67.82
CA PRO D 77 60.59 -51.80 -67.32
C PRO D 77 60.22 -50.41 -67.78
N GLY D 78 59.01 -50.23 -68.30
CA GLY D 78 58.59 -48.92 -68.72
C GLY D 78 57.12 -48.65 -68.46
N GLY D 79 56.51 -49.46 -67.59
CA GLY D 79 55.09 -49.40 -67.40
C GLY D 79 54.28 -50.15 -68.42
N GLU D 80 54.93 -50.91 -69.30
CA GLU D 80 54.23 -51.68 -70.31
C GLU D 80 53.55 -52.88 -69.66
N VAL D 81 52.29 -53.13 -70.06
CA VAL D 81 51.47 -54.13 -69.39
C VAL D 81 51.97 -55.54 -69.69
N LEU D 82 52.34 -55.82 -70.94
CA LEU D 82 52.78 -57.12 -71.42
C LEU D 82 51.69 -58.19 -71.29
N ASP D 83 51.30 -58.54 -70.06
CA ASP D 83 50.29 -59.57 -69.84
C ASP D 83 49.28 -59.12 -68.78
N THR D 84 48.05 -59.59 -68.93
CA THR D 84 46.95 -59.29 -68.01
C THR D 84 46.49 -60.51 -67.23
N PHE D 85 47.15 -61.65 -67.43
CA PHE D 85 46.81 -62.85 -66.69
C PHE D 85 46.93 -62.72 -65.17
N PRO D 86 47.95 -62.04 -64.59
CA PRO D 86 47.89 -61.82 -63.12
C PRO D 86 46.64 -61.10 -62.65
N TYR D 87 46.20 -60.10 -63.41
CA TYR D 87 44.96 -59.41 -63.10
C TYR D 87 43.77 -60.36 -63.17
N PHE D 88 43.77 -61.21 -64.21
CA PHE D 88 42.68 -62.16 -64.40
C PHE D 88 42.59 -63.16 -63.24
N VAL D 89 43.73 -63.72 -62.83
CA VAL D 89 43.70 -64.72 -61.76
C VAL D 89 43.34 -64.07 -60.43
N SER D 90 43.78 -62.83 -60.20
CA SER D 90 43.38 -62.13 -58.98
C SER D 90 41.87 -61.92 -58.95
N GLY D 91 41.29 -61.54 -60.09
CA GLY D 91 39.84 -61.35 -60.14
C GLY D 91 39.07 -62.64 -59.94
N VAL D 92 39.54 -63.74 -60.52
CA VAL D 92 38.81 -65.00 -60.39
C VAL D 92 38.87 -65.51 -58.96
N LEU D 93 40.04 -65.40 -58.32
CA LEU D 93 40.15 -65.79 -56.91
C LEU D 93 39.26 -64.93 -56.02
N HIS D 94 39.17 -63.63 -56.31
CA HIS D 94 38.28 -62.77 -55.54
C HIS D 94 36.81 -63.15 -55.74
N LEU D 95 36.44 -63.53 -56.97
CA LEU D 95 35.06 -63.95 -57.22
C LEU D 95 34.72 -65.25 -56.48
N ILE D 96 35.64 -66.21 -56.46
CA ILE D 96 35.35 -67.47 -55.78
C ILE D 96 35.29 -67.27 -54.27
N SER D 97 36.20 -66.45 -53.73
CA SER D 97 36.14 -66.11 -52.31
C SER D 97 34.85 -65.36 -51.99
N SER D 98 34.36 -64.55 -52.93
CA SER D 98 33.07 -63.89 -52.76
C SER D 98 31.94 -64.90 -52.67
N ALA D 99 31.98 -65.93 -53.52
CA ALA D 99 30.95 -66.96 -53.48
C ALA D 99 30.91 -67.66 -52.12
N VAL D 100 32.07 -68.07 -51.61
CA VAL D 100 32.09 -68.81 -50.35
C VAL D 100 31.74 -67.90 -49.17
N LEU D 101 32.19 -66.63 -49.21
CA LEU D 101 31.88 -65.69 -48.15
C LEU D 101 30.39 -65.35 -48.13
N GLY D 102 29.79 -65.17 -49.30
CA GLY D 102 28.37 -64.92 -49.37
C GLY D 102 27.55 -66.11 -48.93
N PHE D 103 28.03 -67.32 -49.22
CA PHE D 103 27.36 -68.52 -48.71
C PHE D 103 27.35 -68.52 -47.18
N GLY D 104 28.51 -68.22 -46.57
CA GLY D 104 28.56 -68.15 -45.12
C GLY D 104 27.66 -67.06 -44.55
N GLY D 105 27.63 -65.90 -45.22
CA GLY D 105 26.79 -64.81 -44.77
C GLY D 105 25.32 -65.12 -44.84
N VAL D 106 24.88 -65.73 -45.94
CA VAL D 106 23.48 -66.12 -46.10
C VAL D 106 23.11 -67.18 -45.06
N TYR D 107 24.00 -68.16 -44.84
CA TYR D 107 23.72 -69.22 -43.88
C TYR D 107 23.57 -68.67 -42.46
N HIS D 108 24.48 -67.80 -42.04
CA HIS D 108 24.36 -67.24 -40.69
C HIS D 108 23.26 -66.20 -40.58
N SER D 109 22.88 -65.57 -41.69
CA SER D 109 21.78 -64.61 -41.63
C SER D 109 20.44 -65.33 -41.47
N LEU D 110 20.28 -66.50 -42.10
CA LEU D 110 19.01 -67.20 -42.02
C LEU D 110 18.96 -68.26 -40.92
N ILE D 111 19.79 -69.30 -40.99
CA ILE D 111 19.70 -70.36 -40.00
C ILE D 111 21.01 -70.46 -39.21
N GLY D 112 21.68 -69.35 -39.01
CA GLY D 112 22.76 -69.31 -38.08
C GLY D 112 22.24 -69.26 -36.66
N PRO D 113 23.15 -69.43 -35.70
CA PRO D 113 22.74 -69.26 -34.30
C PRO D 113 22.29 -67.85 -34.03
N GLU D 114 21.14 -67.72 -33.37
CA GLU D 114 20.60 -66.40 -33.05
C GLU D 114 21.48 -65.69 -32.04
N THR D 115 21.98 -66.42 -31.05
CA THR D 115 22.85 -65.89 -30.02
C THR D 115 23.98 -66.89 -29.80
N LEU D 116 25.16 -66.40 -29.41
CA LEU D 116 26.35 -67.25 -29.41
C LEU D 116 26.81 -67.74 -28.04
N GLU D 117 26.45 -67.08 -26.94
CA GLU D 117 26.94 -67.55 -25.64
C GLU D 117 26.37 -68.90 -25.25
N GLU D 118 25.17 -69.26 -25.76
CA GLU D 118 24.62 -70.55 -25.39
C GLU D 118 25.23 -71.70 -26.18
N SER D 119 26.02 -71.43 -27.23
CA SER D 119 26.62 -72.53 -27.98
C SER D 119 28.13 -72.36 -28.17
N TYR D 120 28.58 -71.12 -28.37
CA TYR D 120 30.00 -70.85 -28.64
C TYR D 120 30.51 -69.74 -27.73
N PRO D 121 31.04 -70.08 -26.56
CA PRO D 121 31.59 -69.05 -25.67
C PRO D 121 32.79 -68.32 -26.25
N PHE D 122 33.56 -68.96 -27.13
CA PHE D 122 34.71 -68.29 -27.74
C PHE D 122 34.25 -67.18 -28.68
N PHE D 123 33.07 -67.32 -29.27
CA PHE D 123 32.49 -66.30 -30.13
C PHE D 123 31.39 -65.50 -29.46
N GLY D 124 30.89 -65.97 -28.32
CA GLY D 124 29.88 -65.21 -27.59
C GLY D 124 30.46 -63.96 -26.99
N TYR D 125 29.72 -62.86 -27.10
CA TYR D 125 30.19 -61.57 -26.65
C TYR D 125 29.00 -60.66 -26.37
N VAL D 126 29.17 -59.78 -25.40
CA VAL D 126 28.25 -58.68 -25.17
C VAL D 126 29.03 -57.41 -25.51
N TRP D 127 28.38 -56.27 -25.38
CA TRP D 127 29.08 -55.02 -25.67
C TRP D 127 29.75 -54.44 -24.45
N LYS D 128 29.74 -55.15 -23.32
CA LYS D 128 30.29 -54.61 -22.08
C LYS D 128 31.55 -55.32 -21.62
N ASP D 129 31.79 -56.56 -22.04
CA ASP D 129 32.97 -57.30 -21.58
C ASP D 129 34.20 -56.75 -22.29
N LYS D 130 34.91 -55.89 -21.57
CA LYS D 130 36.07 -55.20 -22.14
C LYS D 130 37.17 -56.20 -22.50
N ASN D 131 37.35 -57.23 -21.68
CA ASN D 131 38.36 -58.23 -21.97
C ASN D 131 38.06 -58.96 -23.28
N LYS D 132 36.81 -59.38 -23.48
CA LYS D 132 36.44 -60.08 -24.70
C LYS D 132 36.52 -59.17 -25.93
N MET D 133 36.11 -57.91 -25.78
CA MET D 133 36.21 -56.98 -26.90
C MET D 133 37.67 -56.71 -27.27
N THR D 134 38.54 -56.58 -26.27
CA THR D 134 39.97 -56.43 -26.54
C THR D 134 40.57 -57.70 -27.11
N ASN D 135 40.02 -58.86 -26.76
CA ASN D 135 40.48 -60.12 -27.36
C ASN D 135 40.18 -60.13 -28.86
N ILE D 136 38.96 -59.73 -29.23
CA ILE D 136 38.59 -59.65 -30.64
C ILE D 136 39.44 -58.63 -31.36
N LEU D 137 39.66 -57.47 -30.73
CA LEU D 137 40.51 -56.44 -31.31
C LEU D 137 41.93 -56.93 -31.49
N GLY D 138 42.42 -57.74 -30.54
CA GLY D 138 43.75 -58.31 -30.69
C GLY D 138 43.85 -59.30 -31.83
N TYR D 139 42.82 -60.12 -32.01
CA TYR D 139 42.80 -61.06 -33.13
C TYR D 139 42.84 -60.32 -34.46
N HIS D 140 42.03 -59.27 -34.58
CA HIS D 140 42.02 -58.47 -35.81
C HIS D 140 43.33 -57.73 -36.00
N LEU D 141 43.96 -57.27 -34.92
CA LEU D 141 45.25 -56.58 -35.04
C LEU D 141 46.34 -57.54 -35.49
N ILE D 142 46.31 -58.78 -35.01
CA ILE D 142 47.27 -59.79 -35.48
C ILE D 142 47.05 -60.07 -36.96
N ILE D 143 45.79 -60.16 -37.38
CA ILE D 143 45.49 -60.42 -38.79
C ILE D 143 45.99 -59.27 -39.66
N LEU D 144 45.75 -58.02 -39.24
CA LEU D 144 46.22 -56.88 -40.01
C LEU D 144 47.74 -56.78 -40.04
N GLY D 145 48.39 -57.13 -38.93
CA GLY D 145 49.84 -57.15 -38.91
C GLY D 145 50.41 -58.19 -39.85
N CYS D 146 49.79 -59.38 -39.88
CA CYS D 146 50.21 -60.40 -40.84
C CYS D 146 49.95 -59.94 -42.27
N GLY D 147 48.87 -59.20 -42.49
CA GLY D 147 48.58 -58.69 -43.82
C GLY D 147 49.61 -57.67 -44.29
N ALA D 148 50.02 -56.77 -43.40
CA ALA D 148 51.07 -55.81 -43.76
C ALA D 148 52.42 -56.50 -43.94
N TRP D 149 52.74 -57.46 -43.07
CA TRP D 149 53.96 -58.22 -43.23
C TRP D 149 53.96 -59.07 -44.48
N LEU D 150 52.78 -59.44 -44.99
CA LEU D 150 52.71 -60.15 -46.26
C LEU D 150 53.17 -59.27 -47.40
N LEU D 151 52.77 -58.00 -47.39
CA LEU D 151 53.27 -57.05 -48.37
C LEU D 151 54.77 -56.83 -48.20
N VAL D 152 55.23 -56.82 -46.95
CA VAL D 152 56.67 -56.70 -46.70
C VAL D 152 57.42 -57.88 -47.32
N LEU D 153 56.91 -59.10 -47.12
CA LEU D 153 57.53 -60.29 -47.66
C LEU D 153 57.53 -60.26 -49.19
N LYS D 154 56.43 -59.79 -49.78
CA LYS D 154 56.36 -59.66 -51.23
C LYS D 154 57.39 -58.66 -51.76
N ALA D 155 57.49 -57.51 -51.12
CA ALA D 155 58.43 -56.49 -51.58
C ALA D 155 59.88 -56.92 -51.37
N LEU D 156 60.14 -57.73 -50.35
CA LEU D 156 61.49 -58.17 -50.08
C LEU D 156 61.93 -59.34 -50.95
N TYR D 157 61.20 -60.45 -50.90
CA TYR D 157 61.68 -61.71 -51.46
C TYR D 157 60.91 -62.23 -52.66
N PHE D 158 59.91 -61.50 -53.16
CA PHE D 158 59.02 -62.05 -54.16
C PHE D 158 59.12 -61.37 -55.51
N GLY D 159 60.11 -60.51 -55.72
CA GLY D 159 60.32 -59.90 -57.02
C GLY D 159 59.19 -59.00 -57.48
N GLY D 160 58.70 -58.13 -56.61
CA GLY D 160 57.60 -57.27 -56.97
C GLY D 160 57.83 -55.80 -56.69
N VAL D 161 56.73 -55.03 -56.75
CA VAL D 161 56.61 -53.61 -56.45
C VAL D 161 57.33 -52.77 -57.51
N TYR D 162 56.58 -51.87 -58.14
CA TYR D 162 57.05 -51.05 -59.24
C TYR D 162 57.60 -49.73 -58.73
N ASP D 163 58.92 -49.57 -58.78
CA ASP D 163 59.58 -48.33 -58.40
C ASP D 163 59.50 -47.36 -59.58
N THR D 164 58.77 -46.27 -59.40
CA THR D 164 58.76 -45.24 -60.42
C THR D 164 60.02 -44.39 -60.41
N TRP D 165 60.80 -44.46 -59.33
CA TRP D 165 62.05 -43.72 -59.19
C TRP D 165 63.26 -44.50 -59.68
N ALA D 166 63.06 -45.71 -60.20
CA ALA D 166 64.16 -46.48 -60.75
C ALA D 166 64.69 -45.78 -61.99
N PRO D 167 66.01 -45.82 -62.22
CA PRO D 167 66.57 -45.14 -63.40
C PRO D 167 66.04 -45.71 -64.70
N GLY D 168 65.82 -44.83 -65.67
CA GLY D 168 65.25 -45.20 -66.94
C GLY D 168 63.76 -44.96 -67.06
N GLY D 169 63.07 -44.68 -65.97
CA GLY D 169 61.65 -44.41 -66.01
C GLY D 169 60.81 -45.41 -65.24
N GLY D 170 61.38 -46.00 -64.20
CA GLY D 170 60.65 -46.96 -63.37
C GLY D 170 60.83 -48.39 -63.84
N ASP D 171 60.82 -49.30 -62.87
CA ASP D 171 61.02 -50.72 -63.11
C ASP D 171 60.53 -51.48 -61.89
N VAL D 172 60.24 -52.76 -62.07
CA VAL D 172 59.89 -53.62 -60.94
C VAL D 172 61.16 -53.84 -60.13
N ARG D 173 61.24 -53.23 -58.96
CA ARG D 173 62.49 -53.21 -58.20
C ARG D 173 62.33 -54.03 -56.93
N ILE D 174 63.24 -54.99 -56.73
CA ILE D 174 63.26 -55.74 -55.48
C ILE D 174 63.90 -54.88 -54.41
N ILE D 175 63.18 -54.64 -53.32
CA ILE D 175 63.61 -53.72 -52.29
C ILE D 175 64.50 -54.45 -51.30
N SER D 176 65.77 -54.05 -51.24
CA SER D 176 66.74 -54.62 -50.32
C SER D 176 67.12 -53.56 -49.31
N ASN D 177 67.20 -53.99 -48.04
CA ASN D 177 67.48 -53.16 -46.88
C ASN D 177 66.51 -51.97 -46.81
N PRO D 178 65.23 -52.20 -46.50
CA PRO D 178 64.32 -51.07 -46.31
C PRO D 178 64.68 -50.27 -45.07
N THR D 179 64.40 -48.98 -45.11
CA THR D 179 64.78 -48.07 -44.03
C THR D 179 63.78 -48.21 -42.89
N THR D 180 64.18 -48.91 -41.84
CA THR D 180 63.37 -49.08 -40.64
C THR D 180 63.80 -48.14 -39.52
N ASN D 181 64.29 -46.96 -39.88
CA ASN D 181 64.75 -46.00 -38.88
C ASN D 181 63.54 -45.39 -38.18
N ALA D 182 63.46 -45.62 -36.86
CA ALA D 182 62.33 -45.14 -36.07
C ALA D 182 62.22 -43.63 -36.13
N ALA D 183 63.36 -42.93 -36.12
CA ALA D 183 63.35 -41.48 -36.22
C ALA D 183 62.76 -41.02 -37.53
N ILE D 184 63.12 -41.67 -38.64
CA ILE D 184 62.61 -41.29 -39.95
C ILE D 184 61.10 -41.56 -40.04
N ILE D 185 60.67 -42.74 -39.59
CA ILE D 185 59.25 -43.09 -39.69
C ILE D 185 58.41 -42.18 -38.80
N PHE D 186 58.85 -41.94 -37.58
CA PHE D 186 58.11 -41.04 -36.69
C PHE D 186 58.15 -39.61 -37.21
N GLY D 187 59.24 -39.20 -37.85
CA GLY D 187 59.26 -37.89 -38.47
C GLY D 187 58.25 -37.77 -39.59
N TYR D 188 58.05 -38.87 -40.33
CA TYR D 188 56.99 -38.86 -41.35
C TYR D 188 55.61 -38.75 -40.71
N ILE D 189 55.39 -39.43 -39.58
CA ILE D 189 54.03 -39.42 -39.04
C ILE D 189 53.71 -38.17 -38.23
N VAL D 190 54.72 -37.44 -37.72
CA VAL D 190 54.43 -36.27 -36.90
C VAL D 190 54.73 -34.96 -37.61
N LYS D 191 55.13 -35.00 -38.88
CA LYS D 191 55.41 -33.76 -39.58
C LYS D 191 54.12 -33.05 -39.97
N SER D 192 54.28 -31.85 -40.52
CA SER D 192 53.15 -30.97 -40.81
C SER D 192 52.28 -31.55 -41.94
N PRO D 193 50.96 -31.38 -41.85
CA PRO D 193 50.08 -31.79 -42.94
C PRO D 193 50.06 -30.85 -44.13
N PHE D 194 50.74 -29.71 -44.06
CA PHE D 194 50.67 -28.73 -45.13
C PHE D 194 51.66 -29.05 -46.25
N GLY D 195 51.80 -28.12 -47.20
CA GLY D 195 52.57 -28.41 -48.40
C GLY D 195 54.06 -28.46 -48.17
N GLY D 196 54.53 -27.85 -47.07
CA GLY D 196 55.95 -27.91 -46.77
C GLY D 196 56.43 -29.30 -46.42
N ASP D 197 55.60 -30.06 -45.71
CA ASP D 197 55.96 -31.39 -45.23
C ASP D 197 55.08 -32.49 -45.80
N GLY D 198 53.78 -32.24 -45.96
CA GLY D 198 52.89 -33.21 -46.55
C GLY D 198 52.41 -34.32 -45.62
N TRP D 199 52.82 -34.28 -44.35
CA TRP D 199 52.53 -35.32 -43.36
C TRP D 199 52.86 -36.72 -43.87
N ILE D 200 51.84 -37.42 -44.34
CA ILE D 200 51.95 -38.84 -44.60
C ILE D 200 52.05 -39.14 -46.09
N VAL D 201 51.68 -38.19 -46.96
CA VAL D 201 51.62 -38.43 -48.39
C VAL D 201 52.97 -38.20 -49.05
N SER D 202 53.85 -37.44 -48.39
CA SER D 202 55.12 -37.06 -48.99
C SER D 202 56.17 -38.16 -48.91
N VAL D 203 55.79 -39.41 -48.66
CA VAL D 203 56.73 -40.50 -48.74
C VAL D 203 57.16 -40.67 -50.19
N ASP D 204 58.47 -40.79 -50.42
CA ASP D 204 59.01 -40.72 -51.76
C ASP D 204 59.81 -41.92 -52.21
N ASN D 205 59.98 -42.95 -51.37
CA ASN D 205 60.75 -44.10 -51.79
C ASN D 205 60.24 -45.38 -51.15
N LEU D 206 60.43 -46.48 -51.90
CA LEU D 206 59.98 -47.78 -51.45
C LEU D 206 60.73 -48.25 -50.20
N GLU D 207 61.94 -47.76 -50.00
CA GLU D 207 62.67 -48.10 -48.78
C GLU D 207 61.93 -47.63 -47.55
N ASP D 208 61.48 -46.36 -47.55
CA ASP D 208 60.68 -45.87 -46.45
C ASP D 208 59.31 -46.50 -46.41
N ILE D 209 58.73 -46.82 -47.58
CA ILE D 209 57.41 -47.46 -47.61
C ILE D 209 57.47 -48.82 -46.91
N ILE D 210 58.46 -49.64 -47.24
CA ILE D 210 58.53 -50.97 -46.67
C ILE D 210 59.05 -50.92 -45.23
N GLY D 211 59.88 -49.92 -44.89
CA GLY D 211 60.27 -49.76 -43.50
C GLY D 211 59.09 -49.40 -42.60
N GLY D 212 58.26 -48.47 -43.07
CA GLY D 212 57.04 -48.16 -42.34
C GLY D 212 56.08 -49.32 -42.28
N HIS D 213 56.03 -50.14 -43.34
CA HIS D 213 55.18 -51.33 -43.30
C HIS D 213 55.71 -52.35 -42.30
N ILE D 214 57.03 -52.48 -42.20
CA ILE D 214 57.63 -53.35 -41.18
C ILE D 214 57.24 -52.86 -39.80
N TRP D 215 57.33 -51.55 -39.59
CA TRP D 215 57.00 -50.96 -38.30
C TRP D 215 55.53 -51.17 -37.96
N ILE D 216 54.64 -50.93 -38.91
CA ILE D 216 53.20 -51.09 -38.67
C ILE D 216 52.85 -52.55 -38.42
N GLY D 217 53.40 -53.48 -39.20
CA GLY D 217 53.12 -54.89 -38.98
C GLY D 217 53.63 -55.38 -37.64
N THR D 218 54.83 -54.91 -37.25
CA THR D 218 55.41 -55.29 -35.97
C THR D 218 54.56 -54.79 -34.80
N LEU D 219 54.22 -53.49 -34.80
CA LEU D 219 53.37 -52.98 -33.73
C LEU D 219 51.98 -53.59 -33.76
N CYS D 220 51.45 -53.91 -34.94
CA CYS D 220 50.13 -54.51 -35.00
C CYS D 220 50.12 -55.91 -34.39
N ILE D 221 51.16 -56.71 -34.66
CA ILE D 221 51.26 -58.03 -34.05
C ILE D 221 51.42 -57.92 -32.54
N LEU D 222 52.33 -57.04 -32.10
CA LEU D 222 52.59 -56.90 -30.66
C LEU D 222 51.38 -56.32 -29.94
N GLY D 223 50.66 -55.39 -30.58
CA GLY D 223 49.45 -54.85 -29.99
C GLY D 223 48.32 -55.85 -29.94
N GLY D 224 48.26 -56.75 -30.92
CA GLY D 224 47.32 -57.85 -30.84
C GLY D 224 47.60 -58.74 -29.64
N ILE D 225 48.87 -59.09 -29.45
CA ILE D 225 49.26 -59.89 -28.27
C ILE D 225 48.93 -59.14 -26.98
N TRP D 226 49.23 -57.84 -26.96
CA TRP D 226 48.98 -57.01 -25.79
C TRP D 226 47.50 -56.97 -25.43
N HIS D 227 46.64 -56.74 -26.43
CA HIS D 227 45.21 -56.66 -26.15
C HIS D 227 44.62 -58.02 -25.82
N ILE D 228 45.17 -59.10 -26.36
CA ILE D 228 44.71 -60.43 -25.98
C ILE D 228 45.04 -60.71 -24.51
N TYR D 229 46.24 -60.36 -24.08
CA TYR D 229 46.69 -60.67 -22.73
C TYR D 229 46.43 -59.57 -21.71
N THR D 230 45.64 -58.54 -22.05
CA THR D 230 45.37 -57.49 -21.09
C THR D 230 43.87 -57.20 -21.02
N THR D 231 43.54 -56.19 -20.21
CA THR D 231 42.22 -55.66 -19.95
C THR D 231 42.36 -54.16 -19.78
N PRO D 232 41.43 -53.36 -20.32
CA PRO D 232 41.59 -51.90 -20.29
C PRO D 232 41.73 -51.32 -18.89
N TRP D 233 42.58 -50.29 -18.79
CA TRP D 233 42.89 -49.67 -17.52
C TRP D 233 41.71 -48.82 -17.03
N PRO D 234 41.68 -48.52 -15.72
CA PRO D 234 40.59 -47.68 -15.19
C PRO D 234 40.47 -46.31 -15.81
N TRP D 235 41.58 -45.68 -16.22
CA TRP D 235 41.45 -44.39 -16.91
C TRP D 235 40.80 -44.56 -18.28
N ALA D 236 41.10 -45.67 -18.96
CA ALA D 236 40.43 -45.97 -20.22
C ALA D 236 38.95 -46.23 -20.00
N ARG D 237 38.60 -46.93 -18.92
CA ARG D 237 37.19 -47.15 -18.61
C ARG D 237 36.47 -45.86 -18.31
N ARG D 238 37.15 -44.94 -17.60
CA ARG D 238 36.51 -43.67 -17.24
C ARG D 238 36.42 -42.73 -18.43
N ALA D 239 37.30 -42.87 -19.41
CA ALA D 239 37.30 -41.95 -20.54
C ALA D 239 36.45 -42.46 -21.71
N PHE D 240 36.27 -43.77 -21.82
CA PHE D 240 35.58 -44.34 -22.96
C PHE D 240 34.17 -44.80 -22.61
N VAL D 241 33.33 -44.87 -23.64
CA VAL D 241 31.99 -45.44 -23.54
C VAL D 241 32.04 -46.83 -24.17
N TRP D 242 31.59 -47.83 -23.43
CA TRP D 242 31.79 -49.23 -23.79
C TRP D 242 30.45 -49.83 -24.21
N SER D 243 30.12 -49.67 -25.49
CA SER D 243 28.92 -50.26 -26.04
C SER D 243 29.08 -50.41 -27.54
N GLY D 244 28.26 -51.27 -28.11
CA GLY D 244 28.21 -51.44 -29.55
C GLY D 244 27.27 -50.40 -30.12
N GLU D 245 27.88 -49.31 -30.57
CA GLU D 245 27.37 -48.03 -31.06
C GLU D 245 28.54 -47.08 -30.85
N ALA D 246 29.08 -47.10 -29.63
CA ALA D 246 30.30 -46.35 -29.33
C ALA D 246 31.48 -46.90 -30.09
N TYR D 247 31.64 -48.24 -30.08
CA TYR D 247 32.73 -48.87 -30.82
C TYR D 247 32.60 -48.55 -32.31
N LEU D 248 31.38 -48.60 -32.82
CA LEU D 248 31.11 -48.25 -34.20
C LEU D 248 31.47 -46.81 -34.49
N SER D 249 31.18 -45.90 -33.55
CA SER D 249 31.51 -44.49 -33.75
C SER D 249 33.01 -44.26 -33.79
N TYR D 250 33.77 -44.95 -32.93
CA TYR D 250 35.21 -44.80 -32.95
C TYR D 250 35.77 -45.31 -34.26
N SER D 251 35.26 -46.45 -34.71
CA SER D 251 35.70 -47.02 -35.98
C SER D 251 35.33 -46.11 -37.16
N LEU D 252 34.15 -45.48 -37.09
CA LEU D 252 33.73 -44.57 -38.16
C LEU D 252 34.62 -43.36 -38.23
N ALA D 253 34.99 -42.79 -37.07
CA ALA D 253 35.92 -41.66 -37.07
C ALA D 253 37.27 -42.06 -37.67
N ALA D 254 37.79 -43.22 -37.26
CA ALA D 254 39.07 -43.69 -37.77
C ALA D 254 39.02 -43.93 -39.28
N VAL D 255 37.94 -44.54 -39.76
CA VAL D 255 37.87 -44.85 -41.18
C VAL D 255 37.56 -43.60 -42.00
N SER D 256 36.92 -42.57 -41.42
CA SER D 256 36.75 -41.32 -42.13
C SER D 256 38.08 -40.58 -42.26
N LEU D 257 38.87 -40.59 -41.19
CA LEU D 257 40.22 -40.04 -41.28
C LEU D 257 41.06 -40.78 -42.31
N MET D 258 40.90 -42.11 -42.37
CA MET D 258 41.57 -42.91 -43.38
C MET D 258 41.10 -42.54 -44.79
N GLY D 259 39.81 -42.28 -44.95
CA GLY D 259 39.30 -41.90 -46.25
C GLY D 259 39.85 -40.56 -46.73
N PHE D 260 39.93 -39.59 -45.81
CA PHE D 260 40.54 -38.31 -46.16
C PHE D 260 42.01 -38.47 -46.52
N THR D 261 42.72 -39.32 -45.77
CA THR D 261 44.12 -39.62 -46.08
C THR D 261 44.26 -40.25 -47.46
N ALA D 262 43.36 -41.18 -47.80
CA ALA D 262 43.43 -41.82 -49.10
C ALA D 262 43.09 -40.85 -50.22
N CYS D 263 42.18 -39.91 -49.97
CA CYS D 263 41.89 -38.86 -50.95
C CYS D 263 43.12 -38.03 -51.24
N CYS D 264 43.82 -37.59 -50.19
CA CYS D 264 45.03 -36.82 -50.39
C CYS D 264 46.13 -37.64 -51.05
N PHE D 265 46.20 -38.94 -50.73
CA PHE D 265 47.18 -39.81 -51.37
C PHE D 265 46.90 -39.94 -52.87
N ALA D 266 45.64 -40.18 -53.24
CA ALA D 266 45.30 -40.33 -54.65
C ALA D 266 45.54 -39.03 -55.41
N TRP D 267 45.37 -37.90 -54.74
CA TRP D 267 45.58 -36.64 -55.46
C TRP D 267 47.05 -36.25 -55.54
N PHE D 268 47.84 -36.48 -54.51
CA PHE D 268 49.20 -35.93 -54.47
C PHE D 268 50.32 -36.95 -54.59
N ASN D 269 50.13 -38.18 -54.12
CA ASN D 269 51.23 -39.14 -54.09
C ASN D 269 51.62 -39.58 -55.49
N ASN D 270 52.92 -39.79 -55.68
CA ASN D 270 53.47 -40.20 -56.96
C ASN D 270 54.39 -41.40 -56.83
N THR D 271 54.70 -41.83 -55.60
CA THR D 271 55.57 -42.98 -55.37
C THR D 271 54.77 -44.26 -55.17
N ALA D 272 53.89 -44.28 -54.16
CA ALA D 272 53.02 -45.42 -53.94
C ALA D 272 51.87 -45.48 -54.94
N TYR D 273 51.66 -44.41 -55.69
CA TYR D 273 50.63 -44.33 -56.72
C TYR D 273 51.35 -43.89 -57.98
N PRO D 274 51.83 -44.85 -58.78
CA PRO D 274 52.69 -44.50 -59.92
C PRO D 274 51.95 -43.72 -60.99
N SER D 275 52.62 -42.68 -61.50
CA SER D 275 52.00 -41.85 -62.53
C SER D 275 51.85 -42.60 -63.84
N GLU D 276 52.70 -43.59 -64.09
CA GLU D 276 52.56 -44.44 -65.28
C GLU D 276 51.27 -45.23 -65.28
N PHE D 277 50.67 -45.45 -64.11
CA PHE D 277 49.46 -46.24 -63.96
C PHE D 277 48.24 -45.41 -63.61
N TYR D 278 48.44 -44.22 -63.04
CA TYR D 278 47.36 -43.38 -62.56
C TYR D 278 47.25 -42.04 -63.28
N GLY D 279 48.13 -41.74 -64.22
CA GLY D 279 48.12 -40.45 -64.85
C GLY D 279 48.82 -39.43 -63.97
N PRO D 280 48.83 -38.18 -64.39
CA PRO D 280 49.48 -37.14 -63.60
C PRO D 280 48.72 -36.82 -62.31
N THR D 281 49.47 -36.34 -61.32
CA THR D 281 48.93 -35.83 -60.08
C THR D 281 48.52 -34.37 -60.27
N GLY D 282 48.28 -33.69 -59.16
CA GLY D 282 48.03 -32.26 -59.17
C GLY D 282 49.19 -31.41 -59.64
N PRO D 283 50.36 -31.53 -58.98
CA PRO D 283 51.52 -30.73 -59.41
C PRO D 283 51.99 -30.98 -60.83
N GLU D 284 52.12 -32.23 -61.24
CA GLU D 284 52.42 -32.48 -62.64
C GLU D 284 51.17 -32.29 -63.48
N ALA D 285 51.38 -32.31 -64.80
CA ALA D 285 50.48 -31.88 -65.87
C ALA D 285 50.38 -30.36 -65.90
N SER D 286 50.96 -29.71 -64.90
CA SER D 286 51.19 -28.28 -64.85
C SER D 286 52.68 -27.97 -64.80
N GLN D 287 53.40 -28.64 -63.91
CA GLN D 287 54.86 -28.61 -63.96
C GLN D 287 55.37 -29.26 -65.24
N ALA D 288 54.67 -30.30 -65.71
CA ALA D 288 54.98 -30.90 -67.00
C ALA D 288 54.78 -29.92 -68.14
N GLN D 289 53.69 -29.14 -68.09
CA GLN D 289 53.47 -28.09 -69.08
C GLN D 289 54.59 -27.04 -69.05
N ALA D 290 54.98 -26.62 -67.84
CA ALA D 290 56.05 -25.65 -67.71
C ALA D 290 57.36 -26.16 -68.28
N PHE D 291 57.75 -27.39 -67.91
CA PHE D 291 59.00 -27.96 -68.40
C PHE D 291 58.96 -28.20 -69.91
N THR D 292 57.80 -28.59 -70.44
CA THR D 292 57.72 -28.85 -71.88
C THR D 292 57.79 -27.56 -72.67
N PHE D 293 57.09 -26.50 -72.25
CA PHE D 293 57.23 -25.24 -72.97
C PHE D 293 58.60 -24.62 -72.76
N LEU D 294 59.23 -24.89 -71.61
CA LEU D 294 60.62 -24.52 -71.39
C LEU D 294 61.53 -25.13 -72.44
N VAL D 295 61.45 -26.45 -72.63
CA VAL D 295 62.33 -27.12 -73.57
C VAL D 295 61.95 -26.79 -75.02
N ARG D 296 60.67 -26.59 -75.33
CA ARG D 296 60.28 -26.16 -76.67
C ARG D 296 60.86 -24.79 -77.00
N ASP D 297 60.71 -23.83 -76.09
CA ASP D 297 61.19 -22.48 -76.39
C ASP D 297 62.71 -22.37 -76.33
N GLN D 298 63.41 -23.27 -75.63
CA GLN D 298 64.86 -23.27 -75.79
C GLN D 298 65.28 -23.99 -77.07
N ARG D 299 64.46 -24.92 -77.58
CA ARG D 299 64.75 -25.53 -78.88
C ARG D 299 64.54 -24.54 -80.01
N LEU D 300 63.53 -23.67 -79.91
CA LEU D 300 63.32 -22.65 -80.93
C LEU D 300 64.39 -21.58 -80.94
N GLY D 301 65.26 -21.54 -79.93
CA GLY D 301 66.40 -20.65 -79.93
C GLY D 301 66.30 -19.48 -78.98
N ALA D 302 65.22 -19.34 -78.23
CA ALA D 302 65.10 -18.24 -77.29
C ALA D 302 66.01 -18.49 -76.08
N ASN D 303 66.19 -17.43 -75.28
CA ASN D 303 66.94 -17.56 -74.04
C ASN D 303 65.95 -17.66 -72.89
N VAL D 304 65.79 -18.87 -72.36
CA VAL D 304 64.84 -19.08 -71.27
C VAL D 304 65.34 -18.49 -69.96
N ALA D 305 66.66 -18.29 -69.83
CA ALA D 305 67.18 -17.57 -68.68
C ALA D 305 66.78 -16.10 -68.73
N SER D 306 66.55 -15.56 -69.92
CA SER D 306 66.04 -14.20 -70.05
C SER D 306 64.60 -14.12 -69.55
N ALA D 307 63.69 -14.91 -70.13
CA ALA D 307 62.29 -15.00 -69.73
C ALA D 307 61.61 -13.65 -69.61
N GLN D 308 61.47 -13.14 -68.38
CA GLN D 308 60.89 -11.82 -68.10
C GLN D 308 59.52 -11.67 -68.74
N GLY D 309 58.57 -12.43 -68.17
CA GLY D 309 57.23 -12.51 -68.71
C GLY D 309 56.39 -11.25 -68.60
N PRO D 310 55.07 -11.42 -68.67
CA PRO D 310 54.16 -10.27 -68.71
C PRO D 310 54.21 -9.38 -67.49
N THR D 311 54.46 -9.95 -66.31
CA THR D 311 54.46 -9.21 -65.06
C THR D 311 55.86 -8.89 -64.57
N GLY D 312 56.89 -9.15 -65.38
CA GLY D 312 58.25 -8.90 -64.97
C GLY D 312 58.80 -9.92 -64.00
N LEU D 313 58.29 -11.14 -64.03
CA LEU D 313 58.72 -12.20 -63.13
C LEU D 313 59.46 -13.33 -63.82
N GLY D 314 59.08 -13.69 -65.03
CA GLY D 314 59.75 -14.75 -65.75
C GLY D 314 58.78 -15.72 -66.37
N LYS D 315 58.88 -15.90 -67.69
CA LYS D 315 57.95 -16.77 -68.39
C LYS D 315 58.27 -18.25 -68.16
N TYR D 316 59.50 -18.59 -67.81
CA TYR D 316 59.88 -19.98 -67.64
C TYR D 316 60.53 -20.29 -66.31
N LEU D 317 61.33 -19.39 -65.75
CA LEU D 317 62.07 -19.65 -64.53
C LEU D 317 61.77 -18.56 -63.51
N MET D 318 61.86 -18.90 -62.23
CA MET D 318 61.57 -17.99 -61.14
C MET D 318 62.29 -18.49 -59.90
N ARG D 319 62.47 -17.61 -58.91
CA ARG D 319 62.99 -18.00 -57.61
C ARG D 319 61.81 -18.23 -56.68
N SER D 320 61.80 -19.37 -56.01
CA SER D 320 60.73 -19.73 -55.08
C SER D 320 60.79 -18.83 -53.85
N PRO D 321 59.83 -18.96 -52.92
CA PRO D 321 59.98 -18.26 -51.63
C PRO D 321 61.29 -18.54 -50.91
N THR D 322 61.88 -19.71 -51.14
CA THR D 322 63.26 -19.96 -50.79
C THR D 322 64.09 -19.95 -52.08
N GLY D 323 65.40 -19.79 -51.96
CA GLY D 323 66.27 -19.53 -53.09
C GLY D 323 66.45 -20.60 -54.16
N GLU D 324 65.58 -21.60 -54.23
CA GLU D 324 65.72 -22.61 -55.27
C GLU D 324 65.08 -22.13 -56.58
N ILE D 325 65.67 -22.55 -57.70
CA ILE D 325 65.16 -22.20 -59.02
C ILE D 325 63.98 -23.10 -59.37
N ILE D 326 62.84 -22.49 -59.66
CA ILE D 326 61.60 -23.20 -59.95
C ILE D 326 61.02 -22.66 -61.26
N PHE D 327 59.89 -23.24 -61.66
CA PHE D 327 59.24 -22.83 -62.90
C PHE D 327 58.51 -21.50 -62.70
N GLY D 328 58.56 -20.65 -63.74
CA GLY D 328 58.05 -19.30 -63.65
C GLY D 328 56.61 -19.10 -64.07
N GLY D 329 55.91 -20.16 -64.45
CA GLY D 329 54.53 -20.02 -64.88
C GLY D 329 53.56 -19.83 -63.74
N GLU D 330 52.28 -20.12 -63.99
CA GLU D 330 51.32 -20.10 -62.88
C GLU D 330 51.49 -21.31 -61.97
N THR D 331 52.26 -22.30 -62.40
CA THR D 331 52.63 -23.43 -61.57
C THR D 331 53.83 -23.11 -60.68
N MET D 332 53.80 -21.94 -60.04
CA MET D 332 54.80 -21.56 -59.07
C MET D 332 54.38 -21.96 -57.66
N ARG D 333 53.16 -22.46 -57.51
CA ARG D 333 52.64 -23.02 -56.27
C ARG D 333 53.04 -24.47 -56.09
N PHE D 334 53.23 -25.21 -57.19
CA PHE D 334 53.58 -26.62 -57.16
C PHE D 334 55.09 -26.85 -57.19
N TRP D 335 55.88 -25.89 -56.69
CA TRP D 335 57.32 -26.01 -56.83
C TRP D 335 57.89 -27.10 -55.93
N ASP D 336 57.09 -27.61 -54.99
CA ASP D 336 57.46 -28.76 -54.17
C ASP D 336 57.18 -30.08 -54.86
N PHE D 337 56.91 -30.07 -56.16
CA PHE D 337 56.76 -31.29 -56.92
C PHE D 337 58.11 -32.00 -56.97
N ARG D 338 58.11 -33.28 -56.59
CA ARG D 338 59.25 -34.15 -56.84
C ARG D 338 58.76 -35.33 -57.68
N GLY D 339 59.26 -35.42 -58.90
CA GLY D 339 58.87 -36.47 -59.81
C GLY D 339 60.07 -37.17 -60.40
N PRO D 340 59.84 -38.33 -61.02
CA PRO D 340 60.96 -39.08 -61.60
C PRO D 340 61.69 -38.35 -62.72
N TRP D 341 60.99 -37.54 -63.51
CA TRP D 341 61.61 -36.88 -64.65
C TRP D 341 61.99 -35.43 -64.38
N VAL D 342 62.18 -35.05 -63.12
CA VAL D 342 62.75 -33.76 -62.78
C VAL D 342 63.95 -33.88 -61.84
N GLU D 343 64.00 -34.95 -61.03
CA GLU D 343 65.09 -35.10 -60.07
C GLU D 343 66.49 -35.21 -60.70
N PRO D 344 66.75 -35.95 -61.79
CA PRO D 344 68.10 -35.84 -62.39
C PRO D 344 68.34 -34.49 -63.02
N LEU D 345 67.26 -33.74 -63.29
CA LEU D 345 67.30 -32.38 -63.77
C LEU D 345 67.44 -31.37 -62.65
N ARG D 346 67.43 -31.81 -61.39
CA ARG D 346 67.40 -30.90 -60.24
C ARG D 346 68.60 -31.12 -59.34
N GLY D 347 69.19 -30.02 -58.88
CA GLY D 347 70.33 -30.06 -58.00
C GLY D 347 70.17 -29.16 -56.80
N PRO D 348 71.25 -28.97 -56.03
CA PRO D 348 71.17 -28.14 -54.82
C PRO D 348 70.83 -26.69 -55.08
N SER D 349 71.29 -26.16 -56.22
CA SER D 349 71.00 -24.77 -56.54
C SER D 349 69.53 -24.57 -56.90
N GLY D 350 68.98 -25.46 -57.72
CA GLY D 350 67.63 -25.30 -58.23
C GLY D 350 67.34 -26.25 -59.36
N LEU D 351 66.84 -25.71 -60.47
CA LEU D 351 66.49 -26.52 -61.64
C LEU D 351 67.67 -26.79 -62.56
N ASP D 352 68.88 -26.34 -62.21
CA ASP D 352 70.12 -26.66 -62.93
C ASP D 352 70.05 -26.19 -64.39
N LEU D 353 70.10 -24.86 -64.55
CA LEU D 353 70.07 -24.17 -65.84
C LEU D 353 70.91 -24.83 -66.93
N VAL D 354 72.11 -25.30 -66.57
CA VAL D 354 72.96 -26.00 -67.54
C VAL D 354 72.33 -27.33 -67.95
N LYS D 355 71.71 -28.03 -67.01
CA LYS D 355 71.04 -29.28 -67.35
C LYS D 355 69.78 -29.01 -68.16
N LEU D 356 69.12 -27.87 -67.91
CA LEU D 356 68.00 -27.44 -68.73
C LEU D 356 68.44 -27.16 -70.16
N LYS D 357 69.60 -26.53 -70.33
CA LYS D 357 70.12 -26.20 -71.65
C LYS D 357 70.62 -27.42 -72.41
N ASN D 358 71.25 -28.39 -71.73
CA ASN D 358 71.87 -29.51 -72.41
C ASN D 358 71.23 -30.86 -72.07
N ASP D 359 71.17 -31.22 -70.79
CA ASP D 359 70.82 -32.57 -70.35
C ASP D 359 69.32 -32.69 -70.14
N ILE D 360 68.59 -32.95 -71.23
CA ILE D 360 67.17 -33.31 -71.16
C ILE D 360 66.98 -34.55 -72.01
N GLN D 361 66.46 -35.59 -71.42
CA GLN D 361 66.40 -36.85 -72.15
C GLN D 361 65.08 -36.95 -72.91
N PRO D 362 65.09 -37.59 -74.08
CA PRO D 362 63.83 -37.75 -74.83
C PRO D 362 62.74 -38.51 -74.10
N TRP D 363 63.07 -39.43 -73.18
CA TRP D 363 62.00 -40.08 -72.43
C TRP D 363 61.34 -39.08 -71.48
N GLN D 364 62.14 -38.17 -70.90
CA GLN D 364 61.57 -37.10 -70.09
C GLN D 364 60.70 -36.18 -70.93
N GLU D 365 61.16 -35.88 -72.16
CA GLU D 365 60.37 -35.08 -73.10
C GLU D 365 59.03 -35.71 -73.38
N ARG D 366 59.03 -37.00 -73.75
CA ARG D 366 57.81 -37.71 -74.09
C ARG D 366 56.88 -37.83 -72.89
N ARG D 367 57.43 -38.15 -71.72
CA ARG D 367 56.64 -38.29 -70.52
C ARG D 367 55.97 -36.97 -70.15
N ALA D 368 56.72 -35.86 -70.24
CA ALA D 368 56.15 -34.56 -69.92
C ALA D 368 55.06 -34.15 -70.90
N ALA D 369 55.28 -34.38 -72.20
CA ALA D 369 54.25 -34.02 -73.18
C ALA D 369 52.98 -34.85 -72.99
N GLU D 370 53.15 -36.16 -72.77
CA GLU D 370 52.01 -37.04 -72.52
C GLU D 370 51.28 -36.65 -71.25
N TYR D 371 51.99 -36.22 -70.21
CA TYR D 371 51.32 -35.79 -69.00
C TYR D 371 50.62 -34.45 -69.20
N MET D 372 51.11 -33.63 -70.14
CA MET D 372 50.37 -32.42 -70.49
C MET D 372 49.03 -32.77 -71.11
N THR D 373 49.03 -33.65 -72.12
CA THR D 373 47.79 -33.93 -72.84
C THR D 373 46.75 -34.58 -71.93
N HIS D 374 47.16 -35.46 -71.04
CA HIS D 374 46.22 -36.17 -70.16
C HIS D 374 46.22 -35.53 -68.76
N ALA D 375 45.76 -34.29 -68.70
CA ALA D 375 45.71 -33.55 -67.44
C ALA D 375 44.60 -34.10 -66.54
N PRO D 376 44.72 -33.92 -65.20
CA PRO D 376 43.66 -34.43 -64.31
C PRO D 376 42.44 -33.53 -64.20
N LEU D 377 41.99 -33.02 -65.34
CA LEU D 377 40.67 -32.43 -65.48
C LEU D 377 39.73 -33.55 -65.92
N GLY D 378 38.62 -33.20 -66.54
CA GLY D 378 37.89 -34.26 -67.20
C GLY D 378 36.38 -34.28 -67.24
N SER D 379 35.70 -33.55 -66.36
CA SER D 379 34.24 -33.52 -66.22
C SER D 379 33.65 -34.85 -65.77
N LEU D 380 32.45 -34.83 -65.19
CA LEU D 380 31.86 -36.07 -64.67
C LEU D 380 31.13 -36.88 -65.73
N ASN D 381 30.77 -36.26 -66.85
CA ASN D 381 30.06 -36.95 -67.93
C ASN D 381 31.02 -37.38 -69.02
N SER D 382 32.22 -37.79 -68.63
CA SER D 382 33.37 -37.99 -69.55
C SER D 382 33.61 -36.61 -70.17
N VAL D 383 33.71 -36.50 -71.50
CA VAL D 383 34.02 -35.29 -72.28
C VAL D 383 35.51 -35.04 -72.00
N GLY D 384 36.06 -33.87 -72.32
CA GLY D 384 37.49 -33.70 -72.44
C GLY D 384 38.24 -33.25 -71.20
N GLY D 385 38.70 -32.01 -71.19
CA GLY D 385 39.50 -31.50 -70.08
C GLY D 385 38.82 -30.41 -69.28
N VAL D 386 39.23 -29.16 -69.53
CA VAL D 386 38.68 -28.01 -68.80
C VAL D 386 37.19 -27.88 -69.08
N ALA D 387 36.44 -27.37 -68.10
CA ALA D 387 35.00 -27.19 -68.23
C ALA D 387 34.62 -26.27 -69.38
N THR D 388 35.52 -25.37 -69.80
CA THR D 388 35.29 -24.56 -70.97
C THR D 388 35.62 -25.29 -72.27
N GLU D 389 36.34 -26.41 -72.20
CA GLU D 389 36.72 -27.11 -73.41
C GLU D 389 35.54 -27.92 -73.96
N ILE D 390 35.79 -28.63 -75.04
CA ILE D 390 34.72 -29.24 -75.82
C ILE D 390 34.89 -30.75 -75.93
N ASN D 391 33.98 -31.40 -76.65
CA ASN D 391 34.00 -32.85 -76.84
C ASN D 391 35.12 -33.21 -77.81
N ALA D 392 36.34 -33.33 -77.28
CA ALA D 392 37.51 -33.67 -78.07
C ALA D 392 38.12 -35.00 -77.67
N VAL D 393 38.26 -35.26 -76.37
CA VAL D 393 38.87 -36.49 -75.89
C VAL D 393 37.95 -37.08 -74.83
N ASN D 394 38.05 -38.39 -74.64
CA ASN D 394 37.31 -39.13 -73.62
C ASN D 394 38.32 -39.62 -72.59
N PHE D 395 38.53 -38.82 -71.54
CA PHE D 395 39.48 -39.17 -70.49
C PHE D 395 39.16 -38.38 -69.23
N VAL D 396 38.98 -39.08 -68.13
CA VAL D 396 38.91 -38.48 -66.80
C VAL D 396 39.91 -39.22 -65.93
N SER D 397 40.69 -38.46 -65.16
CA SER D 397 41.83 -39.04 -64.46
C SER D 397 41.37 -39.97 -63.33
N PRO D 398 41.93 -41.18 -63.25
CA PRO D 398 41.64 -42.06 -62.11
C PRO D 398 42.06 -41.45 -60.78
N ARG D 399 43.08 -40.59 -60.77
CA ARG D 399 43.42 -39.87 -59.55
C ARG D 399 42.29 -38.95 -59.14
N SER D 400 41.67 -38.27 -60.12
CA SER D 400 40.52 -37.42 -59.81
C SER D 400 39.36 -38.26 -59.28
N TRP D 401 39.14 -39.45 -59.85
CA TRP D 401 38.07 -40.32 -59.38
C TRP D 401 38.32 -40.78 -57.94
N LEU D 402 39.51 -41.32 -57.69
CA LEU D 402 39.89 -41.82 -56.36
C LEU D 402 40.04 -40.71 -55.34
N ALA D 403 40.14 -39.46 -55.78
CA ALA D 403 40.11 -38.36 -54.82
C ALA D 403 38.68 -37.94 -54.50
N THR D 404 37.86 -37.71 -55.52
CA THR D 404 36.51 -37.20 -55.32
C THR D 404 35.64 -38.21 -54.58
N SER D 405 35.62 -39.46 -55.05
CA SER D 405 34.79 -40.48 -54.44
C SER D 405 35.19 -40.72 -52.99
N HIS D 406 36.50 -40.76 -52.73
CA HIS D 406 36.95 -41.05 -51.37
C HIS D 406 36.77 -39.87 -50.45
N PHE D 407 36.83 -38.64 -50.94
CA PHE D 407 36.45 -37.52 -50.10
C PHE D 407 34.98 -37.59 -49.73
N CYS D 408 34.12 -37.92 -50.70
CA CYS D 408 32.69 -38.02 -50.39
C CYS D 408 32.43 -39.10 -49.35
N LEU D 409 33.04 -40.27 -49.52
CA LEU D 409 32.86 -41.36 -48.57
C LEU D 409 33.43 -41.00 -47.20
N GLY D 410 34.59 -40.34 -47.16
CA GLY D 410 35.16 -39.92 -45.89
C GLY D 410 34.31 -38.89 -45.19
N PHE D 411 33.71 -37.96 -45.95
CA PHE D 411 32.90 -36.93 -45.30
C PHE D 411 31.62 -37.52 -44.73
N PHE D 412 30.93 -38.37 -45.51
CA PHE D 412 29.76 -39.04 -44.93
C PHE D 412 30.15 -39.91 -43.75
N PHE D 413 31.35 -40.50 -43.76
CA PHE D 413 31.69 -41.34 -42.64
C PHE D 413 32.08 -40.53 -41.41
N PHE D 414 32.58 -39.31 -41.59
CA PHE D 414 32.73 -38.40 -40.46
C PHE D 414 31.37 -38.03 -39.88
N VAL D 415 30.40 -37.76 -40.76
CA VAL D 415 29.04 -37.47 -40.30
C VAL D 415 28.44 -38.67 -39.57
N GLY D 416 28.66 -39.86 -40.10
CA GLY D 416 28.17 -41.07 -39.46
C GLY D 416 28.83 -41.33 -38.13
N HIS D 417 30.12 -41.01 -38.01
CA HIS D 417 30.77 -41.08 -36.72
C HIS D 417 30.12 -40.12 -35.73
N LEU D 418 29.80 -38.90 -36.18
CA LEU D 418 29.16 -37.95 -35.29
C LEU D 418 27.79 -38.43 -34.84
N TRP D 419 27.00 -38.95 -35.78
CA TRP D 419 25.68 -39.49 -35.47
C TRP D 419 25.78 -40.61 -34.45
N HIS D 420 26.64 -41.60 -34.72
CA HIS D 420 26.70 -42.76 -33.84
C HIS D 420 27.40 -42.42 -32.52
N ALA D 421 28.30 -41.44 -32.52
CA ALA D 421 28.93 -41.04 -31.27
C ALA D 421 27.95 -40.35 -30.35
N GLY D 422 27.19 -39.39 -30.90
CA GLY D 422 26.15 -38.75 -30.10
C GLY D 422 25.09 -39.73 -29.63
N ARG D 423 24.67 -40.64 -30.52
CA ARG D 423 23.66 -41.61 -30.13
C ARG D 423 24.18 -42.59 -29.08
N ALA D 424 25.44 -43.00 -29.18
CA ALA D 424 26.01 -43.90 -28.17
C ALA D 424 26.11 -43.22 -26.83
N ARG D 425 26.55 -41.95 -26.81
CA ARG D 425 26.60 -41.21 -25.54
C ARG D 425 25.21 -41.05 -24.94
N ALA D 426 24.22 -40.71 -25.76
CA ALA D 426 22.85 -40.53 -25.26
C ALA D 426 22.23 -41.86 -24.84
N ALA D 427 22.63 -42.96 -25.48
CA ALA D 427 22.09 -44.27 -25.09
C ALA D 427 22.70 -44.75 -23.79
N ALA D 428 24.00 -44.54 -23.61
CA ALA D 428 24.63 -44.89 -22.33
C ALA D 428 24.08 -44.02 -21.20
N ALA D 429 23.83 -42.74 -21.48
CA ALA D 429 23.25 -41.88 -20.47
C ALA D 429 21.76 -42.15 -20.23
N GLY D 430 21.07 -42.67 -21.22
CA GLY D 430 19.67 -43.05 -21.09
C GLY D 430 18.66 -42.14 -21.78
N PHE D 431 19.02 -40.90 -22.10
CA PHE D 431 18.06 -39.96 -22.69
C PHE D 431 18.15 -39.94 -24.21
N GLU D 432 18.47 -41.09 -24.80
CA GLU D 432 18.46 -41.21 -26.25
C GLU D 432 17.06 -41.10 -26.83
N LYS D 433 16.05 -41.64 -26.15
CA LYS D 433 14.68 -41.58 -26.62
C LYS D 433 14.06 -40.19 -26.47
N GLY D 434 14.57 -39.36 -25.58
CA GLY D 434 14.05 -38.02 -25.42
C GLY D 434 14.14 -37.58 -23.98
N ILE D 435 13.32 -36.60 -23.64
CA ILE D 435 13.22 -36.05 -22.30
C ILE D 435 12.11 -36.78 -21.56
N ASP D 436 12.33 -37.02 -20.25
CA ASP D 436 11.48 -37.93 -19.50
C ASP D 436 10.12 -37.34 -19.14
N ARG D 437 9.96 -36.01 -19.26
CA ARG D 437 8.70 -35.28 -19.19
C ARG D 437 8.10 -35.17 -17.78
N VAL D 438 8.65 -35.88 -16.79
CA VAL D 438 8.13 -35.73 -15.44
C VAL D 438 9.22 -35.13 -14.55
N ASP D 439 10.48 -35.32 -14.92
CA ASP D 439 11.61 -34.63 -14.29
C ASP D 439 12.56 -34.18 -15.41
N GLU D 440 12.30 -32.99 -15.92
CA GLU D 440 13.21 -32.50 -16.94
C GLU D 440 14.40 -31.76 -16.31
N PRO D 441 15.60 -32.00 -16.82
CA PRO D 441 16.80 -31.42 -16.20
C PRO D 441 16.86 -29.91 -16.25
N VAL D 442 16.09 -29.26 -17.13
CA VAL D 442 16.14 -27.80 -17.22
C VAL D 442 15.65 -27.14 -15.94
N LEU D 443 14.57 -27.68 -15.35
CA LEU D 443 14.09 -27.14 -14.08
C LEU D 443 14.92 -27.61 -12.90
N SER D 444 16.03 -28.32 -13.12
CA SER D 444 16.92 -28.72 -12.06
C SER D 444 18.04 -27.71 -11.80
N MET D 445 18.17 -26.67 -12.63
CA MET D 445 19.15 -25.61 -12.41
C MET D 445 18.48 -24.25 -12.46
N ARG D 446 19.20 -23.25 -11.92
CA ARG D 446 18.69 -21.89 -11.89
C ARG D 446 18.69 -21.28 -13.29
N PRO D 447 17.79 -20.34 -13.56
CA PRO D 447 17.75 -19.71 -14.88
C PRO D 447 19.00 -18.87 -15.15
N LEU D 448 19.31 -18.71 -16.43
CA LEU D 448 20.42 -17.84 -16.82
C LEU D 448 20.14 -16.40 -16.46
N ASP D 449 18.94 -15.93 -16.75
CA ASP D 449 18.56 -14.55 -16.48
C ASP D 449 17.06 -14.40 -16.29
N ILE E 1 -27.19 -16.55 -44.76
CA ILE E 1 -27.00 -15.12 -44.97
C ILE E 1 -27.88 -14.31 -44.01
N GLY E 2 -27.77 -14.62 -42.72
CA GLY E 2 -28.54 -13.90 -41.71
C GLY E 2 -29.99 -14.34 -41.64
N THR E 3 -30.19 -15.64 -41.44
CA THR E 3 -31.50 -16.34 -41.33
C THR E 3 -32.57 -15.78 -42.28
N TYR E 4 -32.17 -15.60 -43.54
CA TYR E 4 -33.09 -15.17 -44.57
C TYR E 4 -33.67 -16.39 -45.29
N GLN E 5 -34.64 -16.14 -46.18
CA GLN E 5 -35.25 -17.24 -46.94
C GLN E 5 -34.25 -17.87 -47.91
N GLU E 6 -33.36 -17.05 -48.49
CA GLU E 6 -32.28 -17.41 -49.41
C GLU E 6 -32.70 -18.42 -50.47
N LYS E 7 -33.58 -17.99 -51.39
CA LYS E 7 -34.09 -18.86 -52.45
C LYS E 7 -32.95 -19.43 -53.29
N ARG E 8 -32.98 -20.76 -53.47
CA ARG E 8 -31.88 -21.44 -54.13
C ARG E 8 -31.94 -21.25 -55.64
N THR E 9 -30.79 -20.90 -56.22
CA THR E 9 -30.63 -20.72 -57.65
C THR E 9 -29.56 -21.69 -58.15
N TRP E 10 -29.15 -21.52 -59.41
CA TRP E 10 -28.08 -22.35 -59.97
C TRP E 10 -26.75 -22.11 -59.26
N PHE E 11 -26.55 -20.91 -58.71
CA PHE E 11 -25.30 -20.61 -58.02
C PHE E 11 -25.10 -21.48 -56.79
N ASP E 12 -26.16 -21.68 -56.02
CA ASP E 12 -26.04 -22.47 -54.79
C ASP E 12 -25.78 -23.94 -55.11
N ASP E 13 -26.41 -24.46 -56.18
CA ASP E 13 -26.12 -25.82 -56.62
C ASP E 13 -24.68 -25.96 -57.07
N ALA E 14 -24.18 -24.99 -57.86
CA ALA E 14 -22.80 -25.04 -58.29
C ALA E 14 -21.82 -24.92 -57.13
N ASP E 15 -22.11 -24.05 -56.17
CA ASP E 15 -21.27 -23.91 -54.98
C ASP E 15 -21.28 -25.19 -54.15
N ASP E 16 -22.47 -25.81 -54.01
CA ASP E 16 -22.56 -27.05 -53.27
C ASP E 16 -21.80 -28.17 -53.95
N TRP E 17 -21.76 -28.17 -55.29
CA TRP E 17 -20.99 -29.21 -55.98
C TRP E 17 -19.49 -28.93 -55.89
N LEU E 18 -19.09 -27.66 -55.96
CA LEU E 18 -17.66 -27.35 -55.97
C LEU E 18 -17.04 -27.52 -54.59
N ARG E 19 -17.75 -27.13 -53.53
CA ARG E 19 -17.21 -27.26 -52.18
C ARG E 19 -17.60 -28.64 -51.61
N GLN E 20 -16.91 -29.66 -52.11
CA GLN E 20 -17.14 -31.05 -51.74
C GLN E 20 -15.81 -31.72 -51.44
N ASP E 21 -15.83 -32.71 -50.55
CA ASP E 21 -14.61 -33.45 -50.24
C ASP E 21 -14.36 -34.60 -51.22
N ARG E 22 -13.31 -34.47 -52.01
CA ARG E 22 -12.99 -35.47 -53.03
C ARG E 22 -11.53 -35.85 -52.86
N PHE E 23 -11.02 -36.64 -53.82
CA PHE E 23 -9.58 -36.92 -53.84
C PHE E 23 -8.80 -35.63 -54.07
N VAL E 24 -9.17 -34.88 -55.11
CA VAL E 24 -8.64 -33.57 -55.38
C VAL E 24 -9.80 -32.58 -55.41
N PHE E 25 -9.67 -31.51 -54.64
CA PHE E 25 -10.73 -30.54 -54.48
C PHE E 25 -10.77 -29.63 -55.70
N VAL E 26 -11.95 -29.12 -56.04
CA VAL E 26 -12.05 -28.28 -57.23
C VAL E 26 -12.30 -26.83 -56.86
N GLY E 27 -13.42 -26.57 -56.20
CA GLY E 27 -13.76 -25.21 -55.80
C GLY E 27 -14.01 -24.29 -56.99
N TRP E 28 -14.03 -23.00 -56.69
CA TRP E 28 -14.21 -21.99 -57.73
C TRP E 28 -12.93 -21.79 -58.52
N SER E 29 -11.78 -21.81 -57.83
CA SER E 29 -10.50 -21.64 -58.50
C SER E 29 -10.19 -22.80 -59.44
N GLY E 30 -10.88 -23.93 -59.27
CA GLY E 30 -10.77 -25.02 -60.23
C GLY E 30 -11.26 -24.65 -61.61
N LEU E 31 -12.05 -23.59 -61.73
CA LEU E 31 -12.44 -23.06 -63.02
C LEU E 31 -11.26 -22.41 -63.73
N LEU E 32 -10.22 -22.03 -62.99
CA LEU E 32 -9.05 -21.33 -63.50
C LEU E 32 -7.76 -22.08 -63.25
N LEU E 33 -7.52 -22.50 -62.02
CA LEU E 33 -6.23 -23.10 -61.65
C LEU E 33 -6.01 -24.43 -62.37
N LEU E 34 -7.02 -25.30 -62.38
CA LEU E 34 -6.85 -26.60 -63.03
C LEU E 34 -6.55 -26.47 -64.53
N PRO E 35 -7.34 -25.76 -65.36
CA PRO E 35 -6.95 -25.69 -66.78
C PRO E 35 -5.68 -24.90 -67.00
N CYS E 36 -5.49 -23.79 -66.28
CA CYS E 36 -4.30 -22.96 -66.51
C CYS E 36 -3.03 -23.71 -66.14
N ALA E 37 -3.04 -24.39 -64.99
CA ALA E 37 -1.86 -25.11 -64.54
C ALA E 37 -1.58 -26.33 -65.42
N TYR E 38 -2.64 -27.08 -65.79
CA TYR E 38 -2.42 -28.25 -66.62
C TYR E 38 -1.90 -27.84 -68.00
N PHE E 39 -2.43 -26.74 -68.56
CA PHE E 39 -1.90 -26.24 -69.82
C PHE E 39 -0.47 -25.72 -69.67
N ALA E 40 -0.13 -25.10 -68.54
CA ALA E 40 1.23 -24.61 -68.36
C ALA E 40 2.25 -25.76 -68.32
N VAL E 41 1.96 -26.78 -67.50
CA VAL E 41 2.89 -27.90 -67.40
C VAL E 41 2.93 -28.69 -68.70
N GLY E 42 1.78 -28.84 -69.37
CA GLY E 42 1.77 -29.54 -70.64
C GLY E 42 2.50 -28.81 -71.74
N GLY E 43 2.35 -27.47 -71.76
CA GLY E 43 3.08 -26.68 -72.75
C GLY E 43 4.57 -26.71 -72.54
N TRP E 44 5.02 -26.61 -71.28
CA TRP E 44 6.45 -26.71 -71.02
C TRP E 44 6.99 -28.09 -71.36
N LEU E 45 6.26 -29.14 -70.98
CA LEU E 45 6.71 -30.50 -71.28
C LEU E 45 6.71 -30.79 -72.77
N THR E 46 5.73 -30.29 -73.52
CA THR E 46 5.70 -30.50 -74.96
C THR E 46 6.77 -29.69 -75.67
N GLY E 47 7.03 -28.47 -75.22
CA GLY E 47 8.07 -27.67 -75.83
C GLY E 47 9.46 -28.18 -75.52
N CYS E 48 9.61 -28.85 -74.38
CA CYS E 48 10.92 -29.39 -74.03
C CYS E 48 11.23 -30.70 -74.72
N THR E 49 10.27 -31.30 -75.42
CA THR E 49 10.54 -32.54 -76.14
C THR E 49 10.38 -32.45 -77.65
N PHE E 50 9.49 -31.60 -78.16
CA PHE E 50 9.32 -31.57 -79.61
C PHE E 50 9.52 -30.19 -80.22
N VAL E 51 9.04 -29.14 -79.58
CA VAL E 51 9.05 -27.81 -80.18
C VAL E 51 10.48 -27.27 -80.22
N THR E 52 11.00 -27.09 -81.43
CA THR E 52 12.36 -26.62 -81.60
C THR E 52 12.44 -25.11 -81.40
N SER E 53 13.67 -24.63 -81.21
CA SER E 53 13.95 -23.20 -81.10
C SER E 53 14.96 -22.74 -82.14
N TRP E 54 15.07 -23.49 -83.24
CA TRP E 54 16.00 -23.12 -84.30
C TRP E 54 15.63 -21.78 -84.92
N TYR E 55 14.35 -21.54 -85.10
CA TYR E 55 13.84 -20.26 -85.59
C TYR E 55 13.39 -19.48 -84.36
N THR E 56 14.19 -18.45 -84.02
CA THR E 56 14.13 -17.37 -83.02
C THR E 56 15.50 -17.20 -82.39
N HIS E 57 16.07 -18.28 -81.83
CA HIS E 57 17.36 -18.21 -81.17
C HIS E 57 18.51 -18.83 -81.97
N GLY E 58 18.22 -19.54 -83.04
CA GLY E 58 19.28 -20.19 -83.80
C GLY E 58 19.99 -21.29 -83.03
N LEU E 59 19.25 -22.02 -82.20
CA LEU E 59 19.84 -23.07 -81.38
C LEU E 59 18.83 -24.19 -81.19
N ALA E 60 19.30 -25.28 -80.58
CA ALA E 60 18.45 -26.42 -80.28
C ALA E 60 18.18 -26.43 -78.78
N SER E 61 16.90 -26.41 -78.41
CA SER E 61 16.49 -26.48 -77.02
C SER E 61 15.30 -27.42 -76.86
N SER E 62 15.35 -28.56 -77.53
CA SER E 62 14.29 -29.55 -77.39
C SER E 62 14.91 -30.94 -77.52
N TYR E 63 14.22 -31.93 -76.94
CA TYR E 63 14.69 -33.30 -76.96
C TYR E 63 14.75 -33.90 -78.35
N ILE E 64 14.02 -33.32 -79.31
CA ILE E 64 13.92 -33.91 -80.63
C ILE E 64 15.14 -33.61 -81.49
N GLU E 65 16.09 -32.86 -80.95
CA GLU E 65 17.25 -32.43 -81.69
C GLU E 65 18.56 -32.97 -81.12
N GLY E 66 18.57 -33.45 -79.88
CA GLY E 66 19.81 -33.87 -79.26
C GLY E 66 20.09 -33.19 -77.94
N CYS E 67 19.03 -32.78 -77.24
CA CYS E 67 19.15 -32.07 -75.97
C CYS E 67 18.66 -32.95 -74.82
N ASN E 68 19.21 -32.70 -73.64
CA ASN E 68 18.87 -33.45 -72.43
C ASN E 68 17.89 -32.62 -71.59
N PHE E 69 17.50 -33.18 -70.43
CA PHE E 69 16.67 -32.43 -69.48
C PHE E 69 17.36 -31.16 -69.02
N LEU E 70 18.68 -31.19 -68.93
CA LEU E 70 19.46 -30.02 -68.54
C LEU E 70 19.85 -29.16 -69.74
N THR E 71 19.28 -29.42 -70.91
CA THR E 71 19.58 -28.65 -72.10
C THR E 71 18.34 -28.14 -72.82
N ALA E 72 17.27 -28.92 -72.86
CA ALA E 72 16.06 -28.49 -73.54
C ALA E 72 15.34 -27.37 -72.79
N ALA E 73 14.70 -26.48 -73.54
CA ALA E 73 13.97 -25.36 -72.95
C ALA E 73 12.96 -24.82 -73.95
N VAL E 74 11.80 -24.44 -73.42
CA VAL E 74 10.78 -23.74 -74.20
C VAL E 74 11.27 -22.31 -74.35
N SER E 75 11.77 -21.99 -75.54
CA SER E 75 12.50 -20.74 -75.74
C SER E 75 11.58 -19.58 -76.03
N THR E 76 12.07 -18.39 -75.71
CA THR E 76 11.36 -17.15 -75.92
C THR E 76 11.35 -16.79 -77.40
N PRO E 77 10.40 -15.95 -77.84
CA PRO E 77 10.41 -15.48 -79.23
C PRO E 77 11.56 -14.53 -79.50
N ALA E 78 11.69 -14.13 -80.76
CA ALA E 78 12.78 -13.27 -81.17
C ALA E 78 12.59 -11.85 -80.66
N ASN E 79 13.72 -11.14 -80.50
CA ASN E 79 13.69 -9.76 -80.01
C ASN E 79 12.95 -8.82 -80.93
N SER E 80 12.97 -9.09 -82.24
CA SER E 80 12.22 -8.27 -83.17
C SER E 80 10.73 -8.40 -82.94
N LEU E 81 10.28 -9.49 -82.32
CA LEU E 81 8.88 -9.62 -81.94
C LEU E 81 8.48 -8.63 -80.86
N GLY E 82 9.44 -8.05 -80.14
CA GLY E 82 9.10 -7.09 -79.12
C GLY E 82 8.34 -7.74 -77.97
N HIS E 83 7.18 -7.16 -77.65
CA HIS E 83 6.37 -7.64 -76.53
C HIS E 83 4.99 -8.10 -76.98
N SER E 84 4.90 -8.82 -78.09
CA SER E 84 3.61 -9.30 -78.54
C SER E 84 3.11 -10.41 -77.62
N LEU E 85 1.79 -10.42 -77.36
CA LEU E 85 1.18 -11.55 -76.69
C LEU E 85 1.24 -12.81 -77.54
N LEU E 86 1.40 -12.64 -78.85
CA LEU E 86 1.83 -13.69 -79.78
C LEU E 86 0.82 -14.83 -79.85
N PHE E 87 -0.43 -14.44 -80.06
CA PHE E 87 -1.52 -15.42 -80.11
C PHE E 87 -1.39 -16.31 -81.34
N VAL E 88 -1.96 -17.51 -81.24
CA VAL E 88 -2.03 -18.40 -82.38
C VAL E 88 -2.91 -17.82 -83.48
N TRP E 89 -3.84 -16.94 -83.12
CA TRP E 89 -4.74 -16.31 -84.09
C TRP E 89 -4.30 -14.91 -84.48
N GLY E 90 -3.23 -14.40 -83.89
CA GLY E 90 -2.81 -13.04 -84.11
C GLY E 90 -2.19 -12.84 -85.48
N PRO E 91 -1.67 -11.62 -85.73
CA PRO E 91 -1.04 -11.35 -87.02
C PRO E 91 0.22 -12.17 -87.27
N GLU E 92 0.79 -12.76 -86.22
CA GLU E 92 1.99 -13.57 -86.32
C GLU E 92 1.73 -14.94 -86.93
N ALA E 93 0.88 -15.74 -86.30
CA ALA E 93 0.66 -17.11 -86.77
C ALA E 93 -0.48 -17.18 -87.78
N GLN E 94 -1.43 -16.24 -87.70
CA GLN E 94 -2.59 -16.15 -88.59
C GLN E 94 -3.45 -17.42 -88.53
N GLY E 95 -3.51 -18.02 -87.34
CA GLY E 95 -4.30 -19.22 -87.14
C GLY E 95 -3.61 -20.54 -87.40
N ASP E 96 -2.30 -20.53 -87.66
CA ASP E 96 -1.59 -21.74 -88.00
C ASP E 96 -0.75 -22.20 -86.81
N LEU E 97 -1.02 -23.42 -86.33
CA LEU E 97 -0.38 -23.91 -85.10
C LEU E 97 1.03 -24.41 -85.36
N THR E 98 1.22 -25.17 -86.45
CA THR E 98 2.52 -25.77 -86.74
C THR E 98 3.60 -24.72 -87.04
N ARG E 99 3.22 -23.48 -87.33
CA ARG E 99 4.16 -22.38 -87.38
C ARG E 99 3.91 -21.36 -86.28
N TRP E 100 2.87 -21.54 -85.47
CA TRP E 100 2.81 -20.84 -84.21
C TRP E 100 3.91 -21.34 -83.28
N PHE E 101 4.21 -22.62 -83.36
CA PHE E 101 5.46 -23.12 -82.78
C PHE E 101 6.64 -22.65 -83.63
N GLN E 102 7.85 -22.92 -83.13
CA GLN E 102 9.13 -22.44 -83.68
C GLN E 102 9.13 -20.93 -83.96
N LEU E 103 8.29 -20.19 -83.23
CA LEU E 103 8.23 -18.75 -83.31
C LEU E 103 8.07 -18.11 -81.94
N GLY E 104 8.20 -18.87 -80.86
CA GLY E 104 8.11 -18.35 -79.52
C GLY E 104 6.71 -18.20 -78.98
N GLY E 105 5.69 -18.56 -79.75
CA GLY E 105 4.33 -18.43 -79.25
C GLY E 105 4.02 -19.36 -78.09
N LEU E 106 4.62 -20.55 -78.08
CA LEU E 106 4.40 -21.48 -76.98
C LEU E 106 4.97 -20.95 -75.68
N TRP E 107 6.06 -20.16 -75.75
CA TRP E 107 6.58 -19.52 -74.55
C TRP E 107 5.57 -18.55 -73.94
N ALA E 108 4.94 -17.72 -74.78
CA ALA E 108 3.94 -16.79 -74.27
C ALA E 108 2.72 -17.54 -73.76
N PHE E 109 2.35 -18.63 -74.43
CA PHE E 109 1.24 -19.46 -73.97
C PHE E 109 1.52 -20.00 -72.56
N VAL E 110 2.70 -20.56 -72.35
CA VAL E 110 3.07 -21.12 -71.06
C VAL E 110 3.18 -20.03 -70.01
N ALA E 111 3.74 -18.87 -70.37
CA ALA E 111 3.91 -17.79 -69.39
C ALA E 111 2.57 -17.23 -68.94
N LEU E 112 1.67 -16.93 -69.88
CA LEU E 112 0.35 -16.40 -69.51
C LEU E 112 -0.46 -17.42 -68.72
N HIS E 113 -0.47 -18.69 -69.17
CA HIS E 113 -1.23 -19.70 -68.46
C HIS E 113 -0.62 -19.98 -67.10
N GLY E 114 0.71 -19.87 -66.96
CA GLY E 114 1.32 -20.04 -65.66
C GLY E 114 1.01 -18.89 -64.71
N ALA E 115 0.97 -17.66 -65.23
CA ALA E 115 0.62 -16.52 -64.40
C ALA E 115 -0.81 -16.65 -63.88
N PHE E 116 -1.73 -17.04 -64.77
CA PHE E 116 -3.11 -17.20 -64.32
C PHE E 116 -3.28 -18.44 -63.46
N GLY E 117 -2.42 -19.45 -63.65
CA GLY E 117 -2.44 -20.60 -62.76
C GLY E 117 -1.96 -20.25 -61.37
N LEU E 118 -0.96 -19.37 -61.27
CA LEU E 118 -0.52 -18.89 -59.96
C LEU E 118 -1.59 -18.05 -59.29
N ILE E 119 -2.31 -17.24 -60.07
CA ILE E 119 -3.45 -16.49 -59.55
C ILE E 119 -4.50 -17.45 -58.99
N GLY E 120 -4.82 -18.50 -59.76
CA GLY E 120 -5.77 -19.49 -59.31
C GLY E 120 -5.27 -20.30 -58.13
N PHE E 121 -3.96 -20.43 -58.00
CA PHE E 121 -3.42 -21.20 -56.87
C PHE E 121 -3.46 -20.39 -55.58
N MET E 122 -3.28 -19.07 -55.66
CA MET E 122 -3.54 -18.29 -54.45
C MET E 122 -5.03 -18.26 -54.13
N LEU E 123 -5.89 -18.21 -55.14
CA LEU E 123 -7.33 -18.27 -54.89
C LEU E 123 -7.72 -19.61 -54.27
N ARG E 124 -7.08 -20.69 -54.74
CA ARG E 124 -7.14 -22.01 -54.16
C ARG E 124 -6.81 -22.00 -52.68
N GLN E 125 -5.67 -21.43 -52.31
CA GLN E 125 -5.26 -21.37 -50.92
C GLN E 125 -6.24 -20.55 -50.09
N PHE E 126 -6.71 -19.43 -50.65
CA PHE E 126 -7.67 -18.58 -49.95
C PHE E 126 -8.97 -19.33 -49.67
N GLU E 127 -9.53 -20.00 -50.67
CA GLU E 127 -10.87 -20.55 -50.48
C GLU E 127 -10.80 -21.86 -49.68
N ILE E 128 -9.68 -22.59 -49.77
CA ILE E 128 -9.52 -23.76 -48.91
C ILE E 128 -9.31 -23.33 -47.46
N ALA E 129 -8.56 -22.23 -47.25
CA ALA E 129 -8.44 -21.69 -45.91
C ALA E 129 -9.79 -21.24 -45.38
N ARG E 130 -10.67 -20.79 -46.27
CA ARG E 130 -12.04 -20.48 -45.85
C ARG E 130 -12.80 -21.74 -45.47
N SER E 131 -12.65 -22.81 -46.25
CA SER E 131 -13.38 -24.05 -45.98
C SER E 131 -12.92 -24.69 -44.67
N VAL E 132 -11.62 -24.68 -44.40
CA VAL E 132 -11.11 -25.20 -43.12
C VAL E 132 -11.20 -24.14 -42.04
N ASN E 133 -11.56 -22.90 -42.39
CA ASN E 133 -11.75 -21.78 -41.48
C ASN E 133 -10.46 -21.47 -40.71
N LEU E 134 -9.39 -21.27 -41.47
CA LEU E 134 -8.08 -20.95 -40.95
C LEU E 134 -7.54 -19.72 -41.67
N ARG E 135 -6.60 -19.02 -41.04
CA ARG E 135 -6.04 -17.82 -41.65
C ARG E 135 -5.20 -18.20 -42.87
N PRO E 136 -5.26 -17.41 -43.94
CA PRO E 136 -4.50 -17.71 -45.15
C PRO E 136 -3.07 -17.15 -45.13
N TYR E 137 -2.33 -17.49 -44.09
CA TYR E 137 -0.91 -17.18 -44.07
C TYR E 137 -0.15 -17.90 -45.18
N ASN E 138 -0.68 -19.02 -45.66
CA ASN E 138 -0.09 -19.68 -46.82
C ASN E 138 -0.21 -18.81 -48.07
N ALA E 139 -1.36 -18.17 -48.26
CA ALA E 139 -1.49 -17.23 -49.37
C ALA E 139 -0.61 -16.00 -49.16
N ILE E 140 -0.50 -15.57 -47.91
CA ILE E 140 0.39 -14.45 -47.58
C ILE E 140 1.82 -14.79 -48.00
N ALA E 141 2.26 -16.02 -47.73
CA ALA E 141 3.59 -16.47 -48.14
C ALA E 141 3.69 -16.63 -49.65
N PHE E 142 2.64 -17.17 -50.28
CA PHE E 142 2.64 -17.40 -51.72
C PHE E 142 2.58 -16.12 -52.53
N SER E 143 2.28 -14.99 -51.90
CA SER E 143 2.31 -13.71 -52.61
C SER E 143 3.70 -13.35 -53.11
N ALA E 144 4.75 -13.92 -52.50
CA ALA E 144 6.13 -13.63 -52.88
C ALA E 144 6.63 -14.42 -54.11
N PRO E 145 6.40 -15.74 -54.22
CA PRO E 145 6.83 -16.41 -55.46
C PRO E 145 6.16 -15.88 -56.72
N ILE E 146 4.91 -15.44 -56.62
CA ILE E 146 4.27 -14.89 -57.81
C ILE E 146 4.76 -13.47 -58.07
N ALA E 147 5.18 -12.76 -57.02
CA ALA E 147 5.84 -11.47 -57.23
C ALA E 147 7.15 -11.66 -57.97
N VAL E 148 7.87 -12.73 -57.63
CA VAL E 148 9.10 -13.07 -58.33
C VAL E 148 8.81 -13.48 -59.77
N PHE E 149 7.77 -14.28 -59.97
CA PHE E 149 7.40 -14.70 -61.33
C PHE E 149 7.03 -13.51 -62.19
N VAL E 150 6.25 -12.57 -61.64
CA VAL E 150 5.84 -11.41 -62.41
C VAL E 150 7.03 -10.51 -62.71
N SER E 151 7.86 -10.22 -61.68
CA SER E 151 8.99 -9.34 -61.87
C SER E 151 10.05 -9.94 -62.80
N VAL E 152 10.12 -11.27 -62.88
CA VAL E 152 11.14 -11.90 -63.70
C VAL E 152 10.64 -12.19 -65.11
N PHE E 153 9.51 -12.89 -65.24
CA PHE E 153 9.01 -13.31 -66.54
C PHE E 153 8.12 -12.29 -67.22
N LEU E 154 7.63 -11.28 -66.51
CA LEU E 154 6.80 -10.25 -67.14
C LEU E 154 7.45 -8.87 -67.08
N ILE E 155 7.75 -8.37 -65.88
CA ILE E 155 8.20 -6.98 -65.74
C ILE E 155 9.54 -6.76 -66.41
N TYR E 156 10.48 -7.70 -66.23
CA TYR E 156 11.80 -7.53 -66.85
C TYR E 156 11.78 -7.55 -68.38
N PRO E 157 11.14 -8.51 -69.05
CA PRO E 157 11.07 -8.40 -70.52
C PRO E 157 10.21 -7.24 -70.98
N LEU E 158 9.18 -6.88 -70.21
CA LEU E 158 8.36 -5.73 -70.57
C LEU E 158 9.15 -4.43 -70.53
N GLY E 159 10.04 -4.28 -69.55
CA GLY E 159 10.86 -3.09 -69.49
C GLY E 159 12.05 -3.11 -70.42
N GLN E 160 12.55 -4.30 -70.76
CA GLN E 160 13.64 -4.39 -71.71
C GLN E 160 13.09 -4.56 -73.13
N SER E 161 13.96 -4.93 -74.08
CA SER E 161 13.63 -4.83 -75.49
C SER E 161 12.55 -5.82 -75.93
N GLY E 162 12.40 -6.95 -75.24
CA GLY E 162 11.35 -7.87 -75.61
C GLY E 162 11.46 -9.19 -74.90
N TRP E 163 10.51 -10.08 -75.23
CA TRP E 163 10.43 -11.41 -74.61
C TRP E 163 11.71 -12.22 -74.79
N PHE E 164 12.49 -11.93 -75.83
CA PHE E 164 13.77 -12.60 -76.07
C PHE E 164 14.69 -12.51 -74.86
N PHE E 165 14.56 -11.44 -74.09
CA PHE E 165 15.46 -11.23 -72.96
C PHE E 165 14.88 -11.77 -71.67
N ALA E 166 13.67 -12.33 -71.73
CA ALA E 166 13.06 -13.04 -70.63
C ALA E 166 13.70 -14.43 -70.48
N PRO E 167 13.59 -15.06 -69.31
CA PRO E 167 14.10 -16.43 -69.20
C PRO E 167 13.21 -17.40 -69.93
N SER E 168 13.81 -18.29 -70.71
CA SER E 168 13.07 -19.36 -71.34
C SER E 168 12.77 -20.45 -70.32
N PHE E 169 11.68 -21.16 -70.53
CA PHE E 169 11.24 -22.17 -69.57
C PHE E 169 12.11 -23.41 -69.72
N GLY E 170 13.13 -23.53 -68.88
CA GLY E 170 14.04 -24.65 -68.97
C GLY E 170 15.03 -24.72 -67.83
N VAL E 171 16.22 -25.27 -68.11
CA VAL E 171 17.28 -25.37 -67.11
C VAL E 171 18.52 -24.58 -67.54
N ALA E 172 19.14 -24.98 -68.66
CA ALA E 172 20.34 -24.30 -69.13
C ALA E 172 20.01 -22.90 -69.63
N SER E 173 18.79 -22.67 -70.11
CA SER E 173 18.40 -21.31 -70.47
C SER E 173 18.27 -20.44 -69.23
N ILE E 174 17.78 -21.01 -68.13
CA ILE E 174 17.79 -20.29 -66.86
C ILE E 174 19.22 -19.99 -66.43
N PHE E 175 20.15 -20.93 -66.64
CA PHE E 175 21.54 -20.66 -66.30
C PHE E 175 22.10 -19.54 -67.16
N ARG E 176 21.71 -19.51 -68.44
CA ARG E 176 22.08 -18.40 -69.32
C ARG E 176 21.53 -17.09 -68.80
N PHE E 177 20.28 -17.11 -68.30
CA PHE E 177 19.66 -15.92 -67.74
C PHE E 177 20.45 -15.43 -66.53
N ILE E 178 20.90 -16.38 -65.70
CA ILE E 178 21.68 -16.06 -64.51
C ILE E 178 23.00 -15.40 -64.89
N LEU E 179 23.71 -16.00 -65.86
CA LEU E 179 24.98 -15.42 -66.29
C LEU E 179 24.77 -14.12 -67.06
N PHE E 180 23.59 -13.96 -67.66
CA PHE E 180 23.21 -12.74 -68.35
C PHE E 180 23.12 -11.58 -67.36
N PHE E 181 22.41 -11.80 -66.24
CA PHE E 181 22.40 -10.78 -65.18
C PHE E 181 23.76 -10.62 -64.52
N GLN E 182 24.57 -11.68 -64.48
CA GLN E 182 25.91 -11.54 -63.91
C GLN E 182 26.76 -10.57 -64.73
N GLY E 183 26.85 -10.81 -66.03
CA GLY E 183 27.73 -9.99 -66.84
C GLY E 183 27.16 -8.66 -67.27
N PHE E 184 25.91 -8.68 -67.73
CA PHE E 184 25.29 -7.48 -68.27
C PHE E 184 24.77 -6.54 -67.19
N HIS E 185 24.45 -7.07 -65.99
CA HIS E 185 23.80 -6.27 -64.96
C HIS E 185 24.56 -6.18 -63.64
N ASN E 186 25.51 -7.06 -63.38
CA ASN E 186 26.20 -7.17 -62.08
C ASN E 186 25.18 -7.32 -60.95
N TRP E 187 24.29 -8.30 -61.12
CA TRP E 187 23.18 -8.51 -60.20
C TRP E 187 23.62 -8.93 -58.81
N THR E 188 24.82 -9.49 -58.65
CA THR E 188 25.32 -9.80 -57.31
C THR E 188 25.53 -8.53 -56.50
N LEU E 189 25.99 -7.46 -57.15
CA LEU E 189 26.30 -6.24 -56.43
C LEU E 189 25.05 -5.46 -56.04
N ASN E 190 23.88 -5.83 -56.54
CA ASN E 190 22.66 -5.10 -56.22
C ASN E 190 22.23 -5.38 -54.78
N PRO E 191 22.05 -4.34 -53.96
CA PRO E 191 21.70 -4.57 -52.54
C PRO E 191 20.41 -5.33 -52.34
N PHE E 192 19.43 -5.14 -53.23
CA PHE E 192 18.19 -5.91 -53.14
C PHE E 192 18.44 -7.39 -53.38
N HIS E 193 19.35 -7.72 -54.29
CA HIS E 193 19.71 -9.12 -54.48
C HIS E 193 20.46 -9.65 -53.27
N MET E 194 21.29 -8.82 -52.63
CA MET E 194 21.94 -9.25 -51.40
C MET E 194 20.91 -9.57 -50.31
N MET E 195 19.84 -8.76 -50.23
CA MET E 195 18.75 -9.07 -49.32
C MET E 195 18.05 -10.37 -49.69
N GLY E 196 17.84 -10.61 -50.98
CA GLY E 196 17.20 -11.86 -51.39
C GLY E 196 18.03 -13.08 -51.04
N VAL E 197 19.35 -12.99 -51.24
CA VAL E 197 20.26 -14.05 -50.87
C VAL E 197 20.23 -14.27 -49.36
N ALA E 198 20.26 -13.18 -48.59
CA ALA E 198 20.20 -13.29 -47.14
C ALA E 198 18.88 -13.92 -46.68
N GLY E 199 17.78 -13.57 -47.35
CA GLY E 199 16.49 -14.14 -46.98
C GLY E 199 16.41 -15.62 -47.25
N VAL E 200 16.89 -16.06 -48.41
CA VAL E 200 16.83 -17.49 -48.71
C VAL E 200 17.79 -18.28 -47.82
N LEU E 201 19.01 -17.78 -47.63
CA LEU E 201 19.96 -18.49 -46.78
C LEU E 201 19.48 -18.55 -45.34
N GLY E 202 18.91 -17.44 -44.83
CA GLY E 202 18.33 -17.45 -43.51
C GLY E 202 17.12 -18.36 -43.39
N ALA E 203 16.31 -18.45 -44.45
CA ALA E 203 15.15 -19.33 -44.43
C ALA E 203 15.57 -20.79 -44.38
N ALA E 204 16.59 -21.17 -45.16
CA ALA E 204 17.10 -22.53 -45.07
C ALA E 204 17.73 -22.80 -43.70
N LEU E 205 18.40 -21.79 -43.14
CA LEU E 205 18.94 -21.89 -41.79
C LEU E 205 17.85 -22.13 -40.76
N LEU E 206 16.76 -21.36 -40.84
CA LEU E 206 15.63 -21.56 -39.93
C LEU E 206 15.01 -22.93 -40.12
N CYS E 207 14.90 -23.38 -41.37
CA CYS E 207 14.35 -24.70 -41.66
C CYS E 207 15.15 -25.79 -40.96
N ALA E 208 16.47 -25.79 -41.17
CA ALA E 208 17.33 -26.80 -40.57
C ALA E 208 17.33 -26.70 -39.05
N ILE E 209 17.40 -25.48 -38.51
CA ILE E 209 17.48 -25.29 -37.07
C ILE E 209 16.20 -25.72 -36.39
N HIS E 210 15.05 -25.30 -36.93
CA HIS E 210 13.77 -25.67 -36.34
C HIS E 210 13.55 -27.17 -36.39
N GLY E 211 13.83 -27.80 -37.54
CA GLY E 211 13.64 -29.23 -37.63
C GLY E 211 14.54 -30.00 -36.67
N ALA E 212 15.82 -29.62 -36.62
CA ALA E 212 16.76 -30.31 -35.73
C ALA E 212 16.41 -30.11 -34.26
N THR E 213 16.01 -28.89 -33.90
CA THR E 213 15.74 -28.60 -32.49
C THR E 213 14.48 -29.32 -32.02
N VAL E 214 13.42 -29.28 -32.84
CA VAL E 214 12.20 -30.00 -32.49
C VAL E 214 12.45 -31.51 -32.46
N GLU E 215 13.21 -32.02 -33.42
CA GLU E 215 13.44 -33.46 -33.47
C GLU E 215 14.47 -33.93 -32.44
N ASN E 216 15.23 -33.03 -31.84
CA ASN E 216 16.14 -33.44 -30.79
C ASN E 216 15.64 -33.11 -29.39
N THR E 217 14.50 -32.41 -29.26
CA THR E 217 13.93 -32.12 -27.95
C THR E 217 12.53 -32.67 -27.80
N LEU E 218 12.22 -33.79 -28.47
CA LEU E 218 10.86 -34.29 -28.65
C LEU E 218 10.31 -35.20 -27.55
N PHE E 219 10.89 -35.19 -26.34
CA PHE E 219 10.42 -35.98 -25.19
C PHE E 219 10.49 -37.49 -25.45
N GLU E 220 10.02 -38.29 -24.49
CA GLU E 220 10.01 -39.75 -24.66
C GLU E 220 8.68 -40.23 -25.25
N ASP E 221 7.58 -39.98 -24.52
CA ASP E 221 6.21 -40.30 -24.97
C ASP E 221 6.02 -41.78 -25.30
N GLY E 222 6.66 -42.66 -24.56
CA GLY E 222 6.47 -44.07 -24.78
C GLY E 222 7.64 -44.89 -24.30
N ASP E 223 7.69 -46.12 -24.79
CA ASP E 223 8.73 -47.08 -24.44
C ASP E 223 9.57 -47.56 -25.62
N GLY E 224 9.07 -47.42 -26.86
CA GLY E 224 9.81 -47.90 -28.01
C GLY E 224 10.98 -47.00 -28.37
N ALA E 225 11.97 -47.61 -29.02
CA ALA E 225 13.16 -46.87 -29.44
C ALA E 225 12.90 -45.97 -30.64
N ASN E 226 11.85 -46.23 -31.40
CA ASN E 226 11.46 -45.37 -32.52
C ASN E 226 10.62 -44.23 -31.96
N THR E 227 11.06 -43.00 -32.21
CA THR E 227 10.36 -41.83 -31.73
C THR E 227 9.10 -41.52 -32.52
N PHE E 228 9.06 -41.88 -33.80
CA PHE E 228 7.95 -41.50 -34.67
C PHE E 228 6.65 -42.19 -34.26
N ARG E 229 6.74 -43.40 -33.72
CA ARG E 229 5.57 -44.10 -33.22
C ARG E 229 5.05 -43.51 -31.91
N ALA E 230 5.81 -42.58 -31.30
CA ALA E 230 5.37 -42.01 -30.03
C ALA E 230 4.51 -40.76 -30.22
N PHE E 231 4.27 -40.32 -31.45
CA PHE E 231 3.44 -39.16 -31.69
C PHE E 231 1.97 -39.57 -31.74
N ASN E 232 1.11 -38.80 -31.09
CA ASN E 232 -0.33 -39.07 -31.06
C ASN E 232 -1.07 -37.76 -31.23
N PRO E 233 -1.92 -37.61 -32.26
CA PRO E 233 -2.70 -36.36 -32.40
C PRO E 233 -3.83 -36.22 -31.40
N THR E 234 -4.19 -37.28 -30.67
CA THR E 234 -5.30 -37.19 -29.74
C THR E 234 -4.93 -36.36 -28.50
N GLN E 235 -3.71 -36.52 -28.01
CA GLN E 235 -3.26 -35.75 -26.85
C GLN E 235 -3.04 -34.29 -27.23
N ALA E 236 -3.31 -33.39 -26.28
CA ALA E 236 -3.18 -31.96 -26.52
C ALA E 236 -1.85 -31.39 -26.04
N GLU E 237 -1.00 -32.19 -25.39
CA GLU E 237 0.27 -31.71 -24.91
C GLU E 237 1.25 -31.49 -26.06
N GLU E 238 2.23 -30.62 -25.82
CA GLU E 238 3.21 -30.29 -26.84
C GLU E 238 4.21 -31.43 -27.00
N THR E 239 4.61 -31.69 -28.25
CA THR E 239 5.54 -32.76 -28.56
C THR E 239 6.97 -32.50 -28.07
N TYR E 240 7.45 -31.26 -28.13
CA TYR E 240 8.83 -30.98 -27.80
C TYR E 240 8.92 -29.95 -26.69
N SER E 241 10.02 -30.02 -25.94
CA SER E 241 10.24 -29.17 -24.76
C SER E 241 10.79 -27.83 -25.20
N MET E 242 9.92 -26.83 -25.26
CA MET E 242 10.33 -25.50 -25.71
C MET E 242 11.25 -24.81 -24.70
N VAL E 243 11.09 -25.10 -23.40
CA VAL E 243 11.96 -24.49 -22.41
C VAL E 243 13.37 -25.09 -22.50
N THR E 244 13.45 -26.40 -22.76
CA THR E 244 14.74 -27.05 -22.98
C THR E 244 15.41 -26.53 -24.24
N ALA E 245 14.63 -26.36 -25.31
CA ALA E 245 15.16 -25.81 -26.55
C ALA E 245 15.67 -24.39 -26.37
N ASN E 246 14.90 -23.56 -25.65
CA ASN E 246 15.30 -22.18 -25.39
C ASN E 246 16.57 -22.12 -24.56
N ARG E 247 16.68 -22.97 -23.54
CA ARG E 247 17.90 -22.99 -22.73
C ARG E 247 19.10 -23.42 -23.56
N PHE E 248 18.92 -24.45 -24.39
CA PHE E 248 20.02 -24.95 -25.22
C PHE E 248 20.53 -23.87 -26.17
N TRP E 249 19.62 -23.23 -26.91
CA TRP E 249 20.07 -22.22 -27.86
C TRP E 249 20.51 -20.94 -27.18
N SER E 250 19.99 -20.63 -25.99
CA SER E 250 20.49 -19.48 -25.26
C SER E 250 21.92 -19.70 -24.81
N GLN E 251 22.26 -20.91 -24.38
CA GLN E 251 23.63 -21.15 -23.94
C GLN E 251 24.59 -21.47 -25.08
N ILE E 252 24.09 -21.82 -26.27
CA ILE E 252 24.99 -22.00 -27.42
C ILE E 252 25.16 -20.70 -28.18
N PHE E 253 24.06 -20.18 -28.72
CA PHE E 253 24.10 -19.03 -29.61
C PHE E 253 24.10 -17.72 -28.84
N GLY E 254 23.44 -17.65 -27.70
CA GLY E 254 23.37 -16.40 -26.96
C GLY E 254 21.99 -15.79 -26.97
N VAL E 255 21.24 -16.03 -28.05
CA VAL E 255 19.85 -15.63 -28.15
C VAL E 255 19.03 -16.84 -28.57
N ALA E 256 17.79 -16.90 -28.09
CA ALA E 256 16.94 -18.03 -28.39
C ALA E 256 15.48 -17.58 -28.40
N PHE E 257 14.65 -18.37 -29.06
CA PHE E 257 13.23 -18.08 -29.17
C PHE E 257 12.47 -18.51 -27.92
N SER E 258 11.45 -17.73 -27.56
CA SER E 258 10.60 -18.03 -26.42
C SER E 258 9.15 -18.29 -26.80
N ASN E 259 8.73 -17.92 -28.00
CA ASN E 259 7.35 -18.02 -28.42
C ASN E 259 7.26 -18.81 -29.72
N LYS E 260 6.39 -19.83 -29.73
CA LYS E 260 6.17 -20.61 -30.95
C LYS E 260 5.61 -19.75 -32.06
N ARG E 261 4.70 -18.81 -31.71
CA ARG E 261 4.13 -17.92 -32.70
C ARG E 261 5.19 -17.06 -33.34
N TRP E 262 6.09 -16.49 -32.53
CA TRP E 262 7.12 -15.63 -33.09
C TRP E 262 8.13 -16.44 -33.88
N LEU E 263 8.43 -17.67 -33.44
CA LEU E 263 9.27 -18.57 -34.22
C LEU E 263 8.70 -18.83 -35.61
N HIS E 264 7.43 -19.24 -35.66
CA HIS E 264 6.86 -19.61 -36.94
C HIS E 264 6.57 -18.39 -37.81
N PHE E 265 6.25 -17.26 -37.19
CA PHE E 265 6.11 -16.04 -37.97
C PHE E 265 7.46 -15.56 -38.51
N PHE E 266 8.55 -15.82 -37.80
CA PHE E 266 9.87 -15.52 -38.36
C PHE E 266 10.18 -16.41 -39.55
N MET E 267 9.87 -17.71 -39.42
CA MET E 267 10.04 -18.65 -40.53
C MET E 267 9.19 -18.25 -41.72
N LEU E 268 8.03 -17.63 -41.46
CA LEU E 268 7.20 -17.10 -42.53
C LEU E 268 7.78 -15.82 -43.12
N PHE E 269 8.32 -14.95 -42.26
CA PHE E 269 8.70 -13.60 -42.66
C PHE E 269 9.97 -13.58 -43.50
N VAL E 270 10.99 -14.35 -43.10
CA VAL E 270 12.31 -14.22 -43.73
C VAL E 270 12.31 -14.52 -45.23
N PRO E 271 11.78 -15.66 -45.71
CA PRO E 271 11.79 -15.86 -47.17
C PRO E 271 10.87 -14.92 -47.92
N VAL E 272 9.72 -14.55 -47.36
CA VAL E 272 8.82 -13.63 -48.06
C VAL E 272 9.49 -12.28 -48.24
N THR E 273 10.12 -11.76 -47.19
CA THR E 273 10.79 -10.47 -47.29
C THR E 273 11.97 -10.52 -48.25
N GLY E 274 12.77 -11.60 -48.18
CA GLY E 274 13.89 -11.73 -49.10
C GLY E 274 13.46 -11.80 -50.55
N LEU E 275 12.41 -12.59 -50.83
CA LEU E 275 11.92 -12.71 -52.19
C LEU E 275 11.27 -11.42 -52.69
N TRP E 276 10.58 -10.67 -51.83
CA TRP E 276 10.06 -9.37 -52.27
C TRP E 276 11.18 -8.37 -52.53
N MET E 277 12.24 -8.39 -51.73
CA MET E 277 13.36 -7.50 -52.01
C MET E 277 14.04 -7.86 -53.33
N SER E 278 14.19 -9.16 -53.60
CA SER E 278 14.76 -9.58 -54.88
C SER E 278 13.83 -9.19 -56.04
N ALA E 279 12.51 -9.27 -55.81
CA ALA E 279 11.56 -8.86 -56.84
C ALA E 279 11.69 -7.37 -57.12
N LEU E 280 11.86 -6.56 -56.08
CA LEU E 280 12.05 -5.12 -56.27
C LEU E 280 13.36 -4.83 -57.02
N GLY E 281 14.41 -5.58 -56.70
CA GLY E 281 15.66 -5.41 -57.44
C GLY E 281 15.54 -5.77 -58.91
N VAL E 282 14.80 -6.83 -59.22
CA VAL E 282 14.59 -7.20 -60.61
C VAL E 282 13.67 -6.19 -61.31
N VAL E 283 12.73 -5.60 -60.58
CA VAL E 283 11.97 -4.47 -61.12
C VAL E 283 12.90 -3.31 -61.45
N GLY E 284 13.90 -3.07 -60.59
CA GLY E 284 14.90 -2.06 -60.91
C GLY E 284 15.70 -2.40 -62.15
N LEU E 285 16.10 -3.66 -62.31
CA LEU E 285 16.84 -4.06 -63.50
C LEU E 285 15.97 -4.18 -64.73
N ALA E 286 14.65 -4.18 -64.56
CA ALA E 286 13.75 -4.18 -65.71
C ALA E 286 13.87 -2.92 -66.52
N LEU E 287 14.31 -1.84 -65.89
CA LEU E 287 14.43 -0.53 -66.53
C LEU E 287 15.87 -0.20 -66.84
N ASN E 288 16.73 -1.22 -66.78
CA ASN E 288 18.19 -1.12 -66.91
C ASN E 288 18.77 -0.16 -65.88
N LEU E 289 18.17 -0.12 -64.70
CA LEU E 289 18.57 0.79 -63.62
C LEU E 289 19.41 -0.03 -62.66
N ARG E 290 20.72 -0.07 -62.89
CA ARG E 290 21.61 -1.05 -62.28
C ARG E 290 22.29 -0.49 -61.04
N ALA E 291 22.70 -1.40 -60.15
CA ALA E 291 23.73 -1.10 -59.16
C ALA E 291 25.08 -1.59 -59.67
N TYR E 292 25.43 -1.17 -60.88
CA TYR E 292 26.54 -1.80 -61.60
C TYR E 292 27.90 -1.37 -61.05
N ASP E 293 28.08 -0.08 -60.80
CA ASP E 293 29.42 0.43 -60.53
C ASP E 293 29.47 1.31 -59.28
N PHE E 294 30.67 1.44 -58.74
CA PHE E 294 30.95 2.32 -57.61
C PHE E 294 31.82 3.47 -58.12
N VAL E 295 31.31 4.69 -57.97
CA VAL E 295 31.94 5.87 -58.58
C VAL E 295 33.32 6.12 -58.00
N SER E 296 33.45 6.07 -56.68
CA SER E 296 34.75 6.33 -56.04
C SER E 296 35.79 5.30 -56.47
N GLN E 297 35.40 4.02 -56.50
CA GLN E 297 36.35 2.98 -56.88
C GLN E 297 36.73 3.06 -58.36
N GLU E 298 35.78 3.37 -59.25
CA GLU E 298 36.15 3.45 -60.66
C GLU E 298 37.03 4.66 -60.94
N ILE E 299 36.78 5.78 -60.25
CA ILE E 299 37.64 6.95 -60.42
C ILE E 299 39.03 6.67 -59.86
N ARG E 300 39.10 6.02 -58.70
CA ARG E 300 40.40 5.70 -58.11
C ARG E 300 41.17 4.71 -58.98
N ALA E 301 40.46 3.76 -59.60
CA ALA E 301 41.10 2.83 -60.53
C ALA E 301 41.57 3.53 -61.79
N ALA E 302 40.81 4.51 -62.28
CA ALA E 302 41.22 5.23 -63.47
C ALA E 302 42.45 6.10 -63.22
N GLU E 303 42.52 6.74 -62.05
CA GLU E 303 43.64 7.61 -61.73
C GLU E 303 44.74 6.92 -60.91
N ASP E 304 44.65 5.62 -60.70
CA ASP E 304 45.69 4.85 -60.03
C ASP E 304 45.83 3.51 -60.74
N PRO E 305 46.93 3.30 -61.46
CA PRO E 305 47.10 2.05 -62.21
C PRO E 305 47.56 0.87 -61.36
N GLU E 306 47.89 1.08 -60.09
CA GLU E 306 48.29 -0.02 -59.22
C GLU E 306 47.30 -0.26 -58.08
N PHE E 307 46.12 0.35 -58.12
CA PHE E 307 45.09 0.10 -57.12
C PHE E 307 44.03 -0.79 -57.74
N GLU E 308 43.93 -2.02 -57.26
CA GLU E 308 42.93 -2.96 -57.76
C GLU E 308 42.36 -3.78 -56.63
N THR E 309 41.07 -4.10 -56.76
CA THR E 309 40.33 -4.86 -55.78
C THR E 309 39.44 -5.88 -56.48
N PHE E 310 38.73 -6.66 -55.68
CA PHE E 310 37.85 -7.69 -56.22
C PHE E 310 36.70 -7.08 -57.00
N TYR E 311 36.29 -5.85 -56.67
CA TYR E 311 35.27 -5.18 -57.45
C TYR E 311 35.75 -4.87 -58.86
N THR E 312 36.99 -4.39 -58.99
CA THR E 312 37.56 -4.15 -60.31
C THR E 312 37.69 -5.45 -61.09
N LYS E 313 38.11 -6.52 -60.40
CA LYS E 313 38.18 -7.82 -61.05
C LYS E 313 36.80 -8.28 -61.51
N ASN E 314 35.76 -8.05 -60.70
CA ASN E 314 34.40 -8.43 -61.08
C ASN E 314 33.93 -7.65 -62.30
N ILE E 315 34.27 -6.37 -62.39
CA ILE E 315 33.93 -5.59 -63.57
C ILE E 315 34.59 -6.19 -64.81
N LEU E 316 35.87 -6.57 -64.68
CA LEU E 316 36.57 -7.17 -65.82
C LEU E 316 35.93 -8.48 -66.26
N LEU E 317 35.53 -9.32 -65.30
CA LEU E 317 34.89 -10.59 -65.65
C LEU E 317 33.51 -10.36 -66.26
N ASN E 318 32.83 -9.29 -65.85
CA ASN E 318 31.59 -8.92 -66.51
C ASN E 318 31.84 -8.58 -67.97
N GLU E 319 32.91 -7.81 -68.25
CA GLU E 319 33.27 -7.54 -69.63
C GLU E 319 33.60 -8.81 -70.40
N GLY E 320 34.19 -9.79 -69.72
CA GLY E 320 34.39 -11.09 -70.35
C GLY E 320 33.07 -11.73 -70.78
N ILE E 321 32.08 -11.75 -69.87
CA ILE E 321 30.73 -12.20 -70.21
C ILE E 321 30.21 -11.50 -71.45
N ARG E 322 30.17 -10.17 -71.41
CA ARG E 322 29.55 -9.42 -72.50
C ARG E 322 30.23 -9.67 -73.83
N ALA E 323 31.55 -9.49 -73.87
CA ALA E 323 32.27 -9.56 -75.15
C ALA E 323 32.29 -10.97 -75.72
N TRP E 324 32.43 -12.00 -74.87
CA TRP E 324 32.51 -13.33 -75.42
C TRP E 324 31.18 -14.07 -75.44
N MET E 325 30.08 -13.42 -75.02
CA MET E 325 28.82 -14.14 -74.89
C MET E 325 27.67 -13.46 -75.62
N ALA E 326 27.66 -12.13 -75.71
CA ALA E 326 26.58 -11.44 -76.42
C ALA E 326 26.61 -11.74 -77.91
N ALA E 327 27.79 -12.06 -78.43
CA ALA E 327 27.96 -12.30 -79.87
C ALA E 327 27.13 -13.48 -80.34
N GLN E 328 26.93 -14.46 -79.48
CA GLN E 328 26.12 -15.62 -79.82
C GLN E 328 24.76 -15.59 -79.15
N ASP E 329 24.63 -14.92 -78.01
CA ASP E 329 23.34 -14.86 -77.33
C ASP E 329 22.38 -13.90 -78.00
N GLN E 330 22.89 -12.92 -78.75
CA GLN E 330 22.06 -11.95 -79.44
C GLN E 330 22.30 -12.07 -80.95
N PRO E 331 21.69 -13.05 -81.61
CA PRO E 331 21.89 -13.15 -83.07
C PRO E 331 21.15 -12.06 -83.83
N HIS E 332 20.12 -11.47 -83.24
CA HIS E 332 19.39 -10.39 -83.90
C HIS E 332 20.22 -9.11 -83.97
N GLU E 333 21.16 -8.95 -83.04
CA GLU E 333 21.96 -7.73 -82.99
C GLU E 333 23.18 -7.81 -83.91
N LYS E 334 23.52 -9.00 -84.39
CA LYS E 334 24.56 -9.24 -85.39
C LYS E 334 25.94 -8.75 -84.94
N LEU E 335 26.45 -9.38 -83.89
CA LEU E 335 27.80 -9.09 -83.41
C LEU E 335 28.79 -9.95 -84.18
N THR E 336 29.34 -9.41 -85.26
CA THR E 336 30.41 -10.07 -85.99
C THR E 336 31.77 -9.58 -85.50
N LEU E 337 31.99 -9.70 -84.20
CA LEU E 337 33.19 -9.16 -83.57
C LEU E 337 34.42 -9.97 -83.97
N PRO E 338 35.48 -9.32 -84.45
CA PRO E 338 36.77 -10.01 -84.57
C PRO E 338 37.27 -10.41 -83.19
N GLU E 339 37.89 -11.57 -83.12
CA GLU E 339 38.32 -12.07 -81.83
C GLU E 339 39.72 -11.62 -81.46
N GLU E 340 40.18 -10.50 -82.01
CA GLU E 340 41.35 -9.80 -81.53
C GLU E 340 40.99 -8.49 -80.84
N VAL E 341 39.71 -8.09 -80.86
CA VAL E 341 39.26 -6.93 -80.11
C VAL E 341 38.56 -7.35 -78.82
N LEU E 342 38.22 -8.63 -78.67
CA LEU E 342 37.65 -9.12 -77.44
C LEU E 342 38.71 -9.08 -76.34
N PRO E 343 38.32 -8.75 -75.11
CA PRO E 343 39.28 -8.76 -74.01
C PRO E 343 39.69 -10.17 -73.65
N ARG E 344 40.93 -10.51 -74.01
CA ARG E 344 41.52 -11.82 -73.75
C ARG E 344 42.99 -11.67 -73.45
N GLY E 345 43.37 -12.00 -72.23
CA GLY E 345 44.70 -11.75 -71.72
C GLY E 345 45.73 -12.77 -72.11
N ASN E 346 46.58 -13.12 -71.16
CA ASN E 346 47.71 -14.00 -71.41
C ASN E 346 47.24 -15.42 -71.65
N ALA E 347 47.70 -16.00 -72.77
CA ALA E 347 47.60 -17.42 -73.07
C ALA E 347 46.17 -17.95 -73.13
N LEU E 348 45.46 -17.91 -72.01
CA LEU E 348 44.09 -18.39 -71.89
C LEU E 348 43.17 -17.64 -72.84
N GLU F 1 -14.33 -47.18 -50.93
CA GLU F 1 -13.46 -46.02 -50.79
C GLU F 1 -12.37 -46.03 -51.85
N ARG F 2 -11.88 -47.23 -52.17
CA ARG F 2 -10.81 -47.49 -53.12
C ARG F 2 -9.56 -46.67 -52.80
N PRO F 3 -8.82 -47.02 -51.74
CA PRO F 3 -7.68 -46.19 -51.31
C PRO F 3 -6.39 -46.47 -52.08
N PHE F 4 -6.51 -47.07 -53.28
CA PHE F 4 -5.44 -47.44 -54.20
C PHE F 4 -4.67 -48.67 -53.72
N SER F 5 -4.94 -49.14 -52.51
CA SER F 5 -4.34 -50.36 -52.01
C SER F 5 -5.10 -51.60 -52.47
N ASP F 6 -6.23 -51.43 -53.13
CA ASP F 6 -7.05 -52.50 -53.65
C ASP F 6 -7.20 -52.49 -55.17
N ILE F 7 -7.03 -51.33 -55.81
CA ILE F 7 -7.07 -51.26 -57.27
C ILE F 7 -5.87 -51.98 -57.86
N LEU F 8 -4.69 -51.68 -57.34
CA LEU F 8 -3.45 -52.22 -57.88
C LEU F 8 -3.36 -53.72 -57.67
N THR F 9 -3.88 -54.22 -56.56
CA THR F 9 -3.73 -55.64 -56.23
C THR F 9 -4.71 -56.52 -56.99
N SER F 10 -5.69 -55.92 -57.66
CA SER F 10 -6.66 -56.71 -58.42
C SER F 10 -6.27 -56.79 -59.88
N ILE F 11 -6.41 -57.99 -60.46
CA ILE F 11 -6.09 -58.19 -61.87
C ILE F 11 -7.11 -57.58 -62.81
N ARG F 12 -8.27 -57.16 -62.30
CA ARG F 12 -9.26 -56.49 -63.13
C ARG F 12 -8.74 -55.13 -63.59
N TYR F 13 -7.95 -54.46 -62.77
CA TYR F 13 -7.30 -53.22 -63.16
C TYR F 13 -6.22 -53.46 -64.21
N TRP F 14 -5.57 -54.63 -64.18
CA TRP F 14 -4.46 -54.91 -65.07
C TRP F 14 -4.90 -55.49 -66.41
N VAL F 15 -6.05 -56.17 -66.48
CA VAL F 15 -6.50 -56.70 -67.76
C VAL F 15 -6.95 -55.58 -68.70
N ILE F 16 -7.46 -54.49 -68.16
CA ILE F 16 -7.80 -53.31 -68.95
C ILE F 16 -6.62 -52.37 -69.12
N HIS F 17 -5.43 -52.77 -68.66
CA HIS F 17 -4.23 -51.97 -68.78
C HIS F 17 -3.07 -52.70 -69.44
N SER F 18 -3.13 -54.03 -69.53
CA SER F 18 -2.07 -54.80 -70.17
C SER F 18 -1.97 -54.55 -71.67
N ILE F 19 -2.99 -53.93 -72.27
CA ILE F 19 -2.93 -53.55 -73.67
C ILE F 19 -3.08 -52.06 -73.90
N THR F 20 -3.74 -51.32 -73.01
CA THR F 20 -3.94 -49.88 -73.26
C THR F 20 -2.66 -49.09 -73.01
N VAL F 21 -1.94 -49.39 -71.92
CA VAL F 21 -0.66 -48.71 -71.69
C VAL F 21 0.39 -49.07 -72.74
N PRO F 22 0.60 -50.35 -73.11
CA PRO F 22 1.48 -50.60 -74.26
C PRO F 22 0.94 -50.04 -75.56
N SER F 23 -0.38 -49.91 -75.68
CA SER F 23 -0.96 -49.28 -76.87
C SER F 23 -0.56 -47.82 -76.97
N LEU F 24 -0.64 -47.08 -75.86
CA LEU F 24 -0.18 -45.69 -75.85
C LEU F 24 1.31 -45.60 -76.09
N PHE F 25 2.07 -46.55 -75.53
CA PHE F 25 3.52 -46.58 -75.73
C PHE F 25 3.88 -46.77 -77.20
N ILE F 26 3.27 -47.74 -77.87
CA ILE F 26 3.59 -47.98 -79.27
C ILE F 26 2.99 -46.89 -80.14
N ALA F 27 1.91 -46.24 -79.67
CA ALA F 27 1.37 -45.08 -80.38
C ALA F 27 2.37 -43.94 -80.38
N GLY F 28 2.99 -43.67 -79.24
CA GLY F 28 4.03 -42.65 -79.20
C GLY F 28 5.24 -43.04 -80.02
N TRP F 29 5.59 -44.33 -80.01
CA TRP F 29 6.71 -44.81 -80.81
C TRP F 29 6.48 -44.58 -82.30
N LEU F 30 5.31 -44.98 -82.80
CA LEU F 30 5.01 -44.76 -84.21
C LEU F 30 4.85 -43.29 -84.53
N PHE F 31 4.32 -42.50 -83.58
CA PHE F 31 4.15 -41.07 -83.78
C PHE F 31 5.49 -40.37 -83.99
N VAL F 32 6.50 -40.74 -83.20
CA VAL F 32 7.83 -40.15 -83.40
C VAL F 32 8.51 -40.74 -84.63
N SER F 33 8.39 -42.06 -84.84
CA SER F 33 9.13 -42.72 -85.90
C SER F 33 8.62 -42.38 -87.29
N THR F 34 7.36 -42.01 -87.46
CA THR F 34 6.85 -41.71 -88.79
C THR F 34 7.05 -40.26 -89.20
N GLY F 35 7.68 -39.45 -88.35
CA GLY F 35 7.89 -38.04 -88.65
C GLY F 35 6.70 -37.15 -88.36
N LEU F 36 5.64 -37.69 -87.76
CA LEU F 36 4.45 -36.90 -87.48
C LEU F 36 4.72 -35.83 -86.43
N ALA F 37 5.58 -36.11 -85.45
CA ALA F 37 5.95 -35.08 -84.48
C ALA F 37 6.68 -33.92 -85.15
N TYR F 38 7.59 -34.24 -86.08
CA TYR F 38 8.29 -33.21 -86.83
C TYR F 38 7.31 -32.40 -87.67
N ASP F 39 6.33 -33.06 -88.26
CA ASP F 39 5.38 -32.37 -89.13
C ASP F 39 4.41 -31.50 -88.33
N VAL F 40 4.05 -31.94 -87.13
CA VAL F 40 3.03 -31.21 -86.37
C VAL F 40 3.66 -30.07 -85.59
N PHE F 41 4.93 -30.20 -85.19
CA PHE F 41 5.51 -29.22 -84.28
C PHE F 41 6.68 -28.47 -84.90
N GLY F 42 6.87 -28.56 -86.21
CA GLY F 42 7.76 -27.69 -86.94
C GLY F 42 9.24 -27.95 -86.79
N SER F 43 9.65 -29.02 -86.12
CA SER F 43 11.06 -29.29 -85.98
C SER F 43 11.65 -29.77 -87.30
N PRO F 44 12.79 -29.22 -87.73
CA PRO F 44 13.44 -29.72 -88.94
C PRO F 44 14.12 -31.05 -88.70
N ARG F 45 14.36 -31.77 -89.78
CA ARG F 45 15.08 -33.02 -89.71
C ARG F 45 16.56 -32.74 -89.42
N PRO F 46 17.31 -33.74 -88.97
CA PRO F 46 18.77 -33.56 -88.87
C PRO F 46 19.44 -33.30 -90.21
N ASN F 47 18.81 -33.65 -91.33
CA ASN F 47 19.35 -33.35 -92.64
C ASN F 47 18.77 -32.07 -93.24
N GLU F 48 17.90 -31.36 -92.54
CA GLU F 48 17.26 -30.17 -93.06
C GLU F 48 17.39 -28.98 -92.10
N TYR F 49 18.54 -28.88 -91.44
CA TYR F 49 18.78 -27.74 -90.57
C TYR F 49 19.13 -26.48 -91.33
N PHE F 50 19.90 -26.61 -92.41
CA PHE F 50 20.27 -25.47 -93.25
C PHE F 50 19.86 -25.77 -94.68
N THR F 51 19.35 -24.76 -95.36
CA THR F 51 19.00 -24.86 -96.77
C THR F 51 20.23 -24.55 -97.60
N GLU F 52 20.07 -24.43 -98.92
CA GLU F 52 21.22 -24.13 -99.77
C GLU F 52 21.48 -22.64 -99.87
N ASP F 53 20.45 -21.81 -99.71
CA ASP F 53 20.64 -20.37 -99.84
C ASP F 53 21.32 -19.78 -98.62
N ARG F 54 21.04 -20.32 -97.43
CA ARG F 54 21.66 -19.85 -96.20
C ARG F 54 22.40 -20.98 -95.52
N GLN F 55 23.54 -20.67 -94.93
CA GLN F 55 24.33 -21.64 -94.17
C GLN F 55 24.63 -21.15 -92.76
N ASP F 56 23.89 -20.17 -92.27
CA ASP F 56 24.06 -19.62 -90.93
C ASP F 56 22.72 -19.75 -90.19
N ALA F 57 22.73 -19.47 -88.89
CA ALA F 57 21.55 -19.66 -88.06
C ALA F 57 20.42 -18.71 -88.49
N PRO F 58 19.18 -19.17 -88.53
CA PRO F 58 18.09 -18.32 -89.03
C PRO F 58 17.70 -17.23 -88.04
N LEU F 59 17.31 -16.09 -88.58
CA LEU F 59 16.81 -14.96 -87.81
C LEU F 59 15.45 -14.54 -88.35
N ILE F 60 14.52 -14.24 -87.45
CA ILE F 60 13.22 -13.78 -87.89
C ILE F 60 13.30 -12.33 -88.36
N THR F 61 13.62 -11.41 -87.45
CA THR F 61 13.86 -9.99 -87.71
C THR F 61 12.65 -9.37 -88.42
N ASP F 62 11.45 -9.81 -88.06
CA ASP F 62 10.22 -9.30 -88.65
C ASP F 62 9.05 -9.70 -87.76
N ARG F 63 7.97 -8.92 -87.82
CA ARG F 63 6.80 -9.18 -86.99
C ARG F 63 5.56 -9.51 -87.81
N PHE F 64 5.16 -8.62 -88.72
CA PHE F 64 3.90 -8.79 -89.43
C PHE F 64 4.05 -9.67 -90.67
N ASN F 65 5.28 -9.89 -91.14
CA ASN F 65 5.54 -10.83 -92.23
C ASN F 65 6.36 -12.01 -91.71
N ALA F 66 6.27 -12.28 -90.42
CA ALA F 66 7.08 -13.33 -89.82
C ALA F 66 6.56 -14.71 -90.20
N LEU F 67 5.25 -14.83 -90.48
CA LEU F 67 4.72 -16.13 -90.90
C LEU F 67 5.26 -16.51 -92.27
N GLU F 68 5.21 -15.59 -93.24
CA GLU F 68 5.78 -15.89 -94.55
C GLU F 68 7.29 -15.98 -94.48
N GLN F 69 7.91 -15.25 -93.55
CA GLN F 69 9.36 -15.35 -93.40
C GLN F 69 9.78 -16.71 -92.88
N VAL F 70 9.06 -17.25 -91.89
CA VAL F 70 9.41 -18.58 -91.42
C VAL F 70 9.01 -19.63 -92.46
N LYS F 71 8.00 -19.34 -93.29
CA LYS F 71 7.67 -20.25 -94.38
C LYS F 71 8.79 -20.34 -95.40
N LYS F 72 9.41 -19.21 -95.75
CA LYS F 72 10.51 -19.28 -96.71
C LYS F 72 11.79 -19.79 -96.05
N LEU F 73 11.98 -19.50 -94.76
CA LEU F 73 13.20 -19.85 -94.06
C LEU F 73 13.19 -21.26 -93.50
N SER F 74 12.05 -21.95 -93.54
CA SER F 74 11.97 -23.32 -93.06
C SER F 74 12.19 -24.30 -94.22
N ALA F 75 12.24 -25.58 -93.87
CA ALA F 75 12.45 -26.62 -94.88
C ALA F 75 11.19 -26.81 -95.72
N GLN F 76 11.37 -26.89 -97.03
CA GLN F 76 10.26 -27.15 -97.94
C GLN F 76 9.87 -28.62 -97.90
N ILE G 1 -16.17 -45.63 -64.09
CA ILE G 1 -16.13 -44.76 -62.92
C ILE G 1 -16.34 -43.31 -63.37
N PHE G 2 -15.30 -42.76 -64.01
CA PHE G 2 -15.30 -41.40 -64.57
C PHE G 2 -15.59 -40.35 -63.49
N THR G 3 -14.95 -40.50 -62.34
CA THR G 3 -15.08 -39.54 -61.25
C THR G 3 -14.01 -38.46 -61.36
N VAL G 4 -13.96 -37.58 -60.35
CA VAL G 4 -12.99 -36.48 -60.35
C VAL G 4 -11.57 -37.03 -60.21
N ARG G 5 -11.37 -38.00 -59.31
CA ARG G 5 -10.06 -38.65 -59.18
C ARG G 5 -9.67 -39.36 -60.46
N TRP G 6 -10.63 -40.05 -61.10
CA TRP G 6 -10.38 -40.73 -62.36
C TRP G 6 -9.92 -39.75 -63.42
N LEU G 7 -10.64 -38.62 -63.55
CA LEU G 7 -10.29 -37.63 -64.56
C LEU G 7 -8.92 -37.01 -64.30
N ALA G 8 -8.61 -36.70 -63.04
CA ALA G 8 -7.34 -36.09 -62.72
C ALA G 8 -6.18 -37.04 -62.98
N ILE G 9 -6.30 -38.29 -62.51
CA ILE G 9 -5.20 -39.23 -62.65
C ILE G 9 -5.06 -39.64 -64.10
N HIS G 10 -6.14 -39.61 -64.89
CA HIS G 10 -6.01 -39.93 -66.31
C HIS G 10 -5.42 -38.77 -67.10
N ALA G 11 -5.77 -37.53 -66.74
CA ALA G 11 -5.15 -36.37 -67.37
C ALA G 11 -3.67 -36.28 -67.06
N ILE G 12 -3.24 -36.82 -65.92
CA ILE G 12 -1.81 -36.86 -65.64
C ILE G 12 -1.18 -38.13 -66.24
N ALA G 13 -1.95 -39.20 -66.40
CA ALA G 13 -1.37 -40.48 -66.81
C ALA G 13 -1.22 -40.59 -68.33
N VAL G 14 -2.30 -40.36 -69.08
CA VAL G 14 -2.30 -40.66 -70.52
C VAL G 14 -1.26 -39.86 -71.31
N PRO G 15 -1.17 -38.52 -71.18
CA PRO G 15 -0.13 -37.83 -71.96
C PRO G 15 1.28 -38.10 -71.47
N THR G 16 1.47 -38.36 -70.18
CA THR G 16 2.82 -38.71 -69.71
C THR G 16 3.25 -40.06 -70.27
N ILE G 17 2.35 -41.05 -70.33
CA ILE G 17 2.69 -42.33 -70.94
C ILE G 17 2.97 -42.16 -72.43
N PHE G 18 2.18 -41.32 -73.11
CA PHE G 18 2.43 -41.04 -74.52
C PHE G 18 3.80 -40.41 -74.72
N PHE G 19 4.18 -39.48 -73.84
CA PHE G 19 5.46 -38.80 -73.96
C PHE G 19 6.62 -39.74 -73.64
N LEU G 20 6.45 -40.65 -72.67
CA LEU G 20 7.50 -41.65 -72.40
C LEU G 20 7.68 -42.59 -73.57
N GLY G 21 6.60 -43.08 -74.17
CA GLY G 21 6.72 -43.91 -75.35
C GLY G 21 7.39 -43.17 -76.49
N ALA G 22 7.03 -41.90 -76.64
CA ALA G 22 7.68 -41.03 -77.63
C ALA G 22 9.18 -40.97 -77.38
N ILE G 23 9.60 -40.68 -76.16
CA ILE G 23 11.02 -40.47 -75.88
C ILE G 23 11.80 -41.77 -75.97
N THR G 24 11.18 -42.91 -75.60
CA THR G 24 11.84 -44.19 -75.84
C THR G 24 12.05 -44.44 -77.32
N ALA G 25 11.14 -43.94 -78.17
CA ALA G 25 11.45 -43.96 -79.60
C ALA G 25 12.58 -42.98 -79.92
N MET G 26 12.60 -41.83 -79.23
CA MET G 26 13.56 -40.76 -79.52
C MET G 26 14.99 -41.18 -79.20
N GLN G 27 15.17 -42.12 -78.27
CA GLN G 27 16.49 -42.57 -77.86
C GLN G 27 17.23 -43.34 -78.95
N PHE G 28 16.52 -44.05 -79.84
CA PHE G 28 17.16 -44.84 -80.87
C PHE G 28 17.29 -44.12 -82.20
N ILE G 29 16.94 -42.84 -82.25
CA ILE G 29 17.06 -42.04 -83.46
C ILE G 29 18.50 -41.57 -83.60
N GLN G 30 19.10 -41.79 -84.76
CA GLN G 30 20.46 -41.33 -84.99
C GLN G 30 20.52 -40.51 -86.28
N ARG G 31 21.49 -39.61 -86.30
CA ARG G 31 21.72 -38.72 -87.43
C ARG G 31 22.27 -39.44 -88.65
N GLU H 1 -26.34 9.86 -24.31
CA GLU H 1 -25.36 9.97 -25.37
C GLU H 1 -25.92 10.76 -26.56
N PRO H 2 -25.93 12.09 -26.46
CA PRO H 2 -26.45 12.91 -27.57
C PRO H 2 -25.42 13.31 -28.62
N GLY H 3 -24.14 13.00 -28.41
CA GLY H 3 -23.11 13.25 -29.39
C GLY H 3 -22.90 14.73 -29.69
N ILE H 4 -22.50 14.97 -30.93
CA ILE H 4 -22.31 16.31 -31.45
C ILE H 4 -23.30 16.49 -32.59
N VAL H 5 -24.39 17.20 -32.34
CA VAL H 5 -25.38 17.52 -33.36
C VAL H 5 -24.87 18.75 -34.09
N THR H 6 -24.79 18.64 -35.42
CA THR H 6 -24.08 19.59 -36.27
C THR H 6 -24.95 19.96 -37.46
N PRO H 7 -24.95 21.26 -37.88
CA PRO H 7 -25.81 21.67 -39.02
C PRO H 7 -25.61 20.99 -40.37
N LEU H 8 -24.39 20.88 -40.91
CA LEU H 8 -24.30 20.18 -42.19
C LEU H 8 -24.46 18.69 -41.98
N GLY H 9 -24.17 18.22 -40.76
CA GLY H 9 -24.39 16.82 -40.43
C GLY H 9 -25.86 16.45 -40.48
N THR H 10 -26.73 17.34 -40.00
CA THR H 10 -28.16 17.12 -40.13
C THR H 10 -28.69 17.56 -41.49
N LEU H 11 -27.89 18.32 -42.26
CA LEU H 11 -28.27 18.60 -43.64
C LEU H 11 -28.13 17.35 -44.50
N LEU H 12 -26.91 16.86 -44.66
CA LEU H 12 -26.67 15.67 -45.47
C LEU H 12 -26.74 14.38 -44.66
N ARG H 13 -27.47 14.41 -43.53
CA ARG H 13 -27.82 13.19 -42.81
C ARG H 13 -28.49 12.11 -43.66
N PRO H 14 -29.47 12.41 -44.55
CA PRO H 14 -30.06 11.32 -45.35
C PRO H 14 -29.05 10.58 -46.21
N LEU H 15 -28.01 11.28 -46.69
CA LEU H 15 -26.94 10.68 -47.47
C LEU H 15 -26.15 9.65 -46.68
N ASN H 16 -26.30 9.61 -45.36
CA ASN H 16 -25.74 8.56 -44.53
C ASN H 16 -26.77 7.98 -43.57
N SER H 17 -28.05 8.03 -43.94
CA SER H 17 -29.11 7.59 -43.02
C SER H 17 -29.68 6.22 -43.34
N GLU H 18 -29.13 5.51 -44.33
CA GLU H 18 -29.68 4.21 -44.69
C GLU H 18 -28.60 3.13 -44.74
N ALA H 19 -27.76 3.06 -43.71
CA ALA H 19 -26.82 1.96 -43.60
C ALA H 19 -27.55 0.66 -43.31
N GLY H 20 -27.18 -0.40 -44.00
CA GLY H 20 -27.83 -1.69 -43.88
C GLY H 20 -28.95 -1.92 -44.86
N LYS H 21 -29.44 -0.88 -45.52
CA LYS H 21 -30.48 -1.05 -46.53
C LYS H 21 -29.90 -1.73 -47.76
N VAL H 22 -30.32 -2.97 -48.00
CA VAL H 22 -29.74 -3.80 -49.04
C VAL H 22 -30.87 -4.43 -49.84
N LEU H 23 -30.57 -4.81 -51.08
CA LEU H 23 -31.69 -5.45 -51.78
C LEU H 23 -31.66 -6.95 -51.55
N PRO H 24 -32.82 -7.56 -51.33
CA PRO H 24 -32.86 -9.03 -51.19
C PRO H 24 -32.63 -9.72 -52.53
N GLY H 25 -32.24 -11.00 -52.43
CA GLY H 25 -32.01 -11.75 -53.63
C GLY H 25 -30.73 -11.32 -54.34
N TRP H 26 -30.62 -11.74 -55.60
CA TRP H 26 -29.48 -11.40 -56.45
C TRP H 26 -29.52 -9.98 -57.00
N GLY H 27 -30.69 -9.43 -57.27
CA GLY H 27 -30.73 -8.08 -57.80
C GLY H 27 -30.16 -8.00 -59.20
N THR H 28 -29.39 -6.95 -59.45
CA THR H 28 -28.80 -6.66 -60.76
C THR H 28 -27.39 -7.24 -60.91
N THR H 29 -27.09 -8.35 -60.23
CA THR H 29 -25.78 -8.97 -60.38
C THR H 29 -25.58 -9.58 -61.76
N VAL H 30 -26.66 -10.00 -62.42
CA VAL H 30 -26.55 -10.49 -63.79
C VAL H 30 -26.18 -9.34 -64.73
N LEU H 31 -26.79 -8.17 -64.52
CA LEU H 31 -26.42 -6.98 -65.28
C LEU H 31 -24.98 -6.58 -65.01
N MET H 32 -24.56 -6.71 -63.74
CA MET H 32 -23.15 -6.53 -63.38
C MET H 32 -22.24 -7.45 -64.17
N ALA H 33 -22.59 -8.72 -64.28
CA ALA H 33 -21.78 -9.68 -65.00
C ALA H 33 -21.70 -9.34 -66.48
N VAL H 34 -22.83 -8.93 -67.07
CA VAL H 34 -22.85 -8.53 -68.48
C VAL H 34 -21.96 -7.32 -68.70
N ALA H 35 -22.06 -6.33 -67.82
CA ALA H 35 -21.21 -5.14 -67.93
C ALA H 35 -19.74 -5.49 -67.82
N ILE H 36 -19.39 -6.32 -66.83
CA ILE H 36 -17.99 -6.69 -66.60
C ILE H 36 -17.45 -7.49 -67.79
N LEU H 37 -18.30 -8.31 -68.41
CA LEU H 37 -17.91 -9.01 -69.63
C LEU H 37 -17.57 -8.02 -70.75
N LEU H 38 -18.42 -7.00 -70.92
CA LEU H 38 -18.14 -5.97 -71.92
C LEU H 38 -16.85 -5.21 -71.57
N PHE H 39 -16.62 -4.97 -70.28
CA PHE H 39 -15.40 -4.33 -69.82
C PHE H 39 -14.17 -5.17 -70.16
N ALA H 40 -14.25 -6.48 -69.97
CA ALA H 40 -13.13 -7.35 -70.33
C ALA H 40 -12.86 -7.30 -71.81
N VAL H 41 -13.91 -7.32 -72.63
CA VAL H 41 -13.73 -7.23 -74.08
C VAL H 41 -13.05 -5.91 -74.45
N PHE H 42 -13.50 -4.80 -73.85
CA PHE H 42 -12.92 -3.49 -74.13
C PHE H 42 -11.46 -3.41 -73.67
N LEU H 43 -11.15 -4.01 -72.52
CA LEU H 43 -9.79 -3.97 -71.99
C LEU H 43 -8.84 -4.77 -72.87
N LEU H 44 -9.24 -5.96 -73.32
CA LEU H 44 -8.39 -6.67 -74.28
C LEU H 44 -8.27 -5.93 -75.61
N ILE H 45 -9.32 -5.21 -76.02
CA ILE H 45 -9.24 -4.41 -77.24
C ILE H 45 -8.15 -3.37 -77.12
N ILE H 46 -8.18 -2.56 -76.05
CA ILE H 46 -7.18 -1.51 -75.92
C ILE H 46 -5.80 -2.08 -75.62
N LEU H 47 -5.73 -3.20 -74.89
CA LEU H 47 -4.45 -3.82 -74.57
C LEU H 47 -3.74 -4.33 -75.82
N GLU H 48 -4.46 -5.05 -76.69
CA GLU H 48 -3.81 -5.57 -77.87
C GLU H 48 -3.67 -4.52 -78.97
N ILE H 49 -4.42 -3.42 -78.91
CA ILE H 49 -4.11 -2.30 -79.80
C ILE H 49 -2.79 -1.66 -79.38
N TYR H 50 -2.60 -1.44 -78.08
CA TYR H 50 -1.35 -0.90 -77.57
C TYR H 50 -0.18 -1.86 -77.75
N ASN H 51 -0.46 -3.16 -77.80
CA ASN H 51 0.54 -4.19 -77.99
C ASN H 51 0.98 -4.34 -79.44
N SER H 52 0.34 -3.62 -80.37
CA SER H 52 0.54 -3.75 -81.81
C SER H 52 0.22 -5.16 -82.30
N SER H 53 -0.62 -5.87 -81.56
CA SER H 53 -1.15 -7.17 -81.96
C SER H 53 -2.47 -7.03 -82.68
N LEU H 54 -2.92 -5.80 -82.93
CA LEU H 54 -4.19 -5.52 -83.58
C LEU H 54 -4.01 -4.27 -84.44
N ILE H 55 -3.62 -4.46 -85.69
CA ILE H 55 -3.53 -3.33 -86.61
C ILE H 55 -4.94 -2.96 -87.03
N LEU H 56 -5.15 -1.67 -87.27
CA LEU H 56 -6.42 -1.15 -87.74
C LEU H 56 -6.20 -0.26 -88.96
N ASP H 57 -7.31 0.17 -89.56
CA ASP H 57 -7.23 0.99 -90.77
C ASP H 57 -6.70 2.38 -90.46
N GLY H 58 -7.23 3.03 -89.42
CA GLY H 58 -6.79 4.37 -89.09
C GLY H 58 -5.78 4.48 -87.98
N VAL H 59 -5.59 3.43 -87.19
CA VAL H 59 -4.68 3.44 -86.06
C VAL H 59 -3.28 3.09 -86.56
N THR H 60 -2.31 3.96 -86.27
CA THR H 60 -0.93 3.74 -86.66
C THR H 60 -0.01 3.39 -85.50
N ASN H 61 -0.56 3.28 -84.27
CA ASN H 61 0.07 2.84 -83.01
C ASN H 61 1.55 3.20 -82.90
N SER H 62 1.87 4.46 -83.20
CA SER H 62 3.23 4.94 -83.16
C SER H 62 3.23 6.47 -83.13
N TRP H 63 4.43 7.03 -82.90
CA TRP H 63 4.59 8.48 -82.81
C TRP H 63 4.25 9.18 -84.12
N GLU H 64 4.30 8.45 -85.23
CA GLU H 64 3.91 9.01 -86.53
C GLU H 64 2.44 9.40 -86.56
N SER H 65 1.65 8.93 -85.59
CA SER H 65 0.27 9.38 -85.46
C SER H 65 0.19 10.88 -85.21
N LEU H 66 1.28 11.49 -84.72
CA LEU H 66 1.34 12.94 -84.54
C LEU H 66 1.57 13.68 -85.85
N ALA H 67 1.60 12.97 -86.97
CA ALA H 67 1.78 13.58 -88.29
C ALA H 67 0.55 14.38 -88.71
N MET I 1 60.44 -12.76 -31.95
CA MET I 1 60.24 -13.40 -33.24
C MET I 1 60.24 -14.92 -33.02
N LEU I 2 61.27 -15.41 -32.34
CA LEU I 2 61.25 -16.81 -31.88
C LEU I 2 60.39 -16.95 -30.63
N THR I 3 60.40 -15.93 -29.77
CA THR I 3 59.59 -15.97 -28.57
C THR I 3 58.10 -15.97 -28.89
N LEU I 4 57.70 -15.34 -30.00
CA LEU I 4 56.32 -15.44 -30.45
C LEU I 4 55.94 -16.87 -30.79
N LYS I 5 56.82 -17.58 -31.49
CA LYS I 5 56.56 -18.98 -31.81
C LYS I 5 56.50 -19.83 -30.55
N ILE I 6 57.39 -19.56 -29.59
CA ILE I 6 57.38 -20.30 -28.33
C ILE I 6 56.07 -20.05 -27.57
N PHE I 7 55.63 -18.78 -27.54
CA PHE I 7 54.40 -18.43 -26.85
C PHE I 7 53.19 -19.10 -27.51
N VAL I 8 53.14 -19.10 -28.84
CA VAL I 8 52.03 -19.73 -29.55
C VAL I 8 52.04 -21.24 -29.30
N TYR I 9 53.21 -21.86 -29.35
CA TYR I 9 53.29 -23.29 -29.06
C TYR I 9 52.84 -23.58 -27.63
N THR I 10 53.21 -22.72 -26.68
CA THR I 10 52.81 -22.93 -25.29
C THR I 10 51.30 -22.84 -25.12
N VAL I 11 50.66 -21.83 -25.73
CA VAL I 11 49.21 -21.68 -25.55
C VAL I 11 48.46 -22.78 -26.28
N VAL I 12 48.98 -23.21 -27.45
CA VAL I 12 48.33 -24.30 -28.19
C VAL I 12 48.40 -25.60 -27.40
N THR I 13 49.57 -25.95 -26.88
CA THR I 13 49.68 -27.16 -26.07
C THR I 13 48.90 -27.03 -24.78
N PHE I 14 48.76 -25.82 -24.25
CA PHE I 14 47.97 -25.61 -23.05
C PHE I 14 46.50 -25.96 -23.30
N PHE I 15 45.91 -25.37 -24.34
CA PHE I 15 44.50 -25.60 -24.58
C PHE I 15 44.24 -27.03 -25.06
N VAL I 16 45.20 -27.61 -25.79
CA VAL I 16 45.08 -29.01 -26.21
C VAL I 16 45.14 -29.94 -25.00
N GLY I 17 46.04 -29.69 -24.05
CA GLY I 17 46.12 -30.52 -22.87
C GLY I 17 44.88 -30.41 -22.00
N LEU I 18 44.35 -29.20 -21.83
CA LEU I 18 43.06 -29.04 -21.16
C LEU I 18 41.97 -29.86 -21.85
N PHE I 19 41.94 -29.82 -23.18
CA PHE I 19 40.95 -30.63 -23.92
C PHE I 19 41.11 -32.12 -23.63
N ILE I 20 42.35 -32.62 -23.76
CA ILE I 20 42.61 -34.05 -23.62
C ILE I 20 42.27 -34.53 -22.20
N PHE I 21 42.79 -33.85 -21.19
CA PHE I 21 42.59 -34.34 -19.83
C PHE I 21 41.18 -34.05 -19.33
N GLY I 22 40.53 -33.00 -19.86
CA GLY I 22 39.15 -32.75 -19.50
C GLY I 22 38.22 -33.81 -20.04
N PHE I 23 38.48 -34.31 -21.25
CA PHE I 23 37.67 -35.43 -21.71
C PHE I 23 38.13 -36.74 -21.09
N LEU I 24 39.33 -36.80 -20.51
CA LEU I 24 39.69 -37.98 -19.73
C LEU I 24 39.02 -38.00 -18.36
N SER I 25 38.67 -36.82 -17.80
CA SER I 25 38.20 -36.76 -16.41
C SER I 25 36.74 -37.20 -16.27
N ASN I 26 36.53 -38.50 -16.53
CA ASN I 26 35.23 -39.17 -16.32
C ASN I 26 34.08 -38.43 -17.01
N ASP I 27 34.31 -38.02 -18.26
CA ASP I 27 33.30 -37.25 -18.96
C ASP I 27 31.99 -37.99 -19.28
N PRO I 28 31.94 -39.31 -19.51
CA PRO I 28 30.63 -39.96 -19.69
C PRO I 28 29.69 -39.84 -18.50
N SER I 29 30.21 -39.67 -17.28
CA SER I 29 29.34 -39.58 -16.11
C SER I 29 28.81 -38.17 -15.88
N ARG I 30 29.19 -37.19 -16.69
CA ARG I 30 28.67 -35.83 -16.57
C ARG I 30 27.39 -35.73 -17.40
N ASN I 31 26.35 -36.37 -16.89
CA ASN I 31 25.04 -36.46 -17.52
C ASN I 31 23.95 -36.37 -16.46
N PRO I 32 22.76 -35.89 -16.82
CA PRO I 32 21.70 -35.77 -15.82
C PRO I 32 21.01 -37.08 -15.50
N GLY I 33 20.96 -37.99 -16.47
CA GLY I 33 20.30 -39.27 -16.30
C GLY I 33 21.17 -40.28 -15.56
N LYS I 34 20.63 -41.48 -15.41
CA LYS I 34 21.38 -42.54 -14.76
C LYS I 34 22.48 -43.06 -15.68
N GLY I 35 23.68 -43.13 -15.15
CA GLY I 35 24.83 -43.56 -15.93
C GLY I 35 25.93 -42.51 -15.91
N ILE J 1 -9.12 -58.15 -55.77
CA ILE J 1 -8.47 -57.55 -54.62
C ILE J 1 -7.52 -58.55 -53.97
N GLY J 2 -6.23 -58.20 -53.97
CA GLY J 2 -5.22 -59.08 -53.41
C GLY J 2 -4.81 -60.23 -54.31
N ARG J 3 -5.24 -60.23 -55.57
CA ARG J 3 -4.90 -61.31 -56.48
C ARG J 3 -3.42 -61.24 -56.87
N ILE J 4 -2.88 -60.04 -56.97
CA ILE J 4 -1.45 -59.83 -57.22
C ILE J 4 -0.92 -59.01 -56.05
N PRO J 5 0.26 -59.31 -55.53
CA PRO J 5 0.75 -58.55 -54.36
C PRO J 5 1.13 -57.12 -54.72
N LEU J 6 0.81 -56.20 -53.80
CA LEU J 6 1.16 -54.80 -53.99
C LEU J 6 2.67 -54.62 -54.03
N TRP J 7 3.40 -55.42 -53.25
CA TRP J 7 4.86 -55.35 -53.28
C TRP J 7 5.40 -55.81 -54.62
N LEU J 8 4.80 -56.84 -55.21
CA LEU J 8 5.23 -57.29 -56.53
C LEU J 8 4.90 -56.27 -57.61
N VAL J 9 3.75 -55.59 -57.46
CA VAL J 9 3.37 -54.52 -58.37
C VAL J 9 4.39 -53.38 -58.29
N GLY J 10 4.72 -52.96 -57.07
CA GLY J 10 5.71 -51.90 -56.91
C GLY J 10 7.09 -52.31 -57.41
N THR J 11 7.44 -53.59 -57.24
CA THR J 11 8.73 -54.08 -57.69
C THR J 11 8.82 -54.09 -59.22
N VAL J 12 7.78 -54.57 -59.90
CA VAL J 12 7.84 -54.60 -61.35
C VAL J 12 7.77 -53.19 -61.93
N VAL J 13 7.03 -52.29 -61.26
CA VAL J 13 7.00 -50.88 -61.67
C VAL J 13 8.39 -50.26 -61.50
N GLY J 14 9.06 -50.58 -60.38
CA GLY J 14 10.41 -50.07 -60.17
C GLY J 14 11.41 -50.62 -61.17
N LEU J 15 11.28 -51.90 -61.52
CA LEU J 15 12.15 -52.48 -62.54
C LEU J 15 11.95 -51.78 -63.88
N LEU J 16 10.70 -51.55 -64.26
CA LEU J 16 10.41 -50.87 -65.52
C LEU J 16 10.93 -49.43 -65.50
N ALA J 17 10.77 -48.73 -64.38
CA ALA J 17 11.23 -47.35 -64.28
C ALA J 17 12.75 -47.26 -64.31
N ILE J 18 13.43 -48.16 -63.60
CA ILE J 18 14.89 -48.15 -63.58
C ILE J 18 15.43 -48.50 -64.96
N GLY J 19 14.82 -49.47 -65.64
CA GLY J 19 15.21 -49.77 -67.01
C GLY J 19 14.93 -48.62 -67.96
N LEU J 20 13.85 -47.86 -67.69
CA LEU J 20 13.53 -46.71 -68.50
C LEU J 20 14.59 -45.62 -68.39
N LEU J 21 14.97 -45.29 -67.15
CA LEU J 21 16.06 -44.33 -66.94
C LEU J 21 17.38 -44.87 -67.50
N ALA J 22 17.56 -46.19 -67.46
CA ALA J 22 18.78 -46.79 -67.99
C ALA J 22 18.86 -46.63 -69.51
N ILE J 23 17.77 -46.88 -70.22
CA ILE J 23 17.84 -46.70 -71.67
C ILE J 23 17.87 -45.22 -72.02
N PHE J 24 17.33 -44.35 -71.16
CA PHE J 24 17.47 -42.92 -71.37
C PHE J 24 18.92 -42.49 -71.25
N PHE J 25 19.63 -43.00 -70.24
CA PHE J 25 21.04 -42.66 -70.07
C PHE J 25 21.90 -43.29 -71.17
N TYR J 26 21.49 -44.48 -71.64
CA TYR J 26 22.21 -45.11 -72.75
C TYR J 26 22.05 -44.31 -74.04
N GLY J 27 20.85 -43.79 -74.29
CA GLY J 27 20.61 -43.02 -75.50
C GLY J 27 21.28 -41.66 -75.53
N SER J 28 21.92 -41.24 -74.44
CA SER J 28 22.69 -40.01 -74.46
C SER J 28 24.05 -40.16 -75.13
N TYR J 29 24.59 -41.38 -75.17
CA TYR J 29 25.89 -41.63 -75.78
C TYR J 29 25.81 -41.99 -77.26
N VAL J 30 24.61 -42.29 -77.78
CA VAL J 30 24.44 -42.67 -79.17
C VAL J 30 23.28 -41.86 -79.76
N GLY J 31 23.28 -41.75 -81.08
CA GLY J 31 22.18 -41.06 -81.73
C GLY J 31 22.29 -39.54 -81.62
N LEU J 32 21.14 -38.91 -81.42
CA LEU J 32 21.09 -37.46 -81.30
C LEU J 32 21.68 -37.00 -79.97
N GLY J 33 22.50 -35.96 -80.02
CA GLY J 33 23.16 -35.46 -78.84
C GLY J 33 24.34 -36.29 -78.36
N SER J 34 24.84 -37.19 -79.19
CA SER J 34 25.94 -38.07 -78.80
C SER J 34 27.31 -37.39 -78.85
N SER J 35 27.39 -36.19 -79.45
CA SER J 35 28.64 -35.43 -79.59
C SER J 35 29.70 -36.23 -80.33
N LEU J 36 29.29 -36.94 -81.37
CA LEU J 36 30.24 -37.74 -82.14
C LEU J 36 29.77 -37.91 -83.59
N LYS K 1 42.72 -57.52 -72.93
CA LYS K 1 41.56 -58.38 -73.14
C LYS K 1 41.53 -59.58 -72.22
N LEU K 2 40.35 -60.19 -72.12
CA LEU K 2 40.17 -61.39 -71.34
C LEU K 2 40.93 -62.53 -72.02
N PRO K 3 41.38 -63.54 -71.26
CA PRO K 3 42.13 -64.64 -71.89
C PRO K 3 41.30 -65.44 -72.88
N GLU K 4 42.01 -66.21 -73.70
CA GLU K 4 41.42 -66.90 -74.85
C GLU K 4 40.35 -67.91 -74.45
N ALA K 5 40.59 -68.67 -73.39
CA ALA K 5 39.61 -69.65 -72.93
C ALA K 5 38.36 -69.03 -72.32
N TYR K 6 38.37 -67.72 -72.08
CA TYR K 6 37.27 -67.04 -71.41
C TYR K 6 36.69 -65.91 -72.24
N ALA K 7 37.13 -65.77 -73.49
CA ALA K 7 36.73 -64.64 -74.33
C ALA K 7 35.23 -64.56 -74.61
N PRO K 8 34.51 -65.63 -74.96
CA PRO K 8 33.06 -65.49 -75.16
C PRO K 8 32.28 -65.27 -73.88
N PHE K 9 32.92 -65.31 -72.70
CA PHE K 9 32.24 -65.09 -71.43
C PHE K 9 32.26 -63.63 -71.00
N SER K 10 32.90 -62.76 -71.78
CA SER K 10 32.84 -61.33 -71.50
C SER K 10 31.42 -60.75 -71.43
N PRO K 11 30.40 -61.25 -72.16
CA PRO K 11 29.04 -60.74 -71.87
C PRO K 11 28.53 -61.03 -70.47
N ILE K 12 28.73 -62.24 -69.93
CA ILE K 12 28.24 -62.48 -68.57
C ILE K 12 29.17 -61.82 -67.56
N VAL K 13 30.41 -61.53 -67.96
CA VAL K 13 31.29 -60.73 -67.11
C VAL K 13 30.83 -59.28 -67.03
N ASP K 14 30.40 -58.72 -68.16
CA ASP K 14 30.17 -57.29 -68.30
C ASP K 14 29.05 -56.76 -67.41
N VAL K 15 28.07 -57.60 -67.05
CA VAL K 15 26.96 -57.17 -66.20
C VAL K 15 27.29 -57.28 -64.71
N LEU K 16 28.31 -58.05 -64.34
CA LEU K 16 28.60 -58.32 -62.93
C LEU K 16 28.86 -57.13 -62.01
N PRO K 17 29.37 -55.97 -62.45
CA PRO K 17 29.52 -54.85 -61.50
C PRO K 17 28.24 -54.39 -60.81
N ILE K 18 27.09 -54.43 -61.49
CA ILE K 18 25.88 -53.82 -60.92
C ILE K 18 25.20 -54.68 -59.86
N ILE K 19 25.70 -55.90 -59.62
CA ILE K 19 25.03 -56.80 -58.67
C ILE K 19 24.98 -56.24 -57.25
N PRO K 20 26.02 -55.61 -56.69
CA PRO K 20 25.84 -54.96 -55.38
C PRO K 20 24.77 -53.88 -55.35
N VAL K 21 24.58 -53.13 -56.44
CA VAL K 21 23.45 -52.19 -56.48
C VAL K 21 22.13 -52.95 -56.49
N LEU K 22 22.09 -54.09 -57.18
CA LEU K 22 20.89 -54.93 -57.08
C LEU K 22 20.69 -55.51 -55.69
N PHE K 23 21.75 -55.63 -54.87
CA PHE K 23 21.59 -56.23 -53.55
C PHE K 23 20.79 -55.35 -52.59
N ILE K 24 21.12 -54.05 -52.51
CA ILE K 24 20.36 -53.17 -51.62
C ILE K 24 18.94 -53.01 -52.12
N LEU K 25 18.76 -53.00 -53.45
CA LEU K 25 17.41 -52.96 -54.01
C LEU K 25 16.66 -54.25 -53.71
N LEU K 26 17.35 -55.39 -53.65
CA LEU K 26 16.71 -56.63 -53.23
C LEU K 26 16.30 -56.59 -51.77
N ALA K 27 17.11 -55.93 -50.94
CA ALA K 27 16.71 -55.72 -49.54
C ALA K 27 15.43 -54.90 -49.47
N PHE K 28 15.33 -53.88 -50.32
CA PHE K 28 14.09 -53.09 -50.38
C PHE K 28 12.91 -53.93 -50.89
N VAL K 29 13.17 -54.83 -51.85
CA VAL K 29 12.12 -55.74 -52.33
C VAL K 29 11.62 -56.63 -51.19
N TRP K 30 12.54 -57.20 -50.41
CA TRP K 30 12.16 -58.06 -49.30
C TRP K 30 11.40 -57.28 -48.24
N GLN K 31 11.77 -56.02 -48.03
CA GLN K 31 11.05 -55.20 -47.05
C GLN K 31 9.65 -54.85 -47.54
N ALA K 32 9.49 -54.64 -48.84
CA ALA K 32 8.15 -54.46 -49.39
C ALA K 32 7.35 -55.75 -49.27
N SER K 33 8.00 -56.89 -49.47
CA SER K 33 7.32 -58.19 -49.41
C SER K 33 6.88 -58.52 -47.99
N VAL K 34 7.57 -57.98 -46.99
CA VAL K 34 7.19 -58.24 -45.61
C VAL K 34 6.37 -57.02 -45.15
N SER K 35 6.13 -56.11 -46.10
CA SER K 35 5.30 -54.91 -45.90
C SER K 35 5.86 -53.97 -44.84
N PHE K 36 7.19 -53.93 -44.71
CA PHE K 36 7.90 -52.99 -43.83
C PHE K 36 7.43 -53.08 -42.38
N ARG K 37 7.28 -54.31 -41.89
CA ARG K 37 6.81 -54.50 -40.52
C ARG K 37 7.87 -54.06 -39.51
N MET L 1 -18.31 7.18 -28.35
CA MET L 1 -19.68 7.65 -28.34
C MET L 1 -19.84 8.81 -27.35
N ALA L 2 -18.74 9.13 -26.65
CA ALA L 2 -18.72 10.22 -25.68
C ALA L 2 -17.54 11.14 -25.94
N ARG L 3 -17.25 12.04 -24.99
CA ARG L 3 -16.15 12.96 -25.15
C ARG L 3 -14.77 12.29 -25.19
N PRO L 4 -14.40 11.38 -24.28
CA PRO L 4 -13.17 10.62 -24.48
C PRO L 4 -13.35 9.49 -25.49
N ASN L 5 -12.23 9.09 -26.08
CA ASN L 5 -12.26 8.09 -27.15
C ASN L 5 -12.09 6.70 -26.57
N PRO L 6 -13.11 5.82 -26.69
CA PRO L 6 -12.92 4.43 -26.24
C PRO L 6 -11.99 3.62 -27.12
N ASN L 7 -11.65 4.12 -28.32
CA ASN L 7 -10.76 3.43 -29.24
C ASN L 7 -9.30 3.73 -29.01
N LYS L 8 -8.96 4.47 -27.94
CA LYS L 8 -7.57 4.77 -27.63
C LYS L 8 -6.82 3.50 -27.24
N GLN L 9 -5.65 3.32 -27.82
CA GLN L 9 -4.78 2.20 -27.48
C GLN L 9 -3.37 2.74 -27.27
N VAL L 10 -2.65 2.08 -26.37
CA VAL L 10 -1.28 2.49 -26.05
C VAL L 10 -0.32 1.59 -26.81
N VAL L 11 0.86 2.16 -27.10
CA VAL L 11 1.87 1.50 -27.91
C VAL L 11 2.79 0.71 -26.98
N GLU L 12 3.17 -0.49 -27.42
CA GLU L 12 4.02 -1.38 -26.64
C GLU L 12 5.19 -1.83 -27.52
N LEU L 13 6.41 -1.55 -27.06
CA LEU L 13 7.62 -1.94 -27.78
C LEU L 13 8.52 -2.67 -26.80
N ASN L 14 8.50 -4.00 -26.85
CA ASN L 14 9.33 -4.78 -25.94
C ASN L 14 10.79 -4.75 -26.41
N ARG L 15 11.68 -5.24 -25.54
CA ARG L 15 13.11 -5.16 -25.81
C ARG L 15 13.53 -6.02 -26.99
N SER L 16 12.84 -7.14 -27.22
CA SER L 16 13.17 -7.98 -28.36
C SER L 16 12.87 -7.26 -29.68
N SER L 17 11.72 -6.59 -29.76
CA SER L 17 11.41 -5.83 -30.97
C SER L 17 12.29 -4.59 -31.08
N LEU L 18 12.69 -4.02 -29.94
CA LEU L 18 13.68 -2.96 -29.95
C LEU L 18 14.97 -3.42 -30.61
N TYR L 19 15.51 -4.55 -30.15
CA TYR L 19 16.77 -5.05 -30.68
C TYR L 19 16.63 -5.45 -32.14
N TRP L 20 15.49 -6.04 -32.51
CA TRP L 20 15.26 -6.40 -33.91
C TRP L 20 15.19 -5.17 -34.80
N GLY L 21 14.52 -4.11 -34.33
CA GLY L 21 14.45 -2.89 -35.12
C GLY L 21 15.80 -2.20 -35.25
N LEU L 22 16.57 -2.17 -34.17
CA LEU L 22 17.90 -1.56 -34.22
C LEU L 22 18.81 -2.33 -35.16
N LEU L 23 18.76 -3.67 -35.09
CA LEU L 23 19.54 -4.51 -35.99
C LEU L 23 19.11 -4.29 -37.43
N LEU L 24 17.80 -4.16 -37.66
CA LEU L 24 17.29 -3.90 -39.01
C LEU L 24 17.83 -2.58 -39.56
N ILE L 25 17.77 -1.52 -38.74
CA ILE L 25 18.24 -0.20 -39.20
C ILE L 25 19.73 -0.22 -39.50
N PHE L 26 20.52 -0.87 -38.64
CA PHE L 26 21.96 -0.85 -38.86
C PHE L 26 22.38 -1.80 -39.98
N VAL L 27 21.63 -2.88 -40.23
CA VAL L 27 21.94 -3.73 -41.38
C VAL L 27 21.58 -3.02 -42.68
N LEU L 28 20.44 -2.34 -42.73
CA LEU L 28 20.15 -1.45 -43.86
C LEU L 28 21.24 -0.39 -44.04
N ALA L 29 21.77 0.12 -42.92
CA ALA L 29 22.83 1.12 -42.99
C ALA L 29 24.10 0.56 -43.60
N VAL L 30 24.55 -0.61 -43.12
CA VAL L 30 25.79 -1.18 -43.65
C VAL L 30 25.60 -1.64 -45.09
N LEU L 31 24.35 -1.92 -45.48
CA LEU L 31 24.10 -2.35 -46.85
C LEU L 31 24.07 -1.17 -47.81
N PHE L 32 23.55 -0.02 -47.39
CA PHE L 32 23.33 1.06 -48.34
C PHE L 32 24.27 2.25 -48.17
N SER L 33 25.07 2.30 -47.10
CA SER L 33 26.02 3.40 -46.96
C SER L 33 27.10 3.34 -48.03
N SER L 34 27.57 2.12 -48.34
CA SER L 34 28.58 1.94 -49.38
C SER L 34 28.06 2.33 -50.75
N TYR L 35 26.74 2.31 -50.94
CA TYR L 35 26.15 2.60 -52.23
C TYR L 35 25.77 4.07 -52.36
N ILE L 36 25.33 4.70 -51.27
CA ILE L 36 25.07 6.13 -51.30
C ILE L 36 26.37 6.92 -51.36
N PHE L 37 27.40 6.45 -50.64
CA PHE L 37 28.72 7.07 -50.77
C PHE L 37 29.26 6.90 -52.18
N ASN L 38 29.04 5.74 -52.78
CA ASN L 38 29.31 5.45 -54.20
C ASN L 38 30.76 5.72 -54.60
N GLU M 1 36.50 15.16 -51.10
CA GLU M 1 36.31 16.43 -50.40
C GLU M 1 35.06 16.36 -49.53
N VAL M 2 34.84 15.18 -48.94
CA VAL M 2 33.76 14.86 -48.01
C VAL M 2 32.39 14.94 -48.69
N ASN M 3 31.73 13.80 -48.86
CA ASN M 3 30.39 13.73 -49.46
C ASN M 3 29.34 13.95 -48.37
N ILE M 4 29.08 15.22 -48.10
CA ILE M 4 28.17 15.63 -47.04
C ILE M 4 26.73 15.19 -47.28
N LEU M 5 26.30 15.02 -48.54
CA LEU M 5 24.94 14.54 -48.81
C LEU M 5 24.76 13.11 -48.29
N GLY M 6 25.68 12.21 -48.66
CA GLY M 6 25.64 10.87 -48.13
C GLY M 6 25.87 10.82 -46.64
N LEU M 7 26.71 11.72 -46.12
CA LEU M 7 26.93 11.79 -44.67
C LEU M 7 25.66 12.12 -43.92
N THR M 8 24.94 13.16 -44.34
CA THR M 8 23.72 13.54 -43.63
C THR M 8 22.62 12.51 -43.86
N ALA M 9 22.63 11.84 -45.03
CA ALA M 9 21.65 10.78 -45.27
C ALA M 9 21.86 9.62 -44.30
N THR M 10 23.11 9.16 -44.17
CA THR M 10 23.42 8.09 -43.23
C THR M 10 23.14 8.50 -41.80
N ALA M 11 23.51 9.73 -41.43
CA ALA M 11 23.30 10.22 -40.08
C ALA M 11 21.82 10.28 -39.73
N LEU M 12 20.99 10.77 -40.65
CA LEU M 12 19.56 10.87 -40.37
C LEU M 12 18.90 9.50 -40.33
N PHE M 13 19.27 8.61 -41.26
CA PHE M 13 18.65 7.29 -41.27
C PHE M 13 19.12 6.44 -40.09
N ILE M 14 20.25 6.78 -39.47
CA ILE M 14 20.52 6.17 -38.16
C ILE M 14 19.71 6.84 -37.07
N ILE M 15 19.80 8.17 -36.97
CA ILE M 15 19.36 8.89 -35.78
C ILE M 15 17.84 8.81 -35.60
N ILE M 16 17.07 9.07 -36.67
CA ILE M 16 15.60 9.13 -36.53
C ILE M 16 14.99 7.81 -36.08
N PRO M 17 15.29 6.65 -36.70
CA PRO M 17 14.65 5.41 -36.22
C PRO M 17 15.16 4.93 -34.88
N THR M 18 16.46 5.04 -34.59
CA THR M 18 16.95 4.57 -33.28
C THR M 18 16.38 5.42 -32.15
N SER M 19 16.23 6.72 -32.37
CA SER M 19 15.63 7.59 -31.36
C SER M 19 14.15 7.27 -31.21
N PHE M 20 13.45 7.05 -32.32
CA PHE M 20 12.02 6.74 -32.27
C PHE M 20 11.76 5.44 -31.51
N LEU M 21 12.54 4.40 -31.81
CA LEU M 21 12.38 3.13 -31.09
C LEU M 21 12.81 3.25 -29.64
N LEU M 22 13.79 4.12 -29.34
CA LEU M 22 14.14 4.35 -27.94
C LEU M 22 13.01 5.03 -27.18
N ILE M 23 12.32 5.99 -27.80
CA ILE M 23 11.13 6.58 -27.17
C ILE M 23 10.07 5.53 -26.89
N LEU M 24 9.79 4.68 -27.89
CA LEU M 24 8.75 3.66 -27.68
C LEU M 24 9.16 2.67 -26.60
N TYR M 25 10.45 2.30 -26.55
CA TYR M 25 10.92 1.37 -25.52
C TYR M 25 10.88 2.01 -24.13
N VAL M 26 11.22 3.28 -24.03
CA VAL M 26 11.17 3.97 -22.73
C VAL M 26 9.74 4.06 -22.23
N LYS M 27 8.79 4.42 -23.09
CA LYS M 27 7.40 4.41 -22.64
C LYS M 27 6.85 3.02 -22.39
N THR M 28 7.40 1.98 -23.03
CA THR M 28 6.97 0.63 -22.69
C THR M 28 7.52 0.20 -21.32
N ALA M 29 8.77 0.54 -21.03
CA ALA M 29 9.37 0.18 -19.74
C ALA M 29 8.83 1.02 -18.59
N ALA M 30 8.50 2.29 -18.82
CA ALA M 30 7.97 3.13 -17.76
C ALA M 30 6.52 2.80 -17.45
N SER M 31 5.70 2.59 -18.48
CA SER M 31 4.27 2.33 -18.32
C SER M 31 4.03 0.84 -18.60
N GLU M 32 4.11 0.02 -17.56
CA GLU M 32 3.91 -1.41 -17.70
C GLU M 32 2.43 -1.73 -17.89
N LEU N 1 79.00 -22.08 -46.66
CA LEU N 1 79.29 -23.21 -47.52
C LEU N 1 79.82 -22.76 -48.86
N THR N 2 81.05 -23.18 -49.18
CA THR N 2 81.68 -22.83 -50.44
C THR N 2 81.08 -23.67 -51.57
N TYR N 3 81.57 -23.43 -52.79
CA TYR N 3 81.03 -24.13 -53.95
C TYR N 3 81.32 -25.62 -53.91
N ASP N 4 82.46 -26.02 -53.35
CA ASP N 4 82.76 -27.44 -53.20
C ASP N 4 81.79 -28.09 -52.21
N GLU N 5 81.48 -27.39 -51.11
CA GLU N 5 80.52 -27.91 -50.14
C GLU N 5 79.09 -27.90 -50.65
N LEU N 6 78.73 -26.94 -51.50
CA LEU N 6 77.35 -26.82 -51.96
C LEU N 6 76.96 -27.99 -52.86
N GLN N 7 77.87 -28.44 -53.72
CA GLN N 7 77.54 -29.51 -54.65
C GLN N 7 77.41 -30.86 -53.97
N GLY N 8 77.98 -31.03 -52.78
CA GLY N 8 77.86 -32.28 -52.08
C GLY N 8 76.51 -32.55 -51.46
N LEU N 9 75.73 -31.51 -51.20
CA LEU N 9 74.40 -31.62 -50.62
C LEU N 9 73.37 -31.76 -51.74
N THR N 10 72.39 -32.64 -51.54
CA THR N 10 71.36 -32.82 -52.54
C THR N 10 70.31 -31.71 -52.45
N TYR N 11 69.27 -31.84 -53.27
CA TYR N 11 68.18 -30.87 -53.24
C TYR N 11 67.43 -30.90 -51.92
N LEU N 12 67.20 -32.10 -51.36
CA LEU N 12 66.39 -32.21 -50.16
C LEU N 12 67.11 -31.64 -48.94
N GLN N 13 68.44 -31.65 -48.94
CA GLN N 13 69.18 -31.11 -47.81
C GLN N 13 69.18 -29.59 -47.81
N VAL N 14 68.84 -28.96 -48.93
CA VAL N 14 68.79 -27.51 -49.03
C VAL N 14 67.42 -26.98 -49.40
N LYS N 15 66.43 -27.85 -49.58
CA LYS N 15 65.10 -27.41 -49.97
C LYS N 15 64.43 -26.68 -48.81
N GLY N 16 64.18 -25.40 -48.99
CA GLY N 16 63.55 -24.60 -47.96
C GLY N 16 64.45 -24.22 -46.80
N THR N 17 65.76 -24.39 -46.93
CA THR N 17 66.69 -24.07 -45.86
C THR N 17 67.34 -22.70 -46.00
N GLY N 18 67.13 -22.01 -47.11
CA GLY N 18 67.72 -20.70 -47.32
C GLY N 18 69.14 -20.72 -47.83
N ILE N 19 69.75 -21.90 -47.94
CA ILE N 19 71.14 -21.98 -48.41
C ILE N 19 71.20 -21.68 -49.91
N ALA N 20 70.18 -22.09 -50.67
CA ALA N 20 70.18 -21.88 -52.11
C ALA N 20 70.18 -20.40 -52.50
N ASN N 21 69.68 -19.53 -51.64
CA ASN N 21 69.82 -18.09 -51.84
C ASN N 21 71.25 -17.64 -51.56
N THR N 22 71.96 -18.30 -50.66
CA THR N 22 73.29 -17.86 -50.30
C THR N 22 74.28 -18.23 -51.40
N CYS N 23 74.98 -17.25 -51.88
CA CYS N 23 76.00 -17.50 -52.89
C CYS N 23 77.24 -18.10 -52.24
N PRO N 24 77.89 -19.05 -52.92
CA PRO N 24 79.09 -19.66 -52.35
C PRO N 24 80.22 -18.66 -52.21
N VAL N 25 81.04 -18.87 -51.18
CA VAL N 25 82.12 -17.95 -50.84
C VAL N 25 83.45 -18.68 -51.07
N VAL N 26 84.54 -17.94 -50.85
CA VAL N 26 85.89 -18.47 -50.95
C VAL N 26 86.53 -18.40 -49.57
N GLU N 27 87.00 -19.55 -49.09
CA GLU N 27 87.59 -19.64 -47.76
C GLU N 27 89.10 -19.84 -47.78
N GLN N 28 89.60 -20.73 -48.63
CA GLN N 28 91.03 -21.01 -48.70
C GLN N 28 91.78 -20.09 -49.64
N GLY N 29 91.11 -19.08 -50.20
CA GLY N 29 91.75 -18.17 -51.12
C GLY N 29 92.63 -17.14 -50.43
N THR N 30 93.27 -16.31 -51.26
CA THR N 30 94.19 -15.29 -50.80
C THR N 30 93.65 -13.91 -51.14
N SER N 31 94.15 -12.90 -50.42
CA SER N 31 93.70 -11.53 -50.55
C SER N 31 94.60 -10.70 -51.46
N ASN N 32 95.53 -11.34 -52.20
CA ASN N 32 96.46 -10.59 -53.03
C ASN N 32 95.75 -9.90 -54.20
N VAL N 33 94.76 -10.58 -54.80
CA VAL N 33 93.91 -10.09 -55.90
C VAL N 33 94.69 -9.96 -57.22
N ARG N 34 96.00 -9.80 -57.15
CA ARG N 34 96.85 -9.62 -58.32
C ARG N 34 97.36 -10.94 -58.88
N GLU N 35 96.72 -12.06 -58.54
CA GLU N 35 97.18 -13.38 -58.91
C GLU N 35 96.69 -13.85 -60.27
N LEU N 36 95.91 -13.03 -60.99
CA LEU N 36 95.30 -13.45 -62.24
C LEU N 36 96.12 -12.89 -63.40
N LYS N 37 96.89 -13.76 -64.06
CA LYS N 37 97.82 -13.36 -65.11
C LYS N 37 97.19 -13.10 -66.47
N PRO N 38 96.47 -14.07 -67.11
CA PRO N 38 96.14 -13.88 -68.53
C PRO N 38 94.87 -13.08 -68.79
N GLY N 39 94.51 -12.94 -70.07
CA GLY N 39 93.29 -12.25 -70.46
C GLY N 39 92.41 -13.14 -71.31
N ASP N 40 91.27 -12.58 -71.70
CA ASP N 40 90.22 -13.29 -72.46
C ASP N 40 89.82 -14.57 -71.72
N TYR N 41 89.31 -14.39 -70.51
CA TYR N 41 89.33 -15.48 -69.54
C TYR N 41 87.98 -16.19 -69.39
N LYS N 42 86.87 -15.55 -69.75
CA LYS N 42 85.55 -16.17 -69.90
C LYS N 42 85.07 -16.79 -68.58
N LEU N 43 84.66 -15.90 -67.66
CA LEU N 43 84.12 -16.37 -66.39
C LEU N 43 82.79 -17.10 -66.59
N GLU N 44 82.37 -17.79 -65.54
CA GLU N 44 81.12 -18.56 -65.55
C GLU N 44 80.60 -18.65 -64.11
N LYS N 45 79.32 -18.99 -63.98
CA LYS N 45 78.65 -19.19 -62.70
C LYS N 45 78.72 -17.94 -61.82
N PHE N 46 78.53 -16.78 -62.43
CA PHE N 46 78.46 -15.53 -61.68
C PHE N 46 77.20 -15.53 -60.82
N CYS N 47 77.37 -15.19 -59.54
CA CYS N 47 76.24 -15.14 -58.63
C CYS N 47 76.42 -13.99 -57.65
N MET N 48 75.34 -13.28 -57.40
CA MET N 48 75.32 -12.10 -56.55
C MET N 48 74.18 -12.19 -55.55
N GLU N 49 74.43 -11.71 -54.34
CA GLU N 49 73.43 -11.65 -53.31
C GLU N 49 73.53 -10.27 -52.66
N PRO N 50 72.40 -9.68 -52.29
CA PRO N 50 72.43 -8.39 -51.60
C PRO N 50 72.42 -8.56 -50.09
N THR N 51 72.92 -7.52 -49.41
CA THR N 51 72.92 -7.46 -47.96
C THR N 51 71.98 -6.40 -47.40
N SER N 52 71.77 -5.29 -48.10
CA SER N 52 70.83 -4.28 -47.63
C SER N 52 70.24 -3.55 -48.83
N PHE N 53 68.97 -3.20 -48.72
CA PHE N 53 68.27 -2.38 -49.72
C PHE N 53 67.95 -1.03 -49.09
N THR N 54 68.58 0.02 -49.60
CA THR N 54 68.32 1.38 -49.16
C THR N 54 67.79 2.19 -50.34
N VAL N 55 66.73 2.94 -50.11
CA VAL N 55 66.05 3.71 -51.15
C VAL N 55 66.33 5.19 -50.93
N LYS N 56 66.72 5.88 -52.01
CA LYS N 56 66.92 7.32 -51.96
C LYS N 56 65.60 8.02 -51.65
N GLU N 57 65.64 8.97 -50.72
CA GLU N 57 64.47 9.70 -50.26
C GLU N 57 64.58 11.14 -50.75
N GLU N 58 63.78 11.49 -51.75
CA GLU N 58 63.79 12.83 -52.32
C GLU N 58 62.88 13.72 -51.48
N ASP N 59 63.47 14.69 -50.80
CA ASP N 59 62.74 15.60 -49.93
C ASP N 59 62.70 16.98 -50.57
N ALA N 60 61.66 17.75 -50.25
CA ALA N 60 61.56 19.12 -50.72
C ALA N 60 62.21 20.10 -49.75
N LYS N 61 63.45 19.78 -49.34
CA LYS N 61 64.25 20.69 -48.56
C LYS N 61 65.73 20.65 -48.93
N GLY N 62 66.14 19.73 -49.80
CA GLY N 62 67.46 19.78 -50.40
C GLY N 62 68.62 19.10 -49.68
N ARG N 63 68.52 17.79 -49.42
CA ARG N 63 69.70 17.05 -49.00
C ARG N 63 69.57 15.61 -49.48
N GLU N 64 70.73 14.96 -49.63
CA GLU N 64 70.84 13.61 -50.17
C GLU N 64 70.98 12.63 -49.02
N GLU N 65 70.07 11.67 -48.95
CA GLU N 65 70.07 10.76 -47.81
C GLU N 65 69.35 9.47 -48.21
N PHE N 66 70.04 8.35 -48.00
CA PHE N 66 69.50 7.02 -48.27
C PHE N 66 68.95 6.43 -46.99
N VAL N 67 67.68 6.03 -47.00
CA VAL N 67 67.01 5.54 -45.81
C VAL N 67 66.94 4.02 -45.87
N LYS N 68 67.07 3.40 -44.70
CA LYS N 68 66.96 1.95 -44.61
C LYS N 68 65.51 1.53 -44.83
N THR N 69 65.33 0.42 -45.53
CA THR N 69 63.99 -0.07 -45.86
C THR N 69 63.87 -1.54 -45.49
N LYS N 70 62.64 -2.03 -45.49
CA LYS N 70 62.31 -3.36 -45.00
C LYS N 70 61.66 -4.15 -46.12
N LEU N 71 62.14 -5.38 -46.35
CA LEU N 71 61.75 -6.15 -47.52
C LEU N 71 60.39 -6.82 -47.36
N LEU N 72 59.59 -6.79 -48.44
CA LEU N 72 58.29 -7.46 -48.46
C LEU N 72 58.37 -8.87 -49.01
N THR N 73 58.88 -9.01 -50.24
CA THR N 73 59.00 -10.30 -50.88
C THR N 73 60.08 -11.13 -50.17
N ARG N 74 59.88 -12.44 -50.15
CA ARG N 74 60.84 -13.34 -49.55
C ARG N 74 62.02 -13.63 -50.45
N LEU N 75 62.75 -14.69 -50.13
CA LEU N 75 64.11 -14.93 -50.61
C LEU N 75 64.12 -15.23 -52.10
N THR N 76 63.84 -14.19 -52.91
CA THR N 76 63.90 -14.27 -54.36
C THR N 76 64.96 -13.33 -54.92
N TYR N 77 65.78 -12.71 -54.05
CA TYR N 77 66.66 -11.61 -54.50
C TYR N 77 68.08 -12.03 -54.90
N GLY N 78 68.34 -13.32 -55.11
CA GLY N 78 69.64 -13.74 -55.60
C GLY N 78 69.74 -13.60 -57.11
N LEU N 79 70.97 -13.43 -57.57
CA LEU N 79 71.31 -13.46 -58.98
C LEU N 79 72.14 -14.69 -59.21
N ASP N 80 71.89 -15.42 -60.30
CA ASP N 80 72.56 -16.70 -60.42
C ASP N 80 72.59 -17.16 -61.88
N GLY N 81 73.55 -18.03 -62.16
CA GLY N 81 73.64 -18.73 -63.43
C GLY N 81 73.90 -17.88 -64.67
N MET N 82 74.76 -16.87 -64.56
CA MET N 82 75.09 -16.04 -65.71
C MET N 82 76.60 -16.10 -65.94
N ASN N 83 76.98 -15.87 -67.20
CA ASN N 83 78.38 -15.96 -67.61
C ASN N 83 78.80 -14.71 -68.37
N GLY N 84 79.98 -14.76 -68.98
CA GLY N 84 80.48 -13.61 -69.75
C GLY N 84 81.90 -13.83 -70.20
N SER N 85 82.68 -12.75 -70.15
CA SER N 85 84.08 -12.82 -70.51
C SER N 85 84.90 -11.87 -69.64
N MET N 86 86.02 -12.36 -69.12
CA MET N 86 86.98 -11.56 -68.36
C MET N 86 88.16 -11.21 -69.26
N LYS N 87 88.35 -9.91 -69.50
CA LYS N 87 89.48 -9.40 -70.26
C LYS N 87 90.32 -8.58 -69.28
N ILE N 88 91.30 -9.24 -68.66
CA ILE N 88 92.15 -8.62 -67.67
C ILE N 88 93.61 -8.71 -68.11
N ASN N 89 94.32 -7.59 -68.05
CA ASN N 89 95.69 -7.52 -68.53
C ASN N 89 96.67 -7.70 -67.38
N ASN N 90 97.97 -7.52 -67.69
CA ASN N 90 99.00 -7.72 -66.68
C ASN N 90 99.04 -6.57 -65.69
N ASP N 91 98.81 -5.33 -66.15
CA ASP N 91 98.86 -4.18 -65.26
C ASP N 91 97.68 -4.18 -64.28
N GLY N 92 96.52 -4.64 -64.72
CA GLY N 92 95.38 -4.73 -63.82
C GLY N 92 94.07 -4.19 -64.38
N SER N 93 94.07 -3.76 -65.64
CA SER N 93 92.85 -3.26 -66.26
C SER N 93 91.85 -4.40 -66.43
N VAL N 94 90.62 -4.18 -65.97
CA VAL N 94 89.58 -5.20 -65.96
C VAL N 94 88.48 -4.79 -66.91
N GLU N 95 88.15 -5.67 -67.85
CA GLU N 95 87.01 -5.48 -68.75
C GLU N 95 86.02 -6.59 -68.42
N PHE N 96 84.94 -6.22 -67.74
CA PHE N 96 83.91 -7.18 -67.34
C PHE N 96 82.79 -7.22 -68.36
N ARG N 97 82.22 -8.41 -68.54
CA ARG N 97 81.15 -8.58 -69.52
C ARG N 97 80.18 -9.64 -69.01
N GLU N 98 78.89 -9.44 -69.26
CA GLU N 98 77.84 -10.41 -68.98
C GLU N 98 76.88 -10.45 -70.16
N ASP N 99 76.68 -11.64 -70.71
CA ASP N 99 75.85 -11.80 -71.90
C ASP N 99 74.49 -12.42 -71.63
N GLU N 100 74.45 -13.58 -70.98
CA GLU N 100 73.20 -14.31 -70.79
C GLU N 100 73.18 -14.89 -69.38
N GLY N 101 71.99 -15.30 -68.95
CA GLY N 101 71.77 -15.88 -67.65
C GLY N 101 70.65 -15.18 -66.90
N LEU N 102 70.33 -15.74 -65.73
CA LEU N 102 69.30 -15.18 -64.86
C LEU N 102 69.86 -13.95 -64.17
N ASP N 103 69.75 -12.81 -64.86
CA ASP N 103 70.32 -11.56 -64.39
C ASP N 103 69.25 -10.55 -63.98
N TYR N 104 68.23 -11.00 -63.25
CA TYR N 104 67.13 -10.13 -62.87
C TYR N 104 66.40 -10.73 -61.68
N ALA N 105 65.69 -9.87 -60.95
CA ALA N 105 64.91 -10.29 -59.80
C ALA N 105 63.87 -9.23 -59.50
N ALA N 106 62.59 -9.61 -59.54
CA ALA N 106 61.52 -8.70 -59.16
C ALA N 106 61.42 -8.67 -57.65
N THR N 107 61.64 -7.49 -57.07
CA THR N 107 61.71 -7.36 -55.62
C THR N 107 60.90 -6.15 -55.18
N THR N 108 60.16 -6.30 -54.08
CA THR N 108 59.34 -5.23 -53.52
C THR N 108 59.84 -4.92 -52.11
N VAL N 109 60.01 -3.64 -51.81
CA VAL N 109 60.53 -3.21 -50.52
C VAL N 109 59.67 -2.03 -50.05
N LYS N 110 59.63 -1.81 -48.74
CA LYS N 110 58.76 -0.81 -48.12
C LYS N 110 59.56 0.39 -47.67
N LEU N 111 59.24 1.55 -48.20
CA LEU N 111 59.75 2.78 -47.62
C LEU N 111 59.14 2.96 -46.25
N PRO N 112 59.86 3.61 -45.32
CA PRO N 112 59.25 3.92 -44.02
C PRO N 112 58.04 4.81 -44.20
N GLY N 113 57.01 4.56 -43.39
CA GLY N 113 55.73 5.21 -43.56
C GLY N 113 54.71 4.43 -44.34
N GLY N 114 55.11 3.32 -44.96
CA GLY N 114 54.14 2.43 -45.60
C GLY N 114 53.87 2.72 -47.06
N GLU N 115 54.93 2.77 -47.87
CA GLU N 115 54.79 2.92 -49.32
C GLU N 115 55.50 1.77 -50.01
N TYR N 116 54.85 1.17 -50.99
CA TYR N 116 55.42 0.03 -51.70
C TYR N 116 56.37 0.49 -52.79
N VAL N 117 57.58 -0.04 -52.79
CA VAL N 117 58.59 0.25 -53.79
C VAL N 117 58.93 -1.04 -54.52
N PRO N 118 58.27 -1.33 -55.64
CA PRO N 118 58.65 -2.50 -56.43
C PRO N 118 59.63 -2.14 -57.53
N PHE N 119 60.53 -3.09 -57.81
CA PHE N 119 61.54 -2.88 -58.84
C PHE N 119 62.09 -4.24 -59.28
N LEU N 120 62.76 -4.23 -60.42
CA LEU N 120 63.35 -5.42 -61.03
C LEU N 120 64.86 -5.28 -60.90
N PHE N 121 65.47 -6.16 -60.14
CA PHE N 121 66.89 -6.08 -59.80
C PHE N 121 67.75 -6.67 -60.92
N THR N 122 68.02 -5.91 -61.98
CA THR N 122 68.73 -6.40 -63.14
C THR N 122 70.17 -5.92 -63.15
N ILE N 123 71.05 -6.77 -63.69
CA ILE N 123 72.46 -6.47 -63.94
C ILE N 123 72.68 -6.85 -65.41
N LYS N 124 71.59 -6.86 -66.18
CA LYS N 124 71.65 -7.26 -67.58
C LYS N 124 72.47 -6.27 -68.40
N GLU N 125 73.35 -6.82 -69.24
CA GLU N 125 74.26 -6.05 -70.12
C GLU N 125 75.12 -5.08 -69.31
N PHE N 126 75.94 -5.64 -68.42
CA PHE N 126 76.78 -4.85 -67.53
C PHE N 126 78.23 -4.94 -68.02
N ASP N 127 78.80 -3.80 -68.39
CA ASP N 127 80.18 -3.71 -68.85
C ASP N 127 81.00 -3.03 -67.76
N GLY N 128 81.98 -3.75 -67.22
CA GLY N 128 82.76 -3.22 -66.12
C GLY N 128 84.20 -2.89 -66.47
N LYS N 129 84.56 -1.61 -66.43
CA LYS N 129 85.90 -1.15 -66.76
C LYS N 129 86.56 -0.58 -65.52
N GLY N 130 87.84 -0.89 -65.33
CA GLY N 130 88.59 -0.36 -64.22
C GLY N 130 89.69 -1.33 -63.81
N THR N 131 90.21 -1.11 -62.61
CA THR N 131 91.30 -1.91 -62.06
C THR N 131 90.65 -3.01 -61.21
N LEU N 132 91.45 -3.96 -60.70
CA LEU N 132 90.92 -5.04 -59.88
C LEU N 132 90.26 -4.52 -58.60
N ASP N 133 90.74 -3.38 -58.09
CA ASP N 133 90.21 -2.85 -56.84
C ASP N 133 88.80 -2.28 -57.01
N SER N 134 88.54 -1.60 -58.13
CA SER N 134 87.23 -1.01 -58.35
C SER N 134 87.01 -0.83 -59.84
N PHE N 135 86.11 -1.63 -60.43
CA PHE N 135 85.72 -1.50 -61.82
C PHE N 135 84.21 -1.32 -61.89
N SER N 136 83.76 -0.32 -62.64
CA SER N 136 82.35 0.04 -62.68
C SER N 136 81.88 0.14 -64.12
N GLY N 137 80.63 0.55 -64.28
CA GLY N 137 80.04 0.68 -65.60
C GLY N 137 78.53 0.86 -65.49
N ASP N 138 77.84 0.57 -66.59
CA ASP N 138 76.39 0.72 -66.67
C ASP N 138 75.75 -0.58 -67.13
N PHE N 139 74.54 -0.82 -66.66
CA PHE N 139 73.78 -2.02 -67.01
C PHE N 139 72.37 -1.64 -67.44
N LEU N 140 71.87 -2.38 -68.43
CA LEU N 140 70.54 -2.11 -68.97
C LEU N 140 69.45 -2.68 -68.06
N VAL N 141 68.43 -1.87 -67.80
CA VAL N 141 67.35 -2.24 -66.89
C VAL N 141 66.00 -2.18 -67.61
N PRO N 142 65.30 -3.30 -67.76
CA PRO N 142 63.88 -3.23 -68.18
C PRO N 142 63.08 -2.52 -67.09
N SER N 143 62.00 -1.85 -67.52
CA SER N 143 61.30 -0.93 -66.63
C SER N 143 60.72 -1.62 -65.40
N TYR N 144 59.63 -2.37 -65.55
CA TYR N 144 59.35 -3.42 -64.58
C TYR N 144 58.69 -4.62 -65.25
N ARG N 145 57.82 -4.34 -66.21
CA ARG N 145 56.86 -5.31 -66.71
C ARG N 145 56.89 -5.32 -68.24
N GLY N 146 56.27 -6.35 -68.81
CA GLY N 146 56.21 -6.46 -70.25
C GLY N 146 55.19 -5.53 -70.87
N SER N 147 55.13 -5.56 -72.21
CA SER N 147 54.19 -4.74 -72.95
C SER N 147 52.78 -5.29 -72.90
N THR N 148 52.61 -6.57 -72.58
CA THR N 148 51.31 -7.21 -72.55
C THR N 148 50.64 -7.16 -71.18
N PHE N 149 51.27 -6.52 -70.20
CA PHE N 149 50.68 -6.39 -68.88
C PHE N 149 49.46 -5.48 -68.93
N LEU N 150 48.43 -5.82 -68.14
CA LEU N 150 47.21 -5.05 -68.05
C LEU N 150 47.02 -4.58 -66.61
N ASP N 151 46.49 -3.38 -66.44
CA ASP N 151 46.29 -2.80 -65.12
C ASP N 151 44.92 -3.24 -64.60
N PRO N 152 44.51 -2.77 -63.38
CA PRO N 152 43.13 -2.94 -62.93
C PRO N 152 42.01 -2.71 -63.94
N LYS N 153 42.19 -1.76 -64.86
CA LYS N 153 41.09 -1.40 -65.75
C LYS N 153 41.55 -1.65 -67.19
N GLY N 154 42.17 -2.80 -67.43
CA GLY N 154 42.68 -3.09 -68.75
C GLY N 154 43.87 -2.23 -69.10
N ARG N 155 43.63 -1.24 -69.97
CA ARG N 155 44.60 -0.22 -70.38
C ARG N 155 45.86 -0.84 -70.97
N GLY N 156 46.93 -0.92 -70.19
CA GLY N 156 48.13 -1.62 -70.60
C GLY N 156 48.88 -0.98 -71.75
N GLY N 157 49.82 -1.74 -72.29
CA GLY N 157 50.71 -1.30 -73.34
C GLY N 157 50.33 -1.81 -74.72
N ALA N 158 50.92 -2.92 -75.14
CA ALA N 158 50.57 -3.52 -76.42
C ALA N 158 49.11 -3.94 -76.44
N THR N 159 48.74 -4.94 -75.66
CA THR N 159 47.35 -5.35 -75.56
C THR N 159 46.66 -4.55 -74.45
N GLY N 160 45.32 -4.54 -74.50
CA GLY N 160 44.56 -3.90 -73.45
C GLY N 160 43.50 -2.98 -74.00
N TYR N 161 43.08 -2.05 -73.13
CA TYR N 161 41.96 -1.16 -73.38
C TYR N 161 42.37 0.26 -73.75
N ASP N 162 43.58 0.68 -73.36
CA ASP N 162 44.20 2.02 -73.47
C ASP N 162 43.24 3.17 -73.13
N ASN N 163 42.27 2.93 -72.25
CA ASN N 163 41.42 3.96 -71.67
C ASN N 163 40.69 3.37 -70.46
N ALA N 164 40.02 4.22 -69.71
CA ALA N 164 39.21 3.79 -68.57
C ALA N 164 37.79 3.53 -69.05
N ILE N 165 37.41 2.26 -69.15
CA ILE N 165 36.13 1.93 -69.78
C ILE N 165 34.95 2.27 -68.86
N ALA N 166 35.17 2.27 -67.53
CA ALA N 166 34.05 2.54 -66.63
C ALA N 166 33.96 4.03 -66.33
N LEU N 167 34.05 4.86 -67.38
CA LEU N 167 33.96 6.30 -67.35
C LEU N 167 33.72 6.78 -68.78
N PRO N 168 32.46 6.90 -69.22
CA PRO N 168 32.20 7.35 -70.60
C PRO N 168 32.73 8.73 -70.92
N ALA N 169 32.87 9.61 -69.93
CA ALA N 169 33.47 10.93 -70.14
C ALA N 169 34.95 10.83 -69.77
N LYS N 170 35.79 10.63 -70.78
CA LYS N 170 37.20 10.37 -70.55
C LYS N 170 38.01 10.96 -71.71
N ALA N 171 39.30 10.59 -71.77
CA ALA N 171 40.23 10.99 -72.83
C ALA N 171 40.34 12.52 -72.92
N ASP N 172 40.80 13.12 -71.83
CA ASP N 172 40.93 14.56 -71.71
C ASP N 172 42.20 14.86 -70.92
N ALA N 173 42.28 16.08 -70.39
CA ALA N 173 43.38 16.44 -69.51
C ALA N 173 43.29 15.65 -68.20
N ASP N 174 44.44 15.55 -67.53
CA ASP N 174 44.68 14.79 -66.30
C ASP N 174 44.47 13.29 -66.49
N GLU N 175 44.37 12.80 -67.74
CA GLU N 175 44.19 11.39 -68.01
C GLU N 175 45.17 10.83 -69.03
N ILE N 176 45.76 11.67 -69.88
CA ILE N 176 46.73 11.22 -70.88
C ILE N 176 47.96 10.63 -70.20
N GLN N 177 48.36 11.21 -69.06
CA GLN N 177 49.48 10.68 -68.28
C GLN N 177 49.21 9.26 -67.82
N ARG N 178 47.93 8.90 -67.63
CA ARG N 178 47.57 7.59 -67.11
C ARG N 178 46.94 6.67 -68.13
N LEU N 179 46.25 7.21 -69.13
CA LEU N 179 45.65 6.39 -70.17
C LEU N 179 46.54 6.29 -71.42
N ASN N 180 46.84 7.44 -72.02
CA ASN N 180 47.43 7.46 -73.36
C ASN N 180 48.92 7.15 -73.38
N ASN N 181 49.67 7.50 -72.34
CA ASN N 181 51.11 7.38 -72.42
C ASN N 181 51.59 5.94 -72.31
N LYS N 182 51.41 5.33 -71.13
CA LYS N 182 51.76 3.94 -70.85
C LYS N 182 53.18 3.59 -71.30
N SER N 183 54.15 4.35 -70.80
CA SER N 183 55.52 4.22 -71.26
C SER N 183 56.23 3.04 -70.59
N TYR N 184 57.12 2.38 -71.35
CA TYR N 184 57.94 1.29 -70.85
C TYR N 184 59.40 1.46 -71.28
N THR N 185 59.93 2.68 -71.24
CA THR N 185 61.29 2.91 -71.71
C THR N 185 62.30 2.26 -70.77
N PRO N 186 63.34 1.63 -71.29
CA PRO N 186 64.33 0.99 -70.42
C PRO N 186 65.23 2.01 -69.73
N GLY N 187 65.61 1.69 -68.49
CA GLY N 187 66.45 2.55 -67.71
C GLY N 187 67.89 2.08 -67.65
N LYS N 188 68.75 2.98 -67.18
CA LYS N 188 70.17 2.69 -67.01
C LYS N 188 70.56 2.93 -65.56
N GLY N 189 71.40 2.03 -65.05
CA GLY N 189 71.88 2.13 -63.69
C GLY N 189 73.37 1.90 -63.62
N SER N 190 73.97 2.41 -62.55
CA SER N 190 75.41 2.35 -62.36
C SER N 190 75.74 1.44 -61.18
N ALA N 191 76.68 0.53 -61.39
CA ALA N 191 77.16 -0.35 -60.34
C ALA N 191 78.68 -0.35 -60.31
N VAL N 192 79.24 -0.35 -59.10
CA VAL N 192 80.68 -0.42 -58.89
C VAL N 192 80.99 -1.73 -58.18
N PHE N 193 82.04 -2.41 -58.63
CA PHE N 193 82.42 -3.71 -58.10
C PHE N 193 83.76 -3.60 -57.38
N SER N 194 84.14 -4.69 -56.70
CA SER N 194 85.43 -4.79 -56.05
C SER N 194 85.77 -6.26 -55.87
N VAL N 195 86.99 -6.63 -56.25
CA VAL N 195 87.44 -8.02 -56.22
C VAL N 195 88.24 -8.23 -54.95
N ALA N 196 87.92 -9.29 -54.22
CA ALA N 196 88.67 -9.65 -53.02
C ALA N 196 88.63 -11.17 -52.86
N LYS N 197 89.58 -11.69 -52.08
CA LYS N 197 89.65 -13.09 -51.67
C LYS N 197 89.68 -14.02 -52.89
N VAL N 198 90.74 -13.86 -53.68
CA VAL N 198 90.89 -14.63 -54.90
C VAL N 198 91.48 -15.99 -54.58
N ASP N 199 91.14 -16.99 -55.40
CA ASP N 199 91.73 -18.31 -55.32
C ASP N 199 92.51 -18.57 -56.60
N THR N 200 93.80 -18.87 -56.46
CA THR N 200 94.71 -18.94 -57.60
C THR N 200 94.67 -20.29 -58.31
N GLU N 201 94.69 -21.38 -57.56
CA GLU N 201 94.81 -22.70 -58.17
C GLU N 201 93.54 -23.16 -58.86
N THR N 202 92.39 -22.54 -58.58
CA THR N 202 91.13 -22.96 -59.19
C THR N 202 90.30 -21.81 -59.74
N GLY N 203 90.72 -20.56 -59.55
CA GLY N 203 90.01 -19.43 -60.12
C GLY N 203 88.66 -19.15 -59.49
N GLU N 204 88.66 -18.72 -58.23
CA GLU N 204 87.42 -18.36 -57.55
C GLU N 204 87.59 -16.97 -56.95
N ILE N 205 86.69 -16.07 -57.32
CA ILE N 205 86.76 -14.67 -56.90
C ILE N 205 85.42 -14.28 -56.25
N ALA N 206 85.50 -13.53 -55.14
CA ALA N 206 84.30 -13.19 -54.37
C ALA N 206 84.55 -11.92 -53.57
N GLY N 207 84.02 -10.80 -54.08
CA GLY N 207 84.12 -9.53 -53.41
C GLY N 207 82.78 -8.98 -52.98
N VAL N 208 82.72 -7.65 -52.87
CA VAL N 208 81.47 -6.94 -52.54
C VAL N 208 81.18 -5.97 -53.67
N PHE N 209 79.91 -5.55 -53.75
CA PHE N 209 79.45 -4.71 -54.84
C PHE N 209 78.45 -3.68 -54.32
N GLU N 210 78.33 -2.58 -55.06
CA GLU N 210 77.37 -1.53 -54.75
C GLU N 210 76.73 -1.08 -56.05
N SER N 211 75.41 -1.22 -56.13
CA SER N 211 74.68 -0.95 -57.36
C SER N 211 73.64 0.14 -57.14
N ILE N 212 73.54 1.04 -58.11
CA ILE N 212 72.54 2.10 -58.13
C ILE N 212 71.68 1.86 -59.36
N GLN N 213 70.36 1.71 -59.16
CA GLN N 213 69.45 1.51 -60.28
C GLN N 213 68.16 2.26 -59.99
N PRO N 214 67.45 2.70 -61.02
CA PRO N 214 66.19 3.40 -60.80
C PRO N 214 65.09 2.45 -60.34
N SER N 215 64.05 3.01 -59.75
CA SER N 215 62.90 2.24 -59.31
C SER N 215 61.93 2.10 -60.47
N ASP N 216 60.73 1.58 -60.19
CA ASP N 216 59.72 1.44 -61.22
C ASP N 216 59.05 2.78 -61.45
N THR N 217 58.73 3.06 -62.71
CA THR N 217 57.92 4.20 -63.10
C THR N 217 56.46 3.80 -63.29
N GLU N 218 56.08 2.64 -62.75
CA GLU N 218 54.86 1.92 -63.09
C GLU N 218 54.76 1.79 -64.60
N MET N 219 53.85 2.54 -65.20
CA MET N 219 53.73 2.68 -66.64
C MET N 219 53.55 4.15 -67.02
N GLY N 220 54.47 4.99 -66.55
CA GLY N 220 54.39 6.42 -66.80
C GLY N 220 53.58 7.20 -65.82
N ALA N 221 53.05 6.55 -64.77
CA ALA N 221 52.25 7.25 -63.78
C ALA N 221 53.09 8.18 -62.91
N HIS N 222 54.19 7.67 -62.36
CA HIS N 222 55.05 8.42 -61.47
C HIS N 222 56.50 8.27 -61.88
N PRO N 223 57.34 9.26 -61.58
CA PRO N 223 58.76 9.13 -61.88
C PRO N 223 59.45 8.10 -60.98
N ALA N 224 60.57 7.59 -61.45
CA ALA N 224 61.29 6.54 -60.74
C ALA N 224 62.07 7.09 -59.56
N LYS N 225 62.20 6.28 -58.52
CA LYS N 225 63.08 6.57 -57.39
C LYS N 225 64.46 5.96 -57.65
N ASP N 226 65.28 5.94 -56.61
CA ASP N 226 66.63 5.39 -56.69
C ASP N 226 66.89 4.48 -55.51
N ILE N 227 67.50 3.32 -55.77
CA ILE N 227 67.78 2.33 -54.74
C ILE N 227 69.27 2.05 -54.73
N LYS N 228 69.87 2.08 -53.55
CA LYS N 228 71.26 1.70 -53.34
C LYS N 228 71.29 0.29 -52.77
N ILE N 229 71.86 -0.64 -53.53
CA ILE N 229 71.88 -2.06 -53.15
C ILE N 229 73.34 -2.46 -52.97
N THR N 230 73.65 -3.04 -51.82
CA THR N 230 74.98 -3.56 -51.53
C THR N 230 74.88 -5.03 -51.15
N GLY N 231 75.97 -5.75 -51.35
CA GLY N 231 75.98 -7.16 -51.01
C GLY N 231 77.25 -7.83 -51.50
N LEU N 232 77.17 -9.15 -51.58
CA LEU N 232 78.28 -10.00 -51.98
C LEU N 232 78.10 -10.46 -53.42
N TRP N 233 79.22 -10.70 -54.09
CA TRP N 233 79.21 -11.27 -55.43
C TRP N 233 80.28 -12.34 -55.52
N TYR N 234 80.06 -13.31 -56.41
CA TYR N 234 80.97 -14.43 -56.57
C TYR N 234 80.87 -14.96 -58.00
N GLY N 235 82.00 -15.41 -58.54
CA GLY N 235 82.02 -15.95 -59.88
C GLY N 235 83.15 -16.93 -60.13
N GLN N 236 82.83 -18.08 -60.70
CA GLN N 236 83.85 -19.05 -61.05
C GLN N 236 84.66 -18.54 -62.24
N LEU N 237 85.99 -18.59 -62.10
CA LEU N 237 86.88 -17.93 -63.05
C LEU N 237 87.80 -18.99 -63.67
N THR N 238 87.34 -19.59 -64.77
CA THR N 238 88.10 -20.62 -65.47
C THR N 238 88.41 -20.21 -66.90
N ALA O 1 5.96 -29.47 -93.91
CA ALA O 1 6.65 -30.01 -95.08
C ALA O 1 6.20 -31.45 -95.37
N TYR O 2 6.99 -32.15 -96.18
CA TYR O 2 6.66 -33.52 -96.54
C TYR O 2 6.88 -34.46 -95.36
N GLY O 3 6.20 -35.61 -95.40
CA GLY O 3 6.28 -36.60 -94.34
C GLY O 3 7.25 -37.71 -94.69
N GLU O 4 8.13 -38.03 -93.73
CA GLU O 4 9.12 -39.07 -93.91
C GLU O 4 9.43 -39.70 -92.55
N GLY O 5 9.85 -40.96 -92.58
CA GLY O 5 10.10 -41.68 -91.35
C GLY O 5 11.43 -41.29 -90.72
N ALA O 6 11.39 -41.08 -89.40
CA ALA O 6 12.59 -40.72 -88.66
C ALA O 6 13.58 -41.88 -88.65
N ASN O 7 14.87 -41.53 -88.70
CA ASN O 7 15.94 -42.53 -88.86
C ASN O 7 16.13 -43.31 -87.56
N VAL O 8 15.30 -44.34 -87.40
CA VAL O 8 15.43 -45.28 -86.30
C VAL O 8 15.92 -46.61 -86.88
N PHE O 9 17.06 -47.09 -86.38
CA PHE O 9 17.74 -48.29 -86.89
C PHE O 9 18.03 -48.18 -88.38
N GLY O 10 18.70 -47.09 -88.75
CA GLY O 10 18.97 -46.84 -90.16
C GLY O 10 20.34 -46.27 -90.48
N ARG O 11 21.34 -46.61 -89.64
CA ARG O 11 22.76 -46.29 -89.81
C ARG O 11 23.03 -44.78 -89.79
N VAL O 12 24.29 -44.38 -89.73
CA VAL O 12 24.70 -42.98 -89.76
C VAL O 12 25.49 -42.74 -91.03
N THR O 13 25.24 -41.60 -91.67
CA THR O 13 25.79 -41.35 -93.00
C THR O 13 27.08 -40.54 -92.99
N ASN O 14 27.49 -39.99 -91.86
CA ASN O 14 28.68 -39.14 -91.85
C ASN O 14 29.40 -39.26 -90.52
N LYS O 15 30.62 -39.79 -90.56
CA LYS O 15 31.45 -39.91 -89.37
C LYS O 15 32.91 -39.52 -89.59
N SER O 16 33.31 -39.14 -90.80
CA SER O 16 34.71 -38.78 -91.04
C SER O 16 35.05 -37.40 -90.46
N GLY O 17 34.05 -36.55 -90.28
CA GLY O 17 34.28 -35.21 -89.78
C GLY O 17 34.64 -34.18 -90.83
N PHE O 18 34.39 -34.45 -92.10
CA PHE O 18 34.70 -33.52 -93.18
C PHE O 18 33.53 -33.41 -94.14
N VAL O 19 33.40 -32.25 -94.77
CA VAL O 19 32.36 -32.00 -95.76
C VAL O 19 33.00 -31.45 -97.04
N PRO O 20 32.57 -31.89 -98.22
CA PRO O 20 33.20 -31.43 -99.46
C PRO O 20 32.74 -30.03 -99.84
N TYR O 21 33.68 -29.27 -100.42
CA TYR O 21 33.39 -27.94 -100.94
C TYR O 21 34.08 -27.76 -102.28
N ALA O 22 33.32 -27.30 -103.27
CA ALA O 22 33.84 -27.04 -104.61
C ALA O 22 33.64 -25.55 -104.90
N GLY O 23 34.74 -24.81 -105.00
CA GLY O 23 34.66 -23.38 -105.25
C GLY O 23 35.03 -23.01 -106.67
N ASP O 24 35.71 -21.87 -106.83
CA ASP O 24 36.11 -21.39 -108.15
C ASP O 24 37.38 -22.10 -108.56
N SER O 25 37.23 -23.17 -109.36
CA SER O 25 38.32 -23.98 -109.89
C SER O 25 39.22 -24.57 -108.80
N PHE O 26 38.63 -24.85 -107.65
CA PHE O 26 39.36 -25.48 -106.55
C PHE O 26 38.38 -26.24 -105.67
N ALA O 27 38.88 -27.29 -105.02
CA ALA O 27 38.07 -28.13 -104.16
C ALA O 27 38.82 -28.42 -102.87
N LEU O 28 38.07 -28.62 -101.79
CA LEU O 28 38.66 -28.91 -100.50
C LEU O 28 37.65 -29.64 -99.64
N LEU O 29 38.10 -30.05 -98.45
CA LEU O 29 37.26 -30.72 -97.47
C LEU O 29 37.27 -29.90 -96.20
N LEU O 30 36.21 -29.13 -95.98
CA LEU O 30 36.12 -28.33 -94.79
C LEU O 30 35.83 -29.22 -93.58
N PRO O 31 36.29 -28.83 -92.39
CA PRO O 31 35.91 -29.56 -91.18
C PRO O 31 34.41 -29.49 -90.95
N SER O 32 33.84 -30.59 -90.48
CA SER O 32 32.39 -30.68 -90.32
C SER O 32 31.89 -29.74 -89.24
N LYS O 33 32.62 -29.63 -88.13
CA LYS O 33 32.21 -28.82 -86.99
C LYS O 33 32.27 -27.32 -87.22
N TRP O 34 32.65 -26.88 -88.43
CA TRP O 34 32.90 -25.47 -88.68
C TRP O 34 31.79 -24.86 -89.54
N ASN O 35 31.65 -23.54 -89.43
CA ASN O 35 30.64 -22.74 -90.10
C ASN O 35 31.30 -21.56 -90.81
N PRO O 36 30.71 -21.07 -91.90
CA PRO O 36 31.27 -19.88 -92.54
C PRO O 36 30.87 -18.62 -91.82
N SER O 37 31.80 -17.65 -91.80
CA SER O 37 31.56 -16.33 -91.20
C SER O 37 31.96 -15.27 -92.21
N ASP O 38 31.08 -14.28 -92.39
CA ASP O 38 31.31 -13.20 -93.36
C ASP O 38 32.16 -12.11 -92.71
N GLU O 39 33.46 -12.40 -92.61
CA GLU O 39 34.42 -11.49 -92.00
C GLU O 39 35.68 -11.45 -92.88
N LYS O 40 35.70 -10.54 -93.84
CA LYS O 40 36.84 -10.40 -94.75
C LYS O 40 37.94 -9.62 -94.07
N GLU O 41 39.16 -10.18 -94.05
CA GLU O 41 40.25 -9.60 -93.30
C GLU O 41 41.40 -9.10 -94.18
N VAL O 42 41.49 -9.53 -95.44
CA VAL O 42 42.48 -9.00 -96.36
C VAL O 42 41.84 -8.62 -97.69
N ASP O 43 40.51 -8.68 -97.76
CA ASP O 43 39.68 -8.23 -98.88
C ASP O 43 39.82 -9.08 -100.15
N SER O 44 40.80 -9.97 -100.20
CA SER O 44 41.01 -10.88 -101.33
C SER O 44 40.38 -12.25 -101.10
N ILE O 45 39.60 -12.44 -100.04
CA ILE O 45 39.10 -13.77 -99.71
C ILE O 45 37.80 -14.04 -100.46
N VAL O 46 37.64 -15.28 -100.89
CA VAL O 46 36.38 -15.76 -101.46
C VAL O 46 35.69 -16.77 -100.55
N LEU O 47 36.42 -17.39 -99.63
CA LEU O 47 35.87 -18.44 -98.78
C LEU O 47 36.54 -18.39 -97.42
N ARG O 48 35.75 -18.31 -96.36
CA ARG O 48 36.29 -18.32 -95.01
C ARG O 48 35.40 -19.16 -94.11
N TYR O 49 36.00 -20.04 -93.32
CA TYR O 49 35.31 -20.94 -92.41
C TYR O 49 35.99 -20.91 -91.05
N ALA O 50 35.21 -21.10 -90.00
CA ALA O 50 35.72 -21.03 -88.63
C ALA O 50 35.01 -22.04 -87.75
N ASP O 51 35.72 -22.52 -86.73
CA ASP O 51 35.15 -23.47 -85.79
C ASP O 51 34.16 -22.79 -84.85
N ASN O 52 33.24 -23.58 -84.29
CA ASN O 52 32.21 -23.02 -83.44
C ASN O 52 32.72 -22.75 -82.02
N PHE O 53 33.86 -23.32 -81.65
CA PHE O 53 34.36 -23.13 -80.29
C PHE O 53 34.98 -21.74 -80.12
N ASP O 54 36.05 -21.47 -80.85
CA ASP O 54 36.66 -20.14 -80.89
C ASP O 54 37.38 -19.96 -82.21
N ALA O 55 37.08 -18.86 -82.89
CA ALA O 55 37.54 -18.69 -84.26
C ALA O 55 38.94 -18.10 -84.35
N VAL O 56 39.81 -18.33 -83.36
CA VAL O 56 41.23 -18.18 -83.61
C VAL O 56 41.68 -19.22 -84.62
N ASN O 57 41.03 -20.38 -84.60
CA ASN O 57 41.26 -21.46 -85.57
C ASN O 57 40.39 -21.20 -86.80
N ASN O 58 41.03 -20.78 -87.89
CA ASN O 58 40.32 -20.43 -89.12
C ASN O 58 40.99 -21.06 -90.33
N VAL O 59 40.22 -21.15 -91.41
CA VAL O 59 40.72 -21.54 -92.73
C VAL O 59 40.14 -20.56 -93.75
N TYR O 60 40.99 -20.09 -94.65
CA TYR O 60 40.57 -19.17 -95.70
C TYR O 60 41.53 -19.27 -96.87
N VAL O 61 41.00 -19.06 -98.07
CA VAL O 61 41.76 -19.16 -99.30
C VAL O 61 41.77 -17.78 -99.97
N ILE O 62 42.91 -17.41 -100.55
CA ILE O 62 43.12 -16.10 -101.14
C ILE O 62 42.91 -16.18 -102.65
N ALA O 63 42.16 -15.23 -103.19
CA ALA O 63 41.97 -15.08 -104.64
C ALA O 63 42.62 -13.76 -105.04
N GLN O 64 43.93 -13.80 -105.31
CA GLN O 64 44.73 -12.64 -105.67
C GLN O 64 45.18 -12.77 -107.11
N ASP O 65 45.02 -11.71 -107.89
CA ASP O 65 45.38 -11.73 -109.30
C ASP O 65 46.84 -11.31 -109.45
N THR O 66 47.74 -12.29 -109.55
CA THR O 66 49.16 -12.07 -109.78
C THR O 66 49.56 -12.82 -111.05
N ASP O 67 50.43 -12.21 -111.84
CA ASP O 67 50.74 -12.71 -113.18
C ASP O 67 52.25 -12.80 -113.40
N LYS O 68 52.83 -13.94 -113.02
CA LYS O 68 54.18 -14.31 -113.46
C LYS O 68 54.29 -15.84 -113.36
N SER O 69 54.09 -16.50 -114.51
CA SER O 69 53.96 -17.94 -114.72
C SER O 69 53.58 -18.80 -113.52
N SER O 70 54.54 -19.51 -112.93
CA SER O 70 54.25 -20.53 -111.92
C SER O 70 54.99 -20.23 -110.63
N ILE O 71 54.68 -21.05 -109.62
CA ILE O 71 55.22 -20.82 -108.28
C ILE O 71 56.73 -21.04 -108.24
N GLN O 72 57.24 -21.94 -109.09
CA GLN O 72 58.69 -22.06 -109.22
C GLN O 72 59.29 -20.74 -109.71
N ASP O 73 58.64 -20.09 -110.67
CA ASP O 73 59.03 -18.75 -111.08
C ASP O 73 58.74 -17.72 -110.00
N TYR O 74 57.87 -18.04 -109.03
CA TYR O 74 57.74 -17.20 -107.85
C TYR O 74 58.98 -17.26 -106.97
N GLY O 75 59.76 -18.34 -107.05
CA GLY O 75 61.00 -18.42 -106.32
C GLY O 75 61.02 -19.41 -105.18
N SER O 76 61.88 -19.18 -104.21
CA SER O 76 62.04 -20.07 -103.06
C SER O 76 60.87 -19.90 -102.09
N PRO O 77 60.54 -20.97 -101.34
CA PRO O 77 59.51 -20.84 -100.31
C PRO O 77 59.82 -19.79 -99.25
N GLU O 78 61.09 -19.67 -98.83
CA GLU O 78 61.44 -18.64 -97.86
C GLU O 78 61.31 -17.24 -98.45
N GLU O 79 61.61 -17.10 -99.75
CA GLU O 79 61.34 -15.84 -100.43
C GLU O 79 59.84 -15.54 -100.44
N PHE O 80 59.01 -16.55 -100.69
CA PHE O 80 57.55 -16.39 -100.64
C PHE O 80 57.10 -15.96 -99.26
N ILE O 81 57.74 -16.50 -98.23
CA ILE O 81 57.46 -16.08 -96.85
C ILE O 81 57.83 -14.61 -96.67
N SER O 82 58.93 -14.18 -97.27
CA SER O 82 59.35 -12.78 -97.16
C SER O 82 58.39 -11.84 -97.88
N GLN O 83 57.73 -12.32 -98.95
CA GLN O 83 56.79 -11.45 -99.68
C GLN O 83 55.54 -11.15 -98.87
N PHE O 84 54.95 -12.17 -98.23
CA PHE O 84 53.68 -12.01 -97.53
C PHE O 84 53.84 -11.97 -96.01
N GLY O 85 54.88 -11.30 -95.52
CA GLY O 85 55.03 -11.10 -94.08
C GLY O 85 53.93 -10.24 -93.47
N TYR O 86 53.21 -9.50 -94.31
CA TYR O 86 52.04 -8.76 -93.83
C TYR O 86 50.86 -9.67 -93.53
N LEU O 87 50.88 -10.91 -94.02
CA LEU O 87 49.76 -11.81 -93.79
C LEU O 87 49.73 -12.32 -92.35
N LEU O 88 50.86 -12.27 -91.65
CA LEU O 88 50.94 -12.75 -90.27
C LEU O 88 50.77 -11.59 -89.28
N GLY O 89 49.69 -10.83 -89.47
CA GLY O 89 49.39 -9.73 -88.57
C GLY O 89 50.39 -8.58 -88.72
N ARG O 90 50.31 -7.65 -87.76
CA ARG O 90 51.21 -6.52 -87.71
C ARG O 90 51.13 -5.89 -86.33
N GLN O 91 52.28 -5.54 -85.77
CA GLN O 91 52.33 -4.82 -84.51
C GLN O 91 52.33 -3.32 -84.78
N ALA O 92 51.16 -2.70 -84.67
CA ALA O 92 51.05 -1.27 -84.91
C ALA O 92 51.46 -0.45 -83.68
N TRP O 93 51.65 -1.08 -82.54
CA TRP O 93 52.17 -0.44 -81.35
C TRP O 93 53.67 -0.27 -81.51
N ALA O 94 54.12 0.98 -81.61
CA ALA O 94 55.51 1.30 -81.86
C ALA O 94 56.18 1.90 -80.63
N GLY O 95 55.78 1.44 -79.45
CA GLY O 95 56.39 1.87 -78.21
C GLY O 95 57.66 1.11 -77.93
N GLN O 96 58.49 1.66 -77.05
CA GLN O 96 59.79 1.08 -76.75
C GLN O 96 59.71 0.24 -75.46
N THR O 97 60.11 -1.03 -75.55
CA THR O 97 60.15 -1.91 -74.38
C THR O 97 61.04 -3.12 -74.65
N VAL O 98 62.17 -3.22 -73.92
CA VAL O 98 62.87 -4.49 -73.84
C VAL O 98 62.43 -5.24 -72.58
N SER O 99 61.25 -5.84 -72.63
CA SER O 99 60.72 -6.51 -71.45
C SER O 99 59.92 -7.77 -71.74
N GLU O 100 59.91 -8.29 -72.97
CA GLU O 100 59.09 -9.46 -73.27
C GLU O 100 59.86 -10.77 -73.12
N GLY O 101 61.04 -10.85 -73.71
CA GLY O 101 61.85 -12.04 -73.57
C GLY O 101 61.42 -13.15 -74.51
N GLY O 102 62.38 -13.77 -75.19
CA GLY O 102 62.07 -14.71 -76.25
C GLY O 102 61.70 -14.06 -77.56
N PHE O 103 61.70 -12.74 -77.60
CA PHE O 103 61.37 -11.96 -78.78
C PHE O 103 62.42 -10.86 -78.91
N ASP O 104 62.52 -10.29 -80.11
CA ASP O 104 63.55 -9.30 -80.38
C ASP O 104 63.21 -7.96 -79.72
N ALA O 105 64.14 -7.02 -79.86
CA ALA O 105 64.00 -5.72 -79.21
C ALA O 105 62.87 -4.91 -79.82
N ASN O 106 62.05 -4.31 -78.96
CA ASN O 106 60.89 -3.49 -79.34
C ASN O 106 59.90 -4.25 -80.21
N LYS O 107 59.80 -5.57 -79.98
CA LYS O 107 58.92 -6.43 -80.75
C LYS O 107 58.01 -7.18 -79.78
N VAL O 108 56.82 -7.52 -80.27
CA VAL O 108 55.82 -8.19 -79.45
C VAL O 108 55.67 -9.63 -79.92
N SER O 109 55.46 -9.80 -81.22
CA SER O 109 55.23 -11.11 -81.81
C SER O 109 56.37 -11.49 -82.73
N SER O 110 56.56 -12.80 -82.89
CA SER O 110 57.58 -13.35 -83.77
C SER O 110 57.02 -14.56 -84.50
N ALA O 111 57.65 -14.87 -85.63
CA ALA O 111 57.26 -16.00 -86.45
C ALA O 111 58.47 -16.88 -86.70
N ALA O 112 58.26 -18.19 -86.68
CA ALA O 112 59.33 -19.16 -86.89
C ALA O 112 58.92 -20.17 -87.95
N LEU O 113 59.85 -20.53 -88.82
CA LEU O 113 59.64 -21.58 -89.81
C LEU O 113 59.77 -22.94 -89.14
N LEU O 114 58.84 -23.85 -89.45
CA LEU O 114 58.90 -25.20 -88.92
C LEU O 114 59.01 -26.26 -90.02
N GLY O 115 58.77 -25.88 -91.28
CA GLY O 115 58.88 -26.81 -92.39
C GLY O 115 58.31 -26.27 -93.68
N VAL O 116 59.00 -26.50 -94.79
CA VAL O 116 58.55 -26.07 -96.11
C VAL O 116 58.61 -27.29 -97.04
N ALA O 117 57.80 -27.23 -98.09
CA ALA O 117 57.73 -28.35 -99.02
C ALA O 117 57.27 -27.86 -100.39
N THR O 118 57.48 -28.72 -101.38
CA THR O 118 57.08 -28.48 -102.77
C THR O 118 56.21 -29.63 -103.24
N GLU O 119 55.20 -29.97 -102.44
CA GLU O 119 54.36 -31.14 -102.69
C GLU O 119 53.60 -31.01 -104.01
N LYS O 120 53.52 -32.12 -104.74
CA LYS O 120 52.84 -32.20 -106.02
C LYS O 120 51.52 -32.95 -105.84
N ASP O 121 50.84 -33.21 -106.96
CA ASP O 121 49.61 -33.97 -106.95
C ASP O 121 49.70 -35.01 -108.08
N LYS O 122 48.56 -35.64 -108.36
CA LYS O 122 48.53 -36.65 -109.42
C LYS O 122 48.68 -36.02 -110.81
N LYS O 123 48.08 -34.84 -111.02
CA LYS O 123 48.14 -34.17 -112.30
C LYS O 123 49.51 -33.58 -112.61
N GLY O 124 50.35 -33.40 -111.60
CA GLY O 124 51.66 -32.79 -111.80
C GLY O 124 51.74 -31.34 -111.39
N LYS O 125 50.67 -30.78 -110.83
CA LYS O 125 50.68 -29.41 -110.35
C LYS O 125 51.54 -29.30 -109.10
N THR O 126 52.28 -28.21 -108.97
CA THR O 126 53.15 -27.99 -107.82
C THR O 126 52.42 -27.15 -106.77
N TYR O 127 52.61 -27.51 -105.50
CA TYR O 127 51.96 -26.83 -104.38
C TYR O 127 53.00 -26.52 -103.31
N TYR O 128 53.01 -25.27 -102.83
CA TYR O 128 53.91 -24.88 -101.76
C TYR O 128 53.24 -25.10 -100.40
N LYS O 129 53.98 -25.71 -99.47
CA LYS O 129 53.51 -26.01 -98.13
C LYS O 129 54.31 -25.18 -97.13
N PHE O 130 53.60 -24.57 -96.17
CA PHE O 130 54.24 -23.70 -95.20
C PHE O 130 53.72 -24.02 -93.80
N GLU O 131 54.64 -24.12 -92.84
CA GLU O 131 54.30 -24.30 -91.43
C GLU O 131 55.01 -23.22 -90.63
N ILE O 132 54.23 -22.34 -90.02
CA ILE O 132 54.78 -21.21 -89.26
C ILE O 132 54.24 -21.25 -87.84
N LEU O 133 55.10 -20.98 -86.88
CA LEU O 133 54.70 -20.82 -85.47
C LEU O 133 54.73 -19.33 -85.18
N SER O 134 53.57 -18.76 -84.92
CA SER O 134 53.43 -17.33 -84.64
C SER O 134 53.19 -17.14 -83.15
N ARG O 135 54.24 -16.76 -82.44
CA ARG O 135 54.17 -16.54 -81.00
C ARG O 135 54.03 -15.04 -80.73
N THR O 136 53.47 -14.72 -79.57
CA THR O 136 53.27 -13.34 -79.14
C THR O 136 53.61 -13.25 -77.67
N ALA O 137 54.02 -12.05 -77.23
CA ALA O 137 54.53 -11.86 -75.87
C ALA O 137 53.51 -12.21 -74.79
N ASP O 138 52.21 -12.21 -75.13
CA ASP O 138 51.22 -12.68 -74.17
C ASP O 138 51.19 -14.20 -74.07
N GLY O 139 51.85 -14.90 -74.97
CA GLY O 139 51.79 -16.35 -74.98
C GLY O 139 50.45 -16.89 -75.41
N ASN O 140 49.67 -16.10 -76.16
CA ASN O 140 48.30 -16.42 -76.57
C ASN O 140 48.16 -17.79 -77.20
N GLU O 141 47.42 -18.67 -76.53
CA GLU O 141 47.15 -20.05 -76.96
C GLU O 141 48.43 -20.82 -77.22
N GLY O 142 49.52 -20.44 -76.53
CA GLY O 142 50.81 -21.06 -76.76
C GLY O 142 51.38 -20.79 -78.12
N GLY O 143 50.90 -19.76 -78.81
CA GLY O 143 51.26 -19.51 -80.19
C GLY O 143 50.16 -19.96 -81.14
N ARG O 144 50.38 -19.67 -82.43
CA ARG O 144 49.43 -20.05 -83.46
C ARG O 144 50.15 -20.81 -84.55
N HIS O 145 49.50 -21.84 -85.08
CA HIS O 145 50.07 -22.65 -86.15
C HIS O 145 49.47 -22.21 -87.48
N GLN O 146 50.24 -21.47 -88.26
CA GLN O 146 49.81 -20.98 -89.57
C GLN O 146 50.27 -22.01 -90.60
N LEU O 147 49.32 -22.77 -91.14
CA LEU O 147 49.60 -23.75 -92.18
C LEU O 147 49.08 -23.20 -93.50
N VAL O 148 49.97 -22.99 -94.46
CA VAL O 148 49.67 -22.28 -95.69
C VAL O 148 49.88 -23.21 -96.87
N LYS O 149 48.85 -23.33 -97.71
CA LYS O 149 48.94 -24.05 -98.98
C LYS O 149 48.84 -23.02 -100.10
N ALA O 150 49.85 -22.99 -100.97
CA ALA O 150 49.91 -21.97 -102.02
C ALA O 150 50.06 -22.64 -103.38
N THR O 151 49.46 -22.01 -104.39
CA THR O 151 49.55 -22.44 -105.77
C THR O 151 49.05 -21.32 -106.67
N VAL O 152 49.30 -21.47 -107.97
CA VAL O 152 48.73 -20.58 -108.99
C VAL O 152 48.55 -21.38 -110.27
N SER O 153 47.33 -21.39 -110.80
CA SER O 153 47.03 -22.08 -112.05
C SER O 153 46.62 -21.11 -113.15
N ASN O 154 45.59 -20.31 -112.90
CA ASN O 154 45.14 -19.28 -113.82
C ASN O 154 45.87 -17.98 -113.43
N GLY O 155 45.42 -16.84 -113.94
CA GLY O 155 46.02 -15.57 -113.55
C GLY O 155 45.65 -15.10 -112.16
N LYS O 156 45.01 -15.97 -111.37
CA LYS O 156 44.62 -15.68 -110.00
C LYS O 156 45.35 -16.63 -109.06
N LEU O 157 46.11 -16.07 -108.11
CA LEU O 157 46.85 -16.84 -107.14
C LEU O 157 45.88 -17.43 -106.12
N TYR O 158 46.12 -18.67 -105.72
CA TYR O 158 45.32 -19.35 -104.72
C TYR O 158 46.20 -19.69 -103.52
N LEU O 159 45.81 -19.19 -102.35
CA LEU O 159 46.62 -19.31 -101.14
C LEU O 159 45.72 -19.72 -99.98
N LEU O 160 45.64 -21.03 -99.71
CA LEU O 160 44.97 -21.50 -98.51
C LEU O 160 45.84 -21.20 -97.30
N LYS O 161 45.20 -20.84 -96.18
CA LYS O 161 45.93 -20.52 -94.95
C LYS O 161 45.10 -21.02 -93.77
N VAL O 162 45.57 -22.08 -93.13
CA VAL O 162 44.92 -22.66 -91.97
C VAL O 162 45.62 -22.13 -90.72
N GLN O 163 44.89 -21.37 -89.92
CA GLN O 163 45.37 -20.83 -88.65
C GLN O 163 44.79 -21.67 -87.52
N ALA O 164 45.61 -21.97 -86.51
CA ALA O 164 45.17 -22.72 -85.35
C ALA O 164 46.11 -22.44 -84.19
N GLY O 165 45.56 -22.28 -83.00
CA GLY O 165 46.39 -22.06 -81.83
C GLY O 165 47.08 -23.32 -81.36
N ASP O 166 48.16 -23.13 -80.59
CA ASP O 166 48.90 -24.28 -80.09
C ASP O 166 48.14 -25.00 -78.98
N LYS O 167 47.30 -24.29 -78.23
CA LYS O 167 46.49 -24.92 -77.20
C LYS O 167 45.55 -25.97 -77.77
N ARG O 168 45.08 -25.77 -79.00
CA ARG O 168 44.25 -26.75 -79.68
C ARG O 168 45.08 -27.70 -80.55
N TRP O 169 46.37 -27.41 -80.74
CA TRP O 169 47.19 -28.19 -81.66
C TRP O 169 47.45 -29.60 -81.14
N PHE O 170 47.83 -29.73 -79.87
CA PHE O 170 48.12 -31.04 -79.30
C PHE O 170 46.92 -31.67 -78.60
N LYS O 171 45.72 -31.13 -78.83
CA LYS O 171 44.50 -31.68 -78.25
C LYS O 171 43.70 -32.49 -79.27
N GLY O 172 44.22 -32.70 -80.46
CA GLY O 172 43.56 -33.47 -81.48
C GLY O 172 43.05 -32.71 -82.69
N THR O 173 43.59 -31.52 -82.96
CA THR O 173 43.17 -30.72 -84.10
C THR O 173 44.25 -30.67 -85.18
N ASP O 174 45.48 -31.07 -84.85
CA ASP O 174 46.55 -31.10 -85.85
C ASP O 174 46.24 -32.06 -87.00
N LYS O 175 45.59 -33.19 -86.68
CA LYS O 175 45.10 -34.09 -87.72
C LYS O 175 44.06 -33.42 -88.60
N GLU O 176 43.17 -32.61 -88.01
CA GLU O 176 42.19 -31.89 -88.82
C GLU O 176 42.86 -30.88 -89.74
N CYS O 177 43.87 -30.17 -89.23
CA CYS O 177 44.59 -29.20 -90.05
C CYS O 177 45.36 -29.88 -91.19
N LEU O 178 46.02 -31.00 -90.89
CA LEU O 178 46.73 -31.74 -91.93
C LEU O 178 45.76 -32.33 -92.95
N GLY O 179 44.58 -32.74 -92.49
CA GLY O 179 43.55 -33.20 -93.42
C GLY O 179 43.07 -32.10 -94.34
N VAL O 180 42.88 -30.90 -93.81
CA VAL O 180 42.53 -29.76 -94.65
C VAL O 180 43.65 -29.47 -95.65
N LEU O 181 44.91 -29.56 -95.21
CA LEU O 181 46.03 -29.28 -96.09
C LEU O 181 46.11 -30.27 -97.25
N ASP O 182 46.02 -31.57 -96.96
CA ASP O 182 46.15 -32.54 -98.05
C ASP O 182 44.83 -32.85 -98.74
N SER O 183 43.73 -32.22 -98.32
CA SER O 183 42.48 -32.30 -99.08
C SER O 183 42.26 -31.08 -99.95
N PHE O 184 42.87 -29.94 -99.62
CA PHE O 184 42.77 -28.76 -100.47
C PHE O 184 43.55 -28.98 -101.75
N THR O 185 42.88 -28.82 -102.89
CA THR O 185 43.52 -29.02 -104.18
C THR O 185 42.85 -28.11 -105.19
N VAL O 186 43.56 -27.85 -106.28
CA VAL O 186 43.11 -26.94 -107.33
C VAL O 186 43.04 -27.73 -108.63
N VAL O 187 41.89 -27.68 -109.30
CA VAL O 187 41.74 -28.34 -110.60
C VAL O 187 41.20 -27.33 -111.61
N MET P 1 35.80 11.61 -44.38
CA MET P 1 35.64 10.42 -43.55
C MET P 1 34.97 9.31 -44.35
N GLU P 2 35.76 8.47 -45.01
CA GLU P 2 35.18 7.38 -45.78
C GLU P 2 35.10 6.09 -44.96
N ALA P 3 36.22 5.60 -44.43
CA ALA P 3 36.19 4.34 -43.70
C ALA P 3 35.58 4.47 -42.31
N LEU P 4 35.63 5.68 -41.72
CA LEU P 4 35.18 5.86 -40.34
C LEU P 4 33.68 5.64 -40.19
N VAL P 5 32.87 6.00 -41.20
CA VAL P 5 31.43 5.83 -41.07
C VAL P 5 31.06 4.34 -41.13
N TYR P 6 31.71 3.57 -42.00
CA TYR P 6 31.51 2.13 -41.97
C TYR P 6 31.97 1.54 -40.64
N THR P 7 33.04 2.12 -40.06
CA THR P 7 33.48 1.70 -38.75
C THR P 7 32.40 1.94 -37.68
N PHE P 8 31.77 3.12 -37.70
CA PHE P 8 30.66 3.39 -36.78
C PHE P 8 29.52 2.39 -36.98
N LEU P 9 29.16 2.11 -38.23
CA LEU P 9 28.04 1.22 -38.47
C LEU P 9 28.35 -0.21 -38.00
N LEU P 10 29.57 -0.68 -38.26
CA LEU P 10 29.95 -2.02 -37.86
C LEU P 10 30.01 -2.15 -36.33
N ILE P 11 30.58 -1.14 -35.66
CA ILE P 11 30.60 -1.12 -34.20
C ILE P 11 29.19 -1.05 -33.63
N GLY P 12 28.28 -0.32 -34.28
CA GLY P 12 26.90 -0.29 -33.83
C GLY P 12 26.24 -1.65 -33.93
N THR P 13 26.48 -2.37 -35.03
CA THR P 13 25.95 -3.72 -35.18
C THR P 13 26.52 -4.66 -34.12
N LEU P 14 27.82 -4.56 -33.85
CA LEU P 14 28.43 -5.42 -32.84
C LEU P 14 27.91 -5.09 -31.44
N GLY P 15 27.73 -3.81 -31.13
CA GLY P 15 27.19 -3.44 -29.83
C GLY P 15 25.76 -3.89 -29.66
N ILE P 16 24.96 -3.78 -30.72
CA ILE P 16 23.57 -4.22 -30.66
C ILE P 16 23.48 -5.73 -30.47
N ILE P 17 24.31 -6.50 -31.18
CA ILE P 17 24.23 -7.95 -31.00
C ILE P 17 24.79 -8.35 -29.63
N PHE P 18 25.81 -7.65 -29.13
CA PHE P 18 26.33 -7.93 -27.79
C PHE P 18 25.27 -7.65 -26.72
N PHE P 19 24.55 -6.53 -26.85
CA PHE P 19 23.50 -6.22 -25.90
C PHE P 19 22.32 -7.18 -26.04
N SER P 20 22.06 -7.65 -27.26
CA SER P 20 20.97 -8.60 -27.45
C SER P 20 21.32 -9.96 -26.84
N ILE P 21 22.60 -10.31 -26.84
CA ILE P 21 23.02 -11.55 -26.18
C ILE P 21 22.93 -11.42 -24.66
N PHE P 22 23.48 -10.33 -24.11
CA PHE P 22 23.66 -10.28 -22.66
C PHE P 22 22.60 -9.47 -21.92
N PHE P 23 22.26 -8.27 -22.40
CA PHE P 23 21.31 -7.38 -21.74
C PHE P 23 19.90 -7.59 -22.31
N ARG P 24 19.61 -8.84 -22.66
CA ARG P 24 18.32 -9.21 -23.22
C ARG P 24 17.25 -9.30 -22.13
N GLU P 25 15.99 -9.27 -22.56
CA GLU P 25 14.91 -9.61 -21.66
C GLU P 25 14.97 -11.09 -21.33
N PRO P 26 14.74 -11.47 -20.08
CA PRO P 26 14.73 -12.88 -19.72
C PRO P 26 13.60 -13.63 -20.42
N PRO P 27 13.84 -14.87 -20.84
CA PRO P 27 12.77 -15.62 -21.53
C PRO P 27 11.68 -16.06 -20.59
N ARG P 28 10.52 -15.43 -20.70
CA ARG P 28 9.33 -15.81 -19.96
C ARG P 28 8.47 -16.73 -20.79
N ILE P 29 7.33 -17.12 -20.22
CA ILE P 29 6.36 -18.14 -20.68
C ILE P 29 7.09 -19.29 -21.38
N ALA P 30 7.58 -20.24 -20.58
CA ALA P 30 8.31 -21.42 -21.03
C ALA P 30 9.53 -21.07 -21.90
N LEU Q 1 71.54 -12.03 -48.14
CA LEU Q 1 70.45 -12.17 -47.18
C LEU Q 1 70.26 -10.87 -46.41
N VAL Q 2 69.21 -10.13 -46.78
CA VAL Q 2 68.94 -8.81 -46.22
C VAL Q 2 68.14 -8.87 -44.93
N ASP Q 3 67.61 -10.03 -44.58
CA ASP Q 3 66.75 -10.17 -43.41
C ASP Q 3 66.99 -11.53 -42.77
N ASP Q 4 66.49 -11.68 -41.55
CA ASP Q 4 66.73 -12.88 -40.75
C ASP Q 4 65.46 -13.71 -40.66
N ARG Q 5 65.61 -15.01 -40.82
CA ARG Q 5 64.54 -15.98 -40.63
C ARG Q 5 65.17 -17.30 -40.19
N MET Q 6 64.38 -18.17 -39.57
CA MET Q 6 64.94 -19.46 -39.19
C MET Q 6 64.99 -20.42 -40.38
N ASN Q 7 64.25 -20.11 -41.45
CA ASN Q 7 64.09 -20.98 -42.62
C ASN Q 7 63.60 -22.37 -42.22
N GLY Q 8 62.67 -22.41 -41.27
CA GLY Q 8 62.16 -23.67 -40.75
C GLY Q 8 61.10 -24.36 -41.57
N ASP Q 9 60.64 -23.76 -42.66
CA ASP Q 9 59.63 -24.40 -43.48
C ASP Q 9 60.21 -25.60 -44.23
N GLY Q 10 59.36 -26.60 -44.45
CA GLY Q 10 59.79 -27.78 -45.15
C GLY Q 10 60.70 -28.66 -44.30
N THR Q 11 61.40 -29.57 -44.99
CA THR Q 11 62.40 -30.49 -44.44
C THR Q 11 61.84 -31.45 -43.40
N GLY Q 12 60.52 -31.48 -43.21
CA GLY Q 12 59.89 -32.42 -42.32
C GLY Q 12 60.28 -32.34 -40.86
N LEU Q 13 60.17 -31.15 -40.26
CA LEU Q 13 60.50 -31.00 -38.86
C LEU Q 13 59.45 -31.66 -37.98
N PRO Q 14 59.82 -32.53 -37.05
CA PRO Q 14 58.84 -33.17 -36.16
C PRO Q 14 58.07 -32.13 -35.35
N PHE Q 15 56.75 -32.20 -35.45
CA PHE Q 15 55.82 -31.26 -34.80
C PHE Q 15 56.11 -29.81 -35.19
N GLY Q 16 56.87 -29.59 -36.26
CA GLY Q 16 57.26 -28.25 -36.63
C GLY Q 16 58.25 -27.57 -35.70
N VAL Q 17 58.98 -28.31 -34.85
CA VAL Q 17 59.94 -27.67 -33.97
C VAL Q 17 61.25 -27.51 -34.73
N ASN Q 18 61.95 -26.39 -34.48
CA ASN Q 18 63.26 -26.16 -35.07
C ASN Q 18 64.38 -26.07 -34.05
N ASP Q 19 64.08 -25.70 -32.81
CA ASP Q 19 65.05 -25.71 -31.72
C ASP Q 19 64.46 -26.48 -30.54
N GLY Q 20 65.33 -26.90 -29.63
CA GLY Q 20 64.93 -27.77 -28.55
C GLY Q 20 63.99 -27.14 -27.54
N ILE Q 21 63.98 -25.80 -27.44
CA ILE Q 21 63.15 -25.13 -26.44
C ILE Q 21 61.67 -25.30 -26.76
N LEU Q 22 61.31 -25.43 -28.05
CA LEU Q 22 59.92 -25.65 -28.40
C LEU Q 22 59.42 -27.00 -27.90
N GLY Q 23 60.17 -28.07 -28.18
CA GLY Q 23 59.80 -29.37 -27.67
C GLY Q 23 59.84 -29.44 -26.16
N TRP Q 24 60.80 -28.75 -25.55
CA TRP Q 24 60.89 -28.75 -24.09
C TRP Q 24 59.71 -28.03 -23.46
N VAL Q 25 59.25 -26.92 -24.06
CA VAL Q 25 58.14 -26.21 -23.44
C VAL Q 25 56.83 -26.94 -23.73
N ILE Q 26 56.75 -27.67 -24.85
CA ILE Q 26 55.59 -28.53 -25.10
C ILE Q 26 55.51 -29.62 -24.04
N ALA Q 27 56.64 -30.26 -23.78
CA ALA Q 27 56.70 -31.32 -22.77
C ALA Q 27 56.41 -30.76 -21.37
N GLY Q 28 56.90 -29.56 -21.09
CA GLY Q 28 56.65 -28.96 -19.78
C GLY Q 28 55.19 -28.62 -19.57
N THR Q 29 54.55 -28.02 -20.57
CA THR Q 29 53.13 -27.70 -20.45
C THR Q 29 52.29 -28.96 -20.33
N LEU Q 30 52.58 -29.97 -21.16
CA LEU Q 30 51.83 -31.22 -21.07
C LEU Q 30 52.05 -31.90 -19.72
N GLY Q 31 53.28 -31.86 -19.22
CA GLY Q 31 53.57 -32.47 -17.93
C GLY Q 31 52.90 -31.76 -16.77
N THR Q 32 52.88 -30.42 -16.79
CA THR Q 32 52.25 -29.72 -15.67
C THR Q 32 50.74 -29.88 -15.70
N ILE Q 33 50.11 -29.88 -16.89
CA ILE Q 33 48.67 -30.11 -16.94
C ILE Q 33 48.35 -31.54 -16.53
N TRP Q 34 49.17 -32.51 -16.94
CA TRP Q 34 48.92 -33.89 -16.54
C TRP Q 34 49.12 -34.09 -15.05
N ALA Q 35 50.12 -33.44 -14.46
CA ALA Q 35 50.36 -33.56 -13.03
C ALA Q 35 49.22 -32.94 -12.23
N ILE Q 36 48.71 -31.79 -12.68
CA ILE Q 36 47.57 -31.19 -12.03
C ILE Q 36 46.35 -32.10 -12.15
N TYR Q 37 46.19 -32.74 -13.31
CA TYR Q 37 45.08 -33.68 -13.50
C TYR Q 37 45.20 -34.89 -12.58
N PHE Q 38 46.41 -35.41 -12.42
CA PHE Q 38 46.59 -36.61 -11.62
C PHE Q 38 46.41 -36.31 -10.13
N VAL Q 39 47.02 -35.23 -9.65
CA VAL Q 39 46.86 -34.85 -8.25
C VAL Q 39 45.42 -34.45 -7.93
N SER Q 40 44.74 -33.79 -8.85
CA SER Q 40 43.36 -33.34 -8.64
C SER Q 40 42.34 -34.25 -9.34
N GLN Q 41 42.57 -35.56 -9.37
CA GLN Q 41 41.62 -36.47 -9.99
C GLN Q 41 40.59 -36.95 -8.96
N LYS Q 42 39.51 -37.56 -9.49
CA LYS Q 42 38.43 -38.13 -8.69
C LYS Q 42 37.79 -37.12 -7.74
N ASP Q 43 37.78 -35.85 -8.14
CA ASP Q 43 37.29 -34.73 -7.33
C ASP Q 43 38.01 -34.64 -5.99
N LEU Q 44 39.26 -35.09 -5.95
CA LEU Q 44 40.07 -35.23 -4.73
C LEU Q 44 39.34 -36.01 -3.64
N SER R 1 -13.01 -0.65 -92.94
CA SER R 1 -13.23 -2.07 -93.19
C SER R 1 -12.92 -2.90 -91.96
N VAL R 2 -13.10 -4.21 -92.07
CA VAL R 2 -12.81 -5.15 -91.00
C VAL R 2 -11.50 -5.86 -91.35
N THR R 3 -10.42 -5.48 -90.66
CA THR R 3 -9.13 -6.06 -90.91
C THR R 3 -9.09 -7.52 -90.43
N PRO R 4 -8.23 -8.35 -91.05
CA PRO R 4 -8.11 -9.75 -90.60
C PRO R 4 -7.74 -9.91 -89.14
N SER R 5 -6.96 -8.99 -88.56
CA SER R 5 -6.63 -9.11 -87.14
C SER R 5 -7.86 -8.90 -86.27
N LEU R 6 -8.71 -7.92 -86.64
CA LEU R 6 -9.95 -7.73 -85.90
C LEU R 6 -10.91 -8.91 -86.10
N LYS R 7 -10.98 -9.44 -87.33
CA LYS R 7 -11.83 -10.60 -87.58
C LYS R 7 -11.37 -11.78 -86.75
N ASN R 8 -10.05 -11.98 -86.67
CA ASN R 8 -9.48 -13.04 -85.86
C ASN R 8 -9.76 -12.81 -84.37
N PHE R 9 -9.78 -11.55 -83.94
CA PHE R 9 -10.13 -11.26 -82.55
C PHE R 9 -11.59 -11.60 -82.26
N LEU R 10 -12.49 -11.32 -83.21
CA LEU R 10 -13.89 -11.66 -83.02
C LEU R 10 -14.11 -13.17 -82.98
N LEU R 11 -13.43 -13.91 -83.86
CA LEU R 11 -13.49 -15.37 -83.76
C LEU R 11 -12.86 -15.86 -82.47
N SER R 12 -11.86 -15.14 -81.96
CA SER R 12 -11.26 -15.51 -80.68
C SER R 12 -12.23 -15.28 -79.53
N LEU R 13 -13.02 -14.20 -79.60
CA LEU R 13 -14.04 -13.95 -78.60
C LEU R 13 -15.10 -15.05 -78.62
N VAL R 14 -15.51 -15.47 -79.82
CA VAL R 14 -16.46 -16.57 -79.94
C VAL R 14 -15.86 -17.87 -79.41
N ALA R 15 -14.58 -18.10 -79.68
CA ALA R 15 -13.89 -19.29 -79.19
C ALA R 15 -13.79 -19.30 -77.68
N GLY R 16 -13.47 -18.15 -77.08
CA GLY R 16 -13.47 -18.07 -75.63
C GLY R 16 -14.85 -18.26 -75.04
N ALA R 17 -15.87 -17.78 -75.75
CA ALA R 17 -17.25 -17.99 -75.31
C ALA R 17 -17.61 -19.47 -75.29
N VAL R 18 -17.24 -20.21 -76.34
CA VAL R 18 -17.61 -21.63 -76.37
C VAL R 18 -16.74 -22.43 -75.43
N VAL R 19 -15.52 -21.96 -75.14
CA VAL R 19 -14.68 -22.62 -74.13
C VAL R 19 -15.28 -22.43 -72.74
N LEU R 20 -15.75 -21.22 -72.43
CA LEU R 20 -16.40 -21.00 -71.14
C LEU R 20 -17.70 -21.80 -71.04
N ALA R 21 -18.44 -21.90 -72.15
CA ALA R 21 -19.64 -22.74 -72.15
C ALA R 21 -19.28 -24.20 -71.94
N ALA R 22 -18.18 -24.67 -72.53
CA ALA R 22 -17.77 -26.05 -72.39
C ALA R 22 -17.34 -26.36 -70.96
N ILE R 23 -16.59 -25.46 -70.33
CA ILE R 23 -16.17 -25.70 -68.95
C ILE R 23 -17.35 -25.58 -68.00
N ALA R 24 -18.33 -24.73 -68.34
CA ALA R 24 -19.54 -24.64 -67.53
C ALA R 24 -20.37 -25.91 -67.63
N GLY R 25 -20.50 -26.45 -68.84
CA GLY R 25 -21.19 -27.73 -69.00
C GLY R 25 -20.47 -28.86 -68.31
N ALA R 26 -19.14 -28.85 -68.37
CA ALA R 26 -18.35 -29.88 -67.70
C ALA R 26 -18.50 -29.84 -66.19
N VAL R 27 -18.51 -28.63 -65.61
CA VAL R 27 -18.68 -28.56 -64.16
C VAL R 27 -20.12 -28.77 -63.72
N THR R 28 -21.11 -28.48 -64.57
CA THR R 28 -22.48 -28.79 -64.23
C THR R 28 -22.81 -30.26 -64.47
N ALA R 29 -22.00 -30.96 -65.25
CA ALA R 29 -22.15 -32.41 -65.40
C ALA R 29 -21.45 -33.11 -64.24
N VAL R 30 -21.27 -34.43 -64.38
CA VAL R 30 -20.59 -35.29 -63.41
C VAL R 30 -21.24 -35.22 -62.02
N MET S 1 41.54 -78.30 -76.53
CA MET S 1 41.36 -78.39 -75.08
C MET S 1 40.47 -77.26 -74.61
N THR S 2 40.38 -76.20 -75.42
CA THR S 2 39.57 -75.04 -75.09
C THR S 2 38.09 -75.36 -75.02
N SER S 3 37.63 -76.38 -75.74
CA SER S 3 36.24 -76.80 -75.67
C SER S 3 35.92 -77.38 -74.29
N ILE S 4 36.85 -78.16 -73.72
CA ILE S 4 36.64 -78.70 -72.39
C ILE S 4 36.55 -77.57 -71.37
N LEU S 5 37.41 -76.56 -71.51
CA LEU S 5 37.34 -75.39 -70.65
C LEU S 5 36.02 -74.65 -70.78
N GLN S 6 35.56 -74.45 -72.02
CA GLN S 6 34.30 -73.74 -72.24
C GLN S 6 33.11 -74.49 -71.66
N ILE S 7 33.07 -75.82 -71.87
CA ILE S 7 31.97 -76.62 -71.36
C ILE S 7 31.99 -76.65 -69.84
N ALA S 8 33.19 -76.85 -69.25
CA ALA S 8 33.31 -76.89 -67.80
C ALA S 8 32.92 -75.56 -67.18
N LEU S 9 33.33 -74.45 -67.78
CA LEU S 9 33.04 -73.16 -67.18
C LEU S 9 31.58 -72.76 -67.40
N LEU S 10 30.99 -73.18 -68.52
CA LEU S 10 29.57 -72.94 -68.72
C LEU S 10 28.73 -73.74 -67.73
N GLY S 11 29.11 -75.00 -67.49
CA GLY S 11 28.44 -75.77 -66.46
C GLY S 11 28.65 -75.18 -65.07
N LEU S 12 29.83 -74.62 -64.83
CA LEU S 12 30.10 -73.94 -63.57
C LEU S 12 29.19 -72.73 -63.40
N VAL S 13 28.98 -71.96 -64.47
CA VAL S 13 28.09 -70.80 -64.42
C VAL S 13 26.66 -71.25 -64.17
N LEU S 14 26.24 -72.33 -64.83
CA LEU S 14 24.88 -72.82 -64.63
C LEU S 14 24.65 -73.34 -63.21
N VAL S 15 25.60 -74.10 -62.67
CA VAL S 15 25.42 -74.61 -61.31
C VAL S 15 25.53 -73.47 -60.30
N SER S 16 26.35 -72.46 -60.58
CA SER S 16 26.42 -71.31 -59.69
C SER S 16 25.10 -70.55 -59.70
N PHE S 17 24.50 -70.37 -60.87
CA PHE S 17 23.21 -69.69 -60.96
C PHE S 17 22.13 -70.48 -60.23
N ALA S 18 22.13 -71.79 -60.39
CA ALA S 18 21.17 -72.64 -59.68
C ALA S 18 21.37 -72.56 -58.17
N LEU S 19 22.62 -72.54 -57.72
CA LEU S 19 22.89 -72.48 -56.28
C LEU S 19 22.51 -71.14 -55.68
N VAL S 20 22.79 -70.03 -56.38
CA VAL S 20 22.41 -68.71 -55.86
C VAL S 20 20.89 -68.57 -55.85
N VAL S 21 20.22 -69.14 -56.85
CA VAL S 21 18.75 -69.12 -56.83
C VAL S 21 18.21 -69.99 -55.70
N GLY S 22 18.87 -71.13 -55.43
CA GLY S 22 18.33 -72.13 -54.54
C GLY S 22 18.65 -72.07 -53.06
N VAL S 23 19.87 -71.68 -52.67
CA VAL S 23 20.22 -71.73 -51.25
C VAL S 23 19.42 -70.78 -50.36
N PRO S 24 19.00 -69.58 -50.81
CA PRO S 24 18.03 -68.87 -49.95
C PRO S 24 16.66 -69.52 -49.95
N VAL S 25 16.29 -70.18 -51.06
CA VAL S 25 15.00 -70.85 -51.14
C VAL S 25 14.96 -72.05 -50.20
N VAL S 26 16.00 -72.89 -50.24
CA VAL S 26 16.01 -74.07 -49.40
C VAL S 26 16.40 -73.72 -47.97
N PHE S 27 16.99 -72.54 -47.77
CA PHE S 27 17.34 -72.12 -46.42
C PHE S 27 16.14 -71.53 -45.69
N ALA S 28 15.53 -70.49 -46.26
CA ALA S 28 14.40 -69.84 -45.60
C ALA S 28 13.10 -70.61 -45.72
N SER S 29 13.11 -71.81 -46.29
CA SER S 29 11.91 -72.65 -46.29
C SER S 29 11.62 -73.14 -44.88
N PRO S 30 10.34 -73.32 -44.54
CA PRO S 30 9.99 -73.80 -43.19
C PRO S 30 10.36 -75.26 -43.02
N ASN S 31 11.37 -75.50 -42.17
CA ASN S 31 11.88 -76.83 -41.84
C ASN S 31 12.31 -77.60 -43.08
N GLY S 32 12.97 -76.93 -44.02
CA GLY S 32 13.36 -77.54 -45.27
C GLY S 32 14.84 -77.75 -45.44
N TRP S 33 15.65 -77.00 -44.68
CA TRP S 33 17.09 -77.18 -44.74
C TRP S 33 17.51 -78.54 -44.21
N THR S 34 16.89 -79.02 -43.12
CA THR S 34 17.26 -80.30 -42.54
C THR S 34 16.90 -81.49 -43.43
N GLU S 35 16.09 -81.29 -44.47
CA GLU S 35 15.80 -82.34 -45.42
C GLU S 35 16.40 -82.11 -46.80
N ASN S 36 16.80 -80.88 -47.13
CA ASN S 36 17.50 -80.60 -48.38
C ASN S 36 19.01 -80.61 -48.21
N LYS S 37 19.49 -81.15 -47.09
CA LYS S 37 20.93 -81.17 -46.83
C LYS S 37 21.68 -81.99 -47.88
N GLY S 38 21.10 -83.11 -48.31
CA GLY S 38 21.77 -83.95 -49.30
C GLY S 38 21.95 -83.27 -50.64
N VAL S 39 20.88 -82.65 -51.15
CA VAL S 39 20.95 -82.00 -52.46
C VAL S 39 21.83 -80.75 -52.39
N VAL S 40 21.79 -80.03 -51.26
CA VAL S 40 22.63 -78.84 -51.15
C VAL S 40 24.10 -79.22 -51.01
N PHE S 41 24.40 -80.28 -50.24
CA PHE S 41 25.77 -80.77 -50.14
C PHE S 41 26.28 -81.21 -51.49
N SER S 42 25.45 -81.91 -52.26
CA SER S 42 25.82 -82.32 -53.61
C SER S 42 26.07 -81.10 -54.49
N GLY S 43 25.22 -80.07 -54.39
CA GLY S 43 25.41 -78.89 -55.21
C GLY S 43 26.70 -78.14 -54.90
N LEU S 44 26.99 -77.95 -53.61
CA LEU S 44 28.25 -77.31 -53.23
C LEU S 44 29.45 -78.15 -53.63
N SER S 45 29.36 -79.48 -53.50
CA SER S 45 30.47 -80.34 -53.91
C SER S 45 30.69 -80.23 -55.41
N VAL S 46 29.61 -80.24 -56.20
CA VAL S 46 29.71 -80.11 -57.64
C VAL S 46 30.33 -78.77 -58.03
N TRP S 47 29.91 -77.68 -57.39
CA TRP S 47 30.49 -76.37 -57.68
C TRP S 47 31.97 -76.32 -57.33
N PHE S 48 32.36 -76.88 -56.19
CA PHE S 48 33.77 -76.94 -55.80
C PHE S 48 34.59 -77.73 -56.81
N LEU S 49 34.07 -78.87 -57.28
CA LEU S 49 34.82 -79.69 -58.22
C LEU S 49 34.94 -79.05 -59.60
N LEU S 50 33.90 -78.35 -60.08
CA LEU S 50 34.12 -77.62 -61.35
C LEU S 50 35.01 -76.39 -61.17
N VAL S 51 35.01 -75.75 -60.00
CA VAL S 51 35.98 -74.68 -59.77
C VAL S 51 37.40 -75.22 -59.84
N PHE S 52 37.65 -76.34 -59.14
CA PHE S 52 38.96 -76.96 -59.15
C PHE S 52 39.29 -77.51 -60.53
N ALA S 53 38.28 -77.98 -61.27
CA ALA S 53 38.50 -78.54 -62.60
C ALA S 53 38.88 -77.47 -63.60
N VAL S 54 38.19 -76.32 -63.57
CA VAL S 54 38.58 -75.21 -64.43
C VAL S 54 39.98 -74.72 -64.06
N GLY S 55 40.28 -74.67 -62.76
CA GLY S 55 41.61 -74.25 -62.34
C GLY S 55 42.72 -75.17 -62.81
N VAL S 56 42.50 -76.49 -62.70
CA VAL S 56 43.52 -77.44 -63.14
C VAL S 56 43.62 -77.44 -64.66
N PHE S 57 42.48 -77.43 -65.36
CA PHE S 57 42.47 -77.54 -66.81
C PHE S 57 42.94 -76.26 -67.48
N ASN S 58 42.97 -75.13 -66.76
CA ASN S 58 43.49 -73.89 -67.33
C ASN S 58 44.98 -74.02 -67.61
N SER S 59 45.68 -74.81 -66.80
CA SER S 59 47.11 -75.01 -66.98
C SER S 59 47.44 -75.72 -68.29
N PHE S 60 46.64 -76.73 -68.66
CA PHE S 60 46.91 -77.51 -69.86
C PHE S 60 46.69 -76.72 -71.14
N ALA S 61 45.89 -75.67 -71.11
CA ALA S 61 45.64 -74.88 -72.31
C ALA S 61 45.86 -73.39 -72.08
N THR T 1 82.04 -97.29 2.89
CA THR T 1 80.61 -97.59 2.86
C THR T 1 79.78 -96.34 3.18
N ILE T 2 78.54 -96.57 3.59
CA ILE T 2 77.63 -95.46 3.93
C ILE T 2 78.15 -94.70 5.15
N ASN T 3 78.65 -95.42 6.15
CA ASN T 3 79.14 -94.79 7.38
C ASN T 3 80.39 -93.95 7.14
N GLN T 4 81.10 -94.16 6.02
CA GLN T 4 82.29 -93.39 5.72
C GLN T 4 81.98 -91.93 5.38
N PHE T 5 80.72 -91.63 5.04
CA PHE T 5 80.33 -90.26 4.75
C PHE T 5 78.96 -89.89 5.32
N TYR T 6 78.41 -90.66 6.26
CA TYR T 6 77.16 -90.32 6.91
C TYR T 6 77.24 -90.46 8.43
N GLY T 7 78.16 -91.29 8.92
CA GLY T 7 78.31 -91.49 10.34
C GLY T 7 79.01 -90.31 11.00
N PRO T 8 79.00 -90.31 12.34
CA PRO T 8 79.68 -89.22 13.07
C PRO T 8 81.19 -89.21 12.89
N ASP T 9 81.78 -90.34 12.54
CA ASP T 9 83.22 -90.46 12.30
C ASP T 9 83.54 -90.46 10.80
N ARG T 10 82.77 -89.71 10.03
CA ARG T 10 82.96 -89.67 8.58
C ARG T 10 84.17 -88.81 8.22
N ASN T 11 84.55 -88.87 6.95
CA ASN T 11 85.64 -88.07 6.43
C ASN T 11 85.25 -86.59 6.34
N LYS T 12 86.25 -85.72 6.52
CA LYS T 12 86.09 -84.28 6.60
C LYS T 12 86.97 -83.58 5.57
N TRP T 13 87.11 -82.26 5.73
CA TRP T 13 87.92 -81.44 4.84
C TRP T 13 89.35 -81.29 5.33
N LEU T 14 89.74 -82.01 6.38
CA LEU T 14 91.11 -81.98 6.87
C LEU T 14 91.64 -83.35 7.26
N GLY T 15 90.85 -84.41 7.10
CA GLY T 15 91.27 -85.73 7.52
C GLY T 15 91.24 -85.88 9.02
N PRO T 16 92.34 -86.32 9.61
CA PRO T 16 92.37 -86.53 11.07
C PRO T 16 92.45 -85.25 11.88
N TYR T 17 92.70 -84.11 11.25
CA TYR T 17 92.89 -82.83 11.92
C TYR T 17 91.66 -81.95 11.82
N SER T 18 90.48 -82.55 11.93
CA SER T 18 89.21 -81.84 11.72
C SER T 18 88.21 -82.18 12.83
N THR T 19 88.65 -82.08 14.08
CA THR T 19 87.78 -82.34 15.22
C THR T 19 86.94 -81.13 15.59
N ASN T 20 87.05 -80.02 14.85
CA ASN T 20 86.27 -78.81 15.12
C ASN T 20 85.09 -78.67 14.18
N THR T 21 84.43 -79.79 13.87
CA THR T 21 83.25 -79.75 13.04
C THR T 21 82.13 -78.97 13.75
N PRO T 22 81.42 -78.11 13.04
CA PRO T 22 80.37 -77.32 13.68
C PRO T 22 79.24 -78.22 14.17
N PRO T 23 78.58 -77.84 15.27
CA PRO T 23 77.50 -78.69 15.80
C PRO T 23 76.25 -78.72 14.95
N TYR T 24 75.96 -77.65 14.20
CA TYR T 24 74.78 -77.64 13.36
C TYR T 24 74.95 -78.43 12.08
N LEU T 25 76.15 -78.95 11.83
CA LEU T 25 76.46 -79.73 10.64
C LEU T 25 76.66 -81.17 11.11
N THR T 26 75.55 -81.91 11.20
CA THR T 26 75.51 -83.18 11.90
C THR T 26 75.92 -84.37 11.06
N GLY T 27 75.47 -84.44 9.81
CA GLY T 27 75.81 -85.58 8.99
C GLY T 27 74.63 -86.34 8.44
N GLU T 28 73.46 -85.70 8.40
CA GLU T 28 72.30 -86.29 7.77
C GLU T 28 72.25 -85.92 6.29
N PHE T 29 73.12 -85.00 5.89
CA PHE T 29 73.21 -84.48 4.54
C PHE T 29 74.34 -85.13 3.76
N PRO T 30 74.20 -85.18 2.43
CA PRO T 30 75.27 -85.75 1.61
C PRO T 30 76.47 -84.82 1.54
N GLY T 31 77.59 -85.36 1.05
CA GLY T 31 78.83 -84.61 1.07
C GLY T 31 79.26 -84.44 2.51
N ASP T 32 79.04 -83.24 3.04
CA ASP T 32 79.06 -82.95 4.48
C ASP T 32 80.44 -83.23 5.06
N TYR T 33 81.42 -82.53 4.50
CA TYR T 33 82.80 -82.69 4.91
C TYR T 33 83.20 -81.69 5.98
N GLY T 34 82.24 -80.99 6.58
CA GLY T 34 82.52 -80.10 7.69
C GLY T 34 83.10 -78.76 7.34
N TRP T 35 83.12 -78.39 6.06
CA TRP T 35 83.82 -77.18 5.63
C TRP T 35 82.93 -75.97 5.83
N ASP T 36 82.90 -75.48 7.06
CA ASP T 36 82.14 -74.29 7.45
C ASP T 36 83.09 -73.28 8.09
N THR T 37 84.21 -72.98 7.42
CA THR T 37 85.19 -72.06 7.99
C THR T 37 84.65 -70.65 8.07
N ALA T 38 83.78 -70.27 7.13
CA ALA T 38 83.09 -69.00 7.25
C ALA T 38 81.98 -69.08 8.29
N GLY T 39 81.33 -70.24 8.39
CA GLY T 39 80.27 -70.45 9.35
C GLY T 39 79.03 -69.62 9.13
N LEU T 40 78.82 -69.14 7.92
CA LEU T 40 77.71 -68.26 7.60
C LEU T 40 76.43 -68.99 7.23
N SER T 41 76.43 -70.33 7.29
CA SER T 41 75.23 -71.12 7.02
C SER T 41 74.72 -71.81 8.27
N ALA T 42 74.76 -71.12 9.41
CA ALA T 42 74.34 -71.73 10.68
C ALA T 42 72.84 -71.94 10.74
N ASP T 43 72.06 -71.02 10.18
CA ASP T 43 70.61 -71.15 10.21
C ASP T 43 70.19 -72.29 9.29
N PRO T 44 69.23 -73.13 9.70
CA PRO T 44 68.89 -74.33 8.89
C PRO T 44 68.34 -74.02 7.50
N GLU T 45 67.35 -73.13 7.38
CA GLU T 45 66.78 -72.85 6.07
C GLU T 45 67.80 -72.14 5.17
N THR T 46 68.63 -71.28 5.76
CA THR T 46 69.71 -70.64 5.02
C THR T 46 70.69 -71.67 4.47
N PHE T 47 71.08 -72.62 5.32
CA PHE T 47 71.96 -73.69 4.90
C PHE T 47 71.35 -74.52 3.77
N LYS T 48 70.09 -74.97 3.94
CA LYS T 48 69.51 -75.87 2.95
C LYS T 48 69.32 -75.20 1.59
N ARG T 49 68.88 -73.93 1.58
CA ARG T 49 68.68 -73.28 0.30
C ARG T 49 70.01 -72.92 -0.36
N TYR T 50 71.05 -72.69 0.44
CA TYR T 50 72.40 -72.72 -0.12
C TYR T 50 72.71 -74.06 -0.77
N ARG T 51 72.26 -75.18 -0.18
CA ARG T 51 72.53 -76.47 -0.82
C ARG T 51 71.80 -76.62 -2.15
N GLU T 52 70.54 -76.18 -2.23
CA GLU T 52 69.86 -76.24 -3.52
C GLU T 52 70.59 -75.40 -4.57
N LEU T 53 70.98 -74.17 -4.21
CA LEU T 53 71.65 -73.36 -5.23
C LEU T 53 73.05 -73.88 -5.56
N GLU T 54 73.74 -74.52 -4.61
CA GLU T 54 75.07 -75.04 -4.94
C GLU T 54 74.97 -76.30 -5.78
N LEU T 55 73.93 -77.12 -5.58
CA LEU T 55 73.77 -78.26 -6.46
C LEU T 55 73.40 -77.81 -7.86
N ILE T 56 72.60 -76.74 -7.99
CA ILE T 56 72.31 -76.20 -9.32
C ILE T 56 73.59 -75.70 -9.98
N HIS T 57 74.43 -75.01 -9.19
CA HIS T 57 75.74 -74.61 -9.67
C HIS T 57 76.58 -75.81 -10.07
N ALA T 58 76.51 -76.90 -9.31
CA ALA T 58 77.28 -78.11 -9.61
C ALA T 58 76.85 -78.72 -10.94
N ARG T 59 75.53 -78.78 -11.19
CA ARG T 59 75.03 -79.37 -12.42
C ARG T 59 75.47 -78.54 -13.62
N TRP T 60 75.28 -77.21 -13.51
CA TRP T 60 75.68 -76.31 -14.58
C TRP T 60 77.19 -76.35 -14.79
N ALA T 61 77.94 -76.54 -13.70
CA ALA T 61 79.40 -76.60 -13.79
C ALA T 61 79.87 -77.91 -14.42
N LEU T 62 79.14 -79.01 -14.20
CA LEU T 62 79.49 -80.25 -14.89
C LEU T 62 79.26 -80.11 -16.39
N LEU T 63 78.11 -79.53 -16.78
CA LEU T 63 77.87 -79.25 -18.19
C LEU T 63 78.93 -78.34 -18.78
N GLY T 64 79.31 -77.28 -18.06
CA GLY T 64 80.37 -76.42 -18.55
C GLY T 64 81.72 -77.12 -18.63
N ALA T 65 82.10 -77.85 -17.59
CA ALA T 65 83.41 -78.48 -17.55
C ALA T 65 83.56 -79.55 -18.61
N LEU T 66 82.44 -80.11 -19.09
CA LEU T 66 82.59 -81.07 -20.18
C LEU T 66 82.36 -80.42 -21.55
N GLY T 67 81.61 -79.32 -21.63
CA GLY T 67 81.29 -78.73 -22.92
C GLY T 67 82.21 -77.62 -23.38
N MET T 68 82.93 -76.99 -22.45
CA MET T 68 83.92 -75.97 -22.78
C MET T 68 85.12 -76.58 -23.51
N VAL T 69 85.33 -77.89 -23.38
CA VAL T 69 86.50 -78.52 -23.96
C VAL T 69 86.18 -79.42 -25.14
N THR T 70 84.93 -79.84 -25.31
CA THR T 70 84.64 -80.86 -26.32
C THR T 70 84.77 -80.35 -27.76
N PRO T 71 84.33 -79.13 -28.12
CA PRO T 71 84.67 -78.63 -29.47
C PRO T 71 86.16 -78.58 -29.75
N GLU T 72 86.98 -78.08 -28.82
CA GLU T 72 88.40 -77.97 -29.12
C GLU T 72 89.07 -79.33 -29.04
N LEU T 73 88.52 -80.24 -28.24
CA LEU T 73 89.02 -81.61 -28.25
C LEU T 73 88.72 -82.30 -29.56
N LEU T 74 87.57 -82.02 -30.15
CA LEU T 74 87.20 -82.55 -31.46
C LEU T 74 87.92 -81.84 -32.60
N GLN T 75 88.47 -80.65 -32.34
CA GLN T 75 89.15 -79.88 -33.38
C GLN T 75 90.31 -80.66 -33.98
N ASP T 76 90.41 -80.60 -35.31
CA ASP T 76 91.42 -81.35 -36.05
C ASP T 76 92.77 -80.61 -35.99
N ASP T 77 93.71 -81.04 -36.84
CA ASP T 77 95.05 -80.47 -36.82
C ASP T 77 95.06 -79.01 -37.29
N ASP T 78 94.30 -78.69 -38.32
CA ASP T 78 94.40 -77.38 -38.95
C ASP T 78 93.22 -76.45 -38.66
N GLY T 79 91.99 -76.96 -38.58
CA GLY T 79 90.88 -76.08 -38.31
C GLY T 79 89.83 -76.03 -39.40
N ILE T 80 89.60 -77.16 -40.08
CA ILE T 80 88.62 -77.20 -41.15
C ILE T 80 87.20 -77.05 -40.62
N MET T 81 86.83 -77.88 -39.64
CA MET T 81 85.48 -77.85 -39.11
C MET T 81 85.25 -76.63 -38.22
N PHE T 82 86.20 -76.32 -37.35
CA PHE T 82 86.11 -75.17 -36.46
C PHE T 82 87.22 -74.20 -36.80
N GLY T 83 86.86 -72.92 -36.88
CA GLY T 83 87.87 -71.92 -37.15
C GLY T 83 88.52 -71.43 -35.88
N GLU T 84 88.47 -70.11 -35.66
CA GLU T 84 88.99 -69.53 -34.43
C GLU T 84 88.04 -69.73 -33.26
N SER T 85 86.84 -70.26 -33.51
CA SER T 85 85.79 -70.40 -32.51
C SER T 85 85.81 -71.74 -31.77
N ALA T 86 86.80 -72.61 -32.03
CA ALA T 86 86.88 -73.88 -31.32
C ALA T 86 87.19 -73.66 -29.84
N ILE T 87 88.07 -72.72 -29.54
CA ILE T 87 88.32 -72.31 -28.16
C ILE T 87 87.05 -71.70 -27.59
N TRP T 88 86.84 -71.90 -26.29
CA TRP T 88 85.55 -71.60 -25.69
C TRP T 88 85.29 -70.10 -25.61
N PHE T 89 86.33 -69.30 -25.36
CA PHE T 89 86.11 -67.87 -25.13
C PHE T 89 86.04 -67.07 -26.42
N LYS T 90 86.14 -67.74 -27.57
CA LYS T 90 85.92 -67.09 -28.86
C LYS T 90 84.85 -67.86 -29.64
N ALA T 91 84.10 -68.72 -28.95
CA ALA T 91 83.04 -69.51 -29.58
C ALA T 91 81.84 -68.67 -29.97
N GLY T 92 81.48 -67.69 -29.12
CA GLY T 92 80.33 -66.85 -29.41
C GLY T 92 80.47 -66.06 -30.69
N ALA T 93 81.71 -65.71 -31.07
CA ALA T 93 81.97 -65.02 -32.32
C ALA T 93 81.59 -65.84 -33.55
N ALA T 94 81.28 -67.13 -33.37
CA ALA T 94 80.76 -67.93 -34.47
C ALA T 94 79.39 -67.47 -34.93
N ILE T 95 78.65 -66.73 -34.10
CA ILE T 95 77.34 -66.27 -34.55
C ILE T 95 77.47 -65.04 -35.45
N PHE T 96 78.57 -64.30 -35.34
CA PHE T 96 78.80 -63.12 -36.17
C PHE T 96 79.56 -63.45 -37.44
N GLN T 97 79.93 -64.71 -37.65
CA GLN T 97 80.66 -65.12 -38.83
C GLN T 97 79.77 -65.02 -40.07
N GLU T 98 80.43 -64.85 -41.23
CA GLU T 98 79.71 -64.63 -42.48
C GLU T 98 78.85 -65.83 -42.87
N GLY T 99 79.40 -67.03 -42.79
CA GLY T 99 78.63 -68.21 -43.16
C GLY T 99 77.52 -68.54 -42.20
N GLY T 100 77.75 -68.37 -40.91
CA GLY T 100 76.80 -68.71 -39.88
C GLY T 100 77.43 -69.64 -38.85
N LEU T 101 76.67 -69.87 -37.79
CA LEU T 101 77.15 -70.71 -36.69
C LEU T 101 76.66 -72.13 -36.94
N ASN T 102 77.46 -72.89 -37.67
CA ASN T 102 77.21 -74.31 -37.84
C ASN T 102 77.56 -75.03 -36.55
N TYR T 103 76.82 -76.10 -36.25
CA TYR T 103 77.05 -76.79 -34.99
C TYR T 103 78.31 -77.64 -35.08
N LEU T 104 78.53 -78.27 -36.24
CA LEU T 104 79.74 -79.06 -36.48
C LEU T 104 80.40 -78.69 -37.81
N GLY T 105 80.27 -77.45 -38.24
CA GLY T 105 80.90 -76.99 -39.45
C GLY T 105 80.11 -77.21 -40.73
N ASN T 106 79.08 -78.04 -40.69
CA ASN T 106 78.29 -78.25 -41.88
C ASN T 106 77.06 -77.35 -41.87
N PRO T 107 76.64 -76.85 -43.04
CA PRO T 107 75.48 -75.94 -43.08
C PRO T 107 74.16 -76.61 -42.74
N SER T 108 74.12 -77.93 -42.67
CA SER T 108 72.89 -78.63 -42.34
C SER T 108 72.52 -78.51 -40.86
N LEU T 109 73.51 -78.40 -39.98
CA LEU T 109 73.27 -78.36 -38.53
C LEU T 109 73.16 -76.91 -38.07
N ILE T 110 72.03 -76.57 -37.46
CA ILE T 110 71.72 -75.25 -36.91
C ILE T 110 71.85 -74.18 -37.98
N HIS T 111 73.08 -73.71 -38.24
CA HIS T 111 73.37 -72.67 -39.21
C HIS T 111 72.56 -71.40 -38.91
N ALA T 112 72.76 -70.89 -37.70
CA ALA T 112 72.04 -69.71 -37.21
C ALA T 112 72.87 -68.46 -37.43
N GLN T 113 72.18 -67.33 -37.60
CA GLN T 113 72.85 -66.05 -37.77
C GLN T 113 72.34 -64.93 -36.88
N ASN T 114 71.08 -64.97 -36.42
CA ASN T 114 70.52 -63.88 -35.64
C ASN T 114 70.78 -64.16 -34.16
N ILE T 115 71.80 -63.49 -33.62
CA ILE T 115 72.16 -63.65 -32.22
C ILE T 115 71.04 -63.14 -31.33
N VAL T 116 70.32 -62.11 -31.78
CA VAL T 116 69.19 -61.58 -31.02
C VAL T 116 68.07 -62.61 -30.91
N ALA T 117 67.77 -63.28 -32.02
CA ALA T 117 66.74 -64.33 -31.99
C ALA T 117 67.17 -65.50 -31.11
N THR T 118 68.44 -65.92 -31.21
CA THR T 118 68.92 -67.00 -30.34
C THR T 118 68.81 -66.63 -28.87
N LEU T 119 69.22 -65.40 -28.52
CA LEU T 119 69.14 -64.96 -27.13
C LEU T 119 67.71 -64.85 -26.64
N ALA T 120 66.80 -64.36 -27.50
CA ALA T 120 65.41 -64.23 -27.08
C ALA T 120 64.74 -65.58 -26.85
N VAL T 121 64.98 -66.53 -27.76
CA VAL T 121 64.44 -67.88 -27.58
C VAL T 121 65.03 -68.52 -26.34
N GLN T 122 66.32 -68.33 -26.10
CA GLN T 122 66.94 -68.83 -24.87
C GLN T 122 66.32 -68.19 -23.63
N VAL T 123 66.06 -66.88 -23.69
CA VAL T 123 65.49 -66.18 -22.54
C VAL T 123 64.13 -66.75 -22.17
N VAL T 124 63.24 -66.88 -23.16
CA VAL T 124 61.90 -67.37 -22.85
C VAL T 124 61.95 -68.84 -22.43
N LEU T 125 62.82 -69.63 -23.07
CA LEU T 125 62.89 -71.05 -22.77
C LEU T 125 63.45 -71.31 -21.37
N MET T 126 64.57 -70.66 -21.01
CA MET T 126 65.12 -70.85 -19.68
C MET T 126 64.25 -70.21 -18.61
N GLY T 127 63.55 -69.12 -18.90
CA GLY T 127 62.60 -68.61 -17.92
C GLY T 127 61.49 -69.59 -17.63
N LEU T 128 60.95 -70.23 -18.69
CA LEU T 128 59.91 -71.24 -18.51
C LEU T 128 60.42 -72.42 -17.69
N VAL T 129 61.60 -72.95 -18.04
CA VAL T 129 62.05 -74.16 -17.36
C VAL T 129 62.50 -73.84 -15.94
N GLU T 130 62.94 -72.61 -15.68
CA GLU T 130 63.32 -72.25 -14.32
C GLU T 130 62.10 -72.06 -13.43
N GLY T 131 61.02 -71.48 -13.97
CA GLY T 131 59.78 -71.44 -13.21
C GLY T 131 59.25 -72.82 -12.91
N TYR T 132 59.30 -73.72 -13.91
CA TYR T 132 58.88 -75.09 -13.68
C TYR T 132 59.78 -75.79 -12.67
N ARG T 133 61.08 -75.49 -12.68
CA ARG T 133 61.98 -76.10 -11.71
C ARG T 133 61.68 -75.63 -10.29
N VAL T 134 61.48 -74.33 -10.10
CA VAL T 134 61.24 -73.82 -8.75
C VAL T 134 59.87 -74.20 -8.21
N ASN T 135 58.87 -74.44 -9.06
CA ASN T 135 57.60 -74.89 -8.51
C ASN T 135 57.13 -76.24 -9.05
N GLY T 136 56.98 -76.35 -10.35
CA GLY T 136 56.41 -77.56 -10.94
C GLY T 136 55.67 -77.22 -12.21
N GLY T 137 55.43 -78.25 -13.03
CA GLY T 137 54.82 -78.08 -14.31
C GLY T 137 54.41 -79.41 -14.88
N PRO T 138 54.72 -79.64 -16.16
CA PRO T 138 54.42 -80.94 -16.78
C PRO T 138 55.11 -82.12 -16.11
N ALA T 139 56.26 -81.90 -15.47
CA ALA T 139 56.95 -83.01 -14.81
C ALA T 139 56.27 -83.36 -13.48
N GLY T 140 56.25 -82.43 -12.54
CA GLY T 140 55.62 -82.67 -11.25
C GLY T 140 55.58 -81.44 -10.38
N GLU T 141 54.43 -81.15 -9.78
CA GLU T 141 54.24 -79.93 -9.01
C GLU T 141 54.65 -80.08 -7.55
N GLY T 142 54.33 -81.20 -6.92
CA GLY T 142 54.65 -81.40 -5.52
C GLY T 142 55.93 -82.20 -5.30
N LEU T 143 56.78 -82.29 -6.31
CA LEU T 143 58.00 -83.07 -6.19
C LEU T 143 59.05 -82.29 -5.40
N ASP T 144 60.19 -82.95 -5.20
CA ASP T 144 61.32 -82.33 -4.52
C ASP T 144 61.90 -81.22 -5.39
N PRO T 145 62.02 -79.99 -4.88
CA PRO T 145 62.76 -78.96 -5.63
C PRO T 145 64.24 -79.27 -5.77
N LEU T 146 64.76 -80.22 -5.01
CA LEU T 146 66.18 -80.58 -5.06
C LEU T 146 66.45 -81.83 -5.88
N TYR T 147 65.55 -82.82 -5.84
CA TYR T 147 65.76 -84.13 -6.47
C TYR T 147 64.43 -84.68 -6.94
N PRO T 148 63.95 -84.25 -8.13
CA PRO T 148 62.64 -84.72 -8.62
C PRO T 148 62.60 -86.21 -8.89
N GLY T 149 63.45 -86.67 -9.81
CA GLY T 149 63.63 -88.08 -10.11
C GLY T 149 62.38 -88.87 -10.48
N GLU T 150 61.44 -88.25 -11.18
CA GLU T 150 60.28 -89.02 -11.64
C GLU T 150 60.13 -88.92 -13.15
N ALA T 151 60.27 -87.71 -13.69
CA ALA T 151 60.21 -87.50 -15.13
C ALA T 151 61.57 -87.34 -15.76
N PHE T 152 62.58 -86.97 -14.97
CA PHE T 152 63.95 -86.82 -15.43
C PHE T 152 64.80 -88.03 -15.13
N ASP T 153 64.21 -89.07 -14.54
CA ASP T 153 64.91 -90.31 -14.20
C ASP T 153 64.10 -91.49 -14.72
N PRO T 154 64.22 -91.81 -16.01
CA PRO T 154 63.52 -92.99 -16.55
C PRO T 154 64.36 -94.26 -16.64
N LEU T 155 65.57 -94.31 -16.08
CA LEU T 155 66.42 -95.49 -16.17
C LEU T 155 66.59 -96.17 -14.82
N GLY T 156 65.58 -96.09 -13.95
CA GLY T 156 65.68 -96.70 -12.63
C GLY T 156 66.67 -95.97 -11.75
N LEU T 157 67.77 -96.64 -11.38
CA LEU T 157 68.91 -96.06 -10.68
C LEU T 157 68.57 -95.51 -9.30
N ALA T 158 67.70 -94.50 -9.24
CA ALA T 158 67.29 -93.89 -7.97
C ALA T 158 66.23 -94.75 -7.27
N ASP T 159 66.57 -96.01 -7.05
CA ASP T 159 65.70 -96.97 -6.39
C ASP T 159 66.22 -97.42 -5.03
N ASP T 160 67.43 -97.97 -4.98
CA ASP T 160 68.03 -98.40 -3.73
C ASP T 160 68.52 -97.17 -2.97
N PRO T 161 68.03 -96.92 -1.75
CA PRO T 161 68.41 -95.70 -1.02
C PRO T 161 69.89 -95.57 -0.68
N GLU T 162 70.54 -96.66 -0.30
CA GLU T 162 71.95 -96.57 0.05
C GLU T 162 72.83 -96.35 -1.19
N ALA T 163 72.51 -97.04 -2.29
CA ALA T 163 73.22 -96.79 -3.54
C ALA T 163 72.94 -95.38 -4.04
N PHE T 164 71.73 -94.88 -3.78
CA PHE T 164 71.38 -93.51 -4.16
C PHE T 164 72.16 -92.51 -3.33
N ALA T 165 72.43 -92.83 -2.07
CA ALA T 165 73.26 -91.95 -1.25
C ALA T 165 74.72 -91.94 -1.71
N GLU T 166 75.24 -93.12 -2.09
CA GLU T 166 76.60 -93.17 -2.65
C GLU T 166 76.68 -92.38 -3.95
N LEU T 167 75.69 -92.54 -4.82
CA LEU T 167 75.68 -91.74 -6.04
C LEU T 167 75.35 -90.27 -5.76
N LYS T 168 74.79 -89.96 -4.60
CA LYS T 168 74.55 -88.57 -4.24
C LYS T 168 75.86 -87.89 -3.83
N VAL T 169 76.70 -88.60 -3.09
CA VAL T 169 78.01 -88.02 -2.83
C VAL T 169 78.85 -88.05 -4.10
N LYS T 170 78.50 -88.92 -5.06
CA LYS T 170 79.07 -88.80 -6.40
C LYS T 170 78.66 -87.49 -7.07
N GLU T 171 77.36 -87.13 -7.02
CA GLU T 171 76.92 -85.79 -7.41
C GLU T 171 77.82 -84.72 -6.83
N ILE T 172 77.92 -84.69 -5.50
CA ILE T 172 78.54 -83.52 -4.89
C ILE T 172 80.04 -83.48 -5.15
N LYS T 173 80.73 -84.63 -5.19
CA LYS T 173 82.18 -84.59 -5.37
C LYS T 173 82.54 -84.35 -6.84
N ASN T 174 81.84 -84.98 -7.78
CA ASN T 174 82.07 -84.67 -9.18
C ASN T 174 81.65 -83.24 -9.51
N GLY T 175 80.61 -82.73 -8.85
CA GLY T 175 80.23 -81.35 -9.07
C GLY T 175 81.28 -80.38 -8.56
N ARG T 176 81.80 -80.63 -7.35
CA ARG T 176 82.83 -79.77 -6.80
C ARG T 176 84.07 -79.76 -7.68
N LEU T 177 84.43 -80.92 -8.23
CA LEU T 177 85.53 -80.97 -9.16
C LEU T 177 85.20 -80.19 -10.43
N ALA T 178 83.92 -80.19 -10.83
CA ALA T 178 83.53 -79.38 -11.99
C ALA T 178 83.62 -77.89 -11.71
N MET T 179 83.25 -77.43 -10.50
CA MET T 179 83.36 -76.00 -10.25
C MET T 179 84.82 -75.58 -10.18
N PHE T 180 85.66 -76.43 -9.56
CA PHE T 180 87.08 -76.13 -9.51
C PHE T 180 87.69 -76.08 -10.90
N ALA T 181 87.30 -77.03 -11.76
CA ALA T 181 87.82 -77.05 -13.13
C ALA T 181 87.30 -75.86 -13.93
N CYS T 182 86.05 -75.46 -13.72
CA CYS T 182 85.51 -74.31 -14.44
C CYS T 182 86.17 -73.01 -13.98
N LEU T 183 86.45 -72.89 -12.69
CA LEU T 183 87.18 -71.74 -12.18
C LEU T 183 88.58 -71.70 -12.77
N GLY T 184 89.23 -72.86 -12.88
CA GLY T 184 90.52 -72.92 -13.55
C GLY T 184 90.44 -72.51 -15.00
N PHE T 185 89.38 -72.94 -15.70
CA PHE T 185 89.15 -72.51 -17.08
C PHE T 185 89.06 -71.00 -17.19
N PHE T 186 88.26 -70.38 -16.32
CA PHE T 186 88.06 -68.93 -16.38
C PHE T 186 89.34 -68.18 -16.07
N VAL T 187 90.06 -68.59 -15.02
CA VAL T 187 91.28 -67.89 -14.63
C VAL T 187 92.36 -68.07 -15.68
N GLN T 188 92.43 -69.26 -16.30
CA GLN T 188 93.36 -69.47 -17.40
C GLN T 188 93.01 -68.60 -18.60
N ALA T 189 91.71 -68.39 -18.83
CA ALA T 189 91.28 -67.50 -19.91
C ALA T 189 91.65 -66.06 -19.61
N ILE T 190 91.63 -65.66 -18.33
CA ILE T 190 91.95 -64.28 -17.97
C ILE T 190 93.42 -63.99 -18.25
N VAL T 191 94.33 -64.90 -17.87
CA VAL T 191 95.75 -64.59 -17.89
C VAL T 191 96.49 -65.15 -19.11
N THR T 192 96.15 -66.35 -19.59
CA THR T 192 96.89 -66.96 -20.67
C THR T 192 96.30 -66.70 -22.05
N GLY T 193 94.98 -66.47 -22.13
CA GLY T 193 94.38 -66.15 -23.41
C GLY T 193 94.37 -67.27 -24.42
N LYS T 194 94.54 -68.52 -23.98
CA LYS T 194 94.58 -69.66 -24.88
C LYS T 194 93.65 -70.75 -24.36
N GLY T 195 93.42 -71.75 -25.22
CA GLY T 195 92.56 -72.85 -24.88
C GLY T 195 93.13 -73.71 -23.77
N PRO T 196 92.26 -74.38 -23.02
CA PRO T 196 92.73 -75.21 -21.90
C PRO T 196 93.59 -76.40 -22.33
N ILE T 197 93.21 -77.08 -23.41
CA ILE T 197 93.98 -78.22 -23.87
C ILE T 197 95.30 -77.75 -24.48
N GLU T 198 95.29 -76.59 -25.13
CA GLU T 198 96.55 -76.02 -25.61
C GLU T 198 97.49 -75.66 -24.47
N ASN T 199 96.96 -75.09 -23.38
CA ASN T 199 97.76 -74.83 -22.19
C ASN T 199 98.26 -76.14 -21.58
N LEU T 200 97.43 -77.18 -21.61
CA LEU T 200 97.83 -78.50 -21.11
C LEU T 200 99.00 -79.06 -21.91
N THR T 201 98.94 -78.95 -23.23
CA THR T 201 100.03 -79.43 -24.07
C THR T 201 101.29 -78.59 -23.89
N ASP T 202 101.13 -77.28 -23.70
CA ASP T 202 102.29 -76.43 -23.42
C ASP T 202 102.94 -76.79 -22.09
N HIS T 203 102.13 -77.14 -21.09
CA HIS T 203 102.69 -77.55 -19.81
C HIS T 203 103.33 -78.92 -19.89
N LEU T 204 102.71 -79.86 -20.60
CA LEU T 204 103.27 -81.19 -20.76
C LEU T 204 104.53 -81.19 -21.61
N ALA T 205 104.70 -80.21 -22.50
CA ALA T 205 105.94 -80.10 -23.25
C ALA T 205 107.09 -79.69 -22.34
N ASN T 206 106.88 -78.66 -21.53
CA ASN T 206 107.91 -78.17 -20.61
C ASN T 206 107.27 -77.70 -19.31
N PRO T 207 107.12 -78.58 -18.31
CA PRO T 207 106.61 -78.13 -17.01
C PRO T 207 107.64 -77.39 -16.17
N ALA T 208 108.86 -77.19 -16.68
CA ALA T 208 109.89 -76.48 -15.94
C ALA T 208 109.59 -74.99 -15.85
N GLU T 209 109.08 -74.39 -16.92
CA GLU T 209 108.81 -72.96 -16.93
C GLU T 209 107.45 -72.57 -17.51
N ASN T 210 106.64 -73.51 -18.00
CA ASN T 210 105.32 -73.19 -18.53
C ASN T 210 104.26 -73.46 -17.47
N ASN T 211 104.22 -72.58 -16.48
CA ASN T 211 103.22 -72.60 -15.43
C ASN T 211 102.60 -71.21 -15.32
N ALA T 212 101.75 -71.02 -14.31
CA ALA T 212 101.18 -69.71 -14.05
C ALA T 212 102.27 -68.71 -13.65
N PHE T 213 103.37 -69.20 -13.09
CA PHE T 213 104.52 -68.35 -12.81
C PHE T 213 105.14 -67.79 -14.09
N ALA T 214 104.87 -68.40 -15.25
CA ALA T 214 105.29 -67.82 -16.51
C ALA T 214 104.54 -66.54 -16.84
N TYR T 215 103.38 -66.32 -16.22
CA TYR T 215 102.59 -65.11 -16.44
C TYR T 215 102.29 -64.38 -15.14
N ALA T 216 103.11 -64.59 -14.11
CA ALA T 216 102.85 -63.95 -12.82
C ALA T 216 103.13 -62.46 -12.87
N THR T 217 103.87 -61.99 -13.86
CA THR T 217 104.17 -60.57 -14.03
C THR T 217 103.24 -59.89 -15.01
N LYS T 218 102.19 -60.58 -15.47
CA LYS T 218 101.26 -59.98 -16.43
C LYS T 218 100.45 -58.86 -15.81
N PHE T 219 100.00 -59.03 -14.57
CA PHE T 219 99.19 -58.03 -13.90
C PHE T 219 100.03 -57.08 -13.05
N THR T 220 101.31 -56.91 -13.39
CA THR T 220 102.16 -55.97 -12.69
C THR T 220 101.76 -54.55 -13.10
N PRO T 221 101.44 -53.68 -12.15
CA PRO T 221 101.01 -52.31 -12.47
C PRO T 221 102.16 -51.36 -12.80
N GLN T 222 102.61 -51.42 -14.05
CA GLN T 222 103.65 -50.54 -14.52
C GLN T 222 103.11 -49.13 -14.71
N GLU U 1 84.47 -47.74 29.07
CA GLU U 1 85.58 -47.50 28.16
C GLU U 1 86.07 -48.84 27.61
N PHE U 2 85.79 -49.07 26.33
CA PHE U 2 86.12 -50.26 25.53
C PHE U 2 85.35 -51.52 25.94
N TYR U 3 84.63 -51.51 27.06
CA TYR U 3 83.82 -52.62 27.55
C TYR U 3 82.51 -52.10 28.10
N GLY U 4 81.50 -52.97 28.13
CA GLY U 4 80.24 -52.69 28.80
C GLY U 4 79.33 -51.73 28.05
N PRO U 5 78.21 -51.37 28.69
CA PRO U 5 77.30 -50.39 28.09
C PRO U 5 77.93 -49.02 27.87
N ASP U 6 78.90 -48.63 28.69
CA ASP U 6 79.67 -47.42 28.51
C ASP U 6 80.83 -47.63 27.55
N ARG U 7 80.77 -48.67 26.74
CA ARG U 7 81.80 -49.11 25.82
C ARG U 7 82.04 -48.06 24.74
N ALA U 8 83.30 -47.93 24.33
CA ALA U 8 83.67 -47.02 23.25
C ALA U 8 83.03 -47.48 21.95
N LYS U 9 82.66 -46.52 21.12
CA LYS U 9 81.70 -46.73 20.04
C LYS U 9 82.15 -46.05 18.75
N PHE U 10 81.46 -46.40 17.66
CA PHE U 10 82.02 -46.27 16.32
C PHE U 10 81.57 -45.02 15.58
N LEU U 11 80.62 -44.26 16.13
CA LEU U 11 80.20 -43.02 15.48
C LEU U 11 80.03 -41.89 16.49
N GLY U 12 80.82 -41.91 17.57
CA GLY U 12 80.71 -40.93 18.63
C GLY U 12 79.33 -41.00 19.24
N PRO U 13 78.80 -39.85 19.66
CA PRO U 13 77.40 -39.81 20.13
C PRO U 13 76.41 -40.25 19.07
N PHE U 14 76.82 -40.21 17.80
CA PHE U 14 76.00 -40.67 16.68
C PHE U 14 75.71 -42.16 16.73
N SER U 15 76.42 -42.91 17.59
CA SER U 15 76.13 -44.32 17.77
C SER U 15 75.45 -44.61 19.11
N GLU U 16 74.80 -43.62 19.72
CA GLU U 16 74.31 -43.79 21.09
C GLU U 16 73.07 -44.67 21.15
N ASN U 17 71.96 -44.24 20.56
CA ASN U 17 70.70 -44.96 20.73
C ASN U 17 70.63 -46.20 19.86
N ASP U 18 71.01 -46.08 18.59
CA ASP U 18 71.00 -47.22 17.68
C ASP U 18 72.29 -48.01 17.87
N THR U 19 72.19 -49.11 18.60
CA THR U 19 73.27 -50.04 18.84
C THR U 19 72.65 -51.43 18.86
N PRO U 20 73.25 -52.43 18.21
CA PRO U 20 72.64 -53.77 18.19
C PRO U 20 72.51 -54.36 19.58
N GLU U 21 71.38 -55.03 19.82
CA GLU U 21 71.06 -55.57 21.14
C GLU U 21 72.02 -56.67 21.56
N TYR U 22 72.64 -57.38 20.61
CA TYR U 22 73.64 -58.38 20.94
C TYR U 22 75.05 -57.81 20.92
N LEU U 23 75.20 -56.51 20.65
CA LEU U 23 76.49 -55.83 20.77
C LEU U 23 76.59 -55.20 22.16
N THR U 24 76.62 -56.07 23.17
CA THR U 24 76.78 -55.62 24.55
C THR U 24 78.20 -55.13 24.79
N GLY U 25 79.18 -55.69 24.08
CA GLY U 25 80.57 -55.34 24.29
C GLY U 25 81.32 -56.25 25.22
N GLU U 26 80.83 -57.48 25.43
CA GLU U 26 81.47 -58.43 26.34
C GLU U 26 82.87 -58.82 25.87
N PHE U 27 83.01 -59.18 24.59
CA PHE U 27 84.32 -59.50 24.03
C PHE U 27 85.02 -58.24 23.54
N PRO U 28 86.33 -58.16 23.76
CA PRO U 28 87.11 -57.00 23.30
C PRO U 28 87.13 -56.84 21.79
N GLY U 29 87.63 -55.68 21.37
CA GLY U 29 87.61 -55.29 19.97
C GLY U 29 86.23 -54.86 19.55
N ASP U 30 85.35 -54.62 20.51
CA ASP U 30 83.95 -54.28 20.27
C ASP U 30 83.81 -52.76 20.23
N TYR U 31 83.36 -52.24 19.10
CA TYR U 31 82.99 -50.84 18.96
C TYR U 31 81.52 -50.70 18.61
N GLY U 32 80.85 -51.82 18.38
CA GLY U 32 79.47 -51.80 17.96
C GLY U 32 79.27 -51.70 16.47
N TRP U 33 80.36 -51.58 15.70
CA TRP U 33 80.26 -51.36 14.25
C TRP U 33 79.84 -52.66 13.58
N ASP U 34 78.54 -52.93 13.65
CA ASP U 34 77.93 -54.07 13.00
C ASP U 34 76.92 -53.58 11.98
N THR U 35 77.34 -52.57 11.20
CA THR U 35 76.54 -52.16 10.05
C THR U 35 76.79 -53.06 8.86
N ALA U 36 77.46 -54.20 9.05
CA ALA U 36 77.44 -55.30 8.11
C ALA U 36 76.29 -56.25 8.39
N GLY U 37 76.04 -56.55 9.67
CA GLY U 37 74.91 -57.38 10.06
C GLY U 37 75.00 -58.82 9.65
N LEU U 38 76.21 -59.31 9.37
CA LEU U 38 76.39 -60.72 9.03
C LEU U 38 76.62 -61.59 10.25
N SER U 39 76.68 -61.01 11.44
CA SER U 39 77.05 -61.78 12.61
C SER U 39 75.95 -61.79 13.68
N ALA U 40 74.69 -61.74 13.25
CA ALA U 40 73.58 -61.64 14.21
C ALA U 40 73.51 -62.86 15.11
N ASP U 41 73.74 -64.04 14.56
CA ASP U 41 73.83 -65.26 15.35
C ASP U 41 75.08 -65.20 16.22
N PRO U 42 75.01 -65.54 17.51
CA PRO U 42 76.24 -65.62 18.32
C PRO U 42 77.25 -66.63 17.80
N GLN U 43 76.83 -67.77 17.28
CA GLN U 43 77.78 -68.75 16.76
C GLN U 43 78.47 -68.25 15.49
N THR U 44 77.69 -67.70 14.57
CA THR U 44 78.25 -67.11 13.35
C THR U 44 79.17 -65.95 13.68
N PHE U 45 78.80 -65.15 14.69
CA PHE U 45 79.67 -64.08 15.16
C PHE U 45 80.96 -64.64 15.73
N ALA U 46 80.89 -65.77 16.45
CA ALA U 46 82.11 -66.35 17.01
C ALA U 46 83.08 -66.80 15.93
N ARG U 47 82.54 -67.45 14.90
CA ARG U 47 83.43 -67.91 13.84
C ARG U 47 84.00 -66.72 13.08
N TYR U 48 83.20 -65.66 12.91
CA TYR U 48 83.73 -64.45 12.29
C TYR U 48 84.78 -63.75 13.15
N ARG U 49 84.69 -63.80 14.49
CA ARG U 49 85.72 -63.10 15.24
C ARG U 49 87.03 -63.89 15.21
N GLU U 50 86.97 -65.23 15.09
CA GLU U 50 88.24 -65.92 14.85
C GLU U 50 88.78 -65.61 13.45
N ILE U 51 87.89 -65.41 12.46
CA ILE U 51 88.33 -64.99 11.13
C ILE U 51 89.04 -63.63 11.18
N GLU U 52 88.41 -62.64 11.83
CA GLU U 52 89.01 -61.32 11.86
C GLU U 52 90.30 -61.31 12.66
N LEU U 53 90.39 -62.16 13.70
CA LEU U 53 91.63 -62.23 14.46
C LEU U 53 92.76 -62.82 13.63
N ILE U 54 92.46 -63.87 12.84
CA ILE U 54 93.52 -64.50 12.05
C ILE U 54 93.98 -63.59 10.92
N HIS U 55 93.04 -62.94 10.22
CA HIS U 55 93.45 -61.88 9.28
C HIS U 55 94.18 -60.75 9.98
N ALA U 56 93.83 -60.42 11.23
CA ALA U 56 94.51 -59.34 11.92
C ALA U 56 95.98 -59.67 12.13
N ARG U 57 96.27 -60.88 12.63
CA ARG U 57 97.65 -61.30 12.79
C ARG U 57 98.38 -61.40 11.45
N TRP U 58 97.71 -61.97 10.44
CA TRP U 58 98.33 -62.13 9.12
C TRP U 58 98.64 -60.78 8.48
N ALA U 59 97.75 -59.81 8.64
CA ALA U 59 97.98 -58.48 8.09
C ALA U 59 98.99 -57.70 8.90
N LEU U 60 99.14 -57.98 10.20
CA LEU U 60 100.26 -57.37 10.92
C LEU U 60 101.58 -57.86 10.35
N LEU U 61 101.68 -59.18 10.08
CA LEU U 61 102.86 -59.72 9.42
C LEU U 61 103.08 -59.07 8.05
N GLY U 62 102.03 -59.03 7.23
CA GLY U 62 102.16 -58.47 5.90
C GLY U 62 102.54 -57.01 5.90
N ALA U 63 101.86 -56.22 6.75
CA ALA U 63 102.10 -54.79 6.83
C ALA U 63 103.51 -54.48 7.29
N LEU U 64 104.04 -55.23 8.27
CA LEU U 64 105.41 -54.97 8.66
C LEU U 64 106.37 -55.50 7.59
N GLY U 65 105.92 -56.45 6.76
CA GLY U 65 106.73 -56.90 5.64
C GLY U 65 106.71 -55.99 4.43
N ILE U 66 105.78 -55.04 4.38
CA ILE U 66 105.77 -54.08 3.28
C ILE U 66 106.77 -52.96 3.51
N LEU U 67 106.74 -52.35 4.70
CA LEU U 67 107.56 -51.19 5.02
C LEU U 67 109.05 -51.50 5.04
N THR U 68 109.43 -52.64 5.62
CA THR U 68 110.83 -52.96 5.91
C THR U 68 111.77 -52.94 4.70
N PRO U 69 111.47 -53.55 3.55
CA PRO U 69 112.44 -53.49 2.44
C PRO U 69 112.70 -52.07 1.94
N GLU U 70 111.67 -51.24 1.86
CA GLU U 70 111.86 -49.88 1.39
C GLU U 70 112.56 -49.01 2.43
N LEU U 71 112.28 -49.23 3.73
CA LEU U 71 112.96 -48.47 4.77
C LEU U 71 114.42 -48.90 4.92
N LEU U 72 114.72 -50.16 4.62
CA LEU U 72 116.10 -50.63 4.64
C LEU U 72 116.86 -50.18 3.39
N SER U 73 116.19 -50.11 2.25
CA SER U 73 116.87 -49.68 1.03
C SER U 73 117.10 -48.17 1.02
N GLN U 74 116.10 -47.39 1.44
CA GLN U 74 116.21 -45.94 1.33
C GLN U 74 116.87 -45.31 2.54
N TYR U 75 116.32 -45.53 3.73
CA TYR U 75 116.76 -44.84 4.93
C TYR U 75 117.81 -45.62 5.72
N ALA U 76 118.27 -46.76 5.23
CA ALA U 76 119.34 -47.50 5.87
C ALA U 76 120.55 -47.75 4.97
N GLY U 77 120.40 -47.67 3.65
CA GLY U 77 121.51 -47.78 2.74
C GLY U 77 121.84 -49.17 2.25
N VAL U 78 121.25 -50.21 2.84
CA VAL U 78 121.55 -51.57 2.41
C VAL U 78 120.83 -51.83 1.09
N GLN U 79 121.34 -52.78 0.31
CA GLN U 79 120.78 -53.11 -1.00
C GLN U 79 120.17 -54.51 -0.98
N PHE U 80 119.11 -54.67 -1.76
CA PHE U 80 118.40 -55.93 -1.91
C PHE U 80 118.39 -56.30 -3.40
N GLY U 81 117.81 -57.46 -3.71
CA GLY U 81 117.55 -57.79 -5.10
C GLY U 81 116.54 -56.85 -5.72
N GLU U 82 115.42 -56.64 -5.02
CA GLU U 82 114.43 -55.63 -5.34
C GLU U 82 113.58 -55.35 -4.11
N PRO U 83 113.56 -54.12 -3.61
CA PRO U 83 112.79 -53.84 -2.38
C PRO U 83 111.31 -53.58 -2.62
N VAL U 84 110.86 -53.46 -3.86
CA VAL U 84 109.46 -53.18 -4.12
C VAL U 84 108.62 -54.43 -3.82
N TRP U 85 107.57 -54.26 -3.02
CA TRP U 85 106.82 -55.40 -2.51
C TRP U 85 106.01 -56.09 -3.61
N PHE U 86 105.49 -55.33 -4.58
CA PHE U 86 104.82 -55.98 -5.69
C PHE U 86 105.79 -56.39 -6.80
N LYS U 87 107.07 -56.07 -6.65
CA LYS U 87 108.12 -56.54 -7.54
C LYS U 87 108.96 -57.63 -6.89
N ALA U 88 108.65 -58.00 -5.66
CA ALA U 88 109.46 -58.91 -4.86
C ALA U 88 109.21 -60.38 -5.18
N GLY U 89 108.30 -60.68 -6.08
CA GLY U 89 108.07 -62.06 -6.48
C GLY U 89 108.94 -62.46 -7.65
N ALA U 90 109.18 -61.52 -8.57
CA ALA U 90 109.97 -61.79 -9.76
C ALA U 90 111.47 -61.82 -9.48
N GLN U 91 111.92 -61.37 -8.31
CA GLN U 91 113.35 -61.39 -8.01
C GLN U 91 113.87 -62.80 -7.81
N ILE U 92 112.99 -63.77 -7.55
CA ILE U 92 113.42 -65.16 -7.51
C ILE U 92 113.70 -65.68 -8.91
N PHE U 93 113.19 -65.00 -9.94
CA PHE U 93 113.43 -65.39 -11.32
C PHE U 93 114.69 -64.77 -11.90
N ALA U 94 115.32 -63.85 -11.18
CA ALA U 94 116.50 -63.16 -11.68
C ALA U 94 117.72 -64.06 -11.63
N ALA U 95 118.80 -63.58 -12.25
CA ALA U 95 120.05 -64.34 -12.28
C ALA U 95 120.64 -64.50 -10.88
N GLY U 96 120.60 -63.43 -10.08
CA GLY U 96 121.16 -63.51 -8.74
C GLY U 96 120.39 -64.43 -7.81
N GLY U 97 119.06 -64.39 -7.91
CA GLY U 97 118.21 -65.16 -7.03
C GLY U 97 117.55 -64.29 -5.97
N LEU U 98 117.18 -64.94 -4.87
CA LEU U 98 116.54 -64.26 -3.75
C LEU U 98 117.43 -64.40 -2.51
N ASN U 99 117.77 -63.26 -1.90
CA ASN U 99 118.66 -63.21 -0.75
C ASN U 99 118.00 -62.43 0.38
N TYR U 100 118.44 -62.72 1.61
CA TYR U 100 117.85 -62.08 2.78
C TYR U 100 118.22 -60.60 2.85
N LEU U 101 119.51 -60.29 2.70
CA LEU U 101 119.99 -58.91 2.80
C LEU U 101 120.68 -58.45 1.52
N GLY U 102 120.42 -59.12 0.40
CA GLY U 102 121.02 -58.76 -0.86
C GLY U 102 122.37 -59.38 -1.13
N ASN U 103 123.00 -60.00 -0.14
CA ASN U 103 124.29 -60.66 -0.32
C ASN U 103 124.04 -62.14 -0.62
N GLU U 104 124.95 -62.73 -1.41
CA GLU U 104 124.73 -64.06 -1.96
C GLU U 104 124.77 -65.17 -0.92
N SER U 105 125.52 -65.00 0.17
CA SER U 105 125.68 -66.05 1.16
C SER U 105 124.41 -66.32 1.98
N LEU U 106 123.40 -65.47 1.86
CA LEU U 106 122.14 -65.65 2.57
C LEU U 106 121.09 -66.18 1.61
N ILE U 107 120.41 -67.25 2.03
CA ILE U 107 119.33 -67.91 1.30
C ILE U 107 119.81 -68.40 -0.06
N HIS U 108 119.89 -67.48 -1.04
CA HIS U 108 120.23 -67.81 -2.42
C HIS U 108 119.31 -68.90 -2.97
N ALA U 109 118.02 -68.58 -3.03
CA ALA U 109 117.03 -69.50 -3.56
C ALA U 109 116.81 -69.24 -5.04
N GLN U 110 116.58 -70.32 -5.79
CA GLN U 110 116.34 -70.20 -7.21
C GLN U 110 115.18 -71.04 -7.73
N SER U 111 114.59 -71.92 -6.92
CA SER U 111 113.51 -72.80 -7.36
C SER U 111 112.20 -72.38 -6.68
N ILE U 112 111.35 -71.69 -7.45
CA ILE U 112 110.04 -71.29 -6.96
C ILE U 112 109.18 -72.50 -6.65
N ILE U 113 109.32 -73.58 -7.42
CA ILE U 113 108.55 -74.79 -7.18
C ILE U 113 108.96 -75.41 -5.85
N ALA U 114 110.26 -75.49 -5.59
CA ALA U 114 110.74 -76.09 -4.34
C ALA U 114 110.34 -75.25 -3.13
N THR U 115 110.51 -73.93 -3.22
CA THR U 115 110.16 -73.10 -2.07
C THR U 115 108.66 -73.08 -1.82
N LEU U 116 107.84 -73.10 -2.88
CA LEU U 116 106.40 -73.17 -2.70
C LEU U 116 105.98 -74.52 -2.13
N ALA U 117 106.64 -75.60 -2.56
CA ALA U 117 106.29 -76.93 -2.06
C ALA U 117 106.59 -77.06 -0.56
N VAL U 118 107.78 -76.60 -0.15
CA VAL U 118 108.12 -76.72 1.28
C VAL U 118 107.25 -75.77 2.11
N GLN U 119 106.93 -74.59 1.57
CA GLN U 119 105.97 -73.68 2.18
C GLN U 119 104.62 -74.35 2.39
N VAL U 120 104.09 -74.97 1.32
CA VAL U 120 102.76 -75.58 1.38
C VAL U 120 102.73 -76.71 2.39
N VAL U 121 103.71 -77.60 2.37
CA VAL U 121 103.64 -78.74 3.29
C VAL U 121 103.77 -78.28 4.75
N LEU U 122 104.78 -77.44 5.05
CA LEU U 122 105.01 -77.05 6.44
C LEU U 122 103.86 -76.24 6.98
N MET U 123 103.48 -75.17 6.29
CA MET U 123 102.47 -74.30 6.88
C MET U 123 101.05 -74.80 6.61
N GLY U 124 100.87 -75.77 5.70
CA GLY U 124 99.59 -76.42 5.60
C GLY U 124 99.33 -77.37 6.75
N LEU U 125 100.36 -78.11 7.18
CA LEU U 125 100.22 -78.85 8.43
C LEU U 125 100.05 -77.92 9.62
N ALA U 126 100.72 -76.77 9.62
CA ALA U 126 100.53 -75.80 10.69
C ALA U 126 99.08 -75.30 10.74
N GLU U 127 98.51 -74.98 9.56
CA GLU U 127 97.10 -74.59 9.49
C GLU U 127 96.18 -75.72 9.89
N ALA U 128 96.58 -76.97 9.60
CA ALA U 128 95.78 -78.12 10.01
C ALA U 128 95.73 -78.24 11.52
N TYR U 129 96.86 -78.07 12.20
CA TYR U 129 96.85 -78.11 13.66
C TYR U 129 96.11 -76.90 14.24
N ARG U 130 96.20 -75.74 13.57
CA ARG U 130 95.47 -74.57 14.03
C ARG U 130 93.96 -74.78 13.95
N ALA U 131 93.48 -75.34 12.85
CA ALA U 131 92.04 -75.56 12.69
C ALA U 131 91.57 -76.71 13.57
N ASN U 132 92.45 -77.67 13.86
CA ASN U 132 92.08 -78.78 14.73
C ASN U 132 92.13 -78.41 16.21
N GLY U 133 92.87 -77.37 16.57
CA GLY U 133 93.02 -77.04 17.97
C GLY U 133 93.82 -78.05 18.75
N GLY U 134 94.73 -78.77 18.09
CA GLY U 134 95.57 -79.75 18.74
C GLY U 134 94.83 -81.06 19.01
N SER U 135 95.61 -82.14 19.06
CA SER U 135 95.06 -83.46 19.32
C SER U 135 96.16 -84.35 19.89
N GLU U 136 95.71 -85.42 20.55
CA GLU U 136 96.58 -86.47 21.12
C GLU U 136 97.58 -85.89 22.12
N GLY U 137 97.04 -85.30 23.18
CA GLY U 137 97.86 -84.86 24.30
C GLY U 137 98.43 -83.47 24.19
N PHE U 138 99.34 -83.25 23.26
CA PHE U 138 100.00 -81.96 23.15
C PHE U 138 99.07 -80.94 22.49
N LEU U 139 98.90 -79.79 23.15
CA LEU U 139 98.04 -78.70 22.71
C LEU U 139 96.59 -79.13 22.49
N ASP U 140 96.16 -80.20 23.16
CA ASP U 140 94.78 -80.66 23.05
C ASP U 140 93.91 -80.02 24.12
N ASP U 141 94.03 -78.70 24.23
CA ASP U 141 93.32 -77.90 25.22
C ASP U 141 93.17 -76.49 24.66
N LEU U 142 92.93 -75.52 25.55
CA LEU U 142 92.84 -74.10 25.26
C LEU U 142 91.64 -73.75 24.39
N ASP U 143 91.52 -72.49 23.99
CA ASP U 143 90.34 -71.98 23.32
C ASP U 143 90.49 -71.85 21.81
N THR U 144 91.57 -72.40 21.23
CA THR U 144 91.90 -72.45 19.79
C THR U 144 91.80 -71.08 19.09
N LEU U 145 91.72 -70.00 19.85
CA LEU U 145 91.75 -68.61 19.41
C LEU U 145 92.78 -67.79 20.15
N TYR U 146 92.92 -68.02 21.45
CA TYR U 146 93.86 -67.31 22.32
C TYR U 146 94.58 -68.37 23.13
N PRO U 147 95.53 -69.09 22.51
CA PRO U 147 96.11 -70.28 23.16
C PRO U 147 96.93 -70.01 24.42
N GLY U 148 97.99 -69.20 24.32
CA GLY U 148 98.85 -69.02 25.47
C GLY U 148 100.06 -69.93 25.47
N GLY U 149 99.95 -71.07 26.18
CA GLY U 149 101.02 -72.03 26.33
C GLY U 149 101.64 -72.50 25.04
N ALA U 150 102.98 -72.63 25.03
CA ALA U 150 103.82 -72.94 23.89
C ALA U 150 103.76 -71.88 22.79
N PHE U 151 103.12 -70.74 23.05
CA PHE U 151 103.09 -69.62 22.12
C PHE U 151 103.33 -68.28 22.81
N ASP U 152 103.35 -68.25 24.13
CA ASP U 152 103.61 -67.03 24.91
C ASP U 152 104.75 -67.32 25.86
N PRO U 153 106.00 -67.23 25.39
CA PRO U 153 107.14 -67.51 26.28
C PRO U 153 107.47 -66.39 27.24
N LEU U 154 107.11 -65.14 26.92
CA LEU U 154 107.48 -64.01 27.77
C LEU U 154 106.55 -63.83 28.96
N GLY U 155 105.36 -64.45 28.94
CA GLY U 155 104.53 -64.53 30.12
C GLY U 155 103.56 -63.39 30.36
N LEU U 156 103.25 -62.58 29.35
CA LEU U 156 102.29 -61.51 29.52
C LEU U 156 100.85 -61.96 29.32
N ALA U 157 100.62 -63.25 29.10
CA ALA U 157 99.25 -63.76 29.01
C ALA U 157 98.53 -63.76 30.35
N ASP U 158 99.26 -63.62 31.45
CA ASP U 158 98.66 -63.54 32.77
C ASP U 158 98.18 -62.12 33.04
N ASP U 159 97.79 -61.84 34.29
CA ASP U 159 97.20 -60.57 34.73
C ASP U 159 95.99 -60.24 33.87
N PRO U 160 94.84 -60.90 34.10
CA PRO U 160 93.70 -60.77 33.18
C PRO U 160 93.18 -59.35 32.98
N ASP U 161 93.28 -58.49 34.00
CA ASP U 161 92.75 -57.13 33.88
C ASP U 161 93.47 -56.34 32.79
N THR U 162 94.80 -56.28 32.84
CA THR U 162 95.55 -55.62 31.78
C THR U 162 95.68 -56.48 30.53
N PHE U 163 95.48 -57.80 30.68
CA PHE U 163 95.48 -58.71 29.54
C PHE U 163 94.35 -58.36 28.59
N ALA U 164 93.17 -58.07 29.15
CA ALA U 164 92.05 -57.61 28.32
C ALA U 164 92.38 -56.30 27.63
N GLU U 165 93.10 -55.40 28.30
CA GLU U 165 93.43 -54.10 27.70
C GLU U 165 94.38 -54.27 26.52
N LEU U 166 95.46 -55.05 26.69
CA LEU U 166 96.32 -55.19 25.51
C LEU U 166 95.74 -56.16 24.49
N LYS U 167 94.72 -56.94 24.84
CA LYS U 167 93.95 -57.65 23.84
C LYS U 167 93.15 -56.68 22.97
N VAL U 168 92.57 -55.66 23.60
CA VAL U 168 91.92 -54.58 22.85
C VAL U 168 92.95 -53.88 21.96
N LYS U 169 94.15 -53.66 22.49
CA LYS U 169 95.23 -53.04 21.72
C LYS U 169 95.60 -53.89 20.50
N GLU U 170 95.68 -55.21 20.69
CA GLU U 170 95.97 -56.12 19.59
C GLU U 170 94.88 -56.08 18.52
N ILE U 171 93.61 -56.09 18.93
CA ILE U 171 92.55 -56.07 17.92
C ILE U 171 92.56 -54.74 17.16
N LYS U 172 92.80 -53.63 17.88
CA LYS U 172 92.81 -52.32 17.25
C LYS U 172 93.96 -52.17 16.26
N ASN U 173 95.19 -52.49 16.67
CA ASN U 173 96.29 -52.32 15.72
C ASN U 173 96.33 -53.41 14.66
N GLY U 174 95.71 -54.57 14.91
CA GLY U 174 95.53 -55.53 13.84
C GLY U 174 94.58 -55.02 12.77
N ARG U 175 93.48 -54.38 13.18
CA ARG U 175 92.59 -53.74 12.21
C ARG U 175 93.29 -52.58 11.51
N LEU U 176 94.17 -51.88 12.21
CA LEU U 176 94.96 -50.83 11.57
C LEU U 176 95.88 -51.41 10.50
N ALA U 177 96.48 -52.57 10.78
CA ALA U 177 97.32 -53.24 9.79
C ALA U 177 96.49 -53.72 8.61
N MET U 178 95.28 -54.22 8.87
CA MET U 178 94.32 -54.56 7.83
C MET U 178 94.09 -53.39 6.88
N PHE U 179 93.74 -52.23 7.46
CA PHE U 179 93.42 -51.02 6.70
C PHE U 179 94.63 -50.54 5.91
N SER U 180 95.81 -50.54 6.54
CA SER U 180 97.03 -50.08 5.88
C SER U 180 97.45 -51.02 4.76
N CYS U 181 97.25 -52.33 4.94
CA CYS U 181 97.65 -53.26 3.89
C CYS U 181 96.69 -53.21 2.71
N LEU U 182 95.40 -52.95 2.96
CA LEU U 182 94.49 -52.70 1.85
C LEU U 182 94.89 -51.42 1.11
N GLY U 183 95.36 -50.41 1.85
CA GLY U 183 95.91 -49.23 1.22
C GLY U 183 97.11 -49.54 0.35
N PHE U 184 97.99 -50.42 0.82
CA PHE U 184 99.12 -50.87 -0.01
C PHE U 184 98.64 -51.56 -1.26
N PHE U 185 97.63 -52.43 -1.11
CA PHE U 185 97.08 -53.20 -2.23
C PHE U 185 96.56 -52.28 -3.33
N VAL U 186 95.80 -51.24 -2.95
CA VAL U 186 95.24 -50.38 -3.99
C VAL U 186 96.27 -49.35 -4.47
N GLN U 187 97.26 -49.02 -3.63
CA GLN U 187 98.31 -48.11 -4.09
C GLN U 187 99.20 -48.76 -5.13
N ALA U 188 99.35 -50.08 -5.07
CA ALA U 188 100.14 -50.77 -6.08
C ALA U 188 99.51 -50.63 -7.47
N ILE U 189 98.19 -50.79 -7.55
CA ILE U 189 97.53 -50.94 -8.86
C ILE U 189 97.32 -49.58 -9.55
N VAL U 190 97.25 -48.50 -8.79
CA VAL U 190 96.95 -47.20 -9.41
C VAL U 190 98.19 -46.32 -9.49
N THR U 191 99.16 -46.52 -8.60
CA THR U 191 100.33 -45.65 -8.61
C THR U 191 101.56 -46.34 -9.16
N GLY U 192 101.89 -47.52 -8.65
CA GLY U 192 103.01 -48.29 -9.15
C GLY U 192 104.34 -48.05 -8.48
N LYS U 193 104.37 -47.43 -7.31
CA LYS U 193 105.60 -47.29 -6.54
C LYS U 193 105.33 -47.65 -5.08
N GLY U 194 106.41 -47.72 -4.31
CA GLY U 194 106.35 -48.19 -2.95
C GLY U 194 105.66 -47.24 -2.01
N PRO U 195 105.28 -47.73 -0.83
CA PRO U 195 104.51 -46.89 0.12
C PRO U 195 105.30 -45.70 0.66
N VAL U 196 106.51 -45.91 1.18
CA VAL U 196 107.26 -44.75 1.66
C VAL U 196 107.81 -43.93 0.51
N GLN U 197 107.93 -44.52 -0.68
CA GLN U 197 108.28 -43.73 -1.86
C GLN U 197 107.15 -42.75 -2.18
N ASN U 198 105.91 -43.22 -2.09
CA ASN U 198 104.77 -42.32 -2.25
C ASN U 198 104.68 -41.33 -1.11
N LEU U 199 105.13 -41.73 0.09
CA LEU U 199 105.22 -40.78 1.20
C LEU U 199 106.22 -39.66 0.88
N THR U 200 107.39 -40.02 0.34
CA THR U 200 108.40 -39.03 -0.01
C THR U 200 107.90 -38.09 -1.10
N ASP U 201 107.22 -38.64 -2.12
CA ASP U 201 106.62 -37.80 -3.14
C ASP U 201 105.52 -36.93 -2.57
N HIS U 202 104.83 -37.40 -1.54
CA HIS U 202 103.80 -36.59 -0.89
C HIS U 202 104.43 -35.46 -0.08
N LEU U 203 105.56 -35.72 0.58
CA LEU U 203 106.23 -34.69 1.37
C LEU U 203 106.82 -33.58 0.51
N ALA U 204 107.16 -33.88 -0.74
CA ALA U 204 107.72 -32.86 -1.62
C ALA U 204 106.69 -31.76 -1.91
N ASP U 205 105.45 -32.15 -2.18
CA ASP U 205 104.38 -31.19 -2.40
C ASP U 205 103.04 -31.84 -2.08
N PRO U 206 102.55 -31.70 -0.85
CA PRO U 206 101.25 -32.30 -0.50
C PRO U 206 100.07 -31.63 -1.18
N THR U 207 100.24 -30.42 -1.72
CA THR U 207 99.12 -29.73 -2.33
C THR U 207 98.72 -30.35 -3.66
N VAL U 208 99.70 -30.68 -4.50
CA VAL U 208 99.44 -31.18 -5.85
C VAL U 208 99.61 -32.68 -5.95
N ASN U 209 100.77 -33.20 -5.52
CA ASN U 209 101.05 -34.62 -5.63
C ASN U 209 100.28 -35.36 -4.55
N ASN U 210 99.12 -35.88 -4.91
CA ASN U 210 98.25 -36.59 -3.96
C ASN U 210 97.64 -37.80 -4.68
N ALA U 211 96.60 -38.36 -4.08
CA ALA U 211 95.92 -39.50 -4.67
C ALA U 211 95.00 -39.10 -5.82
N PHE U 212 94.34 -37.95 -5.73
CA PHE U 212 93.34 -37.56 -6.71
C PHE U 212 93.90 -37.27 -8.10
N ALA U 213 95.19 -36.94 -8.20
CA ALA U 213 95.77 -36.68 -9.52
C ALA U 213 95.85 -37.96 -10.34
N SER U 214 95.98 -39.11 -9.68
CA SER U 214 96.08 -40.40 -10.34
C SER U 214 94.73 -41.00 -10.66
N ALA U 215 93.64 -40.30 -10.36
CA ALA U 215 92.29 -40.84 -10.50
C ALA U 215 91.76 -40.77 -11.92
N THR U 216 92.45 -40.09 -12.83
CA THR U 216 91.98 -39.93 -14.20
C THR U 216 92.57 -40.96 -15.16
N LYS U 217 93.34 -41.93 -14.66
CA LYS U 217 93.96 -42.93 -15.51
C LYS U 217 93.11 -44.18 -15.71
N PHE U 218 91.98 -44.30 -15.01
CA PHE U 218 91.11 -45.46 -15.14
C PHE U 218 89.85 -45.17 -15.94
N THR U 219 89.85 -44.07 -16.71
CA THR U 219 88.68 -43.72 -17.50
C THR U 219 88.57 -44.61 -18.73
N PRO U 220 87.39 -45.14 -19.03
CA PRO U 220 87.20 -45.89 -20.28
C PRO U 220 87.51 -45.04 -21.50
N GLY U 221 87.96 -45.71 -22.56
CA GLY U 221 88.24 -45.04 -23.81
C GLY U 221 87.04 -44.98 -24.73
N SER V 1 -52.52 6.50 -62.56
CA SER V 1 -53.26 5.27 -62.29
C SER V 1 -52.33 4.18 -61.78
N LEU V 2 -51.68 4.44 -60.64
CA LEU V 2 -50.74 3.52 -60.04
C LEU V 2 -51.13 3.27 -58.59
N SER V 3 -50.70 2.12 -58.06
CA SER V 3 -51.08 1.73 -56.71
C SER V 3 -50.31 2.47 -55.62
N TYR V 4 -49.23 3.18 -55.98
CA TYR V 4 -48.43 3.89 -54.98
C TYR V 4 -48.68 5.39 -54.94
N LEU V 5 -49.35 5.95 -55.96
CA LEU V 5 -49.59 7.39 -55.95
C LEU V 5 -50.70 7.76 -54.97
N ASP V 6 -51.81 7.02 -54.98
CA ASP V 6 -52.95 7.18 -54.07
C ASP V 6 -53.58 8.59 -54.08
N GLY V 7 -53.22 9.43 -55.05
CA GLY V 7 -53.77 10.79 -55.09
C GLY V 7 -53.27 11.66 -53.95
N HIS V 8 -54.05 12.72 -53.68
CA HIS V 8 -53.81 13.67 -52.58
C HIS V 8 -52.47 14.41 -52.71
N LEU V 9 -52.02 14.60 -53.95
CA LEU V 9 -50.87 15.45 -54.20
C LEU V 9 -51.09 16.15 -55.53
N PRO V 10 -50.62 17.39 -55.68
CA PRO V 10 -50.88 18.14 -56.92
C PRO V 10 -50.16 17.53 -58.11
N GLY V 11 -50.76 17.71 -59.29
CA GLY V 11 -50.24 17.16 -60.51
C GLY V 11 -50.80 15.77 -60.80
N ASP V 12 -49.97 14.75 -60.58
CA ASP V 12 -50.33 13.34 -60.76
C ASP V 12 -50.87 13.07 -62.17
N MET V 13 -50.02 13.37 -63.15
CA MET V 13 -50.35 13.21 -64.56
C MET V 13 -50.18 11.78 -65.06
N GLY V 14 -49.81 10.85 -64.18
CA GLY V 14 -49.78 9.43 -64.49
C GLY V 14 -48.72 8.97 -65.48
N PHE V 15 -47.50 9.47 -65.37
CA PHE V 15 -46.38 8.99 -66.19
C PHE V 15 -45.33 8.39 -65.27
N ASP V 16 -45.36 7.06 -65.14
CA ASP V 16 -44.41 6.31 -64.35
C ASP V 16 -44.28 4.89 -64.89
N PRO V 17 -43.55 4.69 -65.99
CA PRO V 17 -43.46 3.34 -66.56
C PRO V 17 -42.60 2.40 -65.74
N LEU V 18 -41.48 2.88 -65.20
CA LEU V 18 -40.58 2.09 -64.37
C LEU V 18 -40.88 2.40 -62.90
N HIS V 19 -40.23 1.67 -62.01
CA HIS V 19 -40.39 1.84 -60.57
C HIS V 19 -39.62 3.05 -60.05
N LEU V 20 -39.96 4.24 -60.55
CA LEU V 20 -39.31 5.46 -60.07
C LEU V 20 -39.75 5.78 -58.64
N SER V 21 -41.05 5.75 -58.39
CA SER V 21 -41.60 6.00 -57.06
C SER V 21 -42.15 4.74 -56.40
N SER V 22 -42.09 3.61 -57.08
CA SER V 22 -42.65 2.37 -56.54
C SER V 22 -41.80 1.87 -55.38
N PRO V 23 -42.42 1.52 -54.25
CA PRO V 23 -41.63 1.00 -53.12
C PRO V 23 -41.12 -0.40 -53.39
N THR V 24 -39.82 -0.52 -53.65
CA THR V 24 -39.21 -1.82 -53.89
C THR V 24 -38.98 -2.56 -52.57
N VAL V 25 -38.78 -3.87 -52.67
CA VAL V 25 -38.49 -4.68 -51.48
C VAL V 25 -37.04 -4.44 -51.06
N SER V 26 -36.84 -4.30 -49.75
CA SER V 26 -35.51 -4.04 -49.20
C SER V 26 -35.37 -4.76 -47.86
N LEU V 27 -34.11 -4.95 -47.46
CA LEU V 27 -33.77 -5.64 -46.24
C LEU V 27 -32.83 -4.77 -45.42
N GLN V 28 -32.79 -5.05 -44.11
CA GLN V 28 -31.97 -4.30 -43.17
C GLN V 28 -31.00 -5.25 -42.48
N ILE V 29 -29.72 -4.86 -42.45
CA ILE V 29 -28.65 -5.67 -41.90
C ILE V 29 -28.08 -4.91 -40.70
N GLY V 30 -27.78 -5.65 -39.64
CA GLY V 30 -27.11 -5.04 -38.50
C GLY V 30 -25.70 -4.60 -38.86
N VAL V 31 -25.23 -3.58 -38.15
CA VAL V 31 -23.93 -2.99 -38.45
C VAL V 31 -22.81 -3.92 -38.01
N ASP V 32 -21.60 -3.63 -38.47
CA ASP V 32 -20.44 -4.44 -38.15
C ASP V 32 -19.82 -4.01 -36.83
N GLU V 33 -19.56 -4.98 -35.96
CA GLU V 33 -18.90 -4.73 -34.69
C GLU V 33 -17.42 -4.51 -34.95
N GLU V 34 -17.03 -3.25 -35.12
CA GLU V 34 -15.66 -2.91 -35.45
C GLU V 34 -14.83 -2.54 -34.23
N ASP V 35 -15.38 -2.69 -33.03
CA ASP V 35 -14.60 -2.48 -31.81
C ASP V 35 -13.55 -3.58 -31.70
N GLN V 36 -12.29 -3.23 -31.91
CA GLN V 36 -11.22 -4.22 -31.92
C GLN V 36 -10.82 -4.66 -30.52
N ASN V 37 -11.47 -4.14 -29.47
CA ASN V 37 -11.21 -4.55 -28.10
C ASN V 37 -12.20 -5.61 -27.63
N GLN V 38 -12.72 -6.42 -28.55
CA GLN V 38 -13.67 -7.48 -28.22
C GLN V 38 -13.14 -8.82 -28.74
N ALA V 39 -13.80 -9.89 -28.30
CA ALA V 39 -13.32 -11.24 -28.58
C ALA V 39 -13.54 -11.62 -30.04
N GLN V 40 -14.80 -11.69 -30.46
CA GLN V 40 -15.15 -12.12 -31.81
C GLN V 40 -16.06 -11.09 -32.45
N ASN V 41 -15.74 -10.70 -33.67
CA ASN V 41 -16.47 -9.67 -34.39
C ASN V 41 -17.07 -10.27 -35.67
N LYS V 42 -18.36 -10.02 -35.90
CA LYS V 42 -19.05 -10.50 -37.08
C LYS V 42 -19.66 -9.32 -37.85
N LYS V 43 -20.40 -9.65 -38.90
CA LYS V 43 -21.02 -8.65 -39.77
C LYS V 43 -22.46 -8.34 -39.41
N GLY V 44 -22.99 -8.94 -38.35
CA GLY V 44 -24.36 -8.74 -37.94
C GLY V 44 -25.32 -9.65 -38.69
N ASP V 45 -26.60 -9.51 -38.33
CA ASP V 45 -27.66 -10.32 -38.93
C ASP V 45 -28.80 -9.38 -39.31
N VAL V 46 -29.91 -9.97 -39.76
CA VAL V 46 -31.08 -9.19 -40.16
C VAL V 46 -31.89 -8.87 -38.91
N GLU V 47 -31.93 -7.59 -38.54
CA GLU V 47 -32.69 -7.17 -37.37
C GLU V 47 -34.18 -7.14 -37.65
N ALA V 48 -34.58 -6.68 -38.83
CA ALA V 48 -35.98 -6.63 -39.21
C ALA V 48 -36.09 -6.74 -40.72
N ILE V 49 -37.28 -7.11 -41.18
CA ILE V 49 -37.58 -7.24 -42.60
C ILE V 49 -38.83 -6.44 -42.92
N PHE V 50 -38.72 -5.55 -43.89
CA PHE V 50 -39.83 -4.71 -44.35
C PHE V 50 -40.31 -5.23 -45.70
N ARG V 51 -41.61 -5.47 -45.81
CA ARG V 51 -42.21 -6.02 -47.02
C ARG V 51 -43.29 -5.05 -47.50
N PRO V 52 -42.93 -4.07 -48.33
CA PRO V 52 -43.88 -3.09 -48.86
C PRO V 52 -44.78 -3.67 -49.94
N GLU V 53 -37.85 11.23 -42.58
CA GLU V 53 -37.27 12.57 -42.64
C GLU V 53 -36.33 12.70 -43.83
N VAL V 54 -36.08 11.59 -44.52
CA VAL V 54 -35.23 11.62 -45.71
C VAL V 54 -35.92 12.39 -46.82
N PHE V 55 -37.18 12.06 -47.10
CA PHE V 55 -37.98 12.73 -48.11
C PHE V 55 -39.18 13.43 -47.48
N GLY V 56 -38.98 14.04 -46.32
CA GLY V 56 -40.06 14.66 -45.59
C GLY V 56 -40.50 15.98 -46.19
N LEU V 57 -41.51 16.58 -45.55
CA LEU V 57 -42.08 17.83 -46.04
C LEU V 57 -41.26 19.04 -45.62
N ALA V 58 -40.50 18.95 -44.53
CA ALA V 58 -39.78 20.10 -44.02
C ALA V 58 -38.66 20.54 -44.96
N ARG V 59 -37.81 19.60 -45.39
CA ARG V 59 -36.71 19.93 -46.29
C ARG V 59 -37.24 20.36 -47.65
N PHE V 60 -38.32 19.73 -48.11
CA PHE V 60 -38.96 20.13 -49.36
C PHE V 60 -39.51 21.55 -49.26
N ARG V 61 -40.08 21.92 -48.12
CA ARG V 61 -40.55 23.27 -47.89
C ARG V 61 -39.38 24.26 -47.90
N GLU V 62 -38.27 23.89 -47.26
CA GLU V 62 -37.08 24.74 -47.23
C GLU V 62 -36.58 25.03 -48.64
N THR V 63 -36.37 23.97 -49.42
CA THR V 63 -35.80 24.13 -50.74
C THR V 63 -36.79 24.84 -51.68
N GLU V 64 -38.10 24.66 -51.45
CA GLU V 64 -39.07 25.33 -52.31
C GLU V 64 -39.17 26.83 -52.00
N VAL V 65 -39.13 27.20 -50.72
CA VAL V 65 -39.20 28.63 -50.40
C VAL V 65 -37.91 29.34 -50.81
N ILE V 66 -36.77 28.65 -50.75
CA ILE V 66 -35.55 29.34 -51.15
C ILE V 66 -35.42 29.38 -52.67
N HIS V 67 -35.98 28.38 -53.38
CA HIS V 67 -36.12 28.54 -54.83
C HIS V 67 -37.06 29.67 -55.19
N GLY V 68 -38.14 29.85 -54.41
CA GLY V 68 -39.00 30.99 -54.63
C GLY V 68 -38.27 32.31 -54.45
N ARG V 69 -37.44 32.39 -53.40
CA ARG V 69 -36.66 33.61 -53.15
C ARG V 69 -35.65 33.88 -54.26
N TRP V 70 -34.87 32.86 -54.65
CA TRP V 70 -33.86 33.05 -55.69
C TRP V 70 -34.51 33.35 -57.03
N ALA V 71 -35.63 32.70 -57.33
CA ALA V 71 -36.35 32.96 -58.57
C ALA V 71 -36.92 34.36 -58.59
N MET V 72 -37.40 34.84 -57.44
CA MET V 72 -37.99 36.18 -57.37
C MET V 72 -36.91 37.24 -57.55
N LEU V 73 -35.76 37.04 -56.90
CA LEU V 73 -34.61 37.94 -57.05
C LEU V 73 -34.11 37.96 -58.50
N GLY V 74 -33.96 36.79 -59.11
CA GLY V 74 -33.51 36.73 -60.49
C GLY V 74 -34.52 37.26 -61.48
N THR V 75 -35.82 37.13 -61.16
CA THR V 75 -36.84 37.72 -62.01
C THR V 75 -36.72 39.23 -62.04
N LEU V 76 -36.50 39.83 -60.87
CA LEU V 76 -36.26 41.27 -60.84
C LEU V 76 -34.94 41.63 -61.50
N GLY V 77 -33.94 40.76 -61.37
CA GLY V 77 -32.68 40.99 -62.07
C GLY V 77 -32.86 41.04 -63.58
N ALA V 78 -33.64 40.10 -64.12
CA ALA V 78 -33.93 40.11 -65.55
C ALA V 78 -34.72 41.35 -65.94
N ILE V 79 -35.78 41.65 -65.19
CA ILE V 79 -36.67 42.76 -65.55
C ILE V 79 -36.00 44.12 -65.39
N VAL V 80 -34.92 44.22 -64.62
CA VAL V 80 -34.21 45.48 -64.52
C VAL V 80 -33.02 45.53 -65.49
N GLY V 81 -32.25 44.44 -65.57
CA GLY V 81 -31.12 44.39 -66.48
C GLY V 81 -31.51 44.59 -67.93
N GLU V 82 -32.55 43.89 -68.37
CA GLU V 82 -33.18 44.30 -69.61
C GLU V 82 -34.09 45.47 -69.31
N ALA V 83 -34.11 46.46 -70.22
CA ALA V 83 -34.73 47.78 -70.12
C ALA V 83 -34.02 48.69 -69.13
N ALA V 84 -32.89 48.28 -68.55
CA ALA V 84 -31.99 49.21 -67.89
C ALA V 84 -30.67 49.39 -68.62
N THR V 85 -30.19 48.34 -69.32
CA THR V 85 -29.03 48.43 -70.17
C THR V 85 -29.29 48.02 -71.61
N GLY V 86 -30.43 47.37 -71.89
CA GLY V 86 -30.78 47.00 -73.24
C GLY V 86 -30.34 45.63 -73.68
N VAL V 87 -29.55 44.92 -72.88
CA VAL V 87 -29.06 43.61 -73.24
C VAL V 87 -29.99 42.55 -72.65
N SER V 88 -30.23 41.50 -73.42
CA SER V 88 -31.08 40.41 -72.97
C SER V 88 -30.37 39.59 -71.90
N TRP V 89 -31.18 38.95 -71.04
CA TRP V 89 -30.61 38.12 -69.99
C TRP V 89 -29.98 36.86 -70.54
N VAL V 90 -30.46 36.38 -71.70
CA VAL V 90 -29.85 35.22 -72.35
C VAL V 90 -28.44 35.59 -72.84
N ASP V 91 -28.32 36.72 -73.52
CA ASP V 91 -27.04 37.17 -74.06
C ASP V 91 -26.26 38.02 -73.06
N ALA V 92 -26.69 38.05 -71.79
CA ALA V 92 -25.96 38.81 -70.78
C ALA V 92 -24.63 38.19 -70.43
N GLY V 93 -24.49 36.88 -70.66
CA GLY V 93 -23.21 36.24 -70.39
C GLY V 93 -22.11 36.68 -71.34
N LYS V 94 -22.45 36.87 -72.62
CA LYS V 94 -21.43 37.25 -73.60
C LYS V 94 -20.97 38.69 -73.40
N VAL V 95 -21.91 39.60 -73.14
CA VAL V 95 -21.55 41.02 -72.97
C VAL V 95 -20.73 41.25 -71.71
N GLU V 96 -20.87 40.42 -70.68
CA GLU V 96 -20.06 40.50 -69.49
C GLU V 96 -18.75 39.73 -69.64
N LEU V 97 -18.76 38.65 -70.42
CA LEU V 97 -17.53 37.92 -70.72
C LEU V 97 -16.56 38.79 -71.52
N ASP V 98 -17.06 39.52 -72.50
CA ASP V 98 -16.23 40.38 -73.32
C ASP V 98 -16.46 41.84 -72.92
N GLY V 99 -15.60 42.35 -72.05
CA GLY V 99 -15.73 43.74 -71.64
C GLY V 99 -16.93 44.01 -70.76
N ALA V 100 -16.88 43.56 -69.51
CA ALA V 100 -18.00 43.66 -68.59
C ALA V 100 -18.42 45.10 -68.35
N GLN V 101 -19.74 45.33 -68.23
CA GLN V 101 -20.30 46.64 -67.91
C GLN V 101 -21.23 46.53 -66.72
N TYR V 102 -21.55 47.69 -66.14
CA TYR V 102 -22.61 47.80 -65.14
C TYR V 102 -23.12 49.23 -65.16
N LEU V 103 -24.30 49.43 -65.76
CA LEU V 103 -24.89 50.77 -65.97
C LEU V 103 -23.93 51.69 -66.72
N GLY V 104 -23.24 51.13 -67.71
CA GLY V 104 -22.24 51.88 -68.45
C GLY V 104 -20.95 52.09 -67.71
N GLN V 105 -20.77 51.44 -66.55
CA GLN V 105 -19.57 51.55 -65.74
C GLN V 105 -18.68 50.35 -65.99
N SER V 106 -17.44 50.61 -66.39
CA SER V 106 -16.48 49.56 -66.69
C SER V 106 -15.95 48.94 -65.41
N LEU V 107 -15.99 47.62 -65.34
CA LEU V 107 -15.47 46.90 -64.18
C LEU V 107 -14.37 45.95 -64.63
N PRO V 108 -13.19 45.99 -63.99
CA PRO V 108 -12.05 45.18 -64.44
C PRO V 108 -12.06 43.76 -63.90
N PHE V 109 -12.86 42.90 -64.52
CA PHE V 109 -12.98 41.50 -64.12
C PHE V 109 -13.04 40.61 -65.35
N SER V 110 -12.23 39.55 -65.35
CA SER V 110 -12.21 38.57 -66.42
C SER V 110 -13.07 37.36 -66.05
N ILE V 111 -13.19 36.42 -67.00
CA ILE V 111 -14.06 35.27 -66.79
C ILE V 111 -13.48 34.32 -65.74
N SER V 112 -12.18 34.02 -65.81
CA SER V 112 -11.59 33.08 -64.87
C SER V 112 -11.50 33.66 -63.47
N GLN V 113 -11.09 34.93 -63.36
CA GLN V 113 -11.05 35.59 -62.07
C GLN V 113 -12.46 35.69 -61.48
N LEU V 114 -13.44 36.04 -62.32
CA LEU V 114 -14.82 36.14 -61.86
C LEU V 114 -15.35 34.81 -61.35
N ILE V 115 -15.10 33.72 -62.08
CA ILE V 115 -15.64 32.43 -61.66
C ILE V 115 -14.95 31.95 -60.39
N TRP V 116 -13.65 32.22 -60.27
CA TRP V 116 -12.90 31.84 -59.06
C TRP V 116 -13.45 32.55 -57.81
N ILE V 117 -13.49 33.89 -57.85
CA ILE V 117 -13.92 34.63 -56.66
C ILE V 117 -15.42 34.46 -56.42
N GLU V 118 -16.21 34.33 -57.50
CA GLU V 118 -17.64 34.11 -57.34
C GLU V 118 -17.92 32.77 -56.68
N ALA V 119 -17.22 31.71 -57.10
CA ALA V 119 -17.38 30.40 -56.48
C ALA V 119 -16.95 30.41 -55.02
N ILE V 120 -15.84 31.10 -54.72
CA ILE V 120 -15.38 31.22 -53.33
C ILE V 120 -16.44 31.90 -52.47
N LEU V 121 -16.97 33.04 -52.95
CA LEU V 121 -17.93 33.79 -52.16
C LEU V 121 -19.27 33.06 -52.02
N VAL V 122 -19.75 32.39 -53.09
CA VAL V 122 -21.02 31.70 -52.95
C VAL V 122 -20.88 30.47 -52.06
N GLY V 123 -19.75 29.76 -52.11
CA GLY V 123 -19.53 28.66 -51.19
C GLY V 123 -19.48 29.14 -49.74
N GLY V 124 -18.76 30.23 -49.49
CA GLY V 124 -18.71 30.77 -48.14
C GLY V 124 -20.06 31.24 -47.64
N VAL V 125 -20.84 31.91 -48.50
CA VAL V 125 -22.12 32.43 -48.04
C VAL V 125 -23.13 31.30 -47.83
N GLU V 126 -23.06 30.23 -48.63
CA GLU V 126 -23.98 29.11 -48.39
C GLU V 126 -23.60 28.35 -47.13
N VAL V 127 -22.29 28.22 -46.86
CA VAL V 127 -21.85 27.59 -45.61
C VAL V 127 -22.31 28.42 -44.42
N LEU V 128 -22.18 29.74 -44.51
CA LEU V 128 -22.69 30.62 -43.47
C LEU V 128 -24.22 30.59 -43.37
N ARG V 129 -24.90 30.25 -44.47
CA ARG V 129 -26.36 30.19 -44.47
C ARG V 129 -26.87 28.95 -43.75
N ASN V 130 -26.25 27.79 -43.98
CA ASN V 130 -26.76 26.55 -43.41
C ASN V 130 -26.04 26.15 -42.12
N ASN V 131 -25.66 27.12 -41.30
CA ASN V 131 -24.86 26.87 -40.10
C ASN V 131 -25.68 26.81 -38.82
N GLU V 132 -26.97 26.48 -38.91
CA GLU V 132 -27.79 26.37 -37.71
C GLU V 132 -28.85 25.30 -37.92
N LEU V 133 -29.43 24.84 -36.81
CA LEU V 133 -30.23 23.63 -36.78
C LEU V 133 -31.72 23.84 -37.05
N ASP V 134 -32.28 24.99 -36.69
CA ASP V 134 -33.72 25.17 -36.77
C ASP V 134 -34.19 25.30 -38.21
N LEU V 135 -35.21 24.51 -38.58
CA LEU V 135 -35.84 24.70 -39.87
C LEU V 135 -36.57 26.03 -39.94
N GLU V 136 -37.22 26.42 -38.83
CA GLU V 136 -37.92 27.71 -38.77
C GLU V 136 -36.94 28.87 -38.93
N LYS V 137 -35.80 28.82 -38.24
CA LYS V 137 -34.81 29.87 -38.40
C LYS V 137 -34.10 29.81 -39.75
N ARG V 138 -34.01 28.61 -40.34
CA ARG V 138 -33.33 28.49 -41.63
C ARG V 138 -34.16 29.08 -42.76
N ILE V 139 -35.48 28.89 -42.73
CA ILE V 139 -36.30 29.50 -43.77
C ILE V 139 -36.65 30.94 -43.40
N TYR V 140 -36.75 31.23 -42.10
CA TYR V 140 -37.00 32.58 -41.60
C TYR V 140 -35.94 32.98 -40.59
N PRO V 141 -34.87 33.64 -41.01
CA PRO V 141 -33.89 34.17 -40.04
C PRO V 141 -34.52 35.23 -39.15
N GLY V 142 -33.93 35.37 -37.97
CA GLY V 142 -34.47 36.29 -36.98
C GLY V 142 -34.29 37.76 -37.27
N GLY V 143 -34.40 38.58 -36.21
CA GLY V 143 -34.38 40.02 -36.34
C GLY V 143 -33.13 40.60 -36.96
N ALA V 144 -32.02 39.83 -36.95
CA ALA V 144 -30.79 40.28 -37.59
C ALA V 144 -31.00 40.51 -39.09
N PHE V 145 -31.93 39.79 -39.70
CA PHE V 145 -32.29 40.03 -41.09
C PHE V 145 -33.62 40.73 -41.25
N ASP V 146 -34.17 41.29 -40.17
CA ASP V 146 -35.49 41.93 -40.20
C ASP V 146 -35.45 43.32 -39.57
N PRO V 147 -35.01 44.33 -40.32
CA PRO V 147 -35.14 45.71 -39.83
C PRO V 147 -36.55 46.25 -39.88
N LEU V 148 -37.47 45.55 -40.55
CA LEU V 148 -38.83 46.06 -40.70
C LEU V 148 -39.76 45.56 -39.60
N ASN V 149 -39.66 44.27 -39.25
CA ASN V 149 -40.58 43.59 -38.33
C ASN V 149 -42.02 43.74 -38.82
N LEU V 150 -42.25 43.25 -40.04
CA LEU V 150 -43.57 43.35 -40.65
C LEU V 150 -44.51 42.27 -40.14
N ALA V 151 -44.17 41.00 -40.39
CA ALA V 151 -44.98 39.86 -39.97
C ALA V 151 -44.06 38.85 -39.30
N ASP V 152 -43.96 38.93 -37.98
CA ASP V 152 -43.09 38.04 -37.21
C ASP V 152 -43.89 37.33 -36.13
N GLU V 153 -43.18 36.73 -35.17
CA GLU V 153 -43.73 35.99 -34.05
C GLU V 153 -44.38 36.88 -32.97
N GLU V 154 -44.59 38.18 -33.17
CA GLU V 154 -45.17 39.01 -32.13
C GLU V 154 -46.66 38.76 -31.94
N ASP V 155 -47.36 38.29 -32.97
CA ASP V 155 -48.80 38.12 -32.87
C ASP V 155 -49.28 36.74 -33.29
N GLU V 156 -48.64 36.15 -34.31
CA GLU V 156 -48.98 34.83 -34.86
C GLU V 156 -50.37 34.77 -35.46
N GLU V 157 -50.87 35.90 -35.99
CA GLU V 157 -52.02 35.86 -36.90
C GLU V 157 -51.76 36.55 -38.22
N LYS V 158 -50.79 37.46 -38.30
CA LYS V 158 -50.48 38.16 -39.54
C LYS V 158 -49.30 37.55 -40.28
N SER V 159 -48.68 36.51 -39.73
CA SER V 159 -47.54 35.89 -40.40
C SER V 159 -47.98 34.80 -41.37
N PHE V 160 -49.02 34.05 -41.03
CA PHE V 160 -49.48 32.96 -41.90
C PHE V 160 -50.62 33.39 -42.82
N ARG V 161 -51.11 34.63 -42.71
CA ARG V 161 -52.05 35.13 -43.70
C ARG V 161 -51.36 35.35 -45.04
N LEU V 162 -50.03 35.43 -45.03
CA LEU V 162 -49.22 35.61 -46.22
C LEU V 162 -48.23 34.49 -46.44
N LYS V 163 -48.19 33.48 -45.55
CA LYS V 163 -47.24 32.38 -45.70
C LYS V 163 -47.51 31.56 -46.95
N THR V 164 -48.79 31.30 -47.27
CA THR V 164 -49.11 30.68 -48.55
C THR V 164 -48.86 31.65 -49.70
N ALA V 165 -49.07 32.95 -49.46
CA ALA V 165 -48.82 33.95 -50.49
C ALA V 165 -47.34 34.02 -50.87
N GLU V 166 -46.45 33.71 -49.91
CA GLU V 166 -45.03 33.62 -50.20
C GLU V 166 -44.76 32.59 -51.30
N ILE V 167 -45.33 31.39 -51.15
CA ILE V 167 -45.03 30.35 -52.10
C ILE V 167 -45.84 30.53 -53.37
N LYS V 168 -46.99 31.22 -53.31
CA LYS V 168 -47.70 31.58 -54.54
C LYS V 168 -46.88 32.56 -55.38
N HIS V 169 -46.28 33.57 -54.74
CA HIS V 169 -45.41 34.48 -55.47
C HIS V 169 -44.14 33.78 -55.95
N GLY V 170 -43.64 32.83 -55.16
CA GLY V 170 -42.48 32.06 -55.59
C GLY V 170 -42.75 31.21 -56.81
N ARG V 171 -43.89 30.51 -56.82
CA ARG V 171 -44.26 29.72 -57.98
C ARG V 171 -44.63 30.61 -59.17
N LEU V 172 -45.12 31.82 -58.90
CA LEU V 172 -45.31 32.81 -59.95
C LEU V 172 -43.97 33.17 -60.58
N ALA V 173 -42.94 33.37 -59.76
CA ALA V 173 -41.61 33.63 -60.29
C ALA V 173 -41.06 32.43 -61.05
N MET V 174 -41.35 31.22 -60.57
CA MET V 174 -40.92 29.99 -61.25
C MET V 174 -41.53 29.89 -62.64
N VAL V 175 -42.85 30.07 -62.75
CA VAL V 175 -43.47 30.00 -64.08
C VAL V 175 -43.10 31.21 -64.93
N ALA V 176 -42.77 32.34 -64.29
CA ALA V 176 -42.30 33.49 -65.04
C ALA V 176 -40.95 33.22 -65.70
N PHE V 177 -40.02 32.62 -64.98
CA PHE V 177 -38.74 32.31 -65.60
C PHE V 177 -38.84 31.09 -66.51
N LEU V 178 -39.83 30.22 -66.27
CA LEU V 178 -40.08 29.13 -67.21
C LEU V 178 -40.61 29.66 -68.53
N GLY V 179 -41.43 30.72 -68.49
CA GLY V 179 -41.82 31.40 -69.71
C GLY V 179 -40.69 32.23 -70.30
N PHE V 180 -39.77 32.71 -69.46
CA PHE V 180 -38.57 33.37 -69.96
C PHE V 180 -37.73 32.40 -70.78
N GLY V 181 -37.56 31.18 -70.29
CA GLY V 181 -36.80 30.16 -70.97
C GLY V 181 -37.55 29.60 -72.17
N ILE V 182 -36.93 28.60 -72.80
CA ILE V 182 -37.40 27.88 -73.99
C ILE V 182 -37.45 28.78 -75.22
N GLN V 183 -38.01 29.99 -75.06
CA GLN V 183 -38.12 30.93 -76.18
C GLN V 183 -36.76 31.43 -76.64
N ALA V 184 -35.72 31.29 -75.80
CA ALA V 184 -34.37 31.54 -76.25
C ALA V 184 -33.96 30.53 -77.31
N ALA V 185 -34.52 29.31 -77.27
CA ALA V 185 -34.28 28.31 -78.29
C ALA V 185 -35.41 28.26 -79.31
N ALA V 186 -36.62 28.68 -78.90
CA ALA V 186 -37.78 28.64 -79.79
C ALA V 186 -37.88 29.92 -80.63
N THR V 187 -37.98 31.07 -79.98
CA THR V 187 -38.04 32.34 -80.71
C THR V 187 -36.68 33.02 -80.77
N GLY V 188 -35.76 32.63 -79.89
CA GLY V 188 -34.46 33.27 -79.81
C GLY V 188 -34.36 34.44 -78.86
N GLU V 189 -35.48 34.87 -78.27
CA GLU V 189 -35.48 36.02 -77.39
C GLU V 189 -36.40 35.74 -76.21
N GLY V 190 -36.10 36.37 -75.07
CA GLY V 190 -36.87 36.17 -73.87
C GLY V 190 -37.11 37.49 -73.14
N ALA V 191 -37.85 37.38 -72.04
CA ALA V 191 -38.25 38.49 -71.15
C ALA V 191 -39.06 39.49 -71.99
N LEU V 192 -38.90 40.80 -71.78
CA LEU V 192 -39.69 41.76 -72.54
C LEU V 192 -39.13 41.93 -73.96
N GLY V 193 -37.93 41.41 -74.22
CA GLY V 193 -37.42 41.41 -75.58
C GLY V 193 -38.24 40.54 -76.51
N SER V 194 -38.74 39.40 -76.00
CA SER V 194 -39.61 38.55 -76.80
C SER V 194 -40.99 39.16 -77.00
N LEU V 195 -41.34 40.17 -76.21
CA LEU V 195 -42.63 40.86 -76.34
C LEU V 195 -42.66 41.85 -77.49
N ALA V 196 -41.60 41.90 -78.31
CA ALA V 196 -41.62 42.71 -79.52
C ALA V 196 -42.56 42.15 -80.57
N LYS V 197 -42.88 40.86 -80.50
CA LYS V 197 -43.86 40.26 -81.40
C LYS V 197 -45.28 40.75 -81.15
N PHE V 198 -45.56 41.29 -79.96
CA PHE V 198 -46.88 41.86 -79.71
C PHE V 198 -47.10 43.13 -80.50
N THR V 199 -46.00 43.82 -80.85
CA THR V 199 -46.11 44.93 -81.79
C THR V 199 -46.51 44.44 -83.17
N SER V 200 -46.02 43.25 -83.56
CA SER V 200 -46.43 42.64 -84.81
C SER V 200 -47.90 42.19 -84.74
N SER V 201 -48.33 41.72 -83.56
CA SER V 201 -49.72 41.30 -83.41
C SER V 201 -50.68 42.48 -83.39
N LEU V 202 -50.24 43.64 -82.92
CA LEU V 202 -51.07 44.84 -82.92
C LEU V 202 -50.36 45.98 -83.66
N ASP W 2 38.62 -80.42 -22.27
CA ASP W 2 39.76 -81.27 -22.01
C ASP W 2 39.49 -82.67 -22.54
N LEU W 3 38.60 -83.38 -21.87
CA LEU W 3 38.27 -84.76 -22.22
C LEU W 3 36.96 -84.88 -22.98
N GLU W 4 35.97 -84.05 -22.64
CA GLU W 4 34.65 -84.16 -23.25
C GLU W 4 34.64 -83.67 -24.70
N LYS W 5 35.71 -83.00 -25.14
CA LYS W 5 35.73 -82.41 -26.48
C LYS W 5 35.79 -83.47 -27.58
N TRP W 6 36.41 -84.63 -27.31
CA TRP W 6 36.59 -85.65 -28.32
C TRP W 6 35.75 -86.89 -28.12
N TYR W 7 35.17 -87.09 -26.93
CA TYR W 7 34.40 -88.29 -26.64
C TYR W 7 32.96 -87.92 -26.31
N GLY W 8 32.09 -88.92 -26.42
CA GLY W 8 30.70 -88.77 -26.05
C GLY W 8 29.84 -88.23 -27.19
N PRO W 9 28.57 -87.96 -26.88
CA PRO W 9 27.68 -87.40 -27.92
C PRO W 9 27.96 -85.94 -28.22
N ASP W 10 28.34 -85.15 -27.23
CA ASP W 10 28.62 -83.73 -27.44
C ASP W 10 30.12 -83.51 -27.64
N ARG W 11 30.57 -83.92 -28.82
CA ARG W 11 31.96 -83.79 -29.24
C ARG W 11 32.03 -83.10 -30.58
N LYS W 12 33.23 -82.65 -30.94
CA LYS W 12 33.45 -82.02 -32.22
C LYS W 12 33.36 -83.05 -33.32
N LEU W 13 32.27 -83.01 -34.09
CA LEU W 13 32.09 -83.89 -35.22
C LEU W 13 32.81 -83.33 -36.44
N PHE W 14 32.84 -84.14 -37.51
CA PHE W 14 33.50 -83.70 -38.73
C PHE W 14 32.77 -82.53 -39.40
N LEU W 15 31.55 -82.23 -38.98
CA LEU W 15 30.82 -81.06 -39.40
C LEU W 15 30.25 -80.40 -38.15
N PRO W 16 30.07 -79.07 -38.16
CA PRO W 16 29.55 -78.40 -36.96
C PRO W 16 28.09 -78.71 -36.68
N GLY W 17 27.55 -78.08 -35.64
CA GLY W 17 26.16 -78.32 -35.28
C GLY W 17 25.17 -77.84 -36.32
N GLY W 18 25.46 -76.70 -36.95
CA GLY W 18 24.55 -76.16 -37.94
C GLY W 18 24.59 -76.85 -39.28
N LEU W 19 25.68 -77.53 -39.62
CA LEU W 19 25.80 -78.23 -40.89
C LEU W 19 25.54 -79.72 -40.78
N LEU W 20 25.30 -80.23 -39.57
CA LEU W 20 25.04 -81.65 -39.37
C LEU W 20 24.29 -81.82 -38.06
N ASP W 21 23.16 -82.52 -38.10
CA ASP W 21 22.40 -82.78 -36.89
C ASP W 21 23.13 -83.79 -36.01
N ARG W 22 22.87 -83.71 -34.70
CA ARG W 22 23.59 -84.54 -33.75
C ARG W 22 23.19 -86.00 -33.81
N ASP W 23 22.00 -86.32 -34.33
CA ASP W 23 21.54 -87.70 -34.41
C ASP W 23 21.79 -88.33 -35.78
N ASP W 24 22.46 -87.63 -36.69
CA ASP W 24 22.79 -88.20 -37.99
C ASP W 24 24.08 -88.99 -37.98
N VAL W 25 24.82 -88.97 -36.87
CA VAL W 25 26.03 -89.79 -36.74
C VAL W 25 25.63 -91.26 -36.69
N PRO W 26 26.36 -92.15 -37.35
CA PRO W 26 26.07 -93.59 -37.22
C PRO W 26 26.21 -94.06 -35.78
N GLU W 27 25.41 -95.07 -35.43
CA GLU W 27 25.30 -95.53 -34.05
C GLU W 27 26.62 -96.11 -33.53
N TYR W 28 27.34 -96.87 -34.35
CA TYR W 28 28.57 -97.52 -33.92
C TYR W 28 29.72 -96.54 -33.66
N LEU W 29 29.49 -95.25 -33.85
CA LEU W 29 30.44 -94.19 -33.50
C LEU W 29 29.78 -93.37 -32.39
N ASN W 30 29.92 -93.81 -31.15
CA ASN W 30 29.28 -93.17 -30.01
C ASN W 30 30.28 -92.43 -29.13
N GLY W 31 31.39 -91.99 -29.72
CA GLY W 31 32.41 -91.29 -28.96
C GLY W 31 33.11 -92.15 -27.93
N GLU W 32 33.41 -93.39 -28.27
CA GLU W 32 34.11 -94.30 -27.37
C GLU W 32 35.52 -94.62 -27.84
N LEU W 33 35.91 -94.15 -29.01
CA LEU W 33 37.25 -94.34 -29.55
C LEU W 33 37.89 -92.98 -29.85
N ALA W 34 39.22 -92.96 -29.83
CA ALA W 34 39.95 -91.74 -30.09
C ALA W 34 39.79 -91.32 -31.55
N GLY W 35 39.59 -90.01 -31.76
CA GLY W 35 39.41 -89.51 -33.11
C GLY W 35 38.03 -89.70 -33.68
N ASP W 36 37.05 -90.06 -32.84
CA ASP W 36 35.67 -90.27 -33.29
C ASP W 36 35.07 -88.92 -33.69
N TYR W 37 34.90 -88.72 -34.99
CA TYR W 37 34.29 -87.51 -35.51
C TYR W 37 32.96 -87.77 -36.20
N GLY W 38 32.45 -88.99 -36.12
CA GLY W 38 31.24 -89.33 -36.85
C GLY W 38 31.41 -89.32 -38.35
N TYR W 39 32.57 -89.74 -38.85
CA TYR W 39 32.84 -89.76 -40.27
C TYR W 39 32.64 -91.16 -40.81
N ASP W 40 31.52 -91.39 -41.49
CA ASP W 40 31.29 -92.64 -42.19
C ASP W 40 30.22 -92.44 -43.28
N PRO W 41 30.54 -91.78 -44.39
CA PRO W 41 29.54 -91.63 -45.45
C PRO W 41 29.27 -92.92 -46.20
N LEU W 42 30.21 -93.86 -46.18
CA LEU W 42 30.07 -95.14 -46.87
C LEU W 42 29.73 -96.23 -45.86
N GLY W 43 29.20 -97.34 -46.37
CA GLY W 43 28.87 -98.47 -45.53
C GLY W 43 30.08 -99.32 -45.22
N LEU W 44 31.09 -98.73 -44.59
CA LEU W 44 32.32 -99.44 -44.26
C LEU W 44 32.52 -99.67 -42.77
N GLY W 45 31.89 -98.85 -41.93
CA GLY W 45 32.00 -99.06 -40.49
C GLY W 45 31.20 -100.24 -39.99
N LYS W 46 30.06 -100.52 -40.64
CA LYS W 46 29.18 -101.65 -40.34
C LYS W 46 28.68 -101.62 -38.90
N ASP W 47 29.51 -102.08 -37.97
CA ASP W 47 29.13 -102.15 -36.57
C ASP W 47 30.42 -101.97 -35.76
N GLU W 48 30.27 -101.72 -34.45
CA GLU W 48 31.39 -101.27 -33.64
C GLU W 48 32.51 -102.30 -33.53
N GLU W 49 32.20 -103.60 -33.69
CA GLU W 49 33.31 -104.55 -33.65
C GLU W 49 34.16 -104.45 -34.92
N GLN W 50 33.55 -104.23 -36.08
CA GLN W 50 34.34 -103.98 -37.28
C GLN W 50 35.08 -102.65 -37.17
N VAL W 51 34.48 -101.67 -36.48
CA VAL W 51 35.18 -100.42 -36.20
C VAL W 51 36.44 -100.70 -35.38
N GLU W 52 36.32 -101.57 -34.38
CA GLU W 52 37.47 -101.94 -33.56
C GLU W 52 38.53 -102.70 -34.36
N LYS W 53 38.09 -103.58 -35.27
CA LYS W 53 39.05 -104.34 -36.08
C LYS W 53 39.78 -103.43 -37.06
N TYR W 54 39.11 -102.40 -37.58
CA TYR W 54 39.80 -101.46 -38.46
C TYR W 54 40.56 -100.38 -37.69
N ARG W 55 40.30 -100.25 -36.39
CA ARG W 55 41.08 -99.32 -35.57
C ARG W 55 42.53 -99.77 -35.46
N ALA W 56 42.78 -101.08 -35.45
CA ALA W 56 44.15 -101.57 -35.51
C ALA W 56 44.82 -101.16 -36.81
N ASN W 57 44.08 -101.25 -37.92
CA ASN W 57 44.60 -100.79 -39.20
C ASN W 57 44.93 -99.30 -39.15
N GLU W 58 44.02 -98.50 -38.60
CA GLU W 58 44.27 -97.08 -38.40
C GLU W 58 45.55 -96.82 -37.62
N LEU W 59 45.67 -97.45 -36.45
CA LEU W 59 46.81 -97.18 -35.58
C LEU W 59 48.11 -97.57 -36.24
N LEU W 60 48.19 -98.78 -36.81
CA LEU W 60 49.46 -99.25 -37.33
C LEU W 60 49.85 -98.48 -38.60
N HIS W 61 48.87 -98.22 -39.48
CA HIS W 61 49.12 -97.38 -40.65
C HIS W 61 49.58 -96.00 -40.24
N ALA W 62 49.00 -95.45 -39.17
CA ALA W 62 49.39 -94.14 -38.68
C ALA W 62 50.82 -94.13 -38.17
N ARG W 63 51.22 -95.20 -37.46
CA ARG W 63 52.57 -95.23 -36.90
C ARG W 63 53.62 -95.30 -38.00
N TRP W 64 53.48 -96.24 -38.94
CA TRP W 64 54.43 -96.24 -40.06
C TRP W 64 54.26 -95.01 -40.96
N ALA W 65 53.10 -94.36 -40.94
CA ALA W 65 52.94 -93.13 -41.69
C ALA W 65 53.74 -91.98 -41.10
N MET W 66 53.72 -91.84 -39.77
CA MET W 66 54.50 -90.77 -39.15
C MET W 66 55.99 -91.04 -39.27
N LEU W 67 56.40 -92.31 -39.11
CA LEU W 67 57.81 -92.63 -39.33
C LEU W 67 58.21 -92.34 -40.78
N ALA W 68 57.35 -92.66 -41.74
CA ALA W 68 57.64 -92.39 -43.14
C ALA W 68 57.73 -90.89 -43.40
N ALA W 69 56.81 -90.11 -42.83
CA ALA W 69 56.82 -88.67 -43.03
C ALA W 69 58.09 -88.03 -42.48
N ALA W 70 58.49 -88.42 -41.27
CA ALA W 70 59.72 -87.87 -40.69
C ALA W 70 60.94 -88.31 -41.49
N GLY W 71 61.00 -89.58 -41.89
CA GLY W 71 62.13 -90.10 -42.65
C GLY W 71 62.14 -89.67 -44.11
N ILE W 72 61.09 -88.99 -44.56
CA ILE W 72 61.13 -88.35 -45.86
C ILE W 72 61.54 -86.88 -45.73
N ILE W 73 60.98 -86.17 -44.75
CA ILE W 73 61.26 -84.74 -44.59
C ILE W 73 62.70 -84.50 -44.16
N ILE W 74 63.16 -85.20 -43.12
CA ILE W 74 64.47 -84.87 -42.54
C ILE W 74 65.66 -85.12 -43.46
N PRO W 75 65.81 -86.29 -44.11
CA PRO W 75 67.06 -86.54 -44.84
C PRO W 75 67.25 -85.68 -46.09
N GLU W 76 66.21 -85.49 -46.90
CA GLU W 76 66.38 -84.62 -48.07
C GLU W 76 66.58 -83.17 -47.65
N GLY W 77 65.99 -82.77 -46.52
CA GLY W 77 66.26 -81.43 -45.99
C GLY W 77 67.71 -81.26 -45.60
N LEU W 78 68.29 -82.27 -44.94
CA LEU W 78 69.70 -82.23 -44.60
C LEU W 78 70.56 -82.19 -45.86
N GLN W 79 70.23 -83.01 -46.85
CA GLN W 79 71.00 -83.05 -48.09
C GLN W 79 70.96 -81.71 -48.83
N ALA W 80 69.78 -81.11 -48.92
CA ALA W 80 69.65 -79.81 -49.58
C ALA W 80 70.35 -78.72 -48.80
N ASN W 81 70.34 -78.79 -47.48
CA ASN W 81 71.03 -77.78 -46.68
C ASN W 81 72.53 -77.97 -46.68
N GLY W 82 73.03 -79.14 -47.06
CA GLY W 82 74.47 -79.31 -47.22
C GLY W 82 75.08 -80.57 -46.67
N ALA W 83 74.26 -81.43 -46.09
CA ALA W 83 74.77 -82.65 -45.46
C ALA W 83 75.18 -83.69 -46.49
N ASP W 84 76.09 -84.57 -46.07
CA ASP W 84 76.52 -85.71 -46.89
C ASP W 84 75.53 -86.85 -46.67
N ILE W 85 74.34 -86.68 -47.25
CA ILE W 85 73.29 -87.69 -47.18
C ILE W 85 73.38 -88.66 -48.36
N LYS W 86 73.63 -88.14 -49.56
CA LYS W 86 73.80 -88.92 -50.79
C LYS W 86 72.55 -89.76 -51.09
N GLY W 87 71.45 -89.07 -51.35
CA GLY W 87 70.22 -89.75 -51.69
C GLY W 87 69.07 -89.52 -50.73
N GLY W 88 69.00 -88.30 -50.17
CA GLY W 88 67.92 -87.99 -49.24
C GLY W 88 66.55 -87.95 -49.86
N THR W 89 66.48 -87.73 -51.17
CA THR W 89 65.19 -87.76 -51.87
C THR W 89 64.63 -89.18 -51.82
N TRP W 90 63.37 -89.30 -51.43
CA TRP W 90 62.89 -90.59 -50.94
C TRP W 90 62.59 -91.60 -52.05
N PHE W 91 62.13 -91.16 -53.21
CA PHE W 91 61.76 -92.14 -54.25
C PHE W 91 62.97 -92.67 -54.99
N GLU W 92 64.16 -92.10 -54.78
CA GLU W 92 65.37 -92.53 -55.46
C GLU W 92 66.42 -93.07 -54.52
N THR W 93 66.10 -93.23 -53.23
CA THR W 93 67.10 -93.67 -52.27
C THR W 93 67.40 -95.16 -52.38
N GLY W 94 66.57 -95.92 -53.08
CA GLY W 94 66.84 -97.34 -53.24
C GLY W 94 67.82 -97.64 -54.35
N ALA W 95 68.04 -96.68 -55.25
CA ALA W 95 68.90 -96.90 -56.40
C ALA W 95 70.38 -96.72 -56.11
N GLU W 96 70.74 -96.30 -54.91
CA GLU W 96 72.14 -96.04 -54.59
C GLU W 96 72.87 -97.25 -53.99
N MET W 97 72.17 -98.36 -53.76
CA MET W 97 72.82 -99.62 -53.38
C MET W 97 72.64 -100.68 -54.45
N LEU W 98 72.35 -100.28 -55.69
CA LEU W 98 72.01 -101.25 -56.73
C LEU W 98 73.19 -102.12 -57.11
N ASN W 99 74.33 -101.51 -57.42
CA ASN W 99 75.48 -102.30 -57.84
C ASN W 99 76.43 -102.60 -56.68
N GLY W 100 77.02 -101.55 -56.09
CA GLY W 100 77.93 -101.73 -54.97
C GLY W 100 77.95 -100.59 -53.97
N GLY W 101 77.15 -99.55 -54.22
CA GLY W 101 77.18 -98.38 -53.38
C GLY W 101 76.50 -98.61 -52.04
N THR W 102 76.62 -97.60 -51.17
CA THR W 102 75.98 -97.63 -49.86
C THR W 102 75.65 -96.22 -49.44
N LEU W 103 74.40 -96.02 -48.99
CA LEU W 103 73.97 -94.73 -48.46
C LEU W 103 74.72 -94.41 -47.18
N ASN W 104 75.46 -93.29 -47.19
CA ASN W 104 76.22 -92.90 -46.02
C ASN W 104 75.27 -92.33 -44.97
N TYR W 105 75.37 -92.83 -43.74
CA TYR W 105 74.49 -92.37 -42.67
C TYR W 105 75.05 -91.09 -42.08
N PHE W 106 74.15 -90.18 -41.73
CA PHE W 106 74.50 -88.95 -41.02
C PHE W 106 73.74 -89.08 -39.72
N ALA W 107 74.35 -89.79 -38.76
CA ALA W 107 73.80 -89.96 -37.42
C ALA W 107 73.91 -88.61 -36.74
N VAL W 108 72.94 -87.75 -36.98
CA VAL W 108 72.98 -86.34 -36.58
C VAL W 108 73.06 -86.22 -35.06
N PRO W 109 73.81 -85.25 -34.53
CA PRO W 109 74.62 -84.30 -35.32
C PRO W 109 76.02 -84.81 -35.69
N PHE W 110 76.50 -85.82 -34.97
CA PHE W 110 77.87 -86.33 -35.15
C PHE W 110 77.90 -87.50 -36.14
N GLY W 111 77.33 -87.27 -37.30
CA GLY W 111 77.21 -88.31 -38.30
C GLY W 111 78.35 -88.38 -39.28
N VAL W 112 77.99 -88.53 -40.55
CA VAL W 112 78.88 -88.77 -41.68
C VAL W 112 79.70 -90.02 -41.39
N VAL W 113 79.08 -91.18 -41.64
CA VAL W 113 79.68 -92.48 -41.38
C VAL W 113 79.33 -93.41 -42.53
N GLN W 114 80.32 -94.19 -42.97
CA GLN W 114 80.17 -95.11 -44.10
C GLN W 114 79.88 -96.50 -43.53
N ASN W 115 78.61 -96.85 -43.46
CA ASN W 115 78.23 -98.18 -42.98
C ASN W 115 78.61 -99.23 -44.01
N PRO W 116 79.31 -100.28 -43.62
CA PRO W 116 79.76 -101.31 -44.59
C PRO W 116 78.74 -102.39 -44.91
N LEU W 117 77.49 -102.22 -44.51
CA LEU W 117 76.49 -103.26 -44.77
C LEU W 117 75.99 -103.18 -46.20
N PRO W 118 76.09 -104.27 -46.97
CA PRO W 118 75.55 -104.28 -48.33
C PRO W 118 74.03 -104.45 -48.32
N LEU W 119 73.44 -104.26 -49.51
CA LEU W 119 71.99 -104.33 -49.64
C LEU W 119 71.45 -105.71 -49.29
N ALA W 120 72.18 -106.77 -49.67
CA ALA W 120 71.71 -108.13 -49.40
C ALA W 120 71.65 -108.39 -47.89
N ALA W 121 72.71 -108.02 -47.17
CA ALA W 121 72.72 -108.21 -45.72
C ALA W 121 71.67 -107.34 -45.05
N VAL W 122 71.50 -106.11 -45.53
CA VAL W 122 70.48 -105.21 -45.00
C VAL W 122 69.09 -105.80 -45.18
N THR W 123 68.81 -106.32 -46.38
CA THR W 123 67.50 -106.90 -46.67
C THR W 123 67.24 -108.13 -45.83
N LEU W 124 68.24 -108.99 -45.67
CA LEU W 124 68.05 -110.20 -44.86
C LEU W 124 67.82 -109.87 -43.40
N ILE W 125 68.61 -108.95 -42.83
CA ILE W 125 68.42 -108.61 -41.43
C ILE W 125 67.11 -107.85 -41.23
N GLU W 126 66.69 -107.07 -42.24
CA GLU W 126 65.42 -106.36 -42.15
C GLU W 126 64.24 -107.33 -42.16
N ILE W 127 64.29 -108.34 -43.05
CA ILE W 127 63.25 -109.35 -43.09
C ILE W 127 63.21 -110.14 -41.79
N VAL W 128 64.38 -110.51 -41.26
CA VAL W 128 64.43 -111.31 -40.03
C VAL W 128 63.87 -110.53 -38.85
N LEU W 129 64.35 -109.29 -38.64
CA LEU W 129 63.90 -108.50 -37.51
C LEU W 129 62.44 -108.10 -37.64
N LEU W 130 62.01 -107.79 -38.86
CA LEU W 130 60.62 -107.43 -39.12
C LEU W 130 59.69 -108.61 -38.88
N GLY W 131 60.09 -109.81 -39.31
CA GLY W 131 59.31 -111.00 -39.02
C GLY W 131 59.26 -111.29 -37.54
N ALA W 132 60.37 -111.08 -36.84
CA ALA W 132 60.42 -111.30 -35.40
C ALA W 132 59.44 -110.36 -34.68
N VAL W 133 59.47 -109.07 -35.02
CA VAL W 133 58.61 -108.13 -34.31
C VAL W 133 57.14 -108.35 -34.67
N GLU W 134 56.86 -108.74 -35.93
CA GLU W 134 55.46 -108.96 -36.27
C GLU W 134 54.92 -110.26 -35.66
N LYS W 135 55.76 -111.28 -35.50
CA LYS W 135 55.29 -112.48 -34.83
C LYS W 135 55.17 -112.26 -33.33
N PHE W 136 56.00 -111.39 -32.75
CA PHE W 136 55.86 -111.10 -31.33
C PHE W 136 54.65 -110.21 -31.06
N ARG W 137 54.27 -109.37 -32.02
CA ARG W 137 53.11 -108.48 -31.84
C ARG W 137 51.82 -109.28 -31.72
N VAL W 138 51.65 -110.29 -32.57
CA VAL W 138 50.43 -111.10 -32.52
C VAL W 138 50.40 -111.96 -31.26
N ASP W 139 51.52 -112.60 -30.93
CA ASP W 139 51.55 -113.54 -29.81
C ASP W 139 51.57 -112.83 -28.47
N GLY W 140 52.25 -111.68 -28.38
CA GLY W 140 52.43 -111.05 -27.09
C GLY W 140 53.42 -111.78 -26.20
N THR W 141 54.59 -112.16 -26.75
CA THR W 141 55.64 -112.82 -25.99
C THR W 141 56.97 -112.17 -26.33
N GLY W 142 57.74 -111.79 -25.31
CA GLY W 142 59.05 -111.21 -25.50
C GLY W 142 60.07 -111.81 -24.57
N PRO W 143 61.06 -112.52 -25.13
CA PRO W 143 62.04 -113.25 -24.29
C PRO W 143 62.96 -112.37 -23.45
N ALA W 144 63.69 -111.45 -24.08
CA ALA W 144 64.71 -110.69 -23.37
C ALA W 144 64.09 -109.48 -22.68
N GLY W 145 64.92 -108.63 -22.08
CA GLY W 145 64.41 -107.53 -21.30
C GLY W 145 65.24 -106.27 -21.21
N PHE W 146 65.33 -105.74 -19.97
CA PHE W 146 65.99 -104.49 -19.61
C PHE W 146 65.37 -103.31 -20.38
N SER W 147 64.13 -103.01 -19.99
CA SER W 147 63.55 -101.77 -20.43
C SER W 147 63.88 -100.67 -19.43
N PRO W 148 63.97 -99.42 -19.89
CA PRO W 148 64.08 -98.31 -18.93
C PRO W 148 62.87 -98.20 -18.01
N GLY W 149 61.66 -98.53 -18.48
CA GLY W 149 60.47 -98.38 -17.66
C GLY W 149 60.47 -99.30 -16.45
N VAL W 150 60.83 -100.56 -16.64
CA VAL W 150 60.95 -101.50 -15.53
C VAL W 150 62.24 -102.29 -15.71
N GLY W 151 63.03 -102.37 -14.64
CA GLY W 151 64.35 -102.96 -14.69
C GLY W 151 64.39 -104.45 -14.93
N LYS W 152 64.86 -104.84 -16.11
CA LYS W 152 65.02 -106.24 -16.53
C LYS W 152 63.70 -107.01 -16.43
N PHE W 153 62.74 -106.61 -17.25
CA PHE W 153 61.46 -107.31 -17.28
C PHE W 153 61.64 -108.70 -17.85
N ASP W 154 60.91 -109.66 -17.30
CA ASP W 154 61.01 -111.05 -17.73
C ASP W 154 60.18 -111.27 -19.00
N SER W 155 59.99 -112.54 -19.34
CA SER W 155 59.10 -112.89 -20.44
C SER W 155 57.64 -112.75 -20.07
N ASP W 156 57.30 -112.95 -18.81
CA ASP W 156 55.91 -112.92 -18.35
C ASP W 156 55.49 -111.52 -17.92
N ILE W 157 55.58 -110.55 -18.83
CA ILE W 157 55.08 -109.21 -18.54
C ILE W 157 54.16 -108.78 -19.69
N PHE W 158 54.32 -109.40 -20.85
CA PHE W 158 53.44 -109.09 -21.97
C PHE W 158 52.07 -109.74 -21.81
N ASP W 159 52.01 -110.94 -21.26
CA ASP W 159 50.73 -111.57 -20.99
C ASP W 159 50.02 -110.85 -19.86
N GLY W 160 48.72 -110.65 -20.02
CA GLY W 160 47.93 -109.89 -19.06
C GLY W 160 47.79 -108.42 -19.38
N LEU W 161 48.50 -107.93 -20.40
CA LEU W 161 48.38 -106.54 -20.82
C LEU W 161 47.18 -106.37 -21.74
N ASP W 162 47.12 -105.21 -22.37
CA ASP W 162 46.11 -104.91 -23.38
C ASP W 162 46.79 -104.79 -24.74
N LYS W 163 46.29 -105.57 -25.71
CA LYS W 163 46.79 -105.49 -27.06
C LYS W 163 46.37 -104.15 -27.69
N LEU W 164 47.21 -103.66 -28.60
CA LEU W 164 47.08 -102.43 -29.39
C LEU W 164 47.37 -101.19 -28.54
N TYR W 165 47.58 -101.37 -27.24
CA TYR W 165 48.00 -100.33 -26.31
C TYR W 165 48.74 -100.97 -25.13
N PRO W 166 49.97 -101.46 -25.32
CA PRO W 166 50.70 -102.13 -24.23
C PRO W 166 51.48 -101.14 -23.37
N GLY W 167 51.10 -101.05 -22.10
CA GLY W 167 51.83 -100.22 -21.16
C GLY W 167 52.85 -101.02 -20.37
N GLY W 168 53.66 -100.29 -19.59
CA GLY W 168 54.66 -100.91 -18.76
C GLY W 168 56.07 -100.76 -19.31
N PRO W 169 56.60 -101.84 -19.89
CA PRO W 169 57.93 -101.74 -20.52
C PRO W 169 57.98 -100.75 -21.67
N PHE W 170 56.85 -100.53 -22.35
CA PHE W 170 56.78 -99.64 -23.49
C PHE W 170 56.57 -98.19 -23.10
N ASP W 171 56.58 -97.88 -21.81
CA ASP W 171 56.37 -96.52 -21.31
C ASP W 171 57.51 -96.17 -20.36
N PRO W 172 58.68 -95.81 -20.90
CA PRO W 172 59.82 -95.52 -20.02
C PRO W 172 59.68 -94.24 -19.22
N LEU W 173 59.06 -93.21 -19.79
CA LEU W 173 58.90 -91.93 -19.12
C LEU W 173 57.60 -91.83 -18.35
N ASN W 174 56.79 -92.89 -18.38
CA ASN W 174 55.47 -92.98 -17.73
C ASN W 174 54.59 -91.86 -18.30
N LEU W 175 54.12 -90.91 -17.48
CA LEU W 175 53.26 -89.78 -17.89
C LEU W 175 52.03 -90.23 -18.70
N ALA W 176 51.63 -91.49 -18.55
CA ALA W 176 50.45 -92.01 -19.21
C ALA W 176 49.63 -92.91 -18.30
N ASP W 177 50.01 -93.03 -17.02
CA ASP W 177 49.25 -93.89 -16.11
C ASP W 177 47.93 -93.26 -15.70
N ASP W 178 47.80 -91.95 -15.84
CA ASP W 178 46.53 -91.30 -15.53
C ASP W 178 45.59 -91.41 -16.72
N PRO W 179 44.39 -91.99 -16.54
CA PRO W 179 43.55 -92.36 -17.70
C PRO W 179 43.01 -91.20 -18.53
N GLU W 180 42.68 -90.05 -17.92
CA GLU W 180 42.09 -88.97 -18.72
C GLU W 180 43.13 -88.32 -19.62
N VAL W 181 44.33 -88.05 -19.10
CA VAL W 181 45.38 -87.51 -19.96
C VAL W 181 45.82 -88.58 -20.95
N PHE W 182 45.69 -89.86 -20.60
CA PHE W 182 45.97 -90.92 -21.57
C PHE W 182 44.96 -90.88 -22.72
N ALA W 183 43.68 -90.62 -22.42
CA ALA W 183 42.68 -90.47 -23.46
C ALA W 183 42.98 -89.26 -24.34
N GLU W 184 43.39 -88.15 -23.71
CA GLU W 184 43.81 -86.97 -24.47
C GLU W 184 44.98 -87.31 -25.40
N LEU W 185 45.95 -88.07 -24.88
CA LEU W 185 47.15 -88.39 -25.65
C LEU W 185 46.86 -89.34 -26.80
N GLN W 186 45.95 -90.30 -26.65
CA GLN W 186 45.61 -91.13 -27.80
C GLN W 186 44.83 -90.35 -28.86
N VAL W 187 43.99 -89.39 -28.43
CA VAL W 187 43.36 -88.53 -29.43
C VAL W 187 44.42 -87.75 -30.20
N LYS W 188 45.42 -87.22 -29.48
CA LYS W 188 46.54 -86.54 -30.14
C LYS W 188 47.26 -87.47 -31.11
N GLU W 189 47.49 -88.72 -30.68
CA GLU W 189 48.16 -89.70 -31.53
C GLU W 189 47.39 -89.96 -32.82
N ILE W 190 46.10 -90.26 -32.70
CA ILE W 190 45.35 -90.63 -33.89
C ILE W 190 45.18 -89.44 -34.82
N LYS W 191 45.07 -88.22 -34.25
CA LYS W 191 44.98 -87.03 -35.07
C LYS W 191 46.28 -86.78 -35.85
N ASN W 192 47.42 -86.88 -35.16
CA ASN W 192 48.71 -86.74 -35.83
C ASN W 192 48.92 -87.83 -36.87
N GLY W 193 48.42 -89.04 -36.59
CA GLY W 193 48.56 -90.13 -37.53
C GLY W 193 47.77 -89.91 -38.80
N ARG W 194 46.53 -89.45 -38.68
CA ARG W 194 45.75 -89.12 -39.87
C ARG W 194 46.40 -87.99 -40.65
N LEU W 195 46.93 -87.00 -39.92
CA LEU W 195 47.61 -85.87 -40.57
C LEU W 195 48.82 -86.34 -41.37
N ALA W 196 49.67 -87.17 -40.77
CA ALA W 196 50.89 -87.60 -41.44
C ALA W 196 50.59 -88.60 -42.55
N MET W 197 49.52 -89.37 -42.43
CA MET W 197 49.19 -90.33 -43.48
C MET W 197 48.58 -89.61 -44.69
N ILE W 198 47.81 -88.55 -44.44
CA ILE W 198 47.40 -87.65 -45.53
C ILE W 198 48.64 -86.99 -46.13
N ALA W 199 49.60 -86.61 -45.28
CA ALA W 199 50.82 -85.97 -45.74
C ALA W 199 51.67 -86.92 -46.59
N VAL W 200 51.67 -88.21 -46.29
CA VAL W 200 52.50 -89.13 -47.06
C VAL W 200 51.82 -89.51 -48.37
N LEU W 201 50.48 -89.59 -48.39
CA LEU W 201 49.79 -89.70 -49.67
C LEU W 201 50.09 -88.48 -50.54
N ALA W 202 50.09 -87.30 -49.92
CA ALA W 202 50.48 -86.08 -50.61
C ALA W 202 51.94 -86.13 -51.05
N PHE W 203 52.80 -86.75 -50.24
CA PHE W 203 54.22 -86.84 -50.58
C PHE W 203 54.39 -87.62 -51.87
N ALA W 204 53.72 -88.77 -51.95
CA ALA W 204 53.79 -89.61 -53.15
C ALA W 204 53.21 -88.90 -54.37
N ILE W 205 52.03 -88.27 -54.20
CA ILE W 205 51.38 -87.63 -55.33
C ILE W 205 52.20 -86.44 -55.84
N GLN W 206 52.71 -85.63 -54.91
CA GLN W 206 53.54 -84.48 -55.29
C GLN W 206 54.82 -84.92 -55.96
N SER W 207 55.46 -85.96 -55.42
CA SER W 207 56.68 -86.48 -56.03
C SER W 207 56.42 -87.00 -57.43
N TYR W 208 55.29 -87.68 -57.62
CA TYR W 208 54.97 -88.20 -58.95
C TYR W 208 54.69 -87.09 -59.94
N VAL W 209 53.96 -86.04 -59.53
CA VAL W 209 53.59 -85.02 -60.49
C VAL W 209 54.76 -84.07 -60.78
N THR W 210 55.66 -83.89 -59.81
CA THR W 210 56.76 -82.94 -60.02
C THR W 210 58.07 -83.60 -60.43
N GLY W 211 58.54 -84.59 -59.68
CA GLY W 211 59.82 -85.20 -59.94
C GLY W 211 60.88 -84.91 -58.91
N GLU W 212 60.53 -84.25 -57.81
CA GLU W 212 61.47 -83.95 -56.74
C GLU W 212 60.77 -84.17 -55.40
N GLY W 213 61.54 -84.06 -54.32
CA GLY W 213 61.03 -84.31 -53.00
C GLY W 213 60.18 -83.19 -52.44
N PRO W 214 59.39 -83.49 -51.40
CA PRO W 214 58.55 -82.46 -50.79
C PRO W 214 59.33 -81.33 -50.12
N TYR W 215 60.54 -81.56 -49.62
CA TYR W 215 61.33 -80.46 -49.09
C TYR W 215 61.73 -79.48 -50.19
N ALA W 216 62.15 -79.99 -51.34
CA ALA W 216 62.42 -79.12 -52.48
C ALA W 216 61.16 -78.42 -52.95
N ASN W 217 60.03 -79.12 -52.87
CA ASN W 217 58.75 -78.52 -53.23
C ASN W 217 58.41 -77.33 -52.33
N ILE W 218 58.48 -77.52 -51.02
CA ILE W 218 58.15 -76.44 -50.09
C ILE W 218 59.20 -75.33 -50.14
N THR W 219 60.46 -75.68 -50.41
CA THR W 219 61.51 -74.67 -50.50
C THR W 219 61.31 -73.77 -51.72
N LYS W 220 61.07 -74.36 -52.89
CA LYS W 220 60.84 -73.55 -54.07
C LYS W 220 59.48 -72.86 -54.01
N HIS W 221 58.52 -73.41 -53.27
CA HIS W 221 57.24 -72.74 -53.10
C HIS W 221 57.39 -71.50 -52.22
N LEU W 222 58.16 -71.60 -51.13
CA LEU W 222 58.43 -70.41 -50.33
C LEU W 222 59.29 -69.42 -51.10
N SER W 223 60.14 -69.89 -52.00
CA SER W 223 60.90 -68.97 -52.84
C SER W 223 59.99 -68.22 -53.80
N ASP W 224 59.06 -68.92 -54.46
CA ASP W 224 58.15 -68.30 -55.42
C ASP W 224 56.90 -69.17 -55.53
N PRO W 225 55.84 -68.84 -54.80
CA PRO W 225 54.63 -69.67 -54.83
C PRO W 225 53.77 -69.45 -56.06
N PHE W 226 53.71 -68.20 -56.54
CA PHE W 226 52.94 -67.92 -57.74
C PHE W 226 53.62 -68.49 -58.98
N GLY W 227 54.94 -68.43 -59.03
CA GLY W 227 55.70 -68.99 -60.13
C GLY W 227 56.03 -70.46 -60.00
N TYR W 228 55.57 -71.13 -58.95
CA TYR W 228 55.85 -72.55 -58.78
C TYR W 228 54.74 -73.18 -57.96
N ASN W 229 53.77 -73.81 -58.64
CA ASN W 229 52.62 -74.47 -58.03
C ASN W 229 52.04 -75.45 -59.06
N LEU W 230 50.79 -75.88 -58.84
CA LEU W 230 50.11 -76.75 -59.81
C LEU W 230 50.01 -76.08 -61.17
N LEU W 231 49.64 -74.79 -61.18
CA LEU W 231 49.41 -74.09 -62.43
C LEU W 231 50.71 -73.90 -63.22
N THR W 232 51.85 -74.16 -62.58
CA THR W 232 53.13 -74.07 -63.27
C THR W 232 53.62 -75.46 -63.67
N VAL W 233 53.57 -76.43 -62.75
CA VAL W 233 54.09 -77.75 -63.06
C VAL W 233 53.17 -78.51 -64.00
N LEU W 234 51.92 -78.05 -64.15
CA LEU W 234 51.01 -78.70 -65.08
C LEU W 234 50.94 -77.96 -66.41
N GLN W 235 51.28 -76.67 -66.41
CA GLN W 235 51.34 -75.90 -67.64
C GLN W 235 52.47 -76.38 -68.54
N GLY W 236 53.61 -76.70 -67.95
CA GLY W 236 54.80 -77.07 -68.70
C GLY W 236 55.92 -76.09 -68.44
N ASP W 237 56.26 -75.28 -69.44
CA ASP W 237 57.29 -74.25 -69.29
C ASP W 237 56.70 -72.89 -68.93
N ASP W 238 55.83 -72.36 -69.79
CA ASP W 238 55.18 -71.06 -69.60
C ASP W 238 54.07 -70.95 -70.63
N ARG W 239 53.46 -69.77 -70.72
CA ARG W 239 52.39 -69.50 -71.67
C ARG W 239 52.69 -68.19 -72.37
N VAL W 240 52.04 -67.99 -73.51
CA VAL W 240 52.16 -66.71 -74.22
C VAL W 240 51.48 -65.62 -73.39
N PRO W 241 52.07 -64.43 -73.25
CA PRO W 241 51.42 -63.37 -72.48
C PRO W 241 50.13 -62.89 -73.15
N THR W 242 49.18 -62.47 -72.33
CA THR W 242 47.88 -61.99 -72.79
C THR W 242 47.98 -60.49 -73.00
N LEU W 243 48.25 -60.07 -74.24
CA LEU W 243 48.36 -58.65 -74.54
C LEU W 243 47.22 -58.24 -75.47
N SER X 1 46.15 -52.07 -5.12
CA SER X 1 46.03 -53.23 -6.00
C SER X 1 46.55 -54.49 -5.31
N ALA X 2 46.33 -54.55 -3.99
CA ALA X 2 46.75 -55.65 -3.12
C ALA X 2 48.26 -55.88 -3.23
N TRP X 3 49.02 -54.86 -2.83
CA TRP X 3 50.47 -54.93 -2.91
C TRP X 3 51.11 -55.55 -1.67
N TYR X 4 50.31 -55.92 -0.68
CA TYR X 4 50.78 -56.57 0.54
C TYR X 4 49.98 -57.85 0.77
N GLY X 5 50.25 -58.51 1.90
CA GLY X 5 49.54 -59.72 2.26
C GLY X 5 50.04 -60.93 1.51
N PRO X 6 49.24 -62.00 1.49
CA PRO X 6 49.67 -63.23 0.80
C PRO X 6 49.28 -63.38 -0.67
N ASP X 7 48.33 -62.60 -1.20
CA ASP X 7 47.89 -62.71 -2.58
C ASP X 7 48.54 -61.68 -3.48
N ARG X 8 49.54 -60.96 -2.97
CA ARG X 8 50.20 -59.90 -3.72
C ARG X 8 51.01 -60.48 -4.88
N PRO X 9 51.25 -59.70 -5.92
CA PRO X 9 51.98 -60.23 -7.10
C PRO X 9 53.43 -60.56 -6.77
N LEU X 10 53.77 -61.82 -6.97
CA LEU X 10 55.04 -62.40 -6.53
C LEU X 10 56.13 -62.03 -7.52
N PHE X 11 57.36 -62.46 -7.25
CA PHE X 11 58.46 -61.97 -8.06
C PHE X 11 58.54 -62.65 -9.42
N LEU X 12 57.84 -63.77 -9.61
CA LEU X 12 57.99 -64.57 -10.80
C LEU X 12 56.65 -64.84 -11.48
N GLY X 13 55.59 -64.13 -11.12
CA GLY X 13 54.28 -64.34 -11.69
C GLY X 13 53.58 -65.54 -11.13
N SER X 14 52.74 -66.19 -11.95
CA SER X 14 52.13 -67.45 -11.54
C SER X 14 53.15 -68.57 -11.45
N LEU X 15 54.34 -68.36 -12.00
CA LEU X 15 55.44 -69.32 -11.92
C LEU X 15 56.34 -69.05 -10.72
N SER X 16 55.81 -68.53 -9.61
CA SER X 16 56.66 -68.22 -8.47
C SER X 16 56.55 -69.28 -7.37
N GLY X 17 55.34 -69.58 -6.93
CA GLY X 17 55.14 -70.61 -5.92
C GLY X 17 54.92 -70.09 -4.51
N GLU X 18 55.49 -70.76 -3.51
CA GLU X 18 55.32 -70.34 -2.13
C GLU X 18 56.53 -69.54 -1.67
N PRO X 19 56.34 -68.31 -1.21
CA PRO X 19 57.46 -67.52 -0.66
C PRO X 19 57.98 -68.15 0.62
N PRO X 20 59.21 -67.80 1.02
CA PRO X 20 59.70 -68.22 2.33
C PRO X 20 58.87 -67.63 3.47
N SER X 21 58.94 -68.27 4.63
CA SER X 21 58.04 -67.98 5.74
C SER X 21 58.19 -66.55 6.25
N TYR X 22 59.39 -66.00 6.20
CA TYR X 22 59.60 -64.63 6.69
C TYR X 22 59.16 -63.58 5.67
N LEU X 23 58.79 -64.00 4.46
CA LEU X 23 58.30 -63.08 3.43
C LEU X 23 56.78 -63.14 3.42
N THR X 24 56.19 -62.37 4.33
CA THR X 24 54.75 -62.32 4.49
C THR X 24 54.11 -61.13 3.80
N GLY X 25 54.90 -60.31 3.09
CA GLY X 25 54.36 -59.12 2.47
C GLY X 25 54.04 -58.00 3.42
N GLU X 26 54.81 -57.85 4.49
CA GLU X 26 54.52 -56.82 5.48
C GLU X 26 54.97 -55.45 5.01
N PHE X 27 56.16 -55.37 4.49
CA PHE X 27 57.17 -54.45 4.03
C PHE X 27 56.97 -54.12 2.55
N PRO X 28 57.42 -52.94 2.10
CA PRO X 28 57.20 -52.57 0.69
C PRO X 28 57.99 -53.44 -0.27
N GLY X 29 57.39 -53.71 -1.42
CA GLY X 29 58.05 -54.46 -2.48
C GLY X 29 58.43 -55.87 -2.11
N ASP X 30 57.64 -56.53 -1.28
CA ASP X 30 58.00 -57.85 -0.76
C ASP X 30 57.61 -58.91 -1.78
N TYR X 31 58.29 -58.92 -2.92
CA TYR X 31 58.00 -59.84 -4.02
C TYR X 31 58.41 -61.28 -3.71
N GLY X 32 59.12 -61.53 -2.62
CA GLY X 32 59.60 -62.86 -2.35
C GLY X 32 60.88 -63.24 -3.04
N TRP X 33 61.52 -62.30 -3.73
CA TRP X 33 62.75 -62.54 -4.47
C TRP X 33 63.90 -62.67 -3.48
N ASP X 34 63.99 -63.85 -2.87
CA ASP X 34 64.99 -64.14 -1.86
C ASP X 34 65.62 -65.51 -2.10
N THR X 35 66.05 -65.76 -3.33
CA THR X 35 66.68 -67.04 -3.63
C THR X 35 68.07 -67.20 -3.02
N ALA X 36 68.76 -66.11 -2.69
CA ALA X 36 70.02 -66.25 -1.96
C ALA X 36 69.77 -66.45 -0.48
N GLY X 37 68.94 -65.61 0.13
CA GLY X 37 68.51 -65.86 1.49
C GLY X 37 69.47 -65.42 2.57
N LEU X 38 69.82 -64.14 2.58
CA LEU X 38 70.52 -63.56 3.71
C LEU X 38 69.53 -63.11 4.78
N SER X 39 68.30 -63.61 4.73
CA SER X 39 67.16 -63.06 5.45
C SER X 39 66.64 -63.97 6.57
N ALA X 40 67.49 -64.76 7.22
CA ALA X 40 67.00 -65.66 8.26
C ALA X 40 66.57 -64.90 9.52
N ASP X 41 67.48 -64.14 10.11
CA ASP X 41 67.16 -63.42 11.34
C ASP X 41 66.33 -62.17 11.02
N PRO X 42 65.28 -61.89 11.79
CA PRO X 42 64.47 -60.68 11.51
C PRO X 42 65.23 -59.36 11.63
N THR X 43 66.19 -59.24 12.55
CA THR X 43 66.93 -58.00 12.72
C THR X 43 67.70 -57.61 11.45
N THR X 44 68.50 -58.55 10.92
CA THR X 44 69.30 -58.25 9.75
C THR X 44 68.40 -58.12 8.53
N PHE X 45 67.17 -58.66 8.62
CA PHE X 45 66.17 -58.54 7.58
C PHE X 45 65.70 -57.09 7.45
N ALA X 46 65.34 -56.44 8.56
CA ALA X 46 64.94 -55.04 8.50
C ALA X 46 66.13 -54.14 8.28
N ARG X 47 67.31 -54.50 8.74
CA ARG X 47 68.41 -53.62 8.44
C ARG X 47 68.87 -53.81 6.99
N TYR X 48 68.54 -54.92 6.36
CA TYR X 48 68.78 -54.94 4.93
C TYR X 48 67.76 -54.07 4.22
N ARG X 49 66.52 -53.96 4.72
CA ARG X 49 65.73 -52.94 4.06
C ARG X 49 66.27 -51.52 4.35
N THR X 50 66.92 -51.26 5.50
CA THR X 50 67.48 -49.89 5.65
C THR X 50 68.70 -49.67 4.74
N ILE X 51 69.50 -50.73 4.48
CA ILE X 51 70.54 -50.67 3.47
C ILE X 51 69.95 -50.41 2.09
N GLU X 52 68.86 -51.13 1.77
CA GLU X 52 68.16 -50.99 0.49
C GLU X 52 67.55 -49.61 0.33
N LEU X 53 66.97 -49.07 1.40
CA LEU X 53 66.33 -47.78 1.33
C LEU X 53 67.36 -46.69 1.04
N ILE X 54 68.51 -46.78 1.74
CA ILE X 54 69.58 -45.83 1.52
C ILE X 54 70.14 -45.96 0.10
N HIS X 55 70.37 -47.22 -0.34
CA HIS X 55 70.89 -47.47 -1.68
C HIS X 55 69.93 -46.99 -2.76
N ALA X 56 68.65 -47.27 -2.59
CA ALA X 56 67.64 -46.86 -3.56
C ALA X 56 67.58 -45.35 -3.69
N ARG X 57 67.54 -44.64 -2.56
CA ARG X 57 67.47 -43.18 -2.62
C ARG X 57 68.73 -42.59 -3.25
N TRP X 58 69.90 -43.11 -2.88
CA TRP X 58 71.15 -42.66 -3.50
C TRP X 58 71.16 -42.96 -4.99
N ALA X 59 70.50 -44.05 -5.39
CA ALA X 59 70.45 -44.40 -6.80
C ALA X 59 69.51 -43.51 -7.60
N LEU X 60 68.37 -43.09 -7.01
CA LEU X 60 67.54 -42.12 -7.71
C LEU X 60 68.32 -40.83 -7.93
N LEU X 61 69.03 -40.38 -6.89
CA LEU X 61 69.91 -39.21 -7.03
C LEU X 61 70.95 -39.41 -8.12
N GLY X 62 71.61 -40.57 -8.11
CA GLY X 62 72.69 -40.80 -9.07
C GLY X 62 72.20 -40.90 -10.50
N ALA X 63 71.09 -41.60 -10.73
CA ALA X 63 70.53 -41.73 -12.06
C ALA X 63 70.09 -40.38 -12.61
N LEU X 64 69.39 -39.57 -11.78
CA LEU X 64 68.99 -38.26 -12.25
C LEU X 64 70.20 -37.36 -12.52
N GLY X 65 71.22 -37.44 -11.64
CA GLY X 65 72.43 -36.66 -11.84
C GLY X 65 73.26 -37.11 -13.02
N ILE X 66 73.04 -38.32 -13.51
CA ILE X 66 73.73 -38.74 -14.72
C ILE X 66 72.95 -38.32 -15.96
N ILE X 67 71.61 -38.40 -15.92
CA ILE X 67 70.84 -37.99 -17.11
C ILE X 67 70.92 -36.48 -17.34
N THR X 68 70.70 -35.66 -16.31
CA THR X 68 70.49 -34.23 -16.55
C THR X 68 71.62 -33.47 -17.27
N PRO X 69 72.89 -33.52 -16.85
CA PRO X 69 73.86 -32.54 -17.37
C PRO X 69 74.18 -32.71 -18.84
N GLU X 70 74.25 -33.95 -19.34
CA GLU X 70 74.57 -34.14 -20.74
C GLU X 70 73.38 -33.88 -21.66
N LEU X 71 72.15 -34.06 -21.17
CA LEU X 71 71.00 -33.60 -21.94
C LEU X 71 70.99 -32.08 -22.03
N LEU X 72 71.33 -31.40 -20.93
CA LEU X 72 71.48 -29.95 -21.01
C LEU X 72 72.59 -29.56 -21.98
N ALA X 73 73.72 -30.28 -21.95
CA ALA X 73 74.84 -29.98 -22.84
C ALA X 73 74.45 -30.16 -24.30
N LYS X 74 73.67 -31.19 -24.60
CA LYS X 74 73.15 -31.36 -25.95
C LYS X 74 72.07 -30.35 -26.30
N ASN X 75 71.42 -29.74 -25.31
CA ASN X 75 70.33 -28.82 -25.56
C ASN X 75 70.72 -27.36 -25.42
N GLY X 76 72.01 -27.03 -25.57
CA GLY X 76 72.45 -25.65 -25.61
C GLY X 76 73.20 -25.15 -24.39
N VAL X 77 73.21 -25.91 -23.30
CA VAL X 77 73.96 -25.47 -22.12
C VAL X 77 75.46 -25.71 -22.36
N PRO X 78 76.31 -24.69 -22.20
CA PRO X 78 77.73 -24.82 -22.63
C PRO X 78 78.61 -25.61 -21.67
N PHE X 79 78.41 -26.93 -21.64
CA PHE X 79 79.37 -27.81 -20.98
C PHE X 79 80.51 -28.07 -21.95
N SER X 80 81.71 -27.63 -21.59
CA SER X 80 82.80 -27.45 -22.55
C SER X 80 83.28 -28.70 -23.26
N GLU X 81 83.93 -29.60 -22.55
CA GLU X 81 84.49 -30.74 -23.26
C GLU X 81 84.14 -32.09 -22.64
N ASP X 82 84.16 -32.18 -21.31
CA ASP X 82 83.96 -33.45 -20.63
C ASP X 82 82.97 -33.37 -19.47
N GLY X 83 82.46 -32.18 -19.13
CA GLY X 83 81.48 -32.07 -18.08
C GLY X 83 80.14 -32.68 -18.40
N ALA X 84 79.86 -32.91 -19.69
CA ALA X 84 78.61 -33.56 -20.06
C ALA X 84 78.60 -35.01 -19.59
N ILE X 85 79.65 -35.75 -19.89
CA ILE X 85 79.72 -37.18 -19.55
C ILE X 85 80.07 -37.31 -18.08
N TRP X 86 79.25 -38.08 -17.35
CA TRP X 86 79.33 -38.11 -15.89
C TRP X 86 80.69 -38.59 -15.40
N PHE X 87 81.20 -39.69 -15.95
CA PHE X 87 82.48 -40.22 -15.50
C PHE X 87 83.67 -39.38 -15.97
N LYS X 88 83.43 -38.21 -16.57
CA LYS X 88 84.47 -37.27 -16.90
C LYS X 88 84.27 -35.93 -16.22
N ALA X 89 83.12 -35.72 -15.56
CA ALA X 89 82.83 -34.43 -14.94
C ALA X 89 83.81 -34.11 -13.82
N GLY X 90 84.29 -35.15 -13.12
CA GLY X 90 85.28 -34.96 -12.08
C GLY X 90 86.60 -34.41 -12.58
N ALA X 91 86.83 -34.45 -13.90
CA ALA X 91 88.03 -33.86 -14.47
C ALA X 91 87.91 -32.34 -14.65
N GLU X 92 86.75 -31.74 -14.39
CA GLU X 92 86.61 -30.30 -14.57
C GLU X 92 87.45 -29.49 -13.59
N ILE X 93 87.55 -29.93 -12.33
CA ILE X 93 88.37 -29.22 -11.34
C ILE X 93 89.85 -29.19 -11.65
N PHE X 94 90.37 -30.13 -12.43
CA PHE X 94 91.78 -30.09 -12.76
C PHE X 94 92.09 -29.00 -13.79
N LYS X 95 91.07 -28.53 -14.50
CA LYS X 95 91.20 -27.44 -15.45
C LYS X 95 91.03 -26.14 -14.65
N GLU X 96 91.45 -25.00 -15.23
CA GLU X 96 91.46 -23.72 -14.51
C GLU X 96 90.05 -23.28 -14.11
N GLY X 97 89.05 -23.51 -14.95
CA GLY X 97 87.71 -23.05 -14.64
C GLY X 97 87.00 -23.85 -13.56
N GLY X 98 87.41 -25.10 -13.34
CA GLY X 98 86.72 -25.96 -12.40
C GLY X 98 85.36 -26.36 -12.92
N LEU X 99 84.49 -26.78 -12.00
CA LEU X 99 83.10 -27.02 -12.35
C LEU X 99 82.41 -25.68 -12.60
N ASN X 100 82.15 -25.39 -13.87
CA ASN X 100 81.33 -24.25 -14.24
C ASN X 100 79.89 -24.75 -14.36
N TYR X 101 79.10 -24.54 -13.31
CA TYR X 101 77.71 -24.97 -13.31
C TYR X 101 76.95 -24.31 -14.45
N LEU X 102 76.26 -25.14 -15.25
CA LEU X 102 75.55 -24.71 -16.45
C LEU X 102 76.49 -24.00 -17.44
N GLY X 103 77.79 -24.30 -17.36
CA GLY X 103 78.77 -23.64 -18.21
C GLY X 103 79.11 -22.22 -17.84
N ASN X 104 78.78 -21.78 -16.63
CA ASN X 104 79.01 -20.40 -16.23
C ASN X 104 80.24 -20.29 -15.34
N GLU X 105 81.17 -19.41 -15.72
CA GLU X 105 82.38 -19.18 -14.93
C GLU X 105 82.07 -18.54 -13.59
N ASN X 106 80.98 -17.78 -13.51
CA ASN X 106 80.61 -17.07 -12.30
C ASN X 106 79.73 -17.89 -11.36
N LEU X 107 79.47 -19.15 -11.69
CA LEU X 107 78.77 -20.07 -10.79
C LEU X 107 79.77 -21.06 -10.19
N ILE X 108 79.82 -21.10 -8.86
CA ILE X 108 80.72 -21.93 -8.06
C ILE X 108 82.17 -21.61 -8.43
N HIS X 109 82.66 -22.18 -9.55
CA HIS X 109 84.05 -22.03 -9.98
C HIS X 109 85.02 -22.44 -8.86
N ALA X 110 84.98 -23.73 -8.53
CA ALA X 110 85.74 -24.29 -7.42
C ALA X 110 87.05 -24.89 -7.91
N GLN X 111 88.08 -24.80 -7.07
CA GLN X 111 89.39 -25.36 -7.38
C GLN X 111 89.96 -26.26 -6.28
N SER X 112 89.79 -25.91 -5.01
CA SER X 112 90.41 -26.62 -3.89
C SER X 112 89.67 -27.93 -3.66
N ILE X 113 90.22 -29.00 -4.23
CA ILE X 113 89.65 -30.34 -4.11
C ILE X 113 89.60 -30.76 -2.64
N LEU X 114 90.64 -30.44 -1.87
CA LEU X 114 90.69 -30.92 -0.51
C LEU X 114 89.71 -30.16 0.38
N ALA X 115 89.54 -28.86 0.11
CA ALA X 115 88.57 -28.09 0.88
C ALA X 115 87.14 -28.53 0.57
N THR X 116 86.81 -28.74 -0.71
CA THR X 116 85.45 -29.18 -1.03
C THR X 116 85.20 -30.60 -0.54
N LEU X 117 86.23 -31.46 -0.55
CA LEU X 117 86.07 -32.80 -0.02
C LEU X 117 85.90 -32.77 1.50
N ALA X 118 86.64 -31.89 2.18
CA ALA X 118 86.55 -31.80 3.63
C ALA X 118 85.18 -31.30 4.07
N VAL X 119 84.66 -30.28 3.39
CA VAL X 119 83.34 -29.79 3.78
C VAL X 119 82.26 -30.82 3.42
N GLN X 120 82.41 -31.55 2.30
CA GLN X 120 81.46 -32.61 1.98
C GLN X 120 81.51 -33.72 3.04
N VAL X 121 82.71 -34.10 3.46
CA VAL X 121 82.88 -35.15 4.45
C VAL X 121 82.23 -34.75 5.77
N ILE X 122 82.49 -33.53 6.23
CA ILE X 122 81.96 -33.13 7.54
C ILE X 122 80.43 -32.97 7.47
N VAL X 123 79.91 -32.44 6.35
CA VAL X 123 78.47 -32.23 6.25
C VAL X 123 77.72 -33.55 6.18
N MET X 124 78.19 -34.45 5.29
CA MET X 124 77.56 -35.76 5.18
C MET X 124 77.69 -36.54 6.47
N GLY X 125 78.86 -36.49 7.12
CA GLY X 125 79.04 -37.22 8.37
C GLY X 125 78.13 -36.74 9.48
N ALA X 126 77.97 -35.42 9.62
CA ALA X 126 77.08 -34.89 10.65
C ALA X 126 75.62 -35.27 10.38
N ALA X 127 75.16 -35.06 9.14
CA ALA X 127 73.76 -35.36 8.81
C ALA X 127 73.45 -36.84 8.95
N GLU X 128 74.37 -37.69 8.49
CA GLU X 128 74.16 -39.14 8.56
C GLU X 128 74.37 -39.68 9.96
N GLY X 129 75.14 -38.99 10.82
CA GLY X 129 75.23 -39.41 12.20
C GLY X 129 73.96 -39.07 12.95
N PHE X 130 73.34 -37.94 12.59
CA PHE X 130 71.99 -37.66 13.07
C PHE X 130 71.04 -38.74 12.56
N ARG X 131 71.21 -39.16 11.30
CA ARG X 131 70.45 -40.29 10.78
C ARG X 131 70.75 -41.57 11.55
N ALA X 132 72.03 -41.82 11.84
CA ALA X 132 72.43 -43.08 12.47
C ALA X 132 71.94 -43.16 13.92
N ASN X 133 72.00 -42.05 14.66
CA ASN X 133 71.60 -42.12 16.07
C ASN X 133 70.09 -42.18 16.24
N GLY X 134 69.34 -41.53 15.36
CA GLY X 134 67.91 -41.41 15.53
C GLY X 134 67.46 -40.18 16.29
N GLU X 135 68.39 -39.38 16.79
CA GLU X 135 68.07 -38.11 17.43
C GLU X 135 69.09 -37.05 17.01
N ALA X 136 68.60 -35.87 16.71
CA ALA X 136 69.38 -34.72 16.29
C ALA X 136 68.94 -33.51 17.09
N PRO X 137 69.79 -32.48 17.19
CA PRO X 137 69.34 -31.23 17.82
C PRO X 137 68.18 -30.62 17.05
N GLY X 138 67.02 -30.58 17.72
CA GLY X 138 65.79 -30.15 17.10
C GLY X 138 64.96 -31.27 16.52
N VAL X 139 65.47 -32.49 16.47
CA VAL X 139 64.74 -33.65 15.96
C VAL X 139 64.56 -34.64 17.10
N GLU X 140 63.31 -34.94 17.42
CA GLU X 140 62.99 -35.84 18.53
C GLU X 140 63.14 -37.29 18.10
N GLY X 141 62.67 -38.21 18.94
CA GLY X 141 62.78 -39.63 18.62
C GLY X 141 61.56 -40.13 17.86
N LEU X 142 61.83 -40.85 16.78
CA LEU X 142 60.77 -41.30 15.86
C LEU X 142 61.32 -42.47 15.05
N ASP X 143 60.60 -42.85 14.00
CA ASP X 143 60.98 -44.00 13.18
C ASP X 143 62.24 -43.68 12.40
N PRO X 144 63.32 -44.47 12.52
CA PRO X 144 64.57 -44.10 11.83
C PRO X 144 64.57 -44.39 10.34
N LEU X 145 64.02 -45.52 9.90
CA LEU X 145 64.09 -45.85 8.48
C LEU X 145 63.10 -45.02 7.66
N TYR X 146 61.99 -44.61 8.25
CA TYR X 146 61.03 -43.73 7.61
C TYR X 146 60.78 -42.54 8.54
N PRO X 147 61.67 -41.54 8.52
CA PRO X 147 61.51 -40.41 9.45
C PRO X 147 60.32 -39.51 9.18
N GLY X 148 60.21 -38.93 7.99
CA GLY X 148 59.17 -37.93 7.83
C GLY X 148 59.49 -36.69 8.65
N GLY X 149 58.44 -36.02 9.10
CA GLY X 149 58.58 -34.82 9.91
C GLY X 149 59.16 -33.67 9.11
N PRO X 150 60.38 -33.24 9.48
CA PRO X 150 61.05 -32.19 8.69
C PRO X 150 61.39 -32.61 7.27
N PHE X 151 61.54 -33.91 7.03
CA PHE X 151 61.88 -34.40 5.69
C PHE X 151 60.66 -34.58 4.82
N ASP X 152 59.46 -34.39 5.36
CA ASP X 152 58.22 -34.42 4.60
C ASP X 152 57.44 -33.14 4.87
N PRO X 153 57.89 -32.01 4.34
CA PRO X 153 57.18 -30.74 4.60
C PRO X 153 55.77 -30.72 4.05
N LEU X 154 55.54 -31.44 2.96
CA LEU X 154 54.21 -31.42 2.35
C LEU X 154 53.18 -32.13 3.22
N GLY X 155 53.60 -33.14 3.98
CA GLY X 155 52.69 -33.83 4.88
C GLY X 155 51.59 -34.57 4.15
N LEU X 156 51.90 -35.14 2.99
CA LEU X 156 50.93 -35.85 2.19
C LEU X 156 50.95 -37.36 2.44
N ALA X 157 51.73 -37.82 3.42
CA ALA X 157 51.80 -39.23 3.78
C ALA X 157 51.03 -39.54 5.05
N ASP X 158 50.05 -38.71 5.42
CA ASP X 158 49.30 -38.91 6.66
C ASP X 158 48.41 -40.14 6.56
N ASP X 159 47.77 -40.35 5.42
CA ASP X 159 46.91 -41.52 5.25
C ASP X 159 47.76 -42.78 5.23
N PRO X 160 47.45 -43.79 6.05
CA PRO X 160 48.30 -44.99 6.09
C PRO X 160 48.23 -45.85 4.83
N GLU X 161 47.06 -45.98 4.21
CA GLU X 161 46.95 -46.78 3.00
C GLU X 161 47.71 -46.12 1.84
N ALA X 162 47.53 -44.81 1.68
CA ALA X 162 48.28 -44.09 0.66
C ALA X 162 49.77 -44.08 0.99
N PHE X 163 50.11 -44.09 2.28
CA PHE X 163 51.51 -44.17 2.70
C PHE X 163 52.13 -45.50 2.29
N ALA X 164 51.39 -46.59 2.46
CA ALA X 164 51.88 -47.90 2.06
C ALA X 164 52.02 -48.00 0.54
N GLU X 165 51.01 -47.49 -0.19
CA GLU X 165 51.09 -47.49 -1.64
C GLU X 165 52.27 -46.66 -2.13
N LEU X 166 52.51 -45.51 -1.50
CA LEU X 166 53.65 -44.68 -1.87
C LEU X 166 54.97 -45.31 -1.43
N LYS X 167 54.95 -46.13 -0.39
CA LYS X 167 56.15 -46.89 -0.02
C LYS X 167 56.50 -47.89 -1.10
N VAL X 168 55.49 -48.58 -1.65
CA VAL X 168 55.72 -49.49 -2.77
C VAL X 168 56.19 -48.70 -3.99
N LYS X 169 55.59 -47.52 -4.20
CA LYS X 169 55.96 -46.62 -5.28
C LYS X 169 57.45 -46.31 -5.21
N GLU X 170 57.91 -45.88 -4.03
CA GLU X 170 59.31 -45.57 -3.77
C GLU X 170 60.21 -46.77 -3.97
N ILE X 171 59.86 -47.92 -3.39
CA ILE X 171 60.79 -49.04 -3.43
C ILE X 171 60.91 -49.61 -4.83
N LYS X 172 59.83 -49.65 -5.60
CA LYS X 172 59.93 -50.16 -6.97
C LYS X 172 60.66 -49.17 -7.87
N ASN X 173 60.40 -47.87 -7.70
CA ASN X 173 61.15 -46.86 -8.45
C ASN X 173 62.63 -46.92 -8.10
N GLY X 174 62.94 -47.15 -6.83
CA GLY X 174 64.33 -47.25 -6.41
C GLY X 174 65.03 -48.48 -6.96
N ARG X 175 64.34 -49.62 -6.95
CA ARG X 175 64.92 -50.84 -7.52
C ARG X 175 65.20 -50.66 -9.00
N LEU X 176 64.26 -50.03 -9.73
CA LEU X 176 64.49 -49.74 -11.14
C LEU X 176 65.68 -48.79 -11.31
N ALA X 177 65.78 -47.77 -10.46
CA ALA X 177 66.85 -46.78 -10.60
C ALA X 177 68.23 -47.39 -10.34
N MET X 178 68.35 -48.24 -9.33
CA MET X 178 69.64 -48.87 -9.05
C MET X 178 69.98 -50.01 -10.00
N PHE X 179 68.97 -50.67 -10.57
CA PHE X 179 69.20 -51.50 -11.75
C PHE X 179 69.78 -50.67 -12.89
N SER X 180 69.22 -49.49 -13.12
CA SER X 180 69.72 -48.59 -14.15
C SER X 180 71.11 -48.04 -13.83
N CYS X 181 71.42 -47.79 -12.57
CA CYS X 181 72.75 -47.29 -12.23
C CYS X 181 73.81 -48.36 -12.43
N LEU X 182 73.50 -49.61 -12.09
CA LEU X 182 74.43 -50.68 -12.45
C LEU X 182 74.56 -50.80 -13.97
N GLY X 183 73.47 -50.60 -14.69
CA GLY X 183 73.55 -50.55 -16.14
C GLY X 183 74.45 -49.42 -16.63
N PHE X 184 74.37 -48.27 -15.99
CA PHE X 184 75.24 -47.14 -16.33
C PHE X 184 76.70 -47.48 -16.08
N PHE X 185 76.98 -48.12 -14.95
CA PHE X 185 78.35 -48.47 -14.59
C PHE X 185 78.94 -49.46 -15.59
N VAL X 186 78.15 -50.47 -15.98
CA VAL X 186 78.63 -51.44 -16.97
C VAL X 186 78.74 -50.80 -18.35
N GLN X 187 77.78 -49.93 -18.69
CA GLN X 187 77.76 -49.29 -20.00
C GLN X 187 78.91 -48.33 -20.19
N ALA X 188 79.36 -47.68 -19.12
CA ALA X 188 80.47 -46.74 -19.23
C ALA X 188 81.77 -47.44 -19.59
N ILE X 189 82.02 -48.60 -18.97
CA ILE X 189 83.30 -49.27 -19.18
C ILE X 189 83.32 -50.13 -20.44
N VAL X 190 82.18 -50.33 -21.08
CA VAL X 190 82.14 -51.20 -22.25
C VAL X 190 82.19 -50.37 -23.54
N THR X 191 81.83 -49.09 -23.45
CA THR X 191 81.84 -48.24 -24.63
C THR X 191 82.76 -47.04 -24.47
N GLY X 192 82.68 -46.37 -23.33
CA GLY X 192 83.41 -45.14 -23.10
C GLY X 192 82.63 -43.88 -23.41
N LYS X 193 81.32 -44.00 -23.65
CA LYS X 193 80.48 -42.86 -23.97
C LYS X 193 79.33 -42.77 -22.98
N GLY X 194 78.56 -41.69 -23.10
CA GLY X 194 77.45 -41.43 -22.21
C GLY X 194 76.28 -42.37 -22.43
N PRO X 195 75.39 -42.46 -21.43
CA PRO X 195 74.23 -43.35 -21.57
C PRO X 195 73.26 -42.92 -22.66
N ILE X 196 72.88 -41.65 -22.69
CA ILE X 196 71.98 -41.18 -23.74
C ILE X 196 72.71 -41.12 -25.07
N GLN X 197 74.04 -40.98 -25.03
CA GLN X 197 74.82 -41.12 -26.25
C GLN X 197 74.72 -42.53 -26.83
N ASN X 198 74.82 -43.54 -25.96
CA ASN X 198 74.65 -44.93 -26.42
C ASN X 198 73.23 -45.20 -26.86
N LEU X 199 72.25 -44.54 -26.22
CA LEU X 199 70.86 -44.68 -26.64
C LEU X 199 70.64 -44.09 -28.02
N GLN X 200 71.19 -42.90 -28.27
CA GLN X 200 71.03 -42.25 -29.57
C GLN X 200 71.77 -43.04 -30.65
N ASP X 201 72.93 -43.59 -30.32
CA ASP X 201 73.64 -44.47 -31.25
C ASP X 201 72.81 -45.72 -31.52
N HIS X 202 72.18 -46.28 -30.49
CA HIS X 202 71.34 -47.46 -30.65
C HIS X 202 70.07 -47.13 -31.44
N LEU X 203 69.47 -45.96 -31.20
CA LEU X 203 68.27 -45.58 -31.92
C LEU X 203 68.52 -45.36 -33.41
N ALA X 204 69.76 -45.08 -33.80
CA ALA X 204 70.07 -44.89 -35.21
C ALA X 204 69.95 -46.21 -35.97
N ASP X 205 70.47 -47.30 -35.41
CA ASP X 205 70.44 -48.60 -36.05
C ASP X 205 70.54 -49.64 -34.94
N PRO X 206 69.39 -50.09 -34.40
CA PRO X 206 69.42 -51.02 -33.26
C PRO X 206 69.97 -52.39 -33.58
N GLY X 207 70.02 -52.80 -34.86
CA GLY X 207 70.52 -54.11 -35.18
C GLY X 207 72.01 -54.27 -34.89
N VAL X 208 72.81 -53.26 -35.21
CA VAL X 208 74.24 -53.33 -35.03
C VAL X 208 74.73 -52.50 -33.85
N ASN X 209 73.95 -51.51 -33.41
CA ASN X 209 74.36 -50.67 -32.28
C ASN X 209 73.73 -51.19 -30.99
N ASN X 210 74.12 -52.41 -30.64
CA ASN X 210 73.59 -53.05 -29.44
C ASN X 210 74.71 -53.52 -28.53
N ALA X 211 74.37 -54.28 -27.49
CA ALA X 211 75.38 -54.76 -26.56
C ALA X 211 76.26 -55.85 -27.16
N PHE X 212 75.79 -56.55 -28.19
CA PHE X 212 76.58 -57.60 -28.81
C PHE X 212 77.69 -57.06 -29.70
N ALA X 213 77.65 -55.77 -30.05
CA ALA X 213 78.72 -55.19 -30.84
C ALA X 213 79.98 -54.99 -30.02
N SER X 214 79.84 -54.87 -28.69
CA SER X 214 80.98 -54.69 -27.81
C SER X 214 81.33 -55.96 -27.04
N ALA X 215 80.79 -57.10 -27.46
CA ALA X 215 81.10 -58.35 -26.78
C ALA X 215 82.50 -58.84 -27.09
N THR X 216 83.11 -58.36 -28.17
CA THR X 216 84.44 -58.76 -28.60
C THR X 216 85.50 -57.75 -28.11
N LYS X 217 85.08 -56.74 -27.34
CA LYS X 217 86.02 -55.72 -26.89
C LYS X 217 87.04 -56.28 -25.90
N PHE X 218 86.59 -57.06 -24.91
CA PHE X 218 87.46 -57.56 -23.86
C PHE X 218 87.93 -58.99 -24.09
N VAL X 219 88.18 -59.37 -25.34
CA VAL X 219 88.71 -60.71 -25.63
C VAL X 219 90.13 -60.81 -25.09
N PRO X 220 90.49 -61.89 -24.42
CA PRO X 220 91.87 -62.03 -23.91
C PRO X 220 92.87 -62.16 -25.04
N THR X 221 94.05 -61.61 -24.82
CA THR X 221 95.14 -61.63 -25.80
C THR X 221 96.36 -62.30 -25.16
N PRO X 222 96.96 -63.31 -25.81
CA PRO X 222 98.07 -64.05 -25.21
C PRO X 222 99.39 -63.26 -25.20
N GLN Y 1 15.38 10.20 -100.29
CA GLN Y 1 14.70 9.74 -101.49
C GLN Y 1 14.94 8.25 -101.69
N ARG Y 2 16.20 7.86 -101.77
CA ARG Y 2 16.59 6.47 -101.97
C ARG Y 2 16.41 5.71 -100.66
N VAL Y 3 15.30 4.96 -100.55
CA VAL Y 3 15.07 4.18 -99.34
C VAL Y 3 16.05 3.01 -99.25
N ARG Y 4 16.59 2.57 -100.38
CA ARG Y 4 17.62 1.52 -100.38
C ARG Y 4 18.91 2.01 -99.75
N THR Y 5 19.30 3.26 -100.03
CA THR Y 5 20.58 3.76 -99.54
C THR Y 5 20.55 4.05 -98.05
N VAL Y 6 19.46 4.67 -97.56
CA VAL Y 6 19.37 5.03 -96.15
C VAL Y 6 19.33 3.78 -95.27
N LEU Y 7 18.68 2.72 -95.76
CA LEU Y 7 18.68 1.44 -95.04
C LEU Y 7 20.09 0.89 -94.94
N ASP Y 8 20.82 0.88 -96.06
CA ASP Y 8 22.22 0.51 -96.05
C ASP Y 8 23.09 1.56 -95.38
N MET Y 9 22.60 2.79 -95.21
CA MET Y 9 23.37 3.81 -94.51
C MET Y 9 23.38 3.57 -93.01
N ASP Y 10 22.22 3.22 -92.44
CA ASP Y 10 22.14 3.12 -90.98
C ASP Y 10 22.14 1.70 -90.45
N ASP Y 11 21.95 0.67 -91.29
CA ASP Y 11 22.01 -0.68 -90.77
C ASP Y 11 23.42 -1.10 -90.37
N PRO Y 12 24.49 -0.62 -91.02
CA PRO Y 12 25.82 -0.74 -90.40
C PRO Y 12 25.89 -0.13 -89.01
N ALA Y 13 25.21 1.00 -88.78
CA ALA Y 13 25.25 1.63 -87.47
C ALA Y 13 24.48 0.82 -86.43
N LYS Y 14 23.32 0.30 -86.78
CA LYS Y 14 22.50 -0.46 -85.84
C LYS Y 14 21.50 -1.30 -86.64
N GLU Y 15 21.48 -2.60 -86.37
CA GLU Y 15 20.70 -3.54 -87.17
C GLU Y 15 19.32 -3.83 -86.59
N GLU Y 16 18.74 -2.93 -85.80
CA GLU Y 16 17.44 -3.15 -85.19
C GLU Y 16 16.45 -2.02 -85.45
N THR Y 17 16.50 -1.41 -86.64
CA THR Y 17 15.66 -0.27 -86.97
C THR Y 17 14.29 -0.74 -87.46
N VAL Y 18 13.28 0.13 -87.30
CA VAL Y 18 11.91 -0.17 -87.71
C VAL Y 18 11.85 -0.48 -89.21
N LYS Y 19 12.53 0.32 -90.03
CA LYS Y 19 12.39 0.15 -91.47
C LYS Y 19 13.07 -1.12 -91.96
N GLU Y 20 14.19 -1.52 -91.36
CA GLU Y 20 14.81 -2.77 -91.79
C GLU Y 20 14.04 -3.96 -91.25
N LEU Y 21 13.39 -3.80 -90.09
CA LEU Y 21 12.52 -4.84 -89.57
C LEU Y 21 11.28 -5.00 -90.45
N ARG Y 22 10.83 -3.92 -91.06
CA ARG Y 22 9.65 -3.92 -91.91
C ARG Y 22 10.04 -4.34 -93.33
N LYS Y 23 9.20 -5.21 -93.92
CA LYS Y 23 9.38 -5.70 -95.28
C LYS Y 23 10.73 -6.37 -95.49
N ASP Y 24 11.22 -7.06 -94.46
CA ASP Y 24 12.49 -7.76 -94.54
C ASP Y 24 12.42 -9.01 -95.42
N ILE Y 25 11.22 -9.56 -95.62
CA ILE Y 25 11.07 -10.77 -96.43
C ILE Y 25 11.46 -10.52 -97.88
N ASN Y 26 11.36 -9.28 -98.34
CA ASN Y 26 11.82 -8.96 -99.69
C ASN Y 26 13.35 -8.96 -99.77
N ASN Y 27 14.04 -8.66 -98.67
CA ASN Y 27 15.49 -8.67 -98.64
C ASN Y 27 16.01 -10.10 -98.54
N GLU Z 1 -34.13 44.77 -27.20
CA GLU Z 1 -32.87 44.47 -26.54
C GLU Z 1 -32.40 43.07 -26.93
N ASN Z 2 -33.35 42.23 -27.32
CA ASN Z 2 -33.06 40.86 -27.73
C ASN Z 2 -33.68 40.48 -29.06
N THR Z 3 -34.75 41.16 -29.48
CA THR Z 3 -35.33 40.98 -30.80
C THR Z 3 -34.95 42.15 -31.71
N SER Z 4 -33.99 42.95 -31.29
CA SER Z 4 -33.51 44.10 -32.04
C SER Z 4 -32.13 43.79 -32.59
N LEU Z 5 -31.97 43.94 -33.91
CA LEU Z 5 -30.73 43.56 -34.57
C LEU Z 5 -29.57 44.44 -34.11
N TRP Z 6 -29.81 45.74 -34.01
CA TRP Z 6 -28.74 46.64 -33.59
C TRP Z 6 -28.42 46.48 -32.12
N ALA Z 7 -29.42 46.21 -31.28
CA ALA Z 7 -29.16 45.97 -29.86
C ALA Z 7 -28.33 44.71 -29.69
N ARG Z 8 -28.65 43.66 -30.45
CA ARG Z 8 -27.83 42.45 -30.44
C ARG Z 8 -26.41 42.74 -30.91
N PHE Z 9 -26.29 43.57 -31.95
CA PHE Z 9 -24.97 43.88 -32.49
C PHE Z 9 -24.15 44.65 -31.46
N CYS Z 10 -24.77 45.59 -30.77
CA CYS Z 10 -24.08 46.37 -29.75
C CYS Z 10 -23.68 45.51 -28.56
N GLU Z 11 -24.58 44.63 -28.10
CA GLU Z 11 -24.24 43.78 -26.96
C GLU Z 11 -23.28 42.66 -27.33
N TRP Z 12 -23.05 42.43 -28.62
CA TRP Z 12 -21.96 41.54 -28.99
C TRP Z 12 -20.64 42.28 -29.16
N ILE Z 13 -20.68 43.49 -29.73
CA ILE Z 13 -19.47 44.28 -29.93
C ILE Z 13 -18.87 44.69 -28.59
N THR Z 14 -19.69 45.17 -27.67
CA THR Z 14 -19.22 45.65 -26.38
C THR Z 14 -19.14 44.54 -25.33
N SER Z 15 -19.39 43.29 -25.73
CA SER Z 15 -19.36 42.19 -24.79
C SER Z 15 -17.94 41.93 -24.30
N THR Z 16 -17.78 41.88 -22.99
CA THR Z 16 -16.50 41.53 -22.38
C THR Z 16 -16.33 40.03 -22.25
N GLU Z 17 -17.32 39.24 -22.67
CA GLU Z 17 -17.27 37.79 -22.63
C GLU Z 17 -16.51 37.18 -23.80
N ASN Z 18 -16.14 37.97 -24.80
CA ASN Z 18 -15.42 37.45 -25.94
C ASN Z 18 -13.97 37.11 -25.57
N ARG Z 19 -13.35 36.28 -26.41
CA ARG Z 19 -11.93 35.98 -26.22
C ARG Z 19 -11.08 37.23 -26.33
N LEU Z 20 -11.28 38.01 -27.39
CA LEU Z 20 -10.66 39.31 -27.53
C LEU Z 20 -11.75 40.37 -27.48
N TYR Z 21 -11.71 41.22 -26.46
CA TYR Z 21 -12.64 42.32 -26.39
C TYR Z 21 -12.40 43.26 -27.56
N ILE Z 22 -13.46 43.61 -28.26
CA ILE Z 22 -13.31 44.43 -29.45
C ILE Z 22 -13.85 45.84 -29.22
N GLY Z 23 -15.14 45.98 -28.95
CA GLY Z 23 -15.70 47.29 -28.70
C GLY Z 23 -15.75 48.16 -29.95
N TRP Z 24 -16.19 49.40 -29.73
CA TRP Z 24 -16.32 50.33 -30.85
C TRP Z 24 -14.98 50.81 -31.35
N PHE Z 25 -13.96 50.85 -30.49
CA PHE Z 25 -12.60 51.06 -30.96
C PHE Z 25 -12.05 49.82 -31.66
N GLY Z 26 -12.56 48.63 -31.33
CA GLY Z 26 -12.10 47.43 -31.98
C GLY Z 26 -12.66 47.23 -33.37
N VAL Z 27 -13.89 47.70 -33.61
CA VAL Z 27 -14.47 47.56 -34.94
C VAL Z 27 -13.76 48.45 -35.96
N ILE Z 28 -12.89 49.35 -35.51
CA ILE Z 28 -12.11 50.21 -36.39
C ILE Z 28 -10.63 49.89 -36.23
N MET Z 29 -10.28 49.18 -35.16
CA MET Z 29 -8.91 48.70 -35.00
C MET Z 29 -8.66 47.46 -35.85
N ILE Z 30 -9.58 46.50 -35.81
CA ILE Z 30 -9.37 45.23 -36.50
C ILE Z 30 -9.25 45.35 -38.02
N PRO Z 31 -10.13 46.08 -38.73
CA PRO Z 31 -9.97 46.11 -40.20
C PRO Z 31 -8.71 46.83 -40.66
N THR Z 32 -8.36 47.96 -40.04
CA THR Z 32 -7.15 48.68 -40.43
C THR Z 32 -5.90 47.86 -40.17
N LEU Z 33 -5.80 47.27 -38.97
CA LEU Z 33 -4.62 46.50 -38.64
C LEU Z 33 -4.53 45.21 -39.44
N LEU Z 34 -5.67 44.55 -39.69
CA LEU Z 34 -5.64 43.34 -40.51
C LEU Z 34 -5.28 43.66 -41.95
N THR Z 35 -5.79 44.77 -42.48
CA THR Z 35 -5.42 45.21 -43.81
C THR Z 35 -3.93 45.50 -43.90
N ALA Z 36 -3.40 46.20 -42.91
CA ALA Z 36 -1.97 46.53 -42.88
C ALA Z 36 -1.12 45.26 -42.79
N ILE Z 37 -1.54 44.30 -41.95
CA ILE Z 37 -0.81 43.04 -41.82
C ILE Z 37 -0.81 42.28 -43.14
N SER Z 38 -1.97 42.21 -43.80
CA SER Z 38 -2.08 41.47 -45.05
C SER Z 38 -1.20 42.07 -46.14
N VAL Z 39 -1.31 43.37 -46.36
CA VAL Z 39 -0.52 43.99 -47.42
C VAL Z 39 0.96 44.02 -47.05
N TYR Z 40 1.27 44.11 -45.76
CA TYR Z 40 2.67 44.09 -45.33
C TYR Z 40 3.30 42.74 -45.60
N ILE Z 41 2.58 41.65 -45.29
CA ILE Z 41 3.10 40.31 -45.54
C ILE Z 41 3.26 40.08 -47.05
N ILE Z 42 2.24 40.45 -47.83
CA ILE Z 42 2.31 40.22 -49.27
C ILE Z 42 3.40 41.07 -49.91
N ALA Z 43 3.59 42.30 -49.45
CA ALA Z 43 4.63 43.16 -49.99
C ALA Z 43 6.02 42.67 -49.59
N PHE Z 44 6.17 42.22 -48.34
CA PHE Z 44 7.45 41.70 -47.89
C PHE Z 44 7.83 40.43 -48.64
N ILE Z 45 6.84 39.63 -49.05
CA ILE Z 45 7.16 38.44 -49.83
C ILE Z 45 7.44 38.78 -51.29
N ALA Z 46 6.52 39.45 -51.97
CA ALA Z 46 6.60 39.58 -53.42
C ALA Z 46 6.47 41.02 -53.88
N ALA Z 47 7.11 41.95 -53.19
CA ALA Z 47 7.02 43.34 -53.62
C ALA Z 47 7.99 43.59 -54.77
N PRO Z 48 7.52 44.06 -55.93
CA PRO Z 48 8.43 44.42 -57.01
C PRO Z 48 9.29 45.60 -56.59
N PRO Z 49 10.50 45.74 -57.14
CA PRO Z 49 11.42 46.79 -56.68
C PRO Z 49 10.82 48.18 -56.83
N VAL Z 50 10.93 48.95 -55.75
CA VAL Z 50 10.24 50.23 -55.63
C VAL Z 50 11.28 51.35 -55.57
N ASP Z 51 11.01 52.42 -56.30
CA ASP Z 51 11.92 53.56 -56.33
C ASP Z 51 11.58 54.49 -55.19
N ILE Z 52 12.45 54.48 -54.18
CA ILE Z 52 12.23 55.29 -52.99
C ILE Z 52 12.56 56.75 -53.25
N ASP Z 53 13.53 57.00 -54.13
CA ASP Z 53 14.17 58.30 -54.17
C ASP Z 53 13.73 59.19 -55.32
N GLY Z 54 12.80 58.73 -56.16
CA GLY Z 54 12.35 59.53 -57.28
C GLY Z 54 13.39 59.75 -58.35
N ILE Z 55 14.34 58.83 -58.50
CA ILE Z 55 15.42 58.99 -59.46
C ILE Z 55 15.46 57.81 -60.42
N ARG Z 56 14.36 57.04 -60.46
CA ARG Z 56 14.19 55.89 -61.37
C ARG Z 56 15.28 54.84 -61.15
N GLU Z 57 15.73 54.69 -59.91
CA GLU Z 57 16.84 53.81 -59.58
C GLU Z 57 16.39 53.08 -58.31
N PRO Z 58 15.60 52.01 -58.46
CA PRO Z 58 14.87 51.45 -57.32
C PRO Z 58 15.70 50.55 -56.44
N VAL Z 59 15.14 50.23 -55.27
CA VAL Z 59 15.65 49.23 -54.36
C VAL Z 59 14.65 48.07 -54.33
N SER Z 60 15.14 46.87 -54.01
CA SER Z 60 14.26 45.70 -54.07
C SER Z 60 13.44 45.52 -52.79
N GLY Z 61 14.10 45.22 -51.68
CA GLY Z 61 13.45 45.08 -50.39
C GLY Z 61 12.44 43.97 -50.24
N SER Z 62 12.44 42.95 -51.11
CA SER Z 62 11.47 41.87 -51.01
C SER Z 62 12.12 40.52 -51.27
N LEU Z 63 11.64 39.51 -50.53
CA LEU Z 63 12.30 38.20 -50.49
C LEU Z 63 12.32 37.55 -51.88
N LEU Z 64 11.19 37.56 -52.58
CA LEU Z 64 11.15 36.96 -53.91
C LEU Z 64 11.97 37.73 -54.94
N TYR Z 65 12.54 38.87 -54.58
CA TYR Z 65 13.47 39.57 -55.45
C TYR Z 65 14.91 39.47 -54.97
N GLY Z 66 15.21 38.49 -54.13
CA GLY Z 66 16.59 38.12 -53.86
C GLY Z 66 17.27 38.68 -52.64
N ASN Z 67 16.56 38.77 -51.51
CA ASN Z 67 17.21 39.15 -50.27
C ASN Z 67 16.53 38.44 -49.11
N ASN Z 68 17.22 38.39 -48.00
CA ASN Z 68 16.73 37.76 -46.78
C ASN Z 68 15.85 38.76 -46.01
N ILE Z 69 15.35 38.32 -44.86
CA ILE Z 69 14.34 39.10 -44.14
C ILE Z 69 14.92 40.37 -43.52
N ILE Z 70 16.15 40.31 -43.01
CA ILE Z 70 16.65 41.45 -42.24
C ILE Z 70 17.12 42.55 -43.18
N THR Z 71 17.63 42.19 -44.36
CA THR Z 71 17.96 43.17 -45.38
C THR Z 71 16.76 43.54 -46.24
N GLY Z 72 15.67 42.78 -46.16
CA GLY Z 72 14.47 43.12 -46.88
C GLY Z 72 13.56 43.98 -46.03
N ALA Z 73 12.85 44.89 -46.67
CA ALA Z 73 12.02 45.84 -45.93
C ALA Z 73 10.93 46.40 -46.82
N VAL Z 74 9.81 46.75 -46.22
CA VAL Z 74 8.82 47.57 -46.93
C VAL Z 74 9.38 48.99 -47.00
N VAL Z 75 9.62 49.45 -48.22
CA VAL Z 75 10.40 50.64 -48.51
C VAL Z 75 9.45 51.84 -48.61
N PRO Z 76 9.86 53.04 -48.17
CA PRO Z 76 8.97 54.21 -48.27
C PRO Z 76 8.68 54.60 -49.70
N THR Z 77 7.77 55.57 -49.83
CA THR Z 77 7.27 55.99 -51.13
C THR Z 77 8.35 56.70 -51.94
N SER Z 78 8.00 57.05 -53.17
CA SER Z 78 8.91 57.78 -54.02
C SER Z 78 9.05 59.22 -53.54
N ASN Z 79 10.19 59.83 -53.87
CA ASN Z 79 10.35 61.25 -53.54
C ASN Z 79 9.49 62.12 -54.43
N ALA Z 80 9.02 61.56 -55.56
CA ALA Z 80 8.04 62.26 -56.39
C ALA Z 80 6.71 62.42 -55.69
N ILE Z 81 6.37 61.49 -54.81
CA ILE Z 81 5.16 61.65 -54.01
C ILE Z 81 5.33 62.77 -53.00
N GLY Z 82 6.22 62.59 -52.05
CA GLY Z 82 6.20 63.45 -50.89
C GLY Z 82 5.08 63.01 -49.96
N LEU Z 83 4.37 64.00 -49.43
CA LEU Z 83 3.15 63.75 -48.65
C LEU Z 83 1.92 63.86 -49.52
N HIS Z 84 1.86 63.14 -50.65
CA HIS Z 84 0.91 63.45 -51.69
C HIS Z 84 -0.25 62.44 -51.77
N PHE Z 85 -0.35 61.51 -50.80
CA PHE Z 85 -1.48 60.59 -50.74
C PHE Z 85 -1.66 59.72 -51.98
N TYR Z 86 -0.81 58.72 -52.18
CA TYR Z 86 -0.90 57.86 -53.36
C TYR Z 86 -1.44 56.46 -53.02
N PRO Z 87 -2.76 56.25 -53.01
CA PRO Z 87 -3.30 54.89 -52.87
C PRO Z 87 -3.52 54.24 -54.23
N ILE Z 88 -4.10 53.03 -54.23
CA ILE Z 88 -4.22 52.25 -55.46
C ILE Z 88 -5.06 52.98 -56.50
N TRP Z 89 -6.12 53.66 -56.07
CA TRP Z 89 -6.97 54.31 -57.06
C TRP Z 89 -6.32 55.55 -57.68
N GLU Z 90 -5.20 56.00 -57.12
CA GLU Z 90 -4.44 57.07 -57.78
C GLU Z 90 -3.50 56.54 -58.84
N ALA Z 91 -3.49 55.22 -59.05
CA ALA Z 91 -2.65 54.59 -60.06
C ALA Z 91 -3.51 53.90 -61.11
N ALA Z 92 -3.06 53.98 -62.35
CA ALA Z 92 -3.74 53.28 -63.43
C ALA Z 92 -3.54 51.78 -63.36
N SER Z 93 -2.58 51.31 -62.57
CA SER Z 93 -2.31 49.89 -62.46
C SER Z 93 -1.70 49.58 -61.09
N LEU Z 94 -1.98 48.38 -60.60
CA LEU Z 94 -1.34 47.90 -59.38
C LEU Z 94 0.16 47.86 -59.53
N ASP Z 95 0.64 47.58 -60.74
CA ASP Z 95 2.07 47.46 -60.98
C ASP Z 95 2.76 48.82 -60.82
N GLU Z 96 2.15 49.87 -61.39
CA GLU Z 96 2.72 51.21 -61.25
C GLU Z 96 2.55 51.72 -59.83
N TRP Z 97 1.46 51.32 -59.16
CA TRP Z 97 1.26 51.67 -57.76
C TRP Z 97 2.36 51.08 -56.89
N LEU Z 98 2.75 49.84 -57.19
CA LEU Z 98 3.81 49.17 -56.45
C LEU Z 98 5.16 49.80 -56.72
N TYR Z 99 5.45 50.14 -57.99
CA TYR Z 99 6.71 50.80 -58.28
C TYR Z 99 6.80 52.17 -57.65
N ASN Z 100 5.69 52.88 -57.51
CA ASN Z 100 5.73 54.24 -56.99
C ASN Z 100 5.89 54.25 -55.47
N GLY Z 101 5.38 53.25 -54.76
CA GLY Z 101 5.58 53.19 -53.33
C GLY Z 101 4.33 53.21 -52.48
N GLY Z 102 3.15 52.93 -53.07
CA GLY Z 102 1.89 52.95 -52.37
C GLY Z 102 1.70 52.04 -51.18
N PRO Z 103 2.21 50.78 -51.19
CA PRO Z 103 2.02 49.93 -50.00
C PRO Z 103 2.59 50.51 -48.71
N TYR Z 104 3.69 51.26 -48.78
CA TYR Z 104 4.17 51.96 -47.60
C TYR Z 104 3.14 52.95 -47.07
N GLN Z 105 2.56 53.77 -47.93
CA GLN Z 105 1.53 54.70 -47.47
C GLN Z 105 0.37 53.94 -46.86
N LEU Z 106 0.00 52.81 -47.46
CA LEU Z 106 -1.17 52.07 -46.97
C LEU Z 106 -0.89 51.47 -45.59
N VAL Z 107 0.28 50.82 -45.43
CA VAL Z 107 0.62 50.20 -44.14
C VAL Z 107 0.81 51.26 -43.06
N VAL Z 108 1.43 52.40 -43.40
CA VAL Z 108 1.70 53.41 -42.38
C VAL Z 108 0.41 54.09 -41.95
N CYS Z 109 -0.47 54.42 -42.89
CA CYS Z 109 -1.73 55.05 -42.54
C CYS Z 109 -2.61 54.10 -41.74
N HIS Z 110 -2.71 52.84 -42.19
CA HIS Z 110 -3.53 51.86 -41.49
C HIS Z 110 -2.93 51.50 -40.14
N PHE Z 111 -1.61 51.46 -40.04
CA PHE Z 111 -0.95 51.17 -38.77
C PHE Z 111 -1.14 52.30 -37.77
N PHE Z 112 -1.11 53.55 -38.26
CA PHE Z 112 -1.40 54.69 -37.40
C PHE Z 112 -2.81 54.61 -36.83
N LEU Z 113 -3.80 54.40 -37.71
CA LEU Z 113 -5.18 54.28 -37.24
C LEU Z 113 -5.36 53.07 -36.33
N GLY Z 114 -4.74 51.94 -36.68
CA GLY Z 114 -4.88 50.74 -35.86
C GLY Z 114 -4.25 50.88 -34.49
N VAL Z 115 -3.11 51.56 -34.41
CA VAL Z 115 -2.45 51.76 -33.12
C VAL Z 115 -3.25 52.72 -32.24
N CYS Z 116 -3.80 53.80 -32.82
CA CYS Z 116 -4.64 54.68 -32.02
CA CYS Z 116 -4.64 54.68 -32.02
C CYS Z 116 -5.93 53.99 -31.59
N CYS Z 117 -6.47 53.12 -32.45
CA CYS Z 117 -7.66 52.41 -32.02
C CYS Z 117 -7.32 51.28 -31.06
N TYR Z 118 -6.06 50.82 -31.04
CA TYR Z 118 -5.60 49.90 -30.00
C TYR Z 118 -5.50 50.61 -28.66
N MET Z 119 -4.99 51.85 -28.66
CA MET Z 119 -5.09 52.76 -27.52
C MET Z 119 -6.51 52.81 -27.00
N GLY Z 120 -7.46 53.10 -27.88
CA GLY Z 120 -8.85 53.21 -27.48
C GLY Z 120 -9.43 51.88 -26.99
N ARG Z 121 -9.09 50.78 -27.65
CA ARG Z 121 -9.54 49.45 -27.27
C ARG Z 121 -9.07 49.08 -25.88
N GLU Z 122 -7.82 49.45 -25.57
CA GLU Z 122 -7.25 49.18 -24.26
C GLU Z 122 -7.96 49.99 -23.19
N TRP Z 123 -8.22 51.27 -23.47
CA TRP Z 123 -9.00 52.07 -22.53
C TRP Z 123 -10.41 51.50 -22.36
N GLU Z 124 -11.01 51.04 -23.46
CA GLU Z 124 -12.38 50.54 -23.41
C GLU Z 124 -12.49 49.31 -22.54
N LEU Z 125 -11.53 48.39 -22.66
CA LEU Z 125 -11.55 47.23 -21.79
C LEU Z 125 -11.29 47.62 -20.34
N SER Z 126 -10.41 48.60 -20.11
CA SER Z 126 -10.20 49.11 -18.76
C SER Z 126 -11.49 49.67 -18.17
N TYR Z 127 -12.31 50.32 -18.99
CA TYR Z 127 -13.58 50.85 -18.52
C TYR Z 127 -14.59 49.74 -18.25
N ARG Z 128 -14.74 48.80 -19.18
CA ARG Z 128 -15.75 47.75 -19.03
C ARG Z 128 -15.40 46.76 -17.93
N LEU Z 129 -14.12 46.69 -17.53
CA LEU Z 129 -13.72 45.83 -16.43
C LEU Z 129 -13.69 46.57 -15.09
N GLY Z 130 -14.08 47.83 -15.07
CA GLY Z 130 -14.16 48.58 -13.83
C GLY Z 130 -12.85 49.09 -13.28
N MET Z 131 -11.77 49.02 -14.04
CA MET Z 131 -10.47 49.49 -13.58
C MET Z 131 -10.35 51.00 -13.70
N ARG Z 132 -9.11 51.47 -13.54
CA ARG Z 132 -8.45 52.74 -13.78
C ARG Z 132 -7.86 52.73 -15.19
N PRO Z 133 -7.91 53.86 -15.89
CA PRO Z 133 -7.78 53.86 -17.36
C PRO Z 133 -6.39 54.16 -17.92
N TRP Z 134 -5.36 54.25 -17.10
CA TRP Z 134 -4.11 54.84 -17.53
C TRP Z 134 -3.17 53.86 -18.21
N ILE Z 135 -3.66 52.67 -18.58
CA ILE Z 135 -2.86 51.78 -19.43
C ILE Z 135 -2.63 52.43 -20.79
N ALA Z 136 -3.65 53.08 -21.35
CA ALA Z 136 -3.49 53.79 -22.61
C ALA Z 136 -2.53 54.96 -22.45
N VAL Z 137 -2.54 55.61 -21.28
CA VAL Z 137 -1.62 56.71 -21.03
C VAL Z 137 -0.18 56.20 -20.98
N ALA Z 138 0.04 55.03 -20.38
CA ALA Z 138 1.39 54.45 -20.40
C ALA Z 138 1.76 53.95 -21.79
N TYR Z 139 0.76 53.46 -22.53
CA TYR Z 139 0.94 53.00 -23.90
C TYR Z 139 1.16 54.16 -24.86
N SER Z 140 0.91 55.39 -24.41
CA SER Z 140 1.09 56.55 -25.27
C SER Z 140 2.53 56.76 -25.71
N ALA Z 141 3.49 56.16 -25.03
CA ALA Z 141 4.87 56.40 -25.43
C ALA Z 141 5.26 55.60 -26.68
N PRO Z 142 4.98 54.29 -26.79
CA PRO Z 142 5.21 53.64 -28.10
C PRO Z 142 4.32 54.17 -29.21
N VAL Z 143 3.10 54.60 -28.89
CA VAL Z 143 2.25 55.23 -29.90
C VAL Z 143 2.86 56.52 -30.40
N ALA Z 144 3.36 57.35 -29.48
CA ALA Z 144 4.01 58.60 -29.87
C ALA Z 144 5.25 58.33 -30.70
N ALA Z 145 6.03 57.31 -30.32
CA ALA Z 145 7.21 56.95 -31.10
C ALA Z 145 6.85 56.47 -32.50
N ALA Z 146 5.81 55.65 -32.62
CA ALA Z 146 5.39 55.16 -33.92
C ALA Z 146 4.90 56.29 -34.80
N THR Z 147 4.10 57.21 -34.24
CA THR Z 147 3.67 58.36 -35.02
C THR Z 147 4.84 59.25 -35.39
N ALA Z 148 5.81 59.38 -34.49
CA ALA Z 148 6.96 60.24 -34.76
C ALA Z 148 7.81 59.70 -35.90
N VAL Z 149 7.98 58.38 -35.98
CA VAL Z 149 8.83 57.84 -37.02
C VAL Z 149 8.07 57.42 -38.29
N PHE Z 150 6.74 57.44 -38.27
CA PHE Z 150 5.99 57.06 -39.45
C PHE Z 150 5.15 58.18 -40.04
N ILE Z 151 4.80 59.20 -39.27
CA ILE Z 151 3.91 60.26 -39.74
C ILE Z 151 4.57 61.63 -39.51
N ILE Z 152 5.05 61.88 -38.28
CA ILE Z 152 5.55 63.20 -37.93
C ILE Z 152 6.81 63.54 -38.72
N TYR Z 153 7.74 62.60 -38.82
CA TYR Z 153 8.94 62.85 -39.62
C TYR Z 153 8.63 63.01 -41.12
N PRO Z 154 7.78 62.20 -41.76
CA PRO Z 154 7.38 62.54 -43.14
C PRO Z 154 6.73 63.91 -43.28
N ILE Z 155 5.88 64.32 -42.34
CA ILE Z 155 5.28 65.66 -42.41
C ILE Z 155 6.36 66.73 -42.28
N GLY Z 156 7.26 66.56 -41.33
CA GLY Z 156 8.27 67.58 -41.09
C GLY Z 156 9.27 67.73 -42.22
N GLN Z 157 9.64 66.61 -42.85
CA GLN Z 157 10.58 66.69 -43.95
C GLN Z 157 9.91 66.75 -45.31
N GLY Z 158 8.59 66.78 -45.35
CA GLY Z 158 7.89 66.99 -46.60
C GLY Z 158 7.76 65.77 -47.48
N SER Z 159 8.25 64.61 -47.05
CA SER Z 159 8.16 63.43 -47.91
C SER Z 159 8.17 62.15 -47.08
N PHE Z 160 7.20 61.29 -47.38
CA PHE Z 160 7.12 59.94 -46.83
C PHE Z 160 8.35 59.11 -47.15
N SER Z 161 9.09 59.45 -48.21
CA SER Z 161 10.34 58.77 -48.52
C SER Z 161 11.36 58.94 -47.41
N ASP Z 162 11.25 59.98 -46.60
CA ASP Z 162 12.21 60.15 -45.51
C ASP Z 162 11.75 59.39 -44.26
N GLY Z 163 10.57 58.78 -44.31
CA GLY Z 163 10.08 58.05 -43.16
C GLY Z 163 10.84 56.76 -42.92
N MET Z 164 10.56 56.16 -41.77
CA MET Z 164 11.25 54.93 -41.38
C MET Z 164 10.72 53.74 -42.16
N PRO Z 165 11.56 53.00 -42.88
CA PRO Z 165 11.08 51.83 -43.60
C PRO Z 165 10.77 50.69 -42.64
N LEU Z 166 9.81 49.84 -43.04
CA LEU Z 166 9.46 48.71 -42.19
C LEU Z 166 10.46 47.59 -42.46
N GLY Z 167 11.51 47.57 -41.66
CA GLY Z 167 12.51 46.55 -41.79
C GLY Z 167 13.52 46.66 -40.69
N ILE Z 168 14.68 46.06 -40.92
CA ILE Z 168 15.76 46.05 -39.94
C ILE Z 168 16.96 46.77 -40.51
N SER Z 169 17.42 46.34 -41.69
CA SER Z 169 18.45 47.10 -42.38
C SER Z 169 17.91 48.46 -42.82
N GLY Z 170 16.63 48.52 -43.19
CA GLY Z 170 16.02 49.81 -43.48
C GLY Z 170 15.94 50.68 -42.25
N THR Z 171 15.65 50.07 -41.10
CA THR Z 171 15.66 50.81 -39.84
C THR Z 171 17.03 51.39 -39.56
N PHE Z 172 18.08 50.60 -39.78
CA PHE Z 172 19.45 51.09 -39.58
C PHE Z 172 19.79 52.21 -40.55
N ASN Z 173 19.36 52.10 -41.81
CA ASN Z 173 19.65 53.14 -42.78
C ASN Z 173 18.96 54.45 -42.43
N PHE Z 174 17.66 54.38 -42.09
CA PHE Z 174 16.94 55.58 -41.69
C PHE Z 174 17.56 56.19 -40.44
N MET Z 175 17.93 55.33 -39.49
CA MET Z 175 18.54 55.76 -38.25
C MET Z 175 19.88 56.47 -38.49
N ILE Z 176 20.65 55.97 -39.45
CA ILE Z 176 21.97 56.54 -39.68
C ILE Z 176 21.87 57.84 -40.48
N VAL Z 177 20.98 57.89 -41.47
CA VAL Z 177 20.81 59.16 -42.20
C VAL Z 177 20.17 60.20 -41.29
N PHE Z 178 19.37 59.74 -40.31
CA PHE Z 178 18.83 60.63 -39.30
C PHE Z 178 19.95 61.21 -38.44
N GLN Z 179 20.91 60.37 -38.04
CA GLN Z 179 22.12 60.87 -37.39
C GLN Z 179 22.83 61.90 -38.24
N ALA Z 180 23.00 61.60 -39.53
CA ALA Z 180 23.76 62.45 -40.44
C ALA Z 180 23.15 63.83 -40.57
N GLU Z 181 21.84 63.92 -40.73
CA GLU Z 181 21.23 65.22 -41.00
C GLU Z 181 20.55 65.85 -39.81
N HIS Z 182 20.53 65.21 -38.64
CA HIS Z 182 19.89 65.84 -37.49
C HIS Z 182 20.70 65.78 -36.21
N ASN Z 183 21.70 64.88 -36.11
CA ASN Z 183 22.53 64.73 -34.93
C ASN Z 183 21.66 64.46 -33.69
N ILE Z 184 20.94 63.34 -33.75
CA ILE Z 184 20.07 62.95 -32.64
C ILE Z 184 20.88 62.55 -31.43
N LEU Z 185 22.05 61.96 -31.64
CA LEU Z 185 22.80 61.37 -30.54
C LEU Z 185 23.34 62.44 -29.59
N MET Z 186 23.44 63.69 -30.06
CA MET Z 186 23.82 64.81 -29.21
C MET Z 186 22.63 65.66 -28.78
N HIS Z 187 21.47 65.05 -28.52
CA HIS Z 187 20.27 65.81 -28.19
C HIS Z 187 19.81 65.45 -26.79
N PRO Z 188 19.40 66.42 -25.96
CA PRO Z 188 18.97 66.11 -24.59
C PRO Z 188 17.77 65.18 -24.49
N PHE Z 189 16.80 65.29 -25.40
CA PHE Z 189 15.67 64.37 -25.38
C PHE Z 189 16.11 62.95 -25.70
N HIS Z 190 17.02 62.77 -26.65
CA HIS Z 190 17.47 61.43 -26.96
C HIS Z 190 18.33 60.87 -25.83
N MET Z 191 19.09 61.73 -25.16
CA MET Z 191 19.82 61.27 -23.97
C MET Z 191 18.87 60.87 -22.86
N PHE Z 192 17.78 61.62 -22.69
CA PHE Z 192 16.73 61.22 -21.75
C PHE Z 192 16.11 59.89 -22.14
N GLY Z 193 15.89 59.67 -23.44
CA GLY Z 193 15.32 58.42 -23.88
C GLY Z 193 16.26 57.23 -23.67
N VAL Z 194 17.55 57.43 -23.93
CA VAL Z 194 18.54 56.38 -23.70
C VAL Z 194 18.66 56.11 -22.21
N ALA Z 195 18.71 57.18 -21.40
CA ALA Z 195 18.70 57.03 -19.95
C ALA Z 195 17.45 56.31 -19.49
N GLY Z 196 16.33 56.56 -20.15
CA GLY Z 196 15.09 55.93 -19.74
C GLY Z 196 14.99 54.47 -20.14
N VAL Z 197 15.54 54.10 -21.30
CA VAL Z 197 15.49 52.69 -21.66
C VAL Z 197 16.48 51.88 -20.83
N PHE Z 198 17.66 52.45 -20.57
CA PHE Z 198 18.62 51.80 -19.68
C PHE Z 198 18.08 51.73 -18.26
N GLY Z 199 17.44 52.79 -17.79
CA GLY Z 199 16.82 52.77 -16.48
C GLY Z 199 15.60 51.88 -16.42
N GLY Z 200 14.86 51.75 -17.52
CA GLY Z 200 13.74 50.84 -17.54
C GLY Z 200 14.19 49.40 -17.43
N SER Z 201 15.26 49.04 -18.13
CA SER Z 201 15.86 47.72 -17.95
C SER Z 201 16.40 47.56 -16.53
N LEU Z 202 17.03 48.61 -15.99
CA LEU Z 202 17.57 48.57 -14.63
C LEU Z 202 16.46 48.33 -13.61
N PHE Z 203 15.38 49.11 -13.70
CA PHE Z 203 14.29 48.99 -12.74
C PHE Z 203 13.52 47.70 -12.95
N SER Z 204 13.46 47.19 -14.18
CA SER Z 204 12.85 45.89 -14.41
C SER Z 204 13.64 44.80 -13.70
N ALA Z 205 14.95 44.77 -13.88
CA ALA Z 205 15.79 43.79 -13.19
C ALA Z 205 15.74 43.98 -11.68
N MET Z 206 15.75 45.24 -11.22
CA MET Z 206 15.73 45.53 -9.80
C MET Z 206 14.44 45.09 -9.14
N HIS Z 207 13.30 45.48 -9.69
CA HIS Z 207 12.02 45.09 -9.13
C HIS Z 207 11.85 43.57 -9.19
N GLY Z 208 12.21 42.96 -10.33
CA GLY Z 208 12.11 41.52 -10.44
C GLY Z 208 12.94 40.80 -9.40
N SER Z 209 14.18 41.27 -9.19
CA SER Z 209 15.06 40.64 -8.20
C SER Z 209 14.55 40.83 -6.79
N LEU Z 210 14.17 42.07 -6.44
CA LEU Z 210 13.74 42.36 -5.08
C LEU Z 210 12.46 41.64 -4.71
N VAL Z 211 11.61 41.30 -5.69
CA VAL Z 211 10.39 40.61 -5.29
C VAL Z 211 10.45 39.11 -5.59
N THR Z 212 11.39 38.63 -6.41
CA THR Z 212 11.56 37.19 -6.51
C THR Z 212 12.45 36.67 -5.39
N SER Z 213 13.26 37.53 -4.79
CA SER Z 213 13.97 37.19 -3.58
C SER Z 213 13.03 37.18 -2.39
N SER Z 214 12.12 38.16 -2.33
CA SER Z 214 11.14 38.25 -1.26
C SER Z 214 10.05 37.22 -1.51
N LEU Z 215 10.39 35.96 -1.25
CA LEU Z 215 9.49 34.84 -1.45
C LEU Z 215 9.32 34.07 -0.14
N ILE Z 216 8.11 34.12 0.39
CA ILE Z 216 7.74 33.21 1.46
C ILE Z 216 7.52 31.87 0.78
N ARG Z 217 7.90 30.80 1.47
CA ARG Z 217 8.14 29.54 0.77
C ARG Z 217 6.84 28.85 0.39
N GLU Z 218 6.35 29.14 -0.82
CA GLU Z 218 5.23 28.42 -1.40
C GLU Z 218 5.56 27.73 -2.71
N THR Z 219 6.66 28.08 -3.37
CA THR Z 219 7.16 27.36 -4.53
C THR Z 219 8.62 27.02 -4.27
N THR Z 220 8.88 25.75 -4.01
CA THR Z 220 10.23 25.26 -3.75
C THR Z 220 10.91 24.95 -5.07
N GLU Z 221 12.01 24.21 -5.01
CA GLU Z 221 12.70 23.78 -6.23
C GLU Z 221 11.91 22.75 -7.03
N ASN Z 222 10.83 22.21 -6.45
CA ASN Z 222 9.88 21.39 -7.20
C ASN Z 222 8.94 22.37 -7.90
N GLU Z 223 7.81 21.90 -8.44
CA GLU Z 223 6.89 22.80 -9.13
C GLU Z 223 6.29 23.82 -8.16
N SER Z 224 5.96 23.39 -6.95
CA SER Z 224 5.51 24.27 -5.88
C SER Z 224 5.72 23.58 -4.55
N ALA Z 225 5.74 24.37 -3.48
CA ALA Z 225 5.82 23.84 -2.12
C ALA Z 225 4.42 23.76 -1.53
N ASN Z 226 3.60 22.95 -2.19
CA ASN Z 226 2.20 22.78 -1.82
C ASN Z 226 2.00 21.91 -0.58
N ALA Z 227 3.07 21.32 -0.05
CA ALA Z 227 2.97 20.47 1.14
C ALA Z 227 2.41 21.22 2.33
N GLY Z 228 2.68 22.53 2.43
CA GLY Z 228 2.02 23.33 3.44
C GLY Z 228 0.53 23.42 3.20
N TYR Z 229 0.13 23.71 1.97
CA TYR Z 229 -1.27 23.73 1.55
C TYR Z 229 -1.32 23.75 0.04
N LYS Z 230 -2.33 23.11 -0.53
CA LYS Z 230 -2.50 23.03 -1.97
C LYS Z 230 -3.14 24.32 -2.49
N PHE Z 231 -3.42 24.35 -3.79
CA PHE Z 231 -4.05 25.50 -4.41
C PHE Z 231 -5.50 25.67 -3.93
N GLY Z 232 -5.88 26.91 -3.64
CA GLY Z 232 -7.24 27.21 -3.24
C GLY Z 232 -7.41 27.92 -1.92
N GLN Z 233 -6.41 28.66 -1.47
CA GLN Z 233 -6.51 29.41 -0.22
C GLN Z 233 -6.05 30.85 -0.44
N GLU Z 234 -6.61 31.75 0.37
CA GLU Z 234 -6.36 33.18 0.29
C GLU Z 234 -5.10 33.62 1.04
N GLU Z 235 -4.38 32.67 1.66
CA GLU Z 235 -3.13 32.99 2.35
C GLU Z 235 -2.10 33.42 1.31
N GLU Z 236 -1.85 34.73 1.26
CA GLU Z 236 -1.03 35.32 0.22
C GLU Z 236 0.44 35.01 0.41
N THR Z 237 1.18 35.03 -0.70
CA THR Z 237 2.58 34.68 -0.74
C THR Z 237 3.39 35.98 -0.82
N TYR Z 238 4.72 35.90 -0.99
CA TYR Z 238 5.62 37.00 -1.34
C TYR Z 238 5.75 38.04 -0.23
N ASN Z 239 6.58 39.06 -0.47
CA ASN Z 239 6.85 40.10 0.51
C ASN Z 239 7.19 41.39 -0.24
N ILE Z 240 6.88 42.53 0.38
CA ILE Z 240 7.16 43.83 -0.20
C ILE Z 240 7.83 44.79 0.77
N VAL Z 241 7.77 44.51 2.08
CA VAL Z 241 8.47 45.34 3.06
C VAL Z 241 9.97 45.06 3.02
N ALA Z 242 10.33 43.77 2.90
CA ALA Z 242 11.74 43.38 2.84
C ALA Z 242 12.43 43.89 1.58
N ALA Z 243 11.71 43.99 0.47
CA ALA Z 243 12.31 44.54 -0.75
C ALA Z 243 12.70 46.01 -0.56
N HIS Z 244 11.82 46.81 0.05
CA HIS Z 244 12.17 48.20 0.33
C HIS Z 244 13.29 48.29 1.37
N GLY Z 245 13.28 47.38 2.35
CA GLY Z 245 14.37 47.34 3.30
C GLY Z 245 15.72 47.07 2.64
N TYR Z 246 15.71 46.18 1.64
CA TYR Z 246 16.96 45.86 0.94
C TYR Z 246 17.40 47.03 0.08
N PHE Z 247 16.45 47.68 -0.60
CA PHE Z 247 16.80 48.86 -1.40
C PHE Z 247 17.30 49.99 -0.51
N GLY Z 248 16.73 50.13 0.68
CA GLY Z 248 17.21 51.15 1.61
C GLY Z 248 18.62 50.87 2.11
N ARG Z 249 18.87 49.61 2.49
CA ARG Z 249 20.23 49.23 2.87
C ARG Z 249 21.20 49.27 1.69
N LEU Z 250 20.67 49.30 0.46
CA LEU Z 250 21.54 49.30 -0.71
C LEU Z 250 22.34 50.59 -0.83
N ILE Z 251 21.69 51.76 -0.76
CA ILE Z 251 22.50 52.96 -0.91
C ILE Z 251 22.40 53.91 0.29
N PHE Z 252 21.23 54.54 0.51
CA PHE Z 252 21.18 55.51 1.61
C PHE Z 252 19.86 55.59 2.38
N GLN Z 253 18.88 54.71 2.12
CA GLN Z 253 17.61 54.56 2.87
C GLN Z 253 16.89 55.87 3.20
N TYR Z 254 16.99 56.87 2.32
CA TYR Z 254 16.22 58.09 2.51
C TYR Z 254 15.26 58.42 1.37
N ALA Z 255 15.61 58.11 0.12
CA ALA Z 255 14.65 58.25 -0.99
C ALA Z 255 13.79 57.00 -0.99
N SER Z 256 12.93 56.91 0.02
CA SER Z 256 12.20 55.69 0.33
C SER Z 256 11.12 55.44 -0.72
N PHE Z 257 11.07 54.21 -1.22
CA PHE Z 257 10.03 53.73 -2.11
C PHE Z 257 9.19 52.67 -1.42
N ASN Z 258 8.89 52.91 -0.14
CA ASN Z 258 8.20 51.96 0.72
C ASN Z 258 6.81 51.61 0.22
N ASN Z 259 6.05 52.61 -0.22
CA ASN Z 259 4.71 52.39 -0.74
C ASN Z 259 4.83 51.63 -2.06
N SER Z 260 4.18 50.46 -2.15
CA SER Z 260 4.22 49.68 -3.37
C SER Z 260 3.56 50.43 -4.52
N ARG Z 261 2.51 51.21 -4.22
CA ARG Z 261 1.88 52.02 -5.24
C ARG Z 261 2.81 53.10 -5.76
N SER Z 262 3.58 53.74 -4.86
CA SER Z 262 4.57 54.71 -5.29
C SER Z 262 5.67 54.07 -6.11
N LEU Z 263 6.11 52.87 -5.69
CA LEU Z 263 7.17 52.17 -6.43
C LEU Z 263 6.72 51.80 -7.83
N HIS Z 264 5.52 51.23 -7.95
CA HIS Z 264 5.03 50.84 -9.27
C HIS Z 264 4.68 52.04 -10.12
N PHE Z 265 4.23 53.15 -9.51
CA PHE Z 265 4.03 54.36 -10.28
C PHE Z 265 5.35 54.88 -10.81
N PHE Z 266 6.43 54.77 -10.01
CA PHE Z 266 7.72 55.27 -10.47
C PHE Z 266 8.25 54.41 -11.62
N LEU Z 267 8.13 53.09 -11.48
CA LEU Z 267 8.51 52.18 -12.58
C LEU Z 267 7.63 52.38 -13.81
N ALA Z 268 6.40 52.83 -13.63
CA ALA Z 268 5.57 53.11 -14.79
C ALA Z 268 5.92 54.45 -15.42
N VAL Z 269 6.23 55.45 -14.60
CA VAL Z 269 6.35 56.80 -15.13
C VAL Z 269 7.72 57.04 -15.76
N TRP Z 270 8.78 56.40 -15.25
CA TRP Z 270 10.13 56.74 -15.74
C TRP Z 270 10.33 56.36 -17.21
N PRO Z 271 10.18 55.09 -17.64
CA PRO Z 271 10.35 54.81 -19.07
C PRO Z 271 9.28 55.44 -19.93
N VAL Z 272 8.06 55.62 -19.44
CA VAL Z 272 7.02 56.24 -20.26
C VAL Z 272 7.36 57.70 -20.55
N VAL Z 273 7.77 58.46 -19.52
CA VAL Z 273 8.08 59.87 -19.77
C VAL Z 273 9.35 59.98 -20.60
N CYS Z 274 10.29 59.04 -20.43
CA CYS Z 274 11.52 59.15 -21.21
C CYS Z 274 11.31 58.79 -22.67
N ILE Z 275 10.44 57.81 -22.95
CA ILE Z 275 10.11 57.51 -24.34
C ILE Z 275 9.25 58.61 -24.93
N TRP Z 276 8.41 59.25 -24.10
CA TRP Z 276 7.72 60.47 -24.54
C TRP Z 276 8.72 61.52 -25.00
N LEU Z 277 9.76 61.73 -24.20
CA LEU Z 277 10.75 62.76 -24.51
C LEU Z 277 11.56 62.41 -25.75
N THR Z 278 11.97 61.14 -25.91
CA THR Z 278 12.77 60.82 -27.08
C THR Z 278 11.92 60.80 -28.36
N ALA Z 279 10.64 60.42 -28.25
CA ALA Z 279 9.75 60.56 -29.39
C ALA Z 279 9.53 62.02 -29.73
N LEU Z 280 9.49 62.88 -28.72
CA LEU Z 280 9.38 64.30 -29.01
C LEU Z 280 10.68 64.86 -29.58
N GLY Z 281 11.82 64.26 -29.24
CA GLY Z 281 13.06 64.65 -29.90
C GLY Z 281 13.03 64.34 -31.37
N ILE Z 282 12.50 63.16 -31.72
CA ILE Z 282 12.25 62.82 -33.11
C ILE Z 282 11.28 63.82 -33.75
N SER Z 283 10.27 64.23 -32.99
CA SER Z 283 9.33 65.23 -33.46
C SER Z 283 9.97 66.60 -33.67
N THR Z 284 10.88 67.00 -32.79
CA THR Z 284 11.60 68.25 -32.95
C THR Z 284 12.44 68.23 -34.22
N MET Z 285 13.15 67.13 -34.45
CA MET Z 285 13.92 67.06 -35.69
C MET Z 285 13.06 66.78 -36.91
N ALA Z 286 11.78 66.40 -36.75
CA ALA Z 286 10.89 66.43 -37.89
C ALA Z 286 10.75 67.84 -38.44
N PHE Z 287 10.47 68.80 -37.56
CA PHE Z 287 10.52 70.22 -37.88
C PHE Z 287 11.94 70.75 -37.86
N ASN Z 288 12.91 69.83 -37.85
CA ASN Z 288 14.28 70.07 -38.26
C ASN Z 288 14.97 71.03 -37.29
N LEU Z 289 14.85 70.74 -36.00
CA LEU Z 289 15.54 71.54 -34.99
C LEU Z 289 16.84 70.87 -34.55
N ASN Z 290 17.11 69.63 -34.98
CA ASN Z 290 18.40 68.98 -34.74
C ASN Z 290 18.74 68.85 -33.26
N GLY Z 291 19.98 68.48 -32.97
CA GLY Z 291 20.51 68.47 -31.62
C GLY Z 291 21.56 69.56 -31.41
N PHE Z 292 22.48 69.27 -30.51
CA PHE Z 292 23.61 70.18 -30.29
C PHE Z 292 24.58 70.15 -31.47
N ASN Z 293 24.99 71.33 -31.90
CA ASN Z 293 25.98 71.50 -32.95
C ASN Z 293 27.21 72.12 -32.28
N PHE Z 294 28.07 71.26 -31.74
CA PHE Z 294 29.21 71.67 -30.93
C PHE Z 294 30.50 71.68 -31.74
N ASN Z 295 30.40 71.75 -33.06
CA ASN Z 295 31.59 71.85 -33.89
C ASN Z 295 32.15 73.27 -33.83
N GLN Z 296 33.47 73.41 -34.03
CA GLN Z 296 34.15 74.71 -34.06
C GLN Z 296 33.99 75.44 -32.71
N SER Z 297 33.70 74.69 -31.66
CA SER Z 297 33.32 75.31 -30.39
C SER Z 297 34.51 75.69 -29.54
N VAL Z 298 35.63 75.00 -29.67
CA VAL Z 298 36.81 75.26 -28.85
C VAL Z 298 37.88 75.91 -29.74
N VAL Z 299 38.38 77.06 -29.31
CA VAL Z 299 39.42 77.79 -30.02
C VAL Z 299 40.50 78.20 -29.04
N ASP Z 300 41.67 78.52 -29.57
CA ASP Z 300 42.81 78.95 -28.77
C ASP Z 300 42.97 80.47 -28.89
N SER Z 301 44.06 80.99 -28.32
CA SER Z 301 44.30 82.44 -28.31
C SER Z 301 44.45 82.99 -29.71
N ASN Z 302 45.12 82.25 -30.60
CA ASN Z 302 45.26 82.69 -31.99
C ASN Z 302 44.02 82.40 -32.82
N GLY Z 303 42.99 81.78 -32.24
CA GLY Z 303 41.77 81.51 -32.96
C GLY Z 303 41.78 80.27 -33.83
N ARG Z 304 42.79 79.41 -33.69
CA ARG Z 304 42.87 78.18 -34.46
C ARG Z 304 41.73 77.23 -34.09
N VAL Z 305 41.30 76.45 -35.07
CA VAL Z 305 40.26 75.46 -34.82
C VAL Z 305 40.87 74.32 -34.02
N LEU Z 306 40.48 74.20 -32.77
CA LEU Z 306 41.04 73.19 -31.89
C LEU Z 306 40.10 72.00 -31.86
N ASN Z 307 40.59 70.83 -32.28
CA ASN Z 307 39.76 69.66 -32.46
C ASN Z 307 39.16 69.18 -31.14
N THR Z 308 38.01 68.51 -31.24
CA THR Z 308 37.25 68.10 -30.06
C THR Z 308 36.51 66.81 -30.38
N TRP Z 309 36.02 66.13 -29.34
CA TRP Z 309 35.15 64.96 -29.55
C TRP Z 309 33.93 65.32 -30.39
N ALA Z 310 33.41 66.53 -30.19
CA ALA Z 310 32.34 67.03 -31.04
C ALA Z 310 32.79 67.16 -32.49
N ASP Z 311 34.05 67.51 -32.71
CA ASP Z 311 34.55 67.60 -34.09
C ASP Z 311 34.73 66.20 -34.68
N ILE Z 312 35.08 65.22 -33.85
CA ILE Z 312 35.13 63.82 -34.30
C ILE Z 312 33.75 63.38 -34.75
N ILE Z 313 32.72 63.66 -33.94
CA ILE Z 313 31.35 63.31 -34.28
C ILE Z 313 30.90 64.09 -35.52
N ASN Z 314 31.36 65.34 -35.65
CA ASN Z 314 31.01 66.15 -36.81
C ASN Z 314 31.56 65.57 -38.11
N ARG Z 315 32.83 65.16 -38.09
CA ARG Z 315 33.41 64.58 -39.30
C ARG Z 315 32.78 63.24 -39.61
N ALA Z 316 32.42 62.46 -38.57
CA ALA Z 316 31.66 61.24 -38.80
C ALA Z 316 30.30 61.53 -39.42
N ASN Z 317 29.63 62.58 -38.96
CA ASN Z 317 28.31 62.93 -39.47
C ASN Z 317 28.38 63.40 -40.92
N LEU Z 318 29.42 64.17 -41.27
CA LEU Z 318 29.50 64.61 -42.66
C LEU Z 318 29.97 63.48 -43.57
N GLY Z 319 30.78 62.54 -43.05
CA GLY Z 319 31.06 61.34 -43.81
C GLY Z 319 29.84 60.46 -43.96
N MET Z 320 28.87 60.63 -43.06
CA MET Z 320 27.58 59.99 -43.23
C MET Z 320 26.74 60.71 -44.28
N GLU Z 321 26.85 62.04 -44.34
CA GLU Z 321 26.00 62.77 -45.28
C GLU Z 321 26.51 62.65 -46.71
N VAL Z 322 27.80 62.38 -46.90
CA VAL Z 322 28.31 62.32 -48.27
C VAL Z 322 27.79 61.11 -49.04
N MET Z 323 27.63 59.94 -48.41
CA MET Z 323 26.94 58.84 -49.07
C MET Z 323 25.43 58.92 -48.97
N HIS Z 324 24.90 59.85 -48.18
CA HIS Z 324 23.45 59.95 -48.11
C HIS Z 324 22.95 60.51 -49.43
N GLU Z 325 22.23 59.67 -50.17
CA GLU Z 325 21.64 59.99 -51.48
C GLU Z 325 22.73 60.36 -52.50
N ARG Z 326 23.50 59.33 -52.86
CA ARG Z 326 24.62 59.55 -53.77
C ARG Z 326 24.20 60.35 -55.00
N ASN Z 327 23.18 59.92 -55.73
CA ASN Z 327 22.83 60.55 -56.99
C ASN Z 327 21.55 61.38 -56.96
N ALA Z 328 20.86 61.45 -55.83
CA ALA Z 328 19.61 62.20 -55.80
C ALA Z 328 19.80 63.67 -55.46
N HIS Z 329 21.04 64.14 -55.37
CA HIS Z 329 21.31 65.55 -55.16
C HIS Z 329 21.91 66.16 -56.42
N ASN Z 330 21.28 67.24 -56.88
CA ASN Z 330 21.81 68.01 -57.99
C ASN Z 330 22.46 69.30 -57.54
N PHE Z 331 22.20 69.72 -56.31
CA PHE Z 331 22.49 71.04 -55.77
C PHE Z 331 23.19 70.90 -54.42
N PRO Z 332 24.06 71.86 -54.03
CA PRO Z 332 25.00 71.60 -52.91
C PRO Z 332 24.35 71.41 -51.54
N LEU Z 333 23.53 72.36 -51.11
CA LEU Z 333 22.94 72.27 -49.78
C LEU Z 333 21.80 71.25 -49.79
N ASP Z 334 21.61 70.57 -48.68
CA ASP Z 334 20.55 69.57 -48.55
C ASP Z 334 19.43 70.17 -47.72
N LEU Z 335 18.36 70.60 -48.40
CA LEU Z 335 17.19 71.16 -47.74
C LEU Z 335 15.94 70.34 -47.98
N ALA Z 336 15.70 69.90 -49.21
CA ALA Z 336 14.54 69.07 -49.53
C ALA Z 336 14.86 67.60 -49.26
N GLY AA 1 7.04 18.25 -10.32
CA GLY AA 1 8.04 17.50 -11.06
C GLY AA 1 9.39 18.18 -11.07
N LEU AA 2 10.00 18.25 -12.26
CA LEU AA 2 11.27 18.94 -12.40
C LEU AA 2 11.27 19.78 -13.67
N PRO AA 3 11.77 21.01 -13.59
CA PRO AA 3 11.89 21.84 -14.79
C PRO AA 3 12.97 21.31 -15.73
N TRP AA 4 12.85 21.71 -17.00
CA TRP AA 4 13.77 21.28 -18.04
C TRP AA 4 15.20 21.70 -17.76
N TYR AA 5 15.37 22.83 -17.07
CA TYR AA 5 16.67 23.31 -16.63
C TYR AA 5 17.07 22.74 -15.27
N ARG AA 6 16.53 21.59 -14.90
CA ARG AA 6 16.80 21.03 -13.58
C ARG AA 6 16.96 19.51 -13.61
N VAL AA 7 16.91 18.89 -14.79
CA VAL AA 7 16.89 17.44 -14.91
C VAL AA 7 18.16 16.79 -14.38
N HIS AA 8 19.27 17.54 -14.35
CA HIS AA 8 20.53 17.00 -13.87
C HIS AA 8 20.72 17.15 -12.37
N THR AA 9 19.76 17.75 -11.67
CA THR AA 9 19.90 17.94 -10.23
C THR AA 9 19.53 16.71 -9.42
N VAL AA 10 19.08 15.63 -10.08
CA VAL AA 10 18.73 14.41 -9.36
C VAL AA 10 19.98 13.68 -8.88
N VAL AA 11 21.16 14.05 -9.37
CA VAL AA 11 22.39 13.34 -9.03
C VAL AA 11 23.34 14.22 -8.21
N ILE AA 12 22.82 15.29 -7.60
CA ILE AA 12 23.66 16.13 -6.75
C ILE AA 12 24.08 15.38 -5.48
N ASN AA 13 23.20 14.52 -4.97
CA ASN AA 13 23.43 13.81 -3.72
C ASN AA 13 23.76 12.34 -3.94
N ASP AA 14 23.99 11.93 -5.19
CA ASP AA 14 24.33 10.55 -5.51
C ASP AA 14 25.71 10.53 -6.15
N PRO AA 15 26.75 10.23 -5.37
CA PRO AA 15 28.11 10.21 -5.93
C PRO AA 15 28.33 9.17 -7.01
N GLY AA 16 27.67 8.01 -6.92
CA GLY AA 16 27.82 7.01 -7.96
C GLY AA 16 27.26 7.47 -9.29
N ARG AA 17 26.07 8.06 -9.27
CA ARG AA 17 25.52 8.62 -10.49
C ARG AA 17 26.28 9.86 -10.95
N LEU AA 18 26.95 10.56 -10.03
CA LEU AA 18 27.82 11.66 -10.44
C LEU AA 18 29.01 11.13 -11.21
N ILE AA 19 29.57 10.01 -10.76
CA ILE AA 19 30.57 9.28 -11.55
C ILE AA 19 30.00 8.89 -12.89
N SER AA 20 28.72 8.47 -12.92
CA SER AA 20 28.10 8.04 -14.16
C SER AA 20 28.05 9.16 -15.19
N VAL AA 21 27.54 10.34 -14.78
CA VAL AA 21 27.43 11.44 -15.74
C VAL AA 21 28.81 11.98 -16.12
N HIS AA 22 29.76 11.99 -15.18
CA HIS AA 22 31.12 12.40 -15.52
C HIS AA 22 31.75 11.48 -16.55
N LEU AA 23 31.58 10.17 -16.38
CA LEU AA 23 32.16 9.22 -17.32
C LEU AA 23 31.46 9.31 -18.66
N MET AA 24 30.14 9.57 -18.65
CA MET AA 24 29.40 9.79 -19.88
C MET AA 24 29.95 10.98 -20.65
N HIS AA 25 30.21 12.09 -19.94
CA HIS AA 25 30.80 13.24 -20.60
C HIS AA 25 32.19 12.95 -21.13
N THR AA 26 33.00 12.23 -20.35
CA THR AA 26 34.35 11.90 -20.80
C THR AA 26 34.30 11.06 -22.07
N ALA AA 27 33.33 10.14 -22.13
CA ALA AA 27 33.11 9.36 -23.35
C ALA AA 27 32.72 10.25 -24.52
N LEU AA 28 31.80 11.20 -24.30
CA LEU AA 28 31.35 12.07 -25.39
C LEU AA 28 32.49 12.92 -25.94
N VAL AA 29 33.27 13.52 -25.06
CA VAL AA 29 34.36 14.39 -25.50
C VAL AA 29 35.49 13.58 -26.13
N ALA AA 30 35.76 12.36 -25.64
CA ALA AA 30 36.75 11.52 -26.28
C ALA AA 30 36.33 11.12 -27.69
N GLY AA 31 35.05 10.77 -27.87
CA GLY AA 31 34.55 10.45 -29.18
C GLY AA 31 34.59 11.64 -30.12
N TRP AA 32 34.27 12.83 -29.60
CA TRP AA 32 34.37 14.04 -30.41
C TRP AA 32 35.80 14.31 -30.84
N ALA AA 33 36.76 14.12 -29.92
CA ALA AA 33 38.16 14.38 -30.26
C ALA AA 33 38.64 13.44 -31.36
N GLY AA 34 38.30 12.16 -31.23
CA GLY AA 34 38.66 11.21 -32.28
C GLY AA 34 38.00 11.52 -33.61
N ALA AA 35 36.71 11.86 -33.57
CA ALA AA 35 35.97 12.17 -34.78
C ALA AA 35 36.51 13.41 -35.46
N MET AA 36 36.86 14.45 -34.69
CA MET AA 36 37.40 15.65 -35.29
C MET AA 36 38.79 15.42 -35.85
N THR AA 37 39.63 14.65 -35.17
CA THR AA 37 40.95 14.39 -35.71
C THR AA 37 40.86 13.61 -37.03
N LEU AA 38 40.01 12.58 -37.09
CA LEU AA 38 39.88 11.84 -38.33
C LEU AA 38 39.21 12.67 -39.43
N PHE AA 39 38.24 13.52 -39.06
CA PHE AA 39 37.61 14.41 -40.02
C PHE AA 39 38.61 15.39 -40.62
N GLU AA 40 39.46 15.97 -39.77
CA GLU AA 40 40.41 16.95 -40.27
C GLU AA 40 41.55 16.28 -41.02
N ILE AA 41 41.85 15.02 -40.73
CA ILE AA 41 42.78 14.27 -41.58
C ILE AA 41 42.14 14.01 -42.95
N ALA AA 42 40.84 13.72 -42.95
CA ALA AA 42 40.14 13.46 -44.21
C ALA AA 42 40.08 14.70 -45.10
N VAL AA 43 39.87 15.87 -44.49
CA VAL AA 43 39.84 17.13 -45.26
C VAL AA 43 41.24 17.67 -45.52
N PHE AA 44 42.22 17.29 -44.71
CA PHE AA 44 43.55 17.87 -44.76
C PHE AA 44 44.30 17.51 -46.04
N ASP AA 45 45.02 18.50 -46.57
CA ASP AA 45 45.84 18.36 -47.77
C ASP AA 45 47.29 18.71 -47.44
N PRO AA 46 48.19 17.74 -47.36
CA PRO AA 46 49.60 18.03 -47.07
C PRO AA 46 50.45 18.32 -48.29
N SER AA 47 49.82 18.65 -49.42
CA SER AA 47 50.55 18.80 -50.68
C SER AA 47 51.55 19.95 -50.64
N ASP AA 48 51.17 21.10 -50.07
CA ASP AA 48 52.04 22.28 -50.01
C ASP AA 48 52.13 22.78 -48.57
N PRO AA 49 52.98 22.20 -47.73
CA PRO AA 49 53.16 22.72 -46.37
C PRO AA 49 53.86 24.06 -46.35
N VAL AA 50 54.47 24.47 -47.46
CA VAL AA 50 55.16 25.74 -47.54
C VAL AA 50 54.20 26.89 -47.75
N LEU AA 51 53.31 26.77 -48.74
CA LEU AA 51 52.45 27.88 -49.13
C LEU AA 51 50.99 27.67 -48.78
N ASN AA 52 50.58 26.44 -48.50
CA ASN AA 52 49.20 26.13 -48.10
C ASN AA 52 49.26 25.40 -46.76
N PRO AA 53 49.58 26.10 -45.69
CA PRO AA 53 49.69 25.46 -44.38
C PRO AA 53 48.31 25.12 -43.83
N MET AA 54 48.28 24.20 -42.86
CA MET AA 54 47.03 23.68 -42.34
C MET AA 54 46.21 24.77 -41.65
N TRP AA 55 46.86 25.77 -41.06
CA TRP AA 55 46.09 26.85 -40.44
C TRP AA 55 45.43 27.74 -41.47
N ARG AA 56 45.85 27.66 -42.75
CA ARG AA 56 45.10 28.30 -43.83
C ARG AA 56 43.94 27.43 -44.31
N GLN AA 57 43.80 26.22 -43.79
CA GLN AA 57 42.80 25.26 -44.22
C GLN AA 57 41.73 25.03 -43.13
N GLY AA 58 41.64 25.94 -42.16
CA GLY AA 58 40.68 25.75 -41.09
C GLY AA 58 40.99 24.57 -40.19
N MET AA 59 42.23 24.45 -39.75
CA MET AA 59 42.63 23.28 -38.98
C MET AA 59 42.64 23.64 -37.49
N PHE AA 60 42.04 22.79 -36.67
CA PHE AA 60 41.85 23.13 -35.26
C PHE AA 60 42.52 22.17 -34.28
N VAL AA 61 42.35 20.85 -34.41
CA VAL AA 61 42.95 19.96 -33.42
C VAL AA 61 44.30 19.39 -33.85
N LEU AA 62 44.54 19.29 -35.16
CA LEU AA 62 45.89 18.96 -35.62
C LEU AA 62 46.99 19.92 -35.18
N PRO AA 63 46.80 21.25 -35.09
CA PRO AA 63 47.87 22.05 -34.50
C PRO AA 63 48.13 21.73 -33.04
N PHE AA 64 47.10 21.35 -32.27
CA PHE AA 64 47.35 20.90 -30.91
C PHE AA 64 48.04 19.54 -30.89
N LEU AA 65 47.78 18.71 -31.90
CA LEU AA 65 48.53 17.46 -32.02
C LEU AA 65 50.00 17.73 -32.34
N THR AA 66 50.25 18.57 -33.33
CA THR AA 66 51.61 18.80 -33.80
C THR AA 66 52.44 19.55 -32.77
N ARG AA 67 51.80 20.45 -32.00
CA ARG AA 67 52.48 21.20 -30.96
C ARG AA 67 53.11 20.29 -29.91
N LEU AA 68 52.54 19.11 -29.69
CA LEU AA 68 52.99 18.26 -28.61
C LEU AA 68 53.85 17.09 -29.10
N GLY AA 69 54.10 16.96 -30.40
CA GLY AA 69 55.05 15.96 -30.84
C GLY AA 69 54.74 15.12 -32.06
N VAL AA 70 53.47 14.80 -32.31
CA VAL AA 70 53.13 13.99 -33.48
C VAL AA 70 53.17 14.85 -34.74
N THR AA 71 53.93 14.39 -35.74
CA THR AA 71 54.13 15.18 -36.95
C THR AA 71 53.73 14.42 -38.20
N GLN AA 72 53.69 13.10 -38.13
CA GLN AA 72 53.36 12.27 -39.27
C GLN AA 72 52.10 11.45 -39.03
N SER AA 73 51.62 10.82 -40.10
CA SER AA 73 50.42 10.01 -40.08
C SER AA 73 50.67 8.67 -40.78
N TRP AA 74 49.61 7.90 -40.96
CA TRP AA 74 49.67 6.59 -41.58
C TRP AA 74 49.72 6.63 -43.10
N GLY AA 75 49.31 7.73 -43.72
CA GLY AA 75 49.26 7.79 -45.16
C GLY AA 75 50.57 7.96 -45.87
N GLY AA 76 51.65 8.23 -45.14
CA GLY AA 76 52.94 8.40 -45.76
C GLY AA 76 53.37 9.83 -45.99
N TRP AA 77 52.83 10.78 -45.24
CA TRP AA 77 53.21 12.18 -45.36
C TRP AA 77 53.57 12.76 -44.00
N THR AA 78 54.38 13.81 -44.02
CA THR AA 78 54.70 14.59 -42.83
C THR AA 78 54.52 16.05 -43.18
N ILE AA 79 53.94 16.81 -42.25
CA ILE AA 79 53.65 18.21 -42.52
C ILE AA 79 54.89 19.10 -42.43
N SER AA 80 56.03 18.54 -42.05
CA SER AA 80 57.26 19.31 -41.92
C SER AA 80 58.06 19.37 -43.22
N GLY AA 81 57.49 18.91 -44.33
CA GLY AA 81 58.17 18.90 -45.61
C GLY AA 81 58.92 17.62 -45.91
N GLU AA 82 59.04 16.73 -44.94
CA GLU AA 82 59.76 15.48 -45.12
C GLU AA 82 58.77 14.35 -45.43
N THR AA 83 59.28 13.24 -45.93
CA THR AA 83 58.48 12.03 -46.05
C THR AA 83 58.37 11.36 -44.68
N SER AA 84 57.42 10.44 -44.56
CA SER AA 84 57.17 9.81 -43.26
C SER AA 84 58.27 8.83 -42.89
N SER AA 85 58.60 8.83 -41.59
CA SER AA 85 59.45 7.82 -40.99
C SER AA 85 58.56 6.67 -40.53
N ASN AA 86 59.05 5.81 -39.67
CA ASN AA 86 58.18 4.77 -39.09
C ASN AA 86 57.11 5.45 -38.24
N PRO AA 87 55.82 5.20 -38.51
CA PRO AA 87 54.77 5.94 -37.80
C PRO AA 87 54.35 5.34 -36.47
N GLY AA 88 54.44 4.02 -36.32
CA GLY AA 88 54.01 3.42 -35.07
C GLY AA 88 52.50 3.47 -34.89
N ILE AA 89 52.08 3.32 -33.64
CA ILE AA 89 50.65 3.36 -33.31
C ILE AA 89 50.19 4.76 -32.94
N TRP AA 90 51.12 5.65 -32.55
CA TRP AA 90 50.76 7.00 -32.12
C TRP AA 90 50.94 8.01 -33.25
N SER AA 91 50.08 7.86 -34.25
CA SER AA 91 49.96 8.80 -35.35
C SER AA 91 48.75 9.70 -35.11
N TYR AA 92 48.40 10.50 -36.12
CA TYR AA 92 47.19 11.31 -36.02
C TYR AA 92 45.95 10.43 -35.96
N GLU AA 93 45.80 9.51 -36.93
CA GLU AA 93 44.66 8.61 -36.93
C GLU AA 93 44.75 7.61 -35.79
N GLY AA 94 45.96 7.25 -35.38
CA GLY AA 94 46.13 6.39 -34.22
C GLY AA 94 45.63 7.04 -32.95
N ALA AA 95 45.95 8.32 -32.75
CA ALA AA 95 45.45 9.05 -31.60
C ALA AA 95 43.94 9.24 -31.66
N ALA AA 96 43.41 9.46 -32.87
CA ALA AA 96 41.96 9.59 -33.01
C ALA AA 96 41.24 8.29 -32.65
N ALA AA 97 41.73 7.16 -33.18
CA ALA AA 97 41.10 5.89 -32.87
C ALA AA 97 41.32 5.51 -31.41
N SER AA 98 42.43 5.94 -30.83
CA SER AA 98 42.68 5.69 -29.41
C SER AA 98 41.70 6.47 -28.54
N HIS AA 99 41.40 7.71 -28.91
CA HIS AA 99 40.39 8.47 -28.18
C HIS AA 99 39.01 7.88 -28.41
N ILE AA 100 38.77 7.28 -29.58
CA ILE AA 100 37.50 6.59 -29.82
C ILE AA 100 37.36 5.38 -28.90
N VAL AA 101 38.43 4.59 -28.77
CA VAL AA 101 38.41 3.43 -27.87
C VAL AA 101 38.22 3.88 -26.43
N LEU AA 102 38.87 4.99 -26.06
CA LEU AA 102 38.63 5.59 -24.74
C LEU AA 102 37.18 5.99 -24.59
N SER AA 103 36.58 6.55 -25.64
CA SER AA 103 35.17 6.94 -25.58
C SER AA 103 34.29 5.72 -25.30
N GLY AA 104 34.57 4.60 -25.96
CA GLY AA 104 33.80 3.40 -25.70
C GLY AA 104 33.98 2.87 -24.29
N LEU AA 105 35.23 2.82 -23.81
CA LEU AA 105 35.49 2.30 -22.48
C LEU AA 105 34.85 3.17 -21.40
N LEU AA 106 34.98 4.50 -21.54
CA LEU AA 106 34.36 5.43 -20.61
C LEU AA 106 32.84 5.36 -20.68
N PHE AA 107 32.28 5.13 -21.87
CA PHE AA 107 30.83 4.93 -22.01
C PHE AA 107 30.37 3.72 -21.22
N LEU AA 108 31.09 2.60 -21.37
CA LEU AA 108 30.71 1.38 -20.68
C LEU AA 108 30.87 1.52 -19.17
N ALA AA 109 31.90 2.24 -18.74
CA ALA AA 109 32.08 2.50 -17.31
C ALA AA 109 30.97 3.40 -16.76
N SER AA 110 30.52 4.37 -17.55
CA SER AA 110 29.39 5.20 -17.15
C SER AA 110 28.13 4.36 -16.99
N VAL AA 111 27.90 3.43 -17.91
CA VAL AA 111 26.75 2.54 -17.80
C VAL AA 111 26.87 1.66 -16.54
N TRP AA 112 28.09 1.18 -16.26
CA TRP AA 112 28.33 0.37 -15.08
C TRP AA 112 28.00 1.13 -13.80
N HIS AA 113 28.50 2.36 -13.67
CA HIS AA 113 28.23 3.14 -12.47
C HIS AA 113 26.78 3.59 -12.40
N TRP AA 114 26.11 3.77 -13.55
CA TRP AA 114 24.69 4.07 -13.51
C TRP AA 114 23.90 2.90 -12.94
N VAL AA 115 24.24 1.68 -13.35
CA VAL AA 115 23.52 0.51 -12.86
C VAL AA 115 23.83 0.24 -11.39
N TYR AA 116 25.12 0.29 -11.03
CA TYR AA 116 25.55 0.05 -9.66
C TYR AA 116 25.94 1.39 -9.04
N TRP AA 117 25.05 1.92 -8.20
CA TRP AA 117 25.24 3.28 -7.70
C TRP AA 117 25.34 3.37 -6.18
N ASP AA 118 24.77 2.40 -5.45
CA ASP AA 118 24.79 2.44 -3.98
C ASP AA 118 25.94 1.61 -3.41
N LEU AA 119 27.16 1.99 -3.80
CA LEU AA 119 28.34 1.36 -3.25
C LEU AA 119 28.61 1.91 -1.85
N GLU AA 120 29.07 1.04 -0.94
CA GLU AA 120 29.36 1.46 0.42
C GLU AA 120 30.52 2.44 0.47
N LEU AA 121 31.36 2.48 -0.57
CA LEU AA 121 32.36 3.52 -0.73
C LEU AA 121 31.75 4.90 -0.64
N PHE AA 122 30.53 5.06 -1.13
CA PHE AA 122 29.84 6.34 -1.10
C PHE AA 122 29.12 6.60 0.21
N ARG AA 123 29.16 5.66 1.15
CA ARG AA 123 28.42 5.79 2.41
C ARG AA 123 29.37 6.13 3.55
N ASP AA 124 28.97 7.13 4.34
CA ASP AA 124 29.77 7.57 5.49
C ASP AA 124 29.78 6.50 6.57
N PRO AA 125 30.92 6.24 7.21
CA PRO AA 125 30.95 5.20 8.25
C PRO AA 125 30.31 5.63 9.56
N ARG AA 126 30.53 6.86 10.01
CA ARG AA 126 30.05 7.27 11.32
C ARG AA 126 28.54 7.42 11.36
N THR AA 127 27.97 8.12 10.38
CA THR AA 127 26.54 8.44 10.41
C THR AA 127 25.69 7.50 9.58
N GLY AA 128 26.24 6.90 8.53
CA GLY AA 128 25.48 6.04 7.66
C GLY AA 128 24.80 6.74 6.51
N LYS AA 129 24.77 8.07 6.49
CA LYS AA 129 24.22 8.80 5.37
C LYS AA 129 25.24 8.88 4.26
N THR AA 130 24.76 9.14 3.04
CA THR AA 130 25.63 9.28 1.89
C THR AA 130 26.41 10.59 2.01
N ALA AA 131 27.73 10.51 2.02
CA ALA AA 131 28.56 11.69 2.18
C ALA AA 131 29.89 11.48 1.47
N LEU AA 132 30.57 12.59 1.17
CA LEU AA 132 31.86 12.58 0.51
C LEU AA 132 32.81 13.48 1.28
N ASP AA 133 34.04 12.99 1.50
CA ASP AA 133 35.06 13.74 2.22
C ASP AA 133 35.83 14.61 1.24
N LEU AA 134 35.22 15.77 0.91
CA LEU AA 134 35.76 16.66 -0.11
C LEU AA 134 37.18 17.16 0.12
N PRO AA 135 37.62 17.56 1.33
CA PRO AA 135 39.04 17.94 1.47
C PRO AA 135 40.01 16.79 1.16
N LYS AA 136 39.67 15.56 1.56
CA LYS AA 136 40.53 14.43 1.24
C LYS AA 136 40.51 14.11 -0.24
N ILE AA 137 39.33 14.20 -0.87
CA ILE AA 137 39.20 13.99 -2.30
C ILE AA 137 40.03 15.02 -3.07
N PHE AA 138 40.00 16.27 -2.62
CA PHE AA 138 40.80 17.32 -3.24
C PHE AA 138 42.28 17.05 -3.06
N GLY AA 139 42.68 16.56 -1.88
CA GLY AA 139 44.07 16.21 -1.68
C GLY AA 139 44.53 15.11 -2.63
N ILE AA 140 43.66 14.12 -2.86
CA ILE AA 140 43.99 13.05 -3.79
C ILE AA 140 44.18 13.62 -5.20
N HIS AA 141 43.22 14.38 -5.69
CA HIS AA 141 43.33 14.90 -7.05
C HIS AA 141 44.44 15.93 -7.19
N LEU AA 142 44.78 16.65 -6.11
CA LEU AA 142 45.93 17.54 -6.19
C LEU AA 142 47.23 16.75 -6.29
N PHE AA 143 47.32 15.63 -5.58
CA PHE AA 143 48.51 14.79 -5.69
C PHE AA 143 48.65 14.20 -7.09
N LEU AA 144 47.56 13.68 -7.66
CA LEU AA 144 47.64 13.19 -9.04
C LEU AA 144 47.89 14.30 -10.05
N ALA AA 145 47.31 15.49 -9.86
CA ALA AA 145 47.58 16.58 -10.78
C ALA AA 145 49.04 16.99 -10.74
N GLY AA 146 49.62 17.06 -9.55
CA GLY AA 146 51.04 17.35 -9.43
C GLY AA 146 51.90 16.26 -10.05
N LEU AA 147 51.49 15.00 -9.89
CA LEU AA 147 52.25 13.90 -10.48
C LEU AA 147 52.21 13.94 -12.01
N LEU AA 148 51.02 14.20 -12.58
CA LEU AA 148 50.91 14.29 -14.03
C LEU AA 148 51.70 15.48 -14.58
N CYS AA 149 51.64 16.62 -13.88
CA CYS AA 149 52.40 17.79 -14.32
C CYS AA 149 53.90 17.53 -14.22
N PHE AA 150 54.34 16.87 -13.15
CA PHE AA 150 55.76 16.55 -13.02
C PHE AA 150 56.21 15.56 -14.08
N GLY AA 151 55.40 14.54 -14.37
CA GLY AA 151 55.78 13.59 -15.40
C GLY AA 151 55.85 14.23 -16.78
N PHE AA 152 54.83 15.04 -17.12
CA PHE AA 152 54.82 15.73 -18.40
C PHE AA 152 55.96 16.73 -18.51
N GLY AA 153 56.39 17.32 -17.40
CA GLY AA 153 57.46 18.29 -17.45
C GLY AA 153 58.88 17.74 -17.36
N ALA AA 154 59.04 16.58 -16.73
CA ALA AA 154 60.37 16.00 -16.55
C ALA AA 154 60.67 14.89 -17.53
N PHE AA 155 59.66 14.32 -18.19
CA PHE AA 155 59.88 13.23 -19.12
C PHE AA 155 59.51 13.57 -20.55
N HIS AA 156 58.38 14.23 -20.77
CA HIS AA 156 57.92 14.47 -22.13
C HIS AA 156 58.60 15.68 -22.77
N VAL AA 157 58.40 16.86 -22.19
CA VAL AA 157 58.89 18.09 -22.81
C VAL AA 157 60.42 18.21 -22.76
N THR AA 158 61.07 17.60 -21.78
CA THR AA 158 62.52 17.67 -21.69
C THR AA 158 63.21 16.80 -22.73
N GLY AA 159 62.50 15.86 -23.35
CA GLY AA 159 63.10 15.03 -24.37
C GLY AA 159 63.92 13.87 -23.86
N VAL AA 160 63.99 13.69 -22.54
CA VAL AA 160 64.68 12.52 -22.01
C VAL AA 160 63.89 11.25 -22.35
N PHE AA 161 62.57 11.35 -22.39
CA PHE AA 161 61.74 10.19 -22.69
C PHE AA 161 60.62 10.54 -23.67
N GLY AA 162 60.25 11.81 -23.77
CA GLY AA 162 59.29 12.28 -24.74
C GLY AA 162 59.95 12.99 -25.92
N PRO AA 163 59.15 13.55 -26.83
CA PRO AA 163 59.71 14.19 -28.02
C PRO AA 163 60.06 15.66 -27.87
N GLY AA 164 59.44 16.37 -26.95
CA GLY AA 164 59.65 17.80 -26.81
C GLY AA 164 58.45 18.64 -27.22
N ILE AA 165 58.75 19.79 -27.81
CA ILE AA 165 57.74 20.76 -28.22
C ILE AA 165 58.04 21.15 -29.67
N TRP AA 166 56.97 21.41 -30.43
CA TRP AA 166 57.08 22.09 -31.71
C TRP AA 166 57.58 23.51 -31.49
N VAL AA 167 58.88 23.73 -31.64
CA VAL AA 167 59.43 25.08 -31.61
C VAL AA 167 59.63 25.51 -33.05
N SER AA 168 59.85 26.80 -33.25
CA SER AA 168 59.86 27.38 -34.58
C SER AA 168 60.90 28.50 -34.67
N ASP AA 169 61.08 28.99 -35.89
CA ASP AA 169 61.85 30.20 -36.13
C ASP AA 169 61.09 31.40 -35.58
N PRO AA 170 61.79 32.47 -35.20
CA PRO AA 170 61.10 33.70 -34.79
C PRO AA 170 60.18 34.27 -35.86
N TYR AA 171 60.50 34.05 -37.13
CA TYR AA 171 59.68 34.55 -38.23
C TYR AA 171 58.86 33.44 -38.87
N GLY AA 172 58.80 32.27 -38.25
CA GLY AA 172 58.02 31.14 -38.75
C GLY AA 172 58.55 30.49 -40.01
N LEU AA 173 59.87 30.41 -40.15
CA LEU AA 173 60.49 29.77 -41.31
C LEU AA 173 60.81 28.31 -41.04
N THR AA 174 61.69 28.05 -40.08
CA THR AA 174 62.19 26.72 -39.77
C THR AA 174 61.69 26.31 -38.40
N GLY AA 175 61.01 25.18 -38.33
CA GLY AA 175 60.47 24.71 -37.07
C GLY AA 175 60.23 23.22 -37.10
N SER AA 176 60.28 22.61 -35.92
CA SER AA 176 60.07 21.17 -35.78
C SER AA 176 59.83 20.85 -34.31
N VAL AA 177 59.57 19.57 -34.05
CA VAL AA 177 59.41 19.11 -32.67
C VAL AA 177 60.77 18.68 -32.15
N GLN AA 178 61.28 19.41 -31.16
CA GLN AA 178 62.54 19.07 -30.54
C GLN AA 178 62.45 19.29 -29.04
N PRO AA 179 63.28 18.62 -28.26
CA PRO AA 179 63.35 18.93 -26.83
C PRO AA 179 63.95 20.30 -26.59
N VAL AA 180 63.59 20.89 -25.47
CA VAL AA 180 64.13 22.18 -25.05
C VAL AA 180 64.55 22.06 -23.58
N ALA AA 181 65.70 22.64 -23.26
CA ALA AA 181 66.19 22.57 -21.88
C ALA AA 181 65.47 23.61 -21.03
N PRO AA 182 65.15 23.29 -19.78
CA PRO AA 182 64.49 24.28 -18.92
C PRO AA 182 65.39 25.45 -18.57
N SER AA 183 64.78 26.62 -18.40
CA SER AA 183 65.46 27.82 -17.95
C SER AA 183 64.89 28.18 -16.59
N TRP AA 184 65.77 28.32 -15.61
CA TRP AA 184 65.36 28.62 -14.24
C TRP AA 184 65.49 30.09 -13.89
N GLY AA 185 66.01 30.91 -14.81
CA GLY AA 185 66.19 32.32 -14.56
C GLY AA 185 64.97 33.13 -14.92
N ALA AA 186 65.18 34.44 -15.08
CA ALA AA 186 64.10 35.33 -15.48
C ALA AA 186 63.53 34.96 -16.83
N GLU AA 187 64.39 34.50 -17.75
CA GLU AA 187 63.93 34.03 -19.05
C GLU AA 187 63.02 32.82 -18.95
N GLY AA 188 63.06 32.09 -17.83
CA GLY AA 188 62.09 31.04 -17.61
C GLY AA 188 60.67 31.55 -17.54
N PHE AA 189 60.46 32.76 -17.04
CA PHE AA 189 59.18 33.42 -17.08
C PHE AA 189 59.01 34.28 -18.31
N ASP AA 190 59.96 34.23 -19.23
CA ASP AA 190 59.80 34.91 -20.51
C ASP AA 190 58.73 34.15 -21.27
N PRO AA 191 57.60 34.76 -21.58
CA PRO AA 191 56.49 34.02 -22.20
C PRO AA 191 56.81 33.44 -23.56
N TYR AA 192 57.71 34.07 -24.32
CA TYR AA 192 58.02 33.60 -25.66
C TYR AA 192 59.20 32.64 -25.67
N ASN AA 193 59.76 32.34 -24.50
CA ASN AA 193 60.85 31.38 -24.41
C ASN AA 193 60.29 29.97 -24.37
N PRO AA 194 60.65 29.09 -25.31
CA PRO AA 194 60.20 27.70 -25.23
C PRO AA 194 60.74 26.95 -24.03
N GLY AA 195 61.89 27.37 -23.49
CA GLY AA 195 62.49 26.66 -22.37
C GLY AA 195 61.80 26.90 -21.05
N GLY AA 196 60.91 27.89 -20.98
CA GLY AA 196 60.23 28.15 -19.72
C GLY AA 196 59.20 27.10 -19.35
N VAL AA 197 58.60 26.44 -20.33
CA VAL AA 197 57.55 25.45 -20.12
C VAL AA 197 58.04 24.22 -19.33
N PRO AA 198 59.20 23.61 -19.63
CA PRO AA 198 59.63 22.49 -18.78
C PRO AA 198 59.92 22.87 -17.34
N ALA AA 199 60.60 23.99 -17.09
CA ALA AA 199 60.83 24.43 -15.72
C ALA AA 199 59.52 24.77 -15.02
N HIS AA 200 58.60 25.40 -15.76
CA HIS AA 200 57.25 25.67 -15.27
C HIS AA 200 56.60 24.38 -14.80
N HIS AA 201 56.59 23.37 -15.66
CA HIS AA 201 55.91 22.12 -15.33
C HIS AA 201 56.57 21.39 -14.18
N ILE AA 202 57.90 21.39 -14.12
CA ILE AA 202 58.60 20.71 -13.02
C ILE AA 202 58.27 21.38 -11.69
N ALA AA 203 58.41 22.71 -11.62
CA ALA AA 203 58.14 23.41 -10.37
C ALA AA 203 56.66 23.30 -9.98
N ALA AA 204 55.77 23.43 -10.96
CA ALA AA 204 54.34 23.34 -10.70
C ALA AA 204 53.94 21.95 -10.24
N GLY AA 205 54.48 20.89 -10.84
CA GLY AA 205 54.17 19.55 -10.40
C GLY AA 205 54.69 19.26 -9.00
N ILE AA 206 55.92 19.72 -8.70
CA ILE AA 206 56.46 19.54 -7.35
C ILE AA 206 55.59 20.26 -6.33
N LEU AA 207 55.20 21.50 -6.64
CA LEU AA 207 54.37 22.26 -5.72
C LEU AA 207 52.99 21.63 -5.57
N GLY AA 208 52.44 21.08 -6.66
CA GLY AA 208 51.16 20.41 -6.57
C GLY AA 208 51.23 19.15 -5.72
N VAL AA 209 52.32 18.39 -5.82
CA VAL AA 209 52.49 17.19 -5.01
C VAL AA 209 52.59 17.56 -3.54
N LEU AA 210 53.40 18.58 -3.20
CA LEU AA 210 53.52 18.98 -1.81
C LEU AA 210 52.20 19.52 -1.26
N ALA AA 211 51.49 20.32 -2.04
CA ALA AA 211 50.19 20.84 -1.60
C ALA AA 211 49.17 19.72 -1.45
N GLY AA 212 49.23 18.70 -2.30
CA GLY AA 212 48.39 17.52 -2.11
C GLY AA 212 48.73 16.79 -0.83
N LEU AA 213 50.01 16.78 -0.44
CA LEU AA 213 50.39 16.16 0.82
C LEU AA 213 49.82 16.93 2.02
N PHE AA 214 49.91 18.26 2.02
CA PHE AA 214 49.27 19.02 3.10
C PHE AA 214 47.75 18.83 3.10
N HIS AA 215 47.12 18.76 1.93
CA HIS AA 215 45.68 18.55 1.91
C HIS AA 215 45.27 17.15 2.35
N LEU AA 216 46.15 16.17 2.14
CA LEU AA 216 45.86 14.83 2.63
C LEU AA 216 46.03 14.72 4.14
N CYS AA 217 47.05 15.39 4.70
CA CYS AA 217 47.33 15.20 6.12
C CYS AA 217 46.65 16.20 7.04
N VAL AA 218 46.31 17.40 6.55
CA VAL AA 218 45.82 18.48 7.40
C VAL AA 218 44.34 18.66 7.15
N ARG AA 219 43.58 18.89 8.22
CA ARG AA 219 42.14 19.12 8.13
C ARG AA 219 41.85 20.62 8.10
N PRO AA 220 40.73 21.03 7.53
CA PRO AA 220 40.39 22.46 7.48
C PRO AA 220 39.98 23.00 8.83
N SER AA 221 39.52 24.25 8.82
CA SER AA 221 39.09 24.91 10.05
C SER AA 221 37.58 25.13 10.05
N ILE AA 222 37.01 25.18 11.26
CA ILE AA 222 35.55 25.37 11.42
C ILE AA 222 35.09 26.66 10.77
N ARG AA 223 35.84 27.75 11.01
CA ARG AA 223 35.46 29.04 10.43
C ARG AA 223 35.49 28.99 8.91
N LEU AA 224 36.52 28.37 8.33
CA LEU AA 224 36.59 28.23 6.88
C LEU AA 224 35.52 27.26 6.37
N TYR AA 225 35.31 26.17 7.11
CA TYR AA 225 34.34 25.14 6.73
C TYR AA 225 32.94 25.70 6.63
N PHE AA 226 32.56 26.53 7.59
CA PHE AA 226 31.25 27.20 7.50
C PHE AA 226 31.34 28.49 6.70
N GLY AA 227 32.55 28.90 6.32
CA GLY AA 227 32.68 30.05 5.45
C GLY AA 227 32.30 29.74 4.02
N LEU AA 228 33.04 28.85 3.37
CA LEU AA 228 32.73 28.59 1.98
C LEU AA 228 32.02 27.25 1.76
N SER AA 229 31.52 26.64 2.83
CA SER AA 229 30.72 25.41 2.78
C SER AA 229 31.46 24.28 2.04
N MET AA 230 32.60 23.89 2.63
CA MET AA 230 33.43 22.84 2.06
C MET AA 230 32.71 21.49 2.05
N GLY AA 231 31.78 21.26 2.95
CA GLY AA 231 31.04 20.02 2.99
C GLY AA 231 29.96 19.86 1.94
N SER AA 232 29.82 20.84 1.03
CA SER AA 232 28.83 20.79 -0.03
C SER AA 232 29.50 20.57 -1.38
N ILE AA 233 28.78 19.91 -2.30
CA ILE AA 233 29.31 19.68 -3.63
C ILE AA 233 29.07 20.89 -4.54
N GLU AA 234 28.16 21.78 -4.17
CA GLU AA 234 27.93 22.95 -5.00
C GLU AA 234 29.06 23.97 -4.85
N SER AA 235 29.72 23.99 -3.67
CA SER AA 235 30.85 24.90 -3.47
C SER AA 235 32.05 24.49 -4.33
N VAL AA 236 32.37 23.20 -4.33
CA VAL AA 236 33.42 22.69 -5.21
C VAL AA 236 33.01 22.85 -6.68
N LEU AA 237 31.70 22.77 -6.98
CA LEU AA 237 31.25 23.06 -8.34
C LEU AA 237 31.59 24.50 -8.75
N SER AA 238 31.21 25.46 -7.90
CA SER AA 238 31.43 26.86 -8.22
C SER AA 238 32.92 27.20 -8.29
N SER AA 239 33.72 26.65 -7.36
CA SER AA 239 35.14 26.93 -7.36
C SER AA 239 35.84 26.32 -8.58
N SER AA 240 35.41 25.12 -8.99
CA SER AA 240 35.97 24.51 -10.18
C SER AA 240 35.63 25.31 -11.42
N ILE AA 241 34.39 25.81 -11.50
CA ILE AA 241 34.01 26.67 -12.63
C ILE AA 241 34.84 27.95 -12.63
N ALA AA 242 35.09 28.51 -11.44
CA ALA AA 242 35.92 29.70 -11.34
C ALA AA 242 37.32 29.45 -11.86
N ALA AA 243 37.93 28.33 -11.44
CA ALA AA 243 39.28 28.00 -11.86
C ALA AA 243 39.35 27.74 -13.36
N VAL AA 244 38.35 27.05 -13.91
CA VAL AA 244 38.43 26.72 -15.33
C VAL AA 244 38.20 27.95 -16.20
N PHE AA 245 37.36 28.91 -15.77
CA PHE AA 245 37.27 30.06 -16.67
C PHE AA 245 38.46 31.01 -16.46
N TRP AA 246 39.09 30.98 -15.27
CA TRP AA 246 40.37 31.66 -15.10
C TRP AA 246 41.39 31.12 -16.08
N ALA AA 247 41.51 29.79 -16.14
CA ALA AA 247 42.42 29.16 -17.08
C ALA AA 247 42.04 29.46 -18.52
N ALA AA 248 40.74 29.53 -18.82
CA ALA AA 248 40.30 29.86 -20.16
C ALA AA 248 40.67 31.29 -20.55
N PHE AA 249 40.56 32.23 -19.60
CA PHE AA 249 41.02 33.59 -19.85
C PHE AA 249 42.52 33.62 -20.11
N VAL AA 250 43.29 32.86 -19.33
CA VAL AA 250 44.74 32.81 -19.54
C VAL AA 250 45.06 32.26 -20.93
N VAL AA 251 44.40 31.15 -21.30
CA VAL AA 251 44.66 30.51 -22.58
C VAL AA 251 44.26 31.40 -23.74
N ALA AA 252 43.10 32.06 -23.65
CA ALA AA 252 42.67 32.97 -24.71
C ALA AA 252 43.61 34.16 -24.84
N GLY AA 253 44.05 34.71 -23.70
CA GLY AA 253 44.97 35.84 -23.75
C GLY AA 253 46.30 35.48 -24.38
N THR AA 254 46.85 34.31 -24.02
CA THR AA 254 48.10 33.87 -24.63
C THR AA 254 47.91 33.53 -26.10
N MET AA 255 46.75 32.99 -26.48
CA MET AA 255 46.51 32.63 -27.87
C MET AA 255 46.44 33.88 -28.75
N TRP AA 256 45.74 34.92 -28.28
CA TRP AA 256 45.73 36.16 -29.04
C TRP AA 256 47.07 36.88 -29.02
N TYR AA 257 47.77 36.89 -27.89
CA TYR AA 257 48.97 37.71 -27.78
C TYR AA 257 50.23 36.99 -28.21
N GLY AA 258 50.14 35.72 -28.58
CA GLY AA 258 51.33 35.00 -28.99
C GLY AA 258 52.16 34.54 -27.80
N SER AA 259 52.73 33.35 -27.92
CA SER AA 259 53.54 32.78 -26.85
C SER AA 259 54.41 31.68 -27.46
N ALA AA 260 55.32 31.15 -26.65
CA ALA AA 260 56.09 29.99 -27.06
C ALA AA 260 55.20 28.76 -27.21
N ALA AA 261 54.06 28.76 -26.53
CA ALA AA 261 53.08 27.69 -26.65
C ALA AA 261 52.12 27.92 -27.81
N THR AA 262 52.31 28.97 -28.59
CA THR AA 262 51.46 29.29 -29.74
C THR AA 262 52.37 29.41 -30.96
N PRO AA 263 52.72 28.29 -31.59
CA PRO AA 263 53.59 28.35 -32.77
C PRO AA 263 52.92 29.03 -33.95
N ILE AA 264 53.65 29.97 -34.55
CA ILE AA 264 53.13 30.69 -35.71
C ILE AA 264 53.03 29.76 -36.91
N GLU AA 265 53.90 28.75 -37.01
CA GLU AA 265 53.81 27.82 -38.13
C GLU AA 265 52.59 26.92 -38.04
N LEU AA 266 51.97 26.80 -36.88
CA LEU AA 266 50.75 26.01 -36.74
C LEU AA 266 49.50 26.85 -36.63
N PHE AA 267 49.62 28.11 -36.21
CA PHE AA 267 48.45 28.92 -35.91
C PHE AA 267 48.35 30.20 -36.73
N GLY AA 268 49.32 30.48 -37.59
CA GLY AA 268 49.27 31.68 -38.38
C GLY AA 268 49.84 32.88 -37.67
N PRO AA 269 49.93 34.00 -38.39
CA PRO AA 269 50.52 35.21 -37.81
C PRO AA 269 49.63 35.87 -36.77
N THR AA 270 50.08 37.03 -36.27
CA THR AA 270 49.36 37.77 -35.24
C THR AA 270 48.89 39.09 -35.81
N ARG AA 271 47.74 39.55 -35.32
CA ARG AA 271 47.28 40.88 -35.71
C ARG AA 271 48.24 41.96 -35.23
N TYR AA 272 48.91 41.73 -34.10
CA TYR AA 272 49.93 42.65 -33.64
C TYR AA 272 51.20 42.54 -34.48
N GLN AA 273 51.52 41.36 -34.99
CA GLN AA 273 52.61 41.23 -35.94
C GLN AA 273 52.31 42.00 -37.23
N TRP AA 274 51.07 41.94 -37.70
CA TRP AA 274 50.72 42.66 -38.92
C TRP AA 274 50.72 44.17 -38.68
N ASP AA 275 50.08 44.63 -37.60
CA ASP AA 275 50.01 46.06 -37.31
C ASP AA 275 51.39 46.62 -37.00
N GLN AA 276 52.26 45.80 -36.43
CA GLN AA 276 53.60 46.24 -36.06
C GLN AA 276 54.63 45.98 -37.15
N GLY AA 277 54.20 45.58 -38.34
CA GLY AA 277 55.08 45.45 -39.49
C GLY AA 277 56.22 44.47 -39.29
N PHE AA 278 55.95 43.34 -38.66
CA PHE AA 278 57.01 42.42 -38.24
C PHE AA 278 57.65 41.73 -39.43
N PHE AA 279 56.87 40.97 -40.20
CA PHE AA 279 57.41 40.30 -41.37
C PHE AA 279 57.79 41.31 -42.45
N GLN AA 280 57.09 42.44 -42.49
CA GLN AA 280 57.45 43.49 -43.46
C GLN AA 280 58.85 44.03 -43.18
N GLN AA 281 59.13 44.41 -41.94
CA GLN AA 281 60.45 44.91 -41.60
C GLN AA 281 61.50 43.82 -41.76
N GLU AA 282 61.11 42.56 -41.54
CA GLU AA 282 62.07 41.47 -41.72
C GLU AA 282 62.47 41.30 -43.17
N ILE AA 283 61.47 41.25 -44.06
CA ILE AA 283 61.72 41.12 -45.50
C ILE AA 283 62.52 42.30 -46.01
N GLN AA 284 62.15 43.51 -45.59
CA GLN AA 284 62.80 44.70 -46.10
C GLN AA 284 64.23 44.82 -45.58
N LYS AA 285 64.50 44.40 -44.34
CA LYS AA 285 65.87 44.51 -43.86
C LYS AA 285 66.75 43.41 -44.46
N ARG AA 286 66.17 42.24 -44.76
CA ARG AA 286 66.93 41.22 -45.47
C ARG AA 286 67.30 41.70 -46.87
N VAL AA 287 66.35 42.35 -47.55
CA VAL AA 287 66.62 42.89 -48.87
C VAL AA 287 67.66 44.01 -48.81
N ALA AA 288 67.55 44.88 -47.80
CA ALA AA 288 68.52 45.96 -47.65
C ALA AA 288 69.91 45.43 -47.34
N GLN AA 289 69.99 44.38 -46.51
CA GLN AA 289 71.29 43.79 -46.20
C GLN AA 289 71.91 43.13 -47.43
N SER AA 290 71.10 42.43 -48.23
CA SER AA 290 71.63 41.81 -49.43
C SER AA 290 72.04 42.85 -50.46
N THR AA 291 71.30 43.97 -50.52
CA THR AA 291 71.63 45.04 -51.45
C THR AA 291 72.90 45.77 -51.03
N SER AA 292 73.12 45.90 -49.72
CA SER AA 292 74.30 46.62 -49.22
C SER AA 292 75.60 45.91 -49.60
N GLU AA 293 75.62 44.59 -49.56
CA GLU AA 293 76.82 43.81 -49.87
C GLU AA 293 76.55 42.84 -51.02
N GLY AA 294 77.01 43.19 -52.21
CA GLY AA 294 76.98 42.28 -53.33
C GLY AA 294 75.78 42.34 -54.24
N LEU AA 295 74.81 41.43 -54.00
CA LEU AA 295 73.72 41.20 -54.93
C LEU AA 295 72.81 42.42 -55.03
N SER AA 296 72.34 42.69 -56.25
CA SER AA 296 71.46 43.82 -56.52
C SER AA 296 69.99 43.37 -56.48
N VAL AA 297 69.09 44.25 -56.86
CA VAL AA 297 67.66 43.97 -56.87
C VAL AA 297 67.34 43.01 -58.01
N SER AA 298 66.14 42.44 -57.98
CA SER AA 298 65.57 41.42 -58.88
C SER AA 298 66.21 40.05 -58.69
N GLU AA 299 67.20 39.92 -57.80
CA GLU AA 299 67.77 38.62 -57.46
C GLU AA 299 67.91 38.52 -55.95
N ALA AA 300 68.09 39.65 -55.27
CA ALA AA 300 68.10 39.64 -53.81
C ALA AA 300 66.71 39.33 -53.26
N TRP AA 301 65.68 39.87 -53.93
CA TRP AA 301 64.30 39.57 -53.54
C TRP AA 301 63.97 38.11 -53.68
N ALA AA 302 64.57 37.43 -54.68
CA ALA AA 302 64.41 35.99 -54.82
C ALA AA 302 64.99 35.23 -53.64
N LYS AA 303 65.95 35.84 -52.93
CA LYS AA 303 66.47 35.23 -51.71
C LYS AA 303 65.43 35.21 -50.60
N ILE AA 304 64.40 36.06 -50.70
CA ILE AA 304 63.33 36.10 -49.71
C ILE AA 304 62.51 34.81 -49.80
N PRO AA 305 62.28 34.11 -48.70
CA PRO AA 305 61.63 32.80 -48.77
C PRO AA 305 60.15 32.90 -49.12
N GLU AA 306 59.59 31.76 -49.51
CA GLU AA 306 58.17 31.67 -49.85
C GLU AA 306 57.30 31.83 -48.61
N LYS AA 307 57.78 31.38 -47.46
CA LYS AA 307 56.99 31.43 -46.23
C LYS AA 307 56.77 32.86 -45.76
N LEU AA 308 57.83 33.67 -45.76
CA LEU AA 308 57.80 34.99 -45.15
C LEU AA 308 56.86 35.93 -45.89
N ALA AA 309 56.88 35.89 -47.23
CA ALA AA 309 55.97 36.71 -48.01
C ALA AA 309 54.52 36.31 -47.81
N PHE AA 310 54.26 35.02 -47.61
CA PHE AA 310 52.90 34.59 -47.29
C PHE AA 310 52.49 35.04 -45.90
N TYR AA 311 53.44 35.05 -44.96
CA TYR AA 311 53.15 35.55 -43.61
C TYR AA 311 52.85 37.03 -43.63
N ASP AA 312 53.50 37.78 -44.52
CA ASP AA 312 53.27 39.22 -44.63
C ASP AA 312 52.13 39.49 -45.61
N TYR AA 313 50.96 39.01 -45.22
CA TYR AA 313 49.76 39.20 -46.04
C TYR AA 313 48.55 39.17 -45.11
N ILE AA 314 47.73 40.23 -45.17
CA ILE AA 314 46.62 40.40 -44.25
C ILE AA 314 45.51 39.37 -44.44
N GLY AA 315 45.48 38.69 -45.58
CA GLY AA 315 44.56 37.56 -45.73
C GLY AA 315 44.88 36.40 -44.82
N ASN AA 316 46.11 36.36 -44.31
CA ASN AA 316 46.51 35.42 -43.27
C ASN AA 316 46.27 35.97 -41.88
N ASN AA 317 45.74 37.18 -41.78
CA ASN AA 317 45.59 37.86 -40.51
C ASN AA 317 44.42 37.30 -39.73
N PRO AA 318 44.58 37.03 -38.43
CA PRO AA 318 43.43 36.55 -37.64
C PRO AA 318 42.36 37.60 -37.41
N ALA AA 319 42.66 38.88 -37.62
CA ALA AA 319 41.73 39.98 -37.32
C ALA AA 319 41.07 40.54 -38.56
N LYS AA 320 40.71 39.69 -39.52
CA LYS AA 320 40.01 40.14 -40.72
C LYS AA 320 38.78 39.31 -41.07
N GLY AA 321 38.40 38.33 -40.27
CA GLY AA 321 37.28 37.48 -40.57
C GLY AA 321 35.96 38.07 -40.11
N GLY AA 322 34.95 37.19 -40.09
CA GLY AA 322 33.64 37.56 -39.57
C GLY AA 322 33.04 36.40 -38.79
N LEU AA 323 31.93 36.68 -38.11
CA LEU AA 323 31.22 35.63 -37.40
C LEU AA 323 30.71 34.57 -38.35
N PHE AA 324 30.13 34.98 -39.47
CA PHE AA 324 29.51 34.05 -40.39
C PHE AA 324 30.24 33.98 -41.72
N ARG AA 325 31.46 34.51 -41.76
CA ARG AA 325 32.41 34.21 -42.83
C ARG AA 325 32.97 32.84 -42.46
N THR AA 326 32.28 31.81 -42.91
CA THR AA 326 32.42 30.46 -42.39
C THR AA 326 33.38 29.62 -43.22
N GLY AA 327 34.28 28.91 -42.55
CA GLY AA 327 35.08 27.89 -43.18
C GLY AA 327 36.57 28.21 -43.12
N ALA AA 328 37.30 27.55 -44.01
CA ALA AA 328 38.73 27.73 -44.14
C ALA AA 328 39.04 29.08 -44.79
N MET AA 329 40.24 29.60 -44.51
CA MET AA 329 40.64 30.83 -45.20
C MET AA 329 40.93 30.58 -46.67
N ASN AA 330 41.28 29.34 -47.03
CA ASN AA 330 41.45 29.00 -48.44
C ASN AA 330 40.13 29.12 -49.18
N SER AA 331 39.03 28.72 -48.54
CA SER AA 331 37.70 28.88 -49.12
C SER AA 331 37.29 30.33 -49.23
N GLY AA 332 37.94 31.23 -48.51
CA GLY AA 332 37.63 32.64 -48.63
C GLY AA 332 38.16 33.24 -49.92
N ASP AA 333 39.48 33.30 -50.07
CA ASP AA 333 40.11 33.95 -51.21
C ASP AA 333 41.05 32.99 -51.92
N GLY AA 334 40.60 31.77 -52.18
CA GLY AA 334 41.35 30.84 -52.98
C GLY AA 334 42.52 30.22 -52.25
N ILE AA 335 43.22 29.35 -52.95
CA ILE AA 335 44.42 28.71 -52.43
C ILE AA 335 45.63 29.39 -53.06
N ALA AA 336 46.63 29.71 -52.24
CA ALA AA 336 47.83 30.37 -52.74
C ALA AA 336 48.64 29.39 -53.58
N VAL AA 337 49.01 29.82 -54.79
CA VAL AA 337 49.75 28.97 -55.71
C VAL AA 337 51.12 29.52 -56.05
N GLY AA 338 51.43 30.77 -55.70
CA GLY AA 338 52.74 31.31 -55.99
C GLY AA 338 52.83 32.75 -55.53
N TRP AA 339 54.07 33.21 -55.38
CA TRP AA 339 54.38 34.56 -54.93
C TRP AA 339 54.84 35.38 -56.13
N LEU AA 340 54.23 36.55 -56.32
CA LEU AA 340 54.62 37.40 -57.44
C LEU AA 340 55.93 38.12 -57.16
N GLY AA 341 56.07 38.69 -55.97
CA GLY AA 341 57.21 39.51 -55.62
C GLY AA 341 56.76 40.84 -55.03
N HIS AA 342 57.74 41.71 -54.82
CA HIS AA 342 57.50 43.01 -54.23
C HIS AA 342 57.20 44.01 -55.33
N ALA AA 343 55.99 44.56 -55.32
CA ALA AA 343 55.61 45.55 -56.32
C ALA AA 343 56.32 46.86 -56.04
N SER AA 344 57.22 47.25 -56.94
CA SER AA 344 57.94 48.50 -56.82
C SER AA 344 57.36 49.51 -57.80
N PHE AA 345 56.97 50.67 -57.28
CA PHE AA 345 56.31 51.72 -58.03
C PHE AA 345 57.23 52.91 -58.20
N LYS AA 346 57.36 53.37 -59.45
CA LYS AA 346 58.19 54.52 -59.77
C LYS AA 346 57.32 55.62 -60.37
N ASP AA 347 57.71 56.87 -60.16
CA ASP AA 347 57.02 57.98 -60.80
C ASP AA 347 57.53 58.14 -62.23
N GLN AA 348 56.99 59.14 -62.94
CA GLN AA 348 57.38 59.36 -64.32
C GLN AA 348 58.82 59.84 -64.42
N GLU AA 349 59.23 60.77 -63.56
CA GLU AA 349 60.62 61.21 -63.56
C GLU AA 349 61.53 60.19 -62.89
N GLY AA 350 61.00 59.40 -61.96
CA GLY AA 350 61.75 58.34 -61.32
C GLY AA 350 62.04 58.56 -59.85
N ARG AA 351 61.22 57.93 -59.00
CA ARG AA 351 61.39 57.92 -57.55
C ARG AA 351 60.50 56.84 -56.99
N GLU AA 352 60.91 56.23 -55.88
CA GLU AA 352 60.21 55.07 -55.35
C GLU AA 352 59.03 55.49 -54.48
N LEU AA 353 57.82 55.13 -54.90
CA LEU AA 353 56.61 55.36 -54.13
C LEU AA 353 56.23 54.09 -53.38
N PHE AA 354 55.56 54.26 -52.24
CA PHE AA 354 55.19 53.13 -51.40
C PHE AA 354 53.68 53.12 -51.20
N VAL AA 355 53.09 51.93 -51.18
CA VAL AA 355 51.66 51.80 -51.03
C VAL AA 355 51.31 51.78 -49.55
N ARG AA 356 50.35 52.60 -49.16
CA ARG AA 356 49.91 52.60 -47.77
C ARG AA 356 49.07 51.34 -47.49
N ARG AA 357 49.47 50.57 -46.49
CA ARG AA 357 48.87 49.28 -46.25
C ARG AA 357 47.55 49.40 -45.52
N MET AA 358 46.76 48.33 -45.58
CA MET AA 358 45.39 48.32 -45.07
C MET AA 358 45.37 47.77 -43.64
N PRO AA 359 45.04 48.58 -42.64
CA PRO AA 359 45.06 48.13 -41.25
C PRO AA 359 43.87 47.22 -40.94
N THR AA 360 43.96 46.56 -39.78
CA THR AA 360 43.01 45.51 -39.43
C THR AA 360 41.58 46.03 -39.27
N PHE AA 361 41.40 47.27 -38.82
CA PHE AA 361 40.07 47.79 -38.55
C PHE AA 361 39.25 48.02 -39.82
N PHE AA 362 39.89 48.16 -40.96
CA PHE AA 362 39.24 48.67 -42.16
C PHE AA 362 38.81 47.53 -43.06
N GLU AA 363 37.51 47.49 -43.38
CA GLU AA 363 37.05 46.56 -44.40
C GLU AA 363 37.52 46.99 -45.79
N THR AA 364 37.53 48.29 -46.03
CA THR AA 364 38.05 48.87 -47.26
C THR AA 364 38.87 50.09 -46.92
N PHE AA 365 40.09 50.13 -47.47
CA PHE AA 365 41.00 51.24 -47.25
C PHE AA 365 41.36 51.83 -48.60
N PRO AA 366 41.52 53.15 -48.67
CA PRO AA 366 41.93 53.78 -49.93
C PRO AA 366 43.33 53.36 -50.34
N VAL AA 367 43.54 53.24 -51.65
CA VAL AA 367 44.84 52.88 -52.20
C VAL AA 367 45.56 54.17 -52.58
N VAL AA 368 46.59 54.53 -51.82
CA VAL AA 368 47.38 55.72 -52.11
C VAL AA 368 48.86 55.35 -52.19
N LEU AA 369 49.52 55.88 -53.21
CA LEU AA 369 50.95 55.75 -53.41
C LEU AA 369 51.58 57.02 -52.85
N ILE AA 370 52.35 56.88 -51.78
CA ILE AA 370 52.91 58.04 -51.10
C ILE AA 370 54.43 58.04 -51.22
N ASP AA 371 54.99 59.24 -51.04
CA ASP AA 371 56.36 59.58 -51.38
C ASP AA 371 57.34 58.88 -50.44
N LYS AA 372 58.64 59.05 -50.73
CA LYS AA 372 59.69 58.45 -49.90
C LYS AA 372 59.62 58.98 -48.47
N ASP AA 373 59.37 60.28 -48.32
CA ASP AA 373 59.29 60.88 -47.01
C ASP AA 373 57.96 60.60 -46.31
N GLY AA 374 56.86 60.52 -47.07
CA GLY AA 374 55.55 60.44 -46.46
C GLY AA 374 54.60 61.50 -46.96
N VAL AA 375 54.77 61.92 -48.21
CA VAL AA 375 53.90 62.88 -48.86
C VAL AA 375 53.03 62.13 -49.86
N VAL AA 376 51.78 62.54 -50.01
CA VAL AA 376 50.91 61.89 -51.00
C VAL AA 376 51.32 62.33 -52.40
N ARG AA 377 51.63 61.35 -53.25
CA ARG AA 377 51.99 61.62 -54.64
C ARG AA 377 50.98 61.10 -55.64
N ALA AA 378 50.29 59.99 -55.35
CA ALA AA 378 49.31 59.46 -56.28
C ALA AA 378 48.25 58.69 -55.50
N ASP AA 379 47.10 58.49 -56.14
CA ASP AA 379 46.01 57.77 -55.52
C ASP AA 379 45.07 57.29 -56.62
N VAL AA 380 44.27 56.28 -56.29
CA VAL AA 380 43.15 55.94 -57.15
C VAL AA 380 42.05 56.93 -56.80
N PRO AA 381 41.62 57.76 -57.74
CA PRO AA 381 40.69 58.84 -57.38
C PRO AA 381 39.25 58.36 -57.32
N PHE AA 382 38.48 59.01 -56.45
CA PHE AA 382 37.03 58.83 -56.46
C PHE AA 382 36.37 59.70 -57.51
N ARG AA 383 36.73 60.99 -57.55
CA ARG AA 383 36.12 61.89 -58.53
C ARG AA 383 36.70 61.69 -59.92
N LYS AA 384 38.01 61.39 -60.00
CA LYS AA 384 38.73 61.14 -61.27
C LYS AA 384 38.58 62.31 -62.24
N ALA AA 385 38.45 63.52 -61.70
CA ALA AA 385 38.28 64.68 -62.57
C ALA AA 385 39.03 65.92 -62.09
N GLU AA 386 39.85 65.80 -61.04
CA GLU AA 386 40.56 66.95 -60.51
C GLU AA 386 41.97 66.53 -60.08
N SER AA 387 42.74 67.55 -59.69
CA SER AA 387 44.08 67.44 -59.11
C SER AA 387 45.10 66.71 -59.97
N LYS AA 388 46.29 66.50 -59.41
CA LYS AA 388 47.45 65.91 -60.07
C LYS AA 388 47.89 64.63 -59.38
N TYR AA 389 46.93 63.78 -58.98
CA TYR AA 389 47.26 62.53 -58.33
C TYR AA 389 46.78 61.30 -59.08
N SER AA 390 45.98 61.45 -60.14
CA SER AA 390 45.51 60.29 -60.88
C SER AA 390 46.68 59.63 -61.61
N ILE AA 391 46.60 58.30 -61.70
CA ILE AA 391 47.72 57.48 -62.14
C ILE AA 391 48.11 57.77 -63.58
N GLU AA 392 47.11 57.92 -64.46
CA GLU AA 392 47.37 58.08 -65.89
C GLU AA 392 48.14 59.37 -66.21
N GLN AA 393 48.09 60.37 -65.32
CA GLN AA 393 48.85 61.59 -65.53
C GLN AA 393 50.07 61.72 -64.62
N VAL AA 394 50.07 61.06 -63.45
CA VAL AA 394 51.28 61.03 -62.64
C VAL AA 394 52.35 60.19 -63.33
N GLY AA 395 51.96 59.01 -63.82
CA GLY AA 395 52.88 58.17 -64.56
C GLY AA 395 53.70 57.22 -63.72
N VAL AA 396 53.05 56.41 -62.90
CA VAL AA 396 53.77 55.42 -62.10
C VAL AA 396 53.89 54.12 -62.90
N SER AA 397 54.95 53.36 -62.60
CA SER AA 397 55.20 52.09 -63.26
C SER AA 397 55.56 51.05 -62.21
N VAL AA 398 54.98 49.86 -62.36
CA VAL AA 398 55.14 48.76 -61.42
C VAL AA 398 56.11 47.76 -62.01
N THR AA 399 57.09 47.33 -61.20
CA THR AA 399 58.26 46.61 -61.72
C THR AA 399 58.27 45.13 -61.36
N PHE AA 400 58.14 44.79 -60.06
CA PHE AA 400 58.29 43.44 -59.50
C PHE AA 400 59.73 42.95 -59.55
N TYR AA 401 60.11 42.14 -58.55
CA TYR AA 401 61.44 41.57 -58.44
C TYR AA 401 61.41 40.13 -57.91
N GLY AA 402 60.27 39.45 -58.01
CA GLY AA 402 60.11 38.19 -57.30
C GLY AA 402 60.11 36.93 -58.14
N GLY AA 403 59.37 35.92 -57.66
CA GLY AA 403 59.36 34.61 -58.27
C GLY AA 403 58.72 34.48 -59.63
N GLU AA 404 57.40 34.64 -59.71
CA GLU AA 404 56.74 34.50 -61.00
C GLU AA 404 56.97 35.71 -61.90
N LEU AA 405 56.95 36.90 -61.33
CA LEU AA 405 57.01 38.14 -62.09
C LEU AA 405 58.24 38.89 -61.57
N ASN AA 406 59.23 39.09 -62.45
CA ASN AA 406 60.52 39.62 -62.05
C ASN AA 406 61.02 40.81 -62.85
N GLY AA 407 60.68 40.93 -64.13
CA GLY AA 407 61.29 41.97 -64.92
C GLY AA 407 60.42 42.59 -66.00
N LEU AA 408 59.13 42.29 -65.99
CA LEU AA 408 58.19 42.89 -66.93
C LEU AA 408 57.52 44.09 -66.23
N THR AA 409 57.90 45.29 -66.64
CA THR AA 409 57.41 46.52 -66.03
C THR AA 409 56.17 47.03 -66.77
N PHE AA 410 55.12 47.35 -66.02
CA PHE AA 410 53.88 47.86 -66.59
C PHE AA 410 53.67 49.32 -66.17
N THR AA 411 53.35 50.16 -67.14
CA THR AA 411 53.10 51.58 -66.89
C THR AA 411 51.81 52.10 -67.51
N ASP AA 412 51.40 51.59 -68.67
CA ASP AA 412 50.24 52.13 -69.37
C ASP AA 412 48.88 51.70 -68.80
N PRO AA 413 48.53 50.39 -68.75
CA PRO AA 413 47.11 50.04 -68.53
C PRO AA 413 46.65 50.12 -67.09
N SER AA 414 45.45 49.62 -66.83
CA SER AA 414 44.89 49.50 -65.48
C SER AA 414 45.55 48.39 -64.67
N THR AA 415 46.52 47.68 -65.25
CA THR AA 415 47.26 46.67 -64.52
C THR AA 415 48.05 47.27 -63.37
N VAL AA 416 48.53 48.52 -63.52
CA VAL AA 416 49.25 49.17 -62.44
C VAL AA 416 48.29 49.50 -61.28
N LYS AA 417 47.04 49.89 -61.58
CA LYS AA 417 46.07 50.10 -60.53
C LYS AA 417 45.69 48.78 -59.86
N LYS AA 418 45.55 47.72 -60.66
CA LYS AA 418 45.22 46.40 -60.12
C LYS AA 418 46.32 45.90 -59.18
N TYR AA 419 47.58 46.06 -59.56
CA TYR AA 419 48.67 45.62 -58.70
C TYR AA 419 48.87 46.55 -57.51
N ALA AA 420 48.54 47.84 -57.65
CA ALA AA 420 48.55 48.72 -56.48
C ALA AA 420 47.49 48.30 -55.47
N ARG AA 421 46.32 47.92 -55.97
CA ARG AA 421 45.27 47.39 -55.09
C ARG AA 421 45.70 46.09 -54.42
N LYS AA 422 46.35 45.20 -55.18
CA LYS AA 422 46.80 43.93 -54.60
C LYS AA 422 47.91 44.13 -53.58
N ALA AA 423 48.92 44.95 -53.89
CA ALA AA 423 50.02 45.20 -52.97
C ALA AA 423 49.60 46.09 -51.82
N GLN AA 424 48.44 46.74 -51.89
CA GLN AA 424 47.93 47.52 -50.78
C GLN AA 424 47.51 46.62 -49.63
N LEU AA 425 47.33 45.32 -49.89
CA LEU AA 425 47.06 44.29 -48.91
C LEU AA 425 48.33 43.64 -48.37
N GLY AA 426 49.49 43.98 -48.91
CA GLY AA 426 50.73 43.33 -48.53
C GLY AA 426 51.50 42.81 -49.74
N GLU AA 427 51.96 41.56 -49.67
CA GLU AA 427 52.62 40.95 -50.82
C GLU AA 427 51.60 40.42 -51.81
N ILE AA 428 51.93 40.46 -53.09
CA ILE AA 428 51.01 40.04 -54.14
C ILE AA 428 51.18 38.56 -54.40
N PHE AA 429 50.06 37.82 -54.38
CA PHE AA 429 50.06 36.38 -54.56
C PHE AA 429 48.99 35.99 -55.56
N GLU AA 430 49.22 34.88 -56.26
CA GLU AA 430 48.20 34.27 -57.10
C GLU AA 430 47.42 33.25 -56.27
N PHE AA 431 46.10 33.28 -56.40
CA PHE AA 431 45.22 32.34 -55.73
C PHE AA 431 44.33 31.69 -56.78
N ASP AA 432 44.12 30.39 -56.67
CA ASP AA 432 43.12 29.71 -57.50
C ASP AA 432 41.84 29.61 -56.68
N ARG AA 433 40.75 30.12 -57.24
CA ARG AA 433 39.47 30.20 -56.56
C ARG AA 433 38.44 29.25 -57.15
N SER AA 434 38.83 28.41 -58.11
CA SER AA 434 37.90 27.46 -58.71
C SER AA 434 37.93 26.08 -58.07
N THR AA 435 39.00 25.75 -57.33
CA THR AA 435 39.10 24.42 -56.73
C THR AA 435 38.12 24.27 -55.57
N LEU AA 436 38.02 25.28 -54.72
CA LEU AA 436 37.12 25.25 -53.57
C LEU AA 436 35.90 26.14 -53.74
N GLN AA 437 35.59 26.55 -54.97
CA GLN AA 437 34.55 27.53 -55.30
C GLN AA 437 34.64 28.77 -54.39
N SER AA 438 35.89 29.22 -54.25
CA SER AA 438 36.25 30.27 -53.31
C SER AA 438 35.59 31.60 -53.67
N ASP AA 439 35.31 32.39 -52.62
CA ASP AA 439 34.42 33.54 -52.77
C ASP AA 439 35.19 34.84 -52.95
N GLY AA 440 36.02 35.21 -51.98
CA GLY AA 440 36.77 36.45 -52.10
C GLY AA 440 36.88 37.27 -50.83
N VAL AA 441 36.00 37.02 -49.87
CA VAL AA 441 36.03 37.76 -48.60
C VAL AA 441 36.94 37.02 -47.61
N PHE AA 442 37.42 37.76 -46.61
CA PHE AA 442 38.48 37.25 -45.76
C PHE AA 442 37.91 36.45 -44.59
N ARG AA 443 38.36 35.21 -44.46
CA ARG AA 443 37.91 34.34 -43.38
C ARG AA 443 38.78 34.52 -42.13
N SER AA 444 38.33 33.89 -41.06
CA SER AA 444 38.99 34.00 -39.76
C SER AA 444 39.99 32.87 -39.56
N SER AA 445 41.04 33.18 -38.80
CA SER AA 445 42.07 32.22 -38.48
C SER AA 445 41.58 31.25 -37.41
N PRO AA 446 42.16 30.04 -37.37
CA PRO AA 446 41.85 29.12 -36.25
C PRO AA 446 42.17 29.71 -34.89
N ARG AA 447 43.19 30.57 -34.80
CA ARG AA 447 43.43 31.31 -33.57
C ARG AA 447 42.24 32.17 -33.21
N GLY AA 448 41.71 32.89 -34.21
CA GLY AA 448 40.57 33.75 -33.97
C GLY AA 448 39.35 32.97 -33.51
N TRP AA 449 39.11 31.82 -34.15
CA TRP AA 449 37.97 30.99 -33.76
C TRP AA 449 38.16 30.44 -32.35
N PHE AA 450 39.37 29.98 -32.03
CA PHE AA 450 39.69 29.49 -30.70
C PHE AA 450 39.48 30.56 -29.64
N THR AA 451 40.02 31.75 -29.89
CA THR AA 451 39.97 32.82 -28.90
C THR AA 451 38.55 33.36 -28.74
N PHE AA 452 37.80 33.46 -29.84
CA PHE AA 452 36.40 33.86 -29.75
C PHE AA 452 35.60 32.88 -28.91
N GLY AA 453 35.70 31.59 -29.24
CA GLY AA 453 34.94 30.58 -28.50
C GLY AA 453 35.31 30.54 -27.03
N HIS AA 454 36.61 30.62 -26.73
CA HIS AA 454 37.03 30.48 -25.34
C HIS AA 454 36.85 31.76 -24.53
N LEU AA 455 36.89 32.94 -25.14
CA LEU AA 455 36.52 34.13 -24.38
C LEU AA 455 35.03 34.13 -24.07
N SER AA 456 34.20 33.76 -25.05
CA SER AA 456 32.76 33.69 -24.80
C SER AA 456 32.44 32.64 -23.74
N PHE AA 457 33.10 31.48 -23.81
CA PHE AA 457 32.89 30.43 -22.82
C PHE AA 457 33.43 30.85 -21.45
N ALA AA 458 34.53 31.60 -21.40
CA ALA AA 458 35.07 32.02 -20.12
C ALA AA 458 34.15 33.02 -19.44
N LEU AA 459 33.52 33.90 -20.22
CA LEU AA 459 32.61 34.86 -19.63
C LEU AA 459 31.29 34.20 -19.24
N LEU AA 460 30.81 33.25 -20.06
CA LEU AA 460 29.63 32.47 -19.71
C LEU AA 460 29.87 31.66 -18.45
N PHE AA 461 31.05 31.08 -18.31
CA PHE AA 461 31.38 30.34 -17.10
C PHE AA 461 31.67 31.25 -15.93
N PHE AA 462 31.98 32.52 -16.18
CA PHE AA 462 31.91 33.47 -15.08
C PHE AA 462 30.49 33.58 -14.56
N PHE AA 463 29.50 33.64 -15.47
CA PHE AA 463 28.09 33.63 -15.01
C PHE AA 463 27.79 32.35 -14.26
N GLY AA 464 28.25 31.20 -14.78
CA GLY AA 464 27.98 29.93 -14.12
C GLY AA 464 28.59 29.87 -12.72
N HIS AA 465 29.83 30.35 -12.59
CA HIS AA 465 30.50 30.38 -11.29
C HIS AA 465 29.77 31.30 -10.32
N ILE AA 466 29.39 32.50 -10.75
CA ILE AA 466 28.75 33.43 -9.82
C ILE AA 466 27.37 32.90 -9.41
N TRP AA 467 26.67 32.23 -10.33
CA TRP AA 467 25.38 31.64 -9.99
C TRP AA 467 25.50 30.49 -9.01
N HIS AA 468 26.46 29.59 -9.24
CA HIS AA 468 26.60 28.48 -8.32
C HIS AA 468 27.16 28.93 -6.97
N GLY AA 469 27.97 30.00 -6.96
CA GLY AA 469 28.38 30.58 -5.70
C GLY AA 469 27.21 31.17 -4.93
N SER AA 470 26.31 31.86 -5.64
CA SER AA 470 25.07 32.34 -5.04
C SER AA 470 24.30 31.19 -4.43
N ARG AA 471 24.10 30.11 -5.20
CA ARG AA 471 23.29 29.00 -4.74
C ARG AA 471 23.93 28.29 -3.56
N THR AA 472 25.26 28.12 -3.56
CA THR AA 472 25.93 27.50 -2.44
C THR AA 472 25.92 28.34 -1.17
N ILE AA 473 26.24 29.63 -1.26
CA ILE AA 473 26.22 30.49 -0.08
C ILE AA 473 24.81 30.58 0.47
N PHE AA 474 23.81 30.54 -0.40
CA PHE AA 474 22.46 30.92 -0.01
C PHE AA 474 21.51 29.72 -0.05
N ARG AA 475 22.03 28.53 0.31
CA ARG AA 475 21.23 27.30 0.22
C ARG AA 475 20.04 27.32 1.16
N ASP AA 476 20.12 28.07 2.25
CA ASP AA 476 18.97 28.16 3.15
C ASP AA 476 17.80 28.90 2.50
N VAL AA 477 18.04 30.01 1.81
CA VAL AA 477 16.95 30.77 1.21
C VAL AA 477 16.53 30.25 -0.16
N PHE AA 478 17.41 29.54 -0.87
CA PHE AA 478 16.96 28.91 -2.11
C PHE AA 478 16.03 27.72 -1.84
N ALA AA 479 16.31 26.93 -0.82
CA ALA AA 479 15.48 25.76 -0.51
C ALA AA 479 14.24 26.11 0.31
N GLY AA 480 14.41 26.78 1.45
CA GLY AA 480 13.28 27.12 2.29
C GLY AA 480 13.64 27.68 3.65
N ILE AA 481 12.87 28.65 4.12
CA ILE AA 481 13.09 29.24 5.44
C ILE AA 481 11.92 29.04 6.39
N ASP AA 482 10.72 28.74 5.87
CA ASP AA 482 9.53 28.41 6.65
C ASP AA 482 9.14 29.52 7.64
N GLU AA 483 8.75 30.67 7.08
CA GLU AA 483 8.13 31.77 7.81
C GLU AA 483 9.05 32.32 8.92
N ASP AA 484 10.33 32.50 8.61
CA ASP AA 484 11.26 33.11 9.56
C ASP AA 484 12.45 33.70 8.80
N SER BA 1 29.04 97.19 -17.96
CA SER BA 1 28.54 98.53 -18.21
C SER BA 1 27.36 98.86 -17.29
N LEU BA 2 26.85 100.08 -17.39
CA LEU BA 2 25.70 100.50 -16.58
C LEU BA 2 24.46 99.70 -16.94
N THR BA 3 24.35 99.28 -18.21
CA THR BA 3 23.24 98.43 -18.64
C THR BA 3 23.24 97.11 -17.88
N LEU BA 4 24.41 96.48 -17.75
CA LEU BA 4 24.51 95.22 -17.02
C LEU BA 4 24.21 95.40 -15.53
N ILE BA 5 24.66 96.52 -14.94
CA ILE BA 5 24.41 96.77 -13.53
C ILE BA 5 22.91 96.94 -13.27
N LEU BA 6 22.23 97.72 -14.14
CA LEU BA 6 20.80 97.87 -14.02
C LEU BA 6 20.07 96.55 -14.25
N GLN BA 7 20.53 95.76 -15.22
CA GLN BA 7 19.94 94.45 -15.49
C GLN BA 7 20.03 93.56 -14.27
N LEU BA 8 21.18 93.55 -13.60
CA LEU BA 8 21.37 92.69 -12.42
C LEU BA 8 20.55 93.17 -11.23
N VAL BA 9 20.50 94.49 -10.99
CA VAL BA 9 19.75 94.97 -9.83
C VAL BA 9 18.25 94.77 -10.04
N ALA BA 10 17.77 94.95 -11.28
CA ALA BA 10 16.38 94.67 -11.59
C ALA BA 10 16.10 93.17 -11.45
N LEU BA 11 17.05 92.33 -11.86
CA LEU BA 11 16.90 90.89 -11.72
C LEU BA 11 16.74 90.51 -10.25
N PHE BA 12 17.61 91.04 -9.40
CA PHE BA 12 17.55 90.73 -7.97
C PHE BA 12 16.26 91.22 -7.33
N ALA BA 13 15.82 92.43 -7.71
CA ALA BA 13 14.57 92.95 -7.16
C ALA BA 13 13.38 92.10 -7.58
N VAL BA 14 13.36 91.61 -8.83
CA VAL BA 14 12.20 90.84 -9.25
C VAL BA 14 12.27 89.39 -8.77
N VAL BA 15 13.45 88.86 -8.43
CA VAL BA 15 13.48 87.48 -7.98
C VAL BA 15 13.22 87.43 -6.48
N ALA BA 16 13.64 88.46 -5.74
CA ALA BA 16 13.49 88.44 -4.30
C ALA BA 16 12.14 88.95 -3.82
N ALA BA 17 11.27 89.40 -4.72
CA ALA BA 17 9.97 89.93 -4.31
C ALA BA 17 9.03 88.83 -3.85
N GLY BA 18 9.05 87.69 -4.53
CA GLY BA 18 8.17 86.58 -4.22
C GLY BA 18 8.40 85.93 -2.86
N PRO BA 19 9.63 85.47 -2.61
CA PRO BA 19 9.95 84.97 -1.26
C PRO BA 19 9.74 86.00 -0.17
N LEU BA 20 9.96 87.29 -0.47
CA LEU BA 20 9.62 88.33 0.50
C LEU BA 20 8.13 88.31 0.82
N VAL BA 21 7.29 88.09 -0.19
CA VAL BA 21 5.85 88.04 0.03
C VAL BA 21 5.47 86.84 0.89
N VAL BA 22 6.02 85.66 0.60
CA VAL BA 22 5.63 84.48 1.35
C VAL BA 22 6.16 84.53 2.79
N VAL BA 23 7.37 85.09 2.98
CA VAL BA 23 7.90 85.24 4.34
C VAL BA 23 7.11 86.28 5.12
N LEU BA 24 6.72 87.38 4.47
CA LEU BA 24 5.91 88.39 5.14
C LEU BA 24 4.55 87.83 5.52
N LEU BA 25 3.96 86.98 4.67
CA LEU BA 25 2.69 86.36 5.01
C LEU BA 25 2.86 85.28 6.08
N SER BA 26 4.06 84.69 6.18
CA SER BA 26 4.29 83.71 7.22
C SER BA 26 4.49 84.37 8.58
N VAL BA 27 5.12 85.55 8.59
CA VAL BA 27 5.42 86.23 9.86
C VAL BA 27 4.36 87.25 10.27
N ARG BA 28 3.47 87.65 9.36
CA ARG BA 28 2.42 88.62 9.64
C ARG BA 28 1.07 87.94 9.83
N GLY BA 29 1.08 86.72 10.36
CA GLY BA 29 -0.14 85.96 10.54
C GLY BA 29 -0.15 84.62 9.83
N GLY BA 30 -0.96 84.50 8.79
CA GLY BA 30 -1.10 83.27 8.04
C GLY BA 30 -2.06 83.38 6.88
N ASN BA 31 -2.99 82.41 6.80
CA ASN BA 31 -4.02 82.32 5.76
C ASN BA 31 -3.38 82.30 4.38
N LEU BA 32 -2.31 81.53 4.24
CA LEU BA 32 -1.64 81.43 2.96
C LEU BA 32 -1.81 80.01 2.43
N GLY CA 1 -5.84 77.95 0.81
CA GLY CA 1 -6.45 76.73 0.31
C GLY CA 1 -6.89 75.81 1.43
N ARG CA 2 -6.92 74.50 1.15
CA ARG CA 2 -7.32 73.51 2.13
C ARG CA 2 -6.31 72.38 2.11
N ASP CA 3 -6.47 71.43 3.02
CA ASP CA 3 -5.51 70.35 3.21
C ASP CA 3 -5.92 69.10 2.42
N GLN CA 4 -5.06 68.08 2.45
CA GLN CA 4 -5.32 66.84 1.75
C GLN CA 4 -6.42 66.01 2.41
N GLU CA 5 -6.34 65.83 3.72
CA GLU CA 5 -7.12 64.82 4.42
C GLU CA 5 -8.62 65.09 4.33
N THR CA 6 -9.01 66.33 4.07
CA THR CA 6 -10.40 66.73 3.89
C THR CA 6 -10.77 66.83 2.41
N THR CA 7 -9.85 67.32 1.57
CA THR CA 7 -10.11 67.36 0.14
C THR CA 7 -9.96 65.99 -0.51
N GLY CA 8 -9.10 65.14 0.04
CA GLY CA 8 -8.83 63.84 -0.52
C GLY CA 8 -7.70 63.80 -1.52
N PHE CA 9 -7.18 64.95 -1.94
CA PHE CA 9 -6.19 65.01 -3.00
C PHE CA 9 -4.88 65.53 -2.42
N ALA CA 10 -3.77 64.99 -2.91
CA ALA CA 10 -2.45 65.43 -2.45
C ALA CA 10 -2.09 66.78 -3.07
N TRP CA 11 -0.92 67.29 -2.68
CA TRP CA 11 -0.49 68.61 -3.12
C TRP CA 11 -0.29 68.65 -4.63
N TRP CA 12 0.27 67.57 -5.19
CA TRP CA 12 0.44 67.45 -6.64
C TRP CA 12 -0.88 67.16 -7.37
N ALA CA 13 -2.02 67.25 -6.69
CA ALA CA 13 -3.33 67.26 -7.31
C ALA CA 13 -4.17 68.39 -6.75
N GLY CA 14 -3.50 69.38 -6.13
CA GLY CA 14 -4.18 70.41 -5.38
C GLY CA 14 -5.08 71.30 -6.21
N ASN CA 15 -4.75 71.50 -7.49
CA ASN CA 15 -5.64 72.30 -8.33
C ASN CA 15 -6.97 71.63 -8.58
N ALA CA 16 -7.11 70.34 -8.27
CA ALA CA 16 -8.42 69.70 -8.35
C ALA CA 16 -9.20 69.88 -7.05
N ARG CA 17 -8.52 70.27 -5.96
CA ARG CA 17 -9.21 70.57 -4.72
C ARG CA 17 -10.23 71.69 -4.88
N LEU CA 18 -10.05 72.55 -5.88
CA LEU CA 18 -10.98 73.63 -6.18
C LEU CA 18 -11.91 73.29 -7.33
N ILE CA 19 -12.18 71.99 -7.56
CA ILE CA 19 -13.16 71.62 -8.58
C ILE CA 19 -14.54 72.14 -8.20
N ASN CA 20 -14.95 71.96 -6.94
CA ASN CA 20 -16.26 72.37 -6.50
C ASN CA 20 -16.28 73.77 -5.90
N LEU CA 21 -15.21 74.54 -6.08
CA LEU CA 21 -15.14 75.93 -5.60
C LEU CA 21 -15.08 76.85 -6.81
N SER CA 22 -16.24 77.36 -7.22
CA SER CA 22 -16.32 78.19 -8.43
C SER CA 22 -15.57 79.50 -8.24
N GLY CA 23 -15.60 80.08 -7.04
CA GLY CA 23 -14.87 81.31 -6.80
C GLY CA 23 -13.37 81.15 -6.92
N LYS CA 24 -12.84 80.05 -6.38
CA LYS CA 24 -11.42 79.78 -6.51
C LYS CA 24 -11.06 79.41 -7.94
N LEU CA 25 -11.97 78.75 -8.65
CA LEU CA 25 -11.80 78.50 -10.07
C LEU CA 25 -11.68 79.81 -10.84
N LEU CA 26 -12.54 80.77 -10.51
CA LEU CA 26 -12.46 82.09 -11.11
C LEU CA 26 -11.16 82.79 -10.78
N GLY CA 27 -10.70 82.67 -9.53
CA GLY CA 27 -9.44 83.30 -9.16
C GLY CA 27 -8.26 82.74 -9.92
N ALA CA 28 -8.17 81.41 -9.99
CA ALA CA 28 -7.10 80.75 -10.74
C ALA CA 28 -7.17 81.10 -12.21
N HIS CA 29 -8.38 81.17 -12.76
CA HIS CA 29 -8.55 81.42 -14.19
C HIS CA 29 -8.19 82.85 -14.57
N VAL CA 30 -8.62 83.82 -13.75
CA VAL CA 30 -8.25 85.21 -14.03
C VAL CA 30 -6.76 85.42 -13.82
N ALA CA 31 -6.18 84.72 -12.83
CA ALA CA 31 -4.73 84.80 -12.65
C ALA CA 31 -3.99 84.21 -13.84
N HIS CA 32 -4.52 83.13 -14.42
CA HIS CA 32 -3.93 82.57 -15.63
C HIS CA 32 -4.06 83.51 -16.82
N ALA CA 33 -5.20 84.20 -16.93
CA ALA CA 33 -5.34 85.21 -17.98
C ALA CA 33 -4.29 86.30 -17.79
N GLY CA 34 -4.05 86.68 -16.54
CA GLY CA 34 -2.98 87.63 -16.26
C GLY CA 34 -1.62 87.11 -16.67
N LEU CA 35 -1.36 85.81 -16.44
CA LEU CA 35 -0.08 85.21 -16.82
C LEU CA 35 0.12 85.23 -18.33
N ILE CA 36 -0.92 84.84 -19.09
CA ILE CA 36 -0.80 84.80 -20.54
C ILE CA 36 -0.60 86.21 -21.10
N VAL CA 37 -1.40 87.17 -20.61
CA VAL CA 37 -1.28 88.54 -21.12
C VAL CA 37 0.06 89.14 -20.69
N PHE CA 38 0.58 88.73 -19.53
CA PHE CA 38 1.86 89.22 -19.04
C PHE CA 38 3.00 88.73 -19.91
N TRP CA 39 2.97 87.45 -20.29
CA TRP CA 39 3.99 86.94 -21.21
C TRP CA 39 3.91 87.63 -22.55
N ALA CA 40 2.68 87.87 -23.05
CA ALA CA 40 2.52 88.54 -24.33
C ALA CA 40 3.12 89.94 -24.30
N GLY CA 41 2.77 90.73 -23.28
CA GLY CA 41 3.30 92.08 -23.18
C GLY CA 41 4.79 92.12 -22.98
N ALA CA 42 5.31 91.25 -22.12
CA ALA CA 42 6.75 91.20 -21.88
C ALA CA 42 7.51 90.86 -23.17
N MET CA 43 7.09 89.80 -23.86
CA MET CA 43 7.79 89.40 -25.07
C MET CA 43 7.68 90.45 -26.17
N ASN CA 44 6.56 91.17 -26.25
CA ASN CA 44 6.46 92.22 -27.25
C ASN CA 44 7.44 93.34 -26.91
N LEU CA 45 7.62 93.62 -25.61
CA LEU CA 45 8.64 94.59 -25.20
C LEU CA 45 10.05 94.15 -25.57
N PHE CA 46 10.39 92.87 -25.33
CA PHE CA 46 11.70 92.37 -25.73
C PHE CA 46 11.93 92.43 -27.22
N GLU CA 47 10.94 92.01 -27.99
CA GLU CA 47 11.13 91.99 -29.43
C GLU CA 47 11.20 93.41 -29.99
N VAL CA 48 10.60 94.38 -29.31
CA VAL CA 48 10.88 95.77 -29.63
C VAL CA 48 12.32 96.13 -29.27
N SER CA 49 12.77 95.71 -28.09
CA SER CA 49 14.08 96.10 -27.58
C SER CA 49 15.24 95.56 -28.42
N HIS CA 50 15.13 94.33 -28.93
CA HIS CA 50 16.21 93.65 -29.61
C HIS CA 50 16.13 93.76 -31.12
N PHE CA 51 15.74 94.91 -31.63
CA PHE CA 51 15.43 95.06 -33.05
C PHE CA 51 16.61 95.69 -33.78
N VAL CA 52 16.97 95.12 -34.92
CA VAL CA 52 17.92 95.71 -35.86
C VAL CA 52 17.15 96.07 -37.12
N PRO CA 53 17.04 97.36 -37.47
CA PRO CA 53 16.10 97.74 -38.53
C PRO CA 53 16.60 97.47 -39.94
N GLU CA 54 17.91 97.47 -40.17
CA GLU CA 54 18.42 97.33 -41.53
C GLU CA 54 18.32 95.90 -42.05
N LYS CA 55 18.38 94.91 -41.16
CA LYS CA 55 18.27 93.53 -41.58
C LYS CA 55 16.81 93.15 -41.82
N PRO CA 56 16.56 92.10 -42.61
CA PRO CA 56 15.22 91.50 -42.62
C PRO CA 56 14.85 90.98 -41.25
N MET CA 57 13.56 91.07 -40.92
CA MET CA 57 13.15 90.78 -39.55
C MET CA 57 12.70 89.33 -39.40
N TYR CA 58 13.65 88.41 -39.48
CA TYR CA 58 13.45 87.04 -39.01
C TYR CA 58 14.69 86.40 -38.39
N GLU CA 59 15.87 87.04 -38.49
CA GLU CA 59 17.09 86.48 -37.92
C GLU CA 59 17.38 86.95 -36.50
N GLN CA 60 16.48 87.73 -35.90
CA GLN CA 60 16.71 88.27 -34.57
C GLN CA 60 16.05 87.46 -33.47
N GLY CA 61 15.52 86.28 -33.79
CA GLY CA 61 14.88 85.44 -32.79
C GLY CA 61 13.59 86.01 -32.23
N LEU CA 62 12.76 86.60 -33.08
CA LEU CA 62 11.54 87.26 -32.67
C LEU CA 62 10.36 86.47 -33.21
N ILE CA 63 9.43 86.10 -32.33
CA ILE CA 63 8.33 85.24 -32.73
C ILE CA 63 7.03 86.00 -32.96
N LEU CA 64 6.73 87.03 -32.18
CA LEU CA 64 5.41 87.64 -32.24
C LEU CA 64 5.37 89.03 -32.86
N LEU CA 65 6.50 89.72 -33.00
CA LEU CA 65 6.49 90.86 -33.91
C LEU CA 65 6.05 90.48 -35.30
N PRO CA 66 6.34 89.28 -35.83
CA PRO CA 66 5.61 88.86 -37.02
C PRO CA 66 4.11 88.78 -36.80
N HIS CA 67 3.62 88.47 -35.59
CA HIS CA 67 2.18 88.46 -35.37
C HIS CA 67 1.61 89.88 -35.51
N ILE CA 68 2.29 90.90 -34.97
CA ILE CA 68 1.80 92.26 -35.19
C ILE CA 68 2.00 92.68 -36.65
N ALA CA 69 3.13 92.31 -37.26
CA ALA CA 69 3.44 92.76 -38.61
C ALA CA 69 2.55 92.10 -39.67
N THR CA 70 2.03 90.90 -39.38
CA THR CA 70 1.07 90.27 -40.29
C THR CA 70 -0.21 91.09 -40.38
N LEU CA 71 -0.53 91.82 -39.30
CA LEU CA 71 -1.61 92.79 -39.34
C LEU CA 71 -1.24 94.06 -40.11
N GLY CA 72 0.00 94.15 -40.58
CA GLY CA 72 0.44 95.29 -41.37
C GLY CA 72 0.77 96.53 -40.59
N TYR CA 73 0.95 96.43 -39.28
CA TYR CA 73 1.12 97.60 -38.43
C TYR CA 73 2.57 98.07 -38.56
N GLY CA 74 2.81 99.08 -39.40
CA GLY CA 74 4.17 99.49 -39.68
C GLY CA 74 4.88 98.49 -40.57
N VAL CA 75 4.45 98.42 -41.83
CA VAL CA 75 5.04 97.54 -42.83
C VAL CA 75 5.18 98.31 -44.14
N GLY CA 76 6.38 98.30 -44.73
CA GLY CA 76 6.61 98.99 -45.97
C GLY CA 76 6.02 98.25 -47.15
N PRO CA 77 6.13 98.87 -48.35
CA PRO CA 77 5.61 98.23 -49.57
C PRO CA 77 6.23 96.87 -49.82
N GLY CA 78 7.56 96.81 -49.92
CA GLY CA 78 8.22 95.54 -50.10
C GLY CA 78 8.29 94.69 -48.85
N GLY CA 79 8.09 95.29 -47.68
CA GLY CA 79 8.13 94.56 -46.43
C GLY CA 79 8.99 95.23 -45.38
N GLU CA 80 9.40 96.47 -45.64
CA GLU CA 80 10.24 97.23 -44.72
C GLU CA 80 9.48 97.51 -43.42
N VAL CA 81 10.22 97.44 -42.32
CA VAL CA 81 9.64 97.61 -40.99
C VAL CA 81 9.12 99.02 -40.72
N LEU CA 82 9.78 100.05 -41.26
CA LEU CA 82 9.39 101.47 -41.13
C LEU CA 82 9.40 101.97 -39.69
N ASP CA 83 8.51 101.46 -38.84
CA ASP CA 83 8.36 102.03 -37.50
C ASP CA 83 8.10 100.88 -36.52
N THR CA 84 8.44 101.13 -35.24
CA THR CA 84 8.29 100.14 -34.17
C THR CA 84 7.33 100.59 -33.08
N PHE CA 85 6.79 101.81 -33.18
CA PHE CA 85 5.83 102.28 -32.18
C PHE CA 85 4.55 101.46 -32.05
N PRO CA 86 3.89 100.97 -33.12
CA PRO CA 86 2.74 100.08 -32.89
C PRO CA 86 3.07 98.83 -32.09
N TYR CA 87 4.23 98.23 -32.33
CA TYR CA 87 4.64 97.06 -31.57
C TYR CA 87 4.87 97.42 -30.11
N PHE CA 88 5.48 98.59 -29.86
CA PHE CA 88 5.73 99.05 -28.50
C PHE CA 88 4.41 99.30 -27.76
N VAL CA 89 3.48 100.02 -28.38
CA VAL CA 89 2.22 100.36 -27.72
C VAL CA 89 1.38 99.11 -27.49
N SER CA 90 1.45 98.14 -28.41
CA SER CA 90 0.80 96.85 -28.20
C SER CA 90 1.35 96.15 -26.97
N GLY CA 91 2.67 96.11 -26.83
CA GLY CA 91 3.27 95.46 -25.67
C GLY CA 91 2.91 96.13 -24.36
N VAL CA 92 2.90 97.47 -24.35
CA VAL CA 92 2.61 98.17 -23.09
C VAL CA 92 1.14 98.02 -22.70
N LEU CA 93 0.22 98.11 -23.67
CA LEU CA 93 -1.19 97.88 -23.36
C LEU CA 93 -1.41 96.46 -22.85
N HIS CA 94 -0.71 95.48 -23.43
CA HIS CA 94 -0.80 94.13 -22.91
C HIS CA 94 -0.27 94.06 -21.48
N LEU CA 95 0.81 94.78 -21.18
CA LEU CA 95 1.35 94.72 -19.82
C LEU CA 95 0.40 95.33 -18.79
N ILE CA 96 -0.23 96.46 -19.13
CA ILE CA 96 -1.18 97.08 -18.20
C ILE CA 96 -2.40 96.18 -18.01
N SER CA 97 -2.89 95.60 -19.12
CA SER CA 97 -3.99 94.64 -19.02
C SER CA 97 -3.60 93.44 -18.17
N SER CA 98 -2.33 93.02 -18.25
CA SER CA 98 -1.85 91.93 -17.42
C SER CA 98 -1.87 92.29 -15.96
N ALA CA 99 -1.49 93.52 -15.63
CA ALA CA 99 -1.51 93.94 -14.23
C ALA CA 99 -2.93 93.94 -13.67
N VAL CA 100 -3.90 94.49 -14.42
CA VAL CA 100 -5.26 94.52 -13.89
C VAL CA 100 -5.84 93.11 -13.82
N LEU CA 101 -5.53 92.26 -14.80
CA LEU CA 101 -6.00 90.88 -14.78
C LEU CA 101 -5.41 90.10 -13.62
N GLY CA 102 -4.10 90.28 -13.37
CA GLY CA 102 -3.46 89.57 -12.27
C GLY CA 102 -3.99 90.02 -10.91
N PHE CA 103 -4.24 91.33 -10.77
CA PHE CA 103 -4.84 91.83 -9.53
C PHE CA 103 -6.23 91.23 -9.31
N GLY CA 104 -7.05 91.18 -10.37
CA GLY CA 104 -8.35 90.55 -10.24
C GLY CA 104 -8.25 89.07 -9.91
N GLY CA 105 -7.27 88.38 -10.50
CA GLY CA 105 -7.11 86.97 -10.23
C GLY CA 105 -6.68 86.66 -8.81
N VAL CA 106 -5.72 87.43 -8.29
CA VAL CA 106 -5.30 87.19 -6.90
C VAL CA 106 -6.42 87.60 -5.94
N TYR CA 107 -7.21 88.62 -6.31
CA TYR CA 107 -8.33 89.02 -5.48
C TYR CA 107 -9.38 87.91 -5.38
N HIS CA 108 -9.77 87.34 -6.53
CA HIS CA 108 -10.75 86.27 -6.48
C HIS CA 108 -10.19 84.98 -5.90
N SER CA 109 -8.87 84.80 -5.92
CA SER CA 109 -8.33 83.61 -5.27
C SER CA 109 -8.29 83.77 -3.75
N LEU CA 110 -8.07 84.99 -3.26
CA LEU CA 110 -7.85 85.18 -1.83
C LEU CA 110 -9.09 85.71 -1.10
N ILE CA 111 -9.60 86.87 -1.50
CA ILE CA 111 -10.69 87.54 -0.81
C ILE CA 111 -11.99 87.51 -1.61
N GLY CA 112 -11.94 87.01 -2.85
CA GLY CA 112 -13.13 86.79 -3.62
C GLY CA 112 -14.02 85.75 -2.96
N PRO CA 113 -15.30 85.73 -3.37
CA PRO CA 113 -16.26 84.80 -2.75
C PRO CA 113 -15.85 83.35 -2.93
N GLU CA 114 -15.96 82.59 -1.85
CA GLU CA 114 -15.49 81.20 -1.87
C GLU CA 114 -16.40 80.32 -2.73
N THR CA 115 -17.69 80.59 -2.72
CA THR CA 115 -18.64 79.87 -3.56
C THR CA 115 -19.58 80.90 -4.16
N LEU CA 116 -19.95 80.72 -5.43
CA LEU CA 116 -20.52 81.81 -6.21
C LEU CA 116 -22.04 81.87 -6.22
N GLU CA 117 -22.76 80.74 -6.13
CA GLU CA 117 -24.20 80.78 -6.38
C GLU CA 117 -25.00 81.31 -5.20
N GLU CA 118 -24.41 81.43 -4.02
CA GLU CA 118 -25.20 81.93 -2.89
C GLU CA 118 -25.44 83.44 -2.95
N SER CA 119 -24.65 84.18 -3.73
CA SER CA 119 -24.86 85.61 -3.85
C SER CA 119 -25.07 86.01 -5.29
N TYR CA 120 -24.44 85.31 -6.22
CA TYR CA 120 -24.56 85.58 -7.64
C TYR CA 120 -25.09 84.33 -8.34
N PRO CA 121 -26.41 84.23 -8.49
CA PRO CA 121 -26.96 83.12 -9.30
C PRO CA 121 -26.51 83.16 -10.74
N PHE CA 122 -26.18 84.35 -11.27
CA PHE CA 122 -25.71 84.46 -12.64
C PHE CA 122 -24.31 83.87 -12.81
N PHE CA 123 -23.53 83.84 -11.72
CA PHE CA 123 -22.15 83.37 -11.78
C PHE CA 123 -21.93 82.01 -11.11
N GLY CA 124 -22.91 81.49 -10.37
CA GLY CA 124 -22.72 80.22 -9.72
C GLY CA 124 -23.24 79.06 -10.56
N TYR CA 125 -22.63 77.90 -10.38
CA TYR CA 125 -22.96 76.72 -11.17
C TYR CA 125 -22.52 75.44 -10.47
N VAL CA 126 -23.41 74.46 -10.42
CA VAL CA 126 -23.05 73.08 -10.14
C VAL CA 126 -22.73 72.48 -11.51
N TRP CA 127 -21.95 71.40 -11.56
CA TRP CA 127 -21.53 70.93 -12.87
C TRP CA 127 -22.53 69.99 -13.53
N LYS CA 128 -23.80 70.05 -13.15
CA LYS CA 128 -24.87 69.40 -13.88
C LYS CA 128 -25.92 70.38 -14.37
N ASP CA 129 -25.70 71.68 -14.18
CA ASP CA 129 -26.64 72.72 -14.64
C ASP CA 129 -26.36 72.96 -16.13
N LYS CA 130 -26.79 71.98 -16.93
CA LYS CA 130 -26.48 71.92 -18.35
C LYS CA 130 -26.96 73.16 -19.10
N ASN CA 131 -28.10 73.72 -18.69
CA ASN CA 131 -28.59 74.93 -19.31
C ASN CA 131 -27.62 76.10 -19.10
N LYS CA 132 -27.07 76.22 -17.89
CA LYS CA 132 -26.16 77.34 -17.65
C LYS CA 132 -24.77 77.10 -18.23
N MET CA 133 -24.34 75.83 -18.33
CA MET CA 133 -23.17 75.56 -19.17
C MET CA 133 -23.40 75.98 -20.61
N THR CA 134 -24.56 75.67 -21.19
CA THR CA 134 -24.82 76.13 -22.55
C THR CA 134 -24.86 77.65 -22.63
N ASN CA 135 -25.32 78.31 -21.57
CA ASN CA 135 -25.29 79.77 -21.53
C ASN CA 135 -23.86 80.30 -21.55
N ILE CA 136 -22.97 79.66 -20.78
CA ILE CA 136 -21.55 80.06 -20.75
C ILE CA 136 -20.92 79.84 -22.13
N LEU CA 137 -21.21 78.71 -22.77
CA LEU CA 137 -20.75 78.49 -24.14
C LEU CA 137 -21.28 79.56 -25.08
N GLY CA 138 -22.54 79.96 -24.89
CA GLY CA 138 -23.07 81.03 -25.71
C GLY CA 138 -22.33 82.33 -25.54
N TYR CA 139 -22.00 82.68 -24.29
CA TYR CA 139 -21.25 83.91 -24.03
C TYR CA 139 -19.88 83.87 -24.69
N HIS CA 140 -19.15 82.77 -24.49
CA HIS CA 140 -17.81 82.65 -25.06
C HIS CA 140 -17.82 82.61 -26.57
N LEU CA 141 -18.82 81.95 -27.16
CA LEU CA 141 -18.90 81.89 -28.61
C LEU CA 141 -19.26 83.24 -29.20
N ILE CA 142 -20.07 84.03 -28.48
CA ILE CA 142 -20.34 85.41 -28.89
C ILE CA 142 -19.05 86.22 -28.87
N ILE CA 143 -18.21 85.99 -27.85
CA ILE CA 143 -16.92 86.68 -27.78
C ILE CA 143 -16.03 86.32 -28.97
N LEU CA 144 -15.99 85.03 -29.31
CA LEU CA 144 -15.15 84.60 -30.43
C LEU CA 144 -15.67 85.14 -31.76
N GLY CA 145 -16.99 85.19 -31.94
CA GLY CA 145 -17.54 85.82 -33.13
C GLY CA 145 -17.20 87.31 -33.19
N CYS CA 146 -17.18 87.97 -32.03
CA CYS CA 146 -16.79 89.38 -31.98
C CYS CA 146 -15.33 89.56 -32.38
N GLY CA 147 -14.45 88.66 -31.94
CA GLY CA 147 -13.05 88.75 -32.34
C GLY CA 147 -12.85 88.52 -33.83
N ALA CA 148 -13.57 87.54 -34.39
CA ALA CA 148 -13.48 87.32 -35.83
C ALA CA 148 -14.00 88.54 -36.61
N TRP CA 149 -15.12 89.11 -36.17
CA TRP CA 149 -15.62 90.31 -36.84
C TRP CA 149 -14.71 91.51 -36.61
N LEU CA 150 -13.92 91.50 -35.53
CA LEU CA 150 -12.90 92.52 -35.35
C LEU CA 150 -11.81 92.41 -36.42
N LEU CA 151 -11.39 91.19 -36.73
CA LEU CA 151 -10.46 90.99 -37.84
C LEU CA 151 -11.10 91.42 -39.17
N VAL CA 152 -12.40 91.19 -39.32
CA VAL CA 152 -13.13 91.72 -40.47
C VAL CA 152 -13.02 93.24 -40.54
N LEU CA 153 -13.24 93.91 -39.41
CA LEU CA 153 -13.17 95.37 -39.38
C LEU CA 153 -11.79 95.86 -39.77
N LYS CA 154 -10.74 95.18 -39.30
CA LYS CA 154 -9.39 95.57 -39.70
C LYS CA 154 -9.14 95.34 -41.18
N ALA CA 155 -9.60 94.20 -41.72
CA ALA CA 155 -9.26 93.86 -43.10
C ALA CA 155 -10.03 94.71 -44.10
N LEU CA 156 -11.25 95.11 -43.78
CA LEU CA 156 -12.06 95.83 -44.77
C LEU CA 156 -12.21 97.32 -44.50
N TYR CA 157 -12.12 97.75 -43.24
CA TYR CA 157 -12.44 99.13 -42.93
C TYR CA 157 -11.33 99.91 -42.25
N PHE CA 158 -10.25 99.27 -41.82
CA PHE CA 158 -9.17 100.00 -41.16
C PHE CA 158 -7.90 100.07 -42.01
N GLY CA 159 -7.92 99.53 -43.22
CA GLY CA 159 -6.81 99.65 -44.14
C GLY CA 159 -5.52 98.98 -43.72
N GLY CA 160 -5.60 97.75 -43.24
CA GLY CA 160 -4.41 97.06 -42.79
C GLY CA 160 -4.21 95.69 -43.40
N VAL CA 161 -3.28 94.94 -42.80
CA VAL CA 161 -2.90 93.57 -43.12
C VAL CA 161 -2.18 93.48 -44.47
N TYR CA 162 -1.08 92.74 -44.49
CA TYR CA 162 -0.19 92.63 -45.64
C TYR CA 162 -0.59 91.45 -46.52
N ASP CA 163 -0.73 91.71 -47.82
CA ASP CA 163 -0.90 90.65 -48.81
C ASP CA 163 0.47 90.41 -49.43
N THR CA 164 0.94 89.17 -49.37
CA THR CA 164 2.22 88.83 -49.98
C THR CA 164 2.12 88.70 -51.48
N TRP CA 165 0.89 88.58 -52.02
CA TRP CA 165 0.69 88.29 -53.43
C TRP CA 165 0.43 89.52 -54.28
N ALA CA 166 0.57 90.73 -53.72
CA ALA CA 166 0.46 91.93 -54.54
C ALA CA 166 1.64 92.02 -55.49
N PRO CA 167 1.44 92.58 -56.69
CA PRO CA 167 2.54 92.64 -57.67
C PRO CA 167 3.70 93.50 -57.18
N GLY CA 168 4.92 93.05 -57.54
CA GLY CA 168 6.13 93.70 -57.11
C GLY CA 168 6.74 93.15 -55.83
N GLY CA 169 6.05 92.26 -55.13
CA GLY CA 169 6.57 91.68 -53.91
C GLY CA 169 5.67 91.87 -52.71
N GLY CA 170 4.38 92.11 -52.95
CA GLY CA 170 3.42 92.27 -51.89
C GLY CA 170 3.20 93.72 -51.51
N ASP CA 171 2.14 93.95 -50.72
CA ASP CA 171 1.76 95.27 -50.26
C ASP CA 171 0.75 95.15 -49.12
N VAL CA 172 0.71 96.09 -48.18
CA VAL CA 172 -0.35 96.09 -47.18
C VAL CA 172 -1.61 96.58 -47.88
N ARG CA 173 -2.65 95.76 -47.91
CA ARG CA 173 -3.78 95.99 -48.80
C ARG CA 173 -5.09 95.93 -48.02
N ILE CA 174 -5.92 96.95 -48.19
CA ILE CA 174 -7.26 96.94 -47.62
C ILE CA 174 -8.16 96.06 -48.50
N ILE CA 175 -8.64 94.97 -47.93
CA ILE CA 175 -9.27 93.90 -48.69
C ILE CA 175 -10.67 94.30 -49.12
N SER CA 176 -10.89 94.34 -50.43
CA SER CA 176 -12.18 94.62 -51.03
C SER CA 176 -12.69 93.37 -51.72
N ASN CA 177 -14.01 93.15 -51.63
CA ASN CA 177 -14.70 91.97 -52.13
C ASN CA 177 -14.09 90.67 -51.60
N PRO CA 178 -14.19 90.38 -50.30
CA PRO CA 178 -13.68 89.09 -49.81
C PRO CA 178 -14.60 87.96 -50.22
N THR CA 179 -14.01 86.79 -50.42
CA THR CA 179 -14.75 85.61 -50.88
C THR CA 179 -15.33 84.88 -49.67
N THR CA 180 -16.62 85.07 -49.44
CA THR CA 180 -17.32 84.50 -48.29
C THR CA 180 -18.20 83.33 -48.66
N ASN CA 181 -18.11 82.81 -49.88
CA ASN CA 181 -19.11 81.87 -50.36
C ASN CA 181 -18.93 80.50 -49.72
N ALA CA 182 -20.06 79.85 -49.43
CA ALA CA 182 -20.05 78.61 -48.68
C ALA CA 182 -19.36 77.49 -49.42
N ALA CA 183 -19.43 77.49 -50.76
CA ALA CA 183 -18.80 76.44 -51.54
C ALA CA 183 -17.29 76.41 -51.32
N ILE CA 184 -16.63 77.56 -51.49
CA ILE CA 184 -15.18 77.60 -51.32
C ILE CA 184 -14.79 77.44 -49.85
N ILE CA 185 -15.54 78.06 -48.93
CA ILE CA 185 -15.16 77.96 -47.52
C ILE CA 185 -15.28 76.53 -47.01
N PHE CA 186 -16.41 75.87 -47.29
CA PHE CA 186 -16.58 74.49 -46.86
C PHE CA 186 -15.68 73.53 -47.62
N GLY CA 187 -15.43 73.74 -48.91
CA GLY CA 187 -14.46 72.91 -49.61
C GLY CA 187 -13.06 73.12 -49.07
N TYR CA 188 -12.79 74.28 -48.49
CA TYR CA 188 -11.53 74.52 -47.83
C TYR CA 188 -11.47 73.76 -46.49
N ILE CA 189 -12.62 73.55 -45.85
CA ILE CA 189 -12.56 72.88 -44.56
C ILE CA 189 -12.74 71.34 -44.66
N VAL CA 190 -13.23 70.79 -45.77
CA VAL CA 190 -13.48 69.35 -45.81
C VAL CA 190 -12.54 68.62 -46.77
N LYS CA 191 -11.39 69.20 -47.12
CA LYS CA 191 -10.52 68.52 -48.05
C LYS CA 191 -9.37 67.78 -47.34
N SER CA 192 -8.60 67.03 -48.13
CA SER CA 192 -7.57 66.14 -47.62
C SER CA 192 -6.42 66.91 -46.97
N PRO CA 193 -5.83 66.37 -45.90
CA PRO CA 193 -4.71 67.03 -45.23
C PRO CA 193 -3.33 66.75 -45.81
N PHE CA 194 -3.23 66.21 -47.01
CA PHE CA 194 -1.94 65.81 -47.55
C PHE CA 194 -1.46 66.83 -48.58
N GLY CA 195 -0.34 66.54 -49.24
CA GLY CA 195 0.28 67.53 -50.11
C GLY CA 195 -0.48 67.79 -51.39
N GLY CA 196 -1.47 66.95 -51.70
CA GLY CA 196 -2.28 67.20 -52.89
C GLY CA 196 -3.06 68.50 -52.79
N ASP CA 197 -3.73 68.72 -51.66
CA ASP CA 197 -4.39 69.98 -51.39
C ASP CA 197 -3.94 70.59 -50.06
N GLY CA 198 -3.90 69.82 -48.98
CA GLY CA 198 -3.73 70.38 -47.67
C GLY CA 198 -5.09 70.76 -47.12
N TRP CA 199 -5.43 70.26 -45.94
CA TRP CA 199 -6.78 70.46 -45.42
C TRP CA 199 -7.01 71.90 -45.00
N ILE CA 200 -6.31 72.34 -43.97
CA ILE CA 200 -6.53 73.67 -43.43
C ILE CA 200 -5.36 74.59 -43.78
N VAL CA 201 -4.20 74.03 -44.10
CA VAL CA 201 -3.11 74.81 -44.67
C VAL CA 201 -3.26 74.70 -46.18
N SER CA 202 -4.22 75.47 -46.70
CA SER CA 202 -4.40 75.60 -48.14
C SER CA 202 -4.85 76.99 -48.55
N VAL CA 203 -4.98 77.92 -47.62
CA VAL CA 203 -5.55 79.22 -47.95
C VAL CA 203 -4.47 80.09 -48.61
N ASP CA 204 -4.61 80.24 -49.93
CA ASP CA 204 -3.67 80.97 -50.74
C ASP CA 204 -3.95 82.46 -50.82
N ASN CA 205 -5.13 82.92 -50.39
CA ASN CA 205 -5.39 84.34 -50.59
C ASN CA 205 -6.19 84.87 -49.42
N LEU CA 206 -5.95 86.15 -49.11
CA LEU CA 206 -6.53 86.71 -47.90
C LEU CA 206 -8.00 87.06 -48.07
N GLU CA 207 -8.51 87.19 -49.30
CA GLU CA 207 -9.96 87.23 -49.44
C GLU CA 207 -10.58 85.92 -48.97
N ASP CA 208 -9.95 84.79 -49.31
CA ASP CA 208 -10.41 83.50 -48.81
C ASP CA 208 -10.28 83.41 -47.29
N ILE CA 209 -9.18 83.91 -46.73
CA ILE CA 209 -8.98 83.87 -45.27
C ILE CA 209 -10.04 84.72 -44.57
N ILE CA 210 -10.26 85.95 -45.05
CA ILE CA 210 -11.20 86.85 -44.41
C ILE CA 210 -12.64 86.39 -44.62
N GLY CA 211 -12.95 85.77 -45.76
CA GLY CA 211 -14.27 85.19 -45.93
C GLY CA 211 -14.51 84.03 -44.97
N GLY CA 212 -13.47 83.24 -44.74
CA GLY CA 212 -13.55 82.24 -43.68
C GLY CA 212 -13.76 82.88 -42.32
N HIS CA 213 -13.18 84.05 -42.09
CA HIS CA 213 -13.40 84.73 -40.81
C HIS CA 213 -14.81 85.28 -40.71
N ILE CA 214 -15.39 85.75 -41.83
CA ILE CA 214 -16.82 86.07 -41.90
C ILE CA 214 -17.63 84.88 -41.43
N TRP CA 215 -17.33 83.70 -41.99
CA TRP CA 215 -18.11 82.52 -41.69
C TRP CA 215 -17.96 82.12 -40.23
N ILE CA 216 -16.74 82.15 -39.70
CA ILE CA 216 -16.54 81.72 -38.32
C ILE CA 216 -17.15 82.72 -37.34
N GLY CA 217 -17.08 84.03 -37.62
CA GLY CA 217 -17.69 85.01 -36.73
C GLY CA 217 -19.20 84.92 -36.72
N THR CA 218 -19.81 84.80 -37.92
CA THR CA 218 -21.26 84.67 -38.00
C THR CA 218 -21.73 83.38 -37.32
N LEU CA 219 -21.01 82.27 -37.57
CA LEU CA 219 -21.40 80.99 -36.97
C LEU CA 219 -21.25 81.01 -35.47
N CYS CA 220 -20.16 81.59 -34.94
CA CYS CA 220 -19.98 81.65 -33.49
C CYS CA 220 -21.02 82.55 -32.84
N ILE CA 221 -21.38 83.66 -33.48
CA ILE CA 221 -22.38 84.54 -32.88
C ILE CA 221 -23.76 83.88 -32.88
N LEU CA 222 -24.17 83.29 -34.00
CA LEU CA 222 -25.47 82.63 -34.07
C LEU CA 222 -25.52 81.42 -33.16
N GLY CA 223 -24.44 80.64 -33.09
CA GLY CA 223 -24.38 79.52 -32.16
C GLY CA 223 -24.32 79.95 -30.72
N GLY CA 224 -23.78 81.15 -30.45
CA GLY CA 224 -23.85 81.69 -29.11
C GLY CA 224 -25.27 82.00 -28.69
N ILE CA 225 -26.03 82.63 -29.58
CA ILE CA 225 -27.45 82.89 -29.30
C ILE CA 225 -28.20 81.58 -29.15
N TRP CA 226 -27.86 80.58 -29.98
CA TRP CA 226 -28.49 79.27 -29.88
C TRP CA 226 -28.20 78.62 -28.53
N HIS CA 227 -26.93 78.53 -28.15
CA HIS CA 227 -26.52 77.94 -26.88
C HIS CA 227 -27.11 78.69 -25.69
N ILE CA 228 -27.29 80.00 -25.81
CA ILE CA 228 -27.96 80.74 -24.74
C ILE CA 228 -29.42 80.35 -24.65
N TYR CA 229 -30.10 80.21 -25.79
CA TYR CA 229 -31.54 80.02 -25.80
C TYR CA 229 -31.98 78.57 -26.01
N THR CA 230 -31.14 77.59 -25.70
CA THR CA 230 -31.57 76.20 -25.86
C THR CA 230 -31.07 75.37 -24.68
N THR CA 231 -31.54 74.11 -24.66
CA THR CA 231 -31.29 73.14 -23.61
C THR CA 231 -30.68 71.90 -24.28
N PRO CA 232 -29.75 71.21 -23.62
CA PRO CA 232 -29.16 70.00 -24.22
C PRO CA 232 -30.21 68.93 -24.50
N TRP CA 233 -29.99 68.20 -25.60
CA TRP CA 233 -30.89 67.14 -26.00
C TRP CA 233 -30.60 65.84 -25.26
N PRO CA 234 -31.61 64.97 -25.16
CA PRO CA 234 -31.41 63.64 -24.54
C PRO CA 234 -30.28 62.84 -25.16
N TRP CA 235 -30.11 62.90 -26.49
CA TRP CA 235 -29.04 62.15 -27.13
C TRP CA 235 -27.67 62.69 -26.70
N ALA CA 236 -27.55 64.02 -26.60
CA ALA CA 236 -26.30 64.61 -26.14
C ALA CA 236 -26.03 64.28 -24.68
N ARG CA 237 -27.08 64.29 -23.85
CA ARG CA 237 -26.87 64.05 -22.42
C ARG CA 237 -26.60 62.58 -22.14
N ARG CA 238 -27.08 61.68 -23.01
CA ARG CA 238 -26.72 60.28 -22.87
C ARG CA 238 -25.33 59.98 -23.41
N ALA CA 239 -24.97 60.51 -24.57
CA ALA CA 239 -23.68 60.21 -25.17
C ALA CA 239 -22.52 60.89 -24.45
N PHE CA 240 -22.74 62.07 -23.89
CA PHE CA 240 -21.69 62.81 -23.20
C PHE CA 240 -21.68 62.47 -21.72
N VAL CA 241 -20.53 62.68 -21.09
CA VAL CA 241 -20.39 62.64 -19.64
C VAL CA 241 -20.32 64.07 -19.15
N TRP CA 242 -21.17 64.44 -18.20
CA TRP CA 242 -21.28 65.84 -17.80
C TRP CA 242 -20.70 65.99 -16.40
N SER CA 243 -19.43 66.39 -16.35
CA SER CA 243 -18.73 66.67 -15.11
C SER CA 243 -17.54 67.55 -15.41
N GLY CA 244 -17.09 68.24 -14.38
CA GLY CA 244 -15.89 69.05 -14.55
C GLY CA 244 -14.71 68.16 -14.29
N GLU CA 245 -14.17 67.64 -15.40
CA GLU CA 245 -13.14 66.63 -15.59
C GLU CA 245 -13.38 66.06 -16.98
N ALA CA 246 -14.64 65.73 -17.28
CA ALA CA 246 -15.02 65.44 -18.66
C ALA CA 246 -14.93 66.69 -19.51
N TYR CA 247 -15.35 67.82 -18.95
CA TYR CA 247 -15.22 69.08 -19.67
C TYR CA 247 -13.76 69.42 -19.92
N LEU CA 248 -12.90 69.13 -18.94
CA LEU CA 248 -11.45 69.22 -19.17
C LEU CA 248 -11.02 68.33 -20.32
N SER CA 249 -11.48 67.08 -20.35
CA SER CA 249 -11.05 66.19 -21.41
C SER CA 249 -11.46 66.69 -22.79
N TYR CA 250 -12.69 67.18 -22.92
CA TYR CA 250 -13.14 67.72 -24.20
C TYR CA 250 -12.29 68.91 -24.61
N SER CA 251 -12.06 69.83 -23.66
CA SER CA 251 -11.26 71.01 -23.94
C SER CA 251 -9.83 70.64 -24.30
N LEU CA 252 -9.27 69.62 -23.63
CA LEU CA 252 -7.90 69.22 -23.86
C LEU CA 252 -7.73 68.59 -25.23
N ALA CA 253 -8.66 67.71 -25.62
CA ALA CA 253 -8.60 67.12 -26.95
C ALA CA 253 -8.73 68.18 -28.03
N ALA CA 254 -9.67 69.12 -27.84
CA ALA CA 254 -9.85 70.18 -28.82
C ALA CA 254 -8.61 71.06 -28.93
N VAL CA 255 -8.04 71.46 -27.79
CA VAL CA 255 -6.92 72.38 -27.82
C VAL CA 255 -5.66 71.69 -28.32
N SER CA 256 -5.55 70.37 -28.12
CA SER CA 256 -4.47 69.62 -28.75
C SER CA 256 -4.64 69.58 -30.26
N LEU CA 257 -5.89 69.42 -30.73
CA LEU CA 257 -6.14 69.41 -32.16
C LEU CA 257 -5.75 70.74 -32.80
N MET CA 258 -6.20 71.86 -32.20
CA MET CA 258 -5.83 73.14 -32.81
C MET CA 258 -4.36 73.48 -32.58
N GLY CA 259 -3.73 72.87 -31.58
CA GLY CA 259 -2.29 73.02 -31.45
C GLY CA 259 -1.53 72.36 -32.57
N PHE CA 260 -1.93 71.12 -32.91
CA PHE CA 260 -1.33 70.42 -34.05
C PHE CA 260 -1.55 71.21 -35.33
N THR CA 261 -2.76 71.75 -35.48
CA THR CA 261 -3.09 72.58 -36.63
C THR CA 261 -2.21 73.83 -36.70
N ALA CA 262 -2.01 74.50 -35.56
CA ALA CA 262 -1.18 75.71 -35.54
C ALA CA 262 0.27 75.39 -35.87
N CYS CA 263 0.75 74.24 -35.41
CA CYS CA 263 2.08 73.78 -35.80
C CYS CA 263 2.21 73.65 -37.30
N CYS CA 264 1.25 72.99 -37.96
CA CYS CA 264 1.33 72.83 -39.40
C CYS CA 264 1.16 74.17 -40.12
N PHE CA 265 0.33 75.06 -39.56
CA PHE CA 265 0.18 76.41 -40.10
C PHE CA 265 1.52 77.12 -40.15
N ALA CA 266 2.24 77.12 -39.02
CA ALA CA 266 3.54 77.77 -38.97
C ALA CA 266 4.55 77.09 -39.87
N TRP CA 267 4.44 75.78 -40.03
CA TRP CA 267 5.41 75.08 -40.85
C TRP CA 267 5.21 75.33 -42.34
N PHE CA 268 3.97 75.44 -42.82
CA PHE CA 268 3.78 75.51 -44.26
C PHE CA 268 3.28 76.83 -44.81
N ASN CA 269 2.46 77.60 -44.09
CA ASN CA 269 1.88 78.80 -44.70
C ASN CA 269 2.91 79.90 -44.96
N ASN CA 270 2.77 80.52 -46.14
CA ASN CA 270 3.48 81.73 -46.50
C ASN CA 270 2.50 82.85 -46.82
N THR CA 271 1.20 82.62 -46.63
CA THR CA 271 0.16 83.61 -46.85
C THR CA 271 -0.32 84.27 -45.57
N ALA CA 272 -0.86 83.48 -44.63
CA ALA CA 272 -1.22 84.02 -43.32
C ALA CA 272 -0.02 84.14 -42.41
N TYR CA 273 1.10 83.55 -42.81
CA TYR CA 273 2.38 83.65 -42.12
C TYR CA 273 3.38 84.15 -43.15
N PRO CA 274 3.56 85.46 -43.27
CA PRO CA 274 4.40 85.97 -44.36
C PRO CA 274 5.85 85.55 -44.22
N SER CA 275 6.41 85.04 -45.32
CA SER CA 275 7.80 84.60 -45.32
C SER CA 275 8.75 85.76 -45.09
N GLU CA 276 8.38 86.94 -45.57
CA GLU CA 276 9.18 88.14 -45.36
C GLU CA 276 9.27 88.54 -43.88
N PHE CA 277 8.39 88.01 -43.04
CA PHE CA 277 8.40 88.36 -41.63
C PHE CA 277 8.69 87.19 -40.72
N TYR CA 278 8.54 85.95 -41.22
CA TYR CA 278 8.75 84.72 -40.49
C TYR CA 278 9.98 83.93 -40.90
N GLY CA 279 10.50 84.15 -42.10
CA GLY CA 279 11.49 83.26 -42.65
C GLY CA 279 10.81 82.29 -43.59
N PRO CA 280 11.59 81.57 -44.39
CA PRO CA 280 10.99 80.62 -45.34
C PRO CA 280 10.45 79.38 -44.65
N THR CA 281 9.49 78.74 -45.31
CA THR CA 281 8.95 77.47 -44.88
C THR CA 281 9.83 76.33 -45.40
N GLY CA 282 9.34 75.10 -45.23
CA GLY CA 282 10.03 73.92 -45.70
C GLY CA 282 10.27 73.89 -47.21
N PRO CA 283 9.20 73.91 -48.01
CA PRO CA 283 9.38 73.87 -49.48
C PRO CA 283 10.20 75.02 -50.06
N GLU CA 284 10.04 76.23 -49.52
CA GLU CA 284 10.93 77.29 -49.96
C GLU CA 284 12.26 77.20 -49.23
N ALA CA 285 13.21 77.99 -49.73
CA ALA CA 285 14.66 77.97 -49.58
C ALA CA 285 15.24 76.80 -50.38
N SER CA 286 14.41 75.81 -50.68
CA SER CA 286 14.78 74.72 -51.58
C SER CA 286 14.28 74.99 -52.98
N GLN CA 287 13.03 75.47 -53.09
CA GLN CA 287 12.62 76.10 -54.32
C GLN CA 287 13.53 77.27 -54.67
N ALA CA 288 14.03 77.97 -53.65
CA ALA CA 288 14.97 79.06 -53.87
C ALA CA 288 16.34 78.55 -54.33
N GLN CA 289 16.81 77.42 -53.78
CA GLN CA 289 17.99 76.76 -54.32
C GLN CA 289 17.86 76.50 -55.81
N ALA CA 290 16.78 75.82 -56.21
CA ALA CA 290 16.61 75.47 -57.60
C ALA CA 290 16.46 76.70 -58.49
N PHE CA 291 15.75 77.72 -57.99
CA PHE CA 291 15.51 78.92 -58.77
C PHE CA 291 16.80 79.71 -58.98
N THR CA 292 17.58 79.91 -57.91
CA THR CA 292 18.84 80.63 -58.03
C THR CA 292 19.82 79.89 -58.93
N PHE CA 293 19.88 78.56 -58.81
CA PHE CA 293 20.81 77.81 -59.68
C PHE CA 293 20.38 77.85 -61.15
N LEU CA 294 19.07 77.76 -61.42
CA LEU CA 294 18.61 77.82 -62.80
C LEU CA 294 18.91 79.18 -63.43
N VAL CA 295 18.65 80.26 -62.68
CA VAL CA 295 18.92 81.58 -63.27
C VAL CA 295 20.42 81.80 -63.41
N ARG CA 296 21.22 81.24 -62.49
CA ARG CA 296 22.67 81.44 -62.56
C ARG CA 296 23.30 80.71 -63.73
N ASP CA 297 22.96 79.43 -63.94
CA ASP CA 297 23.57 78.76 -65.09
C ASP CA 297 22.93 79.13 -66.42
N GLN CA 298 21.69 79.65 -66.43
CA GLN CA 298 21.23 80.20 -67.70
C GLN CA 298 21.81 81.58 -67.95
N ARG CA 299 22.33 82.23 -66.90
CA ARG CA 299 23.08 83.46 -67.09
C ARG CA 299 24.47 83.21 -67.66
N LEU CA 300 25.15 82.15 -67.18
CA LEU CA 300 26.51 81.92 -67.66
C LEU CA 300 26.54 81.54 -69.14
N GLY CA 301 25.55 80.77 -69.60
CA GLY CA 301 25.52 80.35 -70.99
C GLY CA 301 25.01 78.94 -71.23
N ALA CA 302 24.92 78.14 -70.17
CA ALA CA 302 24.43 76.78 -70.31
C ALA CA 302 22.91 76.79 -70.36
N ASN CA 303 22.35 76.05 -71.32
CA ASN CA 303 20.91 75.91 -71.42
C ASN CA 303 20.39 75.05 -70.28
N VAL CA 304 19.12 75.21 -69.94
CA VAL CA 304 18.50 74.43 -68.88
C VAL CA 304 17.39 73.52 -69.38
N ALA CA 305 16.75 73.86 -70.50
CA ALA CA 305 15.68 73.02 -71.02
C ALA CA 305 16.21 71.72 -71.61
N SER CA 306 17.40 71.74 -72.21
CA SER CA 306 18.04 70.54 -72.73
C SER CA 306 19.10 69.99 -71.78
N ALA CA 307 19.20 70.56 -70.58
CA ALA CA 307 20.18 70.13 -69.58
C ALA CA 307 19.64 68.93 -68.83
N GLN CA 308 20.43 67.86 -68.77
CA GLN CA 308 20.04 66.60 -68.16
C GLN CA 308 20.98 66.25 -67.01
N GLY CA 309 20.40 65.82 -65.90
CA GLY CA 309 21.15 65.57 -64.69
C GLY CA 309 21.84 64.23 -64.66
N PRO CA 310 22.22 63.77 -63.47
CA PRO CA 310 22.89 62.47 -63.37
C PRO CA 310 21.94 61.29 -63.50
N THR CA 311 20.69 61.43 -63.08
CA THR CA 311 19.78 60.30 -63.01
C THR CA 311 18.78 60.22 -64.17
N GLY CA 312 18.91 61.07 -65.18
CA GLY CA 312 18.01 60.99 -66.32
C GLY CA 312 16.77 61.84 -66.23
N LEU CA 313 16.55 62.52 -65.11
CA LEU CA 313 15.34 63.33 -64.94
C LEU CA 313 15.56 64.81 -65.20
N GLY CA 314 16.75 65.33 -64.94
CA GLY CA 314 17.00 66.74 -65.15
C GLY CA 314 17.61 67.38 -63.92
N LYS CA 315 18.73 68.06 -64.12
CA LYS CA 315 19.43 68.68 -63.00
C LYS CA 315 18.74 69.96 -62.57
N TYR CA 316 18.04 70.62 -63.48
CA TYR CA 316 17.45 71.95 -63.26
C TYR CA 316 15.95 72.00 -63.55
N LEU CA 317 15.41 71.05 -64.31
CA LEU CA 317 13.98 70.94 -64.58
C LEU CA 317 13.59 69.48 -64.78
N MET CA 318 12.38 69.11 -64.35
CA MET CA 318 11.76 67.90 -64.88
C MET CA 318 10.26 68.12 -65.01
N ARG CA 319 9.53 67.06 -65.32
CA ARG CA 319 8.08 67.06 -65.32
C ARG CA 319 7.61 66.53 -63.97
N SER CA 320 6.55 67.14 -63.44
CA SER CA 320 5.99 66.74 -62.16
C SER CA 320 5.28 65.39 -62.29
N PRO CA 321 4.81 64.79 -61.19
CA PRO CA 321 3.91 63.64 -61.31
C PRO CA 321 2.68 63.92 -62.15
N THR CA 322 2.20 65.15 -62.14
CA THR CA 322 1.23 65.64 -63.11
C THR CA 322 2.01 66.33 -64.22
N GLY CA 323 1.36 66.51 -65.38
CA GLY CA 323 2.07 66.93 -66.58
C GLY CA 323 2.72 68.31 -66.63
N GLU CA 324 2.87 68.97 -65.49
CA GLU CA 324 3.49 70.29 -65.46
C GLU CA 324 4.99 70.18 -65.24
N ILE CA 325 5.73 71.13 -65.80
CA ILE CA 325 7.18 71.22 -65.60
C ILE CA 325 7.45 71.86 -64.25
N ILE CA 326 8.31 71.22 -63.45
CA ILE CA 326 8.69 71.68 -62.12
C ILE CA 326 10.22 71.73 -62.02
N PHE CA 327 10.68 72.29 -60.91
CA PHE CA 327 12.11 72.56 -60.71
C PHE CA 327 12.88 71.27 -60.47
N GLY CA 328 14.09 71.22 -61.02
CA GLY CA 328 14.83 69.98 -61.18
C GLY CA 328 15.76 69.56 -60.07
N GLY CA 329 15.80 70.26 -58.95
CA GLY CA 329 16.63 69.86 -57.83
C GLY CA 329 16.05 68.66 -57.10
N GLU CA 330 16.39 68.54 -55.84
CA GLU CA 330 15.68 67.56 -55.03
C GLU CA 330 14.39 68.14 -54.46
N THR CA 331 14.05 69.37 -54.85
CA THR CA 331 12.83 70.06 -54.46
C THR CA 331 11.61 69.54 -55.27
N MET CA 332 11.79 68.43 -55.95
CA MET CA 332 10.72 67.78 -56.69
C MET CA 332 9.72 67.09 -55.78
N ARG CA 333 10.00 67.03 -54.48
CA ARG CA 333 9.00 66.65 -53.50
C ARG CA 333 8.13 67.84 -53.12
N PHE CA 334 8.58 69.05 -53.44
CA PHE CA 334 7.88 70.28 -53.09
C PHE CA 334 7.29 70.98 -54.31
N TRP CA 335 6.86 70.21 -55.31
CA TRP CA 335 6.28 70.78 -56.53
C TRP CA 335 4.96 71.50 -56.27
N ASP CA 336 4.31 71.22 -55.14
CA ASP CA 336 3.09 71.90 -54.73
C ASP CA 336 3.34 73.26 -54.08
N PHE CA 337 4.54 73.81 -54.21
CA PHE CA 337 4.86 75.09 -53.60
C PHE CA 337 4.16 76.26 -54.26
N ARG CA 338 3.76 77.22 -53.44
CA ARG CA 338 3.18 78.49 -53.88
C ARG CA 338 3.76 79.61 -53.02
N GLY CA 339 4.72 80.35 -53.58
CA GLY CA 339 5.32 81.47 -52.90
C GLY CA 339 5.31 82.69 -53.78
N PRO CA 340 5.37 83.88 -53.18
CA PRO CA 340 5.08 85.12 -53.93
C PRO CA 340 5.98 85.39 -55.13
N TRP CA 341 7.06 84.63 -55.32
CA TRP CA 341 7.96 84.89 -56.42
C TRP CA 341 7.96 83.78 -57.49
N VAL CA 342 6.93 82.96 -57.58
CA VAL CA 342 6.88 81.90 -58.59
C VAL CA 342 5.69 82.06 -59.53
N GLU CA 343 4.57 82.66 -59.08
CA GLU CA 343 3.43 82.85 -59.98
C GLU CA 343 3.74 83.74 -61.18
N PRO CA 344 4.47 84.87 -61.05
CA PRO CA 344 4.92 85.56 -62.28
C PRO CA 344 5.85 84.72 -63.13
N LEU CA 345 6.47 83.69 -62.54
CA LEU CA 345 7.24 82.71 -63.30
C LEU CA 345 6.47 81.42 -63.55
N ARG CA 346 5.19 81.38 -63.19
CA ARG CA 346 4.37 80.18 -63.36
C ARG CA 346 3.54 80.32 -64.63
N GLY CA 347 3.68 79.36 -65.53
CA GLY CA 347 2.85 79.33 -66.70
C GLY CA 347 1.73 78.33 -66.50
N PRO CA 348 0.67 78.43 -67.30
CA PRO CA 348 -0.44 77.48 -67.14
C PRO CA 348 -0.03 76.04 -67.35
N SER CA 349 0.43 75.73 -68.56
CA SER CA 349 0.78 74.36 -68.89
C SER CA 349 2.14 74.00 -68.31
N GLY CA 350 3.18 74.73 -68.73
CA GLY CA 350 4.51 74.48 -68.24
C GLY CA 350 5.13 75.68 -67.54
N LEU CA 351 6.44 75.65 -67.32
CA LEU CA 351 7.12 76.75 -66.64
C LEU CA 351 7.49 77.87 -67.56
N ASP CA 352 7.12 77.78 -68.84
CA ASP CA 352 7.27 78.86 -69.82
C ASP CA 352 8.74 79.26 -69.96
N LEU CA 353 9.49 78.36 -70.59
CA LEU CA 353 10.94 78.51 -70.73
C LEU CA 353 11.36 79.85 -71.32
N VAL CA 354 10.59 80.37 -72.28
CA VAL CA 354 10.93 81.68 -72.83
C VAL CA 354 10.73 82.77 -71.78
N LYS CA 355 9.71 82.62 -70.92
CA LYS CA 355 9.54 83.52 -69.78
C LYS CA 355 10.71 83.41 -68.81
N LEU CA 356 11.20 82.19 -68.57
CA LEU CA 356 12.36 82.02 -67.70
C LEU CA 356 13.61 82.66 -68.31
N LYS CA 357 13.77 82.55 -69.62
CA LYS CA 357 14.92 83.10 -70.32
C LYS CA 357 14.91 84.62 -70.34
N ASN CA 358 13.73 85.23 -70.56
CA ASN CA 358 13.66 86.68 -70.80
C ASN CA 358 12.92 87.45 -69.72
N ASP CA 359 11.74 87.02 -69.31
CA ASP CA 359 10.85 87.80 -68.45
C ASP CA 359 11.19 87.65 -66.97
N ILE CA 360 12.44 87.35 -66.65
CA ILE CA 360 12.87 87.26 -65.26
C ILE CA 360 12.85 88.64 -64.62
N GLN CA 361 12.41 88.71 -63.36
CA GLN CA 361 12.38 90.03 -62.73
C GLN CA 361 13.50 90.19 -61.70
N PRO CA 362 14.03 91.38 -61.51
CA PRO CA 362 15.09 91.52 -60.51
C PRO CA 362 14.66 91.47 -59.03
N TRP CA 363 13.38 91.65 -58.69
CA TRP CA 363 12.97 91.36 -57.32
C TRP CA 363 13.01 89.86 -57.05
N GLN CA 364 12.54 89.08 -58.02
CA GLN CA 364 12.66 87.63 -57.95
C GLN CA 364 14.12 87.22 -57.84
N GLU CA 365 14.98 87.85 -58.64
CA GLU CA 365 16.41 87.54 -58.59
C GLU CA 365 17.01 87.89 -57.24
N ARG CA 366 16.65 89.04 -56.68
CA ARG CA 366 17.19 89.47 -55.39
C ARG CA 366 16.56 88.74 -54.23
N ARG CA 367 15.52 87.94 -54.48
CA ARG CA 367 14.94 87.10 -53.44
C ARG CA 367 15.86 85.89 -53.24
N ALA CA 368 17.08 86.15 -52.78
CA ALA CA 368 18.07 85.11 -52.55
C ALA CA 368 18.52 85.04 -51.10
N ALA CA 369 18.04 85.94 -50.25
CA ALA CA 369 18.31 85.83 -48.82
C ALA CA 369 17.61 84.62 -48.21
N GLU CA 370 16.45 84.26 -48.75
CA GLU CA 370 15.78 83.03 -48.33
C GLU CA 370 16.60 81.81 -48.73
N TYR CA 371 17.24 81.89 -49.91
CA TYR CA 371 18.07 80.79 -50.40
C TYR CA 371 19.34 80.62 -49.58
N MET CA 372 20.20 81.64 -49.56
CA MET CA 372 21.58 81.51 -49.10
C MET CA 372 21.65 81.11 -47.64
N THR CA 373 21.17 81.97 -46.75
CA THR CA 373 21.06 81.64 -45.34
C THR CA 373 19.56 81.41 -45.11
N HIS CA 374 19.16 81.25 -43.84
CA HIS CA 374 17.81 81.31 -43.32
C HIS CA 374 16.93 80.11 -43.65
N ALA CA 375 17.47 79.03 -44.19
CA ALA CA 375 16.65 77.86 -44.47
C ALA CA 375 16.18 77.23 -43.16
N PRO CA 376 15.04 76.50 -43.15
CA PRO CA 376 14.51 76.00 -41.86
C PRO CA 376 15.29 74.84 -41.26
N LEU CA 377 16.60 74.95 -41.31
CA LEU CA 377 17.53 74.24 -40.45
C LEU CA 377 17.75 75.15 -39.25
N GLY CA 378 18.76 74.88 -38.44
CA GLY CA 378 19.09 75.88 -37.45
C GLY CA 378 19.53 75.38 -36.10
N SER CA 379 19.44 74.07 -35.88
CA SER CA 379 19.93 73.36 -34.70
C SER CA 379 19.31 73.83 -33.37
N LEU CA 380 19.54 73.04 -32.32
CA LEU CA 380 19.03 73.40 -31.01
C LEU CA 380 19.85 74.53 -30.40
N ASN CA 381 21.12 74.60 -30.77
CA ASN CA 381 22.06 75.57 -30.22
C ASN CA 381 22.47 76.62 -31.24
N SER CA 382 21.52 77.05 -32.09
CA SER CA 382 21.77 78.04 -33.16
C SER CA 382 22.79 77.43 -34.13
N VAL CA 383 23.96 78.06 -34.31
CA VAL CA 383 25.03 77.62 -35.21
C VAL CA 383 24.41 77.83 -36.60
N GLY CA 384 24.89 77.16 -37.64
CA GLY CA 384 24.42 77.45 -38.98
C GLY CA 384 23.21 76.65 -39.42
N GLY CA 385 23.39 75.84 -40.45
CA GLY CA 385 22.29 75.12 -41.07
C GLY CA 385 22.23 73.66 -40.71
N VAL CA 386 22.75 72.81 -41.60
CA VAL CA 386 22.69 71.36 -41.46
C VAL CA 386 23.50 70.94 -40.23
N ALA CA 387 23.31 69.70 -39.78
CA ALA CA 387 23.95 69.22 -38.55
C ALA CA 387 25.47 69.24 -38.62
N THR CA 388 26.05 69.29 -39.81
CA THR CA 388 27.49 69.37 -39.97
C THR CA 388 28.00 70.80 -40.16
N GLU CA 389 27.11 71.78 -40.30
CA GLU CA 389 27.52 73.16 -40.53
C GLU CA 389 28.16 73.73 -39.26
N ILE CA 390 29.17 74.58 -39.47
CA ILE CA 390 30.04 75.03 -38.41
C ILE CA 390 29.58 76.39 -37.89
N ASN CA 391 30.21 76.83 -36.79
CA ASN CA 391 29.87 78.07 -36.09
C ASN CA 391 30.25 79.26 -36.97
N ALA CA 392 29.31 79.66 -37.82
CA ALA CA 392 29.51 80.80 -38.70
C ALA CA 392 28.42 81.84 -38.57
N VAL CA 393 27.17 81.44 -38.32
CA VAL CA 393 26.05 82.36 -38.21
C VAL CA 393 25.22 81.97 -37.00
N ASN CA 394 24.48 82.93 -36.46
CA ASN CA 394 23.59 82.71 -35.32
C ASN CA 394 22.16 82.89 -35.82
N PHE CA 395 21.50 81.77 -36.11
CA PHE CA 395 20.14 81.82 -36.65
C PHE CA 395 19.41 80.52 -36.36
N VAL CA 396 18.10 80.63 -36.12
CA VAL CA 396 17.17 79.51 -36.18
C VAL CA 396 15.85 80.06 -36.70
N SER CA 397 15.11 79.25 -37.43
CA SER CA 397 13.89 79.75 -38.02
C SER CA 397 12.74 79.71 -37.00
N PRO CA 398 12.10 80.86 -36.75
CA PRO CA 398 10.96 80.88 -35.83
C PRO CA 398 9.81 80.00 -36.29
N ARG CA 399 9.68 79.79 -37.60
CA ARG CA 399 8.71 78.84 -38.11
C ARG CA 399 8.94 77.46 -37.51
N SER CA 400 10.19 76.98 -37.59
CA SER CA 400 10.55 75.69 -37.00
C SER CA 400 10.29 75.70 -35.50
N TRP CA 401 10.67 76.79 -34.83
CA TRP CA 401 10.67 76.75 -33.37
C TRP CA 401 9.26 76.79 -32.80
N LEU CA 402 8.42 77.69 -33.30
CA LEU CA 402 7.04 77.70 -32.83
C LEU CA 402 6.17 76.71 -33.58
N ALA CA 403 6.76 75.91 -34.46
CA ALA CA 403 6.08 74.70 -34.88
C ALA CA 403 6.35 73.56 -33.93
N THR CA 404 7.61 73.37 -33.52
CA THR CA 404 7.93 72.20 -32.70
C THR CA 404 7.47 72.39 -31.26
N SER CA 405 7.55 73.62 -30.72
CA SER CA 405 7.03 73.88 -29.38
C SER CA 405 5.54 73.59 -29.33
N HIS CA 406 4.82 74.06 -30.34
CA HIS CA 406 3.38 73.86 -30.39
C HIS CA 406 3.02 72.41 -30.59
N PHE CA 407 3.73 71.67 -31.43
CA PHE CA 407 3.27 70.31 -31.67
C PHE CA 407 3.63 69.42 -30.50
N CYS CA 408 4.78 69.66 -29.87
CA CYS CA 408 5.16 68.90 -28.67
C CYS CA 408 4.16 69.15 -27.55
N LEU CA 409 3.82 70.41 -27.31
CA LEU CA 409 2.92 70.75 -26.23
C LEU CA 409 1.49 70.32 -26.56
N GLY CA 410 1.13 70.29 -27.84
CA GLY CA 410 -0.14 69.72 -28.23
C GLY CA 410 -0.20 68.21 -28.02
N PHE CA 411 0.91 67.51 -28.24
CA PHE CA 411 0.94 66.08 -27.94
C PHE CA 411 0.78 65.83 -26.45
N PHE CA 412 1.47 66.61 -25.62
CA PHE CA 412 1.28 66.49 -24.18
C PHE CA 412 -0.16 66.80 -23.78
N PHE CA 413 -0.80 67.73 -24.48
CA PHE CA 413 -2.20 68.01 -24.18
C PHE CA 413 -3.11 66.89 -24.68
N PHE CA 414 -2.70 66.16 -25.72
CA PHE CA 414 -3.43 64.96 -26.10
C PHE CA 414 -3.33 63.91 -24.99
N VAL CA 415 -2.15 63.79 -24.39
CA VAL CA 415 -1.97 62.86 -23.26
C VAL CA 415 -2.84 63.27 -22.08
N GLY CA 416 -2.88 64.57 -21.78
CA GLY CA 416 -3.74 65.06 -20.72
C GLY CA 416 -5.21 64.82 -21.00
N HIS CA 417 -5.61 64.95 -22.26
CA HIS CA 417 -6.97 64.60 -22.65
C HIS CA 417 -7.25 63.13 -22.41
N LEU CA 418 -6.31 62.26 -22.77
CA LEU CA 418 -6.50 60.83 -22.54
C LEU CA 418 -6.65 60.53 -21.05
N TRP CA 419 -5.80 61.16 -20.24
CA TRP CA 419 -5.85 60.96 -18.79
C TRP CA 419 -7.19 61.38 -18.22
N HIS CA 420 -7.63 62.61 -18.51
CA HIS CA 420 -8.89 63.07 -17.93
C HIS CA 420 -10.10 62.45 -18.61
N ALA CA 421 -9.99 62.01 -19.86
CA ALA CA 421 -11.08 61.25 -20.48
C ALA CA 421 -11.34 59.97 -19.72
N GLY CA 422 -10.28 59.19 -19.49
CA GLY CA 422 -10.44 57.97 -18.76
C GLY CA 422 -10.88 58.20 -17.32
N ARG CA 423 -10.27 59.17 -16.64
CA ARG CA 423 -10.62 59.41 -15.25
C ARG CA 423 -12.03 59.95 -15.12
N ALA CA 424 -12.48 60.78 -16.06
CA ALA CA 424 -13.85 61.30 -16.02
C ALA CA 424 -14.85 60.19 -16.26
N ARG CA 425 -14.58 59.32 -17.23
CA ARG CA 425 -15.48 58.21 -17.50
C ARG CA 425 -15.54 57.25 -16.32
N ALA CA 426 -14.39 56.96 -15.72
CA ALA CA 426 -14.34 56.05 -14.58
C ALA CA 426 -14.97 56.65 -13.34
N ALA CA 427 -14.83 57.98 -13.14
CA ALA CA 427 -15.45 58.61 -11.98
C ALA CA 427 -16.95 58.72 -12.15
N ALA CA 428 -17.43 59.05 -13.34
CA ALA CA 428 -18.87 59.07 -13.58
C ALA CA 428 -19.46 57.68 -13.48
N ALA CA 429 -18.69 56.64 -13.82
CA ALA CA 429 -19.13 55.29 -13.55
C ALA CA 429 -19.15 54.98 -12.06
N GLY CA 430 -18.11 55.42 -11.34
CA GLY CA 430 -18.02 55.22 -9.91
C GLY CA 430 -16.76 54.54 -9.42
N PHE CA 431 -15.75 54.28 -10.25
CA PHE CA 431 -14.54 53.60 -9.78
C PHE CA 431 -13.28 54.39 -10.12
N GLU CA 432 -13.27 55.69 -9.81
CA GLU CA 432 -12.08 56.50 -10.02
C GLU CA 432 -10.99 56.16 -9.02
N LYS CA 433 -11.36 55.68 -7.84
CA LYS CA 433 -10.42 55.33 -6.79
C LYS CA 433 -10.08 53.85 -6.74
N GLY CA 434 -10.62 53.05 -7.67
CA GLY CA 434 -10.28 51.66 -7.78
C GLY CA 434 -11.52 50.80 -7.79
N ILE CA 435 -11.32 49.49 -7.76
CA ILE CA 435 -12.40 48.51 -7.71
C ILE CA 435 -12.79 48.27 -6.26
N ASP CA 436 -14.06 47.90 -6.04
CA ASP CA 436 -14.66 47.98 -4.71
C ASP CA 436 -14.22 46.83 -3.79
N ARG CA 437 -13.36 45.92 -4.30
CA ARG CA 437 -12.64 44.90 -3.53
C ARG CA 437 -13.51 43.75 -3.03
N VAL CA 438 -14.83 43.88 -3.07
CA VAL CA 438 -15.71 42.81 -2.65
C VAL CA 438 -16.62 42.32 -3.78
N ASP CA 439 -17.04 43.20 -4.70
CA ASP CA 439 -17.87 42.82 -5.84
C ASP CA 439 -17.27 43.42 -7.12
N GLU CA 440 -16.33 42.69 -7.70
CA GLU CA 440 -15.62 43.02 -8.93
C GLU CA 440 -16.43 42.58 -10.16
N PRO CA 441 -16.34 43.33 -11.26
CA PRO CA 441 -16.95 42.85 -12.50
C PRO CA 441 -16.31 41.60 -13.05
N VAL CA 442 -15.09 41.28 -12.62
CA VAL CA 442 -14.37 40.10 -13.10
C VAL CA 442 -15.06 38.82 -12.66
N LEU CA 443 -15.40 38.72 -11.38
CA LEU CA 443 -15.98 37.50 -10.85
C LEU CA 443 -17.43 37.32 -11.27
N SER CA 444 -18.04 38.34 -11.87
CA SER CA 444 -19.45 38.30 -12.23
C SER CA 444 -19.70 37.83 -13.65
N MET CA 445 -18.68 37.74 -14.49
CA MET CA 445 -18.86 37.34 -15.88
C MET CA 445 -17.96 36.17 -16.24
N ARG CA 446 -18.25 35.57 -17.40
CA ARG CA 446 -17.81 34.22 -17.69
C ARG CA 446 -16.30 34.16 -17.96
N PRO CA 447 -15.66 33.03 -17.65
CA PRO CA 447 -14.24 32.86 -18.02
C PRO CA 447 -14.08 32.77 -19.52
N LEU CA 448 -12.86 33.06 -19.99
CA LEU CA 448 -12.61 33.10 -21.43
C LEU CA 448 -12.56 31.69 -22.03
N ASP CA 449 -11.89 30.76 -21.35
CA ASP CA 449 -11.79 29.39 -21.84
C ASP CA 449 -11.55 28.38 -20.73
N ILE DA 1 29.56 29.44 15.78
CA ILE DA 1 28.90 28.96 14.57
C ILE DA 1 28.60 27.48 14.67
N GLY DA 2 27.32 27.13 14.55
CA GLY DA 2 26.90 25.75 14.67
C GLY DA 2 27.08 25.14 16.05
N THR DA 3 26.70 25.89 17.10
CA THR DA 3 26.80 25.47 18.50
C THR DA 3 28.24 25.12 18.88
N TYR DA 4 29.08 26.15 18.86
CA TYR DA 4 30.47 26.06 19.26
C TYR DA 4 30.80 27.22 20.18
N GLN DA 5 31.88 27.07 20.95
CA GLN DA 5 32.36 28.16 21.78
C GLN DA 5 32.74 29.37 20.93
N GLU DA 6 33.58 29.14 19.91
CA GLU DA 6 33.99 30.17 18.94
C GLU DA 6 34.62 31.38 19.66
N LYS DA 7 35.77 31.12 20.26
CA LYS DA 7 36.49 32.14 21.01
C LYS DA 7 36.78 33.34 20.11
N ARG DA 8 36.41 34.53 20.60
CA ARG DA 8 36.39 35.71 19.76
C ARG DA 8 37.79 36.16 19.39
N THR DA 9 38.00 36.38 18.10
CA THR DA 9 39.25 36.83 17.53
C THR DA 9 39.03 38.20 16.90
N TRP DA 10 40.05 38.70 16.19
CA TRP DA 10 39.90 40.00 15.55
C TRP DA 10 38.92 39.92 14.38
N PHE DA 11 38.78 38.75 13.76
CA PHE DA 11 37.81 38.58 12.67
C PHE DA 11 36.39 38.82 13.16
N ASP DA 12 36.05 38.32 14.34
CA ASP DA 12 34.70 38.51 14.88
C ASP DA 12 34.42 39.98 15.16
N ASP DA 13 35.36 40.68 15.78
CA ASP DA 13 35.15 42.11 16.07
C ASP DA 13 35.09 42.94 14.79
N ALA DA 14 35.95 42.64 13.82
CA ALA DA 14 35.91 43.34 12.55
C ALA DA 14 34.60 43.10 11.82
N ASP DA 15 34.12 41.86 11.82
CA ASP DA 15 32.85 41.54 11.17
C ASP DA 15 31.68 42.20 11.87
N ASP DA 16 31.71 42.25 13.21
CA ASP DA 16 30.64 42.91 13.95
C ASP DA 16 30.63 44.41 13.70
N TRP DA 17 31.81 45.02 13.51
CA TRP DA 17 31.82 46.44 13.18
C TRP DA 17 31.39 46.68 11.74
N LEU DA 18 31.71 45.75 10.84
CA LEU DA 18 31.39 45.95 9.43
C LEU DA 18 29.91 45.73 9.14
N ARG DA 19 29.26 44.83 9.89
CA ARG DA 19 27.82 44.62 9.72
C ARG DA 19 27.05 45.35 10.82
N GLN DA 20 26.79 46.63 10.56
CA GLN DA 20 25.97 47.46 11.44
C GLN DA 20 25.04 48.33 10.60
N ASP DA 21 23.88 48.65 11.17
CA ASP DA 21 22.92 49.50 10.50
C ASP DA 21 23.36 50.97 10.56
N ARG DA 22 23.94 51.45 9.47
CA ARG DA 22 24.48 52.80 9.43
C ARG DA 22 23.77 53.58 8.33
N PHE DA 23 24.22 54.82 8.12
CA PHE DA 23 23.68 55.65 7.04
C PHE DA 23 23.96 55.02 5.69
N VAL DA 24 25.17 54.50 5.50
CA VAL DA 24 25.52 53.70 4.33
C VAL DA 24 26.18 52.42 4.83
N PHE DA 25 25.78 51.29 4.26
CA PHE DA 25 26.34 50.01 4.65
C PHE DA 25 27.77 49.89 4.15
N VAL DA 26 28.64 49.33 4.98
CA VAL DA 26 30.04 49.15 4.59
C VAL DA 26 30.32 47.69 4.27
N GLY DA 27 30.25 46.82 5.27
CA GLY DA 27 30.55 45.41 5.08
C GLY DA 27 32.00 45.12 4.75
N TRP DA 28 32.35 43.83 4.63
CA TRP DA 28 33.71 43.46 4.25
C TRP DA 28 34.05 43.96 2.85
N SER DA 29 33.12 43.83 1.91
CA SER DA 29 33.32 44.34 0.56
C SER DA 29 33.43 45.85 0.51
N GLY DA 30 33.06 46.55 1.59
CA GLY DA 30 33.33 47.97 1.70
C GLY DA 30 34.81 48.29 1.75
N LEU DA 31 35.65 47.30 2.03
CA LEU DA 31 37.09 47.49 1.90
C LEU DA 31 37.49 47.69 0.45
N LEU DA 32 36.69 47.21 -0.50
CA LEU DA 32 36.92 47.40 -1.92
C LEU DA 32 35.97 48.42 -2.53
N LEU DA 33 34.66 48.29 -2.26
CA LEU DA 33 33.67 49.12 -2.94
C LEU DA 33 33.87 50.59 -2.61
N LEU DA 34 33.92 50.94 -1.33
CA LEU DA 34 33.99 52.36 -0.97
C LEU DA 34 35.24 53.06 -1.52
N PRO DA 35 36.47 52.56 -1.32
CA PRO DA 35 37.60 53.28 -1.93
C PRO DA 35 37.65 53.17 -3.44
N CYS DA 36 37.37 51.99 -4.00
CA CYS DA 36 37.46 51.84 -5.45
C CYS DA 36 36.43 52.70 -6.17
N ALA DA 37 35.18 52.72 -5.70
CA ALA DA 37 34.17 53.58 -6.29
C ALA DA 37 34.49 55.05 -6.06
N TYR DA 38 35.10 55.37 -4.90
CA TYR DA 38 35.49 56.74 -4.63
C TYR DA 38 36.50 57.24 -5.65
N PHE DA 39 37.58 56.47 -5.87
CA PHE DA 39 38.56 56.86 -6.88
C PHE DA 39 38.00 56.79 -8.30
N ALA DA 40 37.04 55.90 -8.56
CA ALA DA 40 36.44 55.86 -9.88
C ALA DA 40 35.70 57.16 -10.19
N VAL DA 41 34.80 57.57 -9.30
CA VAL DA 41 34.03 58.78 -9.54
C VAL DA 41 34.93 60.02 -9.46
N GLY DA 42 35.92 60.00 -8.56
CA GLY DA 42 36.82 61.14 -8.44
C GLY DA 42 37.71 61.30 -9.66
N GLY DA 43 38.23 60.19 -10.19
CA GLY DA 43 39.03 60.26 -11.39
C GLY DA 43 38.24 60.71 -12.59
N TRP DA 44 37.00 60.21 -12.73
CA TRP DA 44 36.20 60.64 -13.87
C TRP DA 44 35.83 62.12 -13.77
N LEU DA 45 35.46 62.58 -12.57
CA LEU DA 45 35.08 63.97 -12.40
C LEU DA 45 36.28 64.92 -12.52
N THR DA 46 37.46 64.48 -12.09
CA THR DA 46 38.65 65.30 -12.24
C THR DA 46 39.14 65.33 -13.68
N GLY DA 47 39.13 64.18 -14.36
CA GLY DA 47 39.56 64.15 -15.75
C GLY DA 47 38.61 64.89 -16.67
N CYS DA 48 37.32 64.91 -16.32
CA CYS DA 48 36.40 65.76 -17.05
C CYS DA 48 36.64 67.24 -16.76
N THR DA 49 37.38 67.55 -15.69
CA THR DA 49 37.58 68.93 -15.27
C THR DA 49 38.98 69.46 -15.59
N PHE DA 50 40.03 68.75 -15.19
CA PHE DA 50 41.39 69.25 -15.34
C PHE DA 50 42.27 68.47 -16.30
N VAL DA 51 42.19 67.15 -16.30
CA VAL DA 51 43.09 66.30 -17.08
C VAL DA 51 42.73 66.41 -18.56
N THR DA 52 43.71 66.77 -19.38
CA THR DA 52 43.44 67.09 -20.77
C THR DA 52 43.66 65.90 -21.69
N SER DA 53 43.29 66.09 -22.94
CA SER DA 53 43.52 65.13 -24.01
C SER DA 53 44.30 65.70 -25.17
N TRP DA 54 44.96 66.86 -25.00
CA TRP DA 54 45.78 67.39 -26.08
C TRP DA 54 46.98 66.49 -26.32
N TYR DA 55 47.38 65.74 -25.29
CA TYR DA 55 48.23 64.57 -25.42
C TYR DA 55 47.31 63.36 -25.28
N THR DA 56 47.33 62.51 -26.32
CA THR DA 56 46.81 61.14 -26.54
C THR DA 56 45.95 61.18 -27.78
N HIS DA 57 44.89 61.99 -27.75
CA HIS DA 57 44.00 62.13 -28.89
C HIS DA 57 44.19 63.44 -29.65
N GLY DA 58 44.88 64.41 -29.07
CA GLY DA 58 45.06 65.70 -29.70
C GLY DA 58 43.78 66.50 -29.80
N LEU DA 59 42.96 66.49 -28.75
CA LEU DA 59 41.69 67.20 -28.76
C LEU DA 59 41.32 67.59 -27.34
N ALA DA 60 40.24 68.36 -27.21
CA ALA DA 60 39.86 68.96 -25.94
C ALA DA 60 38.85 68.08 -25.21
N SER DA 61 39.20 67.65 -24.01
CA SER DA 61 38.31 66.83 -23.17
C SER DA 61 38.37 67.28 -21.72
N SER DA 62 38.31 68.58 -21.46
CA SER DA 62 38.40 69.06 -20.09
C SER DA 62 37.53 70.30 -19.93
N TYR DA 63 37.10 70.53 -18.69
CA TYR DA 63 36.24 71.70 -18.41
C TYR DA 63 37.03 73.00 -18.51
N ILE DA 64 38.33 72.96 -18.27
CA ILE DA 64 39.15 74.16 -18.28
C ILE DA 64 39.25 74.83 -19.65
N GLU DA 65 39.06 74.08 -20.74
CA GLU DA 65 39.34 74.60 -22.07
C GLU DA 65 38.12 74.87 -22.95
N GLY DA 66 36.91 74.56 -22.51
CA GLY DA 66 35.75 74.88 -23.31
C GLY DA 66 34.87 73.68 -23.69
N CYS DA 67 34.97 72.61 -22.92
CA CYS DA 67 34.14 71.44 -23.12
C CYS DA 67 33.07 71.37 -22.03
N ASN DA 68 31.84 71.14 -22.47
CA ASN DA 68 30.72 71.03 -21.55
C ASN DA 68 30.73 69.65 -20.89
N PHE DA 69 29.71 69.39 -20.08
CA PHE DA 69 29.56 68.07 -19.48
C PHE DA 69 29.33 67.01 -20.56
N LEU DA 70 28.67 67.41 -21.65
CA LEU DA 70 28.45 66.56 -22.80
C LEU DA 70 29.69 66.39 -23.66
N THR DA 71 30.72 67.17 -23.43
CA THR DA 71 31.89 67.22 -24.30
C THR DA 71 33.17 66.74 -23.63
N ALA DA 72 33.41 67.14 -22.39
CA ALA DA 72 34.61 66.73 -21.69
C ALA DA 72 34.53 65.27 -21.31
N ALA DA 73 35.70 64.64 -21.18
CA ALA DA 73 35.77 63.21 -20.89
C ALA DA 73 37.17 62.87 -20.40
N VAL DA 74 37.26 61.72 -19.74
CA VAL DA 74 38.55 61.12 -19.41
C VAL DA 74 38.96 60.32 -20.64
N SER DA 75 39.90 60.86 -21.40
CA SER DA 75 40.30 60.26 -22.66
C SER DA 75 41.19 59.05 -22.44
N THR DA 76 41.14 58.12 -23.38
CA THR DA 76 41.97 56.95 -23.35
C THR DA 76 43.41 57.29 -23.67
N PRO DA 77 44.36 56.44 -23.28
CA PRO DA 77 45.75 56.64 -23.72
C PRO DA 77 45.95 56.37 -25.20
N ALA DA 78 47.19 56.45 -25.68
CA ALA DA 78 47.44 56.33 -27.10
C ALA DA 78 47.80 54.90 -27.50
N ASN DA 79 47.55 54.59 -28.78
CA ASN DA 79 47.79 53.26 -29.32
C ASN DA 79 49.26 52.87 -29.23
N SER DA 80 50.16 53.83 -29.43
CA SER DA 80 51.59 53.58 -29.31
C SER DA 80 51.99 53.17 -27.90
N LEU DA 81 51.19 53.54 -26.89
CA LEU DA 81 51.49 53.11 -25.53
C LEU DA 81 50.97 51.69 -25.25
N GLY DA 82 50.23 51.11 -26.18
CA GLY DA 82 49.87 49.70 -26.08
C GLY DA 82 48.86 49.44 -24.97
N HIS DA 83 48.84 48.19 -24.49
CA HIS DA 83 47.99 47.78 -23.39
C HIS DA 83 48.67 47.91 -22.04
N SER DA 84 49.62 48.84 -21.92
CA SER DA 84 50.29 49.06 -20.64
C SER DA 84 49.28 49.58 -19.62
N LEU DA 85 49.43 49.13 -18.38
CA LEU DA 85 48.47 49.54 -17.35
C LEU DA 85 48.71 50.97 -16.89
N LEU DA 86 49.84 51.57 -17.26
CA LEU DA 86 50.15 52.98 -16.99
C LEU DA 86 50.13 53.28 -15.50
N PHE DA 87 50.96 52.56 -14.76
CA PHE DA 87 51.11 52.85 -13.34
C PHE DA 87 51.87 54.16 -13.16
N VAL DA 88 51.75 54.74 -11.97
CA VAL DA 88 52.59 55.88 -11.62
C VAL DA 88 54.05 55.45 -11.60
N TRP DA 89 54.30 54.25 -11.08
CA TRP DA 89 55.61 53.63 -11.09
C TRP DA 89 55.90 52.87 -12.38
N GLY DA 90 55.00 52.90 -13.34
CA GLY DA 90 55.23 52.27 -14.63
C GLY DA 90 56.27 53.00 -15.43
N PRO DA 91 56.84 52.32 -16.44
CA PRO DA 91 57.91 52.95 -17.25
C PRO DA 91 57.48 54.18 -18.00
N GLU DA 92 56.18 54.34 -18.28
CA GLU DA 92 55.71 55.53 -18.97
C GLU DA 92 55.70 56.74 -18.04
N ALA DA 93 55.06 56.60 -16.87
CA ALA DA 93 54.94 57.75 -15.97
C ALA DA 93 56.25 58.06 -15.23
N GLN DA 94 56.92 57.03 -14.71
CA GLN DA 94 58.13 57.18 -13.88
C GLN DA 94 57.92 58.11 -12.70
N GLY DA 95 56.75 58.02 -12.07
CA GLY DA 95 56.52 58.73 -10.83
C GLY DA 95 56.25 60.21 -10.95
N ASP DA 96 55.87 60.70 -12.13
CA ASP DA 96 55.50 62.11 -12.29
C ASP DA 96 53.99 62.15 -12.51
N LEU DA 97 53.27 62.68 -11.52
CA LEU DA 97 51.81 62.71 -11.60
C LEU DA 97 51.32 63.69 -12.65
N THR DA 98 51.99 64.84 -12.77
CA THR DA 98 51.60 65.89 -13.72
C THR DA 98 51.62 65.40 -15.15
N ARG DA 99 52.61 64.59 -15.51
CA ARG DA 99 52.75 64.07 -16.86
C ARG DA 99 52.13 62.68 -16.98
N TRP DA 100 51.85 62.05 -15.84
CA TRP DA 100 50.98 60.87 -15.83
C TRP DA 100 49.57 61.22 -16.26
N PHE DA 101 49.04 62.33 -15.74
CA PHE DA 101 47.72 62.77 -16.17
C PHE DA 101 47.72 63.13 -17.65
N GLN DA 102 48.82 63.74 -18.12
CA GLN DA 102 48.86 64.17 -19.51
C GLN DA 102 48.99 62.99 -20.47
N LEU DA 103 49.63 61.89 -20.07
CA LEU DA 103 49.70 60.72 -20.93
C LEU DA 103 48.45 59.85 -20.86
N GLY DA 104 47.46 60.23 -20.07
CA GLY DA 104 46.22 59.49 -20.01
C GLY DA 104 46.23 58.28 -19.10
N GLY DA 105 47.16 58.20 -18.15
CA GLY DA 105 47.14 57.11 -17.19
C GLY DA 105 45.96 57.14 -16.25
N LEU DA 106 45.31 58.30 -16.11
CA LEU DA 106 44.11 58.40 -15.31
C LEU DA 106 43.00 57.53 -15.88
N TRP DA 107 42.97 57.33 -17.20
CA TRP DA 107 41.95 56.46 -17.78
C TRP DA 107 42.11 55.03 -17.28
N ALA DA 108 43.35 54.52 -17.31
CA ALA DA 108 43.59 53.16 -16.81
C ALA DA 108 43.30 53.07 -15.32
N PHE DA 109 43.65 54.12 -14.57
CA PHE DA 109 43.33 54.20 -13.15
C PHE DA 109 41.82 54.06 -12.92
N VAL DA 110 41.03 54.87 -13.63
CA VAL DA 110 39.58 54.87 -13.45
C VAL DA 110 38.98 53.55 -13.92
N ALA DA 111 39.50 52.98 -15.01
CA ALA DA 111 38.95 51.73 -15.53
C ALA DA 111 39.17 50.57 -14.55
N LEU DA 112 40.42 50.42 -14.08
CA LEU DA 112 40.71 49.34 -13.14
C LEU DA 112 39.97 49.51 -11.82
N HIS DA 113 39.95 50.75 -11.29
CA HIS DA 113 39.24 50.98 -10.04
C HIS DA 113 37.74 50.85 -10.19
N GLY DA 114 37.19 51.20 -11.35
CA GLY DA 114 35.77 51.00 -11.58
C GLY DA 114 35.42 49.53 -11.66
N ALA DA 115 36.29 48.74 -12.29
CA ALA DA 115 36.08 47.29 -12.33
C ALA DA 115 36.08 46.72 -10.91
N PHE DA 116 37.07 47.08 -10.10
CA PHE DA 116 37.15 46.54 -8.76
C PHE DA 116 36.02 47.08 -7.87
N GLY DA 117 35.56 48.30 -8.14
CA GLY DA 117 34.40 48.82 -7.42
C GLY DA 117 33.13 48.07 -7.78
N LEU DA 118 33.00 47.67 -9.05
CA LEU DA 118 31.87 46.84 -9.46
C LEU DA 118 31.90 45.50 -8.73
N ILE DA 119 33.08 44.89 -8.67
CA ILE DA 119 33.27 43.63 -7.95
C ILE DA 119 32.85 43.81 -6.49
N GLY DA 120 33.35 44.88 -5.86
CA GLY DA 120 33.02 45.12 -4.46
C GLY DA 120 31.57 45.40 -4.21
N PHE DA 121 30.90 46.13 -5.11
CA PHE DA 121 29.50 46.47 -4.89
C PHE DA 121 28.61 45.25 -5.05
N MET DA 122 28.90 44.41 -6.04
CA MET DA 122 27.96 43.30 -6.19
C MET DA 122 28.30 42.19 -5.18
N LEU DA 123 29.56 42.13 -4.74
CA LEU DA 123 29.89 41.41 -3.51
C LEU DA 123 29.12 41.96 -2.33
N ARG DA 124 28.89 43.28 -2.31
CA ARG DA 124 28.13 43.86 -1.22
C ARG DA 124 26.67 43.46 -1.30
N GLN DA 125 26.15 43.25 -2.51
CA GLN DA 125 24.79 42.73 -2.56
C GLN DA 125 24.74 41.32 -1.99
N PHE DA 126 25.79 40.51 -2.22
CA PHE DA 126 25.91 39.25 -1.47
C PHE DA 126 25.95 39.48 0.03
N GLU DA 127 26.75 40.44 0.48
CA GLU DA 127 26.92 40.66 1.92
C GLU DA 127 25.63 41.11 2.58
N ILE DA 128 24.89 42.02 1.94
CA ILE DA 128 23.60 42.45 2.47
C ILE DA 128 22.59 41.32 2.42
N ALA DA 129 22.50 40.61 1.29
CA ALA DA 129 21.53 39.52 1.18
C ALA DA 129 21.82 38.40 2.17
N ARG DA 130 23.07 38.27 2.60
CA ARG DA 130 23.38 37.29 3.64
C ARG DA 130 23.12 37.88 5.03
N SER DA 131 23.32 39.19 5.20
CA SER DA 131 23.07 39.82 6.49
C SER DA 131 21.60 39.76 6.86
N VAL DA 132 20.71 39.97 5.89
CA VAL DA 132 19.28 39.92 6.16
C VAL DA 132 18.56 38.81 5.38
N ASN DA 133 19.30 37.81 4.90
CA ASN DA 133 18.80 36.45 4.68
C ASN DA 133 17.68 36.32 3.64
N LEU DA 134 18.00 36.66 2.38
CA LEU DA 134 17.19 36.30 1.22
C LEU DA 134 18.10 36.04 0.03
N ARG DA 135 17.49 35.52 -1.04
CA ARG DA 135 18.25 35.10 -2.21
C ARG DA 135 18.89 36.31 -2.91
N PRO DA 136 20.12 36.16 -3.43
CA PRO DA 136 20.85 37.27 -4.03
C PRO DA 136 20.56 37.49 -5.52
N TYR DA 137 19.28 37.41 -5.88
CA TYR DA 137 18.89 37.64 -7.27
C TYR DA 137 19.21 39.06 -7.73
N ASN DA 138 19.42 40.00 -6.80
CA ASN DA 138 20.00 41.28 -7.18
C ASN DA 138 21.40 41.10 -7.73
N ALA DA 139 22.19 40.22 -7.11
CA ALA DA 139 23.53 39.95 -7.62
C ALA DA 139 23.49 39.23 -8.96
N ILE DA 140 22.62 38.23 -9.10
CA ILE DA 140 22.51 37.57 -10.42
C ILE DA 140 22.03 38.56 -11.48
N ALA DA 141 21.16 39.50 -11.11
CA ALA DA 141 20.71 40.51 -12.07
C ALA DA 141 21.84 41.45 -12.46
N PHE DA 142 22.64 41.90 -11.48
CA PHE DA 142 23.68 42.87 -11.78
C PHE DA 142 24.90 42.18 -12.39
N SER DA 143 24.88 40.85 -12.45
CA SER DA 143 25.95 40.12 -13.12
C SER DA 143 26.04 40.49 -14.60
N ALA DA 144 24.97 40.97 -15.20
CA ALA DA 144 25.01 41.33 -16.62
C ALA DA 144 25.69 42.68 -16.88
N PRO DA 145 25.39 43.78 -16.16
CA PRO DA 145 26.13 45.02 -16.44
C PRO DA 145 27.63 44.95 -16.21
N ILE DA 146 28.09 44.18 -15.23
CA ILE DA 146 29.54 44.07 -15.04
C ILE DA 146 30.16 43.25 -16.17
N ALA DA 147 29.43 42.30 -16.73
CA ALA DA 147 29.91 41.59 -17.91
C ALA DA 147 29.98 42.54 -19.10
N VAL DA 148 29.02 43.45 -19.21
CA VAL DA 148 29.07 44.49 -20.23
C VAL DA 148 30.31 45.37 -20.03
N PHE DA 149 30.59 45.75 -18.79
CA PHE DA 149 31.75 46.59 -18.51
C PHE DA 149 33.03 45.87 -18.89
N VAL DA 150 33.13 44.58 -18.54
CA VAL DA 150 34.32 43.80 -18.86
C VAL DA 150 34.49 43.69 -20.37
N SER DA 151 33.43 43.31 -21.09
CA SER DA 151 33.51 43.11 -22.54
C SER DA 151 33.81 44.41 -23.28
N VAL DA 152 33.23 45.53 -22.85
CA VAL DA 152 33.38 46.78 -23.58
C VAL DA 152 34.67 47.49 -23.21
N PHE DA 153 34.94 47.70 -21.92
CA PHE DA 153 36.09 48.48 -21.51
C PHE DA 153 37.36 47.67 -21.34
N LEU DA 154 37.29 46.34 -21.32
CA LEU DA 154 38.49 45.53 -21.16
C LEU DA 154 38.72 44.60 -22.34
N ILE DA 155 37.74 43.76 -22.69
CA ILE DA 155 37.97 42.70 -23.66
C ILE DA 155 38.17 43.25 -25.06
N TYR DA 156 37.34 44.21 -25.47
CA TYR DA 156 37.53 44.81 -26.80
C TYR DA 156 38.86 45.55 -26.95
N PRO DA 157 39.28 46.44 -26.03
CA PRO DA 157 40.62 47.04 -26.21
C PRO DA 157 41.75 46.04 -26.07
N LEU DA 158 41.56 44.99 -25.26
CA LEU DA 158 42.59 43.95 -25.18
C LEU DA 158 42.74 43.22 -26.50
N GLY DA 159 41.62 42.94 -27.18
CA GLY DA 159 41.69 42.32 -28.49
C GLY DA 159 42.19 43.25 -29.57
N GLN DA 160 41.99 44.55 -29.41
CA GLN DA 160 42.48 45.50 -30.39
C GLN DA 160 43.93 45.86 -30.09
N SER DA 161 44.45 46.88 -30.77
CA SER DA 161 45.86 47.22 -30.64
C SER DA 161 46.17 47.92 -29.32
N GLY DA 162 45.18 48.46 -28.64
CA GLY DA 162 45.47 49.11 -27.38
C GLY DA 162 44.28 49.86 -26.82
N TRP DA 163 44.49 50.41 -25.62
CA TRP DA 163 43.45 51.10 -24.87
C TRP DA 163 42.91 52.31 -25.60
N PHE DA 164 43.63 52.81 -26.62
CA PHE DA 164 43.13 53.91 -27.44
C PHE DA 164 41.80 53.58 -28.07
N PHE DA 165 41.59 52.32 -28.43
CA PHE DA 165 40.31 51.91 -29.02
C PHE DA 165 39.27 51.58 -27.96
N ALA DA 166 39.65 51.67 -26.69
CA ALA DA 166 38.74 51.55 -25.56
C ALA DA 166 37.83 52.76 -25.50
N PRO DA 167 36.66 52.64 -24.86
CA PRO DA 167 35.78 53.81 -24.72
C PRO DA 167 36.32 54.77 -23.67
N SER DA 168 36.55 56.01 -24.08
CA SER DA 168 36.91 57.04 -23.12
C SER DA 168 35.70 57.36 -22.25
N PHE DA 169 35.96 57.64 -20.98
CA PHE DA 169 34.86 57.83 -20.03
C PHE DA 169 34.26 59.22 -20.21
N GLY DA 170 33.09 59.28 -20.86
CA GLY DA 170 32.43 60.55 -21.07
C GLY DA 170 31.13 60.42 -21.79
N VAL DA 171 30.66 61.50 -22.43
CA VAL DA 171 29.41 61.52 -23.16
C VAL DA 171 29.66 61.51 -24.67
N ALA DA 172 30.33 62.54 -25.19
CA ALA DA 172 30.69 62.54 -26.60
C ALA DA 172 31.73 61.47 -26.90
N SER DA 173 32.51 61.06 -25.90
CA SER DA 173 33.46 59.97 -26.10
C SER DA 173 32.75 58.65 -26.37
N ILE DA 174 31.75 58.33 -25.56
CA ILE DA 174 30.95 57.13 -25.80
C ILE DA 174 30.18 57.26 -27.12
N PHE DA 175 29.80 58.49 -27.47
CA PHE DA 175 29.16 58.71 -28.77
C PHE DA 175 30.11 58.38 -29.92
N ARG DA 176 31.37 58.81 -29.80
CA ARG DA 176 32.37 58.47 -30.80
C ARG DA 176 32.59 56.96 -30.87
N PHE DA 177 32.62 56.31 -29.70
CA PHE DA 177 32.77 54.86 -29.65
C PHE DA 177 31.63 54.14 -30.37
N ILE DA 178 30.41 54.63 -30.16
CA ILE DA 178 29.24 54.08 -30.82
C ILE DA 178 29.34 54.25 -32.33
N LEU DA 179 29.70 55.45 -32.78
CA LEU DA 179 29.84 55.70 -34.20
C LEU DA 179 30.99 54.90 -34.80
N PHE DA 180 32.04 54.66 -34.01
CA PHE DA 180 33.16 53.85 -34.44
C PHE DA 180 32.74 52.42 -34.69
N PHE DA 181 31.93 51.85 -33.78
CA PHE DA 181 31.46 50.49 -34.01
C PHE DA 181 30.46 50.44 -35.16
N GLN DA 182 29.74 51.52 -35.41
CA GLN DA 182 28.87 51.55 -36.58
C GLN DA 182 29.69 51.54 -37.87
N GLY DA 183 30.66 52.44 -37.98
CA GLY DA 183 31.43 52.56 -39.20
C GLY DA 183 32.34 51.39 -39.48
N PHE DA 184 32.96 50.85 -38.43
CA PHE DA 184 34.00 49.85 -38.63
C PHE DA 184 33.52 48.42 -38.38
N HIS DA 185 32.55 48.22 -37.47
CA HIS DA 185 32.13 46.89 -37.10
C HIS DA 185 30.76 46.49 -37.61
N ASN DA 186 29.97 47.43 -38.14
CA ASN DA 186 28.58 47.21 -38.51
C ASN DA 186 27.80 46.59 -37.36
N TRP DA 187 27.87 47.26 -36.21
CA TRP DA 187 27.42 46.66 -34.96
C TRP DA 187 25.90 46.53 -34.88
N THR DA 188 25.16 47.31 -35.67
CA THR DA 188 23.72 47.10 -35.74
C THR DA 188 23.36 45.75 -36.33
N LEU DA 189 24.12 45.29 -37.32
CA LEU DA 189 23.77 44.08 -38.05
C LEU DA 189 24.10 42.80 -37.28
N ASN DA 190 24.90 42.88 -36.23
CA ASN DA 190 25.31 41.68 -35.51
C ASN DA 190 24.12 41.13 -34.71
N PRO DA 191 23.76 39.86 -34.89
CA PRO DA 191 22.60 39.30 -34.19
C PRO DA 191 22.68 39.35 -32.68
N PHE DA 192 23.88 39.29 -32.10
CA PHE DA 192 24.01 39.39 -30.65
C PHE DA 192 23.64 40.79 -30.19
N HIS DA 193 24.02 41.82 -30.94
CA HIS DA 193 23.54 43.15 -30.64
C HIS DA 193 22.04 43.25 -30.83
N MET DA 194 21.49 42.56 -31.84
CA MET DA 194 20.04 42.56 -32.04
C MET DA 194 19.31 41.95 -30.85
N MET DA 195 19.83 40.84 -30.31
CA MET DA 195 19.23 40.25 -29.13
C MET DA 195 19.42 41.12 -27.90
N GLY DA 196 20.52 41.86 -27.83
CA GLY DA 196 20.66 42.83 -26.74
C GLY DA 196 19.66 43.95 -26.80
N VAL DA 197 19.43 44.50 -28.00
CA VAL DA 197 18.41 45.51 -28.21
C VAL DA 197 17.04 44.96 -27.86
N ALA DA 198 16.74 43.74 -28.31
CA ALA DA 198 15.45 43.13 -28.00
C ALA DA 198 15.27 42.94 -26.50
N GLY DA 199 16.33 42.49 -25.82
CA GLY DA 199 16.23 42.29 -24.38
C GLY DA 199 15.99 43.57 -23.61
N VAL DA 200 16.72 44.63 -23.96
CA VAL DA 200 16.57 45.88 -23.23
C VAL DA 200 15.23 46.56 -23.56
N LEU DA 201 14.82 46.53 -24.83
CA LEU DA 201 13.52 47.11 -25.17
C LEU DA 201 12.37 46.33 -24.55
N GLY DA 202 12.48 45.00 -24.51
CA GLY DA 202 11.49 44.21 -23.81
C GLY DA 202 11.49 44.44 -22.31
N ALA DA 203 12.67 44.72 -21.74
CA ALA DA 203 12.75 45.02 -20.32
C ALA DA 203 12.08 46.35 -19.99
N ALA DA 204 12.31 47.38 -20.81
CA ALA DA 204 11.62 48.65 -20.62
C ALA DA 204 10.12 48.50 -20.82
N LEU DA 205 9.73 47.71 -21.84
CA LEU DA 205 8.34 47.31 -22.03
C LEU DA 205 7.75 46.70 -20.77
N LEU DA 206 8.44 45.72 -20.19
CA LEU DA 206 7.90 45.01 -19.04
C LEU DA 206 7.82 45.92 -17.82
N CYS DA 207 8.82 46.76 -17.62
CA CYS DA 207 8.80 47.71 -16.51
C CYS DA 207 7.60 48.65 -16.60
N ALA DA 208 7.40 49.24 -17.79
CA ALA DA 208 6.30 50.18 -17.97
C ALA DA 208 4.95 49.48 -17.84
N ILE DA 209 4.79 48.32 -18.48
CA ILE DA 209 3.50 47.65 -18.48
C ILE DA 209 3.16 47.12 -17.09
N HIS DA 210 4.17 46.65 -16.34
CA HIS DA 210 3.92 46.11 -15.01
C HIS DA 210 3.59 47.22 -14.03
N GLY DA 211 4.32 48.33 -14.09
CA GLY DA 211 4.00 49.46 -13.23
C GLY DA 211 2.61 50.02 -13.51
N ALA DA 212 2.26 50.18 -14.78
CA ALA DA 212 0.96 50.70 -15.13
C ALA DA 212 -0.16 49.74 -14.72
N THR DA 213 0.04 48.44 -14.93
CA THR DA 213 -0.98 47.46 -14.58
C THR DA 213 -1.23 47.41 -13.08
N VAL DA 214 -0.16 47.41 -12.29
CA VAL DA 214 -0.31 47.45 -10.84
C VAL DA 214 -1.01 48.74 -10.42
N GLU DA 215 -0.59 49.87 -10.99
CA GLU DA 215 -1.19 51.15 -10.62
C GLU DA 215 -2.65 51.27 -11.01
N ASN DA 216 -3.10 50.57 -12.06
CA ASN DA 216 -4.49 50.64 -12.44
C ASN DA 216 -5.31 49.47 -11.92
N THR DA 217 -4.73 48.59 -11.11
CA THR DA 217 -5.49 47.56 -10.43
C THR DA 217 -5.46 47.72 -8.91
N LEU DA 218 -5.17 48.93 -8.41
CA LEU DA 218 -4.87 49.17 -6.99
C LEU DA 218 -6.04 49.08 -6.03
N PHE DA 219 -7.21 48.58 -6.44
CA PHE DA 219 -8.37 48.42 -5.55
C PHE DA 219 -8.86 49.75 -5.00
N GLU DA 220 -9.88 49.74 -4.13
CA GLU DA 220 -10.34 50.99 -3.54
C GLU DA 220 -9.47 51.36 -2.33
N ASP DA 221 -9.50 50.52 -1.29
CA ASP DA 221 -8.63 50.60 -0.12
C ASP DA 221 -8.69 51.94 0.62
N GLY DA 222 -9.82 52.62 0.58
CA GLY DA 222 -9.95 53.87 1.29
C GLY DA 222 -11.04 54.74 0.70
N ASP DA 223 -11.15 55.95 1.24
CA ASP DA 223 -12.10 56.93 0.77
C ASP DA 223 -11.46 58.17 0.15
N GLY DA 224 -10.21 58.47 0.49
CA GLY DA 224 -9.51 59.53 -0.20
C GLY DA 224 -9.11 59.12 -1.60
N ALA DA 225 -9.15 60.08 -2.52
CA ALA DA 225 -8.83 59.76 -3.91
C ALA DA 225 -7.35 59.60 -4.15
N ASN DA 226 -6.50 60.07 -3.23
CA ASN DA 226 -5.06 59.82 -3.32
C ASN DA 226 -4.84 58.35 -2.99
N THR DA 227 -4.63 57.54 -4.02
CA THR DA 227 -4.53 56.11 -3.81
C THR DA 227 -3.23 55.67 -3.15
N PHE DA 228 -2.18 56.49 -3.22
CA PHE DA 228 -0.91 56.12 -2.59
C PHE DA 228 -1.05 56.04 -1.08
N ARG DA 229 -1.79 56.96 -0.48
CA ARG DA 229 -2.11 56.87 0.94
C ARG DA 229 -3.11 55.76 1.25
N ALA DA 230 -3.81 55.25 0.23
CA ALA DA 230 -4.74 54.15 0.42
C ALA DA 230 -4.03 52.82 0.66
N PHE DA 231 -2.72 52.76 0.47
CA PHE DA 231 -1.94 51.57 0.71
C PHE DA 231 -1.50 51.53 2.17
N ASN DA 232 -1.43 50.32 2.72
CA ASN DA 232 -0.97 50.11 4.10
C ASN DA 232 0.12 49.06 4.08
N PRO DA 233 1.34 49.39 4.52
CA PRO DA 233 2.38 48.36 4.61
C PRO DA 233 2.08 47.27 5.63
N THR DA 234 1.15 47.52 6.56
CA THR DA 234 0.81 46.50 7.56
C THR DA 234 -0.07 45.41 6.98
N GLN DA 235 -0.99 45.75 6.09
CA GLN DA 235 -1.96 44.78 5.58
C GLN DA 235 -1.28 43.71 4.74
N ALA DA 236 -1.83 42.50 4.81
CA ALA DA 236 -1.28 41.33 4.12
C ALA DA 236 -1.97 41.03 2.80
N GLU DA 237 -2.95 41.83 2.41
CA GLU DA 237 -3.66 41.62 1.15
C GLU DA 237 -2.86 42.21 0.00
N GLU DA 238 -3.09 41.67 -1.19
CA GLU DA 238 -2.43 42.17 -2.39
C GLU DA 238 -2.90 43.58 -2.68
N THR DA 239 -1.96 44.43 -3.10
CA THR DA 239 -2.31 45.79 -3.44
C THR DA 239 -3.00 45.88 -4.80
N TYR DA 240 -3.00 44.81 -5.60
CA TYR DA 240 -3.59 44.88 -6.91
C TYR DA 240 -4.31 43.57 -7.23
N SER DA 241 -5.30 43.68 -8.11
CA SER DA 241 -6.12 42.54 -8.51
C SER DA 241 -5.46 41.87 -9.70
N MET DA 242 -4.71 40.80 -9.43
CA MET DA 242 -4.00 40.15 -10.52
C MET DA 242 -4.97 39.36 -11.40
N VAL DA 243 -6.13 38.98 -10.85
CA VAL DA 243 -7.17 38.34 -11.66
C VAL DA 243 -7.69 39.31 -12.72
N THR DA 244 -8.01 40.53 -12.28
CA THR DA 244 -8.47 41.57 -13.18
C THR DA 244 -7.41 41.90 -14.21
N ALA DA 245 -6.15 41.98 -13.78
CA ALA DA 245 -5.05 42.26 -14.70
C ALA DA 245 -4.88 41.15 -15.74
N ASN DA 246 -4.95 39.89 -15.30
CA ASN DA 246 -4.78 38.77 -16.21
C ASN DA 246 -5.90 38.71 -17.24
N ARG DA 247 -7.15 38.92 -16.81
CA ARG DA 247 -8.23 38.86 -17.79
C ARG DA 247 -8.18 40.07 -18.72
N PHE DA 248 -7.70 41.21 -18.22
CA PHE DA 248 -7.53 42.39 -19.05
C PHE DA 248 -6.54 42.15 -20.18
N TRP DA 249 -5.32 41.69 -19.84
CA TRP DA 249 -4.36 41.46 -20.91
C TRP DA 249 -4.67 40.20 -21.70
N SER DA 250 -5.49 39.30 -21.17
CA SER DA 250 -5.92 38.15 -21.94
C SER DA 250 -6.91 38.56 -23.02
N GLN DA 251 -7.71 39.61 -22.76
CA GLN DA 251 -8.62 40.08 -23.80
C GLN DA 251 -8.02 41.18 -24.66
N ILE DA 252 -6.96 41.86 -24.23
CA ILE DA 252 -6.31 42.85 -25.07
C ILE DA 252 -5.22 42.20 -25.91
N PHE DA 253 -4.18 41.68 -25.24
CA PHE DA 253 -3.03 41.14 -25.94
C PHE DA 253 -3.18 39.66 -26.29
N GLY DA 254 -4.24 39.01 -25.83
CA GLY DA 254 -4.42 37.60 -26.07
C GLY DA 254 -3.85 36.74 -24.96
N VAL DA 255 -2.59 36.94 -24.64
CA VAL DA 255 -1.90 36.15 -23.63
C VAL DA 255 -1.47 37.08 -22.50
N ALA DA 256 -1.61 36.59 -21.26
CA ALA DA 256 -1.31 37.39 -20.08
C ALA DA 256 -0.60 36.54 -19.06
N PHE DA 257 0.06 37.21 -18.12
CA PHE DA 257 0.73 36.52 -17.02
C PHE DA 257 -0.30 36.01 -16.02
N SER DA 258 -0.11 34.79 -15.55
CA SER DA 258 -0.98 34.19 -14.55
C SER DA 258 -0.30 33.90 -13.23
N ASN DA 259 1.03 33.94 -13.18
CA ASN DA 259 1.77 33.77 -11.93
C ASN DA 259 2.77 34.89 -11.81
N LYS DA 260 2.69 35.65 -10.71
CA LYS DA 260 3.56 36.82 -10.59
C LYS DA 260 4.99 36.42 -10.33
N ARG DA 261 5.24 35.20 -9.83
CA ARG DA 261 6.59 34.68 -9.78
C ARG DA 261 7.18 34.58 -11.19
N TRP DA 262 6.38 34.09 -12.15
CA TRP DA 262 6.84 34.00 -13.52
C TRP DA 262 6.98 35.39 -14.15
N LEU DA 263 6.06 36.30 -13.82
CA LEU DA 263 6.14 37.67 -14.30
C LEU DA 263 7.44 38.34 -13.87
N HIS DA 264 7.72 38.30 -12.58
CA HIS DA 264 8.88 39.00 -12.06
C HIS DA 264 10.18 38.30 -12.42
N PHE DA 265 10.17 36.98 -12.51
CA PHE DA 265 11.35 36.29 -13.02
C PHE DA 265 11.60 36.62 -14.48
N PHE DA 266 10.54 36.78 -15.27
CA PHE DA 266 10.73 37.11 -16.68
C PHE DA 266 11.25 38.53 -16.87
N MET DA 267 10.78 39.47 -16.04
CA MET DA 267 11.26 40.84 -16.15
C MET DA 267 12.64 40.98 -15.52
N LEU DA 268 13.06 40.01 -14.70
CA LEU DA 268 14.48 39.88 -14.35
C LEU DA 268 15.27 39.28 -15.51
N PHE DA 269 14.65 38.36 -16.24
CA PHE DA 269 15.33 37.57 -17.25
C PHE DA 269 15.69 38.41 -18.47
N VAL DA 270 14.74 39.21 -18.97
CA VAL DA 270 14.94 39.89 -20.25
C VAL DA 270 16.14 40.84 -20.29
N PRO DA 271 16.37 41.73 -19.29
CA PRO DA 271 17.53 42.62 -19.47
C PRO DA 271 18.85 41.91 -19.23
N VAL DA 272 18.90 40.95 -18.30
CA VAL DA 272 20.12 40.20 -18.06
C VAL DA 272 20.49 39.38 -19.28
N THR DA 273 19.50 38.72 -19.88
CA THR DA 273 19.75 37.95 -21.10
C THR DA 273 20.22 38.85 -22.23
N GLY DA 274 19.56 39.99 -22.42
CA GLY DA 274 19.95 40.90 -23.50
C GLY DA 274 21.36 41.43 -23.34
N LEU DA 275 21.69 41.87 -22.11
CA LEU DA 275 23.04 42.37 -21.86
C LEU DA 275 24.09 41.27 -22.01
N TRP DA 276 23.77 40.05 -21.60
CA TRP DA 276 24.74 38.97 -21.73
C TRP DA 276 24.99 38.63 -23.20
N MET DA 277 23.93 38.57 -24.01
CA MET DA 277 24.11 38.29 -25.43
C MET DA 277 24.88 39.41 -26.12
N SER DA 278 24.59 40.67 -25.77
CA SER DA 278 25.33 41.77 -26.38
C SER DA 278 26.78 41.79 -25.91
N ALA DA 279 27.02 41.34 -24.68
CA ALA DA 279 28.39 41.19 -24.20
C ALA DA 279 29.14 40.14 -25.00
N LEU DA 280 28.48 39.02 -25.32
CA LEU DA 280 29.10 38.02 -26.19
C LEU DA 280 29.36 38.60 -27.58
N GLY DA 281 28.47 39.45 -28.06
CA GLY DA 281 28.71 40.12 -29.33
C GLY DA 281 29.94 41.01 -29.31
N VAL DA 282 30.11 41.78 -28.24
CA VAL DA 282 31.31 42.62 -28.13
C VAL DA 282 32.56 41.77 -27.96
N VAL DA 283 32.44 40.61 -27.28
CA VAL DA 283 33.54 39.64 -27.25
C VAL DA 283 33.91 39.21 -28.67
N GLY DA 284 32.90 38.98 -29.50
CA GLY DA 284 33.17 38.66 -30.90
C GLY DA 284 33.86 39.79 -31.64
N LEU DA 285 33.41 41.03 -31.40
CA LEU DA 285 34.03 42.18 -32.08
C LEU DA 285 35.43 42.47 -31.58
N ALA DA 286 35.80 41.94 -30.41
CA ALA DA 286 37.14 42.19 -29.87
C ALA DA 286 38.23 41.64 -30.79
N LEU DA 287 37.92 40.60 -31.55
CA LEU DA 287 38.89 39.97 -32.45
C LEU DA 287 38.64 40.34 -33.91
N ASN DA 288 37.97 41.48 -34.14
CA ASN DA 288 37.58 41.97 -35.46
C ASN DA 288 36.67 41.00 -36.20
N LEU DA 289 36.02 40.10 -35.48
CA LEU DA 289 34.97 39.27 -36.05
C LEU DA 289 33.70 40.12 -36.04
N ARG DA 290 33.26 40.49 -37.23
CA ARG DA 290 32.07 41.32 -37.38
C ARG DA 290 31.12 40.71 -38.40
N ALA DA 291 29.82 40.89 -38.14
CA ALA DA 291 28.78 40.54 -39.10
C ALA DA 291 28.66 41.66 -40.13
N TYR DA 292 29.54 41.62 -41.11
CA TYR DA 292 29.66 42.73 -42.06
C TYR DA 292 29.04 42.39 -43.40
N ASP DA 293 29.36 41.24 -43.96
CA ASP DA 293 28.98 40.93 -45.31
C ASP DA 293 27.94 39.82 -45.36
N PHE DA 294 27.05 39.94 -46.35
CA PHE DA 294 26.08 38.91 -46.71
C PHE DA 294 26.45 38.48 -48.12
N VAL DA 295 27.23 37.40 -48.20
CA VAL DA 295 28.00 37.10 -49.41
C VAL DA 295 27.10 36.96 -50.62
N SER DA 296 25.91 36.38 -50.45
CA SER DA 296 24.94 36.33 -51.55
C SER DA 296 24.56 37.73 -52.00
N GLN DA 297 24.37 38.64 -51.06
CA GLN DA 297 23.97 40.01 -51.40
C GLN DA 297 25.07 40.73 -52.15
N GLU DA 298 26.33 40.63 -51.69
CA GLU DA 298 27.40 41.28 -52.46
C GLU DA 298 27.65 40.61 -53.81
N ILE DA 299 27.52 39.29 -53.90
CA ILE DA 299 27.72 38.63 -55.20
C ILE DA 299 26.65 39.07 -56.19
N ARG DA 300 25.38 39.08 -55.78
CA ARG DA 300 24.32 39.43 -56.72
C ARG DA 300 24.32 40.92 -57.04
N ALA DA 301 24.73 41.76 -56.07
CA ALA DA 301 24.89 43.18 -56.37
C ALA DA 301 26.11 43.45 -57.24
N ALA DA 302 27.11 42.59 -57.18
CA ALA DA 302 28.27 42.74 -58.06
C ALA DA 302 27.94 42.33 -59.49
N GLU DA 303 27.23 41.21 -59.67
CA GLU DA 303 26.90 40.79 -61.03
C GLU DA 303 25.73 41.57 -61.61
N ASP DA 304 24.95 42.25 -60.79
CA ASP DA 304 23.82 43.04 -61.27
C ASP DA 304 23.89 44.45 -60.68
N PRO DA 305 24.27 45.46 -61.46
CA PRO DA 305 24.23 46.85 -60.97
C PRO DA 305 22.83 47.38 -60.68
N GLU DA 306 21.77 46.60 -60.88
CA GLU DA 306 20.41 47.07 -60.65
C GLU DA 306 19.87 46.70 -59.29
N PHE DA 307 20.35 45.62 -58.69
CA PHE DA 307 19.88 45.18 -57.38
C PHE DA 307 20.53 46.02 -56.30
N GLU DA 308 19.74 46.48 -55.34
CA GLU DA 308 20.25 47.16 -54.15
C GLU DA 308 19.26 47.03 -53.01
N THR DA 309 19.78 47.18 -51.79
CA THR DA 309 18.99 47.12 -50.57
C THR DA 309 19.40 48.26 -49.64
N PHE DA 310 18.58 48.49 -48.62
CA PHE DA 310 18.99 49.37 -47.53
C PHE DA 310 20.24 48.85 -46.85
N TYR DA 311 20.41 47.53 -46.84
CA TYR DA 311 21.66 46.93 -46.40
C TYR DA 311 22.85 47.38 -47.25
N THR DA 312 22.70 47.38 -48.58
CA THR DA 312 23.79 47.83 -49.44
C THR DA 312 24.09 49.30 -49.21
N LYS DA 313 23.04 50.12 -49.06
CA LYS DA 313 23.22 51.52 -48.71
C LYS DA 313 23.96 51.66 -47.38
N ASN DA 314 23.64 50.81 -46.41
CA ASN DA 314 24.28 50.87 -45.10
C ASN DA 314 25.75 50.47 -45.17
N ILE DA 315 26.08 49.48 -46.00
CA ILE DA 315 27.48 49.08 -46.15
C ILE DA 315 28.30 50.21 -46.76
N LEU DA 316 27.78 50.81 -47.84
CA LEU DA 316 28.48 51.92 -48.49
C LEU DA 316 28.60 53.11 -47.55
N LEU DA 317 27.56 53.34 -46.75
CA LEU DA 317 27.57 54.41 -45.77
C LEU DA 317 28.57 54.13 -44.65
N ASN DA 318 28.77 52.86 -44.30
CA ASN DA 318 29.82 52.48 -43.37
C ASN DA 318 31.20 52.80 -43.93
N GLU DA 319 31.39 52.54 -45.23
CA GLU DA 319 32.66 52.93 -45.86
C GLU DA 319 32.87 54.43 -45.77
N GLY DA 320 31.80 55.19 -45.96
CA GLY DA 320 31.90 56.64 -45.81
C GLY DA 320 32.29 57.06 -44.41
N ILE DA 321 31.68 56.45 -43.40
CA ILE DA 321 32.02 56.76 -42.00
C ILE DA 321 33.49 56.47 -41.74
N ARG DA 322 33.95 55.29 -42.17
CA ARG DA 322 35.34 54.90 -41.97
C ARG DA 322 36.30 55.89 -42.62
N ALA DA 323 36.08 56.17 -43.91
CA ALA DA 323 36.99 57.01 -44.67
C ALA DA 323 37.05 58.44 -44.14
N TRP DA 324 35.90 59.02 -43.81
CA TRP DA 324 35.92 60.41 -43.38
C TRP DA 324 36.23 60.59 -41.89
N MET DA 325 36.16 59.54 -41.09
CA MET DA 325 36.36 59.70 -39.66
C MET DA 325 37.73 59.25 -39.17
N ALA DA 326 38.26 58.15 -39.72
CA ALA DA 326 39.52 57.60 -39.20
C ALA DA 326 40.69 58.54 -39.41
N ALA DA 327 40.57 59.49 -40.34
CA ALA DA 327 41.67 60.40 -40.68
C ALA DA 327 42.12 61.20 -39.47
N GLN DA 328 41.19 61.75 -38.70
CA GLN DA 328 41.59 62.40 -37.46
C GLN DA 328 41.32 61.54 -36.24
N ASP DA 329 40.45 60.52 -36.35
CA ASP DA 329 40.16 59.67 -35.21
C ASP DA 329 41.36 58.82 -34.82
N GLN DA 330 42.19 58.44 -35.79
CA GLN DA 330 43.39 57.64 -35.54
C GLN DA 330 44.61 58.48 -35.90
N PRO DA 331 45.11 59.32 -34.99
CA PRO DA 331 46.28 60.15 -35.30
C PRO DA 331 47.55 59.35 -35.53
N HIS DA 332 47.69 58.19 -34.90
CA HIS DA 332 48.90 57.39 -35.05
C HIS DA 332 49.02 56.80 -36.46
N GLU DA 333 47.94 56.86 -37.25
CA GLU DA 333 47.96 56.28 -38.58
C GLU DA 333 48.43 57.26 -39.66
N LYS DA 334 48.64 58.54 -39.32
CA LYS DA 334 49.16 59.56 -40.23
C LYS DA 334 48.33 59.66 -41.52
N LEU DA 335 47.02 59.54 -41.37
CA LEU DA 335 46.13 59.43 -42.54
C LEU DA 335 45.95 60.79 -43.18
N THR DA 336 46.88 61.15 -44.06
CA THR DA 336 46.79 62.36 -44.85
C THR DA 336 46.13 62.08 -46.20
N LEU DA 337 44.95 61.45 -46.15
CA LEU DA 337 44.27 61.07 -47.37
C LEU DA 337 43.65 62.29 -48.03
N PRO DA 338 43.95 62.56 -49.30
CA PRO DA 338 43.38 63.73 -49.97
C PRO DA 338 41.88 63.62 -50.16
N GLU DA 339 41.29 64.73 -50.57
CA GLU DA 339 39.84 64.80 -50.67
C GLU DA 339 39.30 64.07 -51.90
N GLU DA 340 40.11 63.88 -52.94
CA GLU DA 340 39.59 63.22 -54.13
C GLU DA 340 39.61 61.71 -53.99
N VAL DA 341 40.28 61.17 -52.97
CA VAL DA 341 40.16 59.74 -52.69
C VAL DA 341 39.10 59.50 -51.61
N LEU DA 342 38.79 60.50 -50.81
CA LEU DA 342 37.63 60.43 -49.94
C LEU DA 342 36.37 60.41 -50.78
N PRO DA 343 35.42 59.53 -50.50
CA PRO DA 343 34.29 59.34 -51.42
C PRO DA 343 33.10 60.24 -51.11
N ARG DA 344 32.35 60.58 -52.16
CA ARG DA 344 31.25 61.53 -52.09
C ARG DA 344 30.02 60.98 -52.80
N GLY DA 345 28.91 61.69 -52.67
CA GLY DA 345 27.74 61.48 -53.50
C GLY DA 345 27.78 62.49 -54.62
N ASN DA 346 26.64 62.79 -55.24
CA ASN DA 346 26.55 63.93 -56.13
C ASN DA 346 26.15 65.11 -55.27
N ALA DA 347 26.79 66.26 -55.53
CA ALA DA 347 26.48 67.56 -54.93
C ALA DA 347 26.78 67.66 -53.43
N LEU DA 348 27.18 66.57 -52.80
CA LEU DA 348 27.54 66.58 -51.38
C LEU DA 348 28.79 65.76 -51.09
N GLU EA 1 19.12 61.51 16.37
CA GLU EA 1 19.46 60.71 15.21
C GLU EA 1 19.91 61.58 14.04
N ARG EA 2 19.45 62.83 14.03
CA ARG EA 2 19.73 63.83 12.99
C ARG EA 2 19.35 63.26 11.62
N PRO EA 3 18.05 63.27 11.28
CA PRO EA 3 17.61 62.72 9.99
C PRO EA 3 17.79 63.68 8.82
N PHE EA 4 18.66 64.69 9.00
CA PHE EA 4 19.03 65.76 8.08
C PHE EA 4 17.97 66.84 7.96
N SER EA 5 16.80 66.66 8.56
CA SER EA 5 15.74 67.65 8.45
C SER EA 5 15.83 68.76 9.50
N ASP EA 6 16.53 68.50 10.60
CA ASP EA 6 16.64 69.48 11.68
C ASP EA 6 17.85 70.39 11.54
N ILE EA 7 18.95 69.87 10.99
CA ILE EA 7 20.21 70.61 10.95
C ILE EA 7 20.11 71.80 10.01
N LEU EA 8 19.37 71.67 8.91
CA LEU EA 8 19.17 72.79 8.01
C LEU EA 8 18.37 73.91 8.68
N THR EA 9 17.39 73.56 9.52
CA THR EA 9 16.66 74.57 10.26
C THR EA 9 17.52 75.23 11.32
N SER EA 10 18.42 74.46 11.94
CA SER EA 10 19.30 74.99 12.97
C SER EA 10 20.26 76.01 12.37
N ILE EA 11 20.50 77.08 13.13
CA ILE EA 11 21.42 78.11 12.69
C ILE EA 11 22.87 77.71 12.93
N ARG EA 12 23.10 76.74 13.83
CA ARG EA 12 24.46 76.30 14.14
C ARG EA 12 25.16 75.70 12.93
N TYR EA 13 24.42 75.05 12.03
CA TYR EA 13 24.99 74.56 10.79
C TYR EA 13 25.52 75.72 9.94
N TRP EA 14 24.72 76.76 9.77
CA TRP EA 14 25.10 77.88 8.92
C TRP EA 14 26.05 78.86 9.61
N VAL EA 15 26.28 78.70 10.91
CA VAL EA 15 27.28 79.53 11.57
C VAL EA 15 28.67 79.22 11.03
N ILE EA 16 28.99 77.94 10.88
CA ILE EA 16 30.30 77.54 10.36
C ILE EA 16 30.30 77.25 8.87
N HIS EA 17 29.13 77.09 8.24
CA HIS EA 17 29.06 76.81 6.82
C HIS EA 17 28.94 78.06 5.96
N SER EA 18 28.83 79.24 6.58
CA SER EA 18 28.93 80.48 5.84
C SER EA 18 30.38 80.91 5.65
N ILE EA 19 31.32 80.13 6.16
CA ILE EA 19 32.75 80.37 5.99
C ILE EA 19 33.43 79.26 5.21
N THR EA 20 33.10 77.99 5.52
CA THR EA 20 33.77 76.86 4.87
C THR EA 20 33.39 76.76 3.39
N VAL EA 21 32.10 76.80 3.08
CA VAL EA 21 31.64 76.72 1.69
C VAL EA 21 32.11 77.91 0.85
N PRO EA 22 31.98 79.18 1.29
CA PRO EA 22 32.60 80.24 0.50
C PRO EA 22 34.11 80.17 0.46
N SER EA 23 34.74 79.61 1.49
CA SER EA 23 36.18 79.42 1.45
C SER EA 23 36.58 78.42 0.37
N LEU EA 24 35.77 77.37 0.21
CA LEU EA 24 36.06 76.39 -0.85
C LEU EA 24 35.77 76.96 -2.23
N PHE EA 25 34.74 77.78 -2.35
CA PHE EA 25 34.46 78.50 -3.60
C PHE EA 25 35.62 79.43 -3.97
N ILE EA 26 36.11 80.19 -3.00
CA ILE EA 26 37.25 81.08 -3.22
C ILE EA 26 38.52 80.28 -3.46
N ALA EA 27 38.63 79.11 -2.81
CA ALA EA 27 39.78 78.23 -3.03
C ALA EA 27 39.81 77.72 -4.47
N GLY EA 28 38.65 77.37 -5.02
CA GLY EA 28 38.58 77.01 -6.43
C GLY EA 28 38.94 78.17 -7.35
N TRP EA 29 38.45 79.37 -7.01
CA TRP EA 29 38.82 80.59 -7.74
C TRP EA 29 40.32 80.78 -7.82
N LEU EA 30 41.01 80.73 -6.68
CA LEU EA 30 42.46 80.95 -6.73
C LEU EA 30 43.18 79.74 -7.32
N PHE EA 31 42.63 78.54 -7.15
CA PHE EA 31 43.25 77.33 -7.69
C PHE EA 31 43.34 77.38 -9.21
N VAL EA 32 42.27 77.82 -9.87
CA VAL EA 32 42.31 77.85 -11.34
C VAL EA 32 42.77 79.20 -11.86
N SER EA 33 42.60 80.27 -11.08
CA SER EA 33 42.98 81.59 -11.55
C SER EA 33 44.47 81.86 -11.40
N THR EA 34 45.14 81.18 -10.47
CA THR EA 34 46.58 81.33 -10.33
C THR EA 34 47.36 80.36 -11.23
N GLY EA 35 46.67 79.62 -12.08
CA GLY EA 35 47.33 78.69 -12.97
C GLY EA 35 47.81 77.42 -12.30
N LEU EA 36 47.42 77.20 -11.04
CA LEU EA 36 47.88 76.01 -10.33
C LEU EA 36 47.29 74.75 -10.93
N ALA EA 37 46.05 74.80 -11.42
CA ALA EA 37 45.47 73.64 -12.08
C ALA EA 37 46.22 73.31 -13.37
N TYR EA 38 46.59 74.34 -14.13
CA TYR EA 38 47.39 74.15 -15.34
C TYR EA 38 48.74 73.55 -15.00
N ASP EA 39 49.36 74.01 -13.90
CA ASP EA 39 50.69 73.54 -13.53
C ASP EA 39 50.64 72.11 -12.99
N VAL EA 40 49.57 71.76 -12.26
CA VAL EA 40 49.50 70.46 -11.61
C VAL EA 40 49.05 69.38 -12.58
N PHE EA 41 48.01 69.64 -13.35
CA PHE EA 41 47.41 68.61 -14.20
C PHE EA 41 47.89 68.66 -15.64
N GLY EA 42 48.92 69.45 -15.94
CA GLY EA 42 49.43 69.48 -17.30
C GLY EA 42 48.54 70.18 -18.30
N SER EA 43 47.56 70.92 -17.84
CA SER EA 43 46.64 71.60 -18.74
C SER EA 43 47.36 72.74 -19.46
N PRO EA 44 47.30 72.79 -20.79
CA PRO EA 44 47.91 73.90 -21.52
C PRO EA 44 46.99 75.11 -21.60
N ARG EA 45 47.60 76.28 -21.45
CA ARG EA 45 46.85 77.52 -21.54
C ARG EA 45 46.46 77.80 -22.99
N PRO EA 46 45.47 78.67 -23.22
CA PRO EA 46 45.01 78.91 -24.61
C PRO EA 46 46.06 79.45 -25.57
N ASN EA 47 47.19 79.97 -25.08
CA ASN EA 47 48.19 80.52 -25.97
C ASN EA 47 49.44 79.65 -26.12
N GLU EA 48 49.39 78.40 -25.68
CA GLU EA 48 50.51 77.46 -25.82
C GLU EA 48 50.04 76.11 -26.37
N TYR EA 49 49.27 76.14 -27.46
CA TYR EA 49 48.80 74.92 -28.10
C TYR EA 49 49.63 74.54 -29.33
N PHE EA 50 50.04 75.50 -30.14
CA PHE EA 50 50.80 75.23 -31.35
C PHE EA 50 52.10 76.01 -31.28
N THR EA 51 53.19 75.31 -31.01
CA THR EA 51 54.48 75.95 -30.84
C THR EA 51 55.05 76.38 -32.19
N GLU EA 52 56.26 76.93 -32.17
CA GLU EA 52 56.85 77.42 -33.40
C GLU EA 52 57.26 76.28 -34.32
N ASP EA 53 57.75 75.17 -33.75
CA ASP EA 53 58.21 74.05 -34.57
C ASP EA 53 57.07 73.33 -35.27
N ARG EA 54 56.01 72.99 -34.54
CA ARG EA 54 54.89 72.24 -35.10
C ARG EA 54 53.61 73.06 -35.02
N GLN EA 55 52.83 73.03 -36.09
CA GLN EA 55 51.61 73.82 -36.23
C GLN EA 55 50.37 72.94 -36.14
N ASP EA 56 50.53 71.64 -36.06
CA ASP EA 56 49.43 70.68 -36.04
C ASP EA 56 49.31 70.05 -34.66
N ALA EA 57 48.38 69.11 -34.55
CA ALA EA 57 48.17 68.39 -33.29
C ALA EA 57 49.39 67.54 -32.96
N PRO EA 58 49.82 67.50 -31.70
CA PRO EA 58 50.99 66.67 -31.35
C PRO EA 58 50.71 65.20 -31.55
N LEU EA 59 51.71 64.48 -32.04
CA LEU EA 59 51.60 63.08 -32.35
C LEU EA 59 52.40 62.28 -31.34
N ILE EA 60 52.04 61.01 -31.15
CA ILE EA 60 52.48 60.29 -29.96
C ILE EA 60 53.71 59.44 -30.25
N THR EA 61 53.55 58.48 -31.17
CA THR EA 61 54.56 57.56 -31.73
C THR EA 61 55.58 56.94 -30.76
N ASP EA 62 55.22 56.72 -29.49
CA ASP EA 62 56.19 56.05 -28.62
C ASP EA 62 55.51 55.41 -27.43
N ARG EA 63 56.23 54.47 -26.81
CA ARG EA 63 55.82 53.81 -25.56
C ARG EA 63 56.78 54.09 -24.41
N PHE EA 64 58.05 53.72 -24.55
CA PHE EA 64 58.97 53.72 -23.42
C PHE EA 64 59.64 55.05 -23.17
N ASN EA 65 59.86 55.84 -24.22
CA ASN EA 65 60.44 57.17 -24.11
C ASN EA 65 59.34 58.23 -23.99
N ALA EA 66 58.21 57.87 -23.37
CA ALA EA 66 57.06 58.74 -23.30
C ALA EA 66 57.34 60.01 -22.50
N LEU EA 67 58.01 59.88 -21.35
CA LEU EA 67 58.30 61.06 -20.53
C LEU EA 67 59.34 61.95 -21.19
N GLU EA 68 60.32 61.35 -21.86
CA GLU EA 68 61.28 62.16 -22.60
C GLU EA 68 60.60 62.86 -23.77
N GLN EA 69 59.58 62.22 -24.36
CA GLN EA 69 58.88 62.89 -25.46
C GLN EA 69 57.97 64.01 -24.94
N VAL EA 70 57.42 63.86 -23.72
CA VAL EA 70 56.65 64.99 -23.21
C VAL EA 70 57.58 66.13 -22.85
N LYS EA 71 58.79 65.84 -22.35
CA LYS EA 71 59.75 66.92 -22.13
C LYS EA 71 60.17 67.56 -23.45
N LYS EA 72 60.15 66.79 -24.54
CA LYS EA 72 60.46 67.35 -25.86
C LYS EA 72 59.33 68.26 -26.36
N LEU EA 73 58.09 67.78 -26.32
CA LEU EA 73 56.96 68.43 -26.97
C LEU EA 73 55.84 68.85 -26.02
N SER EA 74 56.16 69.27 -24.79
CA SER EA 74 55.18 69.87 -23.91
C SER EA 74 55.10 71.37 -24.19
N ALA EA 75 54.46 72.13 -23.31
CA ALA EA 75 54.35 73.58 -23.48
C ALA EA 75 55.54 74.31 -22.87
N GLN EA 76 56.75 73.93 -23.29
CA GLN EA 76 58.03 74.52 -22.84
C GLN EA 76 58.22 74.47 -21.34
N ILE FA 1 31.18 65.32 15.05
CA ILE FA 1 30.58 64.00 15.13
C ILE FA 1 31.60 62.95 14.68
N PHE FA 2 32.09 63.11 13.44
CA PHE FA 2 33.14 62.25 12.85
C PHE FA 2 32.74 60.77 12.85
N THR FA 3 31.50 60.50 12.46
CA THR FA 3 31.00 59.14 12.32
C THR FA 3 31.11 58.76 10.84
N VAL FA 4 30.65 57.57 10.45
CA VAL FA 4 30.75 57.14 9.05
C VAL FA 4 29.87 58.01 8.16
N ARG FA 5 28.71 58.46 8.66
CA ARG FA 5 27.88 59.38 7.89
C ARG FA 5 28.59 60.71 7.70
N TRP FA 6 29.25 61.21 8.76
CA TRP FA 6 30.03 62.43 8.67
C TRP FA 6 31.12 62.31 7.60
N LEU FA 7 31.87 61.20 7.65
CA LEU FA 7 32.96 60.99 6.69
C LEU FA 7 32.45 60.88 5.26
N ALA FA 8 31.36 60.13 5.05
CA ALA FA 8 30.84 59.93 3.70
C ALA FA 8 30.29 61.24 3.13
N ILE FA 9 29.47 61.95 3.92
CA ILE FA 9 28.88 63.19 3.46
C ILE FA 9 29.95 64.24 3.20
N HIS FA 10 30.98 64.30 4.04
CA HIS FA 10 32.04 65.28 3.81
C HIS FA 10 32.94 64.91 2.64
N ALA FA 11 33.23 63.62 2.46
CA ALA FA 11 34.03 63.19 1.31
C ALA FA 11 33.30 63.43 0.00
N ILE FA 12 31.96 63.42 0.03
CA ILE FA 12 31.21 63.78 -1.16
C ILE FA 12 31.11 65.29 -1.30
N ALA FA 13 30.99 66.01 -0.19
CA ALA FA 13 30.62 67.42 -0.25
C ALA FA 13 31.81 68.32 -0.54
N VAL FA 14 32.95 68.06 0.10
CA VAL FA 14 34.10 68.98 0.00
C VAL FA 14 34.62 69.11 -1.44
N PRO FA 15 34.95 68.03 -2.16
CA PRO FA 15 35.46 68.24 -3.52
C PRO FA 15 34.39 68.65 -4.51
N THR FA 16 33.11 68.30 -4.30
CA THR FA 16 32.07 68.80 -5.18
C THR FA 16 31.95 70.31 -5.08
N ILE FA 17 31.96 70.85 -3.86
CA ILE FA 17 31.89 72.31 -3.68
C ILE FA 17 33.15 72.97 -4.22
N PHE FA 18 34.31 72.35 -3.97
CA PHE FA 18 35.58 72.90 -4.44
C PHE FA 18 35.60 72.98 -5.96
N PHE FA 19 35.13 71.94 -6.63
CA PHE FA 19 35.14 71.92 -8.09
C PHE FA 19 34.02 72.78 -8.67
N LEU FA 20 32.90 72.92 -7.94
CA LEU FA 20 31.86 73.84 -8.37
C LEU FA 20 32.38 75.27 -8.35
N GLY FA 21 33.16 75.60 -7.32
CA GLY FA 21 33.83 76.89 -7.30
C GLY FA 21 34.82 77.05 -8.42
N ALA FA 22 35.60 76.00 -8.70
CA ALA FA 22 36.57 76.05 -9.80
C ALA FA 22 35.88 76.26 -11.14
N ILE FA 23 34.76 75.58 -11.38
CA ILE FA 23 34.07 75.70 -12.66
C ILE FA 23 33.40 77.06 -12.79
N THR FA 24 32.80 77.56 -11.70
CA THR FA 24 32.25 78.91 -11.71
C THR FA 24 33.33 79.94 -11.99
N ALA FA 25 34.55 79.67 -11.51
CA ALA FA 25 35.68 80.53 -11.84
C ALA FA 25 36.05 80.42 -13.32
N MET FA 26 36.05 79.20 -13.87
CA MET FA 26 36.37 78.99 -15.27
C MET FA 26 35.32 79.57 -16.21
N GLN FA 27 34.14 79.93 -15.69
CA GLN FA 27 33.12 80.54 -16.53
C GLN FA 27 33.52 81.92 -17.04
N PHE FA 28 34.56 82.53 -16.48
CA PHE FA 28 34.94 83.89 -16.81
C PHE FA 28 36.31 84.04 -17.46
N ILE FA 29 36.84 82.98 -18.08
CA ILE FA 29 38.13 83.09 -18.76
C ILE FA 29 37.91 83.34 -20.24
N GLN FA 30 38.58 84.37 -20.78
CA GLN FA 30 38.56 84.70 -22.20
C GLN FA 30 39.91 84.35 -22.82
N ARG FA 31 39.87 83.87 -24.05
CA ARG FA 31 41.08 83.47 -24.78
C ARG FA 31 42.02 84.64 -25.04
N GLU GA 1 18.40 -1.11 2.71
CA GLU GA 1 19.18 -0.08 3.40
C GLU GA 1 20.72 -0.17 3.25
N PRO GA 2 21.36 -1.34 3.46
CA PRO GA 2 22.82 -1.39 3.30
C PRO GA 2 23.22 -1.30 1.83
N GLY GA 3 24.35 -0.64 1.58
CA GLY GA 3 24.87 -0.53 0.24
C GLY GA 3 25.51 -1.82 -0.24
N ILE GA 4 25.76 -1.87 -1.55
CA ILE GA 4 26.38 -3.04 -2.17
C ILE GA 4 27.84 -3.10 -1.74
N VAL GA 5 28.22 -4.19 -1.09
CA VAL GA 5 29.59 -4.36 -0.61
C VAL GA 5 30.52 -4.59 -1.80
N THR GA 6 31.62 -3.83 -1.85
CA THR GA 6 32.48 -3.80 -3.01
C THR GA 6 33.94 -3.92 -2.60
N PRO GA 7 34.73 -4.74 -3.32
CA PRO GA 7 36.16 -4.86 -2.98
C PRO GA 7 36.95 -3.57 -3.12
N LEU GA 8 36.86 -2.90 -4.27
CA LEU GA 8 37.56 -1.62 -4.42
C LEU GA 8 36.95 -0.56 -3.52
N GLY GA 9 35.66 -0.69 -3.20
CA GLY GA 9 35.03 0.22 -2.27
C GLY GA 9 35.61 0.11 -0.87
N THR GA 10 35.83 -1.12 -0.39
CA THR GA 10 36.45 -1.27 0.91
C THR GA 10 37.96 -1.06 0.84
N LEU GA 11 38.53 -1.08 -0.36
CA LEU GA 11 39.92 -0.62 -0.52
C LEU GA 11 40.03 0.89 -0.29
N LEU GA 12 39.21 1.67 -0.98
CA LEU GA 12 39.31 3.12 -0.92
C LEU GA 12 38.45 3.74 0.17
N ARG GA 13 37.86 2.90 1.03
CA ARG GA 13 37.00 3.39 2.11
C ARG GA 13 37.70 4.34 3.10
N PRO GA 14 38.94 4.10 3.57
CA PRO GA 14 39.54 5.06 4.51
C PRO GA 14 39.67 6.47 3.97
N LEU GA 15 39.90 6.60 2.66
CA LEU GA 15 40.01 7.92 2.05
C LEU GA 15 38.70 8.70 2.11
N ASN GA 16 37.58 8.03 2.39
CA ASN GA 16 36.29 8.70 2.53
C ASN GA 16 35.75 8.49 3.95
N SER GA 17 36.60 8.04 4.86
CA SER GA 17 36.15 7.66 6.19
C SER GA 17 36.11 8.84 7.17
N GLU GA 18 36.55 10.03 6.76
CA GLU GA 18 36.61 11.18 7.67
C GLU GA 18 35.89 12.37 7.08
N ALA GA 19 34.66 12.18 6.60
CA ALA GA 19 33.91 13.29 6.04
C ALA GA 19 33.51 14.25 7.16
N GLY GA 20 33.85 15.53 7.00
CA GLY GA 20 33.52 16.54 7.98
C GLY GA 20 34.42 16.57 9.19
N LYS GA 21 35.49 15.78 9.21
CA LYS GA 21 36.36 15.72 10.37
C LYS GA 21 37.27 16.93 10.30
N VAL GA 22 36.98 17.97 11.09
CA VAL GA 22 37.54 19.30 10.87
C VAL GA 22 38.15 19.83 12.17
N LEU GA 23 39.36 20.41 12.05
CA LEU GA 23 40.22 21.03 13.06
C LEU GA 23 39.57 22.32 13.58
N PRO GA 24 39.63 22.64 14.87
CA PRO GA 24 39.00 23.87 15.34
C PRO GA 24 39.94 25.07 15.32
N GLY GA 25 39.41 26.19 15.80
CA GLY GA 25 40.09 27.47 15.75
C GLY GA 25 40.09 27.98 14.32
N TRP GA 26 41.03 28.88 14.04
CA TRP GA 26 41.20 29.35 12.67
C TRP GA 26 42.09 28.43 11.85
N GLY GA 27 42.80 27.50 12.49
CA GLY GA 27 43.61 26.55 11.76
C GLY GA 27 44.82 27.21 11.13
N THR GA 28 45.01 26.95 9.84
CA THR GA 28 46.10 27.53 9.07
C THR GA 28 45.62 28.64 8.15
N THR GA 29 44.64 29.42 8.61
CA THR GA 29 44.12 30.53 7.81
C THR GA 29 45.19 31.57 7.53
N VAL GA 30 46.06 31.84 8.52
CA VAL GA 30 47.15 32.78 8.31
C VAL GA 30 48.11 32.27 7.25
N LEU GA 31 48.42 30.97 7.29
CA LEU GA 31 49.35 30.40 6.31
C LEU GA 31 48.77 30.42 4.90
N MET GA 32 47.48 30.07 4.75
CA MET GA 32 46.91 30.09 3.40
C MET GA 32 46.75 31.53 2.91
N ALA GA 33 46.50 32.48 3.82
CA ALA GA 33 46.45 33.88 3.42
C ALA GA 33 47.82 34.36 2.94
N VAL GA 34 48.88 33.94 3.62
CA VAL GA 34 50.24 34.29 3.19
C VAL GA 34 50.54 33.67 1.83
N ALA GA 35 50.12 32.41 1.64
CA ALA GA 35 50.33 31.74 0.36
C ALA GA 35 49.56 32.43 -0.76
N ILE GA 36 48.33 32.85 -0.47
CA ILE GA 36 47.52 33.57 -1.47
C ILE GA 36 48.16 34.92 -1.79
N LEU GA 37 48.70 35.60 -0.78
CA LEU GA 37 49.37 36.88 -1.03
C LEU GA 37 50.60 36.69 -1.91
N LEU GA 38 51.41 35.66 -1.63
CA LEU GA 38 52.58 35.39 -2.47
C LEU GA 38 52.16 34.99 -3.88
N PHE GA 39 51.06 34.23 -4.00
CA PHE GA 39 50.58 33.82 -5.31
C PHE GA 39 50.07 35.03 -6.10
N ALA GA 40 49.42 35.97 -5.42
CA ALA GA 40 48.94 37.18 -6.07
C ALA GA 40 50.11 38.07 -6.50
N VAL GA 41 51.15 38.15 -5.66
CA VAL GA 41 52.34 38.93 -6.04
C VAL GA 41 53.02 38.30 -7.25
N PHE GA 42 53.12 36.97 -7.27
CA PHE GA 42 53.69 36.26 -8.41
C PHE GA 42 52.86 36.49 -9.67
N LEU GA 43 51.53 36.47 -9.53
CA LEU GA 43 50.65 36.72 -10.67
C LEU GA 43 50.80 38.15 -11.18
N LEU GA 44 50.93 39.12 -10.27
CA LEU GA 44 51.15 40.49 -10.70
C LEU GA 44 52.50 40.63 -11.40
N ILE GA 45 53.50 39.88 -10.94
CA ILE GA 45 54.82 39.89 -11.57
C ILE GA 45 54.72 39.37 -13.01
N ILE GA 46 54.06 38.24 -13.19
CA ILE GA 46 53.96 37.70 -14.55
C ILE GA 46 53.05 38.56 -15.43
N LEU GA 47 52.03 39.21 -14.84
CA LEU GA 47 51.23 40.17 -15.60
C LEU GA 47 52.07 41.33 -16.10
N GLU GA 48 52.84 41.94 -15.21
CA GLU GA 48 53.59 43.13 -15.61
C GLU GA 48 54.76 42.77 -16.52
N ILE GA 49 55.23 41.51 -16.45
CA ILE GA 49 56.20 41.04 -17.43
C ILE GA 49 55.55 40.87 -18.79
N TYR GA 50 54.36 40.26 -18.84
CA TYR GA 50 53.67 40.00 -20.10
C TYR GA 50 53.02 41.26 -20.67
N ASN GA 51 52.98 42.35 -19.91
CA ASN GA 51 52.47 43.63 -20.37
C ASN GA 51 53.55 44.51 -20.98
N SER GA 52 54.79 44.01 -21.07
CA SER GA 52 55.97 44.81 -21.42
C SER GA 52 56.14 46.00 -20.48
N SER GA 53 55.77 45.81 -19.22
CA SER GA 53 55.83 46.88 -18.22
C SER GA 53 56.81 46.58 -17.09
N LEU GA 54 57.40 45.38 -17.06
CA LEU GA 54 58.43 45.03 -16.07
C LEU GA 54 59.63 44.56 -16.89
N ILE GA 55 60.44 45.51 -17.32
CA ILE GA 55 61.58 45.22 -18.19
C ILE GA 55 62.67 44.56 -17.36
N LEU GA 56 63.13 43.40 -17.82
CA LEU GA 56 64.24 42.69 -17.21
C LEU GA 56 65.36 42.55 -18.25
N ASP GA 57 66.54 42.16 -17.76
CA ASP GA 57 67.72 42.10 -18.62
C ASP GA 57 67.59 41.02 -19.69
N GLY GA 58 67.06 39.85 -19.33
CA GLY GA 58 66.99 38.74 -20.27
C GLY GA 58 65.65 38.51 -20.95
N VAL GA 59 64.58 39.07 -20.43
CA VAL GA 59 63.24 38.86 -20.99
C VAL GA 59 62.96 39.95 -22.01
N THR GA 60 62.59 39.55 -23.22
CA THR GA 60 62.33 40.52 -24.27
C THR GA 60 60.86 40.63 -24.67
N ASN GA 61 60.05 39.60 -24.35
CA ASN GA 61 58.60 39.61 -24.58
C ASN GA 61 58.27 39.85 -26.06
N SER GA 62 58.90 39.06 -26.93
CA SER GA 62 58.75 39.25 -28.36
C SER GA 62 59.10 37.96 -29.08
N TRP GA 63 58.78 37.93 -30.37
CA TRP GA 63 59.10 36.76 -31.19
C TRP GA 63 60.60 36.52 -31.29
N GLU GA 64 61.41 37.58 -31.10
CA GLU GA 64 62.86 37.45 -31.07
C GLU GA 64 63.34 36.70 -29.84
N SER GA 65 62.51 36.57 -28.80
CA SER GA 65 62.89 35.88 -27.57
C SER GA 65 63.27 34.43 -27.82
N LEU GA 66 62.61 33.77 -28.75
CA LEU GA 66 62.93 32.40 -29.13
C LEU GA 66 63.88 32.33 -30.32
N ALA GA 67 64.48 33.46 -30.69
CA ALA GA 67 65.44 33.50 -31.79
C ALA GA 67 66.72 32.76 -31.45
N MET HA 1 -11.98 51.53 -62.61
CA MET HA 1 -10.85 51.41 -61.71
C MET HA 1 -11.30 52.21 -60.48
N LEU HA 2 -12.27 53.09 -60.71
CA LEU HA 2 -12.87 53.84 -59.61
C LEU HA 2 -13.80 52.94 -58.79
N THR HA 3 -14.12 51.75 -59.32
CA THR HA 3 -14.97 50.81 -58.59
C THR HA 3 -14.33 50.38 -57.28
N LEU HA 4 -13.00 50.17 -57.27
CA LEU HA 4 -12.29 49.89 -56.03
C LEU HA 4 -12.45 51.04 -55.04
N LYS HA 5 -12.33 52.28 -55.53
CA LYS HA 5 -12.50 53.45 -54.68
C LYS HA 5 -13.90 53.50 -54.08
N ILE HA 6 -14.92 53.21 -54.88
CA ILE HA 6 -16.29 53.23 -54.38
C ILE HA 6 -16.48 52.17 -53.31
N PHE HA 7 -15.95 50.96 -53.54
CA PHE HA 7 -16.10 49.88 -52.57
C PHE HA 7 -15.41 50.22 -51.25
N VAL HA 8 -14.16 50.70 -51.33
CA VAL HA 8 -13.43 50.97 -50.10
C VAL HA 8 -14.01 52.19 -49.38
N TYR HA 9 -14.50 53.18 -50.12
CA TYR HA 9 -15.14 54.33 -49.48
C TYR HA 9 -16.41 53.90 -48.77
N THR HA 10 -17.18 53.00 -49.39
CA THR HA 10 -18.40 52.50 -48.76
C THR HA 10 -18.08 51.75 -47.48
N VAL HA 11 -17.07 50.88 -47.48
CA VAL HA 11 -16.79 50.10 -46.28
C VAL HA 11 -16.17 50.98 -45.20
N VAL HA 12 -15.39 52.00 -45.59
CA VAL HA 12 -14.82 52.93 -44.62
C VAL HA 12 -15.92 53.75 -43.95
N THR HA 13 -16.89 54.26 -44.73
CA THR HA 13 -18.00 54.97 -44.13
C THR HA 13 -18.85 54.05 -43.27
N PHE HA 14 -18.93 52.77 -43.65
CA PHE HA 14 -19.66 51.82 -42.82
C PHE HA 14 -19.01 51.64 -41.45
N PHE HA 15 -17.69 51.44 -41.43
CA PHE HA 15 -16.99 51.24 -40.16
C PHE HA 15 -17.00 52.51 -39.32
N VAL HA 16 -16.81 53.67 -39.98
CA VAL HA 16 -16.86 54.95 -39.27
C VAL HA 16 -18.25 55.22 -38.72
N GLY HA 17 -19.29 54.87 -39.48
CA GLY HA 17 -20.65 55.03 -38.97
C GLY HA 17 -20.93 54.14 -37.78
N LEU HA 18 -20.39 52.91 -37.80
CA LEU HA 18 -20.50 52.06 -36.61
C LEU HA 18 -19.84 52.72 -35.42
N PHE HA 19 -18.65 53.29 -35.62
CA PHE HA 19 -17.95 53.98 -34.53
C PHE HA 19 -18.78 55.17 -34.00
N ILE HA 20 -19.25 56.02 -34.92
CA ILE HA 20 -19.93 57.26 -34.54
C ILE HA 20 -21.22 56.97 -33.79
N PHE HA 21 -22.07 56.09 -34.33
CA PHE HA 21 -23.31 55.80 -33.61
C PHE HA 21 -23.09 54.87 -32.42
N GLY HA 22 -22.01 54.08 -32.40
CA GLY HA 22 -21.73 53.30 -31.22
C GLY HA 22 -21.37 54.17 -30.03
N PHE HA 23 -20.61 55.23 -30.26
CA PHE HA 23 -20.34 56.12 -29.14
C PHE HA 23 -21.44 57.16 -28.93
N LEU HA 24 -22.29 57.39 -29.93
CA LEU HA 24 -23.48 58.20 -29.70
C LEU HA 24 -24.51 57.45 -28.89
N SER HA 25 -24.42 56.11 -28.87
CA SER HA 25 -25.50 55.26 -28.41
C SER HA 25 -25.32 54.88 -26.94
N ASN HA 26 -25.36 55.92 -26.09
CA ASN HA 26 -25.43 55.78 -24.63
C ASN HA 26 -24.25 54.92 -24.14
N ASP HA 27 -23.06 55.24 -24.65
CA ASP HA 27 -21.86 54.49 -24.28
C ASP HA 27 -21.48 54.54 -22.80
N PRO HA 28 -21.50 55.69 -22.10
CA PRO HA 28 -21.05 55.68 -20.69
C PRO HA 28 -21.87 54.80 -19.75
N SER HA 29 -23.07 54.37 -20.13
CA SER HA 29 -23.84 53.48 -19.29
C SER HA 29 -23.46 52.01 -19.47
N ARG HA 30 -22.51 51.72 -20.36
CA ARG HA 30 -22.05 50.34 -20.58
C ARG HA 30 -20.96 50.01 -19.57
N ASN HA 31 -21.35 50.08 -18.30
CA ASN HA 31 -20.40 49.91 -17.20
C ASN HA 31 -21.05 49.09 -16.08
N PRO HA 32 -20.29 48.16 -15.48
CA PRO HA 32 -20.83 47.41 -14.34
C PRO HA 32 -21.00 48.25 -13.08
N GLY HA 33 -20.42 49.43 -13.02
CA GLY HA 33 -20.49 50.23 -11.81
C GLY HA 33 -21.86 50.87 -11.63
N LYS HA 34 -22.04 51.50 -10.46
CA LYS HA 34 -23.29 52.14 -10.10
C LYS HA 34 -23.31 53.54 -10.71
N GLY HA 35 -23.51 53.60 -12.02
CA GLY HA 35 -23.54 54.87 -12.72
C GLY HA 35 -24.20 54.80 -14.09
N ILE IA 1 17.01 74.13 16.34
CA ILE IA 1 15.86 73.42 15.80
C ILE IA 1 14.73 74.40 15.46
N GLY IA 2 14.40 74.46 14.16
CA GLY IA 2 13.32 75.31 13.69
C GLY IA 2 13.56 76.80 13.76
N ARG IA 3 14.81 77.24 13.84
CA ARG IA 3 15.09 78.66 13.98
C ARG IA 3 14.91 79.40 12.66
N ILE IA 4 15.34 78.82 11.55
CA ILE IA 4 15.04 79.32 10.21
C ILE IA 4 14.31 78.22 9.46
N PRO IA 5 13.35 78.55 8.59
CA PRO IA 5 12.51 77.50 7.98
C PRO IA 5 13.27 76.55 7.07
N LEU IA 6 12.88 75.27 7.13
CA LEU IA 6 13.40 74.29 6.19
C LEU IA 6 13.00 74.62 4.76
N TRP IA 7 11.76 75.08 4.56
CA TRP IA 7 11.33 75.45 3.21
C TRP IA 7 12.10 76.65 2.70
N LEU IA 8 12.43 77.60 3.58
CA LEU IA 8 13.24 78.74 3.17
C LEU IA 8 14.68 78.34 2.89
N VAL IA 9 15.20 77.37 3.64
CA VAL IA 9 16.53 76.83 3.37
C VAL IA 9 16.56 76.18 1.99
N GLY IA 10 15.53 75.40 1.68
CA GLY IA 10 15.41 74.80 0.36
C GLY IA 10 15.27 75.84 -0.73
N THR IA 11 14.56 76.93 -0.45
CA THR IA 11 14.43 78.01 -1.42
C THR IA 11 15.77 78.67 -1.70
N VAL IA 12 16.55 78.94 -0.66
CA VAL IA 12 17.86 79.56 -0.85
C VAL IA 12 18.79 78.64 -1.63
N VAL IA 13 18.79 77.34 -1.28
CA VAL IA 13 19.59 76.37 -2.03
C VAL IA 13 19.15 76.31 -3.48
N GLY IA 14 17.84 76.41 -3.73
CA GLY IA 14 17.36 76.40 -5.10
C GLY IA 14 17.78 77.64 -5.88
N LEU IA 15 17.75 78.81 -5.23
CA LEU IA 15 18.25 80.02 -5.89
C LEU IA 15 19.71 79.90 -6.25
N LEU IA 16 20.53 79.34 -5.34
CA LEU IA 16 21.94 79.13 -5.67
C LEU IA 16 22.12 78.12 -6.80
N ALA IA 17 21.32 77.05 -6.80
CA ALA IA 17 21.43 76.05 -7.87
C ALA IA 17 21.04 76.64 -9.23
N ILE IA 18 19.96 77.42 -9.26
CA ILE IA 18 19.54 78.06 -10.52
C ILE IA 18 20.56 79.09 -10.95
N GLY IA 19 21.16 79.79 -9.99
CA GLY IA 19 22.22 80.74 -10.32
C GLY IA 19 23.45 80.06 -10.90
N LEU IA 20 23.85 78.92 -10.32
CA LEU IA 20 24.98 78.17 -10.87
C LEU IA 20 24.68 77.65 -12.26
N LEU IA 21 23.47 77.15 -12.48
CA LEU IA 21 23.09 76.68 -13.81
C LEU IA 21 23.08 77.84 -14.81
N ALA IA 22 22.59 79.02 -14.38
CA ALA IA 22 22.59 80.18 -15.25
C ALA IA 22 24.00 80.65 -15.57
N ILE IA 23 24.90 80.61 -14.58
CA ILE IA 23 26.29 80.99 -14.81
C ILE IA 23 26.95 80.01 -15.78
N PHE IA 24 26.70 78.71 -15.60
CA PHE IA 24 27.29 77.70 -16.48
C PHE IA 24 26.77 77.84 -17.90
N PHE IA 25 25.48 78.12 -18.06
CA PHE IA 25 24.93 78.33 -19.40
C PHE IA 25 25.42 79.65 -20.00
N TYR IA 26 25.65 80.67 -19.17
CA TYR IA 26 26.19 81.94 -19.65
C TYR IA 26 27.63 81.80 -20.10
N GLY IA 27 28.40 80.93 -19.45
CA GLY IA 27 29.79 80.72 -19.84
C GLY IA 27 29.97 80.02 -21.17
N SER IA 28 28.91 79.42 -21.70
CA SER IA 28 28.99 78.79 -23.01
C SER IA 28 28.95 79.79 -24.16
N TYR IA 29 28.42 80.99 -23.93
CA TYR IA 29 28.35 82.00 -24.97
C TYR IA 29 29.47 83.04 -24.91
N VAL IA 30 30.36 82.95 -23.94
CA VAL IA 30 31.45 83.91 -23.78
C VAL IA 30 32.69 83.18 -23.29
N GLY IA 31 33.84 83.63 -23.80
CA GLY IA 31 35.10 83.07 -23.34
C GLY IA 31 35.47 81.78 -24.04
N LEU IA 32 36.04 80.85 -23.29
CA LEU IA 32 36.37 79.54 -23.83
C LEU IA 32 35.10 78.74 -24.05
N GLY IA 33 35.09 77.95 -25.12
CA GLY IA 33 33.89 77.23 -25.47
C GLY IA 33 32.77 78.10 -26.02
N SER IA 34 33.10 79.30 -26.50
CA SER IA 34 32.12 80.19 -27.08
C SER IA 34 32.25 80.32 -28.59
N SER IA 35 33.24 79.65 -29.18
CA SER IA 35 33.44 79.59 -30.64
C SER IA 35 33.67 80.95 -31.26
N LEU IA 36 34.21 81.90 -30.50
CA LEU IA 36 34.45 83.24 -31.02
C LEU IA 36 35.68 83.88 -30.38
N LYS JA 1 14.50 98.82 -31.74
CA LYS JA 1 14.91 99.49 -30.51
C LYS JA 1 13.74 100.27 -29.91
N LEU JA 2 13.90 100.64 -28.64
CA LEU JA 2 12.92 101.51 -28.00
C LEU JA 2 13.10 102.93 -28.52
N PRO JA 3 12.05 103.75 -28.46
CA PRO JA 3 12.21 105.17 -28.80
C PRO JA 3 13.08 105.89 -27.77
N GLU JA 4 13.37 107.16 -28.07
CA GLU JA 4 14.31 107.94 -27.27
C GLU JA 4 13.84 108.15 -25.84
N ALA JA 5 12.53 108.31 -25.62
CA ALA JA 5 12.02 108.57 -24.28
C ALA JA 5 12.07 107.35 -23.36
N TYR JA 6 12.20 106.15 -23.91
CA TYR JA 6 12.15 104.92 -23.13
C TYR JA 6 13.47 104.14 -23.16
N ALA JA 7 14.49 104.66 -23.82
CA ALA JA 7 15.77 103.96 -23.91
C ALA JA 7 16.42 103.63 -22.57
N PRO JA 8 16.46 104.51 -21.55
CA PRO JA 8 17.11 104.11 -20.28
C PRO JA 8 16.39 102.99 -19.52
N PHE JA 9 15.13 102.69 -19.83
CA PHE JA 9 14.41 101.64 -19.12
C PHE JA 9 14.59 100.26 -19.74
N SER JA 10 15.28 100.17 -20.89
CA SER JA 10 15.51 98.87 -21.52
C SER JA 10 16.21 97.83 -20.65
N PRO JA 11 17.23 98.15 -19.83
CA PRO JA 11 17.74 97.12 -18.90
C PRO JA 11 16.71 96.64 -17.89
N ILE JA 12 15.80 97.52 -17.46
CA ILE JA 12 14.73 97.09 -16.56
C ILE JA 12 13.75 96.18 -17.31
N VAL JA 13 13.53 96.46 -18.59
CA VAL JA 13 12.72 95.59 -19.43
C VAL JA 13 13.37 94.22 -19.57
N ASP JA 14 14.71 94.18 -19.61
CA ASP JA 14 15.43 93.00 -20.07
C ASP JA 14 15.45 91.83 -19.08
N VAL JA 15 14.56 91.80 -18.08
CA VAL JA 15 14.56 90.67 -17.15
C VAL JA 15 13.18 90.02 -17.00
N LEU JA 16 12.21 90.36 -17.85
CA LEU JA 16 10.84 89.88 -17.61
C LEU JA 16 10.52 88.41 -17.88
N PRO JA 17 11.10 87.68 -18.87
CA PRO JA 17 10.47 86.41 -19.27
C PRO JA 17 10.52 85.35 -18.20
N ILE JA 18 11.51 85.46 -17.30
CA ILE JA 18 11.69 84.48 -16.23
C ILE JA 18 10.63 84.60 -15.14
N ILE JA 19 9.86 85.69 -15.13
CA ILE JA 19 8.88 85.89 -14.06
C ILE JA 19 7.75 84.86 -14.09
N PRO JA 20 7.14 84.52 -15.24
CA PRO JA 20 6.16 83.42 -15.22
C PRO JA 20 6.75 82.10 -14.75
N VAL JA 21 8.00 81.80 -15.10
CA VAL JA 21 8.64 80.58 -14.59
C VAL JA 21 8.87 80.69 -13.09
N LEU JA 22 9.12 81.90 -12.60
CA LEU JA 22 9.21 82.11 -11.17
C LEU JA 22 7.86 82.00 -10.49
N PHE JA 23 6.76 82.11 -11.23
CA PHE JA 23 5.44 81.98 -10.59
C PHE JA 23 5.15 80.55 -10.15
N ILE JA 24 5.41 79.55 -11.00
CA ILE JA 24 5.23 78.16 -10.58
C ILE JA 24 6.24 77.80 -9.50
N LEU JA 25 7.43 78.40 -9.57
CA LEU JA 25 8.45 78.13 -8.57
C LEU JA 25 8.07 78.78 -7.24
N LEU JA 26 7.39 79.93 -7.28
CA LEU JA 26 6.81 80.54 -6.09
C LEU JA 26 5.69 79.67 -5.54
N ALA JA 27 4.92 79.03 -6.42
CA ALA JA 27 3.91 78.08 -5.96
C ALA JA 27 4.57 76.91 -5.24
N PHE JA 28 5.73 76.48 -5.71
CA PHE JA 28 6.50 75.44 -5.02
C PHE JA 28 6.96 75.92 -3.65
N VAL JA 29 7.41 77.17 -3.56
CA VAL JA 29 7.77 77.74 -2.26
C VAL JA 29 6.56 77.80 -1.33
N TRP JA 30 5.39 78.18 -1.88
CA TRP JA 30 4.14 78.17 -1.13
C TRP JA 30 3.84 76.78 -0.59
N GLN JA 31 3.98 75.76 -1.44
CA GLN JA 31 3.60 74.42 -1.07
C GLN JA 31 4.58 73.82 -0.07
N ALA JA 32 5.84 74.25 -0.13
CA ALA JA 32 6.81 73.82 0.86
C ALA JA 32 6.64 74.58 2.17
N SER JA 33 6.22 75.85 2.09
CA SER JA 33 6.03 76.67 3.29
C SER JA 33 4.80 76.23 4.07
N VAL JA 34 3.82 75.62 3.39
CA VAL JA 34 2.69 75.06 4.10
C VAL JA 34 3.00 73.60 4.43
N SER JA 35 4.26 73.21 4.20
CA SER JA 35 4.82 71.90 4.53
C SER JA 35 4.09 70.75 3.83
N PHE JA 36 3.67 71.00 2.58
CA PHE JA 36 2.98 70.02 1.74
C PHE JA 36 1.74 69.45 2.45
N ARG JA 37 0.78 70.34 2.71
CA ARG JA 37 -0.48 69.94 3.32
C ARG JA 37 -1.46 69.46 2.24
N MET KA 1 18.94 4.56 -1.41
CA MET KA 1 19.14 3.78 -0.20
C MET KA 1 18.60 2.37 -0.37
N ALA KA 2 17.89 2.15 -1.47
CA ALA KA 2 17.32 0.85 -1.77
C ALA KA 2 17.65 0.51 -3.22
N ARG KA 3 17.07 -0.57 -3.74
CA ARG KA 3 17.29 -0.95 -5.14
C ARG KA 3 16.79 0.13 -6.13
N PRO KA 4 15.60 0.71 -5.99
CA PRO KA 4 15.29 1.87 -6.82
C PRO KA 4 15.94 3.13 -6.25
N ASN KA 5 16.21 4.07 -7.14
CA ASN KA 5 16.88 5.31 -6.75
C ASN KA 5 15.87 6.21 -6.03
N PRO KA 6 16.13 6.61 -4.78
CA PRO KA 6 15.21 7.53 -4.10
C PRO KA 6 15.18 8.92 -4.70
N ASN KA 7 16.20 9.30 -5.48
CA ASN KA 7 16.28 10.62 -6.07
C ASN KA 7 15.62 10.69 -7.44
N LYS KA 8 14.78 9.72 -7.79
CA LYS KA 8 14.07 9.76 -9.05
C LYS KA 8 13.00 10.84 -9.00
N GLN KA 9 12.98 11.70 -10.02
CA GLN KA 9 12.01 12.77 -10.13
C GLN KA 9 11.45 12.76 -11.55
N VAL KA 10 10.21 13.24 -11.68
CA VAL KA 10 9.56 13.34 -12.98
C VAL KA 10 9.76 14.74 -13.53
N VAL KA 11 9.55 14.88 -14.84
CA VAL KA 11 9.76 16.14 -15.54
C VAL KA 11 8.41 16.72 -15.92
N GLU KA 12 8.24 18.02 -15.71
CA GLU KA 12 6.99 18.70 -16.02
C GLU KA 12 7.26 19.90 -16.91
N LEU KA 13 6.63 19.91 -18.08
CA LEU KA 13 6.64 21.07 -18.97
C LEU KA 13 5.20 21.34 -19.39
N ASN KA 14 4.60 22.38 -18.85
CA ASN KA 14 3.25 22.75 -19.20
C ASN KA 14 3.21 23.39 -20.58
N ARG KA 15 1.98 23.72 -21.01
CA ARG KA 15 1.79 24.26 -22.35
C ARG KA 15 2.44 25.62 -22.50
N SER KA 16 2.50 26.41 -21.43
CA SER KA 16 3.17 27.70 -21.48
C SER KA 16 4.66 27.54 -21.75
N SER KA 17 5.30 26.57 -21.09
CA SER KA 17 6.72 26.32 -21.32
C SER KA 17 6.95 25.75 -22.70
N LEU KA 18 6.02 24.91 -23.19
CA LEU KA 18 6.10 24.44 -24.57
C LEU KA 18 6.06 25.60 -25.56
N TYR KA 19 5.12 26.52 -25.36
CA TYR KA 19 5.04 27.69 -26.23
C TYR KA 19 6.30 28.53 -26.15
N TRP KA 20 6.84 28.70 -24.95
CA TRP KA 20 8.02 29.56 -24.82
C TRP KA 20 9.23 28.92 -25.49
N GLY KA 21 9.37 27.60 -25.37
CA GLY KA 21 10.46 26.93 -26.04
C GLY KA 21 10.35 26.98 -27.55
N LEU KA 22 9.15 26.74 -28.08
CA LEU KA 22 8.95 26.81 -29.53
C LEU KA 22 9.18 28.23 -30.05
N LEU KA 23 8.70 29.22 -29.31
CA LEU KA 23 8.92 30.61 -29.69
C LEU KA 23 10.40 30.96 -29.69
N LEU KA 24 11.13 30.53 -28.66
CA LEU KA 24 12.57 30.80 -28.59
C LEU KA 24 13.30 30.16 -29.76
N ILE KA 25 13.02 28.89 -30.04
CA ILE KA 25 13.71 28.19 -31.13
C ILE KA 25 13.38 28.83 -32.47
N PHE KA 26 12.10 29.13 -32.71
CA PHE KA 26 11.72 29.64 -34.02
C PHE KA 26 12.21 31.06 -34.24
N VAL KA 27 12.18 31.91 -33.21
CA VAL KA 27 12.69 33.27 -33.38
C VAL KA 27 14.21 33.25 -33.53
N LEU KA 28 14.90 32.33 -32.83
CA LEU KA 28 16.34 32.21 -33.04
C LEU KA 28 16.65 31.77 -34.47
N ALA KA 29 15.87 30.84 -35.00
CA ALA KA 29 16.06 30.43 -36.40
C ALA KA 29 15.76 31.58 -37.36
N VAL KA 30 14.70 32.35 -37.09
CA VAL KA 30 14.36 33.52 -37.90
C VAL KA 30 15.51 34.52 -37.92
N LEU KA 31 16.10 34.78 -36.77
CA LEU KA 31 17.19 35.74 -36.70
C LEU KA 31 18.45 35.22 -37.39
N PHE KA 32 18.82 33.98 -37.14
CA PHE KA 32 20.11 33.48 -37.57
C PHE KA 32 20.12 32.81 -38.95
N SER KA 33 18.95 32.61 -39.57
CA SER KA 33 18.95 31.98 -40.90
C SER KA 33 19.59 32.88 -41.95
N SER KA 34 19.37 34.19 -41.85
CA SER KA 34 19.97 35.12 -42.80
C SER KA 34 21.49 35.12 -42.71
N TYR KA 35 22.04 34.79 -41.54
CA TYR KA 35 23.48 34.73 -41.35
C TYR KA 35 24.06 33.37 -41.68
N ILE KA 36 23.34 32.29 -41.38
CA ILE KA 36 23.82 30.96 -41.70
C ILE KA 36 23.80 30.74 -43.21
N PHE KA 37 22.70 31.10 -43.86
CA PHE KA 37 22.63 31.01 -45.32
C PHE KA 37 23.56 32.03 -45.97
N ASN KA 38 23.68 33.21 -45.36
CA ASN KA 38 24.56 34.31 -45.78
C ASN KA 38 24.30 34.78 -47.21
N GLU LA 1 23.69 25.75 -57.41
CA GLU LA 1 23.00 26.61 -56.45
C GLU LA 1 22.68 25.82 -55.19
N VAL LA 2 21.85 26.42 -54.33
CA VAL LA 2 21.30 25.83 -53.10
C VAL LA 2 22.38 25.57 -52.05
N ASN LA 3 22.27 26.25 -50.92
CA ASN LA 3 23.20 26.09 -49.80
C ASN LA 3 22.71 24.92 -48.95
N ILE LA 4 23.23 23.72 -49.26
CA ILE LA 4 22.77 22.51 -48.58
C ILE LA 4 23.23 22.48 -47.13
N LEU LA 5 24.40 23.04 -46.83
CA LEU LA 5 24.87 23.09 -45.45
C LEU LA 5 23.96 23.97 -44.59
N GLY LA 6 23.62 25.15 -45.10
CA GLY LA 6 22.70 26.02 -44.37
C GLY LA 6 21.31 25.42 -44.27
N LEU LA 7 20.85 24.76 -45.33
CA LEU LA 7 19.55 24.09 -45.29
C LEU LA 7 19.52 23.02 -44.21
N THR LA 8 20.57 22.20 -44.13
CA THR LA 8 20.63 21.16 -43.11
C THR LA 8 20.71 21.77 -41.71
N ALA LA 9 21.54 22.80 -41.53
CA ALA LA 9 21.69 23.43 -40.22
C ALA LA 9 20.36 24.01 -39.74
N THR LA 10 19.68 24.76 -40.61
CA THR LA 10 18.39 25.33 -40.25
C THR LA 10 17.35 24.24 -39.99
N ALA LA 11 17.34 23.19 -40.81
CA ALA LA 11 16.35 22.13 -40.66
C ALA LA 11 16.50 21.41 -39.32
N LEU LA 12 17.73 21.03 -38.95
CA LEU LA 12 17.90 20.35 -37.67
C LEU LA 12 17.68 21.28 -36.50
N PHE LA 13 18.10 22.55 -36.61
CA PHE LA 13 17.85 23.49 -35.52
C PHE LA 13 16.36 23.73 -35.33
N ILE LA 14 15.55 23.59 -36.39
CA ILE LA 14 14.11 23.51 -36.18
C ILE LA 14 13.73 22.22 -35.49
N ILE LA 15 14.00 21.07 -36.14
CA ILE LA 15 13.29 19.85 -35.80
C ILE LA 15 13.72 19.29 -34.43
N ILE LA 16 15.01 19.33 -34.11
CA ILE LA 16 15.46 18.61 -32.92
C ILE LA 16 15.00 19.30 -31.64
N PRO LA 17 15.19 20.62 -31.42
CA PRO LA 17 14.59 21.23 -30.23
C PRO LA 17 13.06 21.23 -30.25
N THR LA 18 12.45 21.34 -31.43
CA THR LA 18 10.99 21.27 -31.52
C THR LA 18 10.49 19.90 -31.09
N SER LA 19 11.11 18.82 -31.59
CA SER LA 19 10.73 17.48 -31.18
C SER LA 19 10.99 17.27 -29.70
N PHE LA 20 12.05 17.87 -29.18
CA PHE LA 20 12.39 17.76 -27.76
C PHE LA 20 11.29 18.39 -26.90
N LEU LA 21 10.93 19.64 -27.21
CA LEU LA 21 9.91 20.33 -26.44
C LEU LA 21 8.56 19.65 -26.56
N LEU LA 22 8.20 19.21 -27.78
CA LEU LA 22 6.93 18.51 -27.97
C LEU LA 22 6.91 17.17 -27.25
N ILE LA 23 8.03 16.44 -27.22
CA ILE LA 23 8.00 15.14 -26.55
C ILE LA 23 7.86 15.32 -25.04
N LEU LA 24 8.52 16.32 -24.47
CA LEU LA 24 8.30 16.54 -23.04
C LEU LA 24 6.89 17.04 -22.77
N TYR LA 25 6.31 17.82 -23.68
CA TYR LA 25 4.93 18.25 -23.50
C TYR LA 25 3.95 17.08 -23.53
N VAL LA 26 4.08 16.19 -24.52
CA VAL LA 26 3.11 15.12 -24.66
C VAL LA 26 3.32 14.06 -23.58
N LYS LA 27 4.57 13.86 -23.14
CA LYS LA 27 4.81 12.96 -22.02
C LYS LA 27 4.40 13.56 -20.69
N THR LA 28 4.38 14.90 -20.57
CA THR LA 28 3.88 15.53 -19.36
C THR LA 28 2.36 15.48 -19.32
N ALA LA 29 1.71 15.69 -20.46
CA ALA LA 29 0.26 15.61 -20.53
C ALA LA 29 -0.25 14.16 -20.50
N ALA LA 30 0.59 13.20 -20.87
CA ALA LA 30 0.20 11.79 -20.78
C ALA LA 30 0.07 11.36 -19.32
N SER LA 31 1.00 11.81 -18.47
CA SER LA 31 0.97 11.53 -17.04
C SER LA 31 1.04 12.88 -16.32
N GLU LA 32 -0.13 13.44 -16.01
CA GLU LA 32 -0.20 14.74 -15.36
C GLU LA 32 0.34 14.67 -13.93
N LEU MA 1 -7.62 69.83 -76.87
CA LEU MA 1 -7.57 71.18 -76.33
C LEU MA 1 -6.54 72.02 -77.07
N THR MA 2 -7.03 72.92 -77.93
CA THR MA 2 -6.19 73.79 -78.73
C THR MA 2 -5.42 74.73 -77.80
N TYR MA 3 -4.20 75.11 -78.22
CA TYR MA 3 -3.30 75.94 -77.42
C TYR MA 3 -3.92 77.28 -77.02
N ASP MA 4 -4.88 77.80 -77.81
CA ASP MA 4 -5.46 79.10 -77.51
C ASP MA 4 -6.24 79.09 -76.21
N GLU MA 5 -7.04 78.05 -75.96
CA GLU MA 5 -7.81 77.97 -74.73
C GLU MA 5 -7.01 77.44 -73.55
N LEU MA 6 -5.85 76.83 -73.80
CA LEU MA 6 -5.02 76.35 -72.69
C LEU MA 6 -4.37 77.50 -71.94
N GLN MA 7 -3.92 78.53 -72.66
CA GLN MA 7 -3.28 79.67 -72.02
C GLN MA 7 -4.23 80.46 -71.15
N GLY MA 8 -5.54 80.39 -71.40
CA GLY MA 8 -6.53 81.12 -70.64
C GLY MA 8 -6.94 80.49 -69.33
N LEU MA 9 -6.34 79.36 -68.96
CA LEU MA 9 -6.64 78.66 -67.72
C LEU MA 9 -5.57 78.99 -66.69
N THR MA 10 -5.98 79.14 -65.43
CA THR MA 10 -5.04 79.46 -64.38
C THR MA 10 -4.20 78.24 -64.03
N TYR MA 11 -3.10 78.50 -63.32
CA TYR MA 11 -2.17 77.43 -62.95
C TYR MA 11 -2.77 76.46 -61.95
N LEU MA 12 -3.79 76.89 -61.19
CA LEU MA 12 -4.42 75.96 -60.26
C LEU MA 12 -5.37 74.99 -60.97
N GLN MA 13 -6.05 75.45 -62.02
CA GLN MA 13 -7.02 74.62 -62.72
C GLN MA 13 -6.35 73.45 -63.44
N VAL MA 14 -5.16 73.69 -63.99
CA VAL MA 14 -4.41 72.64 -64.68
C VAL MA 14 -3.75 71.70 -63.67
N LYS MA 15 -3.47 72.20 -62.47
CA LYS MA 15 -2.70 71.45 -61.48
C LYS MA 15 -3.50 70.25 -60.97
N GLY MA 16 -2.93 69.06 -61.16
CA GLY MA 16 -3.58 67.82 -60.75
C GLY MA 16 -4.54 67.21 -61.74
N THR MA 17 -4.76 67.85 -62.90
CA THR MA 17 -5.68 67.32 -63.90
C THR MA 17 -4.98 66.65 -65.06
N GLY MA 18 -3.68 66.88 -65.25
CA GLY MA 18 -2.94 66.21 -66.30
C GLY MA 18 -3.13 66.79 -67.69
N ILE MA 19 -3.81 67.94 -67.83
CA ILE MA 19 -4.00 68.48 -69.17
C ILE MA 19 -2.74 69.19 -69.65
N ALA MA 20 -1.81 69.49 -68.74
CA ALA MA 20 -0.52 70.02 -69.16
C ALA MA 20 0.30 68.98 -69.91
N ASN MA 21 0.12 67.70 -69.59
CA ASN MA 21 0.73 66.60 -70.32
C ASN MA 21 0.15 66.45 -71.73
N THR MA 22 -1.10 66.88 -71.93
CA THR MA 22 -1.76 66.78 -73.22
C THR MA 22 -1.22 67.87 -74.15
N CYS MA 23 -0.85 67.47 -75.35
CA CYS MA 23 -0.37 68.44 -76.32
C CYS MA 23 -1.53 69.13 -77.01
N PRO MA 24 -1.37 70.39 -77.40
CA PRO MA 24 -2.45 71.12 -78.07
C PRO MA 24 -2.77 70.54 -79.45
N VAL MA 25 -4.01 70.72 -79.85
CA VAL MA 25 -4.52 70.18 -81.11
C VAL MA 25 -5.02 71.33 -81.98
N VAL MA 26 -5.49 70.97 -83.17
CA VAL MA 26 -6.01 71.91 -84.14
C VAL MA 26 -7.42 71.49 -84.52
N GLU MA 27 -8.36 72.43 -84.45
CA GLU MA 27 -9.73 72.17 -84.86
C GLU MA 27 -10.22 73.07 -85.98
N GLN MA 28 -9.77 74.31 -86.04
CA GLN MA 28 -10.18 75.25 -87.09
C GLN MA 28 -9.36 75.10 -88.37
N GLY MA 29 -8.27 74.35 -88.34
CA GLY MA 29 -7.42 74.21 -89.49
C GLY MA 29 -8.00 73.28 -90.54
N THR MA 30 -7.22 73.09 -91.61
CA THR MA 30 -7.61 72.24 -92.72
C THR MA 30 -6.73 71.00 -92.77
N SER MA 31 -7.17 70.01 -93.55
CA SER MA 31 -6.39 68.80 -93.79
C SER MA 31 -5.81 68.75 -95.20
N ASN MA 32 -5.71 69.90 -95.87
CA ASN MA 32 -5.17 69.93 -97.23
C ASN MA 32 -3.68 69.62 -97.24
N VAL MA 33 -2.96 69.95 -96.17
CA VAL MA 33 -1.56 69.61 -95.92
C VAL MA 33 -0.61 70.22 -96.95
N ARG MA 34 -0.79 69.87 -98.23
CA ARG MA 34 0.04 70.45 -99.28
C ARG MA 34 -0.27 71.93 -99.53
N GLU MA 35 -1.33 72.47 -98.92
CA GLU MA 35 -1.73 73.86 -99.10
C GLU MA 35 -0.74 74.84 -98.47
N LEU MA 36 0.07 74.38 -97.52
CA LEU MA 36 0.94 75.26 -96.74
C LEU MA 36 1.93 76.00 -97.63
N LYS MA 37 2.09 77.29 -97.36
CA LYS MA 37 2.87 78.16 -98.23
C LYS MA 37 4.37 77.87 -98.09
N PRO MA 38 5.07 77.59 -99.20
CA PRO MA 38 6.49 77.27 -99.12
C PRO MA 38 7.33 78.46 -98.66
N GLY MA 39 8.57 78.16 -98.32
CA GLY MA 39 9.51 79.17 -97.89
C GLY MA 39 10.36 78.65 -96.74
N ASP MA 40 10.80 79.58 -95.91
CA ASP MA 40 11.58 79.26 -94.71
C ASP MA 40 10.77 79.65 -93.48
N TYR MA 41 10.70 78.74 -92.51
CA TYR MA 41 9.97 78.97 -91.28
C TYR MA 41 10.91 78.82 -90.08
N LYS MA 42 10.67 79.64 -89.06
CA LYS MA 42 11.41 79.60 -87.80
C LYS MA 42 10.34 79.38 -86.73
N LEU MA 43 9.99 78.12 -86.50
CA LEU MA 43 8.89 77.81 -85.61
C LEU MA 43 9.40 77.57 -84.20
N GLU MA 44 8.47 77.56 -83.25
CA GLU MA 44 8.76 77.41 -81.84
C GLU MA 44 7.74 76.49 -81.20
N LYS MA 45 8.03 76.10 -79.95
CA LYS MA 45 7.12 75.35 -79.09
C LYS MA 45 6.76 73.98 -79.67
N PHE MA 46 7.76 73.12 -79.84
CA PHE MA 46 7.48 71.73 -80.20
C PHE MA 46 6.87 71.01 -79.02
N CYS MA 47 5.60 70.65 -79.14
CA CYS MA 47 4.90 69.84 -78.16
C CYS MA 47 4.82 68.41 -78.69
N MET MA 48 5.11 67.45 -77.81
CA MET MA 48 5.24 66.06 -78.27
C MET MA 48 4.88 65.14 -77.11
N GLU MA 49 3.72 64.50 -77.19
CA GLU MA 49 3.35 63.53 -76.17
C GLU MA 49 3.11 62.17 -76.80
N PRO MA 50 3.40 61.08 -76.09
CA PRO MA 50 3.14 59.75 -76.62
C PRO MA 50 1.70 59.31 -76.38
N THR MA 51 1.35 58.20 -77.04
CA THR MA 51 0.06 57.54 -76.87
C THR MA 51 0.21 56.06 -76.55
N SER MA 52 1.30 55.43 -77.00
CA SER MA 52 1.54 54.02 -76.71
C SER MA 52 3.03 53.82 -76.44
N PHE MA 53 3.35 52.69 -75.82
CA PHE MA 53 4.72 52.31 -75.51
C PHE MA 53 4.84 50.80 -75.68
N THR MA 54 5.27 50.35 -76.84
CA THR MA 54 5.47 48.94 -77.10
C THR MA 54 6.95 48.67 -77.32
N VAL MA 55 7.43 47.54 -76.80
CA VAL MA 55 8.86 47.24 -76.74
C VAL MA 55 9.14 46.00 -77.58
N LYS MA 56 10.20 46.06 -78.38
CA LYS MA 56 10.62 44.94 -79.22
C LYS MA 56 11.46 43.98 -78.37
N GLU MA 57 11.18 42.69 -78.51
CA GLU MA 57 11.95 41.65 -77.85
C GLU MA 57 12.24 40.53 -78.86
N GLU MA 58 13.30 39.77 -78.61
CA GLU MA 58 13.76 38.75 -79.53
C GLU MA 58 13.45 37.37 -78.95
N ASP MA 59 12.62 36.62 -79.68
CA ASP MA 59 12.40 35.23 -79.33
C ASP MA 59 13.57 34.38 -79.83
N ALA MA 60 13.74 33.22 -79.23
CA ALA MA 60 14.76 32.28 -79.73
C ALA MA 60 14.16 31.28 -80.71
N LYS MA 61 13.37 31.77 -81.67
CA LYS MA 61 12.86 30.94 -82.75
C LYS MA 61 12.81 31.66 -84.10
N GLY MA 62 13.11 32.95 -84.16
CA GLY MA 62 13.32 33.61 -85.44
C GLY MA 62 12.16 34.33 -86.13
N ARG MA 63 11.50 35.26 -85.43
CA ARG MA 63 10.55 36.14 -86.10
C ARG MA 63 10.47 37.47 -85.33
N GLU MA 64 9.91 38.48 -86.00
CA GLU MA 64 9.84 39.84 -85.48
C GLU MA 64 8.42 40.16 -85.07
N GLU MA 65 8.23 40.57 -83.81
CA GLU MA 65 6.91 40.92 -83.28
C GLU MA 65 7.05 41.94 -82.15
N PHE MA 66 5.99 42.70 -81.92
CA PHE MA 66 5.88 43.67 -80.84
C PHE MA 66 4.76 43.27 -79.89
N VAL MA 67 4.75 43.88 -78.70
CA VAL MA 67 3.74 43.58 -77.68
C VAL MA 67 3.51 44.81 -76.81
N LYS MA 68 2.28 44.98 -76.36
CA LYS MA 68 1.91 46.10 -75.49
C LYS MA 68 2.50 45.92 -74.10
N THR MA 69 2.63 47.02 -73.37
CA THR MA 69 3.24 47.04 -72.05
C THR MA 69 2.43 47.90 -71.09
N LYS MA 70 2.87 47.92 -69.83
CA LYS MA 70 2.24 48.71 -68.78
C LYS MA 70 3.26 49.64 -68.15
N LEU MA 71 2.89 50.92 -68.05
CA LEU MA 71 3.83 51.95 -67.61
C LEU MA 71 3.92 52.02 -66.10
N LEU MA 72 5.16 52.03 -65.60
CA LEU MA 72 5.46 52.33 -64.20
C LEU MA 72 5.68 53.82 -63.97
N THR MA 73 5.89 54.55 -65.06
CA THR MA 73 6.11 55.98 -65.01
C THR MA 73 4.77 56.70 -64.97
N ARG MA 74 4.69 57.76 -64.18
CA ARG MA 74 3.53 58.63 -64.19
C ARG MA 74 3.70 59.72 -65.23
N LEU MA 75 2.91 60.79 -65.14
CA LEU MA 75 2.82 61.77 -66.21
C LEU MA 75 4.07 62.64 -66.33
N THR MA 76 5.17 62.05 -66.80
CA THR MA 76 6.40 62.76 -67.15
C THR MA 76 6.86 62.43 -68.57
N TYR MA 77 5.95 62.04 -69.46
CA TYR MA 77 6.46 61.51 -70.75
C TYR MA 77 6.41 62.49 -71.92
N GLY MA 78 5.80 63.66 -71.80
CA GLY MA 78 5.72 64.52 -72.98
C GLY MA 78 6.95 65.41 -73.12
N LEU MA 79 7.11 65.96 -74.32
CA LEU MA 79 8.19 66.87 -74.67
C LEU MA 79 7.59 68.24 -74.92
N ASP MA 80 8.10 69.26 -74.25
CA ASP MA 80 7.49 70.59 -74.31
C ASP MA 80 8.57 71.67 -74.28
N GLY MA 81 8.47 72.60 -75.23
CA GLY MA 81 9.31 73.78 -75.19
C GLY MA 81 10.57 73.75 -76.03
N MET MA 82 10.50 73.26 -77.27
CA MET MA 82 11.65 73.34 -78.14
C MET MA 82 11.48 74.46 -79.16
N ASN MA 83 12.45 74.57 -80.06
CA ASN MA 83 12.40 75.50 -81.18
C ASN MA 83 13.29 74.96 -82.29
N GLY MA 84 12.95 75.33 -83.52
CA GLY MA 84 13.67 74.80 -84.67
C GLY MA 84 13.21 75.37 -86.00
N SER MA 85 13.45 74.62 -87.08
CA SER MA 85 13.11 75.09 -88.42
C SER MA 85 12.99 73.93 -89.39
N MET MA 86 12.25 74.16 -90.47
CA MET MA 86 12.28 73.31 -91.66
C MET MA 86 12.30 74.22 -92.87
N LYS MA 87 12.86 73.75 -93.98
CA LYS MA 87 12.94 74.54 -95.20
C LYS MA 87 12.05 73.88 -96.24
N ILE MA 88 10.89 74.47 -96.46
CA ILE MA 88 9.84 73.86 -97.28
C ILE MA 88 9.80 74.51 -98.67
N ASN MA 89 9.63 73.68 -99.69
CA ASN MA 89 9.47 74.11 -101.08
C ASN MA 89 8.05 73.82 -101.55
N ASN MA 90 7.81 74.05 -102.85
CA ASN MA 90 6.46 73.88 -103.38
C ASN MA 90 6.07 72.39 -103.46
N ASP MA 91 7.00 71.53 -103.84
CA ASP MA 91 6.68 70.11 -103.97
C ASP MA 91 6.41 69.44 -102.63
N GLY MA 92 7.20 69.76 -101.60
CA GLY MA 92 6.90 69.22 -100.29
C GLY MA 92 8.10 68.75 -99.47
N SER MA 93 9.30 68.79 -100.04
CA SER MA 93 10.48 68.35 -99.32
C SER MA 93 10.80 69.33 -98.18
N VAL MA 94 11.14 68.77 -97.02
CA VAL MA 94 11.37 69.57 -95.82
C VAL MA 94 12.81 69.39 -95.36
N GLU MA 95 13.22 70.26 -94.44
CA GLU MA 95 14.53 70.25 -93.80
C GLU MA 95 14.37 70.43 -92.30
N PHE MA 96 13.48 69.62 -91.72
CA PHE MA 96 13.12 69.71 -90.31
C PHE MA 96 14.32 69.48 -89.41
N ARG MA 97 14.49 70.35 -88.40
CA ARG MA 97 15.64 70.28 -87.49
C ARG MA 97 15.29 70.99 -86.20
N GLU MA 98 15.25 70.25 -85.11
CA GLU MA 98 15.07 70.84 -83.79
C GLU MA 98 16.38 71.43 -83.31
N ASP MA 99 16.32 72.32 -82.31
CA ASP MA 99 17.52 72.95 -81.78
C ASP MA 99 17.74 72.65 -80.30
N GLU MA 100 16.79 73.00 -79.43
CA GLU MA 100 17.00 72.97 -77.98
C GLU MA 100 15.68 73.09 -77.25
N GLY MA 101 15.54 72.32 -76.18
CA GLY MA 101 14.34 72.33 -75.35
C GLY MA 101 14.28 71.05 -74.53
N LEU MA 102 13.13 70.84 -73.88
CA LEU MA 102 12.90 69.61 -73.12
C LEU MA 102 12.74 68.46 -74.11
N ASP MA 103 13.87 68.01 -74.61
CA ASP MA 103 13.97 66.99 -75.64
C ASP MA 103 14.33 65.62 -75.07
N TYR MA 104 13.94 65.34 -73.84
CA TYR MA 104 14.18 64.05 -73.19
C TYR MA 104 13.15 63.87 -72.09
N ALA MA 105 12.94 62.62 -71.69
CA ALA MA 105 12.02 62.31 -70.60
C ALA MA 105 12.38 60.95 -70.02
N ALA MA 106 12.58 60.91 -68.71
CA ALA MA 106 12.85 59.66 -68.01
C ALA MA 106 11.56 58.87 -67.90
N THR MA 107 11.58 57.61 -68.35
CA THR MA 107 10.41 56.76 -68.37
C THR MA 107 10.84 55.33 -68.02
N THR MA 108 10.00 54.63 -67.27
CA THR MA 108 10.22 53.24 -66.90
C THR MA 108 8.97 52.44 -67.23
N VAL MA 109 9.15 51.33 -67.95
CA VAL MA 109 8.05 50.50 -68.41
C VAL MA 109 8.43 49.04 -68.26
N LYS MA 110 7.42 48.18 -68.07
CA LYS MA 110 7.65 46.75 -67.97
C LYS MA 110 6.89 45.97 -69.03
N LEU MA 111 7.57 44.99 -69.61
CA LEU MA 111 6.98 44.00 -70.48
C LEU MA 111 6.10 43.08 -69.65
N PRO MA 112 5.17 42.35 -70.27
CA PRO MA 112 4.49 41.27 -69.54
C PRO MA 112 5.52 40.26 -69.02
N GLY MA 113 5.35 39.86 -67.77
CA GLY MA 113 6.30 39.01 -67.10
C GLY MA 113 7.12 39.70 -66.03
N GLY MA 114 7.32 41.00 -66.11
CA GLY MA 114 7.92 41.75 -65.02
C GLY MA 114 9.38 42.14 -65.17
N GLU MA 115 9.81 42.63 -66.32
CA GLU MA 115 11.20 43.04 -66.51
C GLU MA 115 11.31 44.55 -66.68
N TYR MA 116 12.11 45.17 -65.81
CA TYR MA 116 12.30 46.61 -65.83
C TYR MA 116 13.00 47.06 -67.10
N VAL MA 117 12.38 47.97 -67.83
CA VAL MA 117 12.95 48.58 -69.02
C VAL MA 117 12.82 50.09 -68.90
N PRO MA 118 13.81 50.76 -68.31
CA PRO MA 118 13.78 52.22 -68.32
C PRO MA 118 14.37 52.76 -69.62
N PHE MA 119 13.87 53.92 -70.04
CA PHE MA 119 14.38 54.52 -71.26
C PHE MA 119 14.23 56.03 -71.18
N LEU MA 120 15.02 56.71 -71.99
CA LEU MA 120 15.04 58.16 -72.06
C LEU MA 120 14.37 58.56 -73.38
N PHE MA 121 13.14 59.07 -73.29
CA PHE MA 121 12.36 59.39 -74.49
C PHE MA 121 12.92 60.68 -75.09
N THR MA 122 13.89 60.53 -75.98
CA THR MA 122 14.59 61.66 -76.57
C THR MA 122 14.24 61.81 -78.04
N ILE MA 123 14.35 63.04 -78.53
CA ILE MA 123 14.09 63.34 -79.93
C ILE MA 123 15.22 64.23 -80.45
N LYS MA 124 16.24 64.44 -79.61
CA LYS MA 124 17.23 65.48 -79.88
C LYS MA 124 18.08 65.18 -81.10
N GLU MA 125 18.54 66.27 -81.74
CA GLU MA 125 19.38 66.22 -82.95
C GLU MA 125 18.70 65.44 -84.07
N PHE MA 126 17.45 65.81 -84.33
CA PHE MA 126 16.62 65.14 -85.32
C PHE MA 126 16.67 65.92 -86.63
N ASP MA 127 17.10 65.26 -87.70
CA ASP MA 127 17.07 65.83 -89.04
C ASP MA 127 15.85 65.27 -89.78
N GLY MA 128 15.06 66.16 -90.37
CA GLY MA 128 13.86 65.74 -91.05
C GLY MA 128 13.88 66.01 -92.54
N LYS MA 129 13.90 64.94 -93.34
CA LYS MA 129 13.99 65.05 -94.78
C LYS MA 129 12.88 64.22 -95.41
N GLY MA 130 12.07 64.85 -96.25
CA GLY MA 130 11.02 64.15 -96.96
C GLY MA 130 9.79 65.03 -97.11
N THR MA 131 8.74 64.43 -97.67
CA THR MA 131 7.50 65.13 -97.95
C THR MA 131 6.69 65.31 -96.68
N LEU MA 132 5.64 66.12 -96.76
CA LEU MA 132 4.77 66.37 -95.60
C LEU MA 132 4.02 65.11 -95.20
N ASP MA 133 3.65 64.28 -96.18
CA ASP MA 133 2.90 63.06 -95.89
C ASP MA 133 3.73 62.09 -95.06
N SER MA 134 5.02 61.95 -95.37
CA SER MA 134 5.90 61.05 -94.64
C SER MA 134 7.33 61.52 -94.78
N PHE MA 135 7.88 62.08 -93.72
CA PHE MA 135 9.28 62.47 -93.68
C PHE MA 135 9.91 61.88 -92.42
N SER MA 136 11.10 61.32 -92.58
CA SER MA 136 11.77 60.65 -91.47
C SER MA 136 13.21 61.15 -91.34
N GLY MA 137 13.98 60.49 -90.48
CA GLY MA 137 15.37 60.89 -90.27
C GLY MA 137 15.94 60.15 -89.08
N ASP MA 138 16.98 60.74 -88.50
CA ASP MA 138 17.65 60.16 -87.35
C ASP MA 138 17.83 61.23 -86.28
N PHE MA 139 17.77 60.80 -85.03
CA PHE MA 139 17.94 61.69 -83.89
C PHE MA 139 18.95 61.07 -82.91
N LEU MA 140 19.74 61.92 -82.27
CA LEU MA 140 20.71 61.46 -81.29
C LEU MA 140 20.00 60.92 -80.06
N VAL MA 141 20.48 59.79 -79.56
CA VAL MA 141 19.95 59.15 -78.36
C VAL MA 141 21.05 59.14 -77.31
N PRO MA 142 20.92 59.92 -76.21
CA PRO MA 142 21.88 59.79 -75.11
C PRO MA 142 21.76 58.45 -74.41
N SER MA 143 22.70 58.14 -73.51
CA SER MA 143 22.67 56.85 -72.82
C SER MA 143 21.42 56.71 -71.98
N TYR MA 144 21.32 57.51 -70.90
CA TYR MA 144 20.23 57.60 -69.93
C TYR MA 144 20.72 58.41 -68.74
N ARG MA 145 21.84 57.98 -68.18
CA ARG MA 145 22.44 58.59 -67.00
C ARG MA 145 23.65 59.41 -67.40
N GLY MA 146 24.04 60.32 -66.52
CA GLY MA 146 25.32 60.97 -66.67
C GLY MA 146 26.45 60.02 -66.29
N SER MA 147 27.66 60.40 -66.67
CA SER MA 147 28.81 59.57 -66.31
C SER MA 147 29.15 59.66 -64.83
N THR MA 148 28.53 60.60 -64.10
CA THR MA 148 28.70 60.72 -62.66
C THR MA 148 27.71 59.90 -61.86
N PHE MA 149 26.88 59.09 -62.53
CA PHE MA 149 25.92 58.25 -61.85
C PHE MA 149 26.61 57.10 -61.14
N LEU MA 150 26.13 56.74 -59.96
CA LEU MA 150 26.74 55.69 -59.14
C LEU MA 150 25.85 54.47 -59.03
N ASP MA 151 26.46 53.30 -59.24
CA ASP MA 151 25.84 52.01 -58.97
C ASP MA 151 25.83 51.79 -57.45
N PRO MA 152 25.03 50.85 -56.91
CA PRO MA 152 24.94 50.76 -55.44
C PRO MA 152 26.22 50.30 -54.75
N LYS MA 153 27.19 49.76 -55.50
CA LYS MA 153 28.50 49.46 -54.96
C LYS MA 153 29.41 50.70 -54.92
N GLY MA 154 28.94 51.83 -55.43
CA GLY MA 154 29.72 53.04 -55.45
C GLY MA 154 30.64 53.18 -56.64
N ARG MA 155 30.75 52.16 -57.48
CA ARG MA 155 31.58 52.22 -58.66
C ARG MA 155 30.93 53.11 -59.73
N GLY MA 156 31.63 53.30 -60.83
CA GLY MA 156 31.05 54.08 -61.90
C GLY MA 156 32.01 54.34 -63.04
N GLY MA 157 31.70 55.39 -63.78
CA GLY MA 157 32.42 55.81 -64.97
C GLY MA 157 33.36 56.96 -64.67
N ALA MA 158 32.90 58.19 -64.94
CA ALA MA 158 33.71 59.38 -64.67
C ALA MA 158 34.10 59.47 -63.20
N THR MA 159 33.22 59.06 -62.29
CA THR MA 159 33.53 58.99 -60.88
C THR MA 159 33.13 57.64 -60.33
N GLY MA 160 33.77 57.25 -59.24
CA GLY MA 160 33.44 56.00 -58.59
C GLY MA 160 34.70 55.22 -58.27
N TYR MA 161 34.51 53.92 -58.08
CA TYR MA 161 35.59 53.02 -57.71
C TYR MA 161 36.14 52.23 -58.89
N ASP MA 162 35.27 51.85 -59.84
CA ASP MA 162 35.51 50.95 -60.97
C ASP MA 162 36.31 49.70 -60.59
N ASN MA 163 36.12 49.23 -59.36
CA ASN MA 163 36.80 48.05 -58.85
C ASN MA 163 35.88 47.35 -57.87
N ALA MA 164 36.17 46.08 -57.59
CA ALA MA 164 35.34 45.30 -56.69
C ALA MA 164 35.64 45.65 -55.23
N ILE MA 165 34.95 46.66 -54.71
CA ILE MA 165 35.12 47.06 -53.31
C ILE MA 165 34.53 46.01 -52.38
N ALA MA 166 33.39 45.44 -52.74
CA ALA MA 166 32.70 44.48 -51.88
C ALA MA 166 33.52 43.22 -51.65
N LEU MA 167 34.14 42.69 -52.69
CA LEU MA 167 34.98 41.50 -52.56
C LEU MA 167 36.35 41.77 -53.20
N PRO MA 168 37.41 41.79 -52.42
CA PRO MA 168 38.72 42.23 -52.92
C PRO MA 168 39.45 41.21 -53.79
N ALA MA 169 38.99 39.98 -53.88
CA ALA MA 169 39.69 38.94 -54.64
C ALA MA 169 38.95 38.60 -55.92
N LYS MA 170 38.41 39.62 -56.60
CA LYS MA 170 37.72 39.40 -57.87
C LYS MA 170 38.00 40.62 -58.76
N ALA MA 171 39.07 40.53 -59.55
CA ALA MA 171 39.42 41.58 -60.51
C ALA MA 171 39.95 40.99 -61.82
N ASP MA 172 39.60 39.74 -62.13
CA ASP MA 172 40.14 39.05 -63.28
C ASP MA 172 39.41 39.46 -64.56
N ALA MA 173 39.62 38.71 -65.63
CA ALA MA 173 38.98 39.00 -66.92
C ALA MA 173 37.56 38.43 -66.97
N ASP MA 174 36.75 38.76 -65.97
CA ASP MA 174 35.34 38.38 -65.92
C ASP MA 174 34.42 39.55 -65.62
N GLU MA 175 34.88 40.54 -64.85
CA GLU MA 175 34.11 41.72 -64.53
C GLU MA 175 34.38 42.86 -65.50
N ILE MA 176 35.01 42.57 -66.64
CA ILE MA 176 35.30 43.59 -67.65
C ILE MA 176 34.01 44.25 -68.13
N GLN MA 177 32.97 43.44 -68.34
CA GLN MA 177 31.67 43.98 -68.73
C GLN MA 177 31.07 44.84 -67.62
N ARG MA 178 31.38 44.55 -66.37
CA ARG MA 178 30.80 45.24 -65.21
C ARG MA 178 31.70 46.34 -64.66
N LEU MA 179 33.01 46.19 -64.75
CA LEU MA 179 33.95 47.14 -64.17
C LEU MA 179 34.72 47.95 -65.21
N ASN MA 180 35.22 47.28 -66.25
CA ASN MA 180 36.20 47.93 -67.12
C ASN MA 180 35.54 48.77 -68.21
N ASN MA 181 34.47 48.27 -68.82
CA ASN MA 181 33.89 49.00 -69.96
C ASN MA 181 33.23 50.31 -69.53
N LYS MA 182 32.12 50.22 -68.79
CA LYS MA 182 31.35 51.38 -68.32
C LYS MA 182 31.05 52.36 -69.46
N SER MA 183 30.61 51.81 -70.59
CA SER MA 183 30.43 52.60 -71.80
C SER MA 183 29.21 53.52 -71.70
N TYR MA 184 29.38 54.75 -72.16
CA TYR MA 184 28.28 55.70 -72.37
C TYR MA 184 28.25 56.22 -73.80
N THR MA 185 28.54 55.35 -74.77
CA THR MA 185 28.50 55.78 -76.16
C THR MA 185 27.05 56.04 -76.56
N PRO MA 186 26.72 57.26 -77.00
CA PRO MA 186 25.34 57.56 -77.36
C PRO MA 186 24.92 56.87 -78.65
N GLY MA 187 23.75 56.24 -78.60
CA GLY MA 187 23.18 55.57 -79.76
C GLY MA 187 22.41 56.53 -80.65
N LYS MA 188 21.81 55.96 -81.69
CA LYS MA 188 21.01 56.73 -82.63
C LYS MA 188 19.69 56.02 -82.88
N GLY MA 189 18.64 56.82 -83.09
CA GLY MA 189 17.33 56.28 -83.33
C GLY MA 189 16.67 57.00 -84.51
N SER MA 190 15.63 56.36 -85.03
CA SER MA 190 14.91 56.86 -86.20
C SER MA 190 13.48 57.18 -85.83
N ALA MA 191 13.02 58.36 -86.22
CA ALA MA 191 11.64 58.77 -86.00
C ALA MA 191 11.03 59.21 -87.32
N VAL MA 192 9.91 58.59 -87.67
CA VAL MA 192 9.15 58.94 -88.87
C VAL MA 192 7.93 59.74 -88.43
N PHE MA 193 7.68 60.85 -89.11
CA PHE MA 193 6.61 61.76 -88.77
C PHE MA 193 5.58 61.84 -89.89
N SER MA 194 4.53 62.61 -89.61
CA SER MA 194 3.50 62.93 -90.60
C SER MA 194 2.80 64.19 -90.12
N VAL MA 195 2.58 65.12 -91.04
CA VAL MA 195 1.94 66.39 -90.72
C VAL MA 195 0.46 66.28 -91.06
N ALA MA 196 -0.39 66.52 -90.07
CA ALA MA 196 -1.84 66.50 -90.25
C ALA MA 196 -2.44 67.71 -89.57
N LYS MA 197 -3.63 68.08 -90.02
CA LYS MA 197 -4.43 69.18 -89.48
C LYS MA 197 -3.65 70.50 -89.53
N VAL MA 198 -3.33 70.92 -90.76
CA VAL MA 198 -2.57 72.14 -91.01
C VAL MA 198 -3.46 73.35 -90.81
N ASP MA 199 -2.87 74.44 -90.29
CA ASP MA 199 -3.56 75.70 -90.11
C ASP MA 199 -2.94 76.74 -91.04
N THR MA 200 -3.79 77.54 -91.68
CA THR MA 200 -3.33 78.50 -92.67
C THR MA 200 -3.10 79.89 -92.07
N GLU MA 201 -4.00 80.33 -91.19
CA GLU MA 201 -3.96 81.70 -90.70
C GLU MA 201 -2.81 81.95 -89.73
N THR MA 202 -2.60 81.06 -88.77
CA THR MA 202 -1.56 81.26 -87.76
C THR MA 202 -0.46 80.20 -87.82
N GLY MA 203 -0.52 79.27 -88.76
CA GLY MA 203 0.55 78.31 -88.94
C GLY MA 203 0.73 77.31 -87.81
N GLU MA 204 -0.24 76.41 -87.65
CA GLU MA 204 -0.19 75.39 -86.60
C GLU MA 204 -0.39 74.03 -87.26
N ILE MA 205 0.59 73.15 -87.09
CA ILE MA 205 0.52 71.78 -87.57
C ILE MA 205 0.62 70.84 -86.37
N ALA MA 206 -0.23 69.82 -86.37
CA ALA MA 206 -0.29 68.88 -85.24
C ALA MA 206 -0.57 67.49 -85.79
N GLY MA 207 0.49 66.71 -86.00
CA GLY MA 207 0.40 65.39 -86.55
C GLY MA 207 0.73 64.30 -85.54
N VAL MA 208 0.95 63.10 -86.06
CA VAL MA 208 1.33 61.95 -85.26
C VAL MA 208 2.77 61.59 -85.60
N PHE MA 209 3.32 60.66 -84.84
CA PHE MA 209 4.70 60.21 -85.08
C PHE MA 209 4.88 58.78 -84.62
N GLU MA 210 5.86 58.12 -85.22
CA GLU MA 210 6.29 56.79 -84.82
C GLU MA 210 7.81 56.84 -84.72
N SER MA 211 8.35 56.59 -83.53
CA SER MA 211 9.77 56.75 -83.30
C SER MA 211 10.40 55.45 -82.81
N ILE MA 212 11.43 55.00 -83.50
CA ILE MA 212 12.26 53.87 -83.10
C ILE MA 212 13.46 54.42 -82.36
N GLN MA 213 13.59 54.07 -81.09
CA GLN MA 213 14.80 54.45 -80.36
C GLN MA 213 15.21 53.27 -79.49
N PRO MA 214 16.51 53.08 -79.29
CA PRO MA 214 16.96 52.02 -78.39
C PRO MA 214 16.64 52.37 -76.95
N SER MA 215 16.56 51.34 -76.12
CA SER MA 215 16.31 51.52 -74.70
C SER MA 215 17.60 51.91 -74.00
N ASP MA 216 17.58 51.89 -72.67
CA ASP MA 216 18.76 52.20 -71.90
C ASP MA 216 19.72 51.01 -71.89
N THR MA 217 21.01 51.32 -72.02
CA THR MA 217 22.08 50.33 -71.91
C THR MA 217 22.56 50.17 -70.48
N GLU MA 218 21.89 50.82 -69.52
CA GLU MA 218 22.26 50.89 -68.12
C GLU MA 218 23.70 51.36 -67.95
N MET MA 219 24.62 50.41 -67.76
CA MET MA 219 26.04 50.68 -67.65
C MET MA 219 26.82 50.01 -68.76
N GLY MA 220 26.15 49.62 -69.84
CA GLY MA 220 26.76 48.86 -70.91
C GLY MA 220 26.86 47.38 -70.64
N ALA MA 221 26.36 46.89 -69.50
CA ALA MA 221 26.49 45.48 -69.15
C ALA MA 221 25.64 44.61 -70.06
N HIS MA 222 24.41 45.04 -70.34
CA HIS MA 222 23.50 44.26 -71.18
C HIS MA 222 23.05 45.09 -72.37
N PRO MA 223 22.89 44.46 -73.54
CA PRO MA 223 22.53 45.21 -74.75
C PRO MA 223 21.13 45.80 -74.66
N ALA MA 224 20.96 46.93 -75.34
CA ALA MA 224 19.71 47.66 -75.35
C ALA MA 224 18.69 47.01 -76.28
N LYS MA 225 17.42 47.22 -75.97
CA LYS MA 225 16.32 46.76 -76.79
C LYS MA 225 15.69 47.95 -77.51
N ASP MA 226 14.91 47.65 -78.55
CA ASP MA 226 14.26 48.68 -79.34
C ASP MA 226 12.86 48.94 -78.80
N ILE MA 227 12.51 50.21 -78.68
CA ILE MA 227 11.18 50.64 -78.23
C ILE MA 227 10.60 51.57 -79.28
N LYS MA 228 9.42 51.22 -79.79
CA LYS MA 228 8.72 52.10 -80.72
C LYS MA 228 7.67 52.89 -79.94
N ILE MA 229 7.55 54.17 -80.25
CA ILE MA 229 6.67 55.08 -79.54
C ILE MA 229 5.72 55.70 -80.55
N THR MA 230 4.43 55.54 -80.32
CA THR MA 230 3.41 56.17 -81.13
C THR MA 230 2.70 57.23 -80.30
N GLY MA 231 2.47 58.39 -80.90
CA GLY MA 231 1.84 59.47 -80.18
C GLY MA 231 1.45 60.59 -81.10
N LEU MA 232 1.22 61.76 -80.52
CA LEU MA 232 0.84 62.95 -81.27
C LEU MA 232 1.74 64.13 -80.88
N TRP MA 233 2.08 64.95 -81.87
CA TRP MA 233 2.97 66.08 -81.68
C TRP MA 233 2.28 67.37 -82.12
N TYR MA 234 2.90 68.50 -81.80
CA TYR MA 234 2.31 69.80 -82.07
C TYR MA 234 3.40 70.86 -82.22
N GLY MA 235 3.12 71.85 -83.07
CA GLY MA 235 4.05 72.95 -83.27
C GLY MA 235 3.35 74.14 -83.91
N GLN MA 236 3.88 75.33 -83.62
CA GLN MA 236 3.34 76.58 -84.13
C GLN MA 236 4.41 77.25 -84.99
N LEU MA 237 4.05 77.57 -86.23
CA LEU MA 237 4.99 78.11 -87.20
C LEU MA 237 5.04 79.63 -87.13
N THR MA 238 6.26 80.18 -87.15
CA THR MA 238 6.48 81.62 -87.20
C THR MA 238 7.62 81.96 -88.16
N ALA NA 1 56.28 73.52 -17.34
CA ALA NA 1 56.14 74.85 -17.93
C ALA NA 1 56.14 75.94 -16.86
N TYR NA 2 56.15 77.20 -17.30
CA TYR NA 2 56.11 78.31 -16.37
C TYR NA 2 54.67 78.59 -15.93
N GLY NA 3 54.51 79.00 -14.67
CA GLY NA 3 53.20 79.21 -14.10
C GLY NA 3 52.75 80.65 -14.20
N GLU NA 4 51.72 80.87 -15.01
CA GLU NA 4 51.13 82.19 -15.17
C GLU NA 4 49.61 82.05 -15.06
N GLY NA 5 48.98 83.08 -14.50
CA GLY NA 5 47.59 82.97 -14.10
C GLY NA 5 46.61 82.97 -15.26
N ALA NA 6 45.35 82.78 -14.90
CA ALA NA 6 44.28 82.74 -15.90
C ALA NA 6 43.98 84.13 -16.44
N ASN NA 7 43.30 84.16 -17.58
CA ASN NA 7 42.91 85.40 -18.25
C ASN NA 7 41.50 85.77 -17.81
N VAL NA 8 41.39 86.58 -16.78
CA VAL NA 8 40.10 87.07 -16.28
C VAL NA 8 40.05 88.58 -16.47
N PHE NA 9 39.01 89.06 -17.16
CA PHE NA 9 38.84 90.46 -17.52
C PHE NA 9 40.05 90.99 -18.30
N GLY NA 10 40.57 90.17 -19.21
CA GLY NA 10 41.75 90.54 -19.97
C GLY NA 10 41.53 90.62 -21.46
N ARG NA 11 40.27 90.69 -21.87
CA ARG NA 11 39.85 90.86 -23.26
C ARG NA 11 40.33 89.74 -24.18
N VAL NA 12 40.19 89.93 -25.49
CA VAL NA 12 40.60 88.96 -26.49
C VAL NA 12 41.51 89.65 -27.50
N THR NA 13 42.57 88.96 -27.92
CA THR NA 13 43.59 89.55 -28.78
C THR NA 13 43.36 89.27 -30.26
N ASN NA 14 42.38 88.47 -30.63
CA ASN NA 14 42.19 88.12 -32.04
C ASN NA 14 40.70 88.05 -32.34
N LYS NA 15 40.23 88.96 -33.19
CA LYS NA 15 38.84 88.97 -33.63
C LYS NA 15 38.68 89.12 -35.14
N SER NA 16 39.73 89.51 -35.86
CA SER NA 16 39.64 89.65 -37.31
C SER NA 16 39.60 88.31 -38.02
N GLY NA 17 40.10 87.24 -37.38
CA GLY NA 17 40.14 85.94 -38.02
C GLY NA 17 41.19 85.79 -39.10
N PHE NA 18 42.38 86.35 -38.89
CA PHE NA 18 43.46 86.26 -39.86
C PHE NA 18 44.79 86.31 -39.12
N VAL NA 19 45.72 85.45 -39.51
CA VAL NA 19 47.05 85.39 -38.90
C VAL NA 19 48.08 85.80 -39.94
N PRO NA 20 49.14 86.50 -39.56
CA PRO NA 20 50.16 86.91 -40.54
C PRO NA 20 51.14 85.80 -40.83
N TYR NA 21 51.71 85.84 -42.04
CA TYR NA 21 52.72 84.88 -42.47
C TYR NA 21 53.80 85.61 -43.26
N ALA NA 22 55.04 85.34 -42.95
CA ALA NA 22 56.19 85.88 -43.66
C ALA NA 22 57.04 84.73 -44.20
N GLY NA 23 57.28 84.74 -45.50
CA GLY NA 23 58.03 83.66 -46.12
C GLY NA 23 59.23 84.13 -46.92
N ASP NA 24 59.65 83.32 -47.88
CA ASP NA 24 60.78 83.64 -48.74
C ASP NA 24 60.32 84.71 -49.73
N SER NA 25 60.44 85.97 -49.29
CA SER NA 25 60.06 87.16 -50.08
C SER NA 25 58.59 87.15 -50.49
N PHE NA 26 57.71 86.68 -49.60
CA PHE NA 26 56.27 86.78 -49.82
C PHE NA 26 55.58 86.86 -48.46
N ALA NA 27 54.45 87.55 -48.43
CA ALA NA 27 53.67 87.71 -47.21
C ALA NA 27 52.19 87.67 -47.55
N LEU NA 28 51.42 87.01 -46.69
CA LEU NA 28 49.98 86.92 -46.88
C LEU NA 28 49.32 86.64 -45.54
N LEU NA 29 48.05 87.03 -45.43
CA LEU NA 29 47.27 86.82 -44.23
C LEU NA 29 46.48 85.53 -44.37
N LEU NA 30 47.04 84.43 -43.87
CA LEU NA 30 46.39 83.15 -43.94
C LEU NA 30 45.24 83.07 -42.93
N PRO NA 31 44.17 82.34 -43.27
CA PRO NA 31 43.03 82.27 -42.34
C PRO NA 31 43.36 81.44 -41.10
N SER NA 32 42.93 81.94 -39.95
CA SER NA 32 43.12 81.19 -38.71
C SER NA 32 42.12 80.04 -38.60
N LYS NA 33 41.06 80.08 -39.41
CA LYS NA 33 40.12 78.96 -39.47
C LYS NA 33 40.70 77.80 -40.27
N TRP NA 34 41.84 78.02 -40.93
CA TRP NA 34 42.49 77.00 -41.74
C TRP NA 34 43.79 76.55 -41.08
N ASN NA 35 44.17 75.31 -41.35
CA ASN NA 35 45.42 74.74 -40.84
C ASN NA 35 46.25 74.14 -41.97
N PRO NA 36 47.57 74.08 -41.82
CA PRO NA 36 48.41 73.58 -42.92
C PRO NA 36 48.21 72.12 -43.21
N SER NA 37 48.44 71.76 -44.48
CA SER NA 37 48.35 70.40 -44.97
C SER NA 37 49.48 70.16 -45.97
N ASP NA 38 50.19 69.05 -45.78
CA ASP NA 38 51.29 68.67 -46.68
C ASP NA 38 50.75 67.84 -47.84
N GLU NA 39 49.92 68.49 -48.66
CA GLU NA 39 49.27 67.87 -49.82
C GLU NA 39 49.81 68.57 -51.06
N LYS NA 40 50.95 68.12 -51.55
CA LYS NA 40 51.64 68.80 -52.65
C LYS NA 40 51.13 68.22 -53.97
N GLU NA 41 50.09 68.84 -54.53
CA GLU NA 41 49.60 68.46 -55.85
C GLU NA 41 50.68 68.71 -56.91
N VAL NA 42 51.27 69.90 -56.87
CA VAL NA 42 52.39 70.26 -57.72
C VAL NA 42 53.64 70.26 -56.86
N ASP NA 43 54.77 69.83 -57.42
CA ASP NA 43 56.00 69.77 -56.65
C ASP NA 43 56.56 71.15 -56.34
N SER NA 44 56.08 72.20 -57.00
CA SER NA 44 56.56 73.56 -56.76
C SER NA 44 55.86 74.24 -55.60
N ILE NA 45 54.90 73.58 -54.94
CA ILE NA 45 54.18 74.19 -53.84
C ILE NA 45 55.08 74.27 -52.61
N VAL NA 46 55.20 75.46 -52.04
CA VAL NA 46 56.03 75.68 -50.87
C VAL NA 46 55.21 75.85 -49.59
N LEU NA 47 54.00 76.42 -49.67
CA LEU NA 47 53.14 76.64 -48.53
C LEU NA 47 51.72 76.22 -48.88
N ARG NA 48 51.02 75.62 -47.92
CA ARG NA 48 49.64 75.21 -48.14
C ARG NA 48 48.87 75.24 -46.83
N TYR NA 49 47.67 75.80 -46.87
CA TYR NA 49 46.76 75.85 -45.73
C TYR NA 49 45.38 75.36 -46.17
N ALA NA 50 44.73 74.57 -45.32
CA ALA NA 50 43.44 73.99 -45.64
C ALA NA 50 42.49 74.15 -44.46
N ASP NA 51 41.19 74.25 -44.78
CA ASP NA 51 40.17 74.37 -43.75
C ASP NA 51 40.00 73.08 -42.98
N ASN NA 52 39.78 73.20 -41.67
CA ASN NA 52 39.55 72.02 -40.84
C ASN NA 52 38.16 71.44 -41.06
N PHE NA 53 37.21 72.27 -41.51
CA PHE NA 53 35.88 71.77 -41.80
C PHE NA 53 35.84 71.01 -43.12
N ASP NA 54 36.12 71.69 -44.22
CA ASP NA 54 36.11 71.07 -45.54
C ASP NA 54 37.41 71.47 -46.24
N ALA NA 55 38.28 70.48 -46.47
CA ALA NA 55 39.60 70.76 -47.02
C ALA NA 55 39.58 71.18 -48.48
N VAL NA 56 38.41 71.16 -49.14
CA VAL NA 56 38.30 71.78 -50.46
C VAL NA 56 38.60 73.26 -50.37
N ASN NA 57 38.17 73.91 -49.28
CA ASN NA 57 38.54 75.29 -49.02
C ASN NA 57 40.00 75.36 -48.59
N ASN NA 58 40.91 75.38 -49.56
CA ASN NA 58 42.34 75.34 -49.30
C ASN NA 58 43.07 76.35 -50.17
N VAL NA 59 44.23 76.79 -49.69
CA VAL NA 59 45.05 77.79 -50.38
C VAL NA 59 46.49 77.28 -50.45
N TYR NA 60 47.16 77.57 -51.55
CA TYR NA 60 48.59 77.24 -51.67
C TYR NA 60 49.27 78.24 -52.59
N VAL NA 61 50.59 78.31 -52.46
CA VAL NA 61 51.43 79.17 -53.30
C VAL NA 61 52.62 78.35 -53.81
N ILE NA 62 53.21 78.82 -54.89
CA ILE NA 62 54.34 78.15 -55.53
C ILE NA 62 55.47 79.15 -55.74
N ALA NA 63 56.66 78.64 -56.00
CA ALA NA 63 57.81 79.44 -56.42
C ALA NA 63 58.43 78.72 -57.62
N GLN NA 64 57.91 79.00 -58.81
CA GLN NA 64 58.34 78.36 -60.04
C GLN NA 64 59.36 79.24 -60.75
N ASP NA 65 60.55 78.69 -60.98
CA ASP NA 65 61.61 79.41 -61.68
C ASP NA 65 61.19 79.70 -63.11
N THR NA 66 61.39 80.94 -63.56
CA THR NA 66 60.94 81.37 -64.87
C THR NA 66 62.03 82.17 -65.56
N ASP NA 67 61.78 82.49 -66.83
CA ASP NA 67 62.69 83.26 -67.67
C ASP NA 67 62.21 84.68 -67.93
N LYS NA 68 60.90 84.91 -67.90
CA LYS NA 68 60.37 86.25 -68.15
C LYS NA 68 60.63 87.16 -66.95
N SER NA 69 61.03 88.40 -67.24
CA SER NA 69 61.36 89.34 -66.18
C SER NA 69 60.10 89.89 -65.50
N SER NA 70 59.08 90.22 -66.30
CA SER NA 70 57.86 90.81 -65.77
C SER NA 70 56.65 90.01 -66.26
N ILE NA 71 55.57 90.10 -65.48
CA ILE NA 71 54.36 89.35 -65.81
C ILE NA 71 53.73 89.85 -67.10
N GLN NA 72 53.99 91.11 -67.47
CA GLN NA 72 53.52 91.62 -68.75
C GLN NA 72 54.17 90.90 -69.91
N ASP NA 73 55.40 90.40 -69.71
CA ASP NA 73 56.05 89.59 -70.74
C ASP NA 73 55.32 88.27 -71.00
N TYR NA 74 54.43 87.86 -70.10
CA TYR NA 74 53.60 86.69 -70.34
C TYR NA 74 52.46 86.97 -71.33
N GLY NA 75 52.25 88.24 -71.68
CA GLY NA 75 51.22 88.60 -72.64
C GLY NA 75 49.88 88.91 -71.99
N SER NA 76 48.80 88.63 -72.71
CA SER NA 76 47.47 88.88 -72.20
C SER NA 76 47.15 87.93 -71.04
N PRO NA 77 46.32 88.36 -70.08
CA PRO NA 77 45.93 87.46 -68.99
C PRO NA 77 45.20 86.20 -69.44
N GLU NA 78 44.42 86.27 -70.52
CA GLU NA 78 43.77 85.07 -71.04
C GLU NA 78 44.81 84.09 -71.56
N GLU NA 79 45.82 84.58 -72.28
CA GLU NA 79 46.88 83.71 -72.74
C GLU NA 79 47.75 83.22 -71.58
N PHE NA 80 47.78 83.98 -70.49
CA PHE NA 80 48.51 83.54 -69.30
C PHE NA 80 47.79 82.38 -68.61
N ILE NA 81 46.47 82.50 -68.43
CA ILE NA 81 45.73 81.42 -67.78
C ILE NA 81 45.57 80.23 -68.71
N SER NA 82 45.68 80.43 -70.03
CA SER NA 82 45.73 79.29 -70.94
C SER NA 82 47.03 78.53 -70.80
N GLN NA 83 48.12 79.22 -70.40
CA GLN NA 83 49.37 78.53 -70.11
C GLN NA 83 49.26 77.73 -68.82
N PHE NA 84 48.52 78.23 -67.83
CA PHE NA 84 48.38 77.57 -66.53
C PHE NA 84 47.09 76.79 -66.43
N GLY NA 85 46.62 76.21 -67.54
CA GLY NA 85 45.41 75.43 -67.52
C GLY NA 85 45.64 73.97 -67.17
N TYR NA 86 46.56 73.72 -66.23
CA TYR NA 86 46.86 72.38 -65.78
C TYR NA 86 46.84 72.22 -64.26
N LEU NA 87 46.60 73.29 -63.51
CA LEU NA 87 46.44 73.21 -62.06
C LEU NA 87 44.99 73.01 -61.64
N LEU NA 88 44.08 72.93 -62.60
CA LEU NA 88 42.65 72.76 -62.31
C LEU NA 88 42.25 71.30 -62.21
N GLY NA 89 43.08 70.39 -62.73
CA GLY NA 89 42.78 68.97 -62.65
C GLY NA 89 42.21 68.38 -63.92
N ARG NA 90 43.03 67.63 -64.65
CA ARG NA 90 42.58 67.01 -65.89
C ARG NA 90 41.80 65.74 -65.58
N GLN NA 91 40.76 65.49 -66.38
CA GLN NA 91 39.87 64.36 -66.16
C GLN NA 91 40.58 63.03 -66.41
N ALA NA 92 40.26 62.05 -65.58
CA ALA NA 92 40.80 60.71 -65.73
C ALA NA 92 39.89 59.79 -66.53
N TRP NA 93 38.73 60.28 -66.95
CA TRP NA 93 37.77 59.51 -67.73
C TRP NA 93 37.82 59.96 -69.18
N ALA NA 94 38.12 59.03 -70.08
CA ALA NA 94 38.19 59.33 -71.50
C ALA NA 94 37.00 58.73 -72.27
N GLY NA 95 36.05 58.13 -71.58
CA GLY NA 95 34.91 57.53 -72.24
C GLY NA 95 34.00 58.56 -72.87
N GLN NA 96 33.46 58.18 -74.03
CA GLN NA 96 32.55 59.05 -74.77
C GLN NA 96 31.25 59.26 -74.03
N THR NA 97 30.78 60.50 -73.98
CA THR NA 97 29.57 60.83 -73.24
C THR NA 97 28.96 62.12 -73.78
N VAL NA 98 27.63 62.20 -73.74
CA VAL NA 98 26.89 63.39 -74.11
C VAL NA 98 25.82 63.72 -73.06
N SER NA 99 25.56 62.78 -72.16
CA SER NA 99 24.47 62.89 -71.19
C SER NA 99 24.86 63.62 -69.92
N GLU NA 100 25.90 64.48 -69.96
CA GLU NA 100 26.30 65.22 -68.78
C GLU NA 100 25.32 66.36 -68.49
N GLY NA 101 24.86 67.05 -69.53
CA GLY NA 101 23.89 68.11 -69.35
C GLY NA 101 24.51 69.49 -69.18
N GLY NA 102 24.37 70.34 -70.19
CA GLY NA 102 24.95 71.67 -70.13
C GLY NA 102 26.45 71.72 -70.20
N PHE NA 103 27.09 70.68 -70.72
CA PHE NA 103 28.54 70.64 -70.85
C PHE NA 103 28.91 70.22 -72.27
N ASP NA 104 30.19 70.39 -72.58
CA ASP NA 104 30.69 70.05 -73.90
C ASP NA 104 30.69 68.53 -74.11
N ALA NA 105 30.73 68.13 -75.37
CA ALA NA 105 30.73 66.70 -75.71
C ALA NA 105 32.03 66.05 -75.26
N ASN NA 106 31.90 64.83 -74.73
CA ASN NA 106 33.00 64.01 -74.20
C ASN NA 106 33.78 64.71 -73.10
N LYS NA 107 33.12 65.57 -72.33
CA LYS NA 107 33.76 66.34 -71.27
C LYS NA 107 32.98 66.18 -69.97
N VAL NA 108 33.70 66.27 -68.85
CA VAL NA 108 33.11 66.14 -67.53
C VAL NA 108 33.10 67.46 -66.76
N SER NA 109 34.17 68.25 -66.88
CA SER NA 109 34.29 69.48 -66.10
C SER NA 109 34.58 70.63 -67.04
N SER NA 110 34.18 71.83 -66.61
CA SER NA 110 34.43 73.06 -67.35
C SER NA 110 34.68 74.18 -66.36
N ALA NA 111 35.43 75.18 -66.81
CA ALA NA 111 35.81 76.30 -65.97
C ALA NA 111 35.31 77.59 -66.59
N ALA NA 112 34.74 78.47 -65.77
CA ALA NA 112 34.20 79.74 -66.23
C ALA NA 112 35.03 80.87 -65.65
N LEU NA 113 35.56 81.73 -66.51
CA LEU NA 113 36.33 82.88 -66.09
C LEU NA 113 35.38 84.02 -65.74
N LEU NA 114 35.51 84.56 -64.53
CA LEU NA 114 34.60 85.58 -64.04
C LEU NA 114 35.26 86.88 -63.63
N GLY NA 115 36.56 87.06 -63.87
CA GLY NA 115 37.21 88.30 -63.50
C GLY NA 115 38.65 88.43 -63.96
N VAL NA 116 39.04 89.64 -64.34
CA VAL NA 116 40.41 89.94 -64.73
C VAL NA 116 40.80 91.29 -64.12
N ALA NA 117 42.02 91.39 -63.61
CA ALA NA 117 42.51 92.62 -63.03
C ALA NA 117 44.02 92.68 -63.14
N THR NA 118 44.56 93.90 -63.11
CA THR NA 118 45.98 94.18 -63.16
C THR NA 118 46.35 95.13 -62.01
N GLU NA 119 45.92 94.75 -60.81
CA GLU NA 119 46.03 95.66 -59.66
C GLU NA 119 47.48 95.87 -59.26
N LYS NA 120 47.72 97.00 -58.59
CA LYS NA 120 49.06 97.45 -58.24
C LYS NA 120 49.09 97.74 -56.75
N ASP NA 121 50.18 97.37 -56.09
CA ASP NA 121 50.23 97.47 -54.62
C ASP NA 121 51.26 98.48 -54.13
N LYS NA 122 52.55 98.28 -54.40
CA LYS NA 122 53.55 99.22 -53.85
C LYS NA 122 54.60 99.69 -54.84
N LYS NA 123 55.02 98.90 -55.83
CA LYS NA 123 56.15 99.28 -56.68
C LYS NA 123 55.74 99.61 -58.10
N GLY NA 124 54.80 98.88 -58.67
CA GLY NA 124 54.41 99.12 -60.04
C GLY NA 124 54.18 97.84 -60.80
N LYS NA 125 54.71 96.73 -60.29
CA LYS NA 125 54.44 95.43 -60.92
C LYS NA 125 52.95 95.13 -60.77
N THR NA 126 52.35 94.65 -61.85
CA THR NA 126 50.93 94.42 -61.91
C THR NA 126 50.58 93.03 -61.38
N TYR NA 127 49.50 92.97 -60.62
CA TYR NA 127 48.99 91.72 -60.06
C TYR NA 127 47.87 91.21 -60.93
N TYR NA 128 48.11 90.12 -61.64
CA TYR NA 128 47.05 89.46 -62.40
C TYR NA 128 46.09 88.78 -61.44
N LYS NA 129 44.85 89.23 -61.43
CA LYS NA 129 43.81 88.70 -60.55
C LYS NA 129 42.75 88.00 -61.39
N PHE NA 130 42.36 86.80 -60.96
CA PHE NA 130 41.35 86.03 -61.66
C PHE NA 130 40.40 85.39 -60.67
N GLU NA 131 39.19 85.11 -61.14
CA GLU NA 131 38.18 84.37 -60.39
C GLU NA 131 37.56 83.34 -61.33
N ILE NA 132 37.77 82.07 -61.02
CA ILE NA 132 37.34 80.97 -61.89
C ILE NA 132 36.31 80.12 -61.15
N LEU NA 133 35.13 79.95 -61.77
CA LEU NA 133 34.10 79.05 -61.26
C LEU NA 133 34.28 77.70 -61.95
N SER NA 134 34.68 76.69 -61.19
CA SER NA 134 34.94 75.35 -61.72
C SER NA 134 33.68 74.51 -61.55
N ARG NA 135 32.99 74.24 -62.65
CA ARG NA 135 31.76 73.45 -62.64
C ARG NA 135 32.07 72.04 -63.13
N THR NA 136 31.60 71.05 -62.39
CA THR NA 136 31.82 69.65 -62.72
C THR NA 136 30.49 68.95 -62.96
N ALA NA 137 30.55 67.81 -63.63
CA ALA NA 137 29.37 66.98 -63.80
C ALA NA 137 28.93 66.35 -62.49
N ASP NA 138 29.87 66.19 -61.55
CA ASP NA 138 29.54 65.70 -60.21
C ASP NA 138 28.63 66.66 -59.47
N GLY NA 139 28.85 67.96 -59.62
CA GLY NA 139 28.06 68.95 -58.91
C GLY NA 139 28.46 69.16 -57.47
N ASN NA 140 29.56 68.55 -57.03
CA ASN NA 140 30.01 68.65 -55.64
C ASN NA 140 30.25 70.10 -55.24
N GLU NA 141 29.74 70.46 -54.06
CA GLU NA 141 29.79 71.80 -53.49
C GLU NA 141 29.07 72.84 -54.34
N GLY NA 142 28.29 72.39 -55.33
CA GLY NA 142 27.69 73.30 -56.29
C GLY NA 142 28.68 74.00 -57.18
N GLY NA 143 29.89 73.49 -57.29
CA GLY NA 143 30.98 74.14 -57.98
C GLY NA 143 32.08 74.59 -57.02
N ARG NA 144 33.14 75.12 -57.61
CA ARG NA 144 34.26 75.62 -56.83
C ARG NA 144 34.71 76.96 -57.39
N HIS NA 145 35.12 77.86 -56.51
CA HIS NA 145 35.61 79.19 -56.87
C HIS NA 145 37.13 79.18 -56.80
N GLN NA 146 37.79 79.46 -57.92
CA GLN NA 146 39.24 79.49 -58.00
C GLN NA 146 39.68 80.95 -58.15
N LEU NA 147 40.38 81.46 -57.14
CA LEU NA 147 40.88 82.84 -57.15
C LEU NA 147 42.40 82.77 -57.19
N VAL NA 148 43.00 83.33 -58.24
CA VAL NA 148 44.43 83.22 -58.49
C VAL NA 148 45.04 84.60 -58.61
N LYS NA 149 46.10 84.84 -57.84
CA LYS NA 149 46.89 86.07 -57.89
C LYS NA 149 48.35 85.67 -58.13
N ALA NA 150 48.88 85.99 -59.30
CA ALA NA 150 50.21 85.55 -59.70
C ALA NA 150 51.06 86.71 -60.17
N THR NA 151 52.27 86.80 -59.60
CA THR NA 151 53.29 87.78 -59.98
C THR NA 151 54.65 87.11 -59.93
N VAL NA 152 55.62 87.73 -60.59
CA VAL NA 152 57.01 87.29 -60.56
C VAL NA 152 57.86 88.41 -59.98
N SER NA 153 58.73 88.07 -59.03
CA SER NA 153 59.53 89.08 -58.36
C SER NA 153 60.91 89.22 -58.99
N ASN NA 154 61.73 88.16 -58.92
CA ASN NA 154 63.05 88.20 -59.51
C ASN NA 154 63.22 87.16 -60.63
N GLY NA 155 62.98 85.90 -60.31
CA GLY NA 155 63.04 84.84 -61.29
C GLY NA 155 62.04 83.73 -60.99
N LYS NA 156 61.20 83.96 -59.98
CA LYS NA 156 60.23 82.97 -59.54
C LYS NA 156 58.84 83.58 -59.59
N LEU NA 157 57.90 82.86 -60.20
CA LEU NA 157 56.51 83.32 -60.25
C LEU NA 157 55.81 82.88 -58.97
N TYR NA 158 55.18 83.82 -58.29
CA TYR NA 158 54.49 83.56 -57.03
C TYR NA 158 53.00 83.52 -57.32
N LEU NA 159 52.44 82.31 -57.43
CA LEU NA 159 51.06 82.12 -57.84
C LEU NA 159 50.23 81.72 -56.62
N LEU NA 160 49.41 82.65 -56.14
CA LEU NA 160 48.41 82.33 -55.13
C LEU NA 160 47.28 81.55 -55.78
N LYS NA 161 46.75 80.57 -55.06
CA LYS NA 161 45.59 79.83 -55.56
C LYS NA 161 44.77 79.36 -54.35
N VAL NA 162 43.77 80.16 -53.99
CA VAL NA 162 42.82 79.79 -52.94
C VAL NA 162 41.62 79.13 -53.59
N GLN NA 163 41.14 78.05 -52.96
CA GLN NA 163 40.02 77.27 -53.47
C GLN NA 163 38.85 77.44 -52.53
N ALA NA 164 37.64 77.47 -53.09
CA ALA NA 164 36.44 77.65 -52.29
C ALA NA 164 35.27 77.02 -53.01
N GLY NA 165 34.62 76.05 -52.37
CA GLY NA 165 33.42 75.47 -52.94
C GLY NA 165 32.28 76.47 -52.98
N ASP NA 166 31.43 76.33 -54.00
CA ASP NA 166 30.33 77.28 -54.21
C ASP NA 166 29.32 77.26 -53.07
N LYS NA 167 29.26 76.19 -52.29
CA LYS NA 167 28.39 76.17 -51.12
C LYS NA 167 28.95 77.08 -50.03
N ARG NA 168 30.17 76.81 -49.57
CA ARG NA 168 30.79 77.61 -48.53
C ARG NA 168 31.09 79.03 -49.00
N TRP NA 169 31.24 79.22 -50.32
CA TRP NA 169 31.41 80.57 -50.86
C TRP NA 169 30.20 81.43 -50.58
N PHE NA 170 29.01 80.86 -50.76
CA PHE NA 170 27.80 81.60 -50.41
C PHE NA 170 27.58 81.66 -48.91
N LYS NA 171 27.97 80.60 -48.17
CA LYS NA 171 27.82 80.60 -46.71
C LYS NA 171 28.63 81.69 -46.03
N GLY NA 172 29.70 82.18 -46.64
CA GLY NA 172 30.45 83.23 -45.99
C GLY NA 172 31.96 83.10 -46.01
N THR NA 173 32.50 82.20 -46.82
CA THR NA 173 33.94 82.18 -47.01
C THR NA 173 34.40 83.19 -48.07
N ASP NA 174 33.44 83.92 -48.67
CA ASP NA 174 33.76 84.96 -49.62
C ASP NA 174 34.65 86.04 -48.99
N LYS NA 175 34.32 86.46 -47.77
CA LYS NA 175 35.10 87.49 -47.10
C LYS NA 175 36.52 87.03 -46.82
N GLU NA 176 36.69 85.79 -46.38
CA GLU NA 176 38.03 85.29 -46.04
C GLU NA 176 38.86 85.06 -47.30
N CYS NA 177 38.24 84.53 -48.37
CA CYS NA 177 38.96 84.35 -49.62
C CYS NA 177 39.39 85.69 -50.21
N LEU NA 178 38.51 86.69 -50.16
CA LEU NA 178 38.87 88.02 -50.64
C LEU NA 178 39.96 88.65 -49.77
N GLY NA 179 39.93 88.39 -48.46
CA GLY NA 179 40.99 88.90 -47.60
C GLY NA 179 42.34 88.31 -47.91
N VAL NA 180 42.39 86.99 -48.16
CA VAL NA 180 43.64 86.36 -48.56
C VAL NA 180 44.09 86.90 -49.92
N LEU NA 181 43.13 87.11 -50.83
CA LEU NA 181 43.44 87.63 -52.16
C LEU NA 181 44.07 89.02 -52.09
N ASP NA 182 43.51 89.91 -51.26
CA ASP NA 182 44.08 91.23 -51.16
C ASP NA 182 45.30 91.28 -50.25
N SER NA 183 45.54 90.25 -49.45
CA SER NA 183 46.70 90.22 -48.57
C SER NA 183 47.90 89.51 -49.18
N PHE NA 184 47.74 88.80 -50.30
CA PHE NA 184 48.87 88.15 -50.95
C PHE NA 184 49.77 89.21 -51.56
N THR NA 185 50.85 89.57 -50.86
CA THR NA 185 51.79 90.58 -51.33
C THR NA 185 53.18 89.98 -51.43
N VAL NA 186 53.95 90.44 -52.43
CA VAL NA 186 55.31 89.97 -52.64
C VAL NA 186 56.24 91.15 -52.41
N VAL NA 187 57.06 91.07 -51.36
CA VAL NA 187 57.97 92.14 -51.01
C VAL NA 187 59.41 91.68 -51.21
N MET OA 1 18.36 26.76 -51.57
CA MET OA 1 17.01 27.29 -51.61
C MET OA 1 16.87 28.23 -50.42
N GLU OA 2 16.48 29.48 -50.67
CA GLU OA 2 16.63 30.53 -49.67
C GLU OA 2 15.29 31.12 -49.22
N ALA OA 3 14.44 31.57 -50.17
CA ALA OA 3 13.30 32.42 -49.81
C ALA OA 3 12.21 31.67 -49.06
N LEU OA 4 11.93 30.43 -49.45
CA LEU OA 4 10.86 29.68 -48.78
C LEU OA 4 11.25 29.33 -47.37
N VAL OA 5 12.56 29.26 -47.07
CA VAL OA 5 12.99 29.02 -45.71
C VAL OA 5 12.54 30.16 -44.80
N TYR OA 6 12.83 31.39 -45.21
CA TYR OA 6 12.40 32.57 -44.47
C TYR OA 6 10.90 32.64 -44.34
N THR OA 7 10.20 32.38 -45.45
CA THR OA 7 8.74 32.41 -45.43
C THR OA 7 8.17 31.39 -44.44
N PHE OA 8 8.73 30.18 -44.43
CA PHE OA 8 8.25 29.12 -43.54
C PHE OA 8 8.51 29.45 -42.08
N LEU OA 9 9.72 29.93 -41.74
CA LEU OA 9 9.97 30.25 -40.33
C LEU OA 9 9.09 31.40 -39.86
N LEU OA 10 8.89 32.42 -40.70
CA LEU OA 10 8.02 33.54 -40.32
C LEU OA 10 6.59 33.09 -40.09
N ILE OA 11 6.00 32.37 -41.05
CA ILE OA 11 4.61 31.96 -40.89
C ILE OA 11 4.47 30.90 -39.81
N GLY OA 12 5.53 30.12 -39.56
CA GLY OA 12 5.48 29.16 -38.46
C GLY OA 12 5.46 29.84 -37.10
N THR OA 13 6.30 30.87 -36.92
CA THR OA 13 6.28 31.60 -35.66
C THR OA 13 4.95 32.33 -35.47
N LEU OA 14 4.39 32.86 -36.56
CA LEU OA 14 3.06 33.47 -36.47
C LEU OA 14 2.00 32.42 -36.11
N GLY OA 15 2.17 31.19 -36.60
CA GLY OA 15 1.26 30.12 -36.23
C GLY OA 15 1.36 29.74 -34.76
N ILE OA 16 2.59 29.69 -34.22
CA ILE OA 16 2.75 29.40 -32.80
C ILE OA 16 2.15 30.52 -31.96
N ILE OA 17 2.29 31.78 -32.42
CA ILE OA 17 1.65 32.88 -31.71
C ILE OA 17 0.13 32.74 -31.72
N PHE OA 18 -0.44 32.40 -32.88
CA PHE OA 18 -1.89 32.20 -33.00
C PHE OA 18 -2.38 31.08 -32.10
N PHE OA 19 -1.64 29.96 -32.08
CA PHE OA 19 -2.01 28.81 -31.28
C PHE OA 19 -1.90 29.11 -29.79
N SER OA 20 -0.86 29.86 -29.39
CA SER OA 20 -0.71 30.23 -27.99
C SER OA 20 -1.77 31.24 -27.56
N ILE OA 21 -2.23 32.08 -28.49
CA ILE OA 21 -3.24 33.06 -28.13
C ILE OA 21 -4.59 32.39 -27.90
N PHE OA 22 -5.07 31.62 -28.88
CA PHE OA 22 -6.43 31.11 -28.79
C PHE OA 22 -6.55 29.71 -28.21
N PHE OA 23 -5.51 28.88 -28.27
CA PHE OA 23 -5.59 27.50 -27.79
C PHE OA 23 -4.60 27.23 -26.67
N ARG OA 24 -4.45 28.19 -25.75
CA ARG OA 24 -3.55 28.06 -24.62
C ARG OA 24 -4.19 27.18 -23.54
N GLU OA 25 -3.40 26.87 -22.51
CA GLU OA 25 -3.96 26.30 -21.31
C GLU OA 25 -4.77 27.37 -20.58
N PRO OA 26 -5.99 27.07 -20.14
CA PRO OA 26 -6.78 28.05 -19.41
C PRO OA 26 -6.10 28.46 -18.12
N PRO OA 27 -6.10 29.76 -17.79
CA PRO OA 27 -5.30 30.24 -16.66
C PRO OA 27 -5.90 29.83 -15.33
N ARG OA 28 -5.03 29.45 -14.40
CA ARG OA 28 -5.40 29.14 -13.03
C ARG OA 28 -4.63 30.05 -12.11
N ILE OA 29 -4.89 29.91 -10.80
CA ILE OA 29 -4.45 30.78 -9.70
C ILE OA 29 -4.36 32.23 -10.14
N ALA OA 30 -5.49 32.94 -10.02
CA ALA OA 30 -5.65 34.33 -10.48
C ALA OA 30 -5.40 34.47 -11.99
N LEU PA 1 -1.67 60.94 -74.02
CA LEU PA 1 -1.74 60.06 -72.87
C LEU PA 1 -1.58 58.60 -73.28
N VAL PA 2 -0.94 57.80 -72.43
CA VAL PA 2 -0.72 56.39 -72.71
C VAL PA 2 -1.61 55.49 -71.87
N ASP PA 3 -2.28 56.02 -70.85
CA ASP PA 3 -3.16 55.20 -70.01
C ASP PA 3 -4.26 56.07 -69.44
N ASP PA 4 -5.35 55.42 -69.06
CA ASP PA 4 -6.50 56.10 -68.49
C ASP PA 4 -6.32 56.19 -66.98
N ARG PA 5 -6.20 57.42 -66.49
CA ARG PA 5 -5.97 57.66 -65.07
C ARG PA 5 -7.15 58.42 -64.49
N MET PA 6 -7.30 58.34 -63.18
CA MET PA 6 -8.41 59.02 -62.51
C MET PA 6 -8.28 60.54 -62.63
N ASN PA 7 -7.05 61.05 -62.53
CA ASN PA 7 -6.72 62.46 -62.74
C ASN PA 7 -7.47 63.39 -61.77
N GLY PA 8 -7.77 62.89 -60.58
CA GLY PA 8 -8.38 63.67 -59.53
C GLY PA 8 -7.44 64.01 -58.40
N ASP PA 9 -6.15 63.70 -58.54
CA ASP PA 9 -5.18 63.88 -57.47
C ASP PA 9 -4.97 65.38 -57.25
N GLY PA 10 -5.34 65.87 -56.08
CA GLY PA 10 -5.32 67.29 -55.83
C GLY PA 10 -6.63 67.93 -56.27
N THR PA 11 -6.50 69.11 -56.88
CA THR PA 11 -7.59 69.92 -57.45
C THR PA 11 -8.63 70.35 -56.42
N GLY PA 12 -8.36 70.17 -55.12
CA GLY PA 12 -9.28 70.59 -54.08
C GLY PA 12 -10.60 69.84 -54.07
N LEU PA 13 -10.56 68.52 -54.18
CA LEU PA 13 -11.80 67.74 -54.16
C LEU PA 13 -12.28 67.54 -52.73
N PRO PA 14 -13.46 68.02 -52.38
CA PRO PA 14 -13.98 67.82 -51.01
C PRO PA 14 -14.16 66.35 -50.71
N PHE PA 15 -13.55 65.90 -49.62
CA PHE PA 15 -13.52 64.50 -49.17
C PHE PA 15 -12.92 63.57 -50.23
N GLY PA 16 -12.17 64.12 -51.19
CA GLY PA 16 -11.69 63.30 -52.28
C GLY PA 16 -12.76 62.82 -53.23
N VAL PA 17 -13.91 63.49 -53.28
CA VAL PA 17 -15.00 63.11 -54.18
C VAL PA 17 -14.76 63.72 -55.56
N ASN PA 18 -14.79 62.87 -56.58
CA ASN PA 18 -14.67 63.30 -57.96
C ASN PA 18 -15.88 62.97 -58.83
N ASP PA 19 -16.68 61.97 -58.45
CA ASP PA 19 -17.92 61.65 -59.12
C ASP PA 19 -19.02 61.60 -58.06
N GLY PA 20 -20.24 61.96 -58.47
CA GLY PA 20 -21.34 62.07 -57.53
C GLY PA 20 -21.81 60.75 -56.95
N ILE PA 21 -21.57 59.64 -57.64
CA ILE PA 21 -22.02 58.34 -57.14
C ILE PA 21 -21.31 57.98 -55.84
N LEU PA 22 -20.06 58.41 -55.68
CA LEU PA 22 -19.33 58.12 -54.45
C LEU PA 22 -19.89 58.89 -53.26
N GLY PA 23 -20.19 60.17 -53.46
CA GLY PA 23 -20.83 60.93 -52.40
C GLY PA 23 -22.21 60.39 -52.07
N TRP PA 24 -22.95 59.96 -53.10
CA TRP PA 24 -24.27 59.40 -52.88
C TRP PA 24 -24.21 58.10 -52.10
N VAL PA 25 -23.20 57.24 -52.36
CA VAL PA 25 -23.14 56.00 -51.61
C VAL PA 25 -22.56 56.23 -50.21
N ILE PA 26 -21.74 57.26 -50.01
CA ILE PA 26 -21.31 57.62 -48.66
C ILE PA 26 -22.51 58.05 -47.83
N ALA PA 27 -23.33 58.94 -48.38
CA ALA PA 27 -24.53 59.39 -47.69
C ALA PA 27 -25.51 58.24 -47.51
N GLY PA 28 -25.58 57.33 -48.48
CA GLY PA 28 -26.46 56.18 -48.36
C GLY PA 28 -26.04 55.22 -47.26
N THR PA 29 -24.74 54.96 -47.14
CA THR PA 29 -24.26 54.07 -46.08
C THR PA 29 -24.47 54.68 -44.72
N LEU PA 30 -24.14 55.97 -44.56
CA LEU PA 30 -24.34 56.64 -43.28
C LEU PA 30 -25.83 56.72 -42.93
N GLY PA 31 -26.68 57.01 -43.91
CA GLY PA 31 -28.11 57.04 -43.67
C GLY PA 31 -28.67 55.66 -43.36
N THR PA 32 -28.11 54.62 -43.96
CA THR PA 32 -28.56 53.26 -43.67
C THR PA 32 -28.24 52.87 -42.24
N ILE PA 33 -27.00 53.12 -41.82
CA ILE PA 33 -26.63 52.86 -40.42
C ILE PA 33 -27.44 53.73 -39.48
N TRP PA 34 -27.71 54.98 -39.87
CA TRP PA 34 -28.51 55.88 -39.05
C TRP PA 34 -29.94 55.40 -38.92
N ALA PA 35 -30.53 54.90 -40.01
CA ALA PA 35 -31.89 54.39 -39.94
C ALA PA 35 -31.98 53.15 -39.07
N ILE PA 36 -31.00 52.25 -39.20
CA ILE PA 36 -30.96 51.06 -38.36
C ILE PA 36 -30.83 51.45 -36.90
N TYR PA 37 -29.93 52.38 -36.59
CA TYR PA 37 -29.72 52.83 -35.22
C TYR PA 37 -30.94 53.54 -34.66
N PHE PA 38 -31.60 54.37 -35.48
CA PHE PA 38 -32.73 55.15 -35.02
C PHE PA 38 -33.95 54.27 -34.76
N VAL PA 39 -34.27 53.37 -35.69
CA VAL PA 39 -35.39 52.45 -35.48
C VAL PA 39 -35.10 51.48 -34.36
N SER PA 40 -33.83 51.12 -34.14
CA SER PA 40 -33.47 50.21 -33.06
C SER PA 40 -32.91 50.95 -31.85
N GLN PA 41 -33.24 52.23 -31.69
CA GLN PA 41 -32.77 53.01 -30.55
C GLN PA 41 -33.67 52.71 -29.35
N LYS PA 42 -33.30 53.27 -28.19
CA LYS PA 42 -33.96 52.99 -26.90
C LYS PA 42 -33.90 51.49 -26.57
N ASP PA 43 -32.77 50.87 -26.94
CA ASP PA 43 -32.46 49.46 -26.70
C ASP PA 43 -33.46 48.53 -27.39
N LEU PA 44 -34.71 48.55 -26.95
CA LEU PA 44 -35.77 47.76 -27.56
C LEU PA 44 -36.09 48.23 -28.98
N SER QA 1 70.56 43.54 -14.17
CA SER QA 1 70.61 44.23 -12.88
C SER QA 1 69.24 44.70 -12.44
N VAL QA 2 69.21 45.53 -11.40
CA VAL QA 2 67.95 46.04 -10.85
C VAL QA 2 67.46 47.16 -11.76
N THR QA 3 66.55 46.80 -12.66
CA THR QA 3 66.00 47.75 -13.61
C THR QA 3 65.12 48.77 -12.87
N PRO QA 4 65.08 50.02 -13.33
CA PRO QA 4 64.18 51.01 -12.71
C PRO QA 4 62.72 50.58 -12.65
N SER QA 5 62.25 49.81 -13.63
CA SER QA 5 60.88 49.29 -13.56
C SER QA 5 60.70 48.36 -12.36
N LEU QA 6 61.68 47.49 -12.13
CA LEU QA 6 61.59 46.56 -11.00
C LEU QA 6 61.72 47.31 -9.66
N LYS QA 7 62.61 48.30 -9.59
CA LYS QA 7 62.73 49.08 -8.36
C LYS QA 7 61.46 49.85 -8.06
N ASN QA 8 60.86 50.45 -9.09
CA ASN QA 8 59.59 51.13 -8.91
C ASN QA 8 58.49 50.16 -8.54
N PHE QA 9 58.56 48.92 -9.05
CA PHE QA 9 57.56 47.92 -8.69
C PHE QA 9 57.70 47.51 -7.23
N LEU QA 10 58.93 47.41 -6.73
CA LEU QA 10 59.14 47.11 -5.31
C LEU QA 10 58.63 48.24 -4.43
N LEU QA 11 58.95 49.49 -4.79
CA LEU QA 11 58.40 50.62 -4.05
C LEU QA 11 56.87 50.65 -4.15
N SER QA 12 56.34 50.19 -5.27
CA SER QA 12 54.90 50.17 -5.49
C SER QA 12 54.21 49.16 -4.57
N LEU QA 13 54.78 47.96 -4.45
CA LEU QA 13 54.19 46.97 -3.56
C LEU QA 13 54.32 47.39 -2.10
N VAL QA 14 55.43 48.07 -1.75
CA VAL QA 14 55.57 48.62 -0.40
C VAL QA 14 54.50 49.69 -0.15
N ALA QA 15 54.26 50.55 -1.14
CA ALA QA 15 53.23 51.57 -1.02
C ALA QA 15 51.84 50.95 -0.90
N GLY QA 16 51.57 49.90 -1.67
CA GLY QA 16 50.29 49.22 -1.54
C GLY QA 16 50.13 48.58 -0.17
N ALA QA 17 51.23 48.04 0.37
CA ALA QA 17 51.22 47.49 1.72
C ALA QA 17 50.84 48.54 2.75
N VAL QA 18 51.43 49.74 2.65
CA VAL QA 18 51.13 50.75 3.67
C VAL QA 18 49.74 51.35 3.43
N VAL QA 19 49.26 51.34 2.18
CA VAL QA 19 47.88 51.79 1.92
C VAL QA 19 46.87 50.84 2.56
N LEU QA 20 47.03 49.53 2.36
CA LEU QA 20 46.13 48.60 3.05
C LEU QA 20 46.34 48.62 4.56
N ALA QA 21 47.55 48.91 5.04
CA ALA QA 21 47.76 49.03 6.47
C ALA QA 21 46.98 50.21 7.04
N ALA QA 22 47.00 51.35 6.33
CA ALA QA 22 46.24 52.52 6.76
C ALA QA 22 44.74 52.27 6.69
N ILE QA 23 44.28 51.55 5.66
CA ILE QA 23 42.86 51.23 5.55
C ILE QA 23 42.44 50.31 6.68
N ALA QA 24 43.28 49.33 7.04
CA ALA QA 24 42.98 48.46 8.16
C ALA QA 24 42.92 49.23 9.46
N GLY QA 25 43.84 50.18 9.66
CA GLY QA 25 43.78 51.02 10.85
C GLY QA 25 42.54 51.87 10.90
N ALA QA 26 42.12 52.42 9.75
CA ALA QA 26 40.92 53.24 9.69
C ALA QA 26 39.67 52.42 10.00
N VAL QA 27 39.57 51.21 9.44
CA VAL QA 27 38.39 50.39 9.72
C VAL QA 27 38.45 49.78 11.12
N THR QA 28 39.63 49.71 11.72
CA THR QA 28 39.71 49.33 13.13
C THR QA 28 39.24 50.46 14.02
N ALA QA 29 39.52 51.71 13.64
CA ALA QA 29 39.06 52.87 14.38
C ALA QA 29 37.60 53.15 14.06
N VAL QA 30 37.12 54.32 14.49
CA VAL QA 30 35.75 54.82 14.29
C VAL QA 30 34.70 53.88 14.90
N MET RA 1 10.46 117.64 -22.00
CA MET RA 1 9.24 116.84 -21.94
C MET RA 1 9.60 115.37 -21.72
N THR RA 2 10.76 114.98 -22.25
CA THR RA 2 11.24 113.62 -22.08
C THR RA 2 11.54 113.30 -20.62
N SER RA 3 12.10 114.26 -19.89
CA SER RA 3 12.44 114.04 -18.48
C SER RA 3 11.19 113.86 -17.63
N ILE RA 4 10.12 114.60 -17.93
CA ILE RA 4 8.87 114.47 -17.18
C ILE RA 4 8.29 113.08 -17.38
N LEU RA 5 8.28 112.60 -18.63
CA LEU RA 5 7.79 111.26 -18.92
C LEU RA 5 8.65 110.20 -18.25
N GLN RA 6 9.97 110.41 -18.23
CA GLN RA 6 10.86 109.41 -17.63
C GLN RA 6 10.68 109.33 -16.12
N ILE RA 7 10.53 110.49 -15.46
CA ILE RA 7 10.27 110.50 -14.02
C ILE RA 7 8.92 109.89 -13.71
N ALA RA 8 7.90 110.19 -14.53
CA ALA RA 8 6.58 109.60 -14.33
C ALA RA 8 6.62 108.08 -14.49
N LEU RA 9 7.38 107.60 -15.48
CA LEU RA 9 7.50 106.16 -15.69
C LEU RA 9 8.26 105.50 -14.54
N LEU RA 10 9.30 106.16 -14.01
CA LEU RA 10 10.01 105.62 -12.87
C LEU RA 10 9.11 105.53 -11.64
N GLY RA 11 8.32 106.58 -11.40
CA GLY RA 11 7.36 106.54 -10.31
C GLY RA 11 6.32 105.47 -10.52
N LEU RA 12 5.91 105.25 -11.78
CA LEU RA 12 4.95 104.19 -12.08
C LEU RA 12 5.55 102.82 -11.83
N VAL RA 13 6.85 102.65 -12.12
CA VAL RA 13 7.53 101.40 -11.84
C VAL RA 13 7.56 101.14 -10.34
N LEU RA 14 7.89 102.17 -9.56
CA LEU RA 14 7.92 102.01 -8.09
C LEU RA 14 6.53 101.76 -7.52
N VAL RA 15 5.50 102.43 -8.05
CA VAL RA 15 4.14 102.23 -7.56
C VAL RA 15 3.65 100.82 -7.89
N SER RA 16 3.90 100.36 -9.12
CA SER RA 16 3.52 99.00 -9.48
C SER RA 16 4.32 97.97 -8.68
N PHE RA 17 5.58 98.28 -8.37
CA PHE RA 17 6.39 97.40 -7.53
C PHE RA 17 5.78 97.30 -6.13
N ALA RA 18 5.36 98.44 -5.58
CA ALA RA 18 4.71 98.46 -4.27
C ALA RA 18 3.40 97.68 -4.30
N LEU RA 19 2.62 97.83 -5.38
CA LEU RA 19 1.39 97.08 -5.53
C LEU RA 19 1.66 95.58 -5.60
N VAL RA 20 2.69 95.18 -6.33
CA VAL RA 20 3.05 93.77 -6.46
C VAL RA 20 3.46 93.18 -5.13
N VAL RA 21 4.26 93.92 -4.36
CA VAL RA 21 4.73 93.37 -3.09
C VAL RA 21 3.67 93.50 -1.99
N GLY RA 22 2.64 94.32 -2.21
CA GLY RA 22 1.66 94.55 -1.17
C GLY RA 22 0.31 93.87 -1.31
N VAL RA 23 -0.24 93.83 -2.53
CA VAL RA 23 -1.58 93.28 -2.73
C VAL RA 23 -1.75 91.85 -2.23
N PRO RA 24 -0.86 90.89 -2.55
CA PRO RA 24 -1.07 89.54 -2.01
C PRO RA 24 -0.91 89.43 -0.50
N VAL RA 25 0.05 90.17 0.07
CA VAL RA 25 0.25 90.12 1.51
C VAL RA 25 -0.95 90.73 2.24
N VAL RA 26 -1.42 91.89 1.77
CA VAL RA 26 -2.57 92.55 2.37
C VAL RA 26 -3.83 91.71 2.21
N PHE RA 27 -4.02 91.12 1.04
CA PHE RA 27 -5.20 90.29 0.81
C PHE RA 27 -5.18 89.05 1.72
N ALA RA 28 -4.09 88.29 1.70
CA ALA RA 28 -4.03 87.09 2.53
C ALA RA 28 -3.75 87.40 3.99
N SER RA 29 -3.65 88.67 4.37
CA SER RA 29 -3.47 89.02 5.77
C SER RA 29 -4.77 88.74 6.54
N PRO RA 30 -4.67 88.18 7.74
CA PRO RA 30 -5.88 88.01 8.57
C PRO RA 30 -6.42 89.35 9.03
N ASN RA 31 -7.62 89.71 8.55
CA ASN RA 31 -8.27 90.99 8.81
C ASN RA 31 -7.37 92.15 8.35
N GLY RA 32 -7.04 92.13 7.07
CA GLY RA 32 -6.22 93.19 6.50
C GLY RA 32 -6.86 93.89 5.33
N TRP RA 33 -7.72 93.15 4.59
CA TRP RA 33 -8.37 93.73 3.43
C TRP RA 33 -9.39 94.78 3.84
N THR RA 34 -10.02 94.59 5.00
CA THR RA 34 -11.01 95.55 5.48
C THR RA 34 -10.38 96.77 6.15
N GLU RA 35 -9.08 96.74 6.45
CA GLU RA 35 -8.43 97.86 7.10
C GLU RA 35 -7.46 98.63 6.20
N ASN RA 36 -6.92 97.98 5.16
CA ASN RA 36 -6.03 98.67 4.22
C ASN RA 36 -6.76 99.09 2.96
N LYS RA 37 -8.10 99.23 3.03
CA LYS RA 37 -8.88 99.57 1.85
C LYS RA 37 -8.51 100.95 1.33
N GLY RA 38 -8.29 101.91 2.25
CA GLY RA 38 -7.92 103.25 1.83
C GLY RA 38 -6.59 103.31 1.11
N VAL RA 39 -5.58 102.60 1.65
CA VAL RA 39 -4.26 102.65 1.03
C VAL RA 39 -4.23 101.85 -0.27
N VAL RA 40 -5.01 100.77 -0.36
CA VAL RA 40 -5.08 100.05 -1.63
C VAL RA 40 -5.79 100.90 -2.69
N PHE RA 41 -6.86 101.59 -2.30
CA PHE RA 41 -7.53 102.50 -3.24
C PHE RA 41 -6.61 103.63 -3.67
N SER RA 42 -5.84 104.17 -2.73
CA SER RA 42 -4.88 105.23 -3.06
C SER RA 42 -3.81 104.73 -4.02
N GLY RA 43 -3.27 103.54 -3.75
CA GLY RA 43 -2.26 102.98 -4.64
C GLY RA 43 -2.79 102.70 -6.03
N LEU RA 44 -4.00 102.15 -6.12
CA LEU RA 44 -4.58 101.87 -7.42
C LEU RA 44 -4.91 103.14 -8.19
N SER RA 45 -5.45 104.15 -7.49
CA SER RA 45 -5.76 105.42 -8.14
C SER RA 45 -4.50 106.11 -8.64
N VAL RA 46 -3.44 106.12 -7.81
CA VAL RA 46 -2.16 106.65 -8.24
C VAL RA 46 -1.60 105.87 -9.42
N TRP RA 47 -1.69 104.55 -9.39
CA TRP RA 47 -1.17 103.71 -10.47
C TRP RA 47 -1.85 104.02 -11.78
N PHE RA 48 -3.19 104.09 -11.76
CA PHE RA 48 -3.95 104.41 -12.95
C PHE RA 48 -3.66 105.84 -13.43
N LEU RA 49 -3.46 106.76 -12.49
CA LEU RA 49 -3.17 108.15 -12.85
C LEU RA 49 -1.81 108.27 -13.54
N LEU RA 50 -0.80 107.55 -13.05
CA LEU RA 50 0.50 107.59 -13.72
C LEU RA 50 0.46 106.88 -15.06
N VAL RA 51 -0.36 105.83 -15.20
CA VAL RA 51 -0.51 105.18 -16.50
C VAL RA 51 -1.10 106.17 -17.51
N PHE RA 52 -2.18 106.85 -17.10
CA PHE RA 52 -2.81 107.82 -18.00
C PHE RA 52 -1.91 109.03 -18.25
N ALA RA 53 -1.07 109.39 -17.27
CA ALA RA 53 -0.13 110.48 -17.45
C ALA RA 53 0.94 110.13 -18.48
N VAL RA 54 1.50 108.91 -18.40
CA VAL RA 54 2.49 108.50 -19.39
C VAL RA 54 1.85 108.41 -20.77
N GLY RA 55 0.58 107.97 -20.81
CA GLY RA 55 -0.13 107.93 -22.08
C GLY RA 55 -0.31 109.30 -22.72
N VAL RA 56 -0.72 110.30 -21.93
CA VAL RA 56 -0.87 111.64 -22.49
C VAL RA 56 0.47 112.34 -22.68
N PHE RA 57 1.54 111.83 -22.06
CA PHE RA 57 2.85 112.44 -22.24
C PHE RA 57 3.61 111.86 -23.42
N ASN RA 58 3.20 110.68 -23.92
CA ASN RA 58 3.80 110.13 -25.13
C ASN RA 58 3.62 111.07 -26.32
N SER RA 59 2.46 111.70 -26.44
CA SER RA 59 2.15 112.51 -27.61
C SER RA 59 2.86 113.84 -27.64
N PHE RA 60 3.36 114.31 -26.50
CA PHE RA 60 4.21 115.50 -26.42
C PHE RA 60 5.70 115.19 -26.41
N ALA RA 61 6.09 113.98 -26.04
CA ALA RA 61 7.50 113.59 -26.06
C ALA RA 61 7.93 113.14 -27.45
N THR SA 1 -78.92 111.01 -35.76
CA THR SA 1 -78.88 110.42 -34.43
C THR SA 1 -78.28 109.02 -34.49
N ILE SA 2 -78.25 108.34 -33.33
CA ILE SA 2 -77.66 107.02 -33.25
C ILE SA 2 -78.51 105.99 -33.98
N ASN SA 3 -79.83 106.06 -33.82
CA ASN SA 3 -80.74 105.08 -34.39
C ASN SA 3 -80.78 105.11 -35.91
N GLN SA 4 -80.22 106.14 -36.54
CA GLN SA 4 -80.12 106.17 -38.00
C GLN SA 4 -79.21 105.07 -38.53
N PHE SA 5 -78.30 104.55 -37.71
CA PHE SA 5 -77.39 103.52 -38.17
C PHE SA 5 -77.28 102.32 -37.22
N TYR SA 6 -77.80 102.40 -35.99
CA TYR SA 6 -77.88 101.23 -35.11
C TYR SA 6 -79.29 100.78 -34.75
N GLY SA 7 -80.34 101.46 -35.23
CA GLY SA 7 -81.68 100.98 -34.98
C GLY SA 7 -82.03 99.81 -35.87
N PRO SA 8 -83.16 99.17 -35.59
CA PRO SA 8 -83.69 98.16 -36.52
C PRO SA 8 -84.10 98.75 -37.86
N ASP SA 9 -84.39 100.06 -37.92
CA ASP SA 9 -84.69 100.77 -39.14
C ASP SA 9 -83.51 101.61 -39.63
N ARG SA 10 -82.30 101.08 -39.47
CA ARG SA 10 -81.07 101.80 -39.75
C ARG SA 10 -80.80 101.92 -41.25
N ASN SA 11 -79.71 102.62 -41.56
CA ASN SA 11 -79.24 102.71 -42.94
C ASN SA 11 -78.78 101.34 -43.40
N LYS SA 12 -79.14 100.99 -44.62
CA LYS SA 12 -78.85 99.68 -45.18
C LYS SA 12 -78.06 99.83 -46.47
N TRP SA 13 -77.77 98.69 -47.07
CA TRP SA 13 -77.02 98.62 -48.31
C TRP SA 13 -77.90 98.87 -49.53
N LEU SA 14 -79.18 99.20 -49.32
CA LEU SA 14 -80.09 99.65 -50.37
C LEU SA 14 -81.03 100.75 -49.90
N GLY SA 15 -80.79 101.34 -48.73
CA GLY SA 15 -81.68 102.35 -48.19
C GLY SA 15 -82.96 101.72 -47.68
N PRO SA 16 -84.09 102.14 -48.24
CA PRO SA 16 -85.38 101.52 -47.90
C PRO SA 16 -85.71 100.27 -48.70
N TYR SA 17 -84.80 99.79 -49.56
CA TYR SA 17 -85.04 98.62 -50.40
C TYR SA 17 -84.41 97.35 -49.84
N SER SA 18 -83.95 97.35 -48.60
CA SER SA 18 -83.43 96.14 -47.97
C SER SA 18 -84.50 95.53 -47.07
N THR SA 19 -85.48 94.89 -47.72
CA THR SA 19 -86.57 94.27 -46.97
C THR SA 19 -86.12 92.99 -46.27
N ASN SA 20 -85.39 92.13 -46.97
CA ASN SA 20 -84.96 90.84 -46.42
C ASN SA 20 -83.62 90.97 -45.68
N THR SA 21 -83.67 91.66 -44.55
CA THR SA 21 -82.49 91.81 -43.71
C THR SA 21 -82.17 90.47 -43.02
N PRO SA 22 -80.89 90.09 -42.96
CA PRO SA 22 -80.52 88.91 -42.17
C PRO SA 22 -80.89 89.08 -40.71
N PRO SA 23 -81.35 88.02 -40.05
CA PRO SA 23 -81.81 88.16 -38.66
C PRO SA 23 -80.71 88.44 -37.66
N TYR SA 24 -79.51 87.88 -37.84
CA TYR SA 24 -78.45 88.04 -36.86
C TYR SA 24 -77.79 89.42 -36.89
N LEU SA 25 -77.89 90.14 -37.99
CA LEU SA 25 -77.30 91.49 -38.09
C LEU SA 25 -78.34 92.53 -37.68
N THR SA 26 -78.36 92.82 -36.38
CA THR SA 26 -79.36 93.71 -35.80
C THR SA 26 -78.89 95.15 -35.64
N GLY SA 27 -77.67 95.48 -36.08
CA GLY SA 27 -77.18 96.84 -35.93
C GLY SA 27 -76.49 97.13 -34.63
N GLU SA 28 -75.96 96.11 -33.94
CA GLU SA 28 -75.32 96.34 -32.66
C GLU SA 28 -73.91 96.92 -32.83
N PHE SA 29 -73.08 96.26 -33.62
CA PHE SA 29 -71.70 96.58 -33.91
C PHE SA 29 -71.62 97.69 -34.95
N PRO SA 30 -70.46 98.32 -35.15
CA PRO SA 30 -70.33 99.33 -36.21
C PRO SA 30 -70.65 98.76 -37.58
N GLY SA 31 -71.34 99.56 -38.38
CA GLY SA 31 -71.77 99.13 -39.70
C GLY SA 31 -73.09 98.39 -39.66
N ASP SA 32 -73.06 97.08 -39.92
CA ASP SA 32 -74.21 96.18 -39.85
C ASP SA 32 -75.35 96.64 -40.76
N TYR SA 33 -75.00 96.93 -42.01
CA TYR SA 33 -75.96 97.30 -43.03
C TYR SA 33 -76.68 96.11 -43.63
N GLY SA 34 -76.23 94.89 -43.36
CA GLY SA 34 -76.93 93.71 -43.82
C GLY SA 34 -76.46 93.17 -45.15
N TRP SA 35 -75.37 93.69 -45.71
CA TRP SA 35 -74.86 93.24 -47.00
C TRP SA 35 -74.15 91.90 -46.78
N ASP SA 36 -74.94 90.84 -46.69
CA ASP SA 36 -74.42 89.48 -46.51
C ASP SA 36 -75.14 88.54 -47.47
N THR SA 37 -75.21 88.93 -48.74
CA THR SA 37 -75.88 88.13 -49.77
C THR SA 37 -75.21 86.77 -49.96
N ALA SA 38 -73.92 86.64 -49.64
CA ALA SA 38 -73.25 85.35 -49.67
C ALA SA 38 -73.49 84.53 -48.40
N GLY SA 39 -73.97 85.15 -47.33
CA GLY SA 39 -74.28 84.42 -46.12
C GLY SA 39 -73.09 83.83 -45.41
N LEU SA 40 -71.90 84.38 -45.60
CA LEU SA 40 -70.69 83.81 -45.01
C LEU SA 40 -70.49 84.21 -43.55
N SER SA 41 -71.36 85.06 -43.01
CA SER SA 41 -71.27 85.48 -41.61
C SER SA 41 -72.40 84.89 -40.77
N ALA SA 42 -72.80 83.65 -41.08
CA ALA SA 42 -73.90 83.02 -40.36
C ALA SA 42 -73.53 82.68 -38.93
N ASP SA 43 -72.35 82.10 -38.72
CA ASP SA 43 -71.90 81.72 -37.39
C ASP SA 43 -71.48 82.95 -36.59
N PRO SA 44 -71.84 83.04 -35.29
CA PRO SA 44 -71.53 84.26 -34.52
C PRO SA 44 -70.04 84.52 -34.28
N GLU SA 45 -69.29 83.55 -33.73
CA GLU SA 45 -67.89 83.80 -33.42
C GLU SA 45 -67.08 84.05 -34.68
N THR SA 46 -67.43 83.36 -35.78
CA THR SA 46 -66.79 83.65 -37.05
C THR SA 46 -67.11 85.04 -37.52
N PHE SA 47 -68.34 85.51 -37.30
CA PHE SA 47 -68.68 86.87 -37.65
C PHE SA 47 -67.84 87.86 -36.84
N LYS SA 48 -67.56 87.53 -35.58
CA LYS SA 48 -66.67 88.36 -34.77
C LYS SA 48 -65.27 88.41 -35.36
N ARG SA 49 -64.73 87.24 -35.75
CA ARG SA 49 -63.38 87.18 -36.31
C ARG SA 49 -63.28 87.97 -37.62
N TYR SA 50 -64.26 87.78 -38.51
CA TYR SA 50 -64.31 88.52 -39.76
C TYR SA 50 -64.42 90.03 -39.52
N ARG SA 51 -65.17 90.44 -38.49
CA ARG SA 51 -65.26 91.86 -38.16
C ARG SA 51 -63.92 92.41 -37.67
N GLU SA 52 -63.21 91.64 -36.84
CA GLU SA 52 -61.93 92.11 -36.33
C GLU SA 52 -60.90 92.27 -37.44
N LEU SA 53 -60.77 91.25 -38.30
CA LEU SA 53 -59.85 91.38 -39.42
C LEU SA 53 -60.36 92.39 -40.45
N GLU SA 54 -61.66 92.66 -40.48
CA GLU SA 54 -62.19 93.79 -41.25
C GLU SA 54 -61.65 95.12 -40.77
N LEU SA 55 -61.68 95.36 -39.46
CA LEU SA 55 -61.19 96.65 -38.98
C LEU SA 55 -59.68 96.76 -39.14
N ILE SA 56 -58.95 95.66 -39.00
CA ILE SA 56 -57.51 95.68 -39.22
C ILE SA 56 -57.19 95.97 -40.70
N HIS SA 57 -57.88 95.25 -41.60
CA HIS SA 57 -57.78 95.51 -43.04
C HIS SA 57 -58.13 96.94 -43.38
N ALA SA 58 -59.17 97.48 -42.74
CA ALA SA 58 -59.61 98.84 -43.02
C ALA SA 58 -58.55 99.85 -42.61
N ARG SA 59 -58.00 99.72 -41.41
CA ARG SA 59 -57.00 100.69 -40.95
C ARG SA 59 -55.74 100.65 -41.81
N TRP SA 60 -55.24 99.45 -42.12
CA TRP SA 60 -54.03 99.39 -42.92
C TRP SA 60 -54.29 99.78 -44.38
N ALA SA 61 -55.52 99.59 -44.85
CA ALA SA 61 -55.89 100.14 -46.15
C ALA SA 61 -55.98 101.65 -46.10
N LEU SA 62 -56.35 102.22 -44.96
CA LEU SA 62 -56.37 103.68 -44.83
C LEU SA 62 -54.96 104.24 -44.95
N LEU SA 63 -54.00 103.61 -44.25
CA LEU SA 63 -52.60 104.00 -44.41
C LEU SA 63 -52.15 103.86 -45.86
N GLY SA 64 -52.45 102.71 -46.48
CA GLY SA 64 -52.01 102.49 -47.84
C GLY SA 64 -52.60 103.46 -48.85
N ALA SA 65 -53.93 103.63 -48.81
CA ALA SA 65 -54.61 104.51 -49.74
C ALA SA 65 -54.18 105.95 -49.56
N LEU SA 66 -53.93 106.38 -48.31
CA LEU SA 66 -53.47 107.74 -48.12
C LEU SA 66 -52.03 107.91 -48.61
N GLY SA 67 -51.18 106.90 -48.37
CA GLY SA 67 -49.78 107.00 -48.71
C GLY SA 67 -49.47 106.71 -50.17
N MET SA 68 -50.49 106.28 -50.92
CA MET SA 68 -50.32 106.03 -52.35
C MET SA 68 -49.84 107.26 -53.12
N VAL SA 69 -50.48 108.40 -52.89
CA VAL SA 69 -50.31 109.56 -53.76
C VAL SA 69 -49.48 110.66 -53.13
N THR SA 70 -49.09 110.53 -51.85
CA THR SA 70 -48.29 111.58 -51.21
C THR SA 70 -46.94 111.79 -51.87
N PRO SA 71 -46.12 110.76 -52.16
CA PRO SA 71 -44.91 111.03 -52.97
C PRO SA 71 -45.22 111.53 -54.36
N GLU SA 72 -46.29 111.05 -54.98
CA GLU SA 72 -46.67 111.57 -56.29
C GLU SA 72 -47.20 113.00 -56.17
N LEU SA 73 -47.82 113.34 -55.05
CA LEU SA 73 -48.23 114.71 -54.79
C LEU SA 73 -47.02 115.63 -54.64
N LEU SA 74 -45.98 115.18 -53.96
CA LEU SA 74 -44.77 115.96 -53.76
C LEU SA 74 -43.81 115.89 -54.94
N GLN SA 75 -44.12 115.07 -55.95
CA GLN SA 75 -43.36 115.06 -57.19
C GLN SA 75 -43.37 116.44 -57.84
N ASP SA 76 -42.19 116.90 -58.25
CA ASP SA 76 -42.05 118.20 -58.87
C ASP SA 76 -42.19 118.08 -60.39
N ASP SA 77 -41.85 119.15 -61.11
CA ASP SA 77 -42.05 119.18 -62.55
C ASP SA 77 -41.13 118.21 -63.28
N ASP SA 78 -39.87 118.14 -62.88
CA ASP SA 78 -38.89 117.29 -63.54
C ASP SA 78 -38.42 116.10 -62.72
N GLY SA 79 -38.34 116.23 -61.40
CA GLY SA 79 -38.05 115.08 -60.56
C GLY SA 79 -36.63 114.94 -60.05
N ILE SA 80 -36.06 116.01 -59.49
CA ILE SA 80 -34.83 115.87 -58.72
C ILE SA 80 -35.13 115.13 -57.42
N MET SA 81 -36.30 115.40 -56.83
CA MET SA 81 -36.71 114.75 -55.59
C MET SA 81 -36.82 113.24 -55.76
N PHE SA 82 -37.53 112.79 -56.79
CA PHE SA 82 -37.66 111.37 -57.13
C PHE SA 82 -37.65 111.23 -58.64
N GLY SA 83 -37.06 110.14 -59.12
CA GLY SA 83 -37.04 109.89 -60.54
C GLY SA 83 -38.26 109.10 -60.96
N GLU SA 84 -38.04 107.88 -61.44
CA GLU SA 84 -39.14 107.00 -61.80
C GLU SA 84 -39.84 106.42 -60.56
N SER SA 85 -39.23 106.56 -59.38
CA SER SA 85 -39.72 105.96 -58.15
C SER SA 85 -40.78 106.80 -57.43
N ALA SA 86 -41.22 107.92 -58.00
CA ALA SA 86 -42.27 108.71 -57.36
C ALA SA 86 -43.61 107.98 -57.39
N ILE SA 87 -43.83 107.16 -58.43
CA ILE SA 87 -45.06 106.40 -58.55
C ILE SA 87 -45.14 105.35 -57.44
N TRP SA 88 -46.37 105.08 -56.99
CA TRP SA 88 -46.64 104.06 -55.99
C TRP SA 88 -46.05 102.69 -56.36
N PHE SA 89 -46.50 102.11 -57.47
CA PHE SA 89 -46.10 100.75 -57.84
C PHE SA 89 -44.70 100.66 -58.44
N LYS SA 90 -43.89 101.70 -58.28
CA LYS SA 90 -42.46 101.65 -58.56
C LYS SA 90 -41.63 102.08 -57.35
N ALA SA 91 -42.22 102.07 -56.14
CA ALA SA 91 -41.55 102.62 -54.98
C ALA SA 91 -40.48 101.69 -54.41
N GLY SA 92 -40.67 100.37 -54.54
CA GLY SA 92 -39.69 99.44 -54.00
C GLY SA 92 -38.32 99.58 -54.65
N ALA SA 93 -38.29 99.86 -55.96
CA ALA SA 93 -37.04 100.11 -56.66
C ALA SA 93 -36.33 101.37 -56.17
N ALA SA 94 -36.87 102.05 -55.15
CA ALA SA 94 -36.13 103.10 -54.46
C ALA SA 94 -34.96 102.54 -53.64
N ILE SA 95 -34.89 101.22 -53.44
CA ILE SA 95 -33.72 100.66 -52.75
C ILE SA 95 -32.57 100.26 -53.68
N PHE SA 96 -32.82 100.03 -54.97
CA PHE SA 96 -31.79 99.49 -55.85
C PHE SA 96 -31.04 100.53 -56.71
N GLN SA 97 -31.31 101.82 -56.59
CA GLN SA 97 -30.53 102.74 -57.42
C GLN SA 97 -29.16 103.00 -56.78
N GLU SA 98 -28.37 103.82 -57.48
CA GLU SA 98 -26.99 104.07 -57.10
C GLU SA 98 -26.85 104.92 -55.83
N GLY SA 99 -27.93 105.56 -55.38
CA GLY SA 99 -27.83 106.43 -54.22
C GLY SA 99 -28.28 105.81 -52.92
N GLY SA 100 -29.41 105.11 -52.93
CA GLY SA 100 -30.00 104.50 -51.77
C GLY SA 100 -31.47 104.83 -51.68
N LEU SA 101 -32.06 104.56 -50.51
CA LEU SA 101 -33.47 104.83 -50.28
C LEU SA 101 -33.54 106.15 -49.50
N ASN SA 102 -33.71 107.24 -50.25
CA ASN SA 102 -33.90 108.55 -49.64
C ASN SA 102 -35.39 108.79 -49.45
N TYR SA 103 -35.76 109.32 -48.28
CA TYR SA 103 -37.17 109.53 -48.00
C TYR SA 103 -37.75 110.64 -48.86
N LEU SA 104 -37.21 111.85 -48.78
CA LEU SA 104 -37.73 112.98 -49.54
C LEU SA 104 -36.63 113.64 -50.36
N GLY SA 105 -35.91 112.85 -51.15
CA GLY SA 105 -34.97 113.36 -52.12
C GLY SA 105 -33.61 113.77 -51.58
N ASN SA 106 -33.30 113.44 -50.32
CA ASN SA 106 -32.02 113.86 -49.78
C ASN SA 106 -31.29 112.71 -49.07
N PRO SA 107 -29.96 112.74 -49.04
CA PRO SA 107 -29.23 111.67 -48.32
C PRO SA 107 -29.38 111.71 -46.81
N SER SA 108 -29.87 112.82 -46.24
CA SER SA 108 -30.02 112.92 -44.81
C SER SA 108 -31.17 112.08 -44.27
N LEU SA 109 -32.12 111.69 -45.10
CA LEU SA 109 -33.30 110.94 -44.67
C LEU SA 109 -33.17 109.48 -45.08
N ILE SA 110 -33.36 108.59 -44.10
CA ILE SA 110 -33.28 107.14 -44.24
C ILE SA 110 -31.91 106.73 -44.78
N HIS SA 111 -31.75 106.76 -46.10
CA HIS SA 111 -30.49 106.47 -46.79
C HIS SA 111 -29.99 105.06 -46.45
N ALA SA 112 -30.79 104.07 -46.85
CA ALA SA 112 -30.47 102.66 -46.60
C ALA SA 112 -30.11 101.97 -47.91
N GLN SA 113 -29.25 100.96 -47.81
CA GLN SA 113 -28.91 100.12 -48.96
C GLN SA 113 -28.98 98.62 -48.69
N ASN SA 114 -29.42 98.19 -47.51
CA ASN SA 114 -29.57 96.76 -47.21
C ASN SA 114 -31.06 96.47 -47.06
N ILE SA 115 -31.68 96.10 -48.19
CA ILE SA 115 -33.08 95.76 -48.20
C ILE SA 115 -33.33 94.48 -47.38
N VAL SA 116 -32.37 93.56 -47.39
CA VAL SA 116 -32.49 92.36 -46.58
C VAL SA 116 -32.49 92.68 -45.09
N ALA SA 117 -31.60 93.59 -44.67
CA ALA SA 117 -31.52 93.97 -43.26
C ALA SA 117 -32.77 94.70 -42.81
N THR SA 118 -33.27 95.64 -43.63
CA THR SA 118 -34.51 96.30 -43.24
C THR SA 118 -35.69 95.34 -43.28
N LEU SA 119 -35.62 94.32 -44.14
CA LEU SA 119 -36.63 93.27 -44.16
C LEU SA 119 -36.64 92.50 -42.86
N ALA SA 120 -35.45 92.13 -42.37
CA ALA SA 120 -35.35 91.37 -41.13
C ALA SA 120 -35.83 92.19 -39.94
N VAL SA 121 -35.45 93.47 -39.87
CA VAL SA 121 -35.89 94.31 -38.76
C VAL SA 121 -37.40 94.51 -38.80
N GLN SA 122 -37.95 94.76 -40.00
CA GLN SA 122 -39.40 94.88 -40.17
C GLN SA 122 -40.11 93.62 -39.70
N VAL SA 123 -39.62 92.45 -40.13
CA VAL SA 123 -40.29 91.19 -39.80
C VAL SA 123 -40.25 90.94 -38.30
N VAL SA 124 -39.07 91.07 -37.68
CA VAL SA 124 -38.95 90.78 -36.24
C VAL SA 124 -39.79 91.75 -35.43
N LEU SA 125 -39.68 93.05 -35.69
CA LEU SA 125 -40.40 94.05 -34.91
C LEU SA 125 -41.91 93.91 -35.06
N MET SA 126 -42.41 93.82 -36.30
CA MET SA 126 -43.86 93.88 -36.41
C MET SA 126 -44.50 92.51 -36.21
N GLY SA 127 -43.77 91.41 -36.39
CA GLY SA 127 -44.27 90.13 -35.91
C GLY SA 127 -44.37 90.11 -34.39
N LEU SA 128 -43.40 90.73 -33.71
CA LEU SA 128 -43.47 90.88 -32.27
C LEU SA 128 -44.67 91.72 -31.86
N VAL SA 129 -44.97 92.79 -32.61
CA VAL SA 129 -46.09 93.63 -32.19
C VAL SA 129 -47.42 92.97 -32.56
N GLU SA 130 -47.43 92.09 -33.57
CA GLU SA 130 -48.61 91.27 -33.81
C GLU SA 130 -48.83 90.31 -32.65
N GLY SA 131 -47.75 89.74 -32.12
CA GLY SA 131 -47.85 88.93 -30.92
C GLY SA 131 -48.38 89.72 -29.73
N TYR SA 132 -47.96 90.98 -29.61
CA TYR SA 132 -48.53 91.85 -28.58
C TYR SA 132 -49.99 92.16 -28.84
N ARG SA 133 -50.38 92.31 -30.10
CA ARG SA 133 -51.77 92.59 -30.44
C ARG SA 133 -52.67 91.43 -30.07
N VAL SA 134 -52.18 90.20 -30.26
CA VAL SA 134 -53.01 89.03 -30.02
C VAL SA 134 -52.89 88.49 -28.59
N ASN SA 135 -51.86 88.87 -27.85
CA ASN SA 135 -51.72 88.42 -26.46
C ASN SA 135 -51.74 89.58 -25.47
N GLY SA 136 -50.85 90.54 -25.62
CA GLY SA 136 -50.79 91.68 -24.72
C GLY SA 136 -49.38 91.87 -24.19
N GLY SA 137 -49.15 93.05 -23.61
CA GLY SA 137 -47.83 93.40 -23.12
C GLY SA 137 -47.78 94.77 -22.49
N PRO SA 138 -46.79 95.58 -22.91
CA PRO SA 138 -46.65 96.93 -22.34
C PRO SA 138 -47.88 97.81 -22.42
N ALA SA 139 -48.68 97.70 -23.48
CA ALA SA 139 -49.85 98.55 -23.59
C ALA SA 139 -51.02 98.01 -22.76
N GLY SA 140 -51.51 96.82 -23.11
CA GLY SA 140 -52.60 96.22 -22.38
C GLY SA 140 -52.80 94.79 -22.82
N GLU SA 141 -53.37 93.99 -21.91
CA GLU SA 141 -53.55 92.56 -22.13
C GLU SA 141 -55.01 92.13 -22.16
N GLY SA 142 -55.78 92.48 -21.15
CA GLY SA 142 -57.16 92.01 -21.04
C GLY SA 142 -58.19 92.90 -21.70
N LEU SA 143 -57.74 93.84 -22.53
CA LEU SA 143 -58.64 94.79 -23.16
C LEU SA 143 -59.37 94.13 -24.33
N ASP SA 144 -60.22 94.92 -24.98
CA ASP SA 144 -60.91 94.45 -26.18
C ASP SA 144 -59.88 94.24 -27.28
N PRO SA 145 -59.83 93.05 -27.90
CA PRO SA 145 -58.85 92.81 -28.97
C PRO SA 145 -58.99 93.75 -30.15
N LEU SA 146 -60.18 94.23 -30.46
CA LEU SA 146 -60.36 95.18 -31.54
C LEU SA 146 -60.27 96.63 -31.09
N TYR SA 147 -60.70 96.95 -29.87
CA TYR SA 147 -60.93 98.34 -29.45
C TYR SA 147 -60.34 98.55 -28.05
N PRO SA 148 -58.97 98.53 -27.92
CA PRO SA 148 -58.33 98.71 -26.60
C PRO SA 148 -58.44 100.11 -26.00
N GLY SA 149 -57.89 101.09 -26.72
CA GLY SA 149 -57.93 102.49 -26.34
C GLY SA 149 -57.35 102.83 -24.99
N GLU SA 150 -56.18 102.34 -24.67
CA GLU SA 150 -55.70 102.88 -23.42
C GLU SA 150 -54.45 103.72 -23.61
N ALA SA 151 -53.38 103.17 -24.20
CA ALA SA 151 -52.18 103.93 -24.49
C ALA SA 151 -52.19 104.53 -25.89
N PHE SA 152 -53.06 104.04 -26.77
CA PHE SA 152 -53.21 104.49 -28.15
C PHE SA 152 -54.22 105.62 -28.27
N ASP SA 153 -54.84 106.02 -27.17
CA ASP SA 153 -55.82 107.11 -27.16
C ASP SA 153 -55.37 108.12 -26.11
N PRO SA 154 -54.42 108.97 -26.43
CA PRO SA 154 -53.97 110.00 -25.48
C PRO SA 154 -54.61 111.38 -25.65
N LEU SA 155 -55.35 111.63 -26.73
CA LEU SA 155 -55.88 112.97 -26.99
C LEU SA 155 -57.33 113.12 -26.53
N GLY SA 156 -57.71 112.42 -25.47
CA GLY SA 156 -59.09 112.42 -25.04
C GLY SA 156 -59.95 111.70 -26.06
N LEU SA 157 -60.84 112.44 -26.72
CA LEU SA 157 -61.63 111.97 -27.86
C LEU SA 157 -62.52 110.79 -27.51
N ALA SA 158 -61.90 109.65 -27.16
CA ALA SA 158 -62.65 108.44 -26.85
C ALA SA 158 -63.13 108.41 -25.40
N ASP SA 159 -64.26 109.06 -25.12
CA ASP SA 159 -64.88 109.02 -23.80
C ASP SA 159 -66.39 108.98 -23.84
N ASP SA 160 -67.01 109.38 -24.95
CA ASP SA 160 -68.45 109.53 -25.00
C ASP SA 160 -69.09 108.43 -25.84
N PRO SA 161 -70.19 107.81 -25.38
CA PRO SA 161 -70.71 106.62 -26.09
C PRO SA 161 -71.37 106.90 -27.43
N GLU SA 162 -72.19 107.95 -27.53
CA GLU SA 162 -72.77 108.26 -28.84
C GLU SA 162 -71.70 108.77 -29.79
N ALA SA 163 -70.66 109.40 -29.26
CA ALA SA 163 -69.48 109.72 -30.06
C ALA SA 163 -68.79 108.44 -30.54
N PHE SA 164 -68.68 107.43 -29.67
CA PHE SA 164 -68.16 106.12 -30.08
C PHE SA 164 -68.93 105.56 -31.25
N ALA SA 165 -70.26 105.55 -31.14
CA ALA SA 165 -71.11 105.00 -32.19
C ALA SA 165 -70.93 105.76 -33.50
N GLU SA 166 -71.00 107.10 -33.44
CA GLU SA 166 -70.85 107.91 -34.64
C GLU SA 166 -69.49 107.75 -35.27
N LEU SA 167 -68.41 107.95 -34.52
CA LEU SA 167 -67.13 107.97 -35.20
C LEU SA 167 -66.55 106.57 -35.35
N LYS SA 168 -67.27 105.55 -34.85
CA LYS SA 168 -66.95 104.18 -35.22
C LYS SA 168 -67.59 103.80 -36.56
N VAL SA 169 -68.82 104.25 -36.81
CA VAL SA 169 -69.31 104.02 -38.18
C VAL SA 169 -68.56 104.93 -39.14
N LYS SA 170 -68.01 106.05 -38.65
CA LYS SA 170 -67.11 106.86 -39.46
C LYS SA 170 -65.85 106.07 -39.79
N GLU SA 171 -65.31 105.32 -38.80
CA GLU SA 171 -64.21 104.39 -39.08
C GLU SA 171 -64.56 103.40 -40.18
N ILE SA 172 -65.69 102.71 -40.03
CA ILE SA 172 -65.94 101.59 -40.92
C ILE SA 172 -66.21 102.12 -42.33
N LYS SA 173 -66.84 103.30 -42.45
CA LYS SA 173 -67.09 103.84 -43.78
C LYS SA 173 -65.82 104.40 -44.41
N ASN SA 174 -64.99 105.13 -43.65
CA ASN SA 174 -63.71 105.61 -44.18
C ASN SA 174 -62.80 104.45 -44.57
N GLY SA 175 -62.77 103.41 -43.74
CA GLY SA 175 -61.97 102.24 -44.06
C GLY SA 175 -62.45 101.52 -45.30
N ARG SA 176 -63.77 101.36 -45.45
CA ARG SA 176 -64.28 100.74 -46.66
C ARG SA 176 -64.05 101.62 -47.89
N LEU SA 177 -64.06 102.94 -47.71
CA LEU SA 177 -63.76 103.85 -48.80
C LEU SA 177 -62.32 103.68 -49.27
N ALA SA 178 -61.38 103.63 -48.32
CA ALA SA 178 -59.99 103.35 -48.66
C ALA SA 178 -59.83 101.94 -49.22
N MET SA 179 -60.67 101.02 -48.78
CA MET SA 179 -60.57 99.61 -49.18
C MET SA 179 -60.90 99.51 -50.67
N PHE SA 180 -62.03 100.12 -51.06
CA PHE SA 180 -62.48 100.19 -52.45
C PHE SA 180 -61.51 100.99 -53.32
N ALA SA 181 -61.01 102.11 -52.78
CA ALA SA 181 -60.04 102.91 -53.52
C ALA SA 181 -58.75 102.14 -53.75
N CYS SA 182 -58.33 101.33 -52.78
CA CYS SA 182 -57.13 100.52 -52.92
C CYS SA 182 -57.30 99.47 -54.01
N LEU SA 183 -58.48 98.83 -54.07
CA LEU SA 183 -58.77 97.97 -55.22
C LEU SA 183 -58.61 98.73 -56.53
N GLY SA 184 -59.11 99.96 -56.57
CA GLY SA 184 -58.88 100.81 -57.74
C GLY SA 184 -57.40 101.02 -58.02
N PHE SA 185 -56.61 101.17 -56.96
CA PHE SA 185 -55.17 101.39 -57.13
C PHE SA 185 -54.50 100.19 -57.78
N PHE SA 186 -54.73 98.99 -57.24
CA PHE SA 186 -54.12 97.79 -57.82
C PHE SA 186 -54.59 97.55 -59.25
N VAL SA 187 -55.89 97.71 -59.51
CA VAL SA 187 -56.38 97.35 -60.84
C VAL SA 187 -55.99 98.40 -61.87
N GLN SA 188 -55.84 99.67 -61.47
CA GLN SA 188 -55.34 100.64 -62.43
C GLN SA 188 -53.85 100.46 -62.65
N ALA SA 189 -53.15 99.91 -61.66
CA ALA SA 189 -51.77 99.50 -61.87
C ALA SA 189 -51.69 98.36 -62.88
N ILE SA 190 -52.65 97.44 -62.84
CA ILE SA 190 -52.61 96.29 -63.75
C ILE SA 190 -52.99 96.71 -65.18
N VAL SA 191 -54.19 97.28 -65.34
CA VAL SA 191 -54.75 97.48 -66.68
C VAL SA 191 -54.06 98.60 -67.46
N THR SA 192 -53.37 99.52 -66.78
CA THR SA 192 -52.75 100.65 -67.45
C THR SA 192 -51.25 100.78 -67.18
N GLY SA 193 -50.80 100.46 -65.97
CA GLY SA 193 -49.42 100.68 -65.62
C GLY SA 193 -49.05 102.13 -65.45
N LYS SA 194 -50.04 102.99 -65.19
CA LYS SA 194 -49.82 104.42 -65.03
C LYS SA 194 -50.31 104.86 -63.66
N GLY SA 195 -49.66 105.91 -63.16
CA GLY SA 195 -49.93 106.43 -61.85
C GLY SA 195 -51.31 107.03 -61.71
N PRO SA 196 -51.83 107.04 -60.47
CA PRO SA 196 -53.20 107.53 -60.25
C PRO SA 196 -53.40 109.00 -60.57
N ILE SA 197 -52.52 109.88 -60.10
CA ILE SA 197 -52.71 111.31 -60.32
C ILE SA 197 -52.54 111.66 -61.79
N GLU SA 198 -51.57 111.04 -62.47
CA GLU SA 198 -51.40 111.32 -63.89
C GLU SA 198 -52.57 110.76 -64.71
N ASN SA 199 -53.12 109.61 -64.31
CA ASN SA 199 -54.35 109.13 -64.95
C ASN SA 199 -55.50 110.10 -64.72
N LEU SA 200 -55.60 110.64 -63.51
CA LEU SA 200 -56.64 111.61 -63.20
C LEU SA 200 -56.52 112.87 -64.06
N THR SA 201 -55.29 113.35 -64.26
CA THR SA 201 -55.07 114.52 -65.10
C THR SA 201 -55.42 114.21 -66.55
N ASP SA 202 -55.06 113.02 -67.04
CA ASP SA 202 -55.38 112.64 -68.42
C ASP SA 202 -56.90 112.54 -68.62
N HIS SA 203 -57.62 112.03 -67.61
CA HIS SA 203 -59.08 111.98 -67.71
C HIS SA 203 -59.71 113.36 -67.63
N LEU SA 204 -59.25 114.24 -66.73
CA LEU SA 204 -59.84 115.56 -66.67
C LEU SA 204 -59.47 116.43 -67.87
N ALA SA 205 -58.43 116.06 -68.61
CA ALA SA 205 -58.16 116.73 -69.87
C ALA SA 205 -59.27 116.46 -70.89
N ASN SA 206 -59.61 115.19 -71.08
CA ASN SA 206 -60.67 114.77 -72.00
C ASN SA 206 -61.33 113.49 -71.48
N PRO SA 207 -62.48 113.60 -70.81
CA PRO SA 207 -63.15 112.40 -70.30
C PRO SA 207 -63.81 111.55 -71.37
N ALA SA 208 -63.92 112.05 -72.60
CA ALA SA 208 -64.73 111.38 -73.62
C ALA SA 208 -64.11 110.07 -74.09
N GLU SA 209 -62.94 110.12 -74.72
CA GLU SA 209 -62.31 108.92 -75.23
C GLU SA 209 -61.34 108.30 -74.24
N ASN SA 210 -61.00 108.99 -73.15
CA ASN SA 210 -60.14 108.44 -72.11
C ASN SA 210 -61.04 107.87 -71.02
N ASN SA 211 -61.11 106.54 -70.99
CA ASN SA 211 -61.81 105.75 -69.99
C ASN SA 211 -61.21 104.35 -70.02
N ALA SA 212 -61.74 103.49 -69.15
CA ALA SA 212 -61.29 102.10 -69.12
C ALA SA 212 -61.65 101.38 -70.42
N PHE SA 213 -62.65 101.89 -71.14
CA PHE SA 213 -62.97 101.37 -72.48
C PHE SA 213 -61.81 101.53 -73.45
N ALA SA 214 -60.92 102.50 -73.19
CA ALA SA 214 -59.72 102.65 -74.02
C ALA SA 214 -58.69 101.56 -73.76
N TYR SA 215 -58.82 100.82 -72.66
CA TYR SA 215 -57.91 99.73 -72.34
C TYR SA 215 -58.60 98.38 -72.32
N ALA SA 216 -59.83 98.31 -72.84
CA ALA SA 216 -60.54 97.04 -72.92
C ALA SA 216 -59.97 96.13 -73.99
N THR SA 217 -59.23 96.68 -74.95
CA THR SA 217 -58.58 95.92 -76.01
C THR SA 217 -57.24 95.34 -75.53
N LYS SA 218 -56.72 95.84 -74.40
CA LYS SA 218 -55.38 95.46 -73.96
C LYS SA 218 -55.31 94.00 -73.53
N PHE SA 219 -56.37 93.48 -72.92
CA PHE SA 219 -56.39 92.10 -72.46
C PHE SA 219 -56.99 91.15 -73.48
N THR SA 220 -57.08 91.56 -74.74
CA THR SA 220 -57.64 90.70 -75.77
C THR SA 220 -56.64 89.62 -76.14
N PRO SA 221 -57.00 88.34 -76.03
CA PRO SA 221 -56.04 87.27 -76.38
C PRO SA 221 -55.89 87.08 -77.88
N GLN SA 222 -55.03 87.87 -78.50
CA GLN SA 222 -54.80 87.77 -79.94
C GLN SA 222 -54.08 86.48 -80.29
N GLU TA 1 -86.46 58.70 -57.41
CA GLU TA 1 -85.58 59.35 -58.38
C GLU TA 1 -85.55 60.86 -58.14
N PHE TA 2 -84.34 61.36 -57.88
CA PHE TA 2 -83.99 62.76 -57.63
C PHE TA 2 -84.60 63.31 -56.34
N TYR TA 3 -85.28 62.49 -55.55
CA TYR TA 3 -85.85 62.92 -54.29
C TYR TA 3 -85.86 61.74 -53.33
N GLY TA 4 -85.67 62.03 -52.04
CA GLY TA 4 -85.65 61.00 -51.03
C GLY TA 4 -84.31 60.29 -50.97
N PRO TA 5 -84.16 59.37 -50.02
CA PRO TA 5 -82.86 58.68 -49.86
C PRO TA 5 -82.45 57.84 -51.05
N ASP TA 6 -83.39 57.46 -51.92
CA ASP TA 6 -83.07 56.74 -53.15
C ASP TA 6 -82.87 57.68 -54.34
N ARG TA 7 -82.52 58.94 -54.09
CA ARG TA 7 -82.25 59.86 -55.18
C ARG TA 7 -80.94 59.52 -55.87
N ALA TA 8 -80.74 60.13 -57.03
CA ALA TA 8 -79.44 60.08 -57.68
C ALA TA 8 -78.45 60.95 -56.90
N LYS TA 9 -77.18 60.60 -56.97
CA LYS TA 9 -76.16 61.33 -56.23
C LYS TA 9 -74.99 61.67 -57.16
N PHE TA 10 -73.96 62.28 -56.56
CA PHE TA 10 -72.86 62.87 -57.33
C PHE TA 10 -71.77 61.86 -57.67
N LEU TA 11 -71.89 60.62 -57.22
CA LEU TA 11 -70.92 59.60 -57.53
C LEU TA 11 -71.55 58.26 -57.84
N GLY TA 12 -72.88 58.17 -57.89
CA GLY TA 12 -73.55 56.91 -58.06
C GLY TA 12 -73.30 56.01 -56.87
N PRO TA 13 -72.87 54.77 -57.13
CA PRO TA 13 -72.61 53.82 -56.04
C PRO TA 13 -71.54 54.30 -55.08
N PHE TA 14 -70.56 55.05 -55.60
CA PHE TA 14 -69.49 55.59 -54.77
C PHE TA 14 -70.00 56.58 -53.73
N SER TA 15 -71.19 57.14 -53.94
CA SER TA 15 -71.79 58.03 -52.95
C SER TA 15 -72.93 57.39 -52.18
N GLU TA 16 -73.10 56.08 -52.26
CA GLU TA 16 -74.19 55.45 -51.53
C GLU TA 16 -73.93 55.44 -50.03
N ASN TA 17 -72.66 55.31 -49.63
CA ASN TA 17 -72.35 55.15 -48.21
C ASN TA 17 -72.28 56.50 -47.49
N ASP TA 18 -71.33 57.35 -47.84
CA ASP TA 18 -71.05 58.57 -47.09
C ASP TA 18 -71.74 59.76 -47.76
N THR TA 19 -72.64 60.40 -47.03
CA THR TA 19 -73.32 61.61 -47.47
C THR TA 19 -73.42 62.52 -46.25
N PRO TA 20 -73.53 63.84 -46.43
CA PRO TA 20 -73.79 64.70 -45.29
C PRO TA 20 -75.15 64.42 -44.69
N GLU TA 21 -75.24 64.55 -43.36
CA GLU TA 21 -76.49 64.37 -42.65
C GLU TA 21 -77.49 65.47 -42.96
N TYR TA 22 -77.00 66.65 -43.32
CA TYR TA 22 -77.76 67.85 -43.63
C TYR TA 22 -78.11 68.02 -45.11
N LEU TA 23 -77.92 66.98 -45.92
CA LEU TA 23 -78.34 66.99 -47.33
C LEU TA 23 -79.24 65.76 -47.57
N THR TA 24 -80.54 65.99 -47.50
CA THR TA 24 -81.51 64.90 -47.58
C THR TA 24 -82.20 64.80 -48.94
N GLY TA 25 -81.87 65.68 -49.89
CA GLY TA 25 -82.53 65.65 -51.18
C GLY TA 25 -83.88 66.32 -51.23
N GLU TA 26 -84.13 67.25 -50.30
CA GLU TA 26 -85.42 67.96 -50.31
C GLU TA 26 -85.49 68.98 -51.44
N PHE TA 27 -84.39 69.75 -51.65
CA PHE TA 27 -84.17 70.81 -52.63
C PHE TA 27 -83.77 70.24 -53.98
N PRO TA 28 -84.11 70.93 -55.07
CA PRO TA 28 -83.78 70.42 -56.40
C PRO TA 28 -82.28 70.41 -56.64
N GLY TA 29 -81.85 69.46 -57.49
CA GLY TA 29 -80.45 69.31 -57.80
C GLY TA 29 -79.59 68.81 -56.67
N ASP TA 30 -80.20 68.20 -55.65
CA ASP TA 30 -79.46 67.70 -54.51
C ASP TA 30 -78.87 66.34 -54.85
N TYR TA 31 -77.56 66.31 -55.05
CA TYR TA 31 -76.79 65.07 -55.14
C TYR TA 31 -75.91 64.90 -53.92
N GLY TA 32 -75.85 65.91 -53.06
CA GLY TA 32 -75.15 65.79 -51.80
C GLY TA 32 -73.65 65.95 -51.84
N TRP TA 33 -73.12 66.74 -52.76
CA TRP TA 33 -71.67 66.89 -52.88
C TRP TA 33 -71.28 68.21 -52.23
N ASP TA 34 -71.15 68.17 -50.91
CA ASP TA 34 -70.67 69.28 -50.09
C ASP TA 34 -69.49 68.79 -49.28
N THR TA 35 -68.56 68.13 -49.98
CA THR TA 35 -67.41 67.51 -49.34
C THR TA 35 -66.44 68.54 -48.77
N ALA TA 36 -66.55 69.80 -49.19
CA ALA TA 36 -65.75 70.86 -48.59
C ALA TA 36 -66.37 71.38 -47.30
N GLY TA 37 -67.68 71.21 -47.13
CA GLY TA 37 -68.35 71.66 -45.92
C GLY TA 37 -68.39 73.17 -45.73
N LEU TA 38 -68.65 73.92 -46.81
CA LEU TA 38 -68.76 75.37 -46.73
C LEU TA 38 -70.17 75.82 -46.37
N SER TA 39 -71.13 74.90 -46.35
CA SER TA 39 -72.52 75.22 -46.08
C SER TA 39 -73.07 74.33 -44.98
N ALA TA 40 -72.99 74.80 -43.73
CA ALA TA 40 -73.48 74.00 -42.61
C ALA TA 40 -74.75 74.58 -42.02
N ASP TA 41 -75.00 75.85 -42.26
CA ASP TA 41 -76.13 76.54 -41.61
C ASP TA 41 -77.30 76.70 -42.57
N PRO TA 42 -78.54 76.65 -42.06
CA PRO TA 42 -79.71 76.86 -42.95
C PRO TA 42 -79.80 78.26 -43.52
N GLN TA 43 -79.29 79.27 -42.83
CA GLN TA 43 -79.33 80.64 -43.33
C GLN TA 43 -78.50 80.77 -44.60
N THR TA 44 -77.26 80.26 -44.56
CA THR TA 44 -76.44 80.26 -45.76
C THR TA 44 -76.93 79.23 -46.78
N PHE TA 45 -77.61 78.16 -46.34
CA PHE TA 45 -78.33 77.32 -47.30
C PHE TA 45 -79.31 78.16 -48.13
N ALA TA 46 -80.16 78.94 -47.47
CA ALA TA 46 -81.13 79.78 -48.19
C ALA TA 46 -80.46 80.79 -49.10
N ARG TA 47 -79.54 81.59 -48.55
CA ARG TA 47 -78.91 82.65 -49.32
C ARG TA 47 -78.10 82.09 -50.50
N TYR TA 48 -77.34 81.03 -50.25
CA TYR TA 48 -76.41 80.57 -51.26
C TYR TA 48 -77.09 79.62 -52.25
N ARG TA 49 -78.22 79.02 -51.86
CA ARG TA 49 -79.05 78.31 -52.82
C ARG TA 49 -79.69 79.30 -53.78
N GLU TA 50 -80.11 80.46 -53.27
CA GLU TA 50 -80.58 81.52 -54.14
C GLU TA 50 -79.48 81.98 -55.08
N ILE TA 51 -78.25 82.07 -54.57
CA ILE TA 51 -77.10 82.37 -55.41
C ILE TA 51 -76.96 81.34 -56.53
N GLU TA 52 -77.10 80.05 -56.18
CA GLU TA 52 -76.94 79.00 -57.18
C GLU TA 52 -78.02 79.09 -58.25
N LEU TA 53 -79.27 79.35 -57.86
CA LEU TA 53 -80.34 79.42 -58.86
C LEU TA 53 -80.17 80.62 -59.80
N ILE TA 54 -79.81 81.79 -59.25
CA ILE TA 54 -79.66 82.95 -60.11
C ILE TA 54 -78.46 82.78 -61.04
N HIS TA 55 -77.37 82.15 -60.55
CA HIS TA 55 -76.25 81.84 -61.43
C HIS TA 55 -76.64 80.85 -62.50
N ALA TA 56 -77.53 79.90 -62.18
CA ALA TA 56 -77.99 78.93 -63.16
C ALA TA 56 -78.72 79.61 -64.31
N ARG TA 57 -79.69 80.48 -63.97
CA ARG TA 57 -80.43 81.21 -65.01
C ARG TA 57 -79.51 82.09 -65.84
N TRP TA 58 -78.58 82.77 -65.17
CA TRP TA 58 -77.73 83.74 -65.86
C TRP TA 58 -76.72 83.04 -66.75
N ALA TA 59 -76.20 81.89 -66.32
CA ALA TA 59 -75.34 81.10 -67.20
C ALA TA 59 -76.11 80.51 -68.37
N LEU TA 60 -77.40 80.17 -68.17
CA LEU TA 60 -78.18 79.68 -69.30
C LEU TA 60 -78.37 80.75 -70.35
N LEU TA 61 -78.67 81.98 -69.93
CA LEU TA 61 -78.76 83.06 -70.92
C LEU TA 61 -77.41 83.36 -71.56
N GLY TA 62 -76.32 83.29 -70.78
CA GLY TA 62 -75.00 83.50 -71.35
C GLY TA 62 -74.66 82.45 -72.40
N ALA TA 63 -74.99 81.19 -72.13
CA ALA TA 63 -74.76 80.12 -73.10
C ALA TA 63 -75.60 80.29 -74.35
N LEU TA 64 -76.87 80.68 -74.20
CA LEU TA 64 -77.70 80.88 -75.39
C LEU TA 64 -77.30 82.13 -76.16
N GLY TA 65 -76.67 83.09 -75.49
CA GLY TA 65 -76.28 84.32 -76.15
C GLY TA 65 -74.87 84.33 -76.74
N ILE TA 66 -74.04 83.37 -76.33
CA ILE TA 66 -72.69 83.31 -76.88
C ILE TA 66 -72.66 82.56 -78.19
N LEU TA 67 -73.34 81.41 -78.26
CA LEU TA 67 -73.30 80.58 -79.47
C LEU TA 67 -74.22 81.07 -80.57
N THR TA 68 -75.22 81.90 -80.26
CA THR TA 68 -76.16 82.34 -81.29
C THR TA 68 -75.52 83.20 -82.38
N PRO TA 69 -74.73 84.25 -82.09
CA PRO TA 69 -74.17 85.03 -83.21
C PRO TA 69 -73.18 84.25 -84.06
N GLU TA 70 -72.37 83.38 -83.45
CA GLU TA 70 -71.43 82.59 -84.25
C GLU TA 70 -72.15 81.52 -85.04
N LEU TA 71 -73.18 80.90 -84.48
CA LEU TA 71 -73.99 79.92 -85.20
C LEU TA 71 -74.88 80.57 -86.25
N LEU TA 72 -75.07 81.88 -86.19
CA LEU TA 72 -75.74 82.60 -87.27
C LEU TA 72 -74.77 83.11 -88.32
N SER TA 73 -73.52 83.37 -87.94
CA SER TA 73 -72.51 83.75 -88.92
C SER TA 73 -72.05 82.56 -89.74
N GLN TA 74 -71.83 81.41 -89.10
CA GLN TA 74 -71.46 80.19 -89.80
C GLN TA 74 -72.67 79.29 -89.95
N TYR TA 75 -72.74 78.56 -91.07
CA TYR TA 75 -73.81 77.66 -91.46
C TYR TA 75 -75.15 78.36 -91.67
N ALA TA 76 -75.20 79.69 -91.62
CA ALA TA 76 -76.45 80.41 -91.84
C ALA TA 76 -76.31 81.63 -92.73
N GLY TA 77 -75.10 82.07 -93.07
CA GLY TA 77 -74.89 83.16 -94.01
C GLY TA 77 -75.40 84.51 -93.58
N VAL TA 78 -75.14 84.91 -92.34
CA VAL TA 78 -75.55 86.21 -91.82
C VAL TA 78 -74.31 86.95 -91.37
N GLN TA 79 -74.19 88.22 -91.76
CA GLN TA 79 -73.04 89.04 -91.41
C GLN TA 79 -73.36 89.97 -90.25
N PHE TA 80 -72.35 90.24 -89.44
CA PHE TA 80 -72.46 91.15 -88.30
C PHE TA 80 -71.21 92.03 -88.26
N GLY TA 81 -71.18 92.92 -87.26
CA GLY TA 81 -69.98 93.72 -87.04
C GLY TA 81 -68.79 92.87 -86.62
N GLU TA 82 -69.01 91.97 -85.66
CA GLU TA 82 -68.01 91.00 -85.23
C GLU TA 82 -68.72 89.82 -84.58
N PRO TA 83 -68.66 88.63 -85.19
CA PRO TA 83 -69.44 87.50 -84.66
C PRO TA 83 -68.88 86.87 -83.41
N VAL TA 84 -67.60 87.07 -83.10
CA VAL TA 84 -66.97 86.43 -81.95
C VAL TA 84 -67.56 86.99 -80.67
N TRP TA 85 -67.84 86.10 -79.71
CA TRP TA 85 -68.57 86.49 -78.51
C TRP TA 85 -67.74 87.39 -77.60
N PHE TA 86 -66.44 87.13 -77.46
CA PHE TA 86 -65.62 87.97 -76.60
C PHE TA 86 -64.90 89.07 -77.37
N LYS TA 87 -65.10 89.14 -78.69
CA LYS TA 87 -64.61 90.25 -79.50
C LYS TA 87 -65.73 91.21 -79.86
N ALA TA 88 -66.96 90.92 -79.43
CA ALA TA 88 -68.10 91.79 -79.71
C ALA TA 88 -68.11 93.06 -78.87
N GLY TA 89 -67.25 93.15 -77.85
CA GLY TA 89 -67.12 94.38 -77.11
C GLY TA 89 -66.39 95.47 -77.87
N ALA TA 90 -65.34 95.10 -78.61
CA ALA TA 90 -64.54 96.07 -79.36
C ALA TA 90 -65.22 96.55 -80.63
N GLN TA 91 -66.20 95.80 -81.15
CA GLN TA 91 -66.88 96.14 -82.39
C GLN TA 91 -67.62 97.47 -82.32
N ILE TA 92 -67.86 97.99 -81.12
CA ILE TA 92 -68.55 99.27 -80.99
C ILE TA 92 -67.63 100.44 -81.29
N PHE TA 93 -66.32 100.22 -81.28
CA PHE TA 93 -65.37 101.31 -81.44
C PHE TA 93 -65.10 101.66 -82.89
N ALA TA 94 -65.65 100.90 -83.82
CA ALA TA 94 -65.58 101.26 -85.24
C ALA TA 94 -66.68 102.26 -85.59
N ALA TA 95 -66.70 102.67 -86.86
CA ALA TA 95 -67.70 103.63 -87.31
C ALA TA 95 -69.07 102.98 -87.47
N GLY TA 96 -69.12 101.65 -87.54
CA GLY TA 96 -70.39 100.97 -87.82
C GLY TA 96 -71.42 101.11 -86.71
N GLY TA 97 -71.00 100.88 -85.47
CA GLY TA 97 -71.93 100.98 -84.35
C GLY TA 97 -72.36 99.64 -83.79
N LEU TA 98 -73.55 99.61 -83.20
CA LEU TA 98 -74.09 98.43 -82.52
C LEU TA 98 -75.22 97.85 -83.35
N ASN TA 99 -74.93 96.75 -84.04
CA ASN TA 99 -75.77 96.26 -85.11
C ASN TA 99 -76.42 94.93 -84.71
N TYR TA 100 -77.71 94.82 -85.00
CA TYR TA 100 -78.49 93.69 -84.46
C TYR TA 100 -78.58 92.54 -85.46
N LEU TA 101 -79.02 92.80 -86.70
CA LEU TA 101 -79.02 91.80 -87.77
C LEU TA 101 -78.27 92.26 -89.01
N GLY TA 102 -77.10 92.86 -88.86
CA GLY TA 102 -76.34 93.21 -90.04
C GLY TA 102 -76.86 94.40 -90.81
N ASN TA 103 -77.86 95.10 -90.27
CA ASN TA 103 -78.47 96.24 -90.93
C ASN TA 103 -78.50 97.44 -90.00
N GLU TA 104 -78.22 98.61 -90.55
CA GLU TA 104 -78.17 99.88 -89.83
C GLU TA 104 -79.54 100.39 -89.40
N SER TA 105 -80.63 99.79 -89.89
CA SER TA 105 -81.96 100.23 -89.47
C SER TA 105 -82.19 99.95 -87.99
N LEU TA 106 -81.67 98.84 -87.49
CA LEU TA 106 -81.88 98.42 -86.11
C LEU TA 106 -80.79 99.00 -85.21
N ILE TA 107 -81.23 99.59 -84.11
CA ILE TA 107 -80.38 100.12 -83.03
C ILE TA 107 -79.46 101.23 -83.55
N HIS TA 108 -78.34 100.84 -84.17
CA HIS TA 108 -77.29 101.76 -84.62
C HIS TA 108 -76.80 102.67 -83.48
N ALA TA 109 -76.27 102.04 -82.44
CA ALA TA 109 -75.85 102.76 -81.24
C ALA TA 109 -74.35 103.03 -81.28
N GLN TA 110 -73.97 104.23 -80.79
CA GLN TA 110 -72.56 104.59 -80.73
C GLN TA 110 -72.21 105.36 -79.45
N SER TA 111 -73.05 105.30 -78.42
CA SER TA 111 -72.79 106.01 -77.16
C SER TA 111 -72.73 104.98 -76.04
N ILE TA 112 -71.53 104.44 -75.83
CA ILE TA 112 -71.32 103.41 -74.81
C ILE TA 112 -71.59 103.94 -73.42
N ILE TA 113 -71.25 105.21 -73.16
CA ILE TA 113 -71.44 105.76 -71.82
C ILE TA 113 -72.93 105.88 -71.50
N ALA TA 114 -73.71 106.41 -72.45
CA ALA TA 114 -75.15 106.55 -72.24
C ALA TA 114 -75.83 105.20 -72.13
N THR TA 115 -75.45 104.24 -72.98
CA THR TA 115 -76.12 102.94 -72.89
C THR TA 115 -75.68 102.17 -71.65
N LEU TA 116 -74.46 102.38 -71.17
CA LEU TA 116 -74.06 101.75 -69.91
C LEU TA 116 -74.78 102.38 -68.73
N ALA TA 117 -75.06 103.68 -68.80
CA ALA TA 117 -75.84 104.34 -67.76
C ALA TA 117 -77.26 103.80 -67.71
N VAL TA 118 -77.90 103.64 -68.88
CA VAL TA 118 -79.26 103.11 -68.85
C VAL TA 118 -79.25 101.65 -68.40
N GLN TA 119 -78.22 100.87 -68.79
CA GLN TA 119 -78.10 99.50 -68.31
C GLN TA 119 -77.97 99.45 -66.79
N VAL TA 120 -77.11 100.29 -66.20
CA VAL TA 120 -76.87 100.21 -64.77
C VAL TA 120 -78.10 100.67 -63.98
N VAL TA 121 -78.81 101.69 -64.46
CA VAL TA 121 -79.98 102.15 -63.71
C VAL TA 121 -81.12 101.13 -63.82
N LEU TA 122 -81.34 100.56 -65.02
CA LEU TA 122 -82.39 99.56 -65.19
C LEU TA 122 -82.08 98.32 -64.37
N MET TA 123 -80.82 97.87 -64.40
CA MET TA 123 -80.39 96.68 -63.68
C MET TA 123 -80.46 96.89 -62.18
N GLY TA 124 -80.11 98.10 -61.70
CA GLY TA 124 -80.20 98.37 -60.28
C GLY TA 124 -81.63 98.36 -59.78
N LEU TA 125 -82.55 98.95 -60.55
CA LEU TA 125 -83.96 98.91 -60.18
C LEU TA 125 -84.48 97.46 -60.17
N ALA TA 126 -84.16 96.69 -61.22
CA ALA TA 126 -84.65 95.32 -61.30
C ALA TA 126 -84.07 94.44 -60.21
N GLU TA 127 -82.79 94.62 -59.88
CA GLU TA 127 -82.15 93.79 -58.88
C GLU TA 127 -82.59 94.17 -57.47
N ALA TA 128 -82.81 95.46 -57.21
CA ALA TA 128 -83.37 95.88 -55.93
C ALA TA 128 -84.78 95.32 -55.75
N TYR TA 129 -85.57 95.31 -56.84
CA TYR TA 129 -86.88 94.69 -56.79
C TYR TA 129 -86.79 93.19 -56.57
N ARG TA 130 -85.78 92.54 -57.13
CA ARG TA 130 -85.57 91.12 -56.86
C ARG TA 130 -85.27 90.86 -55.40
N ALA TA 131 -84.34 91.64 -54.83
CA ALA TA 131 -83.94 91.42 -53.44
C ALA TA 131 -85.04 91.85 -52.48
N ASN TA 132 -85.92 92.75 -52.91
CA ASN TA 132 -87.02 93.18 -52.04
C ASN TA 132 -88.07 92.09 -51.90
N GLY TA 133 -88.30 91.32 -52.96
CA GLY TA 133 -89.45 90.44 -52.97
C GLY TA 133 -90.74 91.23 -53.06
N GLY TA 134 -90.72 92.34 -53.80
CA GLY TA 134 -91.84 93.25 -53.88
C GLY TA 134 -91.73 94.38 -52.87
N SER TA 135 -92.57 95.39 -53.05
CA SER TA 135 -92.58 96.55 -52.16
C SER TA 135 -93.93 97.23 -52.25
N GLU TA 136 -94.45 97.64 -51.09
CA GLU TA 136 -95.69 98.42 -50.96
C GLU TA 136 -96.89 97.69 -51.58
N GLY TA 137 -96.94 96.37 -51.37
CA GLY TA 137 -98.02 95.55 -51.86
C GLY TA 137 -97.86 95.05 -53.29
N PHE TA 138 -97.17 95.79 -54.14
CA PHE TA 138 -96.97 95.40 -55.54
C PHE TA 138 -95.95 94.28 -55.58
N LEU TA 139 -96.45 93.05 -55.72
CA LEU TA 139 -95.66 91.80 -55.71
C LEU TA 139 -94.93 91.62 -54.37
N ASP TA 140 -95.43 92.27 -53.32
CA ASP TA 140 -94.83 92.19 -51.99
C ASP TA 140 -95.33 90.92 -51.27
N ASP TA 141 -94.99 89.79 -51.85
CA ASP TA 141 -95.46 88.48 -51.42
C ASP TA 141 -94.51 87.45 -52.01
N LEU TA 142 -94.98 86.19 -52.08
CA LEU TA 142 -94.45 85.15 -52.95
C LEU TA 142 -93.14 84.57 -52.42
N ASP TA 143 -92.41 83.83 -53.27
CA ASP TA 143 -91.35 82.94 -52.83
C ASP TA 143 -89.96 83.58 -52.79
N THR TA 144 -89.68 84.57 -53.65
CA THR TA 144 -88.43 85.32 -53.78
C THR TA 144 -87.34 84.46 -54.42
N LEU TA 145 -87.59 83.17 -54.55
CA LEU TA 145 -86.71 82.23 -55.23
C LEU TA 145 -87.41 81.49 -56.35
N TYR TA 146 -88.71 81.24 -56.22
CA TYR TA 146 -89.51 80.58 -57.24
C TYR TA 146 -90.78 81.40 -57.45
N PRO TA 147 -90.69 82.52 -58.20
CA PRO TA 147 -91.80 83.46 -58.29
C PRO TA 147 -93.09 82.90 -58.85
N GLY TA 148 -93.10 82.44 -60.10
CA GLY TA 148 -94.34 81.92 -60.63
C GLY TA 148 -95.21 83.01 -61.20
N GLY TA 149 -96.18 83.46 -60.39
CA GLY TA 149 -97.05 84.54 -60.81
C GLY TA 149 -96.25 85.81 -61.10
N ALA TA 150 -96.76 86.59 -62.06
CA ALA TA 150 -96.16 87.78 -62.68
C ALA TA 150 -94.92 87.43 -63.49
N PHE TA 151 -94.56 86.15 -63.62
CA PHE TA 151 -93.43 85.74 -64.43
C PHE TA 151 -93.66 84.44 -65.19
N ASP TA 152 -94.83 83.82 -65.05
CA ASP TA 152 -95.16 82.58 -65.77
C ASP TA 152 -96.51 82.73 -66.45
N PRO TA 153 -96.54 83.39 -67.62
CA PRO TA 153 -97.82 83.54 -68.33
C PRO TA 153 -98.32 82.24 -68.95
N LEU TA 154 -97.46 81.22 -69.07
CA LEU TA 154 -97.87 79.97 -69.69
C LEU TA 154 -98.58 79.03 -68.73
N GLY TA 155 -98.68 79.39 -67.45
CA GLY TA 155 -99.43 78.60 -66.49
C GLY TA 155 -98.86 77.23 -66.17
N LEU TA 156 -97.54 77.14 -66.02
CA LEU TA 156 -96.89 75.87 -65.69
C LEU TA 156 -96.43 75.82 -64.24
N ALA TA 157 -96.91 76.73 -63.40
CA ALA TA 157 -96.54 76.76 -61.98
C ALA TA 157 -97.38 75.81 -61.13
N ASP TA 158 -98.40 75.19 -61.72
CA ASP TA 158 -99.26 74.24 -61.03
C ASP TA 158 -98.55 72.88 -60.96
N ASP TA 159 -99.33 71.81 -60.67
CA ASP TA 159 -99.01 70.38 -60.58
C ASP TA 159 -97.61 70.14 -60.01
N PRO TA 160 -97.47 70.31 -58.68
CA PRO TA 160 -96.14 70.43 -58.07
C PRO TA 160 -95.19 69.26 -58.30
N ASP TA 161 -95.68 68.05 -58.57
CA ASP TA 161 -94.78 66.92 -58.82
C ASP TA 161 -93.97 67.15 -60.09
N THR TA 162 -94.66 67.30 -61.22
CA THR TA 162 -93.97 67.60 -62.47
C THR TA 162 -93.34 68.99 -62.46
N PHE TA 163 -93.89 69.91 -61.65
CA PHE TA 163 -93.25 71.21 -61.48
C PHE TA 163 -91.87 71.07 -60.86
N ALA TA 164 -91.74 70.23 -59.83
CA ALA TA 164 -90.44 69.98 -59.22
C ALA TA 164 -89.53 69.17 -60.15
N GLU TA 165 -90.12 68.30 -60.97
CA GLU TA 165 -89.32 67.58 -61.96
C GLU TA 165 -88.69 68.54 -62.97
N LEU TA 166 -89.49 69.47 -63.48
CA LEU TA 166 -88.95 70.49 -64.38
C LEU TA 166 -88.04 71.46 -63.65
N LYS TA 167 -88.24 71.62 -62.33
CA LYS TA 167 -87.35 72.44 -61.52
C LYS TA 167 -85.95 71.83 -61.42
N VAL TA 168 -85.89 70.51 -61.20
CA VAL TA 168 -84.63 69.80 -61.24
C VAL TA 168 -84.02 69.87 -62.64
N LYS TA 169 -84.88 69.76 -63.67
CA LYS TA 169 -84.43 69.97 -65.04
C LYS TA 169 -83.78 71.35 -65.21
N GLU TA 170 -84.37 72.36 -64.57
CA GLU TA 170 -83.85 73.73 -64.67
C GLU TA 170 -82.48 73.85 -64.00
N ILE TA 171 -82.33 73.31 -62.79
CA ILE TA 171 -81.05 73.47 -62.09
C ILE TA 171 -79.96 72.64 -62.78
N LYS TA 172 -80.33 71.50 -63.36
CA LYS TA 172 -79.36 70.72 -64.12
C LYS TA 172 -78.92 71.46 -65.38
N ASN TA 173 -79.88 72.06 -66.10
CA ASN TA 173 -79.54 72.86 -67.27
C ASN TA 173 -78.67 74.04 -66.89
N GLY TA 174 -78.93 74.62 -65.72
CA GLY TA 174 -78.11 75.74 -65.27
C GLY TA 174 -76.67 75.34 -64.96
N ARG TA 175 -76.48 74.19 -64.31
CA ARG TA 175 -75.11 73.72 -64.07
C ARG TA 175 -74.40 73.37 -65.37
N LEU TA 176 -75.10 72.74 -66.31
CA LEU TA 176 -74.49 72.42 -67.60
C LEU TA 176 -74.13 73.70 -68.35
N ALA TA 177 -74.97 74.73 -68.25
CA ALA TA 177 -74.67 76.00 -68.89
C ALA TA 177 -73.53 76.72 -68.19
N MET TA 178 -73.37 76.49 -66.88
CA MET TA 178 -72.20 77.01 -66.18
C MET TA 178 -70.92 76.38 -66.72
N PHE TA 179 -70.93 75.06 -66.94
CA PHE TA 179 -69.84 74.42 -67.67
C PHE TA 179 -69.60 75.06 -69.03
N SER TA 180 -70.67 75.24 -69.81
CA SER TA 180 -70.52 75.75 -71.17
C SER TA 180 -69.93 77.15 -71.18
N CYS TA 181 -70.40 78.03 -70.30
CA CYS TA 181 -69.91 79.40 -70.25
C CYS TA 181 -68.50 79.47 -69.68
N LEU TA 182 -68.18 78.63 -68.70
CA LEU TA 182 -66.80 78.59 -68.20
C LEU TA 182 -65.85 78.09 -69.28
N GLY TA 183 -66.30 77.12 -70.09
CA GLY TA 183 -65.50 76.66 -71.21
C GLY TA 183 -65.30 77.74 -72.25
N PHE TA 184 -66.35 78.52 -72.54
CA PHE TA 184 -66.20 79.66 -73.44
C PHE TA 184 -65.19 80.65 -72.90
N PHE TA 185 -65.26 80.91 -71.59
CA PHE TA 185 -64.35 81.85 -70.93
C PHE TA 185 -62.90 81.42 -71.06
N VAL TA 186 -62.59 80.18 -70.68
CA VAL TA 186 -61.18 79.77 -70.67
C VAL TA 186 -60.70 79.48 -72.09
N GLN TA 187 -61.58 79.02 -72.98
CA GLN TA 187 -61.20 78.86 -74.38
C GLN TA 187 -60.91 80.21 -75.03
N ALA TA 188 -61.56 81.27 -74.55
CA ALA TA 188 -61.21 82.61 -75.02
C ALA TA 188 -59.78 82.96 -74.63
N ILE TA 189 -59.32 82.47 -73.48
CA ILE TA 189 -57.98 82.81 -73.00
C ILE TA 189 -56.89 81.89 -73.56
N VAL TA 190 -57.09 80.57 -73.53
CA VAL TA 190 -56.04 79.66 -73.96
C VAL TA 190 -55.95 79.58 -75.48
N THR TA 191 -57.00 79.97 -76.20
CA THR TA 191 -56.95 79.90 -77.66
C THR TA 191 -57.22 81.23 -78.34
N GLY TA 192 -58.22 81.98 -77.88
CA GLY TA 192 -58.56 83.22 -78.54
C GLY TA 192 -59.39 83.07 -79.80
N LYS TA 193 -60.20 82.02 -79.89
CA LYS TA 193 -61.05 81.80 -81.06
C LYS TA 193 -62.49 81.58 -80.59
N GLY TA 194 -63.41 81.63 -81.56
CA GLY TA 194 -64.80 81.39 -81.30
C GLY TA 194 -65.07 79.93 -80.99
N PRO TA 195 -66.04 79.67 -80.10
CA PRO TA 195 -66.36 78.27 -79.76
C PRO TA 195 -66.94 77.49 -80.92
N VAL TA 196 -67.72 78.13 -81.79
CA VAL TA 196 -68.27 77.44 -82.95
C VAL TA 196 -67.15 77.08 -83.93
N GLN TA 197 -66.21 78.00 -84.15
CA GLN TA 197 -65.05 77.69 -84.97
C GLN TA 197 -64.21 76.59 -84.34
N ASN TA 198 -64.11 76.58 -83.02
CA ASN TA 198 -63.38 75.53 -82.31
C ASN TA 198 -64.02 74.17 -82.54
N LEU TA 199 -65.34 74.09 -82.43
CA LEU TA 199 -66.04 72.84 -82.68
C LEU TA 199 -65.88 72.40 -84.13
N THR TA 200 -65.92 73.36 -85.07
CA THR TA 200 -65.78 73.01 -86.49
C THR TA 200 -64.37 72.52 -86.81
N ASP TA 201 -63.34 73.17 -86.25
CA ASP TA 201 -61.97 72.73 -86.48
C ASP TA 201 -61.68 71.40 -85.81
N HIS TA 202 -62.27 71.14 -84.64
CA HIS TA 202 -62.03 69.90 -83.92
C HIS TA 202 -62.59 68.70 -84.68
N LEU TA 203 -63.71 68.88 -85.38
CA LEU TA 203 -64.34 67.78 -86.10
C LEU TA 203 -63.49 67.29 -87.27
N ALA TA 204 -62.73 68.19 -87.91
CA ALA TA 204 -61.89 67.77 -89.03
C ALA TA 204 -60.75 66.89 -88.56
N ASP TA 205 -60.07 67.27 -87.48
CA ASP TA 205 -58.97 66.49 -86.94
C ASP TA 205 -58.97 66.40 -85.42
N PRO TA 206 -59.78 65.53 -84.82
CA PRO TA 206 -59.81 65.42 -83.36
C PRO TA 206 -58.52 64.91 -82.74
N THR TA 207 -57.65 64.23 -83.51
CA THR TA 207 -56.40 63.73 -82.93
C THR TA 207 -55.38 64.85 -82.78
N VAL TA 208 -55.34 65.79 -83.72
CA VAL TA 208 -54.37 66.87 -83.72
C VAL TA 208 -54.85 68.05 -82.88
N ASN TA 209 -56.04 68.56 -83.18
CA ASN TA 209 -56.59 69.73 -82.50
C ASN TA 209 -57.32 69.28 -81.24
N ASN TA 210 -56.64 69.41 -80.10
CA ASN TA 210 -57.27 69.15 -78.81
C ASN TA 210 -56.80 70.23 -77.84
N ALA TA 211 -57.06 70.00 -76.55
CA ALA TA 211 -56.56 70.89 -75.52
C ALA TA 211 -55.04 70.78 -75.39
N PHE TA 212 -54.50 69.59 -75.63
CA PHE TA 212 -53.09 69.34 -75.44
C PHE TA 212 -52.22 70.03 -76.49
N ALA TA 213 -52.78 70.34 -77.65
CA ALA TA 213 -52.02 71.06 -78.67
C ALA TA 213 -51.74 72.50 -78.24
N SER TA 214 -52.50 73.02 -77.27
CA SER TA 214 -52.29 74.34 -76.71
C SER TA 214 -51.98 74.28 -75.22
N ALA TA 215 -51.38 73.17 -74.78
CA ALA TA 215 -51.05 73.00 -73.37
C ALA TA 215 -49.71 73.65 -72.99
N THR TA 216 -48.88 73.99 -73.97
CA THR TA 216 -47.61 74.65 -73.72
C THR TA 216 -47.67 76.14 -73.98
N LYS TA 217 -48.87 76.70 -74.14
CA LYS TA 217 -49.00 78.12 -74.48
C LYS TA 217 -48.75 79.04 -73.29
N PHE TA 218 -48.73 78.50 -72.07
CA PHE TA 218 -48.55 79.32 -70.88
C PHE TA 218 -47.37 78.88 -70.03
N THR TA 219 -46.39 78.21 -70.63
CA THR TA 219 -45.21 77.81 -69.87
C THR TA 219 -44.30 79.01 -69.62
N PRO TA 220 -43.68 79.10 -68.45
CA PRO TA 220 -42.74 80.20 -68.18
C PRO TA 220 -41.32 79.84 -68.58
N GLY TA 221 -40.62 80.85 -69.09
CA GLY TA 221 -39.24 80.68 -69.52
C GLY TA 221 -38.32 81.75 -68.96
N SER UA 1 59.18 7.26 24.10
CA SER UA 1 59.76 8.46 24.69
C SER UA 1 58.74 9.59 24.69
N LEU UA 2 57.68 9.44 23.91
CA LEU UA 2 56.67 10.48 23.74
C LEU UA 2 55.36 10.03 24.35
N SER UA 3 54.55 11.00 24.76
CA SER UA 3 53.28 10.70 25.42
C SER UA 3 52.27 10.07 24.49
N TYR UA 4 52.35 10.33 23.18
CA TYR UA 4 51.42 9.75 22.22
C TYR UA 4 51.91 8.42 21.65
N LEU UA 5 53.22 8.20 21.57
CA LEU UA 5 53.72 6.91 21.12
C LEU UA 5 53.49 5.84 22.18
N ASP UA 6 53.75 6.17 23.45
CA ASP UA 6 53.53 5.32 24.62
C ASP UA 6 54.34 4.02 24.56
N GLY UA 7 55.37 3.97 23.71
CA GLY UA 7 56.16 2.76 23.57
C GLY UA 7 55.35 1.63 22.96
N HIS UA 8 55.58 0.42 23.48
CA HIS UA 8 54.94 -0.83 23.07
C HIS UA 8 54.95 -1.03 21.54
N LEU UA 9 56.07 -0.71 20.91
CA LEU UA 9 56.27 -1.03 19.50
C LEU UA 9 57.75 -1.31 19.29
N PRO UA 10 58.10 -2.12 18.30
CA PRO UA 10 59.51 -2.26 17.95
C PRO UA 10 60.07 -0.96 17.39
N GLY UA 11 61.34 -0.74 17.64
CA GLY UA 11 61.99 0.50 17.21
C GLY UA 11 61.87 1.58 18.28
N ASP UA 12 61.22 2.70 17.92
CA ASP UA 12 60.95 3.83 18.80
C ASP UA 12 62.28 4.39 19.34
N MET UA 13 63.07 4.94 18.42
CA MET UA 13 64.40 5.44 18.74
C MET UA 13 64.40 6.88 19.23
N GLY UA 14 63.23 7.53 19.32
CA GLY UA 14 63.17 8.88 19.82
C GLY UA 14 63.43 9.93 18.74
N PHE UA 15 62.61 9.91 17.69
CA PHE UA 15 62.72 10.85 16.58
C PHE UA 15 61.31 11.33 16.21
N ASP UA 16 60.92 12.48 16.76
CA ASP UA 16 59.65 13.12 16.41
C ASP UA 16 59.72 14.60 16.78
N PRO UA 17 60.41 15.43 15.99
CA PRO UA 17 60.50 16.85 16.35
C PRO UA 17 59.23 17.62 16.13
N LEU UA 18 58.39 17.19 15.18
CA LEU UA 18 57.14 17.87 14.87
C LEU UA 18 55.97 16.98 15.25
N HIS UA 19 54.75 17.45 14.97
CA HIS UA 19 53.52 16.75 15.31
C HIS UA 19 53.14 15.73 14.23
N LEU UA 20 54.07 14.83 13.91
CA LEU UA 20 53.77 13.78 12.94
C LEU UA 20 52.88 12.71 13.55
N SER UA 21 53.17 12.31 14.79
CA SER UA 21 52.42 11.26 15.47
C SER UA 21 51.50 11.78 16.55
N SER UA 22 51.41 13.09 16.73
CA SER UA 22 50.61 13.67 17.79
C SER UA 22 49.14 13.71 17.39
N PRO UA 23 48.21 13.25 18.23
CA PRO UA 23 46.79 13.41 17.92
C PRO UA 23 46.40 14.88 17.97
N THR UA 24 45.38 15.22 17.21
CA THR UA 24 44.92 16.60 17.11
C THR UA 24 43.49 16.70 17.63
N VAL UA 25 43.22 17.79 18.36
CA VAL UA 25 41.85 18.12 18.75
C VAL UA 25 41.06 18.43 17.48
N SER UA 26 39.82 17.95 17.43
CA SER UA 26 39.00 18.18 16.25
C SER UA 26 37.52 18.08 16.60
N LEU UA 27 36.70 18.38 15.60
CA LEU UA 27 35.26 18.43 15.71
C LEU UA 27 34.69 17.68 14.52
N GLN UA 28 33.44 17.24 14.64
CA GLN UA 28 32.75 16.60 13.53
C GLN UA 28 31.54 17.44 13.17
N ILE UA 29 31.40 17.73 11.88
CA ILE UA 29 30.28 18.50 11.36
C ILE UA 29 29.28 17.53 10.74
N GLY UA 30 28.00 17.73 11.04
CA GLY UA 30 26.98 16.88 10.46
C GLY UA 30 26.85 17.08 8.96
N VAL UA 31 26.31 16.05 8.30
CA VAL UA 31 26.15 16.10 6.85
C VAL UA 31 25.02 17.06 6.48
N ASP UA 32 25.11 17.58 5.26
CA ASP UA 32 24.10 18.49 4.74
C ASP UA 32 22.97 17.69 4.11
N GLU UA 33 21.74 18.12 4.35
CA GLU UA 33 20.55 17.48 3.76
C GLU UA 33 20.43 17.92 2.31
N GLU UA 34 21.16 17.22 1.45
CA GLU UA 34 21.13 17.52 0.03
C GLU UA 34 19.98 16.82 -0.70
N ASP UA 35 19.15 16.10 0.03
CA ASP UA 35 17.93 15.51 -0.55
C ASP UA 35 16.98 16.65 -0.91
N GLN UA 36 16.06 16.40 -1.84
CA GLN UA 36 15.26 17.49 -2.39
C GLN UA 36 13.79 17.42 -2.00
N ASN UA 37 13.31 16.25 -1.56
CA ASN UA 37 11.88 16.05 -1.29
C ASN UA 37 11.32 16.92 -0.17
N GLN UA 38 12.16 17.53 0.67
CA GLN UA 38 11.68 18.38 1.75
C GLN UA 38 11.75 19.85 1.32
N ALA UA 39 11.42 20.76 2.25
CA ALA UA 39 11.39 22.18 1.97
C ALA UA 39 12.67 22.89 2.41
N GLN UA 40 13.00 22.82 3.70
CA GLN UA 40 14.13 23.56 4.25
C GLN UA 40 15.33 22.64 4.46
N ASN UA 41 16.48 23.06 3.92
CA ASN UA 41 17.75 22.38 4.12
C ASN UA 41 18.68 23.33 4.85
N LYS UA 42 19.36 22.83 5.88
CA LYS UA 42 20.31 23.62 6.65
C LYS UA 42 21.60 22.83 6.80
N LYS UA 43 22.64 23.54 7.25
CA LYS UA 43 23.94 22.95 7.49
C LYS UA 43 23.99 22.14 8.78
N GLY UA 44 22.99 22.29 9.65
CA GLY UA 44 23.03 21.63 10.94
C GLY UA 44 23.91 22.40 11.91
N ASP UA 45 24.42 21.67 12.89
CA ASP UA 45 25.31 22.21 13.91
C ASP UA 45 26.44 21.22 14.12
N VAL UA 46 27.22 21.44 15.18
CA VAL UA 46 28.30 20.53 15.54
C VAL UA 46 27.72 19.35 16.31
N GLU UA 47 27.99 18.14 15.83
CA GLU UA 47 27.46 16.95 16.50
C GLU UA 47 28.39 16.42 17.58
N ALA UA 48 29.69 16.38 17.32
CA ALA UA 48 30.61 15.75 18.26
C ALA UA 48 31.94 16.51 18.29
N ILE UA 49 32.64 16.35 19.40
CA ILE UA 49 33.97 16.91 19.61
C ILE UA 49 34.89 15.80 20.10
N PHE UA 50 36.12 15.79 19.59
CA PHE UA 50 37.14 14.85 20.06
C PHE UA 50 38.33 15.68 20.51
N ARG UA 51 38.51 15.77 21.83
CA ARG UA 51 39.53 16.62 22.45
C ARG UA 51 40.45 15.76 23.31
N PRO UA 52 41.58 15.28 22.75
CA PRO UA 52 42.52 14.45 23.50
C PRO UA 52 43.27 15.23 24.57
N GLU UA 53 40.93 0.96 12.30
CA GLU UA 53 40.96 0.12 11.10
C GLU UA 53 41.80 0.74 10.00
N VAL UA 54 41.77 2.07 9.90
CA VAL UA 54 42.52 2.78 8.87
C VAL UA 54 44.01 2.59 9.07
N PHE UA 55 44.48 2.78 10.30
CA PHE UA 55 45.89 2.58 10.65
C PHE UA 55 46.11 1.26 11.38
N GLY UA 56 45.08 0.41 11.44
CA GLY UA 56 45.13 -0.79 12.23
C GLY UA 56 45.98 -1.89 11.63
N LEU UA 57 45.96 -3.04 12.29
CA LEU UA 57 46.79 -4.17 11.88
C LEU UA 57 46.26 -4.90 10.65
N ALA UA 58 45.00 -4.67 10.28
CA ALA UA 58 44.38 -5.46 9.21
C ALA UA 58 45.03 -5.18 7.85
N ARG UA 59 44.92 -3.95 7.36
CA ARG UA 59 45.52 -3.58 6.08
C ARG UA 59 47.04 -3.58 6.13
N PHE UA 60 47.61 -3.25 7.30
CA PHE UA 60 49.06 -3.23 7.47
C PHE UA 60 49.66 -4.64 7.34
N ARG UA 61 49.00 -5.64 7.91
CA ARG UA 61 49.50 -7.02 7.77
C ARG UA 61 49.46 -7.47 6.30
N GLU UA 62 48.38 -7.13 5.59
CA GLU UA 62 48.28 -7.48 4.18
C GLU UA 62 49.40 -6.84 3.36
N THR UA 63 49.57 -5.51 3.48
CA THR UA 63 50.60 -4.86 2.68
C THR UA 63 52.00 -5.28 3.11
N GLU UA 64 52.17 -5.65 4.39
CA GLU UA 64 53.47 -6.12 4.86
C GLU UA 64 53.83 -7.48 4.26
N VAL UA 65 52.88 -8.42 4.26
CA VAL UA 65 53.19 -9.74 3.71
C VAL UA 65 53.33 -9.67 2.19
N ILE UA 66 52.57 -8.80 1.53
CA ILE UA 66 52.69 -8.65 0.09
C ILE UA 66 54.04 -8.01 -0.27
N HIS UA 67 54.47 -7.01 0.52
CA HIS UA 67 55.78 -6.41 0.32
C HIS UA 67 56.90 -7.42 0.53
N GLY UA 68 56.79 -8.25 1.58
CA GLY UA 68 57.80 -9.26 1.81
C GLY UA 68 57.85 -10.30 0.71
N ARG UA 69 56.68 -10.70 0.20
CA ARG UA 69 56.61 -11.65 -0.90
C ARG UA 69 57.29 -11.08 -2.16
N TRP UA 70 56.98 -9.82 -2.49
CA TRP UA 70 57.60 -9.18 -3.65
C TRP UA 70 59.10 -9.02 -3.46
N ALA UA 71 59.53 -8.69 -2.23
CA ALA UA 71 60.95 -8.52 -1.94
C ALA UA 71 61.71 -9.84 -2.10
N MET UA 72 61.12 -10.93 -1.64
CA MET UA 72 61.82 -12.21 -1.72
C MET UA 72 61.84 -12.74 -3.16
N LEU UA 73 60.76 -12.51 -3.90
CA LEU UA 73 60.78 -12.83 -5.33
C LEU UA 73 61.85 -12.01 -6.05
N GLY UA 74 61.96 -10.72 -5.71
CA GLY UA 74 62.95 -9.88 -6.35
C GLY UA 74 64.37 -10.25 -6.01
N THR UA 75 64.63 -10.67 -4.76
CA THR UA 75 65.99 -11.07 -4.42
C THR UA 75 66.35 -12.40 -5.08
N LEU UA 76 65.39 -13.31 -5.26
CA LEU UA 76 65.68 -14.50 -6.04
C LEU UA 76 65.97 -14.15 -7.50
N GLY UA 77 65.19 -13.21 -8.06
CA GLY UA 77 65.45 -12.78 -9.42
C GLY UA 77 66.82 -12.13 -9.59
N ALA UA 78 67.22 -11.32 -8.62
CA ALA UA 78 68.55 -10.71 -8.66
C ALA UA 78 69.65 -11.76 -8.57
N ILE UA 79 69.53 -12.68 -7.62
CA ILE UA 79 70.58 -13.68 -7.42
C ILE UA 79 70.62 -14.70 -8.56
N VAL UA 80 69.55 -14.83 -9.35
CA VAL UA 80 69.62 -15.68 -10.54
C VAL UA 80 70.18 -14.91 -11.73
N GLY UA 81 69.60 -13.73 -12.01
CA GLY UA 81 70.05 -12.93 -13.15
C GLY UA 81 71.51 -12.57 -13.07
N GLU UA 82 71.97 -12.15 -11.90
CA GLU UA 82 73.41 -12.07 -11.66
C GLU UA 82 73.94 -13.49 -11.57
N ALA UA 83 75.06 -13.73 -12.25
CA ALA UA 83 75.71 -15.02 -12.48
C ALA UA 83 74.92 -15.95 -13.40
N ALA UA 84 73.72 -15.56 -13.86
CA ALA UA 84 73.08 -16.26 -14.95
C ALA UA 84 73.20 -15.53 -16.28
N THR UA 85 73.50 -14.23 -16.26
CA THR UA 85 73.65 -13.44 -17.48
C THR UA 85 74.95 -12.65 -17.46
N GLY UA 86 75.42 -12.29 -16.26
CA GLY UA 86 76.65 -11.55 -16.09
C GLY UA 86 76.48 -10.09 -15.77
N VAL UA 87 75.31 -9.51 -16.00
CA VAL UA 87 75.05 -8.11 -15.69
C VAL UA 87 74.40 -8.01 -14.32
N SER UA 88 74.58 -6.87 -13.67
CA SER UA 88 74.02 -6.66 -12.35
C SER UA 88 72.57 -6.19 -12.44
N TRP UA 89 71.88 -6.24 -11.29
CA TRP UA 89 70.51 -5.75 -11.25
C TRP UA 89 70.46 -4.24 -11.33
N VAL UA 90 71.48 -3.56 -10.78
CA VAL UA 90 71.53 -2.11 -10.87
C VAL UA 90 71.77 -1.66 -12.31
N ASP UA 91 72.55 -2.43 -13.07
CA ASP UA 91 72.75 -2.16 -14.49
C ASP UA 91 71.73 -2.89 -15.36
N ALA UA 92 70.79 -3.62 -14.76
CA ALA UA 92 69.77 -4.33 -15.53
C ALA UA 92 68.81 -3.36 -16.21
N GLY UA 93 68.78 -2.10 -15.78
CA GLY UA 93 67.98 -1.13 -16.48
C GLY UA 93 68.51 -0.83 -17.87
N LYS UA 94 69.84 -0.66 -18.00
CA LYS UA 94 70.41 -0.25 -19.28
C LYS UA 94 70.50 -1.41 -20.27
N VAL UA 95 70.84 -2.61 -19.79
CA VAL UA 95 71.11 -3.71 -20.71
C VAL UA 95 69.83 -4.25 -21.35
N GLU UA 96 68.67 -4.01 -20.74
CA GLU UA 96 67.42 -4.18 -21.47
C GLU UA 96 66.75 -2.86 -21.84
N LEU UA 97 67.38 -1.73 -21.56
CA LEU UA 97 67.00 -0.49 -22.24
C LEU UA 97 67.40 -0.54 -23.70
N ASP UA 98 68.65 -0.93 -23.97
CA ASP UA 98 69.09 -1.20 -25.34
C ASP UA 98 69.63 -2.62 -25.43
N GLY UA 99 69.23 -3.32 -26.50
CA GLY UA 99 69.59 -4.72 -26.65
C GLY UA 99 68.95 -5.60 -25.60
N ALA UA 100 67.62 -5.53 -25.48
CA ALA UA 100 66.90 -6.28 -24.46
C ALA UA 100 67.03 -7.78 -24.71
N GLN UA 101 67.41 -8.52 -23.67
CA GLN UA 101 67.67 -9.95 -23.79
C GLN UA 101 67.15 -10.68 -22.56
N TYR UA 102 66.94 -11.98 -22.73
CA TYR UA 102 66.48 -12.88 -21.67
C TYR UA 102 67.23 -14.20 -21.86
N LEU UA 103 68.24 -14.43 -21.01
CA LEU UA 103 69.11 -15.61 -21.07
C LEU UA 103 69.76 -15.76 -22.43
N GLY UA 104 70.22 -14.65 -23.01
CA GLY UA 104 70.79 -14.66 -24.34
C GLY UA 104 69.78 -14.70 -25.46
N GLN UA 105 68.48 -14.64 -25.13
CA GLN UA 105 67.42 -14.71 -26.11
C GLN UA 105 66.92 -13.30 -26.43
N SER UA 106 66.84 -12.98 -27.72
CA SER UA 106 66.40 -11.66 -28.14
C SER UA 106 64.88 -11.56 -28.14
N LEU UA 107 64.37 -10.48 -27.57
CA LEU UA 107 62.93 -10.23 -27.53
C LEU UA 107 62.63 -8.90 -28.23
N PRO UA 108 61.62 -8.88 -29.11
CA PRO UA 108 61.33 -7.66 -29.90
C PRO UA 108 60.39 -6.71 -29.17
N PHE UA 109 60.90 -6.09 -28.10
CA PHE UA 109 60.12 -5.16 -27.29
C PHE UA 109 60.90 -3.88 -27.07
N SER UA 110 60.31 -2.76 -27.44
CA SER UA 110 60.88 -1.45 -27.18
C SER UA 110 60.50 -1.00 -25.78
N ILE UA 111 61.11 0.11 -25.34
CA ILE UA 111 60.84 0.61 -24.00
C ILE UA 111 59.41 1.11 -23.87
N SER UA 112 58.89 1.79 -24.91
CA SER UA 112 57.51 2.26 -24.88
C SER UA 112 56.53 1.10 -24.89
N GLN UA 113 56.79 0.09 -25.73
CA GLN UA 113 55.93 -1.08 -25.79
C GLN UA 113 55.94 -1.84 -24.47
N LEU UA 114 57.11 -1.98 -23.86
CA LEU UA 114 57.21 -2.63 -22.55
C LEU UA 114 56.43 -1.87 -21.50
N ILE UA 115 56.54 -0.54 -21.49
CA ILE UA 115 55.78 0.26 -20.52
C ILE UA 115 54.28 0.06 -20.73
N TRP UA 116 53.84 0.09 -22.00
CA TRP UA 116 52.43 -0.07 -22.34
C TRP UA 116 51.88 -1.41 -21.84
N ILE UA 117 52.43 -2.51 -22.36
CA ILE UA 117 51.88 -3.83 -22.05
C ILE UA 117 52.13 -4.19 -20.58
N GLU UA 118 53.28 -3.83 -20.01
CA GLU UA 118 53.59 -4.15 -18.64
C GLU UA 118 52.65 -3.42 -17.68
N ALA UA 119 52.44 -2.13 -17.90
CA ALA UA 119 51.54 -1.37 -17.04
C ALA UA 119 50.13 -1.89 -17.12
N ILE UA 120 49.65 -2.20 -18.34
CA ILE UA 120 48.29 -2.73 -18.49
C ILE UA 120 48.15 -4.07 -17.79
N LEU UA 121 49.16 -4.95 -17.96
CA LEU UA 121 49.10 -6.28 -17.35
C LEU UA 121 49.15 -6.21 -15.83
N VAL UA 122 50.04 -5.38 -15.28
CA VAL UA 122 50.13 -5.33 -13.81
C VAL UA 122 48.89 -4.66 -13.22
N GLY UA 123 48.33 -3.67 -13.92
CA GLY UA 123 47.09 -3.08 -13.45
C GLY UA 123 45.94 -4.07 -13.44
N GLY UA 124 45.82 -4.87 -14.51
CA GLY UA 124 44.77 -5.87 -14.56
C GLY UA 124 44.93 -6.94 -13.52
N VAL UA 125 46.15 -7.44 -13.32
CA VAL UA 125 46.35 -8.50 -12.35
C VAL UA 125 46.19 -7.98 -10.92
N GLU UA 126 46.56 -6.73 -10.65
CA GLU UA 126 46.36 -6.20 -9.30
C GLU UA 126 44.88 -5.94 -9.02
N VAL UA 127 44.14 -5.45 -10.02
CA VAL UA 127 42.71 -5.26 -9.85
C VAL UA 127 42.00 -6.60 -9.62
N LEU UA 128 42.37 -7.63 -10.39
CA LEU UA 128 41.80 -8.95 -10.16
C LEU UA 128 42.33 -9.57 -8.87
N ARG UA 129 43.46 -9.08 -8.36
CA ARG UA 129 44.01 -9.58 -7.12
C ARG UA 129 43.26 -9.03 -5.91
N ASN UA 130 42.82 -7.79 -5.98
CA ASN UA 130 42.07 -7.19 -4.88
C ASN UA 130 40.57 -7.13 -5.18
N ASN UA 131 40.06 -8.04 -6.01
CA ASN UA 131 38.65 -8.05 -6.37
C ASN UA 131 37.86 -9.06 -5.53
N GLU UA 132 38.02 -9.00 -4.21
CA GLU UA 132 37.27 -9.84 -3.28
C GLU UA 132 37.38 -9.19 -1.89
N LEU UA 133 36.81 -9.85 -0.88
CA LEU UA 133 36.61 -9.16 0.39
C LEU UA 133 37.49 -9.63 1.55
N ASP UA 134 37.25 -10.83 2.10
CA ASP UA 134 37.75 -11.18 3.43
C ASP UA 134 39.28 -11.23 3.48
N LEU UA 135 39.83 -10.76 4.60
CA LEU UA 135 41.27 -10.53 4.70
C LEU UA 135 42.06 -11.83 4.71
N GLU UA 136 41.49 -12.89 5.28
CA GLU UA 136 42.20 -14.17 5.31
C GLU UA 136 42.38 -14.73 3.89
N LYS UA 137 41.33 -14.68 3.07
CA LYS UA 137 41.46 -15.13 1.69
C LYS UA 137 42.19 -14.10 0.85
N ARG UA 138 42.27 -12.84 1.31
CA ARG UA 138 43.07 -11.85 0.61
C ARG UA 138 44.56 -12.14 0.79
N ILE UA 139 44.96 -12.51 2.01
CA ILE UA 139 46.35 -12.85 2.27
C ILE UA 139 46.69 -14.20 1.64
N TYR UA 140 45.81 -15.19 1.79
CA TYR UA 140 46.05 -16.54 1.28
C TYR UA 140 44.87 -17.03 0.46
N PRO UA 141 44.80 -16.67 -0.81
CA PRO UA 141 43.72 -17.18 -1.67
C PRO UA 141 43.95 -18.64 -2.04
N GLY UA 142 42.86 -19.30 -2.37
CA GLY UA 142 42.92 -20.71 -2.70
C GLY UA 142 42.78 -21.01 -4.18
N GLY UA 143 41.95 -20.23 -4.88
CA GLY UA 143 41.62 -20.45 -6.27
C GLY UA 143 42.79 -20.49 -7.22
N ALA UA 144 43.05 -21.68 -7.77
CA ALA UA 144 44.20 -21.96 -8.64
C ALA UA 144 45.52 -21.59 -7.97
N PHE UA 145 45.60 -21.78 -6.65
CA PHE UA 145 46.78 -21.36 -5.92
C PHE UA 145 47.33 -22.40 -4.95
N ASP UA 146 46.59 -23.45 -4.61
CA ASP UA 146 47.13 -24.55 -3.80
C ASP UA 146 46.87 -25.89 -4.47
N PRO UA 147 47.73 -26.26 -5.42
CA PRO UA 147 47.63 -27.60 -6.03
C PRO UA 147 48.01 -28.72 -5.08
N LEU UA 148 48.68 -28.38 -3.98
CA LEU UA 148 49.46 -29.34 -3.21
C LEU UA 148 49.15 -29.35 -1.72
N ASN UA 149 48.56 -28.26 -1.20
CA ASN UA 149 48.07 -28.18 0.19
C ASN UA 149 49.18 -28.41 1.22
N LEU UA 150 50.06 -27.41 1.35
CA LEU UA 150 51.09 -27.45 2.39
C LEU UA 150 50.47 -27.31 3.78
N ALA UA 151 49.92 -26.13 4.07
CA ALA UA 151 49.39 -25.82 5.40
C ALA UA 151 48.16 -24.94 5.20
N ASP UA 152 46.99 -25.56 5.22
CA ASP UA 152 45.72 -24.89 4.98
C ASP UA 152 44.78 -25.13 6.16
N GLU UA 153 43.50 -24.82 5.95
CA GLU UA 153 42.45 -24.87 6.97
C GLU UA 153 42.00 -26.28 7.33
N GLU UA 154 42.64 -27.36 6.90
CA GLU UA 154 42.14 -28.68 7.28
C GLU UA 154 42.64 -29.15 8.63
N ASP UA 155 43.66 -28.51 9.20
CA ASP UA 155 44.23 -29.05 10.44
C ASP UA 155 44.32 -28.04 11.57
N GLU UA 156 44.70 -26.79 11.29
CA GLU UA 156 44.87 -25.73 12.30
C GLU UA 156 45.87 -26.09 13.40
N GLU UA 157 47.02 -26.67 13.02
CA GLU UA 157 48.18 -26.71 13.92
C GLU UA 157 49.49 -26.34 13.26
N LYS UA 158 49.57 -26.38 11.93
CA LYS UA 158 50.80 -26.08 11.20
C LYS UA 158 50.76 -24.75 10.47
N SER UA 159 49.57 -24.28 10.09
CA SER UA 159 49.45 -23.07 9.27
C SER UA 159 49.96 -21.84 10.01
N PHE UA 160 49.59 -21.68 11.28
CA PHE UA 160 50.01 -20.51 12.03
C PHE UA 160 51.45 -20.62 12.53
N ARG UA 161 52.03 -21.82 12.51
CA ARG UA 161 53.41 -21.98 12.96
C ARG UA 161 54.39 -21.32 12.00
N LEU UA 162 54.23 -21.56 10.70
CA LEU UA 162 55.07 -20.94 9.69
C LEU UA 162 54.49 -19.65 9.16
N LYS UA 163 53.36 -19.20 9.73
CA LYS UA 163 52.84 -17.87 9.43
C LYS UA 163 53.79 -16.78 9.88
N THR UA 164 54.46 -16.98 11.01
CA THR UA 164 55.53 -16.07 11.42
C THR UA 164 56.73 -16.18 10.49
N ALA UA 165 56.98 -17.38 9.97
CA ALA UA 165 58.11 -17.57 9.05
C ALA UA 165 57.90 -16.83 7.74
N GLU UA 166 56.66 -16.65 7.31
CA GLU UA 166 56.30 -15.81 6.17
C GLU UA 166 56.87 -14.42 6.33
N ILE UA 167 56.49 -13.74 7.41
CA ILE UA 167 56.94 -12.37 7.60
C ILE UA 167 58.41 -12.30 8.04
N LYS UA 168 58.97 -13.39 8.58
CA LYS UA 168 60.40 -13.38 8.88
C LYS UA 168 61.22 -13.45 7.59
N HIS UA 169 60.82 -14.31 6.66
CA HIS UA 169 61.44 -14.34 5.34
C HIS UA 169 61.23 -13.02 4.61
N GLY UA 170 60.04 -12.43 4.77
CA GLY UA 170 59.78 -11.13 4.18
C GLY UA 170 60.67 -10.04 4.73
N ARG UA 171 60.85 -10.01 6.06
CA ARG UA 171 61.68 -8.99 6.69
C ARG UA 171 63.14 -9.15 6.31
N LEU UA 172 63.64 -10.40 6.26
CA LEU UA 172 65.02 -10.59 5.82
C LEU UA 172 65.17 -10.20 4.36
N ALA UA 173 64.14 -10.43 3.54
CA ALA UA 173 64.18 -9.98 2.15
C ALA UA 173 64.20 -8.46 2.06
N MET UA 174 63.44 -7.76 2.90
CA MET UA 174 63.44 -6.30 2.87
C MET UA 174 64.80 -5.74 3.28
N VAL UA 175 65.38 -6.27 4.35
CA VAL UA 175 66.68 -5.76 4.77
C VAL UA 175 67.76 -6.17 3.77
N ALA UA 176 67.60 -7.32 3.12
CA ALA UA 176 68.54 -7.72 2.07
C ALA UA 176 68.46 -6.80 0.86
N PHE UA 177 67.25 -6.40 0.47
CA PHE UA 177 67.12 -5.46 -0.64
C PHE UA 177 67.63 -4.07 -0.28
N LEU UA 178 67.43 -3.64 0.98
CA LEU UA 178 67.94 -2.33 1.35
C LEU UA 178 69.46 -2.35 1.45
N GLY UA 179 70.03 -3.51 1.80
CA GLY UA 179 71.48 -3.67 1.70
C GLY UA 179 71.97 -3.75 0.27
N PHE UA 180 71.17 -4.33 -0.63
CA PHE UA 180 71.48 -4.31 -2.05
C PHE UA 180 71.55 -2.87 -2.56
N GLY UA 181 70.58 -2.06 -2.19
CA GLY UA 181 70.59 -0.64 -2.48
C GLY UA 181 71.67 0.06 -1.69
N ILE UA 182 71.75 1.39 -1.90
CA ILE UA 182 72.74 2.29 -1.30
C ILE UA 182 74.15 1.96 -1.77
N GLN UA 183 74.54 0.67 -1.67
CA GLN UA 183 75.77 0.20 -2.28
C GLN UA 183 75.77 0.43 -3.79
N ALA UA 184 74.59 0.40 -4.41
CA ALA UA 184 74.49 0.80 -5.81
C ALA UA 184 74.82 2.29 -5.98
N ALA UA 185 74.35 3.12 -5.04
CA ALA UA 185 74.61 4.55 -5.12
C ALA UA 185 76.03 4.89 -4.66
N ALA UA 186 76.52 4.22 -3.62
CA ALA UA 186 77.84 4.54 -3.06
C ALA UA 186 78.95 3.67 -3.64
N THR UA 187 78.85 2.35 -3.43
CA THR UA 187 79.90 1.45 -3.93
C THR UA 187 79.76 1.23 -5.43
N GLY UA 188 78.54 1.19 -5.94
CA GLY UA 188 78.27 1.07 -7.36
C GLY UA 188 77.83 -0.30 -7.83
N GLU UA 189 78.04 -1.34 -7.02
CA GLU UA 189 77.67 -2.70 -7.38
C GLU UA 189 76.85 -3.34 -6.27
N GLY UA 190 76.04 -4.32 -6.63
CA GLY UA 190 75.21 -5.03 -5.68
C GLY UA 190 75.24 -6.52 -5.92
N ALA UA 191 74.71 -7.25 -4.93
CA ALA UA 191 74.57 -8.71 -4.93
C ALA UA 191 75.95 -9.34 -5.14
N LEU UA 192 76.11 -10.26 -6.08
CA LEU UA 192 77.40 -10.94 -6.25
C LEU UA 192 78.45 -10.01 -6.83
N GLY UA 193 78.04 -8.98 -7.58
CA GLY UA 193 79.00 -8.02 -8.09
C GLY UA 193 79.57 -7.11 -7.02
N SER UA 194 78.87 -6.96 -5.89
CA SER UA 194 79.36 -6.15 -4.79
C SER UA 194 80.47 -6.84 -4.00
N LEU UA 195 80.49 -8.17 -3.99
CA LEU UA 195 81.47 -8.92 -3.21
C LEU UA 195 82.76 -9.18 -3.98
N ALA UA 196 83.10 -8.33 -4.95
CA ALA UA 196 84.38 -8.46 -5.64
C ALA UA 196 85.55 -8.08 -4.75
N LYS UA 197 85.30 -7.44 -3.60
CA LYS UA 197 86.36 -7.03 -2.71
C LYS UA 197 86.66 -8.03 -1.60
N PHE UA 198 85.95 -9.16 -1.53
CA PHE UA 198 86.32 -10.17 -0.56
C PHE UA 198 87.54 -10.97 -0.99
N THR UA 199 87.80 -11.09 -2.30
CA THR UA 199 89.01 -11.75 -2.74
C THR UA 199 90.24 -10.92 -2.36
N SER UA 200 90.06 -9.61 -2.21
CA SER UA 200 91.12 -8.78 -1.64
C SER UA 200 91.13 -8.90 -0.12
N SER UA 201 89.98 -9.19 0.48
CA SER UA 201 89.89 -9.41 1.92
C SER UA 201 90.22 -10.85 2.32
N LEU UA 202 90.30 -11.77 1.37
CA LEU UA 202 90.64 -13.16 1.66
C LEU UA 202 91.69 -13.67 0.68
N PRO VA 1 -41.75 96.39 -12.31
CA PRO VA 1 -41.37 95.22 -11.52
C PRO VA 1 -39.88 95.17 -11.20
N ASP VA 2 -39.51 94.28 -10.26
CA ASP VA 2 -38.12 94.08 -9.84
C ASP VA 2 -37.51 95.36 -9.27
N LEU VA 3 -38.14 95.89 -8.22
CA LEU VA 3 -37.65 97.09 -7.56
C LEU VA 3 -36.53 96.81 -6.57
N GLU VA 4 -36.33 95.56 -6.18
CA GLU VA 4 -35.31 95.23 -5.19
C GLU VA 4 -33.89 95.42 -5.71
N LYS VA 5 -33.71 95.38 -7.04
CA LYS VA 5 -32.38 95.52 -7.61
C LYS VA 5 -31.88 96.97 -7.51
N TRP VA 6 -32.80 97.93 -7.42
CA TRP VA 6 -32.43 99.33 -7.29
C TRP VA 6 -32.86 99.96 -5.97
N TYR VA 7 -33.87 99.41 -5.30
CA TYR VA 7 -34.37 99.98 -4.06
C TYR VA 7 -34.21 98.95 -2.94
N GLY VA 8 -34.22 99.45 -1.70
CA GLY VA 8 -34.07 98.60 -0.55
C GLY VA 8 -32.70 98.72 0.08
N PRO VA 9 -32.53 98.11 1.26
CA PRO VA 9 -31.22 98.19 1.94
C PRO VA 9 -30.08 97.55 1.16
N ASP VA 10 -30.36 96.47 0.42
CA ASP VA 10 -29.37 95.80 -0.41
C ASP VA 10 -29.61 96.25 -1.84
N ARG VA 11 -28.70 97.05 -2.39
CA ARG VA 11 -28.87 97.56 -3.73
C ARG VA 11 -27.52 97.61 -4.43
N LYS VA 12 -27.56 97.96 -5.71
CA LYS VA 12 -26.35 98.16 -6.47
C LYS VA 12 -25.59 99.33 -5.88
N LEU VA 13 -24.28 99.19 -5.73
CA LEU VA 13 -23.44 100.23 -5.17
C LEU VA 13 -22.44 100.70 -6.22
N PHE VA 14 -21.70 101.74 -5.89
CA PHE VA 14 -20.64 102.15 -6.81
C PHE VA 14 -19.43 101.24 -6.71
N LEU VA 15 -19.38 100.36 -5.73
CA LEU VA 15 -18.35 99.33 -5.64
C LEU VA 15 -19.00 98.04 -5.16
N PRO VA 16 -18.53 96.88 -5.62
CA PRO VA 16 -19.16 95.62 -5.23
C PRO VA 16 -18.92 95.24 -3.78
N GLY VA 17 -19.50 94.10 -3.37
CA GLY VA 17 -19.43 93.70 -1.97
C GLY VA 17 -18.04 93.27 -1.52
N GLY VA 18 -17.22 92.77 -2.44
CA GLY VA 18 -15.89 92.34 -2.06
C GLY VA 18 -14.93 93.47 -1.78
N LEU VA 19 -15.15 94.64 -2.37
CA LEU VA 19 -14.30 95.81 -2.18
C LEU VA 19 -14.95 96.86 -1.29
N LEU VA 20 -16.28 96.99 -1.34
CA LEU VA 20 -17.00 97.93 -0.51
C LEU VA 20 -17.84 97.14 0.48
N ASP VA 21 -17.65 97.41 1.77
CA ASP VA 21 -18.54 96.82 2.76
C ASP VA 21 -19.88 97.55 2.73
N ARG VA 22 -20.92 96.87 3.22
CA ARG VA 22 -22.23 97.49 3.26
C ARG VA 22 -22.35 98.54 4.35
N ASP VA 23 -21.39 98.62 5.26
CA ASP VA 23 -21.39 99.62 6.32
C ASP VA 23 -20.63 100.89 5.96
N ASP VA 24 -19.90 100.91 4.84
CA ASP VA 24 -19.16 102.11 4.44
C ASP VA 24 -20.03 103.15 3.77
N VAL VA 25 -21.26 102.82 3.40
CA VAL VA 25 -22.17 103.84 2.89
C VAL VA 25 -22.59 104.74 4.05
N PRO VA 26 -22.64 106.06 3.88
CA PRO VA 26 -23.11 106.91 4.97
C PRO VA 26 -24.61 106.76 5.20
N GLU VA 27 -25.04 107.14 6.41
CA GLU VA 27 -26.36 106.81 6.92
C GLU VA 27 -27.50 107.39 6.09
N TYR VA 28 -27.30 108.53 5.44
CA TYR VA 28 -28.41 109.21 4.77
C TYR VA 28 -28.75 108.62 3.41
N LEU VA 29 -28.05 107.56 2.98
CA LEU VA 29 -28.40 106.78 1.79
C LEU VA 29 -28.83 105.39 2.28
N ASN VA 30 -30.14 105.15 2.36
CA ASN VA 30 -30.67 103.86 2.77
C ASN VA 30 -31.58 103.24 1.72
N GLY VA 31 -31.48 103.68 0.47
CA GLY VA 31 -32.21 103.07 -0.61
C GLY VA 31 -33.65 103.54 -0.75
N GLU VA 32 -33.86 104.84 -0.99
CA GLU VA 32 -35.19 105.36 -1.23
C GLU VA 32 -35.27 106.33 -2.40
N LEU VA 33 -34.15 106.86 -2.89
CA LEU VA 33 -34.15 107.73 -4.06
C LEU VA 33 -33.59 106.99 -5.26
N ALA VA 34 -33.97 107.45 -6.45
CA ALA VA 34 -33.49 106.86 -7.68
C ALA VA 34 -32.00 107.12 -7.86
N GLY VA 35 -31.30 106.13 -8.40
CA GLY VA 35 -29.86 106.25 -8.56
C GLY VA 35 -29.07 106.11 -7.28
N ASP VA 36 -29.65 105.50 -6.26
CA ASP VA 36 -28.99 105.33 -4.97
C ASP VA 36 -27.91 104.27 -5.10
N TYR VA 37 -26.67 104.71 -5.26
CA TYR VA 37 -25.53 103.83 -5.37
C TYR VA 37 -24.53 104.01 -4.23
N GLY VA 38 -24.83 104.88 -3.27
CA GLY VA 38 -23.97 105.07 -2.11
C GLY VA 38 -22.64 105.72 -2.41
N TYR VA 39 -22.56 106.53 -3.46
CA TYR VA 39 -21.30 107.14 -3.88
C TYR VA 39 -21.32 108.60 -3.43
N ASP VA 40 -20.92 108.83 -2.19
CA ASP VA 40 -20.71 110.15 -1.61
C ASP VA 40 -19.39 110.18 -0.84
N PRO VA 41 -18.24 110.27 -1.54
CA PRO VA 41 -16.96 110.26 -0.83
C PRO VA 41 -16.66 111.56 -0.09
N LEU VA 42 -17.08 112.70 -0.63
CA LEU VA 42 -16.84 113.98 0.01
C LEU VA 42 -18.05 114.40 0.85
N GLY VA 43 -17.96 115.60 1.40
CA GLY VA 43 -19.01 116.13 2.26
C GLY VA 43 -20.05 116.99 1.57
N LEU VA 44 -20.63 116.51 0.47
CA LEU VA 44 -21.67 117.26 -0.21
C LEU VA 44 -23.08 116.73 0.08
N GLY VA 45 -23.19 115.48 0.53
CA GLY VA 45 -24.51 114.91 0.77
C GLY VA 45 -25.12 115.36 2.08
N LYS VA 46 -24.29 115.43 3.13
CA LYS VA 46 -24.61 115.90 4.48
C LYS VA 46 -25.85 115.25 5.10
N ASP VA 47 -27.05 115.50 4.58
CA ASP VA 47 -28.25 114.88 5.12
C ASP VA 47 -29.33 114.77 4.05
N GLU VA 48 -30.38 114.01 4.38
CA GLU VA 48 -31.40 113.63 3.42
C GLU VA 48 -32.22 114.82 2.93
N GLU VA 49 -32.38 115.86 3.76
CA GLU VA 49 -33.17 117.01 3.32
C GLU VA 49 -32.40 117.83 2.29
N GLN VA 50 -31.08 117.98 2.49
CA GLN VA 50 -30.25 118.62 1.48
C GLN VA 50 -30.15 117.75 0.23
N VAL VA 51 -30.19 116.43 0.39
CA VAL VA 51 -30.25 115.53 -0.75
C VAL VA 51 -31.52 115.79 -1.56
N GLU VA 52 -32.66 115.92 -0.87
CA GLU VA 52 -33.92 116.22 -1.55
C GLU VA 52 -33.88 117.59 -2.23
N LYS VA 53 -33.21 118.56 -1.61
CA LYS VA 53 -33.07 119.88 -2.24
C LYS VA 53 -32.25 119.80 -3.52
N TYR VA 54 -31.11 119.11 -3.50
CA TYR VA 54 -30.32 118.97 -4.72
C TYR VA 54 -30.95 118.03 -5.73
N ARG VA 55 -31.96 117.24 -5.33
CA ARG VA 55 -32.61 116.32 -6.26
C ARG VA 55 -33.32 117.07 -7.39
N ALA VA 56 -33.96 118.21 -7.09
CA ALA VA 56 -34.64 118.98 -8.13
C ALA VA 56 -33.64 119.52 -9.14
N ASN VA 57 -32.53 120.08 -8.64
CA ASN VA 57 -31.47 120.56 -9.51
C ASN VA 57 -30.89 119.43 -10.35
N GLU VA 58 -30.70 118.26 -9.75
CA GLU VA 58 -30.13 117.11 -10.46
C GLU VA 58 -31.07 116.62 -11.56
N LEU VA 59 -32.37 116.53 -11.28
CA LEU VA 59 -33.30 116.02 -12.29
C LEU VA 59 -33.49 117.00 -13.43
N LEU VA 60 -33.69 118.30 -13.12
CA LEU VA 60 -33.82 119.28 -14.20
C LEU VA 60 -32.53 119.39 -14.99
N HIS VA 61 -31.39 119.29 -14.30
CA HIS VA 61 -30.09 119.29 -14.96
C HIS VA 61 -29.94 118.12 -15.90
N ALA VA 62 -30.35 116.93 -15.46
CA ALA VA 62 -30.26 115.73 -16.29
C ALA VA 62 -31.15 115.84 -17.52
N ARG VA 63 -32.38 116.35 -17.35
CA ARG VA 63 -33.28 116.50 -18.50
C ARG VA 63 -32.75 117.55 -19.47
N TRP VA 64 -32.24 118.68 -18.96
CA TRP VA 64 -31.69 119.72 -19.83
C TRP VA 64 -30.48 119.20 -20.61
N ALA VA 65 -29.60 118.47 -19.94
CA ALA VA 65 -28.45 117.90 -20.64
C ALA VA 65 -28.86 116.82 -21.62
N MET VA 66 -29.96 116.12 -21.35
CA MET VA 66 -30.44 115.11 -22.28
C MET VA 66 -30.97 115.76 -23.56
N LEU VA 67 -31.74 116.84 -23.41
CA LEU VA 67 -32.13 117.64 -24.57
C LEU VA 67 -30.92 118.21 -25.29
N ALA VA 68 -29.91 118.65 -24.54
CA ALA VA 68 -28.70 119.20 -25.16
C ALA VA 68 -27.95 118.14 -25.96
N ALA VA 69 -27.84 116.93 -25.41
CA ALA VA 69 -27.14 115.85 -26.11
C ALA VA 69 -27.85 115.47 -27.40
N ALA VA 70 -29.19 115.35 -27.35
CA ALA VA 70 -29.93 115.01 -28.56
C ALA VA 70 -29.83 116.12 -29.61
N GLY VA 71 -30.02 117.37 -29.18
CA GLY VA 71 -29.92 118.51 -30.07
C GLY VA 71 -28.51 118.89 -30.49
N ILE VA 72 -27.52 118.18 -29.95
CA ILE VA 72 -26.16 118.27 -30.45
C ILE VA 72 -25.89 117.18 -31.48
N ILE VA 73 -26.30 115.95 -31.19
CA ILE VA 73 -25.96 114.83 -32.07
C ILE VA 73 -26.76 114.89 -33.36
N ILE VA 74 -28.01 115.39 -33.33
CA ILE VA 74 -28.86 115.34 -34.51
C ILE VA 74 -28.50 116.36 -35.58
N PRO VA 75 -28.41 117.68 -35.30
CA PRO VA 75 -28.19 118.62 -36.42
C PRO VA 75 -26.82 118.52 -37.05
N GLU VA 76 -25.79 118.18 -36.28
CA GLU VA 76 -24.48 117.99 -36.90
C GLU VA 76 -24.45 116.76 -37.78
N GLY VA 77 -25.15 115.69 -37.36
CA GLY VA 77 -25.29 114.53 -38.22
C GLY VA 77 -26.02 114.86 -39.50
N LEU VA 78 -27.06 115.69 -39.40
CA LEU VA 78 -27.78 116.12 -40.60
C LEU VA 78 -26.90 116.96 -41.52
N GLN VA 79 -26.06 117.83 -40.93
CA GLN VA 79 -25.15 118.65 -41.71
C GLN VA 79 -24.11 117.78 -42.42
N ALA VA 80 -23.54 116.81 -41.71
CA ALA VA 80 -22.55 115.93 -42.29
C ALA VA 80 -23.15 114.97 -43.31
N ASN VA 81 -24.44 114.69 -43.20
CA ASN VA 81 -25.08 113.75 -44.12
C ASN VA 81 -25.72 114.43 -45.33
N GLY VA 82 -25.97 115.74 -45.26
CA GLY VA 82 -26.41 116.44 -46.44
C GLY VA 82 -27.57 117.39 -46.25
N ALA VA 83 -28.16 117.41 -45.06
CA ALA VA 83 -29.30 118.28 -44.82
C ALA VA 83 -28.88 119.75 -44.78
N ASP VA 84 -29.75 120.60 -45.30
CA ASP VA 84 -29.50 122.05 -45.33
C ASP VA 84 -29.87 122.66 -43.99
N ILE VA 85 -29.01 122.43 -43.00
CA ILE VA 85 -29.28 122.89 -41.65
C ILE VA 85 -28.64 124.26 -41.40
N LYS VA 86 -27.52 124.54 -42.09
CA LYS VA 86 -26.83 125.83 -42.04
C LYS VA 86 -26.40 126.18 -40.61
N GLY VA 87 -25.49 125.36 -40.08
CA GLY VA 87 -25.00 125.59 -38.74
C GLY VA 87 -25.28 124.45 -37.78
N GLY VA 88 -25.26 123.22 -38.29
CA GLY VA 88 -25.56 122.06 -37.47
C GLY VA 88 -24.57 121.81 -36.35
N THR VA 89 -23.29 122.15 -36.57
CA THR VA 89 -22.29 121.97 -35.53
C THR VA 89 -22.59 122.91 -34.38
N TRP VA 90 -22.50 122.38 -33.16
CA TRP VA 90 -23.21 122.98 -32.03
C TRP VA 90 -22.56 124.25 -31.49
N PHE VA 91 -21.23 124.41 -31.58
CA PHE VA 91 -20.64 125.58 -30.94
C PHE VA 91 -20.29 126.70 -31.91
N GLU VA 92 -20.89 126.69 -33.11
CA GLU VA 92 -20.87 127.83 -34.02
C GLU VA 92 -22.27 128.27 -34.39
N THR VA 93 -23.31 127.70 -33.77
CA THR VA 93 -24.68 127.99 -34.19
C THR VA 93 -25.10 129.42 -33.86
N GLY VA 94 -24.48 130.05 -32.88
CA GLY VA 94 -24.76 131.44 -32.60
C GLY VA 94 -24.09 132.43 -33.52
N ALA VA 95 -23.00 132.01 -34.18
CA ALA VA 95 -22.27 132.89 -35.07
C ALA VA 95 -22.95 133.08 -36.42
N GLU VA 96 -24.05 132.35 -36.68
CA GLU VA 96 -24.73 132.47 -37.97
C GLU VA 96 -25.49 133.80 -38.08
N MET VA 97 -26.26 134.17 -37.06
CA MET VA 97 -27.12 135.34 -37.13
C MET VA 97 -26.52 136.49 -36.31
N LEU VA 98 -25.67 137.27 -36.97
CA LEU VA 98 -25.18 138.53 -36.41
C LEU VA 98 -25.54 139.74 -37.27
N ASN VA 99 -25.15 139.73 -38.54
CA ASN VA 99 -25.37 140.89 -39.40
C ASN VA 99 -26.72 140.83 -40.09
N GLY VA 100 -26.92 139.79 -40.91
CA GLY VA 100 -28.18 139.60 -41.61
C GLY VA 100 -28.49 138.13 -41.77
N GLY VA 101 -27.79 137.29 -41.01
CA GLY VA 101 -27.94 135.86 -41.14
C GLY VA 101 -29.25 135.33 -40.59
N THR VA 102 -29.57 134.10 -40.98
CA THR VA 102 -30.80 133.43 -40.59
C THR VA 102 -30.52 132.01 -40.16
N LEU VA 103 -31.57 131.20 -40.01
CA LEU VA 103 -31.43 129.78 -39.72
C LEU VA 103 -32.46 129.02 -40.55
N ASN VA 104 -32.29 127.70 -40.61
CA ASN VA 104 -33.19 126.82 -41.34
C ASN VA 104 -33.63 125.66 -40.44
N TYR VA 105 -34.90 125.30 -40.54
CA TYR VA 105 -35.45 124.20 -39.76
C TYR VA 105 -35.63 122.97 -40.63
N PHE VA 106 -35.01 121.86 -40.23
CA PHE VA 106 -35.22 120.57 -40.87
C PHE VA 106 -36.06 119.72 -39.91
N ALA VA 107 -37.36 119.96 -39.96
CA ALA VA 107 -38.33 119.21 -39.16
C ALA VA 107 -38.80 118.01 -39.97
N VAL VA 108 -38.29 116.84 -39.62
CA VAL VA 108 -38.51 115.61 -40.38
C VAL VA 108 -39.98 115.21 -40.35
N PRO VA 109 -40.51 114.64 -41.43
CA PRO VA 109 -39.80 114.45 -42.71
C PRO VA 109 -39.97 115.61 -43.67
N PHE VA 110 -40.72 116.63 -43.27
CA PHE VA 110 -41.09 117.75 -44.14
C PHE VA 110 -40.40 119.04 -43.75
N GLY VA 111 -39.10 118.97 -43.47
CA GLY VA 111 -38.37 120.15 -43.07
C GLY VA 111 -37.99 121.09 -44.20
N VAL VA 112 -36.78 121.64 -44.12
CA VAL VA 112 -36.25 122.65 -45.04
C VAL VA 112 -37.22 123.82 -45.05
N VAL VA 113 -37.24 124.59 -43.97
CA VAL VA 113 -38.06 125.78 -43.85
C VAL VA 113 -37.15 126.94 -43.43
N GLN VA 114 -37.16 128.01 -44.22
CA GLN VA 114 -36.26 129.14 -44.00
C GLN VA 114 -36.84 130.04 -42.90
N ASN VA 115 -36.07 130.22 -41.84
CA ASN VA 115 -36.53 131.04 -40.71
C ASN VA 115 -36.12 132.49 -40.89
N PRO VA 116 -37.06 133.44 -40.92
CA PRO VA 116 -36.71 134.86 -41.00
C PRO VA 116 -36.64 135.58 -39.67
N LEU VA 117 -36.67 134.86 -38.55
CA LEU VA 117 -36.75 135.48 -37.23
C LEU VA 117 -35.41 136.09 -36.84
N PRO VA 118 -35.37 137.35 -36.42
CA PRO VA 118 -34.10 137.97 -36.00
C PRO VA 118 -33.68 137.52 -34.60
N LEU VA 119 -32.37 137.66 -34.35
CA LEU VA 119 -31.80 137.17 -33.10
C LEU VA 119 -32.32 137.94 -31.88
N ALA VA 120 -32.57 139.24 -32.02
CA ALA VA 120 -33.02 140.03 -30.88
C ALA VA 120 -34.42 139.61 -30.44
N ALA VA 121 -35.34 139.46 -31.40
CA ALA VA 121 -36.70 139.02 -31.07
C ALA VA 121 -36.69 137.57 -30.59
N VAL VA 122 -35.83 136.73 -31.18
CA VAL VA 122 -35.72 135.34 -30.73
C VAL VA 122 -35.24 135.28 -29.28
N THR VA 123 -34.20 136.04 -28.94
CA THR VA 123 -33.69 136.05 -27.58
C THR VA 123 -34.72 136.62 -26.61
N LEU VA 124 -35.46 137.65 -27.04
CA LEU VA 124 -36.50 138.24 -26.21
C LEU VA 124 -37.59 137.22 -25.89
N ILE VA 125 -38.13 136.56 -26.93
CA ILE VA 125 -39.21 135.60 -26.69
C ILE VA 125 -38.69 134.41 -25.90
N GLU VA 126 -37.43 134.00 -26.12
CA GLU VA 126 -36.85 132.90 -25.36
C GLU VA 126 -36.74 133.24 -23.88
N ILE VA 127 -36.19 134.41 -23.54
CA ILE VA 127 -35.99 134.74 -22.13
C ILE VA 127 -37.33 134.96 -21.44
N VAL VA 128 -38.29 135.60 -22.13
CA VAL VA 128 -39.59 135.85 -21.52
C VAL VA 128 -40.34 134.54 -21.29
N LEU VA 129 -40.33 133.65 -22.29
CA LEU VA 129 -41.09 132.41 -22.18
C LEU VA 129 -40.45 131.46 -21.17
N LEU VA 130 -39.11 131.40 -21.14
CA LEU VA 130 -38.44 130.57 -20.14
C LEU VA 130 -38.63 131.12 -18.74
N GLY VA 131 -38.63 132.44 -18.58
CA GLY VA 131 -38.92 133.01 -17.26
C GLY VA 131 -40.34 132.72 -16.82
N ALA VA 132 -41.29 132.79 -17.74
CA ALA VA 132 -42.68 132.49 -17.40
C ALA VA 132 -42.86 131.03 -17.00
N VAL VA 133 -42.28 130.10 -17.78
CA VAL VA 133 -42.42 128.70 -17.46
C VAL VA 133 -41.64 128.33 -16.20
N GLU VA 134 -40.55 129.07 -15.90
CA GLU VA 134 -39.84 128.87 -14.66
C GLU VA 134 -40.65 129.33 -13.46
N LYS VA 135 -41.32 130.49 -13.58
CA LYS VA 135 -42.21 130.95 -12.51
C LYS VA 135 -43.37 129.97 -12.32
N PHE VA 136 -43.84 129.37 -13.41
CA PHE VA 136 -44.87 128.35 -13.31
C PHE VA 136 -44.35 127.10 -12.60
N ARG VA 137 -43.08 126.75 -12.84
CA ARG VA 137 -42.48 125.60 -12.18
C ARG VA 137 -42.33 125.83 -10.68
N VAL VA 138 -41.78 126.97 -10.28
CA VAL VA 138 -41.43 127.19 -8.88
C VAL VA 138 -42.64 127.57 -8.02
N ASP VA 139 -43.70 128.12 -8.61
CA ASP VA 139 -44.87 128.55 -7.85
C ASP VA 139 -46.12 127.72 -8.11
N GLY VA 140 -46.10 126.83 -9.10
CA GLY VA 140 -47.21 125.92 -9.33
C GLY VA 140 -48.51 126.55 -9.78
N THR VA 141 -48.46 127.47 -10.75
CA THR VA 141 -49.67 128.07 -11.32
C THR VA 141 -49.57 128.04 -12.83
N GLY VA 142 -50.63 127.60 -13.50
CA GLY VA 142 -50.68 127.57 -14.94
C GLY VA 142 -51.98 128.14 -15.45
N PRO VA 143 -51.89 129.09 -16.39
CA PRO VA 143 -53.10 129.80 -16.86
C PRO VA 143 -54.07 128.91 -17.64
N ALA VA 144 -53.58 128.21 -18.66
CA ALA VA 144 -54.47 127.41 -19.50
C ALA VA 144 -54.15 125.93 -19.42
N GLY VA 145 -54.87 125.12 -20.19
CA GLY VA 145 -54.74 123.67 -20.14
C GLY VA 145 -54.64 123.07 -21.52
N PHE VA 146 -55.57 122.15 -21.80
CA PHE VA 146 -55.68 121.41 -23.06
C PHE VA 146 -54.40 120.62 -23.35
N SER VA 147 -54.11 119.70 -22.44
CA SER VA 147 -53.02 118.73 -22.46
C SER VA 147 -53.56 117.34 -22.71
N PRO VA 148 -52.78 116.47 -23.35
CA PRO VA 148 -53.23 115.09 -23.56
C PRO VA 148 -53.26 114.26 -22.28
N GLY VA 149 -52.69 114.74 -21.18
CA GLY VA 149 -52.82 114.01 -19.92
C GLY VA 149 -54.26 113.95 -19.45
N VAL VA 150 -54.96 115.09 -19.50
CA VAL VA 150 -56.38 115.17 -19.20
C VAL VA 150 -56.95 116.38 -19.96
N GLY VA 151 -58.11 116.20 -20.57
CA GLY VA 151 -58.64 117.20 -21.47
C GLY VA 151 -59.18 118.42 -20.73
N LYS VA 152 -58.63 119.60 -21.04
CA LYS VA 152 -59.10 120.90 -20.55
C LYS VA 152 -59.13 120.96 -19.02
N PHE VA 153 -57.95 120.85 -18.42
CA PHE VA 153 -57.84 120.97 -16.98
C PHE VA 153 -57.78 122.44 -16.57
N ASP VA 154 -58.26 122.72 -15.36
CA ASP VA 154 -58.32 124.08 -14.86
C ASP VA 154 -56.96 124.53 -14.32
N SER VA 155 -56.93 125.72 -13.72
CA SER VA 155 -55.70 126.26 -13.16
C SER VA 155 -55.34 125.61 -11.82
N ASP VA 156 -56.34 125.22 -11.04
CA ASP VA 156 -56.10 124.67 -9.71
C ASP VA 156 -55.97 123.15 -9.74
N ILE VA 157 -55.07 122.66 -10.58
CA ILE VA 157 -54.73 121.25 -10.60
C ILE VA 157 -53.30 121.01 -10.12
N PHE VA 158 -52.46 122.04 -10.09
CA PHE VA 158 -51.08 121.91 -9.63
C PHE VA 158 -50.98 121.88 -8.12
N ASP VA 159 -51.94 122.49 -7.42
CA ASP VA 159 -51.94 122.47 -5.96
C ASP VA 159 -52.34 121.09 -5.47
N GLY VA 160 -51.65 120.61 -4.44
CA GLY VA 160 -51.86 119.27 -3.95
C GLY VA 160 -51.05 118.21 -4.68
N LEU VA 161 -50.26 118.59 -5.67
CA LEU VA 161 -49.40 117.68 -6.40
C LEU VA 161 -48.05 117.59 -5.67
N ASP VA 162 -47.06 116.98 -6.31
CA ASP VA 162 -45.73 116.83 -5.72
C ASP VA 162 -44.72 117.59 -6.56
N LYS VA 163 -43.81 118.30 -5.88
CA LYS VA 163 -42.75 119.01 -6.57
C LYS VA 163 -41.78 118.01 -7.19
N LEU VA 164 -41.38 118.31 -8.44
CA LEU VA 164 -40.44 117.58 -9.29
C LEU VA 164 -41.03 116.25 -9.80
N TYR VA 165 -42.12 115.80 -9.21
CA TYR VA 165 -42.84 114.65 -9.75
C TYR VA 165 -44.35 114.88 -9.71
N PRO VA 166 -44.88 115.84 -10.46
CA PRO VA 166 -46.33 116.07 -10.45
C PRO VA 166 -47.03 115.28 -11.55
N GLY VA 167 -48.05 114.54 -11.18
CA GLY VA 167 -48.82 113.79 -12.16
C GLY VA 167 -49.81 114.65 -12.91
N GLY VA 168 -50.47 114.04 -13.89
CA GLY VA 168 -51.54 114.69 -14.61
C GLY VA 168 -51.17 115.13 -16.01
N PRO VA 169 -51.17 116.45 -16.24
CA PRO VA 169 -50.92 116.96 -17.60
C PRO VA 169 -49.53 116.69 -18.13
N PHE VA 170 -48.57 116.39 -17.26
CA PHE VA 170 -47.21 116.08 -17.66
C PHE VA 170 -47.02 114.60 -17.97
N ASP VA 171 -48.11 113.82 -17.99
CA ASP VA 171 -48.10 112.41 -18.39
C ASP VA 171 -49.16 112.24 -19.48
N PRO VA 172 -48.89 112.68 -20.72
CA PRO VA 172 -49.89 112.52 -21.79
C PRO VA 172 -50.17 111.07 -22.14
N LEU VA 173 -49.21 110.18 -21.93
CA LEU VA 173 -49.38 108.75 -22.18
C LEU VA 173 -49.83 107.98 -20.95
N ASN VA 174 -50.00 108.66 -19.82
CA ASN VA 174 -50.39 108.09 -18.53
C ASN VA 174 -49.36 107.03 -18.16
N LEU VA 175 -49.77 105.82 -17.75
CA LEU VA 175 -48.89 104.69 -17.48
C LEU VA 175 -47.82 105.02 -16.43
N ALA VA 176 -48.20 105.85 -15.45
CA ALA VA 176 -47.30 106.17 -14.35
C ALA VA 176 -47.99 106.05 -13.00
N ASP VA 177 -49.25 105.61 -12.96
CA ASP VA 177 -49.96 105.45 -11.70
C ASP VA 177 -49.37 104.30 -10.87
N ASP VA 178 -48.96 103.22 -11.53
CA ASP VA 178 -48.46 102.05 -10.82
C ASP VA 178 -47.11 102.36 -10.19
N PRO VA 179 -46.94 102.18 -8.88
CA PRO VA 179 -45.69 102.58 -8.22
C PRO VA 179 -44.47 101.82 -8.69
N GLU VA 180 -44.60 100.53 -9.01
CA GLU VA 180 -43.45 99.73 -9.41
C GLU VA 180 -42.89 100.18 -10.75
N VAL VA 181 -43.76 100.31 -11.76
CA VAL VA 181 -43.29 100.76 -13.07
C VAL VA 181 -42.90 102.24 -13.01
N PHE VA 182 -43.53 103.02 -12.12
CA PHE VA 182 -43.14 104.41 -11.96
C PHE VA 182 -41.73 104.53 -11.40
N ALA VA 183 -41.39 103.72 -10.39
CA ALA VA 183 -40.05 103.76 -9.83
C ALA VA 183 -39.02 103.19 -10.80
N GLU VA 184 -39.38 102.15 -11.55
CA GLU VA 184 -38.46 101.62 -12.55
C GLU VA 184 -38.16 102.65 -13.63
N LEU VA 185 -39.19 103.33 -14.13
CA LEU VA 185 -38.97 104.37 -15.12
C LEU VA 185 -38.26 105.57 -14.51
N GLN VA 186 -38.40 105.78 -13.21
CA GLN VA 186 -37.66 106.84 -12.54
C GLN VA 186 -36.16 106.56 -12.52
N VAL VA 187 -35.78 105.33 -12.14
CA VAL VA 187 -34.36 104.96 -12.15
C VAL VA 187 -33.83 104.97 -13.58
N LYS VA 188 -34.64 104.50 -14.53
CA LYS VA 188 -34.24 104.54 -15.94
C LYS VA 188 -34.02 105.97 -16.41
N GLU VA 189 -34.90 106.89 -16.03
CA GLU VA 189 -34.79 108.29 -16.44
C GLU VA 189 -33.56 108.95 -15.83
N ILE VA 190 -33.28 108.69 -14.54
CA ILE VA 190 -32.14 109.37 -13.92
C ILE VA 190 -30.81 108.78 -14.43
N LYS VA 191 -30.76 107.47 -14.71
CA LYS VA 191 -29.55 106.91 -15.30
C LYS VA 191 -29.35 107.40 -16.72
N ASN VA 192 -30.43 107.50 -17.49
CA ASN VA 192 -30.36 108.08 -18.83
C ASN VA 192 -29.88 109.53 -18.76
N GLY VA 193 -30.32 110.25 -17.74
CA GLY VA 193 -29.88 111.63 -17.57
C GLY VA 193 -28.40 111.75 -17.26
N ARG VA 194 -27.88 110.88 -16.38
CA ARG VA 194 -26.45 110.97 -16.08
C ARG VA 194 -25.60 110.51 -17.26
N LEU VA 195 -26.05 109.48 -17.99
CA LEU VA 195 -25.37 109.12 -19.24
C LEU VA 195 -25.37 110.30 -20.20
N ALA VA 196 -26.49 111.00 -20.31
CA ALA VA 196 -26.60 112.13 -21.22
C ALA VA 196 -25.71 113.30 -20.78
N MET VA 197 -25.56 113.55 -19.49
CA MET VA 197 -24.78 114.73 -19.10
C MET VA 197 -23.28 114.43 -19.15
N ILE VA 198 -22.89 113.19 -18.82
CA ILE VA 198 -21.50 112.76 -19.05
C ILE VA 198 -21.17 112.89 -20.53
N ALA VA 199 -22.14 112.53 -21.39
CA ALA VA 199 -21.99 112.75 -22.82
C ALA VA 199 -21.81 114.23 -23.13
N VAL VA 200 -22.61 115.09 -22.49
CA VAL VA 200 -22.55 116.53 -22.76
C VAL VA 200 -21.20 117.11 -22.39
N LEU VA 201 -20.67 116.72 -21.23
CA LEU VA 201 -19.34 117.16 -20.85
C LEU VA 201 -18.30 116.64 -21.84
N ALA VA 202 -18.47 115.41 -22.31
CA ALA VA 202 -17.56 114.89 -23.33
C ALA VA 202 -17.66 115.67 -24.64
N PHE VA 203 -18.88 116.07 -25.05
CA PHE VA 203 -18.98 116.83 -26.31
C PHE VA 203 -18.28 118.17 -26.16
N ALA VA 204 -18.44 118.83 -25.01
CA ALA VA 204 -17.79 120.12 -24.80
C ALA VA 204 -16.27 120.00 -24.78
N ILE VA 205 -15.76 118.98 -24.08
CA ILE VA 205 -14.31 118.80 -23.99
C ILE VA 205 -13.72 118.45 -25.36
N GLN VA 206 -14.38 117.55 -26.11
CA GLN VA 206 -13.89 117.19 -27.43
C GLN VA 206 -14.00 118.37 -28.40
N SER VA 207 -15.02 119.21 -28.22
CA SER VA 207 -15.11 120.44 -29.00
C SER VA 207 -13.92 121.35 -28.74
N TYR VA 208 -13.64 121.62 -27.47
CA TYR VA 208 -12.53 122.51 -27.13
C TYR VA 208 -11.18 121.92 -27.49
N VAL VA 209 -11.08 120.59 -27.60
CA VAL VA 209 -9.79 119.97 -27.90
C VAL VA 209 -9.57 119.88 -29.41
N THR VA 210 -10.51 119.30 -30.15
CA THR VA 210 -10.30 119.03 -31.56
C THR VA 210 -10.78 120.15 -32.48
N GLY VA 211 -11.66 121.03 -32.03
CA GLY VA 211 -12.13 122.12 -32.87
C GLY VA 211 -13.18 121.73 -33.88
N GLU VA 212 -13.73 120.52 -33.81
CA GLU VA 212 -14.79 120.09 -34.71
C GLU VA 212 -15.91 119.48 -33.88
N GLY VA 213 -17.02 119.18 -34.55
CA GLY VA 213 -18.16 118.62 -33.88
C GLY VA 213 -17.96 117.18 -33.45
N PRO VA 214 -18.73 116.74 -32.47
CA PRO VA 214 -18.55 115.37 -31.95
C PRO VA 214 -19.04 114.27 -32.88
N TYR VA 215 -20.07 114.51 -33.70
CA TYR VA 215 -20.42 113.52 -34.71
C TYR VA 215 -19.29 113.35 -35.71
N ALA VA 216 -18.66 114.47 -36.09
CA ALA VA 216 -17.46 114.38 -36.93
C ALA VA 216 -16.35 113.64 -36.19
N ASN VA 217 -16.24 113.85 -34.88
CA ASN VA 217 -15.24 113.15 -34.07
C ASN VA 217 -15.44 111.64 -34.12
N ILE VA 218 -16.66 111.17 -33.88
CA ILE VA 218 -16.91 109.74 -33.83
C ILE VA 218 -16.86 109.13 -35.24
N THR VA 219 -17.29 109.88 -36.27
CA THR VA 219 -17.19 109.34 -37.62
C THR VA 219 -15.74 109.24 -38.08
N LYS VA 220 -14.90 110.20 -37.70
CA LYS VA 220 -13.48 110.07 -38.02
C LYS VA 220 -12.83 108.97 -37.18
N HIS VA 221 -13.29 108.79 -35.94
CA HIS VA 221 -12.78 107.71 -35.10
C HIS VA 221 -13.14 106.34 -35.67
N LEU VA 222 -14.34 106.19 -36.21
CA LEU VA 222 -14.69 104.94 -36.88
C LEU VA 222 -14.05 104.83 -38.26
N SER VA 223 -13.71 105.96 -38.89
CA SER VA 223 -12.95 105.92 -40.12
C SER VA 223 -11.56 105.34 -39.89
N ASP VA 224 -10.90 105.78 -38.83
CA ASP VA 224 -9.63 105.20 -38.39
C ASP VA 224 -9.44 105.43 -36.89
N PRO VA 225 -9.57 104.39 -36.08
CA PRO VA 225 -9.44 104.60 -34.62
C PRO VA 225 -8.03 104.93 -34.20
N PHE VA 226 -7.02 104.24 -34.75
CA PHE VA 226 -5.68 104.49 -34.28
C PHE VA 226 -5.10 105.75 -34.93
N GLY VA 227 -5.56 106.09 -36.13
CA GLY VA 227 -5.19 107.32 -36.80
C GLY VA 227 -5.98 108.54 -36.40
N TYR VA 228 -6.94 108.38 -35.48
CA TYR VA 228 -7.71 109.51 -34.95
C TYR VA 228 -8.24 109.09 -33.58
N ASN VA 229 -7.56 109.53 -32.52
CA ASN VA 229 -7.98 109.24 -31.15
C ASN VA 229 -7.47 110.35 -30.26
N LEU VA 230 -7.53 110.12 -28.94
CA LEU VA 230 -7.01 111.08 -27.97
C LEU VA 230 -5.54 111.38 -28.19
N LEU VA 231 -4.71 110.33 -28.21
CA LEU VA 231 -3.28 110.55 -28.32
C LEU VA 231 -2.90 110.96 -29.73
N THR VA 232 -3.68 110.58 -30.74
CA THR VA 232 -3.36 110.97 -32.10
C THR VA 232 -3.64 112.46 -32.34
N VAL VA 233 -4.81 112.94 -31.94
CA VAL VA 233 -5.09 114.36 -32.13
C VAL VA 233 -4.29 115.20 -31.15
N LEU VA 234 -3.88 114.62 -30.02
CA LEU VA 234 -3.08 115.38 -29.07
C LEU VA 234 -1.59 115.28 -29.42
N GLN VA 235 -1.23 114.36 -30.33
CA GLN VA 235 0.12 114.33 -30.87
C GLN VA 235 0.38 115.52 -31.80
N GLY VA 236 -0.54 115.79 -32.71
CA GLY VA 236 -0.31 116.80 -33.72
C GLY VA 236 -0.15 116.25 -35.12
N ASP VA 237 1.08 116.23 -35.64
CA ASP VA 237 1.32 115.88 -37.04
C ASP VA 237 2.46 114.87 -37.16
N ASP VA 238 2.30 113.98 -38.15
CA ASP VA 238 3.35 113.09 -38.65
C ASP VA 238 3.84 112.08 -37.64
N ARG VA 239 4.64 112.54 -36.67
CA ARG VA 239 5.35 111.70 -35.69
C ARG VA 239 6.21 110.64 -36.38
N VAL VA 240 9.08 112.39 -35.90
CA VAL VA 240 10.08 111.61 -36.62
C VAL VA 240 9.63 110.14 -36.65
N PRO VA 241 9.81 109.47 -37.79
CA PRO VA 241 9.53 108.03 -37.86
C PRO VA 241 10.50 107.26 -36.97
N THR VA 242 9.97 106.69 -35.89
CA THR VA 242 10.80 105.97 -34.92
C THR VA 242 11.07 104.56 -35.43
N LEU VA 243 12.32 104.33 -35.85
CA LEU VA 243 12.72 103.02 -36.37
C LEU VA 243 12.67 101.97 -35.28
N SER WA 1 -43.53 65.51 -26.44
CA SER WA 1 -43.46 66.91 -26.05
C SER WA 1 -44.85 67.47 -25.78
N ALA WA 2 -45.77 66.58 -25.36
CA ALA WA 2 -47.14 66.91 -25.02
C ALA WA 2 -47.84 67.64 -26.18
N TRP WA 3 -47.92 66.94 -27.30
CA TRP WA 3 -48.54 67.50 -28.50
C TRP WA 3 -50.06 67.55 -28.42
N TYR WA 4 -50.65 66.94 -27.41
CA TYR WA 4 -52.07 67.02 -27.15
C TYR WA 4 -52.30 67.66 -25.80
N GLY WA 5 -53.54 67.70 -25.36
CA GLY WA 5 -53.88 68.29 -24.09
C GLY WA 5 -53.90 69.80 -24.15
N PRO WA 6 -54.05 70.45 -23.00
CA PRO WA 6 -54.12 71.92 -23.00
C PRO WA 6 -52.77 72.59 -23.14
N ASP WA 7 -51.70 71.88 -22.73
CA ASP WA 7 -50.34 72.43 -22.76
C ASP WA 7 -49.65 72.21 -24.10
N ARG WA 8 -50.41 72.06 -25.18
CA ARG WA 8 -49.85 71.84 -26.50
C ARG WA 8 -49.10 73.09 -26.98
N PRO WA 9 -48.09 72.92 -27.83
CA PRO WA 9 -47.46 74.09 -28.45
C PRO WA 9 -48.45 74.83 -29.34
N LEU WA 10 -48.27 76.14 -29.43
CA LEU WA 10 -49.20 76.99 -30.15
C LEU WA 10 -48.53 77.63 -31.37
N PHE WA 11 -49.32 78.36 -32.14
CA PHE WA 11 -48.90 78.88 -33.43
C PHE WA 11 -48.16 80.21 -33.36
N LEU WA 12 -47.96 80.76 -32.15
CA LEU WA 12 -47.14 81.96 -32.00
C LEU WA 12 -46.23 81.88 -30.79
N GLY WA 13 -46.07 80.71 -30.18
CA GLY WA 13 -45.25 80.59 -28.99
C GLY WA 13 -45.95 81.10 -27.75
N SER WA 14 -45.22 81.81 -26.89
CA SER WA 14 -45.82 82.37 -25.68
C SER WA 14 -46.77 83.51 -25.98
N LEU WA 15 -46.64 84.16 -27.13
CA LEU WA 15 -47.47 85.30 -27.50
C LEU WA 15 -48.77 84.87 -28.19
N SER WA 16 -49.11 83.59 -28.13
CA SER WA 16 -50.27 83.09 -28.86
C SER WA 16 -51.58 83.49 -28.19
N GLY WA 17 -51.56 83.69 -26.88
CA GLY WA 17 -52.77 84.06 -26.19
C GLY WA 17 -53.67 82.84 -25.94
N GLU WA 18 -54.96 83.05 -26.14
CA GLU WA 18 -55.94 81.99 -25.86
C GLU WA 18 -56.30 81.26 -27.14
N PRO WA 19 -56.11 79.93 -27.19
CA PRO WA 19 -56.58 79.14 -28.33
C PRO WA 19 -58.09 79.09 -28.36
N PRO WA 20 -58.70 78.83 -29.51
CA PRO WA 20 -60.16 78.82 -29.61
C PRO WA 20 -60.80 77.73 -28.77
N SER WA 21 -62.03 78.00 -28.33
CA SER WA 21 -62.78 77.05 -27.49
C SER WA 21 -63.16 75.80 -28.28
N TYR WA 22 -63.41 75.94 -29.58
CA TYR WA 22 -63.78 74.80 -30.41
C TYR WA 22 -62.58 73.98 -30.86
N LEU WA 23 -61.36 74.37 -30.47
CA LEU WA 23 -60.15 73.59 -30.72
C LEU WA 23 -59.42 73.43 -29.40
N THR WA 24 -59.70 72.32 -28.72
CA THR WA 24 -59.11 72.07 -27.40
C THR WA 24 -57.88 71.17 -27.44
N GLY WA 25 -57.53 70.65 -28.61
CA GLY WA 25 -56.33 69.83 -28.71
C GLY WA 25 -56.54 68.34 -28.74
N GLU WA 26 -57.51 67.85 -29.52
CA GLU WA 26 -57.71 66.41 -29.63
C GLU WA 26 -57.01 65.83 -30.85
N PHE WA 27 -56.77 66.63 -31.86
CA PHE WA 27 -56.31 66.24 -33.18
C PHE WA 27 -54.86 66.66 -33.42
N PRO WA 28 -54.15 65.95 -34.29
CA PRO WA 28 -52.76 66.34 -34.57
C PRO WA 28 -52.68 67.64 -35.35
N GLY WA 29 -51.50 68.26 -35.30
CA GLY WA 29 -51.31 69.53 -35.97
C GLY WA 29 -51.98 70.71 -35.27
N ASP WA 30 -52.20 70.61 -33.96
CA ASP WA 30 -52.93 71.60 -33.20
C ASP WA 30 -52.01 72.69 -32.63
N TYR WA 31 -52.25 73.94 -33.05
CA TYR WA 31 -51.50 75.08 -32.55
C TYR WA 31 -52.38 76.31 -32.34
N GLY WA 32 -53.67 76.24 -32.65
CA GLY WA 32 -54.55 77.37 -32.46
C GLY WA 32 -54.53 78.41 -33.56
N TRP WA 33 -53.96 78.11 -34.72
CA TRP WA 33 -53.87 79.04 -35.85
C TRP WA 33 -55.25 79.11 -36.51
N ASP WA 34 -56.15 79.85 -35.87
CA ASP WA 34 -57.55 79.94 -36.28
C ASP WA 34 -58.01 81.40 -36.31
N THR WA 35 -57.25 82.26 -36.97
CA THR WA 35 -57.56 83.68 -36.99
C THR WA 35 -58.89 83.99 -37.68
N ALA WA 36 -59.29 83.22 -38.69
CA ALA WA 36 -60.56 83.50 -39.34
C ALA WA 36 -61.68 82.56 -38.93
N GLY WA 37 -61.35 81.46 -38.25
CA GLY WA 37 -62.39 80.58 -37.73
C GLY WA 37 -63.21 79.84 -38.77
N LEU WA 38 -62.55 79.28 -39.78
CA LEU WA 38 -63.29 78.58 -40.84
C LEU WA 38 -63.94 77.31 -40.31
N SER WA 39 -63.42 76.77 -39.21
CA SER WA 39 -63.80 75.46 -38.69
C SER WA 39 -64.68 75.56 -37.44
N ALA WA 40 -65.72 76.40 -37.46
CA ALA WA 40 -66.60 76.50 -36.30
C ALA WA 40 -67.46 75.26 -36.13
N ASP WA 41 -68.08 74.78 -37.21
CA ASP WA 41 -68.96 73.62 -37.12
C ASP WA 41 -68.11 72.34 -37.16
N PRO WA 42 -68.38 71.39 -36.26
CA PRO WA 42 -67.56 70.16 -36.22
C PRO WA 42 -67.59 69.34 -37.49
N THR WA 43 -68.71 69.35 -38.22
CA THR WA 43 -68.73 68.67 -39.52
C THR WA 43 -67.82 69.39 -40.50
N THR WA 44 -67.88 70.72 -40.54
CA THR WA 44 -66.98 71.51 -41.36
C THR WA 44 -65.54 71.34 -40.92
N PHE WA 45 -65.31 71.22 -39.60
CA PHE WA 45 -63.98 70.93 -39.09
C PHE WA 45 -63.50 69.58 -39.62
N ALA WA 46 -64.37 68.57 -39.65
CA ALA WA 46 -63.99 67.26 -40.15
C ALA WA 46 -63.67 67.30 -41.64
N ARG WA 47 -64.48 68.02 -42.42
CA ARG WA 47 -64.22 68.10 -43.86
C ARG WA 47 -62.90 68.81 -44.13
N TYR WA 48 -62.64 69.92 -43.45
CA TYR WA 48 -61.36 70.59 -43.60
C TYR WA 48 -60.20 69.74 -43.10
N ARG WA 49 -60.39 68.92 -42.07
CA ARG WA 49 -59.32 68.06 -41.60
C ARG WA 49 -58.95 67.01 -42.63
N THR WA 50 -59.97 66.39 -43.23
CA THR WA 50 -59.70 65.43 -44.31
C THR WA 50 -59.03 66.11 -45.51
N ILE WA 51 -59.49 67.30 -45.87
CA ILE WA 51 -58.89 68.03 -46.99
C ILE WA 51 -57.43 68.37 -46.69
N GLU WA 52 -57.15 68.81 -45.46
CA GLU WA 52 -55.78 69.12 -45.06
C GLU WA 52 -54.89 67.91 -45.14
N LEU WA 53 -55.37 66.76 -44.65
CA LEU WA 53 -54.53 65.58 -44.63
C LEU WA 53 -54.28 65.04 -46.03
N ILE WA 54 -55.31 64.97 -46.87
CA ILE WA 54 -55.12 64.51 -48.24
C ILE WA 54 -54.14 65.43 -48.97
N HIS WA 55 -54.24 66.74 -48.71
CA HIS WA 55 -53.28 67.66 -49.32
C HIS WA 55 -51.89 67.47 -48.75
N ALA WA 56 -51.79 67.09 -47.47
CA ALA WA 56 -50.47 66.83 -46.88
C ALA WA 56 -49.78 65.66 -47.56
N ARG WA 57 -50.52 64.56 -47.74
CA ARG WA 57 -49.98 63.40 -48.44
C ARG WA 57 -49.61 63.75 -49.87
N TRP WA 58 -50.48 64.48 -50.58
CA TRP WA 58 -50.19 64.81 -51.96
C TRP WA 58 -49.01 65.76 -52.07
N ALA WA 59 -48.84 66.65 -51.10
CA ALA WA 59 -47.70 67.55 -51.08
C ALA WA 59 -46.39 66.83 -50.81
N LEU WA 60 -46.41 65.81 -49.94
CA LEU WA 60 -45.21 65.01 -49.71
C LEU WA 60 -44.80 64.27 -50.97
N LEU WA 61 -45.79 63.66 -51.65
CA LEU WA 61 -45.53 62.97 -52.90
C LEU WA 61 -44.99 63.92 -53.96
N GLY WA 62 -45.61 65.09 -54.08
CA GLY WA 62 -45.15 66.08 -55.05
C GLY WA 62 -43.76 66.61 -54.72
N ALA WA 63 -43.43 66.70 -53.43
CA ALA WA 63 -42.13 67.18 -53.03
C ALA WA 63 -41.03 66.24 -53.51
N LEU WA 64 -41.19 64.95 -53.28
CA LEU WA 64 -40.17 64.04 -53.85
C LEU WA 64 -40.24 63.98 -55.37
N GLY WA 65 -41.44 64.04 -55.95
CA GLY WA 65 -41.51 64.01 -57.40
C GLY WA 65 -41.03 65.26 -58.09
N ILE WA 66 -40.79 66.33 -57.33
CA ILE WA 66 -40.29 67.57 -57.90
C ILE WA 66 -38.81 67.76 -57.57
N ILE WA 67 -38.31 67.06 -56.55
CA ILE WA 67 -36.88 67.17 -56.24
C ILE WA 67 -36.07 66.07 -56.93
N THR WA 68 -36.58 64.83 -56.91
CA THR WA 68 -35.81 63.70 -57.43
C THR WA 68 -35.45 63.77 -58.93
N PRO WA 69 -36.34 64.12 -59.87
CA PRO WA 69 -35.94 64.01 -61.28
C PRO WA 69 -34.83 64.96 -61.69
N GLU WA 70 -34.85 66.21 -61.22
CA GLU WA 70 -33.76 67.12 -61.56
C GLU WA 70 -32.47 66.76 -60.85
N LEU WA 71 -32.54 66.20 -59.65
CA LEU WA 71 -31.34 65.69 -59.00
C LEU WA 71 -30.71 64.56 -59.81
N LEU WA 72 -31.52 63.65 -60.33
CA LEU WA 72 -30.98 62.59 -61.16
C LEU WA 72 -30.48 63.15 -62.49
N ALA WA 73 -31.15 64.18 -63.02
CA ALA WA 73 -30.72 64.80 -64.26
C ALA WA 73 -29.36 65.45 -64.11
N LYS WA 74 -29.10 66.09 -62.97
CA LYS WA 74 -27.78 66.64 -62.73
C LYS WA 74 -26.81 65.61 -62.17
N ASN WA 75 -27.28 64.38 -61.90
CA ASN WA 75 -26.41 63.33 -61.39
C ASN WA 75 -26.25 62.16 -62.37
N GLY WA 76 -26.14 62.46 -63.65
CA GLY WA 76 -25.75 61.48 -64.64
C GLY WA 76 -26.88 60.74 -65.32
N VAL WA 77 -28.11 60.82 -64.81
CA VAL WA 77 -29.22 60.15 -65.49
C VAL WA 77 -29.59 60.95 -66.73
N PRO WA 78 -29.62 60.35 -67.92
CA PRO WA 78 -29.80 61.12 -69.15
C PRO WA 78 -31.22 61.62 -69.41
N PHE WA 79 -31.76 62.45 -68.53
CA PHE WA 79 -32.99 63.14 -68.86
C PHE WA 79 -32.74 64.17 -69.95
N SER WA 80 -33.77 64.39 -70.77
CA SER WA 80 -33.73 65.51 -71.69
C SER WA 80 -33.85 66.81 -70.90
N GLU WA 81 -33.36 67.90 -71.50
CA GLU WA 81 -33.43 69.20 -70.83
C GLU WA 81 -34.88 69.66 -70.70
N ASP WA 82 -35.76 69.18 -71.58
CA ASP WA 82 -37.16 69.53 -71.49
C ASP WA 82 -37.81 68.93 -70.24
N GLY WA 83 -37.62 67.65 -70.00
CA GLY WA 83 -38.26 66.98 -68.88
C GLY WA 83 -37.50 66.99 -67.58
N ALA WA 84 -36.32 67.62 -67.53
CA ALA WA 84 -35.57 67.68 -66.28
C ALA WA 84 -36.18 68.67 -65.31
N ILE WA 85 -36.78 69.75 -65.81
CA ILE WA 85 -37.43 70.77 -64.99
C ILE WA 85 -38.93 70.50 -65.00
N TRP WA 86 -39.51 70.41 -63.79
CA TRP WA 86 -40.76 69.69 -63.58
C TRP WA 86 -41.94 70.29 -64.35
N PHE WA 87 -42.04 71.62 -64.41
CA PHE WA 87 -43.22 72.20 -65.05
C PHE WA 87 -43.23 71.98 -66.56
N LYS WA 88 -42.12 71.53 -67.15
CA LYS WA 88 -42.10 71.20 -68.56
C LYS WA 88 -42.13 69.69 -68.81
N ALA WA 89 -42.24 68.87 -67.75
CA ALA WA 89 -42.18 67.42 -67.91
C ALA WA 89 -43.34 66.92 -68.76
N GLY WA 90 -44.53 67.49 -68.58
CA GLY WA 90 -45.68 67.12 -69.39
C GLY WA 90 -45.51 67.41 -70.87
N ALA WA 91 -44.56 68.29 -71.24
CA ALA WA 91 -44.29 68.54 -72.64
C ALA WA 91 -43.37 67.49 -73.26
N GLU WA 92 -42.83 66.56 -72.47
CA GLU WA 92 -41.93 65.57 -73.05
C GLU WA 92 -42.70 64.51 -73.83
N ILE WA 93 -43.99 64.33 -73.53
CA ILE WA 93 -44.81 63.35 -74.24
C ILE WA 93 -45.09 63.78 -75.68
N PHE WA 94 -44.85 65.04 -76.01
CA PHE WA 94 -45.08 65.53 -77.37
C PHE WA 94 -43.90 65.30 -78.31
N LYS WA 95 -42.82 64.71 -77.82
CA LYS WA 95 -41.62 64.52 -78.63
C LYS WA 95 -41.63 63.13 -79.30
N GLU WA 96 -40.70 62.96 -80.25
CA GLU WA 96 -40.62 61.71 -81.01
C GLU WA 96 -40.18 60.55 -80.13
N GLY WA 97 -39.34 60.79 -79.13
CA GLY WA 97 -38.91 59.72 -78.26
C GLY WA 97 -39.95 59.30 -77.25
N GLY WA 98 -41.04 60.03 -77.13
CA GLY WA 98 -42.04 59.74 -76.13
C GLY WA 98 -41.59 60.20 -74.75
N LEU WA 99 -42.15 59.57 -73.73
CA LEU WA 99 -41.79 59.85 -72.35
C LEU WA 99 -40.82 58.76 -71.92
N ASN WA 100 -39.53 59.10 -71.83
CA ASN WA 100 -38.49 58.17 -71.45
C ASN WA 100 -38.22 58.30 -69.95
N TYR WA 101 -38.71 57.34 -69.18
CA TYR WA 101 -38.43 57.32 -67.75
C TYR WA 101 -36.95 57.03 -67.52
N LEU WA 102 -36.29 57.91 -66.75
CA LEU WA 102 -34.85 57.83 -66.45
C LEU WA 102 -34.00 57.83 -67.71
N GLY WA 103 -34.50 58.48 -68.77
CA GLY WA 103 -33.76 58.55 -70.02
C GLY WA 103 -33.53 57.21 -70.71
N ASN WA 104 -34.50 56.30 -70.61
CA ASN WA 104 -34.39 54.99 -71.21
C ASN WA 104 -35.38 54.88 -72.37
N GLU WA 105 -34.89 54.44 -73.53
CA GLU WA 105 -35.73 54.34 -74.72
C GLU WA 105 -36.83 53.29 -74.54
N ASN WA 106 -36.48 52.13 -74.01
CA ASN WA 106 -37.43 51.03 -73.85
C ASN WA 106 -38.12 51.03 -72.48
N LEU WA 107 -38.18 52.18 -71.82
CA LEU WA 107 -38.91 52.32 -70.57
C LEU WA 107 -40.06 53.32 -70.75
N ILE WA 108 -41.25 52.91 -70.31
CA ILE WA 108 -42.51 53.65 -70.49
C ILE WA 108 -42.72 53.89 -71.98
N HIS WA 109 -42.11 54.96 -72.52
CA HIS WA 109 -42.18 55.33 -73.93
C HIS WA 109 -43.65 55.48 -74.38
N ALA WA 110 -44.30 56.48 -73.80
CA ALA WA 110 -45.70 56.78 -74.10
C ALA WA 110 -45.78 57.98 -75.03
N GLN WA 111 -46.67 57.90 -76.02
CA GLN WA 111 -46.86 58.98 -76.97
C GLN WA 111 -48.30 59.44 -77.11
N SER WA 112 -49.25 58.79 -76.43
CA SER WA 112 -50.67 59.14 -76.52
C SER WA 112 -51.13 59.69 -75.17
N ILE WA 113 -51.06 61.01 -75.04
CA ILE WA 113 -51.51 61.68 -73.82
C ILE WA 113 -53.00 61.52 -73.63
N LEU WA 114 -53.76 61.36 -74.72
CA LEU WA 114 -55.21 61.13 -74.61
C LEU WA 114 -55.50 59.84 -73.85
N ALA WA 115 -54.90 58.73 -74.28
CA ALA WA 115 -55.11 57.45 -73.61
C ALA WA 115 -54.48 57.43 -72.23
N THR WA 116 -53.34 58.12 -72.06
CA THR WA 116 -52.72 58.21 -70.75
C THR WA 116 -53.64 58.89 -69.75
N LEU WA 117 -54.23 60.02 -70.13
CA LEU WA 117 -55.18 60.70 -69.25
C LEU WA 117 -56.46 59.91 -69.08
N ALA WA 118 -56.89 59.14 -70.10
CA ALA WA 118 -58.09 58.32 -69.96
C ALA WA 118 -57.91 57.23 -68.91
N VAL WA 119 -56.82 56.48 -68.99
CA VAL WA 119 -56.56 55.45 -67.99
C VAL WA 119 -56.28 56.10 -66.63
N GLN WA 120 -55.70 57.30 -66.62
CA GLN WA 120 -55.52 58.01 -65.37
C GLN WA 120 -56.85 58.35 -64.71
N VAL WA 121 -57.81 58.84 -65.51
CA VAL WA 121 -59.13 59.17 -64.99
C VAL WA 121 -59.81 57.92 -64.44
N ILE WA 122 -59.74 56.82 -65.18
CA ILE WA 122 -60.40 55.59 -64.72
C ILE WA 122 -59.79 55.09 -63.41
N VAL WA 123 -58.46 54.99 -63.37
CA VAL WA 123 -57.78 54.44 -62.19
C VAL WA 123 -58.00 55.32 -60.97
N MET WA 124 -57.79 56.62 -61.11
CA MET WA 124 -57.88 57.48 -59.93
C MET WA 124 -59.32 57.73 -59.53
N GLY WA 125 -60.27 57.70 -60.49
CA GLY WA 125 -61.67 57.76 -60.12
C GLY WA 125 -62.08 56.55 -59.31
N ALA WA 126 -61.61 55.36 -59.71
CA ALA WA 126 -61.88 54.16 -58.92
C ALA WA 126 -61.28 54.26 -57.54
N ALA WA 127 -60.03 54.74 -57.45
CA ALA WA 127 -59.34 54.83 -56.15
C ALA WA 127 -60.05 55.82 -55.22
N GLU WA 128 -60.36 57.02 -55.72
CA GLU WA 128 -61.00 58.02 -54.88
C GLU WA 128 -62.44 57.65 -54.56
N GLY WA 129 -63.12 56.94 -55.46
CA GLY WA 129 -64.46 56.47 -55.15
C GLY WA 129 -64.46 55.40 -54.07
N PHE WA 130 -63.47 54.49 -54.11
CA PHE WA 130 -63.34 53.53 -53.04
C PHE WA 130 -62.96 54.22 -51.73
N ARG WA 131 -62.20 55.30 -51.82
CA ARG WA 131 -61.93 56.13 -50.66
C ARG WA 131 -63.21 56.77 -50.11
N ALA WA 132 -64.10 57.22 -51.00
CA ALA WA 132 -65.28 57.96 -50.57
C ALA WA 132 -66.28 57.07 -49.82
N ASN WA 133 -66.44 55.82 -50.24
CA ASN WA 133 -67.36 54.92 -49.58
C ASN WA 133 -66.90 54.55 -48.17
N GLY WA 134 -65.62 54.29 -47.99
CA GLY WA 134 -65.14 53.63 -46.79
C GLY WA 134 -65.25 52.12 -46.88
N GLU WA 135 -65.79 51.60 -47.98
CA GLU WA 135 -65.90 50.18 -48.24
C GLU WA 135 -65.38 49.92 -49.64
N ALA WA 136 -64.55 48.89 -49.77
CA ALA WA 136 -63.96 48.49 -51.02
C ALA WA 136 -64.07 46.99 -51.15
N PRO WA 137 -63.96 46.44 -52.36
CA PRO WA 137 -63.90 44.97 -52.50
C PRO WA 137 -62.71 44.38 -51.76
N GLY WA 138 -62.99 43.60 -50.71
CA GLY WA 138 -61.96 43.05 -49.87
C GLY WA 138 -61.59 43.90 -48.67
N VAL WA 139 -62.14 45.10 -48.54
CA VAL WA 139 -61.84 46.02 -47.44
C VAL WA 139 -63.14 46.31 -46.70
N GLU WA 140 -63.13 46.11 -45.39
CA GLU WA 140 -64.33 46.29 -44.58
C GLU WA 140 -64.54 47.78 -44.29
N GLY WA 141 -65.56 48.07 -43.48
CA GLY WA 141 -65.86 49.46 -43.14
C GLY WA 141 -65.14 49.88 -41.88
N LEU WA 142 -64.44 51.02 -41.96
CA LEU WA 142 -63.63 51.53 -40.86
C LEU WA 142 -63.44 53.03 -41.05
N ASP WA 143 -62.47 53.60 -40.33
CA ASP WA 143 -62.22 55.04 -40.39
C ASP WA 143 -61.81 55.46 -41.78
N PRO WA 144 -62.48 56.44 -42.39
CA PRO WA 144 -62.11 56.83 -43.76
C PRO WA 144 -60.86 57.70 -43.80
N LEU WA 145 -60.60 58.48 -42.76
CA LEU WA 145 -59.42 59.34 -42.74
C LEU WA 145 -58.15 58.57 -42.43
N TYR WA 146 -58.24 57.54 -41.59
CA TYR WA 146 -57.10 56.73 -41.22
C TYR WA 146 -57.39 55.25 -41.46
N PRO WA 147 -57.33 54.77 -42.73
CA PRO WA 147 -57.64 53.36 -43.02
C PRO WA 147 -56.66 52.37 -42.39
N GLY WA 148 -55.36 52.47 -42.70
CA GLY WA 148 -54.46 51.42 -42.26
C GLY WA 148 -54.78 50.10 -42.96
N GLY WA 149 -54.53 49.00 -42.25
CA GLY WA 149 -54.84 47.67 -42.74
C GLY WA 149 -54.01 47.31 -43.96
N PRO WA 150 -54.67 47.21 -45.12
CA PRO WA 150 -53.92 46.98 -46.36
C PRO WA 150 -52.96 48.11 -46.71
N PHE WA 151 -53.25 49.33 -46.25
CA PHE WA 151 -52.39 50.48 -46.50
C PHE WA 151 -51.28 50.62 -45.47
N ASP WA 152 -51.27 49.79 -44.44
CA ASP WA 152 -50.19 49.76 -43.46
C ASP WA 152 -49.71 48.32 -43.29
N PRO WA 153 -49.02 47.76 -44.29
CA PRO WA 153 -48.49 46.40 -44.12
C PRO WA 153 -47.44 46.29 -43.04
N LEU WA 154 -46.68 47.35 -42.80
CA LEU WA 154 -45.62 47.33 -41.79
C LEU WA 154 -46.17 47.15 -40.38
N GLY WA 155 -47.37 47.65 -40.10
CA GLY WA 155 -47.95 47.51 -38.78
C GLY WA 155 -47.33 48.45 -37.77
N LEU WA 156 -47.32 49.75 -38.07
CA LEU WA 156 -46.83 50.77 -37.17
C LEU WA 156 -47.97 51.58 -36.55
N ALA WA 157 -49.22 51.24 -36.87
CA ALA WA 157 -50.39 51.90 -36.29
C ALA WA 157 -50.99 51.10 -35.15
N ASP WA 158 -50.31 50.05 -34.70
CA ASP WA 158 -50.85 49.19 -33.65
C ASP WA 158 -50.76 49.85 -32.27
N ASP WA 159 -49.64 50.50 -31.96
CA ASP WA 159 -49.46 51.07 -30.62
C ASP WA 159 -49.98 52.51 -30.53
N PRO WA 160 -50.73 52.85 -29.47
CA PRO WA 160 -51.48 54.12 -29.47
C PRO WA 160 -50.63 55.39 -29.39
N GLU WA 161 -49.74 55.50 -28.41
CA GLU WA 161 -49.03 56.76 -28.23
C GLU WA 161 -48.01 57.00 -29.34
N ALA WA 162 -47.36 55.93 -29.81
CA ALA WA 162 -46.46 56.08 -30.96
C ALA WA 162 -47.26 56.38 -32.22
N PHE WA 163 -48.47 55.81 -32.34
CA PHE WA 163 -49.34 56.14 -33.47
C PHE WA 163 -49.76 57.60 -33.44
N ALA WA 164 -50.00 58.14 -32.24
CA ALA WA 164 -50.39 59.55 -32.12
C ALA WA 164 -49.24 60.49 -32.43
N GLU WA 165 -48.04 60.20 -31.91
CA GLU WA 165 -46.91 61.07 -32.22
C GLU WA 165 -46.50 60.92 -33.69
N LEU WA 166 -46.74 59.75 -34.28
CA LEU WA 166 -46.48 59.60 -35.70
C LEU WA 166 -47.52 60.33 -36.53
N LYS WA 167 -48.75 60.44 -36.02
CA LYS WA 167 -49.75 61.29 -36.64
C LYS WA 167 -49.30 62.74 -36.64
N VAL WA 168 -48.76 63.20 -35.50
CA VAL WA 168 -48.21 64.56 -35.42
C VAL WA 168 -47.05 64.74 -36.39
N LYS WA 169 -46.17 63.75 -36.47
CA LYS WA 169 -45.05 63.78 -37.40
C LYS WA 169 -45.55 63.89 -38.84
N GLU WA 170 -46.57 63.10 -39.18
CA GLU WA 170 -47.13 63.09 -40.53
C GLU WA 170 -47.75 64.43 -40.89
N ILE WA 171 -48.55 65.00 -40.00
CA ILE WA 171 -49.21 66.27 -40.34
C ILE WA 171 -48.20 67.41 -40.41
N LYS WA 172 -47.17 67.40 -39.55
CA LYS WA 172 -46.18 68.49 -39.61
C LYS WA 172 -45.29 68.36 -40.84
N ASN WA 173 -44.89 67.14 -41.22
CA ASN WA 173 -44.13 66.95 -42.45
C ASN WA 173 -44.96 67.31 -43.67
N GLY WA 174 -46.27 67.03 -43.62
CA GLY WA 174 -47.14 67.44 -44.71
C GLY WA 174 -47.24 68.94 -44.83
N ARG WA 175 -47.30 69.65 -43.70
CA ARG WA 175 -47.34 71.11 -43.75
C ARG WA 175 -46.02 71.67 -44.30
N LEU WA 176 -44.89 71.09 -43.92
CA LEU WA 176 -43.62 71.50 -44.48
C LEU WA 176 -43.57 71.27 -45.99
N ALA WA 177 -44.05 70.11 -46.44
CA ALA WA 177 -44.03 69.80 -47.85
C ALA WA 177 -44.97 70.70 -48.64
N MET WA 178 -46.07 71.15 -48.03
CA MET WA 178 -46.96 72.02 -48.77
C MET WA 178 -46.43 73.47 -48.82
N PHE WA 179 -45.70 73.92 -47.78
CA PHE WA 179 -44.88 75.12 -47.97
C PHE WA 179 -43.95 74.97 -49.15
N SER WA 180 -43.24 73.84 -49.20
CA SER WA 180 -42.30 73.62 -50.28
C SER WA 180 -42.98 73.62 -51.64
N CYS WA 181 -44.14 72.95 -51.76
CA CYS WA 181 -44.83 72.85 -53.03
C CYS WA 181 -45.36 74.20 -53.49
N LEU WA 182 -45.94 74.99 -52.57
CA LEU WA 182 -46.38 76.32 -52.96
C LEU WA 182 -45.19 77.20 -53.33
N GLY WA 183 -44.07 77.04 -52.63
CA GLY WA 183 -42.86 77.74 -53.03
C GLY WA 183 -42.41 77.37 -54.42
N PHE WA 184 -42.44 76.08 -54.76
CA PHE WA 184 -42.04 75.63 -56.09
C PHE WA 184 -42.96 76.19 -57.16
N PHE WA 185 -44.26 76.27 -56.89
CA PHE WA 185 -45.15 76.94 -57.84
C PHE WA 185 -44.83 78.42 -57.94
N VAL WA 186 -44.34 79.02 -56.86
CA VAL WA 186 -43.98 80.44 -56.94
C VAL WA 186 -42.71 80.64 -57.78
N GLN WA 187 -41.67 79.83 -57.56
CA GLN WA 187 -40.48 79.97 -58.40
C GLN WA 187 -40.77 79.60 -59.84
N ALA WA 188 -41.68 78.64 -60.06
CA ALA WA 188 -42.07 78.27 -61.41
C ALA WA 188 -42.73 79.43 -62.13
N ILE WA 189 -43.59 80.16 -61.42
CA ILE WA 189 -44.23 81.33 -62.02
C ILE WA 189 -43.21 82.46 -62.20
N VAL WA 190 -42.38 82.69 -61.19
CA VAL WA 190 -41.49 83.85 -61.21
C VAL WA 190 -40.18 83.53 -61.93
N THR WA 191 -39.39 82.61 -61.39
CA THR WA 191 -38.05 82.37 -61.91
C THR WA 191 -38.04 81.62 -63.23
N GLY WA 192 -38.94 80.67 -63.43
CA GLY WA 192 -38.92 79.87 -64.63
C GLY WA 192 -37.83 78.83 -64.67
N LYS WA 193 -37.22 78.52 -63.52
CA LYS WA 193 -36.20 77.51 -63.40
C LYS WA 193 -36.60 76.52 -62.31
N GLY WA 194 -35.86 75.42 -62.24
CA GLY WA 194 -36.10 74.42 -61.22
C GLY WA 194 -35.69 74.92 -59.86
N PRO WA 195 -36.37 74.42 -58.81
CA PRO WA 195 -36.04 74.88 -57.45
C PRO WA 195 -34.62 74.53 -57.01
N ILE WA 196 -34.11 73.37 -57.42
CA ILE WA 196 -32.74 73.00 -57.08
C ILE WA 196 -31.76 73.89 -57.83
N GLN WA 197 -32.06 74.25 -59.08
CA GLN WA 197 -31.24 75.22 -59.79
C GLN WA 197 -31.29 76.58 -59.12
N ASN WA 198 -32.45 76.94 -58.56
CA ASN WA 198 -32.58 78.20 -57.83
C ASN WA 198 -31.70 78.21 -56.58
N LEU WA 199 -31.71 77.10 -55.83
CA LEU WA 199 -30.84 77.00 -54.66
C LEU WA 199 -29.37 76.98 -55.06
N GLN WA 200 -29.05 76.32 -56.19
CA GLN WA 200 -27.69 76.27 -56.70
C GLN WA 200 -27.18 77.67 -57.05
N ASP WA 201 -28.00 78.46 -57.74
CA ASP WA 201 -27.60 79.83 -58.07
C ASP WA 201 -27.60 80.71 -56.83
N HIS WA 202 -28.41 80.37 -55.83
CA HIS WA 202 -28.42 81.13 -54.59
C HIS WA 202 -27.17 80.88 -53.77
N LEU WA 203 -26.57 79.69 -53.92
CA LEU WA 203 -25.34 79.38 -53.19
C LEU WA 203 -24.11 80.01 -53.82
N ALA WA 204 -24.20 80.43 -55.09
CA ALA WA 204 -23.06 81.09 -55.73
C ALA WA 204 -22.78 82.44 -55.10
N ASP WA 205 -23.83 83.21 -54.84
CA ASP WA 205 -23.70 84.52 -54.19
C ASP WA 205 -25.03 84.87 -53.53
N PRO WA 206 -25.18 84.56 -52.23
CA PRO WA 206 -26.46 84.80 -51.55
C PRO WA 206 -26.83 86.26 -51.38
N GLY WA 207 -25.88 87.19 -51.56
CA GLY WA 207 -26.20 88.60 -51.42
C GLY WA 207 -27.16 89.10 -52.48
N VAL WA 208 -26.92 88.72 -53.73
CA VAL WA 208 -27.73 89.22 -54.83
C VAL WA 208 -28.62 88.16 -55.47
N ASN WA 209 -28.29 86.87 -55.33
CA ASN WA 209 -29.08 85.81 -55.98
C ASN WA 209 -30.10 85.25 -54.99
N ASN WA 210 -31.10 86.10 -54.70
CA ASN WA 210 -32.20 85.75 -53.80
C ASN WA 210 -33.52 86.23 -54.39
N ALA WA 211 -34.57 86.25 -53.56
CA ALA WA 211 -35.89 86.65 -54.02
C ALA WA 211 -35.96 88.11 -54.45
N PHE WA 212 -35.09 88.96 -53.93
CA PHE WA 212 -35.09 90.38 -54.28
C PHE WA 212 -34.63 90.65 -55.71
N ALA WA 213 -33.96 89.68 -56.35
CA ALA WA 213 -33.45 89.91 -57.70
C ALA WA 213 -34.56 89.83 -58.74
N SER WA 214 -35.74 89.35 -58.37
CA SER WA 214 -36.85 89.20 -59.31
C SER WA 214 -38.03 90.11 -58.97
N ALA WA 215 -37.81 91.17 -58.20
CA ALA WA 215 -38.92 92.02 -57.77
C ALA WA 215 -39.41 92.93 -58.89
N THR WA 216 -38.63 93.12 -59.95
CA THR WA 216 -38.98 94.05 -61.02
C THR WA 216 -39.34 93.35 -62.33
N LYS WA 217 -39.73 92.07 -62.29
CA LYS WA 217 -40.00 91.36 -63.53
C LYS WA 217 -41.44 91.54 -64.00
N PHE WA 218 -42.40 91.56 -63.07
CA PHE WA 218 -43.81 91.60 -63.41
C PHE WA 218 -44.39 93.00 -63.41
N VAL WA 219 -43.54 94.02 -63.35
CA VAL WA 219 -44.00 95.41 -63.30
C VAL WA 219 -44.66 95.79 -64.62
N PRO WA 220 -45.84 96.44 -64.60
CA PRO WA 220 -46.53 96.76 -65.86
C PRO WA 220 -45.93 97.96 -66.55
N THR WA 221 -46.17 98.06 -67.86
CA THR WA 221 -45.74 99.13 -68.74
C THR WA 221 -46.94 99.79 -69.40
N PRO WA 222 -46.91 101.12 -69.61
CA PRO WA 222 -48.01 101.85 -70.25
C PRO WA 222 -47.86 101.95 -71.77
N GLN XA 1 71.04 47.23 -43.10
CA GLN XA 1 72.33 47.91 -42.95
C GLN XA 1 72.14 49.40 -42.65
N ARG XA 2 71.69 50.15 -43.66
CA ARG XA 2 71.47 51.59 -43.51
C ARG XA 2 70.25 51.79 -42.65
N VAL XA 3 70.47 52.16 -41.39
CA VAL XA 3 69.39 52.24 -40.42
C VAL XA 3 68.41 53.37 -40.71
N ARG XA 4 68.89 54.54 -41.17
CA ARG XA 4 67.98 55.65 -41.42
C ARG XA 4 67.08 55.41 -42.63
N THR XA 5 67.59 54.68 -43.63
CA THR XA 5 66.77 54.42 -44.81
C THR XA 5 65.67 53.41 -44.52
N VAL XA 6 65.99 52.32 -43.83
CA VAL XA 6 65.05 51.21 -43.66
C VAL XA 6 63.84 51.62 -42.81
N LEU XA 7 64.04 52.40 -41.76
CA LEU XA 7 62.90 52.97 -41.02
C LEU XA 7 62.11 53.92 -41.89
N ASP XA 8 62.79 54.78 -42.65
CA ASP XA 8 62.11 55.77 -43.46
C ASP XA 8 61.35 55.12 -44.60
N MET XA 9 61.77 53.93 -45.04
CA MET XA 9 61.08 53.27 -46.14
C MET XA 9 59.99 52.34 -45.63
N ASP XA 10 60.07 51.94 -44.36
CA ASP XA 10 58.89 51.36 -43.71
C ASP XA 10 57.89 52.41 -43.29
N ASP XA 11 58.30 53.68 -43.22
CA ASP XA 11 57.40 54.76 -42.81
C ASP XA 11 56.20 54.95 -43.72
N PRO XA 12 56.32 54.97 -45.08
CA PRO XA 12 55.11 55.19 -45.88
C PRO XA 12 54.22 53.96 -45.95
N ALA XA 13 54.83 52.77 -46.01
CA ALA XA 13 54.04 51.55 -46.12
C ALA XA 13 53.25 51.27 -44.84
N LYS XA 14 53.91 51.33 -43.69
CA LYS XA 14 53.23 51.04 -42.43
C LYS XA 14 53.96 51.75 -41.29
N GLU XA 15 53.32 52.78 -40.76
CA GLU XA 15 53.82 53.70 -39.76
C GLU XA 15 53.69 53.19 -38.33
N GLU XA 16 52.92 52.12 -38.10
CA GLU XA 16 52.71 51.56 -36.77
C GLU XA 16 53.77 50.50 -36.45
N THR XA 17 54.76 50.37 -37.33
CA THR XA 17 55.81 49.37 -37.20
C THR XA 17 56.65 49.62 -35.95
N VAL XA 18 57.11 48.53 -35.32
CA VAL XA 18 57.98 48.62 -34.15
C VAL XA 18 59.26 49.38 -34.48
N LYS XA 19 59.80 49.20 -35.69
CA LYS XA 19 61.02 49.87 -36.08
C LYS XA 19 60.85 51.38 -36.10
N GLU XA 20 59.66 51.87 -36.48
CA GLU XA 20 59.39 53.30 -36.45
C GLU XA 20 59.05 53.77 -35.04
N LEU XA 21 58.33 52.94 -34.28
CA LEU XA 21 57.86 53.38 -32.97
C LEU XA 21 58.94 53.42 -31.90
N ARG XA 22 59.92 52.50 -31.92
CA ARG XA 22 60.98 52.51 -30.93
C ARG XA 22 62.02 53.56 -31.30
N LYS XA 23 62.48 54.29 -30.28
CA LYS XA 23 63.50 55.34 -30.43
C LYS XA 23 63.03 56.41 -31.42
N ASP XA 24 61.83 56.93 -31.21
CA ASP XA 24 61.32 58.02 -32.05
C ASP XA 24 61.64 59.39 -31.47
N ILE XA 25 62.18 59.46 -30.26
CA ILE XA 25 62.53 60.74 -29.66
C ILE XA 25 63.70 61.37 -30.42
N ASN XA 26 64.65 60.54 -30.87
CA ASN XA 26 65.80 61.06 -31.59
C ASN XA 26 65.43 61.53 -32.99
N ASN XA 27 64.27 61.14 -33.49
CA ASN XA 27 63.78 61.60 -34.78
C ASN XA 27 62.99 62.90 -34.62
N GLU YA 1 31.12 -45.38 23.85
CA GLU YA 1 30.58 -45.18 22.51
C GLU YA 1 29.06 -45.05 22.55
N ASN YA 2 28.48 -45.43 23.70
CA ASN YA 2 27.08 -45.20 24.05
C ASN YA 2 26.10 -45.81 23.04
N THR YA 3 26.13 -47.14 22.97
CA THR YA 3 25.17 -47.91 22.19
C THR YA 3 24.47 -48.99 23.01
N SER YA 4 25.06 -49.42 24.12
CA SER YA 4 24.44 -50.43 24.97
C SER YA 4 23.21 -49.87 25.67
N LEU YA 5 22.36 -50.79 26.16
CA LEU YA 5 21.10 -50.41 26.79
C LEU YA 5 21.34 -49.61 28.06
N TRP YA 6 22.29 -50.05 28.89
CA TRP YA 6 22.55 -49.35 30.14
C TRP YA 6 23.11 -47.94 29.92
N ALA YA 7 24.06 -47.80 29.00
CA ALA YA 7 24.73 -46.52 28.79
C ALA YA 7 23.75 -45.47 28.28
N ARG YA 8 22.73 -45.91 27.53
CA ARG YA 8 21.70 -44.99 27.07
C ARG YA 8 20.94 -44.39 28.24
N PHE YA 9 20.66 -45.19 29.26
CA PHE YA 9 19.98 -44.68 30.44
C PHE YA 9 20.91 -43.84 31.29
N CYS YA 10 22.23 -44.03 31.14
CA CYS YA 10 23.19 -43.27 31.91
C CYS YA 10 23.20 -41.79 31.50
N GLU YA 11 23.27 -41.52 30.20
CA GLU YA 11 23.24 -40.14 29.75
C GLU YA 11 21.83 -39.57 29.64
N TRP YA 12 20.81 -40.40 29.84
CA TRP YA 12 19.44 -39.89 29.91
C TRP YA 12 19.13 -39.36 31.30
N ILE YA 13 19.53 -40.12 32.32
CA ILE YA 13 19.30 -39.71 33.70
C ILE YA 13 20.20 -38.53 34.06
N THR YA 14 21.46 -38.56 33.61
CA THR YA 14 22.39 -37.47 33.84
C THR YA 14 22.26 -36.34 32.82
N SER YA 15 21.20 -36.34 32.04
CA SER YA 15 20.99 -35.29 31.05
C SER YA 15 20.60 -33.99 31.72
N THR YA 16 21.34 -32.93 31.43
CA THR YA 16 21.00 -31.60 31.88
C THR YA 16 19.94 -30.97 31.00
N GLU YA 17 19.58 -31.62 29.90
CA GLU YA 17 18.57 -31.14 28.96
C GLU YA 17 17.16 -31.38 29.46
N ASN YA 18 16.99 -32.22 30.48
CA ASN YA 18 15.65 -32.53 30.97
C ASN YA 18 15.03 -31.30 31.63
N ARG YA 19 13.69 -31.24 31.56
CA ARG YA 19 12.98 -30.11 32.14
C ARG YA 19 13.13 -30.08 33.65
N LEU YA 20 13.14 -31.26 34.28
CA LEU YA 20 13.57 -31.43 35.66
C LEU YA 20 14.80 -32.32 35.64
N TYR YA 21 15.91 -31.80 36.17
CA TYR YA 21 17.12 -32.61 36.23
C TYR YA 21 16.90 -33.80 37.15
N ILE YA 22 17.41 -34.96 36.75
CA ILE YA 22 17.19 -36.14 37.58
C ILE YA 22 18.50 -36.52 38.27
N GLY YA 23 19.48 -36.97 37.51
CA GLY YA 23 20.72 -37.44 38.10
C GLY YA 23 20.56 -38.70 38.91
N TRP YA 24 21.66 -39.23 39.47
CA TRP YA 24 21.53 -40.47 40.23
C TRP YA 24 20.89 -40.25 41.59
N PHE YA 25 20.89 -39.01 42.08
CA PHE YA 25 20.10 -38.71 43.26
C PHE YA 25 18.61 -38.63 42.90
N GLY YA 26 18.31 -38.52 41.61
CA GLY YA 26 16.92 -38.40 41.18
C GLY YA 26 16.14 -39.70 41.25
N VAL YA 27 16.83 -40.84 41.32
CA VAL YA 27 16.10 -42.11 41.40
C VAL YA 27 15.57 -42.38 42.80
N ILE YA 28 15.74 -41.44 43.73
CA ILE YA 28 15.28 -41.63 45.10
C ILE YA 28 14.03 -40.82 45.39
N MET YA 29 14.08 -39.48 45.21
CA MET YA 29 12.96 -38.67 45.68
C MET YA 29 11.76 -38.80 44.76
N ILE YA 30 12.00 -39.00 43.45
CA ILE YA 30 10.89 -39.12 42.52
C ILE YA 30 10.00 -40.31 42.83
N PRO YA 31 10.51 -41.52 43.14
CA PRO YA 31 9.58 -42.55 43.60
C PRO YA 31 9.10 -42.36 45.03
N THR YA 32 9.98 -41.94 45.96
CA THR YA 32 9.60 -41.90 47.36
C THR YA 32 8.64 -40.75 47.67
N LEU YA 33 8.90 -39.56 47.12
CA LEU YA 33 7.94 -38.47 47.35
C LEU YA 33 6.63 -38.75 46.66
N LEU YA 34 6.66 -39.33 45.45
CA LEU YA 34 5.41 -39.69 44.80
C LEU YA 34 4.72 -40.83 45.56
N THR YA 35 5.48 -41.70 46.21
CA THR YA 35 4.89 -42.60 47.19
C THR YA 35 4.32 -41.82 48.37
N ALA YA 36 5.07 -40.81 48.83
CA ALA YA 36 4.61 -40.00 49.94
C ALA YA 36 3.44 -39.10 49.55
N ILE YA 37 3.50 -38.47 48.38
CA ILE YA 37 2.50 -37.48 48.01
C ILE YA 37 1.20 -38.17 47.61
N SER YA 38 1.28 -39.43 47.17
CA SER YA 38 0.07 -40.19 46.89
C SER YA 38 -0.62 -40.58 48.19
N VAL YA 39 0.16 -41.05 49.17
CA VAL YA 39 -0.39 -41.40 50.47
C VAL YA 39 -0.92 -40.16 51.18
N TYR YA 40 -0.16 -39.06 51.14
CA TYR YA 40 -0.56 -37.85 51.86
C TYR YA 40 -1.88 -37.29 51.32
N ILE YA 41 -2.04 -37.27 50.00
CA ILE YA 41 -3.28 -36.76 49.42
C ILE YA 41 -4.45 -37.64 49.82
N ILE YA 42 -4.26 -38.96 49.78
CA ILE YA 42 -5.33 -39.89 50.15
C ILE YA 42 -5.59 -39.84 51.66
N ALA YA 43 -4.53 -39.78 52.46
CA ALA YA 43 -4.71 -39.79 53.91
C ALA YA 43 -5.32 -38.47 54.41
N PHE YA 44 -5.03 -37.36 53.73
CA PHE YA 44 -5.54 -36.09 54.21
C PHE YA 44 -7.03 -35.95 53.94
N ILE YA 45 -7.57 -36.71 52.98
CA ILE YA 45 -8.95 -36.50 52.57
C ILE YA 45 -9.90 -37.47 53.29
N ALA YA 46 -9.52 -38.75 53.39
CA ALA YA 46 -10.49 -39.73 53.86
C ALA YA 46 -9.87 -40.80 54.75
N ALA YA 47 -8.83 -40.46 55.50
CA ALA YA 47 -8.32 -41.49 56.40
C ALA YA 47 -9.20 -41.60 57.64
N PRO YA 48 -9.41 -42.80 58.18
CA PRO YA 48 -10.18 -42.95 59.41
C PRO YA 48 -9.40 -42.40 60.60
N PRO YA 49 -10.07 -42.13 61.72
CA PRO YA 49 -9.37 -41.59 62.88
C PRO YA 49 -8.27 -42.50 63.41
N VAL YA 50 -7.22 -41.88 63.92
CA VAL YA 50 -6.01 -42.57 64.36
C VAL YA 50 -5.81 -42.27 65.84
N ASP YA 51 -5.57 -43.31 66.63
CA ASP YA 51 -5.38 -43.17 68.08
C ASP YA 51 -3.95 -42.72 68.35
N ILE YA 52 -3.81 -41.43 68.64
CA ILE YA 52 -2.49 -40.84 68.83
C ILE YA 52 -1.84 -41.34 70.12
N ASP YA 53 -2.59 -41.35 71.22
CA ASP YA 53 -1.99 -41.61 72.53
C ASP YA 53 -1.94 -43.09 72.90
N GLY YA 54 -2.43 -43.98 72.05
CA GLY YA 54 -2.43 -45.38 72.41
C GLY YA 54 -3.45 -45.74 73.46
N ILE YA 55 -4.50 -44.94 73.62
CA ILE YA 55 -5.50 -45.14 74.65
C ILE YA 55 -6.89 -45.37 74.05
N ARG YA 56 -6.95 -45.85 72.80
CA ARG YA 56 -8.20 -46.16 72.09
C ARG YA 56 -9.11 -44.94 71.97
N GLU YA 57 -8.50 -43.76 71.87
CA GLU YA 57 -9.24 -42.51 71.70
C GLU YA 57 -8.71 -41.87 70.43
N PRO YA 58 -9.32 -42.15 69.28
CA PRO YA 58 -8.73 -41.76 68.00
C PRO YA 58 -9.08 -40.34 67.58
N VAL YA 59 -8.16 -39.76 66.82
CA VAL YA 59 -8.27 -38.40 66.29
C VAL YA 59 -8.46 -38.49 64.78
N SER YA 60 -9.51 -37.83 64.27
CA SER YA 60 -9.88 -37.95 62.85
C SER YA 60 -8.82 -37.40 61.91
N GLY YA 61 -8.64 -36.08 61.90
CA GLY YA 61 -7.63 -35.46 61.06
C GLY YA 61 -7.93 -35.34 59.57
N SER YA 62 -8.88 -36.09 59.05
CA SER YA 62 -9.14 -36.09 57.62
C SER YA 62 -10.40 -35.33 57.27
N LEU YA 63 -10.43 -34.83 56.03
CA LEU YA 63 -11.49 -33.93 55.57
C LEU YA 63 -12.86 -34.60 55.60
N LEU YA 64 -12.94 -35.85 55.17
CA LEU YA 64 -14.21 -36.57 55.11
C LEU YA 64 -14.86 -36.75 56.48
N TYR YA 65 -14.07 -36.79 57.55
CA TYR YA 65 -14.57 -37.08 58.88
C TYR YA 65 -14.90 -35.80 59.66
N GLY YA 66 -15.31 -34.75 58.97
CA GLY YA 66 -15.69 -33.51 59.62
C GLY YA 66 -14.58 -32.52 59.86
N ASN YA 67 -13.57 -32.47 59.00
CA ASN YA 67 -12.45 -31.55 59.16
C ASN YA 67 -12.37 -30.59 57.98
N ASN YA 68 -11.79 -29.42 58.23
CA ASN YA 68 -11.54 -28.44 57.19
C ASN YA 68 -10.05 -28.47 56.83
N ILE YA 69 -9.62 -27.48 56.04
CA ILE YA 69 -8.22 -27.44 55.59
C ILE YA 69 -7.28 -27.18 56.77
N ILE YA 70 -7.76 -26.50 57.81
CA ILE YA 70 -6.90 -26.15 58.93
C ILE YA 70 -6.84 -27.29 59.94
N THR YA 71 -8.01 -27.72 60.43
CA THR YA 71 -8.09 -28.83 61.36
C THR YA 71 -7.66 -30.16 60.73
N GLY YA 72 -7.61 -30.23 59.41
CA GLY YA 72 -7.14 -31.44 58.76
C GLY YA 72 -5.66 -31.68 59.05
N ALA YA 73 -5.34 -32.92 59.42
CA ALA YA 73 -3.97 -33.27 59.78
C ALA YA 73 -3.78 -34.77 59.66
N VAL YA 74 -2.53 -35.19 59.58
CA VAL YA 74 -2.16 -36.60 59.62
C VAL YA 74 -1.74 -36.92 61.05
N VAL YA 75 -2.58 -37.65 61.76
CA VAL YA 75 -2.37 -38.00 63.16
C VAL YA 75 -1.16 -38.93 63.25
N PRO YA 76 -0.25 -38.73 64.21
CA PRO YA 76 0.93 -39.59 64.29
C PRO YA 76 0.59 -41.01 64.71
N THR YA 77 1.64 -41.84 64.69
CA THR YA 77 1.54 -43.25 65.03
C THR YA 77 1.11 -43.39 66.49
N SER YA 78 0.46 -44.51 66.79
CA SER YA 78 0.01 -44.78 68.16
C SER YA 78 1.19 -44.91 69.11
N ASN YA 79 0.96 -44.47 70.35
CA ASN YA 79 2.02 -44.51 71.37
C ASN YA 79 2.37 -45.94 71.75
N ALA YA 80 1.46 -46.89 71.53
CA ALA YA 80 1.75 -48.29 71.85
C ALA YA 80 2.83 -48.86 70.94
N ILE YA 81 2.87 -48.44 69.67
CA ILE YA 81 3.91 -48.91 68.76
C ILE YA 81 5.26 -48.33 69.17
N GLY YA 82 5.29 -47.05 69.53
CA GLY YA 82 6.54 -46.41 69.92
C GLY YA 82 7.50 -46.24 68.76
N LEU YA 83 8.73 -46.68 68.94
CA LEU YA 83 9.76 -46.57 67.90
C LEU YA 83 9.78 -47.78 66.97
N HIS YA 84 8.82 -48.68 67.10
CA HIS YA 84 8.76 -49.84 66.21
C HIS YA 84 8.34 -49.42 64.81
N PHE YA 85 8.90 -50.11 63.82
CA PHE YA 85 8.63 -49.82 62.42
C PHE YA 85 7.33 -50.50 62.01
N TYR YA 86 6.40 -49.76 61.42
CA TYR YA 86 5.04 -50.27 61.16
C TYR YA 86 4.64 -49.98 59.73
N PRO YA 87 5.12 -50.76 58.76
CA PRO YA 87 4.65 -50.64 57.38
C PRO YA 87 3.32 -51.35 57.16
N ILE YA 88 2.96 -51.45 55.87
CA ILE YA 88 1.70 -52.08 55.48
C ILE YA 88 1.73 -53.57 55.80
N TRP YA 89 2.92 -54.18 55.76
CA TRP YA 89 2.99 -55.62 55.98
C TRP YA 89 3.16 -55.98 57.46
N GLU YA 90 3.54 -55.02 58.31
CA GLU YA 90 3.63 -55.30 59.73
C GLU YA 90 2.27 -55.17 60.42
N ALA YA 91 1.24 -54.79 59.67
CA ALA YA 91 -0.12 -54.72 60.15
C ALA YA 91 -0.89 -55.92 59.59
N ALA YA 92 -1.95 -56.32 60.30
CA ALA YA 92 -2.76 -57.44 59.85
C ALA YA 92 -3.53 -57.09 58.58
N SER YA 93 -4.06 -55.88 58.50
CA SER YA 93 -4.88 -55.48 57.37
C SER YA 93 -4.78 -53.97 57.19
N LEU YA 94 -5.32 -53.51 56.06
CA LEU YA 94 -5.24 -52.08 55.72
C LEU YA 94 -6.03 -51.23 56.71
N ASP YA 95 -7.15 -51.75 57.22
CA ASP YA 95 -8.02 -50.95 58.07
C ASP YA 95 -7.35 -50.59 59.39
N GLU YA 96 -6.77 -51.57 60.08
CA GLU YA 96 -6.08 -51.29 61.32
C GLU YA 96 -4.66 -50.79 61.09
N TRP YA 97 -4.13 -50.93 59.88
CA TRP YA 97 -2.92 -50.19 59.51
C TRP YA 97 -3.19 -48.70 59.53
N LEU YA 98 -4.39 -48.30 59.08
CA LEU YA 98 -4.79 -46.91 59.15
C LEU YA 98 -4.98 -46.46 60.59
N TYR YA 99 -5.51 -47.33 61.44
CA TYR YA 99 -5.86 -46.95 62.80
C TYR YA 99 -4.63 -46.64 63.65
N ASN YA 100 -3.54 -47.37 63.45
CA ASN YA 100 -2.37 -47.26 64.32
C ASN YA 100 -1.39 -46.19 63.87
N GLY YA 101 -1.69 -45.47 62.79
CA GLY YA 101 -0.77 -44.46 62.31
C GLY YA 101 0.16 -44.91 61.22
N GLY YA 102 -0.20 -45.96 60.48
CA GLY YA 102 0.60 -46.46 59.39
C GLY YA 102 0.90 -45.50 58.27
N PRO YA 103 -0.10 -44.77 57.73
CA PRO YA 103 0.21 -43.73 56.75
C PRO YA 103 1.14 -42.64 57.28
N TYR YA 104 1.09 -42.35 58.57
CA TYR YA 104 2.01 -41.38 59.16
C TYR YA 104 3.45 -41.85 59.09
N GLN YA 105 3.69 -43.11 59.45
CA GLN YA 105 5.05 -43.63 59.49
C GLN YA 105 5.58 -43.90 58.09
N LEU YA 106 4.71 -43.88 57.09
CA LEU YA 106 5.15 -44.10 55.71
C LEU YA 106 5.57 -42.80 55.05
N VAL YA 107 4.74 -41.76 55.16
CA VAL YA 107 5.02 -40.50 54.48
C VAL YA 107 6.21 -39.78 55.13
N VAL YA 108 6.30 -39.84 56.46
CA VAL YA 108 7.41 -39.18 57.16
C VAL YA 108 8.74 -39.86 56.81
N CYS YA 109 8.73 -41.19 56.76
CA CYS YA 109 9.93 -41.93 56.39
C CYS YA 109 10.33 -41.63 54.95
N HIS YA 110 9.34 -41.56 54.06
CA HIS YA 110 9.63 -41.28 52.65
C HIS YA 110 10.06 -39.83 52.44
N PHE YA 111 9.46 -38.90 53.17
CA PHE YA 111 9.82 -37.49 53.03
C PHE YA 111 11.26 -37.24 53.47
N PHE YA 112 11.71 -37.96 54.50
CA PHE YA 112 13.10 -37.82 54.94
C PHE YA 112 14.06 -38.28 53.86
N LEU YA 113 13.73 -39.37 53.17
CA LEU YA 113 14.59 -39.87 52.10
C LEU YA 113 14.64 -38.90 50.92
N GLY YA 114 13.49 -38.30 50.59
CA GLY YA 114 13.46 -37.36 49.48
C GLY YA 114 14.27 -36.11 49.73
N VAL YA 115 14.15 -35.54 50.94
CA VAL YA 115 14.89 -34.33 51.25
C VAL YA 115 16.38 -34.63 51.43
N CYS YA 116 16.72 -35.88 51.76
CA CYS YA 116 18.12 -36.27 51.86
CA CYS YA 116 18.12 -36.27 51.86
C CYS YA 116 18.79 -36.24 50.48
N CYS YA 117 18.08 -36.67 49.44
CA CYS YA 117 18.64 -36.68 48.11
C CYS YA 117 18.32 -35.41 47.33
N TYR YA 118 17.38 -34.60 47.81
CA TYR YA 118 17.11 -33.31 47.18
C TYR YA 118 18.34 -32.41 47.27
N MET YA 119 18.95 -32.34 48.46
CA MET YA 119 20.23 -31.67 48.59
C MET YA 119 21.34 -32.45 47.90
N GLY YA 120 21.16 -33.75 47.71
CA GLY YA 120 22.05 -34.49 46.83
C GLY YA 120 21.86 -34.10 45.37
N ARG YA 121 20.61 -33.86 44.97
CA ARG YA 121 20.34 -33.48 43.59
C ARG YA 121 20.69 -32.02 43.34
N GLU YA 122 20.44 -31.15 44.33
CA GLU YA 122 20.87 -29.75 44.21
C GLU YA 122 22.38 -29.67 44.07
N TRP YA 123 23.10 -30.61 44.69
CA TRP YA 123 24.52 -30.77 44.41
C TRP YA 123 24.75 -31.25 42.98
N GLU YA 124 23.88 -32.14 42.48
CA GLU YA 124 24.19 -32.85 41.25
C GLU YA 124 24.06 -31.95 40.03
N LEU YA 125 23.05 -31.08 39.99
CA LEU YA 125 22.97 -30.14 38.88
C LEU YA 125 24.10 -29.11 38.96
N SER YA 126 24.62 -28.87 40.15
CA SER YA 126 25.76 -27.98 40.30
C SER YA 126 27.05 -28.60 39.78
N TYR YA 127 27.30 -29.88 40.07
CA TYR YA 127 28.54 -30.50 39.62
C TYR YA 127 28.53 -30.74 38.11
N ARG YA 128 27.40 -31.18 37.55
CA ARG YA 128 27.32 -31.38 36.12
C ARG YA 128 27.40 -30.08 35.34
N LEU YA 129 27.15 -28.96 36.01
CA LEU YA 129 27.35 -27.63 35.43
C LEU YA 129 28.55 -26.91 36.03
N GLY YA 130 29.19 -27.50 37.06
CA GLY YA 130 30.51 -27.07 37.45
C GLY YA 130 30.65 -25.84 38.31
N MET YA 131 30.23 -25.87 39.58
CA MET YA 131 30.65 -24.82 40.49
C MET YA 131 31.04 -25.44 41.84
N ARG YA 132 31.18 -24.56 42.85
CA ARG YA 132 31.15 -25.02 44.22
C ARG YA 132 29.70 -25.31 44.61
N PRO YA 133 29.47 -26.28 45.49
CA PRO YA 133 28.12 -26.84 45.67
C PRO YA 133 27.28 -26.25 46.81
N TRP YA 134 27.70 -25.18 47.46
CA TRP YA 134 27.13 -24.82 48.75
C TRP YA 134 25.71 -24.25 48.70
N ILE YA 135 25.05 -24.29 47.53
CA ILE YA 135 23.61 -24.07 47.52
C ILE YA 135 22.92 -25.19 48.30
N ALA YA 136 23.35 -26.43 48.07
CA ALA YA 136 22.77 -27.57 48.76
C ALA YA 136 23.09 -27.54 50.26
N VAL YA 137 24.24 -26.97 50.62
CA VAL YA 137 24.59 -26.82 52.03
C VAL YA 137 23.62 -25.89 52.73
N ALA YA 138 23.14 -24.85 52.02
CA ALA YA 138 22.09 -24.01 52.57
C ALA YA 138 20.77 -24.76 52.66
N TYR YA 139 20.53 -25.69 51.75
CA TYR YA 139 19.32 -26.50 51.84
C TYR YA 139 19.42 -27.52 52.96
N SER YA 140 20.63 -27.79 53.44
CA SER YA 140 20.80 -28.72 54.52
C SER YA 140 20.21 -28.21 55.84
N ALA YA 141 19.99 -26.89 55.98
CA ALA YA 141 19.45 -26.34 57.22
C ALA YA 141 17.94 -26.60 57.39
N PRO YA 142 17.08 -26.38 56.38
CA PRO YA 142 15.68 -26.82 56.58
C PRO YA 142 15.53 -28.33 56.57
N VAL YA 143 16.51 -29.04 56.00
CA VAL YA 143 16.48 -30.50 56.01
C VAL YA 143 16.69 -31.02 57.43
N ALA YA 144 17.65 -30.46 58.15
CA ALA YA 144 17.85 -30.84 59.55
C ALA YA 144 16.68 -30.42 60.40
N ALA YA 145 16.08 -29.26 60.10
CA ALA YA 145 14.91 -28.81 60.84
C ALA YA 145 13.74 -29.75 60.63
N ALA YA 146 13.55 -30.23 59.40
CA ALA YA 146 12.55 -31.27 59.15
C ALA YA 146 12.97 -32.57 59.82
N THR YA 147 14.27 -32.85 59.87
CA THR YA 147 14.75 -34.06 60.50
C THR YA 147 14.52 -34.03 62.02
N ALA YA 148 14.80 -32.89 62.64
CA ALA YA 148 14.77 -32.82 64.10
C ALA YA 148 13.35 -32.97 64.66
N VAL YA 149 12.36 -32.46 63.93
CA VAL YA 149 11.00 -32.45 64.49
C VAL YA 149 10.12 -33.55 63.90
N PHE YA 150 10.62 -34.34 62.95
CA PHE YA 150 9.83 -35.45 62.43
C PHE YA 150 10.31 -36.82 62.85
N ILE YA 151 11.62 -37.07 62.83
CA ILE YA 151 12.13 -38.39 63.16
C ILE YA 151 12.96 -38.32 64.44
N ILE YA 152 13.73 -37.25 64.63
CA ILE YA 152 14.65 -37.19 65.75
C ILE YA 152 13.91 -37.04 67.08
N TYR YA 153 12.91 -36.16 67.13
CA TYR YA 153 12.14 -36.00 68.35
C TYR YA 153 11.40 -37.28 68.76
N PRO YA 154 10.79 -38.06 67.85
CA PRO YA 154 10.33 -39.40 68.28
C PRO YA 154 11.42 -40.30 68.81
N ILE YA 155 12.62 -40.26 68.21
CA ILE YA 155 13.73 -41.07 68.71
C ILE YA 155 14.12 -40.60 70.12
N GLY YA 156 14.20 -39.29 70.31
CA GLY YA 156 14.53 -38.75 71.63
C GLY YA 156 13.47 -39.02 72.67
N GLN YA 157 12.19 -38.94 72.27
CA GLN YA 157 11.10 -39.16 73.21
C GLN YA 157 10.62 -40.60 73.26
N GLY YA 158 11.11 -41.47 72.37
CA GLY YA 158 10.78 -42.87 72.42
C GLY YA 158 9.49 -43.28 71.75
N SER YA 159 8.82 -42.37 71.04
CA SER YA 159 7.58 -42.75 70.36
C SER YA 159 7.31 -41.81 69.19
N PHE YA 160 6.84 -42.40 68.08
CA PHE YA 160 6.43 -41.62 66.91
C PHE YA 160 5.20 -40.78 67.18
N SER YA 161 4.48 -41.05 68.27
CA SER YA 161 3.30 -40.27 68.64
C SER YA 161 3.64 -38.83 68.98
N ASP YA 162 4.88 -38.56 69.36
CA ASP YA 162 5.30 -37.24 69.80
C ASP YA 162 5.72 -36.34 68.66
N GLY YA 163 5.81 -36.88 67.45
CA GLY YA 163 6.28 -36.09 66.32
C GLY YA 163 5.26 -35.06 65.87
N MET YA 164 5.63 -34.38 64.79
CA MET YA 164 4.77 -33.36 64.19
C MET YA 164 3.64 -34.00 63.38
N PRO YA 165 2.38 -33.76 63.74
CA PRO YA 165 1.28 -34.16 62.86
C PRO YA 165 1.31 -33.32 61.58
N LEU YA 166 0.98 -33.96 60.47
CA LEU YA 166 1.07 -33.30 59.17
C LEU YA 166 -0.24 -32.55 58.90
N GLY YA 167 -0.33 -31.37 59.49
CA GLY YA 167 -1.49 -30.51 59.31
C GLY YA 167 -1.17 -29.13 59.83
N ILE YA 168 -2.23 -28.32 59.95
CA ILE YA 168 -2.09 -26.95 60.43
C ILE YA 168 -2.38 -26.92 61.92
N SER YA 169 -3.59 -27.34 62.31
CA SER YA 169 -3.86 -27.54 63.73
C SER YA 169 -3.01 -28.67 64.29
N GLY YA 170 -2.66 -29.65 63.45
CA GLY YA 170 -1.71 -30.67 63.86
C GLY YA 170 -0.35 -30.08 64.16
N THR YA 171 0.09 -29.11 63.35
CA THR YA 171 1.30 -28.37 63.67
C THR YA 171 1.15 -27.61 64.98
N PHE YA 172 -0.03 -27.02 65.20
CA PHE YA 172 -0.27 -26.22 66.40
C PHE YA 172 -0.27 -27.06 67.66
N ASN YA 173 -0.64 -28.34 67.56
CA ASN YA 173 -0.60 -29.20 68.74
C ASN YA 173 0.83 -29.46 69.18
N PHE YA 174 1.70 -29.84 68.24
CA PHE YA 174 3.11 -30.07 68.59
C PHE YA 174 3.80 -28.74 68.86
N MET YA 175 3.27 -27.66 68.30
CA MET YA 175 3.64 -26.32 68.70
C MET YA 175 3.42 -26.06 70.19
N ILE YA 176 2.23 -26.37 70.70
CA ILE YA 176 1.86 -25.79 71.99
C ILE YA 176 2.29 -26.69 73.15
N VAL YA 177 2.41 -28.00 72.92
CA VAL YA 177 2.73 -28.90 74.03
C VAL YA 177 4.23 -29.01 74.21
N PHE YA 178 5.01 -28.53 73.25
CA PHE YA 178 6.46 -28.62 73.34
C PHE YA 178 7.00 -27.74 74.47
N GLN YA 179 6.36 -26.59 74.69
CA GLN YA 179 6.76 -25.71 75.79
C GLN YA 179 6.45 -26.36 77.15
N ALA YA 180 5.48 -27.27 77.17
CA ALA YA 180 5.09 -27.91 78.43
C ALA YA 180 6.15 -28.88 78.93
N GLU YA 181 7.05 -29.31 78.06
CA GLU YA 181 8.00 -30.34 78.44
C GLU YA 181 9.46 -29.89 78.39
N HIS YA 182 9.77 -28.82 77.64
CA HIS YA 182 11.17 -28.50 77.39
C HIS YA 182 11.54 -27.01 77.46
N ASN YA 183 10.57 -26.10 77.54
CA ASN YA 183 10.82 -24.65 77.71
C ASN YA 183 11.61 -24.08 76.53
N ILE YA 184 10.92 -23.98 75.40
CA ILE YA 184 11.63 -23.69 74.15
C ILE YA 184 12.08 -22.23 74.04
N LEU YA 185 11.30 -21.26 74.51
CA LEU YA 185 11.65 -19.86 74.28
C LEU YA 185 12.81 -19.42 75.17
N MET YA 186 13.19 -20.27 76.12
CA MET YA 186 14.36 -20.06 76.94
C MET YA 186 15.56 -20.87 76.45
N HIS YA 187 15.38 -21.74 75.42
CA HIS YA 187 16.52 -22.50 74.96
C HIS YA 187 17.44 -21.61 74.14
N PRO YA 188 18.73 -21.58 74.45
CA PRO YA 188 19.65 -20.64 73.79
C PRO YA 188 19.81 -20.87 72.30
N PHE YA 189 19.57 -22.09 71.81
CA PHE YA 189 19.72 -22.32 70.37
C PHE YA 189 18.48 -21.87 69.60
N HIS YA 190 17.27 -22.05 70.16
CA HIS YA 190 16.07 -21.54 69.50
C HIS YA 190 15.89 -20.04 69.78
N MET YA 191 16.58 -19.56 70.81
CA MET YA 191 16.82 -18.14 71.03
C MET YA 191 17.49 -17.52 69.82
N PHE YA 192 18.46 -18.23 69.23
CA PHE YA 192 19.16 -17.77 68.05
C PHE YA 192 18.31 -17.94 66.80
N GLY YA 193 17.55 -19.02 66.74
CA GLY YA 193 16.73 -19.28 65.56
C GLY YA 193 15.68 -18.22 65.34
N VAL YA 194 15.03 -17.78 66.41
CA VAL YA 194 14.07 -16.69 66.30
C VAL YA 194 14.77 -15.39 65.95
N ALA YA 195 15.91 -15.12 66.60
CA ALA YA 195 16.69 -13.93 66.26
C ALA YA 195 17.27 -14.01 64.86
N GLY YA 196 17.48 -15.22 64.34
CA GLY YA 196 17.98 -15.34 62.98
C GLY YA 196 16.96 -14.99 61.93
N VAL YA 197 15.73 -15.49 62.05
CA VAL YA 197 14.72 -15.23 61.03
C VAL YA 197 14.27 -13.78 61.09
N PHE YA 198 14.32 -13.17 62.27
CA PHE YA 198 14.13 -11.72 62.34
C PHE YA 198 15.26 -11.00 61.61
N GLY YA 199 16.49 -11.48 61.76
CA GLY YA 199 17.59 -10.96 60.97
C GLY YA 199 17.49 -11.34 59.50
N GLY YA 200 17.05 -12.56 59.22
CA GLY YA 200 16.87 -12.98 57.84
C GLY YA 200 15.82 -12.15 57.12
N SER YA 201 14.71 -11.86 57.81
CA SER YA 201 13.71 -10.95 57.26
C SER YA 201 14.23 -9.52 57.22
N LEU YA 202 15.08 -9.14 58.19
CA LEU YA 202 15.71 -7.83 58.16
C LEU YA 202 16.65 -7.71 56.97
N PHE YA 203 17.49 -8.73 56.77
CA PHE YA 203 18.40 -8.73 55.62
C PHE YA 203 17.67 -8.95 54.31
N SER YA 204 16.47 -9.53 54.36
CA SER YA 204 15.67 -9.71 53.15
C SER YA 204 15.24 -8.36 52.58
N ALA YA 205 14.80 -7.45 53.45
CA ALA YA 205 14.28 -6.17 52.96
C ALA YA 205 15.41 -5.23 52.56
N MET YA 206 16.50 -5.20 53.34
CA MET YA 206 17.53 -4.17 53.11
C MET YA 206 18.29 -4.42 51.82
N HIS YA 207 18.65 -5.68 51.54
CA HIS YA 207 19.27 -5.99 50.26
C HIS YA 207 18.29 -5.85 49.12
N GLY YA 208 17.02 -6.21 49.37
CA GLY YA 208 16.00 -5.98 48.37
C GLY YA 208 15.78 -4.50 48.10
N SER YA 209 15.90 -3.69 49.15
CA SER YA 209 15.75 -2.25 48.98
C SER YA 209 16.96 -1.64 48.29
N LEU YA 210 18.17 -2.02 48.70
CA LEU YA 210 19.38 -1.40 48.18
C LEU YA 210 19.52 -1.63 46.68
N VAL YA 211 19.16 -2.82 46.21
CA VAL YA 211 19.15 -3.07 44.77
C VAL YA 211 18.04 -2.28 44.09
N THR YA 212 16.84 -2.27 44.69
CA THR YA 212 15.71 -1.57 44.09
C THR YA 212 15.88 -0.06 44.17
N SER YA 213 16.49 0.45 45.24
CA SER YA 213 16.70 1.89 45.37
C SER YA 213 17.67 2.41 44.31
N SER YA 214 18.71 1.64 44.00
CA SER YA 214 19.76 2.08 43.09
C SER YA 214 19.60 1.51 41.69
N LEU YA 215 18.37 1.35 41.21
CA LEU YA 215 18.15 0.91 39.83
C LEU YA 215 18.62 1.98 38.86
N ILE YA 216 19.26 1.55 37.78
CA ILE YA 216 19.70 2.47 36.75
C ILE YA 216 18.51 2.83 35.88
N ARG YA 217 18.35 4.12 35.59
CA ARG YA 217 17.21 4.57 34.79
C ARG YA 217 17.34 4.08 33.35
N GLU YA 218 16.58 3.04 33.02
CA GLU YA 218 16.61 2.46 31.69
C GLU YA 218 15.27 2.48 30.97
N THR YA 219 14.18 2.78 31.67
CA THR YA 219 12.85 2.86 31.09
C THR YA 219 12.15 4.13 31.56
N THR YA 220 10.86 4.23 31.23
CA THR YA 220 10.06 5.37 31.62
C THR YA 220 9.03 4.97 32.68
N GLU YA 221 8.20 5.93 33.07
CA GLU YA 221 7.25 5.72 34.16
C GLU YA 221 5.98 5.00 33.74
N ASN YA 222 5.66 4.94 32.45
CA ASN YA 222 4.50 4.21 31.98
C ASN YA 222 4.77 2.72 31.78
N GLU YA 223 5.97 2.27 32.09
CA GLU YA 223 6.29 0.85 32.09
C GLU YA 223 7.02 0.53 33.38
N SER YA 224 6.95 -0.74 33.78
CA SER YA 224 7.61 -1.18 34.99
C SER YA 224 9.12 -1.08 34.86
N ALA YA 225 9.79 -0.83 35.98
CA ALA YA 225 11.25 -0.86 35.98
C ALA YA 225 11.77 -2.26 35.71
N ASN YA 226 10.95 -3.28 35.93
CA ASN YA 226 11.31 -4.66 35.61
C ASN YA 226 11.58 -4.83 34.12
N ALA YA 227 10.92 -4.03 33.27
CA ALA YA 227 11.17 -4.10 31.83
C ALA YA 227 12.51 -3.49 31.45
N GLY YA 228 13.19 -2.80 32.36
CA GLY YA 228 14.49 -2.23 32.10
C GLY YA 228 15.64 -3.19 32.17
N TYR YA 229 15.40 -4.43 32.60
CA TYR YA 229 16.43 -5.46 32.69
C TYR YA 229 16.09 -6.59 31.72
N LYS YA 230 17.08 -6.97 30.91
CA LYS YA 230 16.94 -8.10 30.00
C LYS YA 230 17.61 -9.32 30.62
N PHE YA 231 17.15 -10.49 30.22
CA PHE YA 231 17.75 -11.74 30.69
C PHE YA 231 19.11 -11.98 30.05
N GLY YA 232 20.14 -12.10 30.88
CA GLY YA 232 21.45 -12.51 30.42
C GLY YA 232 22.38 -11.42 29.97
N GLN YA 233 22.18 -10.17 30.40
CA GLN YA 233 23.13 -9.13 30.06
C GLN YA 233 24.39 -9.26 30.91
N GLU YA 234 25.43 -8.48 30.57
CA GLU YA 234 26.70 -8.58 31.25
C GLU YA 234 26.94 -7.42 32.21
N GLU YA 235 26.33 -6.27 31.96
CA GLU YA 235 26.45 -5.10 32.83
C GLU YA 235 25.64 -5.32 34.11
N GLU YA 236 26.04 -4.63 35.19
CA GLU YA 236 25.29 -4.69 36.44
C GLU YA 236 23.91 -4.08 36.26
N THR YA 237 22.95 -4.53 37.07
CA THR YA 237 21.59 -4.03 36.99
C THR YA 237 21.37 -2.82 37.91
N TYR YA 238 22.33 -2.50 38.77
CA TYR YA 238 22.18 -1.43 39.74
C TYR YA 238 23.56 -0.91 40.12
N ASN YA 239 23.57 0.03 41.06
CA ASN YA 239 24.81 0.63 41.55
C ASN YA 239 25.12 0.08 42.94
N ILE YA 240 26.20 -0.69 43.05
CA ILE YA 240 26.61 -1.22 44.34
C ILE YA 240 27.14 -0.10 45.23
N VAL YA 241 27.95 0.80 44.65
CA VAL YA 241 28.54 1.89 45.41
C VAL YA 241 27.46 2.83 45.94
N ALA YA 242 26.46 3.15 45.11
CA ALA YA 242 25.37 3.99 45.59
C ALA YA 242 24.55 3.28 46.65
N ALA YA 243 24.37 1.97 46.52
CA ALA YA 243 23.67 1.21 47.54
C ALA YA 243 24.50 1.14 48.83
N HIS YA 244 25.77 0.75 48.71
CA HIS YA 244 26.62 0.66 49.89
C HIS YA 244 26.90 2.05 50.48
N GLY YA 245 27.09 3.06 49.62
CA GLY YA 245 27.36 4.39 50.12
C GLY YA 245 26.19 4.99 50.88
N TYR YA 246 24.97 4.72 50.42
CA TYR YA 246 23.79 5.10 51.18
C TYR YA 246 23.73 4.33 52.49
N PHE YA 247 24.09 3.04 52.44
CA PHE YA 247 24.08 2.21 53.63
C PHE YA 247 25.26 2.54 54.54
N GLY YA 248 26.35 3.06 53.96
CA GLY YA 248 27.50 3.45 54.76
C GLY YA 248 27.23 4.65 55.64
N ARG YA 249 26.51 5.64 55.14
CA ARG YA 249 26.19 6.83 55.93
C ARG YA 249 24.88 6.71 56.68
N LEU YA 250 24.20 5.57 56.60
CA LEU YA 250 22.94 5.40 57.32
C LEU YA 250 23.16 4.85 58.73
N ILE YA 251 24.09 3.91 58.91
CA ILE YA 251 24.36 3.35 60.23
C ILE YA 251 25.82 3.53 60.59
N PHE YA 252 26.72 2.91 59.83
CA PHE YA 252 28.15 2.95 60.13
C PHE YA 252 28.91 2.82 58.82
N GLN YA 253 30.05 3.54 58.73
CA GLN YA 253 30.84 3.53 57.50
C GLN YA 253 31.68 2.26 57.39
N TYR YA 254 32.55 2.03 58.38
CA TYR YA 254 33.49 0.92 58.36
C TYR YA 254 32.85 -0.42 58.69
N ALA YA 255 31.64 -0.43 59.26
CA ALA YA 255 30.97 -1.67 59.66
C ALA YA 255 29.90 -2.09 58.65
N SER YA 256 29.99 -1.62 57.42
CA SER YA 256 29.02 -1.94 56.39
C SER YA 256 29.69 -2.74 55.29
N PHE YA 257 28.89 -3.53 54.58
CA PHE YA 257 29.41 -4.42 53.54
C PHE YA 257 29.69 -3.63 52.28
N ASN YA 258 30.97 -3.42 51.98
CA ASN YA 258 31.41 -2.73 50.77
C ASN YA 258 31.55 -3.67 49.59
N ASN YA 259 31.22 -4.95 49.75
CA ASN YA 259 31.40 -5.95 48.71
C ASN YA 259 30.10 -6.74 48.55
N SER YA 260 29.70 -6.92 47.29
CA SER YA 260 28.47 -7.67 47.01
C SER YA 260 28.62 -9.13 47.38
N ARG YA 261 29.80 -9.71 47.15
CA ARG YA 261 30.05 -11.09 47.53
C ARG YA 261 30.09 -11.24 49.05
N SER YA 262 30.63 -10.24 49.74
CA SER YA 262 30.60 -10.25 51.20
C SER YA 262 29.18 -10.07 51.73
N LEU YA 263 28.38 -9.25 51.04
CA LEU YA 263 27.00 -9.05 51.47
C LEU YA 263 26.18 -10.32 51.32
N HIS YA 264 26.20 -10.93 50.12
CA HIS YA 264 25.40 -12.13 49.87
C HIS YA 264 25.83 -13.31 50.73
N PHE YA 265 27.10 -13.37 51.12
CA PHE YA 265 27.51 -14.44 52.03
C PHE YA 265 26.88 -14.23 53.40
N PHE YA 266 26.85 -12.99 53.88
CA PHE YA 266 26.15 -12.71 55.13
C PHE YA 266 24.64 -12.77 54.95
N LEU YA 267 24.17 -12.56 53.71
CA LEU YA 267 22.77 -12.86 53.42
C LEU YA 267 22.51 -14.35 53.48
N ALA YA 268 23.58 -15.15 53.33
CA ALA YA 268 23.41 -16.60 53.37
C ALA YA 268 23.87 -17.18 54.70
N VAL YA 269 24.94 -16.64 55.28
CA VAL YA 269 25.45 -17.31 56.46
C VAL YA 269 24.61 -16.96 57.70
N TRP YA 270 23.95 -15.80 57.72
CA TRP YA 270 23.19 -15.43 58.91
C TRP YA 270 21.86 -16.16 59.05
N PRO YA 271 21.00 -16.24 58.03
CA PRO YA 271 19.75 -16.97 58.25
C PRO YA 271 19.93 -18.46 58.28
N VAL YA 272 21.03 -19.00 57.73
CA VAL YA 272 21.15 -20.45 57.56
C VAL YA 272 21.72 -21.10 58.82
N VAL YA 273 22.80 -20.54 59.38
CA VAL YA 273 23.51 -21.20 60.48
C VAL YA 273 22.71 -21.13 61.80
N CYS YA 274 21.92 -20.09 61.98
CA CYS YA 274 20.99 -20.05 63.12
C CYS YA 274 19.91 -21.10 63.00
N ILE YA 275 19.59 -21.52 61.77
CA ILE YA 275 18.55 -22.52 61.57
C ILE YA 275 19.02 -23.93 61.93
N TRP YA 276 20.29 -24.31 61.67
CA TRP YA 276 20.69 -25.64 62.15
C TRP YA 276 20.67 -25.65 63.67
N LEU YA 277 21.11 -24.54 64.27
CA LEU YA 277 21.23 -24.45 65.73
C LEU YA 277 19.89 -24.64 66.42
N THR YA 278 18.86 -23.94 65.94
CA THR YA 278 17.51 -24.16 66.50
C THR YA 278 16.97 -25.53 66.12
N ALA YA 279 17.42 -26.10 65.01
CA ALA YA 279 17.10 -27.50 64.72
C ALA YA 279 17.83 -28.42 65.68
N LEU YA 280 19.10 -28.12 65.96
CA LEU YA 280 19.84 -28.95 66.90
C LEU YA 280 19.56 -28.53 68.33
N GLY YA 281 18.97 -27.35 68.52
CA GLY YA 281 18.38 -27.04 69.81
C GLY YA 281 17.17 -27.92 70.09
N ILE YA 282 16.41 -28.24 69.05
CA ILE YA 282 15.32 -29.22 69.17
C ILE YA 282 15.88 -30.58 69.53
N SER YA 283 16.98 -30.97 68.87
CA SER YA 283 17.57 -32.29 69.09
C SER YA 283 18.09 -32.46 70.51
N THR YA 284 18.77 -31.45 71.06
CA THR YA 284 19.30 -31.58 72.42
C THR YA 284 18.20 -31.62 73.47
N MET YA 285 17.10 -30.92 73.26
CA MET YA 285 15.95 -31.05 74.16
C MET YA 285 14.96 -32.09 73.69
N ALA YA 286 15.22 -32.73 72.54
CA ALA YA 286 14.55 -33.99 72.27
C ALA YA 286 15.02 -35.06 73.24
N PHE YA 287 16.29 -35.00 73.63
CA PHE YA 287 16.84 -35.84 74.67
C PHE YA 287 16.79 -35.16 76.04
N ASN YA 288 15.86 -34.22 76.21
CA ASN YA 288 15.49 -33.64 77.51
C ASN YA 288 16.66 -32.91 78.19
N LEU YA 289 17.36 -32.09 77.42
CA LEU YA 289 18.30 -31.16 78.04
C LEU YA 289 17.66 -29.82 78.31
N ASN YA 290 16.61 -29.48 77.54
CA ASN YA 290 15.71 -28.36 77.80
C ASN YA 290 16.36 -26.98 77.77
N GLY YA 291 15.54 -25.95 77.90
CA GLY YA 291 16.02 -24.58 77.88
C GLY YA 291 16.44 -24.08 79.24
N PHE YA 292 16.37 -22.77 79.40
CA PHE YA 292 16.73 -22.14 80.66
C PHE YA 292 15.62 -22.31 81.69
N ASN YA 293 16.00 -22.57 82.94
CA ASN YA 293 15.07 -22.75 84.06
C ASN YA 293 15.41 -21.69 85.10
N PHE YA 294 14.52 -20.72 85.28
CA PHE YA 294 14.76 -19.62 86.20
C PHE YA 294 13.58 -19.41 87.14
N ASN YA 295 12.83 -20.47 87.44
CA ASN YA 295 11.66 -20.37 88.31
C ASN YA 295 12.10 -20.05 89.73
N GLN YA 296 11.46 -19.02 90.33
CA GLN YA 296 11.69 -18.52 91.69
C GLN YA 296 13.18 -18.38 92.05
N SER YA 297 14.00 -18.06 91.06
CA SER YA 297 15.42 -17.86 91.32
C SER YA 297 15.68 -16.58 92.10
N VAL YA 298 14.81 -15.59 91.96
CA VAL YA 298 14.91 -14.34 92.68
C VAL YA 298 14.12 -14.48 93.98
N VAL YA 299 14.83 -14.43 95.10
CA VAL YA 299 14.20 -14.50 96.42
C VAL YA 299 14.73 -13.34 97.25
N ASP YA 300 13.92 -12.90 98.20
CA ASP YA 300 14.27 -11.76 99.04
C ASP YA 300 15.18 -12.20 100.17
N SER YA 301 15.40 -11.31 101.14
CA SER YA 301 16.19 -11.66 102.32
C SER YA 301 15.52 -12.73 103.14
N ASN YA 302 14.19 -12.77 103.14
CA ASN YA 302 13.44 -13.77 103.88
C ASN YA 302 13.27 -15.07 103.10
N GLY YA 303 13.73 -15.11 101.83
CA GLY YA 303 13.57 -16.28 101.00
C GLY YA 303 12.21 -16.45 100.38
N ARG YA 304 11.27 -15.55 100.65
CA ARG YA 304 9.94 -15.67 100.10
C ARG YA 304 9.97 -15.34 98.61
N VAL YA 305 9.08 -16.00 97.85
CA VAL YA 305 9.14 -15.92 96.39
C VAL YA 305 8.91 -14.47 95.95
N LEU YA 306 9.89 -13.92 95.25
CA LEU YA 306 9.75 -12.68 94.54
C LEU YA 306 9.38 -13.09 93.11
N ASN YA 307 8.09 -12.98 92.78
CA ASN YA 307 7.66 -13.42 91.45
C ASN YA 307 8.30 -12.59 90.36
N THR YA 308 8.81 -13.29 89.36
CA THR YA 308 9.47 -12.71 88.21
C THR YA 308 8.64 -13.04 86.99
N TRP YA 309 9.12 -12.60 85.82
CA TRP YA 309 8.51 -13.11 84.61
C TRP YA 309 8.75 -14.60 84.46
N ALA YA 310 9.77 -15.13 85.12
CA ALA YA 310 10.05 -16.57 85.04
C ALA YA 310 9.02 -17.39 85.82
N ASP YA 311 8.58 -16.87 86.97
CA ASP YA 311 7.41 -17.47 87.61
C ASP YA 311 6.19 -17.33 86.70
N ILE YA 312 6.06 -16.19 86.02
CA ILE YA 312 5.04 -16.02 84.99
C ILE YA 312 5.32 -16.93 83.80
N ILE YA 313 6.60 -17.15 83.46
CA ILE YA 313 6.93 -18.20 82.50
C ILE YA 313 6.46 -19.55 83.01
N ASN YA 314 6.75 -19.85 84.26
CA ASN YA 314 6.36 -21.12 84.86
C ASN YA 314 4.86 -21.29 84.95
N ARG YA 315 4.13 -20.25 85.39
CA ARG YA 315 2.68 -20.35 85.53
C ARG YA 315 2.01 -20.57 84.19
N ALA YA 316 2.47 -19.87 83.16
CA ALA YA 316 2.00 -20.12 81.80
C ALA YA 316 2.42 -21.51 81.33
N ASN YA 317 3.61 -21.95 81.75
CA ASN YA 317 4.02 -23.32 81.48
C ASN YA 317 3.19 -24.29 82.33
N LEU YA 318 2.83 -23.87 83.54
CA LEU YA 318 2.01 -24.70 84.42
C LEU YA 318 0.63 -24.95 83.85
N GLY YA 319 0.12 -24.03 83.03
CA GLY YA 319 -1.20 -24.21 82.45
C GLY YA 319 -1.27 -25.40 81.51
N MET YA 320 -0.16 -25.69 80.85
CA MET YA 320 -0.15 -26.80 79.90
C MET YA 320 0.24 -28.09 80.59
N GLU YA 321 1.27 -28.03 81.44
CA GLU YA 321 1.96 -29.22 81.92
C GLU YA 321 1.01 -30.12 82.71
N VAL YA 322 0.11 -29.53 83.49
CA VAL YA 322 -0.92 -30.32 84.18
C VAL YA 322 -2.06 -30.75 83.27
N MET YA 323 -2.08 -30.33 82.00
CA MET YA 323 -3.31 -30.41 81.22
C MET YA 323 -3.19 -31.07 79.85
N HIS YA 324 -2.06 -30.93 79.16
CA HIS YA 324 -1.87 -31.63 77.89
C HIS YA 324 -1.94 -33.14 78.10
N GLU YA 325 -2.43 -33.87 77.09
CA GLU YA 325 -2.77 -35.29 77.25
C GLU YA 325 -3.81 -35.48 78.34
N ARG YA 326 -5.06 -35.30 77.94
CA ARG YA 326 -6.15 -35.49 78.88
C ARG YA 326 -6.16 -36.88 79.53
N ASN YA 327 -5.98 -37.97 78.76
CA ASN YA 327 -6.23 -39.32 79.29
C ASN YA 327 -5.11 -40.33 79.03
N ALA YA 328 -3.92 -39.90 78.59
CA ALA YA 328 -2.75 -40.77 78.54
C ALA YA 328 -2.06 -40.86 79.90
N HIS YA 329 -2.71 -41.45 80.90
CA HIS YA 329 -2.41 -41.17 82.30
C HIS YA 329 -2.71 -42.34 83.23
N ASN YA 330 -1.66 -42.93 83.77
CA ASN YA 330 -1.78 -43.75 84.95
C ASN YA 330 -0.90 -43.24 86.08
N PHE YA 331 0.09 -42.42 85.76
CA PHE YA 331 1.10 -41.90 86.67
C PHE YA 331 1.33 -40.41 86.43
N PRO YA 332 1.64 -39.67 87.49
CA PRO YA 332 1.81 -38.21 87.34
C PRO YA 332 3.07 -37.77 86.59
N LEU YA 333 4.25 -38.26 86.97
CA LEU YA 333 5.51 -37.74 86.43
C LEU YA 333 5.63 -38.02 84.95
N ASP YA 334 6.00 -36.99 84.20
CA ASP YA 334 5.96 -37.02 82.74
C ASP YA 334 7.36 -37.32 82.19
N LEU YA 335 7.84 -38.52 82.51
CA LEU YA 335 9.16 -38.93 82.04
C LEU YA 335 9.16 -39.28 80.55
N ALA YA 336 8.06 -39.81 80.05
CA ALA YA 336 7.95 -40.16 78.63
C ALA YA 336 7.60 -38.93 77.80
N GLY ZA 1 4.54 -0.86 28.79
CA GLY ZA 1 3.10 -0.76 29.01
C GLY ZA 1 2.74 -0.63 30.48
N LEU ZA 2 1.52 -0.18 30.75
CA LEU ZA 2 1.10 0.04 32.13
C LEU ZA 2 0.97 -1.28 32.89
N PRO ZA 3 1.43 -1.32 34.13
CA PRO ZA 3 1.13 -2.48 34.99
C PRO ZA 3 -0.34 -2.43 35.43
N TRP ZA 4 -0.79 -3.53 36.03
CA TRP ZA 4 -2.18 -3.55 36.49
C TRP ZA 4 -2.37 -2.63 37.68
N TYR ZA 5 -1.36 -2.47 38.53
CA TYR ZA 5 -1.46 -1.67 39.73
C TYR ZA 5 -1.19 -0.19 39.49
N ARG ZA 6 -0.96 0.21 38.24
CA ARG ZA 6 -0.73 1.60 37.88
C ARG ZA 6 -1.72 2.11 36.85
N VAL ZA 7 -2.88 1.45 36.70
CA VAL ZA 7 -3.79 1.80 35.60
C VAL ZA 7 -4.43 3.16 35.84
N HIS ZA 8 -4.63 3.55 37.09
CA HIS ZA 8 -5.31 4.82 37.34
C HIS ZA 8 -4.42 6.03 37.12
N THR ZA 9 -3.11 5.86 36.93
CA THR ZA 9 -2.23 6.98 36.67
C THR ZA 9 -2.48 7.65 35.32
N VAL ZA 10 -3.41 7.12 34.53
CA VAL ZA 10 -3.75 7.64 33.21
C VAL ZA 10 -4.32 9.06 33.27
N VAL ZA 11 -4.95 9.45 34.37
CA VAL ZA 11 -5.68 10.71 34.42
C VAL ZA 11 -4.94 11.76 35.24
N ILE ZA 12 -3.63 11.59 35.46
CA ILE ZA 12 -2.89 12.54 36.29
C ILE ZA 12 -2.79 13.90 35.61
N ASN ZA 13 -2.43 13.91 34.33
CA ASN ZA 13 -2.30 15.15 33.57
C ASN ZA 13 -3.62 15.55 32.91
N ASP ZA 14 -4.68 14.78 33.14
CA ASP ZA 14 -6.00 15.07 32.59
C ASP ZA 14 -6.93 15.55 33.70
N PRO ZA 15 -7.08 16.87 33.90
CA PRO ZA 15 -8.00 17.34 34.95
C PRO ZA 15 -9.46 17.08 34.62
N GLY ZA 16 -9.82 17.14 33.34
CA GLY ZA 16 -11.19 16.83 32.95
C GLY ZA 16 -11.54 15.39 33.21
N ARG ZA 17 -10.57 14.48 33.04
CA ARG ZA 17 -10.81 13.09 33.38
C ARG ZA 17 -10.78 12.87 34.89
N LEU ZA 18 -10.07 13.75 35.63
CA LEU ZA 18 -10.07 13.65 37.09
C LEU ZA 18 -11.45 13.89 37.68
N ILE ZA 19 -12.19 14.85 37.13
CA ILE ZA 19 -13.51 15.17 37.64
C ILE ZA 19 -14.47 14.00 37.41
N SER ZA 20 -14.38 13.37 36.23
CA SER ZA 20 -15.27 12.25 35.91
C SER ZA 20 -15.00 11.05 36.81
N VAL ZA 21 -13.73 10.70 37.02
CA VAL ZA 21 -13.43 9.51 37.81
C VAL ZA 21 -13.70 9.76 39.29
N HIS ZA 22 -13.66 11.02 39.73
CA HIS ZA 22 -14.06 11.32 41.10
C HIS ZA 22 -15.58 11.29 41.22
N LEU ZA 23 -16.28 11.76 40.18
CA LEU ZA 23 -17.74 11.73 40.17
C LEU ZA 23 -18.26 10.29 40.11
N MET ZA 24 -17.61 9.44 39.33
CA MET ZA 24 -18.00 8.03 39.29
C MET ZA 24 -17.78 7.37 40.63
N HIS ZA 25 -16.69 7.71 41.30
CA HIS ZA 25 -16.45 7.17 42.64
C HIS ZA 25 -17.37 7.84 43.65
N THR ZA 26 -17.84 9.06 43.34
CA THR ZA 26 -18.86 9.68 44.16
C THR ZA 26 -20.20 8.96 44.01
N ALA ZA 27 -20.43 8.37 42.83
CA ALA ZA 27 -21.67 7.64 42.59
C ALA ZA 27 -21.70 6.32 43.37
N LEU ZA 28 -20.57 5.62 43.41
CA LEU ZA 28 -20.53 4.31 44.06
C LEU ZA 28 -20.69 4.43 45.57
N VAL ZA 29 -20.10 5.46 46.16
CA VAL ZA 29 -20.19 5.66 47.61
C VAL ZA 29 -21.61 6.08 47.99
N ALA ZA 30 -22.20 7.00 47.22
CA ALA ZA 30 -23.58 7.43 47.50
C ALA ZA 30 -24.58 6.35 47.13
N GLY ZA 31 -24.26 5.55 46.10
CA GLY ZA 31 -25.14 4.44 45.73
C GLY ZA 31 -25.19 3.37 46.80
N TRP ZA 32 -24.04 3.06 47.38
CA TRP ZA 32 -24.01 2.15 48.53
C TRP ZA 32 -24.71 2.76 49.73
N ALA ZA 33 -24.72 4.09 49.83
CA ALA ZA 33 -25.38 4.76 50.95
C ALA ZA 33 -26.88 4.48 50.96
N GLY ZA 34 -27.52 4.55 49.79
CA GLY ZA 34 -28.94 4.30 49.74
C GLY ZA 34 -29.30 2.83 49.68
N ALA ZA 35 -28.53 2.05 48.91
CA ALA ZA 35 -28.91 0.67 48.62
C ALA ZA 35 -28.85 -0.22 49.86
N MET ZA 36 -27.80 -0.08 50.67
CA MET ZA 36 -27.73 -0.89 51.87
C MET ZA 36 -28.56 -0.27 52.99
N THR ZA 37 -28.92 1.00 52.87
CA THR ZA 37 -29.95 1.55 53.75
C THR ZA 37 -31.28 0.88 53.45
N LEU ZA 38 -31.55 0.62 52.18
CA LEU ZA 38 -32.72 -0.17 51.79
C LEU ZA 38 -32.61 -1.59 52.33
N PHE ZA 39 -31.38 -2.11 52.45
CA PHE ZA 39 -31.19 -3.45 52.99
C PHE ZA 39 -31.54 -3.52 54.46
N GLU ZA 40 -31.11 -2.53 55.23
CA GLU ZA 40 -31.28 -2.60 56.68
C GLU ZA 40 -32.73 -2.44 57.09
N ILE ZA 41 -33.55 -1.76 56.27
CA ILE ZA 41 -34.94 -1.53 56.64
C ILE ZA 41 -35.75 -2.81 56.46
N ALA ZA 42 -35.49 -3.56 55.38
CA ALA ZA 42 -36.28 -4.76 55.09
C ALA ZA 42 -36.01 -5.87 56.09
N VAL ZA 43 -34.85 -5.86 56.74
CA VAL ZA 43 -34.50 -6.89 57.72
C VAL ZA 43 -34.61 -6.38 59.16
N PHE ZA 44 -35.15 -5.18 59.36
CA PHE ZA 44 -35.32 -4.62 60.69
C PHE ZA 44 -36.71 -4.98 61.20
N ASP ZA 45 -36.78 -5.50 62.43
CA ASP ZA 45 -38.04 -5.78 63.10
C ASP ZA 45 -38.14 -4.84 64.30
N PRO ZA 46 -38.77 -3.68 64.15
CA PRO ZA 46 -38.82 -2.70 65.24
C PRO ZA 46 -39.89 -2.94 66.29
N SER ZA 47 -40.46 -4.15 66.36
CA SER ZA 47 -41.54 -4.44 67.29
C SER ZA 47 -41.08 -4.48 68.74
N ASP ZA 48 -39.77 -4.45 69.01
CA ASP ZA 48 -39.27 -4.45 70.37
C ASP ZA 48 -37.95 -3.68 70.43
N PRO ZA 49 -38.01 -2.35 70.44
CA PRO ZA 49 -36.78 -1.56 70.62
C PRO ZA 49 -36.17 -1.70 72.01
N VAL ZA 50 -36.93 -2.19 72.99
CA VAL ZA 50 -36.48 -2.28 74.37
C VAL ZA 50 -35.46 -3.41 74.51
N LEU ZA 51 -35.85 -4.63 74.16
CA LEU ZA 51 -34.99 -5.79 74.36
C LEU ZA 51 -34.32 -6.27 73.08
N ASN ZA 52 -34.77 -5.81 71.91
CA ASN ZA 52 -34.10 -6.10 70.65
C ASN ZA 52 -33.94 -4.81 69.84
N PRO ZA 53 -33.08 -3.90 70.29
CA PRO ZA 53 -32.84 -2.67 69.53
C PRO ZA 53 -31.99 -2.95 68.31
N MET ZA 54 -31.64 -1.88 67.59
CA MET ZA 54 -30.95 -2.03 66.32
C MET ZA 54 -29.52 -2.51 66.47
N TRP ZA 55 -28.83 -2.12 67.56
CA TRP ZA 55 -27.45 -2.57 67.68
C TRP ZA 55 -27.33 -4.03 68.09
N ARG ZA 56 -28.45 -4.67 68.44
CA ARG ZA 56 -28.48 -6.11 68.59
C ARG ZA 56 -28.73 -6.83 67.27
N GLN ZA 57 -29.11 -6.09 66.22
CA GLN ZA 57 -29.46 -6.67 64.93
C GLN ZA 57 -28.42 -6.40 63.85
N GLY ZA 58 -27.17 -6.10 64.22
CA GLY ZA 58 -26.15 -5.84 63.23
C GLY ZA 58 -26.39 -4.59 62.41
N MET ZA 59 -27.22 -3.68 62.91
CA MET ZA 59 -27.64 -2.52 62.15
C MET ZA 59 -26.52 -1.48 62.19
N PHE ZA 60 -25.97 -1.14 61.03
CA PHE ZA 60 -24.77 -0.31 60.98
C PHE ZA 60 -25.01 1.15 60.64
N VAL ZA 61 -25.67 1.43 59.52
CA VAL ZA 61 -25.94 2.84 59.19
C VAL ZA 61 -27.30 3.30 59.70
N LEU ZA 62 -28.19 2.39 60.08
CA LEU ZA 62 -29.42 2.80 60.75
C LEU ZA 62 -29.19 3.69 61.96
N PRO ZA 63 -28.26 3.40 62.89
CA PRO ZA 63 -28.05 4.37 63.98
C PRO ZA 63 -27.50 5.70 63.52
N PHE ZA 64 -26.70 5.72 62.45
CA PHE ZA 64 -26.12 6.97 62.00
C PHE ZA 64 -27.16 7.94 61.42
N LEU ZA 65 -28.26 7.43 60.87
CA LEU ZA 65 -29.36 8.32 60.52
C LEU ZA 65 -30.01 8.92 61.76
N THR ZA 66 -30.02 8.16 62.86
CA THR ZA 66 -30.75 8.58 64.05
C THR ZA 66 -30.03 9.70 64.78
N ARG ZA 67 -28.70 9.71 64.73
CA ARG ZA 67 -27.94 10.70 65.49
C ARG ZA 67 -27.98 12.08 64.85
N LEU ZA 68 -28.51 12.19 63.64
CA LEU ZA 68 -28.57 13.48 62.95
C LEU ZA 68 -29.99 13.99 62.76
N GLY ZA 69 -31.01 13.14 62.90
CA GLY ZA 69 -32.37 13.64 62.78
C GLY ZA 69 -33.38 12.71 62.12
N VAL ZA 70 -32.91 11.70 61.39
CA VAL ZA 70 -33.85 10.77 60.77
C VAL ZA 70 -34.26 9.76 61.83
N THR ZA 71 -35.50 9.89 62.32
CA THR ZA 71 -36.04 9.01 63.34
C THR ZA 71 -37.20 8.14 62.86
N GLN ZA 72 -38.00 8.62 61.92
CA GLN ZA 72 -39.18 7.92 61.44
C GLN ZA 72 -38.94 7.31 60.06
N SER ZA 73 -39.71 6.28 59.76
CA SER ZA 73 -39.63 5.57 58.48
C SER ZA 73 -40.98 5.57 57.81
N TRP ZA 74 -40.98 5.23 56.51
CA TRP ZA 74 -42.22 5.07 55.77
C TRP ZA 74 -42.96 3.79 56.12
N GLY ZA 75 -42.36 2.91 56.93
CA GLY ZA 75 -42.99 1.70 57.40
C GLY ZA 75 -43.99 1.89 58.52
N GLY ZA 76 -44.25 3.13 58.92
CA GLY ZA 76 -45.22 3.42 59.96
C GLY ZA 76 -44.70 3.27 61.37
N TRP ZA 77 -43.39 3.14 61.55
CA TRP ZA 77 -42.81 2.92 62.87
C TRP ZA 77 -41.68 3.91 63.12
N THR ZA 78 -41.41 4.13 64.40
CA THR ZA 78 -40.28 4.92 64.87
C THR ZA 78 -39.52 4.08 65.88
N ILE ZA 79 -38.18 4.11 65.79
CA ILE ZA 79 -37.37 3.25 66.65
C ILE ZA 79 -37.44 3.65 68.12
N SER ZA 80 -37.92 4.85 68.44
CA SER ZA 80 -38.06 5.26 69.83
C SER ZA 80 -39.21 4.56 70.54
N GLY ZA 81 -40.08 3.86 69.80
CA GLY ZA 81 -41.19 3.15 70.39
C GLY ZA 81 -42.55 3.75 70.17
N GLU ZA 82 -42.66 4.78 69.33
CA GLU ZA 82 -43.92 5.45 69.07
C GLU ZA 82 -44.32 5.24 67.62
N THR ZA 83 -45.45 5.82 67.25
CA THR ZA 83 -46.01 5.68 65.90
C THR ZA 83 -45.61 6.88 65.05
N SER ZA 84 -45.23 6.60 63.80
CA SER ZA 84 -44.84 7.64 62.85
C SER ZA 84 -46.04 7.93 61.96
N SER ZA 85 -46.83 8.93 62.35
CA SER ZA 85 -48.03 9.28 61.57
C SER ZA 85 -47.66 9.90 60.23
N ASN ZA 86 -46.75 10.87 60.23
CA ASN ZA 86 -46.31 11.53 59.00
C ASN ZA 86 -44.80 11.58 58.98
N PRO ZA 87 -44.15 10.49 58.57
CA PRO ZA 87 -42.68 10.53 58.40
C PRO ZA 87 -42.24 11.48 57.30
N GLY ZA 88 -43.12 11.83 56.37
CA GLY ZA 88 -42.80 12.75 55.32
C GLY ZA 88 -41.88 12.13 54.28
N ILE ZA 89 -41.33 12.99 53.44
CA ILE ZA 89 -40.39 12.53 52.41
C ILE ZA 89 -39.07 12.11 53.06
N TRP ZA 90 -38.69 12.74 54.17
CA TRP ZA 90 -37.39 12.47 54.77
C TRP ZA 90 -37.52 11.36 55.82
N SER ZA 91 -37.50 10.14 55.31
CA SER ZA 91 -37.57 8.93 56.11
C SER ZA 91 -36.33 8.07 55.84
N TYR ZA 92 -36.29 6.88 56.44
CA TYR ZA 92 -35.16 5.98 56.22
C TYR ZA 92 -35.18 5.44 54.79
N GLU ZA 93 -36.35 4.95 54.36
CA GLU ZA 93 -36.59 4.73 52.93
C GLU ZA 93 -36.43 6.01 52.14
N GLY ZA 94 -36.85 7.15 52.69
CA GLY ZA 94 -36.70 8.41 51.99
C GLY ZA 94 -35.26 8.82 51.81
N ALA ZA 95 -34.44 8.66 52.86
CA ALA ZA 95 -33.01 8.96 52.73
C ALA ZA 95 -32.34 7.98 51.79
N ALA ZA 96 -32.77 6.72 51.81
CA ALA ZA 96 -32.25 5.73 50.88
C ALA ZA 96 -32.65 6.09 49.45
N ALA ZA 97 -33.89 6.52 49.25
CA ALA ZA 97 -34.31 6.95 47.92
C ALA ZA 97 -33.59 8.21 47.49
N SER ZA 98 -33.27 9.09 48.44
CA SER ZA 98 -32.57 10.32 48.11
C SER ZA 98 -31.11 10.04 47.73
N HIS ZA 99 -30.51 9.01 48.32
CA HIS ZA 99 -29.13 8.69 48.00
C HIS ZA 99 -29.02 8.03 46.63
N ILE ZA 100 -29.96 7.15 46.29
CA ILE ZA 100 -29.91 6.46 45.00
C ILE ZA 100 -30.20 7.44 43.87
N VAL ZA 101 -31.17 8.32 44.06
CA VAL ZA 101 -31.49 9.34 43.05
C VAL ZA 101 -30.27 10.25 42.83
N LEU ZA 102 -29.62 10.65 43.92
CA LEU ZA 102 -28.42 11.47 43.82
C LEU ZA 102 -27.26 10.70 43.19
N SER ZA 103 -27.07 9.43 43.58
CA SER ZA 103 -25.96 8.66 43.03
C SER ZA 103 -26.17 8.40 41.53
N GLY ZA 104 -27.41 8.14 41.12
CA GLY ZA 104 -27.71 7.98 39.71
C GLY ZA 104 -27.40 9.23 38.91
N LEU ZA 105 -27.61 10.40 39.53
CA LEU ZA 105 -27.14 11.63 38.94
C LEU ZA 105 -25.62 11.65 38.87
N LEU ZA 106 -24.95 11.14 39.91
CA LEU ZA 106 -23.50 11.12 39.93
C LEU ZA 106 -22.93 10.15 38.90
N PHE ZA 107 -23.63 9.04 38.62
CA PHE ZA 107 -23.23 8.22 37.47
C PHE ZA 107 -23.39 8.98 36.17
N LEU ZA 108 -24.50 9.71 36.04
CA LEU ZA 108 -24.83 10.35 34.77
C LEU ZA 108 -24.02 11.61 34.55
N ALA ZA 109 -23.61 12.28 35.63
CA ALA ZA 109 -22.82 13.49 35.51
C ALA ZA 109 -21.38 13.17 35.10
N SER ZA 110 -20.84 12.05 35.57
CA SER ZA 110 -19.46 11.70 35.24
C SER ZA 110 -19.31 11.34 33.77
N VAL ZA 111 -20.39 10.87 33.15
CA VAL ZA 111 -20.34 10.51 31.73
C VAL ZA 111 -20.11 11.76 30.88
N TRP ZA 112 -20.68 12.89 31.31
CA TRP ZA 112 -20.47 14.14 30.60
C TRP ZA 112 -19.01 14.59 30.67
N HIS ZA 113 -18.40 14.48 31.85
CA HIS ZA 113 -17.05 15.01 32.02
C HIS ZA 113 -15.97 14.12 31.42
N TRP ZA 114 -16.18 12.80 31.38
CA TRP ZA 114 -15.22 11.94 30.70
C TRP ZA 114 -15.20 12.22 29.20
N VAL ZA 115 -16.37 12.50 28.62
CA VAL ZA 115 -16.44 12.90 27.21
C VAL ZA 115 -15.84 14.29 27.03
N TYR ZA 116 -16.28 15.24 27.85
CA TYR ZA 116 -15.79 16.61 27.77
C TYR ZA 116 -14.68 16.84 28.79
N TRP ZA 117 -13.63 16.03 28.69
CA TRP ZA 117 -12.46 16.23 29.54
C TRP ZA 117 -11.63 17.41 29.09
N ASP ZA 118 -11.72 17.76 27.81
CA ASP ZA 118 -10.86 18.80 27.22
C ASP ZA 118 -11.58 20.15 27.26
N LEU ZA 119 -11.39 20.82 28.39
CA LEU ZA 119 -11.87 22.20 28.57
C LEU ZA 119 -10.67 23.10 28.82
N GLU ZA 120 -10.75 24.34 28.35
CA GLU ZA 120 -9.67 25.30 28.53
C GLU ZA 120 -9.57 25.83 29.95
N LEU ZA 121 -10.55 25.53 30.82
CA LEU ZA 121 -10.45 25.92 32.22
C LEU ZA 121 -9.28 25.22 32.90
N PHE ZA 122 -8.95 24.01 32.46
CA PHE ZA 122 -7.84 23.25 32.99
C PHE ZA 122 -6.50 23.67 32.41
N ARG ZA 123 -6.50 24.65 31.50
CA ARG ZA 123 -5.28 25.16 30.90
C ARG ZA 123 -5.02 26.56 31.42
N ASP ZA 124 -3.77 26.82 31.81
CA ASP ZA 124 -3.42 28.14 32.29
C ASP ZA 124 -3.32 29.11 31.11
N PRO ZA 125 -3.64 30.39 31.30
CA PRO ZA 125 -3.59 31.33 30.17
C PRO ZA 125 -2.19 31.75 29.78
N ARG ZA 126 -1.18 31.50 30.61
CA ARG ZA 126 0.16 31.99 30.31
C ARG ZA 126 0.82 31.17 29.21
N THR ZA 127 0.92 29.86 29.39
CA THR ZA 127 1.56 29.00 28.41
C THR ZA 127 0.59 28.07 27.68
N GLY ZA 128 -0.63 27.88 28.20
CA GLY ZA 128 -1.61 27.03 27.56
C GLY ZA 128 -1.56 25.58 27.97
N LYS ZA 129 -0.57 25.17 28.74
CA LYS ZA 129 -0.47 23.77 29.16
C LYS ZA 129 -1.54 23.45 30.20
N THR ZA 130 -1.82 22.17 30.36
CA THR ZA 130 -2.77 21.73 31.38
C THR ZA 130 -2.16 21.95 32.76
N ALA ZA 131 -2.82 22.78 33.57
CA ALA ZA 131 -2.29 23.11 34.89
C ALA ZA 131 -3.44 23.39 35.84
N LEU ZA 132 -3.15 23.25 37.13
CA LEU ZA 132 -4.14 23.46 38.19
C LEU ZA 132 -3.56 24.41 39.22
N ASP ZA 133 -4.33 25.44 39.58
CA ASP ZA 133 -3.93 26.37 40.64
C ASP ZA 133 -4.40 25.78 41.97
N LEU ZA 134 -3.69 24.74 42.40
CA LEU ZA 134 -4.05 24.00 43.61
C LEU ZA 134 -4.16 24.83 44.89
N PRO ZA 135 -3.31 25.85 45.15
CA PRO ZA 135 -3.62 26.73 46.30
C PRO ZA 135 -4.96 27.44 46.21
N LYS ZA 136 -5.39 27.83 45.01
CA LYS ZA 136 -6.67 28.52 44.87
C LYS ZA 136 -7.84 27.53 44.96
N ILE ZA 137 -7.67 26.34 44.38
CA ILE ZA 137 -8.69 25.30 44.49
C ILE ZA 137 -8.89 24.91 45.95
N PHE ZA 138 -7.79 24.83 46.70
CA PHE ZA 138 -7.89 24.50 48.11
C PHE ZA 138 -8.53 25.64 48.90
N GLY ZA 139 -8.27 26.88 48.47
CA GLY ZA 139 -8.79 28.02 49.22
C GLY ZA 139 -10.29 28.09 49.25
N ILE ZA 140 -10.94 27.88 48.10
CA ILE ZA 140 -12.39 27.83 48.07
C ILE ZA 140 -12.89 26.57 48.78
N HIS ZA 141 -12.17 25.46 48.60
CA HIS ZA 141 -12.56 24.21 49.25
C HIS ZA 141 -12.43 24.30 50.76
N LEU ZA 142 -11.42 25.02 51.25
CA LEU ZA 142 -11.33 25.29 52.68
C LEU ZA 142 -12.42 26.28 53.10
N PHE ZA 143 -12.82 27.16 52.17
CA PHE ZA 143 -13.84 28.16 52.47
C PHE ZA 143 -15.24 27.54 52.52
N LEU ZA 144 -15.61 26.79 51.46
CA LEU ZA 144 -16.98 26.30 51.35
C LEU ZA 144 -17.26 25.23 52.40
N ALA ZA 145 -16.23 24.46 52.78
CA ALA ZA 145 -16.40 23.47 53.85
C ALA ZA 145 -16.66 24.15 55.18
N GLY ZA 146 -16.10 25.35 55.37
CA GLY ZA 146 -16.32 26.08 56.60
C GLY ZA 146 -17.76 26.50 56.77
N LEU ZA 147 -18.37 27.04 55.72
CA LEU ZA 147 -19.75 27.50 55.81
C LEU ZA 147 -20.71 26.34 55.99
N LEU ZA 148 -20.39 25.19 55.36
CA LEU ZA 148 -21.22 24.00 55.57
C LEU ZA 148 -21.02 23.44 56.97
N CYS ZA 149 -19.78 23.49 57.49
CA CYS ZA 149 -19.53 23.03 58.85
C CYS ZA 149 -20.15 23.99 59.86
N PHE ZA 150 -20.00 25.30 59.63
CA PHE ZA 150 -20.61 26.29 60.50
C PHE ZA 150 -22.12 26.21 60.46
N GLY ZA 151 -22.69 26.07 59.25
CA GLY ZA 151 -24.13 25.97 59.12
C GLY ZA 151 -24.69 24.71 59.76
N PHE ZA 152 -23.94 23.61 59.65
CA PHE ZA 152 -24.34 22.36 60.31
C PHE ZA 152 -24.36 22.54 61.83
N GLY ZA 153 -23.40 23.28 62.36
CA GLY ZA 153 -23.32 23.47 63.80
C GLY ZA 153 -24.17 24.62 64.33
N ALA ZA 154 -24.56 25.56 63.46
CA ALA ZA 154 -25.34 26.70 63.91
C ALA ZA 154 -26.82 26.59 63.61
N PHE ZA 155 -27.22 25.70 62.72
CA PHE ZA 155 -28.63 25.59 62.34
C PHE ZA 155 -29.19 24.19 62.46
N HIS ZA 156 -28.40 23.17 62.12
CA HIS ZA 156 -28.92 21.80 62.13
C HIS ZA 156 -28.93 21.21 63.54
N VAL ZA 157 -27.81 21.32 64.25
CA VAL ZA 157 -27.70 20.69 65.56
C VAL ZA 157 -28.17 21.61 66.70
N THR ZA 158 -28.32 22.91 66.46
CA THR ZA 158 -28.84 23.80 67.49
C THR ZA 158 -30.36 23.85 67.51
N GLY ZA 159 -31.02 23.33 66.48
CA GLY ZA 159 -32.47 23.28 66.44
C GLY ZA 159 -33.17 24.56 66.03
N VAL ZA 160 -32.42 25.63 65.72
CA VAL ZA 160 -33.07 26.85 65.26
C VAL ZA 160 -33.66 26.64 63.88
N PHE ZA 161 -33.05 25.79 63.06
CA PHE ZA 161 -33.61 25.38 61.78
C PHE ZA 161 -33.63 23.87 61.60
N GLY ZA 162 -32.64 23.16 62.12
CA GLY ZA 162 -32.56 21.73 61.96
C GLY ZA 162 -33.20 20.98 63.11
N PRO ZA 163 -33.01 19.65 63.13
CA PRO ZA 163 -33.62 18.82 64.18
C PRO ZA 163 -32.75 18.54 65.38
N GLY ZA 164 -31.47 18.89 65.34
CA GLY ZA 164 -30.56 18.55 66.42
C GLY ZA 164 -29.91 17.21 66.21
N ILE ZA 165 -29.42 16.64 67.31
CA ILE ZA 165 -28.73 15.35 67.32
C ILE ZA 165 -29.35 14.49 68.41
N TRP ZA 166 -28.95 13.22 68.44
CA TRP ZA 166 -29.41 12.33 69.50
C TRP ZA 166 -28.68 12.66 70.80
N VAL ZA 167 -29.41 13.21 71.76
CA VAL ZA 167 -28.91 13.45 73.10
C VAL ZA 167 -29.70 12.56 74.04
N SER ZA 168 -29.00 11.65 74.71
CA SER ZA 168 -29.65 10.67 75.58
C SER ZA 168 -29.11 10.80 76.99
N ASP ZA 169 -29.79 10.12 77.91
CA ASP ZA 169 -29.39 10.11 79.30
C ASP ZA 169 -28.09 9.32 79.47
N PRO ZA 170 -27.36 9.53 80.57
CA PRO ZA 170 -26.06 8.86 80.74
C PRO ZA 170 -26.12 7.33 80.72
N TYR ZA 171 -27.27 6.72 80.98
CA TYR ZA 171 -27.38 5.27 80.97
C TYR ZA 171 -28.24 4.75 79.82
N GLY ZA 172 -28.64 5.63 78.90
CA GLY ZA 172 -29.37 5.22 77.72
C GLY ZA 172 -30.74 4.62 77.98
N LEU ZA 173 -31.53 5.25 78.86
CA LEU ZA 173 -32.85 4.74 79.18
C LEU ZA 173 -33.91 5.32 78.24
N THR ZA 174 -34.07 6.64 78.23
CA THR ZA 174 -35.12 7.25 77.41
C THR ZA 174 -34.66 7.45 75.97
N GLY ZA 175 -33.66 8.30 75.76
CA GLY ZA 175 -33.16 8.59 74.43
C GLY ZA 175 -34.07 9.52 73.63
N SER ZA 176 -33.49 10.48 72.92
CA SER ZA 176 -34.26 11.41 72.13
C SER ZA 176 -33.35 12.13 71.14
N VAL ZA 177 -33.96 12.75 70.15
CA VAL ZA 177 -33.28 13.66 69.23
C VAL ZA 177 -33.88 15.04 69.45
N GLN ZA 178 -33.07 15.98 69.88
CA GLN ZA 178 -33.54 17.30 70.23
C GLN ZA 178 -32.41 18.30 70.03
N PRO ZA 179 -32.73 19.59 69.94
CA PRO ZA 179 -31.67 20.61 69.91
C PRO ZA 179 -30.82 20.61 71.17
N VAL ZA 180 -29.55 20.97 71.00
CA VAL ZA 180 -28.60 21.04 72.10
C VAL ZA 180 -27.98 22.43 72.11
N ALA ZA 181 -27.87 23.01 73.32
CA ALA ZA 181 -27.27 24.34 73.44
C ALA ZA 181 -25.75 24.25 73.35
N PRO ZA 182 -25.10 25.23 72.73
CA PRO ZA 182 -23.64 25.20 72.64
C PRO ZA 182 -22.98 25.41 73.99
N SER ZA 183 -21.79 24.82 74.14
CA SER ZA 183 -20.98 24.96 75.34
C SER ZA 183 -19.64 25.57 74.93
N TRP ZA 184 -19.46 26.85 75.25
CA TRP ZA 184 -18.26 27.59 74.88
C TRP ZA 184 -17.20 27.60 75.97
N GLY ZA 185 -17.41 26.88 77.07
CA GLY ZA 185 -16.46 26.83 78.16
C GLY ZA 185 -15.57 25.61 78.10
N ALA ZA 186 -14.98 25.29 79.26
CA ALA ZA 186 -14.12 24.12 79.36
C ALA ZA 186 -14.90 22.82 79.18
N GLU ZA 187 -16.16 22.80 79.61
CA GLU ZA 187 -17.00 21.64 79.41
C GLU ZA 187 -17.36 21.42 77.94
N GLY ZA 188 -17.13 22.43 77.09
CA GLY ZA 188 -17.34 22.26 75.66
C GLY ZA 188 -16.34 21.34 75.00
N PHE ZA 189 -15.20 21.10 75.65
CA PHE ZA 189 -14.22 20.15 75.18
C PHE ZA 189 -14.33 18.80 75.88
N ASP ZA 190 -15.32 18.64 76.73
CA ASP ZA 190 -15.61 17.33 77.28
C ASP ZA 190 -16.14 16.47 76.15
N PRO ZA 191 -15.52 15.32 75.86
CA PRO ZA 191 -15.99 14.49 74.73
C PRO ZA 191 -17.42 13.99 74.91
N TYR ZA 192 -17.83 13.71 76.14
CA TYR ZA 192 -19.16 13.23 76.43
C TYR ZA 192 -20.20 14.34 76.49
N ASN ZA 193 -19.79 15.60 76.54
CA ASN ZA 193 -20.74 16.70 76.66
C ASN ZA 193 -21.43 16.94 75.33
N PRO ZA 194 -22.76 16.83 75.24
CA PRO ZA 194 -23.44 17.06 73.96
C PRO ZA 194 -23.35 18.48 73.46
N GLY ZA 195 -23.11 19.45 74.33
CA GLY ZA 195 -23.02 20.83 73.90
C GLY ZA 195 -21.75 21.20 73.18
N GLY ZA 196 -20.76 20.30 73.15
CA GLY ZA 196 -19.53 20.58 72.44
C GLY ZA 196 -19.71 20.60 70.93
N VAL ZA 197 -20.51 19.69 70.41
CA VAL ZA 197 -20.74 19.53 68.97
C VAL ZA 197 -21.29 20.81 68.32
N PRO ZA 198 -22.30 21.51 68.87
CA PRO ZA 198 -22.68 22.78 68.23
C PRO ZA 198 -21.63 23.86 68.35
N ALA ZA 199 -21.01 24.01 69.52
CA ALA ZA 199 -20.01 25.05 69.71
C ALA ZA 199 -18.74 24.76 68.92
N HIS ZA 200 -18.43 23.48 68.71
CA HIS ZA 200 -17.30 23.12 67.86
C HIS ZA 200 -17.48 23.59 66.42
N HIS ZA 201 -18.52 23.08 65.76
CA HIS ZA 201 -18.69 23.30 64.33
C HIS ZA 201 -18.89 24.77 63.98
N ILE ZA 202 -19.44 25.56 64.90
CA ILE ZA 202 -19.56 26.99 64.69
C ILE ZA 202 -18.18 27.64 64.71
N ALA ZA 203 -17.39 27.34 65.74
CA ALA ZA 203 -16.07 27.94 65.87
C ALA ZA 203 -15.12 27.42 64.80
N ALA ZA 204 -15.15 26.11 64.55
CA ALA ZA 204 -14.30 25.54 63.51
C ALA ZA 204 -14.76 25.95 62.11
N GLY ZA 205 -16.08 26.04 61.90
CA GLY ZA 205 -16.58 26.48 60.61
C GLY ZA 205 -16.25 27.93 60.31
N ILE ZA 206 -16.34 28.80 61.33
CA ILE ZA 206 -15.94 30.19 61.16
C ILE ZA 206 -14.44 30.28 60.85
N LEU ZA 207 -13.63 29.47 61.54
CA LEU ZA 207 -12.21 29.44 61.26
C LEU ZA 207 -11.93 28.94 59.85
N GLY ZA 208 -12.74 28.01 59.36
CA GLY ZA 208 -12.60 27.56 57.99
C GLY ZA 208 -12.92 28.65 56.97
N VAL ZA 209 -13.89 29.51 57.29
CA VAL ZA 209 -14.26 30.60 56.39
C VAL ZA 209 -13.12 31.61 56.28
N LEU ZA 210 -12.56 32.01 57.42
CA LEU ZA 210 -11.50 33.03 57.39
C LEU ZA 210 -10.20 32.46 56.81
N ALA ZA 211 -9.87 31.22 57.15
CA ALA ZA 211 -8.67 30.60 56.58
C ALA ZA 211 -8.86 30.31 55.10
N GLY ZA 212 -10.09 29.97 54.70
CA GLY ZA 212 -10.37 29.79 53.29
C GLY ZA 212 -10.23 31.08 52.51
N LEU ZA 213 -10.73 32.19 53.08
CA LEU ZA 213 -10.59 33.49 52.43
C LEU ZA 213 -9.14 33.94 52.38
N PHE ZA 214 -8.35 33.58 53.40
CA PHE ZA 214 -6.95 33.99 53.45
C PHE ZA 214 -6.16 33.40 52.30
N HIS ZA 215 -6.37 32.13 51.99
CA HIS ZA 215 -5.68 31.47 50.89
C HIS ZA 215 -6.08 31.99 49.53
N LEU ZA 216 -7.24 32.65 49.42
CA LEU ZA 216 -7.63 33.25 48.16
C LEU ZA 216 -6.70 34.39 47.78
N CYS ZA 217 -6.50 35.34 48.68
CA CYS ZA 217 -5.73 36.53 48.39
C CYS ZA 217 -4.23 36.28 48.51
N VAL ZA 218 -3.81 35.71 49.64
CA VAL ZA 218 -2.39 35.55 49.92
C VAL ZA 218 -1.89 34.25 49.29
N ARG ZA 219 -0.81 34.35 48.51
CA ARG ZA 219 -0.19 33.25 47.81
C ARG ZA 219 0.89 32.59 48.67
N PRO ZA 220 1.21 31.32 48.43
CA PRO ZA 220 2.28 30.67 49.18
C PRO ZA 220 3.66 31.17 48.75
N SER ZA 221 4.69 30.53 49.29
CA SER ZA 221 6.06 30.97 49.04
C SER ZA 221 6.83 29.96 48.19
N ILE ZA 222 7.90 30.46 47.56
CA ILE ZA 222 8.73 29.59 46.72
C ILE ZA 222 9.50 28.58 47.57
N ARG ZA 223 9.98 28.98 48.76
CA ARG ZA 223 10.69 28.04 49.61
C ARG ZA 223 9.77 26.93 50.09
N LEU ZA 224 8.52 27.25 50.39
CA LEU ZA 224 7.54 26.22 50.71
C LEU ZA 224 7.06 25.51 49.44
N TYR ZA 225 7.24 26.13 48.28
CA TYR ZA 225 6.91 25.47 47.02
C TYR ZA 225 7.89 24.35 46.69
N PHE ZA 226 9.17 24.54 47.01
CA PHE ZA 226 10.18 23.55 46.64
C PHE ZA 226 10.03 22.29 47.50
N GLY ZA 227 9.94 22.45 48.82
CA GLY ZA 227 9.89 21.29 49.70
C GLY ZA 227 8.64 20.45 49.53
N LEU ZA 228 7.49 21.09 49.45
CA LEU ZA 228 6.22 20.37 49.34
C LEU ZA 228 5.90 19.97 47.90
N SER ZA 229 6.42 20.69 46.91
CA SER ZA 229 6.14 20.48 45.48
C SER ZA 229 4.64 20.51 45.22
N MET ZA 230 4.02 21.61 45.67
CA MET ZA 230 2.56 21.75 45.62
C MET ZA 230 2.03 21.90 44.21
N GLY ZA 231 2.90 22.12 43.22
CA GLY ZA 231 2.48 22.13 41.83
C GLY ZA 231 2.21 20.76 41.25
N SER ZA 232 2.52 19.70 42.00
CA SER ZA 232 2.22 18.33 41.63
C SER ZA 232 0.96 17.89 42.35
N ILE ZA 233 0.07 17.21 41.64
CA ILE ZA 233 -1.19 16.75 42.22
C ILE ZA 233 -0.96 15.68 43.29
N GLU ZA 234 0.11 14.89 43.19
CA GLU ZA 234 0.38 13.86 44.17
C GLU ZA 234 0.84 14.43 45.51
N SER ZA 235 1.39 15.65 45.52
CA SER ZA 235 1.68 16.30 46.79
C SER ZA 235 0.39 16.56 47.56
N VAL ZA 236 -0.65 16.97 46.84
CA VAL ZA 236 -1.96 17.16 47.45
C VAL ZA 236 -2.55 15.82 47.85
N LEU ZA 237 -2.36 14.80 47.01
CA LEU ZA 237 -2.84 13.46 47.33
C LEU ZA 237 -2.15 12.91 48.57
N SER ZA 238 -0.85 13.16 48.69
CA SER ZA 238 -0.12 12.71 49.87
C SER ZA 238 -0.57 13.44 51.13
N SER ZA 239 -0.94 14.72 51.00
CA SER ZA 239 -1.43 15.46 52.15
C SER ZA 239 -2.90 15.14 52.43
N SER ZA 240 -3.67 14.87 51.38
CA SER ZA 240 -5.08 14.51 51.59
C SER ZA 240 -5.21 13.11 52.15
N ILE ZA 241 -4.37 12.17 51.70
CA ILE ZA 241 -4.37 10.84 52.29
C ILE ZA 241 -3.83 10.89 53.72
N ALA ZA 242 -3.04 11.91 54.02
CA ALA ZA 242 -2.58 12.10 55.40
C ALA ZA 242 -3.73 12.57 56.28
N ALA ZA 243 -4.62 13.39 55.73
CA ALA ZA 243 -5.74 13.92 56.50
C ALA ZA 243 -6.82 12.86 56.70
N VAL ZA 244 -6.92 11.89 55.79
CA VAL ZA 244 -8.02 10.95 55.88
C VAL ZA 244 -7.71 9.83 56.88
N PHE ZA 245 -6.42 9.51 57.07
CA PHE ZA 245 -6.11 8.51 58.09
C PHE ZA 245 -5.81 9.17 59.43
N TRP ZA 246 -5.64 10.49 59.43
CA TRP ZA 246 -5.56 11.24 60.69
C TRP ZA 246 -6.82 11.08 61.50
N ALA ZA 247 -7.97 11.34 60.87
CA ALA ZA 247 -9.25 11.20 61.56
C ALA ZA 247 -9.63 9.75 61.76
N ALA ZA 248 -9.02 8.83 60.99
CA ALA ZA 248 -9.39 7.42 61.06
C ALA ZA 248 -9.12 6.82 62.44
N PHE ZA 249 -7.98 7.16 63.05
CA PHE ZA 249 -7.76 6.75 64.43
C PHE ZA 249 -8.69 7.49 65.37
N VAL ZA 250 -8.97 8.76 65.06
CA VAL ZA 250 -9.78 9.60 65.95
C VAL ZA 250 -11.24 9.14 65.92
N VAL ZA 251 -11.78 8.88 64.72
CA VAL ZA 251 -13.16 8.41 64.65
C VAL ZA 251 -13.28 7.00 65.21
N ALA ZA 252 -12.23 6.18 65.08
CA ALA ZA 252 -12.25 4.86 65.70
C ALA ZA 252 -11.98 4.95 67.19
N GLY ZA 253 -11.18 5.94 67.61
CA GLY ZA 253 -10.92 6.11 69.02
C GLY ZA 253 -12.15 6.54 69.81
N THR ZA 254 -12.92 7.48 69.28
CA THR ZA 254 -14.11 7.92 69.99
C THR ZA 254 -15.25 6.92 69.83
N MET ZA 255 -15.19 6.07 68.79
CA MET ZA 255 -16.23 5.07 68.61
C MET ZA 255 -16.10 3.96 69.64
N TRP ZA 256 -14.88 3.47 69.85
CA TRP ZA 256 -14.70 2.38 70.79
C TRP ZA 256 -14.82 2.86 72.23
N TYR ZA 257 -14.39 4.09 72.49
CA TYR ZA 257 -14.36 4.61 73.85
C TYR ZA 257 -15.64 5.34 74.24
N GLY ZA 258 -16.36 5.90 73.27
CA GLY ZA 258 -17.62 6.53 73.58
C GLY ZA 258 -17.48 8.00 73.88
N SER ZA 259 -18.47 8.78 73.41
CA SER ZA 259 -18.51 10.22 73.60
C SER ZA 259 -19.95 10.68 73.35
N ALA ZA 260 -20.12 12.00 73.24
CA ALA ZA 260 -21.43 12.56 72.96
C ALA ZA 260 -21.91 12.19 71.55
N ALA ZA 261 -21.00 12.17 70.58
CA ALA ZA 261 -21.33 11.81 69.22
C ALA ZA 261 -21.47 10.30 69.02
N THR ZA 262 -21.17 9.51 70.05
CA THR ZA 262 -21.23 8.05 69.98
C THR ZA 262 -22.10 7.56 71.14
N PRO ZA 263 -23.42 7.60 70.99
CA PRO ZA 263 -24.30 7.18 72.09
C PRO ZA 263 -24.34 5.66 72.26
N ILE ZA 264 -25.14 5.21 73.22
CA ILE ZA 264 -25.22 3.79 73.53
C ILE ZA 264 -26.56 3.17 73.18
N GLU ZA 265 -27.64 3.95 73.11
CA GLU ZA 265 -28.90 3.38 72.65
C GLU ZA 265 -28.86 3.03 71.17
N LEU ZA 266 -27.90 3.59 70.43
CA LEU ZA 266 -27.73 3.35 69.01
C LEU ZA 266 -26.69 2.29 68.70
N PHE ZA 267 -25.70 2.12 69.58
CA PHE ZA 267 -24.58 1.24 69.30
C PHE ZA 267 -24.32 0.22 70.40
N GLY ZA 268 -25.07 0.27 71.51
CA GLY ZA 268 -24.82 -0.60 72.61
C GLY ZA 268 -23.78 -0.02 73.54
N PRO ZA 269 -23.56 -0.65 74.69
CA PRO ZA 269 -22.50 -0.20 75.58
C PRO ZA 269 -21.13 -0.46 74.98
N THR ZA 270 -20.16 0.31 75.44
CA THR ZA 270 -18.78 0.00 75.10
C THR ZA 270 -18.27 -1.08 76.05
N ARG ZA 271 -17.12 -1.66 75.70
CA ARG ZA 271 -16.53 -2.71 76.53
C ARG ZA 271 -16.12 -2.17 77.90
N TYR ZA 272 -15.82 -0.88 77.98
CA TYR ZA 272 -15.37 -0.29 79.24
C TYR ZA 272 -16.51 -0.14 80.22
N GLN ZA 273 -17.75 -0.04 79.73
CA GLN ZA 273 -18.91 0.01 80.61
C GLN ZA 273 -19.06 -1.29 81.39
N TRP ZA 274 -18.76 -2.41 80.74
CA TRP ZA 274 -18.76 -3.70 81.44
C TRP ZA 274 -17.51 -3.83 82.29
N ASP ZA 275 -16.44 -3.10 81.94
CA ASP ZA 275 -15.21 -3.15 82.74
C ASP ZA 275 -15.38 -2.41 84.06
N GLN ZA 276 -15.64 -1.10 84.00
CA GLN ZA 276 -15.72 -0.28 85.20
C GLN ZA 276 -17.10 -0.30 85.83
N GLY ZA 277 -17.97 -1.22 85.40
CA GLY ZA 277 -19.26 -1.43 86.02
C GLY ZA 277 -20.22 -0.26 85.98
N PHE ZA 278 -20.32 0.40 84.82
CA PHE ZA 278 -21.19 1.55 84.69
C PHE ZA 278 -22.66 1.16 84.82
N PHE ZA 279 -23.03 0.00 84.26
CA PHE ZA 279 -24.43 -0.41 84.30
C PHE ZA 279 -24.69 -1.39 85.42
N GLN ZA 280 -23.65 -2.06 85.93
CA GLN ZA 280 -23.84 -2.92 87.09
C GLN ZA 280 -24.11 -2.09 88.34
N GLN ZA 281 -23.29 -1.07 88.57
CA GLN ZA 281 -23.40 -0.25 89.78
C GLN ZA 281 -24.69 0.56 89.80
N GLU ZA 282 -25.14 1.03 88.62
CA GLU ZA 282 -26.33 1.86 88.57
C GLU ZA 282 -27.58 1.09 88.97
N ILE ZA 283 -27.71 -0.16 88.52
CA ILE ZA 283 -28.84 -0.99 88.93
C ILE ZA 283 -28.77 -1.25 90.43
N GLN ZA 284 -27.56 -1.52 90.94
CA GLN ZA 284 -27.38 -1.67 92.37
C GLN ZA 284 -27.65 -0.37 93.13
N LYS ZA 285 -27.24 0.77 92.56
CA LYS ZA 285 -27.54 2.05 93.22
C LYS ZA 285 -29.03 2.33 93.22
N ARG ZA 286 -29.73 1.94 92.16
CA ARG ZA 286 -31.18 2.06 92.14
C ARG ZA 286 -31.84 1.02 93.04
N VAL ZA 287 -31.11 -0.02 93.42
CA VAL ZA 287 -31.60 -0.99 94.40
C VAL ZA 287 -31.17 -0.60 95.81
N ALA ZA 288 -29.97 -0.04 95.96
CA ALA ZA 288 -29.56 0.52 97.24
C ALA ZA 288 -30.48 1.66 97.66
N GLN ZA 289 -30.82 2.54 96.71
CA GLN ZA 289 -31.89 3.48 96.92
C GLN ZA 289 -33.22 2.75 96.80
N SER ZA 290 -34.28 3.32 97.39
CA SER ZA 290 -35.62 2.75 97.44
C SER ZA 290 -35.67 1.40 98.16
N THR ZA 291 -34.69 1.10 99.02
CA THR ZA 291 -34.76 -0.06 99.89
C THR ZA 291 -34.58 0.36 101.34
N SER ZA 292 -33.78 1.40 101.57
CA SER ZA 292 -33.64 1.98 102.90
C SER ZA 292 -34.88 2.73 103.34
N GLU ZA 293 -35.82 2.97 102.43
CA GLU ZA 293 -37.08 3.63 102.75
C GLU ZA 293 -38.25 2.67 102.52
N GLY ZA 294 -38.07 1.41 102.91
CA GLY ZA 294 -39.09 0.41 102.69
C GLY ZA 294 -38.93 -0.26 101.33
N LEU ZA 295 -39.96 -1.04 100.97
CA LEU ZA 295 -40.04 -1.81 99.72
C LEU ZA 295 -38.76 -2.61 99.45
N SER ZA 296 -38.56 -3.60 100.32
CA SER ZA 296 -37.35 -4.42 100.37
C SER ZA 296 -37.17 -5.30 99.13
N VAL ZA 297 -36.14 -6.16 99.17
CA VAL ZA 297 -35.67 -6.90 98.00
C VAL ZA 297 -36.69 -7.86 97.40
N SER ZA 298 -37.84 -8.08 98.03
CA SER ZA 298 -38.90 -8.82 97.37
C SER ZA 298 -39.42 -8.03 96.16
N GLU ZA 299 -39.57 -6.72 96.33
CA GLU ZA 299 -39.97 -5.81 95.28
C GLU ZA 299 -38.81 -4.86 94.97
N ALA ZA 300 -39.11 -3.83 94.15
CA ALA ZA 300 -38.22 -2.75 93.75
C ALA ZA 300 -37.11 -3.22 92.81
N TRP ZA 301 -37.02 -4.52 92.55
CA TRP ZA 301 -36.22 -5.00 91.44
C TRP ZA 301 -36.97 -4.87 90.13
N ALA ZA 302 -38.31 -4.87 90.19
CA ALA ZA 302 -39.11 -4.54 89.01
C ALA ZA 302 -39.06 -3.06 88.72
N LYS ZA 303 -38.64 -2.24 89.69
CA LYS ZA 303 -38.39 -0.82 89.45
C LYS ZA 303 -37.22 -0.60 88.50
N ILE ZA 304 -36.32 -1.57 88.39
CA ILE ZA 304 -35.20 -1.50 87.45
C ILE ZA 304 -35.78 -1.60 86.04
N PRO ZA 305 -35.49 -0.65 85.16
CA PRO ZA 305 -36.04 -0.71 83.80
C PRO ZA 305 -35.49 -1.88 83.00
N GLU ZA 306 -36.32 -2.36 82.07
CA GLU ZA 306 -35.94 -3.50 81.24
C GLU ZA 306 -34.74 -3.19 80.35
N LYS ZA 307 -34.58 -1.93 79.96
CA LYS ZA 307 -33.45 -1.58 79.11
C LYS ZA 307 -32.14 -1.53 79.90
N LEU ZA 308 -32.20 -1.06 81.14
CA LEU ZA 308 -31.00 -1.01 81.97
C LEU ZA 308 -30.54 -2.41 82.37
N ALA ZA 309 -31.49 -3.29 82.70
CA ALA ZA 309 -31.12 -4.67 83.02
C ALA ZA 309 -30.57 -5.38 81.79
N PHE ZA 310 -31.03 -4.97 80.59
CA PHE ZA 310 -30.46 -5.51 79.37
C PHE ZA 310 -29.06 -4.94 79.13
N TYR ZA 311 -28.78 -3.75 79.68
CA TYR ZA 311 -27.49 -3.13 79.51
C TYR ZA 311 -26.42 -3.77 80.39
N ASP ZA 312 -26.82 -4.51 81.42
CA ASP ZA 312 -25.88 -5.18 82.33
C ASP ZA 312 -25.61 -6.62 81.91
N TYR ZA 313 -25.65 -6.90 80.62
CA TYR ZA 313 -25.40 -8.23 80.10
C TYR ZA 313 -24.24 -8.15 79.11
N ILE ZA 314 -23.34 -9.12 79.17
CA ILE ZA 314 -22.18 -9.12 78.27
C ILE ZA 314 -22.57 -9.58 76.87
N GLY ZA 315 -23.83 -9.94 76.65
CA GLY ZA 315 -24.33 -10.19 75.32
C GLY ZA 315 -24.48 -8.94 74.48
N ASN ZA 316 -24.23 -7.77 75.07
CA ASN ZA 316 -24.21 -6.50 74.36
C ASN ZA 316 -22.81 -5.92 74.24
N ASN ZA 317 -21.80 -6.59 74.79
CA ASN ZA 317 -20.44 -6.08 74.76
C ASN ZA 317 -19.86 -6.21 73.36
N PRO ZA 318 -19.26 -5.16 72.81
CA PRO ZA 318 -18.67 -5.26 71.46
C PRO ZA 318 -17.32 -5.92 71.42
N ALA ZA 319 -16.76 -6.32 72.57
CA ALA ZA 319 -15.46 -6.97 72.64
C ALA ZA 319 -15.58 -8.42 73.06
N LYS ZA 320 -16.59 -9.12 72.55
CA LYS ZA 320 -16.79 -10.54 72.82
C LYS ZA 320 -17.15 -11.34 71.58
N GLY ZA 321 -17.04 -10.75 70.40
CA GLY ZA 321 -17.42 -11.41 69.18
C GLY ZA 321 -16.33 -12.32 68.63
N GLY ZA 322 -16.24 -12.35 67.31
CA GLY ZA 322 -15.23 -13.14 66.63
C GLY ZA 322 -15.02 -12.63 65.23
N LEU ZA 323 -13.83 -12.96 64.68
CA LEU ZA 323 -13.47 -12.48 63.36
C LEU ZA 323 -14.35 -13.06 62.26
N PHE ZA 324 -14.85 -14.28 62.45
CA PHE ZA 324 -15.65 -14.93 61.42
C PHE ZA 324 -16.97 -15.46 61.97
N ARG ZA 325 -17.36 -15.01 63.16
CA ARG ZA 325 -18.72 -15.15 63.65
C ARG ZA 325 -19.49 -14.01 63.00
N THR ZA 326 -19.99 -14.24 61.80
CA THR ZA 326 -20.55 -13.18 60.98
C THR ZA 326 -22.01 -12.92 61.31
N GLY ZA 327 -22.45 -11.71 61.06
CA GLY ZA 327 -23.85 -11.35 61.15
C GLY ZA 327 -24.22 -10.60 62.42
N ALA ZA 328 -25.50 -10.63 62.71
CA ALA ZA 328 -26.09 -9.87 63.80
C ALA ZA 328 -25.86 -10.57 65.14
N MET ZA 329 -26.07 -9.81 66.22
CA MET ZA 329 -25.97 -10.36 67.57
C MET ZA 329 -27.10 -11.34 67.86
N ASN ZA 330 -28.33 -10.98 67.45
CA ASN ZA 330 -29.45 -11.89 67.70
C ASN ZA 330 -29.34 -13.17 66.89
N SER ZA 331 -28.56 -13.14 65.80
CA SER ZA 331 -28.29 -14.35 65.03
C SER ZA 331 -27.28 -15.26 65.72
N GLY ZA 332 -26.64 -14.81 66.80
CA GLY ZA 332 -25.67 -15.62 67.50
C GLY ZA 332 -26.21 -16.36 68.71
N ASP ZA 333 -26.95 -15.66 69.58
CA ASP ZA 333 -27.45 -16.25 70.81
C ASP ZA 333 -28.95 -16.06 70.98
N GLY ZA 334 -29.66 -15.70 69.92
CA GLY ZA 334 -31.10 -15.56 69.98
C GLY ZA 334 -31.57 -14.17 70.34
N ILE ZA 335 -32.89 -13.98 70.23
CA ILE ZA 335 -33.53 -12.71 70.51
C ILE ZA 335 -33.95 -12.69 71.96
N ALA ZA 336 -33.58 -11.62 72.68
CA ALA ZA 336 -33.88 -11.49 74.10
C ALA ZA 336 -35.39 -11.46 74.32
N VAL ZA 337 -35.91 -12.48 74.98
CA VAL ZA 337 -37.34 -12.59 75.21
C VAL ZA 337 -37.78 -11.77 76.42
N GLY ZA 338 -37.10 -11.93 77.55
CA GLY ZA 338 -37.46 -11.21 78.74
C GLY ZA 338 -36.38 -11.30 79.79
N TRP ZA 339 -36.45 -10.38 80.74
CA TRP ZA 339 -35.56 -10.39 81.89
C TRP ZA 339 -36.17 -11.30 82.95
N LEU ZA 340 -35.45 -12.37 83.28
CA LEU ZA 340 -35.99 -13.34 84.22
C LEU ZA 340 -35.84 -12.89 85.66
N GLY ZA 341 -35.09 -11.82 85.92
CA GLY ZA 341 -34.91 -11.29 87.25
C GLY ZA 341 -33.47 -11.36 87.72
N HIS ZA 342 -33.20 -10.68 88.83
CA HIS ZA 342 -31.86 -10.68 89.39
C HIS ZA 342 -31.59 -11.94 90.18
N ALA ZA 343 -30.39 -12.48 90.03
CA ALA ZA 343 -29.99 -13.71 90.70
C ALA ZA 343 -29.36 -13.38 92.05
N SER ZA 344 -30.00 -13.82 93.12
CA SER ZA 344 -29.49 -13.69 94.48
C SER ZA 344 -29.14 -15.08 94.99
N PHE ZA 345 -27.89 -15.25 95.42
CA PHE ZA 345 -27.36 -16.56 95.79
C PHE ZA 345 -27.16 -16.66 97.29
N LYS ZA 346 -27.73 -17.70 97.89
CA LYS ZA 346 -27.68 -17.94 99.32
C LYS ZA 346 -27.12 -19.31 99.61
N ASP ZA 347 -26.23 -19.40 100.58
CA ASP ZA 347 -25.70 -20.66 101.05
C ASP ZA 347 -26.68 -21.26 102.06
N GLN ZA 348 -26.25 -22.29 102.79
CA GLN ZA 348 -27.15 -22.92 103.76
C GLN ZA 348 -27.39 -22.04 104.97
N GLU ZA 349 -26.34 -21.40 105.50
CA GLU ZA 349 -26.51 -20.63 106.72
C GLU ZA 349 -27.15 -19.27 106.46
N GLY ZA 350 -27.09 -18.76 105.22
CA GLY ZA 350 -27.82 -17.56 104.89
C GLY ZA 350 -27.02 -16.38 104.38
N ARG ZA 351 -25.77 -16.59 104.02
CA ARG ZA 351 -24.95 -15.50 103.50
C ARG ZA 351 -25.28 -15.23 102.04
N GLU ZA 352 -25.54 -13.97 101.72
CA GLU ZA 352 -25.83 -13.57 100.35
C GLU ZA 352 -24.54 -13.62 99.53
N LEU ZA 353 -24.49 -14.56 98.59
CA LEU ZA 353 -23.33 -14.75 97.74
C LEU ZA 353 -23.56 -14.07 96.40
N PHE ZA 354 -22.45 -13.68 95.77
CA PHE ZA 354 -22.47 -12.96 94.51
C PHE ZA 354 -21.62 -13.73 93.51
N VAL ZA 355 -21.98 -13.61 92.23
CA VAL ZA 355 -21.17 -14.22 91.18
C VAL ZA 355 -20.11 -13.24 90.72
N ARG ZA 356 -18.85 -13.67 90.78
CA ARG ZA 356 -17.78 -12.92 90.14
C ARG ZA 356 -18.02 -12.94 88.64
N ARG ZA 357 -18.18 -11.78 88.03
CA ARG ZA 357 -18.58 -11.72 86.64
C ARG ZA 357 -17.42 -12.04 85.71
N MET ZA 358 -17.76 -12.41 84.48
CA MET ZA 358 -16.81 -12.97 83.53
C MET ZA 358 -16.09 -11.85 82.79
N PRO ZA 359 -14.78 -11.70 82.95
CA PRO ZA 359 -14.07 -10.57 82.33
C PRO ZA 359 -13.96 -10.70 80.83
N THR ZA 360 -13.79 -9.53 80.18
CA THR ZA 360 -13.88 -9.43 78.73
C THR ZA 360 -12.85 -10.29 77.99
N PHE ZA 361 -11.68 -10.51 78.60
CA PHE ZA 361 -10.65 -11.32 77.97
C PHE ZA 361 -11.09 -12.77 77.79
N PHE ZA 362 -11.76 -13.32 78.78
CA PHE ZA 362 -11.97 -14.76 78.84
C PHE ZA 362 -13.10 -15.21 77.93
N GLU ZA 363 -12.88 -16.34 77.25
CA GLU ZA 363 -13.95 -17.01 76.53
C GLU ZA 363 -14.76 -17.90 77.47
N THR ZA 364 -14.08 -18.75 78.23
CA THR ZA 364 -14.70 -19.61 79.22
C THR ZA 364 -14.11 -19.28 80.59
N PHE ZA 365 -14.98 -19.15 81.59
CA PHE ZA 365 -14.54 -18.78 82.93
C PHE ZA 365 -15.16 -19.71 83.97
N PRO ZA 366 -14.34 -20.26 84.85
CA PRO ZA 366 -14.88 -21.03 85.99
C PRO ZA 366 -15.88 -20.22 86.80
N VAL ZA 367 -17.07 -20.79 86.97
CA VAL ZA 367 -18.12 -20.15 87.76
C VAL ZA 367 -17.73 -20.22 89.22
N VAL ZA 368 -17.66 -19.07 89.87
CA VAL ZA 368 -17.22 -18.96 91.26
C VAL ZA 368 -18.21 -18.11 92.02
N LEU ZA 369 -18.72 -18.64 93.13
CA LEU ZA 369 -19.63 -17.92 94.02
C LEU ZA 369 -18.82 -17.35 95.18
N ILE ZA 370 -18.96 -16.06 95.42
CA ILE ZA 370 -18.13 -15.33 96.37
C ILE ZA 370 -19.01 -14.40 97.21
N ASP ZA 371 -18.73 -14.32 98.51
CA ASP ZA 371 -19.61 -13.63 99.46
C ASP ZA 371 -19.29 -12.13 99.51
N LYS ZA 372 -19.89 -11.46 100.50
CA LYS ZA 372 -19.69 -10.03 100.68
C LYS ZA 372 -18.25 -9.72 101.06
N ASP ZA 373 -17.63 -10.57 101.88
CA ASP ZA 373 -16.30 -10.32 102.39
C ASP ZA 373 -15.20 -10.67 101.41
N GLY ZA 374 -15.52 -10.87 100.13
CA GLY ZA 374 -14.52 -11.12 99.12
C GLY ZA 374 -13.84 -12.47 99.21
N VAL ZA 375 -14.48 -13.45 99.85
CA VAL ZA 375 -13.91 -14.79 100.00
C VAL ZA 375 -14.79 -15.78 99.26
N VAL ZA 376 -14.16 -16.66 98.48
CA VAL ZA 376 -14.90 -17.66 97.71
C VAL ZA 376 -15.59 -18.62 98.67
N ARG ZA 377 -16.87 -18.86 98.44
CA ARG ZA 377 -17.66 -19.77 99.26
C ARG ZA 377 -18.19 -20.96 98.49
N ALA ZA 378 -18.33 -20.85 97.17
CA ALA ZA 378 -18.81 -21.97 96.35
C ALA ZA 378 -18.35 -21.77 94.92
N ASP ZA 379 -18.42 -22.86 94.16
CA ASP ZA 379 -18.10 -22.88 92.73
C ASP ZA 379 -18.66 -24.14 92.13
N VAL ZA 380 -18.56 -24.27 90.81
CA VAL ZA 380 -18.75 -25.58 90.19
C VAL ZA 380 -17.36 -26.18 90.00
N PRO ZA 381 -17.01 -27.21 90.77
CA PRO ZA 381 -15.65 -27.73 90.73
C PRO ZA 381 -15.41 -28.56 89.48
N PHE ZA 382 -14.24 -28.37 88.88
CA PHE ZA 382 -13.82 -29.23 87.78
C PHE ZA 382 -13.60 -30.65 88.25
N ARG ZA 383 -13.02 -30.83 89.44
CA ARG ZA 383 -12.62 -32.15 89.90
C ARG ZA 383 -13.81 -32.96 90.38
N LYS ZA 384 -14.61 -32.38 91.28
CA LYS ZA 384 -15.80 -33.02 91.90
C LYS ZA 384 -15.47 -34.31 92.65
N ALA ZA 385 -14.17 -34.61 92.81
CA ALA ZA 385 -13.68 -35.71 93.62
C ALA ZA 385 -12.60 -35.10 94.49
N GLU ZA 386 -12.66 -35.40 95.80
CA GLU ZA 386 -11.86 -34.71 96.82
C GLU ZA 386 -12.17 -33.21 96.82
N SER ZA 387 -13.39 -32.86 96.42
CA SER ZA 387 -13.81 -31.48 96.28
C SER ZA 387 -14.33 -30.95 97.62
N LYS ZA 388 -14.19 -29.63 97.79
CA LYS ZA 388 -14.53 -28.99 99.05
C LYS ZA 388 -15.50 -27.84 98.90
N TYR ZA 389 -15.81 -27.42 97.66
CA TYR ZA 389 -16.60 -26.21 97.44
C TYR ZA 389 -17.73 -26.43 96.45
N SER ZA 390 -18.18 -27.67 96.27
CA SER ZA 390 -19.26 -27.95 95.33
C SER ZA 390 -20.59 -27.44 95.89
N ILE ZA 391 -21.55 -27.24 94.99
CA ILE ZA 391 -22.86 -26.71 95.37
C ILE ZA 391 -23.60 -27.68 96.27
N GLU ZA 392 -23.41 -28.98 96.08
CA GLU ZA 392 -24.04 -29.98 96.94
C GLU ZA 392 -23.56 -29.85 98.39
N GLN ZA 393 -22.25 -29.70 98.58
CA GLN ZA 393 -21.71 -29.60 99.94
C GLN ZA 393 -22.02 -28.25 100.56
N VAL ZA 394 -21.84 -27.16 99.81
CA VAL ZA 394 -22.13 -25.83 100.33
C VAL ZA 394 -23.63 -25.62 100.51
N GLY ZA 395 -24.45 -26.15 99.61
CA GLY ZA 395 -25.88 -25.96 99.70
C GLY ZA 395 -26.30 -24.57 99.27
N VAL ZA 396 -26.14 -24.28 97.99
CA VAL ZA 396 -26.45 -22.95 97.46
C VAL ZA 396 -27.83 -22.98 96.81
N SER ZA 397 -28.68 -22.03 97.21
CA SER ZA 397 -29.99 -21.84 96.62
C SER ZA 397 -30.07 -20.45 96.02
N VAL ZA 398 -30.81 -20.33 94.92
CA VAL ZA 398 -30.90 -19.09 94.16
C VAL ZA 398 -32.35 -18.61 94.16
N THR ZA 399 -32.54 -17.31 94.38
CA THR ZA 399 -33.85 -16.69 94.38
C THR ZA 399 -33.84 -15.49 93.43
N PHE ZA 400 -35.00 -15.17 92.87
CA PHE ZA 400 -35.10 -14.17 91.82
C PHE ZA 400 -36.17 -13.15 92.14
N TYR ZA 401 -35.91 -11.90 91.76
CA TYR ZA 401 -36.85 -10.81 91.96
C TYR ZA 401 -36.87 -9.89 90.74
N GLY ZA 402 -38.01 -9.24 90.51
CA GLY ZA 402 -38.12 -8.18 89.55
C GLY ZA 402 -38.19 -8.58 88.09
N GLY ZA 403 -38.27 -9.88 87.79
CA GLY ZA 403 -38.35 -10.29 86.42
C GLY ZA 403 -39.57 -11.14 86.13
N GLU ZA 404 -39.48 -11.98 85.10
CA GLU ZA 404 -40.53 -12.95 84.83
C GLU ZA 404 -40.69 -13.91 86.00
N LEU ZA 405 -39.58 -14.40 86.54
CA LEU ZA 405 -39.59 -15.27 87.71
C LEU ZA 405 -39.38 -14.41 88.95
N ASN ZA 406 -40.42 -14.31 89.77
CA ASN ZA 406 -40.36 -13.49 90.98
C ASN ZA 406 -40.83 -14.32 92.16
N GLY ZA 407 -40.06 -14.32 93.24
CA GLY ZA 407 -40.45 -14.99 94.46
C GLY ZA 407 -40.22 -16.48 94.49
N LEU ZA 408 -39.68 -17.07 93.42
CA LEU ZA 408 -39.43 -18.50 93.40
C LEU ZA 408 -37.95 -18.78 93.66
N THR ZA 409 -37.69 -19.73 94.55
CA THR ZA 409 -36.34 -20.10 94.94
C THR ZA 409 -36.06 -21.52 94.45
N PHE ZA 410 -34.88 -21.71 93.85
CA PHE ZA 410 -34.46 -23.01 93.36
C PHE ZA 410 -33.34 -23.53 94.26
N THR ZA 411 -33.44 -24.82 94.60
CA THR ZA 411 -32.56 -25.42 95.60
C THR ZA 411 -31.69 -26.54 95.07
N ASP ZA 412 -32.23 -27.39 94.19
CA ASP ZA 412 -31.50 -28.57 93.71
C ASP ZA 412 -30.26 -28.17 92.93
N PRO ZA 413 -29.11 -28.80 93.18
CA PRO ZA 413 -27.85 -28.34 92.56
C PRO ZA 413 -27.81 -28.46 91.06
N SER ZA 414 -28.58 -29.38 90.47
CA SER ZA 414 -28.62 -29.50 89.03
C SER ZA 414 -29.29 -28.29 88.36
N THR ZA 415 -30.08 -27.53 89.11
CA THR ZA 415 -30.72 -26.33 88.59
C THR ZA 415 -30.00 -25.05 88.99
N VAL ZA 416 -29.47 -24.99 90.22
CA VAL ZA 416 -28.82 -23.78 90.71
C VAL ZA 416 -27.53 -23.52 89.94
N LYS ZA 417 -26.83 -24.59 89.53
CA LYS ZA 417 -25.58 -24.44 88.81
C LYS ZA 417 -25.77 -23.76 87.46
N LYS ZA 418 -26.87 -24.08 86.76
CA LYS ZA 418 -27.06 -23.53 85.41
C LYS ZA 418 -27.36 -22.03 85.45
N TYR ZA 419 -28.19 -21.58 86.40
CA TYR ZA 419 -28.44 -20.14 86.51
C TYR ZA 419 -27.19 -19.40 86.96
N ALA ZA 420 -26.32 -20.06 87.75
CA ALA ZA 420 -25.05 -19.46 88.13
C ALA ZA 420 -24.17 -19.23 86.91
N ARG ZA 421 -24.17 -20.18 85.97
CA ARG ZA 421 -23.47 -19.98 84.72
C ARG ZA 421 -24.14 -18.88 83.89
N LYS ZA 422 -25.46 -18.73 84.04
CA LYS ZA 422 -26.15 -17.64 83.36
C LYS ZA 422 -25.89 -16.32 84.06
N ALA ZA 423 -25.82 -16.33 85.39
CA ALA ZA 423 -25.44 -15.13 86.13
C ALA ZA 423 -23.96 -14.84 86.00
N GLN ZA 424 -23.17 -15.81 85.54
CA GLN ZA 424 -21.75 -15.57 85.30
C GLN ZA 424 -21.54 -14.56 84.20
N LEU ZA 425 -22.35 -14.60 83.14
CA LEU ZA 425 -22.29 -13.65 82.04
C LEU ZA 425 -23.01 -12.36 82.35
N GLY ZA 426 -23.48 -12.16 83.58
CA GLY ZA 426 -24.14 -10.93 83.95
C GLY ZA 426 -25.61 -11.11 84.25
N GLU ZA 427 -26.43 -10.16 83.79
CA GLU ZA 427 -27.86 -10.24 84.01
C GLU ZA 427 -28.45 -11.38 83.20
N ILE ZA 428 -29.36 -12.13 83.81
CA ILE ZA 428 -29.91 -13.32 83.19
C ILE ZA 428 -31.13 -12.94 82.36
N PHE ZA 429 -31.10 -13.33 81.08
CA PHE ZA 429 -32.20 -13.10 80.16
C PHE ZA 429 -32.56 -14.41 79.46
N GLU ZA 430 -33.82 -14.52 79.07
CA GLU ZA 430 -34.29 -15.65 78.28
C GLU ZA 430 -34.31 -15.26 76.81
N PHE ZA 431 -34.02 -16.23 75.93
CA PHE ZA 431 -33.75 -15.95 74.53
C PHE ZA 431 -34.55 -16.85 73.61
N ASP ZA 432 -34.73 -16.39 72.36
CA ASP ZA 432 -35.38 -17.17 71.31
C ASP ZA 432 -34.34 -17.55 70.26
N ARG ZA 433 -33.78 -18.74 70.38
CA ARG ZA 433 -32.68 -19.18 69.53
C ARG ZA 433 -33.12 -19.97 68.30
N SER ZA 434 -34.43 -20.23 68.14
CA SER ZA 434 -34.89 -21.09 67.05
C SER ZA 434 -35.49 -20.33 65.87
N THR ZA 435 -35.76 -19.03 66.02
CA THR ZA 435 -36.32 -18.26 64.91
C THR ZA 435 -35.27 -18.04 63.83
N LEU ZA 436 -34.08 -17.61 64.23
CA LEU ZA 436 -33.00 -17.33 63.29
C LEU ZA 436 -31.91 -18.40 63.28
N GLN ZA 437 -32.12 -19.49 64.01
CA GLN ZA 437 -31.16 -20.60 64.12
C GLN ZA 437 -29.80 -20.11 64.61
N SER ZA 438 -29.81 -19.60 65.85
CA SER ZA 438 -28.62 -19.02 66.44
C SER ZA 438 -27.57 -20.09 66.72
N ASP ZA 439 -26.30 -19.70 66.60
CA ASP ZA 439 -25.18 -20.62 66.74
C ASP ZA 439 -24.71 -20.78 68.19
N GLY ZA 440 -25.26 -20.01 69.11
CA GLY ZA 440 -24.89 -20.16 70.51
C GLY ZA 440 -23.59 -19.50 70.91
N VAL ZA 441 -22.93 -18.77 70.01
CA VAL ZA 441 -21.68 -18.10 70.30
C VAL ZA 441 -21.92 -16.60 70.32
N PHE ZA 442 -21.03 -15.87 70.99
CA PHE ZA 442 -21.19 -14.43 71.09
C PHE ZA 442 -20.73 -13.73 69.83
N ARG ZA 443 -21.60 -12.85 69.32
CA ARG ZA 443 -21.33 -12.01 68.17
C ARG ZA 443 -20.82 -10.65 68.63
N SER ZA 444 -20.74 -9.70 67.71
CA SER ZA 444 -20.22 -8.38 68.02
C SER ZA 444 -21.24 -7.29 67.72
N SER ZA 445 -21.07 -6.18 68.41
CA SER ZA 445 -21.86 -4.98 68.19
C SER ZA 445 -21.33 -4.23 66.97
N PRO ZA 446 -22.18 -3.43 66.32
CA PRO ZA 446 -21.69 -2.56 65.24
C PRO ZA 446 -20.66 -1.54 65.70
N ARG ZA 447 -20.61 -1.26 67.00
CA ARG ZA 447 -19.57 -0.38 67.54
C ARG ZA 447 -18.19 -0.99 67.32
N GLY ZA 448 -18.06 -2.29 67.53
CA GLY ZA 448 -16.79 -2.95 67.27
C GLY ZA 448 -16.43 -3.01 65.80
N TRP ZA 449 -17.43 -3.21 64.93
CA TRP ZA 449 -17.17 -3.36 63.51
C TRP ZA 449 -16.72 -2.04 62.89
N PHE ZA 450 -17.34 -0.94 63.29
CA PHE ZA 450 -16.92 0.38 62.81
C PHE ZA 450 -15.48 0.66 63.21
N THR ZA 451 -15.12 0.29 64.44
CA THR ZA 451 -13.75 0.48 64.90
C THR ZA 451 -12.78 -0.41 64.12
N PHE ZA 452 -13.16 -1.66 63.85
CA PHE ZA 452 -12.30 -2.55 63.07
C PHE ZA 452 -12.09 -2.06 61.65
N GLY ZA 453 -13.17 -1.65 60.98
CA GLY ZA 453 -13.01 -1.16 59.63
C GLY ZA 453 -12.10 0.06 59.57
N HIS ZA 454 -12.41 1.07 60.37
CA HIS ZA 454 -11.68 2.33 60.29
C HIS ZA 454 -10.24 2.23 60.79
N LEU ZA 455 -9.98 1.39 61.80
CA LEU ZA 455 -8.59 1.15 62.21
C LEU ZA 455 -7.83 0.39 61.14
N SER ZA 456 -8.48 -0.59 60.49
CA SER ZA 456 -7.79 -1.35 59.46
C SER ZA 456 -7.54 -0.50 58.23
N PHE ZA 457 -8.47 0.39 57.89
CA PHE ZA 457 -8.22 1.33 56.81
C PHE ZA 457 -7.20 2.37 57.21
N ALA ZA 458 -7.04 2.61 58.52
CA ALA ZA 458 -6.11 3.62 58.98
C ALA ZA 458 -4.66 3.23 58.71
N LEU ZA 459 -4.30 1.97 58.96
CA LEU ZA 459 -2.90 1.56 58.82
C LEU ZA 459 -2.46 1.54 57.37
N LEU ZA 460 -3.29 0.96 56.49
CA LEU ZA 460 -2.93 0.89 55.08
C LEU ZA 460 -2.83 2.29 54.46
N PHE ZA 461 -3.75 3.18 54.82
CA PHE ZA 461 -3.69 4.56 54.37
C PHE ZA 461 -2.49 5.31 54.91
N PHE ZA 462 -1.92 4.88 56.05
CA PHE ZA 462 -0.64 5.41 56.46
C PHE ZA 462 0.48 4.92 55.53
N PHE ZA 463 0.41 3.63 55.15
CA PHE ZA 463 1.37 3.11 54.18
C PHE ZA 463 1.21 3.76 52.82
N GLY ZA 464 -0.04 3.95 52.38
CA GLY ZA 464 -0.28 4.67 51.14
C GLY ZA 464 0.23 6.09 51.21
N HIS ZA 465 0.15 6.70 52.39
CA HIS ZA 465 0.75 8.02 52.59
C HIS ZA 465 2.26 7.96 52.45
N ILE ZA 466 2.87 6.90 52.97
CA ILE ZA 466 4.31 6.71 52.76
C ILE ZA 466 4.60 6.47 51.29
N TRP ZA 467 3.78 5.63 50.64
CA TRP ZA 467 4.02 5.31 49.24
C TRP ZA 467 3.77 6.51 48.33
N HIS ZA 468 2.68 7.24 48.57
CA HIS ZA 468 2.46 8.49 47.85
C HIS ZA 468 3.47 9.55 48.26
N GLY ZA 469 3.87 9.55 49.52
CA GLY ZA 469 4.92 10.48 49.96
C GLY ZA 469 6.27 10.17 49.36
N SER ZA 470 6.59 8.88 49.21
CA SER ZA 470 7.84 8.50 48.57
C SER ZA 470 7.85 8.87 47.10
N ARG ZA 471 6.72 8.66 46.42
CA ARG ZA 471 6.65 8.98 44.99
C ARG ZA 471 6.66 10.49 44.76
N THR ZA 472 6.02 11.26 45.65
CA THR ZA 472 5.94 12.70 45.46
C THR ZA 472 7.32 13.36 45.49
N ILE ZA 473 8.10 13.09 46.52
CA ILE ZA 473 9.43 13.69 46.62
C ILE ZA 473 10.38 13.09 45.60
N PHE ZA 474 10.23 11.81 45.29
CA PHE ZA 474 11.19 11.07 44.47
C PHE ZA 474 10.59 10.66 43.14
N ARG ZA 475 9.89 11.59 42.48
CA ARG ZA 475 9.41 11.35 41.12
C ARG ZA 475 10.58 11.19 40.16
N ASP ZA 476 11.63 12.00 40.34
CA ASP ZA 476 12.77 12.04 39.44
C ASP ZA 476 13.57 10.74 39.41
N VAL ZA 477 13.44 9.88 40.42
CA VAL ZA 477 14.14 8.62 40.46
C VAL ZA 477 13.19 7.43 40.46
N PHE ZA 478 11.95 7.63 40.02
CA PHE ZA 478 11.01 6.52 39.93
C PHE ZA 478 11.44 5.53 38.86
N ALA ZA 479 11.93 6.02 37.73
CA ALA ZA 479 12.43 5.16 36.68
C ALA ZA 479 13.86 4.68 36.93
N GLY ZA 480 14.56 5.30 37.86
CA GLY ZA 480 15.92 4.90 38.17
C GLY ZA 480 16.77 6.11 38.50
N ILE ZA 481 18.04 5.85 38.77
CA ILE ZA 481 18.97 6.88 39.18
C ILE ZA 481 19.72 7.41 37.96
N ASP ZA 482 20.41 8.54 38.15
CA ASP ZA 482 21.03 9.26 37.04
C ASP ZA 482 22.27 8.58 36.50
N GLU ZA 483 22.87 7.64 37.26
CA GLU ZA 483 24.06 6.84 36.92
C GLU ZA 483 25.33 7.69 36.98
N ASP ZA 484 25.19 9.01 37.12
CA ASP ZA 484 26.35 9.90 37.17
C ASP ZA 484 26.59 10.42 38.58
N SER AB 1 38.77 -17.41 101.11
CA SER AB 1 39.55 -18.58 101.47
C SER AB 1 40.85 -18.64 100.70
N LEU AB 2 41.81 -19.43 101.21
CA LEU AB 2 43.09 -19.57 100.53
C LEU AB 2 42.97 -20.32 99.21
N THR AB 3 41.96 -21.21 99.11
CA THR AB 3 41.79 -22.00 97.89
C THR AB 3 41.48 -21.12 96.69
N LEU AB 4 40.64 -20.09 96.88
CA LEU AB 4 40.27 -19.21 95.79
C LEU AB 4 41.43 -18.28 95.42
N ILE AB 5 42.42 -18.14 96.30
CA ILE AB 5 43.53 -17.23 96.04
C ILE AB 5 44.45 -17.81 94.97
N LEU AB 6 44.90 -19.06 95.14
CA LEU AB 6 45.83 -19.63 94.17
C LEU AB 6 45.09 -20.10 92.92
N GLN AB 7 43.75 -20.19 92.98
CA GLN AB 7 42.99 -20.47 91.77
C GLN AB 7 43.08 -19.31 90.79
N LEU AB 8 43.08 -18.09 91.30
CA LEU AB 8 43.15 -16.92 90.43
C LEU AB 8 44.57 -16.73 89.88
N VAL AB 9 45.60 -16.90 90.72
CA VAL AB 9 46.95 -16.67 90.24
C VAL AB 9 47.38 -17.78 89.28
N ALA AB 10 46.81 -18.98 89.42
CA ALA AB 10 47.02 -20.00 88.40
C ALA AB 10 46.26 -19.64 87.13
N LEU AB 11 45.06 -19.07 87.29
CA LEU AB 11 44.30 -18.59 86.13
C LEU AB 11 45.04 -17.45 85.44
N PHE AB 12 45.54 -16.50 86.22
CA PHE AB 12 46.22 -15.35 85.65
C PHE AB 12 47.51 -15.76 84.97
N ALA AB 13 48.25 -16.70 85.57
CA ALA AB 13 49.50 -17.16 84.98
C ALA AB 13 49.27 -17.88 83.66
N VAL AB 14 48.21 -18.69 83.57
CA VAL AB 14 48.00 -19.47 82.36
C VAL AB 14 47.32 -18.62 81.29
N VAL AB 15 46.56 -17.60 81.70
CA VAL AB 15 45.99 -16.68 80.72
C VAL AB 15 47.08 -15.79 80.14
N ALA AB 16 47.99 -15.31 81.00
CA ALA AB 16 49.05 -14.43 80.54
C ALA AB 16 50.24 -15.17 79.93
N ALA AB 17 50.24 -16.51 79.98
CA ALA AB 17 51.36 -17.26 79.40
C ALA AB 17 51.38 -17.15 77.88
N GLY AB 18 50.21 -17.15 77.26
CA GLY AB 18 50.09 -17.11 75.82
C GLY AB 18 50.52 -15.80 75.17
N PRO AB 19 49.82 -14.70 75.48
CA PRO AB 19 50.19 -13.40 74.89
C PRO AB 19 51.61 -12.96 75.20
N LEU AB 20 52.17 -13.39 76.34
CA LEU AB 20 53.55 -13.06 76.65
C LEU AB 20 54.49 -13.67 75.62
N VAL AB 21 54.19 -14.90 75.17
CA VAL AB 21 54.95 -15.51 74.08
C VAL AB 21 54.78 -14.72 72.79
N VAL AB 22 53.54 -14.33 72.48
CA VAL AB 22 53.25 -13.67 71.21
C VAL AB 22 53.84 -12.26 71.19
N VAL AB 23 53.76 -11.54 72.32
CA VAL AB 23 54.26 -10.16 72.38
C VAL AB 23 55.77 -10.12 72.18
N LEU AB 24 56.51 -11.00 72.86
CA LEU AB 24 57.97 -10.94 72.75
C LEU AB 24 58.44 -11.40 71.38
N LEU AB 25 57.69 -12.30 70.73
CA LEU AB 25 58.06 -12.74 69.38
C LEU AB 25 58.02 -11.58 68.40
N SER AB 26 57.21 -10.56 68.67
CA SER AB 26 57.25 -9.36 67.86
C SER AB 26 58.52 -8.56 68.12
N VAL AB 27 58.97 -8.48 69.38
CA VAL AB 27 60.15 -7.68 69.69
C VAL AB 27 61.44 -8.49 69.70
N ARG AB 28 61.38 -9.80 69.91
CA ARG AB 28 62.57 -10.64 69.81
C ARG AB 28 62.62 -11.25 68.41
N GLY AB 29 62.80 -10.36 67.44
CA GLY AB 29 62.83 -10.75 66.04
C GLY AB 29 61.47 -10.79 65.38
N GLY AB 30 61.03 -11.99 65.04
CA GLY AB 30 59.83 -12.17 64.25
C GLY AB 30 59.61 -13.62 63.87
N ASN AB 31 59.36 -13.86 62.59
CA ASN AB 31 59.05 -15.18 62.03
C ASN AB 31 57.83 -15.79 62.71
N LEU AB 32 56.87 -14.93 62.99
CA LEU AB 32 55.62 -15.33 63.61
C LEU AB 32 54.48 -15.01 62.65
N GLY BB 1 54.29 -18.96 58.74
CA GLY BB 1 52.94 -18.58 58.34
C GLY BB 1 52.91 -17.83 57.03
N ARG BB 2 52.11 -18.33 56.10
CA ARG BB 2 51.98 -17.72 54.77
C ARG BB 2 50.94 -16.59 54.82
N ASP BB 3 50.57 -16.08 53.65
CA ASP BB 3 49.60 -15.00 53.53
C ASP BB 3 48.60 -15.35 52.44
N GLN BB 4 47.75 -14.38 52.10
CA GLN BB 4 46.70 -14.61 51.12
C GLN BB 4 47.26 -14.74 49.70
N GLU BB 5 48.18 -13.83 49.34
CA GLU BB 5 48.63 -13.76 47.95
C GLU BB 5 49.53 -14.91 47.54
N THR BB 6 50.19 -15.58 48.48
CA THR BB 6 51.06 -16.69 48.11
C THR BB 6 50.32 -18.02 48.07
N THR BB 7 49.08 -18.08 48.55
CA THR BB 7 48.35 -19.33 48.64
C THR BB 7 46.92 -19.26 48.12
N GLY BB 8 46.31 -18.08 48.07
CA GLY BB 8 44.93 -17.95 47.68
C GLY BB 8 43.92 -18.16 48.78
N PHE BB 9 44.37 -18.40 50.01
CA PHE BB 9 43.48 -18.63 51.14
C PHE BB 9 43.68 -17.53 52.18
N ALA BB 10 42.59 -17.10 52.79
CA ALA BB 10 42.66 -16.05 53.80
C ALA BB 10 42.98 -16.63 55.17
N TRP BB 11 42.98 -15.75 56.18
CA TRP BB 11 43.30 -16.19 57.54
C TRP BB 11 42.19 -17.06 58.11
N TRP BB 12 40.97 -16.91 57.59
CA TRP BB 12 39.88 -17.79 57.98
C TRP BB 12 39.83 -19.06 57.13
N ALA BB 13 40.85 -19.31 56.32
CA ALA BB 13 41.00 -20.54 55.56
C ALA BB 13 42.47 -20.95 55.49
N GLY BB 14 43.24 -20.62 56.53
CA GLY BB 14 44.69 -20.78 56.46
C GLY BB 14 45.18 -22.21 56.62
N ASN BB 15 44.32 -23.11 57.11
CA ASN BB 15 44.75 -24.50 57.22
C ASN BB 15 44.81 -25.18 55.86
N ALA BB 16 44.10 -24.64 54.87
CA ALA BB 16 44.19 -25.18 53.52
C ALA BB 16 45.45 -24.71 52.81
N ARG BB 17 46.15 -23.74 53.38
CA ARG BB 17 47.42 -23.30 52.80
C ARG BB 17 48.49 -24.38 52.90
N LEU BB 18 48.36 -25.29 53.85
CA LEU BB 18 49.32 -26.35 54.09
C LEU BB 18 48.83 -27.71 53.60
N ILE BB 19 48.04 -27.71 52.53
CA ILE BB 19 47.58 -28.97 51.92
C ILE BB 19 48.75 -29.79 51.40
N ASN BB 20 49.76 -29.14 50.85
CA ASN BB 20 50.93 -29.81 50.31
C ASN BB 20 52.14 -29.69 51.23
N LEU BB 21 51.97 -29.07 52.39
CA LEU BB 21 53.04 -28.91 53.37
C LEU BB 21 52.86 -30.04 54.39
N SER BB 22 53.38 -31.22 54.04
CA SER BB 22 53.10 -32.42 54.81
C SER BB 22 53.70 -32.37 56.21
N GLY BB 23 54.86 -31.73 56.35
CA GLY BB 23 55.49 -31.66 57.66
C GLY BB 23 54.69 -30.84 58.65
N LYS BB 24 54.19 -29.68 58.22
CA LYS BB 24 53.34 -28.88 59.09
C LYS BB 24 51.96 -29.51 59.25
N LEU BB 25 51.44 -30.14 58.18
CA LEU BB 25 50.17 -30.86 58.27
C LEU BB 25 50.26 -32.00 59.25
N LEU BB 26 51.38 -32.74 59.23
CA LEU BB 26 51.62 -33.73 60.27
C LEU BB 26 51.79 -33.06 61.63
N GLY BB 27 52.46 -31.90 61.66
CA GLY BB 27 52.61 -31.18 62.91
C GLY BB 27 51.29 -30.71 63.48
N ALA BB 28 50.33 -30.39 62.61
CA ALA BB 28 49.01 -30.01 63.09
C ALA BB 28 48.29 -31.17 63.75
N HIS BB 29 48.52 -32.39 63.27
CA HIS BB 29 47.85 -33.55 63.84
C HIS BB 29 48.44 -33.95 65.19
N VAL BB 30 49.77 -33.96 65.31
CA VAL BB 30 50.38 -34.35 66.57
C VAL BB 30 50.13 -33.29 67.64
N ALA BB 31 50.06 -32.03 67.23
CA ALA BB 31 49.61 -30.99 68.15
C ALA BB 31 48.17 -31.23 68.57
N HIS BB 32 47.34 -31.67 67.63
CA HIS BB 32 45.96 -32.02 67.95
C HIS BB 32 45.91 -33.33 68.75
N ALA BB 33 46.96 -34.14 68.66
CA ALA BB 33 46.96 -35.45 69.31
C ALA BB 33 47.01 -35.32 70.83
N GLY BB 34 48.06 -34.68 71.35
CA GLY BB 34 48.18 -34.54 72.79
C GLY BB 34 47.12 -33.66 73.38
N LEU BB 35 46.62 -32.70 72.59
CA LEU BB 35 45.52 -31.85 73.03
C LEU BB 35 44.28 -32.67 73.35
N ILE BB 36 43.97 -33.67 72.51
CA ILE BB 36 42.86 -34.57 72.79
C ILE BB 36 43.14 -35.36 74.07
N VAL BB 37 44.40 -35.77 74.25
CA VAL BB 37 44.80 -36.44 75.48
C VAL BB 37 44.76 -35.46 76.66
N PHE BB 38 45.10 -34.20 76.42
CA PHE BB 38 45.17 -33.20 77.48
C PHE BB 38 43.80 -32.95 78.12
N TRP BB 39 42.77 -32.80 77.30
CA TRP BB 39 41.42 -32.60 77.84
C TRP BB 39 41.01 -33.81 78.66
N ALA BB 40 41.33 -35.01 78.18
CA ALA BB 40 41.03 -36.23 78.92
C ALA BB 40 41.73 -36.23 80.27
N GLY BB 41 42.98 -35.81 80.29
CA GLY BB 41 43.66 -35.63 81.56
C GLY BB 41 43.08 -34.50 82.39
N ALA BB 42 42.68 -33.41 81.72
CA ALA BB 42 42.18 -32.24 82.44
C ALA BB 42 40.88 -32.54 83.16
N MET BB 43 39.90 -33.13 82.47
CA MET BB 43 38.62 -33.38 83.10
C MET BB 43 38.65 -34.55 84.08
N ASN BB 44 39.40 -35.61 83.76
CA ASN BB 44 39.44 -36.76 84.65
C ASN BB 44 40.03 -36.36 86.01
N LEU BB 45 41.11 -35.58 85.98
CA LEU BB 45 41.69 -35.08 87.22
C LEU BB 45 40.76 -34.05 87.88
N PHE BB 46 40.05 -33.26 87.07
CA PHE BB 46 39.06 -32.35 87.61
C PHE BB 46 37.87 -33.10 88.19
N GLU BB 47 37.51 -34.22 87.57
CA GLU BB 47 36.37 -34.99 88.05
C GLU BB 47 36.68 -35.69 89.37
N VAL BB 48 37.87 -36.26 89.51
CA VAL BB 48 38.21 -36.91 90.78
C VAL BB 48 38.35 -35.90 91.90
N SER BB 49 38.78 -34.67 91.59
CA SER BB 49 38.84 -33.64 92.61
C SER BB 49 37.46 -33.24 93.09
N HIS BB 50 36.50 -33.14 92.18
CA HIS BB 50 35.11 -32.87 92.52
C HIS BB 50 34.31 -34.14 92.78
N PHE BB 51 34.96 -35.30 92.75
CA PHE BB 51 34.26 -36.55 92.99
C PHE BB 51 33.80 -36.65 94.44
N VAL BB 52 32.58 -37.10 94.63
CA VAL BB 52 31.99 -37.33 95.95
C VAL BB 52 31.84 -38.84 96.12
N PRO BB 53 32.35 -39.43 97.21
CA PRO BB 53 32.27 -40.90 97.34
C PRO BB 53 30.87 -41.42 97.55
N GLU BB 54 30.11 -40.84 98.49
CA GLU BB 54 28.76 -41.32 98.76
C GLU BB 54 27.75 -40.93 97.69
N LYS BB 55 28.06 -39.95 96.86
CA LYS BB 55 27.16 -39.65 95.75
C LYS BB 55 27.57 -40.44 94.53
N PRO BB 56 26.63 -41.10 93.86
CA PRO BB 56 26.97 -41.82 92.63
C PRO BB 56 27.41 -40.85 91.54
N MET BB 57 28.25 -41.36 90.64
CA MET BB 57 28.95 -40.52 89.69
C MET BB 57 28.02 -39.80 88.72
N TYR BB 58 26.85 -40.36 88.43
CA TYR BB 58 25.92 -39.66 87.55
C TYR BB 58 25.27 -38.46 88.21
N GLU BB 59 25.25 -38.41 89.54
CA GLU BB 59 24.71 -37.25 90.24
C GLU BB 59 25.67 -36.07 90.29
N GLN BB 60 26.96 -36.32 90.06
CA GLN BB 60 27.99 -35.31 90.22
C GLN BB 60 28.41 -34.67 88.91
N GLY BB 61 27.71 -34.97 87.82
CA GLY BB 61 28.07 -34.44 86.51
C GLY BB 61 29.40 -34.95 85.99
N LEU BB 62 29.67 -36.24 86.16
CA LEU BB 62 30.90 -36.87 85.72
C LEU BB 62 30.62 -37.72 84.49
N ILE BB 63 31.48 -37.61 83.48
CA ILE BB 63 31.26 -38.37 82.25
C ILE BB 63 32.45 -39.26 81.95
N LEU BB 64 33.64 -38.88 82.43
CA LEU BB 64 34.81 -39.73 82.20
C LEU BB 64 34.94 -40.81 83.27
N LEU BB 65 34.67 -40.45 84.52
CA LEU BB 65 34.72 -41.43 85.59
C LEU BB 65 33.81 -42.62 85.36
N PRO BB 66 32.56 -42.48 84.89
CA PRO BB 66 31.80 -43.69 84.55
C PRO BB 66 32.41 -44.52 83.43
N HIS BB 67 33.18 -43.91 82.52
CA HIS BB 67 33.83 -44.68 81.47
C HIS BB 67 34.87 -45.64 82.04
N ILE BB 68 35.70 -45.16 82.96
CA ILE BB 68 36.66 -46.05 83.61
C ILE BB 68 35.93 -47.02 84.53
N ALA BB 69 34.79 -46.59 85.08
CA ALA BB 69 33.94 -47.50 85.85
C ALA BB 69 33.36 -48.60 84.98
N THR BB 70 33.02 -48.26 83.73
CA THR BB 70 32.58 -49.28 82.79
C THR BB 70 33.69 -50.28 82.50
N LEU BB 71 34.95 -49.81 82.50
CA LEU BB 71 36.08 -50.70 82.33
C LEU BB 71 36.26 -51.64 83.52
N GLY BB 72 35.66 -51.31 84.66
CA GLY BB 72 35.74 -52.17 85.83
C GLY BB 72 36.94 -51.84 86.69
N TYR BB 73 37.19 -50.54 86.88
CA TYR BB 73 38.31 -50.07 87.68
C TYR BB 73 37.77 -49.30 88.87
N GLY BB 74 38.20 -49.69 90.07
CA GLY BB 74 37.80 -49.00 91.27
C GLY BB 74 36.34 -49.14 91.66
N VAL BB 75 35.65 -50.14 91.13
CA VAL BB 75 34.25 -50.38 91.44
C VAL BB 75 34.08 -51.81 91.92
N GLY BB 76 33.09 -52.01 92.78
CA GLY BB 76 32.75 -53.32 93.28
C GLY BB 76 31.39 -53.76 92.80
N PRO BB 77 30.76 -54.67 93.55
CA PRO BB 77 29.39 -55.08 93.20
C PRO BB 77 28.42 -53.94 93.42
N GLY BB 78 27.38 -53.89 92.58
CA GLY BB 78 26.39 -52.85 92.68
C GLY BB 78 26.83 -51.48 92.18
N GLY BB 79 27.99 -51.40 91.53
CA GLY BB 79 28.47 -50.13 91.01
C GLY BB 79 29.04 -49.19 92.04
N GLU BB 80 29.18 -49.62 93.29
CA GLU BB 80 29.74 -48.76 94.31
C GLU BB 80 31.23 -48.53 94.06
N VAL BB 81 31.70 -47.35 94.45
CA VAL BB 81 33.09 -46.96 94.22
C VAL BB 81 33.95 -47.52 95.34
N LEU BB 82 34.99 -48.25 94.97
CA LEU BB 82 35.93 -48.77 95.95
C LEU BB 82 37.24 -48.00 95.98
N ASP BB 83 37.65 -47.39 94.87
CA ASP BB 83 38.93 -46.70 94.82
C ASP BB 83 38.93 -45.72 93.66
N THR BB 84 39.33 -44.49 93.94
CA THR BB 84 39.49 -43.46 92.92
C THR BB 84 40.91 -43.40 92.37
N PHE BB 85 41.81 -44.22 92.92
CA PHE BB 85 43.19 -44.25 92.44
C PHE BB 85 43.34 -44.68 90.98
N PRO BB 86 42.66 -45.72 90.46
CA PRO BB 86 42.76 -45.95 89.00
C PRO BB 86 42.22 -44.80 88.18
N TYR BB 87 41.21 -44.10 88.69
CA TYR BB 87 40.74 -42.89 88.03
C TYR BB 87 41.75 -41.76 88.16
N PHE BB 88 42.38 -41.64 89.32
CA PHE BB 88 43.36 -40.58 89.56
C PHE BB 88 44.58 -40.74 88.68
N VAL BB 89 45.10 -41.97 88.56
CA VAL BB 89 46.31 -42.21 87.77
C VAL BB 89 46.06 -41.93 86.30
N SER BB 90 44.88 -42.31 85.80
CA SER BB 90 44.59 -42.18 84.37
C SER BB 90 44.60 -40.73 83.91
N GLY BB 91 44.04 -39.83 84.72
CA GLY BB 91 44.06 -38.42 84.37
C GLY BB 91 45.46 -37.83 84.37
N VAL BB 92 46.30 -38.27 85.32
CA VAL BB 92 47.65 -37.72 85.44
C VAL BB 92 48.52 -38.17 84.27
N LEU BB 93 48.45 -39.45 83.92
CA LEU BB 93 49.28 -39.95 82.83
C LEU BB 93 48.86 -39.35 81.49
N HIS BB 94 47.58 -39.02 81.34
CA HIS BB 94 47.14 -38.34 80.14
C HIS BB 94 47.68 -36.92 80.08
N LEU BB 95 47.95 -36.32 81.25
CA LEU BB 95 48.52 -34.97 81.26
C LEU BB 95 49.98 -34.97 80.82
N ILE BB 96 50.78 -35.89 81.34
CA ILE BB 96 52.21 -35.88 81.03
C ILE BB 96 52.45 -36.31 79.59
N SER BB 97 51.68 -37.28 79.09
CA SER BB 97 51.86 -37.73 77.72
C SER BB 97 51.45 -36.66 76.73
N SER BB 98 50.56 -35.76 77.13
CA SER BB 98 50.12 -34.68 76.26
C SER BB 98 51.24 -33.70 75.97
N ALA BB 99 52.08 -33.41 76.97
CA ALA BB 99 53.23 -32.55 76.74
C ALA BB 99 54.16 -33.17 75.71
N VAL BB 100 54.37 -34.49 75.80
CA VAL BB 100 55.24 -35.18 74.86
C VAL BB 100 54.71 -35.05 73.43
N LEU BB 101 53.43 -35.30 73.23
CA LEU BB 101 52.84 -35.11 71.91
C LEU BB 101 52.81 -33.64 71.51
N GLY BB 102 52.76 -32.73 72.50
CA GLY BB 102 52.80 -31.32 72.18
C GLY BB 102 54.18 -30.85 71.77
N PHE BB 103 55.23 -31.57 72.20
CA PHE BB 103 56.60 -31.23 71.83
C PHE BB 103 56.81 -31.33 70.32
N GLY BB 104 56.44 -32.46 69.72
CA GLY BB 104 56.52 -32.59 68.28
C GLY BB 104 55.42 -31.81 67.59
N GLY BB 105 54.35 -31.51 68.32
CA GLY BB 105 53.30 -30.66 67.78
C GLY BB 105 53.79 -29.26 67.48
N VAL BB 106 54.58 -28.69 68.39
CA VAL BB 106 55.14 -27.36 68.14
C VAL BB 106 56.40 -27.46 67.29
N TYR BB 107 57.13 -28.58 67.40
CA TYR BB 107 58.37 -28.74 66.64
C TYR BB 107 58.08 -28.84 65.15
N HIS BB 108 57.17 -29.73 64.77
CA HIS BB 108 56.87 -29.92 63.36
C HIS BB 108 55.99 -28.81 62.79
N SER BB 109 55.28 -28.06 63.65
CA SER BB 109 54.52 -26.92 63.16
C SER BB 109 55.40 -25.72 62.89
N LEU BB 110 56.43 -25.50 63.68
CA LEU BB 110 57.27 -24.31 63.54
C LEU BB 110 58.59 -24.60 62.82
N ILE BB 111 59.41 -25.49 63.38
CA ILE BB 111 60.76 -25.69 62.89
C ILE BB 111 60.97 -27.09 62.30
N GLY BB 112 59.91 -27.88 62.19
CA GLY BB 112 60.01 -29.17 61.53
C GLY BB 112 60.17 -28.99 60.04
N PRO BB 113 60.47 -30.08 59.33
CA PRO BB 113 60.60 -29.98 57.87
C PRO BB 113 59.30 -29.54 57.23
N GLU BB 114 59.41 -28.72 56.20
CA GLU BB 114 58.23 -28.21 55.51
C GLU BB 114 57.49 -29.34 54.79
N THR BB 115 58.21 -30.12 53.99
CA THR BB 115 57.64 -31.24 53.26
C THR BB 115 58.47 -32.48 53.53
N LEU BB 116 57.79 -33.62 53.66
CA LEU BB 116 58.43 -34.87 54.03
C LEU BB 116 58.97 -35.65 52.84
N GLU BB 117 58.60 -35.27 51.62
CA GLU BB 117 58.88 -36.11 50.46
C GLU BB 117 60.35 -36.09 50.08
N GLU BB 118 60.98 -34.92 50.05
CA GLU BB 118 62.34 -34.82 49.52
C GLU BB 118 63.38 -35.37 50.48
N SER BB 119 63.08 -35.52 51.76
CA SER BB 119 64.05 -35.99 52.73
C SER BB 119 63.65 -37.29 53.41
N TYR BB 120 62.36 -37.57 53.58
CA TYR BB 120 61.89 -38.78 54.26
C TYR BB 120 60.82 -39.44 53.40
N PRO BB 121 61.21 -40.17 52.36
CA PRO BB 121 60.21 -40.78 51.47
C PRO BB 121 59.36 -41.85 52.14
N PHE BB 122 59.80 -42.40 53.27
CA PHE BB 122 58.97 -43.33 54.02
C PHE BB 122 57.77 -42.61 54.61
N PHE BB 123 57.94 -41.35 54.99
CA PHE BB 123 56.86 -40.52 55.48
C PHE BB 123 56.30 -39.60 54.39
N GLY BB 124 57.03 -39.42 53.30
CA GLY BB 124 56.57 -38.53 52.25
C GLY BB 124 55.40 -39.12 51.48
N TYR BB 125 54.52 -38.24 51.02
CA TYR BB 125 53.33 -38.67 50.31
C TYR BB 125 52.80 -37.51 49.47
N VAL BB 126 52.11 -37.85 48.39
CA VAL BB 126 51.33 -36.88 47.66
C VAL BB 126 49.90 -37.39 47.61
N TRP BB 127 48.96 -36.47 47.34
CA TRP BB 127 47.55 -36.84 47.42
C TRP BB 127 47.12 -37.70 46.25
N LYS BB 128 47.93 -37.77 45.19
CA LYS BB 128 47.63 -38.61 44.04
C LYS BB 128 48.27 -39.99 44.11
N ASP BB 129 49.28 -40.18 44.97
CA ASP BB 129 49.94 -41.48 45.09
C ASP BB 129 48.98 -42.40 45.83
N LYS BB 130 48.34 -43.29 45.07
CA LYS BB 130 47.30 -44.12 45.63
C LYS BB 130 47.87 -45.25 46.49
N ASN BB 131 49.03 -45.80 46.12
CA ASN BB 131 49.59 -46.89 46.90
C ASN BB 131 50.13 -46.42 48.24
N LYS BB 132 50.75 -45.24 48.27
CA LYS BB 132 51.46 -44.81 49.47
C LYS BB 132 50.53 -44.51 50.63
N MET BB 133 49.48 -43.75 50.40
CA MET BB 133 48.66 -43.34 51.55
C MET BB 133 47.54 -44.33 51.82
N THR BB 134 47.36 -45.32 50.92
CA THR BB 134 46.61 -46.49 51.33
C THR BB 134 47.40 -47.31 52.34
N ASN BB 135 48.74 -47.29 52.24
CA ASN BB 135 49.54 -47.92 53.28
C ASN BB 135 49.33 -47.22 54.61
N ILE BB 136 49.42 -45.89 54.61
CA ILE BB 136 49.21 -45.12 55.85
C ILE BB 136 47.78 -45.30 56.35
N LEU BB 137 46.83 -45.41 55.43
CA LEU BB 137 45.48 -45.82 55.82
C LEU BB 137 45.51 -47.21 56.45
N GLY BB 138 46.24 -48.14 55.85
CA GLY BB 138 46.38 -49.46 56.43
C GLY BB 138 47.32 -49.47 57.64
N TYR BB 139 48.26 -48.52 57.68
CA TYR BB 139 49.11 -48.37 58.85
C TYR BB 139 48.27 -47.99 60.08
N HIS BB 140 47.27 -47.13 59.87
CA HIS BB 140 46.36 -46.77 60.96
C HIS BB 140 45.42 -47.91 61.30
N LEU BB 141 45.00 -48.68 60.30
CA LEU BB 141 44.01 -49.73 60.51
C LEU BB 141 44.54 -50.83 61.44
N ILE BB 142 45.82 -51.17 61.31
CA ILE BB 142 46.42 -52.16 62.19
C ILE BB 142 46.43 -51.65 63.63
N ILE BB 143 46.66 -50.35 63.80
CA ILE BB 143 46.68 -49.74 65.12
C ILE BB 143 45.30 -49.83 65.77
N LEU BB 144 44.25 -49.57 65.00
CA LEU BB 144 42.88 -49.63 65.54
C LEU BB 144 42.50 -51.03 65.97
N GLY BB 145 42.95 -52.04 65.21
CA GLY BB 145 42.68 -53.42 65.62
C GLY BB 145 43.40 -53.78 66.91
N CYS BB 146 44.60 -53.22 67.11
CA CYS BB 146 45.38 -53.52 68.31
C CYS BB 146 44.68 -52.98 69.56
N GLY BB 147 44.04 -51.81 69.46
CA GLY BB 147 43.29 -51.29 70.59
C GLY BB 147 42.10 -52.15 70.95
N ALA BB 148 41.45 -52.73 69.94
CA ALA BB 148 40.35 -53.67 70.21
C ALA BB 148 40.86 -54.93 70.87
N TRP BB 149 42.01 -55.44 70.42
CA TRP BB 149 42.67 -56.55 71.11
C TRP BB 149 43.06 -56.16 72.54
N LEU BB 150 43.46 -54.90 72.74
CA LEU BB 150 43.80 -54.44 74.09
C LEU BB 150 42.58 -54.51 74.99
N LEU BB 151 41.41 -54.12 74.49
CA LEU BB 151 40.17 -54.29 75.25
C LEU BB 151 39.82 -55.76 75.40
N VAL BB 152 40.06 -56.56 74.36
CA VAL BB 152 39.81 -58.00 74.44
C VAL BB 152 40.72 -58.64 75.49
N LEU BB 153 42.01 -58.30 75.45
CA LEU BB 153 42.93 -58.83 76.46
C LEU BB 153 42.63 -58.28 77.84
N LYS BB 154 42.11 -57.05 77.92
CA LYS BB 154 41.73 -56.49 79.21
C LYS BB 154 40.54 -57.24 79.81
N ALA BB 155 39.55 -57.55 78.97
CA ALA BB 155 38.35 -58.21 79.47
C ALA BB 155 38.55 -59.71 79.67
N LEU BB 156 39.68 -60.26 79.21
CA LEU BB 156 39.86 -61.70 79.30
C LEU BB 156 40.87 -62.09 80.38
N TYR BB 157 42.02 -61.43 80.42
CA TYR BB 157 43.04 -61.76 81.41
C TYR BB 157 43.41 -60.63 82.36
N PHE BB 158 42.81 -59.45 82.23
CA PHE BB 158 43.25 -58.33 83.06
C PHE BB 158 42.13 -57.81 83.95
N GLY BB 159 41.39 -58.71 84.60
CA GLY BB 159 40.37 -58.33 85.55
C GLY BB 159 38.98 -58.14 84.98
N GLY BB 160 38.84 -58.17 83.66
CA GLY BB 160 37.53 -58.02 83.07
C GLY BB 160 37.00 -56.60 83.17
N VAL BB 161 35.72 -56.46 82.84
CA VAL BB 161 35.03 -55.18 82.88
C VAL BB 161 33.78 -55.34 83.74
N TYR BB 162 33.13 -54.20 84.01
CA TYR BB 162 31.92 -54.20 84.82
C TYR BB 162 30.77 -54.84 84.03
N ASP BB 163 30.11 -55.81 84.64
CA ASP BB 163 28.94 -56.46 84.05
C ASP BB 163 27.72 -56.03 84.84
N THR BB 164 26.91 -55.17 84.24
CA THR BB 164 25.66 -54.78 84.88
C THR BB 164 24.64 -55.90 84.88
N TRP BB 165 24.90 -56.99 84.13
CA TRP BB 165 23.97 -58.09 84.07
C TRP BB 165 24.36 -59.24 85.01
N ALA BB 166 25.37 -59.04 85.84
CA ALA BB 166 25.75 -60.06 86.82
C ALA BB 166 24.65 -60.18 87.86
N PRO BB 167 24.41 -61.40 88.38
CA PRO BB 167 23.38 -61.56 89.42
C PRO BB 167 23.74 -60.82 90.70
N GLY BB 168 22.72 -60.33 91.39
CA GLY BB 168 22.89 -59.59 92.62
C GLY BB 168 22.85 -58.08 92.46
N GLY BB 169 23.01 -57.56 91.24
CA GLY BB 169 22.96 -56.13 91.04
C GLY BB 169 24.11 -55.57 90.23
N GLY BB 170 24.86 -56.44 89.57
CA GLY BB 170 25.97 -55.98 88.75
C GLY BB 170 27.30 -56.04 89.47
N ASP BB 171 28.32 -56.46 88.73
CA ASP BB 171 29.66 -56.61 89.29
C ASP BB 171 30.66 -56.69 88.14
N VAL BB 172 31.94 -56.52 88.49
CA VAL BB 172 33.01 -56.67 87.52
C VAL BB 172 33.22 -58.15 87.25
N ARG BB 173 32.85 -58.60 86.06
CA ARG BB 173 32.87 -60.02 85.73
C ARG BB 173 33.89 -60.31 84.65
N ILE BB 174 34.58 -61.44 84.78
CA ILE BB 174 35.54 -61.90 83.79
C ILE BB 174 34.78 -62.49 82.61
N ILE BB 175 35.11 -62.03 81.40
CA ILE BB 175 34.46 -62.52 80.19
C ILE BB 175 35.06 -63.87 79.82
N SER BB 176 34.26 -64.91 79.91
CA SER BB 176 34.69 -66.27 79.58
C SER BB 176 33.82 -66.80 78.44
N ASN BB 177 34.48 -67.43 77.47
CA ASN BB 177 33.86 -67.93 76.23
C ASN BB 177 33.09 -66.83 75.52
N PRO BB 178 33.77 -65.88 74.88
CA PRO BB 178 33.06 -64.83 74.16
C PRO BB 178 32.29 -65.37 72.97
N THR BB 179 31.27 -64.64 72.56
CA THR BB 179 30.40 -65.06 71.46
C THR BB 179 31.21 -64.99 70.16
N THR BB 180 31.68 -66.15 69.70
CA THR BB 180 32.50 -66.25 68.50
C THR BB 180 31.68 -66.54 67.25
N ASN BB 181 30.36 -66.58 67.37
CA ASN BB 181 29.50 -66.86 66.22
C ASN BB 181 29.41 -65.64 65.32
N ALA BB 182 29.59 -65.86 64.01
CA ALA BB 182 29.51 -64.76 63.06
C ALA BB 182 28.07 -64.27 62.90
N ALA BB 183 27.12 -65.21 62.81
CA ALA BB 183 25.74 -64.84 62.51
C ALA BB 183 25.13 -64.00 63.62
N ILE BB 184 25.54 -64.25 64.87
CA ILE BB 184 25.10 -63.40 65.97
C ILE BB 184 25.76 -62.03 65.89
N ILE BB 185 27.07 -62.01 65.64
CA ILE BB 185 27.81 -60.75 65.66
C ILE BB 185 27.52 -59.92 64.43
N PHE BB 186 27.63 -60.51 63.24
CA PHE BB 186 27.24 -59.83 62.02
C PHE BB 186 25.73 -59.64 61.92
N GLY BB 187 24.96 -60.35 62.76
CA GLY BB 187 23.52 -60.14 62.77
C GLY BB 187 23.13 -58.77 63.28
N TYR BB 188 23.86 -58.24 64.27
CA TYR BB 188 23.54 -56.93 64.83
C TYR BB 188 23.60 -55.84 63.77
N ILE BB 189 24.55 -55.93 62.84
CA ILE BB 189 24.69 -54.92 61.80
C ILE BB 189 23.49 -54.94 60.86
N VAL BB 190 23.01 -56.13 60.53
CA VAL BB 190 21.95 -56.25 59.54
C VAL BB 190 20.57 -56.19 60.19
N LYS BB 191 20.52 -55.96 61.50
CA LYS BB 191 19.26 -55.68 62.15
C LYS BB 191 18.75 -54.30 61.75
N SER BB 192 17.42 -54.17 61.75
CA SER BB 192 16.84 -52.86 61.54
C SER BB 192 17.10 -51.98 62.77
N PRO BB 193 17.28 -50.67 62.57
CA PRO BB 193 17.47 -49.77 63.72
C PRO BB 193 16.20 -49.35 64.43
N PHE BB 194 15.05 -49.90 64.06
CA PHE BB 194 13.79 -49.42 64.63
C PHE BB 194 13.50 -50.14 65.95
N GLY BB 195 12.28 -49.97 66.45
CA GLY BB 195 11.96 -50.49 67.77
C GLY BB 195 11.89 -52.00 67.79
N GLY BB 196 12.42 -52.58 68.87
CA GLY BB 196 12.49 -54.02 69.03
C GLY BB 196 13.72 -54.67 68.45
N ASP BB 197 14.43 -53.99 67.57
CA ASP BB 197 15.67 -54.53 66.99
C ASP BB 197 16.86 -53.62 67.28
N GLY BB 198 16.73 -52.32 67.06
CA GLY BB 198 17.74 -51.35 67.46
C GLY BB 198 19.07 -51.43 66.74
N TRP BB 199 19.17 -52.24 65.68
CA TRP BB 199 20.39 -52.44 64.89
C TRP BB 199 21.45 -52.97 65.86
N ILE BB 200 22.41 -52.16 66.32
CA ILE BB 200 23.40 -52.61 67.28
C ILE BB 200 23.22 -51.97 68.64
N VAL BB 201 22.25 -51.06 68.78
CA VAL BB 201 22.01 -50.40 70.06
C VAL BB 201 21.48 -51.41 71.08
N SER BB 202 20.81 -52.45 70.59
CA SER BB 202 20.16 -53.45 71.42
C SER BB 202 21.09 -54.58 71.84
N VAL BB 203 22.41 -54.36 71.88
CA VAL BB 203 23.29 -55.39 72.42
C VAL BB 203 23.10 -55.44 73.94
N ASP BB 204 22.88 -56.65 74.46
CA ASP BB 204 22.41 -56.82 75.82
C ASP BB 204 23.32 -57.65 76.71
N ASN BB 205 24.50 -58.03 76.24
CA ASN BB 205 25.41 -58.81 77.06
C ASN BB 205 26.85 -58.56 76.62
N LEU BB 206 27.76 -58.68 77.59
CA LEU BB 206 29.17 -58.38 77.32
C LEU BB 206 29.84 -59.46 76.48
N GLU BB 207 29.28 -60.67 76.44
CA GLU BB 207 29.82 -61.69 75.56
C GLU BB 207 29.67 -61.27 74.10
N ASP BB 208 28.56 -60.59 73.79
CA ASP BB 208 28.42 -60.01 72.46
C ASP BB 208 29.31 -58.77 72.32
N ILE BB 209 29.51 -58.03 73.41
CA ILE BB 209 30.41 -56.88 73.38
C ILE BB 209 31.84 -57.33 73.11
N ILE BB 210 32.32 -58.28 73.89
CA ILE BB 210 33.71 -58.72 73.77
C ILE BB 210 33.87 -59.58 72.52
N GLY BB 211 32.92 -60.49 72.27
CA GLY BB 211 33.05 -61.40 71.13
C GLY BB 211 33.11 -60.70 69.80
N GLY BB 212 32.38 -59.59 69.67
CA GLY BB 212 32.49 -58.78 68.47
C GLY BB 212 33.79 -58.01 68.40
N HIS BB 213 34.45 -57.81 69.56
CA HIS BB 213 35.71 -57.08 69.55
C HIS BB 213 36.87 -57.94 69.06
N ILE BB 214 36.79 -59.27 69.25
CA ILE BB 214 37.68 -60.15 68.50
C ILE BB 214 37.35 -60.09 67.01
N TRP BB 215 36.06 -60.01 66.71
CA TRP BB 215 35.59 -59.94 65.33
C TRP BB 215 36.07 -58.67 64.63
N ILE BB 216 36.09 -57.55 65.34
CA ILE BB 216 36.59 -56.34 64.69
C ILE BB 216 38.11 -56.24 64.83
N GLY BB 217 38.67 -56.84 65.87
CA GLY BB 217 40.12 -56.78 66.07
C GLY BB 217 40.88 -57.55 65.02
N THR BB 218 40.44 -58.77 64.71
CA THR BB 218 41.11 -59.57 63.69
C THR BB 218 40.79 -59.04 62.29
N LEU BB 219 39.58 -58.49 62.10
CA LEU BB 219 39.19 -57.99 60.79
C LEU BB 219 40.02 -56.78 60.39
N CYS BB 220 40.27 -55.87 61.34
CA CYS BB 220 40.97 -54.63 61.02
C CYS BB 220 42.45 -54.87 60.75
N ILE BB 221 43.09 -55.76 61.52
CA ILE BB 221 44.51 -56.03 61.31
C ILE BB 221 44.73 -56.75 59.99
N LEU BB 222 43.78 -57.62 59.60
CA LEU BB 222 43.85 -58.22 58.27
C LEU BB 222 43.42 -57.23 57.21
N GLY BB 223 42.47 -56.35 57.55
CA GLY BB 223 42.14 -55.25 56.66
C GLY BB 223 43.28 -54.25 56.53
N GLY BB 224 44.04 -54.06 57.61
CA GLY BB 224 45.21 -53.19 57.55
C GLY BB 224 46.31 -53.73 56.67
N ILE BB 225 46.59 -55.02 56.78
CA ILE BB 225 47.64 -55.63 55.94
C ILE BB 225 47.16 -55.73 54.50
N TRP BB 226 45.85 -55.67 54.29
CA TRP BB 226 45.31 -55.64 52.93
C TRP BB 226 45.74 -54.39 52.20
N HIS BB 227 45.66 -53.24 52.86
CA HIS BB 227 46.00 -51.99 52.21
C HIS BB 227 47.50 -51.80 52.06
N ILE BB 228 48.31 -52.67 52.66
CA ILE BB 228 49.75 -52.58 52.51
C ILE BB 228 50.18 -53.18 51.19
N TYR BB 229 49.72 -54.39 50.88
CA TYR BB 229 50.19 -55.16 49.74
C TYR BB 229 49.32 -55.01 48.51
N THR BB 230 48.36 -54.09 48.52
CA THR BB 230 47.44 -53.94 47.40
C THR BB 230 47.43 -52.51 46.90
N THR BB 231 46.58 -52.28 45.89
CA THR BB 231 46.35 -51.02 45.22
C THR BB 231 44.88 -50.91 44.84
N PRO BB 232 44.27 -49.73 44.94
CA PRO BB 232 42.85 -49.57 44.58
C PRO BB 232 42.56 -49.99 43.14
N TRP BB 233 41.41 -50.64 42.98
CA TRP BB 233 41.03 -51.26 41.72
C TRP BB 233 40.56 -50.24 40.70
N PRO BB 234 40.52 -50.62 39.41
CA PRO BB 234 39.99 -49.70 38.38
C PRO BB 234 38.56 -49.25 38.62
N TRP BB 235 37.70 -50.10 39.18
CA TRP BB 235 36.34 -49.66 39.47
C TRP BB 235 36.32 -48.70 40.65
N ALA BB 236 37.24 -48.86 41.59
CA ALA BB 236 37.30 -47.96 42.74
C ALA BB 236 37.94 -46.62 42.37
N ARG BB 237 38.95 -46.64 41.49
CA ARG BB 237 39.64 -45.39 41.18
C ARG BB 237 38.78 -44.47 40.31
N ARG BB 238 37.91 -45.03 39.48
CA ARG BB 238 37.08 -44.20 38.60
C ARG BB 238 36.01 -43.47 39.37
N ALA BB 239 35.31 -44.17 40.26
CA ALA BB 239 34.20 -43.56 40.97
C ALA BB 239 34.65 -42.58 42.05
N PHE BB 240 35.87 -42.73 42.55
CA PHE BB 240 36.33 -41.97 43.69
C PHE BB 240 37.15 -40.76 43.23
N VAL BB 241 37.17 -39.76 44.09
CA VAL BB 241 37.95 -38.54 43.89
C VAL BB 241 39.15 -38.61 44.82
N TRP BB 242 40.33 -38.29 44.29
CA TRP BB 242 41.54 -38.63 45.00
C TRP BB 242 42.37 -37.42 45.39
N SER BB 243 41.73 -36.38 45.92
CA SER BB 243 42.45 -35.23 46.45
C SER BB 243 42.44 -35.31 47.96
N GLY BB 244 43.32 -34.50 48.57
CA GLY BB 244 43.39 -34.47 50.03
C GLY BB 244 42.10 -34.02 50.65
N GLU BB 245 41.41 -33.06 50.02
CA GLU BB 245 40.12 -32.62 50.52
C GLU BB 245 39.07 -33.72 50.37
N ALA BB 246 39.22 -34.55 49.33
CA ALA BB 246 38.29 -35.66 49.16
C ALA BB 246 38.47 -36.70 50.25
N TYR BB 247 39.72 -36.97 50.64
CA TYR BB 247 39.98 -37.94 51.69
C TYR BB 247 39.44 -37.44 53.02
N LEU BB 248 39.47 -36.13 53.25
CA LEU BB 248 38.91 -35.54 54.46
C LEU BB 248 37.41 -35.77 54.54
N SER BB 249 36.71 -35.59 53.43
CA SER BB 249 35.26 -35.75 53.42
C SER BB 249 34.87 -37.20 53.65
N TYR BB 250 35.72 -38.14 53.22
CA TYR BB 250 35.43 -39.55 53.44
C TYR BB 250 35.47 -39.88 54.93
N SER BB 251 36.42 -39.29 55.65
CA SER BB 251 36.46 -39.49 57.10
C SER BB 251 35.33 -38.74 57.78
N LEU BB 252 35.05 -37.51 57.31
CA LEU BB 252 34.02 -36.68 57.94
C LEU BB 252 32.64 -37.30 57.86
N ALA BB 253 32.30 -37.89 56.71
CA ALA BB 253 31.02 -38.57 56.60
C ALA BB 253 30.97 -39.79 57.51
N ALA BB 254 32.10 -40.48 57.66
CA ALA BB 254 32.15 -41.66 58.51
C ALA BB 254 31.96 -41.30 59.97
N VAL BB 255 32.70 -40.29 60.45
CA VAL BB 255 32.56 -39.89 61.83
C VAL BB 255 31.25 -39.14 62.07
N SER BB 256 30.59 -38.67 61.01
CA SER BB 256 29.24 -38.13 61.17
C SER BB 256 28.28 -39.21 61.65
N LEU BB 257 28.39 -40.41 61.07
CA LEU BB 257 27.58 -41.54 61.53
C LEU BB 257 27.94 -41.94 62.95
N MET BB 258 29.22 -41.88 63.30
CA MET BB 258 29.66 -42.23 64.65
C MET BB 258 29.09 -41.26 65.68
N GLY BB 259 28.98 -39.97 65.32
CA GLY BB 259 28.35 -39.02 66.20
C GLY BB 259 26.88 -39.32 66.42
N PHE BB 260 26.19 -39.75 65.36
CA PHE BB 260 24.80 -40.18 65.52
C PHE BB 260 24.72 -41.50 66.29
N THR BB 261 25.68 -42.39 66.05
CA THR BB 261 25.65 -43.71 66.66
C THR BB 261 25.91 -43.64 68.17
N ALA BB 262 26.92 -42.89 68.58
CA ALA BB 262 27.25 -42.78 70.00
C ALA BB 262 26.17 -42.04 70.77
N CYS BB 263 25.41 -41.19 70.08
CA CYS BB 263 24.28 -40.50 70.73
C CYS BB 263 23.24 -41.49 71.20
N CYS BB 264 22.92 -42.48 70.37
CA CYS BB 264 21.87 -43.42 70.74
C CYS BB 264 22.36 -44.42 71.78
N PHE BB 265 23.66 -44.76 71.74
CA PHE BB 265 24.25 -45.58 72.79
C PHE BB 265 24.15 -44.89 74.14
N ALA BB 266 24.34 -43.57 74.15
CA ALA BB 266 24.23 -42.82 75.39
C ALA BB 266 22.79 -42.74 75.88
N TRP BB 267 21.82 -42.77 74.97
CA TRP BB 267 20.43 -42.57 75.38
C TRP BB 267 19.72 -43.87 75.71
N PHE BB 268 19.95 -44.93 74.93
CA PHE BB 268 19.17 -46.15 75.07
C PHE BB 268 19.95 -47.34 75.63
N ASN BB 269 21.22 -47.48 75.24
CA ASN BB 269 21.97 -48.66 75.66
C ASN BB 269 22.33 -48.59 77.14
N ASN BB 270 21.99 -49.64 77.89
CA ASN BB 270 22.35 -49.74 79.30
C ASN BB 270 23.37 -50.84 79.55
N THR BB 271 23.65 -51.68 78.56
CA THR BB 271 24.63 -52.75 78.72
C THR BB 271 26.05 -52.23 78.57
N ALA BB 272 26.35 -51.60 77.43
CA ALA BB 272 27.65 -50.98 77.24
C ALA BB 272 27.82 -49.77 78.13
N TYR BB 273 26.73 -49.19 78.62
CA TYR BB 273 26.74 -48.04 79.51
C TYR BB 273 25.93 -48.41 80.74
N PRO BB 274 26.57 -48.99 81.75
CA PRO BB 274 25.82 -49.43 82.94
C PRO BB 274 25.13 -48.27 83.64
N SER BB 275 23.91 -48.53 84.11
CA SER BB 275 23.09 -47.47 84.71
C SER BB 275 23.57 -47.08 86.10
N GLU BB 276 24.40 -47.92 86.74
CA GLU BB 276 24.94 -47.56 88.05
C GLU BB 276 25.94 -46.41 87.95
N PHE BB 277 26.46 -46.16 86.75
CA PHE BB 277 27.46 -45.13 86.53
C PHE BB 277 26.94 -43.91 85.79
N TYR BB 278 26.35 -44.09 84.62
CA TYR BB 278 25.77 -43.01 83.83
C TYR BB 278 24.33 -42.68 84.20
N GLY BB 279 23.75 -43.37 85.17
CA GLY BB 279 22.38 -43.13 85.53
C GLY BB 279 21.43 -43.92 84.65
N PRO BB 280 20.14 -43.86 84.97
CA PRO BB 280 19.16 -44.61 84.19
C PRO BB 280 18.96 -44.01 82.81
N THR BB 281 18.56 -44.87 81.88
CA THR BB 281 18.26 -44.40 80.53
C THR BB 281 16.83 -43.86 80.47
N GLY BB 282 16.46 -43.38 79.28
CA GLY BB 282 15.13 -42.91 79.00
C GLY BB 282 14.05 -43.95 79.27
N PRO BB 283 14.10 -45.09 78.58
CA PRO BB 283 13.13 -46.16 78.87
C PRO BB 283 13.27 -46.75 80.26
N GLU BB 284 14.45 -46.65 80.87
CA GLU BB 284 14.66 -47.28 82.17
C GLU BB 284 13.86 -46.60 83.27
N ALA BB 285 13.94 -45.28 83.36
CA ALA BB 285 13.30 -44.58 84.47
C ALA BB 285 11.79 -44.51 84.31
N SER BB 286 11.30 -44.47 83.07
CA SER BB 286 9.85 -44.49 82.86
C SER BB 286 9.27 -45.85 83.25
N GLN BB 287 10.00 -46.93 82.99
CA GLN BB 287 9.60 -48.22 83.52
C GLN BB 287 9.79 -48.29 85.03
N ALA BB 288 10.75 -47.53 85.56
CA ALA BB 288 10.86 -47.39 87.01
C ALA BB 288 9.68 -46.62 87.57
N GLN BB 289 9.15 -45.69 86.79
CA GLN BB 289 7.95 -44.95 87.19
C GLN BB 289 6.75 -45.87 87.37
N ALA BB 290 6.55 -46.79 86.43
CA ALA BB 290 5.43 -47.73 86.59
C ALA BB 290 5.72 -48.75 87.68
N PHE BB 291 6.95 -49.25 87.75
CA PHE BB 291 7.29 -50.30 88.71
C PHE BB 291 7.25 -49.81 90.15
N THR BB 292 7.79 -48.61 90.41
CA THR BB 292 7.85 -48.11 91.79
C THR BB 292 6.46 -47.81 92.31
N PHE BB 293 5.57 -47.29 91.46
CA PHE BB 293 4.20 -47.05 91.89
C PHE BB 293 3.43 -48.34 92.05
N LEU BB 294 3.73 -49.35 91.23
CA LEU BB 294 2.97 -50.59 91.28
C LEU BB 294 3.25 -51.35 92.57
N VAL BB 295 4.50 -51.30 93.05
CA VAL BB 295 4.87 -52.16 94.18
C VAL BB 295 4.24 -51.69 95.49
N ARG BB 296 4.20 -50.37 95.74
CA ARG BB 296 3.57 -49.94 96.98
C ARG BB 296 2.06 -49.94 96.86
N ASP BB 297 1.54 -49.78 95.63
CA ASP BB 297 0.12 -49.99 95.42
C ASP BB 297 -0.26 -51.46 95.60
N GLN BB 298 0.71 -52.37 95.43
CA GLN BB 298 0.51 -53.73 95.90
C GLN BB 298 0.55 -53.77 97.42
N ARG BB 299 1.39 -52.95 98.04
CA ARG BB 299 1.47 -52.90 99.50
C ARG BB 299 0.24 -52.25 100.11
N LEU BB 300 -0.47 -51.43 99.34
CA LEU BB 300 -1.73 -50.84 99.77
C LEU BB 300 -2.92 -51.78 99.62
N GLY BB 301 -2.69 -53.07 99.40
CA GLY BB 301 -3.76 -54.04 99.30
C GLY BB 301 -4.66 -53.82 98.10
N ALA BB 302 -4.05 -53.48 96.96
CA ALA BB 302 -4.78 -53.25 95.73
C ALA BB 302 -4.21 -54.15 94.64
N ASN BB 303 -5.09 -54.86 93.96
CA ASN BB 303 -4.66 -55.77 92.90
C ASN BB 303 -4.16 -54.97 91.70
N VAL BB 304 -2.95 -55.31 91.23
CA VAL BB 304 -2.33 -54.57 90.15
C VAL BB 304 -2.72 -55.11 88.77
N ALA BB 305 -3.05 -56.40 88.67
CA ALA BB 305 -3.60 -56.92 87.42
C ALA BB 305 -4.96 -56.29 87.14
N SER BB 306 -5.75 -56.08 88.19
CA SER BB 306 -7.00 -55.35 88.14
C SER BB 306 -6.71 -53.85 88.22
N ALA BB 307 -7.73 -53.06 88.57
CA ALA BB 307 -7.60 -51.62 88.76
C ALA BB 307 -7.17 -50.92 87.47
N GLN BB 308 -8.09 -50.93 86.51
CA GLN BB 308 -7.87 -50.26 85.24
C GLN BB 308 -7.76 -48.76 85.42
N GLY BB 309 -7.23 -48.10 84.39
CA GLY BB 309 -7.08 -46.66 84.40
C GLY BB 309 -8.36 -45.95 84.01
N PRO BB 310 -8.29 -44.63 83.80
CA PRO BB 310 -9.48 -43.88 83.39
C PRO BB 310 -10.02 -44.30 82.03
N THR BB 311 -9.15 -44.72 81.12
CA THR BB 311 -9.59 -45.24 79.83
C THR BB 311 -9.87 -46.73 79.85
N GLY BB 312 -9.57 -47.40 80.96
CA GLY BB 312 -9.89 -48.81 81.10
C GLY BB 312 -8.87 -49.78 80.54
N LEU BB 313 -7.72 -49.31 80.08
CA LEU BB 313 -6.67 -50.20 79.60
C LEU BB 313 -5.98 -50.97 80.71
N GLY BB 314 -5.91 -50.40 81.92
CA GLY BB 314 -5.13 -50.97 82.99
C GLY BB 314 -4.17 -49.96 83.57
N LYS BB 315 -4.34 -49.61 84.85
CA LYS BB 315 -3.51 -48.57 85.43
C LYS BB 315 -2.11 -49.10 85.76
N TYR BB 316 -1.98 -50.41 85.93
CA TYR BB 316 -0.70 -51.00 86.31
C TYR BB 316 -0.13 -51.96 85.29
N LEU BB 317 -0.89 -52.96 84.87
CA LEU BB 317 -0.40 -53.96 83.91
C LEU BB 317 -1.39 -54.14 82.78
N MET BB 318 -0.85 -54.22 81.56
CA MET BB 318 -1.62 -54.53 80.36
C MET BB 318 -0.66 -55.09 79.32
N ARG BB 319 -1.11 -55.19 78.08
CA ARG BB 319 -0.44 -56.00 77.06
C ARG BB 319 0.41 -55.17 76.12
N SER BB 320 1.52 -55.77 75.67
CA SER BB 320 2.29 -55.23 74.57
C SER BB 320 1.50 -55.35 73.28
N PRO BB 321 1.85 -54.57 72.24
CA PRO BB 321 1.19 -54.76 70.94
C PRO BB 321 1.38 -56.14 70.33
N THR BB 322 2.41 -56.88 70.73
CA THR BB 322 2.58 -58.27 70.30
C THR BB 322 1.93 -59.26 71.25
N GLY BB 323 1.49 -58.82 72.43
CA GLY BB 323 0.80 -59.69 73.35
C GLY BB 323 1.48 -59.97 74.67
N GLU BB 324 2.61 -59.32 74.96
CA GLU BB 324 3.32 -59.60 76.19
C GLU BB 324 2.91 -58.67 77.31
N ILE BB 325 2.94 -59.17 78.54
CA ILE BB 325 2.51 -58.41 79.70
C ILE BB 325 3.55 -57.33 79.99
N ILE BB 326 3.11 -56.07 79.94
CA ILE BB 326 3.99 -54.92 80.11
C ILE BB 326 3.42 -54.00 81.17
N PHE BB 327 4.25 -53.07 81.62
CA PHE BB 327 3.80 -52.08 82.58
C PHE BB 327 2.83 -51.10 81.95
N GLY BB 328 1.82 -50.70 82.73
CA GLY BB 328 0.86 -49.75 82.25
C GLY BB 328 1.37 -48.32 82.32
N GLY BB 329 0.53 -47.39 81.87
CA GLY BB 329 0.85 -45.97 81.92
C GLY BB 329 1.18 -45.37 80.57
N GLU BB 330 2.03 -44.35 80.62
CA GLU BB 330 2.51 -43.71 79.40
C GLU BB 330 3.74 -44.42 78.87
N THR BB 331 4.28 -45.35 79.67
CA THR BB 331 5.51 -46.06 79.35
C THR BB 331 5.27 -47.25 78.43
N MET BB 332 4.10 -47.29 77.78
CA MET BB 332 3.83 -48.29 76.75
C MET BB 332 4.85 -48.21 75.63
N ARG BB 333 5.30 -46.99 75.32
CA ARG BB 333 6.34 -46.76 74.33
C ARG BB 333 7.68 -47.32 74.76
N PHE BB 334 7.87 -47.62 76.05
CA PHE BB 334 9.10 -48.20 76.58
C PHE BB 334 8.89 -49.63 77.05
N TRP BB 335 7.96 -50.35 76.43
CA TRP BB 335 7.68 -51.73 76.79
C TRP BB 335 8.82 -52.67 76.41
N ASP BB 336 9.60 -52.32 75.40
CA ASP BB 336 10.69 -53.13 74.90
C ASP BB 336 11.99 -52.91 75.67
N PHE BB 337 11.96 -52.08 76.71
CA PHE BB 337 13.12 -51.85 77.54
C PHE BB 337 13.51 -53.11 78.31
N ARG BB 338 14.82 -53.36 78.38
CA ARG BB 338 15.37 -54.44 79.18
C ARG BB 338 16.40 -53.87 80.14
N GLY BB 339 16.19 -54.11 81.43
CA GLY BB 339 17.14 -53.73 82.44
C GLY BB 339 17.41 -54.91 83.36
N PRO BB 340 18.48 -54.81 84.16
CA PRO BB 340 18.80 -55.91 85.09
C PRO BB 340 17.80 -56.06 86.22
N TRP BB 341 16.91 -55.09 86.42
CA TRP BB 341 15.96 -55.11 87.51
C TRP BB 341 14.55 -55.48 87.09
N VAL BB 342 14.37 -55.90 85.83
CA VAL BB 342 13.09 -56.46 85.39
C VAL BB 342 13.23 -57.88 84.88
N GLU BB 343 14.38 -58.26 84.31
CA GLU BB 343 14.51 -59.58 83.70
C GLU BB 343 14.38 -60.76 84.68
N PRO BB 344 14.99 -60.77 85.87
CA PRO BB 344 14.67 -61.86 86.82
C PRO BB 344 13.22 -61.89 87.22
N LEU BB 345 12.52 -60.77 87.10
CA LEU BB 345 11.10 -60.67 87.38
C LEU BB 345 10.24 -60.99 86.15
N ARG BB 346 10.84 -61.01 84.96
CA ARG BB 346 10.09 -61.16 83.71
C ARG BB 346 10.04 -62.62 83.29
N GLY BB 347 8.84 -63.10 82.99
CA GLY BB 347 8.64 -64.46 82.54
C GLY BB 347 8.58 -64.58 81.03
N PRO BB 348 8.20 -65.76 80.53
CA PRO BB 348 8.14 -65.97 79.08
C PRO BB 348 7.10 -65.10 78.37
N SER BB 349 5.99 -64.80 79.03
CA SER BB 349 4.94 -63.95 78.46
C SER BB 349 5.05 -62.51 78.93
N GLY BB 350 6.26 -62.04 79.21
CA GLY BB 350 6.45 -60.70 79.72
C GLY BB 350 6.52 -60.69 81.22
N LEU BB 351 6.02 -59.62 81.85
CA LEU BB 351 6.00 -59.53 83.30
C LEU BB 351 5.05 -60.59 83.86
N ASP BB 352 5.61 -61.60 84.51
CA ASP BB 352 4.80 -62.66 85.07
C ASP BB 352 4.03 -62.15 86.28
N LEU BB 353 2.79 -62.61 86.41
CA LEU BB 353 1.94 -62.14 87.50
C LEU BB 353 2.34 -62.79 88.82
N VAL BB 354 2.41 -64.12 88.85
CA VAL BB 354 2.70 -64.84 90.08
C VAL BB 354 4.14 -64.60 90.54
N LYS BB 355 5.06 -64.38 89.59
CA LYS BB 355 6.43 -64.03 89.99
C LYS BB 355 6.48 -62.64 90.60
N LEU BB 356 5.63 -61.74 90.12
CA LEU BB 356 5.58 -60.39 90.69
C LEU BB 356 5.07 -60.41 92.13
N LYS BB 357 4.09 -61.26 92.41
CA LYS BB 357 3.48 -61.25 93.74
C LYS BB 357 4.42 -61.79 94.80
N ASN BB 358 5.42 -62.58 94.42
CA ASN BB 358 6.25 -63.27 95.39
C ASN BB 358 7.75 -63.02 95.27
N ASP BB 359 8.29 -62.82 94.08
CA ASP BB 359 9.73 -62.80 93.89
C ASP BB 359 10.31 -61.39 93.77
N ILE BB 360 9.81 -60.44 94.57
CA ILE BB 360 10.42 -59.12 94.62
C ILE BB 360 11.64 -59.17 95.54
N GLN BB 361 12.67 -58.40 95.16
CA GLN BB 361 13.91 -58.33 95.93
C GLN BB 361 14.15 -56.90 96.36
N PRO BB 362 14.65 -56.69 97.59
CA PRO BB 362 14.80 -55.31 98.10
C PRO BB 362 15.75 -54.43 97.30
N TRP BB 363 16.76 -55.03 96.67
CA TRP BB 363 17.68 -54.23 95.86
C TRP BB 363 17.01 -53.73 94.59
N GLN BB 364 15.96 -54.40 94.13
CA GLN BB 364 15.33 -54.01 92.88
C GLN BB 364 14.54 -52.71 93.02
N GLU BB 365 13.78 -52.55 94.11
CA GLU BB 365 12.99 -51.33 94.24
C GLU BB 365 13.86 -50.14 94.63
N ARG BB 366 14.95 -50.36 95.36
CA ARG BB 366 15.84 -49.27 95.72
C ARG BB 366 16.55 -48.72 94.49
N ARG BB 367 16.86 -49.60 93.54
CA ARG BB 367 17.50 -49.17 92.31
C ARG BB 367 16.55 -48.33 91.47
N ALA BB 368 15.27 -48.72 91.42
CA ALA BB 368 14.31 -47.95 90.65
C ALA BB 368 13.88 -46.68 91.37
N ALA BB 369 13.80 -46.72 92.71
CA ALA BB 369 13.42 -45.55 93.48
C ALA BB 369 14.45 -44.43 93.33
N GLU BB 370 15.73 -44.80 93.32
CA GLU BB 370 16.76 -43.83 92.96
C GLU BB 370 16.62 -43.40 91.51
N TYR BB 371 16.36 -44.34 90.62
CA TYR BB 371 16.18 -44.02 89.20
C TYR BB 371 14.91 -43.20 89.00
N MET BB 372 13.94 -43.37 89.90
CA MET BB 372 12.81 -42.45 89.97
C MET BB 372 13.26 -41.03 90.25
N THR BB 373 14.14 -40.85 91.24
CA THR BB 373 14.57 -39.52 91.63
C THR BB 373 15.62 -38.94 90.70
N HIS BB 374 16.27 -39.76 89.89
CA HIS BB 374 17.35 -39.27 89.05
C HIS BB 374 17.13 -39.68 87.61
N ALA BB 375 15.89 -39.52 87.14
CA ALA BB 375 15.51 -39.85 85.79
C ALA BB 375 16.19 -38.91 84.79
N PRO BB 376 16.45 -39.38 83.53
CA PRO BB 376 17.11 -38.54 82.52
C PRO BB 376 16.24 -37.41 81.97
N LEU BB 377 16.01 -36.40 82.80
CA LEU BB 377 15.26 -35.22 82.38
C LEU BB 377 15.83 -34.04 83.14
N GLY BB 378 15.99 -32.90 82.47
CA GLY BB 378 16.53 -31.75 83.16
C GLY BB 378 16.65 -30.57 82.22
N SER BB 379 16.93 -29.42 82.82
CA SER BB 379 17.09 -28.17 82.11
C SER BB 379 18.57 -27.84 81.91
N LEU BB 380 18.81 -26.87 81.03
CA LEU BB 380 20.16 -26.41 80.73
C LEU BB 380 20.83 -25.72 81.91
N ASN BB 381 20.06 -25.32 82.92
CA ASN BB 381 20.60 -24.87 84.20
C ASN BB 381 20.96 -26.04 85.11
N SER BB 382 20.98 -27.26 84.57
CA SER BB 382 21.27 -28.50 85.29
C SER BB 382 20.26 -28.72 86.43
N VAL BB 383 19.02 -28.33 86.18
CA VAL BB 383 17.94 -28.47 87.13
C VAL BB 383 17.08 -29.64 86.67
N GLY BB 384 16.94 -30.65 87.52
CA GLY BB 384 16.19 -31.83 87.14
C GLY BB 384 14.70 -31.56 87.04
N GLY BB 385 14.00 -32.44 86.35
CA GLY BB 385 12.57 -32.35 86.16
C GLY BB 385 12.21 -31.78 84.79
N VAL BB 386 10.90 -31.80 84.52
CA VAL BB 386 10.34 -31.22 83.30
C VAL BB 386 10.43 -29.70 83.44
N ALA BB 387 10.07 -28.99 82.37
CA ALA BB 387 10.32 -27.55 82.27
C ALA BB 387 9.55 -26.72 83.30
N THR BB 388 8.86 -27.33 84.26
CA THR BB 388 8.12 -26.52 85.22
C THR BB 388 8.55 -26.70 86.68
N GLU BB 389 9.26 -27.76 87.06
CA GLU BB 389 9.43 -28.03 88.49
C GLU BB 389 10.36 -27.04 89.19
N ILE BB 390 10.44 -27.23 90.50
CA ILE BB 390 11.13 -26.33 91.43
C ILE BB 390 12.62 -26.37 91.21
N ASN BB 391 13.26 -25.19 91.27
CA ASN BB 391 14.71 -25.13 91.29
C ASN BB 391 15.26 -25.55 92.65
N ALA BB 392 15.25 -26.86 92.91
CA ALA BB 392 15.77 -27.39 94.15
C ALA BB 392 16.76 -28.53 93.97
N VAL BB 393 16.76 -29.21 92.82
CA VAL BB 393 17.68 -30.29 92.54
C VAL BB 393 18.60 -29.85 91.40
N ASN BB 394 19.90 -29.78 91.69
CA ASN BB 394 20.90 -29.43 90.69
C ASN BB 394 21.43 -30.76 90.15
N PHE BB 395 20.78 -31.29 89.12
CA PHE BB 395 21.16 -32.56 88.54
C PHE BB 395 20.55 -32.74 87.16
N VAL BB 396 21.35 -33.19 86.20
CA VAL BB 396 20.87 -33.74 84.93
C VAL BB 396 21.70 -35.01 84.69
N SER BB 397 21.02 -36.07 84.23
CA SER BB 397 21.71 -37.33 83.97
C SER BB 397 22.76 -37.16 82.89
N PRO BB 398 23.97 -37.68 83.08
CA PRO BB 398 25.01 -37.57 82.04
C PRO BB 398 24.67 -38.30 80.76
N ARG BB 399 23.70 -39.22 80.80
CA ARG BB 399 23.21 -39.84 79.56
C ARG BB 399 22.60 -38.80 78.64
N SER BB 400 22.03 -37.73 79.22
CA SER BB 400 21.54 -36.65 78.38
C SER BB 400 22.70 -35.93 77.70
N TRP BB 401 23.72 -35.53 78.46
CA TRP BB 401 24.81 -34.73 77.89
C TRP BB 401 25.61 -35.52 76.87
N LEU BB 402 25.87 -36.80 77.16
CA LEU BB 402 26.64 -37.62 76.24
C LEU BB 402 25.92 -37.82 74.92
N ALA BB 403 24.59 -37.93 74.97
CA ALA BB 403 23.82 -38.03 73.73
C ALA BB 403 23.76 -36.69 73.01
N THR BB 404 23.47 -35.61 73.75
CA THR BB 404 23.17 -34.33 73.12
C THR BB 404 24.42 -33.67 72.54
N SER BB 405 25.54 -33.74 73.26
CA SER BB 405 26.77 -33.18 72.74
C SER BB 405 27.23 -33.91 71.49
N HIS BB 406 27.04 -35.23 71.46
CA HIS BB 406 27.43 -36.02 70.31
C HIS BB 406 26.46 -35.88 69.16
N PHE BB 407 25.17 -35.70 69.43
CA PHE BB 407 24.22 -35.53 68.34
C PHE BB 407 24.43 -34.18 67.64
N CYS BB 408 24.64 -33.12 68.43
CA CYS BB 408 24.86 -31.81 67.85
C CYS BB 408 26.19 -31.75 67.08
N LEU BB 409 27.24 -32.34 67.65
CA LEU BB 409 28.55 -32.29 67.02
C LEU BB 409 28.72 -33.37 65.96
N GLY BB 410 28.04 -34.50 66.12
CA GLY BB 410 28.11 -35.54 65.10
C GLY BB 410 27.47 -35.11 63.80
N PHE BB 411 26.36 -34.36 63.89
CA PHE BB 411 25.69 -33.89 62.68
C PHE BB 411 26.47 -32.76 62.00
N PHE BB 412 27.22 -31.99 62.79
CA PHE BB 412 27.96 -30.88 62.22
C PHE BB 412 29.05 -31.35 61.25
N PHE BB 413 29.50 -32.59 61.38
CA PHE BB 413 30.30 -33.18 60.32
C PHE BB 413 29.48 -33.66 59.13
N PHE BB 414 28.19 -33.92 59.32
CA PHE BB 414 27.38 -34.26 58.16
C PHE BB 414 27.30 -33.08 57.21
N VAL BB 415 27.05 -31.88 57.74
CA VAL BB 415 27.20 -30.69 56.92
C VAL BB 415 28.68 -30.40 56.70
N GLY BB 416 29.53 -30.84 57.64
CA GLY BB 416 30.96 -30.68 57.46
C GLY BB 416 31.51 -31.51 56.31
N HIS BB 417 30.98 -32.74 56.16
CA HIS BB 417 31.37 -33.55 55.01
C HIS BB 417 30.88 -32.93 53.70
N LEU BB 418 29.64 -32.43 53.69
CA LEU BB 418 29.08 -31.86 52.47
C LEU BB 418 29.85 -30.63 52.01
N TRP BB 419 30.42 -29.89 52.97
CA TRP BB 419 31.21 -28.71 52.63
C TRP BB 419 32.46 -29.09 51.86
N HIS BB 420 33.09 -30.21 52.24
CA HIS BB 420 34.38 -30.55 51.67
C HIS BB 420 34.26 -31.55 50.52
N ALA BB 421 33.21 -32.38 50.52
CA ALA BB 421 33.05 -33.37 49.46
C ALA BB 421 32.81 -32.74 48.11
N GLY BB 422 32.01 -31.68 48.07
CA GLY BB 422 31.72 -31.03 46.79
C GLY BB 422 32.86 -30.18 46.29
N ARG BB 423 33.62 -29.57 47.21
CA ARG BB 423 34.75 -28.74 46.80
C ARG BB 423 35.86 -29.57 46.17
N ALA BB 424 36.19 -30.71 46.79
CA ALA BB 424 37.21 -31.58 46.23
C ALA BB 424 36.79 -32.14 44.88
N ARG BB 425 35.48 -32.28 44.68
CA ARG BB 425 34.98 -32.70 43.37
C ARG BB 425 35.04 -31.52 42.39
N ALA BB 426 34.69 -30.32 42.88
CA ALA BB 426 34.76 -29.14 42.03
C ALA BB 426 36.20 -28.77 41.70
N ALA BB 427 37.12 -28.96 42.64
CA ALA BB 427 38.54 -28.72 42.35
C ALA BB 427 39.07 -29.71 41.32
N ALA BB 428 38.61 -30.96 41.38
CA ALA BB 428 38.91 -31.91 40.32
C ALA BB 428 38.24 -31.48 39.02
N ALA BB 429 37.02 -30.95 39.10
CA ALA BB 429 36.35 -30.39 37.94
C ALA BB 429 36.98 -29.06 37.51
N GLY BB 430 37.70 -28.41 38.41
CA GLY BB 430 38.41 -27.19 38.10
C GLY BB 430 37.57 -25.92 38.18
N PHE BB 431 36.28 -26.03 38.44
CA PHE BB 431 35.39 -24.89 38.52
C PHE BB 431 35.00 -24.57 39.95
N GLU BB 432 35.95 -24.73 40.88
CA GLU BB 432 35.69 -24.46 42.28
C GLU BB 432 35.80 -22.98 42.63
N LYS BB 433 36.22 -22.14 41.68
CA LYS BB 433 36.42 -20.72 41.94
C LYS BB 433 35.54 -19.81 41.09
N GLY BB 434 34.67 -20.36 40.25
CA GLY BB 434 33.73 -19.57 39.49
C GLY BB 434 33.68 -19.98 38.04
N ILE BB 435 33.11 -19.08 37.22
CA ILE BB 435 32.96 -19.32 35.79
C ILE BB 435 33.87 -18.37 35.01
N ASP BB 436 34.59 -18.92 34.02
CA ASP BB 436 35.79 -18.30 33.46
C ASP BB 436 35.55 -17.28 32.34
N ARG BB 437 34.35 -16.68 32.23
CA ARG BB 437 33.99 -15.67 31.22
C ARG BB 437 33.93 -16.20 29.79
N VAL BB 438 34.42 -17.41 29.52
CA VAL BB 438 34.62 -17.85 28.14
C VAL BB 438 34.06 -19.23 27.83
N ASP BB 439 33.94 -20.15 28.78
CA ASP BB 439 33.48 -21.51 28.51
C ASP BB 439 32.41 -21.92 29.49
N GLU BB 440 31.45 -21.02 29.69
CA GLU BB 440 30.32 -21.32 30.55
C GLU BB 440 29.45 -22.38 29.87
N PRO BB 441 29.21 -23.52 30.50
CA PRO BB 441 28.46 -24.59 29.83
C PRO BB 441 27.02 -24.24 29.52
N VAL BB 442 26.38 -23.38 30.32
CA VAL BB 442 24.97 -23.07 30.14
C VAL BB 442 24.75 -22.22 28.89
N LEU BB 443 25.61 -21.23 28.66
CA LEU BB 443 25.47 -20.37 27.47
C LEU BB 443 25.75 -21.13 26.18
N SER BB 444 26.30 -22.33 26.25
CA SER BB 444 26.68 -23.10 25.08
C SER BB 444 25.69 -24.21 24.72
N MET BB 445 24.58 -24.32 25.44
CA MET BB 445 23.70 -25.45 25.18
C MET BB 445 22.24 -24.99 25.05
N ARG BB 446 21.38 -25.96 24.69
CA ARG BB 446 20.05 -25.65 24.17
C ARG BB 446 19.12 -25.07 25.24
N PRO BB 447 18.15 -24.25 24.82
CA PRO BB 447 17.20 -23.64 25.78
C PRO BB 447 16.05 -24.53 26.21
N LEU BB 448 15.08 -23.89 26.88
CA LEU BB 448 13.86 -24.43 27.48
C LEU BB 448 14.12 -25.17 28.78
N ASP BB 449 15.36 -25.16 29.27
CA ASP BB 449 15.74 -25.71 30.56
C ASP BB 449 15.36 -27.18 30.73
N ILE CB 1 18.42 28.12 43.93
CA ILE CB 1 17.88 27.11 43.03
C ILE CB 1 16.85 27.74 42.10
N GLY CB 2 16.76 27.24 40.87
CA GLY CB 2 15.82 27.77 39.90
C GLY CB 2 16.10 29.21 39.50
N THR CB 3 17.37 29.50 39.19
CA THR CB 3 17.91 30.81 38.76
C THR CB 3 17.43 31.98 39.65
N TYR CB 4 17.13 31.70 40.91
CA TYR CB 4 16.70 32.71 41.87
C TYR CB 4 17.89 33.03 42.76
N GLN CB 5 17.98 34.30 43.22
CA GLN CB 5 19.16 34.71 43.98
C GLN CB 5 19.30 33.96 45.30
N GLU CB 6 18.17 33.71 45.99
CA GLU CB 6 18.11 32.87 47.19
C GLU CB 6 19.07 33.35 48.28
N LYS CB 7 18.76 34.54 48.80
CA LYS CB 7 19.57 35.12 49.87
C LYS CB 7 19.52 34.23 51.12
N ARG CB 8 20.69 33.96 51.67
CA ARG CB 8 20.81 32.98 52.76
C ARG CB 8 20.15 33.48 54.04
N THR CB 9 19.60 32.52 54.79
CA THR CB 9 18.93 32.78 56.05
C THR CB 9 19.52 31.87 57.13
N TRP CB 10 18.97 31.96 58.34
CA TRP CB 10 19.44 31.09 59.41
C TRP CB 10 19.00 29.65 59.19
N PHE CB 11 17.86 29.45 58.53
CA PHE CB 11 17.41 28.11 58.17
C PHE CB 11 18.40 27.45 57.21
N ASP CB 12 18.93 28.23 56.26
CA ASP CB 12 19.90 27.70 55.30
C ASP CB 12 21.20 27.30 55.99
N ASP CB 13 21.62 28.07 56.99
CA ASP CB 13 22.84 27.73 57.73
C ASP CB 13 22.66 26.43 58.51
N ALA CB 14 21.49 26.22 59.10
CA ALA CB 14 21.22 24.96 59.78
C ALA CB 14 21.06 23.82 58.77
N ASP CB 15 20.54 24.13 57.59
CA ASP CB 15 20.35 23.11 56.55
C ASP CB 15 21.68 22.60 56.03
N ASP CB 16 22.65 23.50 55.85
CA ASP CB 16 23.95 23.09 55.34
C ASP CB 16 24.72 22.25 56.36
N TRP CB 17 24.65 22.65 57.64
CA TRP CB 17 25.43 21.94 58.66
C TRP CB 17 24.79 20.60 59.03
N LEU CB 18 23.46 20.52 59.03
CA LEU CB 18 22.81 19.25 59.37
C LEU CB 18 22.95 18.25 58.22
N ARG CB 19 22.74 18.68 56.98
CA ARG CB 19 22.93 17.80 55.84
C ARG CB 19 24.38 17.83 55.36
N GLN CB 20 25.29 17.49 56.26
CA GLN CB 20 26.73 17.47 56.00
C GLN CB 20 27.27 16.09 56.29
N ASP CB 21 28.20 15.63 55.46
CA ASP CB 21 28.81 14.32 55.66
C ASP CB 21 29.73 14.36 56.87
N ARG CB 22 29.57 13.38 57.76
CA ARG CB 22 30.36 13.27 58.97
C ARG CB 22 30.37 11.80 59.40
N PHE CB 23 30.87 11.54 60.61
CA PHE CB 23 30.98 10.16 61.09
C PHE CB 23 29.62 9.51 61.23
N VAL CB 24 28.68 10.20 61.88
CA VAL CB 24 27.28 9.78 61.94
C VAL CB 24 26.43 10.92 61.42
N PHE CB 25 25.67 10.66 60.36
CA PHE CB 25 24.88 11.71 59.73
C PHE CB 25 23.73 12.12 60.63
N VAL CB 26 23.38 13.40 60.59
CA VAL CB 26 22.32 13.92 61.44
C VAL CB 26 21.12 14.38 60.61
N GLY CB 27 21.33 15.33 59.70
CA GLY CB 27 20.25 15.89 58.91
C GLY CB 27 19.26 16.65 59.76
N TRP CB 28 18.12 16.97 59.14
CA TRP CB 28 17.00 17.53 59.89
C TRP CB 28 16.30 16.44 60.68
N SER CB 29 16.48 15.17 60.30
CA SER CB 29 15.90 14.06 61.04
C SER CB 29 16.63 13.79 62.34
N GLY CB 30 17.87 14.26 62.48
CA GLY CB 30 18.62 14.04 63.71
C GLY CB 30 18.07 14.80 64.89
N LEU CB 31 17.34 15.91 64.65
CA LEU CB 31 16.70 16.64 65.73
C LEU CB 31 15.61 15.83 66.41
N LEU CB 32 15.09 14.80 65.75
CA LEU CB 32 14.08 13.92 66.31
C LEU CB 32 14.65 12.54 66.63
N LEU CB 33 15.46 11.99 65.74
CA LEU CB 33 15.92 10.62 65.88
C LEU CB 33 16.94 10.48 67.02
N LEU CB 34 17.94 11.36 67.06
CA LEU CB 34 18.99 11.24 68.06
C LEU CB 34 18.51 11.39 69.50
N PRO CB 35 17.68 12.39 69.88
CA PRO CB 35 17.22 12.39 71.27
C PRO CB 35 16.25 11.27 71.60
N CYS CB 36 15.25 11.05 70.75
CA CYS CB 36 14.18 10.12 71.07
C CYS CB 36 14.68 8.68 71.18
N ALA CB 37 15.49 8.25 70.23
CA ALA CB 37 15.98 6.87 70.25
C ALA CB 37 16.96 6.63 71.39
N TYR CB 38 17.83 7.61 71.67
CA TYR CB 38 18.78 7.47 72.77
C TYR CB 38 18.07 7.42 74.12
N PHE CB 39 17.02 8.22 74.27
CA PHE CB 39 16.19 8.12 75.47
C PHE CB 39 15.41 6.81 75.48
N ALA CB 40 15.03 6.32 74.31
CA ALA CB 40 14.32 5.05 74.24
C ALA CB 40 15.25 3.88 74.54
N VAL CB 41 16.44 3.87 73.93
CA VAL CB 41 17.40 2.79 74.18
C VAL CB 41 17.98 2.92 75.59
N GLY CB 42 18.36 4.13 75.97
CA GLY CB 42 18.90 4.34 77.30
C GLY CB 42 17.90 4.15 78.40
N GLY CB 43 16.67 4.62 78.20
CA GLY CB 43 15.63 4.42 79.21
C GLY CB 43 15.24 2.97 79.37
N TRP CB 44 15.26 2.22 78.27
CA TRP CB 44 14.99 0.78 78.34
C TRP CB 44 16.06 0.06 79.14
N LEU CB 45 17.32 0.40 78.92
CA LEU CB 45 18.41 -0.26 79.65
C LEU CB 45 18.38 0.07 81.13
N THR CB 46 18.05 1.31 81.47
CA THR CB 46 18.05 1.72 82.88
C THR CB 46 16.89 1.08 83.64
N GLY CB 47 15.70 1.06 83.04
CA GLY CB 47 14.55 0.51 83.73
C GLY CB 47 14.58 -1.00 83.83
N CYS CB 48 15.28 -1.66 82.90
CA CYS CB 48 15.40 -3.11 82.94
C CYS CB 48 16.33 -3.59 84.05
N THR CB 49 17.03 -2.68 84.71
CA THR CB 49 18.04 -3.06 85.69
C THR CB 49 17.77 -2.49 87.07
N PHE CB 50 17.32 -1.24 87.15
CA PHE CB 50 17.13 -0.58 88.44
C PHE CB 50 15.68 -0.30 88.77
N VAL CB 51 14.84 -0.02 87.80
CA VAL CB 51 13.41 0.19 88.05
C VAL CB 51 12.76 -1.16 88.24
N THR CB 52 12.18 -1.37 89.42
CA THR CB 52 11.45 -2.59 89.70
C THR CB 52 10.05 -2.55 89.11
N SER CB 53 9.43 -3.72 89.06
CA SER CB 53 8.02 -3.86 88.72
C SER CB 53 7.22 -4.30 89.93
N TRP CB 54 7.77 -4.06 91.13
CA TRP CB 54 7.20 -4.66 92.32
C TRP CB 54 5.93 -3.98 92.77
N TYR CB 55 5.66 -2.77 92.29
CA TYR CB 55 4.44 -2.11 92.75
C TYR CB 55 3.38 -2.09 91.65
N THR CB 56 3.79 -2.02 90.39
CA THR CB 56 2.90 -2.08 89.23
C THR CB 56 2.35 -3.49 88.99
N HIS CB 57 3.21 -4.51 89.08
CA HIS CB 57 2.78 -5.88 88.85
C HIS CB 57 3.02 -6.80 90.03
N GLY CB 58 3.59 -6.33 91.13
CA GLY CB 58 4.04 -7.23 92.18
C GLY CB 58 5.13 -8.13 91.67
N LEU CB 59 6.11 -7.56 90.98
CA LEU CB 59 6.95 -8.33 90.08
C LEU CB 59 8.43 -7.99 90.25
N ALA CB 60 9.27 -9.00 90.08
CA ALA CB 60 10.71 -8.79 90.02
C ALA CB 60 11.14 -8.86 88.56
N SER CB 61 11.45 -7.70 87.97
CA SER CB 61 11.73 -7.64 86.55
C SER CB 61 12.98 -6.81 86.25
N SER CB 62 13.87 -6.67 87.21
CA SER CB 62 15.09 -5.89 86.99
C SER CB 62 16.28 -6.60 87.59
N TYR CB 63 17.46 -6.22 87.11
CA TYR CB 63 18.73 -6.80 87.57
C TYR CB 63 18.93 -6.61 89.07
N ILE CB 64 18.65 -5.42 89.60
CA ILE CB 64 18.91 -5.13 91.00
C ILE CB 64 18.11 -6.03 91.93
N GLU CB 65 16.97 -6.53 91.48
CA GLU CB 65 16.23 -7.54 92.22
C GLU CB 65 16.85 -8.94 92.07
N GLY CB 66 17.46 -9.23 90.92
CA GLY CB 66 18.04 -10.53 90.67
C GLY CB 66 17.77 -11.09 89.28
N CYS CB 67 17.18 -10.31 88.39
CA CYS CB 67 16.91 -10.81 87.05
C CYS CB 67 18.19 -10.78 86.21
N ASN CB 68 18.24 -11.68 85.23
CA ASN CB 68 19.30 -11.68 84.23
C ASN CB 68 18.85 -10.85 83.03
N PHE CB 69 19.56 -10.98 81.91
CA PHE CB 69 19.08 -10.35 80.68
C PHE CB 69 17.74 -10.92 80.24
N LEU CB 70 17.58 -12.25 80.33
CA LEU CB 70 16.32 -12.86 79.91
C LEU CB 70 15.15 -12.41 80.76
N THR CB 71 15.31 -12.33 82.07
CA THR CB 71 14.14 -12.02 82.90
C THR CB 71 13.86 -10.53 83.02
N ALA CB 72 14.85 -9.68 82.72
CA ALA CB 72 14.73 -8.23 82.90
C ALA CB 72 13.70 -7.61 81.96
N ALA CB 73 13.06 -6.54 82.43
CA ALA CB 73 12.06 -5.84 81.63
C ALA CB 73 11.76 -4.47 82.22
N VAL CB 74 11.35 -3.57 81.34
CA VAL CB 74 10.68 -2.34 81.76
C VAL CB 74 9.19 -2.62 81.69
N SER CB 75 8.59 -2.88 82.85
CA SER CB 75 7.22 -3.40 82.88
C SER CB 75 6.19 -2.31 82.66
N THR CB 76 4.98 -2.74 82.35
CA THR CB 76 3.89 -1.84 82.04
C THR CB 76 3.23 -1.30 83.31
N PRO CB 77 2.58 -0.15 83.24
CA PRO CB 77 1.70 0.28 84.34
C PRO CB 77 0.50 -0.64 84.44
N ALA CB 78 -0.06 -0.73 85.65
CA ALA CB 78 -1.13 -1.68 85.92
C ALA CB 78 -2.42 -1.27 85.23
N ASN CB 79 -3.41 -2.17 85.32
CA ASN CB 79 -4.66 -1.99 84.59
C ASN CB 79 -5.51 -0.87 85.16
N SER CB 80 -5.48 -0.67 86.48
CA SER CB 80 -6.33 0.35 87.09
C SER CB 80 -5.91 1.76 86.69
N LEU CB 81 -4.66 1.96 86.25
CA LEU CB 81 -4.29 3.22 85.64
C LEU CB 81 -4.89 3.39 84.25
N GLY CB 82 -5.27 2.29 83.60
CA GLY CB 82 -5.88 2.39 82.29
C GLY CB 82 -4.88 2.81 81.24
N HIS CB 83 -5.33 3.68 80.33
CA HIS CB 83 -4.49 4.20 79.26
C HIS CB 83 -3.91 5.56 79.61
N SER CB 84 -3.54 5.75 80.87
CA SER CB 84 -2.89 6.97 81.28
C SER CB 84 -1.57 7.15 80.54
N LEU CB 85 -1.25 8.40 80.20
CA LEU CB 85 0.01 8.69 79.54
C LEU CB 85 1.19 8.60 80.48
N LEU CB 86 0.93 8.50 81.79
CA LEU CB 86 1.96 8.38 82.82
C LEU CB 86 2.93 9.56 82.76
N PHE CB 87 2.36 10.76 82.54
CA PHE CB 87 3.15 11.98 82.58
C PHE CB 87 3.75 12.19 83.96
N VAL CB 88 5.05 12.53 83.98
CA VAL CB 88 5.71 12.77 85.25
C VAL CB 88 5.19 14.05 85.89
N TRP CB 89 4.73 15.00 85.07
CA TRP CB 89 4.06 16.19 85.58
C TRP CB 89 2.55 16.03 85.63
N GLY CB 90 2.04 14.86 85.26
CA GLY CB 90 0.62 14.59 85.27
C GLY CB 90 0.11 14.29 86.66
N PRO CB 91 -1.17 13.92 86.78
CA PRO CB 91 -1.74 13.63 88.10
C PRO CB 91 -1.10 12.44 88.78
N GLU CB 92 -0.54 11.49 88.02
CA GLU CB 92 0.00 10.28 88.59
C GLU CB 92 1.31 10.53 89.34
N ALA CB 93 2.22 11.28 88.74
CA ALA CB 93 3.53 11.47 89.36
C ALA CB 93 3.69 12.88 89.93
N GLN CB 94 3.25 13.90 89.19
CA GLN CB 94 3.29 15.31 89.61
C GLN CB 94 4.71 15.78 89.91
N GLY CB 95 5.68 15.29 89.13
CA GLY CB 95 7.07 15.68 89.28
C GLY CB 95 7.93 14.74 90.11
N ASP CB 96 7.31 13.77 90.80
CA ASP CB 96 8.06 12.83 91.63
C ASP CB 96 8.65 11.76 90.73
N LEU CB 97 9.95 11.87 90.44
CA LEU CB 97 10.61 10.92 89.53
C LEU CB 97 10.70 9.53 90.13
N THR CB 98 10.96 9.42 91.44
CA THR CB 98 11.16 8.12 92.07
C THR CB 98 9.88 7.28 92.05
N ARG CB 99 8.74 7.89 92.39
CA ARG CB 99 7.47 7.17 92.31
C ARG CB 99 7.01 6.98 90.87
N TRP CB 100 7.43 7.86 89.96
CA TRP CB 100 7.09 7.72 88.55
C TRP CB 100 7.69 6.46 87.95
N PHE CB 101 8.93 6.13 88.35
CA PHE CB 101 9.51 4.85 87.96
C PHE CB 101 8.74 3.69 88.56
N GLN CB 102 8.35 3.80 89.83
CA GLN CB 102 7.55 2.76 90.47
C GLN CB 102 6.13 2.69 89.89
N LEU CB 103 5.66 3.75 89.25
CA LEU CB 103 4.37 3.76 88.59
C LEU CB 103 4.42 3.19 87.18
N GLY CB 104 5.60 2.78 86.72
CA GLY CB 104 5.75 2.35 85.36
C GLY CB 104 5.70 3.47 84.34
N GLY CB 105 5.97 4.70 84.77
CA GLY CB 105 5.90 5.84 83.87
C GLY CB 105 6.96 5.87 82.81
N LEU CB 106 8.14 5.30 83.09
CA LEU CB 106 9.21 5.28 82.10
C LEU CB 106 8.89 4.32 80.97
N TRP CB 107 7.97 3.38 81.21
CA TRP CB 107 7.50 2.51 80.14
C TRP CB 107 6.85 3.31 79.03
N ALA CB 108 6.03 4.30 79.40
CA ALA CB 108 5.49 5.22 78.42
C ALA CB 108 6.57 6.14 77.86
N PHE CB 109 7.53 6.53 78.70
CA PHE CB 109 8.67 7.32 78.24
C PHE CB 109 9.47 6.56 77.20
N VAL CB 110 9.67 5.26 77.41
CA VAL CB 110 10.41 4.46 76.45
C VAL CB 110 9.59 4.26 75.18
N ALA CB 111 8.30 3.95 75.33
CA ALA CB 111 7.46 3.63 74.18
C ALA CB 111 7.20 4.85 73.29
N LEU CB 112 6.85 5.99 73.90
CA LEU CB 112 6.56 7.19 73.12
C LEU CB 112 7.80 7.74 72.44
N HIS CB 113 8.93 7.77 73.16
CA HIS CB 113 10.16 8.20 72.53
C HIS CB 113 10.66 7.18 71.52
N GLY CB 114 10.40 5.90 71.77
CA GLY CB 114 10.69 4.89 70.78
C GLY CB 114 9.84 5.07 69.53
N ALA CB 115 8.62 5.58 69.68
CA ALA CB 115 7.75 5.82 68.54
C ALA CB 115 8.31 6.91 67.65
N PHE CB 116 8.65 8.06 68.23
CA PHE CB 116 9.12 9.18 67.43
C PHE CB 116 10.54 8.95 66.93
N GLY CB 117 11.33 8.17 67.66
CA GLY CB 117 12.62 7.76 67.15
C GLY CB 117 12.50 6.83 65.96
N LEU CB 118 11.52 5.92 66.01
CA LEU CB 118 11.24 5.09 64.83
C LEU CB 118 10.76 5.94 63.67
N ILE CB 119 9.96 6.97 63.97
CA ILE CB 119 9.65 7.98 62.97
C ILE CB 119 10.93 8.72 62.58
N GLY CB 120 11.77 9.03 63.57
CA GLY CB 120 13.04 9.68 63.28
C GLY CB 120 13.97 8.83 62.44
N PHE CB 121 14.00 7.52 62.69
CA PHE CB 121 14.78 6.64 61.83
C PHE CB 121 14.12 6.47 60.47
N MET CB 122 12.79 6.51 60.44
CA MET CB 122 12.07 6.52 59.17
C MET CB 122 12.41 7.75 58.34
N LEU CB 123 12.36 8.93 58.95
CA LEU CB 123 12.68 10.15 58.23
C LEU CB 123 14.17 10.26 57.90
N ARG CB 124 15.02 9.59 58.70
CA ARG CB 124 16.44 9.54 58.36
C ARG CB 124 16.67 8.82 57.04
N GLN CB 125 15.91 7.75 56.79
CA GLN CB 125 16.02 7.03 55.53
C GLN CB 125 15.59 7.90 54.35
N PHE CB 126 14.52 8.68 54.53
CA PHE CB 126 14.06 9.57 53.46
C PHE CB 126 15.07 10.68 53.20
N GLU CB 127 15.61 11.26 54.26
CA GLU CB 127 16.50 12.42 54.11
C GLU CB 127 17.83 12.02 53.49
N ILE CB 128 18.41 10.91 53.94
CA ILE CB 128 19.69 10.47 53.38
C ILE CB 128 19.51 10.06 51.93
N ALA CB 129 18.39 9.40 51.61
CA ALA CB 129 18.11 9.02 50.22
C ALA CB 129 17.97 10.25 49.34
N ARG CB 130 17.29 11.29 49.84
CA ARG CB 130 17.24 12.54 49.10
C ARG CB 130 18.59 13.23 49.08
N SER CB 131 19.41 13.03 50.13
CA SER CB 131 20.74 13.61 50.16
C SER CB 131 21.64 12.96 49.12
N VAL CB 132 21.45 11.67 48.86
CA VAL CB 132 22.22 10.96 47.84
C VAL CB 132 21.41 10.73 46.57
N ASN CB 133 20.21 11.33 46.47
CA ASN CB 133 19.35 11.25 45.30
C ASN CB 133 18.99 9.80 44.96
N LEU CB 134 18.39 9.12 45.93
CA LEU CB 134 18.11 7.70 45.83
C LEU CB 134 16.63 7.42 46.13
N ARG CB 135 16.13 6.32 45.57
CA ARG CB 135 14.77 5.88 45.84
C ARG CB 135 14.66 5.41 47.29
N PRO CB 136 13.56 5.75 47.97
CA PRO CB 136 13.42 5.33 49.38
C PRO CB 136 12.71 4.00 49.58
N TYR CB 137 13.17 2.92 48.94
CA TYR CB 137 12.60 1.62 49.24
C TYR CB 137 13.09 1.05 50.55
N ASN CB 138 14.19 1.58 51.11
CA ASN CB 138 14.58 1.19 52.45
C ASN CB 138 13.57 1.66 53.49
N ALA CB 139 13.07 2.89 53.33
CA ALA CB 139 12.07 3.41 54.25
C ALA CB 139 10.72 2.73 54.03
N ILE CB 140 10.35 2.49 52.78
CA ILE CB 140 9.08 1.82 52.49
C ILE CB 140 9.10 0.40 53.06
N ALA CB 141 10.23 -0.28 52.96
CA ALA CB 141 10.37 -1.58 53.61
C ALA CB 141 10.37 -1.43 55.12
N PHE CB 142 10.83 -0.29 55.64
CA PHE CB 142 10.79 0.00 57.06
C PHE CB 142 9.39 0.32 57.56
N SER CB 143 8.43 0.53 56.65
CA SER CB 143 7.06 0.83 57.07
C SER CB 143 6.39 -0.39 57.69
N ALA CB 144 6.85 -1.57 57.35
CA ALA CB 144 6.26 -2.77 57.92
C ALA CB 144 6.73 -2.99 59.36
N PRO CB 145 8.01 -2.77 59.73
CA PRO CB 145 8.32 -2.77 61.18
C PRO CB 145 7.61 -1.69 61.97
N ILE CB 146 7.42 -0.50 61.41
CA ILE CB 146 6.81 0.58 62.19
C ILE CB 146 5.30 0.34 62.33
N ALA CB 147 4.71 -0.44 61.42
CA ALA CB 147 3.33 -0.84 61.59
C ALA CB 147 3.20 -1.87 62.70
N VAL CB 148 4.21 -2.72 62.85
CA VAL CB 148 4.23 -3.71 63.92
C VAL CB 148 4.29 -3.01 65.28
N PHE CB 149 5.13 -1.99 65.38
CA PHE CB 149 5.26 -1.25 66.65
C PHE CB 149 3.98 -0.53 67.01
N VAL CB 150 3.28 0.04 66.03
CA VAL CB 150 2.05 0.77 66.29
C VAL CB 150 0.93 -0.18 66.72
N SER CB 151 0.76 -1.28 65.98
CA SER CB 151 -0.36 -2.18 66.23
C SER CB 151 -0.22 -2.94 67.54
N VAL CB 152 0.97 -3.42 67.87
CA VAL CB 152 1.13 -4.27 69.05
C VAL CB 152 1.34 -3.42 70.30
N PHE CB 153 2.41 -2.62 70.32
CA PHE CB 153 2.79 -1.86 71.50
C PHE CB 153 1.82 -0.75 71.85
N LEU CB 154 1.04 -0.24 70.89
CA LEU CB 154 0.18 0.91 71.14
C LEU CB 154 -1.29 0.64 70.92
N ILE CB 155 -1.67 0.07 69.77
CA ILE CB 155 -3.09 -0.09 69.46
C ILE CB 155 -3.74 -1.11 70.37
N TYR CB 156 -3.11 -2.27 70.55
CA TYR CB 156 -3.69 -3.33 71.37
C TYR CB 156 -3.91 -2.94 72.82
N PRO CB 157 -2.97 -2.31 73.54
CA PRO CB 157 -3.31 -1.86 74.91
C PRO CB 157 -4.37 -0.79 74.94
N LEU CB 158 -4.34 0.17 74.01
CA LEU CB 158 -5.44 1.12 73.90
C LEU CB 158 -6.73 0.41 73.55
N GLY CB 159 -6.64 -0.66 72.75
CA GLY CB 159 -7.79 -1.48 72.49
C GLY CB 159 -8.27 -2.21 73.73
N GLN CB 160 -7.34 -2.69 74.55
CA GLN CB 160 -7.69 -3.37 75.79
C GLN CB 160 -7.93 -2.33 76.88
N SER CB 161 -8.08 -2.79 78.12
CA SER CB 161 -8.48 -1.90 79.21
C SER CB 161 -7.35 -1.00 79.69
N GLY CB 162 -6.11 -1.25 79.31
CA GLY CB 162 -5.02 -0.42 79.77
C GLY CB 162 -3.70 -0.86 79.18
N TRP CB 163 -2.65 -0.17 79.65
CA TRP CB 163 -1.29 -0.49 79.22
C TRP CB 163 -0.80 -1.81 79.80
N PHE CB 164 -1.51 -2.36 80.79
CA PHE CB 164 -1.08 -3.58 81.48
C PHE CB 164 -0.91 -4.75 80.54
N PHE CB 165 -1.78 -4.87 79.54
CA PHE CB 165 -1.78 -6.01 78.63
C PHE CB 165 -0.94 -5.78 77.39
N ALA CB 166 -0.26 -4.65 77.30
CA ALA CB 166 0.75 -4.44 76.29
C ALA CB 166 1.98 -5.28 76.60
N PRO CB 167 2.85 -5.53 75.62
CA PRO CB 167 4.12 -6.17 75.93
C PRO CB 167 4.95 -5.22 76.78
N SER CB 168 5.62 -5.78 77.79
CA SER CB 168 6.57 -4.98 78.56
C SER CB 168 7.91 -5.05 77.86
N PHE CB 169 8.58 -3.91 77.77
CA PHE CB 169 9.86 -3.83 77.05
C PHE CB 169 10.91 -4.59 77.83
N GLY CB 170 11.10 -5.85 77.46
CA GLY CB 170 12.01 -6.75 78.14
C GLY CB 170 11.96 -8.13 77.52
N VAL CB 171 12.81 -9.04 77.96
CA VAL CB 171 12.95 -10.31 77.26
C VAL CB 171 11.90 -11.32 77.70
N ALA CB 172 11.89 -11.70 78.99
CA ALA CB 172 10.90 -12.67 79.43
C ALA CB 172 9.51 -12.06 79.55
N SER CB 173 9.43 -10.72 79.56
CA SER CB 173 8.14 -10.07 79.51
C SER CB 173 7.44 -10.35 78.19
N ILE CB 174 8.22 -10.53 77.12
CA ILE CB 174 7.65 -10.98 75.86
C ILE CB 174 7.03 -12.36 76.02
N PHE CB 175 7.63 -13.23 76.84
CA PHE CB 175 7.14 -14.62 76.92
C PHE CB 175 5.72 -14.65 77.45
N ARG CB 176 5.39 -13.69 78.31
CA ARG CB 176 4.02 -13.56 78.77
C ARG CB 176 3.10 -13.15 77.63
N PHE CB 177 3.51 -12.15 76.83
CA PHE CB 177 2.60 -11.63 75.81
C PHE CB 177 2.68 -12.44 74.52
N ILE CB 178 3.83 -13.10 74.26
CA ILE CB 178 3.93 -13.90 73.03
C ILE CB 178 3.04 -15.12 73.16
N LEU CB 179 2.72 -15.49 74.42
CA LEU CB 179 1.86 -16.62 74.71
C LEU CB 179 0.50 -16.17 75.25
N PHE CB 180 0.40 -14.91 75.69
CA PHE CB 180 -0.88 -14.32 76.10
C PHE CB 180 -1.90 -14.43 74.98
N PHE CB 181 -1.41 -14.30 73.75
CA PHE CB 181 -2.28 -14.32 72.58
C PHE CB 181 -2.70 -15.74 72.22
N GLN CB 182 -2.09 -16.74 72.87
CA GLN CB 182 -2.46 -18.12 72.59
C GLN CB 182 -3.65 -18.56 73.44
N GLY CB 183 -3.52 -18.43 74.76
CA GLY CB 183 -4.59 -18.88 75.65
C GLY CB 183 -5.86 -18.05 75.53
N PHE CB 184 -5.71 -16.72 75.44
CA PHE CB 184 -6.88 -15.85 75.38
C PHE CB 184 -7.39 -15.63 73.98
N HIS CB 185 -6.50 -15.53 72.99
CA HIS CB 185 -6.88 -15.02 71.68
C HIS CB 185 -6.86 -16.04 70.56
N ASN CB 186 -6.10 -17.14 70.71
CA ASN CB 186 -5.90 -18.15 69.66
C ASN CB 186 -5.36 -17.49 68.39
N TRP CB 187 -4.25 -16.78 68.57
CA TRP CB 187 -3.65 -15.98 67.53
C TRP CB 187 -3.04 -16.82 66.41
N THR CB 188 -2.75 -18.10 66.68
CA THR CB 188 -2.31 -18.99 65.60
C THR CB 188 -3.37 -19.17 64.54
N LEU CB 189 -4.64 -19.31 64.95
CA LEU CB 189 -5.73 -19.56 64.02
C LEU CB 189 -6.13 -18.34 63.20
N ASN CB 190 -5.89 -17.13 63.69
CA ASN CB 190 -6.34 -15.94 62.98
C ASN CB 190 -5.50 -15.76 61.71
N PRO CB 191 -6.13 -15.73 60.52
CA PRO CB 191 -5.36 -15.78 59.27
C PRO CB 191 -4.38 -14.64 59.06
N PHE CB 192 -4.56 -13.49 59.72
CA PHE CB 192 -3.59 -12.42 59.59
C PHE CB 192 -2.21 -12.85 60.09
N HIS CB 193 -2.17 -13.54 61.23
CA HIS CB 193 -0.91 -14.04 61.77
C HIS CB 193 -0.28 -15.09 60.87
N MET CB 194 -1.11 -16.02 60.35
CA MET CB 194 -0.61 -17.09 59.48
C MET CB 194 0.06 -16.52 58.24
N MET CB 195 -0.46 -15.40 57.73
CA MET CB 195 0.11 -14.74 56.57
C MET CB 195 1.49 -14.19 56.88
N GLY CB 196 1.68 -13.64 58.09
CA GLY CB 196 2.97 -13.09 58.47
C GLY CB 196 3.99 -14.15 58.81
N VAL CB 197 3.54 -15.35 59.21
CA VAL CB 197 4.46 -16.45 59.45
C VAL CB 197 5.13 -16.86 58.15
N ALA CB 198 4.35 -16.99 57.07
CA ALA CB 198 4.93 -17.37 55.78
C ALA CB 198 5.75 -16.24 55.19
N GLY CB 199 5.49 -15.01 55.62
CA GLY CB 199 6.26 -13.88 55.11
C GLY CB 199 7.71 -13.92 55.56
N VAL CB 200 7.93 -13.94 56.88
CA VAL CB 200 9.29 -13.96 57.40
C VAL CB 200 10.00 -15.26 57.05
N LEU CB 201 9.31 -16.39 57.18
CA LEU CB 201 9.90 -17.66 56.76
C LEU CB 201 10.15 -17.66 55.25
N GLY CB 202 9.27 -17.01 54.49
CA GLY CB 202 9.58 -16.76 53.09
C GLY CB 202 10.71 -15.77 52.92
N ALA CB 203 10.75 -14.74 53.77
CA ALA CB 203 11.85 -13.77 53.71
C ALA CB 203 13.16 -14.41 54.11
N ALA CB 204 13.15 -15.21 55.19
CA ALA CB 204 14.36 -15.92 55.60
C ALA CB 204 14.78 -16.93 54.53
N LEU CB 205 13.81 -17.57 53.88
CA LEU CB 205 14.13 -18.44 52.75
C LEU CB 205 14.73 -17.64 51.61
N LEU CB 206 14.07 -16.55 51.21
CA LEU CB 206 14.56 -15.75 50.09
C LEU CB 206 15.85 -15.03 50.45
N CYS CB 207 16.09 -14.81 51.75
CA CYS CB 207 17.40 -14.32 52.18
C CYS CB 207 18.45 -15.40 51.99
N ALA CB 208 18.11 -16.63 52.38
CA ALA CB 208 19.05 -17.75 52.34
C ALA CB 208 19.30 -18.22 50.90
N ILE CB 209 18.23 -18.43 50.13
CA ILE CB 209 18.43 -18.99 48.79
C ILE CB 209 19.07 -17.99 47.84
N HIS CB 210 18.69 -16.70 47.90
CA HIS CB 210 19.31 -15.73 47.00
C HIS CB 210 20.74 -15.45 47.40
N GLY CB 211 21.02 -15.39 48.71
CA GLY CB 211 22.38 -15.20 49.17
C GLY CB 211 23.28 -16.37 48.85
N ALA CB 212 22.74 -17.59 48.94
CA ALA CB 212 23.53 -18.77 48.64
C ALA CB 212 23.73 -18.95 47.15
N THR CB 213 22.71 -18.64 46.34
CA THR CB 213 22.81 -18.82 44.90
C THR CB 213 23.84 -17.88 44.29
N VAL CB 214 23.85 -16.62 44.73
CA VAL CB 214 24.84 -15.66 44.25
C VAL CB 214 26.24 -16.11 44.64
N GLU CB 215 26.39 -16.58 45.88
CA GLU CB 215 27.68 -17.02 46.39
C GLU CB 215 28.15 -18.33 45.76
N ASN CB 216 27.30 -19.01 45.00
CA ASN CB 216 27.69 -20.25 44.34
C ASN CB 216 27.76 -20.14 42.81
N THR CB 217 27.10 -19.15 42.21
CA THR CB 217 27.09 -18.99 40.76
C THR CB 217 27.92 -17.80 40.30
N LEU CB 218 28.99 -17.47 41.02
CA LEU CB 218 29.84 -16.35 40.66
C LEU CB 218 30.66 -16.67 39.42
N PHE CB 219 31.17 -15.63 38.77
CA PHE CB 219 32.15 -15.76 37.72
C PHE CB 219 33.53 -15.96 38.33
N GLU CB 220 34.49 -16.37 37.49
CA GLU CB 220 35.81 -16.75 37.98
C GLU CB 220 36.54 -15.58 38.64
N ASP CB 221 36.96 -14.59 37.84
CA ASP CB 221 37.74 -13.43 38.29
C ASP CB 221 38.84 -13.84 39.26
N GLY CB 222 39.54 -14.93 38.97
CA GLY CB 222 40.25 -15.64 40.02
C GLY CB 222 41.69 -15.28 40.25
N ASP CB 223 42.60 -16.17 39.82
CA ASP CB 223 44.02 -16.12 40.17
C ASP CB 223 44.18 -16.09 41.69
N GLY CB 224 43.37 -16.91 42.36
CA GLY CB 224 43.30 -16.97 43.79
C GLY CB 224 42.04 -17.71 44.24
N ALA CB 225 42.14 -18.48 45.32
CA ALA CB 225 41.00 -19.27 45.77
C ALA CB 225 39.93 -18.45 46.48
N ASN CB 226 40.31 -17.37 47.16
CA ASN CB 226 39.35 -16.58 47.94
C ASN CB 226 38.55 -15.70 46.99
N THR CB 227 37.25 -16.00 46.87
CA THR CB 227 36.38 -15.24 45.99
C THR CB 227 36.08 -13.84 46.52
N PHE CB 228 36.31 -13.59 47.81
CA PHE CB 228 36.05 -12.27 48.38
C PHE CB 228 37.12 -11.25 47.95
N ARG CB 229 38.26 -11.72 47.46
CA ARG CB 229 39.27 -10.85 46.88
C ARG CB 229 39.08 -10.65 45.38
N ALA CB 230 38.07 -11.28 44.78
CA ALA CB 230 37.86 -11.28 43.35
C ALA CB 230 36.92 -10.18 42.87
N PHE CB 231 36.48 -9.30 43.78
CA PHE CB 231 35.49 -8.28 43.46
C PHE CB 231 36.01 -6.89 43.79
N ASN CB 232 35.75 -5.95 42.89
CA ASN CB 232 35.95 -4.54 43.14
C ASN CB 232 34.63 -3.80 42.99
N PRO CB 233 34.31 -2.86 43.88
CA PRO CB 233 33.01 -2.17 43.80
C PRO CB 233 32.82 -1.38 42.51
N THR CB 234 33.89 -0.82 41.95
CA THR CB 234 33.79 0.03 40.75
C THR CB 234 34.16 -0.81 39.53
N GLN CB 235 33.17 -1.57 39.04
CA GLN CB 235 33.38 -2.40 37.87
C GLN CB 235 32.13 -2.36 37.00
N ALA CB 236 32.24 -2.95 35.81
CA ALA CB 236 31.17 -2.93 34.82
C ALA CB 236 30.69 -4.34 34.47
N GLU CB 237 30.88 -5.30 35.37
CA GLU CB 237 30.56 -6.69 35.10
C GLU CB 237 29.76 -7.31 36.23
N GLU CB 238 28.77 -8.12 35.87
CA GLU CB 238 28.00 -8.84 36.88
C GLU CB 238 28.88 -9.84 37.60
N THR CB 239 28.73 -9.88 38.92
CA THR CB 239 29.52 -10.77 39.75
C THR CB 239 29.14 -12.24 39.61
N TYR CB 240 27.85 -12.55 39.48
CA TYR CB 240 27.37 -13.93 39.45
C TYR CB 240 26.54 -14.18 38.20
N SER CB 241 26.59 -15.41 37.71
CA SER CB 241 25.87 -15.81 36.50
C SER CB 241 24.46 -16.27 36.85
N MET CB 242 23.46 -15.46 36.52
CA MET CB 242 22.09 -15.92 36.66
C MET CB 242 21.72 -16.97 35.62
N VAL CB 243 22.33 -16.93 34.43
CA VAL CB 243 21.97 -17.87 33.38
C VAL CB 243 22.31 -19.28 33.82
N THR CB 244 23.45 -19.44 34.48
CA THR CB 244 23.75 -20.71 35.15
C THR CB 244 22.73 -20.99 36.25
N ALA CB 245 22.34 -19.95 36.99
CA ALA CB 245 21.46 -20.13 38.13
C ALA CB 245 19.99 -20.29 37.72
N ASN CB 246 19.54 -19.54 36.71
CA ASN CB 246 18.13 -19.60 36.33
C ASN CB 246 17.79 -20.95 35.69
N ARG CB 247 18.79 -21.62 35.13
CA ARG CB 247 18.58 -22.96 34.61
C ARG CB 247 18.32 -23.95 35.74
N PHE CB 248 18.83 -23.65 36.94
CA PHE CB 248 18.74 -24.58 38.06
C PHE CB 248 17.32 -24.73 38.56
N TRP CB 249 16.73 -23.63 39.02
CA TRP CB 249 15.43 -23.70 39.67
C TRP CB 249 14.33 -23.97 38.64
N SER CB 250 14.65 -23.84 37.35
CA SER CB 250 13.76 -24.39 36.33
C SER CB 250 13.90 -25.91 36.27
N GLN CB 251 15.08 -26.44 36.58
CA GLN CB 251 15.31 -27.87 36.59
C GLN CB 251 15.24 -28.48 37.99
N ILE CB 252 15.59 -27.72 39.03
CA ILE CB 252 15.57 -28.21 40.41
C ILE CB 252 14.20 -27.93 41.01
N PHE CB 253 13.78 -26.67 40.95
CA PHE CB 253 12.51 -26.26 41.55
C PHE CB 253 11.38 -26.20 40.54
N GLY CB 254 11.68 -26.16 39.25
CA GLY CB 254 10.63 -26.12 38.24
C GLY CB 254 10.48 -24.75 37.62
N VAL CB 255 10.57 -23.70 38.44
CA VAL CB 255 10.49 -22.32 37.97
C VAL CB 255 11.61 -21.52 38.64
N ALA CB 256 12.02 -20.46 37.95
CA ALA CB 256 13.16 -19.68 38.42
C ALA CB 256 12.94 -18.21 38.09
N PHE CB 257 13.50 -17.35 38.95
CA PHE CB 257 13.48 -15.93 38.68
C PHE CB 257 14.28 -15.62 37.42
N SER CB 258 13.77 -14.71 36.62
CA SER CB 258 14.41 -14.33 35.37
C SER CB 258 14.72 -12.85 35.30
N ASN CB 259 14.72 -12.14 36.42
CA ASN CB 259 14.87 -10.69 36.45
C ASN CB 259 15.38 -10.26 37.81
N LYS CB 260 16.54 -9.60 37.84
CA LYS CB 260 17.07 -9.06 39.09
C LYS CB 260 16.29 -7.84 39.56
N ARG CB 261 15.66 -7.12 38.63
CA ARG CB 261 14.72 -6.07 39.04
C ARG CB 261 13.59 -6.65 39.86
N TRP CB 262 13.03 -7.78 39.39
CA TRP CB 262 11.88 -8.38 40.06
C TRP CB 262 12.29 -9.20 41.27
N LEU CB 263 13.50 -9.78 41.23
CA LEU CB 263 13.95 -10.69 42.28
C LEU CB 263 14.05 -9.99 43.63
N HIS CB 264 14.79 -8.88 43.67
CA HIS CB 264 14.95 -8.17 44.94
C HIS CB 264 13.66 -7.48 45.35
N PHE CB 265 12.84 -7.07 44.38
CA PHE CB 265 11.53 -6.52 44.69
C PHE CB 265 10.65 -7.55 45.36
N PHE CB 266 10.63 -8.78 44.84
CA PHE CB 266 9.90 -9.86 45.50
C PHE CB 266 10.59 -10.25 46.81
N MET CB 267 11.92 -10.10 46.86
CA MET CB 267 12.62 -10.26 48.13
C MET CB 267 12.25 -9.14 49.10
N LEU CB 268 11.88 -7.97 48.55
CA LEU CB 268 11.36 -6.90 49.39
C LEU CB 268 9.86 -7.06 49.62
N PHE CB 269 9.17 -7.73 48.70
CA PHE CB 269 7.73 -7.88 48.87
C PHE CB 269 7.39 -8.93 49.92
N VAL CB 270 8.25 -9.93 50.08
CA VAL CB 270 7.93 -11.04 50.99
C VAL CB 270 7.86 -10.63 52.47
N PRO CB 271 8.79 -9.81 53.02
CA PRO CB 271 8.62 -9.50 54.45
C PRO CB 271 7.67 -8.34 54.73
N VAL CB 272 7.59 -7.36 53.83
CA VAL CB 272 6.83 -6.14 54.10
C VAL CB 272 5.34 -6.43 54.09
N THR CB 273 4.88 -7.24 53.12
CA THR CB 273 3.47 -7.60 53.08
C THR CB 273 3.08 -8.43 54.29
N GLY CB 274 3.99 -9.30 54.75
CA GLY CB 274 3.68 -10.17 55.89
C GLY CB 274 3.49 -9.41 57.18
N LEU CB 275 4.37 -8.44 57.46
CA LEU CB 275 4.23 -7.68 58.70
C LEU CB 275 2.98 -6.81 58.69
N TRP CB 276 2.71 -6.17 57.54
CA TRP CB 276 1.52 -5.32 57.42
C TRP CB 276 0.24 -6.13 57.56
N MET CB 277 0.23 -7.32 56.96
CA MET CB 277 -0.95 -8.18 57.03
C MET CB 277 -1.15 -8.69 58.45
N SER CB 278 -0.06 -9.05 59.14
CA SER CB 278 -0.16 -9.59 60.49
C SER CB 278 -0.47 -8.51 61.52
N ALA CB 279 -0.03 -7.27 61.28
CA ALA CB 279 -0.34 -6.19 62.19
C ALA CB 279 -1.82 -5.86 62.16
N LEU CB 280 -2.49 -6.20 61.06
CA LEU CB 280 -3.94 -5.99 60.98
C LEU CB 280 -4.67 -6.92 61.93
N GLY CB 281 -4.14 -8.13 62.14
CA GLY CB 281 -4.78 -9.06 63.06
C GLY CB 281 -4.59 -8.66 64.51
N VAL CB 282 -3.48 -8.01 64.82
CA VAL CB 282 -3.30 -7.47 66.17
C VAL CB 282 -4.30 -6.34 66.41
N VAL CB 283 -4.53 -5.51 65.38
CA VAL CB 283 -5.65 -4.58 65.40
C VAL CB 283 -6.95 -5.38 65.48
N GLY CB 284 -7.00 -6.51 64.79
CA GLY CB 284 -8.16 -7.38 64.89
C GLY CB 284 -8.24 -8.10 66.23
N LEU CB 285 -7.12 -8.18 66.94
CA LEU CB 285 -7.16 -8.75 68.29
C LEU CB 285 -7.17 -7.68 69.36
N ALA CB 286 -7.14 -6.40 68.97
CA ALA CB 286 -7.14 -5.33 69.95
C ALA CB 286 -8.43 -5.28 70.74
N LEU CB 287 -9.57 -5.53 70.09
CA LEU CB 287 -10.87 -5.46 70.73
C LEU CB 287 -11.50 -6.84 70.88
N ASN CB 288 -10.69 -7.88 71.02
CA ASN CB 288 -11.13 -9.25 71.36
C ASN CB 288 -12.13 -9.84 70.37
N LEU CB 289 -12.07 -9.40 69.12
CA LEU CB 289 -12.92 -9.98 68.08
C LEU CB 289 -12.01 -10.94 67.31
N ARG CB 290 -11.90 -12.16 67.83
CA ARG CB 290 -10.85 -13.10 67.51
C ARG CB 290 -11.36 -14.29 66.70
N ALA CB 291 -10.48 -14.84 65.86
CA ALA CB 291 -10.76 -16.07 65.14
C ALA CB 291 -10.42 -17.27 66.02
N TYR CB 292 -11.16 -17.38 67.12
CA TYR CB 292 -10.92 -18.43 68.10
C TYR CB 292 -11.47 -19.76 67.61
N ASP CB 293 -12.76 -19.81 67.31
CA ASP CB 293 -13.45 -21.08 67.13
C ASP CB 293 -14.06 -21.19 65.73
N PHE CB 294 -14.10 -22.41 65.24
CA PHE CB 294 -14.93 -22.78 64.11
C PHE CB 294 -16.21 -23.33 64.71
N VAL CB 295 -17.34 -22.67 64.46
CA VAL CB 295 -18.59 -23.00 65.14
C VAL CB 295 -19.04 -24.41 64.80
N SER CB 296 -18.93 -24.80 63.53
CA SER CB 296 -19.35 -26.14 63.12
C SER CB 296 -18.52 -27.23 63.80
N GLN CB 297 -17.24 -26.95 64.07
CA GLN CB 297 -16.43 -27.91 64.81
C GLN CB 297 -16.85 -27.97 66.28
N GLU CB 298 -17.17 -26.83 66.89
CA GLU CB 298 -17.63 -26.84 68.27
C GLU CB 298 -19.02 -27.46 68.38
N ILE CB 299 -19.88 -27.21 67.39
CA ILE CB 299 -21.21 -27.81 67.38
C ILE CB 299 -21.11 -29.32 67.21
N ARG CB 300 -20.26 -29.79 66.28
CA ARG CB 300 -20.14 -31.22 66.04
C ARG CB 300 -19.47 -31.92 67.22
N ALA CB 301 -18.52 -31.25 67.88
CA ALA CB 301 -17.87 -31.86 69.03
C ALA CB 301 -18.84 -32.01 70.21
N ALA CB 302 -19.81 -31.11 70.33
CA ALA CB 302 -20.78 -31.22 71.41
C ALA CB 302 -21.75 -32.38 71.17
N GLU CB 303 -22.18 -32.57 69.93
CA GLU CB 303 -23.08 -33.66 69.58
C GLU CB 303 -22.36 -34.99 69.41
N ASP CB 304 -21.03 -34.98 69.34
CA ASP CB 304 -20.27 -36.21 69.15
C ASP CB 304 -19.16 -36.32 70.18
N PRO CB 305 -19.31 -37.14 71.21
CA PRO CB 305 -18.22 -37.34 72.17
C PRO CB 305 -17.10 -38.23 71.65
N GLU CB 306 -17.20 -38.74 70.42
CA GLU CB 306 -16.15 -39.56 69.83
C GLU CB 306 -15.29 -38.78 68.86
N PHE CB 307 -15.72 -37.58 68.47
CA PHE CB 307 -15.01 -36.76 67.49
C PHE CB 307 -14.00 -35.88 68.22
N GLU CB 308 -12.73 -36.03 67.86
CA GLU CB 308 -11.71 -35.11 68.34
C GLU CB 308 -10.68 -34.89 67.24
N THR CB 309 -10.22 -33.66 67.13
CA THR CB 309 -9.13 -33.30 66.25
C THR CB 309 -8.01 -32.72 67.10
N PHE CB 310 -6.90 -32.38 66.45
CA PHE CB 310 -5.88 -31.61 67.14
C PHE CB 310 -6.40 -30.21 67.46
N TYR CB 311 -7.23 -29.68 66.57
CA TYR CB 311 -7.91 -28.41 66.79
C TYR CB 311 -8.86 -28.48 67.99
N THR CB 312 -9.60 -29.58 68.12
CA THR CB 312 -10.46 -29.75 69.31
C THR CB 312 -9.63 -29.79 70.57
N LYS CB 313 -8.43 -30.39 70.49
CA LYS CB 313 -7.48 -30.25 71.58
C LYS CB 313 -7.00 -28.81 71.69
N ASN CB 314 -6.60 -28.21 70.56
CA ASN CB 314 -6.06 -26.85 70.55
C ASN CB 314 -7.08 -25.82 71.04
N ILE CB 315 -8.36 -26.07 70.81
CA ILE CB 315 -9.39 -25.26 71.44
C ILE CB 315 -9.33 -25.45 72.95
N LEU CB 316 -9.23 -26.70 73.39
CA LEU CB 316 -9.18 -27.00 74.83
C LEU CB 316 -7.83 -26.63 75.43
N LEU CB 317 -6.78 -26.61 74.60
CA LEU CB 317 -5.45 -26.25 75.10
C LEU CB 317 -5.35 -24.75 75.38
N ASN CB 318 -6.43 -24.00 75.15
CA ASN CB 318 -6.41 -22.57 75.39
C ASN CB 318 -6.94 -22.22 76.78
N GLU CB 319 -8.09 -22.78 77.18
CA GLU CB 319 -8.64 -22.41 78.49
C GLU CB 319 -7.85 -23.03 79.63
N GLY CB 320 -7.01 -24.03 79.33
CA GLY CB 320 -6.10 -24.51 80.35
C GLY CB 320 -5.12 -23.44 80.77
N ILE CB 321 -4.70 -22.59 79.82
CA ILE CB 321 -3.93 -21.41 80.16
C ILE CB 321 -4.80 -20.43 80.94
N ARG CB 322 -6.01 -20.17 80.45
CA ARG CB 322 -6.89 -19.14 81.00
C ARG CB 322 -7.19 -19.39 82.47
N ALA CB 323 -7.34 -20.66 82.86
CA ALA CB 323 -7.56 -20.96 84.26
C ALA CB 323 -6.29 -20.78 85.09
N TRP CB 324 -5.13 -21.12 84.51
CA TRP CB 324 -3.89 -21.08 85.25
C TRP CB 324 -3.08 -19.80 85.03
N MET CB 325 -3.56 -18.89 84.19
CA MET CB 325 -2.87 -17.63 83.95
C MET CB 325 -3.60 -16.44 84.57
N ALA CB 326 -4.89 -16.59 84.85
CA ALA CB 326 -5.71 -15.49 85.32
C ALA CB 326 -5.27 -15.00 86.70
N ALA CB 327 -4.98 -15.92 87.61
CA ALA CB 327 -4.75 -15.55 89.01
C ALA CB 327 -3.47 -14.75 89.19
N GLN CB 328 -2.36 -15.25 88.65
CA GLN CB 328 -1.06 -14.65 88.92
C GLN CB 328 -0.64 -13.60 87.91
N ASP CB 329 -1.39 -13.41 86.82
CA ASP CB 329 -1.00 -12.41 85.83
C ASP CB 329 -2.02 -11.29 85.67
N GLN CB 330 -3.09 -11.29 86.46
CA GLN CB 330 -4.03 -10.17 86.53
C GLN CB 330 -4.24 -9.82 87.99
N PRO CB 331 -3.25 -9.23 88.66
CA PRO CB 331 -3.39 -8.91 90.09
C PRO CB 331 -4.46 -7.87 90.37
N HIS CB 332 -4.80 -7.03 89.39
CA HIS CB 332 -5.94 -6.14 89.54
C HIS CB 332 -7.25 -6.91 89.66
N GLU CB 333 -7.33 -8.09 89.05
CA GLU CB 333 -8.50 -8.92 89.18
C GLU CB 333 -8.52 -9.73 90.47
N LYS CB 334 -7.37 -9.83 91.16
CA LYS CB 334 -7.20 -10.47 92.48
C LYS CB 334 -7.91 -11.83 92.59
N LEU CB 335 -7.91 -12.57 91.49
CA LEU CB 335 -8.65 -13.84 91.40
C LEU CB 335 -7.95 -14.88 92.26
N THR CB 336 -8.51 -15.17 93.42
CA THR CB 336 -8.01 -16.23 94.29
C THR CB 336 -8.74 -17.53 93.96
N LEU CB 337 -8.42 -18.05 92.78
CA LEU CB 337 -9.14 -19.18 92.21
C LEU CB 337 -8.85 -20.45 93.00
N PRO CB 338 -9.86 -21.18 93.45
CA PRO CB 338 -9.62 -22.43 94.17
C PRO CB 338 -9.03 -23.50 93.28
N GLU CB 339 -8.34 -24.44 93.94
CA GLU CB 339 -7.62 -25.50 93.22
C GLU CB 339 -8.55 -26.54 92.60
N GLU CB 340 -9.73 -26.77 93.18
CA GLU CB 340 -10.61 -27.84 92.72
C GLU CB 340 -11.30 -27.54 91.39
N VAL CB 341 -11.16 -26.32 90.86
CA VAL CB 341 -11.80 -25.94 89.61
C VAL CB 341 -10.82 -25.87 88.46
N LEU CB 342 -9.52 -26.00 88.72
CA LEU CB 342 -8.53 -25.90 87.65
C LEU CB 342 -8.58 -27.13 86.76
N PRO CB 343 -8.82 -26.98 85.46
CA PRO CB 343 -8.83 -28.14 84.57
C PRO CB 343 -7.43 -28.69 84.39
N ARG CB 344 -7.32 -30.01 84.48
CA ARG CB 344 -6.04 -30.69 84.42
C ARG CB 344 -6.18 -32.00 83.68
N GLY CB 345 -5.07 -32.46 83.14
CA GLY CB 345 -4.97 -33.79 82.60
C GLY CB 345 -4.88 -34.77 83.75
N ASN CB 346 -4.96 -36.05 83.44
CA ASN CB 346 -5.17 -36.96 84.54
C ASN CB 346 -3.85 -37.27 85.22
N ALA CB 347 -3.91 -37.43 86.54
CA ALA CB 347 -2.76 -37.41 87.45
C ALA CB 347 -2.04 -36.09 87.17
N LEU CB 348 -0.72 -36.10 86.93
CA LEU CB 348 -0.01 -34.99 86.32
C LEU CB 348 -0.03 -33.69 87.12
N GLU DB 1 41.95 12.52 60.37
CA GLU DB 1 40.74 11.77 60.05
C GLU DB 1 40.36 10.85 61.20
N ARG DB 2 41.40 10.31 61.87
CA ARG DB 2 41.31 9.42 63.02
C ARG DB 2 40.41 8.22 62.75
N PRO DB 3 40.87 7.22 61.96
CA PRO DB 3 39.99 6.13 61.52
C PRO DB 3 39.81 5.02 62.56
N PHE DB 4 40.11 5.30 63.83
CA PHE DB 4 40.10 4.44 65.01
C PHE DB 4 41.29 3.47 65.02
N SER DB 5 42.11 3.43 63.96
CA SER DB 5 43.33 2.64 64.00
C SER DB 5 44.49 3.41 64.59
N ASP DB 6 44.33 4.70 64.81
CA ASP DB 6 45.36 5.56 65.40
C ASP DB 6 44.99 6.06 66.78
N ILE DB 7 43.70 6.14 67.09
CA ILE DB 7 43.27 6.58 68.42
C ILE DB 7 43.59 5.52 69.47
N LEU DB 8 43.21 4.27 69.19
CA LEU DB 8 43.40 3.21 70.17
C LEU DB 8 44.83 2.70 70.21
N THR DB 9 45.67 3.08 69.24
CA THR DB 9 47.07 2.69 69.23
C THR DB 9 47.99 3.78 69.74
N SER DB 10 47.43 4.87 70.27
CA SER DB 10 48.21 6.01 70.72
C SER DB 10 48.29 6.00 72.24
N ILE DB 11 49.51 6.19 72.76
CA ILE DB 11 49.70 6.24 74.20
C ILE DB 11 49.17 7.54 74.79
N ARG DB 12 48.98 8.58 73.97
CA ARG DB 12 48.33 9.80 74.46
C ARG DB 12 46.90 9.51 74.87
N TYR DB 13 46.20 8.66 74.11
CA TYR DB 13 44.87 8.20 74.50
C TYR DB 13 44.92 7.41 75.80
N TRP DB 14 45.92 6.56 75.95
CA TRP DB 14 45.99 5.60 77.04
C TRP DB 14 46.25 6.25 78.41
N VAL DB 15 47.06 7.30 78.48
CA VAL DB 15 47.36 7.92 79.77
C VAL DB 15 46.15 8.65 80.36
N ILE DB 16 45.31 9.26 79.52
CA ILE DB 16 44.13 9.97 80.01
C ILE DB 16 42.92 9.06 80.15
N HIS DB 17 42.95 7.86 79.57
CA HIS DB 17 41.86 6.90 79.71
C HIS DB 17 42.18 5.78 80.70
N SER DB 18 43.42 5.69 81.18
CA SER DB 18 43.71 4.73 82.25
C SER DB 18 43.20 5.22 83.59
N ILE DB 19 42.74 6.46 83.67
CA ILE DB 19 42.21 7.04 84.89
C ILE DB 19 40.72 7.35 84.77
N THR DB 20 40.27 7.80 83.59
CA THR DB 20 38.87 8.18 83.42
C THR DB 20 37.99 6.94 83.26
N VAL DB 21 38.46 5.92 82.53
CA VAL DB 21 37.68 4.69 82.39
C VAL DB 21 37.50 3.98 83.73
N PRO DB 22 38.53 3.78 84.56
CA PRO DB 22 38.25 3.24 85.90
C PRO DB 22 37.46 4.19 86.78
N SER DB 23 37.50 5.50 86.51
CA SER DB 23 36.73 6.45 87.30
C SER DB 23 35.23 6.19 87.18
N LEU DB 24 34.74 6.01 85.95
CA LEU DB 24 33.33 5.65 85.77
C LEU DB 24 33.06 4.27 86.31
N PHE DB 25 34.05 3.37 86.24
CA PHE DB 25 33.93 2.06 86.87
C PHE DB 25 33.82 2.20 88.38
N ILE DB 26 34.65 3.06 88.98
CA ILE DB 26 34.55 3.31 90.42
C ILE DB 26 33.27 4.07 90.73
N ALA DB 27 32.90 5.03 89.87
CA ALA DB 27 31.66 5.78 90.08
C ALA DB 27 30.44 4.87 89.98
N GLY DB 28 30.46 3.92 89.06
CA GLY DB 28 29.39 2.94 89.00
C GLY DB 28 29.39 2.02 90.21
N TRP DB 29 30.57 1.64 90.68
CA TRP DB 29 30.68 0.75 91.82
C TRP DB 29 30.14 1.40 93.09
N LEU DB 30 30.49 2.66 93.32
CA LEU DB 30 30.12 3.30 94.58
C LEU DB 30 28.67 3.78 94.55
N PHE DB 31 28.05 3.86 93.37
CA PHE DB 31 26.67 4.32 93.30
C PHE DB 31 25.72 3.30 93.91
N VAL DB 32 25.94 2.01 93.63
CA VAL DB 32 25.06 0.96 94.12
C VAL DB 32 25.58 0.30 95.39
N SER DB 33 26.87 0.46 95.72
CA SER DB 33 27.36 -0.06 96.98
C SER DB 33 26.92 0.79 98.16
N THR DB 34 26.51 2.03 97.91
CA THR DB 34 26.00 2.93 98.94
C THR DB 34 24.49 2.89 99.05
N GLY DB 35 23.80 2.08 98.24
CA GLY DB 35 22.37 1.99 98.28
C GLY DB 35 21.62 3.16 97.65
N LEU DB 36 22.31 4.04 96.93
CA LEU DB 36 21.64 5.17 96.31
C LEU DB 36 20.83 4.75 95.09
N ALA DB 37 21.10 3.56 94.54
CA ALA DB 37 20.33 3.07 93.39
C ALA DB 37 18.91 2.74 93.80
N TYR DB 38 18.72 2.24 95.01
CA TYR DB 38 17.37 1.96 95.51
C TYR DB 38 16.57 3.25 95.65
N ASP DB 39 17.21 4.31 96.14
CA ASP DB 39 16.48 5.53 96.47
C ASP DB 39 16.13 6.34 95.23
N VAL DB 40 16.98 6.30 94.21
CA VAL DB 40 16.73 7.09 93.00
C VAL DB 40 15.57 6.49 92.21
N PHE DB 41 15.55 5.17 92.06
CA PHE DB 41 14.57 4.51 91.21
C PHE DB 41 13.45 3.83 91.97
N GLY DB 42 13.49 3.85 93.31
CA GLY DB 42 12.41 3.28 94.08
C GLY DB 42 12.39 1.77 94.20
N SER DB 43 13.45 1.09 93.77
CA SER DB 43 13.51 -0.36 93.92
C SER DB 43 13.74 -0.72 95.38
N PRO DB 44 12.94 -1.62 95.95
CA PRO DB 44 13.17 -2.03 97.34
C PRO DB 44 14.39 -2.93 97.46
N ARG DB 45 15.12 -2.74 98.55
CA ARG DB 45 16.17 -3.68 98.90
C ARG DB 45 15.52 -5.01 99.30
N PRO DB 46 16.26 -6.12 99.23
CA PRO DB 46 15.64 -7.43 99.53
C PRO DB 46 15.12 -7.60 100.94
N ASN DB 47 15.35 -6.63 101.84
CA ASN DB 47 14.91 -6.74 103.22
C ASN DB 47 13.63 -5.96 103.52
N GLU DB 48 12.96 -5.39 102.52
CA GLU DB 48 11.72 -4.66 102.78
C GLU DB 48 10.66 -4.94 101.72
N TYR DB 49 10.77 -6.08 101.03
CA TYR DB 49 9.80 -6.42 99.99
C TYR DB 49 8.42 -6.69 100.56
N PHE DB 50 8.33 -7.17 101.80
CA PHE DB 50 7.08 -7.53 102.42
C PHE DB 50 7.00 -6.88 103.80
N THR DB 51 5.91 -6.19 104.07
CA THR DB 51 5.75 -5.45 105.30
C THR DB 51 4.79 -6.18 106.24
N GLU DB 52 4.61 -5.60 107.43
CA GLU DB 52 3.71 -6.20 108.41
C GLU DB 52 2.24 -6.01 108.04
N ASP DB 53 1.91 -4.86 107.46
CA ASP DB 53 0.52 -4.59 107.08
C ASP DB 53 0.07 -5.51 105.95
N ARG DB 54 0.88 -5.61 104.90
CA ARG DB 54 0.59 -6.46 103.76
C ARG DB 54 1.71 -7.46 103.54
N GLN DB 55 1.35 -8.74 103.43
CA GLN DB 55 2.31 -9.81 103.16
C GLN DB 55 2.16 -10.38 101.75
N ASP DB 56 1.54 -9.63 100.85
CA ASP DB 56 1.38 -10.03 99.46
C ASP DB 56 2.02 -8.99 98.55
N ALA DB 57 1.80 -9.17 97.25
CA ALA DB 57 2.31 -8.23 96.28
C ALA DB 57 1.51 -6.94 96.35
N PRO DB 58 2.17 -5.77 96.28
CA PRO DB 58 1.42 -4.51 96.29
C PRO DB 58 0.65 -4.29 94.99
N LEU DB 59 -0.43 -3.52 95.10
CA LEU DB 59 -1.33 -3.22 93.99
C LEU DB 59 -1.36 -1.72 93.72
N ILE DB 60 -1.67 -1.36 92.48
CA ILE DB 60 -1.78 0.05 92.11
C ILE DB 60 -3.11 0.62 92.62
N THR DB 61 -4.23 -0.01 92.23
CA THR DB 61 -5.61 0.18 92.68
C THR DB 61 -6.11 1.63 92.81
N ASP DB 62 -5.47 2.57 92.12
CA ASP DB 62 -5.93 3.96 92.07
C ASP DB 62 -5.10 4.70 91.03
N ARG DB 63 -5.68 5.74 90.44
CA ARG DB 63 -5.00 6.54 89.44
C ARG DB 63 -4.61 7.93 89.92
N PHE DB 64 -5.58 8.69 90.44
CA PHE DB 64 -5.33 10.07 90.86
C PHE DB 64 -4.50 10.17 92.14
N ASN DB 65 -4.66 9.24 93.08
CA ASN DB 65 -3.93 9.23 94.33
C ASN DB 65 -2.74 8.29 94.26
N ALA DB 66 -2.11 8.21 93.09
CA ALA DB 66 -1.03 7.26 92.85
C ALA DB 66 0.15 7.47 93.79
N LEU DB 67 0.52 8.73 94.06
CA LEU DB 67 1.63 9.00 94.97
C LEU DB 67 1.30 8.57 96.40
N GLU DB 68 0.13 8.96 96.90
CA GLU DB 68 -0.20 8.69 98.29
C GLU DB 68 -0.48 7.21 98.53
N GLN DB 69 -0.77 6.45 97.48
CA GLN DB 69 -0.95 5.02 97.63
C GLN DB 69 0.38 4.29 97.58
N VAL DB 70 1.33 4.78 96.77
CA VAL DB 70 2.64 4.14 96.73
C VAL DB 70 3.51 4.61 97.89
N LYS DB 71 3.20 5.78 98.47
CA LYS DB 71 4.00 6.28 99.58
C LYS DB 71 3.79 5.45 100.83
N LYS DB 72 2.63 4.80 100.95
CA LYS DB 72 2.34 3.98 102.12
C LYS DB 72 2.69 2.50 101.93
N LEU DB 73 2.49 1.94 100.73
CA LEU DB 73 2.79 0.52 100.49
C LEU DB 73 4.25 0.25 100.24
N SER DB 74 5.06 1.26 99.93
CA SER DB 74 6.48 1.05 99.69
C SER DB 74 7.24 1.09 101.02
N ALA DB 75 8.57 1.21 100.94
CA ALA DB 75 9.40 1.23 102.14
C ALA DB 75 9.45 2.61 102.79
N GLN DB 76 8.27 3.18 103.08
CA GLN DB 76 8.12 4.48 103.76
C GLN DB 76 8.84 5.62 103.05
N ILE EB 1 38.28 18.28 70.17
CA ILE EB 1 37.09 17.51 70.53
C ILE EB 1 35.84 18.32 70.24
N PHE EB 2 34.78 18.03 71.00
CA PHE EB 2 33.47 18.67 70.88
C PHE EB 2 32.87 18.52 69.48
N THR EB 3 33.16 17.42 68.80
CA THR EB 3 32.59 17.15 67.49
C THR EB 3 31.43 16.16 67.61
N VAL EB 4 30.79 15.88 66.47
CA VAL EB 4 29.63 14.99 66.44
C VAL EB 4 30.05 13.57 66.81
N ARG EB 5 31.18 13.09 66.26
CA ARG EB 5 31.66 11.76 66.57
C ARG EB 5 32.03 11.63 68.05
N TRP EB 6 32.65 12.66 68.61
CA TRP EB 6 33.02 12.64 70.02
C TRP EB 6 31.78 12.64 70.91
N LEU EB 7 30.75 13.38 70.51
CA LEU EB 7 29.50 13.35 71.26
C LEU EB 7 28.77 12.03 71.05
N ALA EB 8 28.91 11.43 69.87
CA ALA EB 8 28.20 10.18 69.58
C ALA EB 8 28.74 9.01 70.42
N ILE EB 9 30.05 8.84 70.49
CA ILE EB 9 30.60 7.74 71.28
C ILE EB 9 30.42 8.02 72.78
N HIS EB 10 30.60 9.27 73.20
CA HIS EB 10 30.51 9.59 74.62
C HIS EB 10 29.07 9.57 75.11
N ALA EB 11 28.10 9.62 74.19
CA ALA EB 11 26.71 9.45 74.60
C ALA EB 11 26.43 7.99 74.96
N ILE EB 12 27.27 7.08 74.50
CA ILE EB 12 27.12 5.66 74.79
C ILE EB 12 28.27 5.14 75.66
N ALA EB 13 29.51 5.43 75.29
CA ALA EB 13 30.65 4.83 75.96
C ALA EB 13 30.80 5.35 77.39
N VAL EB 14 30.62 6.66 77.59
CA VAL EB 14 30.67 7.20 78.96
C VAL EB 14 29.56 6.64 79.84
N PRO EB 15 28.28 6.59 79.41
CA PRO EB 15 27.30 5.89 80.25
C PRO EB 15 27.50 4.39 80.32
N THR EB 16 28.33 3.81 79.45
CA THR EB 16 28.51 2.36 79.46
C THR EB 16 29.24 1.89 80.72
N ILE EB 17 30.51 2.30 80.87
CA ILE EB 17 31.33 1.81 81.98
C ILE EB 17 30.79 2.28 83.32
N PHE EB 18 30.18 3.46 83.36
CA PHE EB 18 29.47 3.88 84.57
C PHE EB 18 28.31 2.93 84.87
N PHE EB 19 27.62 2.44 83.84
CA PHE EB 19 26.56 1.48 84.09
C PHE EB 19 27.11 0.09 84.40
N LEU EB 20 28.15 -0.32 83.68
CA LEU EB 20 28.79 -1.61 83.96
C LEU EB 20 29.41 -1.64 85.35
N GLY EB 21 29.87 -0.49 85.85
CA GLY EB 21 30.33 -0.43 87.23
C GLY EB 21 29.21 -0.63 88.22
N ALA EB 22 27.98 -0.24 87.83
CA ALA EB 22 26.84 -0.41 88.71
C ALA EB 22 26.37 -1.85 88.77
N ILE EB 23 26.40 -2.56 87.64
CA ILE EB 23 25.81 -3.89 87.60
C ILE EB 23 26.79 -4.95 88.05
N THR EB 24 28.07 -4.60 88.18
CA THR EB 24 29.03 -5.60 88.66
C THR EB 24 29.19 -5.50 90.18
N ALA EB 25 28.96 -4.31 90.75
CA ALA EB 25 29.03 -4.17 92.20
C ALA EB 25 27.82 -4.81 92.87
N MET EB 26 26.65 -4.73 92.21
CA MET EB 26 25.48 -5.43 92.71
C MET EB 26 25.59 -6.94 92.55
N GLN EB 27 26.49 -7.43 91.70
CA GLN EB 27 26.65 -8.87 91.54
C GLN EB 27 27.16 -9.52 92.81
N PHE EB 28 28.12 -8.89 93.48
CA PHE EB 28 28.67 -9.43 94.71
C PHE EB 28 27.77 -9.12 95.90
N ILE EB 29 26.71 -8.34 95.69
CA ILE EB 29 25.73 -8.04 96.72
C ILE EB 29 24.87 -9.29 96.91
N GLN EB 30 24.80 -9.78 98.14
CA GLN EB 30 24.03 -10.98 98.42
C GLN EB 30 22.78 -10.62 99.22
N ARG EB 31 21.98 -11.64 99.53
CA ARG EB 31 20.74 -11.45 100.27
C ARG EB 31 20.99 -11.02 101.70
N GLU FB 1 -4.05 23.95 20.11
CA GLU FB 1 -5.45 24.07 19.73
C GLU FB 1 -6.33 24.28 20.98
N PRO FB 2 -7.41 25.04 20.83
CA PRO FB 2 -8.29 25.32 21.97
C PRO FB 2 -9.14 24.11 22.35
N GLY FB 3 -9.64 24.15 23.58
CA GLY FB 3 -10.51 23.12 24.08
C GLY FB 3 -11.96 23.37 23.76
N ILE FB 4 -12.84 22.71 24.50
CA ILE FB 4 -14.27 22.85 24.31
C ILE FB 4 -14.74 24.06 25.10
N VAL FB 5 -15.29 25.06 24.41
CA VAL FB 5 -15.70 26.29 25.06
C VAL FB 5 -17.06 26.11 25.71
N THR FB 6 -17.17 26.56 26.96
CA THR FB 6 -18.36 26.48 27.79
C THR FB 6 -18.56 27.78 28.54
N PRO FB 7 -19.81 28.12 28.90
CA PRO FB 7 -20.02 29.34 29.69
C PRO FB 7 -19.49 29.24 31.10
N LEU FB 8 -19.70 28.10 31.77
CA LEU FB 8 -19.25 27.95 33.15
C LEU FB 8 -17.73 27.87 33.25
N GLY FB 9 -17.07 27.31 32.22
CA GLY FB 9 -15.62 27.25 32.24
C GLY FB 9 -14.98 28.62 32.15
N THR FB 10 -15.50 29.47 31.27
CA THR FB 10 -15.03 30.86 31.20
C THR FB 10 -15.41 31.62 32.46
N LEU FB 11 -16.53 31.24 33.08
CA LEU FB 11 -16.93 31.85 34.34
C LEU FB 11 -15.95 31.52 35.46
N LEU FB 12 -15.35 30.32 35.41
CA LEU FB 12 -14.35 29.92 36.38
C LEU FB 12 -12.92 30.09 35.86
N ARG FB 13 -12.76 30.54 34.61
CA ARG FB 13 -11.42 30.70 34.04
C ARG FB 13 -10.56 31.74 34.76
N PRO FB 14 -11.02 32.96 35.07
CA PRO FB 14 -10.15 33.85 35.86
C PRO FB 14 -9.87 33.34 37.25
N LEU FB 15 -10.83 32.65 37.86
CA LEU FB 15 -10.63 32.06 39.18
C LEU FB 15 -9.57 30.97 39.17
N ASN FB 16 -9.46 30.23 38.06
CA ASN FB 16 -8.36 29.26 37.88
C ASN FB 16 -7.54 29.74 36.69
N SER FB 17 -6.68 30.73 36.94
CA SER FB 17 -5.76 31.23 35.95
C SER FB 17 -4.36 31.52 36.49
N GLU FB 18 -4.21 31.79 37.78
CA GLU FB 18 -2.92 32.15 38.36
C GLU FB 18 -2.21 30.93 38.95
N ALA FB 19 -2.07 29.89 38.13
CA ALA FB 19 -1.35 28.70 38.56
C ALA FB 19 0.15 28.93 38.45
N GLY FB 20 0.90 28.36 39.38
CA GLY FB 20 2.34 28.48 39.35
C GLY FB 20 2.91 29.77 39.89
N LYS FB 21 2.08 30.61 40.51
CA LYS FB 21 2.55 31.86 41.09
C LYS FB 21 2.57 31.74 42.61
N VAL FB 22 3.66 32.20 43.22
CA VAL FB 22 3.85 32.16 44.66
C VAL FB 22 4.44 33.50 45.11
N LEU FB 23 4.77 33.58 46.39
CA LEU FB 23 5.37 34.80 46.92
C LEU FB 23 6.88 34.64 47.05
N PRO FB 24 7.64 35.73 46.92
CA PRO FB 24 9.10 35.61 47.01
C PRO FB 24 9.57 35.32 48.42
N GLY FB 25 10.73 34.65 48.50
CA GLY FB 25 11.31 34.29 49.78
C GLY FB 25 10.48 33.28 50.54
N TRP FB 26 10.54 33.36 51.88
CA TRP FB 26 9.75 32.49 52.74
C TRP FB 26 8.34 33.03 52.96
N GLY FB 27 8.10 34.30 52.68
CA GLY FB 27 6.78 34.87 52.85
C GLY FB 27 6.35 34.90 54.30
N THR FB 28 5.27 34.16 54.60
CA THR FB 28 4.69 34.10 55.94
C THR FB 28 5.05 32.81 56.66
N THR FB 29 6.26 32.30 56.48
CA THR FB 29 6.65 31.06 57.13
C THR FB 29 6.86 31.26 58.63
N VAL FB 30 7.08 32.49 59.07
CA VAL FB 30 7.11 32.78 60.50
C VAL FB 30 5.74 32.51 61.12
N LEU FB 31 4.68 32.71 60.34
CA LEU FB 31 3.34 32.42 60.83
C LEU FB 31 3.10 30.92 60.93
N MET FB 32 3.83 30.11 60.13
CA MET FB 32 3.73 28.66 60.22
C MET FB 32 4.12 28.18 61.60
N ALA FB 33 5.23 28.71 62.13
CA ALA FB 33 5.72 28.28 63.43
C ALA FB 33 4.72 28.63 64.52
N VAL FB 34 4.12 29.81 64.45
CA VAL FB 34 3.09 30.20 65.41
C VAL FB 34 1.86 29.29 65.27
N ALA FB 35 1.49 28.96 64.02
CA ALA FB 35 0.29 28.18 63.79
C ALA FB 35 0.45 26.73 64.23
N ILE FB 36 1.60 26.10 63.92
CA ILE FB 36 1.73 24.66 64.16
C ILE FB 36 1.89 24.38 65.65
N LEU FB 37 2.53 25.27 66.41
CA LEU FB 37 2.66 25.02 67.84
C LEU FB 37 1.30 25.09 68.52
N LEU FB 38 0.49 26.09 68.16
CA LEU FB 38 -0.82 26.25 68.77
C LEU FB 38 -1.72 25.06 68.44
N PHE FB 39 -1.63 24.55 67.20
CA PHE FB 39 -2.42 23.38 66.82
C PHE FB 39 -1.96 22.15 67.58
N ALA FB 40 -0.64 21.96 67.70
CA ALA FB 40 -0.12 20.78 68.37
C ALA FB 40 -0.48 20.76 69.84
N VAL FB 41 -0.34 21.90 70.53
CA VAL FB 41 -0.66 21.94 71.96
C VAL FB 41 -2.17 21.81 72.17
N PHE FB 42 -2.97 22.42 71.30
CA PHE FB 42 -4.42 22.37 71.46
C PHE FB 42 -4.95 20.95 71.24
N LEU FB 43 -4.40 20.25 70.25
CA LEU FB 43 -4.68 18.82 70.12
C LEU FB 43 -4.07 18.05 71.28
N LEU FB 44 -2.92 18.49 71.79
CA LEU FB 44 -2.37 17.88 72.99
C LEU FB 44 -3.24 18.18 74.21
N ILE FB 45 -3.88 19.35 74.24
CA ILE FB 45 -4.78 19.68 75.35
C ILE FB 45 -5.98 18.73 75.36
N ILE FB 46 -6.63 18.55 74.20
CA ILE FB 46 -7.81 17.69 74.17
C ILE FB 46 -7.43 16.23 74.26
N LEU FB 47 -6.19 15.88 73.89
CA LEU FB 47 -5.75 14.49 74.02
C LEU FB 47 -5.62 14.08 75.48
N GLU FB 48 -4.96 14.92 76.28
CA GLU FB 48 -4.80 14.64 77.70
C GLU FB 48 -6.09 14.84 78.49
N ILE FB 49 -7.02 15.65 77.96
CA ILE FB 49 -8.34 15.77 78.59
C ILE FB 49 -9.12 14.46 78.43
N TYR FB 50 -9.13 13.91 77.21
CA TYR FB 50 -9.85 12.67 76.96
C TYR FB 50 -9.15 11.50 77.63
N ASN FB 51 -7.83 11.57 77.76
CA ASN FB 51 -7.04 10.63 78.55
C ASN FB 51 -7.22 10.83 80.04
N SER FB 52 -7.91 11.91 80.44
CA SER FB 52 -8.09 12.33 81.83
C SER FB 52 -6.76 12.62 82.51
N SER FB 53 -5.75 12.99 81.73
CA SER FB 53 -4.51 13.50 82.29
C SER FB 53 -4.64 14.95 82.71
N LEU FB 54 -5.50 15.72 82.04
CA LEU FB 54 -5.81 17.08 82.43
C LEU FB 54 -7.21 17.11 83.01
N ILE FB 55 -7.30 17.29 84.33
CA ILE FB 55 -8.57 17.36 85.04
C ILE FB 55 -8.94 18.83 85.16
N LEU FB 56 -10.15 19.19 84.71
CA LEU FB 56 -10.65 20.55 84.82
C LEU FB 56 -11.81 20.59 85.80
N ASP FB 57 -12.17 21.80 86.21
CA ASP FB 57 -13.22 21.98 87.19
C ASP FB 57 -14.59 21.61 86.63
N GLY FB 58 -14.84 21.93 85.36
CA GLY FB 58 -16.14 21.74 84.77
C GLY FB 58 -16.32 20.51 83.90
N VAL FB 59 -15.29 19.68 83.73
CA VAL FB 59 -15.38 18.50 82.88
C VAL FB 59 -15.48 17.28 83.78
N THR FB 60 -15.95 16.18 83.20
CA THR FB 60 -16.02 14.92 83.93
C THR FB 60 -15.25 13.83 83.21
N ASN FB 61 -15.17 13.93 81.87
CA ASN FB 61 -14.56 12.91 81.01
C ASN FB 61 -15.19 11.54 81.25
N SER FB 62 -16.51 11.54 81.41
CA SER FB 62 -17.27 10.32 81.63
C SER FB 62 -18.68 10.55 81.14
N TRP FB 63 -19.47 9.48 81.10
CA TRP FB 63 -20.83 9.54 80.58
C TRP FB 63 -21.76 10.41 81.42
N GLU FB 64 -21.34 10.80 82.63
CA GLU FB 64 -22.16 11.69 83.44
C GLU FB 64 -22.29 13.08 82.83
N SER FB 65 -21.46 13.41 81.84
CA SER FB 65 -21.58 14.70 81.16
C SER FB 65 -22.82 14.78 80.27
N LEU FB 66 -23.44 13.64 79.96
CA LEU FB 66 -24.65 13.63 79.16
C LEU FB 66 -25.87 14.14 79.94
N ALA FB 67 -25.78 14.17 81.26
CA ALA FB 67 -26.89 14.67 82.08
C ALA FB 67 -26.92 16.20 82.07
N MET GB 1 -0.08 -61.98 51.78
CA MET GB 1 0.17 -60.69 52.39
C MET GB 1 1.68 -60.48 52.35
N LEU GB 2 2.43 -61.57 52.50
CA LEU GB 2 3.88 -61.51 52.27
C LEU GB 2 4.19 -61.22 50.81
N THR GB 3 3.20 -61.44 49.94
CA THR GB 3 3.25 -60.93 48.58
C THR GB 3 3.56 -59.45 48.54
N LEU GB 4 2.92 -58.67 49.41
CA LEU GB 4 3.13 -57.22 49.45
C LEU GB 4 4.55 -56.86 49.86
N LYS GB 5 5.12 -57.59 50.81
CA LYS GB 5 6.45 -57.25 51.30
C LYS GB 5 7.52 -57.53 50.24
N ILE GB 6 7.21 -58.39 49.27
CA ILE GB 6 8.13 -58.66 48.18
C ILE GB 6 8.31 -57.41 47.32
N PHE GB 7 7.22 -56.70 47.03
CA PHE GB 7 7.27 -55.60 46.08
C PHE GB 7 8.16 -54.47 46.56
N VAL GB 8 7.92 -54.00 47.79
CA VAL GB 8 8.71 -52.89 48.31
C VAL GB 8 10.17 -53.29 48.45
N TYR GB 9 10.42 -54.52 48.91
CA TYR GB 9 11.80 -55.00 49.03
C TYR GB 9 12.49 -55.04 47.68
N THR GB 10 11.80 -55.49 46.63
CA THR GB 10 12.38 -55.44 45.29
C THR GB 10 12.51 -54.01 44.79
N VAL GB 11 11.48 -53.18 45.03
CA VAL GB 11 11.48 -51.82 44.51
C VAL GB 11 12.57 -50.99 45.18
N VAL GB 12 12.74 -51.15 46.51
CA VAL GB 12 13.89 -50.58 47.21
C VAL GB 12 15.17 -51.07 46.56
N THR GB 13 15.23 -52.37 46.30
CA THR GB 13 16.45 -52.97 45.78
C THR GB 13 16.70 -52.54 44.33
N PHE GB 14 15.64 -52.20 43.60
CA PHE GB 14 15.81 -51.71 42.24
C PHE GB 14 16.42 -50.31 42.22
N PHE GB 15 15.87 -49.40 43.03
CA PHE GB 15 16.24 -48.00 42.93
C PHE GB 15 17.65 -47.74 43.47
N VAL GB 16 18.08 -48.51 44.47
CA VAL GB 16 19.42 -48.33 45.00
C VAL GB 16 20.45 -48.91 44.03
N GLY GB 17 20.03 -49.88 43.20
CA GLY GB 17 20.92 -50.42 42.19
C GLY GB 17 21.30 -49.40 41.14
N LEU GB 18 20.34 -48.55 40.74
CA LEU GB 18 20.66 -47.43 39.87
C LEU GB 18 21.48 -46.38 40.59
N PHE GB 19 21.44 -46.37 41.92
CA PHE GB 19 22.17 -45.36 42.68
C PHE GB 19 23.61 -45.79 42.92
N ILE GB 20 23.80 -47.00 43.45
CA ILE GB 20 25.15 -47.47 43.77
C ILE GB 20 26.00 -47.58 42.52
N PHE GB 21 25.45 -48.17 41.46
CA PHE GB 21 26.19 -48.28 40.21
C PHE GB 21 26.12 -47.01 39.38
N GLY GB 22 25.20 -46.10 39.70
CA GLY GB 22 25.18 -44.82 39.01
C GLY GB 22 26.34 -43.94 39.42
N PHE GB 23 26.70 -43.96 40.71
CA PHE GB 23 27.87 -43.21 41.16
C PHE GB 23 29.13 -44.05 41.12
N LEU GB 24 29.03 -45.33 40.73
CA LEU GB 24 30.21 -46.09 40.37
C LEU GB 24 30.60 -45.86 38.92
N SER GB 25 29.79 -45.09 38.20
CA SER GB 25 29.88 -44.99 36.74
C SER GB 25 30.71 -43.79 36.30
N ASN GB 26 31.94 -43.72 36.83
CA ASN GB 26 32.92 -42.71 36.47
C ASN GB 26 32.37 -41.29 36.64
N ASP GB 27 31.84 -41.02 37.84
CA ASP GB 27 31.19 -39.74 38.09
C ASP GB 27 32.09 -38.50 38.02
N PRO GB 28 33.40 -38.52 38.35
CA PRO GB 28 34.21 -37.30 38.11
C PRO GB 28 34.40 -36.97 36.65
N SER GB 29 34.10 -37.88 35.72
CA SER GB 29 34.21 -37.62 34.30
C SER GB 29 32.97 -36.94 33.74
N ARG GB 30 31.95 -36.71 34.56
CA ARG GB 30 30.71 -36.09 34.12
C ARG GB 30 30.73 -34.57 34.27
N ASN GB 31 31.88 -34.01 34.59
CA ASN GB 31 32.07 -32.57 34.70
C ASN GB 31 32.09 -31.92 33.33
N PRO GB 32 31.65 -30.66 33.22
CA PRO GB 32 31.67 -29.99 31.92
C PRO GB 32 32.95 -29.24 31.60
N GLY GB 33 33.88 -29.13 32.55
CA GLY GB 33 35.09 -28.37 32.35
C GLY GB 33 36.30 -29.24 32.05
N LYS GB 34 37.46 -28.74 32.45
CA LYS GB 34 38.74 -29.43 32.27
C LYS GB 34 39.18 -29.99 33.60
N GLY GB 35 39.48 -31.29 33.63
CA GLY GB 35 39.91 -31.96 34.84
C GLY GB 35 39.05 -33.15 35.22
N ILE HB 1 50.62 7.47 68.71
CA ILE HB 1 50.46 7.45 67.27
C ILE HB 1 51.04 6.12 66.77
N GLY HB 2 50.24 5.06 66.87
CA GLY HB 2 50.71 3.74 66.48
C GLY HB 2 51.80 3.18 67.38
N ARG HB 3 51.94 3.70 68.60
CA ARG HB 3 52.99 3.21 69.48
C ARG HB 3 52.70 1.80 69.96
N ILE HB 4 51.48 1.54 70.42
CA ILE HB 4 51.11 0.23 70.90
C ILE HB 4 50.38 -0.48 69.76
N PRO HB 5 50.63 -1.76 69.53
CA PRO HB 5 49.90 -2.47 68.46
C PRO HB 5 48.42 -2.64 68.80
N LEU HB 6 47.58 -2.56 67.77
CA LEU HB 6 46.14 -2.66 67.98
C LEU HB 6 45.73 -4.07 68.36
N TRP HB 7 46.44 -5.08 67.88
CA TRP HB 7 46.12 -6.45 68.27
C TRP HB 7 46.36 -6.65 69.76
N LEU HB 8 47.39 -6.00 70.31
CA LEU HB 8 47.60 -6.02 71.75
C LEU HB 8 46.47 -5.28 72.45
N VAL HB 9 45.96 -4.20 71.83
CA VAL HB 9 44.81 -3.49 72.39
C VAL HB 9 43.56 -4.37 72.31
N GLY HB 10 43.42 -5.10 71.20
CA GLY HB 10 42.27 -5.99 71.06
C GLY HB 10 42.29 -7.12 72.05
N THR HB 11 43.47 -7.64 72.38
CA THR HB 11 43.56 -8.75 73.31
C THR HB 11 43.29 -8.32 74.76
N VAL HB 12 43.76 -7.14 75.15
CA VAL HB 12 43.55 -6.71 76.53
C VAL HB 12 42.08 -6.35 76.76
N VAL HB 13 41.43 -5.74 75.77
CA VAL HB 13 40.02 -5.43 75.90
C VAL HB 13 39.18 -6.70 75.85
N GLY HB 14 39.57 -7.65 74.98
CA GLY HB 14 38.84 -8.90 74.89
C GLY HB 14 38.97 -9.76 76.14
N LEU HB 15 40.17 -9.78 76.73
CA LEU HB 15 40.36 -10.54 77.97
C LEU HB 15 39.56 -9.96 79.12
N LEU HB 16 39.54 -8.63 79.24
CA LEU HB 16 38.71 -7.99 80.26
C LEU HB 16 37.24 -8.23 79.96
N ALA HB 17 36.86 -8.23 78.68
CA ALA HB 17 35.50 -8.59 78.31
C ALA HB 17 35.21 -10.04 78.65
N ILE HB 18 36.15 -10.94 78.35
CA ILE HB 18 36.00 -12.34 78.74
C ILE HB 18 35.95 -12.47 80.25
N GLY HB 19 36.79 -11.70 80.95
CA GLY HB 19 36.75 -11.70 82.40
C GLY HB 19 35.46 -11.12 82.95
N LEU HB 20 34.89 -10.12 82.26
CA LEU HB 20 33.67 -9.50 82.75
C LEU HB 20 32.48 -10.44 82.59
N LEU HB 21 32.40 -11.15 81.46
CA LEU HB 21 31.32 -12.12 81.28
C LEU HB 21 31.51 -13.31 82.22
N ALA HB 22 32.75 -13.61 82.59
CA ALA HB 22 33.00 -14.61 83.62
C ALA HB 22 32.48 -14.14 84.97
N ILE HB 23 32.69 -12.87 85.31
CA ILE HB 23 32.13 -12.29 86.52
C ILE HB 23 30.61 -12.20 86.40
N PHE HB 24 30.10 -11.92 85.20
CA PHE HB 24 28.67 -11.95 84.97
C PHE HB 24 28.09 -13.33 85.22
N PHE HB 25 28.78 -14.37 84.78
CA PHE HB 25 28.31 -15.71 85.05
C PHE HB 25 28.53 -16.08 86.51
N TYR HB 26 29.56 -15.50 87.13
CA TYR HB 26 29.88 -15.82 88.51
C TYR HB 26 28.77 -15.38 89.46
N GLY HB 27 28.19 -14.20 89.22
CA GLY HB 27 27.09 -13.74 90.04
C GLY HB 27 25.80 -14.50 89.85
N SER HB 28 25.71 -15.32 88.79
CA SER HB 28 24.51 -16.11 88.55
C SER HB 28 24.33 -17.24 89.55
N TYR HB 29 25.42 -17.69 90.19
CA TYR HB 29 25.34 -18.79 91.14
C TYR HB 29 25.45 -18.37 92.60
N VAL HB 30 25.75 -17.10 92.88
CA VAL HB 30 25.91 -16.63 94.25
C VAL HB 30 25.06 -15.39 94.47
N GLY HB 31 24.71 -15.15 95.73
CA GLY HB 31 24.00 -13.93 96.08
C GLY HB 31 22.56 -13.94 95.61
N LEU HB 32 22.04 -12.73 95.35
CA LEU HB 32 20.65 -12.55 94.95
C LEU HB 32 20.41 -13.02 93.52
N GLY HB 33 19.22 -13.55 93.28
CA GLY HB 33 18.87 -14.06 91.97
C GLY HB 33 19.60 -15.33 91.57
N SER HB 34 20.03 -16.13 92.55
CA SER HB 34 20.82 -17.33 92.28
C SER HB 34 20.15 -18.61 92.75
N SER HB 35 18.82 -18.61 92.90
CA SER HB 35 17.99 -19.75 93.30
C SER HB 35 18.28 -20.25 94.70
N LEU HB 36 19.11 -19.57 95.47
CA LEU HB 36 19.40 -19.96 96.85
C LEU HB 36 19.48 -18.73 97.73
N LYS IB 1 37.64 -37.60 96.31
CA LYS IB 1 38.56 -36.47 96.20
C LYS IB 1 39.93 -36.92 95.69
N LEU IB 2 40.86 -35.97 95.61
CA LEU IB 2 42.22 -36.26 95.18
C LEU IB 2 42.96 -37.02 96.29
N PRO IB 3 44.05 -37.70 95.94
CA PRO IB 3 44.89 -38.31 96.97
C PRO IB 3 45.48 -37.28 97.91
N GLU IB 4 45.79 -37.73 99.13
CA GLU IB 4 46.18 -36.83 100.21
C GLU IB 4 47.53 -36.17 99.93
N ALA IB 5 48.40 -36.86 99.19
CA ALA IB 5 49.69 -36.25 98.83
C ALA IB 5 49.50 -35.12 97.84
N TYR IB 6 48.44 -35.16 97.04
CA TYR IB 6 48.14 -34.15 96.04
C TYR IB 6 46.98 -33.26 96.46
N ALA IB 7 46.62 -33.26 97.74
CA ALA IB 7 45.49 -32.46 98.21
C ALA IB 7 45.64 -30.95 98.01
N PRO IB 8 46.76 -30.29 98.34
CA PRO IB 8 46.83 -28.83 98.08
C PRO IB 8 46.86 -28.46 96.62
N PHE IB 9 47.13 -29.39 95.70
CA PHE IB 9 47.18 -29.11 94.29
C PHE IB 9 45.83 -29.20 93.59
N SER IB 10 44.77 -29.51 94.34
CA SER IB 10 43.43 -29.50 93.74
C SER IB 10 42.98 -28.14 93.20
N PRO IB 11 43.21 -26.99 93.87
CA PRO IB 11 42.83 -25.71 93.24
C PRO IB 11 43.54 -25.43 91.92
N ILE IB 12 44.75 -25.94 91.75
CA ILE IB 12 45.44 -25.81 90.47
C ILE IB 12 44.74 -26.60 89.37
N VAL IB 13 44.15 -27.75 89.72
CA VAL IB 13 43.49 -28.61 88.74
C VAL IB 13 42.26 -27.93 88.16
N ASP IB 14 41.59 -27.09 88.97
CA ASP IB 14 40.34 -26.45 88.55
C ASP IB 14 40.49 -25.48 87.39
N VAL IB 15 41.71 -25.09 87.04
CA VAL IB 15 41.94 -24.16 85.94
C VAL IB 15 42.16 -24.96 84.66
N LEU IB 16 42.61 -26.20 84.80
CA LEU IB 16 42.98 -27.07 83.68
C LEU IB 16 41.88 -27.34 82.65
N PRO IB 17 40.60 -27.54 83.00
CA PRO IB 17 39.61 -27.77 81.94
C PRO IB 17 39.41 -26.62 80.96
N ILE IB 18 39.60 -25.35 81.40
CA ILE IB 18 39.33 -24.23 80.49
C ILE IB 18 40.42 -24.01 79.46
N ILE IB 19 41.53 -24.74 79.55
CA ILE IB 19 42.66 -24.49 78.66
C ILE IB 19 42.40 -24.84 77.20
N PRO IB 20 41.65 -25.90 76.84
CA PRO IB 20 41.32 -26.11 75.42
C PRO IB 20 40.65 -24.94 74.72
N VAL IB 21 39.59 -24.37 75.31
CA VAL IB 21 39.00 -23.17 74.70
C VAL IB 21 39.97 -22.00 74.82
N LEU IB 22 40.89 -22.07 75.77
CA LEU IB 22 41.94 -21.07 75.89
C LEU IB 22 43.09 -21.36 74.93
N PHE IB 23 43.03 -22.48 74.19
CA PHE IB 23 43.99 -22.74 73.11
C PHE IB 23 43.58 -22.07 71.81
N ILE IB 24 42.29 -22.17 71.44
CA ILE IB 24 41.83 -21.74 70.12
C ILE IB 24 41.98 -20.24 69.94
N LEU IB 25 41.91 -19.48 71.03
CA LEU IB 25 41.94 -18.02 70.91
C LEU IB 25 43.32 -17.50 70.53
N LEU IB 26 44.36 -18.34 70.60
CA LEU IB 26 45.69 -17.90 70.21
C LEU IB 26 45.79 -17.65 68.72
N ALA IB 27 45.10 -18.46 67.91
CA ALA IB 27 45.06 -18.22 66.47
C ALA IB 27 44.39 -16.88 66.18
N PHE IB 28 43.47 -16.46 67.05
CA PHE IB 28 42.90 -15.13 66.92
C PHE IB 28 43.90 -14.06 67.38
N VAL IB 29 44.73 -14.39 68.37
CA VAL IB 29 45.79 -13.48 68.79
C VAL IB 29 46.86 -13.39 67.70
N TRP IB 30 47.31 -14.54 67.21
CA TRP IB 30 48.48 -14.56 66.33
C TRP IB 30 48.18 -13.99 64.96
N GLN IB 31 46.99 -14.27 64.40
CA GLN IB 31 46.64 -13.67 63.12
C GLN IB 31 46.44 -12.16 63.23
N ALA IB 32 45.87 -11.71 64.35
CA ALA IB 32 45.81 -10.27 64.60
C ALA IB 32 47.21 -9.69 64.80
N SER IB 33 48.11 -10.47 65.40
CA SER IB 33 49.48 -10.02 65.60
C SER IB 33 50.22 -9.88 64.28
N VAL IB 34 49.88 -10.70 63.28
CA VAL IB 34 50.47 -10.57 61.95
C VAL IB 34 49.48 -9.81 61.07
N SER IB 35 48.48 -9.19 61.73
CA SER IB 35 47.48 -8.30 61.10
C SER IB 35 46.65 -9.01 60.02
N PHE IB 36 46.31 -10.28 60.27
CA PHE IB 36 45.42 -11.07 59.41
C PHE IB 36 45.91 -11.13 57.97
N ARG IB 37 47.22 -11.26 57.80
CA ARG IB 37 47.82 -11.28 56.48
C ARG IB 37 47.49 -12.56 55.72
N MET JB 1 -5.35 18.88 25.13
CA MET JB 1 -4.86 19.30 23.82
C MET JB 1 -5.78 18.87 22.68
N ALA JB 2 -5.66 17.63 22.24
CA ALA JB 2 -6.38 17.14 21.07
C ALA JB 2 -7.71 16.52 21.51
N ARG JB 3 -8.58 16.26 20.52
CA ARG JB 3 -9.85 15.59 20.81
C ARG JB 3 -9.66 14.16 21.35
N PRO JB 4 -8.81 13.30 20.79
CA PRO JB 4 -8.48 12.07 21.51
C PRO JB 4 -7.59 12.38 22.71
N ASN JB 5 -7.64 11.51 23.70
CA ASN JB 5 -6.83 11.70 24.90
C ASN JB 5 -5.36 11.55 24.58
N PRO JB 6 -4.49 12.40 25.13
CA PRO JB 6 -3.04 12.21 24.92
C PRO JB 6 -2.46 11.06 25.71
N ASN JB 7 -3.02 10.73 26.87
CA ASN JB 7 -2.46 9.70 27.74
C ASN JB 7 -3.09 8.33 27.47
N LYS JB 8 -3.09 7.93 26.21
CA LYS JB 8 -3.57 6.60 25.83
C LYS JB 8 -2.49 5.59 26.14
N GLN JB 9 -2.78 4.64 27.02
CA GLN JB 9 -1.79 3.67 27.47
C GLN JB 9 -2.32 2.25 27.28
N VAL JB 10 -1.38 1.33 27.10
CA VAL JB 10 -1.66 -0.08 26.91
C VAL JB 10 -1.28 -0.81 28.19
N VAL JB 11 -2.26 -1.45 28.80
CA VAL JB 11 -2.03 -2.18 30.05
C VAL JB 11 -1.55 -3.58 29.72
N GLU JB 12 -0.43 -3.97 30.33
CA GLU JB 12 0.22 -5.23 30.01
C GLU JB 12 0.41 -6.06 31.28
N LEU JB 13 0.19 -7.37 31.13
CA LEU JB 13 0.25 -8.33 32.24
C LEU JB 13 0.58 -9.69 31.65
N ASN JB 14 1.84 -10.11 31.77
CA ASN JB 14 2.29 -11.34 31.15
C ASN JB 14 1.80 -12.57 31.93
N ARG JB 15 2.23 -13.74 31.46
CA ARG JB 15 1.88 -15.01 32.11
C ARG JB 15 2.49 -15.11 33.50
N SER JB 16 3.63 -14.46 33.71
CA SER JB 16 4.22 -14.43 35.05
C SER JB 16 3.31 -13.72 36.02
N SER JB 17 2.88 -12.50 35.69
CA SER JB 17 1.98 -11.76 36.55
C SER JB 17 0.62 -12.44 36.64
N LEU JB 18 0.25 -13.21 35.61
CA LEU JB 18 -0.97 -13.99 35.68
C LEU JB 18 -0.85 -15.11 36.71
N TYR JB 19 0.33 -15.74 36.79
CA TYR JB 19 0.46 -16.89 37.67
C TYR JB 19 0.55 -16.47 39.13
N TRP JB 20 1.16 -15.33 39.42
CA TRP JB 20 1.30 -14.92 40.82
C TRP JB 20 -0.05 -14.51 41.40
N GLY JB 21 -0.82 -13.74 40.64
CA GLY JB 21 -2.11 -13.27 41.13
C GLY JB 21 -3.14 -14.39 41.25
N LEU JB 22 -3.19 -15.27 40.26
CA LEU JB 22 -4.25 -16.28 40.26
C LEU JB 22 -3.96 -17.37 41.26
N LEU JB 23 -2.68 -17.65 41.51
CA LEU JB 23 -2.33 -18.51 42.63
C LEU JB 23 -2.73 -17.84 43.94
N LEU JB 24 -2.49 -16.53 44.05
CA LEU JB 24 -2.78 -15.79 45.28
C LEU JB 24 -4.27 -15.83 45.60
N ILE JB 25 -5.12 -15.71 44.58
CA ILE JB 25 -6.56 -15.74 44.81
C ILE JB 25 -7.06 -17.17 44.94
N PHE JB 26 -6.20 -18.15 44.64
CA PHE JB 26 -6.55 -19.54 44.91
C PHE JB 26 -5.92 -20.04 46.20
N VAL JB 27 -4.76 -19.52 46.58
CA VAL JB 27 -4.06 -20.03 47.76
C VAL JB 27 -4.74 -19.57 49.04
N LEU JB 28 -5.07 -18.27 49.15
CA LEU JB 28 -5.73 -17.84 50.38
C LEU JB 28 -7.18 -18.28 50.40
N ALA JB 29 -7.78 -18.49 49.22
CA ALA JB 29 -9.13 -19.04 49.15
C ALA JB 29 -9.18 -20.46 49.71
N VAL JB 30 -8.06 -21.19 49.62
CA VAL JB 30 -7.94 -22.45 50.35
C VAL JB 30 -7.97 -22.17 51.84
N LEU JB 31 -7.19 -21.19 52.29
CA LEU JB 31 -7.04 -20.92 53.72
C LEU JB 31 -8.27 -20.24 54.29
N PHE JB 32 -8.81 -19.24 53.58
CA PHE JB 32 -9.92 -18.46 54.10
C PHE JB 32 -11.27 -19.15 53.99
N SER JB 33 -11.35 -20.25 53.25
CA SER JB 33 -12.63 -20.94 53.09
C SER JB 33 -13.15 -21.51 54.39
N SER JB 34 -12.28 -22.12 55.21
CA SER JB 34 -12.71 -22.68 56.48
C SER JB 34 -13.24 -21.60 57.41
N TYR JB 35 -12.66 -20.40 57.35
CA TYR JB 35 -13.14 -19.28 58.14
C TYR JB 35 -14.52 -18.82 57.66
N ILE JB 36 -14.72 -18.78 56.34
CA ILE JB 36 -16.00 -18.28 55.83
C ILE JB 36 -17.06 -19.36 55.85
N PHE JB 37 -16.64 -20.64 55.75
CA PHE JB 37 -17.61 -21.71 55.95
C PHE JB 37 -17.92 -21.93 57.42
N ASN JB 38 -16.93 -21.71 58.30
CA ASN JB 38 -17.07 -21.68 59.76
C ASN JB 38 -17.47 -23.03 60.37
N VAL KB 1 -22.73 -20.89 58.57
CA VAL KB 1 -22.60 -20.33 57.24
C VAL KB 1 -22.32 -21.45 56.25
N ASN KB 2 -23.39 -22.09 55.77
CA ASN KB 2 -23.30 -23.24 54.88
C ASN KB 2 -23.42 -22.90 53.40
N ILE KB 3 -24.32 -22.01 53.03
CA ILE KB 3 -24.57 -21.71 51.62
C ILE KB 3 -24.05 -20.32 51.29
N LEU KB 4 -24.06 -19.44 52.29
CA LEU KB 4 -23.48 -18.11 52.10
C LEU KB 4 -21.97 -18.20 51.94
N GLY KB 5 -21.34 -19.15 52.64
CA GLY KB 5 -19.92 -19.38 52.44
C GLY KB 5 -19.61 -19.96 51.08
N LEU KB 6 -20.55 -20.73 50.51
CA LEU KB 6 -20.37 -21.23 49.15
C LEU KB 6 -20.37 -20.09 48.14
N THR KB 7 -21.32 -19.16 48.27
CA THR KB 7 -21.35 -18.01 47.39
C THR KB 7 -20.19 -17.07 47.65
N ALA KB 8 -19.77 -16.92 48.91
CA ALA KB 8 -18.63 -16.09 49.21
C ALA KB 8 -17.35 -16.69 48.66
N THR KB 9 -17.25 -18.02 48.64
CA THR KB 9 -16.09 -18.67 48.05
C THR KB 9 -16.16 -18.64 46.51
N ALA KB 10 -17.33 -18.89 45.94
CA ALA KB 10 -17.43 -19.14 44.50
C ALA KB 10 -17.14 -17.89 43.68
N LEU KB 11 -17.64 -16.73 44.11
CA LEU KB 11 -17.42 -15.52 43.32
C LEU KB 11 -16.01 -14.98 43.51
N PHE KB 12 -15.43 -15.15 44.70
CA PHE KB 12 -14.05 -14.70 44.91
C PHE KB 12 -13.10 -15.58 44.10
N ILE KB 13 -13.53 -16.80 43.77
CA ILE KB 13 -12.76 -17.63 42.85
C ILE KB 13 -12.71 -17.00 41.47
N ILE KB 14 -13.80 -16.33 41.09
CA ILE KB 14 -13.99 -15.97 39.68
C ILE KB 14 -13.72 -14.48 39.40
N ILE KB 15 -14.18 -13.58 40.29
CA ILE KB 15 -14.05 -12.14 39.99
C ILE KB 15 -12.60 -11.67 39.86
N PRO KB 16 -11.67 -12.00 40.77
CA PRO KB 16 -10.27 -11.66 40.49
C PRO KB 16 -9.67 -12.53 39.40
N THR KB 17 -10.24 -13.70 39.12
CA THR KB 17 -9.76 -14.52 38.01
C THR KB 17 -10.02 -13.85 36.68
N SER KB 18 -11.25 -13.36 36.48
CA SER KB 18 -11.62 -12.73 35.22
C SER KB 18 -10.80 -11.46 35.01
N PHE KB 19 -10.69 -10.62 36.05
CA PHE KB 19 -9.95 -9.37 35.96
C PHE KB 19 -8.48 -9.61 35.63
N LEU KB 20 -7.91 -10.69 36.14
CA LEU KB 20 -6.49 -10.95 35.93
C LEU KB 20 -6.18 -11.39 34.50
N LEU KB 21 -6.97 -12.33 33.95
CA LEU KB 21 -6.58 -12.95 32.69
C LEU KB 21 -7.03 -12.13 31.48
N ILE KB 22 -8.02 -11.25 31.66
CA ILE KB 22 -8.40 -10.32 30.59
C ILE KB 22 -7.21 -9.42 30.23
N LEU KB 23 -6.49 -8.97 31.25
CA LEU KB 23 -5.23 -8.26 31.01
C LEU KB 23 -4.20 -9.17 30.39
N TYR KB 24 -4.19 -10.45 30.80
CA TYR KB 24 -3.23 -11.40 30.26
C TYR KB 24 -3.49 -11.67 28.78
N VAL KB 25 -4.75 -11.90 28.42
CA VAL KB 25 -5.06 -12.16 27.02
C VAL KB 25 -4.91 -10.88 26.20
N LYS KB 26 -5.03 -9.72 26.85
CA LYS KB 26 -4.72 -8.46 26.18
C LYS KB 26 -3.23 -8.34 25.98
N THR KB 27 -2.44 -8.87 26.91
CA THR KB 27 -1.00 -8.96 26.75
C THR KB 27 -0.64 -10.06 25.75
N ALA KB 28 -1.30 -11.21 25.86
CA ALA KB 28 -1.03 -12.34 24.97
C ALA KB 28 -1.45 -12.05 23.54
N ALA KB 29 -2.35 -11.09 23.32
CA ALA KB 29 -2.72 -10.72 21.96
C ALA KB 29 -1.59 -9.97 21.26
N SER KB 30 -0.88 -9.12 21.99
CA SER KB 30 0.17 -8.28 21.40
C SER KB 30 1.45 -9.09 21.23
N GLU KB 31 1.38 -10.04 20.31
CA GLU KB 31 2.51 -10.89 19.89
C GLU KB 31 3.16 -11.63 21.06
N LEU LB 1 0.87 -75.99 70.83
CA LEU LB 1 1.78 -75.41 71.82
C LEU LB 1 1.31 -75.74 73.23
N THR LB 2 1.99 -76.67 73.88
CA THR LB 2 1.61 -77.09 75.21
C THR LB 2 2.18 -76.13 76.26
N TYR LB 3 1.87 -76.42 77.53
CA TYR LB 3 2.24 -75.54 78.62
C TYR LB 3 3.73 -75.61 78.93
N ASP LB 4 4.30 -76.81 78.95
CA ASP LB 4 5.64 -77.00 79.52
C ASP LB 4 6.73 -76.31 78.71
N GLU LB 5 6.64 -76.32 77.37
CA GLU LB 5 7.69 -75.67 76.61
C GLU LB 5 7.52 -74.15 76.54
N LEU LB 6 6.40 -73.62 77.04
CA LEU LB 6 6.19 -72.17 76.99
C LEU LB 6 7.18 -71.44 77.91
N GLN LB 7 7.28 -71.87 79.17
CA GLN LB 7 8.31 -71.30 80.03
C GLN LB 7 9.67 -71.92 79.74
N GLY LB 8 9.69 -73.04 79.00
CA GLY LB 8 10.95 -73.58 78.53
C GLY LB 8 11.61 -72.72 77.47
N LEU LB 9 10.86 -71.80 76.88
CA LEU LB 9 11.39 -70.89 75.89
C LEU LB 9 11.69 -69.54 76.54
N THR LB 10 12.88 -69.01 76.27
CA THR LB 10 13.32 -67.78 76.90
C THR LB 10 12.52 -66.59 76.37
N TYR LB 11 12.71 -65.44 77.02
CA TYR LB 11 11.91 -64.27 76.69
C TYR LB 11 12.32 -63.67 75.34
N LEU LB 12 13.59 -63.85 74.92
CA LEU LB 12 14.01 -63.33 73.62
C LEU LB 12 13.28 -64.01 72.47
N GLN LB 13 13.03 -65.32 72.57
CA GLN LB 13 12.37 -66.05 71.50
C GLN LB 13 10.88 -65.79 71.47
N VAL LB 14 10.31 -65.18 72.50
CA VAL LB 14 8.89 -64.85 72.54
C VAL LB 14 8.66 -63.37 72.28
N LYS LB 15 9.63 -62.50 72.58
CA LYS LB 15 9.47 -61.06 72.38
C LYS LB 15 9.29 -60.74 70.90
N GLY LB 16 8.14 -60.20 70.55
CA GLY LB 16 7.82 -59.91 69.17
C GLY LB 16 7.43 -61.11 68.35
N THR LB 17 7.26 -62.27 68.97
CA THR LB 17 6.91 -63.51 68.28
C THR LB 17 5.41 -63.80 68.35
N GLY LB 18 4.68 -63.10 69.22
CA GLY LB 18 3.24 -63.25 69.31
C GLY LB 18 2.77 -64.49 70.04
N ILE LB 19 3.67 -65.24 70.65
CA ILE LB 19 3.29 -66.46 71.38
C ILE LB 19 2.46 -66.10 72.61
N ALA LB 20 2.76 -64.98 73.26
CA ALA LB 20 2.09 -64.60 74.50
C ALA LB 20 0.65 -64.11 74.29
N ASN LB 21 0.06 -64.31 73.12
CA ASN LB 21 -1.35 -64.04 72.88
C ASN LB 21 -2.14 -65.33 72.72
N THR LB 22 -1.46 -66.48 72.67
CA THR LB 22 -2.09 -67.75 72.36
C THR LB 22 -2.19 -68.59 73.62
N CYS LB 23 -3.35 -69.23 73.81
CA CYS LB 23 -3.53 -70.11 74.94
C CYS LB 23 -2.66 -71.36 74.79
N PRO LB 24 -2.16 -71.90 75.89
CA PRO LB 24 -1.44 -73.18 75.82
C PRO LB 24 -2.40 -74.30 75.45
N VAL LB 25 -2.15 -74.91 74.30
CA VAL LB 25 -3.03 -75.94 73.76
C VAL LB 25 -2.47 -77.29 74.13
N VAL LB 26 -3.26 -78.08 74.87
CA VAL LB 26 -2.81 -79.38 75.33
C VAL LB 26 -2.76 -80.36 74.17
N GLU LB 27 -1.66 -81.08 74.05
CA GLU LB 27 -1.52 -82.15 73.08
C GLU LB 27 -1.60 -83.53 73.70
N GLN LB 28 -1.34 -83.64 75.00
CA GLN LB 28 -1.50 -84.90 75.72
C GLN LB 28 -2.91 -84.95 76.31
N GLY LB 29 -3.22 -86.02 77.02
CA GLY LB 29 -4.53 -86.17 77.62
C GLY LB 29 -5.54 -86.80 76.67
N THR LB 30 -6.79 -86.81 77.13
CA THR LB 30 -7.90 -87.39 76.38
C THR LB 30 -9.10 -86.47 76.51
N SER LB 31 -9.93 -86.43 75.46
CA SER LB 31 -11.15 -85.62 75.46
C SER LB 31 -12.33 -86.34 76.10
N ASN LB 32 -12.07 -87.31 76.98
CA ASN LB 32 -13.15 -88.00 77.69
C ASN LB 32 -13.91 -87.05 78.61
N VAL LB 33 -13.18 -86.12 79.25
CA VAL LB 33 -13.71 -85.05 80.11
C VAL LB 33 -14.35 -85.61 81.38
N ARG LB 34 -15.24 -86.59 81.25
CA ARG LB 34 -15.90 -87.19 82.39
C ARG LB 34 -14.91 -87.93 83.30
N GLU LB 35 -13.77 -88.36 82.75
CA GLU LB 35 -12.74 -89.09 83.48
C GLU LB 35 -12.13 -88.28 84.62
N LEU LB 36 -12.20 -86.95 84.58
CA LEU LB 36 -11.54 -86.12 85.58
C LEU LB 36 -12.11 -86.34 86.97
N LYS LB 37 -11.24 -86.22 87.98
CA LYS LB 37 -11.63 -86.48 89.36
C LYS LB 37 -12.51 -85.35 89.89
N PRO LB 38 -13.73 -85.62 90.31
CA PRO LB 38 -14.57 -84.57 90.89
C PRO LB 38 -14.17 -84.25 92.32
N GLY LB 39 -14.54 -83.07 92.77
CA GLY LB 39 -14.27 -82.64 94.12
C GLY LB 39 -14.16 -81.13 94.18
N ASP LB 40 -13.41 -80.66 95.18
CA ASP LB 40 -13.17 -79.24 95.37
C ASP LB 40 -11.81 -78.87 94.80
N TYR LB 41 -11.81 -77.99 93.80
CA TYR LB 41 -10.59 -77.61 93.12
C TYR LB 41 -10.45 -76.10 93.12
N LYS LB 42 -9.20 -75.64 93.26
CA LYS LB 42 -8.86 -74.22 93.27
C LYS LB 42 -7.97 -74.03 92.05
N LEU LB 43 -8.57 -73.62 90.93
CA LEU LB 43 -7.83 -73.54 89.68
C LEU LB 43 -7.09 -72.22 89.57
N GLU LB 44 -5.93 -72.27 88.93
CA GLU LB 44 -5.15 -71.08 88.65
C GLU LB 44 -4.72 -71.10 87.19
N LYS LB 45 -4.25 -69.93 86.74
CA LYS LB 45 -3.74 -69.71 85.38
C LYS LB 45 -4.77 -70.14 84.32
N PHE LB 46 -6.02 -69.75 84.55
CA PHE LB 46 -7.04 -69.85 83.51
C PHE LB 46 -6.70 -68.86 82.40
N CYS LB 47 -6.79 -69.32 81.16
CA CYS LB 47 -6.39 -68.56 79.99
C CYS LB 47 -7.54 -68.48 79.01
N MET LB 48 -7.68 -67.34 78.32
CA MET LB 48 -8.74 -67.13 77.34
C MET LB 48 -8.11 -66.54 76.07
N GLU LB 49 -8.61 -66.94 74.91
CA GLU LB 49 -8.11 -66.42 73.64
C GLU LB 49 -9.23 -66.49 72.60
N PRO LB 50 -9.82 -65.36 72.21
CA PRO LB 50 -10.84 -65.40 71.16
C PRO LB 50 -10.25 -65.66 69.78
N THR LB 51 -11.07 -66.27 68.92
CA THR LB 51 -10.68 -66.53 67.53
C THR LB 51 -11.60 -65.86 66.51
N SER LB 52 -12.64 -65.15 66.94
CA SER LB 52 -13.53 -64.44 66.04
C SER LB 52 -14.27 -63.37 66.82
N PHE LB 53 -14.62 -62.29 66.12
CA PHE LB 53 -15.39 -61.19 66.69
C PHE LB 53 -16.47 -60.80 65.70
N THR LB 54 -17.73 -60.79 66.14
CA THR LB 54 -18.85 -60.37 65.32
C THR LB 54 -19.77 -59.47 66.14
N VAL LB 55 -20.43 -58.53 65.47
CA VAL LB 55 -21.32 -57.56 66.11
C VAL LB 55 -22.70 -57.69 65.49
N LYS LB 56 -23.73 -57.62 66.33
CA LYS LB 56 -25.10 -57.66 65.86
C LYS LB 56 -25.43 -56.36 65.13
N GLU LB 57 -25.78 -56.48 63.85
CA GLU LB 57 -25.99 -55.32 62.99
C GLU LB 57 -27.46 -55.26 62.58
N GLU LB 58 -28.02 -54.07 62.67
CA GLU LB 58 -29.40 -53.80 62.30
C GLU LB 58 -29.42 -53.56 60.79
N ASP LB 59 -29.74 -54.61 60.04
CA ASP LB 59 -29.86 -54.50 58.59
C ASP LB 59 -31.15 -53.74 58.26
N ALA LB 60 -31.12 -52.93 57.21
CA ALA LB 60 -32.25 -52.06 56.88
C ALA LB 60 -33.50 -52.85 56.53
N LYS LB 61 -33.35 -54.07 56.00
CA LYS LB 61 -34.51 -54.87 55.63
C LYS LB 61 -35.10 -55.64 56.80
N GLY LB 62 -34.51 -55.52 57.99
CA GLY LB 62 -35.03 -56.18 59.17
C GLY LB 62 -34.24 -57.38 59.64
N ARG LB 63 -33.08 -57.65 59.05
CA ARG LB 63 -32.30 -58.83 59.42
C ARG LB 63 -31.43 -58.56 60.64
N GLU LB 64 -31.39 -59.52 61.56
CA GLU LB 64 -30.58 -59.45 62.77
C GLU LB 64 -29.51 -60.53 62.72
N GLU LB 65 -28.32 -60.16 62.24
CA GLU LB 65 -27.25 -61.14 62.08
C GLU LB 65 -25.95 -60.53 62.56
N PHE LB 66 -25.08 -61.41 63.06
CA PHE LB 66 -23.74 -61.05 63.50
C PHE LB 66 -22.79 -61.12 62.31
N VAL LB 67 -22.32 -59.96 61.85
CA VAL LB 67 -21.41 -59.89 60.72
C VAL LB 67 -19.97 -59.83 61.24
N LYS LB 68 -19.05 -60.38 60.45
CA LYS LB 68 -17.65 -60.44 60.86
C LYS LB 68 -17.03 -59.05 60.91
N THR LB 69 -16.07 -58.89 61.83
CA THR LB 69 -15.39 -57.62 62.04
C THR LB 69 -13.88 -57.85 61.96
N LYS LB 70 -13.18 -56.80 61.56
CA LYS LB 70 -11.72 -56.81 61.44
C LYS LB 70 -11.13 -56.42 62.78
N LEU LB 71 -10.02 -57.06 63.17
CA LEU LB 71 -9.40 -56.73 64.44
C LEU LB 71 -8.72 -55.38 64.31
N LEU LB 72 -9.40 -54.35 64.84
CA LEU LB 72 -8.89 -52.99 64.79
C LEU LB 72 -7.67 -52.80 65.68
N THR LB 73 -7.61 -53.52 66.80
CA THR LB 73 -6.47 -53.40 67.68
C THR LB 73 -5.42 -54.45 67.33
N ARG LB 74 -4.25 -54.31 67.96
CA ARG LB 74 -3.16 -55.26 67.76
C ARG LB 74 -3.37 -56.45 68.71
N LEU LB 75 -2.34 -57.29 68.86
CA LEU LB 75 -2.47 -58.54 69.60
C LEU LB 75 -2.67 -58.33 71.09
N THR LB 76 -3.81 -57.73 71.47
CA THR LB 76 -4.12 -57.44 72.87
C THR LB 76 -5.51 -57.94 73.25
N TYR LB 77 -5.82 -59.20 72.95
CA TYR LB 77 -7.21 -59.66 73.23
C TYR LB 77 -7.27 -60.79 74.27
N GLY LB 78 -6.14 -61.43 74.58
CA GLY LB 78 -6.19 -62.57 75.50
C GLY LB 78 -6.16 -62.13 76.95
N LEU LB 79 -6.52 -63.06 77.83
CA LEU LB 79 -6.52 -62.86 79.28
C LEU LB 79 -5.81 -64.03 79.94
N ASP LB 80 -4.64 -63.78 80.50
CA ASP LB 80 -3.81 -64.83 81.07
C ASP LB 80 -3.67 -64.63 82.57
N GLY LB 81 -3.42 -65.74 83.27
CA GLY LB 81 -3.11 -65.68 84.69
C GLY LB 81 -4.29 -65.40 85.58
N MET LB 82 -5.32 -66.24 85.53
CA MET LB 82 -6.51 -66.02 86.31
C MET LB 82 -6.39 -66.76 87.63
N ASN LB 83 -7.39 -66.61 88.48
CA ASN LB 83 -7.55 -67.39 89.70
C ASN LB 83 -9.02 -67.74 89.87
N GLY LB 84 -9.32 -68.40 90.98
CA GLY LB 84 -10.69 -68.74 91.31
C GLY LB 84 -10.78 -70.20 91.70
N SER LB 85 -12.00 -70.61 92.05
CA SER LB 85 -12.23 -71.99 92.47
C SER LB 85 -13.27 -72.61 91.57
N MET LB 86 -13.09 -73.89 91.24
CA MET LB 86 -14.04 -74.64 90.43
C MET LB 86 -14.41 -75.92 91.15
N LYS LB 87 -15.70 -76.18 91.25
CA LYS LB 87 -16.21 -77.37 91.94
C LYS LB 87 -16.73 -78.34 90.90
N ILE LB 88 -16.27 -79.58 90.97
CA ILE LB 88 -16.77 -80.65 90.12
C ILE LB 88 -17.44 -81.68 91.02
N ASN LB 89 -18.70 -81.98 90.74
CA ASN LB 89 -19.45 -82.96 91.50
C ASN LB 89 -19.45 -84.30 90.78
N ASN LB 90 -19.95 -85.32 91.48
CA ASN LB 90 -20.01 -86.66 90.90
C ASN LB 90 -21.02 -86.73 89.76
N ASP LB 91 -22.09 -85.94 89.85
CA ASP LB 91 -23.09 -85.90 88.79
C ASP LB 91 -22.74 -84.90 87.68
N GLY LB 92 -21.59 -84.23 87.77
CA GLY LB 92 -21.16 -83.32 86.74
C GLY LB 92 -21.58 -81.89 86.91
N SER LB 93 -22.46 -81.60 87.87
CA SER LB 93 -22.93 -80.24 88.11
C SER LB 93 -21.77 -79.39 88.62
N VAL LB 94 -21.28 -78.49 87.78
CA VAL LB 94 -20.13 -77.68 88.12
C VAL LB 94 -20.55 -76.23 88.31
N GLU LB 95 -19.83 -75.56 89.21
CA GLU LB 95 -19.98 -74.14 89.44
C GLU LB 95 -18.63 -73.47 89.21
N PHE LB 96 -18.62 -72.42 88.40
CA PHE LB 96 -17.39 -71.75 88.02
C PHE LB 96 -17.30 -70.37 88.64
N ARG LB 97 -16.11 -70.03 89.11
CA ARG LB 97 -15.86 -68.76 89.77
C ARG LB 97 -14.55 -68.19 89.24
N GLU LB 98 -14.56 -66.90 88.94
CA GLU LB 98 -13.36 -66.15 88.56
C GLU LB 98 -13.31 -64.89 89.40
N ASP LB 99 -12.13 -64.57 89.93
CA ASP LB 99 -11.99 -63.47 90.87
C ASP LB 99 -11.09 -62.34 90.38
N GLU LB 100 -9.85 -62.61 89.98
CA GLU LB 100 -8.88 -61.57 89.69
C GLU LB 100 -8.03 -61.94 88.48
N GLY LB 101 -7.00 -61.12 88.26
CA GLY LB 101 -6.08 -61.27 87.14
C GLY LB 101 -6.30 -60.21 86.10
N LEU LB 102 -5.66 -60.39 84.95
CA LEU LB 102 -5.91 -59.55 83.77
C LEU LB 102 -7.25 -59.98 83.17
N ASP LB 103 -8.32 -59.73 83.91
CA ASP LB 103 -9.66 -60.16 83.56
C ASP LB 103 -10.40 -59.16 82.67
N TYR LB 104 -9.65 -58.37 81.90
CA TYR LB 104 -10.21 -57.42 80.96
C TYR LB 104 -9.15 -57.11 79.91
N ALA LB 105 -9.62 -56.91 78.68
CA ALA LB 105 -8.74 -56.58 77.56
C ALA LB 105 -9.50 -55.66 76.63
N ALA LB 106 -9.23 -54.36 76.73
CA ALA LB 106 -9.94 -53.38 75.92
C ALA LB 106 -9.63 -53.60 74.45
N THR LB 107 -10.66 -53.92 73.67
CA THR LB 107 -10.50 -54.26 72.27
C THR LB 107 -11.56 -53.54 71.44
N THR LB 108 -11.11 -52.90 70.37
CA THR LB 108 -11.99 -52.23 69.42
C THR LB 108 -11.90 -53.01 68.12
N VAL LB 109 -13.02 -53.10 67.40
CA VAL LB 109 -13.05 -53.70 66.08
C VAL LB 109 -13.64 -52.69 65.11
N LYS LB 110 -13.36 -52.89 63.84
CA LYS LB 110 -13.82 -51.98 62.79
C LYS LB 110 -14.96 -52.66 62.03
N LEU LB 111 -16.14 -52.05 62.09
CA LEU LB 111 -17.26 -52.50 61.29
C LEU LB 111 -16.96 -52.25 59.82
N PRO LB 112 -17.37 -53.16 58.93
CA PRO LB 112 -17.25 -52.89 57.49
C PRO LB 112 -18.07 -51.67 57.11
N GLY LB 113 -17.39 -50.60 56.73
CA GLY LB 113 -18.05 -49.33 56.48
C GLY LB 113 -17.38 -48.19 57.22
N GLY LB 114 -16.29 -48.48 57.91
CA GLY LB 114 -15.56 -47.47 58.67
C GLY LB 114 -16.25 -47.00 59.93
N GLU LB 115 -16.78 -47.91 60.74
CA GLU LB 115 -17.44 -47.58 62.00
C GLU LB 115 -16.65 -48.20 63.15
N TYR LB 116 -16.36 -47.39 64.17
CA TYR LB 116 -15.59 -47.86 65.31
C TYR LB 116 -16.47 -48.60 66.29
N VAL LB 117 -16.12 -49.84 66.58
CA VAL LB 117 -16.88 -50.67 67.53
C VAL LB 117 -15.97 -51.07 68.68
N PRO LB 118 -15.95 -50.31 69.78
CA PRO LB 118 -15.14 -50.70 70.93
C PRO LB 118 -15.96 -51.49 71.94
N PHE LB 119 -15.27 -52.35 72.69
CA PHE LB 119 -15.92 -53.13 73.73
C PHE LB 119 -14.88 -53.53 74.76
N LEU LB 120 -15.35 -53.93 75.94
CA LEU LB 120 -14.47 -54.36 77.03
C LEU LB 120 -14.68 -55.85 77.25
N PHE LB 121 -13.82 -56.66 76.64
CA PHE LB 121 -13.87 -58.11 76.79
C PHE LB 121 -13.49 -58.46 78.23
N THR LB 122 -14.46 -58.89 79.02
CA THR LB 122 -14.26 -59.15 80.43
C THR LB 122 -14.87 -60.48 80.83
N ILE LB 123 -14.33 -61.04 81.92
CA ILE LB 123 -14.81 -62.29 82.50
C ILE LB 123 -14.97 -62.07 83.99
N LYS LB 124 -14.79 -60.81 84.41
CA LYS LB 124 -14.74 -60.46 85.83
C LYS LB 124 -16.05 -60.81 86.54
N GLU LB 125 -15.91 -61.44 87.71
CA GLU LB 125 -17.01 -61.90 88.55
C GLU LB 125 -17.94 -62.79 87.75
N PHE LB 126 -17.44 -63.96 87.36
CA PHE LB 126 -18.21 -64.90 86.58
C PHE LB 126 -18.79 -65.99 87.47
N ASP LB 127 -20.07 -66.29 87.29
CA ASP LB 127 -20.77 -67.30 88.06
C ASP LB 127 -21.45 -68.24 87.07
N GLY LB 128 -20.72 -69.27 86.64
CA GLY LB 128 -21.24 -70.21 85.66
C GLY LB 128 -21.82 -71.44 86.32
N LYS LB 129 -22.81 -72.03 85.68
CA LYS LB 129 -23.49 -73.22 86.18
C LYS LB 129 -23.79 -74.17 85.02
N GLY LB 130 -23.60 -75.46 85.26
CA GLY LB 130 -23.90 -76.45 84.24
C GLY LB 130 -23.14 -77.74 84.44
N THR LB 131 -22.83 -78.42 83.34
CA THR LB 131 -22.16 -79.71 83.38
C THR LB 131 -20.72 -79.57 82.90
N LEU LB 132 -20.00 -80.69 82.90
CA LEU LB 132 -18.65 -80.72 82.35
C LEU LB 132 -18.67 -80.41 80.87
N ASP LB 133 -19.68 -80.91 80.16
CA ASP LB 133 -19.78 -80.70 78.73
C ASP LB 133 -20.00 -79.23 78.38
N SER LB 134 -20.85 -78.55 79.14
CA SER LB 134 -21.13 -77.14 78.92
C SER LB 134 -21.73 -76.53 80.17
N PHE LB 135 -21.06 -75.53 80.73
CA PHE LB 135 -21.57 -74.77 81.86
C PHE LB 135 -21.58 -73.30 81.50
N SER LB 136 -22.65 -72.60 81.89
CA SER LB 136 -22.88 -71.22 81.47
C SER LB 136 -23.27 -70.36 82.66
N GLY LB 137 -23.03 -69.07 82.52
CA GLY LB 137 -23.39 -68.13 83.56
C GLY LB 137 -23.21 -66.70 83.09
N ASP LB 138 -23.42 -65.79 84.02
CA ASP LB 138 -23.34 -64.36 83.76
C ASP LB 138 -22.14 -63.75 84.49
N PHE LB 139 -21.49 -62.81 83.81
CA PHE LB 139 -20.35 -62.10 84.37
C PHE LB 139 -20.60 -60.60 84.30
N LEU LB 140 -19.96 -59.86 85.20
CA LEU LB 140 -20.11 -58.41 85.21
C LEU LB 140 -19.34 -57.81 84.05
N VAL LB 141 -19.92 -56.78 83.45
CA VAL LB 141 -19.26 -56.03 82.37
C VAL LB 141 -19.19 -54.56 82.77
N PRO LB 142 -18.00 -53.97 82.90
CA PRO LB 142 -17.90 -52.54 83.16
C PRO LB 142 -18.31 -51.74 81.94
N SER LB 143 -18.38 -50.42 82.12
CA SER LB 143 -18.72 -49.53 81.01
C SER LB 143 -17.63 -49.59 79.93
N TYR LB 144 -16.44 -49.09 80.28
CA TYR LB 144 -15.22 -48.97 79.46
C TYR LB 144 -14.32 -47.92 80.07
N ARG LB 145 -14.80 -46.69 80.07
CA ARG LB 145 -14.04 -45.54 80.51
C ARG LB 145 -14.42 -45.21 81.95
N GLY LB 146 -13.43 -44.82 82.74
CA GLY LB 146 -13.72 -44.36 84.08
C GLY LB 146 -14.46 -43.04 84.05
N SER LB 147 -14.98 -42.65 85.21
CA SER LB 147 -15.64 -41.37 85.32
C SER LB 147 -14.66 -40.21 85.21
N THR LB 148 -13.37 -40.47 85.40
CA THR LB 148 -12.32 -39.48 85.20
C THR LB 148 -11.83 -39.40 83.75
N PHE LB 149 -12.34 -40.25 82.87
CA PHE LB 149 -12.10 -40.10 81.45
C PHE LB 149 -12.76 -38.82 80.96
N LEU LB 150 -12.06 -38.07 80.12
CA LEU LB 150 -12.52 -36.76 79.67
C LEU LB 150 -12.92 -36.85 78.21
N ASP LB 151 -14.15 -36.45 77.91
CA ASP LB 151 -14.61 -36.38 76.54
C ASP LB 151 -13.92 -35.22 75.84
N PRO LB 152 -13.84 -35.23 74.50
CA PRO LB 152 -13.07 -34.21 73.77
C PRO LB 152 -13.45 -32.75 74.03
N LYS LB 153 -14.60 -32.47 74.65
CA LYS LB 153 -14.97 -31.09 74.99
C LYS LB 153 -14.84 -30.88 76.49
N GLY LB 154 -13.74 -31.39 77.06
CA GLY LB 154 -13.52 -31.27 78.49
C GLY LB 154 -14.41 -32.23 79.23
N ARG LB 155 -15.13 -31.71 80.23
CA ARG LB 155 -16.26 -32.38 80.86
C ARG LB 155 -15.86 -33.73 81.45
N GLY LB 156 -16.82 -34.62 81.70
CA GLY LB 156 -16.55 -35.93 82.23
C GLY LB 156 -17.51 -36.32 83.34
N GLY LB 157 -17.44 -37.59 83.73
CA GLY LB 157 -18.24 -38.08 84.83
C GLY LB 157 -17.75 -37.54 86.16
N ALA LB 158 -16.58 -37.98 86.60
CA ALA LB 158 -16.05 -37.51 87.87
C ALA LB 158 -15.49 -36.10 87.74
N THR LB 159 -14.48 -35.93 86.89
CA THR LB 159 -13.82 -34.65 86.68
C THR LB 159 -14.33 -34.00 85.40
N GLY LB 160 -14.52 -32.68 85.45
CA GLY LB 160 -14.89 -31.93 84.26
C GLY LB 160 -15.78 -30.76 84.59
N TYR LB 161 -16.24 -30.08 83.52
CA TYR LB 161 -17.08 -28.90 83.66
C TYR LB 161 -18.57 -29.21 83.72
N ASP LB 162 -18.97 -30.42 83.33
CA ASP LB 162 -20.35 -30.90 83.19
C ASP LB 162 -21.16 -30.14 82.14
N ASN LB 163 -20.53 -29.25 81.36
CA ASN LB 163 -21.25 -28.42 80.42
C ASN LB 163 -20.34 -28.07 79.25
N ALA LB 164 -20.95 -27.57 78.18
CA ALA LB 164 -20.22 -27.08 77.02
C ALA LB 164 -19.91 -25.61 77.26
N ILE LB 165 -18.63 -25.30 77.44
CA ILE LB 165 -18.21 -23.94 77.78
C ILE LB 165 -17.82 -23.12 76.56
N ALA LB 166 -17.53 -23.77 75.41
CA ALA LB 166 -17.11 -23.05 74.21
C ALA LB 166 -18.20 -22.11 73.69
N LEU LB 167 -19.44 -22.54 73.67
CA LEU LB 167 -20.56 -21.68 73.28
C LEU LB 167 -21.40 -21.43 74.53
N PRO LB 168 -21.44 -20.20 75.03
CA PRO LB 168 -22.10 -19.93 76.32
C PRO LB 168 -23.61 -19.80 76.27
N ALA LB 169 -24.25 -20.15 75.15
CA ALA LB 169 -25.69 -20.04 75.02
C ALA LB 169 -26.40 -21.36 74.78
N LYS LB 170 -25.70 -22.40 74.34
CA LYS LB 170 -26.31 -23.70 74.06
C LYS LB 170 -25.47 -24.78 74.73
N ALA LB 171 -25.75 -25.04 76.00
CA ALA LB 171 -25.14 -26.14 76.74
C ALA LB 171 -26.18 -26.81 77.63
N ASP LB 172 -27.38 -27.02 77.10
CA ASP LB 172 -28.49 -27.56 77.87
C ASP LB 172 -29.55 -28.08 76.88
N ALA LB 173 -30.75 -28.34 77.40
CA ALA LB 173 -31.94 -28.67 76.63
C ALA LB 173 -31.81 -29.95 75.82
N ASP LB 174 -31.48 -29.82 74.53
CA ASP LB 174 -31.48 -30.97 73.63
C ASP LB 174 -30.38 -31.97 73.97
N GLU LB 175 -29.19 -31.47 74.27
CA GLU LB 175 -28.01 -32.31 74.51
C GLU LB 175 -27.82 -32.66 75.99
N ILE LB 176 -28.89 -33.19 76.59
CA ILE LB 176 -28.83 -33.63 77.99
C ILE LB 176 -27.94 -34.86 78.11
N GLN LB 177 -28.14 -35.85 77.24
CA GLN LB 177 -27.40 -37.10 77.33
C GLN LB 177 -25.92 -36.93 77.00
N ARG LB 178 -25.55 -35.91 76.22
CA ARG LB 178 -24.15 -35.69 75.88
C ARG LB 178 -23.39 -34.99 76.99
N LEU LB 179 -24.02 -34.06 77.70
CA LEU LB 179 -23.30 -33.31 78.73
C LEU LB 179 -23.96 -33.29 80.09
N ASN LB 180 -25.30 -33.22 80.15
CA ASN LB 180 -25.95 -33.04 81.43
C ASN LB 180 -25.99 -34.34 82.23
N ASN LB 181 -26.18 -35.47 81.56
CA ASN LB 181 -26.24 -36.77 82.22
C ASN LB 181 -25.05 -37.59 81.78
N LYS LB 182 -24.36 -38.19 82.74
CA LYS LB 182 -23.21 -39.04 82.49
C LYS LB 182 -23.50 -40.43 83.04
N SER LB 183 -23.36 -41.43 82.18
CA SER LB 183 -23.79 -42.80 82.50
C SER LB 183 -22.60 -43.76 82.43
N TYR LB 184 -22.33 -44.44 83.54
CA TYR LB 184 -21.34 -45.51 83.60
C TYR LB 184 -21.92 -46.74 84.27
N THR LB 185 -23.17 -47.06 83.96
CA THR LB 185 -23.81 -48.22 84.56
C THR LB 185 -23.15 -49.50 84.05
N PRO LB 186 -22.70 -50.38 84.93
CA PRO LB 186 -22.08 -51.63 84.47
C PRO LB 186 -23.09 -52.55 83.80
N GLY LB 187 -22.61 -53.28 82.79
CA GLY LB 187 -23.42 -54.23 82.06
C GLY LB 187 -23.20 -55.65 82.56
N LYS LB 188 -23.97 -56.57 81.98
CA LYS LB 188 -23.89 -57.98 82.31
C LYS LB 188 -23.73 -58.79 81.04
N GLY LB 189 -22.73 -59.66 81.03
CA GLY LB 189 -22.47 -60.48 79.87
C GLY LB 189 -22.61 -61.96 80.20
N SER LB 190 -22.85 -62.78 79.17
CA SER LB 190 -23.07 -64.20 79.35
C SER LB 190 -22.06 -64.97 78.52
N ALA LB 191 -21.72 -66.18 78.97
CA ALA LB 191 -20.74 -67.02 78.30
C ALA LB 191 -21.08 -68.49 78.54
N VAL LB 192 -20.72 -69.34 77.58
CA VAL LB 192 -20.90 -70.78 77.68
C VAL LB 192 -19.53 -71.42 77.49
N PHE LB 193 -19.17 -72.34 78.38
CA PHE LB 193 -17.85 -72.95 78.36
C PHE LB 193 -17.95 -74.44 78.09
N SER LB 194 -17.32 -74.89 77.00
CA SER LB 194 -17.28 -76.29 76.62
C SER LB 194 -15.88 -76.81 76.79
N VAL LB 195 -15.74 -77.93 77.50
CA VAL LB 195 -14.45 -78.46 77.90
C VAL LB 195 -14.10 -79.64 77.00
N ALA LB 196 -12.87 -79.66 76.51
CA ALA LB 196 -12.38 -80.75 75.68
C ALA LB 196 -10.88 -80.94 75.91
N LYS LB 197 -10.42 -82.16 75.67
CA LYS LB 197 -9.01 -82.56 75.81
C LYS LB 197 -8.51 -82.30 77.24
N VAL LB 198 -9.08 -83.05 78.17
CA VAL LB 198 -8.75 -82.91 79.58
C VAL LB 198 -7.56 -83.80 79.92
N ASP LB 199 -6.51 -83.20 80.46
CA ASP LB 199 -5.32 -83.93 80.89
C ASP LB 199 -5.44 -84.20 82.39
N THR LB 200 -5.52 -85.48 82.75
CA THR LB 200 -5.66 -85.86 84.15
C THR LB 200 -4.33 -85.99 84.88
N GLU LB 201 -3.21 -86.13 84.16
CA GLU LB 201 -1.93 -86.30 84.81
C GLU LB 201 -1.42 -84.98 85.38
N THR LB 202 -1.54 -83.90 84.63
CA THR LB 202 -1.07 -82.59 85.06
C THR LB 202 -2.19 -81.68 85.54
N GLY LB 203 -3.43 -82.15 85.53
CA GLY LB 203 -4.54 -81.36 86.01
C GLY LB 203 -4.85 -80.10 85.22
N GLU LB 204 -4.83 -80.19 83.89
CA GLU LB 204 -5.11 -79.05 83.04
C GLU LB 204 -6.24 -79.37 82.08
N ILE LB 205 -7.06 -78.36 81.79
CA ILE LB 205 -8.21 -78.51 80.90
C ILE LB 205 -8.15 -77.41 79.85
N ALA LB 206 -8.86 -77.64 78.75
CA ALA LB 206 -8.94 -76.69 77.65
C ALA LB 206 -10.29 -76.85 76.97
N GLY LB 207 -10.49 -76.14 75.87
CA GLY LB 207 -11.72 -76.24 75.12
C GLY LB 207 -12.07 -74.90 74.47
N VAL LB 208 -13.26 -74.87 73.87
CA VAL LB 208 -13.76 -73.69 73.18
C VAL LB 208 -14.79 -73.01 74.07
N PHE LB 209 -15.17 -71.79 73.66
CA PHE LB 209 -16.15 -71.01 74.41
C PHE LB 209 -17.02 -70.19 73.46
N GLU LB 210 -18.15 -69.74 73.98
CA GLU LB 210 -19.10 -68.89 73.26
C GLU LB 210 -19.58 -67.84 74.26
N SER LB 211 -19.22 -66.57 74.04
CA SER LB 211 -19.54 -65.52 74.99
C SER LB 211 -20.30 -64.38 74.32
N ILE LB 212 -21.26 -63.83 75.04
CA ILE LB 212 -22.04 -62.67 74.59
C ILE LB 212 -21.99 -61.62 75.68
N GLN LB 213 -21.44 -60.45 75.35
CA GLN LB 213 -21.46 -59.30 76.24
C GLN LB 213 -21.81 -58.08 75.40
N PRO LB 214 -22.51 -57.11 75.98
CA PRO LB 214 -22.82 -55.89 75.24
C PRO LB 214 -21.55 -55.08 74.98
N SER LB 215 -21.59 -54.27 73.93
CA SER LB 215 -20.47 -53.41 73.60
C SER LB 215 -20.45 -52.22 74.58
N ASP LB 216 -19.59 -51.25 74.32
CA ASP LB 216 -19.51 -50.09 75.17
C ASP LB 216 -20.75 -49.22 74.98
N THR LB 217 -21.37 -48.80 76.08
CA THR LB 217 -22.47 -47.85 76.03
C THR LB 217 -21.99 -46.42 75.88
N GLU LB 218 -20.70 -46.25 75.56
CA GLU LB 218 -20.03 -44.95 75.44
C GLU LB 218 -20.16 -44.24 76.78
N MET LB 219 -20.91 -43.16 76.87
CA MET LB 219 -21.02 -42.39 78.09
C MET LB 219 -22.46 -42.12 78.45
N GLY LB 220 -23.40 -42.65 77.67
CA GLY LB 220 -24.82 -42.44 77.88
C GLY LB 220 -25.49 -41.81 76.68
N ALA LB 221 -24.68 -41.35 75.73
CA ALA LB 221 -25.22 -40.65 74.57
C ALA LB 221 -25.88 -41.62 73.59
N HIS LB 222 -25.29 -42.79 73.41
CA HIS LB 222 -25.80 -43.75 72.44
C HIS LB 222 -25.91 -45.13 73.05
N PRO LB 223 -26.84 -45.96 72.55
CA PRO LB 223 -26.94 -47.34 73.04
C PRO LB 223 -25.79 -48.20 72.55
N ALA LB 224 -25.55 -49.28 73.29
CA ALA LB 224 -24.49 -50.23 72.96
C ALA LB 224 -25.02 -51.35 72.08
N LYS LB 225 -24.09 -52.02 71.39
CA LYS LB 225 -24.38 -53.18 70.56
C LYS LB 225 -23.95 -54.45 71.27
N ASP LB 226 -24.22 -55.58 70.64
CA ASP LB 226 -23.87 -56.89 71.18
C ASP LB 226 -22.71 -57.47 70.38
N ILE LB 227 -21.73 -58.03 71.10
CA ILE LB 227 -20.54 -58.63 70.49
C ILE LB 227 -20.56 -60.11 70.78
N LYS LB 228 -20.33 -60.92 69.75
CA LYS LB 228 -20.24 -62.37 69.89
C LYS LB 228 -18.78 -62.78 69.82
N ILE LB 229 -18.30 -63.46 70.86
CA ILE LB 229 -16.88 -63.74 71.03
C ILE LB 229 -16.68 -65.25 71.13
N THR LB 230 -15.91 -65.80 70.20
CA THR LB 230 -15.63 -67.23 70.13
C THR LB 230 -14.13 -67.45 70.12
N GLY LB 231 -13.68 -68.55 70.70
CA GLY LB 231 -12.26 -68.85 70.71
C GLY LB 231 -11.96 -70.03 71.63
N LEU LB 232 -10.67 -70.16 71.93
CA LEU LB 232 -10.16 -71.24 72.77
C LEU LB 232 -9.85 -70.73 74.18
N TRP LB 233 -9.74 -71.67 75.12
CA TRP LB 233 -9.40 -71.34 76.50
C TRP LB 233 -8.61 -72.50 77.11
N TYR LB 234 -7.92 -72.20 78.21
CA TYR LB 234 -7.06 -73.17 78.89
C TYR LB 234 -6.90 -72.80 80.37
N GLY LB 235 -6.87 -73.82 81.22
CA GLY LB 235 -6.68 -73.59 82.65
C GLY LB 235 -6.16 -74.82 83.34
N GLN LB 236 -5.57 -74.60 84.52
CA GLN LB 236 -4.95 -75.67 85.29
C GLN LB 236 -5.56 -75.75 86.69
N LEU LB 237 -5.66 -76.97 87.21
CA LEU LB 237 -6.26 -77.22 88.52
C LEU LB 237 -5.15 -77.37 89.57
N THR LB 238 -5.22 -76.52 90.61
CA THR LB 238 -4.26 -76.48 91.72
C THR LB 238 -2.79 -76.42 91.28
N ALA MB 1 11.76 5.49 100.95
CA ALA MB 1 12.82 6.27 100.32
C ALA MB 1 13.81 6.80 101.36
N TYR MB 2 14.53 5.88 102.01
CA TYR MB 2 15.50 6.23 103.03
C TYR MB 2 16.92 5.91 102.57
N GLY MB 3 17.86 6.76 102.95
CA GLY MB 3 19.24 6.60 102.52
C GLY MB 3 20.06 5.66 103.38
N GLU MB 4 20.22 4.42 102.91
CA GLU MB 4 21.01 3.42 103.62
C GLU MB 4 21.85 2.65 102.60
N GLY MB 5 22.91 2.02 103.10
CA GLY MB 5 23.82 1.31 102.22
C GLY MB 5 23.26 -0.03 101.75
N ALA MB 6 24.01 -0.66 100.86
CA ALA MB 6 23.64 -1.95 100.31
C ALA MB 6 24.19 -3.07 101.19
N ASN MB 7 24.13 -4.30 100.71
CA ASN MB 7 24.57 -5.47 101.47
C ASN MB 7 25.56 -6.27 100.64
N VAL MB 8 26.83 -5.89 100.69
CA VAL MB 8 27.91 -6.60 100.01
C VAL MB 8 28.88 -7.12 101.06
N PHE MB 9 29.26 -8.39 100.92
CA PHE MB 9 30.18 -9.09 101.83
C PHE MB 9 29.67 -9.07 103.27
N GLY MB 10 28.36 -9.14 103.45
CA GLY MB 10 27.76 -9.11 104.77
C GLY MB 10 26.90 -10.32 105.06
N ARG MB 11 27.26 -11.45 104.43
CA ARG MB 11 26.64 -12.77 104.60
C ARG MB 11 25.18 -12.83 104.18
N VAL MB 12 24.62 -14.02 104.15
CA VAL MB 12 23.25 -14.25 103.72
C VAL MB 12 22.31 -14.03 104.90
N THR MB 13 21.08 -13.61 104.61
CA THR MB 13 20.10 -13.34 105.66
C THR MB 13 19.46 -14.63 106.18
N ASN MB 14 18.79 -15.37 105.30
CA ASN MB 14 18.10 -16.60 105.68
C ASN MB 14 18.70 -17.78 104.93
N LYS MB 15 18.97 -18.85 105.68
CA LYS MB 15 19.50 -20.09 105.09
C LYS MB 15 18.75 -21.34 105.53
N SER MB 16 18.16 -21.38 106.72
CA SER MB 16 17.54 -22.61 107.23
C SER MB 16 16.27 -22.99 106.48
N GLY MB 17 15.68 -22.07 105.73
CA GLY MB 17 14.46 -22.37 105.02
C GLY MB 17 13.20 -22.33 105.84
N PHE MB 18 13.26 -21.78 107.06
CA PHE MB 18 12.10 -21.66 107.92
C PHE MB 18 11.99 -20.23 108.44
N VAL MB 19 10.75 -19.78 108.61
CA VAL MB 19 10.46 -18.45 109.14
C VAL MB 19 9.56 -18.62 110.35
N PRO MB 20 9.73 -17.82 111.41
CA PRO MB 20 8.90 -17.99 112.61
C PRO MB 20 7.61 -17.19 112.52
N TYR MB 21 6.54 -17.76 113.09
CA TYR MB 21 5.27 -17.07 113.21
C TYR MB 21 4.55 -17.63 114.43
N ALA MB 22 4.11 -16.74 115.32
CA ALA MB 22 3.38 -17.13 116.53
C ALA MB 22 1.95 -16.62 116.42
N GLY MB 23 1.01 -17.54 116.26
CA GLY MB 23 -0.39 -17.19 116.16
C GLY MB 23 -1.02 -17.05 117.53
N ASP MB 24 -2.36 -17.01 117.55
CA ASP MB 24 -3.09 -16.92 118.80
C ASP MB 24 -3.02 -18.29 119.47
N SER MB 25 -2.20 -18.36 120.53
CA SER MB 25 -1.97 -19.56 121.34
C SER MB 25 -1.37 -20.70 120.53
N PHE MB 26 -0.52 -20.39 119.54
CA PHE MB 26 0.31 -21.40 118.91
C PHE MB 26 1.52 -20.73 118.27
N ALA MB 27 2.56 -21.54 118.04
CA ALA MB 27 3.78 -21.07 117.40
C ALA MB 27 4.40 -22.22 116.61
N LEU MB 28 4.82 -21.93 115.37
CA LEU MB 28 5.42 -22.95 114.53
C LEU MB 28 6.28 -22.27 113.46
N LEU MB 29 7.21 -23.05 112.90
CA LEU MB 29 8.17 -22.57 111.92
C LEU MB 29 7.66 -22.86 110.51
N LEU MB 30 7.14 -21.84 109.84
CA LEU MB 30 6.65 -21.93 108.48
C LEU MB 30 7.80 -21.98 107.48
N PRO MB 31 7.58 -22.55 106.30
CA PRO MB 31 8.63 -22.55 105.28
C PRO MB 31 8.89 -21.16 104.73
N SER MB 32 10.13 -20.93 104.29
CA SER MB 32 10.58 -19.58 103.92
C SER MB 32 10.03 -19.13 102.57
N LYS MB 33 9.84 -20.06 101.63
CA LYS MB 33 9.54 -19.73 100.24
C LYS MB 33 8.06 -19.44 100.01
N TRP MB 34 7.28 -19.27 101.07
CA TRP MB 34 5.83 -19.40 101.00
C TRP MB 34 5.09 -18.07 101.04
N ASN MB 35 3.83 -18.06 100.55
CA ASN MB 35 2.99 -16.87 100.48
C ASN MB 35 1.68 -17.08 101.26
N PRO MB 36 1.09 -16.02 101.81
CA PRO MB 36 -0.21 -16.16 102.45
C PRO MB 36 -1.36 -16.04 101.48
N SER MB 37 -2.47 -16.69 101.83
CA SER MB 37 -3.68 -16.72 101.01
C SER MB 37 -4.89 -16.41 101.87
N ASP MB 38 -5.92 -15.85 101.23
CA ASP MB 38 -7.12 -15.41 101.93
C ASP MB 38 -8.25 -16.42 101.91
N GLU MB 39 -8.02 -17.62 101.37
CA GLU MB 39 -9.07 -18.62 101.29
C GLU MB 39 -9.31 -19.22 102.67
N LYS MB 40 -10.56 -19.58 102.96
CA LYS MB 40 -10.91 -20.30 104.19
C LYS MB 40 -11.85 -21.44 103.82
N GLU MB 41 -11.31 -22.65 103.74
CA GLU MB 41 -12.14 -23.82 103.48
C GLU MB 41 -12.98 -24.18 104.70
N VAL MB 42 -12.53 -23.79 105.89
CA VAL MB 42 -13.25 -23.99 107.13
C VAL MB 42 -13.49 -22.62 107.77
N ASP MB 43 -14.71 -22.38 108.24
CA ASP MB 43 -15.07 -21.11 108.85
C ASP MB 43 -14.31 -20.81 110.14
N SER MB 44 -13.72 -21.81 110.77
CA SER MB 44 -12.96 -21.63 112.02
C SER MB 44 -11.46 -21.69 111.78
N ILE MB 45 -10.98 -21.17 110.66
CA ILE MB 45 -9.56 -21.16 110.32
C ILE MB 45 -8.94 -19.91 110.92
N VAL MB 46 -7.61 -19.92 111.10
CA VAL MB 46 -6.89 -18.75 111.56
C VAL MB 46 -5.73 -18.38 110.63
N LEU MB 47 -5.26 -19.31 109.80
CA LEU MB 47 -4.13 -19.07 108.93
C LEU MB 47 -4.27 -19.96 107.71
N ARG MB 48 -3.74 -19.48 106.58
CA ARG MB 48 -3.63 -20.29 105.38
C ARG MB 48 -2.51 -19.72 104.53
N TYR MB 49 -1.43 -20.48 104.38
CA TYR MB 49 -0.35 -20.09 103.49
C TYR MB 49 -0.34 -21.03 102.31
N ALA MB 50 -0.02 -20.51 101.13
CA ALA MB 50 -0.08 -21.29 99.90
C ALA MB 50 1.25 -21.24 99.18
N ASP MB 51 1.62 -22.36 98.56
CA ASP MB 51 2.83 -22.40 97.77
C ASP MB 51 2.66 -21.54 96.52
N ASN MB 52 3.73 -20.83 96.16
CA ASN MB 52 3.66 -19.99 94.97
C ASN MB 52 3.67 -20.84 93.70
N PHE MB 53 4.14 -22.08 93.80
CA PHE MB 53 4.17 -22.99 92.65
C PHE MB 53 2.77 -23.49 92.32
N ASP MB 54 2.20 -24.32 93.19
CA ASP MB 54 0.87 -24.90 93.01
C ASP MB 54 0.05 -24.65 94.27
N ALA MB 55 -1.27 -24.57 94.09
CA ALA MB 55 -2.18 -24.48 95.23
C ALA MB 55 -2.51 -25.85 95.82
N VAL MB 56 -1.97 -26.93 95.25
CA VAL MB 56 -2.24 -28.26 95.77
C VAL MB 56 -1.56 -28.45 97.13
N ASN MB 57 -0.30 -28.08 97.22
CA ASN MB 57 0.50 -28.27 98.43
C ASN MB 57 0.30 -27.03 99.30
N ASN MB 58 -0.37 -27.21 100.45
CA ASN MB 58 -0.75 -26.09 101.30
C ASN MB 58 -0.59 -26.46 102.76
N VAL MB 59 -0.88 -25.49 103.63
CA VAL MB 59 -0.82 -25.68 105.07
C VAL MB 59 -1.74 -24.64 105.71
N TYR MB 60 -2.41 -25.03 106.80
CA TYR MB 60 -3.33 -24.14 107.49
C TYR MB 60 -3.59 -24.66 108.91
N VAL MB 61 -4.09 -23.76 109.76
CA VAL MB 61 -4.36 -24.04 111.17
C VAL MB 61 -5.82 -23.71 111.46
N ILE MB 62 -6.52 -24.62 112.15
CA ILE MB 62 -7.93 -24.46 112.51
C ILE MB 62 -8.03 -24.20 114.01
N ALA MB 63 -8.89 -23.26 114.41
CA ALA MB 63 -9.10 -22.92 115.82
C ALA MB 63 -10.20 -23.77 116.46
N GLN MB 64 -11.42 -23.65 115.94
CA GLN MB 64 -12.63 -24.39 116.32
C GLN MB 64 -12.88 -24.18 117.83
N ASP MB 65 -13.67 -25.03 118.50
CA ASP MB 65 -13.95 -24.91 119.93
C ASP MB 65 -14.54 -26.22 120.47
N THR MB 66 -14.00 -26.73 121.57
CA THR MB 66 -14.36 -28.05 122.07
C THR MB 66 -14.87 -27.99 123.50
N ASP MB 67 -15.65 -29.01 123.87
CA ASP MB 67 -16.15 -29.18 125.23
C ASP MB 67 -15.41 -30.26 126.00
N LYS MB 68 -14.43 -30.91 125.39
CA LYS MB 68 -13.66 -31.96 126.05
C LYS MB 68 -12.42 -31.37 126.71
N SER MB 69 -11.95 -32.04 127.76
CA SER MB 69 -10.77 -31.55 128.48
C SER MB 69 -9.51 -31.67 127.63
N SER MB 70 -9.32 -32.80 126.95
CA SER MB 70 -8.16 -33.01 126.12
C SER MB 70 -8.48 -34.04 125.05
N ILE MB 71 -7.48 -34.31 124.19
CA ILE MB 71 -7.67 -35.24 123.09
C ILE MB 71 -7.80 -36.68 123.56
N GLN MB 72 -7.33 -36.99 124.77
CA GLN MB 72 -7.45 -38.35 125.29
C GLN MB 72 -8.90 -38.72 125.62
N ASP MB 73 -9.77 -37.72 125.77
CA ASP MB 73 -11.18 -38.01 125.99
C ASP MB 73 -11.83 -38.64 124.76
N TYR MB 74 -11.32 -38.31 123.57
CA TYR MB 74 -11.81 -38.94 122.35
C TYR MB 74 -11.44 -40.43 122.32
N GLY MB 75 -10.24 -40.77 122.77
CA GLY MB 75 -9.79 -42.15 122.77
C GLY MB 75 -8.63 -42.42 121.84
N SER MB 76 -8.78 -43.40 120.96
CA SER MB 76 -7.73 -43.75 120.01
C SER MB 76 -7.57 -42.64 118.97
N PRO MB 77 -6.37 -42.49 118.41
CA PRO MB 77 -6.19 -41.50 117.33
C PRO MB 77 -7.04 -41.76 116.10
N GLU MB 78 -7.30 -43.03 115.78
CA GLU MB 78 -8.14 -43.33 114.60
C GLU MB 78 -9.57 -42.85 114.82
N GLU MB 79 -10.07 -42.93 116.05
CA GLU MB 79 -11.37 -42.36 116.36
C GLU MB 79 -11.35 -40.84 116.23
N PHE MB 80 -10.22 -40.22 116.58
CA PHE MB 80 -10.05 -38.79 116.41
C PHE MB 80 -10.02 -38.41 114.93
N ILE MB 81 -9.49 -39.29 114.07
CA ILE MB 81 -9.41 -39.01 112.65
C ILE MB 81 -10.63 -39.51 111.87
N SER MB 82 -11.44 -40.40 112.46
CA SER MB 82 -12.62 -40.89 111.77
C SER MB 82 -13.74 -39.86 111.73
N GLN MB 83 -13.77 -38.93 112.67
CA GLN MB 83 -14.82 -37.91 112.70
C GLN MB 83 -14.44 -36.62 112.00
N PHE MB 84 -13.25 -36.55 111.40
CA PHE MB 84 -12.84 -35.39 110.59
C PHE MB 84 -12.95 -35.71 109.11
N GLY MB 85 -14.02 -36.42 108.73
CA GLY MB 85 -14.22 -36.89 107.37
C GLY MB 85 -14.69 -35.85 106.37
N TYR MB 86 -14.75 -34.58 106.77
CA TYR MB 86 -15.07 -33.52 105.81
C TYR MB 86 -13.85 -32.73 105.38
N LEU MB 87 -12.69 -32.96 106.04
CA LEU MB 87 -11.49 -32.21 105.70
C LEU MB 87 -10.86 -32.68 104.40
N LEU MB 88 -10.88 -34.00 104.15
CA LEU MB 88 -10.33 -34.50 102.90
C LEU MB 88 -11.19 -34.10 101.71
N GLY MB 89 -12.50 -34.03 101.90
CA GLY MB 89 -13.38 -33.60 100.83
C GLY MB 89 -14.47 -34.59 100.50
N ARG MB 90 -15.72 -34.15 100.62
CA ARG MB 90 -16.85 -35.01 100.30
C ARG MB 90 -16.92 -35.24 98.79
N GLN MB 91 -17.14 -36.50 98.41
CA GLN MB 91 -17.32 -36.84 97.01
C GLN MB 91 -18.67 -36.31 96.52
N ALA MB 92 -18.64 -35.50 95.45
CA ALA MB 92 -19.84 -34.88 94.92
C ALA MB 92 -20.26 -35.48 93.59
N TRP MB 93 -20.02 -36.77 93.39
CA TRP MB 93 -20.45 -37.47 92.19
C TRP MB 93 -21.47 -38.54 92.57
N ALA MB 94 -22.58 -38.60 91.83
CA ALA MB 94 -23.67 -39.51 92.12
C ALA MB 94 -23.61 -40.73 91.21
N GLY MB 95 -24.65 -41.57 91.27
CA GLY MB 95 -24.73 -42.76 90.44
C GLY MB 95 -23.96 -43.92 91.03
N GLN MB 96 -23.56 -44.85 90.15
CA GLN MB 96 -22.77 -46.01 90.55
C GLN MB 96 -21.56 -46.08 89.63
N THR MB 97 -20.39 -46.33 90.22
CA THR MB 97 -19.14 -46.30 89.46
C THR MB 97 -18.30 -47.50 89.86
N VAL MB 98 -18.23 -48.50 88.99
CA VAL MB 98 -17.31 -49.61 89.17
C VAL MB 98 -16.30 -49.69 88.02
N SER MB 99 -16.28 -48.69 87.14
CA SER MB 99 -15.34 -48.63 86.03
C SER MB 99 -14.13 -47.78 86.40
N GLU MB 100 -13.88 -47.65 87.70
CA GLU MB 100 -12.72 -46.93 88.22
C GLU MB 100 -11.55 -47.85 88.51
N GLY MB 101 -11.73 -48.85 89.36
CA GLY MB 101 -10.68 -49.81 89.64
C GLY MB 101 -9.84 -49.49 90.86
N GLY MB 102 -9.75 -50.45 91.78
CA GLY MB 102 -8.95 -50.25 92.98
C GLY MB 102 -9.54 -49.29 93.97
N PHE MB 103 -10.84 -48.99 93.86
CA PHE MB 103 -11.52 -48.05 94.75
C PHE MB 103 -12.86 -48.62 95.19
N ASP MB 104 -12.89 -49.95 95.40
CA ASP MB 104 -14.08 -50.70 95.81
C ASP MB 104 -15.24 -50.52 94.83
N ALA MB 105 -16.33 -49.91 95.32
CA ALA MB 105 -17.50 -49.67 94.49
C ALA MB 105 -18.07 -48.30 94.81
N ASN MB 106 -18.42 -47.54 93.77
CA ASN MB 106 -19.05 -46.22 93.86
C ASN MB 106 -18.21 -45.22 94.62
N LYS MB 107 -16.88 -45.36 94.57
CA LYS MB 107 -15.96 -44.42 95.19
C LYS MB 107 -14.88 -44.02 94.18
N VAL MB 108 -14.50 -42.75 94.21
CA VAL MB 108 -13.46 -42.23 93.32
C VAL MB 108 -12.39 -41.51 94.12
N SER MB 109 -12.34 -41.80 95.42
CA SER MB 109 -11.34 -41.23 96.32
C SER MB 109 -11.24 -42.10 97.56
N SER MB 110 -10.02 -42.48 97.92
CA SER MB 110 -9.77 -43.31 99.09
C SER MB 110 -8.62 -42.73 99.90
N ALA MB 111 -8.76 -42.79 101.22
CA ALA MB 111 -7.75 -42.29 102.15
C ALA MB 111 -7.28 -43.45 103.00
N ALA MB 112 -5.97 -43.68 102.99
CA ALA MB 112 -5.36 -44.77 103.76
C ALA MB 112 -4.49 -44.17 104.86
N LEU MB 113 -4.50 -44.79 106.04
CA LEU MB 113 -3.67 -44.34 107.16
C LEU MB 113 -2.35 -45.09 107.13
N LEU MB 114 -1.24 -44.37 107.30
CA LEU MB 114 0.06 -45.01 107.37
C LEU MB 114 0.48 -45.29 108.82
N GLY MB 115 0.22 -44.36 109.72
CA GLY MB 115 0.56 -44.56 111.12
C GLY MB 115 0.04 -43.41 111.95
N VAL MB 116 0.02 -43.65 113.26
CA VAL MB 116 -0.42 -42.66 114.24
C VAL MB 116 0.68 -42.47 115.27
N ALA MB 117 0.70 -41.28 115.87
CA ALA MB 117 1.69 -40.96 116.88
C ALA MB 117 1.02 -40.21 118.02
N THR MB 118 1.39 -40.59 119.24
CA THR MB 118 0.83 -40.02 120.47
C THR MB 118 1.95 -39.44 121.32
N GLU MB 119 2.90 -38.77 120.66
CA GLU MB 119 4.02 -38.17 121.36
C GLU MB 119 3.57 -36.94 122.14
N LYS MB 120 4.19 -36.73 123.30
CA LYS MB 120 3.88 -35.59 124.14
C LYS MB 120 4.96 -34.52 124.00
N ASP MB 121 4.68 -33.35 124.56
CA ASP MB 121 5.54 -32.19 124.45
C ASP MB 121 6.15 -31.90 125.83
N LYS MB 122 6.93 -30.82 125.92
CA LYS MB 122 7.55 -30.44 127.19
C LYS MB 122 6.51 -30.06 128.23
N LYS MB 123 5.49 -29.31 127.83
CA LYS MB 123 4.53 -28.72 128.76
C LYS MB 123 3.34 -29.63 129.04
N GLY MB 124 3.52 -30.95 128.96
CA GLY MB 124 2.43 -31.85 129.22
C GLY MB 124 1.31 -31.81 128.20
N LYS MB 125 1.65 -31.58 126.94
CA LYS MB 125 0.65 -31.48 125.87
C LYS MB 125 0.82 -32.66 124.92
N THR MB 126 -0.15 -33.57 124.92
CA THR MB 126 -0.14 -34.69 124.00
C THR MB 126 -0.68 -34.26 122.63
N TYR MB 127 -0.22 -34.93 121.59
CA TYR MB 127 -0.59 -34.60 120.22
C TYR MB 127 -0.95 -35.86 119.46
N TYR MB 128 -2.00 -35.79 118.63
CA TYR MB 128 -2.40 -36.88 117.76
C TYR MB 128 -1.85 -36.60 116.37
N LYS MB 129 -0.76 -37.27 116.01
CA LYS MB 129 -0.10 -37.08 114.73
C LYS MB 129 -0.48 -38.21 113.79
N PHE MB 130 -0.72 -37.88 112.52
CA PHE MB 130 -1.19 -38.85 111.54
C PHE MB 130 -0.37 -38.75 110.26
N GLU MB 131 -0.23 -39.89 109.57
CA GLU MB 131 0.33 -39.96 108.23
C GLU MB 131 -0.75 -40.54 107.32
N ILE MB 132 -1.39 -39.68 106.53
CA ILE MB 132 -2.53 -40.07 105.71
C ILE MB 132 -2.17 -39.86 104.25
N LEU MB 133 -2.44 -40.87 103.42
CA LEU MB 133 -2.23 -40.81 101.98
C LEU MB 133 -3.57 -40.94 101.28
N SER MB 134 -4.02 -39.86 100.64
CA SER MB 134 -5.30 -39.82 99.95
C SER MB 134 -5.07 -39.84 98.46
N ARG MB 135 -5.69 -40.79 97.76
CA ARG MB 135 -5.55 -40.95 96.32
C ARG MB 135 -6.93 -40.98 95.66
N THR MB 136 -6.98 -40.56 94.41
CA THR MB 136 -8.21 -40.48 93.64
C THR MB 136 -8.12 -41.34 92.39
N ALA MB 137 -9.22 -41.39 91.64
CA ALA MB 137 -9.27 -42.15 90.41
C ALA MB 137 -8.37 -41.56 89.33
N ASP MB 138 -8.09 -40.26 89.38
CA ASP MB 138 -7.07 -39.65 88.54
C ASP MB 138 -5.67 -40.12 88.91
N GLY MB 139 -5.47 -40.55 90.16
CA GLY MB 139 -4.13 -40.68 90.68
C GLY MB 139 -3.46 -39.32 90.73
N ASN MB 140 -4.23 -38.28 91.07
CA ASN MB 140 -3.84 -36.88 90.97
C ASN MB 140 -2.56 -36.62 91.77
N GLU MB 141 -1.48 -36.32 91.04
CA GLU MB 141 -0.15 -36.10 91.60
C GLU MB 141 0.33 -37.32 92.40
N GLY MB 142 -0.09 -38.51 91.98
CA GLY MB 142 0.27 -39.72 92.69
C GLY MB 142 -0.37 -39.87 94.04
N GLY MB 143 -1.41 -39.07 94.32
CA GLY MB 143 -2.03 -39.02 95.63
C GLY MB 143 -1.52 -37.85 96.44
N ARG MB 144 -2.27 -37.51 97.48
CA ARG MB 144 -1.95 -36.39 98.35
C ARG MB 144 -1.64 -36.90 99.75
N HIS MB 145 -0.55 -36.42 100.33
CA HIS MB 145 -0.17 -36.74 101.69
C HIS MB 145 -0.84 -35.77 102.65
N GLN MB 146 -1.74 -36.28 103.49
CA GLN MB 146 -2.39 -35.48 104.51
C GLN MB 146 -1.68 -35.68 105.83
N LEU MB 147 -1.12 -34.61 106.38
CA LEU MB 147 -0.39 -34.66 107.65
C LEU MB 147 -1.20 -33.87 108.68
N VAL MB 148 -1.68 -34.57 109.71
CA VAL MB 148 -2.57 -33.98 110.70
C VAL MB 148 -1.91 -34.07 112.07
N LYS MB 149 -1.79 -32.92 112.74
CA LYS MB 149 -1.34 -32.86 114.13
C LYS MB 149 -2.23 -31.86 114.85
N ALA MB 150 -2.84 -32.30 115.95
CA ALA MB 150 -3.81 -31.49 116.66
C ALA MB 150 -3.72 -31.73 118.16
N THR MB 151 -4.33 -30.82 118.92
CA THR MB 151 -4.38 -30.92 120.39
C THR MB 151 -5.60 -30.17 120.89
N VAL MB 152 -5.77 -30.17 122.20
CA VAL MB 152 -6.83 -29.42 122.87
C VAL MB 152 -6.20 -28.57 123.96
N SER MB 153 -6.40 -27.26 123.86
CA SER MB 153 -5.90 -26.31 124.85
C SER MB 153 -7.02 -25.35 125.22
N ASN MB 154 -7.02 -24.93 126.49
CA ASN MB 154 -8.08 -24.11 127.08
C ASN MB 154 -9.43 -24.76 126.85
N GLY MB 155 -10.17 -24.26 125.86
CA GLY MB 155 -11.45 -24.84 125.50
C GLY MB 155 -11.62 -24.98 124.01
N LYS MB 156 -10.52 -25.00 123.26
CA LYS MB 156 -10.57 -25.14 121.81
C LYS MB 156 -9.72 -26.31 121.37
N LEU MB 157 -9.75 -26.58 120.07
CA LEU MB 157 -9.03 -27.69 119.46
C LEU MB 157 -8.23 -27.15 118.27
N TYR MB 158 -6.97 -26.80 118.50
CA TYR MB 158 -6.10 -26.35 117.43
C TYR MB 158 -5.69 -27.54 116.57
N LEU MB 159 -5.86 -27.41 115.26
CA LEU MB 159 -5.59 -28.48 114.32
C LEU MB 159 -4.71 -27.96 113.19
N LEU MB 160 -3.61 -28.65 112.93
CA LEU MB 160 -2.71 -28.34 111.83
C LEU MB 160 -2.79 -29.45 110.79
N LYS MB 161 -3.30 -29.12 109.62
CA LYS MB 161 -3.40 -30.07 108.52
C LYS MB 161 -2.45 -29.63 107.40
N VAL MB 162 -1.60 -30.55 106.96
CA VAL MB 162 -0.61 -30.28 105.92
C VAL MB 162 -0.93 -31.14 104.72
N GLN MB 163 -1.23 -30.50 103.59
CA GLN MB 163 -1.53 -31.18 102.35
C GLN MB 163 -0.31 -31.15 101.44
N ALA MB 164 0.06 -32.30 100.91
CA ALA MB 164 1.25 -32.41 100.09
C ALA MB 164 1.05 -33.48 99.03
N GLY MB 165 1.36 -33.13 97.78
CA GLY MB 165 1.28 -34.11 96.72
C GLY MB 165 2.39 -35.14 96.80
N ASP MB 166 2.12 -36.32 96.25
CA ASP MB 166 3.13 -37.38 96.27
C ASP MB 166 4.27 -37.09 95.31
N LYS MB 167 4.01 -36.27 94.29
CA LYS MB 167 5.08 -35.83 93.40
C LYS MB 167 6.11 -35.00 94.15
N ARG MB 168 5.63 -34.14 95.05
CA ARG MB 168 6.53 -33.22 95.73
C ARG MB 168 7.22 -33.89 96.90
N TRP MB 169 6.79 -35.11 97.26
CA TRP MB 169 7.26 -35.75 98.48
C TRP MB 169 8.65 -36.38 98.31
N PHE MB 170 9.15 -36.46 97.08
CA PHE MB 170 10.49 -37.01 96.88
C PHE MB 170 11.46 -36.03 96.23
N LYS MB 171 11.04 -34.79 95.94
CA LYS MB 171 11.92 -33.83 95.29
C LYS MB 171 12.50 -32.79 96.23
N GLY MB 172 12.15 -32.80 97.51
CA GLY MB 172 12.73 -31.85 98.44
C GLY MB 172 11.73 -31.00 99.21
N THR MB 173 10.49 -31.45 99.28
CA THR MB 173 9.47 -30.82 100.12
C THR MB 173 9.15 -31.65 101.35
N ASP MB 174 9.41 -32.97 101.29
CA ASP MB 174 9.23 -33.83 102.46
C ASP MB 174 10.09 -33.37 103.63
N LYS MB 175 11.27 -32.82 103.35
CA LYS MB 175 12.08 -32.24 104.42
C LYS MB 175 11.42 -31.00 105.00
N GLU MB 176 10.79 -30.18 104.15
CA GLU MB 176 10.03 -29.03 104.64
C GLU MB 176 8.71 -29.46 105.29
N CYS MB 177 8.08 -30.52 104.77
CA CYS MB 177 6.80 -30.95 105.31
C CYS MB 177 6.93 -31.50 106.73
N LEU MB 178 8.00 -32.25 107.01
CA LEU MB 178 8.19 -32.75 108.36
C LEU MB 178 8.56 -31.65 109.34
N GLY MB 179 9.09 -30.53 108.83
CA GLY MB 179 9.48 -29.44 109.71
C GLY MB 179 8.31 -28.76 110.39
N VAL MB 180 7.23 -28.53 109.64
CA VAL MB 180 6.08 -27.80 110.21
C VAL MB 180 5.29 -28.69 111.16
N LEU MB 181 5.44 -30.01 111.03
CA LEU MB 181 4.78 -30.92 111.96
C LEU MB 181 5.39 -30.83 113.36
N ASP MB 182 6.71 -31.01 113.46
CA ASP MB 182 7.35 -31.05 114.76
C ASP MB 182 7.52 -29.68 115.39
N SER MB 183 7.46 -28.61 114.59
CA SER MB 183 7.57 -27.26 115.12
C SER MB 183 6.25 -26.70 115.59
N PHE MB 184 5.13 -27.38 115.32
CA PHE MB 184 3.82 -26.88 115.72
C PHE MB 184 3.65 -27.06 117.22
N THR MB 185 3.71 -25.96 117.97
CA THR MB 185 3.56 -25.98 119.41
C THR MB 185 2.38 -25.09 119.80
N VAL MB 186 1.67 -25.50 120.85
CA VAL MB 186 0.52 -24.78 121.37
C VAL MB 186 0.84 -24.42 122.82
N VAL MB 187 0.99 -23.13 123.08
CA VAL MB 187 1.33 -22.64 124.42
C VAL MB 187 0.22 -21.76 124.98
N MET NB 1 -20.78 -31.13 51.71
CA MET NB 1 -20.60 -29.74 51.28
C MET NB 1 -19.16 -29.30 51.27
N GLU NB 2 -18.56 -29.22 52.46
CA GLU NB 2 -17.20 -28.69 52.57
C GLU NB 2 -16.17 -29.69 52.08
N ALA NB 3 -16.53 -30.98 52.06
CA ALA NB 3 -15.62 -32.03 51.61
C ALA NB 3 -15.28 -31.85 50.14
N LEU NB 4 -16.26 -31.49 49.32
CA LEU NB 4 -15.99 -31.28 47.91
C LEU NB 4 -15.27 -29.95 47.67
N VAL NB 5 -15.57 -28.94 48.49
CA VAL NB 5 -14.99 -27.62 48.27
C VAL NB 5 -13.49 -27.63 48.53
N TYR NB 6 -13.08 -28.16 49.68
CA TYR NB 6 -11.66 -28.10 50.06
C TYR NB 6 -10.82 -28.99 49.16
N THR NB 7 -11.39 -30.10 48.70
CA THR NB 7 -10.69 -30.93 47.73
C THR NB 7 -10.53 -30.22 46.39
N PHE NB 8 -11.57 -29.50 45.95
CA PHE NB 8 -11.50 -28.77 44.70
C PHE NB 8 -10.48 -27.64 44.76
N LEU NB 9 -10.44 -26.90 45.87
CA LEU NB 9 -9.50 -25.79 46.00
C LEU NB 9 -8.07 -26.29 46.11
N LEU NB 10 -7.88 -27.47 46.71
CA LEU NB 10 -6.54 -28.04 46.78
C LEU NB 10 -6.06 -28.51 45.41
N ILE NB 11 -6.92 -29.21 44.67
CA ILE NB 11 -6.55 -29.62 43.32
C ILE NB 11 -6.62 -28.43 42.37
N GLY NB 12 -7.39 -27.39 42.72
CA GLY NB 12 -7.39 -26.18 41.92
C GLY NB 12 -6.05 -25.47 41.99
N THR NB 13 -5.46 -25.39 43.19
CA THR NB 13 -4.14 -24.79 43.34
C THR NB 13 -3.06 -25.71 42.78
N LEU NB 14 -3.32 -27.03 42.78
CA LEU NB 14 -2.30 -28.00 42.36
C LEU NB 14 -1.95 -27.86 40.88
N GLY NB 15 -2.95 -27.64 40.02
CA GLY NB 15 -2.66 -27.56 38.60
C GLY NB 15 -1.95 -26.29 38.19
N ILE NB 16 -2.12 -25.22 38.97
CA ILE NB 16 -1.55 -23.92 38.60
C ILE NB 16 -0.04 -23.99 38.65
N ILE NB 17 0.51 -24.71 39.63
CA ILE NB 17 1.94 -24.95 39.66
C ILE NB 17 2.35 -25.75 38.43
N PHE NB 18 1.56 -26.76 38.06
CA PHE NB 18 1.82 -27.49 36.82
C PHE NB 18 1.61 -26.59 35.61
N PHE NB 19 0.64 -25.67 35.69
CA PHE NB 19 0.57 -24.63 34.68
C PHE NB 19 1.80 -23.73 34.74
N SER NB 20 2.35 -23.52 35.95
CA SER NB 20 3.53 -22.69 36.08
C SER NB 20 4.81 -23.40 35.65
N ILE NB 21 4.99 -24.68 36.00
CA ILE NB 21 6.28 -25.32 35.77
C ILE NB 21 6.34 -25.97 34.39
N PHE NB 22 5.22 -26.51 33.91
CA PHE NB 22 5.22 -27.15 32.61
C PHE NB 22 4.72 -26.26 31.49
N PHE NB 23 4.22 -25.06 31.80
CA PHE NB 23 3.85 -24.08 30.79
C PHE NB 23 4.41 -22.71 31.12
N ARG NB 24 5.69 -22.66 31.48
CA ARG NB 24 6.35 -21.42 31.84
C ARG NB 24 6.78 -20.64 30.59
N GLU NB 25 6.71 -19.32 30.69
CA GLU NB 25 7.36 -18.46 29.71
C GLU NB 25 8.85 -18.73 29.79
N PRO NB 26 9.49 -19.19 28.71
CA PRO NB 26 10.92 -19.50 28.76
C PRO NB 26 11.74 -18.22 28.88
N PRO NB 27 12.93 -18.30 29.47
CA PRO NB 27 13.86 -17.18 29.42
C PRO NB 27 14.28 -16.92 27.98
N ARG NB 28 14.40 -15.65 27.62
CA ARG NB 28 14.56 -15.29 26.21
C ARG NB 28 16.01 -15.04 25.79
N ILE NB 29 16.92 -14.78 26.74
CA ILE NB 29 18.37 -14.57 26.56
C ILE NB 29 18.68 -13.50 25.52
N ALA NB 30 17.68 -12.69 25.15
CA ALA NB 30 17.86 -11.65 24.14
C ALA NB 30 18.27 -10.34 24.78
N LEU OB 1 -6.46 -66.65 68.12
CA LEU OB 1 -6.16 -65.62 67.13
C LEU OB 1 -7.35 -65.42 66.20
N VAL OB 2 -7.65 -64.16 65.88
CA VAL OB 2 -8.79 -63.83 65.03
C VAL OB 2 -8.40 -63.59 63.58
N ASP OB 3 -7.11 -63.48 63.28
CA ASP OB 3 -6.64 -63.14 61.95
C ASP OB 3 -5.24 -63.69 61.78
N ASP OB 4 -4.67 -63.45 60.60
CA ASP OB 4 -3.33 -63.89 60.27
C ASP OB 4 -2.37 -62.71 60.13
N ARG OB 5 -1.19 -62.85 60.72
CA ARG OB 5 -0.14 -61.85 60.64
C ARG OB 5 1.17 -62.53 60.32
N MET OB 6 2.08 -61.78 59.68
CA MET OB 6 3.44 -62.30 59.47
C MET OB 6 4.20 -62.46 60.77
N ASN OB 7 3.88 -61.63 61.77
CA ASN OB 7 4.49 -61.66 63.10
C ASN OB 7 6.01 -61.47 63.01
N GLY OB 8 6.41 -60.37 62.38
CA GLY OB 8 7.80 -60.06 62.16
C GLY OB 8 8.35 -58.86 62.90
N ASP OB 9 7.63 -58.34 63.89
CA ASP OB 9 8.13 -57.21 64.65
C ASP OB 9 9.15 -57.69 65.69
N GLY OB 10 10.24 -56.94 65.83
CA GLY OB 10 11.30 -57.38 66.75
C GLY OB 10 12.01 -58.59 66.19
N THR OB 11 12.46 -59.47 67.10
CA THR OB 11 13.06 -60.78 66.81
C THR OB 11 14.33 -60.75 65.94
N GLY OB 12 14.93 -59.58 65.77
CA GLY OB 12 16.23 -59.47 65.12
C GLY OB 12 16.36 -59.95 63.69
N LEU OB 13 15.46 -59.52 62.81
CA LEU OB 13 15.52 -59.95 61.42
C LEU OB 13 16.74 -59.35 60.72
N PRO OB 14 17.56 -60.16 60.05
CA PRO OB 14 18.62 -59.60 59.19
C PRO OB 14 18.01 -58.91 57.98
N PHE OB 15 18.14 -57.58 57.95
CA PHE OB 15 17.63 -56.72 56.89
C PHE OB 15 16.11 -56.84 56.73
N GLY OB 16 15.41 -57.13 57.82
CA GLY OB 16 13.97 -57.29 57.78
C GLY OB 16 13.49 -58.44 56.92
N VAL OB 17 14.17 -59.58 56.99
CA VAL OB 17 13.88 -60.72 56.14
C VAL OB 17 13.38 -61.86 57.02
N ASN OB 18 12.18 -62.37 56.73
CA ASN OB 18 11.58 -63.45 57.49
C ASN OB 18 11.23 -64.68 56.64
N ASP OB 19 11.54 -64.66 55.35
CA ASP OB 19 11.28 -65.78 54.46
C ASP OB 19 12.50 -66.02 53.60
N GLY OB 20 12.60 -67.22 53.02
CA GLY OB 20 13.72 -67.56 52.17
C GLY OB 20 13.84 -66.73 50.91
N ILE OB 21 12.72 -66.46 50.24
CA ILE OB 21 12.78 -65.71 48.99
C ILE OB 21 13.05 -64.23 49.24
N LEU OB 22 12.76 -63.74 50.45
CA LEU OB 22 12.99 -62.33 50.75
C LEU OB 22 14.47 -61.99 50.70
N GLY OB 23 15.33 -62.92 51.13
CA GLY OB 23 16.76 -62.72 50.93
C GLY OB 23 17.17 -62.92 49.49
N TRP OB 24 16.38 -63.66 48.73
CA TRP OB 24 16.71 -63.90 47.31
C TRP OB 24 16.35 -62.71 46.44
N VAL OB 25 15.20 -62.09 46.70
CA VAL OB 25 14.74 -60.99 45.85
C VAL OB 25 15.64 -59.76 45.99
N ILE OB 26 16.29 -59.60 47.15
CA ILE OB 26 17.28 -58.53 47.28
C ILE OB 26 18.53 -58.87 46.48
N ALA OB 27 18.95 -60.15 46.54
CA ALA OB 27 20.17 -60.59 45.88
C ALA OB 27 20.06 -60.51 44.37
N GLY OB 28 18.88 -60.83 43.84
CA GLY OB 28 18.72 -60.86 42.40
C GLY OB 28 18.74 -59.48 41.75
N THR OB 29 18.19 -58.48 42.45
CA THR OB 29 17.99 -57.18 41.81
C THR OB 29 19.31 -56.42 41.68
N LEU OB 30 20.17 -56.46 42.70
CA LEU OB 30 21.56 -56.04 42.46
C LEU OB 30 22.21 -56.94 41.42
N GLY OB 31 21.91 -58.24 41.45
CA GLY OB 31 22.58 -59.17 40.57
C GLY OB 31 22.33 -58.91 39.10
N THR OB 32 21.08 -58.62 38.73
CA THR OB 32 20.80 -58.36 37.32
C THR OB 32 21.28 -56.99 36.88
N ILE OB 33 21.41 -56.03 37.80
CA ILE OB 33 21.88 -54.71 37.39
C ILE OB 33 23.39 -54.65 37.48
N TRP OB 34 24.00 -55.48 38.32
CA TRP OB 34 25.47 -55.59 38.30
C TRP OB 34 25.93 -56.29 37.03
N ALA OB 35 25.15 -57.23 36.53
CA ALA OB 35 25.47 -57.89 35.28
C ALA OB 35 25.38 -56.91 34.11
N ILE OB 36 24.32 -56.10 34.05
CA ILE OB 36 24.17 -55.15 32.96
C ILE OB 36 25.18 -54.01 33.11
N TYR OB 37 25.64 -53.77 34.33
CA TYR OB 37 26.75 -52.83 34.51
C TYR OB 37 28.04 -53.41 33.99
N PHE OB 38 28.22 -54.73 34.12
CA PHE OB 38 29.50 -55.34 33.76
C PHE OB 38 29.56 -55.63 32.27
N VAL OB 39 28.42 -55.86 31.62
CA VAL OB 39 28.44 -56.05 30.18
C VAL OB 39 28.49 -54.71 29.45
N SER OB 40 28.04 -53.64 30.10
CA SER OB 40 28.15 -52.29 29.54
C SER OB 40 29.37 -51.57 30.11
N GLN OB 41 30.53 -52.19 29.94
CA GLN OB 41 31.81 -51.62 30.34
C GLN OB 41 32.60 -51.21 29.11
N LYS OB 42 33.86 -50.81 29.34
CA LYS OB 42 34.76 -50.32 28.30
C LYS OB 42 34.18 -49.10 27.58
N ASP OB 43 33.39 -48.32 28.30
CA ASP OB 43 32.76 -47.13 27.77
C ASP OB 43 33.35 -45.89 28.41
N LEU OB 44 33.55 -44.86 27.57
CA LEU OB 44 34.06 -43.55 27.97
C LEU OB 44 35.44 -43.65 28.64
N SER PB 1 -11.00 27.15 88.34
CA SER PB 1 -9.75 27.90 88.40
C SER PB 1 -8.61 27.12 87.75
N VAL PB 2 -7.38 27.48 88.10
CA VAL PB 2 -6.20 26.81 87.59
C VAL PB 2 -5.79 25.72 88.57
N THR PB 3 -6.11 24.47 88.21
CA THR PB 3 -5.78 23.33 89.03
C THR PB 3 -4.28 23.03 88.91
N PRO PB 4 -3.71 22.31 89.88
CA PRO PB 4 -2.30 21.89 89.74
C PRO PB 4 -2.03 21.05 88.50
N SER PB 5 -3.02 20.30 88.02
CA SER PB 5 -2.86 19.56 86.77
C SER PB 5 -2.62 20.50 85.60
N LEU PB 6 -3.39 21.60 85.55
CA LEU PB 6 -3.21 22.57 84.47
C LEU PB 6 -1.93 23.38 84.68
N LYS PB 7 -1.60 23.68 85.94
CA LYS PB 7 -0.40 24.46 86.22
C LYS PB 7 0.85 23.68 85.84
N ASN PB 8 0.96 22.43 86.29
CA ASN PB 8 2.13 21.62 85.97
C ASN PB 8 2.22 21.33 84.47
N PHE PB 9 1.07 21.23 83.80
CA PHE PB 9 1.07 21.06 82.36
C PHE PB 9 1.48 22.34 81.65
N LEU PB 10 1.15 23.49 82.24
CA LEU PB 10 1.66 24.75 81.71
C LEU PB 10 3.16 24.85 81.90
N LEU PB 11 3.67 24.39 83.04
CA LEU PB 11 5.11 24.29 83.20
C LEU PB 11 5.69 23.15 82.38
N SER PB 12 4.87 22.15 82.03
CA SER PB 12 5.32 21.13 81.10
C SER PB 12 5.51 21.73 79.71
N LEU PB 13 4.72 22.75 79.38
CA LEU PB 13 4.89 23.46 78.12
C LEU PB 13 6.18 24.28 78.12
N VAL PB 14 6.45 24.97 79.23
CA VAL PB 14 7.64 25.81 79.31
C VAL PB 14 8.90 24.95 79.32
N ALA PB 15 8.89 23.87 80.11
CA ALA PB 15 10.03 22.95 80.12
C ALA PB 15 10.18 22.26 78.77
N GLY PB 16 9.06 21.94 78.11
CA GLY PB 16 9.13 21.37 76.78
C GLY PB 16 9.57 22.38 75.73
N ALA PB 17 9.46 23.68 76.06
CA ALA PB 17 9.93 24.71 75.14
C ALA PB 17 11.39 25.05 75.37
N VAL PB 18 11.84 25.00 76.62
CA VAL PB 18 13.22 25.36 76.93
C VAL PB 18 14.18 24.34 76.33
N VAL PB 19 13.80 23.06 76.37
CA VAL PB 19 14.63 22.02 75.77
C VAL PB 19 14.72 22.20 74.25
N LEU PB 20 13.73 22.84 73.64
CA LEU PB 20 13.82 23.17 72.22
C LEU PB 20 14.86 24.27 71.99
N ALA PB 21 15.01 25.19 72.95
CA ALA PB 21 16.02 26.23 72.83
C ALA PB 21 17.42 25.68 73.10
N ALA PB 22 17.54 24.63 73.91
CA ALA PB 22 18.84 24.04 74.19
C ALA PB 22 19.36 23.29 72.98
N ILE PB 23 18.51 22.52 72.31
CA ILE PB 23 18.93 21.78 71.11
C ILE PB 23 19.26 22.74 69.99
N ALA PB 24 18.49 23.82 69.85
CA ALA PB 24 18.76 24.81 68.82
C ALA PB 24 20.10 25.52 69.07
N GLY PB 25 20.43 25.75 70.35
CA GLY PB 25 21.72 26.31 70.67
C GLY PB 25 22.87 25.34 70.40
N ALA PB 26 22.63 24.05 70.67
CA ALA PB 26 23.68 23.05 70.51
C ALA PB 26 23.96 22.73 69.04
N VAL PB 27 22.95 22.86 68.18
CA VAL PB 27 23.15 22.58 66.75
C VAL PB 27 24.06 23.63 66.13
N THR PB 28 23.77 24.90 66.37
CA THR PB 28 24.57 25.99 65.80
C THR PB 28 25.88 26.21 66.54
N ALA PB 29 26.09 25.56 67.68
CA ALA PB 29 27.35 25.72 68.41
C ALA PB 29 28.47 24.90 67.81
N VAL PB 30 28.16 24.02 66.85
CA VAL PB 30 29.07 23.12 66.10
C VAL PB 30 30.18 22.45 66.94
N MET QB 1 58.18 -37.93 103.99
CA MET QB 1 58.48 -38.12 102.57
C MET QB 1 57.41 -37.48 101.71
N THR QB 2 56.26 -37.17 102.31
CA THR QB 2 55.15 -36.59 101.57
C THR QB 2 55.50 -35.21 101.02
N SER QB 3 56.21 -34.41 101.81
CA SER QB 3 56.62 -33.09 101.35
C SER QB 3 57.65 -33.18 100.23
N ILE QB 4 58.35 -34.30 100.13
CA ILE QB 4 59.29 -34.50 99.03
C ILE QB 4 58.57 -34.54 97.69
N LEU QB 5 57.43 -35.23 97.65
CA LEU QB 5 56.63 -35.26 96.41
C LEU QB 5 56.08 -33.89 96.08
N GLN QB 6 55.55 -33.17 97.08
CA GLN QB 6 54.94 -31.87 96.83
C GLN QB 6 55.99 -30.86 96.38
N ILE QB 7 57.22 -30.95 96.91
CA ILE QB 7 58.31 -30.13 96.43
C ILE QB 7 58.64 -30.48 94.98
N ALA QB 8 58.66 -31.77 94.67
CA ALA QB 8 58.95 -32.21 93.31
C ALA QB 8 57.82 -31.83 92.35
N LEU QB 9 56.58 -31.80 92.85
CA LEU QB 9 55.46 -31.42 92.00
C LEU QB 9 55.52 -29.96 91.60
N LEU QB 10 55.76 -29.05 92.57
CA LEU QB 10 55.77 -27.63 92.28
C LEU QB 10 56.92 -27.27 91.34
N GLY QB 11 58.06 -27.93 91.48
CA GLY QB 11 59.13 -27.75 90.52
C GLY QB 11 58.77 -28.26 89.14
N LEU QB 12 58.04 -29.37 89.09
CA LEU QB 12 57.59 -29.92 87.81
C LEU QB 12 56.60 -28.99 87.14
N VAL QB 13 55.75 -28.32 87.93
CA VAL QB 13 54.82 -27.34 87.38
C VAL QB 13 55.58 -26.16 86.78
N LEU QB 14 56.56 -25.64 87.51
CA LEU QB 14 57.29 -24.47 87.04
C LEU QB 14 58.19 -24.81 85.86
N VAL QB 15 58.78 -26.00 85.86
CA VAL QB 15 59.58 -26.44 84.71
C VAL QB 15 58.68 -26.57 83.49
N SER QB 16 57.49 -27.15 83.66
CA SER QB 16 56.52 -27.18 82.58
C SER QB 16 56.06 -25.78 82.22
N PHE QB 17 55.95 -24.89 83.21
CA PHE QB 17 55.64 -23.49 82.93
C PHE QB 17 56.76 -22.83 82.14
N ALA QB 18 58.02 -23.16 82.47
CA ALA QB 18 59.15 -22.61 81.74
C ALA QB 18 59.19 -23.12 80.30
N LEU QB 19 58.80 -24.38 80.08
CA LEU QB 19 58.81 -24.93 78.74
C LEU QB 19 57.75 -24.29 77.85
N VAL QB 20 56.51 -24.18 78.35
CA VAL QB 20 55.40 -23.71 77.51
C VAL QB 20 55.57 -22.23 77.18
N VAL QB 21 56.32 -21.49 77.99
CA VAL QB 21 56.55 -20.09 77.67
C VAL QB 21 57.83 -19.92 76.85
N GLY QB 22 58.67 -20.96 76.78
CA GLY QB 22 59.95 -20.83 76.12
C GLY QB 22 60.19 -21.70 74.90
N VAL QB 23 59.59 -22.90 74.87
CA VAL QB 23 59.87 -23.84 73.77
C VAL QB 23 59.40 -23.30 72.41
N PRO QB 24 58.17 -22.80 72.24
CA PRO QB 24 57.85 -22.17 70.94
C PRO QB 24 58.61 -20.89 70.72
N VAL QB 25 58.96 -20.18 71.81
CA VAL QB 25 59.75 -18.95 71.70
C VAL QB 25 61.13 -19.25 71.13
N VAL QB 26 61.78 -20.30 71.63
CA VAL QB 26 63.06 -20.73 71.08
C VAL QB 26 62.88 -21.15 69.62
N PHE QB 27 61.77 -21.81 69.31
CA PHE QB 27 61.53 -22.28 67.95
C PHE QB 27 61.21 -21.12 67.00
N ALA QB 28 60.30 -20.24 67.40
CA ALA QB 28 59.82 -19.20 66.51
C ALA QB 28 60.73 -17.98 66.46
N SER QB 29 61.71 -17.87 67.35
CA SER QB 29 62.65 -16.76 67.25
C SER QB 29 63.52 -16.93 66.01
N PRO QB 30 63.87 -15.84 65.34
CA PRO QB 30 64.74 -15.95 64.17
C PRO QB 30 66.13 -16.39 64.54
N ASN QB 31 66.46 -17.63 64.18
CA ASN QB 31 67.75 -18.27 64.47
C ASN QB 31 68.02 -18.25 65.97
N GLY QB 32 67.09 -18.82 66.72
CA GLY QB 32 67.23 -18.92 68.16
C GLY QB 32 67.40 -20.36 68.63
N TRP QB 33 66.80 -21.29 67.90
CA TRP QB 33 66.89 -22.70 68.24
C TRP QB 33 68.30 -23.25 68.08
N THR QB 34 69.12 -22.59 67.26
CA THR QB 34 70.50 -23.03 67.06
C THR QB 34 71.32 -22.91 68.35
N GLU QB 35 71.32 -21.72 68.95
CA GLU QB 35 72.13 -21.49 70.14
C GLU QB 35 71.41 -21.87 71.43
N ASN QB 36 70.10 -22.09 71.40
CA ASN QB 36 69.36 -22.55 72.57
C ASN QB 36 69.20 -24.06 72.57
N LYS QB 37 70.14 -24.80 71.99
CA LYS QB 37 70.09 -26.26 71.98
C LYS QB 37 70.20 -26.83 73.38
N GLY QB 38 71.24 -26.44 74.12
CA GLY QB 38 71.51 -27.05 75.41
C GLY QB 38 70.47 -26.72 76.46
N VAL QB 39 70.05 -25.46 76.54
CA VAL QB 39 69.12 -25.03 77.57
C VAL QB 39 67.75 -25.68 77.38
N VAL QB 40 67.32 -25.87 76.13
CA VAL QB 40 66.08 -26.58 75.88
C VAL QB 40 66.26 -28.07 76.18
N PHE QB 41 67.39 -28.65 75.75
CA PHE QB 41 67.65 -30.07 76.02
C PHE QB 41 67.81 -30.33 77.52
N SER QB 42 68.55 -29.46 78.21
CA SER QB 42 68.62 -29.56 79.67
C SER QB 42 67.26 -29.29 80.29
N GLY QB 43 66.51 -28.33 79.73
CA GLY QB 43 65.14 -28.13 80.15
C GLY QB 43 64.28 -29.34 79.85
N LEU QB 44 64.55 -30.00 78.72
CA LEU QB 44 63.90 -31.29 78.43
C LEU QB 44 64.38 -32.36 79.40
N SER QB 45 65.68 -32.35 79.73
CA SER QB 45 66.23 -33.36 80.62
C SER QB 45 65.67 -33.24 82.02
N VAL QB 46 65.56 -32.01 82.54
CA VAL QB 46 65.03 -31.85 83.90
C VAL QB 46 63.55 -32.18 83.95
N TRP QB 47 62.81 -31.97 82.85
CA TRP QB 47 61.38 -32.25 82.88
C TRP QB 47 61.14 -33.75 82.92
N PHE QB 48 61.98 -34.52 82.21
CA PHE QB 48 61.88 -35.97 82.21
C PHE QB 48 62.16 -36.55 83.59
N LEU QB 49 63.22 -36.07 84.25
CA LEU QB 49 63.62 -36.64 85.53
C LEU QB 49 62.62 -36.30 86.63
N LEU QB 50 61.99 -35.13 86.56
CA LEU QB 50 60.96 -34.79 87.53
C LEU QB 50 59.72 -35.64 87.32
N VAL QB 51 59.43 -36.02 86.08
CA VAL QB 51 58.32 -36.92 85.80
C VAL QB 51 58.55 -38.28 86.44
N PHE QB 52 59.77 -38.81 86.30
CA PHE QB 52 60.08 -40.11 86.87
C PHE QB 52 60.24 -40.04 88.38
N ALA QB 53 60.59 -38.86 88.90
CA ALA QB 53 60.78 -38.71 90.35
C ALA QB 53 59.46 -38.81 91.10
N VAL QB 54 58.42 -38.13 90.61
CA VAL QB 54 57.14 -38.17 91.30
C VAL QB 54 56.49 -39.53 91.14
N GLY QB 55 56.73 -40.20 90.00
CA GLY QB 55 56.16 -41.53 89.80
C GLY QB 55 56.78 -42.57 90.72
N VAL QB 56 58.09 -42.49 90.92
CA VAL QB 56 58.76 -43.41 91.84
C VAL QB 56 58.34 -43.13 93.27
N PHE QB 57 58.33 -41.85 93.67
CA PHE QB 57 57.97 -41.47 95.03
C PHE QB 57 56.52 -41.71 95.36
N ASN QB 58 55.66 -41.89 94.34
CA ASN QB 58 54.24 -42.11 94.60
C ASN QB 58 54.00 -43.44 95.31
N SER QB 59 54.91 -44.40 95.16
CA SER QB 59 54.74 -45.68 95.85
C SER QB 59 55.02 -45.56 97.34
N PHE QB 60 55.99 -44.74 97.73
CA PHE QB 60 56.36 -44.63 99.15
C PHE QB 60 55.49 -43.64 99.92
N ALA QB 61 54.55 -42.98 99.27
CA ALA QB 61 53.67 -42.05 99.98
C ALA QB 61 52.68 -42.80 100.85
N THR RB 1 85.36 -100.09 42.14
CA THR RB 1 85.50 -98.66 42.44
C THR RB 1 84.22 -97.91 42.06
N ILE RB 2 84.35 -96.93 41.17
CA ILE RB 2 83.19 -96.14 40.75
C ILE RB 2 82.51 -96.78 39.54
N ASN RB 3 83.18 -97.73 38.88
CA ASN RB 3 82.57 -98.46 37.77
C ASN RB 3 81.40 -99.32 38.21
N GLN RB 4 81.29 -99.62 39.51
CA GLN RB 4 80.18 -100.41 40.03
C GLN RB 4 78.86 -99.65 40.01
N PHE RB 5 78.88 -98.33 39.78
CA PHE RB 5 77.67 -97.53 39.82
C PHE RB 5 77.52 -96.53 38.67
N TYR RB 6 78.57 -96.25 37.91
CA TYR RB 6 78.52 -95.17 36.92
C TYR RB 6 79.12 -95.64 35.59
N GLY RB 7 78.73 -96.82 35.13
CA GLY RB 7 79.24 -97.35 33.88
C GLY RB 7 78.41 -98.49 33.35
N PRO RB 8 78.85 -99.08 32.23
CA PRO RB 8 78.15 -100.27 31.70
C PRO RB 8 78.20 -101.46 32.65
N ASP RB 9 79.29 -101.61 33.40
CA ASP RB 9 79.45 -102.72 34.33
C ASP RB 9 78.95 -102.36 35.73
N ARG RB 10 77.98 -101.46 35.83
CA ARG RB 10 77.43 -101.08 37.11
C ARG RB 10 76.44 -102.14 37.61
N ASN RB 11 76.12 -102.07 38.89
CA ASN RB 11 75.16 -102.98 39.49
C ASN RB 11 73.78 -102.74 38.88
N LYS RB 12 73.09 -103.82 38.52
CA LYS RB 12 71.86 -103.72 37.76
C LYS RB 12 70.67 -104.24 38.56
N TRP RB 13 69.48 -103.99 38.01
CA TRP RB 13 68.22 -104.37 38.62
C TRP RB 13 67.83 -105.82 38.37
N LEU RB 14 68.67 -106.60 37.68
CA LEU RB 14 68.43 -108.01 37.50
C LEU RB 14 69.72 -108.82 37.60
N GLY RB 15 70.80 -108.25 38.14
CA GLY RB 15 72.07 -108.93 38.18
C GLY RB 15 72.67 -109.09 36.81
N PRO RB 16 73.23 -110.26 36.51
CA PRO RB 16 73.76 -110.52 35.17
C PRO RB 16 72.69 -110.92 34.16
N TYR RB 17 71.41 -110.78 34.50
CA TYR RB 17 70.30 -111.12 33.60
C TYR RB 17 69.54 -109.88 33.15
N SER RB 18 70.24 -108.77 32.90
CA SER RB 18 69.62 -107.55 32.38
C SER RB 18 70.52 -107.02 31.27
N THR RB 19 70.29 -107.48 30.04
CA THR RB 19 71.04 -107.01 28.89
C THR RB 19 70.24 -106.09 27.97
N ASN RB 20 68.96 -105.90 28.24
CA ASN RB 20 68.10 -105.00 27.47
C ASN RB 20 67.84 -103.69 28.19
N THR RB 21 68.87 -103.14 28.83
CA THR RB 21 68.75 -101.86 29.52
C THR RB 21 68.41 -100.76 28.52
N PRO RB 22 67.67 -99.74 28.95
CA PRO RB 22 67.30 -98.63 28.06
C PRO RB 22 68.52 -97.94 27.48
N PRO RB 23 68.43 -97.48 26.22
CA PRO RB 23 69.57 -96.80 25.60
C PRO RB 23 69.93 -95.49 26.26
N TYR RB 24 68.99 -94.83 26.91
CA TYR RB 24 69.24 -93.57 27.61
C TYR RB 24 69.65 -93.78 29.07
N LEU RB 25 69.61 -95.02 29.57
CA LEU RB 25 70.17 -95.36 30.88
C LEU RB 25 71.57 -95.96 30.73
N THR RB 26 72.49 -95.15 30.21
CA THR RB 26 73.88 -95.58 30.11
C THR RB 26 74.54 -95.63 31.48
N GLY RB 27 74.17 -94.70 32.35
CA GLY RB 27 74.67 -94.62 33.71
C GLY RB 27 75.55 -93.41 33.93
N GLU RB 28 74.95 -92.34 34.43
CA GLU RB 28 75.66 -91.13 34.79
C GLU RB 28 75.03 -90.43 35.99
N PHE RB 29 73.99 -91.00 36.59
CA PHE RB 29 73.24 -90.44 37.68
C PHE RB 29 73.30 -91.38 38.88
N PRO RB 30 73.03 -90.88 40.09
CA PRO RB 30 72.96 -91.77 41.25
C PRO RB 30 71.90 -92.85 41.07
N GLY RB 31 72.23 -94.06 41.49
CA GLY RB 31 71.35 -95.21 41.28
C GLY RB 31 71.59 -95.86 39.92
N ASP RB 32 70.61 -95.74 39.02
CA ASP RB 32 70.69 -96.20 37.64
C ASP RB 32 70.98 -97.70 37.57
N TYR RB 33 70.06 -98.49 38.10
CA TYR RB 33 70.19 -99.93 38.03
C TYR RB 33 69.53 -100.52 36.79
N GLY RB 34 69.01 -99.67 35.89
CA GLY RB 34 68.47 -100.13 34.64
C GLY RB 34 67.01 -100.49 34.62
N TRP RB 35 66.25 -100.05 35.61
CA TRP RB 35 64.83 -100.42 35.72
C TRP RB 35 63.98 -99.28 35.15
N ASP RB 36 63.62 -99.42 33.88
CA ASP RB 36 62.70 -98.50 33.21
C ASP RB 36 61.74 -99.30 32.33
N THR RB 37 61.16 -100.36 32.89
CA THR RB 37 60.25 -101.22 32.13
C THR RB 37 59.02 -100.46 31.65
N ALA RB 38 58.58 -99.45 32.41
CA ALA RB 38 57.49 -98.61 31.96
C ALA RB 38 57.89 -97.67 30.84
N GLY RB 39 59.14 -97.22 30.82
CA GLY RB 39 59.60 -96.30 29.80
C GLY RB 39 58.97 -94.93 29.84
N LEU RB 40 58.63 -94.45 31.03
CA LEU RB 40 58.00 -93.13 31.15
C LEU RB 40 59.01 -92.01 31.30
N SER RB 41 60.30 -92.32 31.16
CA SER RB 41 61.37 -91.33 31.21
C SER RB 41 62.09 -91.20 29.88
N ALA RB 42 61.39 -91.43 28.77
CA ALA RB 42 62.02 -91.43 27.45
C ALA RB 42 62.54 -90.04 27.08
N ASP RB 43 61.75 -89.01 27.34
CA ASP RB 43 62.22 -87.65 27.12
C ASP RB 43 63.23 -87.30 28.19
N PRO RB 44 64.46 -86.90 27.82
CA PRO RB 44 65.48 -86.61 28.84
C PRO RB 44 65.09 -85.50 29.83
N GLU RB 45 64.30 -84.52 29.40
CA GLU RB 45 63.83 -83.54 30.37
C GLU RB 45 62.75 -84.13 31.28
N THR RB 46 62.01 -85.13 30.79
CA THR RB 46 61.08 -85.84 31.66
C THR RB 46 61.83 -86.76 32.61
N PHE RB 47 62.91 -87.36 32.12
CA PHE RB 47 63.76 -88.19 32.97
C PHE RB 47 64.45 -87.37 34.05
N LYS RB 48 64.90 -86.15 33.70
CA LYS RB 48 65.69 -85.37 34.65
C LYS RB 48 64.82 -84.81 35.77
N ARG RB 49 63.50 -84.72 35.56
CA ARG RB 49 62.67 -84.10 36.58
C ARG RB 49 62.09 -85.13 37.53
N TYR RB 50 61.86 -86.37 37.08
CA TYR RB 50 61.54 -87.42 38.03
C TYR RB 50 62.71 -87.70 38.96
N ARG RB 51 63.93 -87.52 38.47
CA ARG RB 51 65.11 -87.62 39.34
C ARG RB 51 65.04 -86.57 40.45
N GLU RB 52 64.61 -85.35 40.11
CA GLU RB 52 64.38 -84.34 41.12
C GLU RB 52 63.26 -84.76 42.06
N LEU RB 53 62.20 -85.36 41.51
CA LEU RB 53 61.11 -85.86 42.34
C LEU RB 53 61.53 -87.08 43.14
N GLU RB 54 62.38 -87.94 42.57
CA GLU RB 54 62.81 -89.14 43.30
C GLU RB 54 63.70 -88.79 44.48
N LEU RB 55 64.70 -87.92 44.26
CA LEU RB 55 65.60 -87.54 45.35
C LEU RB 55 64.88 -86.81 46.46
N ILE RB 56 63.90 -85.97 46.12
CA ILE RB 56 63.12 -85.28 47.14
C ILE RB 56 62.27 -86.28 47.92
N HIS RB 57 61.64 -87.23 47.22
CA HIS RB 57 60.89 -88.29 47.92
C HIS RB 57 61.81 -89.22 48.69
N ALA RB 58 62.98 -89.54 48.12
CA ALA RB 58 63.91 -90.43 48.81
C ALA RB 58 64.46 -89.78 50.06
N ARG RB 59 64.69 -88.47 50.01
CA ARG RB 59 65.23 -87.78 51.18
C ARG RB 59 64.24 -87.75 52.35
N TRP RB 60 62.96 -87.48 52.08
CA TRP RB 60 62.08 -87.28 53.24
C TRP RB 60 61.66 -88.61 53.82
N ALA RB 61 61.77 -89.68 53.02
CA ALA RB 61 61.47 -91.01 53.53
C ALA RB 61 62.54 -91.49 54.50
N LEU RB 62 63.70 -90.83 54.51
CA LEU RB 62 64.74 -91.17 55.47
C LEU RB 62 64.49 -90.45 56.80
N LEU RB 63 64.17 -89.16 56.74
CA LEU RB 63 63.70 -88.46 57.93
C LEU RB 63 62.34 -88.99 58.37
N GLY RB 64 61.53 -89.44 57.41
CA GLY RB 64 60.25 -90.03 57.76
C GLY RB 64 60.40 -91.34 58.49
N ALA RB 65 61.41 -92.13 58.12
CA ALA RB 65 61.62 -93.44 58.74
C ALA RB 65 61.96 -93.32 60.22
N LEU RB 66 62.80 -92.34 60.58
CA LEU RB 66 63.07 -92.13 62.00
C LEU RB 66 61.99 -91.30 62.65
N GLY RB 67 61.07 -90.74 61.87
CA GLY RB 67 59.86 -90.17 62.43
C GLY RB 67 58.86 -91.23 62.81
N MET RB 68 59.10 -92.47 62.38
CA MET RB 68 58.22 -93.60 62.66
C MET RB 68 58.65 -94.41 63.87
N VAL RB 69 59.92 -94.79 63.96
CA VAL RB 69 60.37 -95.79 64.91
C VAL RB 69 60.90 -95.21 66.22
N THR RB 70 61.46 -93.99 66.19
CA THR RB 70 62.07 -93.43 67.39
C THR RB 70 61.07 -93.02 68.48
N PRO RB 71 59.86 -92.50 68.19
CA PRO RB 71 58.92 -92.31 69.31
C PRO RB 71 58.51 -93.59 69.99
N GLU RB 72 58.47 -94.70 69.25
CA GLU RB 72 58.15 -95.99 69.86
C GLU RB 72 59.36 -96.62 70.53
N LEU RB 73 60.55 -96.41 69.96
CA LEU RB 73 61.76 -96.96 70.58
C LEU RB 73 62.14 -96.21 71.85
N LEU RB 74 61.70 -94.96 71.99
CA LEU RB 74 61.98 -94.19 73.20
C LEU RB 74 60.89 -94.30 74.24
N GLN RB 75 59.89 -95.16 74.02
CA GLN RB 75 58.86 -95.37 75.03
C GLN RB 75 59.45 -96.02 76.27
N ASP RB 76 59.07 -95.51 77.43
CA ASP RB 76 59.52 -96.05 78.70
C ASP RB 76 58.69 -97.28 79.04
N ASP RB 77 58.97 -97.88 80.20
CA ASP RB 77 58.32 -99.12 80.58
C ASP RB 77 56.87 -98.90 80.99
N ASP RB 78 56.60 -97.85 81.76
CA ASP RB 78 55.26 -97.58 82.27
C ASP RB 78 54.39 -96.82 81.27
N GLY RB 79 54.95 -96.35 80.17
CA GLY RB 79 54.17 -95.62 79.20
C GLY RB 79 53.66 -94.28 79.68
N ILE RB 80 54.46 -93.55 80.46
CA ILE RB 80 54.06 -92.22 80.86
C ILE RB 80 54.77 -91.15 80.04
N MET RB 81 55.86 -91.52 79.35
CA MET RB 81 56.54 -90.58 78.47
C MET RB 81 55.62 -90.18 77.32
N PHE RB 82 54.86 -91.13 76.79
CA PHE RB 82 53.75 -90.88 75.88
C PHE RB 82 52.60 -91.81 76.21
N GLY RB 83 51.38 -91.35 75.93
CA GLY RB 83 50.22 -92.20 76.08
C GLY RB 83 49.98 -92.95 74.80
N GLU RB 84 48.83 -92.74 74.17
CA GLU RB 84 48.57 -93.36 72.87
C GLU RB 84 49.31 -92.66 71.74
N SER RB 85 49.87 -91.48 72.00
CA SER RB 85 50.60 -90.73 70.98
C SER RB 85 51.93 -91.38 70.59
N ALA RB 86 52.37 -92.42 71.31
CA ALA RB 86 53.66 -93.04 71.03
C ALA RB 86 53.70 -93.66 69.63
N ILE RB 87 52.61 -94.31 69.22
CA ILE RB 87 52.57 -94.90 67.88
C ILE RB 87 52.28 -93.80 66.87
N TRP RB 88 52.86 -93.93 65.67
CA TRP RB 88 52.94 -92.83 64.73
C TRP RB 88 51.59 -92.44 64.14
N PHE RB 89 50.75 -93.42 63.77
CA PHE RB 89 49.56 -93.09 63.00
C PHE RB 89 48.45 -92.46 63.82
N LYS RB 90 48.54 -92.49 65.14
CA LYS RB 90 47.56 -91.79 65.97
C LYS RB 90 48.24 -90.74 66.85
N ALA RB 91 49.45 -90.33 66.48
CA ALA RB 91 50.13 -89.25 67.18
C ALA RB 91 49.56 -87.89 66.82
N GLY RB 92 48.73 -87.82 65.78
CA GLY RB 92 48.09 -86.56 65.43
C GLY RB 92 47.07 -86.12 66.46
N ALA RB 93 46.50 -87.08 67.19
CA ALA RB 93 45.56 -86.76 68.26
C ALA RB 93 46.23 -86.16 69.48
N ALA RB 94 47.56 -86.18 69.55
CA ALA RB 94 48.27 -85.64 70.70
C ALA RB 94 48.04 -84.14 70.88
N ILE RB 95 47.72 -83.43 69.80
CA ILE RB 95 47.35 -82.02 69.92
C ILE RB 95 45.96 -81.85 70.52
N PHE RB 96 45.12 -82.89 70.45
CA PHE RB 96 43.78 -82.84 71.00
C PHE RB 96 43.69 -83.30 72.44
N GLN RB 97 44.82 -83.60 73.07
CA GLN RB 97 44.83 -83.91 74.49
C GLN RB 97 44.61 -82.63 75.30
N GLU RB 98 44.28 -82.81 76.58
CA GLU RB 98 44.05 -81.66 77.44
C GLU RB 98 45.30 -80.83 77.65
N GLY RB 99 46.45 -81.47 77.83
CA GLY RB 99 47.70 -80.76 78.04
C GLY RB 99 48.49 -80.50 76.77
N GLY RB 100 47.86 -80.61 75.60
CA GLY RB 100 48.60 -80.46 74.37
C GLY RB 100 49.54 -81.64 74.16
N LEU RB 101 50.54 -81.44 73.31
CA LEU RB 101 51.54 -82.45 73.05
C LEU RB 101 52.90 -81.95 73.51
N ASN RB 102 53.61 -82.77 74.27
CA ASN RB 102 54.94 -82.46 74.74
C ASN RB 102 55.93 -83.31 73.96
N TYR RB 103 57.16 -82.82 73.80
CA TYR RB 103 58.16 -83.57 73.04
C TYR RB 103 58.58 -84.81 73.81
N LEU RB 104 58.55 -84.74 75.13
CA LEU RB 104 58.93 -85.84 76.01
C LEU RB 104 57.88 -85.91 77.10
N GLY RB 105 58.18 -86.62 78.18
CA GLY RB 105 57.32 -86.53 79.35
C GLY RB 105 57.36 -85.16 80.00
N ASN RB 106 58.40 -84.39 79.73
CA ASN RB 106 58.57 -83.05 80.28
C ASN RB 106 57.56 -82.08 79.67
N PRO RB 107 56.79 -81.34 80.47
CA PRO RB 107 55.86 -80.36 79.91
C PRO RB 107 56.52 -79.06 79.47
N SER RB 108 57.80 -78.85 79.78
CA SER RB 108 58.47 -77.60 79.42
C SER RB 108 58.91 -77.56 77.96
N LEU RB 109 58.70 -78.62 77.21
CA LEU RB 109 59.06 -78.67 75.80
C LEU RB 109 57.82 -78.53 74.94
N ILE RB 110 57.85 -77.57 74.02
CA ILE RB 110 56.78 -77.28 73.06
C ILE RB 110 55.49 -76.93 73.79
N HIS RB 111 54.76 -77.95 74.25
CA HIS RB 111 53.49 -77.76 74.96
C HIS RB 111 52.50 -76.94 74.14
N ALA RB 112 52.40 -77.27 72.86
CA ALA RB 112 51.45 -76.59 71.99
C ALA RB 112 50.07 -77.20 72.16
N GLN RB 113 49.05 -76.34 72.24
CA GLN RB 113 47.66 -76.78 72.37
C GLN RB 113 46.81 -76.49 71.15
N ASN RB 114 47.20 -75.55 70.30
CA ASN RB 114 46.41 -75.13 69.15
C ASN RB 114 46.90 -75.87 67.91
N ILE RB 115 45.99 -76.63 67.28
CA ILE RB 115 46.33 -77.30 66.04
C ILE RB 115 46.24 -76.32 64.87
N VAL RB 116 45.34 -75.34 64.95
CA VAL RB 116 45.22 -74.34 63.89
C VAL RB 116 46.48 -73.49 63.81
N ALA RB 117 47.03 -73.11 64.97
CA ALA RB 117 48.22 -72.27 65.00
C ALA RB 117 49.44 -72.98 64.44
N THR RB 118 49.62 -74.26 64.77
CA THR RB 118 50.79 -74.97 64.28
C THR RB 118 50.67 -75.34 62.81
N LEU RB 119 49.45 -75.29 62.26
CA LEU RB 119 49.26 -75.60 60.85
C LEU RB 119 49.63 -74.42 59.95
N ALA RB 120 49.16 -73.22 60.30
CA ALA RB 120 49.40 -72.06 59.45
C ALA RB 120 50.87 -71.67 59.43
N VAL RB 121 51.57 -71.82 60.56
CA VAL RB 121 53.00 -71.53 60.59
C VAL RB 121 53.76 -72.58 59.81
N GLN RB 122 53.24 -73.81 59.76
CA GLN RB 122 53.93 -74.86 59.01
C GLN RB 122 53.78 -74.62 57.52
N VAL RB 123 52.61 -74.12 57.11
CA VAL RB 123 52.36 -73.83 55.70
C VAL RB 123 53.30 -72.76 55.19
N VAL RB 124 53.47 -71.68 55.96
CA VAL RB 124 54.20 -70.52 55.46
C VAL RB 124 55.69 -70.81 55.38
N LEU RB 125 56.17 -71.78 56.17
CA LEU RB 125 57.60 -72.08 56.16
C LEU RB 125 58.02 -72.76 54.87
N MET RB 126 57.37 -73.89 54.53
CA MET RB 126 57.62 -74.48 53.22
C MET RB 126 57.05 -73.62 52.10
N GLY RB 127 56.19 -72.66 52.44
CA GLY RB 127 55.85 -71.62 51.49
C GLY RB 127 57.07 -70.81 51.07
N LEU RB 128 57.99 -70.62 52.01
CA LEU RB 128 59.24 -69.96 51.68
C LEU RB 128 60.32 -70.98 51.31
N VAL RB 129 60.37 -72.10 52.06
CA VAL RB 129 61.47 -73.06 51.90
C VAL RB 129 61.38 -73.78 50.54
N GLU RB 130 60.20 -74.27 50.16
CA GLU RB 130 60.06 -74.88 48.84
C GLU RB 130 60.21 -73.85 47.75
N GLY RB 131 59.72 -72.62 47.99
CA GLY RB 131 59.88 -71.56 47.02
C GLY RB 131 61.33 -71.16 46.84
N TYR RB 132 62.11 -71.23 47.93
CA TYR RB 132 63.55 -71.02 47.79
C TYR RB 132 64.21 -72.18 47.06
N ARG RB 133 63.66 -73.39 47.23
CA ARG RB 133 64.24 -74.57 46.60
C ARG RB 133 64.14 -74.50 45.09
N VAL RB 134 63.07 -73.87 44.57
CA VAL RB 134 62.87 -73.79 43.13
C VAL RB 134 63.22 -72.42 42.55
N ASN RB 135 63.40 -71.40 43.37
CA ASN RB 135 63.75 -70.10 42.84
C ASN RB 135 65.05 -69.54 43.42
N GLY RB 136 65.26 -69.67 44.72
CA GLY RB 136 66.49 -69.19 45.32
C GLY RB 136 66.25 -68.13 46.38
N GLY RB 137 67.17 -68.03 47.32
CA GLY RB 137 67.07 -67.07 48.40
C GLY RB 137 68.35 -66.90 49.18
N PRO RB 138 68.23 -66.82 50.51
CA PRO RB 138 69.42 -66.62 51.35
C PRO RB 138 70.42 -67.75 51.26
N ALA RB 139 69.97 -68.99 51.12
CA ALA RB 139 70.85 -70.15 51.12
C ALA RB 139 71.30 -70.57 49.73
N GLY RB 140 70.86 -69.87 48.69
CA GLY RB 140 71.29 -70.16 47.34
C GLY RB 140 70.64 -69.28 46.31
N GLU RB 141 71.36 -68.99 45.23
CA GLU RB 141 70.82 -68.16 44.16
C GLU RB 141 70.72 -68.89 42.83
N GLY RB 142 71.82 -69.47 42.36
CA GLY RB 142 71.82 -70.17 41.08
C GLY RB 142 72.52 -71.51 41.16
N LEU RB 143 72.46 -72.15 42.34
CA LEU RB 143 73.06 -73.46 42.54
C LEU RB 143 72.25 -74.53 41.81
N ASP RB 144 72.69 -75.77 41.94
CA ASP RB 144 71.93 -76.89 41.40
C ASP RB 144 70.62 -77.02 42.17
N PRO RB 145 69.50 -77.20 41.49
CA PRO RB 145 68.21 -77.39 42.20
C PRO RB 145 68.17 -78.67 43.01
N LEU RB 146 69.05 -79.63 42.73
CA LEU RB 146 69.14 -80.86 43.51
C LEU RB 146 70.35 -80.91 44.42
N TYR RB 147 71.45 -80.25 44.06
CA TYR RB 147 72.69 -80.32 44.84
C TYR RB 147 73.23 -78.91 45.09
N PRO RB 148 72.61 -78.15 46.02
CA PRO RB 148 73.16 -76.83 46.36
C PRO RB 148 74.51 -76.90 47.05
N GLY RB 149 74.57 -77.58 48.18
CA GLY RB 149 75.82 -77.85 48.86
C GLY RB 149 76.56 -76.67 49.46
N GLU RB 150 75.98 -75.47 49.44
CA GLU RB 150 76.70 -74.32 49.96
C GLU RB 150 76.34 -74.02 51.42
N ALA RB 151 75.08 -73.71 51.68
CA ALA RB 151 74.65 -73.38 53.03
C ALA RB 151 74.13 -74.57 53.80
N PHE RB 152 74.02 -75.72 53.15
CA PHE RB 152 73.43 -76.91 53.74
C PHE RB 152 74.49 -77.92 54.13
N ASP RB 153 75.75 -77.63 53.82
CA ASP RB 153 76.86 -78.57 54.00
C ASP RB 153 77.95 -77.83 54.78
N PRO RB 154 77.80 -77.72 56.10
CA PRO RB 154 78.77 -76.97 56.89
C PRO RB 154 80.11 -77.67 57.08
N LEU RB 155 80.13 -78.96 57.36
CA LEU RB 155 81.36 -79.70 57.62
C LEU RB 155 82.21 -79.94 56.37
N GLY RB 156 81.64 -79.73 55.19
CA GLY RB 156 82.34 -79.92 53.94
C GLY RB 156 82.23 -81.33 53.38
N LEU RB 157 83.32 -82.09 53.41
CA LEU RB 157 83.39 -83.49 52.95
C LEU RB 157 83.08 -83.66 51.45
N ALA RB 158 82.68 -82.59 50.77
CA ALA RB 158 82.33 -82.69 49.35
C ALA RB 158 83.55 -82.49 48.47
N ASP RB 159 84.64 -83.20 48.79
CA ASP RB 159 85.85 -83.20 48.00
C ASP RB 159 85.93 -84.52 47.23
N ASP RB 160 87.07 -84.72 46.53
CA ASP RB 160 87.53 -85.89 45.76
C ASP RB 160 86.37 -86.61 45.07
N PRO RB 161 85.81 -86.02 43.99
CA PRO RB 161 84.53 -86.46 43.41
C PRO RB 161 84.31 -87.96 43.16
N GLU RB 162 85.38 -88.76 43.20
CA GLU RB 162 85.18 -90.20 43.21
C GLU RB 162 84.42 -90.64 44.46
N ALA RB 163 84.76 -90.06 45.61
CA ALA RB 163 84.02 -90.34 46.84
C ALA RB 163 82.68 -89.61 46.88
N PHE RB 164 82.59 -88.48 46.20
CA PHE RB 164 81.32 -87.73 46.16
C PHE RB 164 80.27 -88.48 45.36
N ALA RB 165 80.66 -89.09 44.23
CA ALA RB 165 79.71 -89.79 43.38
C ALA RB 165 79.19 -91.06 44.06
N GLU RB 166 80.06 -91.80 44.74
CA GLU RB 166 79.61 -92.98 45.46
C GLU RB 166 78.82 -92.62 46.70
N LEU RB 167 79.07 -91.43 47.27
CA LEU RB 167 78.22 -90.95 48.35
C LEU RB 167 76.83 -90.60 47.85
N LYS RB 168 76.74 -90.15 46.60
CA LYS RB 168 75.43 -89.96 45.97
C LYS RB 168 74.71 -91.28 45.80
N VAL RB 169 75.46 -92.33 45.48
CA VAL RB 169 74.89 -93.67 45.38
C VAL RB 169 74.36 -94.11 46.73
N LYS RB 170 75.10 -93.82 47.80
CA LYS RB 170 74.64 -94.15 49.15
C LYS RB 170 73.42 -93.32 49.52
N GLU RB 171 73.29 -92.12 48.96
CA GLU RB 171 72.14 -91.28 49.23
C GLU RB 171 70.88 -91.85 48.58
N ILE RB 172 70.96 -92.22 47.31
CA ILE RB 172 69.79 -92.74 46.62
C ILE RB 172 69.47 -94.16 47.08
N LYS RB 173 70.47 -94.97 47.41
CA LYS RB 173 70.21 -96.34 47.82
C LYS RB 173 69.58 -96.39 49.22
N ASN RB 174 70.04 -95.53 50.13
CA ASN RB 174 69.39 -95.43 51.43
C ASN RB 174 67.97 -94.90 51.29
N GLY RB 175 67.77 -93.90 50.42
CA GLY RB 175 66.45 -93.35 50.21
C GLY RB 175 65.50 -94.36 49.60
N ARG RB 176 66.00 -95.20 48.69
CA ARG RB 176 65.19 -96.25 48.11
C ARG RB 176 64.89 -97.35 49.14
N LEU RB 177 65.82 -97.57 50.06
CA LEU RB 177 65.62 -98.55 51.12
C LEU RB 177 64.55 -98.09 52.12
N ALA RB 178 64.68 -96.85 52.62
CA ALA RB 178 63.78 -96.39 53.66
C ALA RB 178 62.40 -96.05 53.12
N MET RB 179 62.29 -95.87 51.80
CA MET RB 179 60.98 -95.59 51.21
C MET RB 179 60.10 -96.83 51.28
N PHE RB 180 60.72 -98.01 51.37
CA PHE RB 180 59.97 -99.23 51.65
C PHE RB 180 59.33 -99.17 53.03
N ALA RB 181 60.09 -98.72 54.02
CA ALA RB 181 59.56 -98.61 55.37
C ALA RB 181 58.44 -97.59 55.44
N CYS RB 182 58.58 -96.46 54.73
CA CYS RB 182 57.54 -95.45 54.72
C CYS RB 182 56.28 -95.98 54.03
N LEU RB 183 56.44 -96.68 52.91
CA LEU RB 183 55.28 -97.30 52.27
C LEU RB 183 54.79 -98.49 53.08
N GLY RB 184 55.71 -99.28 53.62
CA GLY RB 184 55.32 -100.47 54.36
C GLY RB 184 54.59 -100.17 55.64
N PHE RB 185 55.03 -99.15 56.36
CA PHE RB 185 54.39 -98.79 57.62
C PHE RB 185 52.98 -98.27 57.38
N PHE RB 186 52.77 -97.65 56.22
CA PHE RB 186 51.42 -97.27 55.81
C PHE RB 186 50.56 -98.51 55.65
N VAL RB 187 51.03 -99.48 54.87
CA VAL RB 187 50.26 -100.70 54.61
C VAL RB 187 50.16 -101.53 55.89
N GLN RB 188 51.20 -101.52 56.72
CA GLN RB 188 51.14 -102.22 58.00
C GLN RB 188 50.10 -101.60 58.92
N ALA RB 189 49.99 -100.27 58.91
CA ALA RB 189 48.99 -99.62 59.77
C ALA RB 189 47.58 -99.93 59.32
N ILE RB 190 47.39 -100.16 58.01
CA ILE RB 190 46.05 -100.41 57.48
C ILE RB 190 45.49 -101.72 58.03
N VAL RB 191 46.31 -102.77 58.06
CA VAL RB 191 45.79 -104.09 58.40
C VAL RB 191 46.10 -104.54 59.83
N THR RB 192 47.17 -104.03 60.44
CA THR RB 192 47.55 -104.48 61.78
C THR RB 192 46.97 -103.62 62.89
N GLY RB 193 47.03 -102.29 62.76
CA GLY RB 193 46.59 -101.42 63.81
C GLY RB 193 47.55 -101.30 64.97
N LYS RB 194 48.72 -101.94 64.88
CA LYS RB 194 49.72 -101.89 65.93
C LYS RB 194 50.96 -101.18 65.41
N GLY RB 195 51.91 -100.97 66.32
CA GLY RB 195 53.14 -100.31 65.98
C GLY RB 195 54.03 -101.17 65.11
N PRO RB 196 54.95 -100.54 64.38
CA PRO RB 196 55.92 -101.31 63.59
C PRO RB 196 56.83 -102.17 64.44
N ILE RB 197 57.32 -101.63 65.56
CA ILE RB 197 58.06 -102.45 66.51
C ILE RB 197 57.13 -103.45 67.18
N GLU RB 198 55.88 -103.04 67.43
CA GLU RB 198 54.88 -103.98 67.91
C GLU RB 198 54.64 -105.08 66.89
N ASN RB 199 54.66 -104.74 65.60
CA ASN RB 199 54.65 -105.78 64.56
C ASN RB 199 55.98 -106.52 64.54
N LEU RB 200 57.08 -105.82 64.78
CA LEU RB 200 58.40 -106.47 64.82
C LEU RB 200 58.51 -107.43 66.00
N THR RB 201 58.10 -106.98 67.19
CA THR RB 201 58.20 -107.84 68.37
C THR RB 201 57.27 -109.05 68.24
N ASP RB 202 56.12 -108.87 67.58
CA ASP RB 202 55.21 -109.98 67.37
C ASP RB 202 55.79 -110.98 66.39
N HIS RB 203 56.50 -110.50 65.37
CA HIS RB 203 57.15 -111.41 64.43
C HIS RB 203 58.34 -112.10 65.07
N LEU RB 204 58.98 -111.45 66.04
CA LEU RB 204 60.10 -112.07 66.74
C LEU RB 204 59.64 -113.21 67.65
N ALA RB 205 58.44 -113.11 68.22
CA ALA RB 205 57.97 -114.14 69.15
C ALA RB 205 57.68 -115.46 68.41
N ASN RB 206 56.99 -115.39 67.29
CA ASN RB 206 56.61 -116.60 66.56
C ASN RB 206 56.51 -116.29 65.07
N PRO RB 207 57.63 -116.20 64.36
CA PRO RB 207 57.60 -115.84 62.93
C PRO RB 207 56.95 -116.90 62.04
N ALA RB 208 56.69 -118.10 62.56
CA ALA RB 208 56.05 -119.13 61.75
C ALA RB 208 54.63 -118.74 61.37
N GLU RB 209 53.90 -118.09 62.29
CA GLU RB 209 52.54 -117.67 62.01
C GLU RB 209 52.29 -116.18 62.23
N ASN RB 210 53.22 -115.43 62.80
CA ASN RB 210 53.04 -113.98 62.98
C ASN RB 210 53.59 -113.24 61.77
N ASN RB 211 52.70 -113.04 60.81
CA ASN RB 211 53.05 -112.37 59.57
C ASN RB 211 51.81 -111.67 59.04
N ALA RB 212 51.89 -111.23 57.77
CA ALA RB 212 50.73 -110.63 57.12
C ALA RB 212 49.70 -111.68 56.75
N PHE RB 213 50.11 -112.95 56.64
CA PHE RB 213 49.19 -114.01 56.26
C PHE RB 213 48.12 -114.26 57.31
N ALA RB 214 48.40 -113.98 58.58
CA ALA RB 214 47.35 -114.02 59.59
C ALA RB 214 46.37 -112.87 59.42
N TYR RB 215 46.74 -111.83 58.66
CA TYR RB 215 45.89 -110.68 58.42
C TYR RB 215 45.42 -110.62 56.97
N ALA RB 216 45.60 -111.71 56.23
CA ALA RB 216 45.18 -111.74 54.83
C ALA RB 216 43.66 -111.77 54.69
N THR RB 217 42.94 -112.10 55.76
CA THR RB 217 41.50 -112.17 55.77
C THR RB 217 40.86 -110.99 56.50
N LYS RB 218 41.39 -109.77 56.31
CA LYS RB 218 40.81 -108.62 56.97
C LYS RB 218 39.84 -107.86 56.06
N PHE RB 219 40.13 -107.79 54.76
CA PHE RB 219 39.30 -107.07 53.81
C PHE RB 219 38.22 -107.94 53.19
N THR RB 220 37.72 -108.92 53.93
CA THR RB 220 36.76 -109.86 53.38
C THR RB 220 35.43 -109.18 53.09
N PRO RB 221 34.98 -109.18 51.84
CA PRO RB 221 33.66 -108.62 51.53
C PRO RB 221 32.56 -109.62 51.83
N GLN RB 222 31.78 -109.36 52.87
CA GLN RB 222 30.73 -110.30 53.27
C GLN RB 222 29.42 -110.05 52.53
N GLU SB 1 40.91 -104.02 7.55
CA GLU SB 1 40.41 -104.73 8.72
C GLU SB 1 41.53 -105.04 9.70
N PHE SB 2 41.53 -104.31 10.82
CA PHE SB 2 42.50 -104.41 11.92
C PHE SB 2 43.92 -104.02 11.52
N TYR SB 3 44.14 -103.63 10.27
CA TYR SB 3 45.44 -103.23 9.80
C TYR SB 3 45.28 -102.17 8.72
N GLY SB 4 46.33 -101.38 8.52
CA GLY SB 4 46.32 -100.34 7.52
C GLY SB 4 45.48 -99.15 7.94
N PRO SB 5 45.43 -98.12 7.09
CA PRO SB 5 44.58 -96.96 7.40
C PRO SB 5 43.09 -97.29 7.42
N ASP SB 6 42.66 -98.34 6.72
CA ASP SB 6 41.27 -98.77 6.72
C ASP SB 6 40.96 -99.75 7.83
N ARG SB 7 41.74 -99.76 8.89
CA ARG SB 7 41.54 -100.71 9.97
C ARG SB 7 40.30 -100.37 10.78
N ALA SB 8 39.74 -101.39 11.43
CA ALA SB 8 38.66 -101.17 12.38
C ALA SB 8 39.19 -100.37 13.55
N LYS SB 9 38.41 -99.39 14.00
CA LYS SB 9 38.89 -98.44 14.99
C LYS SB 9 37.92 -98.36 16.16
N PHE SB 10 38.30 -97.57 17.15
CA PHE SB 10 37.64 -97.59 18.47
C PHE SB 10 36.39 -96.74 18.54
N LEU SB 11 35.95 -96.12 17.44
CA LEU SB 11 34.67 -95.42 17.47
C LEU SB 11 33.88 -95.62 16.19
N GLY SB 12 34.40 -96.41 15.25
CA GLY SB 12 33.74 -96.60 13.98
C GLY SB 12 33.77 -95.35 13.12
N PRO SB 13 32.59 -94.78 12.86
CA PRO SB 13 32.54 -93.55 12.04
C PRO SB 13 33.17 -92.34 12.69
N PHE SB 14 33.41 -92.36 13.99
CA PHE SB 14 33.98 -91.18 14.64
C PHE SB 14 35.51 -91.23 14.71
N SER SB 15 36.15 -92.15 14.00
CA SER SB 15 37.59 -92.36 14.18
C SER SB 15 38.42 -92.04 12.95
N GLU SB 16 37.81 -91.98 11.76
CA GLU SB 16 38.56 -91.72 10.54
C GLU SB 16 38.89 -90.25 10.34
N ASN SB 17 38.73 -89.40 11.35
CA ASN SB 17 39.01 -87.98 11.25
C ASN SB 17 40.06 -87.52 12.24
N ASP SB 18 40.10 -88.12 13.43
CA ASP SB 18 41.05 -87.75 14.49
C ASP SB 18 41.86 -88.99 14.87
N THR SB 19 43.14 -89.00 14.48
CA THR SB 19 44.03 -90.11 14.80
C THR SB 19 45.43 -89.59 15.09
N PRO SB 20 46.04 -89.99 16.21
CA PRO SB 20 47.45 -89.66 16.44
C PRO SB 20 48.34 -90.29 15.37
N GLU SB 21 49.41 -89.56 15.01
CA GLU SB 21 50.27 -89.98 13.92
C GLU SB 21 51.03 -91.27 14.22
N TYR SB 22 51.38 -91.51 15.48
CA TYR SB 22 52.13 -92.70 15.83
C TYR SB 22 51.28 -93.96 15.84
N LEU SB 23 49.96 -93.84 15.69
CA LEU SB 23 49.09 -95.00 15.57
C LEU SB 23 48.74 -95.20 14.10
N THR SB 24 49.68 -95.82 13.38
CA THR SB 24 49.52 -96.10 11.95
C THR SB 24 48.72 -97.36 11.67
N GLY SB 25 48.81 -98.37 12.54
CA GLY SB 25 48.16 -99.64 12.30
C GLY SB 25 49.12 -100.77 11.98
N GLU SB 26 50.41 -100.58 12.21
CA GLU SB 26 51.39 -101.62 11.91
C GLU SB 26 51.40 -102.69 13.00
N PHE SB 27 50.86 -102.37 14.22
CA PHE SB 27 50.82 -103.30 15.34
C PHE SB 27 49.39 -103.79 15.57
N PRO SB 28 49.25 -105.00 16.10
CA PRO SB 28 47.91 -105.55 16.37
C PRO SB 28 47.18 -104.79 17.46
N GLY SB 29 45.85 -104.81 17.36
CA GLY SB 29 45.00 -104.14 18.33
C GLY SB 29 44.92 -102.64 18.20
N ASP SB 30 45.40 -102.08 17.10
CA ASP SB 30 45.44 -100.63 16.95
C ASP SB 30 44.09 -100.12 16.48
N TYR SB 31 43.23 -99.71 17.42
CA TYR SB 31 41.95 -99.11 17.07
C TYR SB 31 41.98 -97.59 17.17
N GLY SB 32 43.15 -97.01 17.42
CA GLY SB 32 43.28 -95.57 17.43
C GLY SB 32 42.87 -94.88 18.71
N TRP SB 33 42.73 -95.61 19.82
CA TRP SB 33 42.34 -95.01 21.09
C TRP SB 33 43.58 -94.61 21.87
N ASP SB 34 44.04 -93.38 21.66
CA ASP SB 34 45.13 -92.81 22.44
C ASP SB 34 44.78 -91.37 22.81
N THR SB 35 43.57 -91.18 23.35
CA THR SB 35 43.11 -89.84 23.73
C THR SB 35 44.01 -89.20 24.77
N ALA SB 36 44.54 -89.99 25.70
CA ALA SB 36 45.53 -89.48 26.65
C ALA SB 36 46.91 -89.31 26.02
N GLY SB 37 47.19 -89.99 24.91
CA GLY SB 37 48.48 -89.88 24.25
C GLY SB 37 49.64 -90.42 25.07
N LEU SB 38 49.42 -91.49 25.81
CA LEU SB 38 50.43 -92.03 26.73
C LEU SB 38 51.59 -92.71 26.02
N SER SB 39 51.49 -92.95 24.71
CA SER SB 39 52.56 -93.56 23.94
C SER SB 39 52.99 -92.63 22.81
N ALA SB 40 53.20 -91.36 23.15
CA ALA SB 40 53.63 -90.38 22.15
C ALA SB 40 55.00 -90.72 21.57
N ASP SB 41 55.93 -91.14 22.42
CA ASP SB 41 57.25 -91.48 21.92
C ASP SB 41 57.29 -92.96 21.52
N PRO SB 42 57.95 -93.29 20.41
CA PRO SB 42 57.92 -94.68 19.92
C PRO SB 42 58.54 -95.70 20.87
N GLN SB 43 59.60 -95.36 21.58
CA GLN SB 43 60.16 -96.31 22.55
C GLN SB 43 59.27 -96.40 23.78
N THR SB 44 58.59 -95.30 24.12
CA THR SB 44 57.51 -95.37 25.10
C THR SB 44 56.37 -96.21 24.57
N PHE SB 45 56.05 -96.06 23.28
CA PHE SB 45 55.06 -96.93 22.64
C PHE SB 45 55.56 -98.36 22.58
N ALA SB 46 56.88 -98.57 22.57
CA ALA SB 46 57.44 -99.91 22.48
C ALA SB 46 57.25 -100.70 23.77
N ARG SB 47 57.14 -100.02 24.90
CA ARG SB 47 57.15 -100.73 26.17
C ARG SB 47 55.74 -100.94 26.74
N TYR SB 48 54.82 -100.02 26.46
CA TYR SB 48 53.45 -100.27 26.90
C TYR SB 48 52.79 -101.35 26.05
N ARG SB 49 53.26 -101.53 24.80
CA ARG SB 49 52.66 -102.56 23.95
C ARG SB 49 53.03 -103.95 24.45
N GLU SB 50 54.20 -104.10 25.08
CA GLU SB 50 54.62 -105.41 25.54
C GLU SB 50 54.13 -105.69 26.95
N ILE SB 51 53.99 -104.65 27.78
CA ILE SB 51 53.33 -104.82 29.08
C ILE SB 51 51.87 -105.23 28.88
N GLU SB 52 51.21 -104.64 27.87
CA GLU SB 52 49.84 -105.02 27.57
C GLU SB 52 49.75 -106.48 27.13
N LEU SB 53 50.67 -106.92 26.27
CA LEU SB 53 50.66 -108.32 25.85
C LEU SB 53 50.99 -109.25 27.00
N ILE SB 54 51.88 -108.81 27.90
CA ILE SB 54 52.09 -109.55 29.14
C ILE SB 54 50.81 -109.54 29.98
N HIS SB 55 50.14 -108.38 30.03
CA HIS SB 55 48.85 -108.32 30.70
C HIS SB 55 47.76 -109.02 29.90
N ALA SB 56 47.96 -109.17 28.59
CA ALA SB 56 46.98 -109.90 27.77
C ALA SB 56 46.95 -111.37 28.16
N ARG SB 57 48.12 -111.95 28.43
CA ARG SB 57 48.18 -113.35 28.83
C ARG SB 57 47.89 -113.51 30.32
N TRP SB 58 48.36 -112.58 31.14
CA TRP SB 58 48.22 -112.72 32.59
C TRP SB 58 46.76 -112.56 33.03
N ALA SB 59 46.03 -111.64 32.41
CA ALA SB 59 44.60 -111.52 32.73
C ALA SB 59 43.80 -112.68 32.15
N LEU SB 60 44.30 -113.29 31.06
CA LEU SB 60 43.51 -114.30 30.37
C LEU SB 60 43.55 -115.62 31.14
N LEU SB 61 44.66 -115.89 31.84
CA LEU SB 61 44.67 -117.02 32.77
C LEU SB 61 43.67 -116.83 33.90
N GLY SB 62 43.58 -115.60 34.43
CA GLY SB 62 42.68 -115.34 35.54
C GLY SB 62 41.21 -115.46 35.13
N ALA SB 63 40.92 -115.18 33.86
CA ALA SB 63 39.56 -115.36 33.36
C ALA SB 63 39.17 -116.84 33.38
N LEU SB 64 40.11 -117.72 33.00
CA LEU SB 64 39.81 -119.15 33.05
C LEU SB 64 40.16 -119.77 34.40
N GLY SB 65 41.09 -119.15 35.15
CA GLY SB 65 41.54 -119.74 36.38
C GLY SB 65 40.55 -119.70 37.51
N ILE SB 66 39.70 -118.67 37.57
CA ILE SB 66 38.74 -118.52 38.64
C ILE SB 66 37.34 -118.91 38.22
N LEU SB 67 37.13 -119.17 36.93
CA LEU SB 67 35.83 -119.59 36.42
C LEU SB 67 35.67 -121.11 36.39
N THR SB 68 36.73 -121.81 35.98
CA THR SB 68 36.66 -123.26 35.88
C THR SB 68 36.33 -123.99 37.19
N PRO SB 69 36.86 -123.65 38.37
CA PRO SB 69 36.44 -124.39 39.57
C PRO SB 69 34.99 -124.14 39.95
N GLU SB 70 34.50 -122.90 39.81
CA GLU SB 70 33.12 -122.63 40.16
C GLU SB 70 32.14 -123.22 39.15
N LEU SB 71 32.51 -123.26 37.87
CA LEU SB 71 31.70 -124.01 36.90
C LEU SB 71 31.82 -125.50 37.12
N LEU SB 72 32.95 -125.97 37.67
CA LEU SB 72 33.03 -127.36 38.09
C LEU SB 72 32.10 -127.65 39.26
N SER SB 73 31.88 -126.66 40.14
CA SER SB 73 30.89 -126.82 41.20
C SER SB 73 29.50 -126.94 40.61
N GLN SB 74 29.22 -126.19 39.56
CA GLN SB 74 28.01 -126.39 38.78
C GLN SB 74 28.16 -127.68 37.96
N TYR SB 75 27.07 -128.09 37.32
CA TYR SB 75 27.03 -129.22 36.39
C TYR SB 75 27.41 -130.53 37.10
N ALA SB 76 28.65 -130.98 36.95
CA ALA SB 76 29.05 -132.26 37.53
C ALA SB 76 29.65 -132.13 38.93
N GLY SB 77 28.99 -131.33 39.79
CA GLY SB 77 29.19 -131.27 41.23
C GLY SB 77 30.57 -131.45 41.85
N VAL SB 78 31.60 -130.83 41.28
CA VAL SB 78 32.95 -131.03 41.80
C VAL SB 78 33.11 -130.29 43.11
N GLN SB 79 33.61 -130.99 44.13
CA GLN SB 79 33.72 -130.46 45.48
C GLN SB 79 35.12 -129.91 45.75
N PHE SB 80 35.15 -128.82 46.53
CA PHE SB 80 36.38 -128.19 46.98
C PHE SB 80 36.18 -127.75 48.42
N GLY SB 81 37.24 -127.17 49.01
CA GLY SB 81 37.08 -126.56 50.32
C GLY SB 81 36.14 -125.37 50.27
N GLU SB 82 36.33 -124.49 49.30
CA GLU SB 82 35.40 -123.41 49.02
C GLU SB 82 35.48 -123.02 47.54
N PRO SB 83 34.35 -122.99 46.83
CA PRO SB 83 34.38 -122.72 45.38
C PRO SB 83 34.56 -121.27 45.03
N VAL SB 84 34.26 -120.35 45.95
CA VAL SB 84 34.36 -118.92 45.66
C VAL SB 84 35.82 -118.55 45.46
N TRP SB 85 36.08 -117.73 44.43
CA TRP SB 85 37.45 -117.52 43.99
C TRP SB 85 38.19 -116.52 44.87
N PHE SB 86 37.52 -115.47 45.34
CA PHE SB 86 38.24 -114.47 46.10
C PHE SB 86 38.49 -114.90 47.55
N LYS SB 87 37.83 -115.95 48.02
CA LYS SB 87 38.13 -116.51 49.34
C LYS SB 87 38.91 -117.81 49.23
N ALA SB 88 39.47 -118.10 48.05
CA ALA SB 88 40.23 -119.33 47.86
C ALA SB 88 41.64 -119.20 48.41
N GLY SB 89 42.05 -117.98 48.77
CA GLY SB 89 43.36 -117.81 49.36
C GLY SB 89 43.47 -118.39 50.76
N ALA SB 90 42.33 -118.55 51.44
CA ALA SB 90 42.32 -119.16 52.76
C ALA SB 90 42.16 -120.67 52.72
N GLN SB 91 42.17 -121.27 51.53
CA GLN SB 91 42.03 -122.72 51.41
C GLN SB 91 43.19 -123.45 52.10
N ILE SB 92 44.40 -122.91 52.00
CA ILE SB 92 45.57 -123.53 52.60
C ILE SB 92 45.56 -123.39 54.12
N PHE SB 93 44.83 -122.42 54.67
CA PHE SB 93 44.71 -122.24 56.11
C PHE SB 93 43.66 -123.15 56.74
N ALA SB 94 42.94 -123.93 55.94
CA ALA SB 94 41.93 -124.84 56.47
C ALA SB 94 42.62 -126.05 57.11
N ALA SB 95 41.84 -126.79 57.92
CA ALA SB 95 42.38 -127.98 58.57
C ALA SB 95 42.71 -129.07 57.56
N GLY SB 96 41.88 -129.23 56.53
CA GLY SB 96 42.19 -130.16 55.47
C GLY SB 96 43.22 -129.64 54.48
N GLY SB 97 43.60 -128.38 54.60
CA GLY SB 97 44.58 -127.80 53.72
C GLY SB 97 44.03 -127.51 52.32
N LEU SB 98 44.96 -127.30 51.39
CA LEU SB 98 44.63 -126.97 50.02
C LEU SB 98 44.84 -128.21 49.15
N ASN SB 99 43.75 -128.67 48.53
CA ASN SB 99 43.80 -129.81 47.62
C ASN SB 99 43.50 -129.31 46.21
N TYR SB 100 43.97 -130.07 45.22
CA TYR SB 100 43.75 -129.67 43.84
C TYR SB 100 42.28 -129.83 43.44
N LEU SB 101 41.66 -130.94 43.82
CA LEU SB 101 40.26 -131.15 43.45
C LEU SB 101 39.48 -131.75 44.61
N GLY SB 102 39.88 -131.44 45.84
CA GLY SB 102 39.24 -131.97 47.02
C GLY SB 102 39.75 -133.32 47.48
N ASN SB 103 40.52 -134.01 46.63
CA ASN SB 103 41.09 -135.29 47.03
C ASN SB 103 42.27 -135.07 47.96
N GLU SB 104 42.42 -135.98 48.93
CA GLU SB 104 43.47 -135.84 49.93
C GLU SB 104 44.85 -136.07 49.33
N SER SB 105 44.97 -136.95 48.36
CA SER SB 105 46.27 -137.35 47.84
C SER SB 105 46.73 -136.55 46.63
N LEU SB 106 46.01 -135.49 46.25
CA LEU SB 106 46.44 -134.70 45.10
C LEU SB 106 47.53 -133.71 45.49
N ILE SB 107 47.20 -132.76 46.36
CA ILE SB 107 48.17 -131.74 46.78
C ILE SB 107 48.30 -131.74 48.29
N HIS SB 108 47.19 -131.48 48.99
CA HIS SB 108 47.12 -131.43 50.45
C HIS SB 108 48.15 -130.46 51.02
N ALA SB 109 48.11 -129.22 50.53
CA ALA SB 109 49.04 -128.20 50.98
C ALA SB 109 48.49 -127.51 52.23
N GLN SB 110 49.29 -127.53 53.30
CA GLN SB 110 48.94 -126.80 54.52
C GLN SB 110 49.97 -125.74 54.88
N SER SB 111 51.00 -125.54 54.06
CA SER SB 111 52.11 -124.64 54.37
C SER SB 111 52.10 -123.49 53.37
N ILE SB 112 51.61 -122.33 53.82
CA ILE SB 112 51.62 -121.13 52.98
C ILE SB 112 53.04 -120.65 52.75
N ILE SB 113 53.92 -120.83 53.74
CA ILE SB 113 55.31 -120.39 53.62
C ILE SB 113 56.04 -121.21 52.55
N ALA SB 114 55.67 -122.49 52.41
CA ALA SB 114 56.34 -123.34 51.43
C ALA SB 114 55.88 -123.01 50.01
N THR SB 115 54.59 -122.76 49.82
CA THR SB 115 54.09 -122.48 48.47
C THR SB 115 54.46 -121.08 48.01
N LEU SB 116 54.68 -120.15 48.94
CA LEU SB 116 55.10 -118.81 48.56
C LEU SB 116 56.58 -118.78 48.18
N ALA SB 117 57.40 -119.56 48.88
CA ALA SB 117 58.84 -119.54 48.63
C ALA SB 117 59.19 -120.13 47.27
N VAL SB 118 58.63 -121.31 46.96
CA VAL SB 118 59.00 -121.97 45.71
C VAL SB 118 58.42 -121.25 44.51
N GLN SB 119 57.24 -120.63 44.66
CA GLN SB 119 56.63 -119.92 43.54
C GLN SB 119 57.40 -118.64 43.22
N VAL SB 120 57.87 -117.93 44.24
CA VAL SB 120 58.63 -116.70 44.02
C VAL SB 120 59.98 -117.00 43.38
N VAL SB 121 60.63 -118.08 43.81
CA VAL SB 121 61.98 -118.41 43.34
C VAL SB 121 61.98 -118.71 41.84
N LEU SB 122 61.07 -119.59 41.40
CA LEU SB 122 61.10 -120.02 40.00
C LEU SB 122 60.53 -118.95 39.08
N MET SB 123 59.52 -118.21 39.55
CA MET SB 123 58.94 -117.17 38.72
C MET SB 123 59.88 -115.97 38.62
N GLY SB 124 60.73 -115.79 39.64
CA GLY SB 124 61.74 -114.75 39.56
C GLY SB 124 62.74 -115.00 38.46
N LEU SB 125 63.18 -116.24 38.32
CA LEU SB 125 64.05 -116.59 37.20
C LEU SB 125 63.30 -116.52 35.88
N ALA SB 126 62.01 -116.88 35.89
CA ALA SB 126 61.22 -116.95 34.66
C ALA SB 126 61.10 -115.59 34.00
N GLU SB 127 60.83 -114.53 34.77
CA GLU SB 127 60.79 -113.20 34.19
C GLU SB 127 62.19 -112.71 33.84
N ALA SB 128 63.20 -113.15 34.59
CA ALA SB 128 64.58 -112.81 34.24
C ALA SB 128 64.96 -113.42 32.89
N TYR SB 129 64.50 -114.66 32.63
CA TYR SB 129 64.72 -115.28 31.32
C TYR SB 129 64.00 -114.49 30.23
N ARG SB 130 62.78 -114.05 30.51
CA ARG SB 130 62.01 -113.29 29.53
C ARG SB 130 62.62 -111.91 29.29
N ALA SB 131 63.00 -111.22 30.36
CA ALA SB 131 63.57 -109.89 30.23
C ALA SB 131 64.93 -109.92 29.54
N ASN SB 132 65.81 -110.83 29.98
CA ASN SB 132 67.14 -110.89 29.39
C ASN SB 132 67.10 -111.42 27.97
N GLY SB 133 66.08 -112.20 27.63
CA GLY SB 133 65.98 -112.78 26.30
C GLY SB 133 67.06 -113.79 26.00
N GLY SB 134 67.51 -114.53 27.01
CA GLY SB 134 68.56 -115.52 26.86
C GLY SB 134 69.87 -115.07 27.49
N SER SB 135 70.77 -116.04 27.62
CA SER SB 135 72.07 -115.78 28.26
C SER SB 135 73.10 -116.74 27.67
N GLU SB 136 73.89 -116.24 26.72
CA GLU SB 136 75.06 -116.90 26.16
C GLU SB 136 74.70 -118.25 25.52
N GLY SB 137 73.88 -118.16 24.47
CA GLY SB 137 73.47 -119.31 23.71
C GLY SB 137 72.28 -120.05 24.27
N PHE SB 138 71.90 -119.77 25.52
CA PHE SB 138 70.76 -120.40 26.16
C PHE SB 138 69.53 -119.56 25.82
N LEU SB 139 68.97 -119.80 24.63
CA LEU SB 139 67.85 -119.04 24.07
C LEU SB 139 68.18 -117.55 23.94
N ASP SB 140 69.43 -117.24 23.61
CA ASP SB 140 69.88 -115.86 23.46
C ASP SB 140 69.60 -115.37 22.03
N ASP SB 141 68.32 -115.31 21.70
CA ASP SB 141 67.83 -114.87 20.40
C ASP SB 141 66.48 -114.21 20.61
N LEU SB 142 65.70 -114.07 19.53
CA LEU SB 142 64.29 -113.69 19.54
C LEU SB 142 64.05 -112.26 20.03
N ASP SB 143 62.79 -111.80 19.96
CA ASP SB 143 62.44 -110.41 20.23
C ASP SB 143 61.89 -110.18 21.64
N THR SB 144 61.91 -111.19 22.51
CA THR SB 144 61.46 -111.15 23.90
C THR SB 144 59.98 -110.85 24.07
N LEU SB 145 59.21 -110.80 22.99
CA LEU SB 145 57.76 -110.68 23.07
C LEU SB 145 57.04 -111.72 22.23
N TYR SB 146 57.65 -112.15 21.12
CA TYR SB 146 57.12 -113.24 20.30
C TYR SB 146 58.23 -114.27 20.11
N PRO SB 147 58.57 -115.02 21.16
CA PRO SB 147 59.70 -115.96 21.06
C PRO SB 147 59.48 -117.11 20.10
N GLY SB 148 58.43 -117.89 20.30
CA GLY SB 148 58.14 -119.02 19.41
C GLY SB 148 59.05 -120.22 19.60
N GLY SB 149 60.36 -120.02 19.49
CA GLY SB 149 61.33 -121.08 19.66
C GLY SB 149 61.32 -121.68 21.04
N ALA SB 150 61.11 -123.00 21.12
CA ALA SB 150 60.92 -123.75 22.37
C ALA SB 150 59.72 -123.24 23.16
N PHE SB 151 58.77 -122.61 22.48
CA PHE SB 151 57.53 -122.15 23.10
C PHE SB 151 56.29 -122.39 22.23
N ASP SB 152 56.46 -122.73 20.96
CA ASP SB 152 55.35 -123.03 20.06
C ASP SB 152 55.57 -124.42 19.48
N PRO SB 153 55.28 -125.47 20.26
CA PRO SB 153 55.52 -126.83 19.78
C PRO SB 153 54.64 -127.25 18.61
N LEU SB 154 53.44 -126.69 18.50
CA LEU SB 154 52.53 -127.07 17.43
C LEU SB 154 52.85 -126.41 16.09
N GLY SB 155 53.75 -125.43 16.08
CA GLY SB 155 54.15 -124.79 14.84
C GLY SB 155 53.08 -123.96 14.17
N LEU SB 156 52.30 -123.20 14.94
CA LEU SB 156 51.35 -122.26 14.35
C LEU SB 156 51.96 -120.91 14.07
N ALA SB 157 53.24 -120.72 14.34
CA ALA SB 157 53.94 -119.46 14.05
C ALA SB 157 54.46 -119.50 12.61
N ASP SB 158 53.51 -119.66 11.68
CA ASP SB 158 53.81 -119.71 10.26
C ASP SB 158 52.68 -119.04 9.52
N ASP SB 159 52.94 -118.70 8.24
CA ASP SB 159 52.11 -117.87 7.38
C ASP SB 159 51.84 -116.56 8.12
N PRO SB 160 52.78 -115.62 8.07
CA PRO SB 160 52.63 -114.35 8.82
C PRO SB 160 51.35 -113.56 8.52
N ASP SB 161 50.60 -113.92 7.48
CA ASP SB 161 49.30 -113.29 7.25
C ASP SB 161 48.31 -113.67 8.36
N THR SB 162 48.23 -114.96 8.69
CA THR SB 162 47.35 -115.37 9.79
C THR SB 162 48.02 -115.17 11.14
N PHE SB 163 49.35 -115.03 11.18
CA PHE SB 163 50.05 -114.78 12.44
C PHE SB 163 49.66 -113.43 13.02
N ALA SB 164 49.65 -112.39 12.18
CA ALA SB 164 49.21 -111.07 12.62
C ALA SB 164 47.72 -111.07 12.94
N GLU SB 165 46.93 -111.83 12.18
CA GLU SB 165 45.51 -111.97 12.49
C GLU SB 165 45.31 -112.71 13.82
N LEU SB 166 46.10 -113.76 14.06
CA LEU SB 166 46.04 -114.45 15.34
C LEU SB 166 46.60 -113.57 16.46
N LYS SB 167 47.53 -112.67 16.12
CA LYS SB 167 47.98 -111.67 17.09
C LYS SB 167 46.84 -110.75 17.50
N VAL SB 168 46.01 -110.35 16.53
CA VAL SB 168 44.81 -109.58 16.85
C VAL SB 168 43.87 -110.42 17.71
N LYS SB 169 43.74 -111.71 17.38
CA LYS SB 169 42.97 -112.62 18.22
C LYS SB 169 43.61 -112.75 19.61
N GLU SB 170 44.94 -112.68 19.66
CA GLU SB 170 45.61 -112.76 20.95
C GLU SB 170 45.43 -111.47 21.75
N ILE SB 171 45.49 -110.32 21.09
CA ILE SB 171 45.35 -109.06 21.83
C ILE SB 171 43.89 -108.77 22.15
N LYS SB 172 42.95 -109.27 21.34
CA LYS SB 172 41.55 -109.01 21.62
C LYS SB 172 41.01 -109.91 22.72
N ASN SB 173 41.43 -111.17 22.74
CA ASN SB 173 40.98 -112.09 23.78
C ASN SB 173 41.50 -111.67 25.15
N GLY SB 174 42.72 -111.15 25.20
CA GLY SB 174 43.23 -110.62 26.45
C GLY SB 174 42.48 -109.37 26.89
N ARG SB 175 42.09 -108.53 25.94
CA ARG SB 175 41.36 -107.31 26.27
C ARG SB 175 39.98 -107.62 26.82
N LEU SB 176 39.32 -108.67 26.31
CA LEU SB 176 38.05 -109.07 26.89
C LEU SB 176 38.24 -109.65 28.29
N ALA SB 177 39.37 -110.35 28.49
CA ALA SB 177 39.66 -110.94 29.79
C ALA SB 177 39.91 -109.89 30.86
N MET SB 178 40.28 -108.67 30.46
CA MET SB 178 40.55 -107.65 31.46
C MET SB 178 39.29 -107.09 32.11
N PHE SB 179 38.26 -106.72 31.33
CA PHE SB 179 36.99 -106.36 31.97
C PHE SB 179 36.39 -107.53 32.73
N SER SB 180 36.80 -108.76 32.41
CA SER SB 180 36.36 -109.90 33.20
C SER SB 180 36.91 -109.81 34.62
N CYS SB 181 38.23 -109.65 34.77
CA CYS SB 181 38.82 -109.58 36.11
C CYS SB 181 38.32 -108.36 36.86
N LEU SB 182 38.26 -107.19 36.21
CA LEU SB 182 37.65 -106.03 36.83
C LEU SB 182 36.16 -106.24 37.06
N GLY SB 183 35.51 -106.97 36.16
CA GLY SB 183 34.17 -107.45 36.46
C GLY SB 183 34.18 -108.41 37.64
N PHE SB 184 35.20 -109.26 37.71
CA PHE SB 184 35.33 -110.15 38.86
C PHE SB 184 35.72 -109.37 40.10
N PHE SB 185 36.61 -108.37 39.96
CA PHE SB 185 37.12 -107.64 41.12
C PHE SB 185 36.05 -106.73 41.72
N VAL SB 186 35.32 -105.99 40.89
CA VAL SB 186 34.31 -105.06 41.40
C VAL SB 186 33.19 -105.84 42.06
N GLN SB 187 32.72 -106.91 41.41
CA GLN SB 187 31.69 -107.76 41.99
C GLN SB 187 32.22 -108.51 43.22
N ALA SB 188 33.54 -108.62 43.37
CA ALA SB 188 34.08 -109.25 44.57
C ALA SB 188 33.83 -108.41 45.81
N ILE SB 189 33.92 -107.07 45.68
CA ILE SB 189 33.83 -106.22 46.87
C ILE SB 189 32.40 -105.73 47.11
N VAL SB 190 31.68 -105.33 46.07
CA VAL SB 190 30.36 -104.73 46.27
C VAL SB 190 29.31 -105.82 46.49
N THR SB 191 29.48 -106.96 45.84
CA THR SB 191 28.52 -108.05 46.05
C THR SB 191 29.00 -109.02 47.10
N GLY SB 192 30.31 -109.24 47.21
CA GLY SB 192 30.86 -110.17 48.17
C GLY SB 192 30.52 -111.61 47.90
N LYS SB 193 30.17 -111.97 46.66
CA LYS SB 193 29.63 -113.27 46.34
C LYS SB 193 30.03 -113.67 44.92
N GLY SB 194 29.67 -114.90 44.55
CA GLY SB 194 30.14 -115.54 43.36
C GLY SB 194 29.84 -114.82 42.05
N PRO SB 195 30.81 -114.83 41.13
CA PRO SB 195 30.61 -114.12 39.85
C PRO SB 195 29.56 -114.74 38.96
N VAL SB 196 29.66 -116.04 38.65
CA VAL SB 196 28.58 -116.67 37.88
C VAL SB 196 27.41 -117.01 38.78
N GLN SB 197 27.61 -117.00 40.10
CA GLN SB 197 26.47 -117.08 41.01
C GLN SB 197 25.63 -115.82 40.90
N ASN SB 198 26.29 -114.66 40.71
CA ASN SB 198 25.57 -113.45 40.32
C ASN SB 198 24.91 -113.60 38.96
N LEU SB 199 25.58 -114.29 38.03
CA LEU SB 199 24.96 -114.57 36.74
C LEU SB 199 23.74 -115.47 36.92
N THR SB 200 23.83 -116.46 37.81
CA THR SB 200 22.66 -117.24 38.17
C THR SB 200 21.61 -116.36 38.85
N ASP SB 201 22.07 -115.41 39.68
CA ASP SB 201 21.16 -114.44 40.26
C ASP SB 201 20.53 -113.56 39.18
N HIS SB 202 21.35 -113.12 38.21
CA HIS SB 202 20.87 -112.20 37.18
C HIS SB 202 19.95 -112.90 36.20
N LEU SB 203 20.20 -114.18 35.89
CA LEU SB 203 19.40 -114.89 34.91
C LEU SB 203 17.97 -115.13 35.38
N ALA SB 204 17.72 -115.08 36.68
CA ALA SB 204 16.35 -115.25 37.16
C ALA SB 204 15.53 -113.98 36.93
N ASP SB 205 15.93 -112.89 37.58
CA ASP SB 205 15.21 -111.62 37.47
C ASP SB 205 16.22 -110.53 37.14
N PRO SB 206 16.48 -110.29 35.85
CA PRO SB 206 17.48 -109.26 35.49
C PRO SB 206 17.06 -107.85 35.84
N THR SB 207 15.77 -107.58 36.03
CA THR SB 207 15.32 -106.23 36.32
C THR SB 207 15.73 -105.75 37.72
N VAL SB 208 15.88 -106.68 38.67
CA VAL SB 208 16.26 -106.30 40.02
C VAL SB 208 17.61 -106.89 40.43
N ASN SB 209 18.04 -108.00 39.82
CA ASN SB 209 19.36 -108.57 40.10
C ASN SB 209 20.37 -107.87 39.20
N ASN SB 210 20.82 -106.70 39.64
CA ASN SB 210 21.79 -105.91 38.91
C ASN SB 210 22.54 -105.02 39.89
N ALA SB 211 23.50 -104.25 39.36
CA ALA SB 211 24.34 -103.39 40.20
C ALA SB 211 23.57 -102.24 40.83
N PHE SB 212 22.40 -101.91 40.28
CA PHE SB 212 21.60 -100.83 40.85
C PHE SB 212 21.17 -101.15 42.27
N ALA SB 213 20.86 -102.41 42.56
CA ALA SB 213 20.52 -102.80 43.92
C ALA SB 213 21.69 -102.65 44.89
N SER SB 214 22.93 -102.74 44.39
CA SER SB 214 24.12 -102.63 45.23
C SER SB 214 24.76 -101.24 45.12
N ALA SB 215 24.11 -100.30 44.43
CA ALA SB 215 24.67 -98.96 44.26
C ALA SB 215 24.68 -98.16 45.54
N THR SB 216 23.97 -98.61 46.57
CA THR SB 216 23.91 -97.89 47.85
C THR SB 216 24.72 -98.57 48.94
N LYS SB 217 25.51 -99.60 48.62
CA LYS SB 217 26.23 -100.32 49.66
C LYS SB 217 27.41 -99.52 50.20
N PHE SB 218 28.05 -98.72 49.34
CA PHE SB 218 29.21 -97.93 49.72
C PHE SB 218 28.81 -96.58 50.32
N THR SB 219 27.64 -96.52 50.95
CA THR SB 219 27.19 -95.28 51.58
C THR SB 219 28.10 -94.92 52.76
N PRO SB 220 28.37 -93.65 52.96
CA PRO SB 220 29.15 -93.22 54.12
C PRO SB 220 28.28 -92.78 55.29
N GLY SB 221 28.80 -92.94 56.49
CA GLY SB 221 28.11 -92.52 57.69
C GLY SB 221 28.16 -91.02 57.87
N SER TB 1 -3.86 59.52 47.88
CA SER TB 1 -3.17 59.29 49.15
C SER TB 1 -2.21 58.11 49.04
N LEU TB 2 -2.49 57.21 48.11
CA LEU TB 2 -1.74 55.99 47.93
C LEU TB 2 -1.04 55.99 46.58
N SER TB 3 -0.07 55.10 46.42
CA SER TB 3 0.70 55.03 45.19
C SER TB 3 0.08 54.11 44.15
N TYR TB 4 -1.08 53.53 44.43
CA TYR TB 4 -1.74 52.63 43.51
C TYR TB 4 -3.17 53.04 43.15
N LEU TB 5 -3.70 54.08 43.80
CA LEU TB 5 -5.07 54.52 43.54
C LEU TB 5 -5.12 55.53 42.40
N ASP TB 6 -4.46 56.68 42.58
CA ASP TB 6 -4.19 57.67 41.54
C ASP TB 6 -5.46 58.28 40.92
N GLY TB 7 -6.63 58.08 41.53
CA GLY TB 7 -7.84 58.68 41.00
C GLY TB 7 -8.30 58.03 39.70
N HIS TB 8 -9.09 58.80 38.94
CA HIS TB 8 -9.64 58.40 37.64
C HIS TB 8 -10.47 57.12 37.73
N LEU TB 9 -11.20 56.98 38.83
CA LEU TB 9 -12.15 55.90 39.03
C LEU TB 9 -13.16 56.38 40.06
N PRO TB 10 -14.39 55.85 40.03
CA PRO TB 10 -15.42 56.32 40.98
C PRO TB 10 -15.02 56.09 42.43
N GLY TB 11 -15.32 57.09 43.26
CA GLY TB 11 -14.96 57.06 44.66
C GLY TB 11 -13.58 57.61 44.93
N ASP TB 12 -12.69 56.76 45.47
CA ASP TB 12 -11.30 57.07 45.78
C ASP TB 12 -11.20 58.25 46.75
N MET TB 13 -11.65 57.99 47.97
CA MET TB 13 -11.43 58.91 49.08
C MET TB 13 -10.06 58.72 49.73
N GLY TB 14 -9.19 57.92 49.13
CA GLY TB 14 -7.84 57.70 49.64
C GLY TB 14 -7.77 56.96 50.96
N PHE TB 15 -8.59 55.92 51.12
CA PHE TB 15 -8.63 55.12 52.34
C PHE TB 15 -8.24 53.69 52.02
N ASP TB 16 -7.03 53.31 52.39
CA ASP TB 16 -6.54 51.94 52.26
C ASP TB 16 -5.35 51.73 53.20
N PRO TB 17 -5.60 51.56 54.51
CA PRO TB 17 -4.48 51.43 55.46
C PRO TB 17 -3.69 50.15 55.28
N LEU TB 18 -4.29 49.10 54.75
CA LEU TB 18 -3.62 47.81 54.59
C LEU TB 18 -3.16 47.64 53.15
N HIS TB 19 -2.41 46.55 52.93
CA HIS TB 19 -1.88 46.22 51.61
C HIS TB 19 -2.85 45.37 50.80
N LEU TB 20 -4.06 45.91 50.60
CA LEU TB 20 -5.11 45.14 49.94
C LEU TB 20 -5.21 45.43 48.46
N SER TB 21 -4.81 46.64 48.03
CA SER TB 21 -4.75 46.97 46.62
C SER TB 21 -3.34 47.30 46.15
N SER TB 22 -2.36 47.23 47.03
CA SER TB 22 -0.98 47.50 46.63
C SER TB 22 -0.47 46.38 45.73
N PRO TB 23 0.23 46.70 44.65
CA PRO TB 23 0.78 45.64 43.79
C PRO TB 23 1.87 44.86 44.53
N THR TB 24 1.71 43.54 44.54
CA THR TB 24 2.60 42.67 45.29
C THR TB 24 3.61 42.03 44.33
N VAL TB 25 4.86 41.99 44.77
CA VAL TB 25 5.90 41.36 43.98
C VAL TB 25 5.73 39.84 44.11
N SEP TB 26 5.99 39.12 43.02
CA SEP TB 26 5.85 37.68 43.01
CB SEP TB 26 4.39 37.28 42.77
OG SEP TB 26 3.56 37.69 43.83
C SEP TB 26 6.74 37.07 41.93
O SEP TB 26 7.69 37.69 41.48
P SEP TB 26 2.05 37.83 43.29
O1P SEP TB 26 1.12 36.72 43.97
O2P SEP TB 26 1.49 39.30 43.63
O3P SEP TB 26 2.04 37.64 41.69
N LEU TB 27 6.39 35.85 41.51
CA LEU TB 27 7.14 35.14 40.49
C LEU TB 27 6.33 33.97 39.93
N GLN TB 28 6.71 33.54 38.73
CA GLN TB 28 5.98 32.52 37.98
C GLN TB 28 6.82 31.26 37.85
N ILE TB 29 6.21 30.11 38.12
CA ILE TB 29 6.88 28.81 38.03
C ILE TB 29 6.22 28.02 36.90
N GLY TB 30 7.03 27.28 36.16
CA GLY TB 30 6.50 26.42 35.11
C GLY TB 30 5.76 25.23 35.70
N VAL TB 31 5.00 24.56 34.83
CA VAL TB 31 4.18 23.43 35.26
C VAL TB 31 5.07 22.25 35.62
N ASP TB 32 4.54 21.37 36.47
CA ASP TB 32 5.25 20.16 36.84
C ASP TB 32 5.13 19.13 35.72
N GLU TB 33 6.23 18.43 35.44
CA GLU TB 33 6.22 17.41 34.41
C GLU TB 33 5.55 16.15 34.95
N GLU TB 34 4.38 15.82 34.41
CA GLU TB 34 3.66 14.61 34.77
C GLU TB 34 3.56 13.64 33.60
N ASP TB 35 4.27 13.91 32.50
CA ASP TB 35 4.25 13.01 31.36
C ASP TB 35 5.08 11.77 31.71
N GLN TB 36 4.39 10.68 32.03
CA GLN TB 36 5.05 9.45 32.42
C GLN TB 36 5.75 8.75 31.26
N ASN TB 37 5.52 9.20 30.02
CA ASN TB 37 6.20 8.66 28.85
C ASN TB 37 7.68 9.07 28.80
N GLN TB 38 8.11 9.97 29.67
CA GLN TB 38 9.50 10.38 29.73
C GLN TB 38 10.23 9.62 30.84
N ALA TB 39 11.55 9.57 30.72
CA ALA TB 39 12.36 8.84 31.70
C ALA TB 39 12.47 9.60 33.02
N GLN TB 40 12.68 10.91 32.96
CA GLN TB 40 12.85 11.75 34.14
C GLN TB 40 11.85 12.89 34.08
N ASN TB 41 11.20 13.18 35.20
CA ASN TB 41 10.30 14.31 35.34
C ASN TB 41 10.84 15.24 36.41
N LYS TB 42 10.75 16.54 36.16
CA LYS TB 42 11.28 17.57 37.04
C LYS TB 42 10.15 18.25 37.81
N LYS TB 43 10.54 19.08 38.78
CA LYS TB 43 9.60 19.73 39.69
C LYS TB 43 9.37 21.20 39.34
N GLY TB 44 9.77 21.64 38.16
CA GLY TB 44 9.52 23.00 37.72
C GLY TB 44 10.61 23.96 38.14
N ASP TB 45 10.56 25.16 37.56
CA ASP TB 45 11.55 26.20 37.80
C ASP TB 45 10.92 27.56 37.55
N VAL TB 46 11.61 28.61 38.02
CA VAL TB 46 11.13 29.97 37.85
C VAL TB 46 11.18 30.37 36.37
N GLU TB 47 10.07 30.88 35.86
CA GLU TB 47 9.98 31.31 34.47
C GLU TB 47 10.05 32.82 34.29
N ALA TB 48 9.38 33.59 35.16
CA ALA TB 48 9.38 35.04 35.01
C ALA TB 48 9.20 35.69 36.38
N ILE TB 49 9.58 36.97 36.45
CA ILE TB 49 9.48 37.77 37.66
C ILE TB 49 8.66 39.02 37.38
N PHE TB 50 7.59 39.22 38.13
CA PHE TB 50 6.83 40.47 38.11
C PHE TB 50 7.25 41.30 39.31
N ARG TB 51 7.99 42.38 39.05
CA ARG TB 51 8.45 43.29 40.10
C ARG TB 51 7.86 44.66 39.84
N PRO TB 52 6.69 44.97 40.42
CA PRO TB 52 6.02 46.27 40.21
C PRO TB 52 6.71 47.40 40.98
N GLU TB 53 -3.36 41.29 39.93
CA GLU TB 53 -3.98 41.12 38.63
C GLU TB 53 -5.38 40.54 38.73
N VAL TB 54 -5.46 39.23 38.99
CA VAL TB 54 -6.76 38.58 39.13
C VAL TB 54 -7.46 39.05 40.40
N PHE TB 55 -6.72 39.19 41.50
CA PHE TB 55 -7.27 39.66 42.78
C PHE TB 55 -6.73 41.04 43.15
N GLY TB 56 -6.51 41.89 42.15
CA GLY TB 56 -6.08 43.25 42.38
C GLY TB 56 -7.24 44.23 42.40
N LEU TB 57 -6.95 45.47 42.01
CA LEU TB 57 -7.99 46.50 41.99
C LEU TB 57 -8.99 46.26 40.86
N ALA TB 58 -8.61 45.49 39.84
CA ALA TB 58 -9.47 45.30 38.68
C ALA TB 58 -10.72 44.51 39.03
N ARG TB 59 -10.56 43.38 39.70
CA ARG TB 59 -11.70 42.57 40.09
C ARG TB 59 -12.40 43.13 41.32
N PHE TB 60 -11.64 43.77 42.23
CA PHE TB 60 -12.22 44.29 43.46
C PHE TB 60 -13.22 45.39 43.18
N ARG TB 61 -12.94 46.24 42.17
CA ARG TB 61 -13.90 47.25 41.76
C ARG TB 61 -15.16 46.60 41.21
N GLU TB 62 -14.99 45.54 40.42
CA GLU TB 62 -16.14 44.78 39.94
C GLU TB 62 -16.82 44.06 41.10
N THR TB 63 -16.04 43.66 42.10
CA THR TB 63 -16.62 43.07 43.32
C THR TB 63 -17.34 44.12 44.14
N GLU TB 64 -16.81 45.35 44.19
CA GLU TB 64 -17.39 46.38 45.04
C GLU TB 64 -18.71 46.90 44.48
N VAL TB 65 -18.79 47.09 43.16
CA VAL TB 65 -20.00 47.67 42.56
C VAL TB 65 -21.17 46.70 42.69
N ILE TB 66 -20.94 45.42 42.39
CA ILE TB 66 -22.02 44.43 42.42
C ILE TB 66 -22.41 44.10 43.86
N HIS TB 67 -21.47 44.18 44.80
CA HIS TB 67 -21.83 44.12 46.22
C HIS TB 67 -22.71 45.31 46.60
N GLY TB 68 -22.38 46.50 46.11
CA GLY TB 68 -23.21 47.66 46.39
C GLY TB 68 -24.57 47.57 45.72
N ARG TB 69 -24.60 47.17 44.46
CA ARG TB 69 -25.86 47.07 43.74
C ARG TB 69 -26.76 45.99 44.33
N TRP TB 70 -26.17 44.97 44.93
CA TRP TB 70 -26.97 44.00 45.67
C TRP TB 70 -27.34 44.53 47.05
N ALA TB 71 -26.67 45.58 47.51
CA ALA TB 71 -26.97 46.13 48.83
C ALA TB 71 -28.17 47.07 48.78
N MET TB 72 -28.16 48.05 47.86
CA MET TB 72 -29.31 48.96 47.77
C MET TB 72 -30.55 48.22 47.33
N LEU TB 73 -30.38 47.16 46.53
CA LEU TB 73 -31.52 46.33 46.14
C LEU TB 73 -32.08 45.56 47.33
N GLY TB 74 -31.21 45.14 48.24
CA GLY TB 74 -31.68 44.45 49.43
C GLY TB 74 -32.09 45.39 50.55
N THR TB 75 -31.66 46.66 50.47
CA THR TB 75 -31.97 47.62 51.52
C THR TB 75 -33.43 48.07 51.49
N LEU TB 76 -33.98 48.34 50.31
CA LEU TB 76 -35.35 48.84 50.24
C LEU TB 76 -36.35 47.77 50.62
N GLY TB 77 -36.03 46.50 50.31
CA GLY TB 77 -36.98 45.42 50.56
C GLY TB 77 -37.29 45.21 52.02
N ALA TB 78 -36.29 45.37 52.88
CA ALA TB 78 -36.52 45.27 54.32
C ALA TB 78 -37.35 46.44 54.83
N ILE TB 79 -37.16 47.63 54.24
CA ILE TB 79 -37.94 48.79 54.63
C ILE TB 79 -39.37 48.69 54.09
N VAL TB 80 -39.53 48.33 52.81
CA VAL TB 80 -40.87 48.25 52.23
C VAL TB 80 -41.56 46.94 52.55
N GLY TB 81 -40.82 45.90 52.95
CA GLY TB 81 -41.46 44.67 53.39
C GLY TB 81 -42.21 44.84 54.70
N GLU TB 82 -41.63 45.58 55.64
CA GLU TB 82 -42.31 45.91 56.88
C GLU TB 82 -43.34 47.00 56.62
N ALA TB 83 -44.42 46.98 57.42
CA ALA TB 83 -45.59 47.86 57.34
C ALA TB 83 -46.43 47.61 56.09
N ALA TB 84 -45.99 46.71 55.23
CA ALA TB 84 -46.78 46.22 54.11
C ALA TB 84 -47.09 44.74 54.23
N THR TB 85 -46.36 44.03 55.08
CA THR TB 85 -46.64 42.64 55.41
C THR TB 85 -46.57 42.36 56.90
N GLY TB 86 -46.14 43.32 57.72
CA GLY TB 86 -46.10 43.18 59.16
C GLY TB 86 -44.83 42.58 59.72
N VAL TB 87 -44.36 41.48 59.13
CA VAL TB 87 -43.22 40.73 59.66
C VAL TB 87 -41.94 41.52 59.42
N SER TB 88 -40.98 41.36 60.34
CA SER TB 88 -39.69 42.01 60.19
C SER TB 88 -38.83 41.26 59.16
N TRP TB 89 -37.70 41.87 58.82
CA TRP TB 89 -36.85 41.31 57.77
C TRP TB 89 -36.08 40.09 58.27
N VAL TB 90 -35.75 40.06 59.56
CA VAL TB 90 -34.92 38.97 60.09
C VAL TB 90 -35.68 37.65 60.08
N ASP TB 91 -36.97 37.68 60.41
CA ASP TB 91 -37.79 36.48 60.44
C ASP TB 91 -38.69 36.34 59.22
N ALA TB 92 -38.43 37.15 58.18
CA ALA TB 92 -39.23 37.07 56.96
C ALA TB 92 -39.04 35.74 56.26
N GLY TB 93 -37.88 35.11 56.40
CA GLY TB 93 -37.69 33.76 55.88
C GLY TB 93 -38.51 32.73 56.62
N LYS TB 94 -38.62 32.88 57.94
CA LYS TB 94 -39.34 31.89 58.75
C LYS TB 94 -40.83 31.89 58.44
N VAL TB 95 -41.44 33.07 58.26
CA VAL TB 95 -42.86 33.13 58.00
C VAL TB 95 -43.20 32.59 56.60
N GLU TB 96 -42.37 32.88 55.60
CA GLU TB 96 -42.64 32.36 54.27
C GLU TB 96 -42.32 30.88 54.15
N LEU TB 97 -41.52 30.36 55.08
CA LEU TB 97 -41.35 28.91 55.15
C LEU TB 97 -42.65 28.23 55.56
N ASP TB 98 -43.43 28.90 56.42
CA ASP TB 98 -44.74 28.38 56.78
C ASP TB 98 -45.69 28.38 55.58
N GLY TB 99 -45.56 29.39 54.73
CA GLY TB 99 -46.35 29.46 53.52
C GLY TB 99 -45.87 30.58 52.62
N ALA TB 100 -45.69 30.29 51.32
CA ALA TB 100 -45.23 31.31 50.38
C ALA TB 100 -46.35 32.30 50.11
N GLN TB 101 -46.03 33.58 50.25
CA GLN TB 101 -47.02 34.64 50.13
C GLN TB 101 -46.32 35.90 49.65
N TYR TB 102 -47.09 36.76 48.96
CA TYR TB 102 -46.56 38.02 48.45
C TYR TB 102 -47.70 39.04 48.46
N LEU TB 103 -47.63 39.97 49.41
CA LEU TB 103 -48.64 41.03 49.58
C LEU TB 103 -50.04 40.46 49.75
N GLY TB 104 -50.16 39.41 50.55
CA GLY TB 104 -51.44 38.79 50.82
C GLY TB 104 -51.87 37.73 49.82
N GLN TB 105 -51.20 37.64 48.68
CA GLN TB 105 -51.54 36.63 47.68
C GLN TB 105 -50.68 35.40 47.94
N SER TB 106 -51.33 34.26 48.16
CA SER TB 106 -50.61 33.04 48.45
C SER TB 106 -49.92 32.50 47.20
N LEU TB 107 -48.76 31.88 47.40
CA LEU TB 107 -47.97 31.29 46.33
C LEU TB 107 -47.76 29.80 46.59
N PRO TB 108 -47.82 28.96 45.55
CA PRO TB 108 -47.55 27.53 45.73
C PRO TB 108 -46.07 27.19 45.52
N PHE TB 109 -45.20 27.89 46.23
CA PHE TB 109 -43.77 27.68 46.08
C PHE TB 109 -43.20 27.16 47.39
N SER TB 110 -42.82 25.89 47.40
CA SER TB 110 -42.17 25.30 48.56
C SER TB 110 -40.71 25.76 48.64
N ILE TB 111 -40.10 25.54 49.80
CA ILE TB 111 -38.73 25.98 50.03
C ILE TB 111 -37.76 25.20 49.15
N SER TB 112 -37.97 23.88 49.02
CA SER TB 112 -37.12 23.08 48.14
C SER TB 112 -37.32 23.47 46.68
N GLN TB 113 -38.57 23.76 46.28
CA GLN TB 113 -38.83 24.22 44.92
C GLN TB 113 -38.27 25.61 44.69
N LEU TB 114 -38.10 26.39 45.77
CA LEU TB 114 -37.51 27.72 45.66
C LEU TB 114 -36.01 27.63 45.37
N ILE TB 115 -35.37 26.55 45.80
CA ILE TB 115 -33.92 26.43 45.61
C ILE TB 115 -33.58 26.22 44.14
N TRP TB 116 -34.33 25.35 43.45
CA TRP TB 116 -33.94 24.94 42.11
C TRP TB 116 -34.09 26.06 41.10
N ILE TB 117 -35.06 26.95 41.31
CA ILE TB 117 -35.23 28.07 40.39
C ILE TB 117 -34.16 29.13 40.61
N GLU TB 118 -33.52 29.12 41.78
CA GLU TB 118 -32.47 30.09 42.04
C GLU TB 118 -31.24 29.82 41.21
N ALA TB 119 -30.89 28.55 41.04
CA ALA TB 119 -29.69 28.20 40.27
C ALA TB 119 -29.91 28.39 38.77
N ILE TB 120 -31.10 28.03 38.29
CA ILE TB 120 -31.36 28.10 36.85
C ILE TB 120 -31.48 29.55 36.39
N LEU TB 121 -32.25 30.36 37.12
CA LEU TB 121 -32.57 31.71 36.65
C LEU TB 121 -31.40 32.65 36.82
N VAL TB 122 -30.99 32.88 38.07
CA VAL TB 122 -29.89 33.82 38.35
C VAL TB 122 -28.57 33.29 37.81
N GLY TB 123 -28.40 31.96 37.74
CA GLY TB 123 -27.19 31.40 37.17
C GLY TB 123 -26.99 31.77 35.72
N GLY TB 124 -28.03 31.64 34.90
CA GLY TB 124 -27.95 32.08 33.52
C GLY TB 124 -27.85 33.60 33.41
N VAL TB 125 -28.40 34.31 34.39
CA VAL TB 125 -28.25 35.77 34.42
C VAL TB 125 -26.81 36.14 34.72
N GLU TB 126 -26.21 35.49 35.73
CA GLU TB 126 -24.80 35.76 36.07
C GLU TB 126 -23.86 35.27 34.97
N VAL TB 127 -24.25 34.25 34.21
CA VAL TB 127 -23.48 33.85 33.03
C VAL TB 127 -23.47 34.96 31.99
N LEU TB 128 -24.64 35.56 31.74
CA LEU TB 128 -24.70 36.67 30.80
C LEU TB 128 -23.96 37.90 31.34
N ARG TB 129 -23.96 38.08 32.66
CA ARG TB 129 -23.19 39.15 33.27
C ARG TB 129 -21.69 38.94 33.09
N ASN TB 130 -21.22 37.71 33.28
CA ASN TB 130 -19.80 37.39 33.17
C ASN TB 130 -19.36 37.14 31.73
N ASN TB 131 -20.30 37.09 30.78
CA ASN TB 131 -19.93 36.80 29.40
C ASN TB 131 -19.26 38.00 28.72
N GLU TB 132 -19.44 39.20 29.26
CA GLU TB 132 -18.81 40.37 28.67
C GLU TB 132 -17.31 40.35 28.94
N LEU TB 133 -16.52 40.67 27.91
CA LEU TB 133 -15.08 40.48 28.02
C LEU TB 133 -14.38 41.73 28.55
N ASP TB 134 -14.88 42.92 28.23
CA ASP TB 134 -14.27 44.16 28.69
C ASP TB 134 -14.44 44.31 30.21
N LEU TB 135 -13.74 45.27 30.79
CA LEU TB 135 -13.84 45.51 32.23
C LEU TB 135 -14.88 46.58 32.55
N GLU TB 136 -14.80 47.73 31.88
CA GLU TB 136 -15.75 48.80 32.15
C GLU TB 136 -17.14 48.45 31.63
N LYS TB 137 -17.21 47.78 30.47
CA LYS TB 137 -18.52 47.45 29.90
C LYS TB 137 -19.21 46.35 30.69
N ARG TB 138 -18.44 45.39 31.22
CA ARG TB 138 -19.04 44.32 32.02
C ARG TB 138 -19.62 44.86 33.32
N ILE TB 139 -18.88 45.72 34.02
CA ILE TB 139 -19.39 46.32 35.24
C ILE TB 139 -20.52 47.29 34.93
N TYR TB 140 -20.36 48.08 33.85
CA TYR TB 140 -21.28 49.15 33.50
C TYR TB 140 -21.84 48.88 32.11
N PRO TB 141 -22.98 48.19 32.02
CA PRO TB 141 -23.59 47.93 30.71
C PRO TB 141 -24.29 49.17 30.17
N GLY TB 142 -24.59 49.12 28.87
CA GLY TB 142 -25.08 50.27 28.14
C GLY TB 142 -26.56 50.56 28.32
N GLY TB 143 -27.20 50.94 27.20
CA GLY TB 143 -28.57 51.42 27.23
C GLY TB 143 -29.63 50.34 27.41
N ALA TB 144 -29.23 49.05 27.35
CA ALA TB 144 -30.18 47.99 27.61
C ALA TB 144 -30.68 48.03 29.06
N PHE TB 145 -29.82 48.42 29.99
CA PHE TB 145 -30.20 48.66 31.37
C PHE TB 145 -30.31 50.15 31.66
N ASP TB 146 -30.19 51.00 30.65
CA ASP TB 146 -30.19 52.45 30.81
C ASP TB 146 -31.23 53.04 29.87
N PRO TB 147 -32.52 52.99 30.23
CA PRO TB 147 -33.54 53.64 29.39
C PRO TB 147 -33.38 55.14 29.29
N LEU TB 148 -33.20 55.82 30.42
CA LEU TB 148 -33.03 57.26 30.42
C LEU TB 148 -31.74 57.70 29.75
N ASN TB 149 -30.64 56.96 29.95
CA ASN TB 149 -29.31 57.27 29.42
C ASN TB 149 -28.84 58.66 29.83
N LEU TB 150 -29.10 59.05 31.08
CA LEU TB 150 -28.69 60.34 31.60
C LEU TB 150 -27.27 60.32 32.15
N ALA TB 151 -26.59 59.18 32.10
CA ALA TB 151 -25.20 59.08 32.53
C ALA TB 151 -24.41 58.30 31.48
N ASP TB 152 -24.72 58.55 30.21
CA ASP TB 152 -24.03 57.96 29.08
C ASP TB 152 -22.89 58.88 28.63
N GLU TB 153 -22.37 58.63 27.43
CA GLU TB 153 -21.22 59.37 26.90
C GLU TB 153 -21.69 60.66 26.21
N GLU TB 154 -22.16 61.60 27.04
CA GLU TB 154 -22.49 62.94 26.55
C GLU TB 154 -21.94 64.06 27.43
N ASP TB 155 -21.64 63.81 28.69
CA ASP TB 155 -21.13 64.84 29.58
C ASP TB 155 -19.78 64.48 30.20
N GLU TB 156 -19.57 63.22 30.56
CA GLU TB 156 -18.36 62.68 31.17
C GLU TB 156 -18.02 63.32 32.51
N GLU TB 157 -18.90 64.15 33.06
CA GLU TB 157 -18.75 64.73 34.39
C GLU TB 157 -19.87 64.32 35.32
N LYS TB 158 -21.12 64.51 34.91
CA LYS TB 158 -22.26 64.06 35.72
C LYS TB 158 -22.34 62.54 35.74
N SER TB 159 -21.99 61.89 34.63
CA SER TB 159 -21.93 60.43 34.61
C SER TB 159 -20.84 59.92 35.55
N PHE TB 160 -19.72 60.64 35.64
CA PHE TB 160 -18.69 60.27 36.61
C PHE TB 160 -19.13 60.63 38.03
N ARG TB 161 -19.78 61.79 38.20
CA ARG TB 161 -20.21 62.20 39.54
C ARG TB 161 -21.29 61.28 40.08
N LEU TB 162 -22.20 60.83 39.23
CA LEU TB 162 -23.22 59.88 39.66
C LEU TB 162 -22.61 58.50 39.94
N LYS TB 163 -21.57 58.12 39.17
CA LYS TB 163 -20.87 56.87 39.44
C LYS TB 163 -20.15 56.91 40.78
N THR TB 164 -19.61 58.08 41.15
CA THR TB 164 -19.04 58.25 42.49
C THR TB 164 -20.13 58.20 43.54
N ALA TB 165 -21.33 58.67 43.20
CA ALA TB 165 -22.45 58.63 44.15
C ALA TB 165 -22.96 57.21 44.35
N GLU TB 166 -22.93 56.38 43.28
CA GLU TB 166 -23.32 54.99 43.43
C GLU TB 166 -22.37 54.24 44.35
N ILE TB 167 -21.07 54.52 44.22
CA ILE TB 167 -20.11 53.96 45.17
C ILE TB 167 -20.32 54.55 46.55
N LYS TB 168 -20.64 55.84 46.62
CA LYS TB 168 -20.92 56.49 47.90
C LYS TB 168 -22.14 55.89 48.57
N HIS TB 169 -23.27 55.83 47.85
CA HIS TB 169 -24.48 55.25 48.42
C HIS TB 169 -24.32 53.75 48.66
N GLY TB 170 -23.42 53.11 47.90
CA GLY TB 170 -23.09 51.73 48.20
C GLY TB 170 -22.41 51.59 49.56
N ARG TB 171 -21.43 52.44 49.83
CA ARG TB 171 -20.67 52.34 51.07
C ARG TB 171 -21.54 52.63 52.28
N LEU TB 172 -22.53 53.50 52.14
CA LEU TB 172 -23.50 53.67 53.22
C LEU TB 172 -24.44 52.48 53.32
N ALA TB 173 -24.65 51.76 52.21
CA ALA TB 173 -25.59 50.63 52.23
C ALA TB 173 -25.00 49.42 52.93
N MET TB 174 -23.73 49.10 52.67
CA MET TB 174 -23.13 47.95 53.36
C MET TB 174 -22.94 48.25 54.84
N VAL TB 175 -22.71 49.51 55.19
CA VAL TB 175 -22.63 49.92 56.59
C VAL TB 175 -23.97 49.73 57.27
N ALA TB 176 -25.07 50.02 56.55
CA ALA TB 176 -26.41 49.81 57.11
C ALA TB 176 -26.66 48.34 57.43
N PHE TB 177 -26.29 47.45 56.51
CA PHE TB 177 -26.49 46.02 56.72
C PHE TB 177 -25.64 45.51 57.89
N LEU TB 178 -24.43 46.07 58.05
CA LEU TB 178 -23.62 45.76 59.21
C LEU TB 178 -24.30 46.23 60.49
N GLY TB 179 -24.91 47.41 60.45
CA GLY TB 179 -25.69 47.86 61.60
C GLY TB 179 -26.94 47.03 61.81
N PHE TB 180 -27.56 46.56 60.72
CA PHE TB 180 -28.76 45.73 60.85
C PHE TB 180 -28.46 44.38 61.49
N GLY TB 181 -27.37 43.73 61.05
CA GLY TB 181 -27.04 42.43 61.60
C GLY TB 181 -26.60 42.49 63.05
N ILE TB 182 -25.85 43.53 63.42
CA ILE TB 182 -25.35 43.64 64.78
C ILE TB 182 -26.44 43.99 65.78
N GLN TB 183 -27.56 44.57 65.33
CA GLN TB 183 -28.68 44.84 66.22
C GLN TB 183 -29.72 43.73 66.21
N ALA TB 184 -29.79 42.96 65.11
CA ALA TB 184 -30.69 41.81 65.08
C ALA TB 184 -30.22 40.71 66.03
N ALA TB 185 -28.91 40.48 66.10
CA ALA TB 185 -28.38 39.51 67.05
C ALA TB 185 -28.53 39.99 68.49
N ALA TB 186 -28.36 41.29 68.72
CA ALA TB 186 -28.53 41.89 70.03
C ALA TB 186 -30.00 42.31 70.19
N THR TB 187 -30.25 43.15 71.20
CA THR TB 187 -31.59 43.68 71.40
C THR TB 187 -31.97 44.63 70.29
N GLY TB 188 -33.22 44.55 69.83
CA GLY TB 188 -33.73 45.41 68.78
C GLY TB 188 -34.02 44.69 67.49
N GLU TB 189 -35.29 44.40 67.24
CA GLU TB 189 -35.72 43.66 66.06
C GLU TB 189 -36.53 44.57 65.15
N GLY TB 190 -36.52 44.27 63.86
CA GLY TB 190 -37.29 45.04 62.90
C GLY TB 190 -36.53 46.24 62.36
N ALA TB 191 -36.57 46.42 61.04
CA ALA TB 191 -35.94 47.59 60.43
C ALA TB 191 -36.65 48.87 60.87
N LEU TB 192 -37.99 48.86 60.86
CA LEU TB 192 -38.73 50.01 61.35
C LEU TB 192 -38.71 50.09 62.87
N GLY TB 193 -38.54 48.95 63.54
CA GLY TB 193 -38.55 48.92 65.00
C GLY TB 193 -37.29 49.51 65.63
N SER TB 194 -36.18 49.53 64.89
CA SER TB 194 -34.94 50.14 65.39
C SER TB 194 -34.67 51.50 64.78
N LEU TB 195 -35.63 52.08 64.05
CA LEU TB 195 -35.44 53.39 63.44
C LEU TB 195 -35.41 54.48 64.51
N ALA TB 196 -34.41 55.35 64.42
CA ALA TB 196 -34.25 56.44 65.37
C ALA TB 196 -34.26 57.80 64.67
N PRO UB 1 73.63 -54.99 51.13
CA PRO UB 1 73.33 -53.76 50.38
C PRO UB 1 72.67 -52.70 51.25
N ASP UB 2 72.40 -51.52 50.67
CA ASP UB 2 71.80 -50.39 51.37
C ASP UB 2 72.61 -49.99 52.60
N LEU UB 3 73.93 -49.90 52.41
CA LEU UB 3 74.87 -49.56 53.47
C LEU UB 3 74.85 -48.08 53.82
N GLU UB 4 74.12 -47.26 53.06
CA GLU UB 4 74.20 -45.81 53.15
C GLU UB 4 73.45 -45.22 54.33
N LYS UB 5 73.00 -46.03 55.28
CA LYS UB 5 72.38 -45.51 56.49
C LYS UB 5 73.24 -45.72 57.73
N TRP UB 6 74.43 -46.30 57.59
CA TRP UB 6 75.29 -46.58 58.72
C TRP UB 6 76.75 -46.24 58.49
N TYR UB 7 77.16 -45.95 57.25
CA TYR UB 7 78.53 -45.55 56.98
C TYR UB 7 78.51 -44.30 56.11
N GLY UB 8 79.55 -43.48 56.28
CA GLY UB 8 79.64 -42.23 55.57
C GLY UB 8 79.14 -41.08 56.42
N PRO UB 9 78.99 -39.90 55.80
CA PRO UB 9 78.50 -38.75 56.58
C PRO UB 9 77.03 -38.86 56.94
N ASP UB 10 76.18 -39.24 55.99
CA ASP UB 10 74.74 -39.38 56.24
C ASP UB 10 74.47 -40.79 56.75
N ARG UB 11 74.06 -40.88 58.01
CA ARG UB 11 73.74 -42.15 58.64
C ARG UB 11 72.86 -41.85 59.84
N LYS UB 12 72.25 -42.91 60.38
CA LYS UB 12 71.40 -42.76 61.54
C LYS UB 12 72.23 -42.34 62.75
N LEU UB 13 71.68 -41.44 63.57
CA LEU UB 13 72.37 -40.91 64.72
C LEU UB 13 71.55 -41.15 65.99
N PHE UB 14 72.19 -40.92 67.14
CA PHE UB 14 71.54 -41.14 68.43
C PHE UB 14 70.49 -40.07 68.73
N LEU UB 15 70.39 -39.04 67.90
CA LEU UB 15 69.34 -38.05 67.96
C LEU UB 15 68.91 -37.75 66.53
N PRO UB 16 67.66 -37.33 66.32
CA PRO UB 16 67.24 -37.02 64.94
C PRO UB 16 67.87 -35.76 64.38
N GLY UB 17 67.52 -35.42 63.13
CA GLY UB 17 68.16 -34.29 62.47
C GLY UB 17 67.86 -32.96 63.15
N GLY UB 18 66.62 -32.76 63.59
CA GLY UB 18 66.30 -31.54 64.30
C GLY UB 18 66.96 -31.45 65.66
N LEU UB 19 67.05 -32.56 66.37
CA LEU UB 19 67.62 -32.55 67.71
C LEU UB 19 69.13 -32.44 67.72
N LEU UB 20 69.80 -32.88 66.66
CA LEU UB 20 71.26 -32.89 66.61
C LEU UB 20 71.72 -32.45 65.23
N ASP UB 21 72.51 -31.37 65.18
CA ASP UB 21 73.12 -30.95 63.93
C ASP UB 21 74.29 -31.86 63.59
N ARG UB 22 74.59 -31.96 62.30
CA ARG UB 22 75.71 -32.78 61.86
C ARG UB 22 77.06 -32.18 62.23
N ASP UB 23 77.10 -30.90 62.61
CA ASP UB 23 78.34 -30.33 63.13
C ASP UB 23 78.69 -30.87 64.51
N ASP UB 24 77.69 -31.20 65.32
CA ASP UB 24 77.91 -31.68 66.68
C ASP UB 24 78.53 -33.08 66.73
N VAL UB 25 78.59 -33.78 65.60
CA VAL UB 25 79.20 -35.11 65.57
C VAL UB 25 80.70 -34.97 65.78
N PRO UB 26 81.29 -35.71 66.73
CA PRO UB 26 82.75 -35.64 66.92
C PRO UB 26 83.50 -36.14 65.69
N GLU UB 27 84.67 -35.54 65.46
CA GLU UB 27 85.39 -35.74 64.20
C GLU UB 27 85.97 -37.14 64.05
N TYR UB 28 86.07 -37.91 65.13
CA TYR UB 28 86.66 -39.25 65.08
C TYR UB 28 85.64 -40.34 64.79
N LEU UB 29 84.36 -39.98 64.65
CA LEU UB 29 83.29 -40.91 64.33
C LEU UB 29 82.50 -40.31 63.16
N ASN UB 30 82.83 -40.73 61.95
CA ASN UB 30 82.23 -40.19 60.74
C ASN UB 30 81.72 -41.30 59.81
N GLY UB 31 81.07 -42.31 60.38
CA GLY UB 31 80.53 -43.40 59.58
C GLY UB 31 81.56 -44.38 59.09
N GLU UB 32 82.37 -44.91 60.01
CA GLU UB 32 83.37 -45.92 59.67
C GLU UB 32 83.32 -47.15 60.57
N LEU UB 33 82.87 -47.01 61.80
CA LEU UB 33 82.70 -48.14 62.70
C LEU UB 33 81.24 -48.60 62.68
N ALA UB 34 81.03 -49.86 63.05
CA ALA UB 34 79.69 -50.41 63.08
C ALA UB 34 78.88 -49.77 64.20
N GLY UB 35 77.63 -49.43 63.89
CA GLY UB 35 76.78 -48.76 64.86
C GLY UB 35 77.21 -47.36 65.20
N ASP UB 36 77.87 -46.67 64.28
CA ASP UB 36 78.38 -45.32 64.52
C ASP UB 36 77.20 -44.36 64.54
N TYR UB 37 76.78 -43.98 65.73
CA TYR UB 37 75.69 -43.03 65.92
C TYR UB 37 76.18 -41.70 66.47
N GLY UB 38 77.49 -41.53 66.59
CA GLY UB 38 78.10 -40.29 67.08
C GLY UB 38 77.78 -39.96 68.51
N TYR UB 39 77.63 -40.96 69.37
CA TYR UB 39 77.15 -40.80 70.74
C TYR UB 39 78.33 -40.54 71.66
N ASP UB 40 78.62 -39.26 71.91
CA ASP UB 40 79.68 -38.84 72.82
C ASP UB 40 79.21 -37.72 73.73
N PRO UB 41 78.33 -38.01 74.71
CA PRO UB 41 77.99 -36.97 75.69
C PRO UB 41 79.16 -36.58 76.58
N LEU UB 42 80.09 -37.50 76.81
CA LEU UB 42 81.32 -37.22 77.55
C LEU UB 42 82.52 -37.50 76.66
N GLY UB 43 83.61 -36.79 76.93
CA GLY UB 43 84.81 -36.90 76.12
C GLY UB 43 85.69 -38.09 76.45
N LEU UB 44 85.27 -39.28 76.03
CA LEU UB 44 86.06 -40.47 76.27
C LEU UB 44 86.58 -41.09 74.97
N GLY UB 45 85.96 -40.78 73.83
CA GLY UB 45 86.41 -41.29 72.55
C GLY UB 45 87.77 -40.78 72.13
N LYS UB 46 88.13 -39.56 72.52
CA LYS UB 46 89.42 -38.93 72.23
C LYS UB 46 89.70 -38.85 70.73
N ASP UB 47 90.43 -39.83 70.19
CA ASP UB 47 90.70 -39.85 68.77
C ASP UB 47 90.37 -41.22 68.16
N GLU UB 48 90.80 -41.43 66.91
CA GLU UB 48 90.45 -42.66 66.20
C GLU UB 48 91.07 -43.89 66.86
N GLU UB 49 92.30 -43.78 67.34
CA GLU UB 49 92.97 -44.92 67.95
C GLU UB 49 92.32 -45.30 69.28
N GLN UB 50 91.85 -44.30 70.04
CA GLN UB 50 91.24 -44.59 71.34
C GLN UB 50 89.86 -45.23 71.18
N VAL UB 51 89.18 -44.95 70.07
CA VAL UB 51 87.86 -45.53 69.86
C VAL UB 51 87.95 -47.02 69.56
N GLU UB 52 88.89 -47.41 68.68
CA GLU UB 52 88.96 -48.82 68.28
C GLU UB 52 89.41 -49.72 69.42
N LYS UB 53 90.27 -49.22 70.32
CA LYS UB 53 90.67 -50.03 71.46
C LYS UB 53 89.55 -50.16 72.48
N TYR UB 54 88.65 -49.18 72.53
CA TYR UB 54 87.45 -49.32 73.33
C TYR UB 54 86.45 -50.25 72.65
N ARG UB 55 86.43 -50.26 71.32
CA ARG UB 55 85.59 -51.22 70.59
C ARG UB 55 86.08 -52.64 70.83
N ALA UB 56 87.39 -52.80 71.08
CA ALA UB 56 87.92 -54.11 71.47
C ALA UB 56 87.24 -54.61 72.73
N ASN UB 57 87.03 -53.71 73.69
CA ASN UB 57 86.26 -54.09 74.86
C ASN UB 57 84.76 -54.08 74.57
N GLU UB 58 84.31 -53.16 73.71
CA GLU UB 58 82.89 -53.07 73.40
C GLU UB 58 82.39 -54.30 72.64
N LEU UB 59 83.24 -54.89 71.80
CA LEU UB 59 82.82 -56.07 71.07
C LEU UB 59 82.80 -57.31 71.96
N LEU UB 60 83.79 -57.45 72.86
CA LEU UB 60 83.78 -58.57 73.80
C LEU UB 60 82.61 -58.46 74.77
N HIS UB 61 82.30 -57.25 75.23
CA HIS UB 61 81.14 -57.09 76.11
C HIS UB 61 79.84 -57.42 75.40
N ALA UB 62 79.82 -57.34 74.07
CA ALA UB 62 78.61 -57.70 73.33
C ALA UB 62 78.38 -59.21 73.35
N ARG UB 63 79.43 -59.99 73.07
CA ARG UB 63 79.25 -61.42 72.88
C ARG UB 63 79.05 -62.16 74.21
N TRP UB 64 79.80 -61.78 75.25
CA TRP UB 64 79.52 -62.29 76.60
C TRP UB 64 78.10 -61.95 77.04
N ALA UB 65 77.63 -60.75 76.73
CA ALA UB 65 76.27 -60.38 77.15
C ALA UB 65 75.22 -61.07 76.30
N MET UB 66 75.54 -61.44 75.06
CA MET UB 66 74.57 -62.16 74.25
C MET UB 66 74.33 -63.56 74.82
N LEU UB 67 75.40 -64.27 75.17
CA LEU UB 67 75.24 -65.53 75.88
C LEU UB 67 74.63 -65.33 77.25
N ALA UB 68 74.91 -64.20 77.89
CA ALA UB 68 74.36 -63.95 79.22
C ALA UB 68 72.86 -63.68 79.15
N ALA UB 69 72.41 -62.91 78.15
CA ALA UB 69 71.00 -62.60 78.04
C ALA UB 69 70.16 -63.85 77.78
N ALA UB 70 70.62 -64.72 76.88
CA ALA UB 70 69.91 -65.97 76.65
C ALA UB 70 70.14 -66.96 77.79
N GLY UB 71 71.35 -66.97 78.35
CA GLY UB 71 71.69 -67.89 79.42
C GLY UB 71 71.01 -67.61 80.74
N ILE UB 72 70.34 -66.46 80.87
CA ILE UB 72 69.62 -66.14 82.09
C ILE UB 72 68.14 -66.46 81.97
N ILE UB 73 67.52 -66.06 80.87
CA ILE UB 73 66.07 -66.19 80.72
C ILE UB 73 65.63 -67.61 80.39
N ILE UB 74 66.51 -68.43 79.83
CA ILE UB 74 66.13 -69.78 79.40
C ILE UB 74 66.08 -70.77 80.57
N PRO UB 75 67.12 -70.91 81.42
CA PRO UB 75 66.97 -71.86 82.55
C PRO UB 75 65.89 -71.47 83.53
N GLU UB 76 65.65 -70.17 83.73
CA GLU UB 76 64.58 -69.75 84.63
C GLU UB 76 63.21 -69.99 83.99
N GLY UB 77 63.10 -69.82 82.67
CA GLY UB 77 61.84 -70.08 81.99
C GLY UB 77 61.47 -71.54 81.99
N LEU UB 78 62.46 -72.42 81.75
CA LEU UB 78 62.19 -73.85 81.73
C LEU UB 78 61.81 -74.37 83.11
N GLN UB 79 62.48 -73.87 84.16
CA GLN UB 79 62.21 -74.32 85.51
C GLN UB 79 60.79 -73.93 85.94
N ALA UB 80 60.29 -72.82 85.41
CA ALA UB 80 58.97 -72.34 85.81
C ALA UB 80 57.83 -73.12 85.15
N ASN UB 81 58.12 -73.94 84.14
CA ASN UB 81 57.06 -74.64 83.44
C ASN UB 81 57.14 -76.15 83.56
N GLY UB 82 58.19 -76.71 84.14
CA GLY UB 82 58.21 -78.14 84.35
C GLY UB 82 59.53 -78.84 84.12
N ALA UB 83 60.56 -78.12 83.68
CA ALA UB 83 61.85 -78.74 83.47
C ALA UB 83 62.59 -78.92 84.80
N ASP UB 84 63.24 -80.06 84.95
CA ASP UB 84 63.96 -80.39 86.18
C ASP UB 84 65.34 -79.74 86.12
N ILE UB 85 65.43 -78.50 86.62
CA ILE UB 85 66.66 -77.73 86.57
C ILE UB 85 67.28 -77.55 87.95
N LYS UB 86 66.45 -77.40 88.98
CA LYS UB 86 66.82 -77.12 90.38
C LYS UB 86 67.90 -76.03 90.47
N GLY UB 87 67.49 -74.84 90.06
CA GLY UB 87 68.43 -73.73 90.01
C GLY UB 87 68.46 -73.02 88.68
N GLY UB 88 67.33 -73.05 87.96
CA GLY UB 88 67.21 -72.30 86.73
C GLY UB 88 67.27 -70.80 86.91
N THR UB 89 66.95 -70.32 88.10
CA THR UB 89 67.05 -68.90 88.40
C THR UB 89 68.52 -68.47 88.33
N TRP UB 90 68.77 -67.31 87.71
CA TRP UB 90 70.14 -66.95 87.39
C TRP UB 90 70.92 -66.47 88.61
N PHE UB 91 70.29 -65.74 89.52
CA PHE UB 91 71.05 -65.12 90.60
C PHE UB 91 71.19 -66.01 91.83
N GLU UB 92 70.60 -67.21 91.82
CA GLU UB 92 70.80 -68.14 92.93
C GLU UB 92 71.20 -69.52 92.43
N THR UB 93 71.74 -69.62 91.22
CA THR UB 93 72.25 -70.90 90.74
C THR UB 93 73.58 -71.26 91.40
N GLY UB 94 74.34 -70.26 91.84
CA GLY UB 94 75.63 -70.54 92.47
C GLY UB 94 75.54 -70.98 93.91
N ALA UB 95 74.51 -70.52 94.63
CA ALA UB 95 74.35 -70.90 96.02
C ALA UB 95 73.79 -72.31 96.20
N GLU UB 96 73.18 -72.89 95.17
CA GLU UB 96 72.60 -74.22 95.29
C GLU UB 96 73.70 -75.27 95.39
N MET UB 97 74.69 -75.19 94.51
CA MET UB 97 75.80 -76.15 94.56
C MET UB 97 76.94 -75.56 95.38
N LEU UB 98 76.84 -75.75 96.70
CA LEU UB 98 77.85 -75.24 97.63
C LEU UB 98 78.50 -76.36 98.42
N ASN UB 99 77.75 -77.42 98.72
CA ASN UB 99 78.23 -78.51 99.58
C ASN UB 99 78.18 -79.87 98.91
N GLY UB 100 78.30 -79.93 97.58
CA GLY UB 100 78.27 -81.19 96.86
C GLY UB 100 77.01 -81.45 96.08
N GLY UB 101 75.97 -80.63 96.24
CA GLY UB 101 74.73 -80.79 95.50
C GLY UB 101 74.82 -80.22 94.10
N THR UB 102 75.41 -81.00 93.19
CA THR UB 102 75.67 -80.53 91.84
C THR UB 102 74.38 -80.26 91.08
N LEU UB 103 74.48 -79.37 90.09
CA LEU UB 103 73.34 -78.95 89.29
C LEU UB 103 72.85 -80.09 88.39
N ASN UB 104 71.70 -79.87 87.76
CA ASN UB 104 71.17 -80.77 86.75
C ASN UB 104 71.10 -80.01 85.42
N TYR UB 105 71.67 -80.60 84.38
CA TYR UB 105 71.76 -79.96 83.07
C TYR UB 105 70.66 -80.51 82.17
N PHE UB 106 70.07 -79.64 81.37
CA PHE UB 106 68.96 -79.98 80.49
C PHE UB 106 69.46 -79.88 79.05
N ALA UB 107 70.05 -80.97 78.56
CA ALA UB 107 70.58 -81.05 77.21
C ALA UB 107 69.42 -81.29 76.25
N VAL UB 108 68.67 -80.22 75.98
CA VAL UB 108 67.43 -80.33 75.21
C VAL UB 108 67.77 -80.74 73.78
N PRO UB 109 66.88 -81.46 73.08
CA PRO UB 109 65.60 -81.96 73.57
C PRO UB 109 65.73 -83.30 74.30
N PHE UB 110 66.95 -83.78 74.47
CA PHE UB 110 67.20 -85.10 75.04
C PHE UB 110 67.87 -85.03 76.40
N GLY UB 111 67.50 -84.06 77.23
CA GLY UB 111 68.25 -83.77 78.43
C GLY UB 111 67.80 -84.40 79.74
N VAL UB 112 67.76 -83.57 80.79
CA VAL UB 112 67.52 -83.96 82.18
C VAL UB 112 68.58 -84.99 82.56
N VAL UB 113 69.81 -84.50 82.82
CA VAL UB 113 70.94 -85.34 83.18
C VAL UB 113 71.64 -84.71 84.39
N GLN UB 114 72.44 -85.51 85.09
CA GLN UB 114 73.16 -85.06 86.26
C GLN UB 114 74.63 -84.76 85.91
N ASN UB 115 75.26 -83.96 86.77
CA ASN UB 115 76.63 -83.51 86.54
C ASN UB 115 77.55 -84.06 87.62
N PRO UB 116 78.47 -84.98 87.30
CA PRO UB 116 79.34 -85.58 88.33
C PRO UB 116 80.66 -84.83 88.51
N LEU UB 117 80.60 -83.62 89.08
CA LEU UB 117 81.80 -82.84 89.34
C LEU UB 117 81.54 -81.80 90.41
N PRO UB 118 82.48 -81.55 91.31
CA PRO UB 118 82.29 -80.56 92.37
C PRO UB 118 82.79 -79.18 91.95
N LEU UB 119 82.58 -78.20 92.84
CA LEU UB 119 82.94 -76.82 92.57
C LEU UB 119 84.45 -76.65 92.41
N ALA UB 120 85.23 -77.40 93.17
CA ALA UB 120 86.69 -77.32 93.07
C ALA UB 120 87.15 -77.77 91.70
N ALA UB 121 86.50 -78.78 91.14
CA ALA UB 121 86.82 -79.19 89.77
C ALA UB 121 86.21 -78.24 88.75
N VAL UB 122 85.09 -77.59 89.11
CA VAL UB 122 84.41 -76.69 88.17
C VAL UB 122 85.29 -75.46 87.89
N THR UB 123 85.79 -74.82 88.94
CA THR UB 123 86.56 -73.60 88.74
C THR UB 123 88.00 -73.89 88.32
N LEU UB 124 88.47 -75.12 88.54
CA LEU UB 124 89.83 -75.47 88.13
C LEU UB 124 89.95 -75.58 86.62
N ILE UB 125 89.04 -76.34 85.99
CA ILE UB 125 89.10 -76.54 84.55
C ILE UB 125 88.70 -75.27 83.82
N GLU UB 126 87.82 -74.47 84.43
CA GLU UB 126 87.32 -73.27 83.78
C GLU UB 126 88.43 -72.24 83.56
N ILE UB 127 89.33 -72.09 84.51
CA ILE UB 127 90.36 -71.04 84.41
C ILE UB 127 91.50 -71.49 83.51
N VAL UB 128 91.72 -72.80 83.39
CA VAL UB 128 92.84 -73.29 82.57
C VAL UB 128 92.51 -73.37 81.10
N LEU UB 129 91.23 -73.29 80.72
CA LEU UB 129 90.89 -73.27 79.30
C LEU UB 129 90.52 -71.87 78.83
N LEU UB 130 89.80 -71.11 79.67
CA LEU UB 130 89.48 -69.74 79.32
C LEU UB 130 90.72 -68.86 79.34
N GLY UB 131 91.61 -69.08 80.30
CA GLY UB 131 92.91 -68.45 80.25
C GLY UB 131 93.69 -68.89 79.02
N ALA UB 132 93.52 -70.15 78.62
CA ALA UB 132 94.12 -70.62 77.37
C ALA UB 132 93.44 -69.96 76.18
N VAL UB 133 92.13 -69.75 76.23
CA VAL UB 133 91.43 -69.09 75.13
C VAL UB 133 91.83 -67.62 75.06
N GLU UB 134 91.88 -66.95 76.21
CA GLU UB 134 92.25 -65.54 76.24
C GLU UB 134 93.71 -65.32 75.87
N LYS UB 135 94.61 -66.24 76.25
CA LYS UB 135 96.00 -66.13 75.83
C LYS UB 135 96.14 -66.43 74.34
N PHE UB 136 95.19 -67.16 73.76
CA PHE UB 136 95.18 -67.36 72.32
C PHE UB 136 94.67 -66.11 71.61
N ARG UB 137 93.67 -65.45 72.19
CA ARG UB 137 93.12 -64.24 71.57
C ARG UB 137 94.13 -63.09 71.57
N VAL UB 138 94.87 -62.94 72.67
CA VAL UB 138 95.84 -61.83 72.76
C VAL UB 138 97.14 -62.12 72.02
N ASP UB 139 97.36 -63.36 71.57
CA ASP UB 139 98.58 -63.71 70.85
C ASP UB 139 98.34 -64.03 69.39
N GLY UB 140 97.12 -64.41 69.01
CA GLY UB 140 96.83 -64.75 67.63
C GLY UB 140 97.51 -66.02 67.14
N THR UB 141 97.64 -67.03 68.00
CA THR UB 141 98.25 -68.28 67.60
C THR UB 141 97.61 -69.44 68.34
N GLY UB 142 97.05 -70.38 67.58
CA GLY UB 142 96.49 -71.59 68.12
C GLY UB 142 97.26 -72.79 67.61
N PRO UB 143 97.43 -73.82 68.46
CA PRO UB 143 98.32 -74.94 68.10
C PRO UB 143 97.88 -75.76 66.89
N ALA UB 144 96.69 -76.35 66.97
CA ALA UB 144 96.14 -77.20 65.91
C ALA UB 144 94.69 -77.53 66.21
N GLY UB 145 93.86 -77.63 65.18
CA GLY UB 145 92.46 -77.90 65.42
C GLY UB 145 91.72 -78.14 64.12
N PHE UB 146 90.43 -78.43 64.26
CA PHE UB 146 89.56 -78.78 63.16
C PHE UB 146 88.40 -77.78 63.10
N SER UB 147 87.95 -77.48 61.88
CA SER UB 147 86.81 -76.61 61.69
C SER UB 147 85.91 -77.24 60.64
N PRO UB 148 84.59 -77.00 60.72
CA PRO UB 148 83.72 -77.49 59.65
C PRO UB 148 83.95 -76.81 58.32
N GLY UB 149 84.15 -75.48 58.33
CA GLY UB 149 84.37 -74.78 57.08
C GLY UB 149 85.66 -75.17 56.40
N VAL UB 150 86.75 -75.25 57.15
CA VAL UB 150 88.05 -75.69 56.65
C VAL UB 150 88.53 -76.88 57.50
N GLY UB 151 88.76 -78.02 56.85
CA GLY UB 151 89.09 -79.23 57.56
C GLY UB 151 90.51 -79.31 58.08
N LYS UB 152 90.63 -79.41 59.41
CA LYS UB 152 91.92 -79.55 60.10
C LYS UB 152 92.88 -78.40 59.75
N PHE UB 153 92.48 -77.18 60.13
CA PHE UB 153 93.29 -76.02 59.86
C PHE UB 153 94.57 -76.07 60.70
N ASP UB 154 95.66 -75.56 60.13
CA ASP UB 154 96.95 -75.60 60.80
C ASP UB 154 97.08 -74.42 61.77
N SER UB 155 98.26 -74.31 62.38
CA SER UB 155 98.52 -73.21 63.31
C SER UB 155 98.59 -71.87 62.58
N ASP UB 156 99.10 -71.86 61.36
CA ASP UB 156 99.32 -70.62 60.62
C ASP UB 156 98.07 -70.17 59.86
N ILE UB 157 96.96 -70.08 60.58
CA ILE UB 157 95.74 -69.52 60.02
C ILE UB 157 95.25 -68.30 60.80
N PHE UB 158 95.67 -68.12 62.05
CA PHE UB 158 95.34 -66.93 62.82
C PHE UB 158 96.30 -65.77 62.55
N ASP UB 159 97.49 -66.07 62.03
CA ASP UB 159 98.44 -65.01 61.69
C ASP UB 159 97.99 -64.32 60.40
N GLY UB 160 98.01 -62.99 60.42
CA GLY UB 160 97.56 -62.21 59.28
C GLY UB 160 96.07 -61.95 59.24
N LEU UB 161 95.31 -62.53 60.16
CA LEU UB 161 93.88 -62.29 60.20
C LEU UB 161 93.58 -60.91 60.78
N ASP UB 162 92.39 -60.39 60.49
CA ASP UB 162 91.95 -59.13 61.04
C ASP UB 162 91.71 -59.28 62.54
N LYS UB 163 92.18 -58.30 63.32
CA LYS UB 163 91.98 -58.32 64.75
C LYS UB 163 90.50 -58.15 65.07
N LEU UB 164 90.03 -58.92 66.07
CA LEU UB 164 88.66 -58.97 66.59
C LEU UB 164 87.68 -59.65 65.65
N TYR UB 165 88.10 -59.95 64.42
CA TYR UB 165 87.21 -60.52 63.41
C TYR UB 165 87.97 -61.60 62.63
N PRO UB 166 88.28 -62.73 63.28
CA PRO UB 166 89.07 -63.78 62.61
C PRO UB 166 88.19 -64.71 61.79
N GLY UB 167 88.27 -64.58 60.46
CA GLY UB 167 87.55 -65.48 59.59
C GLY UB 167 88.24 -66.82 59.42
N GLY UB 168 87.50 -67.78 58.90
CA GLY UB 168 88.04 -69.10 58.65
C GLY UB 168 87.53 -70.15 59.62
N PRO UB 169 88.38 -70.55 60.57
CA PRO UB 169 87.96 -71.55 61.57
C PRO UB 169 86.79 -71.11 62.43
N PHE UB 170 86.70 -69.82 62.72
CA PHE UB 170 85.57 -69.27 63.44
C PHE UB 170 84.38 -69.00 62.55
N ASP UB 171 84.50 -69.25 61.25
CA ASP UB 171 83.42 -69.06 60.28
C ASP UB 171 83.19 -70.35 59.51
N PRO UB 172 82.59 -71.37 60.13
CA PRO UB 172 82.30 -72.60 59.39
C PRO UB 172 81.15 -72.46 58.43
N LEU UB 173 80.22 -71.53 58.69
CA LEU UB 173 79.06 -71.35 57.84
C LEU UB 173 79.19 -70.16 56.89
N ASN UB 174 80.37 -69.53 56.85
CA ASN UB 174 80.69 -68.42 55.96
C ASN UB 174 79.75 -67.24 56.14
N LEU UB 175 78.90 -67.00 55.13
CA LEU UB 175 77.98 -65.87 55.01
C LEU UB 175 78.60 -64.52 55.40
N ALA UB 176 79.90 -64.36 55.10
CA ALA UB 176 80.60 -63.12 55.39
C ALA UB 176 81.56 -62.74 54.28
N ASP UB 177 81.60 -63.51 53.18
CA ASP UB 177 82.53 -63.22 52.10
C ASP UB 177 82.15 -61.93 51.37
N ASP UB 178 80.87 -61.69 51.21
CA ASP UB 178 80.38 -60.45 50.62
C ASP UB 178 80.48 -59.34 51.66
N PRO UB 179 81.25 -58.28 51.42
CA PRO UB 179 81.46 -57.28 52.47
C PRO UB 179 80.24 -56.45 52.80
N GLU UB 180 79.32 -56.23 51.85
CA GLU UB 180 78.17 -55.38 52.12
C GLU UB 180 77.17 -56.07 53.05
N VAL UB 181 77.14 -57.41 53.02
CA VAL UB 181 76.35 -58.11 54.03
C VAL UB 181 77.20 -58.39 55.25
N PHE UB 182 78.53 -58.42 55.10
CA PHE UB 182 79.41 -58.57 56.25
C PHE UB 182 79.41 -57.31 57.11
N ALA UB 183 79.27 -56.15 56.48
CA ALA UB 183 79.28 -54.90 57.21
C ALA UB 183 78.01 -54.69 58.02
N GLU UB 184 76.85 -54.97 57.44
CA GLU UB 184 75.61 -54.75 58.17
C GLU UB 184 75.36 -55.84 59.20
N LEU UB 185 75.84 -57.06 58.96
CA LEU UB 185 75.79 -58.08 60.00
C LEU UB 185 76.72 -57.71 61.16
N GLN UB 186 77.82 -57.00 60.86
CA GLN UB 186 78.62 -56.42 61.93
C GLN UB 186 77.82 -55.38 62.70
N VAL UB 187 77.02 -54.58 61.99
CA VAL UB 187 76.14 -53.62 62.64
C VAL UB 187 75.03 -54.34 63.38
N LYS UB 188 74.54 -55.44 62.81
CA LYS UB 188 73.57 -56.28 63.52
C LYS UB 188 74.16 -56.83 64.82
N GLU UB 189 75.46 -57.10 64.82
CA GLU UB 189 76.10 -57.63 66.02
C GLU UB 189 76.23 -56.58 67.11
N ILE UB 190 76.64 -55.36 66.75
CA ILE UB 190 76.74 -54.31 67.75
C ILE UB 190 75.34 -53.87 68.19
N LYS UB 191 74.35 -53.93 67.30
CA LYS UB 191 72.99 -53.59 67.69
C LYS UB 191 72.38 -54.65 68.58
N ASN UB 192 72.55 -55.93 68.22
CA ASN UB 192 72.11 -57.00 69.11
C ASN UB 192 72.96 -57.03 70.37
N GLY UB 193 74.24 -56.66 70.24
CA GLY UB 193 75.12 -56.64 71.40
C GLY UB 193 74.76 -55.55 72.38
N ARG UB 194 74.53 -54.33 71.89
CA ARG UB 194 74.17 -53.23 72.77
C ARG UB 194 72.89 -53.55 73.53
N LEU UB 195 71.95 -54.23 72.88
CA LEU UB 195 70.77 -54.73 73.59
C LEU UB 195 71.14 -55.77 74.63
N ALA UB 196 72.19 -56.56 74.35
CA ALA UB 196 72.53 -57.65 75.26
C ALA UB 196 73.10 -57.14 76.58
N MET UB 197 73.99 -56.14 76.55
CA MET UB 197 74.50 -55.60 77.81
C MET UB 197 73.40 -54.86 78.58
N ILE UB 198 72.47 -54.21 77.88
CA ILE UB 198 71.38 -53.53 78.54
C ILE UB 198 70.46 -54.54 79.22
N ALA UB 199 70.22 -55.68 78.55
CA ALA UB 199 69.33 -56.70 79.11
C ALA UB 199 69.87 -57.27 80.41
N VAL UB 200 71.17 -57.57 80.48
CA VAL UB 200 71.70 -58.30 81.63
C VAL UB 200 71.73 -57.41 82.87
N LEU UB 201 72.01 -56.11 82.71
CA LEU UB 201 71.95 -55.22 83.86
C LEU UB 201 70.51 -54.95 84.26
N ALA UB 202 69.61 -54.98 83.27
CA ALA UB 202 68.18 -55.01 83.60
C ALA UB 202 67.83 -56.33 84.26
N PHE UB 203 68.48 -57.42 83.87
CA PHE UB 203 68.33 -58.68 84.60
C PHE UB 203 68.90 -58.57 86.00
N ALA UB 204 69.91 -57.71 86.16
CA ALA UB 204 70.63 -57.63 87.43
C ALA UB 204 69.81 -56.92 88.50
N ILE UB 205 69.42 -55.68 88.25
CA ILE UB 205 68.81 -54.89 89.30
C ILE UB 205 67.37 -55.34 89.55
N GLN UB 206 66.70 -55.87 88.53
CA GLN UB 206 65.35 -56.39 88.73
C GLN UB 206 65.37 -57.58 89.66
N SER UB 207 66.46 -58.35 89.65
CA SER UB 207 66.64 -59.42 90.62
C SER UB 207 66.82 -58.86 92.02
N TYR UB 208 67.41 -57.68 92.14
CA TYR UB 208 67.70 -57.11 93.45
C TYR UB 208 66.45 -56.52 94.09
N VAL UB 209 65.72 -55.68 93.35
CA VAL UB 209 64.56 -55.01 93.93
C VAL UB 209 63.42 -56.01 94.16
N THR UB 210 63.19 -56.92 93.21
CA THR UB 210 62.06 -57.84 93.29
C THR UB 210 62.38 -59.12 94.03
N GLY UB 211 63.65 -59.52 94.10
CA GLY UB 211 63.99 -60.80 94.69
C GLY UB 211 63.73 -61.98 93.80
N GLU UB 212 63.39 -61.76 92.52
CA GLU UB 212 63.07 -62.83 91.59
C GLU UB 212 63.70 -62.54 90.25
N GLY UB 213 63.89 -63.58 89.46
CA GLY UB 213 64.51 -63.48 88.16
C GLY UB 213 63.64 -62.76 87.14
N PRO UB 214 64.23 -62.39 86.01
CA PRO UB 214 63.47 -61.67 84.98
C PRO UB 214 62.32 -62.46 84.38
N TYR UB 215 62.42 -63.79 84.31
CA TYR UB 215 61.31 -64.57 83.78
C TYR UB 215 60.11 -64.50 84.71
N ALA UB 216 60.36 -64.47 86.03
CA ALA UB 216 59.29 -64.21 86.98
C ALA UB 216 58.77 -62.78 86.83
N ASN UB 217 59.63 -61.87 86.40
CA ASN UB 217 59.21 -60.49 86.20
C ASN UB 217 58.33 -60.35 84.96
N ILE UB 218 58.73 -60.97 83.84
CA ILE UB 218 57.97 -60.82 82.60
C ILE UB 218 56.63 -61.56 82.69
N THR UB 219 56.62 -62.73 83.33
CA THR UB 219 55.38 -63.50 83.41
C THR UB 219 54.36 -62.82 84.32
N LYS UB 220 54.81 -62.35 85.48
CA LYS UB 220 53.90 -61.69 86.40
C LYS UB 220 53.56 -60.27 85.96
N HIS UB 221 54.35 -59.71 85.03
CA HIS UB 221 53.95 -58.44 84.44
C HIS UB 221 52.80 -58.64 83.46
N LEU UB 222 52.89 -59.67 82.61
CA LEU UB 222 51.81 -59.94 81.68
C LEU UB 222 50.61 -60.58 82.36
N SER UB 223 50.79 -61.14 83.56
CA SER UB 223 49.65 -61.64 84.32
C SER UB 223 48.81 -60.47 84.83
N ASP UB 224 49.45 -59.39 85.24
CA ASP UB 224 48.78 -58.22 85.78
C ASP UB 224 49.67 -56.99 85.56
N PRO UB 225 49.46 -56.24 84.48
CA PRO UB 225 50.33 -55.09 84.19
C PRO UB 225 50.21 -53.95 85.18
N PHE UB 226 48.98 -53.51 85.47
CA PHE UB 226 48.81 -52.45 86.45
C PHE UB 226 49.01 -52.95 87.88
N GLY UB 227 48.69 -54.22 88.13
CA GLY UB 227 48.84 -54.80 89.44
C GLY UB 227 50.19 -55.41 89.74
N TYR UB 228 51.13 -55.36 88.80
CA TYR UB 228 52.47 -55.88 89.01
C TYR UB 228 53.42 -55.15 88.07
N ASN UB 229 54.24 -54.26 88.63
CA ASN UB 229 55.21 -53.48 87.87
C ASN UB 229 56.26 -52.96 88.85
N LEU UB 230 57.06 -51.99 88.39
CA LEU UB 230 58.03 -51.36 89.28
C LEU UB 230 57.36 -50.65 90.45
N LEU UB 231 56.27 -49.93 90.17
CA LEU UB 231 55.58 -49.21 91.23
C LEU UB 231 54.88 -50.15 92.20
N THR UB 232 54.53 -51.36 91.77
CA THR UB 232 53.86 -52.31 92.66
C THR UB 232 54.81 -52.84 93.74
N VAL UB 233 56.01 -53.26 93.34
CA VAL UB 233 56.97 -53.79 94.30
C VAL UB 233 57.62 -52.69 95.12
N LEU UB 234 57.74 -51.48 94.56
CA LEU UB 234 58.19 -50.33 95.35
C LEU UB 234 57.17 -49.96 96.41
N GLN UB 235 55.89 -50.19 96.12
CA GLN UB 235 54.84 -49.89 97.09
C GLN UB 235 54.89 -50.84 98.28
N GLY UB 236 55.48 -52.02 98.10
CA GLY UB 236 55.66 -52.95 99.19
C GLY UB 236 54.50 -53.89 99.41
N ASP UB 237 53.41 -53.37 99.98
CA ASP UB 237 52.24 -54.19 100.29
C ASP UB 237 51.01 -53.30 100.20
N ASP UB 238 50.13 -53.59 99.24
CA ASP UB 238 48.85 -52.93 98.96
C ASP UB 238 48.98 -51.40 98.90
N ARG UB 239 47.86 -50.69 99.06
CA ARG UB 239 47.86 -49.23 99.05
C ARG UB 239 46.55 -48.76 99.63
N VAL UB 240 46.60 -47.67 100.40
CA VAL UB 240 45.39 -47.12 101.00
C VAL UB 240 44.58 -46.41 99.91
N PRO UB 241 43.32 -46.78 99.72
CA PRO UB 241 42.51 -46.17 98.66
C PRO UB 241 42.00 -44.80 99.10
N THR UB 242 41.54 -44.03 98.11
CA THR UB 242 41.18 -42.64 98.29
C THR UB 242 39.65 -42.46 98.41
N LEU UB 243 38.91 -43.56 98.53
CA LEU UB 243 37.44 -43.50 98.57
C LEU UB 243 36.95 -42.82 99.85
N SER VB 1 47.08 -57.25 32.59
CA SER VB 1 48.30 -57.46 33.36
C SER VB 1 49.20 -58.50 32.70
N ALA VB 2 49.02 -58.66 31.39
CA ALA VB 2 49.82 -59.55 30.54
C ALA VB 2 49.73 -61.01 31.02
N TRP VB 3 48.53 -61.57 30.87
CA TRP VB 3 48.29 -62.96 31.24
C TRP VB 3 49.02 -63.97 30.37
N TYR VB 4 49.46 -63.56 29.17
CA TYR VB 4 50.18 -64.44 28.26
C TYR VB 4 51.62 -63.98 28.16
N GLY VB 5 52.37 -64.67 27.28
CA GLY VB 5 53.74 -64.32 27.03
C GLY VB 5 54.65 -64.73 28.17
N PRO VB 6 55.88 -64.19 28.18
CA PRO VB 6 56.82 -64.53 29.25
C PRO VB 6 56.82 -63.60 30.47
N ASP VB 7 55.88 -62.67 30.61
CA ASP VB 7 55.63 -61.97 31.86
C ASP VB 7 54.33 -62.40 32.51
N ARG VB 8 53.85 -63.59 32.18
CA ARG VB 8 52.59 -64.09 32.71
C ARG VB 8 52.72 -64.37 34.21
N PRO VB 9 51.62 -64.29 34.95
CA PRO VB 9 51.66 -64.69 36.37
C PRO VB 9 51.96 -66.17 36.50
N LEU VB 10 52.69 -66.51 37.56
CA LEU VB 10 53.19 -67.86 37.74
C LEU VB 10 52.60 -68.49 39.01
N PHE VB 11 52.84 -69.79 39.17
CA PHE VB 11 52.19 -70.57 40.20
C PHE VB 11 52.87 -70.49 41.57
N LEU VB 12 53.86 -69.60 41.75
CA LEU VB 12 54.45 -69.43 43.08
C LEU VB 12 54.76 -67.97 43.38
N GLY VB 13 54.22 -67.03 42.61
CA GLY VB 13 54.53 -65.62 42.83
C GLY VB 13 55.98 -65.34 42.47
N SER VB 14 56.65 -64.61 43.36
CA SER VB 14 58.07 -64.31 43.16
C SER VB 14 58.96 -65.53 43.34
N LEU VB 15 58.48 -66.56 44.04
CA LEU VB 15 59.26 -67.76 44.31
C LEU VB 15 59.03 -68.83 43.24
N SER VB 16 58.71 -68.43 42.02
CA SER VB 16 58.40 -69.40 40.97
C SER VB 16 59.65 -69.88 40.25
N GLY VB 17 60.61 -68.99 40.01
CA GLY VB 17 61.78 -69.37 39.25
C GLY VB 17 61.49 -69.42 37.76
N GLU VB 18 62.33 -70.17 37.05
CA GLU VB 18 62.21 -70.27 35.60
C GLU VB 18 61.15 -71.32 35.24
N PRO VB 19 60.12 -70.96 34.47
CA PRO VB 19 59.14 -71.95 34.02
C PRO VB 19 59.75 -72.93 33.04
N PRO VB 20 59.13 -74.09 32.82
CA PRO VB 20 59.67 -75.05 31.86
C PRO VB 20 59.69 -74.51 30.44
N SER VB 21 60.64 -75.02 29.65
CA SER VB 21 60.92 -74.47 28.33
C SER VB 21 59.80 -74.73 27.32
N TYR VB 22 59.04 -75.81 27.49
CA TYR VB 22 58.01 -76.13 26.52
C TYR VB 22 56.72 -75.35 26.74
N LEU VB 23 56.50 -74.87 27.97
CA LEU VB 23 55.26 -74.21 28.38
C LEU VB 23 55.53 -72.71 28.41
N THR VB 24 55.40 -72.08 27.24
CA THR VB 24 55.86 -70.71 27.04
C THR VB 24 54.80 -69.62 27.26
N GLY VB 25 53.57 -69.95 27.62
CA GLY VB 25 52.58 -68.91 27.82
C GLY VB 25 51.74 -68.55 26.62
N GLU VB 26 51.71 -69.41 25.60
CA GLU VB 26 50.83 -69.21 24.46
C GLU VB 26 49.42 -69.73 24.74
N PHE VB 27 49.26 -70.54 25.79
CA PHE VB 27 47.95 -71.13 26.04
C PHE VB 27 47.36 -70.63 27.34
N PRO VB 28 46.02 -70.60 27.44
CA PRO VB 28 45.37 -70.12 28.66
C PRO VB 28 45.67 -71.02 29.86
N GLY VB 29 45.68 -70.39 31.02
CA GLY VB 29 45.97 -71.10 32.25
C GLY VB 29 47.43 -71.37 32.49
N ASP VB 30 48.33 -70.74 31.73
CA ASP VB 30 49.76 -70.95 31.93
C ASP VB 30 50.22 -70.20 33.17
N TYR VB 31 50.40 -70.94 34.26
CA TYR VB 31 51.07 -70.41 35.44
C TYR VB 31 52.42 -71.09 35.66
N GLY VB 32 52.88 -71.84 34.66
CA GLY VB 32 54.15 -72.52 34.74
C GLY VB 32 54.19 -73.69 35.69
N TRP VB 33 53.05 -74.33 35.95
CA TRP VB 33 52.96 -75.42 36.91
C TRP VB 33 53.03 -76.75 36.15
N ASP VB 34 54.26 -77.24 35.95
CA ASP VB 34 54.44 -78.60 35.44
C ASP VB 34 55.75 -79.14 36.02
N THR VB 35 55.65 -79.81 37.16
CA THR VB 35 56.80 -80.44 37.79
C THR VB 35 56.89 -81.92 37.43
N ALA VB 36 55.78 -82.56 37.10
CA ALA VB 36 55.77 -83.91 36.56
C ALA VB 36 56.17 -83.94 35.10
N GLY VB 37 55.97 -82.85 34.37
CA GLY VB 37 56.35 -82.77 32.97
C GLY VB 37 55.66 -83.75 32.06
N LEU VB 38 54.36 -83.97 32.27
CA LEU VB 38 53.62 -84.85 31.38
C LEU VB 38 53.46 -84.24 29.99
N SER VB 39 53.41 -82.91 29.91
CA SER VB 39 53.26 -82.22 28.64
C SER VB 39 54.60 -81.74 28.09
N ALA VB 40 55.65 -82.54 28.27
CA ALA VB 40 56.97 -82.16 27.78
C ALA VB 40 57.00 -82.10 26.25
N ASP VB 41 56.42 -83.13 25.57
CA ASP VB 41 56.36 -82.93 24.12
C ASP VB 41 55.02 -82.32 23.72
N PRO VB 42 54.98 -81.55 22.63
CA PRO VB 42 53.73 -80.86 22.27
C PRO VB 42 52.57 -81.78 21.92
N THR VB 43 52.83 -83.00 21.45
CA THR VB 43 51.72 -83.88 21.08
C THR VB 43 50.97 -84.38 22.30
N THR VB 44 51.66 -84.60 23.43
CA THR VB 44 50.95 -84.84 24.68
C THR VB 44 50.33 -83.57 25.23
N PHE VB 45 50.98 -82.41 24.98
CA PHE VB 45 50.43 -81.13 25.40
C PHE VB 45 49.10 -80.87 24.71
N ALA VB 46 48.96 -81.31 23.46
CA ALA VB 46 47.68 -81.18 22.77
C ALA VB 46 46.61 -82.07 23.40
N ARG VB 47 46.98 -83.31 23.75
CA ARG VB 47 46.01 -84.23 24.35
C ARG VB 47 45.67 -83.82 25.78
N TYR VB 48 46.67 -83.36 26.54
CA TYR VB 48 46.41 -83.02 27.94
C TYR VB 48 45.67 -81.71 28.07
N ARG VB 49 45.85 -80.77 27.14
CA ARG VB 49 45.15 -79.50 27.22
C ARG VB 49 43.65 -79.68 27.01
N THR VB 50 43.27 -80.43 25.98
CA THR VB 50 41.85 -80.65 25.74
C THR VB 50 41.22 -81.46 26.86
N ILE VB 51 41.94 -82.44 27.40
CA ILE VB 51 41.41 -83.22 28.52
C ILE VB 51 41.18 -82.32 29.73
N GLU VB 52 42.07 -81.36 29.94
CA GLU VB 52 41.94 -80.44 31.06
C GLU VB 52 40.73 -79.51 30.90
N LEU VB 53 40.55 -78.92 29.72
CA LEU VB 53 39.45 -77.98 29.54
C LEU VB 53 38.11 -78.72 29.50
N ILE VB 54 38.10 -79.94 28.94
CA ILE VB 54 36.92 -80.77 29.05
C ILE VB 54 36.59 -81.07 30.50
N HIS VB 55 37.59 -81.50 31.28
CA HIS VB 55 37.36 -81.78 32.71
C HIS VB 55 36.92 -80.54 33.47
N ALA VB 56 37.29 -79.36 32.99
CA ALA VB 56 36.85 -78.13 33.62
C ALA VB 56 35.34 -77.96 33.50
N ARG VB 57 34.78 -78.29 32.34
CA ARG VB 57 33.41 -77.90 32.05
C ARG VB 57 32.39 -78.75 32.79
N TRP VB 58 32.62 -80.06 32.93
CA TRP VB 58 31.67 -80.87 33.71
C TRP VB 58 31.67 -80.46 35.18
N ALA VB 59 32.84 -80.13 35.72
CA ALA VB 59 32.92 -79.71 37.11
C ALA VB 59 32.22 -78.38 37.34
N LEU VB 60 32.17 -77.52 36.32
CA LEU VB 60 31.42 -76.27 36.45
C LEU VB 60 29.92 -76.55 36.50
N LEU VB 61 29.42 -77.41 35.59
CA LEU VB 61 28.04 -77.88 35.74
C LEU VB 61 27.90 -78.71 37.00
N GLY VB 62 28.93 -79.48 37.34
CA GLY VB 62 28.86 -80.33 38.52
C GLY VB 62 28.67 -79.55 39.80
N ALA VB 63 29.66 -78.73 40.17
CA ALA VB 63 29.62 -78.02 41.44
C ALA VB 63 28.45 -77.05 41.52
N LEU VB 64 28.06 -76.45 40.39
CA LEU VB 64 26.83 -75.67 40.37
C LEU VB 64 25.61 -76.57 40.55
N GLY VB 65 25.63 -77.74 39.91
CA GLY VB 65 24.57 -78.71 40.12
C GLY VB 65 24.64 -79.46 41.43
N ILE VB 66 25.80 -79.44 42.08
CA ILE VB 66 25.90 -79.93 43.46
C ILE VB 66 25.10 -79.06 44.41
N ILE VB 67 25.23 -77.75 44.30
CA ILE VB 67 24.71 -76.85 45.32
C ILE VB 67 23.28 -76.43 45.00
N THR VB 68 22.85 -76.55 43.74
CA THR VB 68 21.53 -76.05 43.36
C THR VB 68 20.37 -76.75 44.05
N PRO VB 69 20.27 -78.10 44.08
CA PRO VB 69 19.08 -78.70 44.73
C PRO VB 69 19.10 -78.61 46.24
N GLU VB 70 20.27 -78.74 46.87
CA GLU VB 70 20.33 -78.70 48.33
C GLU VB 70 19.96 -77.33 48.86
N LEU VB 71 20.47 -76.27 48.21
CA LEU VB 71 20.10 -74.91 48.60
C LEU VB 71 18.62 -74.67 48.36
N LEU VB 72 18.11 -75.11 47.22
CA LEU VB 72 16.69 -74.94 46.91
C LEU VB 72 15.80 -75.74 47.84
N ALA VB 73 16.24 -76.94 48.22
CA ALA VB 73 15.48 -77.72 49.19
C ALA VB 73 15.41 -77.01 50.53
N LYS VB 74 16.53 -76.43 50.97
CA LYS VB 74 16.53 -75.60 52.16
C LYS VB 74 15.77 -74.30 51.93
N ASN VB 75 15.67 -73.84 50.68
CA ASN VB 75 14.95 -72.63 50.34
C ASN VB 75 13.44 -72.83 50.25
N GLY VB 76 12.97 -74.09 50.17
CA GLY VB 76 11.56 -74.38 50.10
C GLY VB 76 11.14 -75.30 48.97
N VAL VB 77 12.04 -75.66 48.07
CA VAL VB 77 11.68 -76.60 47.00
C VAL VB 77 11.50 -77.99 47.59
N PRO VB 78 10.37 -78.65 47.35
CA PRO VB 78 10.07 -79.89 48.09
C PRO VB 78 10.93 -81.10 47.73
N PHE VB 79 12.17 -81.10 48.18
CA PHE VB 79 12.99 -82.30 48.16
C PHE VB 79 12.95 -82.91 49.56
N SER VB 80 12.29 -84.05 49.70
CA SER VB 80 11.97 -84.62 51.01
C SER VB 80 13.19 -84.97 51.86
N GLU VB 81 13.92 -86.01 51.46
CA GLU VB 81 15.11 -86.42 52.21
C GLU VB 81 16.31 -86.76 51.34
N ASP VB 82 16.11 -87.20 50.09
CA ASP VB 82 17.20 -87.65 49.26
C ASP VB 82 17.46 -86.75 48.06
N GLY VB 83 16.48 -85.94 47.66
CA GLY VB 83 16.70 -85.02 46.57
C GLY VB 83 17.49 -83.78 46.95
N ALA VB 84 17.78 -83.59 48.23
CA ALA VB 84 18.51 -82.39 48.64
C ALA VB 84 20.00 -82.53 48.38
N ILE VB 85 20.66 -83.45 49.09
CA ILE VB 85 22.11 -83.62 48.98
C ILE VB 85 22.41 -84.44 47.73
N TRP VB 86 23.55 -84.15 47.11
CA TRP VB 86 23.81 -84.64 45.76
C TRP VB 86 24.17 -86.12 45.77
N PHE VB 87 24.95 -86.57 46.76
CA PHE VB 87 25.45 -87.92 46.77
C PHE VB 87 24.39 -88.94 47.19
N LYS VB 88 23.25 -88.48 47.68
CA LYS VB 88 22.09 -89.34 47.89
C LYS VB 88 20.97 -89.07 46.90
N ALA VB 89 21.20 -88.24 45.88
CA ALA VB 89 20.17 -87.99 44.88
C ALA VB 89 20.03 -89.17 43.93
N GLY VB 90 21.08 -90.00 43.83
CA GLY VB 90 21.00 -91.16 42.96
C GLY VB 90 20.06 -92.23 43.48
N ALA VB 91 19.82 -92.26 44.79
CA ALA VB 91 18.96 -93.26 45.38
C ALA VB 91 17.48 -92.95 45.19
N GLU VB 92 17.14 -91.78 44.66
CA GLU VB 92 15.74 -91.39 44.55
C GLU VB 92 15.00 -92.14 43.45
N ILE VB 93 15.70 -92.63 42.43
CA ILE VB 93 15.05 -93.34 41.34
C ILE VB 93 14.54 -94.72 41.75
N PHE VB 94 14.97 -95.24 42.89
CA PHE VB 94 14.42 -96.48 43.41
C PHE VB 94 13.16 -96.27 44.24
N LYS VB 95 12.83 -95.03 44.58
CA LYS VB 95 11.64 -94.75 45.33
C LYS VB 95 10.41 -95.03 44.47
N GLU VB 96 9.30 -95.36 45.14
CA GLU VB 96 8.06 -95.67 44.43
C GLU VB 96 7.55 -94.47 43.66
N GLY VB 97 7.76 -93.26 44.16
CA GLY VB 97 7.42 -92.06 43.43
C GLY VB 97 8.41 -91.68 42.35
N GLY VB 98 9.57 -92.35 42.30
CA GLY VB 98 10.55 -92.09 41.27
C GLY VB 98 11.35 -90.82 41.50
N LEU VB 99 12.13 -90.47 40.49
CA LEU VB 99 12.96 -89.27 40.52
C LEU VB 99 12.17 -88.10 39.96
N ASN VB 100 11.87 -87.12 40.80
CA ASN VB 100 11.03 -85.98 40.44
C ASN VB 100 11.88 -84.72 40.35
N TYR VB 101 11.66 -83.94 39.30
CA TYR VB 101 12.38 -82.68 39.14
C TYR VB 101 11.69 -81.58 39.94
N LEU VB 102 12.50 -80.78 40.65
CA LEU VB 102 12.04 -79.67 41.49
C LEU VB 102 11.02 -80.10 42.53
N GLY VB 103 11.05 -81.38 42.93
CA GLY VB 103 10.03 -81.90 43.81
C GLY VB 103 8.65 -81.94 43.21
N ASN VB 104 8.53 -81.83 41.89
CA ASN VB 104 7.24 -81.82 41.21
C ASN VB 104 6.92 -83.22 40.73
N GLU VB 105 5.73 -83.69 41.09
CA GLU VB 105 5.29 -85.04 40.71
C GLU VB 105 5.09 -85.16 39.21
N ASN VB 106 4.60 -84.09 38.57
CA ASN VB 106 4.39 -84.10 37.14
C ASN VB 106 5.68 -84.00 36.35
N LEU VB 107 6.71 -83.35 36.92
CA LEU VB 107 7.98 -83.18 36.24
C LEU VB 107 8.71 -84.51 36.19
N ILE VB 108 9.14 -84.90 34.99
CA ILE VB 108 9.89 -86.13 34.72
C ILE VB 108 9.11 -87.34 35.21
N HIS VB 109 9.17 -87.60 36.52
CA HIS VB 109 8.53 -88.77 37.14
C HIS VB 109 9.03 -90.07 36.51
N ALA VB 110 10.32 -90.31 36.67
CA ALA VB 110 11.00 -91.46 36.08
C ALA VB 110 11.34 -92.50 37.13
N GLN VB 111 11.12 -93.77 36.78
CA GLN VB 111 11.38 -94.87 37.70
C GLN VB 111 12.29 -95.92 37.09
N SER VB 112 12.14 -96.18 35.79
CA SER VB 112 12.92 -97.22 35.12
C SER VB 112 14.34 -96.71 34.95
N ILE VB 113 15.22 -97.15 35.86
CA ILE VB 113 16.62 -96.79 35.81
C ILE VB 113 17.28 -97.36 34.56
N LEU VB 114 16.81 -98.52 34.09
CA LEU VB 114 17.42 -99.15 32.91
C LEU VB 114 17.21 -98.30 31.66
N ALA VB 115 16.04 -97.68 31.52
CA ALA VB 115 15.81 -96.80 30.39
C ALA VB 115 16.57 -95.49 30.54
N THR VB 116 16.85 -95.09 31.79
CA THR VB 116 17.55 -93.83 32.03
C THR VB 116 18.99 -93.89 31.54
N LEU VB 117 19.67 -95.02 31.80
CA LEU VB 117 21.01 -95.20 31.24
C LEU VB 117 20.94 -95.44 29.75
N ALA VB 118 19.85 -96.05 29.28
CA ALA VB 118 19.73 -96.38 27.86
C ALA VB 118 19.67 -95.13 26.99
N VAL VB 119 18.91 -94.12 27.43
CA VAL VB 119 18.83 -92.88 26.67
C VAL VB 119 20.12 -92.08 26.83
N GLN VB 120 20.87 -92.33 27.90
CA GLN VB 120 22.11 -91.60 28.13
C GLN VB 120 23.18 -91.98 27.12
N VAL VB 121 23.38 -93.30 26.93
CA VAL VB 121 24.50 -93.79 26.14
C VAL VB 121 24.28 -93.53 24.66
N ILE VB 122 23.01 -93.54 24.21
CA ILE VB 122 22.75 -93.35 22.79
C ILE VB 122 22.94 -91.89 22.37
N VAL VB 123 22.64 -90.96 23.28
CA VAL VB 123 22.74 -89.54 22.93
C VAL VB 123 24.17 -89.03 23.13
N MET VB 124 24.73 -89.24 24.32
CA MET VB 124 26.13 -88.84 24.54
C MET VB 124 27.10 -89.71 23.75
N GLY VB 125 26.67 -90.89 23.30
CA GLY VB 125 27.50 -91.67 22.40
C GLY VB 125 27.68 -91.00 21.07
N ALA VB 126 26.69 -90.20 20.66
CA ALA VB 126 26.87 -89.36 19.48
C ALA VB 126 27.74 -88.16 19.80
N ALA VB 127 27.32 -87.34 20.76
CA ALA VB 127 27.91 -86.02 20.98
C ALA VB 127 29.38 -86.11 21.41
N GLU VB 128 29.71 -87.02 22.33
CA GLU VB 128 31.11 -87.15 22.74
C GLU VB 128 31.95 -87.79 21.64
N GLY VB 129 31.36 -88.72 20.88
CA GLY VB 129 32.03 -89.24 19.70
C GLY VB 129 32.11 -88.23 18.57
N PHE VB 130 30.98 -87.55 18.29
CA PHE VB 130 30.97 -86.48 17.28
C PHE VB 130 31.90 -85.34 17.70
N ARG VB 131 32.11 -85.19 19.01
CA ARG VB 131 33.11 -84.27 19.52
C ARG VB 131 34.51 -84.66 19.07
N ALA VB 132 34.80 -85.97 18.99
CA ALA VB 132 36.16 -86.39 18.64
C ALA VB 132 36.49 -86.09 17.18
N ASN VB 133 35.62 -86.48 16.25
CA ASN VB 133 36.00 -86.36 14.83
C ASN VB 133 35.87 -84.95 14.29
N GLY VB 134 35.16 -84.06 14.98
CA GLY VB 134 35.04 -82.68 14.54
C GLY VB 134 34.28 -82.47 13.26
N GLU VB 135 33.42 -83.40 12.86
CA GLU VB 135 32.62 -83.27 11.66
C GLU VB 135 31.19 -83.71 11.97
N ALA VB 136 30.22 -82.87 11.65
CA ALA VB 136 28.83 -83.21 11.93
C ALA VB 136 27.91 -82.67 10.84
N PRO VB 137 26.73 -83.24 10.70
CA PRO VB 137 25.75 -82.65 9.77
C PRO VB 137 25.18 -81.32 10.25
N GLY VB 138 25.89 -80.23 9.97
CA GLY VB 138 25.46 -78.91 10.36
C GLY VB 138 26.63 -78.01 10.69
N VAL VB 139 27.81 -78.61 10.83
CA VAL VB 139 29.03 -77.85 11.03
C VAL VB 139 30.18 -78.65 10.45
N GLU VB 140 31.11 -77.97 9.80
CA GLU VB 140 32.21 -78.67 9.14
C GLU VB 140 33.58 -78.35 9.73
N GLY VB 141 33.93 -77.07 9.84
CA GLY VB 141 35.27 -76.77 10.30
C GLY VB 141 35.38 -75.79 11.44
N LEU VB 142 35.87 -76.27 12.58
CA LEU VB 142 36.07 -75.45 13.76
C LEU VB 142 37.24 -76.05 14.54
N ASP VB 143 37.53 -75.43 15.69
CA ASP VB 143 38.54 -75.96 16.60
C ASP VB 143 37.92 -77.04 17.47
N PRO VB 144 38.49 -78.24 17.53
CA PRO VB 144 37.94 -79.27 18.43
C PRO VB 144 37.97 -78.90 19.91
N LEU VB 145 38.79 -77.92 20.30
CA LEU VB 145 38.81 -77.46 21.67
C LEU VB 145 38.01 -76.19 21.88
N TYR VB 146 37.98 -75.29 20.90
CA TYR VB 146 37.19 -74.06 20.96
C TYR VB 146 36.33 -73.94 19.73
N PRO VB 147 35.24 -74.71 19.64
CA PRO VB 147 34.40 -74.68 18.43
C PRO VB 147 33.68 -73.35 18.20
N GLY VB 148 32.86 -72.91 19.15
CA GLY VB 148 32.06 -71.72 18.88
C GLY VB 148 30.99 -72.02 17.84
N GLY VB 149 30.61 -70.98 17.09
CA GLY VB 149 29.64 -71.12 16.04
C GLY VB 149 28.26 -71.46 16.57
N PRO VB 150 27.82 -72.70 16.35
CA PRO VB 150 26.58 -73.16 16.99
C PRO VB 150 26.65 -73.18 18.50
N PHE VB 151 27.85 -73.19 19.07
CA PHE VB 151 28.05 -73.14 20.51
C PHE VB 151 28.18 -71.73 21.05
N ASP VB 152 28.02 -70.70 20.20
CA ASP VB 152 28.08 -69.30 20.62
C ASP VB 152 26.84 -68.56 20.11
N PRO VB 153 25.70 -68.73 20.77
CA PRO VB 153 24.49 -67.98 20.35
C PRO VB 153 24.63 -66.47 20.51
N LEU VB 154 25.29 -66.00 21.57
CA LEU VB 154 25.38 -64.58 21.81
C LEU VB 154 26.49 -63.89 21.02
N GLY VB 155 27.41 -64.65 20.45
CA GLY VB 155 28.54 -64.04 19.75
C GLY VB 155 29.46 -63.28 20.69
N LEU VB 156 29.80 -63.86 21.83
CA LEU VB 156 30.70 -63.19 22.77
C LEU VB 156 32.16 -63.29 22.34
N ALA VB 157 32.56 -64.40 21.70
CA ALA VB 157 33.93 -64.57 21.21
C ALA VB 157 33.98 -64.09 19.77
N ASP VB 158 34.15 -62.78 19.63
CA ASP VB 158 34.31 -62.15 18.33
C ASP VB 158 35.75 -61.72 18.07
N ASP VB 159 36.31 -60.95 18.95
CA ASP VB 159 37.69 -60.53 18.83
C ASP VB 159 38.61 -61.47 19.61
N PRO VB 160 39.81 -61.73 19.08
CA PRO VB 160 40.76 -62.60 19.81
C PRO VB 160 41.15 -62.06 21.18
N GLU VB 161 41.25 -60.74 21.35
CA GLU VB 161 41.65 -60.21 22.65
C GLU VB 161 40.53 -60.38 23.68
N ALA VB 162 39.27 -60.23 23.27
CA ALA VB 162 38.17 -60.55 24.16
C ALA VB 162 38.03 -62.05 24.35
N PHE VB 163 38.45 -62.82 23.36
CA PHE VB 163 38.47 -64.27 23.48
C PHE VB 163 39.59 -64.72 24.43
N ALA VB 164 40.74 -64.05 24.37
CA ALA VB 164 41.90 -64.47 25.16
C ALA VB 164 41.69 -64.27 26.64
N GLU VB 165 41.18 -63.09 27.05
CA GLU VB 165 40.96 -62.83 28.46
C GLU VB 165 39.85 -63.72 29.02
N LEU VB 166 38.85 -64.03 28.20
CA LEU VB 166 37.79 -64.92 28.64
C LEU VB 166 38.26 -66.37 28.61
N LYS VB 167 39.20 -66.70 27.73
CA LYS VB 167 39.83 -68.03 27.74
C LYS VB 167 40.55 -68.28 29.06
N VAL VB 168 41.27 -67.27 29.54
CA VAL VB 168 41.92 -67.37 30.84
C VAL VB 168 40.87 -67.49 31.95
N LYS VB 169 39.73 -66.80 31.77
CA LYS VB 169 38.65 -66.92 32.74
C LYS VB 169 38.03 -68.31 32.71
N GLU VB 170 37.94 -68.92 31.52
CA GLU VB 170 37.30 -70.24 31.40
C GLU VB 170 38.12 -71.32 32.09
N ILE VB 171 39.43 -71.33 31.86
CA ILE VB 171 40.27 -72.32 32.50
C ILE VB 171 40.39 -72.08 34.00
N LYS VB 172 40.38 -70.81 34.43
CA LYS VB 172 40.52 -70.53 35.85
C LYS VB 172 39.21 -70.79 36.60
N ASN VB 173 38.06 -70.49 35.98
CA ASN VB 173 36.79 -70.84 36.59
C ASN VB 173 36.67 -72.35 36.73
N GLY VB 174 37.11 -73.08 35.71
CA GLY VB 174 37.02 -74.54 35.77
C GLY VB 174 37.92 -75.16 36.82
N ARG VB 175 39.13 -74.61 36.99
CA ARG VB 175 40.11 -75.24 37.86
C ARG VB 175 39.66 -75.27 39.33
N LEU VB 176 39.04 -74.19 39.80
CA LEU VB 176 38.52 -74.23 41.17
C LEU VB 176 37.26 -75.08 41.25
N ALA VB 177 36.55 -75.22 40.13
CA ALA VB 177 35.37 -76.08 40.11
C ALA VB 177 35.76 -77.55 40.24
N MET VB 178 36.77 -77.99 39.48
CA MET VB 178 37.30 -79.33 39.72
C MET VB 178 38.00 -79.43 41.07
N PHE VB 179 38.47 -78.31 41.60
CA PHE VB 179 38.98 -78.31 42.97
C PHE VB 179 37.84 -78.46 43.96
N SER VB 180 36.70 -77.80 43.72
CA SER VB 180 35.56 -77.95 44.61
C SER VB 180 34.89 -79.31 44.46
N CYS VB 181 34.77 -79.80 43.23
CA CYS VB 181 34.13 -81.09 43.00
C CYS VB 181 34.98 -82.23 43.55
N LEU VB 182 36.30 -82.06 43.54
CA LEU VB 182 37.16 -82.99 44.26
C LEU VB 182 36.90 -82.95 45.75
N GLY VB 183 36.71 -81.74 46.30
CA GLY VB 183 36.43 -81.62 47.72
C GLY VB 183 35.06 -82.19 48.09
N PHE VB 184 34.08 -82.02 47.21
CA PHE VB 184 32.76 -82.63 47.41
C PHE VB 184 32.88 -84.14 47.52
N PHE VB 185 33.80 -84.73 46.77
CA PHE VB 185 34.06 -86.15 46.85
C PHE VB 185 34.61 -86.52 48.21
N VAL VB 186 35.27 -85.57 48.87
CA VAL VB 186 35.95 -85.86 50.13
C VAL VB 186 35.05 -85.60 51.34
N GLN VB 187 34.14 -84.61 51.26
CA GLN VB 187 33.20 -84.43 52.39
C GLN VB 187 32.28 -85.63 52.55
N ALA VB 188 31.83 -86.22 51.45
CA ALA VB 188 30.94 -87.36 51.55
C ALA VB 188 31.62 -88.54 52.22
N ILE VB 189 32.83 -88.88 51.79
CA ILE VB 189 33.55 -90.03 52.35
C ILE VB 189 33.85 -89.80 53.82
N VAL VB 190 34.33 -88.61 54.18
CA VAL VB 190 34.71 -88.35 55.56
C VAL VB 190 33.49 -88.02 56.41
N THR VB 191 32.83 -86.89 56.12
CA THR VB 191 31.75 -86.42 56.98
C THR VB 191 30.44 -87.15 56.71
N GLY VB 192 30.09 -87.34 55.44
CA GLY VB 192 28.83 -87.96 55.11
C GLY VB 192 27.65 -87.02 55.02
N LYS VB 193 27.86 -85.72 55.15
CA LYS VB 193 26.79 -84.75 55.03
C LYS VB 193 26.99 -83.95 53.74
N GLY VB 194 25.99 -83.11 53.44
CA GLY VB 194 26.06 -82.25 52.28
C GLY VB 194 27.08 -81.15 52.48
N PRO VB 195 27.63 -80.63 51.37
CA PRO VB 195 28.66 -79.58 51.49
C PRO VB 195 28.17 -78.32 52.17
N ILE VB 196 26.90 -77.94 51.95
CA ILE VB 196 26.37 -76.76 52.61
C ILE VB 196 26.11 -77.04 54.08
N GLN VB 197 25.64 -78.25 54.40
CA GLN VB 197 25.54 -78.66 55.79
C GLN VB 197 26.92 -78.73 56.43
N ASN VB 198 27.92 -79.14 55.65
CA ASN VB 198 29.31 -79.05 56.09
C ASN VB 198 29.76 -77.59 56.17
N LEU VB 199 29.27 -76.75 55.27
CA LEU VB 199 29.57 -75.32 55.35
C LEU VB 199 28.91 -74.68 56.56
N GLN VB 200 27.62 -74.96 56.76
CA GLN VB 200 26.91 -74.40 57.92
C GLN VB 200 27.44 -74.95 59.23
N ASP VB 201 27.98 -76.18 59.20
CA ASP VB 201 28.65 -76.71 60.38
C ASP VB 201 29.84 -75.83 60.74
N HIS VB 202 30.61 -75.43 59.73
CA HIS VB 202 31.72 -74.51 59.96
C HIS VB 202 31.21 -73.15 60.38
N LEU VB 203 30.00 -72.77 59.93
CA LEU VB 203 29.42 -71.50 60.33
C LEU VB 203 28.98 -71.49 61.78
N ALA VB 204 28.64 -72.65 62.35
CA ALA VB 204 28.22 -72.71 63.74
C ALA VB 204 29.37 -72.38 64.68
N ASP VB 205 30.51 -73.04 64.50
CA ASP VB 205 31.69 -72.78 65.31
C ASP VB 205 32.91 -73.25 64.52
N PRO VB 206 33.58 -72.34 63.80
CA PRO VB 206 34.67 -72.75 62.92
C PRO VB 206 35.89 -73.31 63.65
N GLY VB 207 36.05 -73.03 64.94
CA GLY VB 207 37.22 -73.49 65.66
C GLY VB 207 37.29 -75.00 65.81
N VAL VB 208 36.18 -75.63 66.15
CA VAL VB 208 36.14 -77.07 66.37
C VAL VB 208 35.37 -77.82 65.29
N ASN VB 209 34.37 -77.21 64.66
CA ASN VB 209 33.61 -77.87 63.61
C ASN VB 209 34.36 -77.73 62.30
N ASN VB 210 35.45 -78.52 62.20
CA ASN VB 210 36.34 -78.46 61.06
C ASN VB 210 36.76 -79.87 60.69
N ALA VB 211 37.63 -79.99 59.69
CA ALA VB 211 38.08 -81.30 59.25
C ALA VB 211 38.95 -81.99 60.28
N PHE VB 212 39.59 -81.26 61.18
CA PHE VB 212 40.43 -81.89 62.20
C PHE VB 212 39.61 -82.60 63.25
N ALA VB 213 38.33 -82.23 63.40
CA ALA VB 213 37.45 -82.99 64.27
C ALA VB 213 37.15 -84.37 63.68
N SER VB 214 37.15 -84.50 62.36
CA SER VB 214 36.92 -85.77 61.69
C SER VB 214 38.22 -86.44 61.24
N ALA VB 215 39.37 -85.93 61.70
CA ALA VB 215 40.64 -86.56 61.37
C ALA VB 215 40.89 -87.82 62.16
N THR VB 216 40.11 -88.08 63.21
CA THR VB 216 40.28 -89.26 64.05
C THR VB 216 39.28 -90.36 63.75
N LYS VB 217 38.46 -90.21 62.71
CA LYS VB 217 37.40 -91.17 62.43
C LYS VB 217 37.81 -92.29 61.49
N PHE VB 218 39.04 -92.26 60.97
CA PHE VB 218 39.50 -93.31 60.07
C PHE VB 218 40.74 -94.02 60.59
N VAL VB 219 40.88 -94.12 61.90
CA VAL VB 219 42.04 -94.80 62.49
C VAL VB 219 41.85 -96.31 62.38
N PRO VB 220 42.93 -97.09 62.31
CA PRO VB 220 42.78 -98.54 62.38
C PRO VB 220 42.58 -99.01 63.81
N THR VB 221 42.03 -100.21 63.95
CA THR VB 221 41.85 -100.80 65.26
C THR VB 221 42.36 -102.23 65.28
N PRO VB 222 43.35 -102.54 66.12
CA PRO VB 222 43.90 -103.90 66.19
C PRO VB 222 42.97 -104.86 66.92
N GLN WB 1 -28.73 3.61 100.00
CA GLN WB 1 -28.55 4.69 100.96
C GLN WB 1 -27.09 5.07 101.08
N ARG WB 2 -26.33 4.22 101.79
CA ARG WB 2 -24.92 4.49 102.01
C ARG WB 2 -24.05 3.81 100.95
N VAL WB 3 -22.86 4.36 100.74
CA VAL WB 3 -21.92 3.80 99.78
C VAL WB 3 -21.15 2.62 100.35
N ARG WB 4 -21.12 2.48 101.68
CA ARG WB 4 -20.41 1.37 102.30
C ARG WB 4 -21.08 0.04 101.99
N THR WB 5 -22.40 0.05 101.82
CA THR WB 5 -23.12 -1.17 101.47
C THR WB 5 -22.80 -1.61 100.04
N VAL WB 6 -22.85 -0.67 99.08
CA VAL WB 6 -22.65 -1.01 97.68
C VAL WB 6 -21.17 -1.27 97.37
N LEU WB 7 -20.25 -0.73 98.18
CA LEU WB 7 -18.83 -0.95 97.92
C LEU WB 7 -18.44 -2.40 98.22
N ASP WB 8 -18.89 -2.93 99.35
CA ASP WB 8 -18.50 -4.28 99.76
C ASP WB 8 -19.14 -5.36 98.90
N MET WB 9 -20.23 -5.04 98.18
CA MET WB 9 -20.87 -6.04 97.35
C MET WB 9 -20.54 -5.91 95.87
N ASP WB 10 -20.10 -4.73 95.42
CA ASP WB 10 -19.55 -4.62 94.09
C ASP WB 10 -18.12 -5.12 94.00
N ASP WB 11 -17.42 -5.22 95.14
CA ASP WB 11 -16.07 -5.79 95.16
C ASP WB 11 -16.00 -7.23 94.68
N PRO WB 12 -16.80 -8.21 95.20
CA PRO WB 12 -16.58 -9.59 94.76
C PRO WB 12 -17.17 -9.87 93.39
N ALA WB 13 -18.24 -9.17 93.02
CA ALA WB 13 -18.87 -9.40 91.72
C ALA WB 13 -18.02 -8.87 90.58
N LYS WB 14 -17.55 -7.63 90.70
CA LYS WB 14 -16.73 -7.02 89.65
C LYS WB 14 -15.80 -6.01 90.32
N GLU WB 15 -14.58 -6.45 90.61
CA GLU WB 15 -13.59 -5.64 91.29
C GLU WB 15 -13.02 -4.51 90.43
N GLU WB 16 -13.16 -4.59 89.11
CA GLU WB 16 -12.64 -3.54 88.26
C GLU WB 16 -13.65 -2.42 88.10
N THR WB 17 -14.76 -2.47 88.84
CA THR WB 17 -15.71 -1.37 88.91
C THR WB 17 -15.01 -0.11 89.41
N VAL WB 18 -15.32 1.02 88.77
CA VAL WB 18 -14.58 2.26 89.06
C VAL WB 18 -14.90 2.78 90.45
N LYS WB 19 -16.04 2.36 91.03
CA LYS WB 19 -16.38 2.80 92.38
C LYS WB 19 -15.39 2.31 93.42
N GLU WB 20 -14.86 1.09 93.25
CA GLU WB 20 -13.73 0.63 94.04
C GLU WB 20 -12.42 1.28 93.62
N LEU WB 21 -12.25 1.56 92.33
CA LEU WB 21 -11.00 2.12 91.81
C LEU WB 21 -10.77 3.57 92.22
N ARG WB 22 -11.78 4.25 92.76
CA ARG WB 22 -11.66 5.64 93.17
C ARG WB 22 -11.86 5.77 94.67
N LYS WB 23 -11.02 6.62 95.28
CA LYS WB 23 -11.08 6.98 96.70
C LYS WB 23 -11.05 5.76 97.62
N ASP WB 24 -10.20 4.78 97.30
CA ASP WB 24 -10.02 3.62 98.17
C ASP WB 24 -8.78 3.74 99.04
N ILE WB 25 -8.35 4.97 99.32
CA ILE WB 25 -7.20 5.18 100.21
C ILE WB 25 -7.54 4.71 101.63
N ASN WB 26 -8.77 4.89 102.06
CA ASN WB 26 -9.22 4.43 103.37
C ASN WB 26 -9.68 2.97 103.37
N ASN WB 27 -9.80 2.34 102.20
CA ASN WB 27 -10.16 0.93 102.14
C ASN WB 27 -8.99 0.07 102.59
N GLU XB 1 -31.11 35.14 10.29
CA GLU XB 1 -29.76 35.52 10.73
C GLU XB 1 -29.39 34.87 12.06
N ASN XB 2 -30.36 34.18 12.67
CA ASN XB 2 -30.15 33.28 13.82
C ASN XB 2 -29.53 34.01 15.02
N THR XB 3 -30.30 34.93 15.59
CA THR XB 3 -29.90 35.63 16.80
C THR XB 3 -30.96 35.64 17.90
N SER XB 4 -32.24 35.66 17.53
CA SER XB 4 -33.32 35.75 18.51
C SER XB 4 -33.41 34.48 19.36
N LEU XB 5 -34.10 34.61 20.50
CA LEU XB 5 -34.28 33.49 21.41
C LEU XB 5 -35.08 32.38 20.76
N TRP XB 6 -36.15 32.74 20.04
CA TRP XB 6 -37.00 31.74 19.40
C TRP XB 6 -36.26 31.02 18.28
N ALA XB 7 -35.47 31.75 17.50
CA ALA XB 7 -34.72 31.12 16.41
C ALA XB 7 -33.67 30.15 16.95
N ARG XB 8 -32.95 30.56 18.01
CA ARG XB 8 -31.94 29.67 18.61
C ARG XB 8 -32.58 28.43 19.19
N PHE XB 9 -33.85 28.54 19.61
CA PHE XB 9 -34.59 27.35 20.02
C PHE XB 9 -35.08 26.57 18.81
N CYS XB 10 -35.46 27.27 17.73
CA CYS XB 10 -36.08 26.60 16.58
C CYS XB 10 -35.09 25.68 15.87
N GLU XB 11 -33.90 26.18 15.56
CA GLU XB 11 -32.92 25.35 14.86
C GLU XB 11 -32.26 24.31 15.75
N TRP XB 12 -32.18 24.53 17.06
CA TRP XB 12 -31.67 23.49 17.95
C TRP XB 12 -32.63 22.30 18.02
N ILE XB 13 -33.94 22.59 18.05
CA ILE XB 13 -34.94 21.53 18.17
C ILE XB 13 -34.98 20.68 16.90
N THR XB 14 -34.97 21.31 15.73
CA THR XB 14 -35.02 20.61 14.46
C THR XB 14 -33.62 20.25 13.94
N SER XB 15 -32.61 20.32 14.80
CA SER XB 15 -31.24 20.01 14.39
C SER XB 15 -31.08 18.50 14.16
N THR XB 16 -30.51 18.14 13.01
CA THR XB 16 -30.28 16.75 12.66
C THR XB 16 -28.88 16.26 13.04
N GLU XB 17 -28.09 17.09 13.70
CA GLU XB 17 -26.77 16.69 14.19
C GLU XB 17 -26.80 16.18 15.62
N ASN XB 18 -27.98 16.08 16.22
CA ASN XB 18 -28.10 15.55 17.57
C ASN XB 18 -27.90 14.04 17.56
N ARG XB 19 -27.59 13.49 18.74
CA ARG XB 19 -27.51 12.03 18.87
C ARG XB 19 -28.88 11.41 18.65
N LEU XB 20 -29.92 12.04 19.19
CA LEU XB 20 -31.30 11.65 18.96
C LEU XB 20 -32.09 12.87 18.50
N TYR XB 21 -32.79 12.73 17.37
CA TYR XB 21 -33.55 13.84 16.82
C TYR XB 21 -34.71 14.22 17.73
N ILE XB 22 -34.97 15.51 17.81
CA ILE XB 22 -36.06 15.99 18.66
C ILE XB 22 -37.25 16.40 17.79
N GLY XB 23 -37.08 17.47 17.03
CA GLY XB 23 -38.17 17.99 16.22
C GLY XB 23 -39.33 18.53 17.05
N TRP XB 24 -40.34 19.03 16.34
CA TRP XB 24 -41.52 19.54 17.03
C TRP XB 24 -42.41 18.40 17.52
N PHE XB 25 -42.31 17.23 16.89
CA PHE XB 25 -43.03 16.06 17.40
C PHE XB 25 -42.34 15.47 18.62
N GLY XB 26 -41.12 15.90 18.92
CA GLY XB 26 -40.37 15.35 20.04
C GLY XB 26 -40.52 16.12 21.34
N VAL XB 27 -41.14 17.31 21.27
CA VAL XB 27 -41.48 18.03 22.50
C VAL XB 27 -42.66 17.40 23.21
N ILE XB 28 -43.25 16.36 22.62
CA ILE XB 28 -44.34 15.62 23.25
C ILE XB 28 -43.76 14.29 23.76
N MET XB 29 -42.72 13.79 23.10
CA MET XB 29 -42.06 12.58 23.59
C MET XB 29 -41.38 12.79 24.94
N ILE XB 30 -40.38 13.67 24.99
CA ILE XB 30 -39.43 13.65 26.10
C ILE XB 30 -40.11 13.94 27.44
N PRO XB 31 -41.06 14.87 27.54
CA PRO XB 31 -41.89 14.93 28.76
C PRO XB 31 -42.74 13.69 29.02
N THR XB 32 -43.66 13.34 28.11
CA THR XB 32 -44.68 12.33 28.42
C THR XB 32 -44.08 10.93 28.44
N LEU XB 33 -43.16 10.63 27.51
CA LEU XB 33 -42.57 9.31 27.48
C LEU XB 33 -41.75 9.04 28.74
N LEU XB 34 -41.00 10.03 29.22
CA LEU XB 34 -40.32 9.88 30.48
C LEU XB 34 -41.31 9.88 31.64
N THR XB 35 -42.44 10.56 31.47
CA THR XB 35 -43.50 10.52 32.49
C THR XB 35 -44.05 9.12 32.63
N ALA XB 36 -44.33 8.46 31.51
CA ALA XB 36 -44.82 7.09 31.54
C ALA XB 36 -43.72 6.13 32.00
N ILE XB 37 -42.47 6.43 31.66
CA ILE XB 37 -41.36 5.58 32.07
C ILE XB 37 -41.13 5.67 33.57
N SER XB 38 -41.15 6.89 34.11
CA SER XB 38 -40.83 7.09 35.53
C SER XB 38 -41.87 6.44 36.43
N VAL XB 39 -43.14 6.57 36.09
CA VAL XB 39 -44.19 5.99 36.92
C VAL XB 39 -44.19 4.48 36.83
N TYR XB 40 -44.04 3.93 35.62
CA TYR XB 40 -44.11 2.48 35.42
C TYR XB 40 -42.99 1.75 36.16
N ILE XB 41 -41.78 2.33 36.19
CA ILE XB 41 -40.67 1.67 36.85
C ILE XB 41 -40.94 1.52 38.34
N ILE XB 42 -41.40 2.58 39.00
CA ILE XB 42 -41.58 2.55 40.44
C ILE XB 42 -42.90 1.86 40.82
N ALA XB 43 -43.91 1.95 39.95
CA ALA XB 43 -45.16 1.24 40.22
C ALA XB 43 -44.98 -0.26 40.04
N PHE XB 44 -43.93 -0.67 39.31
CA PHE XB 44 -43.60 -2.08 39.23
C PHE XB 44 -42.84 -2.52 40.48
N ILE XB 45 -42.31 -1.57 41.25
CA ILE XB 45 -41.52 -1.91 42.42
C ILE XB 45 -42.36 -1.83 43.70
N ALA XB 46 -42.89 -0.64 44.01
CA ALA XB 46 -43.49 -0.41 45.33
C ALA XB 46 -44.86 0.25 45.20
N ALA XB 47 -45.69 -0.22 44.29
CA ALA XB 47 -47.06 0.29 44.25
C ALA XB 47 -47.94 -0.50 45.21
N PRO XB 48 -48.74 0.14 46.03
CA PRO XB 48 -49.67 -0.58 46.90
C PRO XB 48 -50.76 -1.26 46.10
N PRO XB 49 -51.41 -2.30 46.64
CA PRO XB 49 -52.37 -3.08 45.85
C PRO XB 49 -53.57 -2.24 45.40
N VAL XB 50 -54.11 -2.61 44.24
CA VAL XB 50 -55.10 -1.82 43.51
C VAL XB 50 -56.36 -2.63 43.31
N ASP XB 51 -57.50 -2.06 43.68
CA ASP XB 51 -58.82 -2.67 43.47
C ASP XB 51 -59.08 -2.69 41.97
N ILE XB 52 -59.19 -3.88 41.39
CA ILE XB 52 -59.29 -3.99 39.95
C ILE XB 52 -60.75 -3.94 39.47
N ASP XB 53 -61.62 -4.80 40.00
CA ASP XB 53 -62.97 -4.94 39.46
C ASP XB 53 -64.01 -4.15 40.23
N GLY XB 54 -63.61 -3.20 41.06
CA GLY XB 54 -64.57 -2.47 41.86
C GLY XB 54 -65.24 -3.31 42.92
N ILE XB 55 -64.61 -4.43 43.27
CA ILE XB 55 -65.15 -5.43 44.18
C ILE XB 55 -64.46 -5.31 45.55
N ARG XB 56 -63.62 -4.29 45.69
CA ARG XB 56 -62.85 -4.00 46.90
C ARG XB 56 -61.92 -5.16 47.24
N GLU XB 57 -61.42 -5.83 46.20
CA GLU XB 57 -60.39 -6.86 46.36
C GLU XB 57 -59.19 -6.37 45.56
N PRO XB 58 -58.19 -5.81 46.25
CA PRO XB 58 -57.05 -5.21 45.56
C PRO XB 58 -56.13 -6.27 44.98
N VAL XB 59 -55.33 -5.85 44.00
CA VAL XB 59 -54.33 -6.72 43.37
C VAL XB 59 -52.97 -6.05 43.52
N SER XB 60 -52.01 -6.82 44.04
CA SER XB 60 -50.69 -6.31 44.40
C SER XB 60 -49.90 -5.72 43.24
N GLY XB 61 -49.51 -6.55 42.28
CA GLY XB 61 -48.83 -6.11 41.09
C GLY XB 61 -47.34 -5.82 41.22
N SER XB 62 -46.93 -5.16 42.31
CA SER XB 62 -45.55 -4.71 42.46
C SER XB 62 -44.67 -5.78 43.08
N LEU XB 63 -43.36 -5.67 42.84
CA LEU XB 63 -42.41 -6.68 43.31
C LEU XB 63 -42.29 -6.68 44.83
N LEU XB 64 -42.22 -5.50 45.45
CA LEU XB 64 -42.02 -5.44 46.90
C LEU XB 64 -43.22 -5.94 47.69
N TYR XB 65 -44.36 -6.15 47.05
CA TYR XB 65 -45.52 -6.73 47.71
C TYR XB 65 -45.66 -8.21 47.40
N GLY XB 66 -44.56 -8.90 47.11
CA GLY XB 66 -44.57 -10.34 46.94
C GLY XB 66 -44.73 -10.85 45.52
N ASN XB 67 -44.14 -10.19 44.53
CA ASN XB 67 -44.27 -10.60 43.15
C ASN XB 67 -42.92 -10.75 42.48
N ASN XB 68 -42.90 -11.54 41.41
CA ASN XB 68 -41.74 -11.72 40.58
C ASN XB 68 -41.95 -10.94 39.29
N ILE XB 69 -40.93 -10.90 38.42
CA ILE XB 69 -41.05 -10.07 37.21
C ILE XB 69 -42.06 -10.67 36.24
N ILE XB 70 -42.18 -12.01 36.21
CA ILE XB 70 -43.19 -12.64 35.37
C ILE XB 70 -44.60 -12.35 35.89
N THR XB 71 -44.78 -12.42 37.21
CA THR XB 71 -46.08 -12.10 37.79
C THR XB 71 -46.24 -10.64 38.18
N GLY XB 72 -45.21 -9.81 38.01
CA GLY XB 72 -45.35 -8.41 38.34
C GLY XB 72 -46.02 -7.64 37.22
N ALA XB 73 -46.81 -6.64 37.61
CA ALA XB 73 -47.55 -5.82 36.66
C ALA XB 73 -47.98 -4.53 37.33
N VAL XB 74 -48.49 -3.61 36.53
CA VAL XB 74 -49.15 -2.41 37.04
C VAL XB 74 -50.65 -2.62 36.84
N VAL XB 75 -51.38 -2.68 37.96
CA VAL XB 75 -52.79 -3.05 37.95
C VAL XB 75 -53.61 -1.95 37.32
N PRO XB 76 -54.58 -2.28 36.46
CA PRO XB 76 -55.42 -1.24 35.83
C PRO XB 76 -56.29 -0.49 36.83
N THR XB 77 -57.00 0.50 36.29
CA THR XB 77 -57.84 1.40 37.06
C THR XB 77 -59.01 0.62 37.67
N SER XB 78 -59.52 1.13 38.80
CA SER XB 78 -60.66 0.50 39.44
C SER XB 78 -61.91 0.62 38.57
N ASN XB 79 -62.82 -0.34 38.73
CA ASN XB 79 -64.02 -0.37 37.90
C ASN XB 79 -65.05 0.67 38.36
N ALA XB 80 -64.91 1.17 39.58
CA ALA XB 80 -65.79 2.24 40.04
C ALA XB 80 -65.57 3.51 39.25
N ILE XB 81 -64.31 3.80 38.89
CA ILE XB 81 -64.00 4.98 38.10
C ILE XB 81 -64.55 4.86 36.69
N GLY XB 82 -64.37 3.71 36.05
CA GLY XB 82 -64.86 3.53 34.70
C GLY XB 82 -64.02 4.27 33.68
N LEU XB 83 -64.63 5.24 32.99
CA LEU XB 83 -63.93 6.09 32.02
C LEU XB 83 -63.83 7.53 32.51
N HIS XB 84 -63.95 7.75 33.81
CA HIS XB 84 -64.17 9.07 34.38
C HIS XB 84 -62.91 9.89 34.62
N PHE XB 85 -61.78 9.56 33.97
CA PHE XB 85 -60.56 10.38 34.03
C PHE XB 85 -60.02 10.60 35.45
N TYR XB 86 -59.33 9.61 36.01
CA TYR XB 86 -58.71 9.75 37.34
C TYR XB 86 -57.25 10.20 37.31
N PRO XB 87 -56.97 11.48 37.54
CA PRO XB 87 -55.60 11.94 37.78
C PRO XB 87 -55.29 11.98 39.27
N ILE XB 88 -54.10 12.50 39.59
CA ILE XB 88 -53.74 12.73 40.98
C ILE XB 88 -54.62 13.80 41.61
N TRP XB 89 -54.86 14.90 40.89
CA TRP XB 89 -55.47 16.08 41.53
C TRP XB 89 -56.94 15.88 41.91
N GLU XB 90 -57.61 14.86 41.38
CA GLU XB 90 -58.97 14.56 41.81
C GLU XB 90 -59.02 13.74 43.09
N ALA XB 91 -57.87 13.49 43.72
CA ALA XB 91 -57.78 12.73 44.95
C ALA XB 91 -57.39 13.65 46.10
N ALA XB 92 -57.89 13.34 47.30
CA ALA XB 92 -57.51 14.09 48.49
C ALA XB 92 -56.09 13.74 48.93
N SER XB 93 -55.59 12.59 48.51
CA SER XB 93 -54.26 12.15 48.88
C SER XB 93 -53.72 11.22 47.81
N LEU XB 94 -52.40 11.02 47.83
CA LEU XB 94 -51.77 10.09 46.90
C LEU XB 94 -52.16 8.66 47.20
N ASP XB 95 -52.44 8.36 48.47
CA ASP XB 95 -52.76 6.99 48.88
C ASP XB 95 -54.05 6.50 48.24
N GLU XB 96 -55.07 7.36 48.21
CA GLU XB 96 -56.33 6.98 47.56
C GLU XB 96 -56.18 6.98 46.04
N TRP XB 97 -55.22 7.75 45.53
CA TRP XB 97 -54.95 7.73 44.10
C TRP XB 97 -54.29 6.43 43.67
N LEU XB 98 -53.46 5.86 44.53
CA LEU XB 98 -52.74 4.65 44.18
C LEU XB 98 -53.66 3.43 44.17
N TYR XB 99 -54.61 3.37 45.11
CA TYR XB 99 -55.46 2.20 45.27
C TYR XB 99 -56.49 2.08 44.16
N ASN XB 100 -56.82 3.20 43.51
CA ASN XB 100 -57.87 3.23 42.50
C ASN XB 100 -57.32 3.17 41.08
N GLY XB 101 -56.08 2.72 40.90
CA GLY XB 101 -55.54 2.54 39.57
C GLY XB 101 -55.16 3.81 38.85
N GLY XB 102 -54.94 4.92 39.58
CA GLY XB 102 -54.44 6.14 39.01
C GLY XB 102 -53.12 6.03 38.28
N PRO XB 103 -52.12 5.30 38.81
CA PRO XB 103 -50.89 5.09 38.03
C PRO XB 103 -51.10 4.42 36.68
N TYR XB 104 -52.11 3.56 36.56
CA TYR XB 104 -52.39 2.94 35.26
C TYR XB 104 -52.85 3.96 34.25
N GLN XB 105 -53.82 4.80 34.62
CA GLN XB 105 -54.32 5.81 33.69
C GLN XB 105 -53.25 6.84 33.37
N LEU XB 106 -52.38 7.16 34.34
CA LEU XB 106 -51.32 8.14 34.12
C LEU XB 106 -50.33 7.65 33.05
N VAL XB 107 -49.97 6.37 33.10
CA VAL XB 107 -49.07 5.81 32.10
C VAL XB 107 -49.79 5.69 30.75
N VAL XB 108 -51.03 5.19 30.77
CA VAL XB 108 -51.72 4.86 29.52
C VAL XB 108 -52.10 6.12 28.75
N CYS XB 109 -52.55 7.16 29.45
CA CYS XB 109 -52.89 8.42 28.78
C CYS XB 109 -51.64 9.06 28.17
N HIS XB 110 -50.47 8.80 28.76
CA HIS XB 110 -49.22 9.29 28.20
C HIS XB 110 -48.63 8.33 27.17
N PHE XB 111 -48.77 7.02 27.38
CA PHE XB 111 -48.30 6.07 26.38
C PHE XB 111 -49.14 6.15 25.12
N PHE XB 112 -50.42 6.54 25.26
CA PHE XB 112 -51.22 6.85 24.09
C PHE XB 112 -50.62 8.04 23.36
N LEU XB 113 -50.14 9.03 24.11
CA LEU XB 113 -49.43 10.15 23.53
C LEU XB 113 -47.98 9.80 23.21
N GLY XB 114 -47.50 8.67 23.73
CA GLY XB 114 -46.10 8.31 23.51
C GLY XB 114 -45.89 7.60 22.18
N VAL XB 115 -46.98 7.20 21.52
CA VAL XB 115 -46.84 6.49 20.25
C VAL XB 115 -47.46 7.31 19.12
N CYS XB 116 -48.43 8.17 19.42
CA CYS XB 116 -49.08 8.96 18.38
CA CYS XB 116 -49.08 8.96 18.38
C CYS XB 116 -48.13 9.94 17.72
N CYS XB 117 -47.29 10.61 18.52
CA CYS XB 117 -46.30 11.50 17.94
C CYS XB 117 -45.03 10.76 17.56
N TYR XB 118 -44.86 9.50 18.00
CA TYR XB 118 -43.73 8.72 17.52
C TYR XB 118 -43.94 8.37 16.06
N MET XB 119 -45.20 8.31 15.63
CA MET XB 119 -45.53 8.36 14.20
C MET XB 119 -45.00 9.64 13.56
N GLY XB 120 -45.26 10.78 14.20
CA GLY XB 120 -44.86 12.05 13.62
C GLY XB 120 -43.37 12.31 13.68
N ARG XB 121 -42.73 11.93 14.80
CA ARG XB 121 -41.29 12.13 14.88
C ARG XB 121 -40.56 11.12 14.01
N GLU XB 122 -41.22 10.01 13.66
CA GLU XB 122 -40.69 9.16 12.60
C GLU XB 122 -40.73 9.90 11.26
N TRP XB 123 -41.80 10.65 11.02
CA TRP XB 123 -41.92 11.41 9.79
C TRP XB 123 -41.00 12.62 9.78
N GLU XB 124 -40.88 13.31 10.92
CA GLU XB 124 -40.17 14.60 10.93
C GLU XB 124 -38.69 14.43 10.63
N LEU XB 125 -38.02 13.46 11.25
CA LEU XB 125 -36.62 13.22 10.91
C LEU XB 125 -36.48 12.77 9.47
N SER XB 126 -37.37 11.89 9.00
CA SER XB 126 -37.36 11.51 7.59
C SER XB 126 -37.70 12.70 6.70
N TYR XB 127 -38.47 13.67 7.23
CA TYR XB 127 -38.72 14.88 6.47
C TYR XB 127 -37.52 15.82 6.49
N ARG XB 128 -36.84 15.92 7.64
CA ARG XB 128 -35.66 16.79 7.69
C ARG XB 128 -34.48 16.18 6.96
N LEU XB 129 -34.33 14.85 7.00
CA LEU XB 129 -33.30 14.18 6.22
C LEU XB 129 -33.65 14.09 4.74
N GLY XB 130 -34.86 14.49 4.36
CA GLY XB 130 -35.27 14.38 2.98
C GLY XB 130 -35.42 12.96 2.48
N MET XB 131 -36.13 12.11 3.20
CA MET XB 131 -36.35 10.76 2.71
C MET XB 131 -37.84 10.41 2.86
N ARG XB 132 -38.30 9.40 2.09
CA ARG XB 132 -39.70 9.02 1.92
C ARG XB 132 -40.35 8.63 3.25
N PRO XB 133 -41.61 8.99 3.44
CA PRO XB 133 -42.23 8.99 4.79
C PRO XB 133 -43.03 7.75 5.17
N TRP XB 134 -43.11 6.71 4.35
CA TRP XB 134 -43.97 5.58 4.65
C TRP XB 134 -43.36 4.60 5.64
N ILE XB 135 -42.28 4.98 6.32
CA ILE XB 135 -41.78 4.17 7.42
C ILE XB 135 -42.75 4.20 8.59
N ALA XB 136 -43.30 5.38 8.90
CA ALA XB 136 -44.27 5.50 9.98
C ALA XB 136 -45.58 4.82 9.62
N VAL XB 137 -45.86 4.68 8.32
CA VAL XB 137 -47.05 3.95 7.87
C VAL XB 137 -46.95 2.50 8.29
N ALA XB 138 -45.77 1.89 8.16
CA ALA XB 138 -45.57 0.53 8.67
C ALA XB 138 -45.59 0.52 10.19
N TYR XB 139 -45.10 1.59 10.81
CA TYR XB 139 -45.16 1.74 12.26
C TYR XB 139 -46.57 1.97 12.76
N SER XB 140 -47.50 2.31 11.87
CA SER XB 140 -48.90 2.50 12.27
C SER XB 140 -49.57 1.19 12.64
N ALA XB 141 -48.98 0.05 12.27
CA ALA XB 141 -49.60 -1.22 12.63
C ALA XB 141 -49.34 -1.62 14.08
N PRO XB 142 -48.10 -1.55 14.63
CA PRO XB 142 -47.97 -1.82 16.08
C PRO XB 142 -48.60 -0.75 16.95
N VAL XB 143 -48.67 0.50 16.50
CA VAL XB 143 -49.29 1.56 17.30
C VAL XB 143 -50.80 1.35 17.37
N ALA XB 144 -51.40 0.85 16.30
CA ALA XB 144 -52.83 0.60 16.27
C ALA XB 144 -53.24 -0.44 17.30
N ALA XB 145 -52.44 -1.50 17.46
CA ALA XB 145 -52.82 -2.58 18.36
C ALA XB 145 -52.60 -2.22 19.82
N ALA XB 146 -51.56 -1.42 20.11
CA ALA XB 146 -51.26 -1.06 21.49
C ALA XB 146 -52.38 -0.22 22.10
N THR XB 147 -52.88 0.76 21.35
CA THR XB 147 -53.99 1.58 21.85
C THR XB 147 -55.30 0.83 21.78
N ALA XB 148 -55.39 -0.21 20.95
CA ALA XB 148 -56.64 -0.97 20.84
C ALA XB 148 -56.92 -1.73 22.12
N VAL XB 149 -55.88 -2.30 22.73
CA VAL XB 149 -56.05 -3.02 23.98
C VAL XB 149 -55.79 -2.15 25.20
N PHE XB 150 -55.38 -0.89 25.03
CA PHE XB 150 -55.15 -0.04 26.20
C PHE XB 150 -56.29 0.94 26.48
N ILE XB 151 -56.86 1.60 25.46
CA ILE XB 151 -57.94 2.57 25.66
C ILE XB 151 -59.18 2.19 24.86
N ILE XB 152 -58.99 1.73 23.61
CA ILE XB 152 -60.12 1.39 22.75
C ILE XB 152 -60.95 0.26 23.37
N TYR XB 153 -60.29 -0.76 23.92
CA TYR XB 153 -61.05 -1.81 24.61
C TYR XB 153 -61.76 -1.28 25.86
N PRO XB 154 -61.15 -0.44 26.72
CA PRO XB 154 -61.96 0.23 27.76
C PRO XB 154 -63.08 1.10 27.23
N ILE XB 155 -62.93 1.72 26.05
CA ILE XB 155 -63.99 2.56 25.52
C ILE XB 155 -65.22 1.72 25.16
N GLY XB 156 -64.99 0.59 24.47
CA GLY XB 156 -66.10 -0.27 24.12
C GLY XB 156 -66.64 -1.07 25.28
N GLN XB 157 -65.90 -1.13 26.38
CA GLN XB 157 -66.33 -1.84 27.56
C GLN XB 157 -66.63 -0.94 28.75
N GLY XB 158 -66.32 0.36 28.66
CA GLY XB 158 -66.75 1.33 29.63
C GLY XB 158 -65.88 1.52 30.87
N SER XB 159 -64.70 0.90 30.93
CA SER XB 159 -63.86 1.06 32.11
C SER XB 159 -62.41 0.77 31.77
N PHE XB 160 -61.50 1.58 32.31
CA PHE XB 160 -60.07 1.33 32.15
C PHE XB 160 -59.62 0.09 32.92
N SER XB 161 -60.46 -0.46 33.78
CA SER XB 161 -60.22 -1.78 34.34
C SER XB 161 -60.16 -2.85 33.27
N ASP XB 162 -60.85 -2.63 32.15
CA ASP XB 162 -60.95 -3.60 31.07
C ASP XB 162 -59.75 -3.56 30.13
N GLY XB 163 -58.84 -2.61 30.32
CA GLY XB 163 -57.65 -2.58 29.52
C GLY XB 163 -56.63 -3.60 29.96
N MET XB 164 -55.59 -3.75 29.15
CA MET XB 164 -54.55 -4.72 29.45
C MET XB 164 -53.72 -4.26 30.64
N PRO XB 165 -53.55 -5.09 31.67
CA PRO XB 165 -52.63 -4.75 32.76
C PRO XB 165 -51.20 -4.64 32.25
N LEU XB 166 -50.46 -3.73 32.86
CA LEU XB 166 -49.11 -3.37 32.39
C LEU XB 166 -48.08 -4.29 33.03
N GLY XB 167 -47.97 -5.49 32.47
CA GLY XB 167 -46.99 -6.43 32.97
C GLY XB 167 -47.01 -7.72 32.17
N ILE XB 168 -46.25 -8.70 32.67
CA ILE XB 168 -46.10 -9.98 31.97
C ILE XB 168 -47.27 -10.90 32.28
N SER XB 169 -47.48 -11.28 33.54
CA SER XB 169 -48.68 -12.07 33.82
C SER XB 169 -49.92 -11.19 33.80
N GLY XB 170 -49.72 -9.87 33.86
CA GLY XB 170 -50.85 -8.97 33.72
C GLY XB 170 -51.51 -9.05 32.36
N THR XB 171 -50.71 -9.05 31.29
CA THR XB 171 -51.28 -9.11 29.95
C THR XB 171 -51.92 -10.47 29.69
N PHE XB 172 -51.46 -11.51 30.37
CA PHE XB 172 -52.03 -12.83 30.15
C PHE XB 172 -53.32 -13.00 30.93
N ASN XB 173 -53.54 -12.15 31.94
CA ASN XB 173 -54.85 -12.11 32.60
C ASN XB 173 -55.92 -11.65 31.63
N PHE XB 174 -55.60 -10.66 30.81
CA PHE XB 174 -56.57 -10.16 29.85
C PHE XB 174 -56.76 -11.16 28.72
N MET XB 175 -55.81 -12.08 28.56
CA MET XB 175 -55.87 -13.08 27.50
C MET XB 175 -56.94 -14.13 27.77
N ILE XB 176 -57.00 -14.64 29.00
CA ILE XB 176 -57.80 -15.83 29.26
C ILE XB 176 -59.22 -15.45 29.60
N VAL XB 177 -59.44 -14.19 29.99
CA VAL XB 177 -60.79 -13.69 30.21
C VAL XB 177 -61.45 -13.36 28.88
N PHE XB 178 -60.63 -13.18 27.84
CA PHE XB 178 -61.11 -12.60 26.58
C PHE XB 178 -61.93 -13.59 25.76
N GLN XB 179 -61.44 -14.82 25.60
CA GLN XB 179 -62.06 -15.76 24.65
C GLN XB 179 -63.38 -16.30 25.15
N ALA XB 180 -63.72 -16.03 26.41
CA ALA XB 180 -65.02 -16.41 26.91
C ALA XB 180 -66.13 -15.53 26.33
N GLU XB 181 -65.77 -14.44 25.65
CA GLU XB 181 -66.75 -13.50 25.16
C GLU XB 181 -66.55 -13.06 23.71
N HIS XB 182 -65.42 -13.38 23.07
CA HIS XB 182 -65.17 -12.80 21.76
C HIS XB 182 -64.67 -13.74 20.68
N ASN XB 183 -64.03 -14.86 21.01
CA ASN XB 183 -63.53 -15.84 20.03
C ASN XB 183 -62.69 -15.19 18.93
N ILE XB 184 -61.54 -14.66 19.35
CA ILE XB 184 -60.72 -13.86 18.45
C ILE XB 184 -60.04 -14.72 17.38
N LEU XB 185 -59.80 -16.00 17.64
CA LEU XB 185 -59.13 -16.82 16.62
C LEU XB 185 -60.12 -17.41 15.63
N MET XB 186 -61.42 -17.30 15.91
CA MET XB 186 -62.43 -17.76 14.98
C MET XB 186 -62.91 -16.60 14.09
N HIS XB 187 -62.58 -15.37 14.48
CA HIS XB 187 -62.95 -14.16 13.77
C HIS XB 187 -61.91 -13.84 12.69
N PRO XB 188 -62.32 -13.54 11.45
CA PRO XB 188 -61.33 -13.45 10.37
C PRO XB 188 -60.55 -12.14 10.29
N PHE XB 189 -60.72 -11.20 11.21
CA PHE XB 189 -59.76 -10.10 11.27
C PHE XB 189 -58.45 -10.53 11.92
N HIS XB 190 -58.55 -11.15 13.09
CA HIS XB 190 -57.36 -11.70 13.74
C HIS XB 190 -56.80 -12.88 12.96
N MET XB 191 -57.64 -13.57 12.19
CA MET XB 191 -57.23 -14.79 11.51
C MET XB 191 -56.18 -14.49 10.45
N PHE XB 192 -56.16 -13.26 9.93
CA PHE XB 192 -55.11 -12.89 8.98
C PHE XB 192 -53.86 -12.44 9.73
N GLY XB 193 -54.03 -11.92 10.94
CA GLY XB 193 -52.90 -11.44 11.70
C GLY XB 193 -51.98 -12.56 12.17
N VAL XB 194 -52.58 -13.69 12.59
CA VAL XB 194 -51.78 -14.83 13.05
C VAL XB 194 -50.94 -15.38 11.90
N ALA XB 195 -51.52 -15.48 10.70
CA ALA XB 195 -50.73 -15.81 9.53
C ALA XB 195 -49.73 -14.71 9.20
N GLY XB 196 -50.02 -13.46 9.61
CA GLY XB 196 -49.13 -12.36 9.29
C GLY XB 196 -47.79 -12.44 10.01
N VAL XB 197 -47.81 -12.81 11.30
CA VAL XB 197 -46.55 -12.93 12.02
C VAL XB 197 -45.82 -14.20 11.60
N PHE XB 198 -46.56 -15.26 11.27
CA PHE XB 198 -45.93 -16.44 10.68
C PHE XB 198 -45.43 -16.13 9.27
N GLY XB 199 -46.21 -15.37 8.50
CA GLY XB 199 -45.73 -14.86 7.23
C GLY XB 199 -44.60 -13.88 7.40
N GLY XB 200 -44.66 -13.04 8.44
CA GLY XB 200 -43.54 -12.18 8.74
C GLY XB 200 -42.30 -12.96 9.10
N SER XB 201 -42.46 -14.02 9.90
CA SER XB 201 -41.34 -14.92 10.16
C SER XB 201 -40.94 -15.68 8.90
N LEU XB 202 -41.91 -15.98 8.04
CA LEU XB 202 -41.60 -16.50 6.71
C LEU XB 202 -40.78 -15.50 5.91
N PHE XB 203 -41.24 -14.24 5.87
CA PHE XB 203 -40.61 -13.28 4.98
C PHE XB 203 -39.37 -12.64 5.60
N SER XB 204 -39.19 -12.79 6.90
CA SER XB 204 -37.89 -12.47 7.50
C SER XB 204 -36.88 -13.57 7.19
N ALA XB 205 -37.36 -14.82 7.12
CA ALA XB 205 -36.48 -15.95 6.83
C ALA XB 205 -36.11 -16.02 5.36
N MET XB 206 -37.09 -15.85 4.46
CA MET XB 206 -36.81 -16.05 3.04
C MET XB 206 -35.99 -14.89 2.48
N HIS XB 207 -36.24 -13.67 2.95
CA HIS XB 207 -35.49 -12.53 2.44
C HIS XB 207 -34.04 -12.59 2.87
N GLY XB 208 -33.78 -12.88 4.15
CA GLY XB 208 -32.41 -12.94 4.63
C GLY XB 208 -31.63 -14.09 4.05
N SER XB 209 -32.28 -15.25 3.88
CA SER XB 209 -31.57 -16.44 3.41
C SER XB 209 -31.18 -16.33 1.93
N LEU XB 210 -32.04 -15.74 1.11
CA LEU XB 210 -31.69 -15.53 -0.30
C LEU XB 210 -30.52 -14.55 -0.43
N VAL XB 211 -30.53 -13.49 0.37
CA VAL XB 211 -29.42 -12.53 0.34
C VAL XB 211 -28.15 -13.17 0.87
N THR XB 212 -28.26 -13.94 1.95
CA THR XB 212 -27.08 -14.57 2.56
C THR XB 212 -26.54 -15.68 1.68
N SER XB 213 -27.40 -16.38 0.94
CA SER XB 213 -26.95 -17.44 0.04
C SER XB 213 -26.08 -16.90 -1.08
N SER XB 214 -26.45 -15.74 -1.62
CA SER XB 214 -25.77 -15.17 -2.77
C SER XB 214 -24.83 -14.02 -2.41
N LEU XB 215 -24.32 -13.99 -1.17
CA LEU XB 215 -23.36 -12.97 -0.79
C LEU XB 215 -22.07 -13.14 -1.57
N ILE XB 216 -21.50 -12.02 -2.00
CA ILE XB 216 -20.33 -12.04 -2.86
C ILE XB 216 -19.08 -12.30 -2.02
N ARG XB 217 -18.16 -13.09 -2.57
CA ARG XB 217 -16.95 -13.46 -1.84
C ARG XB 217 -15.96 -12.29 -1.84
N GLU XB 218 -15.80 -11.65 -0.68
CA GLU XB 218 -14.78 -10.64 -0.49
C GLU XB 218 -13.95 -10.96 0.75
N THR XB 219 -14.48 -11.80 1.62
CA THR XB 219 -13.77 -12.24 2.81
C THR XB 219 -13.30 -13.68 2.64
N THR XB 220 -12.61 -14.17 3.64
CA THR XB 220 -12.07 -15.53 3.67
C THR XB 220 -12.90 -16.38 4.63
N GLU XB 221 -12.43 -17.60 4.89
CA GLU XB 221 -13.11 -18.44 5.88
C GLU XB 221 -12.62 -18.18 7.30
N ASN XB 222 -11.35 -17.83 7.48
CA ASN XB 222 -10.79 -17.57 8.79
C ASN XB 222 -11.36 -16.31 9.44
N GLU XB 223 -11.99 -15.44 8.66
CA GLU XB 223 -12.68 -14.27 9.17
C GLU XB 223 -14.12 -14.34 8.70
N SER XB 224 -15.03 -13.82 9.52
CA SER XB 224 -16.46 -13.95 9.24
C SER XB 224 -16.84 -13.20 7.97
N ALA XB 225 -17.90 -13.67 7.31
CA ALA XB 225 -18.38 -13.00 6.10
C ALA XB 225 -19.10 -11.70 6.40
N ASN XB 226 -19.23 -11.36 7.69
CA ASN XB 226 -19.86 -10.10 8.08
C ASN XB 226 -19.08 -8.90 7.55
N ALA XB 227 -17.75 -8.96 7.60
CA ALA XB 227 -16.94 -7.81 7.16
C ALA XB 227 -16.83 -7.71 5.65
N GLY XB 228 -17.54 -8.55 4.89
CA GLY XB 228 -17.51 -8.48 3.44
C GLY XB 228 -18.21 -7.27 2.85
N TYR XB 229 -19.06 -6.59 3.63
CA TYR XB 229 -19.77 -5.41 3.18
C TYR XB 229 -19.30 -4.21 3.98
N LYS XB 230 -18.89 -3.16 3.27
CA LYS XB 230 -18.29 -1.98 3.88
C LYS XB 230 -19.33 -0.88 4.00
N PHE XB 231 -19.30 -0.17 5.13
CA PHE XB 231 -20.26 0.89 5.40
C PHE XB 231 -20.11 2.02 4.39
N GLY XB 232 -21.23 2.44 3.80
CA GLY XB 232 -21.23 3.52 2.83
C GLY XB 232 -20.74 3.15 1.45
N GLN XB 233 -20.50 1.87 1.17
CA GLN XB 233 -20.07 1.47 -0.16
C GLN XB 233 -21.23 1.54 -1.14
N GLU XB 234 -20.91 1.55 -2.43
CA GLU XB 234 -21.93 1.59 -3.47
C GLU XB 234 -22.22 0.24 -4.11
N GLU XB 235 -21.23 -0.67 -4.13
CA GLU XB 235 -21.42 -1.96 -4.78
C GLU XB 235 -22.35 -2.86 -3.97
N GLU XB 236 -23.21 -3.57 -4.68
CA GLU XB 236 -24.14 -4.49 -4.03
C GLU XB 236 -23.38 -5.63 -3.35
N THR XB 237 -23.91 -6.08 -2.20
CA THR XB 237 -23.27 -7.13 -1.43
C THR XB 237 -23.68 -8.53 -1.86
N TYR XB 238 -24.76 -8.67 -2.63
CA TYR XB 238 -25.23 -9.98 -3.03
C TYR XB 238 -25.74 -9.89 -4.46
N ASN XB 239 -26.29 -10.99 -4.94
CA ASN XB 239 -26.78 -11.07 -6.31
C ASN XB 239 -28.26 -11.40 -6.28
N ILE XB 240 -29.10 -10.46 -6.74
CA ILE XB 240 -30.52 -10.71 -6.88
C ILE XB 240 -30.77 -11.76 -7.96
N VAL XB 241 -29.95 -11.73 -9.02
CA VAL XB 241 -30.09 -12.70 -10.11
C VAL XB 241 -29.79 -14.11 -9.60
N ALA XB 242 -28.87 -14.24 -8.64
CA ALA XB 242 -28.67 -15.52 -7.99
C ALA XB 242 -29.76 -15.79 -6.96
N ALA XB 243 -30.25 -14.72 -6.31
CA ALA XB 243 -31.33 -14.89 -5.33
C ALA XB 243 -32.65 -15.21 -6.01
N HIS XB 244 -33.00 -14.44 -7.05
CA HIS XB 244 -34.27 -14.69 -7.75
C HIS XB 244 -34.16 -15.91 -8.66
N GLY XB 245 -33.00 -16.14 -9.26
CA GLY XB 245 -32.82 -17.32 -10.10
C GLY XB 245 -32.94 -18.61 -9.31
N TYR XB 246 -32.55 -18.57 -8.04
CA TYR XB 246 -32.78 -19.71 -7.15
C TYR XB 246 -34.26 -19.87 -6.85
N PHE XB 247 -34.89 -18.81 -6.33
CA PHE XB 247 -36.25 -18.91 -5.79
C PHE XB 247 -37.28 -19.22 -6.88
N GLY XB 248 -36.97 -18.90 -8.14
CA GLY XB 248 -37.90 -19.17 -9.21
C GLY XB 248 -38.13 -20.66 -9.44
N ARG XB 249 -37.09 -21.46 -9.34
CA ARG XB 249 -37.21 -22.89 -9.59
C ARG XB 249 -37.55 -23.70 -8.34
N LEU XB 250 -37.77 -23.05 -7.20
CA LEU XB 250 -38.27 -23.72 -6.01
C LEU XB 250 -39.80 -23.79 -5.96
N ILE XB 251 -40.48 -22.67 -6.20
CA ILE XB 251 -41.92 -22.62 -6.08
C ILE XB 251 -42.57 -22.32 -7.43
N PHE XB 252 -42.28 -21.15 -7.99
CA PHE XB 252 -42.91 -20.73 -9.24
C PHE XB 252 -41.96 -19.79 -9.97
N GLN XB 253 -41.70 -20.07 -11.24
CA GLN XB 253 -40.82 -19.21 -12.04
C GLN XB 253 -41.43 -17.83 -12.24
N TYR XB 254 -42.74 -17.77 -12.46
CA TYR XB 254 -43.40 -16.51 -12.79
C TYR XB 254 -44.00 -15.80 -11.59
N ALA XB 255 -44.29 -16.51 -10.49
CA ALA XB 255 -44.82 -15.89 -9.28
C ALA XB 255 -43.74 -15.53 -8.29
N SER XB 256 -42.50 -15.41 -8.76
CA SER XB 256 -41.38 -14.94 -7.96
C SER XB 256 -41.24 -13.43 -8.15
N PHE XB 257 -40.21 -12.86 -7.55
CA PHE XB 257 -40.06 -11.40 -7.52
C PHE XB 257 -38.84 -10.98 -8.36
N ASN XB 258 -39.11 -10.58 -9.60
CA ASN XB 258 -38.07 -9.97 -10.43
C ASN XB 258 -37.57 -8.66 -9.84
N ASN XB 259 -38.46 -7.83 -9.33
CA ASN XB 259 -38.12 -6.52 -8.79
C ASN XB 259 -37.83 -6.66 -7.30
N SER XB 260 -36.62 -6.26 -6.88
CA SER XB 260 -36.27 -6.32 -5.47
C SER XB 260 -37.04 -5.28 -4.66
N ARG XB 261 -37.41 -4.17 -5.30
CA ARG XB 261 -38.29 -3.20 -4.65
C ARG XB 261 -39.67 -3.81 -4.41
N SER XB 262 -40.18 -4.58 -5.38
CA SER XB 262 -41.44 -5.28 -5.20
C SER XB 262 -41.36 -6.31 -4.09
N LEU XB 263 -40.21 -6.98 -3.98
CA LEU XB 263 -40.01 -7.90 -2.87
C LEU XB 263 -40.00 -7.16 -1.53
N HIS XB 264 -39.29 -6.04 -1.46
CA HIS XB 264 -39.20 -5.28 -0.22
C HIS XB 264 -40.52 -4.59 0.14
N PHE XB 265 -41.30 -4.17 -0.86
CA PHE XB 265 -42.63 -3.66 -0.55
C PHE XB 265 -43.50 -4.78 0.00
N PHE XB 266 -43.42 -5.97 -0.61
CA PHE XB 266 -44.18 -7.11 -0.11
C PHE XB 266 -43.63 -7.58 1.23
N LEU XB 267 -42.34 -7.31 1.50
CA LEU XB 267 -41.83 -7.46 2.86
C LEU XB 267 -42.52 -6.49 3.82
N ALA XB 268 -42.74 -5.27 3.37
CA ALA XB 268 -43.31 -4.26 4.27
C ALA XB 268 -44.82 -4.35 4.34
N VAL XB 269 -45.48 -4.63 3.22
CA VAL XB 269 -46.94 -4.56 3.22
C VAL XB 269 -47.58 -5.75 3.95
N TRP XB 270 -46.96 -6.94 3.89
CA TRP XB 270 -47.64 -8.14 4.39
C TRP XB 270 -47.87 -8.16 5.89
N PRO XB 271 -46.85 -8.05 6.77
CA PRO XB 271 -47.16 -8.11 8.20
C PRO XB 271 -47.90 -6.89 8.71
N VAL XB 272 -47.71 -5.73 8.07
CA VAL XB 272 -48.36 -4.51 8.52
C VAL XB 272 -49.87 -4.59 8.30
N VAL XB 273 -50.30 -5.04 7.11
CA VAL XB 273 -51.74 -5.09 6.85
C VAL XB 273 -52.39 -6.20 7.67
N CYS XB 274 -51.62 -7.24 8.04
CA CYS XB 274 -52.17 -8.27 8.91
C CYS XB 274 -52.23 -7.77 10.35
N ILE XB 275 -51.23 -7.00 10.79
CA ILE XB 275 -51.29 -6.36 12.09
C ILE XB 275 -52.31 -5.22 12.06
N TRP XB 276 -52.52 -4.62 10.87
CA TRP XB 276 -53.60 -3.66 10.68
C TRP XB 276 -54.96 -4.26 11.01
N LEU XB 277 -55.25 -5.43 10.43
CA LEU XB 277 -56.60 -5.96 10.49
C LEU XB 277 -56.90 -6.56 11.85
N THR XB 278 -55.90 -7.13 12.51
CA THR XB 278 -56.13 -7.66 13.85
C THR XB 278 -56.19 -6.56 14.89
N ALA XB 279 -55.53 -5.42 14.64
CA ALA XB 279 -55.68 -4.27 15.52
C ALA XB 279 -57.10 -3.71 15.43
N LEU XB 280 -57.66 -3.72 14.22
CA LEU XB 280 -59.07 -3.40 14.06
C LEU XB 280 -59.95 -4.52 14.61
N GLY XB 281 -59.38 -5.71 14.77
CA GLY XB 281 -60.13 -6.79 15.40
C GLY XB 281 -60.48 -6.48 16.85
N ILE XB 282 -59.47 -6.13 17.65
CA ILE XB 282 -59.73 -5.76 19.04
C ILE XB 282 -60.60 -4.52 19.11
N SER XB 283 -60.39 -3.58 18.18
CA SER XB 283 -61.21 -2.39 18.10
C SER XB 283 -62.68 -2.74 17.88
N THR XB 284 -62.97 -3.86 17.23
CA THR XB 284 -64.36 -4.28 17.14
C THR XB 284 -64.68 -5.37 18.16
N MET XB 285 -63.66 -6.06 18.70
CA MET XB 285 -63.94 -6.90 19.87
C MET XB 285 -64.22 -6.08 21.10
N ALA XB 286 -63.82 -4.81 21.12
CA ALA XB 286 -64.26 -3.90 22.16
C ALA XB 286 -65.76 -3.69 22.10
N PHE XB 287 -66.34 -3.90 20.93
CA PHE XB 287 -67.71 -3.53 20.65
C PHE XB 287 -68.63 -4.74 20.60
N ASN XB 288 -68.14 -5.90 21.07
CA ASN XB 288 -68.89 -7.15 21.15
C ASN XB 288 -69.48 -7.56 19.79
N LEU XB 289 -68.64 -7.48 18.76
CA LEU XB 289 -68.98 -8.11 17.51
C LEU XB 289 -68.71 -9.61 17.52
N ASN XB 290 -67.85 -10.07 18.44
CA ASN XB 290 -67.53 -11.47 18.70
C ASN XB 290 -66.94 -12.21 17.50
N GLY XB 291 -66.52 -13.46 17.71
CA GLY XB 291 -66.10 -14.30 16.62
C GLY XB 291 -67.27 -15.04 16.02
N PHE XB 292 -66.95 -15.98 15.13
CA PHE XB 292 -68.00 -16.77 14.49
C PHE XB 292 -68.59 -17.77 15.48
N ASN XB 293 -69.88 -17.67 15.71
CA ASN XB 293 -70.58 -18.58 16.61
C ASN XB 293 -70.90 -19.84 15.81
N PHE XB 294 -70.24 -20.95 16.16
CA PHE XB 294 -70.51 -22.25 15.59
C PHE XB 294 -70.82 -23.28 16.68
N ASN XB 295 -71.40 -22.84 17.79
CA ASN XB 295 -71.79 -23.77 18.84
C ASN XB 295 -73.15 -24.37 18.52
N GLN XB 296 -73.18 -25.71 18.41
CA GLN XB 296 -74.36 -26.48 18.01
C GLN XB 296 -74.92 -25.99 16.67
N SER XB 297 -74.03 -25.70 15.74
CA SER XB 297 -74.45 -25.29 14.40
C SER XB 297 -74.68 -26.48 13.48
N VAL XB 298 -74.11 -27.63 13.81
CA VAL XB 298 -74.22 -28.83 12.99
C VAL XB 298 -75.13 -29.82 13.69
N VAL XB 299 -76.25 -30.16 13.04
CA VAL XB 299 -77.23 -31.08 13.57
C VAL XB 299 -77.60 -32.10 12.49
N ASP XB 300 -78.19 -33.21 12.91
CA ASP XB 300 -78.54 -34.30 12.02
C ASP XB 300 -80.02 -34.23 11.65
N SER XB 301 -80.52 -35.28 10.97
CA SER XB 301 -81.91 -35.31 10.52
C SER XB 301 -82.87 -35.31 11.70
N ASN XB 302 -82.56 -36.07 12.75
CA ASN XB 302 -83.34 -36.05 13.97
C ASN XB 302 -83.14 -34.77 14.77
N GLY XB 303 -82.16 -33.94 14.39
CA GLY XB 303 -81.89 -32.69 15.08
C GLY XB 303 -80.95 -32.80 16.25
N ARG XB 304 -80.40 -33.99 16.51
CA ARG XB 304 -79.40 -34.13 17.56
C ARG XB 304 -78.14 -33.39 17.17
N VAL XB 305 -77.49 -32.76 18.15
CA VAL XB 305 -76.30 -31.97 17.87
C VAL XB 305 -75.11 -32.89 17.63
N LEU XB 306 -74.55 -32.80 16.43
CA LEU XB 306 -73.28 -33.43 16.11
C LEU XB 306 -72.20 -32.41 16.46
N ASN XB 307 -71.57 -32.57 17.61
CA ASN XB 307 -70.62 -31.58 18.09
C ASN XB 307 -69.40 -31.50 17.18
N THR XB 308 -68.95 -30.27 16.94
CA THR XB 308 -67.80 -29.97 16.11
C THR XB 308 -66.63 -29.60 17.02
N TRP XB 309 -65.52 -29.21 16.39
CA TRP XB 309 -64.37 -28.77 17.18
C TRP XB 309 -64.66 -27.44 17.88
N ALA XB 310 -65.52 -26.60 17.28
CA ALA XB 310 -65.92 -25.36 17.92
C ALA XB 310 -66.76 -25.64 19.17
N ASP XB 311 -67.56 -26.70 19.16
CA ASP XB 311 -68.30 -27.09 20.35
C ASP XB 311 -67.38 -27.60 21.45
N ILE XB 312 -66.25 -28.21 21.07
CA ILE XB 312 -65.23 -28.55 22.06
C ILE XB 312 -64.58 -27.28 22.60
N ILE XB 313 -64.37 -26.29 21.71
CA ILE XB 313 -63.93 -24.97 22.14
C ILE XB 313 -65.01 -24.32 22.99
N ASN XB 314 -66.28 -24.57 22.64
CA ASN XB 314 -67.40 -24.03 23.41
C ASN XB 314 -67.43 -24.62 24.81
N ARG XB 315 -67.10 -25.92 24.94
CA ARG XB 315 -66.89 -26.49 26.26
C ARG XB 315 -65.70 -25.83 26.95
N ALA XB 316 -64.63 -25.58 26.18
CA ALA XB 316 -63.46 -24.89 26.73
C ALA XB 316 -63.79 -23.45 27.11
N ASN XB 317 -64.59 -22.76 26.28
CA ASN XB 317 -64.95 -21.38 26.58
C ASN XB 317 -66.00 -21.29 27.68
N LEU XB 318 -66.60 -22.43 28.04
CA LEU XB 318 -67.44 -22.47 29.23
C LEU XB 318 -66.57 -22.45 30.49
N GLY XB 319 -65.43 -23.15 30.45
CA GLY XB 319 -64.53 -23.16 31.58
C GLY XB 319 -63.90 -21.80 31.84
N MET XB 320 -63.65 -21.02 30.80
CA MET XB 320 -63.01 -19.71 30.99
C MET XB 320 -64.04 -18.62 31.26
N GLU XB 321 -65.33 -18.93 31.13
CA GLU XB 321 -66.36 -17.93 31.35
C GLU XB 321 -66.76 -17.85 32.81
N VAL XB 322 -67.14 -18.98 33.40
CA VAL XB 322 -67.79 -19.02 34.70
C VAL XB 322 -66.87 -18.61 35.83
N MET XB 323 -65.56 -18.58 35.59
CA MET XB 323 -64.61 -18.15 36.60
C MET XB 323 -63.82 -16.91 36.22
N HIS XB 324 -64.08 -16.34 35.05
CA HIS XB 324 -63.59 -14.99 34.77
C HIS XB 324 -64.37 -14.02 35.64
N GLU XB 325 -63.64 -13.16 36.37
CA GLU XB 325 -64.21 -12.23 37.35
C GLU XB 325 -65.22 -12.93 38.27
N ARG XB 326 -64.77 -14.03 38.87
CA ARG XB 326 -65.66 -14.81 39.72
C ARG XB 326 -66.53 -13.91 40.57
N ASN XB 327 -65.91 -13.09 41.41
CA ASN XB 327 -66.59 -12.33 42.44
C ASN XB 327 -67.12 -10.99 41.96
N ALA XB 328 -66.93 -10.67 40.68
CA ALA XB 328 -67.37 -9.40 40.11
C ALA XB 328 -68.70 -9.50 39.39
N HIS XB 329 -69.37 -10.65 39.46
CA HIS XB 329 -70.65 -10.84 38.81
C HIS XB 329 -71.74 -11.02 39.84
N ASN XB 330 -72.82 -10.26 39.69
CA ASN XB 330 -74.05 -10.46 40.44
C ASN XB 330 -75.23 -10.80 39.54
N PHE XB 331 -75.03 -10.76 38.23
CA PHE XB 331 -76.05 -11.02 37.22
C PHE XB 331 -75.53 -12.07 36.26
N PRO XB 332 -76.44 -12.88 35.68
CA PRO XB 332 -75.98 -13.98 34.81
C PRO XB 332 -75.31 -13.51 33.53
N LEU XB 333 -75.89 -12.54 32.83
CA LEU XB 333 -75.32 -12.07 31.58
C LEU XB 333 -74.19 -11.10 31.88
N ASP XB 334 -73.08 -11.25 31.18
CA ASP XB 334 -71.93 -10.37 31.37
C ASP XB 334 -71.93 -9.30 30.27
N LEU XB 335 -73.00 -8.50 30.28
CA LEU XB 335 -73.12 -7.43 29.28
C LEU XB 335 -72.20 -6.27 29.61
N ALA XB 336 -71.80 -6.13 30.87
CA ALA XB 336 -70.89 -5.06 31.29
C ALA XB 336 -69.44 -5.50 31.16
N GLY YB 1 -10.69 -11.20 12.96
CA GLY YB 1 -10.34 -12.54 12.52
C GLY YB 1 -11.40 -13.58 12.86
N LEU YB 2 -11.02 -14.57 13.67
CA LEU YB 2 -11.96 -15.61 14.04
C LEU YB 2 -13.05 -15.06 14.93
N PRO YB 3 -14.31 -15.39 14.66
CA PRO YB 3 -15.39 -15.06 15.60
C PRO YB 3 -15.33 -15.97 16.83
N TRP YB 4 -16.17 -15.63 17.82
CA TRP YB 4 -16.24 -16.47 19.01
C TRP YB 4 -16.86 -17.82 18.71
N TYR YB 5 -17.77 -17.87 17.73
CA TYR YB 5 -18.40 -19.12 17.33
C TYR YB 5 -17.57 -19.91 16.34
N ARG YB 6 -16.39 -19.41 15.98
CA ARG YB 6 -15.46 -20.12 15.11
C ARG YB 6 -14.09 -20.28 15.76
N VAL YB 7 -14.01 -20.27 17.09
CA VAL YB 7 -12.72 -20.37 17.77
C VAL YB 7 -12.12 -21.76 17.59
N HIS YB 8 -12.97 -22.75 17.39
CA HIS YB 8 -12.52 -24.13 17.32
C HIS YB 8 -12.17 -24.57 15.90
N THR YB 9 -12.24 -23.69 14.92
CA THR YB 9 -11.93 -24.07 13.54
C THR YB 9 -10.43 -24.17 13.30
N VAL YB 10 -9.61 -23.83 14.29
CA VAL YB 10 -8.16 -23.96 14.19
C VAL YB 10 -7.71 -25.41 14.02
N VAL YB 11 -8.32 -26.33 14.76
CA VAL YB 11 -7.84 -27.71 14.84
C VAL YB 11 -8.45 -28.59 13.75
N ILE YB 12 -9.03 -27.98 12.71
CA ILE YB 12 -9.63 -28.75 11.62
C ILE YB 12 -8.58 -29.55 10.88
N ASN YB 13 -7.50 -28.89 10.46
CA ASN YB 13 -6.46 -29.53 9.67
C ASN YB 13 -5.32 -30.06 10.53
N ASP YB 14 -5.46 -30.02 11.85
CA ASP YB 14 -4.41 -30.49 12.76
C ASP YB 14 -4.90 -31.70 13.53
N PRO YB 15 -4.59 -32.92 13.09
CA PRO YB 15 -4.96 -34.11 13.87
C PRO YB 15 -4.27 -34.20 15.21
N GLY YB 16 -3.07 -33.59 15.34
CA GLY YB 16 -2.37 -33.63 16.61
C GLY YB 16 -3.10 -32.88 17.71
N ARG YB 17 -3.66 -31.71 17.38
CA ARG YB 17 -4.46 -30.98 18.36
C ARG YB 17 -5.88 -31.53 18.44
N LEU YB 18 -6.36 -32.15 17.35
CA LEU YB 18 -7.69 -32.75 17.34
C LEU YB 18 -7.79 -33.91 18.33
N ILE YB 19 -6.77 -34.76 18.38
CA ILE YB 19 -6.71 -35.82 19.38
C ILE YB 19 -6.56 -35.20 20.77
N SER YB 20 -5.79 -34.12 20.87
CA SER YB 20 -5.56 -33.46 22.16
C SER YB 20 -6.85 -32.92 22.76
N VAL YB 21 -7.67 -32.25 21.94
CA VAL YB 21 -8.92 -31.71 22.47
C VAL YB 21 -9.91 -32.83 22.73
N HIS YB 22 -9.83 -33.93 21.97
CA HIS YB 22 -10.74 -35.05 22.21
C HIS YB 22 -10.42 -35.72 23.55
N LEU YB 23 -9.14 -35.72 23.94
CA LEU YB 23 -8.73 -36.47 25.11
C LEU YB 23 -9.16 -35.82 26.42
N MET YB 24 -9.08 -34.49 26.51
CA MET YB 24 -9.48 -33.86 27.76
C MET YB 24 -11.00 -33.97 27.97
N HIS YB 25 -11.79 -33.88 26.89
CA HIS YB 25 -13.22 -34.16 27.01
C HIS YB 25 -13.46 -35.60 27.41
N THR YB 26 -12.71 -36.54 26.84
CA THR YB 26 -12.87 -37.95 27.16
C THR YB 26 -12.55 -38.21 28.62
N ALA YB 27 -11.77 -37.32 29.23
CA ALA YB 27 -11.54 -37.40 30.67
C ALA YB 27 -12.50 -36.48 31.43
N LEU YB 28 -12.82 -35.31 30.87
CA LEU YB 28 -13.77 -34.40 31.51
C LEU YB 28 -15.13 -35.03 31.68
N VAL YB 29 -15.60 -35.73 30.64
CA VAL YB 29 -16.86 -36.45 30.73
C VAL YB 29 -16.76 -37.58 31.76
N ALA YB 30 -15.64 -38.31 31.76
CA ALA YB 30 -15.45 -39.39 32.72
C ALA YB 30 -15.15 -38.83 34.10
N GLY YB 31 -14.40 -37.73 34.18
CA GLY YB 31 -14.18 -37.08 35.46
C GLY YB 31 -15.46 -36.54 36.06
N TRP YB 32 -16.36 -36.05 35.20
CA TRP YB 32 -17.69 -35.69 35.65
C TRP YB 32 -18.46 -36.91 36.14
N ALA YB 33 -18.24 -38.06 35.50
CA ALA YB 33 -18.92 -39.29 35.92
C ALA YB 33 -18.49 -39.69 37.32
N GLY YB 34 -17.23 -39.48 37.66
CA GLY YB 34 -16.77 -39.77 39.01
C GLY YB 34 -17.23 -38.71 40.01
N ALA YB 35 -17.74 -37.59 39.51
CA ALA YB 35 -18.09 -36.48 40.39
C ALA YB 35 -19.36 -36.74 41.18
N MET YB 36 -20.45 -37.11 40.51
CA MET YB 36 -21.70 -37.32 41.23
C MET YB 36 -21.68 -38.61 42.04
N THR YB 37 -20.98 -39.64 41.56
CA THR YB 37 -20.91 -40.86 42.36
C THR YB 37 -20.10 -40.65 43.63
N LEU YB 38 -19.42 -39.51 43.75
CA LEU YB 38 -18.97 -39.04 45.06
C LEU YB 38 -20.00 -38.12 45.70
N PHE YB 39 -20.79 -37.42 44.88
CA PHE YB 39 -21.75 -36.44 45.41
C PHE YB 39 -23.12 -37.06 45.69
N GLU YB 40 -23.60 -37.90 44.77
CA GLU YB 40 -24.91 -38.53 44.93
C GLU YB 40 -24.92 -39.47 46.12
N ILE YB 41 -23.79 -40.15 46.39
CA ILE YB 41 -23.71 -41.07 47.50
C ILE YB 41 -23.76 -40.33 48.83
N ALA YB 42 -23.12 -39.16 48.91
CA ALA YB 42 -23.05 -38.42 50.17
C ALA YB 42 -24.41 -37.85 50.57
N VAL YB 43 -25.34 -37.71 49.62
CA VAL YB 43 -26.71 -37.33 49.95
C VAL YB 43 -27.65 -38.52 49.92
N PHE YB 44 -27.12 -39.72 49.66
CA PHE YB 44 -27.94 -40.92 49.59
C PHE YB 44 -28.12 -41.51 50.99
N ASP YB 45 -29.33 -41.99 51.26
CA ASP YB 45 -29.66 -42.58 52.57
C ASP YB 45 -30.07 -44.03 52.38
N PRO YB 46 -29.24 -44.99 52.80
CA PRO YB 46 -29.57 -46.41 52.65
C PRO YB 46 -30.49 -46.97 53.72
N SER YB 47 -31.19 -46.11 54.49
CA SER YB 47 -32.02 -46.56 55.60
C SER YB 47 -33.21 -47.43 55.17
N ASP YB 48 -33.75 -47.21 53.98
CA ASP YB 48 -34.89 -48.01 53.52
C ASP YB 48 -34.92 -48.01 52.00
N PRO YB 49 -34.38 -49.06 51.37
CA PRO YB 49 -34.39 -49.12 49.90
C PRO YB 49 -35.77 -49.35 49.29
N VAL YB 50 -36.77 -49.68 50.10
CA VAL YB 50 -38.11 -49.94 49.58
C VAL YB 50 -38.93 -48.65 49.58
N LEU YB 51 -39.12 -48.06 50.76
CA LEU YB 51 -39.94 -46.85 50.86
C LEU YB 51 -39.22 -45.59 50.46
N ASN YB 52 -37.90 -45.60 50.39
CA ASN YB 52 -37.11 -44.45 49.93
C ASN YB 52 -36.05 -44.92 48.95
N PRO YB 53 -36.45 -45.24 47.72
CA PRO YB 53 -35.49 -45.75 46.72
C PRO YB 53 -34.61 -44.63 46.18
N MET YB 54 -33.68 -45.02 45.30
CA MET YB 54 -32.74 -44.04 44.74
C MET YB 54 -33.43 -43.08 43.78
N TRP YB 55 -34.47 -43.54 43.07
CA TRP YB 55 -35.15 -42.66 42.13
C TRP YB 55 -36.10 -41.70 42.82
N ARG YB 56 -36.46 -41.95 44.08
CA ARG YB 56 -37.11 -40.97 44.92
C ARG YB 56 -36.12 -39.97 45.53
N GLN YB 57 -34.83 -40.28 45.49
CA GLN YB 57 -33.79 -39.36 45.95
C GLN YB 57 -33.17 -38.58 44.80
N GLY YB 58 -33.68 -38.74 43.58
CA GLY YB 58 -33.14 -38.02 42.45
C GLY YB 58 -31.81 -38.54 41.94
N MET YB 59 -31.50 -39.79 42.23
CA MET YB 59 -30.24 -40.40 41.80
C MET YB 59 -30.30 -40.65 40.30
N PHE YB 60 -29.38 -40.06 39.55
CA PHE YB 60 -29.37 -40.22 38.10
C PHE YB 60 -28.34 -41.25 37.65
N VAL YB 61 -27.06 -41.02 37.95
CA VAL YB 61 -26.04 -41.97 37.54
C VAL YB 61 -25.98 -43.20 38.42
N LEU YB 62 -26.54 -43.14 39.63
CA LEU YB 62 -26.58 -44.31 40.50
C LEU YB 62 -27.39 -45.47 39.92
N PRO YB 63 -28.61 -45.27 39.36
CA PRO YB 63 -29.29 -46.43 38.73
C PRO YB 63 -28.53 -47.03 37.57
N PHE YB 64 -27.82 -46.21 36.78
CA PHE YB 64 -27.09 -46.77 35.64
C PHE YB 64 -25.93 -47.63 36.08
N LEU YB 65 -25.17 -47.19 37.08
CA LEU YB 65 -24.07 -48.00 37.57
C LEU YB 65 -24.58 -49.21 38.35
N THR YB 66 -25.73 -49.07 39.01
CA THR YB 66 -26.34 -50.21 39.68
C THR YB 66 -26.90 -51.20 38.66
N ARG YB 67 -27.30 -50.70 37.48
CA ARG YB 67 -27.94 -51.53 36.45
C ARG YB 67 -27.04 -52.67 36.00
N LEU YB 68 -25.76 -52.39 35.77
CA LEU YB 68 -24.86 -53.36 35.17
C LEU YB 68 -23.85 -53.95 36.14
N GLY YB 69 -24.17 -54.02 37.44
CA GLY YB 69 -23.42 -54.90 38.31
C GLY YB 69 -23.03 -54.47 39.70
N VAL YB 70 -22.67 -53.20 39.91
CA VAL YB 70 -22.19 -52.82 41.23
C VAL YB 70 -23.38 -52.39 42.09
N THR YB 71 -23.66 -53.19 43.12
CA THR YB 71 -24.75 -52.96 44.05
C THR YB 71 -24.28 -52.63 45.46
N GLN YB 72 -23.11 -53.12 45.86
CA GLN YB 72 -22.59 -52.92 47.20
C GLN YB 72 -21.70 -51.68 47.26
N SER YB 73 -21.30 -51.32 48.48
CA SER YB 73 -20.52 -50.11 48.71
C SER YB 73 -19.55 -50.33 49.87
N TRP YB 74 -18.50 -49.50 49.89
CA TRP YB 74 -17.55 -49.49 51.00
C TRP YB 74 -18.16 -48.95 52.29
N GLY YB 75 -19.34 -48.34 52.22
CA GLY YB 75 -20.01 -47.77 53.38
C GLY YB 75 -20.77 -48.76 54.24
N GLY YB 76 -20.67 -50.05 53.97
CA GLY YB 76 -21.34 -51.05 54.75
C GLY YB 76 -22.80 -51.23 54.46
N TRP YB 77 -23.28 -50.74 53.33
CA TRP YB 77 -24.69 -50.86 52.96
C TRP YB 77 -24.80 -51.39 51.54
N THR YB 78 -25.85 -52.17 51.32
CA THR YB 78 -26.17 -52.70 50.00
C THR YB 78 -27.61 -52.34 49.67
N ILE YB 79 -27.80 -51.72 48.50
CA ILE YB 79 -29.11 -51.27 48.07
C ILE YB 79 -30.07 -52.42 47.82
N SER YB 80 -29.56 -53.59 47.44
CA SER YB 80 -30.40 -54.77 47.30
C SER YB 80 -31.02 -55.22 48.61
N GLY YB 81 -30.46 -54.80 49.75
CA GLY YB 81 -31.07 -55.07 51.03
C GLY YB 81 -30.12 -55.65 52.06
N GLU YB 82 -29.18 -56.49 51.62
CA GLU YB 82 -28.29 -57.19 52.53
C GLU YB 82 -27.15 -56.27 52.99
N THR YB 83 -26.13 -56.88 53.59
CA THR YB 83 -24.99 -56.17 54.13
C THR YB 83 -23.75 -56.47 53.28
N SER YB 84 -23.09 -55.41 52.81
CA SER YB 84 -21.88 -55.55 52.00
C SER YB 84 -20.72 -55.93 52.90
N SER YB 85 -20.53 -57.24 53.08
CA SER YB 85 -19.42 -57.70 53.91
C SER YB 85 -18.08 -57.43 53.24
N ASN YB 86 -17.94 -57.80 51.97
CA ASN YB 86 -16.72 -57.55 51.20
C ASN YB 86 -17.11 -56.96 49.86
N PRO YB 87 -17.41 -55.65 49.81
CA PRO YB 87 -17.76 -55.03 48.53
C PRO YB 87 -16.60 -54.97 47.55
N GLY YB 88 -15.36 -55.10 48.02
CA GLY YB 88 -14.22 -55.06 47.14
C GLY YB 88 -13.91 -53.64 46.69
N ILE YB 89 -12.94 -53.55 45.78
CA ILE YB 89 -12.55 -52.25 45.26
C ILE YB 89 -13.52 -51.76 44.20
N TRP YB 90 -14.46 -52.61 43.78
CA TRP YB 90 -15.44 -52.24 42.75
C TRP YB 90 -16.77 -51.88 43.42
N SER YB 91 -16.72 -50.82 44.23
CA SER YB 91 -17.87 -50.36 44.97
C SER YB 91 -18.36 -49.02 44.40
N TYR YB 92 -19.33 -48.40 45.07
CA TYR YB 92 -19.84 -47.11 44.59
C TYR YB 92 -18.77 -46.04 44.73
N GLU YB 93 -18.15 -45.94 45.91
CA GLU YB 93 -16.96 -45.12 46.03
C GLU YB 93 -15.79 -45.77 45.31
N GLY YB 94 -15.84 -47.09 45.13
CA GLY YB 94 -14.81 -47.77 44.37
C GLY YB 94 -14.82 -47.39 42.91
N ALA YB 95 -16.01 -47.30 42.32
CA ALA YB 95 -16.12 -46.83 40.94
C ALA YB 95 -15.90 -45.33 40.87
N ALA YB 96 -16.06 -44.63 41.99
CA ALA YB 96 -15.84 -43.19 42.02
C ALA YB 96 -14.38 -42.85 41.74
N ALA YB 97 -13.46 -43.49 42.47
CA ALA YB 97 -12.04 -43.22 42.26
C ALA YB 97 -11.57 -43.75 40.92
N SER YB 98 -12.29 -44.73 40.36
CA SER YB 98 -11.92 -45.29 39.07
C SER YB 98 -12.01 -44.25 37.95
N HIS YB 99 -13.11 -43.52 37.89
CA HIS YB 99 -13.27 -42.49 36.86
C HIS YB 99 -12.32 -41.32 37.08
N ILE YB 100 -12.10 -40.94 38.34
CA ILE YB 100 -11.26 -39.77 38.64
C ILE YB 100 -9.81 -40.03 38.28
N VAL YB 101 -9.30 -41.22 38.64
CA VAL YB 101 -7.95 -41.59 38.22
C VAL YB 101 -7.90 -41.75 36.71
N LEU YB 102 -8.99 -42.27 36.12
CA LEU YB 102 -9.10 -42.33 34.66
C LEU YB 102 -9.10 -40.93 34.07
N SER YB 103 -9.72 -39.97 34.77
CA SER YB 103 -9.74 -38.59 34.31
C SER YB 103 -8.34 -37.98 34.31
N GLY YB 104 -7.50 -38.37 35.26
CA GLY YB 104 -6.18 -37.79 35.34
C GLY YB 104 -5.23 -38.28 34.24
N LEU YB 105 -5.39 -39.54 33.84
CA LEU YB 105 -4.48 -40.12 32.85
C LEU YB 105 -4.68 -39.53 31.47
N LEU YB 106 -5.93 -39.19 31.12
CA LEU YB 106 -6.20 -38.68 29.79
C LEU YB 106 -5.98 -37.17 29.70
N PHE YB 107 -6.02 -36.45 30.83
CA PHE YB 107 -5.50 -35.09 30.85
C PHE YB 107 -4.04 -35.06 30.42
N LEU YB 108 -3.24 -35.98 30.98
CA LEU YB 108 -1.82 -36.04 30.67
C LEU YB 108 -1.60 -36.39 29.20
N ALA YB 109 -2.48 -37.21 28.62
CA ALA YB 109 -2.40 -37.49 27.19
C ALA YB 109 -2.93 -36.31 26.38
N SER YB 110 -3.94 -35.60 26.90
CA SER YB 110 -4.45 -34.41 26.22
C SER YB 110 -3.41 -33.31 26.22
N VAL YB 111 -2.63 -33.21 27.30
CA VAL YB 111 -1.54 -32.26 27.35
C VAL YB 111 -0.42 -32.66 26.40
N TRP YB 112 -0.17 -33.98 26.27
CA TRP YB 112 0.99 -34.41 25.50
C TRP YB 112 0.76 -34.13 24.02
N HIS YB 113 -0.41 -34.54 23.49
CA HIS YB 113 -0.74 -34.38 22.09
C HIS YB 113 -0.79 -32.92 21.67
N TRP YB 114 -1.07 -32.03 22.62
CA TRP YB 114 -1.13 -30.60 22.32
C TRP YB 114 0.24 -30.06 21.93
N VAL YB 115 1.26 -30.37 22.72
CA VAL YB 115 2.61 -29.93 22.39
C VAL YB 115 3.17 -30.74 21.24
N TYR YB 116 3.06 -32.07 21.33
CA TYR YB 116 3.57 -32.94 20.27
C TYR YB 116 2.47 -33.29 19.28
N TRP YB 117 1.93 -32.24 18.67
CA TRP YB 117 0.98 -32.38 17.58
C TRP YB 117 1.69 -32.75 16.28
N ASP YB 118 2.99 -32.50 16.19
CA ASP YB 118 3.74 -32.64 14.94
C ASP YB 118 4.27 -34.06 14.73
N LEU YB 119 3.39 -35.05 14.83
CA LEU YB 119 3.81 -36.43 14.60
C LEU YB 119 3.94 -36.68 13.10
N GLU YB 120 4.87 -37.56 12.73
CA GLU YB 120 5.03 -37.90 11.32
C GLU YB 120 3.97 -38.89 10.84
N LEU YB 121 3.14 -39.41 11.76
CA LEU YB 121 2.05 -40.30 11.37
C LEU YB 121 0.93 -39.53 10.68
N PHE YB 122 0.76 -38.25 11.03
CA PHE YB 122 -0.30 -37.43 10.44
C PHE YB 122 0.03 -36.95 9.04
N ARG YB 123 1.23 -37.22 8.53
CA ARG YB 123 1.60 -36.89 7.17
C ARG YB 123 1.66 -38.16 6.33
N ASP YB 124 1.03 -38.12 5.16
CA ASP YB 124 1.11 -39.26 4.27
C ASP YB 124 2.51 -39.33 3.64
N PRO YB 125 2.98 -40.53 3.29
CA PRO YB 125 4.29 -40.62 2.62
C PRO YB 125 4.27 -40.13 1.18
N ARG YB 126 3.09 -39.84 0.62
CA ARG YB 126 2.98 -39.53 -0.81
C ARG YB 126 3.41 -38.08 -1.09
N THR YB 127 2.79 -37.11 -0.39
CA THR YB 127 3.11 -35.71 -0.58
C THR YB 127 3.79 -35.06 0.62
N GLY YB 128 3.70 -35.67 1.80
CA GLY YB 128 4.30 -35.13 3.01
C GLY YB 128 3.44 -34.12 3.74
N LYS YB 129 2.31 -33.71 3.16
CA LYS YB 129 1.41 -32.79 3.84
C LYS YB 129 0.55 -33.56 4.83
N THR YB 130 -0.19 -32.81 5.66
CA THR YB 130 -1.07 -33.43 6.63
C THR YB 130 -2.22 -34.16 5.91
N ALA YB 131 -2.52 -35.37 6.38
CA ALA YB 131 -3.54 -36.20 5.75
C ALA YB 131 -4.02 -37.23 6.76
N LEU YB 132 -5.20 -37.78 6.48
CA LEU YB 132 -5.82 -38.79 7.33
C LEU YB 132 -6.56 -39.81 6.47
N ASP YB 133 -6.24 -41.09 6.66
CA ASP YB 133 -6.90 -42.20 5.97
C ASP YB 133 -8.15 -42.63 6.74
N LEU YB 134 -9.18 -41.78 6.66
CA LEU YB 134 -10.45 -42.07 7.31
C LEU YB 134 -11.08 -43.42 6.95
N PRO YB 135 -11.06 -43.91 5.70
CA PRO YB 135 -11.62 -45.26 5.46
C PRO YB 135 -10.93 -46.37 6.24
N LYS YB 136 -9.61 -46.25 6.45
CA LYS YB 136 -8.91 -47.26 7.22
C LYS YB 136 -9.08 -47.05 8.72
N ILE YB 137 -9.24 -45.81 9.16
CA ILE YB 137 -9.47 -45.53 10.59
C ILE YB 137 -10.82 -46.06 11.01
N PHE YB 138 -11.82 -46.00 10.14
CA PHE YB 138 -13.16 -46.45 10.52
C PHE YB 138 -13.20 -47.96 10.72
N GLY YB 139 -12.55 -48.71 9.84
CA GLY YB 139 -12.61 -50.16 9.94
C GLY YB 139 -12.02 -50.69 11.23
N ILE YB 140 -10.90 -50.12 11.67
CA ILE YB 140 -10.33 -50.50 12.97
C ILE YB 140 -11.18 -49.91 14.10
N HIS YB 141 -11.75 -48.73 13.89
CA HIS YB 141 -12.67 -48.19 14.89
C HIS YB 141 -13.97 -48.97 14.92
N LEU YB 142 -14.39 -49.52 13.78
CA LEU YB 142 -15.51 -50.46 13.80
C LEU YB 142 -15.07 -51.80 14.39
N PHE YB 143 -13.79 -52.12 14.24
CA PHE YB 143 -13.25 -53.33 14.86
C PHE YB 143 -13.31 -53.23 16.38
N LEU YB 144 -12.81 -52.12 16.94
CA LEU YB 144 -12.89 -51.91 18.38
C LEU YB 144 -14.33 -51.80 18.85
N ALA YB 145 -15.19 -51.12 18.07
CA ALA YB 145 -16.61 -51.09 18.39
C ALA YB 145 -17.20 -52.48 18.27
N GLY YB 146 -16.78 -53.25 17.26
CA GLY YB 146 -17.23 -54.63 17.16
C GLY YB 146 -16.67 -55.53 18.25
N LEU YB 147 -15.40 -55.31 18.62
CA LEU YB 147 -14.74 -56.20 19.57
C LEU YB 147 -15.34 -56.10 20.96
N LEU YB 148 -15.52 -54.89 21.48
CA LEU YB 148 -15.99 -54.76 22.86
C LEU YB 148 -17.47 -55.08 22.96
N CYS YB 149 -18.25 -54.75 21.92
CA CYS YB 149 -19.67 -55.06 21.93
C CYS YB 149 -19.90 -56.57 21.93
N PHE YB 150 -19.08 -57.31 21.17
CA PHE YB 150 -19.16 -58.76 21.19
C PHE YB 150 -18.84 -59.30 22.58
N GLY YB 151 -17.79 -58.78 23.21
CA GLY YB 151 -17.44 -59.22 24.54
C GLY YB 151 -18.44 -58.79 25.60
N PHE YB 152 -19.08 -57.64 25.37
CA PHE YB 152 -20.03 -57.11 26.37
C PHE YB 152 -21.27 -57.98 26.46
N GLY YB 153 -21.66 -58.59 25.34
CA GLY YB 153 -22.82 -59.46 25.34
C GLY YB 153 -22.50 -60.92 25.57
N ALA YB 154 -21.24 -61.31 25.42
CA ALA YB 154 -20.86 -62.72 25.56
C ALA YB 154 -20.29 -63.08 26.93
N PHE YB 155 -19.77 -62.12 27.68
CA PHE YB 155 -19.19 -62.42 28.97
C PHE YB 155 -19.74 -61.59 30.12
N HIS YB 156 -20.07 -60.31 29.89
CA HIS YB 156 -20.51 -59.48 31.00
C HIS YB 156 -21.97 -59.75 31.36
N VAL YB 157 -22.88 -59.51 30.42
CA VAL YB 157 -24.31 -59.64 30.72
C VAL YB 157 -24.77 -61.09 30.81
N THR YB 158 -24.03 -62.03 30.21
CA THR YB 158 -24.42 -63.44 30.29
C THR YB 158 -24.05 -64.09 31.62
N GLY YB 159 -23.21 -63.46 32.42
CA GLY YB 159 -22.88 -63.98 33.73
C GLY YB 159 -21.79 -65.02 33.77
N VAL YB 160 -21.22 -65.41 32.63
CA VAL YB 160 -20.09 -66.34 32.67
C VAL YB 160 -18.84 -65.64 33.21
N PHE YB 161 -18.67 -64.35 32.91
CA PHE YB 161 -17.59 -63.54 33.45
C PHE YB 161 -18.09 -62.36 34.27
N GLY YB 162 -18.93 -61.52 33.69
CA GLY YB 162 -19.43 -60.36 34.38
C GLY YB 162 -20.59 -60.72 35.29
N PRO YB 163 -21.07 -59.75 36.06
CA PRO YB 163 -22.19 -60.01 36.96
C PRO YB 163 -23.55 -60.03 36.28
N GLY YB 164 -23.63 -59.60 35.03
CA GLY YB 164 -24.90 -59.53 34.34
C GLY YB 164 -25.45 -58.11 34.32
N ILE YB 165 -26.78 -58.04 34.43
CA ILE YB 165 -27.51 -56.78 34.46
C ILE YB 165 -28.57 -56.87 35.55
N TRP YB 166 -29.15 -55.72 35.88
CA TRP YB 166 -30.22 -55.67 36.87
C TRP YB 166 -31.48 -56.26 36.26
N VAL YB 167 -31.81 -57.49 36.67
CA VAL YB 167 -32.98 -58.20 36.16
C VAL YB 167 -33.94 -58.42 37.33
N SER YB 168 -35.18 -58.01 37.15
CA SER YB 168 -36.19 -58.10 38.18
C SER YB 168 -37.44 -58.80 37.63
N ASP YB 169 -38.49 -58.77 38.45
CA ASP YB 169 -39.77 -59.36 38.09
C ASP YB 169 -40.57 -58.39 37.21
N PRO YB 170 -41.67 -58.83 36.60
CA PRO YB 170 -42.50 -57.90 35.81
C PRO YB 170 -43.04 -56.69 36.57
N TYR YB 171 -43.12 -56.73 37.90
CA TYR YB 171 -43.65 -55.62 38.66
C TYR YB 171 -42.64 -55.01 39.62
N GLY YB 172 -41.37 -55.38 39.49
CA GLY YB 172 -40.29 -54.75 40.25
C GLY YB 172 -40.36 -54.94 41.75
N LEU YB 173 -40.56 -56.18 42.21
CA LEU YB 173 -40.67 -56.44 43.64
C LEU YB 173 -39.32 -56.76 44.28
N THR YB 174 -38.65 -57.82 43.82
CA THR YB 174 -37.40 -58.22 44.45
C THR YB 174 -36.21 -57.44 43.92
N GLY YB 175 -35.86 -57.66 42.66
CA GLY YB 175 -34.73 -57.00 42.03
C GLY YB 175 -33.39 -57.57 42.42
N SER YB 176 -32.53 -57.80 41.43
CA SER YB 176 -31.18 -58.34 41.64
C SER YB 176 -30.40 -58.18 40.35
N VAL YB 177 -29.09 -58.39 40.45
CA VAL YB 177 -28.23 -58.49 39.28
C VAL YB 177 -27.84 -59.95 39.14
N GLN YB 178 -28.30 -60.60 38.08
CA GLN YB 178 -28.07 -62.02 37.89
C GLN YB 178 -27.89 -62.31 36.41
N PRO YB 179 -27.21 -63.41 36.06
CA PRO YB 179 -27.02 -63.77 34.66
C PRO YB 179 -28.34 -64.02 33.94
N VAL YB 180 -28.35 -63.72 32.64
CA VAL YB 180 -29.51 -63.92 31.79
C VAL YB 180 -29.06 -64.65 30.52
N ALA YB 181 -29.89 -65.57 30.04
CA ALA YB 181 -29.61 -66.38 28.86
C ALA YB 181 -30.08 -65.66 27.60
N PRO YB 182 -29.21 -65.56 26.59
CA PRO YB 182 -29.60 -64.88 25.35
C PRO YB 182 -30.69 -65.63 24.58
N SER YB 183 -31.51 -64.87 23.87
CA SER YB 183 -32.58 -65.40 23.03
C SER YB 183 -32.17 -65.20 21.58
N TRP YB 184 -32.02 -66.30 20.85
CA TRP YB 184 -31.58 -66.26 19.45
C TRP YB 184 -32.74 -66.30 18.46
N GLY YB 185 -33.96 -66.56 18.91
CA GLY YB 185 -35.11 -66.59 18.05
C GLY YB 185 -35.76 -65.23 17.91
N ALA YB 186 -37.08 -65.26 17.68
CA ALA YB 186 -37.84 -64.02 17.66
C ALA YB 186 -38.03 -63.45 19.07
N GLU YB 187 -37.67 -64.25 20.09
CA GLU YB 187 -37.84 -63.83 21.47
C GLU YB 187 -36.75 -62.86 21.92
N GLY YB 188 -35.72 -62.65 21.11
CA GLY YB 188 -34.70 -61.67 21.43
C GLY YB 188 -35.15 -60.24 21.21
N PHE YB 189 -36.17 -60.03 20.40
CA PHE YB 189 -36.76 -58.71 20.19
C PHE YB 189 -38.01 -58.51 21.04
N ASP YB 190 -38.22 -59.36 22.03
CA ASP YB 190 -39.26 -59.16 23.02
C ASP YB 190 -38.92 -57.88 23.76
N PRO YB 191 -39.82 -56.89 23.84
CA PRO YB 191 -39.45 -55.57 24.40
C PRO YB 191 -38.94 -55.60 25.82
N TYR YB 192 -39.32 -56.59 26.63
CA TYR YB 192 -39.00 -56.57 28.05
C TYR YB 192 -38.23 -57.82 28.50
N ASN YB 193 -37.73 -58.61 27.56
CA ASN YB 193 -36.95 -59.79 27.91
C ASN YB 193 -35.47 -59.42 28.04
N PRO YB 194 -34.87 -59.56 29.23
CA PRO YB 194 -33.44 -59.22 29.39
C PRO YB 194 -32.50 -60.06 28.54
N GLY YB 195 -32.94 -61.23 28.06
CA GLY YB 195 -32.11 -62.04 27.19
C GLY YB 195 -31.90 -61.47 25.81
N GLY YB 196 -32.65 -60.42 25.44
CA GLY YB 196 -32.43 -59.79 24.16
C GLY YB 196 -31.16 -58.95 24.12
N VAL YB 197 -30.73 -58.44 25.27
CA VAL YB 197 -29.51 -57.65 25.37
C VAL YB 197 -28.25 -58.46 25.03
N PRO YB 198 -28.01 -59.68 25.59
CA PRO YB 198 -26.76 -60.36 25.23
C PRO YB 198 -26.69 -60.81 23.77
N ALA YB 199 -27.77 -61.37 23.23
CA ALA YB 199 -27.75 -61.83 21.85
C ALA YB 199 -27.66 -60.65 20.89
N HIS YB 200 -28.07 -59.46 21.34
CA HIS YB 200 -27.88 -58.25 20.55
C HIS YB 200 -26.40 -57.91 20.43
N HIS YB 201 -25.74 -57.70 21.56
CA HIS YB 201 -24.36 -57.24 21.56
C HIS YB 201 -23.42 -58.28 20.95
N ILE YB 202 -23.77 -59.56 21.05
CA ILE YB 202 -22.97 -60.60 20.41
C ILE YB 202 -23.11 -60.51 18.89
N ALA YB 203 -24.35 -60.43 18.41
CA ALA YB 203 -24.60 -60.44 16.96
C ALA YB 203 -24.10 -59.15 16.30
N ALA YB 204 -24.29 -58.01 16.96
CA ALA YB 204 -23.73 -56.77 16.44
C ALA YB 204 -22.21 -56.78 16.52
N GLY YB 205 -21.66 -57.43 17.55
CA GLY YB 205 -20.21 -57.52 17.67
C GLY YB 205 -19.58 -58.39 16.60
N ILE YB 206 -20.26 -59.48 16.22
CA ILE YB 206 -19.72 -60.36 15.18
C ILE YB 206 -19.69 -59.66 13.84
N LEU YB 207 -20.80 -59.02 13.46
CA LEU YB 207 -20.88 -58.38 12.16
C LEU YB 207 -20.15 -57.03 12.17
N GLY YB 208 -19.98 -56.44 13.35
CA GLY YB 208 -19.16 -55.25 13.45
C GLY YB 208 -17.70 -55.54 13.15
N VAL YB 209 -17.24 -56.74 13.49
CA VAL YB 209 -15.85 -57.13 13.21
C VAL YB 209 -15.66 -57.40 11.72
N LEU YB 210 -16.58 -58.16 11.12
CA LEU YB 210 -16.42 -58.54 9.72
C LEU YB 210 -16.58 -57.34 8.78
N ALA YB 211 -17.53 -56.45 9.08
CA ALA YB 211 -17.72 -55.27 8.24
C ALA YB 211 -16.51 -54.35 8.32
N GLY YB 212 -15.92 -54.21 9.52
CA GLY YB 212 -14.71 -53.41 9.65
C GLY YB 212 -13.53 -54.04 8.92
N LEU YB 213 -13.45 -55.38 8.95
CA LEU YB 213 -12.40 -56.06 8.20
C LEU YB 213 -12.65 -55.92 6.70
N PHE YB 214 -13.91 -55.89 6.28
CA PHE YB 214 -14.23 -55.59 4.89
C PHE YB 214 -13.78 -54.18 4.55
N HIS YB 215 -13.99 -53.23 5.46
CA HIS YB 215 -13.50 -51.87 5.31
C HIS YB 215 -11.98 -51.82 5.33
N LEU YB 216 -11.35 -52.74 6.06
CA LEU YB 216 -9.90 -52.82 6.11
C LEU YB 216 -9.31 -53.21 4.77
N CYS YB 217 -9.94 -54.17 4.09
CA CYS YB 217 -9.42 -54.71 2.84
C CYS YB 217 -9.93 -53.97 1.61
N VAL YB 218 -11.17 -53.49 1.66
CA VAL YB 218 -11.80 -52.89 0.49
C VAL YB 218 -11.84 -51.36 0.65
N ARG YB 219 -11.29 -50.66 -0.34
CA ARG YB 219 -11.38 -49.21 -0.38
C ARG YB 219 -12.74 -48.80 -0.96
N PRO YB 220 -13.20 -47.57 -0.69
CA PRO YB 220 -14.51 -47.15 -1.22
C PRO YB 220 -14.48 -46.90 -2.72
N SER YB 221 -15.62 -46.43 -3.22
CA SER YB 221 -15.77 -46.11 -4.64
C SER YB 221 -15.61 -44.61 -4.85
N ILE YB 222 -15.24 -44.24 -6.09
CA ILE YB 222 -14.94 -42.84 -6.39
C ILE YB 222 -16.20 -42.00 -6.35
N ARG YB 223 -17.33 -42.54 -6.83
CA ARG YB 223 -18.57 -41.77 -6.81
C ARG YB 223 -19.02 -41.51 -5.37
N LEU YB 224 -18.90 -42.51 -4.51
CA LEU YB 224 -19.25 -42.32 -3.10
C LEU YB 224 -18.22 -41.44 -2.41
N TYR YB 225 -16.96 -41.53 -2.82
CA TYR YB 225 -15.92 -40.69 -2.22
C TYR YB 225 -16.07 -39.24 -2.67
N PHE YB 226 -16.30 -39.01 -3.96
CA PHE YB 226 -16.62 -37.67 -4.44
C PHE YB 226 -18.02 -37.23 -4.06
N GLY YB 227 -18.91 -38.18 -3.76
CA GLY YB 227 -20.28 -37.82 -3.41
C GLY YB 227 -20.37 -37.08 -2.10
N LEU YB 228 -19.93 -37.70 -1.01
CA LEU YB 228 -20.03 -37.07 0.29
C LEU YB 228 -18.91 -36.06 0.53
N SER YB 229 -17.99 -35.93 -0.43
CA SER YB 229 -16.79 -35.08 -0.34
C SER YB 229 -16.03 -35.39 0.95
N MET YB 230 -15.60 -36.64 1.05
CA MET YB 230 -15.01 -37.12 2.28
C MET YB 230 -13.55 -36.74 2.45
N GLY YB 231 -12.92 -36.17 1.42
CA GLY YB 231 -11.55 -35.73 1.55
C GLY YB 231 -11.30 -34.66 2.60
N SER YB 232 -12.37 -34.05 3.10
CA SER YB 232 -12.34 -33.11 4.21
C SER YB 232 -12.65 -33.86 5.49
N ILE YB 233 -12.05 -33.41 6.60
CA ILE YB 233 -12.30 -34.06 7.88
C ILE YB 233 -13.67 -33.60 8.43
N GLU YB 234 -14.27 -32.57 7.83
CA GLU YB 234 -15.62 -32.17 8.24
C GLU YB 234 -16.70 -33.13 7.75
N SER YB 235 -16.38 -33.99 6.78
CA SER YB 235 -17.38 -34.90 6.24
C SER YB 235 -17.77 -35.97 7.25
N VAL YB 236 -16.78 -36.51 7.96
CA VAL YB 236 -17.06 -37.57 8.93
C VAL YB 236 -17.82 -37.03 10.15
N LEU YB 237 -17.61 -35.76 10.50
CA LEU YB 237 -18.28 -35.18 11.66
C LEU YB 237 -19.79 -35.12 11.46
N SER YB 238 -20.23 -34.74 10.26
CA SER YB 238 -21.67 -34.69 9.97
C SER YB 238 -22.29 -36.07 10.04
N SER YB 239 -21.55 -37.09 9.61
CA SER YB 239 -22.05 -38.46 9.70
C SER YB 239 -22.07 -38.95 11.13
N SER YB 240 -21.07 -38.56 11.93
CA SER YB 240 -21.05 -38.95 13.34
C SER YB 240 -22.16 -38.27 14.13
N ILE YB 241 -22.35 -36.96 13.90
CA ILE YB 241 -23.42 -36.23 14.59
C ILE YB 241 -24.79 -36.81 14.22
N ALA YB 242 -24.95 -37.22 12.97
CA ALA YB 242 -26.18 -37.86 12.54
C ALA YB 242 -26.43 -39.16 13.28
N ALA YB 243 -25.37 -39.94 13.52
CA ALA YB 243 -25.53 -41.21 14.20
C ALA YB 243 -25.81 -41.03 15.69
N VAL YB 244 -25.43 -39.88 16.25
CA VAL YB 244 -25.56 -39.69 17.70
C VAL YB 244 -27.01 -39.42 18.09
N PHE YB 245 -27.64 -38.40 17.49
CA PHE YB 245 -29.00 -38.07 17.92
C PHE YB 245 -30.01 -39.08 17.39
N TRP YB 246 -29.64 -39.87 16.39
CA TRP YB 246 -30.46 -41.00 15.98
C TRP YB 246 -30.61 -41.99 17.12
N ALA YB 247 -29.49 -42.38 17.74
CA ALA YB 247 -29.54 -43.26 18.90
C ALA YB 247 -30.19 -42.56 20.08
N ALA YB 248 -30.01 -41.23 20.19
CA ALA YB 248 -30.62 -40.48 21.28
C ALA YB 248 -32.13 -40.51 21.19
N PHE YB 249 -32.68 -40.31 20.00
CA PHE YB 249 -34.12 -40.42 19.81
C PHE YB 249 -34.58 -41.82 20.18
N VAL YB 250 -33.82 -42.83 19.77
CA VAL YB 250 -34.15 -44.21 20.12
C VAL YB 250 -34.03 -44.44 21.63
N VAL YB 251 -32.93 -43.96 22.23
CA VAL YB 251 -32.72 -44.23 23.66
C VAL YB 251 -33.66 -43.40 24.52
N ALA YB 252 -34.17 -42.28 24.00
CA ALA YB 252 -35.10 -41.48 24.79
C ALA YB 252 -36.39 -42.23 25.06
N GLY YB 253 -36.88 -42.97 24.06
CA GLY YB 253 -38.09 -43.74 24.25
C GLY YB 253 -37.86 -45.07 24.95
N THR YB 254 -36.59 -45.42 25.17
CA THR YB 254 -36.29 -46.72 25.75
C THR YB 254 -36.68 -46.80 27.22
N MET YB 255 -36.32 -45.79 28.02
CA MET YB 255 -36.76 -45.77 29.42
C MET YB 255 -38.13 -45.12 29.60
N TRP YB 256 -38.50 -44.14 28.76
CA TRP YB 256 -39.83 -43.54 28.89
C TRP YB 256 -40.94 -44.55 28.64
N TYR YB 257 -40.80 -45.34 27.58
CA TYR YB 257 -41.72 -46.46 27.40
C TYR YB 257 -41.35 -47.67 28.23
N GLY YB 258 -40.09 -47.80 28.62
CA GLY YB 258 -39.67 -48.96 29.37
C GLY YB 258 -39.29 -50.11 28.46
N SER YB 259 -38.28 -50.88 28.86
CA SER YB 259 -37.84 -52.05 28.12
C SER YB 259 -37.09 -52.96 29.08
N ALA YB 260 -36.37 -53.94 28.53
CA ALA YB 260 -35.69 -54.95 29.33
C ALA YB 260 -34.59 -54.40 30.21
N ALA YB 261 -33.87 -53.37 29.76
CA ALA YB 261 -32.83 -52.75 30.55
C ALA YB 261 -33.35 -51.59 31.38
N THR YB 262 -34.66 -51.48 31.56
CA THR YB 262 -35.29 -50.34 32.23
C THR YB 262 -36.05 -50.84 33.43
N PRO YB 263 -35.37 -51.03 34.56
CA PRO YB 263 -36.08 -51.46 35.77
C PRO YB 263 -36.81 -50.31 36.44
N ILE YB 264 -37.99 -50.63 36.96
CA ILE YB 264 -38.76 -49.64 37.70
C ILE YB 264 -38.22 -49.51 39.11
N GLU YB 265 -37.40 -50.48 39.54
CA GLU YB 265 -36.78 -50.39 40.86
C GLU YB 265 -35.66 -49.36 40.89
N LEU YB 266 -35.06 -49.06 39.74
CA LEU YB 266 -33.92 -48.16 39.66
C LEU YB 266 -34.28 -46.79 39.08
N PHE YB 267 -34.90 -46.75 37.90
CA PHE YB 267 -35.27 -45.48 37.28
C PHE YB 267 -36.66 -45.02 37.65
N GLY YB 268 -37.42 -45.82 38.40
CA GLY YB 268 -38.78 -45.49 38.74
C GLY YB 268 -39.76 -46.02 37.71
N PRO YB 269 -41.02 -46.14 38.09
CA PRO YB 269 -42.03 -46.61 37.13
C PRO YB 269 -42.28 -45.57 36.06
N THR YB 270 -42.70 -46.05 34.89
CA THR YB 270 -43.01 -45.16 33.79
C THR YB 270 -44.37 -44.49 34.03
N ARG YB 271 -44.62 -43.42 33.27
CA ARG YB 271 -45.89 -42.72 33.38
C ARG YB 271 -47.05 -43.60 32.92
N TYR YB 272 -46.82 -44.47 31.95
CA TYR YB 272 -47.88 -45.30 31.39
C TYR YB 272 -48.42 -46.33 32.36
N GLN YB 273 -47.69 -46.66 33.43
CA GLN YB 273 -48.24 -47.54 34.45
C GLN YB 273 -49.43 -46.90 35.15
N TRP YB 274 -49.40 -45.57 35.30
CA TRP YB 274 -50.58 -44.88 35.81
C TRP YB 274 -51.65 -44.78 34.73
N ASP YB 275 -51.23 -44.62 33.47
CA ASP YB 275 -52.17 -44.62 32.36
C ASP YB 275 -52.85 -45.96 32.19
N GLN YB 276 -52.09 -47.05 32.29
CA GLN YB 276 -52.60 -48.40 32.05
C GLN YB 276 -53.24 -49.02 33.28
N GLY YB 277 -52.98 -48.47 34.47
CA GLY YB 277 -53.45 -49.09 35.69
C GLY YB 277 -52.82 -50.45 35.88
N PHE YB 278 -51.57 -50.57 35.43
CA PHE YB 278 -50.83 -51.82 35.51
C PHE YB 278 -50.63 -52.24 36.96
N PHE YB 279 -50.35 -51.28 37.82
CA PHE YB 279 -50.20 -51.60 39.24
C PHE YB 279 -51.55 -51.72 39.94
N GLN YB 280 -52.63 -51.29 39.30
CA GLN YB 280 -53.96 -51.58 39.82
C GLN YB 280 -54.36 -53.02 39.49
N GLN YB 281 -53.79 -53.57 38.41
CA GLN YB 281 -53.97 -54.99 38.11
C GLN YB 281 -53.47 -55.88 39.22
N GLU YB 282 -52.18 -55.79 39.56
CA GLU YB 282 -51.61 -56.75 40.51
C GLU YB 282 -52.18 -56.57 41.90
N ILE YB 283 -52.54 -55.35 42.29
CA ILE YB 283 -53.15 -55.12 43.59
C ILE YB 283 -54.54 -55.74 43.64
N GLN YB 284 -55.35 -55.49 42.62
CA GLN YB 284 -56.70 -56.05 42.60
C GLN YB 284 -56.66 -57.56 42.34
N LYS YB 285 -55.69 -58.03 41.55
CA LYS YB 285 -55.58 -59.46 41.29
C LYS YB 285 -55.22 -60.23 42.56
N ARG YB 286 -54.29 -59.71 43.36
CA ARG YB 286 -53.90 -60.48 44.54
C ARG YB 286 -54.97 -60.43 45.63
N VAL YB 287 -55.80 -59.38 45.65
CA VAL YB 287 -56.85 -59.28 46.65
C VAL YB 287 -58.10 -60.04 46.22
N ALA YB 288 -58.37 -60.12 44.91
CA ALA YB 288 -59.38 -61.04 44.42
C ALA YB 288 -58.98 -62.48 44.73
N GLN YB 289 -57.70 -62.80 44.54
CA GLN YB 289 -57.16 -64.07 45.00
C GLN YB 289 -57.08 -64.05 46.53
N SER YB 290 -56.95 -65.24 47.12
CA SER YB 290 -56.87 -65.47 48.56
C SER YB 290 -58.10 -64.94 49.30
N THR YB 291 -59.24 -64.76 48.61
CA THR YB 291 -60.46 -64.25 49.22
C THR YB 291 -61.60 -65.24 49.19
N SER YB 292 -61.71 -66.02 48.10
CA SER YB 292 -62.82 -66.95 47.97
C SER YB 292 -62.66 -68.21 48.81
N GLU YB 293 -61.45 -68.48 49.31
CA GLU YB 293 -61.24 -69.65 50.17
C GLU YB 293 -61.10 -69.21 51.61
N GLY YB 294 -61.85 -68.17 51.99
CA GLY YB 294 -61.69 -67.55 53.27
C GLY YB 294 -60.66 -66.43 53.19
N LEU YB 295 -60.15 -66.05 54.35
CA LEU YB 295 -59.14 -64.99 54.49
C LEU YB 295 -59.65 -63.69 53.87
N SER YB 296 -60.67 -63.13 54.54
CA SER YB 296 -61.51 -62.07 54.02
C SER YB 296 -60.80 -60.73 53.86
N VAL YB 297 -61.54 -59.70 53.45
CA VAL YB 297 -60.97 -58.39 53.15
C VAL YB 297 -60.41 -57.70 54.40
N SER YB 298 -60.90 -58.05 55.59
CA SER YB 298 -60.37 -57.45 56.81
C SER YB 298 -58.92 -57.86 57.03
N GLU YB 299 -58.58 -59.08 56.64
CA GLU YB 299 -57.22 -59.58 56.64
C GLU YB 299 -56.71 -59.59 55.19
N ALA YB 300 -55.52 -60.16 55.00
CA ALA YB 300 -54.90 -60.41 53.70
C ALA YB 300 -54.51 -59.15 52.94
N TRP YB 301 -54.85 -57.97 53.48
CA TRP YB 301 -54.36 -56.73 52.88
C TRP YB 301 -53.00 -56.36 53.43
N ALA YB 302 -52.60 -56.99 54.54
CA ALA YB 302 -51.22 -56.85 55.00
C ALA YB 302 -50.29 -57.79 54.27
N LYS YB 303 -50.84 -58.78 53.56
CA LYS YB 303 -50.03 -59.71 52.79
C LYS YB 303 -49.31 -59.04 51.63
N ILE YB 304 -49.82 -57.91 51.15
CA ILE YB 304 -49.20 -57.19 50.04
C ILE YB 304 -47.88 -56.60 50.54
N PRO YB 305 -46.80 -56.73 49.78
CA PRO YB 305 -45.58 -56.01 50.13
C PRO YB 305 -45.80 -54.51 50.00
N GLU YB 306 -45.12 -53.76 50.87
CA GLU YB 306 -45.29 -52.31 50.86
C GLU YB 306 -44.71 -51.68 49.59
N LYS YB 307 -43.75 -52.35 48.96
CA LYS YB 307 -43.17 -51.84 47.71
C LYS YB 307 -44.21 -51.78 46.61
N LEU YB 308 -45.05 -52.81 46.49
CA LEU YB 308 -46.15 -52.77 45.54
C LEU YB 308 -47.19 -51.74 45.96
N ALA YB 309 -47.41 -51.60 47.27
CA ALA YB 309 -48.29 -50.55 47.76
C ALA YB 309 -47.71 -49.17 47.53
N PHE YB 310 -46.38 -49.06 47.58
CA PHE YB 310 -45.72 -47.77 47.33
C PHE YB 310 -45.69 -47.42 45.85
N TYR YB 311 -45.58 -48.41 44.97
CA TYR YB 311 -45.49 -48.15 43.53
C TYR YB 311 -46.76 -47.51 42.98
N ASP YB 312 -47.93 -47.96 43.43
CA ASP YB 312 -49.20 -47.45 42.91
C ASP YB 312 -49.52 -46.09 43.55
N TYR YB 313 -48.82 -45.07 43.07
CA TYR YB 313 -48.95 -43.72 43.61
C TYR YB 313 -48.57 -42.73 42.52
N ILE YB 314 -49.35 -41.66 42.37
CA ILE YB 314 -49.07 -40.70 41.30
C ILE YB 314 -47.91 -39.78 41.69
N GLY YB 315 -47.49 -39.78 42.95
CA GLY YB 315 -46.31 -39.03 43.33
C GLY YB 315 -45.04 -39.62 42.77
N ASN YB 316 -45.05 -40.91 42.40
CA ASN YB 316 -43.94 -41.56 41.75
C ASN YB 316 -44.01 -41.46 40.23
N ASN YB 317 -45.11 -40.92 39.69
CA ASN YB 317 -45.25 -40.77 38.25
C ASN YB 317 -44.25 -39.75 37.74
N PRO YB 318 -43.47 -40.08 36.70
CA PRO YB 318 -42.46 -39.12 36.20
C PRO YB 318 -43.04 -37.89 35.55
N ALA YB 319 -44.34 -37.88 35.22
CA ALA YB 319 -44.96 -36.80 34.48
C ALA YB 319 -45.86 -35.93 35.38
N LYS YB 320 -45.43 -35.70 36.62
CA LYS YB 320 -46.23 -34.90 37.55
C LYS YB 320 -45.48 -33.69 38.07
N GLY YB 321 -44.23 -33.48 37.66
CA GLY YB 321 -43.40 -32.41 38.17
C GLY YB 321 -43.38 -31.18 37.29
N GLY YB 322 -42.23 -30.49 37.31
CA GLY YB 322 -42.09 -29.25 36.58
C GLY YB 322 -40.67 -28.99 36.13
N LEU YB 323 -40.47 -27.84 35.48
CA LEU YB 323 -39.13 -27.44 35.08
C LEU YB 323 -38.28 -27.07 36.28
N PHE YB 324 -38.75 -26.13 37.08
CA PHE YB 324 -38.02 -25.52 38.18
C PHE YB 324 -38.38 -26.15 39.52
N ARG YB 325 -39.11 -27.25 39.49
CA ARG YB 325 -39.33 -28.06 40.68
C ARG YB 325 -38.06 -28.89 40.86
N THR YB 326 -37.10 -28.30 41.57
CA THR YB 326 -35.75 -28.86 41.66
C THR YB 326 -35.60 -29.77 42.87
N GLY YB 327 -34.73 -30.76 42.74
CA GLY YB 327 -34.45 -31.67 43.82
C GLY YB 327 -35.13 -33.03 43.70
N ALA YB 328 -35.13 -33.78 44.79
CA ALA YB 328 -35.69 -35.12 44.81
C ALA YB 328 -37.20 -35.07 44.97
N MET YB 329 -37.85 -36.21 44.73
CA MET YB 329 -39.26 -36.34 45.08
C MET YB 329 -39.46 -36.37 46.59
N ASN YB 330 -38.43 -36.77 47.34
CA ASN YB 330 -38.48 -36.68 48.79
C ASN YB 330 -38.60 -35.23 49.24
N SER YB 331 -37.94 -34.32 48.51
CA SER YB 331 -38.13 -32.90 48.74
C SER YB 331 -39.41 -32.37 48.10
N GLY YB 332 -40.12 -33.21 47.35
CA GLY YB 332 -41.38 -32.82 46.76
C GLY YB 332 -42.56 -33.06 47.67
N ASP YB 333 -42.76 -34.30 48.11
CA ASP YB 333 -43.92 -34.65 48.93
C ASP YB 333 -43.57 -35.22 50.30
N GLY YB 334 -42.31 -35.51 50.56
CA GLY YB 334 -41.89 -36.05 51.84
C GLY YB 334 -41.50 -37.52 51.74
N ILE YB 335 -40.66 -37.93 52.69
CA ILE YB 335 -40.15 -39.29 52.71
C ILE YB 335 -41.26 -40.21 53.19
N ALA YB 336 -41.48 -41.31 52.46
CA ALA YB 336 -42.54 -42.25 52.79
C ALA YB 336 -42.23 -42.95 54.11
N VAL YB 337 -43.20 -42.94 55.01
CA VAL YB 337 -43.00 -43.52 56.33
C VAL YB 337 -43.71 -44.86 56.46
N GLY YB 338 -44.96 -44.94 56.00
CA GLY YB 338 -45.70 -46.18 56.07
C GLY YB 338 -46.95 -46.11 55.22
N TRP YB 339 -47.44 -47.30 54.84
CA TRP YB 339 -48.63 -47.44 54.02
C TRP YB 339 -49.85 -47.40 54.91
N LEU YB 340 -50.72 -46.40 54.71
CA LEU YB 340 -51.88 -46.21 55.56
C LEU YB 340 -52.99 -47.22 55.29
N GLY YB 341 -52.89 -48.00 54.23
CA GLY YB 341 -53.87 -49.04 53.95
C GLY YB 341 -54.75 -48.70 52.77
N HIS YB 342 -55.54 -49.70 52.36
CA HIS YB 342 -56.47 -49.51 51.26
C HIS YB 342 -57.77 -48.88 51.75
N ALA YB 343 -58.15 -47.76 51.15
CA ALA YB 343 -59.33 -47.02 51.55
C ALA YB 343 -60.54 -47.53 50.78
N SER YB 344 -61.49 -48.14 51.50
CA SER YB 344 -62.73 -48.64 50.91
C SER YB 344 -63.87 -47.70 51.27
N PHE YB 345 -64.60 -47.25 50.26
CA PHE YB 345 -65.66 -46.26 50.42
C PHE YB 345 -67.01 -46.90 50.19
N LYS YB 346 -67.87 -46.87 51.22
CA LYS YB 346 -69.21 -47.41 51.11
C LYS YB 346 -70.20 -46.41 51.72
N ASP YB 347 -71.40 -46.39 51.16
CA ASP YB 347 -72.40 -45.40 51.56
C ASP YB 347 -73.26 -45.95 52.70
N GLN YB 348 -74.36 -45.26 52.98
CA GLN YB 348 -75.20 -45.62 54.12
C GLN YB 348 -76.02 -46.88 53.85
N GLU YB 349 -76.31 -47.19 52.58
CA GLU YB 349 -77.19 -48.32 52.28
C GLU YB 349 -76.43 -49.61 52.01
N GLY YB 350 -75.21 -49.56 51.46
CA GLY YB 350 -74.45 -50.78 51.27
C GLY YB 350 -73.56 -50.91 50.05
N ARG YB 351 -73.75 -50.07 49.02
CA ARG YB 351 -72.91 -50.18 47.83
C ARG YB 351 -71.51 -49.67 48.11
N GLU YB 352 -70.54 -50.16 47.33
CA GLU YB 352 -69.16 -49.75 47.47
C GLU YB 352 -68.82 -48.69 46.42
N LEU YB 353 -68.14 -47.64 46.83
CA LEU YB 353 -67.74 -46.55 45.96
C LEU YB 353 -66.24 -46.51 45.81
N PHE YB 354 -65.78 -46.01 44.67
CA PHE YB 354 -64.36 -45.95 44.35
C PHE YB 354 -64.04 -44.56 43.80
N VAL YB 355 -62.93 -43.99 44.25
CA VAL YB 355 -62.49 -42.69 43.76
C VAL YB 355 -61.88 -42.85 42.37
N ARG YB 356 -62.35 -42.04 41.43
CA ARG YB 356 -61.77 -42.01 40.09
C ARG YB 356 -60.34 -41.49 40.19
N ARG YB 357 -59.41 -42.18 39.55
CA ARG YB 357 -57.99 -41.85 39.69
C ARG YB 357 -57.68 -40.51 39.02
N MET YB 358 -56.60 -39.89 39.48
CA MET YB 358 -56.10 -38.66 38.87
C MET YB 358 -55.61 -38.93 37.46
N PRO YB 359 -56.10 -38.25 36.44
CA PRO YB 359 -55.41 -38.23 35.16
C PRO YB 359 -54.07 -37.52 35.31
N THR YB 360 -53.07 -38.05 34.60
CA THR YB 360 -51.75 -37.45 34.64
C THR YB 360 -51.77 -36.08 33.96
N PHE YB 361 -52.65 -35.90 32.98
CA PHE YB 361 -52.77 -34.61 32.30
C PHE YB 361 -53.25 -33.52 33.27
N PHE YB 362 -54.16 -33.86 34.18
CA PHE YB 362 -54.68 -32.88 35.12
C PHE YB 362 -53.64 -32.54 36.19
N GLU YB 363 -53.30 -31.25 36.29
CA GLU YB 363 -52.63 -30.78 37.49
C GLU YB 363 -53.54 -30.90 38.70
N THR YB 364 -54.83 -30.60 38.51
CA THR YB 364 -55.83 -30.75 39.54
C THR YB 364 -57.00 -31.57 39.00
N PHE YB 365 -57.45 -32.52 39.81
CA PHE YB 365 -58.62 -33.34 39.54
C PHE YB 365 -59.57 -33.28 40.73
N PRO YB 366 -60.82 -32.89 40.50
CA PRO YB 366 -61.81 -32.93 41.57
C PRO YB 366 -62.16 -34.37 41.93
N VAL YB 367 -62.68 -34.54 43.14
CA VAL YB 367 -62.87 -35.86 43.73
C VAL YB 367 -64.31 -36.33 43.46
N VAL YB 368 -64.46 -37.60 43.11
CA VAL YB 368 -65.76 -38.21 42.84
C VAL YB 368 -65.73 -39.67 43.28
N LEU YB 369 -66.90 -40.18 43.67
CA LEU YB 369 -67.08 -41.59 44.03
C LEU YB 369 -68.05 -42.22 43.05
N ILE YB 370 -67.61 -43.30 42.41
CA ILE YB 370 -68.38 -43.98 41.37
C ILE YB 370 -68.71 -45.39 41.84
N ASP YB 371 -69.91 -45.87 41.48
CA ASP YB 371 -70.35 -47.19 41.88
C ASP YB 371 -69.74 -48.26 40.98
N LYS YB 372 -70.19 -49.50 41.17
CA LYS YB 372 -69.67 -50.64 40.43
C LYS YB 372 -70.03 -50.56 38.95
N ASP YB 373 -71.20 -50.02 38.63
CA ASP YB 373 -71.72 -49.99 37.27
C ASP YB 373 -71.26 -48.77 36.48
N GLY YB 374 -70.39 -47.94 37.05
CA GLY YB 374 -69.95 -46.74 36.36
C GLY YB 374 -70.85 -45.54 36.56
N VAL YB 375 -71.56 -45.47 37.68
CA VAL YB 375 -72.47 -44.37 37.98
C VAL YB 375 -72.00 -43.68 39.25
N VAL YB 376 -71.89 -42.35 39.18
CA VAL YB 376 -71.42 -41.58 40.33
C VAL YB 376 -72.47 -41.60 41.42
N ARG YB 377 -72.02 -41.70 42.68
CA ARG YB 377 -72.91 -41.71 43.84
C ARG YB 377 -72.56 -40.67 44.88
N ALA YB 378 -71.31 -40.19 44.91
CA ALA YB 378 -70.89 -39.15 45.82
C ALA YB 378 -69.68 -38.45 45.23
N ASP YB 379 -69.41 -37.24 45.72
CA ASP YB 379 -68.27 -36.46 45.25
C ASP YB 379 -68.02 -35.31 46.22
N VAL YB 380 -66.91 -34.61 45.99
CA VAL YB 380 -66.64 -33.36 46.68
C VAL YB 380 -67.06 -32.25 45.73
N PRO YB 381 -68.26 -31.70 45.87
CA PRO YB 381 -68.73 -30.70 44.90
C PRO YB 381 -68.08 -29.35 45.14
N PHE YB 382 -67.95 -28.57 44.06
CA PHE YB 382 -67.46 -27.21 44.19
C PHE YB 382 -68.52 -26.29 44.80
N ARG YB 383 -69.79 -26.59 44.59
CA ARG YB 383 -70.89 -25.78 45.08
C ARG YB 383 -71.30 -26.17 46.51
N LYS YB 384 -71.54 -27.46 46.74
CA LYS YB 384 -72.06 -28.00 48.01
C LYS YB 384 -73.39 -27.38 48.40
N ALA YB 385 -74.19 -27.01 47.39
CA ALA YB 385 -75.55 -26.53 47.58
C ALA YB 385 -76.33 -26.90 46.32
N GLU YB 386 -77.66 -26.98 46.46
CA GLU YB 386 -78.58 -27.48 45.42
C GLU YB 386 -78.08 -28.79 44.80
N SER YB 387 -77.40 -29.59 45.61
CA SER YB 387 -76.70 -30.80 45.19
C SER YB 387 -76.98 -31.92 46.18
N LYS YB 388 -77.32 -33.11 45.66
CA LYS YB 388 -77.64 -34.22 46.53
C LYS YB 388 -76.60 -35.34 46.31
N TYR YB 389 -75.38 -34.96 45.92
CA TYR YB 389 -74.26 -35.87 45.80
C TYR YB 389 -73.17 -35.59 46.83
N SER YB 390 -73.36 -34.59 47.70
CA SER YB 390 -72.33 -34.21 48.65
C SER YB 390 -72.16 -35.27 49.74
N ILE YB 391 -70.97 -35.31 50.33
CA ILE YB 391 -70.57 -36.40 51.21
C ILE YB 391 -71.39 -36.43 52.50
N GLU YB 392 -71.73 -35.26 53.04
CA GLU YB 392 -72.40 -35.19 54.35
C GLU YB 392 -73.76 -35.88 54.31
N GLN YB 393 -74.49 -35.71 53.22
CA GLN YB 393 -75.82 -36.27 53.02
C GLN YB 393 -75.82 -37.62 52.31
N VAL YB 394 -74.85 -37.90 51.43
CA VAL YB 394 -74.71 -39.26 50.91
C VAL YB 394 -74.22 -40.18 52.02
N GLY YB 395 -73.30 -39.69 52.86
CA GLY YB 395 -72.87 -40.41 54.04
C GLY YB 395 -71.97 -41.60 53.76
N VAL YB 396 -70.84 -41.36 53.12
CA VAL YB 396 -69.92 -42.42 52.74
C VAL YB 396 -68.92 -42.63 53.87
N SER YB 397 -68.63 -43.88 54.19
CA SER YB 397 -67.68 -44.23 55.24
C SER YB 397 -66.42 -44.81 54.62
N VAL YB 398 -65.29 -44.63 55.30
CA VAL YB 398 -63.99 -45.08 54.83
C VAL YB 398 -63.39 -46.02 55.87
N THR YB 399 -62.78 -47.11 55.38
CA THR YB 399 -62.07 -48.04 56.23
C THR YB 399 -60.72 -48.37 55.58
N PHE YB 400 -59.79 -48.87 56.39
CA PHE YB 400 -58.45 -49.18 55.93
C PHE YB 400 -58.08 -50.59 56.34
N TYR YB 401 -57.34 -51.28 55.47
CA TYR YB 401 -56.99 -52.67 55.71
C TYR YB 401 -55.52 -52.91 55.39
N GLY YB 402 -54.83 -53.62 56.28
CA GLY YB 402 -53.49 -54.10 56.02
C GLY YB 402 -52.36 -53.13 56.24
N GLY YB 403 -52.64 -51.89 56.63
CA GLY YB 403 -51.58 -50.91 56.81
C GLY YB 403 -51.44 -50.46 58.24
N GLU YB 404 -50.93 -49.24 58.44
CA GLU YB 404 -50.89 -48.66 59.78
C GLU YB 404 -52.29 -48.51 60.35
N LEU YB 405 -53.23 -48.08 59.52
CA LEU YB 405 -54.64 -48.18 59.84
C LEU YB 405 -55.15 -49.49 59.27
N ASN YB 406 -55.62 -50.39 60.13
CA ASN YB 406 -56.03 -51.72 59.71
C ASN YB 406 -57.35 -52.07 60.40
N GLY YB 407 -58.43 -52.04 59.62
CA GLY YB 407 -59.76 -52.32 60.14
C GLY YB 407 -60.48 -51.14 60.74
N LEU YB 408 -59.81 -50.01 60.94
CA LEU YB 408 -60.46 -48.84 61.53
C LEU YB 408 -61.35 -48.16 60.50
N THR YB 409 -62.51 -47.71 60.94
CA THR YB 409 -63.49 -47.06 60.08
C THR YB 409 -63.72 -45.64 60.54
N PHE YB 410 -63.65 -44.69 59.60
CA PHE YB 410 -63.85 -43.28 59.88
C PHE YB 410 -65.13 -42.82 59.20
N THR YB 411 -66.00 -42.17 59.96
CA THR YB 411 -67.31 -41.74 59.47
C THR YB 411 -67.54 -40.24 59.52
N ASP YB 412 -66.71 -39.49 60.23
CA ASP YB 412 -66.86 -38.04 60.31
C ASP YB 412 -66.64 -37.42 58.93
N PRO YB 413 -67.47 -36.47 58.50
CA PRO YB 413 -67.32 -35.90 57.15
C PRO YB 413 -65.98 -35.21 56.90
N SER YB 414 -65.36 -34.63 57.93
CA SER YB 414 -64.08 -33.94 57.74
C SER YB 414 -62.97 -34.94 57.44
N THR YB 415 -63.00 -36.12 58.07
CA THR YB 415 -61.94 -37.09 57.85
C THR YB 415 -62.27 -38.03 56.68
N VAL YB 416 -63.52 -38.09 56.25
CA VAL YB 416 -63.85 -38.90 55.08
C VAL YB 416 -63.33 -38.23 53.81
N LYS YB 417 -63.49 -36.90 53.72
CA LYS YB 417 -63.11 -36.17 52.51
C LYS YB 417 -61.59 -36.12 52.33
N LYS YB 418 -60.83 -36.15 53.43
CA LYS YB 418 -59.38 -36.10 53.30
C LYS YB 418 -58.81 -37.40 52.75
N TYR YB 419 -59.55 -38.51 52.90
CA TYR YB 419 -59.05 -39.79 52.42
C TYR YB 419 -59.41 -40.04 50.96
N ALA YB 420 -60.48 -39.42 50.47
CA ALA YB 420 -60.87 -39.61 49.08
C ALA YB 420 -59.91 -38.92 48.12
N ARG YB 421 -59.42 -37.73 48.50
CA ARG YB 421 -58.45 -37.04 47.66
C ARG YB 421 -57.09 -37.72 47.73
N LYS YB 422 -56.79 -38.39 48.83
CA LYS YB 422 -55.55 -39.16 48.92
C LYS YB 422 -55.64 -40.45 48.11
N ALA YB 423 -56.81 -41.08 48.09
CA ALA YB 423 -57.04 -42.20 47.20
C ALA YB 423 -57.01 -41.77 45.74
N GLN YB 424 -57.34 -40.50 45.47
CA GLN YB 424 -57.28 -39.98 44.11
C GLN YB 424 -55.84 -39.91 43.62
N LEU YB 425 -54.89 -39.75 44.54
CA LEU YB 425 -53.46 -39.75 44.23
C LEU YB 425 -52.90 -41.16 44.02
N GLY YB 426 -53.71 -42.20 44.23
CA GLY YB 426 -53.23 -43.56 44.20
C GLY YB 426 -53.40 -44.19 45.57
N GLU YB 427 -52.39 -44.90 46.07
CA GLU YB 427 -52.45 -45.42 47.41
C GLU YB 427 -52.22 -44.30 48.42
N ILE YB 428 -52.55 -44.57 49.68
CA ILE YB 428 -52.48 -43.55 50.73
C ILE YB 428 -51.34 -43.91 51.68
N PHE YB 429 -50.42 -42.95 51.88
CA PHE YB 429 -49.30 -43.12 52.80
C PHE YB 429 -49.26 -41.95 53.77
N GLU YB 430 -48.25 -41.96 54.62
CA GLU YB 430 -47.91 -40.81 55.45
C GLU YB 430 -46.49 -40.37 55.10
N PHE YB 431 -46.25 -39.06 55.15
CA PHE YB 431 -45.01 -38.48 54.65
C PHE YB 431 -44.37 -37.59 55.70
N ASP YB 432 -43.04 -37.62 55.76
CA ASP YB 432 -42.27 -36.70 56.60
C ASP YB 432 -41.70 -35.59 55.72
N ARG YB 433 -42.22 -34.38 55.87
CA ARG YB 433 -41.81 -33.25 55.05
C ARG YB 433 -40.93 -32.25 55.79
N SER YB 434 -40.97 -32.21 57.12
CA SER YB 434 -40.23 -31.21 57.87
C SER YB 434 -38.73 -31.49 57.95
N THR YB 435 -38.29 -32.68 57.57
CA THR YB 435 -36.86 -32.97 57.58
C THR YB 435 -36.14 -32.24 56.45
N LEU YB 436 -36.69 -32.30 55.23
CA LEU YB 436 -36.10 -31.66 54.08
C LEU YB 436 -36.82 -30.38 53.67
N GLN YB 437 -37.82 -29.95 54.43
CA GLN YB 437 -38.63 -28.77 54.14
C GLN YB 437 -39.28 -28.87 52.75
N SER YB 438 -40.06 -29.92 52.57
CA SER YB 438 -40.68 -30.19 51.28
C SER YB 438 -41.75 -29.15 50.98
N ASP YB 439 -41.71 -28.61 49.75
CA ASP YB 439 -42.62 -27.52 49.38
C ASP YB 439 -44.06 -28.02 49.23
N GLY YB 440 -44.26 -29.12 48.50
CA GLY YB 440 -45.59 -29.66 48.35
C GLY YB 440 -45.97 -30.13 46.96
N VAL YB 441 -45.45 -29.48 45.93
CA VAL YB 441 -45.73 -29.91 44.56
C VAL YB 441 -44.92 -31.16 44.25
N PHE YB 442 -45.48 -32.01 43.40
CA PHE YB 442 -44.83 -33.27 43.05
C PHE YB 442 -43.63 -33.02 42.15
N ARG YB 443 -42.78 -34.03 42.04
CA ARG YB 443 -41.57 -33.96 41.25
C ARG YB 443 -41.58 -35.04 40.18
N SER YB 444 -40.57 -35.02 39.32
CA SER YB 444 -40.42 -36.01 38.25
C SER YB 444 -39.42 -37.09 38.68
N SER YB 445 -39.32 -38.11 37.84
CA SER YB 445 -38.38 -39.20 38.04
C SER YB 445 -37.12 -38.95 37.23
N PRO YB 446 -35.98 -39.54 37.64
CA PRO YB 446 -34.78 -39.48 36.78
C PRO YB 446 -35.00 -40.07 35.40
N ARG YB 447 -35.83 -41.11 35.29
CA ARG YB 447 -36.26 -41.59 33.97
C ARG YB 447 -37.06 -40.51 33.26
N GLY YB 448 -37.97 -39.85 33.97
CA GLY YB 448 -38.68 -38.72 33.41
C GLY YB 448 -37.76 -37.55 33.12
N TRP YB 449 -36.77 -37.31 33.99
CA TRP YB 449 -35.82 -36.25 33.72
C TRP YB 449 -34.88 -36.61 32.58
N PHE YB 450 -34.59 -37.91 32.42
CA PHE YB 450 -33.75 -38.37 31.32
C PHE YB 450 -34.34 -38.01 29.96
N THR YB 451 -35.63 -38.30 29.79
CA THR YB 451 -36.25 -38.16 28.48
C THR YB 451 -36.46 -36.69 28.13
N PHE YB 452 -36.61 -35.84 29.15
CA PHE YB 452 -36.74 -34.41 28.89
C PHE YB 452 -35.45 -33.82 28.37
N GLY YB 453 -34.33 -34.12 29.02
CA GLY YB 453 -33.05 -33.59 28.59
C GLY YB 453 -32.62 -34.14 27.24
N HIS YB 454 -32.76 -35.44 27.04
CA HIS YB 454 -32.29 -36.07 25.81
C HIS YB 454 -33.14 -35.74 24.59
N LEU YB 455 -34.47 -35.71 24.71
CA LEU YB 455 -35.27 -35.31 23.56
C LEU YB 455 -35.06 -33.83 23.25
N SER YB 456 -34.81 -33.02 24.28
CA SER YB 456 -34.33 -31.65 24.04
C SER YB 456 -32.97 -31.66 23.38
N PHE YB 457 -32.08 -32.56 23.83
CA PHE YB 457 -30.80 -32.76 23.18
C PHE YB 457 -30.97 -33.29 21.77
N ALA YB 458 -31.92 -34.22 21.57
CA ALA YB 458 -32.04 -34.92 20.30
C ALA YB 458 -32.39 -33.99 19.14
N LEU YB 459 -33.28 -33.01 19.37
CA LEU YB 459 -33.66 -32.12 18.28
C LEU YB 459 -32.53 -31.17 17.93
N LEU YB 460 -31.81 -30.66 18.94
CA LEU YB 460 -30.78 -29.67 18.70
C LEU YB 460 -29.66 -30.21 17.82
N PHE YB 461 -29.41 -31.52 17.89
CA PHE YB 461 -28.31 -32.09 17.14
C PHE YB 461 -28.73 -32.55 15.76
N PHE YB 462 -30.03 -32.58 15.48
CA PHE YB 462 -30.49 -32.69 14.10
C PHE YB 462 -30.08 -31.46 13.31
N PHE YB 463 -30.26 -30.28 13.89
CA PHE YB 463 -29.87 -29.04 13.22
C PHE YB 463 -28.36 -28.96 13.03
N GLY YB 464 -27.60 -29.43 14.01
CA GLY YB 464 -26.16 -29.45 13.88
C GLY YB 464 -25.70 -30.44 12.82
N HIS YB 465 -26.38 -31.59 12.72
CA HIS YB 465 -26.12 -32.50 11.62
C HIS YB 465 -26.50 -31.87 10.30
N ILE YB 466 -27.56 -31.06 10.28
CA ILE YB 466 -27.95 -30.35 9.07
C ILE YB 466 -26.90 -29.31 8.71
N TRP YB 467 -26.47 -28.51 9.70
CA TRP YB 467 -25.44 -27.49 9.45
C TRP YB 467 -24.11 -28.11 9.07
N HIS YB 468 -23.63 -29.07 9.85
CA HIS YB 468 -22.36 -29.73 9.51
C HIS YB 468 -22.48 -30.57 8.25
N GLY YB 469 -23.68 -31.09 7.96
CA GLY YB 469 -23.92 -31.67 6.65
C GLY YB 469 -23.91 -30.63 5.56
N SER YB 470 -24.45 -29.44 5.85
CA SER YB 470 -24.47 -28.35 4.89
C SER YB 470 -23.05 -27.87 4.59
N ARG YB 471 -22.24 -27.71 5.62
CA ARG YB 471 -20.86 -27.26 5.44
C ARG YB 471 -20.04 -28.26 4.65
N THR YB 472 -20.34 -29.55 4.80
CA THR YB 472 -19.62 -30.58 4.06
C THR YB 472 -19.90 -30.49 2.57
N ILE YB 473 -21.18 -30.36 2.18
CA ILE YB 473 -21.49 -30.22 0.77
C ILE YB 473 -21.07 -28.85 0.25
N PHE YB 474 -21.27 -27.79 1.03
CA PHE YB 474 -21.08 -26.43 0.55
C PHE YB 474 -19.86 -25.76 1.17
N ARG YB 475 -18.76 -26.50 1.29
CA ARG YB 475 -17.52 -25.90 1.76
C ARG YB 475 -16.91 -24.98 0.71
N ASP YB 476 -17.21 -25.24 -0.56
CA ASP YB 476 -16.61 -24.49 -1.66
C ASP YB 476 -17.21 -23.10 -1.87
N VAL YB 477 -18.32 -22.78 -1.21
CA VAL YB 477 -18.97 -21.49 -1.42
C VAL YB 477 -19.30 -20.84 -0.08
N PHE YB 478 -18.70 -21.34 1.01
CA PHE YB 478 -19.04 -20.86 2.34
C PHE YB 478 -18.61 -19.40 2.55
N ALA YB 479 -17.39 -19.05 2.14
CA ALA YB 479 -16.93 -17.69 2.31
C ALA YB 479 -17.56 -16.73 1.31
N GLY YB 480 -18.27 -17.23 0.32
CA GLY YB 480 -18.90 -16.40 -0.67
C GLY YB 480 -19.01 -17.15 -1.98
N ILE YB 481 -19.64 -16.49 -2.96
CA ILE YB 481 -19.88 -17.09 -4.25
C ILE YB 481 -18.87 -16.55 -5.25
N ASP YB 482 -18.69 -17.30 -6.36
CA ASP YB 482 -17.66 -17.01 -7.34
C ASP YB 482 -17.89 -15.72 -8.12
N GLU YB 483 -19.10 -15.17 -8.10
CA GLU YB 483 -19.47 -13.87 -8.67
C GLU YB 483 -19.46 -13.87 -10.20
N ASP YB 484 -18.99 -14.95 -10.81
CA ASP YB 484 -18.89 -15.00 -12.27
C ASP YB 484 -19.90 -15.98 -12.86
N SER ZB 1 -90.70 -20.40 -5.29
CA SER ZB 1 -91.59 -19.32 -5.69
C SER ZB 1 -91.11 -18.65 -6.98
N LEU ZB 2 -91.91 -17.72 -7.49
CA LEU ZB 2 -91.54 -16.99 -8.70
C LEU ZB 2 -90.45 -15.96 -8.41
N THR ZB 3 -90.23 -15.65 -7.13
CA THR ZB 3 -89.22 -14.68 -6.74
C THR ZB 3 -87.82 -15.10 -7.17
N LEU ZB 4 -87.46 -16.36 -6.94
CA LEU ZB 4 -86.09 -16.82 -7.12
C LEU ZB 4 -85.69 -16.80 -8.60
N ILE ZB 5 -86.63 -17.10 -9.51
CA ILE ZB 5 -86.32 -17.05 -10.93
C ILE ZB 5 -85.99 -15.62 -11.35
N LEU ZB 6 -86.79 -14.65 -10.89
CA LEU ZB 6 -86.59 -13.28 -11.33
C LEU ZB 6 -85.39 -12.64 -10.62
N GLN ZB 7 -85.00 -13.18 -9.47
CA GLN ZB 7 -83.73 -12.77 -8.85
C GLN ZB 7 -82.55 -13.13 -9.74
N LEU ZB 8 -82.59 -14.32 -10.35
CA LEU ZB 8 -81.48 -14.77 -11.18
C LEU ZB 8 -81.33 -13.92 -12.43
N VAL ZB 9 -82.45 -13.55 -13.06
CA VAL ZB 9 -82.38 -12.69 -14.24
C VAL ZB 9 -82.03 -11.26 -13.83
N ALA ZB 10 -82.35 -10.88 -12.60
CA ALA ZB 10 -81.94 -9.57 -12.10
C ALA ZB 10 -80.47 -9.57 -11.74
N LEU ZB 11 -79.94 -10.71 -11.30
CA LEU ZB 11 -78.52 -10.80 -10.99
C LEU ZB 11 -77.67 -10.88 -12.25
N PHE ZB 12 -78.01 -11.79 -13.17
CA PHE ZB 12 -77.16 -12.04 -14.33
C PHE ZB 12 -77.12 -10.85 -15.28
N ALA ZB 13 -78.27 -10.17 -15.44
CA ALA ZB 13 -78.34 -9.07 -16.39
C ALA ZB 13 -77.44 -7.92 -15.99
N VAL ZB 14 -77.37 -7.60 -14.70
CA VAL ZB 14 -76.49 -6.52 -14.28
C VAL ZB 14 -75.05 -7.00 -14.21
N VAL ZB 15 -74.83 -8.29 -13.96
CA VAL ZB 15 -73.47 -8.82 -13.93
C VAL ZB 15 -72.87 -8.86 -15.33
N ALA ZB 16 -73.63 -9.33 -16.32
CA ALA ZB 16 -73.09 -9.49 -17.67
C ALA ZB 16 -73.06 -8.19 -18.46
N ALA ZB 17 -73.80 -7.16 -18.03
CA ALA ZB 17 -73.82 -5.89 -18.77
C ALA ZB 17 -72.48 -5.17 -18.66
N GLY ZB 18 -71.76 -5.40 -17.57
CA GLY ZB 18 -70.46 -4.80 -17.36
C GLY ZB 18 -69.44 -5.22 -18.41
N PRO ZB 19 -69.14 -6.51 -18.49
CA PRO ZB 19 -68.27 -6.98 -19.58
C PRO ZB 19 -68.82 -6.72 -20.98
N LEU ZB 20 -70.15 -6.76 -21.14
CA LEU ZB 20 -70.75 -6.49 -22.46
C LEU ZB 20 -70.45 -5.07 -22.91
N VAL ZB 21 -70.41 -4.13 -21.97
CA VAL ZB 21 -69.94 -2.77 -22.28
C VAL ZB 21 -68.47 -2.83 -22.69
N VAL ZB 22 -67.66 -3.57 -21.93
CA VAL ZB 22 -66.23 -3.65 -22.21
C VAL ZB 22 -65.97 -4.42 -23.50
N VAL ZB 23 -66.73 -5.49 -23.74
CA VAL ZB 23 -66.56 -6.28 -24.96
C VAL ZB 23 -66.95 -5.47 -26.18
N LEU ZB 24 -68.10 -4.79 -26.13
CA LEU ZB 24 -68.56 -3.98 -27.26
C LEU ZB 24 -67.61 -2.83 -27.54
N LEU ZB 25 -67.15 -2.14 -26.48
CA LEU ZB 25 -66.25 -1.02 -26.66
C LEU ZB 25 -64.90 -1.45 -27.23
N SER ZB 26 -64.46 -2.67 -26.92
CA SER ZB 26 -63.21 -3.15 -27.48
C SER ZB 26 -63.38 -3.57 -28.94
N VAL ZB 27 -64.53 -4.15 -29.29
CA VAL ZB 27 -64.72 -4.64 -30.66
C VAL ZB 27 -65.37 -3.60 -31.56
N ARG ZB 28 -66.15 -2.66 -31.02
CA ARG ZB 28 -66.69 -1.56 -31.81
C ARG ZB 28 -65.78 -0.35 -31.63
N GLY ZB 29 -64.60 -0.44 -32.25
CA GLY ZB 29 -63.61 0.60 -32.15
C GLY ZB 29 -62.66 0.44 -30.99
N GLY ZB 30 -62.78 1.32 -29.99
CA GLY ZB 30 -61.82 1.36 -28.90
C GLY ZB 30 -61.99 2.58 -28.02
N ASN ZB 31 -60.90 3.31 -27.81
CA ASN ZB 31 -60.86 4.52 -26.98
C ASN ZB 31 -61.29 4.26 -25.55
N LEU ZB 32 -60.83 3.16 -24.97
CA LEU ZB 32 -61.15 2.80 -23.60
C LEU ZB 32 -59.90 2.85 -22.73
N GLY AC 1 -57.95 6.16 -20.45
CA GLY AC 1 -57.00 6.74 -19.52
C GLY AC 1 -55.61 6.85 -20.10
N ARG AC 2 -54.65 7.26 -19.28
CA ARG AC 2 -53.28 7.47 -19.70
C ARG AC 2 -52.40 6.29 -19.33
N ASP AC 3 -51.22 6.26 -19.93
CA ASP AC 3 -50.26 5.17 -19.78
C ASP AC 3 -49.30 5.47 -18.64
N GLN AC 4 -48.47 4.49 -18.32
CA GLN AC 4 -47.46 4.67 -17.27
C GLN AC 4 -46.29 5.50 -17.79
N GLU AC 5 -46.04 5.47 -19.09
CA GLU AC 5 -44.96 6.30 -19.64
C GLU AC 5 -45.36 7.76 -19.73
N THR AC 6 -46.65 8.04 -19.92
CA THR AC 6 -47.12 9.41 -20.12
C THR AC 6 -47.51 10.12 -18.83
N THR AC 7 -47.58 9.42 -17.70
CA THR AC 7 -47.93 10.05 -16.44
C THR AC 7 -46.95 9.68 -15.33
N GLY AC 8 -46.25 8.55 -15.50
CA GLY AC 8 -45.33 8.08 -14.49
C GLY AC 8 -45.95 7.20 -13.43
N PHE AC 9 -47.28 7.11 -13.39
CA PHE AC 9 -47.99 6.36 -12.37
C PHE AC 9 -48.49 5.04 -12.95
N ALA AC 10 -48.41 3.98 -12.17
CA ALA AC 10 -48.81 2.66 -12.63
C ALA AC 10 -50.34 2.54 -12.61
N TRP AC 11 -50.81 1.35 -12.99
CA TRP AC 11 -52.26 1.10 -13.00
C TRP AC 11 -52.83 1.10 -11.59
N TRP AC 12 -52.03 0.67 -10.60
CA TRP AC 12 -52.44 0.78 -9.21
C TRP AC 12 -52.21 2.17 -8.65
N ALA AC 13 -51.98 3.16 -9.51
CA ALA AC 13 -51.95 4.57 -9.18
C ALA AC 13 -52.67 5.38 -10.24
N GLY AC 14 -53.81 4.86 -10.72
CA GLY AC 14 -54.51 5.50 -11.82
C GLY AC 14 -55.08 6.86 -11.48
N ASN AC 15 -55.60 7.02 -10.26
CA ASN AC 15 -56.15 8.31 -9.89
C ASN AC 15 -55.06 9.34 -9.60
N ALA AC 16 -53.80 8.90 -9.55
CA ALA AC 16 -52.69 9.82 -9.43
C ALA AC 16 -52.29 10.39 -10.78
N ARG AC 17 -52.80 9.80 -11.86
CA ARG AC 17 -52.57 10.34 -13.20
C ARG AC 17 -53.46 11.56 -13.46
N LEU AC 18 -54.41 11.82 -12.57
CA LEU AC 18 -55.46 12.81 -12.78
C LEU AC 18 -55.48 13.90 -11.71
N ILE AC 19 -54.30 14.29 -11.21
CA ILE AC 19 -54.21 15.33 -10.18
C ILE AC 19 -54.58 16.69 -10.75
N ASN AC 20 -53.98 17.09 -11.87
CA ASN AC 20 -54.00 18.46 -12.35
C ASN AC 20 -54.93 18.65 -13.56
N LEU AC 21 -55.99 17.85 -13.65
CA LEU AC 21 -56.91 17.90 -14.79
C LEU AC 21 -58.31 18.16 -14.24
N SER AC 22 -58.72 19.43 -14.24
CA SER AC 22 -59.86 19.89 -13.44
C SER AC 22 -61.18 19.25 -13.87
N GLY AC 23 -61.62 19.48 -15.12
CA GLY AC 23 -62.86 18.90 -15.57
C GLY AC 23 -62.79 17.39 -15.65
N LYS AC 24 -61.59 16.87 -15.84
CA LYS AC 24 -61.36 15.44 -15.82
C LYS AC 24 -61.38 14.91 -14.38
N LEU AC 25 -61.02 15.76 -13.42
CA LEU AC 25 -61.09 15.37 -12.01
C LEU AC 25 -62.54 15.29 -11.51
N LEU AC 26 -63.36 16.27 -11.86
CA LEU AC 26 -64.75 16.26 -11.41
C LEU AC 26 -65.53 15.12 -12.04
N GLY AC 27 -65.07 14.64 -13.20
CA GLY AC 27 -65.70 13.49 -13.81
C GLY AC 27 -65.62 12.26 -12.93
N ALA AC 28 -64.55 12.15 -12.15
CA ALA AC 28 -64.46 11.09 -11.15
C ALA AC 28 -65.39 11.39 -9.97
N HIS AC 29 -65.48 12.65 -9.57
CA HIS AC 29 -66.27 13.01 -8.40
C HIS AC 29 -67.76 12.97 -8.68
N VAL AC 30 -68.18 13.48 -9.85
CA VAL AC 30 -69.59 13.42 -10.22
C VAL AC 30 -70.02 11.97 -10.38
N ALA AC 31 -69.12 11.13 -10.89
CA ALA AC 31 -69.35 9.69 -10.91
C ALA AC 31 -69.41 9.14 -9.50
N HIS AC 32 -68.53 9.60 -8.61
CA HIS AC 32 -68.55 9.15 -7.22
C HIS AC 32 -69.68 9.83 -6.45
N ALA AC 33 -70.19 10.96 -6.95
CA ALA AC 33 -71.34 11.60 -6.33
C ALA AC 33 -72.56 10.69 -6.39
N GLY AC 34 -72.76 10.03 -7.53
CA GLY AC 34 -73.86 9.10 -7.64
C GLY AC 34 -73.62 7.82 -6.86
N LEU AC 35 -72.35 7.50 -6.60
CA LEU AC 35 -72.01 6.32 -5.81
C LEU AC 35 -72.54 6.45 -4.38
N ILE AC 36 -72.46 7.65 -3.82
CA ILE AC 36 -72.97 7.87 -2.47
C ILE AC 36 -74.48 7.75 -2.45
N VAL AC 37 -75.13 8.35 -3.45
CA VAL AC 37 -76.59 8.40 -3.52
C VAL AC 37 -77.16 7.05 -3.94
N PHE AC 38 -76.36 6.21 -4.62
CA PHE AC 38 -76.83 4.89 -5.03
C PHE AC 38 -77.11 4.01 -3.81
N TRP AC 39 -76.14 3.92 -2.90
CA TRP AC 39 -76.36 3.12 -1.70
C TRP AC 39 -77.37 3.79 -0.78
N ALA AC 40 -77.41 5.12 -0.79
CA ALA AC 40 -78.44 5.85 -0.05
C ALA AC 40 -79.83 5.48 -0.55
N GLY AC 41 -79.98 5.42 -1.88
CA GLY AC 41 -81.25 4.97 -2.44
C GLY AC 41 -81.45 3.47 -2.29
N ALA AC 42 -80.34 2.72 -2.26
CA ALA AC 42 -80.44 1.26 -2.20
C ALA AC 42 -81.10 0.78 -0.92
N MET AC 43 -80.39 0.87 0.21
CA MET AC 43 -80.76 0.07 1.38
C MET AC 43 -82.01 0.61 2.06
N ASN AC 44 -82.40 1.86 1.76
CA ASN AC 44 -83.65 2.39 2.30
C ASN AC 44 -84.84 1.61 1.76
N LEU AC 45 -84.81 1.28 0.47
CA LEU AC 45 -85.89 0.49 -0.11
C LEU AC 45 -85.69 -1.00 0.14
N PHE AC 46 -84.53 -1.41 0.67
CA PHE AC 46 -84.37 -2.79 1.13
C PHE AC 46 -84.85 -2.97 2.55
N GLU AC 47 -84.52 -2.02 3.42
CA GLU AC 47 -84.88 -2.13 4.83
C GLU AC 47 -86.39 -2.07 5.02
N VAL AC 48 -87.11 -1.59 4.01
CA VAL AC 48 -88.57 -1.68 4.02
C VAL AC 48 -89.03 -2.89 3.22
N SER AC 49 -88.18 -3.44 2.35
CA SER AC 49 -88.58 -4.61 1.57
C SER AC 49 -88.64 -5.87 2.43
N HIS AC 50 -87.65 -6.07 3.30
CA HIS AC 50 -87.63 -7.16 4.26
C HIS AC 50 -88.31 -6.79 5.56
N PHE AC 51 -89.06 -5.68 5.57
CA PHE AC 51 -89.64 -5.16 6.80
C PHE AC 51 -90.77 -6.03 7.33
N VAL AC 52 -90.74 -6.27 8.63
CA VAL AC 52 -91.84 -6.88 9.37
C VAL AC 52 -92.34 -5.83 10.35
N PRO AC 53 -93.51 -5.23 10.12
CA PRO AC 53 -93.96 -4.12 10.99
C PRO AC 53 -94.24 -4.52 12.43
N GLU AC 54 -94.55 -5.79 12.70
CA GLU AC 54 -94.89 -6.17 14.07
C GLU AC 54 -93.65 -6.20 14.96
N LYS AC 55 -92.54 -6.73 14.45
CA LYS AC 55 -91.31 -6.86 15.22
C LYS AC 55 -90.72 -5.48 15.52
N PRO AC 56 -89.93 -5.37 16.59
CA PRO AC 56 -89.14 -4.15 16.80
C PRO AC 56 -88.19 -3.93 15.63
N MET AC 57 -88.10 -2.66 15.23
CA MET AC 57 -87.44 -2.33 13.98
C MET AC 57 -85.92 -2.47 14.08
N TYR AC 58 -85.38 -2.51 15.29
CA TYR AC 58 -83.94 -2.68 15.40
C TYR AC 58 -83.52 -4.15 15.27
N GLU AC 59 -84.46 -5.09 15.28
CA GLU AC 59 -84.13 -6.50 15.30
C GLU AC 59 -83.82 -7.08 13.91
N GLN AC 60 -83.95 -6.29 12.85
CA GLN AC 60 -83.75 -6.79 11.50
C GLN AC 60 -82.46 -6.30 10.87
N GLY AC 61 -81.57 -5.69 11.66
CA GLY AC 61 -80.33 -5.15 11.13
C GLY AC 61 -80.54 -3.99 10.17
N LEU AC 62 -81.39 -3.04 10.53
CA LEU AC 62 -81.70 -1.91 9.68
C LEU AC 62 -80.97 -0.69 10.20
N ILE AC 63 -80.28 0.01 9.30
CA ILE AC 63 -79.47 1.16 9.68
C ILE AC 63 -79.95 2.47 9.06
N LEU AC 64 -80.75 2.43 7.99
CA LEU AC 64 -81.23 3.65 7.33
C LEU AC 64 -82.59 4.09 7.87
N LEU AC 65 -83.48 3.15 8.12
CA LEU AC 65 -84.74 3.48 8.78
C LEU AC 65 -84.58 4.12 10.16
N PRO AC 66 -83.65 3.69 11.04
CA PRO AC 66 -83.51 4.39 12.32
C PRO AC 66 -83.11 5.85 12.18
N HIS AC 67 -82.48 6.25 11.08
CA HIS AC 67 -82.24 7.66 10.83
C HIS AC 67 -83.54 8.39 10.53
N ILE AC 68 -84.39 7.80 9.69
CA ILE AC 68 -85.64 8.45 9.29
C ILE AC 68 -86.65 8.38 10.43
N ALA AC 69 -86.66 7.28 11.17
CA ALA AC 69 -87.49 7.20 12.36
C ALA AC 69 -87.07 8.23 13.39
N THR AC 70 -85.76 8.46 13.53
CA THR AC 70 -85.27 9.56 14.34
C THR AC 70 -85.71 10.89 13.76
N LEU AC 71 -85.76 10.99 12.43
CA LEU AC 71 -86.23 12.21 11.79
C LEU AC 71 -87.74 12.38 11.94
N GLY AC 72 -88.45 11.33 12.30
CA GLY AC 72 -89.87 11.45 12.62
C GLY AC 72 -90.81 11.23 11.46
N TYR AC 73 -90.50 10.27 10.59
CA TYR AC 73 -91.36 9.91 9.47
C TYR AC 73 -91.81 8.47 9.64
N GLY AC 74 -93.11 8.23 9.54
CA GLY AC 74 -93.63 6.89 9.69
C GLY AC 74 -93.67 6.37 11.11
N VAL AC 75 -93.42 7.23 12.10
CA VAL AC 75 -93.44 6.83 13.50
C VAL AC 75 -94.36 7.76 14.28
N GLY AC 76 -94.93 7.21 15.34
CA GLY AC 76 -95.82 7.96 16.21
C GLY AC 76 -95.33 7.95 17.64
N PRO AC 77 -96.26 7.81 18.59
CA PRO AC 77 -95.89 7.78 20.01
C PRO AC 77 -95.42 6.40 20.44
N GLY AC 78 -94.12 6.29 20.74
CA GLY AC 78 -93.55 5.05 21.23
C GLY AC 78 -92.42 4.50 20.40
N GLY AC 79 -92.19 5.00 19.20
CA GLY AC 79 -91.14 4.48 18.34
C GLY AC 79 -91.56 3.39 17.39
N GLU AC 80 -92.84 3.05 17.33
CA GLU AC 80 -93.32 2.04 16.40
C GLU AC 80 -93.34 2.57 14.98
N VAL AC 81 -93.27 1.65 14.01
CA VAL AC 81 -93.33 2.02 12.61
C VAL AC 81 -94.76 1.90 12.11
N LEU AC 82 -95.36 3.04 11.76
CA LEU AC 82 -96.75 3.12 11.36
C LEU AC 82 -96.94 3.13 9.85
N ASP AC 83 -95.91 3.50 9.09
CA ASP AC 83 -96.00 3.57 7.64
C ASP AC 83 -94.59 3.53 7.05
N THR AC 84 -94.35 2.56 6.16
CA THR AC 84 -93.05 2.46 5.50
C THR AC 84 -93.01 3.26 4.20
N PHE AC 85 -94.12 3.85 3.78
CA PHE AC 85 -94.12 4.73 2.61
C PHE AC 85 -93.24 5.97 2.77
N PRO AC 86 -93.21 6.68 3.92
CA PRO AC 86 -92.22 7.75 4.05
C PRO AC 86 -90.78 7.27 3.92
N TYR AC 87 -90.49 6.05 4.38
CA TYR AC 87 -89.16 5.50 4.19
C TYR AC 87 -88.91 5.17 2.72
N PHE AC 88 -89.97 4.73 2.03
CA PHE AC 88 -89.83 4.24 0.66
C PHE AC 88 -89.53 5.35 -0.33
N VAL AC 89 -90.07 6.55 -0.08
CA VAL AC 89 -89.96 7.64 -1.05
C VAL AC 89 -88.51 8.16 -1.13
N SER AC 90 -87.83 8.20 0.01
CA SER AC 90 -86.47 8.75 0.05
C SER AC 90 -85.50 7.92 -0.79
N GLY AC 91 -85.61 6.59 -0.74
CA GLY AC 91 -84.71 5.76 -1.51
C GLY AC 91 -84.90 5.90 -3.00
N VAL AC 92 -86.15 5.88 -3.46
CA VAL AC 92 -86.39 5.96 -4.90
C VAL AC 92 -86.07 7.36 -5.42
N LEU AC 93 -86.23 8.39 -4.58
CA LEU AC 93 -85.77 9.72 -4.96
C LEU AC 93 -84.26 9.75 -5.13
N HIS AC 94 -83.53 9.11 -4.20
CA HIS AC 94 -82.08 9.01 -4.33
C HIS AC 94 -81.68 8.17 -5.53
N LEU AC 95 -82.43 7.10 -5.82
CA LEU AC 95 -82.10 6.25 -6.95
C LEU AC 95 -82.22 7.02 -8.28
N ILE AC 96 -83.22 7.88 -8.39
CA ILE AC 96 -83.29 8.77 -9.54
C ILE AC 96 -82.16 9.80 -9.48
N SER AC 97 -81.87 10.31 -8.29
CA SER AC 97 -80.80 11.29 -8.13
C SER AC 97 -79.43 10.70 -8.42
N SER AC 98 -79.19 9.47 -7.98
CA SER AC 98 -77.92 8.81 -8.27
C SER AC 98 -77.78 8.51 -9.76
N ALA AC 99 -78.92 8.27 -10.44
CA ALA AC 99 -78.89 8.08 -11.88
C ALA AC 99 -78.45 9.35 -12.60
N VAL AC 100 -78.95 10.50 -12.14
CA VAL AC 100 -78.58 11.78 -12.76
C VAL AC 100 -77.09 12.06 -12.54
N LEU AC 101 -76.60 11.83 -11.32
CA LEU AC 101 -75.20 12.07 -11.02
C LEU AC 101 -74.29 11.11 -11.76
N GLY AC 102 -74.76 9.89 -12.02
CA GLY AC 102 -73.96 8.94 -12.77
C GLY AC 102 -73.84 9.31 -14.25
N PHE AC 103 -74.76 10.13 -14.74
CA PHE AC 103 -74.71 10.55 -16.14
C PHE AC 103 -73.56 11.50 -16.40
N GLY AC 104 -73.42 12.53 -15.55
CA GLY AC 104 -72.36 13.50 -15.76
C GLY AC 104 -70.98 12.92 -15.54
N GLY AC 105 -70.85 12.02 -14.55
CA GLY AC 105 -69.55 11.49 -14.21
C GLY AC 105 -68.91 10.69 -15.32
N VAL AC 106 -69.70 9.83 -15.98
CA VAL AC 106 -69.22 9.13 -17.16
C VAL AC 106 -69.02 10.12 -18.30
N TYR AC 107 -69.92 11.11 -18.41
CA TYR AC 107 -69.82 12.11 -19.46
C TYR AC 107 -68.57 12.98 -19.29
N HIS AC 108 -68.27 13.39 -18.05
CA HIS AC 108 -67.10 14.23 -17.81
C HIS AC 108 -65.80 13.44 -17.71
N SER AC 109 -65.86 12.11 -17.77
CA SER AC 109 -64.63 11.32 -17.75
C SER AC 109 -64.28 10.80 -19.13
N LEU AC 110 -65.26 10.62 -20.00
CA LEU AC 110 -65.02 10.04 -21.32
C LEU AC 110 -64.93 11.12 -22.40
N ILE AC 111 -65.97 11.95 -22.52
CA ILE AC 111 -66.06 12.99 -23.54
C ILE AC 111 -66.21 14.38 -22.92
N GLY AC 112 -65.99 14.50 -21.62
CA GLY AC 112 -66.07 15.79 -20.96
C GLY AC 112 -64.83 16.63 -21.19
N PRO AC 113 -64.84 17.85 -20.66
CA PRO AC 113 -63.66 18.72 -20.80
C PRO AC 113 -62.47 18.13 -20.05
N GLU AC 114 -61.31 18.15 -20.72
CA GLU AC 114 -60.09 17.65 -20.08
C GLU AC 114 -59.63 18.57 -18.98
N THR AC 115 -59.57 19.88 -19.27
CA THR AC 115 -59.29 20.91 -18.28
C THR AC 115 -60.25 22.07 -18.50
N LEU AC 116 -60.61 22.75 -17.41
CA LEU AC 116 -61.49 23.91 -17.47
C LEU AC 116 -60.74 25.22 -17.54
N GLU AC 117 -59.42 25.19 -17.61
CA GLU AC 117 -58.64 26.43 -17.55
C GLU AC 117 -58.72 27.23 -18.85
N GLU AC 118 -59.15 26.59 -19.95
CA GLU AC 118 -59.22 27.30 -21.22
C GLU AC 118 -60.65 27.68 -21.62
N SER AC 119 -61.67 27.04 -21.06
CA SER AC 119 -63.05 27.32 -21.44
C SER AC 119 -63.96 27.70 -20.28
N TYR AC 120 -63.68 27.25 -19.06
CA TYR AC 120 -64.53 27.55 -17.90
C TYR AC 120 -63.66 28.10 -16.78
N PRO AC 121 -63.26 29.37 -16.87
CA PRO AC 121 -62.38 29.96 -15.83
C PRO AC 121 -63.00 30.00 -14.46
N PHE AC 122 -64.33 30.09 -14.36
CA PHE AC 122 -64.99 30.06 -13.05
C PHE AC 122 -64.78 28.71 -12.37
N PHE AC 123 -64.92 27.61 -13.12
CA PHE AC 123 -64.72 26.29 -12.56
C PHE AC 123 -63.27 25.84 -12.59
N GLY AC 124 -62.45 26.45 -13.45
CA GLY AC 124 -61.06 26.04 -13.54
C GLY AC 124 -60.30 26.43 -12.29
N TYR AC 125 -59.25 25.66 -11.99
CA TYR AC 125 -58.44 25.89 -10.80
C TYR AC 125 -57.09 25.23 -10.97
N VAL AC 126 -56.07 25.85 -10.39
CA VAL AC 126 -54.77 25.22 -10.22
C VAL AC 126 -54.48 25.19 -8.73
N TRP AC 127 -53.71 24.19 -8.30
CA TRP AC 127 -53.55 23.97 -6.87
C TRP AC 127 -52.71 25.05 -6.19
N LYS AC 128 -51.99 25.86 -6.96
CA LYS AC 128 -51.26 26.95 -6.34
C LYS AC 128 -52.01 28.27 -6.37
N ASP AC 129 -53.21 28.31 -6.96
CA ASP AC 129 -54.07 29.49 -6.90
C ASP AC 129 -54.95 29.35 -5.66
N LYS AC 130 -54.40 29.81 -4.54
CA LYS AC 130 -54.99 29.54 -3.23
C LYS AC 130 -56.27 30.33 -2.99
N ASN AC 131 -56.55 31.34 -3.82
CA ASN AC 131 -57.80 32.09 -3.67
C ASN AC 131 -58.99 31.32 -4.24
N LYS AC 132 -58.76 30.53 -5.29
CA LYS AC 132 -59.86 29.83 -5.94
C LYS AC 132 -60.39 28.69 -5.08
N MET AC 133 -59.50 27.99 -4.36
CA MET AC 133 -59.93 26.90 -3.49
C MET AC 133 -60.76 27.43 -2.32
N THR AC 134 -60.38 28.57 -1.77
CA THR AC 134 -61.20 29.20 -0.74
C THR AC 134 -62.55 29.62 -1.29
N ASN AC 135 -62.58 30.08 -2.55
CA ASN AC 135 -63.86 30.36 -3.20
C ASN AC 135 -64.69 29.09 -3.33
N ILE AC 136 -64.05 27.99 -3.73
CA ILE AC 136 -64.74 26.70 -3.80
C ILE AC 136 -65.17 26.25 -2.41
N LEU AC 137 -64.25 26.33 -1.43
CA LEU AC 137 -64.60 26.01 -0.05
C LEU AC 137 -65.66 26.97 0.48
N GLY AC 138 -65.65 28.21 0.00
CA GLY AC 138 -66.70 29.14 0.37
C GLY AC 138 -68.07 28.72 -0.16
N TYR AC 139 -68.11 28.14 -1.35
CA TYR AC 139 -69.39 27.68 -1.89
C TYR AC 139 -69.91 26.48 -1.12
N HIS AC 140 -69.02 25.50 -0.84
CA HIS AC 140 -69.43 24.30 -0.14
C HIS AC 140 -69.83 24.58 1.30
N LEU AC 141 -69.15 25.52 1.98
CA LEU AC 141 -69.54 25.88 3.33
C LEU AC 141 -70.91 26.54 3.34
N ILE AC 142 -71.23 27.29 2.27
CA ILE AC 142 -72.57 27.83 2.11
C ILE AC 142 -73.56 26.71 1.82
N ILE AC 143 -73.13 25.73 1.00
CA ILE AC 143 -73.96 24.56 0.72
C ILE AC 143 -74.23 23.77 2.00
N LEU AC 144 -73.16 23.46 2.76
CA LEU AC 144 -73.31 22.65 3.97
C LEU AC 144 -74.03 23.40 5.07
N GLY AC 145 -73.81 24.71 5.17
CA GLY AC 145 -74.51 25.50 6.17
C GLY AC 145 -75.99 25.56 5.93
N CYS AC 146 -76.40 25.53 4.67
CA CYS AC 146 -77.82 25.49 4.34
C CYS AC 146 -78.45 24.17 4.78
N GLY AC 147 -77.68 23.07 4.72
CA GLY AC 147 -78.20 21.78 5.13
C GLY AC 147 -78.49 21.70 6.62
N ALA AC 148 -77.65 22.33 7.44
CA ALA AC 148 -77.92 22.41 8.87
C ALA AC 148 -79.19 23.19 9.14
N TRP AC 149 -79.36 24.33 8.44
CA TRP AC 149 -80.58 25.11 8.55
C TRP AC 149 -81.77 24.36 7.95
N LEU AC 150 -81.52 23.57 6.91
CA LEU AC 150 -82.57 22.74 6.34
C LEU AC 150 -83.02 21.69 7.35
N LEU AC 151 -82.09 21.19 8.16
CA LEU AC 151 -82.45 20.35 9.29
C LEU AC 151 -83.13 21.16 10.39
N VAL AC 152 -82.72 22.42 10.56
CA VAL AC 152 -83.29 23.26 11.62
C VAL AC 152 -84.77 23.52 11.37
N LEU AC 153 -85.15 23.64 10.09
CA LEU AC 153 -86.54 23.91 9.74
C LEU AC 153 -87.48 22.77 10.14
N LYS AC 154 -86.93 21.56 10.35
CA LYS AC 154 -87.77 20.44 10.71
C LYS AC 154 -88.28 20.54 12.14
N ALA AC 155 -87.38 20.55 13.12
CA ALA AC 155 -87.79 20.52 14.52
C ALA AC 155 -88.52 21.80 14.93
N LEU AC 156 -88.32 22.88 14.18
CA LEU AC 156 -89.01 24.12 14.50
C LEU AC 156 -90.40 24.18 13.88
N TYR AC 157 -90.50 24.04 12.56
CA TYR AC 157 -91.74 24.37 11.86
C TYR AC 157 -92.24 23.30 10.89
N PHE AC 158 -91.50 22.21 10.68
CA PHE AC 158 -91.87 21.18 9.70
C PHE AC 158 -92.19 19.84 10.35
N GLY AC 159 -92.95 19.84 11.44
CA GLY AC 159 -93.41 18.61 12.04
C GLY AC 159 -92.48 17.99 13.07
N GLY AC 160 -91.23 18.45 13.14
CA GLY AC 160 -90.33 17.99 14.15
C GLY AC 160 -89.66 16.66 13.82
N VAL AC 161 -88.83 16.23 14.75
CA VAL AC 161 -88.13 14.94 14.70
C VAL AC 161 -88.47 14.17 15.96
N TYR AC 162 -88.00 12.93 16.01
CA TYR AC 162 -88.32 12.05 17.13
C TYR AC 162 -87.61 12.52 18.40
N ASP AC 163 -88.35 12.54 19.51
CA ASP AC 163 -87.83 12.92 20.82
C ASP AC 163 -87.94 11.70 21.72
N THR AC 164 -86.79 11.06 22.00
CA THR AC 164 -86.80 9.86 22.82
C THR AC 164 -87.03 10.15 24.29
N TRP AC 165 -86.82 11.39 24.72
CA TRP AC 165 -87.01 11.78 26.12
C TRP AC 165 -88.43 12.26 26.41
N ALA AC 166 -89.27 12.39 25.39
CA ALA AC 166 -90.63 12.87 25.59
C ALA AC 166 -91.43 11.85 26.42
N PRO AC 167 -92.29 12.33 27.31
CA PRO AC 167 -93.06 11.41 28.16
C PRO AC 167 -94.01 10.54 27.35
N GLY AC 168 -94.22 9.31 27.82
CA GLY AC 168 -95.10 8.37 27.17
C GLY AC 168 -94.42 7.29 26.36
N GLY AC 169 -93.14 7.46 26.03
CA GLY AC 169 -92.42 6.45 25.27
C GLY AC 169 -91.73 6.97 24.03
N GLY AC 170 -91.69 8.28 23.89
CA GLY AC 170 -91.01 8.89 22.76
C GLY AC 170 -91.94 9.11 21.58
N ASP AC 171 -91.84 10.31 21.02
CA ASP AC 171 -92.73 10.74 19.95
C ASP AC 171 -92.08 11.88 19.19
N VAL AC 172 -92.55 12.08 17.95
CA VAL AC 172 -92.08 13.19 17.13
C VAL AC 172 -92.60 14.48 17.75
N ARG AC 173 -91.67 15.36 18.15
CA ARG AC 173 -92.02 16.54 18.92
C ARG AC 173 -91.60 17.81 18.20
N ILE AC 174 -92.46 18.81 18.24
CA ILE AC 174 -92.14 20.13 17.73
C ILE AC 174 -91.23 20.81 18.75
N ILE AC 175 -89.96 20.98 18.40
CA ILE AC 175 -89.00 21.59 19.31
C ILE AC 175 -89.17 23.10 19.28
N SER AC 176 -89.36 23.70 20.45
CA SER AC 176 -89.53 25.14 20.58
C SER AC 176 -88.53 25.66 21.60
N ASN AC 177 -88.11 26.92 21.41
CA ASN AC 177 -87.13 27.62 22.22
C ASN AC 177 -85.82 26.86 22.25
N PRO AC 178 -85.06 26.85 21.15
CA PRO AC 178 -83.79 26.11 21.13
C PRO AC 178 -82.76 26.78 22.02
N THR AC 179 -81.78 25.98 22.43
CA THR AC 179 -80.69 26.49 23.28
C THR AC 179 -79.79 27.36 22.44
N THR AC 180 -79.96 28.68 22.52
CA THR AC 180 -79.19 29.63 21.75
C THR AC 180 -77.99 30.18 22.51
N ASN AC 181 -77.75 29.71 23.73
CA ASN AC 181 -76.60 30.17 24.50
C ASN AC 181 -75.31 29.60 23.94
N ALA AC 182 -74.30 30.47 23.77
CA ALA AC 182 -73.03 30.02 23.23
C ALA AC 182 -72.26 29.16 24.22
N ALA AC 183 -72.32 29.51 25.51
CA ALA AC 183 -71.60 28.75 26.52
C ALA AC 183 -72.17 27.34 26.67
N ILE AC 184 -73.47 27.19 26.44
CA ILE AC 184 -74.07 25.86 26.47
C ILE AC 184 -73.75 25.09 25.18
N ILE AC 185 -73.87 25.75 24.04
CA ILE AC 185 -73.63 25.08 22.76
C ILE AC 185 -72.16 24.71 22.62
N PHE AC 186 -71.26 25.66 22.90
CA PHE AC 186 -69.83 25.37 22.86
C PHE AC 186 -69.33 24.66 24.11
N GLY AC 187 -70.16 24.53 25.15
CA GLY AC 187 -69.76 23.82 26.34
C GLY AC 187 -69.50 22.35 26.10
N TYR AC 188 -70.19 21.76 25.12
CA TYR AC 188 -69.91 20.38 24.74
C TYR AC 188 -68.54 20.28 24.07
N ILE AC 189 -68.19 21.30 23.29
CA ILE AC 189 -66.93 21.28 22.54
C ILE AC 189 -65.74 21.42 23.48
N VAL AC 190 -65.82 22.31 24.45
CA VAL AC 190 -64.70 22.59 25.35
C VAL AC 190 -64.70 21.57 26.48
N LYS AC 191 -65.61 20.59 26.40
CA LYS AC 191 -65.73 19.56 27.42
C LYS AC 191 -64.74 18.43 27.16
N SER AC 192 -64.42 17.70 28.21
CA SER AC 192 -63.53 16.56 28.08
C SER AC 192 -64.27 15.38 27.45
N PRO AC 193 -63.59 14.55 26.68
CA PRO AC 193 -64.20 13.33 26.13
C PRO AC 193 -64.23 12.15 27.09
N PHE AC 194 -64.04 12.39 28.38
CA PHE AC 194 -63.93 11.32 29.36
C PHE AC 194 -65.25 11.17 30.11
N GLY AC 195 -65.29 10.26 31.07
CA GLY AC 195 -66.54 9.94 31.74
C GLY AC 195 -67.05 11.11 32.57
N GLY AC 196 -68.38 11.21 32.66
CA GLY AC 196 -69.03 12.32 33.32
C GLY AC 196 -69.20 13.55 32.48
N ASP AC 197 -68.36 13.75 31.46
CA ASP AC 197 -68.44 14.90 30.58
C ASP AC 197 -68.89 14.49 29.18
N GLY AC 198 -68.20 13.56 28.54
CA GLY AC 198 -68.64 13.02 27.26
C GLY AC 198 -68.41 13.90 26.06
N TRP AC 199 -67.87 15.10 26.24
CA TRP AC 199 -67.59 16.08 25.17
C TRP AC 199 -68.90 16.38 24.47
N ILE AC 200 -69.14 15.90 23.25
CA ILE AC 200 -70.42 16.07 22.58
C ILE AC 200 -71.39 14.95 22.92
N VAL AC 201 -70.88 13.72 23.13
CA VAL AC 201 -71.70 12.52 23.22
C VAL AC 201 -72.74 12.60 24.33
N SER AC 202 -72.46 13.37 25.39
CA SER AC 202 -73.40 13.49 26.50
C SER AC 202 -74.45 14.57 26.28
N VAL AC 203 -74.76 14.93 25.03
CA VAL AC 203 -75.88 15.83 24.78
C VAL AC 203 -77.16 15.13 25.19
N ASP AC 204 -78.01 15.83 25.91
CA ASP AC 204 -79.15 15.21 26.59
C ASP AC 204 -80.51 15.62 26.07
N ASN AC 205 -80.60 16.54 25.11
CA ASN AC 205 -81.88 16.98 24.61
C ASN AC 205 -81.77 17.41 23.16
N LEU AC 206 -82.93 17.53 22.51
CA LEU AC 206 -82.95 18.01 21.13
C LEU AC 206 -82.81 19.53 21.07
N GLU AC 207 -83.03 20.21 22.20
CA GLU AC 207 -82.88 21.66 22.24
C GLU AC 207 -81.42 22.08 22.02
N ASP AC 208 -80.49 21.40 22.68
CA ASP AC 208 -79.08 21.63 22.39
C ASP AC 208 -78.71 21.10 21.01
N ILE AC 209 -79.37 20.02 20.59
CA ILE AC 209 -79.09 19.40 19.29
C ILE AC 209 -79.49 20.34 18.16
N ILE AC 210 -80.69 20.90 18.23
CA ILE AC 210 -81.15 21.78 17.16
C ILE AC 210 -80.62 23.19 17.38
N GLY AC 211 -80.27 23.54 18.62
CA GLY AC 211 -79.64 24.82 18.87
C GLY AC 211 -78.26 24.91 18.26
N GLY AC 212 -77.49 23.84 18.39
CA GLY AC 212 -76.17 23.80 17.78
C GLY AC 212 -76.23 23.69 16.27
N HIS AC 213 -77.30 23.11 15.74
CA HIS AC 213 -77.49 23.09 14.30
C HIS AC 213 -77.70 24.49 13.74
N ILE AC 214 -78.35 25.36 14.52
CA ILE AC 214 -78.45 26.77 14.14
C ILE AC 214 -77.06 27.40 14.16
N TRP AC 215 -76.29 27.10 15.20
CA TRP AC 215 -74.94 27.66 15.34
C TRP AC 215 -74.01 27.14 14.25
N ILE AC 216 -74.08 25.85 13.95
CA ILE AC 216 -73.24 25.32 12.86
C ILE AC 216 -73.81 25.75 11.52
N GLY AC 217 -75.07 26.17 11.48
CA GLY AC 217 -75.66 26.60 10.22
C GLY AC 217 -75.36 28.05 9.90
N THR AC 218 -75.48 28.93 10.89
CA THR AC 218 -75.20 30.35 10.68
C THR AC 218 -73.72 30.59 10.43
N LEU AC 219 -72.86 29.84 11.13
CA LEU AC 219 -71.43 30.07 11.02
C LEU AC 219 -70.89 29.58 9.67
N CYS AC 220 -71.36 28.42 9.21
CA CYS AC 220 -70.89 27.88 7.93
C CYS AC 220 -71.33 28.76 6.76
N ILE AC 221 -72.49 29.42 6.89
CA ILE AC 221 -72.90 30.40 5.91
C ILE AC 221 -72.01 31.64 5.99
N LEU AC 222 -71.73 32.10 7.22
CA LEU AC 222 -70.84 33.23 7.40
C LEU AC 222 -69.41 32.90 6.97
N GLY AC 223 -68.95 31.69 7.29
CA GLY AC 223 -67.62 31.29 6.86
C GLY AC 223 -67.48 31.15 5.36
N GLY AC 224 -68.53 30.67 4.70
CA GLY AC 224 -68.47 30.51 3.25
C GLY AC 224 -68.36 31.82 2.51
N ILE AC 225 -69.16 32.81 2.91
CA ILE AC 225 -69.06 34.14 2.32
C ILE AC 225 -67.71 34.75 2.66
N TRP AC 226 -67.21 34.46 3.86
CA TRP AC 226 -65.91 34.95 4.28
C TRP AC 226 -64.78 34.39 3.42
N HIS AC 227 -64.75 33.06 3.21
CA HIS AC 227 -63.76 32.45 2.33
C HIS AC 227 -63.87 32.95 0.89
N ILE AC 228 -65.07 33.33 0.46
CA ILE AC 228 -65.24 33.85 -0.89
C ILE AC 228 -64.50 35.18 -1.07
N TYR AC 229 -64.64 36.08 -0.10
CA TYR AC 229 -64.12 37.43 -0.23
C TYR AC 229 -62.73 37.61 0.35
N THR AC 230 -62.08 36.52 0.79
CA THR AC 230 -60.77 36.63 1.41
C THR AC 230 -59.79 35.65 0.78
N THR AC 231 -58.53 35.84 1.14
CA THR AC 231 -57.32 35.15 0.75
C THR AC 231 -56.49 34.83 1.99
N PRO AC 232 -55.95 33.61 2.11
CA PRO AC 232 -55.29 33.22 3.36
C PRO AC 232 -54.05 34.05 3.69
N TRP AC 233 -53.77 34.16 4.99
CA TRP AC 233 -52.72 35.01 5.51
C TRP AC 233 -51.34 34.38 5.27
N PRO AC 234 -50.26 35.17 5.39
CA PRO AC 234 -48.91 34.60 5.16
C PRO AC 234 -48.51 33.46 6.09
N TRP AC 235 -49.00 33.44 7.33
CA TRP AC 235 -48.65 32.31 8.19
C TRP AC 235 -49.37 31.04 7.76
N ALA AC 236 -50.47 31.18 7.04
CA ALA AC 236 -51.07 30.01 6.41
C ALA AC 236 -50.18 29.47 5.31
N ARG AC 237 -49.39 30.34 4.68
CA ARG AC 237 -48.46 29.89 3.65
C ARG AC 237 -47.30 29.12 4.27
N ARG AC 238 -46.79 29.59 5.41
CA ARG AC 238 -45.64 28.94 6.03
C ARG AC 238 -46.01 27.61 6.67
N ALA AC 239 -47.26 27.44 7.08
CA ALA AC 239 -47.64 26.22 7.76
C ALA AC 239 -48.25 25.19 6.82
N PHE AC 240 -48.97 25.64 5.78
CA PHE AC 240 -49.70 24.72 4.93
C PHE AC 240 -48.88 24.35 3.70
N VAL AC 241 -49.37 23.35 2.99
CA VAL AC 241 -48.85 22.95 1.69
C VAL AC 241 -49.96 23.16 0.67
N TRP AC 242 -49.60 23.71 -0.49
CA TRP AC 242 -50.62 24.12 -1.44
C TRP AC 242 -50.60 23.27 -2.69
N SER AC 243 -50.52 21.94 -2.51
CA SER AC 243 -50.60 21.00 -3.62
C SER AC 243 -51.95 20.29 -3.58
N GLY AC 244 -52.20 19.50 -4.62
CA GLY AC 244 -53.45 18.75 -4.67
C GLY AC 244 -53.52 17.65 -3.64
N GLU AC 245 -52.42 16.92 -3.46
CA GLU AC 245 -52.38 15.86 -2.45
C GLU AC 245 -52.48 16.43 -1.05
N ALA AC 246 -51.99 17.66 -0.86
CA ALA AC 246 -52.04 18.31 0.44
C ALA AC 246 -53.46 18.58 0.89
N TYR AC 247 -54.32 19.05 -0.03
CA TYR AC 247 -55.70 19.32 0.33
C TYR AC 247 -56.47 18.05 0.62
N LEU AC 248 -56.07 16.95 -0.03
CA LEU AC 248 -56.68 15.66 0.25
C LEU AC 248 -56.32 15.19 1.65
N SER AC 249 -55.10 15.47 2.09
CA SER AC 249 -54.66 15.06 3.43
C SER AC 249 -55.44 15.81 4.51
N TYR AC 250 -55.74 17.09 4.28
CA TYR AC 250 -56.47 17.87 5.28
C TYR AC 250 -57.89 17.33 5.46
N SER AC 251 -58.55 16.98 4.35
CA SER AC 251 -59.87 16.38 4.46
C SER AC 251 -59.81 14.97 5.04
N LEU AC 252 -58.77 14.21 4.68
CA LEU AC 252 -58.59 12.87 5.26
C LEU AC 252 -58.28 12.96 6.75
N ALA AC 253 -57.66 14.06 7.17
CA ALA AC 253 -57.52 14.31 8.61
C ALA AC 253 -58.88 14.53 9.26
N ALA AC 254 -59.75 15.31 8.61
CA ALA AC 254 -61.01 15.69 9.24
C ALA AC 254 -61.97 14.50 9.32
N VAL AC 255 -62.16 13.78 8.23
CA VAL AC 255 -63.18 12.73 8.19
C VAL AC 255 -62.82 11.53 9.05
N SER AC 256 -61.52 11.24 9.22
CA SER AC 256 -61.11 10.17 10.13
C SER AC 256 -61.49 10.50 11.56
N LEU AC 257 -61.35 11.77 11.95
CA LEU AC 257 -61.84 12.22 13.25
C LEU AC 257 -63.36 12.23 13.28
N MET AC 258 -63.97 12.60 12.15
CA MET AC 258 -65.43 12.54 12.05
C MET AC 258 -65.90 11.09 12.10
N GLY AC 259 -65.10 10.17 11.56
CA GLY AC 259 -65.44 8.76 11.67
C GLY AC 259 -65.20 8.21 13.07
N PHE AC 260 -64.49 8.96 13.91
CA PHE AC 260 -64.27 8.52 15.29
C PHE AC 260 -65.41 8.95 16.21
N THR AC 261 -65.87 10.21 16.07
CA THR AC 261 -66.83 10.73 17.05
C THR AC 261 -68.27 10.54 16.61
N ALA AC 262 -68.55 10.56 15.30
CA ALA AC 262 -69.89 10.19 14.85
C ALA AC 262 -70.17 8.73 15.16
N CYS AC 263 -69.11 7.92 15.15
CA CYS AC 263 -69.25 6.51 15.49
C CYS AC 263 -69.60 6.29 16.95
N CYS AC 264 -68.93 7.04 17.84
CA CYS AC 264 -69.16 6.88 19.28
C CYS AC 264 -70.57 7.29 19.68
N PHE AC 265 -71.25 8.04 18.82
CA PHE AC 265 -72.60 8.47 19.11
C PHE AC 265 -73.56 7.30 19.10
N ALA AC 266 -73.27 6.28 18.29
CA ALA AC 266 -74.14 5.10 18.24
C ALA AC 266 -73.95 4.22 19.46
N TRP AC 267 -72.71 4.06 19.93
CA TRP AC 267 -72.42 3.13 21.01
C TRP AC 267 -72.80 3.66 22.39
N PHE AC 268 -72.79 4.99 22.57
CA PHE AC 268 -73.09 5.56 23.89
C PHE AC 268 -74.32 6.45 23.90
N ASN AC 269 -74.45 7.38 22.96
CA ASN AC 269 -75.55 8.33 22.99
C ASN AC 269 -76.86 7.62 22.67
N ASN AC 270 -77.90 7.94 23.44
CA ASN AC 270 -79.23 7.44 23.19
C ASN AC 270 -80.25 8.54 22.95
N THR AC 271 -79.84 9.81 23.00
CA THR AC 271 -80.74 10.93 22.74
C THR AC 271 -80.84 11.22 21.25
N ALA AC 272 -79.71 11.52 20.61
CA ALA AC 272 -79.68 11.68 19.16
C ALA AC 272 -79.84 10.36 18.45
N TYR AC 273 -79.61 9.25 19.15
CA TYR AC 273 -79.73 7.90 18.61
C TYR AC 273 -80.67 7.12 19.51
N PRO AC 274 -81.99 7.31 19.35
CA PRO AC 274 -82.96 6.68 20.27
C PRO AC 274 -82.90 5.17 20.26
N SER AC 275 -83.09 4.58 21.45
CA SER AC 275 -83.04 3.13 21.59
C SER AC 275 -84.27 2.44 20.99
N GLU AC 276 -85.33 3.20 20.71
CA GLU AC 276 -86.49 2.61 20.04
C GLU AC 276 -86.16 2.22 18.61
N PHE AC 277 -85.12 2.83 18.04
CA PHE AC 277 -84.72 2.56 16.67
C PHE AC 277 -83.34 1.92 16.57
N TYR AC 278 -82.38 2.36 17.38
CA TYR AC 278 -81.02 1.87 17.31
C TYR AC 278 -80.76 0.72 18.27
N GLY AC 279 -81.66 0.48 19.21
CA GLY AC 279 -81.45 -0.52 20.23
C GLY AC 279 -80.79 0.12 21.45
N PRO AC 280 -80.77 -0.60 22.57
CA PRO AC 280 -80.09 -0.06 23.75
C PRO AC 280 -78.59 -0.02 23.58
N THR AC 281 -77.95 0.93 24.26
CA THR AC 281 -76.51 0.99 24.28
C THR AC 281 -75.95 -0.04 25.27
N GLY AC 282 -74.62 -0.12 25.30
CA GLY AC 282 -73.93 -0.92 26.29
C GLY AC 282 -74.21 -0.48 27.71
N PRO AC 283 -74.07 0.82 27.98
CA PRO AC 283 -74.57 1.34 29.27
C PRO AC 283 -76.06 1.13 29.48
N GLU AC 284 -76.86 1.16 28.41
CA GLU AC 284 -78.31 0.99 28.56
C GLU AC 284 -78.67 -0.47 28.83
N ALA AC 285 -78.02 -1.41 28.15
CA ALA AC 285 -78.35 -2.82 28.31
C ALA AC 285 -77.91 -3.35 29.67
N SER AC 286 -76.71 -2.94 30.14
CA SER AC 286 -76.24 -3.40 31.43
C SER AC 286 -77.09 -2.83 32.56
N GLN AC 287 -77.52 -1.57 32.45
CA GLN AC 287 -78.40 -1.01 33.45
C GLN AC 287 -79.82 -1.54 33.32
N ALA AC 288 -80.17 -2.10 32.15
CA ALA AC 288 -81.47 -2.76 32.01
C ALA AC 288 -81.48 -4.08 32.76
N GLN AC 289 -80.38 -4.83 32.73
CA GLN AC 289 -80.29 -6.07 33.48
C GLN AC 289 -80.35 -5.83 34.97
N ALA AC 290 -79.65 -4.81 35.45
CA ALA AC 290 -79.65 -4.52 36.89
C ALA AC 290 -80.98 -3.98 37.35
N PHE AC 291 -81.66 -3.21 36.49
CA PHE AC 291 -82.97 -2.69 36.85
C PHE AC 291 -84.00 -3.80 36.97
N THR AC 292 -84.01 -4.72 36.01
CA THR AC 292 -85.00 -5.80 36.00
C THR AC 292 -84.76 -6.78 37.14
N PHE AC 293 -83.50 -7.22 37.32
CA PHE AC 293 -83.18 -8.14 38.40
C PHE AC 293 -83.40 -7.52 39.77
N LEU AC 294 -83.37 -6.19 39.87
CA LEU AC 294 -83.74 -5.52 41.10
C LEU AC 294 -85.25 -5.59 41.32
N VAL AC 295 -86.04 -5.28 40.29
CA VAL AC 295 -87.48 -5.17 40.49
C VAL AC 295 -88.16 -6.53 40.39
N ARG AC 296 -87.50 -7.53 39.76
CA ARG AC 296 -88.07 -8.87 39.74
C ARG AC 296 -88.10 -9.46 41.15
N ASP AC 297 -87.04 -9.25 41.92
CA ASP AC 297 -87.01 -9.67 43.31
C ASP AC 297 -88.00 -8.89 44.16
N GLN AC 298 -88.36 -7.67 43.73
CA GLN AC 298 -89.34 -6.88 44.47
C GLN AC 298 -90.71 -7.55 44.45
N ARG AC 299 -91.06 -8.21 43.35
CA ARG AC 299 -92.36 -8.85 43.25
C ARG AC 299 -92.39 -10.20 43.94
N LEU AC 300 -91.25 -10.68 44.44
CA LEU AC 300 -91.17 -11.94 45.18
C LEU AC 300 -91.09 -11.72 46.68
N GLY AC 301 -91.36 -10.51 47.15
CA GLY AC 301 -91.35 -10.21 48.58
C GLY AC 301 -89.96 -10.11 49.18
N ALA AC 302 -89.18 -9.12 48.75
CA ALA AC 302 -87.82 -8.93 49.23
C ALA AC 302 -87.42 -7.47 49.10
N ASN AC 303 -86.34 -7.12 49.78
CA ASN AC 303 -85.81 -5.76 49.79
C ASN AC 303 -84.66 -5.65 48.79
N VAL AC 304 -84.49 -4.44 48.23
CA VAL AC 304 -83.39 -4.20 47.30
C VAL AC 304 -82.32 -3.27 47.86
N ALA AC 305 -82.68 -2.40 48.82
CA ALA AC 305 -81.68 -1.53 49.43
C ALA AC 305 -80.66 -2.33 50.24
N SER AC 306 -81.14 -3.33 50.96
CA SER AC 306 -80.32 -4.22 51.77
C SER AC 306 -79.86 -5.38 50.89
N ALA AC 307 -79.47 -6.50 51.52
CA ALA AC 307 -79.11 -7.75 50.85
C ALA AC 307 -77.87 -7.57 49.96
N GLN AC 308 -76.76 -7.28 50.64
CA GLN AC 308 -75.47 -7.21 49.97
C GLN AC 308 -75.08 -8.57 49.41
N GLY AC 309 -74.36 -8.55 48.29
CA GLY AC 309 -73.97 -9.77 47.63
C GLY AC 309 -72.79 -10.43 48.32
N PRO AC 310 -72.16 -11.39 47.65
CA PRO AC 310 -70.95 -12.00 48.21
C PRO AC 310 -69.82 -11.02 48.40
N THR AC 311 -69.84 -9.92 47.66
CA THR AC 311 -68.90 -8.82 47.78
C THR AC 311 -69.07 -8.04 49.08
N GLY AC 312 -70.29 -7.93 49.60
CA GLY AC 312 -70.52 -7.08 50.74
C GLY AC 312 -70.71 -5.63 50.35
N LEU AC 313 -70.83 -5.36 49.06
CA LEU AC 313 -71.05 -4.03 48.52
C LEU AC 313 -72.50 -3.78 48.16
N GLY AC 314 -73.28 -4.82 47.91
CA GLY AC 314 -74.66 -4.66 47.52
C GLY AC 314 -74.93 -5.28 46.16
N LYS AC 315 -75.82 -6.28 46.14
CA LYS AC 315 -76.18 -6.90 44.88
C LYS AC 315 -77.09 -5.98 44.07
N TYR AC 316 -78.09 -5.37 44.70
CA TYR AC 316 -79.06 -4.54 44.01
C TYR AC 316 -78.72 -3.06 44.04
N LEU AC 317 -78.38 -2.51 45.20
CA LEU AC 317 -78.23 -1.07 45.35
C LEU AC 317 -76.94 -0.73 46.08
N MET AC 318 -76.17 0.18 45.48
CA MET AC 318 -74.89 0.64 46.03
C MET AC 318 -74.74 2.11 45.61
N ARG AC 319 -73.59 2.72 45.88
CA ARG AC 319 -73.35 4.14 45.71
C ARG AC 319 -72.31 4.37 44.62
N SER AC 320 -72.53 5.40 43.82
CA SER AC 320 -71.53 5.82 42.86
C SER AC 320 -70.36 6.43 43.62
N PRO AC 321 -69.17 6.47 43.01
CA PRO AC 321 -68.01 7.10 43.66
C PRO AC 321 -68.24 8.56 44.03
N THR AC 322 -69.03 9.29 43.26
CA THR AC 322 -69.40 10.65 43.63
C THR AC 322 -70.51 10.69 44.67
N GLY AC 323 -71.18 9.58 44.93
CA GLY AC 323 -72.15 9.47 46.00
C GLY AC 323 -73.59 9.22 45.59
N GLU AC 324 -73.90 9.15 44.30
CA GLU AC 324 -75.27 8.94 43.88
C GLU AC 324 -75.70 7.49 44.09
N ILE AC 325 -77.00 7.29 44.30
CA ILE AC 325 -77.55 5.94 44.45
C ILE AC 325 -77.67 5.31 43.07
N ILE AC 326 -76.97 4.19 42.87
CA ILE AC 326 -76.90 3.54 41.58
C ILE AC 326 -77.26 2.06 41.72
N PHE AC 327 -77.30 1.37 40.59
CA PHE AC 327 -77.58 -0.06 40.55
C PHE AC 327 -76.35 -0.85 40.97
N GLY AC 328 -76.57 -1.93 41.71
CA GLY AC 328 -75.49 -2.81 42.08
C GLY AC 328 -75.09 -3.75 40.96
N GLY AC 329 -74.11 -4.61 41.25
CA GLY AC 329 -73.63 -5.56 40.25
C GLY AC 329 -72.43 -5.04 39.49
N GLU AC 330 -72.24 -5.59 38.29
CA GLU AC 330 -71.13 -5.14 37.45
C GLU AC 330 -71.46 -3.83 36.73
N THR AC 331 -72.75 -3.47 36.64
CA THR AC 331 -73.15 -2.28 35.90
C THR AC 331 -72.78 -0.97 36.61
N MET AC 332 -72.14 -1.08 37.78
CA MET AC 332 -71.69 0.10 38.51
C MET AC 332 -70.60 0.85 37.76
N ARG AC 333 -69.93 0.20 36.80
CA ARG AC 333 -69.04 0.93 35.92
C ARG AC 333 -69.82 1.88 35.02
N PHE AC 334 -71.03 1.50 34.60
CA PHE AC 334 -71.89 2.32 33.74
C PHE AC 334 -72.87 3.17 34.55
N TRP AC 335 -72.45 3.66 35.72
CA TRP AC 335 -73.37 4.41 36.57
C TRP AC 335 -73.78 5.74 35.96
N ASP AC 336 -73.00 6.26 35.01
CA ASP AC 336 -73.29 7.54 34.38
C ASP AC 336 -74.35 7.44 33.29
N PHE AC 337 -74.90 6.24 33.05
CA PHE AC 337 -75.87 6.07 31.99
C PHE AC 337 -77.16 6.81 32.31
N ARG AC 338 -77.65 7.55 31.33
CA ARG AC 338 -78.89 8.31 31.45
C ARG AC 338 -79.83 7.89 30.33
N GLY AC 339 -81.01 7.41 30.71
CA GLY AC 339 -82.02 6.98 29.76
C GLY AC 339 -83.39 7.49 30.14
N PRO AC 340 -84.33 7.47 29.19
CA PRO AC 340 -85.68 7.99 29.47
C PRO AC 340 -86.44 7.20 30.52
N TRP AC 341 -86.02 5.97 30.83
CA TRP AC 341 -86.70 5.12 31.78
C TRP AC 341 -86.07 5.14 33.16
N VAL AC 342 -84.94 5.83 33.33
CA VAL AC 342 -84.31 5.97 34.64
C VAL AC 342 -84.35 7.41 35.16
N GLU AC 343 -84.27 8.41 34.28
CA GLU AC 343 -84.26 9.81 34.73
C GLU AC 343 -85.50 10.22 35.51
N PRO AC 344 -86.74 9.85 35.15
CA PRO AC 344 -87.85 10.12 36.07
C PRO AC 344 -87.76 9.37 37.39
N LEU AC 345 -87.01 8.27 37.43
CA LEU AC 345 -86.84 7.48 38.64
C LEU AC 345 -85.61 7.89 39.45
N ARG AC 346 -84.78 8.79 38.93
CA ARG AC 346 -83.56 9.22 39.60
C ARG AC 346 -83.87 10.46 40.43
N GLY AC 347 -83.75 10.34 41.75
CA GLY AC 347 -84.00 11.46 42.63
C GLY AC 347 -82.78 12.34 42.73
N PRO AC 348 -82.82 13.33 43.64
CA PRO AC 348 -81.65 14.20 43.83
C PRO AC 348 -80.41 13.47 44.29
N SER AC 349 -80.55 12.41 45.08
CA SER AC 349 -79.43 11.64 45.59
C SER AC 349 -79.12 10.42 44.75
N GLY AC 350 -79.80 10.23 43.63
CA GLY AC 350 -79.61 9.05 42.81
C GLY AC 350 -80.91 8.29 42.62
N LEU AC 351 -80.84 6.96 42.55
CA LEU AC 351 -82.05 6.16 42.49
C LEU AC 351 -82.81 6.30 43.80
N ASP AC 352 -83.92 7.03 43.77
CA ASP AC 352 -84.70 7.26 44.97
C ASP AC 352 -85.36 5.97 45.42
N LEU AC 353 -85.25 5.68 46.72
CA LEU AC 353 -85.76 4.41 47.25
C LEU AC 353 -87.28 4.39 47.26
N VAL AC 354 -87.91 5.47 47.72
CA VAL AC 354 -89.37 5.51 47.78
C VAL AC 354 -89.97 5.56 46.39
N LYS AC 355 -89.25 6.14 45.43
CA LYS AC 355 -89.75 6.19 44.05
C LYS AC 355 -89.60 4.83 43.37
N LEU AC 356 -88.46 4.17 43.55
CA LEU AC 356 -88.21 2.91 42.86
C LEU AC 356 -89.06 1.77 43.41
N LYS AC 357 -89.42 1.84 44.69
CA LYS AC 357 -90.24 0.79 45.29
C LYS AC 357 -91.72 0.98 44.98
N ASN AC 358 -92.15 2.23 44.73
CA ASN AC 358 -93.57 2.54 44.59
C ASN AC 358 -93.97 3.11 43.23
N ASP AC 359 -93.11 3.90 42.59
CA ASP AC 359 -93.48 4.62 41.36
C ASP AC 359 -92.97 3.91 40.11
N ILE AC 360 -93.02 2.57 40.09
CA ILE AC 360 -92.57 1.81 38.92
C ILE AC 360 -93.51 2.08 37.74
N GLN AC 361 -93.01 1.78 36.54
CA GLN AC 361 -93.79 1.91 35.33
C GLN AC 361 -93.75 0.61 34.56
N PRO AC 362 -94.92 0.03 34.25
CA PRO AC 362 -94.93 -1.25 33.50
C PRO AC 362 -94.31 -1.15 32.12
N TRP AC 363 -94.39 0.01 31.48
CA TRP AC 363 -93.73 0.17 30.18
C TRP AC 363 -92.21 0.19 30.35
N GLN AC 364 -91.73 0.77 31.45
CA GLN AC 364 -90.31 0.69 31.75
C GLN AC 364 -89.90 -0.75 32.05
N GLU AC 365 -90.81 -1.52 32.65
CA GLU AC 365 -90.57 -2.95 32.83
C GLU AC 365 -90.51 -3.65 31.47
N ARG AC 366 -91.38 -3.26 30.54
CA ARG AC 366 -91.34 -3.82 29.20
C ARG AC 366 -90.09 -3.34 28.46
N ARG AC 367 -89.75 -2.07 28.59
CA ARG AC 367 -88.59 -1.52 27.90
C ARG AC 367 -87.30 -2.14 28.41
N ALA AC 368 -87.22 -2.37 29.73
CA ALA AC 368 -86.02 -3.00 30.28
C ALA AC 368 -85.90 -4.45 29.84
N ALA AC 369 -87.02 -5.19 29.89
CA ALA AC 369 -86.98 -6.63 29.62
C ALA AC 369 -86.62 -6.91 28.16
N GLU AC 370 -86.99 -6.01 27.25
CA GLU AC 370 -86.66 -6.21 25.85
C GLU AC 370 -85.18 -6.00 25.59
N TYR AC 371 -84.53 -5.17 26.42
CA TYR AC 371 -83.20 -4.66 26.08
C TYR AC 371 -82.09 -5.69 26.27
N MET AC 372 -82.08 -6.45 27.38
CA MET AC 372 -80.94 -7.33 27.61
C MET AC 372 -80.98 -8.53 26.68
N THR AC 373 -82.19 -8.94 26.28
CA THR AC 373 -82.37 -10.00 25.31
C THR AC 373 -81.84 -9.62 23.93
N HIS AC 374 -81.69 -8.33 23.68
CA HIS AC 374 -81.21 -7.78 22.42
C HIS AC 374 -80.11 -6.76 22.68
N ALA AC 375 -79.20 -7.13 23.58
CA ALA AC 375 -78.10 -6.27 23.99
C ALA AC 375 -77.09 -6.11 22.85
N PRO AC 376 -76.25 -5.05 22.89
CA PRO AC 376 -75.22 -4.90 21.85
C PRO AC 376 -74.11 -5.93 21.93
N LEU AC 377 -74.48 -7.21 21.87
CA LEU AC 377 -73.57 -8.34 21.93
C LEU AC 377 -74.10 -9.43 21.00
N GLY AC 378 -73.24 -9.88 20.10
CA GLY AC 378 -73.63 -10.94 19.18
C GLY AC 378 -72.44 -11.25 18.29
N SER AC 379 -72.64 -12.19 17.37
CA SER AC 379 -71.57 -12.70 16.52
C SER AC 379 -71.70 -12.16 15.10
N LEU AC 380 -70.66 -12.39 14.30
CA LEU AC 380 -70.72 -12.07 12.88
C LEU AC 380 -71.71 -12.95 12.14
N ASN AC 381 -72.07 -14.11 12.70
CA ASN AC 381 -73.16 -14.92 12.19
C ASN AC 381 -74.52 -14.34 12.55
N SER AC 382 -74.54 -13.14 13.14
CA SER AC 382 -75.74 -12.45 13.59
C SER AC 382 -76.48 -13.26 14.65
N VAL AC 383 -75.71 -13.97 15.46
CA VAL AC 383 -76.25 -14.84 16.51
C VAL AC 383 -76.20 -14.07 17.83
N GLY AC 384 -77.33 -13.99 18.52
CA GLY AC 384 -77.41 -13.22 19.74
C GLY AC 384 -76.66 -13.83 20.90
N GLY AC 385 -76.51 -13.03 21.94
CA GLY AC 385 -75.86 -13.47 23.16
C GLY AC 385 -74.35 -13.38 23.09
N VAL AC 386 -73.72 -13.83 24.18
CA VAL AC 386 -72.27 -13.86 24.28
C VAL AC 386 -71.71 -14.96 23.40
N ALA AC 387 -70.40 -14.98 23.21
CA ALA AC 387 -69.76 -15.88 22.26
C ALA AC 387 -69.98 -17.36 22.59
N THR AC 388 -70.19 -17.70 23.86
CA THR AC 388 -70.41 -19.08 24.24
C THR AC 388 -71.82 -19.58 23.95
N GLU AC 389 -72.77 -18.67 23.68
CA GLU AC 389 -74.16 -19.07 23.53
C GLU AC 389 -74.41 -19.77 22.21
N ILE AC 390 -75.50 -20.55 22.19
CA ILE AC 390 -75.80 -21.44 21.07
C ILE AC 390 -76.39 -20.65 19.90
N ASN AC 391 -76.21 -21.18 18.68
CA ASN AC 391 -76.75 -20.60 17.46
C ASN AC 391 -78.27 -20.81 17.45
N ALA AC 392 -78.97 -19.96 18.17
CA ALA AC 392 -80.43 -20.09 18.25
C ALA AC 392 -81.17 -18.81 17.92
N VAL AC 393 -80.67 -17.64 18.34
CA VAL AC 393 -81.34 -16.36 18.14
C VAL AC 393 -80.55 -15.59 17.10
N ASN AC 394 -81.22 -15.22 16.01
CA ASN AC 394 -80.60 -14.48 14.91
C ASN AC 394 -80.74 -13.00 15.21
N PHE AC 395 -79.75 -12.43 15.91
CA PHE AC 395 -79.79 -11.01 16.25
C PHE AC 395 -78.40 -10.49 16.61
N VAL AC 396 -78.07 -9.29 16.11
CA VAL AC 396 -77.04 -8.42 16.66
C VAL AC 396 -77.59 -6.99 16.58
N SER AC 397 -77.34 -6.19 17.61
CA SER AC 397 -77.90 -4.84 17.70
C SER AC 397 -77.36 -3.94 16.57
N PRO AC 398 -78.18 -3.01 16.07
CA PRO AC 398 -77.66 -2.04 15.09
C PRO AC 398 -76.57 -1.15 15.65
N ARG AC 399 -76.62 -0.86 16.95
CA ARG AC 399 -75.56 -0.06 17.57
C ARG AC 399 -74.21 -0.76 17.47
N SER AC 400 -74.21 -2.08 17.58
CA SER AC 400 -72.98 -2.82 17.34
C SER AC 400 -72.55 -2.71 15.88
N TRP AC 401 -73.48 -2.92 14.95
CA TRP AC 401 -73.14 -2.92 13.53
C TRP AC 401 -72.77 -1.53 13.03
N LEU AC 402 -73.60 -0.53 13.29
CA LEU AC 402 -73.37 0.79 12.72
C LEU AC 402 -72.10 1.41 13.26
N ALA AC 403 -71.68 1.00 14.45
CA ALA AC 403 -70.46 1.55 15.02
C ALA AC 403 -69.22 0.74 14.62
N THR AC 404 -69.37 -0.57 14.43
CA THR AC 404 -68.19 -1.39 14.15
C THR AC 404 -67.62 -1.11 12.77
N SER AC 405 -68.40 -0.46 11.91
CA SER AC 405 -67.90 -0.10 10.59
C SER AC 405 -67.21 1.25 10.62
N HIS AC 406 -67.78 2.21 11.37
CA HIS AC 406 -67.30 3.58 11.30
C HIS AC 406 -65.94 3.80 11.94
N PHE AC 407 -65.53 3.01 12.95
CA PHE AC 407 -64.12 3.04 13.31
C PHE AC 407 -63.25 2.47 12.20
N CYS AC 408 -63.67 1.34 11.61
CA CYS AC 408 -62.83 0.66 10.61
C CYS AC 408 -62.56 1.55 9.41
N LEU AC 409 -63.60 2.17 8.86
CA LEU AC 409 -63.41 3.17 7.82
C LEU AC 409 -62.79 4.45 8.38
N GLY AC 410 -63.08 4.77 9.64
CA GLY AC 410 -62.50 5.96 10.24
C GLY AC 410 -61.02 5.82 10.54
N PHE AC 411 -60.62 4.65 11.04
CA PHE AC 411 -59.23 4.47 11.48
C PHE AC 411 -58.28 4.33 10.28
N PHE AC 412 -58.78 3.78 9.16
CA PHE AC 412 -57.94 3.66 7.98
C PHE AC 412 -57.61 5.02 7.38
N PHE AC 413 -58.54 5.98 7.46
CA PHE AC 413 -58.31 7.31 6.90
C PHE AC 413 -57.27 8.10 7.69
N PHE AC 414 -56.96 7.67 8.91
CA PHE AC 414 -55.92 8.33 9.68
C PHE AC 414 -54.56 8.15 9.03
N VAL AC 415 -54.35 7.00 8.39
CA VAL AC 415 -53.09 6.74 7.71
C VAL AC 415 -53.21 7.05 6.22
N GLY AC 416 -54.45 7.08 5.71
CA GLY AC 416 -54.68 7.70 4.41
C GLY AC 416 -54.29 9.16 4.43
N HIS AC 417 -54.52 9.82 5.57
CA HIS AC 417 -53.86 11.10 5.84
C HIS AC 417 -52.35 10.95 5.85
N LEU AC 418 -51.84 9.96 6.60
CA LEU AC 418 -50.39 9.83 6.79
C LEU AC 418 -49.70 9.42 5.49
N TRP AC 419 -50.43 8.74 4.60
CA TRP AC 419 -49.85 8.41 3.30
C TRP AC 419 -49.80 9.66 2.42
N HIS AC 420 -50.85 10.48 2.47
CA HIS AC 420 -50.95 11.64 1.59
C HIS AC 420 -50.22 12.86 2.14
N ALA AC 421 -50.32 13.12 3.45
CA ALA AC 421 -49.63 14.27 4.02
C ALA AC 421 -48.11 14.09 3.97
N GLY AC 422 -47.64 12.85 4.08
CA GLY AC 422 -46.22 12.61 3.97
C GLY AC 422 -45.70 12.87 2.56
N ARG AC 423 -46.46 12.47 1.55
CA ARG AC 423 -46.02 12.67 0.18
C ARG AC 423 -46.16 14.12 -0.26
N ALA AC 424 -47.24 14.79 0.15
CA ALA AC 424 -47.47 16.17 -0.25
C ALA AC 424 -46.38 17.09 0.30
N ARG AC 425 -45.91 16.80 1.52
CA ARG AC 425 -44.77 17.53 2.06
C ARG AC 425 -43.51 17.23 1.25
N ALA AC 426 -43.35 15.99 0.82
CA ALA AC 426 -42.17 15.59 0.06
C ALA AC 426 -42.26 16.02 -1.40
N ALA AC 427 -43.47 16.05 -1.98
CA ALA AC 427 -43.62 16.41 -3.39
C ALA AC 427 -43.29 17.87 -3.64
N ALA AC 428 -43.83 18.77 -2.81
CA ALA AC 428 -43.52 20.19 -2.98
C ALA AC 428 -42.06 20.48 -2.69
N ALA AC 429 -41.49 19.77 -1.71
CA ALA AC 429 -40.07 19.94 -1.38
C ALA AC 429 -39.16 19.17 -2.33
N GLY AC 430 -39.73 18.32 -3.19
CA GLY AC 430 -38.96 17.55 -4.14
C GLY AC 430 -38.42 16.23 -3.65
N PHE AC 431 -39.00 15.63 -2.62
CA PHE AC 431 -38.58 14.33 -2.13
C PHE AC 431 -39.66 13.27 -2.31
N GLU AC 432 -40.49 13.38 -3.35
CA GLU AC 432 -41.65 12.47 -3.45
C GLU AC 432 -41.28 11.09 -3.94
N LYS AC 433 -40.14 10.90 -4.59
CA LYS AC 433 -39.88 9.62 -5.22
C LYS AC 433 -38.58 8.98 -4.79
N GLY AC 434 -37.66 9.74 -4.18
CA GLY AC 434 -36.44 9.19 -3.62
C GLY AC 434 -35.36 10.25 -3.49
N ILE AC 435 -34.14 9.78 -3.23
CA ILE AC 435 -32.98 10.64 -3.02
C ILE AC 435 -32.15 10.71 -4.29
N ASP AC 436 -31.72 11.93 -4.65
CA ASP AC 436 -31.20 12.26 -5.98
C ASP AC 436 -29.87 11.58 -6.33
N ARG AC 437 -29.27 10.81 -5.43
CA ARG AC 437 -28.03 10.04 -5.63
C ARG AC 437 -26.79 10.92 -5.85
N VAL AC 438 -26.93 12.24 -5.89
CA VAL AC 438 -25.78 13.14 -6.02
C VAL AC 438 -25.79 14.26 -4.99
N ASP AC 439 -26.87 14.46 -4.24
CA ASP AC 439 -26.98 15.55 -3.27
C ASP AC 439 -27.59 15.01 -1.97
N GLU AC 440 -27.04 13.91 -1.48
CA GLU AC 440 -27.55 13.28 -0.27
C GLU AC 440 -27.21 14.13 0.95
N PRO AC 441 -28.19 14.51 1.78
CA PRO AC 441 -27.90 15.39 2.92
C PRO AC 441 -27.01 14.75 3.97
N VAL AC 442 -27.11 13.44 4.17
CA VAL AC 442 -26.33 12.77 5.22
C VAL AC 442 -24.85 12.84 4.91
N LEU AC 443 -24.48 12.60 3.65
CA LEU AC 443 -23.08 12.75 3.24
C LEU AC 443 -22.62 14.21 3.22
N SER AC 444 -23.56 15.15 3.27
CA SER AC 444 -23.27 16.57 3.28
C SER AC 444 -23.13 17.16 4.68
N MET AC 445 -23.37 16.35 5.71
CA MET AC 445 -23.31 16.82 7.08
C MET AC 445 -22.43 15.92 7.96
N ARG AC 446 -22.41 16.26 9.25
CA ARG AC 446 -21.38 15.78 10.16
C ARG AC 446 -21.53 14.29 10.50
N PRO AC 447 -20.44 13.65 10.96
CA PRO AC 447 -20.51 12.26 11.44
C PRO AC 447 -21.15 12.11 12.81
N LEU AC 448 -20.99 10.92 13.39
CA LEU AC 448 -21.46 10.48 14.71
C LEU AC 448 -22.97 10.49 14.84
N ASP AC 449 -23.70 10.58 13.72
CA ASP AC 449 -25.16 10.48 13.66
C ASP AC 449 -25.87 11.48 14.56
N ILE BC 1 -16.19 -37.28 -14.33
CA ILE BC 1 -15.91 -36.30 -13.28
C ILE BC 1 -14.44 -36.38 -12.86
N GLY BC 2 -13.81 -35.22 -12.71
CA GLY BC 2 -12.41 -35.15 -12.30
C GLY BC 2 -11.44 -35.69 -13.34
N THR BC 3 -11.53 -35.15 -14.56
CA THR BC 3 -10.65 -35.37 -15.72
C THR BC 3 -10.30 -36.83 -16.01
N TYR BC 4 -11.12 -37.77 -15.54
CA TYR BC 4 -10.98 -39.16 -15.93
C TYR BC 4 -12.13 -39.57 -16.85
N GLN BC 5 -12.10 -40.84 -17.24
CA GLN BC 5 -13.03 -41.35 -18.24
C GLN BC 5 -14.49 -41.31 -17.75
N GLU BC 6 -14.77 -41.89 -16.58
CA GLU BC 6 -16.08 -41.88 -15.93
C GLU BC 6 -17.19 -42.30 -16.89
N LYS BC 7 -17.13 -43.58 -17.27
CA LYS BC 7 -18.08 -44.13 -18.25
C LYS BC 7 -19.51 -43.97 -17.76
N ARG BC 8 -20.37 -43.49 -18.67
CA ARG BC 8 -21.73 -43.11 -18.30
C ARG BC 8 -22.60 -44.34 -18.04
N THR BC 9 -23.43 -44.25 -17.02
CA THR BC 9 -24.31 -45.33 -16.61
C THR BC 9 -25.75 -44.87 -16.52
N TRP BC 10 -26.64 -45.69 -15.94
CA TRP BC 10 -28.03 -45.27 -15.79
C TRP BC 10 -28.15 -44.15 -14.75
N PHE BC 11 -27.26 -44.11 -13.76
CA PHE BC 11 -27.28 -43.05 -12.76
C PHE BC 11 -26.95 -41.71 -13.40
N ASP BC 12 -25.90 -41.66 -14.22
CA ASP BC 12 -25.50 -40.41 -14.88
C ASP BC 12 -26.56 -39.94 -15.86
N ASP BC 13 -27.20 -40.87 -16.56
CA ASP BC 13 -28.27 -40.49 -17.48
C ASP BC 13 -29.51 -40.04 -16.74
N ALA BC 14 -29.80 -40.66 -15.58
CA ALA BC 14 -30.87 -40.15 -14.73
C ALA BC 14 -30.50 -38.80 -14.13
N ASP BC 15 -29.20 -38.59 -13.88
CA ASP BC 15 -28.72 -37.30 -13.44
C ASP BC 15 -28.95 -36.23 -14.50
N ASP BC 16 -28.83 -36.60 -15.78
CA ASP BC 16 -29.05 -35.65 -16.85
C ASP BC 16 -30.52 -35.25 -16.95
N TRP BC 17 -31.43 -36.20 -16.79
CA TRP BC 17 -32.85 -35.88 -16.89
C TRP BC 17 -33.35 -35.14 -15.65
N LEU BC 18 -32.96 -35.60 -14.46
CA LEU BC 18 -33.48 -35.00 -13.23
C LEU BC 18 -32.89 -33.62 -12.97
N ARG BC 19 -31.57 -33.47 -13.14
CA ARG BC 19 -30.92 -32.19 -12.83
C ARG BC 19 -30.81 -31.35 -14.09
N GLN BC 20 -31.98 -31.03 -14.63
CA GLN BC 20 -32.11 -30.16 -15.79
C GLN BC 20 -33.24 -29.19 -15.55
N ASP BC 21 -33.05 -27.95 -16.00
CA ASP BC 21 -34.01 -26.88 -15.73
C ASP BC 21 -35.34 -27.16 -16.43
N ARG BC 22 -36.43 -27.13 -15.66
CA ARG BC 22 -37.77 -27.34 -16.17
C ARG BC 22 -38.70 -26.39 -15.42
N PHE BC 23 -40.02 -26.64 -15.52
CA PHE BC 23 -40.99 -25.77 -14.86
C PHE BC 23 -40.85 -25.84 -13.34
N VAL BC 24 -40.87 -27.04 -12.77
CA VAL BC 24 -40.59 -27.27 -11.36
C VAL BC 24 -39.49 -28.31 -11.24
N PHE BC 25 -38.41 -27.94 -10.56
CA PHE BC 25 -37.22 -28.79 -10.47
C PHE BC 25 -37.54 -30.07 -9.71
N VAL BC 26 -36.99 -31.18 -10.17
CA VAL BC 26 -37.27 -32.47 -9.54
C VAL BC 26 -36.03 -32.96 -8.79
N GLY BC 27 -34.97 -33.25 -9.52
CA GLY BC 27 -33.74 -33.74 -8.91
C GLY BC 27 -33.92 -35.08 -8.22
N TRP BC 28 -32.97 -35.40 -7.35
CA TRP BC 28 -33.08 -36.61 -6.55
C TRP BC 28 -34.05 -36.42 -5.39
N SER BC 29 -34.26 -35.17 -4.97
CA SER BC 29 -35.24 -34.90 -3.93
C SER BC 29 -36.66 -35.12 -4.42
N GLY BC 30 -36.92 -34.84 -5.70
CA GLY BC 30 -38.25 -35.01 -6.26
C GLY BC 30 -38.73 -36.44 -6.33
N LEU BC 31 -37.81 -37.40 -6.21
CA LEU BC 31 -38.22 -38.79 -6.03
C LEU BC 31 -39.00 -38.98 -4.75
N LEU BC 32 -38.60 -38.32 -3.66
CA LEU BC 32 -39.23 -38.43 -2.37
C LEU BC 32 -40.13 -37.24 -2.03
N LEU BC 33 -39.75 -36.03 -2.45
CA LEU BC 33 -40.54 -34.85 -2.12
C LEU BC 33 -41.91 -34.86 -2.76
N LEU BC 34 -41.97 -34.83 -4.10
CA LEU BC 34 -43.22 -34.55 -4.79
C LEU BC 34 -44.33 -35.55 -4.51
N PRO BC 35 -44.16 -36.88 -4.65
CA PRO BC 35 -45.29 -37.77 -4.32
C PRO BC 35 -45.67 -37.75 -2.85
N CYS BC 36 -44.70 -37.57 -1.94
CA CYS BC 36 -45.06 -37.47 -0.53
C CYS BC 36 -45.66 -36.12 -0.21
N ALA BC 37 -45.28 -35.08 -0.97
CA ALA BC 37 -45.91 -33.78 -0.78
C ALA BC 37 -47.35 -33.79 -1.27
N TYR BC 38 -47.61 -34.39 -2.44
CA TYR BC 38 -48.96 -34.44 -2.95
C TYR BC 38 -49.84 -35.34 -2.10
N PHE BC 39 -49.26 -36.40 -1.52
CA PHE BC 39 -50.02 -37.25 -0.62
C PHE BC 39 -50.39 -36.52 0.67
N ALA BC 40 -49.52 -35.63 1.15
CA ALA BC 40 -49.80 -34.88 2.37
C ALA BC 40 -50.93 -33.89 2.16
N VAL BC 41 -50.87 -33.11 1.08
CA VAL BC 41 -51.92 -32.13 0.83
C VAL BC 41 -53.15 -32.81 0.23
N GLY BC 42 -52.94 -33.92 -0.50
CA GLY BC 42 -54.07 -34.68 -1.02
C GLY BC 42 -54.87 -35.36 0.07
N GLY BC 43 -54.16 -35.94 1.04
CA GLY BC 43 -54.84 -36.54 2.17
C GLY BC 43 -55.54 -35.52 3.04
N TRP BC 44 -54.86 -34.41 3.33
CA TRP BC 44 -55.41 -33.39 4.22
C TRP BC 44 -56.65 -32.74 3.64
N LEU BC 45 -56.62 -32.41 2.35
CA LEU BC 45 -57.79 -31.83 1.70
C LEU BC 45 -58.95 -32.82 1.69
N THR BC 46 -58.68 -34.09 1.40
CA THR BC 46 -59.71 -35.11 1.53
C THR BC 46 -60.13 -35.28 2.98
N GLY BC 47 -59.16 -35.17 3.91
CA GLY BC 47 -59.48 -35.30 5.32
C GLY BC 47 -60.37 -34.19 5.83
N CYS BC 48 -60.13 -32.96 5.38
CA CYS BC 48 -60.94 -31.84 5.84
C CYS BC 48 -62.26 -31.72 5.09
N THR BC 49 -62.42 -32.44 3.97
CA THR BC 49 -63.66 -32.32 3.20
C THR BC 49 -64.64 -33.46 3.47
N PHE BC 50 -64.16 -34.64 3.86
CA PHE BC 50 -65.05 -35.79 3.82
C PHE BC 50 -64.86 -36.75 4.99
N VAL BC 51 -63.69 -36.74 5.61
CA VAL BC 51 -63.36 -37.73 6.63
C VAL BC 51 -64.01 -37.38 7.96
N THR BC 52 -64.88 -38.26 8.43
CA THR BC 52 -65.65 -38.05 9.63
C THR BC 52 -64.82 -38.31 10.89
N SER BC 53 -65.30 -37.77 12.01
CA SER BC 53 -64.69 -37.95 13.32
C SER BC 53 -65.66 -38.60 14.29
N TRP BC 54 -66.68 -39.30 13.79
CA TRP BC 54 -67.75 -39.77 14.65
C TRP BC 54 -67.32 -40.97 15.48
N TYR BC 55 -66.26 -41.67 15.09
CA TYR BC 55 -65.79 -42.81 15.84
C TYR BC 55 -64.56 -42.51 16.69
N THR BC 56 -63.60 -41.75 16.16
CA THR BC 56 -62.38 -41.47 16.91
C THR BC 56 -62.62 -40.51 18.07
N HIS BC 57 -63.38 -39.44 17.84
CA HIS BC 57 -63.71 -38.48 18.88
C HIS BC 57 -65.20 -38.36 19.15
N GLY BC 58 -66.05 -38.98 18.34
CA GLY BC 58 -67.49 -38.76 18.45
C GLY BC 58 -67.88 -37.35 18.08
N LEU BC 59 -67.28 -36.80 17.03
CA LEU BC 59 -67.48 -35.42 16.64
C LEU BC 59 -67.64 -35.28 15.14
N ALA BC 60 -67.83 -34.05 14.68
CA ALA BC 60 -67.91 -33.75 13.26
C ALA BC 60 -66.74 -32.85 12.86
N SER BC 61 -65.96 -33.29 11.86
CA SER BC 61 -64.82 -32.50 11.41
C SER BC 61 -64.63 -32.59 9.89
N SER BC 62 -65.70 -32.78 9.13
CA SER BC 62 -65.61 -32.79 7.68
C SER BC 62 -66.82 -32.10 7.10
N TYR BC 63 -66.72 -31.75 5.81
CA TYR BC 63 -67.71 -30.88 5.21
C TYR BC 63 -69.06 -31.58 5.12
N ILE BC 64 -69.04 -32.88 4.80
CA ILE BC 64 -70.28 -33.64 4.59
C ILE BC 64 -70.99 -33.93 5.91
N GLU BC 65 -70.29 -33.83 7.04
CA GLU BC 65 -70.98 -33.92 8.32
C GLU BC 65 -71.77 -32.66 8.63
N GLY BC 66 -71.51 -31.58 7.92
CA GLY BC 66 -72.12 -30.29 8.17
C GLY BC 66 -71.13 -29.19 8.47
N CYS BC 67 -69.85 -29.50 8.55
CA CYS BC 67 -68.84 -28.51 8.88
C CYS BC 67 -68.43 -27.70 7.64
N ASN BC 68 -67.88 -26.51 7.91
CA ASN BC 68 -67.32 -25.64 6.89
C ASN BC 68 -65.79 -25.67 6.96
N PHE BC 69 -65.16 -24.69 6.31
CA PHE BC 69 -63.71 -24.58 6.30
C PHE BC 69 -63.13 -24.35 7.69
N LEU BC 70 -63.86 -23.69 8.59
CA LEU BC 70 -63.29 -23.39 9.90
C LEU BC 70 -63.49 -24.51 10.90
N THR BC 71 -64.59 -25.26 10.80
CA THR BC 71 -64.88 -26.27 11.79
C THR BC 71 -64.57 -27.69 11.33
N ALA BC 72 -63.87 -27.86 10.21
CA ALA BC 72 -63.50 -29.20 9.74
C ALA BC 72 -62.02 -29.47 10.01
N ALA BC 73 -61.69 -30.75 10.20
CA ALA BC 73 -60.33 -31.14 10.55
C ALA BC 73 -60.07 -32.59 10.20
N VAL BC 74 -58.79 -32.94 10.10
CA VAL BC 74 -58.38 -34.33 9.97
C VAL BC 74 -58.16 -34.85 11.40
N SER BC 75 -59.17 -35.48 11.97
CA SER BC 75 -59.16 -35.82 13.38
C SER BC 75 -58.20 -36.96 13.70
N THR BC 76 -57.60 -36.89 14.88
CA THR BC 76 -56.67 -37.91 15.36
C THR BC 76 -57.43 -39.20 15.68
N PRO BC 77 -56.76 -40.34 15.62
CA PRO BC 77 -57.38 -41.59 16.07
C PRO BC 77 -57.61 -41.61 17.57
N ALA BC 78 -58.31 -42.65 18.00
CA ALA BC 78 -58.71 -42.80 19.39
C ALA BC 78 -57.51 -43.12 20.29
N ASN BC 79 -57.66 -42.79 21.57
CA ASN BC 79 -56.58 -42.97 22.55
C ASN BC 79 -56.27 -44.44 22.84
N SER BC 80 -57.24 -45.34 22.65
CA SER BC 80 -56.98 -46.76 22.86
C SER BC 80 -56.00 -47.29 21.83
N LEU BC 81 -56.05 -46.78 20.60
CA LEU BC 81 -55.05 -47.09 19.60
C LEU BC 81 -53.67 -46.55 19.98
N GLY BC 82 -53.63 -45.49 20.79
CA GLY BC 82 -52.36 -44.99 21.30
C GLY BC 82 -51.48 -44.43 20.20
N HIS BC 83 -50.22 -44.88 20.19
CA HIS BC 83 -49.22 -44.44 19.23
C HIS BC 83 -49.13 -45.35 18.01
N SER BC 84 -50.20 -46.08 17.72
CA SER BC 84 -50.22 -46.93 16.53
C SER BC 84 -50.27 -46.08 15.27
N LEU BC 85 -49.45 -46.46 14.28
CA LEU BC 85 -49.32 -45.68 13.05
C LEU BC 85 -50.46 -45.90 12.07
N LEU BC 86 -51.37 -46.85 12.35
CA LEU BC 86 -52.56 -47.09 11.54
C LEU BC 86 -52.21 -47.39 10.07
N PHE BC 87 -51.53 -48.50 9.84
CA PHE BC 87 -51.36 -48.99 8.47
C PHE BC 87 -52.67 -49.56 7.96
N VAL BC 88 -52.90 -49.46 6.65
CA VAL BC 88 -54.08 -50.11 6.07
C VAL BC 88 -53.93 -51.62 6.15
N TRP BC 89 -52.69 -52.12 6.09
CA TRP BC 89 -52.41 -53.54 6.27
C TRP BC 89 -52.21 -53.91 7.73
N GLY BC 90 -52.20 -52.94 8.64
CA GLY BC 90 -51.93 -53.21 10.04
C GLY BC 90 -53.07 -53.90 10.74
N PRO BC 91 -52.84 -54.34 11.99
CA PRO BC 91 -53.91 -55.02 12.75
C PRO BC 91 -55.11 -54.12 13.03
N GLU BC 92 -54.93 -52.80 13.02
CA GLU BC 92 -56.05 -51.88 13.22
C GLU BC 92 -57.02 -51.90 12.04
N ALA BC 93 -56.49 -51.93 10.82
CA ALA BC 93 -57.35 -51.87 9.64
C ALA BC 93 -57.57 -53.25 9.02
N GLN BC 94 -56.49 -54.05 8.91
CA GLN BC 94 -56.52 -55.39 8.32
C GLN BC 94 -57.04 -55.38 6.88
N GLY BC 95 -56.34 -54.64 6.00
CA GLY BC 95 -56.65 -54.60 4.60
C GLY BC 95 -57.86 -53.77 4.22
N ASP BC 96 -58.74 -53.47 5.16
CA ASP BC 96 -59.98 -52.74 4.88
C ASP BC 96 -59.67 -51.25 4.76
N LEU BC 97 -59.65 -50.75 3.53
CA LEU BC 97 -59.40 -49.32 3.31
C LEU BC 97 -60.61 -48.48 3.72
N THR BC 98 -61.79 -49.10 3.76
CA THR BC 98 -63.01 -48.37 4.14
C THR BC 98 -63.03 -48.06 5.63
N ARG BC 99 -62.66 -49.03 6.47
CA ARG BC 99 -62.73 -48.82 7.91
C ARG BC 99 -61.43 -48.24 8.46
N TRP BC 100 -60.38 -48.18 7.64
CA TRP BC 100 -59.09 -47.68 8.09
C TRP BC 100 -59.14 -46.19 8.42
N PHE BC 101 -59.83 -45.41 7.58
CA PHE BC 101 -59.85 -43.96 7.74
C PHE BC 101 -60.78 -43.54 8.86
N GLN BC 102 -61.89 -44.27 9.05
CA GLN BC 102 -62.79 -44.01 10.17
C GLN BC 102 -62.12 -44.21 11.51
N LEU BC 103 -61.14 -45.09 11.58
CA LEU BC 103 -60.32 -45.29 12.77
C LEU BC 103 -59.21 -44.26 12.88
N GLY BC 104 -59.26 -43.18 12.10
CA GLY BC 104 -58.23 -42.16 12.11
C GLY BC 104 -57.06 -42.44 11.20
N GLY BC 105 -57.21 -43.32 10.21
CA GLY BC 105 -56.12 -43.69 9.34
C GLY BC 105 -55.59 -42.57 8.47
N LEU BC 106 -56.43 -41.59 8.13
CA LEU BC 106 -55.94 -40.49 7.32
C LEU BC 106 -55.18 -39.46 8.15
N TRP BC 107 -55.40 -39.42 9.47
CA TRP BC 107 -54.58 -38.54 10.30
C TRP BC 107 -53.12 -38.93 10.25
N ALA BC 108 -52.82 -40.18 10.59
CA ALA BC 108 -51.44 -40.64 10.61
C ALA BC 108 -50.84 -40.59 9.21
N PHE BC 109 -51.64 -40.93 8.20
CA PHE BC 109 -51.18 -40.90 6.83
C PHE BC 109 -50.79 -39.48 6.40
N VAL BC 110 -51.58 -38.49 6.82
CA VAL BC 110 -51.24 -37.09 6.54
C VAL BC 110 -50.03 -36.66 7.36
N ALA BC 111 -50.02 -37.02 8.66
CA ALA BC 111 -48.93 -36.61 9.54
C ALA BC 111 -47.61 -37.26 9.12
N LEU BC 112 -47.63 -38.56 8.86
CA LEU BC 112 -46.40 -39.26 8.46
C LEU BC 112 -45.90 -38.81 7.09
N HIS BC 113 -46.79 -38.77 6.09
CA HIS BC 113 -46.37 -38.32 4.77
C HIS BC 113 -46.10 -36.82 4.76
N GLY BC 114 -46.70 -36.08 5.69
CA GLY BC 114 -46.34 -34.68 5.85
C GLY BC 114 -44.93 -34.51 6.37
N ALA BC 115 -44.48 -35.45 7.20
CA ALA BC 115 -43.12 -35.39 7.71
C ALA BC 115 -42.10 -35.61 6.60
N PHE BC 116 -42.31 -36.64 5.77
CA PHE BC 116 -41.35 -36.96 4.72
C PHE BC 116 -41.36 -35.90 3.62
N GLY BC 117 -42.47 -35.19 3.45
CA GLY BC 117 -42.48 -34.06 2.54
C GLY BC 117 -41.60 -32.93 3.03
N LEU BC 118 -41.59 -32.70 4.35
CA LEU BC 118 -40.67 -31.71 4.90
C LEU BC 118 -39.22 -32.16 4.74
N ILE BC 119 -39.00 -33.47 4.75
CA ILE BC 119 -37.66 -34.01 4.49
C ILE BC 119 -37.25 -33.69 3.06
N GLY BC 120 -38.17 -33.81 2.11
CA GLY BC 120 -37.80 -33.66 0.71
C GLY BC 120 -37.83 -32.22 0.21
N PHE BC 121 -38.47 -31.31 0.96
CA PHE BC 121 -38.54 -29.93 0.47
C PHE BC 121 -37.19 -29.24 0.56
N MET BC 122 -36.53 -29.34 1.71
CA MET BC 122 -35.23 -28.68 1.84
C MET BC 122 -34.09 -29.65 1.50
N LEU BC 123 -34.41 -30.89 1.12
CA LEU BC 123 -33.50 -31.64 0.27
C LEU BC 123 -33.37 -30.97 -1.09
N ARG BC 124 -34.49 -30.52 -1.64
CA ARG BC 124 -34.50 -29.74 -2.87
C ARG BC 124 -33.79 -28.41 -2.68
N GLN BC 125 -33.76 -27.90 -1.45
CA GLN BC 125 -33.05 -26.64 -1.18
C GLN BC 125 -31.54 -26.83 -1.10
N PHE BC 126 -31.04 -28.01 -0.72
CA PHE BC 126 -29.60 -28.27 -0.91
C PHE BC 126 -29.26 -28.48 -2.38
N GLU BC 127 -30.02 -29.35 -3.06
CA GLU BC 127 -29.64 -29.77 -4.40
C GLU BC 127 -29.69 -28.61 -5.39
N ILE BC 128 -30.73 -27.79 -5.32
CA ILE BC 128 -30.81 -26.63 -6.20
C ILE BC 128 -29.71 -25.62 -5.85
N ALA BC 129 -29.49 -25.38 -4.56
CA ALA BC 129 -28.42 -24.49 -4.16
C ALA BC 129 -27.05 -25.04 -4.52
N ARG BC 130 -26.94 -26.37 -4.70
CA ARG BC 130 -25.71 -26.92 -5.24
C ARG BC 130 -25.61 -26.67 -6.73
N SER BC 131 -26.75 -26.68 -7.43
CA SER BC 131 -26.74 -26.37 -8.86
C SER BC 131 -26.51 -24.89 -9.11
N VAL BC 132 -27.17 -24.02 -8.33
CA VAL BC 132 -26.95 -22.57 -8.45
C VAL BC 132 -25.67 -22.15 -7.75
N ASN BC 133 -25.02 -23.07 -7.03
CA ASN BC 133 -23.78 -22.82 -6.29
C ASN BC 133 -23.98 -21.71 -5.26
N LEU BC 134 -24.95 -21.91 -4.37
CA LEU BC 134 -25.28 -21.00 -3.30
C LEU BC 134 -25.26 -21.74 -1.96
N ARG BC 135 -24.97 -20.99 -0.90
CA ARG BC 135 -24.98 -21.57 0.45
C ARG BC 135 -26.40 -21.96 0.84
N PRO BC 136 -26.56 -23.04 1.59
CA PRO BC 136 -27.91 -23.52 1.93
C PRO BC 136 -28.52 -22.83 3.14
N TYR BC 137 -28.42 -21.49 3.21
CA TYR BC 137 -29.14 -20.75 4.23
C TYR BC 137 -30.63 -20.80 3.98
N ASN BC 138 -31.05 -21.05 2.74
CA ASN BC 138 -32.45 -21.34 2.45
C ASN BC 138 -32.87 -22.64 3.11
N ALA BC 139 -31.98 -23.63 3.11
CA ALA BC 139 -32.27 -24.91 3.75
C ALA BC 139 -32.23 -24.79 5.27
N ILE BC 140 -31.25 -24.05 5.79
CA ILE BC 140 -31.11 -23.84 7.23
C ILE BC 140 -32.32 -23.11 7.78
N ALA BC 141 -32.86 -22.16 7.01
CA ALA BC 141 -34.05 -21.43 7.46
C ALA BC 141 -35.28 -22.30 7.46
N PHE BC 142 -35.30 -23.38 6.67
CA PHE BC 142 -36.42 -24.31 6.68
C PHE BC 142 -36.27 -25.42 7.72
N SER BC 143 -35.14 -25.47 8.42
CA SER BC 143 -34.98 -26.50 9.46
C SER BC 143 -35.86 -26.19 10.68
N ALA BC 144 -36.29 -24.95 10.83
CA ALA BC 144 -37.12 -24.56 11.97
C ALA BC 144 -38.59 -24.98 11.83
N PRO BC 145 -39.24 -24.85 10.66
CA PRO BC 145 -40.59 -25.45 10.55
C PRO BC 145 -40.62 -26.95 10.75
N ILE BC 146 -39.58 -27.67 10.32
CA ILE BC 146 -39.58 -29.12 10.42
C ILE BC 146 -39.52 -29.54 11.89
N ALA BC 147 -38.75 -28.83 12.71
CA ALA BC 147 -38.68 -29.15 14.13
C ALA BC 147 -40.01 -28.89 14.84
N VAL BC 148 -40.74 -27.87 14.38
CA VAL BC 148 -42.05 -27.57 14.96
C VAL BC 148 -43.01 -28.73 14.70
N PHE BC 149 -43.02 -29.23 13.46
CA PHE BC 149 -43.93 -30.31 13.10
C PHE BC 149 -43.56 -31.61 13.81
N VAL BC 150 -42.26 -31.89 13.96
CA VAL BC 150 -41.83 -33.13 14.60
C VAL BC 150 -42.11 -33.09 16.09
N SER BC 151 -41.80 -31.95 16.73
CA SER BC 151 -41.96 -31.87 18.19
C SER BC 151 -43.41 -31.91 18.62
N VAL BC 152 -44.29 -31.18 17.93
CA VAL BC 152 -45.66 -31.02 18.39
C VAL BC 152 -46.56 -32.15 17.89
N PHE BC 153 -46.53 -32.41 16.58
CA PHE BC 153 -47.39 -33.43 16.00
C PHE BC 153 -46.90 -34.84 16.25
N LEU BC 154 -45.60 -35.04 16.44
CA LEU BC 154 -45.07 -36.39 16.63
C LEU BC 154 -44.51 -36.60 18.03
N ILE BC 155 -43.55 -35.79 18.48
CA ILE BC 155 -42.84 -36.06 19.73
C ILE BC 155 -43.79 -35.91 20.93
N TYR BC 156 -44.59 -34.85 20.96
CA TYR BC 156 -45.48 -34.63 22.11
C TYR BC 156 -46.51 -35.74 22.31
N PRO BC 157 -47.30 -36.18 21.33
CA PRO BC 157 -48.20 -37.31 21.59
C PRO BC 157 -47.46 -38.61 21.83
N LEU BC 158 -46.26 -38.75 21.27
CA LEU BC 158 -45.42 -39.91 21.53
C LEU BC 158 -45.02 -39.98 23.00
N GLY BC 159 -44.88 -38.81 23.64
CA GLY BC 159 -44.67 -38.79 25.07
C GLY BC 159 -45.95 -38.94 25.87
N GLN BC 160 -47.09 -38.60 25.27
CA GLN BC 160 -48.37 -38.70 25.97
C GLN BC 160 -48.92 -40.11 25.81
N SER BC 161 -50.20 -40.29 26.17
CA SER BC 161 -50.83 -41.61 26.12
C SER BC 161 -51.12 -42.09 24.70
N GLY BC 162 -50.97 -41.22 23.70
CA GLY BC 162 -51.21 -41.66 22.34
C GLY BC 162 -51.34 -40.46 21.41
N TRP BC 163 -51.71 -40.79 20.16
CA TRP BC 163 -51.89 -39.78 19.12
C TRP BC 163 -53.08 -38.88 19.39
N PHE BC 164 -53.95 -39.26 20.32
CA PHE BC 164 -55.22 -38.60 20.54
C PHE BC 164 -55.09 -37.17 21.04
N PHE BC 165 -54.01 -36.85 21.75
CA PHE BC 165 -53.88 -35.53 22.35
C PHE BC 165 -53.05 -34.56 21.50
N ALA BC 166 -52.67 -34.95 20.30
CA ALA BC 166 -51.93 -34.08 19.41
C ALA BC 166 -52.89 -33.15 18.66
N PRO BC 167 -52.38 -32.09 18.00
CA PRO BC 167 -53.28 -31.25 17.21
C PRO BC 167 -53.75 -31.96 15.94
N SER BC 168 -55.06 -31.94 15.72
CA SER BC 168 -55.62 -32.45 14.48
C SER BC 168 -55.46 -31.42 13.38
N PHE BC 169 -55.15 -31.89 12.17
CA PHE BC 169 -54.93 -30.99 11.04
C PHE BC 169 -56.25 -30.34 10.66
N GLY BC 170 -56.45 -29.11 11.11
CA GLY BC 170 -57.67 -28.38 10.84
C GLY BC 170 -57.58 -26.96 11.35
N VAL BC 171 -58.73 -26.29 11.48
CA VAL BC 171 -58.73 -24.91 11.94
C VAL BC 171 -59.16 -24.83 13.40
N ALA BC 172 -60.39 -25.26 13.68
CA ALA BC 172 -60.89 -25.22 15.05
C ALA BC 172 -60.28 -26.32 15.92
N SER BC 173 -59.83 -27.42 15.31
CA SER BC 173 -59.15 -28.45 16.06
C SER BC 173 -57.83 -27.93 16.63
N ILE BC 174 -57.18 -27.02 15.90
CA ILE BC 174 -56.07 -26.26 16.47
C ILE BC 174 -56.56 -25.39 17.61
N PHE BC 175 -57.71 -24.72 17.41
CA PHE BC 175 -58.21 -23.80 18.43
C PHE BC 175 -58.76 -24.56 19.63
N ARG BC 176 -59.09 -25.84 19.44
CA ARG BC 176 -59.29 -26.73 20.58
C ARG BC 176 -57.96 -27.03 21.27
N PHE BC 177 -56.96 -27.42 20.48
CA PHE BC 177 -55.66 -27.81 21.02
C PHE BC 177 -54.97 -26.65 21.71
N ILE BC 178 -55.16 -25.45 21.19
CA ILE BC 178 -54.43 -24.29 21.70
C ILE BC 178 -54.99 -23.88 23.06
N LEU BC 179 -56.23 -24.28 23.34
CA LEU BC 179 -56.81 -24.07 24.67
C LEU BC 179 -56.60 -25.28 25.56
N PHE BC 180 -56.29 -26.43 24.95
CA PHE BC 180 -55.96 -27.63 25.71
C PHE BC 180 -54.67 -27.44 26.51
N PHE BC 181 -53.69 -26.76 25.92
CA PHE BC 181 -52.44 -26.53 26.64
C PHE BC 181 -52.57 -25.45 27.69
N GLN BC 182 -53.68 -24.69 27.66
CA GLN BC 182 -53.82 -23.56 28.58
C GLN BC 182 -54.10 -24.03 30.00
N GLY BC 183 -55.21 -24.75 30.20
CA GLY BC 183 -55.53 -25.22 31.54
C GLY BC 183 -54.62 -26.35 32.00
N PHE BC 184 -54.33 -27.29 31.11
CA PHE BC 184 -53.56 -28.47 31.46
C PHE BC 184 -52.10 -28.17 31.72
N HIS BC 185 -51.47 -27.38 30.86
CA HIS BC 185 -50.03 -27.16 30.92
C HIS BC 185 -49.61 -25.75 31.30
N ASN BC 186 -50.49 -24.76 31.10
CA ASN BC 186 -50.19 -23.34 31.32
C ASN BC 186 -48.98 -22.91 30.50
N TRP BC 187 -49.10 -23.12 29.18
CA TRP BC 187 -48.07 -22.75 28.19
C TRP BC 187 -47.83 -21.25 28.11
N THR BC 188 -48.71 -20.44 28.70
CA THR BC 188 -48.45 -19.01 28.82
C THR BC 188 -47.45 -18.69 29.92
N LEU BC 189 -46.95 -19.72 30.61
CA LEU BC 189 -45.86 -19.54 31.57
C LEU BC 189 -44.56 -20.23 31.16
N ASN BC 190 -44.56 -20.99 30.07
CA ASN BC 190 -43.39 -21.79 29.71
C ASN BC 190 -42.24 -20.87 29.33
N PRO BC 191 -41.09 -20.96 29.99
CA PRO BC 191 -39.99 -20.01 29.73
C PRO BC 191 -39.44 -20.06 28.31
N PHE BC 192 -39.38 -21.25 27.70
CA PHE BC 192 -38.94 -21.31 26.31
C PHE BC 192 -40.00 -20.76 25.36
N HIS BC 193 -41.26 -20.76 25.79
CA HIS BC 193 -42.29 -20.10 24.99
C HIS BC 193 -42.24 -18.59 25.19
N MET BC 194 -41.62 -18.13 26.28
CA MET BC 194 -41.53 -16.69 26.53
C MET BC 194 -40.65 -16.02 25.48
N MET BC 195 -39.51 -16.62 25.16
CA MET BC 195 -38.66 -16.06 24.12
C MET BC 195 -38.97 -16.67 22.76
N GLY BC 196 -39.75 -17.76 22.74
CA GLY BC 196 -40.23 -18.29 21.48
C GLY BC 196 -41.18 -17.34 20.77
N VAL BC 197 -42.03 -16.66 21.55
CA VAL BC 197 -42.87 -15.62 20.99
C VAL BC 197 -42.03 -14.42 20.56
N ALA BC 198 -40.99 -14.11 21.33
CA ALA BC 198 -40.09 -13.02 20.97
C ALA BC 198 -39.31 -13.33 19.70
N GLY BC 199 -39.15 -14.63 19.38
CA GLY BC 199 -38.53 -14.99 18.12
C GLY BC 199 -39.43 -14.70 16.93
N VAL BC 200 -40.74 -14.65 17.15
CA VAL BC 200 -41.66 -14.37 16.06
C VAL BC 200 -41.94 -12.87 15.98
N LEU BC 201 -42.23 -12.23 17.11
CA LEU BC 201 -42.47 -10.78 17.11
C LEU BC 201 -41.23 -10.02 16.68
N GLY BC 202 -40.05 -10.56 16.97
CA GLY BC 202 -38.84 -10.03 16.36
C GLY BC 202 -38.82 -10.21 14.86
N ALA BC 203 -39.17 -11.40 14.39
CA ALA BC 203 -39.19 -11.65 12.95
C ALA BC 203 -40.32 -10.89 12.26
N ALA BC 204 -41.45 -10.73 12.95
CA ALA BC 204 -42.55 -9.94 12.37
C ALA BC 204 -42.19 -8.46 12.30
N LEU BC 205 -41.49 -7.95 13.31
CA LEU BC 205 -41.04 -6.56 13.29
C LEU BC 205 -39.97 -6.34 12.23
N LEU BC 206 -38.96 -7.23 12.21
CA LEU BC 206 -37.90 -7.14 11.22
C LEU BC 206 -38.43 -7.31 9.80
N CYS BC 207 -39.56 -7.99 9.64
CA CYS BC 207 -40.19 -8.07 8.33
C CYS BC 207 -40.75 -6.72 7.92
N ALA BC 208 -41.34 -5.98 8.87
CA ALA BC 208 -42.03 -4.74 8.54
C ALA BC 208 -41.07 -3.55 8.53
N ILE BC 209 -40.12 -3.53 9.46
CA ILE BC 209 -39.27 -2.35 9.62
C ILE BC 209 -38.17 -2.33 8.55
N HIS BC 210 -37.81 -3.49 8.01
CA HIS BC 210 -36.76 -3.54 7.00
C HIS BC 210 -37.30 -3.24 5.62
N GLY BC 211 -38.46 -3.79 5.28
CA GLY BC 211 -39.05 -3.51 3.98
C GLY BC 211 -39.46 -2.05 3.84
N ALA BC 212 -40.03 -1.47 4.90
CA ALA BC 212 -40.47 -0.09 4.84
C ALA BC 212 -39.30 0.86 4.70
N THR BC 213 -38.22 0.61 5.45
CA THR BC 213 -37.04 1.47 5.37
C THR BC 213 -36.39 1.41 3.99
N VAL BC 214 -36.25 0.19 3.44
CA VAL BC 214 -35.66 0.01 2.11
C VAL BC 214 -36.53 0.68 1.07
N GLU BC 215 -37.85 0.47 1.15
CA GLU BC 215 -38.77 1.07 0.19
C GLU BC 215 -38.90 2.57 0.36
N ASN BC 216 -38.43 3.12 1.47
CA ASN BC 216 -38.43 4.57 1.66
C ASN BC 216 -37.06 5.20 1.45
N THR BC 217 -35.97 4.46 1.62
CA THR BC 217 -34.64 5.01 1.44
C THR BC 217 -34.10 4.76 0.04
N LEU BC 218 -34.98 4.51 -0.93
CA LEU BC 218 -34.56 4.22 -2.29
C LEU BC 218 -33.90 5.43 -2.95
N PHE BC 219 -32.93 5.15 -3.82
CA PHE BC 219 -32.29 6.19 -4.62
C PHE BC 219 -33.28 6.70 -5.66
N GLU BC 220 -32.97 7.85 -6.26
CA GLU BC 220 -33.91 8.44 -7.21
C GLU BC 220 -34.11 7.56 -8.44
N ASP BC 221 -33.08 7.48 -9.29
CA ASP BC 221 -33.14 6.83 -10.60
C ASP BC 221 -34.44 7.24 -11.29
N GLY BC 222 -34.71 8.53 -11.34
CA GLY BC 222 -36.06 8.98 -11.56
C GLY BC 222 -36.48 9.10 -13.01
N ASP BC 223 -36.91 10.29 -13.40
CA ASP BC 223 -37.59 10.54 -14.68
C ASP BC 223 -38.77 9.57 -14.85
N GLY BC 224 -39.54 9.43 -13.77
CA GLY BC 224 -40.72 8.57 -13.71
C GLY BC 224 -41.29 8.52 -12.32
N ALA BC 225 -42.62 8.66 -12.17
CA ALA BC 225 -43.23 8.77 -10.86
C ALA BC 225 -43.37 7.44 -10.12
N ASN BC 226 -43.20 6.32 -10.80
CA ASN BC 226 -43.30 5.00 -10.18
C ASN BC 226 -41.91 4.49 -9.87
N THR BC 227 -41.61 4.23 -8.59
CA THR BC 227 -40.30 3.77 -8.18
C THR BC 227 -40.01 2.35 -8.63
N PHE BC 228 -41.05 1.55 -8.87
CA PHE BC 228 -40.86 0.13 -9.16
C PHE BC 228 -40.29 -0.11 -10.54
N ARG BC 229 -40.21 0.91 -11.39
CA ARG BC 229 -39.57 0.78 -12.68
C ARG BC 229 -38.19 1.43 -12.73
N ALA BC 230 -37.62 1.77 -11.58
CA ALA BC 230 -36.29 2.36 -11.51
C ALA BC 230 -35.21 1.35 -11.14
N PHE BC 231 -35.58 0.08 -10.97
CA PHE BC 231 -34.65 -0.95 -10.52
C PHE BC 231 -34.38 -1.93 -11.65
N ASN BC 232 -33.13 -2.37 -11.74
CA ASN BC 232 -32.73 -3.41 -12.69
C ASN BC 232 -32.15 -4.58 -11.93
N PRO BC 233 -32.58 -5.81 -12.23
CA PRO BC 233 -32.06 -6.98 -11.51
C PRO BC 233 -30.57 -7.19 -11.66
N THR BC 234 -29.97 -6.77 -12.78
CA THR BC 234 -28.54 -6.92 -13.01
C THR BC 234 -27.92 -5.52 -12.99
N GLN BC 235 -27.41 -5.13 -11.82
CA GLN BC 235 -26.71 -3.86 -11.69
C GLN BC 235 -25.67 -3.98 -10.59
N ALA BC 236 -24.65 -3.12 -10.67
CA ALA BC 236 -23.50 -3.14 -9.78
C ALA BC 236 -23.53 -1.96 -8.82
N GLU BC 237 -24.72 -1.60 -8.34
CA GLU BC 237 -24.86 -0.52 -7.38
C GLU BC 237 -26.02 -0.84 -6.45
N GLU BC 238 -25.96 -0.29 -5.24
CA GLU BC 238 -27.05 -0.48 -4.28
C GLU BC 238 -28.28 0.31 -4.71
N THR BC 239 -29.45 -0.23 -4.38
CA THR BC 239 -30.72 0.34 -4.87
C THR BC 239 -31.32 1.38 -3.94
N TYR BC 240 -30.90 1.42 -2.68
CA TYR BC 240 -31.44 2.33 -1.69
C TYR BC 240 -30.33 2.91 -0.83
N SER BC 241 -30.62 4.05 -0.21
CA SER BC 241 -29.64 4.78 0.61
C SER BC 241 -29.53 4.10 1.96
N MET BC 242 -28.39 3.44 2.19
CA MET BC 242 -28.19 2.76 3.47
C MET BC 242 -27.64 3.71 4.54
N VAL BC 243 -26.78 4.65 4.16
CA VAL BC 243 -26.16 5.53 5.15
C VAL BC 243 -27.20 6.51 5.72
N THR BC 244 -28.19 6.89 4.89
CA THR BC 244 -29.29 7.70 5.41
C THR BC 244 -30.13 6.90 6.40
N ALA BC 245 -30.41 5.64 6.07
CA ALA BC 245 -31.17 4.77 6.96
C ALA BC 245 -30.42 4.54 8.28
N ASN BC 246 -29.11 4.32 8.20
CA ASN BC 246 -28.31 4.21 9.41
C ASN BC 246 -28.33 5.52 10.19
N ARG BC 247 -28.29 6.65 9.48
CA ARG BC 247 -28.35 7.94 10.15
C ARG BC 247 -29.77 8.21 10.68
N PHE BC 248 -30.79 7.79 9.94
CA PHE BC 248 -32.17 8.03 10.35
C PHE BC 248 -32.51 7.25 11.62
N TRP BC 249 -32.27 5.93 11.61
CA TRP BC 249 -32.65 5.11 12.75
C TRP BC 249 -31.77 5.34 13.96
N SER BC 250 -30.59 5.94 13.77
CA SER BC 250 -29.75 6.30 14.91
C SER BC 250 -30.36 7.43 15.71
N GLN BC 251 -31.01 8.38 15.05
CA GLN BC 251 -31.67 9.48 15.76
C GLN BC 251 -33.16 9.22 15.98
N ILE BC 252 -33.65 8.03 15.61
CA ILE BC 252 -35.02 7.63 15.89
C ILE BC 252 -35.04 6.63 17.04
N PHE BC 253 -34.35 5.50 16.85
CA PHE BC 253 -34.34 4.44 17.85
C PHE BC 253 -33.12 4.50 18.76
N GLY BC 254 -32.05 5.18 18.35
CA GLY BC 254 -30.84 5.25 19.13
C GLY BC 254 -29.74 4.42 18.52
N VAL BC 255 -30.12 3.25 17.98
CA VAL BC 255 -29.20 2.29 17.42
C VAL BC 255 -29.72 1.86 16.05
N ALA BC 256 -28.80 1.75 15.08
CA ALA BC 256 -29.18 1.46 13.71
C ALA BC 256 -28.26 0.39 13.12
N PHE BC 257 -28.77 -0.29 12.10
CA PHE BC 257 -27.98 -1.27 11.37
C PHE BC 257 -26.93 -0.57 10.52
N SER BC 258 -25.75 -1.18 10.44
CA SER BC 258 -24.65 -0.63 9.66
C SER BC 258 -24.07 -1.61 8.66
N ASN BC 259 -24.32 -2.90 8.81
CA ASN BC 259 -23.81 -3.91 7.89
C ASN BC 259 -24.98 -4.72 7.36
N LYS BC 260 -25.08 -4.82 6.04
CA LYS BC 260 -26.24 -5.45 5.44
C LYS BC 260 -26.15 -6.97 5.51
N ARG BC 261 -24.93 -7.51 5.41
CA ARG BC 261 -24.75 -8.97 5.50
C ARG BC 261 -25.14 -9.47 6.89
N TRP BC 262 -24.80 -8.71 7.92
CA TRP BC 262 -25.23 -9.10 9.26
C TRP BC 262 -26.71 -8.81 9.45
N LEU BC 263 -27.23 -7.81 8.73
CA LEU BC 263 -28.66 -7.51 8.78
C LEU BC 263 -29.47 -8.70 8.29
N HIS BC 264 -29.13 -9.21 7.11
CA HIS BC 264 -29.84 -10.38 6.58
C HIS BC 264 -29.48 -11.64 7.36
N PHE BC 265 -28.32 -11.66 8.03
CA PHE BC 265 -28.06 -12.71 9.00
C PHE BC 265 -28.91 -12.53 10.25
N PHE BC 266 -29.15 -11.27 10.64
CA PHE BC 266 -30.06 -11.01 11.75
C PHE BC 266 -31.49 -11.33 11.35
N MET BC 267 -31.77 -11.34 10.04
CA MET BC 267 -33.08 -11.76 9.57
C MET BC 267 -33.24 -13.27 9.71
N LEU BC 268 -32.13 -13.99 9.80
CA LEU BC 268 -32.18 -15.44 9.91
C LEU BC 268 -32.14 -15.91 11.36
N PHE BC 269 -31.53 -15.12 12.25
CA PHE BC 269 -31.41 -15.55 13.64
C PHE BC 269 -32.76 -15.59 14.33
N VAL BC 270 -33.55 -14.51 14.23
CA VAL BC 270 -34.77 -14.40 15.03
C VAL BC 270 -35.85 -15.43 14.70
N PRO BC 271 -36.15 -15.76 13.43
CA PRO BC 271 -37.26 -16.71 13.25
C PRO BC 271 -36.88 -18.16 13.48
N VAL BC 272 -35.67 -18.57 13.10
CA VAL BC 272 -35.26 -19.97 13.22
C VAL BC 272 -35.15 -20.37 14.68
N THR BC 273 -34.62 -19.49 15.53
CA THR BC 273 -34.58 -19.77 16.96
C THR BC 273 -35.97 -19.69 17.59
N GLY BC 274 -36.84 -18.85 17.01
CA GLY BC 274 -38.20 -18.74 17.53
C GLY BC 274 -38.98 -20.03 17.42
N LEU BC 275 -38.68 -20.82 16.40
CA LEU BC 275 -39.36 -22.10 16.22
C LEU BC 275 -38.60 -23.26 16.85
N TRP BC 276 -37.25 -23.20 16.84
CA TRP BC 276 -36.47 -24.35 17.29
C TRP BC 276 -36.56 -24.55 18.80
N MET BC 277 -36.36 -23.50 19.59
CA MET BC 277 -36.24 -23.70 21.03
C MET BC 277 -37.59 -23.53 21.73
N SER BC 278 -38.57 -22.98 21.03
CA SER BC 278 -39.92 -22.99 21.58
C SER BC 278 -40.48 -24.42 21.54
N ALA BC 279 -39.92 -25.25 20.67
CA ALA BC 279 -40.27 -26.66 20.63
C ALA BC 279 -39.70 -27.40 21.84
N LEU BC 280 -38.72 -26.80 22.51
CA LEU BC 280 -38.11 -27.44 23.67
C LEU BC 280 -39.11 -27.54 24.82
N GLY BC 281 -39.97 -26.52 24.97
CA GLY BC 281 -41.02 -26.60 25.97
C GLY BC 281 -42.04 -27.68 25.65
N VAL BC 282 -42.32 -27.88 24.36
CA VAL BC 282 -43.19 -28.98 23.95
C VAL BC 282 -42.53 -30.32 24.25
N VAL BC 283 -41.20 -30.40 24.10
CA VAL BC 283 -40.45 -31.55 24.60
C VAL BC 283 -40.61 -31.68 26.11
N GLY BC 284 -40.51 -30.56 26.82
CA GLY BC 284 -40.82 -30.59 28.25
C GLY BC 284 -42.26 -30.95 28.51
N LEU BC 285 -43.17 -30.48 27.66
CA LEU BC 285 -44.58 -30.81 27.82
C LEU BC 285 -44.92 -32.19 27.26
N ALA BC 286 -44.03 -32.78 26.46
CA ALA BC 286 -44.23 -34.15 26.01
C ALA BC 286 -44.22 -35.13 27.18
N LEU BC 287 -43.59 -34.74 28.28
CA LEU BC 287 -43.60 -35.54 29.49
C LEU BC 287 -44.39 -34.89 30.61
N ASN BC 288 -45.33 -33.99 30.28
CA ASN BC 288 -46.20 -33.31 31.25
C ASN BC 288 -45.38 -32.65 32.37
N LEU BC 289 -44.25 -32.06 31.99
CA LEU BC 289 -43.33 -31.48 32.96
C LEU BC 289 -43.54 -29.97 32.87
N ARG BC 290 -44.53 -29.50 33.62
CA ARG BC 290 -45.14 -28.19 33.39
C ARG BC 290 -44.47 -27.07 34.17
N ALA BC 291 -44.40 -25.91 33.54
CA ALA BC 291 -44.08 -24.67 34.24
C ALA BC 291 -45.37 -24.08 34.83
N TYR BC 292 -46.01 -24.88 35.68
CA TYR BC 292 -47.39 -24.63 36.05
C TYR BC 292 -47.49 -23.69 37.26
N ASP BC 293 -46.90 -24.07 38.39
CA ASP BC 293 -47.08 -23.32 39.63
C ASP BC 293 -45.75 -22.73 40.12
N PHE BC 294 -45.80 -21.46 40.51
CA PHE BC 294 -44.72 -20.79 41.23
C PHE BC 294 -44.96 -21.07 42.71
N VAL BC 295 -44.12 -21.94 43.29
CA VAL BC 295 -44.40 -22.44 44.63
C VAL BC 295 -44.21 -21.34 45.68
N SER BC 296 -43.27 -20.41 45.44
CA SER BC 296 -43.05 -19.34 46.41
C SER BC 296 -44.26 -18.41 46.48
N GLN BC 297 -44.88 -18.14 45.33
CA GLN BC 297 -46.10 -17.35 45.33
C GLN BC 297 -47.29 -18.20 45.79
N GLU BC 298 -47.29 -19.49 45.47
CA GLU BC 298 -48.37 -20.37 45.90
C GLU BC 298 -48.39 -20.52 47.42
N ILE BC 299 -47.22 -20.71 48.04
CA ILE BC 299 -47.15 -20.79 49.49
C ILE BC 299 -47.53 -19.46 50.11
N ARG BC 300 -47.08 -18.35 49.50
CA ARG BC 300 -47.49 -17.03 49.96
C ARG BC 300 -48.99 -16.85 49.84
N ALA BC 301 -49.57 -17.24 48.70
CA ALA BC 301 -51.01 -17.13 48.53
C ALA BC 301 -51.76 -18.07 49.46
N ALA BC 302 -51.13 -19.17 49.87
CA ALA BC 302 -51.76 -20.07 50.83
C ALA BC 302 -51.78 -19.46 52.22
N GLU BC 303 -50.83 -18.57 52.52
CA GLU BC 303 -50.71 -17.96 53.83
C GLU BC 303 -51.08 -16.47 53.83
N ASP BC 304 -51.49 -15.93 52.70
CA ASP BC 304 -51.89 -14.53 52.60
C ASP BC 304 -53.18 -14.47 51.80
N PRO BC 305 -54.33 -14.37 52.47
CA PRO BC 305 -55.61 -14.29 51.75
C PRO BC 305 -55.74 -13.03 50.90
N GLU BC 306 -55.08 -11.94 51.30
CA GLU BC 306 -55.18 -10.69 50.54
C GLU BC 306 -54.24 -10.67 49.34
N PHE BC 307 -53.41 -11.71 49.19
CA PHE BC 307 -52.46 -11.77 48.09
C PHE BC 307 -53.22 -12.08 46.81
N GLU BC 308 -53.53 -11.05 46.02
CA GLU BC 308 -54.19 -11.22 44.73
C GLU BC 308 -53.27 -10.72 43.63
N THR BC 309 -53.05 -11.57 42.63
CA THR BC 309 -52.28 -11.21 41.44
C THR BC 309 -53.05 -11.67 40.22
N PHE BC 310 -52.60 -11.18 39.06
CA PHE BC 310 -53.08 -11.70 37.80
C PHE BC 310 -52.61 -13.13 37.58
N TYR BC 311 -51.47 -13.49 38.18
CA TYR BC 311 -51.05 -14.89 38.23
C TYR BC 311 -52.04 -15.76 38.99
N THR BC 312 -52.54 -15.28 40.13
CA THR BC 312 -53.50 -16.06 40.91
C THR BC 312 -54.78 -16.29 40.12
N LYS BC 313 -55.24 -15.25 39.41
CA LYS BC 313 -56.42 -15.39 38.55
C LYS BC 313 -56.17 -16.37 37.42
N ASN BC 314 -54.99 -16.31 36.79
CA ASN BC 314 -54.68 -17.19 35.68
C ASN BC 314 -54.63 -18.65 36.14
N ILE BC 315 -54.10 -18.90 37.33
CA ILE BC 315 -54.10 -20.25 37.90
C ILE BC 315 -55.53 -20.71 38.16
N LEU BC 316 -56.39 -19.79 38.60
CA LEU BC 316 -57.79 -20.12 38.85
C LEU BC 316 -58.50 -20.58 37.58
N LEU BC 317 -58.33 -19.83 36.49
CA LEU BC 317 -59.08 -20.12 35.26
C LEU BC 317 -58.61 -21.42 34.60
N ASN BC 318 -57.41 -21.89 34.94
CA ASN BC 318 -56.88 -23.10 34.31
C ASN BC 318 -57.48 -24.36 34.91
N GLU BC 319 -58.27 -24.23 35.98
CA GLU BC 319 -58.90 -25.39 36.60
C GLU BC 319 -60.11 -25.86 35.79
N GLY BC 320 -60.97 -24.92 35.38
CA GLY BC 320 -62.20 -25.30 34.72
C GLY BC 320 -61.96 -25.77 33.29
N ILE BC 321 -60.82 -25.39 32.72
CA ILE BC 321 -60.46 -25.85 31.38
C ILE BC 321 -60.24 -27.36 31.40
N ARG BC 322 -59.65 -27.86 32.48
CA ARG BC 322 -59.46 -29.29 32.65
C ARG BC 322 -60.76 -29.99 33.04
N ALA BC 323 -61.62 -29.30 33.81
CA ALA BC 323 -62.85 -29.94 34.28
C ALA BC 323 -63.96 -29.88 33.23
N TRP BC 324 -64.22 -28.69 32.68
CA TRP BC 324 -65.38 -28.53 31.81
C TRP BC 324 -65.20 -29.14 30.43
N MET BC 325 -63.96 -29.30 29.96
CA MET BC 325 -63.71 -29.74 28.59
C MET BC 325 -63.45 -31.23 28.48
N ALA BC 326 -62.82 -31.84 29.49
CA ALA BC 326 -62.41 -33.24 29.38
C ALA BC 326 -63.60 -34.19 29.37
N ALA BC 327 -64.80 -33.70 29.67
CA ALA BC 327 -65.98 -34.55 29.64
C ALA BC 327 -66.27 -35.03 28.22
N GLN BC 328 -66.05 -34.17 27.22
CA GLN BC 328 -66.30 -34.51 25.83
C GLN BC 328 -65.03 -34.53 24.99
N ASP BC 329 -63.99 -33.80 25.40
CA ASP BC 329 -62.73 -33.77 24.69
C ASP BC 329 -61.92 -35.05 24.92
N GLN BC 330 -62.14 -35.72 26.04
CA GLN BC 330 -61.47 -36.99 26.37
C GLN BC 330 -62.55 -38.01 26.69
N PRO BC 331 -63.19 -38.59 25.67
CA PRO BC 331 -64.28 -39.54 25.94
C PRO BC 331 -63.81 -40.85 26.56
N HIS BC 332 -62.55 -41.23 26.37
CA HIS BC 332 -62.09 -42.51 26.89
C HIS BC 332 -61.99 -42.52 28.40
N GLU BC 333 -61.71 -41.38 29.03
CA GLU BC 333 -61.72 -41.31 30.48
C GLU BC 333 -63.14 -41.35 31.05
N LYS BC 334 -64.14 -41.00 30.23
CA LYS BC 334 -65.56 -41.04 30.59
C LYS BC 334 -65.81 -40.25 31.89
N LEU BC 335 -65.37 -39.01 31.88
CA LEU BC 335 -65.43 -38.14 33.05
C LEU BC 335 -66.80 -37.48 33.08
N THR BC 336 -67.79 -38.20 33.61
CA THR BC 336 -69.16 -37.68 33.69
C THR BC 336 -69.32 -36.89 34.98
N LEU BC 337 -68.71 -35.72 34.99
CA LEU BC 337 -68.75 -34.85 36.15
C LEU BC 337 -70.11 -34.17 36.25
N PRO BC 338 -70.78 -34.22 37.40
CA PRO BC 338 -72.05 -33.51 37.55
C PRO BC 338 -71.87 -32.00 37.57
N GLU BC 339 -73.02 -31.30 37.62
CA GLU BC 339 -73.03 -29.84 37.63
C GLU BC 339 -72.36 -29.28 38.87
N GLU BC 340 -72.60 -29.89 40.03
CA GLU BC 340 -72.13 -29.38 41.31
C GLU BC 340 -70.61 -29.34 41.44
N VAL BC 341 -69.91 -30.36 40.93
CA VAL BC 341 -68.47 -30.47 41.15
C VAL BC 341 -67.68 -29.55 40.21
N LEU BC 342 -68.31 -29.07 39.14
CA LEU BC 342 -67.62 -28.20 38.20
C LEU BC 342 -67.34 -26.84 38.83
N PRO BC 343 -66.13 -26.29 38.69
CA PRO BC 343 -65.82 -25.02 39.33
C PRO BC 343 -66.48 -23.85 38.61
N ARG BC 344 -66.99 -22.90 39.38
CA ARG BC 344 -67.57 -21.68 38.83
C ARG BC 344 -67.54 -20.59 39.89
N GLY BC 345 -67.62 -19.34 39.43
CA GLY BC 345 -67.55 -18.20 40.31
C GLY BC 345 -68.91 -17.72 40.78
N ASN BC 346 -68.92 -16.51 41.34
CA ASN BC 346 -70.15 -15.91 41.82
C ASN BC 346 -71.01 -15.46 40.62
N ALA BC 347 -72.28 -15.85 40.67
CA ALA BC 347 -73.30 -15.61 39.64
C ALA BC 347 -72.85 -16.23 38.32
N LEU BC 348 -73.38 -15.69 37.22
CA LEU BC 348 -73.10 -16.08 35.84
C LEU BC 348 -73.28 -17.58 35.60
N GLU CC 1 -42.61 -22.29 -25.93
CA GLU CC 1 -42.55 -22.70 -24.53
C GLU CC 1 -43.95 -22.70 -23.91
N ARG CC 2 -44.87 -21.98 -24.56
CA ARG CC 2 -46.28 -21.84 -24.17
C ARG CC 2 -46.36 -21.28 -22.75
N PRO CC 3 -46.02 -20.00 -22.54
CA PRO CC 3 -45.91 -19.44 -21.18
C PRO CC 3 -47.26 -19.09 -20.54
N PHE CC 4 -48.20 -20.03 -20.60
CA PHE CC 4 -49.53 -19.98 -19.99
C PHE CC 4 -50.39 -18.84 -20.53
N SER CC 5 -49.92 -18.15 -21.58
CA SER CC 5 -50.65 -17.05 -22.19
C SER CC 5 -51.33 -17.48 -23.49
N ASP CC 6 -50.56 -18.03 -24.44
CA ASP CC 6 -51.16 -18.60 -25.64
C ASP CC 6 -51.93 -19.87 -25.33
N ILE CC 7 -51.64 -20.50 -24.19
CA ILE CC 7 -52.41 -21.64 -23.72
C ILE CC 7 -53.84 -21.24 -23.43
N LEU CC 8 -54.03 -20.18 -22.65
CA LEU CC 8 -55.38 -19.75 -22.28
C LEU CC 8 -56.07 -18.92 -23.35
N THR CC 9 -55.37 -18.54 -24.43
CA THR CC 9 -55.96 -17.71 -25.47
C THR CC 9 -56.09 -18.45 -26.80
N SER CC 10 -56.29 -19.77 -26.77
CA SER CC 10 -56.43 -20.56 -27.98
C SER CC 10 -57.76 -21.32 -27.93
N ILE CC 11 -58.43 -21.39 -29.07
CA ILE CC 11 -59.70 -22.11 -29.16
C ILE CC 11 -59.47 -23.62 -29.05
N ARG CC 12 -58.31 -24.10 -29.51
CA ARG CC 12 -57.99 -25.53 -29.41
C ARG CC 12 -57.93 -25.98 -27.95
N TYR CC 13 -57.42 -25.10 -27.08
CA TYR CC 13 -57.42 -25.37 -25.64
C TYR CC 13 -58.82 -25.35 -25.07
N TRP CC 14 -59.64 -24.37 -25.48
CA TRP CC 14 -60.94 -24.19 -24.86
C TRP CC 14 -62.04 -25.08 -25.42
N VAL CC 15 -61.86 -25.66 -26.61
CA VAL CC 15 -62.84 -26.62 -27.11
C VAL CC 15 -62.80 -27.90 -26.29
N ILE CC 16 -61.59 -28.41 -26.02
CA ILE CC 16 -61.46 -29.62 -25.22
C ILE CC 16 -61.65 -29.35 -23.73
N HIS CC 17 -61.50 -28.09 -23.30
CA HIS CC 17 -61.75 -27.74 -21.91
C HIS CC 17 -63.21 -27.38 -21.65
N SER CC 18 -64.02 -27.24 -22.69
CA SER CC 18 -65.45 -27.11 -22.52
C SER CC 18 -66.13 -28.46 -22.32
N ILE CC 19 -65.37 -29.55 -22.41
CA ILE CC 19 -65.87 -30.90 -22.25
C ILE CC 19 -65.20 -31.62 -21.09
N THR CC 20 -63.86 -31.54 -21.01
CA THR CC 20 -63.13 -32.25 -19.97
C THR CC 20 -63.38 -31.63 -18.60
N VAL CC 21 -63.25 -30.31 -18.49
CA VAL CC 21 -63.45 -29.65 -17.19
C VAL CC 21 -64.88 -29.77 -16.68
N PRO CC 22 -65.94 -29.52 -17.47
CA PRO CC 22 -67.29 -29.74 -16.93
C PRO CC 22 -67.58 -31.18 -16.55
N SER CC 23 -67.02 -32.15 -17.28
CA SER CC 23 -67.31 -33.55 -17.01
C SER CC 23 -66.81 -33.97 -15.62
N LEU CC 24 -65.65 -33.45 -15.21
CA LEU CC 24 -65.16 -33.71 -13.86
C LEU CC 24 -66.10 -33.12 -12.82
N PHE CC 25 -66.65 -31.93 -13.08
CA PHE CC 25 -67.56 -31.30 -12.14
C PHE CC 25 -68.88 -32.08 -12.05
N ILE CC 26 -69.38 -32.55 -13.19
CA ILE CC 26 -70.61 -33.34 -13.18
C ILE CC 26 -70.35 -34.73 -12.60
N ALA CC 27 -69.18 -35.30 -12.86
CA ALA CC 27 -68.82 -36.57 -12.22
C ALA CC 27 -68.69 -36.39 -10.71
N GLY CC 28 -68.11 -35.27 -10.27
CA GLY CC 28 -68.09 -34.95 -8.85
C GLY CC 28 -69.47 -34.70 -8.31
N TRP CC 29 -70.38 -34.17 -9.16
CA TRP CC 29 -71.76 -33.98 -8.75
C TRP CC 29 -72.45 -35.31 -8.48
N LEU CC 30 -72.19 -36.32 -9.33
CA LEU CC 30 -72.77 -37.63 -9.13
C LEU CC 30 -71.93 -38.48 -8.19
N PHE CC 31 -70.74 -37.99 -7.81
CA PHE CC 31 -69.89 -38.72 -6.88
C PHE CC 31 -70.51 -38.77 -5.48
N VAL CC 32 -71.12 -37.68 -5.05
CA VAL CC 32 -71.75 -37.62 -3.73
C VAL CC 32 -73.28 -37.74 -3.78
N SER CC 33 -73.92 -37.24 -4.84
CA SER CC 33 -75.37 -37.27 -4.90
C SER CC 33 -75.92 -38.68 -5.13
N THR CC 34 -75.10 -39.60 -5.65
CA THR CC 34 -75.51 -40.98 -5.82
C THR CC 34 -75.21 -41.85 -4.61
N GLY CC 35 -74.54 -41.31 -3.60
CA GLY CC 35 -74.24 -42.06 -2.40
C GLY CC 35 -73.11 -43.06 -2.52
N LEU CC 36 -72.41 -43.10 -3.65
CA LEU CC 36 -71.29 -44.02 -3.81
C LEU CC 36 -70.12 -43.63 -2.90
N ALA CC 37 -69.97 -42.33 -2.63
CA ALA CC 37 -68.90 -41.88 -1.74
C ALA CC 37 -69.11 -42.38 -0.32
N TYR CC 38 -70.36 -42.62 0.06
CA TYR CC 38 -70.66 -43.19 1.38
C TYR CC 38 -70.18 -44.64 1.47
N ASP CC 39 -70.35 -45.42 0.39
CA ASP CC 39 -70.02 -46.84 0.44
C ASP CC 39 -68.51 -47.06 0.41
N VAL CC 40 -67.79 -46.28 -0.40
CA VAL CC 40 -66.36 -46.45 -0.57
C VAL CC 40 -65.63 -46.11 0.72
N PHE CC 41 -66.10 -45.08 1.43
CA PHE CC 41 -65.43 -44.55 2.60
C PHE CC 41 -66.08 -44.97 3.91
N GLY CC 42 -67.40 -45.01 3.98
CA GLY CC 42 -68.05 -45.38 5.23
C GLY CC 42 -68.48 -44.22 6.12
N SER CC 43 -68.46 -43.00 5.61
CA SER CC 43 -68.90 -41.85 6.42
C SER CC 43 -70.39 -41.96 6.68
N PRO CC 44 -70.86 -41.65 7.87
CA PRO CC 44 -72.29 -41.79 8.17
C PRO CC 44 -73.14 -40.75 7.49
N ARG CC 45 -74.31 -41.17 7.02
CA ARG CC 45 -75.35 -40.27 6.57
C ARG CC 45 -75.89 -39.51 7.77
N PRO CC 46 -76.49 -38.33 7.55
CA PRO CC 46 -77.06 -37.58 8.68
C PRO CC 46 -78.13 -38.32 9.45
N ASN CC 47 -78.92 -39.17 8.80
CA ASN CC 47 -80.01 -39.87 9.47
C ASN CC 47 -79.55 -41.12 10.22
N GLU CC 48 -78.30 -41.56 10.04
CA GLU CC 48 -77.83 -42.80 10.64
C GLU CC 48 -76.72 -42.55 11.65
N TYR CC 49 -76.64 -41.32 12.19
CA TYR CC 49 -75.60 -41.03 13.17
C TYR CC 49 -75.82 -41.79 14.47
N PHE CC 50 -77.06 -41.97 14.89
CA PHE CC 50 -77.39 -42.74 16.08
C PHE CC 50 -78.18 -43.98 15.69
N THR CC 51 -77.75 -45.13 16.23
CA THR CC 51 -78.42 -46.39 16.04
C THR CC 51 -79.41 -46.63 17.17
N GLU CC 52 -80.04 -47.80 17.17
CA GLU CC 52 -81.06 -48.10 18.17
C GLU CC 52 -80.46 -48.45 19.53
N ASP CC 53 -79.31 -49.13 19.55
CA ASP CC 53 -78.75 -49.57 20.82
C ASP CC 53 -78.13 -48.40 21.58
N ARG CC 54 -77.46 -47.49 20.88
CA ARG CC 54 -76.74 -46.39 21.50
C ARG CC 54 -77.32 -45.06 21.04
N GLN CC 55 -77.43 -44.12 21.97
CA GLN CC 55 -77.93 -42.77 21.69
C GLN CC 55 -76.89 -41.69 21.98
N ASP CC 56 -75.62 -42.07 22.02
CA ASP CC 56 -74.53 -41.14 22.28
C ASP CC 56 -73.37 -41.47 21.36
N ALA CC 57 -72.21 -40.87 21.64
CA ALA CC 57 -71.04 -41.07 20.80
C ALA CC 57 -70.49 -42.49 20.97
N PRO CC 58 -70.07 -43.12 19.88
CA PRO CC 58 -69.45 -44.46 19.99
C PRO CC 58 -68.11 -44.39 20.69
N LEU CC 59 -67.75 -45.51 21.33
CA LEU CC 59 -66.54 -45.60 22.13
C LEU CC 59 -65.67 -46.72 21.55
N ILE CC 60 -64.45 -46.36 21.15
CA ILE CC 60 -63.58 -47.32 20.47
C ILE CC 60 -63.09 -48.40 21.44
N THR CC 61 -62.41 -47.99 22.51
CA THR CC 61 -61.92 -48.78 23.64
C THR CC 61 -61.23 -50.10 23.28
N ASP CC 62 -60.70 -50.21 22.06
CA ASP CC 62 -59.96 -51.40 21.65
C ASP CC 62 -59.05 -51.03 20.49
N ARG CC 63 -57.93 -51.74 20.40
CA ARG CC 63 -56.94 -51.49 19.35
C ARG CC 63 -56.78 -52.66 18.40
N PHE CC 64 -56.44 -53.85 18.90
CA PHE CC 64 -56.20 -55.01 18.05
C PHE CC 64 -57.47 -55.54 17.41
N ASN CC 65 -58.64 -55.24 17.99
CA ASN CC 65 -59.93 -55.59 17.41
C ASN CC 65 -60.71 -54.35 17.00
N ALA CC 66 -60.00 -53.30 16.57
CA ALA CC 66 -60.67 -52.05 16.20
C ALA CC 66 -61.45 -52.18 14.90
N LEU CC 67 -61.03 -53.08 14.01
CA LEU CC 67 -61.69 -53.23 12.71
C LEU CC 67 -63.11 -53.78 12.89
N GLU CC 68 -63.24 -54.88 13.64
CA GLU CC 68 -64.56 -55.50 13.76
C GLU CC 68 -65.44 -54.79 14.79
N GLN CC 69 -64.85 -53.92 15.63
CA GLN CC 69 -65.68 -53.19 16.57
C GLN CC 69 -66.24 -51.91 15.94
N VAL CC 70 -65.48 -51.26 15.06
CA VAL CC 70 -66.00 -50.08 14.38
C VAL CC 70 -67.08 -50.50 13.36
N LYS CC 71 -67.08 -51.77 12.94
CA LYS CC 71 -68.12 -52.25 12.05
C LYS CC 71 -69.46 -52.34 12.76
N LYS CC 72 -69.47 -52.90 13.97
CA LYS CC 72 -70.72 -53.05 14.71
C LYS CC 72 -71.17 -51.77 15.39
N LEU CC 73 -70.25 -50.84 15.66
CA LEU CC 73 -70.60 -49.56 16.23
C LEU CC 73 -71.03 -48.55 15.18
N SER CC 74 -70.96 -48.93 13.90
CA SER CC 74 -71.40 -48.07 12.81
C SER CC 74 -72.86 -48.37 12.49
N ALA CC 75 -73.36 -47.80 11.39
CA ALA CC 75 -74.73 -48.05 10.94
C ALA CC 75 -74.79 -49.24 9.99
N GLN CC 76 -74.21 -50.35 10.45
CA GLN CC 76 -74.16 -51.63 9.72
C GLN CC 76 -73.55 -51.51 8.33
N ILE DC 1 -48.43 -33.69 -25.75
CA ILE DC 1 -47.66 -32.94 -24.75
C ILE DC 1 -47.08 -33.90 -23.72
N PHE DC 2 -47.86 -34.13 -22.66
CA PHE DC 2 -47.51 -35.05 -21.57
C PHE DC 2 -46.16 -34.73 -20.92
N THR DC 3 -45.87 -33.44 -20.76
CA THR DC 3 -44.64 -33.01 -20.13
C THR DC 3 -44.81 -33.06 -18.60
N VAL DC 4 -43.73 -32.72 -17.88
CA VAL DC 4 -43.80 -32.70 -16.43
C VAL DC 4 -44.73 -31.60 -15.95
N ARG DC 5 -44.72 -30.46 -16.66
CA ARG DC 5 -45.65 -29.38 -16.36
C ARG DC 5 -47.09 -29.82 -16.62
N TRP DC 6 -47.30 -30.63 -17.65
CA TRP DC 6 -48.63 -31.21 -17.89
C TRP DC 6 -49.01 -32.16 -16.76
N LEU DC 7 -48.07 -32.98 -16.30
CA LEU DC 7 -48.34 -33.90 -15.21
C LEU DC 7 -48.55 -33.16 -13.89
N ALA DC 8 -47.76 -32.12 -13.64
CA ALA DC 8 -47.88 -31.37 -12.39
C ALA DC 8 -49.19 -30.59 -12.34
N ILE DC 9 -49.61 -30.01 -13.47
CA ILE DC 9 -50.84 -29.22 -13.49
C ILE DC 9 -52.06 -30.13 -13.35
N HIS DC 10 -52.04 -31.26 -14.06
CA HIS DC 10 -53.20 -32.15 -14.02
C HIS DC 10 -53.33 -32.88 -12.69
N ALA DC 11 -52.25 -32.93 -11.91
CA ALA DC 11 -52.34 -33.54 -10.58
C ALA DC 11 -52.86 -32.56 -9.54
N ILE DC 12 -52.89 -31.27 -9.85
CA ILE DC 12 -53.37 -30.26 -8.90
C ILE DC 12 -54.66 -29.60 -9.37
N ALA DC 13 -55.06 -29.80 -10.62
CA ALA DC 13 -56.29 -29.21 -11.14
C ALA DC 13 -57.41 -30.22 -11.31
N VAL DC 14 -57.11 -31.42 -11.84
CA VAL DC 14 -58.15 -32.44 -12.02
C VAL DC 14 -58.71 -32.94 -10.70
N PRO DC 15 -57.91 -33.33 -9.68
CA PRO DC 15 -58.54 -33.68 -8.40
C PRO DC 15 -59.18 -32.49 -7.71
N THR DC 16 -58.72 -31.27 -7.99
CA THR DC 16 -59.36 -30.07 -7.46
C THR DC 16 -60.78 -29.93 -7.99
N ILE DC 17 -60.94 -30.03 -9.31
CA ILE DC 17 -62.24 -29.86 -9.94
C ILE DC 17 -63.18 -31.01 -9.56
N PHE DC 18 -62.64 -32.22 -9.42
CA PHE DC 18 -63.47 -33.35 -9.01
C PHE DC 18 -64.03 -33.14 -7.61
N PHE DC 19 -63.21 -32.66 -6.68
CA PHE DC 19 -63.73 -32.32 -5.37
C PHE DC 19 -64.60 -31.08 -5.42
N LEU DC 20 -64.26 -30.13 -6.31
CA LEU DC 20 -65.07 -28.93 -6.49
C LEU DC 20 -66.47 -29.27 -6.97
N GLY DC 21 -66.59 -30.20 -7.91
CA GLY DC 21 -67.91 -30.69 -8.30
C GLY DC 21 -68.60 -31.41 -7.16
N ALA DC 22 -67.81 -32.07 -6.30
CA ALA DC 22 -68.39 -32.77 -5.15
C ALA DC 22 -68.85 -31.80 -4.08
N ILE DC 23 -68.01 -30.83 -3.71
CA ILE DC 23 -68.31 -29.99 -2.55
C ILE DC 23 -69.41 -28.98 -2.88
N THR DC 24 -69.67 -28.74 -4.17
CA THR DC 24 -70.81 -27.90 -4.55
C THR DC 24 -72.09 -28.70 -4.60
N ALA DC 25 -72.01 -29.99 -4.99
CA ALA DC 25 -73.20 -30.82 -5.06
C ALA DC 25 -73.76 -31.10 -3.68
N MET DC 26 -72.88 -31.38 -2.71
CA MET DC 26 -73.29 -31.57 -1.33
C MET DC 26 -73.75 -30.30 -0.65
N GLN DC 27 -73.42 -29.13 -1.20
CA GLN DC 27 -73.90 -27.88 -0.63
C GLN DC 27 -75.42 -27.78 -0.71
N PHE DC 28 -76.03 -28.48 -1.67
CA PHE DC 28 -77.48 -28.50 -1.82
C PHE DC 28 -78.12 -29.69 -1.11
N ILE DC 29 -77.34 -30.49 -0.38
CA ILE DC 29 -77.90 -31.58 0.40
C ILE DC 29 -78.59 -30.99 1.62
N GLN DC 30 -79.85 -31.38 1.83
CA GLN DC 30 -80.62 -30.89 2.96
C GLN DC 30 -80.47 -31.84 4.16
N ARG DC 31 -81.11 -31.47 5.25
CA ARG DC 31 -81.03 -32.21 6.50
C ARG DC 31 -82.02 -33.38 6.52
N GLU EC 1 8.40 -29.47 6.16
CA GLU EC 1 9.14 -30.00 7.29
C GLU EC 1 8.61 -31.37 7.70
N PRO EC 2 9.53 -32.30 8.02
CA PRO EC 2 9.10 -33.63 8.45
C PRO EC 2 8.51 -33.61 9.85
N GLY EC 3 7.80 -34.69 10.18
CA GLY EC 3 7.21 -34.84 11.48
C GLY EC 3 8.17 -35.41 12.52
N ILE EC 4 7.69 -35.48 13.74
CA ILE EC 4 8.48 -36.03 14.84
C ILE EC 4 8.54 -37.54 14.66
N VAL EC 5 9.76 -38.06 14.50
CA VAL EC 5 9.95 -39.49 14.35
C VAL EC 5 9.73 -40.14 15.71
N THR EC 6 8.73 -41.02 15.79
CA THR EC 6 8.31 -41.64 17.04
C THR EC 6 8.21 -43.14 16.83
N PRO EC 7 8.76 -43.93 17.77
CA PRO EC 7 8.75 -45.40 17.61
C PRO EC 7 7.37 -46.03 17.47
N LEU EC 8 6.35 -45.51 18.18
CA LEU EC 8 5.01 -46.03 17.99
C LEU EC 8 4.37 -45.43 16.74
N GLY EC 9 4.83 -44.24 16.34
CA GLY EC 9 4.30 -43.64 15.12
C GLY EC 9 4.68 -44.41 13.88
N THR EC 10 5.94 -44.86 13.80
CA THR EC 10 6.35 -45.69 12.67
C THR EC 10 5.73 -47.08 12.76
N LEU EC 11 5.29 -47.48 13.95
CA LEU EC 11 4.53 -48.71 14.09
C LEU EC 11 3.17 -48.58 13.42
N LEU EC 12 2.57 -47.41 13.48
CA LEU EC 12 1.22 -47.18 12.99
C LEU EC 12 1.19 -46.54 11.61
N ARG EC 13 2.35 -46.40 10.96
CA ARG EC 13 2.42 -45.78 9.64
C ARG EC 13 1.61 -46.52 8.57
N PRO EC 14 1.66 -47.86 8.44
CA PRO EC 14 0.80 -48.50 7.42
C PRO EC 14 -0.69 -48.32 7.66
N LEU EC 15 -1.12 -48.09 8.90
CA LEU EC 15 -2.54 -47.93 9.15
C LEU EC 15 -3.03 -46.52 8.86
N ASN EC 16 -2.13 -45.57 8.60
CA ASN EC 16 -2.47 -44.29 7.96
C ASN EC 16 -1.43 -44.07 6.87
N SER EC 17 -1.60 -44.72 5.72
CA SER EC 17 -0.61 -44.60 4.67
C SER EC 17 -1.19 -44.30 3.31
N GLU EC 18 -2.29 -44.96 2.95
CA GLU EC 18 -2.93 -44.76 1.66
C GLU EC 18 -4.10 -43.78 1.77
N ALA EC 19 -3.80 -42.57 2.26
CA ALA EC 19 -4.84 -41.58 2.48
C ALA EC 19 -5.41 -41.08 1.16
N GLY EC 20 -6.71 -41.33 0.97
CA GLY EC 20 -7.37 -40.95 -0.26
C GLY EC 20 -7.30 -41.97 -1.37
N LYS EC 21 -6.66 -43.11 -1.14
CA LYS EC 21 -6.59 -44.18 -2.13
C LYS EC 21 -7.97 -44.82 -2.22
N VAL EC 22 -8.66 -44.57 -3.33
CA VAL EC 22 -10.06 -44.95 -3.49
C VAL EC 22 -10.17 -45.85 -4.73
N LEU EC 23 -11.01 -46.88 -4.62
CA LEU EC 23 -11.13 -47.78 -5.77
C LEU EC 23 -11.88 -47.10 -6.91
N PRO EC 24 -11.43 -47.29 -8.14
CA PRO EC 24 -12.08 -46.64 -9.28
C PRO EC 24 -13.42 -47.28 -9.60
N GLY EC 25 -14.21 -46.56 -10.40
CA GLY EC 25 -15.52 -47.03 -10.82
C GLY EC 25 -16.54 -47.01 -9.70
N TRP EC 26 -17.65 -47.73 -9.89
CA TRP EC 26 -18.70 -47.79 -8.89
C TRP EC 26 -18.32 -48.60 -7.66
N GLY EC 27 -17.19 -49.30 -7.70
CA GLY EC 27 -16.68 -50.00 -6.53
C GLY EC 27 -17.60 -51.11 -6.07
N THR EC 28 -17.97 -51.05 -4.79
CA THR EC 28 -18.88 -52.01 -4.18
C THR EC 28 -20.24 -51.40 -3.88
N THR EC 29 -20.73 -50.50 -4.75
CA THR EC 29 -22.00 -49.83 -4.51
C THR EC 29 -23.18 -50.80 -4.58
N VAL EC 30 -23.12 -51.77 -5.49
CA VAL EC 30 -24.17 -52.79 -5.56
C VAL EC 30 -24.21 -53.59 -4.26
N LEU EC 31 -23.05 -53.91 -3.71
CA LEU EC 31 -23.00 -54.55 -2.39
C LEU EC 31 -23.32 -53.54 -1.29
N MET EC 32 -23.09 -52.25 -1.55
CA MET EC 32 -23.39 -51.21 -0.58
C MET EC 32 -24.89 -50.94 -0.51
N ALA EC 33 -25.56 -50.94 -1.66
CA ALA EC 33 -26.98 -50.59 -1.71
C ALA EC 33 -27.86 -51.72 -1.18
N VAL EC 34 -27.43 -52.97 -1.37
CA VAL EC 34 -28.22 -54.12 -0.90
C VAL EC 34 -28.32 -54.10 0.62
N ALA EC 35 -27.23 -53.73 1.29
CA ALA EC 35 -27.26 -53.63 2.74
C ALA EC 35 -28.16 -52.48 3.21
N ILE EC 36 -28.28 -51.43 2.39
CA ILE EC 36 -29.15 -50.32 2.76
C ILE EC 36 -30.62 -50.76 2.77
N LEU EC 37 -31.05 -51.44 1.70
CA LEU EC 37 -32.47 -51.78 1.55
C LEU EC 37 -32.92 -52.80 2.58
N LEU EC 38 -32.05 -53.73 2.97
CA LEU EC 38 -32.42 -54.73 3.96
C LEU EC 38 -32.54 -54.12 5.36
N PHE EC 39 -31.62 -53.23 5.71
CA PHE EC 39 -31.54 -52.73 7.08
C PHE EC 39 -32.71 -51.78 7.35
N ALA EC 40 -33.07 -50.96 6.36
CA ALA EC 40 -34.19 -50.03 6.51
C ALA EC 40 -35.49 -50.79 6.73
N VAL EC 41 -35.60 -52.00 6.16
CA VAL EC 41 -36.72 -52.87 6.44
C VAL EC 41 -36.65 -53.37 7.89
N PHE EC 42 -35.45 -53.76 8.33
CA PHE EC 42 -35.32 -54.41 9.64
C PHE EC 42 -35.45 -53.40 10.77
N LEU EC 43 -35.12 -52.13 10.51
CA LEU EC 43 -35.46 -51.07 11.46
C LEU EC 43 -36.97 -50.96 11.61
N LEU EC 44 -37.70 -51.13 10.51
CA LEU EC 44 -39.14 -51.00 10.54
C LEU EC 44 -39.79 -52.24 11.16
N ILE EC 45 -39.11 -53.40 11.09
CA ILE EC 45 -39.63 -54.60 11.72
C ILE EC 45 -39.65 -54.44 13.24
N ILE EC 46 -38.54 -53.96 13.82
CA ILE EC 46 -38.51 -53.73 15.25
C ILE EC 46 -39.32 -52.50 15.61
N LEU EC 47 -39.56 -51.61 14.64
CA LEU EC 47 -40.44 -50.47 14.87
C LEU EC 47 -41.89 -50.90 15.07
N GLU EC 48 -42.38 -51.77 14.19
CA GLU EC 48 -43.79 -52.15 14.24
C GLU EC 48 -44.11 -53.01 15.46
N ILE EC 49 -43.20 -53.92 15.84
CA ILE EC 49 -43.43 -54.77 17.01
C ILE EC 49 -43.51 -53.92 18.27
N TYR EC 50 -42.61 -52.95 18.40
CA TYR EC 50 -42.60 -52.09 19.58
C TYR EC 50 -43.73 -51.09 19.56
N ASN EC 51 -44.21 -50.74 18.36
CA ASN EC 51 -45.44 -50.01 18.18
C ASN EC 51 -46.67 -50.89 18.34
N SER EC 52 -46.47 -52.19 18.52
CA SER EC 52 -47.50 -53.24 18.55
C SER EC 52 -48.23 -53.34 17.21
N SER EC 53 -47.60 -52.86 16.14
CA SER EC 53 -48.13 -52.96 14.79
C SER EC 53 -47.76 -54.26 14.10
N LEU EC 54 -46.86 -55.04 14.70
CA LEU EC 54 -46.46 -56.35 14.16
C LEU EC 54 -46.53 -57.36 15.31
N ILE EC 55 -47.39 -58.36 15.15
CA ILE EC 55 -47.65 -59.33 16.21
C ILE EC 55 -46.97 -60.63 15.85
N LEU EC 56 -46.19 -61.18 16.79
CA LEU EC 56 -45.52 -62.46 16.62
C LEU EC 56 -46.01 -63.45 17.66
N ASP EC 57 -45.69 -64.73 17.42
CA ASP EC 57 -46.06 -65.77 18.36
C ASP EC 57 -45.14 -65.78 19.57
N GLY EC 58 -43.89 -65.38 19.39
CA GLY EC 58 -42.91 -65.43 20.45
C GLY EC 58 -42.65 -64.13 21.18
N VAL EC 59 -43.33 -63.06 20.79
CA VAL EC 59 -43.15 -61.75 21.42
C VAL EC 59 -44.39 -61.42 22.25
N THR EC 60 -44.20 -61.29 23.56
CA THR EC 60 -45.29 -60.91 24.44
C THR EC 60 -45.63 -59.43 24.32
N ASN EC 61 -44.61 -58.57 24.17
CA ASN EC 61 -44.75 -57.12 24.03
C ASN EC 61 -45.49 -56.54 25.24
N SER EC 62 -45.04 -56.93 26.43
CA SER EC 62 -45.61 -56.43 27.67
C SER EC 62 -44.62 -56.64 28.81
N TRP EC 63 -44.89 -55.98 29.93
CA TRP EC 63 -44.04 -56.04 31.12
C TRP EC 63 -43.91 -57.44 31.70
N GLU EC 64 -44.81 -58.37 31.37
CA GLU EC 64 -44.70 -59.72 31.89
C GLU EC 64 -43.53 -60.50 31.26
N SER EC 65 -42.85 -59.91 30.27
CA SER EC 65 -41.75 -60.60 29.61
C SER EC 65 -40.54 -60.78 30.52
N LEU EC 66 -40.44 -60.02 31.61
CA LEU EC 66 -39.31 -60.18 32.53
C LEU EC 66 -39.35 -61.52 33.26
N ALA EC 67 -40.50 -62.16 33.35
CA ALA EC 67 -40.63 -63.44 34.03
C ALA EC 67 -40.31 -64.60 33.09
N MET FC 1 -52.99 18.94 45.57
CA MET FC 1 -54.22 18.72 44.83
C MET FC 1 -54.38 19.77 43.73
N LEU FC 2 -54.94 20.92 44.09
CA LEU FC 2 -55.03 22.02 43.13
C LEU FC 2 -53.65 22.52 42.74
N THR FC 3 -52.73 22.55 43.70
CA THR FC 3 -51.37 23.05 43.46
C THR FC 3 -50.67 22.21 42.40
N LEU FC 4 -50.80 20.88 42.47
CA LEU FC 4 -50.26 20.02 41.43
C LEU FC 4 -51.00 20.22 40.12
N LYS FC 5 -52.31 20.48 40.19
CA LYS FC 5 -53.09 20.71 38.98
C LYS FC 5 -52.69 22.01 38.29
N ILE FC 6 -52.43 23.06 39.08
CA ILE FC 6 -51.99 24.33 38.51
C ILE FC 6 -50.65 24.17 37.81
N PHE FC 7 -49.73 23.43 38.45
CA PHE FC 7 -48.41 23.20 37.85
C PHE FC 7 -48.52 22.36 36.58
N VAL FC 8 -49.32 21.30 36.61
CA VAL FC 8 -49.47 20.45 35.44
C VAL FC 8 -50.10 21.23 34.29
N TYR FC 9 -51.13 22.03 34.60
CA TYR FC 9 -51.81 22.81 33.57
C TYR FC 9 -50.85 23.79 32.89
N THR FC 10 -49.93 24.37 33.67
CA THR FC 10 -48.94 25.27 33.08
C THR FC 10 -47.94 24.52 32.22
N VAL FC 11 -47.48 23.36 32.69
CA VAL FC 11 -46.47 22.61 31.94
C VAL FC 11 -47.05 22.05 30.65
N VAL FC 12 -48.27 21.50 30.71
CA VAL FC 12 -48.88 20.93 29.52
C VAL FC 12 -49.20 22.02 28.50
N THR FC 13 -49.51 23.23 28.96
CA THR FC 13 -49.84 24.30 28.03
C THR FC 13 -48.57 24.93 27.45
N PHE FC 14 -47.51 25.01 28.25
CA PHE FC 14 -46.23 25.50 27.75
C PHE FC 14 -45.66 24.57 26.69
N PHE FC 15 -45.79 23.26 26.90
CA PHE FC 15 -45.23 22.31 25.95
C PHE FC 15 -46.09 22.20 24.70
N VAL FC 16 -47.41 22.25 24.86
CA VAL FC 16 -48.29 22.31 23.70
C VAL FC 16 -48.13 23.65 22.98
N GLY FC 17 -47.94 24.72 23.75
CA GLY FC 17 -47.69 26.02 23.15
C GLY FC 17 -46.43 26.05 22.29
N LEU FC 18 -45.40 25.32 22.74
CA LEU FC 18 -44.20 25.17 21.91
C LEU FC 18 -44.51 24.34 20.67
N PHE FC 19 -45.44 23.39 20.78
CA PHE FC 19 -45.79 22.54 19.64
C PHE FC 19 -46.60 23.31 18.61
N ILE FC 20 -47.59 24.08 19.05
CA ILE FC 20 -48.52 24.73 18.11
C ILE FC 20 -47.80 25.84 17.35
N PHE FC 21 -46.85 26.51 18.00
CA PHE FC 21 -46.11 27.55 17.31
C PHE FC 21 -44.80 27.05 16.73
N GLY FC 22 -44.42 25.80 17.03
CA GLY FC 22 -43.25 25.23 16.39
C GLY FC 22 -43.52 24.81 14.96
N PHE FC 23 -44.74 24.35 14.67
CA PHE FC 23 -45.08 23.94 13.31
C PHE FC 23 -45.57 25.10 12.46
N LEU FC 24 -45.63 26.30 13.03
CA LEU FC 24 -45.86 27.50 12.23
C LEU FC 24 -44.57 28.12 11.73
N SER FC 25 -43.43 27.51 12.05
CA SER FC 25 -42.11 28.07 11.77
C SER FC 25 -41.61 27.71 10.36
N ASN FC 26 -42.50 27.90 9.37
CA ASN FC 26 -42.22 27.61 7.97
C ASN FC 26 -41.66 26.20 7.78
N ASP FC 27 -42.32 25.26 8.44
CA ASP FC 27 -41.85 23.87 8.56
C ASP FC 27 -41.68 23.14 7.24
N PRO FC 28 -42.54 23.31 6.22
CA PRO FC 28 -42.21 22.73 4.91
C PRO FC 28 -40.90 23.24 4.30
N SER FC 29 -40.41 24.41 4.70
CA SER FC 29 -39.16 24.95 4.19
C SER FC 29 -37.94 24.42 4.94
N ARG FC 30 -38.15 23.55 5.93
CA ARG FC 30 -37.03 22.95 6.66
C ARG FC 30 -36.38 21.80 5.91
N ASN FC 31 -36.88 21.46 4.73
CA ASN FC 31 -36.27 20.43 3.91
C ASN FC 31 -34.90 20.89 3.40
N PRO FC 32 -33.99 19.96 3.14
CA PRO FC 32 -32.65 20.34 2.65
C PRO FC 32 -32.51 20.32 1.13
N GLY FC 33 -33.57 19.99 0.40
CA GLY FC 33 -33.50 19.86 -1.04
C GLY FC 33 -33.80 21.17 -1.76
N LYS FC 34 -34.09 21.03 -3.05
CA LYS FC 34 -34.43 22.16 -3.91
C LYS FC 34 -35.91 22.45 -3.70
N GLY FC 35 -36.22 23.69 -3.36
CA GLY FC 35 -37.60 24.10 -3.12
C GLY FC 35 -37.89 24.25 -1.65
N ILE GC 1 -54.44 -19.21 -31.45
CA ILE GC 1 -53.45 -18.36 -30.82
C ILE GC 1 -53.96 -16.93 -30.75
N GLY GC 2 -54.44 -16.54 -29.57
CA GLY GC 2 -54.88 -15.17 -29.36
C GLY GC 2 -56.24 -14.83 -29.91
N ARG GC 3 -57.07 -15.84 -30.23
CA ARG GC 3 -58.41 -15.55 -30.73
C ARG GC 3 -59.29 -15.01 -29.62
N ILE GC 4 -59.29 -15.64 -28.46
CA ILE GC 4 -60.03 -15.18 -27.29
C ILE GC 4 -59.10 -14.31 -26.46
N PRO GC 5 -59.54 -13.13 -26.02
CA PRO GC 5 -58.66 -12.27 -25.21
C PRO GC 5 -58.35 -12.90 -23.87
N LEU GC 6 -57.15 -12.60 -23.35
CA LEU GC 6 -56.74 -13.16 -22.07
C LEU GC 6 -57.52 -12.52 -20.92
N TRP GC 7 -57.88 -11.24 -21.06
CA TRP GC 7 -58.69 -10.59 -20.05
C TRP GC 7 -60.09 -11.16 -20.00
N LEU GC 8 -60.66 -11.49 -21.16
CA LEU GC 8 -62.00 -12.04 -21.20
C LEU GC 8 -62.01 -13.46 -20.64
N VAL GC 9 -60.91 -14.19 -20.82
CA VAL GC 9 -60.76 -15.49 -20.17
C VAL GC 9 -60.78 -15.31 -18.65
N GLY GC 10 -60.00 -14.35 -18.16
CA GLY GC 10 -60.00 -14.07 -16.73
C GLY GC 10 -61.33 -13.49 -16.25
N THR GC 11 -61.98 -12.69 -17.09
CA THR GC 11 -63.28 -12.13 -16.74
C THR GC 11 -64.33 -13.24 -16.58
N VAL GC 12 -64.34 -14.20 -17.50
CA VAL GC 12 -65.27 -15.32 -17.39
C VAL GC 12 -64.87 -16.23 -16.24
N VAL GC 13 -63.56 -16.50 -16.10
CA VAL GC 13 -63.08 -17.29 -14.96
C VAL GC 13 -63.34 -16.56 -13.65
N GLY GC 14 -63.19 -15.23 -13.65
CA GLY GC 14 -63.50 -14.46 -12.45
C GLY GC 14 -64.96 -14.54 -12.07
N LEU GC 15 -65.86 -14.57 -13.07
CA LEU GC 15 -67.28 -14.76 -12.78
C LEU GC 15 -67.55 -16.14 -12.24
N LEU GC 16 -66.89 -17.16 -12.79
CA LEU GC 16 -66.96 -18.49 -12.21
C LEU GC 16 -66.36 -18.52 -10.82
N ALA GC 17 -65.27 -17.77 -10.62
CA ALA GC 17 -64.64 -17.71 -9.30
C ALA GC 17 -65.56 -17.02 -8.28
N ILE GC 18 -66.15 -15.89 -8.67
CA ILE GC 18 -67.07 -15.20 -7.76
C ILE GC 18 -68.36 -16.01 -7.61
N GLY GC 19 -68.84 -16.60 -8.70
CA GLY GC 19 -70.07 -17.37 -8.65
C GLY GC 19 -69.96 -18.61 -7.77
N LEU GC 20 -68.82 -19.30 -7.85
CA LEU GC 20 -68.62 -20.46 -6.98
C LEU GC 20 -68.34 -20.03 -5.55
N LEU GC 21 -67.76 -18.85 -5.34
CA LEU GC 21 -67.51 -18.38 -3.98
C LEU GC 21 -68.82 -17.99 -3.29
N ALA GC 22 -69.79 -17.48 -4.07
CA ALA GC 22 -71.08 -17.09 -3.48
C ALA GC 22 -71.90 -18.31 -3.07
N ILE GC 23 -71.98 -19.31 -3.96
CA ILE GC 23 -72.82 -20.49 -3.70
C ILE GC 23 -72.25 -21.33 -2.56
N PHE GC 24 -70.97 -21.14 -2.23
CA PHE GC 24 -70.41 -21.75 -1.03
C PHE GC 24 -71.12 -21.25 0.21
N PHE GC 25 -71.45 -19.96 0.24
CA PHE GC 25 -71.91 -19.35 1.48
C PHE GC 25 -73.43 -19.44 1.62
N TYR GC 26 -74.17 -19.54 0.51
CA TYR GC 26 -75.62 -19.77 0.61
C TYR GC 26 -75.94 -21.05 1.36
N GLY GC 27 -75.11 -22.09 1.18
CA GLY GC 27 -75.32 -23.35 1.87
C GLY GC 27 -75.06 -23.30 3.37
N SER GC 28 -74.56 -22.18 3.88
CA SER GC 28 -74.41 -22.02 5.32
C SER GC 28 -75.73 -21.74 6.01
N TYR GC 29 -76.75 -21.28 5.29
CA TYR GC 29 -78.05 -21.00 5.85
C TYR GC 29 -79.14 -21.97 5.41
N VAL GC 30 -78.83 -22.89 4.49
CA VAL GC 30 -79.79 -23.89 4.05
C VAL GC 30 -79.12 -25.26 4.07
N GLY GC 31 -79.93 -26.28 4.28
CA GLY GC 31 -79.42 -27.63 4.30
C GLY GC 31 -78.63 -27.96 5.56
N LEU GC 32 -77.64 -28.83 5.39
CA LEU GC 32 -76.82 -29.30 6.50
C LEU GC 32 -75.93 -28.20 7.04
N GLY GC 33 -75.71 -28.23 8.36
CA GLY GC 33 -74.85 -27.26 9.01
C GLY GC 33 -75.34 -25.84 8.96
N SER GC 34 -76.63 -25.61 9.15
CA SER GC 34 -77.22 -24.27 9.04
C SER GC 34 -77.92 -23.80 10.30
N SER GC 35 -77.68 -24.46 11.45
CA SER GC 35 -78.24 -24.08 12.75
C SER GC 35 -79.76 -24.02 12.74
N LEU GC 36 -80.39 -24.94 12.03
CA LEU GC 36 -81.85 -25.01 11.99
C LEU GC 36 -82.31 -26.45 11.82
N LYS HC 1 -92.32 -4.89 4.31
CA LYS HC 1 -92.70 -5.34 2.98
C LYS HC 1 -92.85 -4.15 2.04
N LEU HC 2 -92.39 -4.32 0.80
CA LEU HC 2 -92.58 -3.32 -0.23
C LEU HC 2 -94.08 -3.13 -0.49
N PRO HC 3 -94.48 -1.93 -0.94
CA PRO HC 3 -95.92 -1.70 -1.18
C PRO HC 3 -96.45 -2.56 -2.32
N GLU HC 4 -97.77 -2.72 -2.34
CA GLU HC 4 -98.43 -3.58 -3.31
C GLU HC 4 -98.17 -3.11 -4.74
N ALA HC 5 -97.96 -1.80 -4.93
CA ALA HC 5 -97.59 -1.30 -6.25
C ALA HC 5 -96.24 -1.83 -6.71
N TYR HC 6 -95.26 -1.89 -5.80
CA TYR HC 6 -93.94 -2.41 -6.15
C TYR HC 6 -93.71 -3.83 -5.65
N ALA HC 7 -94.74 -4.48 -5.10
CA ALA HC 7 -94.58 -5.84 -4.60
C ALA HC 7 -94.17 -6.87 -5.66
N PRO HC 8 -94.75 -6.90 -6.88
CA PRO HC 8 -94.21 -7.84 -7.88
C PRO HC 8 -92.80 -7.52 -8.33
N PHE HC 9 -92.33 -6.29 -8.12
CA PHE HC 9 -90.97 -5.90 -8.48
C PHE HC 9 -89.97 -6.12 -7.36
N SER HC 10 -90.41 -6.73 -6.25
CA SER HC 10 -89.48 -7.11 -5.19
C SER HC 10 -88.36 -8.06 -5.64
N PRO HC 11 -88.59 -9.08 -6.50
CA PRO HC 11 -87.44 -9.90 -6.92
C PRO HC 11 -86.36 -9.15 -7.70
N ILE HC 12 -86.71 -8.13 -8.48
CA ILE HC 12 -85.67 -7.36 -9.16
C ILE HC 12 -85.01 -6.36 -8.22
N VAL HC 13 -85.62 -6.11 -7.06
CA VAL HC 13 -85.04 -5.20 -6.08
C VAL HC 13 -83.78 -5.79 -5.45
N ASP HC 14 -83.83 -7.08 -5.08
CA ASP HC 14 -82.90 -7.63 -4.10
C ASP HC 14 -81.54 -8.00 -4.68
N VAL HC 15 -81.09 -7.40 -5.78
CA VAL HC 15 -79.80 -7.75 -6.34
C VAL HC 15 -78.83 -6.57 -6.29
N LEU HC 16 -79.37 -5.35 -6.33
CA LEU HC 16 -78.60 -4.13 -6.60
C LEU HC 16 -77.55 -3.61 -5.60
N PRO HC 17 -77.53 -3.94 -4.30
CA PRO HC 17 -76.46 -3.38 -3.44
C PRO HC 17 -75.06 -3.81 -3.84
N ILE HC 18 -74.91 -4.98 -4.47
CA ILE HC 18 -73.60 -5.46 -4.89
C ILE HC 18 -73.11 -4.80 -6.16
N ILE HC 19 -73.93 -3.96 -6.79
CA ILE HC 19 -73.50 -3.27 -8.02
C ILE HC 19 -72.23 -2.46 -7.81
N PRO HC 20 -72.07 -1.65 -6.74
CA PRO HC 20 -70.73 -1.08 -6.49
C PRO HC 20 -69.64 -2.11 -6.24
N VAL HC 21 -69.98 -3.22 -5.58
CA VAL HC 21 -68.97 -4.27 -5.35
C VAL HC 21 -68.62 -4.93 -6.68
N LEU HC 22 -69.61 -5.09 -7.55
CA LEU HC 22 -69.33 -5.52 -8.92
C LEU HC 22 -68.57 -4.44 -9.68
N PHE HC 23 -68.78 -3.18 -9.31
CA PHE HC 23 -68.24 -2.06 -10.06
C PHE HC 23 -66.73 -1.91 -9.91
N ILE HC 24 -66.23 -1.99 -8.67
CA ILE HC 24 -64.78 -1.87 -8.45
C ILE HC 24 -64.06 -3.04 -9.14
N LEU HC 25 -64.70 -4.19 -9.18
CA LEU HC 25 -64.18 -5.31 -9.95
C LEU HC 25 -64.42 -5.13 -11.44
N LEU HC 26 -65.38 -4.29 -11.82
CA LEU HC 26 -65.62 -4.01 -13.24
C LEU HC 26 -64.52 -3.13 -13.83
N ALA HC 27 -64.04 -2.14 -13.06
CA ALA HC 27 -62.93 -1.31 -13.51
C ALA HC 27 -61.67 -2.14 -13.71
N PHE HC 28 -61.52 -3.21 -12.94
CA PHE HC 28 -60.43 -4.15 -13.14
C PHE HC 28 -60.56 -4.88 -14.48
N VAL HC 29 -61.80 -5.21 -14.88
CA VAL HC 29 -62.02 -5.89 -16.15
C VAL HC 29 -61.60 -5.01 -17.31
N TRP HC 30 -61.97 -3.73 -17.25
CA TRP HC 30 -61.49 -2.76 -18.22
C TRP HC 30 -59.97 -2.59 -18.11
N GLN HC 31 -59.44 -2.56 -16.88
CA GLN HC 31 -58.01 -2.47 -16.69
C GLN HC 31 -57.30 -3.69 -17.27
N ALA HC 32 -57.87 -4.88 -17.06
CA ALA HC 32 -57.34 -6.07 -17.71
C ALA HC 32 -57.52 -5.99 -19.22
N SER HC 33 -58.57 -5.31 -19.68
CA SER HC 33 -58.80 -5.18 -21.11
C SER HC 33 -57.80 -4.24 -21.77
N VAL HC 34 -57.28 -3.25 -21.03
CA VAL HC 34 -56.32 -2.32 -21.59
C VAL HC 34 -54.91 -2.73 -21.21
N SER HC 35 -54.76 -4.00 -20.80
CA SER HC 35 -53.48 -4.57 -20.37
C SER HC 35 -52.87 -3.81 -19.20
N PHE HC 36 -53.73 -3.35 -18.29
CA PHE HC 36 -53.34 -2.64 -17.07
C PHE HC 36 -52.47 -1.42 -17.39
N ARG HC 37 -52.92 -0.68 -18.41
CA ARG HC 37 -52.22 0.48 -18.93
C ARG HC 37 -52.10 1.61 -17.90
N VAL IC 1 -36.67 -22.37 46.67
CA VAL IC 1 -35.35 -21.94 46.24
C VAL IC 1 -35.18 -20.46 46.53
N ASN IC 2 -34.45 -20.15 47.60
CA ASN IC 2 -34.24 -18.77 48.03
C ASN IC 2 -32.80 -18.32 47.95
N ILE IC 3 -31.87 -19.13 48.46
CA ILE IC 3 -30.45 -18.78 48.51
C ILE IC 3 -29.73 -19.53 47.39
N LEU IC 4 -30.33 -20.65 46.96
CA LEU IC 4 -29.77 -21.39 45.84
C LEU IC 4 -29.98 -20.65 44.52
N GLY IC 5 -30.99 -19.77 44.49
CA GLY IC 5 -31.21 -18.98 43.29
C GLY IC 5 -30.18 -17.89 43.10
N LEU IC 6 -29.49 -17.50 44.17
CA LEU IC 6 -28.46 -16.47 44.06
C LEU IC 6 -27.21 -17.04 43.40
N THR IC 7 -26.78 -18.23 43.79
CA THR IC 7 -25.59 -18.82 43.18
C THR IC 7 -25.88 -19.33 41.78
N ALA IC 8 -27.12 -19.70 41.49
CA ALA IC 8 -27.46 -20.15 40.15
C ALA IC 8 -27.52 -18.98 39.17
N THR IC 9 -28.11 -17.86 39.61
CA THR IC 9 -28.18 -16.69 38.73
C THR IC 9 -26.80 -16.08 38.51
N ALA IC 10 -26.05 -15.84 39.59
CA ALA IC 10 -24.78 -15.10 39.48
C ALA IC 10 -23.76 -15.86 38.66
N LEU IC 11 -23.74 -17.20 38.78
CA LEU IC 11 -22.83 -17.98 37.95
C LEU IC 11 -23.28 -17.98 36.50
N PHE IC 12 -24.57 -17.75 36.26
CA PHE IC 12 -25.04 -17.52 34.90
C PHE IC 12 -24.85 -16.06 34.52
N ILE IC 13 -24.51 -15.20 35.49
CA ILE IC 13 -24.23 -13.80 35.18
C ILE IC 13 -22.76 -13.59 34.86
N ILE IC 14 -21.89 -13.87 35.84
CA ILE IC 14 -20.48 -13.48 35.73
C ILE IC 14 -19.77 -14.31 34.65
N ILE IC 15 -19.97 -15.63 34.66
CA ILE IC 15 -19.22 -16.50 33.74
C ILE IC 15 -19.46 -16.16 32.26
N PRO IC 16 -20.70 -15.96 31.78
CA PRO IC 16 -20.83 -15.58 30.37
C PRO IC 16 -20.50 -14.12 30.11
N THR IC 17 -20.82 -13.20 31.03
CA THR IC 17 -20.48 -11.80 30.81
C THR IC 17 -18.98 -11.59 30.81
N SER IC 18 -18.25 -12.43 31.55
CA SER IC 18 -16.79 -12.36 31.50
C SER IC 18 -16.27 -12.70 30.12
N PHE IC 19 -16.81 -13.76 29.50
CA PHE IC 19 -16.25 -14.32 28.27
C PHE IC 19 -16.17 -13.29 27.16
N LEU IC 20 -17.16 -12.40 27.07
CA LEU IC 20 -17.10 -11.34 26.08
C LEU IC 20 -16.04 -10.31 26.44
N LEU IC 21 -15.79 -10.12 27.74
CA LEU IC 21 -14.78 -9.14 28.16
C LEU IC 21 -13.37 -9.62 27.84
N ILE IC 22 -13.12 -10.93 27.88
CA ILE IC 22 -11.85 -11.45 27.37
C ILE IC 22 -11.66 -11.08 25.91
N LEU IC 23 -12.67 -11.33 25.09
CA LEU IC 23 -12.48 -11.25 23.66
C LEU IC 23 -12.62 -9.82 23.14
N TYR IC 24 -13.34 -8.96 23.89
CA TYR IC 24 -13.53 -7.59 23.43
C TYR IC 24 -12.31 -6.72 23.71
N VAL IC 25 -11.81 -6.76 24.94
CA VAL IC 25 -10.64 -5.96 25.31
C VAL IC 25 -9.43 -6.41 24.51
N LYS IC 26 -9.35 -7.71 24.22
CA LYS IC 26 -8.36 -8.21 23.29
C LYS IC 26 -8.57 -7.65 21.89
N THR IC 27 -9.83 -7.48 21.47
CA THR IC 27 -10.11 -6.89 20.16
C THR IC 27 -9.76 -5.40 20.12
N ALA IC 28 -10.22 -4.65 21.12
CA ALA IC 28 -10.02 -3.20 21.11
C ALA IC 28 -8.58 -2.81 21.40
N ALA IC 29 -7.77 -3.73 21.93
CA ALA IC 29 -6.36 -3.44 22.13
C ALA IC 29 -5.63 -3.28 20.80
N SER IC 30 -5.92 -4.17 19.84
CA SER IC 30 -5.36 -4.08 18.50
C SER IC 30 -6.24 -3.14 17.66
N GLU IC 31 -6.12 -1.85 17.99
CA GLU IC 31 -6.86 -0.75 17.34
C GLU IC 31 -8.37 -0.96 17.38
N LEU JC 1 -76.27 23.01 54.37
CA LEU JC 1 -77.29 22.74 53.37
C LEU JC 1 -78.48 22.01 54.00
N THR JC 2 -79.68 22.37 53.58
CA THR JC 2 -80.90 21.76 54.12
C THR JC 2 -81.54 20.85 53.07
N TYR JC 3 -82.64 20.21 53.48
CA TYR JC 3 -83.36 19.32 52.58
C TYR JC 3 -84.11 20.10 51.50
N ASP JC 4 -84.40 21.38 51.76
CA ASP JC 4 -85.22 22.17 50.85
C ASP JC 4 -84.52 22.41 49.51
N GLU JC 5 -83.29 22.90 49.55
CA GLU JC 5 -82.58 23.20 48.31
C GLU JC 5 -81.91 21.98 47.70
N LEU JC 6 -81.82 20.87 48.43
CA LEU JC 6 -81.25 19.65 47.85
C LEU JC 6 -82.21 19.02 46.84
N GLN JC 7 -83.51 19.02 47.15
CA GLN JC 7 -84.48 18.50 46.21
C GLN JC 7 -84.74 19.48 45.05
N GLY JC 8 -84.38 20.75 45.23
CA GLY JC 8 -84.52 21.74 44.18
C GLY JC 8 -83.45 21.68 43.11
N LEU JC 9 -82.39 20.92 43.35
CA LEU JC 9 -81.31 20.74 42.39
C LEU JC 9 -81.43 19.35 41.78
N THR JC 10 -81.49 19.29 40.46
CA THR JC 10 -81.75 18.06 39.73
C THR JC 10 -80.57 17.09 39.84
N TYR JC 11 -80.79 15.88 39.33
CA TYR JC 11 -79.74 14.87 39.26
C TYR JC 11 -78.56 15.34 38.42
N LEU JC 12 -78.83 16.15 37.38
CA LEU JC 12 -77.75 16.69 36.57
C LEU JC 12 -76.89 17.68 37.36
N GLN JC 13 -77.51 18.47 38.23
CA GLN JC 13 -76.75 19.36 39.10
C GLN JC 13 -75.96 18.61 40.16
N VAL JC 14 -76.53 17.55 40.73
CA VAL JC 14 -75.88 16.83 41.82
C VAL JC 14 -74.82 15.86 41.30
N LYS JC 15 -74.89 15.44 40.05
CA LYS JC 15 -73.94 14.49 39.49
C LYS JC 15 -72.53 15.07 39.48
N GLY JC 16 -71.62 14.41 40.20
CA GLY JC 16 -70.21 14.74 40.18
C GLY JC 16 -69.75 15.82 41.14
N THR JC 17 -70.63 16.37 41.98
CA THR JC 17 -70.22 17.42 42.90
C THR JC 17 -70.06 16.96 44.33
N GLY JC 18 -70.34 15.69 44.63
CA GLY JC 18 -70.12 15.14 45.95
C GLY JC 18 -71.20 15.39 46.97
N ILE JC 19 -72.25 16.15 46.62
CA ILE JC 19 -73.32 16.44 47.55
C ILE JC 19 -74.15 15.19 47.85
N ALA JC 20 -74.25 14.27 46.88
CA ALA JC 20 -75.07 13.07 47.01
C ALA JC 20 -74.61 12.13 48.12
N ASN JC 21 -73.39 12.30 48.64
CA ASN JC 21 -72.93 11.52 49.78
C ASN JC 21 -73.12 12.26 51.10
N THR JC 22 -73.59 13.51 51.06
CA THR JC 22 -73.58 14.39 52.21
C THR JC 22 -74.99 14.54 52.78
N CYS JC 23 -75.11 14.37 54.09
CA CYS JC 23 -76.37 14.60 54.78
C CYS JC 23 -76.70 16.09 54.77
N PRO JC 24 -77.98 16.44 54.71
CA PRO JC 24 -78.36 17.84 54.94
C PRO JC 24 -78.11 18.24 56.38
N VAL JC 25 -77.81 19.52 56.57
CA VAL JC 25 -77.53 20.08 57.89
C VAL JC 25 -78.66 21.02 58.26
N VAL JC 26 -79.25 20.81 59.44
CA VAL JC 26 -80.41 21.59 59.88
C VAL JC 26 -79.92 22.98 60.25
N GLU JC 27 -80.12 23.94 59.35
CA GLU JC 27 -79.72 25.33 59.60
C GLU JC 27 -80.69 26.04 60.55
N GLN JC 28 -81.98 25.77 60.44
CA GLN JC 28 -82.98 26.44 61.25
C GLN JC 28 -83.33 25.59 62.47
N GLY JC 29 -84.34 26.03 63.23
CA GLY JC 29 -84.70 25.36 64.47
C GLY JC 29 -83.91 25.92 65.63
N THR JC 30 -83.94 25.18 66.74
CA THR JC 30 -83.20 25.54 67.94
C THR JC 30 -82.48 24.32 68.49
N SER JC 31 -81.37 24.59 69.20
CA SER JC 31 -80.57 23.56 69.83
C SER JC 31 -81.00 23.28 71.26
N ASN JC 32 -82.16 23.80 71.68
CA ASN JC 32 -82.62 23.61 73.05
C ASN JC 32 -83.14 22.21 73.30
N VAL JC 33 -83.40 21.44 72.24
CA VAL JC 33 -83.69 20.00 72.26
C VAL JC 33 -85.03 19.65 72.94
N ARG JC 34 -85.28 20.19 74.14
CA ARG JC 34 -86.42 19.75 74.94
C ARG JC 34 -87.76 20.14 74.31
N GLU JC 35 -87.80 21.14 73.43
CA GLU JC 35 -89.04 21.64 72.87
C GLU JC 35 -89.74 20.66 71.93
N LEU JC 36 -89.08 19.58 71.50
CA LEU JC 36 -89.70 18.65 70.58
C LEU JC 36 -90.82 17.88 71.28
N LYS JC 37 -91.88 17.61 70.54
CA LYS JC 37 -93.09 16.99 71.11
C LYS JC 37 -92.88 15.50 71.35
N PRO JC 38 -93.07 15.01 72.57
CA PRO JC 38 -92.95 13.57 72.82
C PRO JC 38 -94.14 12.80 72.26
N GLY JC 39 -93.93 11.51 72.07
CA GLY JC 39 -94.96 10.62 71.58
C GLY JC 39 -94.38 9.58 70.63
N ASP JC 40 -95.26 8.91 69.90
CA ASP JC 40 -94.88 7.88 68.96
C ASP JC 40 -94.47 8.58 67.66
N TYR JC 41 -93.27 8.27 67.19
CA TYR JC 41 -92.77 8.83 65.95
C TYR JC 41 -92.19 7.70 65.10
N LYS JC 42 -92.22 7.92 63.79
CA LYS JC 42 -91.73 6.96 62.80
C LYS JC 42 -90.74 7.71 61.92
N LEU JC 43 -89.45 7.57 62.23
CA LEU JC 43 -88.44 8.26 61.43
C LEU JC 43 -88.26 7.56 60.10
N GLU JC 44 -87.99 8.35 59.07
CA GLU JC 44 -87.74 7.85 57.73
C GLU JC 44 -86.70 8.79 57.10
N LYS JC 45 -86.07 8.31 56.03
CA LYS JC 45 -84.97 9.03 55.36
C LYS JC 45 -83.83 9.31 56.34
N PHE JC 46 -83.52 8.33 57.18
CA PHE JC 46 -82.48 8.49 58.18
C PHE JC 46 -81.11 8.44 57.50
N CYS JC 47 -80.27 9.42 57.77
CA CYS JC 47 -79.02 9.62 57.04
C CYS JC 47 -77.87 9.85 58.00
N MET JC 48 -76.74 9.20 57.72
CA MET JC 48 -75.54 9.29 58.55
C MET JC 48 -74.31 9.51 57.67
N GLU JC 49 -73.47 10.50 58.03
CA GLU JC 49 -72.23 10.76 57.30
C GLU JC 49 -71.06 10.96 58.25
N PRO JC 50 -70.00 10.16 58.11
CA PRO JC 50 -68.84 10.30 58.99
C PRO JC 50 -68.00 11.52 58.64
N THR JC 51 -67.17 11.94 59.60
CA THR JC 51 -66.23 13.04 59.39
C THR JC 51 -64.78 12.68 59.68
N SER JC 52 -64.52 11.53 60.30
CA SER JC 52 -63.15 11.07 60.55
C SER JC 52 -63.20 9.58 60.85
N PHE JC 53 -62.20 8.86 60.34
CA PHE JC 53 -62.07 7.44 60.57
C PHE JC 53 -60.77 7.18 61.31
N THR JC 54 -60.87 6.65 62.53
CA THR JC 54 -59.71 6.31 63.33
C THR JC 54 -59.79 4.83 63.69
N VAL JC 55 -58.65 4.15 63.61
CA VAL JC 55 -58.56 2.71 63.80
C VAL JC 55 -57.58 2.43 64.94
N LYS JC 56 -57.98 1.56 65.86
CA LYS JC 56 -57.12 1.17 66.96
C LYS JC 56 -55.91 0.39 66.45
N GLU JC 57 -54.75 0.63 67.06
CA GLU JC 57 -53.52 -0.05 66.69
C GLU JC 57 -52.80 -0.50 67.96
N GLU JC 58 -51.84 -1.40 67.80
CA GLU JC 58 -51.04 -1.89 68.92
C GLU JC 58 -49.61 -1.39 68.72
N ASP JC 59 -49.24 -0.37 69.49
CA ASP JC 59 -47.90 0.21 69.45
C ASP JC 59 -46.96 -0.72 70.20
N ALA JC 60 -45.70 -0.78 69.74
CA ALA JC 60 -44.72 -1.69 70.33
C ALA JC 60 -44.38 -1.34 71.78
N LYS JC 61 -44.62 -0.11 72.23
CA LYS JC 61 -44.32 0.26 73.59
C LYS JC 61 -45.48 0.01 74.56
N GLY JC 62 -46.61 -0.48 74.06
CA GLY JC 62 -47.76 -0.79 74.89
C GLY JC 62 -48.84 0.27 74.94
N ARG JC 63 -48.55 1.47 74.45
CA ARG JC 63 -49.55 2.53 74.39
C ARG JC 63 -50.64 2.16 73.38
N GLU JC 64 -51.89 2.44 73.74
CA GLU JC 64 -53.03 2.12 72.88
C GLU JC 64 -53.86 3.38 72.66
N GLU JC 65 -54.09 3.72 71.40
CA GLU JC 65 -54.83 4.92 71.03
C GLU JC 65 -55.37 4.73 69.62
N PHE JC 66 -55.99 5.80 69.10
CA PHE JC 66 -56.52 5.81 67.74
C PHE JC 66 -55.77 6.83 66.89
N VAL JC 67 -55.29 6.38 65.74
CA VAL JC 67 -54.56 7.23 64.79
C VAL JC 67 -55.42 7.38 63.54
N LYS JC 68 -55.46 8.60 63.01
CA LYS JC 68 -56.22 8.88 61.80
C LYS JC 68 -55.64 8.12 60.61
N THR JC 69 -56.53 7.55 59.81
CA THR JC 69 -56.16 6.80 58.61
C THR JC 69 -56.49 7.63 57.39
N LYS JC 70 -56.22 7.06 56.21
CA LYS JC 70 -56.51 7.71 54.95
C LYS JC 70 -57.67 6.96 54.29
N LEU JC 71 -58.68 7.71 53.84
CA LEU JC 71 -59.85 7.11 53.21
C LEU JC 71 -59.43 6.49 51.89
N LEU JC 72 -59.36 5.17 51.85
CA LEU JC 72 -58.97 4.48 50.62
C LEU JC 72 -60.09 4.50 49.60
N THR JC 73 -61.31 4.74 50.05
CA THR JC 73 -62.47 4.83 49.17
C THR JC 73 -62.72 6.28 48.77
N ARG JC 74 -63.59 6.45 47.77
CA ARG JC 74 -64.07 7.78 47.40
C ARG JC 74 -65.36 8.03 48.20
N LEU JC 75 -66.15 9.03 47.81
CA LEU JC 75 -67.37 9.36 48.54
C LEU JC 75 -68.45 8.29 48.38
N THR JC 76 -68.28 7.16 49.05
CA THR JC 76 -69.27 6.08 49.11
C THR JC 76 -69.56 5.64 50.53
N TYR JC 77 -69.27 6.49 51.52
CA TYR JC 77 -69.33 5.97 52.92
C TYR JC 77 -70.52 6.44 53.75
N GLY JC 78 -71.54 7.04 53.14
CA GLY JC 78 -72.73 7.33 53.93
C GLY JC 78 -73.82 6.29 53.73
N LEU JC 79 -74.85 6.39 54.56
CA LEU JC 79 -75.96 5.44 54.61
C LEU JC 79 -77.26 6.21 54.64
N ASP JC 80 -77.93 6.31 53.49
CA ASP JC 80 -79.16 7.11 53.41
C ASP JC 80 -80.37 6.20 53.22
N GLY JC 81 -81.54 6.85 53.18
CA GLY JC 81 -82.79 6.18 52.86
C GLY JC 81 -83.23 5.10 53.82
N MET JC 82 -83.15 5.37 55.11
CA MET JC 82 -83.55 4.39 56.12
C MET JC 82 -84.94 4.68 56.66
N ASN JC 83 -85.49 3.69 57.34
CA ASN JC 83 -86.77 3.77 58.03
C ASN JC 83 -86.60 3.28 59.47
N GLY JC 84 -87.66 3.36 60.25
CA GLY JC 84 -87.64 2.90 61.61
C GLY JC 84 -88.69 3.61 62.43
N SER JC 85 -88.62 3.41 63.74
CA SER JC 85 -89.53 4.04 64.69
C SER JC 85 -88.75 4.45 65.93
N MET JC 86 -89.23 5.51 66.58
CA MET JC 86 -88.60 6.03 67.79
C MET JC 86 -89.63 6.80 68.58
N LYS JC 87 -89.57 6.66 69.90
CA LYS JC 87 -90.53 7.28 70.80
C LYS JC 87 -89.81 8.20 71.78
N ILE JC 88 -90.56 9.19 72.30
CA ILE JC 88 -90.05 10.13 73.28
C ILE JC 88 -91.03 10.17 74.45
N ASN JC 89 -90.51 10.07 75.66
CA ASN JC 89 -91.34 10.22 76.86
C ASN JC 89 -91.26 11.65 77.39
N ASN JC 90 -91.92 11.88 78.52
CA ASN JC 90 -91.89 13.20 79.16
C ASN JC 90 -90.54 13.44 79.82
N ASP JC 91 -90.01 12.44 80.53
CA ASP JC 91 -88.76 12.56 81.26
C ASP JC 91 -87.54 12.63 80.35
N GLY JC 92 -87.69 12.38 79.06
CA GLY JC 92 -86.59 12.38 78.13
C GLY JC 92 -86.15 11.01 77.66
N SER JC 93 -86.69 9.93 78.25
CA SER JC 93 -86.32 8.59 77.84
C SER JC 93 -86.79 8.33 76.41
N VAL JC 94 -85.88 7.81 75.58
CA VAL JC 94 -86.17 7.56 74.18
C VAL JC 94 -85.65 6.18 73.79
N GLU JC 95 -86.34 5.55 72.84
CA GLU JC 95 -85.88 4.30 72.24
C GLU JC 95 -85.78 4.53 70.74
N PHE JC 96 -84.89 3.78 70.09
CA PHE JC 96 -84.68 3.88 68.66
C PHE JC 96 -84.67 2.50 68.04
N ARG JC 97 -84.96 2.44 66.74
CA ARG JC 97 -85.05 1.19 66.00
C ARG JC 97 -84.74 1.48 64.53
N GLU JC 98 -83.87 0.68 63.94
CA GLU JC 98 -83.55 0.76 62.52
C GLU JC 98 -83.85 -0.59 61.89
N ASP JC 99 -84.60 -0.59 60.78
CA ASP JC 99 -85.05 -1.85 60.21
C ASP JC 99 -84.74 -2.03 58.72
N GLU JC 100 -84.79 -0.98 57.92
CA GLU JC 100 -84.69 -1.14 56.47
C GLU JC 100 -84.01 0.07 55.87
N GLY JC 101 -83.33 -0.13 54.74
CA GLY JC 101 -82.66 0.90 53.98
C GLY JC 101 -81.26 0.49 53.62
N LEU JC 102 -80.47 1.46 53.14
CA LEU JC 102 -79.06 1.22 52.82
C LEU JC 102 -78.33 1.12 54.16
N ASP JC 103 -78.36 -0.07 54.74
CA ASP JC 103 -77.92 -0.27 56.11
C ASP JC 103 -76.52 -0.88 56.23
N TYR JC 104 -75.72 -0.79 55.17
CA TYR JC 104 -74.32 -1.21 55.23
C TYR JC 104 -73.52 -0.31 54.31
N ALA JC 105 -72.27 -0.08 54.68
CA ALA JC 105 -71.38 0.74 53.86
C ALA JC 105 -69.97 0.14 53.93
N ALA JC 106 -69.58 -0.59 52.90
CA ALA JC 106 -68.25 -1.18 52.87
C ALA JC 106 -67.22 -0.10 52.58
N THR JC 107 -66.24 0.06 53.49
CA THR JC 107 -65.21 1.08 53.36
C THR JC 107 -63.88 0.51 53.82
N THR JC 108 -62.82 0.82 53.07
CA THR JC 108 -61.46 0.42 53.42
C THR JC 108 -60.67 1.65 53.79
N VAL JC 109 -59.85 1.54 54.82
CA VAL JC 109 -58.95 2.62 55.23
C VAL JC 109 -57.56 2.05 55.41
N LYS JC 110 -56.55 2.89 55.22
CA LYS JC 110 -55.15 2.48 55.28
C LYS JC 110 -54.48 3.14 56.47
N LEU JC 111 -53.86 2.32 57.33
CA LEU JC 111 -53.04 2.86 58.39
C LEU JC 111 -51.74 3.43 57.81
N PRO JC 112 -51.14 4.43 58.45
CA PRO JC 112 -49.83 4.90 58.00
C PRO JC 112 -48.76 3.84 58.19
N GLY JC 113 -48.25 3.29 57.08
CA GLY JC 113 -47.28 2.23 57.16
C GLY JC 113 -47.57 1.06 56.24
N GLY JC 114 -48.55 1.21 55.36
CA GLY JC 114 -48.83 0.18 54.37
C GLY JC 114 -49.61 -1.01 54.89
N GLU JC 115 -50.76 -0.77 55.53
CA GLU JC 115 -51.66 -1.83 55.96
C GLU JC 115 -53.10 -1.44 55.65
N TYR JC 116 -53.81 -2.33 54.97
CA TYR JC 116 -55.22 -2.10 54.64
C TYR JC 116 -56.10 -2.54 55.80
N VAL JC 117 -57.02 -1.68 56.20
CA VAL JC 117 -57.96 -2.01 57.27
C VAL JC 117 -59.38 -1.87 56.74
N PRO JC 118 -59.94 -2.90 56.09
CA PRO JC 118 -61.32 -2.81 55.61
C PRO JC 118 -62.32 -3.13 56.71
N PHE JC 119 -63.48 -2.47 56.64
CA PHE JC 119 -64.53 -2.68 57.63
C PHE JC 119 -65.88 -2.40 56.98
N LEU JC 120 -66.91 -3.00 57.55
CA LEU JC 120 -68.28 -2.81 57.08
C LEU JC 120 -68.93 -1.75 57.96
N PHE JC 121 -68.93 -0.51 57.49
CA PHE JC 121 -69.56 0.57 58.26
C PHE JC 121 -71.06 0.38 58.20
N THR JC 122 -71.62 -0.29 59.20
CA THR JC 122 -73.04 -0.59 59.24
C THR JC 122 -73.62 -0.11 60.56
N ILE JC 123 -74.93 0.10 60.56
CA ILE JC 123 -75.64 0.51 61.75
C ILE JC 123 -76.91 -0.33 61.92
N LYS JC 124 -77.07 -1.33 61.05
CA LYS JC 124 -78.33 -2.08 60.97
C LYS JC 124 -78.63 -2.83 62.27
N GLU JC 125 -79.94 -2.93 62.55
CA GLU JC 125 -80.47 -3.54 63.78
C GLU JC 125 -79.92 -2.85 65.02
N PHE JC 126 -79.96 -1.52 65.00
CA PHE JC 126 -79.57 -0.71 66.15
C PHE JC 126 -80.78 -0.37 66.98
N ASP JC 127 -80.65 -0.46 68.29
CA ASP JC 127 -81.71 -0.13 69.23
C ASP JC 127 -81.14 0.87 70.24
N GLY JC 128 -81.22 2.15 69.91
CA GLY JC 128 -80.67 3.19 70.77
C GLY JC 128 -81.56 3.51 71.95
N LYS JC 129 -81.06 3.30 73.16
CA LYS JC 129 -81.78 3.56 74.38
C LYS JC 129 -81.06 4.65 75.17
N GLY JC 130 -81.80 5.63 75.64
CA GLY JC 130 -81.22 6.70 76.42
C GLY JC 130 -82.10 7.93 76.55
N THR JC 131 -81.48 9.10 76.58
CA THR JC 131 -82.20 10.36 76.72
C THR JC 131 -82.03 11.18 75.44
N LEU JC 132 -82.61 12.39 75.46
CA LEU JC 132 -82.47 13.29 74.32
C LEU JC 132 -81.03 13.78 74.17
N ASP JC 133 -80.29 13.89 75.28
CA ASP JC 133 -78.90 14.33 75.21
C ASP JC 133 -78.04 13.31 74.49
N SER JC 134 -78.14 12.03 74.86
CA SER JC 134 -77.40 10.96 74.23
C SER JC 134 -78.13 9.66 74.45
N PHE JC 135 -77.84 8.68 73.59
CA PHE JC 135 -78.44 7.36 73.70
C PHE JC 135 -77.53 6.36 73.01
N SER JC 136 -77.34 5.20 73.64
CA SER JC 136 -76.47 4.15 73.13
C SER JC 136 -77.31 2.91 72.85
N GLY JC 137 -76.65 1.90 72.28
CA GLY JC 137 -77.32 0.67 71.96
C GLY JC 137 -76.37 -0.32 71.34
N ASP JC 138 -76.93 -1.26 70.58
CA ASP JC 138 -76.18 -2.30 69.91
C ASP JC 138 -76.72 -2.47 68.50
N PHE JC 139 -75.81 -2.62 67.53
CA PHE JC 139 -76.16 -2.90 66.15
C PHE JC 139 -75.39 -4.12 65.68
N LEU JC 140 -76.01 -4.88 64.78
CA LEU JC 140 -75.40 -6.10 64.28
C LEU JC 140 -74.27 -5.75 63.32
N VAL JC 141 -73.13 -6.40 63.48
CA VAL JC 141 -71.95 -6.18 62.65
C VAL JC 141 -71.68 -7.45 61.85
N PRO JC 142 -72.03 -7.48 60.57
CA PRO JC 142 -71.54 -8.55 59.71
C PRO JC 142 -70.05 -8.36 59.48
N SER JC 143 -69.39 -9.46 59.12
CA SER JC 143 -67.95 -9.42 58.85
C SER JC 143 -67.67 -8.50 57.66
N TYR JC 144 -68.13 -8.88 56.47
CA TYR JC 144 -67.92 -8.16 55.22
C TYR JC 144 -68.54 -8.94 54.06
N ARG JC 145 -67.84 -9.98 53.60
CA ARG JC 145 -68.22 -10.74 52.43
C ARG JC 145 -69.36 -11.69 52.74
N GLY JC 146 -70.03 -12.15 51.69
CA GLY JC 146 -70.97 -13.24 51.83
C GLY JC 146 -70.24 -14.58 51.90
N SER JC 147 -71.00 -15.64 52.17
CA SER JC 147 -70.40 -16.96 52.28
C SER JC 147 -69.85 -17.47 50.97
N THR JC 148 -70.43 -17.08 49.84
CA THR JC 148 -70.01 -17.57 48.54
C THR JC 148 -68.86 -16.76 47.94
N PHE JC 149 -68.33 -15.78 48.66
CA PHE JC 149 -67.09 -15.16 48.23
C PHE JC 149 -65.93 -16.09 48.58
N LEU JC 150 -64.89 -16.10 47.76
CA LEU JC 150 -63.88 -17.13 47.85
C LEU JC 150 -62.48 -16.59 48.15
N ASP JC 151 -61.56 -17.52 48.34
CA ASP JC 151 -60.14 -17.26 48.49
C ASP JC 151 -59.53 -17.09 47.11
N PRO JC 152 -58.54 -16.20 46.98
CA PRO JC 152 -57.82 -16.10 45.69
C PRO JC 152 -57.17 -17.39 45.18
N LYS JC 153 -57.07 -18.44 45.99
CA LYS JC 153 -56.71 -19.77 45.51
C LYS JC 153 -57.91 -20.71 45.45
N GLY JC 154 -59.06 -20.20 45.04
CA GLY JC 154 -60.27 -21.00 44.97
C GLY JC 154 -60.91 -21.05 46.34
N ARG JC 155 -61.19 -22.24 46.85
CA ARG JC 155 -61.64 -22.44 48.24
C ARG JC 155 -62.88 -21.63 48.58
N GLY JC 156 -63.14 -21.43 49.87
CA GLY JC 156 -64.28 -20.66 50.33
C GLY JC 156 -65.10 -21.41 51.35
N GLY JC 157 -65.86 -20.64 52.11
CA GLY JC 157 -66.74 -21.21 53.12
C GLY JC 157 -67.90 -21.95 52.52
N ALA JC 158 -68.65 -21.28 51.64
CA ALA JC 158 -69.81 -21.90 51.01
C ALA JC 158 -69.40 -22.78 49.83
N THR JC 159 -68.86 -22.17 48.79
CA THR JC 159 -68.40 -22.90 47.61
C THR JC 159 -66.87 -22.90 47.58
N GLY JC 160 -66.32 -23.91 46.93
CA GLY JC 160 -64.88 -23.98 46.76
C GLY JC 160 -64.38 -25.40 46.87
N TYR JC 161 -63.05 -25.52 46.92
CA TYR JC 161 -62.38 -26.81 46.99
C TYR JC 161 -62.10 -27.27 48.42
N ASP JC 162 -62.19 -26.36 49.40
CA ASP JC 162 -61.87 -26.56 50.82
C ASP JC 162 -60.40 -26.88 51.04
N ASN JC 163 -59.55 -26.69 50.02
CA ASN JC 163 -58.14 -26.99 50.12
C ASN JC 163 -57.39 -26.21 49.04
N ALA JC 164 -56.08 -26.09 49.23
CA ALA JC 164 -55.21 -25.53 48.20
C ALA JC 164 -54.98 -26.63 47.16
N ILE JC 165 -55.85 -26.69 46.15
CA ILE JC 165 -55.82 -27.77 45.17
C ILE JC 165 -54.62 -27.66 44.22
N ALA JC 166 -53.97 -26.50 44.16
CA ALA JC 166 -52.82 -26.32 43.28
C ALA JC 166 -51.62 -27.18 43.65
N LEU JC 167 -51.44 -27.50 44.94
CA LEU JC 167 -50.37 -28.40 45.35
C LEU JC 167 -51.00 -29.46 46.24
N PRO JC 168 -50.74 -30.75 45.98
CA PRO JC 168 -51.51 -31.81 46.63
C PRO JC 168 -50.99 -32.24 48.00
N ALA JC 169 -50.08 -31.47 48.59
CA ALA JC 169 -49.52 -31.83 49.89
C ALA JC 169 -49.90 -30.89 51.01
N LYS JC 170 -50.30 -29.66 50.71
CA LYS JC 170 -50.77 -28.72 51.74
C LYS JC 170 -52.28 -28.83 51.89
N ALA JC 171 -52.74 -30.06 52.03
CA ALA JC 171 -54.16 -30.35 52.23
C ALA JC 171 -54.56 -30.31 53.69
N ASP JC 172 -53.74 -30.90 54.57
CA ASP JC 172 -53.94 -30.85 56.01
C ASP JC 172 -52.60 -30.51 56.65
N ALA JC 173 -52.52 -29.32 57.26
CA ALA JC 173 -51.29 -28.79 57.83
C ALA JC 173 -51.69 -27.78 58.92
N ASP JC 174 -50.75 -26.94 59.31
CA ASP JC 174 -51.02 -25.88 60.28
C ASP JC 174 -52.10 -24.91 59.82
N GLU JC 175 -52.32 -24.78 58.51
CA GLU JC 175 -53.33 -23.87 57.98
C GLU JC 175 -54.74 -24.44 58.18
N ILE JC 176 -55.15 -24.47 59.45
CA ILE JC 176 -56.45 -25.02 59.81
C ILE JC 176 -57.53 -23.94 59.69
N GLN JC 177 -57.17 -22.68 59.88
CA GLN JC 177 -58.12 -21.58 59.76
C GLN JC 177 -58.23 -21.04 58.35
N ARG JC 178 -57.30 -21.39 57.46
CA ARG JC 178 -57.28 -20.83 56.11
C ARG JC 178 -58.08 -21.65 55.10
N LEU JC 179 -57.93 -22.97 55.10
CA LEU JC 179 -58.61 -23.76 54.10
C LEU JC 179 -59.50 -24.86 54.67
N ASN JC 180 -59.12 -25.45 55.81
CA ASN JC 180 -59.92 -26.52 56.39
C ASN JC 180 -61.24 -25.99 56.94
N ASN JC 181 -61.19 -24.91 57.70
CA ASN JC 181 -62.36 -24.33 58.33
C ASN JC 181 -62.37 -22.82 58.07
N LYS JC 182 -63.54 -22.28 57.75
CA LYS JC 182 -63.68 -20.85 57.53
C LYS JC 182 -64.84 -20.32 58.36
N SER JC 183 -64.65 -19.16 58.99
CA SER JC 183 -65.64 -18.58 59.89
C SER JC 183 -66.06 -17.21 59.41
N TYR JC 184 -67.37 -17.01 59.27
CA TYR JC 184 -67.98 -15.72 58.98
C TYR JC 184 -68.94 -15.31 60.09
N THR JC 185 -68.52 -15.51 61.33
CA THR JC 185 -69.38 -15.18 62.46
C THR JC 185 -69.52 -13.67 62.59
N PRO JC 186 -70.73 -13.13 62.57
CA PRO JC 186 -70.89 -11.68 62.65
C PRO JC 186 -70.58 -11.15 64.04
N GLY JC 187 -69.97 -9.97 64.08
CA GLY JC 187 -69.67 -9.29 65.32
C GLY JC 187 -70.83 -8.44 65.79
N LYS JC 188 -70.61 -7.76 66.91
CA LYS JC 188 -71.59 -6.87 67.48
C LYS JC 188 -70.94 -5.53 67.82
N GLY JC 189 -71.64 -4.45 67.47
CA GLY JC 189 -71.06 -3.13 67.61
C GLY JC 189 -71.82 -2.16 68.50
N SER JC 190 -71.09 -1.26 69.14
CA SER JC 190 -71.66 -0.25 70.02
C SER JC 190 -71.58 1.11 69.36
N ALA JC 191 -72.67 1.87 69.41
CA ALA JC 191 -72.71 3.23 68.89
C ALA JC 191 -73.43 4.14 69.86
N VAL JC 192 -72.95 5.37 69.98
CA VAL JC 192 -73.56 6.39 70.81
C VAL JC 192 -73.87 7.59 69.91
N PHE JC 193 -75.13 7.98 69.87
CA PHE JC 193 -75.57 9.09 69.02
C PHE JC 193 -75.92 10.29 69.88
N SER JC 194 -75.64 11.48 69.36
CA SER JC 194 -75.94 12.73 70.05
C SER JC 194 -76.83 13.60 69.18
N VAL JC 195 -77.78 14.28 69.82
CA VAL JC 195 -78.81 15.06 69.15
C VAL JC 195 -78.46 16.54 69.24
N ALA JC 196 -78.49 17.23 68.10
CA ALA JC 196 -78.22 18.66 68.06
C ALA JC 196 -79.01 19.31 66.94
N LYS JC 197 -79.56 20.49 67.24
CA LYS JC 197 -80.32 21.34 66.31
C LYS JC 197 -81.54 20.60 65.75
N VAL JC 198 -82.46 20.30 66.65
CA VAL JC 198 -83.75 19.74 66.29
C VAL JC 198 -84.58 20.82 65.61
N ASP JC 199 -85.46 20.42 64.69
CA ASP JC 199 -86.34 21.34 64.00
C ASP JC 199 -87.75 20.81 64.18
N THR JC 200 -88.67 21.66 64.63
CA THR JC 200 -89.97 21.18 65.09
C THR JC 200 -91.12 21.40 64.11
N GLU JC 201 -91.05 22.41 63.23
CA GLU JC 201 -92.15 22.60 62.29
C GLU JC 201 -92.07 21.63 61.12
N THR JC 202 -90.91 21.00 60.93
CA THR JC 202 -90.76 19.94 59.96
C THR JC 202 -90.53 18.58 60.60
N GLY JC 203 -90.20 18.55 61.88
CA GLY JC 203 -89.93 17.29 62.57
C GLY JC 203 -88.70 16.54 62.10
N GLU JC 204 -87.59 17.25 61.89
CA GLU JC 204 -86.35 16.62 61.50
C GLU JC 204 -85.34 16.74 62.64
N ILE JC 205 -84.45 15.76 62.72
CA ILE JC 205 -83.46 15.67 63.79
C ILE JC 205 -82.09 15.42 63.18
N ALA JC 206 -81.07 15.97 63.83
CA ALA JC 206 -79.69 15.83 63.39
C ALA JC 206 -78.79 15.85 64.61
N GLY JC 207 -77.48 15.79 64.37
CA GLY JC 207 -76.51 15.80 65.45
C GLY JC 207 -75.30 14.99 65.05
N VAL JC 208 -74.45 14.74 66.04
CA VAL JC 208 -73.22 13.98 65.84
C VAL JC 208 -73.42 12.58 66.37
N PHE JC 209 -72.61 11.64 65.87
CA PHE JC 209 -72.70 10.25 66.26
C PHE JC 209 -71.30 9.72 66.56
N GLU JC 210 -71.26 8.62 67.32
CA GLU JC 210 -69.99 8.05 67.78
C GLU JC 210 -70.15 6.54 67.76
N SER JC 211 -69.62 5.89 66.72
CA SER JC 211 -69.79 4.46 66.51
C SER JC 211 -68.47 3.74 66.67
N ILE JC 212 -68.54 2.53 67.23
CA ILE JC 212 -67.40 1.65 67.41
C ILE JC 212 -67.77 0.27 66.89
N GLN JC 213 -66.98 -0.25 65.96
CA GLN JC 213 -67.25 -1.55 65.36
C GLN JC 213 -65.94 -2.25 65.05
N PRO JC 214 -65.92 -3.58 65.05
CA PRO JC 214 -64.70 -4.32 64.73
C PRO JC 214 -64.45 -4.35 63.22
N SER JC 215 -63.22 -4.76 62.87
CA SER JC 215 -62.83 -4.89 61.48
C SER JC 215 -63.19 -6.28 60.98
N ASP JC 216 -62.74 -6.62 59.78
CA ASP JC 216 -63.07 -7.90 59.17
C ASP JC 216 -62.19 -9.00 59.74
N THR JC 217 -62.72 -10.22 59.73
CA THR JC 217 -61.98 -11.39 60.16
C THR JC 217 -61.14 -12.00 59.04
N GLU JC 218 -61.27 -11.49 57.82
CA GLU JC 218 -60.49 -11.91 56.65
C GLU JC 218 -60.64 -13.41 56.39
N MET JC 219 -61.89 -13.85 56.18
CA MET JC 219 -62.29 -15.24 55.90
C MET JC 219 -61.68 -16.25 56.88
N GLY JC 220 -61.82 -15.93 58.17
CA GLY JC 220 -61.32 -16.81 59.21
C GLY JC 220 -59.81 -16.71 59.34
N ALA JC 221 -59.35 -15.54 59.78
CA ALA JC 221 -57.92 -15.25 59.84
C ALA JC 221 -57.64 -14.32 61.01
N HIS JC 222 -56.53 -13.58 60.90
CA HIS JC 222 -55.96 -12.61 61.84
C HIS JC 222 -57.05 -11.84 62.58
N PRO JC 223 -56.90 -11.65 63.89
CA PRO JC 223 -57.97 -11.04 64.69
C PRO JC 223 -58.32 -9.63 64.28
N ALA JC 224 -59.59 -9.28 64.46
CA ALA JC 224 -60.14 -8.02 64.01
C ALA JC 224 -59.59 -6.85 64.83
N LYS JC 225 -59.73 -5.65 64.27
CA LYS JC 225 -59.29 -4.42 64.90
C LYS JC 225 -60.47 -3.49 65.14
N ASP JC 226 -60.29 -2.56 66.07
CA ASP JC 226 -61.35 -1.66 66.51
C ASP JC 226 -61.29 -0.40 65.65
N ILE JC 227 -62.46 0.16 65.33
CA ILE JC 227 -62.58 1.38 64.53
C ILE JC 227 -63.49 2.34 65.28
N LYS JC 228 -63.03 3.58 65.48
CA LYS JC 228 -63.81 4.64 66.08
C LYS JC 228 -64.24 5.62 64.98
N ILE JC 229 -65.54 5.87 64.86
CA ILE JC 229 -66.11 6.66 63.78
C ILE JC 229 -66.71 7.93 64.36
N THR JC 230 -66.38 9.07 63.77
CA THR JC 230 -66.98 10.35 64.12
C THR JC 230 -67.65 10.96 62.91
N GLY JC 231 -68.75 11.68 63.12
CA GLY JC 231 -69.43 12.31 62.01
C GLY JC 231 -70.76 12.88 62.42
N LEU JC 232 -71.58 13.19 61.41
CA LEU JC 232 -72.92 13.73 61.58
C LEU JC 232 -73.97 12.71 61.16
N TRP JC 233 -75.20 12.95 61.62
CA TRP JC 233 -76.35 12.14 61.23
C TRP JC 233 -77.55 13.06 61.01
N TYR JC 234 -78.53 12.56 60.27
CA TYR JC 234 -79.69 13.36 59.89
C TYR JC 234 -80.90 12.46 59.71
N GLY JC 235 -82.03 12.87 60.28
CA GLY JC 235 -83.24 12.08 60.19
C GLY JC 235 -84.47 12.94 60.34
N GLN JC 236 -85.58 12.44 59.78
CA GLN JC 236 -86.85 13.15 59.75
C GLN JC 236 -87.94 12.30 60.37
N LEU JC 237 -88.66 12.85 61.34
CA LEU JC 237 -89.77 12.16 61.98
C LEU JC 237 -91.04 12.43 61.18
N THR JC 238 -91.73 11.36 60.79
CA THR JC 238 -92.94 11.41 59.95
C THR JC 238 -92.74 12.21 58.65
N ALA KC 1 -71.98 -52.26 5.16
CA ALA KC 1 -71.84 -51.06 4.32
C ALA KC 1 -72.75 -51.16 3.11
N TYR KC 2 -73.81 -50.34 3.10
CA TYR KC 2 -74.77 -50.33 2.00
C TYR KC 2 -74.60 -49.04 1.18
N GLY KC 3 -74.81 -49.15 -0.12
CA GLY KC 3 -74.70 -48.00 -0.99
C GLY KC 3 -76.03 -47.45 -1.47
N GLU KC 4 -76.45 -46.30 -0.92
CA GLU KC 4 -77.70 -45.67 -1.31
C GLU KC 4 -77.48 -44.17 -1.45
N GLY KC 5 -78.35 -43.54 -2.25
CA GLY KC 5 -78.18 -42.14 -2.60
C GLY KC 5 -78.33 -41.19 -1.43
N ALA KC 6 -77.87 -39.95 -1.65
CA ALA KC 6 -77.88 -38.90 -0.65
C ALA KC 6 -79.26 -38.26 -0.58
N ASN KC 7 -79.35 -37.12 0.11
CA ASN KC 7 -80.60 -36.39 0.31
C ASN KC 7 -80.45 -34.99 -0.26
N VAL KC 8 -80.72 -34.84 -1.56
CA VAL KC 8 -80.69 -33.54 -2.22
C VAL KC 8 -82.05 -33.30 -2.87
N PHE KC 9 -82.56 -32.07 -2.71
CA PHE KC 9 -83.85 -31.65 -3.27
C PHE KC 9 -85.00 -32.53 -2.78
N GLY KC 10 -85.01 -32.82 -1.48
CA GLY KC 10 -86.04 -33.64 -0.88
C GLY KC 10 -86.51 -33.15 0.47
N ARG KC 11 -86.30 -31.86 0.74
CA ARG KC 11 -86.76 -31.15 1.94
C ARG KC 11 -86.13 -31.68 3.24
N VAL KC 12 -86.39 -30.97 4.34
CA VAL KC 12 -85.79 -31.29 5.63
C VAL KC 12 -86.58 -32.41 6.31
N THR KC 13 -85.88 -33.24 7.09
CA THR KC 13 -86.53 -34.34 7.79
C THR KC 13 -87.43 -33.86 8.91
N ASN KC 14 -86.90 -33.01 9.80
CA ASN KC 14 -87.64 -32.57 10.97
C ASN KC 14 -87.43 -31.07 11.16
N LYS KC 15 -88.52 -30.40 11.52
CA LYS KC 15 -88.48 -28.97 11.80
C LYS KC 15 -89.16 -28.62 13.11
N SER KC 16 -89.83 -29.58 13.76
CA SER KC 16 -90.52 -29.33 15.01
C SER KC 16 -89.58 -29.08 16.19
N GLY KC 17 -88.33 -29.54 16.10
CA GLY KC 17 -87.37 -29.30 17.14
C GLY KC 17 -87.46 -30.20 18.35
N PHE KC 18 -88.20 -31.32 18.25
CA PHE KC 18 -88.32 -32.27 19.33
C PHE KC 18 -88.32 -33.69 18.76
N VAL KC 19 -88.06 -34.66 19.63
CA VAL KC 19 -88.07 -36.06 19.24
C VAL KC 19 -89.00 -36.84 20.16
N PRO KC 20 -89.78 -37.80 19.64
CA PRO KC 20 -90.65 -38.59 20.51
C PRO KC 20 -89.89 -39.71 21.21
N TYR KC 21 -90.44 -40.14 22.33
CA TYR KC 21 -89.87 -41.25 23.09
C TYR KC 21 -90.98 -41.97 23.83
N ALA KC 22 -90.97 -43.29 23.79
CA ALA KC 22 -91.94 -44.12 24.49
C ALA KC 22 -91.19 -44.93 25.55
N GLY KC 23 -91.66 -44.88 26.79
CA GLY KC 23 -91.02 -45.60 27.86
C GLY KC 23 -91.92 -46.56 28.60
N ASP KC 24 -91.59 -46.84 29.85
CA ASP KC 24 -92.36 -47.77 30.69
C ASP KC 24 -93.66 -47.08 31.08
N SER KC 25 -94.70 -47.31 30.29
CA SER KC 25 -96.06 -46.80 30.44
C SER KC 25 -96.14 -45.27 30.38
N PHE KC 26 -95.11 -44.59 29.88
CA PHE KC 26 -95.13 -43.14 29.76
C PHE KC 26 -94.55 -42.73 28.42
N ALA KC 27 -95.04 -41.60 27.90
CA ALA KC 27 -94.58 -41.07 26.62
C ALA KC 27 -94.56 -39.56 26.69
N LEU KC 28 -93.46 -38.96 26.23
CA LEU KC 28 -93.31 -37.50 26.22
C LEU KC 28 -92.35 -37.14 25.11
N LEU KC 29 -92.36 -35.86 24.73
CA LEU KC 29 -91.43 -35.35 23.73
C LEU KC 29 -90.18 -34.86 24.43
N LEU KC 30 -89.02 -35.24 23.89
CA LEU KC 30 -87.70 -34.90 24.39
C LEU KC 30 -87.08 -33.81 23.51
N PRO KC 31 -86.25 -32.94 24.09
CA PRO KC 31 -85.60 -31.90 23.28
C PRO KC 31 -84.67 -32.52 22.24
N SER KC 32 -84.68 -31.94 21.04
CA SER KC 32 -83.97 -32.53 19.92
C SER KC 32 -82.45 -32.41 20.05
N LYS KC 33 -81.98 -31.29 20.60
CA LYS KC 33 -80.55 -31.04 20.72
C LYS KC 33 -79.94 -31.65 21.98
N TRP KC 34 -80.70 -32.39 22.76
CA TRP KC 34 -80.23 -32.88 24.03
C TRP KC 34 -79.75 -34.32 23.93
N ASN KC 35 -78.57 -34.57 24.45
CA ASN KC 35 -77.83 -35.81 24.60
C ASN KC 35 -78.29 -36.54 25.86
N PRO KC 36 -78.79 -37.77 25.73
CA PRO KC 36 -79.20 -38.53 26.92
C PRO KC 36 -78.04 -38.76 27.87
N SER KC 37 -78.35 -38.69 29.16
CA SER KC 37 -77.35 -38.83 30.21
C SER KC 37 -77.58 -40.12 30.97
N ASP KC 38 -76.49 -40.81 31.27
CA ASP KC 38 -76.54 -42.08 31.96
C ASP KC 38 -76.29 -41.95 33.47
N GLU KC 39 -76.11 -40.73 33.97
CA GLU KC 39 -75.90 -40.53 35.41
C GLU KC 39 -77.23 -40.73 36.13
N LYS KC 40 -77.21 -41.51 37.21
CA LYS KC 40 -78.38 -41.69 38.05
C LYS KC 40 -78.32 -40.63 39.15
N GLU KC 41 -78.87 -39.45 38.86
CA GLU KC 41 -79.01 -38.39 39.84
C GLU KC 41 -79.80 -38.86 41.05
N VAL KC 42 -80.95 -39.47 40.80
CA VAL KC 42 -81.79 -40.08 41.81
C VAL KC 42 -81.73 -41.59 41.61
N ASP KC 43 -81.81 -42.33 42.71
CA ASP KC 43 -81.78 -43.80 42.69
C ASP KC 43 -83.01 -44.43 42.00
N SER KC 44 -84.00 -43.65 41.57
CA SER KC 44 -85.20 -44.16 40.92
C SER KC 44 -85.41 -43.55 39.54
N ILE KC 45 -84.33 -43.40 38.77
CA ILE KC 45 -84.42 -42.85 37.42
C ILE KC 45 -84.55 -43.98 36.42
N VAL KC 46 -85.57 -43.91 35.58
CA VAL KC 46 -85.70 -44.80 34.43
C VAL KC 46 -85.04 -44.19 33.19
N LEU KC 47 -85.19 -42.88 33.00
CA LEU KC 47 -84.60 -42.17 31.88
C LEU KC 47 -84.16 -40.78 32.34
N ARG KC 48 -82.98 -40.37 31.87
CA ARG KC 48 -82.47 -39.04 32.17
C ARG KC 48 -81.77 -38.48 30.94
N TYR KC 49 -81.99 -37.19 30.67
CA TYR KC 49 -81.35 -36.49 29.58
C TYR KC 49 -80.66 -35.24 30.11
N ALA KC 50 -79.90 -34.57 29.23
CA ALA KC 50 -79.24 -33.32 29.57
C ALA KC 50 -78.94 -32.55 28.30
N ASP KC 51 -78.82 -31.22 28.44
CA ASP KC 51 -78.49 -30.38 27.30
C ASP KC 51 -77.00 -30.54 26.95
N ASN KC 52 -76.73 -30.59 25.65
CA ASN KC 52 -75.34 -30.75 25.19
C ASN KC 52 -74.50 -29.52 25.47
N PHE KC 53 -75.11 -28.34 25.47
CA PHE KC 53 -74.36 -27.11 25.71
C PHE KC 53 -73.96 -26.99 27.18
N ASP KC 54 -74.94 -26.87 28.07
CA ASP KC 54 -74.68 -26.70 29.49
C ASP KC 54 -75.49 -27.74 30.26
N ALA KC 55 -74.88 -28.27 31.33
CA ALA KC 55 -75.50 -29.34 32.10
C ALA KC 55 -76.59 -28.85 33.03
N VAL KC 56 -76.84 -27.54 33.08
CA VAL KC 56 -77.91 -27.00 33.93
C VAL KC 56 -79.26 -27.49 33.43
N ASN KC 57 -79.51 -27.38 32.14
CA ASN KC 57 -80.79 -27.80 31.56
C ASN KC 57 -80.82 -29.32 31.45
N ASN KC 58 -81.74 -29.95 32.18
CA ASN KC 58 -81.86 -31.40 32.16
C ASN KC 58 -83.29 -31.81 32.50
N VAL KC 59 -83.64 -33.03 32.14
CA VAL KC 59 -84.92 -33.64 32.48
C VAL KC 59 -84.67 -35.03 33.02
N TYR KC 60 -85.47 -35.45 34.00
CA TYR KC 60 -85.38 -36.80 34.52
C TYR KC 60 -86.71 -37.21 35.13
N VAL KC 61 -87.04 -38.48 34.99
CA VAL KC 61 -88.29 -39.03 35.51
C VAL KC 61 -87.99 -39.94 36.69
N ILE KC 62 -88.95 -40.05 37.60
CA ILE KC 62 -88.85 -40.87 38.79
C ILE KC 62 -90.02 -41.83 38.78
N ALA KC 63 -89.78 -43.07 39.22
CA ALA KC 63 -90.78 -44.13 39.21
C ALA KC 63 -90.95 -44.72 40.61
N GLN KC 64 -91.12 -43.84 41.60
CA GLN KC 64 -91.32 -44.29 42.97
C GLN KC 64 -92.66 -44.98 43.13
N ASP KC 65 -92.66 -46.10 43.85
CA ASP KC 65 -93.89 -46.83 44.12
C ASP KC 65 -94.76 -46.06 45.09
N THR KC 66 -96.07 -46.35 45.05
CA THR KC 66 -97.04 -45.66 45.89
C THR KC 66 -97.80 -46.66 46.75
N ASP KC 67 -98.26 -46.19 47.91
CA ASP KC 67 -99.18 -46.95 48.74
C ASP KC 67 -100.59 -46.35 48.74
N LYS KC 68 -100.73 -45.07 48.47
CA LYS KC 68 -102.02 -44.41 48.37
C LYS KC 68 -102.62 -44.66 47.00
N SER KC 69 -103.92 -44.35 46.87
CA SER KC 69 -104.61 -44.59 45.61
C SER KC 69 -104.15 -43.61 44.52
N SER KC 70 -104.10 -42.32 44.83
CA SER KC 70 -103.73 -41.32 43.85
C SER KC 70 -103.29 -40.05 44.54
N ILE KC 71 -102.98 -39.03 43.73
CA ILE KC 71 -102.55 -37.73 44.24
C ILE KC 71 -103.69 -37.02 44.95
N GLN KC 72 -104.93 -37.30 44.54
CA GLN KC 72 -106.09 -36.66 45.15
C GLN KC 72 -106.23 -37.00 46.63
N ASP KC 73 -105.66 -38.11 47.06
CA ASP KC 73 -105.62 -38.46 48.47
C ASP KC 73 -104.48 -37.77 49.20
N TYR KC 74 -103.49 -37.23 48.49
CA TYR KC 74 -102.37 -36.54 49.14
C TYR KC 74 -102.76 -35.17 49.67
N GLY KC 75 -103.54 -34.39 48.91
CA GLY KC 75 -104.00 -33.09 49.36
C GLY KC 75 -103.76 -32.00 48.31
N SER KC 76 -103.57 -30.78 48.79
CA SER KC 76 -103.41 -29.60 47.94
C SER KC 76 -102.05 -29.63 47.26
N PRO KC 77 -101.84 -28.80 46.23
CA PRO KC 77 -100.51 -28.74 45.59
C PRO KC 77 -99.37 -28.36 46.53
N GLU KC 78 -99.65 -27.59 47.58
CA GLU KC 78 -98.60 -27.21 48.53
C GLU KC 78 -98.07 -28.43 49.29
N GLU KC 79 -98.95 -29.37 49.64
CA GLU KC 79 -98.52 -30.53 50.41
C GLU KC 79 -97.67 -31.47 49.57
N PHE KC 80 -97.97 -31.59 48.27
CA PHE KC 80 -97.22 -32.50 47.41
C PHE KC 80 -95.78 -32.05 47.21
N ILE KC 81 -95.56 -30.74 47.05
CA ILE KC 81 -94.20 -30.24 46.83
C ILE KC 81 -93.39 -30.31 48.12
N SER KC 82 -94.06 -30.11 49.26
CA SER KC 82 -93.35 -30.04 50.54
C SER KC 82 -92.71 -31.37 50.94
N GLN KC 83 -93.32 -32.49 50.56
CA GLN KC 83 -92.77 -33.79 50.93
C GLN KC 83 -91.70 -34.28 49.96
N PHE KC 84 -91.39 -33.52 48.91
CA PHE KC 84 -90.38 -33.91 47.93
C PHE KC 84 -89.36 -32.80 47.76
N GLY KC 85 -88.88 -32.24 48.87
CA GLY KC 85 -87.92 -31.15 48.86
C GLY KC 85 -86.47 -31.56 48.67
N TYR KC 86 -86.19 -32.87 48.55
CA TYR KC 86 -84.82 -33.32 48.36
C TYR KC 86 -84.43 -33.38 46.89
N LEU KC 87 -85.37 -33.12 45.97
CA LEU KC 87 -85.03 -33.08 44.56
C LEU KC 87 -84.22 -31.82 44.22
N LEU KC 88 -84.31 -30.80 45.07
CA LEU KC 88 -83.52 -29.58 44.85
C LEU KC 88 -82.06 -29.82 45.22
N GLY KC 89 -81.81 -30.54 46.32
CA GLY KC 89 -80.46 -30.77 46.80
C GLY KC 89 -80.19 -30.03 48.09
N ARG KC 90 -79.99 -30.76 49.18
CA ARG KC 90 -79.80 -30.15 50.50
C ARG KC 90 -78.51 -29.36 50.56
N GLN KC 91 -78.55 -28.26 51.33
CA GLN KC 91 -77.39 -27.43 51.59
C GLN KC 91 -76.36 -28.23 52.38
N ALA KC 92 -75.17 -28.41 51.81
CA ALA KC 92 -74.08 -29.06 52.52
C ALA KC 92 -73.27 -28.08 53.35
N TRP KC 93 -73.64 -26.80 53.34
CA TRP KC 93 -72.96 -25.75 54.11
C TRP KC 93 -73.56 -25.73 55.50
N ALA KC 94 -72.75 -26.07 56.50
CA ALA KC 94 -73.18 -26.02 57.89
C ALA KC 94 -72.88 -24.69 58.55
N GLY KC 95 -72.22 -23.78 57.85
CA GLY KC 95 -71.88 -22.49 58.45
C GLY KC 95 -73.10 -21.59 58.59
N GLN KC 96 -73.05 -20.72 59.58
CA GLN KC 96 -74.12 -19.77 59.82
C GLN KC 96 -73.67 -18.40 59.31
N THR KC 97 -74.56 -17.72 58.57
CA THR KC 97 -74.22 -16.42 58.01
C THR KC 97 -75.47 -15.55 57.89
N VAL KC 98 -75.25 -14.23 57.96
CA VAL KC 98 -76.29 -13.24 57.73
C VAL KC 98 -75.76 -12.18 56.78
N SER KC 99 -74.61 -12.45 56.16
CA SER KC 99 -73.96 -11.49 55.27
C SER KC 99 -74.34 -11.71 53.81
N GLU KC 100 -75.27 -12.62 53.53
CA GLU KC 100 -75.74 -12.86 52.17
C GLU KC 100 -77.00 -12.07 51.85
N GLY KC 101 -77.85 -11.81 52.84
CA GLY KC 101 -78.97 -10.90 52.70
C GLY KC 101 -80.15 -11.38 51.88
N GLY KC 102 -81.31 -10.81 52.14
CA GLY KC 102 -82.52 -11.10 51.39
C GLY KC 102 -83.16 -12.45 51.63
N PHE KC 103 -82.48 -13.34 52.35
CA PHE KC 103 -82.98 -14.68 52.64
C PHE KC 103 -83.27 -14.78 54.12
N ASP KC 104 -83.65 -15.99 54.55
CA ASP KC 104 -83.91 -16.24 55.97
C ASP KC 104 -82.60 -16.37 56.74
N ALA KC 105 -82.70 -16.59 58.05
CA ALA KC 105 -81.51 -16.74 58.87
C ALA KC 105 -80.82 -18.07 58.55
N ASN KC 106 -79.56 -17.98 58.13
CA ASN KC 106 -78.73 -19.14 57.79
C ASN KC 106 -79.34 -19.98 56.67
N LYS KC 107 -80.03 -19.31 55.74
CA LYS KC 107 -80.57 -19.95 54.55
C LYS KC 107 -79.92 -19.32 53.33
N VAL KC 108 -79.61 -20.15 52.33
CA VAL KC 108 -78.84 -19.67 51.19
C VAL KC 108 -79.60 -19.87 49.88
N SER KC 109 -80.60 -20.74 49.89
CA SER KC 109 -81.37 -21.01 48.68
C SER KC 109 -82.84 -20.69 48.94
N SER KC 110 -83.47 -20.01 47.99
CA SER KC 110 -84.87 -19.66 48.08
C SER KC 110 -85.63 -20.32 46.94
N ALA KC 111 -86.64 -21.12 47.31
CA ALA KC 111 -87.48 -21.82 46.34
C ALA KC 111 -88.84 -21.15 46.32
N ALA KC 112 -89.05 -20.29 45.33
CA ALA KC 112 -90.27 -19.51 45.20
C ALA KC 112 -91.26 -20.25 44.31
N LEU KC 113 -92.40 -20.63 44.87
CA LEU KC 113 -93.45 -21.30 44.13
C LEU KC 113 -94.24 -20.25 43.36
N LEU KC 114 -93.97 -20.13 42.06
CA LEU KC 114 -94.59 -19.12 41.21
C LEU KC 114 -95.96 -19.53 40.66
N GLY KC 115 -96.42 -20.74 40.94
CA GLY KC 115 -97.73 -21.15 40.48
C GLY KC 115 -97.90 -22.64 40.52
N VAL KC 116 -99.17 -23.06 40.62
CA VAL KC 116 -99.58 -24.45 40.60
C VAL KC 116 -100.72 -24.60 39.60
N ALA KC 117 -100.96 -25.83 39.17
CA ALA KC 117 -101.98 -26.07 38.16
C ALA KC 117 -102.63 -27.43 38.40
N THR KC 118 -103.86 -27.56 37.91
CA THR KC 118 -104.65 -28.80 38.02
C THR KC 118 -105.18 -29.15 36.64
N GLU KC 119 -104.50 -30.05 35.94
CA GLU KC 119 -104.87 -30.45 34.59
C GLU KC 119 -105.51 -31.83 34.64
N LYS KC 120 -106.72 -31.95 34.09
CA LYS KC 120 -107.43 -33.22 34.06
C LYS KC 120 -107.09 -34.00 32.79
N ASP KC 121 -107.00 -35.32 32.94
CA ASP KC 121 -106.67 -36.22 31.84
C ASP KC 121 -107.92 -36.50 31.00
N LYS KC 122 -107.87 -37.57 30.20
CA LYS KC 122 -108.99 -37.96 29.36
C LYS KC 122 -110.28 -38.14 30.15
N LYS KC 123 -110.25 -38.86 31.27
CA LYS KC 123 -111.47 -39.14 32.02
C LYS KC 123 -111.49 -38.53 33.42
N GLY KC 124 -110.55 -38.89 34.31
CA GLY KC 124 -110.67 -38.41 35.68
C GLY KC 124 -109.43 -38.09 36.50
N LYS KC 125 -108.23 -38.26 35.95
CA LYS KC 125 -107.02 -38.12 36.75
C LYS KC 125 -106.45 -36.71 36.62
N THR KC 126 -106.02 -36.15 37.75
CA THR KC 126 -105.42 -34.82 37.77
C THR KC 126 -103.92 -34.89 37.49
N TYR KC 127 -103.42 -33.88 36.77
CA TYR KC 127 -102.00 -33.73 36.47
C TYR KC 127 -101.53 -32.41 37.07
N TYR KC 128 -100.82 -32.49 38.20
CA TYR KC 128 -100.42 -31.30 38.92
C TYR KC 128 -99.09 -30.77 38.38
N LYS KC 129 -99.12 -29.58 37.78
CA LYS KC 129 -97.94 -28.95 37.21
C LYS KC 129 -97.57 -27.75 38.06
N PHE KC 130 -96.30 -27.65 38.46
CA PHE KC 130 -95.80 -26.59 39.32
C PHE KC 130 -94.76 -25.76 38.58
N GLU KC 131 -94.25 -24.73 39.27
CA GLU KC 131 -93.27 -23.82 38.69
C GLU KC 131 -92.45 -23.23 39.83
N ILE KC 132 -91.22 -23.73 40.02
CA ILE KC 132 -90.39 -23.39 41.15
C ILE KC 132 -89.10 -22.73 40.67
N LEU KC 133 -88.75 -21.60 41.28
CA LEU KC 133 -87.52 -20.86 40.97
C LEU KC 133 -86.49 -21.15 42.07
N SER KC 134 -85.37 -21.75 41.69
CA SER KC 134 -84.29 -22.07 42.62
C SER KC 134 -83.23 -20.97 42.51
N ARG KC 135 -83.28 -20.01 43.43
CA ARG KC 135 -82.30 -18.94 43.49
C ARG KC 135 -81.26 -19.25 44.56
N THR KC 136 -79.99 -18.99 44.23
CA THR KC 136 -78.88 -19.31 45.11
C THR KC 136 -78.24 -18.02 45.60
N ALA KC 137 -77.35 -18.18 46.59
CA ALA KC 137 -76.61 -17.03 47.12
C ALA KC 137 -75.70 -16.42 46.06
N ASP KC 138 -75.02 -17.26 45.29
CA ASP KC 138 -74.31 -16.82 44.10
C ASP KC 138 -75.24 -16.22 43.06
N GLY KC 139 -76.42 -16.81 42.86
CA GLY KC 139 -77.21 -16.48 41.69
C GLY KC 139 -76.62 -17.05 40.43
N ASN KC 140 -76.08 -18.27 40.49
CA ASN KC 140 -75.59 -18.94 39.29
C ASN KC 140 -76.75 -19.21 38.34
N GLU KC 141 -76.53 -18.92 37.05
CA GLU KC 141 -77.53 -18.97 35.98
C GLU KC 141 -78.67 -17.99 36.21
N GLY KC 142 -78.51 -17.03 37.12
CA GLY KC 142 -79.60 -16.13 37.48
C GLY KC 142 -80.73 -16.80 38.22
N GLY KC 143 -80.52 -18.00 38.72
CA GLY KC 143 -81.58 -18.84 39.24
C GLY KC 143 -82.00 -19.90 38.25
N ARG KC 144 -82.64 -20.95 38.75
CA ARG KC 144 -83.06 -22.07 37.92
C ARG KC 144 -84.55 -22.32 38.11
N HIS KC 145 -85.20 -22.71 37.02
CA HIS KC 145 -86.65 -22.92 36.99
C HIS KC 145 -86.95 -24.41 37.10
N GLN KC 146 -87.87 -24.78 37.98
CA GLN KC 146 -88.30 -26.16 38.16
C GLN KC 146 -89.78 -26.27 37.83
N LEU KC 147 -90.10 -26.92 36.71
CA LEU KC 147 -91.47 -27.20 36.33
C LEU KC 147 -91.73 -28.68 36.63
N VAL KC 148 -92.50 -28.94 37.68
CA VAL KC 148 -92.70 -30.29 38.21
C VAL KC 148 -94.10 -30.75 37.89
N LYS KC 149 -94.20 -31.87 37.15
CA LYS KC 149 -95.47 -32.49 36.82
C LYS KC 149 -95.45 -33.93 37.32
N ALA KC 150 -96.55 -34.37 37.92
CA ALA KC 150 -96.60 -35.71 38.50
C ALA KC 150 -97.96 -36.34 38.24
N THR KC 151 -97.95 -37.66 38.13
CA THR KC 151 -99.18 -38.45 37.95
C THR KC 151 -98.93 -39.83 38.55
N VAL KC 152 -100.01 -40.51 38.90
CA VAL KC 152 -99.96 -41.81 39.55
C VAL KC 152 -100.72 -42.82 38.72
N SER KC 153 -100.00 -43.82 38.21
CA SER KC 153 -100.56 -44.98 37.53
C SER KC 153 -100.86 -46.04 38.61
N ASN KC 154 -101.00 -47.30 38.21
CA ASN KC 154 -101.12 -48.35 39.22
C ASN KC 154 -99.78 -48.42 39.94
N GLY KC 155 -99.69 -47.75 41.10
CA GLY KC 155 -98.40 -47.52 41.71
C GLY KC 155 -97.59 -46.58 40.83
N LYS KC 156 -96.27 -46.60 41.02
CA LYS KC 156 -95.29 -46.00 40.11
C LYS KC 156 -95.55 -44.50 39.90
N LEU KC 157 -95.34 -43.74 40.97
CA LEU KC 157 -95.46 -42.29 40.90
C LEU KC 157 -94.48 -41.73 39.87
N TYR KC 158 -95.01 -41.22 38.76
CA TYR KC 158 -94.20 -40.70 37.67
C TYR KC 158 -94.13 -39.19 37.79
N LEU KC 159 -92.96 -38.68 38.15
CA LEU KC 159 -92.74 -37.26 38.37
C LEU KC 159 -91.77 -36.73 37.31
N LEU KC 160 -92.19 -35.69 36.60
CA LEU KC 160 -91.37 -35.05 35.57
C LEU KC 160 -90.96 -33.66 36.03
N LYS KC 161 -89.66 -33.39 35.99
CA LYS KC 161 -89.12 -32.09 36.37
C LYS KC 161 -88.08 -31.67 35.34
N VAL KC 162 -88.18 -30.43 34.87
CA VAL KC 162 -87.22 -29.85 33.93
C VAL KC 162 -86.49 -28.73 34.66
N GLN KC 163 -85.16 -28.75 34.58
CA GLN KC 163 -84.36 -27.65 35.08
C GLN KC 163 -84.07 -26.68 33.94
N ALA KC 164 -84.21 -25.38 34.21
CA ALA KC 164 -83.98 -24.36 33.20
C ALA KC 164 -83.39 -23.12 33.86
N GLY KC 165 -82.27 -22.65 33.33
CA GLY KC 165 -81.65 -21.45 33.88
C GLY KC 165 -82.48 -20.21 33.59
N ASP KC 166 -82.29 -19.19 34.44
CA ASP KC 166 -83.06 -17.96 34.29
C ASP KC 166 -82.58 -17.13 33.12
N LYS KC 167 -81.27 -17.10 32.88
CA LYS KC 167 -80.77 -16.41 31.70
C LYS KC 167 -81.05 -17.20 30.43
N ARG KC 168 -81.12 -18.53 30.55
CA ARG KC 168 -81.52 -19.36 29.42
C ARG KC 168 -82.99 -19.15 29.10
N TRP KC 169 -83.78 -18.74 30.10
CA TRP KC 169 -85.23 -18.69 29.97
C TRP KC 169 -85.69 -17.66 28.94
N PHE KC 170 -85.06 -16.49 28.91
CA PHE KC 170 -85.46 -15.47 27.95
C PHE KC 170 -84.60 -15.43 26.69
N LYS KC 171 -83.72 -16.41 26.48
CA LYS KC 171 -82.89 -16.47 25.28
C LYS KC 171 -83.31 -17.58 24.32
N GLY KC 172 -84.43 -18.25 24.55
CA GLY KC 172 -84.90 -19.24 23.60
C GLY KC 172 -84.99 -20.66 24.12
N THR KC 173 -85.21 -20.83 25.42
CA THR KC 173 -85.33 -22.15 26.02
C THR KC 173 -86.67 -22.35 26.73
N ASP KC 174 -87.41 -21.27 27.02
CA ASP KC 174 -88.67 -21.37 27.74
C ASP KC 174 -89.71 -22.18 26.95
N LYS KC 175 -89.81 -21.94 25.64
CA LYS KC 175 -90.75 -22.68 24.82
C LYS KC 175 -90.33 -24.13 24.67
N GLU KC 176 -89.02 -24.39 24.61
CA GLU KC 176 -88.53 -25.76 24.53
C GLU KC 176 -88.74 -26.49 25.85
N CYS KC 177 -88.60 -25.79 26.98
CA CYS KC 177 -88.82 -26.41 28.28
C CYS KC 177 -90.29 -26.61 28.57
N LEU KC 178 -91.14 -25.70 28.07
CA LEU KC 178 -92.59 -25.85 28.28
C LEU KC 178 -93.15 -27.01 27.46
N GLY KC 179 -92.53 -27.32 26.32
CA GLY KC 179 -93.02 -28.41 25.48
C GLY KC 179 -92.85 -29.77 26.12
N VAL KC 180 -91.77 -29.98 26.88
CA VAL KC 180 -91.57 -31.26 27.55
C VAL KC 180 -92.58 -31.44 28.68
N LEU KC 181 -92.93 -30.35 29.36
CA LEU KC 181 -93.78 -30.44 30.54
C LEU KC 181 -95.23 -30.79 30.18
N ASP KC 182 -95.80 -30.10 29.18
CA ASP KC 182 -97.23 -30.22 28.91
C ASP KC 182 -97.60 -31.42 28.04
N SER KC 183 -96.64 -32.32 27.76
CA SER KC 183 -96.93 -33.51 26.97
C SER KC 183 -96.70 -34.80 27.76
N PHE KC 184 -96.49 -34.70 29.07
CA PHE KC 184 -96.21 -35.87 29.92
C PHE KC 184 -97.50 -36.64 30.12
N THR KC 185 -97.85 -37.42 29.09
CA THR KC 185 -99.08 -38.21 29.07
C THR KC 185 -98.76 -39.65 29.46
N VAL KC 186 -99.20 -40.05 30.65
CA VAL KC 186 -99.01 -41.41 31.14
C VAL KC 186 -100.34 -42.14 31.01
N VAL KC 187 -100.38 -43.14 30.14
CA VAL KC 187 -101.61 -43.89 29.90
C VAL KC 187 -101.45 -45.33 30.35
N MET LC 1 -36.29 -10.66 49.65
CA MET LC 1 -35.02 -10.78 48.96
C MET LC 1 -35.23 -11.08 47.49
N GLU LC 2 -36.41 -11.64 47.18
CA GLU LC 2 -36.72 -11.99 45.79
C GLU LC 2 -36.79 -10.75 44.91
N ALA LC 3 -37.38 -9.66 45.43
CA ALA LC 3 -37.58 -8.45 44.63
C ALA LC 3 -36.26 -7.77 44.29
N LEU LC 4 -35.16 -8.19 44.91
CA LEU LC 4 -33.85 -7.65 44.57
C LEU LC 4 -33.43 -8.04 43.16
N VAL LC 5 -33.59 -9.31 42.82
CA VAL LC 5 -33.00 -9.85 41.59
C VAL LC 5 -33.68 -9.27 40.36
N TYR LC 6 -35.02 -9.14 40.40
CA TYR LC 6 -35.73 -8.55 39.27
C TYR LC 6 -35.40 -7.06 39.15
N THR LC 7 -35.25 -6.37 40.28
CA THR LC 7 -34.88 -4.96 40.25
C THR LC 7 -33.44 -4.76 39.79
N PHE LC 8 -32.54 -5.66 40.19
CA PHE LC 8 -31.14 -5.52 39.82
C PHE LC 8 -30.89 -5.90 38.37
N LEU LC 9 -31.61 -6.91 37.87
CA LEU LC 9 -31.39 -7.30 36.48
C LEU LC 9 -32.00 -6.32 35.50
N LEU LC 10 -33.07 -5.62 35.92
CA LEU LC 10 -33.68 -4.65 35.02
C LEU LC 10 -32.76 -3.45 34.80
N ILE LC 11 -32.15 -2.94 35.87
CA ILE LC 11 -31.18 -1.86 35.69
C ILE LC 11 -29.92 -2.38 35.01
N GLY LC 12 -29.62 -3.67 35.16
CA GLY LC 12 -28.56 -4.26 34.37
C GLY LC 12 -28.89 -4.29 32.90
N THR LC 13 -30.15 -4.58 32.57
CA THR LC 13 -30.60 -4.50 31.19
C THR LC 13 -30.79 -3.04 30.76
N LEU LC 14 -31.26 -2.20 31.68
CA LEU LC 14 -31.37 -0.78 31.39
C LEU LC 14 -29.99 -0.12 31.28
N GLY LC 15 -28.99 -0.68 31.95
CA GLY LC 15 -27.65 -0.12 31.85
C GLY LC 15 -26.99 -0.38 30.50
N ILE LC 16 -27.11 -1.60 30.00
CA ILE LC 16 -26.44 -1.99 28.75
C ILE LC 16 -26.99 -1.20 27.57
N ILE LC 17 -28.31 -1.03 27.52
CA ILE LC 17 -28.92 -0.31 26.40
C ILE LC 17 -28.53 1.16 26.45
N PHE LC 18 -28.17 1.66 27.62
CA PHE LC 18 -27.70 3.04 27.74
C PHE LC 18 -26.33 3.20 27.10
N PHE LC 19 -25.41 2.26 27.38
CA PHE LC 19 -24.10 2.29 26.73
C PHE LC 19 -24.22 2.06 25.22
N SER LC 20 -25.12 1.16 24.80
CA SER LC 20 -25.19 0.80 23.39
C SER LC 20 -25.72 1.92 22.52
N ILE LC 21 -26.29 2.96 23.13
CA ILE LC 21 -26.75 4.12 22.36
C ILE LC 21 -25.67 5.20 22.33
N PHE LC 22 -25.12 5.52 23.49
CA PHE LC 22 -24.21 6.66 23.62
C PHE LC 22 -22.74 6.27 23.71
N PHE LC 23 -22.41 4.99 23.56
CA PHE LC 23 -21.02 4.54 23.51
C PHE LC 23 -20.86 3.45 22.47
N ARG LC 24 -21.73 3.43 21.47
CA ARG LC 24 -21.64 2.43 20.42
C ARG LC 24 -20.47 2.76 19.48
N GLU LC 25 -20.11 1.79 18.66
CA GLU LC 25 -19.04 2.03 17.71
C GLU LC 25 -19.51 3.01 16.64
N PRO LC 26 -18.67 3.96 16.23
CA PRO LC 26 -19.09 4.93 15.21
C PRO LC 26 -19.03 4.32 13.83
N PRO LC 27 -20.14 4.30 13.10
CA PRO LC 27 -20.11 3.79 11.73
C PRO LC 27 -19.33 4.72 10.80
N ARG LC 28 -18.28 4.20 10.20
CA ARG LC 28 -17.35 4.99 9.40
C ARG LC 28 -17.71 4.91 7.92
N ILE LC 29 -17.96 6.08 7.31
CA ILE LC 29 -18.32 6.15 5.90
C ILE LC 29 -17.19 5.69 4.98
N ALA LC 30 -15.96 5.70 5.47
CA ALA LC 30 -14.83 5.21 4.68
C ALA LC 30 -14.95 3.71 4.47
N LEU MC 1 -68.09 14.27 56.05
CA LEU MC 1 -66.94 14.68 55.27
C LEU MC 1 -65.65 14.39 56.01
N VAL MC 2 -64.90 13.39 55.54
CA VAL MC 2 -63.66 12.98 56.20
C VAL MC 2 -62.43 13.66 55.62
N ASP MC 3 -62.55 14.34 54.49
CA ASP MC 3 -61.40 14.98 53.84
C ASP MC 3 -61.91 16.04 52.87
N ASP MC 4 -60.96 16.78 52.29
CA ASP MC 4 -61.27 17.81 51.31
C ASP MC 4 -60.79 17.37 49.93
N ARG MC 5 -61.67 17.52 48.94
CA ARG MC 5 -61.40 17.08 47.58
C ARG MC 5 -62.06 18.04 46.61
N MET MC 6 -61.53 18.10 45.38
CA MET MC 6 -61.87 19.19 44.48
C MET MC 6 -63.16 18.95 43.71
N ASN MC 7 -63.39 17.72 43.21
CA ASN MC 7 -64.63 17.32 42.53
C ASN MC 7 -64.99 18.22 41.35
N GLY MC 8 -64.21 18.10 40.28
CA GLY MC 8 -64.51 18.73 39.02
C GLY MC 8 -65.08 17.81 37.96
N ASP MC 9 -65.32 16.55 38.31
CA ASP MC 9 -65.82 15.57 37.36
C ASP MC 9 -67.28 15.85 37.02
N GLY MC 10 -67.63 15.70 35.75
CA GLY MC 10 -68.99 15.96 35.33
C GLY MC 10 -69.29 17.45 35.20
N THR MC 11 -70.57 17.79 35.31
CA THR MC 11 -71.12 19.15 35.32
C THR MC 11 -70.85 19.95 34.04
N GLY MC 12 -70.33 19.30 32.99
CA GLY MC 12 -70.05 19.98 31.74
C GLY MC 12 -69.01 21.07 31.88
N LEU MC 13 -67.91 20.76 32.55
CA LEU MC 13 -66.93 21.77 32.91
C LEU MC 13 -66.06 22.13 31.72
N PRO MC 14 -65.96 23.42 31.37
CA PRO MC 14 -65.18 23.82 30.17
C PRO MC 14 -63.68 23.64 30.39
N PHE MC 15 -63.06 22.81 29.55
CA PHE MC 15 -61.64 22.43 29.65
C PHE MC 15 -61.29 21.77 30.99
N GLY MC 16 -62.31 21.38 31.75
CA GLY MC 16 -62.08 20.80 33.06
C GLY MC 16 -61.37 21.70 34.05
N VAL MC 17 -61.70 22.99 34.04
CA VAL MC 17 -61.09 23.94 34.96
C VAL MC 17 -62.11 24.31 36.04
N ASN MC 18 -61.75 24.06 37.31
CA ASN MC 18 -62.65 24.35 38.41
C ASN MC 18 -62.54 25.77 38.92
N ASP MC 19 -61.43 26.45 38.66
CA ASP MC 19 -61.23 27.84 39.06
C ASP MC 19 -60.83 28.65 37.84
N GLY MC 20 -61.02 29.96 37.93
CA GLY MC 20 -60.63 30.84 36.84
C GLY MC 20 -59.14 30.87 36.58
N ILE MC 21 -58.33 30.57 37.60
CA ILE MC 21 -56.89 30.72 37.49
C ILE MC 21 -56.29 29.65 36.58
N LEU MC 22 -57.00 28.53 36.37
CA LEU MC 22 -56.48 27.50 35.47
C LEU MC 22 -56.59 27.95 34.01
N GLY MC 23 -57.63 28.73 33.69
CA GLY MC 23 -57.72 29.28 32.35
C GLY MC 23 -56.79 30.46 32.14
N TRP MC 24 -56.41 31.14 33.23
CA TRP MC 24 -55.52 32.29 33.11
C TRP MC 24 -54.08 31.84 32.86
N VAL MC 25 -53.66 30.73 33.49
CA VAL MC 25 -52.31 30.23 33.26
C VAL MC 25 -52.19 29.59 31.87
N ILE MC 26 -53.27 28.99 31.37
CA ILE MC 26 -53.25 28.42 30.02
C ILE MC 26 -53.09 29.53 28.99
N ALA MC 27 -53.84 30.63 29.17
CA ALA MC 27 -53.68 31.78 28.29
C ALA MC 27 -52.36 32.50 28.56
N GLY MC 28 -51.86 32.41 29.79
CA GLY MC 28 -50.65 33.13 30.16
C GLY MC 28 -49.40 32.64 29.46
N THR MC 29 -49.22 31.31 29.40
CA THR MC 29 -48.03 30.78 28.75
C THR MC 29 -48.20 30.71 27.25
N LEU MC 30 -49.45 30.63 26.77
CA LEU MC 30 -49.69 30.69 25.33
C LEU MC 30 -49.44 32.10 24.80
N GLY MC 31 -49.74 33.12 25.61
CA GLY MC 31 -49.51 34.49 25.18
C GLY MC 31 -48.03 34.82 25.04
N THR MC 32 -47.21 34.38 26.00
CA THR MC 32 -45.78 34.69 25.95
C THR MC 32 -45.06 33.85 24.90
N ILE MC 33 -45.55 32.64 24.62
CA ILE MC 33 -44.98 31.86 23.52
C ILE MC 33 -45.28 32.52 22.19
N TRP MC 34 -46.51 33.01 22.02
CA TRP MC 34 -46.87 33.71 20.80
C TRP MC 34 -46.13 35.04 20.69
N ALA MC 35 -46.00 35.77 21.80
CA ALA MC 35 -45.31 37.05 21.78
C ALA MC 35 -43.83 36.90 21.46
N ILE MC 36 -43.20 35.86 22.01
CA ILE MC 36 -41.81 35.55 21.65
C ILE MC 36 -41.73 35.19 20.17
N TYR MC 37 -42.71 34.43 19.67
CA TYR MC 37 -42.75 34.11 18.25
C TYR MC 37 -42.96 35.36 17.40
N PHE MC 38 -43.92 36.21 17.79
CA PHE MC 38 -44.27 37.36 16.96
C PHE MC 38 -43.16 38.39 16.93
N VAL MC 39 -42.48 38.60 18.06
CA VAL MC 39 -41.32 39.50 18.08
C VAL MC 39 -40.20 38.95 17.21
N SER MC 40 -39.93 37.66 17.30
CA SER MC 40 -38.87 37.02 16.51
C SER MC 40 -39.41 36.52 15.17
N GLN MC 41 -39.96 37.45 14.39
CA GLN MC 41 -40.45 37.15 13.06
C GLN MC 41 -39.53 37.79 12.02
N LYS MC 42 -39.95 37.66 10.75
CA LYS MC 42 -39.22 38.19 9.58
C LYS MC 42 -37.79 37.64 9.53
N ASP MC 43 -37.64 36.38 9.89
CA ASP MC 43 -36.35 35.69 9.92
C ASP MC 43 -36.36 34.56 8.91
N LEU MC 44 -35.17 33.99 8.70
CA LEU MC 44 -34.94 32.86 7.77
C LEU MC 44 -35.33 33.21 6.34
N SER NC 1 -44.77 -69.32 13.76
CA SER NC 1 -45.65 -69.41 12.60
C SER NC 1 -45.79 -68.06 11.92
N VAL NC 2 -46.48 -68.04 10.79
CA VAL NC 2 -46.76 -66.81 10.05
C VAL NC 2 -48.06 -66.23 10.62
N THR NC 3 -47.94 -65.24 11.49
CA THR NC 3 -49.11 -64.57 12.03
C THR NC 3 -49.75 -63.71 10.94
N PRO NC 4 -51.04 -63.39 11.07
CA PRO NC 4 -51.66 -62.49 10.09
C PRO NC 4 -50.99 -61.14 10.00
N SER NC 5 -50.51 -60.59 11.12
CA SER NC 5 -49.79 -59.33 11.08
C SER NC 5 -48.47 -59.48 10.33
N LEU NC 6 -47.77 -60.60 10.53
CA LEU NC 6 -46.54 -60.84 9.79
C LEU NC 6 -46.80 -61.01 8.30
N LYS NC 7 -47.86 -61.73 7.95
CA LYS NC 7 -48.20 -61.91 6.53
C LYS NC 7 -48.60 -60.58 5.90
N ASN NC 8 -49.36 -59.76 6.62
CA ASN NC 8 -49.72 -58.44 6.10
C ASN NC 8 -48.50 -57.54 6.02
N PHE NC 9 -47.51 -57.76 6.90
CA PHE NC 9 -46.24 -57.09 6.75
C PHE NC 9 -45.50 -57.54 5.51
N LEU NC 10 -45.46 -58.85 5.27
CA LEU NC 10 -44.72 -59.37 4.11
C LEU NC 10 -45.43 -59.03 2.81
N LEU NC 11 -46.73 -58.75 2.87
CA LEU NC 11 -47.44 -58.26 1.69
C LEU NC 11 -47.13 -56.80 1.43
N SER NC 12 -46.82 -56.04 2.49
CA SER NC 12 -46.59 -54.61 2.34
C SER NC 12 -45.24 -54.32 1.69
N LEU NC 13 -44.22 -55.12 1.99
CA LEU NC 13 -42.89 -54.88 1.45
C LEU NC 13 -42.87 -55.04 -0.07
N VAL NC 14 -43.52 -56.08 -0.59
CA VAL NC 14 -43.64 -56.25 -2.03
C VAL NC 14 -44.54 -55.16 -2.61
N ALA NC 15 -45.58 -54.77 -1.85
CA ALA NC 15 -46.43 -53.65 -2.27
C ALA NC 15 -45.63 -52.35 -2.35
N GLY NC 16 -44.73 -52.12 -1.39
CA GLY NC 16 -43.86 -50.97 -1.46
C GLY NC 16 -42.84 -51.06 -2.59
N ALA NC 17 -42.31 -52.26 -2.83
CA ALA NC 17 -41.29 -52.45 -3.86
C ALA NC 17 -41.86 -52.22 -5.25
N VAL NC 18 -43.14 -52.52 -5.45
CA VAL NC 18 -43.80 -52.23 -6.72
C VAL NC 18 -43.86 -50.73 -6.95
N VAL NC 19 -44.12 -49.98 -5.88
CA VAL NC 19 -44.13 -48.52 -5.98
C VAL NC 19 -42.76 -47.99 -6.37
N LEU NC 20 -41.70 -48.56 -5.78
CA LEU NC 20 -40.34 -48.18 -6.17
C LEU NC 20 -40.06 -48.52 -7.62
N ALA NC 21 -40.52 -49.69 -8.08
CA ALA NC 21 -40.37 -50.05 -9.49
C ALA NC 21 -41.23 -49.16 -10.38
N ALA NC 22 -42.45 -48.84 -9.93
CA ALA NC 22 -43.31 -47.93 -10.69
C ALA NC 22 -42.69 -46.53 -10.76
N ILE NC 23 -42.09 -46.07 -9.66
CA ILE NC 23 -41.35 -44.81 -9.69
C ILE NC 23 -40.16 -44.93 -10.62
N ALA NC 24 -39.43 -46.05 -10.54
CA ALA NC 24 -38.33 -46.30 -11.47
C ALA NC 24 -38.84 -46.42 -12.90
N GLY NC 25 -40.00 -47.04 -13.08
CA GLY NC 25 -40.60 -47.09 -14.41
C GLY NC 25 -41.05 -45.72 -14.90
N ALA NC 26 -41.51 -44.87 -13.98
CA ALA NC 26 -42.00 -43.54 -14.37
C ALA NC 26 -40.86 -42.61 -14.72
N VAL NC 27 -39.77 -42.65 -13.95
CA VAL NC 27 -38.65 -41.74 -14.21
C VAL NC 27 -37.93 -42.10 -15.51
N THR NC 28 -37.93 -43.38 -15.89
CA THR NC 28 -37.31 -43.80 -17.14
C THR NC 28 -38.24 -43.68 -18.33
N ALA NC 29 -39.52 -43.37 -18.10
CA ALA NC 29 -40.48 -43.23 -19.19
C ALA NC 29 -40.40 -41.87 -19.87
N VAL NC 30 -39.79 -40.87 -19.21
CA VAL NC 30 -39.64 -39.46 -19.65
C VAL NC 30 -40.83 -38.85 -20.40
N MET OC 1 -104.98 1.27 -13.32
CA MET OC 1 -104.21 2.14 -12.42
C MET OC 1 -102.91 1.47 -11.97
N THR OC 2 -103.04 0.45 -11.12
CA THR OC 2 -101.87 -0.31 -10.70
C THR OC 2 -101.28 -1.10 -11.86
N SER OC 3 -102.14 -1.65 -12.71
CA SER OC 3 -101.67 -2.38 -13.89
C SER OC 3 -100.98 -1.45 -14.87
N ILE OC 4 -101.52 -0.24 -15.06
CA ILE OC 4 -100.89 0.74 -15.93
C ILE OC 4 -99.58 1.21 -15.31
N LEU OC 5 -99.53 1.27 -13.98
CA LEU OC 5 -98.31 1.68 -13.28
C LEU OC 5 -97.20 0.66 -13.48
N GLN OC 6 -97.54 -0.63 -13.48
CA GLN OC 6 -96.53 -1.69 -13.55
C GLN OC 6 -95.82 -1.70 -14.90
N ILE OC 7 -96.55 -1.48 -15.99
CA ILE OC 7 -95.92 -1.55 -17.32
C ILE OC 7 -95.00 -0.35 -17.53
N ALA OC 8 -95.35 0.80 -16.95
CA ALA OC 8 -94.46 1.96 -17.00
C ALA OC 8 -93.17 1.68 -16.24
N LEU OC 9 -93.28 0.88 -15.17
CA LEU OC 9 -92.10 0.48 -14.41
C LEU OC 9 -91.18 -0.43 -15.24
N LEU OC 10 -91.76 -1.43 -15.90
CA LEU OC 10 -90.97 -2.34 -16.72
C LEU OC 10 -90.33 -1.60 -17.89
N GLY OC 11 -91.04 -0.62 -18.46
CA GLY OC 11 -90.43 0.23 -19.47
C GLY OC 11 -89.30 1.06 -18.91
N LEU OC 12 -89.42 1.45 -17.64
CA LEU OC 12 -88.34 2.20 -16.99
C LEU OC 12 -87.13 1.33 -16.75
N VAL OC 13 -87.35 0.04 -16.45
CA VAL OC 13 -86.24 -0.88 -16.20
C VAL OC 13 -85.44 -1.14 -17.47
N LEU OC 14 -86.14 -1.38 -18.58
CA LEU OC 14 -85.47 -1.78 -19.81
C LEU OC 14 -84.69 -0.62 -20.44
N VAL OC 15 -85.30 0.57 -20.48
CA VAL OC 15 -84.63 1.72 -21.08
C VAL OC 15 -83.41 2.12 -20.27
N SER OC 16 -83.52 2.11 -18.95
CA SER OC 16 -82.36 2.39 -18.10
C SER OC 16 -81.27 1.34 -18.29
N PHE OC 17 -81.66 0.06 -18.43
CA PHE OC 17 -80.70 -0.97 -18.78
C PHE OC 17 -80.08 -0.69 -20.15
N ALA OC 18 -80.90 -0.25 -21.10
CA ALA OC 18 -80.36 0.16 -22.39
C ALA OC 18 -79.52 1.43 -22.24
N LEU OC 19 -79.86 2.27 -21.26
CA LEU OC 19 -79.07 3.46 -20.99
C LEU OC 19 -77.75 3.13 -20.31
N VAL OC 20 -77.78 2.23 -19.33
CA VAL OC 20 -76.55 1.85 -18.62
C VAL OC 20 -75.62 1.07 -19.54
N VAL OC 21 -76.17 0.25 -20.42
CA VAL OC 21 -75.34 -0.46 -21.40
C VAL OC 21 -74.92 0.49 -22.52
N GLY OC 22 -75.88 1.22 -23.08
CA GLY OC 22 -75.65 2.01 -24.28
C GLY OC 22 -74.81 3.27 -24.16
N VAL OC 23 -74.97 4.03 -23.07
CA VAL OC 23 -74.25 5.30 -22.93
C VAL OC 23 -72.73 5.14 -22.89
N PRO OC 24 -72.15 4.24 -22.06
CA PRO OC 24 -70.69 4.08 -22.13
C PRO OC 24 -70.19 3.56 -23.45
N VAL OC 25 -70.97 2.71 -24.13
CA VAL OC 25 -70.58 2.25 -25.46
C VAL OC 25 -70.57 3.42 -26.43
N VAL OC 26 -71.61 4.26 -26.38
CA VAL OC 26 -71.70 5.40 -27.30
C VAL OC 26 -70.67 6.46 -26.95
N PHE OC 27 -70.50 6.77 -25.67
CA PHE OC 27 -69.59 7.83 -25.26
C PHE OC 27 -68.14 7.49 -25.58
N ALA OC 28 -67.72 6.27 -25.28
CA ALA OC 28 -66.32 5.88 -25.46
C ALA OC 28 -66.03 5.35 -26.86
N SER OC 29 -67.04 5.25 -27.73
CA SER OC 29 -66.75 4.82 -29.09
C SER OC 29 -66.04 5.93 -29.87
N PRO OC 30 -65.15 5.58 -30.79
CA PRO OC 30 -64.55 6.60 -31.65
C PRO OC 30 -65.55 7.21 -32.60
N ASN OC 31 -65.83 8.51 -32.41
CA ASN OC 31 -66.83 9.26 -33.20
C ASN OC 31 -68.21 8.59 -33.12
N GLY OC 32 -68.57 8.14 -31.92
CA GLY OC 32 -69.87 7.53 -31.70
C GLY OC 32 -70.86 8.45 -31.02
N TRP OC 33 -70.35 9.38 -30.21
CA TRP OC 33 -71.20 10.33 -29.52
C TRP OC 33 -71.83 11.33 -30.49
N THR OC 34 -71.05 11.81 -31.46
CA THR OC 34 -71.57 12.79 -32.41
C THR OC 34 -72.53 12.18 -33.42
N GLU OC 35 -72.59 10.86 -33.52
CA GLU OC 35 -73.47 10.19 -34.47
C GLU OC 35 -74.72 9.61 -33.83
N ASN OC 36 -74.69 9.29 -32.54
CA ASN OC 36 -75.86 8.81 -31.82
C ASN OC 36 -76.56 9.93 -31.06
N LYS OC 37 -76.44 11.17 -31.56
CA LYS OC 37 -77.08 12.31 -30.92
C LYS OC 37 -78.60 12.19 -30.93
N GLY OC 38 -79.16 11.72 -32.06
CA GLY OC 38 -80.59 11.46 -32.10
C GLY OC 38 -80.98 10.29 -31.22
N VAL OC 39 -80.13 9.26 -31.16
CA VAL OC 39 -80.42 8.09 -30.33
C VAL OC 39 -80.31 8.42 -28.85
N VAL OC 40 -79.25 9.14 -28.45
CA VAL OC 40 -79.02 9.41 -27.04
C VAL OC 40 -80.07 10.38 -26.49
N PHE OC 41 -80.37 11.45 -27.24
CA PHE OC 41 -81.32 12.44 -26.74
C PHE OC 41 -82.73 11.90 -26.71
N SER OC 42 -83.08 11.01 -27.64
CA SER OC 42 -84.36 10.32 -27.55
C SER OC 42 -84.40 9.43 -26.32
N GLY OC 43 -83.27 8.78 -26.02
CA GLY OC 43 -83.20 7.96 -24.81
C GLY OC 43 -83.27 8.78 -23.54
N LEU OC 44 -82.66 9.96 -23.54
CA LEU OC 44 -82.75 10.83 -22.38
C LEU OC 44 -84.13 11.47 -22.28
N SER OC 45 -84.78 11.71 -23.41
CA SER OC 45 -86.14 12.24 -23.40
C SER OC 45 -87.12 11.19 -22.90
N VAL OC 46 -86.92 9.92 -23.27
CA VAL OC 46 -87.89 8.89 -22.89
C VAL OC 46 -87.64 8.44 -21.45
N TRP OC 47 -86.42 8.61 -20.92
CA TRP OC 47 -86.16 8.16 -19.56
C TRP OC 47 -86.85 9.09 -18.56
N PHE OC 48 -86.71 10.41 -18.77
CA PHE OC 48 -87.34 11.36 -17.86
C PHE OC 48 -88.86 11.29 -17.95
N LEU OC 49 -89.38 10.99 -19.14
CA LEU OC 49 -90.82 10.88 -19.32
C LEU OC 49 -91.39 9.71 -18.53
N LEU OC 50 -90.68 8.57 -18.53
CA LEU OC 50 -91.17 7.40 -17.79
C LEU OC 50 -90.98 7.57 -16.29
N VAL OC 51 -89.91 8.23 -15.87
CA VAL OC 51 -89.75 8.57 -14.45
C VAL OC 51 -90.88 9.48 -14.00
N PHE OC 52 -91.19 10.49 -14.82
CA PHE OC 52 -92.32 11.37 -14.52
C PHE OC 52 -93.64 10.62 -14.55
N ALA OC 53 -93.77 9.65 -15.46
CA ALA OC 53 -95.00 8.87 -15.57
C ALA OC 53 -95.22 8.01 -14.32
N VAL OC 54 -94.14 7.51 -13.72
CA VAL OC 54 -94.27 6.72 -12.50
C VAL OC 54 -94.75 7.58 -11.34
N GLY OC 55 -94.22 8.80 -11.22
CA GLY OC 55 -94.60 9.65 -10.11
C GLY OC 55 -96.05 10.08 -10.11
N VAL OC 56 -96.59 10.40 -11.29
CA VAL OC 56 -97.97 10.86 -11.37
C VAL OC 56 -98.95 9.71 -11.18
N PHE OC 57 -98.65 8.54 -11.74
CA PHE OC 57 -99.53 7.38 -11.60
C PHE OC 57 -99.52 6.80 -10.19
N ASN OC 58 -98.57 7.18 -9.34
CA ASN OC 58 -98.56 6.70 -7.97
C ASN OC 58 -99.76 7.25 -7.21
N SER OC 59 -100.19 8.47 -7.55
CA SER OC 59 -101.34 9.08 -6.90
C SER OC 59 -102.65 8.40 -7.30
N PHE OC 60 -102.67 7.68 -8.42
CA PHE OC 60 -103.84 6.92 -8.83
C PHE OC 60 -103.86 5.52 -8.25
N ALA OC 61 -102.80 5.10 -7.56
CA ALA OC 61 -102.69 3.75 -7.05
C ALA OC 61 -102.44 3.75 -5.54
N THR PC 1 -85.93 90.16 -7.98
CA THR PC 1 -85.93 88.84 -8.58
C THR PC 1 -84.72 88.02 -8.11
N ILE PC 2 -83.80 87.77 -9.03
CA ILE PC 2 -82.58 87.01 -8.70
C ILE PC 2 -81.65 87.78 -7.79
N ASN PC 3 -81.56 89.11 -7.97
CA ASN PC 3 -80.73 89.95 -7.11
C ASN PC 3 -81.26 90.04 -5.68
N GLN PC 4 -82.51 89.62 -5.45
CA GLN PC 4 -83.05 89.58 -4.10
C GLN PC 4 -82.31 88.57 -3.23
N PHE PC 5 -81.83 87.47 -3.82
CA PHE PC 5 -81.12 86.44 -3.10
C PHE PC 5 -79.68 86.26 -3.57
N TYR PC 6 -79.24 87.07 -4.55
CA TYR PC 6 -77.89 86.91 -5.09
C TYR PC 6 -77.27 88.28 -5.29
N GLY PC 7 -75.94 88.31 -5.21
CA GLY PC 7 -75.19 89.53 -5.37
C GLY PC 7 -75.10 90.33 -4.08
N PRO PC 8 -74.44 91.50 -4.13
CA PRO PC 8 -74.31 92.31 -2.91
C PRO PC 8 -75.62 92.88 -2.40
N ASP PC 9 -76.63 93.07 -3.25
CA ASP PC 9 -77.91 93.63 -2.87
C ASP PC 9 -78.88 92.59 -2.35
N ARG PC 10 -78.41 91.38 -2.08
CA ARG PC 10 -79.27 90.28 -1.70
C ARG PC 10 -79.86 90.50 -0.30
N ASN PC 11 -80.83 89.67 0.04
CA ASN PC 11 -81.42 89.71 1.37
C ASN PC 11 -80.40 89.30 2.42
N LYS PC 12 -80.35 90.08 3.50
CA LYS PC 12 -79.33 89.91 4.53
C LYS PC 12 -79.95 89.34 5.79
N TRP PC 13 -79.09 88.83 6.67
CA TRP PC 13 -79.53 88.23 7.92
C TRP PC 13 -79.88 89.25 8.99
N LEU PC 14 -79.83 90.55 8.68
CA LEU PC 14 -80.26 91.57 9.62
C LEU PC 14 -81.05 92.68 8.92
N GLY PC 15 -81.36 92.51 7.63
CA GLY PC 15 -82.01 93.54 6.87
C GLY PC 15 -81.08 94.70 6.58
N PRO PC 16 -81.55 95.93 6.84
CA PRO PC 16 -80.71 97.11 6.61
C PRO PC 16 -79.66 97.34 7.69
N TYR PC 17 -79.51 96.43 8.65
CA TYR PC 17 -78.57 96.62 9.76
C TYR PC 17 -77.41 95.63 9.71
N SER PC 18 -76.88 95.34 8.52
CA SER PC 18 -75.72 94.44 8.41
C SER PC 18 -74.88 94.93 7.22
N THR PC 19 -73.88 95.76 7.50
CA THR PC 19 -72.99 96.29 6.48
C THR PC 19 -71.68 95.53 6.37
N ASN PC 20 -71.21 94.95 7.47
CA ASN PC 20 -69.92 94.26 7.52
C ASN PC 20 -70.04 92.74 7.45
N THR PC 21 -70.95 92.23 6.63
CA THR PC 21 -71.10 90.79 6.50
C THR PC 21 -69.86 90.19 5.84
N PRO PC 22 -69.30 89.10 6.40
CA PRO PC 22 -68.08 88.49 5.86
C PRO PC 22 -68.34 87.61 4.65
N PRO PC 23 -65.39 88.78 3.87
CA PRO PC 23 -65.66 89.21 2.51
C PRO PC 23 -65.89 88.04 1.57
N TYR PC 24 -66.08 86.85 2.15
CA TYR PC 24 -66.25 85.62 1.39
C TYR PC 24 -67.70 85.30 1.09
N LEU PC 25 -68.65 85.92 1.77
CA LEU PC 25 -70.07 85.71 1.51
C LEU PC 25 -70.50 86.67 0.39
N THR PC 26 -70.04 86.35 -0.81
CA THR PC 26 -70.27 87.21 -1.98
C THR PC 26 -71.72 87.20 -2.43
N GLY PC 27 -72.42 86.09 -2.29
CA GLY PC 27 -73.82 86.03 -2.70
C GLY PC 27 -74.06 85.33 -4.02
N GLU PC 28 -73.40 84.20 -4.24
CA GLU PC 28 -73.61 83.39 -5.44
C GLU PC 28 -74.03 81.96 -5.09
N PHE PC 29 -74.00 81.59 -3.82
CA PHE PC 29 -74.54 80.34 -3.32
C PHE PC 29 -75.99 80.58 -2.94
N PRO PC 30 -76.83 79.54 -2.96
CA PRO PC 30 -78.24 79.72 -2.59
C PRO PC 30 -78.39 80.22 -1.15
N GLY PC 31 -79.31 81.16 -0.97
CA GLY PC 31 -79.53 81.79 0.31
C GLY PC 31 -78.51 82.88 0.59
N ASP PC 32 -77.56 82.58 1.47
CA ASP PC 32 -76.42 83.46 1.80
C ASP PC 32 -76.91 84.82 2.33
N TYR PC 33 -77.52 84.77 3.51
CA TYR PC 33 -78.00 85.98 4.18
C TYR PC 33 -76.88 86.73 4.89
N GLY PC 34 -75.64 86.26 4.82
CA GLY PC 34 -74.54 86.95 5.44
C GLY PC 34 -74.35 86.66 6.91
N TRP PC 35 -74.91 85.56 7.42
CA TRP PC 35 -74.84 85.22 8.83
C TRP PC 35 -73.63 84.32 9.07
N ASP PC 36 -72.46 84.95 9.20
CA ASP PC 36 -71.25 84.26 9.63
C ASP PC 36 -70.55 85.09 10.69
N THR PC 37 -71.30 85.49 11.72
CA THR PC 37 -70.73 86.23 12.84
C THR PC 37 -69.61 85.45 13.52
N ALA PC 38 -69.76 84.14 13.67
CA ALA PC 38 -68.70 83.32 14.23
C ALA PC 38 -67.51 83.19 13.29
N GLY PC 39 -67.72 83.27 11.98
CA GLY PC 39 -66.62 83.17 11.03
C GLY PC 39 -66.10 81.77 10.79
N LEU PC 40 -66.95 80.75 10.95
CA LEU PC 40 -66.52 79.38 10.72
C LEU PC 40 -66.27 79.11 9.24
N SER PC 41 -66.94 79.84 8.35
CA SER PC 41 -66.78 79.66 6.91
C SER PC 41 -65.73 80.59 6.31
N ALA PC 42 -64.76 81.02 7.11
CA ALA PC 42 -63.69 81.87 6.60
C ALA PC 42 -62.80 81.10 5.62
N ASP PC 43 -62.47 79.86 5.94
CA ASP PC 43 -61.67 79.04 5.05
C ASP PC 43 -62.53 78.62 3.85
N PRO PC 44 -61.96 78.62 2.63
CA PRO PC 44 -62.80 78.38 1.45
C PRO PC 44 -63.33 76.95 1.32
N GLU PC 45 -62.49 75.93 1.49
CA GLU PC 45 -62.97 74.56 1.32
C GLU PC 45 -63.84 74.11 2.48
N THR PC 46 -63.65 74.69 3.67
CA THR PC 46 -64.55 74.39 4.79
C THR PC 46 -65.94 74.91 4.54
N PHE PC 47 -66.06 76.06 3.86
CA PHE PC 47 -67.36 76.56 3.43
C PHE PC 47 -68.03 75.55 2.51
N LYS PC 48 -67.25 74.87 1.68
CA LYS PC 48 -67.78 73.80 0.86
C LYS PC 48 -68.11 72.57 1.71
N ARG PC 49 -67.35 72.34 2.77
CA ARG PC 49 -67.65 71.22 3.68
C ARG PC 49 -68.99 71.42 4.37
N TYR PC 50 -69.23 72.64 4.87
CA TYR PC 50 -70.42 72.92 5.67
C TYR PC 50 -71.66 73.12 4.80
N ARG PC 51 -71.50 73.69 3.60
CA ARG PC 51 -72.64 73.89 2.71
C ARG PC 51 -73.26 72.56 2.29
N GLU PC 52 -72.41 71.59 1.94
CA GLU PC 52 -72.89 70.25 1.66
C GLU PC 52 -73.50 69.62 2.91
N LEU PC 53 -72.91 69.92 4.07
CA LEU PC 53 -73.40 69.38 5.33
C LEU PC 53 -74.75 69.99 5.71
N GLU PC 54 -74.95 71.28 5.41
CA GLU PC 54 -76.22 71.93 5.76
C GLU PC 54 -77.36 71.48 4.86
N LEU PC 55 -77.12 71.42 3.54
CA LEU PC 55 -78.19 71.08 2.61
C LEU PC 55 -78.62 69.63 2.73
N ILE PC 56 -77.67 68.74 3.04
CA ILE PC 56 -78.03 67.35 3.35
C ILE PC 56 -78.88 67.31 4.61
N HIS PC 57 -78.48 68.05 5.65
CA HIS PC 57 -79.30 68.18 6.84
C HIS PC 57 -80.63 68.85 6.52
N ALA PC 58 -80.61 69.83 5.61
CA ALA PC 58 -81.85 70.48 5.20
C ALA PC 58 -82.78 69.50 4.50
N ARG PC 59 -82.23 68.69 3.58
CA ARG PC 59 -83.05 67.70 2.88
C ARG PC 59 -83.51 66.60 3.82
N TRP PC 60 -82.69 66.24 4.81
CA TRP PC 60 -83.12 65.28 5.82
C TRP PC 60 -84.24 65.84 6.69
N ALA PC 61 -84.19 67.14 7.00
CA ALA PC 61 -85.18 67.75 7.87
C ALA PC 61 -86.51 67.99 7.17
N LEU PC 62 -86.50 68.21 5.85
CA LEU PC 62 -87.74 68.42 5.12
C LEU PC 62 -88.64 67.19 5.18
N LEU PC 63 -88.06 66.00 5.00
CA LEU PC 63 -88.81 64.78 5.23
C LEU PC 63 -89.05 64.56 6.72
N GLY PC 64 -88.12 65.03 7.55
CA GLY PC 64 -88.22 64.79 8.98
C GLY PC 64 -89.29 65.62 9.66
N ALA PC 65 -89.41 66.88 9.27
CA ALA PC 65 -90.41 67.76 9.90
C ALA PC 65 -91.83 67.28 9.63
N LEU PC 66 -92.06 66.72 8.44
CA LEU PC 66 -93.37 66.15 8.16
C LEU PC 66 -93.53 64.78 8.82
N GLY PC 67 -92.42 64.09 9.08
CA GLY PC 67 -92.50 62.76 9.65
C GLY PC 67 -92.97 62.71 11.09
N MET PC 68 -92.83 63.81 11.81
CA MET PC 68 -93.38 63.88 13.16
C MET PC 68 -94.81 64.39 13.20
N VAL PC 69 -95.24 65.12 12.17
CA VAL PC 69 -96.57 65.71 12.17
C VAL PC 69 -97.59 64.97 11.30
N THR PC 70 -97.14 64.17 10.32
CA THR PC 70 -98.09 63.48 9.45
C THR PC 70 -98.71 62.22 10.05
N PRO PC 71 -97.99 61.33 10.75
CA PRO PC 71 -98.68 60.17 11.35
C PRO PC 71 -99.70 60.57 12.40
N GLU PC 72 -99.47 61.67 13.11
CA GLU PC 72 -100.43 62.13 14.11
C GLU PC 72 -101.65 62.77 13.47
N LEU PC 73 -101.47 63.43 12.32
CA LEU PC 73 -102.59 64.07 11.63
C LEU PC 73 -103.56 63.04 11.06
N LEU PC 74 -103.06 61.89 10.64
CA LEU PC 74 -103.90 60.82 10.11
C LEU PC 74 -104.50 59.94 11.20
N GLN PC 75 -104.15 60.19 12.46
CA GLN PC 75 -104.74 59.41 13.56
C GLN PC 75 -106.21 59.75 13.69
N ASP PC 76 -107.03 58.70 13.76
CA ASP PC 76 -108.48 58.87 13.87
C ASP PC 76 -108.85 59.24 15.30
N ASP PC 77 -110.15 59.41 15.55
CA ASP PC 77 -110.61 59.85 16.87
C ASP PC 77 -110.48 58.75 17.91
N ASP PC 78 -110.68 57.49 17.50
CA ASP PC 78 -110.58 56.38 18.43
C ASP PC 78 -109.15 55.98 18.77
N GLY PC 79 -108.17 56.41 17.99
CA GLY PC 79 -106.79 56.02 18.22
C GLY PC 79 -106.52 54.56 17.98
N ILE PC 80 -107.09 53.99 16.91
CA ILE PC 80 -106.92 52.57 16.63
C ILE PC 80 -106.04 52.30 15.41
N MET PC 81 -105.90 53.25 14.48
CA MET PC 81 -104.90 53.12 13.43
C MET PC 81 -103.49 53.11 14.03
N PHE PC 82 -103.24 54.05 14.96
CA PHE PC 82 -101.99 54.08 15.71
C PHE PC 82 -102.33 54.28 17.18
N GLY PC 83 -101.71 53.47 18.03
CA GLY PC 83 -101.96 53.55 19.46
C GLY PC 83 -101.06 54.55 20.12
N GLU PC 84 -100.24 54.09 21.07
CA GLU PC 84 -99.26 54.96 21.71
C GLU PC 84 -98.13 55.35 20.76
N SER PC 85 -98.02 54.68 19.61
CA SER PC 85 -97.00 54.95 18.61
C SER PC 85 -97.37 56.09 17.66
N ALA PC 86 -98.56 56.66 17.80
CA ALA PC 86 -98.92 57.83 16.99
C ALA PC 86 -98.02 59.02 17.33
N ILE PC 87 -97.56 59.09 18.57
CA ILE PC 87 -96.58 60.10 18.96
C ILE PC 87 -95.19 59.63 18.52
N TRP PC 88 -94.38 60.56 18.04
CA TRP PC 88 -93.15 60.20 17.35
C TRP PC 88 -92.09 59.64 18.31
N PHE PC 89 -92.01 60.17 19.53
CA PHE PC 89 -90.99 59.70 20.46
C PHE PC 89 -91.40 58.42 21.18
N LYS PC 90 -92.48 57.78 20.71
CA LYS PC 90 -92.86 56.44 21.14
C LYS PC 90 -93.02 55.54 19.92
N ALA PC 91 -92.93 56.12 18.71
CA ALA PC 91 -93.21 55.42 17.47
C ALA PC 91 -92.28 54.24 17.22
N GLY PC 92 -91.07 54.26 17.78
CA GLY PC 92 -90.17 53.14 17.60
C GLY PC 92 -90.63 51.90 18.37
N ALA PC 93 -91.34 52.11 19.48
CA ALA PC 93 -91.79 51.00 20.32
C ALA PC 93 -92.97 50.23 19.73
N ALA PC 94 -93.46 50.63 18.56
CA ALA PC 94 -94.55 49.89 17.93
C ALA PC 94 -94.11 48.49 17.51
N ILE PC 95 -92.85 48.34 17.08
CA ILE PC 95 -92.35 47.04 16.66
C ILE PC 95 -92.26 46.04 17.80
N PHE PC 96 -92.24 46.50 19.04
CA PHE PC 96 -92.16 45.62 20.20
C PHE PC 96 -93.53 45.07 20.59
N GLN PC 97 -94.61 45.67 20.08
CA GLN PC 97 -95.94 45.14 20.34
C GLN PC 97 -96.14 43.82 19.60
N GLU PC 98 -97.18 43.09 20.01
CA GLU PC 98 -97.45 41.77 19.44
C GLU PC 98 -97.79 41.85 17.96
N GLY PC 99 -98.44 42.93 17.53
CA GLY PC 99 -98.80 43.09 16.14
C GLY PC 99 -97.69 43.59 15.25
N GLY PC 100 -96.51 43.83 15.81
CA GLY PC 100 -95.41 44.34 15.03
C GLY PC 100 -95.66 45.78 14.62
N LEU PC 101 -95.08 46.15 13.49
CA LEU PC 101 -95.26 47.48 12.93
C LEU PC 101 -96.08 47.37 11.65
N ASN PC 102 -97.39 47.49 11.78
CA ASN PC 102 -98.27 47.66 10.63
C ASN PC 102 -98.32 49.15 10.32
N TYR PC 103 -98.24 49.47 9.02
CA TYR PC 103 -98.13 50.88 8.63
C TYR PC 103 -99.41 51.63 8.92
N LEU PC 104 -100.54 50.94 8.93
CA LEU PC 104 -101.83 51.49 9.34
C LEU PC 104 -102.46 50.44 10.26
N GLY PC 105 -103.76 50.59 10.52
CA GLY PC 105 -104.47 49.62 11.34
C GLY PC 105 -104.57 48.25 10.73
N ASN PC 106 -104.49 48.15 9.40
CA ASN PC 106 -104.53 46.83 8.77
C ASN PC 106 -103.17 46.15 8.87
N PRO PC 107 -103.14 44.82 9.04
CA PRO PC 107 -101.85 44.13 9.17
C PRO PC 107 -101.17 43.84 7.85
N SER PC 108 -101.83 44.10 6.72
CA SER PC 108 -101.28 43.79 5.40
C SER PC 108 -100.09 44.67 5.02
N LEU PC 109 -99.85 45.76 5.76
CA LEU PC 109 -98.78 46.68 5.44
C LEU PC 109 -97.62 46.49 6.40
N ILE PC 110 -96.41 46.36 5.85
CA ILE PC 110 -95.15 46.22 6.57
C ILE PC 110 -95.18 44.98 7.48
N HIS PC 111 -95.74 45.12 8.68
CA HIS PC 111 -95.86 44.04 9.66
C HIS PC 111 -94.49 43.42 9.99
N ALA PC 112 -93.63 44.23 10.60
CA ALA PC 112 -92.30 43.79 11.01
C ALA PC 112 -92.18 43.83 12.53
N GLN PC 113 -91.44 42.88 13.10
CA GLN PC 113 -91.33 42.78 14.55
C GLN PC 113 -89.89 42.87 15.03
N ASN PC 114 -88.98 42.18 14.33
CA ASN PC 114 -87.60 42.01 14.78
C ASN PC 114 -86.80 43.26 14.39
N ILE PC 115 -86.28 43.97 15.39
CA ILE PC 115 -85.46 45.15 15.12
C ILE PC 115 -84.14 44.75 14.49
N VAL PC 116 -83.56 43.61 14.90
CA VAL PC 116 -82.30 43.15 14.35
C VAL PC 116 -82.47 42.79 12.87
N ALA PC 117 -83.63 42.23 12.52
CA ALA PC 117 -83.88 41.88 11.12
C ALA PC 117 -83.99 43.13 10.24
N THR PC 118 -84.62 44.19 10.75
CA THR PC 118 -84.81 45.37 9.91
C THR PC 118 -83.61 46.33 9.96
N LEU PC 119 -82.89 46.39 11.09
CA LEU PC 119 -81.78 47.34 11.18
C LEU PC 119 -80.55 46.83 10.43
N ALA PC 120 -80.43 45.51 10.26
CA ALA PC 120 -79.33 44.96 9.48
C ALA PC 120 -79.44 45.37 8.01
N VAL PC 121 -80.68 45.53 7.53
CA VAL PC 121 -80.91 46.03 6.17
C VAL PC 121 -80.50 47.50 6.08
N GLN PC 122 -80.71 48.25 7.16
CA GLN PC 122 -80.44 49.69 7.16
C GLN PC 122 -78.96 49.99 6.91
N VAL PC 123 -78.07 49.20 7.52
CA VAL PC 123 -76.63 49.41 7.31
C VAL PC 123 -76.23 49.02 5.89
N VAL PC 124 -76.78 47.90 5.41
CA VAL PC 124 -76.40 47.37 4.09
C VAL PC 124 -76.89 48.31 2.99
N LEU PC 125 -78.10 48.84 3.13
CA LEU PC 125 -78.64 49.73 2.10
C LEU PC 125 -77.97 51.10 2.14
N MET PC 126 -78.10 51.82 3.26
CA MET PC 126 -77.62 53.20 3.33
C MET PC 126 -76.11 53.29 3.30
N GLY PC 127 -75.41 52.21 3.66
CA GLY PC 127 -73.96 52.19 3.51
C GLY PC 127 -73.54 52.32 2.07
N LEU PC 128 -74.28 51.66 1.17
CA LEU PC 128 -74.03 51.83 -0.26
C LEU PC 128 -74.58 53.15 -0.76
N VAL PC 129 -75.70 53.61 -0.18
CA VAL PC 129 -76.37 54.82 -0.65
C VAL PC 129 -75.49 56.05 -0.39
N GLU PC 130 -74.96 56.15 0.84
CA GLU PC 130 -74.08 57.28 1.15
C GLU PC 130 -72.75 57.15 0.45
N GLY PC 131 -72.29 55.92 0.22
CA GLY PC 131 -71.06 55.72 -0.53
C GLY PC 131 -71.20 56.14 -1.98
N TYR PC 132 -72.36 55.88 -2.58
CA TYR PC 132 -72.61 56.31 -3.96
C TYR PC 132 -72.68 57.82 -4.05
N ARG PC 133 -73.11 58.48 -2.97
CA ARG PC 133 -73.18 59.94 -2.95
C ARG PC 133 -71.80 60.56 -2.98
N VAL PC 134 -70.82 59.92 -2.33
CA VAL PC 134 -69.47 60.46 -2.23
C VAL PC 134 -68.52 59.85 -3.26
N ASN PC 135 -68.86 58.70 -3.86
CA ASN PC 135 -67.96 58.07 -4.82
C ASN PC 135 -68.60 58.01 -6.20
N GLY PC 136 -69.84 57.59 -6.28
CA GLY PC 136 -70.52 57.44 -7.57
C GLY PC 136 -70.82 55.98 -7.85
N GLY PC 137 -72.00 55.73 -8.41
CA GLY PC 137 -72.45 54.39 -8.66
C GLY PC 137 -73.28 54.28 -9.92
N PRO PC 138 -74.45 53.64 -9.83
CA PRO PC 138 -75.28 53.43 -11.02
C PRO PC 138 -75.93 54.70 -11.56
N ALA PC 139 -76.46 55.55 -10.69
CA ALA PC 139 -77.22 56.72 -11.12
C ALA PC 139 -76.36 57.96 -11.34
N GLY PC 140 -75.05 57.85 -11.18
CA GLY PC 140 -74.15 58.97 -11.41
C GLY PC 140 -72.70 58.57 -11.24
N GLU PC 141 -71.79 59.31 -11.87
CA GLU PC 141 -70.38 58.94 -11.78
C GLU PC 141 -69.49 60.09 -11.33
N GLY PC 142 -69.75 61.31 -11.79
CA GLY PC 142 -68.92 62.45 -11.42
C GLY PC 142 -69.69 63.75 -11.25
N LEU PC 143 -70.95 63.66 -10.82
CA LEU PC 143 -71.79 64.84 -10.73
C LEU PC 143 -71.44 65.68 -9.51
N ASP PC 144 -72.23 66.73 -9.30
CA ASP PC 144 -72.03 67.61 -8.15
C ASP PC 144 -72.34 66.86 -6.85
N PRO PC 145 -71.60 67.13 -5.78
CA PRO PC 145 -71.90 66.47 -4.50
C PRO PC 145 -73.27 66.83 -3.94
N LEU PC 146 -73.86 67.95 -4.35
CA LEU PC 146 -75.17 68.36 -3.86
C LEU PC 146 -76.27 68.30 -4.92
N TYR PC 147 -75.93 68.47 -6.20
CA TYR PC 147 -76.93 68.61 -7.26
C TYR PC 147 -76.63 67.65 -8.40
N PRO PC 148 -77.00 66.37 -8.27
CA PRO PC 148 -76.79 65.41 -9.37
C PRO PC 148 -77.61 65.73 -10.61
N GLY PC 149 -78.94 65.73 -10.46
CA GLY PC 149 -79.85 66.24 -11.48
C GLY PC 149 -79.87 65.55 -12.82
N GLU PC 150 -79.61 64.24 -12.90
CA GLU PC 150 -79.74 63.52 -14.16
C GLU PC 150 -80.78 62.41 -14.10
N ALA PC 151 -80.76 61.60 -13.03
CA ALA PC 151 -81.76 60.55 -12.85
C ALA PC 151 -82.59 60.76 -11.59
N PHE PC 152 -82.14 61.61 -10.67
CA PHE PC 152 -82.86 61.93 -9.45
C PHE PC 152 -83.85 63.07 -9.64
N ASP PC 153 -84.00 63.56 -10.87
CA ASP PC 153 -84.95 64.63 -11.19
C ASP PC 153 -85.67 64.25 -12.47
N PRO PC 154 -86.59 63.28 -12.41
CA PRO PC 154 -87.17 62.74 -13.66
C PRO PC 154 -88.13 63.67 -14.38
N LEU PC 155 -88.84 64.55 -13.68
CA LEU PC 155 -89.86 65.39 -14.30
C LEU PC 155 -89.26 66.60 -15.00
N GLY PC 156 -87.96 66.61 -15.22
CA GLY PC 156 -87.29 67.75 -15.81
C GLY PC 156 -86.81 68.70 -14.75
N LEU PC 157 -87.50 69.82 -14.58
CA LEU PC 157 -87.28 70.80 -13.51
C LEU PC 157 -85.91 71.47 -13.55
N ALA PC 158 -85.00 71.01 -14.43
CA ALA PC 158 -83.72 71.66 -14.59
C ALA PC 158 -83.74 72.57 -15.80
N ASP PC 159 -84.72 73.47 -15.84
CA ASP PC 159 -84.87 74.40 -16.96
C ASP PC 159 -84.67 75.83 -16.45
N ASP PC 160 -84.49 76.75 -17.42
CA ASP PC 160 -84.34 78.22 -17.33
C ASP PC 160 -83.63 78.62 -16.04
N PRO PC 161 -82.30 78.40 -15.95
CA PRO PC 161 -81.58 78.50 -14.67
C PRO PC 161 -81.74 79.78 -13.85
N GLU PC 162 -82.37 80.82 -14.40
CA GLU PC 162 -82.78 81.92 -13.54
C GLU PC 162 -83.87 81.46 -12.57
N ALA PC 163 -84.84 80.68 -13.07
CA ALA PC 163 -85.88 80.16 -12.21
C ALA PC 163 -85.37 79.00 -11.36
N PHE PC 164 -84.37 78.27 -11.86
CA PHE PC 164 -83.74 77.22 -11.07
C PHE PC 164 -82.95 77.80 -9.91
N ALA PC 165 -82.26 78.92 -10.14
CA ALA PC 165 -81.45 79.53 -9.09
C ALA PC 165 -82.31 80.04 -7.94
N GLU PC 166 -83.42 80.71 -8.26
CA GLU PC 166 -84.33 81.14 -7.20
C GLU PC 166 -85.06 79.95 -6.58
N LEU PC 167 -85.16 78.84 -7.32
CA LEU PC 167 -85.75 77.64 -6.76
C LEU PC 167 -84.77 76.95 -5.80
N LYS PC 168 -83.47 77.16 -6.02
CA LYS PC 168 -82.48 76.73 -5.04
C LYS PC 168 -82.66 77.48 -3.72
N VAL PC 169 -82.90 78.79 -3.80
CA VAL PC 169 -83.12 79.58 -2.60
C VAL PC 169 -84.44 79.18 -1.94
N LYS PC 170 -85.40 78.74 -2.75
CA LYS PC 170 -86.63 78.16 -2.19
C LYS PC 170 -86.31 76.86 -1.44
N GLU PC 171 -85.41 76.04 -1.98
CA GLU PC 171 -85.09 74.78 -1.34
C GLU PC 171 -84.32 74.99 -0.05
N ILE PC 172 -83.37 75.93 -0.02
CA ILE PC 172 -82.58 76.14 1.18
C ILE PC 172 -83.40 76.85 2.26
N LYS PC 173 -84.31 77.74 1.87
CA LYS PC 173 -85.13 78.42 2.88
C LYS PC 173 -86.22 77.51 3.43
N ASN PC 174 -86.83 76.70 2.57
CA ASN PC 174 -87.73 75.66 3.06
C ASN PC 174 -86.94 74.60 3.82
N GLY PC 175 -85.73 74.30 3.36
CA GLY PC 175 -84.89 73.34 4.06
C GLY PC 175 -84.48 73.81 5.44
N ARG PC 176 -84.06 75.08 5.55
CA ARG PC 176 -83.68 75.61 6.85
C ARG PC 176 -84.90 75.77 7.76
N LEU PC 177 -86.08 75.98 7.18
CA LEU PC 177 -87.31 76.09 7.96
C LEU PC 177 -87.62 74.79 8.69
N ALA PC 178 -87.38 73.65 8.03
CA ALA PC 178 -87.63 72.36 8.66
C ALA PC 178 -86.60 72.06 9.75
N MET PC 179 -85.35 72.52 9.57
CA MET PC 179 -84.34 72.32 10.60
C MET PC 179 -84.65 73.13 11.85
N PHE PC 180 -85.29 74.28 11.71
CA PHE PC 180 -85.70 75.06 12.86
C PHE PC 180 -86.77 74.32 13.66
N ALA PC 181 -87.69 73.66 12.96
CA ALA PC 181 -88.75 72.91 13.62
C ALA PC 181 -88.25 71.61 14.22
N CYS PC 182 -87.34 70.91 13.52
CA CYS PC 182 -86.90 69.59 13.95
C CYS PC 182 -86.18 69.63 15.29
N LEU PC 183 -85.32 70.64 15.50
CA LEU PC 183 -84.74 70.85 16.82
C LEU PC 183 -85.82 71.25 17.82
N GLY PC 184 -86.79 72.06 17.38
CA GLY PC 184 -87.90 72.42 18.24
C GLY PC 184 -88.78 71.23 18.58
N PHE PC 185 -88.95 70.30 17.65
CA PHE PC 185 -89.72 69.10 17.91
C PHE PC 185 -89.09 68.26 19.01
N PHE PC 186 -87.78 68.09 18.96
CA PHE PC 186 -87.07 67.24 19.91
C PHE PC 186 -87.12 67.82 21.31
N VAL PC 187 -86.97 69.14 21.43
CA VAL PC 187 -86.90 69.77 22.74
C VAL PC 187 -88.30 69.92 23.33
N GLN PC 188 -89.33 69.95 22.48
CA GLN PC 188 -90.70 70.00 22.98
C GLN PC 188 -91.11 68.69 23.63
N ALA PC 189 -90.45 67.59 23.22
CA ALA PC 189 -90.76 66.29 23.80
C ALA PC 189 -90.22 66.18 25.23
N ILE PC 190 -88.99 66.64 25.46
CA ILE PC 190 -88.36 66.43 26.75
C ILE PC 190 -88.98 67.33 27.82
N VAL PC 191 -89.67 68.40 27.40
CA VAL PC 191 -90.28 69.30 28.36
C VAL PC 191 -91.79 69.14 28.46
N THR PC 192 -92.45 68.56 27.46
CA THR PC 192 -93.89 68.36 27.52
C THR PC 192 -94.33 66.91 27.54
N GLY PC 193 -93.60 66.03 26.85
CA GLY PC 193 -94.06 64.66 26.74
C GLY PC 193 -95.29 64.49 25.89
N LYS PC 194 -95.50 65.38 24.92
CA LYS PC 194 -96.69 65.38 24.08
C LYS PC 194 -96.28 65.47 22.62
N GLY PC 195 -97.18 65.03 21.74
CA GLY PC 195 -96.97 65.10 20.32
C GLY PC 195 -97.02 66.52 19.79
N PRO PC 196 -96.47 66.74 18.59
CA PRO PC 196 -96.48 68.10 18.02
C PRO PC 196 -97.88 68.61 17.69
N ILE PC 197 -98.77 67.73 17.23
CA ILE PC 197 -100.12 68.17 16.87
C ILE PC 197 -100.91 68.54 18.13
N GLU PC 198 -100.83 67.70 19.16
CA GLU PC 198 -101.58 67.97 20.38
C GLU PC 198 -101.00 69.13 21.18
N ASN PC 199 -99.67 69.35 21.08
CA ASN PC 199 -99.08 70.52 21.72
C ASN PC 199 -99.57 71.80 21.07
N LEU PC 200 -99.73 71.78 19.74
CA LEU PC 200 -100.26 72.95 19.04
C LEU PC 200 -101.70 73.21 19.41
N THR PC 201 -102.54 72.17 19.43
CA THR PC 201 -103.95 72.36 19.75
C THR PC 201 -104.14 72.77 21.20
N ASP PC 202 -103.23 72.33 22.09
CA ASP PC 202 -103.29 72.78 23.48
C ASP PC 202 -103.02 74.27 23.59
N HIS PC 203 -102.03 74.78 22.85
CA HIS PC 203 -101.78 76.21 22.84
C HIS PC 203 -102.89 76.95 22.10
N LEU PC 204 -103.44 76.35 21.04
CA LEU PC 204 -104.53 76.98 20.32
C LEU PC 204 -105.82 77.00 21.13
N ALA PC 205 -106.02 76.04 22.02
CA ALA PC 205 -107.20 76.06 22.89
C ALA PC 205 -107.11 77.18 23.92
N ASN PC 206 -105.90 77.44 24.41
CA ASN PC 206 -105.67 78.50 25.38
C ASN PC 206 -104.26 79.05 25.21
N PRO PC 207 -104.10 80.19 24.53
CA PRO PC 207 -102.76 80.72 24.27
C PRO PC 207 -102.13 81.39 25.47
N ALA PC 208 -102.90 81.75 26.49
CA ALA PC 208 -102.35 82.51 27.61
C ALA PC 208 -101.44 81.65 28.47
N GLU PC 209 -101.79 80.38 28.70
CA GLU PC 209 -101.05 79.55 29.63
C GLU PC 209 -100.35 78.36 28.99
N ASN PC 210 -100.93 77.75 27.96
CA ASN PC 210 -100.32 76.58 27.32
C ASN PC 210 -99.16 77.01 26.43
N ASN PC 211 -98.05 77.37 27.08
CA ASN PC 211 -96.83 77.73 26.40
C ASN PC 211 -95.64 77.16 27.16
N ALA PC 212 -94.43 77.50 26.71
CA ALA PC 212 -93.23 76.96 27.32
C ALA PC 212 -93.00 77.51 28.72
N PHE PC 213 -93.53 78.70 29.01
CA PHE PC 213 -93.36 79.29 30.33
C PHE PC 213 -94.03 78.50 31.43
N ALA PC 214 -95.02 77.67 31.10
CA ALA PC 214 -95.61 76.76 32.07
C ALA PC 214 -94.66 75.61 32.39
N TYR PC 215 -93.74 75.29 31.50
CA TYR PC 215 -92.76 74.24 31.70
C TYR PC 215 -91.39 74.79 32.11
N ALA PC 216 -91.34 76.07 32.47
CA ALA PC 216 -90.07 76.73 32.75
C ALA PC 216 -89.40 76.23 34.02
N THR PC 217 -90.13 75.51 34.88
CA THR PC 217 -89.57 74.99 36.12
C THR PC 217 -89.49 73.46 36.14
N LYS PC 218 -89.56 72.83 34.97
CA LYS PC 218 -89.61 71.38 34.92
C LYS PC 218 -88.26 70.74 35.29
N PHE PC 219 -87.15 71.38 34.93
CA PHE PC 219 -85.82 70.85 35.22
C PHE PC 219 -85.27 71.38 36.54
N THR PC 220 -86.15 71.63 37.51
CA THR PC 220 -85.73 72.24 38.77
C THR PC 220 -84.81 71.31 39.55
N PRO PC 221 -83.79 71.86 40.20
CA PRO PC 221 -82.95 71.05 41.09
C PRO PC 221 -83.45 71.14 42.53
N GLN PC 222 -83.22 70.06 43.28
CA GLN PC 222 -83.65 70.04 44.68
C GLN PC 222 -82.61 70.70 45.57
N GLU QC 1 -44.15 92.67 29.59
CA GLU QC 1 -45.33 92.39 30.39
C GLU QC 1 -46.62 92.64 29.61
N PHE QC 2 -47.33 91.55 29.32
CA PHE QC 2 -48.63 91.49 28.63
C PHE QC 2 -48.59 92.01 27.20
N TYR QC 3 -47.43 92.41 26.67
CA TYR QC 3 -47.29 92.82 25.28
C TYR QC 3 -45.89 92.46 24.81
N GLY QC 4 -45.78 92.13 23.53
CA GLY QC 4 -44.51 91.76 22.95
C GLY QC 4 -44.09 90.36 23.33
N PRO QC 5 -42.83 90.00 23.02
CA PRO QC 5 -42.35 88.65 23.36
C PRO QC 5 -42.26 88.39 24.86
N ASP QC 6 -42.07 89.44 25.67
CA ASP QC 6 -41.97 89.31 27.11
C ASP QC 6 -43.33 89.43 27.79
N ARG QC 7 -44.39 89.11 27.06
CA ARG QC 7 -45.74 89.15 27.61
C ARG QC 7 -45.94 88.01 28.60
N ALA QC 8 -47.01 88.13 29.38
CA ALA QC 8 -47.35 87.07 30.33
C ALA QC 8 -47.79 85.82 29.58
N LYS QC 9 -46.94 84.81 29.59
CA LYS QC 9 -47.22 83.53 28.95
C LYS QC 9 -48.19 82.74 29.81
N PHE QC 10 -48.79 81.72 29.22
CA PHE QC 10 -49.80 80.94 29.92
C PHE QC 10 -49.23 80.10 31.06
N LEU QC 11 -48.16 79.34 30.80
CA LEU QC 11 -47.75 78.31 31.75
C LEU QC 11 -46.36 78.59 32.32
N GLY QC 12 -45.98 79.87 32.43
CA GLY QC 12 -44.69 80.24 32.97
C GLY QC 12 -43.53 79.78 32.11
N PRO QC 13 -42.61 79.02 32.71
CA PRO QC 13 -41.47 78.51 31.93
C PRO QC 13 -41.84 77.41 30.96
N PHE QC 14 -43.07 76.87 31.03
CA PHE QC 14 -43.51 75.82 30.12
C PHE QC 14 -44.23 76.37 28.89
N SER QC 15 -44.32 77.69 28.75
CA SER QC 15 -44.88 78.31 27.57
C SER QC 15 -43.85 79.20 26.87
N GLU QC 16 -42.57 79.05 27.19
CA GLU QC 16 -41.54 79.87 26.60
C GLU QC 16 -41.20 79.43 25.17
N ASN QC 17 -41.19 78.12 24.92
CA ASN QC 17 -40.75 77.62 23.61
C ASN QC 17 -41.89 77.50 22.62
N ASP QC 18 -42.89 76.67 22.92
CA ASP QC 18 -43.99 76.39 21.99
C ASP QC 18 -45.06 77.43 22.20
N THR QC 19 -45.03 78.46 21.36
CA THR QC 19 -46.01 79.53 21.34
C THR QC 19 -46.46 79.75 19.90
N PRO QC 20 -47.76 79.89 19.64
CA PRO QC 20 -48.24 80.06 18.26
C PRO QC 20 -47.64 81.29 17.60
N GLU QC 21 -47.32 81.16 16.31
CA GLU QC 21 -46.64 82.21 15.57
C GLU QC 21 -47.52 83.46 15.42
N TYR QC 22 -48.80 83.27 15.12
CA TYR QC 22 -49.73 84.40 15.02
C TYR QC 22 -50.08 85.01 16.36
N LEU QC 23 -49.83 84.32 17.48
CA LEU QC 23 -50.05 84.89 18.80
C LEU QC 23 -48.81 85.73 19.14
N THR QC 24 -48.75 86.92 18.57
CA THR QC 24 -47.62 87.82 18.74
C THR QC 24 -47.75 88.71 19.98
N GLY QC 25 -48.83 88.59 20.73
CA GLY QC 25 -49.02 89.45 21.88
C GLY QC 25 -49.56 90.82 21.55
N GLU QC 26 -50.08 91.00 20.33
CA GLU QC 26 -50.66 92.27 19.94
C GLU QC 26 -52.01 92.53 20.57
N PHE QC 27 -52.89 91.53 20.61
CA PHE QC 27 -54.20 91.72 21.20
C PHE QC 27 -54.17 91.42 22.69
N PRO QC 28 -54.97 92.14 23.49
CA PRO QC 28 -54.96 91.91 24.95
C PRO QC 28 -55.48 90.53 25.31
N GLY QC 29 -54.96 90.01 26.43
CA GLY QC 29 -55.32 88.70 26.92
C GLY QC 29 -54.55 87.55 26.32
N ASP QC 30 -53.54 87.83 25.51
CA ASP QC 30 -52.77 86.76 24.88
C ASP QC 30 -51.82 86.14 25.90
N TYR QC 31 -51.90 84.82 26.03
CA TYR QC 31 -51.00 84.06 26.88
C TYR QC 31 -50.27 82.95 26.13
N GLY QC 32 -50.45 82.85 24.82
CA GLY QC 32 -49.94 81.74 24.04
C GLY QC 32 -50.83 80.53 24.05
N TRP QC 33 -52.12 80.69 24.35
CA TRP QC 33 -53.05 79.59 24.50
C TRP QC 33 -54.04 79.56 23.34
N ASP QC 34 -53.65 78.81 22.31
CA ASP QC 34 -54.48 78.45 21.16
C ASP QC 34 -54.23 76.97 20.84
N THR QC 35 -54.24 76.14 21.90
CA THR QC 35 -53.73 74.77 21.81
C THR QC 35 -54.57 73.87 20.91
N ALA QC 36 -55.90 73.97 20.96
CA ALA QC 36 -56.70 73.02 20.20
C ALA QC 36 -56.69 73.27 18.71
N GLY QC 37 -56.32 74.47 18.27
CA GLY QC 37 -56.34 74.76 16.85
C GLY QC 37 -57.67 75.16 16.28
N LEU QC 38 -58.20 76.32 16.68
CA LEU QC 38 -59.42 76.84 16.10
C LEU QC 38 -59.23 78.19 15.40
N SER QC 39 -58.13 78.89 15.67
CA SER QC 39 -58.00 80.27 15.24
C SER QC 39 -56.73 80.47 14.41
N ALA QC 40 -56.49 79.61 13.43
CA ALA QC 40 -55.37 79.84 12.53
C ALA QC 40 -55.60 81.04 11.63
N ASP QC 41 -56.81 81.15 11.05
CA ASP QC 41 -57.15 82.24 10.15
C ASP QC 41 -57.36 83.55 10.92
N PRO QC 42 -56.79 84.66 10.45
CA PRO QC 42 -56.90 85.92 11.22
C PRO QC 42 -58.32 86.46 11.32
N GLN QC 43 -59.16 86.27 10.30
CA GLN QC 43 -60.53 86.74 10.42
C GLN QC 43 -61.35 85.81 11.31
N THR QC 44 -60.93 84.54 11.42
CA THR QC 44 -61.51 83.67 12.43
C THR QC 44 -60.99 84.04 13.82
N PHE QC 45 -59.74 84.50 13.89
CA PHE QC 45 -59.25 85.12 15.12
C PHE QC 45 -60.01 86.41 15.42
N ALA QC 46 -60.37 87.16 14.36
CA ALA QC 46 -61.08 88.42 14.55
C ALA QC 46 -62.47 88.20 15.13
N ARG QC 47 -63.21 87.21 14.62
CA ARG QC 47 -64.59 87.02 15.06
C ARG QC 47 -64.66 86.40 16.44
N TYR QC 48 -63.79 85.42 16.73
CA TYR QC 48 -63.78 84.80 18.05
C TYR QC 48 -63.41 85.79 19.14
N ARG QC 49 -62.57 86.77 18.80
CA ARG QC 49 -62.18 87.79 19.78
C ARG QC 49 -63.35 88.70 20.12
N GLU QC 50 -64.19 89.03 19.13
CA GLU QC 50 -65.42 89.77 19.41
C GLU QC 50 -66.38 88.94 20.25
N ILE QC 51 -66.49 87.64 19.95
CA ILE QC 51 -67.37 86.76 20.71
C ILE QC 51 -66.90 86.67 22.15
N GLU QC 52 -65.58 86.54 22.36
CA GLU QC 52 -65.05 86.46 23.72
C GLU QC 52 -65.19 87.79 24.44
N LEU QC 53 -64.94 88.92 23.75
CA LEU QC 53 -65.09 90.22 24.37
C LEU QC 53 -66.53 90.51 24.74
N ILE QC 54 -67.48 90.15 23.86
CA ILE QC 54 -68.89 90.32 24.18
C ILE QC 54 -69.29 89.36 25.30
N HIS QC 55 -68.71 88.16 25.32
CA HIS QC 55 -69.00 87.24 26.42
C HIS QC 55 -68.36 87.71 27.71
N ALA QC 56 -67.19 88.36 27.63
CA ALA QC 56 -66.50 88.82 28.84
C ALA QC 56 -67.33 89.85 29.57
N ARG QC 57 -67.91 90.80 28.83
CA ARG QC 57 -68.69 91.86 29.44
C ARG QC 57 -70.07 91.39 29.85
N TRP QC 58 -70.62 90.40 29.12
CA TRP QC 58 -71.88 89.79 29.55
C TRP QC 58 -71.69 88.99 30.83
N ALA QC 59 -70.55 88.30 30.97
CA ALA QC 59 -70.29 87.53 32.17
C ALA QC 59 -70.00 88.41 33.38
N LEU QC 60 -69.35 89.56 33.18
CA LEU QC 60 -69.18 90.51 34.27
C LEU QC 60 -70.53 91.01 34.75
N LEU QC 61 -71.44 91.27 33.81
CA LEU QC 61 -72.80 91.66 34.17
C LEU QC 61 -73.55 90.51 34.85
N GLY QC 62 -73.33 89.28 34.38
CA GLY QC 62 -74.06 88.16 34.93
C GLY QC 62 -73.62 87.79 36.34
N ALA QC 63 -72.31 87.74 36.58
CA ALA QC 63 -71.80 87.32 37.89
C ALA QC 63 -72.15 88.32 38.98
N LEU QC 64 -72.17 89.62 38.67
CA LEU QC 64 -72.58 90.61 39.65
C LEU QC 64 -74.07 90.58 39.89
N GLY QC 65 -74.86 90.25 38.85
CA GLY QC 65 -76.30 90.21 39.00
C GLY QC 65 -76.80 89.01 39.75
N ILE QC 66 -75.99 87.95 39.86
CA ILE QC 66 -76.41 86.75 40.56
C ILE QC 66 -75.83 86.66 41.96
N LEU QC 67 -75.19 87.73 42.45
CA LEU QC 67 -74.68 87.78 43.82
C LEU QC 67 -75.29 88.93 44.62
N THR QC 68 -75.39 90.13 44.01
CA THR QC 68 -75.87 91.30 44.74
C THR QC 68 -77.28 91.19 45.33
N PRO QC 69 -78.30 90.59 44.68
CA PRO QC 69 -79.55 90.41 45.43
C PRO QC 69 -79.41 89.46 46.62
N GLU QC 70 -78.65 88.38 46.46
CA GLU QC 70 -78.44 87.46 47.56
C GLU QC 70 -77.43 88.02 48.57
N LEU QC 71 -76.49 88.85 48.10
CA LEU QC 71 -75.63 89.60 49.03
C LEU QC 71 -76.46 90.57 49.84
N LEU QC 72 -77.52 91.13 49.25
CA LEU QC 72 -78.42 91.98 50.00
C LEU QC 72 -79.25 91.19 51.01
N SER QC 73 -79.60 89.95 50.67
CA SER QC 73 -80.29 89.08 51.63
C SER QC 73 -79.40 88.78 52.82
N GLN QC 74 -78.11 88.53 52.57
CA GLN QC 74 -77.15 88.37 53.64
C GLN QC 74 -76.77 89.75 54.18
N TYR QC 75 -76.07 89.77 55.32
CA TYR QC 75 -75.60 90.99 55.97
C TYR QC 75 -76.77 91.89 56.37
N ALA QC 76 -77.11 92.86 55.53
CA ALA QC 76 -78.10 93.87 55.91
C ALA QC 76 -79.52 93.51 55.47
N GLY QC 77 -79.94 92.26 55.74
CA GLY QC 77 -81.31 91.79 55.68
C GLY QC 77 -82.31 92.31 54.65
N VAL QC 78 -81.91 92.45 53.39
CA VAL QC 78 -82.84 92.95 52.38
C VAL QC 78 -83.64 91.78 51.82
N GLN QC 79 -84.96 91.88 51.89
CA GLN QC 79 -85.85 90.81 51.46
C GLN QC 79 -86.26 90.97 50.01
N PHE QC 80 -86.56 89.84 49.37
CA PHE QC 80 -87.09 89.77 48.01
C PHE QC 80 -88.09 88.63 47.93
N GLY QC 81 -88.59 88.39 46.72
CA GLY QC 81 -89.41 87.21 46.49
C GLY QC 81 -88.62 85.93 46.68
N GLU QC 82 -87.42 85.86 46.09
CA GLU QC 82 -86.48 84.77 46.29
C GLU QC 82 -85.06 85.27 46.05
N PRO QC 83 -84.12 84.97 46.96
CA PRO QC 83 -82.74 85.40 46.75
C PRO QC 83 -81.97 84.51 45.79
N VAL QC 84 -82.52 83.32 45.52
CA VAL QC 84 -81.85 82.36 44.65
C VAL QC 84 -81.86 82.88 43.21
N TRP QC 85 -80.67 82.89 42.60
CA TRP QC 85 -80.56 83.45 41.25
C TRP QC 85 -81.08 82.48 40.19
N PHE QC 86 -80.87 81.17 40.36
CA PHE QC 86 -81.32 80.25 39.33
C PHE QC 86 -82.80 79.91 39.47
N LYS QC 87 -83.45 80.36 40.53
CA LYS QC 87 -84.90 80.23 40.68
C LYS QC 87 -85.55 81.61 40.70
N ALA QC 88 -84.85 82.63 40.20
CA ALA QC 88 -85.33 84.00 40.27
C ALA QC 88 -86.43 84.27 39.26
N GLY QC 89 -86.67 83.35 38.32
CA GLY QC 89 -87.70 83.57 37.32
C GLY QC 89 -89.11 83.34 37.84
N ALA QC 90 -89.24 82.88 39.10
CA ALA QC 90 -90.55 82.57 39.66
C ALA QC 90 -91.28 83.80 40.16
N GLN QC 91 -90.65 84.97 40.18
CA GLN QC 91 -91.32 86.17 40.69
C GLN QC 91 -92.46 86.62 39.78
N ILE QC 92 -92.26 86.56 38.46
CA ILE QC 92 -93.31 87.01 37.56
C ILE QC 92 -94.45 86.00 37.46
N PHE QC 93 -94.21 84.74 37.84
CA PHE QC 93 -95.28 83.75 37.91
C PHE QC 93 -96.01 83.78 39.25
N ALA QC 94 -95.49 84.51 40.24
CA ALA QC 94 -96.14 84.59 41.53
C ALA QC 94 -97.32 85.55 41.49
N ALA QC 95 -98.13 85.51 42.55
CA ALA QC 95 -99.28 86.41 42.64
C ALA QC 95 -98.82 87.85 42.86
N GLY QC 96 -97.78 88.04 43.66
CA GLY QC 96 -97.29 89.37 43.98
C GLY QC 96 -96.42 90.02 42.93
N GLY QC 97 -96.15 89.32 41.82
CA GLY QC 97 -95.38 89.90 40.75
C GLY QC 97 -93.88 89.96 41.04
N LEU QC 98 -93.18 90.70 40.19
CA LEU QC 98 -91.73 90.83 40.26
C LEU QC 98 -91.41 92.16 40.92
N ASN QC 99 -90.48 92.13 41.87
CA ASN QC 99 -90.11 93.32 42.63
C ASN QC 99 -88.60 93.53 42.51
N TYR QC 100 -88.21 94.79 42.33
CA TYR QC 100 -86.79 95.11 42.18
C TYR QC 100 -86.03 95.00 43.50
N LEU QC 101 -86.68 95.32 44.61
CA LEU QC 101 -86.04 95.19 45.92
C LEU QC 101 -86.98 94.60 46.96
N GLY QC 102 -88.03 93.91 46.54
CA GLY QC 102 -89.07 93.45 47.42
C GLY QC 102 -90.23 94.41 47.58
N ASN QC 103 -90.09 95.63 47.06
CA ASN QC 103 -91.13 96.64 47.20
C ASN QC 103 -92.25 96.41 46.19
N GLU QC 104 -93.49 96.54 46.67
CA GLU QC 104 -94.66 96.31 45.83
C GLU QC 104 -94.75 97.33 44.71
N SER QC 105 -94.48 98.59 44.99
CA SER QC 105 -94.65 99.69 44.06
C SER QC 105 -93.46 99.88 43.13
N LEU QC 106 -92.41 99.05 43.25
CA LEU QC 106 -91.24 99.22 42.39
C LEU QC 106 -91.54 98.77 40.96
N ILE QC 107 -91.86 97.49 40.78
CA ILE QC 107 -92.09 96.98 39.44
C ILE QC 107 -93.49 96.39 39.33
N HIS QC 108 -93.75 95.33 40.10
CA HIS QC 108 -95.03 94.61 40.10
C HIS QC 108 -95.41 94.12 38.69
N ALA QC 109 -94.49 93.40 38.07
CA ALA QC 109 -94.75 92.83 36.75
C ALA QC 109 -95.30 91.42 36.88
N GLN QC 110 -96.35 91.13 36.11
CA GLN QC 110 -96.98 89.82 36.14
C GLN QC 110 -97.02 89.13 34.79
N SER QC 111 -97.10 89.87 33.69
CA SER QC 111 -97.24 89.31 32.36
C SER QC 111 -95.84 89.00 31.83
N ILE QC 112 -95.50 87.71 31.76
CA ILE QC 112 -94.21 87.30 31.23
C ILE QC 112 -94.16 87.52 29.72
N ILE QC 113 -95.34 87.56 29.07
CA ILE QC 113 -95.41 87.78 27.63
C ILE QC 113 -94.98 89.19 27.28
N ALA QC 114 -95.40 90.18 28.08
CA ALA QC 114 -95.08 91.58 27.79
C ALA QC 114 -93.59 91.87 27.94
N THR QC 115 -92.98 91.41 29.03
CA THR QC 115 -91.57 91.69 29.28
C THR QC 115 -90.65 90.89 28.36
N LEU QC 116 -91.16 89.79 27.80
CA LEU QC 116 -90.36 89.04 26.83
C LEU QC 116 -90.26 89.77 25.51
N ALA QC 117 -91.38 90.33 25.03
CA ALA QC 117 -91.36 91.06 23.76
C ALA QC 117 -90.67 92.40 23.90
N VAL QC 118 -90.78 93.04 25.06
CA VAL QC 118 -90.13 94.33 25.29
C VAL QC 118 -88.61 94.17 25.25
N GLN QC 119 -88.10 93.12 25.91
CA GLN QC 119 -86.66 92.91 25.97
C GLN QC 119 -86.09 92.54 24.61
N VAL QC 120 -86.79 91.68 23.85
CA VAL QC 120 -86.28 91.22 22.56
C VAL QC 120 -86.21 92.38 21.57
N VAL QC 121 -87.24 93.23 21.55
CA VAL QC 121 -87.25 94.40 20.66
C VAL QC 121 -86.14 95.36 21.03
N LEU QC 122 -85.98 95.63 22.33
CA LEU QC 122 -84.92 96.51 22.80
C LEU QC 122 -83.55 95.92 22.50
N MET QC 123 -83.38 94.62 22.75
CA MET QC 123 -82.07 94.01 22.49
C MET QC 123 -81.89 93.74 21.00
N GLY QC 124 -83.00 93.57 20.26
CA GLY QC 124 -82.90 93.38 18.82
C GLY QC 124 -82.37 94.60 18.11
N LEU QC 125 -82.90 95.78 18.45
CA LEU QC 125 -82.42 97.02 17.84
C LEU QC 125 -80.99 97.33 18.27
N ALA QC 126 -80.67 97.11 19.56
CA ALA QC 126 -79.35 97.43 20.07
C ALA QC 126 -78.28 96.51 19.49
N GLU QC 127 -78.57 95.22 19.38
CA GLU QC 127 -77.58 94.29 18.84
C GLU QC 127 -77.38 94.48 17.36
N ALA QC 128 -78.44 94.84 16.62
CA ALA QC 128 -78.31 95.12 15.21
C ALA QC 128 -77.49 96.39 14.96
N TYR QC 129 -77.68 97.41 15.83
CA TYR QC 129 -76.89 98.63 15.72
C TYR QC 129 -75.41 98.37 15.97
N ARG QC 130 -75.11 97.49 16.93
CA ARG QC 130 -73.72 97.13 17.22
C ARG QC 130 -73.09 96.39 16.05
N ALA QC 131 -73.82 95.43 15.47
CA ALA QC 131 -73.30 94.68 14.32
C ALA QC 131 -73.19 95.58 13.09
N ASN QC 132 -74.21 96.41 12.83
CA ASN QC 132 -74.14 97.34 11.72
C ASN QC 132 -73.11 98.44 11.94
N GLY QC 133 -72.75 98.71 13.19
CA GLY QC 133 -71.87 99.82 13.50
C GLY QC 133 -72.49 101.16 13.19
N GLY QC 134 -73.77 101.34 13.56
CA GLY QC 134 -74.47 102.57 13.26
C GLY QC 134 -74.91 102.63 11.82
N SER QC 135 -75.66 103.70 11.50
CA SER QC 135 -76.14 103.91 10.14
C SER QC 135 -76.52 105.37 9.99
N GLU QC 136 -76.64 105.80 8.72
CA GLU QC 136 -77.10 107.12 8.27
C GLU QC 136 -76.46 108.28 9.04
N GLY QC 137 -75.21 108.09 9.48
CA GLY QC 137 -74.51 109.10 10.24
C GLY QC 137 -74.65 109.00 11.74
N PHE QC 138 -75.65 108.28 12.23
CA PHE QC 138 -75.82 108.09 13.66
C PHE QC 138 -74.87 106.99 14.10
N LEU QC 139 -73.72 107.40 14.65
CA LEU QC 139 -72.63 106.49 15.06
C LEU QC 139 -72.19 105.61 13.90
N ASP QC 140 -72.15 106.18 12.69
CA ASP QC 140 -71.74 105.46 11.50
C ASP QC 140 -70.21 105.47 11.38
N ASP QC 141 -69.53 104.98 12.41
CA ASP QC 141 -68.08 105.01 12.50
C ASP QC 141 -67.65 103.94 13.50
N LEU QC 142 -66.40 104.07 13.98
CA LEU QC 142 -65.81 103.27 15.05
C LEU QC 142 -65.60 101.80 14.65
N ASP QC 143 -64.84 101.08 15.47
CA ASP QC 143 -64.39 99.73 15.15
C ASP QC 143 -65.40 98.66 15.50
N THR QC 144 -66.58 99.04 16.01
CA THR QC 144 -67.66 98.17 16.45
C THR QC 144 -67.24 97.20 17.57
N LEU QC 145 -66.09 97.41 18.18
CA LEU QC 145 -65.62 96.65 19.32
C LEU QC 145 -65.20 97.54 20.48
N TYR QC 146 -64.59 98.69 20.18
CA TYR QC 146 -64.20 99.68 21.20
C TYR QC 146 -64.72 101.04 20.75
N PRO QC 147 -66.03 101.28 20.88
CA PRO QC 147 -66.62 102.51 20.31
C PRO QC 147 -66.13 103.79 20.94
N GLY QC 148 -66.26 103.93 22.25
CA GLY QC 148 -65.81 105.16 22.92
C GLY QC 148 -66.71 106.37 22.81
N GLY QC 149 -66.86 106.92 21.59
CA GLY QC 149 -67.75 108.04 21.36
C GLY QC 149 -69.18 107.73 21.69
N ALA QC 150 -69.80 108.56 22.53
CA ALA QC 150 -71.15 108.37 23.08
C ALA QC 150 -71.27 107.07 23.88
N PHE QC 151 -70.14 106.49 24.28
CA PHE QC 151 -70.10 105.31 25.13
C PHE QC 151 -69.03 105.40 26.21
N ASP QC 152 -68.17 106.42 26.18
CA ASP QC 152 -67.17 106.68 27.22
C ASP QC 152 -67.36 108.10 27.71
N PRO QC 153 -68.37 108.34 28.55
CA PRO QC 153 -68.61 109.71 29.04
C PRO QC 153 -67.47 110.27 29.88
N LEU QC 154 -66.74 109.42 30.60
CA LEU QC 154 -65.61 109.85 31.40
C LEU QC 154 -64.40 110.25 30.57
N GLY QC 155 -64.37 109.87 29.28
CA GLY QC 155 -63.24 110.18 28.43
C GLY QC 155 -61.96 109.47 28.83
N LEU QC 156 -62.06 108.26 29.36
CA LEU QC 156 -60.89 107.48 29.75
C LEU QC 156 -60.45 106.54 28.62
N ALA QC 157 -60.24 107.12 27.44
CA ALA QC 157 -59.77 106.38 26.28
C ALA QC 157 -58.46 106.91 25.73
N ASP QC 158 -57.95 108.03 26.25
CA ASP QC 158 -56.67 108.57 25.84
C ASP QC 158 -55.53 107.75 26.46
N ASP QC 159 -54.29 108.18 26.19
CA ASP QC 159 -53.05 107.55 26.65
C ASP QC 159 -53.04 106.08 26.26
N PRO QC 160 -52.72 105.75 24.97
CA PRO QC 160 -52.83 104.37 24.48
C PRO QC 160 -52.15 103.30 25.34
N ASP QC 161 -51.07 103.68 26.03
CA ASP QC 161 -50.46 102.77 26.99
C ASP QC 161 -51.42 102.45 28.13
N THR QC 162 -52.10 103.48 28.65
CA THR QC 162 -53.14 103.25 29.66
C THR QC 162 -54.33 102.54 29.04
N PHE QC 163 -54.66 102.87 27.80
CA PHE QC 163 -55.83 102.29 27.15
C PHE QC 163 -55.58 100.86 26.73
N ALA QC 164 -54.30 100.46 26.66
CA ALA QC 164 -53.99 99.06 26.36
C ALA QC 164 -53.98 98.21 27.62
N GLU QC 165 -53.40 98.73 28.71
CA GLU QC 165 -53.37 97.97 29.95
C GLU QC 165 -54.74 97.90 30.60
N LEU QC 166 -55.61 98.88 30.32
CA LEU QC 166 -56.97 98.80 30.82
C LEU QC 166 -57.78 97.77 30.05
N LYS QC 167 -57.41 97.52 28.79
CA LYS QC 167 -57.96 96.40 28.06
C LYS QC 167 -57.53 95.08 28.69
N VAL QC 168 -56.29 95.01 29.16
CA VAL QC 168 -55.79 93.83 29.85
C VAL QC 168 -56.59 93.58 31.11
N LYS QC 169 -56.91 94.64 31.84
CA LYS QC 169 -57.79 94.51 33.00
C LYS QC 169 -59.20 94.13 32.57
N GLU QC 170 -59.59 94.51 31.35
CA GLU QC 170 -60.94 94.22 30.89
C GLU QC 170 -61.12 92.75 30.54
N ILE QC 171 -60.12 92.16 29.88
CA ILE QC 171 -60.23 90.75 29.49
C ILE QC 171 -59.94 89.83 30.67
N LYS QC 172 -59.01 90.21 31.57
CA LYS QC 172 -58.66 89.33 32.68
C LYS QC 172 -59.75 89.32 33.76
N ASN QC 173 -60.38 90.47 34.02
CA ASN QC 173 -61.54 90.47 34.89
C ASN QC 173 -62.71 89.77 34.23
N GLY QC 174 -62.86 89.96 32.91
CA GLY QC 174 -63.92 89.28 32.18
C GLY QC 174 -63.73 87.78 32.14
N ARG QC 175 -62.49 87.32 31.92
CA ARG QC 175 -62.21 85.89 31.98
C ARG QC 175 -62.38 85.36 33.39
N LEU QC 176 -62.08 86.19 34.40
CA LEU QC 176 -62.42 85.84 35.77
C LEU QC 176 -63.93 85.69 35.93
N ALA QC 177 -64.69 86.56 35.27
CA ALA QC 177 -66.14 86.39 35.25
C ALA QC 177 -66.54 85.17 34.42
N MET QC 178 -65.79 84.87 33.36
CA MET QC 178 -66.05 83.68 32.55
C MET QC 178 -65.95 82.41 33.39
N PHE QC 179 -64.83 82.25 34.10
CA PHE QC 179 -64.57 81.00 34.81
C PHE QC 179 -65.42 80.87 36.06
N SER QC 180 -65.80 82.00 36.65
CA SER QC 180 -66.68 81.98 37.82
C SER QC 180 -68.08 81.52 37.44
N CYS QC 181 -68.60 81.99 36.29
CA CYS QC 181 -69.99 81.69 35.90
C CYS QC 181 -70.21 80.21 35.67
N LEU QC 182 -69.23 79.50 35.11
CA LEU QC 182 -69.37 78.07 34.88
C LEU QC 182 -69.59 77.32 36.19
N GLY QC 183 -68.95 77.77 37.26
CA GLY QC 183 -69.22 77.18 38.57
C GLY QC 183 -70.64 77.44 39.03
N PHE QC 184 -71.18 78.61 38.71
CA PHE QC 184 -72.53 78.96 39.16
C PHE QC 184 -73.60 78.09 38.52
N PHE QC 185 -73.44 77.75 37.24
CA PHE QC 185 -74.38 76.83 36.60
C PHE QC 185 -74.19 75.40 37.09
N VAL QC 186 -72.94 74.98 37.30
CA VAL QC 186 -72.69 73.63 37.78
C VAL QC 186 -73.18 73.47 39.22
N GLN QC 187 -72.91 74.47 40.07
CA GLN QC 187 -73.42 74.43 41.44
C GLN QC 187 -74.93 74.54 41.48
N ALA QC 188 -75.55 75.06 40.42
CA ALA QC 188 -77.01 75.13 40.39
C ALA QC 188 -77.63 73.76 40.26
N ILE QC 189 -76.95 72.84 39.58
CA ILE QC 189 -77.51 71.51 39.36
C ILE QC 189 -76.95 70.51 40.37
N VAL QC 190 -75.62 70.55 40.59
CA VAL QC 190 -74.99 69.58 41.47
C VAL QC 190 -75.37 69.86 42.93
N THR QC 191 -75.34 71.12 43.34
CA THR QC 191 -75.69 71.46 44.71
C THR QC 191 -77.13 71.94 44.87
N GLY QC 192 -77.67 72.66 43.88
CA GLY QC 192 -79.04 73.09 43.97
C GLY QC 192 -79.28 74.27 44.90
N LYS QC 193 -78.23 74.98 45.29
CA LYS QC 193 -78.36 76.12 46.18
C LYS QC 193 -77.49 77.27 45.69
N GLY QC 194 -77.57 78.39 46.40
CA GLY QC 194 -76.98 79.64 45.97
C GLY QC 194 -75.46 79.69 46.06
N PRO QC 195 -74.87 80.74 45.45
CA PRO QC 195 -73.41 80.91 45.48
C PRO QC 195 -72.84 81.10 46.87
N VAL QC 196 -73.33 82.10 47.61
CA VAL QC 196 -72.85 82.30 48.97
C VAL QC 196 -73.41 81.25 49.91
N GLN QC 197 -74.52 80.60 49.53
CA GLN QC 197 -75.01 79.45 50.30
C GLN QC 197 -74.01 78.32 50.22
N ASN QC 198 -73.37 78.15 49.05
CA ASN QC 198 -72.25 77.21 48.93
C ASN QC 198 -71.09 77.65 49.82
N LEU QC 199 -70.80 78.95 49.85
CA LEU QC 199 -69.77 79.48 50.74
C LEU QC 199 -70.12 79.26 52.20
N THR QC 200 -71.39 79.49 52.56
CA THR QC 200 -71.82 79.35 53.94
C THR QC 200 -71.66 77.91 54.42
N ASP QC 201 -72.01 76.94 53.59
CA ASP QC 201 -71.86 75.55 53.96
C ASP QC 201 -70.41 75.09 53.87
N HIS QC 202 -69.62 75.71 52.99
CA HIS QC 202 -68.21 75.36 52.89
C HIS QC 202 -67.40 75.90 54.06
N LEU QC 203 -67.69 77.13 54.47
CA LEU QC 203 -66.94 77.75 55.56
C LEU QC 203 -67.19 77.07 56.90
N ALA QC 204 -68.33 76.39 57.05
CA ALA QC 204 -68.59 75.66 58.30
C ALA QC 204 -67.64 74.48 58.45
N ASP QC 205 -67.42 73.73 57.38
CA ASP QC 205 -66.51 72.59 57.39
C ASP QC 205 -66.01 72.31 55.98
N PRO QC 206 -64.88 72.89 55.59
CA PRO QC 206 -64.39 72.70 54.21
C PRO QC 206 -63.97 71.28 53.88
N THR QC 207 -63.59 70.48 54.88
CA THR QC 207 -63.02 69.16 54.59
C THR QC 207 -64.08 68.18 54.09
N VAL QC 208 -65.22 68.09 54.77
CA VAL QC 208 -66.21 67.07 54.44
C VAL QC 208 -67.26 67.64 53.49
N ASN QC 209 -67.38 68.97 53.46
CA ASN QC 209 -68.41 69.62 52.64
C ASN QC 209 -67.72 70.32 51.47
N ASN QC 210 -67.56 69.57 50.39
CA ASN QC 210 -66.93 70.04 49.17
C ASN QC 210 -67.60 69.36 47.99
N ALA QC 211 -66.99 69.51 46.80
CA ALA QC 211 -67.54 68.91 45.60
C ALA QC 211 -67.41 67.39 45.60
N PHE QC 212 -66.43 66.84 46.33
CA PHE QC 212 -66.30 65.39 46.41
C PHE QC 212 -67.44 64.76 47.20
N ALA QC 213 -68.08 65.51 48.10
CA ALA QC 213 -69.24 64.99 48.81
C ALA QC 213 -70.47 64.91 47.92
N SER QC 214 -70.61 65.81 46.94
CA SER QC 214 -71.69 65.76 45.97
C SER QC 214 -71.25 65.06 44.69
N ALA QC 215 -70.10 64.38 44.72
CA ALA QC 215 -69.61 63.67 43.54
C ALA QC 215 -70.39 62.39 43.26
N THR QC 216 -71.18 61.92 44.23
CA THR QC 216 -71.98 60.72 44.08
C THR QC 216 -73.45 61.04 43.80
N LYS QC 217 -73.77 62.30 43.48
CA LYS QC 217 -75.16 62.67 43.24
C LYS QC 217 -75.66 62.12 41.91
N PHE QC 218 -74.83 62.16 40.86
CA PHE QC 218 -75.24 61.73 39.53
C PHE QC 218 -74.87 60.27 39.25
N THR QC 219 -74.84 59.44 40.29
CA THR QC 219 -74.50 58.03 40.12
C THR QC 219 -75.62 57.33 39.36
N PRO QC 220 -75.33 56.70 38.22
CA PRO QC 220 -76.39 56.00 37.49
C PRO QC 220 -76.78 54.70 38.17
N GLY QC 221 -78.08 54.52 38.32
CA GLY QC 221 -78.61 53.35 39.00
C GLY QC 221 -78.51 52.07 38.19
N SER RC 1 0.90 -71.63 -11.30
CA SER RC 1 -0.55 -71.75 -11.18
C SER RC 1 -1.23 -70.39 -11.33
N LEU RC 2 -0.72 -69.40 -10.61
CA LEU RC 2 -1.28 -68.05 -10.62
C LEU RC 2 -0.30 -67.10 -11.27
N SER RC 3 -0.84 -66.08 -11.96
CA SER RC 3 0.02 -65.10 -12.61
C SER RC 3 0.59 -64.09 -11.63
N TYR RC 4 -0.11 -63.84 -10.51
CA TYR RC 4 0.34 -62.86 -9.54
C TYR RC 4 1.03 -63.48 -8.33
N LEU RC 5 1.41 -64.76 -8.42
CA LEU RC 5 2.12 -65.45 -7.34
C LEU RC 5 3.55 -65.81 -7.73
N ASP RC 6 3.73 -66.27 -8.98
CA ASP RC 6 4.96 -66.53 -9.74
C ASP RC 6 6.14 -67.06 -8.93
N GLY RC 7 5.88 -67.97 -8.00
CA GLY RC 7 6.92 -68.66 -7.25
C GLY RC 7 7.78 -67.74 -6.40
N HIS RC 8 9.00 -68.21 -6.12
CA HIS RC 8 10.06 -67.50 -5.39
C HIS RC 8 9.61 -66.96 -4.03
N LEU RC 9 8.67 -67.63 -3.38
CA LEU RC 9 8.33 -67.29 -2.00
C LEU RC 9 8.07 -68.59 -1.24
N PRO RC 10 8.25 -68.60 0.08
CA PRO RC 10 7.94 -69.80 0.87
C PRO RC 10 6.47 -70.19 0.75
N GLY RC 11 6.23 -71.48 0.76
CA GLY RC 11 4.89 -72.02 0.50
C GLY RC 11 4.71 -72.34 -0.98
N ASP RC 12 3.80 -71.62 -1.63
CA ASP RC 12 3.59 -71.66 -3.08
C ASP RC 12 3.26 -73.06 -3.57
N MET RC 13 2.11 -73.56 -3.13
CA MET RC 13 1.52 -74.74 -3.74
C MET RC 13 0.43 -74.38 -4.75
N GLY RC 14 0.16 -73.09 -4.93
CA GLY RC 14 -0.82 -72.65 -5.91
C GLY RC 14 -2.25 -72.70 -5.44
N PHE RC 15 -2.55 -72.09 -4.29
CA PHE RC 15 -3.89 -72.06 -3.75
C PHE RC 15 -4.26 -70.62 -3.43
N ASP RC 16 -5.10 -70.03 -4.28
CA ASP RC 16 -5.59 -68.67 -4.11
C ASP RC 16 -6.85 -68.49 -4.95
N PRO RC 17 -7.99 -69.02 -4.49
CA PRO RC 17 -9.21 -68.99 -5.33
C PRO RC 17 -9.78 -67.61 -5.56
N LEU RC 18 -9.69 -66.70 -4.59
CA LEU RC 18 -10.25 -65.36 -4.70
C LEU RC 18 -9.16 -64.36 -5.10
N HIS RC 19 -9.56 -63.11 -5.23
CA HIS RC 19 -8.63 -62.03 -5.55
C HIS RC 19 -8.03 -61.42 -4.29
N LEU RC 20 -7.50 -62.26 -3.41
CA LEU RC 20 -6.89 -61.76 -2.19
C LEU RC 20 -5.47 -61.25 -2.43
N SER RC 21 -4.71 -61.92 -3.27
CA SER RC 21 -3.39 -61.44 -3.68
C SER RC 21 -3.38 -60.88 -5.10
N SER RC 22 -4.51 -60.88 -5.79
CA SER RC 22 -4.57 -60.35 -7.14
C SER RC 22 -4.45 -58.82 -7.09
N PRO RC 23 -3.53 -58.22 -7.83
CA PRO RC 23 -3.38 -56.76 -7.79
C PRO RC 23 -4.56 -56.06 -8.43
N THR RC 24 -4.98 -54.96 -7.79
CA THR RC 24 -6.10 -54.15 -8.25
C THR RC 24 -5.60 -52.77 -8.62
N VAL RC 25 -6.16 -52.21 -9.68
CA VAL RC 25 -5.84 -50.84 -10.05
C VAL RC 25 -6.48 -49.93 -9.02
N SEP RC 26 -5.76 -48.90 -8.60
CA SEP RC 26 -6.24 -48.04 -7.53
CB SEP RC 26 -5.51 -48.34 -6.22
OG SEP RC 26 -5.46 -49.75 -6.01
C SEP RC 26 -6.11 -46.56 -7.90
O SEP RC 26 -5.18 -46.17 -8.61
P SEP RC 26 -5.87 -50.16 -4.51
O1P SEP RC 26 -4.54 -50.25 -3.59
O2P SEP RC 26 -6.61 -51.58 -4.52
O3P SEP RC 26 -6.88 -49.06 -3.90
N LEU RC 27 -7.04 -45.76 -7.40
CA LEU RC 27 -7.12 -44.35 -7.77
C LEU RC 27 -6.70 -43.47 -6.59
N GLN RC 28 -5.98 -42.38 -6.90
CA GLN RC 28 -5.39 -41.53 -5.87
C GLN RC 28 -5.92 -40.10 -6.05
N ILE RC 29 -6.19 -39.43 -4.93
CA ILE RC 29 -6.64 -38.05 -4.93
C ILE RC 29 -5.70 -37.24 -4.06
N GLY RC 30 -5.64 -35.94 -4.30
CA GLY RC 30 -4.86 -35.06 -3.45
C GLY RC 30 -5.60 -34.70 -2.18
N VAL RC 31 -4.82 -34.31 -1.18
CA VAL RC 31 -5.40 -33.89 0.09
C VAL RC 31 -6.11 -32.54 -0.09
N ASP RC 32 -7.28 -32.41 0.52
CA ASP RC 32 -8.08 -31.21 0.39
C ASP RC 32 -7.44 -30.03 1.12
N GLU RC 33 -7.64 -28.83 0.58
CA GLU RC 33 -7.11 -27.61 1.18
C GLU RC 33 -8.04 -27.17 2.30
N GLU RC 34 -7.67 -27.49 3.54
CA GLU RC 34 -8.46 -27.11 4.69
C GLU RC 34 -7.93 -25.88 5.41
N ASP RC 35 -6.87 -25.25 4.89
CA ASP RC 35 -6.38 -24.03 5.47
C ASP RC 35 -7.36 -22.90 5.15
N GLN RC 36 -7.89 -22.28 6.19
CA GLN RC 36 -8.93 -21.26 6.05
C GLN RC 36 -8.37 -19.87 5.77
N ASN RC 37 -7.05 -19.74 5.60
CA ASN RC 37 -6.43 -18.46 5.29
C ASN RC 37 -6.91 -17.89 3.96
N GLN RC 38 -7.08 -18.72 2.94
CA GLN RC 38 -7.55 -18.29 1.64
C GLN RC 38 -9.06 -18.13 1.63
N ALA RC 39 -9.56 -17.41 0.62
CA ALA RC 39 -10.99 -17.16 0.50
C ALA RC 39 -11.74 -18.38 -0.04
N GLN RC 40 -11.11 -19.16 -0.91
CA GLN RC 40 -11.75 -20.30 -1.54
C GLN RC 40 -11.03 -21.59 -1.18
N ASN RC 41 -11.83 -22.61 -0.84
CA ASN RC 41 -11.32 -23.93 -0.50
C ASN RC 41 -12.09 -24.97 -1.28
N LYS RC 42 -11.39 -25.97 -1.80
CA LYS RC 42 -11.97 -26.99 -2.66
C LYS RC 42 -12.08 -28.32 -1.93
N LYS RC 43 -12.49 -29.34 -2.68
CA LYS RC 43 -12.57 -30.71 -2.18
C LYS RC 43 -11.56 -31.63 -2.85
N GLY RC 44 -10.42 -31.09 -3.27
CA GLY RC 44 -9.37 -31.89 -3.87
C GLY RC 44 -9.59 -32.19 -5.33
N ASP RC 45 -8.57 -32.80 -5.92
CA ASP RC 45 -8.58 -33.26 -7.30
C ASP RC 45 -7.62 -34.42 -7.41
N VAL RC 46 -7.88 -35.33 -8.35
CA VAL RC 46 -7.14 -36.58 -8.44
C VAL RC 46 -5.69 -36.31 -8.85
N GLU RC 47 -4.83 -37.30 -8.57
CA GLU RC 47 -3.41 -37.11 -8.86
C GLU RC 47 -2.84 -38.11 -9.86
N ALA RC 48 -3.01 -39.41 -9.62
CA ALA RC 48 -2.36 -40.40 -10.47
C ALA RC 48 -3.11 -41.72 -10.40
N ILE RC 49 -2.70 -42.64 -11.27
CA ILE RC 49 -3.26 -43.98 -11.35
C ILE RC 49 -2.12 -44.98 -11.41
N PHE RC 50 -2.14 -45.97 -10.52
CA PHE RC 50 -1.19 -47.08 -10.55
C PHE RC 50 -1.89 -48.27 -11.18
N ARG RC 51 -1.59 -48.53 -12.46
CA ARG RC 51 -2.18 -49.64 -13.19
C ARG RC 51 -1.09 -50.63 -13.57
N PRO RC 52 -0.84 -51.68 -12.78
CA PRO RC 52 0.18 -52.68 -13.10
C PRO RC 52 -0.29 -53.68 -14.14
N GLU RC 53 -1.08 -52.00 -1.95
CA GLU RC 53 0.29 -52.32 -1.55
C GLU RC 53 0.42 -52.42 -0.04
N VAL RC 54 -0.54 -51.83 0.68
CA VAL RC 54 -0.44 -51.82 2.14
C VAL RC 54 -0.95 -53.13 2.71
N PHE RC 55 -2.03 -53.67 2.15
CA PHE RC 55 -2.62 -54.91 2.62
C PHE RC 55 -2.61 -55.97 1.52
N GLY RC 56 -1.56 -55.98 0.70
CA GLY RC 56 -1.41 -56.95 -0.36
C GLY RC 56 -0.55 -58.13 0.06
N LEU RC 57 0.07 -58.78 -0.93
CA LEU RC 57 0.95 -59.91 -0.67
C LEU RC 57 2.18 -59.51 0.15
N ALA RC 58 2.57 -58.23 0.07
CA ALA RC 58 3.73 -57.77 0.82
C ALA RC 58 3.49 -57.85 2.33
N ARG RC 59 2.29 -57.47 2.77
CA ARG RC 59 1.97 -57.56 4.19
C ARG RC 59 1.29 -58.89 4.54
N PHE RC 60 0.65 -59.54 3.55
CA PHE RC 60 0.04 -60.84 3.81
C PHE RC 60 1.09 -61.87 4.19
N ARG RC 61 2.25 -61.82 3.53
CA ARG RC 61 3.33 -62.76 3.83
C ARG RC 61 3.84 -62.56 5.25
N GLU RC 62 4.01 -61.31 5.68
CA GLU RC 62 4.46 -61.05 7.04
C GLU RC 62 3.36 -61.38 8.05
N THR RC 63 2.10 -61.21 7.66
CA THR RC 63 0.99 -61.61 8.52
C THR RC 63 0.93 -63.13 8.66
N GLU RC 64 1.29 -63.86 7.59
CA GLU RC 64 1.18 -65.31 7.61
C GLU RC 64 2.28 -65.96 8.46
N VAL RC 65 3.50 -65.43 8.37
CA VAL RC 65 4.63 -66.04 9.09
C VAL RC 65 4.50 -65.79 10.59
N ILE RC 66 4.13 -64.57 10.97
CA ILE RC 66 4.02 -64.23 12.40
C ILE RC 66 2.86 -64.98 13.05
N HIS RC 67 1.73 -65.07 12.34
CA HIS RC 67 0.61 -65.87 12.83
C HIS RC 67 0.98 -67.35 12.88
N GLY RC 68 1.87 -67.79 11.98
CA GLY RC 68 2.33 -69.16 12.04
C GLY RC 68 3.19 -69.45 13.25
N ARG RC 69 4.09 -68.52 13.59
CA ARG RC 69 5.03 -68.77 14.69
C ARG RC 69 4.34 -68.72 16.04
N TRP RC 70 3.39 -67.80 16.22
CA TRP RC 70 2.67 -67.72 17.49
C TRP RC 70 1.78 -68.94 17.69
N ALA RC 71 1.16 -69.44 16.62
CA ALA RC 71 0.27 -70.59 16.73
C ALA RC 71 1.04 -71.87 17.06
N MET RC 72 2.23 -72.02 16.47
CA MET RC 72 3.04 -73.21 16.77
C MET RC 72 3.56 -73.16 18.20
N LEU RC 73 3.93 -71.97 18.68
CA LEU RC 73 4.35 -71.83 20.07
C LEU RC 73 3.15 -71.92 21.00
N GLY RC 74 1.96 -71.55 20.51
CA GLY RC 74 0.77 -71.66 21.33
C GLY RC 74 0.33 -73.11 21.54
N THR RC 75 0.36 -73.91 20.49
CA THR RC 75 -0.14 -75.28 20.61
C THR RC 75 0.81 -76.17 21.39
N LEU RC 76 2.12 -75.88 21.38
CA LEU RC 76 3.05 -76.70 22.14
C LEU RC 76 2.91 -76.44 23.63
N GLY RC 77 2.68 -75.17 24.01
CA GLY RC 77 2.47 -74.86 25.41
C GLY RC 77 1.20 -75.49 25.96
N ALA RC 78 0.18 -75.64 25.12
CA ALA RC 78 -1.05 -76.29 25.54
C ALA RC 78 -0.83 -77.78 25.78
N ILE RC 79 -0.16 -78.45 24.85
CA ILE RC 79 0.09 -79.89 24.99
C ILE RC 79 1.04 -80.15 26.16
N VAL RC 80 2.10 -79.34 26.27
CA VAL RC 80 3.00 -79.46 27.41
C VAL RC 80 2.28 -79.08 28.70
N GLY RC 81 1.45 -78.04 28.65
CA GLY RC 81 0.67 -77.64 29.81
C GLY RC 81 -0.36 -78.66 30.23
N GLU RC 82 -1.04 -79.28 29.26
CA GLU RC 82 -2.00 -80.32 29.59
C GLU RC 82 -1.27 -81.56 30.10
N ALA RC 83 -1.93 -82.27 31.04
CA ALA RC 83 -1.40 -83.42 31.76
C ALA RC 83 -0.16 -83.04 32.57
N ALA RC 84 -0.01 -81.75 32.87
CA ALA RC 84 1.05 -81.24 33.72
C ALA RC 84 0.52 -80.38 34.86
N THR RC 85 -0.74 -79.96 34.78
CA THR RC 85 -1.39 -79.20 35.85
C THR RC 85 -2.79 -79.69 36.16
N GLY RC 86 -3.26 -80.77 35.52
CA GLY RC 86 -4.60 -81.29 35.74
C GLY RC 86 -5.70 -80.55 35.03
N VAL RC 87 -5.35 -79.55 34.20
CA VAL RC 87 -6.33 -78.67 33.58
C VAL RC 87 -6.02 -78.57 32.09
N SER RC 88 -7.07 -78.44 31.28
CA SER RC 88 -6.91 -78.27 29.85
C SER RC 88 -6.52 -76.81 29.54
N TRP RC 89 -6.16 -76.59 28.27
CA TRP RC 89 -5.80 -75.24 27.83
C TRP RC 89 -6.99 -74.30 27.85
N VAL RC 90 -8.19 -74.81 27.58
CA VAL RC 90 -9.38 -73.97 27.57
C VAL RC 90 -9.75 -73.53 28.99
N ASP RC 91 -9.59 -74.41 29.97
CA ASP RC 91 -9.91 -74.11 31.36
C ASP RC 91 -8.71 -73.61 32.15
N ALA RC 92 -7.55 -73.46 31.51
CA ALA RC 92 -6.36 -73.01 32.22
C ALA RC 92 -6.50 -71.57 32.70
N GLY RC 93 -7.39 -70.80 32.09
CA GLY RC 93 -7.64 -69.45 32.56
C GLY RC 93 -8.31 -69.42 33.92
N LYS RC 94 -9.23 -70.36 34.17
CA LYS RC 94 -9.98 -70.34 35.42
C LYS RC 94 -9.11 -70.69 36.62
N VAL RC 95 -8.23 -71.70 36.47
CA VAL RC 95 -7.35 -72.07 37.58
C VAL RC 95 -6.33 -70.96 37.84
N GLU RC 96 -5.87 -70.28 36.80
CA GLU RC 96 -4.98 -69.15 37.00
C GLU RC 96 -5.73 -67.94 37.55
N LEU RC 97 -7.03 -67.85 37.28
CA LEU RC 97 -7.82 -66.76 37.85
C LEU RC 97 -8.04 -66.96 39.34
N ASP RC 98 -8.26 -68.21 39.76
CA ASP RC 98 -8.38 -68.49 41.19
C ASP RC 98 -7.07 -68.25 41.91
N GLY RC 99 -5.95 -68.53 41.24
CA GLY RC 99 -4.63 -68.26 41.78
C GLY RC 99 -3.56 -68.48 40.73
N ALA RC 100 -2.67 -67.50 40.57
CA ALA RC 100 -1.63 -67.60 39.55
C ALA RC 100 -0.54 -68.57 40.00
N GLN RC 101 -0.13 -69.46 39.09
CA GLN RC 101 0.92 -70.42 39.41
C GLN RC 101 1.57 -70.87 38.11
N TYR RC 102 2.76 -71.45 38.25
CA TYR RC 102 3.47 -72.09 37.15
C TYR RC 102 4.08 -73.38 37.67
N LEU RC 103 3.51 -74.51 37.23
CA LEU RC 103 4.01 -75.85 37.55
C LEU RC 103 4.06 -76.07 39.06
N GLY RC 104 2.96 -75.76 39.74
CA GLY RC 104 2.84 -75.94 41.17
C GLY RC 104 3.24 -74.74 42.00
N GLN RC 105 4.35 -74.08 41.67
CA GLN RC 105 4.82 -72.93 42.44
C GLN RC 105 3.92 -71.74 42.13
N SER RC 106 3.23 -71.22 43.14
CA SER RC 106 2.28 -70.13 42.95
C SER RC 106 3.00 -68.84 42.60
N LEU RC 107 2.29 -67.96 41.90
CA LEU RC 107 2.81 -66.69 41.45
C LEU RC 107 1.98 -65.53 42.00
N PRO RC 108 2.61 -64.47 42.47
CA PRO RC 108 1.88 -63.34 43.07
C PRO RC 108 1.31 -62.38 42.03
N PHE RC 109 0.57 -62.92 41.07
CA PHE RC 109 0.01 -62.14 39.97
C PHE RC 109 -1.51 -62.24 39.98
N SER RC 110 -2.18 -61.11 39.78
CA SER RC 110 -3.60 -61.10 39.49
C SER RC 110 -3.78 -60.95 37.98
N ILE RC 111 -4.99 -61.18 37.48
CA ILE RC 111 -5.23 -61.01 36.06
C ILE RC 111 -5.19 -59.53 35.67
N SER RC 112 -5.46 -58.65 36.65
CA SER RC 112 -5.38 -57.22 36.38
C SER RC 112 -3.94 -56.78 36.20
N GLN RC 113 -3.03 -57.35 36.99
CA GLN RC 113 -1.62 -57.03 36.86
C GLN RC 113 -1.03 -57.64 35.60
N LEU RC 114 -1.51 -58.83 35.21
CA LEU RC 114 -0.91 -59.58 34.12
C LEU RC 114 -1.07 -58.86 32.79
N ILE RC 115 -2.26 -58.29 32.54
CA ILE RC 115 -2.50 -57.60 31.26
C ILE RC 115 -1.67 -56.31 31.17
N TRP RC 116 -1.52 -55.57 32.27
CA TRP RC 116 -0.80 -54.31 32.23
C TRP RC 116 0.69 -54.52 31.95
N ILE RC 117 1.30 -55.51 32.62
CA ILE RC 117 2.73 -55.75 32.44
C ILE RC 117 2.99 -56.35 31.06
N GLU RC 118 2.12 -57.25 30.61
CA GLU RC 118 2.29 -57.84 29.28
C GLU RC 118 2.07 -56.81 28.18
N ALA RC 119 1.22 -55.81 28.44
CA ALA RC 119 1.02 -54.74 27.47
C ALA RC 119 2.25 -53.84 27.36
N ILE RC 120 3.05 -53.77 28.42
CA ILE RC 120 4.23 -52.91 28.39
C ILE RC 120 5.48 -53.74 28.10
N LEU RC 121 5.43 -55.05 28.35
CA LEU RC 121 6.57 -55.91 28.03
C LEU RC 121 6.54 -56.34 26.57
N VAL RC 122 5.45 -56.98 26.14
CA VAL RC 122 5.30 -57.33 24.73
C VAL RC 122 5.08 -56.08 23.89
N GLY RC 123 4.55 -55.01 24.50
CA GLY RC 123 4.34 -53.78 23.76
C GLY RC 123 5.64 -53.16 23.28
N GLY RC 124 6.63 -53.07 24.16
CA GLY RC 124 7.91 -52.52 23.76
C GLY RC 124 8.65 -53.41 22.78
N VAL RC 125 8.48 -54.73 22.91
CA VAL RC 125 9.15 -55.67 22.00
C VAL RC 125 8.56 -55.56 20.60
N GLU RC 126 7.25 -55.40 20.50
CA GLU RC 126 6.63 -55.30 19.19
C GLU RC 126 6.92 -53.97 18.51
N VAL RC 127 7.23 -52.93 19.29
CA VAL RC 127 7.66 -51.67 18.69
C VAL RC 127 9.00 -51.85 17.97
N LEU RC 128 9.98 -52.44 18.67
CA LEU RC 128 11.31 -52.61 18.08
C LEU RC 128 11.33 -53.73 17.05
N ARG RC 129 10.32 -54.61 17.08
CA ARG RC 129 10.22 -55.65 16.05
C ARG RC 129 9.95 -55.03 14.69
N ASN RC 130 9.13 -53.97 14.64
CA ASN RC 130 8.87 -53.26 13.40
C ASN RC 130 9.81 -52.07 13.21
N ASN RC 131 10.86 -51.96 14.02
CA ASN RC 131 11.78 -50.84 13.89
C ASN RC 131 12.66 -50.95 12.66
N GLU RC 132 13.04 -52.17 12.28
CA GLU RC 132 13.79 -52.35 11.04
C GLU RC 132 12.86 -52.13 9.85
N LEU RC 133 13.46 -51.77 8.72
CA LEU RC 133 12.68 -51.37 7.55
C LEU RC 133 12.54 -52.49 6.53
N ASP RC 134 13.57 -53.31 6.36
CA ASP RC 134 13.57 -54.34 5.33
C ASP RC 134 12.57 -55.45 5.63
N LEU RC 135 11.80 -55.82 4.61
CA LEU RC 135 10.77 -56.84 4.75
C LEU RC 135 11.38 -58.20 5.07
N GLU RC 136 12.49 -58.53 4.41
CA GLU RC 136 13.14 -59.82 4.67
C GLU RC 136 13.79 -59.84 6.05
N LYS RC 137 14.19 -58.67 6.57
CA LYS RC 137 14.73 -58.61 7.92
C LYS RC 137 13.62 -58.72 8.96
N ARG RC 138 12.45 -58.14 8.68
CA ARG RC 138 11.32 -58.24 9.61
C ARG RC 138 10.85 -59.67 9.77
N ILE RC 139 10.59 -60.36 8.65
CA ILE RC 139 10.11 -61.73 8.70
C ILE RC 139 11.23 -62.67 9.14
N TYR RC 140 12.44 -62.43 8.66
CA TYR RC 140 13.58 -63.31 8.91
C TYR RC 140 14.75 -62.52 9.46
N PRO RC 141 14.80 -62.31 10.78
CA PRO RC 141 15.97 -61.65 11.37
C PRO RC 141 17.20 -62.55 11.31
N GLY RC 142 18.36 -61.91 11.46
CA GLY RC 142 19.63 -62.56 11.19
C GLY RC 142 20.11 -63.52 12.26
N GLY RC 143 21.43 -63.51 12.48
CA GLY RC 143 22.08 -64.47 13.36
C GLY RC 143 21.75 -64.28 14.84
N ALA RC 144 21.07 -63.18 15.19
CA ALA RC 144 20.63 -63.01 16.57
C ALA RC 144 19.57 -64.04 16.94
N PHE RC 145 18.89 -64.62 15.95
CA PHE RC 145 17.87 -65.63 16.18
C PHE RC 145 18.16 -66.95 15.48
N ASP RC 146 19.40 -67.15 15.02
CA ASP RC 146 19.82 -68.43 14.48
C ASP RC 146 21.14 -68.84 15.13
N PRO RC 147 21.10 -69.29 16.39
CA PRO RC 147 22.34 -69.77 17.03
C PRO RC 147 22.97 -70.97 16.32
N LEU RC 148 22.15 -71.90 15.83
CA LEU RC 148 22.67 -73.11 15.21
C LEU RC 148 23.10 -72.85 13.76
N ASN RC 149 22.82 -71.63 13.25
CA ASN RC 149 23.22 -71.09 11.93
C ASN RC 149 23.21 -72.12 10.80
N LEU RC 150 22.18 -72.95 10.77
CA LEU RC 150 22.01 -73.98 9.75
C LEU RC 150 21.18 -73.51 8.57
N ALA RC 151 20.60 -72.31 8.64
CA ALA RC 151 19.80 -71.78 7.53
C ALA RC 151 20.14 -70.31 7.38
N ASP RC 152 21.16 -70.03 6.56
CA ASP RC 152 21.68 -68.70 6.30
C ASP RC 152 22.18 -68.68 4.87
N GLU RC 153 23.04 -67.72 4.55
CA GLU RC 153 23.59 -67.59 3.20
C GLU RC 153 24.83 -68.48 3.01
N GLU RC 154 24.59 -69.79 2.95
CA GLU RC 154 25.64 -70.73 2.55
C GLU RC 154 25.21 -71.78 1.55
N ASP RC 155 23.91 -72.10 1.42
CA ASP RC 155 23.47 -73.08 0.45
C ASP RC 155 22.34 -72.52 -0.41
N GLU RC 156 21.48 -71.71 0.19
CA GLU RC 156 20.39 -70.95 -0.43
C GLU RC 156 19.27 -71.82 -1.01
N GLU RC 157 19.41 -73.14 -0.98
CA GLU RC 157 18.34 -74.02 -1.41
C GLU RC 157 17.89 -74.95 -0.30
N LYS RC 158 18.83 -75.52 0.45
CA LYS RC 158 18.45 -76.25 1.66
C LYS RC 158 17.77 -75.32 2.65
N SER RC 159 18.30 -74.09 2.79
CA SER RC 159 17.69 -73.10 3.66
C SER RC 159 16.29 -72.72 3.19
N PHE RC 160 16.11 -72.50 1.88
CA PHE RC 160 14.80 -72.17 1.36
C PHE RC 160 13.83 -73.35 1.44
N ARG RC 161 14.36 -74.57 1.53
CA ARG RC 161 13.50 -75.74 1.61
C ARG RC 161 12.69 -75.76 2.90
N LEU RC 162 13.30 -75.37 4.03
CA LEU RC 162 12.55 -75.43 5.28
C LEU RC 162 11.95 -74.08 5.69
N LYS RC 163 12.11 -73.02 4.87
CA LYS RC 163 11.26 -71.84 5.07
C LYS RC 163 9.81 -72.22 4.79
N THR RC 164 9.58 -73.04 3.77
CA THR RC 164 8.27 -73.57 3.48
C THR RC 164 7.77 -74.48 4.59
N ALA RC 165 8.70 -75.19 5.24
CA ALA RC 165 8.32 -76.06 6.37
C ALA RC 165 7.75 -75.25 7.52
N GLU RC 166 8.33 -74.07 7.79
CA GLU RC 166 7.76 -73.19 8.79
C GLU RC 166 6.39 -72.69 8.35
N ILE RC 167 6.21 -72.45 7.05
CA ILE RC 167 4.88 -72.15 6.53
C ILE RC 167 3.98 -73.37 6.61
N LYS RC 168 4.51 -74.54 6.26
CA LYS RC 168 3.71 -75.76 6.25
C LYS RC 168 3.34 -76.21 7.66
N HIS RC 169 4.31 -76.26 8.57
CA HIS RC 169 4.00 -76.66 9.93
C HIS RC 169 3.33 -75.54 10.70
N GLY RC 170 3.53 -74.29 10.28
CA GLY RC 170 2.76 -73.20 10.84
C GLY RC 170 1.31 -73.29 10.43
N ARG RC 171 1.06 -73.73 9.19
CA ARG RC 171 -0.30 -73.97 8.73
C ARG RC 171 -0.97 -75.07 9.54
N LEU RC 172 -0.23 -76.13 9.87
CA LEU RC 172 -0.80 -77.28 10.55
C LEU RC 172 -1.19 -76.95 11.98
N ALA RC 173 -0.52 -75.97 12.60
CA ALA RC 173 -0.84 -75.63 13.98
C ALA RC 173 -2.04 -74.70 14.07
N MET RC 174 -2.15 -73.74 13.16
CA MET RC 174 -3.24 -72.77 13.22
C MET RC 174 -4.53 -73.32 12.62
N VAL RC 175 -4.44 -74.44 11.91
CA VAL RC 175 -5.67 -75.14 11.53
C VAL RC 175 -6.09 -76.08 12.66
N ALA RC 176 -5.13 -76.50 13.49
CA ALA RC 176 -5.47 -77.29 14.68
C ALA RC 176 -6.22 -76.45 15.69
N PHE RC 177 -5.85 -75.17 15.83
CA PHE RC 177 -6.61 -74.26 16.68
C PHE RC 177 -8.03 -74.08 16.19
N LEU RC 178 -8.24 -74.15 14.87
CA LEU RC 178 -9.60 -74.17 14.34
C LEU RC 178 -10.32 -75.44 14.79
N GLY RC 179 -9.63 -76.58 14.75
CA GLY RC 179 -10.19 -77.80 15.30
C GLY RC 179 -10.30 -77.74 16.82
N PHE RC 180 -9.29 -77.16 17.48
CA PHE RC 180 -9.35 -77.01 18.93
C PHE RC 180 -10.45 -76.02 19.32
N GLY RC 181 -10.68 -75.00 18.51
CA GLY RC 181 -11.72 -74.04 18.80
C GLY RC 181 -13.12 -74.63 18.70
N ILE RC 182 -13.35 -75.47 17.69
CA ILE RC 182 -14.68 -76.04 17.52
C ILE RC 182 -14.94 -77.22 18.45
N GLN RC 183 -13.90 -77.86 18.98
CA GLN RC 183 -14.13 -78.99 19.87
C GLN RC 183 -14.36 -78.58 21.31
N ALA RC 184 -13.81 -77.44 21.75
CA ALA RC 184 -13.96 -77.01 23.13
C ALA RC 184 -15.38 -76.51 23.41
N ALA RC 185 -15.92 -75.68 22.51
CA ALA RC 185 -17.28 -75.19 22.69
C ALA RC 185 -18.29 -76.32 22.55
N ALA RC 186 -18.06 -77.23 21.60
CA ALA RC 186 -18.91 -78.40 21.41
C ALA RC 186 -18.46 -79.50 22.37
N THR RC 187 -18.91 -80.73 22.12
CA THR RC 187 -18.54 -81.87 22.95
C THR RC 187 -17.04 -82.13 22.86
N GLY RC 188 -16.39 -82.26 24.01
CA GLY RC 188 -14.96 -82.53 24.07
C GLY RC 188 -14.18 -81.49 24.85
N GLU RC 189 -13.51 -81.92 25.92
CA GLU RC 189 -12.67 -81.05 26.73
C GLU RC 189 -11.28 -81.64 26.83
N GLY RC 190 -10.27 -80.83 26.56
CA GLY RC 190 -8.89 -81.26 26.65
C GLY RC 190 -8.26 -81.54 25.31
N ALA RC 191 -7.13 -80.89 25.02
CA ALA RC 191 -6.39 -81.16 23.79
C ALA RC 191 -5.87 -82.59 23.77
N LEU RC 192 -5.34 -83.06 24.90
CA LEU RC 192 -4.91 -84.45 25.01
C LEU RC 192 -6.08 -85.41 25.18
N GLY RC 193 -7.19 -84.94 25.77
CA GLY RC 193 -8.36 -85.77 25.94
C GLY RC 193 -9.22 -85.90 24.69
N SER RC 194 -8.89 -85.16 23.64
CA SER RC 194 -9.62 -85.23 22.37
C SER RC 194 -8.85 -86.02 21.32
N LEU RC 195 -7.80 -86.73 21.71
CA LEU RC 195 -6.97 -87.47 20.76
C LEU RC 195 -7.74 -88.65 20.17
N ALA RC 196 -7.60 -88.83 18.87
CA ALA RC 196 -8.27 -89.90 18.16
C ALA RC 196 -7.50 -90.30 16.90
N PRO SC 1 -71.62 45.51 -18.38
CA PRO SC 1 -70.48 44.83 -18.95
C PRO SC 1 -70.80 43.37 -19.33
N ASP SC 2 -69.77 42.65 -19.79
CA ASP SC 2 -69.88 41.24 -20.22
C ASP SC 2 -70.91 41.07 -21.33
N LEU SC 3 -70.62 41.70 -22.47
CA LEU SC 3 -71.48 41.57 -23.65
C LEU SC 3 -71.10 40.37 -24.51
N GLU SC 4 -70.03 39.65 -24.17
CA GLU SC 4 -69.56 38.54 -25.00
C GLU SC 4 -70.21 37.20 -24.63
N LYS SC 5 -71.34 37.19 -23.92
CA LYS SC 5 -72.04 35.95 -23.64
C LYS SC 5 -73.50 35.98 -24.07
N TRP SC 6 -73.98 37.09 -24.64
CA TRP SC 6 -75.36 37.21 -25.07
C TRP SC 6 -75.52 37.43 -26.57
N TYR SC 7 -74.43 37.67 -27.29
CA TYR SC 7 -74.51 37.98 -28.71
C TYR SC 7 -73.36 37.31 -29.44
N GLY SC 8 -73.46 37.30 -30.77
CA GLY SC 8 -72.40 36.79 -31.62
C GLY SC 8 -72.35 35.27 -31.65
N PRO SC 9 -71.33 34.73 -32.32
CA PRO SC 9 -71.15 33.26 -32.33
C PRO SC 9 -70.78 32.70 -30.97
N ASP SC 10 -70.26 33.53 -30.07
CA ASP SC 10 -69.88 33.11 -28.72
C ASP SC 10 -70.91 33.67 -27.74
N ARG SC 11 -71.92 32.86 -27.40
CA ARG SC 11 -72.98 33.29 -26.50
C ARG SC 11 -73.64 32.06 -25.88
N LYS SC 12 -74.42 32.31 -24.85
CA LYS SC 12 -75.14 31.23 -24.18
C LYS SC 12 -76.23 30.66 -25.08
N LEU SC 13 -76.34 29.34 -25.09
CA LEU SC 13 -77.30 28.62 -25.92
C LEU SC 13 -78.24 27.82 -25.03
N PHE SC 14 -79.24 27.19 -25.65
CA PHE SC 14 -80.24 26.48 -24.87
C PHE SC 14 -79.69 25.20 -24.26
N LEU SC 15 -78.62 24.65 -24.81
CA LEU SC 15 -77.96 23.46 -24.29
C LEU SC 15 -76.48 23.77 -24.19
N PRO SC 16 -75.76 23.12 -23.27
CA PRO SC 16 -74.31 23.39 -23.16
C PRO SC 16 -73.51 22.85 -24.32
N GLY SC 17 -72.20 23.05 -24.27
CA GLY SC 17 -71.35 22.65 -25.39
C GLY SC 17 -71.34 21.15 -25.63
N GLY SC 18 -71.44 20.36 -24.57
CA GLY SC 18 -71.45 18.92 -24.73
C GLY SC 18 -72.71 18.41 -25.40
N LEU SC 19 -73.87 18.87 -24.94
CA LEU SC 19 -75.13 18.43 -25.53
C LEU SC 19 -75.46 19.14 -26.83
N LEU SC 20 -74.70 20.17 -27.21
CA LEU SC 20 -74.99 20.91 -28.43
C LEU SC 20 -73.73 21.59 -28.93
N ASP SC 21 -73.20 21.09 -30.04
CA ASP SC 21 -72.18 21.83 -30.76
C ASP SC 21 -72.85 23.00 -31.47
N ARG SC 22 -72.07 24.05 -31.74
CA ARG SC 22 -72.65 25.25 -32.32
C ARG SC 22 -73.03 25.09 -33.79
N ASP SC 23 -72.64 23.98 -34.43
CA ASP SC 23 -73.09 23.70 -35.79
C ASP SC 23 -74.57 23.34 -35.85
N ASP SC 24 -75.16 22.89 -34.74
CA ASP SC 24 -76.59 22.56 -34.69
C ASP SC 24 -77.47 23.78 -34.48
N VAL SC 25 -76.88 24.92 -34.15
CA VAL SC 25 -77.64 26.16 -34.00
C VAL SC 25 -78.15 26.60 -35.37
N PRO SC 26 -79.39 27.09 -35.49
CA PRO SC 26 -79.89 27.55 -36.79
C PRO SC 26 -79.07 28.70 -37.35
N GLU SC 27 -78.92 28.69 -38.68
CA GLU SC 27 -78.08 29.67 -39.37
C GLU SC 27 -78.64 31.09 -39.27
N TYR SC 28 -79.92 31.24 -38.97
CA TYR SC 28 -80.51 32.57 -38.88
C TYR SC 28 -80.39 33.18 -37.49
N LEU SC 29 -79.76 32.48 -36.54
CA LEU SC 29 -79.53 32.98 -35.19
C LEU SC 29 -78.05 32.90 -34.90
N ASN SC 30 -77.32 33.96 -35.25
CA ASN SC 30 -75.88 34.08 -34.97
C ASN SC 30 -75.64 35.16 -33.92
N GLY SC 31 -76.61 35.35 -33.03
CA GLY SC 31 -76.50 36.33 -31.97
C GLY SC 31 -76.80 37.75 -32.41
N GLU SC 32 -78.02 37.98 -32.90
CA GLU SC 32 -78.43 39.33 -33.29
C GLU SC 32 -79.64 39.83 -32.53
N LEU SC 33 -80.40 38.96 -31.88
CA LEU SC 33 -81.53 39.36 -31.06
C LEU SC 33 -81.20 39.11 -29.59
N ALA SC 34 -81.84 39.88 -28.72
CA ALA SC 34 -81.60 39.76 -27.29
C ALA SC 34 -82.10 38.41 -26.77
N GLY SC 35 -81.27 37.77 -25.96
CA GLY SC 35 -81.60 36.45 -25.45
C GLY SC 35 -81.62 35.39 -26.52
N ASP SC 36 -80.65 35.41 -27.44
CA ASP SC 36 -80.58 34.43 -28.52
C ASP SC 36 -79.90 33.17 -27.98
N TYR SC 37 -80.70 32.14 -27.69
CA TYR SC 37 -80.19 30.86 -27.25
C TYR SC 37 -80.19 29.83 -28.38
N GLY SC 38 -80.68 30.21 -29.56
CA GLY SC 38 -80.73 29.32 -30.71
C GLY SC 38 -81.64 28.12 -30.54
N TYR SC 39 -82.76 28.29 -29.86
CA TYR SC 39 -83.62 27.20 -29.41
C TYR SC 39 -84.70 26.93 -30.47
N ASP SC 40 -84.40 26.02 -31.40
CA ASP SC 40 -85.34 25.61 -32.45
C ASP SC 40 -85.43 24.10 -32.57
N PRO SC 41 -86.11 23.43 -31.64
CA PRO SC 41 -86.45 22.02 -31.89
C PRO SC 41 -87.41 21.85 -33.05
N LEU SC 42 -88.28 22.83 -33.28
CA LEU SC 42 -89.18 22.86 -34.41
C LEU SC 42 -88.82 24.05 -35.29
N GLY SC 43 -88.70 23.80 -36.60
CA GLY SC 43 -88.24 24.81 -37.53
C GLY SC 43 -89.26 25.88 -37.90
N LEU SC 44 -89.71 26.65 -36.92
CA LEU SC 44 -90.66 27.73 -37.17
C LEU SC 44 -89.99 29.06 -37.49
N GLY SC 45 -88.69 29.19 -37.24
CA GLY SC 45 -88.01 30.45 -37.48
C GLY SC 45 -87.88 30.80 -38.96
N LYS SC 46 -87.64 29.77 -39.79
CA LYS SC 46 -87.41 29.89 -41.23
C LYS SC 46 -86.18 30.75 -41.50
N ASP SC 47 -86.31 32.07 -41.41
CA ASP SC 47 -85.16 32.96 -41.52
C ASP SC 47 -85.42 34.22 -40.69
N GLU SC 48 -84.64 35.26 -40.97
CA GLU SC 48 -84.58 36.42 -40.07
C GLU SC 48 -85.88 37.23 -40.04
N GLU SC 49 -86.65 37.21 -41.14
CA GLU SC 49 -87.85 38.04 -41.19
C GLU SC 49 -88.96 37.48 -40.28
N GLN SC 50 -89.20 36.18 -40.33
CA GLN SC 50 -90.28 35.61 -39.53
C GLN SC 50 -89.91 35.55 -38.06
N VAL SC 51 -88.61 35.55 -37.75
CA VAL SC 51 -88.19 35.57 -36.35
C VAL SC 51 -88.50 36.92 -35.72
N GLU SC 52 -88.16 38.01 -36.40
CA GLU SC 52 -88.32 39.33 -35.79
C GLU SC 52 -89.78 39.74 -35.68
N LYS SC 53 -90.66 39.17 -36.51
CA LYS SC 53 -92.09 39.45 -36.35
C LYS SC 53 -92.75 38.49 -35.37
N TYR SC 54 -92.14 37.33 -35.13
CA TYR SC 54 -92.55 36.50 -33.99
C TYR SC 54 -91.97 37.04 -32.69
N ARG SC 55 -90.81 37.71 -32.76
CA ARG SC 55 -90.28 38.43 -31.60
C ARG SC 55 -91.18 39.61 -31.24
N ALA SC 56 -91.85 40.20 -32.23
CA ALA SC 56 -92.78 41.30 -31.97
C ALA SC 56 -93.90 40.86 -31.04
N ASN SC 57 -94.40 39.65 -31.24
CA ASN SC 57 -95.38 39.10 -30.32
C ASN SC 57 -94.73 38.66 -29.01
N GLU SC 58 -93.49 38.16 -29.09
CA GLU SC 58 -92.81 37.67 -27.89
C GLU SC 58 -92.53 38.80 -26.91
N LEU SC 59 -92.07 39.95 -27.40
CA LEU SC 59 -91.79 41.08 -26.52
C LEU SC 59 -93.07 41.62 -25.89
N LEU SC 60 -94.17 41.65 -26.67
CA LEU SC 60 -95.43 42.15 -26.14
C LEU SC 60 -96.07 41.16 -25.18
N HIS SC 61 -95.99 39.86 -25.49
CA HIS SC 61 -96.48 38.84 -24.56
C HIS SC 61 -95.66 38.85 -23.28
N ALA SC 62 -94.34 39.04 -23.39
CA ALA SC 62 -93.47 39.08 -22.22
C ALA SC 62 -93.79 40.28 -21.35
N ARG SC 63 -94.03 41.44 -21.96
CA ARG SC 63 -94.34 42.63 -21.19
C ARG SC 63 -95.74 42.60 -20.59
N TRP SC 64 -96.72 42.02 -21.31
CA TRP SC 64 -98.06 41.94 -20.77
C TRP SC 64 -98.15 40.93 -19.64
N ALA SC 65 -97.52 39.76 -19.81
CA ALA SC 65 -97.54 38.74 -18.77
C ALA SC 65 -96.73 39.15 -17.54
N MET SC 66 -95.70 39.97 -17.72
CA MET SC 66 -94.94 40.47 -16.57
C MET SC 66 -95.82 41.35 -15.69
N LEU SC 67 -96.63 42.21 -16.31
CA LEU SC 67 -97.65 42.94 -15.56
C LEU SC 67 -98.71 41.99 -15.03
N ALA SC 68 -99.02 40.92 -15.79
CA ALA SC 68 -100.05 39.98 -15.36
C ALA SC 68 -99.58 39.12 -14.20
N ALA SC 69 -98.35 38.61 -14.28
CA ALA SC 69 -97.83 37.77 -13.21
C ALA SC 69 -97.67 38.56 -11.91
N ALA SC 70 -97.18 39.80 -12.02
CA ALA SC 70 -97.04 40.64 -10.83
C ALA SC 70 -98.42 41.01 -10.26
N GLY SC 71 -99.41 41.14 -11.13
CA GLY SC 71 -100.77 41.44 -10.70
C GLY SC 71 -101.54 40.25 -10.17
N ILE SC 72 -100.94 39.07 -10.13
CA ILE SC 72 -101.63 37.89 -9.62
C ILE SC 72 -101.27 37.62 -8.15
N ILE SC 73 -99.99 37.73 -7.81
CA ILE SC 73 -99.55 37.44 -6.45
C ILE SC 73 -100.00 38.52 -5.46
N ILE SC 74 -99.89 39.79 -5.84
CA ILE SC 74 -100.12 40.92 -4.94
C ILE SC 74 -101.54 41.01 -4.36
N PRO SC 75 -102.63 40.92 -5.15
CA PRO SC 75 -103.95 41.07 -4.51
C PRO SC 75 -104.34 39.91 -3.61
N GLU SC 76 -103.94 38.68 -3.94
CA GLU SC 76 -104.31 37.53 -3.13
C GLU SC 76 -103.50 37.50 -1.83
N GLY SC 77 -102.23 37.86 -1.90
CA GLY SC 77 -101.40 37.87 -0.70
C GLY SC 77 -101.84 38.92 0.30
N LEU SC 78 -102.34 40.06 -0.20
CA LEU SC 78 -102.80 41.11 0.70
C LEU SC 78 -104.07 40.68 1.45
N GLN SC 79 -105.01 40.05 0.73
CA GLN SC 79 -106.27 39.65 1.35
C GLN SC 79 -106.07 38.57 2.40
N ALA SC 80 -105.20 37.59 2.12
CA ALA SC 80 -104.96 36.52 3.08
C ALA SC 80 -104.20 37.01 4.29
N ASN SC 81 -103.53 38.16 4.19
CA ASN SC 81 -102.77 38.70 5.30
C ASN SC 81 -103.53 39.76 6.08
N GLY SC 82 -104.67 40.23 5.58
CA GLY SC 82 -105.48 41.18 6.35
C GLY SC 82 -106.04 42.37 5.59
N ALA SC 83 -105.73 42.50 4.30
CA ALA SC 83 -106.25 43.62 3.54
C ALA SC 83 -107.69 43.37 3.12
N ASP SC 84 -108.35 44.44 2.69
CA ASP SC 84 -109.73 44.38 2.21
C ASP SC 84 -109.70 44.34 0.69
N ILE SC 85 -109.38 43.17 0.14
CA ILE SC 85 -109.33 42.98 -1.30
C ILE SC 85 -110.62 42.35 -1.83
N LYS SC 86 -111.15 41.37 -1.09
CA LYS SC 86 -112.39 40.64 -1.38
C LYS SC 86 -112.45 40.19 -2.85
N GLY SC 87 -111.52 39.29 -3.17
CA GLY SC 87 -111.33 38.87 -4.54
C GLY SC 87 -109.89 38.94 -4.96
N GLY SC 88 -108.99 38.78 -3.99
CA GLY SC 88 -107.57 38.73 -4.29
C GLY SC 88 -107.17 37.57 -5.17
N THR SC 89 -107.83 36.43 -5.03
CA THR SC 89 -107.56 35.28 -5.89
C THR SC 89 -107.92 35.63 -7.33
N TRP SC 90 -107.02 35.26 -8.25
CA TRP SC 90 -107.06 35.82 -9.61
C TRP SC 90 -108.19 35.24 -10.46
N PHE SC 91 -108.53 33.96 -10.30
CA PHE SC 91 -109.48 33.35 -11.22
C PHE SC 91 -110.92 33.50 -10.77
N GLU SC 92 -111.17 34.17 -9.65
CA GLU SC 92 -112.54 34.39 -9.17
C GLU SC 92 -112.85 35.87 -8.95
N THR SC 93 -111.92 36.76 -9.27
CA THR SC 93 -112.17 38.18 -9.07
C THR SC 93 -113.17 38.75 -10.08
N GLY SC 94 -113.36 38.08 -11.22
CA GLY SC 94 -114.39 38.50 -12.15
C GLY SC 94 -115.79 38.27 -11.61
N ALA SC 95 -115.99 37.15 -10.89
CA ALA SC 95 -117.28 36.84 -10.30
C ALA SC 95 -117.62 37.72 -9.12
N GLU SC 96 -116.67 38.52 -8.62
CA GLU SC 96 -116.96 39.43 -7.52
C GLU SC 96 -117.92 40.54 -7.97
N MET SC 97 -117.66 41.12 -9.13
CA MET SC 97 -118.48 42.21 -9.67
C MET SC 97 -119.36 41.72 -10.81
N LEU SC 98 -120.55 41.22 -10.46
CA LEU SC 98 -121.51 40.75 -11.44
C LEU SC 98 -122.90 41.31 -11.25
N ASN SC 99 -123.31 41.54 -9.99
CA ASN SC 99 -124.65 42.02 -9.68
C ASN SC 99 -124.63 43.35 -8.93
N GLY SC 100 -123.61 44.16 -9.17
CA GLY SC 100 -123.46 45.43 -8.49
C GLY SC 100 -122.46 45.43 -7.35
N GLY SC 101 -121.89 44.28 -7.02
CA GLY SC 101 -120.88 44.21 -5.97
C GLY SC 101 -119.53 44.66 -6.48
N THR SC 102 -119.35 45.97 -6.61
CA THR SC 102 -118.13 46.53 -7.17
C THR SC 102 -116.92 46.23 -6.29
N LEU SC 103 -115.78 46.00 -6.94
CA LEU SC 103 -114.55 45.69 -6.25
C LEU SC 103 -113.99 46.91 -5.54
N ASN SC 104 -113.06 46.68 -4.62
CA ASN SC 104 -112.37 47.71 -3.88
C ASN SC 104 -110.93 47.79 -4.35
N TYR SC 105 -110.43 49.00 -4.54
CA TYR SC 105 -109.06 49.22 -4.98
C TYR SC 105 -108.20 49.58 -3.77
N PHE SC 106 -107.24 48.71 -3.46
CA PHE SC 106 -106.34 48.90 -2.33
C PHE SC 106 -104.97 49.26 -2.89
N ALA SC 107 -104.78 50.55 -3.15
CA ALA SC 107 -103.51 51.08 -3.64
C ALA SC 107 -102.68 51.47 -2.43
N VAL SC 108 -101.66 50.65 -2.13
CA VAL SC 108 -100.82 50.88 -0.96
C VAL SC 108 -100.06 52.19 -1.19
N PRO SC 109 -99.72 52.95 -0.15
CA PRO SC 109 -100.06 52.68 1.25
C PRO SC 109 -101.34 53.39 1.70
N PHE SC 110 -102.15 53.87 0.76
CA PHE SC 110 -103.36 54.62 1.07
C PHE SC 110 -104.56 54.12 0.27
N GLY SC 111 -104.80 52.81 0.31
CA GLY SC 111 -105.85 52.22 -0.50
C GLY SC 111 -107.20 52.08 0.19
N VAL SC 112 -107.72 50.83 0.19
CA VAL SC 112 -109.08 50.41 0.57
C VAL SC 112 -110.12 51.47 0.23
N VAL SC 113 -110.08 51.98 -0.99
CA VAL SC 113 -111.05 52.94 -1.49
C VAL SC 113 -112.02 52.21 -2.41
N GLN SC 114 -113.29 52.60 -2.33
CA GLN SC 114 -114.33 51.97 -3.12
C GLN SC 114 -114.28 52.42 -4.57
N ASN SC 115 -114.86 51.61 -5.45
CA ASN SC 115 -114.95 51.96 -6.86
C ASN SC 115 -116.42 52.10 -7.23
N PRO SC 116 -116.97 53.32 -7.32
CA PRO SC 116 -118.40 53.51 -7.57
C PRO SC 116 -118.78 53.50 -9.05
N LEU SC 117 -118.57 52.37 -9.73
CA LEU SC 117 -118.94 52.20 -11.12
C LEU SC 117 -119.11 50.72 -11.45
N PRO SC 118 -120.08 50.35 -12.29
CA PRO SC 118 -120.32 48.93 -12.58
C PRO SC 118 -119.40 48.34 -13.62
N LEU SC 119 -119.66 47.09 -14.01
CA LEU SC 119 -118.82 46.40 -14.99
C LEU SC 119 -118.99 47.00 -16.38
N ALA SC 120 -120.19 47.46 -16.72
CA ALA SC 120 -120.42 48.10 -18.01
C ALA SC 120 -119.57 49.36 -18.16
N ALA SC 121 -119.27 50.03 -17.04
CA ALA SC 121 -118.32 51.13 -17.07
C ALA SC 121 -116.89 50.62 -17.24
N VAL SC 122 -116.60 49.42 -16.73
CA VAL SC 122 -115.23 48.89 -16.79
C VAL SC 122 -114.88 48.49 -18.21
N THR SC 123 -115.73 47.71 -18.86
CA THR SC 123 -115.37 47.12 -20.14
C THR SC 123 -115.45 48.11 -21.29
N LEU SC 124 -116.35 49.10 -21.23
CA LEU SC 124 -116.51 50.01 -22.35
C LEU SC 124 -115.36 51.02 -22.42
N ILE SC 125 -114.94 51.56 -21.26
CA ILE SC 125 -113.87 52.55 -21.30
C ILE SC 125 -112.52 51.88 -21.53
N GLU SC 126 -112.41 50.58 -21.24
CA GLU SC 126 -111.16 49.87 -21.48
C GLU SC 126 -110.95 49.59 -22.96
N ILE SC 127 -112.02 49.19 -23.66
CA ILE SC 127 -111.91 48.87 -25.08
C ILE SC 127 -111.57 50.13 -25.89
N VAL SC 128 -112.26 51.24 -25.58
CA VAL SC 128 -112.01 52.49 -26.30
C VAL SC 128 -110.69 53.14 -25.92
N LEU SC 129 -110.06 52.74 -24.81
CA LEU SC 129 -108.78 53.31 -24.43
C LEU SC 129 -107.63 52.48 -25.00
N LEU SC 130 -107.55 51.20 -24.64
CA LEU SC 130 -106.51 50.32 -25.14
C LEU SC 130 -106.67 50.01 -26.62
N GLY SC 131 -107.88 50.11 -27.15
CA GLY SC 131 -108.05 50.02 -28.60
C GLY SC 131 -107.37 51.18 -29.32
N ALA SC 132 -107.33 52.35 -28.69
CA ALA SC 132 -106.59 53.46 -29.26
C ALA SC 132 -105.09 53.30 -29.05
N VAL SC 133 -104.70 52.75 -27.89
CA VAL SC 133 -103.27 52.54 -27.61
C VAL SC 133 -102.68 51.53 -28.58
N GLU SC 134 -103.37 50.41 -28.80
CA GLU SC 134 -102.89 49.42 -29.75
C GLU SC 134 -102.96 49.96 -31.17
N LYS SC 135 -103.93 50.85 -31.45
CA LYS SC 135 -103.95 51.55 -32.73
C LYS SC 135 -102.75 52.47 -32.86
N PHE SC 136 -102.39 53.15 -31.76
CA PHE SC 136 -101.24 54.05 -31.81
C PHE SC 136 -99.93 53.27 -31.93
N ARG SC 137 -99.88 52.08 -31.35
CA ARG SC 137 -98.67 51.26 -31.42
C ARG SC 137 -98.37 50.82 -32.85
N VAL SC 138 -99.41 50.42 -33.59
CA VAL SC 138 -99.20 49.97 -34.97
C VAL SC 138 -99.11 51.12 -35.96
N ASP SC 139 -99.62 52.30 -35.61
CA ASP SC 139 -99.62 53.43 -36.54
C ASP SC 139 -98.63 54.53 -36.17
N GLY SC 140 -98.09 54.53 -34.95
CA GLY SC 140 -97.09 55.50 -34.56
C GLY SC 140 -97.55 56.94 -34.54
N THR SC 141 -98.71 57.20 -33.93
CA THR SC 141 -99.22 58.56 -33.84
C THR SC 141 -99.67 58.85 -32.42
N GLY SC 142 -99.50 60.10 -32.00
CA GLY SC 142 -99.86 60.53 -30.67
C GLY SC 142 -100.36 61.96 -30.64
N PRO SC 143 -101.56 62.17 -30.09
CA PRO SC 143 -102.16 63.52 -30.10
C PRO SC 143 -101.44 64.52 -29.21
N ALA SC 144 -101.21 64.18 -27.95
CA ALA SC 144 -100.63 65.08 -26.98
C ALA SC 144 -99.30 64.52 -26.48
N GLY SC 145 -98.75 65.17 -25.45
CA GLY SC 145 -97.45 64.79 -24.95
C GLY SC 145 -97.27 64.77 -23.44
N PHE SC 146 -96.27 65.52 -22.98
CA PHE SC 146 -95.85 65.62 -21.58
C PHE SC 146 -95.43 64.26 -21.01
N SER SC 147 -94.33 63.76 -21.57
CA SER SC 147 -93.58 62.71 -20.91
C SER SC 147 -92.62 63.36 -19.90
N PRO SC 148 -92.26 62.65 -18.82
CA PRO SC 148 -91.27 63.23 -17.90
C PRO SC 148 -89.91 63.46 -18.53
N GLY SC 149 -89.51 62.63 -19.49
CA GLY SC 149 -88.19 62.78 -20.10
C GLY SC 149 -88.06 64.05 -20.91
N VAL SC 150 -89.02 64.31 -21.80
CA VAL SC 150 -89.02 65.51 -22.62
C VAL SC 150 -90.38 66.18 -22.50
N GLY SC 151 -90.38 67.49 -22.30
CA GLY SC 151 -91.61 68.19 -21.94
C GLY SC 151 -92.49 68.51 -23.14
N LYS SC 152 -93.70 67.95 -23.12
CA LYS SC 152 -94.77 68.24 -24.08
C LYS SC 152 -94.32 67.99 -25.53
N PHE SC 153 -94.04 66.72 -25.82
CA PHE SC 153 -93.59 66.34 -27.16
C PHE SC 153 -94.74 66.44 -28.16
N ASP SC 154 -94.38 66.75 -29.40
CA ASP SC 154 -95.37 66.96 -30.45
C ASP SC 154 -95.76 65.63 -31.11
N SER SC 155 -96.63 65.72 -32.11
CA SER SC 155 -97.12 64.53 -32.80
C SER SC 155 -96.14 63.99 -33.82
N ASP SC 156 -95.17 64.79 -34.25
CA ASP SC 156 -94.16 64.33 -35.22
C ASP SC 156 -92.92 63.79 -34.52
N ILE SC 157 -93.12 62.86 -33.60
CA ILE SC 157 -92.01 62.24 -32.89
C ILE SC 157 -92.08 60.72 -32.89
N PHE SC 158 -93.26 60.10 -33.07
CA PHE SC 158 -93.32 58.65 -33.13
C PHE SC 158 -92.96 58.12 -34.51
N ASP SC 159 -92.94 58.98 -35.52
CA ASP SC 159 -92.57 58.57 -36.87
C ASP SC 159 -91.06 58.40 -36.98
N GLY SC 160 -90.64 57.25 -37.51
CA GLY SC 160 -89.24 56.94 -37.66
C GLY SC 160 -88.59 56.31 -36.44
N LEU SC 161 -89.30 56.22 -35.32
CA LEU SC 161 -88.76 55.59 -34.13
C LEU SC 161 -88.67 54.08 -34.32
N ASP SC 162 -87.81 53.45 -33.51
CA ASP SC 162 -87.64 52.01 -33.58
C ASP SC 162 -88.90 51.28 -33.14
N LYS SC 163 -89.39 50.38 -33.99
CA LYS SC 163 -90.55 49.58 -33.63
C LYS SC 163 -90.16 48.60 -32.52
N LEU SC 164 -91.06 48.44 -31.55
CA LEU SC 164 -90.95 47.60 -30.36
C LEU SC 164 -89.96 48.18 -29.35
N TYR SC 165 -89.24 49.22 -29.75
CA TYR SC 165 -88.39 50.00 -28.85
C TYR SC 165 -88.61 51.48 -29.09
N PRO SC 166 -89.78 52.01 -28.71
CA PRO SC 166 -90.03 53.45 -28.95
C PRO SC 166 -89.36 54.35 -27.92
N GLY SC 167 -88.08 54.64 -28.12
CA GLY SC 167 -87.36 55.48 -27.20
C GLY SC 167 -87.82 56.92 -27.23
N GLY SC 168 -87.46 57.66 -26.18
CA GLY SC 168 -87.88 59.04 -26.05
C GLY SC 168 -88.96 59.23 -25.00
N PRO SC 169 -90.20 59.41 -25.45
CA PRO SC 169 -91.31 59.57 -24.50
C PRO SC 169 -91.52 58.38 -23.59
N PHE SC 170 -91.23 57.17 -24.05
CA PHE SC 170 -91.39 55.97 -23.25
C PHE SC 170 -90.19 55.69 -22.35
N ASP SC 171 -89.17 56.53 -22.40
CA ASP SC 171 -87.99 56.39 -21.55
C ASP SC 171 -87.74 57.69 -20.79
N PRO SC 172 -88.55 57.99 -19.77
CA PRO SC 172 -88.28 59.19 -18.96
C PRO SC 172 -86.98 59.14 -18.18
N LEU SC 173 -86.64 57.98 -17.60
CA LEU SC 173 -85.49 57.86 -16.72
C LEU SC 173 -84.21 57.45 -17.44
N ASN SC 174 -84.22 57.43 -18.77
CA ASN SC 174 -83.05 57.16 -19.61
C ASN SC 174 -82.44 55.78 -19.36
N LEU SC 175 -81.19 55.76 -18.89
CA LEU SC 175 -80.37 54.55 -18.67
C LEU SC 175 -80.43 53.56 -19.85
N ALA SC 176 -80.62 54.08 -21.07
CA ALA SC 176 -80.66 53.26 -22.27
C ALA SC 176 -79.97 53.94 -23.43
N ASP SC 177 -79.41 55.14 -23.22
CA ASP SC 177 -78.73 55.86 -24.31
C ASP SC 177 -77.44 55.18 -24.70
N ASP SC 178 -76.71 54.63 -23.73
CA ASP SC 178 -75.46 53.93 -24.02
C ASP SC 178 -75.77 52.57 -24.64
N PRO SC 179 -75.26 52.27 -25.83
CA PRO SC 179 -75.54 50.96 -26.45
C PRO SC 179 -75.00 49.77 -25.66
N GLU SC 180 -73.98 49.98 -24.83
CA GLU SC 180 -73.40 48.87 -24.07
C GLU SC 180 -74.39 48.32 -23.04
N VAL SC 181 -74.96 49.21 -22.23
CA VAL SC 181 -75.87 48.76 -21.18
C VAL SC 181 -77.27 48.54 -21.72
N PHE SC 182 -77.64 49.23 -22.80
CA PHE SC 182 -78.98 49.04 -23.37
C PHE SC 182 -79.12 47.67 -24.00
N ALA SC 183 -78.12 47.24 -24.78
CA ALA SC 183 -78.16 45.90 -25.36
C ALA SC 183 -78.07 44.83 -24.29
N GLU SC 184 -77.31 45.10 -23.22
CA GLU SC 184 -77.29 44.19 -22.08
C GLU SC 184 -78.67 44.15 -21.40
N LEU SC 185 -79.30 45.30 -21.24
CA LEU SC 185 -80.65 45.34 -20.65
C LEU SC 185 -81.71 44.87 -21.63
N GLN SC 186 -81.40 44.83 -22.93
CA GLN SC 186 -82.30 44.19 -23.89
C GLN SC 186 -82.44 42.70 -23.59
N VAL SC 187 -81.33 42.05 -23.25
CA VAL SC 187 -81.37 40.64 -22.87
C VAL SC 187 -82.15 40.47 -21.58
N LYS SC 188 -81.94 41.36 -20.61
CA LYS SC 188 -82.69 41.29 -19.35
C LYS SC 188 -84.18 41.49 -19.57
N GLU SC 189 -84.56 42.40 -20.46
CA GLU SC 189 -85.98 42.70 -20.68
C GLU SC 189 -86.71 41.50 -21.28
N ILE SC 190 -86.09 40.84 -22.25
CA ILE SC 190 -86.73 39.67 -22.84
C ILE SC 190 -86.64 38.46 -21.90
N LYS SC 191 -85.52 38.29 -21.18
CA LYS SC 191 -85.35 37.13 -20.31
C LYS SC 191 -86.27 37.21 -19.08
N ASN SC 192 -86.38 38.38 -18.47
CA ASN SC 192 -87.29 38.53 -17.33
C ASN SC 192 -88.74 38.33 -17.77
N GLY SC 193 -89.08 38.84 -18.96
CA GLY SC 193 -90.42 38.63 -19.48
C GLY SC 193 -90.71 37.18 -19.78
N ARG SC 194 -89.69 36.43 -20.20
CA ARG SC 194 -89.85 35.00 -20.46
C ARG SC 194 -90.18 34.23 -19.19
N LEU SC 195 -89.66 34.68 -18.05
CA LEU SC 195 -89.92 33.98 -16.79
C LEU SC 195 -91.37 34.12 -16.35
N ALA SC 196 -91.95 35.31 -16.51
CA ALA SC 196 -93.32 35.52 -16.07
C ALA SC 196 -94.33 34.81 -16.96
N MET SC 197 -94.14 34.85 -18.28
CA MET SC 197 -95.06 34.16 -19.18
C MET SC 197 -94.89 32.65 -19.11
N ILE SC 198 -93.76 32.18 -18.56
CA ILE SC 198 -93.69 30.81 -18.08
C ILE SC 198 -94.54 30.65 -16.83
N ALA SC 199 -94.42 31.60 -15.90
CA ALA SC 199 -95.13 31.51 -14.63
C ALA SC 199 -96.64 31.72 -14.81
N VAL SC 200 -97.03 32.60 -15.74
CA VAL SC 200 -98.46 32.82 -15.97
C VAL SC 200 -99.11 31.56 -16.54
N LEU SC 201 -98.42 30.88 -17.46
CA LEU SC 201 -98.93 29.61 -17.97
C LEU SC 201 -98.98 28.57 -16.86
N ALA SC 202 -98.07 28.68 -15.89
CA ALA SC 202 -98.15 27.84 -14.70
C ALA SC 202 -99.17 28.38 -13.71
N PHE SC 203 -99.41 29.70 -13.73
CA PHE SC 203 -100.40 30.30 -12.83
C PHE SC 203 -101.80 29.78 -13.12
N ALA SC 204 -102.11 29.59 -14.40
CA ALA SC 204 -103.46 29.17 -14.78
C ALA SC 204 -103.75 27.75 -14.32
N ILE SC 205 -102.84 26.81 -14.60
CA ILE SC 205 -103.13 25.41 -14.31
C ILE SC 205 -102.94 25.10 -12.83
N GLN SC 206 -102.19 25.92 -12.10
CA GLN SC 206 -102.09 25.72 -10.65
C GLN SC 206 -103.43 26.01 -9.97
N SER SC 207 -104.13 27.04 -10.44
CA SER SC 207 -105.44 27.36 -9.89
C SER SC 207 -106.50 26.37 -10.36
N TYR SC 208 -106.26 25.72 -11.50
CA TYR SC 208 -107.27 24.83 -12.07
C TYR SC 208 -107.33 23.51 -11.31
N VAL SC 209 -106.18 22.96 -10.93
CA VAL SC 209 -106.17 21.63 -10.31
C VAL SC 209 -106.33 21.74 -8.80
N THR SC 210 -105.83 22.83 -8.21
CA THR SC 210 -105.90 23.01 -6.77
C THR SC 210 -107.15 23.78 -6.34
N GLY SC 211 -107.79 24.51 -7.25
CA GLY SC 211 -108.99 25.24 -6.92
C GLY SC 211 -108.77 26.52 -6.14
N GLU SC 212 -107.52 26.91 -5.90
CA GLU SC 212 -107.21 28.11 -5.16
C GLU SC 212 -106.06 28.82 -5.86
N GLY SC 213 -105.81 30.06 -5.45
CA GLY SC 213 -104.78 30.88 -6.05
C GLY SC 213 -103.39 30.40 -5.75
N PRO SC 214 -102.42 30.90 -6.52
CA PRO SC 214 -101.02 30.49 -6.30
C PRO SC 214 -100.47 30.89 -4.94
N TYR SC 215 -100.96 31.98 -4.35
CA TYR SC 215 -100.54 32.36 -3.00
C TYR SC 215 -100.98 31.33 -1.99
N ALA SC 216 -102.17 30.77 -2.16
CA ALA SC 216 -102.64 29.72 -1.27
C ALA SC 216 -101.78 28.47 -1.40
N ASN SC 217 -101.28 28.19 -2.61
CA ASN SC 217 -100.46 27.01 -2.81
C ASN SC 217 -99.09 27.16 -2.14
N ILE SC 218 -98.42 28.29 -2.37
CA ILE SC 218 -97.05 28.46 -1.88
C ILE SC 218 -97.03 28.58 -0.36
N THR SC 219 -98.03 29.26 0.24
CA THR SC 219 -98.11 29.30 1.69
C THR SC 219 -98.41 27.92 2.26
N LYS SC 220 -99.33 27.18 1.64
CA LYS SC 220 -99.55 25.79 2.06
C LYS SC 220 -98.35 24.92 1.70
N HIS SC 221 -97.62 25.27 0.64
CA HIS SC 221 -96.38 24.57 0.36
C HIS SC 221 -95.33 24.85 1.42
N LEU SC 222 -95.23 26.10 1.89
CA LEU SC 222 -94.33 26.33 3.02
C LEU SC 222 -94.94 25.83 4.33
N SER SC 223 -96.26 25.67 4.38
CA SER SC 223 -96.88 25.04 5.54
C SER SC 223 -96.58 23.55 5.58
N ASP SC 224 -96.70 22.89 4.43
CA ASP SC 224 -96.39 21.46 4.30
C ASP SC 224 -95.83 21.22 2.91
N PRO SC 225 -94.50 21.20 2.78
CA PRO SC 225 -93.91 20.91 1.47
C PRO SC 225 -94.12 19.45 1.12
N PHE SC 226 -94.01 18.64 2.16
CA PHE SC 226 -94.03 17.19 2.02
C PHE SC 226 -95.45 16.69 1.79
N GLY SC 227 -96.44 17.33 2.40
CA GLY SC 227 -97.83 16.99 2.28
C GLY SC 227 -98.70 17.95 1.51
N TYR SC 228 -98.12 18.81 0.65
CA TYR SC 228 -98.93 19.61 -0.26
C TYR SC 228 -98.07 19.95 -1.47
N ASN SC 229 -98.20 19.14 -2.51
CA ASN SC 229 -97.59 19.33 -3.82
C ASN SC 229 -98.69 19.05 -4.84
N LEU SC 230 -98.29 18.73 -6.07
CA LEU SC 230 -99.26 18.23 -7.03
C LEU SC 230 -99.69 16.81 -6.69
N LEU SC 231 -98.79 16.03 -6.09
CA LEU SC 231 -99.10 14.63 -5.79
C LEU SC 231 -100.09 14.50 -4.63
N THR SC 232 -100.07 15.44 -3.69
CA THR SC 232 -101.02 15.36 -2.58
C THR SC 232 -102.44 15.63 -3.05
N VAL SC 233 -102.62 16.66 -3.89
CA VAL SC 233 -103.94 16.98 -4.40
C VAL SC 233 -104.39 16.03 -5.50
N LEU SC 234 -103.46 15.41 -6.23
CA LEU SC 234 -103.87 14.43 -7.23
C LEU SC 234 -104.28 13.12 -6.59
N GLN SC 235 -103.65 12.77 -5.46
CA GLN SC 235 -104.16 11.65 -4.67
C GLN SC 235 -105.55 11.97 -4.11
N GLY SC 236 -105.81 13.24 -3.81
CA GLY SC 236 -107.12 13.67 -3.39
C GLY SC 236 -107.30 13.70 -1.89
N ASP SC 237 -107.36 12.52 -1.27
CA ASP SC 237 -107.59 12.43 0.16
C ASP SC 237 -106.70 11.33 0.75
N ASP SC 238 -106.00 11.70 1.84
CA ASP SC 238 -105.03 10.91 2.62
C ASP SC 238 -104.23 9.87 1.84
N ARG SC 239 -103.86 8.78 2.50
CA ARG SC 239 -103.13 7.68 1.88
C ARG SC 239 -103.18 6.48 2.82
N VAL SC 240 -103.29 5.29 2.24
CA VAL SC 240 -103.30 4.04 3.01
C VAL SC 240 -101.88 3.66 3.40
N PRO SC 241 -101.59 3.49 4.68
CA PRO SC 241 -100.23 3.11 5.09
C PRO SC 241 -99.92 1.66 4.74
N THR SC 242 -98.63 1.34 4.75
CA THR SC 242 -98.12 0.11 4.17
C THR SC 242 -98.04 -1.04 5.19
N LEU SC 243 -98.22 -0.75 6.48
CA LEU SC 243 -98.02 -1.74 7.56
C LEU SC 243 -98.87 -3.00 7.41
N SER TC 1 -49.36 46.70 3.89
CA SER TC 1 -49.77 46.81 2.51
C SER TC 1 -50.13 48.24 2.13
N ALA TC 2 -49.10 49.09 2.07
CA ALA TC 2 -49.20 50.50 1.65
C ALA TC 2 -50.19 51.28 2.52
N TRP TC 3 -49.84 51.39 3.80
CA TRP TC 3 -50.63 52.18 4.74
C TRP TC 3 -50.45 53.68 4.54
N TYR TC 4 -49.41 54.10 3.83
CA TYR TC 4 -49.17 55.52 3.56
C TYR TC 4 -49.31 55.77 2.07
N GLY TC 5 -49.22 57.04 1.68
CA GLY TC 5 -49.25 57.43 0.30
C GLY TC 5 -50.65 57.56 -0.26
N PRO TC 6 -50.76 57.88 -1.55
CA PRO TC 6 -52.08 57.99 -2.18
C PRO TC 6 -52.80 56.67 -2.32
N ASP TC 7 -52.09 55.54 -2.27
CA ASP TC 7 -52.68 54.22 -2.39
C ASP TC 7 -53.12 53.66 -1.04
N ARG TC 8 -53.17 54.50 -0.01
CA ARG TC 8 -53.55 54.04 1.31
C ARG TC 8 -55.04 53.67 1.34
N PRO TC 9 -55.42 52.72 2.20
CA PRO TC 9 -56.83 52.41 2.36
C PRO TC 9 -57.58 53.57 2.98
N LEU TC 10 -58.87 53.68 2.64
CA LEU TC 10 -59.68 54.80 3.07
C LEU TC 10 -60.86 54.33 3.90
N PHE TC 11 -61.65 55.30 4.37
CA PHE TC 11 -62.69 55.08 5.36
C PHE TC 11 -64.01 54.59 4.79
N LEU TC 12 -64.06 54.20 3.51
CA LEU TC 12 -65.29 53.62 2.97
C LEU TC 12 -65.00 52.46 2.02
N GLY TC 13 -63.77 51.96 2.00
CA GLY TC 13 -63.44 50.91 1.05
C GLY TC 13 -63.40 51.48 -0.36
N SER TC 14 -64.06 50.79 -1.28
CA SER TC 14 -64.11 51.25 -2.67
C SER TC 14 -65.05 52.43 -2.87
N LEU TC 15 -65.97 52.68 -1.94
CA LEU TC 15 -66.91 53.78 -2.06
C LEU TC 15 -66.46 55.03 -1.32
N SER TC 16 -65.15 55.26 -1.25
CA SER TC 16 -64.61 56.42 -0.56
C SER TC 16 -64.75 57.71 -1.36
N GLY TC 17 -64.64 57.62 -2.68
CA GLY TC 17 -64.55 58.81 -3.51
C GLY TC 17 -63.13 59.34 -3.50
N GLU TC 18 -62.97 60.53 -4.08
CA GLU TC 18 -61.64 61.15 -4.13
C GLU TC 18 -61.26 61.67 -2.75
N PRO TC 19 -60.01 61.51 -2.33
CA PRO TC 19 -59.59 62.03 -1.03
C PRO TC 19 -59.31 63.51 -1.11
N PRO TC 20 -59.48 64.24 -0.02
CA PRO TC 20 -59.09 65.66 0.00
C PRO TC 20 -57.58 65.82 -0.04
N SER TC 21 -57.15 66.97 -0.55
CA SER TC 21 -55.73 67.25 -0.72
C SER TC 21 -54.98 67.29 0.59
N TYR TC 22 -55.55 67.94 1.61
CA TYR TC 22 -54.87 68.09 2.89
C TYR TC 22 -54.67 66.78 3.65
N LEU TC 23 -55.31 65.70 3.23
CA LEU TC 23 -54.94 64.36 3.71
C LEU TC 23 -54.16 63.62 2.63
N THR TC 24 -52.86 63.96 2.54
CA THR TC 24 -51.99 63.35 1.53
C THR TC 24 -51.71 61.88 1.82
N GLY TC 25 -51.66 61.50 3.08
CA GLY TC 25 -51.35 60.15 3.48
C GLY TC 25 -50.00 59.95 4.13
N GLU TC 26 -49.29 61.02 4.46
CA GLU TC 26 -48.00 60.94 5.13
C GLU TC 26 -48.14 60.78 6.64
N PHE TC 27 -49.36 60.77 7.16
CA PHE TC 27 -49.63 60.66 8.58
C PHE TC 27 -50.35 59.34 8.89
N PRO TC 28 -50.06 58.72 10.03
CA PRO TC 28 -50.68 57.42 10.34
C PRO TC 28 -52.17 57.52 10.55
N GLY TC 29 -52.87 56.44 10.22
CA GLY TC 29 -54.31 56.38 10.35
C GLY TC 29 -55.07 57.22 9.36
N ASP TC 30 -54.45 57.61 8.25
CA ASP TC 30 -55.11 58.42 7.23
C ASP TC 30 -56.06 57.53 6.44
N TYR TC 31 -57.36 57.70 6.69
CA TYR TC 31 -58.41 56.98 5.97
C TYR TC 31 -59.28 57.93 5.17
N GLY TC 32 -58.93 59.20 5.09
CA GLY TC 32 -59.68 60.15 4.30
C GLY TC 32 -61.03 60.54 4.87
N TRP TC 33 -61.23 60.38 6.18
CA TRP TC 33 -62.50 60.74 6.82
C TRP TC 33 -62.37 62.14 7.42
N ASP TC 34 -62.76 63.15 6.65
CA ASP TC 34 -62.89 64.52 7.16
C ASP TC 34 -63.91 65.24 6.30
N THR TC 35 -65.16 65.29 6.78
CA THR TC 35 -66.22 65.93 6.04
C THR TC 35 -66.56 67.32 6.55
N ALA TC 36 -66.02 67.72 7.70
CA ALA TC 36 -66.25 69.05 8.26
C ALA TC 36 -65.08 69.99 8.01
N GLY TC 37 -63.98 69.49 7.44
CA GLY TC 37 -62.84 70.34 7.11
C GLY TC 37 -62.10 70.94 8.28
N LEU TC 38 -61.84 70.15 9.33
CA LEU TC 38 -61.05 70.65 10.44
C LEU TC 38 -59.57 70.74 10.14
N SER TC 39 -59.12 70.17 9.02
CA SER TC 39 -57.71 70.12 8.66
C SER TC 39 -57.41 70.90 7.39
N ALA TC 40 -58.19 71.94 7.10
CA ALA TC 40 -57.96 72.72 5.89
C ALA TC 40 -56.63 73.46 5.95
N ASP TC 41 -56.28 74.00 7.13
CA ASP TC 41 -54.96 74.59 7.17
C ASP TC 41 -53.98 73.69 7.93
N PRO TC 42 -52.72 73.66 7.50
CA PRO TC 42 -51.74 72.78 8.16
C PRO TC 42 -51.47 73.13 9.61
N THR TC 43 -51.72 74.37 10.03
CA THR TC 43 -51.41 74.76 11.41
C THR TC 43 -52.31 74.04 12.41
N THR TC 44 -53.63 74.06 12.17
CA THR TC 44 -54.54 73.39 13.08
C THR TC 44 -54.49 71.88 12.91
N PHE TC 45 -53.96 71.40 11.78
CA PHE TC 45 -53.84 69.96 11.57
C PHE TC 45 -52.83 69.35 12.55
N ALA TC 46 -51.72 70.03 12.78
CA ALA TC 46 -50.74 69.54 13.75
C ALA TC 46 -51.27 69.63 15.17
N ARG TC 47 -52.01 70.69 15.50
CA ARG TC 47 -52.57 70.82 16.84
C ARG TC 47 -53.70 69.81 17.05
N TYR TC 48 -54.43 69.47 15.99
CA TYR TC 48 -55.44 68.42 16.10
C TYR TC 48 -54.79 67.04 16.18
N ARG TC 49 -53.68 66.84 15.45
CA ARG TC 49 -52.98 65.57 15.45
C ARG TC 49 -52.35 65.28 16.80
N THR TC 50 -51.72 66.30 17.41
CA THR TC 50 -51.12 66.08 18.72
C THR TC 50 -52.20 65.86 19.78
N ILE TC 51 -53.41 66.38 19.55
CA ILE TC 51 -54.53 66.08 20.44
C ILE TC 51 -55.00 64.64 20.24
N GLU TC 52 -55.07 64.21 18.98
CA GLU TC 52 -55.60 62.88 18.66
C GLU TC 52 -54.70 61.77 19.19
N LEU TC 53 -53.38 61.94 19.09
CA LEU TC 53 -52.47 60.94 19.66
C LEU TC 53 -52.47 60.98 21.18
N ILE TC 54 -52.60 62.18 21.76
CA ILE TC 54 -52.72 62.30 23.21
C ILE TC 54 -54.01 61.61 23.67
N HIS TC 55 -55.10 61.81 22.94
CA HIS TC 55 -56.35 61.11 23.24
C HIS TC 55 -56.17 59.60 23.19
N ALA TC 56 -55.33 59.13 22.26
CA ALA TC 56 -55.12 57.69 22.11
C ALA TC 56 -54.50 57.09 23.36
N ARG TC 57 -53.39 57.66 23.83
CA ARG TC 57 -52.65 57.06 24.92
C ARG TC 57 -53.40 57.19 26.25
N TRP TC 58 -54.18 58.25 26.43
CA TRP TC 58 -55.00 58.34 27.63
C TRP TC 58 -56.13 57.33 27.60
N ALA TC 59 -56.69 57.06 26.42
CA ALA TC 59 -57.78 56.10 26.32
C ALA TC 59 -57.30 54.66 26.34
N LEU TC 60 -56.13 54.36 25.76
CA LEU TC 60 -55.59 53.00 25.81
C LEU TC 60 -55.28 52.60 27.25
N LEU TC 61 -54.76 53.54 28.04
CA LEU TC 61 -54.63 53.31 29.47
C LEU TC 61 -55.98 53.14 30.13
N GLY TC 62 -56.95 53.98 29.75
CA GLY TC 62 -58.27 53.92 30.36
C GLY TC 62 -59.03 52.66 30.01
N ALA TC 63 -58.86 52.18 28.77
CA ALA TC 63 -59.64 51.03 28.31
C ALA TC 63 -59.14 49.74 28.96
N LEU TC 64 -57.90 49.71 29.43
CA LEU TC 64 -57.41 48.53 30.14
C LEU TC 64 -57.68 48.64 31.63
N GLY TC 65 -57.70 49.87 32.16
CA GLY TC 65 -58.00 50.08 33.57
C GLY TC 65 -59.48 50.09 33.91
N ILE TC 66 -60.33 49.83 32.91
CA ILE TC 66 -61.77 49.76 33.13
C ILE TC 66 -62.25 48.32 33.08
N ILE TC 67 -61.46 47.43 32.47
CA ILE TC 67 -61.86 46.03 32.33
C ILE TC 67 -61.19 45.18 33.40
N THR TC 68 -59.90 45.42 33.65
CA THR TC 68 -59.15 44.64 34.64
C THR TC 68 -59.71 44.72 36.06
N PRO TC 69 -60.07 45.89 36.62
CA PRO TC 69 -60.66 45.87 37.97
C PRO TC 69 -62.00 45.14 38.05
N GLU TC 70 -62.81 45.16 37.00
CA GLU TC 70 -64.05 44.37 37.02
C GLU TC 70 -63.76 42.89 36.85
N LEU TC 71 -62.80 42.55 35.98
CA LEU TC 71 -62.47 41.15 35.74
C LEU TC 71 -61.83 40.51 36.97
N LEU TC 72 -60.93 41.24 37.64
CA LEU TC 72 -60.22 40.69 38.78
C LEU TC 72 -61.14 40.48 39.97
N ALA TC 73 -62.24 41.25 40.05
CA ALA TC 73 -63.26 40.97 41.05
C ALA TC 73 -63.94 39.64 40.76
N LYS TC 74 -64.02 39.26 39.49
CA LYS TC 74 -64.57 37.97 39.11
C LYS TC 74 -63.53 36.86 39.17
N ASN TC 75 -62.27 37.20 39.45
CA ASN TC 75 -61.18 36.24 39.41
C ASN TC 75 -60.50 36.03 40.77
N GLY TC 76 -60.92 36.74 41.81
CA GLY TC 76 -60.41 36.52 43.14
C GLY TC 76 -59.75 37.71 43.81
N VAL TC 77 -59.59 38.84 43.12
CA VAL TC 77 -59.00 40.02 43.76
C VAL TC 77 -60.06 40.69 44.63
N PRO TC 78 -59.79 40.94 45.91
CA PRO TC 78 -60.85 41.38 46.83
C PRO TC 78 -61.33 42.81 46.67
N PHE TC 79 -62.08 43.10 45.61
CA PHE TC 79 -62.86 44.33 45.57
C PHE TC 79 -64.21 44.01 46.21
N SER TC 80 -64.54 44.71 47.30
CA SER TC 80 -65.69 44.29 48.11
C SER TC 80 -67.02 44.58 47.42
N GLU TC 81 -67.31 45.85 47.14
CA GLU TC 81 -68.50 46.16 46.35
C GLU TC 81 -68.33 47.24 45.29
N ASP TC 82 -67.37 48.15 45.41
CA ASP TC 82 -67.31 49.27 44.49
C ASP TC 82 -66.05 49.29 43.63
N GLY TC 83 -65.12 48.36 43.84
CA GLY TC 83 -63.90 48.36 43.07
C GLY TC 83 -64.06 47.84 41.65
N ALA TC 84 -65.04 46.98 41.40
CA ALA TC 84 -65.22 46.46 40.05
C ALA TC 84 -65.85 47.50 39.14
N ILE TC 85 -66.72 48.34 39.68
CA ILE TC 85 -67.45 49.33 38.91
C ILE TC 85 -66.56 50.54 38.71
N TRP TC 86 -66.36 50.96 37.46
CA TRP TC 86 -65.49 52.09 37.17
C TRP TC 86 -66.15 53.42 37.51
N PHE TC 87 -67.45 53.55 37.24
CA PHE TC 87 -68.11 54.83 37.47
C PHE TC 87 -68.52 55.01 38.92
N LYS TC 88 -68.36 53.96 39.74
CA LYS TC 88 -68.59 54.04 41.17
C LYS TC 88 -67.27 53.99 41.94
N ALA TC 89 -66.16 53.74 41.25
CA ALA TC 89 -64.87 53.52 41.92
C ALA TC 89 -64.35 54.78 42.58
N GLY TC 90 -64.81 55.94 42.15
CA GLY TC 90 -64.34 57.18 42.74
C GLY TC 90 -64.74 57.32 44.20
N ALA TC 91 -65.96 56.89 44.53
CA ALA TC 91 -66.47 57.02 45.89
C ALA TC 91 -65.83 56.05 46.88
N GLU TC 92 -64.97 55.14 46.41
CA GLU TC 92 -64.32 54.19 47.30
C GLU TC 92 -63.48 54.86 48.37
N ILE TC 93 -62.90 56.02 48.07
CA ILE TC 93 -62.01 56.70 49.01
C ILE TC 93 -62.74 57.28 50.21
N PHE TC 94 -64.07 57.33 50.18
CA PHE TC 94 -64.84 57.91 51.26
C PHE TC 94 -65.25 56.92 52.33
N LYS TC 95 -65.22 55.62 52.04
CA LYS TC 95 -65.56 54.64 53.06
C LYS TC 95 -64.41 54.48 54.05
N GLU TC 96 -64.70 53.77 55.15
CA GLU TC 96 -63.74 53.60 56.23
C GLU TC 96 -62.52 52.79 55.79
N GLY TC 97 -62.71 51.84 54.87
CA GLY TC 97 -61.59 51.04 54.40
C GLY TC 97 -60.58 51.77 53.54
N GLY TC 98 -60.94 52.92 52.99
CA GLY TC 98 -60.05 53.65 52.12
C GLY TC 98 -59.94 53.00 50.76
N LEU TC 99 -59.04 53.55 49.95
CA LEU TC 99 -58.79 53.03 48.60
C LEU TC 99 -57.51 52.20 48.64
N ASN TC 100 -57.67 50.89 48.50
CA ASN TC 100 -56.57 49.94 48.58
C ASN TC 100 -56.31 49.35 47.20
N TYR TC 101 -55.03 49.32 46.79
CA TYR TC 101 -54.67 48.70 45.52
C TYR TC 101 -54.89 47.20 45.61
N LEU TC 102 -55.58 46.65 44.60
CA LEU TC 102 -55.92 45.22 44.51
C LEU TC 102 -56.70 44.73 45.71
N GLY TC 103 -57.40 45.63 46.40
CA GLY TC 103 -58.15 45.26 47.59
C GLY TC 103 -57.31 44.96 48.81
N ASN TC 104 -55.99 45.11 48.72
CA ASN TC 104 -55.11 44.78 49.83
C ASN TC 104 -54.91 46.02 50.69
N GLU TC 105 -55.37 45.94 51.95
CA GLU TC 105 -55.36 47.09 52.85
C GLU TC 105 -53.95 47.59 53.14
N ASN TC 106 -52.93 46.74 53.00
CA ASN TC 106 -51.56 47.24 53.09
C ASN TC 106 -51.23 48.15 51.93
N LEU TC 107 -51.74 47.83 50.74
CA LEU TC 107 -51.43 48.60 49.54
C LEU TC 107 -52.20 49.91 49.53
N ILE TC 108 -51.47 51.01 49.27
CA ILE TC 108 -51.96 52.38 49.21
C ILE TC 108 -52.64 52.76 50.53
N HIS TC 109 -53.91 52.36 50.68
CA HIS TC 109 -54.74 52.68 51.84
C HIS TC 109 -54.82 54.20 52.04
N ALA TC 110 -55.35 54.87 51.02
CA ALA TC 110 -55.50 56.31 51.01
C ALA TC 110 -56.93 56.72 51.35
N GLN TC 111 -57.05 57.76 52.18
CA GLN TC 111 -58.35 58.21 52.65
C GLN TC 111 -58.61 59.69 52.43
N SER TC 112 -57.59 60.53 52.42
CA SER TC 112 -57.76 61.96 52.17
C SER TC 112 -57.75 62.16 50.66
N ILE TC 113 -58.94 62.31 50.08
CA ILE TC 113 -59.05 62.56 48.65
C ILE TC 113 -58.49 63.94 48.31
N LEU TC 114 -58.55 64.87 49.26
CA LEU TC 114 -58.00 66.20 49.04
C LEU TC 114 -56.48 66.14 48.86
N ALA TC 115 -55.81 65.32 49.65
CA ALA TC 115 -54.38 65.11 49.46
C ALA TC 115 -54.11 64.29 48.21
N THR TC 116 -55.09 63.48 47.79
CA THR TC 116 -54.93 62.68 46.58
C THR TC 116 -54.98 63.57 45.33
N LEU TC 117 -55.93 64.51 45.30
CA LEU TC 117 -56.05 65.39 44.14
C LEU TC 117 -54.92 66.41 44.10
N ALA TC 118 -54.48 66.88 45.27
CA ALA TC 118 -53.43 67.90 45.31
C ALA TC 118 -52.11 67.38 44.78
N VAL TC 119 -51.78 66.12 45.09
CA VAL TC 119 -50.53 65.56 44.61
C VAL TC 119 -50.65 65.17 43.14
N GLN TC 120 -51.88 65.00 42.64
CA GLN TC 120 -52.06 64.57 41.26
C GLN TC 120 -51.91 65.74 40.30
N VAL TC 121 -52.47 66.90 40.65
CA VAL TC 121 -52.44 68.05 39.75
C VAL TC 121 -51.03 68.59 39.60
N ILE TC 122 -50.21 68.45 40.64
CA ILE TC 122 -48.85 68.99 40.58
C ILE TC 122 -47.95 68.09 39.75
N VAL TC 123 -48.31 66.82 39.61
CA VAL TC 123 -47.53 65.93 38.75
C VAL TC 123 -47.77 66.27 37.28
N MET TC 124 -49.04 66.35 36.87
CA MET TC 124 -49.34 66.72 35.50
C MET TC 124 -49.12 68.21 35.26
N GLY TC 125 -49.02 69.00 36.33
CA GLY TC 125 -48.72 70.40 36.18
C GLY TC 125 -47.35 70.65 35.56
N ALA TC 126 -46.39 69.79 35.88
CA ALA TC 126 -45.06 69.91 35.28
C ALA TC 126 -44.91 68.95 34.09
N ALA TC 127 -45.49 67.76 34.20
CA ALA TC 127 -45.32 66.75 33.14
C ALA TC 127 -45.98 67.18 31.83
N GLU TC 128 -47.23 67.64 31.90
CA GLU TC 128 -47.84 68.21 30.71
C GLU TC 128 -47.17 69.51 30.30
N GLY TC 129 -46.67 70.28 31.28
CA GLY TC 129 -45.92 71.48 30.97
C GLY TC 129 -44.62 71.16 30.27
N PHE TC 130 -43.93 70.10 30.70
CA PHE TC 130 -42.74 69.63 30.00
C PHE TC 130 -43.10 69.15 28.60
N ARG TC 131 -44.25 68.49 28.46
CA ARG TC 131 -44.73 68.10 27.15
C ARG TC 131 -45.08 69.31 26.30
N ALA TC 132 -45.68 70.34 26.91
CA ALA TC 132 -46.19 71.49 26.17
C ALA TC 132 -45.06 72.26 25.50
N ASN TC 133 -43.97 72.51 26.20
CA ASN TC 133 -42.86 73.26 25.63
C ASN TC 133 -41.81 72.38 24.99
N GLY TC 134 -41.86 71.07 25.21
CA GLY TC 134 -40.86 70.19 24.66
C GLY TC 134 -39.50 70.26 25.32
N GLU TC 135 -39.39 70.94 26.45
CA GLU TC 135 -38.11 71.10 27.15
C GLU TC 135 -38.24 70.61 28.58
N ALA TC 136 -37.31 69.77 28.99
CA ALA TC 136 -37.26 69.20 30.33
C ALA TC 136 -35.80 69.15 30.76
N PRO TC 137 -35.54 69.11 32.07
CA PRO TC 137 -34.15 69.02 32.53
C PRO TC 137 -33.53 67.65 32.32
N GLY TC 138 -33.01 67.41 31.12
CA GLY TC 138 -32.38 66.15 30.80
C GLY TC 138 -32.56 65.75 29.34
N VAL TC 139 -33.56 66.33 28.69
CA VAL TC 139 -33.80 66.15 27.26
C VAL TC 139 -33.94 67.52 26.63
N GLU TC 140 -33.27 67.71 25.48
CA GLU TC 140 -33.26 69.02 24.84
C GLU TC 140 -33.98 69.02 23.50
N GLY TC 141 -33.57 68.19 22.54
CA GLY TC 141 -34.26 68.17 21.27
C GLY TC 141 -34.97 66.86 20.99
N LEU TC 142 -36.29 66.86 21.13
CA LEU TC 142 -37.12 65.69 20.85
C LEU TC 142 -38.41 66.15 20.19
N ASP TC 143 -39.02 65.24 19.44
CA ASP TC 143 -40.30 65.51 18.79
C ASP TC 143 -41.38 65.68 19.85
N PRO TC 144 -42.10 66.80 19.85
CA PRO TC 144 -43.21 66.96 20.82
C PRO TC 144 -44.32 65.95 20.64
N LEU TC 145 -44.42 65.31 19.47
CA LEU TC 145 -45.40 64.26 19.23
C LEU TC 145 -44.83 62.87 19.44
N TYR TC 146 -43.60 62.61 19.00
CA TYR TC 146 -42.97 61.29 19.12
C TYR TC 146 -41.60 61.43 19.78
N PRO TC 147 -41.56 61.58 21.10
CA PRO TC 147 -40.29 61.83 21.80
C PRO TC 147 -39.28 60.71 21.71
N GLY TC 148 -39.66 59.51 22.17
CA GLY TC 148 -38.70 58.43 22.21
C GLY TC 148 -37.60 58.70 23.21
N GLY TC 149 -36.40 58.18 22.91
CA GLY TC 149 -35.25 58.37 23.75
C GLY TC 149 -35.40 57.67 25.09
N PRO TC 150 -35.52 58.45 26.16
CA PRO TC 150 -35.80 57.86 27.47
C PRO TC 150 -37.16 57.18 27.55
N PHE TC 151 -38.09 57.52 26.67
CA PHE TC 151 -39.41 56.92 26.64
C PHE TC 151 -39.48 55.62 25.86
N ASP TC 152 -38.38 55.20 25.23
CA ASP TC 152 -38.33 53.97 24.44
C ASP TC 152 -37.14 53.14 24.92
N PRO TC 153 -37.29 52.45 26.06
CA PRO TC 153 -36.18 51.63 26.57
C PRO TC 153 -35.76 50.48 25.65
N LEU TC 154 -36.71 49.88 24.93
CA LEU TC 154 -36.40 48.76 24.06
C LEU TC 154 -35.79 49.20 22.72
N GLY TC 155 -35.94 50.47 22.36
CA GLY TC 155 -35.42 50.95 21.08
C GLY TC 155 -36.09 50.35 19.87
N LEU TC 156 -37.40 50.12 19.93
CA LEU TC 156 -38.13 49.61 18.77
C LEU TC 156 -38.27 50.66 17.68
N ALA TC 157 -38.12 51.94 18.02
CA ALA TC 157 -38.21 53.03 17.06
C ALA TC 157 -36.80 53.47 16.63
N ASP TC 158 -36.12 52.58 15.91
CA ASP TC 158 -34.79 52.86 15.39
C ASP TC 158 -34.76 53.00 13.88
N ASP TC 159 -35.46 52.12 13.17
CA ASP TC 159 -35.57 52.11 11.71
C ASP TC 159 -36.93 52.63 11.23
N PRO TC 160 -36.91 53.69 10.40
CA PRO TC 160 -38.17 54.38 10.03
C PRO TC 160 -39.17 53.53 9.26
N GLU TC 161 -38.74 52.55 8.47
CA GLU TC 161 -39.68 51.72 7.72
C GLU TC 161 -40.57 50.91 8.65
N ALA TC 162 -39.98 50.27 9.65
CA ALA TC 162 -40.79 49.61 10.66
C ALA TC 162 -41.48 50.63 11.56
N PHE TC 163 -40.81 51.74 11.86
CA PHE TC 163 -41.40 52.78 12.69
C PHE TC 163 -42.60 53.43 12.01
N ALA TC 164 -42.66 53.35 10.67
CA ALA TC 164 -43.82 53.87 9.95
C ALA TC 164 -45.02 52.95 10.11
N GLU TC 165 -44.82 51.64 9.97
CA GLU TC 165 -45.95 50.72 10.03
C GLU TC 165 -46.47 50.56 11.45
N LEU TC 166 -45.58 50.60 12.44
CA LEU TC 166 -46.05 50.56 13.83
C LEU TC 166 -46.50 51.92 14.31
N LYS TC 167 -46.21 53.00 13.56
CA LYS TC 167 -46.88 54.27 13.81
C LYS TC 167 -48.37 54.17 13.55
N VAL TC 168 -48.75 53.45 12.48
CA VAL TC 168 -50.16 53.32 12.11
C VAL TC 168 -50.91 52.50 13.15
N LYS TC 169 -50.20 51.61 13.85
CA LYS TC 169 -50.84 50.77 14.85
C LYS TC 169 -51.38 51.58 16.03
N GLU TC 170 -50.60 52.53 16.55
CA GLU TC 170 -51.00 53.24 17.75
C GLU TC 170 -52.25 54.08 17.51
N ILE TC 171 -52.34 54.71 16.34
CA ILE TC 171 -53.52 55.53 16.07
C ILE TC 171 -54.75 54.66 15.81
N LYS TC 172 -54.59 53.52 15.11
CA LYS TC 172 -55.74 52.67 14.82
C LYS TC 172 -56.24 51.96 16.08
N ASN TC 173 -55.31 51.46 16.90
CA ASN TC 173 -55.70 50.87 18.17
C ASN TC 173 -56.17 51.95 19.13
N GLY TC 174 -55.59 53.15 19.02
CA GLY TC 174 -56.06 54.28 19.81
C GLY TC 174 -57.48 54.67 19.45
N ARG TC 175 -57.79 54.69 18.15
CA ARG TC 175 -59.15 55.02 17.72
C ARG TC 175 -60.17 54.03 18.23
N LEU TC 176 -59.77 52.76 18.38
CA LEU TC 176 -60.62 51.80 19.08
C LEU TC 176 -60.70 52.15 20.57
N ALA TC 177 -59.61 52.64 21.15
CA ALA TC 177 -59.60 52.93 22.58
C ALA TC 177 -60.48 54.12 22.91
N MET TC 178 -60.59 55.10 22.00
CA MET TC 178 -61.53 56.18 22.24
C MET TC 178 -62.97 55.71 22.00
N PHE TC 179 -63.17 54.97 20.90
CA PHE TC 179 -64.52 54.58 20.47
C PHE TC 179 -65.17 53.66 21.49
N SER TC 180 -64.41 52.71 22.02
CA SER TC 180 -64.95 51.81 23.05
C SER TC 180 -65.15 52.55 24.37
N CYS TC 181 -64.37 53.60 24.60
CA CYS TC 181 -64.45 54.31 25.87
C CYS TC 181 -65.74 55.11 26.00
N LEU TC 182 -66.18 55.76 24.92
CA LEU TC 182 -67.45 56.47 25.01
C LEU TC 182 -68.61 55.48 25.11
N GLY TC 183 -68.43 54.30 24.52
CA GLY TC 183 -69.42 53.23 24.71
C GLY TC 183 -69.50 52.80 26.16
N PHE TC 184 -68.37 52.81 26.87
CA PHE TC 184 -68.39 52.62 28.31
C PHE TC 184 -69.15 53.74 28.99
N PHE TC 185 -68.96 54.97 28.52
CA PHE TC 185 -69.69 56.12 29.08
C PHE TC 185 -71.18 56.04 28.77
N VAL TC 186 -71.52 55.67 27.54
CA VAL TC 186 -72.92 55.57 27.14
C VAL TC 186 -73.61 54.43 27.89
N GLN TC 187 -72.97 53.27 27.96
CA GLN TC 187 -73.56 52.13 28.66
C GLN TC 187 -73.75 52.41 30.15
N ALA TC 188 -72.81 53.13 30.77
CA ALA TC 188 -72.92 53.42 32.19
C ALA TC 188 -74.12 54.30 32.48
N ILE TC 189 -74.38 55.30 31.63
CA ILE TC 189 -75.58 56.11 31.80
C ILE TC 189 -76.82 55.30 31.45
N VAL TC 190 -76.75 54.47 30.42
CA VAL TC 190 -77.91 53.70 29.99
C VAL TC 190 -78.17 52.53 30.93
N THR TC 191 -77.21 51.59 31.02
CA THR TC 191 -77.44 50.39 31.83
C THR TC 191 -77.27 50.65 33.32
N GLY TC 192 -76.30 51.47 33.71
CA GLY TC 192 -76.04 51.68 35.12
C GLY TC 192 -75.23 50.58 35.77
N LYS TC 193 -74.70 49.64 34.98
CA LYS TC 193 -73.90 48.54 35.50
C LYS TC 193 -72.53 48.56 34.84
N GLY TC 194 -71.65 47.68 35.32
CA GLY TC 194 -70.34 47.52 34.74
C GLY TC 194 -70.42 46.94 33.35
N PRO TC 195 -69.56 47.43 32.45
CA PRO TC 195 -69.58 46.94 31.05
C PRO TC 195 -69.38 45.45 30.91
N ILE TC 196 -68.53 44.85 31.74
CA ILE TC 196 -68.36 43.40 31.71
C ILE TC 196 -69.63 42.70 32.15
N GLN TC 197 -70.31 43.25 33.16
CA GLN TC 197 -71.58 42.68 33.58
C GLN TC 197 -72.63 42.82 32.48
N ASN TC 198 -72.51 43.86 31.64
CA ASN TC 198 -73.38 43.99 30.49
C ASN TC 198 -73.00 42.99 29.40
N LEU TC 199 -71.70 42.66 29.31
CA LEU TC 199 -71.23 41.68 28.34
C LEU TC 199 -71.77 40.28 28.64
N GLN TC 200 -71.74 39.89 29.91
CA GLN TC 200 -72.24 38.58 30.30
C GLN TC 200 -73.76 38.49 30.16
N ASP TC 201 -74.45 39.63 30.28
CA ASP TC 201 -75.89 39.66 30.02
C ASP TC 201 -76.17 39.30 28.57
N HIS TC 202 -75.40 39.89 27.64
CA HIS TC 202 -75.53 39.55 26.23
C HIS TC 202 -75.09 38.11 25.98
N LEU TC 203 -74.09 37.64 26.74
CA LEU TC 203 -73.63 36.26 26.60
C LEU TC 203 -74.66 35.25 27.12
N ALA TC 204 -75.50 35.65 28.09
CA ALA TC 204 -76.52 34.74 28.60
C ALA TC 204 -77.59 34.47 27.56
N ASP TC 205 -78.09 35.52 26.91
CA ASP TC 205 -79.10 35.38 25.85
C ASP TC 205 -79.00 36.59 24.94
N PRO TC 206 -78.31 36.47 23.80
CA PRO TC 206 -78.12 37.63 22.93
C PRO TC 206 -79.37 38.10 22.21
N GLY TC 207 -80.46 37.34 22.26
CA GLY TC 207 -81.65 37.72 21.52
C GLY TC 207 -82.31 38.99 22.02
N VAL TC 208 -82.46 39.13 23.34
CA VAL TC 208 -83.11 40.29 23.91
C VAL TC 208 -82.26 41.03 24.93
N ASN TC 209 -81.06 40.55 25.26
CA ASN TC 209 -80.18 41.24 26.19
C ASN TC 209 -79.13 42.02 25.41
N ASN TC 210 -79.55 43.18 24.93
CA ASN TC 210 -78.70 44.08 24.16
C ASN TC 210 -79.15 45.51 24.44
N ALA TC 211 -78.76 46.43 23.55
CA ALA TC 211 -79.14 47.83 23.71
C ALA TC 211 -80.63 48.08 23.54
N PHE TC 212 -81.36 47.11 23.00
CA PHE TC 212 -82.80 47.28 22.80
C PHE TC 212 -83.61 47.14 24.07
N ALA TC 213 -83.14 46.35 25.04
CA ALA TC 213 -83.89 46.16 26.28
C ALA TC 213 -83.94 47.42 27.13
N SER TC 214 -83.01 48.36 26.94
CA SER TC 214 -83.02 49.64 27.64
C SER TC 214 -83.21 50.81 26.68
N ALA TC 215 -83.69 50.55 25.47
CA ALA TC 215 -83.84 51.59 24.45
C ALA TC 215 -85.06 52.47 24.70
N THR TC 216 -85.91 52.13 25.67
CA THR TC 216 -87.13 52.87 25.95
C THR TC 216 -87.12 53.52 27.32
N LYS TC 217 -86.02 53.42 28.06
CA LYS TC 217 -85.97 53.88 29.44
C LYS TC 217 -85.81 55.39 29.58
N PHE TC 218 -85.37 56.09 28.53
CA PHE TC 218 -85.08 57.51 28.63
C PHE TC 218 -86.15 58.39 28.01
N VAL TC 219 -87.32 57.83 27.72
CA VAL TC 219 -88.38 58.62 27.09
C VAL TC 219 -88.94 59.62 28.09
N PRO TC 220 -89.19 60.87 27.70
CA PRO TC 220 -89.79 61.82 28.63
C PRO TC 220 -91.22 61.48 28.96
N THR TC 221 -91.68 61.97 30.10
CA THR TC 221 -93.03 61.74 30.60
C THR TC 221 -93.83 63.04 30.56
N PRO TC 222 -95.15 62.95 30.41
CA PRO TC 222 -95.95 64.18 30.49
C PRO TC 222 -96.10 64.69 31.93
N GLN UC 1 -59.91 -64.05 40.37
CA GLN UC 1 -60.22 -65.32 39.75
C GLN UC 1 -60.96 -65.04 38.45
N ARG UC 2 -62.26 -64.77 38.58
CA ARG UC 2 -63.08 -64.41 37.43
C ARG UC 2 -62.68 -63.03 36.92
N VAL UC 3 -62.64 -62.88 35.60
CA VAL UC 3 -62.26 -61.61 34.98
C VAL UC 3 -63.37 -60.58 35.01
N ARG UC 4 -64.57 -60.94 35.47
CA ARG UC 4 -65.67 -59.99 35.52
C ARG UC 4 -65.59 -59.12 36.77
N THR UC 5 -65.22 -59.70 37.92
CA THR UC 5 -65.24 -58.94 39.16
C THR UC 5 -64.03 -58.03 39.29
N VAL UC 6 -62.96 -58.30 38.54
CA VAL UC 6 -61.81 -57.43 38.57
C VAL UC 6 -62.02 -56.24 37.63
N LEU UC 7 -62.84 -56.42 36.59
CA LEU UC 7 -63.15 -55.32 35.68
C LEU UC 7 -63.92 -54.22 36.38
N ASP UC 8 -64.86 -54.61 37.24
CA ASP UC 8 -65.69 -53.64 37.95
C ASP UC 8 -64.96 -52.98 39.12
N MET UC 9 -63.83 -53.54 39.56
CA MET UC 9 -63.02 -52.85 40.57
C MET UC 9 -62.31 -51.66 39.96
N ASP UC 10 -61.73 -51.83 38.77
CA ASP UC 10 -60.90 -50.81 38.15
C ASP UC 10 -61.67 -49.80 37.33
N ASP UC 11 -62.86 -50.18 36.83
CA ASP UC 11 -63.68 -49.29 36.01
C ASP UC 11 -64.00 -47.95 36.66
N PRO UC 12 -64.42 -47.86 37.95
CA PRO UC 12 -64.64 -46.52 38.52
C PRO UC 12 -63.34 -45.76 38.71
N ALA UC 13 -62.24 -46.48 38.92
CA ALA UC 13 -60.95 -45.83 39.12
C ALA UC 13 -60.43 -45.23 37.81
N LYS UC 14 -60.54 -45.98 36.72
CA LYS UC 14 -59.99 -45.57 35.44
C LYS UC 14 -60.58 -46.43 34.34
N GLU UC 15 -60.35 -46.03 33.08
CA GLU UC 15 -60.94 -46.69 31.93
C GLU UC 15 -59.95 -47.04 30.84
N GLU UC 16 -58.64 -46.90 31.09
CA GLU UC 16 -57.62 -47.22 30.11
C GLU UC 16 -56.76 -48.41 30.52
N THR UC 17 -57.40 -49.51 30.93
CA THR UC 17 -56.68 -50.68 31.40
C THR UC 17 -56.72 -51.77 30.33
N VAL UC 18 -55.72 -52.66 30.34
CA VAL UC 18 -55.58 -53.71 29.32
C VAL UC 18 -56.83 -54.58 29.26
N LYS UC 19 -57.31 -55.03 30.43
CA LYS UC 19 -58.53 -55.84 30.43
C LYS UC 19 -59.76 -55.00 30.07
N GLU UC 20 -59.70 -53.69 30.27
CA GLU UC 20 -60.77 -52.81 29.83
C GLU UC 20 -60.55 -52.33 28.41
N LEU UC 21 -59.43 -52.74 27.79
CA LEU UC 21 -59.14 -52.49 26.39
C LEU UC 21 -59.20 -53.75 25.55
N ARG UC 22 -58.96 -54.93 26.15
CA ARG UC 22 -59.01 -56.19 25.43
C ARG UC 22 -60.22 -57.00 25.88
N LYS UC 23 -60.80 -57.75 24.94
CA LYS UC 23 -61.95 -58.63 25.15
C LYS UC 23 -63.14 -57.85 25.74
N ASP UC 24 -63.38 -56.66 25.20
CA ASP UC 24 -64.53 -55.85 25.59
C ASP UC 24 -65.48 -55.57 24.43
N ILE UC 25 -65.40 -56.37 23.37
CA ILE UC 25 -66.30 -56.18 22.23
C ILE UC 25 -67.71 -56.60 22.61
N ASN UC 26 -67.84 -57.74 23.30
CA ASN UC 26 -69.14 -58.23 23.74
C ASN UC 26 -69.80 -57.35 24.80
N ASN UC 27 -69.03 -56.55 25.52
CA ASN UC 27 -69.57 -55.66 26.54
C ASN UC 27 -70.33 -54.50 25.91
O1 OEX VC . 43.68 -22.88 -62.07
CA1 OEX VC . 43.50 -22.73 -59.67
MN1 OEX VC . 42.85 -21.53 -62.87
O2 OEX VC . 45.44 -21.27 -60.30
MN2 OEX VC . 45.46 -21.99 -62.25
O3 OEX VC . 44.21 -20.37 -62.64
MN3 OEX VC . 44.54 -19.69 -60.78
O4 OEX VC . 44.78 -19.06 -58.82
MN4 OEX VC . 42.71 -19.16 -58.61
O5 OEX VC . 42.26 -20.39 -60.62
FE FE2 WC . 6.44 -26.54 -34.90
CL CL XC . 39.61 -12.06 -61.57
CL CL YC . 51.47 -20.64 -66.39
MG CLA ZC . 25.64 -20.86 -55.95
CHA CLA ZC . 27.36 -22.42 -53.39
CHB CLA ZC . 22.66 -21.33 -54.29
CHC CLA ZC . 24.10 -19.32 -58.43
CHD CLA ZC . 28.70 -20.39 -57.63
NA CLA ZC . 25.05 -21.77 -54.04
C1A CLA ZC . 25.87 -22.36 -53.16
C2A CLA ZC . 25.15 -22.86 -51.95
C3A CLA ZC . 23.69 -22.54 -52.29
C4A CLA ZC . 23.78 -21.83 -53.60
CMA CLA ZC . 22.74 -23.70 -52.22
CAA CLA ZC . 25.51 -21.97 -50.79
CBA CLA ZC . 24.85 -22.39 -49.49
CGA CLA ZC . 25.59 -21.75 -48.36
O1A CLA ZC . 25.29 -20.63 -47.99
O2A CLA ZC . 26.59 -22.41 -47.83
NB CLA ZC . 23.69 -20.39 -56.30
C1B CLA ZC . 22.61 -20.67 -55.53
C2B CLA ZC . 21.41 -20.17 -56.16
C3B CLA ZC . 21.83 -19.61 -57.34
C4B CLA ZC . 23.28 -19.76 -57.40
CMB CLA ZC . 20.03 -20.31 -55.56
CAB CLA ZC . 21.10 -18.92 -58.45
CBB CLA ZC . 19.62 -18.62 -58.51
NC CLA ZC . 26.31 -19.90 -57.68
C1C CLA ZC . 25.50 -19.38 -58.59
C2C CLA ZC . 26.22 -18.90 -59.78
C3C CLA ZC . 27.53 -19.15 -59.50
C4C CLA ZC . 27.58 -19.78 -58.20
CMC CLA ZC . 25.65 -18.26 -60.99
CAC CLA ZC . 28.69 -18.82 -60.41
CBC CLA ZC . 29.05 -17.37 -60.25
ND CLA ZC . 27.56 -21.26 -55.69
C1D CLA ZC . 28.71 -21.03 -56.37
C2D CLA ZC . 29.87 -21.54 -55.66
C3D CLA ZC . 29.33 -22.09 -54.50
C4D CLA ZC . 27.95 -21.91 -54.53
CMD CLA ZC . 31.34 -21.56 -55.93
CAD CLA ZC . 29.70 -22.77 -53.28
OBD CLA ZC . 30.82 -22.77 -52.80
CBD CLA ZC . 28.44 -23.03 -52.53
CGD CLA ZC . 28.23 -24.50 -52.35
O1D CLA ZC . 28.05 -25.23 -53.30
O2D CLA ZC . 28.22 -25.01 -51.12
CED CLA ZC . 29.51 -25.28 -50.59
C1 CLA ZC . 26.53 -22.85 -46.45
C2 CLA ZC . 26.81 -21.92 -45.31
C3 CLA ZC . 28.04 -21.49 -45.05
C4 CLA ZC . 29.24 -21.88 -45.87
C5 CLA ZC . 28.33 -20.58 -43.90
C6 CLA ZC . 28.80 -21.47 -42.76
C7 CLA ZC . 28.59 -20.77 -41.43
C8 CLA ZC . 29.78 -21.03 -40.53
C9 CLA ZC . 29.77 -22.47 -40.06
C10 CLA ZC . 29.72 -20.05 -39.37
C11 CLA ZC . 29.75 -18.61 -39.87
C12 CLA ZC . 30.45 -17.71 -38.86
C13 CLA ZC . 29.86 -16.31 -38.86
C14 CLA ZC . 30.95 -15.28 -39.04
C15 CLA ZC . 29.10 -16.08 -37.56
C16 CLA ZC . 28.55 -14.66 -37.44
C17 CLA ZC . 28.09 -14.41 -36.01
C18 CLA ZC . 27.01 -13.34 -35.95
C19 CLA ZC . 27.50 -12.03 -36.55
C20 CLA ZC . 25.73 -13.82 -36.64
MG CLA AD . 28.15 -15.49 -47.83
CHA CLA AD . 26.16 -12.78 -48.64
CHB CLA AD . 28.52 -14.32 -44.60
CHC CLA AD . 29.90 -18.20 -47.11
CHD CLA AD . 27.74 -16.71 -51.12
NA CLA AD . 27.41 -13.74 -46.70
C1A CLA AD . 26.65 -12.77 -47.20
C2A CLA AD . 26.33 -11.75 -46.15
C3A CLA AD . 27.10 -12.24 -44.92
C4A CLA AD . 27.71 -13.51 -45.41
CMA CLA AD . 27.96 -11.26 -44.13
CAA CLA AD . 24.83 -11.76 -45.87
CBA CLA AD . 24.35 -12.80 -44.86
CGA CLA AD . 23.92 -14.10 -45.51
O1A CLA AD . 24.71 -14.77 -46.16
O2A CLA AD . 22.68 -14.51 -45.37
NB CLA AD . 29.04 -16.16 -46.12
C1B CLA AD . 29.16 -15.53 -44.92
C2B CLA AD . 29.96 -16.31 -44.03
C3B CLA AD . 30.36 -17.42 -44.75
C4B CLA AD . 29.76 -17.29 -46.08
CMB CLA AD . 30.29 -15.93 -42.61
CAB CLA AD . 31.21 -18.59 -44.42
CBB CLA AD . 31.48 -19.11 -43.04
NC CLA AD . 28.75 -17.17 -48.94
C1C CLA AD . 29.44 -18.18 -48.44
C2C CLA AD . 29.65 -19.28 -49.40
C3C CLA AD . 29.04 -18.82 -50.54
C4C CLA AD . 28.49 -17.50 -50.25
CMC CLA AD . 30.37 -20.58 -49.14
CAC CLA AD . 28.94 -19.51 -51.87
CBC CLA AD . 30.30 -19.46 -52.53
ND CLA AD . 27.21 -15.00 -49.49
C1D CLA AD . 27.12 -15.50 -50.76
C2D CLA AD . 26.35 -14.62 -51.64
C3D CLA AD . 25.99 -13.58 -50.80
C4D CLA AD . 26.51 -13.81 -49.53
CMD CLA AD . 25.94 -14.68 -53.08
CAD CLA AD . 25.25 -12.33 -50.79
OBD CLA AD . 24.61 -11.87 -51.72
CBD CLA AD . 25.25 -11.83 -49.38
CGD CLA AD . 25.81 -10.43 -49.28
O1D CLA AD . 26.73 -10.08 -49.98
O2D CLA AD . 25.29 -9.60 -48.39
CED CLA AD . 26.09 -8.51 -47.94
C1 CLA AD . 22.14 -14.68 -44.03
C2 CLA AD . 22.90 -15.39 -42.93
C3 CLA AD . 22.42 -15.40 -41.69
C4 CLA AD . 21.14 -14.70 -41.34
C5 CLA AD . 23.14 -16.08 -40.54
C6 CLA AD . 23.84 -15.02 -39.70
C7 CLA AD . 25.25 -14.78 -40.23
C8 CLA AD . 25.57 -13.30 -40.36
C9 CLA AD . 24.45 -12.53 -41.05
C10 CLA AD . 26.86 -13.14 -41.15
C11 CLA AD . 27.79 -12.14 -40.48
C12 CLA AD . 29.25 -12.46 -40.79
C13 CLA AD . 30.06 -11.19 -40.94
C14 CLA AD . 31.25 -11.41 -41.87
C15 CLA AD . 30.51 -10.73 -39.57
C16 CLA AD . 31.56 -11.69 -39.01
C17 CLA AD . 31.58 -11.62 -37.49
C18 CLA AD . 32.16 -10.28 -37.07
C19 CLA AD . 31.76 -9.98 -35.63
C20 CLA AD . 33.67 -10.26 -37.26
MG CLA BD . 14.07 -22.92 -61.15
CHA CLA BD . 16.32 -25.42 -60.38
CHB CLA BD . 11.54 -25.24 -61.46
CHC CLA BD . 11.98 -20.45 -61.74
CHD CLA BD . 16.67 -20.54 -60.79
NA CLA BD . 13.92 -25.11 -60.93
C1A CLA BD . 14.92 -25.93 -60.62
C2A CLA BD . 14.46 -27.37 -60.56
C3A CLA BD . 12.98 -27.28 -60.93
C4A CLA BD . 12.77 -25.80 -61.12
CMA CLA BD . 12.41 -28.26 -61.94
CAA CLA BD . 14.52 -27.90 -59.13
CBA CLA BD . 14.21 -26.81 -58.10
CGA CLA BD . 13.72 -27.40 -56.80
O1A CLA BD . 13.68 -28.61 -56.67
O2A CLA BD . 13.35 -26.57 -55.84
NB CLA BD . 12.08 -22.86 -61.53
C1B CLA BD . 11.20 -23.89 -61.66
C2B CLA BD . 9.90 -23.40 -62.01
C3B CLA BD . 10.04 -22.04 -62.09
C4B CLA BD . 11.42 -21.72 -61.78
CMB CLA BD . 8.67 -24.21 -62.24
CAB CLA BD . 9.01 -21.04 -62.41
CBB CLA BD . 8.84 -20.58 -63.84
NC CLA BD . 14.29 -20.84 -61.24
C1C CLA BD . 13.29 -20.01 -61.49
C2C CLA BD . 13.69 -18.59 -61.48
C3C CLA BD . 15.03 -18.62 -61.19
C4C CLA BD . 15.40 -20.04 -61.05
CMC CLA BD . 12.76 -17.43 -61.73
CAC CLA BD . 15.95 -17.45 -61.05
CBC CLA BD . 16.22 -16.86 -62.42
ND CLA BD . 16.00 -22.87 -60.68
C1D CLA BD . 16.97 -21.92 -60.60
C2D CLA BD . 18.27 -22.50 -60.33
C3D CLA BD . 18.01 -23.86 -60.24
C4D CLA BD . 16.65 -24.08 -60.45
CMD CLA BD . 19.66 -21.93 -60.14
CAD CLA BD . 18.64 -25.14 -60.02
OBD CLA BD . 19.82 -25.32 -59.78
CBD CLA BD . 17.59 -26.20 -60.07
CGD CLA BD . 17.85 -27.13 -61.21
O1D CLA BD . 18.37 -26.73 -62.24
O2D CLA BD . 17.50 -28.41 -61.10
CED CLA BD . 17.65 -29.22 -62.27
C1 CLA BD . 12.81 -27.02 -54.56
C2 CLA BD . 11.58 -27.89 -54.49
C3 CLA BD . 10.74 -27.81 -53.44
C4 CLA BD . 9.53 -28.69 -53.41
CHA PHO CD . 24.46 -22.28 -37.46
CHB PHO CD . 25.77 -18.71 -40.43
CHC PHO CD . 23.68 -20.95 -44.27
CHD PHO CD . 22.16 -24.52 -41.30
NA PHO CD . 24.87 -20.59 -39.12
C1A PHO CD . 25.05 -21.12 -37.81
C2A PHO CD . 25.93 -20.19 -36.97
C3A PHO CD . 26.05 -18.94 -37.89
C4A PHO CD . 25.53 -19.46 -39.23
CMA PHO CD . 25.25 -17.77 -37.38
CAA PHO CD . 27.28 -20.76 -36.63
CBA PHO CD . 28.07 -19.77 -35.79
CGA PHO CD . 29.48 -20.22 -35.58
O1A PHO CD . 29.91 -21.35 -35.35
O2A PHO CD . 30.39 -19.19 -35.68
NB PHO CD . 24.57 -20.09 -42.11
C1B PHO CD . 25.37 -19.03 -41.70
C2B PHO CD . 25.74 -18.27 -42.92
C3B PHO CD . 25.16 -18.88 -44.01
C4B PHO CD . 24.39 -20.08 -43.50
CMB PHO CD . 26.58 -17.08 -42.86
CAB PHO CD . 25.20 -18.56 -45.40
CBB PHO CD . 26.31 -18.29 -46.11
NC PHO CD . 23.07 -22.59 -42.55
C1C PHO CD . 23.06 -22.17 -43.81
C2C PHO CD . 22.30 -23.13 -44.66
C3C PHO CD . 21.86 -24.14 -43.82
C4C PHO CD . 22.35 -23.80 -42.45
CMC PHO CD . 22.09 -22.97 -46.10
CAC PHO CD . 21.05 -25.33 -44.17
CBC PHO CD . 21.81 -26.64 -44.04
ND PHO CD . 23.66 -23.23 -39.76
C1D PHO CD . 22.75 -24.28 -40.03
C2D PHO CD . 22.56 -25.03 -38.82
C3D PHO CD . 23.26 -24.34 -37.80
C4D PHO CD . 23.84 -23.17 -38.41
CMD PHO CD . 21.81 -26.27 -38.71
CAD PHO CD . 23.60 -24.31 -36.40
OBD PHO CD . 23.44 -25.18 -35.54
CBD PHO CD . 24.27 -22.93 -36.12
CGD PHO CD . 23.40 -22.13 -35.19
O1D PHO CD . 23.62 -21.81 -34.01
O2D PHO CD . 22.25 -21.71 -35.77
CED PHO CD . 21.50 -20.70 -35.07
C1 PHO CD . 30.27 -18.13 -34.72
C2 PHO CD . 31.47 -17.26 -34.89
C3 PHO CD . 31.59 -16.05 -34.32
C4 PHO CD . 30.52 -15.47 -33.47
C5 PHO CD . 32.80 -15.21 -34.51
C6 PHO CD . 33.76 -15.76 -35.56
C7 PHO CD . 33.81 -14.87 -36.77
C8 PHO CD . 34.73 -15.42 -37.86
C9 PHO CD . 36.13 -15.55 -37.32
C10 PHO CD . 34.67 -14.49 -39.07
C11 PHO CD . 35.84 -14.66 -40.01
C12 PHO CD . 35.65 -15.84 -40.94
C13 PHO CD . 34.44 -15.68 -41.84
C14 PHO CD . 34.26 -16.93 -42.67
C15 PHO CD . 34.60 -14.45 -42.74
C16 PHO CD . 33.47 -14.33 -43.75
C17 PHO CD . 33.77 -13.22 -44.72
C18 PHO CD . 32.78 -13.18 -45.88
C19 PHO CD . 32.56 -14.54 -46.50
C20 PHO CD . 31.47 -12.56 -45.44
CHA PHO DD . 4.01 -24.07 -53.25
CHB PHO DD . 7.47 -24.89 -56.54
CHC PHO DD . 10.36 -21.46 -54.53
CHD PHO DD . 6.91 -20.56 -51.18
NA PHO DD . 5.90 -24.31 -54.73
C1A PHO DD . 4.58 -24.67 -54.32
C2A PHO DD . 4.04 -25.77 -55.23
C3A PHO DD . 5.23 -26.06 -56.19
C4A PHO DD . 6.26 -25.02 -55.78
CMA PHO DD . 5.75 -27.46 -56.02
CAA PHO DD . 2.76 -25.41 -55.97
CBA PHO DD . 3.01 -24.95 -57.38
CGA PHO DD . 1.85 -25.29 -58.26
O1A PHO DD . 1.36 -26.39 -58.50
O2A PHO DD . 1.28 -24.18 -58.82
NB PHO DD . 8.63 -23.08 -55.30
C1B PHO DD . 8.50 -24.02 -56.31
C2B PHO DD . 9.74 -23.94 -57.14
C3B PHO DD . 10.57 -22.98 -56.59
C4B PHO DD . 9.87 -22.41 -55.38
CMB PHO DD . 9.92 -24.82 -58.29
CAB PHO DD . 11.88 -22.50 -56.95
CBB PHO DD . 12.44 -22.48 -58.16
NC PHO DD . 8.44 -21.23 -53.02
C1C PHO DD . 9.66 -20.90 -53.40
C2C PHO DD . 10.23 -19.87 -52.49
C3C PHO DD . 9.26 -19.61 -51.55
C4C PHO DD . 8.09 -20.47 -51.86
CMC PHO DD . 11.57 -19.30 -52.61
CAC PHO DD . 9.33 -18.68 -50.41
CBC PHO DD . 8.57 -17.40 -50.65
ND PHO DD . 5.65 -22.11 -52.72
C1D PHO DD . 5.75 -21.31 -51.54
C2D PHO DD . 4.52 -21.45 -50.83
C3D PHO DD . 3.78 -22.46 -51.49
C4D PHO DD . 4.57 -22.91 -52.59
CMD PHO DD . 4.12 -20.69 -49.65
CAD PHO DD . 2.54 -23.21 -51.48
OBD PHO DD . 1.50 -23.01 -50.84
CBD PHO DD . 2.74 -24.38 -52.49
CGD PHO DD . 2.79 -25.67 -51.72
O1D PHO DD . 1.88 -26.33 -51.24
O2D PHO DD . 4.07 -26.14 -51.58
CED PHO DD . 4.22 -27.48 -51.12
C1 PHO DD . 0.13 -24.40 -59.66
C2 PHO DD . 0.34 -23.55 -60.85
C3 PHO DD . 0.97 -24.00 -61.95
C4 PHO DD . 1.47 -25.38 -62.05
C5 PHO DD . 1.17 -23.12 -63.12
C6 PHO DD . 2.41 -22.26 -62.95
C7 PHO DD . 3.46 -22.55 -64.01
C8 PHO DD . 4.81 -21.88 -63.79
C9 PHO DD . 4.78 -20.75 -62.79
C10 PHO DD . 5.32 -21.34 -65.13
C11 PHO DD . 5.61 -22.45 -66.11
C12 PHO DD . 6.72 -23.34 -65.59
C13 PHO DD . 6.71 -24.71 -66.27
C14 PHO DD . 5.34 -25.35 -66.14
C15 PHO DD . 7.78 -25.59 -65.66
C16 PHO DD . 9.15 -25.01 -65.90
C17 PHO DD . 10.23 -25.88 -65.28
C18 PHO DD . 11.61 -25.40 -65.68
C19 PHO DD . 12.67 -26.33 -65.13
C20 PHO DD . 11.82 -23.99 -65.17
MG CLA ED . 46.86 -20.36 -32.32
CHA CLA ED . 48.60 -20.40 -35.28
CHB CLA ED . 45.66 -23.55 -32.91
CHC CLA ED . 45.31 -20.23 -29.41
CHD CLA ED . 48.07 -17.09 -31.73
NA CLA ED . 47.10 -21.85 -33.92
C1A CLA ED . 47.83 -21.69 -35.02
C2A CLA ED . 47.76 -22.89 -35.92
C3A CLA ED . 46.83 -23.83 -35.16
C4A CLA ED . 46.49 -23.06 -33.93
CMA CLA ED . 45.72 -24.53 -35.93
CAA CLA ED . 49.12 -23.59 -35.95
CBA CLA ED . 49.87 -23.53 -34.63
CGA CLA ED . 51.25 -24.10 -34.83
O1A CLA ED . 51.70 -24.15 -35.96
O2A CLA ED . 51.95 -24.50 -33.78
NB CLA ED . 45.68 -21.68 -31.33
C1B CLA ED . 45.27 -22.93 -31.71
C2B CLA ED . 44.42 -23.50 -30.70
C3B CLA ED . 44.34 -22.55 -29.73
C4B CLA ED . 45.13 -21.41 -30.13
CMB CLA ED . 43.78 -24.86 -30.74
CAB CLA ED . 43.60 -22.58 -28.45
CBB CLA ED . 42.12 -22.82 -28.38
NC CLA ED . 46.78 -18.93 -30.78
C1C CLA ED . 46.03 -19.06 -29.69
C2C CLA ED . 46.04 -17.85 -28.83
C3C CLA ED . 46.87 -16.99 -29.48
C4C CLA ED . 47.31 -17.65 -30.70
CMC CLA ED . 45.32 -17.66 -27.52
CAC CLA ED . 47.23 -15.59 -29.04
CBC CLA ED . 48.62 -15.62 -28.42
ND CLA ED . 48.01 -19.01 -33.19
C1D CLA ED . 48.46 -17.76 -32.90
C2D CLA ED . 49.34 -17.25 -33.94
C3D CLA ED . 49.39 -18.29 -34.85
C4D CLA ED . 48.59 -19.34 -34.40
CMD CLA ED . 50.09 -15.95 -34.14
CAD CLA ED . 49.97 -18.65 -36.12
OBD CLA ED . 50.36 -17.83 -36.93
CBD CLA ED . 49.52 -20.04 -36.44
CGD CLA ED . 48.75 -20.10 -37.74
O1D CLA ED . 47.54 -20.17 -37.75
O2D CLA ED . 49.40 -20.09 -38.89
CED CLA ED . 48.84 -19.26 -39.91
C1 CLA ED . 52.09 -25.92 -33.47
C2 CLA ED . 51.43 -26.55 -32.26
C3 CLA ED . 51.85 -27.74 -31.79
C4 CLA ED . 52.97 -28.51 -32.42
C5 CLA ED . 51.21 -28.39 -30.58
C6 CLA ED . 50.84 -29.83 -30.87
C7 CLA ED . 49.61 -30.22 -30.04
C8 CLA ED . 49.82 -31.47 -29.19
C9 CLA ED . 51.18 -31.48 -28.49
C10 CLA ED . 49.63 -32.72 -30.04
C11 CLA ED . 48.33 -32.67 -30.83
C12 CLA ED . 47.60 -34.01 -30.78
C13 CLA ED . 47.56 -34.66 -32.15
C14 CLA ED . 46.83 -33.77 -33.16
C15 CLA ED . 46.90 -36.02 -32.03
C1 BCR FD . 38.82 -20.44 -21.27
C2 BCR FD . 39.08 -21.73 -20.49
C3 BCR FD . 40.54 -22.16 -20.55
C4 BCR FD . 41.47 -21.08 -20.06
C5 BCR FD . 40.94 -19.68 -20.22
C6 BCR FD . 39.89 -19.41 -21.01
C7 BCR FD . 39.78 -18.06 -21.60
C8 BCR FD . 40.44 -17.62 -22.65
C9 BCR FD . 40.35 -16.29 -23.22
C10 BCR FD . 41.39 -15.82 -24.09
C11 BCR FD . 41.71 -15.33 -25.38
C33 BCR FD . 41.58 -18.58 -19.44
C31 BCR FD . 37.51 -19.84 -20.79
C32 BCR FD . 38.76 -20.74 -22.75
C34 BCR FD . 39.20 -15.39 -22.88
C12 BCR FD . 42.07 -14.97 -26.48
C13 BCR FD . 42.44 -14.02 -27.46
C14 BCR FD . 43.44 -14.40 -28.30
C15 BCR FD . 43.98 -13.58 -29.34
C16 BCR FD . 44.76 -13.50 -30.44
C17 BCR FD . 44.96 -12.39 -31.09
C18 BCR FD . 45.94 -12.16 -31.99
C19 BCR FD . 46.06 -10.85 -32.65
C20 BCR FD . 46.36 -10.15 -33.74
C21 BCR FD . 46.55 -9.04 -34.59
C22 BCR FD . 47.39 -8.97 -35.65
C23 BCR FD . 47.45 -7.71 -36.40
C24 BCR FD . 48.27 -7.47 -37.64
C25 BCR FD . 48.21 -6.14 -38.28
C26 BCR FD . 47.25 -5.91 -39.18
C27 BCR FD . 46.95 -4.51 -39.68
C28 BCR FD . 48.07 -3.49 -39.45
C29 BCR FD . 49.40 -4.11 -39.07
C30 BCR FD . 49.25 -5.09 -37.91
C35 BCR FD . 41.78 -12.68 -27.56
C36 BCR FD . 46.91 -13.25 -32.34
C37 BCR FD . 48.24 -10.13 -36.04
C38 BCR FD . 46.41 -7.01 -39.73
C39 BCR FD . 48.86 -4.37 -36.62
C40 BCR FD . 50.60 -5.78 -37.73
O6 SQD GD . 8.46 -42.28 -42.93
C44 SQD GD . 9.12 -41.17 -43.49
C45 SQD GD . 9.96 -40.47 -42.39
C46 SQD GD . 11.01 -41.41 -41.78
O47 SQD GD . 10.71 -39.46 -43.05
C7 SQD GD . 10.00 -38.42 -43.62
O49 SQD GD . 9.04 -37.96 -43.09
C8 SQD GD . 10.62 -37.99 -44.91
C9 SQD GD . 11.50 -39.11 -45.48
C10 SQD GD . 12.30 -38.68 -46.72
C11 SQD GD . 13.09 -37.40 -46.45
C12 SQD GD . 13.74 -36.87 -47.74
C13 SQD GD . 14.59 -37.94 -48.43
C14 SQD GD . 14.70 -37.72 -49.95
C15 SQD GD . 13.40 -38.13 -50.68
C16 SQD GD . 13.39 -37.61 -52.12
C17 SQD GD . 13.07 -38.71 -53.13
C18 SQD GD . 14.13 -39.82 -53.10
C19 SQD GD . 15.52 -39.31 -53.49
O48 SQD GD . 11.34 -42.38 -42.75
C23 SQD GD . 12.56 -42.28 -43.35
O10 SQD GD . 13.32 -41.39 -43.04
C24 SQD GD . 12.80 -43.36 -44.36
C25 SQD GD . 14.26 -43.35 -44.83
C26 SQD GD . 14.51 -44.41 -45.91
C27 SQD GD . 15.13 -43.80 -47.17
C28 SQD GD . 16.26 -44.67 -47.74
C29 SQD GD . 17.13 -43.91 -48.75
C30 SQD GD . 16.29 -43.30 -49.88
C31 SQD GD . 15.68 -44.37 -50.79
C32 SQD GD . 16.72 -44.98 -51.73
C33 SQD GD . 16.52 -46.49 -51.90
C34 SQD GD . 17.63 -47.10 -52.77
C35 SQD GD . 19.01 -46.94 -52.14
C36 SQD GD . 20.11 -47.53 -53.03
C37 SQD GD . 20.20 -46.78 -54.36
C38 SQD GD . 21.10 -47.51 -55.36
C1 SQD GD . 7.37 -41.90 -42.14
C2 SQD GD . 6.10 -42.09 -43.03
O2 SQD GD . 5.41 -40.90 -43.17
C3 SQD GD . 5.20 -43.17 -42.37
O3 SQD GD . 5.92 -44.36 -42.49
C4 SQD GD . 4.95 -42.86 -40.88
O4 SQD GD . 4.02 -41.82 -40.80
C5 SQD GD . 6.29 -42.51 -40.16
C6 SQD GD . 6.48 -43.36 -38.93
O5 SQD GD . 7.33 -42.81 -41.07
S SQD GD . 7.37 -44.92 -39.15
O7 SQD GD . 7.07 -45.62 -37.94
O8 SQD GD . 8.72 -44.50 -39.28
O9 SQD GD . 6.81 -45.54 -40.31
C1 LMG HD . 55.06 -25.70 -38.58
O1 LMG HD . 54.16 -26.39 -37.72
C2 LMG HD . 55.75 -24.56 -37.83
O2 LMG HD . 54.78 -23.62 -37.36
C3 LMG HD . 56.70 -23.85 -38.77
O3 LMG HD . 57.41 -22.83 -38.05
C4 LMG HD . 57.69 -24.85 -39.35
O4 LMG HD . 58.51 -25.37 -38.30
C5 LMG HD . 56.95 -25.99 -40.02
O5 LMG HD . 57.15 -28.15 -41.04
C6 LMG HD . 57.91 -27.05 -40.52
O6 LMG HD . 56.04 -26.60 -39.10
C7 LMG HD . 53.28 -27.23 -38.48
C8 LMG HD . 52.25 -27.90 -37.60
C9 LMG HD . 52.91 -28.93 -36.69
O7 LMG HD . 51.55 -26.92 -36.82
C10 LMG HD . 50.24 -27.19 -36.75
O9 LMG HD . 49.54 -27.00 -37.72
C11 LMG HD . 49.67 -27.75 -35.47
C12 LMG HD . 48.29 -27.15 -35.22
C13 LMG HD . 47.77 -27.61 -33.86
C14 LMG HD . 46.26 -27.55 -33.81
C15 LMG HD . 45.77 -28.33 -32.59
C16 LMG HD . 44.28 -28.58 -32.65
C17 LMG HD . 43.91 -29.68 -31.66
C18 LMG HD . 42.42 -29.73 -31.47
C19 LMG HD . 41.88 -30.56 -30.57
C20 LMG HD . 42.74 -31.47 -29.73
C21 LMG HD . 42.87 -32.82 -30.40
C22 LMG HD . 43.60 -33.77 -29.81
O8 LMG HD . 52.64 -30.24 -37.17
C28 LMG HD . 51.71 -30.99 -36.62
O10 LMG HD . 51.17 -30.62 -35.59
C29 LMG HD . 51.31 -32.32 -37.23
C30 LMG HD . 50.35 -33.05 -36.31
C31 LMG HD . 50.07 -34.46 -36.81
C32 LMG HD . 49.65 -34.46 -38.27
C33 LMG HD . 48.32 -35.15 -38.49
C34 LMG HD . 47.16 -34.30 -37.99
C35 LMG HD . 45.83 -34.81 -38.55
C36 LMG HD . 45.92 -34.81 -40.05
C37 LMG HD . 44.81 -34.74 -40.80
C38 LMG HD . 43.44 -34.66 -40.17
C39 LMG HD . 42.42 -34.93 -41.24
C40 LMG HD . 41.11 -34.94 -40.98
C41 LMG HD . 40.56 -34.66 -39.61
C42 LMG HD . 39.05 -34.67 -39.69
C43 LMG HD . 38.32 -34.21 -38.67
NA NA ID . 46.12 -14.05 -69.36
MG CLA JD . -16.59 4.29 -80.65
CHA CLA JD . -17.83 6.04 -83.37
CHB CLA JD . -18.74 5.96 -78.53
CHC CLA JD . -15.44 2.45 -78.16
CHD CLA JD . -14.40 2.56 -82.84
NA CLA JD . -18.14 5.83 -80.90
C1A CLA JD . -18.51 6.41 -82.06
C2A CLA JD . -19.58 7.46 -81.86
C3A CLA JD . -19.85 7.37 -80.34
C4A CLA JD . -18.86 6.33 -79.88
CMA CLA JD . -20.16 8.59 -79.50
CAA CLA JD . -20.89 7.22 -82.60
CBA CLA JD . -21.24 5.75 -82.78
CGA CLA JD . -22.67 5.68 -83.28
O1A CLA JD . -23.58 5.75 -82.48
O2A CLA JD . -22.87 5.56 -84.58
NB CLA JD . -17.03 4.21 -78.65
C1B CLA JD . -17.90 4.99 -77.95
C2B CLA JD . -17.84 4.65 -76.56
C3B CLA JD . -16.91 3.67 -76.45
C4B CLA JD . -16.40 3.40 -77.80
CMB CLA JD . -18.64 5.26 -75.43
CAB CLA JD . -16.48 2.99 -75.21
CBB CLA JD . -15.05 3.01 -74.73
NC CLA JD . -15.19 2.72 -80.53
C1C CLA JD . -14.83 2.15 -79.39
C2C CLA JD . -13.73 1.17 -79.55
C3C CLA JD . -13.46 1.20 -80.90
C4C CLA JD . -14.37 2.18 -81.49
CMC CLA JD . -13.09 0.33 -78.48
CAC CLA JD . -12.42 0.39 -81.62
CBC CLA JD . -11.08 1.08 -81.51
ND CLA JD . -16.16 4.22 -82.57
C1D CLA JD . -15.28 3.54 -83.37
C2D CLA JD . -15.37 3.95 -84.76
C3D CLA JD . -16.36 4.91 -84.74
C4D CLA JD . -16.82 5.07 -83.43
CMD CLA JD . -14.65 3.53 -86.02
CAD CLA JD . -17.09 5.82 -85.61
OBD CLA JD . -16.80 6.08 -86.76
CBD CLA JD . -18.06 6.58 -84.76
CGD CLA JD . -17.71 8.04 -84.77
O1D CLA JD . -16.54 8.41 -84.75
O2D CLA JD . -18.67 8.96 -84.82
CED CLA JD . -18.58 9.90 -85.87
C1 CLA JD . -23.76 4.51 -85.08
C2 CLA JD . -23.58 3.07 -84.65
C3 CLA JD . -23.82 2.05 -85.49
C4 CLA JD . -24.27 2.28 -86.90
C5 CLA JD . -23.63 0.61 -85.08
C6 CLA JD . -22.25 0.43 -84.48
C7 CLA JD . -21.16 0.43 -85.55
C8 CLA JD . -20.32 1.70 -85.50
C9 CLA JD . -20.03 2.20 -86.91
C10 CLA JD . -19.02 1.44 -84.72
C11 CLA JD . -19.05 2.09 -83.35
C12 CLA JD . -18.14 1.36 -82.37
C13 CLA JD . -18.87 1.00 -81.09
C14 CLA JD . -20.04 0.07 -81.38
C15 CLA JD . -19.34 2.26 -80.39
C16 CLA JD . -20.06 1.96 -79.08
C17 CLA JD . -21.36 2.75 -79.01
C18 CLA JD . -21.86 2.90 -77.58
C19 CLA JD . -22.46 4.28 -77.36
C20 CLA JD . -22.85 1.80 -77.24
MG CLA KD . -10.64 5.19 -72.62
CHA CLA KD . -7.55 3.98 -71.68
CHB CLA KD . -9.28 6.58 -75.47
CHC CLA KD . -13.67 6.17 -73.49
CHD CLA KD . -12.03 3.73 -69.71
NA CLA KD . -8.62 5.27 -73.51
C1A CLA KD . -7.51 4.74 -72.99
C2A CLA KD . -6.30 5.03 -73.84
C3A CLA KD . -6.89 5.85 -75.00
C4A CLA KD . -8.35 5.92 -74.67
CMA CLA KD . -6.20 7.11 -75.48
CAA CLA KD . -5.71 3.75 -74.40
CBA CLA KD . -4.38 3.96 -75.11
CGA CLA KD . -3.23 4.12 -74.13
O1A CLA KD . -3.12 5.14 -73.49
O2A CLA KD . -2.36 3.14 -74.02
NB CLA KD . -11.37 6.20 -74.23
C1B CLA KD . -10.67 6.73 -75.28
C2B CLA KD . -11.57 7.45 -76.15
C3B CLA KD . -12.81 7.32 -75.59
C4B CLA KD . -12.66 6.54 -74.37
CMB CLA KD . -11.22 8.17 -77.42
CAB CLA KD . -14.08 7.87 -76.09
CBB CLA KD . -15.19 6.95 -76.57
NC CLA KD . -12.55 4.95 -71.76
C1C CLA KD . -13.65 5.52 -72.24
C2C CLA KD . -14.81 5.38 -71.35
C3C CLA KD . -14.32 4.68 -70.29
C4C CLA KD . -12.91 4.43 -70.54
CMC CLA KD . -16.21 5.87 -71.53
CAC CLA KD . -15.15 4.31 -69.09
CBC CLA KD . -14.90 5.25 -67.93
ND CLA KD . -10.06 4.14 -71.05
C1D CLA KD . -10.65 3.57 -69.96
C2D CLA KD . -9.70 2.81 -69.16
C3D CLA KD . -8.49 2.98 -69.83
C4D CLA KD . -8.72 3.77 -70.96
CMD CLA KD . -9.80 2.00 -67.89
CAD CLA KD . -7.10 2.63 -69.77
OBD CLA KD . -6.55 2.08 -68.85
CBD CLA KD . -6.42 3.35 -70.89
CGD CLA KD . -5.58 4.44 -70.30
O1D CLA KD . -5.92 5.00 -69.28
O2D CLA KD . -4.46 4.83 -70.90
CED CLA KD . -3.37 5.12 -70.04
C1 CLA KD . -2.76 1.83 -73.51
C2 CLA KD . -3.50 1.66 -72.21
C3 CLA KD . -3.41 0.50 -71.53
C4 CLA KD . -2.58 -0.63 -72.05
C5 CLA KD . -4.12 0.27 -70.23
C6 CLA KD . -4.87 -1.06 -70.29
C7 CLA KD . -4.85 -1.74 -68.93
C8 CLA KD . -4.08 -3.05 -68.96
C9 CLA KD . -5.03 -4.21 -68.71
C10 CLA KD . -2.95 -2.96 -67.94
C11 CLA KD . -2.48 -4.33 -67.45
C12 CLA KD . -2.25 -4.28 -65.95
C13 CLA KD . -2.83 -5.52 -65.28
C14 CLA KD . -2.83 -5.39 -63.75
C15 CLA KD . -2.08 -6.76 -65.75
C16 CLA KD . -0.89 -7.11 -64.86
C17 CLA KD . 0.43 -6.60 -65.43
C18 CLA KD . 1.59 -7.41 -64.90
C19 CLA KD . 2.77 -7.38 -65.87
C20 CLA KD . 1.99 -6.92 -63.52
MG CLA LD . -7.56 10.73 -65.66
CHA CLA LD . -4.71 12.08 -67.12
CHB CLA LD . -7.22 7.90 -67.57
CHC CLA LD . -10.14 9.47 -64.05
CHD CLA LD . -7.88 13.68 -63.73
NA CLA LD . -6.12 10.03 -67.18
C1A CLA LD . -5.06 10.71 -67.64
C2A CLA LD . -4.32 9.94 -68.71
C3A CLA LD . -5.16 8.66 -68.85
C4A CLA LD . -6.23 8.84 -67.82
CMA CLA LD . -5.53 8.16 -70.23
CAA CLA LD . -2.95 9.52 -68.22
CBA CLA LD . -2.89 9.19 -66.72
CGA CLA LD . -2.93 7.70 -66.49
O1A CLA LD . -2.39 6.96 -67.30
O2A CLA LD . -3.55 7.21 -65.43
NB CLA LD . -8.52 8.96 -65.78
C1B CLA LD . -8.29 7.94 -66.64
C2B CLA LD . -9.26 6.90 -66.46
C3B CLA LD . -10.10 7.35 -65.47
C4B CLA LD . -9.61 8.65 -65.05
CMB CLA LD . -9.29 5.63 -67.26
CAB CLA LD . -11.29 6.74 -64.82
CBB CLA LD . -12.13 5.62 -65.40
NC CLA LD . -8.83 11.47 -64.14
C1C CLA LD . -9.82 10.77 -63.62
C2C CLA LD . -10.53 11.52 -62.54
C3C CLA LD . -9.87 12.72 -62.46
C4C CLA LD . -8.82 12.67 -63.48
CMC CLA LD . -11.68 11.05 -61.68
CAC CLA LD . -10.20 13.84 -61.53
CBC CLA LD . -9.47 13.67 -60.21
ND CLA LD . -6.63 12.46 -65.42
C1D CLA LD . -6.79 13.55 -64.63
C2D CLA LD . -5.73 14.53 -64.84
C3D CLA LD . -4.93 13.95 -65.81
C4D CLA LD . -5.48 12.71 -66.15
CMD CLA LD . -5.42 15.86 -64.25
CAD CLA LD . -3.73 14.17 -66.58
OBD CLA LD . -2.86 14.97 -66.31
CBD CLA LD . -3.57 13.00 -67.50
CGD CLA LD . -3.72 13.50 -68.89
O1D CLA LD . -4.77 14.00 -69.26
O2D CLA LD . -2.71 13.44 -69.75
CED CLA LD . -2.31 14.67 -70.35
C1 CLA LD . -4.27 5.94 -65.53
C2 CLA LD . -5.68 5.78 -65.01
C3 CLA LD . -6.23 4.56 -64.87
C4 CLA LD . -5.45 3.34 -65.24
C5 CLA LD . -7.63 4.35 -64.35
C6 CLA LD . -7.72 3.20 -63.37
C7 CLA LD . -8.86 3.41 -62.39
C8 CLA LD . -9.94 2.36 -62.56
C9 CLA LD . -11.30 3.04 -62.46
C10 CLA LD . -9.77 1.30 -61.49
C11 CLA LD . -11.01 0.40 -61.35
C12 CLA LD . -11.17 -0.58 -62.50
C13 CLA LD . -10.93 -2.04 -62.10
C14 CLA LD . -9.74 -2.26 -61.19
C15 CLA LD . -10.81 -2.89 -63.36
C16 CLA LD . -10.48 -4.34 -63.03
C17 CLA LD . -11.63 -5.25 -63.41
C18 CLA LD . -11.51 -5.69 -64.87
C19 CLA LD . -11.22 -7.18 -64.97
C20 CLA LD . -12.78 -5.33 -65.64
MG CLA MD . 2.32 8.98 -57.80
CHA CLA MD . 0.81 10.31 -60.62
CHB CLA MD . 4.42 11.69 -57.58
CHC CLA MD . 3.59 7.68 -55.03
CHD CLA MD . 0.16 6.21 -58.01
NA CLA MD . 2.59 10.83 -58.97
C1A CLA MD . 1.91 11.19 -60.06
C2A CLA MD . 2.39 12.50 -60.62
C3A CLA MD . 3.51 12.89 -59.63
C4A CLA MD . 3.52 11.75 -58.66
CMA CLA MD . 4.83 13.47 -60.09
CAA CLA MD . 1.30 13.59 -60.61
CBA CLA MD . 0.43 13.52 -59.36
CGA CLA MD . -1.03 13.63 -59.73
O1A CLA MD . -1.70 12.61 -59.79
O2A CLA MD . -1.52 14.82 -59.99
NB CLA MD . 3.77 9.59 -56.50
C1B CLA MD . 4.55 10.70 -56.58
C2B CLA MD . 5.50 10.69 -55.50
C3B CLA MD . 5.26 9.56 -54.79
C4B CLA MD . 4.16 8.88 -55.44
CMB CLA MD . 6.56 11.71 -55.18
CAB CLA MD . 5.98 9.12 -53.58
CBB CLA MD . 5.29 9.02 -52.24
NC CLA MD . 1.91 7.25 -56.69
C1C CLA MD . 2.55 6.91 -55.59
C2C CLA MD . 2.08 5.65 -55.01
C3C CLA MD . 1.09 5.24 -55.85
C4C CLA MD . 0.99 6.25 -56.90
CMC CLA MD . 2.62 5.01 -53.76
CAC CLA MD . 0.24 4.00 -55.72
CBC CLA MD . 1.00 2.81 -56.24
ND CLA MD . 0.84 8.34 -58.94
C1D CLA MD . 0.05 7.23 -58.98
C2D CLA MD . -0.85 7.25 -60.12
C3D CLA MD . -0.55 8.44 -60.75
C4D CLA MD . 0.46 9.09 -60.04
CMD CLA MD . -1.90 6.31 -60.66
CAD CLA MD . -0.91 9.24 -61.89
OBD CLA MD . -1.60 8.87 -62.82
CBD CLA MD . -0.11 10.50 -61.83
CGD CLA MD . 0.63 10.66 -63.13
O1D CLA MD . 1.03 11.75 -63.48
O2D CLA MD . 0.84 9.61 -63.92
CED CLA MD . 1.64 9.84 -65.08
C1 CLA MD . -2.50 15.47 -59.12
C2 CLA MD . -3.51 14.75 -58.26
C3 CLA MD . -4.71 15.30 -58.05
C4 CLA MD . -5.06 16.62 -58.67
C5 CLA MD . -5.75 14.64 -57.17
C6 CLA MD . -7.17 15.05 -57.58
C7 CLA MD . -7.86 15.80 -56.45
C8 CLA MD . -9.01 16.66 -56.96
C9 CLA MD . -8.63 17.47 -58.18
C10 CLA MD . -9.46 17.59 -55.84
C11 CLA MD . -10.80 18.25 -56.19
C12 CLA MD . -11.94 17.50 -55.53
C13 CLA MD . -13.25 18.22 -55.76
C14 CLA MD . -13.51 19.23 -54.64
C15 CLA MD . -14.38 17.21 -55.87
C16 CLA MD . -15.72 17.88 -56.18
C17 CLA MD . -15.69 18.58 -57.54
C18 CLA MD . -17.06 19.10 -57.91
C19 CLA MD . -16.95 20.39 -58.74
C20 CLA MD . -17.87 18.05 -58.64
MG CLA ND . -2.58 18.63 -57.14
CHA CLA ND . 0.20 17.95 -59.06
CHB CLA ND . -3.78 20.75 -59.57
CHC CLA ND . -5.25 19.13 -55.27
CHD CLA ND . -1.31 16.47 -54.66
NA CLA ND . -1.88 19.29 -59.13
C1A CLA ND . -0.75 18.91 -59.72
C2A CLA ND . -0.57 19.58 -61.06
C3A CLA ND . -1.83 20.45 -61.16
C4A CLA ND . -2.56 20.16 -59.89
CMA CLA ND . -1.67 21.91 -61.56
CAA CLA ND . -0.57 18.60 -62.24
CBA CLA ND . -1.50 17.41 -62.06
CGA CLA ND . -1.20 16.37 -63.12
O1A CLA ND . -1.01 16.73 -64.25
O2A CLA ND . -1.13 15.09 -62.80
NB CLA ND . -4.26 19.76 -57.38
C1B CLA ND . -4.59 20.57 -58.43
C2B CLA ND . -5.85 21.22 -58.18
C3B CLA ND . -6.25 20.76 -56.96
C4B CLA ND . -5.23 19.84 -56.47
CMB CLA ND . -6.53 22.20 -59.10
CAB CLA ND . -7.48 21.09 -56.20
CBB CLA ND . -7.87 22.52 -55.92
NC CLA ND . -3.23 17.84 -55.30
C1C CLA ND . -4.32 18.25 -54.68
C2C CLA ND . -4.45 17.66 -53.32
C3C CLA ND . -3.35 16.89 -53.18
C4C CLA ND . -2.58 17.00 -54.42
CMC CLA ND . -5.55 17.89 -52.32
CAC CLA ND . -2.98 16.07 -51.97
CBC CLA ND . -3.43 14.65 -52.17
ND CLA ND . -1.02 17.47 -56.82
C1D CLA ND . -0.56 16.65 -55.84
C2D CLA ND . 0.72 16.04 -56.16
C3D CLA ND . 1.00 16.56 -57.42
C4D CLA ND . -0.03 17.41 -57.80
CMD CLA ND . 1.65 15.09 -55.47
CAD CLA ND . 1.99 16.52 -58.46
OBD CLA ND . 3.09 15.99 -58.40
CBD CLA ND . 1.54 17.44 -59.55
CGD CLA ND . 2.48 18.60 -59.63
O1D CLA ND . 2.95 18.96 -60.69
O2D CLA ND . 2.80 19.25 -58.52
CED CLA ND . 2.35 20.60 -58.43
C1 CLA ND . -2.17 14.14 -63.22
C2 CLA ND . -3.32 13.73 -62.32
C3 CLA ND . -3.90 12.53 -62.44
C4 CLA ND . -3.43 11.55 -63.47
C5 CLA ND . -5.04 12.10 -61.54
C6 CLA ND . -5.89 11.02 -62.21
C7 CLA ND . -6.98 10.47 -61.29
C8 CLA ND . -7.10 8.94 -61.41
C9 CLA ND . -6.81 8.43 -62.82
C10 CLA ND . -8.47 8.49 -60.92
C11 CLA ND . -8.62 6.97 -61.01
C12 CLA ND . -9.77 6.45 -60.15
C13 CLA ND . -11.06 7.24 -60.36
C14 CLA ND . -11.81 7.42 -59.05
C15 CLA ND . -11.93 6.56 -61.39
C16 CLA ND . -13.07 7.46 -61.82
C17 CLA ND . -14.27 6.66 -62.30
C18 CLA ND . -14.78 7.25 -63.62
C19 CLA ND . -15.70 6.26 -64.34
C20 CLA ND . -15.46 8.59 -63.39
MG CLA OD . -7.65 23.97 -64.86
CHA CLA OD . -5.59 26.68 -65.41
CHB CLA OD . -4.94 22.07 -63.91
CHC CLA OD . -9.71 21.44 -64.26
CHD CLA OD . -10.42 25.92 -65.84
NA CLA OD . -5.47 24.31 -64.67
C1A CLA OD . -4.84 25.45 -64.95
C2A CLA OD . -3.35 25.33 -64.75
C3A CLA OD . -3.18 23.86 -64.32
C4A CLA OD . -4.59 23.37 -64.29
CMA CLA OD . -2.09 23.05 -64.99
CAA CLA OD . -2.87 26.12 -63.53
CBA CLA OD . -3.92 26.29 -62.41
CGA CLA OD . -3.86 25.24 -61.32
O1A CLA OD . -4.64 24.30 -61.36
O2A CLA OD . -2.99 25.34 -60.33
NB CLA OD . -7.37 22.07 -64.19
C1B CLA OD . -6.20 21.46 -63.85
C2B CLA OD . -6.45 20.12 -63.41
C3B CLA OD . -7.81 19.94 -63.52
C4B CLA OD . -8.37 21.19 -64.01
CMB CLA OD . -5.39 19.16 -62.94
CAB CLA OD . -8.61 18.74 -63.20
CBB CLA OD . -8.60 18.18 -61.79
NC CLA OD . -9.74 23.74 -64.97
C1C CLA OD . -10.38 22.60 -64.72
C2C CLA OD . -11.83 22.70 -64.96
C3C CLA OD . -12.03 23.97 -65.37
C4C CLA OD . -10.72 24.62 -65.38
CMC CLA OD . -12.85 21.60 -64.77
CAC CLA OD . -13.36 24.58 -65.75
CBC CLA OD . -13.97 25.26 -64.54
ND CLA OD . -8.04 25.81 -65.47
C1D CLA OD . -9.14 26.51 -65.85
C2D CLA OD . -8.80 27.86 -66.25
C3D CLA OD . -7.42 27.92 -66.08
C4D CLA OD . -6.97 26.69 -65.61
CMD CLA OD . -9.58 29.04 -66.76
CAD CLA OD . -6.28 28.80 -66.22
OBD CLA OD . -6.31 29.89 -66.75
CBD CLA OD . -5.07 28.06 -65.75
CGD CLA OD . -4.08 28.03 -66.87
O1D CLA OD . -4.45 28.09 -68.03
O2D CLA OD . -2.77 27.94 -66.63
CED CLA OD . -1.95 28.83 -67.36
C1 CLA OD . -3.33 24.73 -59.05
C2 CLA OD . -4.53 25.22 -58.27
C3 CLA OD . -4.73 24.95 -56.97
C4 CLA OD . -3.77 24.12 -56.17
C5 CLA OD . -5.94 25.48 -56.24
C6 CLA OD . -5.48 26.31 -55.05
C7 CLA OD . -6.54 26.36 -53.96
C8 CLA OD . -6.13 27.32 -52.85
C9 CLA OD . -6.00 26.58 -51.53
C10 CLA OD . -7.17 28.44 -52.74
C11 CLA OD . -6.52 29.74 -52.30
C12 CLA OD . -6.89 30.90 -53.24
C13 CLA OD . -5.66 31.52 -53.90
C14 CLA OD . -5.21 30.69 -55.09
C15 CLA OD . -4.56 31.70 -52.86
C16 CLA OD . -3.20 31.97 -53.49
C17 CLA OD . -2.12 31.09 -52.86
C18 CLA OD . -0.76 31.79 -52.89
C19 CLA OD . -0.38 32.17 -54.31
C20 CLA OD . -0.76 33.01 -51.98
MG CLA PD . 13.15 13.04 -56.10
CHA CLA PD . 15.99 14.55 -57.35
CHB CLA PD . 12.79 11.21 -59.00
CHC CLA PD . 10.51 11.59 -54.75
CHD CLA PD . 13.56 14.92 -53.12
NA CLA PD . 14.28 12.87 -57.98
C1A CLA PD . 15.38 13.55 -58.30
C2A CLA PD . 15.87 13.18 -59.68
C3A CLA PD . 14.84 12.16 -60.17
C4A CLA PD . 13.91 12.05 -59.00
CMA CLA PD . 14.25 12.30 -61.56
CAA CLA PD . 17.27 12.55 -59.60
CBA CLA PD . 17.31 11.03 -59.39
CGA CLA PD . 17.20 10.66 -57.93
O1A CLA PD . 16.11 10.68 -57.37
O2A CLA PD . 18.29 10.30 -57.26
NB CLA PD . 11.87 11.61 -56.76
C1B CLA PD . 11.84 11.00 -57.98
C2B CLA PD . 10.73 10.08 -58.05
C3B CLA PD . 10.09 10.20 -56.85
C4B CLA PD . 10.82 11.17 -56.05
CMB CLA PD . 10.39 9.23 -59.24
CAB CLA PD . 8.86 9.51 -56.35
CBB CLA PD . 8.59 8.04 -56.54
NC CLA PD . 12.22 13.20 -54.22
C1C CLA PD . 11.12 12.52 -53.88
C2C CLA PD . 10.64 12.85 -52.52
C3C CLA PD . 11.53 13.78 -52.07
C4C CLA PD . 12.50 14.01 -53.14
CMC CLA PD . 9.45 12.27 -51.82
CAC CLA PD . 11.49 14.46 -50.73
CBC CLA PD . 12.37 13.69 -49.76
ND CLA PD . 14.38 14.39 -55.33
C1D CLA PD . 14.51 15.06 -54.15
C2D CLA PD . 15.69 15.92 -54.13
C3D CLA PD . 16.25 15.71 -55.37
C4D CLA PD . 15.47 14.80 -56.08
CMD CLA PD . 16.29 16.85 -53.11
CAD CLA PD . 17.37 16.10 -56.20
OBD CLA PD . 18.42 16.57 -55.80
CBD CLA PD . 17.19 15.46 -57.54
CGD CLA PD . 16.84 16.57 -58.50
O1D CLA PD . 16.66 16.34 -59.68
O2D CLA PD . 16.72 17.80 -58.05
CED CLA PD . 15.52 18.48 -58.41
C1 CLA PD . 18.55 8.91 -56.96
C2 CLA PD . 17.45 7.91 -56.70
C3 CLA PD . 17.57 6.93 -55.81
C4 CLA PD . 18.82 6.75 -55.02
C5 CLA PD . 16.44 5.94 -55.59
C6 CLA PD . 16.43 5.36 -54.18
C7 CLA PD . 16.05 3.88 -54.24
C8 CLA PD . 15.86 3.29 -52.85
C9 CLA PD . 14.68 3.93 -52.15
C10 CLA PD . 17.14 3.47 -52.05
C11 CLA PD . 17.17 2.50 -50.87
C12 CLA PD . 17.27 3.26 -49.56
C13 CLA PD . 17.64 2.34 -48.40
C14 CLA PD . 16.62 1.21 -48.26
C15 CLA PD . 17.70 3.17 -47.12
C16 CLA PD . 19.11 3.23 -46.55
C17 CLA PD . 19.66 4.64 -46.62
C18 CLA PD . 20.67 4.94 -45.51
C19 CLA PD . 21.88 4.03 -45.58
C20 CLA PD . 21.10 6.40 -45.54
MG CLA QD . -7.95 -9.50 -56.47
CHA CLA QD . -10.79 -8.84 -54.62
CHB CLA QD . -7.51 -12.47 -54.78
CHC CLA QD . -5.28 -10.06 -58.33
CHD CLA QD . -8.45 -6.50 -58.23
NA CLA QD . -9.03 -10.57 -54.86
C1A CLA QD . -10.13 -10.14 -54.24
C2A CLA QD . -10.60 -11.14 -53.21
C3A CLA QD . -9.53 -12.25 -53.27
C4A CLA QD . -8.62 -11.75 -54.35
CMA CLA QD . -8.94 -12.80 -51.98
CAA CLA QD . -11.94 -11.72 -53.63
CBA CLA QD . -11.90 -12.84 -54.68
CGA CLA QD . -11.68 -12.33 -56.09
O1A CLA QD . -12.58 -11.78 -56.69
O2A CLA QD . -10.49 -12.50 -56.64
NB CLA QD . -6.62 -11.01 -56.55
C1B CLA QD . -6.58 -12.13 -55.78
C2B CLA QD . -5.48 -12.95 -56.18
C3B CLA QD . -4.84 -12.27 -57.19
C4B CLA QD . -5.58 -11.04 -57.40
CMB CLA QD . -5.15 -14.26 -55.57
CAB CLA QD . -3.65 -12.64 -57.96
CBB CLA QD . -2.28 -12.70 -57.35
NC CLA QD . -7.04 -8.47 -58.05
C1C CLA QD . -5.93 -8.86 -58.66
C2C CLA QD . -5.48 -7.92 -59.70
C3C CLA QD . -6.41 -6.93 -59.67
C4C CLA QD . -7.37 -7.27 -58.64
CMC CLA QD . -4.27 -8.06 -60.59
CAC CLA QD . -6.45 -5.70 -60.54
CBC CLA QD . -5.66 -4.63 -59.82
ND CLA QD . -9.26 -8.03 -56.54
C1D CLA QD . -9.35 -6.84 -57.20
C2D CLA QD . -10.42 -6.02 -56.68
C3D CLA QD . -10.98 -6.80 -55.68
C4D CLA QD . -10.27 -8.00 -55.60
CMD CLA QD . -10.96 -4.66 -56.99
CAD CLA QD . -12.02 -6.80 -54.69
OBD CLA QD . -12.31 -5.81 -54.03
CBD CLA QD . -12.09 -8.19 -54.14
CGD CLA QD . -12.22 -8.07 -52.65
O1D CLA QD . -13.31 -7.83 -52.16
O2D CLA QD . -11.19 -8.23 -51.85
CED CLA QD . -11.50 -8.79 -50.59
C1 CLA QD . -10.13 -11.94 -57.94
C2 CLA QD . -10.40 -12.68 -59.23
C3 CLA QD . -9.44 -12.80 -60.17
C4 CLA QD . -8.07 -12.21 -59.97
C5 CLA QD . -9.67 -13.53 -61.47
C6 CLA QD . -8.98 -12.84 -62.63
C7 CLA QD . -8.79 -13.80 -63.81
C8 CLA QD . -9.26 -13.19 -65.13
C9 CLA QD . -10.66 -12.59 -65.00
C10 CLA QD . -9.23 -14.27 -66.21
C11 CLA QD . -9.69 -13.71 -67.56
C12 CLA QD . -8.55 -13.71 -68.57
C13 CLA QD . -9.07 -13.60 -69.99
C14 CLA QD . -8.95 -14.93 -70.72
C15 CLA QD . -8.31 -12.50 -70.72
C16 CLA QD . -6.82 -12.82 -70.82
C17 CLA QD . -5.99 -11.54 -70.78
C18 CLA QD . -4.66 -11.73 -71.50
C19 CLA QD . -4.80 -11.47 -72.99
C20 CLA QD . -3.59 -10.82 -70.89
MG CLA RD . -20.90 -0.66 -61.08
CHA CLA RD . -22.29 -2.93 -58.86
CHB CLA RD . -18.25 -0.13 -58.96
CHC CLA RD . -19.65 1.45 -63.30
CHD CLA RD . -23.61 -1.24 -63.26
NA CLA RD . -20.30 -1.45 -59.11
C1A CLA RD . -20.98 -2.35 -58.37
C2A CLA RD . -20.30 -2.61 -57.05
C3A CLA RD . -19.07 -1.70 -57.13
C4A CLA RD . -19.18 -1.06 -58.47
CMA CLA RD . -18.82 -0.77 -55.97
CAA CLA RD . -19.91 -4.10 -56.89
CBA CLA RD . -18.51 -4.38 -56.34
CGA CLA RD . -18.19 -5.84 -56.51
O1A CLA RD . -18.87 -6.68 -55.95
O2A CLA RD . -17.19 -6.18 -57.32
NB CLA RD . -19.21 0.48 -61.12
C1B CLA RD . -18.23 0.58 -60.17
C2B CLA RD . -17.21 1.51 -60.62
C3B CLA RD . -17.64 1.96 -61.84
C4B CLA RD . -18.90 1.28 -62.14
CMB CLA RD . -15.97 1.92 -59.88
CAB CLA RD . -16.98 2.92 -62.75
CBB CLA RD . -15.59 2.68 -63.28
NC CLA RD . -21.48 -0.07 -63.01
C1C CLA RD . -20.88 0.87 -63.72
C2C CLA RD . -21.61 1.24 -64.94
C3C CLA RD . -22.71 0.44 -64.94
C4C CLA RD . -22.63 -0.37 -63.72
CMC CLA RD . -21.21 2.27 -65.97
CAC CLA RD . -23.83 0.40 -65.96
CBC CLA RD . -24.89 1.42 -65.59
ND CLA RD . -22.54 -1.76 -61.16
C1D CLA RD . -23.55 -1.93 -62.04
C2D CLA RD . -24.55 -2.88 -61.56
C3D CLA RD . -24.04 -3.27 -60.32
C4D CLA RD . -22.85 -2.59 -60.09
CMD CLA RD . -25.83 -3.41 -62.14
CAD CLA RD . -24.33 -4.12 -59.20
OBD CLA RD . -25.41 -4.66 -58.98
CBD CLA RD . -23.22 -3.96 -58.21
CGD CLA RD . -23.76 -3.46 -56.90
O1D CLA RD . -23.16 -3.68 -55.86
O2D CLA RD . -24.90 -2.77 -56.84
CED CLA RD . -24.83 -1.53 -56.15
C1 CLA RD . -16.76 -7.57 -57.47
C2 CLA RD . -15.30 -7.95 -57.31
C3 CLA RD . -14.55 -8.21 -58.40
C4 CLA RD . -15.12 -8.14 -59.78
C5 CLA RD . -13.09 -8.58 -58.28
C6 CLA RD . -12.28 -7.94 -59.41
C7 CLA RD . -11.04 -8.76 -59.72
C8 CLA RD . -10.61 -8.62 -61.17
C9 CLA RD . -11.30 -9.68 -62.03
C10 CLA RD . -9.09 -8.74 -61.27
C11 CLA RD . -8.59 -8.86 -62.70
C12 CLA RD . -7.13 -9.33 -62.71
C13 CLA RD . -6.59 -9.45 -64.13
C14 CLA RD . -5.11 -9.78 -64.10
C15 CLA RD . -6.86 -8.16 -64.89
C16 CLA RD . -6.23 -8.20 -66.28
C17 CLA RD . -7.24 -8.64 -67.33
C18 CLA RD . -7.70 -7.47 -68.18
C19 CLA RD . -6.85 -7.35 -69.44
C20 CLA RD . -9.17 -7.60 -68.53
MG CLA SD . -14.67 1.22 -54.50
CHA CLA SD . -13.58 4.47 -54.12
CHB CLA SD . -12.55 0.78 -57.17
CHC CLA SD . -15.63 -1.92 -54.61
CHD CLA SD . -16.84 1.72 -51.75
NA CLA SD . -13.19 2.48 -55.55
C1A CLA SD . -12.88 3.74 -55.25
C2A CLA SD . -11.86 4.31 -56.20
C3A CLA SD . -11.57 3.13 -57.14
C4A CLA SD . -12.47 2.05 -56.60
CMA CLA SD . -11.49 3.35 -58.65
CAA CLA SD . -10.58 4.74 -55.50
CBA CLA SD . -9.80 5.68 -56.41
CGA CLA SD . -8.71 6.36 -55.65
O1A CLA SD . -8.39 5.94 -54.55
O2A CLA SD . -8.10 7.39 -56.20
NB CLA SD . -14.15 -0.34 -55.69
C1B CLA SD . -13.33 -0.32 -56.78
C2B CLA SD . -13.35 -1.58 -57.45
C3B CLA SD . -14.21 -2.36 -56.73
C4B CLA SD . -14.72 -1.56 -55.61
CMB CLA SD . -12.57 -1.94 -58.69
CAB CLA SD . -14.58 -3.76 -57.04
CBB CLA SD . -14.49 -4.87 -56.03
NC CLA SD . -15.98 0.07 -53.32
C1C CLA SD . -16.34 -1.17 -53.65
C2C CLA SD . -17.54 -1.61 -52.92
C3C CLA SD . -17.87 -0.55 -52.12
C4C CLA SD . -16.90 0.48 -52.39
CMC CLA SD . -18.26 -2.92 -53.03
CAC CLA SD . -19.07 -0.45 -51.20
CBC CLA SD . -18.87 -1.03 -49.84
ND CLA SD . -15.15 2.65 -53.21
C1D CLA SD . -16.01 2.77 -52.16
C2D CLA SD . -15.96 4.09 -51.57
C3D CLA SD . -15.01 4.75 -52.33
C4D CLA SD . -14.53 3.87 -53.30
CMD CLA SD . -16.70 4.72 -50.42
CAD CLA SD . -14.33 6.02 -52.48
OBD CLA SD . -14.67 7.04 -51.92
CBD CLA SD . -13.46 5.92 -53.70
CGD CLA SD . -14.09 6.74 -54.79
O1D CLA SD . -13.78 7.91 -54.96
O2D CLA SD . -14.98 6.18 -55.59
CED CLA SD . -14.80 6.38 -56.99
C1 CLA SD . -8.58 8.76 -55.96
C2 CLA SD . -9.85 9.29 -56.56
C3 CLA SD . -9.85 10.45 -57.25
C4 CLA SD . -8.59 11.25 -57.46
C5 CLA SD . -11.09 11.04 -57.86
C6 CLA SD . -11.34 12.41 -57.25
C7 CLA SD . -11.67 12.32 -55.77
C8 CLA SD . -12.92 11.47 -55.58
C9 CLA SD . -14.15 12.23 -56.05
C10 CLA SD . -13.06 11.09 -54.11
C11 CLA SD . -11.82 10.35 -53.63
C12 CLA SD . -12.17 9.37 -52.51
C13 CLA SD . -10.96 9.08 -51.64
C14 CLA SD . -9.76 8.65 -52.48
C15 CLA SD . -11.30 7.98 -50.64
C16 CLA SD . -12.49 8.35 -49.77
C17 CLA SD . -12.39 7.66 -48.41
C18 CLA SD . -13.52 6.68 -48.19
C19 CLA SD . -13.40 5.48 -49.12
C20 CLA SD . -13.56 6.19 -46.75
MG CLA TD . -0.93 -1.56 -44.52
CHA CLA TD . -0.87 -2.90 -41.33
CHB CLA TD . -3.22 0.79 -43.54
CHC CLA TD . -0.78 -0.31 -47.56
CHD CLA TD . 1.51 -3.95 -45.46
NA CLA TD . -1.95 -1.07 -42.63
C1A CLA TD . -1.80 -1.71 -41.46
C2A CLA TD . -2.62 -1.08 -40.37
C3A CLA TD . -3.35 0.06 -41.10
C4A CLA TD . -2.82 -0.05 -42.50
CMA CLA TD . -4.85 0.25 -40.85
CAA CLA TD . -1.74 -0.37 -39.33
CBA CLA TD . -0.36 -0.01 -39.88
CGA CLA TD . 0.15 1.33 -39.46
O1A CLA TD . -0.03 2.28 -40.20
O2A CLA TD . 0.79 1.43 -38.31
NB CLA TD . -1.85 0.01 -45.41
C1B CLA TD . -2.80 0.83 -44.88
C2B CLA TD . -3.27 1.74 -45.87
C3B CLA TD . -2.60 1.43 -47.02
C4B CLA TD . -1.69 0.32 -46.70
CMB CLA TD . -4.33 2.78 -45.60
CAB CLA TD . -2.68 2.04 -48.37
CBB CLA TD . -3.04 3.47 -48.67
NC CLA TD . 0.14 -2.09 -46.25
C1C CLA TD . 0.11 -1.38 -47.37
C2C CLA TD . 1.12 -1.86 -48.34
C3C CLA TD . 1.74 -2.90 -47.74
C4C CLA TD . 1.12 -3.05 -46.44
CMC CLA TD . 1.41 -1.31 -49.70
CAC CLA TD . 2.87 -3.74 -48.30
CBC CLA TD . 4.20 -3.15 -47.88
ND CLA TD . 0.10 -3.04 -43.71
C1D CLA TD . 1.03 -3.92 -44.15
C2D CLA TD . 1.46 -4.83 -43.11
C3D CLA TD . 0.71 -4.42 -41.99
C4D CLA TD . -0.09 -3.36 -42.38
CMD CLA TD . 2.44 -5.96 -43.10
CAD CLA TD . 0.46 -4.73 -40.60
OBD CLA TD . 0.86 -5.71 -40.00
CBD CLA TD . -0.56 -3.74 -40.11
CGD CLA TD . -1.79 -4.41 -39.55
O1D CLA TD . -2.88 -4.28 -40.07
O2D CLA TD . -1.70 -5.18 -38.47
CED CLA TD . -2.68 -6.19 -38.28
C1 CLA TD . 2.12 2.02 -38.28
C2 CLA TD . 3.02 1.96 -39.50
C3 CLA TD . 4.30 2.33 -39.44
C4 CLA TD . 4.90 2.83 -38.15
C5 CLA TD . 5.19 2.27 -40.65
C6 CLA TD . 6.64 2.06 -40.27
C7 CLA TD . 7.55 3.00 -41.06
C8 CLA TD . 7.86 2.41 -42.43
C9 CLA TD . 8.75 1.18 -42.31
C10 CLA TD . 8.52 3.48 -43.30
C11 CLA TD . 7.64 4.73 -43.39
C12 CLA TD . 7.31 5.05 -44.84
C13 CLA TD . 7.67 6.48 -45.26
C14 CLA TD . 7.78 7.45 -44.10
C15 CLA TD . 6.63 6.96 -46.26
C16 CLA TD . 6.63 6.07 -47.50
C17 CLA TD . 5.24 5.97 -48.11
C18 CLA TD . 5.18 6.51 -49.54
C19 CLA TD . 6.50 6.33 -50.29
C20 CLA TD . 4.04 5.83 -50.31
MG CLA UD . -6.63 5.24 -45.49
CHA CLA UD . -7.47 5.69 -48.82
CHB CLA UD . -3.94 7.36 -45.81
CHC CLA UD . -5.99 4.77 -42.28
CHD CLA UD . -9.41 3.07 -45.17
NA CLA UD . -5.78 6.43 -47.14
C1A CLA UD . -6.24 6.47 -48.39
C2A CLA UD . -5.39 7.35 -49.27
C3A CLA UD . -4.30 7.82 -48.31
C4A CLA UD . -4.67 7.19 -47.00
CMA CLA UD . -2.88 7.67 -48.80
CAA CLA UD . -6.14 8.55 -49.82
CBA CLA UD . -6.46 9.61 -48.77
CGA CLA UD . -7.74 10.30 -49.16
O1A CLA UD . -8.73 9.62 -49.34
O2A CLA UD . -7.76 11.60 -49.28
NB CLA UD . -5.20 5.96 -44.24
C1B CLA UD . -4.18 6.81 -44.53
C2B CLA UD . -3.38 7.04 -43.34
C3B CLA UD . -3.97 6.29 -42.35
C4B CLA UD . -5.11 5.62 -42.95
CMB CLA UD . -2.17 7.92 -43.23
CAB CLA UD . -3.62 6.13 -40.92
CBB CLA UD . -3.23 7.25 -40.00
NC CLA UD . -7.61 4.18 -43.95
C1C CLA UD . -7.12 4.05 -42.73
C2C CLA UD . -7.88 3.10 -41.90
C3C CLA UD . -8.88 2.66 -42.72
C4C CLA UD . -8.70 3.33 -43.99
CMC CLA UD . -7.62 2.70 -40.47
CAC CLA UD . -9.94 1.65 -42.35
CBC CLA UD . -9.45 0.25 -42.64
ND CLA UD . -8.08 4.50 -46.60
C1D CLA UD . -9.15 3.68 -46.41
C2D CLA UD . -9.94 3.52 -47.62
C3D CLA UD . -9.26 4.31 -48.55
C4D CLA UD . -8.16 4.88 -47.93
CMD CLA UD . -11.18 2.77 -47.98
CAD CLA UD . -9.32 4.73 -49.92
OBD CLA UD . -10.27 4.59 -50.68
CBD CLA UD . -8.13 5.61 -50.17
CGD CLA UD . -7.22 4.93 -51.14
O1D CLA UD . -6.84 5.50 -52.14
O2D CLA UD . -6.84 3.67 -50.92
CED CLA UD . -5.48 3.37 -51.24
C1 CLA UD . -8.38 12.22 -50.46
C2 CLA UD . -8.03 11.75 -51.84
C3 CLA UD . -7.55 12.60 -52.75
C4 CLA UD . -7.33 14.06 -52.45
C5 CLA UD . -7.18 12.15 -54.15
C6 CLA UD . -5.67 12.29 -54.34
C7 CLA UD . -4.91 11.45 -53.32
C8 CLA UD . -4.13 10.33 -53.99
C9 CLA UD . -4.71 8.97 -53.63
C10 CLA UD . -2.67 10.44 -53.57
C11 CLA UD . -2.05 11.76 -54.04
C12 CLA UD . -2.03 11.84 -55.56
C13 CLA UD . -1.03 10.84 -56.13
C14 CLA UD . 0.35 11.48 -56.26
C15 CLA UD . -1.49 10.34 -57.49
C16 CLA UD . -2.98 10.02 -57.52
C17 CLA UD . -3.22 8.61 -58.03
C18 CLA UD . -4.62 8.11 -57.69
C19 CLA UD . -5.64 9.18 -58.05
C20 CLA UD . -4.93 6.81 -58.39
MG CLA VD . 1.73 8.29 -49.20
CHA CLA VD . 2.17 7.44 -45.86
CHB CLA VD . -0.24 5.51 -49.71
CHC CLA VD . 1.23 9.32 -52.29
CHD CLA VD . 3.77 11.12 -48.65
NA CLA VD . 1.02 6.63 -47.92
C1A CLA VD . 1.31 6.45 -46.63
C2A CLA VD . 0.73 5.16 -46.10
C3A CLA VD . 0.03 4.58 -47.34
C4A CLA VD . 0.25 5.62 -48.39
CMA CLA VD . 0.42 3.16 -47.71
CAA CLA VD . -0.33 5.46 -45.05
CBA CLA VD . -1.12 4.26 -44.58
CGA CLA VD . -0.40 3.58 -43.45
O1A CLA VD . 0.09 4.25 -42.57
O2A CLA VD . -0.34 2.25 -43.44
NB CLA VD . 0.66 7.54 -50.75
C1B CLA VD . -0.08 6.39 -50.80
C2B CLA VD . -0.63 6.22 -52.12
C3B CLA VD . -0.20 7.29 -52.85
C4B CLA VD . 0.61 8.12 -51.95
CMB CLA VD . -1.50 5.06 -52.57
CAB CLA VD . -0.43 7.69 -54.26
CBB CLA VD . -1.70 7.41 -55.03
NC CLA VD . 2.32 10.01 -50.26
C1C CLA VD . 2.08 10.17 -51.55
C2C CLA VD . 2.80 11.33 -52.12
C3C CLA VD . 3.49 11.84 -51.06
C4C CLA VD . 3.18 11.01 -49.90
CMC CLA VD . 2.78 11.82 -53.55
CAC CLA VD . 4.40 13.05 -51.08
CBC CLA VD . 5.78 12.58 -51.50
ND CLA VD . 2.72 9.15 -47.71
C1D CLA VD . 3.52 10.25 -47.57
C2D CLA VD . 4.08 10.36 -46.24
C3D CLA VD . 3.54 9.26 -45.59
C4D CLA VD . 2.74 8.55 -46.47
CMD CLA VD . 5.00 11.33 -45.55
CAD CLA VD . 3.53 8.60 -44.31
OBD CLA VD . 4.09 8.98 -43.29
CBD CLA VD . 2.54 7.48 -44.39
CGD CLA VD . 3.17 6.21 -43.92
O1D CLA VD . 4.16 5.76 -44.46
O2D CLA VD . 2.64 5.58 -42.88
CED CLA VD . 3.43 5.55 -41.68
C1 CLA VD . 0.94 1.56 -43.30
C2 CLA VD . 2.19 2.09 -43.96
C3 CLA VD . 2.96 1.30 -44.72
C4 CLA VD . 2.63 -0.14 -44.94
C5 CLA VD . 4.21 1.81 -45.38
C6 CLA VD . 4.13 1.55 -46.89
C7 CLA VD . 5.48 1.12 -47.43
C8 CLA VD . 5.95 2.06 -48.52
C9 CLA VD . 5.07 1.94 -49.76
C10 CLA VD . 7.40 1.78 -48.85
C11 CLA VD . 8.31 2.10 -47.67
C12 CLA VD . 9.32 3.19 -48.03
C13 CLA VD . 10.75 2.86 -47.60
C14 CLA VD . 11.50 2.14 -48.72
C15 CLA VD . 10.78 2.06 -46.31
C16 CLA VD . 12.20 1.81 -45.82
C17 CLA VD . 12.33 2.17 -44.34
C18 CLA VD . 12.96 1.04 -43.54
C19 CLA VD . 13.13 1.44 -42.09
C20 CLA VD . 12.14 -0.24 -43.65
MG CLA WD . 1.66 7.74 -36.60
CHA CLA WD . 0.24 7.03 -33.50
CHB CLA WD . -1.28 9.19 -37.66
CHC CLA WD . 3.14 8.52 -39.45
CHD CLA WD . 4.65 6.24 -35.52
NA CLA WD . -0.32 8.09 -35.69
C1A CLA WD . -0.70 7.72 -34.46
C2A CLA WD . -2.13 8.11 -34.21
C3A CLA WD . -2.57 8.71 -35.55
C4A CLA WD . -1.33 8.68 -36.36
CMA CLA WD . -3.79 8.12 -36.21
CAA CLA WD . -2.30 9.30 -33.24
CBA CLA WD . -1.19 9.93 -32.40
CGA CLA WD . 0.06 10.41 -33.12
O1A CLA WD . -0.04 11.10 -34.12
O2A CLA WD . 1.23 10.02 -32.64
NB CLA WD . 1.03 8.71 -38.28
C1B CLA WD . -0.21 9.21 -38.57
C2B CLA WD . -0.25 9.77 -39.88
C3B CLA WD . 1.02 9.57 -40.40
C4B CLA WD . 1.80 8.90 -39.36
CMB CLA WD . -1.48 10.41 -40.49
CAB CLA WD . 1.61 9.92 -41.72
CBB CLA WD . 0.86 10.30 -42.96
NC CLA WD . 3.60 7.47 -37.35
C1C CLA WD . 3.98 7.81 -38.57
C2C CLA WD . 5.36 7.40 -38.87
C3C CLA WD . 5.78 6.77 -37.74
C4C CLA WD . 4.67 6.81 -36.79
CMC CLA WD . 6.11 7.63 -40.16
CAC CLA WD . 7.13 6.13 -37.51
CBC CLA WD . 8.03 7.14 -36.83
ND CLA WD . 2.38 6.87 -34.98
C1D CLA WD . 3.55 6.27 -34.63
C2D CLA WD . 3.48 5.68 -33.30
C3D CLA WD . 2.19 5.99 -32.87
C4D CLA WD . 1.54 6.68 -33.87
CMD CLA WD . 4.44 4.91 -32.44
CAD CLA WD . 1.30 5.81 -31.74
OBD CLA WD . 1.60 5.35 -30.66
CBD CLA WD . 0.09 6.63 -32.03
CGD CLA WD . -1.15 5.86 -31.66
O1D CLA WD . -2.22 6.43 -31.51
O2D CLA WD . -1.10 4.55 -31.44
CED CLA WD . -2.34 3.87 -31.34
C1 CLA WD . 2.52 10.56 -33.06
C2 CLA WD . 3.06 10.45 -34.46
C3 CLA WD . 4.38 10.41 -34.70
C4 CLA WD . 5.38 10.48 -33.58
C5 CLA WD . 4.96 10.31 -36.08
C6 CLA WD . 6.07 11.32 -36.26
C7 CLA WD . 6.70 11.22 -37.65
C8 CLA WD . 7.69 12.36 -37.87
C9 CLA WD . 6.95 13.66 -38.15
C10 CLA WD . 8.64 12.00 -39.00
C11 CLA WD . 9.87 12.91 -39.02
C12 CLA WD . 9.98 13.66 -40.33
C13 CLA WD . 11.04 14.76 -40.25
C14 CLA WD . 10.40 16.14 -40.42
C15 CLA WD . 12.10 14.51 -41.31
C16 CLA WD . 13.30 15.44 -41.11
C17 CLA WD . 14.07 15.62 -42.41
C18 CLA WD . 14.87 16.92 -42.39
C19 CLA WD . 16.05 16.85 -43.34
C20 CLA WD . 13.97 18.11 -42.72
MG CLA XD . -17.31 12.67 -48.49
CHA CLA XD . -13.88 12.18 -48.25
CHB CLA XD . -16.84 15.07 -50.90
CHC CLA XD . -20.59 12.94 -48.75
CHD CLA XD . -17.78 10.22 -45.99
NA CLA XD . -15.54 13.55 -49.50
C1A CLA XD . -14.26 13.24 -49.27
C2A CLA XD . -13.32 14.08 -50.12
C3A CLA XD . -14.30 14.97 -50.92
C4A CLA XD . -15.64 14.51 -50.43
CMA CLA XD . -14.07 16.46 -51.11
CAA CLA XD . -12.45 13.23 -51.03
CBA CLA XD . -11.79 13.95 -52.21
CGA CLA XD . -10.72 14.91 -51.78
O1A CLA XD . -10.25 14.87 -50.65
O2A CLA XD . -10.29 15.79 -52.67
NB CLA XD . -18.52 13.82 -49.66
C1B CLA XD . -18.16 14.77 -50.56
C2B CLA XD . -19.35 15.40 -51.10
C3B CLA XD . -20.40 14.79 -50.48
C4B CLA XD . -19.85 13.79 -49.57
CMB CLA XD . -19.39 16.51 -52.12
CAB CLA XD . -21.85 15.05 -50.66
CBB CLA XD . -22.45 16.40 -50.36
NC CLA XD . -18.92 11.68 -47.58
C1C CLA XD . -20.19 12.01 -47.76
C2C CLA XD . -21.11 11.30 -46.84
C3C CLA XD . -20.29 10.52 -46.09
C4C CLA XD . -18.92 10.76 -46.55
CMC CLA XD . -22.59 11.43 -46.77
CAC CLA XD . -20.69 9.60 -44.97
CBC CLA XD . -20.79 10.39 -43.68
ND CLA XD . -16.21 11.45 -47.38
C1D CLA XD . -16.46 10.54 -46.40
C2D CLA XD . -15.24 9.99 -45.84
C3D CLA XD . -14.25 10.64 -46.56
C4D CLA XD . -14.83 11.51 -47.48
CMD CLA XD . -14.94 8.99 -44.75
CAD CLA XD . -12.82 10.72 -46.69
OBD CLA XD . -12.02 10.50 -45.79
CBD CLA XD . -12.53 11.60 -47.87
CGD CLA XD . -11.54 12.65 -47.49
O1D CLA XD . -10.58 12.88 -48.19
O2D CLA XD . -11.69 13.36 -46.37
CED CLA XD . -11.41 14.74 -46.51
C1 CLA XD . -9.53 16.96 -52.23
C2 CLA XD . -10.14 18.04 -51.38
C3 CLA XD . -9.81 19.32 -51.56
C4 CLA XD . -8.82 19.74 -52.61
C5 CLA XD . -10.42 20.42 -50.73
C6 CLA XD . -11.86 20.62 -51.16
C7 CLA XD . -12.55 21.68 -50.31
C8 CLA XD . -13.93 21.25 -49.79
C9 CLA XD . -14.62 20.23 -50.69
C10 CLA XD . -14.80 22.49 -49.64
C11 CLA XD . -14.32 23.35 -48.47
C12 CLA XD . -14.60 22.66 -47.14
C13 CLA XD . -16.09 22.44 -46.94
C14 CLA XD . -16.80 23.74 -46.61
C15 CLA XD . -16.30 21.41 -45.86
C16 CLA XD . -17.60 20.61 -46.07
C17 CLA XD . -17.69 20.05 -47.48
C18 CLA XD . -18.00 18.56 -47.47
C19 CLA XD . -19.49 18.30 -47.68
C20 CLA XD . -17.16 17.83 -48.51
MG CLA YD . -15.39 19.41 -43.16
CHA CLA YD . -16.56 21.48 -40.66
CHB CLA YD . -12.92 21.69 -43.93
CHC CLA YD . -14.32 17.34 -45.45
CHD CLA YD . -17.94 17.10 -42.34
NA CLA YD . -14.78 21.38 -42.38
C1A CLA YD . -15.36 22.05 -41.39
C2A CLA YD . -14.73 23.40 -41.17
C3A CLA YD . -13.63 23.43 -42.22
C4A CLA YD . -13.76 22.10 -42.89
CMA CLA YD . -13.59 24.64 -43.13
CAA CLA YD . -14.13 23.64 -39.79
CBA CLA YD . -14.11 25.15 -39.51
CGA CLA YD . -15.41 25.60 -38.89
O1A CLA YD . -15.77 25.07 -37.85
O2A CLA YD . -16.15 26.54 -39.47
NB CLA YD . -13.85 19.49 -44.48
C1B CLA YD . -12.94 20.49 -44.66
C2B CLA YD . -12.04 20.13 -45.71
C3B CLA YD . -12.44 18.90 -46.14
C4B CLA YD . -13.60 18.51 -45.35
CMB CLA YD . -10.88 20.94 -46.23
CAB CLA YD . -11.84 18.07 -47.21
CBB CLA YD . -12.33 18.22 -48.63
NC CLA YD . -15.92 17.44 -43.67
C1C CLA YD . -15.46 16.87 -44.76
C2C CLA YD . -16.26 15.72 -45.19
C3C CLA YD . -17.24 15.60 -44.25
C4C CLA YD . -17.03 16.70 -43.31
CMC CLA YD . -15.99 14.89 -46.40
CAC CLA YD . -18.36 14.58 -44.21
CBC CLA YD . -19.48 15.01 -45.13
ND CLA YD . -16.88 19.23 -41.87
C1D CLA YD . -17.84 18.31 -41.61
C2D CLA YD . -18.72 18.72 -40.53
C3D CLA YD . -18.20 19.97 -40.16
C4D CLA YD . -17.11 20.26 -40.97
CMD CLA YD . -19.90 18.07 -39.88
CAD CLA YD . -18.41 21.07 -39.25
OBD CLA YD . -19.51 21.40 -38.84
CBD CLA YD . -17.39 22.11 -39.58
CGD CLA YD . -18.15 23.26 -40.16
O1D CLA YD . -18.22 24.33 -39.56
O2D CLA YD . -18.76 23.13 -41.34
CED CLA YD . -18.30 23.92 -42.42
C1 CLA YD . -16.35 26.59 -40.92
C2 CLA YD . -16.42 27.86 -41.73
C3 CLA YD . -16.36 27.78 -43.06
C4 CLA YD . -16.53 29.26 -42.95
C5 CLA YD . -16.31 28.24 -44.50
C6 CLA YD . -14.98 27.84 -45.15
C7 CLA YD . -15.10 27.77 -46.67
C8 CLA YD . -14.18 28.76 -47.36
C9 CLA YD . -12.74 28.61 -46.88
C10 CLA YD . -14.66 30.19 -47.13
C11 CLA YD . -14.05 31.15 -48.15
C12 CLA YD . -13.65 32.46 -47.51
C13 CLA YD . -12.25 32.39 -46.94
C14 CLA YD . -12.13 33.23 -45.67
C15 CLA YD . -11.23 32.86 -47.99
C16 CLA YD . -9.80 32.68 -47.49
C17 CLA YD . -9.00 33.97 -47.66
C18 CLA YD . -8.53 34.15 -49.10
C19 CLA YD . -8.89 35.52 -49.64
C20 CLA YD . -7.04 33.88 -49.22
C1 BCR ZD . 18.63 14.39 -47.23
C2 BCR ZD . 19.12 12.94 -47.21
C3 BCR ZD . 19.26 12.38 -48.62
C4 BCR ZD . 17.91 12.44 -49.31
C5 BCR ZD . 17.28 13.80 -49.22
C6 BCR ZD . 17.41 14.52 -48.10
C7 BCR ZD . 16.36 15.51 -47.74
C8 BCR ZD . 15.14 15.20 -47.32
C9 BCR ZD . 14.10 16.15 -46.98
C10 BCR ZD . 12.71 15.77 -46.95
C11 BCR ZD . 11.65 15.24 -46.17
C33 BCR ZD . 16.53 14.33 -50.40
C31 BCR ZD . 19.70 15.29 -47.82
C32 BCR ZD . 18.32 14.84 -45.81
C34 BCR ZD . 14.47 17.57 -46.65
C12 BCR ZD . 10.73 14.76 -45.57
C13 BCR ZD . 9.66 14.76 -44.65
C14 BCR ZD . 9.07 13.58 -44.36
C15 BCR ZD . 7.96 13.49 -43.45
C16 BCR ZD . 7.21 12.82 -42.56
C17 BCR ZD . 6.16 13.33 -41.98
C18 BCR ZD . 5.21 12.66 -41.29
C19 BCR ZD . 4.06 13.34 -40.68
C20 BCR ZD . 3.18 13.47 -39.69
C21 BCR ZD . 2.09 14.00 -38.96
C22 BCR ZD . 1.43 13.43 -37.94
C23 BCR ZD . 0.33 14.19 -37.35
C24 BCR ZD . -0.07 14.20 -35.91
C25 BCR ZD . -1.23 15.05 -35.55
C26 BCR ZD . -1.02 16.34 -35.30
C27 BCR ZD . -2.17 17.32 -35.24
C28 BCR ZD . -3.54 16.68 -35.42
C29 BCR ZD . -3.59 15.31 -34.77
C30 BCR ZD . -2.61 14.41 -35.49
C35 BCR ZD . 9.17 16.04 -44.04
C36 BCR ZD . 5.33 11.17 -41.15
C37 BCR ZD . 1.81 12.06 -37.46
C38 BCR ZD . 0.35 16.90 -35.02
C39 BCR ZD . -3.14 14.07 -36.89
C40 BCR ZD . -2.50 13.14 -34.66
C1 BCR AE . 11.36 7.38 -50.71
C2 BCR AE . 12.82 7.45 -51.11
C3 BCR AE . 13.73 8.18 -50.13
C4 BCR AE . 13.53 7.69 -48.71
C5 BCR AE . 12.06 7.59 -48.37
C6 BCR AE . 11.16 7.88 -49.31
C7 BCR AE . 9.97 8.67 -48.94
C8 BCR AE . 10.03 9.94 -48.62
C9 BCR AE . 8.92 10.79 -48.25
C10 BCR AE . 9.06 12.23 -48.24
C11 BCR AE . 8.38 13.44 -47.93
C33 BCR AE . 11.63 7.14 -47.00
C31 BCR AE . 10.88 5.94 -50.72
C32 BCR AE . 10.52 8.21 -51.67
C34 BCR AE . 7.60 10.16 -47.91
C12 BCR AE . 7.84 14.49 -47.71
C13 BCR AE . 6.96 15.40 -47.07
C14 BCR AE . 7.21 16.71 -47.24
C15 BCR AE . 6.45 17.79 -46.69
C16 BCR AE . 6.05 19.07 -46.77
C17 BCR AE . 5.29 19.65 -45.89
C18 BCR AE . 5.09 20.98 -45.76
C19 BCR AE . 4.22 21.57 -44.73
C20 BCR AE . 3.53 22.65 -44.39
C21 BCR AE . 2.73 23.61 -43.72
C22 BCR AE . 2.72 24.95 -43.94
C23 BCR AE . 1.85 25.88 -43.21
C24 BCR AE . 0.68 26.61 -43.79
C25 BCR AE . -0.21 27.58 -43.10
C26 BCR AE . -1.11 27.22 -42.18
C27 BCR AE . -2.45 27.93 -42.16
C28 BCR AE . -2.63 28.71 -43.46
C29 BCR AE . -1.47 29.68 -43.70
C30 BCR AE . -0.09 29.03 -43.51
C35 BCR AE . 5.79 14.92 -46.25
C36 BCR AE . 5.79 21.91 -46.70
C37 BCR AE . 3.66 25.51 -44.96
C38 BCR AE . -0.93 26.14 -41.16
C39 BCR AE . 0.70 29.75 -42.42
C40 BCR AE . 0.62 29.17 -44.85
C6 C7Z BE . -11.65 26.29 -57.07
C17 C7Z BE . -12.22 28.52 -56.30
C4 C7Z BE . -12.35 25.54 -59.44
C3 C7Z BE . -12.56 27.17 -59.68
O3 C7Z BE . -13.37 27.36 -60.84
C2 C7Z BE . -13.12 27.84 -58.62
C1 C7Z BE . -12.71 27.30 -57.11
C5 C7Z BE . -11.57 25.24 -58.27
C18 C7Z BE . -10.31 24.36 -58.42
C16 C7Z BE . -14.02 26.76 -56.42
O23 C7Z BE . -7.16 22.63 -30.15
C26 C7Z BE . -8.91 24.17 -33.78
C7 C7Z BE . -10.97 25.94 -55.69
C8 C7Z BE . -11.46 24.93 -54.95
C9 C7Z BE . -10.87 24.49 -53.58
C19 C7Z BE . -10.31 23.07 -53.44
C10 C7Z BE . -10.83 25.32 -52.53
C11 C7Z BE . -10.23 24.80 -51.19
C12 C7Z BE . -10.86 25.11 -50.03
C13 C7Z BE . -10.30 24.59 -48.64
C20 C7Z BE . -9.40 23.33 -48.60
C14 C7Z BE . -10.62 25.21 -47.50
C15 C7Z BE . -10.08 24.66 -46.16
C35 C7Z BE . -10.57 25.14 -45.01
C34 C7Z BE . -10.09 24.59 -43.64
C33 C7Z BE . -10.17 25.35 -42.54
C40 C7Z BE . -10.72 26.79 -42.60
C32 C7Z BE . -9.68 24.77 -41.17
C31 C7Z BE . -10.45 24.84 -40.07
C30 C7Z BE . -9.90 24.25 -38.73
C29 C7Z BE . -10.17 24.81 -37.54
C39 C7Z BE . -11.05 26.05 -37.46
C28 C7Z BE . -9.57 24.17 -36.24
C27 C7Z BE . -9.54 24.85 -35.07
C21 C7Z BE . -9.78 23.55 -32.73
C36 C7Z BE . -10.74 24.64 -32.21
C37 C7Z BE . -10.62 22.40 -33.35
C22 C7Z BE . -8.99 22.90 -31.42
C23 C7Z BE . -7.76 23.39 -31.18
C24 C7Z BE . -6.72 23.37 -32.55
C25 C7Z BE . -7.31 23.88 -33.75
C38 C7Z BE . -6.39 24.66 -34.74
O6 SQD CE . -4.43 13.67 -29.00
C44 SQD CE . -3.49 14.72 -28.83
C45 SQD CE . -2.92 15.12 -30.22
C46 SQD CE . -2.47 13.89 -31.04
O47 SQD CE . -3.99 15.69 -30.96
C7 SQD CE . -4.32 16.98 -30.66
O49 SQD CE . -5.28 17.26 -29.99
C8 SQD CE . -3.35 17.93 -31.28
C9 SQD CE . -3.73 19.37 -30.95
C10 SQD CE . -3.30 20.38 -32.02
C11 SQD CE . -1.81 20.23 -32.36
C12 SQD CE . -1.50 20.80 -33.75
C13 SQD CE . -0.43 21.89 -33.70
C14 SQD CE . -0.87 23.18 -34.41
C15 SQD CE . 0.27 24.20 -34.53
C16 SQD CE . 0.41 24.73 -35.96
C17 SQD CE . 1.78 25.35 -36.22
C18 SQD CE . 2.92 24.36 -35.91
C19 SQD CE . 4.10 24.51 -36.86
C20 SQD CE . 5.42 24.01 -36.24
C21 SQD CE . 5.45 22.49 -36.14
C22 SQD CE . 5.80 21.83 -37.47
O48 SQD CE . -1.08 13.67 -30.76
C23 SQD CE . -0.20 14.17 -31.65
O10 SQD CE . -0.53 15.02 -32.47
C24 SQD CE . 1.18 13.56 -31.51
C25 SQD CE . 2.28 14.53 -31.96
C26 SQD CE . 2.65 14.34 -33.44
C27 SQD CE . 3.64 15.41 -33.93
C28 SQD CE . 3.92 15.27 -35.42
C29 SQD CE . 4.40 16.59 -36.06
C30 SQD CE . 4.58 16.47 -37.59
C31 SQD CE . 5.07 17.79 -38.21
C32 SQD CE . 3.95 18.52 -38.96
C33 SQD CE . 3.85 18.10 -40.42
C34 SQD CE . 4.69 18.99 -41.34
C35 SQD CE . 6.04 18.35 -41.70
C36 SQD CE . 6.85 19.22 -42.66
C37 SQD CE . 7.26 20.55 -42.02
C38 SQD CE . 8.07 21.41 -42.96
C1 SQD CE . -5.74 14.10 -28.73
C2 SQD CE . -6.61 12.83 -28.66
O2 SQD CE . -6.70 12.22 -29.91
C3 SQD CE . -8.02 13.25 -28.17
O3 SQD CE . -8.69 12.06 -27.89
C4 SQD CE . -7.94 14.13 -26.88
O4 SQD CE . -9.22 14.57 -26.59
C5 SQD CE . -6.93 15.28 -27.12
C6 SQD CE . -6.75 16.08 -25.86
O5 SQD CE . -5.69 14.70 -27.46
S SQD CE . -7.55 17.71 -25.88
O7 SQD CE . -8.79 17.43 -26.54
O8 SQD CE . -7.65 18.02 -24.50
O9 SQD CE . -6.68 18.55 -26.63
C1 LMG DE . 22.02 14.97 -56.09
O1 LMG DE . 21.46 13.69 -55.80
C2 LMG DE . 23.39 14.78 -56.74
O2 LMG DE . 24.28 14.15 -55.82
C3 LMG DE . 23.97 16.12 -57.19
O3 LMG DE . 25.17 15.90 -57.94
C4 LMG DE . 22.98 16.89 -58.04
O4 LMG DE . 22.77 16.22 -59.28
C5 LMG DE . 21.64 17.00 -57.30
O5 LMG DE . 19.50 18.11 -57.34
C6 LMG DE . 20.62 17.73 -58.16
O6 LMG DE . 21.16 15.69 -56.99
C7 LMG DE . 20.11 13.75 -55.34
C8 LMG DE . 19.71 12.34 -54.87
C9 LMG DE . 20.34 12.04 -53.51
O7 LMG DE . 18.30 12.14 -54.91
C10 LMG DE . 17.58 12.46 -53.81
O9 LMG DE . 17.55 13.61 -53.42
C11 LMG DE . 16.78 11.39 -53.09
C12 LMG DE . 15.51 11.11 -53.86
C13 LMG DE . 14.73 9.96 -53.21
C14 LMG DE . 13.60 9.45 -54.11
C15 LMG DE . 14.15 8.92 -55.41
C16 LMG DE . 13.09 8.18 -56.23
C17 LMG DE . 12.87 6.77 -55.72
C18 LMG DE . 11.47 6.63 -55.16
C19 LMG DE . 11.02 5.46 -54.72
C20 LMG DE . 11.89 4.23 -54.77
C21 LMG DE . 11.45 3.26 -53.71
C22 LMG DE . 10.42 2.44 -53.90
C23 LMG DE . 10.00 1.49 -52.81
C24 LMG DE . 11.20 0.72 -52.31
C25 LMG DE . 11.84 -0.14 -53.11
O8 LMG DE . 20.15 10.66 -53.21
C28 LMG DE . 20.66 10.13 -52.09
O10 LMG DE . 21.39 10.80 -51.39
C29 LMG DE . 20.33 8.71 -51.73
C30 LMG DE . 18.88 8.61 -51.28
C31 LMG DE . 18.78 8.57 -49.76
C32 LMG DE . 17.52 7.82 -49.34
C33 LMG DE . 17.58 7.43 -47.86
C34 LMG DE . 17.32 8.62 -46.95
C35 LMG DE . 17.10 8.16 -45.52
C36 LMG DE . 16.68 9.34 -44.67
CA1 DGA EE . -13.28 -17.26 -50.89
CA2 DGA EE . -11.76 -16.98 -51.04
CA3 DGA EE . -11.29 -17.08 -52.53
CA4 DGA EE . -12.39 -16.59 -53.51
CA5 DGA EE . -12.21 -17.32 -54.87
CA6 DGA EE . -13.45 -17.06 -55.79
CA7 DGA EE . -12.96 -16.59 -57.17
CA8 DGA EE . -12.41 -17.79 -57.98
CA9 DGA EE . -12.75 -17.62 -59.49
CAA DGA EE . -12.27 -16.23 -59.98
CBA DGA EE . -12.20 -16.23 -61.51
CCA DGA EE . -13.02 -15.04 -62.07
CDA DGA EE . -14.46 -15.52 -62.43
CEA DGA EE . -14.39 -16.78 -63.33
CFA DGA EE . -14.16 -16.34 -64.82
CGA DGA EE . -12.83 -16.90 -65.34
CHA DGA EE . -12.40 -16.11 -66.59
CIA DGA EE . -12.08 -17.07 -67.74
OA1 DGA EE . -13.72 -18.35 -51.09
CB1 DGA EE . -16.45 -14.34 -51.31
CB2 DGA EE . -15.41 -13.84 -52.38
CB3 DGA EE . -15.93 -12.51 -53.02
CB4 DGA EE . -16.83 -12.85 -54.24
CB5 DGA EE . -15.94 -13.11 -55.48
CB6 DGA EE . -16.58 -12.46 -56.71
CB7 DGA EE . -15.84 -12.91 -57.97
CB8 DGA EE . -15.26 -11.68 -58.68
CB9 DGA EE . -14.63 -12.11 -60.02
CAB DGA EE . -15.49 -11.58 -61.17
CBB DGA EE . -14.59 -11.27 -62.40
CCB DGA EE . -15.20 -11.92 -63.67
CDB DGA EE . -13.98 -11.14 -64.28
CEB DGA EE . -14.22 -10.93 -65.82
CFB DGA EE . -14.08 -12.28 -66.56
CGB DGA EE . -13.69 -12.00 -68.04
CHB DGA EE . -13.67 -13.33 -68.81
CIB DGA EE . -15.10 -13.87 -68.93
OB1 DGA EE . -17.49 -14.78 -51.68
OG1 DGA EE . -14.14 -16.20 -50.50
CG1 DGA EE . -15.42 -16.61 -50.01
CG2 DGA EE . -16.04 -15.49 -49.19
OG2 DGA EE . -16.12 -14.28 -49.92
CG3 DGA EE . -17.42 -15.91 -48.69
OXT DGA EE . -17.35 -16.18 -47.31
C1 GOL FE . 11.16 18.68 -48.27
O1 GOL FE . 10.56 19.93 -48.06
C2 GOL FE . 11.22 18.39 -49.77
O2 GOL FE . 9.94 18.44 -50.31
C3 GOL FE . 12.12 19.41 -50.46
O3 GOL FE . 13.39 19.39 -49.87
MG CLA GE . 49.30 -49.73 -46.35
CHA CLA GE . 49.82 -49.73 -49.79
CHB CLA GE . 50.21 -46.43 -46.17
CHC CLA GE . 48.66 -49.84 -43.12
CHD CLA GE . 48.40 -53.14 -46.59
NA CLA GE . 49.94 -48.20 -47.81
C1A CLA GE . 50.09 -48.39 -49.13
C2A CLA GE . 50.52 -47.13 -49.82
C3A CLA GE . 50.67 -46.14 -48.66
C4A CLA GE . 50.24 -46.93 -47.47
CMA CLA GE . 51.96 -45.32 -48.59
CAA CLA GE . 49.40 -46.58 -50.69
CBA CLA GE . 47.98 -46.90 -50.21
CGA CLA GE . 47.36 -45.74 -49.48
O1A CLA GE . 47.64 -44.61 -49.81
O2A CLA GE . 46.49 -45.97 -48.51
NB CLA GE . 49.41 -48.34 -44.88
C1B CLA GE . 49.83 -47.05 -44.97
C2B CLA GE . 49.84 -46.44 -43.67
C3B CLA GE . 49.39 -47.41 -42.81
C4B CLA GE . 49.13 -48.62 -43.59
CMB CLA GE . 50.24 -45.04 -43.32
CAB CLA GE . 49.24 -47.28 -41.34
CBB CLA GE . 47.89 -47.47 -40.68
NC CLA GE . 48.56 -51.22 -45.09
C1C CLA GE . 48.42 -51.07 -43.78
C2C CLA GE . 47.98 -52.31 -43.10
C3C CLA GE . 47.86 -53.22 -44.11
C4C CLA GE . 48.24 -52.54 -45.34
CMC CLA GE . 47.71 -52.50 -41.63
CAC CLA GE . 47.43 -54.66 -43.99
CBC CLA GE . 45.99 -54.79 -44.41
ND CLA GE . 49.10 -51.13 -47.74
C1D CLA GE . 48.79 -52.45 -47.76
C2D CLA GE . 48.89 -53.01 -49.10
C3D CLA GE . 49.30 -51.94 -49.87
C4D CLA GE . 49.42 -50.82 -49.05
CMD CLA GE . 48.70 -54.37 -49.72
CAD CLA GE . 49.64 -51.61 -51.22
OBD CLA GE . 50.17 -52.38 -51.99
CBD CLA GE . 49.87 -50.13 -51.25
CGD CLA GE . 51.21 -49.94 -51.88
O1D CLA GE . 51.32 -49.95 -53.10
O2D CLA GE . 52.31 -49.77 -51.16
CED CLA GE . 53.29 -48.93 -51.74
C1 CLA GE . 46.19 -44.95 -47.50
C2 CLA GE . 46.81 -44.97 -46.13
C3 CLA GE . 46.09 -44.65 -45.04
C4 CLA GE . 44.64 -44.30 -45.14
C5 CLA GE . 46.69 -44.67 -43.64
C6 CLA GE . 45.90 -43.87 -42.61
C7 CLA GE . 45.85 -44.63 -41.29
C8 CLA GE . 46.10 -43.72 -40.09
C9 CLA GE . 47.48 -43.09 -40.19
C10 CLA GE . 45.95 -44.54 -38.82
C11 CLA GE . 44.82 -44.05 -37.93
C12 CLA GE . 44.36 -45.15 -36.97
C13 CLA GE . 43.35 -44.72 -35.91
C14 CLA GE . 42.77 -43.34 -36.14
C15 CLA GE . 43.98 -44.81 -34.54
C16 CLA GE . 43.94 -46.23 -33.99
C17 CLA GE . 43.50 -46.26 -32.53
C18 CLA GE . 44.40 -45.39 -31.65
C19 CLA GE . 43.78 -45.20 -30.27
C20 CLA GE . 45.80 -45.99 -31.51
MG CLA HE . 37.62 -47.44 -50.63
CHA CLA HE . 41.01 -47.49 -51.24
CHB CLA HE . 37.01 -48.95 -53.67
CHC CLA HE . 34.40 -47.44 -49.91
CHD CLA HE . 38.25 -45.92 -47.51
NA CLA HE . 38.88 -48.17 -52.30
C1A CLA HE . 40.20 -48.10 -52.36
C2A CLA HE . 40.74 -48.68 -53.64
C3A CLA HE . 39.47 -49.11 -54.37
C4A CLA HE . 38.38 -48.73 -53.42
CMA CLA HE . 39.32 -48.77 -55.84
CAA CLA HE . 41.55 -49.94 -53.34
CBA CLA HE . 40.87 -50.85 -52.34
CGA CLA HE . 41.89 -51.54 -51.49
O1A CLA HE . 42.77 -52.21 -52.01
O2A CLA HE . 41.82 -51.41 -50.17
NB CLA HE . 35.97 -48.10 -51.62
C1B CLA HE . 35.89 -48.66 -52.87
C2B CLA HE . 34.52 -48.91 -53.21
C3B CLA HE . 33.79 -48.48 -52.13
C4B CLA HE . 34.73 -47.97 -51.15
CMB CLA HE . 34.01 -49.53 -54.47
CAB CLA HE . 32.33 -48.50 -51.94
CBB CLA HE . 31.41 -47.76 -52.89
NC CLA HE . 36.52 -46.86 -48.94
C1C CLA HE . 35.20 -46.86 -48.90
C2C CLA HE . 34.67 -46.19 -47.70
C3C CLA HE . 35.78 -45.79 -47.01
C4C CLA HE . 36.92 -46.21 -47.80
CMC CLA HE . 33.23 -46.00 -47.33
CAC CLA HE . 35.79 -45.04 -45.71
CBC CLA HE . 35.74 -43.56 -45.99
ND CLA HE . 39.16 -46.80 -49.58
C1D CLA HE . 39.35 -46.27 -48.34
C2D CLA HE . 40.75 -46.09 -48.02
C3D CLA HE . 41.39 -46.57 -49.15
C4D CLA HE . 40.44 -46.99 -50.07
CMD CLA HE . 41.50 -45.57 -46.82
CAD CLA HE . 42.70 -46.79 -49.72
OBD CLA HE . 43.75 -46.38 -49.25
CBD CLA HE . 42.51 -47.28 -51.13
CGD CLA HE . 42.97 -46.24 -52.11
O1D CLA HE . 43.15 -46.52 -53.28
O2D CLA HE . 43.19 -44.98 -51.73
CED CLA HE . 42.81 -43.97 -52.67
C1 CLA HE . 42.47 -52.38 -49.31
C2 CLA HE . 42.11 -53.84 -49.29
C3 CLA HE . 42.26 -54.53 -48.14
C4 CLA HE . 42.80 -53.88 -46.91
C5 CLA HE . 41.92 -55.99 -48.03
C6 CLA HE . 43.07 -56.72 -47.33
C7 CLA HE . 43.87 -57.55 -48.31
C8 CLA HE . 45.32 -57.07 -48.38
C9 CLA HE . 45.39 -55.79 -49.19
C10 CLA HE . 46.17 -58.19 -48.98
C11 CLA HE . 47.61 -57.80 -49.27
C12 CLA HE . 47.89 -57.82 -50.77
C13 CLA HE . 49.22 -58.47 -51.11
C14 CLA HE . 50.27 -57.43 -51.43
C15 CLA HE . 49.02 -59.45 -52.26
C16 CLA HE . 50.35 -60.12 -52.64
C17 CLA HE . 50.17 -61.59 -52.98
C18 CLA HE . 51.11 -62.44 -52.14
C19 CLA HE . 50.50 -63.80 -51.83
C20 CLA HE . 52.48 -62.59 -52.77
MG CLA IE . 42.15 -58.15 -51.37
CHA CLA IE . 42.57 -55.62 -53.66
CHB CLA IE . 45.19 -59.51 -52.24
CHC CLA IE . 41.67 -60.46 -49.07
CHD CLA IE . 39.00 -56.76 -50.53
NA CLA IE . 43.74 -57.63 -52.80
C1A CLA IE . 43.74 -56.58 -53.62
C2A CLA IE . 44.98 -56.52 -54.48
C3A CLA IE . 45.77 -57.77 -54.01
C4A CLA IE . 44.87 -58.35 -52.96
CMA CLA IE . 46.44 -58.67 -55.03
CAA CLA IE . 45.82 -55.28 -54.20
CBA CLA IE . 45.71 -54.76 -52.78
CGA CLA IE . 46.38 -53.41 -52.69
O1A CLA IE . 47.59 -53.36 -52.71
O2A CLA IE . 45.64 -52.32 -52.58
NB CLA IE . 43.26 -59.73 -50.74
C1B CLA IE . 44.46 -60.16 -51.22
C2B CLA IE . 44.88 -61.35 -50.53
C3B CLA IE . 43.88 -61.61 -49.64
C4B CLA IE . 42.86 -60.58 -49.78
CMB CLA IE . 46.15 -62.13 -50.74
CAB CLA IE . 43.82 -62.74 -48.68
CBB CLA IE . 43.80 -62.50 -47.19
NC CLA IE . 40.62 -58.50 -49.96
C1C CLA IE . 40.61 -59.52 -49.12
C2C CLA IE . 39.40 -59.53 -48.26
C3C CLA IE . 38.69 -58.44 -48.65
C4C CLA IE . 39.45 -57.81 -49.72
CMC CLA IE . 39.06 -60.53 -47.19
CAC CLA IE . 37.36 -57.99 -48.09
CBC CLA IE . 37.54 -56.80 -47.17
ND CLA IE . 41.00 -56.61 -51.87
C1D CLA IE . 39.79 -56.13 -51.52
C2D CLA IE . 39.42 -54.94 -52.28
C3D CLA IE . 40.51 -54.75 -53.10
C4D CLA IE . 41.45 -55.76 -52.85
CMD CLA IE . 38.24 -54.02 -52.29
CAD CLA IE . 41.03 -53.88 -54.13
OBD CLA IE . 40.36 -53.06 -54.74
CBD CLA IE . 42.37 -54.40 -54.53
CGD CLA IE . 42.30 -54.81 -55.97
O1D CLA IE . 42.93 -54.21 -56.81
O2D CLA IE . 41.53 -55.83 -56.33
CED CLA IE . 42.21 -57.00 -56.78
C1 CLA IE . 45.94 -51.32 -51.56
C2 CLA IE . 45.87 -51.67 -50.09
C3 CLA IE . 45.55 -50.75 -49.17
C4 CLA IE . 45.24 -49.33 -49.56
C5 CLA IE . 45.48 -51.10 -47.70
C6 CLA IE . 45.63 -49.87 -46.81
C7 CLA IE . 45.33 -50.22 -45.37
C8 CLA IE . 44.37 -49.22 -44.75
C9 CLA IE . 45.10 -47.95 -44.34
C10 CLA IE . 43.67 -49.84 -43.55
C11 CLA IE . 42.18 -49.54 -43.58
C12 CLA IE . 41.53 -50.14 -44.81
C13 CLA IE . 40.55 -49.19 -45.50
C14 CLA IE . 39.88 -48.22 -44.53
C15 CLA IE . 39.50 -50.01 -46.22
C16 CLA IE . 39.91 -50.27 -47.66
C17 CLA IE . 38.73 -50.04 -48.60
C18 CLA IE . 38.49 -51.25 -49.50
C19 CLA IE . 38.22 -52.50 -48.68
C20 CLA IE . 37.34 -50.98 -50.45
MG CLA JE . 33.21 -47.42 -61.24
CHA CLA JE . 33.34 -47.19 -64.68
CHB CLA JE . 35.59 -44.95 -60.93
CHC CLA JE . 32.92 -47.64 -57.96
CHD CLA JE . 30.75 -49.92 -61.58
NA CLA JE . 34.35 -46.18 -62.64
C1A CLA JE . 34.27 -46.24 -63.98
C2A CLA JE . 35.18 -45.24 -64.64
C3A CLA JE . 35.90 -44.61 -63.45
C4A CLA JE . 35.27 -45.26 -62.26
CMA CLA JE . 37.41 -44.58 -63.50
CAA CLA JE . 34.32 -44.15 -65.29
CBA CLA JE . 33.17 -43.70 -64.38
CGA CLA JE . 32.09 -42.92 -65.08
O1A CLA JE . 31.73 -43.24 -66.19
O2A CLA JE . 31.54 -41.90 -64.46
NB CLA JE . 34.10 -46.44 -59.70
C1B CLA JE . 35.08 -45.49 -59.75
C2B CLA JE . 35.46 -45.10 -58.41
C3B CLA JE . 34.70 -45.87 -57.58
C4B CLA JE . 33.85 -46.71 -58.41
CMB CLA JE . 36.49 -44.07 -58.06
CAB CLA JE . 34.67 -45.91 -56.09
CBB CLA JE . 35.92 -46.06 -55.26
NC CLA JE . 31.99 -48.56 -59.97
C1C CLA JE . 32.04 -48.50 -58.65
C2C CLA JE . 31.11 -49.43 -58.01
C3C CLA JE . 30.48 -50.06 -59.04
C4C CLA JE . 31.04 -49.51 -60.27
CMC CLA JE . 30.89 -49.63 -56.53
CAC CLA JE . 29.41 -51.10 -58.92
CBC CLA JE . 28.10 -50.48 -59.31
ND CLA JE . 32.22 -48.36 -62.68
C1D CLA JE . 31.29 -49.34 -62.75
C2D CLA JE . 30.96 -49.70 -64.11
C3D CLA JE . 31.76 -48.85 -64.86
C4D CLA JE . 32.50 -48.06 -64.00
CMD CLA JE . 30.02 -50.69 -64.75
CAD CLA JE . 32.09 -48.50 -66.22
OBD CLA JE . 31.45 -48.81 -67.21
CBD CLA JE . 33.13 -47.42 -66.17
CGD CLA JE . 34.40 -47.86 -66.82
O1D CLA JE . 35.02 -47.09 -67.54
O2D CLA JE . 34.89 -49.08 -66.61
CED CLA JE . 36.29 -49.16 -66.36
C1 CLA JE . 31.11 -42.02 -63.07
C2 CLA JE . 29.67 -42.22 -62.65
C3 CLA JE . 29.09 -41.28 -61.89
C4 CLA JE . 29.82 -40.04 -61.47
C5 CLA JE . 27.65 -41.42 -61.43
C6 CLA JE . 27.41 -40.65 -60.14
C7 CLA JE . 26.83 -41.56 -59.06
C8 CLA JE . 26.83 -40.88 -57.70
C9 CLA JE . 27.01 -41.91 -56.59
C10 CLA JE . 25.54 -40.09 -57.55
C11 CLA JE . 25.33 -39.59 -56.13
C12 CLA JE . 23.93 -39.93 -55.63
C13 CLA JE . 23.30 -38.74 -54.92
C14 CLA JE . 23.91 -38.55 -53.53
C15 CLA JE . 21.79 -38.94 -54.83
C16 CLA JE . 21.45 -40.12 -53.93
C17 CLA JE . 19.94 -40.41 -53.95
C18 CLA JE . 19.55 -41.41 -52.89
C19 CLA JE . 18.54 -40.84 -51.92
C20 CLA JE . 19.04 -42.70 -53.51
MG CLA KE . 35.49 -37.21 -32.29
CHA CLA KE . 34.17 -38.81 -29.52
CHB CLA KE . 33.10 -34.75 -32.08
CHC CLA KE . 36.92 -35.73 -34.88
CHD CLA KE . 37.89 -39.79 -32.54
NA CLA KE . 33.79 -36.79 -30.94
C1A CLA KE . 33.42 -37.55 -29.91
C2A CLA KE . 32.22 -36.99 -29.22
C3A CLA KE . 31.90 -35.75 -30.07
C4A CLA KE . 32.98 -35.74 -31.09
CMA CLA KE . 30.48 -35.56 -30.56
CAA CLA KE . 32.63 -36.50 -27.83
CBA CLA KE . 33.92 -35.71 -27.80
CGA CLA KE . 35.02 -36.57 -27.21
O1A CLA KE . 34.91 -36.90 -26.04
O2A CLA KE . 36.02 -36.99 -27.96
NB CLA KE . 35.08 -35.50 -33.32
C1B CLA KE . 34.05 -34.63 -33.10
C2B CLA KE . 34.11 -33.57 -34.07
C3B CLA KE . 35.18 -33.85 -34.86
C4B CLA KE . 35.79 -35.08 -34.37
CMB CLA KE . 33.16 -32.41 -34.20
CAB CLA KE . 35.65 -33.06 -36.02
CBB CLA KE . 37.00 -32.41 -36.03
NC CLA KE . 37.18 -37.64 -33.45
C1C CLA KE . 37.58 -36.92 -34.49
C2C CLA KE . 38.78 -37.48 -35.15
C3C CLA KE . 39.07 -38.61 -34.44
C4C CLA KE . 38.06 -38.70 -33.40
CMC CLA KE . 39.51 -36.90 -36.35
CAC CLA KE . 40.20 -39.57 -34.67
CBC CLA KE . 39.81 -40.56 -35.76
ND CLA KE . 35.98 -38.88 -31.37
C1D CLA KE . 36.94 -39.82 -31.50
C2D CLA KE . 36.86 -40.83 -30.47
C3D CLA KE . 35.78 -40.44 -29.70
C4D CLA KE . 35.25 -39.27 -30.26
CMD CLA KE . 37.66 -42.06 -30.16
CAD CLA KE . 35.02 -40.82 -28.54
OBD CLA KE . 35.51 -41.43 -27.60
CBD CLA KE . 34.02 -39.74 -28.31
CGD CLA KE . 32.67 -40.35 -28.07
O1D CLA KE . 31.81 -39.74 -27.47
O2D CLA KE . 32.44 -41.59 -28.50
CED CLA KE . 31.09 -42.04 -28.48
C1 CLA KE . 37.09 -36.13 -28.44
C2 CLA KE . 36.92 -35.22 -29.63
C3 CLA KE . 37.92 -34.94 -30.47
C4 CLA KE . 39.30 -35.52 -30.29
C5 CLA KE . 37.72 -34.04 -31.65
C6 CLA KE . 38.83 -33.00 -31.71
C7 CLA KE . 39.15 -32.68 -33.17
C8 CLA KE . 39.70 -31.28 -33.35
C9 CLA KE . 38.74 -30.25 -32.77
C10 CLA KE . 39.98 -30.99 -34.82
C11 CLA KE . 40.69 -32.14 -35.52
C12 CLA KE . 40.73 -31.95 -37.03
C13 CLA KE . 42.04 -31.31 -37.50
C14 CLA KE . 42.16 -31.36 -39.01
C15 CLA KE . 43.23 -32.01 -36.85
C16 CLA KE . 44.27 -30.99 -36.41
C17 CLA KE . 45.48 -31.00 -37.35
C18 CLA KE . 46.57 -30.08 -36.81
C19 CLA KE . 47.42 -30.82 -35.79
C20 CLA KE . 47.42 -29.54 -37.96
MG CLA LE . 46.11 -49.90 -28.38
CHA CLA LE . 45.63 -49.19 -25.05
CHB CLA LE . 42.74 -49.44 -28.99
CHC CLA LE . 46.69 -50.48 -31.56
CHD CLA LE . 49.55 -50.34 -27.73
NA CLA LE . 44.35 -49.36 -27.16
C1A CLA LE . 44.35 -49.11 -25.86
C2A CLA LE . 42.98 -48.81 -25.32
C3A CLA LE . 42.11 -48.92 -26.58
C4A CLA LE . 43.10 -49.25 -27.66
CMA CLA LE . 40.83 -49.74 -26.49
CAA CLA LE . 42.91 -47.37 -24.79
CBA CLA LE . 42.93 -46.32 -25.89
CGA CLA LE . 43.69 -45.09 -25.44
O1A CLA LE . 44.80 -45.25 -24.95
O2A CLA LE . 43.14 -43.90 -25.60
NB CLA LE . 44.92 -49.94 -30.02
C1B CLA LE . 43.56 -49.75 -30.08
C2B CLA LE . 43.12 -49.93 -31.43
C3B CLA LE . 44.23 -50.23 -32.17
C4B CLA LE . 45.36 -50.23 -31.25
CMB CLA LE . 41.70 -49.80 -31.88
CAB CLA LE . 44.37 -50.51 -33.61
CBB CLA LE . 43.62 -49.78 -34.71
NC CLA LE . 47.85 -50.29 -29.48
C1C CLA LE . 47.85 -50.54 -30.77
C2C CLA LE . 49.19 -50.86 -31.29
C3C CLA LE . 50.01 -50.80 -30.20
C4C CLA LE . 49.16 -50.45 -29.06
CMC CLA LE . 49.53 -51.19 -32.72
CAC CLA LE . 51.50 -51.06 -30.16
CBC CLA LE . 52.25 -49.74 -30.12
ND CLA LE . 47.37 -49.81 -26.86
C1D CLA LE . 48.70 -49.99 -26.66
C2D CLA LE . 49.08 -49.80 -25.27
C3D CLA LE . 47.87 -49.49 -24.65
C4D CLA LE . 46.86 -49.49 -25.61
CMD CLA LE . 50.38 -49.88 -24.51
CAD CLA LE . 47.29 -49.15 -23.37
OBD CLA LE . 47.87 -49.26 -22.30
CBD CLA LE . 45.81 -49.12 -23.55
CGD CLA LE . 45.23 -50.41 -23.07
O1D CLA LE . 45.09 -51.35 -23.83
O2D CLA LE . 44.86 -50.59 -21.80
CED CLA LE . 45.09 -51.91 -21.33
C1 CLA LE . 43.66 -42.94 -26.55
C2 CLA LE . 45.14 -42.59 -26.62
C3 CLA LE . 45.57 -41.32 -26.57
C4 CLA LE . 44.61 -40.17 -26.45
C5 CLA LE . 47.03 -40.96 -26.64
C6 CLA LE . 47.66 -41.59 -27.87
C7 CLA LE . 49.04 -40.98 -28.13
C8 CLA LE . 49.20 -40.44 -29.55
C9 CLA LE . 47.91 -39.84 -30.10
C10 CLA LE . 49.73 -41.54 -30.46
C11 CLA LE . 51.19 -41.28 -30.82
C12 CLA LE . 51.34 -40.90 -32.30
C13 CLA LE . 51.54 -39.41 -32.55
C14 CLA LE . 52.23 -38.69 -31.40
C15 CLA LE . 50.19 -38.76 -32.87
C16 CLA LE . 50.25 -37.98 -34.18
C17 CLA LE . 49.64 -38.80 -35.32
C18 CLA LE . 48.13 -38.71 -35.32
C19 CLA LE . 47.66 -37.27 -35.46
C20 CLA LE . 47.54 -39.56 -36.45
MG CLA ME . 38.36 -49.87 -32.18
CHA CLA ME . 38.42 -51.99 -34.88
CHB CLA ME . 39.65 -47.31 -34.11
CHC CLA ME . 38.22 -47.89 -29.54
CHD CLA ME . 37.02 -52.48 -30.21
NA CLA ME . 38.96 -49.65 -34.29
C1A CLA ME . 38.91 -50.61 -35.22
C2A CLA ME . 39.47 -50.13 -36.55
C3A CLA ME . 39.84 -48.66 -36.25
C4A CLA ME . 39.46 -48.51 -34.82
CMA CLA ME . 41.19 -48.12 -36.69
CAA CLA ME . 38.47 -50.22 -37.70
CBA CLA ME . 39.09 -49.88 -39.04
CGA CLA ME . 40.15 -50.88 -39.45
O1A CLA ME . 40.08 -52.04 -39.05
O2A CLA ME . 41.13 -50.49 -40.24
NB CLA ME . 38.84 -47.92 -31.88
C1B CLA ME . 39.37 -47.02 -32.77
C2B CLA ME . 39.61 -45.76 -32.12
C3B CLA ME . 39.20 -45.93 -30.83
C4B CLA ME . 38.72 -47.31 -30.70
CMB CLA ME . 40.18 -44.53 -32.78
CAB CLA ME . 39.20 -44.99 -29.70
CBB CLA ME . 40.42 -44.17 -29.33
NC CLA ME . 37.66 -50.12 -30.22
C1C CLA ME . 37.76 -49.19 -29.28
C2C CLA ME . 37.34 -49.68 -27.94
C3C CLA ME . 36.97 -50.98 -28.17
C4C CLA ME . 37.19 -51.24 -29.57
CMC CLA ME . 37.30 -48.89 -26.66
CAC CLA ME . 36.48 -51.96 -27.14
CBC CLA ME . 37.69 -52.63 -26.52
ND CLA ME . 37.82 -51.75 -32.38
C1D CLA ME . 37.30 -52.72 -31.57
C2D CLA ME . 37.11 -53.97 -32.28
C3D CLA ME . 37.54 -53.67 -33.56
C4D CLA ME . 37.95 -52.35 -33.62
CMD CLA ME . 36.58 -55.32 -31.90
CAD CLA ME . 37.70 -54.25 -34.87
OBD CLA ME . 37.71 -55.45 -35.10
CBD CLA ME . 38.36 -53.23 -35.74
CGD CLA ME . 39.75 -53.68 -35.99
O1D CLA ME . 40.01 -54.43 -36.93
O2D CLA ME . 40.74 -53.30 -35.19
CED CLA ME . 41.94 -52.87 -35.83
C1 CLA ME . 42.53 -50.79 -39.93
C2 CLA ME . 43.26 -50.04 -38.84
C3 CLA ME . 44.53 -49.65 -38.98
C4 CLA ME . 45.31 -49.93 -40.23
C5 CLA ME . 45.26 -48.89 -37.90
C6 CLA ME . 46.39 -49.72 -37.30
C7 CLA ME . 47.60 -48.84 -37.02
C8 CLA ME . 48.03 -48.88 -35.56
C9 CLA ME . 46.89 -48.40 -34.67
C10 CLA ME . 49.31 -48.06 -35.37
C11 CLA ME . 49.27 -47.08 -34.20
C12 CLA ME . 50.09 -47.58 -33.02
C13 CLA ME . 50.05 -46.63 -31.84
C14 CLA ME . 51.47 -46.30 -31.36
C15 CLA ME . 49.20 -47.25 -30.74
C16 CLA ME . 49.52 -46.72 -29.35
C17 CLA ME . 48.41 -45.84 -28.81
C18 CLA ME . 47.76 -46.50 -27.60
C19 CLA ME . 48.27 -45.88 -26.30
C20 CLA ME . 46.25 -46.43 -27.69
MG CLA NE . 24.46 -45.72 -39.67
CHA CLA NE . 21.32 -45.86 -38.30
CHB CLA NE . 25.06 -48.99 -38.73
CHC CLA NE . 27.40 -45.52 -41.10
CHD CLA NE . 23.83 -42.37 -40.65
NA CLA NE . 23.31 -47.29 -38.63
C1A CLA NE . 22.08 -47.16 -38.17
C2A CLA NE . 21.57 -48.42 -37.53
C3A CLA NE . 22.78 -49.36 -37.65
C4A CLA NE . 23.78 -48.53 -38.38
CMA CLA NE . 23.23 -50.13 -36.42
CAA CLA NE . 20.45 -49.02 -38.37
CBA CLA NE . 20.83 -49.07 -39.85
CGA CLA NE . 19.67 -49.42 -40.74
O1A CLA NE . 19.17 -50.53 -40.69
O2A CLA NE . 19.23 -48.49 -41.58
NB CLA NE . 25.99 -47.05 -39.89
C1B CLA NE . 26.08 -48.31 -39.41
C2B CLA NE . 27.35 -48.87 -39.75
C3B CLA NE . 28.03 -47.89 -40.42
C4B CLA NE . 27.14 -46.74 -40.50
CMB CLA NE . 27.77 -50.26 -39.37
CAB CLA NE . 29.40 -47.88 -40.99
CBB CLA NE . 30.09 -49.09 -41.59
NC CLA NE . 25.45 -44.20 -40.72
C1C CLA NE . 26.65 -44.35 -41.24
C2C CLA NE . 27.11 -43.16 -41.97
C3C CLA NE . 26.08 -42.26 -41.86
C4C CLA NE . 25.05 -42.92 -41.06
CMC CLA NE . 28.42 -43.06 -42.67
CAC CLA NE . 26.03 -40.86 -42.42
CBC CLA NE . 25.26 -40.85 -43.72
ND CLA NE . 23.01 -44.38 -39.56
C1D CLA NE . 22.83 -43.10 -39.97
C2D CLA NE . 21.50 -42.60 -39.60
C3D CLA NE . 20.92 -43.69 -38.96
C4D CLA NE . 21.84 -44.74 -38.94
CMD CLA NE . 20.79 -41.29 -39.80
CAD CLA NE . 19.71 -44.13 -38.28
OBD CLA NE . 18.65 -43.53 -38.26
CBD CLA NE . 19.96 -45.50 -37.75
CGD CLA NE . 20.14 -45.45 -36.26
O1D CLA NE . 20.58 -44.47 -35.71
O2D CLA NE . 19.81 -46.53 -35.53
CED CLA NE . 20.55 -46.72 -34.32
C1 CLA NE . 18.75 -48.85 -42.92
C2 CLA NE . 19.57 -48.59 -44.17
C3 CLA NE . 18.99 -47.99 -45.23
C4 CLA NE . 17.56 -47.56 -45.21
C5 CLA NE . 19.74 -47.71 -46.51
C6 CLA NE . 20.11 -46.23 -46.51
C7 CLA NE . 20.29 -45.70 -47.93
C8 CLA NE . 21.00 -44.35 -47.92
C9 CLA NE . 20.37 -43.38 -46.93
C10 CLA NE . 20.96 -43.77 -49.33
C11 CLA NE . 22.35 -43.79 -49.95
C12 CLA NE . 22.54 -45.02 -50.82
C13 CLA NE . 23.29 -44.68 -52.10
C14 CLA NE . 23.51 -45.93 -52.95
C15 CLA NE . 24.62 -44.03 -51.78
C16 CLA NE . 24.99 -43.00 -52.84
C17 CLA NE . 26.49 -42.74 -52.88
C18 CLA NE . 26.97 -41.96 -51.66
C19 CLA NE . 28.45 -41.65 -51.75
C20 CLA NE . 26.16 -40.68 -51.47
MG CLA OE . 29.23 -53.14 -38.61
CHA CLA OE . 32.61 -52.53 -38.86
CHB CLA OE . 29.04 -53.73 -42.01
CHC CLA OE . 26.03 -53.80 -38.25
CHD CLA OE . 29.45 -52.53 -35.13
NA CLA OE . 30.68 -53.15 -40.29
C1A CLA OE . 31.98 -52.87 -40.20
C2A CLA OE . 32.66 -52.91 -41.54
C3A CLA OE . 31.50 -53.25 -42.49
C4A CLA OE . 30.33 -53.40 -41.57
CMA CLA OE . 31.30 -52.35 -43.68
CAA CLA OE . 33.69 -54.03 -41.61
CBA CLA OE . 34.43 -54.06 -42.94
CGA CLA OE . 34.96 -52.69 -43.25
O1A CLA OE . 34.48 -52.06 -44.18
O2A CLA OE . 35.94 -52.18 -42.53
NB CLA OE . 27.77 -53.69 -39.92
C1B CLA OE . 27.85 -53.88 -41.27
C2B CLA OE . 26.55 -54.22 -41.79
C3B CLA OE . 25.71 -54.23 -40.72
C4B CLA OE . 26.51 -53.90 -39.55
CMB CLA OE . 26.24 -54.49 -43.25
CAB CLA OE . 24.26 -54.51 -40.60
CBB CLA OE . 23.51 -55.52 -41.44
NC CLA OE . 27.97 -53.25 -36.95
C1C CLA OE . 26.67 -53.45 -37.03
C2C CLA OE . 25.96 -53.26 -35.76
C3C CLA OE . 26.95 -52.94 -34.88
C4C CLA OE . 28.20 -52.91 -35.63
CMC CLA OE . 24.49 -53.42 -35.51
CAC CLA OE . 26.77 -52.61 -33.43
CBC CLA OE . 26.43 -51.14 -33.37
ND CLA OE . 30.60 -52.67 -37.27
C1D CLA OE . 30.62 -52.45 -35.92
C2D CLA OE . 31.95 -52.10 -35.45
C3D CLA OE . 32.72 -52.13 -36.61
C4D CLA OE . 31.90 -52.48 -37.67
CMD CLA OE . 32.54 -51.74 -34.11
CAD CLA OE . 34.06 -51.95 -37.09
OBD CLA OE . 35.04 -51.71 -36.41
CBD CLA OE . 34.05 -52.19 -38.56
CGD CLA OE . 34.42 -50.93 -39.27
O1D CLA OE . 35.30 -50.91 -40.10
O2D CLA OE . 33.78 -49.80 -38.99
CED CLA OE . 33.47 -48.96 -40.10
C1 CLA OE . 37.20 -51.83 -43.17
C2 CLA OE . 37.86 -52.79 -44.12
C3 CLA OE . 39.10 -53.23 -43.88
C4 CLA OE . 39.78 -54.18 -44.83
C5 CLA OE . 39.90 -52.80 -42.67
C6 CLA OE . 40.19 -54.00 -41.78
C7 CLA OE . 38.92 -54.71 -41.33
C8 CLA OE . 39.06 -55.33 -39.94
C9 CLA OE . 40.39 -56.06 -39.79
C10 CLA OE . 37.91 -56.29 -39.70
C11 CLA OE . 36.60 -55.53 -39.59
C12 CLA OE . 36.28 -55.21 -38.14
C13 CLA OE . 35.15 -56.08 -37.60
C14 CLA OE . 34.02 -56.17 -38.61
C15 CLA OE . 34.63 -55.49 -36.29
C16 CLA OE . 33.30 -56.10 -35.87
C17 CLA OE . 33.48 -57.06 -34.70
C18 CLA OE . 32.27 -56.98 -33.77
C19 CLA OE . 30.98 -57.27 -34.52
C20 CLA OE . 32.45 -57.92 -32.59
MG CLA PE . 29.16 -51.00 -48.17
CHA CLA PE . 25.85 -51.01 -47.12
CHB CLA PE . 30.11 -49.36 -45.30
CHC CLA PE . 32.28 -51.18 -49.20
CHD CLA PE . 28.16 -52.75 -51.07
NA CLA PE . 28.10 -50.26 -46.37
C1A CLA PE . 26.79 -50.34 -46.15
C2A CLA PE . 26.41 -49.69 -44.85
C3A CLA PE . 27.75 -49.16 -44.34
C4A CLA PE . 28.73 -49.62 -45.37
CMA CLA PE . 27.80 -47.69 -43.98
CAA CLA PE . 25.97 -50.78 -43.88
CBA CLA PE . 25.60 -50.21 -42.51
CGA CLA PE . 24.11 -50.06 -42.45
O1A CLA PE . 23.42 -50.92 -42.97
O2A CLA PE . 23.59 -49.03 -41.82
NB CLA PE . 30.92 -50.38 -47.36
C1B CLA PE . 31.13 -49.71 -46.19
C2B CLA PE . 32.54 -49.44 -46.04
C3B CLA PE . 33.15 -49.95 -47.15
C4B CLA PE . 32.10 -50.54 -47.98
CMB CLA PE . 33.21 -48.74 -44.90
CAB CLA PE . 34.58 -49.95 -47.53
CBB CLA PE . 35.67 -50.47 -46.62
NC CLA PE . 30.08 -51.88 -49.83
C1C CLA PE . 31.38 -51.78 -50.10
C2C CLA PE . 31.74 -52.35 -51.41
C3C CLA PE . 30.56 -52.81 -51.91
C4C CLA PE . 29.53 -52.51 -50.93
CMC CLA PE . 33.12 -52.41 -52.02
CAC CLA PE . 30.32 -53.49 -53.23
CBC CLA PE . 30.19 -52.42 -54.30
ND CLA PE . 27.51 -51.74 -48.97
C1D CLA PE . 27.19 -52.40 -50.12
C2D CLA PE . 25.75 -52.66 -50.21
C3D CLA PE . 25.26 -52.12 -49.04
C4D CLA PE . 26.30 -51.57 -48.31
CMD CLA PE . 24.89 -53.33 -51.23
CAD CLA PE . 24.02 -51.92 -48.32
OBD CLA PE . 22.94 -52.41 -48.60
CBD CLA PE . 24.35 -51.20 -47.06
CGD CLA PE . 23.65 -49.88 -47.06
O1D CLA PE . 22.99 -49.52 -46.10
O2D CLA PE . 23.72 -49.07 -48.11
CED CLA PE . 23.81 -47.69 -47.83
C1 CLA PE . 22.98 -47.93 -42.58
C2 CLA PE . 23.82 -46.82 -43.16
C3 CLA PE . 23.28 -45.64 -43.47
C4 CLA PE . 21.81 -45.36 -43.27
C5 CLA PE . 24.09 -44.51 -44.05
C6 CLA PE . 25.13 -45.07 -45.00
C7 CLA PE . 24.97 -44.43 -46.38
C8 CLA PE . 26.32 -44.05 -46.97
C9 CLA PE . 26.53 -42.55 -46.87
C10 CLA PE . 26.37 -44.50 -48.43
C11 CLA PE . 27.63 -45.29 -48.71
C12 CLA PE . 27.44 -46.78 -48.41
C13 CLA PE . 28.56 -47.62 -48.99
C14 CLA PE . 29.93 -47.06 -48.60
C15 CLA PE . 28.43 -47.70 -50.50
C16 CLA PE . 27.17 -48.45 -50.90
C17 CLA PE . 27.42 -49.30 -52.15
C18 CLA PE . 26.25 -49.24 -53.11
C19 CLA PE . 26.50 -50.13 -54.31
C20 CLA PE . 24.93 -49.62 -52.44
MG CLA QE . 19.16 -56.21 -43.07
CHA CLA QE . 17.32 -58.03 -40.78
CHB CLA QE . 21.57 -58.66 -43.17
CHC CLA QE . 20.78 -54.42 -45.32
CHD CLA QE . 16.73 -53.66 -42.92
NA CLA QE . 19.43 -58.18 -42.09
C1A CLA QE . 18.59 -58.73 -41.21
C2A CLA QE . 19.10 -60.06 -40.71
C3A CLA QE . 20.43 -60.22 -41.49
C4A CLA QE . 20.51 -58.97 -42.30
CMA CLA QE . 21.66 -60.76 -40.79
CAA CLA QE . 18.22 -61.28 -40.98
CBA CLA QE . 17.31 -61.20 -42.20
CGA CLA QE . 16.38 -62.39 -42.15
O1A CLA QE . 16.66 -63.33 -41.44
O2A CLA QE . 15.26 -62.41 -42.87
NB CLA QE . 20.90 -56.50 -44.09
C1B CLA QE . 21.77 -57.55 -44.01
C2B CLA QE . 22.89 -57.34 -44.88
C3B CLA QE . 22.66 -56.13 -45.48
C4B CLA QE . 21.40 -55.62 -44.96
CMB CLA QE . 24.06 -58.28 -45.05
CAB CLA QE . 23.46 -55.38 -46.48
CBB CLA QE . 24.96 -55.27 -46.48
NC CLA QE . 18.77 -54.39 -44.04
C1C CLA QE . 19.57 -53.82 -44.92
C2C CLA QE . 19.05 -52.53 -45.43
C3C CLA QE . 17.87 -52.36 -44.78
C4C CLA QE . 17.71 -53.52 -43.91
CMC CLA QE . 19.69 -51.63 -46.45
CAC CLA QE . 16.92 -51.21 -44.93
CBC CLA QE . 15.86 -51.57 -45.95
ND CLA QE . 17.47 -55.82 -42.11
C1D CLA QE . 16.53 -54.84 -42.15
C2D CLA QE . 15.37 -55.16 -41.33
C3D CLA QE . 15.70 -56.40 -40.80
C4D CLA QE . 16.95 -56.79 -41.27
CMD CLA QE . 14.07 -54.47 -41.00
CAD CLA QE . 15.19 -57.43 -39.93
OBD CLA QE . 14.24 -57.30 -39.17
CBD CLA QE . 16.25 -58.49 -39.81
CGD CLA QE . 16.75 -58.45 -38.41
O1D CLA QE . 16.82 -57.39 -37.80
O2D CLA QE . 17.14 -59.58 -37.81
CED CLA QE . 16.29 -60.03 -36.75
C1 CLA QE . 15.20 -63.12 -44.14
C2 CLA QE . 15.49 -62.43 -45.45
C3 CLA QE . 15.32 -63.05 -46.63
C4 CLA QE . 14.84 -64.47 -46.73
C5 CLA QE . 15.61 -62.36 -47.94
C6 CLA QE . 17.09 -62.41 -48.24
C7 CLA QE . 17.40 -63.48 -49.29
C8 CLA QE . 18.86 -63.91 -49.27
C9 CLA QE . 19.40 -64.09 -47.86
C10 CLA QE . 19.70 -62.90 -50.05
C11 CLA QE . 19.75 -63.23 -51.53
C12 CLA QE . 20.30 -64.62 -51.77
C13 CLA QE . 21.81 -64.60 -51.88
C14 CLA QE . 22.25 -63.76 -53.08
C15 CLA QE . 22.31 -66.04 -52.02
C16 CLA QE . 23.83 -66.08 -52.11
C17 CLA QE . 24.31 -67.41 -52.70
C18 CLA QE . 25.55 -67.90 -51.98
C19 CLA QE . 25.85 -69.36 -52.33
C20 CLA QE . 26.74 -67.02 -52.33
MG CLA RE . 37.21 -62.43 -36.85
CHA CLA RE . 36.40 -60.61 -39.67
CHB CLA RE . 40.19 -63.38 -38.27
CHC CLA RE . 37.94 -64.02 -34.05
CHD CLA RE . 34.15 -61.42 -35.41
NA CLA RE . 38.23 -62.03 -38.77
C1A CLA RE . 37.75 -61.29 -39.78
C2A CLA RE . 38.70 -61.26 -40.96
C3A CLA RE . 39.86 -62.15 -40.48
C4A CLA RE . 39.43 -62.55 -39.10
CMA CLA RE . 40.41 -63.23 -41.40
CAA CLA RE . 39.16 -59.82 -41.20
CBA CLA RE . 40.51 -59.66 -41.89
CGA CLA RE . 40.38 -59.58 -43.39
O1A CLA RE . 39.58 -60.31 -43.97
O2A CLA RE . 41.15 -58.75 -44.07
NB CLA RE . 38.82 -63.51 -36.25
C1B CLA RE . 39.93 -63.84 -36.97
C2B CLA RE . 40.79 -64.70 -36.19
C3B CLA RE . 40.14 -64.88 -35.00
C4B CLA RE . 38.90 -64.11 -35.06
CMB CLA RE . 42.11 -65.25 -36.67
CAB CLA RE . 40.51 -65.66 -33.80
CBB CLA RE . 41.92 -65.72 -33.24
NC CLA RE . 36.23 -62.64 -35.01
C1C CLA RE . 36.69 -63.38 -34.02
C2C CLA RE . 35.74 -63.46 -32.88
C3C CLA RE . 34.67 -62.69 -33.28
C4C CLA RE . 34.98 -62.19 -34.61
CMC CLA RE . 35.92 -64.20 -31.58
CAC CLA RE . 33.41 -62.42 -32.50
CBC CLA RE . 32.38 -63.49 -32.83
ND CLA RE . 35.64 -61.33 -37.31
C1D CLA RE . 34.47 -60.98 -36.70
C2D CLA RE . 33.65 -60.13 -37.55
C3D CLA RE . 34.41 -60.00 -38.70
C4D CLA RE . 35.60 -60.69 -38.54
CMD CLA RE . 32.31 -59.49 -37.37
CAD CLA RE . 34.42 -59.37 -40.01
OBD CLA RE . 33.47 -58.81 -40.53
CBD CLA RE . 35.65 -59.80 -40.71
CGD CLA RE . 35.29 -60.70 -41.85
O1D CLA RE . 34.25 -61.33 -41.82
O2D CLA RE . 36.10 -60.83 -42.89
CED CLA RE . 35.80 -61.87 -43.80
C1 CLA RE . 42.34 -59.25 -44.76
C2 CLA RE . 43.32 -60.16 -44.06
C3 CLA RE . 44.63 -60.09 -44.28
C4 CLA RE . 45.21 -59.10 -45.23
C5 CLA RE . 45.62 -60.99 -43.59
C6 CLA RE . 46.14 -62.03 -44.55
C7 CLA RE . 46.07 -63.42 -43.93
C8 CLA RE . 47.29 -63.66 -43.02
C9 CLA RE . 48.54 -63.80 -43.85
C10 CLA RE . 47.04 -64.92 -42.18
C11 CLA RE . 47.23 -64.63 -40.70
C12 CLA RE . 48.05 -65.72 -40.03
C13 CLA RE . 47.98 -65.62 -38.51
C14 CLA RE . 49.33 -65.96 -37.90
C15 CLA RE . 46.89 -66.54 -37.99
C16 CLA RE . 45.94 -65.80 -37.05
C17 CLA RE . 46.39 -65.92 -35.60
C18 CLA RE . 45.24 -65.64 -34.63
C19 CLA RE . 45.51 -66.22 -33.25
C20 CLA RE . 44.95 -64.16 -34.54
MG CLA SE . 31.27 -69.63 -39.68
CHA CLA SE . 29.65 -72.13 -37.93
CHB CLA SE . 32.06 -68.02 -36.74
CHC CLA SE . 32.82 -67.33 -41.46
CHD CLA SE . 30.43 -71.28 -42.69
NA CLA SE . 30.92 -70.02 -37.53
C1A CLA SE . 30.26 -71.07 -37.04
C2A CLA SE . 30.20 -71.02 -35.54
C3A CLA SE . 30.93 -69.71 -35.20
C4A CLA SE . 31.34 -69.20 -36.55
CMA CLA SE . 30.28 -68.75 -34.22
CAA CLA SE . 30.99 -72.21 -34.99
CBA CLA SE . 32.51 -72.07 -34.96
CGA CLA SE . 33.15 -72.33 -36.31
O1A CLA SE . 34.16 -71.73 -36.59
O2A CLA SE . 32.62 -73.21 -37.14
NB CLA SE . 32.28 -67.95 -39.17
C1B CLA SE . 32.50 -67.43 -37.94
C2B CLA SE . 33.26 -66.21 -38.03
C3B CLA SE . 33.47 -66.02 -39.38
C4B CLA SE . 32.83 -67.13 -40.08
CMB CLA SE . 33.68 -65.38 -36.85
CAB CLA SE . 34.17 -64.97 -40.15
CBB CLA SE . 34.46 -63.58 -39.64
NC CLA SE . 31.64 -69.39 -41.73
C1C CLA SE . 32.28 -68.37 -42.26
C2C CLA SE . 32.37 -68.43 -43.74
C3C CLA SE . 31.72 -69.58 -44.06
C4C CLA SE . 31.26 -70.18 -42.81
CMC CLA SE . 33.05 -67.44 -44.65
CAC CLA SE . 31.52 -70.15 -45.45
CBC CLA SE . 32.49 -71.31 -45.62
ND CLA SE . 30.33 -71.27 -40.27
C1D CLA SE . 30.02 -71.85 -41.46
C2D CLA SE . 29.23 -73.07 -41.29
C3D CLA SE . 29.11 -73.17 -39.91
C4D CLA SE . 29.76 -72.09 -39.32
CMD CLA SE . 28.65 -74.06 -42.25
CAD CLA SE . 28.53 -74.00 -38.88
OBD CLA SE . 27.77 -74.93 -39.05
CBD CLA SE . 28.82 -73.34 -37.56
CGD CLA SE . 27.54 -72.84 -36.97
O1D CLA SE . 26.85 -72.05 -37.58
O2D CLA SE . 27.12 -73.26 -35.78
CED CLA SE . 25.72 -73.45 -35.65
C1 CLA SE . 33.44 -73.78 -38.21
C2 CLA SE . 33.79 -73.01 -39.46
C3 CLA SE . 34.74 -73.41 -40.32
C4 CLA SE . 35.54 -74.66 -40.05
C5 CLA SE . 35.09 -72.64 -41.58
C6 CLA SE . 36.56 -72.81 -41.95
C7 CLA SE . 37.42 -71.70 -41.33
C8 CLA SE . 38.90 -72.07 -41.34
C9 CLA SE . 39.45 -72.07 -39.91
C10 CLA SE . 39.67 -71.16 -42.31
C11 CLA SE . 40.76 -70.31 -41.67
C12 CLA SE . 40.66 -68.85 -42.07
C13 CLA SE . 42.01 -68.22 -42.34
C14 CLA SE . 42.40 -67.25 -41.22
C15 CLA SE . 41.97 -67.49 -43.67
C16 CLA SE . 40.93 -66.37 -43.65
C17 CLA SE . 40.36 -66.14 -45.04
C18 CLA SE . 41.13 -65.03 -45.75
C19 CLA SE . 41.93 -65.60 -46.92
C20 CLA SE . 40.20 -63.93 -46.20
C1 BCR TE . 42.31 -69.68 -61.38
C2 BCR TE . 42.58 -69.28 -62.81
C3 BCR TE . 41.31 -68.91 -63.57
C4 BCR TE . 40.35 -70.08 -63.55
C5 BCR TE . 40.10 -70.56 -62.15
C6 BCR TE . 41.11 -70.59 -61.27
C7 BCR TE . 41.06 -71.59 -60.18
C8 BCR TE . 40.74 -71.36 -58.93
C9 BCR TE . 40.70 -72.34 -57.88
C10 BCR TE . 40.74 -71.97 -56.49
C11 BCR TE . 40.08 -71.33 -55.40
C33 BCR TE . 38.72 -70.98 -61.78
C31 BCR TE . 42.03 -68.46 -60.52
C32 BCR TE . 43.54 -70.41 -60.84
C34 BCR TE . 40.65 -73.78 -58.28
C12 BCR TE . 39.57 -70.75 -54.48
C13 BCR TE . 39.11 -70.67 -53.14
C14 BCR TE . 39.07 -69.44 -52.56
C15 BCR TE . 38.66 -69.25 -51.22
C16 BCR TE . 38.05 -68.56 -50.23
C17 BCR TE . 38.07 -68.94 -48.98
C18 BCR TE . 37.70 -68.20 -47.92
C19 BCR TE . 37.81 -68.72 -46.54
C20 BCR TE . 37.57 -68.52 -45.26
C21 BCR TE . 37.54 -68.69 -43.84
C22 BCR TE . 37.14 -67.80 -42.92
C23 BCR TE . 37.23 -68.13 -41.49
C24 BCR TE . 36.47 -67.49 -40.38
C25 BCR TE . 36.71 -67.94 -38.99
C26 BCR TE . 36.21 -69.08 -38.53
C27 BCR TE . 36.81 -69.77 -37.34
C28 BCR TE . 37.28 -68.80 -36.26
C29 BCR TE . 37.20 -67.33 -36.63
C30 BCR TE . 37.55 -67.03 -38.08
C35 BCR TE . 38.68 -71.89 -52.40
C36 BCR TE . 37.21 -66.79 -48.12
C37 BCR TE . 36.62 -66.46 -43.35
C38 BCR TE . 35.05 -69.74 -39.19
C39 BCR TE . 39.03 -67.19 -38.37
C40 BCR TE . 37.12 -65.60 -38.34
C1 BCR UE . 38.88 -39.57 -25.78
C2 BCR UE . 39.44 -39.79 -24.40
C3 BCR UE . 39.71 -38.46 -23.69
C4 BCR UE . 40.70 -37.63 -24.49
C5 BCR UE . 40.25 -37.53 -25.92
C6 BCR UE . 39.78 -38.61 -26.53
C7 BCR UE . 40.11 -38.84 -27.95
C8 BCR UE . 41.31 -39.25 -28.32
C9 BCR UE . 41.75 -39.51 -29.67
C10 BCR UE . 42.68 -40.58 -29.92
C11 BCR UE . 43.74 -41.02 -30.75
C33 BCR UE . 40.33 -36.22 -26.64
C31 BCR UE . 37.50 -38.94 -25.69
C32 BCR UE . 38.78 -40.90 -26.52
C34 BCR UE . 41.24 -38.67 -30.80
C12 BCR UE . 44.66 -41.44 -31.41
C13 BCR UE . 45.47 -41.65 -32.55
C14 BCR UE . 46.55 -42.46 -32.37
C15 BCR UE . 47.48 -42.80 -33.40
C16 BCR UE . 48.67 -43.32 -33.76
C17 BCR UE . 49.06 -43.42 -34.98
C18 BCR UE . 50.29 -43.77 -35.41
C19 BCR UE . 50.59 -43.85 -36.85
C20 BCR UE . 51.24 -44.39 -37.86
C21 BCR UE . 51.67 -44.60 -39.20
C22 BCR UE . 52.89 -44.98 -39.62
C23 BCR UE . 53.14 -45.12 -41.07
C24 BCR UE . 54.20 -45.96 -41.70
C25 BCR UE . 54.34 -45.99 -43.16
C26 BCR UE . 53.72 -46.93 -43.87
C27 BCR UE . 53.71 -46.94 -45.39
C28 BCR UE . 54.57 -45.84 -46.01
C29 BCR UE . 55.74 -45.46 -45.14
C30 BCR UE . 55.22 -44.93 -43.83
C35 BCR UE . 45.15 -41.02 -33.88
C36 BCR UE . 51.36 -44.07 -34.41
C37 BCR UE . 53.98 -45.23 -38.63
C38 BCR UE . 52.98 -48.06 -43.22
C39 BCR UE . 54.45 -43.66 -44.10
C40 BCR UE . 56.40 -44.59 -42.93
C1 BCR VE . 25.57 -65.85 -61.28
C2 BCR VE . 26.28 -66.61 -62.38
C3 BCR VE . 26.95 -65.66 -63.36
C4 BCR VE . 27.97 -64.78 -62.67
C5 BCR VE . 27.68 -64.55 -61.20
C6 BCR VE . 26.50 -64.83 -60.64
C7 BCR VE . 26.17 -64.22 -59.33
C8 BCR VE . 25.14 -63.46 -59.01
C9 BCR VE . 24.85 -62.91 -57.70
C10 BCR VE . 23.49 -62.70 -57.23
C11 BCR VE . 22.34 -61.87 -57.26
C33 BCR VE . 28.79 -64.01 -60.34
C31 BCR VE . 25.19 -66.80 -60.17
C32 BCR VE . 24.35 -65.18 -61.88
C34 BCR VE . 25.98 -62.55 -56.79
C12 BCR VE . 21.33 -61.22 -57.27
C13 BCR VE . 20.50 -60.09 -57.04
C14 BCR VE . 19.40 -59.95 -57.82
C15 BCR VE . 18.46 -58.89 -57.73
C16 BCR VE . 17.49 -58.15 -58.31
C17 BCR VE . 16.87 -57.18 -57.73
C18 BCR VE . 16.48 -56.02 -58.28
C19 BCR VE . 15.76 -55.02 -57.48
C20 BCR VE . 14.83 -54.09 -57.26
C21 BCR VE . 14.16 -53.12 -56.45
C22 BCR VE . 13.06 -52.40 -56.76
C23 BCR VE . 12.57 -51.50 -55.71
C24 BCR VE . 11.21 -50.88 -55.65
C25 BCR VE . 10.86 -50.01 -54.50
C26 BCR VE . 10.21 -50.55 -53.47
C27 BCR VE . 10.45 -50.02 -52.07
C28 BCR VE . 10.51 -48.49 -52.05
C29 BCR VE . 10.38 -47.83 -53.42
C30 BCR VE . 11.19 -48.52 -54.51
C35 BCR VE . 20.83 -59.09 -55.97
C36 BCR VE . 16.82 -55.74 -59.71
C37 BCR VE . 12.39 -52.52 -58.10
C38 BCR VE . 9.25 -51.69 -53.61
C39 BCR VE . 12.70 -48.29 -54.31
C40 BCR VE . 10.75 -47.92 -55.84
C1 BCR WE . 33.28 -66.16 -65.30
C2 BCR WE . 34.35 -65.18 -65.73
C3 BCR WE . 35.69 -65.83 -65.93
C4 BCR WE . 36.12 -66.38 -64.59
C5 BCR WE . 35.09 -67.30 -63.99
C6 BCR WE . 33.77 -67.10 -64.21
C7 BCR WE . 32.79 -67.85 -63.40
C8 BCR WE . 32.45 -67.55 -62.15
C9 BCR WE . 31.49 -68.26 -61.35
C10 BCR WE . 31.43 -68.06 -59.92
C11 BCR WE . 30.88 -67.23 -58.92
C33 BCR WE . 35.62 -68.45 -63.19
C31 BCR WE . 32.87 -67.02 -66.48
C32 BCR WE . 32.07 -65.37 -64.81
C34 BCR WE . 30.54 -69.23 -61.99
C12 BCR WE . 30.43 -66.53 -58.05
C13 BCR WE . 29.47 -66.12 -57.08
C14 BCR WE . 29.79 -65.08 -56.29
C15 BCR WE . 28.93 -64.59 -55.26
C16 BCR WE . 28.70 -63.71 -54.26
C17 BCR WE . 27.64 -63.74 -53.52
C18 BCR WE . 27.46 -63.08 -52.35
C19 BCR WE . 26.20 -63.19 -51.61
C20 BCR WE . 25.26 -62.53 -50.93
C21 BCR WE . 24.10 -62.19 -50.21
C22 BCR WE . 23.90 -61.09 -49.45
C23 BCR WE . 22.58 -60.90 -48.82
C24 BCR WE . 22.22 -59.83 -47.85
C25 BCR WE . 20.84 -59.72 -47.32
C26 BCR WE . 20.46 -60.42 -46.24
C27 BCR WE . 19.23 -60.03 -45.46
C28 BCR WE . 18.85 -58.60 -45.81
C29 BCR WE . 18.59 -58.55 -47.30
C30 BCR WE . 19.90 -58.74 -48.04
C35 BCR WE . 28.16 -66.83 -56.96
C36 BCR WE . 28.55 -62.21 -51.82
C37 BCR WE . 24.99 -60.07 -49.28
C38 BCR WE . 21.20 -61.62 -45.73
C39 BCR WE . 20.63 -57.42 -48.17
C40 BCR WE . 19.52 -59.26 -49.42
C1A DGD XE . 46.57 -30.39 -46.54
C2A DGD XE . 46.23 -30.43 -45.07
C3A DGD XE . 45.54 -29.14 -44.64
C4A DGD XE . 45.32 -29.14 -43.14
C5A DGD XE . 44.51 -27.91 -42.70
C6A DGD XE . 44.69 -27.70 -41.20
C7A DGD XE . 43.73 -26.64 -40.68
C8A DGD XE . 44.26 -26.04 -39.38
C9A DGD XE . 44.65 -27.15 -38.43
O1A DGD XE . 47.16 -29.43 -47.00
C1B DGD XE . 47.28 -34.56 -46.00
C2B DGD XE . 46.79 -35.93 -45.63
C3B DGD XE . 46.00 -35.89 -44.34
C4B DGD XE . 44.50 -35.82 -44.60
C5B DGD XE . 44.06 -34.39 -44.82
C6B DGD XE . 42.58 -34.32 -45.18
C7B DGD XE . 42.17 -32.89 -45.48
C8B DGD XE . 40.72 -32.66 -45.08
C9B DGD XE . 40.60 -32.66 -43.57
CAB DGD XE . 39.40 -32.59 -42.99
CBB DGD XE . 38.15 -32.53 -43.85
CCB DGD XE . 36.92 -32.50 -43.00
CDB DGD XE . 36.80 -31.62 -42.01
CEB DGD XE . 35.55 -31.60 -41.18
CFB DGD XE . 34.40 -31.17 -42.06
CGB DGD XE . 33.20 -30.94 -41.53
O1B DGD XE . 47.54 -33.75 -45.14
O1G DGD XE . 46.19 -31.49 -47.42
C1G DGD XE . 47.15 -32.07 -48.29
C2G DGD XE . 48.08 -33.01 -47.52
O2G DGD XE . 47.42 -34.25 -47.29
C3G DGD XE . 49.30 -33.28 -48.39
O3G DGD XE . 49.76 -32.05 -48.95
C1D DGD XE . 50.45 -32.26 -50.18
C2D DGD XE . 50.88 -30.91 -50.73
O2D DGD XE . 49.71 -30.24 -51.19
C3D DGD XE . 51.82 -31.06 -51.92
O3D DGD XE . 52.38 -29.78 -52.26
C4D DGD XE . 52.92 -32.06 -51.61
O4D DGD XE . 53.70 -31.55 -50.53
C5D DGD XE . 52.27 -33.36 -51.19
O5D DGD XE . 53.73 -34.86 -52.32
C6D DGD XE . 53.32 -34.45 -51.02
O6D DGD XE . 51.57 -33.11 -49.98
C1E DGD XE . 55.14 -35.06 -52.39
C2E DGD XE . 55.67 -34.40 -53.66
O2E DGD XE . 55.24 -33.04 -53.71
C3E DGD XE . 55.15 -35.11 -54.90
O3E DGD XE . 55.89 -34.62 -56.01
C4E DGD XE . 55.38 -36.61 -54.82
O4E DGD XE . 56.78 -36.87 -54.89
C5E DGD XE . 54.83 -37.16 -53.51
O6E DGD XE . 55.43 -36.46 -52.42
C6E DGD XE . 55.11 -38.64 -53.41
O5E DGD XE . 56.41 -38.93 -53.93
C1A DGD YE . 25.36 -43.88 -65.79
C2A DGD YE . 24.69 -44.09 -64.45
C3A DGD YE . 23.85 -42.86 -64.14
C4A DGD YE . 23.03 -43.03 -62.86
C5A DGD YE . 23.89 -42.81 -61.62
C6A DGD YE . 23.02 -42.52 -60.41
C7A DGD YE . 22.02 -43.65 -60.16
C8A DGD YE . 20.80 -43.15 -59.40
C9A DGD YE . 21.22 -42.55 -58.08
CAA DGD YE . 20.35 -42.33 -57.10
CBA DGD YE . 18.89 -42.67 -57.23
CCA DGD YE . 18.63 -44.10 -56.80
CDA DGD YE . 17.41 -44.61 -56.79
CEA DGD YE . 17.19 -46.04 -56.35
CFA DGD YE . 15.73 -46.29 -56.06
CGA DGD YE . 15.12 -45.65 -55.07
O1A DGD YE . 24.83 -43.22 -66.66
C1B DGD YE . 29.36 -45.90 -65.24
C2B DGD YE . 28.59 -46.28 -64.00
C3B DGD YE . 29.53 -46.23 -62.80
C4B DGD YE . 28.87 -46.85 -61.58
C5B DGD YE . 28.59 -45.80 -60.52
C6B DGD YE . 29.88 -45.16 -60.03
C7B DGD YE . 29.57 -44.12 -58.96
C8B DGD YE . 30.61 -43.01 -58.97
C9B DGD YE . 31.86 -43.50 -58.30
CAB DGD YE . 32.87 -42.67 -58.04
CBB DGD YE . 32.79 -41.21 -58.39
CCB DGD YE . 32.27 -40.39 -57.23
CDB DGD YE . 31.97 -39.12 -57.42
CEB DGD YE . 31.44 -38.28 -56.29
CFB DGD YE . 30.92 -36.98 -56.85
CGB DGD YE . 30.03 -37.01 -57.84
O1B DGD YE . 30.55 -45.64 -65.15
O1G DGD YE . 26.66 -44.48 -66.07
C1G DGD YE . 27.76 -43.66 -66.43
C2G DGD YE . 28.84 -44.56 -67.03
O2G DGD YE . 28.76 -45.86 -66.44
C3G DGD YE . 28.67 -44.66 -68.54
O3G DGD YE . 29.39 -45.79 -69.03
C1D DGD YE . 30.56 -45.46 -69.80
C2D DGD YE . 30.19 -44.83 -71.13
O2D DGD YE . 29.35 -45.71 -71.87
C3D DGD YE . 31.47 -44.58 -71.92
O3D DGD YE . 31.17 -43.89 -73.14
C4D DGD YE . 32.46 -43.74 -71.10
O4D DGD YE . 31.95 -42.40 -70.97
C5D DGD YE . 32.66 -44.34 -69.72
O5D DGD YE . 34.73 -43.13 -69.45
C6D DGD YE . 33.48 -43.41 -68.84
O6D DGD YE . 31.40 -44.55 -69.08
C1E DGD YE . 35.78 -43.90 -68.85
C2E DGD YE . 36.72 -42.97 -68.10
O2E DGD YE . 36.00 -42.18 -67.16
C3E DGD YE . 37.43 -42.01 -69.04
O3E DGD YE . 38.53 -41.45 -68.33
C4E DGD YE . 37.96 -42.70 -70.29
O4E DGD YE . 39.15 -43.42 -69.94
C5E DGD YE . 36.92 -43.65 -70.89
O6E DGD YE . 36.49 -44.57 -69.88
C6E DGD YE . 37.49 -44.42 -72.07
O5E DGD YE . 36.54 -45.40 -72.49
C1A DGD ZE . 22.73 -36.33 -67.99
C2A DGD ZE . 21.75 -36.59 -66.87
C3A DGD ZE . 20.84 -35.38 -66.71
C4A DGD ZE . 20.07 -35.44 -65.40
C5A DGD ZE . 21.05 -35.54 -64.22
C6A DGD ZE . 20.32 -35.55 -62.89
C7A DGD ZE . 19.70 -34.18 -62.60
C8A DGD ZE . 19.65 -33.94 -61.11
C9A DGD ZE . 18.66 -32.83 -60.81
CAA DGD ZE . 18.26 -32.61 -59.56
CBA DGD ZE . 17.27 -31.52 -59.27
CCA DGD ZE . 16.75 -31.69 -57.87
CDA DGD ZE . 15.59 -31.14 -57.52
O1A DGD ZE . 22.44 -35.56 -68.89
C1B DGD ZE . 26.88 -39.61 -67.36
C2B DGD ZE . 26.91 -39.06 -65.96
C3B DGD ZE . 25.71 -39.63 -65.21
C4B DGD ZE . 25.78 -39.33 -63.72
C5B DGD ZE . 25.86 -37.83 -63.45
C6B DGD ZE . 24.69 -37.39 -62.58
C7B DGD ZE . 24.85 -37.89 -61.16
C8B DGD ZE . 23.53 -37.82 -60.42
C9B DGD ZE . 22.49 -38.59 -61.19
CAB DGD ZE . 21.52 -39.22 -60.55
CBB DGD ZE . 20.47 -40.00 -61.31
CCB DGD ZE . 19.45 -39.05 -61.92
CDB DGD ZE . 18.35 -38.70 -61.26
CEB DGD ZE . 18.04 -39.22 -59.87
CFB DGD ZE . 18.58 -38.27 -58.83
CGB DGD ZE . 18.40 -38.52 -57.53
O1B DGD ZE . 27.85 -40.18 -67.83
O1G DGD ZE . 24.03 -36.97 -67.99
C1G DGD ZE . 24.41 -37.75 -69.13
C2G DGD ZE . 25.82 -38.27 -68.94
O2G DGD ZE . 25.79 -39.45 -68.13
C3G DGD ZE . 26.41 -38.61 -70.30
O3G DGD ZE . 26.07 -37.57 -71.21
C1D DGD ZE . 26.66 -37.74 -72.49
C2D DGD ZE . 26.16 -36.64 -73.42
O2D DGD ZE . 24.75 -36.77 -73.60
C3D DGD ZE . 26.85 -36.73 -74.77
O3D DGD ZE . 26.49 -35.60 -75.56
C4D DGD ZE . 28.36 -36.77 -74.60
O4D DGD ZE . 28.83 -35.50 -74.14
C5D DGD ZE . 28.76 -37.85 -73.62
O5D DGD ZE . 30.96 -37.76 -74.61
C6D DGD ZE . 30.26 -37.84 -73.37
O6D DGD ZE . 28.08 -37.64 -72.38
C1E DGD ZE . 32.30 -38.20 -74.48
C2E DGD ZE . 33.15 -37.62 -75.60
O2E DGD ZE . 33.00 -36.20 -75.61
C3E DGD ZE . 32.72 -38.17 -76.96
O3E DGD ZE . 33.68 -37.77 -77.95
C4E DGD ZE . 32.61 -39.69 -76.95
O4E DGD ZE . 33.92 -40.26 -76.85
C5E DGD ZE . 31.76 -40.14 -75.76
O6E DGD ZE . 32.32 -39.64 -74.56
C6E DGD ZE . 31.67 -41.66 -75.67
O5E DGD ZE . 32.86 -42.17 -75.06
C1 LMG AF . 31.93 -49.24 -71.35
O1 LMG AF . 31.15 -50.17 -70.61
C2 LMG AF . 33.12 -48.82 -70.50
O2 LMG AF . 32.69 -48.02 -69.41
C3 LMG AF . 34.13 -48.02 -71.33
O3 LMG AF . 35.31 -47.80 -70.55
C4 LMG AF . 34.50 -48.80 -72.59
O4 LMG AF . 35.15 -50.01 -72.25
C5 LMG AF . 33.23 -49.11 -73.37
O5 LMG AF . 34.37 -49.08 -75.49
C6 LMG AF . 33.55 -49.89 -74.64
O6 LMG AF . 32.37 -49.89 -72.54
C7 LMG AF . 29.93 -49.62 -70.11
C8 LMG AF . 29.03 -50.78 -69.68
C9 LMG AF . 28.69 -50.70 -68.20
O7 LMG AF . 27.85 -50.78 -70.47
C10 LMG AF . 27.54 -52.01 -70.89
O9 LMG AF . 28.14 -52.48 -71.84
C11 LMG AF . 26.47 -52.81 -70.19
C12 LMG AF . 25.24 -53.00 -71.07
C13 LMG AF . 24.03 -52.31 -70.42
C14 LMG AF . 23.95 -52.62 -68.93
C15 LMG AF . 23.05 -51.65 -68.20
C16 LMG AF . 23.09 -51.87 -66.69
C17 LMG AF . 22.24 -50.83 -65.99
C18 LMG AF . 20.90 -51.41 -65.61
C19 LMG AF . 20.44 -51.27 -64.36
C20 LMG AF . 21.26 -50.54 -63.33
C21 LMG AF . 20.40 -50.14 -62.16
C22 LMG AF . 20.81 -49.16 -61.37
C23 LMG AF . 19.97 -48.73 -60.19
C24 LMG AF . 20.47 -47.40 -59.70
C25 LMG AF . 19.82 -46.79 -58.71
O8 LMG AF . 27.76 -49.64 -67.96
C28 LMG AF . 26.81 -49.78 -67.04
O10 LMG AF . 26.30 -50.88 -66.88
C29 LMG AF . 26.35 -48.60 -66.23
C30 LMG AF . 25.41 -49.03 -65.11
C31 LMG AF . 26.15 -49.11 -63.77
C32 LMG AF . 25.65 -48.08 -62.78
C33 LMG AF . 24.35 -48.50 -62.09
C34 LMG AF . 23.93 -47.50 -61.02
C35 LMG AF . 24.96 -47.42 -59.89
C36 LMG AF . 24.48 -46.43 -58.86
C37 LMG AF . 25.22 -46.13 -57.78
C38 LMG AF . 26.56 -46.78 -57.57
C39 LMG AF . 27.23 -46.18 -56.36
C40 LMG AF . 28.55 -46.31 -56.18
C41 LMG AF . 29.21 -45.70 -54.97
C42 LMG AF . 30.65 -45.38 -55.30
C43 LMG AF . 31.37 -44.64 -54.46
C1A DGD BF . 49.55 -47.01 -19.61
C2A DGD BF . 50.54 -47.83 -20.41
C3A DGD BF . 51.73 -46.96 -20.80
C4A DGD BF . 52.42 -47.49 -22.07
C5A DGD BF . 52.99 -48.88 -21.87
C6A DGD BF . 53.83 -49.28 -23.07
C7A DGD BF . 54.40 -50.70 -22.95
C8A DGD BF . 55.37 -50.83 -21.79
C9A DGD BF . 56.13 -52.14 -21.88
CAA DGD BF . 55.46 -53.30 -21.89
CBA DGD BF . 56.19 -54.62 -21.99
CCA DGD BF . 55.23 -55.72 -21.61
CDA DGD BF . 55.52 -57.01 -21.75
CEA DGD BF . 56.83 -57.47 -22.32
CFA DGD BF . 57.00 -58.95 -22.07
CGA DGD BF . 56.00 -59.79 -22.31
CHA DGD BF . 56.19 -61.27 -22.06
CIA DGD BF . 54.85 -61.99 -22.08
O1A DGD BF . 48.93 -46.11 -20.14
C1B DGD BF . 52.25 -49.81 -16.75
C2B DGD BF . 53.45 -49.56 -17.63
C3B DGD BF . 54.59 -49.04 -16.76
C4B DGD BF . 55.62 -48.27 -17.58
C5B DGD BF . 56.45 -49.20 -18.45
C6B DGD BF . 57.53 -48.42 -19.19
C7B DGD BF . 58.29 -49.32 -20.16
C8B DGD BF . 59.38 -48.55 -20.90
C9B DGD BF . 60.50 -48.21 -19.94
CAB DGD BF . 61.72 -48.71 -20.13
CBB DGD BF . 62.85 -48.38 -19.19
CCB DGD BF . 63.51 -47.08 -19.57
CDB DGD BF . 62.93 -45.90 -19.31
CEB DGD BF . 63.56 -44.60 -19.69
CFB DGD BF . 63.46 -44.36 -21.17
CGB DGD BF . 63.89 -43.21 -21.70
CHB DGD BF . 64.48 -42.12 -20.83
CIB DGD BF . 65.09 -41.04 -21.70
O1B DGD BF . 52.35 -49.64 -15.54
O1G DGD BF . 49.31 -47.26 -18.19
C1G DGD BF . 50.29 -47.89 -17.39
C2G DGD BF . 49.94 -49.36 -17.17
O2G DGD BF . 51.08 -50.24 -17.26
C3G DGD BF . 49.19 -49.54 -15.84
O3G DGD BF . 48.09 -48.63 -15.80
C1D DGD BF . 47.85 -48.19 -14.46
C2D DGD BF . 46.80 -47.07 -14.47
O2D DGD BF . 47.32 -45.93 -15.15
C3D DGD BF . 46.42 -46.67 -13.05
O3D DGD BF . 45.29 -45.78 -13.09
C4D DGD BF . 46.09 -47.89 -12.19
O4D DGD BF . 44.88 -48.47 -12.64
C5D DGD BF . 47.21 -48.91 -12.29
O5D DGD BF . 45.79 -50.85 -11.95
C6D DGD BF . 46.92 -50.13 -11.44
O6D DGD BF . 47.39 -49.28 -13.66
C1E DGD BF . 45.62 -52.07 -11.23
C2E DGD BF . 46.15 -53.25 -12.04
O2E DGD BF . 46.76 -52.79 -13.24
C3E DGD BF . 45.02 -54.21 -12.39
O3E DGD BF . 44.60 -54.90 -11.20
C4E DGD BF . 43.85 -53.45 -12.99
O4E DGD BF . 42.80 -54.36 -13.33
C5E DGD BF . 43.35 -52.40 -12.00
O6E DGD BF . 44.24 -52.28 -10.89
C6E DGD BF . 41.97 -52.78 -11.47
O5E DGD BF . 41.58 -51.87 -10.44
CA1 DGA CF . 46.41 -41.25 -18.78
CA2 DGA CF . 47.46 -41.43 -19.90
CA3 DGA CF . 47.50 -40.14 -20.76
CA4 DGA CF . 48.20 -40.45 -22.12
CA5 DGA CF . 49.73 -40.61 -21.90
CA6 DGA CF . 50.38 -41.19 -23.20
CA7 DGA CF . 51.43 -40.19 -23.76
CA8 DGA CF . 51.13 -39.94 -25.26
CA9 DGA CF . 52.07 -38.83 -25.82
CAA DGA CF . 53.47 -39.41 -26.10
CBA DGA CF . 54.05 -38.80 -27.38
CCA DGA CF . 55.60 -38.82 -27.32
CDA DGA CF . 56.20 -38.41 -28.68
CEA DGA CF . 57.77 -38.42 -28.61
CFA DGA CF . 58.36 -37.91 -29.96
CGA DGA CF . 58.38 -36.36 -29.99
CHA DGA CF . 59.48 -35.84 -30.95
CIA DGA CF . 59.69 -34.34 -30.74
OA1 DGA CF . 45.24 -41.30 -19.05
CB1 DGA CF . 48.83 -43.03 -15.94
CB2 DGA CF . 50.29 -42.68 -16.34
CB3 DGA CF . 50.44 -42.77 -17.89
CB4 DGA CF . 50.95 -41.42 -18.45
CB5 DGA CF . 52.49 -41.44 -18.51
CB6 DGA CF . 53.03 -40.04 -18.13
CB7 DGA CF . 53.77 -39.43 -19.32
CB8 DGA CF . 55.20 -39.04 -18.90
CB9 DGA CF . 55.15 -37.85 -17.95
CAB DGA CF . 56.30 -36.88 -18.27
CBB DGA CF . 55.79 -35.42 -18.12
CCB DGA CF . 56.41 -34.53 -19.21
CDB DGA CF . 57.31 -34.12 -18.00
CEB DGA CF . 57.71 -32.62 -18.14
CFB DGA CF . 59.21 -32.50 -18.51
CGB DGA CF . 59.60 -30.99 -18.58
CHB DGA CF . 61.12 -30.84 -18.67
CIB DGA CF . 61.49 -29.34 -18.82
OB1 DGA CF . 48.43 -44.14 -16.07
OG1 DGA CF . 46.81 -41.01 -17.44
CG1 DGA CF . 45.88 -41.46 -16.45
CG2 DGA CF . 46.60 -42.34 -15.43
OG2 DGA CF . 47.96 -42.01 -15.41
CG3 DGA CF . 46.01 -42.11 -14.05
OXT DGA CF . 45.32 -43.26 -13.62
O1 LHG DF . 34.40 -74.34 -25.71
C1 LHG DF . 35.49 -74.24 -24.78
C2 LHG DF . 36.79 -74.65 -25.46
O2 LHG DF . 37.70 -75.16 -24.49
C3 LHG DF . 37.39 -73.43 -26.13
O3 LHG DF . 37.74 -73.74 -27.46
P LHG DF . 36.64 -73.68 -28.63
O4 LHG DF . 36.14 -75.08 -28.89
O5 LHG DF . 35.66 -72.57 -28.32
O6 LHG DF . 37.53 -73.23 -29.90
C4 LHG DF . 36.96 -72.53 -30.99
C5 LHG DF . 38.00 -72.55 -32.11
C6 LHG DF . 37.64 -73.67 -33.07
O7 LHG DF . 38.09 -71.31 -32.80
C7 LHG DF . 39.26 -70.68 -32.61
O9 LHG DF . 39.99 -71.01 -31.69
C8 LHG DF . 39.67 -69.52 -33.50
C9 LHG DF . 41.14 -69.65 -33.85
C10 LHG DF . 41.32 -69.83 -35.35
O8 LHG DF . 38.21 -73.43 -34.36
C23 LHG DF . 37.43 -73.04 -35.35
O10 LHG DF . 36.58 -72.20 -35.13
C24 LHG DF . 37.60 -73.64 -36.72
C11 LHG DF . 42.76 -69.52 -35.76
C12 LHG DF . 42.83 -69.08 -37.21
C13 LHG DF . 44.01 -69.73 -37.91
C14 LHG DF . 43.61 -70.24 -39.29
C15 LHG DF . 44.31 -71.54 -39.66
C16 LHG DF . 43.30 -72.52 -40.25
C17 LHG DF . 43.95 -73.46 -41.27
C18 LHG DF . 42.88 -74.00 -42.21
C19 LHG DF . 43.36 -75.25 -42.92
C20 LHG DF . 42.24 -75.87 -43.76
C25 LHG DF . 37.68 -75.16 -36.56
C26 LHG DF . 38.94 -75.71 -37.24
C27 LHG DF . 38.85 -75.59 -38.75
C28 LHG DF . 39.80 -76.59 -39.40
C29 LHG DF . 39.94 -76.31 -40.89
C30 LHG DF . 38.70 -76.75 -41.64
C31 LHG DF . 38.50 -75.95 -42.91
C32 LHG DF . 37.59 -76.70 -43.88
C33 LHG DF . 38.07 -76.55 -45.32
C34 LHG DF . 36.88 -76.48 -46.27
C35 LHG DF . 36.01 -75.26 -45.96
C36 LHG DF . 35.29 -74.77 -47.21
C37 LHG DF . 35.29 -73.25 -47.27
C38 LHG DF . 36.30 -72.75 -48.29
O6 SQD EF . 43.36 -66.41 -26.16
C44 SQD EF . 44.05 -67.58 -25.82
C45 SQD EF . 44.79 -68.10 -27.08
C46 SQD EF . 43.81 -68.75 -28.09
O47 SQD EF . 45.29 -66.95 -27.73
C7 SQD EF . 46.59 -66.98 -28.14
O49 SQD EF . 47.31 -67.92 -27.89
C8 SQD EF . 46.94 -65.76 -28.92
C9 SQD EF . 47.77 -66.13 -30.14
C10 SQD EF . 49.25 -65.79 -29.99
C11 SQD EF . 50.04 -66.01 -31.29
C12 SQD EF . 49.29 -65.44 -32.50
C13 SQD EF . 50.18 -65.37 -33.74
C14 SQD EF . 51.12 -64.15 -33.72
C15 SQD EF . 51.44 -63.65 -35.13
C16 SQD EF . 52.55 -64.46 -35.80
C17 SQD EF . 52.80 -64.01 -37.24
C18 SQD EF . 54.17 -64.50 -37.74
C19 SQD EF . 54.33 -64.35 -39.26
C20 SQD EF . 54.37 -62.88 -39.70
C21 SQD EF . 54.52 -62.76 -41.22
C22 SQD EF . 53.33 -63.37 -41.95
O48 SQD EF . 44.58 -69.12 -29.24
C23 SQD EF . 44.07 -68.78 -30.44
O10 SQD EF . 43.47 -67.73 -30.60
C24 SQD EF . 44.32 -69.83 -31.50
C25 SQD EF . 45.82 -70.07 -31.70
C26 SQD EF . 46.11 -71.16 -32.74
C27 SQD EF . 45.93 -70.64 -34.18
C28 SQD EF . 46.86 -69.46 -34.48
C29 SQD EF . 48.34 -69.83 -34.42
C30 SQD EF . 48.77 -70.73 -35.58
C31 SQD EF . 48.51 -70.08 -36.95
C32 SQD EF . 48.85 -71.04 -38.10
C33 SQD EF . 49.02 -70.30 -39.43
C34 SQD EF . 47.67 -70.02 -40.10
C35 SQD EF . 47.50 -70.80 -41.41
C36 SQD EF . 46.46 -70.14 -42.32
C37 SQD EF . 46.18 -70.99 -43.57
C38 SQD EF . 45.24 -70.28 -44.54
C1 SQD EF . 42.56 -65.92 -25.10
C2 SQD EF . 41.38 -66.91 -24.95
O2 SQD EF . 40.55 -66.87 -26.05
C3 SQD EF . 40.59 -66.53 -23.67
O3 SQD EF . 39.74 -67.61 -23.42
C4 SQD EF . 41.53 -66.32 -22.45
O4 SQD EF . 40.76 -65.80 -21.41
C5 SQD EF . 42.70 -65.38 -22.84
C6 SQD EF . 43.69 -65.27 -21.71
O5 SQD EF . 43.36 -65.97 -23.95
S SQD EF . 43.70 -63.67 -20.87
O7 SQD EF . 42.58 -63.00 -21.46
O8 SQD EF . 43.52 -64.04 -19.50
O9 SQD EF . 44.96 -63.08 -21.18
C4 LMK FF . 57.01 -67.35 -63.93
C5 LMK FF . 56.39 -64.49 -64.55
C6 LMK FF . 57.77 -64.92 -62.63
C7 LMK FF . 51.68 -67.03 -63.01
C8 LMK FF . 50.74 -66.45 -61.97
C10 LMK FF . 49.63 -68.52 -61.59
C1 LMK FF . 53.88 -67.87 -63.29
C11 LMK FF . 49.32 -68.70 -60.11
C12 LMK FF . 47.89 -69.18 -59.89
C2 LMK FF . 54.59 -66.61 -63.80
C3 LMK FF . 56.00 -66.47 -63.19
C9 LMK FF . 50.52 -64.97 -62.29
O1 LMK FF . 52.87 -67.48 -62.36
O2 LMK FF . 57.28 -68.51 -63.14
O3 LMK FF . 56.52 -67.74 -65.21
C13 LMK FF . 47.61 -69.47 -58.41
C14 LMK FF . 46.17 -69.95 -58.24
C15 LMK FF . 45.85 -70.34 -56.80
C28 LMK FF . 49.93 -63.84 -60.29
C29 LMK FF . 48.85 -62.93 -59.73
C30 LMK FF . 49.07 -62.61 -58.26
C31 LMK FF . 47.86 -61.93 -57.64
C32 LMK FF . 46.89 -62.94 -57.03
C33 LMK FF . 46.06 -62.30 -55.94
C34 LMK FF . 45.32 -63.34 -55.11
C46 LMK FF . 55.50 -64.27 -62.34
N4 LMK FF . 56.42 -65.04 -63.18
O10 LMK FF . 51.11 -63.07 -60.55
O7 LMK FF . 49.50 -67.15 -61.98
O8 LMK FF . 49.48 -64.42 -61.50
O9 LMK FF . 48.72 -69.31 -62.36
C16 LMK FF . 44.32 -62.65 -54.18
C17 LMK FF . 43.47 -63.65 -53.42
C18 LMK FF . 42.19 -62.95 -52.93
C19 LMK FF . 41.50 -63.75 -51.85
C20 LMK FF . 40.26 -63.00 -51.35
C21 LMK FF . 39.84 -63.48 -49.97
C27 LMK FF . 44.48 -71.00 -56.74
C35 LMK FF . 44.18 -71.60 -55.38
C36 LMK FF . 43.75 -70.52 -54.38
C BCT GF . 3.81 -27.83 -33.66
O1 BCT GF . 4.86 -27.91 -33.06
O2 BCT GF . 2.63 -27.80 -33.32
O3 BCT GF . 4.00 -27.96 -35.08
MG CLA HF . 20.01 -15.49 -57.25
CHA CLA HF . 16.83 -14.74 -58.38
CHB CLA HF . 18.74 -16.55 -54.24
CHC CLA HF . 23.08 -16.27 -56.37
CHD CLA HF . 21.24 -14.47 -60.39
NA CLA HF . 17.99 -15.65 -56.38
C1A CLA HF . 16.86 -15.30 -56.97
C2A CLA HF . 15.67 -15.53 -56.10
C3A CLA HF . 16.31 -16.02 -54.81
C4A CLA HF . 17.76 -16.10 -55.14
CMA CLA HF . 15.95 -15.21 -53.58
CAA CLA HF . 14.85 -16.64 -56.75
CBA CLA HF . 14.18 -17.63 -55.81
CGA CLA HF . 12.83 -17.94 -56.40
O1A CLA HF . 11.88 -18.13 -55.66
O2A CLA HF . 12.71 -18.02 -57.71
NB CLA HF . 20.80 -16.30 -55.56
C1B CLA HF . 20.14 -16.64 -54.41
C2B CLA HF . 21.09 -17.13 -53.45
C3B CLA HF . 22.31 -17.05 -54.04
C4B CLA HF . 22.11 -16.51 -55.40
CMB CLA HF . 20.79 -17.61 -52.05
CAB CLA HF . 23.60 -17.43 -53.40
CBB CLA HF . 24.67 -18.26 -54.06
NC CLA HF . 21.86 -15.42 -58.24
C1C CLA HF . 23.00 -15.70 -57.66
C2C CLA HF . 24.16 -15.36 -58.51
C3C CLA HF . 23.62 -14.85 -59.66
C4C CLA HF . 22.17 -14.89 -59.47
CMC CLA HF . 25.61 -15.52 -58.22
CAC CLA HF . 24.36 -14.32 -60.85
CBC CLA HF . 24.35 -12.80 -60.84
ND CLA HF . 19.32 -14.79 -58.98
C1D CLA HF . 19.86 -14.41 -60.16
C2D CLA HF . 18.86 -13.93 -61.11
C3D CLA HF . 17.68 -14.07 -60.40
C4D CLA HF . 17.97 -14.58 -59.13
CMD CLA HF . 18.91 -13.42 -62.51
CAD CLA HF . 16.26 -13.85 -60.51
OBD CLA HF . 15.72 -13.18 -61.36
CBD CLA HF . 15.66 -14.21 -59.19
CGD CLA HF . 15.17 -13.00 -58.46
O1D CLA HF . 15.90 -12.04 -58.30
O2D CLA HF . 13.94 -12.98 -57.96
CED CLA HF . 13.10 -11.89 -58.33
C1 CLA HF . 11.80 -19.01 -58.26
C2 CLA HF . 10.57 -18.63 -59.05
C3 CLA HF . 9.35 -18.85 -58.55
C4 CLA HF . 9.17 -19.43 -57.19
C5 CLA HF . 8.09 -18.49 -59.33
C6 CLA HF . 6.92 -19.38 -58.94
C7 CLA HF . 6.90 -20.68 -59.72
C8 CLA HF . 5.98 -21.74 -59.11
C9 CLA HF . 5.87 -21.64 -57.60
C10 CLA HF . 6.51 -23.12 -59.50
C11 CLA HF . 5.48 -23.92 -60.28
C12 CLA HF . 5.83 -25.41 -60.23
C13 CLA HF . 4.95 -26.19 -61.19
C14 CLA HF . 4.25 -27.33 -60.46
C15 CLA HF . 5.80 -26.72 -62.35
C16 CLA HF . 6.86 -27.68 -61.84
C17 CLA HF . 7.84 -28.05 -62.94
C18 CLA HF . 8.14 -29.54 -62.92
C19 CLA HF . 6.99 -30.33 -63.53
C20 CLA HF . 9.46 -29.84 -63.61
MG CLA IF . -6.73 -20.25 -73.20
CHA CLA IF . -4.65 -18.15 -75.00
CHB CLA IF . -6.90 -17.96 -70.63
CHC CLA IF . -8.81 -22.30 -71.63
CHD CLA IF . -6.54 -22.59 -75.84
NA CLA IF . -5.88 -18.25 -72.83
C1A CLA IF . -5.08 -17.58 -73.67
C2A CLA IF . -4.67 -16.24 -73.10
C3A CLA IF . -5.37 -16.23 -71.74
C4A CLA IF . -6.10 -17.54 -71.71
CMA CLA IF . -4.58 -15.78 -70.52
CAA CLA IF . -5.27 -15.10 -73.92
CBA CLA IF . -6.70 -15.39 -74.37
CGA CLA IF . -7.20 -14.26 -75.24
O1A CLA IF . -6.60 -13.19 -75.24
O2A CLA IF . -8.29 -14.43 -75.98
NB CLA IF . -7.71 -20.14 -71.41
C1B CLA IF . -7.65 -19.14 -70.48
C2B CLA IF . -8.45 -19.50 -69.34
C3B CLA IF . -8.98 -20.73 -69.64
C4B CLA IF . -8.50 -21.11 -70.95
CMB CLA IF . -8.67 -18.69 -68.09
CAB CLA IF . -9.88 -21.53 -68.79
CBB CLA IF . -11.35 -21.65 -69.15
NC CLA IF . -7.58 -22.12 -73.69
C1C CLA IF . -8.39 -22.79 -72.89
C2C CLA IF . -8.78 -24.11 -73.45
C3C CLA IF . -8.16 -24.16 -74.67
C4C CLA IF . -7.40 -22.91 -74.80
CMC CLA IF . -9.68 -25.14 -72.83
CAC CLA IF . -8.20 -25.28 -75.67
CBC CLA IF . -9.17 -24.96 -76.79
ND CLA IF . -5.88 -20.43 -74.98
C1D CLA IF . -5.84 -21.37 -75.96
C2D CLA IF . -4.98 -20.97 -77.07
C3D CLA IF . -4.52 -19.71 -76.68
C4D CLA IF . -5.07 -19.40 -75.44
CMD CLA IF . -4.57 -21.62 -78.37
CAD CLA IF . -3.68 -18.62 -77.12
OBD CLA IF . -2.89 -18.66 -78.04
CBD CLA IF . -3.73 -17.58 -76.05
CGD CLA IF . -2.35 -17.42 -75.47
O1D CLA IF . -1.98 -18.14 -74.56
O2D CLA IF . -1.52 -16.51 -75.94
CED CLA IF . -0.29 -17.01 -76.48
C1 CLA IF . -9.59 -13.96 -75.52
C2 CLA IF . -10.41 -14.73 -74.50
C3 CLA IF . -11.54 -14.21 -73.99
C4 CLA IF . -12.04 -12.85 -74.40
C5 CLA IF . -12.38 -14.94 -72.98
C6 CLA IF . -13.79 -15.12 -73.54
C7 CLA IF . -14.87 -14.65 -72.55
C8 CLA IF . -15.98 -13.90 -73.28
C9 CLA IF . -15.92 -12.42 -72.94
C10 CLA IF . -17.33 -14.51 -72.91
C11 CLA IF . -18.45 -14.12 -73.88
C12 CLA IF . -19.65 -15.04 -73.72
C13 CLA IF . -20.98 -14.32 -73.90
C14 CLA IF . -21.87 -14.57 -72.68
C15 CLA IF . -21.62 -14.80 -75.22
C16 CLA IF . -23.15 -14.68 -75.25
C17 CLA IF . -23.59 -13.30 -75.73
C18 CLA IF . -24.54 -13.40 -76.90
C19 CLA IF . -25.74 -14.30 -76.58
C20 CLA IF . -25.01 -12.01 -77.33
C1 BCR JF . -2.38 -28.02 -76.81
C2 BCR JF . -2.52 -26.85 -77.79
C3 BCR JF . -1.53 -25.72 -77.56
C4 BCR JF . -0.12 -26.29 -77.46
C5 BCR JF . -0.05 -27.32 -76.38
C6 BCR JF . -1.15 -27.91 -75.93
C7 BCR JF . -1.22 -28.44 -74.55
C8 BCR JF . -1.03 -29.71 -74.23
C9 BCR JF . -1.10 -30.28 -72.90
C10 BCR JF . -0.67 -31.63 -72.60
C11 BCR JF . 0.36 -32.43 -72.03
C33 BCR JF . 1.31 -27.68 -75.85
C31 BCR JF . -2.27 -29.33 -77.59
C32 BCR JF . -3.63 -28.04 -75.94
C34 BCR JF . -1.66 -29.42 -71.81
C12 BCR JF . 1.22 -33.16 -71.57
C13 BCR JF . 2.07 -33.72 -70.58
C14 BCR JF . 3.20 -34.35 -71.02
C15 BCR JF . 4.19 -34.99 -70.21
C16 BCR JF . 5.45 -35.47 -70.11
C17 BCR JF . 5.95 -36.04 -69.05
C18 BCR JF . 7.10 -36.75 -68.98
C19 BCR JF . 7.64 -37.39 -67.75
C20 BCR JF . 8.69 -38.06 -67.30
C21 BCR JF . 9.97 -38.67 -67.47
C22 BCR JF . 10.74 -39.30 -66.54
C23 BCR JF . 10.38 -39.47 -65.13
C24 BCR JF . 11.18 -40.23 -64.11
C25 BCR JF . 10.78 -40.37 -62.70
C26 BCR JF . 11.13 -39.44 -61.82
C27 BCR JF . 10.14 -39.03 -60.76
C28 BCR JF . 9.45 -40.25 -60.14
C29 BCR JF . 9.92 -41.59 -60.70
C30 BCR JF . 10.00 -41.60 -62.23
C35 BCR JF . 1.73 -33.66 -69.12
C36 BCR JF . 7.91 -36.88 -70.22
C37 BCR JF . 12.05 -39.85 -66.99
C38 BCR JF . 12.48 -38.77 -61.86
C39 BCR JF . 8.61 -41.63 -62.85
C40 BCR JF . 10.79 -42.84 -62.62
C2 PL9 KF . 14.99 -23.04 -32.73
C3 PL9 KF . 15.44 -22.07 -31.89
C4 PL9 KF . 14.81 -21.85 -30.62
C5 PL9 KF . 13.68 -22.69 -30.27
C6 PL9 KF . 13.24 -23.68 -31.13
C1 PL9 KF . 13.90 -23.87 -32.38
C7 PL9 KF . 16.58 -21.24 -32.30
C8 PL9 KF . 16.43 -20.56 -33.62
C9 PL9 KF . 17.19 -19.53 -34.00
C10 PL9 KF . 17.95 -18.72 -33.04
C11 PL9 KF . 17.61 -19.46 -35.42
C12 PL9 KF . 17.81 -18.01 -35.85
C13 PL9 KF . 18.47 -18.03 -37.16
C14 PL9 KF . 19.34 -17.11 -37.56
C15 PL9 KF . 20.71 -17.04 -37.02
C16 PL9 KF . 19.11 -16.25 -38.76
C17 PL9 KF . 17.67 -15.83 -39.00
C18 PL9 KF . 17.56 -15.11 -40.33
C19 PL9 KF . 17.67 -13.80 -40.54
C20 PL9 KF . 17.90 -12.83 -39.46
C21 PL9 KF . 17.63 -13.31 -41.95
C22 PL9 KF . 16.79 -12.03 -42.11
C23 PL9 KF . 16.62 -11.79 -43.57
C24 PL9 KF . 15.64 -11.00 -44.04
C25 PL9 KF . 14.65 -10.33 -43.18
C26 PL9 KF . 15.51 -10.84 -45.50
C27 PL9 KF . 15.71 -9.38 -45.87
C28 PL9 KF . 17.14 -9.04 -45.65
C29 PL9 KF . 17.52 -8.07 -44.83
C30 PL9 KF . 16.57 -7.09 -44.28
C31 PL9 KF . 18.93 -7.73 -44.61
C32 PL9 KF . 19.86 -8.31 -45.67
C33 PL9 KF . 21.18 -8.38 -45.01
C34 PL9 KF . 22.32 -8.50 -45.68
C35 PL9 KF . 22.38 -8.87 -47.09
C36 PL9 KF . 23.50 -7.85 -45.08
C37 PL9 KF . 24.02 -8.69 -43.93
C38 PL9 KF . 25.48 -8.47 -43.90
C39 PL9 KF . 26.06 -7.56 -43.12
C40 PL9 KF . 25.45 -7.15 -41.86
C41 PL9 KF . 27.23 -6.84 -43.65
C42 PL9 KF . 28.47 -7.39 -42.98
C43 PL9 KF . 29.62 -6.51 -43.28
C44 PL9 KF . 30.86 -6.96 -43.38
C45 PL9 KF . 31.14 -8.31 -43.92
C46 PL9 KF . 31.92 -6.46 -42.50
C47 PL9 KF . 32.21 -7.41 -41.36
C48 PL9 KF . 33.61 -7.15 -40.98
C49 PL9 KF . 33.93 -6.42 -39.94
C50 PL9 KF . 35.18 -5.62 -40.04
C51 PL9 KF . 33.00 -6.06 -38.85
C52 PL9 KF . 13.04 -22.47 -28.98
C53 PL9 KF . 12.13 -24.55 -30.85
O1 PL9 KF . 15.25 -20.95 -29.89
O2 PL9 KF . 13.55 -24.74 -33.21
O1 LHG LF . 3.18 -10.55 -35.21
C1 LHG LF . 2.81 -11.77 -35.84
C2 LHG LF . 1.55 -12.32 -35.19
O2 LHG LF . 1.26 -13.63 -35.71
C3 LHG LF . 0.36 -11.39 -35.47
O3 LHG LF . 0.81 -10.28 -36.22
P LHG LF . 0.22 -9.98 -37.70
O4 LHG LF . -0.42 -11.23 -38.23
O5 LHG LF . -0.55 -8.69 -37.66
O6 LHG LF . 1.58 -9.72 -38.52
C4 LHG LF . 1.57 -8.92 -39.69
C5 LHG LF . 2.87 -9.15 -40.44
C6 LHG LF . 2.53 -9.98 -41.67
O7 LHG LF . 3.43 -7.90 -40.82
C7 LHG LF . 4.74 -7.76 -40.58
O9 LHG LF . 5.52 -8.63 -40.93
C8 LHG LF . 5.27 -6.51 -39.93
C9 LHG LF . 5.91 -5.61 -40.97
C10 LHG LF . 7.33 -5.21 -40.60
O8 LHG LF . 3.71 -10.39 -42.37
C23 LHG LF . 3.92 -9.97 -43.61
O10 LHG LF . 3.25 -9.04 -44.04
C24 LHG LF . 4.96 -10.63 -44.47
C11 LHG LF . 8.10 -4.77 -41.84
C12 LHG LF . 9.59 -5.06 -41.72
C13 LHG LF . 10.21 -5.22 -43.10
C14 LHG LF . 11.59 -4.60 -43.20
C15 LHG LF . 12.55 -5.56 -43.89
C16 LHG LF . 12.95 -5.05 -45.27
C17 LHG LF . 13.91 -3.88 -45.18
C25 LHG LF . 6.09 -9.64 -44.75
C26 LHG LF . 6.13 -9.24 -46.21
C27 LHG LF . 7.46 -8.62 -46.58
C28 LHG LF . 7.31 -7.56 -47.66
C29 LHG LF . 7.21 -6.16 -47.06
C30 LHG LF . 7.65 -5.10 -48.05
C31 LHG LF . 8.70 -4.18 -47.44
C32 LHG LF . 8.11 -2.82 -47.09
C33 LHG LF . 7.78 -2.72 -45.60
C34 LHG LF . 6.59 -1.81 -45.36
C35 LHG LF . 6.36 -1.57 -43.88
C36 LHG LF . 5.18 -2.39 -43.34
C37 LHG LF . 4.51 -1.67 -42.18
C38 LHG LF . 3.76 -2.62 -41.29
O1 LHG MF . 9.70 -11.16 -25.75
C1 LHG MF . 8.49 -11.71 -26.30
C2 LHG MF . 8.66 -11.91 -27.79
O2 LHG MF . 7.48 -11.47 -28.47
C3 LHG MF . 8.90 -13.38 -28.09
O3 LHG MF . 10.12 -13.50 -28.83
P LHG MF . 11.49 -13.87 -28.08
O4 LHG MF . 11.51 -13.22 -26.72
O5 LHG MF . 11.70 -15.36 -28.22
O6 LHG MF . 12.57 -13.13 -29.01
C4 LHG MF . 13.95 -13.08 -28.67
C5 LHG MF . 14.68 -12.45 -29.85
C6 LHG MF . 15.32 -11.12 -29.42
O7 LHG MF . 15.69 -13.31 -30.35
C7 LHG MF . 15.43 -13.65 -31.62
O9 LHG MF . 14.85 -12.87 -32.34
C8 LHG MF . 15.84 -14.99 -32.16
C9 LHG MF . 17.33 -14.96 -32.48
C10 LHG MF . 17.59 -14.89 -33.98
O8 LHG MF . 15.84 -10.47 -30.58
C23 LHG MF . 17.14 -10.51 -30.83
O10 LHG MF . 17.88 -11.02 -30.01
C24 LHG MF . 17.67 -9.94 -32.12
C11 LHG MF . 18.99 -14.37 -34.26
C12 LHG MF . 19.11 -13.86 -35.69
C13 LHG MF . 20.55 -13.50 -36.04
C14 LHG MF . 20.64 -12.07 -36.58
C15 LHG MF . 21.93 -11.88 -37.39
C16 LHG MF . 22.85 -10.86 -36.74
C17 LHG MF . 23.97 -10.46 -37.69
C18 LHG MF . 24.89 -9.43 -37.04
C19 LHG MF . 25.43 -8.46 -38.08
C20 LHG MF . 26.68 -9.02 -38.74
C21 LHG MF . 27.92 -8.32 -38.19
C22 LHG MF . 28.21 -7.05 -38.96
C25 LHG MF . 19.19 -9.88 -32.06
C26 LHG MF . 19.81 -11.05 -32.81
C27 LHG MF . 21.13 -11.47 -32.16
C28 LHG MF . 22.15 -11.87 -33.22
C29 LHG MF . 22.91 -13.14 -32.84
C30 LHG MF . 23.96 -12.86 -31.77
C31 LHG MF . 25.35 -12.70 -32.37
C32 LHG MF . 26.19 -13.96 -32.17
C33 LHG MF . 27.65 -13.65 -31.84
C34 LHG MF . 28.17 -14.47 -30.68
C35 LHG MF . 27.90 -15.96 -30.87
C36 LHG MF . 29.04 -16.81 -30.32
C37 LHG MF . 28.72 -17.29 -28.91
C38 LHG MF . 30.00 -17.49 -28.12
O1 LHG NF . 15.67 -46.23 -34.90
C1 LHG NF . 16.02 -45.43 -33.76
C2 LHG NF . 17.36 -44.75 -34.03
O2 LHG NF . 17.72 -43.97 -32.88
C3 LHG NF . 17.22 -43.81 -35.20
O3 LHG NF . 15.90 -43.28 -35.22
P LHG NF . 15.56 -41.91 -34.42
O4 LHG NF . 14.52 -42.22 -33.38
O5 LHG NF . 16.86 -41.24 -34.03
O6 LHG NF . 14.88 -41.06 -35.59
C4 LHG NF . 14.81 -39.65 -35.48
C5 LHG NF . 15.73 -39.05 -36.52
C6 LHG NF . 16.71 -38.12 -35.82
O7 LHG NF . 16.48 -40.10 -37.12
C7 LHG NF . 16.11 -40.36 -38.39
O9 LHG NF . 14.95 -40.22 -38.73
C8 LHG NF . 17.16 -40.83 -39.38
C9 LHG NF . 16.56 -41.67 -40.49
C10 LHG NF . 17.26 -41.37 -41.80
O8 LHG NF . 16.55 -36.80 -36.33
C23 LHG NF . 17.58 -35.99 -36.48
O10 LHG NF . 18.71 -36.43 -36.43
C24 LHG NF . 17.34 -34.52 -36.74
C11 LHG NF . 17.63 -42.65 -42.55
C12 LHG NF . 18.68 -42.39 -43.62
C13 LHG NF . 18.21 -41.35 -44.63
C25 LHG NF . 17.52 -34.26 -38.22
C26 LHG NF . 18.73 -33.39 -38.48
C27 LHG NF . 19.93 -34.24 -38.85
C28 LHG NF . 20.02 -34.40 -40.36
C29 LHG NF . 20.69 -35.70 -40.75
C30 LHG NF . 19.92 -36.90 -40.23
C31 LHG NF . 19.79 -37.99 -41.30
C32 LHG NF . 21.07 -38.19 -42.10
C33 LHG NF . 20.76 -38.59 -43.54
C34 LHG NF . 21.95 -39.29 -44.17
C35 LHG NF . 21.70 -39.66 -45.62
C36 LHG NF . 22.98 -39.64 -46.44
C37 LHG NF . 22.69 -39.54 -47.93
C1 LMG OF . 17.53 -37.49 -73.89
O1 LMG OF . 17.02 -37.96 -72.65
C2 LMG OF . 19.03 -37.70 -73.95
O2 LMG OF . 19.66 -37.09 -72.82
C3 LMG OF . 19.55 -37.09 -75.25
O3 LMG OF . 20.96 -37.28 -75.36
C4 LMG OF . 18.84 -37.73 -76.43
O4 LMG OF . 19.25 -39.09 -76.55
C5 LMG OF . 17.33 -37.66 -76.24
O5 LMG OF . 16.97 -37.64 -78.60
C6 LMG OF . 16.61 -38.33 -77.39
O6 LMG OF . 16.95 -38.22 -74.98
C7 LMG OF . 15.62 -37.69 -72.53
C8 LMG OF . 15.34 -37.27 -71.09
C9 LMG OF . 13.83 -37.18 -70.83
O7 LMG OF . 15.92 -38.21 -70.19
C10 LMG OF . 16.69 -37.63 -69.25
O9 LMG OF . 16.73 -36.41 -69.17
C11 LMG OF . 17.48 -38.45 -68.28
C12 LMG OF . 17.11 -38.02 -66.87
C13 LMG OF . 15.61 -38.11 -66.67
C14 LMG OF . 15.07 -36.86 -65.98
C15 LMG OF . 15.45 -36.84 -64.50
C16 LMG OF . 14.88 -35.59 -63.85
C17 LMG OF . 14.68 -35.79 -62.35
C18 LMG OF . 16.00 -36.07 -61.68
C19 LMG OF . 16.08 -36.15 -60.36
C20 LMG OF . 14.86 -35.97 -59.48
C21 LMG OF . 15.16 -36.46 -58.08
C22 LMG OF . 14.59 -35.89 -57.02
C23 LMG OF . 13.63 -34.73 -57.19
C24 LMG OF . 13.54 -33.97 -55.89
C25 LMG OF . 12.88 -32.82 -55.84
O8 LMG OF . 13.62 -36.56 -69.56
C28 LMG OF . 12.41 -36.20 -69.19
O10 LMG OF . 11.45 -36.48 -69.90
C29 LMG OF . 12.19 -35.46 -67.88
C30 LMG OF . 10.72 -35.09 -67.74
C31 LMG OF . 10.32 -35.01 -66.28
C32 LMG OF . 10.29 -33.58 -65.77
C33 LMG OF . 9.58 -33.49 -64.43
C34 LMG OF . 10.22 -34.39 -63.39
C35 LMG OF . 11.55 -33.83 -62.92
C36 LMG OF . 11.31 -32.57 -62.11
C37 LMG OF . 12.32 -31.86 -61.60
C38 LMG OF . 13.76 -32.28 -61.82
CHA HEM PF . -8.67 -46.45 -63.64
CHB HEM PF . -9.54 -47.10 -68.35
CHC HEM PF . -5.13 -45.32 -69.29
CHD HEM PF . -4.02 -45.50 -64.57
C1A HEM PF . -9.28 -46.82 -64.82
C2A HEM PF . -10.55 -47.50 -64.95
C3A HEM PF . -10.79 -47.68 -66.25
C4A HEM PF . -9.68 -47.12 -66.98
CMA HEM PF . -12.02 -48.36 -66.87
CAA HEM PF . -11.45 -47.94 -63.77
CBA HEM PF . -10.88 -49.22 -63.18
CGA HEM PF . -11.33 -49.39 -61.75
O1A HEM PF . -12.00 -48.47 -61.22
O2A HEM PF . -11.03 -50.44 -61.14
C1B HEM PF . -8.44 -46.63 -69.03
C2B HEM PF . -8.32 -46.48 -70.46
C3B HEM PF . -7.12 -46.00 -70.74
C4B HEM PF . -6.41 -45.80 -69.48
CMB HEM PF . -9.41 -46.84 -71.49
CAB HEM PF . -6.68 -45.72 -72.20
CBB HEM PF . -5.47 -45.30 -72.57
C1C HEM PF . -4.42 -45.31 -68.10
C2C HEM PF . -2.99 -45.15 -67.99
C3C HEM PF . -2.65 -45.20 -66.70
C4C HEM PF . -3.88 -45.39 -65.93
CMC HEM PF . -2.01 -44.95 -69.16
CAC HEM PF . -1.18 -45.06 -66.22
CBC HEM PF . -0.80 -44.99 -64.94
C1D HEM PF . -5.20 -45.77 -63.90
C2D HEM PF . -5.36 -45.87 -62.46
C3D HEM PF . -6.64 -46.14 -62.21
C4D HEM PF . -7.34 -46.20 -63.46
CMD HEM PF . -4.25 -45.73 -61.40
CAD HEM PF . -7.28 -46.34 -60.82
CBD HEM PF . -8.08 -45.08 -60.45
CGD HEM PF . -9.45 -45.48 -59.98
O1D HEM PF . -9.80 -46.68 -60.10
O2D HEM PF . -10.20 -44.59 -59.49
NA HEM PF . -8.78 -46.60 -66.08
NB HEM PF . -7.25 -46.20 -68.47
NC HEM PF . -4.93 -45.46 -66.83
ND HEM PF . -6.43 -45.98 -64.48
FE HEM PF . -6.83 -46.14 -66.47
C1 RRX QF . -13.83 -0.85 -86.98
C2 RRX QF . -14.59 0.11 -88.10
O2 RRX QF . -16.79 -4.74 -59.08
C3 RRX QF . -15.13 -0.61 -89.12
C40 RRX QF . -14.72 -1.11 -61.62
C30 RRX QF . -15.60 -2.38 -61.75
C39 RRX QF . -14.83 -3.47 -62.53
C29 RRX QF . -15.87 -3.01 -60.25
C28 RRX QF . -16.65 -4.14 -60.36
C27 RRX QF . -18.15 -3.77 -60.97
C26 RRX QF . -18.06 -3.09 -62.22
C38 RRX QF . -19.26 -3.07 -63.17
C25 RRX QF . -16.85 -2.05 -62.41
C24 RRX QF . -16.94 -1.02 -63.57
C23 RRX QF . -16.43 -1.43 -64.78
C22 RRX QF . -16.33 -0.70 -66.22
C37 RRX QF . -15.06 -0.28 -65.29
C21 RRX QF . -17.40 -0.55 -68.18
C20 RRX QF . -17.63 -0.06 -69.69
C19 RRX QF . -17.57 -0.99 -70.68
C18 RRX QF . -17.76 -0.59 -72.19
C36 RRX QF . -18.43 0.75 -72.55
C17 RRX QF . -17.35 -1.44 -73.17
C16 RRX QF . -17.53 -1.04 -74.64
C15 RRX QF . -16.53 -1.33 -75.53
C14 RRX QF . -16.64 -0.95 -77.02
C13 RRX QF . -16.63 -1.93 -77.97
C35 RRX QF . -16.54 -3.41 -77.54
C12 RRX QF . -16.72 -1.55 -79.47
C11 RRX QF . -16.67 -2.52 -80.42
C10 RRX QF . -16.75 -2.15 -81.90
C9 RRX QF . -15.87 -2.70 -82.77
C34 RRX QF . -14.81 -3.65 -82.28
C8 RRX QF . -15.92 -2.33 -84.28
C7 RRX QF . -14.74 -2.25 -84.97
C6 RRX QF . -14.71 -1.89 -86.49
C32 RRX QF . -12.57 -1.53 -87.69
C31 RRX QF . -13.33 0.03 -85.80
C5 RRX QF . -15.72 -2.55 -87.52
C33 RRX QF . -16.03 -4.05 -87.44
C4 RRX QF . -16.22 -1.74 -88.61
C1 LMG RF . 5.46 -1.95 -76.80
O1 LMG RF . 4.20 -2.63 -76.65
C2 LMG RF . 6.33 -2.65 -77.84
O2 LMG RF . 6.53 -4.02 -77.47
C3 LMG RF . 7.68 -1.94 -77.90
O3 LMG RF . 8.50 -2.52 -78.92
C4 LMG RF . 7.50 -0.45 -78.18
O4 LMG RF . 7.10 -0.26 -79.54
C5 LMG RF . 6.46 0.17 -77.25
O5 LMG RF . 7.31 2.21 -78.19
C6 LMG RF . 6.13 1.56 -77.73
O6 LMG RF . 5.25 -0.60 -77.22
C7 LMG RF . 3.45 -2.08 -75.57
C8 LMG RF . 2.72 -3.18 -74.78
C9 LMG RF . 3.73 -4.24 -74.34
O7 LMG RF . 2.12 -2.57 -73.64
C10 LMG RF . 0.94 -3.11 -73.27
O9 LMG RF . 0.33 -3.85 -74.03
C11 LMG RF . 0.39 -2.79 -71.90
C12 LMG RF . 1.27 -1.75 -71.22
C13 LMG RF . 0.62 -1.17 -69.98
C14 LMG RF . 0.52 -2.20 -68.86
C15 LMG RF . 1.88 -2.79 -68.54
C16 LMG RF . 1.91 -3.41 -67.15
C17 LMG RF . 3.33 -3.75 -66.77
C18 LMG RF . 4.20 -2.54 -67.00
C19 LMG RF . 5.50 -2.69 -67.23
C20 LMG RF . 6.37 -1.48 -67.47
C21 LMG RF . 7.78 -1.96 -67.73
C22 LMG RF . 8.32 -2.88 -66.94
O8 LMG RF . 3.37 -4.91 -73.14
C28 LMG RF . 2.50 -5.92 -73.11
O10 LMG RF . 2.09 -6.38 -74.16
C29 LMG RF . 2.04 -6.48 -71.79
C30 LMG RF . 0.64 -7.05 -71.93
C31 LMG RF . 0.45 -8.17 -70.91
C32 LMG RF . 0.64 -7.66 -69.49
C33 LMG RF . 0.51 -8.80 -68.50
C34 LMG RF . -0.84 -9.49 -68.64
C35 LMG RF . -0.88 -10.80 -67.85
C36 LMG RF . -1.01 -10.50 -66.38
C37 LMG RF . -1.31 -11.49 -65.54
C38 LMG RF . -1.45 -11.21 -64.07
C39 LMG RF . -0.13 -10.72 -63.55
C40 LMG RF . 0.04 -10.43 -62.26
C41 LMG RF . -1.07 -10.59 -61.25
C42 LMG RF . -0.54 -10.15 -59.90
C43 LMG RF . -0.01 -8.94 -59.78
C1 LMG SF . 28.03 -48.65 -76.63
O1 LMG SF . 28.67 -48.97 -75.40
C2 LMG SF . 28.93 -47.74 -77.46
O2 LMG SF . 28.48 -46.39 -77.39
C3 LMG SF . 28.96 -48.19 -78.92
O3 LMG SF . 29.79 -49.36 -79.03
C4 LMG SF . 27.56 -48.52 -79.42
O4 LMG SF . 27.61 -49.01 -80.77
C5 LMG SF . 26.89 -49.56 -78.51
O5 LMG SF . 25.97 -51.77 -78.35
C6 LMG SF . 26.60 -50.85 -79.26
O6 LMG SF . 27.71 -49.83 -77.38
C7 LMG SF . 28.22 -50.20 -74.82
C8 LMG SF . 27.06 -49.98 -73.84
C9 LMG SF . 27.33 -48.73 -72.99
O7 LMG SF . 25.81 -49.88 -74.54
C10 LMG SF . 25.11 -51.03 -74.51
O9 LMG SF . 25.66 -52.08 -74.23
C11 LMG SF . 23.64 -51.03 -74.83
C12 LMG SF . 22.85 -50.90 -73.55
C13 LMG SF . 21.35 -50.84 -73.82
C14 LMG SF . 20.61 -50.27 -72.61
C15 LMG SF . 20.64 -51.21 -71.42
C16 LMG SF . 19.99 -50.53 -70.22
C17 LMG SF . 19.59 -51.51 -69.13
C18 LMG SF . 18.69 -52.58 -69.69
C19 LMG SF . 17.75 -53.17 -68.96
C20 LMG SF . 17.52 -52.80 -67.50
C21 LMG SF . 16.46 -53.73 -66.95
C22 LMG SF . 15.97 -53.60 -65.72
C23 LMG SF . 16.43 -52.51 -64.79
C24 LMG SF . 15.75 -52.68 -63.45
O8 LMG SF . 26.24 -47.82 -73.05
C28 LMG SF . 25.87 -47.16 -71.95
O10 LMG SF . 26.20 -46.00 -71.81
C29 LMG SF . 25.03 -47.86 -70.90
C30 LMG SF . 24.40 -46.82 -69.98
C31 LMG SF . 23.03 -47.28 -69.50
C32 LMG SF . 23.06 -47.76 -68.06
C33 LMG SF . 23.39 -46.61 -67.11
C34 LMG SF . 22.13 -45.98 -66.53
C35 LMG SF . 21.61 -46.79 -65.36
C36 LMG SF . 20.58 -45.97 -64.63
C37 LMG SF . 20.04 -46.40 -63.49
C38 LMG SF . 19.01 -45.55 -62.79
O1 LHG TF . 5.46 -4.05 -31.28
C1 LHG TF . 6.07 -5.04 -30.44
C2 LHG TF . 5.04 -5.63 -29.48
O2 LHG TF . 5.60 -5.69 -28.17
C3 LHG TF . 4.60 -7.03 -29.91
O3 LHG TF . 4.90 -7.25 -31.29
P LHG TF . 5.95 -8.37 -31.77
O4 LHG TF . 6.84 -8.74 -30.60
O5 LHG TF . 5.19 -9.43 -32.52
O6 LHG TF . 6.82 -7.52 -32.82
C4 LHG TF . 8.04 -8.03 -33.35
C5 LHG TF . 8.41 -7.21 -34.59
C6 LHG TF . 9.89 -6.87 -34.52
O7 LHG TF . 8.17 -8.01 -35.74
C7 LHG TF . 7.84 -7.29 -36.82
O9 LHG TF . 7.30 -6.20 -36.70
C8 LHG TF . 8.13 -7.86 -38.18
C9 LHG TF . 8.94 -9.14 -37.99
C10 LHG TF . 10.34 -9.06 -38.60
O8 LHG TF . 10.07 -5.48 -34.30
C23 LHG TF . 10.46 -4.69 -35.30
O10 LHG TF . 10.61 -5.17 -36.41
C24 LHG TF . 10.73 -3.22 -35.07
C11 LHG TF . 10.94 -7.67 -38.51
C12 LHG TF . 12.24 -7.70 -37.69
C13 LHG TF . 13.32 -8.43 -38.45
C14 LHG TF . 14.30 -7.46 -39.08
C15 LHG TF . 15.34 -8.19 -39.92
C16 LHG TF . 16.75 -7.78 -39.52
C17 LHG TF . 17.76 -8.82 -39.96
C18 LHG TF . 19.11 -8.55 -39.32
C19 LHG TF . 20.17 -9.55 -39.78
C20 LHG TF . 20.25 -9.64 -41.29
C21 LHG TF . 21.48 -10.45 -41.70
C22 LHG TF . 21.20 -11.29 -42.92
C25 LHG TF . 11.05 -2.56 -36.41
C26 LHG TF . 11.19 -1.06 -36.25
C27 LHG TF . 11.14 -0.36 -37.61
C28 LHG TF . 12.14 0.78 -37.68
C29 LHG TF . 11.70 1.85 -38.67
C30 LHG TF . 10.32 2.40 -38.32
C31 LHG TF . 10.23 3.90 -38.56
C32 LHG TF . 10.76 4.28 -39.93
C33 LHG TF . 10.99 5.79 -40.03
C34 LHG TF . 10.44 6.32 -41.34
C35 LHG TF . 10.76 7.79 -41.51
C36 LHG TF . 9.61 8.68 -41.06
C37 LHG TF . 9.50 9.94 -41.91
C38 LHG TF . 10.84 10.58 -42.16
MG CHL UF . 91.82 -81.23 2.43
CHA CHL UF . 89.96 -78.94 0.70
CHB CHL UF . 94.01 -78.73 3.27
CHC CHL UF . 93.48 -83.40 4.17
CHD CHL UF . 89.52 -83.71 1.39
NA CHL UF . 91.96 -79.21 2.05
C1A CHL UF . 91.06 -78.42 1.36
C2A CHL UF . 91.47 -76.95 1.41
C3A CHL UF . 92.85 -76.99 1.96
C4A CHL UF . 92.99 -78.41 2.46
CMA CHL UF . 93.97 -76.37 1.12
CAA CHL UF . 90.52 -76.12 2.29
CBA CHL UF . 90.99 -74.69 2.59
CGA CHL UF . 91.28 -73.86 1.38
O1A CHL UF . 90.69 -73.93 0.33
O2A CHL UF . 92.28 -73.02 1.61
NB CHL UF . 93.50 -81.07 3.57
C1B CHL UF . 94.27 -79.99 3.82
C2B CHL UF . 95.33 -80.36 4.69
C3B CHL UF . 95.21 -81.70 4.97
C4B CHL UF . 94.02 -82.14 4.24
CMB CHL UF . 96.40 -79.45 5.19
CAB CHL UF . 96.11 -82.44 5.86
CBB CHL UF . 96.05 -83.88 6.30
NC CHL UF . 91.52 -83.23 2.70
C1C CHL UF . 92.37 -83.91 3.51
C2C CHL UF . 91.93 -85.30 3.56
C3C CHL UF . 90.81 -85.37 2.77
C4C CHL UF . 90.54 -84.08 2.22
CMC CHL UF . 92.49 -86.44 4.25
OMC CHL UF . 93.47 -86.43 4.95
CAC CHL UF . 90.00 -86.61 2.52
CBC CHL UF . 89.02 -86.90 3.62
ND CHL UF . 90.13 -81.40 1.29
C1D CHL UF . 89.32 -82.43 0.92
C2D CHL UF . 88.29 -81.95 0.06
C3D CHL UF . 88.50 -80.60 -0.07
C4D CHL UF . 89.63 -80.27 0.70
CMD CHL UF . 87.23 -82.80 -0.57
CAD CHL UF . 87.99 -79.36 -0.64
OBD CHL UF . 87.05 -79.21 -1.38
CBD CHL UF . 88.88 -78.22 -0.14
CGD CHL UF . 89.38 -77.35 -1.28
O1D CHL UF . 89.37 -76.14 -1.26
O2D CHL UF . 89.82 -78.08 -2.29
CED CHL UF . 90.34 -77.33 -3.42
C1 CHL UF . 92.82 -72.11 0.62
C2 CHL UF . 94.22 -72.52 0.33
C3 CHL UF . 95.25 -71.69 0.43
C4 CHL UF . 95.13 -70.24 0.80
C5 CHL UF . 96.67 -72.19 0.21
C6 CHL UF . 97.65 -71.13 -0.26
C7 CHL UF . 97.65 -70.94 -1.76
C8 CHL UF . 98.67 -69.91 -2.28
C9 CHL UF . 100.10 -70.33 -1.93
C10 CHL UF . 98.46 -69.84 -3.78
C11 CHL UF . 99.05 -68.61 -4.47
C12 CHL UF . 98.36 -67.31 -4.11
C13 CHL UF . 98.58 -66.18 -5.11
C14 CHL UF . 100.07 -65.98 -5.40
C15 CHL UF . 97.89 -64.85 -4.87
C16 CHL UF . 97.75 -63.97 -6.10
C17 CHL UF . 96.88 -62.74 -5.89
C18 CHL UF . 96.63 -61.88 -7.12
C19 CHL UF . 97.89 -61.19 -7.63
C20 CHL UF . 96.00 -62.70 -8.23
MG CLA VF . 80.70 -76.01 -1.17
CHA CLA VF . 80.13 -77.49 1.89
CHB CLA VF . 77.86 -74.06 -0.81
CHC CLA VF . 81.43 -74.56 -4.05
CHD CLA VF . 83.66 -77.92 -1.47
NA CLA VF . 79.14 -75.77 0.37
C1A CLA VF . 79.09 -76.46 1.52
C2A CLA VF . 77.90 -76.08 2.34
C3A CLA VF . 77.18 -75.05 1.46
C4A CLA VF . 78.09 -74.93 0.27
CMA CLA VF . 75.69 -75.21 1.26
CAA CLA VF . 78.36 -75.33 3.59
CBA CLA VF . 79.54 -74.37 3.37
CGA CLA VF . 79.09 -72.94 3.36
O1A CLA VF . 78.09 -72.63 3.99
O2A CLA VF . 79.79 -72.03 2.69
NB CLA VF . 79.79 -74.54 -2.26
C1B CLA VF . 78.63 -73.88 -1.97
C2B CLA VF . 78.33 -72.94 -3.04
C3B CLA VF . 79.34 -73.10 -3.95
C4B CLA VF . 80.26 -74.11 -3.43
CMB CLA VF . 77.14 -72.04 -3.10
CAB CLA VF . 79.56 -72.42 -5.25
CBB CLA VF . 79.46 -70.92 -5.42
NC CLA VF . 82.28 -76.23 -2.55
C1C CLA VF . 82.38 -75.53 -3.67
C2C CLA VF . 83.60 -75.88 -4.44
C3C CLA VF . 84.21 -76.84 -3.70
C4C CLA VF . 83.37 -77.06 -2.52
CMC CLA VF . 84.07 -75.30 -5.73
CAC CLA VF . 85.49 -77.55 -4.04
CBC CLA VF . 86.65 -76.75 -3.48
ND CLA VF . 81.71 -77.36 -0.14
C1D CLA VF . 82.86 -78.07 -0.31
C2D CLA VF . 83.13 -78.96 0.81
C3D CLA VF . 82.05 -78.72 1.66
C4D CLA VF . 81.22 -77.77 1.08
CMD CLA VF . 84.22 -79.94 1.14
CAD CLA VF . 81.49 -79.12 2.93
OBD CLA VF . 82.08 -79.69 3.82
CBD CLA VF . 80.18 -78.39 3.09
CGD CLA VF . 79.09 -79.41 3.02
O1D CLA VF . 78.45 -79.72 4.02
O2D CLA VF . 78.79 -80.00 1.87
CED CLA VF . 77.40 -80.06 1.57
C1 CLA VF . 79.13 -70.92 2.02
C2 CLA VF . 79.15 -70.77 0.51
C3 CLA VF . 79.20 -69.57 -0.07
C4 CLA VF . 79.22 -68.30 0.73
C5 CLA VF . 79.23 -69.38 -1.57
C6 CLA VF . 80.66 -69.58 -2.05
C7 CLA VF . 81.07 -68.58 -3.13
C8 CLA VF . 82.18 -67.65 -2.66
C9 CLA VF . 81.70 -66.69 -1.59
C10 CLA VF . 82.73 -66.87 -3.85
C11 CLA VF . 84.26 -66.85 -3.86
C12 CLA VF . 84.84 -68.26 -3.96
C13 CLA VF . 86.34 -68.27 -3.70
C14 CLA VF . 86.68 -67.50 -2.42
C15 CLA VF . 87.08 -67.75 -4.93
C16 CLA VF . 88.40 -67.05 -4.61
C17 CLA VF . 89.60 -67.99 -4.71
C18 CLA VF . 90.52 -67.59 -5.86
C19 CLA VF . 91.15 -66.23 -5.62
C20 CLA VF . 91.58 -68.65 -6.10
MG CLA WF . 77.55 -67.81 -9.19
CHA CLA WF . 74.94 -66.97 -7.09
CHB CLA WF . 79.79 -67.59 -6.58
CHC CLA WF . 79.93 -68.70 -11.29
CHD CLA WF . 75.24 -67.99 -11.87
NA CLA WF . 77.41 -67.35 -7.03
C1A CLA WF . 76.29 -67.04 -6.39
C2A CLA WF . 76.53 -66.76 -4.93
C3A CLA WF . 78.06 -66.94 -4.82
C4A CLA WF . 78.46 -67.33 -6.20
CMA CLA WF . 78.85 -65.87 -4.08
CAA CLA WF . 75.92 -67.87 -4.10
CBA CLA WF . 74.80 -67.39 -3.19
CGA CLA WF . 75.29 -66.28 -2.31
O1A CLA WF . 76.23 -66.49 -1.55
O2A CLA WF . 74.69 -65.10 -2.36
NB CLA WF . 79.54 -68.11 -8.96
C1B CLA WF . 80.31 -67.95 -7.85
C2B CLA WF . 81.69 -68.21 -8.17
C3B CLA WF . 81.71 -68.51 -9.49
C4B CLA WF . 80.35 -68.44 -9.98
CMB CLA WF . 82.88 -68.15 -7.24
CAB CLA WF . 82.90 -68.85 -10.31
CBB CLA WF . 83.38 -67.90 -11.37
NC CLA WF . 77.57 -68.35 -11.22
C1C CLA WF . 78.66 -68.67 -11.89
C2C CLA WF . 78.40 -68.99 -13.31
C3C CLA WF . 77.06 -68.82 -13.44
C4C CLA WF . 76.54 -68.42 -12.14
CMC CLA WF . 79.40 -69.41 -14.36
CAC CLA WF . 76.25 -69.04 -14.69
CBC CLA WF . 75.75 -70.47 -14.61
ND CLA WF . 75.61 -67.54 -9.52
C1D CLA WF . 74.77 -67.67 -10.58
C2D CLA WF . 73.39 -67.43 -10.21
C3D CLA WF . 73.47 -67.16 -8.84
C4D CLA WF . 74.80 -67.24 -8.45
CMD CLA WF . 72.09 -67.43 -10.96
CAD CLA WF . 72.65 -66.85 -7.69
OBD CLA WF . 71.54 -67.32 -7.52
CBD CLA WF . 73.59 -66.58 -6.56
CGD CLA WF . 73.53 -65.10 -6.28
O1D CLA WF . 72.90 -64.67 -5.33
O2D CLA WF . 74.18 -64.24 -7.06
CED CLA WF . 74.73 -63.09 -6.41
C1 CLA WF . 75.36 -63.93 -2.90
C2 CLA WF . 76.74 -63.52 -2.44
C3 CLA WF . 77.04 -62.22 -2.29
C4 CLA WF . 76.05 -61.14 -2.55
C5 CLA WF . 78.40 -61.76 -1.83
C6 CLA WF . 79.04 -60.93 -2.93
C7 CLA WF . 80.27 -61.63 -3.48
C8 CLA WF . 80.25 -61.66 -5.01
C9 CLA WF . 81.51 -62.37 -5.53
C10 CLA WF . 80.14 -60.24 -5.55
C11 CLA WF . 80.39 -60.19 -7.05
C12 CLA WF . 79.54 -59.12 -7.73
C13 CLA WF . 80.43 -58.06 -8.40
C14 CLA WF . 79.56 -56.97 -9.02
C15 CLA WF . 81.31 -58.72 -9.45
C16 CLA WF . 82.20 -57.69 -10.13
C17 CLA WF . 83.60 -58.25 -10.38
C18 CLA WF . 84.53 -57.17 -10.93
C19 CLA WF . 84.10 -56.71 -12.31
C20 CLA WF . 84.62 -55.99 -9.97
MG CLA XF . 78.13 -77.40 -26.27
CHA CLA XF . 78.96 -76.40 -29.49
CHB CLA XF . 77.06 -74.22 -25.53
CHC CLA XF . 77.29 -78.48 -23.26
CHD CLA XF . 79.25 -80.65 -27.07
NA CLA XF . 78.00 -75.49 -27.38
C1A CLA XF . 78.39 -75.28 -28.64
C2A CLA XF . 78.18 -73.85 -29.05
C3A CLA XF . 77.63 -73.20 -27.78
C4A CLA XF . 77.55 -74.35 -26.83
CMA CLA XF . 78.32 -71.94 -27.30
CAA CLA XF . 77.11 -73.78 -30.16
CBA CLA XF . 75.68 -74.02 -29.67
CGA CLA XF . 74.89 -74.88 -30.62
O1A CLA XF . 74.48 -74.38 -31.67
O2A CLA XF . 74.67 -76.14 -30.32
NB CLA XF . 77.29 -76.49 -24.65
C1B CLA XF . 76.94 -75.19 -24.52
C2B CLA XF . 76.42 -74.94 -23.21
C3B CLA XF . 76.48 -76.15 -22.56
C4B CLA XF . 77.04 -77.12 -23.49
CMB CLA XF . 75.93 -73.61 -22.72
CAB CLA XF . 76.08 -76.45 -21.16
CBB CLA XF . 76.54 -75.60 -20.00
NC CLA XF . 78.20 -79.28 -25.34
C1C CLA XF . 77.80 -79.51 -24.09
C2C CLA XF . 77.98 -80.92 -23.70
C3C CLA XF . 78.50 -81.53 -24.81
C4C CLA XF . 78.64 -80.49 -25.82
CMC CLA XF . 77.64 -81.54 -22.36
CAC CLA XF . 78.88 -82.97 -25.00
CBC CLA XF . 77.77 -83.72 -25.70
ND CLA XF . 78.88 -78.38 -27.82
C1D CLA XF . 79.33 -79.64 -28.05
C2D CLA XF . 79.90 -79.79 -29.38
C3D CLA XF . 79.75 -78.52 -29.92
C4D CLA XF . 79.14 -77.69 -28.98
CMD CLA XF . 80.54 -80.92 -30.14
CAD CLA XF . 80.02 -77.77 -31.13
OBD CLA XF . 80.88 -78.05 -31.94
CBD CLA XF . 79.42 -76.40 -30.94
CGD CLA XF . 80.41 -75.31 -31.25
O1D CLA XF . 80.10 -74.40 -31.98
O2D CLA XF . 81.63 -75.32 -30.72
CED CLA XF . 82.05 -74.10 -30.12
C1 CLA XF . 73.48 -76.84 -30.81
C2 CLA XF . 72.20 -76.94 -30.02
C3 CLA XF . 71.43 -78.05 -30.10
C4 CLA XF . 71.81 -79.21 -30.96
C5 CLA XF . 70.14 -78.19 -29.32
C6 CLA XF . 70.07 -79.54 -28.60
C7 CLA XF . 68.72 -79.74 -27.93
C8 CLA XF . 68.70 -80.96 -27.00
C9 CLA XF . 67.46 -81.80 -27.27
C10 CLA XF . 68.75 -80.50 -25.55
C11 CLA XF . 68.68 -81.68 -24.57
C12 CLA XF . 68.12 -81.27 -23.21
C13 CLA XF . 66.98 -82.19 -22.76
C14 CLA XF . 65.97 -82.43 -23.88
C15 CLA XF . 66.32 -81.62 -21.50
C16 CLA XF . 64.87 -82.07 -21.31
C17 CLA XF . 64.68 -82.86 -20.02
C18 CLA XF . 63.46 -83.76 -20.11
C19 CLA XF . 63.69 -85.08 -19.37
C20 CLA XF . 62.21 -83.06 -19.61
MG CHL YF . 68.06 -72.94 -37.78
CHA CHL YF . 67.69 -76.31 -37.75
CHB CHL YF . 68.51 -73.08 -41.20
CHC CHL YF . 68.43 -69.75 -37.77
CHD CHL YF . 67.70 -72.99 -34.24
NA CHL YF . 68.03 -74.42 -39.20
C1A CHL YF . 67.82 -75.76 -39.00
C2A CHL YF . 67.83 -76.54 -40.30
C3A CHL YF . 68.36 -75.55 -41.29
C4A CHL YF . 68.31 -74.25 -40.54
CMA CHL YF . 69.64 -75.89 -42.06
CAA CHL YF . 66.44 -77.08 -40.67
CBA CHL YF . 66.45 -78.22 -41.69
CGA CHL YF . 65.62 -79.40 -41.26
O1A CHL YF . 66.06 -80.42 -40.81
O2A CHL YF . 64.33 -79.17 -41.43
NB CHL YF . 68.38 -71.62 -39.30
C1B CHL YF . 68.51 -71.82 -40.62
C2B CHL YF . 68.70 -70.56 -41.24
C3B CHL YF . 68.69 -69.58 -40.30
C4B CHL YF . 68.48 -70.27 -39.03
CMB CHL YF . 68.89 -70.36 -42.72
CAB CHL YF . 68.85 -68.15 -40.60
CBB CHL YF . 68.87 -66.97 -39.65
NC CHL YF . 68.05 -71.62 -36.22
C1C CHL YF . 68.24 -70.31 -36.51
C2C CHL YF . 68.23 -69.58 -35.25
C3C CHL YF . 68.02 -70.50 -34.26
C4C CHL YF . 67.90 -71.79 -34.87
CMC CHL YF . 68.41 -68.16 -34.99
OMC CHL YF . 68.61 -67.30 -35.82
CAC CHL YF . 67.93 -70.22 -32.79
CBC CHL YF . 66.52 -69.95 -32.32
ND CHL YF . 67.74 -74.26 -36.25
C1D CHL YF . 67.62 -74.20 -34.91
C2D CHL YF . 67.43 -75.49 -34.36
C3D CHL YF . 67.45 -76.35 -35.43
C4D CHL YF . 67.64 -75.59 -36.58
CMD CHL YF . 67.24 -75.80 -32.90
CAD CHL YF . 67.40 -77.74 -35.84
OBD CHL YF . 67.25 -78.73 -35.14
CBD CHL YF . 67.58 -77.79 -37.34
CGD CHL YF . 68.84 -78.57 -37.68
O1D CHL YF . 69.94 -78.11 -37.69
O2D CHL YF . 68.55 -79.84 -37.95
CED CHL YF . 69.68 -80.68 -38.31
C1 CHL YF . 63.29 -80.10 -41.02
C2 CHL YF . 62.71 -79.58 -39.76
C3 CHL YF . 61.59 -80.06 -39.20
C4 CHL YF . 60.81 -81.20 -39.79
C5 CHL YF . 61.03 -79.45 -37.94
C6 CHL YF . 61.76 -79.87 -36.67
C7 CHL YF . 61.24 -81.17 -36.06
C8 CHL YF . 61.98 -81.64 -34.81
C9 CHL YF . 62.00 -80.57 -33.73
C10 CHL YF . 61.28 -82.91 -34.32
C11 CHL YF . 62.15 -84.15 -34.24
C12 CHL YF . 61.40 -85.42 -33.90
C13 CHL YF . 62.24 -86.70 -33.95
C14 CHL YF . 63.10 -86.74 -35.20
C15 CHL YF . 61.52 -88.04 -33.75
C16 CHL YF . 62.20 -88.99 -32.77
C17 CHL YF . 61.61 -90.40 -32.78
C18 CHL YF . 61.98 -91.29 -33.95
C19 CHL YF . 63.42 -91.75 -33.88
C20 CHL YF . 61.05 -92.48 -34.09
MG CHL ZF . 72.65 -71.69 -26.59
CHA CHL ZF . 70.35 -73.18 -28.64
CHB CHL ZF . 70.90 -72.78 -23.89
CHC CHL ZF . 74.87 -70.24 -24.66
CHD CHL ZF . 74.32 -70.57 -29.49
NA CHL ZF . 70.95 -72.81 -26.34
C1A CHL ZF . 70.14 -73.37 -27.29
C2A CHL ZF . 68.99 -74.15 -26.67
C3A CHL ZF . 69.12 -73.87 -25.20
C4A CHL ZF . 70.41 -73.09 -25.10
CMA CHL ZF . 67.91 -73.41 -24.39
CAA CHL ZF . 69.04 -75.65 -26.96
CBA CHL ZF . 67.76 -76.41 -26.61
CGA CHL ZF . 66.90 -76.69 -27.80
O1A CHL ZF . 67.26 -76.64 -28.94
O2A CHL ZF . 65.68 -77.03 -27.43
NB CHL ZF . 72.85 -71.56 -24.56
C1B CHL ZF . 72.05 -72.07 -23.63
C2B CHL ZF . 72.56 -71.74 -22.34
C3B CHL ZF . 73.70 -71.01 -22.50
C4B CHL ZF . 73.89 -70.89 -23.95
CMB CHL ZF . 71.94 -72.13 -21.03
CAB CHL ZF . 74.52 -70.53 -21.39
CBB CHL ZF . 75.82 -69.80 -21.41
NC CHL ZF . 74.32 -70.58 -27.04
C1C CHL ZF . 75.09 -70.09 -26.03
C2C CHL ZF . 76.18 -69.35 -26.66
C3C CHL ZF . 76.00 -69.44 -28.01
C4C CHL ZF . 74.84 -70.22 -28.26
CMC CHL ZF . 77.31 -68.65 -26.08
OMC CHL ZF . 77.54 -68.55 -24.90
CAC CHL ZF . 76.88 -68.82 -29.06
CBC CHL ZF . 76.32 -67.56 -29.63
ND CHL ZF . 72.47 -71.80 -28.62
C1D CHL ZF . 73.18 -71.32 -29.68
C2D CHL ZF . 72.57 -71.72 -30.90
C3D CHL ZF . 71.47 -72.45 -30.55
C4D CHL ZF . 71.42 -72.50 -29.15
CMD CHL ZF . 73.06 -71.36 -32.26
CAD CHL ZF . 70.32 -73.19 -31.05
OBD CHL ZF . 70.02 -73.41 -32.20
CBD CHL ZF . 69.53 -73.66 -29.84
CGD CHL ZF . 68.13 -73.05 -29.90
O1D CHL ZF . 67.89 -71.87 -29.84
O2D CHL ZF . 67.20 -73.99 -30.04
CED CHL ZF . 65.84 -73.53 -30.14
C1 CHL ZF . 64.63 -77.37 -28.38
C2 CHL ZF . 63.56 -76.35 -28.27
C3 CHL ZF . 62.43 -76.44 -28.95
C4 CHL ZF . 62.10 -77.56 -29.88
C5 CHL ZF . 61.36 -75.38 -28.81
C6 CHL ZF . 60.84 -74.84 -30.14
C7 CHL ZF . 61.87 -74.00 -30.89
C8 CHL ZF . 61.34 -73.34 -32.16
C9 CHL ZF . 60.31 -72.26 -31.84
C10 CHL ZF . 62.55 -72.76 -32.90
C11 CHL ZF . 62.57 -72.99 -34.39
C12 CHL ZF . 63.84 -72.49 -35.06
C13 CHL ZF . 63.84 -72.60 -36.59
C14 CHL ZF . 64.35 -73.95 -37.05
C15 CHL ZF . 64.53 -71.45 -37.33
C16 CHL ZF . 64.62 -71.62 -38.84
C17 CHL ZF . 65.03 -70.34 -39.54
C18 CHL ZF . 65.14 -70.39 -41.06
C19 CHL ZF . 63.89 -70.97 -41.68
C20 CHL ZF . 65.43 -69.02 -41.65
MG CHL AG . 79.19 -65.36 -24.02
CHA CHL AG . 81.45 -63.84 -26.11
CHB CHL AG . 81.63 -65.75 -21.68
CHC CHL AG . 76.99 -66.70 -22.03
CHD CHL AG . 76.74 -64.89 -26.52
NA CHL AG . 81.19 -64.89 -23.95
C1A CHL AG . 81.96 -64.22 -24.87
C2A CHL AG . 83.39 -63.98 -24.36
C3A CHL AG . 83.38 -64.65 -23.01
C4A CHL AG . 81.96 -65.14 -22.84
CMA CHL AG . 84.54 -65.52 -22.54
CAA CHL AG . 83.78 -62.51 -24.21
CBA CHL AG . 85.28 -62.26 -24.06
CGA CHL AG . 85.78 -62.17 -22.65
O1A CHL AG . 86.92 -62.27 -22.32
O2A CHL AG . 84.79 -61.96 -21.80
NB CHL AG . 79.32 -66.12 -22.14
C1B CHL AG . 80.39 -66.24 -21.34
C2B CHL AG . 80.02 -66.87 -20.12
C3B CHL AG . 78.65 -67.16 -20.20
C4B CHL AG . 78.25 -66.67 -21.49
CMB CHL AG . 80.94 -67.18 -18.98
CAB CHL AG . 77.75 -67.83 -19.27
CBB CHL AG . 77.95 -68.42 -17.89
NC CHL AG . 77.20 -65.72 -24.27
C1C CHL AG . 76.49 -66.27 -23.25
C2C CHL AG . 75.11 -66.38 -23.67
C3C CHL AG . 75.06 -65.90 -24.95
C4C CHL AG . 76.36 -65.47 -25.33
CMC CHL AG . 73.95 -66.87 -22.95
OMC CHL AG . 73.95 -67.30 -21.82
CAC CHL AG . 73.81 -65.80 -25.80
CBC CHL AG . 73.70 -66.91 -26.80
ND CHL AG . 79.03 -64.61 -25.90
C1D CHL AG . 78.03 -64.49 -26.81
C2D CHL AG . 78.50 -63.87 -27.99
C3D CHL AG . 79.82 -63.60 -27.78
C4D CHL AG . 80.14 -64.05 -26.50
CMD CHL AG . 77.66 -63.57 -29.21
CAD CHL AG . 81.02 -63.00 -28.34
OBD CHL AG . 81.18 -62.49 -29.43
CBD CHL AG . 82.10 -63.10 -27.30
CGD CHL AG . 83.32 -63.79 -27.90
O1D CHL AG . 83.64 -64.92 -27.71
O2D CHL AG . 83.98 -62.94 -28.68
CED CHL AG . 85.16 -63.48 -29.34
C1 CHL AG . 84.98 -61.84 -20.37
C2 CHL AG . 85.25 -63.19 -19.82
C3 CHL AG . 85.61 -63.35 -18.55
C4 CHL AG . 85.74 -62.23 -17.57
C5 CHL AG . 85.93 -64.73 -18.01
C6 CHL AG . 85.24 -65.02 -16.68
C7 CHL AG . 83.73 -65.20 -16.83
C8 CHL AG . 82.94 -64.89 -15.56
C9 CHL AG . 83.14 -63.45 -15.12
C10 CHL AG . 81.49 -65.16 -15.96
C11 CHL AG . 80.71 -66.02 -14.97
C12 CHL AG . 80.13 -65.21 -13.82
C13 CHL AG . 79.16 -64.13 -14.25
C14 CHL AG . 79.31 -62.87 -13.40
C15 CHL AG . 77.69 -64.53 -14.39
C16 CHL AG . 76.86 -63.59 -15.25
C17 CHL AG . 75.39 -63.98 -15.33
C18 CHL AG . 75.10 -65.33 -15.96
C19 CHL AG . 73.61 -65.61 -15.99
C20 CHL AG . 75.69 -65.44 -17.35
MG CHL BG . 63.71 -79.12 -15.00
CHA CHL BG . 67.07 -79.26 -14.39
CHB CHL BG . 64.39 -78.67 -18.34
CHC CHL BG . 60.52 -79.11 -15.56
CHD CHL BG . 63.18 -79.59 -11.52
NA CHL BG . 65.42 -78.98 -16.14
C1A CHL BG . 66.72 -79.08 -15.71
C2A CHL BG . 67.69 -78.95 -16.88
C3A CHL BG . 66.83 -78.52 -18.02
C4A CHL BG . 65.43 -78.70 -17.49
CMA CHL BG . 67.20 -77.27 -18.82
CAA CHL BG . 68.46 -80.24 -17.21
CBA CHL BG . 67.63 -81.32 -17.91
CGA CHL BG . 67.91 -82.71 -17.42
O1A CHL BG . 68.62 -83.00 -16.49
O2A CHL BG . 67.28 -83.60 -18.17
NB CHL BG . 62.64 -78.90 -16.71
C1B CHL BG . 63.06 -78.80 -17.98
C2B CHL BG . 61.93 -78.80 -18.85
C3B CHL BG . 60.78 -78.91 -18.07
C4B CHL BG . 61.26 -78.98 -16.70
CMB CHL BG . 62.01 -78.77 -20.35
CAB CHL BG . 59.37 -78.94 -18.45
CBB CHL BG . 58.65 -78.87 -19.78
NC CHL BG . 62.13 -79.28 -13.70
C1C CHL BG . 60.87 -79.22 -14.21
C2C CHL BG . 59.95 -79.37 -13.09
C3C CHL BG . 60.71 -79.51 -11.97
C4C CHL BG . 62.08 -79.47 -12.34
CMC CHL BG . 58.50 -79.41 -13.08
OMC CHL BG . 57.79 -79.28 -14.06
CAC CHL BG . 60.19 -79.68 -10.56
CBC CHL BG . 60.00 -81.13 -10.19
ND CHL BG . 64.78 -79.35 -13.28
C1D CHL BG . 64.49 -79.54 -11.96
C2D CHL BG . 65.69 -79.66 -11.21
C3D CHL BG . 66.72 -79.56 -12.10
C4D CHL BG . 66.15 -79.36 -13.37
CMD CHL BG . 65.75 -79.86 -9.72
CAD CHL BG . 68.16 -79.57 -12.27
OBD CHL BG . 69.02 -79.72 -11.41
CBD CHL BG . 68.45 -79.36 -13.74
CGD CHL BG . 69.33 -78.14 -13.92
O1D CHL BG . 69.15 -77.07 -13.40
O2D CHL BG . 70.36 -78.41 -14.73
CED CHL BG . 71.31 -77.34 -14.93
C1 CHL BG . 67.33 -85.03 -17.96
C2 CHL BG . 67.25 -85.69 -19.28
C3 CHL BG . 68.33 -85.91 -20.03
C4 CHL BG . 69.72 -85.51 -19.62
MG CHL CG . 68.86 -69.27 -13.48
CHA CHL CG . 69.36 -69.94 -10.19
CHB CHL CG . 65.84 -67.79 -12.64
CHC CHL CG . 68.44 -68.52 -16.59
CHD CHL CG . 72.02 -70.73 -14.17
NA CHL CG . 67.79 -68.98 -11.75
C1A CHL CG . 68.22 -69.24 -10.46
C2A CHL CG . 67.28 -68.67 -9.42
C3A CHL CG . 66.08 -68.28 -10.23
C4A CHL CG . 66.57 -68.36 -11.65
CMA CHL CG . 64.70 -68.83 -9.87
CAA CHL CG . 67.91 -67.44 -8.74
CBA CHL CG . 68.73 -66.55 -9.68
CGA CHL CG . 69.57 -65.51 -9.01
O1A CHL CG . 69.57 -65.28 -7.82
O2A CHL CG . 70.30 -64.85 -9.88
NB CHL CG . 67.34 -68.32 -14.44
C1B CHL CG . 66.20 -67.77 -13.98
C2B CHL CG . 65.49 -67.17 -15.05
C3B CHL CG . 66.25 -67.34 -16.21
C4B CHL CG . 67.41 -68.09 -15.79
CMB CHL CG . 64.16 -66.50 -14.93
CAB CHL CG . 66.05 -66.84 -17.57
CBB CHL CG . 64.95 -66.04 -18.23
NC CHL CG . 70.06 -69.63 -15.10
C1C CHL CG . 69.61 -69.22 -16.31
C2C CHL CG . 70.60 -69.61 -17.30
C3C CHL CG . 71.61 -70.25 -16.61
C4C CHL CG . 71.27 -70.26 -15.23
CMC CHL CG . 70.60 -69.42 -18.74
OMC CHL CG . 69.73 -68.87 -19.38
CAC CHL CG . 72.85 -70.84 -17.22
CBC CHL CG . 73.87 -69.81 -17.67
ND CHL CG . 70.38 -70.20 -12.51
C1D CHL CG . 71.60 -70.70 -12.84
C2D CHL CG . 72.29 -71.13 -11.68
C3D CHL CG . 71.45 -70.88 -10.62
C4D CHL CG . 70.28 -70.30 -11.14
CMD CHL CG . 73.67 -71.71 -11.65
CAD CHL CG . 71.29 -70.93 -9.18
OBD CHL CG . 72.09 -71.35 -8.35
CBD CHL CG . 69.94 -70.37 -8.83
CGD CHL CG . 69.09 -71.39 -8.10
O1D CHL CG . 68.66 -72.40 -8.59
O2D CHL CG . 68.91 -71.04 -6.83
CED CHL CG . 68.14 -71.96 -6.01
C1 CHL CG . 71.16 -63.73 -9.53
C2 CHL CG . 72.55 -64.06 -9.95
C3 CHL CG . 73.06 -63.57 -11.06
C4 CHL CG . 72.33 -62.64 -11.99
C5 CHL CG . 74.46 -63.93 -11.49
C6 CHL CG . 75.54 -63.67 -10.45
C7 CHL CG . 76.88 -64.24 -10.84
C8 CHL CG . 78.01 -64.01 -9.84
C9 CHL CG . 77.56 -64.32 -8.41
C10 CHL CG . 79.13 -64.95 -10.28
C11 CHL CG . 80.55 -64.38 -10.22
C12 CHL CG . 81.19 -64.43 -8.83
C13 CHL CG . 82.63 -63.94 -8.79
C14 CHL CG . 82.72 -62.45 -9.07
C15 CHL CG . 83.62 -64.73 -9.65
C16 CHL CG . 85.01 -64.09 -9.81
C17 CHL CG . 85.91 -64.84 -10.77
C18 CHL CG . 87.28 -64.23 -11.02
C19 CHL CG . 88.10 -64.11 -9.76
C20 CHL CG . 88.04 -65.00 -12.09
MG CLA DG . 72.21 -86.78 -12.22
CHA CLA DG . 69.09 -87.88 -11.28
CHB CLA DG . 73.68 -89.50 -10.65
CHC CLA DG . 75.13 -85.71 -13.29
CHD CLA DG . 70.66 -84.03 -13.86
NA CLA DG . 71.48 -88.53 -11.09
C1A CLA DG . 70.20 -88.78 -10.81
C2A CLA DG . 70.05 -90.03 -10.00
C3A CLA DG . 71.48 -90.48 -9.75
C4A CLA DG . 72.28 -89.48 -10.53
CMA CLA DG . 71.82 -90.82 -8.31
CAA CLA DG . 69.51 -91.18 -10.85
CBA CLA DG . 69.68 -91.16 -12.38
CGA CLA DG . 71.08 -91.09 -13.01
O1A CLA DG . 71.29 -90.23 -13.86
O2A CLA DG . 72.07 -91.87 -12.63
NB CLA DG . 74.10 -87.50 -12.01
C1B CLA DG . 74.52 -88.61 -11.33
C2B CLA DG . 75.96 -88.71 -11.39
C3B CLA DG . 76.36 -87.64 -12.13
C4B CLA DG . 75.17 -86.87 -12.52
CMB CLA DG . 76.79 -89.79 -10.75
CAB CLA DG . 77.74 -87.28 -12.51
CBB CLA DG . 78.54 -88.23 -13.37
NC CLA DG . 72.79 -85.15 -13.40
C1C CLA DG . 74.05 -84.88 -13.69
C2C CLA DG . 74.19 -83.63 -14.48
C3C CLA DG . 72.92 -83.16 -14.65
C4C CLA DG . 72.06 -84.11 -13.96
CMC CLA DG . 75.47 -83.02 -14.99
CAC CLA DG . 72.51 -81.90 -15.37
CBC CLA DG . 71.92 -82.23 -16.74
ND CLA DG . 70.40 -86.08 -12.58
C1D CLA DG . 69.87 -84.97 -13.17
C2D CLA DG . 68.43 -84.89 -13.01
C3D CLA DG . 68.14 -86.03 -12.26
C4D CLA DG . 69.32 -86.73 -12.03
CMD CLA DG . 67.40 -83.88 -13.45
CAD CLA DG . 67.05 -86.76 -11.67
OBD CLA DG . 65.96 -86.25 -11.40
CBD CLA DG . 67.61 -87.95 -10.96
CGD CLA DG . 67.46 -87.67 -9.50
O1D CLA DG . 67.68 -86.54 -9.07
O2D CLA DG . 67.09 -88.60 -8.65
CED CLA DG . 66.24 -88.16 -7.59
C1 CLA DG . 73.35 -91.78 -13.33
C2 CLA DG . 73.71 -92.74 -14.44
C3 CLA DG . 74.86 -92.65 -15.13
C4 CLA DG . 75.17 -93.63 -16.23
C5 CLA DG . 75.89 -91.57 -14.89
C6 CLA DG . 75.76 -90.49 -15.95
C7 CLA DG . 76.93 -90.51 -16.93
C8 CLA DG . 76.66 -89.68 -18.18
C9 CLA DG . 75.29 -89.98 -18.79
C10 CLA DG . 77.77 -89.92 -19.21
C11 CLA DG . 77.43 -89.33 -20.58
C12 CLA DG . 77.79 -87.86 -20.66
C13 CLA DG . 77.08 -87.18 -21.82
C14 CLA DG . 77.94 -87.19 -23.07
C15 CLA DG . 76.73 -85.75 -21.43
C16 CLA DG . 75.66 -85.16 -22.34
C17 CLA DG . 74.87 -84.08 -21.61
C18 CLA DG . 73.47 -83.91 -22.19
C19 CLA DG . 72.74 -85.23 -22.29
C20 CLA DG . 72.67 -82.91 -21.37
MG CLA EG . 88.92 -90.13 -4.69
CHA CLA EG . 85.60 -91.06 -4.98
CHB CLA EG . 89.58 -92.90 -2.74
CHC CLA EG . 92.10 -89.20 -4.57
CHD CLA EG . 88.24 -87.30 -6.69
NA CLA EG . 87.73 -91.83 -3.93
C1A CLA EG . 86.42 -92.03 -4.15
C2A CLA EG . 85.93 -93.28 -3.46
C3A CLA EG . 87.19 -93.82 -2.77
C4A CLA EG . 88.24 -92.81 -3.15
CMA CLA EG . 87.11 -94.31 -1.33
CAA CLA EG . 85.46 -94.34 -4.45
CBA CLA EG . 86.33 -94.39 -5.71
CGA CLA EG . 85.63 -95.19 -6.79
O1A CLA EG . 84.48 -94.94 -7.06
O2A CLA EG . 86.31 -96.14 -7.40
NB CLA EG . 90.58 -90.93 -3.81
C1B CLA EG . 90.66 -92.04 -3.02
C2B CLA EG . 92.02 -92.21 -2.54
C3B CLA EG . 92.72 -91.16 -3.08
C4B CLA EG . 91.79 -90.36 -3.87
CMB CLA EG . 92.55 -93.30 -1.66
CAB CLA EG . 94.16 -90.86 -2.89
CBB CLA EG . 95.12 -90.94 -4.05
NC CLA EG . 90.01 -88.55 -5.57
C1C CLA EG . 91.29 -88.32 -5.35
C2C CLA EG . 91.78 -87.08 -5.99
C3C CLA EG . 90.67 -86.57 -6.62
C4C CLA EG . 89.58 -87.49 -6.35
CMC CLA EG . 93.17 -86.50 -5.95
CAC CLA EG . 90.61 -85.30 -7.43
CBC CLA EG . 90.97 -85.57 -8.86
ND CLA EG . 87.40 -89.31 -5.64
C1D CLA EG . 87.20 -88.20 -6.40
C2D CLA EG . 85.81 -88.07 -6.83
C3D CLA EG . 85.21 -89.20 -6.27
C4D CLA EG . 86.16 -89.93 -5.56
CMD CLA EG . 85.06 -87.07 -7.66
CAD CLA EG . 83.93 -89.86 -6.17
OBD CLA EG . 82.87 -89.39 -6.54
CBD CLA EG . 84.13 -91.11 -5.36
CGD CLA EG . 83.20 -91.06 -4.17
O1D CLA EG . 81.99 -91.10 -4.36
O2D CLA EG . 83.64 -91.00 -2.92
CED CLA EG . 82.93 -91.79 -1.97
C1 CLA EG . 87.29 -95.80 -8.42
C2 CLA EG . 86.94 -94.82 -9.51
C3 CLA EG . 87.68 -94.71 -10.64
C4 CLA EG . 88.88 -95.57 -10.85
MG CLA FG . 85.10 -88.65 -13.67
CHA CLA FG . 82.53 -90.83 -12.89
CHB CLA FG . 87.00 -89.89 -11.09
CHC CLA FG . 87.51 -86.58 -14.57
CHD CLA FG . 83.14 -87.39 -16.34
NA CLA FG . 84.82 -90.22 -12.14
C1A CLA FG . 83.73 -90.98 -11.98
C2A CLA FG . 83.88 -91.95 -10.84
C3A CLA FG . 85.28 -91.62 -10.30
C4A CLA FG . 85.76 -90.52 -11.20
CMA CLA FG . 85.53 -91.54 -8.80
CAA CLA FG . 83.94 -93.37 -11.36
CBA CLA FG . 83.43 -94.38 -10.33
CGA CLA FG . 82.05 -94.84 -10.72
O1A CLA FG . 81.78 -95.01 -11.89
O2A CLA FG . 81.17 -95.07 -9.76
NB CLA FG . 86.97 -88.30 -12.95
C1B CLA FG . 87.58 -88.87 -11.87
C2B CLA FG . 88.88 -88.30 -11.68
C3B CLA FG . 89.02 -87.36 -12.67
C4B CLA FG . 87.79 -87.38 -13.46
CMB CLA FG . 89.90 -88.65 -10.62
CAB CLA FG . 90.17 -86.48 -12.92
CBB CLA FG . 90.99 -86.62 -14.18
NC CLA FG . 85.30 -87.24 -15.22
C1C CLA FG . 86.39 -86.51 -15.42
C2C CLA FG . 86.30 -85.65 -16.61
C3C CLA FG . 85.06 -85.91 -17.13
C4C CLA FG . 84.44 -86.90 -16.24
CMC CLA FG . 87.35 -84.71 -17.16
CAC CLA FG . 84.46 -85.29 -18.36
CBC CLA FG . 84.63 -86.23 -19.54
ND CLA FG . 83.33 -88.96 -14.49
C1D CLA FG . 82.62 -88.42 -15.52
C2D CLA FG . 81.30 -89.02 -15.66
C3D CLA FG . 81.28 -89.96 -14.62
C4D CLA FG . 82.50 -89.91 -13.94
CMD CLA FG . 80.16 -88.80 -16.60
CAD CLA FG . 80.44 -90.97 -14.02
OBD CLA FG . 79.42 -91.43 -14.50
CBD CLA FG . 81.21 -91.57 -12.87
CGD CLA FG . 80.47 -91.32 -11.59
O1D CLA FG . 80.12 -90.20 -11.28
O2D CLA FG . 80.21 -92.33 -10.77
CED CLA FG . 78.88 -92.84 -10.79
MG CLA GG . 95.01 -74.62 -13.46
CHA CLA GG . 97.51 -73.34 -15.48
CHB CLA GG . 95.65 -77.81 -14.62
CHC CLA GG . 92.65 -75.74 -11.44
CHD CLA GG . 94.40 -71.35 -12.27
NA CLA GG . 96.43 -75.52 -14.90
C1A CLA GG . 97.35 -74.85 -15.61
C2A CLA GG . 98.15 -75.77 -16.50
C3A CLA GG . 97.53 -77.15 -16.21
C4A CLA GG . 96.47 -76.83 -15.18
CMA CLA GG . 97.19 -78.08 -17.36
CAA CLA GG . 99.63 -75.76 -16.12
CBA CLA GG . 99.99 -76.59 -14.88
CGA CLA GG . 99.79 -75.85 -13.59
O1A CLA GG . 99.83 -76.50 -12.56
O2A CLA GG . 99.59 -74.54 -13.54
NB CLA GG . 94.27 -76.49 -13.08
C1B CLA GG . 94.62 -77.67 -13.66
C2B CLA GG . 93.82 -78.74 -13.12
C3B CLA GG . 92.98 -78.15 -12.22
C4B CLA GG . 93.28 -76.71 -12.21
CMB CLA GG . 93.93 -80.19 -13.50
CAB CLA GG . 91.94 -78.76 -11.37
CBB CLA GG . 90.87 -79.68 -11.93
NC CLA GG . 93.79 -73.70 -12.02
C1C CLA GG . 92.85 -74.34 -11.34
C2C CLA GG . 92.06 -73.43 -10.48
C3C CLA GG . 92.60 -72.19 -10.70
C4C CLA GG . 93.67 -72.37 -11.67
CMC CLA GG . 90.92 -73.79 -9.57
CAC CLA GG . 92.15 -70.89 -10.08
CBC CLA GG . 93.09 -70.55 -8.94
ND CLA GG . 95.70 -72.79 -13.72
C1D CLA GG . 95.41 -71.55 -13.24
C2D CLA GG . 96.25 -70.52 -13.84
C3D CLA GG . 97.05 -71.23 -14.71
C4D CLA GG . 96.73 -72.58 -14.64
CMD CLA GG . 96.35 -69.02 -13.68
CAD CLA GG . 98.12 -71.05 -15.67
OBD CLA GG . 98.46 -69.99 -16.16
CBD CLA GG . 98.49 -72.41 -16.16
CGD CLA GG . 98.35 -72.51 -17.65
O1D CLA GG . 97.41 -71.97 -18.21
O2D CLA GG . 99.24 -73.20 -18.36
CED CLA GG . 100.09 -72.43 -19.20
C1 CLA GG . 99.30 -73.88 -12.26
C2 CLA GG . 98.07 -74.21 -11.43
C3 CLA GG . 97.52 -73.30 -10.62
C4 CLA GG . 98.07 -71.92 -10.50
C5 CLA GG . 96.31 -73.60 -9.77
C6 CLA GG . 96.24 -75.08 -9.42
C7 CLA GG . 94.97 -75.39 -8.62
C8 CLA GG . 95.25 -76.30 -7.44
C9 CLA GG . 96.38 -75.74 -6.58
C10 CLA GG . 95.58 -77.70 -7.95
C11 CLA GG . 96.01 -78.63 -6.80
C12 CLA GG . 97.36 -79.27 -7.11
C13 CLA GG . 98.29 -79.21 -5.90
C14 CLA GG . 99.51 -78.34 -6.17
C15 CLA GG . 98.72 -80.62 -5.52
C16 CLA GG . 97.87 -81.18 -4.38
C17 CLA GG . 98.22 -82.64 -4.10
C18 CLA GG . 97.37 -83.57 -4.94
C19 CLA GG . 97.88 -85.01 -4.86
C20 CLA GG . 95.91 -83.49 -4.51
MG CLA HG . 102.32 -81.34 -13.06
CHA CLA HG . 102.56 -78.85 -10.69
CHB CLA HG . 105.75 -81.65 -13.18
CHC CLA HG . 101.95 -83.79 -15.25
CHD CLA HG . 98.80 -81.02 -12.93
NA CLA HG . 104.01 -80.36 -12.04
C1A CLA HG . 103.91 -79.40 -11.12
C2A CLA HG . 105.25 -78.94 -10.62
C3A CLA HG . 106.23 -79.82 -11.44
C4A CLA HG . 105.31 -80.67 -12.27
CMA CLA HG . 107.45 -79.18 -12.07
CAA CLA HG . 105.43 -79.31 -9.15
CBA CLA HG . 104.96 -80.73 -8.82
CGA CLA HG . 106.12 -81.57 -8.35
O1A CLA HG . 107.26 -81.22 -8.61
O2A CLA HG . 105.88 -82.66 -7.66
NB CLA HG . 103.65 -82.54 -14.05
C1B CLA HG . 105.01 -82.51 -14.01
C2B CLA HG . 105.55 -83.48 -14.92
C3B CLA HG . 104.46 -84.08 -15.50
C4B CLA HG . 103.27 -83.47 -14.94
CMB CLA HG . 107.00 -83.78 -15.18
CAB CLA HG . 104.44 -85.16 -16.52
CBB CLA HG . 104.94 -84.90 -17.92
NC CLA HG . 100.65 -82.31 -13.89
C1C CLA HG . 100.71 -83.25 -14.83
C2C CLA HG . 99.38 -83.65 -15.34
C3C CLA HG . 98.51 -82.88 -14.63
C4C CLA HG . 99.30 -82.04 -13.75
CMC CLA HG . 99.09 -84.68 -16.39
CAC CLA HG . 97.00 -82.88 -14.76
CBC CLA HG . 96.61 -81.91 -15.86
ND CLA HG . 100.95 -80.28 -12.11
C1D CLA HG . 99.60 -80.21 -12.10
C2D CLA HG . 99.10 -79.21 -11.17
C3D CLA HG . 100.27 -78.70 -10.61
C4D CLA HG . 101.36 -79.34 -11.19
CMD CLA HG . 97.73 -78.73 -10.77
CAD CLA HG . 100.75 -77.71 -9.67
OBD CLA HG . 100.07 -76.86 -9.14
CBD CLA HG . 102.25 -77.72 -9.74
CGD CLA HG . 102.73 -76.43 -10.34
O1D CLA HG . 102.47 -76.15 -11.50
O2D CLA HG . 103.44 -75.58 -9.62
CED CLA HG . 102.87 -74.29 -9.42
C1 CLA HG . 106.65 -83.88 -7.91
C2 CLA HG . 106.71 -84.50 -9.29
C3 CLA HG . 106.77 -85.83 -9.43
C4 CLA HG . 106.84 -86.44 -10.79
C1 LUT IG . 92.29 -80.03 -17.95
C2 LUT IG . 92.69 -78.92 -18.91
C3 LUT IG . 93.29 -77.75 -18.16
C4 LUT IG . 92.23 -77.16 -17.25
C5 LUT IG . 91.53 -78.21 -16.43
C6 LUT IG . 91.40 -79.48 -16.86
C7 LUT IG . 90.41 -80.37 -16.19
C8 LUT IG . 89.10 -80.35 -16.45
C9 LUT IG . 88.18 -81.26 -15.73
C10 LUT IG . 86.88 -81.20 -16.01
C11 LUT IG . 85.90 -82.08 -15.34
C12 LUT IG . 84.80 -82.37 -16.03
C13 LUT IG . 83.73 -83.23 -15.51
C14 LUT IG . 82.58 -83.28 -16.20
C15 LUT IG . 81.49 -84.13 -15.76
C16 LUT IG . 93.53 -80.61 -17.30
C17 LUT IG . 91.59 -81.12 -18.74
C18 LUT IG . 91.00 -77.79 -15.09
C19 LUT IG . 88.72 -82.23 -14.71
C20 LUT IG . 83.91 -84.04 -14.27
O3 LUT IG . 93.68 -76.75 -19.11
C21 LUT IG . 70.77 -90.66 -17.33
C22 LUT IG . 69.88 -91.65 -16.58
C23 LUT IG . 68.50 -91.07 -16.40
C24 LUT IG . 68.60 -89.85 -15.51
C25 LUT IG . 69.57 -88.84 -16.09
C26 LUT IG . 70.69 -89.26 -16.73
C27 LUT IG . 71.65 -88.25 -17.23
C28 LUT IG . 72.70 -87.89 -16.48
C29 LUT IG . 73.67 -86.91 -17.00
C30 LUT IG . 74.93 -87.03 -16.58
C31 LUT IG . 75.98 -86.13 -17.04
C32 LUT IG . 77.07 -85.99 -16.30
C33 LUT IG . 78.16 -85.11 -16.75
C34 LUT IG . 79.29 -85.06 -16.05
C35 LUT IG . 80.38 -84.19 -16.49
C36 LUT IG . 70.31 -90.56 -18.78
C37 LUT IG . 72.19 -91.21 -17.29
C38 LUT IG . 69.27 -87.38 -15.93
C39 LUT IG . 73.26 -85.84 -17.98
C40 LUT IG . 77.99 -84.31 -18.01
O23 LUT IG . 67.59 -92.02 -15.81
C1 LUT JG . 79.93 -71.28 -22.54
C2 LUT JG . 81.03 -71.29 -23.58
C3 LUT JG . 80.91 -72.50 -24.50
C4 LUT JG . 81.08 -73.75 -23.67
C5 LUT JG . 80.20 -73.74 -22.44
C6 LUT JG . 79.87 -72.61 -21.81
C7 LUT JG . 79.42 -72.64 -20.40
C8 LUT JG . 80.23 -72.83 -19.35
C9 LUT JG . 79.68 -72.83 -17.99
C10 LUT JG . 80.52 -72.92 -16.95
C11 LUT JG . 80.02 -72.91 -15.58
C12 LUT JG . 80.90 -72.70 -14.61
C13 LUT JG . 80.51 -72.65 -13.19
C14 LUT JG . 81.47 -72.41 -12.29
C15 LUT JG . 81.18 -72.32 -10.87
C16 LUT JG . 78.59 -71.07 -23.21
C17 LUT JG . 80.19 -70.14 -21.57
C18 LUT JG . 79.69 -75.07 -21.95
C19 LUT JG . 78.20 -72.75 -17.77
C20 LUT JG . 79.09 -72.87 -12.75
O3 LUT JG . 81.96 -72.46 -25.47
C21 LUT JG . 83.81 -70.39 1.40
C22 LUT JG . 83.66 -70.33 2.91
C23 LUT JG . 83.99 -71.66 3.56
C24 LUT JG . 82.95 -72.66 3.10
C25 LUT JG . 83.01 -72.76 1.60
C26 LUT JG . 83.49 -71.77 0.83
C27 LUT JG . 84.07 -72.13 -0.48
C28 LUT JG . 83.46 -71.74 -1.60
C29 LUT JG . 83.95 -72.04 -2.95
C30 LUT JG . 83.27 -71.51 -3.98
C31 LUT JG . 83.64 -71.70 -5.38
C32 LUT JG . 82.68 -71.82 -6.28
C33 LUT JG . 82.95 -71.99 -7.72
C34 LUT JG . 81.95 -71.84 -8.60
C35 LUT JG . 82.17 -71.99 -10.04
C36 LUT JG . 85.25 -70.04 1.04
C37 LUT JG . 82.88 -69.32 0.84
C38 LUT JG . 82.54 -74.03 0.96
C39 LUT JG . 85.18 -72.87 -3.14
C40 LUT JG . 84.34 -72.29 -8.20
O23 LUT JG . 83.97 -71.53 4.98
C1 XAT KG . 79.48 -57.49 -22.57
C2 XAT KG . 81.01 -57.47 -22.56
C3 XAT KG . 81.61 -58.78 -22.06
C4 XAT KG . 81.29 -59.88 -23.05
C5 XAT KG . 79.79 -60.04 -23.24
C6 XAT KG . 78.91 -58.86 -23.05
C7 XAT KG . 77.52 -58.88 -23.65
C8 XAT KG . 76.47 -59.26 -22.92
C9 XAT KG . 75.14 -59.26 -23.54
C10 XAT KG . 74.07 -59.56 -22.82
C11 XAT KG . 72.67 -59.61 -23.27
C12 XAT KG . 71.75 -60.11 -22.45
C13 XAT KG . 70.33 -59.86 -22.46
C14 XAT KG . 69.50 -60.64 -21.73
C15 XAT KG . 68.13 -60.27 -21.57
C16 XAT KG . 78.98 -56.39 -23.49
C17 XAT KG . 78.99 -57.22 -21.16
C18 XAT KG . 79.26 -61.21 -24.06
C19 XAT KG . 74.99 -58.95 -25.00
C20 XAT KG . 69.77 -58.72 -23.27
O3 XAT KG . 83.03 -58.64 -21.97
O4 XAT KG . 79.04 -59.86 -22.00
C21 XAT KG . 56.51 -58.01 -16.67
C22 XAT KG . 55.03 -57.74 -16.41
C23 XAT KG . 54.13 -58.39 -17.44
C24 XAT KG . 54.29 -59.89 -17.30
C25 XAT KG . 55.71 -60.28 -17.69
C26 XAT KG . 56.81 -59.37 -17.28
C27 XAT KG . 58.17 -60.00 -17.10
C28 XAT KG . 59.15 -59.78 -17.96
C29 XAT KG . 60.30 -60.67 -18.23
C30 XAT KG . 61.42 -60.19 -18.81
C31 XAT KG . 62.53 -61.09 -19.08
C32 XAT KG . 63.64 -60.61 -19.66
C33 XAT KG . 65.03 -61.10 -19.65
C34 XAT KG . 65.95 -60.51 -20.44
C35 XAT KG . 67.32 -60.91 -20.69
C36 XAT KG . 57.23 -57.89 -15.33
C37 XAT KG . 57.05 -56.92 -17.59
C38 XAT KG . 56.06 -61.76 -17.87
C39 XAT KG . 60.19 -62.12 -17.90
C40 XAT KG . 65.43 -62.23 -18.76
O23 XAT KG . 52.77 -58.04 -17.15
O24 XAT KG . 56.35 -59.42 -18.63
C1 NEX LG . 50.88 -77.12 -21.97
C2 NEX LG . 49.36 -77.36 -21.95
C3 NEX LG . 48.87 -78.80 -21.72
C4 NEX LG . 49.91 -79.91 -21.94
C5 NEX LG . 50.99 -79.55 -22.93
C6 NEX LG . 51.67 -78.33 -22.36
C7 NEX LG . 52.93 -78.29 -22.32
C8 NEX LG . 54.31 -78.31 -22.02
C9 NEX LG . 55.36 -77.38 -22.53
C10 NEX LG . 56.56 -77.72 -22.56
C11 NEX LG . 57.71 -76.89 -22.92
C12 NEX LG . 58.79 -77.32 -23.07
C13 NEX LG . 60.09 -76.61 -22.99
C14 NEX LG . 61.13 -77.16 -23.41
C15 NEX LG . 62.52 -76.80 -23.10
C16 NEX LG . 51.34 -76.71 -20.58
C17 NEX LG . 51.19 -76.00 -22.96
C18 NEX LG . 51.98 -80.70 -23.04
C19 NEX LG . 54.96 -76.00 -22.99
C20 NEX LG . 60.15 -75.24 -22.37
O3 NEX LG . 48.38 -78.88 -20.37
O4 NEX LG . 50.43 -79.32 -24.23
C21 NEX LG . 73.51 -79.19 -25.05
C22 NEX LG . 74.79 -79.39 -25.86
C23 NEX LG . 74.67 -78.75 -27.23
C24 NEX LG . 74.70 -77.23 -27.05
C25 NEX LG . 73.60 -76.76 -26.09
C26 NEX LG . 73.03 -77.73 -25.07
C27 NEX LG . 72.42 -77.13 -23.83
C28 NEX LG . 71.11 -77.15 -23.61
C29 NEX LG . 70.61 -76.60 -22.50
C30 NEX LG . 69.39 -76.60 -22.26
C31 NEX LG . 68.27 -77.23 -22.97
C32 NEX LG . 67.15 -77.03 -22.69
C33 NEX LG . 65.88 -77.60 -23.22
C34 NEX LG . 64.77 -77.27 -22.73
C35 NEX LG . 63.46 -77.47 -23.35
C36 NEX LG . 73.76 -79.63 -23.61
C37 NEX LG . 72.42 -80.08 -25.65
C38 NEX LG . 73.45 -75.28 -25.80
C39 NEX LG . 71.55 -75.97 -21.50
C40 NEX LG . 65.90 -78.58 -24.35
O23 NEX LG . 75.79 -79.14 -28.02
O24 NEX LG . 72.34 -77.42 -26.28
O1 LHG MG . 88.40 -92.25 2.45
C1 LHG MG . 89.52 -91.51 1.98
C2 LHG MG . 89.23 -90.95 0.59
O2 LHG MG . 90.44 -90.88 -0.15
C3 LHG MG . 88.65 -89.55 0.75
O3 LHG MG . 89.26 -88.66 -0.19
P LHG MG . 88.32 -87.68 -1.06
O4 LHG MG . 87.47 -88.53 -1.98
O5 LHG MG . 87.67 -86.71 -0.10
O6 LHG MG . 89.34 -86.84 -1.98
C4 LHG MG . 88.82 -85.71 -2.67
C5 LHG MG . 89.91 -84.69 -3.02
C6 LHG MG . 89.47 -83.94 -4.26
O7 LHG MG . 90.10 -83.81 -1.92
C7 LHG MG . 90.92 -82.77 -2.16
O9 LHG MG . 90.46 -81.64 -2.18
C8 LHG MG . 92.40 -82.96 -2.42
C9 LHG MG . 93.14 -81.73 -1.90
C10 LHG MG . 93.57 -80.78 -3.02
O8 LHG MG . 88.27 -83.20 -4.03
C23 LHG MG . 87.18 -83.44 -4.74
O10 LHG MG . 87.10 -84.44 -5.42
C24 LHG MG . 86.04 -82.45 -4.69
C11 LHG MG . 93.35 -79.33 -2.60
C12 LHG MG . 93.88 -78.32 -3.61
C13 LHG MG . 94.10 -76.98 -2.93
C14 LHG MG . 93.66 -75.79 -3.80
C15 LHG MG . 93.93 -74.48 -3.08
C16 LHG MG . 94.93 -73.62 -3.85
C17 LHG MG . 94.29 -73.07 -5.11
C18 LHG MG . 94.22 -71.55 -5.08
C19 LHG MG . 95.38 -70.91 -5.85
C20 LHG MG . 95.21 -69.40 -5.92
C21 LHG MG . 96.23 -68.79 -6.87
C22 LHG MG . 95.76 -67.44 -7.38
C25 LHG MG . 86.64 -81.08 -4.43
C26 LHG MG . 87.11 -80.47 -5.75
C27 LHG MG . 88.31 -79.58 -5.51
C28 LHG MG . 89.57 -80.41 -5.29
C29 LHG MG . 90.39 -80.52 -6.57
C30 LHG MG . 91.79 -81.03 -6.24
C31 LHG MG . 92.36 -81.84 -7.39
C32 LHG MG . 93.88 -81.84 -7.35
C33 LHG MG . 94.46 -81.70 -8.75
C34 LHG MG . 95.51 -82.77 -9.00
C35 LHG MG . 95.94 -82.80 -10.46
C36 LHG MG . 97.33 -83.40 -10.60
C37 LHG MG . 97.26 -84.92 -10.69
C38 LHG MG . 97.42 -85.39 -12.12
MG CHL NG . 84.69 -43.34 14.06
CHA CHL NG . 85.50 -46.02 12.11
CHB CHL NG . 83.18 -41.93 11.29
CHC CHL NG . 83.79 -40.87 15.92
CHD CHL NG . 86.36 -44.92 16.76
NA CHL NG . 84.43 -43.88 12.10
C1A CHL NG . 84.72 -45.08 11.53
C2A CHL NG . 84.12 -45.21 10.15
C3A CHL NG . 83.81 -43.82 9.81
C4A CHL NG . 83.80 -43.12 11.14
CMA CHL NG . 84.58 -43.21 8.64
CAA CHL NG . 82.90 -46.13 10.24
CBA CHL NG . 81.86 -46.00 9.13
CGA CHL NG . 82.39 -46.24 7.75
O1A CHL NG . 83.35 -46.90 7.47
O2A CHL NG . 81.66 -45.60 6.86
NB CHL NG . 83.63 -41.64 13.63
C1B CHL NG . 83.10 -41.21 12.47
C2B CHL NG . 82.45 -39.97 12.69
C3B CHL NG . 82.57 -39.63 14.01
C4B CHL NG . 83.35 -40.73 14.63
CMB CHL NG . 81.75 -39.16 11.64
CAB CHL NG . 81.99 -38.43 14.62
CBB CHL NG . 82.01 -37.98 16.06
NC CHL NG . 85.05 -42.99 16.04
C1C CHL NG . 84.52 -41.86 16.58
C2C CHL NG . 84.93 -41.84 17.99
C3C CHL NG . 85.68 -42.97 18.21
C4C CHL NG . 85.75 -43.71 16.99
CMC CHL NG . 84.63 -40.86 19.03
OMC CHL NG . 83.97 -39.85 18.88
CAC CHL NG . 86.38 -43.33 19.50
CBC CHL NG . 85.48 -43.96 20.52
ND CHL NG . 85.74 -45.04 14.45
C1D CHL NG . 86.37 -45.58 15.53
C2D CHL NG . 86.95 -46.83 15.18
C3D CHL NG . 86.67 -47.04 13.86
C4D CHL NG . 85.92 -45.94 13.42
CMD CHL NG . 87.71 -47.72 16.12
CAD CHL NG . 86.79 -47.96 12.74
OBD CHL NG . 87.37 -49.03 12.70
CBD CHL NG . 86.03 -47.37 11.57
CGD CHL NG . 86.92 -47.24 10.33
O1D CHL NG . 88.10 -47.02 10.36
O2D CHL NG . 86.22 -47.41 9.22
CED CHL NG . 86.91 -47.16 7.98
C1 CHL NG . 81.93 -45.60 5.43
C2 CHL NG . 82.80 -44.45 5.12
C3 CHL NG . 82.73 -43.81 3.97
C4 CHL NG . 81.77 -44.19 2.87
C5 CHL NG . 83.66 -42.67 3.64
C6 CHL NG . 83.30 -41.88 2.39
C7 CHL NG . 84.48 -41.12 1.82
C8 CHL NG . 84.17 -40.32 0.56
C9 CHL NG . 83.52 -38.99 0.89
C10 CHL NG . 85.49 -40.14 -0.19
C11 CHL NG . 85.34 -39.60 -1.61
C12 CHL NG . 84.65 -40.57 -2.56
C13 CHL NG . 85.58 -41.51 -3.30
C14 CHL NG . 86.69 -40.73 -4.00
C15 CHL NG . 84.92 -42.51 -4.25
C16 CHL NG . 85.87 -43.55 -4.82
C17 CHL NG . 85.20 -44.50 -5.81
C18 CHL NG . 86.09 -45.59 -6.37
C19 CHL NG . 86.55 -46.53 -5.26
C20 CHL NG . 85.45 -46.37 -7.50
MG CLA OG . 85.90 -55.78 11.51
CHA CLA OG . 83.64 -55.44 14.10
CHB CLA OG . 84.93 -59.05 11.03
CHC CLA OG . 87.96 -55.93 8.94
CHD CLA OG . 86.88 -52.42 12.02
NA CLA OG . 84.43 -57.13 12.45
C1A CLA OG . 83.63 -56.82 13.47
C2A CLA OG . 82.76 -57.98 13.88
C3A CLA OG . 83.23 -59.10 12.93
C4A CLA OG . 84.24 -58.41 12.07
CMA CLA OG . 83.59 -60.43 13.54
CAA CLA OG . 81.30 -57.64 13.61
CBA CLA OG . 80.61 -58.40 12.49
CGA CLA OG . 80.62 -57.62 11.19
O1A CLA OG . 80.96 -56.45 11.21
O2A CLA OG . 80.24 -58.24 10.09
NB CLA OG . 86.35 -57.26 10.18
C1B CLA OG . 85.91 -58.54 10.16
C2B CLA OG . 86.57 -59.27 9.12
C3B CLA OG . 87.43 -58.39 8.53
C4B CLA OG . 87.28 -57.11 9.22
CMB CLA OG . 86.34 -60.73 8.79
CAB CLA OG . 88.38 -58.58 7.40
CBB CLA OG . 88.05 -59.35 6.15
NC CLA OG . 87.19 -54.39 10.61
C1C CLA OG . 87.96 -54.67 9.58
C2C CLA OG . 88.83 -53.54 9.19
C3C CLA OG . 88.50 -52.55 10.07
C4C CLA OG . 87.49 -53.09 10.96
CMC CLA OG . 89.82 -53.47 8.07
CAC CLA OG . 89.11 -51.17 10.11
CBC CLA OG . 88.29 -50.28 9.21
ND CLA OG . 85.45 -54.25 12.68
C1D CLA OG . 85.88 -52.97 12.84
C2D CLA OG . 85.19 -52.29 13.94
C3D CLA OG . 84.33 -53.27 14.42
C4D CLA OG . 84.49 -54.43 13.66
CMD CLA OG . 85.26 -50.92 14.54
CAD CLA OG . 83.31 -53.49 15.41
OBD CLA OG . 82.82 -52.64 16.13
CBD CLA OG . 82.87 -54.92 15.30
CGD CLA OG . 83.26 -55.64 16.54
O1D CLA OG . 82.60 -55.52 17.56
O2D CLA OG . 84.33 -56.43 16.56
CED CLA OG . 84.19 -57.64 17.30
C1 CLA OG . 81.19 -59.01 9.28
C2 CLA OG . 82.23 -58.35 8.39
C3 CLA OG . 82.66 -58.94 7.25
C4 CLA OG . 82.12 -60.27 6.81
C5 CLA OG . 83.70 -58.30 6.36
C6 CLA OG . 83.40 -58.56 4.88
C7 CLA OG . 84.33 -57.77 3.96
C8 CLA OG . 83.59 -57.30 2.71
C9 CLA OG . 84.19 -57.90 1.44
C10 CLA OG . 83.54 -55.77 2.66
C11 CLA OG . 84.77 -55.14 2.01
C12 CLA OG . 84.99 -53.72 2.51
C13 CLA OG . 85.66 -52.88 1.43
C14 CLA OG . 87.00 -53.47 1.04
C15 CLA OG . 85.74 -51.43 1.92
C16 CLA OG . 87.15 -50.87 2.10
C17 CLA OG . 87.43 -50.53 3.56
C18 CLA OG . 86.54 -49.38 4.03
C19 CLA OG . 85.75 -49.75 5.28
C20 CLA OG . 87.36 -48.12 4.26
MG CLA PG . 89.88 -62.35 2.53
CHA CLA PG . 87.87 -64.93 3.58
CHB CLA PG . 87.21 -60.16 2.60
CHC CLA PG . 91.93 -59.97 1.52
CHD CLA PG . 92.62 -64.59 2.47
NA CLA PG . 87.74 -62.50 3.05
C1A CLA PG . 87.13 -63.62 3.46
C2A CLA PG . 85.67 -63.38 3.76
C3A CLA PG . 85.50 -61.88 3.43
C4A CLA PG . 86.88 -61.47 3.00
CMA CLA PG . 84.27 -61.42 2.67
CAA CLA PG . 85.44 -63.53 5.26
CBA CLA PG . 84.51 -64.68 5.60
CGA CLA PG . 83.13 -64.39 5.06
O1A CLA PG . 82.51 -63.44 5.51
O2A CLA PG . 82.63 -65.18 4.13
NB CLA PG . 89.61 -60.37 2.12
C1B CLA PG . 88.46 -59.65 2.19
C2B CLA PG . 88.73 -58.28 1.80
C3B CLA PG . 90.06 -58.23 1.47
C4B CLA PG . 90.61 -59.56 1.70
CMB CLA PG . 87.77 -57.13 1.71
CAB CLA PG . 90.78 -57.01 1.02
CBB CLA PG . 91.81 -56.98 -0.09
NC CLA PG . 91.94 -62.27 2.16
C1C CLA PG . 92.59 -61.18 1.74
C2C CLA PG . 94.03 -61.40 1.55
C3C CLA PG . 94.20 -62.71 1.88
C4C CLA PG . 92.91 -63.24 2.26
CMC CLA PG . 95.06 -60.41 1.10
CAC CLA PG . 95.50 -63.46 1.90
CBC CLA PG . 95.99 -63.31 3.32
ND CLA PG . 90.26 -64.25 2.90
C1D CLA PG . 91.35 -65.07 2.88
C2D CLA PG . 91.03 -66.43 3.27
C3D CLA PG . 89.67 -66.36 3.55
C4D CLA PG . 89.23 -65.06 3.33
CMD CLA PG . 91.83 -67.70 3.42
CAD CLA PG . 88.56 -67.17 3.99
OBD CLA PG . 88.66 -68.25 4.56
CBD CLA PG . 87.34 -66.30 3.96
CGD CLA PG . 86.41 -66.79 2.89
O1D CLA PG . 85.45 -67.50 3.17
O2D CLA PG . 86.61 -66.46 1.62
CED CLA PG . 85.49 -65.93 0.93
C1 CLA PG . 82.14 -64.63 2.87
C2 CLA PG . 80.94 -63.71 2.83
C3 CLA PG . 80.44 -63.27 1.67
C4 CLA PG . 79.25 -62.37 1.67
C5 CLA PG . 81.01 -63.64 0.32
C6 CLA PG . 82.01 -62.58 -0.15
C7 CLA PG . 83.36 -63.23 -0.46
C8 CLA PG . 84.30 -62.36 -1.30
C9 CLA PG . 84.18 -60.87 -0.99
C10 CLA PG . 84.06 -62.63 -2.78
C11 CLA PG . 85.27 -62.17 -3.60
C12 CLA PG . 86.18 -63.35 -3.94
C13 CLA PG . 86.67 -63.27 -5.38
C14 CLA PG . 86.11 -64.42 -6.21
C15 CLA PG . 88.19 -63.25 -5.41
C16 CLA PG . 88.72 -62.06 -6.22
C17 CLA PG . 89.93 -61.43 -5.55
C18 CLA PG . 91.11 -61.34 -6.51
C19 CLA PG . 91.19 -59.95 -7.14
C20 CLA PG . 92.42 -61.69 -5.80
MG CLA QG . 109.87 -60.50 4.98
CHA CLA QG . 112.31 -60.12 2.56
CHB CLA QG . 107.91 -62.31 2.77
CHC CLA QG . 107.64 -60.86 7.38
CHD CLA QG . 111.91 -58.69 7.24
NA CLA QG . 110.07 -61.17 2.88
C1A CLA QG . 111.11 -60.91 2.08
C2A CLA QG . 110.93 -61.50 0.71
C3A CLA QG . 109.55 -62.17 0.81
C4A CLA QG . 109.13 -61.88 2.22
CMA CLA QG . 108.59 -61.99 -0.36
CAA CLA QG . 111.96 -62.61 0.45
CBA CLA QG . 112.03 -63.65 1.57
CGA CLA QG . 113.22 -63.38 2.46
O1A CLA QG . 114.32 -63.17 1.96
O2A CLA QG . 113.05 -63.40 3.77
NB CLA QG . 108.06 -61.44 5.06
C1B CLA QG . 107.41 -62.10 4.07
C2B CLA QG . 106.15 -62.59 4.57
C3B CLA QG . 106.08 -62.17 5.87
C4B CLA QG . 107.30 -61.45 6.16
CMB CLA QG . 105.11 -63.36 3.81
CAB CLA QG . 105.00 -62.39 6.85
CBB CLA QG . 104.56 -63.77 7.26
NC CLA QG . 109.80 -59.91 6.99
C1C CLA QG . 108.79 -60.16 7.81
C2C CLA QG . 109.01 -59.67 9.18
C3C CLA QG . 110.25 -59.08 9.13
C4C CLA QG . 110.72 -59.22 7.76
CMC CLA QG . 108.08 -59.83 10.35
CAC CLA QG . 110.98 -58.41 10.26
CBC CLA QG . 111.88 -59.40 10.97
ND CLA QG . 111.65 -59.62 5.01
C1D CLA QG . 112.37 -58.91 5.92
C2D CLA QG . 113.62 -58.42 5.34
C3D CLA QG . 113.58 -58.90 4.04
C4D CLA QG . 112.40 -59.60 3.85
CMD CLA QG . 114.77 -57.61 5.86
CAD CLA QG . 114.33 -58.90 2.81
OBD CLA QG . 115.13 -58.03 2.50
CBD CLA QG . 113.57 -59.72 1.82
CGD CLA QG . 113.27 -58.85 0.62
O1D CLA QG . 113.88 -59.02 -0.42
O2D CLA QG . 112.34 -57.91 0.67
CED CLA QG . 111.44 -57.85 -0.43
C1 CLA QG . 113.50 -64.55 4.56
C2 CLA QG . 113.04 -65.95 4.26
C3 CLA QG . 112.96 -66.89 5.21
C4 CLA QG . 113.35 -66.58 6.64
MG CHL RG . 119.66 -72.26 0.98
CHA CHL RG . 121.04 -71.24 3.92
CHB CHL RG . 122.77 -72.05 -0.50
CHC CHL RG . 118.32 -73.24 -1.80
CHD CHL RG . 116.49 -72.24 2.58
NA CHL RG . 121.55 -71.76 1.62
C1A CHL RG . 121.94 -71.46 2.90
C2A CHL RG . 123.46 -71.29 3.01
C3A CHL RG . 123.92 -71.34 1.57
C4A CHL RG . 122.68 -71.74 0.82
CMA CHL RG . 124.81 -70.23 1.01
CAA CHL RG . 124.12 -72.38 3.88
CBA CHL RG . 125.62 -72.22 4.11
CGA CHL RG . 125.98 -71.87 5.52
O1A CHL RG . 125.20 -71.48 6.35
O2A CHL RG . 127.26 -72.02 5.73
NB CHL RG . 120.45 -72.61 -0.88
C1B CHL RG . 121.72 -72.45 -1.30
C2B CHL RG . 121.76 -72.78 -2.69
C3B CHL RG . 120.50 -73.15 -3.10
C4B CHL RG . 119.66 -73.03 -1.92
CMB CHL RG . 122.98 -72.70 -3.56
CAB CHL RG . 120.16 -73.59 -4.45
CBB CHL RG . 118.82 -74.06 -4.99
NC CHL RG . 117.72 -72.69 0.52
C1C CHL RG . 117.43 -73.12 -0.75
C2C CHL RG . 116.00 -73.40 -0.80
C3C CHL RG . 115.49 -73.11 0.43
C4C CHL RG . 116.56 -72.66 1.27
CMC CHL RG . 115.19 -73.90 -1.89
OMC CHL RG . 115.59 -74.17 -3.00
CAC CHL RG . 114.05 -73.22 0.85
CBC CHL RG . 113.78 -74.48 1.64
ND CHL RG . 118.85 -71.88 2.81
C1D CHL RG . 117.58 -71.84 3.32
C2D CHL RG . 117.62 -71.39 4.67
C3D CHL RG . 118.94 -71.16 4.96
C4D CHL RG . 119.68 -71.44 3.80
CMD CHL RG . 116.42 -71.20 5.55
CAD CHL RG . 119.89 -70.72 5.98
OBD CHL RG . 119.65 -70.39 7.13
CBD CHL RG . 121.28 -70.77 5.37
CGD CHL RG . 121.91 -69.38 5.47
O1D CHL RG . 121.40 -68.37 5.11
O2D CHL RG . 123.12 -69.46 6.02
CED CHL RG . 123.82 -68.22 6.19
C1 CHL RG . 127.89 -71.71 7.01
C2 CHL RG . 127.85 -72.93 7.86
MG CHL SG . 108.07 -67.56 1.84
CHA CHL SG . 110.55 -69.42 3.28
CHB CHL SG . 105.96 -68.58 4.31
CHC CHL SG . 105.73 -65.75 0.46
CHD CHL SG . 110.35 -66.67 -0.70
NA CHL SG . 108.25 -68.77 3.48
C1A CHL SG . 109.36 -69.41 3.97
C2A CHL SG . 109.09 -70.14 5.27
C3A CHL SG . 107.59 -70.13 5.33
C4A CHL SG . 107.20 -69.10 4.30
CMA CHL SG . 106.85 -70.22 6.66
CAA CHL SG . 109.70 -69.40 6.47
CBA CHL SG . 110.88 -70.09 7.15
CGA CHL SG . 111.00 -69.82 8.61
O1A CHL SG . 110.10 -69.50 9.33
O2A CHL SG . 112.25 -69.97 9.03
NB CHL SG . 106.13 -67.20 2.34
C1B CHL SG . 105.45 -67.65 3.42
C2B CHL SG . 104.16 -67.07 3.41
C3B CHL SG . 104.03 -66.27 2.31
C4B CHL SG . 105.32 -66.36 1.62
CMB CHL SG . 103.11 -67.28 4.45
CAB CHL SG . 102.83 -65.51 1.98
CBB CHL SG . 102.56 -64.57 0.84
NC CHL SG . 108.08 -66.40 0.15
C1C CHL SG . 106.93 -65.78 -0.24
C2C CHL SG . 107.21 -65.08 -1.48
C3C CHL SG . 108.53 -65.31 -1.77
C4C CHL SG . 109.08 -66.17 -0.77
CMC CHL SG . 106.36 -64.29 -2.36
OMC CHL SG . 105.20 -64.05 -2.16
CAC CHL SG . 109.27 -64.76 -2.97
CBC CHL SG . 109.16 -65.65 -4.19
ND CHL SG . 110.01 -67.90 1.32
C1D CHL SG . 110.82 -67.50 0.31
C2D CHL SG . 112.12 -68.06 0.47
C3D CHL SG . 112.07 -68.83 1.61
C4D CHL SG . 110.77 -68.72 2.13
CMD CHL SG . 113.27 -67.84 -0.46
CAD CHL SG . 112.81 -69.71 2.49
OBD CHL SG . 113.97 -70.07 2.40
CBD CHL SG . 111.87 -70.15 3.61
CGD CHL SG . 111.73 -71.67 3.63
O1D CHL SG . 111.45 -72.35 2.68
O2D CHL SG . 111.98 -72.15 4.84
CED CHL SG . 111.87 -73.58 4.99
C1 CHL SG . 112.64 -69.79 10.42
C2 CHL SG . 113.06 -71.11 10.95
C3 CHL SG . 114.29 -71.33 11.39
C4 CHL SG . 115.36 -70.29 11.42
MG CHL TG . 102.82 -63.40 -5.23
CHA CHL TG . 104.03 -61.97 -8.11
CHB CHL TG . 100.79 -60.71 -4.79
CHC CHL TG . 101.70 -64.76 -2.48
CHD CHL TG . 105.08 -66.06 -5.73
NA CHL TG . 102.46 -61.69 -6.31
C1A CHL TG . 103.02 -61.26 -7.49
C2A CHL TG . 102.46 -59.92 -7.94
C3A CHL TG . 101.57 -59.51 -6.77
C4A CHL TG . 101.59 -60.72 -5.87
CMA CHL TG . 101.71 -58.14 -6.12
CAA CHL TG . 101.67 -60.00 -9.26
CBA CHL TG . 101.76 -58.78 -10.17
CGA CHL TG . 101.31 -57.50 -9.53
O1A CHL TG . 102.05 -56.64 -9.14
O2A CHL TG . 100.00 -57.46 -9.40
NB CHL TG . 101.41 -62.82 -3.87
C1B CHL TG . 100.68 -61.70 -3.85
C2B CHL TG . 99.83 -61.68 -2.70
C3B CHL TG . 100.10 -62.85 -1.99
C4B CHL TG . 101.11 -63.57 -2.76
CMB CHL TG . 98.85 -60.60 -2.38
CAB CHL TG . 99.55 -63.32 -0.71
CBB CHL TG . 98.52 -62.74 0.22
NC CHL TG . 103.33 -65.15 -4.29
C1C CHL TG . 102.68 -65.50 -3.14
C2C CHL TG . 103.24 -66.78 -2.71
C3C CHL TG . 104.18 -67.13 -3.64
C4C CHL TG . 104.25 -66.11 -4.63
CMC CHL TG . 102.91 -67.60 -1.57
OMC CHL TG . 102.08 -67.34 -0.72
CAC CHL TG . 105.00 -68.40 -3.61
CBC CHL TG . 106.30 -68.24 -2.85
ND CHL TG . 104.24 -63.98 -6.57
C1D CHL TG . 105.10 -65.04 -6.66
C2D CHL TG . 105.93 -64.90 -7.80
C3D CHL TG . 105.55 -63.73 -8.41
C4D CHL TG . 104.52 -63.17 -7.64
CMD CHL TG . 107.01 -65.85 -8.21
CAD CHL TG . 105.78 -62.83 -9.52
OBD CHL TG . 106.59 -62.95 -10.43
CBD CHL TG . 104.84 -61.65 -9.38
CGD CHL TG . 105.67 -60.38 -9.30
O1D CHL TG . 106.21 -59.97 -8.31
O2D CHL TG . 105.72 -59.78 -10.48
CED CHL TG . 106.49 -58.55 -10.54
C1 CHL TG . 99.29 -56.40 -8.72
C2 CHL TG . 98.13 -57.00 -8.02
C3 CHL TG . 97.68 -56.52 -6.86
C4 CHL TG . 98.28 -55.34 -6.15
MG CHL UG . 100.01 -72.06 15.31
CHA CHL UG . 99.79 -68.74 14.60
CHB CHL UG . 103.11 -72.09 13.84
CHC CHL UG . 100.22 -75.22 16.02
CHD CHL UG . 96.75 -71.89 16.70
NA CHL UG . 101.22 -70.65 14.43
C1A CHL UG . 100.99 -69.31 14.31
C2A CHL UG . 102.18 -68.58 13.71
C3A CHL UG . 103.11 -69.69 13.28
C4A CHL UG . 102.46 -70.91 13.89
CMA CHL UG . 103.61 -69.73 11.85
CAA CHL UG . 102.85 -67.60 14.68
CBA CHL UG . 103.37 -68.22 15.98
CGA CHL UG . 103.78 -67.20 17.00
NB CHL UG . 101.47 -73.45 14.98
C1B CHL UG . 102.65 -73.29 14.36
C2B CHL UG . 103.34 -74.54 14.33
C3B CHL UG . 102.55 -75.48 14.95
C4B CHL UG . 101.34 -74.77 15.36
CMB CHL UG . 104.69 -74.79 13.72
CAB CHL UG . 102.94 -76.87 15.16
CBB CHL UG . 102.20 -77.98 15.90
NC CHL UG . 98.68 -73.31 16.23
C1C CHL UG . 99.04 -74.61 16.42
C2C CHL UG . 97.94 -75.27 17.13
C3C CHL UG . 96.97 -74.32 17.31
C4C CHL UG . 97.42 -73.09 16.75
CMC CHL UG . 97.80 -76.63 17.59
OMC CHL UG . 98.62 -77.52 17.46
CAC CHL UG . 95.65 -74.53 18.01
CBC CHL UG . 95.67 -74.09 19.45
ND CHL UG . 98.54 -70.69 15.65
C1D CHL UG . 97.27 -70.72 16.15
C2D CHL UG . 96.66 -69.44 16.03
C3D CHL UG . 97.60 -68.64 15.43
C4D CHL UG . 98.74 -69.41 15.21
CMD CHL UG . 95.27 -69.10 16.47
CAD CHL UG . 97.88 -67.30 14.91
OBD CHL UG . 97.14 -66.34 14.88
CBD CHL UG . 99.28 -67.30 14.36
CGD CHL UG . 99.25 -66.94 12.88
O1D CHL UG . 99.26 -67.73 11.98
O2D CHL UG . 99.22 -65.62 12.72
CED CHL UG . 99.21 -65.15 11.36
MG CHL VG . 94.89 -70.31 5.27
CHA CHL VG . 92.03 -69.45 6.87
CHB CHL VG . 93.92 -73.65 5.50
CHC CHL VG . 97.43 -71.10 3.53
CHD CHL VG . 95.84 -66.88 5.27
NA CHL VG . 93.29 -71.34 6.05
C1A CHL VG . 92.15 -70.79 6.55
C2A CHL VG . 91.09 -71.86 6.78
C3A CHL VG . 91.85 -73.12 6.73
C4A CHL VG . 93.13 -72.70 6.05
CMA CHL VG . 91.97 -73.97 8.00
CAA CHL VG . 89.98 -71.75 5.71
CBA CHL VG . 90.48 -71.27 4.35
CGA CHL VG . 89.39 -71.09 3.33
O1A CHL VG . 88.29 -71.55 3.41
O2A CHL VG . 89.82 -70.37 2.31
NB CHL VG . 95.55 -72.13 4.62
C1B CHL VG . 95.09 -73.37 4.84
C2B CHL VG . 95.98 -74.29 4.24
C3B CHL VG . 96.99 -73.61 3.64
C4B CHL VG . 96.72 -72.20 3.91
CMB CHL VG . 95.82 -75.79 4.28
CAB CHL VG . 98.10 -74.22 2.90
CBB CHL VG . 99.28 -73.57 2.20
NC CHL VG . 96.38 -69.13 4.55
C1C CHL VG . 97.29 -69.75 3.76
C2C CHL VG . 98.19 -68.74 3.22
C3C CHL VG . 97.80 -67.52 3.78
C4C CHL VG . 96.64 -67.77 4.59
CMC CHL VG . 99.20 -69.04 2.22
OMC CHL VG . 99.97 -68.27 1.70
CAC CHL VG . 98.50 -66.19 3.64
CBC CHL VG . 98.44 -65.62 2.24
ND CHL VG . 94.20 -68.52 5.94
C1D CHL VG . 94.69 -67.24 5.99
C2D CHL VG . 93.79 -66.43 6.73
C3D CHL VG . 92.72 -67.24 7.11
C4D CHL VG . 93.01 -68.52 6.62
CMD CHL VG . 93.99 -64.97 7.01
CAD CHL VG . 91.42 -67.30 7.74
OBD CHL VG . 90.81 -66.42 8.32
CBD CHL VG . 90.88 -68.72 7.58
CGD CHL VG . 90.49 -69.35 8.91
O1D CHL VG . 91.17 -69.35 9.89
O2D CHL VG . 89.31 -69.96 8.82
CED CHL VG . 88.89 -70.70 9.98
C1 CHL VG . 88.99 -70.11 1.15
C2 CHL VG . 88.91 -68.64 0.94
C3 CHL VG . 89.82 -67.97 0.23
C4 CHL VG . 91.02 -68.62 -0.39
C5 CHL VG . 89.67 -66.50 -0.03
C6 CHL VG . 90.25 -66.05 -1.36
C7 CHL VG . 89.60 -64.78 -1.92
C8 CHL VG . 89.87 -63.50 -1.13
C9 CHL VG . 91.36 -63.19 -1.06
C10 CHL VG . 89.10 -62.43 -1.90
C11 CHL VG . 89.43 -60.98 -1.54
C12 CHL VG . 88.65 -60.00 -2.39
C13 CHL VG . 88.86 -58.52 -2.06
C14 CHL VG . 87.52 -57.80 -1.91
C15 CHL VG . 89.83 -57.76 -2.96
C16 CHL VG . 89.71 -56.24 -2.89
C17 CHL VG . 90.80 -55.51 -3.67
C18 CHL VG . 90.84 -55.77 -5.16
C19 CHL VG . 89.59 -55.26 -5.85
C20 CHL VG . 92.08 -55.16 -5.81
MG CLA WG . 99.83 -61.45 19.85
CHA CLA WG . 99.05 -63.83 22.21
CHB CLA WG . 99.12 -58.92 22.07
CHC CLA WG . 100.79 -59.30 17.56
CHD CLA WG . 100.49 -64.09 17.57
NA CLA WG . 99.15 -61.36 21.94
C1A CLA WG . 98.88 -62.41 22.71
C2A CLA WG . 98.40 -61.97 24.07
C3A CLA WG . 98.39 -60.44 23.97
C4A CLA WG . 98.92 -60.20 22.59
CMA CLA WG . 97.13 -59.70 24.37
CAA CLA WG . 99.46 -62.30 25.13
CBA CLA WG . 100.90 -62.27 24.61
CGA CLA WG . 101.63 -61.00 24.99
O1A CLA WG . 101.09 -60.19 25.72
O2A CLA WG . 102.85 -60.77 24.53
NB CLA WG . 99.95 -59.43 19.83
C1B CLA WG . 99.59 -58.54 20.80
C2B CLA WG . 99.81 -57.19 20.35
C3B CLA WG . 100.28 -57.32 19.08
C4B CLA WG . 100.36 -58.74 18.76
CMB CLA WG . 99.55 -55.91 21.10
CAB CLA WG . 100.65 -56.22 18.15
CBB CLA WG . 101.85 -55.36 18.44
NC CLA WG . 100.60 -61.67 17.91
C1C CLA WG . 100.88 -60.65 17.12
C2C CLA WG . 101.28 -61.07 15.77
C3C CLA WG . 101.23 -62.44 15.81
C4C CLA WG . 100.79 -62.79 17.14
CMC CLA WG . 101.66 -60.18 14.63
CAC CLA WG . 101.53 -63.42 14.71
CBC CLA WG . 102.97 -63.87 14.81
ND CLA WG . 99.83 -63.43 19.79
C1D CLA WG . 100.07 -64.41 18.87
C2D CLA WG . 99.82 -65.75 19.38
C3D CLA WG . 99.43 -65.50 20.69
C4D CLA WG . 99.43 -64.13 20.92
CMD CLA WG . 99.93 -67.14 18.83
CAD CLA WG . 99.02 -66.18 21.90
OBD CLA WG . 99.19 -67.36 22.11
CBD CLA WG . 98.87 -65.14 22.96
CGD CLA WG . 97.49 -65.25 23.49
O1D CLA WG . 96.61 -65.63 22.74
O2D CLA WG . 97.21 -64.95 24.75
CED CLA WG . 96.77 -66.04 25.56
C1 CLA WG . 103.28 -59.41 24.26
C2 CLA WG . 103.29 -58.81 22.85
C3 CLA WG . 104.14 -57.83 22.53
C4 CLA WG . 105.10 -57.25 23.53
C5 CLA WG . 104.18 -57.21 21.15
C6 CLA WG . 105.63 -57.07 20.69
C7 CLA WG . 105.79 -56.23 19.44
C8 CLA WG . 106.98 -56.71 18.62
C9 CLA WG . 108.27 -56.60 19.42
C10 CLA WG . 107.07 -55.94 17.30
C11 CLA WG . 108.23 -56.43 16.44
C12 CLA WG . 107.91 -57.76 15.77
C13 CLA WG . 109.18 -58.55 15.46
C14 CLA WG . 109.11 -59.18 14.08
C15 CLA WG . 109.40 -59.60 16.54
C16 CLA WG . 108.38 -60.72 16.46
C17 CLA WG . 108.89 -61.98 17.14
C18 CLA WG . 109.70 -62.83 16.18
C19 CLA WG . 110.45 -63.94 16.90
C20 CLA WG . 108.83 -63.38 15.06
MG CLA XG . 94.17 -43.27 20.05
CHA CLA XG . 94.92 -45.86 22.21
CHB CLA XG . 93.33 -41.24 22.71
CHC CLA XG . 93.60 -40.83 17.89
CHD CLA XG . 95.07 -45.37 17.34
NA CLA XG . 94.13 -43.50 22.24
C1A CLA XG . 94.46 -44.60 22.92
C2A CLA XG . 94.30 -44.42 24.41
C3A CLA XG . 93.79 -42.98 24.52
C4A CLA XG . 93.74 -42.53 23.08
CMA CLA XG . 92.63 -42.65 25.45
CAA CLA XG . 95.66 -44.47 25.10
CBA CLA XG . 95.73 -45.61 26.11
CGA CLA XG . 96.97 -45.41 26.95
O1A CLA XG . 97.05 -45.98 28.02
O2A CLA XG . 97.94 -44.64 26.49
NB CLA XG . 93.57 -41.34 20.27
C1B CLA XG . 93.24 -40.68 21.42
C2B CLA XG . 92.81 -39.34 21.11
C3B CLA XG . 92.88 -39.24 19.75
C4B CLA XG . 93.37 -40.51 19.23
CMB CLA XG . 92.36 -38.29 22.09
CAB CLA XG . 92.56 -38.07 18.91
CBB CLA XG . 93.37 -36.79 19.04
NC CLA XG . 94.38 -43.11 17.96
C1C CLA XG . 94.02 -42.04 17.27
C2C CLA XG . 94.11 -42.24 15.81
C3C CLA XG . 94.56 -43.52 15.66
C4C CLA XG . 94.71 -44.06 17.02
CMC CLA XG . 93.80 -41.24 14.73
CAC CLA XG . 94.82 -44.25 14.36
CBC CLA XG . 96.30 -44.29 14.06
ND CLA XG . 94.85 -45.11 19.74
C1D CLA XG . 95.16 -45.87 18.65
C2D CLA XG . 95.55 -47.22 19.03
C3D CLA XG . 95.45 -47.20 20.41
C4D CLA XG . 95.03 -45.94 20.82
CMD CLA XG . 95.98 -48.45 18.26
CAD CLA XG . 95.64 -48.05 21.58
OBD CLA XG . 95.61 -49.27 21.54
CBD CLA XG . 95.29 -47.22 22.77
CGD CLA XG . 94.08 -47.80 23.42
O1D CLA XG . 92.99 -47.33 23.19
O2D CLA XG . 94.16 -48.85 24.22
CED CLA XG . 93.23 -49.87 23.92
MG CLA YG . 101.60 -49.01 17.97
CHA CLA YG . 100.37 -49.08 21.20
CHB CLA YG . 103.17 -52.04 18.45
CHC CLA YG . 102.63 -48.87 14.85
CHD CLA YG . 99.98 -45.90 17.48
NA CLA YG . 101.76 -50.45 19.65
C1A CLA YG . 101.20 -50.30 20.85
C2A CLA YG . 101.53 -51.46 21.76
C3A CLA YG . 102.41 -52.36 20.87
C4A CLA YG . 102.46 -51.59 19.57
CMA CLA YG . 103.68 -53.00 21.41
CAA CLA YG . 100.28 -52.25 22.14
CBA CLA YG . 100.53 -53.14 23.34
CGA CLA YG . 100.88 -52.31 24.55
NB CLA YG . 102.72 -50.26 16.83
C1B CLA YG . 103.31 -51.44 17.19
C2B CLA YG . 104.07 -51.97 16.08
C3B CLA YG . 103.92 -51.06 15.07
C4B CLA YG . 103.05 -49.99 15.56
CMB CLA YG . 104.88 -53.24 16.05
CAB CLA YG . 104.50 -51.13 13.71
CBB CLA YG . 105.53 -50.12 13.27
NC CLA YG . 101.28 -47.66 16.40
C1C CLA YG . 101.84 -47.76 15.20
C2C CLA YG . 101.55 -46.62 14.31
C3C CLA YG . 100.75 -45.80 15.06
C4C CLA YG . 100.60 -46.45 16.36
CMC CLA YG . 102.02 -46.44 12.89
CAC CLA YG . 100.16 -44.48 14.64
CBC CLA YG . 101.17 -43.37 14.77
ND CLA YG . 100.46 -47.75 18.98
C1D CLA YG . 99.85 -46.56 18.73
C2D CLA YG . 99.11 -46.07 19.89
C3D CLA YG . 99.32 -47.06 20.84
C4D CLA YG . 100.12 -48.06 20.28
CMD CLA YG . 98.28 -44.84 20.15
CAD CLA YG . 98.99 -47.43 22.20
OBD CLA YG . 98.57 -46.64 23.04
CBD CLA YG . 99.75 -48.68 22.52
CGD CLA YG . 100.84 -48.29 23.47
O1D CLA YG . 100.61 -48.14 24.67
O2D CLA YG . 102.08 -48.09 23.03
CED CLA YG . 103.10 -48.76 23.76
MG CLA ZG . 96.80 -44.02 1.54
CHA CLA ZG . 98.25 -42.23 -1.05
CHB CLA ZG . 98.88 -42.49 3.83
CHC CLA ZG . 95.31 -45.75 3.94
CHD CLA ZG . 94.65 -45.56 -0.80
NA CLA ZG . 98.41 -42.51 1.43
C1A CLA ZG . 98.85 -41.91 0.31
C2A CLA ZG . 99.98 -40.95 0.59
C3A CLA ZG . 100.14 -41.05 2.12
C4A CLA ZG . 99.11 -42.08 2.51
CMA CLA ZG . 101.54 -41.02 2.74
CAA CLA ZG . 99.59 -39.51 0.28
CBA CLA ZG . 98.20 -39.18 0.81
CGA CLA ZG . 97.31 -38.89 -0.37
O1A CLA ZG . 97.52 -37.90 -1.04
O2A CLA ZG . 96.33 -39.73 -0.65
NB CLA ZG . 97.06 -44.10 3.56
C1B CLA ZG . 97.95 -43.41 4.33
C2B CLA ZG . 97.78 -43.77 5.73
C3B CLA ZG . 96.78 -44.70 5.74
C4B CLA ZG . 96.32 -44.89 4.36
CMB CLA ZG . 98.57 -43.23 6.89
CAB CLA ZG . 96.16 -45.42 6.89
CBB CLA ZG . 96.98 -46.12 7.95
NC CLA ZG . 95.19 -45.36 1.57
C1C CLA ZG . 94.75 -45.98 2.66
C2C CLA ZG . 93.63 -46.91 2.38
C3C CLA ZG . 93.41 -46.80 1.05
C4C CLA ZG . 94.40 -45.85 0.54
CMC CLA ZG . 92.87 -47.77 3.35
CAC CLA ZG . 92.35 -47.57 0.31
CBC CLA ZG . 91.20 -46.63 -0.03
ND CLA ZG . 96.44 -43.97 -0.40
C1D CLA ZG . 95.61 -44.61 -1.27
C2D CLA ZG . 95.84 -44.24 -2.65
C3D CLA ZG . 96.87 -43.31 -2.54
C4D CLA ZG . 97.22 -43.15 -1.20
CMD CLA ZG . 95.23 -44.62 -3.97
CAD CLA ZG . 97.70 -42.45 -3.34
OBD CLA ZG . 97.69 -42.35 -4.56
CBD CLA ZG . 98.61 -41.70 -2.41
CGD CLA ZG . 100.01 -42.09 -2.75
O1D CLA ZG . 100.30 -43.27 -2.81
O2D CLA ZG . 100.93 -41.16 -3.00
CED CLA ZG . 101.25 -40.95 -4.37
C1 CLA ZG . 95.05 -39.69 0.07
C2 CLA ZG . 94.85 -40.42 1.37
C3 CLA ZG . 93.95 -41.42 1.45
C4 CLA ZG . 93.14 -41.85 0.27
C5 CLA ZG . 93.69 -42.18 2.73
C6 CLA ZG . 92.23 -42.03 3.11
C7 CLA ZG . 92.03 -42.26 4.60
C8 CLA ZG . 92.87 -41.30 5.45
C9 CLA ZG . 93.70 -42.05 6.47
C10 CLA ZG . 91.94 -40.28 6.12
C11 CLA ZG . 92.45 -38.87 5.91
C12 CLA ZG . 93.19 -38.36 7.14
C13 CLA ZG . 93.71 -36.95 6.91
C14 CLA ZG . 94.64 -36.52 8.04
C15 CLA ZG . 92.54 -35.98 6.78
C16 CLA ZG . 92.70 -35.07 5.57
C17 CLA ZG . 91.83 -35.55 4.40
C18 CLA ZG . 90.39 -35.07 4.56
C19 CLA ZG . 89.98 -34.16 3.40
C20 CLA ZG . 89.45 -36.26 4.68
MG CLA AH . 100.10 -34.71 4.95
CHA CLA AH . 96.92 -34.71 3.61
CHB CLA AH . 100.31 -31.28 4.54
CHC CLA AH . 103.08 -34.80 6.36
CHD CLA AH . 99.84 -38.21 5.40
NA CLA AH . 98.76 -33.14 4.18
C1A CLA AH . 97.54 -33.33 3.70
C2A CLA AH . 96.90 -32.04 3.26
C3A CLA AH . 97.98 -31.00 3.55
C4A CLA AH . 99.09 -31.83 4.11
CMA CLA AH . 98.29 -29.92 2.52
CAA CLA AH . 95.73 -31.69 4.20
CBA CLA AH . 95.98 -32.08 5.66
CGA CLA AH . 95.21 -31.17 6.59
O1A CLA AH . 94.01 -31.37 6.76
O2A CLA AH . 95.85 -30.19 7.20
NB CLA AH . 101.48 -33.27 5.39
C1B CLA AH . 101.42 -31.93 5.11
C2B CLA AH . 102.64 -31.28 5.53
C3B CLA AH . 103.42 -32.29 6.04
C4B CLA AH . 102.67 -33.53 5.94
CMB CLA AH . 102.93 -29.81 5.40
CAB CLA AH . 104.79 -32.21 6.62
CBB CLA AH . 105.93 -31.49 5.91
NC CLA AH . 101.25 -36.25 5.80
C1C CLA AH . 102.47 -36.08 6.28
C2C CLA AH . 103.11 -37.33 6.71
C3C CLA AH . 102.16 -38.29 6.46
C4C CLA AH . 101.01 -37.61 5.87
CMC CLA AH . 104.48 -37.50 7.31
CAC CLA AH . 102.28 -39.77 6.72
CBC CLA AH . 101.67 -40.11 8.06
ND CLA AH . 98.80 -36.17 4.64
C1D CLA AH . 98.75 -37.52 4.83
C2D CLA AH . 97.51 -38.10 4.35
C3D CLA AH . 96.80 -36.99 3.88
C4D CLA AH . 97.58 -35.85 4.07
CMD CLA AH . 96.94 -39.50 4.30
CAD CLA AH . 95.55 -36.62 3.27
OBD CLA AH . 94.79 -37.39 2.71
CBD CLA AH . 95.60 -35.15 3.02
CGD CLA AH . 95.64 -34.92 1.53
O1D CLA AH . 96.67 -34.57 0.99
O2D CLA AH . 94.55 -35.12 0.79
CED CLA AH . 94.70 -35.96 -0.35
C1 CLA AH . 96.95 -30.47 8.12
C2 CLA AH . 96.88 -31.61 9.11
C3 CLA AH . 97.29 -31.46 10.37
C4 CLA AH . 97.83 -30.14 10.86
C1 LUT BH . 102.58 -44.76 5.02
C2 LUT BH . 103.03 -44.63 3.56
C3 LUT BH . 101.86 -44.65 2.58
C4 LUT BH . 101.10 -45.95 2.75
C5 LUT BH . 100.70 -46.15 4.19
C6 LUT BH . 101.53 -45.83 5.20
C7 LUT BH . 101.40 -46.47 6.52
C8 LUT BH . 101.72 -47.75 6.78
C9 LUT BH . 101.56 -48.26 8.16
C10 LUT BH . 101.69 -49.58 8.40
C11 LUT BH . 101.55 -50.11 9.75
C12 LUT BH . 101.89 -51.38 9.97
C13 LUT BH . 101.80 -51.98 11.32
C14 LUT BH . 102.30 -53.21 11.52
C15 LUT BH . 102.26 -53.85 12.84
C16 LUT BH . 101.98 -43.45 5.50
C17 LUT BH . 103.81 -45.08 5.86
C18 LUT BH . 99.34 -46.70 4.46
C19 LUT BH . 101.27 -47.32 9.28
C20 LUT BH . 101.16 -51.21 12.43
O3 LUT BH . 102.38 -44.56 1.25
C21 LUT BH . 106.28 -61.84 22.05
C22 LUT BH . 105.93 -62.13 23.51
C23 LUT BH . 105.26 -63.49 23.66
C24 LUT BH . 103.95 -63.47 22.90
C25 LUT BH . 104.25 -63.16 21.46
C26 LUT BH . 105.11 -62.17 21.13
C27 LUT BH . 105.16 -61.72 19.71
C28 LUT BH . 104.45 -60.66 19.30
C29 LUT BH . 104.49 -60.22 17.89
C30 LUT BH . 104.29 -58.92 17.63
C31 LUT BH . 104.32 -58.36 16.27
C32 LUT BH . 103.46 -57.40 15.94
C33 LUT BH . 103.48 -56.81 14.58
C34 LUT BH . 102.89 -55.63 14.36
C35 LUT BH . 102.90 -55.00 13.03
C36 LUT BH . 107.44 -62.73 21.64
C37 LUT BH . 106.68 -60.38 21.95
C38 LUT BH . 103.62 -64.00 20.39
C39 LUT BH . 104.73 -61.21 16.79
C40 LUT BH . 104.15 -57.56 13.47
O23 LUT BH . 105.01 -63.76 25.05
C1 LUT CH . 104.19 -60.81 0.23
C2 LUT CH . 104.98 -59.79 -0.57
C3 LUT CH . 106.14 -59.19 0.21
C4 LUT CH . 105.60 -58.51 1.46
C5 LUT CH . 104.75 -59.48 2.24
C6 LUT CH . 103.89 -60.30 1.62
C7 LUT CH . 102.66 -60.75 2.31
C8 LUT CH . 101.64 -59.93 2.52
C9 LUT CH . 100.40 -60.38 3.19
C10 LUT CH . 99.45 -59.48 3.44
C11 LUT CH . 98.19 -59.82 4.08
C12 LUT CH . 97.20 -58.97 3.81
C13 LUT CH . 95.81 -59.06 4.30
C14 LUT CH . 94.98 -58.10 3.89
C15 LUT CH . 93.58 -58.10 4.29
C16 LUT CH . 105.00 -62.08 0.38
C17 LUT CH . 102.89 -61.11 -0.52
C18 LUT CH . 104.91 -59.51 3.73
C19 LUT CH . 100.22 -61.83 3.57
C20 LUT CH . 95.37 -60.17 5.19
O3 LUT CH . 106.77 -58.18 -0.61
C21 LUT CH . 81.67 -54.00 6.05
C22 LUT CH . 80.45 -53.29 6.63
C23 LUT CH . 80.80 -52.52 7.90
C24 LUT CH . 81.26 -53.51 8.96
C25 LUT CH . 82.43 -54.27 8.41
C26 LUT CH . 82.75 -54.21 7.11
C27 LUT CH . 84.17 -53.96 6.75
C28 LUT CH . 84.89 -54.91 6.18
C29 LUT CH . 86.29 -54.62 5.82
C30 LUT CH . 87.06 -55.59 5.34
C31 LUT CH . 88.44 -55.32 4.98
C32 LUT CH . 89.31 -56.31 5.07
C33 LUT CH . 90.72 -56.09 4.71
C34 LUT CH . 91.40 -57.15 4.27
C35 LUT CH . 92.80 -57.11 3.87
C36 LUT CH . 82.17 -53.14 4.90
C37 LUT CH . 81.26 -55.37 5.53
C38 LUT CH . 83.27 -55.10 9.33
C39 LUT CH . 86.83 -53.23 5.98
C40 LUT CH . 91.35 -54.75 4.85
O23 LUT CH . 79.66 -51.78 8.34
C1 XAT DH . 98.77 -65.46 -11.49
C2 XAT DH . 98.71 -63.99 -11.91
C3 XAT DH . 98.76 -63.05 -10.72
C4 XAT DH . 100.12 -63.18 -10.06
C5 XAT DH . 100.34 -64.59 -9.54
C6 XAT DH . 99.69 -65.73 -10.26
C7 XAT DH . 100.19 -67.13 -9.99
C8 XAT DH . 99.66 -67.85 -9.00
C9 XAT DH . 100.16 -69.21 -8.74
C10 XAT DH . 99.59 -69.97 -7.79
C11 XAT DH . 99.96 -71.33 -7.42
C12 XAT DH . 99.31 -71.92 -6.41
C13 XAT DH . 99.47 -73.27 -5.91
C14 XAT DH . 98.89 -73.62 -4.74
C15 XAT DH . 98.89 -74.99 -4.33
C16 XAT DH . 99.26 -66.25 -12.69
C17 XAT DH . 97.36 -65.93 -11.14
C18 XAT DH . 101.57 -64.89 -8.69
C19 XAT DH . 101.31 -69.76 -9.52
C20 XAT DH . 100.27 -74.27 -6.69
O3 XAT DH . 98.55 -61.71 -11.15
O4 XAT DH . 99.12 -65.18 -9.03
C21 XAT DH . 94.39 -86.22 -0.41
C22 XAT DH . 94.24 -87.73 -0.24
C23 XAT DH . 94.97 -88.35 0.94
C24 XAT DH . 96.45 -87.97 0.93
C25 XAT DH . 96.69 -86.47 0.86
C26 XAT DH . 95.59 -85.61 0.31
C27 XAT DH . 95.57 -84.16 0.70
C28 XAT DH . 95.92 -83.24 -0.18
C29 XAT DH . 96.30 -81.82 0.06
C30 XAT DH . 96.53 -81.00 -0.97
C31 XAT DH . 96.89 -79.61 -0.75
C32 XAT DH . 97.13 -78.80 -1.80
C33 XAT DH . 97.43 -77.36 -1.86
C34 XAT DH . 97.88 -76.80 -3.01
C35 XAT DH . 98.16 -75.41 -3.27
C36 XAT DH . 93.11 -85.55 0.10
C37 XAT DH . 94.51 -85.94 -1.91
C38 XAT DH . 97.63 -85.82 1.86
C39 XAT DH . 96.44 -81.33 1.46
C40 XAT DH . 97.24 -76.49 -0.65
O23 XAT DH . 94.37 -87.91 2.17
O24 XAT DH . 96.77 -85.92 -0.44
C1 NEX EH . 105.69 -83.69 18.04
C2 NEX EH . 105.07 -84.62 19.06
C3 NEX EH . 104.89 -86.11 18.76
C4 NEX EH . 105.64 -86.55 17.51
C5 NEX EH . 105.26 -85.67 16.34
C6 NEX EH . 105.74 -84.29 16.63
C7 NEX EH . 106.23 -83.59 15.72
C8 NEX EH . 106.84 -82.80 14.71
C9 NEX EH . 106.30 -81.88 13.72
C10 NEX EH . 107.01 -81.08 13.05
C11 NEX EH . 106.52 -80.15 12.04
C12 NEX EH . 107.04 -79.12 11.81
C13 NEX EH . 106.57 -77.94 11.05
C14 NEX EH . 107.29 -76.92 10.98
C15 NEX EH . 106.92 -75.61 10.42
C16 NEX EH . 107.08 -83.31 18.44
C17 NEX EH . 104.85 -82.43 17.96
C18 NEX EH . 105.89 -86.20 15.03
C19 NEX EH . 104.81 -81.92 13.55
C20 NEX EH . 105.24 -77.99 10.39
O3 NEX EH . 105.36 -86.87 19.89
O4 NEX EH . 103.81 -85.64 16.18
C21 NEX EH . 109.59 -64.30 9.08
C22 NEX EH . 110.35 -63.18 8.40
C23 NEX EH . 111.02 -63.63 7.13
C24 NEX EH . 109.97 -63.96 6.09
C25 NEX EH . 108.98 -64.99 6.61
C26 NEX EH . 108.79 -65.16 8.12
C27 NEX EH . 107.48 -65.77 8.57
C28 NEX EH . 107.38 -67.05 8.91
C29 NEX EH . 106.19 -67.54 9.32
C30 NEX EH . 106.03 -68.74 9.64
C31 NEX EH . 106.97 -69.77 10.11
C32 NEX EH . 106.68 -70.92 10.06
C33 NEX EH . 107.25 -72.11 10.72
C34 NEX EH . 106.86 -73.26 10.36
C35 NEX EH . 107.40 -74.57 10.75
C36 NEX EH . 108.66 -63.70 10.12
C37 NEX EH . 110.62 -65.19 9.79
C38 NEX EH . 107.88 -65.51 5.68
C39 NEX EH . 104.99 -66.63 9.39
C40 NEX EH . 108.27 -71.97 11.81
O23 NEX EH . 111.84 -62.57 6.61
O24 NEX EH . 109.60 -66.05 7.35
O1 LHG FH . 88.23 -39.58 22.15
C1 LHG FH . 88.30 -40.90 22.70
C2 LHG FH . 89.59 -41.57 22.22
O2 LHG FH . 90.08 -40.86 21.07
C3 LHG FH . 89.30 -43.01 21.83
O3 LHG FH . 89.64 -43.20 20.46
P LHG FH . 90.20 -44.62 19.95
O4 LHG FH . 91.53 -44.88 20.62
O5 LHG FH . 89.11 -45.64 20.08
O6 LHG FH . 90.47 -44.34 18.38
C4 LHG FH . 90.10 -45.34 17.43
C5 LHG FH . 90.70 -45.05 16.05
C6 LHG FH . 91.86 -46.03 15.87
O7 LHG FH . 89.72 -45.28 15.04
C7 LHG FH . 89.78 -44.41 14.02
O9 LHG FH . 90.67 -44.52 13.20
C8 LHG FH . 88.76 -43.30 13.89
C9 LHG FH . 89.22 -42.33 12.79
C10 LHG FH . 88.36 -42.50 11.54
O8 LHG FH . 91.75 -46.73 14.63
C23 LHG FH . 91.31 -47.98 14.60
O10 LHG FH . 90.94 -48.51 15.64
C24 LHG FH . 91.27 -48.74 13.29
C11 LHG FH . 88.92 -43.58 10.64
C12 LHG FH . 87.98 -43.88 9.48
C13 LHG FH . 88.25 -43.01 8.27
C14 LHG FH . 87.81 -43.72 6.99
C15 LHG FH . 88.86 -43.59 5.91
C16 LHG FH . 88.22 -43.27 4.56
C17 LHG FH . 87.20 -44.33 4.17
C18 LHG FH . 86.94 -44.31 2.67
C19 LHG FH . 87.96 -45.18 1.94
C20 LHG FH . 87.61 -45.33 0.47
C21 LHG FH . 87.91 -44.05 -0.32
C22 LHG FH . 88.12 -44.35 -1.79
C25 LHG FH . 90.98 -47.75 12.16
C26 LHG FH . 92.18 -47.57 11.24
C27 LHG FH . 91.95 -46.45 10.26
C28 LHG FH . 92.75 -45.19 10.60
C29 LHG FH . 92.44 -44.06 9.63
C30 LHG FH . 93.09 -42.74 10.07
C31 LHG FH . 92.03 -41.67 10.34
C32 LHG FH . 92.62 -40.27 10.23
C33 LHG FH . 91.81 -39.24 11.01
C34 LHG FH . 92.55 -38.78 12.27
C35 LHG FH . 92.09 -37.40 12.72
C36 LHG FH . 92.29 -37.22 14.22
C37 LHG FH . 91.31 -36.19 14.78
C38 LHG FH . 91.88 -35.49 16.00
MG CLA GH . -45.16 22.70 -55.57
CHA CLA GH . -47.53 21.82 -53.21
CHB CLA GH . -42.71 21.05 -53.79
CHC CLA GH . -43.01 23.50 -57.94
CHD CLA GH . -47.70 24.36 -57.40
NA CLA GH . -45.10 21.54 -53.70
C1A CLA GH . -46.14 21.29 -52.89
C2A CLA GH . -45.73 20.50 -51.67
C3A CLA GH . -44.23 20.31 -51.87
C4A CLA GH . -43.97 21.00 -53.19
CMA CLA GH . -43.29 20.57 -50.71
CAA CLA GH . -46.39 19.12 -51.64
CBA CLA GH . -46.16 18.30 -52.91
CGA CLA GH . -45.28 17.09 -52.61
O1A CLA GH . -45.03 16.83 -51.45
O2A CLA GH . -44.83 16.35 -53.61
NB CLA GH . -43.18 22.33 -55.82
C1B CLA GH . -42.33 21.66 -55.00
C2B CLA GH . -41.00 21.65 -55.53
C3B CLA GH . -41.08 22.36 -56.72
C4B CLA GH . -42.47 22.77 -56.88
CMB CLA GH . -39.79 20.99 -54.90
CAB CLA GH . -40.02 22.66 -57.71
CBB CLA GH . -38.66 23.19 -57.32
NC CLA GH . -45.34 23.73 -57.41
C1C CLA GH . -44.31 23.99 -58.19
C2C CLA GH . -44.68 24.85 -59.35
C3C CLA GH . -46.02 25.07 -59.18
C4C CLA GH . -46.42 24.37 -57.96
CMC CLA GH . -43.78 25.36 -60.44
CAC CLA GH . -46.90 25.89 -60.10
CBC CLA GH . -47.56 24.98 -61.11
ND CLA GH . -47.11 23.04 -55.45
C1D CLA GH . -48.04 23.72 -56.19
C2D CLA GH . -49.36 23.71 -55.56
C3D CLA GH . -49.14 22.95 -54.40
C4D CLA GH . -47.81 22.57 -54.35
CMD CLA GH . -50.70 24.28 -55.92
CAD CLA GH . -49.82 22.44 -53.23
OBD CLA GH . -51.01 22.52 -52.99
CBD CLA GH . -48.81 21.71 -52.40
CGD CLA GH . -48.67 22.46 -51.12
O1D CLA GH . -49.56 22.40 -50.28
O2D CLA GH . -47.60 23.21 -50.87
CED CLA GH . -47.12 23.18 -49.53
C1 CLA GH . -43.43 15.96 -53.71
C2 CLA GH . -42.48 16.55 -54.73
C3 CLA GH . -41.51 15.80 -55.29
C4 CLA GH . -41.33 14.36 -54.92
C5 CLA GH . -40.56 16.38 -56.32
C6 CLA GH . -40.22 15.36 -57.41
C7 CLA GH . -41.31 15.29 -58.47
C8 CLA GH . -40.73 15.14 -59.88
C9 CLA GH . -39.63 14.09 -59.94
C10 CLA GH . -40.24 16.50 -60.37
C11 CLA GH . -40.31 16.62 -61.88
C12 CLA GH . -41.39 17.62 -62.30
C13 CLA GH . -42.34 17.05 -63.34
C14 CLA GH . -43.53 17.98 -63.57
C15 CLA GH . -42.83 15.65 -62.93
MG CLA HH . -33.61 22.72 -59.37
CHA CLA HH . -34.19 20.59 -56.70
CHB CLA HH . -30.73 23.87 -57.89
CHC CLA HH . -33.14 24.66 -62.02
CHD CLA HH . -36.59 21.54 -60.89
NA CLA HH . -32.54 22.28 -57.49
C1A CLA HH . -32.93 21.40 -56.55
C2A CLA HH . -31.96 21.37 -55.39
C3A CLA HH . -30.89 22.40 -55.80
C4A CLA HH . -31.39 22.90 -57.13
CMA CLA HH . -30.28 23.34 -54.79
CAA CLA HH . -31.29 20.02 -55.23
CBA CLA HH . -30.87 19.44 -56.58
CGA CLA HH . -31.52 18.09 -56.79
O1A CLA HH . -31.91 17.46 -55.83
O2A CLA HH . -31.67 17.64 -58.02
NB CLA HH . -32.16 24.05 -59.88
C1B CLA HH . -31.06 24.42 -59.14
C2B CLA HH . -30.31 25.43 -59.87
C3B CLA HH . -31.00 25.64 -61.03
C4B CLA HH . -32.17 24.76 -61.02
CMB CLA HH . -29.04 26.10 -59.41
CAB CLA HH . -30.67 26.57 -62.13
CBB CLA HH . -30.75 28.06 -61.90
NC CLA HH . -34.65 22.98 -61.20
C1C CLA HH . -34.28 23.84 -62.14
C2C CLA HH . -35.19 23.84 -63.31
C3C CLA HH . -36.14 22.90 -63.00
C4C CLA HH . -35.79 22.38 -61.67
CMC CLA HH . -35.08 24.66 -64.56
CAC CLA HH . -37.30 22.50 -63.87
CBC CLA HH . -36.98 21.25 -64.66
ND CLA HH . -35.06 21.43 -59.01
C1D CLA HH . -36.20 21.02 -59.63
C2D CLA HH . -36.93 20.02 -58.85
C3D CLA HH . -36.14 19.87 -57.72
C4D CLA HH . -35.03 20.71 -57.82
CMD CLA HH . -38.20 19.26 -59.06
CAD CLA HH . -36.06 19.12 -56.49
OBD CLA HH . -36.78 18.19 -56.15
CBD CLA HH . -34.79 19.52 -55.80
CGD CLA HH . -35.17 20.02 -54.45
O1D CLA HH . -36.33 20.36 -54.27
O2D CLA HH . -34.29 20.08 -53.45
CED CLA HH . -34.36 19.04 -52.49
C1 CLA HH . -30.68 16.73 -58.60
C2 CLA HH . -29.21 16.89 -58.31
C3 CLA HH . -28.28 16.80 -59.28
C4 CLA HH . -28.66 16.52 -60.71
C5 CLA HH . -26.82 16.95 -58.99
C6 CLA HH . -26.57 18.38 -58.55
C7 CLA HH . -26.29 19.26 -59.75
C8 CLA HH . -24.96 18.86 -60.39
C9 CLA HH . -23.80 19.33 -59.52
C10 CLA HH . -24.90 19.35 -61.84
C11 CLA HH . -24.08 20.62 -62.03
C12 CLA HH . -24.94 21.88 -61.97
C13 CLA HH . -26.03 21.87 -63.04
C14 CLA HH . -25.80 22.99 -64.05
C15 CLA HH . -27.40 22.01 -62.39
MG CLA IH . -28.57 42.09 -61.64
CHA CLA IH . -26.68 43.66 -64.07
CHB CLA IH . -26.83 39.16 -62.09
CHC CLA IH . -30.37 40.73 -59.21
CHD CLA IH . -30.35 45.09 -61.16
NA CLA IH . -26.90 41.45 -62.94
C1A CLA IH . -26.29 42.21 -63.85
C2A CLA IH . -25.20 41.45 -64.57
C3A CLA IH . -25.30 40.05 -63.94
C4A CLA IH . -26.40 40.21 -62.93
CMA CLA IH . -25.37 38.85 -64.86
CAA CLA IH . -23.82 42.05 -64.32
CBA CLA IH . -23.24 41.73 -62.94
CGA CLA IH . -23.35 42.92 -62.01
O1A CLA IH . -24.43 43.45 -61.84
O2A CLA IH . -22.26 43.36 -61.40
NB CLA IH . -28.58 40.24 -60.78
C1B CLA IH . -27.83 39.16 -61.11
C2B CLA IH . -28.19 38.03 -60.28
C3B CLA IH . -29.20 38.48 -59.47
C4B CLA IH . -29.43 39.89 -59.80
CMB CLA IH . -27.58 36.66 -60.36
CAB CLA IH . -29.98 37.78 -58.42
CBB CLA IH . -30.53 36.37 -58.59
NC CLA IH . -30.07 42.82 -60.35
C1C CLA IH . -30.70 42.07 -59.46
C2C CLA IH . -31.81 42.78 -58.79
C3C CLA IH . -31.78 44.04 -59.33
C4C CLA IH . -30.70 44.04 -60.31
CMC CLA IH . -32.73 42.25 -57.72
CAC CLA IH . -32.70 45.18 -59.00
CBC CLA IH . -32.03 46.10 -58.00
ND CLA IH . -28.60 43.93 -62.35
C1D CLA IH . -29.31 45.05 -62.13
C2D CLA IH . -28.89 46.15 -62.99
C3D CLA IH . -27.87 45.59 -63.75
C4D CLA IH . -27.70 44.27 -63.36
CMD CLA IH . -29.34 47.58 -63.17
CAD CLA IH . -26.92 45.90 -64.79
OBD CLA IH . -26.62 47.02 -65.17
CBD CLA IH . -26.13 44.66 -65.07
CGD CLA IH . -26.42 44.22 -66.48
O1D CLA IH . -25.79 44.70 -67.41
O2D CLA IH . -27.36 43.31 -66.73
CED CLA IH . -27.04 42.31 -67.69
C1 CLA IH . -22.24 43.70 -59.98
C2 CLA IH . -23.15 44.75 -59.38
C3 CLA IH . -22.74 45.52 -58.36
C4 CLA IH . -23.66 46.56 -57.79
MG CHL JH . -22.25 37.62 -60.53
CHA CHL JH . -20.44 40.11 -59.00
CHB CHL JH . -23.19 36.49 -57.44
CHC CHL JH . -24.10 35.37 -62.01
CHD CHL JH . -21.10 38.81 -63.64
NA CHL JH . -21.84 38.18 -58.60
C1A CHL JH . -21.12 39.27 -58.15
C2A CHL JH . -21.18 39.39 -56.64
C3A CHL JH . -21.78 38.08 -56.20
C4A CHL JH . -22.31 37.51 -57.49
CMA CHL JH . -21.00 37.18 -55.25
CAA CHL JH . -22.03 40.60 -56.23
CBA CHL JH . -22.09 40.86 -54.73
CGA CHL JH . -23.33 41.57 -54.30
NB CHL JH . -23.48 36.16 -59.82
C1B CHL JH . -23.76 35.86 -58.53
C2B CHL JH . -24.71 34.80 -58.52
C3B CHL JH . -25.02 34.45 -59.80
C4B CHL JH . -24.21 35.34 -60.64
CMB CHL JH . -25.29 34.17 -57.28
CAB CHL JH . -26.01 33.45 -60.17
CBB CHL JH . -26.52 33.06 -61.54
NC CHL JH . -22.53 37.19 -62.51
C1C CHL JH . -23.36 36.18 -62.86
C2C CHL JH . -23.35 36.06 -64.31
C3C CHL JH . -22.47 37.03 -64.78
C4C CHL JH . -21.96 37.75 -63.64
CMC CHL JH . -24.13 35.12 -65.09
OMC CHL JH . -24.15 35.00 -66.29
CAC CHL JH . -22.09 37.31 -66.21
CBC CHL JH . -20.79 36.67 -66.60
ND CHL JH . -21.02 39.07 -61.25
C1D CHL JH . -20.64 39.47 -62.50
C2D CHL JH . -19.79 40.60 -62.42
C3D CHL JH . -19.66 40.89 -61.08
C4D CHL JH . -20.42 39.94 -60.37
CMD CHL JH . -19.16 41.30 -63.58
CAD CHL JH . -19.11 41.81 -60.11
OBD CHL JH . -18.40 42.79 -60.31
CBD CHL JH . -19.60 41.37 -58.72
CGD CHL JH . -18.47 41.28 -57.71
O1D CHL JH . -18.61 41.35 -56.52
O2D CHL JH . -17.30 41.14 -58.31
CED CHL JH . -16.14 41.18 -57.45
MG CHL KH . -24.88 31.55 -67.84
CHA CHL KH . -24.26 32.03 -71.18
CHB CHL KH . -27.99 30.42 -68.63
CHC CHL KH . -25.40 31.03 -64.64
CHD CHL KH . -21.64 32.79 -67.17
NA CHL KH . -25.91 31.28 -69.59
C1A CHL KH . -25.48 31.48 -70.89
C2A CHL KH . -26.56 31.09 -71.91
C3A CHL KH . -27.76 30.80 -71.05
C4A CHL KH . -27.21 30.83 -69.64
CMA CHL KH . -29.10 31.49 -71.34
CAA CHL KH . -26.17 29.88 -72.77
CBA CHL KH . -27.26 29.41 -73.74
CGA CHL KH . -26.97 28.09 -74.39
O1A CHL KH . -26.52 27.95 -75.50
O2A CHL KH . -27.29 27.08 -73.61
NB CHL KH . -26.48 30.82 -66.79
C1B CHL KH . -27.65 30.39 -67.28
C2B CHL KH . -28.47 29.95 -66.20
C3B CHL KH . -27.77 30.13 -65.04
C4B CHL KH . -26.48 30.70 -65.42
CMB CHL KH . -29.84 29.37 -66.35
CAB CHL KH . -28.31 29.79 -63.72
CBB CHL KH . -27.65 29.92 -62.36
NC CHL KH . -23.69 31.91 -66.20
C1C CHL KH . -24.16 31.57 -64.96
C2C CHL KH . -23.09 31.85 -64.00
C3C CHL KH . -22.02 32.31 -64.73
C4C CHL KH . -22.40 32.36 -66.11
CMC CHL KH . -23.02 31.69 -62.56
OMC CHL KH . -23.93 31.28 -61.86
CAC CHL KH . -20.67 32.65 -64.18
CBC CHL KH . -20.47 34.12 -63.97
ND CHL KH . -23.27 32.29 -68.85
C1D CHL KH . -22.06 32.80 -68.49
C2D CHL KH . -21.33 33.21 -69.65
C3D CHL KH . -22.15 32.93 -70.72
C4D CHL KH . -23.33 32.38 -70.22
CMD CHL KH . -19.97 33.83 -69.62
CAD CHL KH . -22.26 32.97 -72.17
OBD CHL KH . -21.44 33.38 -72.97
CBD CHL KH . -23.61 32.39 -72.53
CGD CHL KH . -24.39 33.38 -73.38
O1D CHL KH . -24.44 34.56 -73.19
O2D CHL KH . -25.02 32.75 -74.37
CED CHL KH . -25.79 33.59 -75.27
C1 CHL KH . -27.13 25.69 -74.01
C2 CHL KH . -27.48 24.83 -72.85
C3 CHL KH . -26.69 24.76 -71.78
C4 CHL KH . -27.00 23.91 -70.58
MG CLA LH . -27.47 35.22 -45.71
CHA CLA LH . -29.83 35.11 -48.25
CHB CLA LH . -25.43 37.23 -47.63
CHC CLA LH . -25.34 35.33 -43.18
CHD CLA LH . -29.58 33.17 -43.74
NA CLA LH . -27.61 36.12 -47.73
C1A CLA LH . -28.61 35.94 -48.60
C2A CLA LH . -28.36 36.67 -49.90
C3A CLA LH . -26.96 37.29 -49.67
C4A CLA LH . -26.63 36.87 -48.27
CMA CLA LH . -25.90 37.15 -50.74
CAA CLA LH . -29.41 37.76 -50.11
CBA CLA LH . -28.93 39.21 -50.25
CGA CLA LH . -29.02 39.94 -48.93
O1A CLA LH . -29.93 39.72 -48.16
O2A CLA LH . -28.07 40.83 -48.65
NB CLA LH . -25.68 36.15 -45.44
C1B CLA LH . -24.97 36.90 -46.34
C2B CLA LH . -23.72 37.31 -45.76
C3B CLA LH . -23.70 36.78 -44.51
C4B CLA LH . -24.94 36.04 -44.32
CMB CLA LH . -22.64 38.15 -46.39
CAB CLA LH . -22.62 36.90 -43.51
CBB CLA LH . -22.78 37.74 -42.26
NC CLA LH . -27.48 34.42 -43.77
C1C CLA LH . -26.51 34.60 -42.88
C2C CLA LH . -26.78 33.96 -41.58
C3C CLA LH . -28.01 33.37 -41.74
C4C CLA LH . -28.43 33.66 -43.12
CMC CLA LH . -25.90 33.97 -40.36
CAC CLA LH . -28.80 32.59 -40.72
CBC CLA LH . -28.29 31.17 -40.58
ND CLA LH . -29.24 34.35 -45.85
C1D CLA LH . -30.00 33.54 -45.05
C2D CLA LH . -31.22 33.12 -45.71
C3D CLA LH . -31.14 33.73 -46.95
C4D CLA LH . -29.96 34.47 -47.02
CMD CLA LH . -32.38 32.24 -45.32
CAD CLA LH . -31.87 33.88 -48.18
OBD CLA LH . -32.81 33.19 -48.55
CBD CLA LH . -31.08 34.80 -49.06
CGD CLA LH . -30.73 34.08 -50.33
O1D CLA LH . -30.22 32.97 -50.31
O2D CLA LH . -31.00 34.64 -51.51
CED CLA LH . -32.24 34.28 -52.10
C1 CLA LH . -26.99 40.52 -47.72
C2 CLA LH . -27.21 40.51 -46.22
C3 CLA LH . -26.23 40.89 -45.39
C4 CLA LH . -24.90 41.36 -45.90
C5 CLA LH . -26.40 40.91 -43.88
C6 CLA LH . -25.26 40.15 -43.21
C7 CLA LH . -25.17 40.49 -41.73
C8 CLA LH . -25.64 39.32 -40.86
C9 CLA LH . -27.11 39.49 -40.46
C10 CLA LH . -24.76 39.21 -39.63
C11 CLA LH . -24.64 37.75 -39.17
C12 CLA LH . -24.88 37.62 -37.67
C13 CLA LH . -25.45 36.26 -37.33
C14 CLA LH . -26.91 36.37 -36.91
C15 CLA LH . -24.62 35.61 -36.22
MG CLA MH . -26.52 26.48 -53.12
CHA CLA MH . -29.19 24.89 -51.62
CHB CLA MH . -24.31 24.60 -51.27
CHC CLA MH . -24.03 27.98 -54.72
CHD CLA MH . -28.80 28.41 -54.99
NA CLA MH . -26.70 24.89 -51.61
C1A CLA MH . -27.85 24.40 -51.12
C2A CLA MH . -27.61 23.35 -50.05
C3A CLA MH . -26.07 23.33 -49.98
C4A CLA MH . -25.65 24.32 -51.01
CMA CLA MH . -25.35 23.34 -48.64
CAA CLA MH . -28.08 21.96 -50.49
CBA CLA MH . -27.78 21.67 -51.96
CGA CLA MH . -26.92 20.44 -52.15
O1A CLA MH . -26.70 20.03 -53.28
O2A CLA MH . -26.42 19.81 -51.10
NB CLA MH . -24.50 26.31 -53.02
C1B CLA MH . -23.76 25.51 -52.19
C2B CLA MH . -22.35 25.73 -52.41
C3B CLA MH . -22.29 26.67 -53.37
C4B CLA MH . -23.65 27.04 -53.76
CMB CLA MH . -21.20 25.04 -51.70
CAB CLA MH . -21.05 27.24 -53.95
CBB CLA MH . -20.64 26.83 -55.35
NC CLA MH . -26.44 27.91 -54.67
C1C CLA MH . -25.31 28.42 -55.14
C2C CLA MH . -25.54 29.50 -56.14
C3C CLA MH . -26.91 29.58 -56.24
C4C CLA MH . -27.45 28.59 -55.31
CMC CLA MH . -24.51 30.29 -56.90
CAC CLA MH . -27.69 30.51 -57.13
CBC CLA MH . -28.13 29.79 -58.37
ND CLA MH . -28.47 26.70 -53.33
C1D CLA MH . -29.31 27.45 -54.10
C2D CLA MH . -30.71 27.14 -53.84
C3D CLA MH . -30.65 26.15 -52.86
C4D CLA MH . -29.31 25.89 -52.58
CMD CLA MH . -32.01 27.66 -54.37
CAD CLA MH . -31.49 25.28 -52.08
OBD CLA MH . -32.58 24.89 -52.44
CBD CLA MH . -30.58 24.44 -51.23
CGD CLA MH . -30.87 24.70 -49.79
O1D CLA MH . -31.04 25.83 -49.39
O2D CLA MH . -30.97 23.67 -48.95
CED CLA MH . -32.29 23.28 -48.58
C1 CLA MH . -25.00 19.96 -50.74
C2 CLA MH . -23.90 19.74 -51.74
C3 CLA MH . -22.61 19.79 -51.37
C4 CLA MH . -22.21 20.09 -49.95
C5 CLA MH . -21.50 19.56 -52.36
C6 CLA MH . -20.39 20.59 -52.21
C7 CLA MH . -19.38 20.46 -53.34
C8 CLA MH . -19.16 21.79 -54.06
C9 CLA MH . -18.44 22.79 -53.15
C10 CLA MH . -20.50 22.35 -54.52
C11 CLA MH . -20.36 23.12 -55.83
C12 CLA MH . -19.86 22.22 -56.94
C13 CLA MH . -21.01 21.44 -57.57
C14 CLA MH . -20.86 19.95 -57.35
C15 CLA MH . -21.07 21.77 -59.06
MG CLA NH . -38.93 38.07 -47.48
CHA CLA NH . -38.22 38.03 -44.11
CHB CLA NH . -42.20 38.97 -46.82
CHC CLA NH . -39.48 38.15 -50.74
CHD CLA NH . -35.56 37.21 -48.14
NA CLA NH . -40.10 38.48 -45.65
C1A CLA NH . -39.65 38.42 -44.40
C2A CLA NH . -40.72 38.74 -43.39
C3A CLA NH . -41.94 39.01 -44.27
C4A CLA NH . -41.41 38.81 -45.66
CMA CLA NH . -43.29 38.46 -43.84
CAA CLA NH . -40.47 40.02 -42.57
CBA CLA NH . -39.46 40.99 -43.18
CGA CLA NH . -40.06 41.89 -44.24
O1A CLA NH . -40.77 42.83 -43.89
O2A CLA NH . -39.80 41.65 -45.50
NB CLA NH . -40.58 38.50 -48.61
C1B CLA NH . -41.84 38.81 -48.17
C2B CLA NH . -42.72 39.00 -49.31
C3B CLA NH . -41.93 38.76 -50.42
C4B CLA NH . -40.59 38.44 -49.94
CMB CLA NH . -44.18 39.36 -49.21
CAB CLA NH . -42.25 38.78 -51.88
CBB CLA NH . -43.40 39.51 -52.53
NC CLA NH . -37.71 37.79 -49.17
C1C CLA NH . -38.14 37.84 -50.41
C2C CLA NH . -37.09 37.53 -51.41
C3C CLA NH . -35.98 37.29 -50.66
C4C CLA NH . -36.36 37.44 -49.26
CMC CLA NH . -37.22 37.51 -52.90
CAC CLA NH . -34.61 36.95 -51.18
CBC CLA NH . -33.80 38.21 -51.34
ND CLA NH . -37.25 37.71 -46.49
C1D CLA NH . -35.97 37.36 -46.80
C2D CLA NH . -35.15 37.17 -45.61
C3D CLA NH . -36.03 37.43 -44.57
C4D CLA NH . -37.28 37.76 -45.11
CMD CLA NH . -33.72 36.80 -45.37
CAD CLA NH . -36.13 37.50 -43.12
OBD CLA NH . -35.24 37.22 -42.34
CBD CLA NH . -37.55 37.83 -42.77
CGD CLA NH . -38.19 36.63 -42.17
O1D CLA NH . -37.91 35.52 -42.58
O2D CLA NH . -39.09 36.76 -41.19
CED CLA NH . -38.75 36.22 -39.92
C1 CLA NH . -40.39 42.50 -46.54
C2 CLA NH . -41.84 42.40 -46.95
C3 CLA NH . -42.33 43.21 -47.90
C4 CLA NH . -43.77 43.10 -48.30
C5 CLA NH . -41.48 44.25 -48.56
C6 CLA NH . -42.02 44.65 -49.94
C7 CLA NH . -40.89 45.03 -50.89
C8 CLA NH . -39.95 46.06 -50.27
C9 CLA NH . -40.42 47.48 -50.57
C10 CLA NH . -38.54 45.81 -50.78
C11 CLA NH . -38.38 46.26 -52.23
C12 CLA NH . -36.92 46.22 -52.66
C13 CLA NH . -36.01 46.94 -51.67
C14 CLA NH . -36.10 48.45 -51.81
C15 CLA NH . -34.58 46.45 -51.87
MG CLA OH . -55.50 33.86 -57.34
CHA CLA OH . -54.52 35.30 -54.36
CHB CLA OH . -58.76 33.67 -56.23
CHC CLA OH . -56.33 32.58 -60.27
CHD CLA OH . -52.15 34.09 -58.48
NA CLA OH . -56.55 34.44 -55.50
C1A CLA OH . -56.00 35.00 -54.42
C2A CLA OH . -57.01 35.24 -53.32
C3A CLA OH . -58.31 34.72 -53.95
C4A CLA OH . -57.88 34.25 -55.31
CMA CLA OH . -59.27 33.87 -53.11
CAA CLA OH . -57.19 36.72 -53.01
CBA CLA OH . -57.21 37.57 -54.27
CGA CLA OH . -57.52 39.01 -53.88
O1A CLA OH . -56.92 39.52 -52.97
O2A CLA OH . -58.46 39.65 -54.55
NB CLA OH . -57.27 33.23 -58.13
C1B CLA OH . -58.50 33.20 -57.54
C2B CLA OH . -59.46 32.62 -58.44
C3B CLA OH . -58.76 32.31 -59.57
C4B CLA OH . -57.37 32.71 -59.37
CMB CLA OH . -60.93 32.40 -58.19
CAB CLA OH . -59.29 31.69 -60.81
CBB CLA OH . -58.93 30.27 -61.17
NC CLA OH . -54.42 33.48 -59.12
C1C CLA OH . -54.95 32.87 -60.18
C2C CLA OH . -53.94 32.57 -61.22
C3C CLA OH . -52.77 33.03 -60.71
C4C CLA OH . -53.08 33.60 -59.40
CMC CLA OH . -54.18 31.89 -62.55
CAC CLA OH . -51.40 32.97 -61.37
CBC CLA OH . -51.06 34.30 -61.99
ND CLA OH . -53.74 34.51 -56.70
C1D CLA OH . -52.47 34.56 -57.19
C2D CLA OH . -51.53 35.13 -56.23
C3D CLA OH . -52.35 35.42 -55.14
C4D CLA OH . -53.66 35.05 -55.42
CMD CLA OH . -50.06 35.42 -56.23
CAD CLA OH . -52.30 35.97 -53.80
OBD CLA OH . -51.30 36.28 -53.18
CBD CLA OH . -53.68 35.84 -53.22
CGD CLA OH . -53.66 34.85 -52.08
O1D CLA OH . -53.36 33.68 -52.29
O2D CLA OH . -53.96 35.23 -50.84
CED CLA OH . -53.00 34.88 -49.86
C1 CLA OH . -58.23 40.02 -55.95
MG CLA PH . -48.75 42.00 -54.97
CHA CLA PH . -51.20 40.59 -52.98
CHB CLA PH . -47.25 43.42 -52.21
CHC CLA PH . -46.39 43.17 -56.96
CHD CLA PH . -50.29 40.51 -57.79
NA CLA PH . -49.16 42.01 -52.80
C1A CLA PH . -50.18 41.39 -52.19
C2A CLA PH . -50.17 41.61 -50.70
C3A CLA PH . -48.93 42.51 -50.51
C4A CLA PH . -48.40 42.66 -51.91
CMA CLA PH . -49.03 43.76 -49.65
CAA CLA PH . -49.92 40.27 -50.00
CBA CLA PH . -49.63 40.37 -48.51
CGA CLA PH . -50.84 39.95 -47.70
O1A CLA PH . -50.66 39.55 -46.56
O2A CLA PH . -52.04 40.01 -48.23
NB CLA PH . -47.06 43.12 -54.64
C1B CLA PH . -46.63 43.64 -53.45
C2B CLA PH . -45.44 44.43 -53.67
C3B CLA PH . -45.19 44.37 -55.01
C4B CLA PH . -46.24 43.53 -55.62
CMB CLA PH . -44.66 45.17 -52.62
CAB CLA PH . -44.03 45.07 -55.64
CBB CLA PH . -43.54 44.95 -57.07
NC CLA PH . -48.37 41.82 -57.03
C1C CLA PH . -47.39 42.44 -57.65
C2C CLA PH . -47.44 42.30 -59.13
C3C CLA PH . -48.54 41.52 -59.35
C4C CLA PH . -49.12 41.23 -58.03
CMC CLA PH . -46.50 42.87 -60.16
CAC CLA PH . -49.07 41.07 -60.69
CBC CLA PH . -48.62 39.66 -60.98
ND CLA PH . -50.30 40.85 -55.39
C1D CLA PH . -50.85 40.29 -56.51
C2D CLA PH . -52.05 39.52 -56.21
C3D CLA PH . -52.17 39.65 -54.83
C4D CLA PH . -51.12 40.44 -54.36
CMD CLA PH . -53.03 38.73 -57.01
CAD CLA PH . -53.01 39.25 -53.73
OBD CLA PH . -54.19 38.97 -53.87
CBD CLA PH . -52.45 39.87 -52.49
CGD CLA PH . -53.45 40.86 -51.97
O1D CLA PH . -54.44 40.47 -51.36
O2D CLA PH . -53.28 42.15 -52.17
CED CLA PH . -53.59 43.01 -51.08
C1 CLA PH . -52.94 41.12 -47.87
C2 CLA PH . -52.61 42.04 -46.72
C3 CLA PH . -53.49 42.34 -45.76
C4 CLA PH . -53.11 43.26 -44.64
C5 CLA PH . -54.89 41.79 -45.74
C6 CLA PH . -55.86 42.97 -45.61
C7 CLA PH . -57.20 42.70 -46.31
C8 CLA PH . -56.98 42.14 -47.72
C9 CLA PH . -56.62 43.26 -48.70
C10 CLA PH . -58.24 41.39 -48.17
C11 CLA PH . -58.47 40.14 -47.33
C12 CLA PH . -59.81 40.20 -46.61
C13 CLA PH . -60.71 39.03 -47.00
C14 CLA PH . -61.42 39.30 -48.31
C15 CLA PH . -61.71 38.77 -45.87
MG CLA QH . -45.46 31.22 -72.48
CHA CLA QH . -45.29 32.45 -75.71
CHB CLA QH . -46.81 34.20 -71.37
CHC CLA QH . -45.63 29.91 -69.46
CHD CLA QH . -44.13 28.14 -73.65
NA CLA QH . -46.01 33.14 -73.43
C1A CLA QH . -45.88 33.44 -74.72
C2A CLA QH . -46.37 34.84 -75.02
C3A CLA QH . -46.81 35.35 -73.63
C4A CLA QH . -46.54 34.18 -72.74
CMA CLA QH . -46.43 36.74 -73.16
CAA CLA QH . -47.56 34.88 -75.98
CBA CLA QH . -48.42 33.62 -75.99
CGA CLA QH . -49.67 33.82 -75.16
O1A CLA QH . -50.41 34.74 -75.44
O2A CLA QH . -49.91 32.99 -74.16
NB CLA QH . -46.12 31.94 -70.70
C1B CLA QH . -46.62 33.18 -70.41
C2B CLA QH . -46.92 33.28 -69.00
C3B CLA QH . -46.57 32.07 -68.48
C4B CLA QH . -46.08 31.23 -69.56
CMB CLA QH . -47.48 34.49 -68.30
CAB CLA QH . -46.68 31.62 -67.07
CBB CLA QH . -48.02 31.58 -66.37
NC CLA QH . -45.02 29.31 -71.70
C1C CLA QH . -45.11 29.01 -70.41
C2C CLA QH . -44.61 27.65 -70.10
C3C CLA QH . -44.22 27.15 -71.32
C4C CLA QH . -44.47 28.20 -72.30
CMC CLA QH . -44.56 26.97 -68.76
CAC CLA QH . -43.63 25.79 -71.58
CBC CLA QH . -44.71 24.83 -72.04
ND CLA QH . -44.83 30.41 -74.18
C1D CLA QH . -44.35 29.20 -74.58
C2D CLA QH . -44.10 29.16 -76.01
C3D CLA QH . -44.46 30.42 -76.44
C4D CLA QH . -44.90 31.16 -75.34
CMD CLA QH . -43.57 28.10 -76.96
CAD CLA QH . -44.55 31.25 -77.62
OBD CLA QH . -44.23 30.91 -78.76
CBD CLA QH . -44.99 32.62 -77.19
CGD CLA QH . -43.87 33.58 -77.41
O1D CLA QH . -43.35 33.67 -78.51
O2D CLA QH . -43.41 34.37 -76.44
CED CLA QH . -43.25 35.74 -76.77
C1 CLA QH . -50.07 31.56 -74.41
C1 LUT RH . -44.13 37.29 -68.80
C2 LUT RH . -43.80 37.08 -70.28
C3 LUT RH . -42.40 37.49 -70.67
C4 LUT RH . -42.23 38.95 -70.30
C5 LUT RH . -42.39 39.09 -68.80
C6 LUT RH . -43.21 38.28 -68.11
C7 LUT RH . -43.24 38.31 -66.62
C8 LUT RH . -43.97 39.16 -65.89
C9 LUT RH . -43.93 39.09 -64.41
C10 LUT RH . -43.72 40.18 -63.66
C11 LUT RH . -43.73 40.10 -62.20
C12 LUT RH . -43.21 41.07 -61.44
C13 LUT RH . -43.26 40.98 -59.97
C14 LUT RH . -42.48 41.76 -59.20
C15 LUT RH . -42.55 41.68 -57.74
C16 LUT RH . -44.01 35.95 -68.09
C17 LUT RH . -45.58 37.78 -68.72
C18 LUT RH . -41.59 40.16 -68.13
C19 LUT RH . -44.18 37.77 -63.73
C20 LUT RH . -44.22 40.02 -59.33
O3 LUT RH . -42.23 37.36 -72.08
C21 LUT RH . -36.77 44.12 -46.61
C22 LUT RH . -37.19 43.91 -45.16
C23 LUT RH . -36.33 42.84 -44.52
C24 LUT RH . -36.50 41.52 -45.25
C25 LUT RH . -36.14 41.73 -46.69
C26 LUT RH . -36.70 42.78 -47.32
C27 LUT RH . -36.81 42.71 -48.80
C28 LUT RH . -37.93 42.21 -49.32
C29 LUT RH . -38.08 42.13 -50.78
C30 LUT RH . -39.27 41.84 -51.30
C31 LUT RH . -39.43 41.77 -52.74
C32 LUT RH . -40.54 41.33 -53.33
C33 LUT RH . -40.49 41.35 -54.81
C34 LUT RH . -41.52 41.83 -55.53
C35 LUT RH . -41.47 41.88 -56.98
C36 LUT RH . -35.40 44.78 -46.65
C37 LUT RH . -37.78 45.05 -47.29
C38 LUT RH . -35.18 40.81 -47.38
C39 LUT RH . -36.90 42.40 -51.67
C40 LUT RH . -39.23 40.86 -55.45
O23 LUT RH . -36.69 42.68 -43.14
C1 XAT SH . -30.55 36.60 -64.12
C2 XAT SH . -29.50 37.29 -65.00
C3 XAT SH . -28.34 36.41 -65.46
C4 XAT SH . -28.89 35.14 -66.07
C5 XAT SH . -29.63 34.33 -65.01
C6 XAT SH . -30.41 35.06 -63.96
C7 XAT SH . -31.52 34.29 -63.28
C8 XAT SH . -31.33 33.62 -62.14
C9 XAT SH . -32.49 32.91 -61.56
C10 XAT SH . -32.33 31.84 -60.78
C11 XAT SH . -33.42 31.09 -60.19
C12 XAT SH . -33.49 29.77 -60.35
C13 XAT SH . -34.65 29.01 -60.78
C14 XAT SH . -34.64 27.67 -60.76
C15 XAT SH . -35.86 26.97 -60.45
C16 XAT SH . -31.90 36.86 -64.74
C17 XAT SH . -30.53 37.24 -62.74
C18 XAT SH . -30.05 32.91 -65.32
C19 XAT SH . -33.88 33.38 -61.83
C20 XAT SH . -35.86 29.75 -61.27
O3 XAT SH . -27.60 37.09 -66.47
O4 XAT SH . -29.07 34.55 -63.66
C21 XAT SH . -44.39 18.32 -58.77
C22 XAT SH . -45.48 17.74 -57.86
C23 XAT SH . -46.16 18.82 -57.03
C24 XAT SH . -46.93 19.71 -57.99
C25 XAT SH . -45.98 20.42 -58.95
C26 XAT SH . -44.77 19.67 -59.39
C27 XAT SH . -44.10 20.10 -60.68
C28 XAT SH . -42.96 20.75 -60.63
C29 XAT SH . -42.33 21.68 -61.60
C30 XAT SH . -41.31 22.44 -61.18
C31 XAT SH . -40.61 23.40 -62.04
C32 XAT SH . -39.41 23.83 -61.65
C33 XAT SH . -38.62 25.04 -61.98
C34 XAT SH . -37.68 25.43 -61.09
C35 XAT SH . -36.47 26.19 -61.34
C36 XAT SH . -44.11 17.32 -59.87
C37 XAT SH . -43.14 18.51 -57.92
C38 XAT SH . -46.52 21.45 -59.93
C39 XAT SH . -42.86 21.76 -63.01
C40 XAT SH . -38.88 25.81 -63.24
O23 XAT SH . -47.07 18.20 -56.12
O24 XAT SH . -44.69 20.71 -58.41
C1 NEX TH . -13.42 31.62 -41.63
C2 NEX TH . -13.00 30.63 -40.50
C3 NEX TH . -13.93 30.50 -39.29
C4 NEX TH . -15.39 30.68 -39.67
C5 NEX TH . -15.61 32.03 -40.28
C6 NEX TH . -14.83 32.12 -41.56
C7 NEX TH . -15.34 32.59 -42.60
C8 NEX TH . -15.80 33.03 -43.84
C9 NEX TH . -15.92 34.38 -44.47
C10 NEX TH . -16.89 34.72 -45.22
C11 NEX TH . -16.99 36.01 -45.94
C12 NEX TH . -17.96 36.35 -46.52
C13 NEX TH . -18.26 37.56 -47.31
C14 NEX TH . -19.42 37.75 -47.73
C15 NEX TH . -19.84 38.29 -49.04
C16 NEX TH . -13.22 30.88 -42.99
C17 NEX TH . -12.51 32.87 -41.56
C18 NEX TH . -17.03 32.26 -40.51
C19 NEX TH . -14.82 35.35 -44.13
C20 NEX TH . -17.18 38.56 -47.59
O3 NEX TH . -13.69 29.20 -38.73
O4 NEX TH . -15.14 33.02 -39.41
C21 NEX TH . -27.45 41.80 -56.34
C22 NEX TH . -27.71 42.90 -57.37
C23 NEX TH . -26.47 43.28 -58.16
C24 NEX TH . -26.09 42.12 -59.05
C25 NEX TH . -25.81 40.87 -58.22
C26 NEX TH . -26.52 40.71 -56.87
C27 NEX TH . -26.57 39.34 -56.24
C28 NEX TH . -25.64 38.96 -55.38
C29 NEX TH . -25.66 37.74 -54.81
C30 NEX TH . -24.75 37.40 -54.01
C31 NEX TH . -23.81 38.25 -53.29
C32 NEX TH . -23.01 37.85 -52.52
C33 NEX TH . -22.28 38.59 -51.46
C34 NEX TH . -21.39 38.03 -50.77
C35 NEX TH . -20.96 38.38 -49.41
C36 NEX TH . -28.77 41.19 -55.91
C37 NEX TH . -26.80 42.45 -55.12
C38 NEX TH . -25.19 39.66 -58.88
C39 NEX TH . -26.78 36.79 -55.12
C40 NEX TH . -22.61 40.03 -51.19
O23 NEX TH . -26.74 44.44 -58.97
O24 NEX TH . -25.17 41.19 -56.98
MG CHL UH . 35.49 -81.02 -42.24
CHA CHL UH . 36.65 -83.89 -43.66
CHB CHL UH . 33.93 -80.26 -45.17
CHC CHL UH . 34.34 -78.33 -40.81
CHD CHL UH . 37.24 -81.93 -39.28
NA CHL UH . 35.31 -81.94 -44.06
C1A CHL UH . 35.83 -83.15 -44.46
C2A CHL UH . 35.41 -83.50 -45.88
C3A CHL UH . 34.75 -82.25 -46.38
C4A CHL UH . 34.64 -81.39 -45.13
CMA CHL UH . 35.19 -81.62 -47.70
CAA CHL UH . 34.44 -84.68 -45.94
CBA CHL UH . 34.12 -85.16 -47.35
CGA CHL UH . 35.31 -85.77 -48.03
O1A CHL UH . 35.69 -86.90 -47.87
O2A CHL UH . 35.90 -84.91 -48.84
NB CHL UH . 34.30 -79.51 -42.90
C1B CHL UH . 33.74 -79.37 -44.13
C2B CHL UH . 32.99 -78.17 -44.14
C3B CHL UH . 33.07 -77.58 -42.91
C4B CHL UH . 33.93 -78.46 -42.11
CMB CHL UH . 32.21 -77.66 -45.32
CAB CHL UH . 32.38 -76.34 -42.57
CBB CHL UH . 32.34 -75.62 -41.26
NC CHL UH . 35.77 -80.28 -40.35
C1C CHL UH . 35.16 -79.12 -40.00
C2C CHL UH . 35.52 -78.85 -38.60
C3C CHL UH . 36.34 -79.85 -38.20
C4C CHL UH . 36.51 -80.77 -39.29
CMC CHL UH . 35.11 -77.79 -37.71
OMC CHL UH . 34.36 -76.87 -37.99
CAC CHL UH . 36.99 -79.96 -36.86
CBC CHL UH . 36.16 -80.73 -35.87
ND CHL UH . 36.68 -82.52 -41.52
C1D CHL UH . 37.34 -82.78 -40.36
C2D CHL UH . 38.06 -84.00 -40.47
C3D CHL UH . 37.81 -84.48 -41.72
C4D CHL UH . 36.97 -83.56 -42.36
CMD CHL UH . 38.94 -84.59 -39.40
CAD CHL UH . 38.09 -85.54 -42.65
OBD CHL UH . 38.75 -86.55 -42.45
CBD CHL UH . 37.40 -85.22 -43.95
CGD CHL UH . 38.49 -85.06 -45.00
O1D CHL UH . 38.34 -85.23 -46.17
O2D CHL UH . 39.64 -84.71 -44.44
CED CHL UH . 40.76 -84.52 -45.33
MG CLA VH . 39.55 -93.25 -40.77
CHA CLA VH . 36.83 -92.90 -38.67
CHB CLA VH . 39.34 -96.70 -40.57
CHC CLA VH . 42.04 -93.44 -42.93
CHD CLA VH . 39.76 -89.71 -40.96
NA CLA VH . 38.21 -94.67 -39.75
C1A CLA VH . 37.20 -94.35 -38.95
C2A CLA VH . 36.54 -95.57 -38.36
C3A CLA VH . 37.37 -96.72 -38.93
C4A CLA VH . 38.36 -96.01 -39.81
CMA CLA VH . 37.86 -97.74 -37.93
CAA CLA VH . 35.08 -95.65 -38.87
CBA CLA VH . 34.74 -96.79 -39.83
CGA CLA VH . 34.94 -96.35 -41.27
O1A CLA VH . 34.95 -95.17 -41.53
O2A CLA VH . 35.08 -97.28 -42.19
NB CLA VH . 40.52 -94.82 -41.63
C1B CLA VH . 40.33 -96.15 -41.40
C2B CLA VH . 41.30 -96.92 -42.16
C3B CLA VH . 42.07 -95.99 -42.81
C4B CLA VH . 41.56 -94.67 -42.46
CMB CLA VH . 41.43 -98.41 -42.18
CAB CLA VH . 43.21 -96.22 -43.73
CBB CLA VH . 43.05 -97.04 -44.98
NC CLA VH . 40.70 -91.81 -41.79
C1C CLA VH . 41.68 -92.11 -42.62
C2C CLA VH . 42.35 -90.92 -43.17
C3C CLA VH . 41.68 -89.86 -42.60
C4C CLA VH . 40.66 -90.44 -41.74
CMC CLA VH . 43.48 -90.86 -44.15
CAC CLA VH . 41.96 -88.40 -42.83
CBC CLA VH . 41.22 -87.93 -44.05
ND CLA VH . 38.60 -91.65 -40.08
C1D CLA VH . 38.75 -90.31 -40.17
C2D CLA VH . 37.77 -89.59 -39.35
C3D CLA VH . 37.02 -90.62 -38.78
C4D CLA VH . 37.53 -91.84 -39.22
CMD CLA VH . 37.50 -88.13 -39.09
CAD CLA VH . 35.92 -90.85 -37.88
OBD CLA VH . 35.11 -90.03 -37.51
CBD CLA VH . 35.78 -92.34 -37.73
CGD CLA VH . 36.15 -92.76 -36.35
O1D CLA VH . 36.99 -92.13 -35.71
O2D CLA VH . 35.58 -93.82 -35.80
CED CLA VH . 35.59 -93.91 -34.38
C1 CLA VH . 36.40 -97.81 -42.54
C2 CLA VH . 37.35 -97.06 -43.44
C3 CLA VH . 38.21 -97.71 -44.24
C4 CLA VH . 38.26 -99.22 -44.27
C5 CLA VH . 39.18 -97.00 -45.15
C6 CLA VH . 39.18 -97.65 -46.53
C7 CLA VH . 39.98 -96.83 -47.55
C8 CLA VH . 39.33 -96.87 -48.93
C9 CLA VH . 39.02 -98.29 -49.38
C10 CLA VH . 40.24 -96.17 -49.95
C11 CLA VH . 40.51 -94.73 -49.55
C12 CLA VH . 40.97 -93.90 -50.75
C13 CLA VH . 42.47 -93.69 -50.74
C14 CLA VH . 42.83 -92.24 -50.47
C15 CLA VH . 43.06 -94.15 -52.08
MG CLA WH . 48.26 -100.29 -47.38
CHA CLA WH . 45.08 -101.36 -46.56
CHB CLA WH . 49.62 -103.12 -45.95
CHC CLA WH . 51.25 -99.22 -48.32
CHD CLA WH . 46.86 -97.40 -48.84
NA CLA WH . 47.45 -102.07 -46.36
C1A CLA WH . 46.16 -102.32 -46.11
C2A CLA WH . 45.97 -103.61 -45.33
C3A CLA WH . 47.41 -104.11 -45.17
C4A CLA WH . 48.22 -103.06 -45.87
CMA CLA WH . 47.91 -104.59 -43.81
CAA CLA WH . 45.16 -104.64 -46.13
CBA CLA WH . 44.93 -105.92 -45.34
CGA CLA WH . 44.32 -105.61 -44.00
O1A CLA WH . 43.24 -105.04 -43.94
O2A CLA WH . 44.96 -105.98 -42.90
NB CLA WH . 50.14 -101.06 -47.17
C1B CLA WH . 50.51 -102.22 -46.56
C2B CLA WH . 51.95 -102.35 -46.61
C3B CLA WH . 52.39 -101.24 -47.27
C4B CLA WH . 51.24 -100.43 -47.62
CMB CLA WH . 52.78 -103.48 -46.04
CAB CLA WH . 53.79 -100.89 -47.62
CBB CLA WH . 54.27 -101.10 -49.02
NC CLA WH . 48.93 -98.62 -48.48
C1C CLA WH . 50.21 -98.34 -48.68
C2C CLA WH . 50.42 -97.03 -49.35
C3C CLA WH . 49.16 -96.55 -49.52
C4C CLA WH . 48.24 -97.53 -48.97
CMC CLA WH . 51.74 -96.40 -49.74
CAC CLA WH . 48.78 -95.22 -50.16
CBC CLA WH . 48.39 -95.43 -51.60
ND CLA WH . 46.49 -99.49 -47.68
C1D CLA WH . 46.00 -98.36 -48.26
C2D CLA WH . 44.56 -98.28 -48.19
C3D CLA WH . 44.20 -99.45 -47.53
C4D CLA WH . 45.36 -100.16 -47.23
CMD CLA WH . 43.54 -97.26 -48.65
CAD CLA WH . 43.06 -100.19 -47.04
OBD CLA WH . 41.89 -99.96 -47.32
CBD CLA WH . 43.57 -101.44 -46.38
CGD CLA WH . 43.21 -101.39 -44.93
O1D CLA WH . 43.64 -100.50 -44.21
O2D CLA WH . 42.43 -102.33 -44.42
CED CLA WH . 41.18 -101.87 -43.89
C1 CLA WH . 44.94 -107.37 -42.49
C2 CLA WH . 43.65 -108.15 -42.36
C3 CLA WH . 43.63 -109.39 -41.87
C4 CLA WH . 42.34 -110.15 -41.73
C5 CLA WH . 44.89 -110.11 -41.41
C6 CLA WH . 44.97 -111.49 -42.09
C7 CLA WH . 46.24 -112.24 -41.69
C8 CLA WH . 46.89 -112.89 -42.92
C9 CLA WH . 45.98 -113.93 -43.55
C10 CLA WH . 48.24 -113.50 -42.53
C11 CLA WH . 49.33 -113.09 -43.51
C12 CLA WH . 50.70 -113.62 -43.11
C13 CLA WH . 51.78 -113.16 -44.07
C14 CLA WH . 53.11 -113.84 -43.76
C15 CLA WH . 51.92 -111.65 -44.00
C16 CLA WH . 52.98 -111.14 -44.97
C17 CLA WH . 52.64 -109.74 -45.48
C18 CLA WH . 53.86 -108.84 -45.47
C19 CLA WH . 54.89 -109.30 -46.50
C20 CLA WH . 53.48 -107.37 -45.71
MG CLA XH . 65.07 -93.03 -42.26
CHA CLA XH . 68.06 -92.53 -43.92
CHB CLA XH . 64.46 -95.87 -44.12
CHC CLA XH . 62.30 -93.48 -40.52
CHD CLA XH . 65.72 -90.13 -40.34
NA CLA XH . 66.14 -94.12 -43.85
C1A CLA XH . 67.31 -93.75 -44.39
C2A CLA XH . 67.73 -94.69 -45.49
C3A CLA XH . 66.57 -95.70 -45.55
C4A CLA XH . 65.66 -95.23 -44.45
CMA CLA XH . 65.97 -96.04 -46.89
CAA CLA XH . 69.00 -95.45 -45.10
CBA CLA XH . 68.85 -96.24 -43.81
CGA CLA XH . 70.07 -96.07 -42.93
O1A CLA XH . 71.18 -96.18 -43.41
O2A CLA XH . 69.92 -95.80 -41.64
NB CLA XH . 63.62 -94.45 -42.30
C1B CLA XH . 63.52 -95.54 -43.13
C2B CLA XH . 62.31 -96.27 -42.84
C3B CLA XH . 61.70 -95.58 -41.82
C4B CLA XH . 62.55 -94.44 -41.50
CMB CLA XH . 61.82 -97.51 -43.52
CAB CLA XH . 60.43 -95.88 -41.13
CBB CLA XH . 59.13 -95.86 -41.90
NC CLA XH . 64.19 -92.00 -40.65
C1C CLA XH . 63.03 -92.35 -40.11
C2C CLA XH . 62.62 -91.43 -39.03
C3C CLA XH . 63.61 -90.50 -38.98
C4C CLA XH . 64.59 -90.86 -39.99
CMC CLA XH . 61.37 -91.52 -38.18
CAC CLA XH . 63.69 -89.33 -38.04
CBC CLA XH . 64.48 -89.78 -36.83
ND CLA XH . 66.48 -91.64 -42.07
C1D CLA XH . 66.66 -90.52 -41.32
C2D CLA XH . 67.88 -89.81 -41.68
C3D CLA XH . 68.41 -90.60 -42.69
C4D CLA XH . 67.57 -91.69 -42.92
CMD CLA XH . 68.54 -88.56 -41.20
CAD CLA XH . 69.54 -90.69 -43.60
OBD CLA XH . 70.34 -89.81 -43.83
CBD CLA XH . 69.37 -91.96 -44.39
CGD CLA XH . 69.22 -91.62 -45.85
O1D CLA XH . 68.52 -90.69 -46.19
O2D CLA XH . 69.84 -92.33 -46.76
CED CLA XH . 70.49 -91.57 -47.78
C1 CLA XH . 70.55 -96.64 -40.64
C2 CLA XH . 69.77 -97.13 -39.43
C3 CLA XH . 70.36 -97.11 -38.22
C4 CLA XH . 71.76 -96.64 -38.03
C5 CLA XH . 69.64 -97.57 -36.97
C6 CLA XH . 69.70 -96.46 -35.94
C7 CLA XH . 69.55 -97.02 -34.53
C8 CLA XH . 68.21 -96.63 -33.94
C9 CLA XH . 68.40 -95.93 -32.59
C10 CLA XH . 67.33 -97.87 -33.79
MG CLA YH . 70.15 -87.78 -32.22
CHA CLA YH . 67.71 -86.30 -34.17
CHB CLA YH . 69.95 -85.22 -29.92
CHC CLA YH . 72.38 -89.36 -30.39
CHD CLA YH . 70.33 -90.42 -34.58
NA CLA YH . 68.95 -85.94 -32.03
C1A CLA YH . 68.02 -85.53 -32.89
C2A CLA YH . 67.38 -84.24 -32.43
C3A CLA YH . 68.12 -83.93 -31.11
C4A CLA YH . 69.06 -85.09 -30.99
CMA CLA YH . 68.63 -82.52 -30.84
CAA CLA YH . 65.89 -84.35 -32.03
CBA CLA YH . 65.26 -85.75 -32.00
CGA CLA YH . 65.16 -86.36 -30.62
O1A CLA YH . 64.04 -86.53 -30.16
O2A CLA YH . 66.23 -86.73 -29.95
NB CLA YH . 71.02 -87.37 -30.43
C1B CLA YH . 70.87 -86.26 -29.65
C2B CLA YH . 71.75 -86.33 -28.51
C3B CLA YH . 72.43 -87.49 -28.65
C4B CLA YH . 71.96 -88.14 -29.88
CMB CLA YH . 71.89 -85.30 -27.41
CAB CLA YH . 73.47 -88.02 -27.73
CBB CLA YH . 73.31 -89.34 -27.01
NC CLA YH . 71.14 -89.63 -32.42
C1C CLA YH . 72.08 -90.05 -31.58
C2C CLA YH . 72.75 -91.30 -32.04
C3C CLA YH . 72.13 -91.59 -33.22
C4C CLA YH . 71.14 -90.54 -33.45
CMC CLA YH . 73.84 -92.04 -31.33
CAC CLA YH . 72.44 -92.76 -34.11
CBC CLA YH . 71.47 -93.88 -33.82
ND CLA YH . 69.31 -88.32 -33.93
C1D CLA YH . 69.41 -89.37 -34.79
C2D CLA YH . 68.50 -89.23 -35.93
C3D CLA YH . 67.84 -88.03 -35.67
C4D CLA YH . 68.33 -87.50 -34.48
CMD CLA YH . 68.20 -90.07 -37.15
CAD CLA YH . 66.83 -87.15 -36.19
OBD CLA YH . 66.39 -87.20 -37.34
CBD CLA YH . 66.75 -85.96 -35.29
CGD CLA YH . 67.19 -84.73 -36.04
O1D CLA YH . 66.62 -84.38 -37.06
O2D CLA YH . 68.21 -83.99 -35.61
CED CLA YH . 67.98 -82.59 -35.64
C1 CLA YH . 67.02 -87.91 -30.31
C2 CLA YH . 66.60 -88.92 -31.35
C3 CLA YH . 67.22 -90.10 -31.47
C4 CLA YH . 68.36 -90.49 -30.58
C5 CLA YH . 66.82 -91.12 -32.51
MG CHL ZH . 66.40 -100.55 -43.32
CHA CHL ZH . 68.95 -100.78 -41.08
CHB CHL ZH . 64.22 -101.69 -40.90
CHC CHL ZH . 64.01 -100.31 -45.48
CHD CHL ZH . 68.78 -99.46 -45.74
NA CHL ZH . 66.57 -101.10 -41.35
C1A CHL ZH . 67.70 -101.09 -40.57
C2A CHL ZH . 67.41 -101.52 -39.15
C3A CHL ZH . 65.98 -101.99 -39.19
C4A CHL ZH . 65.54 -101.58 -40.57
CMA CHL ZH . 65.60 -103.37 -38.65
CAA CHL ZH . 67.62 -100.39 -38.13
CBA CHL ZH . 67.67 -100.86 -36.68
CGA CHL ZH . 68.58 -102.02 -36.46
NB CHL ZH . 64.40 -100.93 -43.19
C1B CHL ZH . 63.68 -101.36 -42.13
C2B CHL ZH . 62.31 -101.43 -42.51
C3B CHL ZH . 62.20 -101.04 -43.82
C4B CHL ZH . 63.56 -100.72 -44.26
CMB CHL ZH . 61.19 -101.87 -41.63
CAB CHL ZH . 60.94 -100.94 -44.55
CBB CHL ZH . 60.68 -100.48 -45.97
NC CHL ZH . 66.44 -99.97 -45.29
C1C CHL ZH . 65.27 -99.98 -45.98
C2C CHL ZH . 65.56 -99.58 -47.35
C3C CHL ZH . 66.91 -99.34 -47.41
C4C CHL ZH . 67.47 -99.59 -46.12
CMC CHL ZH . 64.69 -99.40 -48.49
OMC CHL ZH . 63.48 -99.59 -48.50
CAC CHL ZH . 67.67 -98.92 -48.64
CBC CHL ZH . 68.08 -100.09 -49.49
ND CHL ZH . 68.40 -100.16 -43.48
C1D CHL ZH . 69.24 -99.71 -44.46
C2D CHL ZH . 70.57 -99.62 -43.96
C3D CHL ZH . 70.51 -100.01 -42.64
C4D CHL ZH . 69.17 -100.34 -42.36
CMD CHL ZH . 71.76 -99.18 -44.74
CAD CHL ZH . 71.27 -100.27 -41.44
OBD CHL ZH . 72.46 -100.09 -41.25
CBD CHL ZH . 70.32 -100.80 -40.39
CGD CHL ZH . 70.73 -102.21 -39.97
O1D CHL ZH . 70.21 -103.21 -40.37
O2D CHL ZH . 71.73 -102.17 -39.10
CED CHL ZH . 72.19 -103.45 -38.62
MG CHL AI . 61.60 -99.81 -52.69
CHA CHL AI . 62.90 -98.60 -55.60
CHB CHL AI . 58.93 -97.68 -53.04
CHC CHL AI . 60.37 -101.01 -49.93
CHD CHL AI . 64.46 -101.88 -52.39
NA CHL AI . 61.02 -98.42 -54.08
C1A CHL AI . 61.67 -98.10 -55.27
C2A CHL AI . 60.87 -97.08 -56.09
C3A CHL AI . 59.78 -96.63 -55.12
C4A CHL AI . 59.90 -97.63 -53.99
CMA CHL AI . 58.41 -96.17 -55.61
CAA CHL AI . 60.31 -97.67 -57.39
CBA CHL AI . 59.78 -99.10 -57.28
NB CHL AI . 59.89 -99.40 -51.65
C1B CHL AI . 58.91 -98.52 -51.94
C2B CHL AI . 57.91 -98.60 -50.95
C3B CHL AI . 58.28 -99.53 -50.02
C4B CHL AI . 59.57 -100.05 -50.49
CMB CHL AI . 56.65 -97.79 -50.93
CAB CHL AI . 57.49 -99.89 -48.84
CBB CHL AI . 57.78 -100.91 -47.77
NC CHL AI . 62.33 -101.23 -51.40
C1C CHL AI . 61.59 -101.56 -50.29
C2C CHL AI . 62.34 -102.58 -49.57
C3C CHL AI . 63.49 -102.80 -50.27
C4C CHL AI . 63.49 -101.96 -51.42
CMC CHL AI . 62.03 -103.29 -48.35
OMC CHL AI . 61.02 -103.15 -47.68
CAC CHL AI . 64.59 -103.75 -49.88
CBC CHL AI . 65.67 -103.09 -49.06
ND CHL AI . 63.32 -100.23 -53.70
C1D CHL AI . 64.40 -101.03 -53.49
C2D CHL AI . 65.34 -100.87 -54.53
C3D CHL AI . 64.81 -99.93 -55.38
C4D CHL AI . 63.57 -99.54 -54.87
CMD CHL AI . 66.66 -101.60 -54.63
CAD CHL AI . 65.01 -99.17 -56.61
OBD CHL AI . 65.96 -99.21 -57.38
CBD CHL AI . 63.80 -98.28 -56.80
CGD CHL AI . 64.24 -96.82 -56.85
O1D CHL AI . 64.45 -96.13 -55.90
O2D CHL AI . 64.37 -96.41 -58.12
CED CHL AI . 64.80 -95.04 -58.29
MG CHL BI . 56.40 -104.31 -30.60
CHA CHL BI . 55.36 -101.54 -32.21
CHB CHL BI . 59.67 -103.47 -31.34
CHC CHL BI . 57.37 -106.94 -28.98
CHD CHL BI . 52.99 -105.06 -29.90
NA CHL BI . 57.33 -102.77 -31.58
C1A CHL BI . 56.73 -101.66 -32.11
C2A CHL BI . 57.75 -100.66 -32.63
C3A CHL BI . 59.04 -101.43 -32.60
C4A CHL BI . 58.69 -102.65 -31.79
CMA CHL BI . 59.86 -101.55 -33.88
CAA CHL BI . 57.81 -99.36 -31.81
CBA CHL BI . 58.54 -99.48 -30.47
CGA CHL BI . 58.67 -98.20 -29.71
O1A CHL BI . 58.06 -97.19 -29.93
O2A CHL BI . 59.56 -98.32 -28.72
NB CHL BI . 58.25 -105.08 -30.23
C1B CHL BI . 59.47 -104.63 -30.59
C2B CHL BI . 60.46 -105.51 -30.09
C3B CHL BI . 59.85 -106.53 -29.42
C4B CHL BI . 58.41 -106.25 -29.51
CMB CHL BI . 61.94 -105.32 -30.23
CAB CHL BI . 60.55 -107.64 -28.78
CBB CHL BI . 59.98 -108.82 -28.01
NC CHL BI . 55.31 -105.75 -29.64
C1C CHL BI . 55.99 -106.76 -29.02
C2C CHL BI . 55.01 -107.60 -28.35
C3C CHL BI . 53.78 -107.07 -28.63
C4C CHL BI . 53.96 -105.90 -29.43
CMC CHL BI . 55.19 -108.77 -27.51
OMC CHL BI . 56.26 -109.28 -27.23
CAC CHL BI . 52.45 -107.59 -28.16
CBC CHL BI . 52.02 -107.00 -26.84
ND CHL BI . 54.54 -103.57 -30.93
C1D CHL BI . 53.26 -103.93 -30.65
C2D CHL BI . 52.34 -103.00 -31.20
C3D CHL BI . 53.11 -102.05 -31.83
C4D CHL BI . 54.45 -102.40 -31.66
CMD CHL BI . 50.84 -103.09 -31.09
CAD CHL BI . 53.09 -100.81 -32.59
OBD CHL BI . 52.13 -100.15 -32.95
CBD CHL BI . 54.52 -100.43 -32.89
CGD CHL BI . 54.73 -100.36 -34.40
O1D CHL BI . 54.63 -101.29 -35.15
O2D CHL BI . 55.07 -99.13 -34.77
CED CHL BI . 55.32 -98.94 -36.18
C1 CHL BI . 59.87 -97.24 -27.79
C2 CHL BI . 61.31 -96.92 -27.94
C3 CHL BI . 61.76 -96.05 -28.84
C4 CHL BI . 60.88 -95.33 -29.81
C5 CHL BI . 63.23 -95.72 -28.92
C6 CHL BI . 63.95 -96.35 -30.12
C7 CHL BI . 64.03 -97.87 -30.04
C8 CHL BI . 62.90 -98.62 -30.74
C9 CHL BI . 62.99 -98.50 -32.26
C10 CHL BI . 62.96 -100.08 -30.28
C11 CHL BI . 64.35 -100.70 -30.38
C12 CHL BI . 64.43 -102.12 -29.82
C13 CHL BI . 65.84 -102.71 -29.80
C14 CHL BI . 66.31 -103.01 -31.22
C15 CHL BI . 66.09 -103.88 -28.87
MG CLA CI . 52.91 -105.80 -41.78
CHA CLA CI . 49.65 -105.58 -40.68
CHB CLA CI . 52.83 -109.24 -41.46
CHC CLA CI . 56.00 -105.91 -42.99
CHD CLA CI . 52.96 -102.28 -42.15
NA CLA CI . 51.41 -107.28 -41.15
C1A CLA CI . 50.16 -107.01 -40.74
C2A CLA CI . 49.39 -108.25 -40.37
C3A CLA CI . 50.42 -109.35 -40.60
C4A CLA CI . 51.62 -108.61 -41.10
CMA CLA CI . 50.59 -110.45 -39.56
CAA CLA CI . 48.25 -108.52 -41.35
CBA CLA CI . 48.57 -108.02 -42.75
CGA CLA CI . 48.23 -109.03 -43.83
O1A CLA CI . 47.26 -109.74 -43.70
O2A CLA CI . 49.02 -109.09 -44.89
NB CLA CI . 54.20 -107.34 -42.17
C1B CLA CI . 54.03 -108.67 -41.93
C2B CLA CI . 55.22 -109.40 -42.29
C3B CLA CI . 56.11 -108.45 -42.72
C4B CLA CI . 55.45 -107.15 -42.64
CMB CLA CI . 55.43 -110.89 -42.18
CAB CLA CI . 57.50 -108.66 -43.18
CBB CLA CI . 57.81 -109.54 -44.38
NC CLA CI . 54.24 -104.34 -42.50
C1C CLA CI . 55.48 -104.59 -42.90
C2C CLA CI . 56.24 -103.36 -43.24
C3C CLA CI . 55.35 -102.34 -43.01
C4C CLA CI . 54.12 -102.97 -42.54
CMC CLA CI . 57.65 -103.22 -43.74
CAC CLA CI . 55.62 -100.87 -43.19
CBC CLA CI . 55.29 -100.46 -44.60
ND CLA CI . 51.71 -104.26 -41.52
C1D CLA CI . 51.78 -102.91 -41.70
C2D CLA CI . 50.54 -102.25 -41.34
C3D CLA CI . 49.72 -103.30 -40.94
C4D CLA CI . 50.42 -104.49 -41.05
CMD CLA CI . 50.08 -100.83 -41.34
CAD CLA CI . 48.38 -103.59 -40.47
OBD CLA CI . 47.48 -102.78 -40.31
CBD CLA CI . 48.30 -105.06 -40.20
CGD CLA CI . 48.16 -105.26 -38.73
O1D CLA CI . 48.89 -104.67 -37.96
O2D CLA CI . 47.24 -106.08 -38.24
CED CLA CI . 46.25 -105.47 -37.42
C1 CLA CI . 48.83 -108.12 -45.97
C2 CLA CI . 47.53 -108.05 -46.73
C3 CLA CI . 47.40 -107.34 -47.86
C4 CLA CI . 46.10 -107.29 -48.61
C5 CLA CI . 48.54 -106.54 -48.46
C6 CLA CI . 48.05 -105.13 -48.78
C7 CLA CI . 49.02 -104.41 -49.71
C8 CLA CI . 48.75 -102.90 -49.76
C9 CLA CI . 47.31 -102.63 -50.15
C10 CLA CI . 49.72 -102.26 -50.74
C11 CLA CI . 49.35 -100.83 -51.09
C12 CLA CI . 49.84 -100.44 -52.48
C13 CLA CI . 50.52 -99.08 -52.47
C14 CLA CI . 49.99 -98.19 -53.58
C15 CLA CI . 52.03 -99.26 -52.59
MG CLA DI . 52.84 -93.65 -29.38
CHA CLA DI . 52.10 -95.81 -26.78
CHB CLA DI . 50.98 -91.16 -27.89
CHC CLA DI . 53.79 -91.63 -31.76
CHD CLA DI . 54.67 -96.25 -30.94
NA CLA DI . 51.66 -93.48 -27.53
C1A CLA DI . 51.46 -94.45 -26.63
C2A CLA DI . 50.54 -94.00 -25.53
C3A CLA DI . 50.18 -92.57 -25.95
C4A CLA DI . 50.98 -92.37 -27.18
CMA CLA DI . 48.70 -92.27 -25.99
CAA CLA DI . 51.30 -93.84 -24.21
CBA CLA DI . 52.74 -93.36 -24.35
CGA CLA DI . 52.92 -91.88 -24.10
O1A CLA DI . 52.05 -91.27 -23.49
O2A CLA DI . 54.02 -91.27 -24.51
NB CLA DI . 52.45 -91.69 -29.76
C1B CLA DI . 51.65 -90.82 -29.07
C2B CLA DI . 51.60 -89.54 -29.74
C3B CLA DI . 52.39 -89.69 -30.84
C4B CLA DI . 52.93 -91.05 -30.83
CMB CLA DI . 50.83 -88.32 -29.31
CAB CLA DI . 52.69 -88.66 -31.86
CBB CLA DI . 53.58 -87.51 -31.46
NC CLA DI . 54.11 -93.89 -31.04
C1C CLA DI . 54.31 -92.94 -31.94
C2C CLA DI . 55.11 -93.39 -33.10
C3C CLA DI . 55.39 -94.70 -32.81
C4C CLA DI . 54.75 -95.00 -31.54
CMC CLA DI . 55.54 -92.61 -34.31
CAC CLA DI . 56.17 -95.66 -33.68
CBC CLA DI . 57.59 -95.75 -33.19
ND CLA DI . 53.33 -95.52 -29.04
C1D CLA DI . 54.02 -96.50 -29.71
C2D CLA DI . 53.98 -97.77 -29.00
C3D CLA DI . 53.23 -97.49 -27.87
C4D CLA DI . 52.84 -96.15 -27.91
CMD CLA DI . 54.54 -99.13 -29.27
CAD CLA DI . 52.71 -98.11 -26.67
OBD CLA DI . 53.11 -99.17 -26.24
CBD CLA DI . 52.16 -96.99 -25.83
CGD CLA DI . 50.81 -97.34 -25.30
O1D CLA DI . 49.99 -97.88 -26.00
O2D CLA DI . 50.50 -97.03 -24.03
CED CLA DI . 49.79 -98.00 -23.29
C1 CLA DI . 53.97 -89.91 -25.05
C2 CLA DI . 54.50 -89.58 -26.44
C3 CLA DI . 55.11 -88.41 -26.69
C4 CLA DI . 55.30 -87.37 -25.63
C5 CLA DI . 55.65 -88.05 -28.06
C6 CLA DI . 57.11 -87.61 -27.94
C7 CLA DI . 57.72 -87.26 -29.29
C8 CLA DI . 59.24 -87.10 -29.21
C9 CLA DI . 59.76 -86.33 -30.41
C10 CLA DI . 59.91 -88.46 -29.10
C11 CLA DI . 61.44 -88.34 -29.08
C12 CLA DI . 62.08 -89.35 -28.14
C13 CLA DI . 63.40 -88.82 -27.57
C14 CLA DI . 64.57 -89.64 -28.08
C15 CLA DI . 63.35 -88.82 -26.05
C16 CLA DI . 63.34 -90.24 -25.48
C17 CLA DI . 64.09 -90.32 -24.16
C18 CLA DI . 64.66 -91.71 -23.93
C19 CLA DI . 65.47 -91.77 -22.63
C20 CLA DI . 63.55 -92.76 -23.93
MG CLA EI . 44.14 -78.44 -34.16
CHA CLA EI . 45.11 -80.55 -31.60
CHB CLA EI . 42.75 -76.26 -31.89
CHC CLA EI . 43.24 -76.49 -36.68
CHD CLA EI . 45.58 -80.66 -36.49
NA CLA EI . 43.94 -78.37 -31.96
C1A CLA EI . 44.39 -79.30 -31.10
C2A CLA EI . 44.12 -78.92 -29.67
C3A CLA EI . 43.37 -77.58 -29.82
C4A CLA EI . 43.34 -77.38 -31.29
CMA CLA EI . 42.10 -77.32 -29.00
CAA CLA EI . 45.41 -78.65 -28.91
CBA CLA EI . 45.19 -78.72 -27.41
CGA CLA EI . 46.41 -78.28 -26.64
O1A CLA EI . 46.26 -77.70 -25.57
O2A CLA EI . 47.61 -78.53 -27.12
NB CLA EI . 43.15 -76.66 -34.27
C1B CLA EI . 42.64 -75.92 -33.25
C2B CLA EI . 42.02 -74.74 -33.77
C3B CLA EI . 42.17 -74.80 -35.11
C4B CLA EI . 42.88 -76.04 -35.42
CMB CLA EI . 41.35 -73.64 -32.99
CAB CLA EI . 41.69 -73.83 -36.12
CBB CLA EI . 42.69 -72.95 -36.80
NC CLA EI . 44.48 -78.49 -36.24
C1C CLA EI . 43.96 -77.63 -37.08
C2C CLA EI . 44.22 -77.97 -38.50
C3C CLA EI . 44.95 -79.12 -38.43
C4C CLA EI . 45.10 -79.45 -37.02
CMC CLA EI . 43.77 -77.19 -39.71
CAC CLA EI . 45.47 -79.90 -39.62
CBC CLA EI . 46.77 -79.28 -40.08
ND CLA EI . 45.07 -80.17 -34.17
C1D CLA EI . 45.65 -80.96 -35.11
C2D CLA EI . 46.32 -82.11 -34.51
C3D CLA EI . 46.09 -81.95 -33.15
C4D CLA EI . 45.35 -80.79 -32.96
CMD CLA EI . 47.09 -83.27 -35.07
CAD CLA EI . 46.36 -82.55 -31.86
OBD CLA EI . 47.13 -83.47 -31.66
CBD CLA EI . 45.70 -81.71 -30.82
CGD CLA EI . 44.63 -82.55 -30.16
O1D CLA EI . 44.34 -83.64 -30.62
O2D CLA EI . 43.98 -82.11 -29.09
CED CLA EI . 43.94 -82.99 -27.97
C1 CLA EI . 48.69 -77.56 -26.92
C2 CLA EI . 48.67 -76.23 -27.63
C3 CLA EI . 49.78 -75.48 -27.76
C4 CLA EI . 51.11 -75.91 -27.22
C5 CLA EI . 49.74 -74.14 -28.47
C6 CLA EI . 50.64 -74.22 -29.71
C7 CLA EI . 50.04 -75.14 -30.76
C8 CLA EI . 51.04 -75.39 -31.89
C9 CLA EI . 50.46 -75.00 -33.24
C10 CLA EI . 51.47 -76.86 -31.88
C11 CLA EI . 52.88 -77.01 -32.42
C12 CLA EI . 53.09 -78.43 -32.93
C13 CLA EI . 54.57 -78.71 -33.18
C14 CLA EI . 54.81 -79.15 -34.62
C15 CLA EI . 55.04 -79.77 -32.19
C16 CLA EI . 56.31 -79.33 -31.46
C17 CLA EI . 56.85 -80.44 -30.57
C18 CLA EI . 58.29 -80.81 -30.95
C19 CLA EI . 58.83 -81.88 -30.02
C20 CLA EI . 58.38 -81.24 -32.41
MG CLA FI . 52.96 -82.52 -33.54
CHA CLA FI . 51.06 -82.15 -30.69
CHB CLA FI . 55.19 -84.53 -31.85
CHC CLA FI . 54.62 -82.90 -36.36
CHD CLA FI . 50.66 -80.46 -35.27
NA CLA FI . 53.11 -83.28 -31.47
C1A CLA FI . 52.27 -83.03 -30.48
C2A CLA FI . 52.70 -83.69 -29.19
C3A CLA FI . 53.99 -84.42 -29.59
C4A CLA FI . 54.12 -84.08 -31.04
CMA CLA FI . 55.23 -84.31 -28.70
CAA CLA FI . 51.66 -84.73 -28.76
CBA CLA FI . 51.94 -85.33 -27.39
CGA CLA FI . 51.86 -84.29 -26.30
O1A CLA FI . 51.02 -83.40 -26.38
O2A CLA FI . 52.70 -84.36 -25.29
NB CLA FI . 54.64 -83.57 -34.02
C1B CLA FI . 55.44 -84.31 -33.22
C2B CLA FI . 56.56 -84.81 -33.98
C3B CLA FI . 56.39 -84.34 -35.24
C4B CLA FI . 55.17 -83.55 -35.26
CMB CLA FI . 57.68 -85.67 -33.45
CAB CLA FI . 57.24 -84.54 -36.43
CBB CLA FI . 58.67 -84.06 -36.47
NC CLA FI . 52.62 -81.89 -35.52
C1C CLA FI . 53.49 -82.07 -36.49
C2C CLA FI . 53.15 -81.31 -37.72
C3C CLA FI . 51.99 -80.67 -37.40
C4C CLA FI . 51.67 -81.03 -36.03
CMC CLA FI . 53.92 -81.29 -39.01
CAC CLA FI . 51.19 -79.74 -38.28
CBC CLA FI . 51.75 -78.34 -38.15
ND CLA FI . 51.27 -81.56 -33.19
C1D CLA FI . 50.45 -80.74 -33.90
C2D CLA FI . 49.41 -80.16 -33.08
C3D CLA FI . 49.65 -80.72 -31.83
C4D CLA FI . 50.76 -81.56 -31.91
CMD CLA FI . 48.30 -79.20 -33.37
CAD CLA FI . 49.14 -80.74 -30.47
OBD CLA FI . 48.39 -79.91 -30.01
CBD CLA FI . 50.03 -81.66 -29.68
CGD CLA FI . 50.70 -80.84 -28.62
O1D CLA FI . 50.19 -80.71 -27.53
O2D CLA FI . 51.87 -80.25 -28.87
CED CLA FI . 52.80 -80.25 -27.79
MG CLA GI . 49.78 -80.70 -51.48
CHA CLA GI . 51.48 -79.25 -54.14
CHB CLA GI . 51.31 -78.57 -49.25
CHC CLA GI . 48.01 -82.08 -49.06
CHD CLA GI . 48.24 -82.91 -53.77
NA CLA GI . 51.25 -79.06 -51.65
C1A CLA GI . 51.81 -78.63 -52.79
C2A CLA GI . 52.79 -77.51 -52.51
C3A CLA GI . 52.71 -77.33 -50.99
C4A CLA GI . 51.71 -78.37 -50.58
CMA CLA GI . 54.00 -77.15 -50.20
CAA CLA GI . 52.36 -76.20 -53.17
CBA CLA GI . 50.90 -75.89 -52.85
CGA CLA GI . 50.07 -76.08 -54.09
O1A CLA GI . 50.61 -75.85 -55.17
O2A CLA GI . 48.81 -76.42 -53.98
NB CLA GI . 49.67 -80.36 -49.47
C1B CLA GI . 50.38 -79.47 -48.72
C2B CLA GI . 50.02 -79.62 -47.33
C3B CLA GI . 49.09 -80.61 -47.29
C4B CLA GI . 48.88 -81.07 -48.66
CMB CLA GI . 50.57 -78.83 -46.17
CAB CLA GI . 48.40 -81.12 -46.09
CBB CLA GI . 48.57 -82.56 -45.63
NC CLA GI . 48.27 -82.16 -51.45
C1C CLA GI . 47.75 -82.64 -50.33
C2C CLA GI . 46.89 -83.82 -50.56
C3C CLA GI . 46.92 -84.01 -51.91
C4C CLA GI . 47.79 -82.98 -52.45
CMC CLA GI . 46.14 -84.63 -49.53
CAC CLA GI . 46.21 -85.09 -52.67
CBC CLA GI . 44.88 -84.55 -53.16
ND CLA GI . 49.77 -81.07 -53.42
C1D CLA GI . 49.14 -81.94 -54.25
C2D CLA GI . 49.52 -81.77 -55.63
C3D CLA GI . 50.42 -80.72 -55.58
C4D CLA GI . 50.58 -80.31 -54.26
CMD CLA GI . 49.13 -82.45 -56.93
CAD CLA GI . 51.26 -79.91 -56.43
OBD CLA GI . 51.16 -79.85 -57.64
CBD CLA GI . 51.96 -78.92 -55.56
CGD CLA GI . 53.44 -79.13 -55.81
O1D CLA GI . 53.82 -79.47 -56.92
O2D CLA GI . 54.35 -78.93 -54.88
CED CLA GI . 55.20 -77.84 -55.21
C1 CLA GI . 48.39 -77.62 -53.24
C2 CLA GI . 47.57 -78.71 -53.88
C3 CLA GI . 46.41 -79.13 -53.35
C4 CLA GI . 45.60 -80.21 -53.99
C5 CLA GI . 45.84 -78.53 -52.08
C6 CLA GI . 45.53 -79.64 -51.10
C7 CLA GI . 44.72 -79.09 -49.93
C8 CLA GI . 45.52 -79.22 -48.63
C9 CLA GI . 44.97 -80.37 -47.79
C10 CLA GI . 45.45 -77.91 -47.86
MG CLA HI . 50.95 -71.47 -49.86
CHA CLA HI . 48.46 -72.33 -52.10
CHB CLA HI . 51.19 -68.35 -51.27
CHC CLA HI . 53.27 -70.73 -47.62
CHD CLA HI . 50.68 -74.68 -48.41
NA CLA HI . 49.93 -70.42 -51.51
C1A CLA HI . 48.98 -70.93 -52.30
C2A CLA HI . 48.53 -69.94 -53.34
C3A CLA HI . 49.43 -68.73 -53.06
C4A CLA HI . 50.23 -69.17 -51.88
CMA CLA HI . 50.22 -68.12 -54.21
CAA CLA HI . 47.09 -69.53 -53.05
CBA CLA HI . 46.64 -68.28 -53.78
CGA CLA HI . 46.17 -67.24 -52.78
O1A CLA HI . 46.20 -66.06 -53.10
O2A CLA HI . 45.71 -67.63 -51.61
NB CLA HI . 52.05 -69.81 -49.50
C1B CLA HI . 52.02 -68.62 -50.17
C2B CLA HI . 52.97 -67.71 -49.59
C3B CLA HI . 53.57 -68.39 -48.57
C4B CLA HI . 52.96 -69.72 -48.53
CMB CLA HI . 53.23 -66.30 -50.05
CAB CLA HI . 54.61 -67.93 -47.63
CBB CLA HI . 54.41 -66.71 -46.75
NC CLA HI . 51.76 -72.50 -48.21
C1C CLA HI . 52.76 -72.03 -47.48
C2C CLA HI . 53.26 -73.01 -46.51
C3C CLA HI . 52.48 -74.12 -46.70
C4C CLA HI . 51.55 -73.79 -47.78
CMC CLA HI . 54.38 -72.81 -45.52
CAC CLA HI . 52.57 -75.43 -45.97
CBC CLA HI . 51.49 -75.47 -44.92
ND CLA HI . 49.91 -73.13 -50.11
C1D CLA HI . 49.83 -74.34 -49.49
C2D CLA HI . 48.82 -75.20 -50.09
C3D CLA HI . 48.29 -74.41 -51.11
C4D CLA HI . 48.95 -73.18 -51.10
CMD CLA HI . 48.34 -76.60 -49.80
CAD CLA HI . 47.31 -74.42 -52.16
OBD CLA HI . 46.37 -75.19 -52.24
CBD CLA HI . 47.40 -73.09 -52.87
CGD CLA HI . 47.86 -73.24 -54.29
O1D CLA HI . 49.04 -73.25 -54.56
O2D CLA HI . 46.97 -73.35 -55.28
CED CLA HI . 47.33 -74.22 -56.34
C1 CLA HI . 45.88 -66.78 -50.43
C2 CLA HI . 47.25 -66.37 -49.95
C3 CLA HI . 47.52 -66.30 -48.64
C4 CLA HI . 46.48 -66.61 -47.59
C5 CLA HI . 48.88 -65.88 -48.12
C6 CLA HI . 49.41 -66.95 -47.18
C7 CLA HI . 50.53 -66.41 -46.30
C8 CLA HI . 50.50 -67.04 -44.92
C9 CLA HI . 51.57 -66.46 -44.01
C10 CLA HI . 50.65 -68.55 -45.05
MG CLA II . 66.08 -102.40 -25.17
CHA CLA II . 68.19 -105.14 -25.32
CHB CLA II . 68.75 -100.34 -24.41
CHC CLA II . 63.98 -99.86 -25.13
CHD CLA II . 63.36 -104.53 -25.97
NA CLA II . 68.26 -102.69 -24.90
C1A CLA II . 68.91 -103.85 -25.01
C2A CLA II . 70.38 -103.70 -24.75
C3A CLA II . 70.53 -102.19 -24.46
C4A CLA II . 69.11 -101.69 -24.59
CMA CLA II . 71.44 -101.70 -23.35
CAA CLA II . 71.22 -104.03 -25.99
CBA CLA II . 70.74 -103.28 -27.23
CGA CLA II . 71.91 -102.54 -27.85
O1A CLA II . 72.77 -103.19 -28.42
O2A CLA II . 71.97 -101.23 -27.77
NB CLA II . 66.32 -100.41 -24.84
C1B CLA II . 67.47 -99.74 -24.51
C2B CLA II . 67.18 -98.34 -24.32
C3B CLA II . 65.83 -98.21 -24.51
C4B CLA II . 65.30 -99.54 -24.84
CMB CLA II . 68.18 -97.26 -23.95
CAB CLA II . 64.98 -97.00 -24.44
CBB CLA II . 65.31 -95.72 -25.17
NC CLA II . 64.03 -102.21 -25.59
C1C CLA II . 63.35 -101.08 -25.44
C2C CLA II . 61.89 -101.24 -25.65
C3C CLA II . 61.74 -102.58 -25.93
C4C CLA II . 63.07 -103.17 -25.88
CMC CLA II . 60.84 -100.17 -25.57
CAC CLA II . 60.45 -103.30 -26.23
CBC CLA II . 59.74 -103.66 -24.93
ND CLA II . 65.75 -104.31 -25.56
C1D CLA II . 64.66 -105.09 -25.88
C2D CLA II . 65.01 -106.47 -26.07
C3D CLA II . 66.39 -106.49 -25.86
C4D CLA II . 66.82 -105.19 -25.55
CMD CLA II . 64.23 -107.71 -26.42
CAD CLA II . 67.54 -107.37 -25.84
OBD CLA II . 67.61 -108.42 -26.46
CBD CLA II . 68.72 -106.56 -25.39
CGD CLA II . 69.13 -107.00 -24.02
O1D CLA II . 68.30 -107.29 -23.18
O2D CLA II . 70.43 -107.09 -23.71
CED CLA II . 70.93 -108.41 -23.46
C1 CLA II . 70.77 -100.40 -27.73
C2 CLA II . 69.90 -100.16 -28.95
C3 CLA II . 69.06 -99.12 -28.99
C4 CLA II . 68.20 -98.86 -30.19
C5 CLA II . 68.93 -98.13 -27.85
C1 LUT JI . 55.05 -79.89 -46.47
C2 LUT JI . 55.94 -80.11 -47.67
C3 LUT JI . 55.12 -80.42 -48.91
C4 LUT JI . 54.38 -81.73 -48.68
C5 LUT JI . 53.59 -81.67 -47.39
C6 LUT JI . 54.05 -81.03 -46.31
C7 LUT JI . 53.57 -81.39 -44.96
C8 LUT JI . 53.96 -82.50 -44.32
C9 LUT JI . 53.44 -82.79 -42.96
C10 LUT JI . 53.91 -83.86 -42.31
C11 LUT JI . 53.48 -84.25 -40.97
C12 LUT JI . 54.20 -85.17 -40.35
C13 LUT JI . 53.92 -85.65 -38.98
C14 LUT JI . 54.82 -86.43 -38.38
C15 LUT JI . 54.62 -86.94 -37.02
C16 LUT JI . 54.24 -78.62 -46.67
C17 LUT JI . 55.92 -79.76 -45.23
C18 LUT JI . 52.26 -82.35 -47.37
C19 LUT JI . 52.42 -81.87 -42.36
C20 LUT JI . 52.65 -85.27 -38.28
O3 LUT JI . 55.98 -80.54 -50.04
C21 LUT JI . 56.78 -93.81 -26.65
C22 LUT JI . 56.84 -94.27 -25.20
C23 LUT JI . 56.91 -93.05 -24.30
C24 LUT JI . 58.28 -92.42 -24.52
C25 LUT JI . 58.45 -92.07 -25.97
C26 LUT JI . 57.90 -92.82 -26.96
C27 LUT JI . 58.16 -92.44 -28.38
C28 LUT JI . 57.38 -91.66 -29.12
C29 LUT JI . 57.68 -91.32 -30.51
C30 LUT JI . 57.04 -90.28 -31.07
C31 LUT JI . 57.27 -89.84 -32.44
C32 LUT JI . 56.26 -89.29 -33.11
C33 LUT JI . 56.44 -88.82 -34.49
C34 LUT JI . 55.51 -88.02 -35.04
C35 LUT JI . 55.65 -87.52 -36.41
C36 LUT JI . 55.39 -93.21 -26.85
C37 LUT JI . 56.93 -95.01 -27.59
C38 LUT JI . 59.27 -90.86 -26.29
C39 LUT JI . 58.67 -92.13 -31.28
C40 LUT JI . 57.65 -89.25 -35.29
O23 LUT JI . 56.74 -93.39 -22.92
C1 LUT KI . 61.28 -95.83 -47.83
C2 LUT KI . 62.02 -94.75 -48.62
C3 LUT KI . 62.68 -93.72 -47.71
C4 LUT KI . 61.61 -93.03 -46.89
C5 LUT KI . 60.84 -94.09 -46.15
C6 LUT KI . 60.42 -95.19 -46.77
C7 LUT KI . 59.12 -95.78 -46.37
C8 LUT KI . 57.98 -95.19 -46.73
C9 LUT KI . 56.68 -95.76 -46.31
C10 LUT KI . 55.55 -95.16 -46.72
C11 LUT KI . 54.24 -95.68 -46.33
C12 LUT KI . 53.16 -94.98 -46.66
C13 LUT KI . 51.79 -95.43 -46.31
C14 LUT KI . 50.76 -94.65 -46.61
C15 LUT KI . 49.38 -94.99 -46.31
C16 LUT KI . 62.29 -96.73 -47.15
C17 LUT KI . 60.42 -96.64 -48.79
C18 LUT KI . 60.59 -93.90 -44.69
C19 LUT KI . 56.63 -96.98 -45.44
C20 LUT KI . 51.58 -96.75 -45.62
O3 LUT KI . 63.33 -92.73 -48.50
C21 LUT KI . 36.49 -93.14 -47.09
C22 LUT KI . 35.19 -93.80 -46.62
C23 LUT KI . 34.74 -93.28 -45.26
C24 LUT KI . 35.82 -93.63 -44.26
C25 LUT KI . 37.11 -92.97 -44.68
C26 LUT KI . 37.51 -93.00 -45.97
C27 LUT KI . 38.84 -92.46 -46.30
C28 LUT KI . 39.91 -93.26 -46.36
C29 LUT KI . 41.25 -92.73 -46.71
C30 LUT KI . 42.30 -93.56 -46.63
C31 LUT KI . 43.67 -93.14 -46.95
C32 LUT KI . 44.66 -93.87 -46.48
C33 LUT KI . 46.07 -93.54 -46.75
C34 LUT KI . 47.02 -94.47 -46.51
C35 LUT KI . 48.43 -94.19 -46.76
C36 LUT KI . 36.18 -91.74 -47.61
C37 LUT KI . 37.04 -93.98 -48.23
C38 LUT KI . 37.91 -92.25 -43.65
C39 LUT KI . 41.41 -91.32 -47.15
C40 LUT KI . 46.45 -92.19 -47.28
O23 LUT KI . 33.51 -93.90 -44.88
C1 NEX LI . 67.67 -115.55 -26.40
C2 NEX LI . 68.46 -116.58 -25.59
C3 NEX LI . 69.06 -116.13 -24.26
C4 NEX LI . 69.19 -114.62 -24.11
C5 NEX LI . 69.40 -113.86 -25.37
C6 NEX LI . 68.23 -114.14 -26.27
C7 NEX LI . 67.65 -113.26 -26.94
C8 NEX LI . 66.96 -112.17 -27.50
C9 NEX LI . 66.02 -112.13 -28.65
C10 NEX LI . 66.08 -111.17 -29.48
C11 NEX LI . 65.00 -110.38 -30.09
C12 NEX LI . 65.20 -109.67 -31.01
C13 NEX LI . 64.94 -108.22 -31.18
C14 NEX LI . 64.65 -107.74 -32.31
C15 NEX LI . 64.16 -106.40 -32.63
C16 NEX LI . 66.22 -115.55 -26.00
C17 NEX LI . 67.78 -115.95 -27.91
C18 NEX LI . 69.48 -112.37 -25.11
C19 NEX LI . 64.96 -113.20 -28.83
C20 NEX LI . 65.05 -107.31 -30.00
O3 NEX LI . 68.24 -116.64 -23.19
O4 NEX LI . 70.64 -114.26 -26.02
C21 NEX LI . 64.34 -95.79 -37.40
C22 NEX LI . 64.94 -94.53 -38.01
C23 NEX LI . 66.28 -94.80 -38.67
C24 NEX LI . 66.02 -95.63 -39.92
C25 NEX LI . 65.30 -96.93 -39.58
C26 NEX LI . 64.45 -97.01 -38.32
C27 NEX LI . 63.37 -98.06 -38.30
C28 NEX LI . 63.52 -99.24 -37.69
C29 NEX LI . 62.51 -100.13 -37.71
C30 NEX LI . 62.61 -101.25 -37.15
C31 NEX LI . 63.59 -101.78 -36.18
C32 NEX LI . 63.38 -102.79 -35.58
C33 NEX LI . 64.29 -103.64 -34.78
C34 NEX LI . 63.84 -104.53 -34.02
C35 NEX LI . 64.52 -105.75 -33.56
C36 NEX LI . 62.87 -95.52 -37.07
C37 NEX LI . 65.07 -96.09 -36.10
C38 NEX LI . 65.02 -97.93 -40.68
C39 NEX LI . 61.23 -99.81 -38.41
C40 NEX LI . 65.78 -103.45 -34.88
O23 NEX LI . 66.89 -93.57 -39.04
O24 NEX LI . 65.78 -97.53 -38.38
O1 LHG MI . 37.47 -77.92 -30.62
C1 LHG MI . 37.72 -77.11 -31.78
C2 LHG MI . 38.85 -77.72 -32.59
O2 LHG MI . 39.62 -76.68 -33.20
C3 LHG MI . 38.25 -78.58 -33.70
O3 LHG MI . 39.14 -78.64 -34.80
P LHG MI . 40.13 -79.90 -34.95
O4 LHG MI . 41.34 -79.63 -34.09
O5 LHG MI . 39.33 -81.15 -34.70
O6 LHG MI . 40.60 -79.90 -36.48
C4 LHG MI . 41.85 -80.48 -36.79
C5 LHG MI . 41.85 -81.30 -38.09
C6 LHG MI . 42.17 -82.75 -37.73
O7 LHG MI . 40.58 -81.21 -38.73
C7 LHG MI . 40.73 -81.21 -40.07
O9 LHG MI . 40.92 -82.26 -40.65
C8 LHG MI . 40.65 -79.93 -40.85
C9 LHG MI . 40.74 -80.27 -42.33
C10 LHG MI . 39.35 -80.54 -42.91
O8 LHG MI . 43.31 -83.18 -38.46
C23 LHG MI . 43.19 -84.11 -39.41
O10 LHG MI . 42.14 -84.71 -39.53
C24 LHG MI . 44.34 -84.42 -40.33
C11 LHG MI . 39.22 -79.98 -44.32
C12 LHG MI . 39.50 -81.05 -45.37
C13 LHG MI . 40.15 -80.41 -46.59
C14 LHG MI . 41.37 -81.22 -47.04
C15 LHG MI . 41.01 -82.14 -48.19
C16 LHG MI . 42.27 -82.62 -48.92
C17 LHG MI . 42.80 -83.90 -48.30
C18 LHG MI . 42.00 -85.10 -48.75
C25 LHG MI . 43.95 -84.15 -41.78
C26 LHG MI . 44.71 -82.94 -42.31
C27 LHG MI . 44.09 -82.42 -43.60
C28 LHG MI . 44.98 -81.38 -44.28
C29 LHG MI . 45.26 -80.20 -43.35
C30 LHG MI . 46.44 -79.36 -43.87
C31 LHG MI . 46.14 -77.87 -43.75
C32 LHG MI . 47.40 -77.01 -43.73
C33 LHG MI . 48.56 -77.65 -42.95
C34 LHG MI . 49.30 -76.61 -42.12
C35 LHG MI . 50.58 -77.18 -41.53
C36 LHG MI . 51.62 -76.08 -41.28
C37 LHG MI . 53.03 -76.55 -41.64
C38 LHG MI . 54.07 -75.62 -41.06
O7 LPX NI . 58.08 -66.14 -43.36
C6 LPX NI . 57.61 -67.09 -43.99
O6 LPX NI . 58.23 -67.52 -45.12
C5 LPX NI . 58.65 -66.48 -46.00
C4 LPX NI . 59.90 -66.99 -46.75
O5 LPX NI . 61.00 -66.94 -45.92
C3 LPX NI . 60.10 -66.12 -48.03
O1 LPX NI . 61.45 -65.99 -48.25
P1 LPX NI . 62.12 -66.72 -49.64
O3 LPX NI . 62.18 -68.18 -49.42
O2 LPX NI . 63.67 -66.07 -49.60
C1 LPX NI . 64.69 -66.76 -50.24
C2 LPX NI . 64.54 -66.52 -51.76
N1 LPX NI . 64.88 -65.13 -52.05
O4 LPX NI . 61.45 -66.03 -50.79
C7 LPX NI . 56.36 -67.82 -43.58
C8 LPX NI . 56.72 -69.24 -43.14
C9 LPX NI . 55.61 -69.85 -42.31
C10 LPX NI . 56.17 -70.92 -41.38
C11 LPX NI . 55.35 -70.99 -40.09
C12 LPX NI . 55.63 -69.78 -39.20
C13 LPX NI . 55.17 -70.05 -37.77
C14 LPX NI . 55.35 -68.81 -36.89
C15 LPX NI . 55.55 -69.22 -35.43
C16 LPX NI . 55.17 -68.09 -34.49
C17 LPX NI . 53.67 -68.13 -34.17
C18 LPX NI . 53.33 -69.32 -33.29
C19 LPX NI . 51.83 -69.39 -33.06
C20 LPX NI . 51.43 -70.71 -32.44
C21 LPX NI . 51.98 -70.84 -31.03
O13 3PH OI . 67.37 -70.60 -55.31
P 3PH OI . 66.15 -70.49 -54.43
O14 3PH OI . 65.99 -69.06 -53.98
O12 3PH OI . 64.93 -70.91 -55.21
O11 3PH OI . 66.32 -71.48 -53.12
C1 3PH OI . 67.10 -71.04 -52.03
C2 3PH OI . 66.51 -71.66 -50.76
O21 3PH OI . 66.09 -70.65 -49.90
C21 3PH OI . 64.75 -70.79 -49.51
O22 3PH OI . 63.88 -70.42 -50.23
C22 3PH OI . 64.41 -71.41 -48.16
C23 3PH OI . 63.08 -70.86 -47.64
C24 3PH OI . 62.57 -71.79 -46.53
C25 3PH OI . 62.58 -71.06 -45.19
C26 3PH OI . 61.22 -70.40 -44.97
C27 3PH OI . 60.68 -70.79 -43.60
C28 3PH OI . 60.64 -69.56 -42.69
C29 3PH OI . 60.24 -69.97 -41.26
C2A 3PH OI . 61.02 -69.14 -40.24
C2B 3PH OI . 60.75 -67.65 -40.44
C2C 3PH OI . 59.62 -67.21 -39.50
C2D 3PH OI . 59.12 -65.83 -39.93
C2E 3PH OI . 58.06 -65.33 -38.95
C2F 3PH OI . 58.74 -64.92 -37.64
C2G 3PH OI . 57.71 -64.26 -36.72
C2H 3PH OI . 58.02 -64.62 -35.25
C2I 3PH OI . 56.77 -64.42 -34.40
C3 3PH OI . 67.55 -72.55 -50.07
O31 3PH OI . 68.76 -71.86 -49.92
C31 3PH OI . 69.30 -71.93 -48.64
O32 3PH OI . 70.16 -72.70 -48.39
C32 3PH OI . 68.77 -70.98 -47.56
C33 3PH OI . 69.21 -71.48 -46.18
C34 3PH OI . 68.26 -72.57 -45.71
C35 3PH OI . 66.89 -71.98 -45.39
C36 3PH OI . 65.86 -73.11 -45.26
C37 3PH OI . 66.31 -74.14 -44.24
C38 3PH OI . 65.44 -74.04 -42.99
C39 3PH OI . 63.99 -74.38 -43.33
C3A 3PH OI . 63.69 -75.82 -42.90
C3B 3PH OI . 62.20 -75.97 -42.59
C3C 3PH OI . 61.83 -75.10 -41.39
C3D 3PH OI . 60.31 -75.00 -41.30
C3E 3PH OI . 59.91 -74.21 -40.05
C3F 3PH OI . 60.14 -75.09 -38.82
C3G 3PH OI . 58.95 -74.94 -37.85
C3H 3PH OI . 59.43 -74.29 -36.55
C3I 3PH OI . 58.98 -72.83 -36.52
MG CHL PI . 59.80 -61.49 -13.19
CHA CHL PI . 62.61 -60.21 -11.73
CHB CHL PI . 61.75 -63.83 -14.75
CHC CHL PI . 57.10 -62.73 -14.47
CHD CHL PI . 57.94 -58.94 -11.57
NA CHL PI . 61.80 -61.90 -13.23
C1A CHL PI . 62.80 -61.33 -12.50
C2A CHL PI . 64.11 -62.04 -12.67
C3A CHL PI . 63.87 -62.92 -13.85
C4A CHL PI . 62.37 -62.91 -13.99
CMA CHL PI . 64.76 -62.78 -15.08
CAA CHL PI . 64.39 -62.86 -11.40
CBA CHL PI . 65.40 -63.98 -11.58
CGA CHL PI . 66.79 -63.47 -11.77
O1A CHL PI . 67.17 -62.37 -11.47
O2A CHL PI . 67.55 -64.38 -12.32
NB CHL PI . 59.50 -63.07 -14.42
C1B CHL PI . 60.37 -63.94 -14.95
C2B CHL PI . 59.68 -64.90 -15.72
C3B CHL PI . 58.32 -64.59 -15.66
C4B CHL PI . 58.23 -63.42 -14.82
CMB CHL PI . 60.32 -66.04 -16.45
CAB CHL PI . 57.15 -65.24 -16.28
CBB CHL PI . 57.00 -66.44 -17.20
NC CHL PI . 57.85 -60.91 -13.01
C1C CHL PI . 56.91 -61.62 -13.68
C2C CHL PI . 55.63 -61.01 -13.43
C3C CHL PI . 55.87 -59.90 -12.61
C4C CHL PI . 57.27 -59.84 -12.35
CMC CHL PI . 54.36 -61.50 -13.93
OMC CHL PI . 53.26 -61.04 -13.73
CAC CHL PI . 54.86 -58.90 -12.11
CBC CHL PI . 54.22 -59.32 -10.84
ND CHL PI . 60.10 -59.89 -11.94
C1D CHL PI . 59.31 -58.94 -11.36
C2D CHL PI . 60.11 -58.07 -10.57
C3D CHL PI . 61.40 -58.51 -10.69
C4D CHL PI . 61.38 -59.63 -11.52
CMD CHL PI . 59.59 -56.90 -9.80
CAD CHL PI . 62.78 -58.30 -10.28
OBD CHL PI . 63.22 -57.42 -9.57
CBD CHL PI . 63.62 -59.38 -10.91
CGD CHL PI . 64.75 -58.76 -11.70
O1D CHL PI . 64.66 -57.76 -12.37
O2D CHL PI . 65.87 -59.46 -11.57
CED CHL PI . 67.02 -58.97 -12.28
C1 CHL PI . 68.91 -64.10 -12.77
C2 CHL PI . 68.83 -63.80 -14.22
C3 CHL PI . 69.33 -64.61 -15.12
C4 CHL PI . 70.06 -65.89 -14.80
C5 CHL PI . 69.17 -64.31 -16.60
C6 CHL PI . 70.19 -65.00 -17.50
C7 CHL PI . 69.94 -64.73 -18.97
C8 CHL PI . 70.88 -65.44 -19.92
C9 CHL PI . 70.49 -65.23 -21.37
C10 CHL PI . 72.30 -64.93 -19.60
C11 CHL PI . 72.89 -63.96 -20.61
C12 CHL PI . 74.37 -63.70 -20.39
C13 CHL PI . 75.06 -62.85 -21.46
C14 CHL PI . 74.45 -63.08 -22.83
C15 CHL PI . 76.59 -62.91 -21.52
C16 CHL PI . 77.30 -62.77 -20.18
C17 CHL PI . 78.81 -62.71 -20.33
C18 CHL PI . 79.61 -62.52 -19.07
C19 CHL PI . 81.09 -62.38 -19.37
C20 CHL PI . 79.12 -61.32 -18.27
MG CLA QI . 66.55 -56.46 -3.18
CHA CLA QI . 64.00 -58.38 -1.86
CHB CLA QI . 68.21 -56.53 -0.15
CHC CLA QI . 69.04 -54.93 -4.62
CHD CLA QI . 64.80 -56.40 -6.26
NA CLA QI . 66.17 -57.37 -1.21
C1A CLA QI . 65.11 -58.08 -0.89
C2A CLA QI . 65.13 -58.51 0.54
C3A CLA QI . 66.39 -57.85 1.06
C4A CLA QI . 67.00 -57.24 -0.15
CMA CLA QI . 66.04 -56.85 2.16
CAA CLA QI . 65.38 -60.03 0.60
CBA CLA QI . 66.27 -60.60 -0.49
CGA CLA QI . 67.72 -60.76 -0.03
O1A CLA QI . 67.94 -61.05 1.12
O2A CLA QI . 68.71 -60.57 -0.90
NB CLA QI . 68.36 -55.84 -2.50
C1B CLA QI . 68.85 -55.87 -1.22
C2B CLA QI . 70.08 -55.14 -1.15
C3B CLA QI . 70.31 -54.67 -2.42
C4B CLA QI . 69.20 -55.14 -3.25
CMB CLA QI . 70.90 -54.95 0.11
CAB CLA QI . 71.43 -53.85 -2.95
CBB CLA QI . 72.88 -53.98 -2.55
NC CLA QI . 66.87 -55.79 -5.14
C1C CLA QI . 67.94 -55.11 -5.49
C2C CLA QI . 67.86 -54.60 -6.89
C3C CLA QI . 66.64 -55.03 -7.33
C4C CLA QI . 66.04 -55.76 -6.24
CMC CLA QI . 68.87 -53.79 -7.66
CAC CLA QI . 66.06 -54.77 -8.70
CBC CLA QI . 66.36 -55.95 -9.59
ND CLA QI . 64.87 -57.17 -3.96
C1D CLA QI . 64.24 -57.10 -5.17
C2D CLA QI . 62.96 -57.80 -5.16
C3D CLA QI . 62.88 -58.30 -3.86
C4D CLA QI . 64.03 -57.93 -3.17
CMD CLA QI . 61.90 -58.01 -6.20
CAD CLA QI . 62.04 -59.08 -2.96
OBD CLA QI . 61.17 -59.86 -3.29
CBD CLA QI . 62.69 -59.10 -1.61
CGD CLA QI . 61.84 -58.32 -0.63
O1D CLA QI . 61.20 -58.92 0.23
O2D CLA QI . 61.77 -57.00 -0.66
CED CLA QI . 61.76 -56.34 0.61
C1 CLA QI . 69.88 -59.78 -0.51
C2 CLA QI . 70.55 -58.81 -1.46
C3 CLA QI . 71.87 -58.56 -1.40
C4 CLA QI . 72.74 -59.23 -0.38
C5 CLA QI . 72.56 -57.59 -2.34
C6 CLA QI . 73.83 -58.24 -2.88
C7 CLA QI . 74.49 -57.43 -4.00
C8 CLA QI . 75.34 -58.33 -4.91
C9 CLA QI . 76.82 -58.05 -4.71
C10 CLA QI . 74.90 -58.16 -6.35
C11 CLA QI . 75.94 -58.62 -7.38
C12 CLA QI . 75.30 -59.43 -8.50
C13 CLA QI . 74.01 -58.80 -9.01
C14 CLA QI . 72.99 -59.88 -9.35
C15 CLA QI . 74.31 -57.88 -10.19
C16 CLA QI . 74.10 -58.52 -11.55
C17 CLA QI . 73.28 -57.64 -12.48
C18 CLA QI . 71.78 -57.71 -12.18
C19 CLA QI . 71.28 -56.40 -11.59
C20 CLA QI . 71.00 -58.10 -13.42
MG CLA RI . 77.15 -50.98 -2.22
CHA CLA RI . 77.26 -52.08 1.05
CHB CLA RI . 76.26 -54.11 -3.30
CHC CLA RI . 76.95 -49.75 -5.29
CHD CLA RI . 78.08 -47.76 -1.08
NA CLA RI . 76.78 -52.91 -1.24
C1A CLA RI . 76.88 -53.16 0.06
C2A CLA RI . 76.57 -54.59 0.39
C3A CLA RI . 76.29 -55.20 -0.99
C4A CLA RI . 76.44 -54.03 -1.92
CMA CLA RI . 76.94 -56.53 -1.36
CAA CLA RI . 75.25 -54.64 1.14
CBA CLA RI . 75.36 -55.23 2.53
CGA CLA RI . 75.49 -56.74 2.42
O1A CLA RI . 74.89 -57.32 1.54
O2A CLA RI . 76.23 -57.38 3.30
NB CLA RI . 76.66 -51.80 -4.02
C1B CLA RI . 76.36 -53.10 -4.28
C2B CLA RI . 76.15 -53.26 -5.69
C3B CLA RI . 76.35 -52.03 -6.26
C4B CLA RI . 76.67 -51.11 -5.17
CMB CLA RI . 75.78 -54.53 -6.42
CAB CLA RI . 76.24 -51.67 -7.68
CBB CLA RI . 77.46 -51.21 -8.45
NC CLA RI . 77.39 -49.05 -3.03
C1C CLA RI . 77.27 -48.77 -4.32
C2C CLA RI . 77.51 -47.34 -4.62
C3C CLA RI . 77.78 -46.79 -3.40
C4C CLA RI . 77.71 -47.86 -2.42
CMC CLA RI . 77.45 -46.66 -5.96
CAC CLA RI . 78.09 -45.36 -3.09
CBC CLA RI . 76.79 -44.62 -2.88
ND CLA RI . 77.57 -50.06 -0.52
C1D CLA RI . 77.93 -48.80 -0.14
C2D CLA RI . 78.14 -48.69 1.29
C3D CLA RI . 77.87 -49.98 1.74
C4D CLA RI . 77.53 -50.78 0.65
CMD CLA RI . 78.54 -47.58 2.21
CAD CLA RI . 77.82 -50.76 2.96
OBD CLA RI . 77.53 -50.28 4.04
CBD CLA RI . 77.42 -52.14 2.56
CGD CLA RI . 78.50 -53.12 2.95
O1D CLA RI . 78.46 -53.65 4.05
O2D CLA RI . 79.51 -53.39 2.14
CED CLA RI . 79.90 -54.76 2.11
C1 CLA RI . 77.65 -57.53 3.04
C2 CLA RI . 78.13 -57.97 1.67
C3 CLA RI . 79.32 -58.56 1.52
C4 CLA RI . 80.23 -58.84 2.68
C5 CLA RI . 79.83 -59.00 0.16
C6 CLA RI . 80.41 -57.79 -0.58
C7 CLA RI . 81.69 -58.17 -1.30
C8 CLA RI . 81.86 -57.35 -2.57
C9 CLA RI . 82.57 -58.17 -3.65
C10 CLA RI . 82.63 -56.07 -2.26
C11 CLA RI . 84.13 -56.30 -2.15
C12 CLA RI . 84.85 -55.05 -1.66
C13 CLA RI . 85.11 -54.07 -2.79
C14 CLA RI . 86.43 -54.39 -3.48
C15 CLA RI . 85.12 -52.65 -2.25
C16 CLA RI . 84.89 -51.61 -3.34
C17 CLA RI . 84.79 -50.21 -2.75
C18 CLA RI . 86.01 -49.85 -1.91
C19 CLA RI . 87.13 -49.28 -2.77
C20 CLA RI . 85.64 -48.89 -0.80
MG CLA SI . 74.43 -33.19 -10.15
CHA CLA SI . 76.44 -30.95 -11.87
CHB CLA SI . 77.19 -34.53 -8.58
CHC CLA SI . 72.40 -35.18 -8.46
CHD CLA SI . 71.61 -31.79 -11.76
NA CLA SI . 76.60 -32.79 -10.19
C1A CLA SI . 77.21 -31.86 -10.94
C2A CLA SI . 78.70 -31.89 -10.75
C3A CLA SI . 78.89 -33.03 -9.75
C4A CLA SI . 77.49 -33.49 -9.47
CMA CLA SI . 79.93 -34.09 -10.06
CAA CLA SI . 79.15 -30.60 -10.05
CBA CLA SI . 78.15 -30.08 -9.03
CGA CLA SI . 78.37 -28.60 -8.83
O1A CLA SI . 78.52 -27.88 -9.82
O2A CLA SI . 78.41 -28.11 -7.61
NB CLA SI . 74.75 -34.62 -8.74
C1B CLA SI . 75.94 -35.06 -8.23
C2B CLA SI . 75.71 -36.13 -7.30
C3B CLA SI . 74.36 -36.32 -7.27
C4B CLA SI . 73.76 -35.34 -8.19
CMB CLA SI . 76.75 -36.88 -6.52
CAB CLA SI . 73.59 -37.29 -6.47
CBB CLA SI . 73.62 -37.23 -4.96
NC CLA SI . 72.34 -33.43 -10.09
C1C CLA SI . 71.72 -34.31 -9.34
C2C CLA SI . 70.25 -34.29 -9.52
C3C CLA SI . 70.04 -33.30 -10.45
C4C CLA SI . 71.35 -32.78 -10.81
CMC CLA SI . 69.24 -35.14 -8.81
CAC CLA SI . 68.71 -32.87 -11.01
CBC CLA SI . 68.22 -31.65 -10.26
ND CLA SI . 74.01 -31.78 -11.47
C1D CLA SI . 72.90 -31.27 -12.05
C2D CLA SI . 73.19 -30.18 -12.96
C3D CLA SI . 74.58 -30.06 -12.88
C4D CLA SI . 75.05 -31.02 -11.99
CMD CLA SI . 72.36 -29.28 -13.83
CAD CLA SI . 75.69 -29.30 -13.39
OBD CLA SI . 75.61 -28.23 -13.97
CBD CLA SI . 76.95 -29.88 -12.81
CGD CLA SI . 77.69 -30.51 -13.94
O1D CLA SI . 77.09 -30.86 -14.93
O2D CLA SI . 79.01 -30.69 -13.90
CED CLA SI . 79.63 -30.68 -15.18
C1 CLA SI . 77.22 -28.09 -6.76
C2 CLA SI . 76.03 -27.20 -7.07
C3 CLA SI . 75.24 -26.75 -6.09
C4 CLA SI . 75.48 -27.08 -4.65
C5 CLA SI . 74.04 -25.87 -6.37
C6 CLA SI . 74.18 -24.57 -5.59
C7 CLA SI . 73.28 -23.48 -6.14
C8 CLA SI . 73.54 -23.27 -7.64
C9 CLA SI . 74.62 -22.22 -7.87
C10 CLA SI . 72.24 -22.95 -8.38
C11 CLA SI . 71.34 -21.99 -7.61
C12 CLA SI . 71.38 -20.61 -8.21
C13 CLA SI . 71.41 -19.53 -7.13
C14 CLA SI . 70.64 -18.31 -7.61
C15 CLA SI . 72.84 -19.14 -6.79
C16 CLA SI . 73.29 -19.73 -5.46
C17 CLA SI . 72.72 -18.97 -4.28
C18 CLA SI . 73.70 -18.99 -3.11
C19 CLA SI . 73.23 -18.06 -1.99
C20 CLA SI . 73.91 -20.40 -2.59
MG CHL TI . 83.13 -20.78 -4.77
CHA CHL TI . 80.16 -19.20 -5.10
CHB CHL TI . 84.65 -18.16 -6.40
CHC CHL TI . 85.96 -22.31 -4.42
CHD CHL TI . 81.40 -23.49 -3.22
NA CHL TI . 82.51 -19.01 -5.57
C1A CHL TI . 81.25 -18.49 -5.53
C2A CHL TI . 81.20 -17.08 -6.09
C3A CHL TI . 82.53 -16.92 -6.75
C4A CHL TI . 83.31 -18.10 -6.21
CMA CHL TI . 82.60 -16.57 -8.24
CAA CHL TI . 81.00 -16.06 -4.96
CBA CHL TI . 81.07 -14.61 -5.38
CGA CHL TI . 80.28 -13.70 -4.50
O1A CHL TI . 79.75 -14.03 -3.46
O2A CHL TI . 80.22 -12.48 -4.98
NB CHL TI . 85.03 -20.27 -5.32
C1B CHL TI . 85.47 -19.17 -5.97
C2B CHL TI . 86.88 -19.27 -6.13
C3B CHL TI . 87.30 -20.46 -5.55
C4B CHL TI . 86.10 -21.10 -5.05
CMB CHL TI . 87.75 -18.26 -6.80
CAB CHL TI . 88.70 -20.90 -5.50
CBB CHL TI . 89.29 -22.14 -4.88
NC CHL TI . 83.56 -22.60 -3.93
C1C CHL TI . 84.86 -23.00 -3.92
C2C CHL TI . 84.91 -24.31 -3.28
C3C CHL TI . 83.63 -24.62 -2.93
C4C CHL TI . 82.77 -23.56 -3.35
CMC CHL TI . 86.03 -25.20 -3.05
OMC CHL TI . 87.18 -24.98 -3.34
CAC CHL TI . 83.21 -25.87 -2.21
CBC CHL TI . 83.29 -25.71 -0.72
ND CHL TI . 81.25 -21.32 -4.22
C1D CHL TI . 80.65 -22.41 -3.65
C2D CHL TI . 79.24 -22.22 -3.58
C3D CHL TI . 78.99 -20.99 -4.14
C4D CHL TI . 80.23 -20.44 -4.53
CMD CHL TI . 78.26 -23.21 -3.00
CAD CHL TI . 77.98 -20.01 -4.47
OBD CHL TI . 76.77 -20.10 -4.31
CBD CHL TI . 78.66 -18.82 -5.10
CGD CHL TI . 78.07 -18.52 -6.48
O1D CHL TI . 78.65 -18.70 -7.52
O2D CHL TI . 76.85 -18.03 -6.37
CED CHL TI . 76.19 -17.70 -7.62
MG CHL UI . 79.47 -32.56 -3.99
CHA CHL UI . 78.69 -29.44 -2.83
CHB CHL UI . 77.65 -33.93 -1.44
CHC CHL UI . 80.23 -35.50 -5.15
CHD CHL UI . 81.40 -30.99 -6.51
NA CHL UI . 78.35 -31.80 -2.44
C1A CHL UI . 78.10 -30.49 -2.14
C2A CHL UI . 77.17 -30.35 -0.93
C3A CHL UI . 77.04 -31.77 -0.43
C4A CHL UI . 77.73 -32.58 -1.49
CMA CHL UI . 77.28 -32.09 1.04
CAA CHL UI . 75.79 -29.77 -1.26
CBA CHL UI . 75.47 -28.41 -0.61
CGA CHL UI . 75.57 -28.41 0.89
O1A CHL UI . 75.26 -29.33 1.59
O2A CHL UI . 76.04 -27.26 1.33
NB CHL UI . 78.98 -34.44 -3.38
C1B CHL UI . 78.23 -34.82 -2.33
C2B CHL UI . 78.14 -36.24 -2.31
C3B CHL UI . 78.83 -36.72 -3.38
C4B CHL UI . 79.39 -35.56 -4.06
CMB CHL UI . 77.42 -37.04 -1.28
CAB CHL UI . 78.89 -38.14 -3.75
CBB CHL UI . 79.54 -38.79 -4.96
NC CHL UI . 80.62 -33.11 -5.59
C1C CHL UI . 80.79 -34.44 -5.85
C2C CHL UI . 81.70 -34.54 -6.99
C3C CHL UI . 82.02 -33.26 -7.36
C4C CHL UI . 81.34 -32.36 -6.49
CMC CHL UI . 82.22 -35.70 -7.67
OMC CHL UI . 81.98 -36.86 -7.39
CAC CHL UI . 82.94 -32.88 -8.49
CBC CHL UI . 84.39 -32.86 -8.06
ND CHL UI . 79.97 -30.69 -4.63
C1D CHL UI . 80.73 -30.17 -5.63
C2D CHL UI . 80.72 -28.76 -5.58
C3D CHL UI . 79.94 -28.42 -4.51
C4D CHL UI . 79.47 -29.62 -3.93
CMD CHL UI . 81.49 -27.85 -6.50
CAD CHL UI . 79.38 -27.33 -3.73
OBD CHL UI . 79.50 -26.13 -3.93
CBD CHL UI . 78.61 -27.93 -2.59
CGD CHL UI . 79.28 -27.53 -1.28
O1D CHL UI . 80.24 -28.09 -0.81
O2D CHL UI . 78.69 -26.48 -0.74
CED CHL UI . 79.25 -26.00 0.51
C1 CHL UI . 76.31 -27.02 2.74
C2 CHL UI . 75.72 -25.70 3.12
C3 CHL UI . 74.88 -25.59 4.14
C4 CHL UI . 74.41 -26.75 4.96
C5 CHL UI . 74.32 -24.24 4.53
C6 CHL UI . 74.02 -24.13 6.03
C7 CHL UI . 73.40 -22.79 6.42
C8 CHL UI . 73.02 -22.67 7.89
C9 CHL UI . 74.23 -22.88 8.79
C10 CHL UI . 72.42 -21.27 8.08
C11 CHL UI . 71.79 -21.02 9.44
C12 CHL UI . 71.23 -19.61 9.60
C13 CHL UI . 70.61 -19.31 10.98
C14 CHL UI . 69.83 -18.01 10.96
C15 CHL UI . 71.55 -19.39 12.18
C16 CHL UI . 72.39 -18.15 12.42
C17 CHL UI . 73.30 -18.22 13.65
C18 CHL UI . 72.78 -17.64 14.97
C19 CHL UI . 71.73 -18.48 15.67
C20 CHL UI . 73.93 -17.34 15.91
MG CHL VI . 84.86 -39.78 -8.30
CHA CHL VI . 86.96 -39.59 -10.98
CHB CHL VI . 83.44 -42.60 -9.63
CHC CHL VI . 82.84 -39.89 -5.74
CHD CHL VI . 86.36 -36.82 -7.05
NA CHL VI . 85.18 -40.91 -9.98
C1A CHL VI . 86.08 -40.68 -11.00
C2A CHL VI . 85.95 -41.74 -12.11
C3A CHL VI . 84.80 -42.60 -11.66
C4A CHL VI . 84.43 -42.01 -10.33
CMA CHL VI . 83.68 -42.98 -12.63
CAA CHL VI . 87.21 -42.58 -12.39
CBA CHL VI . 87.17 -43.37 -13.70
CGA CHL VI . 86.94 -44.83 -13.52
O1A CHL VI . 87.41 -45.51 -12.65
O2A CHL VI . 86.13 -45.31 -14.46
NB CHL VI . 83.39 -41.09 -7.77
C1B CHL VI . 82.97 -42.19 -8.40
C2B CHL VI . 81.92 -42.80 -7.65
C3B CHL VI . 81.72 -42.01 -6.51
C4B CHL VI . 82.67 -40.92 -6.61
CMB CHL VI . 81.22 -44.07 -8.03
CAB CHL VI . 80.75 -42.13 -5.42
CBB CHL VI . 79.69 -43.14 -5.15
NC CHL VI . 84.67 -38.54 -6.67
C1C CHL VI . 83.72 -38.82 -5.73
C2C CHL VI . 83.79 -37.78 -4.72
C3C CHL VI . 84.78 -36.92 -5.09
C4C CHL VI . 85.34 -37.39 -6.33
CMC CHL VI . 83.01 -37.60 -3.51
OMC CHL VI . 82.13 -38.33 -3.12
CAC CHL VI . 85.21 -35.69 -4.34
CBC CHL VI . 84.40 -34.47 -4.68
ND CHL VI . 86.32 -38.45 -8.80
C1D CHL VI . 86.85 -37.33 -8.24
C2D CHL VI . 87.90 -36.83 -9.05
C3D CHL VI . 87.98 -37.67 -10.14
C4D CHL VI . 87.01 -38.67 -9.97
CMD CHL VI . 88.72 -35.60 -8.75
CAD CHL VI . 88.66 -37.93 -11.40
OBD CHL VI . 89.59 -37.32 -11.90
CBD CHL VI . 88.01 -39.15 -12.01
CGD CHL VI . 87.38 -38.76 -13.34
O1D CHL VI . 86.20 -38.71 -13.54
O2D CHL VI . 88.31 -38.51 -14.25
CED CHL VI . 87.82 -38.13 -15.56
C1 CHL VI . 85.71 -46.70 -14.56
C2 CHL VI . 84.77 -46.97 -13.45
C3 CHL VI . 83.46 -46.75 -13.53
C4 CHL VI . 82.78 -46.23 -14.76
C5 CHL VI . 82.55 -47.01 -12.35
C6 CHL VI . 83.33 -47.06 -11.03
C7 CHL VI . 82.42 -47.13 -9.80
C8 CHL VI . 81.63 -48.42 -9.63
C9 CHL VI . 82.52 -49.66 -9.82
C10 CHL VI . 81.03 -48.35 -8.22
C11 CHL VI . 81.59 -49.33 -7.20
C12 CHL VI . 81.04 -49.14 -5.79
C13 CHL VI . 81.59 -47.94 -5.03
C14 CHL VI . 83.11 -47.89 -5.11
C15 CHL VI . 81.09 -47.80 -3.58
C16 CHL VI . 81.95 -46.96 -2.63
C17 CHL VI . 81.75 -45.46 -2.74
C18 CHL VI . 82.37 -44.64 -1.62
C19 CHL VI . 83.86 -44.84 -1.51
C20 CHL VI . 82.03 -43.17 -1.74
MG CLA WI . 68.54 -37.18 7.60
CHA CLA WI . 68.46 -38.61 4.45
CHB CLA WI . 69.86 -34.28 6.29
CHC CLA WI . 68.52 -35.90 10.65
CHD CLA WI . 67.12 -40.14 8.91
NA CLA WI . 69.10 -36.49 5.58
C1A CLA WI . 69.01 -37.20 4.45
C2A CLA WI . 69.50 -36.43 3.25
C3A CLA WI . 69.95 -35.09 3.87
C4A CLA WI . 69.64 -35.28 5.32
CMA CLA WI . 71.27 -34.47 3.44
CAA CLA WI . 68.37 -36.12 2.28
CBA CLA WI . 67.07 -35.74 2.98
CGA CLA WI . 66.08 -35.21 1.97
O1A CLA WI . 66.48 -34.91 0.86
O2A CLA WI . 64.81 -35.08 2.32
NB CLA WI . 69.10 -35.38 8.35
C1B CLA WI . 69.62 -34.31 7.68
C2B CLA WI . 69.87 -33.23 8.60
C3B CLA WI . 69.50 -33.70 9.82
C4B CLA WI . 69.01 -35.06 9.65
CMB CLA WI . 70.44 -31.88 8.26
CAB CLA WI . 69.54 -32.99 11.12
CBB CLA WI . 68.64 -31.79 11.34
NC CLA WI . 67.88 -37.89 9.46
C1C CLA WI . 68.00 -37.21 10.60
C2C CLA WI . 67.53 -37.98 11.78
C3C CLA WI . 67.11 -39.17 11.26
C4C CLA WI . 67.34 -39.11 9.82
CMC CLA WI . 67.52 -37.52 13.21
CAC CLA WI . 66.55 -40.33 12.04
CBC CLA WI . 65.05 -40.23 12.10
ND CLA WI . 67.91 -38.94 6.95
C1D CLA WI . 67.38 -40.07 7.52
C2D CLA WI . 67.13 -41.11 6.53
C3D CLA WI . 67.56 -40.53 5.34
C4D CLA WI . 68.02 -39.24 5.61
CMD CLA WI . 66.58 -42.51 6.59
CAD CLA WI . 67.70 -40.80 3.94
OBD CLA WI . 67.31 -41.80 3.36
CBD CLA WI . 68.30 -39.59 3.30
CGD CLA WI . 69.63 -39.94 2.70
O1D CLA WI . 70.49 -40.49 3.37
O2D CLA WI . 69.88 -39.68 1.42
CED CLA WI . 70.03 -40.83 0.59
C1 CLA WI . 63.96 -34.08 1.66
C2 CLA WI . 64.39 -32.64 1.49
C3 CLA WI . 63.51 -31.66 1.28
C4 CLA WI . 63.96 -30.24 1.12
C5 CLA WI . 62.03 -31.89 1.19
MG CHL XI . 77.93 -43.57 3.96
CHA CHL XI . 76.01 -46.31 4.62
CHB CHL XI . 79.16 -43.74 7.16
CHC CHL XI . 79.81 -41.00 3.29
CHD CHL XI . 76.57 -43.51 0.70
NA CHL XI . 77.62 -44.80 5.58
C1A CHL XI . 76.80 -45.90 5.66
C2A CHL XI . 76.88 -46.57 7.03
C3A CHL XI . 77.63 -45.56 7.85
C4A CHL XI . 78.18 -44.60 6.83
CMA CHL XI . 76.97 -45.02 9.11
CAA CHL XI . 77.59 -47.94 7.01
CBA CHL XI . 79.11 -47.87 6.90
CGA CHL XI . 79.75 -49.02 6.21
O1A CHL XI . 79.34 -50.14 6.21
O2A CHL XI . 80.86 -48.64 5.59
NB CHL XI . 79.32 -42.56 5.06
C1B CHL XI . 79.74 -42.79 6.31
C2B CHL XI . 80.77 -41.87 6.62
C3B CHL XI . 80.99 -41.06 5.54
C4B CHL XI . 80.04 -41.50 4.54
CMB CHL XI . 81.44 -41.74 7.95
CAB CHL XI . 81.96 -39.97 5.51
CBB CHL XI . 82.24 -38.95 4.41
NC CHL XI . 78.10 -42.45 2.27
C1C CHL XI . 78.94 -41.37 2.27
C2C CHL XI . 78.82 -40.70 0.99
C3C CHL XI . 77.91 -41.42 0.26
C4C CHL XI . 77.45 -42.52 1.05
CMC CHL XI . 79.45 -39.48 0.53
OMC CHL XI . 80.26 -38.81 1.15
CAC CHL XI . 77.47 -41.11 -1.14
CBC CHL XI . 78.51 -41.47 -2.19
ND CHL XI . 76.57 -44.58 2.84
C1D CHL XI . 76.16 -44.53 1.55
C2D CHL XI . 75.29 -45.61 1.27
C3D CHL XI . 75.18 -46.32 2.44
C4D CHL XI . 75.97 -45.69 3.40
CMD CHL XI . 74.68 -45.92 -0.07
CAD CHL XI . 74.58 -47.48 3.09
OBD CHL XI . 73.80 -48.30 2.61
CBD CHL XI . 75.06 -47.52 4.51
CGD CHL XI . 73.88 -47.47 5.47
O1D CHL XI . 73.22 -46.50 5.70
O2D CHL XI . 73.69 -48.66 6.04
CED CHL XI . 72.60 -48.74 6.98
C1 CHL XI . 81.77 -49.54 4.93
C2 CHL XI . 81.46 -49.55 3.48
C3 CHL XI . 82.16 -48.84 2.62
C4 CHL XI . 83.32 -47.96 3.00
C5 CHL XI . 81.82 -48.85 1.14
C6 CHL XI . 82.02 -50.21 0.49
C7 CHL XI . 81.40 -50.28 -0.90
C8 CHL XI . 81.54 -51.61 -1.62
C9 CHL XI . 81.10 -52.78 -0.73
C10 CHL XI . 80.65 -51.51 -2.85
C11 CHL XI . 80.77 -52.67 -3.83
C12 CHL XI . 79.84 -52.53 -5.01
C13 CHL XI . 79.93 -53.64 -6.05
C14 CHL XI . 80.07 -55.01 -5.40
C15 CHL XI . 80.96 -53.43 -7.15
C16 CHL XI . 80.39 -53.37 -8.56
C17 CHL XI . 81.47 -53.31 -9.62
C18 CHL XI . 80.99 -53.35 -11.06
C19 CHL XI . 80.11 -52.17 -11.40
C20 CHL XI . 82.16 -53.45 -12.02
MG CLA YI . 61.26 -40.53 -0.31
CHA CLA YI . 59.97 -40.13 2.86
CHB CLA YI . 58.21 -41.62 -1.48
CHC CLA YI . 62.57 -40.72 -3.33
CHD CLA YI . 64.42 -39.49 0.91
NA CLA YI . 59.27 -40.85 0.58
C1A CLA YI . 58.96 -40.66 1.87
C2A CLA YI . 57.54 -41.05 2.15
C3A CLA YI . 57.05 -41.55 0.79
C4A CLA YI . 58.22 -41.33 -0.11
CMA CLA YI . 56.43 -42.95 0.78
CAA CLA YI . 56.68 -39.83 2.50
CBA CLA YI . 57.10 -38.56 1.76
CGA CLA YI . 56.17 -38.26 0.61
O1A CLA YI . 55.12 -38.87 0.55
O2A CLA YI . 56.50 -37.37 -0.30
NB CLA YI . 60.50 -41.07 -2.13
C1B CLA YI . 59.24 -41.50 -2.42
C2B CLA YI . 59.16 -41.82 -3.83
C3B CLA YI . 60.40 -41.57 -4.34
C4B CLA YI . 61.23 -41.09 -3.25
CMB CLA YI . 57.95 -42.34 -4.58
CAB CLA YI . 60.85 -41.74 -5.73
CBB CLA YI . 60.94 -40.57 -6.68
NC CLA YI . 63.16 -40.08 -1.08
C1C CLA YI . 63.48 -40.26 -2.35
C2C CLA YI . 64.88 -39.91 -2.63
C3C CLA YI . 65.40 -39.50 -1.43
C4C CLA YI . 64.31 -39.63 -0.46
CMC CLA YI . 65.54 -39.97 -3.97
CAC CLA YI . 66.79 -39.04 -1.14
CBC CLA YI . 66.85 -37.52 -1.09
ND CLA YI . 62.09 -39.94 1.38
C1D CLA YI . 63.32 -39.56 1.80
C2D CLA YI . 63.36 -39.24 3.22
C3D CLA YI . 62.05 -39.47 3.62
C4D CLA YI . 61.30 -39.89 2.52
CMD CLA YI . 64.42 -38.77 4.17
CAD CLA YI . 61.19 -39.42 4.78
OBD CLA YI . 61.46 -38.79 5.78
CBD CLA YI . 59.80 -39.73 4.32
CGD CLA YI . 59.25 -40.87 5.10
O1D CLA YI . 59.94 -41.86 5.27
O2D CLA YI . 58.03 -40.81 5.63
CED CLA YI . 57.90 -41.20 6.99
C1 CLA YI . 56.09 -37.56 -1.69
C2 CLA YI . 56.95 -38.28 -2.70
C3 CLA YI . 56.79 -38.06 -4.02
C4 CLA YI . 55.74 -37.13 -4.55
C5 CLA YI . 57.63 -38.76 -5.06
C6 CLA YI . 58.93 -37.99 -5.24
C7 CLA YI . 59.12 -37.51 -6.67
C8 CLA YI . 59.37 -36.02 -6.73
C9 CLA YI . 58.06 -35.24 -6.92
C10 CLA YI . 60.34 -35.71 -7.87
C11 CLA YI . 61.06 -34.39 -7.61
C12 CLA YI . 62.54 -34.49 -7.98
C13 CLA YI . 63.06 -33.12 -8.42
C14 CLA YI . 63.90 -33.25 -9.69
C15 CLA YI . 63.86 -32.48 -7.29
C16 CLA YI . 65.03 -33.35 -6.85
C17 CLA YI . 65.01 -33.53 -5.34
C18 CLA YI . 66.28 -32.99 -4.69
C19 CLA YI . 66.26 -31.47 -4.62
C20 CLA YI . 66.47 -33.60 -3.30
MG CLA ZI . 54.89 -51.40 -13.90
CHA CLA ZI . 54.06 -49.72 -11.03
CHB CLA ZI . 51.64 -52.52 -14.25
CHC CLA ZI . 55.79 -52.91 -16.69
CHD CLA ZI . 58.22 -50.20 -13.56
NA CLA ZI . 53.01 -51.15 -12.77
C1A CLA ZI . 52.88 -50.44 -11.64
C2A CLA ZI . 51.46 -50.47 -11.13
C3A CLA ZI . 50.74 -51.38 -12.14
C4A CLA ZI . 51.84 -51.72 -13.12
CMA CLA ZI . 49.81 -52.47 -11.66
CAA CLA ZI . 50.80 -49.10 -11.22
CBA CLA ZI . 51.22 -48.40 -12.52
CGA CLA ZI . 50.90 -46.93 -12.47
O1A CLA ZI . 50.78 -46.36 -11.40
O2A CLA ZI . 50.78 -46.31 -13.63
NB CLA ZI . 53.88 -52.53 -15.26
C1B CLA ZI . 52.56 -52.90 -15.24
C2B CLA ZI . 52.27 -53.71 -16.39
C3B CLA ZI . 53.45 -53.83 -17.07
C4B CLA ZI . 54.46 -53.06 -16.34
CMB CLA ZI . 50.95 -54.32 -16.75
CAB CLA ZI . 53.72 -54.55 -18.32
CBB CLA ZI . 53.00 -54.15 -19.58
NC CLA ZI . 56.69 -51.47 -14.98
C1C CLA ZI . 56.86 -52.20 -16.08
C2C CLA ZI . 58.25 -52.18 -16.58
C3C CLA ZI . 58.91 -51.39 -15.70
C4C CLA ZI . 57.94 -50.95 -14.71
CMC CLA ZI . 58.78 -52.89 -17.79
CAC CLA ZI . 60.38 -51.03 -15.75
CBC CLA ZI . 60.58 -49.81 -16.62
ND CLA ZI . 55.96 -50.26 -12.69
C1D CLA ZI . 57.25 -49.85 -12.59
C2D CLA ZI . 57.48 -49.03 -11.41
C3D CLA ZI . 56.24 -48.99 -10.81
C4D CLA ZI . 55.33 -49.73 -11.57
CMD CLA ZI . 58.68 -48.34 -10.82
CAD CLA ZI . 55.54 -48.45 -9.66
OBD CLA ZI . 56.07 -47.93 -8.69
CBD CLA ZI . 54.11 -48.85 -9.80
CGD CLA ZI . 53.60 -49.57 -8.58
O1D CLA ZI . 54.00 -50.69 -8.30
O2D CLA ZI . 52.71 -48.98 -7.79
CED CLA ZI . 52.65 -49.36 -6.43
C1 CLA ZI . 51.97 -45.93 -14.39
C2 CLA ZI . 52.62 -44.58 -14.18
C3 CLA ZI . 53.33 -44.00 -15.15
C4 CLA ZI . 53.54 -44.66 -16.49
C5 CLA ZI . 53.98 -42.65 -14.96
C6 CLA ZI . 55.47 -42.74 -15.27
C7 CLA ZI . 55.94 -41.42 -15.88
C8 CLA ZI . 57.03 -40.78 -15.04
C9 CLA ZI . 56.45 -40.08 -13.81
C10 CLA ZI . 57.80 -39.80 -15.90
C11 CLA ZI . 59.21 -40.31 -16.17
C12 CLA ZI . 59.34 -40.92 -17.56
C13 CLA ZI . 60.11 -40.01 -18.50
C14 CLA ZI . 60.22 -40.63 -19.89
C15 CLA ZI . 61.49 -39.70 -17.94
C16 CLA ZI . 62.08 -38.43 -18.56
C17 CLA ZI . 63.42 -38.08 -17.92
C18 CLA ZI . 63.89 -36.69 -18.35
C19 CLA ZI . 64.71 -36.00 -17.26
C20 CLA ZI . 64.68 -36.77 -19.66
MG CLA AJ . 58.81 -42.28 -12.26
CHA CLA AJ . 55.87 -42.97 -10.62
CHB CLA AJ . 59.20 -39.37 -10.43
CHC CLA AJ . 61.66 -41.79 -13.82
CHD CLA AJ . 58.39 -45.27 -14.12
NA CLA AJ . 57.67 -41.26 -10.66
C1A CLA AJ . 56.53 -41.69 -10.13
C2A CLA AJ . 55.98 -40.73 -9.11
C3A CLA AJ . 57.04 -39.62 -9.09
C4A CLA AJ . 58.04 -40.09 -10.10
CMA CLA AJ . 56.58 -38.16 -9.15
CAA CLA AJ . 55.83 -41.34 -7.73
CBA CLA AJ . 54.90 -40.50 -6.86
CGA CLA AJ . 53.47 -40.56 -7.35
O1A CLA AJ . 53.07 -41.56 -7.92
O2A CLA AJ . 52.65 -39.55 -7.15
NB CLA AJ . 60.21 -40.81 -12.13
C1B CLA AJ . 60.21 -39.68 -11.37
C2B CLA AJ . 61.36 -38.89 -11.67
C3B CLA AJ . 62.05 -39.59 -12.63
C4B CLA AJ . 61.30 -40.80 -12.91
CMB CLA AJ . 61.74 -37.57 -11.04
CAB CLA AJ . 63.31 -39.21 -13.30
CBB CLA AJ . 63.31 -38.05 -14.26
NC CLA AJ . 59.89 -43.41 -13.66
C1C CLA AJ . 61.01 -42.98 -14.23
C2C CLA AJ . 61.48 -43.88 -15.32
C3C CLA AJ . 60.56 -44.88 -15.34
C4C CLA AJ . 59.58 -44.57 -14.33
CMC CLA AJ . 62.71 -43.70 -16.16
CAC CLA AJ . 60.53 -46.07 -16.27
CBC CLA AJ . 59.82 -45.66 -17.53
ND CLA AJ . 57.56 -43.80 -12.39
C1D CLA AJ . 57.42 -44.91 -13.16
C2D CLA AJ . 56.19 -45.63 -12.89
C3D CLA AJ . 55.60 -44.86 -11.90
C4D CLA AJ . 56.42 -43.79 -11.60
CMD CLA AJ . 55.58 -46.88 -13.47
CAD CLA AJ . 54.44 -44.81 -11.04
OBD CLA AJ . 53.82 -45.78 -10.66
CBD CLA AJ . 54.52 -43.53 -10.28
CGD CLA AJ . 53.42 -42.65 -10.80
O1D CLA AJ . 52.27 -42.82 -10.44
O2D CLA AJ . 53.69 -41.68 -11.66
CED CLA AJ . 53.14 -40.41 -11.33
C1 CLA AJ . 52.42 -38.54 -8.18
C2 CLA AJ . 53.22 -37.26 -8.21
C3 CLA AJ . 52.91 -36.27 -9.06
C4 CLA AJ . 51.75 -36.37 -10.01
C5 CLA AJ . 53.68 -34.98 -9.12
C6 CLA AJ . 54.11 -34.70 -10.55
C7 CLA AJ . 54.93 -33.43 -10.65
C8 CLA AJ . 56.22 -33.54 -9.85
C9 CLA AJ . 56.92 -32.18 -9.76
C10 CLA AJ . 57.13 -34.58 -10.51
C11 CLA AJ . 57.54 -34.16 -11.91
C12 CLA AJ . 59.04 -34.35 -12.10
C13 CLA AJ . 59.33 -35.11 -13.40
C14 CLA AJ . 58.75 -36.51 -13.35
C15 CLA AJ . 60.83 -35.12 -13.64
C16 CLA AJ . 61.34 -33.69 -13.80
C17 CLA AJ . 62.76 -33.54 -13.26
C18 CLA AJ . 63.31 -32.18 -13.66
C19 CLA AJ . 62.42 -31.06 -13.15
C20 CLA AJ . 64.74 -32.00 -13.18
MG CLA BJ . 71.71 -51.60 -20.87
CHA CLA BJ . 73.41 -51.21 -23.85
CHB CLA BJ . 69.00 -49.88 -22.12
CHC CLA BJ . 70.13 -52.15 -18.01
CHD CLA BJ . 74.48 -53.39 -19.60
NA CLA BJ . 71.22 -50.64 -22.79
C1A CLA BJ . 72.03 -50.58 -23.86
C2A CLA BJ . 71.39 -49.84 -25.01
C3A CLA BJ . 70.03 -49.44 -24.42
C4A CLA BJ . 70.06 -50.00 -23.03
CMA CLA BJ . 69.48 -48.03 -24.68
CAA CLA BJ . 71.12 -50.76 -26.18
CBA CLA BJ . 70.38 -52.04 -25.76
CGA CLA BJ . 71.32 -53.21 -25.75
O1A CLA BJ . 71.62 -53.74 -26.81
O2A CLA BJ . 71.81 -53.66 -24.61
NB CLA BJ . 69.85 -51.10 -20.18
C1B CLA BJ . 68.88 -50.37 -20.81
C2B CLA BJ . 67.74 -50.23 -19.94
C3B CLA BJ . 68.07 -50.87 -18.78
C4B CLA BJ . 69.41 -51.41 -18.95
CMB CLA BJ . 66.47 -49.49 -20.29
CAB CLA BJ . 67.30 -51.04 -17.53
CBB CLA BJ . 66.58 -49.90 -16.84
NC CLA BJ . 72.21 -52.65 -19.11
C1C CLA BJ . 71.43 -52.72 -18.04
C2C CLA BJ . 72.07 -53.45 -16.91
C3C CLA BJ . 73.29 -53.81 -17.40
C4C CLA BJ . 73.37 -53.30 -18.76
CMC CLA BJ . 71.50 -53.73 -15.56
CAC CLA BJ . 74.35 -54.57 -16.66
CBC CLA BJ . 74.26 -56.03 -17.01
ND CLA BJ . 73.49 -52.20 -21.46
C1D CLA BJ . 74.53 -52.89 -20.92
C2D CLA BJ . 75.64 -53.03 -21.84
C3D CLA BJ . 75.19 -52.36 -22.98
C4D CLA BJ . 73.92 -51.87 -22.75
CMD CLA BJ . 76.99 -53.68 -21.75
CAD CLA BJ . 75.60 -52.01 -24.31
OBD CLA BJ . 76.74 -52.02 -24.73
CBD CLA BJ . 74.45 -51.30 -24.96
CGD CLA BJ . 74.90 -49.94 -25.43
O1D CLA BJ . 75.73 -49.31 -24.79
O2D CLA BJ . 74.39 -49.43 -26.54
CED CLA BJ . 75.34 -49.09 -27.55
C1 CLA BJ . 71.29 -54.86 -23.96
C2 CLA BJ . 70.70 -54.79 -22.57
C3 CLA BJ . 71.27 -55.47 -21.57
C4 CLA BJ . 72.49 -56.31 -21.78
C5 CLA BJ . 70.73 -55.44 -20.17
C6 CLA BJ . 69.94 -56.71 -19.91
C7 CLA BJ . 68.57 -56.37 -19.32
C8 CLA BJ . 67.83 -55.38 -20.23
C9 CLA BJ . 66.98 -54.42 -19.41
C10 CLA BJ . 67.01 -56.16 -21.24
C11 CLA BJ . 65.85 -56.89 -20.57
C12 CLA BJ . 64.51 -56.47 -21.16
C13 CLA BJ . 64.52 -56.58 -22.67
C14 CLA BJ . 63.88 -55.36 -23.32
C15 CLA BJ . 63.81 -57.86 -23.07
C16 CLA BJ . 64.17 -58.24 -24.50
C17 CLA BJ . 65.55 -58.88 -24.57
C18 CLA BJ . 65.50 -60.10 -25.47
C19 CLA BJ . 66.78 -60.21 -26.30
C20 CLA BJ . 65.25 -61.36 -24.65
MG CLA CJ . 65.58 -51.60 -28.28
CHA CLA CJ . 66.92 -54.67 -27.49
CHB CLA CJ . 65.01 -52.62 -31.51
CHC CLA CJ . 64.22 -48.65 -28.89
CHD CLA CJ . 66.18 -50.55 -24.95
NA CLA CJ . 65.91 -53.47 -29.41
C1A CLA CJ . 66.46 -54.59 -28.93
C2A CLA CJ . 66.57 -55.64 -29.99
C3A CLA CJ . 65.98 -54.96 -31.23
C4A CLA CJ . 65.60 -53.61 -30.71
CMA CLA CJ . 66.70 -55.08 -32.57
CAA CLA CJ . 65.72 -56.87 -29.67
CBA CLA CJ . 64.35 -56.53 -29.12
CGA CLA CJ . 63.61 -57.81 -28.86
O1A CLA CJ . 63.41 -58.59 -29.78
O2A CLA CJ . 63.23 -58.09 -27.62
NB CLA CJ . 64.73 -50.76 -29.93
C1B CLA CJ . 64.59 -51.31 -31.17
C2B CLA CJ . 64.00 -50.37 -32.07
C3B CLA CJ . 63.77 -49.25 -31.32
C4B CLA CJ . 64.26 -49.52 -29.97
CMB CLA CJ . 63.66 -50.58 -33.52
CAB CLA CJ . 63.17 -47.98 -31.79
CBB CLA CJ . 61.91 -47.41 -31.17
NC CLA CJ . 65.19 -49.91 -27.09
C1C CLA CJ . 64.66 -48.79 -27.55
C2C CLA CJ . 64.57 -47.72 -26.54
C3C CLA CJ . 65.10 -48.29 -25.41
C4C CLA CJ . 65.49 -49.65 -25.77
CMC CLA CJ . 64.02 -46.33 -26.72
CAC CLA CJ . 65.25 -47.63 -24.07
CBC CLA CJ . 64.11 -48.04 -23.16
ND CLA CJ . 66.34 -52.32 -26.60
C1D CLA CJ . 66.52 -51.86 -25.33
C2D CLA CJ . 67.12 -52.88 -24.47
C3D CLA CJ . 67.27 -53.97 -25.33
C4D CLA CJ . 66.80 -53.62 -26.60
CMD CLA CJ . 67.54 -52.93 -23.03
CAD CLA CJ . 67.74 -55.33 -25.37
OBD CLA CJ . 68.17 -55.97 -24.43
CBD CLA CJ . 67.56 -55.84 -26.76
CGD CLA CJ . 68.88 -56.13 -27.38
O1D CLA CJ . 69.51 -55.26 -27.94
O2D CLA CJ . 69.40 -57.36 -27.31
CED CLA CJ . 70.68 -57.45 -26.69
C1 CLA CJ . 61.82 -58.21 -27.31
C2 CLA CJ . 60.79 -57.18 -27.73
C3 CLA CJ . 59.82 -56.79 -26.89
C4 CLA CJ . 59.69 -57.34 -25.50
C5 CLA CJ . 58.79 -55.77 -27.30
C6 CLA CJ . 58.68 -54.68 -26.24
C7 CLA CJ . 59.14 -53.34 -26.81
C8 CLA CJ . 58.12 -52.25 -26.55
C9 CLA CJ . 57.74 -52.17 -25.08
C10 CLA CJ . 56.88 -52.45 -27.42
C11 CLA CJ . 56.52 -51.17 -28.16
C12 CLA CJ . 55.21 -50.58 -27.64
C13 CLA CJ . 55.35 -49.11 -27.31
C14 CLA CJ . 56.50 -48.86 -26.35
C15 CLA CJ . 54.03 -48.59 -26.74
C16 CLA CJ . 54.17 -47.16 -26.20
C17 CLA CJ . 52.83 -46.45 -26.20
C18 CLA CJ . 53.04 -44.94 -26.06
C19 CLA CJ . 51.76 -44.18 -26.40
C20 CLA CJ . 53.54 -44.58 -24.67
C1 LUT DJ . 68.56 -45.27 -20.97
C2 LUT DJ . 69.91 -44.96 -21.59
C3 LUT DJ . 70.74 -46.21 -21.74
C4 LUT DJ . 71.02 -46.79 -20.37
C5 LUT DJ . 69.78 -46.86 -19.51
C6 LUT DJ . 68.72 -46.06 -19.68
C7 LUT DJ . 67.69 -45.97 -18.62
C8 LUT DJ . 67.81 -45.18 -17.55
C9 LUT DJ . 66.78 -45.11 -16.49
C10 LUT DJ . 66.99 -44.23 -15.51
C11 LUT DJ . 66.09 -44.03 -14.38
C12 LUT DJ . 66.24 -42.88 -13.73
C13 LUT DJ . 65.44 -42.46 -12.58
C14 LUT DJ . 65.67 -41.25 -12.06
C15 LUT DJ . 64.89 -40.76 -10.93
C16 LUT DJ . 67.76 -46.14 -21.93
C17 LUT DJ . 67.82 -43.96 -20.75
C18 LUT DJ . 69.80 -47.89 -18.41
C19 LUT DJ . 65.59 -45.99 -16.51
C20 LUT DJ . 64.41 -43.38 -11.99
O3 LUT DJ . 71.99 -45.87 -22.36
C21 LUT DJ . 59.16 -34.60 -1.82
C22 LUT DJ . 58.04 -34.44 -0.80
C23 LUT DJ . 58.60 -34.36 0.60
C24 LUT DJ . 59.20 -35.70 0.92
C25 LUT DJ . 60.31 -35.99 -0.06
C26 LUT DJ . 60.23 -35.59 -1.35
C27 LUT DJ . 61.44 -35.77 -2.20
C28 LUT DJ . 61.50 -36.73 -3.12
C29 LUT DJ . 62.69 -36.88 -3.96
C30 LUT DJ . 62.54 -37.30 -5.21
C31 LUT DJ . 63.66 -37.47 -6.12
C32 LUT DJ . 63.56 -38.40 -7.05
C33 LUT DJ . 64.63 -38.66 -8.03
C34 LUT DJ . 64.30 -39.34 -9.13
C35 LUT DJ . 65.21 -39.69 -10.22
C36 LUT DJ . 59.84 -33.24 -2.01
C37 LUT DJ . 58.51 -35.01 -3.13
C38 LUT DJ . 61.52 -36.70 0.45
C39 LUT DJ . 64.05 -36.56 -3.41
C40 LUT DJ . 66.03 -38.17 -7.78
O23 LUT DJ . 57.53 -34.04 1.49
C1 LUT EJ . 78.88 -39.26 -9.76
C2 LUT EJ . 79.32 -38.61 -11.06
C3 LUT EJ . 78.41 -37.48 -11.51
C4 LUT EJ . 77.04 -38.08 -11.73
C5 LUT EJ . 76.56 -38.64 -10.42
C6 LUT EJ . 77.37 -39.38 -9.65
C7 LUT EJ . 76.81 -40.33 -8.66
C8 LUT EJ . 76.19 -41.46 -8.98
C9 LUT EJ . 75.69 -42.36 -7.92
C10 LUT EJ . 75.03 -43.47 -8.28
C11 LUT EJ . 74.52 -44.41 -7.29
C12 LUT EJ . 74.27 -45.64 -7.71
C13 LUT EJ . 73.78 -46.71 -6.83
C14 LUT EJ . 73.63 -47.94 -7.36
C15 LUT EJ . 73.20 -49.08 -6.55
C16 LUT EJ . 79.37 -38.43 -8.59
C17 LUT EJ . 79.50 -40.65 -9.68
C18 LUT EJ . 75.17 -38.30 -9.99
C19 LUT EJ . 75.90 -42.02 -6.48
C20 LUT EJ . 73.48 -46.45 -5.38
O3 LUT EJ . 78.89 -36.97 -12.76
C21 LUT EJ . 70.76 -61.58 -5.17
C22 LUT EJ . 70.12 -62.94 -4.93
C23 LUT EJ . 68.60 -62.95 -4.88
C24 LUT EJ . 68.15 -61.91 -3.89
C25 LUT EJ . 68.62 -60.57 -4.41
C26 LUT EJ . 69.79 -60.42 -5.05
C27 LUT EJ . 69.96 -59.27 -5.96
C28 LUT EJ . 70.85 -58.32 -5.67
C29 LUT EJ . 71.07 -57.18 -6.56
C30 LUT EJ . 71.88 -56.21 -6.14
C31 LUT EJ . 72.20 -55.01 -6.91
C32 LUT EJ . 72.17 -53.83 -6.31
C33 LUT EJ . 72.51 -52.62 -7.07
C34 LUT EJ . 72.78 -51.48 -6.42
C35 LUT EJ . 73.17 -50.27 -7.15
C36 LUT EJ . 71.34 -61.63 -6.57
C37 LUT EJ . 71.87 -61.38 -4.15
C38 LUT EJ . 67.73 -59.40 -4.20
C39 LUT EJ . 70.41 -57.13 -7.90
C40 LUT EJ . 72.55 -52.67 -8.56
O23 LUT EJ . 68.17 -64.23 -4.41
C1 XAT FJ . 91.22 -43.62 -7.15
C2 XAT FJ . 90.98 -44.09 -8.59
C3 XAT FJ . 89.50 -44.22 -8.91
C4 XAT FJ . 88.89 -42.84 -8.94
C5 XAT FJ . 89.06 -42.13 -7.60
C6 XAT FJ . 90.23 -42.47 -6.75
C7 XAT FJ . 90.60 -41.57 -5.60
C8 XAT FJ . 90.09 -41.79 -4.39
C9 XAT FJ . 90.42 -40.94 -3.24
C10 XAT FJ . 89.81 -41.14 -2.06
C11 XAT FJ . 90.02 -40.38 -0.83
C12 XAT FJ . 89.29 -40.65 0.27
C13 XAT FJ . 89.31 -39.93 1.53
C14 XAT FJ . 88.34 -40.11 2.44
C15 XAT FJ . 88.48 -39.48 3.73
C16 XAT FJ . 92.65 -43.11 -7.03
C17 XAT FJ . 91.03 -44.80 -6.21
C18 XAT FJ . 88.36 -40.80 -7.37
C19 XAT FJ . 91.44 -39.85 -3.38
C20 XAT FJ . 90.44 -38.99 1.80
O3 XAT FJ . 89.36 -44.83 -10.20
O4 XAT FJ . 88.92 -43.05 -6.48
C21 XAT FJ . 88.84 -39.38 16.63
C22 XAT FJ . 88.78 -39.28 18.16
C23 XAT FJ . 88.42 -37.85 18.56
C24 XAT FJ . 87.01 -37.52 18.09
C25 XAT FJ . 86.84 -37.69 16.58
C26 XAT FJ . 87.71 -38.67 15.86
C27 XAT FJ . 87.22 -39.19 14.53
C28 XAT FJ . 87.72 -38.75 13.39
C29 XAT FJ . 87.04 -38.68 12.08
C30 XAT FJ . 87.74 -38.69 10.94
C31 XAT FJ . 87.03 -38.62 9.66
C32 XAT FJ . 87.65 -38.90 8.51
C33 XAT FJ . 87.09 -39.24 7.20
C34 XAT FJ . 87.88 -39.21 6.10
C35 XAT FJ . 87.58 -39.62 4.73
C36 XAT FJ . 89.80 -40.33 15.92
C37 XAT FJ . 87.99 -40.65 16.75
C38 XAT FJ . 85.52 -37.34 15.92
C39 XAT FJ . 85.55 -38.58 12.06
C40 XAT FJ . 85.64 -39.62 7.08
O23 XAT FJ . 88.48 -37.72 19.99
O24 XAT FJ . 87.96 -37.26 15.81
C1 NEX GJ . 74.01 -26.61 17.11
C2 NEX GJ . 73.92 -25.99 18.51
C3 NEX GJ . 72.57 -25.42 18.98
C4 NEX GJ . 71.46 -25.37 17.92
C5 NEX GJ . 72.01 -25.01 16.55
C6 NEX GJ . 72.94 -26.13 16.15
C7 NEX GJ . 72.81 -26.68 15.02
C8 NEX GJ . 72.62 -27.33 13.79
C9 NEX GJ . 73.62 -27.76 12.77
C10 NEX GJ . 73.24 -28.42 11.77
C11 NEX GJ . 73.97 -29.15 10.71
C12 NEX GJ . 73.45 -29.56 9.74
C13 NEX GJ . 74.00 -30.24 8.55
C14 NEX GJ . 73.34 -30.24 7.48
C15 NEX GJ . 73.59 -31.01 6.26
C16 NEX GJ . 73.90 -28.13 17.22
C17 NEX GJ . 75.36 -26.26 16.49
C18 NEX GJ . 70.84 -24.91 15.57
C19 NEX GJ . 75.08 -27.45 12.88
C20 NEX GJ . 75.34 -30.92 8.60
O3 NEX GJ . 72.12 -26.17 20.11
O4 NEX GJ . 72.68 -23.75 16.56
C21 NEX GJ . 72.09 -31.91 -5.33
C22 NEX GJ . 72.12 -31.69 -6.83
C23 NEX GJ . 73.31 -30.84 -7.24
C24 NEX GJ . 74.58 -31.66 -7.04
C25 NEX GJ . 74.69 -32.22 -5.63
C26 NEX GJ . 73.45 -32.34 -4.76
C27 NEX GJ . 73.49 -33.32 -3.62
C28 NEX GJ . 73.56 -32.93 -2.34
C29 NEX GJ . 73.61 -33.86 -1.37
C30 NEX GJ . 73.66 -33.57 -0.16
C31 NEX GJ . 73.22 -32.39 0.61
C32 NEX GJ . 73.47 -32.30 1.75
C33 NEX GJ . 72.98 -31.40 2.83
C34 NEX GJ . 73.30 -31.62 4.03
C35 NEX GJ . 73.00 -30.86 5.24
C36 NEX GJ . 71.05 -32.98 -5.01
C37 NEX GJ . 71.67 -30.62 -4.65
C38 NEX GJ . 75.89 -33.08 -5.26
C39 NEX GJ . 73.58 -35.32 -1.73
C40 NEX GJ . 72.11 -30.22 2.49
O23 NEX GJ . 73.19 -30.49 -8.61
O24 NEX GJ . 74.36 -31.25 -4.62
O1 LHG HJ . 49.53 -56.85 -12.31
C1 LHG HJ . 50.63 -57.32 -13.10
C2 LHG HJ . 51.53 -56.15 -13.46
O2 LHG HJ . 52.27 -56.47 -14.63
C3 LHG HJ . 52.52 -55.93 -12.32
O3 LHG HJ . 53.83 -55.82 -12.87
P LHG HJ . 54.97 -55.07 -12.02
O4 LHG HJ . 54.58 -53.63 -11.84
O5 LHG HJ . 55.29 -55.91 -10.81
O6 LHG HJ . 56.23 -55.13 -13.01
C4 LHG HJ . 57.48 -55.55 -12.49
C5 LHG HJ . 58.62 -54.89 -13.23
C6 LHG HJ . 58.84 -53.54 -12.55
O7 LHG HJ . 59.81 -55.65 -13.08
C7 LHG HJ . 60.28 -56.11 -14.24
O9 LHG HJ . 60.36 -55.36 -15.20
C8 LHG HJ . 60.72 -57.55 -14.35
C9 LHG HJ . 61.18 -57.84 -15.77
C10 LHG HJ . 62.42 -58.72 -15.76
O8 LHG HJ . 60.20 -53.37 -12.17
C23 LHG HJ . 60.56 -53.29 -10.89
O10 LHG HJ . 59.77 -53.62 -10.01
C24 LHG HJ . 61.94 -52.80 -10.53
C11 LHG HJ . 63.68 -57.91 -15.98
C12 LHG HJ . 64.57 -58.58 -17.01
C13 LHG HJ . 66.03 -58.16 -16.88
C14 LHG HJ . 66.88 -59.36 -16.49
C15 LHG HJ . 68.35 -58.98 -16.33
C16 LHG HJ . 69.23 -59.87 -17.18
C17 LHG HJ . 70.70 -59.77 -16.76
C18 LHG HJ . 71.55 -60.72 -17.59
C19 LHG HJ . 71.94 -60.07 -18.92
C20 LHG HJ . 73.08 -59.07 -18.72
C21 LHG HJ . 74.31 -59.75 -18.14
C22 LHG HJ . 75.58 -59.13 -18.67
C25 LHG HJ . 62.80 -54.01 -10.20
C26 LHG HJ . 63.27 -54.70 -11.47
C27 LHG HJ . 63.84 -53.71 -12.47
C28 LHG HJ . 63.41 -54.07 -13.89
C29 LHG HJ . 64.34 -53.45 -14.92
C30 LHG HJ . 64.42 -54.32 -16.16
C31 LHG HJ . 64.01 -53.54 -17.40
C32 LHG HJ . 62.49 -53.54 -17.57
C33 LHG HJ . 62.10 -54.16 -18.90
C34 LHG HJ . 61.87 -55.65 -18.71
C35 LHG HJ . 60.46 -56.06 -19.09
C36 LHG HJ . 60.09 -55.58 -20.49
C37 LHG HJ . 60.79 -56.43 -21.55
C38 LHG HJ . 60.41 -57.89 -21.43
C1 SPH IJ . 44.71 -58.84 -16.12
O1 SPH IJ . 44.39 -59.76 -17.13
C2 SPH IJ . 45.63 -57.76 -16.69
N2 SPH IJ . 45.03 -56.46 -16.51
C3 SPH IJ . 46.98 -57.80 -15.96
O3 SPH IJ . 47.22 -59.09 -15.49
C4 SPH IJ . 48.07 -57.41 -16.94
C5 SPH IJ . 48.76 -58.32 -17.57
C6 SPH IJ . 49.85 -57.90 -18.54
C7 SPH IJ . 50.27 -59.08 -19.41
C8 SPH IJ . 51.47 -58.68 -20.25
C9 SPH IJ . 51.17 -58.92 -21.72
C10 SPH IJ . 52.47 -58.87 -22.52
C11 SPH IJ . 52.16 -58.56 -23.99
C12 SPH IJ . 53.46 -58.59 -24.78
C13 SPH IJ . 53.44 -57.51 -25.85
C14 SPH IJ . 54.88 -57.09 -26.17
C15 SPH IJ . 54.89 -55.68 -26.73
C16 SPH IJ . 54.22 -54.72 -25.75
C17 SPH IJ . 53.46 -53.65 -26.53
C18 SPH IJ . 52.68 -52.77 -25.56
O1 OEX JJ . 17.31 65.19 -47.14
CA1 OEX JJ . 15.12 64.31 -46.75
MN1 OEX JJ . 18.52 63.89 -47.27
O2 OEX JJ . 15.46 64.15 -49.20
MN2 OEX JJ . 17.17 65.33 -49.11
O3 OEX JJ . 18.16 63.49 -48.98
MN3 OEX JJ . 16.43 62.54 -49.35
O4 OEX JJ . 14.59 61.60 -49.61
MN4 OEX JJ . 14.87 60.69 -47.75
O5 OEX JJ . 16.74 62.04 -47.03
FE FE2 KJ . 4.87 43.66 -8.38
CL CL LJ . 20.51 55.92 -48.17
CL CL MJ . 18.86 69.26 -55.23
MG CLA NJ . 18.49 55.42 -30.52
CHA CLA NJ . 15.11 55.89 -31.00
CHB CLA NJ . 17.91 53.87 -27.51
CHC CLA NJ . 21.73 54.94 -30.26
CHD CLA NJ . 19.07 57.12 -33.56
NA CLA NJ . 16.69 54.91 -29.36
C1A CLA NJ . 15.44 55.18 -29.71
C2A CLA NJ . 14.44 54.72 -28.68
C3A CLA NJ . 15.35 54.13 -27.60
C4A CLA NJ . 16.73 54.29 -28.16
CMA CLA NJ . 15.09 54.62 -26.20
CAA CLA NJ . 13.59 53.57 -29.19
CBA CLA NJ . 12.13 53.96 -29.21
CGA CLA NJ . 11.28 52.76 -28.88
O1A CLA NJ . 11.49 51.71 -29.45
O2A CLA NJ . 10.32 52.90 -28.00
NB CLA NJ . 19.64 54.53 -29.11
C1B CLA NJ . 19.26 53.98 -27.94
C2B CLA NJ . 20.41 53.51 -27.20
C3B CLA NJ . 21.49 53.83 -27.99
C4B CLA NJ . 20.98 54.47 -29.18
CMB CLA NJ . 20.34 52.84 -25.85
CAB CLA NJ . 22.96 53.62 -27.81
CBB CLA NJ . 23.60 52.64 -26.87
NC CLA NJ . 20.12 55.84 -31.77
C1C CLA NJ . 21.37 55.62 -31.43
C2C CLA NJ . 22.34 56.15 -32.42
C3C CLA NJ . 21.56 56.70 -33.38
C4C CLA NJ . 20.18 56.52 -32.97
CMC CLA NJ . 23.83 56.10 -32.37
CAC CLA NJ . 22.07 57.41 -34.61
CBC CLA NJ . 22.35 56.40 -35.69
ND CLA NJ . 17.46 56.33 -31.95
C1D CLA NJ . 17.74 56.92 -33.14
C2D CLA NJ . 16.54 57.31 -33.87
C3D CLA NJ . 15.52 56.89 -33.02
C4D CLA NJ . 16.08 56.32 -31.89
CMD CLA NJ . 16.30 57.98 -35.19
CAD CLA NJ . 14.08 56.86 -32.90
OBD CLA NJ . 13.33 56.76 -33.86
CBD CLA NJ . 13.77 56.30 -31.56
CGD CLA NJ . 13.20 57.39 -30.73
O1D CLA NJ . 13.88 58.36 -30.43
O2D CLA NJ . 11.94 57.32 -30.33
CED CLA NJ . 10.99 57.61 -31.34
C1 CLA NJ . 8.94 52.95 -28.46
C2 CLA NJ . 8.25 51.79 -29.11
C3 CLA NJ . 8.21 51.61 -30.44
C4 CLA NJ . 8.87 52.55 -31.40
C5 CLA NJ . 7.49 50.44 -31.05
C6 CLA NJ . 6.04 50.87 -31.27
C7 CLA NJ . 5.09 49.84 -30.70
C8 CLA NJ . 3.74 49.94 -31.40
C9 CLA NJ . 2.78 50.81 -30.60
C10 CLA NJ . 3.18 48.55 -31.61
C11 CLA NJ . 4.09 47.71 -32.50
C12 CLA NJ . 3.28 46.75 -33.34
C13 CLA NJ . 3.91 45.37 -33.41
C14 CLA NJ . 4.13 44.95 -34.85
C15 CLA NJ . 3.02 44.38 -32.67
C16 CLA NJ . 3.43 42.93 -32.92
C17 CLA NJ . 2.28 41.99 -32.59
C18 CLA NJ . 2.75 40.55 -32.36
C19 CLA NJ . 3.16 39.90 -33.68
C20 CLA NJ . 3.87 40.48 -31.33
MG CLA OJ . 12.63 48.26 -33.89
CHA CLA OJ . 14.87 45.69 -33.42
CHB CLA OJ . 10.02 46.03 -34.13
CHC CLA OJ . 10.58 50.81 -34.15
CHD CLA OJ . 15.33 50.56 -33.65
NA CLA OJ . 12.43 46.07 -33.78
C1A CLA OJ . 13.44 45.21 -33.60
C2A CLA OJ . 12.95 43.79 -33.60
C3A CLA OJ . 11.44 43.94 -33.85
C4A CLA OJ . 11.26 45.42 -33.92
CMA CLA OJ . 10.77 43.04 -34.89
CAA CLA OJ . 13.20 43.17 -32.22
CBA CLA OJ . 12.05 43.26 -31.22
CGA CLA OJ . 12.12 44.50 -30.36
O1A CLA OJ . 12.14 45.61 -30.87
O2A CLA OJ . 12.17 44.35 -29.05
NB CLA OJ . 10.61 48.40 -34.09
C1B CLA OJ . 9.70 47.40 -34.21
C2B CLA OJ . 8.38 47.94 -34.42
C3B CLA OJ . 8.55 49.31 -34.43
C4B CLA OJ . 9.97 49.56 -34.22
CMB CLA OJ . 7.14 47.11 -34.58
CAB CLA OJ . 7.62 50.46 -34.59
CBB CLA OJ . 6.14 50.38 -34.78
NC CLA OJ . 12.91 50.33 -33.88
C1C CLA OJ . 11.92 51.20 -34.04
C2C CLA OJ . 12.38 52.60 -34.09
C3C CLA OJ . 13.73 52.52 -33.95
C4C CLA OJ . 14.05 51.09 -33.82
CMC CLA OJ . 11.49 53.80 -34.25
CAC CLA OJ . 14.73 53.63 -33.94
CBC CLA OJ . 14.90 54.15 -35.35
ND CLA OJ . 14.59 48.25 -33.59
C1D CLA OJ . 15.58 49.18 -33.53
C2D CLA OJ . 16.89 48.56 -33.37
C3D CLA OJ . 16.59 47.21 -33.33
C4D CLA OJ . 15.22 47.03 -33.46
CMD CLA OJ . 18.30 49.07 -33.24
CAD CLA OJ . 17.22 45.91 -33.19
OBD CLA OJ . 18.42 45.68 -33.27
CBD CLA OJ . 16.14 44.89 -33.20
CGD CLA OJ . 16.34 43.96 -34.35
O1D CLA OJ . 16.81 44.36 -35.40
O2D CLA OJ . 15.97 42.69 -34.22
CED CLA OJ . 16.27 41.84 -35.31
C1 CLA OJ . 11.16 43.52 -28.39
C2 CLA OJ . 9.69 43.71 -28.67
C3 CLA OJ . 8.80 42.80 -28.25
C4 CLA OJ . 9.21 41.57 -27.51
C5 CLA OJ . 7.32 42.95 -28.52
C6 CLA OJ . 6.96 42.11 -29.74
C7 CLA OJ . 7.07 42.93 -31.01
C8 CLA OJ . 7.46 42.06 -32.19
C9 CLA OJ . 8.86 41.48 -32.00
C10 CLA OJ . 7.37 42.88 -33.48
C11 CLA OJ . 7.16 41.98 -34.68
C12 CLA OJ . 6.96 42.79 -35.95
C13 CLA OJ . 6.95 41.88 -37.17
C14 CLA OJ . 7.00 42.71 -38.45
C15 CLA OJ . 5.72 41.01 -37.14
C16 CLA OJ . 4.44 41.85 -37.24
C17 CLA OJ . 3.20 40.96 -37.25
C18 CLA OJ . 2.97 40.36 -38.63
C19 CLA OJ . 1.75 39.43 -38.62
C20 CLA OJ . 2.80 41.45 -39.68
MG CLA PJ . 26.30 55.56 -20.89
CHA CLA PJ . 24.09 58.13 -21.44
CHB CLA PJ . 26.69 56.55 -17.61
CHC CLA PJ . 28.37 53.03 -20.46
CHD CLA PJ . 25.81 54.49 -24.23
NA CLA PJ . 25.47 57.16 -19.63
C1A CLA PJ . 24.60 58.09 -20.02
C2A CLA PJ . 24.23 59.01 -18.90
C3A CLA PJ . 25.07 58.50 -17.73
C4A CLA PJ . 25.79 57.34 -18.33
CMA CLA PJ . 25.82 59.49 -16.85
CAA CLA PJ . 22.77 58.80 -18.49
CBA CLA PJ . 22.29 57.37 -18.69
CGA CLA PJ . 21.45 56.92 -17.52
O1A CLA PJ . 20.92 57.77 -16.82
O2A CLA PJ . 21.32 55.62 -17.30
NB CLA PJ . 27.35 54.89 -19.29
C1B CLA PJ . 27.42 55.42 -18.04
C2B CLA PJ . 28.33 54.66 -17.22
C3B CLA PJ . 28.79 53.67 -18.04
C4B CLA PJ . 28.17 53.83 -19.34
CMB CLA PJ . 28.68 54.92 -15.78
CAB CLA PJ . 29.75 52.60 -17.72
CBB CLA PJ . 31.19 52.96 -17.37
NC CLA PJ . 26.96 53.99 -22.13
C1C CLA PJ . 27.82 53.07 -21.76
C2C CLA PJ . 28.15 52.10 -22.83
C3C CLA PJ . 27.39 52.51 -23.89
C4C CLA PJ . 26.66 53.70 -23.45
CMC CLA PJ . 29.09 50.94 -22.72
CAC CLA PJ . 27.34 51.88 -25.26
CBC CLA PJ . 28.58 52.23 -26.04
ND CLA PJ . 25.22 56.06 -22.47
C1D CLA PJ . 25.14 55.64 -23.77
C2D CLA PJ . 24.29 56.52 -24.57
C3D CLA PJ . 23.89 57.49 -23.65
C4D CLA PJ . 24.45 57.20 -22.41
CMD CLA PJ . 23.86 56.54 -26.00
CAD CLA PJ . 23.09 58.70 -23.52
OBD CLA PJ . 22.62 59.34 -24.44
CBD CLA PJ . 23.14 59.14 -22.09
CGD CLA PJ . 23.77 60.50 -22.01
O1D CLA PJ . 24.57 60.85 -22.84
O2D CLA PJ . 23.44 61.33 -21.02
CED CLA PJ . 24.19 62.53 -20.94
C1 CLA PJ . 20.31 55.09 -16.37
C2 CLA PJ . 20.33 55.41 -14.90
C3 CLA PJ . 19.92 54.52 -14.00
C4 CLA PJ . 19.95 54.89 -12.54
CHA PHO QJ . 2.32 47.40 -26.00
CHB PHO QJ . 5.76 46.46 -29.26
CHC PHO QJ . 8.94 49.29 -26.85
CHD PHO QJ . 5.52 50.26 -23.47
NA PHO QJ . 4.24 47.04 -27.41
C1A PHO QJ . 2.85 46.87 -27.12
C2A PHO QJ . 2.19 46.01 -28.19
C3A PHO QJ . 3.38 45.57 -29.07
C4A PHO QJ . 4.53 46.42 -28.53
CMA PHO QJ . 3.68 44.10 -28.93
CAA PHO QJ . 1.16 46.75 -29.00
CBA PHO QJ . 0.23 45.73 -29.61
CGA PHO QJ . 0.11 45.91 -31.09
O1A PHO QJ . 0.33 46.91 -31.77
O2A PHO QJ . -0.32 44.77 -31.71
NB PHO QJ . 7.08 47.95 -27.79
C1B PHO QJ . 6.89 47.15 -28.92
C2B PHO QJ . 8.15 47.20 -29.71
C3B PHO QJ . 9.05 47.98 -29.04
C4B PHO QJ . 8.39 48.48 -27.79
CMB PHO QJ . 8.28 46.46 -30.97
CAB PHO QJ . 10.41 48.34 -29.37
CBB PHO QJ . 10.83 48.81 -30.54
NC PHO QJ . 7.00 49.60 -25.36
C1C PHO QJ . 8.27 49.82 -25.69
C2C PHO QJ . 8.92 50.69 -24.66
C3C PHO QJ . 7.98 50.96 -23.71
C4C PHO QJ . 6.72 50.28 -24.13
CMC PHO QJ . 10.32 51.12 -24.71
CAC PHO QJ . 8.12 51.76 -22.49
CBC PHO QJ . 7.55 53.16 -22.66
ND PHO QJ . 4.14 49.09 -25.18
C1D PHO QJ . 4.29 49.71 -23.93
C2D PHO QJ . 3.04 49.64 -23.24
C3D PHO QJ . 2.21 48.81 -24.03
C4D PHO QJ . 2.98 48.40 -25.18
CMD PHO QJ . 2.70 50.28 -21.98
CAD PHO QJ . 0.90 48.20 -24.15
OBD PHO QJ . -0.11 48.40 -23.48
CBD PHO QJ . 0.99 47.16 -25.32
CGD PHO QJ . 0.83 45.76 -24.82
O1D PHO QJ . -0.18 45.03 -24.82
O2D PHO QJ . 1.99 45.24 -24.30
CED PHO QJ . 2.16 43.84 -24.46
C1 PHO QJ . -1.16 44.97 -32.86
C2 PHO QJ . -0.31 44.76 -34.05
C3 PHO QJ . -0.23 43.56 -34.66
C4 PHO QJ . -1.01 42.38 -34.21
C5 PHO QJ . 0.64 43.37 -35.85
C6 PHO QJ . 0.81 44.64 -36.66
C7 PHO QJ . 1.87 44.45 -37.72
C8 PHO QJ . 2.01 45.64 -38.65
C9 PHO QJ . 0.71 46.00 -39.32
C10 PHO QJ . 3.07 45.29 -39.69
C11 PHO QJ . 3.73 46.51 -40.31
C12 PHO QJ . 4.08 47.58 -39.29
C13 PHO QJ . 5.31 47.25 -38.45
C14 PHO QJ . 5.77 48.50 -37.74
C15 PHO QJ . 6.43 46.67 -39.28
C16 PHO QJ . 7.66 46.36 -38.44
C17 PHO QJ . 8.81 45.94 -39.32
C18 PHO QJ . 10.14 46.45 -38.81
C19 PHO QJ . 10.09 47.91 -38.44
C20 PHO QJ . 10.63 45.62 -37.63
CHA PHO RJ . 22.92 49.45 -10.01
CHB PHO RJ . 24.17 52.87 -13.20
CHC PHO RJ . 22.50 50.14 -16.90
CHD PHO RJ . 21.07 46.71 -13.73
NA PHO RJ . 23.53 50.95 -11.79
C1A PHO RJ . 23.41 50.65 -10.41
C2A PHO RJ . 23.85 51.86 -9.58
C3A PHO RJ . 24.37 52.86 -10.66
C4A PHO RJ . 24.00 52.16 -11.97
CMA PHO RJ . 23.73 54.21 -10.52
CAA PHO RJ . 24.92 51.63 -8.53
CBA PHO RJ . 26.29 51.60 -9.17
CGA PHO RJ . 27.33 51.59 -8.10
O1A PHO RJ . 27.35 52.19 -7.03
O2A PHO RJ . 28.39 50.80 -8.45
NB PHO RJ . 23.31 51.19 -14.80
C1B PHO RJ . 23.86 52.41 -14.44
C2B PHO RJ . 24.02 53.20 -15.69
C3B PHO RJ . 23.56 52.45 -16.75
C4B PHO RJ . 23.08 51.14 -16.20
CMB PHO RJ . 24.55 54.56 -15.65
CAB PHO RJ . 23.46 52.77 -18.15
CBB PHO RJ . 24.46 53.22 -18.91
NC PHO RJ . 21.99 48.57 -15.07
C1C PHO RJ . 21.98 48.90 -16.35
C2C PHO RJ . 21.30 47.86 -17.16
C3C PHO RJ . 20.84 46.91 -16.28
C4C PHO RJ . 21.27 47.35 -14.93
CMC PHO RJ . 21.13 47.94 -18.61
CAC PHO RJ . 20.06 45.70 -16.60
CBC PHO RJ . 20.78 44.38 -16.40
ND PHO RJ . 22.53 48.13 -12.24
C1D PHO RJ . 21.65 47.04 -12.47
C2D PHO RJ . 21.44 46.38 -11.21
C3D PHO RJ . 22.01 47.24 -10.23
C4D PHO RJ . 22.54 48.38 -10.92
CMD PHO RJ . 20.76 45.11 -11.01
CAD PHO RJ . 22.24 47.41 -8.81
OBD PHO RJ . 22.18 46.61 -7.89
CBD PHO RJ . 22.60 48.93 -8.64
CGD PHO RJ . 21.49 49.70 -7.97
O1D PHO RJ . 21.17 49.74 -6.78
O2D PHO RJ . 20.76 50.43 -8.85
CED PHO RJ . 20.47 51.78 -8.48
C1 PHO RJ . 29.49 50.81 -7.53
C2 PHO RJ . 30.73 50.75 -8.33
C3 PHO RJ . 31.25 51.84 -8.91
C4 PHO RJ . 30.63 53.18 -8.79
C5 PHO RJ . 32.49 51.75 -9.72
C6 PHO RJ . 32.20 51.75 -11.20
C7 PHO RJ . 32.70 53.01 -11.88
C8 PHO RJ . 32.39 53.13 -13.37
C9 PHO RJ . 31.77 51.89 -13.97
C10 PHO RJ . 33.68 53.48 -14.09
C11 PHO RJ . 33.90 54.98 -14.12
C12 PHO RJ . 32.75 55.68 -14.82
C13 PHO RJ . 32.53 57.09 -14.30
C14 PHO RJ . 32.36 57.09 -12.80
C15 PHO RJ . 31.32 57.73 -14.96
C16 PHO RJ . 31.40 57.73 -16.47
C17 PHO RJ . 30.06 58.14 -17.04
C18 PHO RJ . 30.16 58.49 -18.52
C19 PHO RJ . 28.97 59.33 -18.94
C20 PHO RJ . 30.22 57.21 -19.32
MG CLA SJ . -8.97 51.15 -45.83
CHA CLA SJ . -7.06 53.10 -47.93
CHB CLA SJ . -9.33 53.80 -43.63
CHC CLA SJ . -10.81 49.22 -43.91
CHD CLA SJ . -8.63 48.45 -48.09
NA CLA SJ . -8.28 53.25 -45.77
C1A CLA SJ . -7.54 53.84 -46.71
C2A CLA SJ . -7.27 55.28 -46.37
C3A CLA SJ . -7.99 55.46 -45.03
C4A CLA SJ . -8.57 54.10 -44.76
CMA CLA SJ . -7.38 56.27 -43.90
CAA CLA SJ . -7.99 56.21 -47.35
CBA CLA SJ . -9.40 55.70 -47.68
CGA CLA SJ . -10.24 56.82 -48.25
O1A CLA SJ . -9.72 57.63 -48.99
O2A CLA SJ . -11.52 56.87 -47.95
NB CLA SJ . -9.92 51.47 -44.06
C1B CLA SJ . -9.94 52.58 -43.28
C2B CLA SJ . -10.72 52.36 -42.10
C3B CLA SJ . -11.13 51.06 -42.20
C4B CLA SJ . -10.62 50.51 -43.44
CMB CLA SJ . -10.99 53.38 -41.02
CAB CLA SJ . -11.97 50.24 -41.30
CBB CLA SJ . -11.75 50.23 -39.81
NC CLA SJ . -9.67 49.17 -46.01
C1C CLA SJ . -10.41 48.58 -45.09
C2C CLA SJ . -10.74 47.18 -45.44
C3C CLA SJ . -10.15 47.00 -46.66
C4C CLA SJ . -9.47 48.24 -47.00
CMC CLA SJ . -11.57 46.21 -44.65
CAC CLA SJ . -10.17 45.73 -47.49
CBC CLA SJ . -11.31 45.81 -48.48
ND CLA SJ . -8.12 50.77 -47.57
C1D CLA SJ . -8.01 49.69 -48.40
C2D CLA SJ . -7.18 49.98 -49.55
C3D CLA SJ . -6.82 51.31 -49.36
C4D CLA SJ . -7.39 51.77 -48.18
CMD CLA SJ . -6.73 49.18 -50.74
CAD CLA SJ . -6.07 52.38 -49.97
OBD CLA SJ . -5.17 52.20 -50.77
CBD CLA SJ . -6.20 53.59 -49.08
CGD CLA SJ . -4.86 54.01 -48.56
O1D CLA SJ . -4.05 53.19 -48.21
O2D CLA SJ . -4.55 55.30 -48.47
CED CLA SJ . -3.18 55.63 -48.73
C1 CLA SJ . -12.04 58.03 -47.23
C2 CLA SJ . -13.39 58.02 -46.57
C3 CLA SJ . -14.12 59.14 -46.53
C4 CLA SJ . -13.61 60.42 -47.11
C5 CLA SJ . -15.47 59.20 -45.88
C6 CLA SJ . -15.41 60.16 -44.71
C7 CLA SJ . -16.23 59.66 -43.54
C8 CLA SJ . -16.85 60.81 -42.77
C9 CLA SJ . -17.86 61.56 -43.64
C10 CLA SJ . -15.75 61.75 -42.30
C11 CLA SJ . -14.98 61.15 -41.13
C12 CLA SJ . -15.15 62.00 -39.88
C13 CLA SJ . -14.52 63.38 -40.05
C14 CLA SJ . -13.02 63.27 -40.28
C15 CLA SJ . -14.83 64.22 -38.82
C1 BCR TJ . -15.98 43.31 -36.66
C2 BCR TJ . -17.20 44.18 -36.38
C3 BCR TJ . -17.58 45.06 -37.56
C4 BCR TJ . -17.83 44.25 -38.83
C5 BCR TJ . -17.07 42.95 -38.84
C6 BCR TJ . -15.98 42.81 -38.08
C7 BCR TJ . -14.80 42.10 -38.60
C8 BCR TJ . -14.12 42.56 -39.63
C9 BCR TJ . -12.96 41.93 -40.23
C10 BCR TJ . -12.59 42.29 -41.58
C11 BCR TJ . -11.52 42.48 -42.49
C33 BCR TJ . -17.55 41.82 -39.71
C31 BCR TJ . -15.99 42.10 -35.74
C32 BCR TJ . -14.71 44.12 -36.44
C34 BCR TJ . -12.15 40.92 -39.47
C12 BCR TJ . -10.64 42.68 -43.29
C13 BCR TJ . -9.53 42.39 -44.12
C14 BCR TJ . -9.21 43.33 -45.03
C15 BCR TJ . -8.14 43.25 -45.97
C16 BCR TJ . -7.21 43.88 -46.72
C17 BCR TJ . -6.42 43.28 -47.54
C18 BCR TJ . -5.90 43.79 -48.69
C19 BCR TJ . -5.01 43.02 -49.55
C20 BCR TJ . -4.00 43.05 -50.41
C21 BCR TJ . -2.97 42.68 -51.31
C22 BCR TJ . -2.40 43.45 -52.26
C23 BCR TJ . -1.33 42.88 -53.09
C24 BCR TJ . -0.41 43.64 -53.98
C25 BCR TJ . 0.60 42.88 -54.74
C26 BCR TJ . 1.76 42.60 -54.15
C27 BCR TJ . 2.59 41.43 -54.60
C28 BCR TJ . 2.58 41.23 -56.12
C29 BCR TJ . 1.59 42.11 -56.89
C30 BCR TJ . 0.29 42.39 -56.16
C35 BCR TJ . -8.76 41.11 -43.98
C36 BCR TJ . -6.25 45.20 -49.07
C37 BCR TJ . -2.86 44.85 -52.45
C38 BCR TJ . 2.29 43.42 -53.01
C39 BCR TJ . -0.63 41.17 -56.15
C40 BCR TJ . -0.41 43.52 -56.90
O6 SQD UJ . 5.11 61.01 -3.99
C44 SQD UJ . 6.12 60.45 -4.80
C45 SQD UJ . 5.48 59.89 -6.10
C46 SQD UJ . 4.35 60.79 -6.63
O47 SQD UJ . 6.49 59.95 -7.08
C7 SQD UJ . 7.25 58.82 -7.27
O49 SQD UJ . 7.13 57.85 -6.58
C8 SQD UJ . 8.21 59.01 -8.43
C9 SQD UJ . 8.82 60.42 -8.38
C10 SQD UJ . 9.58 60.78 -9.66
C11 SQD UJ . 8.68 60.66 -10.90
C12 SQD UJ . 9.49 60.87 -12.19
C13 SQD UJ . 9.35 62.30 -12.73
C14 SQD UJ . 10.68 62.88 -13.21
C15 SQD UJ . 11.74 62.89 -12.11
C16 SQD UJ . 13.05 63.53 -12.57
C17 SQD UJ . 13.42 64.76 -11.73
C18 SQD UJ . 12.41 65.90 -11.92
C19 SQD UJ . 12.33 66.36 -13.38
O48 SQD UJ . 4.82 62.13 -6.58
C23 SQD UJ . 4.45 62.95 -7.60
O10 SQD UJ . 3.64 62.58 -8.43
C24 SQD UJ . 5.15 64.28 -7.54
C25 SQD UJ . 5.15 64.97 -8.91
C26 SQD UJ . 5.77 66.38 -8.83
C27 SQD UJ . 5.98 67.00 -10.22
C28 SQD UJ . 6.50 68.43 -10.12
C29 SQD UJ . 7.31 68.86 -11.35
C30 SQD UJ . 8.74 68.28 -11.36
C31 SQD UJ . 9.76 69.32 -10.87
C32 SQD UJ . 9.71 70.60 -11.71
C33 SQD UJ . 10.41 71.77 -11.02
C34 SQD UJ . 10.67 72.94 -11.98
C35 SQD UJ . 9.41 73.39 -12.72
C36 SQD UJ . 9.65 74.69 -13.49
C37 SQD UJ . 10.94 74.64 -14.31
C38 SQD UJ . 10.82 75.42 -15.62
C1 SQD UJ . 4.62 60.08 -3.04
C2 SQD UJ . 5.78 59.81 -2.03
O2 SQD UJ . 6.13 58.46 -2.05
C3 SQD UJ . 5.31 60.23 -0.62
O3 SQD UJ . 5.21 61.62 -0.68
C4 SQD UJ . 3.92 59.64 -0.28
O4 SQD UJ . 4.09 58.28 0.01
C5 SQD UJ . 2.92 59.88 -1.45
C6 SQD UJ . 1.67 60.55 -0.95
O5 SQD UJ . 3.57 60.73 -2.38
S SQD UJ . 1.67 62.35 -0.99
O7 SQD UJ . 0.54 62.68 -0.16
O8 SQD UJ . 1.47 62.65 -2.38
O9 SQD UJ . 2.91 62.78 -0.45
C1 LMG VJ . -8.29 61.63 -51.83
O1 LMG VJ . -8.98 61.34 -50.61
C2 LMG VJ . -8.83 60.76 -52.95
O2 LMG VJ . -8.65 59.39 -52.61
C3 LMG VJ . -8.09 61.08 -54.24
O3 LMG VJ . -8.65 60.32 -55.32
C4 LMG VJ . -8.20 62.56 -54.56
O4 LMG VJ . -9.55 62.89 -54.90
C5 LMG VJ . -7.76 63.41 -53.37
O5 LMG VJ . -8.13 65.56 -52.37
C6 LMG VJ . -8.07 64.88 -53.63
O6 LMG VJ . -8.47 63.02 -52.19
C7 LMG VJ . -9.09 62.52 -49.80
C8 LMG VJ . -9.18 62.21 -48.31
C9 LMG VJ . -10.61 62.45 -47.83
O7 LMG VJ . -8.79 60.87 -48.04
C10 LMG VJ . -8.53 60.72 -46.72
O9 LMG VJ . -7.88 61.58 -46.16
C11 LMG VJ . -9.00 59.50 -45.97
C12 LMG VJ . -9.86 59.88 -44.77
C13 LMG VJ . -10.21 58.65 -43.94
C14 LMG VJ . -10.81 59.05 -42.59
C15 LMG VJ . -11.04 57.84 -41.69
C16 LMG VJ . -10.99 58.26 -40.23
C17 LMG VJ . -11.45 57.13 -39.31
C18 LMG VJ . -10.90 57.32 -37.91
C19 LMG VJ . -11.62 57.88 -36.94
C20 LMG VJ . -13.04 58.35 -37.16
C21 LMG VJ . -13.42 59.30 -36.05
C22 LMG VJ . -14.51 60.05 -36.17
O8 LMG VJ . -10.72 63.78 -47.32
C28 LMG VJ . -10.65 63.97 -46.01
O10 LMG VJ . -10.21 63.07 -45.31
C29 LMG VJ . -11.09 65.26 -45.38
C30 LMG VJ . -11.41 64.98 -43.92
C31 LMG VJ . -10.83 66.04 -43.01
C32 LMG VJ . -9.32 66.11 -43.18
C33 LMG VJ . -8.63 66.61 -41.93
C34 LMG VJ . -9.07 65.84 -40.70
C35 LMG VJ . -7.92 65.60 -39.74
C36 LMG VJ . -7.07 66.85 -39.66
C37 LMG VJ . -6.14 66.99 -38.71
C38 LMG VJ . -5.88 65.92 -37.68
C39 LMG VJ . -4.82 66.43 -36.72
C40 LMG VJ . -4.66 65.87 -35.53
C41 LMG VJ . -5.55 64.72 -35.10
C42 LMG VJ . -4.97 64.05 -33.87
C43 LMG VJ . -5.56 62.96 -33.38
NA NA WJ . 25.59 62.37 -53.49
MG CLA XJ . 63.23 31.92 -9.54
CHA CLA XJ . 66.63 31.41 -9.96
CHB CLA XJ . 62.88 28.79 -8.17
CHC CLA XJ . 60.04 32.60 -9.05
CHD CLA XJ . 63.62 35.14 -10.98
NA CLA XJ . 64.60 30.25 -9.09
C1A CLA XJ . 65.92 30.23 -9.32
C2A CLA XJ . 66.54 28.92 -8.90
C3A CLA XJ . 65.34 28.14 -8.36
C4A CLA XJ . 64.20 29.09 -8.53
CMA CLA XJ . 65.18 26.67 -8.71
CAA CLA XJ . 67.52 29.11 -7.74
CBA CLA XJ . 67.11 30.23 -6.80
CGA CLA XJ . 66.98 29.69 -5.40
O1A CLA XJ . 65.87 29.36 -4.99
O2A CLA XJ . 68.06 29.57 -4.65
NB CLA XJ . 61.70 30.86 -8.72
C1B CLA XJ . 61.72 29.58 -8.26
C2B CLA XJ . 60.39 29.18 -7.86
C3B CLA XJ . 59.60 30.26 -8.12
C4B CLA XJ . 60.45 31.32 -8.67
CMB CLA XJ . 59.96 27.85 -7.30
CAB CLA XJ . 58.13 30.36 -7.89
CBB CLA XJ . 57.18 30.48 -9.04
NC CLA XJ . 62.04 33.63 -9.88
C1C CLA XJ . 60.73 33.66 -9.67
C2C CLA XJ . 60.10 34.89 -10.18
C3C CLA XJ . 61.13 35.62 -10.69
C4C CLA XJ . 62.35 34.82 -10.52
CMC CLA XJ . 58.64 35.26 -10.11
CAC CLA XJ . 61.06 36.98 -11.35
CBC CLA XJ . 60.70 36.79 -12.81
ND CLA XJ . 64.67 33.07 -10.29
C1D CLA XJ . 64.76 34.32 -10.84
C2D CLA XJ . 66.11 34.63 -11.26
C3D CLA XJ . 66.83 33.49 -10.92
C4D CLA XJ . 65.96 32.57 -10.33
CMD CLA XJ . 66.77 35.82 -11.93
CAD CLA XJ . 68.16 32.94 -10.95
OBD CLA XJ . 69.05 33.32 -11.68
CBD CLA XJ . 68.10 31.60 -10.29
CGD CLA XJ . 68.57 30.57 -11.27
O1D CLA XJ . 68.14 30.54 -12.40
O2D CLA XJ . 69.50 29.68 -10.90
CED CLA XJ . 70.75 29.78 -11.58
C1 CLA XJ . 68.43 30.59 -3.68
C2 CLA XJ . 68.42 32.07 -4.02
C3 CLA XJ . 69.41 32.88 -3.59
C4 CLA XJ . 70.56 32.37 -2.77
C5 CLA XJ . 69.44 34.35 -3.91
C6 CLA XJ . 68.03 34.91 -3.93
C7 CLA XJ . 67.84 35.89 -5.09
C8 CLA XJ . 67.88 35.15 -6.42
C9 CLA XJ . 68.93 35.76 -7.35
C10 CLA XJ . 66.49 35.17 -7.03
C11 CLA XJ . 65.88 33.77 -7.07
C12 CLA XJ . 65.11 33.48 -5.79
C13 CLA XJ . 63.71 32.97 -6.10
C14 CLA XJ . 62.85 34.10 -6.65
C15 CLA XJ . 63.08 32.40 -4.83
C16 CLA XJ . 61.78 31.67 -5.15
C17 CLA XJ . 61.29 30.89 -3.93
C18 CLA XJ . 61.30 29.39 -4.20
C19 CLA XJ . 62.67 28.78 -3.96
C20 CLA XJ . 60.23 28.68 -3.38
MG CLA YJ . 54.41 29.53 -13.85
CHA CLA YJ . 52.20 31.06 -15.99
CHB CLA YJ . 56.98 29.95 -16.12
CHC CLA YJ . 56.45 28.08 -11.69
CHD CLA YJ . 51.78 29.10 -11.53
NA CLA YJ . 54.60 30.43 -15.86
C1A CLA YJ . 53.61 30.99 -16.55
C2A CLA YJ . 54.08 31.53 -17.87
C3A CLA YJ . 55.56 31.15 -17.89
C4A CLA YJ . 55.75 30.47 -16.56
CMA CLA YJ . 56.16 30.53 -19.15
CAA CLA YJ . 54.02 33.04 -17.80
CBA CLA YJ . 54.19 33.70 -19.16
CGA CLA YJ . 52.86 33.91 -19.84
O1A CLA YJ . 52.33 32.96 -20.40
O2A CLA YJ . 52.31 35.11 -19.83
NB CLA YJ . 56.39 29.09 -13.89
C1B CLA YJ . 57.30 29.31 -14.91
C2B CLA YJ . 58.60 28.82 -14.52
C3B CLA YJ . 58.42 28.29 -13.27
C4B CLA YJ . 57.03 28.47 -12.89
CMB CLA YJ . 59.86 28.87 -15.33
CAB CLA YJ . 59.44 27.65 -12.42
CBB CLA YJ . 60.60 28.46 -11.89
NC CLA YJ . 54.16 28.80 -11.90
C1C CLA YJ . 55.12 28.18 -11.21
C2C CLA YJ . 54.64 27.64 -9.91
C3C CLA YJ . 53.32 27.98 -9.87
C4C CLA YJ . 53.03 28.69 -11.11
CMC CLA YJ . 55.45 26.89 -8.88
CAC CLA YJ . 52.34 27.67 -8.78
CBC CLA YJ . 51.73 26.31 -9.00
ND CLA YJ . 52.48 29.91 -13.70
C1D CLA YJ . 51.51 29.76 -12.76
C2D CLA YJ . 50.23 30.32 -13.17
C3D CLA YJ . 50.52 30.82 -14.44
C4D CLA YJ . 51.86 30.57 -14.73
CMD CLA YJ . 48.88 30.42 -12.54
CAD CLA YJ . 49.92 31.52 -15.56
OBD CLA YJ . 48.74 31.78 -15.67
CBD CLA YJ . 50.94 31.59 -16.64
CGD CLA YJ . 50.55 30.63 -17.73
O1D CLA YJ . 49.82 29.68 -17.48
O2D CLA YJ . 51.00 30.80 -18.96
CED CLA YJ . 50.07 30.56 -20.01
C1 CLA YJ . 51.59 35.59 -18.65
C2 CLA YJ . 50.47 34.83 -17.99
C3 CLA YJ . 49.34 35.45 -17.64
C4 CLA YJ . 49.16 36.90 -17.91
C5 CLA YJ . 48.18 34.75 -16.97
C6 CLA YJ . 47.98 35.27 -15.56
C7 CLA YJ . 46.51 35.26 -15.12
C8 CLA YJ . 45.73 36.51 -15.54
C9 CLA YJ . 45.31 37.32 -14.33
C10 CLA YJ . 44.53 36.08 -16.38
C11 CLA YJ . 43.46 37.16 -16.48
C12 CLA YJ . 42.11 36.59 -16.05
C13 CLA YJ . 41.59 37.27 -14.79
C14 CLA YJ . 40.31 36.60 -14.30
C15 CLA YJ . 41.36 38.75 -15.08
C16 CLA YJ . 40.23 38.93 -16.08
C17 CLA YJ . 40.69 39.73 -17.29
C18 CLA YJ . 39.59 40.69 -17.71
C19 CLA YJ . 40.02 41.53 -18.91
C20 CLA YJ . 38.32 39.92 -18.03
MG CLA ZJ . 49.72 22.81 -18.17
CHA CLA ZJ . 50.48 23.22 -21.52
CHB CLA ZJ . 50.32 26.14 -17.57
CHC CLA ZJ . 48.89 22.29 -15.01
CHD CLA ZJ . 49.16 19.37 -18.78
NA CLA ZJ . 50.33 24.53 -19.42
C1A CLA ZJ . 50.60 24.50 -20.72
C2A CLA ZJ . 51.03 25.85 -21.23
C3A CLA ZJ . 51.00 26.72 -19.97
C4A CLA ZJ . 50.52 25.77 -18.91
CMA CLA ZJ . 52.20 27.60 -19.68
CAA CLA ZJ . 50.02 26.45 -22.22
CBA CLA ZJ . 48.58 26.06 -21.90
CGA CLA ZJ . 47.86 27.18 -21.20
O1A CLA ZJ . 47.99 28.33 -21.60
O2A CLA ZJ . 47.10 26.90 -20.15
NB CLA ZJ . 49.61 24.03 -16.55
C1B CLA ZJ . 49.89 25.37 -16.48
C2B CLA ZJ . 49.67 25.82 -15.14
C3B CLA ZJ . 49.29 24.73 -14.43
C4B CLA ZJ . 49.25 23.60 -15.34
CMB CLA ZJ . 49.85 27.22 -14.63
CAB CLA ZJ . 48.94 24.64 -12.99
CBB CLA ZJ . 49.99 24.92 -11.95
NC CLA ZJ . 49.02 21.13 -17.11
C1C CLA ZJ . 48.82 21.12 -15.80
C2C CLA ZJ . 48.52 19.78 -15.25
C3C CLA ZJ . 48.55 18.96 -16.35
C4C CLA ZJ . 48.88 19.81 -17.49
CMC CLA ZJ . 48.23 19.41 -13.82
CAC CLA ZJ . 48.32 17.47 -16.37
CBC CLA ZJ . 46.90 17.19 -16.78
ND CLA ZJ . 49.78 21.53 -19.68
C1D CLA ZJ . 49.53 20.21 -19.86
C2D CLA ZJ . 49.72 19.80 -21.24
C3D CLA ZJ . 50.09 20.98 -21.87
C4D CLA ZJ . 50.12 22.00 -20.94
CMD CLA ZJ . 49.60 18.49 -21.97
CAD CLA ZJ . 50.45 21.51 -23.17
OBD CLA ZJ . 50.54 20.89 -24.21
CBD CLA ZJ . 50.71 22.98 -23.01
CGD CLA ZJ . 52.12 23.26 -23.38
O1D CLA ZJ . 53.05 22.64 -22.87
O2D CLA ZJ . 52.41 24.16 -24.32
CED CLA ZJ . 53.09 23.69 -25.47
C1 CLA ZJ . 47.27 27.59 -18.88
C2 CLA ZJ . 46.86 26.90 -17.59
C3 CLA ZJ . 46.61 27.58 -16.47
C4 CLA ZJ . 46.73 29.06 -16.41
C5 CLA ZJ . 46.19 26.88 -15.19
C6 CLA ZJ . 45.25 27.76 -14.38
C7 CLA ZJ . 44.82 27.04 -13.11
C8 CLA ZJ . 45.16 27.86 -11.87
C9 CLA ZJ . 46.31 27.23 -11.12
C10 CLA ZJ . 43.92 28.00 -10.99
C11 CLA ZJ . 44.04 29.15 -9.99
C12 CLA ZJ . 42.93 30.17 -10.18
C13 CLA ZJ . 42.77 31.05 -8.94
C14 CLA ZJ . 41.29 31.38 -8.73
C15 CLA ZJ . 43.65 32.29 -9.09
C16 CLA ZJ . 43.12 33.52 -8.38
C17 CLA ZJ . 43.71 33.67 -6.98
C18 CLA ZJ . 44.81 34.74 -6.96
C19 CLA ZJ . 44.29 36.07 -7.49
C20 CLA ZJ . 45.36 34.90 -5.55
MG CLA AK . 38.32 23.97 -24.22
CHA CLA AK . 41.72 23.45 -24.00
CHB CLA AK . 38.16 22.21 -27.18
CHC CLA AK . 35.05 24.38 -24.22
CHD CLA AK . 38.46 25.79 -21.18
NA CLA AK . 39.78 22.90 -25.48
C1A CLA AK . 41.09 22.80 -25.23
C2A CLA AK . 41.79 22.03 -26.32
C3A CLA AK . 40.65 21.66 -27.27
C4A CLA AK . 39.45 22.27 -26.63
CMA CLA AK . 40.83 21.76 -28.78
CAA CLA AK . 42.48 20.74 -25.84
CBA CLA AK . 41.79 20.11 -24.64
CGA CLA AK . 42.86 19.74 -23.65
O1A CLA AK . 42.86 20.24 -22.54
O2A CLA AK . 43.79 18.87 -24.03
NB CLA AK . 36.84 23.37 -25.49
C1B CLA AK . 36.94 22.71 -26.67
C2B CLA AK . 35.64 22.61 -27.30
C3B CLA AK . 34.77 23.23 -26.44
C4B CLA AK . 35.55 23.69 -25.32
CMB CLA AK . 35.32 21.95 -28.59
CAB CLA AK . 33.31 23.43 -26.55
CBB CLA AK . 32.61 23.92 -27.80
NC CLA AK . 36.98 24.92 -22.92
C1C CLA AK . 35.68 24.95 -23.11
C2C CLA AK . 34.95 25.63 -22.04
C3C CLA AK . 35.91 26.02 -21.15
C4C CLA AK . 37.19 25.58 -21.72
CMC CLA AK . 33.45 25.77 -22.03
CAC CLA AK . 35.71 26.78 -19.86
CBC CLA AK . 35.39 28.23 -20.13
ND CLA AK . 39.66 24.50 -22.87
C1D CLA AK . 39.65 25.24 -21.71
C2D CLA AK . 40.98 25.38 -21.17
C3D CLA AK . 41.78 24.67 -22.06
C4D CLA AK . 40.98 24.17 -23.07
CMD CLA AK . 41.55 26.06 -19.95
CAD CLA AK . 43.15 24.30 -22.30
OBD CLA AK . 44.10 24.51 -21.56
CBD CLA AK . 43.16 23.40 -23.51
CGD CLA AK . 44.18 23.89 -24.51
O1D CLA AK . 44.68 23.11 -25.29
O2D CLA AK . 44.55 25.17 -24.55
CED CLA AK . 45.20 25.57 -25.76
C1 CLA AK . 43.70 17.49 -23.59
C2 CLA AK . 42.94 17.13 -22.33
C3 CLA AK . 43.37 16.14 -21.55
C4 CLA AK . 44.62 15.37 -21.88
C5 CLA AK . 42.63 15.76 -20.29
C6 CLA AK . 43.61 15.42 -19.17
C7 CLA AK . 43.39 13.99 -18.70
C8 CLA AK . 44.69 13.32 -18.28
C9 CLA AK . 45.42 12.72 -19.46
C10 CLA AK . 44.35 12.24 -17.28
C11 CLA AK . 45.30 12.20 -16.09
C12 CLA AK . 44.66 11.48 -14.90
C13 CLA AK . 45.10 10.02 -14.82
C14 CLA AK . 44.13 9.09 -15.53
C15 CLA AK . 45.23 9.59 -13.37
C16 CLA AK . 45.95 8.24 -13.30
C17 CLA AK . 47.41 8.42 -13.70
C18 CLA AK . 48.34 7.92 -12.60
C19 CLA AK . 49.71 7.56 -13.18
C20 CLA AK . 48.49 8.96 -11.49
MG CLA BK . 43.32 13.89 -24.86
CHA CLA BK . 43.56 16.33 -27.30
CHB CLA BK . 46.53 12.82 -25.51
CHC CLA BK . 43.01 11.68 -22.41
CHD CLA BK . 40.04 14.98 -24.18
NA CLA BK . 44.91 14.50 -26.25
C1A CLA BK . 44.81 15.48 -27.15
C2A CLA BK . 46.06 15.59 -28.00
C3A CLA BK . 46.93 14.46 -27.43
C4A CLA BK . 46.10 13.88 -26.33
CMA CLA BK . 47.49 13.48 -28.43
CAA CLA BK . 46.79 16.91 -27.78
CBA CLA BK . 46.72 17.41 -26.35
CGA CLA BK . 47.33 18.80 -26.27
O1A CLA BK . 48.44 18.99 -26.74
O2A CLA BK . 46.66 19.79 -25.71
NB CLA BK . 44.57 12.48 -24.08
C1B CLA BK . 45.84 12.16 -24.46
C2B CLA BK . 46.33 11.08 -23.64
C3B CLA BK . 45.31 10.78 -22.79
C4B CLA BK . 44.22 11.67 -23.08
CMB CLA BK . 47.67 10.40 -23.69
CAB CLA BK . 45.25 9.76 -21.72
CBB CLA BK . 45.34 8.28 -22.04
NC CLA BK . 41.80 13.45 -23.48
C1C CLA BK . 41.87 12.47 -22.59
C2C CLA BK . 40.64 12.32 -21.79
C3C CLA BK . 39.82 13.29 -22.28
C4C CLA BK . 40.54 13.98 -23.34
CMC CLA BK . 40.37 11.34 -20.70
CAC CLA BK . 38.43 13.54 -21.80
CBC CLA BK . 38.43 14.76 -20.91
ND CLA BK . 42.04 15.26 -25.49
C1D CLA BK . 40.78 15.65 -25.18
C2D CLA BK . 40.33 16.75 -26.01
C3D CLA BK . 41.42 17.01 -26.83
C4D CLA BK . 42.44 16.11 -26.51
CMD CLA BK . 39.06 17.55 -26.09
CAD CLA BK . 41.87 17.88 -27.88
OBD CLA BK . 41.13 18.51 -28.61
CBD CLA BK . 43.26 17.47 -28.25
CGD CLA BK . 43.28 17.01 -29.67
O1D CLA BK . 44.22 17.23 -30.39
O2D CLA BK . 42.24 16.33 -30.15
CED CLA BK . 42.46 14.93 -30.37
C1 CLA BK . 47.13 20.42 -24.48
C2 CLA BK . 46.58 20.02 -23.13
C3 CLA BK . 46.33 20.92 -22.18
C4 CLA BK . 46.58 22.38 -22.40
C5 CLA BK . 45.76 20.52 -20.83
C6 CLA BK . 46.23 21.45 -19.73
C7 CLA BK . 45.66 21.06 -18.37
C8 CLA BK . 45.23 22.29 -17.57
C9 CLA BK . 46.30 23.36 -17.58
C10 CLA BK . 44.89 21.87 -16.13
C11 CLA BK . 44.62 23.10 -15.26
C12 CLA BK . 44.04 22.69 -13.91
C13 CLA BK . 45.04 21.86 -13.10
C14 CLA BK . 44.33 20.72 -12.38
C15 CLA BK . 45.76 22.76 -12.11
C16 CLA BK . 46.78 21.96 -11.31
C17 CLA BK . 47.29 22.76 -10.11
C18 CLA BK . 48.71 22.32 -9.73
C19 CLA BK . 49.20 23.12 -8.52
C20 CLA BK . 48.77 20.83 -9.46
MG CLA CK . 53.10 11.62 -23.98
CHA CLA CK . 53.93 10.34 -27.07
CHB CLA CK . 50.55 13.48 -25.37
CHC CLA CK . 52.31 12.68 -20.95
CHD CLA CK . 55.74 9.74 -22.55
NA CLA CK . 52.29 11.88 -26.01
C1A CLA CK . 52.76 11.30 -27.12
C2A CLA CK . 52.02 11.78 -28.35
C3A CLA CK . 51.03 12.79 -27.78
C4A CLA CK . 51.28 12.72 -26.30
CMA CLA CK . 51.01 14.15 -28.45
CAA CLA CK . 51.19 10.65 -29.00
CBA CLA CK . 50.83 9.48 -28.08
CGA CLA CK . 49.58 9.78 -27.29
O1A CLA CK . 49.70 10.06 -26.12
O2A CLA CK . 48.40 9.75 -27.90
NB CLA CK . 51.65 12.88 -23.26
C1B CLA CK . 50.70 13.56 -23.96
C2B CLA CK . 49.90 14.34 -23.06
C3B CLA CK . 50.40 14.11 -21.83
C4B CLA CK . 51.51 13.18 -21.97
CMB CLA CK . 48.73 15.23 -23.40
CAB CLA CK . 49.94 14.68 -20.53
CBB CLA CK . 48.60 14.27 -19.99
NC CLA CK . 53.87 11.24 -22.06
C1C CLA CK . 53.41 11.80 -20.95
C2C CLA CK . 54.17 11.43 -19.76
C3C CLA CK . 55.14 10.58 -20.21
C4C CLA CK . 54.95 10.47 -21.65
CMC CLA CK . 53.90 11.88 -18.35
CAC CLA CK . 56.19 9.91 -19.36
CBC CLA CK . 55.67 8.58 -18.86
ND CLA CK . 54.52 10.39 -24.55
C1D CLA CK . 55.49 9.64 -23.94
C2D CLA CK . 56.20 8.80 -24.89
C3D CLA CK . 55.58 9.09 -26.10
C4D CLA CK . 54.58 10.03 -25.88
CMD CLA CK . 57.31 7.81 -24.83
CAD CLA CK . 55.62 8.72 -27.49
OBD CLA CK . 56.13 7.71 -27.95
CBD CLA CK . 54.62 9.59 -28.20
CGD CLA CK . 55.46 10.47 -29.08
O1D CLA CK . 56.57 10.09 -29.41
O2D CLA CK . 55.02 11.62 -29.55
CED CLA CK . 55.23 11.80 -30.95
C1 CLA CK . 47.19 9.37 -27.18
C2 CLA CK . 47.15 8.08 -26.40
C3 CLA CK . 46.06 7.69 -25.74
C4 CLA CK . 44.83 8.55 -25.72
C5 CLA CK . 46.04 6.39 -24.96
C6 CLA CK . 44.64 5.95 -24.56
C7 CLA CK . 44.62 4.50 -24.09
C8 CLA CK . 44.21 3.56 -25.22
C9 CLA CK . 42.76 3.79 -25.62
C10 CLA CK . 44.42 2.12 -24.79
C11 CLA CK . 44.20 1.18 -25.96
C12 CLA CK . 45.53 0.74 -26.58
C13 CLA CK . 45.75 1.26 -28.00
C14 CLA CK . 46.48 2.60 -27.99
C15 CLA CK . 44.44 1.37 -28.77
C16 CLA CK . 44.68 1.10 -30.26
C17 CLA CK . 43.83 2.01 -31.13
C18 CLA CK . 43.95 1.64 -32.60
C19 CLA CK . 45.32 2.02 -33.14
C20 CLA CK . 43.67 0.15 -32.82
MG CLA DK . 34.62 23.49 -35.69
CHA CLA DK . 35.13 23.79 -39.10
CHB CLA DK . 36.80 26.08 -35.08
CHC CLA DK . 34.03 23.12 -32.45
CHD CLA DK . 32.38 20.82 -36.32
NA CLA DK . 35.85 24.83 -36.95
C1A CLA DK . 35.91 24.80 -38.28
C2A CLA DK . 36.85 25.86 -38.80
C3A CLA DK . 37.36 26.55 -37.52
C4A CLA DK . 36.65 25.79 -36.44
CMA CLA DK . 38.85 26.84 -37.36
CAA CLA DK . 36.08 26.86 -39.69
CBA CLA DK . 35.41 28.04 -38.98
CGA CLA DK . 34.07 27.67 -38.40
O1A CLA DK . 34.04 27.06 -37.35
O2A CLA DK . 32.96 28.01 -39.02
NB CLA DK . 35.31 24.45 -34.02
C1B CLA DK . 36.21 25.48 -33.96
C2B CLA DK . 36.41 25.86 -32.59
C3B CLA DK . 35.63 25.01 -31.85
C4B CLA DK . 34.94 24.13 -32.78
CMB CLA DK . 37.31 26.96 -32.10
CAB CLA DK . 35.47 24.95 -30.39
CBB CLA DK . 35.07 26.15 -29.56
NC CLA DK . 33.32 22.27 -34.58
C1C CLA DK . 33.28 22.24 -33.25
C2C CLA DK . 32.37 21.20 -32.72
C3C CLA DK . 31.86 20.60 -33.83
C4C CLA DK . 32.45 21.27 -35.00
CMC CLA DK . 32.08 20.91 -31.28
CAC CLA DK . 30.86 19.46 -33.86
CBC CLA DK . 29.48 20.02 -34.14
ND CLA DK . 33.89 22.49 -37.23
C1D CLA DK . 33.01 21.46 -37.41
C2D CLA DK . 32.83 21.13 -38.82
C3D CLA DK . 33.67 22.05 -39.46
C4D CLA DK . 34.28 22.86 -38.51
CMD CLA DK . 32.02 20.12 -39.58
CAD CLA DK . 34.10 22.45 -40.77
OBD CLA DK . 33.68 22.03 -41.84
CBD CLA DK . 35.09 23.57 -40.59
CGD CLA DK . 36.42 23.10 -41.11
O1D CLA DK . 37.29 23.90 -41.40
O2D CLA DK . 36.66 21.81 -41.26
CED CLA DK . 37.93 21.34 -40.82
C1 CLA DK . 32.10 29.09 -38.51
C2 CLA DK . 31.68 29.21 -37.07
C3 CLA DK . 30.53 29.80 -36.73
C4 CLA DK . 29.60 30.35 -37.77
C5 CLA DK . 30.10 29.95 -35.28
C6 CLA DK . 28.58 30.08 -35.14
C7 CLA DK . 28.21 31.31 -34.31
C8 CLA DK . 27.36 30.98 -33.09
C9 CLA DK . 27.87 29.76 -32.33
C10 CLA DK . 25.91 30.79 -33.49
C11 CLA DK . 25.05 30.56 -32.25
C12 CLA DK . 24.14 29.37 -32.43
C13 CLA DK . 22.82 29.78 -33.06
C14 CLA DK . 21.69 29.77 -32.03
C15 CLA DK . 22.52 28.83 -34.21
C16 CLA DK . 21.27 29.24 -34.98
C17 CLA DK . 21.48 28.95 -36.46
C18 CLA DK . 20.31 28.19 -37.05
C19 CLA DK . 19.32 29.13 -37.72
C20 CLA DK . 20.81 27.14 -38.04
MG CLA EK . 34.72 34.53 -6.70
CHA CLA EK . 34.33 32.00 -4.38
CHB CLA EK . 32.00 36.17 -5.39
CHC CLA EK . 35.16 36.93 -8.98
CHD CLA EK . 37.49 32.85 -8.04
NA CLA EK . 33.29 34.15 -5.05
C1A CLA EK . 33.30 33.09 -4.25
C2A CLA EK . 32.20 33.19 -3.21
C3A CLA EK . 31.47 34.48 -3.59
C4A CLA EK . 32.27 34.98 -4.74
CMA CLA EK . 29.95 34.51 -3.68
CAA CLA EK . 32.82 33.34 -1.82
CBA CLA EK . 33.30 34.74 -1.42
CGA CLA EK . 34.53 35.20 -2.16
O1A CLA EK . 35.60 34.64 -1.98
O2A CLA EK . 34.42 36.21 -3.01
NB CLA EK . 33.75 36.25 -7.12
C1B CLA EK . 32.67 36.75 -6.47
C2B CLA EK . 32.32 37.99 -7.05
C3B CLA EK . 33.19 38.23 -8.07
C4B CLA EK . 34.10 37.10 -8.10
CMB CLA EK . 31.19 38.79 -6.55
CAB CLA EK . 33.24 39.37 -8.98
CBB CLA EK . 32.49 39.32 -10.28
NC CLA EK . 36.17 34.89 -8.19
C1C CLA EK . 36.14 35.91 -9.04
C2C CLA EK . 37.23 35.86 -10.04
C3C CLA EK . 37.91 34.73 -9.71
C4C CLA EK . 37.23 34.12 -8.57
CMC CLA EK . 37.52 36.84 -11.14
CAC CLA EK . 39.12 34.18 -10.40
CBC CLA EK . 38.63 33.33 -11.55
ND CLA EK . 35.74 32.88 -6.37
C1D CLA EK . 36.80 32.27 -6.95
C2D CLA EK . 37.08 30.99 -6.33
C3D CLA EK . 36.12 30.90 -5.33
C4D CLA EK . 35.32 32.03 -5.37
CMD CLA EK . 38.09 29.92 -6.56
CAD CLA EK . 35.65 30.04 -4.28
OBD CLA EK . 35.95 28.87 -4.13
CBD CLA EK . 34.55 30.74 -3.56
CGD CLA EK . 33.38 29.83 -3.49
O1D CLA EK . 33.43 28.83 -2.79
O2D CLA EK . 32.24 30.06 -4.13
CED CLA EK . 31.07 29.71 -3.40
C1 CLA EK . 35.54 36.63 -3.85
C2 CLA EK . 36.58 37.58 -3.32
C3 CLA EK . 36.97 38.63 -4.06
C4 CLA EK . 36.37 38.90 -5.41
C5 CLA EK . 38.02 39.62 -3.58
C6 CLA EK . 39.03 39.87 -4.70
C7 CLA EK . 40.00 40.98 -4.32
C8 CLA EK . 41.12 41.06 -5.35
C9 CLA EK . 41.93 39.78 -5.34
C10 CLA EK . 41.99 42.28 -5.10
C11 CLA EK . 43.16 42.30 -6.07
C12 CLA EK . 43.68 43.72 -6.29
C13 CLA EK . 45.16 43.71 -6.62
C14 CLA EK . 45.71 45.13 -6.66
C15 CLA EK . 45.39 42.97 -7.94
C16 CLA EK . 45.03 43.83 -9.14
C17 CLA EK . 45.64 43.25 -10.40
C18 CLA EK . 45.33 44.15 -11.60
C19 CLA EK . 46.51 45.07 -11.86
C20 CLA EK . 44.98 43.32 -12.83
MG CLA FK . 45.92 25.37 -0.54
CHA CLA FK . 43.88 25.66 2.24
CHB CLA FK . 43.17 24.98 -2.57
CHC CLA FK . 47.96 25.16 -3.13
CHD CLA FK . 48.74 25.80 1.56
NA CLA FK . 43.74 25.34 -0.21
C1A CLA FK . 43.11 25.46 0.96
C2A CLA FK . 41.62 25.35 0.82
C3A CLA FK . 41.47 25.07 -0.68
C4A CLA FK . 42.86 25.15 -1.21
CMA CLA FK . 40.74 23.79 -1.00
CAA CLA FK . 40.97 26.71 1.19
CBA CLA FK . 40.24 27.44 0.06
CGA CLA FK . 39.98 28.89 0.40
O1A CLA FK . 39.15 29.17 1.24
O2A CLA FK . 40.66 29.84 -0.23
NB CLA FK . 45.61 25.12 -2.54
C1B CLA FK . 44.42 24.98 -3.21
C2B CLA FK . 44.68 24.82 -4.62
C3B CLA FK . 46.04 24.87 -4.75
C4B CLA FK . 46.61 25.06 -3.43
CMB CLA FK . 43.66 24.65 -5.71
CAB CLA FK . 46.86 24.76 -5.98
CBB CLA FK . 46.67 25.68 -7.16
NC CLA FK . 48.00 25.54 -0.74
C1C CLA FK . 48.63 25.39 -1.91
C2C CLA FK . 50.10 25.49 -1.77
C3C CLA FK . 50.31 25.71 -0.44
C4C CLA FK . 48.99 25.73 0.19
CMC CLA FK . 51.09 25.38 -2.89
CAC CLA FK . 51.63 25.89 0.25
CBC CLA FK . 52.32 24.56 0.45
ND CLA FK . 46.33 25.66 1.37
C1D CLA FK . 47.44 25.81 2.13
C2D CLA FK . 47.13 25.97 3.54
C3D CLA FK . 45.74 25.92 3.58
C4D CLA FK . 45.27 25.73 2.28
CMD CLA FK . 47.95 26.17 4.78
CAD CLA FK . 44.61 25.98 4.48
OBD CLA FK . 44.62 26.51 5.57
CBD CLA FK . 43.37 25.75 3.67
CGD CLA FK . 42.77 24.43 4.04
O1D CLA FK . 41.59 24.22 3.89
O2D CLA FK . 43.53 23.47 4.55
CED CLA FK . 43.48 22.23 3.85
C1 CLA FK . 40.15 31.20 -0.40
C2 CLA FK . 39.25 31.61 -1.55
C3 CLA FK . 39.53 32.69 -2.30
C4 CLA FK . 40.74 33.54 -2.04
C5 CLA FK . 38.66 33.13 -3.46
C6 CLA FK . 39.50 33.60 -4.63
C7 CLA FK . 39.00 34.91 -5.21
C8 CLA FK . 40.03 35.57 -6.11
C9 CLA FK . 41.26 35.99 -5.31
C10 CLA FK . 39.41 36.76 -6.84
C11 CLA FK . 40.41 37.43 -7.78
C12 CLA FK . 39.75 38.53 -8.60
C13 CLA FK . 40.77 39.48 -9.21
C14 CLA FK . 40.09 40.51 -10.11
C15 CLA FK . 41.82 38.70 -9.99
C16 CLA FK . 42.87 39.62 -10.60
C17 CLA FK . 43.95 39.94 -9.58
C18 CLA FK . 45.15 39.01 -9.72
C19 CLA FK . 45.75 39.09 -11.11
C20 CLA FK . 46.20 39.31 -8.66
MG CLA GK . 39.24 22.99 -5.83
CHA CLA GK . 39.68 20.53 -8.21
CHB CLA GK . 40.80 25.29 -7.86
CHC CLA GK . 38.58 25.26 -3.57
CHD CLA GK . 37.69 20.58 -3.75
NA CLA GK . 40.14 22.95 -7.84
C1A CLA GK . 40.22 21.88 -8.64
C2A CLA GK . 40.92 22.20 -9.94
C3A CLA GK . 41.25 23.69 -9.79
C4A CLA GK . 40.71 24.02 -8.44
CMA CLA GK . 42.62 24.22 -10.22
CAA CLA GK . 39.96 22.05 -11.12
CBA CLA GK . 40.76 21.87 -12.40
CGA CLA GK . 39.84 21.47 -13.52
O1A CLA GK . 38.64 21.44 -13.31
O2A CLA GK . 40.36 21.17 -14.70
NB CLA GK . 39.61 24.98 -5.73
C1B CLA GK . 40.31 25.74 -6.61
C2B CLA GK . 40.46 27.07 -6.10
C3B CLA GK . 39.84 27.09 -4.89
C4B CLA GK . 39.30 25.74 -4.66
CMB CLA GK . 41.19 28.19 -6.79
CAB CLA GK . 39.78 28.28 -4.01
CBB CLA GK . 38.75 28.56 -2.95
NC CLA GK . 38.23 22.94 -4.00
C1C CLA GK . 38.11 23.98 -3.19
C2C CLA GK . 37.44 23.65 -1.91
C3C CLA GK . 37.19 22.31 -2.01
C4C CLA GK . 37.67 21.89 -3.30
CMC CLA GK . 37.13 24.53 -0.74
CAC CLA GK . 36.51 21.45 -0.98
CBC CLA GK . 35.04 21.38 -1.29
ND CLA GK . 38.75 21.07 -5.87
C1D CLA GK . 38.16 20.19 -5.02
C2D CLA GK . 38.09 18.85 -5.58
C3D CLA GK . 38.68 19.00 -6.83
C4D CLA GK . 39.07 20.33 -6.99
CMD CLA GK . 37.56 17.53 -5.08
CAD CLA GK . 39.03 18.26 -8.01
OBD CLA GK . 38.47 17.24 -8.36
CBD CLA GK . 39.75 19.20 -8.92
CGD CLA GK . 41.18 18.78 -8.99
O1D CLA GK . 41.52 17.88 -9.75
O2D CLA GK . 42.10 19.36 -8.23
CED CLA GK . 43.34 19.65 -8.86
C1 CLA GK . 40.71 19.80 -15.05
C2 CLA GK . 41.72 18.99 -14.28
C3 CLA GK . 42.71 18.34 -14.92
C4 CLA GK . 42.85 18.38 -16.40
C5 CLA GK . 43.74 17.52 -14.18
C6 CLA GK . 43.60 16.07 -14.59
C7 CLA GK . 42.48 15.39 -13.84
C8 CLA GK . 42.71 15.46 -12.33
C9 CLA GK . 43.83 14.53 -11.92
C10 CLA GK . 41.43 15.14 -11.56
C11 CLA GK . 40.20 15.77 -12.22
C12 CLA GK . 39.00 15.82 -11.29
C13 CLA GK . 37.73 16.19 -12.06
C14 CLA GK . 37.98 17.28 -13.09
C15 CLA GK . 36.65 16.64 -11.09
C16 CLA GK . 36.23 15.54 -10.14
C17 CLA GK . 34.80 15.77 -9.65
C18 CLA GK . 34.73 16.05 -8.15
C19 CLA GK . 35.23 17.45 -7.84
C20 CLA GK . 33.30 15.91 -7.64
MG CLA HK . 24.87 25.27 -14.52
CHA CLA HK . 21.69 24.95 -13.28
CHB CLA HK . 25.63 22.05 -13.52
CHC CLA HK . 27.86 25.66 -15.85
CHD CLA HK . 24.03 28.54 -15.60
NA CLA HK . 23.78 23.63 -13.52
C1A CLA HK . 22.51 23.70 -13.11
C2A CLA HK . 22.06 22.40 -12.48
C3A CLA HK . 23.32 21.53 -12.55
C4A CLA HK . 24.31 22.43 -13.23
CMA CLA HK . 23.75 20.73 -11.33
CAA CLA HK . 20.99 21.69 -13.32
CBA CLA HK . 20.87 22.14 -14.78
CGA CLA HK . 21.14 21.03 -15.75
O1A CLA HK . 22.29 20.65 -15.90
O2A CLA HK . 20.14 20.52 -16.44
NB CLA HK . 26.49 24.05 -14.67
C1B CLA HK . 26.64 22.79 -14.16
C2B CLA HK . 27.97 22.32 -14.40
C3B CLA HK . 28.61 23.35 -15.06
C4B CLA HK . 27.65 24.43 -15.22
CMB CLA HK . 28.47 20.98 -13.97
CAB CLA HK . 30.01 23.43 -15.55
CBB CLA HK . 30.83 22.28 -16.05
NC CLA HK . 25.79 26.85 -15.54
C1C CLA HK . 27.00 26.78 -16.06
C2C CLA HK . 27.31 27.96 -16.90
C3C CLA HK . 26.22 28.75 -16.82
C4C CLA HK . 25.28 28.06 -15.96
CMC CLA HK . 28.55 28.21 -17.69
CAC CLA HK . 26.02 30.07 -17.51
CBC CLA HK . 25.28 29.83 -18.80
ND CLA HK . 23.33 26.50 -14.51
C1D CLA HK . 23.07 27.76 -14.95
C2D CLA HK . 21.71 28.18 -14.64
C3D CLA HK . 21.18 27.07 -13.98
C4D CLA HK . 22.15 26.09 -13.93
CMD CLA HK . 20.96 29.45 -14.91
CAD CLA HK . 19.98 26.57 -13.36
OBD CLA HK . 18.85 26.96 -13.60
CBD CLA HK . 20.32 25.25 -12.74
CGD CLA HK . 20.51 25.40 -11.28
O1D CLA HK . 21.24 26.28 -10.84
O2D CLA HK . 19.90 24.58 -10.43
CED CLA HK . 19.09 25.23 -9.46
C1 CLA HK . 20.19 20.39 -17.89
C2 CLA HK . 20.59 21.54 -18.78
C3 CLA HK . 20.04 21.72 -19.99
C4 CLA HK . 18.97 20.78 -20.51
C5 CLA HK . 20.44 22.87 -20.87
C6 CLA HK . 19.94 22.74 -22.30
C7 CLA HK . 21.09 22.55 -23.29
C8 CLA HK . 21.71 23.87 -23.73
C9 CLA HK . 20.68 24.99 -23.90
C10 CLA HK . 22.46 23.65 -25.05
C11 CLA HK . 23.50 22.55 -24.93
C12 CLA HK . 24.46 22.63 -26.12
C13 CLA HK . 25.40 21.42 -26.20
C14 CLA HK . 24.64 20.11 -25.95
C15 CLA HK . 26.56 21.58 -25.24
C16 CLA HK . 27.26 22.93 -25.39
C17 CLA HK . 27.81 23.43 -24.06
C18 CLA HK . 29.27 23.06 -23.87
C19 CLA HK . 30.09 23.21 -25.15
C20 CLA HK . 29.89 23.90 -22.75
MG CLA IK . 29.67 17.96 -13.08
CHA CLA IK . 33.03 18.82 -12.95
CHB CLA IK . 29.92 17.35 -16.44
CHC CLA IK . 26.52 17.04 -13.05
CHD CLA IK . 29.45 18.61 -9.61
NA CLA IK . 31.30 18.06 -14.55
C1A CLA IK . 32.56 18.44 -14.32
C2A CLA IK . 33.38 18.46 -15.57
C3A CLA IK . 32.36 18.08 -16.63
C4A CLA IK . 31.12 17.79 -15.85
CMA CLA IK . 32.19 19.19 -17.63
CAA CLA IK . 34.47 17.38 -15.51
CBA CLA IK . 33.96 15.95 -15.63
CGA CLA IK . 34.90 14.97 -14.98
O1A CLA IK . 35.15 15.09 -13.80
O2A CLA IK . 35.45 14.02 -15.71
NB CLA IK . 28.42 17.28 -14.52
C1B CLA IK . 28.67 17.10 -15.84
C2B CLA IK . 27.49 16.62 -16.51
C3B CLA IK . 26.52 16.54 -15.54
C4B CLA IK . 27.14 16.98 -14.28
CMB CLA IK . 27.42 16.30 -17.98
CAB CLA IK . 25.10 16.12 -15.57
CBB CLA IK . 24.42 15.33 -16.67
NC CLA IK . 28.25 17.77 -11.55
C1C CLA IK . 26.99 17.44 -11.77
C2C CLA IK . 26.14 17.55 -10.57
C3C CLA IK . 27.01 17.96 -9.59
C4C CLA IK . 28.30 18.11 -10.22
CMC CLA IK . 24.68 17.25 -10.48
CAC CLA IK . 26.67 18.23 -8.15
CBC CLA IK . 26.17 19.66 -8.01
ND CLA IK . 30.84 18.54 -11.60
C1D CLA IK . 30.69 18.78 -10.27
C2D CLA IK . 31.92 19.24 -9.67
C3D CLA IK . 32.82 19.26 -10.71
C4D CLA IK . 32.17 18.83 -11.86
CMD CLA IK . 32.30 19.64 -8.28
CAD CLA IK . 34.20 19.56 -11.02
OBD CLA IK . 35.07 19.85 -10.22
CBD CLA IK . 34.40 19.25 -12.47
CGD CLA IK . 34.89 20.47 -13.23
O1D CLA IK . 35.75 20.34 -14.09
O2D CLA IK . 34.39 21.66 -13.00
CED CLA IK . 34.06 22.43 -14.16
C1 CLA IK . 36.89 14.02 -15.90
C2 CLA IK . 37.63 15.32 -16.10
C3 CLA IK . 38.77 15.39 -16.79
C4 CLA IK . 39.41 14.19 -17.42
C5 CLA IK . 39.50 16.71 -17.00
C6 CLA IK . 38.92 17.44 -18.20
C7 CLA IK . 37.79 18.37 -17.77
C8 CLA IK . 37.00 18.94 -18.94
C9 CLA IK . 35.70 19.56 -18.43
C10 CLA IK . 36.71 17.86 -19.98
C11 CLA IK . 36.93 18.38 -21.40
C12 CLA IK . 38.38 18.79 -21.64
C13 CLA IK . 38.48 20.24 -22.06
C14 CLA IK . 38.31 20.40 -23.57
C15 CLA IK . 39.81 20.84 -21.61
C16 CLA IK . 39.96 20.78 -20.10
C17 CLA IK . 40.99 21.78 -19.60
C18 CLA IK . 40.46 22.71 -18.51
C19 CLA IK . 39.35 22.09 -17.67
C20 CLA IK . 41.59 23.17 -17.60
MG CLA JK . 30.82 20.16 -22.30
CHA CLA JK . 27.52 19.38 -21.59
CHB CLA JK . 31.05 22.04 -19.46
CHC CLA JK . 34.02 20.65 -22.99
CHD CLA JK . 30.58 18.17 -25.21
NA CLA JK . 29.43 20.66 -20.67
C1A CLA JK . 28.16 20.29 -20.57
C2A CLA JK . 27.49 20.91 -19.37
C3A CLA JK . 28.61 21.76 -18.77
C4A CLA JK . 29.78 21.47 -19.66
CMA CLA JK . 28.32 23.22 -18.52
CAA CLA JK . 27.12 19.83 -18.37
CBA CLA JK . 26.62 20.36 -17.03
CGA CLA JK . 25.20 20.86 -17.19
O1A CLA JK . 24.40 20.16 -17.78
O2A CLA JK . 24.87 22.04 -16.68
NB CLA JK . 32.31 21.17 -21.36
C1B CLA JK . 32.22 21.90 -20.21
C2B CLA JK . 33.50 22.51 -19.91
C3B CLA JK . 34.34 22.11 -20.93
C4B CLA JK . 33.56 21.26 -21.83
CMB CLA JK . 33.77 23.38 -18.72
CAB CLA JK . 35.77 22.40 -21.18
CBB CLA JK . 36.80 22.63 -20.09
NC CLA JK . 32.10 19.46 -23.81
C1C CLA JK . 33.36 19.85 -23.95
C2C CLA JK . 33.98 19.38 -25.21
C3C CLA JK . 32.99 18.65 -25.81
C4C CLA JK . 31.83 18.71 -24.94
CMC CLA JK . 35.37 19.65 -25.68
CAC CLA JK . 33.07 17.95 -27.15
CBC CLA JK . 32.64 18.92 -28.22
ND CLA JK . 29.49 19.03 -23.23
C1D CLA JK . 29.44 18.30 -24.38
C2D CLA JK . 28.13 17.72 -24.62
C3D CLA JK . 27.39 18.15 -23.53
C4D CLA JK . 28.21 18.92 -22.71
CMD CLA JK . 27.53 16.87 -25.70
CAD CLA JK . 26.07 18.08 -22.94
OBD CLA JK . 25.13 17.43 -23.37
CBD CLA JK . 26.11 18.82 -21.64
CGD CLA JK . 25.08 19.91 -21.65
O1D CLA JK . 25.01 20.70 -22.57
O2D CLA JK . 24.23 20.03 -20.64
CED CLA JK . 22.86 19.76 -20.95
C1 CLA JK . 24.23 23.06 -17.49
C2 CLA JK . 24.67 23.36 -18.91
C3 CLA JK . 24.76 24.60 -19.38
C4 CLA JK . 24.41 25.79 -18.53
C5 CLA JK . 25.19 24.89 -20.79
C6 CLA JK . 26.06 26.14 -20.84
C7 CLA JK . 25.71 26.98 -22.06
C8 CLA JK . 26.84 26.98 -23.07
C9 CLA JK . 28.16 27.40 -22.42
C10 CLA JK . 26.49 27.89 -24.24
C11 CLA JK . 25.53 27.20 -25.21
C12 CLA JK . 25.99 27.37 -26.65
C13 CLA JK . 24.85 27.86 -27.54
C14 CLA JK . 24.51 29.32 -27.22
C15 CLA JK . 23.63 26.97 -27.36
C16 CLA JK . 22.64 27.10 -28.51
C17 CLA JK . 21.33 26.40 -28.18
C18 CLA JK . 20.20 27.40 -27.94
C19 CLA JK . 18.91 26.91 -28.57
C20 CLA JK . 20.02 27.68 -26.46
MG CLA KK . 20.06 14.57 -19.88
CHA CLA KK . 17.43 13.30 -17.97
CHB CLA KK . 22.31 12.60 -18.20
CHC CLA KK . 22.45 15.78 -21.81
CHD CLA KK . 17.74 16.60 -21.62
NA CLA KK . 19.91 13.09 -18.26
C1A CLA KK . 18.79 12.72 -17.61
C2A CLA KK . 19.09 11.66 -16.57
C3A CLA KK . 20.62 11.51 -16.66
C4A CLA KK . 20.99 12.43 -17.76
CMA CLA KK . 21.42 11.55 -15.37
CAA CLA KK . 18.60 10.23 -16.88
CBA CLA KK . 17.66 9.90 -18.06
CGA CLA KK . 18.20 10.21 -19.44
O1A CLA KK . 19.34 9.88 -19.75
O2A CLA KK . 17.39 10.85 -20.27
NB CLA KK . 22.06 14.24 -19.99
C1B CLA KK . 22.83 13.42 -19.22
C2B CLA KK . 24.22 13.51 -19.62
C3B CLA KK . 24.24 14.43 -20.65
C4B CLA KK . 22.87 14.86 -20.85
CMB CLA KK . 25.36 12.75 -19.01
CAB CLA KK . 25.32 14.98 -21.50
CBB CLA KK . 26.78 15.04 -21.14
NC CLA KK . 20.09 15.92 -21.50
C1C CLA KK . 21.19 16.30 -22.12
C2C CLA KK . 20.95 17.31 -23.17
C3C CLA KK . 19.61 17.51 -23.14
C4C CLA KK . 19.07 16.64 -22.09
CMC CLA KK . 21.97 17.96 -24.08
CAC CLA KK . 18.88 18.46 -24.04
CBC CLA KK . 18.50 17.69 -25.30
ND CLA KK . 18.11 14.93 -19.89
C1D CLA KK . 17.26 15.74 -20.60
C2D CLA KK . 15.88 15.60 -20.14
C3D CLA KK . 15.97 14.65 -19.13
C4D CLA KK . 17.29 14.25 -18.99
CMD CLA KK . 14.57 16.22 -20.55
CAD CLA KK . 15.14 13.93 -18.18
OBD CLA KK . 13.94 13.79 -18.29
CBD CLA KK . 16.05 13.02 -17.40
CGD CLA KK . 15.85 13.30 -15.93
O1D CLA KK . 16.62 12.90 -15.08
O2D CLA KK . 14.78 13.98 -15.53
CED CLA KK . 14.81 14.45 -14.18
C1 CLA KK . 17.64 10.94 -21.70
C2 CLA KK . 18.67 11.87 -22.29
C3 CLA KK . 18.50 12.41 -23.51
C4 CLA KK . 17.28 12.12 -24.32
C5 CLA KK . 19.51 13.35 -24.14
C6 CLA KK . 19.73 13.00 -25.60
C7 CLA KK . 19.99 14.24 -26.46
C8 CLA KK . 19.79 13.96 -27.95
C9 CLA KK . 20.49 12.67 -28.37
C10 CLA KK . 20.28 15.15 -28.77
C11 CLA KK . 20.38 14.85 -30.26
C12 CLA KK . 21.75 15.22 -30.80
C13 CLA KK . 22.00 14.62 -32.19
C14 CLA KK . 22.93 13.42 -32.09
C15 CLA KK . 22.58 15.70 -33.11
C16 CLA KK . 22.36 15.36 -34.58
C17 CLA KK . 23.36 16.11 -35.46
C18 CLA KK . 23.87 15.22 -36.59
C19 CLA KK . 24.13 16.02 -37.86
C20 CLA KK . 25.13 14.46 -36.16
MG CLA LK . 38.51 9.77 -7.73
CHA CLA LK . 37.07 11.30 -10.49
CHB CLA LK . 41.30 8.96 -9.58
CHC CLA LK . 39.83 8.48 -5.00
CHD CLA LK . 35.69 10.72 -5.82
NA CLA LK . 39.15 10.09 -9.83
C1A CLA LK . 38.45 10.71 -10.78
C2A CLA LK . 39.18 10.70 -12.11
C3A CLA LK . 40.48 9.96 -11.77
C4A CLA LK . 40.33 9.65 -10.31
CMA CLA LK . 40.98 8.83 -12.66
CAA CLA LK . 39.45 12.13 -12.60
CBA CLA LK . 40.60 12.25 -13.60
CGA CLA LK . 40.22 11.76 -14.98
O1A CLA LK . 39.05 11.53 -15.26
O2A CLA LK . 41.19 11.61 -15.86
NB CLA LK . 40.29 8.87 -7.35
C1B CLA LK . 41.30 8.60 -8.22
C2B CLA LK . 42.34 7.88 -7.54
C3B CLA LK . 41.91 7.75 -6.24
C4B CLA LK . 40.61 8.38 -6.15
CMB CLA LK . 43.63 7.40 -8.15
CAB CLA LK . 42.58 7.10 -5.09
CBB CLA LK . 42.99 5.65 -5.15
NC CLA LK . 37.88 9.66 -5.73
C1C CLA LK . 38.54 8.99 -4.80
C2C CLA LK . 37.77 8.83 -3.55
C3C CLA LK . 36.59 9.47 -3.79
C4C CLA LK . 36.67 9.99 -5.16
CMC CLA LK . 38.21 8.11 -2.30
CAC CLA LK . 35.44 9.58 -2.82
CBC CLA LK . 34.52 8.39 -2.95
ND CLA LK . 36.81 10.77 -7.96
C1D CLA LK . 35.74 11.06 -7.19
C2D CLA LK . 34.68 11.73 -7.94
C3D CLA LK . 35.22 11.82 -9.22
C4D CLA LK . 36.50 11.25 -9.22
CMD CLA LK . 33.32 12.27 -7.59
CAD CLA LK . 34.91 12.29 -10.55
OBD CLA LK . 33.78 12.47 -10.96
CBD CLA LK . 36.10 11.98 -11.42
CGD CLA LK . 35.69 11.01 -12.49
O1D CLA LK . 34.90 10.12 -12.26
O2D CLA LK . 36.21 11.10 -13.71
CED CLA LK . 35.33 10.80 -14.79
C1 CLA LK . 40.98 10.83 -17.08
C2 CLA LK . 40.68 9.36 -17.03
C3 CLA LK . 41.34 8.49 -17.80
C4 CLA LK . 42.40 8.91 -18.76
C5 CLA LK . 41.05 7.00 -17.76
C6 CLA LK . 42.01 6.35 -16.77
C7 CLA LK . 41.56 4.94 -16.39
C8 CLA LK . 41.58 4.72 -14.88
C9 CLA LK . 42.80 5.35 -14.21
C10 CLA LK . 41.52 3.23 -14.59
C11 CLA LK . 40.10 2.69 -14.73
C12 CLA LK . 39.95 1.35 -14.02
C13 CLA LK . 40.27 1.48 -12.53
C14 CLA LK . 41.25 0.40 -12.09
C15 CLA LK . 38.99 1.42 -11.73
C16 CLA LK . 39.09 2.17 -10.41
C17 CLA LK . 39.65 3.57 -10.60
C18 CLA LK . 39.34 4.45 -9.40
C19 CLA LK . 40.26 4.12 -8.23
C20 CLA LK . 39.47 5.92 -9.77
MG CLA MK . 35.76 2.62 -11.55
CHA CLA MK . 34.90 -0.67 -11.05
CHB CLA MK . 36.45 2.02 -14.87
CHC CLA MK . 36.43 5.82 -11.91
CHD CLA MK . 35.02 3.25 -8.14
NA CLA MK . 35.67 0.86 -12.86
C1A CLA MK . 35.30 -0.37 -12.48
C2A CLA MK . 35.40 -1.36 -13.62
C3A CLA MK . 35.89 -0.48 -14.78
C4A CLA MK . 36.02 0.88 -14.16
CMA CLA MK . 37.01 -0.97 -15.69
CAA CLA MK . 34.07 -2.00 -13.99
CBA CLA MK . 34.28 -3.24 -14.86
CGA CLA MK . 34.06 -4.52 -14.06
O1A CLA MK . 32.94 -4.81 -13.72
O2A CLA MK . 35.09 -5.30 -13.77
NB CLA MK . 36.34 3.75 -13.15
C1B CLA MK . 36.60 3.34 -14.42
C2B CLA MK . 37.05 4.47 -15.20
C3B CLA MK . 37.05 5.53 -14.34
C4B CLA MK . 36.59 5.06 -13.06
CMB CLA MK . 37.46 4.46 -16.66
CAB CLA MK . 37.42 6.94 -14.58
CBB CLA MK . 38.80 7.30 -15.04
NC CLA MK . 35.67 4.27 -10.25
C1C CLA MK . 36.04 5.49 -10.60
C2C CLA MK . 35.99 6.44 -9.48
C3C CLA MK . 35.56 5.72 -8.41
C4C CLA MK . 35.38 4.36 -8.91
CMC CLA MK . 36.34 7.89 -9.58
CAC CLA MK . 35.33 6.20 -7.00
CBC CLA MK . 36.64 6.28 -6.25
ND CLA MK . 35.11 1.66 -9.96
C1D CLA MK . 34.87 1.95 -8.66
C2D CLA MK . 34.46 0.79 -7.89
C3D CLA MK . 34.47 -0.23 -8.84
C4D CLA MK . 34.86 0.30 -10.07
CMD CLA MK . 34.10 0.63 -6.45
CAD CLA MK . 34.22 -1.64 -9.01
OBD CLA MK . 34.01 -2.44 -8.12
CBD CLA MK . 34.59 -2.00 -10.41
CGD CLA MK . 35.85 -2.80 -10.37
O1D CLA MK . 35.87 -3.99 -10.64
O2D CLA MK . 37.00 -2.21 -10.01
CED CLA MK . 38.02 -2.08 -11.00
C1 CLA MK . 36.48 -4.84 -13.82
C2 CLA MK . 37.34 -5.02 -15.05
C3 CLA MK . 38.62 -4.60 -15.03
C4 CLA MK . 38.58 -5.16 -16.42
C5 CLA MK . 40.02 -4.32 -15.52
C6 CLA MK . 40.16 -2.84 -15.88
C7 CLA MK . 41.57 -2.52 -16.41
C8 CLA MK . 41.69 -2.35 -17.92
C9 CLA MK . 40.38 -2.53 -18.68
C10 CLA MK . 42.75 -3.31 -18.44
C11 CLA MK . 42.89 -3.24 -19.96
C12 CLA MK . 43.11 -4.63 -20.55
C13 CLA MK . 43.10 -4.58 -22.07
C14 CLA MK . 41.69 -4.32 -22.61
C15 CLA MK . 43.67 -5.89 -22.63
C16 CLA MK . 44.25 -5.70 -24.02
C17 CLA MK . 45.08 -6.92 -24.45
C18 CLA MK . 46.56 -6.56 -24.52
C19 CLA MK . 47.43 -7.80 -24.38
C20 CLA MK . 46.88 -5.81 -25.80
C1 BCR NK . 25.42 20.53 -39.58
C2 BCR NK . 25.27 21.79 -40.42
C3 BCR NK . 26.52 22.63 -40.48
C4 BCR NK . 26.88 23.04 -39.06
C5 BCR NK . 26.93 21.85 -38.14
C6 BCR NK . 26.56 20.66 -38.59
C7 BCR NK . 27.25 19.43 -38.14
C8 BCR NK . 26.82 18.65 -37.14
C9 BCR NK . 27.49 17.44 -36.67
C10 BCR NK . 27.73 17.23 -35.26
C11 BCR NK . 27.22 16.79 -34.02
C33 BCR NK . 27.42 22.04 -36.73
C31 BCR NK . 25.66 19.35 -40.49
C32 BCR NK . 24.16 20.35 -38.76
C34 BCR NK . 27.91 16.40 -37.67
C12 BCR NK . 26.81 16.46 -32.93
C13 BCR NK . 26.51 15.56 -31.88
C14 BCR NK . 26.14 16.07 -30.68
C15 BCR NK . 25.82 15.28 -29.53
C16 BCR NK . 25.19 15.16 -28.35
C17 BCR NK . 25.25 14.11 -27.59
C18 BCR NK . 24.77 13.97 -26.35
C19 BCR NK . 24.91 12.71 -25.59
C20 BCR NK . 24.47 11.88 -24.64
C21 BCR NK . 24.43 10.74 -23.77
C22 BCR NK . 23.62 10.57 -22.71
C23 BCR NK . 23.73 9.34 -21.90
C24 BCR NK . 22.68 8.80 -20.97
C25 BCR NK . 22.95 7.56 -20.21
C26 BCR NK . 23.01 6.38 -20.83
C27 BCR NK . 23.89 5.27 -20.29
C28 BCR NK . 24.20 5.42 -18.81
C29 BCR NK . 23.18 6.28 -18.08
C30 BCR NK . 23.14 7.66 -18.70
C35 BCR NK . 26.63 14.07 -32.07
C36 BCR NK . 24.07 15.12 -25.69
C37 BCR NK . 22.61 11.63 -22.35
C38 BCR NK . 22.23 6.08 -22.08
C39 BCR NK . 24.41 8.44 -18.38
C40 BCR NK . 21.92 8.37 -18.11
C1 BCR OK . 28.65 24.95 -30.79
C2 BCR OK . 28.59 25.66 -32.14
C3 BCR OK . 28.19 24.73 -33.29
C4 BCR OK . 26.85 24.07 -33.03
C5 BCR OK . 26.71 23.65 -31.58
C6 BCR OK . 27.78 23.71 -30.79
C7 BCR OK . 28.09 22.58 -29.90
C8 BCR OK . 28.37 21.39 -30.38
C9 BCR OK . 28.68 20.20 -29.62
C10 BCR OK . 28.64 18.90 -30.28
C11 BCR OK . 29.29 17.64 -30.41
C33 BCR OK . 25.38 23.19 -31.07
C31 BCR OK . 28.13 25.89 -29.70
C32 BCR OK . 30.08 24.54 -30.49
C34 BCR OK . 29.04 20.31 -28.17
C12 BCR OK . 29.82 16.56 -30.57
C13 BCR OK . 30.18 15.24 -30.20
C14 BCR OK . 30.44 14.36 -31.20
C15 BCR OK . 30.79 12.99 -30.99
C16 BCR OK . 31.44 11.85 -31.32
C17 BCR OK . 31.31 10.72 -30.69
C18 BCR OK . 31.59 9.49 -31.15
C19 BCR OK . 31.40 8.25 -30.37
C20 BCR OK . 31.67 6.95 -30.25
C21 BCR OK . 31.70 5.60 -29.77
C22 BCR OK . 32.14 4.50 -30.44
C23 BCR OK . 32.12 3.16 -29.85
C24 BCR OK . 33.21 2.54 -29.01
C25 BCR OK . 33.26 1.17 -28.40
C26 BCR OK . 32.40 0.76 -27.44
C27 BCR OK . 32.87 -0.24 -26.41
C28 BCR OK . 34.39 -0.21 -26.30
C29 BCR OK . 35.08 -0.42 -27.64
C30 BCR OK . 34.40 0.23 -28.83
C35 BCR OK . 30.24 14.84 -28.76
C36 BCR OK . 32.12 9.38 -32.55
C37 BCR OK . 32.65 4.68 -31.84
C38 BCR OK . 30.98 1.22 -27.28
C39 BCR OK . 33.87 -0.84 -29.78
C40 BCR OK . 35.49 1.03 -29.53
C6 C7Z PK . 48.52 4.08 -20.72
C17 C7Z PK . 49.20 1.81 -21.29
C4 C7Z PK . 50.31 5.70 -19.82
C3 C7Z PK . 51.37 4.57 -20.42
O3 C7Z PK . 52.65 4.81 -19.86
C2 C7Z PK . 50.98 3.28 -20.14
C1 C7Z PK . 49.36 2.96 -20.27
C5 C7Z PK . 49.01 5.57 -20.44
C18 C7Z PK . 48.54 6.71 -21.38
C16 C7Z PK . 48.86 2.45 -18.87
O23 C7Z PK . 22.65 -3.41 -17.15
C26 C7Z PK . 26.93 -3.87 -17.56
C7 C7Z PK . 46.97 3.85 -20.88
C8 C7Z PK . 46.16 4.44 -19.97
C9 C7Z PK . 44.61 4.30 -20.03
C19 C7Z PK . 43.75 5.56 -19.93
C10 C7Z PK . 44.03 3.12 -20.14
C11 C7Z PK . 42.47 3.06 -20.18
C12 C7Z PK . 41.82 2.21 -19.36
C13 C7Z PK . 40.25 2.15 -19.36
C20 C7Z PK . 39.43 3.43 -19.66
C14 C7Z PK . 39.62 1.00 -19.10
C15 C7Z PK . 38.08 0.93 -19.08
C35 C7Z PK . 37.45 -0.25 -19.17
C34 C7Z PK . 35.91 -0.30 -19.14
C33 C7Z PK . 35.28 -1.47 -19.00
C40 C7Z PK . 36.09 -2.79 -18.85
C32 C7Z PK . 33.73 -1.51 -18.97
C31 C7Z PK . 33.07 -1.67 -17.81
C30 C7Z PK . 31.50 -1.71 -17.77
C29 C7Z PK . 30.79 -2.85 -17.81
C39 C7Z PK . 31.52 -4.19 -17.88
C28 C7Z PK . 29.23 -2.80 -17.77
C27 C7Z PK . 28.50 -3.91 -17.61
C21 C7Z PK . 26.24 -4.14 -16.25
C36 C7Z PK . 26.35 -5.65 -15.95
C37 C7Z PK . 26.94 -3.37 -15.11
C22 C7Z PK . 24.63 -3.74 -16.17
C23 C7Z PK . 23.98 -3.87 -17.36
C24 C7Z PK . 24.71 -2.94 -18.61
C25 C7Z PK . 26.11 -3.17 -18.77
C38 C7Z PK . 26.66 -3.30 -20.22
O6 SQD QK . 15.86 3.79 -16.84
C44 SQD QK . 16.38 2.90 -17.80
C45 SQD QK . 17.44 3.63 -18.66
C46 SQD QK . 17.07 5.10 -18.91
O47 SQD QK . 18.63 3.66 -17.91
C7 SQD QK . 19.40 2.54 -17.93
O49 SQD QK . 19.49 1.80 -16.99
C8 SQD QK . 20.10 2.40 -19.25
C9 SQD QK . 20.71 1.00 -19.39
C10 SQD QK . 21.94 0.97 -20.30
C11 SQD QK . 21.64 1.58 -21.68
C12 SQD QK . 22.88 1.55 -22.57
C13 SQD QK . 22.55 1.92 -24.03
C14 SQD QK . 23.72 1.64 -24.98
C15 SQD QK . 23.31 1.84 -26.46
C16 SQD QK . 24.51 1.64 -27.40
C17 SQD QK . 24.46 0.29 -28.13
C18 SQD QK . 23.43 0.29 -29.26
C19 SQD QK . 23.86 1.16 -30.45
C20 SQD QK . 22.67 1.81 -31.15
C21 SQD QK . 21.89 2.73 -30.20
C22 SQD QK . 22.69 3.96 -29.81
O48 SQD QK . 17.08 5.31 -20.32
C23 SQD QK . 18.20 5.90 -20.84
O10 SQD QK . 19.28 5.35 -20.78
C24 SQD QK . 17.91 7.24 -21.47
C25 SQD QK . 18.21 7.24 -22.97
C26 SQD QK . 19.38 8.15 -23.32
C27 SQD QK . 19.71 8.13 -24.82
C28 SQD QK . 20.73 9.21 -25.20
C29 SQD QK . 22.01 8.61 -25.78
C30 SQD QK . 22.69 9.53 -26.81
C31 SQD QK . 23.77 8.80 -27.62
C32 SQD QK . 24.78 8.09 -26.71
C33 SQD QK . 26.15 8.77 -26.74
C34 SQD QK . 26.92 8.43 -28.03
C35 SQD QK . 27.46 9.68 -28.73
C36 SQD QK . 27.97 9.38 -30.14
C37 SQD QK . 26.82 9.13 -31.11
C38 SQD QK . 27.26 9.24 -32.56
C1 SQD QK . 16.40 3.56 -15.56
C2 SQD QK . 15.59 4.45 -14.58
O2 SQD QK . 15.83 5.80 -14.82
C3 SQD QK . 16.01 4.08 -13.13
O3 SQD QK . 15.07 4.69 -12.31
C4 SQD QK . 15.98 2.54 -12.91
O4 SQD QK . 16.53 2.29 -11.66
C5 SQD QK . 16.75 1.83 -14.06
C6 SQD QK . 16.64 0.33 -13.92
O5 SQD QK . 16.14 2.21 -15.27
S SQD QK . 18.22 -0.56 -13.81
O7 SQD QK . 18.94 0.22 -12.85
O8 SQD QK . 17.82 -1.85 -13.35
O9 SQD QK . 18.78 -0.51 -15.12
C1 LMG RK . 31.87 25.03 -44.57
O1 LMG RK . 31.23 25.36 -43.33
C2 LMG RK . 31.67 26.15 -45.58
O2 LMG RK . 30.28 26.33 -45.85
C3 LMG RK . 32.40 25.79 -46.88
O3 LMG RK . 32.29 26.88 -47.80
C4 LMG RK . 33.86 25.47 -46.61
O4 LMG RK . 34.56 26.65 -46.24
C5 LMG RK . 33.98 24.41 -45.51
O5 LMG RK . 35.54 23.09 -44.22
C6 LMG RK . 35.44 24.17 -45.16
O6 LMG RK . 33.27 24.84 -44.34
C7 LMG RK . 31.43 24.36 -42.34
C8 LMG RK . 30.90 24.83 -40.98
C9 LMG RK . 29.38 25.00 -41.06
O7 LMG RK . 31.26 23.89 -39.97
C10 LMG RK . 30.81 24.17 -38.74
O9 LMG RK . 30.03 23.40 -38.21
C11 LMG RK . 31.27 25.39 -37.98
C12 LMG RK . 31.61 25.00 -36.55
C13 LMG RK . 30.84 25.87 -35.56
C14 LMG RK . 31.59 26.02 -34.24
C15 LMG RK . 32.79 26.93 -34.41
C16 LMG RK . 33.36 27.39 -33.08
C17 LMG RK . 32.52 28.48 -32.43
C18 LMG RK . 32.76 28.43 -30.95
C19 LMG RK . 32.10 29.21 -30.11
C20 LMG RK . 31.08 30.21 -30.61
C21 LMG RK . 30.05 30.43 -29.53
C22 LMG RK . 30.40 30.97 -28.37
C23 LMG RK . 29.34 31.18 -27.31
C24 LMG RK . 28.19 31.96 -27.91
C25 LMG RK . 28.38 33.22 -28.31
O8 LMG RK . 29.02 26.11 -40.27
C28 LMG RK . 27.77 26.53 -40.20
O10 LMG RK . 26.91 25.97 -40.86
C29 LMG RK . 27.42 27.71 -39.32
C30 LMG RK . 27.44 27.31 -37.85
C31 LMG RK . 26.12 26.65 -37.46
C32 LMG RK . 26.07 26.41 -35.95
C33 LMG RK . 24.68 26.00 -35.49
C34 LMG RK . 24.36 24.58 -35.92
C35 LMG RK . 22.97 24.19 -35.43
C36 LMG RK . 22.68 22.75 -35.80
CA1 DGA SK . 28.57 36.26 2.02
CA2 DGA SK . 29.20 36.31 0.61
CA3 DGA SK . 30.11 37.57 0.45
CA4 DGA SK . 31.36 37.44 1.38
CA5 DGA SK . 32.07 38.82 1.44
CA6 DGA SK . 33.56 38.59 1.83
CA7 DGA SK . 34.48 39.17 0.73
CA8 DGA SK . 34.54 40.72 0.87
CA9 DGA SK . 35.96 41.16 1.34
CAA DGA SK . 36.97 40.89 0.21
CBA DGA SK . 38.03 42.01 0.23
CCA DGA SK . 39.19 41.62 -0.72
CDA DGA SK . 40.27 40.85 0.09
CEA DGA SK . 40.77 41.75 1.27
CFA DGA SK . 42.19 42.33 0.93
CGA DGA SK . 42.04 43.72 0.27
CHA DGA SK . 42.28 43.59 -1.25
CIA DGA SK . 42.95 44.86 -1.77
OA1 DGA SK . 28.24 37.27 2.56
CB1 DGA SK . 31.35 33.64 3.99
CB2 DGA SK . 32.02 33.92 2.61
CB3 DGA SK . 33.04 32.78 2.26
CB4 DGA SK . 34.47 33.22 2.65
CB5 DGA SK . 34.89 34.48 1.87
CB6 DGA SK . 36.24 34.22 1.19
CB7 DGA SK . 36.97 35.56 0.95
CB8 DGA SK . 38.32 35.29 0.27
CB9 DGA SK . 38.98 36.62 -0.15
CAB DGA SK . 40.48 36.56 0.14
CBB DGA SK . 41.25 37.21 -1.04
CCB DGA SK . 42.68 37.59 -0.59
CDB DGA SK . 42.66 38.28 -1.99
CEB DGA SK . 44.11 38.36 -2.55
CFB DGA SK . 44.85 39.56 -1.92
CGB DGA SK . 45.10 40.64 -3.01
CHB DGA SK . 46.01 41.76 -2.44
CIB DGA SK . 47.49 41.38 -2.65
OB1 DGA SK . 31.85 34.06 4.98
OG1 DGA SK . 28.37 35.01 2.68
CG1 DGA SK . 28.86 34.98 4.01
CG2 DGA SK . 28.93 33.52 4.48
OG2 DGA SK . 30.12 32.87 4.05
CG3 DGA SK . 28.82 33.44 5.99
OXT DGA SK . 27.89 32.43 6.34
C1 GOL TK . 30.75 14.94 -35.76
O1 GOL TK . 30.91 13.58 -36.10
C2 GOL TK . 32.04 15.70 -35.99
O2 GOL TK . 33.02 15.27 -35.08
C3 GOL TK . 32.55 15.44 -37.41
O3 GOL TK . 31.82 16.21 -38.31
C1 GOL UK . 18.58 21.41 -6.73
O1 GOL UK . 18.46 20.08 -6.31
C2 GOL UK . 17.39 21.76 -7.63
O2 GOL UK . 16.96 23.06 -7.36
C3 GOL UK . 16.27 20.75 -7.41
O3 GOL UK . 15.13 21.14 -8.13
MG CLA VK . -7.85 82.78 -36.43
CHA CLA VK . -5.10 84.63 -37.45
CHB CLA VK . -7.24 80.44 -38.87
CHC CLA VK . -10.40 81.03 -35.27
CHD CLA VK . -8.43 85.19 -33.92
NA CLA VK . -6.32 82.52 -38.00
C1A CLA VK . -5.31 83.36 -38.25
C2A CLA VK . -4.48 82.90 -39.42
C3A CLA VK . -5.20 81.63 -39.86
C4A CLA VK . -6.31 81.50 -38.86
CMA CLA VK . -5.57 81.52 -41.34
CAA CLA VK . -3.07 82.46 -39.00
CBA CLA VK . -2.87 82.16 -37.52
CGA CLA VK . -3.25 80.77 -37.10
O1A CLA VK . -2.57 79.82 -37.46
O2A CLA VK . -4.30 80.56 -36.33
NB CLA VK . -8.68 81.00 -36.98
C1B CLA VK . -8.33 80.19 -38.02
C2B CLA VK . -9.24 79.08 -38.11
C3B CLA VK . -10.13 79.26 -37.09
C4B CLA VK . -9.76 80.49 -36.38
CMB CLA VK . -9.22 77.96 -39.11
CAB CLA VK . -11.27 78.38 -36.76
CBB CLA VK . -11.23 77.37 -35.66
NC CLA VK . -9.17 83.04 -34.81
C1C CLA VK . -10.19 82.23 -34.56
C2C CLA VK . -11.04 82.72 -33.45
C3C CLA VK . -10.45 83.89 -33.06
C4C CLA VK . -9.28 84.09 -33.92
CMC CLA VK . -12.28 82.06 -32.89
CAC CLA VK . -10.92 84.81 -31.97
CBC CLA VK . -10.08 84.62 -30.72
ND CLA VK . -7.05 84.47 -35.77
C1D CLA VK . -7.34 85.36 -34.79
C2D CLA VK . -6.40 86.47 -34.79
C3D CLA VK . -5.53 86.18 -35.83
C4D CLA VK . -5.93 84.97 -36.40
CMD CLA VK . -6.24 87.72 -33.97
CAD CLA VK . -4.36 86.68 -36.52
OBD CLA VK . -4.06 87.85 -36.56
CBD CLA VK . -4.04 85.69 -37.60
CGD CLA VK . -4.13 86.41 -38.92
O1D CLA VK . -3.25 87.17 -39.27
O2D CLA VK . -5.16 86.22 -39.74
CED CLA VK . -4.85 86.18 -41.13
C1 CLA VK . -4.64 79.19 -35.97
C2 CLA VK . -6.04 78.63 -36.11
C3 CLA VK . -6.35 77.42 -35.61
C4 CLA VK . -5.32 76.59 -34.93
C5 CLA VK . -7.74 76.84 -35.71
C6 CLA VK . -7.73 75.31 -35.80
C7 CLA VK . -9.00 74.71 -35.20
C8 CLA VK . -9.75 73.80 -36.16
C9 CLA VK . -9.79 74.37 -37.57
C10 CLA VK . -11.18 73.57 -35.67
C11 CLA VK . -11.28 73.45 -34.16
C12 CLA VK . -12.63 72.85 -33.76
C13 CLA VK . -12.61 72.34 -32.33
C14 CLA VK . -11.39 71.46 -32.07
C15 CLA VK . -13.88 71.55 -32.05
C16 CLA VK . -15.11 72.40 -32.28
C17 CLA VK . -16.26 71.98 -31.37
C18 CLA VK . -17.13 70.92 -32.04
C19 CLA VK . -18.08 70.30 -31.03
C20 CLA VK . -17.92 71.52 -33.20
MG CLA WK . 0.42 78.87 -28.05
CHA CLA WK . -0.24 80.54 -30.99
CHB CLA WK . 2.86 81.16 -27.23
CHC CLA WK . 0.87 77.26 -25.21
CHD CLA WK . -2.08 76.53 -28.91
NA CLA WK . 1.23 80.70 -28.99
C1A CLA WK . 0.84 81.20 -30.16
C2A CLA WK . 1.61 82.44 -30.53
C3A CLA WK . 2.57 82.59 -29.34
C4A CLA WK . 2.23 81.44 -28.46
CMA CLA WK . 4.02 82.92 -29.63
CAA CLA WK . 0.66 83.64 -30.52
CBA CLA WK . -0.19 83.71 -29.27
CGA CLA WK . -1.55 84.30 -29.56
O1A CLA WK . -1.64 85.31 -30.23
O2A CLA WK . -2.60 83.68 -29.06
NB CLA WK . 1.66 79.16 -26.46
C1B CLA WK . 2.61 80.13 -26.31
C2B CLA WK . 3.30 79.93 -25.05
C3B CLA WK . 2.73 78.81 -24.49
C4B CLA WK . 1.70 78.36 -25.40
CMB CLA WK . 4.41 80.79 -24.53
CAB CLA WK . 3.00 78.10 -23.21
CBB CLA WK . 4.32 78.05 -22.50
NC CLA WK . -0.50 77.21 -27.17
C1C CLA WK . -0.11 76.66 -26.03
C2C CLA WK . -0.79 75.38 -25.75
C3C CLA WK . -1.63 75.20 -26.80
C4C CLA WK . -1.44 76.34 -27.69
CMC CLA WK . -0.63 74.47 -24.58
CAC CLA WK . -2.55 74.04 -27.00
CBC CLA WK . -1.80 72.95 -27.73
ND CLA WK . -0.84 78.50 -29.52
C1D CLA WK . -1.83 77.61 -29.77
C2D CLA WK . -2.56 77.91 -30.98
C3D CLA WK . -1.93 79.06 -31.45
C4D CLA WK . -0.91 79.40 -30.57
CMD CLA WK . -3.72 77.28 -31.69
CAD CLA WK . -1.97 80.01 -32.53
OBD CLA WK . -2.72 79.97 -33.48
CBD CLA WK . -0.79 80.93 -32.35
CGD CLA WK . 0.22 80.68 -33.42
O1D CLA WK . 0.50 79.54 -33.75
O2D CLA WK . 0.81 81.69 -34.03
CED CLA WK . 0.12 82.21 -35.17
C1 CLA WK . -3.94 84.21 -29.27
C2 CLA WK . -4.57 85.27 -28.42
C3 CLA WK . -5.91 85.29 -28.31
C4 CLA WK . -6.75 84.27 -29.01
C5 CLA WK . -6.66 86.31 -27.48
C6 CLA WK . -6.60 87.67 -28.17
C7 CLA WK . -7.64 87.83 -29.27
C8 CLA WK . -7.11 88.57 -30.49
C9 CLA WK . -5.59 88.72 -30.51
C10 CLA WK . -7.79 89.94 -30.61
C11 CLA WK . -7.54 90.56 -31.98
C12 CLA WK . -6.82 91.89 -31.86
C13 CLA WK . -6.33 92.44 -33.20
C14 CLA WK . -5.69 91.37 -34.06
C15 CLA WK . -5.38 93.59 -32.94
C16 CLA WK . -6.11 94.78 -32.35
C17 CLA WK . -6.54 95.74 -33.45
C18 CLA WK . -7.63 96.72 -33.00
C19 CLA WK . -8.28 97.37 -34.21
C20 CLA WK . -8.68 96.05 -32.11
MG CLA XK . -3.75 89.55 -27.22
CHA CLA XK . -0.90 88.72 -28.98
CHB CLA XK . -4.35 92.20 -29.34
CHC CLA XK . -6.49 90.20 -25.49
CHD CLA XK . -3.13 86.82 -25.05
NA CLA XK . -2.74 90.38 -29.00
C1A CLA XK . -1.62 89.92 -29.55
C2A CLA XK . -1.18 90.76 -30.72
C3A CLA XK . -2.28 91.84 -30.81
C4A CLA XK . -3.19 91.48 -29.66
CMA CLA XK . -1.91 93.28 -31.08
CAA CLA XK . -1.17 90.00 -32.04
CBA CLA XK . -2.26 88.94 -32.11
CGA CLA XK . -2.03 88.13 -33.36
O1A CLA XK . -2.31 88.62 -34.43
O2A CLA XK . -1.50 86.93 -33.24
NB CLA XK . -5.19 90.96 -27.39
C1B CLA XK . -5.28 91.98 -28.31
C2B CLA XK . -6.46 92.77 -28.05
C3B CLA XK . -7.05 92.19 -26.96
C4B CLA XK . -6.24 91.06 -26.56
CMB CLA XK . -6.93 93.97 -28.81
CAB CLA XK . -8.28 92.62 -26.28
CBB CLA XK . -9.62 92.39 -26.94
NC CLA XK . -4.68 88.62 -25.58
C1C CLA XK . -5.80 89.06 -25.03
C2C CLA XK . -6.27 88.20 -23.91
C3C CLA XK . -5.33 87.21 -23.83
C4C CLA XK . -4.33 87.49 -24.87
CMC CLA XK . -7.50 88.38 -23.07
CAC CLA XK . -5.30 86.06 -22.85
CBC CLA XK . -5.82 84.80 -23.54
ND CLA XK . -2.42 88.10 -26.98
C1D CLA XK . -2.23 87.07 -26.11
C2D CLA XK . -1.01 86.31 -26.42
C3D CLA XK . -0.51 86.98 -27.52
C4D CLA XK . -1.36 88.04 -27.86
CMD CLA XK . -0.32 85.13 -25.81
CAD CLA XK . 0.59 86.94 -28.46
OBD CLA XK . 1.63 86.31 -28.32
CBD CLA XK . 0.38 88.05 -29.44
CGD CLA XK . 1.51 89.02 -29.33
O1D CLA XK . 1.95 89.54 -30.33
O2D CLA XK . 2.01 89.32 -28.15
CED CLA XK . 1.89 90.69 -27.77
C1 CLA XK . -2.28 85.78 -33.68
C2 CLA XK . -3.57 85.40 -33.02
C3 CLA XK . -4.06 84.15 -33.17
C4 CLA XK . -3.33 83.15 -34.02
C5 CLA XK . -5.36 83.72 -32.54
C6 CLA XK . -5.33 82.23 -32.18
C7 CLA XK . -6.42 81.49 -32.93
C8 CLA XK . -6.98 80.38 -32.07
C9 CLA XK . -7.89 79.45 -32.87
C10 CLA XK . -7.75 81.00 -30.91
C11 CLA XK . -7.71 80.05 -29.71
C12 CLA XK . -6.51 80.35 -28.83
C13 CLA XK . -5.63 79.12 -28.68
C14 CLA XK . -6.43 77.97 -28.10
C15 CLA XK . -4.48 79.36 -27.73
C16 CLA XK . -3.79 80.70 -27.96
C17 CLA XK . -2.44 80.68 -27.25
C18 CLA XK . -2.26 81.81 -26.26
C19 CLA XK . -3.53 82.12 -25.48
C20 CLA XK . -1.12 81.48 -25.29
MG CLA YK . 11.50 81.94 -26.02
CHA CLA YK . 14.45 83.42 -27.00
CHB CLA YK . 10.97 80.74 -29.20
CHC CLA YK . 8.72 80.50 -24.95
CHD CLA YK . 12.09 83.11 -22.74
NA CLA YK . 12.59 82.04 -27.93
C1A CLA YK . 13.76 82.67 -28.11
C2A CLA YK . 14.23 82.53 -29.54
C3A CLA YK . 13.12 81.70 -30.20
C4A CLA YK . 12.16 81.48 -29.07
CMA CLA YK . 12.63 82.08 -31.58
CAA CLA YK . 15.50 81.67 -29.58
CBA CLA YK . 15.55 80.57 -28.51
CGA CLA YK . 16.89 80.69 -27.82
O1A CLA YK . 17.52 81.71 -27.95
O2A CLA YK . 17.38 79.70 -27.08
NB CLA YK . 10.07 80.80 -26.93
C1B CLA YK . 9.99 80.44 -28.23
C2B CLA YK . 8.80 79.68 -28.46
C3B CLA YK . 8.16 79.62 -27.25
C4B CLA YK . 8.99 80.33 -26.29
CMB CLA YK . 8.41 79.13 -29.79
CAB CLA YK . 6.88 78.96 -26.85
CBB CLA YK . 5.72 78.66 -27.77
NC CLA YK . 10.58 81.77 -24.14
C1C CLA YK . 9.42 81.17 -23.93
C2C CLA YK . 8.96 81.29 -22.54
C3C CLA YK . 9.94 82.00 -21.92
C4C CLA YK . 10.95 82.32 -22.92
CMC CLA YK . 7.70 80.72 -21.95
CAC CLA YK . 9.96 82.40 -20.48
CBC CLA YK . 11.00 81.60 -19.72
ND CLA YK . 12.86 82.97 -25.03
C1D CLA YK . 13.02 83.41 -23.75
C2D CLA YK . 14.23 84.20 -23.59
C3D CLA YK . 14.78 84.20 -24.87
C4D CLA YK . 13.96 83.45 -25.71
CMD CLA YK . 14.87 84.92 -22.44
CAD CLA YK . 15.91 84.69 -25.62
OBD CLA YK . 16.65 85.58 -25.27
CBD CLA YK . 15.71 84.25 -27.04
CGD CLA YK . 15.50 85.47 -27.89
O1D CLA YK . 15.83 85.49 -29.06
O2D CLA YK . 14.93 86.55 -27.37
CED CLA YK . 13.63 86.87 -27.85
C1 CLA YK . 16.65 78.46 -26.81
C2 CLA YK . 16.25 77.97 -25.44
C3 CLA YK . 16.19 76.65 -25.18
C4 CLA YK . 16.53 75.63 -26.23
C5 CLA YK . 15.80 76.10 -23.83
C6 CLA YK . 14.91 74.88 -23.97
C7 CLA YK . 14.17 74.63 -22.66
C8 CLA YK . 13.31 73.37 -22.67
C9 CLA YK . 12.27 73.43 -23.77
C10 CLA YK . 12.66 73.22 -21.31
C11 CLA YK . 11.97 71.87 -21.20
C12 CLA YK . 12.99 70.74 -21.27
C13 CLA YK . 12.51 69.51 -20.51
C14 CLA YK . 11.21 68.98 -21.09
C15 CLA YK . 12.35 69.86 -19.03
C16 CLA YK . 11.94 68.63 -18.23
C17 CLA YK . 12.12 68.87 -16.74
C18 CLA YK . 10.92 69.59 -16.15
C19 CLA YK . 10.11 68.68 -15.24
C20 CLA YK . 11.34 70.86 -15.42
MG CLA ZK . -11.03 61.35 -27.99
CHA CLA ZK . -13.58 60.82 -25.69
CHB CLA ZK . -9.45 58.47 -26.97
CHC CLA ZK . -8.69 61.95 -30.24
CHD CLA ZK . -12.64 64.32 -28.99
NA CLA ZK . -11.46 59.78 -26.49
C1A CLA ZK . -12.51 59.74 -25.67
C2A CLA ZK . -12.48 58.54 -24.79
C3A CLA ZK . -11.18 57.84 -25.21
C4A CLA ZK . -10.65 58.73 -26.28
CMA CLA ZK . -10.26 57.31 -24.12
CAA CLA ZK . -13.65 57.61 -25.07
CBA CLA ZK . -13.92 57.43 -26.57
CGA CLA ZK . -15.15 58.20 -26.95
O1A CLA ZK . -16.19 57.97 -26.37
O2A CLA ZK . -15.05 59.13 -27.88
NB CLA ZK . -9.34 60.36 -28.53
C1B CLA ZK . -8.84 59.21 -28.00
C2B CLA ZK . -7.60 58.87 -28.67
C3B CLA ZK . -7.40 59.86 -29.58
C4B CLA ZK . -8.51 60.81 -29.48
CMB CLA ZK . -6.72 57.68 -28.41
CAB CLA ZK . -6.28 60.01 -30.53
CBB CLA ZK . -6.20 59.13 -31.74
NC CLA ZK . -10.77 62.83 -29.46
C1C CLA ZK . -9.71 62.92 -30.25
C2C CLA ZK . -9.75 64.11 -31.13
C3C CLA ZK . -10.92 64.74 -30.80
C4C CLA ZK . -11.54 63.94 -29.75
CMC CLA ZK . -8.73 64.51 -32.17
CAC CLA ZK . -11.47 66.01 -31.39
CBC CLA ZK . -10.99 67.22 -30.62
ND CLA ZK . -12.66 62.37 -27.56
C1D CLA ZK . -13.22 63.54 -27.97
C2D CLA ZK . -14.42 63.85 -27.24
C3D CLA ZK . -14.56 62.79 -26.37
C4D CLA ZK . -13.50 61.92 -26.55
CMD CLA ZK . -15.38 64.99 -27.31
CAD CLA ZK . -15.43 62.29 -25.31
OBD CLA ZK . -16.59 62.61 -25.18
CBD CLA ZK . -14.89 60.95 -24.92
CGD CLA ZK . -14.80 60.91 -23.41
O1D CLA ZK . -14.55 59.89 -22.80
O2D CLA ZK . -15.04 62.02 -22.72
CED CLA ZK . -14.52 62.09 -21.39
C1 CLA ZK . -14.61 58.83 -29.24
C2 CLA ZK . -13.19 59.08 -29.68
C3 CLA ZK . -12.95 59.72 -30.83
C4 CLA ZK . -14.06 60.22 -31.71
C5 CLA ZK . -11.56 59.99 -31.34
C6 CLA ZK . -11.01 58.76 -32.05
C7 CLA ZK . -9.62 59.05 -32.59
C8 CLA ZK . -9.37 58.37 -33.93
C9 CLA ZK . -9.01 56.91 -33.75
C10 CLA ZK . -8.27 59.11 -34.67
C11 CLA ZK . -8.84 60.11 -35.67
C12 CLA ZK . -7.86 61.26 -35.89
C13 CLA ZK . -7.19 61.13 -37.25
C14 CLA ZK . -5.81 61.78 -37.25
C15 CLA ZK . -8.08 61.72 -38.32
C16 CLA ZK . -7.91 61.01 -39.65
C17 CLA ZK . -7.24 61.92 -40.67
C18 CLA ZK . -7.80 61.65 -42.06
C19 CLA ZK . -9.01 62.53 -42.32
C20 CLA ZK . -6.73 61.85 -43.12
MG CLA AL . -22.63 73.59 -30.88
CHA CLA AL . -25.09 71.26 -30.47
CHB CLA AL . -20.78 72.19 -28.32
CHC CLA AL . -20.26 75.81 -31.46
CHD CLA AL . -24.52 75.05 -33.50
NA CLA AL . -22.88 71.87 -29.53
C1A CLA AL . -23.93 71.07 -29.51
C2A CLA AL . -23.81 70.00 -28.44
C3A CLA AL . -22.46 70.34 -27.78
C4A CLA AL . -21.99 71.53 -28.57
CMA CLA AL . -22.36 70.37 -26.26
CAA CLA AL . -23.75 68.61 -29.05
CBA CLA AL . -22.40 68.28 -29.71
CGA CLA AL . -22.64 67.41 -30.92
O1A CLA AL . -23.48 67.76 -31.73
O2A CLA AL . -21.93 66.30 -31.07
NB CLA AL . -20.81 73.94 -30.03
C1B CLA AL . -20.23 73.29 -28.98
C2B CLA AL . -18.97 73.90 -28.67
C3B CLA AL . -18.82 74.93 -29.55
C4B CLA AL . -20.00 74.93 -30.41
CMB CLA AL . -18.03 73.48 -27.58
CAB CLA AL . -17.71 75.89 -29.68
CBB CLA AL . -16.28 75.43 -29.84
NC CLA AL . -22.41 75.14 -32.28
C1C CLA AL . -21.36 75.95 -32.33
C2C CLA AL . -21.47 76.98 -33.38
C3C CLA AL . -22.68 76.74 -33.97
C4C CLA AL . -23.26 75.59 -33.27
CMC CLA AL . -20.44 78.02 -33.68
CAC CLA AL . -23.31 77.50 -35.12
CBC CLA AL . -23.13 76.74 -36.42
ND CLA AL . -24.34 73.32 -31.81
C1D CLA AL . -25.03 73.91 -32.84
C2D CLA AL . -26.27 73.23 -33.13
C3D CLA AL . -26.28 72.20 -32.20
C4D CLA AL . -25.13 72.26 -31.43
CMD CLA AL . -27.38 73.44 -34.12
CAD CLA AL . -27.07 71.08 -31.74
OBD CLA AL . -27.92 70.50 -32.40
CBD CLA AL . -26.41 70.55 -30.51
CGD CLA AL . -27.13 71.11 -29.34
O1D CLA AL . -27.42 72.29 -29.32
O2D CLA AL . -27.44 70.36 -28.30
CED CLA AL . -28.65 70.75 -27.68
C1 CLA AL . -21.04 66.07 -32.19
C2 CLA AL . -21.47 66.34 -33.62
C3 CLA AL . -21.20 65.48 -34.62
C4 CLA AL . -20.46 64.21 -34.39
C5 CLA AL . -21.64 65.75 -36.04
C6 CLA AL . -21.03 67.06 -36.53
C7 CLA AL . -21.05 67.13 -38.05
C8 CLA AL . -19.67 67.30 -38.69
C9 CLA AL . -18.53 66.76 -37.81
C10 CLA AL . -19.45 68.76 -39.04
C11 CLA AL . -19.18 68.92 -40.53
C12 CLA AL . -17.87 69.66 -40.79
C13 CLA AL . -16.75 68.75 -41.31
C14 CLA AL . -17.27 67.64 -42.22
C15 CLA AL . -15.98 68.16 -40.13
C16 CLA AL . -14.57 67.77 -40.54
C17 CLA AL . -13.56 68.78 -39.99
C18 CLA AL . -13.20 68.44 -38.55
C19 CLA AL . -12.49 67.10 -38.47
C20 CLA AL . -12.36 69.54 -37.93
MG CLA BL . -16.31 72.35 -24.85
CHA CLA BL . -14.69 75.37 -24.36
CHB CLA BL . -14.45 71.76 -27.67
CHC CLA BL . -17.91 69.49 -25.23
CHD CLA BL . -18.13 72.90 -21.88
NA CLA BL . -14.71 73.43 -25.92
C1A CLA BL . -14.19 74.62 -25.57
C2A CLA BL . -13.13 75.07 -26.55
C3A CLA BL . -13.08 73.90 -27.56
C4A CLA BL . -14.12 72.97 -27.03
CMA CLA BL . -13.03 74.12 -29.06
CAA CLA BL . -11.76 75.29 -25.89
CBA CLA BL . -10.73 75.86 -26.85
CGA CLA BL . -11.07 77.26 -27.31
O1A CLA BL . -11.72 77.99 -26.59
O2A CLA BL . -10.62 77.68 -28.49
NB CLA BL . -16.18 70.86 -26.23
C1B CLA BL . -15.38 70.77 -27.32
C2B CLA BL . -15.65 69.55 -28.05
C3B CLA BL . -16.64 68.93 -27.34
C4B CLA BL . -16.96 69.77 -26.20
CMB CLA BL . -14.99 69.08 -29.31
CAB CLA BL . -17.32 67.65 -27.60
CBB CLA BL . -18.06 67.41 -28.89
NC CLA BL . -17.73 71.32 -23.70
C1C CLA BL . -18.32 70.21 -24.09
C2C CLA BL . -19.46 69.83 -23.24
C3C CLA BL . -19.49 70.80 -22.28
C4C CLA BL . -18.42 71.73 -22.58
CMC CLA BL . -20.36 68.64 -23.39
CAC CLA BL . -20.48 70.93 -21.15
CBC CLA BL . -21.70 71.65 -21.65
ND CLA BL . -16.44 73.71 -23.43
C1D CLA BL . -17.19 73.87 -22.29
C2D CLA BL . -16.91 75.15 -21.64
C3D CLA BL . -15.94 75.71 -22.45
C4D CLA BL . -15.66 74.84 -23.51
CMD CLA BL . -17.42 75.83 -20.41
CAD CLA BL . -15.12 76.89 -22.58
OBD CLA BL . -15.38 77.95 -22.06
CBD CLA BL . -14.33 76.75 -23.85
CGD CLA BL . -14.85 77.80 -24.79
O1D CLA BL . -14.37 78.92 -24.78
O2D CLA BL . -15.83 77.53 -25.64
CED CLA BL . -15.72 78.12 -26.93
C1 CLA BL . -11.51 78.24 -29.51
C2 CLA BL . -12.57 77.40 -30.17
C3 CLA BL . -12.79 77.44 -31.50
C4 CLA BL . -12.01 78.36 -32.38
C5 CLA BL . -13.85 76.59 -32.16
C6 CLA BL . -14.91 77.43 -32.86
C7 CLA BL . -15.42 76.73 -34.11
C8 CLA BL . -16.93 76.49 -34.06
C9 CLA BL . -17.21 75.18 -33.34
C10 CLA BL . -17.54 76.54 -35.46
C11 CLA BL . -18.09 75.22 -35.97
C12 CLA BL . -19.48 75.40 -36.56
C13 CLA BL . -20.20 74.06 -36.66
C14 CLA BL . -21.10 74.03 -37.91
C15 CLA BL . -20.98 73.80 -35.37
C16 CLA BL . -22.13 72.81 -35.54
C17 CLA BL . -21.77 71.43 -35.03
C18 CLA BL . -22.77 70.95 -33.99
C19 CLA BL . -23.57 69.76 -34.49
C20 CLA BL . -22.05 70.62 -32.69
MG CLA CL . -3.80 67.90 -15.63
CHA CLA CL . -4.06 66.35 -12.58
CHB CLA CL . -5.91 70.43 -14.58
CHC CLA CL . -3.40 69.37 -18.54
CHD CLA CL . -1.63 65.32 -16.71
NA CLA CL . -4.88 68.37 -13.77
C1A CLA CL . -4.85 67.64 -12.66
C2A CLA CL . -5.69 68.24 -11.57
C3A CLA CL . -6.28 69.49 -12.24
C4A CLA CL . -5.67 69.46 -13.61
CMA CLA CL . -7.76 69.79 -12.10
CAA CLA CL . -4.78 68.71 -10.44
CBA CLA CL . -3.56 69.47 -10.96
CGA CLA CL . -2.51 69.66 -9.90
O1A CLA CL . -2.79 70.29 -8.89
O2A CLA CL . -1.32 69.15 -10.09
NB CLA CL . -4.54 69.63 -16.43
C1B CLA CL . -5.41 70.51 -15.89
C2B CLA CL . -5.71 71.56 -16.82
C3B CLA CL . -5.01 71.26 -17.96
C4B CLA CL . -4.26 70.03 -17.68
CMB CLA CL . -6.64 72.69 -16.53
CAB CLA CL . -4.93 71.96 -19.27
CBB CLA CL . -5.08 73.45 -19.47
NC CLA CL . -2.68 67.42 -17.34
C1C CLA CL . -2.64 68.19 -18.40
C2C CLA CL . -1.72 67.69 -19.42
C3C CLA CL . -1.20 66.54 -18.90
C4C CLA CL . -1.83 66.38 -17.59
CMC CLA CL . -1.43 68.37 -20.72
CAC CLA CL . -0.20 65.63 -19.55
CBC CLA CL . 1.20 66.06 -19.16
ND CLA CL . -2.99 66.25 -14.93
C1D CLA CL . -2.14 65.28 -15.40
C2D CLA CL . -1.89 64.26 -14.40
C3D CLA CL . -2.63 64.68 -13.31
C4D CLA CL . -3.28 65.87 -13.64
CMD CLA CL . -1.06 63.00 -14.39
CAD CLA CL . -2.98 64.33 -11.95
OBD CLA CL . -2.76 63.25 -11.42
CBD CLA CL . -3.94 65.35 -11.43
CGD CLA CL . -5.28 64.70 -11.26
O1D CLA CL . -5.57 63.69 -11.87
O2D CLA CL . -6.17 65.23 -10.42
CED CLA CL . -7.50 64.73 -10.54
C1 CLA CL . -0.11 69.87 -9.68
C2 CLA CL . 0.69 70.69 -10.65
C3 CLA CL . 2.01 70.48 -10.77
C4 CLA CL . 2.72 69.44 -9.97
C5 CLA CL . 2.87 71.28 -11.73
C6 CLA CL . 3.49 70.32 -12.75
C7 CLA CL . 4.83 70.86 -13.26
C8 CLA CL . 5.20 70.26 -14.60
C9 CLA CL . 5.23 68.73 -14.52
C10 CLA CL . 6.56 70.80 -15.01
C11 CLA CL . 6.63 71.03 -16.52
C12 CLA CL . 6.55 72.52 -16.84
C13 CLA CL . 7.57 72.91 -17.90
C14 CLA CL . 7.96 74.37 -17.78
C15 CLA CL . 6.97 72.63 -19.28
C16 CLA CL . 7.97 71.87 -20.14
C17 CLA CL . 7.60 71.96 -21.62
C18 CLA CL . 6.95 70.69 -22.16
C19 CLA CL . 7.12 70.62 -23.68
C20 CLA CL . 7.48 69.43 -21.48
MG CLA DL . -9.01 75.12 -16.57
CHA CLA DL . -9.77 75.84 -19.86
CHB CLA DL . -6.20 77.11 -16.72
CHC CLA DL . -8.43 74.42 -13.38
CHD CLA DL . -11.95 73.18 -16.37
NA CLA DL . -8.07 76.38 -18.13
C1A CLA DL . -8.51 76.55 -19.38
C2A CLA DL . -7.62 77.44 -20.21
C3A CLA DL . -6.51 77.79 -19.19
C4A CLA DL . -6.93 77.08 -17.93
CMA CLA DL . -5.07 77.61 -19.65
CAA CLA DL . -8.36 78.70 -20.68
CBA CLA DL . -7.47 79.87 -21.09
CGA CLA DL . -7.01 79.76 -22.53
O1A CLA DL . -5.88 80.13 -22.81
O2A CLA DL . -7.81 79.28 -23.47
NB CLA DL . -7.56 75.69 -15.26
C1B CLA DL . -6.47 76.47 -15.49
C2B CLA DL . -5.67 76.54 -14.28
C3B CLA DL . -6.32 75.76 -13.35
C4B CLA DL . -7.50 75.24 -14.00
CMB CLA DL . -4.39 77.29 -14.10
CAB CLA DL . -6.02 75.41 -11.94
CBB CLA DL . -5.31 76.29 -10.93
NC CLA DL . -10.03 74.00 -15.11
C1C CLA DL . -9.59 73.82 -13.88
C2C CLA DL . -10.44 72.94 -13.06
C3C CLA DL . -11.46 72.60 -13.92
C4C CLA DL . -11.18 73.26 -15.20
CMC CLA DL . -10.19 72.57 -11.63
CAC CLA DL . -12.62 71.69 -13.62
CBC CLA DL . -12.14 70.27 -13.47
ND CLA DL . -10.52 74.59 -17.72
C1D CLA DL . -11.64 73.82 -17.59
C2D CLA DL . -12.40 73.76 -18.82
C3D CLA DL . -11.66 74.55 -19.70
C4D CLA DL . -10.54 75.04 -19.03
CMD CLA DL . -13.68 73.08 -19.24
CAD CLA DL . -11.66 75.04 -21.05
OBD CLA DL . -12.52 74.84 -21.90
CBD CLA DL . -10.39 75.81 -21.25
CGD CLA DL . -9.52 75.04 -22.18
O1D CLA DL . -9.50 75.28 -23.37
O2D CLA DL . -8.75 74.07 -21.70
CED CLA DL . -7.39 74.10 -22.12
C1 CLA DL . -7.79 79.87 -24.81
C2 CLA DL . -7.86 81.37 -25.01
C3 CLA DL . -8.72 81.89 -25.90
C4 CLA DL . -8.83 83.37 -26.12
C5 CLA DL . -9.62 81.02 -26.75
C6 CLA DL . -11.08 81.24 -26.38
C7 CLA DL . -11.35 80.82 -24.93
C8 CLA DL . -12.47 81.63 -24.27
C9 CLA DL . -12.50 83.07 -24.76
C10 CLA DL . -12.37 81.59 -22.75
C11 CLA DL . -11.44 80.52 -22.18
C12 CLA DL . -12.22 79.30 -21.70
C13 CLA DL . -12.64 79.41 -20.23
C14 CLA DL . -11.53 79.99 -19.37
C15 CLA DL . -13.04 78.04 -19.73
C16 CLA DL . -13.36 78.07 -18.24
C17 CLA DL . -14.85 78.19 -18.00
C18 CLA DL . -15.33 77.14 -17.01
C19 CLA DL . -14.63 77.29 -15.67
C20 CLA DL . -16.84 77.19 -16.84
MG CLA EL . 0.13 77.71 -18.78
CHA CLA EL . 0.42 76.12 -15.69
CHB CLA EL . -2.16 75.38 -19.81
CHC CLA EL . -0.20 79.41 -21.58
CHD CLA EL . 2.46 80.11 -17.66
NA CLA EL . -0.79 75.94 -17.86
C1A CLA EL . -0.53 75.43 -16.65
C2A CLA EL . -1.29 74.18 -16.37
C3A CLA EL . -2.03 73.95 -17.68
C4A CLA EL . -1.67 75.15 -18.51
CMA CLA EL . -1.77 72.61 -18.34
CAA CLA EL . -2.35 74.44 -15.32
CBA CLA EL . -3.20 73.22 -15.02
CGA CLA EL . -2.67 72.56 -13.78
O1A CLA EL . -2.30 73.26 -12.85
O2A CLA EL . -2.62 71.24 -13.71
NB CLA EL . -1.02 77.45 -20.43
C1B CLA EL . -1.89 76.43 -20.70
C2B CLA EL . -2.45 76.60 -22.01
C3B CLA EL . -1.87 77.74 -22.51
C4B CLA EL . -0.97 78.26 -21.49
CMB CLA EL . -3.45 75.69 -22.67
CAB CLA EL . -2.09 78.40 -23.82
CBB CLA EL . -3.47 78.72 -24.36
NC CLA EL . 0.94 79.52 -19.47
C1C CLA EL . 0.74 80.00 -20.70
C2C CLA EL . 1.59 81.17 -20.99
C3C CLA EL . 2.30 81.35 -19.85
C4C CLA EL . 1.91 80.32 -18.92
CMC CLA EL . 1.63 81.96 -22.27
CAC CLA EL . 3.35 82.40 -19.56
CBC CLA EL . 4.70 81.87 -20.00
ND CLA EL . 1.20 78.11 -17.16
C1D CLA EL . 2.10 79.06 -16.79
C2D CLA EL . 2.60 78.85 -15.44
C3D CLA EL . 1.93 77.70 -15.03
C4D CLA EL . 1.10 77.27 -16.06
CMD CLA EL . 3.56 79.55 -14.54
CAD CLA EL . 1.81 76.81 -13.90
OBD CLA EL . 2.10 77.11 -12.76
CBD CLA EL . 0.82 75.76 -14.27
CGD CLA EL . 1.47 74.42 -14.19
O1D CLA EL . 1.10 73.61 -13.36
O2D CLA EL . 2.48 74.11 -14.99
CED CLA EL . 2.52 72.76 -15.45
C1 CLA EL . -1.34 70.55 -13.66
C2 CLA EL . -0.58 70.15 -14.90
C3 CLA EL . 0.20 69.05 -14.90
C4 CLA EL . 0.34 68.20 -13.67
C5 CLA EL . 0.98 68.59 -16.09
C6 CLA EL . 1.12 69.71 -17.11
C7 CLA EL . 2.33 69.43 -17.99
C8 CLA EL . 2.32 70.30 -19.23
C9 CLA EL . 2.59 69.46 -20.47
C10 CLA EL . 3.40 71.36 -19.09
C11 CLA EL . 2.99 72.59 -19.89
C12 CLA EL . 2.13 73.51 -19.03
C13 CLA EL . 1.91 74.84 -19.72
C14 CLA EL . 1.21 74.63 -21.06
C15 CLA EL . 3.26 75.53 -19.92
C16 CLA EL . 3.91 75.86 -18.59
C17 CLA EL . 4.51 77.26 -18.66
C18 CLA EL . 5.78 77.39 -17.82
C19 CLA EL . 6.29 78.82 -17.88
C20 CLA EL . 5.56 76.94 -16.39
MG CLA FL . -2.57 76.41 -7.07
CHA CLA FL . -4.70 76.17 -4.37
CHB CLA FL . -4.21 79.25 -8.16
CHC CLA FL . -0.43 76.58 -9.56
CHD CLA FL . -0.90 73.51 -5.91
NA CLA FL . -4.27 77.61 -6.36
C1A CLA FL . -4.99 77.36 -5.26
C2A CLA FL . -6.08 78.38 -5.06
C3A CLA FL . -5.90 79.32 -6.24
C4A CLA FL . -4.74 78.72 -6.98
CMA CLA FL . -7.11 79.86 -6.97
CAA CLA FL . -5.92 79.20 -3.79
CBA CLA FL . -4.47 79.49 -3.42
CGA CLA FL . -4.51 80.27 -2.12
O1A CLA FL . -5.53 80.83 -1.80
O2A CLA FL . -3.44 80.31 -1.37
NB CLA FL . -2.35 77.71 -8.62
C1B CLA FL . -3.12 78.79 -8.92
C2B CLA FL . -2.65 79.40 -10.14
C3B CLA FL . -1.58 78.65 -10.52
C4B CLA FL . -1.40 77.57 -9.55
CMB CLA FL . -3.25 80.61 -10.81
CAB CLA FL . -0.73 78.84 -11.71
CBB CLA FL . -1.32 78.72 -13.10
NC CLA FL . -0.89 75.27 -7.60
C1C CLA FL . -0.16 75.49 -8.69
C2C CLA FL . 0.91 74.50 -8.87
C3C CLA FL . 0.79 73.65 -7.79
C4C CLA FL . -0.35 74.14 -7.03
CMC CLA FL . 1.94 74.44 -9.96
CAC CLA FL . 1.66 72.45 -7.50
CBC CLA FL . 2.65 72.78 -6.42
ND CLA FL . -2.68 75.12 -5.59
C1D CLA FL . -1.99 74.02 -5.18
C2D CLA FL . -2.54 73.46 -3.94
C3D CLA FL . -3.59 74.31 -3.65
C4D CLA FL . -3.66 75.29 -4.63
CMD CLA FL . -2.18 72.29 -3.07
CAD CLA FL . -4.63 74.53 -2.67
OBD CLA FL . -4.68 74.04 -1.56
CBD CLA FL . -5.44 75.70 -3.14
CGD CLA FL . -6.80 75.23 -3.54
O1D CLA FL . -6.96 74.28 -4.29
O2D CLA FL . -7.88 75.86 -3.09
CED CLA FL . -8.73 75.09 -2.24
C1 CLA FL . -2.57 81.48 -1.43
C2 CLA FL . -1.27 81.45 -2.19
C3 CLA FL . -0.23 82.17 -1.75
C4 CLA FL . -0.33 83.02 -0.52
C5 CLA FL . 1.10 82.17 -2.45
C6 CLA FL . 0.95 82.99 -3.73
C7 CLA FL . 1.52 84.38 -3.53
C8 CLA FL . 0.62 85.43 -4.15
C9 CLA FL . -0.84 85.24 -3.78
C10 CLA FL . 0.81 85.41 -5.66
C11 CLA FL . 2.17 85.99 -6.07
C12 CLA FL . 2.19 87.50 -5.87
C13 CLA FL . 1.64 88.24 -7.09
C14 CLA FL . 2.69 89.19 -7.64
C15 CLA FL . 0.36 88.96 -6.70
C16 CLA FL . -0.16 89.83 -7.85
C17 CLA FL . -0.46 91.24 -7.37
C18 CLA FL . -1.11 92.07 -8.47
C19 CLA FL . -1.54 93.43 -7.92
C20 CLA FL . -0.17 92.23 -9.66
MG CLA GL . -16.58 85.12 -18.92
CHA CLA GL . -13.19 84.79 -19.55
CHB CLA GL . -16.79 87.73 -21.13
CHC CLA GL . -19.84 85.24 -18.38
CHD CLA GL . -16.37 82.41 -16.68
NA CLA GL . -15.15 86.17 -20.23
C1A CLA GL . -13.84 85.92 -20.33
C2A CLA GL . -13.16 86.86 -21.29
C3A CLA GL . -14.31 87.78 -21.74
C4A CLA GL . -15.49 87.21 -21.01
CMA CLA GL . -14.14 89.30 -21.72
CAA CLA GL . -12.61 86.08 -22.49
CBA CLA GL . -12.32 86.95 -23.71
CGA CLA GL . -11.00 86.57 -24.36
O1A CLA GL . -10.07 86.21 -23.65
O2A CLA GL . -10.89 86.62 -25.67
NB CLA GL . -18.08 86.29 -19.65
C1B CLA GL . -17.98 87.33 -20.52
C2B CLA GL . -19.27 87.94 -20.72
C3B CLA GL . -20.13 87.22 -19.93
C4B CLA GL . -19.36 86.18 -19.26
CMB CLA GL . -19.55 89.11 -21.63
CAB CLA GL . -21.59 87.38 -19.74
CBB CLA GL . -22.55 87.49 -20.91
NC CLA GL . -17.90 83.97 -17.76
C1C CLA GL . -19.19 84.23 -17.63
C2C CLA GL . -19.86 83.35 -16.64
C3C CLA GL . -18.86 82.53 -16.18
C4C CLA GL . -17.64 82.94 -16.88
CMC CLA GL . -21.32 83.35 -16.25
CAC CLA GL . -18.97 81.45 -15.15
CBC CLA GL . -18.82 82.06 -13.78
ND CLA GL . -15.22 83.84 -18.26
C1D CLA GL . -15.20 82.84 -17.33
C2D CLA GL . -13.86 82.35 -17.10
C3D CLA GL . -13.08 83.11 -17.98
C4D CLA GL . -13.91 84.00 -18.66
CMD CLA GL . -13.28 81.29 -16.21
CAD CLA GL . -11.72 83.31 -18.41
OBD CLA GL . -10.73 82.92 -17.81
CBD CLA GL . -11.74 84.30 -19.52
CGD CLA GL . -10.76 85.42 -19.25
O1D CLA GL . -10.49 85.78 -18.12
O2D CLA GL . -10.18 86.01 -20.29
CED CLA GL . -9.42 87.19 -20.03
C1 CLA GL . -10.70 87.89 -26.39
C2 CLA GL . -11.77 88.96 -26.48
C3 CLA GL . -12.07 89.57 -27.63
C4 CLA GL . -11.36 89.22 -28.90
C5 CLA GL . -13.15 90.64 -27.69
C6 CLA GL . -13.04 91.52 -28.93
C7 CLA GL . -13.50 92.95 -28.65
C8 CLA GL . -14.94 93.16 -29.09
C9 CLA GL . -15.06 94.35 -30.04
C10 CLA GL . -15.83 93.37 -27.87
C11 CLA GL . -17.11 92.56 -27.98
C12 CLA GL . -18.32 93.41 -27.60
C13 CLA GL . -19.57 92.55 -27.51
C14 CLA GL . -20.64 93.04 -28.49
C15 CLA GL . -20.09 92.57 -26.08
C16 CLA GL . -20.25 91.15 -25.54
C17 CLA GL . -21.66 90.61 -25.81
C18 CLA GL . -22.15 89.77 -24.65
C19 CLA GL . -23.67 89.61 -24.71
C20 CLA GL . -21.47 88.41 -24.63
MG CLA HL . -14.45 90.17 -11.57
CHA CLA HL . -16.26 90.99 -8.76
CHB CLA HL . -16.72 87.67 -12.36
CHC CLA HL . -12.67 89.52 -14.27
CHD CLA HL . -12.16 92.74 -10.77
NA CLA HL . -16.32 89.39 -10.68
C1A CLA HL . -16.88 89.85 -9.55
C2A CLA HL . -18.14 89.09 -9.20
C3A CLA HL . -18.23 88.04 -10.33
C4A CLA HL . -17.04 88.36 -11.18
CMA CLA HL . -18.46 86.60 -9.92
CAA CLA HL . -19.35 90.02 -9.27
CBA CLA HL . -19.76 90.47 -10.67
CGA CLA HL . -18.97 91.65 -11.22
O1A CLA HL . -18.91 91.79 -12.42
O2A CLA HL . -18.38 92.50 -10.39
NB CLA HL . -14.67 88.81 -13.07
C1B CLA HL . -15.63 87.86 -13.23
C2B CLA HL . -15.39 87.09 -14.42
C3B CLA HL . -14.24 87.63 -14.95
C4B CLA HL . -13.80 88.71 -14.09
CMB CLA HL . -16.22 85.97 -14.96
CAB CLA HL . -13.54 87.22 -16.17
CBB CLA HL . -12.87 85.86 -16.14
NC CLA HL . -12.72 91.02 -12.40
C1C CLA HL . -12.14 90.59 -13.52
C2C CLA HL . -10.92 91.37 -13.85
C3C CLA HL . -10.80 92.28 -12.85
C4C CLA HL . -11.92 92.05 -11.94
CMC CLA HL . -10.03 91.17 -15.04
CAC CLA HL . -9.73 93.33 -12.69
CBC CLA HL . -10.22 94.66 -13.22
ND CLA HL . -14.19 91.56 -10.19
C1D CLA HL . -13.26 92.51 -9.92
C2D CLA HL . -13.54 93.21 -8.69
C3D CLA HL . -14.72 92.61 -8.24
C4D CLA HL . -15.09 91.62 -9.15
CMD CLA HL . -12.84 94.33 -7.97
CAD CLA HL . -15.68 92.64 -7.16
OBD CLA HL . -15.43 93.00 -6.03
CBD CLA HL . -16.73 91.63 -7.48
CGD CLA HL . -16.78 90.57 -6.41
O1D CLA HL . -15.79 89.91 -6.16
O2D CLA HL . -17.89 90.31 -5.74
CED CLA HL . -17.70 89.98 -4.37
C1 CLA HL . -17.81 93.75 -10.90
C2 CLA HL . -16.61 93.80 -11.82
C3 CLA HL . -16.40 94.87 -12.62
C4 CLA HL . -17.36 96.02 -12.62
C5 CLA HL . -15.23 94.97 -13.57
C6 CLA HL . -15.63 95.70 -14.86
C7 CLA HL . -16.10 94.74 -15.94
C8 CLA HL . -16.91 95.45 -17.03
C9 CLA HL . -18.37 95.02 -16.95
C10 CLA HL . -16.25 95.17 -18.39
C11 CLA HL . -17.20 94.68 -19.48
C12 CLA HL . -16.53 93.63 -20.35
C13 CLA HL . -16.30 94.12 -21.77
C14 CLA HL . -16.89 93.16 -22.80
C15 CLA HL . -14.80 94.32 -22.00
C16 CLA HL . -14.04 93.02 -21.82
C17 CLA HL . -12.57 93.20 -22.20
C18 CLA HL . -12.38 93.02 -23.70
C19 CLA HL . -11.63 94.19 -24.31
C20 CLA HL . -11.65 91.70 -23.99
C1 BCR IL . 0.76 103.63 -24.11
C2 BCR IL . 2.17 103.94 -24.62
C3 BCR IL . 3.27 103.46 -23.68
C4 BCR IL . 3.05 104.00 -22.27
C5 BCR IL . 1.63 103.82 -21.79
C6 BCR IL . 0.62 103.97 -22.64
C7 BCR IL . -0.67 104.51 -22.16
C8 BCR IL . -1.77 103.81 -21.88
C9 BCR IL . -3.03 104.37 -21.43
C10 BCR IL . -4.25 103.60 -21.35
C11 BCR IL . -4.82 102.31 -21.32
C33 BCR IL . 1.39 103.49 -20.35
C31 BCR IL . 0.45 102.15 -24.20
C32 BCR IL . -0.22 104.44 -24.94
C34 BCR IL . -3.07 105.83 -21.08
C12 BCR IL . -5.34 101.22 -21.33
C13 BCR IL . -6.26 100.26 -20.84
C14 BCR IL . -6.13 98.95 -21.18
C15 BCR IL . -7.08 97.98 -20.70
C16 BCR IL . -7.44 96.77 -20.21
C17 BCR IL . -8.67 96.44 -19.97
C18 BCR IL . -9.12 95.23 -19.55
C19 BCR IL . -10.55 94.97 -19.33
C20 BCR IL . -11.50 94.21 -18.79
C21 BCR IL . -12.80 93.71 -18.42
C22 BCR IL . -13.12 92.43 -18.11
C23 BCR IL . -14.50 92.07 -17.75
C24 BCR IL . -14.92 90.88 -16.93
C25 BCR IL . -16.35 90.61 -16.64
C26 BCR IL . -16.92 91.15 -15.57
C27 BCR IL . -18.40 91.48 -15.59
C28 BCR IL . -19.22 90.34 -16.20
C29 BCR IL . -18.39 89.21 -16.81
C30 BCR IL . -17.13 89.68 -17.53
C35 BCR IL . -7.39 100.71 -19.97
C36 BCR IL . -8.12 94.14 -19.29
C37 BCR IL . -12.06 91.37 -18.12
C38 BCR IL . -16.15 91.44 -14.33
C39 BCR IL . -17.46 90.37 -18.85
C40 BCR IL . -16.27 88.46 -17.74
C1 BCR JL . -18.53 61.42 -28.85
C2 BCR JL . -20.04 61.61 -28.87
C3 BCR JL . -20.70 60.53 -29.73
C4 BCR JL . -20.13 60.50 -31.14
C5 BCR JL . -18.62 60.51 -31.10
C6 BCR JL . -18.04 61.35 -30.27
C7 BCR JL . -16.95 62.21 -30.77
C8 BCR JL . -17.24 63.20 -31.59
C9 BCR JL . -16.31 64.14 -32.17
C10 BCR JL . -16.78 65.44 -32.58
C11 BCR JL . -16.67 66.46 -33.56
C33 BCR JL . -17.82 59.57 -31.95
C31 BCR JL . -18.16 60.15 -28.12
C32 BCR JL . -17.89 62.60 -28.17
C34 BCR JL . -14.87 63.79 -32.34
C12 BCR JL . -16.63 67.34 -34.38
C13 BCR JL . -16.04 68.41 -35.09
C14 BCR JL . -16.89 69.21 -35.78
C15 BCR JL . -16.49 70.36 -36.52
C16 BCR JL . -16.83 71.44 -37.24
C17 BCR JL . -15.98 72.25 -37.76
C18 BCR JL . -16.23 73.22 -38.65
C19 BCR JL . -15.14 74.08 -39.15
C20 BCR JL . -14.68 75.25 -39.53
C21 BCR JL . -13.70 76.13 -40.03
C22 BCR JL . -13.88 77.16 -40.87
C23 BCR JL . -12.69 77.89 -41.30
C24 BCR JL . -12.66 79.10 -42.15
C25 BCR JL . -11.35 79.66 -42.49
C26 BCR JL . -10.70 80.44 -41.62
C27 BCR JL . -9.22 80.70 -41.77
C28 BCR JL . -8.74 80.69 -43.21
C29 BCR JL . -9.86 80.46 -44.24
C30 BCR JL . -10.76 79.31 -43.85
C35 BCR JL . -14.57 68.66 -35.06
C36 BCR JL . -17.61 73.43 -39.19
C37 BCR JL . -15.23 77.52 -41.39
C38 BCR JL . -11.39 81.09 -40.46
C39 BCR JL . -10.05 77.96 -43.85
C40 BCR JL . -11.87 79.24 -44.89
C1 BCR KL . 7.44 95.16 -11.28
C2 BCR KL . 8.38 96.22 -11.86
C3 BCR KL . 9.52 95.60 -12.66
C4 BCR KL . 8.97 94.76 -13.81
C5 BCR KL . 7.57 94.26 -13.57
C6 BCR KL . 7.11 94.13 -12.34
C7 BCR KL . 6.21 93.00 -12.05
C8 BCR KL . 6.57 91.80 -11.62
C9 BCR KL . 5.66 90.69 -11.33
C10 BCR KL . 5.78 89.87 -10.14
C11 BCR KL . 6.49 88.82 -9.51
C33 BCR KL . 6.70 93.94 -14.74
C31 BCR KL . 6.13 95.79 -10.86
C32 BCR KL . 8.10 94.51 -10.07
C34 BCR KL . 4.58 90.37 -12.31
C12 BCR KL . 7.06 87.94 -8.91
C13 BCR KL . 7.56 86.62 -8.72
C14 BCR KL . 8.55 86.44 -7.80
C15 BCR KL . 9.16 85.18 -7.51
C16 BCR KL . 10.25 84.50 -7.10
C17 BCR KL . 10.27 83.20 -6.93
C18 BCR KL . 11.32 82.46 -6.50
C19 BCR KL . 11.26 80.99 -6.33
C20 BCR KL . 11.80 79.89 -5.83
C21 BCR KL . 11.88 78.49 -5.55
C22 BCR KL . 12.96 77.70 -5.64
C23 BCR KL . 12.72 76.29 -5.30
C24 BCR KL . 13.68 75.36 -4.62
C25 BCR KL . 13.18 73.99 -4.39
C26 BCR KL . 12.28 73.78 -3.44
C27 BCR KL . 11.20 72.74 -3.65
C28 BCR KL . 11.73 71.49 -4.35
C29 BCR KL . 13.24 71.52 -4.63
C30 BCR KL . 13.69 72.83 -5.25
C35 BCR KL . 7.02 85.46 -9.50
C36 BCR KL . 12.60 83.13 -6.15
C37 BCR KL . 14.29 78.21 -6.09
C38 BCR KL . 12.24 74.57 -2.16
C39 BCR KL . 13.19 72.97 -6.67
C40 BCR KL . 15.22 72.83 -5.22
C1 BCR LL . 8.68 99.84 -18.50
C2 BCR LL . 9.31 99.94 -19.89
C3 BCR LL . 8.56 100.76 -20.92
C4 BCR LL . 7.12 100.28 -20.92
C5 BCR LL . 6.52 100.54 -19.56
C6 BCR LL . 7.20 100.19 -18.47
C7 BCR LL . 6.48 100.16 -17.17
C8 BCR LL . 5.71 99.16 -16.76
C9 BCR LL . 4.99 99.12 -15.51
C10 BCR LL . 3.90 98.20 -15.29
C11 BCR LL . 3.54 96.87 -14.98
C33 BCR LL . 5.20 101.25 -19.49
C31 BCR LL . 9.39 100.79 -17.56
C32 BCR LL . 8.87 98.42 -18.01
C34 BCR LL . 5.37 100.05 -14.41
C12 BCR LL . 3.17 95.75 -14.76
C13 BCR LL . 2.80 94.64 -13.97
C14 BCR LL . 2.22 93.58 -14.59
C15 BCR LL . 1.78 92.43 -13.88
C16 BCR LL . 1.32 91.17 -13.88
C17 BCR LL . 1.04 90.50 -12.81
C18 BCR LL . 0.28 89.39 -12.72
C19 BCR LL . 0.03 88.71 -11.45
C20 BCR LL . 0.03 87.56 -10.82
C21 BCR LL . -0.07 86.56 -9.82
C22 BCR LL . -0.38 85.26 -9.98
C23 BCR LL . -0.39 84.36 -8.82
C24 BCR LL . -0.76 82.90 -8.84
C25 BCR LL . -0.71 82.05 -7.63
C26 BCR LL . -1.76 81.99 -6.80
C27 BCR LL . -1.92 80.83 -5.83
C28 BCR LL . -0.90 79.74 -6.07
C29 BCR LL . 0.49 80.36 -6.16
C30 BCR LL . 0.57 81.24 -7.40
C35 BCR LL . 3.00 94.64 -12.49
C36 BCR LL . -0.29 88.83 -13.98
C37 BCR LL . -0.68 84.73 -11.36
C38 BCR LL . -2.84 83.03 -6.74
C39 BCR LL . 0.79 80.34 -8.62
C40 BCR LL . 1.78 82.13 -7.21
C1A DGD ML . -0.12 66.08 -42.88
C2A DGD ML . -1.41 65.46 -42.40
C3A DGD ML . -1.19 64.03 -41.92
C4A DGD ML . -2.46 63.49 -41.28
C5A DGD ML . -2.16 62.34 -40.32
C6A DGD ML . -2.32 60.98 -41.01
C7A DGD ML . -3.79 60.68 -41.25
C8A DGD ML . -4.05 59.18 -41.20
C9A DGD ML . -5.48 58.88 -41.52
O1A DGD ML . 0.55 65.53 -43.73
C1B DGD ML . -2.22 69.51 -41.90
C2B DGD ML . -2.91 70.28 -40.81
C3B DGD ML . -3.77 69.31 -39.99
C4B DGD ML . -3.06 68.88 -38.70
C5B DGD ML . -2.01 67.79 -38.96
C6B DGD ML . -1.47 67.24 -37.64
C7B DGD ML . -0.33 66.26 -37.89
C8B DGD ML . 0.07 65.53 -36.61
C9B DGD ML . -0.74 64.27 -36.48
CAB DGD ML . -0.72 63.56 -35.35
CBB DGD ML . 0.10 64.01 -34.17
CCB DGD ML . -0.06 63.05 -33.02
CDB DGD ML . -1.25 62.85 -32.47
CEB DGD ML . -1.41 61.89 -31.31
CFB DGD ML . -0.83 60.55 -31.68
CGB DGD ML . -0.80 59.56 -30.79
O1B DGD ML . -2.71 68.50 -42.35
O1G DGD ML . 0.32 67.34 -42.33
C1G DGD ML . 0.65 68.44 -43.18
C2G DGD ML . -0.60 69.26 -43.52
O2G DGD ML . -1.04 69.97 -42.37
C3G DGD ML . -0.26 70.28 -44.60
O3G DGD ML . 0.26 69.60 -45.73
C1D DGD ML . 1.11 70.46 -46.46
C2D DGD ML . 1.81 69.65 -47.55
O2D DGD ML . 2.67 68.70 -46.92
C3D DGD ML . 2.63 70.55 -48.44
O3D DGD ML . 3.16 69.79 -49.53
C4D DGD ML . 1.77 71.69 -48.96
O4D DGD ML . 0.72 71.16 -49.77
C5D DGD ML . 1.17 72.43 -47.79
O5D DGD ML . 1.20 74.63 -48.75
C6D DGD ML . 0.32 73.61 -48.26
O6D DGD ML . 0.34 71.52 -47.05
C1E DGD ML . 0.66 75.30 -49.89
C2E DGD ML . 1.81 75.99 -50.61
O2E DGD ML . 2.75 75.01 -51.05
C3E DGD ML . 2.46 76.95 -49.63
O3E DGD ML . 3.51 77.65 -50.30
C4E DGD ML . 1.45 77.95 -49.09
O4E DGD ML . 1.09 78.88 -50.11
C5E DGD ML . 0.20 77.26 -48.58
O6E DGD ML . -0.29 76.29 -49.51
C6E DGD ML . -0.90 78.28 -48.36
O5E DGD ML . -1.22 78.91 -49.61
C1A DGD NL . 19.77 79.16 -21.80
C2A DGD NL . 18.84 78.50 -20.82
C3A DGD NL . 19.07 77.00 -20.84
C4A DGD NL . 18.12 76.28 -19.89
C5A DGD NL . 16.67 76.51 -20.30
C6A DGD NL . 15.73 75.62 -19.51
C7A DGD NL . 15.76 75.98 -18.03
C8A DGD NL . 15.63 74.73 -17.17
C9A DGD NL . 14.37 73.98 -17.57
CAA DGD NL . 13.98 72.89 -16.91
CBA DGD NL . 14.74 72.34 -15.73
CCA DGD NL . 14.28 73.01 -14.45
CDA DGD NL . 14.75 72.63 -13.26
CEA DGD NL . 14.27 73.34 -12.02
CFA DGD NL . 14.54 72.48 -10.80
CGA DGD NL . 14.05 71.24 -10.74
O1A DGD NL . 20.94 78.82 -21.89
C1B DGD NL . 16.92 81.72 -23.89
C2B DGD NL . 16.27 81.49 -22.56
C3B DGD NL . 15.67 80.10 -22.52
C4B DGD NL . 14.19 80.18 -22.80
C5B DGD NL . 13.55 78.80 -22.84
C6B DGD NL . 12.91 78.54 -24.19
C7B DGD NL . 12.03 77.30 -24.12
C8B DGD NL . 11.66 76.81 -25.51
C9B DGD NL . 10.24 76.33 -25.45
CAB DGD NL . 9.78 75.41 -26.30
CBB DGD NL . 10.68 74.81 -27.36
CCB DGD NL . 10.84 73.35 -27.08
CDB DGD NL . 11.72 72.63 -27.79
CEB DGD NL . 11.87 71.16 -27.48
CFB DGD NL . 13.25 70.71 -27.88
CGB DGD NL . 14.32 71.33 -27.40
O1B DGD NL . 16.33 81.48 -24.93
O1G DGD NL . 19.29 80.21 -22.67
C1G DGD NL . 19.24 80.01 -24.07
C2G DGD NL . 19.06 81.38 -24.72
O2G DGD NL . 18.18 82.18 -23.94
C3G DGD NL . 20.42 82.05 -24.78
O3G DGD NL . 20.24 83.43 -25.06
C1D DGD NL . 20.74 83.80 -26.33
C2D DGD NL . 22.26 83.78 -26.30
O2D DGD NL . 22.71 84.63 -25.25
C3D DGD NL . 22.79 84.27 -27.64
O3D DGD NL . 24.21 84.16 -27.65
C4D DGD NL . 22.20 83.45 -28.78
O4D DGD NL . 22.84 82.16 -28.81
C5D DGD NL . 20.70 83.27 -28.65
O5D DGD NL . 20.10 82.76 -30.92
C6D DGD NL . 20.24 82.19 -29.62
O6D DGD NL . 20.33 82.86 -27.33
C1E DGD NL . 18.89 83.48 -31.04
C2E DGD NL . 18.03 82.79 -32.09
O2E DGD NL . 17.91 81.41 -31.74
C3E DGD NL . 18.69 82.87 -33.46
O3E DGD NL . 17.74 82.47 -34.45
C4E DGD NL . 19.15 84.28 -33.79
O4E DGD NL . 18.00 85.08 -34.07
C5E DGD NL . 19.93 84.90 -32.63
O6E DGD NL . 19.16 84.81 -31.44
C6E DGD NL . 20.24 86.35 -32.92
O5E DGD NL . 20.99 86.90 -31.84
C1A DGD OL . 25.12 73.13 -22.88
C2A DGD OL . 24.52 72.75 -21.54
C3A DGD OL . 24.56 71.24 -21.38
C4A DGD OL . 23.26 70.68 -20.83
C5A DGD OL . 22.29 70.36 -21.96
C6A DGD OL . 21.17 69.43 -21.49
C7A DGD OL . 21.68 68.01 -21.25
C8A DGD OL . 20.52 67.11 -20.83
C9A DGD OL . 21.02 65.72 -20.51
CAA DGD OL . 20.16 64.84 -19.99
CBA DGD OL . 20.63 63.44 -19.64
CCA DGD OL . 19.61 62.80 -18.75
CDA DGD OL . 19.91 61.67 -18.11
O1A DGD OL . 26.19 72.69 -23.24
C1B DGD OL . 21.97 76.43 -25.43
C2B DGD OL . 21.00 75.29 -25.28
C3B DGD OL . 20.15 75.55 -24.04
C4B DGD OL . 19.11 74.45 -23.83
C5B DGD OL . 19.72 73.06 -23.95
C6B DGD OL . 19.05 72.07 -23.01
C7B DGD OL . 17.55 71.98 -23.24
C8B DGD OL . 16.90 71.16 -22.15
C9B DGD OL . 17.40 71.65 -20.81
CAB DGD OL . 16.91 71.18 -19.67
CBB DGD OL . 17.48 71.72 -18.38
CCB DGD OL . 18.88 71.17 -18.17
CDB DGD OL . 19.13 70.21 -17.28
CEB DGD OL . 18.04 69.62 -16.42
CFB DGD OL . 17.36 68.46 -17.12
CGB DGD OL . 16.25 67.93 -16.61
O1B DGD OL . 21.85 77.25 -26.33
O1G DGD OL . 24.42 74.08 -23.73
C1G DGD OL . 24.97 75.38 -23.93
C2G DGD OL . 24.22 76.06 -25.05
O2G DGD OL . 22.99 76.57 -24.56
C3G DGD OL . 25.12 77.19 -25.57
O3G DGD OL . 26.36 76.62 -25.99
C1D DGD OL . 27.12 77.48 -26.83
C2D DGD OL . 28.40 76.76 -27.22
O2D DGD OL . 29.17 76.51 -26.03
C3D DGD OL . 29.21 77.59 -28.19
O3D DGD OL . 30.30 76.82 -28.69
C4D DGD OL . 28.36 78.04 -29.38
O4D DGD OL . 28.10 76.92 -30.23
C5D DGD OL . 27.04 78.66 -28.89
O5D DGD OL . 27.04 79.62 -31.04
C6D DGD OL . 26.18 78.98 -30.10
O6D DGD OL . 26.37 77.76 -28.02
C1E DGD OL . 26.42 80.67 -31.78
C2E DGD OL . 27.35 81.05 -32.92
O2E DGD OL . 27.67 79.89 -33.69
C3E DGD OL . 28.64 81.65 -32.37
O3E DGD OL . 29.48 82.07 -33.45
C4E DGD OL . 28.33 82.81 -31.45
O4E DGD OL . 27.74 83.88 -32.19
C5E DGD OL . 27.38 82.37 -30.36
O6E DGD OL . 26.20 81.80 -30.93
C6E DGD OL . 26.98 83.52 -29.45
O5E DGD OL . 25.92 84.24 -30.09
C1 LMG PL . 19.95 88.01 -26.78
O1 LMG PL . 19.51 88.13 -25.42
C2 LMG PL . 18.79 87.53 -27.65
O2 LMG PL . 18.47 86.17 -27.33
C3 LMG PL . 19.11 87.62 -29.14
O3 LMG PL . 17.92 87.41 -29.92
C4 LMG PL . 19.70 88.98 -29.49
O4 LMG PL . 18.70 89.99 -29.30
C5 LMG PL . 20.89 89.26 -28.58
O5 LMG PL . 22.04 90.51 -30.29
C6 LMG PL . 21.54 90.58 -28.95
O6 LMG PL . 20.45 89.28 -27.23
C7 LMG PL . 19.87 87.04 -24.59
C8 LMG PL . 19.25 87.25 -23.20
C9 LMG PL . 18.72 85.94 -22.65
O7 LMG PL . 20.20 87.77 -22.26
C10 LMG PL . 19.90 89.00 -21.79
O9 LMG PL . 20.62 89.93 -22.10
C11 LMG PL . 18.70 89.25 -20.89
C12 LMG PL . 19.18 89.41 -19.46
C13 LMG PL . 19.59 88.08 -18.82
C14 LMG PL . 18.57 87.66 -17.77
C15 LMG PL . 18.97 86.33 -17.14
C16 LMG PL . 18.22 86.04 -15.85
C17 LMG PL . 18.40 84.59 -15.39
C18 LMG PL . 17.94 84.44 -13.96
C19 LMG PL . 17.03 83.55 -13.59
C20 LMG PL . 16.39 82.62 -14.58
C21 LMG PL . 15.55 81.61 -13.82
C22 LMG PL . 15.10 80.55 -14.47
C23 LMG PL . 14.25 79.50 -13.77
C24 LMG PL . 14.19 78.28 -14.66
C25 LMG PL . 13.74 77.11 -14.19
O8 LMG PL . 18.54 86.11 -21.24
C28 LMG PL . 17.78 85.33 -20.49
O10 LMG PL . 16.84 85.84 -19.89
C29 LMG PL . 18.09 83.86 -20.38
C30 LMG PL . 17.58 83.30 -19.06
C31 LMG PL . 16.16 82.77 -19.20
C32 LMG PL . 16.01 81.41 -18.56
C33 LMG PL . 14.64 80.85 -18.91
C34 LMG PL . 14.41 79.46 -18.33
C35 LMG PL . 13.38 78.75 -19.20
C36 LMG PL . 12.52 77.81 -18.37
C37 LMG PL . 11.41 77.30 -18.88
C38 LMG PL . 10.94 77.63 -20.28
C39 LMG PL . 9.72 76.79 -20.57
C40 LMG PL . 9.14 76.83 -21.77
C41 LMG PL . 7.91 75.99 -22.02
C42 LMG PL . 7.41 76.23 -23.42
C43 LMG PL . 6.39 75.51 -23.88
C1A DGD QL . -31.01 68.51 -35.11
C2A DGD QL . -31.45 69.08 -36.43
C3A DGD QL . -30.45 70.15 -36.88
C4A DGD QL . -30.22 71.16 -35.77
C5A DGD QL . -30.93 72.48 -36.03
C6A DGD QL . -30.07 73.39 -36.92
C7A DGD QL . -30.58 74.82 -36.90
C8A DGD QL . -31.81 74.98 -37.77
C9A DGD QL . -32.28 76.41 -37.75
CAA DGD QL . -32.76 76.93 -36.63
CBA DGD QL . -33.22 78.36 -36.58
CCA DGD QL . -33.85 78.64 -35.24
CDA DGD QL . -34.38 79.84 -34.97
CEA DGD QL . -34.34 80.95 -36.00
CFA DGD QL . -35.39 81.99 -35.70
CGA DGD QL . -35.39 82.63 -34.54
CHA DGD QL . -36.46 83.67 -34.27
CIA DGD QL . -36.34 84.17 -32.84
O1A DGD QL . -29.94 67.95 -35.00
C1B DGD QL . -35.07 70.67 -34.94
C2B DGD QL . -34.50 71.36 -36.17
C3B DGD QL . -35.40 71.10 -37.37
C4B DGD QL . -34.66 71.31 -38.69
C5B DGD QL . -34.50 72.78 -39.03
C6B DGD QL . -33.82 72.95 -40.39
C7B DGD QL . -33.77 74.42 -40.81
C8B DGD QL . -33.23 74.56 -42.23
C9B DGD QL . -34.21 73.92 -43.18
CAB DGD QL . -35.22 74.60 -43.70
CBB DGD QL . -36.19 73.95 -44.64
CCB DGD QL . -35.53 73.43 -45.90
CDB DGD QL . -35.07 72.18 -45.97
CEB DGD QL . -34.41 71.65 -47.22
CFB DGD QL . -33.14 72.39 -47.55
CGB DGD QL . -32.27 71.86 -48.39
CHB DGD QL . -32.53 70.50 -49.02
CIB DGD QL . -31.48 70.17 -50.05
O1B DGD QL . -36.08 69.99 -35.04
O1G DGD QL . -31.86 68.64 -33.94
C1G DGD QL . -33.27 68.69 -34.10
C2G DGD QL . -33.90 69.66 -33.11
O2G DGD QL . -34.48 70.83 -33.74
C3G DGD QL . -34.90 68.91 -32.23
O3G DGD QL . -34.16 68.14 -31.30
C1D DGD QL . -34.78 66.89 -30.98
C2D DGD QL . -33.71 65.94 -30.46
O2D DGD QL . -32.73 65.71 -31.47
C3D DGD QL . -34.35 64.61 -30.05
O3D DGD QL . -33.36 63.79 -29.41
C4D DGD QL . -35.51 64.84 -29.09
O4D DGD QL . -35.01 65.31 -27.83
C5D DGD QL . -36.48 65.87 -29.65
O5D DGD QL . -36.90 67.02 -27.62
C6D DGD QL . -37.54 66.21 -28.61
O6D DGD QL . -35.77 67.07 -29.98
C1E DGD QL . -37.84 67.71 -26.80
C2E DGD QL . -37.77 69.21 -27.10
O2E DGD QL . -36.97 69.44 -28.26
C3E DGD QL . -37.19 69.99 -25.93
O3E DGD QL . -38.17 70.09 -24.88
C4E DGD QL . -35.93 69.32 -25.38
O4E DGD QL . -35.53 69.98 -24.17
C5E DGD QL . -36.15 67.82 -25.14
O6E DGD QL . -37.50 67.48 -25.44
C6E DGD QL . -35.83 67.45 -23.70
O5E DGD QL . -36.03 66.03 -23.54
CA1 DGA RL . -27.54 62.21 -33.54
CA2 DGA RL . -26.84 63.53 -33.97
CA3 DGA RL . -25.66 63.22 -34.94
CA4 DGA RL . -25.19 64.53 -35.64
CA5 DGA RL . -26.11 64.85 -36.85
CA6 DGA RL . -25.54 66.08 -37.63
CA7 DGA RL . -25.85 65.94 -39.14
CA8 DGA RL . -25.01 66.95 -39.97
CA9 DGA RL . -24.65 66.32 -41.35
CAA DGA RL . -24.34 67.43 -42.40
CBA DGA RL . -23.30 66.89 -43.39
CCA DGA RL . -23.35 67.67 -44.73
CDA DGA RL . -22.04 67.39 -45.53
CEA DGA RL . -21.92 68.40 -46.73
CFA DGA RL . -20.42 68.45 -47.21
CGA DGA RL . -20.24 67.55 -48.44
CHA DGA RL . -20.73 68.27 -49.71
CIA DGA RL . -20.08 67.65 -50.95
OA1 DGA RL . -27.14 61.58 -32.61
CB1 DGA RL . -31.37 63.19 -34.48
CB2 DGA RL . -31.41 63.17 -36.03
CB3 DGA RL . -30.12 63.84 -36.58
CB4 DGA RL . -29.55 63.00 -37.76
CB5 DGA RL . -30.14 63.51 -39.08
CB6 DGA RL . -30.23 62.34 -40.08
CB7 DGA RL . -29.28 62.60 -41.27
CB8 DGA RL . -30.11 62.90 -42.53
CB9 DGA RL . -30.76 61.60 -43.04
CAB DGA RL . -30.70 61.57 -44.58
CBB DGA RL . -30.67 60.10 -45.07
CCB DGA RL . -29.57 59.94 -46.14
CDB DGA RL . -30.50 58.74 -46.53
CEB DGA RL . -29.80 57.88 -47.63
CFB DGA RL . -29.91 58.59 -49.00
CGB DGA RL . -29.62 57.56 -50.13
CHB DGA RL . -29.98 58.18 -51.49
CIB DGA RL . -29.94 57.09 -52.60
OB1 DGA RL . -31.15 64.20 -33.90
OG1 DGA RL . -28.67 61.74 -34.27
CG1 DGA RL . -29.52 60.85 -33.56
CG2 DGA RL . -30.61 61.63 -32.83
OG2 DGA RL . -31.63 61.98 -33.74
CG3 DGA RL . -31.20 60.77 -31.73
OXT DGA RL . -32.55 61.08 -31.55
O1 LHG SL . -23.48 91.35 -9.42
C1 LHG SL . -24.85 91.62 -9.09
C2 LHG SL . -25.74 90.52 -9.65
O2 LHG SL . -24.93 89.53 -10.30
C3 LHG SL . -26.70 91.13 -10.66
O3 LHG SL . -26.16 90.91 -11.96
P LHG SL . -26.93 90.03 -13.07
O4 LHG SL . -27.52 88.81 -12.41
O5 LHG SL . -27.80 90.95 -13.89
O6 LHG SL . -25.70 89.55 -13.98
C4 LHG SL . -25.66 89.82 -15.39
C5 LHG SL . -24.42 90.65 -15.70
C6 LHG SL . -23.68 90.98 -14.41
O7 LHG SL . -23.55 89.93 -16.58
C7 LHG SL . -23.45 90.53 -17.78
O9 LHG SL . -24.44 91.04 -18.27
C8 LHG SL . -22.12 90.53 -18.50
C9 LHG SL . -22.31 90.99 -19.94
C10 LHG SL . -21.26 92.04 -20.30
O8 LHG SL . -23.46 92.38 -14.33
C23 LHG SL . -22.25 92.85 -14.03
O10 LHG SL . -21.56 92.21 -13.26
C24 LHG SL . -21.76 94.14 -14.65
C11 LHG SL . -21.90 93.24 -20.99
C12 LHG SL . -20.98 93.77 -22.09
C13 LHG SL . -21.15 95.27 -22.27
C14 LHG SL . -19.80 95.93 -22.49
C15 LHG SL . -19.86 97.43 -22.25
C16 LHG SL . -18.82 97.83 -21.20
C17 LHG SL . -18.92 99.32 -20.88
C18 LHG SL . -17.69 99.76 -20.09
C19 LHG SL . -18.00 100.93 -19.17
C20 LHG SL . -16.85 101.18 -18.21
C25 LHG SL . -21.57 95.21 -13.59
C26 LHG SL . -22.37 96.47 -13.93
C27 LHG SL . -21.54 97.50 -14.68
C28 LHG SL . -20.21 97.77 -13.98
C29 LHG SL . -19.39 98.82 -14.70
C30 LHG SL . -18.39 99.45 -13.74
C31 LHG SL . -16.99 99.45 -14.34
C32 LHG SL . -15.96 99.84 -13.28
C33 LHG SL . -14.73 100.49 -13.90
C34 LHG SL . -13.46 99.87 -13.33
C35 LHG SL . -13.31 98.43 -13.80
C36 LHG SL . -11.84 98.11 -14.10
C37 LHG SL . -11.64 97.84 -15.59
C38 LHG SL . -11.24 99.10 -16.32
O6 SQD TL . -29.03 85.35 -21.76
C44 SQD TL . -29.91 86.44 -21.94
C45 SQD TL . -29.12 87.61 -22.58
C46 SQD TL . -28.11 88.22 -21.59
O47 SQD TL . -28.34 87.04 -23.61
C7 SQD TL . -28.53 87.55 -24.87
O49 SQD TL . -29.60 87.91 -25.26
C8 SQD TL . -27.24 87.59 -25.62
C9 SQD TL . -26.99 89.00 -26.16
C10 SQD TL . -27.57 89.23 -27.54
C11 SQD TL . -26.59 89.94 -28.47
C12 SQD TL . -25.20 89.26 -28.42
C13 SQD TL . -24.16 90.01 -29.27
C14 SQD TL . -24.35 89.78 -30.77
C15 SQD TL . -23.14 90.25 -31.59
C16 SQD TL . -23.55 91.10 -32.78
C17 SQD TL . -22.35 91.50 -33.66
C18 SQD TL . -21.69 92.78 -33.16
C19 SQD TL . -20.16 92.68 -33.12
C20 SQD TL . -19.54 92.65 -34.51
C21 SQD TL . -18.35 93.59 -34.61
C22 SQD TL . -17.31 93.32 -33.54
O48 SQD TL . -27.88 89.56 -22.00
C23 SQD TL . -26.60 90.02 -21.94
O10 SQD TL . -25.67 89.24 -21.86
C24 SQD TL . -26.52 91.52 -21.99
C25 SQD TL . -26.80 92.06 -23.40
C26 SQD TL . -26.58 93.58 -23.49
C27 SQD TL . -25.15 93.99 -23.09
C28 SQD TL . -24.10 93.44 -24.06
C29 SQD TL . -24.07 94.20 -25.39
C30 SQD TL . -23.36 95.56 -25.29
C31 SQD TL . -22.22 95.70 -26.33
C32 SQD TL . -21.82 97.16 -26.52
C33 SQD TL . -20.64 97.31 -27.48
C34 SQD TL . -19.33 96.86 -26.83
C35 SQD TL . -18.79 97.89 -25.83
C36 SQD TL . -17.51 97.37 -25.13
C37 SQD TL . -16.88 98.45 -24.25
C38 SQD TL . -15.69 97.92 -23.48
C1 SQD TL . -29.59 84.32 -20.99
C2 SQD TL . -29.63 84.82 -19.53
O2 SQD TL . -28.33 85.00 -19.05
C3 SQD TL . -30.38 83.76 -18.69
O3 SQD TL . -30.64 84.38 -17.45
C4 SQD TL . -31.74 83.38 -19.34
O4 SQD TL . -32.26 82.30 -18.62
C5 SQD TL . -31.53 83.03 -20.84
C6 SQD TL . -32.86 82.82 -21.52
O5 SQD TL . -30.91 84.15 -21.45
S SQD TL . -33.38 81.09 -21.64
O7 SQD TL . -32.29 80.39 -21.03
O8 SQD TL . -34.59 81.09 -20.88
O9 SQD TL . -33.53 80.83 -23.03
C4 LMK UL . -1.45 108.29 -38.66
C5 LMK UL . 0.02 105.88 -39.61
C6 LMK UL . -2.37 105.72 -39.53
C7 LMK UL . 0.30 105.72 -34.33
C8 LMK UL . -0.23 104.62 -33.42
C10 LMK UL . -1.06 105.93 -31.59
C1 LMK UL . -0.29 107.64 -35.59
C11 LMK UL . -2.23 105.14 -31.01
C12 LMK UL . -1.86 104.54 -29.67
C2 LMK UL . 0.05 107.15 -37.00
C3 LMK UL . -1.21 107.02 -37.85
C9 LMK UL . 0.58 103.36 -33.66
O1 LMK UL . -0.77 106.55 -34.80
O2 LMK UL . -2.49 109.06 -38.04
O3 LMK UL . -0.24 109.07 -38.71
C13 LMK UL . -3.11 104.05 -28.95
C14 LMK UL . -2.90 103.94 -27.45
C15 LMK UL . -4.21 103.60 -26.76
C28 LMK UL . -0.96 101.58 -33.43
C29 LMK UL . -1.23 100.36 -32.57
C30 LMK UL . -1.20 99.02 -33.29
C31 LMK UL . -1.21 97.87 -32.28
C32 LMK UL . -2.25 98.09 -31.21
C33 LMK UL . -2.45 96.84 -30.36
C34 LMK UL . -3.26 97.16 -29.13
C46 LMK UL . -1.04 104.62 -37.87
N4 LMK UL . -1.14 105.82 -38.72
O10 LMK UL . -0.59 101.21 -34.75
O7 LMK UL . -0.08 104.99 -32.05
O8 LMK UL . 0.09 102.32 -32.83
O9 LMK UL . -0.48 106.75 -30.57
C16 LMK UL . -3.17 95.97 -28.19
C17 LMK UL . -4.14 96.14 -27.04
C18 LMK UL . -3.96 95.00 -26.05
C19 LMK UL . -5.09 95.01 -25.04
C20 LMK UL . -5.03 93.77 -24.14
C21 LMK UL . -6.37 93.49 -23.47
C27 LMK UL . -4.05 103.69 -25.25
C35 LMK UL . -5.39 103.53 -24.55
C36 LMK UL . -5.99 102.16 -24.81
C BCT VL . 4.33 42.30 -5.50
O1 BCT VL . 4.39 41.64 -4.46
O2 BCT VL . 3.49 42.42 -6.37
O3 BCT VL . 5.57 42.92 -5.87
MG CLA WL . 23.55 49.75 -28.51
CHA CLA WL . 25.94 48.56 -26.32
CHB CLA WL . 21.06 48.67 -26.41
CHC CLA WL . 21.37 51.02 -30.62
CHD CLA WL . 26.16 50.94 -30.56
NA CLA WL . 23.48 48.74 -26.56
C1A CLA WL . 24.53 48.31 -25.85
C2A CLA WL . 24.12 47.61 -24.60
C3A CLA WL . 22.61 47.62 -24.70
C4A CLA WL . 22.34 48.39 -25.94
CMA CLA WL . 21.98 46.24 -24.64
CAA CLA WL . 24.49 48.46 -23.39
CBA CLA WL . 24.02 47.84 -22.09
CGA CLA WL . 24.59 48.63 -20.94
O1A CLA WL . 24.17 48.41 -19.81
O2A CLA WL . 25.50 49.53 -21.18
NB CLA WL . 21.51 49.84 -28.51
C1B CLA WL . 20.66 49.34 -27.57
C2B CLA WL . 19.31 49.61 -27.96
C3B CLA WL . 19.37 50.26 -29.14
C4B CLA WL . 20.80 50.41 -29.50
CMB CLA WL . 18.08 49.20 -27.18
CAB CLA WL . 18.20 50.72 -29.92
CBB CLA WL . 18.05 52.09 -30.53
NC CLA WL . 23.73 50.84 -30.29
C1C CLA WL . 22.71 51.19 -31.05
C2C CLA WL . 23.16 51.75 -32.35
C3C CLA WL . 24.51 51.72 -32.32
C4C CLA WL . 24.87 51.15 -31.03
CMC CLA WL . 22.32 52.26 -33.48
CAC CLA WL . 25.44 52.17 -33.41
CBC CLA WL . 26.02 50.98 -34.13
ND CLA WL . 25.52 49.80 -28.54
C1D CLA WL . 26.47 50.28 -29.37
C2D CLA WL . 27.82 49.98 -28.90
C3D CLA WL . 27.59 49.31 -27.71
C4D CLA WL . 26.23 49.21 -27.50
CMD CLA WL . 29.19 50.28 -29.42
CAD CLA WL . 28.29 48.69 -26.61
OBD CLA WL . 29.49 48.74 -26.39
CBD CLA WL . 27.25 48.16 -25.67
CGD CLA WL . 27.28 46.67 -25.60
O1D CLA WL . 27.15 45.98 -26.59
O2D CLA WL . 27.42 46.08 -24.41
CED CLA WL . 28.05 44.80 -24.40
C1 CLA WL . 26.13 50.22 -20.07
C2 CLA WL . 27.35 49.69 -19.33
C3 CLA WL . 27.27 49.37 -18.04
C4 CLA WL . 25.98 49.48 -17.31
C5 CLA WL . 28.47 48.84 -17.28
C6 CLA WL . 28.22 48.81 -15.77
C7 CLA WL . 28.78 50.04 -15.06
C8 CLA WL . 28.04 50.45 -13.80
C9 CLA WL . 26.63 49.87 -13.69
C10 CLA WL . 28.00 51.97 -13.74
C11 CLA WL . 28.06 52.51 -12.32
C12 CLA WL . 27.56 53.94 -12.28
C13 CLA WL . 28.37 54.82 -11.35
C14 CLA WL . 27.58 55.16 -10.10
C15 CLA WL . 28.82 56.08 -12.08
C16 CLA WL . 27.64 56.90 -12.58
C17 CLA WL . 28.11 58.20 -13.24
C18 CLA WL . 27.60 59.41 -12.46
C19 CLA WL . 28.62 59.88 -11.43
C20 CLA WL . 27.23 60.54 -13.41
MG CLA XL . 45.06 51.92 -5.68
CHA CLA XL . 46.74 51.67 -8.68
CHB CLA XL . 43.73 48.77 -6.11
CHC CLA XL . 43.61 52.22 -2.73
CHD CLA XL . 46.42 55.16 -5.24
NA CLA XL . 45.22 50.35 -7.22
C1A CLA XL . 45.94 50.43 -8.34
C2A CLA XL . 45.79 49.19 -9.19
C3A CLA XL . 44.85 48.32 -8.36
C4A CLA XL . 44.58 49.17 -7.15
CMA CLA XL . 43.71 47.60 -9.04
CAA CLA XL . 47.11 48.43 -9.31
CBA CLA XL . 47.89 48.39 -8.01
CGA CLA XL . 49.22 47.71 -8.29
O1A CLA XL . 49.66 47.73 -9.42
O2A CLA XL . 49.87 47.12 -7.32
NB CLA XL . 43.87 50.68 -4.58
C1B CLA XL . 43.40 49.46 -4.92
C2B CLA XL . 42.53 48.96 -3.89
C3B CLA XL . 42.49 49.94 -2.95
C4B CLA XL . 43.35 51.03 -3.39
CMB CLA XL . 41.80 47.65 -3.89
CAB CLA XL . 41.72 49.92 -1.68
CBB CLA XL . 42.42 49.98 -0.34
NC CLA XL . 45.06 53.42 -4.20
C1C CLA XL . 44.35 53.36 -3.08
C2C CLA XL . 44.44 54.60 -2.26
C3C CLA XL . 45.26 55.41 -2.98
C4C CLA XL . 45.64 54.68 -4.19
CMC CLA XL . 43.78 54.86 -0.94
CAC CLA XL . 45.69 56.80 -2.60
CBC CLA XL . 47.05 56.77 -1.95
ND CLA XL . 46.27 53.17 -6.62
C1D CLA XL . 46.75 54.42 -6.41
C2D CLA XL . 47.59 54.88 -7.50
C3D CLA XL . 47.58 53.79 -8.39
C4D CLA XL . 46.79 52.77 -7.84
CMD CLA XL . 48.34 56.15 -7.77
CAD CLA XL . 48.09 53.35 -9.66
OBD CLA XL . 48.90 53.94 -10.36
CBD CLA XL . 47.53 51.99 -9.93
CGD CLA XL . 46.60 52.05 -11.10
O1D CLA XL . 45.43 52.37 -10.97
O2D CLA XL . 47.02 51.76 -12.33
CED CLA XL . 46.78 52.76 -13.31
C1 CLA XL . 49.28 46.04 -6.55
C2 CLA XL . 48.79 46.25 -5.14
C3 CLA XL . 48.92 45.26 -4.24
C4 CLA XL . 49.55 43.94 -4.58
C5 CLA XL . 48.44 45.40 -2.81
C6 CLA XL . 49.65 45.38 -1.87
C7 CLA XL . 49.53 44.24 -0.87
C8 CLA XL . 50.91 43.78 -0.42
C9 CLA XL . 51.51 42.81 -1.41
C10 CLA XL . 50.83 43.17 0.98
C11 CLA XL . 52.20 43.15 1.65
C12 CLA XL . 52.07 43.37 3.15
C13 CLA XL . 52.66 42.21 3.94
C14 CLA XL . 51.56 41.38 4.59
C15 CLA XL . 53.64 42.76 4.98
C16 CLA XL . 54.09 41.67 5.96
C17 CLA XL . 55.27 40.89 5.43
C18 CLA XL . 56.55 41.21 6.19
C19 CLA XL . 56.39 40.95 7.68
C20 CLA XL . 57.74 40.44 5.61
C1 BCR YL . 43.54 61.44 -6.55
C2 BCR YL . 44.68 60.60 -7.13
C3 BCR YL . 44.24 59.59 -8.19
C4 BCR YL . 43.36 60.23 -9.26
C5 BCR YL . 42.37 61.19 -8.65
C6 BCR YL . 42.27 61.20 -7.32
C7 BCR YL . 40.99 60.98 -6.61
C8 BCR YL . 40.11 61.93 -6.34
C9 BCR YL . 38.86 61.75 -5.64
C10 BCR YL . 37.96 62.86 -5.38
C11 BCR YL . 36.86 63.59 -5.91
C33 BCR YL . 41.57 62.09 -9.53
C31 BCR YL . 43.89 62.93 -6.65
C32 BCR YL . 43.33 61.06 -5.10
C34 BCR YL . 38.53 60.35 -5.25
C12 BCR YL . 35.94 64.29 -6.31
C13 BCR YL . 34.59 64.63 -6.63
C14 BCR YL . 34.40 65.71 -7.43
C15 BCR YL . 33.19 66.30 -7.92
C16 BCR YL . 32.60 67.15 -8.80
C17 BCR YL . 31.32 67.39 -8.84
C18 BCR YL . 30.72 68.42 -9.48
C19 BCR YL . 29.27 68.67 -9.51
C20 BCR YL . 28.32 69.31 -10.20
C21 BCR YL . 27.85 70.12 -11.27
C22 BCR YL . 26.58 70.44 -11.57
C23 BCR YL . 25.45 69.94 -10.77
C24 BCR YL . 24.00 70.20 -11.03
C25 BCR YL . 22.97 69.63 -10.15
C26 BCR YL . 22.59 68.37 -10.31
C27 BCR YL . 22.33 67.54 -9.08
C28 BCR YL . 21.58 68.34 -8.01
C29 BCR YL . 21.19 69.76 -8.42
C30 BCR YL . 22.35 70.51 -9.05
C35 BCR YL . 33.42 63.83 -6.10
C36 BCR YL . 31.61 69.38 -10.23
C37 BCR YL . 26.31 71.34 -12.75
C38 BCR YL . 22.41 67.76 -11.67
C39 BCR YL . 23.41 70.87 -8.01
C40 BCR YL . 21.79 71.75 -9.71
C2 PL9 ZL . 1.29 42.59 -16.82
C3 PL9 ZL . 0.69 41.57 -17.50
C4 PL9 ZL . -0.16 40.65 -16.81
C5 PL9 ZL . -0.37 40.82 -15.40
C6 PL9 ZL . 0.23 41.85 -14.72
C1 PL9 ZL . 1.08 42.76 -15.41
C7 PL9 ZL . 0.93 41.45 -18.94
C8 PL9 ZL . 2.28 41.85 -19.44
C9 PL9 ZL . 2.64 41.71 -20.71
C10 PL9 ZL . 1.81 40.99 -21.71
C11 PL9 ZL . 4.01 42.10 -21.13
C12 PL9 ZL . 4.70 40.91 -21.81
C13 PL9 ZL . 5.94 41.44 -22.43
C14 PL9 ZL . 6.16 41.43 -23.74
C15 PL9 ZL . 5.04 41.49 -24.72
C16 PL9 ZL . 7.46 41.07 -24.35
C17 PL9 ZL . 8.48 40.49 -23.39
C18 PL9 ZL . 9.85 40.61 -23.98
C19 PL9 ZL . 10.52 39.67 -24.66
C20 PL9 ZL . 9.92 38.37 -24.99
C21 PL9 ZL . 11.95 39.92 -25.02
C22 PL9 ZL . 12.85 38.69 -24.79
C23 PL9 ZL . 14.25 39.07 -25.11
C24 PL9 ZL . 15.29 38.34 -24.73
C25 PL9 ZL . 15.22 37.28 -23.71
C26 PL9 ZL . 16.63 38.66 -25.26
C27 PL9 ZL . 17.14 37.51 -26.14
C28 PL9 ZL . 16.62 37.70 -27.51
C29 PL9 ZL . 16.34 36.68 -28.31
C30 PL9 ZL . 16.61 35.27 -27.94
C31 PL9 ZL . 15.73 36.83 -29.65
C32 PL9 ZL . 15.31 38.28 -29.93
C33 PL9 ZL . 14.83 38.28 -31.33
C34 PL9 ZL . 15.16 39.20 -32.22
C35 PL9 ZL . 16.17 40.23 -31.97
C36 PL9 ZL . 14.78 38.92 -33.61
C37 PL9 ZL . 13.53 39.69 -33.96
C38 PL9 ZL . 13.42 39.64 -35.45
C39 PL9 ZL . 12.57 38.86 -36.10
C40 PL9 ZL . 11.65 37.98 -35.36
C41 PL9 ZL . 12.32 39.15 -37.52
C42 PL9 ZL . 10.97 39.83 -37.62
C43 PL9 ZL . 10.39 39.53 -38.95
C44 PL9 ZL . 10.16 40.45 -39.86
C45 PL9 ZL . 10.69 41.83 -39.75
C46 PL9 ZL . 9.45 40.17 -41.10
C47 PL9 ZL . 7.96 40.09 -40.90
C48 PL9 ZL . 7.37 40.00 -42.25
C49 PL9 ZL . 6.32 39.23 -42.52
C50 PL9 ZL . 6.10 38.86 -43.93
C51 PL9 ZL . 5.50 38.55 -41.51
C52 PL9 ZL . -1.24 39.86 -14.73
C53 PL9 ZL . 0.07 42.07 -13.29
O1 PL9 ZL . -0.68 39.74 -17.47
O2 PL9 ZL . 1.66 43.71 -14.88
O1 LHG AM . 11.21 30.59 -12.66
C1 LHG AM . 10.68 31.36 -11.58
C2 LHG AM . 11.20 30.85 -10.23
O2 LHG AM . 11.96 31.87 -9.59
C3 LHG AM . 12.07 29.61 -10.43
O3 LHG AM . 13.02 29.85 -11.46
P LHG AM . 14.58 29.54 -11.22
O4 LHG AM . 15.13 30.58 -10.25
O5 LHG AM . 14.75 28.08 -10.93
O6 LHG AM . 15.20 29.85 -12.67
C4 LHG AM . 16.47 29.31 -13.05
C5 LHG AM . 17.06 30.16 -14.17
C6 LHG AM . 18.05 31.11 -13.49
O7 LHG AM . 17.72 29.31 -15.10
C7 LHG AM . 17.69 29.77 -16.37
O9 LHG AM . 18.37 30.74 -16.67
C8 LHG AM . 16.84 29.10 -17.42
C9 LHG AM . 17.70 28.88 -18.66
C10 LHG AM . 17.05 29.41 -19.94
O8 LHG AM . 18.02 32.37 -14.13
C23 LHG AM . 19.15 32.99 -14.46
O10 LHG AM . 20.21 32.60 -14.00
C24 LHG AM . 19.13 34.17 -15.41
C11 LHG AM . 18.11 30.01 -20.85
C12 LHG AM . 17.51 30.77 -22.02
C13 LHG AM . 18.45 31.89 -22.51
C14 LHG AM . 18.62 31.87 -24.02
C15 LHG AM . 19.76 32.79 -24.44
C16 LHG AM . 20.80 32.06 -25.27
C17 LHG AM . 20.39 31.96 -26.73
C25 LHG AM . 19.77 33.74 -16.73
C26 LHG AM . 20.54 34.89 -17.36
C27 LHG AM . 20.49 34.78 -18.87
C28 LHG AM . 21.87 34.51 -19.46
C29 LHG AM . 22.02 33.03 -19.76
C30 LHG AM . 23.20 32.79 -20.70
C31 LHG AM . 22.73 32.23 -22.04
C32 LHG AM . 23.03 30.73 -22.14
C33 LHG AM . 21.84 29.91 -21.66
C34 LHG AM . 22.30 28.56 -21.14
C35 LHG AM . 21.14 27.75 -20.62
C36 LHG AM . 21.18 27.63 -19.10
C37 LHG AM . 20.70 26.25 -18.66
C38 LHG AM . 20.08 26.30 -17.28
O1 LHG BM . 0.18 28.09 -15.60
C1 LHG BM . 1.20 28.47 -14.68
C2 LHG BM . 2.38 29.06 -15.44
O2 LHG BM . 3.61 28.55 -14.91
C3 LHG BM . 2.37 30.59 -15.31
O3 LHG BM . 2.72 31.17 -16.56
P LHG BM . 1.62 31.90 -17.48
O4 LHG BM . 0.56 30.88 -17.83
O5 LHG BM . 1.24 33.20 -16.83
O6 LHG BM . 2.48 32.23 -18.79
C4 LHG BM . 1.91 32.83 -19.95
C5 LHG BM . 3.04 33.11 -20.92
C6 LHG BM . 3.12 31.97 -21.94
O7 LHG BM . 2.83 34.34 -21.61
C7 LHG BM . 3.52 35.37 -21.07
O9 LHG BM . 4.55 35.15 -20.45
C8 LHG BM . 3.01 36.77 -21.24
C9 LHG BM . 3.07 37.14 -22.73
C10 LHG BM . 4.48 37.50 -23.16
O8 LHG BM . 4.04 32.32 -22.98
C23 LHG BM . 3.64 32.63 -24.20
O10 LHG BM . 2.46 32.85 -24.40
C24 LHG BM . 4.64 32.70 -25.33
C11 LHG BM . 4.54 37.71 -24.67
C12 LHG BM . 5.97 37.67 -25.20
C13 LHG BM . 6.06 38.38 -26.54
C14 LHG BM . 6.64 37.46 -27.61
C15 LHG BM . 7.05 38.26 -28.85
C16 LHG BM . 6.73 37.50 -30.13
C17 LHG BM . 7.46 38.08 -31.33
C18 LHG BM . 7.42 37.11 -32.50
C19 LHG BM . 8.50 37.41 -33.52
C20 LHG BM . 8.00 38.37 -34.59
C21 LHG BM . 6.79 37.80 -35.32
C22 LHG BM . 7.23 36.95 -36.50
C25 LHG BM . 3.91 33.10 -26.61
C26 LHG BM . 4.04 34.60 -26.83
C27 LHG BM . 2.79 35.18 -27.47
C28 LHG BM . 3.13 36.44 -28.25
C29 LHG BM . 2.18 37.58 -27.91
C30 LHG BM . 0.89 37.47 -28.70
C31 LHG BM . 0.87 38.44 -29.88
C32 LHG BM . -0.30 39.41 -29.81
C33 LHG BM . -0.72 39.86 -31.21
C34 LHG BM . -2.22 40.14 -31.28
C35 LHG BM . -2.62 41.20 -30.25
C36 LHG BM . -3.63 42.18 -30.84
C37 LHG BM . -5.05 41.67 -30.63
C38 LHG BM . -5.92 42.03 -31.82
O1 LHG CM . -6.96 61.99 -6.87
C1 LHG CM . -5.79 62.17 -7.67
C2 LHG CM . -6.06 61.62 -9.08
O2 LHG CM . -7.00 60.53 -8.98
C3 LHG CM . -4.78 61.10 -9.70
O3 LHG CM . -3.94 60.52 -8.70
P LHG CM . -4.15 58.97 -8.29
O4 LHG CM . -4.31 58.92 -6.79
O5 LHG CM . -5.18 58.37 -9.18
O6 LHG CM . -2.71 58.35 -8.66
C4 LHG CM . -2.64 57.45 -9.76
C5 LHG CM . -1.20 57.27 -10.20
C6 LHG CM . -1.02 55.86 -10.75
O7 LHG CM . -0.87 58.25 -11.19
C7 LHG CM . -0.21 59.29 -10.68
O9 LHG CM . 0.70 59.10 -9.89
C8 LHG CM . -0.60 60.71 -11.03
C9 LHG CM . 0.34 61.67 -10.32
C10 LHG CM . 1.35 62.25 -11.30
O8 LHG CM . -0.12 55.82 -11.85
C23 LHG CM . -0.58 55.66 -13.09
O10 LHG CM . -1.56 56.30 -13.43
C24 LHG CM . 0.11 54.72 -14.04
C11 LHG CM . 1.48 63.76 -11.10
C12 LHG CM . 2.15 64.42 -12.29
C13 LHG CM . 3.49 63.76 -12.61
C25 LHG CM . 1.06 55.48 -14.94
C26 LHG CM . 0.32 56.22 -16.05
C27 LHG CM . 1.25 56.91 -17.03
C28 LHG CM . 2.47 57.52 -16.34
C29 LHG CM . 2.49 59.03 -16.54
C30 LHG CM . 1.57 59.72 -15.54
C31 LHG CM . 2.11 61.10 -15.17
C32 LHG CM . 2.37 61.93 -16.41
C33 LHG CM . 3.59 62.84 -16.21
C34 LHG CM . 3.33 64.22 -16.78
C35 LHG CM . 4.54 65.13 -16.61
C36 LHG CM . 4.64 66.14 -17.75
C37 LHG CM . 6.09 66.50 -18.02
C1 LMG DM . 31.46 75.21 -19.60
O1 LMG DM . 30.35 74.86 -18.78
C2 LMG DM . 31.06 76.20 -20.68
O2 LMG DM . 29.94 75.75 -21.43
C3 LMG DM . 32.27 76.37 -21.59
O3 LMG DM . 31.97 77.29 -22.64
C4 LMG DM . 33.46 76.88 -20.78
O4 LMG DM . 33.25 78.26 -20.44
C5 LMG DM . 33.66 76.06 -19.50
O5 LMG DM . 36.00 76.45 -19.03
C6 LMG DM . 34.66 76.74 -18.58
O6 LMG DM . 32.45 75.84 -18.80
C7 LMG DM . 30.80 74.12 -17.65
C8 LMG DM . 29.97 72.84 -17.50
C9 LMG DM . 30.42 72.09 -16.26
O7 LMG DM . 28.60 73.21 -17.36
C10 LMG DM . 27.81 72.76 -18.35
O9 LMG DM . 28.29 72.08 -19.24
C11 LMG DM . 26.34 73.10 -18.35
C12 LMG DM . 25.57 71.88 -17.90
C13 LMG DM . 25.94 71.50 -16.48
C14 LMG DM . 25.77 70.01 -16.26
C15 LMG DM . 24.31 69.58 -16.36
C16 LMG DM . 24.22 68.06 -16.40
C17 LMG DM . 22.84 67.56 -15.99
C18 LMG DM . 21.83 67.79 -17.09
C19 LMG DM . 20.71 67.08 -17.13
C20 LMG DM . 20.42 66.02 -16.10
C21 LMG DM . 18.99 65.55 -16.19
C22 LMG DM . 18.60 64.39 -15.66
C23 LMG DM . 19.58 63.50 -14.94
C24 LMG DM . 18.99 62.13 -14.75
C25 LMG DM . 19.77 61.08 -14.53
O8 LMG DM . 29.60 70.94 -16.09
C28 LMG DM . 29.81 70.14 -15.04
O10 LMG DM . 30.67 70.45 -14.24
C29 LMG DM . 29.03 68.87 -14.84
C30 LMG DM . 29.66 68.11 -13.69
C31 LMG DM . 28.68 67.12 -13.06
C32 LMG DM . 28.54 65.85 -13.89
C33 LMG DM . 27.53 64.92 -13.24
C34 LMG DM . 26.14 65.54 -13.26
C35 LMG DM . 25.36 65.07 -14.48
C36 LMG DM . 25.09 63.59 -14.35
C37 LMG DM . 24.17 62.99 -15.10
C38 LMG DM . 23.36 63.76 -16.11
CHA HEM EM . 28.10 68.80 8.82
CHB HEM EM . 32.50 70.80 9.17
CHC HEM EM . 32.61 71.08 4.35
CHD HEM EM . 27.87 70.19 4.17
C1A HEM EM . 29.30 69.25 9.35
C2A HEM EM . 29.73 69.14 10.72
C3A HEM EM . 30.95 69.69 10.82
C4A HEM EM . 31.33 70.17 9.50
CMA HEM EM . 31.80 69.80 12.10
CAA HEM EM . 28.93 68.49 11.88
CBA HEM EM . 27.88 69.47 12.36
CGA HEM EM . 26.72 68.73 12.98
O1A HEM EM . 26.72 67.47 12.93
O2A HEM EM . 25.80 69.39 13.50
C1B HEM EM . 32.93 71.08 7.89
C2B HEM EM . 34.17 71.73 7.50
C3B HEM EM . 34.22 71.82 6.18
C4B HEM EM . 33.00 71.22 5.66
CMB HEM EM . 35.25 72.23 8.47
CAB HEM EM . 35.41 72.46 5.42
CBB HEM EM . 35.53 72.57 4.09
C1C HEM EM . 31.30 71.03 3.89
C2C HEM EM . 30.82 71.51 2.63
C3C HEM EM . 29.51 71.29 2.54
C4C HEM EM . 29.12 70.62 3.78
CMC HEM EM . 31.69 72.19 1.54
CAC HEM EM . 28.65 71.68 1.31
CBC HEM EM . 27.35 71.41 1.16
C1D HEM EM . 27.59 69.57 5.37
C2D HEM EM . 26.50 68.67 5.62
C3D HEM EM . 26.56 68.29 6.89
C4D HEM EM . 27.70 68.93 7.51
CMD HEM EM . 25.43 68.23 4.60
CAD HEM EM . 25.60 67.32 7.60
CBD HEM EM . 26.30 65.98 7.68
CGD HEM EM . 25.59 65.10 8.66
O1D HEM EM . 24.50 65.51 9.13
O2D HEM EM . 26.10 63.99 8.95
NA HEM EM . 30.29 69.88 8.63
NB HEM EM . 32.24 70.78 6.72
NC HEM EM . 30.24 70.49 4.57
ND HEM EM . 28.32 69.72 6.55
FE HEM EM . 30.30 70.15 6.59
C1 RRX FM . 65.73 39.75 -10.34
C2 RRX FM . 67.18 38.99 -10.14
O2 RRX FM . 41.99 29.16 -2.17
C3 RRX FM . 68.07 39.75 -9.45
C40 RRX FM . 45.22 28.66 -5.78
C30 RRX FM . 45.06 29.30 -4.37
C39 RRX FM . 45.29 30.82 -4.48
C29 RRX FM . 43.51 29.04 -3.86
C28 RRX FM . 43.35 29.40 -2.55
C27 RRX FM . 44.32 28.52 -1.54
C26 RRX FM . 45.70 28.59 -1.91
C38 RRX FM . 46.74 28.76 -0.80
C25 RRX FM . 46.06 28.73 -3.47
C24 RRX FM . 47.51 28.50 -4.03
C23 RRX FM . 48.52 29.34 -3.71
C22 RRX FM . 49.95 29.17 -4.24
C37 RRX FM . 50.26 28.16 -5.35
C21 RRX FM . 50.93 29.94 -3.67
C20 RRX FM . 52.42 29.92 -4.10
C19 RRX FM . 52.73 30.75 -5.14
C18 RRX FM . 54.19 30.90 -5.70
C36 RRX FM . 54.94 29.69 -6.29
C17 RRX FM . 54.74 32.14 -5.64
C16 RRX FM . 56.14 32.48 -6.14
C15 RRX FM . 56.67 33.68 -5.74
C14 RRX FM . 58.08 34.13 -6.18
C13 RRX FM . 58.39 35.46 -6.18
C35 RRX FM . 57.32 36.50 -5.74
C12 RRX FM . 59.80 35.91 -6.60
C11 RRX FM . 60.28 37.13 -6.27
C10 RRX FM . 61.70 37.51 -6.72
C9 RRX FM . 61.98 38.75 -7.20
C34 RRX FM . 60.92 39.78 -7.32
C8 RRX FM . 63.45 39.06 -7.64
C7 RRX FM . 63.70 39.93 -8.68
C6 RRX FM . 65.18 40.22 -9.08
C32 RRX FM . 65.97 40.98 -11.31
C31 RRX FM . 64.72 38.77 -11.02
C5 RRX FM . 66.21 40.73 -7.98
C33 RRX FM . 65.76 41.68 -6.85
C4 RRX FM . 67.52 40.12 -7.94
C1 LMG GM . 50.24 43.31 -25.64
O1 LMG GM . 50.12 43.25 -24.21
C2 LMG GM . 50.81 44.66 -26.06
O2 LMG GM . 49.96 45.73 -25.62
C3 LMG GM . 50.92 44.71 -27.58
O3 LMG GM . 51.54 45.95 -27.97
C4 LMG GM . 51.76 43.55 -28.09
O4 LMG GM . 53.12 43.72 -27.70
C5 LMG GM . 51.24 42.22 -27.53
O5 LMG GM . 52.33 41.02 -29.32
C6 LMG GM . 52.19 41.09 -27.90
O6 LMG GM . 51.13 42.30 -26.10
C7 LMG GM . 49.84 41.92 -23.77
C8 LMG GM . 49.17 41.94 -22.39
C9 LMG GM . 47.99 42.92 -22.42
O7 LMG GM . 48.73 40.62 -22.09
C10 LMG GM . 48.77 40.33 -20.78
O9 LMG GM . 49.69 40.76 -20.11
C11 LMG GM . 47.72 39.44 -20.15
C12 LMG GM . 47.25 38.40 -21.16
C13 LMG GM . 46.57 37.22 -20.48
C14 LMG GM . 45.23 37.62 -19.85
C15 LMG GM . 44.29 38.17 -20.90
C16 LMG GM . 42.84 38.07 -20.47
C17 LMG GM . 41.92 38.64 -21.55
C18 LMG GM . 42.31 38.03 -22.88
C19 LMG GM . 42.11 38.73 -23.99
C20 LMG GM . 42.49 38.15 -25.33
C21 LMG GM . 42.07 39.13 -26.39
C22 LMG GM . 40.84 39.63 -26.37
O8 LMG GM . 46.96 42.54 -21.51
C28 LMG GM . 46.72 43.23 -20.40
O10 LMG GM . 47.06 44.40 -20.35
C29 LMG GM . 46.00 42.57 -19.24
C30 LMG GM . 46.08 43.48 -18.02
C31 LMG GM . 44.71 43.76 -17.45
C32 LMG GM . 44.10 42.49 -16.85
C33 LMG GM . 42.64 42.71 -16.50
C34 LMG GM . 42.47 43.91 -15.58
C35 LMG GM . 41.00 44.18 -15.28
C36 LMG GM . 40.42 43.06 -14.44
C37 LMG GM . 39.16 43.13 -14.03
C38 LMG GM . 38.59 42.02 -13.19
C39 LMG GM . 37.11 42.23 -13.01
C40 LMG GM . 36.25 41.24 -13.29
C41 LMG GM . 36.71 39.90 -13.79
C42 LMG GM . 35.56 38.94 -13.80
C43 LMG GM . 34.43 39.24 -14.45
O13 3PH HM . -8.71 48.63 -63.93
P 3PH HM . -7.47 47.85 -63.55
O14 3PH HM . -6.25 48.52 -64.13
O12 3PH HM . -7.57 46.45 -64.10
O11 3PH HM . -7.36 47.78 -61.91
C1 3PH HM . -7.80 46.62 -61.25
C2 3PH HM . -8.04 46.92 -59.78
O21 3PH HM . -7.63 45.82 -59.00
C21 3PH HM . -7.54 46.10 -57.64
O22 3PH HM . -7.14 47.16 -57.27
C22 3PH HM . -7.96 45.07 -56.60
C23 3PH HM . -7.52 45.57 -55.23
C24 3PH HM . -7.12 44.39 -54.35
C25 3PH HM . -7.42 44.71 -52.89
C26 3PH HM . -8.93 44.71 -52.66
C27 3PH HM . -9.38 43.29 -52.35
C28 3PH HM . -8.96 42.93 -50.93
C29 3PH HM . -9.05 41.43 -50.71
C2A 3PH HM . -9.66 41.14 -49.34
C2B 3PH HM . -11.06 41.73 -49.29
C2C 3PH HM . -11.49 41.96 -47.85
C2D 3PH HM . -12.94 42.44 -47.86
C2E 3PH HM . -13.38 42.81 -46.44
C2F 3PH HM . -14.55 43.78 -46.53
C2G 3PH HM . -15.34 43.78 -45.24
C2H 3PH HM . -16.74 44.34 -45.50
C2I 3PH HM . -17.59 44.22 -44.25
C3 3PH HM . -9.53 47.15 -59.54
O31 3PH HM . -10.17 45.93 -59.30
C31 3PH HM . -11.48 46.06 -58.84
O32 3PH HM . -12.37 45.97 -59.61
C32 3PH HM . -11.78 46.31 -57.36
C33 3PH HM . -12.83 45.34 -56.86
C34 3PH HM . -13.36 45.80 -55.50
C35 3PH HM . -14.38 44.79 -54.98
C36 3PH HM . -15.60 44.75 -55.90
C37 3PH HM . -16.88 44.67 -55.09
C38 3PH HM . -17.00 43.30 -54.42
C39 3PH HM . -17.95 43.39 -53.23
C3A 3PH HM . -17.92 42.09 -52.45
C3B 3PH HM . -17.94 42.36 -50.95
C3C 3PH HM . -19.37 42.47 -50.46
C3D 3PH HM . -19.39 42.65 -48.94
C3E 3PH HM . -19.37 44.13 -48.57
C3F 3PH HM . -20.07 44.34 -47.22
C3G 3PH HM . -19.94 45.79 -46.78
C3H 3PH HM . -21.13 46.59 -47.31
C3I 3PH HM . -22.40 46.19 -46.55
C1 LMG IM . 26.55 89.08 -24.01
O1 LMG IM . 25.23 89.10 -24.56
C2 LMG IM . 27.59 88.84 -25.11
O2 LMG IM . 27.83 87.43 -25.25
C3 LMG IM . 28.89 89.56 -24.82
O3 LMG IM . 28.81 90.90 -25.32
C4 LMG IM . 29.21 89.60 -23.32
O4 LMG IM . 30.40 90.36 -23.09
C5 LMG IM . 28.04 90.19 -22.53
O5 LMG IM . 27.29 92.07 -21.19
C6 LMG IM . 28.38 91.55 -21.95
O6 LMG IM . 26.87 90.30 -23.34
C7 LMG IM . 24.25 89.64 -23.66
C8 LMG IM . 23.69 88.58 -22.70
C9 LMG IM . 23.47 87.26 -23.43
O7 LMG IM . 24.56 88.38 -21.58
C10 LMG IM . 24.29 89.17 -20.52
O9 LMG IM . 23.37 89.97 -20.57
C11 LMG IM . 25.12 89.06 -19.27
C12 LMG IM . 24.41 88.19 -18.24
C13 LMG IM . 25.23 88.10 -16.95
C14 LMG IM . 25.13 86.72 -16.32
C15 LMG IM . 23.84 86.55 -15.51
C16 LMG IM . 23.63 85.08 -15.16
C17 LMG IM . 22.67 84.91 -13.99
C18 LMG IM . 23.41 85.21 -12.70
C19 LMG IM . 22.87 84.90 -11.51
C20 LMG IM . 21.51 84.25 -11.39
C21 LMG IM . 21.14 84.16 -9.93
C22 LMG IM . 19.92 83.82 -9.54
C23 LMG IM . 18.84 83.49 -10.56
C24 LMG IM . 17.49 83.45 -9.89
O8 LMG IM . 24.14 86.19 -22.78
C28 LMG IM . 23.45 85.20 -22.23
O10 LMG IM . 22.86 84.42 -22.96
C29 LMG IM . 23.38 85.05 -20.72
C30 LMG IM . 22.36 83.99 -20.33
C31 LMG IM . 22.44 83.73 -18.84
C32 LMG IM . 21.23 82.95 -18.32
C33 LMG IM . 20.92 81.75 -19.20
C34 LMG IM . 20.70 80.49 -18.36
C35 LMG IM . 19.48 80.57 -17.47
C36 LMG IM . 19.33 79.24 -16.75
C37 LMG IM . 18.29 79.02 -15.96
C38 LMG IM . 18.16 77.68 -15.25
O1 LHG JM . 9.33 22.71 -16.86
C1 LHG JM . 8.71 24.01 -16.88
C2 LHG JM . 7.67 24.08 -15.78
O2 LHG JM . 6.46 24.64 -16.31
C3 LHG JM . 8.18 24.95 -14.64
O3 LHG JM . 9.31 25.70 -15.06
P LHG JM . 9.17 27.28 -15.30
O4 LHG JM . 7.74 27.57 -15.68
O5 LHG JM . 9.81 28.00 -14.13
O6 LHG JM . 10.09 27.50 -16.59
C4 LHG JM . 9.89 28.65 -17.42
C5 LHG JM . 10.85 28.60 -18.59
C6 LHG JM . 10.07 28.36 -19.87
O7 LHG JM . 11.52 29.84 -18.70
C7 LHG JM . 12.82 29.81 -18.36
O9 LHG JM . 13.22 28.96 -17.59
C8 LHG JM . 13.76 30.83 -18.95
C9 LHG JM . 13.09 32.20 -18.97
C10 LHG JM . 12.41 32.51 -20.30
O8 LHG JM . 10.63 27.27 -20.60
C23 LHG JM . 11.41 27.48 -21.65
O10 LHG JM . 11.94 28.58 -21.78
C24 LHG JM . 11.60 26.39 -22.68
C11 LHG JM . 13.12 31.94 -21.52
C12 LHG JM . 12.29 32.15 -22.77
C13 LHG JM . 12.32 33.62 -23.16
C14 LHG JM . 13.12 33.84 -24.44
C15 LHG JM . 12.63 35.05 -25.21
C16 LHG JM . 12.21 34.64 -26.61
C17 LHG JM . 11.54 35.81 -27.30
C18 LHG JM . 11.02 35.39 -28.67
C19 LHG JM . 10.54 36.61 -29.44
C20 LHG JM . 11.65 37.64 -29.54
C21 LHG JM . 11.09 38.97 -30.02
C22 LHG JM . 12.00 40.08 -29.51
C25 LHG JM . 13.01 26.45 -23.27
C26 LHG JM . 13.51 25.06 -23.64
C27 LHG JM . 15.01 25.08 -23.90
C28 LHG JM . 15.33 24.88 -25.38
C29 LHG JM . 16.77 24.43 -25.57
C30 LHG JM . 17.03 23.11 -24.87
C31 LHG JM . 17.71 22.10 -25.80
C32 LHG JM . 18.96 22.66 -26.46
C33 LHG JM . 19.37 21.78 -27.63
C34 LHG JM . 20.86 21.46 -27.59
C35 LHG JM . 21.29 20.59 -28.76
C36 LHG JM . 21.41 19.12 -28.35
C37 LHG JM . 22.61 18.43 -28.99
C38 LHG JM . 22.81 18.82 -30.44
MG CHL KM . -76.34 100.92 -52.44
CHA CHL KM . -73.63 98.88 -51.98
CHB CHL KM . -76.90 99.41 -55.45
CHC CHL KM . -78.95 102.83 -52.83
CHD CHL KM . -75.56 102.47 -49.36
NA CHL KM . -75.44 99.41 -53.49
C1A CHL KM . -74.33 98.67 -53.13
C2A CHL KM . -73.98 97.65 -54.20
C3A CHL KM . -74.85 98.04 -55.36
C4A CHL KM . -75.81 99.04 -54.76
CMA CHL KM . -74.20 98.34 -56.73
CAA CHL KM . -74.24 96.21 -53.74
CBA CHL KM . -74.09 95.16 -54.84
CGA CHL KM . -72.71 95.11 -55.43
O1A CHL KM . -71.70 95.40 -54.85
O2A CHL KM . -72.74 94.70 -56.68
NB CHL KM . -77.75 101.06 -53.92
C1B CHL KM . -77.85 100.32 -55.04
C2B CHL KM . -79.03 100.72 -55.74
C3B CHL KM . -79.63 101.73 -55.05
C4B CHL KM . -78.81 101.95 -53.85
CMB CHL KM . -79.52 100.10 -57.01
CAB CHL KM . -80.85 102.42 -55.50
CBB CHL KM . -81.59 103.58 -54.85
NC CHL KM . -77.10 102.41 -51.26
C1C CHL KM . -78.22 103.07 -51.68
C2C CHL KM . -78.51 104.08 -50.68
C3C CHL KM . -77.55 103.98 -49.71
C4C CHL KM . -76.65 102.93 -50.06
CMC CHL KM . -79.60 105.05 -50.61
OMC CHL KM . -80.48 105.17 -51.45
CAC CHL KM . -77.43 104.85 -48.49
CBC CHL KM . -77.86 104.17 -47.23
ND CHL KM . -74.96 100.78 -50.95
C1D CHL KM . -74.74 101.43 -49.77
C2D CHL KM . -73.59 100.89 -49.11
C3D CHL KM . -73.13 99.90 -49.93
C4D CHL KM . -73.97 99.83 -51.05
CMD CHL KM . -73.06 101.36 -47.80
CAD CHL KM . -72.09 98.89 -50.12
OBD CHL KM . -71.15 98.64 -49.38
CBD CHL KM . -72.35 98.20 -51.43
CGD CHL KM . -71.14 98.38 -52.34
O1D CHL KM . -70.53 97.49 -52.87
O2D CHL KM . -70.83 99.67 -52.45
CED CHL KM . -69.68 99.98 -53.27
C1 CHL KM . -71.54 94.57 -57.50
C2 CHL KM . -71.54 95.69 -58.47
C3 CHL KM . -71.96 95.50 -59.72
C4 CHL KM . -72.43 94.18 -60.25
C5 CHL KM . -71.99 96.66 -60.70
C6 CHL KM . -72.45 96.29 -62.11
C7 CHL KM . -71.30 96.07 -63.08
C8 CHL KM . -71.73 95.55 -64.45
C9 CHL KM . -72.47 96.61 -65.24
C10 CHL KM . -70.46 95.09 -65.16
C11 CHL KM . -69.64 96.22 -65.78
C12 CHL KM . -69.05 95.85 -67.12
C13 CHL KM . -67.63 95.27 -67.10
C14 CHL KM . -66.92 95.56 -68.41
C15 CHL KM . -67.43 93.82 -66.68
C16 CHL KM . -65.99 93.35 -66.67
C17 CHL KM . -65.82 91.90 -66.26
C18 CHL KM . -64.40 91.44 -66.10
C19 CHL KM . -63.64 91.46 -67.41
C20 CHL KM . -63.68 92.28 -65.06
MG CLA LM . -67.61 94.14 -45.64
CHA CLA LM . -70.60 93.71 -43.95
CHB CLA LM . -66.20 91.53 -43.88
CHC CLA LM . -64.86 94.53 -47.43
CHD CLA LM . -69.08 96.82 -47.41
NA CLA LM . -68.31 92.74 -44.08
C1A CLA LM . -69.52 92.73 -43.53
C2A CLA LM . -69.64 91.68 -42.46
C3A CLA LM . -68.24 91.06 -42.44
C4A CLA LM . -67.52 91.79 -43.53
CMA CLA LM . -67.57 90.91 -41.08
CAA CLA LM . -70.60 90.57 -42.89
CBA CLA LM . -70.61 90.29 -44.40
CGA CLA LM . -69.75 89.11 -44.78
O1A CLA LM . -69.44 88.30 -43.91
O2A CLA LM . -69.36 88.95 -46.03
NB CLA LM . -65.81 93.17 -45.67
C1B CLA LM . -65.40 92.15 -44.87
C2B CLA LM . -64.05 91.79 -45.18
C3B CLA LM . -63.66 92.64 -46.19
C4B CLA LM . -64.81 93.51 -46.49
CMB CLA LM . -63.27 90.71 -44.49
CAB CLA LM . -62.36 92.74 -46.89
CBB CLA LM . -61.57 91.53 -47.35
NC CLA LM . -67.08 95.42 -47.23
C1C CLA LM . -65.87 95.47 -47.76
C2C CLA LM . -65.72 96.58 -48.72
C3C CLA LM . -66.93 97.19 -48.73
C4C CLA LM . -67.78 96.47 -47.79
CMC CLA LM . -64.52 96.97 -49.53
CAC CLA LM . -67.32 98.41 -49.55
CBC CLA LM . -67.90 97.90 -50.85
ND CLA LM . -69.34 95.09 -45.75
C1D CLA LM . -69.86 96.13 -46.47
C2D CLA LM . -71.25 96.41 -46.10
C3D CLA LM . -71.52 95.47 -45.13
C4D CLA LM . -70.38 94.68 -44.93
CMD CLA LM . -72.27 97.41 -46.55
CAD CLA LM . -72.58 95.00 -44.25
OBD CLA LM . -73.76 95.20 -44.43
CBD CLA LM . -72.02 93.84 -43.46
CGD CLA LM . -72.04 94.20 -42.01
O1D CLA LM . -72.80 93.63 -41.26
O2D CLA LM . -71.22 95.12 -41.52
CED CLA LM . -70.50 94.74 -40.35
C1 CLA LM . -68.16 88.17 -46.34
C2 CLA LM . -66.81 88.78 -46.63
C3 CLA LM . -65.74 88.01 -46.87
C4 CLA LM . -65.83 86.51 -46.84
C5 CLA LM . -64.36 88.54 -47.17
C6 CLA LM . -64.41 89.45 -48.38
C7 CLA LM . -63.32 89.15 -49.40
C8 CLA LM . -63.91 88.66 -50.71
C9 CLA LM . -64.25 87.18 -50.60
C10 CLA LM . -62.93 88.89 -51.85
C11 CLA LM . -63.24 90.15 -52.64
C12 CLA LM . -64.72 90.29 -52.98
C13 CLA LM . -64.89 90.92 -54.37
C14 CLA LM . -64.22 90.04 -55.42
C15 CLA LM . -64.31 92.32 -54.37
C16 CLA LM . -64.27 92.90 -55.79
C17 CLA LM . -65.53 93.69 -56.09
C18 CLA LM . -65.37 95.15 -55.66
C19 CLA LM . -65.53 96.09 -56.85
C20 CLA LM . -66.33 95.51 -54.54
MG CLA MM . -56.53 90.16 -48.35
CHA CLA MM . -57.38 87.79 -45.97
CHB CLA MM . -59.25 89.30 -50.26
CHC CLA MM . -55.63 92.47 -50.53
CHD CLA MM . -53.74 91.05 -46.36
NA CLA MM . -58.17 88.71 -48.15
C1A CLA MM . -58.35 87.86 -47.14
C2A CLA MM . -59.58 87.03 -47.31
C3A CLA MM . -60.14 87.52 -48.67
C4A CLA MM . -59.15 88.57 -49.07
CMA CLA MM . -60.62 86.53 -49.72
CAA CLA MM . -60.60 87.50 -46.27
CBA CLA MM . -60.86 86.46 -45.20
CGA CLA MM . -62.35 86.27 -45.08
O1A CLA MM . -63.01 87.19 -44.59
O2A CLA MM . -62.90 85.14 -45.49
NB CLA MM . -57.32 90.79 -50.11
C1B CLA MM . -58.42 90.31 -50.77
C2B CLA MM . -58.59 91.02 -52.02
C3B CLA MM . -57.55 91.91 -52.09
C4B CLA MM . -56.77 91.75 -50.87
CMB CLA MM . -59.66 90.81 -53.05
CAB CLA MM . -57.26 92.88 -53.16
CBB CLA MM . -56.03 92.71 -54.04
NC CLA MM . -55.01 91.61 -48.37
C1C CLA MM . -54.81 92.44 -49.38
C2C CLA MM . -53.63 93.31 -49.18
C3C CLA MM . -53.15 92.95 -47.96
C4C CLA MM . -54.01 91.88 -47.46
CMC CLA MM . -53.10 94.37 -50.12
CAC CLA MM . -51.95 93.53 -47.27
CBC CLA MM . -52.42 94.46 -46.17
ND CLA MM . -55.71 89.65 -46.63
C1D CLA MM . -54.60 90.02 -45.91
C2D CLA MM . -54.43 89.22 -44.71
C3D CLA MM . -55.51 88.36 -44.75
C4D CLA MM . -56.27 88.63 -45.88
CMD CLA MM . -53.41 89.18 -43.61
CAD CLA MM . -56.13 87.28 -44.00
OBD CLA MM . -55.95 87.06 -42.83
CBD CLA MM . -57.35 86.87 -44.75
CGD CLA MM . -57.20 85.42 -45.14
O1D CLA MM . -58.15 84.75 -45.48
O2D CLA MM . -56.00 84.86 -45.11
CED CLA MM . -55.60 84.17 -46.29
C1 CLA MM . -62.08 84.13 -46.17
C2 CLA MM . -62.05 83.95 -47.68
C3 CLA MM . -61.17 83.11 -48.25
C4 CLA MM . -60.18 82.32 -47.44
C5 CLA MM . -61.10 82.89 -49.74
C6 CLA MM . -59.67 82.67 -50.20
C7 CLA MM . -59.57 82.75 -51.72
C8 CLA MM . -58.34 83.51 -52.14
C9 CLA MM . -58.70 84.62 -53.11
C10 CLA MM . -57.33 82.52 -52.74
C11 CLA MM . -56.23 83.21 -53.53
C12 CLA MM . -55.08 83.64 -52.63
C13 CLA MM . -53.74 83.38 -53.31
C14 CLA MM . -52.80 82.63 -52.38
C15 CLA MM . -53.14 84.70 -53.78
C16 CLA MM . -52.45 84.57 -55.14
C17 CLA MM . -53.43 84.81 -56.29
C18 CLA MM . -52.70 85.33 -57.52
C19 CLA MM . -51.75 84.28 -58.08
C20 CLA MM . -53.69 85.78 -58.60
MG CLA NM . -44.98 106.30 -46.92
CHA CLA NM . -42.14 107.24 -48.67
CHB CLA NM . -43.98 103.02 -46.92
CHC CLA NM . -47.66 105.56 -45.16
CHD CLA NM . -46.00 109.70 -46.92
NA CLA NM . -43.23 105.21 -47.70
C1A CLA NM . -42.21 105.75 -48.39
C2A CLA NM . -41.22 104.69 -48.78
C3A CLA NM . -41.88 103.40 -48.27
C4A CLA NM . -43.10 103.88 -47.58
CMA CLA NM . -42.06 102.27 -49.26
CAA CLA NM . -39.94 104.96 -47.98
CBA CLA NM . -39.62 103.95 -46.87
CGA CLA NM . -39.20 104.62 -45.58
O1A CLA NM . -38.01 104.73 -45.33
O2A CLA NM . -40.14 105.05 -44.75
NB CLA NM . -45.70 104.55 -46.16
C1B CLA NM . -45.18 103.30 -46.25
C2B CLA NM . -46.03 102.34 -45.57
C3B CLA NM . -47.08 103.08 -45.07
C4B CLA NM . -46.85 104.47 -45.46
CMB CLA NM . -45.75 100.86 -45.48
CAB CLA NM . -48.29 102.69 -44.29
CBB CLA NM . -48.69 101.30 -43.85
NC CLA NM . -46.54 107.46 -46.13
C1C CLA NM . -47.53 106.95 -45.43
C2C CLA NM . -48.48 107.98 -44.96
C3C CLA NM . -47.97 109.16 -45.44
C4C CLA NM . -46.76 108.82 -46.17
CMC CLA NM . -49.71 107.71 -44.12
CAC CLA NM . -48.50 110.57 -45.28
CBC CLA NM . -47.81 111.26 -44.13
ND CLA NM . -44.33 108.06 -47.56
C1D CLA NM . -44.79 109.35 -47.56
C2D CLA NM . -43.91 110.25 -48.28
C3D CLA NM . -42.89 109.42 -48.70
C4D CLA NM . -43.14 108.11 -48.28
CMD CLA NM . -43.94 111.73 -48.58
CAD CLA NM . -41.65 109.44 -49.46
OBD CLA NM . -41.48 110.22 -50.38
CBD CLA NM . -41.07 108.05 -49.38
CGD CLA NM . -40.77 107.54 -50.77
O1D CLA NM . -39.63 107.18 -51.06
O2D CLA NM . -41.73 107.45 -51.68
CED CLA NM . -41.51 106.56 -52.78
C1 CLA NM . -39.76 105.79 -43.55
C2 CLA NM . -39.67 105.16 -42.17
C3 CLA NM . -39.99 105.87 -41.08
C4 CLA NM . -40.46 107.30 -41.17
C5 CLA NM . -39.93 105.30 -39.68
C6 CLA NM . -41.36 105.08 -39.15
C7 CLA NM . -41.50 105.37 -37.66
C8 CLA NM . -42.83 106.06 -37.37
C9 CLA NM . -42.64 107.16 -36.33
C10 CLA NM . -43.88 105.02 -36.95
C11 CLA NM . -45.02 105.62 -36.13
C12 CLA NM . -45.79 104.55 -35.36
C13 CLA NM . -45.79 104.80 -33.85
C14 CLA NM . -44.37 105.00 -33.33
C15 CLA NM . -46.48 103.64 -33.14
C16 CLA NM . -46.32 103.73 -31.63
C17 CLA NM . -47.43 102.96 -30.91
C18 CLA NM . -47.46 103.30 -29.42
C19 CLA NM . -48.69 104.13 -29.08
C20 CLA NM . -47.41 102.04 -28.55
MG CHL OM . -29.99 104.40 -41.89
CHA CHL OM . -31.29 107.09 -40.31
CHB CHL OM . -27.28 106.36 -42.81
CHC CHL OM . -28.83 101.88 -43.45
CHD CHL OM . -32.89 102.56 -40.89
NA CHL OM . -29.38 106.33 -41.57
C1A CHL OM . -30.02 107.25 -40.78
C2A CHL OM . -29.19 108.50 -40.59
C3A CHL OM . -28.12 108.37 -41.62
C4A CHL OM . -28.24 106.92 -42.04
CMA CHL OM . -28.01 109.44 -42.69
CAA CHL OM . -28.62 108.53 -39.17
CBA CHL OM . -27.63 109.65 -38.91
CGA CHL OM . -28.22 110.74 -38.05
O1A CHL OM . -29.28 111.27 -38.24
O2A CHL OM . -27.42 111.04 -37.04
NB CHL OM . -28.27 104.18 -42.96
C1B CHL OM . -27.29 105.04 -43.26
C2B CHL OM . -26.34 104.38 -44.08
C3B CHL OM . -26.75 103.10 -44.29
C4B CHL OM . -28.01 102.97 -43.56
CMB CHL OM . -25.11 105.02 -44.66
CAB CHL OM . -26.03 102.12 -45.13
CBB CHL OM . -26.42 100.70 -45.49
NC CHL OM . -30.77 102.53 -42.09
C1C CHL OM . -30.03 101.64 -42.81
C2C CHL OM . -30.75 100.38 -42.80
C3C CHL OM . -31.87 100.56 -42.04
C4C CHL OM . -31.91 101.92 -41.60
CMC CHL OM . -30.43 99.13 -43.46
OMC CHL OM . -29.45 98.92 -44.14
CAC CHL OM . -32.88 99.51 -41.69
CBC CHL OM . -32.49 98.69 -40.49
ND CHL OM . -31.73 104.64 -40.83
C1D CHL OM . -32.82 103.89 -40.52
C2D CHL OM . -33.77 104.66 -39.80
C3D CHL OM . -33.21 105.92 -39.69
C4D CHL OM . -31.97 105.89 -40.33
CMD CHL OM . -35.08 104.17 -39.27
CAD CHL OM . -33.42 107.28 -39.19
OBD CHL OM . -34.37 107.72 -38.59
CBD CHL OM . -32.21 108.10 -39.59
CGD CHL OM . -32.65 109.24 -40.50
O1D CHL OM . -32.78 109.17 -41.69
O2D CHL OM . -32.87 110.34 -39.79
CED CHL OM . -33.32 111.50 -40.53
C1 CHL OM . -27.75 112.01 -36.01
C2 CHL OM . -28.76 111.39 -35.12
C3 CHL OM . -28.41 110.56 -34.13
C4 CHL OM . -26.99 110.20 -33.81
C5 CHL OM . -29.46 109.89 -33.27
C6 CHL OM . -30.88 110.43 -33.52
C7 CHL OM . -31.96 109.46 -33.05
C8 CHL OM . -33.39 109.94 -33.26
C9 CHL OM . -34.41 108.81 -33.04
C10 CHL OM . -33.60 111.09 -32.26
C11 CHL OM . -35.02 111.28 -31.75
C12 CHL OM . -35.11 112.36 -30.69
C13 CHL OM . -36.45 112.44 -29.96
C14 CHL OM . -36.36 113.28 -28.70
C15 CHL OM . -37.14 111.10 -29.69
C16 CHL OM . -38.29 111.16 -28.68
C17 CHL OM . -39.26 109.99 -28.80
C18 CHL OM . -40.18 109.79 -27.62
C19 CHL OM . -40.81 111.08 -27.13
C20 CHL OM . -39.47 109.07 -26.50
MG CHL PM . -41.07 99.34 -44.51
CHA CHL PM . -39.11 100.79 -42.10
CHB CHL PM . -43.22 98.30 -42.06
CHC CHL PM . -43.00 98.12 -46.85
CHD CHL PM . -38.68 100.37 -46.89
NA CHL PM . -41.13 99.52 -42.47
C1A CHL PM . -40.25 100.17 -41.62
C2A CHL PM . -40.69 100.08 -40.17
C3A CHL PM . -41.86 99.14 -40.19
C4A CHL PM . -42.10 98.95 -41.67
CMA CHL PM . -41.93 97.96 -39.23
CAA CHL PM . -41.07 101.43 -39.54
CBA CHL PM . -41.28 101.37 -38.03
CGA CHL PM . -40.20 102.07 -37.27
O1A CHL PM . -39.29 102.68 -37.76
O2A CHL PM . -40.37 101.91 -35.96
NB CHL PM . -42.85 98.36 -44.45
C1B CHL PM . -43.59 98.03 -43.37
C2B CHL PM . -44.76 97.37 -43.79
C3B CHL PM . -44.76 97.28 -45.15
C4B CHL PM . -43.51 97.92 -45.59
CMB CHL PM . -45.85 96.85 -42.89
CAB CHL PM . -45.83 96.65 -45.92
CBB CHL PM . -45.96 96.49 -47.40
NC CHL PM . -40.84 99.28 -46.53
C1C CHL PM . -41.81 98.73 -47.31
C2C CHL PM . -41.39 98.87 -48.71
C3C CHL PM . -40.17 99.48 -48.70
C4C CHL PM . -39.82 99.75 -47.34
CMC CHL PM . -42.04 98.51 -49.95
OMC CHL PM . -43.13 97.98 -50.06
CAC CHL PM . -39.36 99.83 -49.90
CBC CHL PM . -38.33 98.79 -50.25
ND CHL PM . -39.28 100.33 -44.58
C1D CHL PM . -38.40 100.64 -45.57
C2D CHL PM . -37.26 101.28 -45.02
C3D CHL PM . -37.49 101.38 -43.67
C4D CHL PM . -38.74 100.79 -43.41
CMD CHL PM . -36.04 101.70 -45.79
CAD CHL PM . -36.98 101.86 -42.40
OBD CHL PM . -35.92 102.45 -42.20
CBD CHL PM . -37.99 101.53 -41.35
CGD CHL PM . -37.33 100.73 -40.23
O1D CHL PM . -37.06 99.57 -40.29
O2D CHL PM . -37.09 101.51 -39.17
CED CHL PM . -36.47 100.87 -38.04
C1 CHL PM . -39.51 102.56 -34.97
C2 CHL PM . -38.80 101.49 -34.22
C3 CHL PM . -37.84 101.78 -33.37
C4 CHL PM . -37.37 103.17 -33.06
C5 CHL PM . -37.12 100.68 -32.61
C6 CHL PM . -35.61 100.65 -32.85
C7 CHL PM . -35.23 100.46 -34.30
C8 CHL PM . -33.74 100.22 -34.54
C9 CHL PM . -33.38 98.76 -34.28
C10 CHL PM . -33.43 100.63 -35.98
C11 CHL PM . -32.10 101.36 -36.14
C12 CHL PM . -31.80 101.77 -37.58
C13 CHL PM . -30.51 102.55 -37.75
C14 CHL PM . -30.76 104.06 -37.65
C15 CHL PM . -29.63 102.20 -38.93
C16 CHL PM . -28.39 103.06 -39.09
C17 CHL PM . -27.42 102.53 -40.14
C18 CHL PM . -26.16 103.33 -40.34
C19 CHL PM . -25.55 103.67 -39.00
C20 CHL PM . -25.17 102.60 -41.21
MG CHL QM . -42.98 95.54 -52.93
CHA CHL QM . -41.44 96.17 -55.92
CHB CHL QM . -46.01 95.60 -54.50
CHC CHL QM . -44.41 94.96 -50.04
CHD CHL QM . -39.79 95.46 -51.42
NA CHL QM . -43.60 95.83 -54.86
C1A CHL QM . -42.81 96.01 -55.99
C2A CHL QM . -43.65 96.07 -57.26
C3A CHL QM . -45.08 95.99 -56.75
C4A CHL QM . -44.91 95.79 -55.26
CMA CHL QM . -46.15 96.93 -57.28
CAA CHL QM . -43.33 94.91 -58.22
CBA CHL QM . -43.93 95.03 -59.61
CGA CHL QM . -45.13 94.16 -59.80
O1A CHL QM . -45.84 94.17 -60.77
O2A CHL QM . -45.33 93.39 -58.76
NB CHL QM . -44.94 95.33 -52.38
C1B CHL QM . -46.04 95.40 -53.14
C2B CHL QM . -47.19 95.20 -52.33
C3B CHL QM . -46.76 95.00 -51.01
C4B CHL QM . -45.31 95.09 -51.07
CMB CHL QM . -48.61 95.19 -52.83
CAB CHL QM . -47.52 94.75 -49.79
CBB CHL QM . -49.00 94.63 -49.50
NC CHL QM . -42.19 95.25 -51.05
C1C CHL QM . -43.03 95.02 -50.00
C2C CHL QM . -42.19 94.85 -48.82
C3C CHL QM . -40.89 95.01 -49.22
C4C CHL QM . -40.88 95.26 -50.63
CMC CHL QM . -42.55 94.56 -47.44
OMC CHL QM . -43.68 94.40 -47.03
CAC CHL QM . -39.68 94.91 -48.33
CBC CHL QM . -39.40 96.19 -47.59
ND CHL QM . -41.02 95.74 -53.44
C1D CHL QM . -39.84 95.69 -52.78
C2D CHL QM . -38.76 95.92 -53.69
C3D CHL QM . -39.33 96.11 -54.92
C4D CHL QM . -40.72 96.00 -54.77
CMD CHL QM . -37.31 95.90 -53.31
CAD CHL QM . -39.07 96.42 -56.31
OBD CHL QM . -38.00 96.59 -56.86
CBD CHL QM . -40.40 96.46 -57.02
CGD CHL QM . -40.60 97.80 -57.72
O1D CHL QM . -41.08 98.78 -57.24
O2D CHL QM . -40.16 97.74 -58.98
CED CHL QM . -40.31 98.93 -59.78
C1 CHL QM . -46.50 92.56 -58.54
C2 CHL QM . -47.64 93.48 -58.29
C3 CHL QM . -48.68 93.48 -59.10
C4 CHL QM . -48.83 92.56 -60.28
C5 CHL QM . -49.82 94.46 -58.91
C6 CHL QM . -51.00 93.90 -58.13
C7 CHL QM . -50.72 93.78 -56.65
C8 CHL QM . -51.78 93.02 -55.86
C9 CHL QM . -51.99 91.63 -56.46
C10 CHL QM . -51.23 92.95 -54.43
C11 CHL QM . -52.27 92.75 -53.33
C12 CHL QM . -52.41 91.30 -52.88
C13 CHL QM . -51.10 90.63 -52.53
C14 CHL QM . -51.15 89.12 -52.75
C15 CHL QM . -50.48 90.99 -51.18
C16 CHL QM . -50.86 90.06 -50.03
C17 CHL QM . -50.22 90.41 -48.68
C18 CHL QM . -48.74 90.04 -48.47
C19 CHL QM . -48.39 88.71 -49.13
C20 CHL QM . -47.75 91.13 -48.87
MG CHL RM . -50.53 97.98 -31.18
CHA CHL RM . -52.40 98.88 -33.90
CHB CHL RM . -47.89 99.76 -32.44
CHC CHL RM . -48.82 97.14 -28.54
CHD CHL RM . -53.35 96.26 -29.97
NA CHL RM . -50.21 99.08 -32.88
C1A CHL RM . -51.13 99.44 -33.83
C2A CHL RM . -50.57 100.47 -34.79
C3A CHL RM . -49.08 100.44 -34.49
C4A CHL RM . -49.01 99.70 -33.17
CMA CHL RM . -48.06 100.14 -35.59
CAA CHL RM . -51.19 101.86 -34.58
CBA CHL RM . -50.69 102.63 -33.34
CGA CHL RM . -51.40 103.92 -33.10
O1A CHL RM . -52.33 104.32 -33.76
O2A CHL RM . -50.91 104.56 -32.06
NB CHL RM . -48.62 98.41 -30.60
C1B CHL RM . -47.68 99.14 -31.20
C2B CHL RM . -46.51 99.17 -30.40
C3B CHL RM . -46.76 98.40 -29.25
C4B CHL RM . -48.11 97.93 -29.41
CMB CHL RM . -45.23 99.88 -30.75
CAB CHL RM . -45.94 98.10 -28.08
CBB CHL RM . -44.52 98.48 -27.70
NC CHL RM . -51.02 96.84 -29.56
C1C CHL RM . -50.10 96.64 -28.58
C2C CHL RM . -50.71 95.80 -27.56
C3C CHL RM . -52.00 95.56 -27.96
C4C CHL RM . -52.20 96.21 -29.21
CMC CHL RM . -50.16 95.29 -26.32
OMC CHL RM . -49.03 95.48 -25.91
CAC CHL RM . -53.02 94.75 -27.21
CBC CHL RM . -54.10 95.61 -26.55
ND CHL RM . -52.43 97.55 -31.74
C1D CHL RM . -53.47 96.90 -31.17
C2D CHL RM . -54.63 97.01 -32.00
C3D CHL RM . -54.25 97.74 -33.07
C4D CHL RM . -52.91 98.09 -32.91
CMD CHL RM . -55.97 96.43 -31.67
CAD CHL RM . -54.71 98.32 -34.30
OBD CHL RM . -55.84 98.26 -34.76
CBD CHL RM . -53.53 99.05 -34.93
CGD CHL RM . -53.27 98.38 -36.28
O1D CHL RM . -52.23 97.90 -36.61
O2D CHL RM . -54.37 98.39 -37.02
CED CHL RM . -54.34 97.64 -38.25
C1 CHL RM . -51.52 105.79 -31.57
C2 CHL RM . -50.49 106.86 -31.57
C3 CHL RM . -50.18 107.56 -32.65
C4 CHL RM . -50.80 107.35 -34.00
MG CHL SM . -50.32 90.48 -40.49
CHA CHL SM . -53.57 89.96 -39.73
CHB CHL SM . -49.48 88.15 -38.02
CHC CHL SM . -47.25 90.89 -41.24
CHD CHL SM . -51.34 92.78 -43.02
NA CHL SM . -51.33 89.31 -39.13
C1A CHL SM . -52.69 89.11 -39.10
C2A CHL SM . -53.07 87.91 -38.23
C3A CHL SM . -51.84 87.65 -37.46
C4A CHL SM . -50.79 88.41 -38.24
CMA CHL SM . -51.83 87.63 -35.94
CAA CHL SM . -53.37 86.59 -38.97
CBA CHL SM . -53.80 86.67 -40.44
CGA CHL SM . -52.82 86.05 -41.39
O1A CHL SM . -51.63 85.97 -41.20
O2A CHL SM . -53.42 85.59 -42.48
NB CHL SM . -48.65 89.64 -39.69
C1B CHL SM . -48.45 88.76 -38.70
C2B CHL SM . -47.05 88.52 -38.53
C3B CHL SM . -46.39 89.30 -39.47
C4B CHL SM . -47.42 90.02 -40.19
CMB CHL SM . -46.46 87.58 -37.52
CAB CHL SM . -44.96 89.43 -39.77
CBB CHL SM . -43.72 88.80 -39.16
NC CHL SM . -49.47 91.69 -41.92
C1C CHL SM . -48.11 91.63 -42.02
C2C CHL SM . -47.71 92.51 -43.13
C3C CHL SM . -48.89 93.05 -43.64
C4C CHL SM . -49.99 92.52 -42.88
CMC CHL SM . -46.38 92.81 -43.64
OMC CHL SM . -45.35 92.36 -43.21
CAC CHL SM . -48.99 94.05 -44.76
CBC CHL SM . -48.59 93.49 -46.12
ND CHL SM . -52.03 91.29 -41.25
C1D CHL SM . -52.33 92.22 -42.20
C2D CHL SM . -53.74 92.43 -42.22
C3D CHL SM . -54.27 91.59 -41.25
C4D CHL SM . -53.20 90.89 -40.66
CMD CHL SM . -54.45 93.35 -43.15
CAD CHL SM . -55.50 91.10 -40.64
OBD CHL SM . -56.64 91.47 -40.85
CBD CHL SM . -55.11 90.00 -39.66
CGD CHL SM . -55.73 90.26 -38.30
O1D CHL SM . -55.43 91.16 -37.57
O2D CHL SM . -56.70 89.38 -38.04
CED CHL SM . -57.47 89.61 -36.85
C1 CHL SM . -52.67 84.94 -43.53
C2 CHL SM . -52.77 85.79 -44.75
C3 CHL SM . -51.74 85.94 -45.59
C4 CHL SM . -50.40 85.29 -45.41
C5 CHL SM . -51.87 86.82 -46.81
C6 CHL SM . -52.99 86.41 -47.76
C7 CHL SM . -53.14 87.40 -48.91
C8 CHL SM . -54.25 87.09 -49.92
C9 CHL SM . -55.53 86.65 -49.23
C10 CHL SM . -54.43 88.40 -50.68
C11 CHL SM . -54.64 88.27 -52.18
C12 CHL SM . -56.10 88.08 -52.58
C13 CHL SM . -56.35 88.10 -54.08
C14 CHL SM . -56.09 86.73 -54.71
C15 CHL SM . -55.68 89.21 -54.91
C16 CHL SM . -56.16 89.28 -56.35
C17 CHL SM . -55.55 90.43 -57.14
C18 CHL SM . -56.05 90.61 -58.57
C19 CHL SM . -57.55 90.82 -58.61
C20 CHL SM . -55.33 91.74 -59.28
MG CLA TM . -58.43 104.93 -35.22
CHA CLA TM . -58.68 104.07 -31.92
CHB CLA TM . -61.50 106.53 -35.10
CHC CLA TM . -58.05 105.74 -38.38
CHD CLA TM . -55.28 103.32 -35.32
NA CLA TM . -59.96 105.29 -33.68
C1A CLA TM . -59.87 104.86 -32.43
C2A CLA TM . -61.03 105.32 -31.63
C3A CLA TM . -61.95 105.96 -32.64
C4A CLA TM . -61.11 105.96 -33.88
CMA CLA TM . -63.32 105.27 -32.66
CAA CLA TM . -60.61 106.50 -30.74
CBA CLA TM . -59.30 107.25 -31.05
CGA CLA TM . -59.26 108.09 -32.32
O1A CLA TM . -58.56 107.74 -33.25
O2A CLA TM . -59.99 109.19 -32.43
NB CLA TM . -59.59 105.97 -36.53
C1B CLA TM . -60.81 106.54 -36.32
C2B CLA TM . -61.28 107.16 -37.54
C3B CLA TM . -60.29 106.93 -38.46
C4B CLA TM . -59.24 106.18 -37.80
CMB CLA TM . -62.58 107.89 -37.71
CAB CLA TM . -60.24 107.33 -39.89
CBB CLA TM . -60.51 108.73 -40.38
NC CLA TM . -56.87 104.66 -36.59
C1C CLA TM . -56.95 105.02 -37.86
C2C CLA TM . -55.78 104.57 -38.65
C3C CLA TM . -54.98 103.94 -37.74
C4C CLA TM . -55.68 104.00 -36.47
CMC CLA TM . -55.59 104.83 -40.12
CAC CLA TM . -53.65 103.27 -37.92
CBC CLA TM . -52.57 104.30 -37.72
ND CLA TM . -57.21 103.94 -34.02
C1D CLA TM . -56.00 103.33 -34.11
C2D CLA TM . -55.58 102.72 -32.86
C3D CLA TM . -56.63 103.02 -32.01
C4D CLA TM . -57.60 103.74 -32.71
CMD CLA TM . -54.35 101.95 -32.43
CAD CLA TM . -57.09 102.84 -30.65
OBD CLA TM . -56.55 102.16 -29.79
CBD CLA TM . -58.43 103.49 -30.54
CGD CLA TM . -59.45 102.43 -30.28
O1D CLA TM . -59.23 101.24 -30.43
O2D CLA TM . -60.66 102.77 -29.89
CED CLA TM . -60.81 102.87 -28.48
C1 CLA TM . -60.11 109.80 -33.76
C2 CLA TM . -59.10 110.80 -34.31
C3 CLA TM . -59.16 111.22 -35.58
C4 CLA TM . -60.20 110.72 -36.53
C5 CLA TM . -58.16 112.22 -36.14
C6 CLA TM . -57.67 111.84 -37.54
C7 CLA TM . -57.08 113.06 -38.25
C8 CLA TM . -55.66 112.81 -38.76
C9 CLA TM . -54.62 113.44 -37.82
C10 CLA TM . -55.50 113.37 -40.17
C11 CLA TM . -54.05 113.39 -40.63
C12 CLA TM . -53.66 112.07 -41.28
C13 CLA TM . -52.14 111.88 -41.29
C14 CLA TM . -51.52 112.54 -42.52
C15 CLA TM . -51.81 110.40 -41.25
C16 CLA TM . -50.33 110.17 -40.95
C17 CLA TM . -50.10 109.99 -39.45
C18 CLA TM . -49.36 108.69 -39.15
C19 CLA TM . -47.86 108.92 -39.05
C20 CLA TM . -49.91 108.04 -37.88
MG CLA UM . -72.20 110.26 -47.17
CHA CLA UM . -71.22 109.90 -43.89
CHB CLA UM . -75.09 111.87 -46.19
CHC CLA UM . -72.99 110.63 -50.37
CHD CLA UM . -69.22 108.64 -48.17
NA CLA UM . -73.08 110.85 -45.24
C1A CLA UM . -72.54 110.63 -44.03
C2A CLA UM . -73.41 111.16 -42.92
C3A CLA UM . -74.60 111.75 -43.68
C4A CLA UM . -74.26 111.49 -45.11
CMA CLA UM . -76.02 111.50 -43.15
CAA CLA UM . -72.65 112.27 -42.15
CBA CLA UM . -73.13 113.70 -42.39
CGA CLA UM . -71.95 114.59 -42.68
O1A CLA UM . -71.22 114.90 -41.76
O2A CLA UM . -71.78 115.02 -43.92
NB CLA UM . -73.78 111.13 -48.13
C1B CLA UM . -74.89 111.70 -47.57
C2B CLA UM . -75.80 112.12 -48.62
C3B CLA UM . -75.20 111.76 -49.79
C4B CLA UM . -73.93 111.13 -49.46
CMB CLA UM . -77.14 112.80 -48.46
CAB CLA UM . -75.72 111.98 -51.16
CBB CLA UM . -75.16 113.09 -52.01
NC CLA UM . -71.23 109.76 -48.97
C1C CLA UM . -71.75 109.96 -50.17
C2C CLA UM . -70.91 109.42 -51.28
C3C CLA UM . -69.83 108.88 -50.63
C4C CLA UM . -70.04 109.09 -49.20
CMC CLA UM . -71.18 109.48 -52.76
CAC CLA UM . -68.66 108.20 -51.28
CBC CLA UM . -67.53 109.17 -51.50
ND CLA UM . -70.61 109.44 -46.35
C1D CLA UM . -69.46 108.85 -46.81
C2D CLA UM . -68.56 108.46 -45.72
C3D CLA UM . -69.27 108.88 -44.60
C4D CLA UM . -70.47 109.45 -44.99
CMD CLA UM . -67.22 107.79 -45.66
CAD CLA UM . -69.18 108.91 -43.16
OBD CLA UM . -68.31 108.33 -42.53
CBD CLA UM . -70.46 109.49 -42.64
CGD CLA UM . -71.22 108.43 -41.89
O1D CLA UM . -70.73 107.90 -40.91
O2D CLA UM . -72.44 108.08 -42.26
CED CLA UM . -73.38 107.86 -41.21
C1 CLA UM . -70.55 114.76 -44.66
C2 CLA UM . -69.22 115.32 -44.22
C3 CLA UM . -68.38 115.92 -45.09
C4 CLA UM . -68.74 116.06 -46.54
MG CLA VM . -62.32 111.96 -45.07
CHA CLA VM . -64.73 112.75 -42.79
CHB CLA VM . -59.92 112.06 -42.57
CHC CLA VM . -60.08 111.10 -47.32
CHD CLA VM . -64.83 111.80 -47.57
NA CLA VM . -62.31 112.34 -42.89
C1A CLA VM . -63.38 112.63 -42.15
C2A CLA VM . -63.05 112.83 -40.70
C3A CLA VM . -61.52 112.64 -40.69
C4A CLA VM . -61.22 112.31 -42.11
CMA CLA VM . -60.64 113.68 -40.00
CAA CLA VM . -63.67 111.67 -39.93
CBA CLA VM . -63.18 111.56 -38.49
CGA CLA VM . -63.82 112.66 -37.67
O1A CLA VM . -65.00 112.91 -37.85
O2A CLA VM . -63.08 113.30 -36.79
NB CLA VM . -60.32 111.62 -44.95
C1B CLA VM . -59.50 111.75 -43.87
C2B CLA VM . -58.13 111.51 -44.25
C3B CLA VM . -58.18 111.24 -45.60
C4B CLA VM . -59.58 111.31 -46.03
CMB CLA VM . -56.94 111.57 -43.35
CAB CLA VM . -57.06 110.93 -46.49
CBB CLA VM . -56.55 112.00 -47.43
NC CLA VM . -62.45 111.47 -47.11
C1C CLA VM . -61.38 111.21 -47.85
C2C CLA VM . -61.73 111.06 -49.29
C3C CLA VM . -63.08 111.25 -49.35
C4C CLA VM . -63.52 111.51 -47.98
CMC CLA VM . -60.79 110.76 -50.43
CAC CLA VM . -63.95 111.20 -50.58
CBC CLA VM . -63.89 112.53 -51.31
ND CLA VM . -64.27 112.18 -45.25
C1D CLA VM . -65.20 112.11 -46.25
C2D CLA VM . -66.54 112.39 -45.77
C3D CLA VM . -66.35 112.63 -44.42
C4D CLA VM . -65.00 112.49 -44.13
CMD CLA VM . -67.91 112.45 -46.42
CAD CLA VM . -67.06 112.97 -43.20
OBD CLA VM . -68.21 112.64 -42.94
CBD CLA VM . -66.00 113.24 -42.17
CGD CLA VM . -65.86 114.72 -41.94
O1D CLA VM . -66.31 115.22 -40.92
O2D CLA VM . -65.24 115.48 -42.83
CED CLA VM . -64.21 116.32 -42.31
MG CLA WM . -61.30 103.84 -60.93
CHA CLA WM . -60.16 104.63 -64.09
CHB CLA WM . -61.63 107.19 -60.16
CHC CLA WM . -62.33 102.95 -57.93
CHD CLA WM . -61.13 100.42 -61.81
NA CLA WM . -60.95 105.75 -62.00
C1A CLA WM . -60.50 105.85 -63.25
C2A CLA WM . -60.44 107.28 -63.71
C3A CLA WM . -60.90 108.05 -62.46
C4A CLA WM . -61.17 106.96 -61.46
CMA CLA WM . -60.22 109.36 -62.07
CAA CLA WM . -61.46 107.49 -64.85
CBA CLA WM . -62.93 107.55 -64.43
CGA CLA WM . -63.54 106.18 -64.22
O1A CLA WM . -64.44 106.10 -63.41
O2A CLA WM . -63.08 105.15 -64.90
NB CLA WM . -61.89 104.91 -59.30
C1B CLA WM . -61.94 106.26 -59.15
C2B CLA WM . -62.42 106.58 -57.82
C3B CLA WM . -62.61 105.38 -57.21
C4B CLA WM . -62.27 104.32 -58.15
CMB CLA WM . -62.63 107.97 -57.27
CAB CLA WM . -63.09 105.08 -55.82
CBB CLA WM . -62.48 105.73 -54.60
NC CLA WM . -61.71 101.98 -60.03
C1C CLA WM . -62.11 101.84 -58.78
C2C CLA WM . -62.30 100.42 -58.40
C3C CLA WM . -61.99 99.71 -59.51
C4C CLA WM . -61.61 100.70 -60.54
CMC CLA WM . -62.76 99.84 -57.09
CAC CLA WM . -62.04 98.21 -59.64
CBC CLA WM . -63.30 97.79 -60.37
ND CLA WM . -60.81 102.72 -62.48
C1D CLA WM . -60.75 101.39 -62.76
C2D CLA WM . -60.26 101.12 -64.11
C3D CLA WM . -60.04 102.40 -64.62
C4D CLA WM . -60.36 103.34 -63.64
CMD CLA WM . -60.02 99.88 -64.90
CAD CLA WM . -59.58 103.09 -65.81
OBD CLA WM . -59.00 102.57 -66.74
CBD CLA WM . -59.53 104.54 -65.47
CGD CLA WM . -58.10 104.95 -65.33
O1D CLA WM . -57.42 104.53 -64.40
O2D CLA WM . -57.55 105.77 -66.23
CED CLA WM . -56.52 105.20 -67.04
C1 CLA WM . -63.77 103.85 -64.95
C2 CLA WM . -64.20 103.11 -63.71
C3 CLA WM . -64.24 101.77 -63.64
C4 CLA WM . -63.85 100.90 -64.81
C5 CLA WM . -64.69 101.05 -62.39
C6 CLA WM . -66.04 101.63 -61.95
C7 CLA WM . -66.06 101.90 -60.45
C8 CLA WM . -67.40 102.48 -60.02
C9 CLA WM . -68.56 101.65 -60.54
C10 CLA WM . -67.52 103.93 -60.49
C11 CLA WM . -68.79 104.58 -59.95
C12 CLA WM . -69.21 105.77 -60.80
C13 CLA WM . -70.73 105.92 -60.85
C14 CLA WM . -71.23 106.05 -62.27
C15 CLA WM . -71.15 107.11 -60.01
C16 CLA WM . -72.31 106.74 -59.10
C17 CLA WM . -72.75 107.93 -58.25
C18 CLA WM . -71.64 108.33 -57.28
C19 CLA WM . -71.67 109.83 -57.02
C20 CLA WM . -71.73 107.55 -55.97
MG CLA XM . -66.01 112.05 -64.23
CHA CLA XM . -67.35 109.00 -65.12
CHB CLA XM . -67.05 113.43 -67.20
CHC CLA XM . -64.76 114.94 -63.22
CHD CLA XM . -64.96 110.61 -61.16
NA CLA XM . -67.11 111.31 -66.00
C1A CLA XM . -67.57 110.08 -66.17
C2A CLA XM . -68.25 109.91 -67.51
C3A CLA XM . -68.12 111.30 -68.13
C4A CLA XM . -67.39 112.08 -67.07
CMA CLA XM . -67.68 111.44 -69.59
CAA CLA XM . -69.74 109.59 -67.41
CBA CLA XM . -70.43 109.94 -66.08
CGA CLA XM . -70.89 111.39 -66.05
O1A CLA XM . -71.28 111.91 -67.09
O2A CLA XM . -70.86 112.02 -64.90
NB CLA XM . -65.93 113.90 -65.08
C1B CLA XM . -66.38 114.29 -66.31
C2B CLA XM . -66.07 115.68 -66.54
C3B CLA XM . -65.43 116.09 -65.40
C4B CLA XM . -65.35 114.95 -64.50
CMB CLA XM . -66.42 116.47 -67.78
CAB CLA XM . -64.89 117.44 -65.11
CBB CLA XM . -63.87 118.09 -66.03
NC CLA XM . -65.08 112.69 -62.45
C1C CLA XM . -64.59 113.91 -62.28
C2C CLA XM . -63.85 114.05 -60.99
C3C CLA XM . -63.95 112.81 -60.41
C4C CLA XM . -64.72 111.98 -61.32
CMC CLA XM . -63.16 115.28 -60.47
CAC CLA XM . -63.37 112.39 -59.09
CBC CLA XM . -61.92 111.97 -59.29
ND CLA XM . -66.07 110.31 -63.29
C1D CLA XM . -65.66 109.82 -62.09
C2D CLA XM . -66.03 108.41 -61.90
C3D CLA XM . -66.69 108.11 -63.09
C4D CLA XM . -66.71 109.24 -63.91
CMD CLA XM . -65.84 107.42 -60.80
CAD CLA XM . -67.36 107.04 -63.79
OBD CLA XM . -67.32 105.86 -63.47
CBD CLA XM . -67.71 107.54 -65.15
CGD CLA XM . -66.85 106.85 -66.18
O1D CLA XM . -65.66 107.10 -66.26
O2D CLA XM . -67.38 105.95 -67.01
CED CLA XM . -66.77 104.67 -66.99
C1 CLA XM . -71.28 113.42 -64.77
C2 CLA XM . -70.57 114.54 -65.49
C3 CLA XM . -70.46 115.74 -64.91
C4 CLA XM . -69.75 116.85 -65.63
C1 LUT YM . -57.97 109.25 -57.49
C2 LUT YM . -57.57 109.14 -58.96
C3 LUT YM . -57.99 107.84 -59.64
C4 LUT YM . -57.52 106.69 -58.77
C5 LUT YM . -58.32 106.79 -57.51
C6 LUT YM . -58.41 107.95 -56.86
C7 LUT YM . -59.00 108.00 -55.50
C8 LUT YM . -58.32 107.73 -54.39
C9 LUT YM . -59.02 107.81 -53.10
C10 LUT YM . -58.41 107.43 -51.98
C11 LUT YM . -59.10 107.51 -50.69
C12 LUT YM . -58.34 107.45 -49.60
C13 LUT YM . -58.89 107.55 -48.24
C14 LUT YM . -58.02 107.72 -47.23
C15 LUT YM . -58.41 107.86 -45.83
C16 LUT YM . -59.12 110.24 -57.37
C17 LUT YM . -56.76 109.80 -56.75
C18 LUT YM . -59.04 105.56 -57.03
C19 LUT YM . -60.43 108.31 -53.08
C20 LUT YM . -60.36 107.48 -47.98
O3 LUT YM . -57.36 107.77 -60.93
C21 LUT YM . -54.48 110.43 -33.73
C22 LUT YM . -55.12 110.67 -32.37
C23 LUT YM . -54.92 109.48 -31.45
C24 LUT YM . -55.61 108.27 -32.07
C25 LUT YM . -55.05 108.04 -33.45
C26 LUT YM . -54.90 109.08 -34.29
C27 LUT YM . -54.69 108.80 -35.73
C28 LUT YM . -55.72 108.75 -36.59
C29 LUT YM . -55.47 108.48 -38.02
C30 LUT YM . -56.42 108.79 -38.92
C31 LUT YM . -56.20 108.54 -40.34
C32 LUT YM . -57.17 108.10 -41.13
C33 LUT YM . -56.85 107.89 -42.55
C34 LUT YM . -57.78 108.11 -43.49
C35 LUT YM . -57.47 107.94 -44.91
C36 LUT YM . -52.96 110.41 -33.59
C37 LUT YM . -54.87 111.56 -34.68
C38 LUT YM . -54.65 106.66 -33.87
C39 LUT YM . -54.17 107.89 -38.44
C40 LUT YM . -55.48 107.43 -42.94
O23 LUT YM . -55.46 109.72 -30.15
C1 LUT ZM . -46.67 99.82 -49.98
C2 LUT ZM . -46.03 100.56 -51.13
C3 LUT ZM . -45.65 101.98 -50.73
C4 LUT ZM . -46.90 102.74 -50.31
C5 LUT ZM . -47.71 101.95 -49.32
C6 LUT ZM . -47.81 100.61 -49.37
C7 LUT ZM . -48.97 99.89 -48.79
C8 LUT ZM . -50.20 99.88 -49.33
C9 LUT ZM . -51.29 99.11 -48.68
C10 LUT ZM . -52.47 98.94 -49.31
C11 LUT ZM . -53.56 98.15 -48.72
C12 LUT ZM . -54.47 97.63 -49.55
C13 LUT ZM . -55.59 96.77 -49.13
C14 LUT ZM . -56.41 96.24 -50.07
C15 LUT ZM . -57.52 95.32 -49.77
C16 LUT ZM . -45.64 99.60 -48.90
C17 LUT ZM . -47.20 98.48 -50.51
C18 LUT ZM . -48.40 102.72 -48.24
C19 LUT ZM . -51.08 98.51 -47.31
C20 LUT ZM . -55.80 96.44 -47.68
O3 LUT ZM . -45.09 102.62 -51.88
C21 LUT ZM . -68.79 89.43 -50.70
C22 LUT ZM . -70.16 88.81 -50.58
C23 LUT ZM . -71.22 89.80 -50.13
C24 LUT ZM . -70.84 90.24 -48.72
C25 LUT ZM . -69.48 90.87 -48.78
C26 LUT ZM . -68.61 90.65 -49.79
C27 LUT ZM . -67.74 91.79 -50.19
C28 LUT ZM . -66.41 91.67 -50.13
C29 LUT ZM . -65.47 92.74 -50.49
C30 LUT ZM . -64.16 92.55 -50.25
C31 LUT ZM . -63.16 93.57 -50.56
C32 LUT ZM . -61.90 93.38 -50.16
C33 LUT ZM . -60.84 94.38 -50.42
C34 LUT ZM . -59.55 94.05 -50.42
C35 LUT ZM . -58.45 94.99 -50.69
C36 LUT ZM . -68.58 89.83 -52.16
C37 LUT ZM . -67.76 88.39 -50.30
C38 LUT ZM . -69.08 91.78 -47.65
C39 LUT ZM . -65.97 94.00 -51.14
C40 LUT ZM . -61.26 95.80 -50.65
O23 LUT ZM . -72.52 89.17 -50.12
C1 XAT AN . -41.74 88.68 -56.71
C2 XAT AN . -42.13 89.28 -58.07
C3 XAT AN . -43.40 90.12 -57.98
C4 XAT AN . -43.14 91.35 -57.13
C5 XAT AN . -42.63 90.98 -55.73
C6 XAT AN . -41.90 89.70 -55.55
C7 XAT AN . -41.00 89.56 -54.34
C8 XAT AN . -41.42 89.01 -53.20
C9 XAT AN . -40.45 88.92 -52.09
C10 XAT AN . -40.80 88.42 -50.89
C11 XAT AN . -39.94 88.28 -49.72
C12 XAT AN . -40.47 88.02 -48.52
C13 XAT AN . -39.84 87.41 -47.37
C14 XAT AN . -40.49 87.35 -46.18
C15 XAT AN . -39.94 86.54 -45.14
C16 XAT AN . -40.31 88.21 -56.78
C17 XAT AN . -42.64 87.48 -56.43
C18 XAT AN . -42.40 92.10 -54.73
C19 XAT AN . -39.05 89.39 -52.29
C20 XAT AN . -38.47 86.83 -47.49
O3 XAT AN . -43.78 90.54 -59.30
O4 XAT AN . -43.31 89.83 -55.16
C21 XAT AN . -39.55 78.63 -34.82
C22 XAT AN . -39.33 77.82 -33.56
C23 XAT AN . -38.29 78.45 -32.64
C24 XAT AN . -38.88 79.75 -32.13
C25 XAT AN . -39.10 80.72 -33.30
C26 XAT AN . -39.48 80.15 -34.62
C27 XAT AN . -40.21 81.07 -35.57
C28 XAT AN . -39.64 81.54 -36.67
C29 XAT AN . -40.10 82.70 -37.47
C30 XAT AN . -39.73 82.86 -38.75
C31 XAT AN . -40.21 84.04 -39.49
C32 XAT AN . -39.99 84.19 -40.81
C33 XAT AN . -40.66 85.11 -41.75
C34 XAT AN . -40.12 85.39 -42.95
C35 XAT AN . -40.62 86.27 -44.00
C36 XAT AN . -40.91 78.27 -35.40
C37 XAT AN . -38.49 78.23 -35.83
C38 XAT AN . -39.55 82.14 -33.01
C39 XAT AN . -40.97 83.73 -36.81
C40 XAT AN . -41.96 85.73 -41.36
O23 XAT AN . -38.02 77.58 -31.54
O24 XAT AN . -38.15 80.59 -34.35
C1 NEX BN . -38.87 94.88 -22.43
C2 NEX BN . -38.42 94.72 -20.98
C3 NEX BN . -39.38 95.18 -19.87
C4 NEX BN . -40.50 96.13 -20.32
C5 NEX BN . -40.13 96.99 -21.52
C6 NEX BN . -39.79 96.07 -22.65
C7 NEX BN . -40.25 96.25 -23.81
C8 NEX BN . -40.89 96.41 -25.04
C9 NEX BN . -40.37 96.28 -26.42
C10 NEX BN . -40.99 96.86 -27.35
C11 NEX BN . -40.94 96.66 -28.79
C12 NEX BN . -41.51 97.39 -29.52
C13 NEX BN . -41.86 97.27 -30.95
C14 NEX BN . -42.22 98.28 -31.60
C15 NEX BN . -42.70 98.35 -32.98
C16 NEX BN . -39.59 93.63 -22.90
C17 NEX BN . -37.63 95.08 -23.30
C18 NEX BN . -41.35 97.85 -21.89
C19 NEX BN . -39.15 95.47 -26.72
C20 NEX BN . -41.79 95.94 -31.64
O3 NEX BN . -39.99 94.02 -19.29
O4 NEX BN . -39.03 97.84 -21.19
C21 NEX BN . -45.45 105.77 -41.66
C22 NEX BN . -45.16 106.71 -42.83
C23 NEX BN . -43.72 106.67 -43.32
C24 NEX BN . -43.40 105.29 -43.86
C25 NEX BN . -43.71 104.17 -42.88
C26 NEX BN . -44.76 104.41 -41.79
C27 NEX BN . -45.48 103.18 -41.31
C28 NEX BN . -45.17 102.54 -40.18
C29 NEX BN . -45.87 101.45 -39.84
C30 NEX BN . -45.62 100.80 -38.80
C31 NEX BN . -44.72 101.10 -37.69
C32 NEX BN . -44.40 100.27 -36.91
C33 NEX BN . -43.82 100.39 -35.56
C34 NEX BN . -43.56 99.37 -34.88
C35 NEX BN . -43.07 99.33 -33.51
C36 NEX BN . -46.95 105.59 -41.55
C37 NEX BN . -44.96 106.44 -40.39
C38 NEX BN . -43.35 102.74 -43.25
C39 NEX BN . -47.00 100.96 -40.72
C40 NEX BN . -43.51 101.74 -34.98
O23 NEX BN . -43.61 107.59 -44.40
O24 NEX BN . -43.36 104.47 -41.52
O1 LHG CN . -78.38 110.31 -45.09
C1 LHG CN . -78.61 109.45 -46.22
C2 LHG CN . -77.29 109.18 -46.92
O2 LHG CN . -77.51 109.18 -48.34
C3 LHG CN . -76.74 107.83 -46.48
O3 LHG CN . -75.68 107.43 -47.36
P LHG CN . -74.33 106.83 -46.74
O4 LHG CN . -73.70 107.90 -45.86
O5 LHG CN . -74.63 105.48 -46.14
O6 LHG CN . -73.37 106.60 -48.03
C4 LHG CN . -72.26 105.72 -47.96
C5 LHG CN . -71.80 105.31 -49.35
C6 LHG CN . -70.29 105.43 -49.43
O7 LHG CN . -72.19 103.96 -49.62
C7 LHG CN . -71.93 103.57 -50.88
O9 LHG CN . -71.17 102.63 -51.07
C8 LHG CN . -72.58 104.26 -52.07
C9 LHG CN . -73.05 103.20 -53.06
C10 LHG CN . -72.30 103.28 -54.38
O8 LHG CN . -69.68 104.24 -48.96
C23 LHG CN . -68.98 104.21 -47.83
O10 LHG CN . -69.09 105.13 -47.03
C24 LHG CN . -68.07 103.05 -47.58
C11 LHG CN . -72.24 101.90 -55.03
C12 LHG CN . -71.19 101.84 -56.12
C13 LHG CN . -71.09 100.41 -56.67
C14 LHG CN . -69.65 100.02 -56.98
C15 LHG CN . -69.56 98.56 -57.37
C16 LHG CN . -69.19 98.38 -58.84
C17 LHG CN . -67.69 98.14 -59.01
C18 LHG CN . -67.43 96.98 -59.96
C19 LHG CN . -67.51 97.45 -61.42
C20 LHG CN . -66.74 96.50 -62.34
C21 LHG CN . -66.64 97.07 -63.75
C22 LHG CN . -65.37 96.61 -64.43
C25 LHG CN . -68.09 102.15 -48.79
C26 LHG CN . -66.99 102.52 -49.78
C27 LHG CN . -67.25 101.99 -51.18
C28 LHG CN . -68.04 103.01 -51.99
C29 LHG CN . -67.16 103.77 -52.98
C30 LHG CN . -68.02 104.41 -54.07
C31 LHG CN . -67.65 105.88 -54.27
C32 LHG CN . -68.10 106.36 -55.64
C33 LHG CN . -67.09 107.33 -56.22
C34 LHG CN . -67.77 108.58 -56.77
C35 LHG CN . -66.75 109.55 -57.33
C36 LHG CN . -67.38 110.46 -58.38
C37 LHG CN . -67.89 111.75 -57.73
C38 LHG CN . -66.83 112.83 -57.78
MG CHL DN . -70.33 61.39 -61.10
CHA CHL DN . -69.85 64.72 -60.60
CHB CHL DN . -66.92 60.92 -60.90
CHC CHL DN . -70.82 58.24 -61.56
CHD CHL DN . -73.83 62.06 -61.28
NA CHL DN . -68.70 62.60 -60.79
C1A CHL DN . -68.71 63.95 -60.52
C2A CHL DN . -67.33 64.47 -60.19
C3A CHL DN . -66.42 63.31 -60.53
C4A CHL DN . -67.39 62.18 -60.76
CMA CHL DN . -65.26 63.53 -61.49
CAA CHL DN . -67.21 64.91 -58.72
CBA CHL DN . -65.83 65.41 -58.29
CGA CHL DN . -65.25 66.48 -59.16
O1A CHL DN . -65.88 67.40 -59.63
O2A CHL DN . -63.95 66.31 -59.33
NB CHL DN . -69.04 59.82 -61.21
C1B CHL DN . -67.69 59.79 -61.10
C2B CHL DN . -67.25 58.45 -61.23
C3B CHL DN . -68.34 57.64 -61.39
C4B CHL DN . -69.50 58.54 -61.38
CMB CHL DN . -65.82 58.00 -61.18
CAB CHL DN . -68.28 56.18 -61.46
CBB CHL DN . -69.40 55.16 -61.53
NC CHL DN . -72.07 60.36 -61.38
C1C CHL DN . -71.99 59.02 -61.57
C2C CHL DN . -73.34 58.52 -61.78
C3C CHL DN . -74.17 59.59 -61.69
C4C CHL DN . -73.39 60.77 -61.44
CMC CHL DN . -73.81 57.17 -62.05
OMC CHL DN . -73.12 56.18 -62.14
CAC CHL DN . -75.67 59.56 -61.83
CBC CHL DN . -76.37 59.15 -60.56
ND CHL DN . -71.64 62.97 -60.97
C1D CHL DN . -73.00 63.13 -61.05
C2D CHL DN . -73.33 64.50 -60.87
C3D CHL DN . -72.14 65.17 -60.70
C4D CHL DN . -71.12 64.21 -60.76
CMD CHL DN . -74.72 65.06 -60.89
CAD CHL DN . -71.51 66.47 -60.51
OBD CHL DN . -72.03 67.56 -60.39
CBD CHL DN . -70.01 66.25 -60.50
CGD CHL DN . -69.37 66.93 -61.71
O1D CHL DN . -69.91 67.06 -62.77
O2D CHL DN . -68.13 67.31 -61.44
CED CHL DN . -67.36 67.79 -62.56
C1 CHL DN . -63.13 67.11 -60.22
C2 CHL DN . -62.31 66.16 -61.01
C3 CHL DN . -61.04 65.91 -60.73
C4 CHL DN . -60.28 66.61 -59.63
C5 CHL DN . -60.29 64.82 -61.45
C6 CHL DN . -58.89 65.23 -61.90
C7 CHL DN . -58.89 66.12 -63.12
C8 CHL DN . -57.67 65.97 -64.01
C9 CHL DN . -57.56 64.53 -64.52
C10 CHL DN . -57.82 66.97 -65.16
C11 CHL DN . -56.86 66.75 -66.34
C12 CHL DN . -55.40 67.06 -66.03
C13 CHL DN . -54.98 68.51 -66.26
C14 CHL DN . -54.02 68.61 -67.44
C15 CHL DN . -54.46 69.27 -65.05
C16 CHL DN . -54.03 70.70 -65.34
C17 CHL DN . -53.53 71.45 -64.10
C18 CHL DN . -53.23 72.92 -64.29
C19 CHL DN . -54.45 73.68 -64.75
C20 CHL DN . -52.67 73.54 -63.03
MG CLA EN . -73.13 73.41 -56.95
CHA CLA EN . -74.53 71.36 -54.53
CHB CLA EN . -74.04 76.18 -55.19
CHC CLA EN . -71.67 75.27 -59.28
CHD CLA EN . -72.21 70.53 -58.74
NA CLA EN . -74.18 73.76 -55.04
C1A CLA EN . -74.65 72.83 -54.21
C2A CLA EN . -75.30 73.43 -52.98
C3A CLA EN . -75.13 74.94 -53.24
C4A CLA EN . -74.41 74.99 -54.55
CMA CLA EN . -76.30 75.88 -52.98
CAA CLA EN . -74.57 72.99 -51.70
CBA CLA EN . -73.78 74.05 -50.95
CGA CLA EN . -72.33 74.02 -51.38
O1A CLA EN . -72.08 73.55 -52.47
O2A CLA EN . -71.38 74.50 -50.59
NB CLA EN . -72.88 75.42 -57.19
C1B CLA EN . -73.36 76.41 -56.39
C2B CLA EN . -73.02 77.70 -56.94
C3B CLA EN . -72.34 77.43 -58.11
C4B CLA EN . -72.27 75.98 -58.24
CMB CLA EN . -73.37 79.03 -56.34
CAB CLA EN . -71.78 78.39 -59.08
CBB CLA EN . -70.92 79.58 -58.68
NC CLA EN . -72.01 72.97 -58.66
C1C CLA EN . -71.58 73.88 -59.53
C2C CLA EN . -70.98 73.27 -60.75
C3C CLA EN . -71.11 71.93 -60.52
C4C CLA EN . -71.75 71.75 -59.23
CMC CLA EN . -70.38 73.97 -61.94
CAC CLA EN . -70.68 70.79 -61.39
CBC CLA EN . -69.27 70.44 -60.99
ND CLA EN . -73.26 71.44 -56.78
C1D CLA EN . -72.89 70.37 -57.52
C2D CLA EN . -73.30 69.11 -56.92
C3D CLA EN . -73.94 69.51 -55.75
C4D CLA EN . -73.90 70.90 -55.67
CMD CLA EN . -73.16 67.66 -57.31
CAD CLA EN . -74.62 68.99 -54.58
OBD CLA EN . -75.03 67.85 -54.46
CBD CLA EN . -75.10 70.17 -53.79
CGD CLA EN . -76.59 70.20 -53.83
O1D CLA EN . -77.24 69.59 -53.01
O2D CLA EN . -77.23 70.89 -54.77
CED CLA EN . -78.33 71.69 -54.33
C1 CLA EN . -70.57 75.67 -50.97
C2 CLA EN . -69.92 75.81 -52.33
C3 CLA EN . -69.00 76.75 -52.61
C4 CLA EN . -68.57 77.74 -51.57
C5 CLA EN . -68.38 76.84 -53.98
C6 CLA EN . -67.27 77.90 -54.08
C7 CLA EN . -66.73 78.02 -55.51
C8 CLA EN . -65.21 78.11 -55.55
C9 CLA EN . -64.72 79.33 -56.33
C10 CLA EN . -64.61 76.81 -56.09
C11 CLA EN . -64.44 76.80 -57.60
C12 CLA EN . -64.07 75.42 -58.11
C13 CLA EN . -63.59 75.40 -59.56
C14 CLA EN . -64.27 76.50 -60.40
C15 CLA EN . -63.84 74.02 -60.15
C16 CLA EN . -63.58 73.95 -61.65
C17 CLA EN . -64.84 73.51 -62.39
C18 CLA EN . -64.79 72.02 -62.75
C19 CLA EN . -65.76 71.23 -61.87
C20 CLA EN . -65.10 71.81 -64.22
MG CLA FN . -68.87 84.67 -59.15
CHA CLA FN . -70.06 85.55 -56.03
CHB CLA FN . -67.59 81.73 -57.90
CHC CLA FN . -67.94 83.87 -62.21
CHD CLA FN . -70.14 87.72 -60.40
NA CLA FN . -68.83 83.71 -57.17
C1A CLA FN . -69.35 84.21 -56.05
C2A CLA FN . -69.12 83.30 -54.87
C3A CLA FN . -68.35 82.13 -55.48
C4A CLA FN . -68.24 82.52 -56.93
CMA CLA FN . -67.13 81.60 -54.74
CAA CLA FN . -70.45 82.75 -54.37
CBA CLA FN . -70.83 83.22 -52.98
CGA CLA FN . -69.80 82.76 -51.97
O1A CLA FN . -69.72 81.58 -51.70
O2A CLA FN . -69.03 83.67 -51.40
NB CLA FN . -67.93 83.05 -59.95
C1B CLA FN . -67.43 81.96 -59.29
C2B CLA FN . -66.75 81.09 -60.22
C3B CLA FN . -66.85 81.71 -61.44
C4B CLA FN . -67.61 82.95 -61.24
CMB CLA FN . -66.06 79.79 -59.91
CAB CLA FN . -66.31 81.19 -62.72
CBB CLA FN . -65.43 82.02 -63.62
NC CLA FN . -69.11 85.60 -61.02
C1C CLA FN . -68.59 85.13 -62.15
C2C CLA FN . -68.78 86.03 -63.30
C3C CLA FN . -69.44 87.10 -62.77
C4C CLA FN . -69.64 86.83 -61.36
CMC CLA FN . -68.33 85.82 -64.73
CAC CLA FN . -69.90 88.33 -63.49
CBC CLA FN . -71.39 88.18 -63.76
ND CLA FN . -69.86 86.24 -58.51
C1D CLA FN . -70.31 87.41 -59.05
C2D CLA FN . -70.91 88.29 -58.05
C3D CLA FN . -70.82 87.55 -56.88
C4D CLA FN . -70.19 86.34 -57.17
CMD CLA FN . -71.54 89.66 -58.12
CAD CLA FN . -71.14 87.59 -55.47
OBD CLA FN . -71.90 88.38 -54.95
CBD CLA FN . -70.67 86.30 -54.86
CGD CLA FN . -69.63 86.60 -53.83
O1D CLA FN . -69.80 86.29 -52.67
O2D CLA FN . -68.51 87.23 -54.17
CED CLA FN . -67.29 86.56 -53.86
C1 CLA FN . -67.59 83.63 -51.62
C2 CLA FN . -66.72 82.57 -51.00
C3 CLA FN . -65.39 82.67 -51.12
C4 CLA FN . -64.48 81.65 -50.51
C5 CLA FN . -64.73 83.81 -51.86
C6 CLA FN . -63.76 83.28 -52.92
C7 CLA FN . -62.73 84.34 -53.27
C8 CLA FN . -62.71 84.64 -54.76
C9 CLA FN . -62.44 83.39 -55.58
C10 CLA FN . -61.66 85.72 -55.05
C11 CLA FN . -61.54 86.01 -56.54
C12 CLA FN . -62.03 87.43 -56.86
C13 CLA FN . -61.00 88.23 -57.63
C14 CLA FN . -60.58 89.46 -56.84
C15 CLA FN . -61.56 88.62 -59.00
C16 CLA FN . -60.79 87.93 -60.11
C17 CLA FN . -61.46 88.15 -61.47
C18 CLA FN . -60.43 88.54 -62.53
C19 CLA FN . -59.45 87.41 -62.79
C20 CLA FN . -61.11 88.97 -63.83
MG CLA GN . -77.36 88.60 -77.82
CHA CLA GN . -76.09 90.53 -80.41
CHB CLA GN . -75.65 90.50 -75.51
CHC CLA GN . -78.74 86.79 -75.43
CHD CLA GN . -79.16 86.71 -80.21
NA CLA GN . -76.01 90.35 -77.92
C1A CLA GN . -75.62 90.98 -79.03
C2A CLA GN . -74.70 92.12 -78.73
C3A CLA GN . -74.57 92.07 -77.21
C4A CLA GN . -75.45 90.92 -76.83
CMA CLA GN . -73.19 92.16 -76.58
CAA CLA GN . -75.35 93.45 -79.14
CBA CLA GN . -76.62 93.78 -78.36
CGA CLA GN . -77.86 93.65 -79.23
O1A CLA GN . -78.22 92.56 -79.62
O2A CLA GN . -78.54 94.74 -79.54
NB CLA GN . -77.23 88.64 -75.79
C1B CLA GN . -76.45 89.45 -75.02
C2B CLA GN . -76.58 89.08 -73.63
C3B CLA GN . -77.46 88.04 -73.61
C4B CLA GN . -77.85 87.77 -75.00
CMB CLA GN . -75.88 89.77 -72.49
CAB CLA GN . -77.98 87.25 -72.45
CBB CLA GN . -77.11 86.80 -71.30
NC CLA GN . -78.75 87.03 -77.81
C1C CLA GN . -79.15 86.39 -76.72
C2C CLA GN . -80.05 85.25 -77.01
C3C CLA GN . -80.17 85.25 -78.37
C4C CLA GN . -79.35 86.36 -78.86
CMC CLA GN . -80.69 84.32 -76.02
CAC CLA GN . -80.98 84.27 -79.20
CBC CLA GN . -82.31 84.90 -79.55
ND CLA GN . -77.64 88.55 -79.78
C1D CLA GN . -78.34 87.77 -80.66
C2D CLA GN . -78.10 88.17 -82.05
C3D CLA GN . -77.23 89.24 -81.93
C4D CLA GN . -76.96 89.46 -80.57
CMD CLA GN . -78.58 87.68 -83.39
CAD CLA GN . -76.50 90.19 -82.73
OBD CLA GN . -76.08 89.90 -83.84
CBD CLA GN . -75.77 91.09 -81.78
CGD CLA GN . -74.30 90.96 -82.07
O1D CLA GN . -73.65 91.95 -82.36
O2D CLA GN . -73.72 89.77 -82.03
CED CLA GN . -72.57 89.67 -81.17
C1 CLA GN . -79.47 95.31 -78.58
C2 CLA GN . -80.03 94.48 -77.44
C3 CLA GN . -81.28 94.61 -76.99
C4 CLA GN . -82.23 95.60 -77.61
MG CHL HN . -81.44 103.86 -81.14
CHA CHL HN . -84.32 102.35 -82.12
CHB CHL HN . -81.51 105.75 -84.02
CHC CHL HN . -78.66 105.27 -80.21
CHD CHL HN . -81.47 101.82 -78.24
NA CHL HN . -82.70 104.01 -82.75
C1A CHL HN . -83.91 103.38 -82.92
C2A CHL HN . -84.65 103.88 -84.15
C3A CHL HN . -83.63 104.76 -84.83
C4A CHL HN . -82.52 104.87 -83.81
CMA CHL HN . -83.29 104.53 -86.30
CAA CHL HN . -85.91 104.66 -83.77
CBA CHL HN . -86.72 105.19 -84.94
CGA CHL HN . -88.00 104.45 -85.16
O1A CHL HN . -88.35 103.48 -84.54
O2A CHL HN . -88.70 104.98 -86.14
NB CHL HN . -80.27 105.30 -82.01
C1B CHL HN . -80.44 105.95 -83.18
C2B CHL HN . -79.36 106.85 -83.36
C3B CHL HN . -78.51 106.76 -82.28
C4B CHL HN . -79.11 105.74 -81.40
CMB CHL HN . -79.18 107.77 -84.54
CAB CHL HN . -77.30 107.55 -82.10
CBB CHL HN . -76.32 107.55 -80.94
NC CHL HN . -80.30 103.57 -79.47
C1C CHL HN . -79.15 104.31 -79.33
C2C CHL HN . -78.54 103.91 -78.07
C3C CHL HN . -79.35 102.96 -77.51
C4C CHL HN . -80.46 102.73 -78.39
CMC CHL HN . -77.30 104.34 -77.46
OMC CHL HN . -76.55 105.17 -77.91
CAC CHL HN . -79.13 102.28 -76.19
CBC CHL HN . -79.82 102.99 -75.05
ND CHL HN . -82.59 102.42 -80.27
C1D CHL HN . -82.50 101.66 -79.14
C2D CHL HN . -83.58 100.73 -79.10
C3D CHL HN . -84.32 100.95 -80.24
C4D CHL HN . -83.70 102.00 -80.94
CMD CHL HN . -83.82 99.74 -78.00
CAD CHL HN . -85.48 100.55 -81.01
OBD CHL HN . -86.28 99.66 -80.75
CBD CHL HN . -85.53 101.41 -82.25
CGD CHL HN . -85.48 100.54 -83.50
O1D CHL HN . -84.82 99.53 -83.62
O2D CHL HN . -86.27 101.03 -84.46
CED CHL HN . -86.29 100.29 -85.70
C1 CHL HN . -89.99 104.46 -86.55
C2 CHL HN . -91.02 105.00 -85.62
MG CHL IN . -76.67 94.98 -73.33
CHA CHL IN . -79.55 96.55 -74.16
CHB CHL IN . -78.27 93.49 -70.70
CHC CHL IN . -73.84 93.64 -72.48
CHD CHL IN . -75.13 96.58 -76.12
NA CHL IN . -78.58 94.99 -72.61
C1A CHL IN . -79.67 95.67 -73.11
C2A CHL IN . -80.95 95.37 -72.34
C3A CHL IN . -80.44 94.61 -71.14
C4A CHL IN . -78.99 94.33 -71.47
CMA CHL IN . -80.79 95.11 -69.74
CAA CHL IN . -81.96 94.50 -73.12
CBA CHL IN . -83.14 95.23 -73.75
CGA CHL IN . -84.49 94.83 -73.22
O1A CHL IN . -84.69 93.95 -72.43
O2A CHL IN . -85.44 95.60 -73.73
NB CHL IN . -76.15 93.72 -71.81
C1B CHL IN . -76.93 93.16 -70.87
C2B CHL IN . -76.14 92.28 -70.07
C3B CHL IN . -74.82 92.36 -70.53
C4B CHL IN . -74.87 93.27 -71.65
CMB CHL IN . -76.68 91.36 -69.01
CAB CHL IN . -73.60 91.72 -70.04
CBB CHL IN . -73.32 90.74 -68.91
NC CHL IN . -74.81 95.11 -74.20
C1C CHL IN . -73.78 94.46 -73.59
C2C CHL IN . -72.57 94.74 -74.37
C3C CHL IN . -72.95 95.55 -75.40
C4C CHL IN . -74.36 95.79 -75.31
CMC CHL IN . -71.19 94.32 -74.16
OMC CHL IN . -70.79 93.60 -73.25
CAC CHL IN . -72.04 96.10 -76.46
CBC CHL IN . -71.36 97.35 -76.03
ND CHL IN . -77.13 96.24 -74.87
C1D CHL IN . -76.49 96.79 -75.95
C2D CHL IN . -77.39 97.59 -76.69
C3D CHL IN . -78.59 97.54 -76.03
C4D CHL IN . -78.43 96.70 -74.92
CMD CHL IN . -77.06 98.30 -77.97
CAD CHL IN . -79.94 98.07 -75.99
OBD CHL IN . -80.49 98.82 -76.77
CBD CHL IN . -80.61 97.49 -74.76
CGD CHL IN . -80.98 98.61 -73.79
O1D CHL IN . -80.52 98.75 -72.69
O2D CHL IN . -81.89 99.41 -74.33
CED CHL IN . -82.34 100.51 -73.50
C1 CHL IN . -86.83 95.53 -73.34
C2 CHL IN . -87.10 96.69 -72.44
C3 CHL IN . -87.22 97.93 -72.88
C4 CHL IN . -87.11 98.33 -74.32
MG CHL JN . -67.08 93.42 -71.43
CHA CHL JN . -64.50 93.82 -73.60
CHB CHL JN . -65.72 90.39 -70.47
CHC CHL JN . -69.61 92.99 -69.47
CHD CHL JN . -68.39 96.53 -72.55
NA CHL JN . -65.39 92.35 -71.90
C1A CHL JN . -64.40 92.71 -72.79
C2A CHL JN . -63.26 91.69 -72.83
C3A CHL JN . -63.76 90.57 -71.94
C4A CHL JN . -65.05 91.13 -71.37
CMA CHL JN . -63.72 89.12 -72.41
CAA CHL JN . -61.90 92.24 -72.36
CBA CHL JN . -60.70 91.68 -73.10
CGA CHL JN . -60.38 90.24 -72.76
O1A CHL JN . -60.51 89.31 -73.50
O2A CHL JN . -59.95 90.14 -71.51
NB CHL JN . -67.55 91.90 -70.15
C1B CHL JN . -66.91 90.76 -69.86
C2B CHL JN . -67.65 90.01 -68.92
C3B CHL JN . -68.82 90.74 -68.63
C4B CHL JN . -68.71 91.94 -69.43
CMB CHL JN . -67.23 88.68 -68.35
CAB CHL JN . -69.95 90.42 -67.77
CBB CHL JN . -70.25 89.25 -66.88
NC CHL JN . -68.71 94.61 -71.07
C1C CHL JN . -69.64 94.19 -70.17
C2C CHL JN . -70.67 95.21 -70.08
C3C CHL JN . -70.29 96.23 -70.93
C4C CHL JN . -69.07 95.85 -71.57
CMC CHL JN . -71.89 95.25 -69.30
OMC CHL JN . -72.28 94.38 -68.55
CAC CHL JN . -71.01 97.53 -71.12
CBC CHL JN . -72.09 97.46 -72.17
ND CHL JN . -66.61 94.93 -72.72
C1D CHL JN . -67.21 96.08 -73.12
C2D CHL JN . -66.45 96.68 -74.16
C3D CHL JN . -65.39 95.83 -74.39
C4D CHL JN . -65.50 94.76 -73.49
CMD CHL JN . -66.78 97.98 -74.83
CAD CHL JN . -64.21 95.60 -75.21
OBD CHL JN . -63.78 96.28 -76.12
CBD CHL JN . -63.59 94.30 -74.75
CGD CHL JN . -63.54 93.32 -75.91
O1D CHL JN . -64.45 92.64 -76.29
O2D CHL JN . -62.33 93.33 -76.48
CED CHL JN . -62.17 92.48 -77.63
C1 CHL JN . -59.63 88.87 -70.89
C2 CHL JN . -60.60 88.64 -69.79
C3 CHL JN . -61.42 87.58 -69.77
C4 CHL JN . -61.45 86.53 -70.85
MG CHL KN . -87.22 90.11 -61.68
CHA CHL KN . -85.41 87.63 -63.14
CHB CHL KN . -86.95 92.00 -64.54
CHC CHL KN . -89.19 92.33 -60.33
CHD CHL KN . -87.37 88.13 -58.74
NA CHL KN . -86.31 89.88 -63.50
C1A CHL KN . -85.65 88.76 -63.94
C2A CHL KN . -85.20 88.94 -65.41
C3A CHL KN . -85.46 90.40 -65.69
C4A CHL KN . -86.28 90.82 -64.49
CMA CHL KN . -84.33 91.29 -66.20
CAA CHL KN . -85.93 88.02 -66.40
CBA CHL KN . -87.45 88.13 -66.39
CGA CHL KN . -88.14 87.00 -67.09
NB CHL KN . -87.95 91.90 -62.35
C1B CHL KN . -87.75 92.52 -63.54
C2B CHL KN . -88.50 93.72 -63.57
C3B CHL KN . -89.19 93.84 -62.39
C4B CHL KN . -88.81 92.67 -61.60
CMB CHL KN . -88.53 94.69 -64.72
CAB CHL KN . -90.15 94.91 -62.09
CBB CHL KN . -91.07 95.07 -60.91
NC CHL KN . -88.09 90.19 -59.82
C1C CHL KN . -88.88 91.25 -59.52
C2C CHL KN . -89.38 91.04 -58.17
C3C CHL KN . -88.85 89.87 -57.73
C4C CHL KN . -88.04 89.32 -58.77
CMC CHL KN . -90.28 91.85 -57.37
OMC CHL KN . -90.78 92.91 -57.72
CAC CHL KN . -89.09 89.25 -56.38
CBC CHL KN . -90.22 88.25 -56.39
ND CHL KN . -86.53 88.33 -60.98
C1D CHL KN . -86.61 87.65 -59.79
C2D CHL KN . -85.89 86.42 -59.89
C3D CHL KN . -85.40 86.37 -61.17
C4D CHL KN . -85.79 87.54 -61.83
CMD CHL KN . -85.75 85.42 -58.79
CAD CHL KN . -84.67 85.57 -62.13
OBD CHL KN . -84.12 84.50 -61.95
CBD CHL KN . -84.70 86.31 -63.45
CGD CHL KN . -83.31 86.49 -64.05
O1D CHL KN . -82.33 86.82 -63.43
O2D CHL KN . -83.34 86.29 -65.36
CED CHL KN . -82.21 86.82 -66.10
MG CHL LN . -75.48 91.81 -59.41
CHA CHL LN . -75.29 89.42 -57.00
CHB CHL LN . -76.64 94.01 -57.03
CHC CHL LN . -75.69 94.05 -61.72
CHD CHL LN . -74.28 89.41 -61.73
NA CHL LN . -75.88 91.72 -57.41
C1A CHL LN . -75.61 90.67 -56.56
C2A CHL LN . -75.79 91.06 -55.11
C3A CHL LN . -76.53 92.35 -55.20
C4A CHL LN . -76.35 92.75 -56.64
CMA CHL LN . -77.93 92.45 -54.61
CAA CHL LN . -74.43 91.16 -54.40
CBA CHL LN . -73.29 91.62 -55.31
CGA CHL LN . -71.91 91.45 -54.76
O1A CHL LN . -71.66 91.02 -53.66
O2A CHL LN . -70.99 91.82 -55.62
NB CHL LN . -76.08 93.74 -59.36
C1B CHL LN . -76.53 94.48 -58.32
C2B CHL LN . -76.82 95.80 -58.79
C3B CHL LN . -76.53 95.86 -60.13
C4B CHL LN . -76.06 94.52 -60.49
CMB CHL LN . -77.40 96.90 -57.96
CAB CHL LN . -76.60 97.08 -60.93
CBB CHL LN . -76.18 97.31 -62.36
NC CHL LN . -75.03 91.70 -61.41
C1C CHL LN . -75.24 92.81 -62.16
C2C CHL LN . -74.90 92.50 -63.53
C3C CHL LN . -74.50 91.16 -63.54
C4C CHL LN . -74.58 90.67 -62.20
CMC CHL LN . -74.95 93.44 -64.64
OMC CHL LN . -74.62 93.22 -65.79
CAC CHL LN . -74.09 90.35 -64.74
CBC CHL LN . -75.27 89.82 -65.51
ND CHL LN . -74.87 89.86 -59.45
C1D CHL LN . -74.39 89.02 -60.41
C2D CHL LN . -74.13 87.73 -59.84
C3D CHL LN . -74.49 87.82 -58.50
C4D CHL LN . -74.93 89.13 -58.29
CMD CHL LN . -73.57 86.56 -60.58
CAD CHL LN . -74.62 87.12 -57.22
OBD CHL LN . -74.34 85.95 -56.97
CBD CHL LN . -75.15 88.11 -56.20
CGD CHL LN . -76.50 87.75 -55.58
O1D CHL LN . -77.56 88.17 -55.95
O2D CHL LN . -76.34 86.96 -54.52
CED CHL LN . -77.54 86.74 -53.73
C1 CHL LN . -69.58 91.88 -55.31
C2 CHL LN . -68.92 90.65 -55.82
C3 CHL LN . -68.32 90.61 -57.00
C4 CHL LN . -68.27 91.79 -57.94
C5 CHL LN . -67.59 89.37 -57.47
C6 CHL LN . -66.46 89.67 -58.46
C7 CHL LN . -65.43 88.54 -58.55
C8 CHL LN . -65.95 87.22 -59.13
C9 CHL LN . -66.12 87.32 -60.64
C10 CHL LN . -64.91 86.18 -58.71
C11 CHL LN . -64.60 85.09 -59.74
C12 CHL LN . -63.45 84.18 -59.31
C13 CHL LN . -63.15 83.04 -60.27
C14 CHL LN . -62.64 81.81 -59.52
C15 CHL LN . -62.26 83.35 -61.48
C16 CHL LN . -62.10 82.21 -62.48
C17 CHL LN . -61.37 82.60 -63.76
C18 CHL LN . -59.91 82.98 -63.61
C19 CHL LN . -59.09 81.81 -63.09
C20 CHL LN . -59.33 83.51 -64.91
MG CLA MN . -86.86 79.10 -65.88
CHA CLA MN . -89.56 79.63 -63.80
CHB CLA MN . -87.59 75.74 -66.04
CHC CLA MN . -84.30 78.72 -67.93
CHD CLA MN . -86.15 82.56 -65.71
NA CLA MN . -88.43 77.80 -65.02
C1A CLA MN . -89.41 78.18 -64.21
C2A CLA MN . -90.29 77.04 -63.79
C3A CLA MN . -89.63 75.85 -64.50
C4A CLA MN . -88.47 76.46 -65.24
CMA CLA MN . -89.42 74.58 -63.69
CAA CLA MN . -91.70 77.16 -64.36
CBA CLA MN . -91.73 77.77 -65.76
CGA CLA MN . -92.03 76.70 -66.79
O1A CLA MN . -92.42 75.61 -66.41
O2A CLA MN . -91.89 76.97 -68.08
NB CLA MN . -86.07 77.48 -66.84
C1B CLA MN . -86.48 76.17 -66.79
C2B CLA MN . -85.62 75.34 -67.60
C3B CLA MN . -84.69 76.21 -68.13
C4B CLA MN . -84.99 77.54 -67.64
CMB CLA MN . -85.77 73.86 -67.79
CAB CLA MN . -83.55 75.91 -69.04
CBB CLA MN . -83.73 75.12 -70.32
NC CLA MN . -85.49 80.44 -66.74
C1C CLA MN . -84.50 80.06 -67.54
C2C CLA MN . -83.67 81.21 -67.96
C3C CLA MN . -84.23 82.28 -67.36
C4C CLA MN . -85.37 81.81 -66.59
CMC CLA MN . -82.47 81.17 -68.87
CAC CLA MN . -83.76 83.72 -67.46
CBC CLA MN . -84.51 84.40 -68.59
ND CLA MN . -87.58 80.74 -65.02
C1D CLA MN . -87.26 82.06 -65.02
C2D CLA MN . -88.21 82.83 -64.21
C3D CLA MN . -89.09 81.87 -63.74
C4D CLA MN . -88.71 80.64 -64.24
CMD CLA MN . -88.34 84.29 -63.85
CAD CLA MN . -90.28 81.71 -62.92
OBD CLA MN . -91.10 82.59 -62.73
CBD CLA MN . -90.58 80.24 -62.86
CGD CLA MN . -90.31 79.72 -61.48
O1D CLA MN . -89.41 80.17 -60.79
O2D CLA MN . -91.05 78.72 -61.00
CED CLA MN . -91.94 79.06 -59.94
C1 CLA MN . -91.19 76.04 -68.96
C2 CLA MN . -89.83 76.33 -69.55
C3 CLA MN . -89.49 75.82 -70.74
C4 CLA MN . -90.46 74.94 -71.51
C5 CLA MN . -88.15 76.07 -71.40
C6 CLA MN . -88.34 76.27 -72.90
C7 CLA MN . -87.10 76.87 -73.56
C8 CLA MN . -87.48 78.09 -74.37
C9 CLA MN . -88.43 77.72 -75.50
C10 CLA MN . -86.23 78.77 -74.90
C11 CLA MN . -86.56 80.17 -75.39
C12 CLA MN . -85.76 81.23 -74.63
C13 CLA MN . -85.66 82.50 -75.45
C14 CLA MN . -84.66 83.47 -74.82
C15 CLA MN . -87.04 83.13 -75.57
C16 CLA MN . -87.56 83.59 -74.21
C17 CLA MN . -88.56 84.74 -74.34
C18 CLA MN . -87.94 86.09 -74.01
C19 CLA MN . -89.02 87.16 -73.88
C20 CLA MN . -87.10 86.03 -72.73
MG CLA NN . -78.75 62.78 -68.65
CHA CLA NN . -81.75 64.16 -67.61
CHB CLA NN . -80.06 59.60 -68.42
CHC CLA NN . -75.87 61.60 -69.78
CHD CLA NN . -77.43 66.06 -68.94
NA CLA NN . -80.71 61.93 -68.07
C1A CLA NN . -81.78 62.64 -67.68
C2A CLA NN . -82.93 61.74 -67.32
C3A CLA NN . -82.36 60.33 -67.59
C4A CLA NN . -80.97 60.61 -68.06
CMA CLA NN . -82.61 59.20 -66.59
CAA CLA NN . -84.15 61.97 -68.22
CBA CLA NN . -85.35 62.37 -67.35
CGA CLA NN . -86.32 63.21 -68.16
O1A CLA NN . -87.48 63.30 -67.79
O2A CLA NN . -85.89 63.82 -69.25
NB CLA NN . -78.07 60.90 -69.04
C1B CLA NN . -78.72 59.71 -68.87
C2B CLA NN . -77.86 58.61 -69.22
C3B CLA NN . -76.68 59.19 -69.60
C4B CLA NN . -76.84 60.64 -69.48
CMB CLA NN . -78.19 57.14 -69.17
CAB CLA NN . -75.43 58.55 -70.07
CBB CLA NN . -75.39 57.71 -71.32
NC CLA NN . -76.96 63.69 -69.29
C1C CLA NN . -75.88 63.01 -69.68
C2C CLA NN . -74.72 63.88 -69.97
C3C CLA NN . -75.19 65.15 -69.74
C4C CLA NN . -76.58 65.01 -69.32
CMC CLA NN . -73.36 63.46 -70.42
CAC CLA NN . -74.42 66.44 -69.88
CBC CLA NN . -74.60 66.99 -71.28
ND CLA NN . -79.33 64.65 -68.40
C1D CLA NN . -78.75 65.88 -68.51
C2D CLA NN . -79.65 66.94 -68.09
C3D CLA NN . -80.81 66.26 -67.75
C4D CLA NN . -80.61 64.89 -67.94
CMD CLA NN . -79.54 68.45 -67.99
CAD CLA NN . -82.14 66.48 -67.25
OBD CLA NN . -82.38 67.36 -66.43
CBD CLA NN . -82.81 65.14 -67.19
CGD CLA NN . -83.22 64.90 -65.77
O1D CLA NN . -82.38 64.58 -64.95
O2D CLA NN . -84.48 65.04 -65.38
CED CLA NN . -84.72 66.08 -64.43
MG CLA ON . -82.54 70.74 -74.22
CHA CLA ON . -85.13 68.78 -73.04
CHB CLA ON . -84.61 73.50 -74.32
CHC CLA ON . -79.95 72.54 -75.23
CHD CLA ON . -80.42 67.90 -74.11
NA CLA ON . -84.65 71.13 -73.72
C1A CLA ON . -85.52 70.23 -73.26
C2A CLA ON . -86.89 70.83 -73.05
C3A CLA ON . -86.69 72.29 -73.48
C4A CLA ON . -85.24 72.35 -73.86
CMA CLA ON . -87.74 72.95 -74.37
CAA CLA ON . -87.27 70.81 -71.57
CBA CLA ON . -88.75 70.54 -71.38
CGA CLA ON . -89.06 69.08 -71.63
NB CLA ON . -82.30 72.71 -74.69
C1B CLA ON . -83.27 73.69 -74.71
C2B CLA ON . -82.69 74.92 -75.19
C3B CLA ON . -81.38 74.65 -75.44
C4B CLA ON . -81.16 73.24 -75.13
CMB CLA ON . -83.39 76.24 -75.36
CAB CLA ON . -80.36 75.59 -75.94
CBB CLA ON . -79.71 75.37 -77.29
NC CLA ON . -80.51 70.30 -74.55
C1C CLA ON . -79.62 71.19 -75.00
C2C CLA ON . -78.29 70.59 -75.22
C3C CLA ON . -78.42 69.28 -74.87
C4C CLA ON . -79.81 69.11 -74.46
CMC CLA ON . -77.04 71.30 -75.72
CAC CLA ON . -77.37 68.20 -74.90
CBC CLA ON . -77.30 67.58 -76.28
ND CLA ON . -82.63 68.83 -73.73
C1D CLA ON . -81.76 67.77 -73.70
C2D CLA ON . -82.41 66.55 -73.22
C3D CLA ON . -83.71 66.96 -72.98
C4D CLA ON . -83.84 68.32 -73.27
CMD CLA ON . -81.95 65.13 -73.00
CAD CLA ON . -84.99 66.47 -72.51
OBD CLA ON . -85.25 65.32 -72.21
CBD CLA ON . -85.97 67.60 -72.59
CGD CLA ON . -87.01 67.26 -73.61
O1D CLA ON . -87.81 66.36 -73.40
O2D CLA ON . -87.07 67.91 -74.77
CED CLA ON . -88.40 68.22 -75.24
MG CLA PN . -63.93 72.50 -73.26
CHA CLA PN . -61.27 72.52 -75.50
CHB CLA PN . -65.99 71.07 -75.61
CHC CLA PN . -66.34 72.46 -70.97
CHD CLA PN . -61.78 73.92 -70.84
NA CLA PN . -63.68 71.84 -75.35
C1A CLA PN . -62.54 71.92 -76.07
C2A CLA PN . -62.72 71.39 -77.46
C3A CLA PN . -64.21 70.95 -77.47
C4A CLA PN . -64.68 71.29 -76.08
CMA CLA PN . -65.07 71.26 -78.68
CAA CLA PN . -61.86 70.15 -77.70
CBA CLA PN . -61.88 69.23 -76.49
CGA CLA PN . -60.51 69.13 -75.87
O1A CLA PN . -59.63 68.54 -76.47
O2A CLA PN . -60.29 69.71 -74.70
NB CLA PN . -65.86 71.86 -73.28
C1B CLA PN . -66.55 71.32 -74.33
C2B CLA PN . -67.92 71.05 -73.92
C3B CLA PN . -68.00 71.45 -72.62
C4B CLA PN . -66.68 71.96 -72.23
CMB CLA PN . -69.02 70.46 -74.76
CAB CLA PN . -69.16 71.42 -71.70
CBB CLA PN . -69.86 70.12 -71.35
NC CLA PN . -64.03 73.06 -71.22
C1C CLA PN . -65.13 73.00 -70.48
C2C CLA PN . -64.93 73.56 -69.12
C3C CLA PN . -63.63 73.96 -69.10
C4C CLA PN . -63.08 73.65 -70.41
CMC CLA PN . -65.95 73.67 -68.02
CAC CLA PN . -62.91 74.61 -67.94
CBC CLA PN . -62.04 73.60 -67.23
ND CLA PN . -62.04 73.06 -73.09
C1D CLA PN . -61.28 73.64 -72.13
C2D CLA PN . -59.94 73.95 -72.59
C3D CLA PN . -59.95 73.51 -73.91
C4D CLA PN . -61.20 72.98 -74.19
CMD CLA PN . -58.72 74.59 -71.96
CAD CLA PN . -59.10 73.40 -75.07
OBD CLA PN . -58.02 73.95 -75.21
CBD CLA PN . -59.90 72.71 -76.12
CGD CLA PN . -59.95 73.63 -77.32
O1D CLA PN . -60.56 74.69 -77.26
O2D CLA PN . -59.32 73.29 -78.43
CED CLA PN . -58.15 74.05 -78.75
C1 CLA PN . -60.69 69.10 -73.43
C2 CLA PN . -62.12 69.19 -72.93
C3 CLA PN . -62.40 69.48 -71.66
C4 CLA PN . -61.33 69.73 -70.64
C5 CLA PN . -63.82 69.57 -71.15
C6 CLA PN . -64.00 68.69 -69.92
C7 CLA PN . -65.44 68.19 -69.84
C8 CLA PN . -65.68 67.05 -70.83
C9 CLA PN . -66.86 67.37 -71.75
C10 CLA PN . -65.90 65.74 -70.08
C11 CLA PN . -64.79 64.72 -70.30
C12 CLA PN . -64.20 64.75 -71.70
C13 CLA PN . -64.54 63.51 -72.52
C14 CLA PN . -65.96 63.60 -73.09
C15 CLA PN . -64.36 62.25 -71.68
C16 CLA PN . -63.34 61.32 -72.33
C17 CLA PN . -61.92 61.88 -72.14
C18 CLA PN . -61.00 60.85 -71.52
C19 CLA PN . -59.55 61.19 -71.85
C20 CLA PN . -61.21 60.72 -70.02
MG CLA QN . -64.92 64.42 -79.68
CHA CLA QN . -62.49 64.13 -77.24
CHB CLA QN . -63.45 61.88 -81.50
CHC CLA QN . -67.35 64.71 -81.91
CHD CLA QN . -66.42 67.02 -77.81
NA CLA QN . -63.15 63.11 -79.42
C1A CLA QN . -62.31 63.15 -78.38
C2A CLA QN . -61.21 62.13 -78.51
C3A CLA QN . -61.53 61.47 -79.86
C4A CLA QN . -62.78 62.17 -80.31
CMA CLA QN . -60.41 61.19 -80.86
CAA CLA QN . -61.33 61.07 -77.42
CBA CLA QN . -62.76 60.59 -77.20
CGA CLA QN . -62.88 59.14 -77.64
O1A CLA QN . -62.35 58.27 -76.96
O2A CLA QN . -63.54 58.84 -78.74
NB CLA QN . -65.34 63.44 -81.43
C1B CLA QN . -64.62 62.47 -82.04
C2B CLA QN . -65.25 62.09 -83.28
C3B CLA QN . -66.35 62.90 -83.39
C4B CLA QN . -66.39 63.75 -82.20
CMB CLA QN . -64.76 61.03 -84.25
CAB CLA QN . -67.35 62.95 -84.47
CBB CLA QN . -66.98 63.20 -85.91
NC CLA QN . -66.65 65.61 -79.79
C1C CLA QN . -67.48 65.61 -80.83
C2C CLA QN . -68.55 66.64 -80.71
C3C CLA QN . -68.28 67.26 -79.52
C4C CLA QN . -67.11 66.61 -78.96
CMC CLA QN . -69.65 66.93 -81.70
CAC CLA QN . -69.07 68.39 -78.92
CBC CLA QN . -70.04 67.86 -77.88
ND CLA QN . -64.63 65.39 -77.98
C1D CLA QN . -65.26 66.39 -77.30
C2D CLA QN . -64.58 66.70 -76.05
C3D CLA QN . -63.51 65.82 -76.04
C4D CLA QN . -63.55 65.04 -77.20
CMD CLA QN . -64.83 67.68 -74.94
CAD CLA QN . -62.37 65.42 -75.25
OBD CLA QN . -61.95 66.00 -74.26
CBD CLA QN . -61.63 64.36 -76.02
CGD CLA QN . -60.29 64.89 -76.45
O1D CLA QN . -60.21 65.81 -77.24
O2D CLA QN . -59.18 64.36 -75.97
CED CLA QN . -58.40 65.18 -75.10
C1 CLA QN . -64.84 59.43 -79.06
C2 CLA QN . -66.00 59.37 -78.09
C3 CLA QN . -67.23 59.00 -78.49
C4 CLA QN . -67.50 58.63 -79.92
C1 LUT RN . -69.10 73.46 -78.11
C2 LUT RN . -68.03 74.29 -78.81
C3 LUT RN . -66.79 74.43 -77.95
C4 LUT RN . -67.18 75.18 -76.68
C5 LUT RN . -68.32 74.48 -75.98
C6 LUT RN . -69.30 73.89 -76.67
C7 LUT RN . -70.60 73.61 -76.01
C8 LUT RN . -71.52 74.55 -75.78
C9 LUT RN . -72.79 74.15 -75.12
C10 LUT RN . -73.71 75.10 -74.86
C11 LUT RN . -74.97 74.76 -74.21
C12 LUT RN . -75.90 75.71 -74.13
C13 LUT RN . -77.21 75.46 -73.49
C14 LUT RN . -78.09 76.47 -73.44
C15 LUT RN . -79.41 76.32 -72.85
C16 LUT RN . -68.66 72.00 -78.11
C17 LUT RN . -70.39 73.60 -78.91
C18 LUT RN . -68.30 74.46 -74.48
C19 LUT RN . -73.03 72.71 -74.77
C20 LUT RN . -77.52 74.10 -72.92
O3 LUT RN . -65.81 75.18 -78.66
C21 LUT RN . -91.30 80.37 -70.72
C22 LUT RN . -92.59 80.06 -69.98
C23 LUT RN . -92.89 81.08 -68.90
C24 LUT RN . -91.79 80.96 -67.85
C25 LUT RN . -90.47 81.25 -68.52
C26 LUT RN . -90.18 80.76 -69.75
C27 LUT RN . -88.83 81.04 -70.30
C28 LUT RN . -87.88 80.11 -70.26
C29 LUT RN . -86.52 80.33 -70.80
C30 LUT RN . -85.79 79.26 -71.15
C31 LUT RN . -84.45 79.36 -71.68
C32 LUT RN . -83.59 78.36 -71.49
C33 LUT RN . -82.22 78.43 -72.02
C34 LUT RN . -81.60 77.29 -72.40
C35 LUT RN . -80.25 77.34 -72.95
C36 LUT RN . -91.52 81.56 -71.65
C37 LUT RN . -90.93 79.14 -71.55
C38 LUT RN . -89.48 82.10 -67.78
C39 LUT RN . -85.98 81.73 -70.93
C40 LUT RN . -81.52 79.75 -72.13
O23 LUT RN . -94.17 80.81 -68.32
C1 LUT SN . -71.23 88.93 -73.04
C2 LUT SN . -70.71 88.80 -74.47
C3 LUT SN . -71.83 88.52 -75.46
C4 LUT SN . -72.49 87.21 -75.10
C5 LUT SN . -72.88 87.19 -73.63
C6 LUT SN . -72.13 87.76 -72.69
C7 LUT SN . -72.19 87.29 -71.28
C8 LUT SN . -71.65 86.15 -70.85
C9 LUT SN . -71.76 85.77 -69.43
C10 LUT SN . -71.30 84.58 -69.01
C11 LUT SN . -71.39 84.19 -67.60
C12 LUT SN . -70.96 83.00 -67.22
C13 LUT SN . -71.00 82.54 -65.82
C14 LUT SN . -70.49 81.33 -65.49
C15 LUT SN . -70.47 80.86 -64.11
C16 LUT SN . -72.05 90.21 -72.92
C17 LUT SN . -70.04 88.99 -72.10
C18 LUT SN . -74.17 86.52 -73.27
C19 LUT SN . -72.38 86.72 -68.45
C20 LUT SN . -71.57 83.43 -64.76
O3 LUT SN . -71.28 88.42 -76.77
C21 LUT SN . -66.49 73.07 -54.32
C22 LUT SN . -66.64 72.04 -53.20
C23 LUT SN . -67.96 71.31 -53.13
C24 LUT SN . -69.08 72.34 -53.13
C25 LUT SN . -68.98 73.11 -54.42
C26 LUT SN . -67.80 73.41 -55.01
C27 LUT SN . -67.84 73.70 -56.47
C28 LUT SN . -67.67 74.94 -56.95
C29 LUT SN . -67.72 75.21 -58.41
C30 LUT SN . -68.00 76.45 -58.84
C31 LUT SN . -68.05 76.82 -60.26
C32 LUT SN . -68.90 77.75 -60.68
C33 LUT SN . -68.97 78.20 -62.10
C34 LUT SN . -69.64 79.32 -62.40
C35 LUT SN . -69.71 79.82 -63.78
C36 LUT SN . -65.49 72.55 -55.35
C37 LUT SN . -65.90 74.31 -53.68
C38 LUT SN . -70.25 73.53 -55.09
C39 LUT SN . -67.47 74.10 -59.39
C40 LUT SN . -68.30 77.41 -63.17
O23 LUT SN . -68.02 70.55 -51.91
C1 XAT TN . -61.20 96.69 -67.58
C2 XAT TN . -60.32 95.47 -67.84
C3 XAT TN . -61.12 94.22 -68.15
C4 XAT TN . -61.83 94.45 -69.47
C5 XAT TN . -62.85 95.56 -69.33
C6 XAT TN . -62.56 96.68 -68.38
C7 XAT TN . -63.40 97.94 -68.43
C8 XAT TN . -64.49 98.01 -67.67
C9 XAT TN . -65.41 99.17 -67.63
C10 XAT TN . -66.39 99.19 -66.72
C11 XAT TN . -67.41 100.20 -66.48
C12 XAT TN . -68.28 99.99 -65.47
C13 XAT TN . -69.16 100.93 -64.80
C14 XAT TN . -70.10 100.46 -63.94
C15 XAT TN . -70.89 101.39 -63.20
C16 XAT TN . -60.43 97.93 -68.00
C17 XAT TN . -61.51 96.74 -66.10
C18 XAT TN . -63.89 95.78 -70.41
C19 XAT TN . -65.27 100.30 -68.61
C20 XAT TN . -69.02 102.40 -65.03
O3 XAT TN . -60.25 93.10 -68.28
O4 XAT TN . -63.40 95.57 -67.97
C21 XAT TN . -76.18 107.49 -53.26
C22 XAT TN . -76.75 108.65 -52.45
C23 XAT TN . -78.24 108.93 -52.63
C24 XAT TN . -78.59 109.15 -54.09
C25 XAT TN . -78.08 108.06 -55.02
C26 XAT TN . -76.98 107.18 -54.53
C27 XAT TN . -76.82 105.82 -55.17
C28 XAT TN . -75.90 105.61 -56.09
C29 XAT TN . -75.35 104.31 -56.56
C30 XAT TN . -74.55 104.28 -57.64
C31 XAT TN . -74.00 103.02 -58.12
C32 XAT TN . -73.21 102.99 -59.20
C33 XAT TN . -72.81 101.84 -60.03
C34 XAT TN . -72.04 102.03 -61.12
C35 XAT TN . -71.61 101.06 -62.11
C36 XAT TN . -76.12 106.25 -52.40
C37 XAT TN . -74.76 107.87 -53.67
C38 XAT TN . -79.02 107.46 -56.05
C39 XAT TN . -75.71 103.05 -55.84
C40 XAT TN . -73.26 100.46 -59.67
O23 XAT TN . -79.01 107.84 -52.11
O24 XAT TN . -76.74 108.23 -55.49
C1 NEX UN . -94.05 101.06 -59.69
C2 NEX UN . -94.72 101.63 -58.43
C3 NEX UN . -95.00 103.15 -58.39
C4 NEX UN . -94.32 103.97 -59.49
C5 NEX UN . -92.95 103.44 -59.86
C6 NEX UN . -93.11 102.03 -60.36
C7 NEX UN . -92.34 101.66 -61.30
C8 NEX UN . -91.79 101.15 -62.50
C9 NEX UN . -90.36 100.71 -62.67
C10 NEX UN . -90.03 100.04 -63.69
C11 NEX UN . -88.77 99.38 -63.99
C12 NEX UN . -88.59 98.73 -64.96
C13 NEX UN . -87.37 98.01 -65.40
C14 NEX UN . -87.33 97.45 -66.53
C15 NEX UN . -86.18 96.76 -67.13
C16 NEX UN . -95.09 100.64 -60.73
C17 NEX UN . -93.23 99.82 -59.30
C18 NEX UN . -92.36 104.33 -60.96
C19 NEX UN . -89.31 101.01 -61.64
C20 NEX UN . -86.19 97.92 -64.48
O3 NEX UN . -96.42 103.33 -58.46
O4 NEX UN . -92.09 103.52 -58.72
C21 NEX UN . -81.81 89.50 -74.94
C22 NEX UN . -81.28 89.25 -76.35
C23 NEX UN . -80.79 90.53 -77.01
C24 NEX UN . -79.53 90.99 -76.31
C25 NEX UN . -79.78 91.20 -74.83
C26 NEX UN . -80.91 90.45 -74.15
C27 NEX UN . -80.85 90.31 -72.63
C28 NEX UN . -81.55 91.12 -71.84
C29 NEX UN . -81.49 90.99 -70.51
C30 NEX UN . -82.14 91.74 -69.75
C31 NEX UN . -83.41 92.47 -69.95
C32 NEX UN . -83.73 93.37 -69.25
C33 NEX UN . -85.05 94.00 -68.99
C34 NEX UN . -85.09 95.06 -68.32
C35 NEX UN . -86.27 95.85 -67.89
C36 NEX UN . -81.94 88.17 -74.20
C37 NEX UN . -83.19 90.14 -75.05
C38 NEX UN . -78.72 91.87 -73.98
C39 NEX UN . -80.60 89.94 -69.89
C40 NEX UN . -86.31 93.36 -69.50
O23 NEX UN . -80.49 90.26 -78.39
O24 NEX UN . -81.07 91.79 -74.59
O1 LHG VN . -77.02 55.94 -65.58
C1 LHG VN . -77.97 56.53 -64.67
C2 LHG VN . -78.42 57.88 -65.22
O2 LHG VN . -77.45 58.35 -66.16
C3 LHG VN . -78.52 58.87 -64.07
O3 LHG VN . -77.66 59.97 -64.35
P LHG VN . -78.20 61.49 -64.28
O4 LHG VN . -79.26 61.66 -65.34
O5 LHG VN . -78.49 61.83 -62.83
O6 LHG VN . -76.90 62.33 -64.73
C4 LHG VN . -76.53 63.53 -64.06
C5 LHG VN . -75.51 64.25 -64.93
C6 LHG VN . -76.13 65.54 -65.44
O7 LHG VN . -74.31 64.53 -64.20
C7 LHG VN . -73.21 64.26 -64.92
O9 LHG VN . -73.08 64.74 -66.04
C8 LHG VN . -72.11 63.38 -64.39
C9 LHG VN . -70.93 63.41 -65.36
C10 LHG VN . -69.84 64.37 -64.89
O8 LHG VN . -75.20 66.60 -65.29
C23 LHG VN . -75.60 67.81 -64.90
O10 LHG VN . -76.77 68.02 -64.69
C24 LHG VN . -74.57 68.92 -64.76
C11 LHG VN . -68.66 64.35 -65.86
C12 LHG VN . -67.33 64.49 -65.12
C13 LHG VN . -66.27 65.10 -66.03
C14 LHG VN . -65.56 66.26 -65.33
C15 LHG VN . -65.06 67.30 -66.33
C16 LHG VN . -63.61 67.66 -66.09
C17 LHG VN . -63.42 68.46 -64.80
C18 LHG VN . -62.01 69.00 -64.68
C19 LHG VN . -61.84 70.29 -65.47
C20 LHG VN . -60.51 70.98 -65.13
C21 LHG VN . -59.33 70.28 -65.81
C22 LHG VN . -58.16 71.24 -65.98
C25 LHG VN . -73.21 68.34 -65.09
C26 LHG VN . -72.85 68.55 -66.56
C27 LHG VN . -71.49 67.91 -66.88
C28 LHG VN . -71.29 67.72 -68.37
C29 LHG VN . -69.98 66.97 -68.64
C30 LHG VN . -69.99 66.24 -69.98
C31 LHG VN . -69.52 64.81 -69.81
C32 LHG VN . -69.74 63.98 -71.08
C33 LHG VN . -69.15 62.58 -70.92
C34 LHG VN . -70.21 61.49 -71.05
C35 LHG VN . -69.55 60.13 -71.21
C36 LHG VN . -70.53 58.99 -70.90
C37 LHG VN . -69.78 57.68 -70.68
C38 LHG VN . -70.48 56.54 -71.38
C1 LUT WN . 73.98 -9.82 0.91
C2 LUT WN . 75.11 -8.92 0.41
C3 LUT WN . 75.26 -8.86 -1.10
C4 LUT WN . 75.39 -10.29 -1.58
C5 LUT WN . 74.07 -10.97 -1.31
C6 LUT WN . 73.45 -10.78 -0.13
C7 LUT WN . 72.18 -11.48 0.17
C8 LUT WN . 72.08 -12.73 0.64
C9 LUT WN . 70.74 -13.30 0.89
C10 LUT WN . 70.26 -14.25 0.07
C11 LUT WN . 68.95 -14.85 0.27
C12 LUT WN . 68.25 -15.25 -0.79
C13 LUT WN . 66.93 -15.89 -0.66
C14 LUT WN . 66.24 -16.24 -1.77
C15 LUT WN . 64.94 -16.90 -1.65
C16 LUT WN . 72.82 -8.94 1.36
C17 LUT WN . 74.52 -10.62 2.09
C18 LUT WN . 73.49 -11.83 -2.39
C19 LUT WN . 69.93 -12.81 2.06
C20 LUT WN . 66.36 -16.16 0.69
O3 LUT WN . 76.45 -8.12 -1.43
C21 LUT WN . 54.52 -23.52 -4.87
C22 LUT WN . 53.30 -24.12 -4.17
C23 LUT WN . 52.02 -23.40 -4.58
C24 LUT WN . 52.12 -21.95 -4.13
C25 LUT WN . 53.34 -21.36 -4.79
C26 LUT WN . 54.52 -22.01 -4.73
C27 LUT WN . 55.74 -21.21 -4.98
C28 LUT WN . 56.49 -20.74 -3.97
C29 LUT WN . 57.70 -19.94 -4.28
C30 LUT WN . 58.62 -19.71 -3.33
C31 LUT WN . 59.80 -18.91 -3.66
C32 LUT WN . 60.62 -18.48 -2.70
C33 LUT WN . 61.80 -17.67 -3.03
C34 LUT WN . 62.99 -18.00 -2.49
C35 LUT WN . 64.25 -17.28 -2.72
C36 LUT WN . 54.43 -23.84 -6.36
C37 LUT WN . 55.80 -24.14 -4.32
C38 LUT WN . 53.22 -20.06 -5.55
C39 LUT WN . 57.88 -19.39 -5.65
C40 LUT WN . 61.66 -16.47 -3.93
O23 LUT WN . 50.88 -24.02 -3.97
C1 XAT XN . 64.87 -7.10 -9.46
C2 XAT XN . 65.51 -6.97 -10.83
C3 XAT XN . 65.20 -5.68 -11.58
C4 XAT XN . 65.53 -4.52 -10.67
C5 XAT XN . 64.60 -4.52 -9.48
C6 XAT XN . 64.15 -5.83 -8.91
C7 XAT XN . 63.65 -5.84 -7.48
C8 XAT XN . 62.39 -5.60 -7.11
C9 XAT XN . 62.08 -5.66 -5.67
C10 XAT XN . 61.13 -4.92 -5.09
C11 XAT XN . 60.83 -4.98 -3.66
C12 XAT XN . 60.46 -3.91 -2.94
C13 XAT XN . 60.83 -3.64 -1.57
C14 XAT XN . 60.26 -2.66 -0.84
C15 XAT XN . 60.23 -2.78 0.59
C16 XAT XN . 65.96 -7.45 -8.46
C17 XAT XN . 63.87 -8.26 -9.50
C18 XAT XN . 64.57 -3.31 -8.57
C19 XAT XN . 62.89 -6.58 -4.80
C20 XAT XN . 61.91 -4.46 -0.92
O3 XAT XN . 66.04 -5.62 -12.73
O4 XAT XN . 63.30 -5.09 -9.83
C21 XAT XN . 57.70 0.93 11.80
C22 XAT XN . 56.81 0.77 13.01
C23 XAT XN . 57.34 -0.11 14.14
C24 XAT XN . 57.78 -1.48 13.62
C25 XAT XN . 58.80 -1.38 12.49
C26 XAT XN . 58.83 -0.12 11.70
C27 XAT XN . 60.09 0.21 10.93
C28 XAT XN . 60.04 0.21 9.62
C29 XAT XN . 61.04 -0.23 8.63
C30 XAT XN . 60.64 -0.37 7.35
C31 XAT XN . 61.54 -0.81 6.29
C32 XAT XN . 61.00 -0.97 5.07
C33 XAT XN . 61.51 -1.56 3.83
C34 XAT XN . 60.65 -1.86 2.83
C35 XAT XN . 60.90 -1.96 1.41
C36 XAT XN . 58.33 2.32 11.82
C37 XAT XN . 56.81 0.81 10.57
C38 XAT XN . 60.11 -2.14 12.58
C39 XAT XN . 62.45 -0.52 9.05
C40 XAT XN . 62.98 -1.84 3.68
O23 XAT XN . 58.45 0.54 14.78
O24 XAT XN . 58.25 -1.33 11.18
C1 NEX YN . 37.37 -8.06 -19.42
C2 NEX YN . 36.00 -7.40 -19.13
C3 NEX YN . 35.05 -8.29 -18.33
C4 NEX YN . 35.70 -8.76 -17.04
C5 NEX YN . 36.92 -9.63 -17.36
C6 NEX YN . 37.88 -8.92 -18.27
C7 NEX YN . 39.11 -8.97 -18.03
C8 NEX YN . 40.47 -8.97 -17.69
C9 NEX YN . 41.67 -9.22 -18.53
C10 NEX YN . 42.71 -9.68 -18.01
C11 NEX YN . 43.93 -10.17 -18.67
C12 NEX YN . 44.84 -10.64 -18.08
C13 NEX YN . 46.10 -11.21 -18.57
C14 NEX YN . 46.94 -11.66 -17.76
C15 NEX YN . 48.41 -11.71 -17.88
C16 NEX YN . 38.39 -6.95 -19.71
C17 NEX YN . 37.26 -8.96 -20.61
C18 NEX YN . 37.59 -10.05 -16.05
C19 NEX YN . 41.62 -8.95 -19.98
C20 NEX YN . 46.38 -11.27 -20.06
O3 NEX YN . 33.89 -7.52 -18.02
O4 NEX YN . 36.49 -10.81 -18.01
C21 NEX YN . 58.78 -13.86 -13.61
C22 NEX YN . 60.21 -14.35 -13.81
C23 NEX YN . 60.78 -13.98 -15.16
C24 NEX YN . 60.94 -12.46 -15.21
C25 NEX YN . 59.59 -11.76 -15.01
C26 NEX YN . 58.53 -12.47 -14.18
C27 NEX YN . 57.46 -11.59 -13.57
C28 NEX YN . 56.26 -11.51 -14.12
C29 NEX YN . 55.30 -10.74 -13.58
C30 NEX YN . 54.16 -10.67 -14.09
C31 NEX YN . 53.45 -11.63 -14.95
C32 NEX YN . 52.49 -11.33 -15.56
C33 NEX YN . 51.34 -12.15 -16.00
C34 NEX YN . 50.48 -11.67 -16.79
C35 NEX YN . 49.12 -12.15 -17.05
C36 NEX YN . 58.48 -13.84 -12.12
C37 NEX YN . 57.85 -14.85 -14.29
C38 NEX YN . 59.50 -10.24 -15.15
C39 NEX YN . 55.58 -9.95 -12.33
C40 NEX YN . 51.18 -13.56 -15.50
O23 NEX YN . 62.06 -14.58 -15.32
O24 NEX YN . 58.49 -12.45 -15.62
MG CLA ZN . 57.51 -4.72 10.86
CHA CLA ZN . 55.70 -5.69 13.65
CHB CLA ZN . 54.66 -3.41 9.41
CHC CLA ZN . 59.36 -3.72 8.31
CHD CLA ZN . 60.42 -6.07 12.35
NA CLA ZN . 55.38 -4.55 11.46
C1A CLA ZN . 54.85 -4.99 12.60
C2A CLA ZN . 53.36 -4.73 12.67
C3A CLA ZN . 53.09 -4.05 11.31
C4A CLA ZN . 54.44 -3.98 10.68
CMA CLA ZN . 51.92 -4.56 10.49
CAA CLA ZN . 53.01 -3.73 13.76
CBA CLA ZN . 53.88 -2.47 13.71
CGA CLA ZN . 53.06 -1.22 13.43
O1A CLA ZN . 52.09 -1.29 12.68
O2A CLA ZN . 53.41 -0.08 13.99
NB CLA ZN . 57.07 -3.71 9.14
C1B CLA ZN . 55.86 -3.28 8.69
C2B CLA ZN . 55.99 -2.66 7.40
C3B CLA ZN . 57.33 -2.76 7.09
C4B CLA ZN . 57.99 -3.42 8.21
CMB CLA ZN . 54.84 -2.07 6.61
CAB CLA ZN . 58.11 -2.32 5.90
CBB CLA ZN . 57.69 -1.22 4.94
NC CLA ZN . 59.57 -4.79 10.45
C1C CLA ZN . 60.10 -4.39 9.30
C2C CLA ZN . 61.54 -4.73 9.19
C3C CLA ZN . 61.84 -5.35 10.38
C4C CLA ZN . 60.60 -5.40 11.14
CMC CLA ZN . 62.47 -4.42 8.05
CAC CLA ZN . 63.18 -5.91 10.78
CBC CLA ZN . 63.99 -4.84 11.48
ND CLA ZN . 58.03 -5.65 12.53
C1D CLA ZN . 59.18 -6.14 13.06
C2D CLA ZN . 58.98 -6.73 14.37
C3D CLA ZN . 57.62 -6.55 14.59
C4D CLA ZN . 57.06 -5.90 13.49
CMD CLA ZN . 59.88 -7.41 15.37
CAD CLA ZN . 56.57 -6.80 15.56
OBD CLA ZN . 56.74 -7.08 16.74
CBD CLA ZN . 55.29 -6.29 14.98
CGD CLA ZN . 54.40 -7.49 14.77
O1D CLA ZN . 53.70 -7.93 15.67
O2D CLA ZN . 54.37 -8.11 13.59
CED CLA ZN . 53.07 -8.37 13.08
C1 CLA ZN . 52.98 1.18 13.40
C2 CLA ZN . 53.41 1.60 12.01
C3 CLA ZN . 53.42 2.90 11.64
C4 CLA ZN . 53.01 3.97 12.60
C5 CLA ZN . 53.85 3.36 10.27
C6 CLA ZN . 54.84 4.50 10.39
C7 CLA ZN . 55.69 4.63 9.13
C8 CLA ZN . 57.07 5.21 9.44
C9 CLA ZN . 57.03 6.73 9.56
C10 CLA ZN . 58.06 4.78 8.36
C11 CLA ZN . 59.49 4.78 8.88
C12 CLA ZN . 60.38 3.82 8.09
C13 CLA ZN . 61.81 3.87 8.60
C14 CLA ZN . 62.74 3.02 7.75
C15 CLA ZN . 61.85 3.42 10.06
MG CLA AO . 57.03 1.11 0.13
CHA CLA AO . 54.21 1.49 2.09
CHB CLA AO . 55.09 0.55 -2.66
CHC CLA AO . 59.81 0.87 -1.65
CHD CLA AO . 59.03 1.68 3.00
NA CLA AO . 54.86 1.04 -0.27
C1A CLA AO . 53.89 1.21 0.64
C2A CLA AO . 52.52 1.06 0.02
C3A CLA AO . 52.85 0.78 -1.46
C4A CLA AO . 54.34 0.79 -1.49
CMA CLA AO . 52.09 -0.29 -2.22
CAA CLA AO . 51.71 2.35 0.10
CBA CLA AO . 52.58 3.59 -0.13
CGA CLA AO . 52.18 4.68 0.82
O1A CLA AO . 51.06 4.65 1.33
O2A CLA AO . 53.03 5.66 1.08
NB CLA AO . 57.39 0.78 -1.85
C1B CLA AO . 56.48 0.54 -2.85
C2B CLA AO . 57.18 0.28 -4.08
C3B CLA AO . 58.51 0.38 -3.77
C4B CLA AO . 58.63 0.69 -2.36
CMB CLA AO . 56.56 -0.01 -5.42
CAB CLA AO . 59.67 0.20 -4.67
CBB CLA AO . 60.01 -1.17 -5.22
NC CLA AO . 59.08 1.33 0.59
C1C CLA AO . 60.06 1.13 -0.29
C2C CLA AO . 61.41 1.22 0.31
C3C CLA AO . 61.17 1.49 1.63
C4C CLA AO . 59.72 1.54 1.80
CMC CLA AO . 62.73 1.05 -0.39
CAC CLA AO . 62.21 1.67 2.71
CBC CLA AO . 62.44 3.14 2.97
ND CLA AO . 56.80 1.48 2.06
C1D CLA AO . 57.62 1.72 3.12
C2D CLA AO . 56.87 1.98 4.35
C3D CLA AO . 55.55 1.89 3.92
C4D CLA AO . 55.51 1.59 2.56
CMD CLA AO . 57.23 2.28 5.77
CAD CLA AO . 54.19 2.00 4.41
OBD CLA AO . 53.86 2.53 5.45
CBD CLA AO . 53.28 1.71 3.26
CGD CLA AO . 52.51 0.45 3.57
O1D CLA AO . 53.08 -0.57 3.91
O2D CLA AO . 51.18 0.47 3.49
CED CLA AO . 50.48 0.84 4.68
C1 CLA AO . 52.78 6.96 0.50
C2 CLA AO . 52.05 7.03 -0.82
C3 CLA AO . 52.28 7.99 -1.72
C4 CLA AO . 53.26 9.09 -1.47
C5 CLA AO . 51.54 8.02 -3.03
C6 CLA AO . 51.75 6.69 -3.76
C7 CLA AO . 53.13 6.64 -4.40
C8 CLA AO . 53.24 7.65 -5.53
C9 CLA AO . 52.21 7.35 -6.62
C10 CLA AO . 54.68 7.67 -6.05
C11 CLA AO . 54.88 7.01 -7.41
C12 CLA AO . 55.43 5.59 -7.26
C13 CLA AO . 56.80 5.60 -6.59
C14 CLA AO . 57.92 5.63 -7.63
C15 CLA AO . 56.93 4.38 -5.68
MG CLA BO . 64.19 -12.19 -13.74
CHA CLA BO . 66.24 -11.75 -16.49
CHB CLA BO . 63.13 -8.92 -13.96
CHC CLA BO . 62.20 -12.75 -11.16
CHD CLA BO . 65.26 -15.55 -13.56
NA CLA BO . 64.61 -10.50 -15.08
C1A CLA BO . 65.46 -10.52 -16.13
C2A CLA BO . 65.51 -9.19 -16.82
C3A CLA BO . 64.56 -8.32 -15.98
C4A CLA BO . 64.06 -9.28 -14.95
CMA CLA BO . 65.09 -6.99 -15.51
CAA CLA BO . 64.95 -9.32 -18.25
CBA CLA BO . 63.43 -9.30 -18.35
CGA CLA BO . 62.84 -10.69 -18.50
O1A CLA BO . 63.00 -11.51 -17.62
O2A CLA BO . 62.14 -10.97 -19.59
NB CLA BO . 62.86 -11.02 -12.72
C1B CLA BO . 62.57 -9.71 -12.93
C2B CLA BO . 61.60 -9.27 -11.96
C3B CLA BO . 61.36 -10.36 -11.16
C4B CLA BO . 62.16 -11.46 -11.67
CMB CLA BO . 61.04 -7.88 -11.86
CAB CLA BO . 60.45 -10.50 -10.00
CBB CLA BO . 60.41 -9.51 -8.85
NC CLA BO . 63.74 -13.90 -12.60
C1C CLA BO . 62.95 -13.88 -11.54
C2C CLA BO . 62.94 -15.19 -10.81
C3C CLA BO . 63.79 -15.97 -11.53
C4C CLA BO . 64.29 -15.16 -12.63
CMC CLA BO . 62.17 -15.53 -9.58
CAC CLA BO . 64.17 -17.40 -11.23
CBC CLA BO . 63.28 -18.32 -12.05
ND CLA BO . 65.40 -13.42 -14.71
C1D CLA BO . 65.77 -14.73 -14.59
C2D CLA BO . 66.75 -15.10 -15.60
C3D CLA BO . 66.93 -13.94 -16.34
C4D CLA BO . 66.11 -12.95 -15.80
CMD CLA BO . 67.49 -16.38 -15.92
CAD CLA BO . 67.65 -13.41 -17.46
OBD CLA BO . 68.08 -14.09 -18.37
CBD CLA BO . 67.26 -11.96 -17.60
CGD CLA BO . 68.47 -11.10 -17.35
O1D CLA BO . 69.12 -10.67 -18.27
O2D CLA BO . 68.84 -10.82 -16.10
CED CLA BO . 69.14 -9.45 -15.84
C1 CLA BO . 60.71 -11.27 -19.51
C2 CLA BO . 60.19 -12.46 -18.76
C3 CLA BO . 59.08 -13.10 -19.20
C4 CLA BO . 58.55 -14.29 -18.46
MG CHL CO . 59.28 -6.73 -16.76
CHA CHL CO . 57.99 -8.56 -19.35
CHB CHL CO . 56.45 -7.37 -14.95
CHC CHL CO . 60.59 -5.08 -14.28
CHD CHL CO . 62.07 -6.01 -18.80
NA CHL CO . 57.54 -7.76 -17.10
C1A CHL CO . 57.19 -8.49 -18.22
C2A CHL CO . 55.85 -9.18 -18.04
C3A CHL CO . 55.30 -8.58 -16.76
C4A CHL CO . 56.50 -7.83 -16.21
CMA CHL CO . 53.92 -7.94 -16.75
CAA CHL CO . 55.96 -10.71 -17.96
CBA CHL CO . 54.66 -11.46 -18.26
CGA CHL CO . 54.49 -11.80 -19.70
NB CHL CO . 58.62 -6.32 -14.87
C1B CHL CO . 57.45 -6.67 -14.29
C2B CHL CO . 57.43 -6.18 -12.97
C3B CHL CO . 58.61 -5.54 -12.71
C4B CHL CO . 59.38 -5.62 -13.96
CMB CHL CO . 56.29 -6.32 -12.00
CAB CHL CO . 58.99 -4.97 -11.42
CBB CHL CO . 60.29 -4.33 -10.99
NC CHL CO . 61.06 -5.73 -16.59
C1C CHL CO . 61.36 -5.11 -15.43
C2C CHL CO . 62.64 -4.43 -15.60
C3C CHL CO . 63.04 -4.66 -16.92
C4C CHL CO . 62.05 -5.49 -17.53
CMC CHL CO . 63.34 -3.68 -14.57
OMC CHL CO . 64.41 -3.12 -14.68
CAC CHL CO . 64.25 -4.11 -17.62
CBC CHL CO . 63.94 -2.91 -18.49
ND CHL CO . 59.96 -7.12 -18.64
C1D CHL CO . 61.08 -6.80 -19.35
C2D CHL CO . 61.03 -7.39 -20.64
C3D CHL CO . 59.84 -8.08 -20.70
C4D CHL CO . 59.20 -7.91 -19.46
CMD CHL CO . 62.09 -7.27 -21.69
CAD CHL CO . 58.98 -8.92 -21.52
OBD CHL CO . 59.16 -9.28 -22.67
CBD CHL CO . 57.77 -9.30 -20.68
CGD CHL CO . 56.47 -9.00 -21.42
O1D CHL CO . 55.79 -8.03 -21.25
O2D CHL CO . 56.20 -9.97 -22.28
CED CHL CO . 54.95 -9.84 -23.01
MG CHL DO . 64.76 0.67 -12.87
CHA CHL DO . 67.60 2.17 -14.09
CHB CHL DO . 65.98 1.03 -9.71
CHC CHL DO . 62.00 -0.71 -11.73
CHD CHL DO . 63.65 0.33 -16.19
NA CHL DO . 66.48 1.45 -12.07
C1A CHL DO . 67.54 2.06 -12.72
C2A CHL DO . 68.60 2.55 -11.73
C3A CHL DO . 68.13 1.99 -10.41
C4A CHL DO . 66.76 1.43 -10.73
CMA CHL DO . 69.09 1.20 -9.53
CAA CHL DO . 68.72 4.08 -11.67
CBA CHL DO . 67.42 4.80 -11.34
CGA CHL DO . 66.73 5.37 -12.54
O1A CHL DO . 67.20 6.18 -13.29
O2A CHL DO . 65.52 4.86 -12.69
NB CHL DO . 64.09 0.24 -10.99
C1B CHL DO . 64.71 0.48 -9.82
C2B CHL DO . 63.86 0.08 -8.75
C3B CHL DO . 62.70 -0.43 -9.28
C4B CHL DO . 62.85 -0.33 -10.73
CMB CHL DO . 64.18 0.20 -7.30
CAB CHL DO . 61.60 -0.96 -8.47
CBB CHL DO . 60.29 -1.57 -8.91
NC CHL DO . 63.13 -0.08 -13.84
C1C CHL DO . 62.09 -0.62 -13.12
C2C CHL DO . 61.10 -1.09 -14.08
C3C CHL DO . 61.59 -0.82 -15.32
C4C CHL DO . 62.86 -0.17 -15.19
CMC CHL DO . 59.81 -1.70 -13.87
OMC CHL DO . 59.31 -1.96 -12.79
CAC CHL DO . 60.92 -1.16 -16.63
CBC CHL DO . 60.31 0.03 -17.31
ND CHL DO . 65.41 1.08 -14.76
C1D CHL DO . 64.88 0.94 -16.00
C2D CHL DO . 65.74 1.52 -16.98
C3D CHL DO . 66.83 2.01 -16.29
C4D CHL DO . 66.61 1.74 -14.93
CMD CHL DO . 65.46 1.56 -18.45
CAD CHL DO . 68.11 2.67 -16.40
OBD CHL DO . 68.67 3.08 -17.40
CBD CHL DO . 68.68 2.80 -15.00
CGD CHL DO . 70.05 2.13 -14.89
O1D CHL DO . 70.33 1.07 -15.40
O2D CHL DO . 70.88 2.86 -14.17
CED CHL DO . 72.21 2.32 -13.98
C1 CHL DO . 64.61 5.28 -13.75
C2 CHL DO . 64.04 4.07 -14.39
C3 CHL DO . 63.06 3.36 -13.84
C4 CHL DO . 62.42 3.70 -12.52
MG CLA EO . 47.02 -13.27 -8.98
CHA CLA EO . 50.03 -13.07 -7.30
CHB CLA EO . 48.65 -13.27 -12.01
CHC CLA EO . 44.09 -13.60 -10.47
CHD CLA EO . 45.35 -13.27 -5.85
NA CLA EO . 49.13 -13.19 -9.62
C1A CLA EO . 50.19 -13.09 -8.81
C2A CLA EO . 51.49 -13.03 -9.59
C3A CLA EO . 51.00 -13.07 -11.05
C4A CLA EO . 49.52 -13.18 -10.91
CMA CLA EO . 51.60 -12.09 -12.06
CAA CLA EO . 52.39 -14.22 -9.24
CBA CLA EO . 52.63 -15.25 -10.34
CGA CLA EO . 51.61 -16.36 -10.26
O1A CLA EO . 51.12 -16.65 -9.18
O2A CLA EO . 51.28 -16.98 -11.38
NB CLA EO . 46.46 -13.42 -10.93
C1B CLA EO . 47.25 -13.37 -12.04
C2B CLA EO . 46.45 -13.44 -13.24
C3B CLA EO . 45.16 -13.55 -12.80
C4B CLA EO . 45.18 -13.53 -11.34
CMB CLA EO . 46.93 -13.42 -14.67
CAB CLA EO . 43.95 -13.64 -13.66
CBB CLA EO . 42.98 -14.79 -13.59
NC CLA EO . 45.04 -13.48 -8.27
C1C CLA EO . 43.99 -13.60 -9.07
C2C CLA EO . 42.71 -13.70 -8.33
C3C CLA EO . 43.09 -13.64 -7.00
C4C CLA EO . 44.55 -13.49 -6.99
CMC CLA EO . 41.34 -13.86 -8.91
CAC CLA EO . 42.19 -13.71 -5.80
CBC CLA EO . 41.44 -12.42 -5.59
ND CLA EO . 47.46 -13.22 -7.05
C1D CLA EO . 46.76 -13.18 -5.87
C2D CLA EO . 47.65 -13.02 -4.73
C3D CLA EO . 48.91 -12.98 -5.30
C4D CLA EO . 48.79 -13.11 -6.68
CMD CLA EO . 47.47 -12.91 -3.24
CAD CLA EO . 50.30 -12.86 -4.94
OBD CLA EO . 50.71 -12.33 -3.92
CBD CLA EO . 51.08 -12.96 -6.21
CGD CLA EO . 51.88 -11.70 -6.38
O1D CLA EO . 51.37 -10.61 -6.22
O2D CLA EO . 53.17 -11.78 -6.71
CED CLA EO . 54.09 -11.29 -5.74
C1 CLA EO . 49.99 -16.73 -12.01
C2 CLA EO . 48.71 -17.10 -11.31
C3 CLA EO . 47.61 -17.47 -12.02
C4 CLA EO . 47.63 -17.52 -13.52
C5 CLA EO . 46.33 -17.86 -11.33
C6 CLA EO . 45.13 -17.29 -12.07
C7 CLA EO . 43.98 -18.29 -12.11
C8 CLA EO . 42.69 -17.70 -11.55
C9 CLA EO . 42.90 -17.08 -10.17
C10 CLA EO . 41.61 -18.77 -11.50
C11 CLA EO . 40.27 -18.16 -11.09
C12 CLA EO . 39.68 -18.88 -9.88
C13 CLA EO . 39.34 -17.91 -8.76
C14 CLA EO . 38.66 -18.63 -7.60
C15 CLA EO . 38.47 -16.79 -9.29
MG CLA FO . 50.53 -2.58 -6.85
CHA CLA FO . 49.68 -2.83 -3.50
CHB CLA FO . 47.44 -1.26 -7.58
CHC CLA FO . 51.49 -2.25 -10.00
CHD CLA FO . 53.71 -3.94 -6.08
NA CLA FO . 48.73 -2.08 -5.67
C1A CLA FO . 48.57 -2.25 -4.36
C2A CLA FO . 47.19 -1.85 -3.90
C3A CLA FO . 46.53 -1.38 -5.21
C4A CLA FO . 47.61 -1.57 -6.23
CMA CLA FO . 45.12 -1.83 -5.57
CAA CLA FO . 47.24 -0.66 -2.93
CBA CLA FO . 48.19 0.44 -3.39
CGA CLA FO . 47.48 1.77 -3.46
O1A CLA FO . 48.15 2.78 -3.58
O2A CLA FO . 46.15 1.82 -3.36
NB CLA FO . 49.61 -1.86 -8.51
C1B CLA FO . 48.34 -1.38 -8.65
C2B CLA FO . 48.07 -1.02 -10.02
C3B CLA FO . 49.22 -1.31 -10.69
C4B CLA FO . 50.19 -1.84 -9.72
CMB CLA FO . 46.79 -0.46 -10.58
CAB CLA FO . 49.51 -1.13 -12.13
CBB CLA FO . 49.43 0.22 -12.79
NC CLA FO . 52.33 -2.96 -7.86
C1C CLA FO . 52.48 -2.82 -9.16
C2C CLA FO . 53.78 -3.34 -9.65
C3C CLA FO . 54.40 -3.79 -8.54
C4C CLA FO . 53.50 -3.55 -7.41
CMC CLA FO . 54.26 -3.34 -11.08
CAC CLA FO . 55.77 -4.43 -8.48
CBC CLA FO . 56.79 -3.40 -8.05
ND CLA FO . 51.53 -3.23 -5.27
C1D CLA FO . 52.77 -3.75 -5.04
C2D CLA FO . 52.97 -4.10 -3.64
C3D CLA FO . 51.75 -3.74 -3.05
C4D CLA FO . 50.91 -3.22 -4.03
CMD CLA FO . 54.10 -4.70 -2.86
CAD CLA FO . 51.05 -3.71 -1.77
OBD CLA FO . 51.40 -4.27 -0.75
CBD CLA FO . 49.72 -3.07 -2.00
CGD CLA FO . 48.62 -4.00 -1.60
O1D CLA FO . 48.69 -5.19 -1.87
O2D CLA FO . 47.54 -3.52 -0.99
CED CLA FO . 47.27 -4.03 0.31
C1 CLA FO . 45.31 1.94 -4.56
C2 CLA FO . 45.62 2.89 -5.68
C3 CLA FO . 44.71 3.11 -6.65
C4 CLA FO . 43.38 2.42 -6.64
C5 CLA FO . 44.96 4.04 -7.80
C6 CLA FO . 46.25 3.71 -8.53
C7 CLA FO . 46.00 3.65 -10.03
C8 CLA FO . 47.28 3.62 -10.87
C9 CLA FO . 47.01 2.98 -12.23
C10 CLA FO . 48.40 2.88 -10.13
C11 CLA FO . 49.77 3.12 -10.76
C12 CLA FO . 50.07 4.60 -10.99
C13 CLA FO . 50.66 5.23 -9.74
C14 CLA FO . 49.68 6.24 -9.15
C15 CLA FO . 51.98 5.91 -10.10
MG CLA GO . 53.97 -18.85 -0.64
CHA CLA GO . 50.71 -19.94 -1.04
CHB CLA GO . 54.33 -20.78 2.20
CHC CLA GO . 57.09 -17.79 -0.43
CHD CLA GO . 53.58 -16.89 -3.57
NA CLA GO . 52.67 -20.24 0.48
C1A CLA GO . 51.41 -20.55 0.17
C2A CLA GO . 50.83 -21.53 1.16
C3A CLA GO . 51.97 -21.74 2.16
C4A CLA GO . 53.06 -20.88 1.61
CMA CLA GO . 51.64 -21.71 3.65
CAA CLA GO . 50.54 -22.92 0.58
CBA CLA GO . 51.15 -23.24 -0.78
CGA CLA GO . 52.61 -23.64 -0.74
O1A CLA GO . 52.91 -24.80 -0.52
O2A CLA GO . 53.54 -22.73 -0.94
NB CLA GO . 55.48 -19.23 0.67
C1B CLA GO . 55.44 -20.02 1.79
C2B CLA GO . 56.72 -19.97 2.47
C3B CLA GO . 57.49 -19.13 1.72
C4B CLA GO . 56.68 -18.67 0.58
CMB CLA GO . 57.10 -20.70 3.73
CAB CLA GO . 58.89 -18.71 1.94
CBB CLA GO . 60.00 -19.75 2.02
NC CLA GO . 55.16 -17.63 -1.87
C1C CLA GO . 56.41 -17.28 -1.56
C2C CLA GO . 56.98 -16.31 -2.53
C3C CLA GO . 55.99 -16.10 -3.44
C4C CLA GO . 54.86 -16.93 -3.02
CMC CLA GO . 58.35 -15.68 -2.51
CAC CLA GO . 56.03 -15.20 -4.66
CBC CLA GO . 56.29 -16.02 -5.90
ND CLA GO . 52.61 -18.47 -2.02
C1D CLA GO . 52.49 -17.66 -3.10
C2D CLA GO . 51.16 -17.66 -3.67
C3D CLA GO . 50.47 -18.56 -2.86
C4D CLA GO . 51.34 -19.04 -1.87
CMD CLA GO . 50.51 -16.96 -4.83
CAD CLA GO . 49.18 -19.16 -2.67
OBD CLA GO . 48.15 -18.55 -2.90
CBD CLA GO . 49.32 -20.18 -1.58
CGD CLA GO . 48.29 -19.97 -0.50
O1D CLA GO . 48.02 -18.84 -0.10
O2D CLA GO . 47.70 -21.02 0.06
CED CLA GO . 46.34 -20.86 0.46
C1 CLA GO . 54.95 -23.13 -0.92
C2 CLA GO . 55.66 -23.45 0.38
C3 CLA GO . 56.93 -23.87 0.38
C4 CLA GO . 57.63 -24.17 1.67
C5 CLA GO . 57.71 -24.06 -0.91
C6 CLA GO . 59.23 -24.10 -0.69
C7 CLA GO . 59.99 -23.56 -1.90
C8 CLA GO . 59.44 -24.08 -3.23
C9 CLA GO . 59.86 -25.52 -3.50
C10 CLA GO . 59.85 -23.12 -4.35
C11 CLA GO . 61.09 -23.56 -5.11
C12 CLA GO . 61.11 -23.05 -6.55
C13 CLA GO . 59.75 -23.19 -7.23
C14 CLA GO . 59.51 -24.60 -7.73
C15 CLA GO . 59.66 -22.19 -8.38
MG CLA HO . 66.82 -16.60 14.45
CHA CLA HO . 64.32 -18.78 13.42
CHB CLA HO . 67.09 -18.27 17.46
CHC CLA HO . 69.25 -14.53 15.29
CHD CLA HO . 66.53 -14.91 11.36
NA CLA HO . 65.82 -18.36 15.36
C1A CLA HO . 64.86 -19.10 14.80
C2A CLA HO . 64.41 -20.21 15.70
C3A CLA HO . 65.28 -20.01 16.96
C4A CLA HO . 66.12 -18.82 16.59
CMA CLA HO . 64.65 -20.10 18.34
CAA CLA HO . 64.80 -21.58 15.14
CBA CLA HO . 66.16 -21.54 14.45
CGA CLA HO . 66.65 -22.94 14.16
O1A CLA HO . 65.84 -23.82 13.92
O2A CLA HO . 67.94 -23.17 14.13
NB CLA HO . 67.99 -16.43 16.10
C1B CLA HO . 67.95 -17.17 17.26
C2B CLA HO . 68.92 -16.68 18.19
C3B CLA HO . 69.52 -15.62 17.57
C4B CLA HO . 68.92 -15.48 16.25
CMB CLA HO . 69.20 -17.21 19.58
CAB CLA HO . 70.60 -14.76 18.12
CBB CLA HO . 70.32 -13.31 18.46
NC CLA HO . 67.80 -15.04 13.44
C1C CLA HO . 68.73 -14.27 14.00
C2C CLA HO . 69.14 -13.14 13.13
C3C CLA HO . 68.39 -13.29 12.01
C4C CLA HO . 67.55 -14.47 12.20
CMC CLA HO . 70.15 -12.08 13.44
CAC CLA HO . 68.40 -12.39 10.78
CBC CLA HO . 69.23 -13.02 9.68
ND CLA HO . 65.77 -16.71 12.78
C1D CLA HO . 65.70 -16.03 11.60
C2D CLA HO . 64.71 -16.59 10.69
C3D CLA HO . 64.18 -17.66 11.41
C4D CLA HO . 64.81 -17.72 12.65
CMD CLA HO . 64.23 -16.24 9.32
CAD CLA HO . 63.21 -18.72 11.31
OBD CLA HO . 62.69 -19.11 10.27
CBD CLA HO . 63.22 -19.46 12.61
CGD CLA HO . 61.88 -19.30 13.24
O1D CLA HO . 61.54 -18.24 13.74
O2D CLA HO . 61.01 -20.31 13.24
CED CLA HO . 59.88 -20.15 12.37
C1 CLA HO . 68.69 -22.96 12.90
MG CLA IO . 64.81 -21.72 5.37
CHA CLA IO . 63.43 -22.77 8.36
CHB CLA IO . 62.59 -23.67 3.61
CHC CLA IO . 66.13 -20.53 2.57
CHD CLA IO . 67.07 -19.68 7.20
NA CLA IO . 63.15 -23.07 5.90
C1A CLA IO . 62.75 -23.37 7.14
C2A CLA IO . 61.60 -24.35 7.15
C3A CLA IO . 61.39 -24.62 5.66
C4A CLA IO . 62.42 -23.75 5.01
CMA CLA IO . 61.23 -26.04 5.14
CAA CLA IO . 60.36 -23.67 7.73
CBA CLA IO . 59.07 -24.46 7.58
CGA CLA IO . 58.65 -25.08 8.90
O1A CLA IO . 57.46 -25.15 9.16
O2A CLA IO . 59.57 -25.51 9.74
NB CLA IO . 64.41 -22.04 3.40
C1B CLA IO . 63.51 -22.90 2.86
C2B CLA IO . 63.61 -22.89 1.43
C3B CLA IO . 64.60 -22.00 1.14
C4B CLA IO . 65.11 -21.47 2.41
CMB CLA IO . 62.79 -23.68 0.45
CAB CLA IO . 65.10 -21.65 -0.21
CBB CLA IO . 64.96 -20.25 -0.75
NC CLA IO . 66.32 -20.30 4.96
C1C CLA IO . 66.73 -20.00 3.73
C2C CLA IO . 67.88 -19.05 3.73
C3C CLA IO . 68.13 -18.81 5.06
C4C CLA IO . 67.15 -19.60 5.81
CMC CLA IO . 68.61 -18.49 2.54
CAC CLA IO . 69.20 -17.92 5.63
CBC CLA IO . 68.62 -16.56 5.97
ND CLA IO . 65.22 -21.25 7.25
C1D CLA IO . 66.12 -20.47 7.91
C2D CLA IO . 66.00 -20.57 9.35
C3D CLA IO . 64.95 -21.47 9.51
C4D CLA IO . 64.48 -21.87 8.26
CMD CLA IO . 66.71 -19.95 10.52
CAD CLA IO . 64.16 -22.13 10.53
OBD CLA IO . 64.54 -22.31 11.67
CBD CLA IO . 63.18 -23.02 9.83
CGD CLA IO . 63.54 -24.44 10.16
O1D CLA IO . 63.14 -24.95 11.19
O2D CLA IO . 64.30 -25.16 9.33
CED CLA IO . 63.89 -26.50 9.11
C1 CLA IO . 59.84 -26.95 9.91
C2 CLA IO . 58.85 -28.01 9.49
C3 CLA IO . 58.45 -28.98 10.33
C4 CLA IO . 57.47 -30.03 9.90
C5 CLA IO . 58.95 -29.10 11.75
C6 CLA IO . 59.78 -30.37 11.90
C7 CLA IO . 60.63 -30.35 13.16
C8 CLA IO . 61.38 -29.03 13.33
C9 CLA IO . 62.63 -28.99 12.46
C10 CLA IO . 61.74 -28.84 14.80
C11 CLA IO . 60.53 -28.34 15.59
C12 CLA IO . 60.42 -29.07 16.92
C13 CLA IO . 60.24 -28.09 18.07
C14 CLA IO . 60.63 -28.73 19.41
C15 CLA IO . 58.81 -27.58 18.11
MG CLA JO . 75.29 -4.21 4.25
CHA CLA JO . 78.40 -3.68 2.86
CHB CLA JO . 75.85 -7.60 4.35
CHC CLA JO . 72.33 -4.58 5.69
CHD CLA JO . 74.71 -0.71 4.16
NA CLA JO . 76.97 -5.54 3.69
C1A CLA JO . 78.13 -5.14 3.15
C2A CLA JO . 79.05 -6.31 2.88
C3A CLA JO . 78.20 -7.52 3.35
C4A CLA JO . 76.94 -6.87 3.83
CMA CLA JO . 78.15 -8.79 2.52
CAA CLA JO . 80.34 -6.28 3.70
CBA CLA JO . 80.25 -5.52 5.02
CGA CLA JO . 79.88 -6.44 6.17
O1A CLA JO . 80.56 -7.42 6.39
O2A CLA JO . 78.80 -6.15 6.89
NB CLA JO . 74.26 -5.83 4.92
C1B CLA JO . 74.62 -7.15 4.85
C2B CLA JO . 73.56 -7.98 5.38
C3B CLA JO . 72.57 -7.11 5.75
C4B CLA JO . 73.03 -5.76 5.46
CMB CLA JO . 73.55 -9.49 5.49
CAB CLA JO . 71.24 -7.40 6.36
CBB CLA JO . 71.11 -8.15 7.66
NC CLA JO . 73.79 -2.87 4.86
C1C CLA JO . 72.65 -3.24 5.42
C2C CLA JO . 71.75 -2.10 5.74
C3C CLA JO . 72.45 -1.00 5.32
C4C CLA JO . 73.72 -1.49 4.77
CMC CLA JO . 70.40 -2.19 6.40
CAC CLA JO . 72.01 0.44 5.41
CBC CLA JO . 72.58 1.10 6.64
ND CLA JO . 76.22 -2.55 3.68
C1D CLA JO . 75.95 -1.22 3.69
C2D CLA JO . 77.05 -0.43 3.15
C3D CLA JO . 78.00 -1.40 2.85
C4D CLA JO . 77.50 -2.66 3.17
CMD CLA JO . 77.28 1.04 2.93
CAD CLA JO . 79.34 -1.55 2.30
OBD CLA JO . 80.18 -0.68 2.24
CBD CLA JO . 79.61 -3.03 2.22
CGD CLA JO . 79.72 -3.38 0.77
O1D CLA JO . 80.42 -2.70 0.03
O2D CLA JO . 79.08 -4.42 0.26
CED CLA JO . 79.87 -5.30 -0.54
C1 CLA JO . 78.79 -4.96 7.74
MG CHL KO . -17.97 102.22 -10.18
CHA CHL KO . -18.25 105.62 -10.17
CHB CHL KO . -14.62 102.53 -9.58
CHC CHL KO . -17.76 98.95 -10.02
CHD CHL KO . -21.44 102.04 -10.88
NA CHL KO . -16.69 103.80 -9.93
C1A CHL KO . -16.99 105.14 -9.88
C2A CHL KO . -15.76 105.97 -9.54
C3A CHL KO . -14.62 104.99 -9.60
C4A CHL KO . -15.34 103.67 -9.72
CMA CHL KO . -13.39 105.27 -10.46
CAA CHL KO . -15.87 106.61 -8.14
CBA CHL KO . -14.60 107.34 -7.68
CGA CHL KO . -14.47 108.72 -8.23
O1A CHL KO . -14.91 109.71 -7.71
O2A CHL KO . -13.78 108.72 -9.35
NB CHL KO . -16.42 100.93 -9.85
C1B CHL KO . -15.13 101.25 -9.65
C2B CHL KO . -14.37 100.04 -9.50
C3B CHL KO . -15.23 98.98 -9.59
C4B CHL KO . -16.56 99.57 -9.83
CMB CHL KO . -12.89 99.97 -9.26
CAB CHL KO . -14.78 97.60 -9.48
CBB CHL KO . -15.57 96.32 -9.60
NC CHL KO . -19.41 100.77 -10.40
C1C CHL KO . -19.05 99.46 -10.26
C2C CHL KO . -20.26 98.65 -10.47
C3C CHL KO . -21.27 99.53 -10.76
C4C CHL KO . -20.75 100.87 -10.70
CMC CHL KO . -20.44 97.22 -10.39
OMC CHL KO . -19.58 96.40 -10.13
CAC CHL KO . -22.67 99.15 -11.18
CBC CHL KO . -23.58 98.88 -10.02
ND CHL KO . -19.56 103.47 -10.47
C1D CHL KO . -20.87 103.31 -10.79
C2D CHL KO . -21.48 104.58 -10.97
C3D CHL KO . -20.51 105.50 -10.72
C4D CHL KO . -19.33 104.82 -10.42
CMD CHL KO . -22.90 104.81 -11.41
CAD CHL KO . -20.22 106.93 -10.63
OBD CHL KO . -20.99 107.86 -10.79
CBD CHL KO . -18.75 107.07 -10.29
CGD CHL KO . -18.08 107.86 -11.42
O1D CHL KO . -17.09 108.53 -11.28
O2D CHL KO . -18.73 107.71 -12.56
CED CHL KO . -18.24 108.47 -13.68
MG CLA LO . -25.08 113.08 -8.08
CHA CLA LO . -26.10 110.96 -5.56
CHB CLA LO . -26.71 115.73 -6.61
CHC CLA LO . -23.82 115.03 -10.41
CHD CLA LO . -23.42 110.32 -9.60
NA CLA LO . -26.28 113.35 -6.26
C1A CLA LO . -26.60 112.38 -5.39
C2A CLA LO . -27.45 112.92 -4.28
C3A CLA LO . -27.67 114.38 -4.66
C4A CLA LO . -26.84 114.52 -5.90
CMA CLA LO . -29.10 114.91 -4.71
CAA CLA LO . -26.65 112.84 -2.98
CBA CLA LO . -25.83 114.08 -2.57
CGA CLA LO . -24.53 114.28 -3.33
O1A CLA LO . -24.08 113.39 -4.04
O2A CLA LO . -23.93 115.44 -3.22
NB CLA LO . -25.23 115.07 -8.43
C1B CLA LO . -25.98 116.00 -7.78
C2B CLA LO . -25.88 117.28 -8.44
C3B CLA LO . -25.07 117.06 -9.52
C4B CLA LO . -24.66 115.66 -9.50
CMB CLA LO . -26.55 118.57 -8.05
CAB CLA LO . -24.64 118.04 -10.54
CBB CLA LO . -23.61 119.09 -10.21
NC CLA LO . -23.83 112.72 -9.73
C1C CLA LO . -23.45 113.68 -10.55
C2C CLA LO . -22.58 113.16 -11.63
C3C CLA LO . -22.48 111.83 -11.40
C4C CLA LO . -23.28 111.55 -10.22
CMC CLA LO . -21.96 113.96 -12.72
CAC CLA LO . -21.69 110.85 -12.23
CBC CLA LO . -20.25 110.89 -11.78
ND CLA LO . -24.77 111.15 -7.76
C1D CLA LO . -24.11 110.13 -8.38
C2D CLA LO . -24.26 108.86 -7.68
C3D CLA LO . -25.03 109.20 -6.58
C4D CLA LO . -25.32 110.56 -6.63
CMD CLA LO . -23.77 107.46 -7.92
CAD CLA LO . -25.63 108.63 -5.40
OBD CLA LO . -25.30 107.58 -4.87
CBD CLA LO . -26.38 109.74 -4.72
CGD CLA LO . -27.85 109.47 -4.78
O1D CLA LO . -28.36 109.03 -5.79
O2D CLA LO . -28.60 109.74 -3.72
CED CLA LO . -29.53 108.72 -3.35
C1 CLA LO . -24.02 116.47 -4.26
C2 CLA LO . -23.11 116.50 -5.47
C3 CLA LO . -22.68 117.66 -5.99
C4 CLA LO . -23.10 118.97 -5.39
C5 CLA LO . -21.78 117.73 -7.20
C6 CLA LO . -20.79 118.89 -7.08
C7 CLA LO . -20.20 119.28 -8.44
C8 CLA LO . -18.76 119.78 -8.30
C9 CLA LO . -18.73 121.11 -7.55
C10 CLA LO . -18.10 119.91 -9.67
C11 CLA LO . -17.42 118.62 -10.09
C12 CLA LO . -16.05 118.87 -10.73
C13 CLA LO . -16.17 119.50 -12.12
C14 CLA LO . -16.98 118.63 -13.07
C15 CLA LO . -14.78 119.74 -12.69
MG CLA MO . -24.96 124.79 -13.62
CHA CLA MO . -24.35 124.03 -10.31
CHB CLA MO . -27.68 126.72 -12.74
CHC CLA MO . -25.36 125.56 -16.82
CHD CLA MO . -22.17 122.82 -14.53
NA CLA MO . -25.93 125.34 -11.71
C1A CLA MO . -25.56 124.94 -10.49
C2A CLA MO . -26.46 125.48 -9.42
C3A CLA MO . -27.49 126.30 -10.22
C4A CLA MO . -27.02 126.13 -11.64
CMA CLA MO . -28.97 126.19 -9.93
CAA CLA MO . -25.68 126.42 -8.51
CBA CLA MO . -26.54 127.06 -7.41
CGA CLA MO . -26.97 125.99 -6.44
O1A CLA MO . -26.14 125.40 -5.77
O2A CLA MO . -28.27 125.72 -6.35
NB CLA MO . -26.30 125.96 -14.62
C1B CLA MO . -27.37 126.65 -14.11
C2B CLA MO . -28.09 127.30 -15.18
C3B CLA MO . -27.44 126.95 -16.32
C4B CLA MO . -26.30 126.11 -15.95
CMB CLA MO . -29.33 128.15 -15.03
CAB CLA MO . -27.74 127.34 -17.72
CBB CLA MO . -27.85 128.79 -18.15
NC CLA MO . -23.90 124.30 -15.38
C1C CLA MO . -24.24 124.73 -16.59
C2C CLA MO . -23.33 124.24 -17.65
C3C CLA MO . -22.40 123.48 -16.98
C4C CLA MO . -22.78 123.53 -15.57
CMC CLA MO . -23.41 124.54 -19.12
CAC CLA MO . -21.24 122.76 -17.61
CBC CLA MO . -19.93 123.48 -17.35
ND CLA MO . -23.57 123.69 -12.75
C1D CLA MO . -22.51 122.94 -13.16
C2D CLA MO . -21.83 122.30 -12.05
C3D CLA MO . -22.55 122.73 -10.93
C4D CLA MO . -23.59 123.56 -11.37
CMD CLA MO . -20.64 121.39 -11.93
CAD CLA MO . -22.60 122.63 -9.49
OBD CLA MO . -21.68 122.27 -8.78
CBD CLA MO . -23.76 123.47 -9.03
CGD CLA MO . -24.75 122.62 -8.32
O1D CLA MO . -25.12 121.56 -8.80
O2D CLA MO . -25.27 123.02 -7.16
CED CLA MO . -25.10 122.13 -6.06
C1 CLA MO . -29.20 126.78 -5.98
C2 CLA MO . -29.02 127.53 -4.67
C3 CLA MO . -29.96 128.37 -4.21
C4 CLA MO . -29.75 129.09 -2.91
C5 CLA MO . -31.25 128.63 -4.95
C6 CLA MO . -31.82 129.99 -4.59
C7 CLA MO . -32.41 130.72 -5.80
C8 CLA MO . -32.07 132.21 -5.79
C9 CLA MO . -32.19 132.82 -4.39
C10 CLA MO . -33.01 132.93 -6.76
C11 CLA MO . -32.25 133.65 -7.86
C12 CLA MO . -33.14 133.84 -9.08
C13 CLA MO . -32.34 134.31 -10.30
C14 CLA MO . -33.17 135.24 -11.17
C15 CLA MO . -31.87 133.09 -11.09
C16 CLA MO . -30.79 133.46 -12.09
C17 CLA MO . -30.56 132.34 -13.11
C18 CLA MO . -30.70 132.85 -14.53
C19 CLA MO . -29.58 133.82 -14.87
C20 CLA MO . -30.74 131.70 -15.53
MG CLA NO . -32.60 121.84 -31.02
CHA CLA NO . -32.41 123.32 -34.12
CHB CLA NO . -31.69 124.81 -29.50
CHC CLA NO . -32.87 120.35 -28.08
CHD CLA NO . -33.58 118.82 -32.57
NA CLA NO . -32.11 123.88 -31.71
C1A CLA NO . -32.08 124.27 -32.99
C2A CLA NO . -31.69 125.73 -33.13
C3A CLA NO . -31.45 126.14 -31.67
C4A CLA NO . -31.76 124.89 -30.90
CMA CLA NO . -30.17 126.90 -31.34
CAA CLA NO . -32.85 126.55 -33.68
CBA CLA NO . -34.09 126.55 -32.78
CGA CLA NO . -35.20 125.73 -33.40
O1A CLA NO . -34.98 125.06 -34.39
O2A CLA NO . -36.40 125.72 -32.85
NB CLA NO . -32.33 122.48 -29.10
C1B CLA NO . -31.95 123.72 -28.65
C2B CLA NO . -31.87 123.72 -27.21
C3B CLA NO . -32.21 122.45 -26.83
C4B CLA NO . -32.49 121.69 -28.03
CMB CLA NO . -31.48 124.89 -26.35
CAB CLA NO . -32.28 121.89 -25.45
CBB CLA NO . -31.12 121.96 -24.49
NC CLA NO . -33.17 119.91 -30.43
C1C CLA NO . -33.22 119.51 -29.17
C2C CLA NO . -33.69 118.11 -29.03
C3C CLA NO . -33.91 117.71 -30.30
C4C CLA NO . -33.58 118.83 -31.17
CMC CLA NO . -33.89 117.33 -27.76
CAC CLA NO . -34.41 116.35 -30.71
CBC CLA NO . -35.92 116.39 -30.76
ND CLA NO . -32.93 121.14 -32.83
C1D CLA NO . -33.33 119.96 -33.38
C2D CLA NO . -33.40 120.03 -34.84
C3D CLA NO . -33.05 121.35 -35.11
C4D CLA NO . -32.78 122.00 -33.92
CMD CLA NO . -33.76 119.07 -35.94
CAD CLA NO . -32.87 122.28 -36.22
OBD CLA NO . -33.52 122.21 -37.24
CBD CLA NO . -32.37 123.55 -35.61
CGD CLA NO . -30.93 123.80 -36.00
O1D CLA NO . -30.15 122.88 -36.10
O2D CLA NO . -30.52 125.04 -36.20
CED CLA NO . -29.80 125.29 -37.40
C1 CLA NO . -37.56 125.55 -33.72
C2 CLA NO . -38.97 125.80 -33.21
C3 CLA NO . -40.03 125.31 -33.88
C4 CLA NO . -39.87 124.53 -35.15
C5 CLA NO . -41.44 125.52 -33.42
C6 CLA NO . -41.60 124.94 -32.01
C7 CLA NO . -42.36 123.63 -32.03
C8 CLA NO . -41.68 122.57 -31.15
C9 CLA NO . -42.47 121.28 -31.14
C10 CLA NO . -41.51 123.12 -29.74
MG CLA OO . -40.83 114.88 -36.21
CHA CLA OO . -37.77 113.94 -34.92
CHB CLA OO . -41.64 111.59 -36.86
CHC CLA OO . -43.79 115.91 -37.32
CHD CLA OO . -40.00 118.26 -35.54
NA CLA OO . -39.82 112.94 -35.92
C1A CLA OO . -38.60 112.76 -35.39
C2A CLA OO . -38.22 111.30 -35.38
C3A CLA OO . -39.45 110.61 -36.01
C4A CLA OO . -40.37 111.76 -36.28
CMA CLA OO . -39.24 109.54 -37.08
CAA CLA OO . -38.07 110.71 -33.98
CBA CLA OO . -38.76 111.49 -32.86
CGA CLA OO . -40.21 111.09 -32.69
O1A CLA OO . -40.52 109.94 -32.91
O2A CLA OO . -41.10 112.00 -32.31
NB CLA OO . -42.46 113.91 -36.95
C1B CLA OO . -42.61 112.57 -37.18
C2B CLA OO . -43.90 112.30 -37.78
C3B CLA OO . -44.49 113.53 -37.90
C4B CLA OO . -43.56 114.53 -37.37
CMB CLA OO . -44.44 110.96 -38.17
CAB CLA OO . -45.82 113.86 -38.45
CBB CLA OO . -47.07 113.35 -37.76
NC CLA OO . -41.77 116.77 -36.33
C1C CLA OO . -42.97 116.97 -36.87
C2C CLA OO . -43.33 118.41 -36.96
C3C CLA OO . -42.27 119.06 -36.41
C4C CLA OO . -41.29 118.03 -36.04
CMC CLA OO . -44.61 118.99 -37.51
CAC CLA OO . -42.12 120.55 -36.26
CBC CLA OO . -42.43 120.96 -34.84
ND CLA OO . -39.34 115.92 -35.44
C1D CLA OO . -39.07 117.25 -35.22
C2D CLA OO . -37.76 117.45 -34.63
C3D CLA OO . -37.26 116.15 -34.53
C4D CLA OO . -38.21 115.25 -35.01
CMD CLA OO . -36.99 118.66 -34.21
CAD CLA OO . -36.11 115.41 -34.09
OBD CLA OO . -34.99 115.89 -33.93
CBD CLA OO . -36.38 113.95 -34.28
CGD CLA OO . -35.30 113.40 -35.17
O1D CLA OO . -34.17 113.27 -34.74
O2D CLA OO . -35.54 113.04 -36.43
CED CLA OO . -34.85 111.88 -36.88
C1 CLA OO . -41.19 113.32 -32.92
C2 CLA OO . -40.47 114.52 -32.36
C3 CLA OO . -41.02 115.75 -32.41
C4 CLA OO . -42.38 115.98 -33.02
C5 CLA OO . -40.33 116.96 -31.85
MG CHL PO . -33.90 129.12 -29.08
CHA CHL PO . -36.80 129.23 -30.84
CHB CHL PO . -35.67 128.01 -26.32
CHC CHL PO . -31.12 129.04 -27.42
CHD CHL PO . -32.22 130.33 -31.98
NA CHL PO . -35.87 128.69 -28.68
C1A CHL PO . -36.91 128.73 -29.56
C2A CHL PO . -38.20 128.22 -28.93
C3A CHL PO . -37.85 128.09 -27.47
C4A CHL PO . -36.35 128.27 -27.46
CMA CHL PO . -38.71 128.76 -26.41
CAA CHL PO . -38.64 126.89 -29.53
CBA CHL PO . -39.93 126.33 -28.94
CGA CHL PO . -41.13 127.16 -29.26
NB CHL PO . -33.47 128.58 -27.15
C1B CHL PO . -34.30 128.14 -26.17
C2B CHL PO . -33.53 127.87 -25.02
C3B CHL PO . -32.22 128.16 -25.29
C4B CHL PO . -32.19 128.61 -26.68
CMB CHL PO . -34.07 127.37 -23.71
CAB CHL PO . -31.12 128.03 -24.32
CBB CHL PO . -29.65 128.32 -24.48
NC CHL PO . -31.99 129.61 -29.66
C1C CHL PO . -31.00 129.48 -28.74
C2C CHL PO . -29.76 129.92 -29.38
C3C CHL PO . -30.08 130.29 -30.65
C4C CHL PO . -31.49 130.09 -30.84
CMC CHL PO . -28.40 129.96 -28.87
OMC CHL PO . -28.06 129.64 -27.75
CAC CHL PO . -29.13 130.82 -31.69
CBC CHL PO . -28.96 132.32 -31.63
ND CHL PO . -34.30 129.67 -31.00
C1D CHL PO . -33.58 130.12 -32.06
C2D CHL PO . -34.44 130.33 -33.18
C3D CHL PO . -35.71 130.01 -32.76
C4D CHL PO . -35.61 129.60 -31.42
CMD CHL PO . -34.00 130.80 -34.54
CAD CHL PO . -37.10 129.92 -33.13
OBD CHL PO . -37.62 130.17 -34.21
CBD CHL PO . -37.88 129.44 -31.92
CGD CHL PO . -38.95 130.46 -31.55
O1D CHL PO . -38.96 131.13 -30.56
O2D CHL PO . -39.90 130.51 -32.49
CED CHL PO . -40.96 131.46 -32.27
MG CHL QO . -23.93 131.07 -26.42
CHA CHL QO . -21.69 131.90 -28.85
CHB CHL QO . -21.58 129.02 -24.99
CHC CHL QO . -26.09 130.34 -24.11
CHD CHL QO . -26.27 133.22 -28.01
NA CHL QO . -21.99 130.57 -26.84
C1A CHL QO . -21.18 131.10 -27.83
C2A CHL QO . -19.74 130.64 -27.70
C3A CHL QO . -19.80 129.59 -26.61
C4A CHL QO . -21.22 129.71 -26.08
CMA CHL QO . -18.64 129.36 -25.64
CAA CHL QO . -18.80 131.81 -27.34
CBA CHL QO . -19.38 132.84 -26.37
NB CHL QO . -23.83 129.84 -24.79
C1B CHL QO . -22.83 129.05 -24.39
C2B CHL QO . -23.25 128.31 -23.25
C3B CHL QO . -24.56 128.66 -22.97
C4B CHL QO . -24.92 129.65 -23.97
CMB CHL QO . -22.43 127.31 -22.51
CAB CHL QO . -25.34 128.08 -21.88
CBB CHL QO . -26.78 128.36 -21.48
NC CHL QO . -25.86 131.71 -26.14
C1C CHL QO . -26.53 131.27 -25.04
C2C CHL QO . -27.84 131.92 -25.04
C3C CHL QO . -27.88 132.72 -26.15
C4C CHL QO . -26.64 132.59 -26.85
CMC CHL QO . -28.92 131.84 -24.07
OMC CHL QO . -28.93 131.15 -23.08
CAC CHL QO . -29.03 133.60 -26.55
CBC CHL QO . -29.86 133.01 -27.66
ND CHL QO . -24.06 132.31 -28.04
C1D CHL QO . -25.03 133.07 -28.61
C2D CHL QO . -24.56 133.67 -29.81
C3D CHL QO . -23.26 133.23 -29.95
C4D CHL QO . -22.96 132.40 -28.87
CMD CHL QO . -25.34 134.61 -30.67
CAD CHL QO . -22.06 133.29 -30.78
OBD CHL QO . -21.90 133.90 -31.82
CBD CHL QO . -20.99 132.45 -30.10
CGD CHL QO . -20.47 131.38 -31.06
O1D CHL QO . -21.07 130.39 -31.38
O2D CHL QO . -19.25 131.68 -31.48
CED CHL QO . -18.64 130.74 -32.41
MG CHL RO . -43.76 122.56 -17.08
CHA CHL RO . -41.06 120.63 -17.72
CHB CHL RO . -43.95 123.34 -20.47
CHC CHL RO . -46.33 124.40 -16.45
CHD CHL RO . -43.41 121.73 -13.62
NA CHL RO . -42.71 122.06 -18.78
C1A CHL RO . -41.65 121.18 -18.84
C2A CHL RO . -41.18 120.98 -20.28
C3A CHL RO . -41.96 122.02 -21.07
C4A CHL RO . -42.94 122.54 -20.06
CMA CHL RO . -41.21 123.00 -21.97
CAA CHL RO . -41.45 119.56 -20.79
CBA CHL RO . -42.85 119.04 -20.48
CGA CHL RO . -43.09 117.64 -20.96
O1A CHL RO . -43.08 116.66 -20.28
O2A CHL RO . -43.33 117.62 -22.26
NB CHL RO . -44.96 123.69 -18.29
C1B CHL RO . -44.91 123.88 -19.63
C2B CHL RO . -45.99 124.73 -20.01
C3B CHL RO . -46.71 125.04 -18.89
C4B CHL RO . -46.03 124.37 -17.78
CMB CHL RO . -46.28 125.19 -21.41
CAB CHL RO . -47.93 125.86 -18.89
CBB CHL RO . -48.84 126.24 -17.75
NC CHL RO . -44.68 122.97 -15.30
C1C CHL RO . -45.75 123.81 -15.33
C2C CHL RO . -46.21 123.97 -13.94
C3C CHL RO . -45.40 123.20 -13.17
C4C CHL RO . -44.43 122.56 -14.01
CMC CHL RO . -47.29 124.78 -13.42
OMC CHL RO . -48.04 125.48 -14.08
CAC CHL RO . -45.51 123.02 -11.67
CBC CHL RO . -46.19 121.73 -11.28
ND CHL RO . -42.59 121.45 -15.84
C1D CHL RO . -42.51 121.19 -14.51
C2D CHL RO . -41.42 120.33 -14.23
C3D CHL RO . -40.82 120.08 -15.45
C4D CHL RO . -41.54 120.77 -16.43
CMD CHL RO . -41.01 119.83 -12.88
CAD CHL RO . -39.72 119.39 -16.14
OBD CHL RO . -38.88 118.67 -15.65
CBD CHL RO . -39.81 119.75 -17.60
CGD CHL RO . -38.56 120.52 -18.02
O1D CHL RO . -38.53 121.69 -18.27
O2D CHL RO . -37.50 119.72 -18.05
CED CHL RO . -36.24 120.35 -18.40
C1 CHL RO . -43.60 116.41 -23.01
C2 CHL RO . -44.16 116.82 -24.34
C3 CHL RO . -43.37 117.10 -25.36
C4 CHL RO . -41.87 117.05 -25.31
C5 CHL RO . -43.95 117.49 -26.71
C6 CHL RO . -43.73 118.96 -27.07
C7 CHL RO . -44.62 119.92 -26.29
C8 CHL RO . -43.94 120.61 -25.10
C9 CHL RO . -42.76 121.46 -25.56
C10 CHL RO . -45.01 121.47 -24.43
C11 CHL RO . -45.60 122.57 -25.31
C12 CHL RO . -46.64 123.41 -24.59
C13 CHL RO . -47.26 124.53 -25.43
C14 CHL RO . -46.23 125.21 -26.33
C15 CHL RO . -48.10 125.57 -24.67
MG CLA SO . -33.26 128.61 -14.86
CHA CLA SO . -32.71 126.82 -11.99
CHB CLA SO . -34.53 131.24 -13.03
CHC CLA SO . -33.66 130.26 -17.70
CHD CLA SO . -31.89 125.91 -16.73
NA CLA SO . -33.58 129.02 -12.72
C1A CLA SO . -33.29 128.19 -11.72
C2A CLA SO . -33.61 128.77 -10.36
C3A CLA SO . -34.18 130.16 -10.73
C4A CLA SO . -34.11 130.17 -12.24
CMA CLA SO . -35.36 130.72 -9.97
CAA CLA SO . -32.35 129.00 -9.53
CBA CLA SO . -31.17 129.40 -10.38
CGA CLA SO . -30.09 130.05 -9.55
O1A CLA SO . -29.93 129.69 -8.39
O2A CLA SO . -29.36 130.99 -10.11
NB CLA SO . -33.98 130.47 -15.29
C1B CLA SO . -34.49 131.39 -14.43
C2B CLA SO . -34.95 132.54 -15.16
C3B CLA SO . -34.70 132.26 -16.48
C4B CLA SO . -34.08 130.94 -16.54
CMB CLA SO . -35.58 133.79 -14.59
CAB CLA SO . -35.02 133.14 -17.64
CBB CLA SO . -33.94 133.64 -18.57
NC CLA SO . -32.78 128.18 -16.87
C1C CLA SO . -33.08 128.99 -17.88
C2C CLA SO . -32.73 128.40 -19.21
C3C CLA SO . -32.20 127.18 -18.91
C4C CLA SO . -32.25 127.04 -17.45
CMC CLA SO . -32.92 129.02 -20.56
CAC CLA SO . -31.68 126.17 -19.91
CBC CLA SO . -30.21 126.38 -20.15
ND CLA SO . -32.48 126.81 -14.56
C1D CLA SO . -31.96 125.81 -15.32
C2D CLA SO . -31.52 124.68 -14.50
C3D CLA SO . -31.82 125.09 -13.21
C4D CLA SO . -32.39 126.36 -13.26
CMD CLA SO . -30.89 123.35 -14.81
CAD CLA SO . -31.74 124.66 -11.83
OBD CLA SO . -30.94 123.85 -11.40
CBD CLA SO . -32.44 125.71 -11.01
CGD CLA SO . -33.76 125.21 -10.49
O1D CLA SO . -34.56 124.67 -11.23
O2D CLA SO . -34.07 125.37 -9.20
CED CLA SO . -34.08 124.20 -8.41
C1 CLA SO . -28.09 130.68 -10.74
C2 CLA SO . -26.90 130.19 -9.93
C3 CLA SO . -25.64 130.35 -10.35
C4 CLA SO . -24.49 129.86 -9.53
C5 CLA SO . -25.31 131.03 -11.66
C6 CLA SO . -24.17 130.28 -12.38
C7 CLA SO . -24.73 129.12 -13.19
C8 CLA SO . -23.67 128.04 -13.44
C9 CLA SO . -22.96 127.64 -12.15
C10 CLA SO . -22.68 128.52 -14.49
C11 CLA SO . -22.35 127.39 -15.46
C12 CLA SO . -20.95 127.52 -16.03
C13 CLA SO . -20.89 127.06 -17.49
C14 CLA SO . -19.48 127.15 -18.05
C15 CLA SO . -21.86 127.89 -18.34
MG CLA TO . -39.82 112.31 -18.14
CHA CLA TO . -42.28 112.66 -15.75
CHB CLA TO . -39.46 108.96 -17.35
CHC CLA TO . -37.58 112.06 -20.55
CHD CLA TO . -40.21 115.75 -18.95
NA CLA TO . -40.77 110.93 -16.71
C1A CLA TO . -41.74 111.25 -15.84
C2A CLA TO . -42.17 110.07 -15.02
C3A CLA TO . -41.23 108.96 -15.49
C4A CLA TO . -40.43 109.63 -16.57
CMA CLA TO . -40.53 108.17 -14.41
CAA CLA TO . -43.55 109.58 -15.44
CBA CLA TO . -43.99 109.93 -16.87
CGA CLA TO . -43.81 108.86 -17.93
O1A CLA TO . -42.69 108.59 -18.32
O2A CLA TO . -44.90 108.28 -18.45
NB CLA TO . -38.71 110.75 -18.85
C1B CLA TO . -38.66 109.46 -18.38
C2B CLA TO . -37.69 108.72 -19.16
C3B CLA TO . -37.17 109.60 -20.05
C4B CLA TO . -37.82 110.89 -19.84
CMB CLA TO . -37.34 107.26 -18.98
CAB CLA TO . -36.13 109.36 -21.08
CBB CLA TO . -36.42 108.41 -22.22
NC CLA TO . -39.06 113.67 -19.56
C1C CLA TO . -38.12 113.37 -20.44
C2C CLA TO . -37.71 114.52 -21.26
C3C CLA TO . -38.49 115.56 -20.82
C4C CLA TO . -39.32 115.02 -19.74
CMC CLA TO . -36.68 114.54 -22.36
CAC CLA TO . -38.47 116.97 -21.33
CBC CLA TO . -39.38 117.09 -22.52
ND CLA TO . -40.92 113.86 -17.59
C1D CLA TO . -41.01 115.19 -17.92
C2D CLA TO . -42.00 115.89 -17.10
C3D CLA TO . -42.48 114.90 -16.26
C4D CLA TO . -41.83 113.70 -16.57
CMD CLA TO . -42.49 117.31 -17.02
CAD CLA TO . -43.42 114.67 -15.19
OBD CLA TO . -43.90 115.54 -14.48
CBD CLA TO . -43.34 113.21 -14.83
CGD CLA TO . -42.88 113.08 -13.41
O1D CLA TO . -42.08 113.86 -12.93
O2D CLA TO . -43.35 112.08 -12.66
CED CLA TO . -44.63 112.28 -12.07
C1 CLA TO . -44.94 106.93 -19.03
C2 CLA TO . -43.87 106.30 -19.89
C3 CLA TO . -44.13 105.59 -21.01
C4 CLA TO . -45.52 105.36 -21.51
C5 CLA TO . -43.00 104.98 -21.82
C6 CLA TO . -43.18 105.14 -23.32
C7 CLA TO . -41.85 104.92 -24.03
C8 CLA TO . -41.97 103.94 -25.19
C9 CLA TO . -41.73 102.50 -24.72
C10 CLA TO . -40.98 104.31 -26.29
C11 CLA TO . -41.69 104.88 -27.52
C12 CLA TO . -41.84 106.40 -27.40
C13 CLA TO . -43.23 106.93 -27.75
C14 CLA TO . -43.51 108.22 -26.97
C15 CLA TO . -44.32 105.90 -27.48
C16 CLA TO . -45.68 106.40 -27.97
C17 CLA TO . -45.70 106.63 -29.47
C18 CLA TO . -46.52 107.86 -29.83
C19 CLA TO . -46.57 108.05 -31.35
C20 CLA TO . -47.92 107.77 -29.24
MG CLA UO . -27.05 99.37 -17.80
CHA CLA UO . -30.42 100.02 -17.50
CHB CLA UO . -27.54 96.12 -16.74
CHC CLA UO . -23.81 98.84 -18.18
CHD CLA UO . -26.56 102.70 -18.91
NA CLA UO . -28.80 98.17 -17.19
C1A CLA UO . -30.07 98.60 -17.13
C2A CLA UO . -31.01 97.51 -16.67
C3A CLA UO . -30.07 96.31 -16.44
C4A CLA UO . -28.72 96.87 -16.80
CMA CLA UO . -30.18 95.43 -15.20
CAA CLA UO . -31.99 97.14 -17.78
CBA CLA UO . -33.06 96.18 -17.29
CGA CLA UO . -34.04 95.85 -18.39
O1A CLA UO . -34.62 94.77 -18.35
O2A CLA UO . -34.28 96.72 -19.35
NB CLA UO . -25.86 97.73 -17.52
C1B CLA UO . -26.22 96.51 -17.06
C2B CLA UO . -25.07 95.65 -16.98
C3B CLA UO . -24.02 96.41 -17.39
C4B CLA UO . -24.54 97.74 -17.72
CMB CLA UO . -25.04 94.21 -16.54
CAB CLA UO . -22.60 95.97 -17.47
CBB CLA UO . -21.83 96.02 -18.76
NC CLA UO . -25.46 100.55 -18.51
C1C CLA UO . -24.19 100.14 -18.53
C2C CLA UO . -23.26 101.21 -18.94
C3C CLA UO . -24.07 102.30 -19.17
C4C CLA UO . -25.43 101.87 -18.90
CMC CLA UO . -21.76 101.12 -19.08
CAC CLA UO . -23.62 103.66 -19.63
CBC CLA UO . -23.75 103.72 -21.13
ND CLA UO . -28.11 101.00 -18.12
C1D CLA UO . -27.87 102.26 -18.60
C2D CLA UO . -29.10 103.03 -18.75
C3D CLA UO . -30.08 102.15 -18.31
C4D CLA UO . -29.48 100.94 -17.95
CMD CLA UO . -29.42 104.43 -19.22
CAD CLA UO . -31.51 102.04 -18.10
OBD CLA UO . -32.34 102.75 -18.61
CBD CLA UO . -31.75 100.74 -17.40
CGD CLA UO . -32.02 101.03 -15.95
O1D CLA UO . -32.04 102.19 -15.58
O2D CLA UO . -32.23 100.07 -15.07
CED CLA UO . -33.45 100.19 -14.34
C1 CLA UO . -34.09 96.35 -20.76
C2 CLA UO . -32.71 96.12 -21.32
C3 CLA UO . -32.48 96.22 -22.64
C4 CLA UO . -33.58 96.55 -23.61
C5 CLA UO . -31.10 96.00 -23.23
C6 CLA UO . -30.87 96.93 -24.41
C7 CLA UO . -29.63 97.81 -24.21
C8 CLA UO . -29.29 98.55 -25.50
C9 CLA UO . -27.78 98.66 -25.68
C10 CLA UO . -29.94 99.93 -25.47
C11 CLA UO . -30.73 100.21 -26.75
C12 CLA UO . -31.79 101.28 -26.50
C13 CLA UO . -31.90 102.24 -27.69
C14 CLA UO . -30.61 103.03 -27.87
C15 CLA UO . -33.09 103.16 -27.50
C16 CLA UO . -33.66 103.59 -28.85
C17 CLA UO . -34.75 104.63 -28.67
C18 CLA UO . -35.07 105.31 -30.00
C19 CLA UO . -36.28 106.24 -29.88
C20 CLA UO . -33.86 106.05 -30.54
MG CLA VO . -32.11 104.79 -24.51
CHA CLA VO . -33.77 102.67 -22.33
CHB CLA VO . -35.05 106.44 -25.22
CHC CLA VO . -30.40 106.82 -26.45
CHD CLA VO . -29.10 103.07 -23.75
NA CLA VO . -34.21 104.61 -23.84
C1A CLA VO . -34.68 103.70 -22.97
C2A CLA VO . -36.17 103.86 -22.75
C3A CLA VO . -36.53 105.04 -23.67
C4A CLA VO . -35.20 105.41 -24.29
CMA CLA VO . -37.75 104.96 -24.56
CAA CLA VO . -36.47 104.24 -21.30
CBA CLA VO . -37.88 103.79 -20.95
CGA CLA VO . -38.02 102.32 -21.25
O1A CLA VO . -37.35 101.52 -20.62
O2A CLA VO . -38.85 101.92 -22.19
NB CLA VO . -32.64 106.39 -25.65
C1B CLA VO . -33.89 106.90 -25.86
C2B CLA VO . -33.83 107.98 -26.82
C3B CLA VO . -32.50 108.08 -27.16
C4B CLA VO . -31.77 107.06 -26.41
CMB CLA VO . -34.99 108.80 -27.31
CAB CLA VO . -31.86 109.02 -28.11
CBB CLA VO . -32.33 109.14 -29.54
NC CLA VO . -30.06 104.96 -24.96
C1C CLA VO . -29.58 105.82 -25.86
C2C CLA VO . -28.14 105.61 -26.13
C3C CLA VO . -27.78 104.57 -25.33
C4C CLA VO . -28.99 104.16 -24.61
CMC CLA VO . -27.27 106.40 -27.09
CAC CLA VO . -26.43 103.92 -25.21
CBC CLA VO . -26.29 102.81 -26.23
ND CLA VO . -31.49 103.27 -23.38
C1D CLA VO . -30.30 102.67 -23.11
C2D CLA VO . -30.44 101.59 -22.14
C3D CLA VO . -31.80 101.60 -21.85
C4D CLA VO . -32.41 102.61 -22.59
CMD CLA VO . -29.49 100.61 -21.50
CAD CLA VO . -32.80 100.94 -21.04
OBD CLA VO . -32.64 99.89 -20.44
CBD CLA VO . -34.12 101.52 -21.42
CGD CLA VO . -34.84 100.46 -22.21
O1D CLA VO . -35.48 99.58 -21.65
O2D CLA VO . -34.79 100.46 -23.54
CED CLA VO . -36.03 100.40 -24.24
MG CLA WO . -13.98 110.51 -24.72
CHA CLA WO . -11.88 111.12 -27.43
CHB CLA WO . -15.63 108.06 -26.47
CHC CLA WO . -15.85 109.96 -22.04
CHD CLA WO . -12.28 113.01 -22.90
NA CLA WO . -13.78 109.65 -26.74
C1A CLA WO . -12.90 110.02 -27.68
C2A CLA WO . -13.09 109.22 -28.94
C3A CLA WO . -14.26 108.29 -28.62
C4A CLA WO . -14.59 108.67 -27.21
CMA CLA WO . -15.37 108.09 -29.64
CAA CLA WO . -11.84 108.40 -29.31
CBA CLA WO . -11.56 107.24 -28.36
CGA CLA WO . -10.63 107.69 -27.26
O1A CLA WO . -9.73 108.48 -27.52
O2A CLA WO . -10.83 107.21 -26.04
NB CLA WO . -15.49 109.21 -24.32
C1B CLA WO . -16.06 108.30 -25.16
C2B CLA WO . -17.13 107.61 -24.48
C3B CLA WO . -17.18 108.16 -23.22
C4B CLA WO . -16.14 109.17 -23.15
CMB CLA WO . -18.02 106.52 -25.03
CAB CLA WO . -18.10 107.84 -22.12
CBB CLA WO . -19.58 108.14 -22.25
NC CLA WO . -14.00 111.30 -22.77
C1C CLA WO . -14.90 110.97 -21.85
C2C CLA WO . -14.77 111.76 -20.60
C3C CLA WO . -13.73 112.61 -20.85
C4C CLA WO . -13.26 112.31 -22.20
CMC CLA WO . -15.61 111.65 -19.36
CAC CLA WO . -13.19 113.64 -19.90
CBC CLA WO . -12.14 113.00 -19.02
ND CLA WO . -12.47 111.76 -24.98
C1D CLA WO . -11.88 112.73 -24.22
C2D CLA WO . -10.83 113.41 -24.96
C3D CLA WO . -10.84 112.79 -26.20
C4D CLA WO . -11.83 111.80 -26.20
CMD CLA WO . -9.89 114.54 -24.62
CAD CLA WO . -10.18 112.80 -27.48
OBD CLA WO . -9.24 113.51 -27.79
CBD CLA WO . -10.76 111.68 -28.31
CGD CLA WO . -11.16 112.25 -29.65
O1D CLA WO . -10.33 112.82 -30.33
O2D CLA WO . -12.38 112.13 -30.16
CED CLA WO . -12.40 111.74 -31.54
C1 CLA WO . -11.40 108.00 -24.96
C2 CLA WO . -10.63 109.08 -24.27
C3 CLA WO . -10.50 109.07 -22.93
C4 CLA WO . -9.74 110.14 -22.19
C5 CLA WO . -11.10 107.98 -22.08
C6 CLA WO . -11.83 108.60 -20.88
C7 CLA WO . -12.36 107.51 -19.96
C8 CLA WO . -13.61 106.88 -20.55
C9 CLA WO . -14.84 107.21 -19.72
C10 CLA WO . -13.41 105.37 -20.66
MG CLA XO . -13.38 102.34 -29.04
CHA CLA XO . -10.86 103.12 -26.80
CHB CLA XO . -11.16 100.56 -30.98
CHC CLA XO . -15.88 101.54 -31.05
CHD CLA XO . -15.64 104.17 -27.06
NA CLA XO . -11.23 101.87 -28.91
C1A CLA XO . -10.39 102.28 -27.96
C2A CLA XO . -8.98 101.82 -28.22
C3A CLA XO . -9.13 101.06 -29.54
C4A CLA XO . -10.59 101.15 -29.84
CMA CLA XO . -8.23 101.46 -30.70
CAA CLA XO . -8.54 100.86 -27.12
CBA CLA XO . -7.42 99.90 -27.52
CGA CLA XO . -7.39 98.77 -26.52
O1A CLA XO . -6.86 98.98 -25.45
O2A CLA XO . -7.94 97.61 -26.80
NB CLA XO . -13.50 101.22 -30.74
C1B CLA XO . -12.50 100.58 -31.40
C2B CLA XO . -13.02 99.94 -32.59
C3B CLA XO . -14.35 100.24 -32.60
C4B CLA XO . -14.64 101.05 -31.42
CMB CLA XO . -12.26 99.12 -33.60
CAB CLA XO . -15.36 99.81 -33.60
CBB CLA XO . -15.93 98.42 -33.56
NC CLA XO . -15.45 102.70 -29.00
C1C CLA XO . -16.28 102.36 -29.98
C2C CLA XO . -17.64 102.93 -29.82
C3C CLA XO . -17.55 103.64 -28.65
C4C CLA XO . -16.20 103.50 -28.15
CMC CLA XO . -18.82 102.75 -30.72
CAC CLA XO . -18.67 104.42 -28.01
CBC CLA XO . -19.28 103.53 -26.96
ND CLA XO . -13.37 103.40 -27.38
C1D CLA XO . -14.30 104.08 -26.64
C2D CLA XO . -13.71 104.67 -25.44
C3D CLA XO . -12.38 104.29 -25.52
C4D CLA XO . -12.19 103.53 -26.67
CMD CLA XO . -14.25 105.49 -24.30
CAD CLA XO . -11.12 104.41 -24.81
OBD CLA XO . -10.95 104.95 -23.74
CBD CLA XO . -10.08 103.69 -25.62
CGD CLA XO . -9.04 104.66 -26.09
O1D CLA XO . -9.00 105.02 -27.26
O2D CLA XO . -8.15 105.15 -25.23
CED CLA XO . -7.66 106.47 -25.49
C1 CLA XO . -8.51 97.26 -28.10
C2 CLA XO . -9.89 97.66 -28.55
C3 CLA XO . -10.78 96.72 -28.93
C4 CLA XO . -10.42 95.27 -28.88
C5 CLA XO . -12.17 97.03 -29.42
C6 CLA XO . -13.02 97.69 -28.33
C7 CLA XO . -14.18 98.42 -28.98
C8 CLA XO . -15.34 98.62 -28.00
C9 CLA XO . -16.66 98.75 -28.75
C10 CLA XO . -15.06 99.84 -27.14
MG CLA YO . -50.55 122.29 -24.56
CHA CLA YO . -52.34 125.18 -25.20
CHB CLA YO . -51.41 121.02 -27.64
CHC CLA YO . -48.72 119.62 -23.87
CHD CLA YO . -49.66 123.63 -21.40
NA CLA YO . -51.74 123.02 -26.27
C1A CLA YO . -52.38 124.19 -26.35
C2A CLA YO . -53.11 124.35 -27.66
C3A CLA YO . -52.80 123.03 -28.39
C4A CLA YO . -51.94 122.30 -27.39
CMA CLA YO . -53.90 122.29 -29.15
CAA CLA YO . -52.62 125.52 -28.51
CBA CLA YO . -51.17 125.93 -28.26
CGA CLA YO . -50.31 125.56 -29.44
O1A CLA YO . -49.79 126.46 -30.10
O2A CLA YO . -50.12 124.29 -29.73
NB CLA YO . -50.13 120.60 -25.60
C1B CLA YO . -50.58 120.22 -26.82
C2B CLA YO . -50.07 118.92 -27.17
C3B CLA YO . -49.32 118.54 -26.09
C4B CLA YO . -49.36 119.61 -25.10
CMB CLA YO . -50.35 118.17 -28.45
CAB CLA YO . -48.56 117.27 -25.89
CBB CLA YO . -47.49 116.84 -26.87
NC CLA YO . -49.30 121.77 -22.95
C1C CLA YO . -48.74 120.57 -22.81
C2C CLA YO . -48.16 120.35 -21.47
C3C CLA YO . -48.41 121.51 -20.80
C4C CLA YO . -49.12 122.39 -21.72
CMC CLA YO . -47.45 119.11 -20.97
CAC CLA YO . -48.05 121.83 -19.37
CBC CLA YO . -49.26 121.51 -18.52
ND CLA YO . -50.86 123.93 -23.48
C1D CLA YO . -50.46 124.41 -22.28
C2D CLA YO . -50.96 125.76 -22.02
C3D CLA YO . -51.69 126.04 -23.18
C4D CLA YO . -51.62 124.95 -24.03
CMD CLA YO . -50.82 126.74 -20.88
CAD CLA YO . -52.48 127.08 -23.79
OBD CLA YO . -52.38 128.27 -23.54
CBD CLA YO . -53.04 126.51 -25.06
CGD CLA YO . -54.51 126.23 -24.88
O1D CLA YO . -54.91 125.61 -23.91
O2D CLA YO . -55.38 126.66 -25.78
CED CLA YO . -56.30 127.66 -25.34
C1 CLA YO . -48.98 123.57 -29.16
C2 CLA YO . -47.58 124.01 -29.48
C3 CLA YO . -46.55 123.17 -29.30
C4 CLA YO . -45.14 123.58 -29.61
C5 CLA YO . -46.73 121.76 -28.75
C1 LUT ZO . -20.02 109.61 -28.73
C2 LUT ZO . -19.41 110.84 -29.38
C3 LUT ZO . -18.32 111.48 -28.54
C4 LUT ZO . -18.83 111.84 -27.15
C5 LUT ZO . -19.57 110.67 -26.55
C6 LUT ZO . -20.38 109.92 -27.29
C7 LUT ZO . -21.63 109.41 -26.70
C8 LUT ZO . -22.69 110.21 -26.56
C9 LUT ZO . -23.95 109.74 -25.96
C10 LUT ZO . -25.05 110.49 -26.11
C11 LUT ZO . -26.31 110.05 -25.53
C12 LUT ZO . -27.42 110.76 -25.72
C13 LUT ZO . -28.68 110.32 -25.11
C14 LUT ZO . -29.81 110.96 -25.43
C15 LUT ZO . -31.09 110.55 -24.86
C16 LUT ZO . -18.99 108.48 -28.73
C17 LUT ZO . -21.25 109.19 -29.53
C18 LUT ZO . -19.38 110.34 -25.10
C19 LUT ZO . -23.99 108.45 -25.20
C20 LUT ZO . -28.70 109.18 -24.14
O3 LUT ZO . -17.90 112.69 -29.19
C21 LUT ZO . -42.98 112.02 -21.07
C22 LUT ZO . -44.36 111.55 -20.66
C23 LUT ZO . -44.65 110.31 -21.48
C24 LUT ZO . -44.95 110.78 -22.88
C25 LUT ZO . -43.79 111.58 -23.41
C26 LUT ZO . -42.85 112.12 -22.58
C27 LUT ZO . -41.55 112.51 -23.21
C28 LUT ZO . -40.54 111.66 -23.47
C29 LUT ZO . -39.30 112.13 -24.09
C30 LUT ZO . -38.22 111.33 -24.07
C31 LUT ZO . -36.97 111.75 -24.67
C32 LUT ZO . -35.84 111.14 -24.32
C33 LUT ZO . -34.56 111.53 -24.90
C34 LUT ZO . -33.49 110.71 -24.77
C35 LUT ZO . -32.21 111.09 -25.33
C36 LUT ZO . -42.01 111.03 -20.45
C37 LUT ZO . -42.72 113.40 -20.48
C38 LUT ZO . -43.73 111.80 -24.89
C39 LUT ZO . -39.24 113.47 -24.76
C40 LUT ZO . -34.41 112.85 -25.60
O23 LUT ZO . -45.75 109.55 -20.93
C1 LUT AP . -27.23 125.56 -27.65
C2 LUT AP . -26.37 125.34 -28.89
C3 LUT AP . -26.96 124.29 -29.82
C4 LUT AP . -27.03 122.97 -29.10
C5 LUT AP . -27.79 123.16 -27.80
C6 LUT AP . -27.58 124.22 -27.03
C7 LUT AP . -27.72 124.06 -25.56
C8 LUT AP . -26.78 123.45 -24.85
C9 LUT AP . -26.93 123.24 -23.39
C10 LUT AP . -25.94 122.64 -22.73
C11 LUT AP . -25.99 122.36 -21.30
C12 LUT AP . -24.95 121.70 -20.78
C13 LUT AP . -24.85 121.32 -19.37
C14 LUT AP . -23.80 120.57 -18.98
C15 LUT AP . -23.61 120.15 -17.59
C16 LUT AP . -28.51 126.26 -28.07
C17 LUT AP . -26.46 126.43 -26.66
C18 LUT AP . -28.79 122.11 -27.41
C19 LUT AP . -28.17 123.69 -22.68
C20 LUT AP . -25.90 121.76 -18.39
O3 LUT AP . -26.12 124.12 -30.97
C21 LUT AP . -18.01 115.04 -6.85
C22 LUT AP . -18.29 114.77 -5.37
C23 LUT AP . -19.05 113.47 -5.12
C24 LUT AP . -20.37 113.57 -5.84
C25 LUT AP . -20.09 113.74 -7.31
C26 LUT AP . -19.18 114.66 -7.74
C27 LUT AP . -19.10 114.95 -9.19
C28 LUT AP . -19.81 115.93 -9.76
C29 LUT AP . -19.70 116.22 -11.21
C30 LUT AP . -20.49 117.15 -11.78
C31 LUT AP . -20.43 117.47 -13.20
C32 LUT AP . -21.46 118.06 -13.81
C33 LUT AP . -21.43 118.40 -15.25
C34 LUT AP . -22.45 119.11 -15.77
C35 LUT AP . -22.53 119.49 -17.18
C36 LUT AP . -16.82 114.21 -7.27
C37 LUT AP . -17.70 116.52 -7.01
C38 LUT AP . -20.77 112.85 -8.28
C39 LUT AP . -18.70 115.47 -12.05
C40 LUT AP . -20.29 117.97 -16.11
O23 LUT AP . -19.27 113.31 -3.72
C1 NEX BP . -53.82 134.81 -20.52
C2 NEX BP . -55.08 135.71 -20.60
C3 NEX BP . -56.39 135.09 -21.12
C4 NEX BP . -56.28 133.67 -21.65
C5 NEX BP . -54.98 133.44 -22.44
C6 NEX BP . -53.82 133.66 -21.48
C7 NEX BP . -52.88 132.84 -21.46
C8 NEX BP . -51.81 131.96 -21.42
C9 NEX BP . -50.34 132.08 -21.67
C10 NEX BP . -49.76 131.16 -22.32
C11 NEX BP . -48.32 130.93 -22.45
C12 NEX BP . -47.88 129.97 -22.98
C13 NEX BP . -46.67 129.19 -22.66
C14 NEX BP . -46.08 128.51 -23.54
C15 NEX BP . -44.87 127.68 -23.37
C16 NEX BP . -53.71 134.22 -19.08
C17 NEX BP . -52.59 135.63 -20.82
C18 NEX BP . -54.98 131.99 -22.93
C19 NEX BP . -49.58 133.24 -21.16
C20 NEX BP . -46.13 129.21 -21.26
O3 NEX BP . -57.36 135.15 -20.07
O4 NEX BP . -54.92 134.31 -23.52
C21 NEX BP . -36.98 121.52 -28.58
C22 NEX BP . -36.42 120.98 -29.88
C23 NEX BP . -36.64 121.95 -31.03
C24 NEX BP . -35.75 123.17 -30.82
C25 NEX BP . -36.02 123.82 -29.47
C26 NEX BP . -36.64 123.00 -28.34
C27 NEX BP . -36.55 123.52 -26.93
C28 NEX BP . -37.55 124.25 -26.42
C29 NEX BP . -37.48 124.73 -25.17
C30 NEX BP . -38.43 125.40 -24.69
C31 NEX BP . -39.79 125.61 -25.23
C32 NEX BP . -40.65 126.14 -24.60
C33 NEX BP . -42.09 126.31 -24.92
C34 NEX BP . -42.89 126.71 -24.05
C35 NEX BP . -44.25 127.23 -24.25
C36 NEX BP . -36.44 120.69 -27.43
C37 NEX BP . -38.50 121.36 -28.58
C38 NEX BP . -35.30 125.12 -29.09
C39 NEX BP . -36.28 124.44 -24.31
C40 NEX BP . -42.59 125.98 -26.30
O23 NEX BP . -36.28 121.32 -32.26
O24 NEX BP . -37.42 123.86 -29.16
O1 LHG CP . -26.84 93.91 -13.29
C1 LHG CP . -27.00 94.99 -12.36
C2 LHG CP . -26.83 96.31 -13.09
O2 LHG CP . -25.75 96.20 -14.02
C3 LHG CP . -26.48 97.41 -12.11
O3 LHG CP . -25.50 98.28 -12.67
P LHG CP . -25.96 99.59 -13.49
O4 LHG CP . -26.60 99.13 -14.79
O5 LHG CP . -26.74 100.49 -12.57
O6 LHG CP . -24.57 100.31 -13.85
C4 LHG CP . -24.38 100.85 -15.16
C5 LHG CP . -23.78 102.25 -15.10
C6 LHG CP . -24.92 103.27 -14.98
O7 LHG CP . -22.89 102.37 -13.99
C7 LHG CP . -21.79 103.04 -14.37
O9 LHG CP . -21.79 104.25 -14.39
C8 LHG CP . -20.56 102.29 -14.79
C9 LHG CP . -19.51 103.29 -15.28
C10 LHG CP . -18.22 103.16 -14.49
O8 LHG CP . -24.78 104.24 -16.00
C23 LHG CP . -24.41 105.48 -15.69
O10 LHG CP . -24.26 105.77 -14.51
C24 LHG CP . -24.18 106.51 -16.77
C11 LHG CP . -17.04 103.52 -15.38
C12 LHG CP . -16.58 104.96 -15.13
C13 LHG CP . -15.99 105.58 -16.38
C14 LHG CP . -16.01 107.11 -16.26
C15 LHG CP . -15.02 107.57 -15.20
C16 LHG CP . -14.08 108.64 -15.73
C17 LHG CP . -14.82 109.93 -16.06
C18 LHG CP . -15.34 110.59 -14.78
C25 LHG CP . -22.74 106.99 -16.71
C26 LHG CP . -21.85 106.22 -17.69
C27 LHG CP . -20.39 106.23 -17.23
C28 LHG CP . -19.44 105.86 -18.36
C29 LHG CP . -19.96 104.70 -19.22
C30 LHG CP . -19.67 104.94 -20.69
C31 LHG CP . -19.28 103.64 -21.39
C32 LHG CP . -19.52 103.68 -22.90
C33 LHG CP . -20.78 104.43 -23.28
C34 LHG CP . -21.65 103.61 -24.22
C35 LHG CP . -22.73 104.46 -24.88
C36 LHG CP . -22.85 104.12 -26.37
C37 LHG CP . -23.27 105.34 -27.18
C38 LHG CP . -24.04 104.93 -28.41
O7 LPX DP . -19.50 98.81 -37.57
C6 LPX DP . -19.00 99.46 -36.66
O6 LPX DP . -17.96 100.30 -36.92
C5 LPX DP . -17.27 100.06 -38.13
C4 LPX DP . -17.66 101.17 -39.14
O5 LPX DP . -18.67 100.73 -39.99
C3 LPX DP . -16.38 101.59 -39.92
O1 LPX DP . -16.68 101.62 -41.27
P1 LPX DP . -15.89 102.77 -42.23
O3 LPX DP . -16.71 103.99 -42.28
O2 LPX DP . -15.92 102.01 -43.73
C1 LPX DP . -16.00 102.81 -44.87
C2 LPX DP . -14.74 103.70 -44.93
N1 LPX DP . -13.58 102.88 -45.26
O4 LPX DP . -14.46 102.69 -41.79
C7 LPX DP . -19.49 99.37 -35.23
C8 LPX DP . -20.20 100.68 -34.84
C9 LPX DP . -21.00 100.50 -33.56
C10 LPX DP . -22.42 101.07 -33.72
C11 LPX DP . -23.42 100.31 -32.85
C12 LPX DP . -23.44 98.82 -33.23
C13 LPX DP . -24.53 98.11 -32.44
C14 LPX DP . -24.40 96.59 -32.61
C15 LPX DP . -25.76 95.93 -32.43
C16 LPX DP . -25.60 94.42 -32.24
C17 LPX DP . -25.15 94.07 -30.82
C18 LPX DP . -26.16 94.56 -29.80
C19 LPX DP . -26.11 93.69 -28.56
C20 LPX DP . -27.28 94.03 -27.64
C21 LPX DP . -28.57 93.48 -28.21
O13 3PH EP . -16.09 113.68 -42.05
P 3PH EP . -15.24 112.99 -43.09
O14 3PH EP . -15.89 113.15 -44.44
O12 3PH EP . -13.87 113.63 -43.12
O11 3PH EP . -15.10 111.40 -42.73
C1 3PH EP . -15.69 110.46 -43.59
C2 3PH EP . -17.05 110.04 -43.02
O21 3PH EP . -17.25 108.69 -43.30
C21 3PH EP . -17.64 107.92 -42.18
O22 3PH EP . -16.85 107.61 -41.37
C22 3PH EP . -19.11 107.52 -42.01
C23 3PH EP . -19.26 106.02 -42.28
C24 3PH EP . -20.59 105.53 -41.71
C25 3PH EP . -20.40 104.20 -40.99
C26 3PH EP . -20.91 104.33 -39.56
C27 3PH EP . -21.91 103.20 -39.27
C28 3PH EP . -21.48 102.47 -38.00
C29 3PH EP . -21.86 100.99 -38.15
C2A 3PH EP . -23.37 100.83 -38.16
C2B 3PH EP . -23.74 99.56 -38.91
C2C 3PH EP . -23.24 98.35 -38.13
C2D 3PH EP . -23.29 97.11 -39.03
C2E 3PH EP . -23.16 95.85 -38.18
C2F 3PH EP . -24.52 95.47 -37.61
C2G 3PH EP . -24.37 94.26 -36.70
C2H 3PH EP . -25.70 93.51 -36.63
C2I 3PH EP . -25.53 92.21 -35.86
C3 3PH EP . -18.13 110.85 -43.71
O31 3PH EP . -18.84 110.02 -44.58
C31 3PH EP . -19.87 110.65 -45.29
O32 3PH EP . -19.87 110.65 -46.48
C32 3PH EP . -21.01 111.33 -44.54
C33 3PH EP . -21.72 110.32 -43.62
C34 3PH EP . -22.37 109.24 -44.48
C35 3PH EP . -22.51 107.95 -43.67
C36 3PH EP . -23.17 108.23 -42.32
C37 3PH EP . -23.91 106.97 -41.84
C38 3PH EP . -24.58 107.24 -40.50
C39 3PH EP . -23.64 106.87 -39.36
C3A 3PH EP . -24.38 107.09 -38.05
C3B 3PH EP . -23.79 106.21 -36.95
C3C 3PH EP . -24.79 106.14 -35.80
C3D 3PH EP . -24.39 105.01 -34.84
C3E 3PH EP . -25.49 103.95 -34.82
C3F 3PH EP . -26.63 104.39 -33.93
C3G 3PH EP . -27.16 103.18 -33.15
C3H 3PH EP . -28.66 103.34 -32.91
C3I 3PH EP . -29.40 103.24 -34.24
MG CHL FP . -44.91 80.81 -35.20
CHA CHL FP . -46.79 80.04 -37.90
CHB CHL FP . -44.96 84.12 -36.19
CHC CHL FP . -43.19 81.53 -32.58
CHD CHL FP . -44.90 77.35 -34.34
NA CHL FP . -45.73 81.87 -36.76
C1A CHL FP . -46.56 81.38 -37.73
C2A CHL FP . -47.11 82.49 -38.61
C3A CHL FP . -46.27 83.67 -38.23
C4A CHL FP . -45.58 83.22 -36.97
CMA CHL FP . -45.45 84.40 -39.29
CAA CHL FP . -48.60 82.70 -38.32
CBA CHL FP . -49.15 84.09 -38.64
CGA CHL FP . -49.22 84.40 -40.11
O1A CHL FP . -49.85 83.76 -40.92
O2A CHL FP . -48.50 85.46 -40.41
NB CHL FP . -44.20 82.59 -34.51
C1B CHL FP . -44.30 83.83 -35.00
C2B CHL FP . -43.65 84.75 -34.12
C3B CHL FP . -43.14 84.00 -33.06
C4B CHL FP . -43.50 82.64 -33.33
CMB CHL FP . -43.55 86.23 -34.35
CAB CHL FP . -42.42 84.42 -31.85
CBB CHL FP . -41.95 85.79 -31.37
NC CHL FP . -44.18 79.59 -33.73
C1C CHL FP . -43.48 80.18 -32.74
C2C CHL FP . -43.04 79.15 -31.82
C3C CHL FP . -43.53 77.94 -32.31
C4C CHL FP . -44.25 78.24 -33.52
CMC CHL FP . -42.23 79.38 -30.63
OMC CHL FP . -41.82 78.54 -29.86
CAC CHL FP . -43.36 76.57 -31.72
CBC CHL FP . -44.24 76.33 -30.53
ND CHL FP . -45.63 79.03 -35.88
C1D CHL FP . -45.56 77.73 -35.49
C2D CHL FP . -46.25 76.91 -36.42
C3D CHL FP . -46.75 77.76 -37.38
C4D CHL FP . -46.36 79.07 -37.03
CMD CHL FP . -46.39 75.42 -36.33
CAD CHL FP . -47.50 77.85 -38.62
OBD CHL FP . -48.03 76.95 -39.23
CBD CHL FP . -47.57 79.32 -39.01
CGD CHL FP . -46.97 79.56 -40.40
O1D CHL FP . -45.93 79.09 -40.79
O2D CHL FP . -47.73 80.39 -41.10
CED CHL FP . -47.25 80.73 -42.42
C1 CHL FP . -48.39 86.02 -41.75
C2 CHL FP . -47.02 86.53 -41.93
C3 CHL FP . -46.70 87.39 -42.89
C4 CHL FP . -47.70 87.96 -43.86
C5 CHL FP . -45.27 87.83 -43.08
C6 CHL FP . -45.10 89.07 -43.96
C7 CHL FP . -43.66 89.33 -44.31
C8 CHL FP . -43.40 90.59 -45.14
C9 CHL FP . -41.91 90.85 -45.27
C10 CHL FP . -44.08 90.40 -46.50
C11 CHL FP . -43.25 90.74 -47.73
C12 CHL FP . -44.07 90.79 -49.00
C13 CHL FP . -43.29 90.96 -50.31
C14 CHL FP . -41.95 91.66 -50.09
C15 CHL FP . -44.05 91.58 -51.47
C16 CHL FP . -45.39 90.91 -51.76
C17 CHL FP . -46.08 91.46 -52.99
C18 CHL FP . -47.37 90.78 -53.40
C19 CHL FP . -47.94 91.36 -54.68
C20 CHL FP . -47.19 89.28 -53.51
MG CLA GP . -54.22 73.94 -41.45
CHA CLA GP . -55.38 74.01 -38.19
CHB CLA GP . -57.29 72.89 -42.58
CHC CLA GP . -53.02 74.05 -44.52
CHD CLA GP . -51.09 75.07 -40.25
NA CLA GP . -56.16 73.51 -40.50
C1A CLA GP . -56.42 73.59 -39.20
C2A CLA GP . -57.83 73.21 -38.89
C3A CLA GP . -58.37 72.80 -40.26
C4A CLA GP . -57.24 73.08 -41.19
CMA CLA GP . -59.01 71.42 -40.27
CAA CLA GP . -58.61 74.48 -38.53
CBA CLA GP . -58.22 75.74 -39.31
CGA CLA GP . -59.12 76.06 -40.49
O1A CLA GP . -60.26 75.62 -40.51
O2A CLA GP . -58.65 76.82 -41.48
NB CLA GP . -55.04 73.54 -43.27
C1B CLA GP . -56.29 73.09 -43.54
C2B CLA GP . -56.44 72.89 -44.95
C3B CLA GP . -55.23 73.20 -45.50
C4B CLA GP . -54.35 73.63 -44.41
CMB CLA GP . -57.68 72.39 -45.65
CAB CLA GP . -54.85 73.15 -46.93
CBB CLA GP . -55.57 74.04 -47.92
NC CLA GP . -52.36 74.50 -42.25
C1C CLA GP . -52.08 74.51 -43.55
C2C CLA GP . -50.72 75.03 -43.82
C3C CLA GP . -50.24 75.33 -42.58
C4C CLA GP . -51.26 74.99 -41.62
CMC CLA GP . -50.01 75.26 -45.12
CAC CLA GP . -48.92 75.91 -42.18
CBC CLA GP . -49.11 77.41 -42.23
ND CLA GP . -53.37 74.45 -39.73
C1D CLA GP . -52.14 74.86 -39.33
C2D CLA GP . -52.04 75.03 -37.90
C3D CLA GP . -53.30 74.70 -37.46
C4D CLA GP . -54.09 74.37 -38.56
CMD CLA GP . -50.91 75.46 -37.00
CAD CLA GP . -54.11 74.59 -36.26
OBD CLA GP . -53.71 74.70 -35.12
CBD CLA GP . -55.44 74.04 -36.68
CGD CLA GP . -55.56 72.64 -36.15
O1D CLA GP . -55.58 72.45 -34.95
O2D CLA GP . -55.64 71.59 -36.96
CED CLA GP . -56.59 70.59 -36.57
C1 CLA GP . -59.02 76.53 -42.86
C2 CLA GP . -57.99 76.47 -43.97
C3 CLA GP . -58.31 76.88 -45.21
C4 CLA GP . -59.67 77.41 -45.53
C5 CLA GP . -57.32 76.83 -46.36
C6 CLA GP . -57.46 78.11 -47.20
C7 CLA GP . -56.31 78.25 -48.20
C8 CLA GP . -56.33 79.64 -48.84
C9 CLA GP . -56.30 79.51 -50.37
C10 CLA GP . -55.16 80.43 -48.28
C11 CLA GP . -54.60 81.47 -49.24
C12 CLA GP . -53.40 82.22 -48.66
C13 CLA GP . -52.50 81.29 -47.84
C14 CLA GP . -52.00 81.99 -46.58
C15 CLA GP . -51.35 80.78 -48.71
C16 CLA GP . -50.19 81.75 -48.80
C17 CLA GP . -48.85 81.03 -48.82
C18 CLA GP . -48.65 80.18 -47.57
C19 CLA GP . -47.76 78.98 -47.87
C20 CLA GP . -48.06 80.99 -46.42
MG CLA HP . -56.22 72.70 -53.28
CHA CLA HP . -59.56 72.15 -52.49
CHB CLA HP . -56.12 75.42 -51.19
CHC CLA HP . -53.04 73.02 -54.00
CHD CLA HP . -56.37 69.93 -55.47
NA CLA HP . -57.68 73.70 -51.95
C1A CLA HP . -58.95 73.34 -51.77
C2A CLA HP . -59.65 74.25 -50.80
C3A CLA HP . -58.55 75.26 -50.43
C4A CLA HP . -57.37 74.79 -51.22
CMA CLA HP . -58.84 76.75 -50.38
CAA CLA HP . -60.00 73.49 -49.54
CBA CLA HP . -61.48 73.64 -49.18
CGA CLA HP . -61.74 75.05 -48.69
O1A CLA HP . -60.89 75.61 -48.03
O2A CLA HP . -62.90 75.61 -48.97
NB CLA HP . -54.78 74.01 -52.67
C1B CLA HP . -54.94 75.08 -51.86
C2B CLA HP . -53.69 75.80 -51.76
C3B CLA HP . -52.81 75.14 -52.55
C4B CLA HP . -53.52 73.99 -53.14
CMB CLA HP . -53.44 77.05 -50.95
CAB CLA HP . -51.39 75.60 -52.71
CBB CLA HP . -50.33 74.99 -53.58
NC CLA HP . -54.90 71.57 -54.45
C1C CLA HP . -53.64 71.92 -54.65
C2C CLA HP . -52.94 71.03 -55.60
C3C CLA HP . -53.89 70.13 -55.97
C4C CLA HP . -55.11 70.48 -55.25
CMC CLA HP . -51.51 71.12 -56.05
CAC CLA HP . -53.72 68.98 -56.93
CBC CLA HP . -53.40 67.74 -56.13
ND CLA HP . -57.54 71.36 -53.90
C1D CLA HP . -57.52 70.29 -54.74
C2D CLA HP . -58.80 69.59 -54.77
C3D CLA HP . -59.58 70.33 -53.90
C4D CLA HP . -58.82 71.38 -53.38
CMD CLA HP . -59.30 68.39 -55.51
CAD CLA HP . -60.91 70.38 -53.33
OBD CLA HP . -61.75 69.51 -53.40
CBD CLA HP . -60.97 71.58 -52.44
CGD CLA HP . -61.97 72.53 -53.02
O1D CLA HP . -63.15 72.42 -52.72
O2D CLA HP . -61.62 73.46 -53.90
CED CLA HP . -62.21 74.74 -53.65
C1 CLA HP . -63.15 76.18 -50.30
C2 CLA HP . -62.29 77.29 -50.84
C3 CLA HP . -62.81 78.26 -51.61
C4 CLA HP . -64.26 78.29 -51.96
C5 CLA HP . -61.95 79.37 -52.16
C6 CLA HP . -61.46 78.98 -53.55
C7 CLA HP . -60.85 80.16 -54.29
C8 CLA HP . -59.84 79.69 -55.32
C9 CLA HP . -58.83 80.79 -55.63
C10 CLA HP . -60.55 79.24 -56.60
C11 CLA HP . -59.56 78.85 -57.69
C12 CLA HP . -60.24 78.73 -59.04
C13 CLA HP . -59.32 78.11 -60.07
C14 CLA HP . -58.12 79.01 -60.36
C15 CLA HP . -60.09 77.81 -61.35
C16 CLA HP . -59.21 77.10 -62.36
C17 CLA HP . -58.90 75.67 -61.91
C18 CLA HP . -59.54 74.64 -62.84
C19 CLA HP . -59.13 74.88 -64.29
C20 CLA HP . -59.18 73.22 -62.40
MG CLA IP . -42.32 61.14 -60.39
CHA CLA IP . -40.81 60.84 -63.48
CHB CLA IP . -45.16 62.45 -61.85
CHC CLA IP . -43.75 61.19 -57.42
CHD CLA IP . -39.42 59.78 -58.90
NA CLA IP . -42.95 61.60 -62.45
C1A CLA IP . -42.21 61.41 -63.55
C2A CLA IP . -42.94 61.84 -64.80
C3A CLA IP . -44.27 62.36 -64.24
C4A CLA IP . -44.15 62.13 -62.77
CMA CLA IP . -44.78 63.70 -64.74
CAA CLA IP . -43.27 60.64 -65.68
CBA CLA IP . -43.63 59.40 -64.87
CGA CLA IP . -43.92 58.20 -65.75
O1A CLA IP . -43.21 57.98 -66.71
O2A CLA IP . -44.95 57.42 -65.47
NB CLA IP . -44.17 61.71 -59.74
C1B CLA IP . -45.18 62.28 -60.45
C2B CLA IP . -46.26 62.63 -59.56
C3B CLA IP . -45.84 62.28 -58.32
C4B CLA IP . -44.51 61.70 -58.46
CMB CLA IP . -47.55 63.29 -59.94
CAB CLA IP . -46.54 62.42 -57.03
CBB CLA IP . -47.86 61.74 -56.79
NC CLA IP . -41.67 60.58 -58.48
C1C CLA IP . -42.43 60.69 -57.39
C2C CLA IP . -41.74 60.25 -56.16
C3C CLA IP . -40.50 59.86 -56.59
C4C CLA IP . -40.47 60.07 -58.04
CMC CLA IP . -42.34 60.25 -54.78
CAC CLA IP . -39.38 59.32 -55.73
CBC CLA IP . -39.41 57.80 -55.76
ND CLA IP . -40.56 60.45 -60.93
C1D CLA IP . -39.46 59.95 -60.30
C2D CLA IP . -38.39 59.63 -61.24
C3D CLA IP . -38.92 59.98 -62.47
C4D CLA IP . -40.22 60.47 -62.27
CMD CLA IP . -37.01 59.06 -61.08
CAD CLA IP . -38.62 60.02 -63.89
OBD CLA IP . -37.76 59.33 -64.41
CBD CLA IP . -39.82 60.59 -64.58
CGD CLA IP . -39.45 61.86 -65.29
O1D CLA IP . -38.76 62.71 -64.74
O2D CLA IP . -39.87 62.07 -66.53
CED CLA IP . -38.92 61.86 -67.57
C1 CLA IP . -45.12 56.75 -64.18
C2 CLA IP . -43.99 56.09 -63.43
C3 CLA IP . -44.13 54.87 -62.89
C4 CLA IP . -45.39 54.09 -63.03
C5 CLA IP . -43.02 54.18 -62.11
C6 CLA IP . -42.91 52.72 -62.51
C7 CLA IP . -41.63 52.08 -61.96
C8 CLA IP . -40.40 52.42 -62.79
C9 CLA IP . -40.69 52.35 -64.29
C10 CLA IP . -39.23 51.51 -62.42
C11 CLA IP . -39.62 50.03 -62.40
C12 CLA IP . -38.97 49.25 -63.54
C13 CLA IP . -39.81 48.03 -63.91
C14 CLA IP . -38.92 46.82 -64.12
C15 CLA IP . -40.64 48.31 -65.15
C16 CLA IP . -42.11 48.58 -64.83
C17 CLA IP . -42.67 47.56 -63.84
C18 CLA IP . -43.79 46.75 -64.49
C19 CLA IP . -43.45 45.26 -64.48
C20 CLA IP . -45.13 47.01 -63.79
MG CHL JP . -45.91 51.85 -73.55
CHA CHL JP . -43.96 49.70 -71.77
CHB CHL JP . -44.07 51.10 -76.37
CHC CHL JP . -47.85 53.79 -75.20
CHD CHL JP . -47.56 52.67 -70.49
NA CHL JP . -44.31 50.64 -73.98
C1A CHL JP . -43.66 49.79 -73.12
C2A CHL JP . -42.57 49.00 -73.84
C3A CHL JP . -42.44 49.71 -75.17
C4A CHL JP . -43.68 50.57 -75.20
CMA CHL JP . -41.09 50.28 -75.61
CAA CHL JP . -42.95 47.53 -74.01
CBA CHL JP . -41.78 46.55 -73.88
CGA CHL JP . -41.95 45.59 -72.75
O1A CHL JP . -41.64 45.82 -71.61
O2A CHL JP . -42.52 44.46 -73.14
NB CHL JP . -45.97 52.33 -75.52
C1B CHL JP . -45.19 51.91 -76.54
C2B CHL JP . -45.68 52.47 -77.75
C3B CHL JP . -46.78 53.23 -77.46
C4B CHL JP . -46.95 53.15 -76.01
CMB CHL JP . -45.09 52.25 -79.11
CAB CHL JP . -47.62 53.89 -78.47
CBB CHL JP . -48.91 54.66 -78.29
NC CHL JP . -47.46 53.02 -72.90
C1C CHL JP . -48.09 53.77 -73.83
C2C CHL JP . -49.10 54.56 -73.12
C3C CHL JP . -49.00 54.25 -71.80
C4C CHL JP . -47.97 53.28 -71.64
CMC CHL JP . -50.05 55.54 -73.64
OMC CHL JP . -50.17 55.84 -74.80
CAC CHL JP . -49.85 54.83 -70.69
CBC CHL JP . -51.00 53.94 -70.32
ND CHL JP . -45.85 51.38 -71.55
C1D CHL JP . -46.54 51.74 -70.43
C2D CHL JP . -46.05 51.04 -69.30
C3D CHL JP . -45.04 50.22 -69.77
C4D CHL JP . -44.93 50.44 -71.15
CMD CHL JP . -46.56 51.19 -67.90
CAD CHL JP . -44.06 49.22 -69.41
OBD CHL JP . -43.84 48.74 -68.31
CBD CHL JP . -43.32 48.83 -70.67
CGD CHL JP . -41.82 49.07 -70.47
O1D CHL JP . -41.21 49.97 -70.94
O2D CHL JP . -41.31 48.13 -69.69
CED CHL JP . -39.88 48.24 -69.43
MG CHL KP . -48.99 59.59 -64.03
CHA CHL KP . -48.70 56.25 -64.67
CHB CHL KP . -50.59 58.85 -61.10
CHC CHL KP . -49.36 62.79 -63.52
CHD CHL KP . -47.39 60.22 -67.11
NA CHL KP . -49.49 57.86 -63.04
C1A CHL KP . -49.26 56.55 -63.44
C2A CHL KP . -49.78 55.55 -62.40
C3A CHL KP . -50.40 56.41 -61.34
C4A CHL KP . -50.15 57.81 -61.84
CMA CHL KP . -51.75 56.02 -60.77
CAA CHL KP . -48.73 54.63 -61.77
CBA CHL KP . -48.94 53.14 -62.06
CGA CHL KP . -49.94 52.46 -61.17
O1A CHL KP . -49.79 52.26 -60.00
O2A CHL KP . -51.01 52.09 -61.85
NB CHL KP . -49.85 60.65 -62.52
C1B CHL KP . -50.47 60.18 -61.41
C2B CHL KP . -50.94 61.29 -60.66
C3B CHL KP . -50.62 62.45 -61.32
C4B CHL KP . -49.91 62.03 -62.52
CMB CHL KP . -51.69 61.20 -59.36
CAB CHL KP . -50.96 63.79 -60.84
CBB CHL KP . -50.65 65.13 -61.46
NC CHL KP . -48.41 61.21 -65.14
C1C CHL KP . -48.69 62.46 -64.68
C2C CHL KP . -48.16 63.41 -65.65
C3C CHL KP . -47.56 62.70 -66.64
C4C CHL KP . -47.73 61.30 -66.34
CMC CHL KP . -48.25 64.86 -65.68
OMC CHL KP . -48.77 65.56 -64.84
CAC CHL KP . -46.82 63.26 -67.81
CBC CHL KP . -47.72 63.57 -68.99
ND CHL KP . -48.13 58.56 -65.56
C1D CHL KP . -47.59 58.90 -66.75
C2D CHL KP . -47.30 57.74 -67.51
C3D CHL KP . -47.70 56.67 -66.74
C4D CHL KP . -48.22 57.19 -65.54
CMD CHL KP . -46.71 57.72 -68.89
CAD CHL KP . -47.83 55.22 -66.67
OBD CHL KP . -47.48 54.41 -67.49
CBD CHL KP . -48.50 54.88 -65.35
CGD CHL KP . -49.82 54.18 -65.61
O1D CHL KP . -50.89 54.71 -65.58
O2D CHL KP . -49.63 52.89 -65.87
CED CHL KP . -50.82 52.10 -66.10
C1 CHL KP . -52.10 51.33 -61.27
C2 CHL KP . -51.97 49.93 -61.74
C3 CHL KP . -52.57 48.90 -61.16
C4 CHL KP . -53.49 49.03 -59.97
C5 CHL KP . -52.34 47.49 -61.65
C6 CHL KP . -53.60 46.62 -61.63
C7 CHL KP . -53.30 45.19 -62.08
C8 CHL KP . -54.51 44.25 -62.08
C9 CHL KP . -55.62 44.76 -62.99
C10 CHL KP . -53.96 42.90 -62.55
C11 CHL KP . -54.29 41.71 -61.65
C12 CHL KP . -53.66 40.42 -62.14
C13 CHL KP . -54.03 39.17 -61.33
C14 CHL KP . -53.15 37.99 -61.71
C15 CHL KP . -55.50 38.80 -61.31
C16 CHL KP . -56.05 38.27 -62.63
C17 CHL KP . -57.55 37.95 -62.62
C18 CHL KP . -57.95 36.49 -62.42
C19 CHL KP . -57.69 35.94 -61.02
C20 CHL KP . -59.40 36.28 -62.82
MG CHL LP . -49.87 69.39 -66.50
CHA CHL LP . -48.29 71.00 -69.08
CHB CHL LP . -49.08 71.98 -64.42
CHC CHL LP . -51.35 67.80 -64.06
CHD CHL LP . -50.60 66.74 -68.72
NA CHL LP . -48.88 71.16 -66.73
C1A CHL LP . -48.35 71.70 -67.89
C2A CHL LP . -47.78 73.11 -67.64
C3A CHL LP . -48.01 73.33 -66.16
C4A CHL LP . -48.72 72.08 -65.71
CMA CHL LP . -46.94 73.95 -65.27
CAA CHL LP . -48.48 74.20 -68.48
CBA CHL LP . -47.77 75.56 -68.46
CGA CHL LP . -48.46 76.58 -67.61
O1A CHL LP . -49.58 76.98 -67.77
O2A CHL LP . -47.67 77.01 -66.64
NB CHL LP . -50.16 69.85 -64.52
C1B CHL LP . -49.75 70.91 -63.83
C2B CHL LP . -50.13 70.79 -62.47
C3B CHL LP . -50.82 69.58 -62.33
C4B CHL LP . -50.81 68.99 -63.67
CMB CHL LP . -49.82 71.79 -61.40
CAB CHL LP . -51.44 68.95 -61.16
CBB CHL LP . -51.56 69.37 -59.72
NC CHL LP . -50.83 67.58 -66.44
C1C CHL LP . -51.40 67.16 -65.27
C2C CHL LP . -52.03 65.86 -65.53
C3C CHL LP . -51.79 65.57 -66.85
C4C CHL LP . -51.04 66.64 -67.43
CMC CHL LP . -52.81 65.00 -64.66
OMC CHL LP . -53.06 65.23 -63.50
CAC CHL LP . -52.20 64.31 -67.56
CBC CHL LP . -51.12 63.25 -67.56
ND CHL LP . -49.58 68.90 -68.45
C1D CHL LP . -49.89 67.82 -69.23
C2D CHL LP . -49.40 68.01 -70.55
C3D CHL LP . -48.76 69.23 -70.54
C4D CHL LP . -48.88 69.77 -69.25
CMD CHL LP . -49.56 67.04 -71.68
CAD CHL LP . -48.00 70.18 -71.33
OBD CHL LP . -47.68 70.10 -72.50
CBD CHL LP . -47.66 71.36 -70.43
CGD CHL LP . -46.16 71.55 -70.37
O1D CHL LP . -45.39 70.78 -69.87
O2D CHL LP . -45.80 72.70 -70.91
CED CHL LP . -44.38 73.01 -70.90
C1 CHL LP . -48.06 78.02 -65.67
C2 CHL LP . -48.28 77.35 -64.37
C3 CHL LP . -47.29 77.07 -63.52
C4 CHL LP . -45.85 77.41 -63.79
C5 CHL LP . -47.55 76.34 -62.23
C6 CHL LP . -48.87 76.73 -61.58
C7 CHL LP . -49.41 75.66 -60.64
C8 CHL LP . -50.73 76.00 -59.96
C9 CHL LP . -51.70 76.71 -60.91
C10 CHL LP . -51.33 74.69 -59.45
C11 CHL LP . -52.50 74.86 -58.51
C12 CHL LP . -53.26 73.57 -58.20
C13 CHL LP . -54.30 73.14 -59.24
C14 CHL LP . -54.96 74.35 -59.92
C15 CHL LP . -55.34 72.16 -58.74
C16 CHL LP . -56.21 71.50 -59.81
C17 CHL LP . -55.52 70.36 -60.55
C18 CHL LP . -56.44 69.43 -61.34
C19 CHL LP . -57.09 70.12 -62.52
C20 CHL LP . -55.71 68.18 -61.76
MG CLA MP . -57.45 54.30 -50.62
CHA CLA MP . -55.08 56.80 -50.38
CHB CLA MP . -55.92 53.08 -53.47
CHC CLA MP . -59.69 51.88 -50.69
CHD CLA MP . -58.99 55.56 -47.69
NA CLA MP . -55.68 54.86 -51.82
C1A CLA MP . -54.86 55.89 -51.57
C2A CLA MP . -53.78 56.01 -52.62
C3A CLA MP . -54.08 54.86 -53.57
C4A CLA MP . -55.29 54.21 -52.94
CMA CLA MP . -54.10 55.13 -55.06
CAA CLA MP . -52.37 55.81 -52.07
CBA CLA MP . -52.32 54.76 -50.98
CGA CLA MP . -50.87 54.42 -50.70
O1A CLA MP . -50.01 54.92 -51.40
O2A CLA MP . -50.60 53.60 -49.69
NB CLA MP . -57.75 52.72 -51.88
C1B CLA MP . -57.05 52.39 -53.00
C2B CLA MP . -57.64 51.22 -53.61
C3B CLA MP . -58.70 50.90 -52.82
C4B CLA MP . -58.76 51.85 -51.72
CMB CLA MP . -57.19 50.52 -54.86
CAB CLA MP . -59.65 49.78 -52.99
CBB CLA MP . -59.16 48.36 -52.81
NC CLA MP . -59.05 53.78 -49.38
C1C CLA MP . -59.87 52.76 -49.60
C2C CLA MP . -60.96 52.66 -48.60
C3C CLA MP . -60.73 53.71 -47.74
C4C CLA MP . -59.55 54.40 -48.24
CMC CLA MP . -62.06 51.64 -48.53
CAC CLA MP . -61.55 54.09 -46.54
CBC CLA MP . -61.00 53.44 -45.29
ND CLA MP . -57.19 55.75 -49.31
C1D CLA MP . -57.84 56.21 -48.20
C2D CLA MP . -57.20 57.40 -47.65
C3D CLA MP . -56.13 57.61 -48.50
C4D CLA MP . -56.13 56.64 -49.50
CMD CLA MP . -57.45 58.31 -46.48
CAD CLA MP . -55.01 58.50 -48.73
OBD CLA MP . -54.62 59.35 -47.96
CBD CLA MP . -54.29 58.01 -49.94
CGD CLA MP . -54.37 59.06 -51.00
O1D CLA MP . -55.43 59.56 -51.32
O2D CLA MP . -53.25 59.45 -51.61
CED CLA MP . -52.74 60.72 -51.23
C1 CLA MP . -49.26 53.49 -49.09
C2 CLA MP . -48.03 53.10 -49.89
C3 CLA MP . -47.28 52.04 -49.54
C4 CLA MP . -46.06 51.66 -50.32
C5 CLA MP . -47.62 51.16 -48.36
MG CHL NP . -59.55 63.75 -56.33
CHA CHL NP . -60.36 65.33 -53.40
CHB CHL NP . -62.77 62.59 -56.54
CHC CHL NP . -58.80 62.48 -59.20
CHD CHL NP . -56.24 64.95 -55.92
NA CHL NP . -61.23 63.90 -55.15
C1A CHL NP . -61.39 64.65 -54.01
C2A CHL NP . -62.82 64.59 -53.51
C3A CHL NP . -63.43 63.46 -54.31
C4A CHL NP . -62.41 63.25 -55.41
CMA CHL NP . -64.02 62.26 -53.59
CAA CHL NP . -63.57 65.92 -53.71
CBA CHL NP . -63.53 66.49 -55.13
CGA CHL NP . -63.80 67.96 -55.22
O1A CHL NP . -64.44 68.59 -54.42
O2A CHL NP . -63.24 68.50 -56.29
NB CHL NP . -60.66 62.69 -57.68
C1B CHL NP . -61.95 62.34 -57.61
C2B CHL NP . -62.30 61.67 -58.83
C3B CHL NP . -61.19 61.65 -59.64
C4B CHL NP . -60.12 62.30 -58.88
CMB CHL NP . -63.64 61.10 -59.16
CAB CHL NP . -61.18 61.15 -61.02
CBB CHL NP . -60.06 61.16 -62.04
NC CHL NP . -57.78 63.73 -57.36
C1C CHL NP . -57.74 63.08 -58.55
C2C CHL NP . -56.36 63.17 -59.04
C3C CHL NP . -55.65 63.85 -58.10
C4C CHL NP . -56.54 64.22 -57.03
CMC CHL NP . -55.77 62.66 -60.27
OMC CHL NP . -56.34 62.05 -61.14
CAC CHL NP . -54.18 64.14 -58.15
CBC CHL NP . -53.86 65.39 -58.93
ND CHL NP . -58.44 64.84 -54.99
C1D CHL NP . -57.16 65.26 -54.93
C2D CHL NP . -56.97 66.05 -53.76
C3D CHL NP . -58.18 66.10 -53.13
C4D CHL NP . -59.08 65.34 -53.89
CMD CHL NP . -55.68 66.71 -53.36
CAD CHL NP . -58.92 66.65 -52.01
OBD CHL NP . -58.49 67.33 -51.09
CBD CHL NP . -60.35 66.20 -52.14
CGD CHL NP . -60.80 65.55 -50.84
O1D CHL NP . -60.15 64.75 -50.22
O2D CHL NP . -61.98 66.01 -50.45
CED CHL NP . -62.47 65.52 -49.19
C1 CHL NP . -63.34 69.91 -56.61
C2 CHL NP . -61.97 70.47 -56.57
C3 CHL NP . -61.36 70.94 -57.65
C4 CHL NP . -61.99 70.97 -59.01
C5 CHL NP . -59.94 71.44 -57.59
C6 CHL NP . -59.81 72.82 -56.97
C7 CHL NP . -58.37 73.33 -56.94
C8 CHL NP . -58.21 74.74 -56.39
C9 CHL NP . -58.79 74.85 -54.99
C10 CHL NP . -56.71 75.04 -56.38
C11 CHL NP . -56.34 76.40 -55.80
C12 CHL NP . -54.85 76.60 -55.60
C13 CHL NP . -54.46 77.89 -54.89
C14 CHL NP . -55.47 78.27 -53.82
C15 CHL NP . -54.10 79.10 -55.76
C16 CHL NP . -52.66 79.15 -56.24
C17 CHL NP . -52.28 80.44 -56.94
C18 CHL NP . -50.88 80.51 -57.50
C19 CHL NP . -49.83 80.21 -56.45
C20 CHL NP . -50.72 79.59 -58.70
MG CLA OP . -48.99 58.01 -44.21
CHA CLA OP . -51.20 55.80 -42.76
CHB CLA OP . -47.35 58.41 -41.19
CHC CLA OP . -46.87 60.00 -45.72
CHD CLA OP . -50.72 57.62 -47.28
NA CLA OP . -49.23 57.19 -42.17
C1A CLA OP . -50.17 56.33 -41.78
C2A CLA OP . -50.05 56.02 -40.31
C3A CLA OP . -48.87 56.88 -39.86
C4A CLA OP . -48.44 57.54 -41.13
CMA CLA OP . -49.02 57.71 -38.59
CAA CLA OP . -49.63 54.57 -40.10
CBA CLA OP . -48.65 54.05 -41.17
CGA CLA OP . -47.23 53.97 -40.66
O1A CLA OP . -47.00 54.24 -39.50
O2A CLA OP . -46.26 53.61 -41.48
NB CLA OP . -47.36 59.04 -43.56
C1B CLA OP . -46.84 59.11 -42.30
C2B CLA OP . -45.70 59.97 -42.28
C3B CLA OP . -45.57 60.43 -43.56
C4B CLA OP . -46.64 59.82 -44.36
CMB CLA OP . -44.86 60.29 -41.06
CAB CLA OP . -44.56 61.36 -44.13
CBB CLA OP . -43.08 61.24 -43.87
NC CLA OP . -48.78 58.62 -46.21
C1C CLA OP . -47.85 59.48 -46.60
C2C CLA OP . -47.96 59.83 -48.04
C3C CLA OP . -49.03 59.11 -48.48
C4C CLA OP . -49.53 58.36 -47.33
CMC CLA OP . -47.08 60.76 -48.83
CAC CLA OP . -49.58 59.09 -49.88
CBC CLA OP . -49.01 57.91 -50.62
ND CLA OP . -50.54 57.01 -44.95
C1D CLA OP . -51.17 56.91 -46.15
C2D CLA OP . -52.32 56.01 -46.10
C3D CLA OP . -52.32 55.59 -44.76
C4D CLA OP . -51.25 56.19 -44.09
CMD CLA OP . -53.34 55.54 -47.09
CAD CLA OP . -53.04 54.75 -43.84
OBD CLA OP . -54.17 54.35 -43.99
CBD CLA OP . -52.30 54.79 -42.53
CGD CLA OP . -53.22 55.34 -41.49
O1D CLA OP . -53.98 56.23 -41.79
O2D CLA OP . -53.19 54.88 -40.24
CED CLA OP . -54.33 54.17 -39.80
C1 CLA OP . -44.91 54.17 -41.33
C2 CLA OP . -44.54 55.54 -41.84
C3 CLA OP . -43.26 55.89 -42.00
C4 CLA OP . -42.13 54.94 -41.70
C5 CLA OP . -42.83 57.25 -42.51
C6 CLA OP . -42.73 57.20 -44.03
C7 CLA OP . -41.30 57.20 -44.54
C8 CLA OP . -41.17 56.41 -45.83
C9 CLA OP . -40.22 55.22 -45.66
C10 CLA OP . -40.67 57.32 -46.96
C11 CLA OP . -41.13 56.80 -48.32
C12 CLA OP . -40.49 57.59 -49.45
C13 CLA OP . -39.94 56.63 -50.51
C14 CLA OP . -38.92 57.33 -51.41
C15 CLA OP . -41.08 56.04 -51.33
C16 CLA OP . -41.84 57.10 -52.10
C17 CLA OP . -43.32 57.06 -51.77
C18 CLA OP . -44.05 56.00 -52.57
C19 CLA OP . -44.54 54.85 -51.70
C20 CLA OP . -45.23 56.62 -53.32
MG CLA PP . -38.98 71.02 -35.56
CHA CLA PP . -40.32 67.86 -35.26
CHB CLA PP . -37.90 70.93 -32.29
CHC CLA PP . -37.69 74.03 -35.98
CHD CLA PP . -40.04 71.09 -38.94
NA CLA PP . -39.09 69.55 -33.92
C1A CLA PP . -39.66 68.34 -34.00
C2A CLA PP . -39.54 67.60 -32.69
C3A CLA PP . -38.82 68.59 -31.79
C4A CLA PP . -38.57 69.76 -32.69
CMA CLA PP . -39.38 68.85 -30.40
CAA CLA PP . -38.63 66.37 -32.81
CBA CLA PP . -37.50 66.60 -33.81
CGA CLA PP . -36.66 65.37 -33.98
O1A CLA PP . -37.16 64.27 -33.81
O2A CLA PP . -35.39 65.53 -34.33
NB CLA PP . -37.95 72.27 -34.33
C1B CLA PP . -37.62 72.09 -33.02
C2B CLA PP . -36.91 73.25 -32.52
C3B CLA PP . -36.85 74.12 -33.58
C4B CLA PP . -37.52 73.48 -34.71
CMB CLA PP . -36.37 73.44 -31.13
CAB CLA PP . -36.25 75.46 -33.62
CBB CLA PP . -34.78 75.68 -33.32
NC CLA PP . -38.81 72.31 -37.22
C1C CLA PP . -38.29 73.53 -37.15
C2C CLA PP . -38.41 74.28 -38.40
C3C CLA PP . -39.05 73.42 -39.26
C4C CLA PP . -39.31 72.20 -38.51
CMC CLA PP . -37.92 75.68 -38.66
CAC CLA PP . -39.41 73.71 -40.69
CBC CLA PP . -38.22 73.40 -41.56
ND CLA PP . -39.93 69.86 -36.85
C1D CLA PP . -40.30 69.94 -38.16
C2D CLA PP . -40.99 68.74 -38.60
C3D CLA PP . -41.00 67.94 -37.46
C4D CLA PP . -40.36 68.62 -36.42
CMD CLA PP . -41.61 68.29 -39.90
CAD CLA PP . -41.42 66.64 -36.98
OBD CLA PP . -41.76 65.69 -37.68
CBD CLA PP . -41.01 66.53 -35.54
CGD CLA PP . -42.22 66.35 -34.67
O1D CLA PP . -43.32 66.68 -35.10
O2D CLA PP . -42.13 65.84 -33.47
CED CLA PP . -43.09 64.84 -33.12
C1 CLA PP . -35.03 65.85 -35.70
C2 CLA PP . -35.03 64.81 -36.80
C3 CLA PP . -34.38 65.01 -37.94
C4 CLA PP . -33.62 66.28 -38.21
C5 CLA PP . -34.36 63.97 -39.05
C6 CLA PP . -34.84 64.58 -40.36
C7 CLA PP . -33.77 64.41 -41.45
C8 CLA PP . -34.42 64.17 -42.81
C9 CLA PP . -35.06 62.79 -42.87
C10 CLA PP . -33.35 64.32 -43.89
C11 CLA PP . -33.93 64.89 -45.17
C12 CLA PP . -33.21 66.17 -45.58
C13 CLA PP . -32.45 66.00 -46.89
C14 CLA PP . -31.74 67.29 -47.28
C15 CLA PP . -33.41 65.54 -47.98
C16 CLA PP . -32.76 64.51 -48.89
C17 CLA PP . -33.30 64.60 -50.32
C18 CLA PP . -33.05 63.31 -51.08
C19 CLA PP . -34.29 62.88 -51.85
C20 CLA PP . -31.85 63.45 -52.01
MG CLA QP . -38.17 64.45 -42.86
CHA CLA QP . -38.89 63.17 -39.73
CHB CLA QP . -38.97 61.44 -44.34
CHC CLA QP . -37.56 65.82 -45.79
CHD CLA QP . -37.34 67.55 -41.34
NA CLA QP . -38.88 62.50 -42.13
C1A CLA QP . -39.10 62.17 -40.85
C2A CLA QP . -39.51 60.72 -40.71
C3A CLA QP . -39.52 60.23 -42.17
C4A CLA QP . -39.11 61.44 -42.94
CMA CLA QP . -38.81 58.95 -42.55
CAA CLA QP . -40.91 60.57 -40.11
CBA CLA QP . -41.26 59.11 -39.83
CGA CLA QP . -40.44 58.57 -38.68
O1A CLA QP . -40.11 59.32 -37.78
O2A CLA QP . -40.12 57.28 -38.66
NB CLA QP . -38.27 63.74 -44.76
C1B CLA QP . -38.59 62.49 -45.19
C2B CLA QP . -38.47 62.41 -46.63
C3B CLA QP . -38.06 63.66 -47.01
C4B CLA QP . -37.94 64.48 -45.82
CMB CLA QP . -38.72 61.22 -47.51
CAB CLA QP . -37.77 64.15 -48.38
CBB CLA QP . -36.56 63.63 -49.12
NC CLA QP . -37.64 66.40 -43.47
C1C CLA QP . -37.37 66.72 -44.73
C2C CLA QP . -36.85 68.09 -44.87
C3C CLA QP . -36.84 68.59 -43.61
C4C CLA QP . -37.32 67.52 -42.73
CMC CLA QP . -36.45 68.78 -46.15
CAC CLA QP . -36.40 69.96 -43.17
CBC CLA QP . -34.90 69.97 -43.01
ND CLA QP . -38.12 65.26 -41.06
C1D CLA QP . -37.77 66.47 -40.53
C2D CLA QP . -37.85 66.47 -39.08
C3D CLA QP . -38.30 65.19 -38.78
C4D CLA QP . -38.46 64.48 -39.96
CMD CLA QP . -37.58 67.51 -38.03
CAD CLA QP . -38.66 64.35 -37.67
OBD CLA QP . -38.46 64.60 -36.50
CBD CLA QP . -39.06 63.01 -38.23
CGD CLA QP . -38.13 61.99 -37.68
O1D CLA QP . -38.23 61.60 -36.53
O2D CLA QP . -37.14 61.48 -38.43
CED CLA QP . -36.83 60.12 -38.20
C1 CLA QP . -38.78 56.82 -39.04
C2 CLA QP . -38.51 56.20 -40.39
C3 CLA QP . -37.28 55.80 -40.74
C4 CLA QP . -36.10 55.95 -39.82
C5 CLA QP . -36.98 55.17 -42.08
C6 CLA QP . -36.27 56.18 -42.99
C7 CLA QP . -35.72 55.52 -44.24
C8 CLA QP . -36.51 55.90 -45.49
C9 CLA QP . -35.90 55.29 -46.76
C10 CLA QP . -36.62 57.43 -45.59
C11 CLA QP . -35.33 58.09 -46.05
C12 CLA QP . -35.63 59.31 -46.92
C13 CLA QP . -34.38 59.89 -47.56
C14 CLA QP . -33.92 61.13 -46.79
C15 CLA QP . -34.65 60.22 -49.02
C16 CLA QP . -34.64 58.94 -49.87
C17 CLA QP . -35.68 59.03 -50.98
C18 CLA QP . -35.08 58.70 -52.34
C19 CLA QP . -34.46 57.32 -52.35
C20 CLA QP . -36.13 58.83 -53.44
MG CLA RP . -38.23 80.45 -51.37
CHA CLA RP . -36.10 82.04 -53.57
CHB CLA RP . -35.59 78.72 -49.98
CHC CLA RP . -40.35 79.05 -49.26
CHD CLA RP . -40.93 82.25 -52.78
NA CLA RP . -36.06 80.38 -51.72
C1A CLA RP . -35.39 81.07 -52.64
C2A CLA RP . -33.92 80.80 -52.60
C3A CLA RP . -33.80 79.74 -51.48
C4A CLA RP . -35.22 79.58 -51.02
CMA CLA RP . -32.95 78.51 -51.72
CAA CLA RP . -33.19 82.06 -52.12
CBA CLA RP . -33.51 82.50 -50.69
CGA CLA RP . -34.60 83.55 -50.64
O1A CLA RP . -34.30 84.73 -50.71
O2A CLA RP . -35.86 83.17 -50.56
NB CLA RP . -38.00 79.10 -49.85
C1B CLA RP . -36.87 78.49 -49.43
C2B CLA RP . -37.17 77.59 -48.34
C3B CLA RP . -38.52 77.69 -48.14
C4B CLA RP . -39.02 78.65 -49.11
CMB CLA RP . -36.18 76.73 -47.59
CAB CLA RP . -39.38 77.00 -47.16
CBB CLA RP . -39.38 75.51 -47.00
NC CLA RP . -40.30 80.68 -51.02
C1C CLA RP . -40.97 79.96 -50.14
C2C CLA RP . -42.43 80.19 -50.18
C3C CLA RP . -42.57 81.13 -51.17
C4C CLA RP . -41.25 81.43 -51.69
CMC CLA RP . -43.49 79.54 -49.34
CAC CLA RP . -43.88 81.73 -51.61
CBC CLA RP . -44.24 82.90 -50.72
ND CLA RP . -38.54 81.82 -52.77
C1D CLA RP . -39.63 82.45 -53.30
C2D CLA RP . -39.26 83.30 -54.42
C3D CLA RP . -37.89 83.13 -54.51
C4D CLA RP . -37.47 82.25 -53.52
CMD CLA RP . -40.03 84.20 -55.36
CAD CLA RP . -36.74 83.55 -55.28
OBD CLA RP . -36.75 84.32 -56.23
CBD CLA RP . -35.53 82.90 -54.69
CGD CLA RP . -34.86 82.04 -55.72
O1D CLA RP . -35.52 81.39 -56.51
O2D CLA RP . -33.53 81.98 -55.78
CED CLA RP . -32.94 82.50 -56.97
C1 CLA RP . -36.88 84.01 -49.95
C2 CLA RP . -38.03 83.38 -49.19
C3 CLA RP . -39.29 83.76 -49.45
C4 CLA RP . -39.62 84.80 -50.47
C5 CLA RP . -40.48 83.16 -48.74
C6 CLA RP . -40.73 83.90 -47.43
C7 CLA RP . -41.12 82.92 -46.33
C8 CLA RP . -40.05 81.84 -46.17
C9 CLA RP . -40.65 80.53 -45.65
C10 CLA RP . -38.95 82.37 -45.27
C11 CLA RP . -39.19 82.11 -43.79
C12 CLA RP . -37.91 81.71 -43.08
C13 CLA RP . -36.79 82.73 -43.32
C14 CLA RP . -35.45 82.04 -43.48
C15 CLA RP . -36.79 83.75 -42.18
C16 CLA RP . -35.56 84.66 -42.25
C17 CLA RP . -35.78 85.80 -43.23
C18 CLA RP . -35.25 87.11 -42.67
C19 CLA RP . -34.88 88.07 -43.79
C20 CLA RP . -36.26 87.75 -41.73
MG CLA SP . -30.27 81.65 -46.77
CHA CLA SP . -32.49 84.28 -46.46
CHB CLA SP . -27.61 83.79 -46.37
CHC CLA SP . -28.27 79.05 -46.99
CHD CLA SP . -33.03 79.46 -47.15
NA CLA SP . -30.05 83.82 -46.43
C1A CLA SP . -31.04 84.71 -46.34
C2A CLA SP . -30.52 86.11 -46.16
C3A CLA SP . -29.00 85.92 -46.15
C4A CLA SP . -28.85 84.43 -46.32
CMA CLA SP . -28.11 86.87 -46.93
CAA CLA SP . -30.93 86.73 -44.83
CBA CLA SP . -30.77 85.78 -43.66
CGA CLA SP . -30.85 86.62 -42.42
O1A CLA SP . -30.00 87.46 -42.22
O2A CLA SP . -31.85 86.44 -41.57
NB CLA SP . -28.26 81.45 -46.68
C1B CLA SP . -27.32 82.42 -46.53
C2B CLA SP . -26.00 81.85 -46.56
C3B CLA SP . -26.19 80.51 -46.75
C4B CLA SP . -27.63 80.27 -46.82
CMB CLA SP . -24.69 82.59 -46.43
CAB CLA SP . -25.13 79.48 -46.85
CBB CLA SP . -25.08 78.27 -45.93
NC CLA SP . -30.61 79.59 -46.95
C1C CLA SP . -29.63 78.69 -47.08
C2C CLA SP . -30.12 77.33 -47.33
C3C CLA SP . -31.48 77.46 -47.34
C4C CLA SP . -31.78 78.87 -47.11
CMC CLA SP . -29.30 76.08 -47.53
CAC CLA SP . -32.47 76.35 -47.55
CBC CLA SP . -32.82 75.79 -46.19
ND CLA SP . -32.26 81.74 -46.79
C1D CLA SP . -33.28 80.84 -46.95
C2D CLA SP . -34.58 81.50 -46.93
C3D CLA SP . -34.25 82.84 -46.73
C4D CLA SP . -32.87 82.96 -46.65
CMD CLA SP . -35.99 81.03 -47.07
CAD CLA SP . -34.85 84.14 -46.58
OBD CLA SP . -36.02 84.43 -46.82
CBD CLA SP . -33.75 85.13 -46.41
CGD CLA SP . -33.75 86.09 -47.56
O1D CLA SP . -32.96 85.97 -48.47
O2D CLA SP . -34.62 87.10 -47.60
CED CLA SP . -35.11 87.44 -48.89
C1 CLA SP . -31.57 85.79 -40.29
C2 CLA SP . -30.59 84.65 -40.23
C3 CLA SP . -30.81 83.57 -39.47
C4 CLA SP . -32.04 83.43 -38.62
C5 CLA SP . -29.82 82.42 -39.42
C6 CLA SP . -30.27 81.36 -40.40
C7 CLA SP . -29.21 81.10 -41.47
C8 CLA SP . -29.02 79.60 -41.71
C9 CLA SP . -30.25 78.99 -42.34
C10 CLA SP . -28.65 78.91 -40.41
C11 CLA SP . -27.44 78.00 -40.57
C12 CLA SP . -27.26 77.08 -39.36
C13 CLA SP . -27.34 75.60 -39.76
C14 CLA SP . -28.77 75.22 -40.14
C15 CLA SP . -26.80 74.73 -38.63
C16 CLA SP . -27.00 73.25 -38.92
C17 CLA SP . -25.68 72.50 -39.00
C18 CLA SP . -25.55 71.76 -40.32
C19 CLA SP . -24.16 71.14 -40.47
C20 CLA SP . -26.64 70.69 -40.46
C1 LUT TP . -35.09 74.21 -51.34
C2 LUT TP . -34.89 74.60 -52.80
C3 LUT TP . -35.57 75.91 -53.11
C4 LUT TP . -37.06 75.79 -52.88
C5 LUT TP . -37.37 75.14 -51.55
C6 LUT TP . -36.56 74.23 -50.98
C7 LUT TP . -37.11 73.29 -49.97
C8 LUT TP . -37.80 72.18 -50.27
C9 LUT TP . -38.27 71.32 -49.16
C10 LUT TP . -38.86 70.15 -49.44
C11 LUT TP . -39.35 69.28 -48.37
C12 LUT TP . -39.95 68.14 -48.70
C13 LUT TP . -40.47 67.18 -47.71
C14 LUT TP . -40.68 65.92 -48.11
C15 LUT TP . -41.17 64.86 -47.25
C16 LUT TP . -34.37 75.20 -50.45
C17 LUT TP . -34.50 72.82 -51.13
C18 LUT TP . -38.64 75.54 -50.86
C19 LUT TP . -38.12 71.76 -47.74
C20 LUT TP . -40.77 67.60 -46.29
O3 LUT TP . -35.35 76.22 -54.50
C21 LUT TP . -44.83 53.00 -45.39
C22 LUT TP . -45.23 51.93 -44.38
C23 LUT TP . -46.64 51.47 -44.59
C24 LUT TP . -47.55 52.64 -44.31
C25 LUT TP . -47.22 53.78 -45.24
C26 LUT TP . -45.95 54.01 -45.66
C27 LUT TP . -45.75 55.00 -46.75
C28 LUT TP . -45.26 56.20 -46.45
C29 LUT TP . -45.00 57.26 -47.44
C30 LUT TP . -44.14 58.21 -47.06
C31 LUT TP . -43.71 59.36 -47.86
C32 LUT TP . -43.13 60.35 -47.19
C33 LUT TP . -42.63 61.56 -47.87
C34 LUT TP . -42.04 62.54 -47.16
C35 LUT TP . -41.54 63.72 -47.84
C36 LUT TP . -44.46 52.34 -46.72
C37 LUT TP . -43.59 53.68 -44.82
C38 LUT TP . -48.34 54.65 -45.70
C39 LUT TP . -45.64 57.25 -48.79
C40 LUT TP . -42.81 61.66 -49.36
O23 LUT TP . -46.95 50.40 -43.68
C1 LUT UP . -46.43 67.39 -61.51
C2 LUT UP . -45.23 67.84 -62.33
C3 LUT UP . -44.10 66.83 -62.24
C4 LUT UP . -43.64 66.79 -60.79
C5 LUT UP . -44.81 66.47 -59.89
C6 LUT UP . -46.03 66.97 -60.12
C7 LUT UP . -47.03 67.08 -59.03
C8 LUT UP . -46.95 67.97 -58.04
C9 LUT UP . -48.00 68.03 -57.01
C10 LUT UP . -47.84 68.82 -55.94
C11 LUT UP . -48.87 68.93 -54.92
C12 LUT UP . -48.78 69.96 -54.08
C13 LUT UP . -49.77 70.21 -53.01
C14 LUT UP . -49.63 71.30 -52.26
C15 LUT UP . -50.58 71.66 -51.21
C16 LUT UP . -47.07 66.19 -62.19
C17 LUT UP . -47.43 68.55 -61.46
C18 LUT UP . -44.56 65.56 -58.73
C19 LUT UP . -49.24 67.20 -57.17
C20 LUT UP . -50.92 69.28 -52.80
O3 LUT UP . -43.03 67.25 -63.08
C21 LUT UP . -55.82 80.61 -43.33
C22 LUT UP . -56.62 81.17 -42.15
C23 LUT UP . -56.16 80.65 -40.81
C24 LUT UP . -56.34 79.15 -40.83
C25 LUT UP . -55.47 78.59 -41.91
C26 LUT UP . -55.21 79.24 -43.07
C27 LUT UP . -54.04 78.82 -43.88
C28 LUT UP . -54.22 78.13 -45.01
C29 LUT UP . -53.11 77.70 -45.87
C30 LUT UP . -53.33 76.74 -46.79
C31 LUT UP . -52.32 76.25 -47.71
C32 LUT UP . -52.24 74.96 -48.05
C33 LUT UP . -51.23 74.50 -49.02
C34 LUT UP . -51.49 73.41 -49.75
C35 LUT UP . -50.56 72.92 -50.77
C36 LUT UP . -54.70 81.58 -43.70
C37 LUT UP . -56.77 80.51 -44.53
C38 LUT UP . -54.86 77.24 -41.66
C39 LUT UP . -51.76 78.35 -45.74
C40 LUT UP . -49.95 75.26 -49.22
O23 LUT UP . -56.99 81.18 -39.77
C1 XAT VP . -54.88 74.46 -69.94
C2 XAT VP . -53.95 75.63 -69.64
C3 XAT VP . -53.08 75.42 -68.41
C4 XAT VP . -52.16 74.24 -68.68
C5 XAT VP . -52.98 72.97 -68.86
C6 XAT VP . -54.35 73.07 -69.46
C7 XAT VP . -55.01 71.81 -69.95
C8 XAT VP . -55.88 71.15 -69.18
C9 XAT VP . -56.51 69.91 -69.68
C10 XAT VP . -57.56 69.37 -69.02
C11 XAT VP . -58.29 68.16 -69.39
C12 XAT VP . -59.27 67.68 -68.61
C13 XAT VP . -60.04 66.46 -68.81
C14 XAT VP . -60.61 65.84 -67.75
C15 XAT VP . -61.37 64.64 -67.94
C16 XAT VP . -55.09 74.40 -71.45
C17 XAT VP . -56.22 74.74 -69.26
C18 XAT VP . -52.28 71.62 -68.88
C19 XAT VP . -55.99 69.25 -70.91
C20 XAT VP . -60.21 65.87 -70.18
O3 XAT VP . -52.30 76.59 -68.17
O4 XAT VP . -54.17 73.01 -68.01
C21 XAT VP . -72.66 59.00 -66.51
C22 XAT VP . -73.99 58.26 -66.37
C23 XAT VP . -73.80 56.79 -66.75
C24 XAT VP . -72.86 56.10 -65.77
C25 XAT VP . -71.51 56.83 -65.65
C26 XAT VP . -71.42 58.28 -65.97
C27 XAT VP . -70.28 59.04 -65.34
C28 XAT VP . -69.10 59.21 -65.94
C29 XAT VP . -68.01 60.08 -65.46
C30 XAT VP . -66.80 60.08 -66.05
C31 XAT VP . -65.75 60.96 -65.53
C32 XAT VP . -64.84 61.50 -66.36
C33 XAT VP . -63.78 62.50 -66.07
C34 XAT VP . -63.05 63.05 -67.06
C35 XAT VP . -62.02 64.06 -66.91
C36 XAT VP . -72.61 60.47 -66.91
C37 XAT VP . -72.95 59.60 -65.12
C38 XAT VP . -70.44 56.22 -64.75
C39 XAT VP . -68.28 60.99 -64.30
C40 XAT VP . -63.51 62.91 -64.66
O23 XAT VP . -75.06 56.11 -66.74
O24 XAT VP . -70.97 57.28 -66.89
C1 NEX WP . -63.89 43.43 -58.30
C2 NEX WP . -64.90 42.30 -58.12
C3 NEX WP . -64.90 41.50 -56.81
C4 NEX WP . -63.67 41.67 -55.92
C5 NEX WP . -62.40 42.00 -56.68
C6 NEX WP . -62.65 43.27 -57.46
C7 NEX WP . -61.82 44.23 -57.38
C8 NEX WP . -60.93 45.31 -57.26
C9 NEX WP . -60.60 46.46 -58.14
C10 NEX WP . -59.58 47.15 -57.91
C11 NEX WP . -59.10 48.41 -58.52
C12 NEX WP . -58.10 48.94 -58.17
C13 NEX WP . -57.39 50.15 -58.63
C14 NEX WP . -56.21 50.37 -58.24
C15 NEX WP . -55.40 51.60 -58.33
C16 NEX WP . -64.52 44.77 -57.96
C17 NEX WP . -63.43 43.45 -59.76
C18 NEX WP . -61.27 42.21 -55.68
C19 NEX WP . -61.49 46.79 -59.30
C20 NEX WP . -58.07 51.10 -59.55
O3 NEX WP . -66.06 41.85 -56.05
O4 NEX WP . -62.06 40.93 -57.56
C21 NEX WP . -45.12 57.26 -58.17
C22 NEX WP . -43.76 57.72 -58.69
C23 NEX WP . -43.64 57.55 -60.19
C24 NEX WP . -44.59 58.53 -60.86
C25 NEX WP . -46.02 58.35 -60.38
C26 NEX WP . -46.30 57.69 -59.05
C27 NEX WP . -47.62 57.98 -58.37
C28 NEX WP . -48.53 57.02 -58.12
C29 NEX WP . -49.69 57.36 -57.52
C30 NEX WP . -50.59 56.53 -57.26
C31 NEX WP . -50.79 55.10 -57.57
C32 NEX WP . -51.89 54.65 -57.65
C33 NEX WP . -52.41 53.26 -57.54
C34 NEX WP . -53.61 53.03 -57.83
C35 NEX WP . -54.33 51.74 -57.84
C36 NEX WP . -45.30 57.84 -56.78
C37 NEX WP . -45.10 55.74 -58.08
C38 NEX WP . -47.08 59.30 -60.93
C39 NEX WP . -49.93 58.79 -57.13
C40 NEX WP . -51.52 52.15 -57.06
O23 NEX WP . -42.30 57.84 -60.59
O24 NEX WP . -46.42 56.98 -60.29
O1 LHG XP . -39.23 73.35 -28.39
C1 LHG XP . -40.07 74.13 -29.24
C2 LHG XP . -40.05 73.52 -30.63
O2 LHG XP . -39.74 74.53 -31.59
C3 LHG XP . -41.42 72.92 -30.96
O3 LHG XP . -41.92 73.63 -32.09
P LHG XP . -42.29 72.88 -33.46
O4 LHG XP . -41.36 71.70 -33.63
O5 LHG XP . -43.78 72.69 -33.52
O6 LHG XP . -41.87 74.00 -34.54
C4 LHG XP . -42.86 74.62 -35.36
C5 LHG XP . -42.33 74.64 -36.77
C6 LHG XP . -42.41 73.19 -37.24
O7 LHG XP . -43.12 75.48 -37.61
C7 LHG XP . -42.44 76.53 -38.10
O9 LHG XP . -41.25 76.41 -38.36
C8 LHG XP . -43.13 77.86 -38.34
C9 LHG XP . -42.15 78.86 -38.93
C10 LHG XP . -42.84 80.14 -39.36
O8 LHG XP . -42.67 73.10 -38.63
C23 LHG XP . -43.87 72.73 -39.05
O10 LHG XP . -44.74 72.49 -38.23
C24 LHG XP . -44.16 72.65 -40.52
C11 LHG XP . -42.83 80.33 -40.88
C12 LHG XP . -42.95 81.80 -41.25
C13 LHG XP . -43.19 81.99 -42.75
C14 LHG XP . -44.20 83.10 -43.03
C15 LHG XP . -44.38 83.29 -44.54
C16 LHG XP . -44.08 84.73 -44.96
C17 LHG XP . -44.49 84.97 -46.41
C18 LHG XP . -44.94 86.42 -46.62
C19 LHG XP . -44.23 87.06 -47.82
C20 LHG XP . -44.59 86.38 -49.13
C21 LHG XP . -44.21 87.27 -50.30
C22 LHG XP . -43.93 86.47 -51.55
C25 LHG XP . -44.95 73.88 -40.92
C26 LHG XP . -44.09 75.14 -40.81
C27 LHG XP . -43.02 75.15 -41.90
C28 LHG XP . -41.99 76.24 -41.66
C29 LHG XP . -41.21 76.52 -42.94
C30 LHG XP . -40.52 77.87 -42.85
C31 LHG XP . -39.04 77.75 -43.22
C32 LHG XP . -38.26 77.06 -42.11
C33 LHG XP . -37.23 77.99 -41.50
C34 LHG XP . -37.90 78.95 -40.52
C35 LHG XP . -37.06 79.26 -39.29
C36 LHG XP . -35.56 79.27 -39.55
C37 LHG XP . -35.10 80.62 -40.10
C38 LHG XP . -35.64 81.78 -39.31
C1 SPH YP . -37.63 73.57 -25.42
O1 SPH YP . -38.86 73.60 -26.09
C2 SPH YP . -36.49 73.77 -26.42
N2 SPH YP . -36.93 73.32 -27.73
C3 SPH YP . -36.17 75.26 -26.49
O3 SPH YP . -35.43 75.63 -25.35
C4 SPH YP . -35.35 75.55 -27.74
C5 SPH YP . -35.36 76.76 -28.26
C6 SPH YP . -34.56 77.06 -29.52
C7 SPH YP . -34.28 78.55 -29.63
C8 SPH YP . -33.39 78.79 -30.84
C9 SPH YP . -32.48 80.00 -30.60
C10 SPH YP . -32.68 81.01 -31.72
C11 SPH YP . -31.32 81.41 -32.30
C12 SPH YP . -31.48 81.82 -33.76
C13 SPH YP . -30.26 81.36 -34.55
C14 SPH YP . -30.66 80.98 -35.98
C15 SPH YP . -29.63 80.02 -36.59
C16 SPH YP . -29.41 78.83 -35.67
C17 SPH YP . -27.99 78.29 -35.86
C18 SPH YP . -27.67 77.25 -34.80
C1 GOL ZP . -29.08 93.25 -56.21
O1 GOL ZP . -28.27 94.01 -57.06
C2 GOL ZP . -30.55 93.58 -56.45
O2 GOL ZP . -30.83 93.49 -57.82
C3 GOL ZP . -31.41 92.58 -55.69
O3 GOL ZP . -30.97 92.50 -54.36
O1 OEX AQ . 5.44 -36.18 77.52
CA1 OEX AQ . 5.87 -36.48 75.18
MN1 OEX AQ . 3.83 -35.45 77.79
O2 OEX AQ . 4.45 -38.43 75.79
MN2 OEX AQ . 4.72 -38.03 77.83
O3 OEX AQ . 2.91 -36.97 77.63
MN3 OEX AQ . 2.70 -37.72 75.79
O4 OEX AQ . 2.49 -38.43 73.85
MN4 OEX AQ . 2.69 -36.46 73.17
O5 OEX AQ . 3.30 -35.46 75.27
FE FE2 BQ . 22.14 -9.07 44.13
CL CL CQ . -2.95 -33.20 74.42
CL CL DQ . 2.45 -41.81 83.08
MG CLA EQ . 8.84 -21.03 67.21
CHA CLA EQ . 10.52 -23.64 65.68
CHB CLA EQ . 10.16 -18.81 64.95
CHC CLA EQ . 7.00 -18.66 68.59
CHD CLA EQ . 7.53 -23.32 69.55
NA CLA EQ . 10.20 -21.19 65.47
C1A CLA EQ . 10.78 -22.30 65.02
C2A CLA EQ . 11.70 -22.01 63.85
C3A CLA EQ . 11.57 -20.50 63.69
C4A CLA EQ . 10.58 -20.13 64.74
CMA CLA EQ . 12.83 -19.66 63.63
CAA CLA EQ . 11.24 -22.74 62.58
CBA CLA EQ . 11.11 -21.88 61.33
CGA CLA EQ . 11.22 -22.75 60.11
O1A CLA EQ . 11.07 -22.26 59.00
O2A CLA EQ . 11.47 -24.02 60.29
NB CLA EQ . 8.60 -19.06 66.81
C1B CLA EQ . 9.26 -18.31 65.89
C2B CLA EQ . 8.90 -16.93 66.01
C3B CLA EQ . 8.01 -16.89 67.05
C4B CLA EQ . 7.83 -18.24 67.54
CMB CLA EQ . 9.43 -15.81 65.14
CAB CLA EQ . 7.30 -15.71 67.61
CBB CLA EQ . 7.98 -14.39 67.89
NC CLA EQ . 7.45 -21.00 68.79
C1C CLA EQ . 6.90 -19.90 69.27
C2C CLA EQ . 6.19 -20.14 70.56
C3C CLA EQ . 6.36 -21.50 70.82
C4C CLA EQ . 7.14 -21.99 69.69
CMC CLA EQ . 5.48 -19.03 71.28
CAC CLA EQ . 5.95 -22.46 71.94
CBC CLA EQ . 5.16 -21.97 73.15
ND CLA EQ . 8.95 -22.96 67.62
C1D CLA EQ . 8.38 -23.80 68.52
C2D CLA EQ . 8.76 -25.19 68.29
C3D CLA EQ . 9.61 -25.11 67.19
C4D CLA EQ . 9.70 -23.78 66.79
CMD CLA EQ . 8.46 -26.51 68.96
CAD CLA EQ . 10.40 -25.92 66.32
OBD CLA EQ . 10.33 -27.15 66.24
CBD CLA EQ . 11.04 -25.01 65.31
CGD CLA EQ . 12.54 -25.02 65.41
O1D CLA EQ . 13.09 -24.91 66.49
O2D CLA EQ . 13.27 -25.12 64.31
CED CLA EQ . 13.55 -26.45 63.88
C1 CLA EQ . 12.25 -24.81 59.33
C2 CLA EQ . 11.68 -25.20 57.99
C3 CLA EQ . 11.14 -26.42 57.83
C4 CLA EQ . 11.09 -27.42 58.95
C5 CLA EQ . 10.57 -26.87 56.51
C6 CLA EQ . 11.59 -27.77 55.84
C7 CLA EQ . 11.29 -27.90 54.36
C8 CLA EQ . 11.24 -29.37 53.96
C9 CLA EQ . 12.58 -30.05 54.23
C10 CLA EQ . 10.86 -29.46 52.49
C11 CLA EQ . 9.45 -28.93 52.27
C12 CLA EQ . 9.06 -29.08 50.81
C13 CLA EQ . 7.57 -28.87 50.58
C14 CLA EQ . 6.76 -29.71 51.56
C15 CLA EQ . 7.24 -29.23 49.14
C16 CLA EQ . 5.94 -28.61 48.66
C17 CLA EQ . 5.88 -28.59 47.13
C18 CLA EQ . 5.11 -27.36 46.63
C19 CLA EQ . 3.65 -27.45 47.02
C20 CLA EQ . 5.73 -26.07 47.15
MG CLA FQ . 5.04 -25.08 59.24
CHA CLA FQ . 2.72 -22.63 58.48
CHB CLA FQ . 4.78 -26.38 56.04
CHC CLA FQ . 7.38 -27.27 60.01
CHD CLA FQ . 5.33 -23.70 62.49
NA CLA FQ . 3.89 -24.57 57.42
C1A CLA FQ . 3.02 -23.56 57.32
C2A CLA FQ . 2.43 -23.49 55.95
C3A CLA FQ . 3.06 -24.68 55.22
C4A CLA FQ . 3.96 -25.25 56.26
CMA CLA FQ . 2.17 -25.57 54.37
CAA CLA FQ . 2.86 -22.17 55.31
CBA CLA FQ . 4.18 -22.16 54.52
CGA CLA FQ . 5.41 -21.94 55.39
O1A CLA FQ . 5.79 -22.82 56.15
O2A CLA FQ . 6.09 -20.81 55.31
NB CLA FQ . 5.94 -26.58 58.19
C1B CLA FQ . 5.68 -27.00 56.92
C2B CLA FQ . 6.48 -28.14 56.60
C3B CLA FQ . 7.22 -28.40 57.73
C4B CLA FQ . 6.86 -27.38 58.72
CMB CLA FQ . 6.44 -28.84 55.27
CAB CLA FQ . 8.23 -29.44 58.03
CBB CLA FQ . 9.06 -30.19 57.00
NC CLA FQ . 6.17 -25.43 60.97
C1C CLA FQ . 7.07 -26.39 61.09
C2C CLA FQ . 7.69 -26.43 62.43
C3C CLA FQ . 7.10 -25.42 63.11
C4C CLA FQ . 6.15 -24.79 62.19
CMC CLA FQ . 8.76 -27.38 62.91
CAC CLA FQ . 7.34 -25.00 64.53
CBC CLA FQ . 6.34 -25.68 65.43
ND CLA FQ . 4.30 -23.58 60.30
C1D CLA FQ . 4.44 -23.11 61.57
C2D CLA FQ . 3.57 -21.97 61.84
C3D CLA FQ . 2.90 -21.80 60.62
C4D CLA FQ . 3.36 -22.76 59.72
CMD CLA FQ . 3.31 -21.08 63.03
CAD CLA FQ . 1.92 -20.97 59.97
OBD CLA FQ . 1.40 -19.96 60.45
CBD CLA FQ . 1.74 -21.48 58.58
CGD CLA FQ . 0.37 -22.03 58.36
O1D CLA FQ . -0.25 -22.55 59.27
O2D CLA FQ . -0.16 -21.97 57.15
CED CLA FQ . -1.52 -22.39 57.01
C1 CLA FQ . 6.94 -20.51 54.17
C2 CLA FQ . 7.30 -21.59 53.16
C3 CLA FQ . 7.87 -21.28 51.99
C4 CLA FQ . 8.19 -19.86 51.61
C5 CLA FQ . 8.21 -22.33 50.97
C6 CLA FQ . 6.92 -22.89 50.41
C7 CLA FQ . 6.69 -24.32 50.89
C8 CLA FQ . 5.25 -24.79 50.74
C9 CLA FQ . 4.25 -23.74 51.20
C10 CLA FQ . 5.08 -26.08 51.54
C11 CLA FQ . 3.80 -26.82 51.15
C12 CLA FQ . 3.57 -28.01 52.08
C13 CLA FQ . 2.22 -28.65 51.78
C14 CLA FQ . 1.65 -29.31 53.03
C15 CLA FQ . 2.40 -29.66 50.67
C16 CLA FQ . 1.42 -29.38 49.54
C17 CLA FQ . 1.62 -30.36 48.39
C18 CLA FQ . 0.38 -31.19 48.15
C19 CLA FQ . 0.44 -31.89 46.79
C20 CLA FQ . 0.16 -32.20 49.27
MG CLA GQ . 11.74 -8.95 69.84
CHA CLA GQ . 14.08 -11.43 70.31
CHB CLA GQ . 14.21 -6.55 69.76
CHC CLA GQ . 9.39 -6.68 69.30
CHD CLA GQ . 9.20 -11.42 69.93
NA CLA GQ . 13.94 -8.95 70.00
C1A CLA GQ . 14.69 -10.04 70.17
C2A CLA GQ . 16.15 -9.67 70.28
C3A CLA GQ . 16.17 -8.14 70.11
C4A CLA GQ . 14.70 -7.83 69.95
CMA CLA GQ . 17.03 -7.28 71.02
CAA CLA GQ . 17.01 -10.36 69.22
CBA CLA GQ . 16.40 -10.29 67.82
CGA CLA GQ . 17.35 -9.46 66.98
O1A CLA GQ . 18.55 -9.58 67.16
O2A CLA GQ . 16.85 -8.60 66.12
NB CLA GQ . 11.80 -6.93 69.56
C1B CLA GQ . 12.89 -6.11 69.58
C2B CLA GQ . 12.48 -4.75 69.39
C3B CLA GQ . 11.12 -4.78 69.26
C4B CLA GQ . 10.70 -6.18 69.38
CMB CLA GQ . 13.40 -3.57 69.36
CAB CLA GQ . 10.16 -3.67 69.05
CBB CLA GQ . 10.19 -2.41 69.89
NC CLA GQ . 9.66 -9.05 69.57
C1C CLA GQ . 8.88 -7.98 69.38
C2C CLA GQ . 7.45 -8.35 69.26
C3C CLA GQ . 7.43 -9.71 69.39
C4C CLA GQ . 8.81 -10.13 69.59
CMC CLA GQ . 6.30 -7.40 69.03
CAC CLA GQ . 6.22 -10.61 69.33
CBC CLA GQ . 5.52 -10.65 70.68
ND CLA GQ . 11.56 -10.91 70.03
C1D CLA GQ . 10.55 -11.82 70.08
C2D CLA GQ . 11.03 -13.18 70.32
C3D CLA GQ . 12.41 -13.00 70.39
C4D CLA GQ . 12.71 -11.66 70.22
CMD CLA GQ . 10.38 -14.53 70.47
CAD CLA GQ . 13.63 -13.73 70.58
OBD CLA GQ . 13.73 -14.94 70.74
CBD CLA GQ . 14.73 -12.73 70.69
CGD CLA GQ . 15.02 -12.55 72.14
O1D CLA GQ . 14.25 -12.99 72.98
O2D CLA GQ . 16.11 -11.88 72.50
CED CLA GQ . 16.09 -11.09 73.69
C1 CLA GQ . 16.98 -8.80 64.68
C2 CLA GQ . 18.12 -9.63 64.14
C3 CLA GQ . 19.27 -9.06 63.75
C4 CLA GQ . 19.50 -7.58 63.85
C5 CLA GQ . 20.41 -9.88 63.19
CHA PHO HQ . 14.07 -24.92 49.65
CHB PHO HQ . 9.88 -25.21 52.04
CHC PHO HQ . 11.58 -22.33 55.65
CHD PHO HQ . 15.85 -21.99 53.31
NA PHO HQ . 12.05 -24.76 50.97
C1A PHO HQ . 12.79 -25.30 49.87
C2A PHO HQ . 11.93 -26.29 49.09
C3A PHO HQ . 10.52 -26.06 49.70
C4A PHO HQ . 10.84 -25.28 50.99
CMA PHO HQ . 9.65 -25.26 48.76
CAA PHO HQ . 12.35 -27.72 49.27
CBA PHO HQ . 11.87 -28.58 48.13
CGA PHO HQ . 11.76 -30.01 48.56
O1A PHO HQ . 12.60 -30.73 49.09
O2A PHO HQ . 10.52 -30.53 48.29
NB PHO HQ . 11.03 -23.73 53.65
C1B PHO HQ . 9.99 -24.55 53.24
C2B PHO HQ . 9.00 -24.57 54.35
C3B PHO HQ . 9.46 -23.76 55.37
C4B PHO HQ . 10.78 -23.19 54.93
CMB PHO HQ . 7.76 -25.34 54.25
CAB PHO HQ . 8.89 -23.41 56.64
CBB PHO HQ . 8.36 -24.25 57.53
NC PHO HQ . 13.59 -22.36 54.25
C1C PHO HQ . 12.91 -21.93 55.30
C2C PHO HQ . 13.76 -20.99 56.10
C3C PHO HQ . 14.97 -20.89 55.44
C4C PHO HQ . 14.89 -21.78 54.25
CMC PHO HQ . 13.34 -20.32 57.32
CAC PHO HQ . 16.16 -20.09 55.81
CBC PHO HQ . 17.28 -20.91 56.42
ND PHO HQ . 14.62 -23.55 51.80
C1D PHO HQ . 15.76 -22.81 52.15
C2D PHO HQ . 16.77 -23.04 51.14
C3D PHO HQ . 16.18 -23.87 50.16
C4D PHO HQ . 14.83 -24.13 50.60
CMD PHO HQ . 18.13 -22.50 51.16
CAD PHO HQ . 16.39 -24.55 48.91
OBD PHO HQ . 17.41 -24.65 48.22
CBD PHO HQ . 15.03 -25.22 48.51
CGD PHO HQ . 14.59 -24.66 47.18
O1D PHO HQ . 14.99 -24.96 46.05
O2D PHO HQ . 13.62 -23.72 47.31
CED PHO HQ . 13.32 -22.97 46.13
C1 PHO HQ . 10.45 -31.94 48.00
C2 PHO HQ . 9.03 -32.32 48.13
C3 PHO HQ . 8.10 -32.06 47.21
C4 PHO HQ . 8.39 -31.35 45.94
C5 PHO HQ . 6.67 -32.47 47.40
C6 PHO HQ . 6.48 -33.37 48.61
C7 PHO HQ . 5.67 -32.71 49.71
C8 PHO HQ . 5.55 -33.56 50.97
C9 PHO HQ . 5.44 -35.05 50.66
C10 PHO HQ . 4.35 -33.08 51.78
C11 PHO HQ . 4.04 -33.96 52.97
C12 PHO HQ . 5.07 -33.81 54.07
C13 PHO HQ . 4.98 -32.46 54.75
C14 PHO HQ . 5.97 -32.41 55.89
C15 PHO HQ . 3.56 -32.22 55.28
C16 PHO HQ . 3.43 -30.86 55.93
C17 PHO HQ . 2.19 -30.80 56.78
C18 PHO HQ . 2.16 -29.54 57.64
C19 PHO HQ . 3.48 -29.30 58.35
C20 PHO HQ . 1.80 -28.35 56.77
CHA PHO IQ . 16.73 -1.61 60.24
CHB PHO IQ . 16.07 -3.91 64.41
CHC PHO IQ . 12.77 -6.87 62.34
CHD PHO IQ . 13.62 -4.71 58.02
NA PHO IQ . 16.28 -2.99 62.15
C1A PHO IQ . 16.89 -1.85 61.56
C2A PHO IQ . 17.68 -1.05 62.58
C3A PHO IQ . 17.63 -1.98 63.83
C4A PHO IQ . 16.60 -3.02 63.43
CMA PHO IQ . 18.97 -2.60 64.16
CAA PHO IQ . 17.09 0.32 62.85
CBA PHO IQ . 16.92 0.60 64.33
CGA PHO IQ . 17.48 1.93 64.69
O1A PHO IQ . 18.64 2.25 64.94
O2A PHO IQ . 16.51 2.89 64.73
NB PHO IQ . 14.43 -5.19 63.05
C1B PHO IQ . 15.16 -4.89 64.20
C2B PHO IQ . 14.74 -5.88 65.23
C3B PHO IQ . 13.81 -6.73 64.68
C4B PHO IQ . 13.61 -6.30 63.25
CMB PHO IQ . 15.35 -5.80 66.56
CAB PHO IQ . 13.10 -7.87 65.20
CBB PHO IQ . 12.82 -8.14 66.49
NC PHO IQ . 13.43 -5.59 60.32
C1C PHO IQ . 12.70 -6.51 60.94
C2C PHO IQ . 11.77 -7.17 59.97
C3C PHO IQ . 12.01 -6.58 58.74
C4C PHO IQ . 13.07 -5.55 58.95
CMC PHO IQ . 10.84 -8.23 60.33
CAC PHO IQ . 11.36 -6.88 57.45
CBC PHO IQ . 10.44 -5.80 56.93
ND PHO IQ . 14.59 -2.98 59.56
C1D PHO IQ . 14.32 -3.49 58.28
C2D PHO IQ . 14.90 -2.59 57.32
C3D PHO IQ . 15.75 -1.74 58.06
C4D PHO IQ . 15.66 -2.16 59.43
CMD PHO IQ . 14.64 -2.56 55.87
CAD PHO IQ . 16.68 -0.63 57.99
OBD PHO IQ . 16.82 0.26 57.16
CBD PHO IQ . 17.55 -0.76 59.30
CGD PHO IQ . 18.87 -1.40 58.99
O1D PHO IQ . 20.00 -1.00 59.27
O2D PHO IQ . 18.74 -2.58 58.33
CED PHO IQ . 19.89 -3.05 57.62
C1 PHO IQ . 16.74 3.99 65.64
C2 PHO IQ . 16.54 3.44 67.01
C3 PHO IQ . 15.34 3.41 67.60
C4 PHO IQ . 14.12 3.92 66.91
C5 PHO IQ . 15.14 2.87 68.96
C6 PHO IQ . 14.13 1.73 69.00
C7 PHO IQ . 12.91 2.08 69.81
C8 PHO IQ . 11.91 0.92 69.84
C9 PHO IQ . 10.86 1.07 68.78
C10 PHO IQ . 11.30 0.81 71.23
C11 PHO IQ . 12.32 0.45 72.28
C12 PHO IQ . 12.98 -0.88 71.96
C13 PHO IQ . 13.97 -1.29 73.03
C14 PHO IQ . 15.23 -0.45 72.97
C15 PHO IQ . 14.28 -2.77 72.91
C16 PHO IQ . 13.03 -3.61 73.07
C17 PHO IQ . 13.34 -5.09 72.99
C18 PHO IQ . 12.52 -5.89 74.00
C19 PHO IQ . 13.22 -7.17 74.35
C20 PHO IQ . 11.14 -6.17 73.43
MG CLA JQ . 9.33 -47.56 49.80
CHA CLA JQ . 8.18 -48.48 52.92
CHB CLA JQ . 12.48 -46.98 51.07
CHC CLA JQ . 10.32 -46.69 46.77
CHD CLA JQ . 6.11 -48.18 48.49
NA CLA JQ . 10.27 -47.72 51.79
C1A CLA JQ . 9.65 -48.11 52.91
C2A CLA JQ . 10.60 -48.13 54.08
C3A CLA JQ . 11.92 -47.66 53.45
C4A CLA JQ . 11.56 -47.41 52.03
CMA CLA JQ . 12.87 -46.71 54.18
CAA CLA JQ . 10.83 -49.57 54.51
CBA CLA JQ . 11.04 -50.55 53.36
CGA CLA JQ . 12.03 -51.60 53.78
O1A CLA JQ . 12.40 -51.63 54.95
O2A CLA JQ . 12.46 -52.47 52.90
NB CLA JQ . 11.11 -46.93 49.04
C1B CLA JQ . 12.29 -46.75 49.70
C2B CLA JQ . 13.31 -46.31 48.78
C3B CLA JQ . 12.68 -46.24 47.56
C4B CLA JQ . 11.29 -46.63 47.75
CMB CLA JQ . 14.74 -46.02 49.15
CAB CLA JQ . 13.19 -45.85 46.24
CBB CLA JQ . 14.19 -44.74 46.02
NC CLA JQ . 8.39 -47.58 47.91
C1C CLA JQ . 8.97 -47.11 46.80
C2C CLA JQ . 8.05 -47.11 45.65
C3C CLA JQ . 6.88 -47.61 46.15
C4C CLA JQ . 7.10 -47.88 47.56
CMC CLA JQ . 8.31 -46.67 44.23
CAC CLA JQ . 5.60 -47.83 45.38
CBC CLA JQ . 5.49 -49.27 44.94
ND CLA JQ . 7.57 -48.17 50.43
C1D CLA JQ . 6.34 -48.39 49.87
C2D CLA JQ . 5.36 -48.83 50.83
C3D CLA JQ . 6.08 -48.86 52.02
C4D CLA JQ . 7.40 -48.46 51.76
CMD CLA JQ . 3.90 -49.19 50.76
CAD CLA JQ . 5.95 -49.16 53.43
OBD CLA JQ . 4.90 -49.36 54.02
CBD CLA JQ . 7.29 -48.93 54.07
CGD CLA JQ . 7.16 -47.86 55.10
O1D CLA JQ . 7.14 -46.68 54.78
O2D CLA JQ . 7.05 -48.18 56.39
CED CLA JQ . 6.20 -47.34 57.17
C1 CLA JQ . 13.76 -53.10 53.08
C2 CLA JQ . 14.87 -52.90 52.07
C3 CLA JQ . 15.83 -53.82 51.90
C4 CLA JQ . 15.88 -55.09 52.69
C5 CLA JQ . 16.94 -53.63 50.88
C6 CLA JQ . 18.06 -52.79 51.48
C7 CLA JQ . 18.88 -52.14 50.36
C8 CLA JQ . 20.37 -52.40 50.54
C9 CLA JQ . 20.66 -53.89 50.66
C10 CLA JQ . 20.88 -51.65 51.75
C11 CLA JQ . 20.83 -50.14 51.52
C12 CLA JQ . 22.08 -49.46 52.09
C13 CLA JQ . 21.89 -49.15 53.57
C14 CLA JQ . 21.02 -47.92 53.78
C15 CLA JQ . 23.26 -48.94 54.21
C1 BCR KQ . 12.80 -42.29 37.06
C2 BCR KQ . 14.11 -43.09 37.09
C3 BCR KQ . 13.96 -44.42 37.82
C4 BCR KQ . 12.88 -45.27 37.18
C5 BCR KQ . 11.72 -44.47 36.66
C6 BCR KQ . 11.59 -43.20 37.03
C7 BCR KQ . 10.27 -42.65 37.36
C8 BCR KQ . 9.59 -43.04 38.42
C9 BCR KQ . 8.30 -42.54 38.83
C10 BCR KQ . 7.86 -42.70 40.20
C11 BCR KQ . 6.92 -43.27 41.10
C33 BCR KQ . 10.74 -45.10 35.74
C31 BCR KQ . 12.74 -41.42 35.82
C32 BCR KQ . 12.73 -41.42 38.30
C34 BCR KQ . 7.40 -41.90 37.83
C12 BCR KQ . 6.18 -43.78 41.92
C13 BCR KQ . 4.96 -44.08 42.54
C14 BCR KQ . 4.98 -44.47 43.84
C15 BCR KQ . 3.81 -44.78 44.59
C16 BCR KQ . 3.23 -45.36 45.66
C17 BCR KQ . 1.97 -45.31 45.92
C18 BCR KQ . 1.33 -45.92 46.93
C19 BCR KQ . -0.10 -45.75 47.12
C20 BCR KQ . -1.04 -45.56 48.04
C21 BCR KQ . -2.25 -45.32 48.75
C22 BCR KQ . -2.61 -45.87 49.93
C23 BCR KQ . -3.89 -45.47 50.53
C24 BCR KQ . -4.34 -45.78 51.93
C25 BCR KQ . -5.64 -45.27 52.41
C26 BCR KQ . -5.66 -44.13 53.09
C27 BCR KQ . -6.94 -43.44 53.51
C28 BCR KQ . -8.21 -44.23 53.20
C29 BCR KQ . -8.00 -45.73 53.10
C30 BCR KQ . -6.91 -46.05 52.08
C35 BCR KQ . 3.66 -43.99 41.80
C36 BCR KQ . 2.11 -46.79 47.88
C37 BCR KQ . -1.73 -46.87 50.61
C38 BCR KQ . -4.38 -43.47 53.50
C39 BCR KQ . -7.37 -45.70 50.68
C40 BCR KQ . -6.63 -47.55 52.18
O6 SQD LQ . 35.71 -9.87 55.04
C44 SQD LQ . 35.60 -11.17 55.57
C45 SQD LQ . 34.57 -11.97 54.73
C46 SQD LQ . 35.09 -13.39 54.39
O47 SQD LQ . 33.45 -12.19 55.56
C7 SQD LQ . 32.56 -11.15 55.65
O49 SQD LQ . 32.47 -10.31 54.81
C8 SQD LQ . 31.76 -11.25 56.91
C9 SQD LQ . 30.96 -12.56 56.92
C10 SQD LQ . 30.47 -12.95 58.31
C11 SQD LQ . 31.62 -13.45 59.20
C12 SQD LQ . 31.18 -14.61 60.10
C13 SQD LQ . 29.92 -14.26 60.92
C14 SQD LQ . 28.89 -15.41 60.89
C15 SQD LQ . 28.84 -16.16 62.23
C16 SQD LQ . 27.57 -15.82 63.03
C17 SQD LQ . 27.47 -16.63 64.33
C18 SQD LQ . 27.30 -18.12 64.05
C19 SQD LQ . 27.03 -18.93 65.33
O48 SQD LQ . 35.20 -14.09 55.62
C23 SQD LQ . 34.39 -15.19 55.75
O10 SQD LQ . 34.03 -15.81 54.78
C24 SQD LQ . 34.05 -15.48 57.20
C25 SQD LQ . 35.28 -15.33 58.11
C26 SQD LQ . 34.94 -15.62 59.58
C27 SQD LQ . 36.20 -15.75 60.44
C28 SQD LQ . 35.84 -15.86 61.94
C29 SQD LQ . 34.82 -16.98 62.21
C30 SQD LQ . 34.06 -16.75 63.52
C31 SQD LQ . 34.96 -16.94 64.75
C32 SQD LQ . 34.15 -17.21 66.03
C33 SQD LQ . 34.86 -18.19 66.96
C34 SQD LQ . 35.01 -17.61 68.37
C35 SQD LQ . 35.89 -18.49 69.27
C36 SQD LQ . 35.15 -18.92 70.54
C37 SQD LQ . 35.24 -20.42 70.77
C38 SQD LQ . 34.35 -20.89 71.92
C1 SQD LQ . 36.12 -9.88 53.70
C2 SQD LQ . 35.73 -8.51 53.10
O2 SQD LQ . 34.35 -8.34 53.12
C3 SQD LQ . 36.26 -8.46 51.65
O3 SQD LQ . 36.14 -7.13 51.26
C4 SQD LQ . 37.75 -8.88 51.57
O4 SQD LQ . 38.07 -9.04 50.22
C5 SQD LQ . 38.03 -10.17 52.39
C6 SQD LQ . 39.51 -10.40 52.51
O5 SQD LQ . 37.52 -9.98 53.69
S SQD LQ . 40.00 -11.81 53.53
O7 SQD LQ . 41.41 -11.89 53.30
O8 SQD LQ . 39.25 -12.88 52.95
O9 SQD LQ . 39.66 -11.48 54.86
C1 LMG MQ . 11.92 -53.68 58.53
O1 LMG MQ . 12.85 -53.19 57.56
C2 LMG MQ . 10.76 -54.37 57.82
O2 LMG MQ . 10.13 -53.42 56.96
C3 LMG MQ . 9.76 -54.92 58.83
O3 LMG MQ . 8.79 -55.72 58.16
C4 LMG MQ . 10.47 -55.78 59.87
O4 LMG MQ . 10.99 -56.94 59.22
C5 LMG MQ . 11.61 -55.00 60.48
O5 LMG MQ . 13.00 -54.96 62.44
C6 LMG MQ . 12.33 -55.83 61.53
O6 LMG MQ . 12.52 -54.59 59.45
C7 LMG MQ . 14.19 -53.59 57.79
C8 LMG MQ . 15.14 -52.40 57.64
C9 LMG MQ . 16.58 -52.88 57.78
O7 LMG MQ . 14.95 -51.76 56.38
C10 LMG MQ . 14.95 -50.43 56.52
O9 LMG MQ . 14.22 -49.92 57.35
C11 LMG MQ . 15.83 -49.55 55.65
C12 LMG MQ . 16.79 -50.39 54.82
C13 LMG MQ . 16.88 -49.87 53.39
C14 LMG MQ . 17.31 -48.40 53.34
C15 LMG MQ . 16.68 -47.71 52.13
C16 LMG MQ . 17.24 -46.31 51.89
C17 LMG MQ . 18.65 -46.41 51.32
C18 LMG MQ . 19.02 -45.11 50.62
C19 LMG MQ . 20.26 -44.93 50.15
C20 LMG MQ . 21.32 -46.00 50.33
C21 LMG MQ . 22.69 -45.45 50.01
C22 LMG MQ . 23.76 -46.19 50.25
O8 LMG MQ . 17.45 -51.76 57.78
C28 LMG MQ . 18.75 -51.93 57.99
O10 LMG MQ . 19.18 -53.05 58.22
C29 LMG MQ . 19.68 -50.74 57.96
C30 LMG MQ . 21.10 -51.22 58.23
C31 LMG MQ . 22.00 -50.04 58.57
C32 LMG MQ . 21.50 -49.33 59.83
C33 LMG MQ . 22.30 -48.06 60.09
C34 LMG MQ . 22.15 -47.09 58.93
C35 LMG MQ . 22.67 -45.70 59.30
C36 LMG MQ . 22.01 -45.24 60.57
C37 LMG MQ . 21.72 -43.95 60.77
C38 LMG MQ . 22.04 -42.93 59.70
C39 LMG MQ . 22.35 -41.60 60.33
C40 LMG MQ . 22.49 -40.51 59.58
C41 LMG MQ . 22.32 -40.57 58.08
C42 LMG MQ . 22.36 -39.16 57.53
C43 LMG MQ . 21.98 -38.92 56.27
C1 SPH NQ . -4.85 -58.40 52.82
O1 SPH NQ . -3.88 -59.40 52.94
C2 SPH NQ . -4.58 -57.58 51.56
N2 SPH NQ . -5.64 -57.82 50.60
C3 SPH NQ . -4.53 -56.09 51.91
O3 SPH NQ . -4.14 -55.95 53.25
C4 SPH NQ . -3.51 -55.39 51.01
C5 SPH NQ . -3.89 -54.59 50.02
C6 SPH NQ . -2.84 -53.91 49.14
C7 SPH NQ . -3.22 -52.45 48.90
C8 SPH NQ . -1.97 -51.57 48.94
C9 SPH NQ . -1.08 -51.86 47.72
C10 SPH NQ . -0.28 -50.61 47.36
C11 SPH NQ . 0.09 -50.64 45.87
C12 SPH NQ . 0.66 -49.27 45.48
C13 SPH NQ . 0.15 -48.87 44.10
C14 SPH NQ . 1.33 -48.64 43.16
C15 SPH NQ . 0.83 -48.23 41.77
C16 SPH NQ . 1.85 -47.31 41.10
C17 SPH NQ . 3.17 -48.07 40.92
C18 SPH NQ . 3.75 -47.76 39.54
NA NA OQ . -3.28 -36.61 82.31
MG CLA PQ . -12.51 28.80 75.13
CHA CLA PQ . -14.71 30.65 77.11
CHB CLA PQ . -13.44 30.57 72.34
CHC CLA PQ . -10.30 27.06 73.39
CHD CLA PQ . -11.60 26.93 78.00
NA CLA PQ . -13.92 30.45 74.74
C1A CLA PQ . -14.71 31.05 75.64
C2A CLA PQ . -15.54 32.14 75.00
C3A CLA PQ . -15.14 32.06 73.51
C4A CLA PQ . -14.10 30.97 73.51
CMA CLA PQ . -16.22 32.02 72.44
CAA CLA PQ . -15.11 33.49 75.58
CBA CLA PQ . -15.18 34.68 74.65
CGA CLA PQ . -13.95 35.53 74.85
O1A CLA PQ . -12.86 35.01 74.75
O2A CLA PQ . -14.10 36.80 75.15
NB CLA PQ . -11.95 28.82 73.17
C1B CLA PQ . -12.45 29.58 72.16
C2B CLA PQ . -11.83 29.24 70.92
C3B CLA PQ . -10.95 28.23 71.22
C4B CLA PQ . -11.03 27.99 72.65
CMB CLA PQ . -12.10 29.84 69.57
CAB CLA PQ . -10.05 27.54 70.27
CBB CLA PQ . -10.08 26.05 70.08
NC CLA PQ . -11.09 27.33 75.64
C1C CLA PQ . -10.34 26.69 74.76
C2C CLA PQ . -9.58 25.56 75.34
C3C CLA PQ . -9.93 25.57 76.66
C4C CLA PQ . -10.87 26.67 76.84
CMC CLA PQ . -8.64 24.63 74.61
CAC CLA PQ . -9.44 24.63 77.73
CBC CLA PQ . -10.26 23.36 77.69
ND CLA PQ . -12.97 28.70 77.06
C1D CLA PQ . -12.55 27.98 78.13
C2D CLA PQ . -13.20 28.39 79.37
C3D CLA PQ . -14.04 29.43 78.95
C4D CLA PQ . -13.89 29.61 77.57
CMD CLA PQ . -13.12 27.95 80.80
CAD CLA PQ . -15.00 30.38 79.46
OBD CLA PQ . -15.15 30.68 80.63
CBD CLA PQ . -15.49 31.18 78.30
CGD CLA PQ . -16.98 30.99 78.19
O1D CLA PQ . -17.65 31.58 77.36
O2D CLA PQ . -17.60 30.17 79.02
CED CLA PQ . -18.82 29.60 78.54
C1 CLA PQ . -13.48 37.35 76.35
C2 CLA PQ . -13.39 36.53 77.62
C3 CLA PQ . -13.20 37.12 78.82
C4 CLA PQ . -13.05 38.60 78.97
C5 CLA PQ . -13.11 36.30 80.08
C6 CLA PQ . -11.65 35.98 80.37
C7 CLA PQ . -11.26 34.62 79.79
C8 CLA PQ . -11.97 33.49 80.54
C9 CLA PQ . -11.39 33.35 81.94
C10 CLA PQ . -11.91 32.14 79.81
C11 CLA PQ . -11.25 32.18 78.43
C12 CLA PQ . -10.61 30.84 78.11
C13 CLA PQ . -9.48 30.95 77.09
C14 CLA PQ . -8.44 31.97 77.54
C15 CLA PQ . -10.06 31.31 75.73
C16 CLA PQ . -9.28 30.61 74.62
C17 CLA PQ . -8.67 31.63 73.67
C18 CLA PQ . -9.36 31.59 72.31
C19 CLA PQ . -9.66 33.00 71.81
C20 CLA PQ . -8.53 30.82 71.30
MG CLA QQ . -12.62 21.30 68.55
CHA CLA QQ . -12.19 17.88 68.57
CHB CLA QQ . -14.97 21.07 71.06
CHC CLA QQ . -12.89 24.59 68.47
CHD CLA QQ . -10.24 21.51 65.93
NA CLA QQ . -13.49 19.65 69.72
C1A CLA QQ . -13.19 18.36 69.59
C2A CLA QQ . -13.97 17.50 70.56
C3A CLA QQ . -14.83 18.53 71.31
C4A CLA QQ . -14.43 19.83 70.68
CMA CLA QQ . -16.31 18.23 71.55
CAA CLA QQ . -13.00 16.92 71.57
CBA CLA QQ . -13.56 15.69 72.26
CGA CLA QQ . -12.81 14.46 71.84
O1A CLA QQ . -13.11 13.90 70.80
O2A CLA QQ . -11.81 14.02 72.61
NB CLA QQ . -13.75 22.62 69.60
C1B CLA QQ . -14.68 22.37 70.57
C2B CLA QQ . -15.28 23.60 71.01
C3B CLA QQ . -14.68 24.58 70.28
C4B CLA QQ . -13.72 23.94 69.38
CMB CLA QQ . -16.34 23.76 72.07
CAB CLA QQ . -14.93 26.04 70.31
CBB CLA QQ . -14.60 26.86 71.53
NC CLA QQ . -11.63 22.81 67.47
C1C CLA QQ . -11.96 24.09 67.53
C2C CLA QQ . -11.28 24.92 66.52
C3C CLA QQ . -10.49 24.04 65.84
C4C CLA QQ . -10.73 22.72 66.43
CMC CLA QQ . -11.41 26.41 66.32
CAC CLA QQ . -9.57 24.34 64.69
CBC CLA QQ . -10.37 24.29 63.40
ND CLA QQ . -11.48 20.10 67.45
C1D CLA QQ . -10.55 20.25 66.48
C2D CLA QQ . -9.94 18.98 66.11
C3D CLA QQ . -10.58 18.07 66.92
C4D CLA QQ . -11.50 18.75 67.73
CMD CLA QQ . -8.88 18.59 65.11
CAD CLA QQ . -10.64 16.65 67.24
OBD CLA QQ . -9.99 15.77 66.73
CBD CLA QQ . -11.76 16.47 68.23
CGD CLA QQ . -12.90 15.79 67.52
O1D CLA QQ . -13.19 16.11 66.39
O2D CLA QQ . -13.60 14.84 68.14
CED CLA QQ . -13.69 13.58 67.46
C1 CLA QQ . -10.42 14.27 72.25
C2 CLA QQ . -9.95 14.17 70.81
C3 CLA QQ . -8.80 13.56 70.51
C4 CLA QQ . -7.96 12.94 71.59
C5 CLA QQ . -8.28 13.43 69.10
C6 CLA QQ . -6.86 13.99 69.01
C7 CLA QQ . -5.97 13.13 68.12
C8 CLA QQ . -4.89 12.42 68.92
C9 CLA QQ . -4.10 13.40 69.76
C10 CLA QQ . -3.96 11.66 67.98
C11 CLA QQ . -4.63 10.48 67.28
C12 CLA QQ . -3.72 9.82 66.23
C13 CLA QQ . -2.26 9.83 66.66
C14 CLA QQ . -1.32 9.95 65.44
C15 CLA QQ . -1.96 8.58 67.49
C16 CLA QQ . -1.68 7.36 66.62
C17 CLA QQ . -2.28 6.11 67.26
C18 CLA QQ . -1.24 5.31 68.04
C19 CLA QQ . -1.85 4.01 68.52
C20 CLA QQ . 0.00 5.07 67.20
MG CLA RQ . -17.52 17.42 61.45
CHA CLA RQ . -19.68 15.21 62.99
CHB CLA RQ . -15.24 17.05 64.02
CHC CLA RQ . -15.46 19.40 59.79
CHD CLA RQ . -19.88 17.79 58.84
NA CLA RQ . -17.44 16.25 63.32
C1A CLA RQ . -18.40 15.44 63.78
C2A CLA RQ . -18.04 14.83 65.10
C3A CLA RQ . -16.67 15.46 65.41
C4A CLA RQ . -16.41 16.29 64.19
CMA CLA RQ . -16.45 16.06 66.79
CAA CLA RQ . -17.82 13.32 64.97
CBA CLA RQ . -17.25 12.90 63.62
CGA CLA RQ . -15.76 12.65 63.72
O1A CLA RQ . -15.34 12.03 64.68
O2A CLA RQ . -14.96 13.09 62.77
NB CLA RQ . -15.64 18.10 61.84
C1B CLA RQ . -14.88 17.88 62.94
C2B CLA RQ . -13.65 18.63 62.85
C3B CLA RQ . -13.72 19.29 61.66
C4B CLA RQ . -14.99 18.95 61.03
CMB CLA RQ . -12.54 18.65 63.86
CAB CLA RQ . -12.71 20.20 61.08
CBB CLA RQ . -12.47 21.54 61.73
NC CLA RQ . -17.64 18.42 59.60
C1C CLA RQ . -16.68 19.19 59.11
C2C CLA RQ . -17.05 19.77 57.80
C3C CLA RQ . -18.30 19.29 57.55
C4C CLA RQ . -18.66 18.45 58.68
CMC CLA RQ . -16.23 20.67 56.91
CAC CLA RQ . -19.15 19.58 56.33
CBC CLA RQ . -18.98 18.47 55.31
ND CLA RQ . -19.30 16.73 60.94
C1D CLA RQ . -20.17 16.92 59.92
C2D CLA RQ . -21.39 16.16 60.09
C3D CLA RQ . -21.18 15.50 61.29
C4D CLA RQ . -19.93 15.85 61.79
CMD CLA RQ . -22.64 16.00 59.29
CAD CLA RQ . -21.82 14.57 62.20
OBD CLA RQ . -22.77 13.86 61.92
CBD CLA RQ . -20.86 14.33 63.32
CGD CLA RQ . -21.50 14.76 64.60
O1D CLA RQ . -21.95 15.90 64.72
O2D CLA RQ . -21.61 13.91 65.60
CED CLA RQ . -22.92 13.40 65.85
C1 CLA RQ . -13.80 13.90 63.10
C2 CLA RQ . -13.21 14.92 62.16
C3 CLA RQ . -11.92 15.28 62.24
C4 CLA RQ . -11.00 14.67 63.26
C5 CLA RQ . -11.30 16.30 61.29
C6 CLA RQ . -10.01 16.92 61.83
C7 CLA RQ . -8.92 16.96 60.76
C8 CLA RQ . -8.19 18.30 60.73
C9 CLA RQ . -8.17 18.86 59.31
C10 CLA RQ . -6.79 18.14 61.35
C11 CLA RQ . -5.61 18.55 60.45
C12 CLA RQ . -4.75 17.35 60.10
C13 CLA RQ . -3.32 17.49 60.64
C14 CLA RQ . -2.35 16.68 59.81
C15 CLA RQ . -3.30 17.07 62.11
C16 CLA RQ . -1.89 16.77 62.62
C17 CLA RQ . -1.17 18.03 63.08
C18 CLA RQ . -0.88 18.01 64.59
C19 CLA RQ . -0.32 16.66 65.03
C20 CLA RQ . 0.08 19.14 64.97
MG CLA SQ . -16.06 5.67 56.44
CHA CLA SQ . -17.51 8.06 58.49
CHB CLA SQ . -19.10 4.14 55.96
CHC CLA SQ . -14.58 3.52 54.40
CHD CLA SQ . -12.95 7.28 56.89
NA CLA SQ . -18.12 6.05 57.14
C1A CLA SQ . -18.51 7.04 57.95
C2A CLA SQ . -19.99 6.96 58.22
C3A CLA SQ . -20.43 5.74 57.40
C4A CLA SQ . -19.15 5.27 56.79
CMA CLA SQ . -21.41 4.70 57.92
CAA CLA SQ . -20.73 8.19 57.71
CBA CLA SQ . -20.17 8.68 56.38
CGA CLA SQ . -20.89 9.96 56.01
O1A CLA SQ . -22.10 9.94 55.92
O2A CLA SQ . -20.22 11.07 55.81
NB CLA SQ . -16.74 4.09 55.35
C1B CLA SQ . -18.01 3.58 55.29
C2B CLA SQ . -18.03 2.40 54.45
C3B CLA SQ . -16.75 2.24 54.02
C4B CLA SQ . -15.94 3.31 54.59
CMB CLA SQ . -19.24 1.57 54.14
CAB CLA SQ . -16.20 1.18 53.13
CBB CLA SQ . -16.30 -0.28 53.47
NC CLA SQ . -14.10 5.45 55.73
C1C CLA SQ . -13.70 4.48 54.92
C2C CLA SQ . -12.26 4.56 54.61
C3C CLA SQ . -11.83 5.65 55.31
C4C CLA SQ . -12.97 6.19 56.02
CMC CLA SQ . -11.51 3.63 53.70
CAC CLA SQ . -10.43 6.22 55.39
CBC CLA SQ . -9.71 5.64 56.59
ND CLA SQ . -15.32 7.24 57.38
C1D CLA SQ . -14.08 7.80 57.53
C2D CLA SQ . -14.10 8.95 58.42
C3D CLA SQ . -15.44 9.03 58.79
C4D CLA SQ . -16.16 8.01 58.17
CMD CLA SQ . -13.05 9.90 58.92
CAD CLA SQ . -16.34 9.82 59.60
OBD CLA SQ . -16.06 10.87 60.16
CBD CLA SQ . -17.73 9.27 59.39
CGD CLA SQ . -18.32 8.98 60.74
O1D CLA SQ . -19.49 8.69 60.88
O2D CLA SQ . -17.55 9.08 61.83
CED CLA SQ . -18.13 8.61 63.05
C1 CLA SQ . -20.80 12.04 54.89
C2 CLA SQ . -20.20 12.36 53.54
C3 CLA SQ . -20.88 13.12 52.68
C4 CLA SQ . -22.25 13.65 53.02
C5 CLA SQ . -20.34 13.48 51.32
C6 CLA SQ . -20.58 14.96 51.03
C7 CLA SQ . -19.59 15.86 51.76
C8 CLA SQ . -20.16 17.26 51.97
C9 CLA SQ . -21.43 17.23 52.81
C10 CLA SQ . -20.42 17.93 50.63
C11 CLA SQ . -19.72 19.27 50.55
C12 CLA SQ . -19.82 19.86 49.15
C13 CLA SQ . -21.26 20.23 48.83
C14 CLA SQ . -21.50 20.21 47.33
C15 CLA SQ . -21.58 21.59 49.43
C16 CLA SQ . -23.03 21.70 49.86
C17 CLA SQ . -23.29 23.02 50.59
C18 CLA SQ . -23.80 24.08 49.61
C19 CLA SQ . -25.31 23.99 49.47
C20 CLA SQ . -23.37 25.48 50.04
MG CLA TQ . -24.49 11.10 52.26
CHA CLA TQ . -24.64 8.77 54.81
CHB CLA TQ . -26.86 13.03 53.82
CHC CLA TQ . -24.18 13.31 49.81
CHD CLA TQ . -22.05 9.12 50.66
NA CLA TQ . -25.65 10.94 54.12
C1A CLA TQ . -25.57 9.93 55.00
C2A CLA TQ . -26.52 10.14 56.16
C3A CLA TQ . -27.21 11.47 55.80
C4A CLA TQ . -26.55 11.86 54.51
CMA CLA TQ . -28.72 11.53 55.85
CAA CLA TQ . -25.74 10.37 57.46
CBA CLA TQ . -24.63 11.41 57.31
CGA CLA TQ . -23.57 11.22 58.36
O1A CLA TQ . -23.19 10.09 58.62
O2A CLA TQ . -23.08 12.27 58.98
NB CLA TQ . -25.38 12.89 51.88
C1B CLA TQ . -26.34 13.53 52.61
C2B CLA TQ . -26.70 14.76 51.96
C3B CLA TQ . -25.94 14.82 50.84
C4B CLA TQ . -25.11 13.63 50.80
CMB CLA TQ . -27.72 15.76 52.44
CAB CLA TQ . -25.92 15.88 49.81
CBB CLA TQ . -25.37 17.26 50.14
NC CLA TQ . -23.26 11.23 50.56
C1C CLA TQ . -23.33 12.21 49.67
C2C CLA TQ . -22.41 12.01 48.52
C3C CLA TQ . -21.78 10.84 48.79
C4C CLA TQ . -22.32 10.35 50.07
CMC CLA TQ . -22.24 12.94 47.34
CAC CLA TQ . -20.74 10.16 47.94
CBC CLA TQ . -19.37 10.50 48.49
ND CLA TQ . -23.52 9.40 52.55
C1D CLA TQ . -22.59 8.67 51.89
C2D CLA TQ . -22.28 7.43 52.58
C3D CLA TQ . -23.08 7.49 53.71
C4D CLA TQ . -23.82 8.66 53.69
CMD CLA TQ . -21.37 6.26 52.35
CAD CLA TQ . -23.40 6.73 54.89
OBD CLA TQ . -23.26 5.53 55.00
CBD CLA TQ . -24.36 7.56 55.69
CGD CLA TQ . -25.58 6.73 55.94
O1D CLA TQ . -26.05 6.69 57.06
O2D CLA TQ . -26.12 6.02 54.95
CED CLA TQ . -27.29 6.57 54.36
C1 CLA TQ . -21.65 12.46 59.24
C2 CLA TQ . -20.70 13.10 58.25
C3 CLA TQ . -19.41 13.25 58.56
C4 CLA TQ . -18.84 12.80 59.88
C5 CLA TQ . -18.43 13.90 57.59
C6 CLA TQ . -17.57 14.91 58.34
C7 CLA TQ . -16.80 15.79 57.38
C8 CLA TQ . -15.29 15.71 57.57
C9 CLA TQ . -14.91 15.74 59.05
C10 CLA TQ . -14.64 16.87 56.82
C11 CLA TQ . -13.12 16.79 56.89
C12 CLA TQ . -12.48 17.73 55.86
C13 CLA TQ . -12.89 19.17 56.14
C14 CLA TQ . -12.66 20.05 54.91
C15 CLA TQ . -12.11 19.71 57.33
C16 CLA TQ . -12.70 21.04 57.77
C17 CLA TQ . -11.64 22.01 58.29
C18 CLA TQ . -12.26 23.39 58.51
C19 CLA TQ . -11.27 24.33 59.18
C20 CLA TQ . -12.77 23.96 57.19
MG CLA UQ . -29.80 18.71 57.52
CHA CLA UQ . -32.95 17.35 57.74
CHB CLA UQ . -28.41 15.57 57.34
CHC CLA UQ . -26.83 20.12 57.15
CHD CLA UQ . -31.22 21.95 57.78
NA CLA UQ . -30.58 16.65 57.53
C1A CLA UQ . -31.87 16.30 57.64
C2A CLA UQ . -32.03 14.80 57.71
C3A CLA UQ . -30.58 14.29 57.62
C4A CLA UQ . -29.79 15.56 57.47
CMA CLA UQ . -30.11 13.31 58.68
CAA CLA UQ . -32.79 14.22 56.51
CBA CLA UQ . -32.69 15.01 55.21
CGA CLA UQ . -31.53 14.54 54.36
O1A CLA UQ . -30.49 15.17 54.39
O2A CLA UQ . -31.66 13.45 53.61
NB CLA UQ . -27.92 17.97 57.26
C1B CLA UQ . -27.53 16.65 57.23
C2B CLA UQ . -26.11 16.56 57.09
C3B CLA UQ . -25.65 17.86 57.04
C4B CLA UQ . -26.82 18.72 57.15
CMB CLA UQ . -25.33 15.26 57.01
CAB CLA UQ . -24.27 18.39 56.89
CBB CLA UQ . -23.26 17.82 55.92
NC CLA UQ . -29.13 20.71 57.44
C1C CLA UQ . -27.87 21.06 57.30
C2C CLA UQ . -27.68 22.53 57.31
C3C CLA UQ . -28.93 23.03 57.48
C4C CLA UQ . -29.84 21.89 57.56
CMC CLA UQ . -26.38 23.27 57.16
CAC CLA UQ . -29.30 24.49 57.56
CBC CLA UQ . -29.73 25.00 56.20
ND CLA UQ . -31.57 19.55 57.71
C1D CLA UQ . -32.06 20.81 57.80
C2D CLA UQ . -33.52 20.82 57.94
C3D CLA UQ . -33.85 19.47 57.92
C4D CLA UQ . -32.68 18.72 57.78
CMD CLA UQ . -34.56 21.89 58.08
CAD CLA UQ . -34.98 18.58 57.99
OBD CLA UQ . -36.12 18.89 58.29
CBD CLA UQ . -34.46 17.18 57.82
CGD CLA UQ . -34.88 16.38 59.01
O1D CLA UQ . -34.92 16.90 60.11
O2D CLA UQ . -35.21 15.10 58.86
CED CLA UQ . -36.61 14.80 58.94
C1 CLA UQ . -30.70 13.21 52.54
C2 CLA UQ . -30.64 14.10 51.31
C3 CLA UQ . -29.82 13.83 50.28
C4 CLA UQ . -28.92 12.63 50.27
C5 CLA UQ . -29.75 14.71 49.06
C6 CLA UQ . -30.77 14.24 48.03
C7 CLA UQ . -30.34 14.54 46.60
C8 CLA UQ . -31.53 14.55 45.65
C9 CLA UQ . -32.44 13.35 45.86
C10 CLA UQ . -31.04 14.59 44.19
C11 CLA UQ . -31.33 15.93 43.53
C12 CLA UQ . -32.83 16.26 43.52
C13 CLA UQ . -33.47 16.22 42.13
C14 CLA UQ . -34.09 14.85 41.86
C15 CLA UQ . -32.48 16.60 41.03
C16 CLA UQ . -33.16 16.62 39.67
C17 CLA UQ . -34.02 17.87 39.48
C18 CLA UQ . -34.77 17.84 38.15
C19 CLA UQ . -36.17 18.42 38.32
C20 CLA UQ . -34.00 18.57 37.06
MG CLA VQ . -21.35 -4.95 56.38
CHA CLA VQ . -23.74 -6.98 57.83
CHB CLA VQ . -20.35 -3.82 59.48
CHC CLA VQ . -19.06 -3.07 54.89
CHD CLA VQ . -22.35 -6.11 53.20
NA CLA VQ . -21.97 -5.35 58.46
C1A CLA VQ . -22.93 -6.20 58.84
C2A CLA VQ . -23.08 -6.24 60.34
C3A CLA VQ . -22.02 -5.23 60.82
C4A CLA VQ . -21.40 -4.76 59.54
CMA CLA VQ . -22.40 -4.20 61.89
CAA CLA VQ . -22.73 -7.64 60.88
CBA CLA VQ . -21.26 -7.93 61.15
CGA CLA VQ . -20.54 -8.42 59.91
O1A CLA VQ . -20.28 -7.64 59.02
O2A CLA VQ . -20.21 -9.70 59.83
NB CLA VQ . -19.93 -3.66 57.08
C1B CLA VQ . -19.68 -3.30 58.37
C2B CLA VQ . -18.61 -2.34 58.42
C3B CLA VQ . -18.25 -2.14 57.11
C4B CLA VQ . -19.10 -2.98 56.28
CMB CLA VQ . -18.01 -1.71 59.64
CAB CLA VQ . -17.20 -1.23 56.58
CBB CLA VQ . -17.21 0.25 56.89
NC CLA VQ . -20.73 -4.73 54.38
C1C CLA VQ . -19.78 -3.88 53.99
C2C CLA VQ . -19.57 -3.90 52.53
C3C CLA VQ . -20.46 -4.83 52.07
C4C CLA VQ . -21.19 -5.32 53.23
CMC CLA VQ . -18.57 -3.08 51.75
CAC CLA VQ . -20.64 -5.23 50.62
CBC CLA VQ . -19.95 -6.54 50.35
ND CLA VQ . -22.65 -6.21 55.61
C1D CLA VQ . -23.02 -6.60 54.36
C2D CLA VQ . -24.13 -7.54 54.38
C3D CLA VQ . -24.40 -7.68 55.74
C4D CLA VQ . -23.51 -6.88 56.46
CMD CLA VQ . -24.93 -8.28 53.34
CAD CLA VQ . -25.28 -8.37 56.65
OBD CLA VQ . -25.94 -9.36 56.37
CBD CLA VQ . -24.89 -7.96 58.03
CGD CLA VQ . -26.07 -7.29 58.67
O1D CLA VQ . -26.21 -7.28 59.88
O2D CLA VQ . -26.99 -6.70 57.91
CED CLA VQ . -27.33 -5.36 58.25
C1 CLA VQ . -18.82 -10.15 59.79
C2 CLA VQ . -17.75 -9.42 59.01
C3 CLA VQ . -16.67 -10.05 58.49
C4 CLA VQ . -16.47 -11.53 58.65
C5 CLA VQ . -15.61 -9.29 57.72
C6 CLA VQ . -14.89 -10.14 56.69
C7 CLA VQ . -13.40 -10.25 57.05
C8 CLA VQ . -12.48 -9.74 55.94
C9 CLA VQ . -12.96 -8.42 55.34
C10 CLA VQ . -12.31 -10.79 54.85
C11 CLA VQ . -10.97 -10.61 54.14
C12 CLA VQ . -11.14 -10.65 52.63
C13 CLA VQ . -10.38 -11.83 52.03
C14 CLA VQ . -9.14 -11.38 51.28
C15 CLA VQ . -11.29 -12.64 51.13
C16 CLA VQ . -11.15 -14.12 51.42
C17 CLA VQ . -12.42 -14.69 52.03
C18 CLA VQ . -13.23 -15.45 50.98
C19 CLA VQ . -12.64 -16.84 50.75
C20 CLA VQ . -14.70 -15.51 51.37
MG CLA WQ . 4.01 12.77 57.27
CHA CLA WQ . 4.25 14.88 54.55
CHB CLA WQ . 7.02 11.31 56.47
CHC CLA WQ . 3.71 10.84 59.95
CHD CLA WQ . 0.93 14.25 58.10
NA CLA WQ . 5.52 13.06 55.68
C1A CLA WQ . 5.44 13.94 54.67
C2A CLA WQ . 6.64 13.84 53.77
C3A CLA WQ . 7.46 12.71 54.39
C4A CLA WQ . 6.64 12.33 55.58
CMA CLA WQ . 8.04 11.61 53.49
CAA CLA WQ . 7.45 15.16 53.76
CBA CLA WQ . 8.57 15.27 54.80
CGA CLA WQ . 8.02 15.57 56.18
O1A CLA WQ . 7.43 16.62 56.39
O2A CLA WQ . 8.17 14.66 57.12
NB CLA WQ . 5.18 11.31 58.09
C1B CLA WQ . 6.36 10.85 57.62
C2B CLA WQ . 6.84 9.82 58.48
C3B CLA WQ . 5.90 9.68 59.47
C4B CLA WQ . 4.86 10.64 59.19
CMB CLA WQ . 8.12 9.08 58.28
CAB CLA WQ . 5.87 8.75 60.63
CBB CLA WQ . 6.06 7.26 60.45
NC CLA WQ . 2.60 12.64 58.82
C1C CLA WQ . 2.64 11.74 59.79
C2C CLA WQ . 1.45 11.77 60.67
C3C CLA WQ . 0.69 12.79 60.16
C4C CLA WQ . 1.41 13.31 58.99
CMC CLA WQ . 1.17 10.89 61.86
CAC CLA WQ . -0.65 13.26 60.65
CBC CLA WQ . -1.71 12.38 60.03
ND CLA WQ . 2.83 14.18 56.61
C1D CLA WQ . 1.63 14.70 56.95
C2D CLA WQ . 1.17 15.72 56.03
C3D CLA WQ . 2.19 15.78 55.10
C4D CLA WQ . 3.19 14.86 55.45
CMD CLA WQ . -0.07 16.56 55.96
CAD CLA WQ . 2.59 16.46 53.89
OBD CLA WQ . 1.84 17.09 53.15
CBD CLA WQ . 3.95 15.97 53.51
CGD CLA WQ . 3.91 15.49 52.09
O1D CLA WQ . 3.71 16.28 51.19
O2D CLA WQ . 4.08 14.22 51.76
CED CLA WQ . 4.83 14.03 50.56
C1 CLA WQ . 7.28 14.60 58.28
C2 CLA WQ . 7.56 15.37 59.54
C3 CLA WQ . 7.20 14.90 60.75
C4 CLA WQ . 6.49 13.58 60.89
C5 CLA WQ . 7.49 15.65 62.02
C6 CLA WQ . 6.27 15.69 62.94
C7 CLA WQ . 6.62 15.16 64.32
C8 CLA WQ . 6.45 16.21 65.41
C9 CLA WQ . 7.47 17.33 65.28
C10 CLA WQ . 6.53 15.58 66.80
C11 CLA WQ . 5.90 16.48 67.86
C12 CLA WQ . 5.59 15.72 69.15
C13 CLA WQ . 4.92 16.63 70.18
C14 CLA WQ . 5.85 16.98 71.33
C15 CLA WQ . 3.64 15.99 70.69
C16 CLA WQ . 3.88 14.68 71.44
C17 CLA WQ . 2.68 14.32 72.31
C18 CLA WQ . 2.69 12.86 72.74
C19 CLA WQ . 2.66 12.75 74.27
C20 CLA WQ . 1.54 12.09 72.13
MG CLA XQ . -3.10 27.30 56.54
CHA CLA XQ . -0.41 28.06 54.50
CHB CLA XQ . -3.53 24.29 54.94
CHC CLA XQ . -5.61 26.67 58.57
CHD CLA XQ . -2.54 30.34 58.27
NA CLA XQ . -2.08 26.25 54.89
C1A CLA XQ . -1.03 26.70 54.21
C2A CLA XQ . -0.57 25.73 53.17
C3A CLA XQ . -1.59 24.59 53.31
C4A CLA XQ . -2.46 25.04 54.43
CMA CLA XQ . -2.28 24.14 52.04
CAA CLA XQ . 0.81 25.18 53.55
CBA CLA XQ . 0.81 24.18 54.71
CGA CLA XQ . 2.19 23.90 55.26
O1A CLA XQ . 3.16 24.07 54.55
O2A CLA XQ . 2.32 23.46 56.52
NB CLA XQ . -4.37 25.72 56.72
C1B CLA XQ . -4.41 24.58 55.98
C2B CLA XQ . -5.48 23.72 56.44
C3B CLA XQ . -6.08 24.42 57.47
C4B CLA XQ . -5.35 25.67 57.63
CMB CLA XQ . -5.82 22.38 55.85
CAB CLA XQ . -7.24 24.09 58.34
CBB CLA XQ . -7.80 22.71 58.59
NC CLA XQ . -3.90 28.32 58.20
C1C CLA XQ . -4.99 27.91 58.84
C2C CLA XQ . -5.47 28.90 59.84
C3C CLA XQ . -4.56 29.93 59.74
C4C CLA XQ . -3.60 29.56 58.72
CMC CLA XQ . -6.66 28.80 60.74
CAC CLA XQ . -4.57 31.22 60.53
CBC CLA XQ . -5.44 32.22 59.80
ND CLA XQ . -1.86 28.85 56.50
C1D CLA XQ . -1.69 29.99 57.20
C2D CLA XQ . -0.57 30.79 56.71
C3D CLA XQ . -0.09 30.03 55.65
C4D CLA XQ . -0.87 28.87 55.54
CMD CLA XQ . 0.04 32.10 57.11
CAD CLA XQ . 0.94 30.01 54.63
OBD CLA XQ . 1.91 30.73 54.59
CBD CLA XQ . 0.71 28.79 53.79
CGD CLA XQ . 0.30 29.27 52.42
O1D CLA XQ . -0.03 28.48 51.55
O2D CLA XQ . 0.31 30.57 52.16
CED CLA XQ . -0.89 31.09 51.61
C1 CLA XQ . 2.81 22.11 56.79
C2 CLA XQ . 2.02 21.09 57.59
C3 CLA XQ . 2.58 19.93 57.98
C4 CLA XQ . 4.00 19.59 57.65
C5 CLA XQ . 1.83 18.88 58.78
C6 CLA XQ . 2.64 18.46 60.01
C7 CLA XQ . 2.67 16.94 60.19
C8 CLA XQ . 2.15 16.45 61.55
C9 CLA XQ . 2.51 17.41 62.68
C10 CLA XQ . 2.71 15.07 61.85
C11 CLA XQ . 2.23 14.53 63.20
C12 CLA XQ . 3.29 13.65 63.86
C13 CLA XQ . 2.93 13.24 65.29
C14 CLA XQ . 1.89 12.13 65.30
C15 CLA XQ . 2.45 14.45 66.09
C16 CLA XQ . 1.95 14.06 67.47
C17 CLA XQ . 1.16 15.20 68.11
C18 CLA XQ . -0.27 14.82 68.42
C19 CLA XQ . -0.36 13.53 69.23
C20 CLA XQ . -0.99 15.96 69.13
MG CLA YQ . -4.75 20.03 51.52
CHA CLA YQ . -8.00 19.41 50.52
CHB CLA YQ . -5.39 18.70 54.62
CHC CLA YQ . -1.59 20.54 52.28
CHD CLA YQ . -4.13 21.43 48.33
NA CLA YQ . -6.51 19.13 52.49
C1A CLA YQ . -7.72 18.96 51.94
C2A CLA YQ . -8.70 18.33 52.89
C3A CLA YQ . -7.86 18.13 54.16
C4A CLA YQ . -6.51 18.67 53.76
CMA CLA YQ . -8.44 18.51 55.51
CAA CLA YQ . -9.09 16.95 52.34
CBA CLA YQ . -10.11 16.21 53.20
CGA CLA YQ . -10.64 15.06 52.37
O1A CLA YQ . -9.97 14.67 51.43
O2A CLA YQ . -11.79 14.48 52.68
NB CLA YQ . -3.64 19.66 53.19
C1B CLA YQ . -4.08 19.17 54.37
C2B CLA YQ . -2.98 19.16 55.32
C3B CLA YQ . -1.90 19.67 54.66
C4B CLA YQ . -2.35 19.99 53.31
CMB CLA YQ . -3.04 18.67 56.75
CAB CLA YQ . -0.56 19.87 55.26
CBB CLA YQ . 0.77 19.71 54.55
NC CLA YQ . -3.10 20.77 50.45
C1C CLA YQ . -1.90 20.93 50.96
C2C CLA YQ . -0.95 21.58 50.04
C3C CLA YQ . -1.68 21.78 48.90
C4C CLA YQ . -3.02 21.28 49.17
CMC CLA YQ . 0.49 21.92 50.30
CAC CLA YQ . -1.22 22.43 47.62
CBC CLA YQ . -1.37 23.92 47.74
ND CLA YQ . -5.71 20.37 49.82
C1D CLA YQ . -5.41 20.91 48.61
C2D CLA YQ . -6.54 20.91 47.70
C3D CLA YQ . -7.55 20.32 48.46
C4D CLA YQ . -7.04 20.00 49.71
CMD CLA YQ . -6.75 21.38 46.29
CAD CLA YQ . -8.94 19.92 48.39
OBD CLA YQ . -9.73 20.28 47.54
CBD CLA YQ . -9.30 19.39 49.75
CGD CLA YQ . -10.24 20.36 50.38
O1D CLA YQ . -11.45 20.17 50.39
O2D CLA YQ . -9.77 21.46 50.97
CED CLA YQ . -10.27 21.71 52.28
C1 CLA YQ . -13.08 15.00 52.19
C2 CLA YQ . -13.53 16.40 52.48
C3 CLA YQ . -14.79 16.69 52.84
C4 CLA YQ . -15.84 15.63 52.97
C5 CLA YQ . -15.23 18.10 53.13
C6 CLA YQ . -16.41 18.51 52.25
C7 CLA YQ . -16.05 18.67 50.78
C8 CLA YQ . -14.68 19.28 50.53
C9 CLA YQ . -14.70 20.79 50.70
C10 CLA YQ . -14.24 18.96 49.10
C11 CLA YQ . -13.36 17.73 49.09
C12 CLA YQ . -12.25 17.90 48.06
C13 CLA YQ . -11.99 16.61 47.30
C14 CLA YQ . -11.87 15.42 48.24
C15 CLA YQ . -10.74 16.78 46.47
C16 CLA YQ . -10.91 17.90 45.45
C17 CLA YQ . -9.92 17.77 44.30
C18 CLA YQ . -8.75 18.71 44.51
C19 CLA YQ . -7.52 17.99 45.07
C20 CLA YQ . -8.41 19.42 43.21
MG CLA ZQ . -2.52 4.00 45.84
CHA CLA ZQ . -0.65 3.27 43.03
CHB CLA ZQ . -4.26 6.41 44.09
CHC CLA ZQ . -4.36 4.50 48.54
CHD CLA ZQ . -0.79 1.43 47.55
NA CLA ZQ . -2.49 4.77 43.78
C1A CLA ZQ . -1.69 4.35 42.81
C2A CLA ZQ . -1.93 5.06 41.51
C3A CLA ZQ . -3.04 6.05 41.88
C4A CLA ZQ . -3.31 5.74 43.32
CMA CLA ZQ . -2.90 7.50 41.45
CAA CLA ZQ . -2.52 4.07 40.50
CBA CLA ZQ . -3.59 3.16 41.12
CGA CLA ZQ . -3.92 1.97 40.25
O1A CLA ZQ . -4.09 2.13 39.05
O2A CLA ZQ . -4.01 0.77 40.80
NB CLA ZQ . -4.08 5.25 46.25
C1B CLA ZQ . -4.61 6.20 45.44
C2B CLA ZQ . -5.61 6.97 46.14
C3B CLA ZQ . -5.64 6.43 47.41
C4B CLA ZQ . -4.66 5.34 47.46
CMB CLA ZQ . -6.38 8.10 45.52
CAB CLA ZQ . -6.47 6.83 48.57
CBB CLA ZQ . -7.86 7.41 48.51
NC CLA ZQ . -2.54 3.13 47.76
C1C CLA ZQ . -3.40 3.46 48.70
C2C CLA ZQ . -3.23 2.60 49.90
C3C CLA ZQ . -2.21 1.76 49.60
C4C CLA ZQ . -1.77 2.09 48.26
CMC CLA ZQ . -3.99 2.58 51.18
CAC CLA ZQ . -1.66 0.68 50.49
CBC CLA ZQ . -2.36 -0.62 50.19
ND CLA ZQ . -1.12 2.65 45.49
C1D CLA ZQ . -0.46 1.70 46.21
C2D CLA ZQ . 0.59 1.06 45.44
C3D CLA ZQ . 0.51 1.67 44.20
C4D CLA ZQ . -0.52 2.61 44.25
CMD CLA ZQ . 1.59 -0.02 45.76
CAD CLA ZQ . 1.10 1.69 42.89
OBD CLA ZQ . 2.06 1.04 42.53
CBD CLA ZQ . 0.44 2.79 42.11
CGD CLA ZQ . 1.37 3.94 41.88
O1D CLA ZQ . 2.16 4.27 42.76
O2D CLA ZQ . 1.36 4.61 40.74
CED CLA ZQ . 2.63 5.00 40.21
C1 CLA ZQ . -4.92 -0.22 40.24
C2 CLA ZQ . -5.99 -0.93 41.04
C3 CLA ZQ . -6.68 -1.95 40.48
C4 CLA ZQ . -6.44 -2.37 39.07
C5 CLA ZQ . -7.78 -2.72 41.18
C6 CLA ZQ . -7.55 -2.81 42.68
C7 CLA ZQ . -8.52 -3.83 43.29
C8 CLA ZQ . -8.17 -4.12 44.75
C9 CLA ZQ . -6.75 -4.68 44.87
C10 CLA ZQ . -9.18 -5.07 45.36
C11 CLA ZQ . -10.61 -4.56 45.23
C12 CLA ZQ . -10.84 -3.33 46.11
C13 CLA ZQ . -12.31 -2.92 46.13
C14 CLA ZQ . -12.91 -2.85 44.73
C15 CLA ZQ . -12.47 -1.59 46.85
C16 CLA ZQ . -12.03 -1.64 48.30
C17 CLA ZQ . -11.34 -0.35 48.71
C18 CLA ZQ . -12.18 0.50 49.66
C19 CLA ZQ . -12.84 -0.34 50.75
C20 CLA ZQ . -11.34 1.60 50.30
MG CLA AR . -8.16 10.48 43.64
CHA CLA AR . -8.92 12.34 46.45
CHB CLA AR . -10.78 8.35 44.27
CHC CLA AR . -7.37 8.85 40.87
CHD CLA AR . -5.47 12.68 42.99
NA CLA AR . -9.72 10.34 45.19
C1A CLA AR . -9.86 11.17 46.24
C2A CLA AR . -11.01 10.77 47.13
C3A CLA AR . -11.55 9.51 46.43
C4A CLA AR . -10.65 9.37 45.23
CMA CLA AR . -11.85 8.30 47.29
CAA CLA AR . -12.08 11.87 47.15
CBA CLA AR . -13.13 11.75 46.05
CGA CLA AR . -13.40 13.11 45.44
O1A CLA AR . -12.49 13.90 45.31
O2A CLA AR . -14.64 13.40 45.07
NB CLA AR . -8.96 8.85 42.72
C1B CLA AR . -10.02 8.09 43.12
C2B CLA AR . -10.23 7.02 42.18
C3B CLA AR . -9.25 7.17 41.23
C4B CLA AR . -8.45 8.34 41.59
CMB CLA AR . -11.28 5.96 42.24
CAB CLA AR . -8.98 6.35 40.02
CBB CLA AR . -10.04 6.12 38.97
NC CLA AR . -6.73 10.79 42.13
C1C CLA AR . -6.52 9.94 41.13
C2C CLA AR . -5.32 10.27 40.33
C3C CLA AR . -4.81 11.39 40.93
C4C CLA AR . -5.69 11.70 42.05
CMC CLA AR . -4.78 9.57 39.13
CAC CLA AR . -3.58 12.14 40.51
CBC CLA AR . -2.38 11.53 41.20
ND CLA AR . -7.33 12.08 44.43
C1D CLA AR . -6.30 12.91 44.12
C2D CLA AR . -6.16 14.00 45.07
C3D CLA AR . -7.18 13.77 45.98
C4D CLA AR . -7.88 12.62 45.59
CMD CLA AR . -5.20 15.15 45.15
CAD CLA AR . -7.79 14.30 47.18
OBD CLA AR . -7.75 15.47 47.52
CBD CLA AR . -8.85 13.33 47.60
CGD CLA AR . -8.44 12.60 48.84
O1D CLA AR . -9.21 12.47 49.76
O2D CLA AR . -7.23 12.06 48.95
CED CLA AR . -7.17 10.80 49.62
C1 CLA AR . -15.47 14.29 45.87
C2 CLA AR . -15.34 14.33 47.38
C3 CLA AR . -16.38 14.04 48.17
C4 CLA AR . -17.71 13.65 47.62
C5 CLA AR . -16.28 14.08 49.68
C6 CLA AR . -16.26 12.66 50.25
C7 CLA AR . -14.89 12.04 50.06
C8 CLA AR . -14.82 10.60 50.58
C9 CLA AR . -13.51 9.96 50.16
C10 CLA AR . -16.00 9.80 50.05
C11 CLA AR . -16.52 8.84 51.11
C12 CLA AR . -17.41 9.56 52.13
C13 CLA AR . -16.98 9.18 53.54
C14 CLA AR . -17.57 7.84 53.96
C15 CLA AR . -17.37 10.29 54.50
C16 CLA AR . -16.19 11.23 54.75
C17 CLA AR . -15.04 10.49 55.42
C18 CLA AR . -13.73 11.27 55.33
C19 CLA AR . -13.43 11.69 53.90
C20 CLA AR . -13.76 12.49 56.26
MG CLA BR . -13.43 3.47 48.20
CHA CLA BR . -11.85 2.14 45.43
CHB CLA BR . -10.60 5.22 49.04
CHC CLA BR . -15.12 4.82 50.70
CHD CLA BR . -16.33 1.64 47.34
NA CLA BR . -11.42 3.69 47.33
C1A CLA BR . -10.96 3.06 46.24
C2A CLA BR . -9.50 3.37 45.99
C3A CLA BR . -9.15 4.29 47.15
C4A CLA BR . -10.45 4.44 47.89
CMA CLA BR . -7.96 3.88 47.98
CAA CLA BR . -9.35 4.15 44.68
CBA CLA BR . -7.96 4.74 44.46
CGA CLA BR . -7.07 3.73 43.77
O1A CLA BR . -7.48 3.14 42.79
O2A CLA BR . -5.85 3.53 44.25
NB CLA BR . -12.94 4.82 49.64
C1B CLA BR . -11.74 5.42 49.86
C2B CLA BR . -11.81 6.28 51.03
C3B CLA BR . -13.11 6.14 51.50
C4B CLA BR . -13.79 5.21 50.60
CMB CLA BR . -10.69 7.11 51.60
CAB CLA BR . -13.81 6.74 52.65
CBB CLA BR . -13.54 8.12 53.20
NC CLA BR . -15.41 3.30 48.86
C1C CLA BR . -15.89 3.91 49.95
C2C CLA BR . -17.28 3.53 50.26
C3C CLA BR . -17.61 2.64 49.27
C4C CLA BR . -16.45 2.50 48.42
CMC CLA BR . -18.13 4.04 51.40
CAC CLA BR . -18.93 1.92 49.10
CBC CLA BR . -18.92 0.67 49.96
ND CLA BR . -14.04 2.21 46.80
C1D CLA BR . -15.19 1.53 46.52
C2D CLA BR . -15.06 0.70 45.33
C3D CLA BR . -13.76 0.95 44.93
C4D CLA BR . -13.16 1.85 45.80
CMD CLA BR . -15.98 -0.24 44.59
CAD CLA BR . -12.82 0.59 43.89
OBD CLA BR . -13.14 0.10 42.82
CBD CLA BR . -11.59 1.44 44.11
CGD CLA BR . -10.36 0.59 44.13
O1D CLA BR . -10.18 -0.27 44.96
O2D CLA BR . -9.44 0.81 43.19
CED CLA BR . -9.73 0.22 41.93
C1 CLA BR . -5.50 2.24 44.79
C2 CLA BR . -6.55 1.34 45.40
C3 CLA BR . -6.33 0.67 46.53
C4 CLA BR . -5.02 0.74 47.26
C5 CLA BR . -7.37 -0.23 47.16
C6 CLA BR . -7.64 0.23 48.58
C7 CLA BR . -7.38 -0.89 49.58
C8 CLA BR . -8.25 -0.70 50.82
C9 CLA BR . -7.40 -0.31 52.03
C10 CLA BR . -9.05 -1.98 51.10
C11 CLA BR . -8.19 -3.23 51.03
C12 CLA BR . -8.79 -4.28 50.11
C13 CLA BR . -7.70 -5.20 49.58
C14 CLA BR . -6.81 -4.46 48.60
C15 CLA BR . -8.31 -6.44 48.92
C16 CLA BR . -7.31 -7.59 48.91
C17 CLA BR . -7.38 -8.40 47.63
C18 CLA BR . -5.99 -8.80 47.17
C19 CLA BR . -6.05 -9.81 46.03
C20 CLA BR . -5.20 -7.56 46.74
MG CLA CR . -10.54 0.93 36.58
CHA CLA CR . -8.72 1.28 33.64
CHB CLA CR . -11.59 4.20 36.39
CHC CLA CR . -12.35 0.40 39.28
CHD CLA CR . -9.43 -2.42 36.78
NA CLA CR . -10.21 2.59 35.17
C1A CLA CR . -9.44 2.55 34.07
C2A CLA CR . -9.40 3.89 33.37
C3A CLA CR . -10.31 4.76 34.26
C4A CLA CR . -10.74 3.82 35.34
CMA CLA CR . -9.81 6.14 34.62
CAA CLA CR . -9.91 3.85 31.91
CBA CLA CR . -11.42 3.67 31.76
CGA CLA CR . -11.83 2.23 31.96
O1A CLA CR . -11.72 1.43 31.06
O2A CLA CR . -12.27 1.88 33.15
NB CLA CR . -11.79 2.12 37.66
C1B CLA CR . -12.08 3.44 37.46
C2B CLA CR . -12.97 3.89 38.52
C3B CLA CR . -13.17 2.80 39.32
C4B CLA CR . -12.42 1.69 38.76
CMB CLA CR . -13.54 5.28 38.69
CAB CLA CR . -13.99 2.67 40.55
CBB CLA CR . -13.81 3.57 41.75
NC CLA CR . -10.90 -0.77 37.78
C1C CLA CR . -11.63 -0.74 38.89
C2C CLA CR . -11.59 -2.02 39.64
C3C CLA CR . -10.80 -2.83 38.89
C4C CLA CR . -10.36 -2.04 37.75
CMC CLA CR . -12.30 -2.36 40.94
CAC CLA CR . -10.41 -4.25 39.21
CBC CLA CR . -11.51 -5.21 38.78
ND CLA CR . -9.41 -0.34 35.55
C1D CLA CR . -9.00 -1.62 35.70
C2D CLA CR . -8.09 -2.02 34.65
C3D CLA CR . -7.98 -0.89 33.86
C4D CLA CR . -8.77 0.11 34.41
CMD CLA CR . -7.33 -3.28 34.35
CAD CLA CR . -7.33 -0.40 32.67
OBD CLA CR . -6.85 -1.13 31.81
CBD CLA CR . -7.92 0.96 32.40
CGD CLA CR . -6.85 1.96 32.08
O1D CLA CR . -6.04 2.31 32.90
O2D CLA CR . -6.82 2.50 30.86
CED CLA CR . -5.71 2.09 30.05
C1 CLA CR . -12.37 0.48 33.50
C2 CLA CR . -13.73 -0.14 33.80
C3 CLA CR . -13.82 -1.27 34.50
C4 CLA CR . -12.58 -1.98 34.99
C5 CLA CR . -15.15 -1.91 34.82
C6 CLA CR . -15.07 -2.82 36.04
C7 CLA CR . -16.35 -2.78 36.85
C8 CLA CR . -16.89 -4.18 37.09
C9 CLA CR . -18.41 -4.21 36.97
C10 CLA CR . -16.45 -4.68 38.45
C11 CLA CR . -17.01 -6.07 38.75
C12 CLA CR . -17.20 -6.27 40.25
C13 CLA CR . -18.58 -6.86 40.54
C14 CLA CR . -19.69 -5.92 40.08
C15 CLA CR . -18.69 -7.18 42.03
C16 CLA CR . -20.09 -7.69 42.39
C17 CLA CR . -20.14 -9.20 42.44
C18 CLA CR . -21.53 -9.71 42.05
C19 CLA CR . -21.45 -11.06 41.36
C20 CLA CR . -22.44 -9.76 43.27
MG CLA DR . -13.97 21.98 42.48
CHA CLA DR . -14.33 18.63 43.22
CHB CLA DR . -16.80 22.72 44.31
CHC CLA DR . -13.43 25.15 41.87
CHD CLA DR . -11.06 21.18 40.63
NA CLA DR . -15.43 20.81 43.66
C1A CLA DR . -15.41 19.49 43.84
C2A CLA DR . -16.60 19.02 44.65
C3A CLA DR . -17.34 20.33 44.95
C4A CLA DR . -16.49 21.36 44.29
CMA CLA DR . -18.84 20.42 44.68
CAA CLA DR . -16.12 18.37 45.95
CBA CLA DR . -17.18 18.26 47.04
CGA CLA DR . -18.17 17.16 46.76
O1A CLA DR . -17.98 16.38 45.85
O2A CLA DR . -19.23 17.07 47.54
NB CLA DR . -14.96 23.67 43.02
C1B CLA DR . -16.12 23.80 43.74
C2B CLA DR . -16.51 25.18 43.81
C3B CLA DR . -15.57 25.87 43.11
C4B CLA DR . -14.58 24.90 42.62
CMB CLA DR . -17.72 25.74 44.49
CAB CLA DR . -15.55 27.34 42.93
CBB CLA DR . -15.15 28.05 41.66
NC CLA DR . -12.46 23.00 41.46
C1C CLA DR . -12.49 24.30 41.25
C2C CLA DR . -11.47 24.76 40.30
C3C CLA DR . -10.80 23.63 39.95
C4C CLA DR . -11.42 22.52 40.69
CMC CLA DR . -11.25 26.17 39.84
CAC CLA DR . -9.64 23.52 38.98
CBC CLA DR . -10.16 23.39 37.56
ND CLA DR . -12.88 20.39 42.02
C1D CLA DR . -11.77 20.15 41.26
C2D CLA DR . -11.46 18.71 41.20
C3D CLA DR . -12.47 18.14 41.97
C4D CLA DR . -13.30 19.15 42.46
CMD CLA DR . -10.39 17.89 40.53
CAD CLA DR . -12.94 16.86 42.44
OBD CLA DR . -12.63 15.79 41.96
CBD CLA DR . -14.20 17.12 43.21
CGD CLA DR . -15.35 16.59 42.43
O1D CLA DR . -15.46 16.85 41.24
O2D CLA DR . -16.27 15.83 43.02
CED CLA DR . -16.57 14.60 42.37
C1 CLA DR . -20.43 16.37 47.10
C2 CLA DR . -21.19 16.79 45.87
C3 CLA DR . -22.53 16.86 45.91
C4 CLA DR . -23.31 16.53 47.15
C5 CLA DR . -23.36 17.28 44.72
C6 CLA DR . -23.93 18.68 44.96
C7 CLA DR . -24.56 19.25 43.69
C8 CLA DR . -23.52 19.53 42.62
C9 CLA DR . -22.50 20.55 43.12
C10 CLA DR . -24.22 19.93 41.32
C11 CLA DR . -23.89 21.33 40.82
C12 CLA DR . -23.36 21.29 39.39
C13 CLA DR . -23.05 22.69 38.88
C14 CLA DR . -24.14 23.18 37.93
C15 CLA DR . -21.69 22.70 38.20
C16 CLA DR . -20.57 22.36 39.18
C17 CLA DR . -19.50 23.45 39.21
C18 CLA DR . -18.28 23.06 40.02
C19 CLA DR . -17.43 24.29 40.36
C20 CLA DR . -18.64 22.30 41.28
MG CLA ER . -19.76 20.47 36.33
CHA CLA ER . -21.25 21.59 33.43
CHB CLA ER . -22.59 18.65 37.14
CHC CLA ER . -18.19 19.37 39.01
CHD CLA ER . -16.85 22.30 35.46
NA CLA ER . -21.73 20.13 35.38
C1A CLA ER . -22.14 20.67 34.23
C2A CLA ER . -23.53 20.23 33.88
C3A CLA ER . -23.92 19.35 35.07
C4A CLA ER . -22.69 19.35 35.92
CMA CLA ER . -25.25 19.62 35.76
CAA CLA ER . -23.45 19.32 32.66
CBA CLA ER . -24.81 19.11 32.00
CGA CLA ER . -25.22 20.35 31.24
O1A CLA ER . -24.36 21.06 30.74
O2A CLA ER . -26.51 20.62 31.16
NB CLA ER . -20.30 19.20 37.83
C1B CLA ER . -21.49 18.58 38.03
C2B CLA ER . -21.45 17.83 39.28
C3B CLA ER . -20.21 18.04 39.78
C4B CLA ER . -19.50 18.92 38.87
CMB CLA ER . -22.56 16.99 39.86
CAB CLA ER . -19.62 17.53 41.05
CBB CLA ER . -20.23 17.85 42.38
NC CLA ER . -17.83 20.77 37.09
C1C CLA ER . -17.40 20.24 38.22
C2C CLA ER . -16.02 20.64 38.57
C3C CLA ER . -15.65 21.47 37.54
C4C CLA ER . -16.78 21.54 36.63
CMC CLA ER . -15.27 20.19 39.78
CAC CLA ER . -14.31 22.17 37.38
CBC CLA ER . -14.24 23.39 38.27
ND CLA ER . -19.11 21.64 34.88
C1D CLA ER . -17.97 22.32 34.59
C2D CLA ER . -18.06 23.06 33.34
C3D CLA ER . -19.35 22.76 32.90
C4D CLA ER . -19.96 21.92 33.83
CMD CLA ER . -17.12 23.94 32.58
CAD CLA ER . -20.27 23.03 31.82
OBD CLA ER . -20.19 23.98 31.07
CBD CLA ER . -21.56 22.35 32.16
CGD CLA ER . -22.55 23.44 32.46
O1D CLA ER . -23.14 24.00 31.55
O2D CLA ER . -22.78 23.82 33.72
CED CLA ER . -24.13 23.89 34.14
C1 CLA ER . -27.21 20.66 29.88
C2 CLA ER . -26.73 21.55 28.75
C3 CLA ER . -27.26 22.77 28.56
C4 CLA ER . -26.79 23.65 27.45
C5 CLA ER . -28.32 23.37 29.46
C6 CLA ER . -27.67 24.17 30.60
C7 CLA ER . -28.53 24.15 31.86
C8 CLA ER . -28.15 22.97 32.77
C9 CLA ER . -29.22 21.90 32.74
C10 CLA ER . -27.90 23.49 34.19
C11 CLA ER . -27.69 22.35 35.18
C12 CLA ER . -28.71 22.42 36.31
C13 CLA ER . -28.19 21.81 37.61
C14 CLA ER . -29.24 20.91 38.23
C15 CLA ER . -27.79 22.94 38.55
C16 CLA ER . -27.31 22.43 39.90
C17 CLA ER . -27.08 23.57 40.89
C18 CLA ER . -27.64 23.23 42.26
C19 CLA ER . -26.81 22.14 42.95
C20 CLA ER . -27.71 24.47 43.16
C1 BCR FR . -20.13 -11.29 48.92
C2 BCR FR . -18.93 -11.19 49.85
C3 BCR FR . -19.00 -10.02 50.81
C4 BCR FR . -20.32 -10.04 51.57
C5 BCR FR . -21.50 -10.32 50.68
C6 BCR FR . -21.29 -10.43 49.37
C7 BCR FR . -22.17 -9.75 48.39
C8 BCR FR . -22.09 -8.45 48.15
C9 BCR FR . -22.89 -7.69 47.20
C10 BCR FR . -22.40 -6.43 46.70
C11 BCR FR . -21.50 -5.80 45.78
C33 BCR FR . -22.88 -10.46 51.24
C31 BCR FR . -20.61 -12.74 48.88
C32 BCR FR . -19.68 -10.80 47.56
C34 BCR FR . -24.23 -8.22 46.74
C12 BCR FR . -20.73 -5.25 45.03
C13 BCR FR . -20.40 -4.41 43.93
C14 BCR FR . -19.11 -4.01 43.73
C15 BCR FR . -18.73 -3.13 42.66
C16 BCR FR . -17.90 -2.68 41.70
C17 BCR FR . -18.14 -1.63 40.96
C18 BCR FR . -17.23 -0.88 40.30
C19 BCR FR . -17.61 0.31 39.51
C20 BCR FR . -17.41 1.11 38.46
C21 BCR FR . -17.55 2.19 37.53
C22 BCR FR . -16.71 2.51 36.52
C23 BCR FR . -17.00 3.67 35.64
C24 BCR FR . -16.51 3.83 34.22
C25 BCR FR . -16.82 4.99 33.37
C26 BCR FR . -18.01 5.11 32.79
C27 BCR FR . -18.52 6.46 32.34
C28 BCR FR . -17.46 7.19 31.51
C29 BCR FR . -16.03 6.69 31.72
C30 BCR FR . -15.73 6.04 33.06
C35 BCR FR . -21.47 -3.95 43.00
C36 BCR FR . -15.78 -1.24 40.36
C37 BCR FR . -15.47 1.71 36.31
C38 BCR FR . -18.91 3.94 32.54
C39 BCR FR . -15.53 7.05 34.19
C40 BCR FR . -14.43 5.27 32.87
C1 BCR GR . -13.72 -5.39 51.38
C2 BCR GR . -14.09 -6.13 52.66
C3 BCR GR . -15.57 -6.53 52.73
C4 BCR GR . -15.98 -7.34 51.50
C5 BCR GR . -15.34 -6.81 50.24
C6 BCR GR . -14.74 -5.63 50.30
C7 BCR GR . -15.07 -4.58 49.31
C8 BCR GR . -16.32 -4.20 49.12
C9 BCR GR . -16.77 -3.20 48.17
C10 BCR GR . -18.00 -3.39 47.44
C11 BCR GR . -19.24 -2.80 47.06
C33 BCR GR . -15.38 -7.60 48.97
C31 BCR GR . -12.37 -5.87 50.86
C32 BCR GR . -13.66 -3.89 51.66
C34 BCR GR . -15.96 -1.96 47.96
C12 BCR GR . -20.30 -2.35 46.72
C13 BCR GR . -21.20 -1.39 46.18
C14 BCR GR . -22.44 -1.83 45.85
C15 BCR GR . -23.45 -0.99 45.28
C16 BCR GR . -24.73 -0.65 45.06
C17 BCR GR . -25.08 0.36 44.32
C18 BCR GR . -26.29 0.56 43.74
C19 BCR GR . -26.54 1.76 42.91
C20 BCR GR . -27.41 2.54 42.29
C21 BCR GR . -27.94 3.62 41.50
C22 BCR GR . -28.90 3.53 40.56
C23 BCR GR . -29.35 4.74 39.84
C24 BCR GR . -30.21 4.76 38.61
C25 BCR GR . -30.61 6.01 37.93
C26 BCR GR . -29.74 6.65 37.16
C27 BCR GR . -29.97 8.10 36.78
C28 BCR GR . -31.45 8.38 36.61
C29 BCR GR . -32.17 8.00 37.89
C30 BCR GR . -32.06 6.50 38.11
C35 BCR GR . -20.79 0.03 45.98
C36 BCR GR . -27.37 -0.45 43.92
C37 BCR GR . -29.53 2.21 40.26
C38 BCR GR . -28.49 6.01 36.63
C39 BCR GR . -32.92 5.76 37.10
C40 BCR GR . -32.55 6.22 39.52
C6 C7Z HR . -30.82 19.75 48.42
C17 C7Z HR . -29.77 21.89 47.77
C4 C7Z HR . -33.27 19.86 49.25
C3 C7Z HR . -32.98 21.47 48.90
O3 C7Z HR . -34.05 22.26 49.43
C2 C7Z HR . -31.80 21.93 49.39
C1 C7Z HR . -30.46 21.07 48.90
C5 C7Z HR . -32.09 19.04 49.08
C18 C7Z HR . -32.21 17.50 49.04
C16 C7Z HR . -29.48 20.94 50.10
O23 C7Z HR . -21.37 11.26 25.05
C26 C7Z HR . -24.09 12.97 27.36
C7 C7Z HR . -30.02 19.02 47.26
C8 C7Z HR . -28.80 18.50 47.48
C9 C7Z HR . -28.06 17.79 46.31
C19 C7Z HR . -26.96 16.77 46.63
C10 C7Z HR . -28.36 18.10 45.05
C11 C7Z HR . -27.61 17.40 43.86
C12 C7Z HR . -27.77 17.83 42.60
C13 C7Z HR . -27.00 17.11 41.42
C20 C7Z HR . -25.70 16.31 41.71
C14 C7Z HR . -27.47 17.17 40.16
C15 C7Z HR . -26.68 16.46 39.02
C35 C7Z HR . -26.74 16.93 37.77
C34 C7Z HR . -25.95 16.25 36.63
C33 C7Z HR . -26.38 16.30 35.36
C40 C7Z HR . -27.70 17.02 35.01
C32 C7Z HR . -25.55 15.61 34.24
C31 C7Z HR . -25.80 15.83 32.94
C30 C7Z HR . -24.93 15.09 31.87
C29 C7Z HR . -25.43 14.79 30.65
C39 C7Z HR . -26.85 15.19 30.28
C28 C7Z HR . -24.53 14.04 29.61
C27 C7Z HR . -24.99 13.74 28.39
C21 C7Z HR . -23.10 13.65 26.49
C36 C7Z HR . -23.55 15.13 26.29
C37 C7Z HR . -21.73 13.66 27.21
C22 C7Z HR . -22.95 12.93 24.99
C23 C7Z HR . -22.76 11.57 24.99
C24 C7Z HR . -23.59 10.66 26.22
C25 C7Z HR . -24.01 11.36 27.41
C38 C7Z HR . -24.91 10.61 28.44
O6 SQD IR . -11.72 5.87 25.27
C44 SQD IR . -12.52 6.08 26.42
C45 SQD IR . -13.01 4.71 26.95
C46 SQD IR . -13.59 4.77 28.38
O47 SQD IR . -14.06 4.27 26.08
C7 SQD IR . -15.35 4.70 26.29
O49 SQD IR . -15.65 5.86 26.33
C8 SQD IR . -16.29 3.53 26.40
C9 SQD IR . -16.64 2.99 25.02
C10 SQD IR . -17.46 1.70 25.06
C11 SQD IR . -16.67 0.56 25.73
C12 SQD IR . -17.62 -0.41 26.45
C13 SQD IR . -18.49 0.31 27.49
C14 SQD IR . -19.67 -0.55 27.96
C15 SQD IR . -19.22 -1.75 28.79
C16 SQD IR . -20.29 -2.19 29.80
C17 SQD IR . -21.63 -2.50 29.11
O48 SQD IR . -13.78 3.43 28.83
C23 SQD IR . -14.89 3.19 29.56
O10 SQD IR . -15.75 4.04 29.70
C24 SQD IR . -14.91 1.80 30.15
C25 SQD IR . -16.35 1.29 30.37
C26 SQD IR . -16.57 0.83 31.81
C27 SQD IR . -17.73 -0.17 31.93
C28 SQD IR . -18.78 0.29 32.96
C29 SQD IR . -18.58 -0.37 34.33
C30 SQD IR . -19.56 0.18 35.38
C31 SQD IR . -20.05 -0.91 36.35
C1 SQD IR . -12.32 6.34 24.09
C2 SQD IR . -12.31 5.13 23.10
O2 SQD IR . -11.00 4.81 22.74
C3 SQD IR . -13.15 5.50 21.84
O3 SQD IR . -13.34 4.29 21.18
C4 SQD IR . -14.52 6.10 22.23
O4 SQD IR . -15.14 6.52 21.06
C5 SQD IR . -14.32 7.24 23.26
C6 SQD IR . -15.65 7.77 23.73
O5 SQD IR . -13.65 6.68 24.37
S SQD IR . -15.98 9.49 23.31
O7 SQD IR . -15.10 10.21 24.18
O8 SQD IR . -15.62 9.54 21.93
O9 SQD IR . -17.37 9.70 23.59
C1 LMG JR . -24.87 -13.56 57.78
O1 LMG JR . -23.58 -13.19 57.26
C2 LMG JR . -24.69 -14.26 59.11
O2 LMG JR . -23.87 -15.42 58.93
C3 LMG JR . -26.04 -14.67 59.67
O3 LMG JR . -25.85 -15.14 61.01
C4 LMG JR . -27.04 -13.50 59.68
O4 LMG JR . -26.76 -12.63 60.79
C5 LMG JR . -27.02 -12.71 58.38
O5 LMG JR . -27.64 -10.63 57.34
C6 LMG JR . -27.81 -11.42 58.53
O6 LMG JR . -25.68 -12.40 57.99
C7 LMG JR . -23.22 -11.85 57.60
C8 LMG JR . -22.02 -11.40 56.77
C9 LMG JR . -21.86 -12.34 55.58
O7 LMG JR . -22.25 -10.05 56.36
C10 LMG JR . -21.32 -9.59 55.50
O9 LMG JR . -21.66 -9.36 54.36
C11 LMG JR . -19.90 -9.33 55.94
C12 LMG JR . -19.59 -7.85 55.78
C13 LMG JR . -18.09 -7.64 55.56
C14 LMG JR . -17.66 -6.26 56.03
C15 LMG JR . -17.63 -6.18 57.55
C16 LMG JR . -16.64 -5.14 58.04
C17 LMG JR . -15.29 -5.26 57.35
C18 LMG JR . -14.42 -4.07 57.73
C19 LMG JR . -13.26 -3.87 57.13
C20 LMG JR . -12.80 -4.82 56.04
C21 LMG JR . -11.43 -4.43 55.53
C22 LMG JR . -10.37 -4.48 56.31
C23 LMG JR . -9.01 -4.10 55.78
C24 LMG JR . -8.67 -5.00 54.61
C25 LMG JR . -8.62 -6.32 54.78
O8 LMG JR . -20.48 -12.58 55.31
C28 LMG JR . -20.14 -13.52 54.43
O10 LMG JR . -20.52 -14.67 54.59
C29 LMG JR . -19.29 -13.16 53.24
C30 LMG JR . -18.06 -12.39 53.71
C31 LMG JR . -16.94 -12.46 52.68
C32 LMG JR . -15.77 -11.58 53.07
C33 LMG JR . -14.75 -11.51 51.93
C34 LMG JR . -15.36 -10.86 50.70
C35 LMG JR . -14.55 -11.16 49.44
C36 LMG JR . -14.96 -12.52 48.90
C1A DGD KR . -31.13 23.66 52.72
C2A DGD KR . -30.12 24.20 51.75
C3A DGD KR . -29.04 24.95 52.52
C4A DGD KR . -27.97 25.49 51.58
C5A DGD KR . -27.15 26.60 52.25
C6A DGD KR . -26.61 26.11 53.59
C7A DGD KR . -26.40 27.29 54.53
C8A DGD KR . -26.12 26.80 55.95
O1A DGD KR . -31.65 24.39 53.55
C1B DGD KR . -31.15 19.66 54.16
C2B DGD KR . -30.22 18.85 53.30
C3B DGD KR . -28.86 18.82 53.99
C4B DGD KR . -27.76 19.40 53.12
C5B DGD KR . -26.38 19.05 53.66
O1B DGD KR . -30.66 20.40 54.99
O1G DGD KR . -31.50 22.26 52.69
C1G DGD KR . -32.81 21.86 53.13
C2G DGD KR . -33.04 20.37 52.98
O2G DGD KR . -32.48 19.61 54.05
C3G DGD KR . -34.56 20.17 53.01
O3G DGD KR . -35.01 20.65 54.28
C1D DGD KR . -36.38 21.07 54.29
C2D DGD KR . -37.29 19.86 54.10
O2D DGD KR . -38.03 19.99 52.88
C3D DGD KR . -38.26 19.70 55.28
O3D DGD KR . -37.55 19.27 56.44
C4D DGD KR . -38.98 21.01 55.60
O4D DGD KR . -39.66 20.86 56.85
C5D DGD KR . -37.99 22.18 55.63
O5D DGD KR . -38.63 22.45 58.00
C6D DGD KR . -38.14 23.11 56.84
O6D DGD KR . -36.65 21.69 55.54
C1E DGD KR . -39.18 23.41 58.91
C2E DGD KR . -38.10 23.96 59.85
O2E DGD KR . -37.01 23.03 59.90
C3E DGD KR . -38.61 24.17 61.26
O3E DGD KR . -37.76 25.09 61.94
C4E DGD KR . -40.05 24.69 61.29
O4E DGD KR . -40.07 26.03 60.79
C5E DGD KR . -40.97 23.78 60.46
O6E DGD KR . -40.22 22.83 59.69
C6E DGD KR . -41.85 24.61 59.52
O5E DGD KR . -42.73 25.43 60.30
O13 3PH LR . -31.13 -17.15 55.22
P 3PH LR . -29.84 -17.22 56.00
O14 3PH LR . -29.04 -18.42 55.56
O12 3PH LR . -30.16 -17.34 57.48
O11 3PH LR . -28.97 -15.86 55.75
C1 3PH LR . -29.43 -14.67 56.32
C2 3PH LR . -29.90 -13.73 55.22
O21 3PH LR . -28.91 -12.77 54.97
C21 3PH LR . -28.53 -12.68 53.62
O22 3PH LR . -29.32 -12.87 52.77
C22 3PH LR . -27.08 -12.34 53.26
C23 3PH LR . -26.95 -12.14 51.76
C24 3PH LR . -27.28 -10.68 51.42
C25 3PH LR . -27.77 -10.60 49.97
C26 3PH LR . -28.10 -9.15 49.63
C27 3PH LR . -26.81 -8.32 49.61
C28 3PH LR . -27.10 -6.90 50.08
C29 3PH LR . -28.06 -6.22 49.10
C2A 3PH LR . -28.22 -4.74 49.46
C2B 3PH LR . -26.85 -4.05 49.45
C2C 3PH LR . -26.69 -3.25 48.16
C2D 3PH LR . -25.85 -4.04 47.16
C2E 3PH LR . -26.38 -3.80 45.75
C2F 3PH LR . -26.42 -5.13 45.00
C2G 3PH LR . -26.50 -4.84 43.50
C2H 3PH LR . -25.09 -4.67 42.95
C2I 3PH LR . -25.03 -3.41 42.09
C3 3PH LR . -31.19 -13.02 55.65
O31 3PH LR . -31.81 -12.42 54.55
C31 3PH LR . -33.19 -12.26 54.69
O32 3PH LR . -33.72 -12.40 55.74
C32 3PH LR . -34.06 -11.88 53.48
C33 3PH LR . -34.38 -10.39 53.51
C34 3PH LR . -33.44 -9.63 52.56
C35 3PH LR . -33.96 -8.22 52.35
C36 3PH LR . -33.03 -7.50 51.37
C37 3PH LR . -33.57 -6.11 51.03
C38 3PH LR . -32.49 -5.36 50.27
C39 3PH LR . -32.98 -4.02 49.74
C3A 3PH LR . -31.85 -3.36 48.96
C3B 3PH LR . -32.37 -2.64 47.72
C3C 3PH LR . -31.30 -2.65 46.63
C3D 3PH LR . -31.15 -1.26 46.01
C3E 3PH LR . -32.12 -1.09 44.85
C3F 3PH LR . -31.35 -0.63 43.61
C3G 3PH LR . -31.71 -1.53 42.43
C3H 3PH LR . -31.26 -2.97 42.70
C3I 3PH LR . -29.75 -3.04 42.69
CA1 DGA MR . 13.44 15.01 52.30
CA2 DGA MR . 12.94 13.89 53.25
CA3 DGA MR . 13.27 14.26 54.73
CA4 DGA MR . 12.97 15.76 54.97
CA5 DGA MR . 13.96 16.34 56.02
CA6 DGA MR . 13.76 15.63 57.39
CA7 DGA MR . 12.47 16.15 58.07
CA8 DGA MR . 12.71 16.35 59.59
CA9 DGA MR . 12.27 17.79 60.00
CAA DGA MR . 11.10 17.69 60.99
CBA DGA MR . 11.28 18.73 62.12
CCA DGA MR . 10.43 18.30 63.34
CDA DGA MR . 10.69 19.25 64.54
CEA DGA MR . 11.73 18.61 65.52
CFA DGA MR . 10.98 17.89 66.69
CGA DGA MR . 10.09 18.88 67.46
CHA DGA MR . 10.20 18.61 68.96
CIA DGA MR . 8.81 18.72 69.62
OA1 DGA MR . 14.61 15.18 52.13
CB1 DGA MR . 11.03 18.58 51.79
CB2 DGA MR . 10.32 18.07 53.07
CB3 DGA MR . 8.92 18.76 53.21
CB4 DGA MR . 9.00 19.93 54.21
CB5 DGA MR . 9.19 19.37 55.64
CB6 DGA MR . 8.03 19.86 56.55
CB7 DGA MR . 8.45 19.80 58.02
CB8 DGA MR . 7.49 18.89 58.81
CB9 DGA MR . 7.72 19.06 60.32
CAB DGA MR . 6.80 20.18 60.84
CBB DGA MR . 6.54 20.00 62.36
CCB DGA MR . 5.03 20.09 62.64
CDB DGA MR . 5.55 20.31 64.10
CEB DGA MR . 4.39 20.05 65.11
CFB DGA MR . 4.67 20.80 66.43
CGB DGA MR . 5.97 20.28 67.08
CHB DGA MR . 6.38 21.20 68.25
CIB DGA MR . 5.63 20.75 69.54
OB1 DGA MR . 11.68 19.58 51.84
OG1 DGA MR . 12.50 15.84 51.61
CG1 DGA MR . 13.07 16.87 50.83
CG2 DGA MR . 12.00 17.39 49.87
OG2 DGA MR . 10.85 17.85 50.56
CG3 DGA MR . 12.53 18.49 48.96
OXT DGA MR . 11.51 18.91 48.10
O6 SQD NR . -44.89 4.48 50.30
C44 SQD NR . -44.59 4.66 48.93
C45 SQD NR . -43.30 5.51 48.81
C46 SQD NR . -42.38 4.97 47.70
O47 SQD NR . -43.72 6.79 48.36
C7 SQD NR . -43.39 7.85 49.14
O49 SQD NR . -43.42 7.81 50.35
C8 SQD NR . -42.98 9.03 48.30
C9 SQD NR . -43.00 10.32 49.13
C10 SQD NR . -44.37 11.00 49.16
C11 SQD NR . -44.64 11.80 47.88
C12 SQD NR . -43.48 12.74 47.57
C13 SQD NR . -43.30 12.97 46.06
C14 SQD NR . -43.46 11.67 45.25
C15 SQD NR . -42.83 11.78 43.85
C16 SQD NR . -41.69 10.78 43.67
C17 SQD NR . -41.53 10.34 42.21
C18 SQD NR . -40.82 11.41 41.38
C19 SQD NR . -40.49 10.93 39.96
C20 SQD NR . -40.17 12.10 39.02
C21 SQD NR . -39.70 11.60 37.66
C22 SQD NR . -38.27 11.09 37.69
O48 SQD NR . -41.96 6.09 46.92
C23 SQD NR . -41.39 5.82 45.71
O10 SQD NR . -41.39 4.68 45.26
C24 SQD NR . -40.80 7.05 45.07
C25 SQD NR . -39.66 6.68 44.10
C26 SQD NR . -39.05 7.93 43.45
C27 SQD NR . -37.54 7.75 43.16
C28 SQD NR . -37.27 6.58 42.21
C29 SQD NR . -36.28 6.96 41.10
C30 SQD NR . -36.93 7.76 39.96
C31 SQD NR . -37.68 6.86 38.98
C32 SQD NR . -37.67 7.43 37.57
C33 SQD NR . -37.31 6.38 36.52
C34 SQD NR . -36.82 7.02 35.21
C35 SQD NR . -35.73 8.05 35.45
C36 SQD NR . -35.09 8.53 34.14
C37 SQD NR . -34.20 9.75 34.37
C38 SQD NR . -34.95 10.91 34.99
C1 SQD NR . -46.06 5.16 50.68
C2 SQD NR . -47.08 4.07 51.10
O2 SQD NR . -48.30 4.27 50.45
C3 SQD NR . -47.28 4.13 52.64
O3 SQD NR . -46.05 3.74 53.18
C4 SQD NR . -47.63 5.56 53.14
O4 SQD NR . -49.00 5.73 52.99
C5 SQD NR . -46.81 6.62 52.34
C6 SQD NR . -46.30 7.68 53.27
O5 SQD NR . -45.70 5.95 51.79
S SQD NR . -45.83 9.23 52.46
O7 SQD NR . -46.02 8.92 51.08
O8 SQD NR . -46.79 10.15 53.00
O9 SQD NR . -44.48 9.49 52.83
MG CLA OR . 34.51 -50.15 70.68
CHA CLA OR . 33.68 -50.01 74.03
CHB CLA OR . 31.20 -50.46 69.83
CHC CLA OR . 35.42 -50.09 67.54
CHD CLA OR . 37.92 -49.81 71.61
NA CLA OR . 32.61 -50.21 71.80
C1A CLA OR . 32.48 -50.13 73.12
C2A CLA OR . 31.04 -50.17 73.55
C3A CLA OR . 30.29 -50.34 72.21
C4A CLA OR . 31.41 -50.33 71.21
CMA CLA OR . 29.13 -51.31 72.07
CAA CLA OR . 30.60 -48.82 74.11
CBA CLA OR . 31.41 -47.62 73.61
CGA CLA OR . 30.77 -46.93 72.42
O1A CLA OR . 29.60 -46.64 72.49
O2A CLA OR . 31.50 -46.63 71.36
NB CLA OR . 33.46 -50.24 68.94
C1B CLA OR . 32.13 -50.45 68.78
C2B CLA OR . 31.82 -50.61 67.38
C3B CLA OR . 33.01 -50.50 66.73
C4B CLA OR . 34.06 -50.27 67.73
CMB CLA OR . 30.46 -50.86 66.80
CAB CLA OR . 33.18 -50.62 65.26
CBB CLA OR . 34.11 -49.78 64.42
NC CLA OR . 36.37 -49.95 69.73
C1C CLA OR . 36.53 -49.99 68.42
C2C CLA OR . 37.94 -49.93 68.00
C3C CLA OR . 38.63 -49.83 69.17
C4C CLA OR . 37.65 -49.85 70.24
CMC CLA OR . 38.48 -49.95 66.59
CAC CLA OR . 40.12 -49.74 69.33
CBC CLA OR . 40.55 -48.29 69.23
ND CLA OR . 35.61 -49.95 72.32
C1D CLA OR . 36.93 -49.83 72.62
C2D CLA OR . 37.17 -49.73 74.05
C3D CLA OR . 35.89 -49.80 74.59
C4D CLA OR . 34.97 -49.93 73.55
CMD CLA OR . 38.37 -49.58 74.92
CAD CLA OR . 35.19 -49.77 75.84
OBD CLA OR . 35.68 -49.64 76.95
CBD CLA OR . 33.74 -49.97 75.55
CGD CLA OR . 33.34 -51.30 76.10
O1D CLA OR . 33.67 -52.32 75.52
O2D CLA OR . 32.64 -51.38 77.22
CED CLA OR . 33.33 -51.95 78.32
C1 CLA OR . 30.87 -46.42 70.05
C2 CLA OR . 31.36 -47.11 68.80
C3 CLA OR . 31.08 -46.63 67.58
C4 CLA OR . 30.26 -45.38 67.40
C5 CLA OR . 31.56 -47.29 66.31
C6 CLA OR . 30.43 -47.55 65.31
C7 CLA OR . 30.97 -48.25 64.08
C8 CLA OR . 29.89 -48.55 63.02
C9 CLA OR . 28.84 -49.49 63.58
C10 CLA OR . 30.52 -49.14 61.77
C11 CLA OR . 31.33 -48.11 60.97
C12 CLA OR . 31.25 -48.36 59.47
C13 CLA OR . 32.30 -47.53 58.73
C14 CLA OR . 31.70 -46.23 58.19
C15 CLA OR . 32.92 -48.34 57.59
C16 CLA OR . 34.08 -47.57 57.00
C17 CLA OR . 34.85 -48.43 56.00
C18 CLA OR . 34.44 -48.10 54.57
C19 CLA OR . 35.64 -47.75 53.70
C20 CLA OR . 33.65 -49.25 53.95
MG CLA PR . 33.44 -37.57 71.59
CHA CLA PR . 32.73 -40.64 73.03
CHB CLA PR . 34.16 -36.23 74.67
CHC CLA PR . 34.22 -34.74 70.07
CHD CLA PR . 32.75 -38.97 68.42
NA CLA PR . 33.47 -38.34 73.66
C1A CLA PR . 33.17 -39.59 74.04
C2A CLA PR . 33.26 -39.77 75.52
C3A CLA PR . 33.72 -38.37 76.00
C4A CLA PR . 33.80 -37.59 74.73
CMA CLA PR . 33.13 -37.73 77.25
CAA CLA PR . 34.35 -40.77 75.89
CBA CLA PR . 35.57 -40.63 74.99
CGA CLA PR . 35.97 -41.99 74.45
O1A CLA PR . 36.25 -42.88 75.23
O2A CLA PR . 36.01 -42.15 73.15
NB CLA PR . 34.10 -35.78 72.27
C1B CLA PR . 34.29 -35.38 73.56
C2B CLA PR . 34.66 -33.98 73.57
C3B CLA PR . 34.67 -33.60 72.27
C4B CLA PR . 34.32 -34.74 71.45
CMB CLA PR . 34.97 -33.09 74.74
CAB CLA PR . 34.98 -32.26 71.72
CBB CLA PR . 33.98 -31.14 71.89
NC CLA PR . 33.49 -36.96 69.58
C1C CLA PR . 33.83 -35.75 69.18
C2C CLA PR . 33.73 -35.58 67.71
C3C CLA PR . 33.31 -36.79 67.25
C4C CLA PR . 33.15 -37.64 68.43
CMC CLA PR . 34.05 -34.33 66.94
CAC CLA PR . 33.04 -37.18 65.81
CBC CLA PR . 31.66 -36.72 65.40
ND CLA PR . 32.89 -39.31 70.82
C1D CLA PR . 32.64 -39.79 69.57
C2D CLA PR . 32.25 -41.19 69.59
C3D CLA PR . 32.29 -41.51 70.94
C4D CLA PR . 32.69 -40.38 71.67
CMD CLA PR . 31.89 -42.18 68.53
CAD CLA PR . 32.08 -42.60 71.87
OBD CLA PR . 31.53 -43.65 71.60
CBD CLA PR . 32.27 -42.06 73.25
CGD CLA PR . 30.94 -42.08 73.96
O1D CLA PR . 30.89 -42.16 75.18
O2D CLA PR . 29.82 -42.02 73.26
CED CLA PR . 28.87 -41.06 73.71
C1 CLA PR . 37.07 -42.98 72.57
C2 CLA PR . 38.52 -42.81 72.96
C3 CLA PR . 39.50 -43.40 72.26
C4 CLA PR . 39.21 -44.26 71.07
C5 CLA PR . 40.95 -43.24 72.65
C6 CLA PR . 41.66 -44.57 72.63
C7 CLA PR . 41.32 -45.40 73.87
C8 CLA PR . 42.03 -46.75 73.90
C9 CLA PR . 41.95 -47.45 72.55
C10 CLA PR . 41.37 -47.59 74.97
C11 CLA PR . 42.27 -48.69 75.52
C12 CLA PR . 41.55 -49.33 76.70
C13 CLA PR . 42.42 -50.31 77.47
C14 CLA PR . 41.84 -51.72 77.37
C15 CLA PR . 42.49 -49.84 78.92
C16 CLA PR . 43.39 -50.74 79.76
C17 CLA PR . 44.82 -50.73 79.24
C18 CLA PR . 45.53 -52.03 79.60
C19 CLA PR . 45.73 -52.14 81.11
C20 CLA PR . 44.77 -53.24 79.06
MG CLA QR . 42.91 -42.83 75.50
CHA CLA QR . 40.02 -42.10 77.28
CHB CLA QR . 43.30 -45.76 77.27
CHC CLA QR . 45.57 -43.46 73.67
CHD CLA QR . 42.46 -39.82 73.68
NA CLA QR . 41.78 -43.86 77.12
C1A CLA QR . 40.67 -43.41 77.69
C2A CLA QR . 40.20 -44.34 78.78
C3A CLA QR . 41.25 -45.47 78.75
C4A CLA QR . 42.17 -45.02 77.66
CMA CLA QR . 41.82 -46.03 80.05
CAA CLA QR . 38.82 -44.96 78.53
CBA CLA QR . 38.51 -45.19 77.05
CGA CLA QR . 37.27 -46.05 76.95
O1A CLA QR . 37.36 -47.25 77.12
O2A CLA QR . 36.11 -45.47 76.71
NB CLA QR . 44.22 -44.37 75.47
C1B CLA QR . 44.26 -45.48 76.27
C2B CLA QR . 45.39 -46.30 75.93
C3B CLA QR . 46.03 -45.63 74.92
C4B CLA QR . 45.26 -44.41 74.64
CMB CLA QR . 45.77 -47.60 76.59
CAB CLA QR . 47.25 -45.98 74.16
CBB CLA QR . 47.50 -47.37 73.61
NC CLA QR . 43.82 -41.83 73.90
C1C CLA QR . 44.92 -42.26 73.30
C2C CLA QR . 45.38 -41.37 72.22
C3C CLA QR . 44.46 -40.36 72.20
C4C CLA QR . 43.50 -40.65 73.26
CMC CLA QR . 46.57 -41.56 71.32
CAC CLA QR . 44.45 -39.17 71.27
CBC CLA QR . 43.55 -39.46 70.08
ND CLA QR . 41.63 -41.31 75.41
C1D CLA QR . 41.53 -40.16 74.69
C2D CLA QR . 40.37 -39.37 75.09
C3D CLA QR . 39.81 -40.15 76.10
C4D CLA QR . 40.55 -41.30 76.28
CMD CLA QR . 39.77 -38.05 74.69
CAD CLA QR . 38.70 -40.16 77.02
OBD CLA QR . 37.77 -39.38 76.99
CBD CLA QR . 38.79 -41.42 77.83
CGD CLA QR . 38.98 -41.06 79.27
O1D CLA QR . 38.58 -41.81 80.15
O2D CLA QR . 39.62 -39.95 79.61
CED CLA QR . 40.69 -40.11 80.55
C1 CLA QR . 35.27 -46.00 75.64
C2 CLA QR . 35.89 -46.44 74.34
C3 CLA QR . 35.37 -46.08 73.16
C4 CLA QR . 34.15 -45.23 73.07
C5 CLA QR . 36.01 -46.52 71.86
C6 CLA QR . 34.96 -46.70 70.77
C7 CLA QR . 35.62 -46.74 69.40
C8 CLA QR . 34.82 -45.92 68.39
C9 CLA QR . 35.10 -46.39 66.97
C10 CLA QR . 35.15 -44.46 68.59
C11 CLA QR . 36.58 -44.17 68.11
C12 CLA QR . 36.94 -42.70 68.32
C13 CLA QR . 35.92 -41.77 67.68
C14 CLA QR . 35.93 -41.85 66.16
C15 CLA QR . 36.20 -40.34 68.14
C16 CLA QR . 36.13 -40.22 69.66
C17 CLA QR . 36.37 -38.78 70.09
C18 CLA QR . 37.03 -38.72 71.47
C19 CLA QR . 38.32 -39.52 71.49
C20 CLA QR . 37.28 -37.28 71.88
MG CLA RR . 31.99 -30.64 80.38
CHA CLA RR . 31.06 -29.94 83.63
CHB CLA RR . 29.26 -32.71 79.99
CHC CLA RR . 32.93 -31.15 77.27
CHD CLA RR . 34.81 -28.57 80.82
NA CLA RR . 30.30 -31.27 81.66
C1A CLA RR . 30.11 -30.89 82.93
C2A CLA RR . 28.85 -31.49 83.50
C3A CLA RR . 28.34 -32.36 82.35
C4A CLA RR . 29.34 -32.12 81.26
CMA CLA RR . 27.87 -33.78 82.64
CAA CLA RR . 27.83 -30.38 83.75
CBA CLA RR . 27.79 -29.37 82.60
CGA CLA RR . 27.05 -28.11 82.96
O1A CLA RR . 26.05 -28.17 83.65
O2A CLA RR . 27.51 -26.96 82.48
NB CLA RR . 31.21 -31.75 78.86
C1B CLA RR . 30.12 -32.56 78.89
C2B CLA RR . 29.98 -33.21 77.61
C3B CLA RR . 31.01 -32.77 76.85
C4B CLA RR . 31.79 -31.85 77.66
CMB CLA RR . 28.91 -34.19 77.21
CAB CLA RR . 31.31 -33.14 75.45
CBB CLA RR . 31.29 -32.11 74.35
NC CLA RR . 33.56 -29.89 79.21
C1C CLA RR . 33.74 -30.23 77.94
C2C CLA RR . 34.90 -29.52 77.33
C3C CLA RR . 35.38 -28.75 78.34
C4C CLA RR . 34.55 -29.00 79.51
CMC CLA RR . 35.38 -29.64 75.91
CAC CLA RR . 36.55 -27.82 78.22
CBC CLA RR . 36.02 -26.41 78.16
ND CLA RR . 32.82 -29.53 81.79
C1D CLA RR . 33.91 -28.71 81.89
C2D CLA RR . 34.01 -28.08 83.20
C3D CLA RR . 32.89 -28.57 83.86
C4D CLA RR . 32.19 -29.42 83.02
CMD CLA RR . 34.97 -27.14 83.86
CAD CLA RR . 32.20 -28.49 85.13
OBD CLA RR . 32.33 -27.59 85.95
CBD CLA RR . 31.04 -29.43 85.06
CGD CLA RR . 31.28 -30.53 86.04
O1D CLA RR . 30.41 -31.31 86.36
O2D CLA RR . 32.50 -30.65 86.58
CED CLA RR . 33.00 -31.98 86.68
C1 CLA RR . 26.82 -26.22 81.43
C2 CLA RR . 26.60 -26.73 80.02
C3 CLA RR . 26.98 -26.00 78.95
C4 CLA RR . 27.64 -24.67 79.16
C5 CLA RR . 26.79 -26.46 77.52
C6 CLA RR . 27.17 -25.37 76.52
C7 CLA RR . 26.65 -25.63 75.11
C8 CLA RR . 27.54 -24.94 74.06
C9 CLA RR . 29.00 -25.33 74.23
C10 CLA RR . 27.36 -23.43 74.17
C11 CLA RR . 26.77 -22.84 72.89
C12 CLA RR . 27.72 -22.98 71.69
C13 CLA RR . 28.00 -21.63 71.03
C14 CLA RR . 26.70 -20.94 70.64
C15 CLA RR . 28.90 -21.86 69.82
C16 CLA RR . 29.18 -20.55 69.08
C17 CLA RR . 29.99 -20.81 67.82
C18 CLA RR . 31.03 -19.73 67.57
C19 CLA RR . 30.40 -18.50 66.92
C20 CLA RR . 31.78 -19.36 68.84
MG CLA SR . 28.00 -39.03 50.55
CHA CLA SR . 30.31 -38.39 48.07
CHB CLA SR . 25.91 -36.58 49.33
CHC CLA SR . 25.81 -39.78 52.93
CHD CLA SR . 30.11 -41.57 51.80
NA CLA SR . 28.08 -37.62 48.86
C1A CLA SR . 29.08 -37.50 47.99
C2A CLA SR . 28.80 -36.44 46.97
C3A CLA SR . 27.44 -35.88 47.41
C4A CLA SR . 27.10 -36.73 48.60
CMA CLA SR . 27.25 -34.38 47.55
CAA CLA SR . 28.64 -37.06 45.59
CBA CLA SR . 27.66 -38.24 45.56
CGA CLA SR . 28.42 -39.55 45.58
O1A CLA SR . 29.02 -39.91 44.58
O2A CLA SR . 28.43 -40.29 46.68
NB CLA SR . 26.16 -38.30 51.04
C1B CLA SR . 25.47 -37.29 50.45
C2B CLA SR . 24.22 -37.07 51.12
C3B CLA SR . 24.20 -37.97 52.14
C4B CLA SR . 25.44 -38.75 52.08
CMB CLA SR . 23.20 -36.04 50.74
CAB CLA SR . 23.16 -38.20 53.16
CBB CLA SR . 21.72 -38.45 52.78
NC CLA SR . 27.94 -40.49 52.07
C1C CLA SR . 26.98 -40.57 52.97
C2C CLA SR . 27.25 -41.59 54.01
C3C CLA SR . 28.46 -42.11 53.66
C4C CLA SR . 28.89 -41.41 52.46
CMC CLA SR . 26.37 -41.96 55.18
CAC CLA SR . 29.25 -43.19 54.37
CBC CLA SR . 30.10 -42.60 55.47
ND CLA SR . 29.76 -39.83 50.15
C1D CLA SR . 30.50 -40.85 50.64
C2D CLA SR . 31.71 -41.06 49.86
C3D CLA SR . 31.62 -40.10 48.86
C4D CLA SR . 30.45 -39.37 49.04
CMD CLA SR . 32.86 -42.02 49.93
CAD CLA SR . 32.32 -39.61 47.70
OBD CLA SR . 33.15 -40.24 47.07
CBD CLA SR . 31.53 -38.46 47.16
CGD CLA SR . 32.43 -37.25 47.20
O1D CLA SR . 31.99 -36.12 47.09
O2D CLA SR . 33.74 -37.42 47.34
CED CLA SR . 34.49 -36.30 47.80
C1 CLA SR . 27.29 -41.07 47.13
C2 CLA SR . 26.07 -40.46 47.77
C3 CLA SR . 25.42 -41.09 48.75
C4 CLA SR . 25.89 -42.43 49.25
C5 CLA SR . 24.19 -40.51 49.42
C6 CLA SR . 23.23 -41.61 49.89
C7 CLA SR . 23.02 -41.53 51.40
C8 CLA SR . 21.66 -42.07 51.80
C9 CLA SR . 20.54 -41.34 51.07
C10 CLA SR . 21.51 -41.97 53.32
C11 CLA SR . 20.07 -42.18 53.77
C12 CLA SR . 19.86 -43.56 54.37
C13 CLA SR . 18.96 -43.48 55.59
C14 CLA SR . 19.78 -43.51 56.87
C15 CLA SR . 17.97 -44.63 55.56
C16 CLA SR . 16.52 -44.15 55.48
C17 CLA SR . 16.08 -43.48 56.78
C18 CLA SR . 14.65 -43.88 57.14
C19 CLA SR . 14.53 -45.40 57.29
C20 CLA SR . 14.18 -43.17 58.41
MG CLA TR . 38.99 -51.75 52.52
CHA CLA TR . 39.03 -51.96 49.07
CHB CLA TR . 39.01 -48.31 52.36
CHC CLA TR . 38.87 -51.67 55.82
CHD CLA TR . 39.00 -55.26 52.67
NA CLA TR . 39.01 -50.26 50.89
C1A CLA TR . 39.03 -50.53 49.59
C2A CLA TR . 39.05 -49.28 48.75
C3A CLA TR . 39.07 -48.17 49.82
C4A CLA TR . 39.04 -48.93 51.10
CMA CLA TR . 40.05 -47.01 49.66
CAA CLA TR . 37.75 -49.12 47.97
CBA CLA TR . 36.55 -49.46 48.84
CGA CLA TR . 35.26 -48.96 48.22
O1A CLA TR . 34.99 -49.23 47.07
O2A CLA TR . 34.45 -48.20 48.95
NB CLA TR . 38.94 -50.24 53.87
C1B CLA TR . 38.96 -48.90 53.63
C2B CLA TR . 38.92 -48.17 54.87
C3B CLA TR . 38.89 -49.13 55.85
C4B CLA TR . 38.90 -50.43 55.19
CMB CLA TR . 38.92 -46.68 55.02
CAB CLA TR . 38.84 -48.94 57.32
CBB CLA TR . 37.80 -48.06 57.98
NC CLA TR . 38.88 -53.23 54.00
C1C CLA TR . 38.85 -52.98 55.30
C2C CLA TR . 38.78 -54.21 56.12
C3C CLA TR . 38.78 -55.23 55.20
C4C CLA TR . 38.85 -54.61 53.89
CMC CLA TR . 38.71 -54.29 57.62
CAC CLA TR . 38.72 -56.71 55.49
CBC CLA TR . 37.35 -57.25 55.11
ND CLA TR . 39.01 -53.29 51.28
C1D CLA TR . 39.00 -54.64 51.41
C2D CLA TR . 39.01 -55.32 50.12
C3D CLA TR . 39.02 -54.27 49.23
C4D CLA TR . 39.02 -53.06 49.93
CMD CLA TR . 39.00 -56.76 49.71
CAD CLA TR . 39.03 -53.99 47.81
OBD CLA TR . 39.09 -54.82 46.93
CBD CLA TR . 39.02 -52.49 47.65
CGD CLA TR . 40.25 -52.08 46.89
O1D CLA TR . 40.30 -51.02 46.30
O2D CLA TR . 41.30 -52.90 46.83
CED CLA TR . 42.53 -52.32 47.23
C1 CLA TR . 33.32 -48.80 49.64
C2 CLA TR . 32.72 -50.11 49.21
C3 CLA TR . 31.43 -50.21 48.85
C4 CLA TR . 30.52 -49.02 48.86
C5 CLA TR . 30.82 -51.52 48.42
C6 CLA TR . 30.91 -52.52 49.57
C7 CLA TR . 29.56 -53.14 49.88
C8 CLA TR . 29.25 -53.09 51.36
C9 CLA TR . 29.18 -51.65 51.86
C10 CLA TR . 30.29 -53.89 52.14
C11 CLA TR . 29.70 -54.54 53.39
C12 CLA TR . 28.48 -55.39 53.04
C13 CLA TR . 27.39 -55.28 54.11
C14 CLA TR . 26.13 -56.01 53.66
C15 CLA TR . 27.10 -53.82 54.42
C16 CLA TR . 26.94 -53.60 55.91
C17 CLA TR . 27.05 -52.13 56.28
C18 CLA TR . 25.69 -51.45 56.37
C19 CLA TR . 24.69 -52.28 57.16
C20 CLA TR . 25.81 -50.06 56.98
MG CLA UR . 38.95 -43.32 54.73
CHA CLA UR . 40.61 -42.84 57.71
CHB CLA UR . 36.00 -43.91 56.41
CHC CLA UR . 37.42 -43.70 51.82
CHD CLA UR . 41.96 -42.65 53.00
NA CLA UR . 38.34 -43.36 56.85
C1A CLA UR . 39.14 -43.14 57.89
C2A CLA UR . 38.40 -43.29 59.19
C3A CLA UR . 36.97 -43.63 58.75
C4A CLA UR . 37.09 -43.64 57.26
CMA CLA UR . 36.21 -44.75 59.45
CAA CLA UR . 38.37 -41.99 59.99
CBA CLA UR . 39.06 -42.15 61.33
CGA CLA UR . 38.75 -43.50 61.93
O1A CLA UR . 39.66 -44.31 62.04
O2A CLA UR . 37.51 -43.76 62.32
NB CLA UR . 37.03 -43.73 54.21
C1B CLA UR . 35.96 -43.96 55.02
C2B CLA UR . 34.79 -44.26 54.23
C3B CLA UR . 35.21 -44.19 52.94
C4B CLA UR . 36.62 -43.86 52.94
CMB CLA UR . 33.40 -44.56 54.74
CAB CLA UR . 34.42 -44.42 51.69
CBB CLA UR . 33.73 -45.74 51.45
NC CLA UR . 39.58 -43.13 52.74
C1C CLA UR . 38.80 -43.40 51.70
C2C CLA UR . 39.51 -43.34 50.42
C3C CLA UR . 40.79 -43.01 50.76
C4C CLA UR . 40.83 -42.90 52.21
CMC CLA UR . 38.95 -43.57 49.05
CAC CLA UR . 41.91 -42.86 49.79
CBC CLA UR . 42.65 -44.16 49.69
ND CLA UR . 40.82 -42.84 55.14
C1D CLA UR . 41.96 -42.61 54.42
C2D CLA UR . 43.11 -42.38 55.29
C3D CLA UR . 42.56 -42.46 56.57
C4D CLA UR . 41.20 -42.72 56.46
CMD CLA UR . 44.57 -42.09 55.07
CAD CLA UR . 42.92 -42.37 57.97
OBD CLA UR . 44.04 -42.54 58.41
CBD CLA UR . 41.68 -42.68 58.76
CGD CLA UR . 41.85 -44.01 59.42
O1D CLA UR . 42.35 -44.11 60.52
O2D CLA UR . 41.45 -45.12 58.79
CED CLA UR . 40.84 -46.12 59.60
C1 CLA UR . 37.12 -44.94 63.09
C2 CLA UR . 37.45 -46.36 62.68
C3 CLA UR . 36.47 -47.27 62.44
C4 CLA UR . 35.03 -46.90 62.56
C5 CLA UR . 36.79 -48.69 62.04
C6 CLA UR . 35.93 -49.12 60.85
C7 CLA UR . 36.41 -50.43 60.24
C8 CLA UR . 35.33 -51.04 59.36
C9 CLA UR . 34.53 -52.07 60.14
C10 CLA UR . 35.96 -51.67 58.11
C11 CLA UR . 34.90 -51.98 57.05
C12 CLA UR . 35.43 -52.93 55.97
C13 CLA UR . 34.67 -52.75 54.65
C14 CLA UR . 33.37 -53.55 54.65
C15 CLA UR . 35.56 -53.14 53.47
C16 CLA UR . 35.44 -52.13 52.34
C17 CLA UR . 34.54 -52.63 51.21
C18 CLA UR . 35.35 -53.40 50.16
C19 CLA UR . 34.99 -54.87 50.16
C20 CLA UR . 35.14 -52.81 48.78
MG CLA VR . 36.47 -26.89 57.71
CHA CLA VR . 37.56 -24.30 55.74
CHB CLA VR . 39.59 -28.38 57.59
CHC CLA VR . 35.33 -29.28 59.69
CHD CLA VR . 33.30 -25.33 57.87
NA CLA VR . 38.39 -26.41 56.78
C1A CLA VR . 38.63 -25.32 56.03
C2A CLA VR . 40.06 -25.28 55.55
C3A CLA VR . 40.65 -26.57 56.12
C4A CLA VR . 39.50 -27.18 56.88
CMA CLA VR . 41.49 -27.44 55.20
CAA CLA VR . 40.78 -24.12 56.25
CBA CLA VR . 40.42 -24.04 57.73
CGA CLA VR . 40.66 -22.68 58.33
O1A CLA VR . 41.79 -22.25 58.41
O2A CLA VR . 39.61 -21.99 58.76
NB CLA VR . 37.32 -28.56 58.52
C1B CLA VR . 38.59 -29.03 58.34
C2B CLA VR . 38.77 -30.26 59.05
C3B CLA VR . 37.57 -30.53 59.65
C4B CLA VR . 36.66 -29.43 59.29
CMB CLA VR . 40.07 -31.05 59.07
CAB CLA VR . 37.16 -31.67 60.50
CBB CLA VR . 38.06 -32.35 61.51
NC CLA VR . 34.63 -27.22 58.66
C1C CLA VR . 34.38 -28.26 59.43
C2C CLA VR . 32.99 -28.23 59.97
C3C CLA VR . 32.45 -27.10 59.47
C4C CLA VR . 33.47 -26.48 58.64
CMC CLA VR . 32.35 -29.22 60.89
CAC CLA VR . 31.05 -26.58 59.70
CBC CLA VR . 30.14 -27.08 58.61
ND CLA VR . 35.57 -25.26 57.05
C1D CLA VR . 34.33 -24.73 57.13
C2D CLA VR . 34.20 -23.50 56.37
C3D CLA VR . 35.47 -23.34 55.83
C4D CLA VR . 36.28 -24.40 56.24
CMD CLA VR . 33.07 -22.55 56.14
CAD CLA VR . 36.26 -22.46 54.97
OBD CLA VR . 35.77 -21.71 54.15
CBD CLA VR . 37.63 -23.05 54.88
CGD CLA VR . 37.89 -23.50 53.48
O1D CLA VR . 37.01 -24.02 52.81
O2D CLA VR . 39.10 -23.33 52.96
CED CLA VR . 39.47 -24.28 51.97
C1 CLA VR . 39.65 -21.19 59.98
C2 CLA VR . 39.10 -21.66 61.31
C3 CLA VR . 38.45 -20.82 62.12
C4 CLA VR . 38.23 -19.38 61.78
C5 CLA VR . 37.88 -21.26 63.46
C6 CLA VR . 36.35 -21.16 63.44
C7 CLA VR . 35.79 -21.11 64.86
C8 CLA VR . 34.43 -21.80 64.95
C9 CLA VR . 33.41 -21.09 64.07
C10 CLA VR . 33.96 -21.83 66.41
C11 CLA VR . 32.92 -22.91 66.64
C12 CLA VR . 33.20 -23.69 67.94
C13 CLA VR . 31.94 -23.83 68.79
C14 CLA VR . 32.25 -23.52 70.25
C15 CLA VR . 31.37 -25.23 68.65
C16 CLA VR . 30.08 -25.40 69.45
C17 CLA VR . 28.85 -25.37 68.55
C18 CLA VR . 27.88 -26.51 68.84
C19 CLA VR . 28.51 -27.87 68.57
C20 CLA VR . 27.38 -26.43 70.28
MG CLA WR . 42.62 -33.36 59.47
CHA CLA WR . 41.46 -36.47 60.39
CHB CLA WR . 42.66 -32.33 62.75
CHC CLA WR . 43.87 -30.46 58.47
CHD CLA WR . 42.60 -34.41 56.09
NA CLA WR . 42.13 -34.30 61.40
C1A CLA WR . 41.69 -35.54 61.57
C2A CLA WR . 41.44 -35.85 63.01
C3A CLA WR . 41.81 -34.54 63.71
C4A CLA WR . 42.23 -33.66 62.58
CMA CLA WR . 40.87 -33.97 64.78
CAA CLA WR . 42.42 -36.93 63.46
CBA CLA WR . 42.22 -37.38 64.90
CGA CLA WR . 40.96 -38.18 65.03
O1A CLA WR . 40.46 -38.70 64.04
O2A CLA WR . 40.45 -38.33 66.24
NB CLA WR . 43.19 -31.67 60.45
C1B CLA WR . 43.09 -31.40 61.78
C2B CLA WR . 43.51 -30.04 62.04
C3B CLA WR . 43.84 -29.53 60.82
C4B CLA WR . 43.63 -30.57 59.83
CMB CLA WR . 43.54 -29.39 63.39
CAB CLA WR . 44.34 -28.18 60.44
CBB CLA WR . 45.36 -27.39 61.23
NC CLA WR . 43.18 -32.58 57.61
C1C CLA WR . 43.63 -31.35 57.41
C2C CLA WR . 43.83 -31.01 56.00
C3C CLA WR . 43.48 -32.16 55.34
C4C CLA WR . 43.06 -33.12 56.34
CMC CLA WR . 44.34 -29.70 55.44
CAC CLA WR . 43.46 -32.39 53.86
CBC CLA WR . 42.23 -31.73 53.31
ND CLA WR . 42.15 -34.96 58.41
C1D CLA WR . 42.20 -35.33 57.09
C2D CLA WR . 41.80 -36.72 56.90
C3D CLA WR . 41.52 -37.14 58.19
C4D CLA WR . 41.74 -36.10 59.08
CMD CLA WR . 41.67 -37.62 55.71
CAD CLA WR . 41.08 -38.30 58.93
OBD CLA WR . 41.03 -39.44 58.50
CBD CLA WR . 40.90 -37.88 60.36
CGD CLA WR . 39.44 -37.87 60.65
O1D CLA WR . 38.94 -38.72 61.36
O2D CLA WR . 38.66 -36.94 60.11
CED CLA WR . 38.00 -36.06 61.02
C1 CLA WR . 40.77 -39.53 66.99
C2 CLA WR . 40.92 -40.84 66.24
C3 CLA WR . 40.84 -42.03 66.82
C4 CLA WR . 40.62 -42.19 68.29
C5 CLA WR . 41.00 -43.30 66.01
C6 CLA WR . 42.29 -43.26 65.21
C7 CLA WR . 42.05 -42.98 63.73
C8 CLA WR . 43.24 -42.28 63.06
C9 CLA WR . 44.56 -42.96 63.42
C10 CLA WR . 43.25 -40.80 63.42
C11 CLA WR . 44.23 -40.03 62.56
C12 CLA WR . 43.92 -40.15 61.07
C13 CLA WR . 44.83 -39.24 60.25
C14 CLA WR . 44.77 -37.81 60.76
C15 CLA WR . 44.42 -39.28 58.78
C16 CLA WR . 45.55 -39.70 57.86
C17 CLA WR . 46.50 -38.56 57.59
C18 CLA WR . 46.16 -37.84 56.28
C19 CLA WR . 46.52 -36.37 56.36
C20 CLA WR . 46.87 -38.52 55.11
MG CLA XR . 38.95 -30.17 67.86
CHA CLA XR . 39.71 -27.17 66.33
CHB CLA XR . 37.97 -31.49 64.84
CHC CLA XR . 38.35 -33.03 69.40
CHD CLA XR . 39.82 -28.76 70.96
NA CLA XR . 38.85 -29.42 65.79
C1A CLA XR . 39.17 -28.19 65.38
C2A CLA XR . 38.91 -27.99 63.91
C3A CLA XR . 38.33 -29.34 63.51
C4A CLA XR . 38.38 -30.16 64.76
CMA CLA XR . 36.96 -29.26 62.87
CAA CLA XR . 40.23 -27.85 63.17
CBA CLA XR . 40.02 -27.64 61.68
CGA CLA XR . 39.70 -26.19 61.43
O1A CLA XR . 40.04 -25.34 62.24
O2A CLA XR . 39.07 -25.86 60.32
NB CLA XR . 38.27 -31.97 67.22
C1B CLA XR . 37.94 -32.35 65.95
C2B CLA XR . 37.53 -33.73 65.96
C3B CLA XR . 37.63 -34.15 67.26
C4B CLA XR . 38.11 -33.02 68.04
CMB CLA XR . 37.08 -34.54 64.78
CAB CLA XR . 37.35 -35.47 67.86
CBB CLA XR . 37.98 -36.75 67.33
NC CLA XR . 39.19 -30.83 69.84
C1C CLA XR . 38.83 -32.03 70.27
C2C CLA XR . 38.98 -32.20 71.72
C3C CLA XR . 39.47 -30.99 72.14
C4C CLA XR . 39.57 -30.14 70.96
CMC CLA XR . 38.67 -33.44 72.51
CAC CLA XR . 39.81 -30.60 73.56
CBC CLA XR . 38.54 -30.26 74.30
ND CLA XR . 39.55 -28.43 68.58
C1D CLA XR . 39.98 -27.99 69.79
C2D CLA XR . 40.54 -26.64 69.70
C3D CLA XR . 40.43 -26.34 68.34
C4D CLA XR . 39.84 -27.41 67.70
CMD CLA XR . 41.14 -25.70 70.69
CAD CLA XR . 40.73 -25.29 67.39
OBD CLA XR . 41.65 -24.51 67.50
CBD CLA XR . 40.20 -25.76 66.06
CGD CLA XR . 39.05 -24.90 65.65
O1D CLA XR . 39.18 -24.04 64.80
O2D CLA XR . 37.87 -25.06 66.23
CED CLA XR . 36.77 -25.23 65.36
C1 CLA XR . 37.95 -24.94 60.42
C2 CLA XR . 36.89 -25.12 61.49
C3 CLA XR . 35.74 -24.44 61.41
C4 CLA XR . 35.46 -23.49 60.28
C5 CLA XR . 34.66 -24.58 62.45
C6 CLA XR . 34.35 -26.04 62.69
C7 CLA XR . 32.98 -26.19 63.35
C8 CLA XR . 33.00 -27.30 64.40
C9 CLA XR . 31.66 -28.02 64.45
C10 CLA XR . 33.33 -26.71 65.77
C11 CLA XR . 33.64 -27.82 66.76
C12 CLA XR . 35.07 -28.31 66.59
C13 CLA XR . 35.51 -29.26 67.70
C14 CLA XR . 35.06 -30.68 67.41
C15 CLA XR . 35.00 -28.79 69.07
C16 CLA XR . 36.15 -28.36 69.97
C17 CLA XR . 36.66 -26.98 69.58
C18 CLA XR . 36.29 -25.96 70.64
C19 CLA XR . 37.32 -25.95 71.77
C20 CLA XR . 36.17 -24.57 70.01
MG CLA YR . 46.62 -22.62 61.90
CHA CLA YR . 49.17 -21.79 59.72
CHB CLA YR . 48.43 -25.30 63.09
CHC CLA YR . 44.15 -23.25 64.00
CHD CLA YR . 44.75 -19.89 60.64
NA CLA YR . 48.61 -23.47 61.47
C1A CLA YR . 49.48 -23.00 60.58
C2A CLA YR . 50.73 -23.86 60.51
C3A CLA YR . 50.45 -24.93 61.58
C4A CLA YR . 49.09 -24.57 62.09
CMA CLA YR . 50.76 -26.39 61.27
CAA CLA YR . 52.02 -23.13 60.88
CBA CLA YR . 51.85 -21.96 61.85
CGA CLA YR . 53.19 -21.25 61.88
O1A CLA YR . 54.21 -21.91 61.80
O2A CLA YR . 53.23 -19.94 62.01
NB CLA YR . 46.34 -24.05 63.33
C1B CLA YR . 47.17 -25.08 63.67
C2B CLA YR . 46.55 -25.87 64.71
C3B CLA YR . 45.35 -25.28 64.95
C4B CLA YR . 45.23 -24.13 64.07
CMB CLA YR . 47.16 -27.09 65.36
CAB CLA YR . 44.27 -25.64 65.91
CBB CLA YR . 43.73 -27.04 66.06
NC CLA YR . 44.79 -21.67 62.31
C1C CLA YR . 43.91 -22.12 63.19
C2C CLA YR . 42.68 -21.31 63.25
C3C CLA YR . 42.88 -20.33 62.31
C4C CLA YR . 44.19 -20.57 61.72
CMC CLA YR . 41.49 -21.53 64.15
CAC CLA YR . 41.93 -19.23 61.96
CBC CLA YR . 42.31 -17.99 62.76
ND CLA YR . 46.80 -21.18 60.56
C1D CLA YR . 46.04 -20.13 60.13
C2D CLA YR . 46.72 -19.35 59.09
C3D CLA YR . 47.93 -20.01 58.94
C4D CLA YR . 47.97 -21.09 59.81
CMD CLA YR . 46.36 -18.14 58.28
CAD CLA YR . 49.17 -19.97 58.19
OBD CLA YR . 49.58 -19.00 57.58
CBD CLA YR . 50.03 -21.10 58.68
CGD CLA YR . 50.31 -22.04 57.54
O1D CLA YR . 49.48 -22.23 56.67
O2D CLA YR . 51.48 -22.68 57.50
CED CLA YR . 52.39 -22.27 56.49
C1 CLA YR . 53.55 -19.37 63.32
C2 CLA YR . 52.64 -19.61 64.50
C3 CLA YR . 52.74 -18.88 65.62
C4 CLA YR . 53.75 -17.79 65.77
C5 CLA YR . 51.84 -19.10 66.81
C6 CLA YR . 52.73 -19.37 68.02
C7 CLA YR . 51.86 -19.73 69.22
C8 CLA YR . 52.38 -20.94 69.99
C9 CLA YR . 52.86 -22.04 69.04
C10 CLA YR . 51.28 -21.42 70.92
C11 CLA YR . 51.56 -22.82 71.49
C12 CLA YR . 51.00 -22.94 72.90
C13 CLA YR . 51.29 -24.28 73.58
C14 CLA YR . 51.13 -24.12 75.08
C15 CLA YR . 52.68 -24.82 73.22
C16 CLA YR . 53.15 -25.91 74.18
C17 CLA YR . 54.14 -26.84 73.49
C18 CLA YR . 54.79 -27.86 74.43
C19 CLA YR . 55.64 -27.19 75.50
C20 CLA YR . 53.75 -28.77 75.08
MG CLA ZR . 50.67 -42.73 62.51
CHA CLA ZR . 48.36 -40.83 64.25
CHB CLA ZR . 50.72 -45.08 65.02
CHC CLA ZR . 52.80 -44.51 60.70
CHD CLA ZR . 50.62 -40.32 59.94
NA CLA ZR . 49.65 -42.96 64.45
C1A CLA ZR . 48.76 -42.10 64.97
C2A CLA ZR . 48.27 -42.57 66.33
C3A CLA ZR . 49.02 -43.90 66.52
C4A CLA ZR . 49.84 -44.01 65.28
CMA CLA ZR . 49.67 -44.21 67.87
CAA CLA ZR . 46.77 -42.85 66.33
CBA CLA ZR . 46.20 -42.46 67.69
CGA CLA ZR . 44.70 -42.39 67.63
O1A CLA ZR . 44.18 -41.41 67.11
O2A CLA ZR . 43.97 -43.36 68.15
NB CLA ZR . 51.60 -44.52 62.80
C1B CLA ZR . 51.54 -45.33 63.91
C2B CLA ZR . 52.42 -46.46 63.74
C3B CLA ZR . 53.01 -46.29 62.52
C4B CLA ZR . 52.48 -45.05 61.94
CMB CLA ZR . 52.62 -47.54 64.78
CAB CLA ZR . 54.01 -47.12 61.81
CBB CLA ZR . 54.12 -48.62 61.94
NC CLA ZR . 51.48 -42.51 60.57
C1C CLA ZR . 52.40 -43.31 60.06
C2C CLA ZR . 52.96 -42.81 58.78
C3C CLA ZR . 52.28 -41.64 58.56
C4C CLA ZR . 51.38 -41.46 59.69
CMC CLA ZR . 54.01 -43.45 57.91
CAC CLA ZR . 52.44 -40.69 57.39
CBC CLA ZR . 53.53 -39.68 57.67
ND CLA ZR . 49.79 -41.01 62.10
C1D CLA ZR . 49.80 -40.12 61.06
C2D CLA ZR . 48.91 -38.99 61.30
C3D CLA ZR . 48.35 -39.29 62.54
C4D CLA ZR . 48.89 -40.50 63.00
CMD CLA ZR . 48.54 -37.76 60.53
CAD CLA ZR . 47.42 -38.79 63.52
OBD CLA ZR . 46.80 -37.73 63.47
CBD CLA ZR . 47.42 -39.73 64.68
CGD CLA ZR . 47.99 -39.01 65.85
O1D CLA ZR . 47.26 -38.71 66.79
O2D CLA ZR . 49.28 -38.68 65.88
CED CLA ZR . 50.04 -39.23 66.94
C1 CLA ZR . 44.52 -44.30 69.13
C2 CLA ZR . 44.79 -45.75 68.80
C3 CLA ZR . 45.08 -46.62 69.77
C4 CLA ZR . 45.12 -46.17 71.21
C5 CLA ZR . 45.35 -48.08 69.51
C6 CLA ZR . 46.44 -48.61 70.43
C7 CLA ZR . 47.82 -48.59 69.76
C8 CLA ZR . 48.60 -49.86 70.09
C9 CLA ZR . 48.96 -49.92 71.57
C10 CLA ZR . 49.86 -49.93 69.23
C11 CLA ZR . 50.17 -51.37 68.84
C12 CLA ZR . 51.35 -51.43 67.87
C13 CLA ZR . 51.28 -52.69 67.01
C14 CLA ZR . 51.53 -53.94 67.85
C15 CLA ZR . 52.26 -52.60 65.85
C16 CLA ZR . 51.58 -52.08 64.60
C17 CLA ZR . 52.12 -52.77 63.35
C18 CLA ZR . 52.50 -51.77 62.27
C19 CLA ZR . 53.21 -52.46 61.11
C20 CLA ZR . 51.30 -50.97 61.79
MG CLA AS . 58.34 -36.82 64.65
CHA CLA AS . 61.42 -35.99 63.29
CHB CLA AS . 57.34 -38.26 61.69
CHC CLA AS . 55.47 -37.56 66.09
CHD CLA AS . 59.42 -35.38 67.70
NA CLA AS . 59.27 -37.11 62.68
C1A CLA AS . 60.50 -36.72 62.32
C2A CLA AS . 60.82 -37.12 60.90
C3A CLA AS . 59.52 -37.78 60.44
C4A CLA AS . 58.65 -37.73 61.65
CMA CLA AS . 58.94 -37.36 59.09
CAA CLA AS . 61.86 -38.26 60.82
CBA CLA AS . 62.38 -38.96 62.09
CGA CLA AS . 61.36 -39.70 62.94
O1A CLA AS . 60.82 -40.71 62.52
O2A CLA AS . 61.07 -39.19 64.14
NB CLA AS . 56.66 -37.75 63.98
C1B CLA AS . 56.42 -38.28 62.76
C2B CLA AS . 55.10 -38.88 62.71
C3B CLA AS . 54.58 -38.68 63.97
C4B CLA AS . 55.59 -37.96 64.75
CMB CLA AS . 54.51 -39.57 61.51
CAB CLA AS . 53.26 -39.05 64.55
CBB CLA AS . 51.96 -39.16 63.78
NC CLA AS . 57.61 -36.62 66.61
C1C CLA AS . 56.39 -36.94 66.97
C2C CLA AS . 56.11 -36.61 68.39
C3C CLA AS . 57.27 -36.05 68.84
C4C CLA AS . 58.20 -36.05 67.72
CMC CLA AS . 54.85 -36.84 69.15
CAC CLA AS . 57.55 -35.53 70.22
CBC CLA AS . 58.25 -36.61 71.03
ND CLA AS . 59.95 -35.94 65.41
C1D CLA AS . 60.29 -35.37 66.59
C2D CLA AS . 61.61 -34.76 66.56
C3D CLA AS . 62.03 -35.01 65.26
C4D CLA AS . 61.04 -35.72 64.59
CMD CLA AS . 62.44 -34.00 67.56
CAD CLA AS . 63.15 -34.80 64.37
OBD CLA AS . 64.04 -33.98 64.53
CBD CLA AS . 62.82 -35.48 63.08
CGD CLA AS . 62.86 -34.47 61.97
O1D CLA AS . 62.03 -33.57 61.92
O2D CLA AS . 63.81 -34.52 61.05
CED CLA AS . 64.59 -33.33 60.90
C1 CLA AS . 61.56 -39.77 65.39
C2 CLA AS . 60.70 -39.84 66.62
C3 CLA AS . 60.96 -40.62 67.68
C4 CLA AS . 62.15 -41.51 67.73
C5 CLA AS . 60.04 -40.65 68.89
C6 CLA AS . 59.83 -42.08 69.39
C7 CLA AS . 58.81 -42.86 68.56
C8 CLA AS . 58.76 -44.32 68.99
C9 CLA AS . 58.79 -45.24 67.77
C10 CLA AS . 57.54 -44.54 69.90
C11 CLA AS . 56.58 -45.64 69.47
C12 CLA AS . 55.18 -45.09 69.20
C13 CLA AS . 54.09 -46.12 69.44
C14 CLA AS . 53.23 -46.28 68.20
C15 CLA AS . 53.24 -45.70 70.63
C16 CLA AS . 52.46 -44.44 70.33
C17 CLA AS . 52.13 -43.67 71.60
C18 CLA AS . 50.77 -43.01 71.53
C19 CLA AS . 49.81 -43.63 72.54
C20 CLA AS . 50.87 -41.51 71.72
C1 BCR BS . 51.71 -41.59 88.24
C2 BCR BS . 51.21 -41.17 89.62
C3 BCR BS . 50.95 -39.67 89.72
C4 BCR BS . 52.22 -38.92 89.37
C5 BCR BS . 52.83 -39.39 88.06
C6 BCR BS . 52.84 -40.69 87.77
C7 BCR BS . 53.97 -41.27 87.00
C8 BCR BS . 53.91 -41.55 85.70
C9 BCR BS . 54.99 -42.11 84.91
C10 BCR BS . 54.75 -42.60 83.56
C11 BCR BS . 54.55 -42.23 82.20
C33 BCR BS . 53.41 -38.37 87.12
C31 BCR BS . 50.60 -41.48 87.21
C32 BCR BS . 52.20 -43.03 88.35
C34 BCR BS . 56.36 -42.22 85.49
C12 BCR BS . 54.35 -41.95 81.05
C13 BCR BS . 54.67 -41.88 79.67
C14 BCR BS . 54.08 -40.93 78.89
C15 BCR BS . 54.37 -40.84 77.49
C16 BCR BS . 54.42 -40.18 76.32
C17 BCR BS . 54.83 -40.72 75.21
C18 BCR BS . 54.34 -40.48 73.97
C19 BCR BS . 54.87 -41.16 72.77
C20 BCR BS . 55.08 -41.17 71.46
C21 BCR BS . 55.48 -41.65 70.17
C22 BCR BS . 54.97 -41.32 68.97
C23 BCR BS . 55.48 -41.94 67.73
C24 BCR BS . 55.34 -41.38 66.34
C25 BCR BS . 55.88 -42.12 65.19
C26 BCR BS . 57.11 -41.92 64.72
C27 BCR BS . 57.82 -42.98 63.91
C28 BCR BS . 56.89 -43.64 62.91
C29 BCR BS . 55.41 -43.30 63.05
C30 BCR BS . 54.96 -43.11 64.50
C35 BCR BS . 55.64 -42.85 79.08
C36 BCR BS . 53.21 -39.51 73.83
C37 BCR BS . 53.81 -40.36 68.89
C38 BCR BS . 57.83 -40.65 64.96
C39 BCR BS . 54.88 -44.44 65.26
C40 BCR BS . 53.58 -42.47 64.44
C1 BCR CS . 30.52 -44.39 46.88
C2 BCR CS . 30.86 -45.07 45.57
C3 BCR CS . 30.19 -46.42 45.40
C4 BCR CS . 28.67 -46.27 45.46
C5 BCR CS . 28.26 -45.25 46.50
C6 BCR CS . 29.15 -44.80 47.38
C7 BCR CS . 28.77 -44.69 48.81
C8 BCR CS . 28.63 -45.75 49.60
C9 BCR CS . 28.28 -45.74 51.01
C10 BCR CS . 29.16 -46.32 52.00
C11 BCR CS . 29.39 -47.42 52.87
C33 BCR CS . 26.85 -44.75 46.53
C31 BCR CS . 30.51 -42.88 46.70
C32 BCR CS . 31.56 -44.78 47.92
C34 BCR CS . 26.99 -45.13 51.46
C12 BCR CS . 29.65 -48.36 53.59
C13 BCR CS . 29.71 -49.04 54.84
C14 BCR CS . 30.38 -50.22 54.93
C15 BCR CS . 30.53 -50.96 56.13
C16 BCR CS . 31.03 -52.00 56.84
C17 BCR CS . 30.82 -52.18 58.11
C18 BCR CS . 31.30 -53.18 58.89
C19 BCR CS . 30.95 -53.22 60.32
C20 BCR CS . 31.17 -53.57 61.58
C21 BCR CS . 30.88 -53.64 62.99
C22 BCR CS . 30.91 -54.72 63.78
C23 BCR CS . 30.53 -54.57 65.20
C24 BCR CS . 30.63 -55.62 66.27
C25 BCR CS . 30.19 -55.32 67.64
C26 BCR CS . 31.00 -54.72 68.50
C27 BCR CS . 30.45 -53.91 69.65
C28 BCR CS . 29.22 -54.56 70.29
C29 BCR CS . 28.71 -55.82 69.58
C30 BCR CS . 28.77 -55.72 68.06
C35 BCR CS . 29.08 -48.44 56.06
C36 BCR CS . 32.15 -54.26 58.28
C37 BCR CS . 31.27 -56.07 63.23
C38 BCR CS . 32.49 -54.81 68.40
C39 BCR CS . 27.73 -54.75 67.50
C40 BCR CS . 28.49 -57.12 67.54
C1 BCR DS . 50.96 -25.09 83.40
C2 BCR DS . 51.17 -25.56 84.82
C3 BCR DS . 49.87 -25.98 85.47
C4 BCR DS . 49.19 -27.09 84.69
C5 BCR DS . 49.61 -27.17 83.25
C6 BCR DS . 50.22 -26.16 82.62
C7 BCR DS . 50.19 -26.16 81.14
C8 BCR DS . 49.58 -25.24 80.40
C9 BCR DS . 49.56 -25.22 78.94
C10 BCR DS . 49.77 -24.00 78.22
C11 BCR DS . 49.24 -22.75 77.83
C33 BCR DS . 49.38 -28.44 82.48
C31 BCR DS . 52.30 -24.90 82.70
C32 BCR DS . 50.20 -23.77 83.45
C34 BCR DS . 49.28 -26.51 78.20
C12 BCR DS . 48.90 -21.65 77.43
C13 BCR DS . 48.00 -20.80 76.77
C14 BCR DS . 47.89 -19.49 77.12
C15 BCR DS . 46.95 -18.58 76.52
C16 BCR DS . 46.29 -17.40 76.54
C17 BCR DS . 45.46 -17.02 75.60
C18 BCR DS . 44.61 -15.96 75.64
C19 BCR DS . 43.70 -15.62 74.52
C20 BCR DS . 43.07 -14.67 73.82
C21 BCR DS . 42.28 -13.99 72.84
C22 BCR DS . 41.74 -12.75 72.94
C23 BCR DS . 40.95 -12.12 71.86
C24 BCR DS . 41.06 -12.41 70.39
C25 BCR DS . 40.22 -11.69 69.41
C26 BCR DS . 39.02 -12.14 69.03
C27 BCR DS . 38.55 -11.85 67.62
C28 BCR DS . 38.76 -10.37 67.33
C29 BCR DS . 40.24 -10.07 67.45
C30 BCR DS . 40.75 -10.36 68.85
C35 BCR DS . 47.25 -21.37 75.60
C36 BCR DS . 44.62 -15.08 76.86
C37 BCR DS . 41.98 -11.98 74.19
C38 BCR DS . 38.11 -12.93 69.91
C39 BCR DS . 40.31 -9.24 69.78
C40 BCR DS . 42.26 -10.41 68.75
C1 BCR ES . 49.21 -30.92 88.74
C2 BCR ES . 47.97 -31.64 89.26
C3 BCR ES . 48.26 -33.08 89.68
C4 BCR ES . 48.81 -33.84 88.49
C5 BCR ES . 50.05 -33.16 87.99
C6 BCR ES . 50.07 -31.82 87.88
C7 BCR ES . 51.01 -31.18 86.92
C8 BCR ES . 50.95 -31.21 85.60
C9 BCR ES . 51.88 -30.59 84.69
C10 BCR ES . 52.06 -31.10 83.35
C11 BCR ES . 51.71 -30.98 81.99
C33 BCR ES . 51.25 -34.02 87.67
C31 BCR ES . 50.08 -30.44 89.89
C32 BCR ES . 48.77 -29.74 87.91
C34 BCR ES . 52.64 -29.39 85.13
C12 BCR ES . 51.41 -30.91 80.82
C13 BCR ES . 51.27 -30.30 79.55
C14 BCR ES . 50.55 -30.94 78.58
C15 BCR ES . 50.39 -30.34 77.29
C16 BCR ES . 49.92 -30.32 76.04
C17 BCR ES . 50.10 -29.34 75.22
C18 BCR ES . 49.87 -29.33 73.89
C19 BCR ES . 50.11 -28.15 73.05
C20 BCR ES . 49.66 -27.41 72.04
C21 BCR ES . 49.49 -26.44 71.00
C22 BCR ES . 48.64 -26.53 69.95
C23 BCR ES . 48.49 -25.52 68.89
C24 BCR ES . 49.51 -24.49 68.50
C25 BCR ES . 49.19 -23.58 67.38
C26 BCR ES . 49.82 -23.81 66.22
C27 BCR ES . 49.88 -22.74 65.15
C28 BCR ES . 48.68 -21.81 65.23
C29 BCR ES . 48.51 -21.30 66.64
C30 BCR ES . 48.16 -22.46 67.56
C35 BCR ES . 51.87 -28.94 79.31
C36 BCR ES . 49.32 -30.58 73.25
C37 BCR ES . 47.78 -27.75 69.87
C38 BCR ES . 50.52 -25.10 65.94
C39 BCR ES . 46.77 -22.96 67.20
C40 BCR ES . 48.20 -21.95 68.99
C1A DGD FS . 15.58 -45.54 65.18
C2A DGD FS . 16.15 -45.50 63.78
C3A DGD FS . 15.30 -44.59 62.91
C4A DGD FS . 15.82 -44.57 61.48
C5A DGD FS . 17.23 -44.00 61.40
C6A DGD FS . 18.19 -44.96 60.72
C7A DGD FS . 17.60 -45.48 59.42
C8A DGD FS . 18.52 -46.51 58.75
C9A DGD FS . 17.70 -47.38 57.83
O1A DGD FS . 14.56 -46.16 65.43
C1B DGD FS . 20.04 -46.19 66.09
C2B DGD FS . 21.38 -45.49 65.95
C3B DGD FS . 21.60 -45.15 64.48
C4B DGD FS . 22.39 -43.85 64.36
C5B DGD FS . 21.54 -42.70 64.90
C6B DGD FS . 20.65 -42.14 63.81
C7B DGD FS . 19.89 -40.91 64.32
C8B DGD FS . 19.96 -39.78 63.31
C9B DGD FS . 19.27 -40.19 62.04
CAB DGD FS . 19.15 -39.32 61.03
CBB DGD FS . 19.71 -37.92 61.16
CCB DGD FS . 20.04 -37.38 59.79
CDB DGD FS . 20.88 -36.35 59.67
CEB DGD FS . 21.22 -35.81 58.31
CFB DGD FS . 20.06 -35.03 57.77
CGB DGD FS . 19.57 -34.01 58.47
O1B DGD FS . 19.84 -47.22 65.47
O1G DGD FS . 16.25 -44.80 66.24
C1G DGD FS . 16.75 -45.48 67.39
C2G DGD FS . 17.90 -46.40 66.99
O2G DGD FS . 19.10 -45.64 66.87
C3G DGD FS . 18.00 -47.51 68.05
O3G DGD FS . 16.75 -48.19 68.13
C1D DGD FS . 16.34 -48.44 69.47
C2D DGD FS . 14.92 -48.99 69.42
O2D DGD FS . 14.04 -47.96 68.94
C3D DGD FS . 14.47 -49.42 70.81
O3D DGD FS . 13.21 -50.11 70.71
C4D DGD FS . 15.48 -50.37 71.42
O4D DGD FS . 15.55 -51.56 70.63
C5D DGD FS . 16.85 -49.70 71.43
O5D DGD FS . 17.62 -50.73 73.45
C6D DGD FS . 17.88 -50.63 72.05
O6D DGD FS . 17.22 -49.38 70.09
C1E DGD FS . 17.61 -52.08 73.90
C2E DGD FS . 16.71 -52.16 75.12
O2E DGD FS . 15.38 -51.79 74.77
C3E DGD FS . 17.26 -51.19 76.17
O3E DGD FS . 16.48 -51.33 77.35
C4E DGD FS . 18.71 -51.50 76.49
O4E DGD FS . 18.77 -52.74 77.22
C5E DGD FS . 19.55 -51.61 75.23
O6E DGD FS . 18.93 -52.48 74.28
C6E DGD FS . 20.91 -52.21 75.56
O5E DGD FS . 21.39 -51.70 76.81
C1A DGD GS . 29.91 -22.33 81.68
C2A DGD GS . 29.90 -20.88 81.24
C3A DGD GS . 30.22 -20.78 79.75
C4A DGD GS . 28.96 -20.82 78.89
C5A DGD GS . 29.19 -21.60 77.60
C6A DGD GS . 29.84 -20.74 76.52
C7A DGD GS . 28.79 -20.15 75.60
C8A DGD GS . 29.41 -19.14 74.64
C9A DGD GS . 30.41 -19.82 73.75
CAA DGD GS . 31.23 -19.13 72.97
CBA DGD GS . 31.18 -17.61 72.96
CCA DGD GS . 32.27 -17.07 72.07
CDA DGD GS . 32.34 -15.75 71.83
CEA DGD GS . 33.44 -15.21 70.95
CFA DGD GS . 33.21 -13.74 70.73
CGA DGD GS . 32.08 -13.32 70.17
O1A DGD GS . 29.96 -23.20 80.85
C1B DGD GS . 31.18 -25.91 82.67
C2B DGD GS . 32.13 -25.74 81.51
C3B DGD GS . 31.42 -25.89 80.17
C4B DGD GS . 31.36 -27.32 79.67
C5B DGD GS . 30.19 -27.50 78.73
C6B DGD GS . 30.47 -26.90 77.35
C7B DGD GS . 31.07 -27.96 76.44
C8B DGD GS . 30.12 -29.14 76.25
C9B DGD GS . 28.93 -28.75 75.41
CAB DGD GS . 27.89 -29.58 75.33
CBB DGD GS . 26.70 -29.19 74.48
CCB DGD GS . 25.53 -30.08 74.81
CDB DGD GS . 24.31 -29.79 74.36
CEB DGD GS . 24.05 -28.56 73.51
CFB DGD GS . 23.59 -27.43 74.39
CGB DGD GS . 22.49 -27.58 75.13
O1B DGD GS . 30.39 -26.85 82.73
O1G DGD GS . 29.87 -22.72 83.08
C1G DGD GS . 29.12 -23.88 83.45
C2G DGD GS . 29.98 -24.79 84.32
O2G DGD GS . 31.23 -25.03 83.69
C3G DGD GS . 30.24 -24.12 85.66
O3G DGD GS . 29.06 -23.91 86.41
C1D DGD GS . 28.77 -25.01 87.27
C2D DGD GS . 28.40 -24.47 88.64
O2D DGD GS . 29.55 -23.83 89.23
C3D DGD GS . 27.93 -25.59 89.56
O3D DGD GS . 27.38 -25.02 90.75
C4D DGD GS . 26.85 -26.44 88.90
O4D DGD GS . 25.63 -25.71 88.82
C5D DGD GS . 27.27 -26.86 87.49
O5D DGD GS . 25.64 -28.69 87.44
C6D DGD GS . 26.09 -27.52 86.77
O6D DGD GS . 27.66 -25.72 86.72
C1E DGD GS . 26.54 -29.79 87.29
C2E DGD GS . 25.78 -31.01 86.79
O2E DGD GS . 25.13 -30.71 85.55
C3E DGD GS . 24.73 -31.45 87.81
O3E DGD GS . 24.25 -32.74 87.43
C4E DGD GS . 25.30 -31.51 89.21
O4E DGD GS . 26.16 -32.65 89.33
C5E DGD GS . 26.08 -30.25 89.55
O6E DGD GS . 27.10 -30.06 88.57
C6E DGD GS . 26.70 -30.34 90.94
O5E DGD GS . 25.64 -30.48 91.90
C1A DGD HS . 22.55 -16.50 82.08
C2A DGD HS . 21.46 -16.06 81.14
C3A DGD HS . 21.97 -14.91 80.27
C4A DGD HS . 22.78 -15.44 79.09
C5A DGD HS . 21.88 -16.28 78.19
C6A DGD HS . 22.52 -16.44 76.82
C7A DGD HS . 22.33 -15.21 75.96
C8A DGD HS . 22.82 -15.50 74.55
C9A DGD HS . 22.55 -14.32 73.64
CAA DGD HS . 21.33 -13.84 73.54
CBA DGD HS . 21.03 -12.67 72.64
CCA DGD HS . 21.18 -13.11 71.21
CDA DGD HS . 20.98 -12.27 70.20
O1A DGD HS . 23.19 -15.68 82.71
C1B DGD HS . 23.49 -21.88 82.72
C2B DGD HS . 24.60 -22.89 82.47
C3B DGD HS . 24.90 -23.03 80.98
C4B DGD HS . 24.95 -21.71 80.21
C5B DGD HS . 25.20 -21.94 78.72
C6B DGD HS . 24.46 -20.90 77.89
C7B DGD HS . 25.43 -19.99 77.13
C8B DGD HS . 24.71 -19.24 76.02
C9B DGD HS . 25.68 -18.42 75.20
CAB DGD HS . 25.32 -17.99 73.99
CBB DGD HS . 26.27 -17.18 73.14
CCB DGD HS . 26.32 -15.75 73.63
CDB DGD HS . 26.80 -14.77 72.87
CEB DGD HS . 27.31 -15.03 71.47
CFB DGD HS . 26.21 -14.86 70.45
CGB DGD HS . 26.45 -15.15 69.18
O1B DGD HS . 22.33 -22.26 82.76
O1G DGD HS . 22.85 -17.91 82.26
C1G DGD HS . 23.15 -18.36 83.57
C2G DGD HS . 22.88 -19.85 83.70
O2G DGD HS . 23.79 -20.59 82.90
C3G DGD HS . 23.03 -20.24 85.17
O3G DGD HS . 21.96 -19.63 85.87
C1D DGD HS . 21.83 -20.09 87.21
C2D DGD HS . 20.88 -19.15 87.93
O2D DGD HS . 21.53 -17.88 88.10
C3D DGD HS . 20.47 -19.68 89.29
O3D DGD HS . 19.36 -18.91 89.77
C4D DGD HS . 20.06 -21.14 89.22
O4D DGD HS . 18.84 -21.26 88.48
C5D DGD HS . 21.14 -21.95 88.52
O5D DGD HS . 20.14 -23.74 89.73
C6D DGD HS . 20.75 -23.42 88.48
O6D DGD HS . 21.32 -21.43 87.20
C1E DGD HS . 20.40 -25.07 90.16
C2E DGD HS . 19.38 -25.47 91.23
O2E DGD HS . 18.05 -25.37 90.71
C3E DGD HS . 19.52 -24.59 92.46
O3E DGD HS . 18.69 -25.09 93.50
C4E DGD HS . 20.96 -24.54 92.95
O4E DGD HS . 21.32 -25.79 93.56
C5E DGD HS . 21.92 -24.24 91.80
O6E DGD HS . 21.71 -25.15 90.72
C6E DGD HS . 23.37 -24.34 92.27
O5E DGD HS . 24.16 -24.87 91.20
C1 LMG IS . 31.50 -26.89 89.75
O1 LMG IS . 32.48 -26.33 88.88
C2 LMG IS . 31.03 -28.23 89.17
O2 LMG IS . 30.36 -27.99 87.93
C3 LMG IS . 30.07 -28.91 90.14
O3 LMG IS . 29.74 -30.21 89.65
C4 LMG IS . 30.71 -29.03 91.52
O4 LMG IS . 31.83 -29.91 91.45
C5 LMG IS . 31.17 -27.66 91.99
O5 LMG IS . 30.92 -28.18 94.33
C6 LMG IS . 31.86 -27.75 93.35
O6 LMG IS . 32.08 -27.10 91.04
C7 LMG IS . 32.79 -24.99 89.28
C8 LMG IS . 34.27 -24.72 89.06
C9 LMG IS . 34.61 -24.76 87.58
O7 LMG IS . 34.56 -23.42 89.60
C10 LMG IS . 35.85 -23.30 89.92
O9 LMG IS . 36.37 -24.12 90.65
C11 LMG IS . 36.65 -22.14 89.37
C12 LMG IS . 35.72 -21.21 88.60
C13 LMG IS . 36.49 -20.02 88.08
C14 LMG IS . 37.68 -20.45 87.22
C15 LMG IS . 37.24 -20.82 85.81
C16 LMG IS . 36.82 -19.56 85.05
C17 LMG IS . 36.92 -19.77 83.56
C18 LMG IS . 36.70 -18.44 82.86
C19 LMG IS . 36.91 -18.31 81.55
C20 LMG IS . 37.37 -19.48 80.70
C21 LMG IS . 37.12 -19.18 79.24
C22 LMG IS . 35.87 -19.01 78.81
C23 LMG IS . 35.60 -18.73 77.35
C24 LMG IS . 34.11 -18.75 77.10
C25 LMG IS . 33.65 -18.74 75.86
O8 LMG IS . 33.46 -24.39 86.81
C28 LMG IS . 33.52 -23.40 85.93
O10 LMG IS . 32.92 -22.37 86.17
C29 LMG IS . 34.29 -23.56 84.63
C30 LMG IS . 33.73 -22.61 83.57
C31 LMG IS . 34.41 -22.85 82.22
C32 LMG IS . 33.70 -22.11 81.08
C33 LMG IS . 34.19 -22.67 79.75
C34 LMG IS . 33.47 -22.09 78.54
C35 LMG IS . 33.71 -22.94 77.30
C36 LMG IS . 33.14 -22.27 76.06
C37 LMG IS . 32.93 -22.95 74.93
C38 LMG IS . 33.25 -24.42 74.83
C39 LMG IS . 32.55 -25.04 73.65
C40 LMG IS . 32.48 -26.37 73.56
C41 LMG IS . 31.79 -27.06 72.40
C42 LMG IS . 31.37 -28.45 72.86
C43 LMG IS . 30.56 -29.19 72.12
C1 LMG JS . 41.03 -56.39 39.59
O1 LMG JS . 40.46 -56.32 40.89
C2 LMG JS . 40.43 -55.33 38.68
O2 LMG JS . 39.01 -55.46 38.64
C3 LMG JS . 41.01 -55.50 37.28
O3 LMG JS . 40.54 -54.43 36.44
C4 LMG JS . 42.53 -55.47 37.30
O4 LMG JS . 42.99 -54.14 37.47
C5 LMG JS . 43.11 -56.35 38.42
O5 LMG JS . 45.09 -56.84 39.70
C6 LMG JS . 44.60 -56.07 38.60
O6 LMG JS . 42.44 -56.14 39.66
C7 LMG JS . 40.40 -57.61 41.50
C8 LMG JS . 39.46 -57.57 42.70
C9 LMG JS . 38.36 -56.55 42.43
O7 LMG JS . 38.86 -58.85 42.89
C10 LMG JS . 39.67 -59.72 43.53
O9 LMG JS . 40.16 -59.39 44.60
C11 LMG JS . 39.95 -61.08 42.95
C12 LMG JS . 38.83 -62.06 43.26
C13 LMG JS . 38.68 -62.35 44.75
C14 LMG JS . 38.04 -63.71 44.98
C15 LMG JS . 37.54 -63.89 46.41
C16 LMG JS . 37.83 -65.29 46.93
C17 LMG JS . 37.06 -65.58 48.22
C18 LMG JS . 37.57 -66.83 48.90
C19 LMG JS . 36.97 -68.01 48.73
C20 LMG JS . 35.74 -68.15 47.86
C21 LMG JS . 34.48 -68.37 48.67
C22 LMG JS . 33.31 -68.27 48.05
C23 LMG JS . 32.00 -68.48 48.76
C24 LMG JS . 31.76 -67.47 49.86
C25 LMG JS . 30.65 -67.57 50.58
C26 LMG JS . 30.34 -66.60 51.69
C27 LMG JS . 29.02 -66.98 52.34
O8 LMG JS . 37.73 -56.16 43.64
C28 LMG JS . 36.49 -56.53 43.92
O10 LMG JS . 35.58 -55.75 43.67
C29 LMG JS . 36.20 -57.89 44.51
C30 LMG JS . 37.00 -58.07 45.80
C31 LMG JS . 36.61 -59.38 46.47
C32 LMG JS . 37.36 -59.58 47.79
C33 LMG JS . 38.85 -59.82 47.56
C34 LMG JS . 39.48 -60.60 48.70
C35 LMG JS . 40.08 -61.90 48.18
C36 LMG JS . 41.00 -62.52 49.21
C37 LMG JS . 41.58 -63.69 48.94
C38 LMG JS . 42.51 -64.35 49.93
C39 LMG JS . 43.84 -63.63 49.93
C40 LMG JS . 44.82 -64.09 50.71
C41 LMG JS . 46.17 -63.41 50.75
C42 LMG JS . 47.06 -64.13 51.75
C43 LMG JS . 48.36 -63.87 51.82
C44 LMG JS . 49.00 -62.84 50.92
C45 LMG JS . 50.48 -63.15 50.78
CA1 DGA KS . 31.50 -53.35 42.25
CA2 DGA KS . 31.35 -52.70 43.66
CA3 DGA KS . 30.66 -53.69 44.65
CA4 DGA KS . 31.59 -54.90 44.93
CA5 DGA KS . 32.11 -54.83 46.40
CA6 DGA KS . 31.04 -55.47 47.35
CA7 DGA KS . 31.67 -56.66 48.11
CA8 DGA KS . 30.64 -57.82 48.16
CA9 DGA KS . 29.91 -57.82 49.55
CAA DGA KS . 28.38 -57.80 49.37
CBA DGA KS . 27.93 -58.95 48.44
CCA DGA KS . 27.08 -59.99 49.22
CDA DGA KS . 26.01 -59.27 50.09
CEA DGA KS . 24.68 -59.08 49.29
CFA DGA KS . 23.56 -58.55 50.26
CGA DGA KS . 22.19 -59.09 49.80
CHA DGA KS . 21.59 -59.97 50.91
CIA DGA KS . 20.89 -59.10 51.95
OA1 DGA KS . 30.57 -53.91 41.76
CB1 DGA KS . 33.57 -56.51 40.26
CB2 DGA KS . 32.76 -57.71 40.82
CB3 DGA KS . 32.17 -57.33 42.22
CB4 DGA KS . 30.77 -57.97 42.35
CB5 DGA KS . 30.91 -59.50 42.45
CB6 DGA KS . 29.79 -60.05 43.36
CB7 DGA KS . 28.56 -60.38 42.52
CB8 DGA KS . 27.98 -61.74 42.97
CB9 DGA KS . 27.35 -62.44 41.76
CAB DGA KS . 25.87 -62.74 42.05
CBB DGA KS . 24.98 -61.99 41.01
CCB DGA KS . 23.86 -62.93 40.49
CDB DGA KS . 24.13 -62.09 39.21
CEB DGA KS . 22.97 -62.26 38.16
CFB DGA KS . 21.57 -62.33 38.81
CGB DGA KS . 20.53 -62.32 37.66
CHB DGA KS . 19.22 -63.02 38.09
CIB DGA KS . 18.57 -63.67 36.84
OB1 DGA KS . 34.74 -56.44 40.46
OG1 DGA KS . 32.74 -53.27 41.56
CG1 DGA KS . 32.60 -53.23 40.14
CG2 DGA KS . 33.56 -54.25 39.54
OG2 DGA KS . 32.91 -55.50 39.48
CG3 DGA KS . 33.96 -53.84 38.14
OXT DGA KS . 35.37 -53.71 38.08
O1 LHG LS . 65.61 -44.73 54.98
C1 LHG LS . 65.08 -45.74 54.11
C2 LHG LS . 64.41 -46.83 54.95
O2 LHG LS . 64.59 -48.10 54.31
C3 LHG LS . 62.92 -46.53 55.06
O3 LHG LS . 62.51 -46.64 56.43
P LHG LS . 62.82 -45.45 57.47
O4 LHG LS . 64.19 -45.70 58.06
O5 LHG LS . 62.53 -44.12 56.82
O6 LHG LS . 61.73 -45.71 58.63
C4 LHG LS . 61.14 -44.61 59.32
C5 LHG LS . 60.62 -45.09 60.68
C6 LHG LS . 60.79 -43.96 61.69
O7 LHG LS . 59.24 -45.43 60.61
C7 LHG LS . 59.02 -46.75 60.55
O9 LHG LS . 59.66 -47.42 59.76
C8 LHG LS . 57.95 -47.42 61.40
C9 LHG LS . 58.24 -47.29 62.88
C10 LHG LS . 56.92 -47.20 63.66
O8 LHG LS . 61.87 -44.21 62.59
C23 LHG LS . 61.62 -44.66 63.81
O10 LHG LS . 60.79 -45.54 63.96
C24 LHG LS . 62.34 -44.09 65.01
C11 LHG LS . 57.13 -47.45 65.15
C12 LHG LS . 56.13 -48.48 65.66
C13 LHG LS . 56.04 -48.48 67.19
C14 LHG LS . 56.86 -49.62 67.77
C15 LHG LS . 57.00 -49.48 69.28
C16 LHG LS . 58.38 -48.94 69.63
C17 LHG LS . 58.89 -49.48 70.97
C18 LHG LS . 58.02 -49.04 72.13
C19 LHG LS . 58.00 -47.53 72.29
C20 LHG LS . 59.27 -47.03 72.97
C25 LHG LS . 62.13 -45.03 66.19
C26 LHG LS . 63.45 -45.58 66.69
C27 LHG LS . 63.90 -44.82 67.93
C28 LHG LS . 63.27 -45.42 69.18
C29 LHG LS . 62.65 -44.33 70.04
C30 LHG LS . 63.73 -43.42 70.62
C31 LHG LS . 63.48 -43.13 72.09
C32 LHG LS . 63.12 -41.67 72.31
C33 LHG LS . 61.62 -41.50 72.52
C34 LHG LS . 61.23 -40.03 72.45
C35 LHG LS . 59.80 -39.76 72.90
C36 LHG LS . 59.36 -40.71 74.03
C37 LHG LS . 59.73 -40.15 75.39
C38 LHG LS . 58.50 -39.66 76.12
O6 SQD MS . 57.03 -52.53 53.38
C44 SQD MS . 56.68 -53.64 54.18
C45 SQD MS . 57.08 -53.34 55.65
C46 SQD MS . 57.79 -51.99 55.79
O47 SQD MS . 55.85 -53.19 56.36
C7 SQD MS . 55.74 -53.90 57.53
O49 SQD MS . 56.69 -54.25 58.16
C8 SQD MS . 54.29 -54.17 57.85
C9 SQD MS . 54.12 -55.61 58.33
C10 SQD MS . 53.02 -55.78 59.39
C11 SQD MS . 53.59 -56.22 60.74
C12 SQD MS . 52.62 -57.15 61.48
C13 SQD MS . 52.51 -56.81 62.96
C14 SQD MS . 51.69 -57.85 63.75
C15 SQD MS . 51.07 -57.27 65.02
C16 SQD MS . 50.21 -58.30 65.77
C17 SQD MS . 49.30 -57.65 66.82
C18 SQD MS . 48.28 -58.64 67.36
C19 SQD MS . 47.47 -58.07 68.53
C20 SQD MS . 48.38 -57.46 69.61
C21 SQD MS . 47.58 -56.57 70.55
C22 SQD MS . 48.26 -55.22 70.77
O48 SQD MS . 58.50 -52.02 57.02
C23 SQD MS . 58.00 -51.27 58.04
O10 SQD MS . 57.27 -50.33 57.81
C24 SQD MS . 58.44 -51.76 59.39
C25 SQD MS . 57.49 -51.28 60.49
C26 SQD MS . 58.16 -51.27 61.86
C27 SQD MS . 57.15 -51.10 63.01
C28 SQD MS . 57.71 -51.62 64.34
C29 SQD MS . 56.66 -52.36 65.17
C30 SQD MS . 57.27 -53.44 66.07
C31 SQD MS . 56.29 -54.59 66.34
C32 SQD MS . 55.24 -54.21 67.39
C33 SQD MS . 55.74 -54.42 68.81
C34 SQD MS . 54.70 -53.99 69.85
C35 SQD MS . 54.40 -52.48 69.78
C36 SQD MS . 54.19 -51.88 71.18
C37 SQD MS . 53.81 -50.41 71.10
C38 SQD MS . 53.93 -49.71 72.46
C1 SQD MS . 56.06 -52.26 52.42
C2 SQD MS . 56.23 -50.76 52.03
O2 SQD MS . 55.89 -49.94 53.10
C3 SQD MS . 55.31 -50.47 50.81
O3 SQD MS . 55.71 -49.23 50.35
C4 SQD MS . 55.50 -51.53 49.69
O4 SQD MS . 54.53 -51.29 48.72
C5 SQD MS . 55.41 -52.96 50.29
C6 SQD MS . 55.73 -53.99 49.24
O5 SQD MS . 56.38 -53.05 51.30
S SQD MS . 54.48 -54.20 47.96
O7 SQD MS . 54.97 -53.35 46.91
O8 SQD MS . 54.55 -55.59 47.68
O9 SQD MS . 53.25 -53.74 48.52
C4 LMK NS . 46.21 -52.40 93.08
C5 LMK NS . 49.03 -52.60 94.72
C6 LMK NS . 49.00 -52.24 92.37
C7 LMK NS . 47.75 -49.55 89.89
C8 LMK NS . 47.26 -48.32 89.15
C10 LMK NS . 49.45 -47.48 88.70
C1 LMK NS . 46.51 -49.69 91.91
C11 LMK NS . 50.25 -46.79 87.61
C12 LMK NS . 50.74 -47.75 86.53
C2 LMK NS . 46.74 -49.96 93.40
C3 LMK NS . 47.14 -51.39 93.78
C9 LMK NS . 45.92 -48.62 88.49
O1 LMK NS . 47.75 -49.34 91.30
O2 LMK NS . 44.85 -52.02 93.33
O3 LMK NS . 46.35 -53.75 93.54
C13 LMK NS . 51.12 -47.01 85.25
C14 LMK NS . 51.98 -45.77 85.55
C15 LMK NS . 53.40 -45.94 85.05
C28 LMK NS . 45.58 -47.79 86.31
C29 LMK NS . 44.64 -46.89 85.52
C30 LMK NS . 44.63 -47.25 84.03
C31 LMK NS . 46.04 -47.25 83.46
C32 LMK NS . 46.07 -47.78 82.02
C33 LMK NS . 45.56 -46.72 81.04
C34 LMK NS . 46.65 -46.33 80.05
C46 LMK NS . 49.42 -50.46 93.90
N4 LMK NS . 48.62 -51.66 93.67
O10 LMK NS . 45.27 -49.17 86.05
O7 LMK NS . 48.22 -47.95 88.15
O8 LMK NS . 45.47 -47.52 87.70
O9 LMK NS . 49.18 -46.53 89.75
C16 LMK NS . 46.21 -45.14 79.22
C17 LMK NS . 47.34 -44.66 78.31
C18 LMK NS . 46.93 -43.38 77.59
C19 LMK NS . 48.04 -42.89 76.68
C20 LMK NS . 47.70 -41.50 76.13
C21 LMK NS . 48.83 -40.99 75.23
C27 LMK NS . 53.46 -45.85 83.52
C35 LMK NS . 54.90 -45.95 83.02
C36 LMK NS . 54.95 -45.88 81.49
C BCT OS . 24.94 -7.97 42.27
O1 BCT OS . 26.08 -7.86 41.82
O2 BCT OS . 23.82 -7.92 41.80
O3 BCT OS . 24.89 -8.17 43.70
MG CLA PS . 4.51 -14.72 65.62
CHA CLA PS . 4.28 -11.31 65.96
CHB CLA PS . 6.54 -14.37 62.88
CHC CLA PS . 4.68 -18.00 65.44
CHD CLA PS . 2.42 -15.05 68.45
NA CLA PS . 5.35 -13.02 64.53
C1A CLA PS . 5.14 -11.73 64.80
C2A CLA PS . 5.82 -10.83 63.80
C3A CLA PS . 6.47 -11.83 62.85
C4A CLA PS . 6.12 -13.15 63.44
CMA CLA PS . 6.12 -11.72 61.38
CAA CLA PS . 6.89 -9.97 64.44
CBA CLA PS . 6.97 -8.65 63.68
CGA CLA PS . 8.27 -7.94 63.98
O1A CLA PS . 8.82 -7.31 63.09
O2A CLA PS . 8.76 -7.98 65.20
NB CLA PS . 5.47 -15.99 64.36
C1B CLA PS . 6.26 -15.68 63.30
C2B CLA PS . 6.73 -16.87 62.67
C3B CLA PS . 6.21 -17.89 63.39
C4B CLA PS . 5.41 -17.33 64.47
CMB CLA PS . 7.62 -16.95 61.46
CAB CLA PS . 6.42 -19.35 63.12
CBB CLA PS . 7.11 -20.23 64.13
NC CLA PS . 3.79 -16.27 66.86
C1C CLA PS . 3.89 -17.53 66.52
C2C CLA PS . 3.06 -18.40 67.37
C3C CLA PS . 2.44 -17.57 68.27
C4C CLA PS . 2.92 -16.24 67.93
CMC CLA PS . 2.95 -19.89 67.22
CAC CLA PS . 1.49 -17.94 69.38
CBC CLA PS . 0.04 -17.54 69.14
ND CLA PS . 3.54 -13.58 66.91
C1D CLA PS . 2.77 -13.77 68.01
C2D CLA PS . 2.37 -12.52 68.63
C3D CLA PS . 2.97 -11.57 67.82
C4D CLA PS . 3.67 -12.21 66.80
CMD CLA PS . 1.54 -12.18 69.84
CAD CLA PS . 3.12 -10.14 67.66
OBD CLA PS . 2.41 -9.31 68.19
CBD CLA PS . 3.85 -9.93 66.37
CGD CLA PS . 2.87 -9.52 65.34
O1D CLA PS . 1.74 -9.99 65.34
O2D CLA PS . 3.23 -8.67 64.39
CED CLA PS . 2.39 -7.52 64.24
C1 CLA PS . 9.63 -6.90 65.67
C2 CLA PS . 9.17 -5.50 65.95
C3 CLA PS . 9.61 -4.45 65.24
C4 CLA PS . 10.59 -4.66 64.11
C5 CLA PS . 9.15 -3.03 65.53
C6 CLA PS . 10.15 -1.99 65.02
C7 CLA PS . 11.24 -1.66 66.04
C8 CLA PS . 12.58 -1.28 65.41
C9 CLA PS . 12.67 -1.53 63.91
C10 CLA PS . 13.71 -2.02 66.14
C11 CLA PS . 14.72 -1.06 66.76
C12 CLA PS . 15.94 -1.81 67.31
C13 CLA PS . 16.89 -0.88 68.03
C14 CLA PS . 18.31 -0.96 67.45
C15 CLA PS . 16.90 -1.21 69.53
C16 CLA PS . 17.65 -2.49 69.84
C17 CLA PS . 17.77 -2.70 71.35
C18 CLA PS . 19.23 -2.80 71.78
C19 CLA PS . 19.61 -1.63 72.68
C20 CLA PS . 19.52 -4.13 72.46
MG CLA QS . 10.76 14.67 76.06
CHA CLA QS . 8.16 13.51 78.01
CHB CLA QS . 8.77 14.48 73.24
CHC CLA QS . 13.26 15.90 74.30
CHD CLA QS . 12.77 14.87 78.95
NA CLA QS . 8.68 14.07 75.64
C1A CLA QS . 7.80 13.64 76.55
C2A CLA QS . 6.47 13.30 75.92
C3A CLA QS . 6.71 13.59 74.44
C4A CLA QS . 8.13 14.09 74.41
CMA CLA QS . 6.29 12.57 73.41
CAA CLA QS . 5.38 14.26 76.39
CBA CLA QS . 5.91 15.68 76.56
CGA CLA QS . 4.76 16.66 76.62
O1A CLA QS . 3.63 16.23 76.51
O2A CLA QS . 4.98 17.95 76.78
NB CLA QS . 10.98 15.13 74.09
C1B CLA QS . 10.09 14.95 73.07
C2B CLA QS . 10.67 15.33 71.82
C3B CLA QS . 11.94 15.73 72.13
C4B CLA QS . 12.12 15.60 73.57
CMB CLA QS . 10.01 15.29 70.46
CAB CLA QS . 12.99 16.22 71.20
CBB CLA QS . 13.54 15.30 70.15
NC CLA QS . 12.69 15.35 76.56
C1C CLA QS . 13.57 15.77 75.67
C2C CLA QS . 14.90 16.07 76.26
C3C CLA QS . 14.73 15.81 77.60
C4C CLA QS . 13.35 15.35 77.77
CMC CLA QS . 16.12 16.58 75.55
CAC CLA QS . 15.78 15.94 78.67
CBC CLA QS . 15.60 17.24 79.41
ND CLA QS . 10.61 14.33 78.00
C1D CLA QS . 11.44 14.41 79.07
C2D CLA QS . 10.80 13.93 80.29
C3D CLA QS . 9.52 13.59 79.86
C4D CLA QS . 9.42 13.84 78.50
CMD CLA QS . 11.24 13.78 81.72
CAD CLA QS . 8.26 13.06 80.34
OBD CLA QS . 8.12 12.43 81.38
CBD CLA QS . 7.32 13.00 79.17
CGD CLA QS . 6.92 11.58 78.92
O1D CLA QS . 7.73 10.75 78.57
O2D CLA QS . 5.64 11.21 79.05
CED CLA QS . 5.43 9.99 79.78
C1 CLA QS . 4.72 18.85 75.66
C2 CLA QS . 5.63 20.01 75.34
C3 CLA QS . 5.44 20.73 74.22
C4 CLA QS . 4.35 20.40 73.25
C5 CLA QS . 6.32 21.89 73.86
C6 CLA QS . 5.42 23.12 73.76
C7 CLA QS . 6.23 24.37 73.45
C8 CLA QS . 5.44 25.30 72.56
C9 CLA QS . 5.94 25.18 71.12
C10 CLA QS . 5.59 26.72 73.08
C11 CLA QS . 4.37 27.13 73.91
C12 CLA QS . 4.70 27.25 75.39
C13 CLA QS . 5.16 28.66 75.75
C14 CLA QS . 6.61 28.65 76.20
C15 CLA QS . 4.24 29.23 76.83
C16 CLA QS . 4.59 30.68 77.15
C17 CLA QS . 4.25 31.60 75.99
C18 CLA QS . 3.69 32.93 76.48
C19 CLA QS . 4.79 33.96 76.61
C20 CLA QS . 2.59 33.42 75.56
C1 BCR RS . 16.08 10.66 81.48
C2 BCR RS . 14.66 11.10 81.81
C3 BCR RS . 13.97 10.17 82.80
C4 BCR RS . 13.91 8.78 82.20
C5 BCR RS . 15.27 8.30 81.74
C6 BCR RS . 16.10 9.17 81.15
C7 BCR RS . 17.07 8.67 80.12
C8 BCR RS . 18.34 8.37 80.40
C9 BCR RS . 19.32 7.89 79.45
C10 BCR RS . 20.54 7.23 79.91
C11 BCR RS . 21.27 6.03 79.79
C33 BCR RS . 15.63 6.87 81.99
C31 BCR RS . 16.98 10.90 82.67
C32 BCR RS . 16.56 11.45 80.28
C34 BCR RS . 19.10 8.06 77.98
C12 BCR RS . 21.93 5.00 79.78
C13 BCR RS . 22.50 3.86 79.12
C14 BCR RS . 22.91 2.82 79.88
C15 BCR RS . 23.50 1.63 79.31
C16 BCR RS . 23.72 0.30 79.37
C17 BCR RS . 24.43 -0.35 78.49
C18 BCR RS . 24.65 -1.68 78.46
C19 BCR RS . 25.46 -2.41 77.47
C20 BCR RS . 25.89 -3.64 77.17
C21 BCR RS . 26.48 -4.79 76.56
C22 BCR RS . 27.25 -5.72 77.16
C23 BCR RS . 27.76 -6.86 76.37
C24 BCR RS . 29.05 -6.90 75.60
C25 BCR RS . 29.49 -8.09 74.84
C26 BCR RS . 30.66 -8.65 75.19
C27 BCR RS . 30.93 -10.11 74.91
C28 BCR RS . 30.43 -10.53 73.52
C29 BCR RS . 29.63 -9.46 72.78
C30 BCR RS . 28.68 -8.66 73.67
C35 BCR RS . 22.66 3.86 77.63
C36 BCR RS . 24.00 -2.52 79.50
C37 BCR RS . 27.56 -5.60 78.62
C38 BCR RS . 31.74 -7.87 75.87
C39 BCR RS . 27.50 -9.52 74.13
C40 BCR RS . 28.16 -7.49 72.84
C2 PL9 SS . 18.05 -17.19 43.84
C3 PL9 SS . 16.97 -17.78 43.23
C4 PL9 SS . 16.74 -17.56 41.81
C5 PL9 SS . 17.67 -16.71 41.10
C6 PL9 SS . 18.74 -16.14 41.73
C1 PL9 SS . 18.96 -16.36 43.12
C7 PL9 SS . 16.09 -18.63 44.07
C8 PL9 SS . 14.64 -18.30 44.15
C9 PL9 SS . 13.69 -19.23 43.96
C10 PL9 SS . 13.95 -20.55 43.37
C11 PL9 SS . 12.35 -19.03 44.59
C12 PL9 SS . 12.47 -19.21 46.11
C13 PL9 SS . 11.19 -18.70 46.68
C14 PL9 SS . 10.18 -19.49 47.04
C15 PL9 SS . 10.28 -20.96 46.98
C16 PL9 SS . 9.03 -19.00 47.82
C17 PL9 SS . 8.97 -17.49 48.01
C18 PL9 SS . 8.21 -17.16 49.26
C19 PL9 SS . 6.89 -16.96 49.35
C20 PL9 SS . 6.07 -16.73 48.14
C21 PL9 SS . 6.27 -16.80 50.71
C22 PL9 SS . 5.05 -15.84 50.71
C23 PL9 SS . 5.21 -14.84 51.82
C24 PL9 SS . 4.64 -13.63 51.74
C25 PL9 SS . 4.68 -12.80 50.51
C26 PL9 SS . 3.59 -13.29 52.72
C27 PL9 SS . 2.21 -13.28 52.04
C28 PL9 SS . 1.83 -14.67 51.72
C29 PL9 SS . 1.20 -15.00 50.59
C30 PL9 SS . 0.71 -13.97 49.65
C31 PL9 SS . 0.69 -16.38 50.34
C32 PL9 SS . 1.16 -17.41 51.39
C33 PL9 SS . -0.01 -18.32 51.65
C34 PL9 SS . 0.08 -19.38 52.46
C35 PL9 SS . 1.30 -19.76 53.14
C36 PL9 SS . -1.04 -20.37 52.47
C37 PL9 SS . -0.53 -21.69 51.87
C38 PL9 SS . -1.54 -22.75 52.22
C39 PL9 SS . -1.92 -23.69 51.36
C40 PL9 SS . -2.18 -23.36 49.96
C41 PL9 SS . -1.65 -25.10 51.73
C42 PL9 SS . -2.69 -25.54 52.75
C43 PL9 SS . -3.06 -26.96 52.46
C44 PL9 SS . -2.65 -27.99 53.19
C45 PL9 SS . -1.86 -27.80 54.44
C46 PL9 SS . -3.17 -29.36 52.99
C47 PL9 SS . -2.46 -30.12 51.86
C48 PL9 SS . -3.34 -31.28 51.52
C49 PL9 SS . -3.43 -31.81 50.31
C50 PL9 SS . -4.01 -33.16 50.20
C51 PL9 SS . -3.26 -31.07 49.04
C52 PL9 SS . 17.44 -16.50 39.68
C53 PL9 SS . 19.71 -15.30 41.05
O1 PL9 SS . 15.77 -18.09 41.28
O2 PL9 SS . 19.91 -15.87 43.75
O1 LHG TS . 7.03 -4.19 40.57
C1 LHG TS . 8.43 -3.99 40.45
C2 LHG TS . 8.75 -2.51 40.40
O2 LHG TS . 9.20 -2.07 41.69
C3 LHG TS . 7.50 -1.73 40.01
O3 LHG TS . 6.64 -1.70 41.14
P LHG TS . 6.34 -0.31 41.91
O4 LHG TS . 7.61 0.50 41.91
O5 LHG TS . 5.06 0.28 41.36
O6 LHG TS . 6.07 -0.83 43.41
C4 LHG TS . 4.77 -0.86 43.97
C5 LHG TS . 4.76 -2.05 44.93
C6 LHG TS . 5.43 -1.67 46.23
O7 LHG TS . 3.44 -2.55 45.17
C7 LHG TS . 3.02 -3.37 44.20
O9 LHG TS . 3.80 -4.19 43.75
C8 LHG TS . 1.62 -3.29 43.67
C9 LHG TS . 0.63 -3.48 44.82
C10 LHG TS . -0.28 -4.69 44.60
O8 LHG TS . 5.21 -2.68 47.21
C23 LHG TS . 4.41 -2.45 48.24
O10 LHG TS . 3.47 -1.67 48.11
C24 LHG TS . 4.68 -3.15 49.56
C11 LHG TS . -0.37 -5.49 45.90
C12 LHG TS . -1.16 -6.79 45.71
C13 LHG TS . -0.62 -7.87 46.65
C14 LHG TS . -1.73 -8.56 47.43
C15 LHG TS . -1.15 -9.51 48.47
C16 LHG TS . -1.72 -9.22 49.85
C17 LHG TS . -3.21 -9.57 49.91
C25 LHG TS . 3.63 -4.20 49.84
C26 LHG TS . 3.36 -4.32 51.33
C27 LHG TS . 2.27 -3.36 51.77
C28 LHG TS . 0.94 -4.10 51.95
C29 LHG TS . -0.15 -3.52 51.05
C30 LHG TS . -1.51 -4.08 51.45
C31 LHG TS . -2.06 -5.04 50.39
C32 LHG TS . -3.23 -4.43 49.66
C33 LHG TS . -2.90 -4.20 48.19
C34 LHG TS . -3.62 -2.98 47.63
C35 LHG TS . -3.52 -2.93 46.11
C36 LHG TS . -2.75 -1.70 45.65
C37 LHG TS . -3.42 -1.07 44.44
C38 LHG TS . -2.42 -0.35 43.57
O1 LHG US . 8.57 -9.02 36.94
C1 LHG US . 8.78 -9.01 35.52
C2 LHG US . 9.15 -10.42 35.04
O2 LHG US . 7.96 -11.11 34.65
C3 LHG US . 9.84 -11.20 36.15
O3 LHG US . 9.18 -12.46 36.34
P LHG US . 9.93 -13.84 35.99
O4 LHG US . 9.84 -14.09 34.51
O5 LHG US . 11.27 -13.84 36.69
O6 LHG US . 9.01 -14.94 36.72
C4 LHG US . 9.45 -16.29 36.79
C5 LHG US . 8.89 -16.97 38.03
C6 LHG US . 7.95 -18.07 37.58
O7 LHG US . 9.94 -17.53 38.81
C7 LHG US . 9.97 -16.98 40.03
O9 LHG US . 9.98 -15.76 40.12
C8 LHG US . 10.00 -17.84 41.27
C9 LHG US . 8.57 -18.17 41.69
C10 LHG US . 8.14 -17.33 42.90
O8 LHG US . 6.61 -17.76 37.95
C23 LHG US . 6.00 -18.54 38.84
O10 LHG US . 6.50 -19.62 39.11
C24 LHG US . 4.72 -18.08 39.52
C11 LHG US . 8.34 -18.07 44.22
C12 LHG US . 7.77 -19.49 44.16
C13 LHG US . 6.26 -19.49 44.32
C14 LHG US . 5.83 -20.38 45.48
C15 LHG US . 4.34 -20.70 45.44
C16 LHG US . 4.04 -22.09 45.98
C17 LHG US . 2.53 -22.29 46.14
C18 LHG US . 2.19 -23.60 46.85
C19 LHG US . 0.72 -23.98 46.63
C20 LHG US . 0.53 -25.48 46.85
C21 LHG US . -0.88 -25.91 46.45
C22 LHG US . -0.90 -27.37 46.04
C25 LHG US . 3.83 -19.29 39.76
C26 LHG US . 4.00 -19.86 41.17
C27 LHG US . 3.75 -21.36 41.18
C28 LHG US . 5.06 -22.14 41.12
C29 LHG US . 5.49 -22.60 42.51
C30 LHG US . 6.74 -23.47 42.44
C31 LHG US . 6.52 -24.77 43.20
C32 LHG US . 7.47 -25.86 42.71
C33 LHG US . 6.80 -27.22 42.76
C34 LHG US . 7.77 -28.32 43.19
C35 LHG US . 8.60 -28.83 42.02
C36 LHG US . 10.02 -29.17 42.49
C37 LHG US . 10.17 -30.67 42.72
C38 LHG US . 10.93 -31.33 41.59
O1 LHG VS . 38.40 -18.72 50.31
C1 LHG VS . 38.88 -19.87 49.60
C2 LHG VS . 37.87 -21.01 49.63
O2 LHG VS . 37.42 -21.29 48.29
C3 LHG VS . 36.67 -20.67 50.50
O3 LHG VS . 36.24 -19.32 50.34
P LHG VS . 35.33 -18.90 49.07
O4 LHG VS . 36.12 -17.88 48.29
O5 LHG VS . 34.83 -20.15 48.39
O6 LHG VS . 34.09 -18.16 49.78
C4 LHG VS . 32.76 -18.52 49.43
C5 LHG VS . 31.83 -18.22 50.60
C6 LHG VS . 30.40 -18.06 50.10
O7 LHG VS . 31.88 -19.22 51.61
C7 LHG VS . 32.48 -18.79 52.73
O9 LHG VS . 32.51 -17.60 52.96
C8 LHG VS . 33.12 -19.78 53.67
C9 LHG VS . 34.02 -19.03 54.66
C10 LHG VS . 33.42 -18.94 56.07
O8 LHG VS . 29.48 -18.82 50.90
C23 LHG VS . 28.50 -19.49 50.33
O10 LHG VS . 28.69 -20.10 49.29
C24 LHG VS . 27.11 -19.46 50.93
C11 LHG VS . 34.50 -19.16 57.11
C12 LHG VS . 33.95 -19.75 58.40
C13 LHG VS . 32.71 -19.02 58.88
C25 LHG VS . 26.52 -20.87 50.99
C26 LHG VS . 25.89 -21.16 52.35
C27 LHG VS . 26.90 -21.06 53.47
C28 LHG VS . 26.50 -21.95 54.63
C29 LHG VS . 27.28 -21.62 55.90
C30 LHG VS . 28.74 -22.02 55.76
C31 LHG VS . 29.48 -21.96 57.08
C32 LHG VS . 28.76 -22.71 58.20
C33 LHG VS . 29.15 -22.18 59.56
C34 LHG VS . 29.29 -23.30 60.58
C35 LHG VS . 29.96 -22.80 61.85
C36 LHG VS . 29.54 -23.62 63.07
C37 LHG VS . 29.63 -22.79 64.35
C1 LMG WS . 23.64 -11.58 85.99
O1 LMG WS . 24.73 -11.60 85.07
C2 LMG WS . 23.08 -12.97 86.16
O2 LMG WS . 22.74 -13.53 84.87
C3 LMG WS . 21.84 -12.90 87.04
O3 LMG WS . 21.33 -14.22 87.26
C4 LMG WS . 22.19 -12.28 88.39
O4 LMG WS . 22.93 -13.24 89.16
C5 LMG WS . 23.01 -11.01 88.23
O5 LMG WS . 22.61 -10.66 90.57
C6 LMG WS . 23.62 -10.64 89.57
O6 LMG WS . 24.08 -11.15 87.29
C7 LMG WS . 24.98 -10.33 84.48
C8 LMG WS . 24.59 -10.34 83.00
C9 LMG WS . 24.89 -8.99 82.35
O7 LMG WS . 25.31 -11.36 82.32
C10 LMG WS . 24.60 -12.48 82.10
O9 LMG WS . 23.45 -12.58 82.53
C11 LMG WS . 25.20 -13.61 81.30
C12 LMG WS . 25.69 -13.10 79.95
C13 LMG WS . 24.63 -12.29 79.23
C14 LMG WS . 24.87 -12.31 77.72
C15 LMG WS . 23.82 -11.49 76.96
C16 LMG WS . 24.09 -10.00 77.09
C17 LMG WS . 23.25 -9.22 76.09
C18 LMG WS . 23.56 -9.70 74.70
C19 LMG WS . 22.92 -9.23 73.64
C20 LMG WS . 21.83 -8.17 73.78
C21 LMG WS . 20.69 -8.50 72.86
C22 LMG WS . 20.61 -8.03 71.61
C23 LMG WS . 21.67 -7.12 71.04
C24 LMG WS . 21.43 -6.96 69.57
C25 LMG WS . 21.46 -8.03 68.77
O8 LMG WS . 24.03 -8.78 81.23
C28 LMG WS . 24.15 -7.69 80.46
O10 LMG WS . 25.18 -7.04 80.48
C29 LMG WS . 23.02 -7.26 79.54
C30 LMG WS . 23.49 -6.14 78.60
C31 LMG WS . 22.30 -5.37 78.02
C32 LMG WS . 22.04 -5.69 76.55
C33 LMG WS . 22.99 -5.00 75.57
C34 LMG WS . 22.72 -3.50 75.45
C35 LMG WS . 22.90 -2.98 74.02
C36 LMG WS . 24.19 -3.50 73.44
C37 LMG WS . 25.36 -2.97 73.79
C38 LMG WS . 26.64 -3.51 73.19
CHA HEM XS . 38.64 10.40 72.57
CHB HEM XS . 37.97 12.51 76.87
CHC HEM XS . 35.60 8.56 78.38
CHD HEM XS . 36.25 6.48 74.06
C1A HEM XS . 38.72 11.29 73.60
C2A HEM XS . 39.49 12.52 73.62
C3A HEM XS . 39.31 13.10 74.81
C4A HEM XS . 38.41 12.26 75.58
CMA HEM XS . 39.93 14.43 75.26
CAA HEM XS . 40.37 13.04 72.47
CBA HEM XS . 41.64 12.20 72.35
CGA HEM XS . 42.47 12.65 71.18
O1A HEM XS . 42.11 13.69 70.55
O2A HEM XS . 43.49 11.99 70.88
C1B HEM XS . 37.28 11.62 77.67
C2B HEM XS . 36.93 11.83 79.06
C3B HEM XS . 36.27 10.72 79.47
C4B HEM XS . 36.20 9.80 78.35
CMB HEM XS . 37.29 13.11 79.82
CAB HEM XS . 35.65 10.35 80.85
CBB HEM XS . 35.70 11.06 81.99
C1C HEM XS . 35.66 7.62 77.38
C2C HEM XS . 35.35 6.22 77.50
C3C HEM XS . 35.52 5.64 76.29
C4C HEM XS . 35.96 6.67 75.39
CMC HEM XS . 34.89 5.59 78.84
CAC HEM XS . 35.37 4.18 75.80
CBC HEM XS . 35.30 3.09 76.55
C1D HEM XS . 36.82 7.42 73.24
C2D HEM XS . 36.82 7.41 71.80
C3D HEM XS . 37.48 8.48 71.40
C4D HEM XS . 37.92 9.22 72.56
CMD HEM XS . 36.18 6.33 70.90
CAD HEM XS . 37.73 8.88 69.93
CBD HEM XS . 36.87 10.08 69.57
CGD HEM XS . 37.72 11.14 68.92
O1D HEM XS . 38.97 10.95 68.87
O2D HEM XS . 37.16 12.16 68.46
NA HEM XS . 38.07 11.17 74.83
NB HEM XS . 36.83 10.37 77.27
NC HEM XS . 36.03 7.87 76.07
ND HEM XS . 37.51 8.54 73.68
FE HEM XS . 37.15 9.46 75.48
C1 RRX YS . -7.70 29.68 81.90
C2 RRX YS . -7.92 29.76 83.54
O2 RRX YS . -0.97 22.36 56.71
C3 RRX YS . -9.15 29.30 83.91
C40 RRX YS . -4.46 22.75 60.03
C30 RRX YS . -2.94 22.94 59.85
C39 RRX YS . -2.24 22.00 60.87
C29 RRX YS . -2.56 22.42 58.33
C28 RRX YS . -1.33 22.92 57.97
C27 RRX YS . -1.40 24.55 57.79
C26 RRX YS . -1.98 25.22 58.92
C38 RRX YS . -1.33 26.53 59.35
C25 RRX YS . -2.59 24.33 60.12
C24 RRX YS . -1.88 24.68 61.47
C23 RRX YS . -2.42 25.25 62.58
C22 RRX YS . -3.85 25.69 62.96
C37 RRX YS . -5.07 25.70 62.04
C21 RRX YS . -3.97 26.10 64.25
C20 RRX YS . -5.28 26.59 64.95
C19 RRX YS . -5.14 26.56 66.30
C18 RRX YS . -6.19 26.98 67.38
C36 RRX YS . -7.49 27.72 67.03
C17 RRX YS . -5.86 26.67 68.66
C16 RRX YS . -6.70 26.99 69.90
C15 RRX YS . -6.00 27.00 71.06
C14 RRX YS . -6.62 27.30 72.45
C13 RRX YS . -5.83 27.09 73.54
C35 RRX YS . -4.38 26.57 73.36
C12 RRX YS . -6.38 27.38 74.96
C11 RRX YS . -5.59 27.15 76.04
C10 RRX YS . -6.13 27.44 77.45
C9 RRX YS . -5.92 26.56 78.45
C34 RRX YS . -5.16 25.29 78.22
C8 RRX YS . -6.48 26.90 79.86
C7 RRX YS . -7.35 27.95 80.00
C6 RRX YS . -7.94 28.35 81.38
C32 RRX YS . -8.71 30.70 81.23
C31 RRX YS . -6.25 30.12 81.55
C5 RRX YS . -9.13 27.51 82.03
C33 RRX YS . -9.64 26.22 81.37
C4 RRX YS . -9.41 27.73 83.43
C1 LMG ZS . -9.30 5.99 78.26
O1 LMG ZS . -8.49 7.15 78.02
C2 LMG ZS . -9.10 5.48 79.69
O2 LMG ZS . -7.72 5.22 79.93
C3 LMG ZS . -9.90 4.20 79.85
O3 LMG ZS . -9.78 3.70 81.18
C4 LMG ZS . -11.38 4.44 79.52
O4 LMG ZS . -11.99 5.25 80.53
C5 LMG ZS . -11.54 5.13 78.17
O5 LMG ZS . -13.86 4.46 78.25
C6 LMG ZS . -12.98 5.56 77.98
O6 LMG ZS . -10.69 6.29 78.08
C7 LMG ZS . -8.84 7.78 76.79
C8 LMG ZS . -7.61 8.12 75.95
C9 LMG ZS . -6.75 6.87 75.77
O7 LMG ZS . -8.09 8.63 74.70
C10 LMG ZS . -7.29 9.55 74.15
O9 LMG ZS . -6.77 10.39 74.86
C11 LMG ZS . -7.07 9.55 72.66
C12 LMG ZS . -8.27 8.93 71.96
C13 LMG ZS . -8.40 9.44 70.53
C14 LMG ZS . -7.08 9.31 69.77
C15 LMG ZS . -6.88 7.91 69.20
C16 LMG ZS . -5.78 7.16 69.94
C17 LMG ZS . -5.38 5.91 69.16
C18 LMG ZS . -6.58 5.03 68.91
C19 LMG ZS . -7.09 4.28 69.89
C20 LMG ZS . -8.30 3.41 69.61
C21 LMG ZS . -8.40 2.33 70.66
C22 LMG ZS . -9.32 1.37 70.54
O8 LMG ZS . -5.86 6.95 74.65
C28 LMG ZS . -4.66 7.49 74.77
O10 LMG ZS . -4.30 7.90 75.87
C29 LMG ZS . -3.74 7.58 73.58
C30 LMG ZS . -2.37 8.10 74.03
C31 LMG ZS . -1.25 7.33 73.35
C32 LMG ZS . -1.12 7.69 71.88
C33 LMG ZS . 0.17 8.46 71.60
C34 LMG ZS . 0.53 8.38 70.12
C35 LMG ZS . 1.77 9.19 69.76
C36 LMG ZS . 1.89 9.22 68.24
C37 LMG ZS . 2.06 8.10 67.56
C38 LMG ZS . 2.17 8.12 66.05
C39 LMG ZS . 2.73 6.80 65.58
C40 LMG ZS . 2.57 6.40 64.31
C41 LMG ZS . 1.84 7.24 63.30
C42 LMG ZS . 1.93 6.59 61.94
C43 LMG ZS . 1.58 5.32 61.78
C1 GOL AT . -2.34 -63.17 44.54
O1 GOL AT . -1.05 -63.68 44.75
C2 GOL AT . -2.81 -62.45 45.80
O2 GOL AT . -2.06 -61.27 45.98
C3 GOL AT . -4.29 -62.10 45.68
O3 GOL AT . -4.76 -61.59 46.89
C10 4RF BT . 2.83 -52.15 40.37
C13 4RF BT . -0.75 -51.47 41.65
C15 4RF BT . -2.55 -51.70 43.42
C20 4RF BT . -0.15 -55.55 44.35
C22 4RF BT . -1.49 -57.07 45.58
C24 4RF BT . -2.78 -56.69 46.36
C26 4RF BT . -4.13 -58.44 47.61
C28 4RF BT . -6.13 -58.71 46.07
C01 4RF BT . 9.97 -59.30 35.57
C02 4RF BT . 9.44 -57.91 35.97
C03 4RF BT . 8.06 -57.97 36.62
C04 4RF BT . 7.72 -56.69 37.36
C05 4RF BT . 6.24 -56.58 37.68
C06 4RF BT . 5.76 -55.14 37.79
C07 4RF BT . 4.57 -55.00 38.71
C08 4RF BT . 3.84 -53.66 38.53
C09 4RF BT . 2.67 -53.45 39.54
C11 4RF BT . 1.73 -51.97 41.45
C12 4RF BT . 0.32 -52.34 40.95
C14 4RF BT . -1.96 -52.25 42.12
C16 4RF BT . -2.71 -52.82 44.49
O17 4RF BT . -3.36 -52.62 45.47
O18 4RF BT . -2.06 -54.08 44.31
C19 4RF BT . -0.72 -54.18 44.84
O21 4RF BT . -1.22 -56.47 44.32
O23 4RF BT . -0.72 -57.85 46.04
C25 4RF BT . -2.96 -57.44 47.68
C27 4RF BT . -5.42 -57.79 47.08
C29 4RF BT . -5.71 -58.42 44.62
C30 4RF BT . -5.75 -56.90 44.28
C31 4RF BT . -5.14 -56.58 42.88
C32 4RF BT . -5.78 -55.28 42.27
C33 4RF BT . -5.05 -54.79 41.00
C34 4RF BT . -5.76 -53.56 40.39
C35 4RF BT . -4.77 -52.54 39.77
C36 4RF BT . -3.62 -53.20 39.06
C37 4RF BT . -2.65 -52.20 38.48
C38 4RF BT . -1.52 -52.88 37.75
C39 4RF BT . 0.47 -55.41 42.93
O40 4RF BT . 0.91 -56.68 42.44
C41 4RF BT . 2.05 -56.57 41.60
O42 4RF BT . 2.87 -55.74 41.82
C43 4RF BT . 2.24 -57.52 40.39
C44 4RF BT . 3.16 -58.71 40.73
C45 4RF BT . 4.64 -58.41 40.39
C46 4RF BT . 5.59 -59.57 40.73
C47 4RF BT . 6.89 -59.10 41.42
C48 4RF BT . 7.90 -60.23 41.65
C49 4RF BT . 8.83 -60.50 40.45
C50 4RF BT . 10.20 -61.04 40.86
C51 4RF BT . 11.25 -60.94 39.73
C52 4RF BT . 12.65 -60.57 40.27
C53 4RF BT . 13.61 -60.13 39.12
C54 4RF BT . 14.38 -58.84 39.44
C55 4RF BT . 14.70 -58.05 38.18
C56 4RF BT . 14.83 -56.54 38.45
C57 4RF BT . 15.04 -55.75 37.16
CA1 DGA CT . 31.05 -20.51 89.57
CA2 DGA CT . 31.99 -19.97 88.45
CA3 DGA CT . 31.15 -19.15 87.43
CA4 DGA CT . 32.06 -18.33 86.49
CA5 DGA CT . 32.48 -19.23 85.29
CA6 DGA CT . 33.10 -18.36 84.14
CA7 DGA CT . 32.43 -18.76 82.80
CA8 DGA CT . 33.32 -18.32 81.60
CA9 DGA CT . 32.59 -17.18 80.82
CAA DGA CT . 33.62 -16.36 80.01
OA1 DGA CT . 29.86 -20.43 89.43
CB1 DGA CT . 33.59 -19.95 92.84
CB2 DGA CT . 34.56 -18.72 92.85
CB3 DGA CT . 35.19 -18.56 91.45
CB4 DGA CT . 35.16 -17.06 91.06
CB5 DGA CT . 34.88 -16.94 89.55
CB6 DGA CT . 36.15 -16.44 88.83
CB7 DGA CT . 35.92 -16.44 87.31
CB8 DGA CT . 37.15 -15.84 86.61
CB9 DGA CT . 37.01 -14.31 86.57
CAB DGA CT . 38.10 -13.67 87.44
CBB DGA CT . 38.66 -12.40 86.74
OB1 DGA CT . 34.04 -21.04 92.63
OG1 DGA CT . 31.57 -21.11 90.75
CG1 DGA CT . 30.68 -21.15 91.85
CG2 DGA CT . 31.47 -20.96 93.15
OG2 DGA CT . 32.20 -19.77 93.08
CG3 DGA CT . 30.53 -20.90 94.34
OXT DGA CT . 31.24 -20.34 95.44
C10 4RF DT . 36.35 -6.30 64.40
C13 4RF DT . 39.85 -6.13 64.43
C15 4RF DT . 42.28 -6.47 65.03
C20 4RF DT . 45.20 -4.69 62.31
C22 4RF DT . 44.38 -2.76 61.16
C24 4RF DT . 43.38 -1.60 61.01
C26 4RF DT . 41.71 -0.46 59.47
C28 4RF DT . 39.16 -0.22 59.66
C01 4RF DT . 30.65 -13.77 65.98
C02 4RF DT . 30.34 -13.44 64.51
C03 4RF DT . 31.29 -12.42 63.91
C04 4RF DT . 31.52 -11.20 64.80
C05 4RF DT . 32.55 -10.25 64.22
C06 4RF DT . 32.63 -8.93 64.95
C07 4RF DT . 33.95 -8.24 64.68
C08 4RF DT . 33.79 -6.72 64.48
C09 4RF DT . 34.98 -6.09 63.69
C11 4RF DT . 37.51 -5.60 63.64
C12 4RF DT . 38.66 -5.19 64.57
C14 4RF DT . 41.18 -5.45 64.69
C16 4RF DT . 43.68 -5.81 65.18
O17 4RF DT . 43.90 -5.08 66.09
O18 4RF DT . 44.70 -6.08 64.22
C19 4RF DT . 45.45 -4.91 63.83
O21 4RF DT . 44.19 -3.69 62.20
O23 4RF DT . 45.30 -2.86 60.41
C25 4RF DT . 42.91 -1.41 59.56
C27 4RF DT . 40.36 -1.20 59.58
C29 4RF DT . 38.57 -0.12 61.08
C30 4RF DT . 38.48 -1.49 61.80
C31 4RF DT . 38.25 -1.34 63.34
C32 4RF DT . 39.12 -0.22 63.99
C33 4RF DT . 38.86 -0.03 65.51
C34 4RF DT . 37.35 -0.07 65.88
C35 4RF DT . 37.08 -0.98 67.09
C36 4RF DT . 35.71 -1.62 67.04
C37 4RF DT . 35.76 -3.09 67.37
C38 4RF DT . 34.65 -3.87 66.72
C39 4RF DT . 44.67 -5.98 61.60
O40 4RF DT . 43.83 -5.66 60.51
C41 4RF DT . 44.47 -5.78 59.24
O42 4RF DT . 45.60 -5.48 59.12
C43 4RF DT . 43.69 -6.35 58.05
C44 4RF DT . 43.48 -5.31 56.91
C45 4RF DT . 42.01 -5.13 56.52
C46 4RF DT . 41.23 -6.43 56.41
C47 4RF DT . 40.09 -6.52 57.43
C48 4RF DT . 40.27 -7.68 58.41
C49 4RF DT . 39.57 -7.41 59.76
C50 4RF DT . 39.52 -8.66 60.64
C51 4RF DT . 38.31 -8.64 61.61
C52 4RF DT . 38.08 -10.04 62.22
C53 4RF DT . 36.76 -10.14 63.02
C54 4RF DT . 36.42 -11.61 63.32
C55 4RF DT . 35.81 -11.79 64.70
C56 4RF DT . 35.27 -13.21 64.90
C57 4RF DT . 34.35 -13.31 66.11
O1 LHG ET . 0.82 -5.68 35.45
C1 LHG ET . 2.08 -6.22 35.85
C2 LHG ET . 3.03 -6.32 34.66
O2 LHG ET . 3.48 -7.67 34.55
C3 LHG ET . 4.24 -5.41 34.89
O3 LHG ET . 4.40 -5.08 36.26
P LHG ET . 5.50 -5.81 37.15
O4 LHG ET . 6.44 -6.59 36.24
O5 LHG ET . 6.06 -4.83 38.16
O6 LHG ET . 4.55 -6.85 37.93
C4 LHG ET . 5.08 -7.76 38.88
C5 LHG ET . 4.01 -7.97 39.94
C6 LHG ET . 3.63 -9.43 40.02
O7 LHG ET . 4.47 -7.50 41.21
C7 LHG ET . 3.47 -7.44 42.10
O9 LHG ET . 3.56 -6.27 41.81
C8 LHG ET . 2.31 -6.94 42.91
C9 LHG ET . 2.04 -7.84 44.12
C10 LHG ET . 2.98 -9.04 44.20
O8 LHG ET . 2.40 -9.68 39.33
C23 LHG ET . 1.21 -9.34 39.85
O10 LHG ET . 0.91 -8.17 40.03
C24 LHG ET . 0.20 -10.39 40.22
C11 LHG ET . 2.31 -10.31 43.70
C12 LHG ET . 2.95 -11.53 44.33
C13 LHG ET . 2.13 -12.00 45.53
C14 LHG ET . 1.25 -13.18 45.11
C15 LHG ET . 1.99 -14.50 45.22
C16 LHG ET . 1.20 -15.46 46.11
C17 LHG ET . 1.94 -16.76 46.35
C18 LHG ET . 0.99 -17.79 46.95
C19 LHG ET . 1.73 -19.01 47.48
C20 LHG ET . 2.88 -18.62 48.39
C21 LHG ET . 3.59 -19.85 48.93
C22 LHG ET . 2.66 -20.67 49.81
C25 LHG ET . -1.18 -9.96 39.74
C26 LHG ET . -2.10 -9.68 40.92
C27 LHG ET . -3.53 -9.39 40.47
C28 LHG ET . -4.51 -10.41 41.06
C29 LHG ET . -5.24 -9.81 42.25
C30 LHG ET . -6.02 -8.57 41.87
C31 LHG ET . -7.52 -8.83 42.00
C32 LHG ET . -8.32 -7.56 42.25
C33 LHG ET . -9.61 -7.87 43.01
C34 LHG ET . -10.81 -7.20 42.34
C35 LHG ET . -12.11 -7.56 43.06
C36 LHG ET . -13.13 -6.43 42.94
C37 LHG ET . -14.05 -6.38 44.14
C38 LHG ET . -15.32 -5.64 43.80
O6 SQD FT . -7.51 -0.84 27.35
C44 SQD FT . -7.95 -0.70 28.68
C45 SQD FT . -9.21 -1.59 28.92
C46 SQD FT . -9.76 -1.48 30.36
O47 SQD FT . -10.27 -1.17 28.05
C7 SQD FT . -10.99 -0.03 28.34
O49 SQD FT . -10.47 1.04 28.52
C8 SQD FT . -12.46 -0.31 28.32
C9 SQD FT . -12.76 -1.57 27.50
C10 SQD FT . -13.77 -2.51 28.19
C11 SQD FT . -14.92 -1.71 28.82
C12 SQD FT . -15.79 -2.61 29.71
C13 SQD FT . -15.18 -2.79 31.11
C14 SQD FT . -15.88 -3.90 31.90
C15 SQD FT . -17.41 -3.82 31.80
C16 SQD FT . -18.07 -3.80 33.18
C17 SQD FT . -19.60 -3.81 33.09
O48 SQD FT . -10.68 -2.54 30.55
C23 SQD FT . -10.19 -3.70 31.08
O10 SQD FT . -9.55 -4.47 30.40
C24 SQD FT . -10.56 -3.88 32.54
C25 SQD FT . -11.34 -5.18 32.75
C26 SQD FT . -11.48 -5.54 34.23
C27 SQD FT . -12.96 -5.63 34.67
C28 SQD FT . -13.15 -6.64 35.80
C29 SQD FT . -13.32 -8.08 35.29
C30 SQD FT . -13.87 -9.02 36.37
C31 SQD FT . -15.35 -9.36 36.13
C1 SQD FT . -7.89 0.27 26.55
C2 SQD FT . -6.71 0.58 25.61
O2 SQD FT . -6.12 1.78 25.95
C3 SQD FT . -7.25 0.63 24.15
O3 SQD FT . -7.46 -0.70 23.80
C4 SQD FT . -8.58 1.41 24.05
O4 SQD FT . -8.30 2.76 24.24
C5 SQD FT . -9.61 0.86 25.07
C6 SQD FT . -10.80 0.26 24.35
O5 SQD FT . -8.98 -0.18 25.78
S SQD FT . -12.06 1.43 23.79
O7 SQD FT . -12.13 2.36 24.88
O8 SQD FT . -11.48 1.96 22.59
O9 SQD FT . -13.25 0.67 23.60
O13 3PH GT . 10.26 -33.09 27.60
P 3PH GT . 11.73 -33.29 27.83
O14 3PH GT . 12.42 -31.96 27.91
O12 3PH GT . 12.31 -34.12 26.70
O11 3PH GT . 11.96 -34.10 29.25
C1 3PH GT . 10.90 -34.85 29.77
C2 3PH GT . 10.47 -34.25 31.11
O21 3PH GT . 11.57 -34.09 31.97
C21 3PH GT . 11.96 -35.17 32.78
O22 3PH GT . 12.39 -36.17 32.30
C22 3PH GT . 11.86 -35.06 34.30
C23 3PH GT . 11.08 -36.25 34.85
C24 3PH GT . 10.49 -35.91 36.22
C25 3PH GT . 8.99 -36.18 36.22
C26 3PH GT . 8.36 -35.55 37.47
C27 3PH GT . 7.05 -34.86 37.11
C28 3PH GT . 6.80 -33.68 38.05
C29 3PH GT . 6.80 -34.15 39.50
C2A 3PH GT . 5.50 -33.71 40.17
C2B 3PH GT . 4.64 -34.93 40.49
C2C 3PH GT . 4.09 -34.81 41.91
C2D 3PH GT . 2.83 -33.94 41.89
C2E 3PH GT . 2.59 -33.35 43.28
C2F 3PH GT . 3.55 -32.18 43.51
C2G 3PH GT . 2.97 -30.91 42.89
C2H 3PH GT . 4.08 -29.88 42.73
C2I 3PH GT . 5.12 -30.41 41.75
C3 3PH GT . 9.36 -35.12 31.71
O31 3PH GT . 8.18 -34.37 31.76
C31 3PH GT . 7.29 -34.77 32.76
O32 3PH GT . 7.46 -34.39 33.86
C32 3PH GT . 6.13 -35.70 32.42
C33 3PH GT . 5.59 -36.34 33.70
C34 3PH GT . 4.42 -35.52 34.24
C35 3PH GT . 3.45 -36.44 34.96
C36 3PH GT . 2.98 -35.79 36.26
C37 3PH GT . 1.50 -36.08 36.48
C38 3PH GT . 1.05 -35.44 37.80
C39 3PH GT . -0.46 -35.27 37.84
C3A 3PH GT . -0.86 -33.98 37.12
C3B 3PH GT . -1.53 -33.01 38.10
C3C 3PH GT . -2.36 -32.01 37.29
C3D 3PH GT . -3.58 -31.56 38.08
C3E 3PH GT . -4.50 -30.75 37.16
C3F 3PH GT . -5.75 -30.31 37.92
C3G 3PH GT . -6.94 -30.25 36.96
C3H 3PH GT . -8.20 -29.93 37.76
C3I 3PH GT . -8.50 -28.44 37.70
C1 LMG HT . 16.31 -67.10 56.42
O1 LMG HT . 16.49 -65.76 55.97
C2 LMG HT . 15.77 -67.07 57.85
O2 LMG HT . 16.51 -67.97 58.68
C3 LMG HT . 14.30 -67.45 57.82
O3 LMG HT . 13.62 -66.52 56.99
C4 LMG HT . 14.10 -68.84 57.24
O4 LMG HT . 12.73 -69.01 56.87
C5 LMG HT . 15.00 -69.05 56.02
O5 LMG HT . 15.22 -70.04 53.84
C6 LMG HT . 14.30 -69.85 54.93
O6 LMG HT . 15.40 -67.78 55.54
C7 LMG HT . 16.70 -65.65 54.56
C8 LMG HT . 18.12 -66.06 54.17
C9 LMG HT . 18.22 -65.96 52.64
O7 LMG HT . 19.16 -65.29 54.80
C10 LMG HT . 18.91 -64.03 55.21
O9 LMG HT . 18.60 -63.82 56.36
C11 LMG HT . 19.07 -62.86 54.26
C12 LMG HT . 20.41 -62.19 54.48
C13 LMG HT . 21.56 -63.09 54.06
C14 LMG HT . 22.89 -62.34 54.03
O8 LMG HT . 19.50 -66.36 52.18
C28 LMG HT . 19.65 -66.69 50.90
O10 LMG HT . 20.02 -67.83 50.62
C29 LMG HT . 19.35 -65.69 49.81
C30 LMG HT . 20.55 -64.80 49.50
C31 LMG HT . 21.65 -65.61 48.82
C32 LMG HT . 22.47 -64.78 47.83
C33 LMG HT . 23.13 -63.58 48.48
C34 LMG HT . 24.57 -63.39 47.99
C35 LMG HT . 24.75 -62.14 47.13
C36 LMG HT . 24.00 -62.31 45.82
C37 LMG HT . 24.11 -61.44 44.82
C38 LMG HT . 24.97 -60.20 44.89
C39 LMG HT . 24.87 -59.51 43.55
C40 LMG HT . 25.56 -58.42 43.23
C41 LMG HT . 26.52 -57.77 44.20
C42 LMG HT . 27.18 -56.60 43.52
MG CHL IT . 67.07 -107.38 41.45
CHA CHL IT . 64.87 -104.85 41.88
CHB CHL IT . 64.47 -109.44 40.49
CHC CHL IT . 69.20 -109.74 40.97
CHD CHL IT . 69.66 -105.20 42.60
NA CHL IT . 65.05 -107.17 41.19
C1A CHL IT . 64.32 -106.02 41.40
C2A CHL IT . 62.83 -106.26 41.11
C3A CHL IT . 62.73 -107.75 40.95
C4A CHL IT . 64.18 -108.18 40.89
CMA CHL IT . 61.77 -108.51 41.86
CAA CHL IT . 62.33 -105.50 39.88
CBA CHL IT . 61.01 -106.00 39.29
CGA CHL IT . 59.83 -105.85 40.19
O1A CHL IT . 59.75 -105.06 41.09
O2A CHL IT . 58.86 -106.69 39.86
NB CHL IT . 66.84 -109.30 40.79
C1B CHL IT . 65.74 -109.96 40.40
C2B CHL IT . 66.11 -111.26 39.97
C3B CHL IT . 67.47 -111.39 40.10
C4B CHL IT . 67.93 -110.12 40.63
CMB CHL IT . 65.16 -112.32 39.49
CAB CHL IT . 68.22 -112.59 39.74
CBB CHL IT . 69.70 -112.85 39.80
NC CHL IT . 69.09 -107.41 41.75
C1C CHL IT . 69.74 -108.58 41.47
C2C CHL IT . 71.15 -108.38 41.77
C3C CHL IT . 71.28 -107.08 42.20
C4C CHL IT . 69.99 -106.47 42.20
CMC CHL IT . 72.25 -109.33 41.73
OMC CHL IT . 72.18 -110.48 41.36
CAC CHL IT . 72.57 -106.42 42.57
CBC CHL IT . 73.38 -105.99 41.37
ND CHL IT . 67.33 -105.47 42.10
C1D CHL IT . 68.36 -104.70 42.56
C2D CHL IT . 67.88 -103.42 42.96
C3D CHL IT . 66.54 -103.43 42.69
C4D CHL IT . 66.20 -104.68 42.17
CMD CHL IT . 68.72 -102.34 43.57
CAD CHL IT . 65.31 -102.65 42.75
OBD CHL IT . 65.17 -101.50 43.12
CBD CHL IT . 64.19 -103.52 42.23
CGD CHL IT . 63.12 -103.67 43.31
O1D CHL IT . 61.94 -103.59 43.14
O2D CHL IT . 63.69 -103.95 44.49
CED CHL IT . 62.77 -104.20 45.58
C1 CHL IT . 57.59 -106.72 40.55
C2 CHL IT . 57.52 -107.97 41.36
C3 CHL IT . 56.51 -108.82 41.23
C4 CHL IT . 55.36 -108.62 40.28
C5 CHL IT . 56.45 -110.08 42.07
C6 CHL IT . 55.08 -110.32 42.68
C7 CHL IT . 54.97 -111.69 43.35
C8 CHL IT . 53.73 -111.87 44.22
C9 CHL IT . 53.66 -113.28 44.78
C10 CHL IT . 53.87 -110.83 45.33
C11 CHL IT . 52.81 -110.91 46.44
C12 CHL IT . 51.40 -110.59 45.95
C13 CHL IT . 50.35 -110.55 47.05
C14 CHL IT . 50.09 -111.93 47.64
C15 CHL IT . 49.05 -109.84 46.69
C16 CHL IT . 48.64 -108.72 47.63
C17 CHL IT . 47.49 -107.88 47.11
C18 CHL IT . 46.24 -108.63 46.71
C19 CHL IT . 45.61 -109.35 47.88
C20 CHL IT . 45.23 -107.71 46.06
MG CLA JT . 62.96 -95.22 41.01
CHA CLA JT . 65.02 -95.71 38.29
CHB CLA JT . 61.99 -92.16 39.80
CHC CLA JT . 60.97 -94.94 43.62
CHD CLA JT . 63.90 -98.44 42.17
NA CLA JT . 63.43 -94.04 39.23
C1A CLA JT . 64.28 -94.39 38.26
C2A CLA JT . 64.36 -93.35 37.18
C3A CLA JT . 63.45 -92.24 37.71
C4A CLA JT . 62.91 -92.82 38.98
CMA CLA JT . 63.97 -90.82 37.69
CAA CLA JT . 63.72 -93.86 35.89
CBA CLA JT . 62.57 -94.84 36.10
CGA CLA JT . 61.23 -94.14 35.99
O1A CLA JT . 61.10 -93.24 35.18
O2A CLA JT . 60.23 -94.50 36.77
NB CLA JT . 61.67 -93.78 41.62
C1B CLA JT . 61.41 -92.58 41.02
C2B CLA JT . 60.47 -91.83 41.81
C3B CLA JT . 60.18 -92.62 42.89
C4B CLA JT . 60.96 -93.85 42.75
CMB CLA JT . 59.95 -90.45 41.45
CAB CLA JT . 59.28 -92.36 44.04
CBB CLA JT . 57.88 -91.80 43.87
NC CLA JT . 62.48 -96.50 42.62
C1C CLA JT . 61.66 -96.17 43.60
C2C CLA JT . 61.59 -97.23 44.65
C3C CLA JT . 62.41 -98.20 44.19
C4C CLA JT . 62.97 -97.74 42.93
CMC CLA JT . 60.77 -97.25 45.90
CAC CLA JT . 62.72 -99.52 44.85
CBC CLA JT . 61.75 -100.53 44.27
ND CLA JT . 64.11 -96.74 40.46
C1D CLA JT . 64.45 -97.96 40.97
C2D CLA JT . 65.45 -98.65 40.16
C3D CLA JT . 65.66 -97.76 39.11
C4D CLA JT . 64.86 -96.64 39.30
CMD CLA JT . 66.14 -99.98 40.30
CAD CLA JT . 66.42 -97.58 37.89
OBD CLA JT . 67.35 -98.29 37.52
CBD CLA JT . 66.05 -96.24 37.32
CGD CLA JT . 67.24 -95.35 37.35
O1D CLA JT . 67.85 -95.08 36.32
O2D CLA JT . 67.66 -94.82 38.51
CED CLA JT . 67.87 -93.41 38.51
C1 CLA JT . 59.53 -93.51 37.58
C2 CLA JT . 58.80 -93.91 38.85
C3 CLA JT . 57.62 -93.37 39.17
C4 CLA JT . 56.95 -92.35 38.30
C5 CLA JT . 56.85 -93.73 40.42
C6 CLA JT . 55.47 -94.24 40.04
C7 CLA JT . 54.80 -94.95 41.22
C8 CLA JT . 53.53 -95.70 40.83
C9 CLA JT . 52.34 -95.19 41.65
C10 CLA JT . 53.71 -97.19 41.02
C11 CLA JT . 54.21 -97.55 42.42
C12 CLA JT . 53.20 -98.39 43.19
C13 CLA JT . 53.73 -99.78 43.51
C14 CLA JT . 52.68 -100.59 44.25
C15 CLA JT . 55.00 -99.66 44.35
C16 CLA JT . 55.66 -101.02 44.52
C17 CLA JT . 55.83 -101.37 45.99
C18 CLA JT . 56.28 -102.81 46.17
C19 CLA JT . 57.60 -103.07 45.46
C20 CLA JT . 56.37 -103.18 47.65
MG CLA KT . 53.73 -89.13 46.20
CHA CLA KT . 54.11 -87.07 43.43
CHB CLA KT . 53.79 -91.92 44.21
CHC CLA KT . 53.52 -90.98 48.94
CHD CLA KT . 53.58 -86.25 48.23
NA CLA KT . 53.94 -89.49 44.03
C1A CLA KT . 54.07 -88.55 43.08
C2A CLA KT . 54.12 -89.16 41.71
C3A CLA KT . 54.01 -90.67 42.00
C4A CLA KT . 53.91 -90.72 43.49
CMA CLA KT . 53.07 -91.56 41.18
CAA CLA KT . 55.45 -88.92 41.02
CBA CLA KT . 55.29 -88.21 39.69
CGA CLA KT . 54.39 -88.97 38.74
O1A CLA KT . 54.51 -90.17 38.61
O2A CLA KT . 53.50 -88.30 38.04
NB CLA KT . 53.67 -91.14 46.52
C1B CLA KT . 53.68 -92.15 45.60
C2B CLA KT . 53.57 -93.42 46.26
C3B CLA KT . 53.48 -93.15 47.59
C4B CLA KT . 53.55 -91.70 47.74
CMB CLA KT . 53.54 -94.78 45.60
CAB CLA KT . 53.36 -94.14 48.67
CBB CLA KT . 52.20 -94.13 49.65
NC CLA KT . 53.68 -88.68 48.25
C1C CLA KT . 53.56 -89.60 49.20
C2C CLA KT . 53.48 -89.01 50.56
C3C CLA KT . 53.56 -87.66 50.34
C4C CLA KT . 53.67 -87.47 48.89
CMC CLA KT . 53.35 -89.73 51.87
CAC CLA KT . 53.55 -86.56 51.36
CBC CLA KT . 54.96 -86.25 51.77
ND CLA KT . 53.82 -87.16 46.00
C1D CLA KT . 53.75 -86.09 46.83
C2D CLA KT . 53.82 -84.83 46.11
C3D CLA KT . 53.97 -85.23 44.79
C4D CLA KT . 53.97 -86.63 44.73
CMD CLA KT . 53.78 -83.38 46.50
CAD CLA KT . 54.12 -84.69 43.46
OBD CLA KT . 54.54 -83.57 43.21
CBD CLA KT . 54.24 -85.86 42.53
CGD CLA KT . 53.09 -85.72 41.58
O1D CLA KT . 53.27 -85.70 40.38
O2D CLA KT . 51.86 -85.60 42.06
CED CLA KT . 50.92 -86.56 41.60
C1 CLA KT . 52.13 -88.09 38.51
C2 CLA KT . 51.31 -89.18 39.16
C3 CLA KT . 50.07 -89.45 38.73
C4 CLA KT . 49.46 -88.70 37.57
C5 CLA KT . 49.21 -90.52 39.34
C6 CLA KT . 49.43 -90.54 40.85
C7 CLA KT . 48.97 -91.86 41.43
C8 CLA KT . 48.07 -91.67 42.65
C9 CLA KT . 47.44 -93.00 43.06
C10 CLA KT . 46.99 -90.64 42.34
C11 CLA KT . 46.61 -89.84 43.59
C12 CLA KT . 45.24 -90.25 44.09
C13 CLA KT . 44.89 -89.55 45.40
C14 CLA KT . 44.80 -88.04 45.18
C15 CLA KT . 45.93 -89.90 46.46
C16 CLA KT . 45.36 -89.68 47.86
C17 CLA KT . 45.38 -90.98 48.66
C18 CLA KT . 44.06 -91.23 49.37
C19 CLA KT . 43.62 -90.02 50.19
C20 CLA KT . 42.97 -91.64 48.36
MG CLA LT . 59.63 -86.48 64.91
CHA CLA LT . 58.01 -86.21 67.95
CHB CLA LT . 57.02 -84.93 63.32
CHC CLA LT . 61.34 -86.67 62.08
CHD CLA LT . 62.35 -88.02 66.56
NA CLA LT . 57.70 -85.63 65.55
C1A CLA LT . 57.22 -85.62 66.79
C2A CLA LT . 55.86 -84.98 66.86
C3A CLA LT . 55.59 -84.63 65.39
C4A CLA LT . 56.83 -85.07 64.70
CMA CLA LT . 54.27 -85.06 64.78
CAA CLA LT . 55.93 -83.71 67.72
CBA CLA LT . 55.74 -82.39 66.96
CGA CLA LT . 56.88 -81.43 67.21
O1A CLA LT . 56.64 -80.36 67.73
O2A CLA LT . 58.10 -81.77 66.85
NB CLA LT . 59.25 -85.88 63.01
C1B CLA LT . 58.11 -85.30 62.52
C2B CLA LT . 58.24 -85.08 61.11
C3B CLA LT . 59.46 -85.59 60.77
C4B CLA LT . 60.09 -86.08 61.98
CMB CLA LT . 57.19 -84.47 60.23
CAB CLA LT . 60.11 -85.66 59.44
CBB CLA LT . 60.27 -84.44 58.57
NC CLA LT . 61.54 -87.21 64.41
C1C CLA LT . 62.04 -87.20 63.18
C2C CLA LT . 63.37 -87.82 63.10
C3C CLA LT . 63.65 -88.19 64.39
C4C CLA LT . 62.49 -87.83 65.19
CMC CLA LT . 64.23 -87.97 61.88
CAC CLA LT . 64.90 -88.89 64.87
CBC CLA LT . 65.87 -87.87 65.44
ND CLA LT . 60.16 -87.00 66.73
C1D CLA LT . 61.22 -87.63 67.31
C2D CLA LT . 61.02 -87.83 68.74
C3D CLA LT . 59.78 -87.27 68.96
C4D CLA LT . 59.27 -86.78 67.77
CMD CLA LT . 61.84 -88.45 69.84
CAD CLA LT . 58.83 -87.04 70.00
OBD CLA LT . 58.92 -87.56 71.08
CBD CLA LT . 57.66 -86.31 69.42
CGD CLA LT . 56.38 -87.07 69.62
O1D CLA LT . 55.35 -86.46 69.84
O2D CLA LT . 56.35 -88.40 69.54
CED CLA LT . 55.18 -88.93 68.92
C1 CLA LT . 59.24 -80.98 67.31
C2 CLA LT . 59.72 -79.73 66.60
C3 CLA LT . 61.04 -79.42 66.63
C4 CLA LT . 62.02 -80.29 67.35
C5 CLA LT . 61.61 -78.19 65.94
C6 CLA LT . 63.00 -78.46 65.39
C7 CLA LT . 63.71 -77.14 65.04
C8 CLA LT . 64.99 -77.39 64.25
C9 CLA LT . 66.10 -76.44 64.70
C10 CLA LT . 64.73 -77.24 62.76
C11 CLA LT . 65.92 -77.77 61.95
C12 CLA LT . 65.84 -77.34 60.49
C13 CLA LT . 67.12 -76.63 60.07
C14 CLA LT . 67.36 -75.37 60.89
C15 CLA LT . 67.08 -76.29 58.58
C16 CLA LT . 68.42 -75.71 58.13
C17 CLA LT . 68.29 -74.91 56.82
C18 CLA LT . 69.48 -73.98 56.64
C19 CLA LT . 70.78 -74.76 56.67
C20 CLA LT . 69.35 -73.18 55.35
MG CHL MT . 55.03 -73.20 72.36
CHA CHL MT . 58.37 -73.40 72.87
CHB CHL MT . 54.59 -72.91 75.78
CHC CHL MT . 51.87 -73.03 71.84
CHD CHL MT . 55.65 -73.60 68.87
NA CHL MT . 56.26 -73.11 73.99
C1A CHL MT . 57.63 -73.15 74.00
C2A CHL MT . 58.20 -72.99 75.39
C3A CHL MT . 57.01 -73.15 76.27
C4A CHL MT . 55.85 -73.05 75.31
CMA CHL MT . 57.02 -74.28 77.30
CAA CHL MT . 58.88 -71.63 75.57
CBA CHL MT . 59.25 -71.31 77.01
CGA CHL MT . 60.67 -70.85 77.18
O1A CHL MT . 61.56 -71.51 77.64
O2A CHL MT . 60.82 -69.61 76.76
NB CHL MT . 53.47 -72.97 73.65
C1B CHL MT . 53.45 -72.83 74.99
C2B CHL MT . 52.10 -72.66 75.41
C3B CHL MT . 51.30 -72.72 74.30
C4B CHL MT . 52.19 -72.92 73.17
CMB CHL MT . 51.65 -72.47 76.83
CAB CHL MT . 49.82 -72.61 74.34
CBB CHL MT . 48.82 -72.69 73.20
NC CHL MT . 53.98 -73.33 70.61
C1C CHL MT . 52.62 -73.23 70.70
C2C CHL MT . 52.09 -73.32 69.35
C3C CHL MT . 53.16 -73.44 68.51
C4C CHL MT . 54.36 -73.46 69.30
CMC CHL MT . 50.71 -73.32 68.89
OMC CHL MT . 49.73 -73.22 69.58
CAC CHL MT . 53.09 -73.47 67.01
CBC CHL MT . 53.03 -72.09 66.40
ND CHL MT . 56.58 -73.44 71.06
C1D CHL MT . 56.75 -73.61 69.72
C2D CHL MT . 58.13 -73.75 69.41
C3D CHL MT . 58.79 -73.69 70.61
C4D CHL MT . 57.85 -73.48 71.61
CMD CHL MT . 58.68 -73.95 68.02
CAD CHL MT . 60.10 -73.75 71.24
OBD CHL MT . 61.19 -73.90 70.73
CBD CHL MT . 59.88 -73.59 72.73
CGD CHL MT . 60.38 -74.84 73.46
O1D CHL MT . 59.78 -75.87 73.54
O2D CHL MT . 61.57 -74.61 74.00
CED CHL MT . 62.15 -75.71 74.75
C1 CHL MT . 62.08 -68.90 76.86
C2 CHL MT . 62.64 -68.75 75.50
C3 CHL MT . 62.49 -67.64 74.80
C4 CHL MT . 61.74 -66.44 75.29
C5 CHL MT . 63.12 -67.49 73.42
C6 CHL MT . 63.94 -68.71 72.99
C7 CHL MT . 64.86 -68.42 71.81
C8 CHL MT . 65.54 -69.66 71.25
C9 CHL MT . 64.60 -70.47 70.36
C10 CHL MT . 66.79 -69.21 70.47
C11 CHL MT . 68.11 -69.72 71.05
C12 CHL MT . 69.32 -69.40 70.18
C13 CHL MT . 70.66 -69.68 70.85
C14 CHL MT . 71.23 -68.41 71.49
C15 CHL MT . 71.73 -70.42 70.04
C16 CHL MT . 72.98 -70.77 70.83
C17 CHL MT . 74.09 -71.40 70.00
C18 CHL MT . 75.35 -71.80 70.76
C19 CHL MT . 76.41 -72.35 69.83
C20 CHL MT . 75.88 -70.64 71.59
MG CHL NT . 55.25 -80.10 62.33
CHA CHL NT . 56.74 -77.59 64.08
CHB CHL NT . 57.26 -79.37 59.65
CHC CHL NT . 53.82 -82.52 60.69
CHD CHL NT . 53.19 -80.71 65.15
NA CHL NT . 56.74 -78.75 61.97
C1A CHL NT . 57.25 -77.81 62.83
C2A CHL NT . 58.38 -77.02 62.18
C3A CHL NT . 58.39 -77.49 60.75
C4A CHL NT . 57.40 -78.62 60.77
CMA CHL NT . 58.32 -76.50 59.59
CAA CHL NT . 59.74 -77.26 62.86
CBA CHL NT . 60.75 -76.13 62.67
CGA CHL NT . 60.90 -75.24 63.86
O1A CHL NT . 60.34 -75.40 64.91
O2A CHL NT . 61.74 -74.26 63.62
NB CHL NT . 55.53 -80.84 60.44
C1B CHL NT . 56.40 -80.43 59.49
C2B CHL NT . 56.23 -81.24 58.34
C3B CHL NT . 55.25 -82.15 58.59
C4B CHL NT . 54.80 -81.89 59.96
CMB CHL NT . 57.01 -81.11 57.07
CAB CHL NT . 54.80 -83.16 57.63
CBB CHL NT . 53.76 -84.23 57.78
NC CHL NT . 53.75 -81.39 62.88
C1C CHL NT . 53.34 -82.32 61.97
C2C CHL NT . 52.28 -83.09 62.61
C3C CHL NT . 52.09 -82.57 63.85
C4C CHL NT . 53.02 -81.50 64.04
CMC CHL NT . 51.51 -84.23 62.12
OMC CHL NT . 51.63 -84.74 61.03
CAC CHL NT . 51.10 -83.05 64.88
CBC CHL NT . 49.71 -82.47 64.67
ND CHL NT . 54.95 -79.40 64.22
C1D CHL NT . 54.12 -79.70 65.25
C2D CHL NT . 54.39 -78.84 66.35
C3D CHL NT . 55.40 -78.00 65.95
C4D CHL NT . 55.74 -78.35 64.63
CMD CHL NT . 53.67 -78.88 67.67
CAD CHL NT . 56.25 -76.88 66.33
OBD CHL NT . 56.31 -76.31 67.40
CBD CHL NT . 57.10 -76.53 65.12
CGD CHL NT . 56.75 -75.13 64.63
O1D CHL NT . 55.76 -74.84 64.04
O2D CHL NT . 57.70 -74.26 64.94
CED CHL NT . 57.49 -72.89 64.52
C1 CHL NT . 62.09 -73.27 64.64
C2 CHL NT . 61.09 -72.18 64.58
C3 CHL NT . 60.97 -71.28 65.55
C4 CHL NT . 61.81 -71.28 66.81
C5 CHL NT . 59.99 -70.14 65.44
C6 CHL NT . 59.56 -69.52 66.76
C7 CHL NT . 58.35 -70.21 67.40
C8 CHL NT . 57.13 -69.32 67.58
C9 CHL NT . 56.45 -69.01 66.25
C10 CHL NT . 56.18 -70.06 68.53
C11 CHL NT . 55.85 -69.32 69.83
C12 CHL NT . 54.97 -70.14 70.76
C13 CHL NT . 54.51 -69.43 72.02
C14 CHL NT . 55.30 -69.89 73.25
C15 CHL NT . 52.99 -69.44 72.28
C16 CHL NT . 52.56 -69.40 73.76
C17 CHL NT . 51.07 -69.20 73.93
C18 CHL NT . 50.55 -69.20 75.36
C19 CHL NT . 51.25 -68.16 76.22
C20 CHL NT . 49.04 -69.01 75.40
MG CHL OT . 48.07 -86.04 59.83
CHA CHL OT . 45.79 -87.48 61.91
CHB CHL OT . 48.46 -89.06 58.21
CHC CHL OT . 50.27 -84.65 57.88
CHD CHL OT . 47.69 -83.02 61.64
NA CHL OT . 47.24 -87.91 60.01
C1A CHL OT . 46.28 -88.31 60.93
C2A CHL OT . 45.89 -89.79 60.71
C3A CHL OT . 46.83 -90.26 59.62
C4A CHL OT . 47.56 -89.00 59.23
CMA CHL OT . 47.60 -91.57 59.77
CAA CHL OT . 44.42 -90.00 60.33
CBA CHL OT . 43.78 -91.26 60.92
CGA CHL OT . 44.06 -92.51 60.13
O1A CHL OT . 44.47 -93.53 60.60
O2A CHL OT . 43.79 -92.35 58.86
NB CHL OT . 49.16 -86.76 58.25
C1B CHL OT . 49.21 -88.00 57.74
C2B CHL OT . 50.18 -88.03 56.69
C3B CHL OT . 50.73 -86.75 56.60
C4B CHL OT . 50.07 -85.97 57.60
CMB CHL OT . 50.49 -89.24 55.86
CAB CHL OT . 51.80 -86.23 55.75
CBB CHL OT . 52.62 -86.87 54.67
NC CHL OT . 48.80 -84.14 59.78
C1C CHL OT . 49.72 -83.80 58.82
C2C CHL OT . 50.05 -82.38 59.01
C3C CHL OT . 49.31 -81.94 60.07
C4C CHL OT . 48.53 -83.03 60.56
CMC CHL OT . 50.95 -81.52 58.27
OMC CHL OT . 51.62 -81.85 57.31
CAC CHL OT . 49.30 -80.54 60.61
CBC CHL OT . 50.29 -80.32 61.70
ND CHL OT . 47.01 -85.31 61.40
C1D CHL OT . 46.95 -84.11 62.06
C2D CHL OT . 46.06 -84.22 63.16
C3D CHL OT . 45.57 -85.49 63.14
C4D CHL OT . 46.17 -86.16 62.06
CMD CHL OT . 45.76 -83.12 64.13
CAD CHL OT . 44.69 -86.45 63.79
OBD CHL OT . 43.98 -86.27 64.76
CBD CHL OT . 44.79 -87.75 63.03
CGD CHL OT . 45.16 -88.84 64.02
O1D CHL OT . 46.27 -89.24 64.21
O2D CHL OT . 44.08 -89.29 64.66
CED CHL OT . 44.31 -90.23 65.72
C1 CHL OT . 44.00 -93.40 57.87
C2 CHL OT . 45.45 -93.44 57.54
C3 CHL OT . 46.12 -94.58 57.43
C4 CHL OT . 45.49 -95.94 57.60
C5 CHL OT . 47.60 -94.60 57.14
C6 CHL OT . 47.94 -94.71 55.66
C7 CHL OT . 47.86 -93.38 54.91
C8 CHL OT . 48.12 -93.49 53.41
C9 CHL OT . 47.12 -94.42 52.74
C10 CHL OT . 48.05 -92.08 52.81
C11 CHL OT . 49.27 -91.66 52.00
C12 CHL OT . 49.02 -90.51 51.03
C13 CHL OT . 48.51 -89.21 51.67
C14 CHL OT . 47.11 -88.87 51.16
C15 CHL OT . 49.42 -87.99 51.62
C16 CHL OT . 49.59 -87.35 50.25
C17 CHL OT . 50.12 -85.92 50.32
C18 CHL OT . 49.20 -84.92 51.01
C19 CHL OT . 49.85 -83.56 51.17
C20 CHL OT . 47.88 -84.78 50.26
MG CHL PT . 66.27 -75.55 51.48
CHA CHL PT . 66.04 -78.88 52.01
CHB CHL PT . 65.36 -75.00 54.78
CHC CHL PT . 66.72 -72.41 51.03
CHD CHL PT . 67.16 -76.25 48.10
NA CHL PT . 65.76 -76.71 53.09
C1A CHL PT . 65.79 -78.08 53.13
C2A CHL PT . 65.46 -78.57 54.55
C3A CHL PT . 64.97 -77.38 55.26
C4A CHL PT . 65.37 -76.27 54.33
CMA CHL PT . 63.59 -77.38 55.90
CAA CHL PT . 66.65 -79.24 55.27
CBA CHL PT . 67.83 -78.32 55.53
CGA CHL PT . 69.15 -79.04 55.51
O1A CHL PT . 69.38 -80.02 54.87
O2A CHL PT . 70.03 -78.45 56.29
NB CHL PT . 66.04 -73.97 52.75
C1B CHL PT . 65.70 -73.90 54.05
C2B CHL PT . 65.75 -72.56 54.51
C3B CHL PT . 66.17 -71.77 53.42
C4B CHL PT . 66.33 -72.70 52.31
CMB CHL PT . 65.42 -72.12 55.90
CAB CHL PT . 66.42 -70.33 53.34
CBB CHL PT . 66.31 -69.21 54.36
NC CHL PT . 66.79 -74.53 49.79
C1C CHL PT . 66.91 -73.17 49.90
C2C CHL PT . 67.34 -72.68 48.59
C3C CHL PT . 67.47 -73.77 47.77
C4C CHL PT . 67.13 -74.93 48.52
CMC CHL PT . 67.61 -71.31 48.15
OMC CHL PT . 67.50 -70.32 48.84
CAC CHL PT . 67.91 -73.75 46.33
CBC CHL PT . 69.41 -73.85 46.19
ND CHL PT . 66.51 -77.13 50.22
C1D CHL PT . 66.83 -77.32 48.91
C2D CHL PT . 66.84 -78.70 48.59
C3D CHL PT . 66.52 -79.36 49.76
C4D CHL PT . 66.33 -78.38 50.75
CMD CHL PT . 67.16 -79.27 47.24
CAD CHL PT . 66.35 -80.66 50.40
OBD CHL PT . 66.41 -81.76 49.88
CBD CHL PT . 66.08 -80.41 51.87
CGD CHL PT . 64.86 -81.13 52.45
O1D CHL PT . 63.77 -81.16 51.94
O2D CHL PT . 65.16 -81.66 53.64
CED CHL PT . 64.05 -81.98 54.52
C1 CHL PT . 71.39 -78.95 56.41
C2 CHL PT . 72.01 -78.31 57.60
C3 CHL PT . 72.23 -78.98 58.72
C4 CHL PT . 71.88 -80.43 58.90
MG CHL QT . 55.71 -79.50 48.23
CHA CHL QT . 56.98 -81.06 45.42
CHB CHL QT . 55.63 -76.56 46.51
CHC CHL QT . 54.43 -78.08 50.86
CHD CHL QT . 55.73 -82.59 49.82
NA CHL QT . 56.25 -78.93 46.34
C1A CHL QT . 56.62 -79.73 45.27
C2A CHL QT . 56.62 -78.97 43.97
C3A CHL QT . 56.47 -77.54 44.41
C4A CHL QT . 56.09 -77.65 45.87
CMA CHL QT . 57.50 -76.50 43.95
CAA CHL QT . 55.46 -79.45 43.08
CBA CHL QT . 54.16 -79.75 43.81
CGA CHL QT . 53.26 -80.73 43.09
O1A CHL QT . 53.43 -81.11 41.97
O2A CHL QT . 52.24 -81.11 43.86
NB CHL QT . 55.17 -77.58 48.63
C1B CHL QT . 55.22 -76.51 47.83
C2B CHL QT . 54.71 -75.38 48.53
C3B CHL QT . 54.32 -75.81 49.80
C4B CHL QT . 54.63 -77.21 49.83
CMB CHL QT . 54.67 -73.99 48.00
CAB CHL QT . 53.65 -75.12 50.90
CBB CHL QT . 53.19 -73.70 51.09
NC CHL QT . 55.20 -80.24 50.07
C1C CHL QT . 54.68 -79.42 51.01
C2C CHL QT . 54.37 -80.23 52.18
C3C CHL QT . 54.68 -81.54 51.85
C4C CHL QT . 55.22 -81.54 50.52
CMC CHL QT . 53.89 -79.81 53.49
OMC CHL QT . 53.62 -78.67 53.81
CAC CHL QT . 54.48 -82.75 52.72
CBC CHL QT . 53.05 -83.17 52.81
ND CHL QT . 56.25 -81.41 47.82
C1D CHL QT . 56.29 -82.54 48.57
C2D CHL QT . 56.89 -83.60 47.84
C3D CHL QT . 57.21 -83.08 46.60
C4D CHL QT . 56.80 -81.74 46.60
CMD CHL QT . 57.12 -84.99 48.37
CAD CHL QT . 57.73 -83.36 45.26
OBD CHL QT . 58.23 -84.40 44.87
CBD CHL QT . 57.55 -82.08 44.42
CGD CHL QT . 58.80 -81.67 43.64
O1D CHL QT . 58.80 -80.93 42.70
O2D CHL QT . 59.88 -82.26 44.13
CED CHL QT . 61.09 -82.09 43.35
C1 CHL QT . 51.17 -81.98 43.39
C2 CHL QT . 51.13 -83.20 44.23
C3 CHL QT . 50.29 -83.34 45.26
C4 CHL QT . 49.29 -82.29 45.65
C5 CHL QT . 50.34 -84.55 46.16
C6 CHL QT . 50.01 -85.87 45.48
C7 CHL QT . 50.17 -87.07 46.43
C8 CHL QT . 49.83 -88.43 45.83
C9 CHL QT . 50.63 -88.70 44.57
C10 CHL QT . 50.15 -89.46 46.91
C11 CHL QT . 49.55 -90.84 46.69
C12 CHL QT . 50.03 -91.87 47.72
C13 CHL QT . 49.41 -93.27 47.60
C14 CHL QT . 49.38 -93.76 46.16
C15 CHL QT . 48.07 -93.50 48.30
C16 CHL QT . 47.80 -94.94 48.71
C17 CHL QT . 48.85 -95.52 49.64
C18 CHL QT . 48.53 -96.89 50.23
C19 CHL QT . 48.33 -97.94 49.16
C20 CHL QT . 49.58 -97.34 51.23
MG CLA RT . 72.32 -85.70 51.46
CHA CLA RT . 74.11 -83.13 50.03
CHB CLA RT . 74.92 -87.89 50.86
CHC CLA RT . 70.58 -88.05 52.94
CHD CLA RT . 69.66 -83.44 52.02
NA CLA RT . 74.32 -85.55 50.54
C1A CLA RT . 74.84 -84.46 50.01
C2A CLA RT . 76.20 -84.73 49.45
C3A CLA RT . 76.38 -86.23 49.65
C4A CLA RT . 75.15 -86.59 50.41
CMA CLA RT . 76.66 -87.06 48.42
CAA CLA RT . 77.23 -83.98 50.32
CBA CLA RT . 77.96 -84.76 51.43
CGA CLA RT . 77.14 -85.01 52.69
O1A CLA RT . 76.07 -84.46 52.83
O2A CLA RT . 77.63 -85.85 53.59
NB CLA RT . 72.69 -87.66 51.84
C1B CLA RT . 73.80 -88.39 51.54
C2B CLA RT . 73.66 -89.74 52.01
C3B CLA RT . 72.42 -89.78 52.58
C4B CLA RT . 71.83 -88.45 52.47
CMB CLA RT . 74.66 -90.87 51.87
CAB CLA RT . 71.78 -90.95 53.23
CBB CLA RT . 72.33 -91.47 54.52
NC CLA RT . 70.46 -85.71 52.40
C1C CLA RT . 69.93 -86.81 52.91
C2C CLA RT . 68.58 -86.58 53.46
C3C CLA RT . 68.34 -85.25 53.26
C4C CLA RT . 69.51 -84.72 52.57
CMC CLA RT . 67.72 -87.61 54.12
CAC CLA RT . 67.08 -84.51 53.63
CBC CLA RT . 67.35 -83.67 54.86
ND CLA RT . 71.88 -83.79 51.15
C1D CLA RT . 70.83 -82.96 51.40
C2D CLA RT . 71.08 -81.60 50.93
C3D CLA RT . 72.36 -81.69 50.40
C4D CLA RT . 72.83 -82.99 50.54
CMD CLA RT . 70.30 -80.31 50.95
CAD CLA RT . 73.38 -80.89 49.76
OBD CLA RT . 73.32 -79.70 49.56
CBD CLA RT . 74.55 -81.78 49.49
CGD CLA RT . 74.74 -81.90 48.02
O1D CLA RT . 73.78 -82.03 47.30
O2D CLA RT . 75.98 -81.90 47.50
CED CLA RT . 76.33 -80.77 46.69
C1 CLA RT . 76.98 -87.13 53.83
C2 CLA RT . 75.80 -87.26 54.77
C3 CLA RT . 75.62 -88.36 55.52
C4 CLA RT . 76.57 -89.52 55.46
C5 CLA RT . 74.43 -88.45 56.46
C6 CLA RT . 74.47 -89.65 57.40
C7 CLA RT . 74.90 -89.29 58.83
C8 CLA RT . 74.09 -88.14 59.45
C9 CLA RT . 74.84 -87.53 60.63
C10 CLA RT . 72.72 -88.65 59.88
C11 CLA RT . 71.91 -87.55 60.55
C12 CLA RT . 70.95 -88.13 61.58
C13 CLA RT . 70.48 -87.08 62.58
C14 CLA RT . 70.66 -87.57 64.01
C15 CLA RT . 69.01 -86.74 62.29
C16 CLA RT . 68.75 -85.24 62.39
C17 CLA RT . 69.33 -84.51 61.19
C18 CLA RT . 68.88 -83.05 61.19
C19 CLA RT . 69.76 -82.20 62.09
C20 CLA RT . 68.85 -82.50 59.76
MG CLA ST . 74.73 -103.78 49.90
CHA CLA ST . 76.19 -100.66 49.72
CHB CLA ST . 77.68 -105.25 48.90
CHC CLA ST . 73.29 -106.74 50.23
CHD CLA ST . 71.71 -102.27 50.93
NA CLA ST . 76.74 -103.04 49.37
C1A CLA ST . 77.14 -101.77 49.34
C2A CLA ST . 78.58 -101.64 48.89
C3A CLA ST . 78.99 -103.09 48.62
C4A CLA ST . 77.75 -103.86 48.99
CMA CLA ST . 79.68 -103.46 47.32
CAA CLA ST . 79.42 -101.13 50.06
CBA CLA ST . 80.91 -101.13 49.76
CGA CLA ST . 81.65 -101.84 50.87
O1A CLA ST . 81.47 -101.47 52.02
O2A CLA ST . 82.48 -102.82 50.58
NB CLA ST . 75.38 -105.69 49.62
C1B CLA ST . 76.61 -106.11 49.19
C2B CLA ST . 76.64 -107.55 49.08
C3B CLA ST . 75.40 -107.96 49.46
C4B CLA ST . 74.61 -106.78 49.80
CMB CLA ST . 77.80 -108.39 48.64
CAB CLA ST . 74.90 -109.35 49.51
CBB CLA ST . 74.68 -110.02 50.85
NC CLA ST . 72.84 -104.41 50.56
C1C CLA ST . 72.43 -105.67 50.55
C2C CLA ST . 70.99 -105.83 50.87
C3C CLA ST . 70.56 -104.55 51.10
C4C CLA ST . 71.71 -103.67 50.90
CMC CLA ST . 70.21 -107.10 50.94
CAC CLA ST . 69.16 -104.13 51.47
CBC CLA ST . 69.00 -104.22 52.98
ND CLA ST . 74.02 -101.98 50.26
C1D CLA ST . 72.83 -101.45 50.65
C2D CLA ST . 72.89 -99.98 50.75
C3D CLA ST . 74.20 -99.70 50.39
C4D CLA ST . 74.86 -100.88 50.09
CMD CLA ST . 71.89 -98.91 51.13
CAD CLA ST . 75.10 -98.58 50.19
OBD CLA ST . 74.92 -97.44 50.56
CBD CLA ST . 76.43 -99.16 49.79
CGD CLA ST . 76.87 -98.63 48.44
O1D CLA ST . 76.06 -98.44 47.56
O2D CLA ST . 78.16 -98.40 48.21
CED CLA ST . 78.47 -97.17 47.56
C1 CLA ST . 81.98 -104.19 50.50
C2 CLA ST . 80.88 -104.68 51.40
C3 CLA ST . 80.88 -105.93 51.89
C4 CLA ST . 81.98 -106.89 51.56
MG CLA TT . 72.76 -97.17 56.76
CHA CLA TT . 75.53 -97.04 54.69
CHB CLA TT . 73.33 -93.94 57.80
CHC CLA TT . 70.03 -97.38 58.61
CHD CLA TT . 72.19 -100.49 55.67
NA CLA TT . 74.26 -95.62 56.29
C1A CLA TT . 75.28 -95.75 55.45
C2A CLA TT . 76.13 -94.52 55.41
C3A CLA TT . 75.42 -93.58 56.40
C4A CLA TT . 74.26 -94.39 56.86
CMA CLA TT . 76.26 -92.85 57.44
CAA CLA TT . 76.15 -93.88 54.03
CBA CLA TT . 77.31 -92.90 53.93
CGA CLA TT . 78.58 -93.52 54.47
O1A CLA TT . 79.07 -94.48 53.90
O2A CLA TT . 79.12 -93.03 55.57
NB CLA TT . 71.82 -95.85 58.00
C1B CLA TT . 72.19 -94.59 58.34
C2B CLA TT . 71.27 -94.04 59.30
C3B CLA TT . 70.37 -95.02 59.53
C4B CLA TT . 70.71 -96.17 58.69
CMB CLA TT . 71.33 -92.68 59.94
CAB CLA TT . 69.19 -94.97 60.44
CBB CLA TT . 69.10 -95.89 61.63
NC CLA TT . 71.31 -98.67 57.04
C1C CLA TT . 70.29 -98.56 57.88
C2C CLA TT . 69.48 -99.80 57.97
C3C CLA TT . 70.10 -100.67 57.11
C4C CLA TT . 71.24 -99.95 56.54
CMC CLA TT . 68.26 -100.01 58.82
CAC CLA TT . 69.69 -102.09 56.80
CBC CLA TT . 70.21 -103.01 57.87
ND CLA TT . 73.54 -98.49 55.51
C1D CLA TT . 73.29 -99.78 55.16
C2D CLA TT . 74.30 -100.30 54.24
C3D CLA TT . 75.16 -99.22 54.07
C4D CLA TT . 74.70 -98.15 54.82
CMD CLA TT . 74.52 -101.63 53.58
CAD CLA TT . 76.37 -98.84 53.38
OBD CLA TT . 77.20 -99.63 52.95
CBD CLA TT . 76.65 -97.42 53.74
CGD CLA TT . 77.96 -97.38 54.46
O1D CLA TT . 79.02 -97.39 53.86
O2D CLA TT . 77.99 -97.37 55.80
CED CLA TT . 79.04 -96.63 56.41
MG CLA UT . 56.54 -105.55 55.93
CHA CLA UT . 54.48 -107.25 58.10
CHB CLA UT . 59.32 -106.67 57.61
CHC CLA UT . 58.41 -103.94 53.72
CHD CLA UT . 53.67 -104.42 54.18
NA CLA UT . 56.89 -106.84 57.69
C1A CLA UT . 55.94 -107.42 58.42
C2A CLA UT . 56.52 -108.22 59.57
C3A CLA UT . 58.04 -108.00 59.38
C4A CLA UT . 58.12 -107.12 58.16
CMA CLA UT . 58.91 -107.73 60.61
CAA CLA UT . 56.19 -109.71 59.48
CBA CLA UT . 57.07 -110.50 58.53
CGA CLA UT . 56.57 -110.41 57.11
O1A CLA UT . 57.32 -110.77 56.22
O2A CLA UT . 55.34 -109.98 56.88
NB CLA UT . 58.56 -105.34 55.70
C1B CLA UT . 59.55 -105.84 56.48
C2B CLA UT . 60.83 -105.42 55.98
C3B CLA UT . 60.55 -104.65 54.88
C4B CLA UT . 59.11 -104.62 54.72
CMB CLA UT . 62.18 -105.77 56.56
CAB CLA UT . 61.50 -103.96 53.97
CBB CLA UT . 62.42 -102.89 54.50
NC CLA UT . 56.12 -104.42 54.19
C1C CLA UT . 57.03 -103.83 53.45
C2C CLA UT . 56.45 -103.06 52.31
C3C CLA UT . 55.11 -103.26 52.44
C4C CLA UT . 54.90 -104.08 53.61
CMC CLA UT . 57.20 -102.28 51.26
CAC CLA UT . 54.04 -102.68 51.54
CBC CLA UT . 53.62 -103.75 50.55
ND CLA UT . 54.58 -105.72 56.01
C1D CLA UT . 53.51 -105.25 55.30
C2D CLA UT . 52.25 -105.70 55.86
C3D CLA UT . 52.63 -106.48 56.95
C4D CLA UT . 54.03 -106.49 57.03
CMD CLA UT . 50.81 -105.49 55.48
CAD CLA UT . 52.10 -107.28 58.02
OBD CLA UT . 50.91 -107.45 58.27
CBD CLA UT . 53.25 -107.81 58.81
CGD CLA UT . 53.18 -107.27 60.19
O1D CLA UT . 52.98 -106.08 60.37
O2D CLA UT . 53.34 -108.06 61.24
CED CLA UT . 52.16 -108.34 61.99
C1 CLA UT . 54.87 -109.62 55.54
C2 CLA UT . 55.67 -108.74 54.61
C3 CLA UT . 55.12 -108.17 53.53
C4 CLA UT . 53.69 -108.37 53.18
C5 CLA UT . 55.92 -107.31 52.58
C6 CLA UT . 57.40 -107.61 52.71
C7 CLA UT . 58.21 -106.88 51.64
C8 CLA UT . 59.11 -107.82 50.85
C9 CLA UT . 58.34 -109.02 50.33
C10 CLA UT . 60.30 -108.25 51.71
C11 CLA UT . 61.21 -109.22 50.95
C12 CLA UT . 61.43 -110.48 51.77
C13 CLA UT . 62.17 -111.55 50.96
C14 CLA UT . 61.26 -112.75 50.69
C15 CLA UT . 63.41 -111.98 51.73
C16 CLA UT . 64.56 -112.31 50.79
C17 CLA UT . 65.43 -111.07 50.54
C18 CLA UT . 66.91 -111.40 50.60
C19 CLA UT . 67.29 -112.09 51.91
C20 CLA UT . 67.32 -112.25 49.39
MG CLA VT . 61.98 -113.02 59.39
CHA CLA VT . 60.14 -113.86 56.59
CHB CLA VT . 61.90 -116.28 60.50
CHC CLA VT . 63.79 -112.09 62.00
CHD CLA VT . 62.10 -109.68 58.20
NA CLA VT . 61.13 -114.91 58.63
C1A CLA VT . 60.43 -115.05 57.50
C2A CLA VT . 60.00 -116.47 57.29
C3A CLA VT . 60.54 -117.19 58.54
C4A CLA VT . 61.24 -116.09 59.28
CMA CLA VT . 59.67 -118.19 59.30
CAA CLA VT . 60.64 -117.14 56.07
CBA CLA VT . 61.89 -116.48 55.48
CGA CLA VT . 63.11 -116.70 56.34
O1A CLA VT . 63.47 -117.83 56.59
O2A CLA VT . 63.72 -115.62 56.82
NB CLA VT . 62.73 -114.03 60.99
C1B CLA VT . 62.59 -115.35 61.30
C2B CLA VT . 63.26 -115.64 62.55
C3B CLA VT . 63.79 -114.45 62.97
C4B CLA VT . 63.44 -113.45 61.96
CMB CLA VT . 63.35 -116.97 63.26
CAB CLA VT . 64.58 -114.17 64.19
CBB CLA VT . 63.98 -114.38 65.56
NC CLA VT . 62.87 -111.20 59.97
C1C CLA VT . 63.53 -111.03 61.10
C2C CLA VT . 63.97 -109.62 61.30
C3C CLA VT . 63.51 -108.97 60.20
C4C CLA VT . 62.82 -109.95 59.38
CMC CLA VT . 64.74 -109.08 62.48
CAC CLA VT . 63.68 -107.49 59.88
CBC CLA VT . 62.46 -106.72 60.32
ND CLA VT . 61.34 -111.95 57.86
C1D CLA VT . 61.43 -110.67 57.44
C2D CLA VT . 60.76 -110.43 56.16
C3D CLA VT . 60.26 -111.69 55.84
C4D CLA VT . 60.62 -112.58 56.86
CMD CLA VT . 60.56 -109.23 55.27
CAD CLA VT . 59.52 -112.41 54.83
OBD CLA VT . 58.91 -111.90 53.90
CBD CLA VT . 59.29 -113.80 55.35
CGD CLA VT . 57.85 -113.91 55.73
O1D CLA VT . 57.50 -113.72 56.88
O2D CLA VT . 56.93 -114.21 54.81
CED CLA VT . 55.88 -113.25 54.61
C1 CLA VT . 65.00 -115.72 57.51
C2 CLA VT . 65.17 -116.42 58.84
C3 CLA VT . 66.13 -116.03 59.68
C4 CLA VT . 66.29 -116.71 61.01
C1 LUT WT . 61.31 -102.26 61.07
C2 LUT WT . 60.00 -102.77 61.65
C3 LUT WT . 59.44 -103.95 60.88
C4 LUT WT . 59.10 -103.47 59.48
C5 LUT WT . 60.19 -102.64 58.85
C6 LUT WT . 61.26 -102.19 59.54
C7 LUT WT . 62.45 -101.64 58.83
C8 LUT WT . 62.62 -100.36 58.47
C9 LUT WT . 63.84 -99.90 57.77
C10 LUT WT . 64.03 -98.57 57.64
C11 LUT WT . 65.19 -97.97 56.99
C12 LUT WT . 65.60 -96.82 57.55
C13 LUT WT . 66.74 -96.00 57.10
C14 LUT WT . 66.94 -94.84 57.74
C15 LUT WT . 68.02 -93.92 57.39
C16 LUT WT . 62.44 -103.21 61.45
C17 LUT WT . 61.58 -100.90 61.70
C18 LUT WT . 60.02 -102.33 57.40
C19 LUT WT . 64.84 -100.87 57.23
C20 LUT WT . 67.61 -96.42 55.95
O3 LUT WT . 58.24 -104.39 61.52
C21 LUT WT . 75.38 -83.80 57.33
C22 LUT WT . 76.65 -83.23 56.70
C23 LUT WT . 76.34 -81.87 56.11
C24 LUT WT . 75.44 -82.08 54.92
C25 LUT WT . 74.18 -82.80 55.36
C26 LUT WT . 74.19 -83.70 56.38
C27 LUT WT . 72.88 -84.25 56.82
C28 LUT WT . 72.48 -85.47 56.44
C29 LUT WT . 71.20 -86.06 56.86
C30 LUT WT . 71.14 -87.40 56.95
C31 LUT WT . 69.97 -88.17 57.35
C32 LUT WT . 70.01 -89.50 57.15
C33 LUT WT . 68.91 -90.39 57.53
C34 LUT WT . 69.03 -91.72 57.38
C35 LUT WT . 67.95 -92.64 57.73
C36 LUT WT . 75.04 -83.01 58.58
C37 LUT WT . 75.69 -85.23 57.72
C38 LUT WT . 72.92 -82.47 54.63
C39 LUT WT . 70.01 -85.21 57.18
C40 LUT WT . 67.64 -89.80 58.09
O23 LUT WT . 77.56 -81.22 55.73
C1 LUT XT . 53.59 -88.54 59.92
C2 LUT XT . 53.29 -88.64 61.41
C3 LUT XT . 54.26 -87.88 62.29
C4 LUT XT . 55.65 -88.45 62.05
C5 LUT XT . 56.00 -88.41 60.59
C6 LUT XT . 55.07 -88.46 59.61
C7 LUT XT . 55.49 -88.37 58.19
C8 LUT XT . 55.88 -89.43 57.45
C9 LUT XT . 56.27 -89.24 56.03
C10 LUT XT . 56.44 -90.31 55.25
C11 LUT XT . 56.81 -90.18 53.85
C12 LUT XT . 56.49 -91.16 53.02
C13 LUT XT . 56.80 -91.14 51.58
C14 LUT XT . 56.59 -92.26 50.85
C15 LUT XT . 56.86 -92.32 49.42
C16 LUT XT . 52.92 -87.29 59.38
C17 LUT XT . 52.96 -89.76 59.26
C18 LUT XT . 57.47 -88.34 60.27
C19 LUT XT . 56.47 -87.86 55.50
C20 LUT XT . 57.33 -89.90 50.92
O3 LUT XT . 53.93 -88.11 63.65
C21 LUT XT . 57.63 -98.17 37.98
C22 LUT XT . 58.05 -98.65 36.59
C23 LUT XT . 59.29 -99.52 36.62
C24 LUT XT . 60.43 -98.67 37.13
C25 LUT XT . 60.09 -98.17 38.51
C26 LUT XT . 58.82 -98.01 38.93
C27 LUT XT . 58.59 -98.07 40.40
C28 LUT XT . 58.17 -97.01 41.10
C29 LUT XT . 57.97 -97.08 42.56
C30 LUT XT . 57.47 -96.01 43.21
C31 LUT XT . 57.23 -96.01 44.65
C32 LUT XT . 57.20 -94.85 45.29
C33 LUT XT . 56.95 -94.77 46.74
C34 LUT XT . 56.85 -93.57 47.33
C35 LUT XT . 56.61 -93.45 48.77
C36 LUT XT . 56.67 -99.18 38.59
C37 LUT XT . 56.92 -96.84 37.81
C38 LUT XT . 61.22 -97.83 39.43
C39 LUT XT . 58.30 -98.33 43.30
C40 LUT XT . 56.80 -96.02 47.55
O23 LUT XT . 59.61 -100.01 35.31
C1 XAT YT . 40.67 -86.11 56.80
C2 XAT YT . 40.43 -87.58 57.09
C3 XAT YT . 41.65 -88.42 56.78
C4 XAT YT . 42.73 -88.10 57.81
C5 XAT YT . 43.07 -86.62 57.82
C6 XAT YT . 42.05 -85.63 57.35
C7 XAT YT . 42.26 -84.16 57.64
C8 XAT YT . 42.90 -83.41 56.76
C9 XAT YT . 43.12 -81.97 57.02
C10 XAT YT . 43.84 -81.26 56.15
C11 XAT YT . 44.17 -79.85 56.23
C12 XAT YT . 44.98 -79.30 55.30
C13 XAT YT . 45.21 -77.89 55.05
C14 XAT YT . 46.25 -77.52 54.26
C15 XAT YT . 46.46 -76.13 54.03
C16 XAT YT . 39.57 -85.29 57.42
C17 XAT YT . 40.66 -85.93 55.28
C18 XAT YT . 44.18 -86.11 58.74
C19 XAT YT . 42.55 -81.33 58.24
C20 XAT YT . 44.31 -76.86 55.66
O3 XAT YT . 41.32 -89.81 56.87
O4 XAT YT . 43.14 -86.07 56.47
C21 XAT YT . 46.90 -65.69 46.08
C22 XAT YT . 47.33 -64.35 45.50
C23 XAT YT . 47.83 -63.43 46.59
C24 XAT YT . 49.14 -63.98 47.11
C25 XAT YT . 48.95 -65.38 47.69
C26 XAT YT . 47.90 -66.24 47.10
C27 XAT YT . 48.10 -67.73 47.21
C28 XAT YT . 47.54 -68.44 48.18
C29 XAT YT . 48.00 -69.76 48.61
C30 XAT YT . 47.36 -70.48 49.55
C31 XAT YT . 47.90 -71.79 49.91
C32 XAT YT . 47.34 -72.54 50.87
C33 XAT YT . 47.79 -73.84 51.40
C34 XAT YT . 47.21 -74.34 52.51
C35 XAT YT . 47.28 -75.68 53.05
C36 XAT YT . 46.69 -66.69 44.95
C37 XAT YT . 45.56 -65.48 46.78
C38 XAT YT . 50.13 -66.09 48.35
C39 XAT YT . 49.23 -70.33 47.97
C40 XAT YT . 48.89 -74.59 50.72
O23 XAT YT . 48.04 -62.12 46.05
O24 XAT YT . 47.72 -65.60 48.36
C1 NEX ZT . 65.33 -60.77 55.58
C2 NEX ZT . 65.47 -59.46 54.81
C3 NEX ZT . 65.66 -59.59 53.31
C4 NEX ZT . 66.74 -60.61 52.89
C5 NEX ZT . 67.28 -61.49 54.00
C6 NEX ZT . 66.14 -61.87 54.92
C7 NEX ZT . 65.88 -63.07 55.15
C8 NEX ZT . 65.51 -64.43 55.27
C9 NEX ZT . 64.28 -65.14 55.66
C10 NEX ZT . 64.33 -66.19 56.38
C11 NEX ZT . 63.23 -67.11 56.67
C12 NEX ZT . 63.38 -68.16 57.18
C13 NEX ZT . 62.54 -69.36 57.17
C14 NEX ZT . 62.77 -70.31 57.97
C15 NEX ZT . 62.13 -71.63 58.01
C16 NEX ZT . 63.87 -61.18 55.71
C17 NEX ZT . 65.89 -60.57 56.98
C18 NEX ZT . 67.91 -62.75 53.39
C19 NEX ZT . 62.95 -64.66 55.16
C20 NEX ZT . 61.40 -69.48 56.21
O3 NEX ZT . 64.42 -59.97 52.69
O4 NEX ZT . 68.31 -60.82 54.74
C21 NEX ZT . 62.31 -82.46 62.58
C22 NEX ZT . 62.09 -83.46 63.71
C23 NEX ZT . 61.19 -82.89 64.79
C24 NEX ZT . 59.79 -82.80 64.21
C25 NEX ZT . 59.77 -81.90 62.98
C26 NEX ZT . 61.04 -81.73 62.17
C27 NEX ZT . 60.88 -81.26 60.74
C28 NEX ZT . 61.06 -79.99 60.40
C29 NEX ZT . 60.92 -79.62 59.12
C30 NEX ZT . 61.07 -78.43 58.75
C31 NEX ZT . 61.73 -77.28 59.39
C32 NEX ZT . 61.67 -76.22 58.89
C33 NEX ZT . 62.26 -74.90 59.24
C34 NEX ZT . 61.94 -73.89 58.58
C35 NEX ZT . 62.52 -72.53 58.66
C36 NEX ZT . 62.87 -83.22 61.37
C37 NEX ZT . 63.35 -81.44 63.02
C38 NEX ZT . 58.45 -81.63 62.29
C39 NEX ZT . 60.56 -80.65 58.07
C40 NEX ZT . 63.23 -74.78 60.37
O23 NEX ZT . 61.15 -83.78 65.91
O24 NEX ZT . 60.61 -80.75 63.13
O1 LHG AU . 77.09 -109.10 44.88
C1 LHG AU . 77.13 -107.79 44.30
C2 LHG AU . 76.52 -106.80 45.27
O2 LHG AU . 75.61 -107.48 46.13
C3 LHG AU . 75.76 -105.73 44.49
O3 LHG AU . 74.48 -105.56 45.09
P LHG AU . 74.09 -104.14 45.76
O4 LHG AU . 75.07 -103.86 46.87
O5 LHG AU . 73.90 -103.12 44.65
O6 LHG AU . 72.65 -104.45 46.40
C4 LHG AU . 71.51 -103.74 45.95
C5 LHG AU . 70.42 -103.82 47.01
C6 LHG AU . 70.28 -102.43 47.61
O7 LHG AU . 69.17 -104.23 46.44
C7 LHG AU . 68.60 -105.20 47.16
O9 LHG AU . 68.52 -105.07 48.37
C8 LHG AU . 68.08 -106.46 46.51
C9 LHG AU . 66.66 -106.24 45.97
C10 LHG AU . 65.74 -107.39 46.40
O8 LHG AU . 68.93 -101.98 47.54
C23 LHG AU . 68.66 -100.71 47.27
O10 LHG AU . 69.49 -100.04 46.68
C24 LHG AU . 67.35 -100.11 47.71
C11 LHG AU . 64.47 -107.42 45.57
C12 LHG AU . 63.25 -107.77 46.43
C13 LHG AU . 62.00 -107.90 45.58
C14 LHG AU . 60.77 -107.30 46.27
C15 LHG AU . 59.49 -107.67 45.52
C16 LHG AU . 58.47 -108.31 46.45
C17 LHG AU . 57.65 -107.26 47.18
C18 LHG AU . 56.56 -106.68 46.30
C19 LHG AU . 55.35 -107.61 46.22
C20 LHG AU . 54.86 -108.05 47.60
C21 LHG AU . 53.88 -107.03 48.19
C22 LHG AU . 52.83 -107.73 49.02
C25 LHG AU . 66.32 -101.22 47.87
C26 LHG AU . 66.25 -101.72 49.31
C27 LHG AU . 65.96 -103.22 49.32
C28 LHG AU . 65.36 -103.69 50.64
C29 LHG AU . 65.19 -105.20 50.65
C30 LHG AU . 65.88 -105.82 51.86
C31 LHG AU . 64.87 -106.53 52.77
C32 LHG AU . 65.50 -107.67 53.54
C33 LHG AU . 64.47 -108.74 53.86
C34 LHG AU . 64.40 -109.02 55.36
C35 LHG AU . 65.74 -109.52 55.88
C36 LHG AU . 65.67 -111.01 56.20
C37 LHG AU . 66.76 -111.41 57.20
C38 LHG AU . 66.25 -111.33 58.63
MG CHL BU . 33.52 -98.33 20.21
CHA CHL BU . 35.74 -98.52 22.77
CHB CHL BU . 31.90 -95.79 21.85
CHC CHL BU . 31.50 -98.08 17.70
CHD CHL BU . 35.26 -101.00 18.62
NA CHL BU . 33.79 -97.35 21.99
C1A CHL BU . 34.76 -97.56 22.94
C2A CHL BU . 34.60 -96.61 24.14
C3A CHL BU . 33.26 -95.95 23.88
C4A CHL BU . 32.93 -96.39 22.49
CMA CHL BU . 32.16 -95.97 24.94
CAA CHL BU . 35.73 -95.58 24.30
CBA CHL BU . 35.41 -94.34 25.14
CGA CHL BU . 35.09 -94.61 26.59
O1A CHL BU . 35.53 -95.53 27.22
O2A CHL BU . 34.28 -93.70 27.08
NB CHL BU . 31.96 -97.09 19.84
C1B CHL BU . 31.45 -96.09 20.58
C2B CHL BU . 30.39 -95.46 19.87
C3B CHL BU . 30.25 -96.09 18.67
C4B CHL BU . 31.26 -97.13 18.65
CMB CHL BU . 29.56 -94.33 20.39
CAB CHL BU . 29.29 -95.69 17.64
CBB CHL BU . 29.08 -96.26 16.24
NC CHL BU . 33.42 -99.40 18.47
C1C CHL BU . 32.42 -99.10 17.59
C2C CHL BU . 32.51 -100.04 16.49
C3C CHL BU . 33.55 -100.86 16.75
C4C CHL BU . 34.15 -100.48 18.00
CMC CHL BU . 31.69 -100.13 15.30
OMC CHL BU . 30.75 -99.40 15.02
CAC CHL BU . 34.02 -102.00 15.89
CBC CHL BU . 35.03 -101.57 14.86
ND CHL BU . 35.11 -99.57 20.54
C1D CHL BU . 35.75 -100.55 19.84
C2D CHL BU . 36.89 -100.98 20.56
C3D CHL BU . 36.94 -100.23 21.71
C4D CHL BU . 35.83 -99.36 21.69
CMD CHL BU . 37.84 -102.07 20.11
CAD CHL BU . 37.66 -99.97 22.93
OBD CHL BU . 38.68 -100.50 23.33
CBD CHL BU . 36.93 -98.89 23.69
CGD CHL BU . 36.49 -99.40 25.06
O1D CHL BU . 35.94 -100.45 25.25
O2D CHL BU . 36.82 -98.53 26.01
CED CHL BU . 36.50 -98.92 27.36
C1 CHL BU . 33.85 -93.69 28.46
C2 CHL BU . 32.45 -93.19 28.53
C3 CHL BU . 31.44 -93.98 28.82
C4 CHL BU . 31.58 -95.45 29.10
C5 CHL BU . 30.01 -93.45 28.88
C6 CHL BU . 29.73 -92.59 30.10
C7 CHL BU . 29.38 -93.41 31.35
C8 CHL BU . 27.90 -93.77 31.49
C9 CHL BU . 27.66 -95.25 31.22
C10 CHL BU . 27.48 -93.37 32.91
C11 CHL BU . 27.92 -94.33 34.01
C12 CHL BU . 27.60 -93.83 35.40
C13 CHL BU . 28.03 -94.76 36.55
C14 CHL BU . 26.88 -95.04 37.51
C15 CHL BU . 29.34 -94.40 37.27
C16 CHL BU . 29.19 -93.89 38.70
C17 CHL BU . 30.53 -93.73 39.42
C18 CHL BU . 30.46 -93.27 40.86
C19 CHL BU . 29.59 -94.18 41.70
C20 CHL BU . 31.83 -93.12 41.49
MG CLA CU . 45.61 -100.52 25.32
CHA CLA CU . 46.12 -98.68 22.45
CHB CLA CU . 48.88 -100.07 26.26
CHC CLA CU . 44.92 -102.15 28.08
CHD CLA CU . 42.23 -100.94 24.31
NA CLA CU . 47.35 -99.46 24.46
C1A CLA CU . 47.35 -98.78 23.32
C2A CLA CU . 48.70 -98.20 23.02
C3A CLA CU . 49.54 -98.69 24.20
C4A CLA CU . 48.56 -99.44 25.05
CMA CLA CU . 50.87 -99.33 23.84
CAA CLA CU . 48.60 -96.66 23.04
CBA CLA CU . 48.85 -95.99 24.39
CGA CLA CU . 47.57 -95.84 25.19
O1A CLA CU . 46.49 -96.03 24.67
O2A CLA CU . 47.69 -95.46 26.46
NB CLA CU . 46.74 -101.02 26.94
C1B CLA CU . 48.07 -100.82 27.14
C2B CLA CU . 48.47 -101.43 28.39
C3B CLA CU . 47.33 -102.03 28.89
C4B CLA CU . 46.25 -101.76 27.96
CMB CLA CU . 49.87 -101.43 28.95
CAB CLA CU . 47.14 -102.83 30.13
CBB CLA CU . 47.80 -102.57 31.47
NC CLA CU . 43.86 -101.41 26.06
C1C CLA CU . 43.78 -102.01 27.25
C2C CLA CU . 42.40 -102.47 27.56
C3C CLA CU . 41.67 -102.12 26.47
C4C CLA CU . 42.58 -101.47 25.54
CMC CLA CU . 41.88 -103.15 28.79
CAC CLA CU . 40.20 -102.36 26.29
CBC CLA CU . 39.45 -101.10 26.65
ND CLA CU . 44.41 -100.01 23.83
C1D CLA CU . 43.10 -100.20 23.50
C2D CLA CU . 42.74 -99.57 22.25
C3D CLA CU . 43.93 -98.98 21.83
C4D CLA CU . 44.91 -99.23 22.80
CMD CLA CU . 41.47 -99.51 21.48
CAD CLA CU . 44.52 -98.18 20.78
OBD CLA CU . 43.96 -97.80 19.76
CBD CLA CU . 45.99 -98.11 21.04
CGD CLA CU . 46.71 -99.08 20.15
O1D CLA CU . 47.44 -98.71 19.24
O2D CLA CU . 46.58 -100.39 20.35
CED CLA CU . 47.79 -101.14 20.46
C1 CLA CU . 48.28 -96.36 27.45
C2 CLA CU . 47.44 -97.17 28.39
C3 CLA CU . 47.89 -97.48 29.63
C4 CLA CU . 49.25 -97.03 30.08
C5 CLA CU . 47.09 -98.28 30.62
C6 CLA CU . 47.03 -97.48 31.92
C7 CLA CU . 45.83 -97.85 32.78
C8 CLA CU . 45.28 -96.62 33.49
C9 CLA CU . 45.43 -96.71 34.99
C10 CLA CU . 43.81 -96.41 33.09
C11 CLA CU . 43.01 -97.69 33.31
C12 CLA CU . 41.89 -97.47 34.31
C13 CLA CU . 40.62 -98.18 33.90
C14 CLA CU . 40.89 -99.66 33.62
C15 CLA CU . 40.00 -97.47 32.71
C16 CLA CU . 38.48 -97.48 32.80
C17 CLA CU . 37.88 -98.48 31.82
C18 CLA CU . 36.82 -99.34 32.49
C19 CLA CU . 35.59 -99.49 31.61
C20 CLA CU . 37.37 -100.70 32.87
MG CLA DU . 48.91 -103.50 36.42
CHA CLA DU . 51.95 -102.05 35.69
CHB CLA DU . 47.24 -100.75 35.20
CHC CLA DU . 46.06 -105.03 37.09
CHD CLA DU . 50.63 -106.35 37.65
NA CLA DU . 49.52 -101.58 35.52
C1A CLA DU . 50.77 -101.18 35.31
C2A CLA DU . 50.83 -99.79 34.73
C3A CLA DU . 49.34 -99.44 34.58
C4A CLA DU . 48.64 -100.64 35.12
CMA CLA DU . 48.87 -98.05 35.02
CAA CLA DU . 51.47 -99.75 33.34
CBA CLA DU . 52.72 -98.88 33.36
CGA CLA DU . 52.42 -97.54 34.00
O1A CLA DU . 51.76 -96.71 33.37
O2A CLA DU . 52.88 -97.29 35.21
NB CLA DU . 46.95 -102.98 36.17
C1B CLA DU . 46.46 -101.81 35.67
C2B CLA DU . 45.02 -101.84 35.71
C3B CLA DU . 44.69 -103.05 36.25
C4B CLA DU . 45.94 -103.76 36.54
CMB CLA DU . 44.07 -100.76 35.25
CAB CLA DU . 43.33 -103.56 36.50
CBB CLA DU . 42.86 -103.95 37.89
NC CLA DU . 48.43 -105.42 37.14
C1C CLA DU . 47.19 -105.82 37.41
C2C CLA DU . 47.13 -107.14 38.07
C3C CLA DU . 48.44 -107.52 38.17
C4C CLA DU . 49.24 -106.44 37.59
CMC CLA DU . 45.91 -107.89 38.52
CAC CLA DU . 48.97 -108.80 38.76
CBC CLA DU . 49.10 -109.80 37.63
ND CLA DU . 50.76 -104.15 36.64
C1D CLA DU . 51.37 -105.25 37.15
C2D CLA DU . 52.82 -105.13 37.13
C3D CLA DU . 53.03 -103.89 36.55
C4D CLA DU . 51.80 -103.31 36.26
CMD CLA DU . 53.96 -106.01 37.56
CAD CLA DU . 54.08 -102.98 36.14
OBD CLA DU . 55.21 -103.34 35.84
CBD CLA DU . 53.43 -101.75 35.60
CGD CLA DU . 53.76 -100.62 36.52
O1D CLA DU . 54.43 -99.67 36.12
O2D CLA DU . 53.37 -100.65 37.80
CED CLA DU . 52.44 -99.66 38.23
C1 CLA DU . 52.01 -96.65 36.20
C2 CLA DU . 52.10 -95.18 36.55
C3 CLA DU . 51.09 -94.58 37.19
C4 CLA DU . 51.18 -93.13 37.55
C5 CLA DU . 49.79 -95.27 37.55
C6 CLA DU . 49.81 -95.69 39.03
C7 CLA DU . 48.41 -95.60 39.64
C8 CLA DU . 48.12 -96.83 40.50
C9 CLA DU . 46.76 -97.43 40.13
C10 CLA DU . 48.16 -96.45 41.98
C11 CLA DU . 47.75 -97.60 42.89
C12 CLA DU . 48.92 -98.09 43.72
C13 CLA DU . 48.48 -98.64 45.08
C14 CLA DU . 49.67 -99.11 45.89
C15 CLA DU . 47.49 -99.78 44.89
C16 CLA DU . 46.85 -100.18 46.22
C17 CLA DU . 45.89 -101.36 46.03
C18 CLA DU . 44.46 -100.96 46.40
C19 CLA DU . 43.79 -100.19 45.26
C20 CLA DU . 43.64 -102.18 46.78
MG CLA EU . 43.72 -122.81 38.59
CHA CLA EU . 42.61 -124.69 41.26
CHB CLA EU . 45.60 -120.84 40.70
CHC CLA EU . 44.83 -121.20 35.94
CHD CLA EU . 41.80 -124.87 36.44
NA CLA EU . 44.09 -122.76 40.76
C1A CLA EU . 43.57 -123.59 41.66
C2A CLA EU . 44.02 -123.26 43.07
C3A CLA EU . 44.94 -122.05 42.85
C4A CLA EU . 44.89 -121.86 41.37
CMA CLA EU . 44.80 -120.84 43.76
CAA CLA EU . 44.88 -124.38 43.67
CBA CLA EU . 45.79 -125.00 42.63
CGA CLA EU . 46.47 -126.23 43.19
O1A CLA EU . 45.82 -127.03 43.84
O2A CLA EU . 47.77 -126.39 42.97
NB CLA EU . 45.02 -121.27 38.36
C1B CLA EU . 45.65 -120.56 39.33
C2B CLA EU . 46.41 -119.50 38.73
C3B CLA EU . 46.18 -119.60 37.39
C4B CLA EU . 45.30 -120.73 37.17
CMB CLA EU . 47.23 -118.50 39.48
CAB CLA EU . 46.68 -118.77 36.27
CBB CLA EU . 48.11 -118.28 36.16
NC CLA EU . 43.40 -123.04 36.52
C1C CLA EU . 43.91 -122.22 35.61
C2C CLA EU . 43.41 -122.50 34.25
C3C CLA EU . 42.57 -123.57 34.40
C4C CLA EU . 42.57 -123.89 35.83
CMC CLA EU . 43.75 -121.79 32.96
CAC CLA EU . 41.77 -124.26 33.33
CBC CLA EU . 42.48 -125.52 32.88
ND CLA EU . 42.52 -124.39 38.69
C1D CLA EU . 41.78 -125.13 37.82
C2D CLA EU . 41.00 -126.15 38.50
C3D CLA EU . 41.34 -125.96 39.84
C4D CLA EU . 42.25 -124.92 39.94
CMD CLA EU . 40.04 -127.21 38.04
CAD CLA EU . 41.07 -126.49 41.15
OBD CLA EU . 40.05 -127.11 41.44
CBD CLA EU . 41.88 -125.70 42.12
CGD CLA EU . 40.97 -124.99 43.08
O1D CLA EU . 40.91 -125.32 44.25
O2D CLA EU . 40.19 -124.01 42.65
CED CLA EU . 40.37 -122.73 43.26
C1 CLA EU . 48.28 -126.36 41.61
C2 CLA EU . 47.66 -127.19 40.52
C3 CLA EU . 48.38 -127.64 39.47
C4 CLA EU . 49.83 -127.32 39.34
MG CHL FU . 52.35 -132.47 48.20
CHA CHL FU . 52.28 -134.22 45.26
CHB CHL FU . 50.86 -135.13 49.76
CHC CHL FU . 52.45 -130.79 50.98
CHD CHL FU . 53.80 -129.77 46.43
NA CHL FU . 51.72 -134.33 47.60
C1A CHL FU . 51.85 -134.91 46.36
C2A CHL FU . 51.37 -136.36 46.36
C3A CHL FU . 50.70 -136.51 47.71
C4A CHL FU . 51.10 -135.25 48.43
CMA CHL FU . 50.72 -137.85 48.43
CAA CHL FU . 52.55 -137.33 46.17
CBA CHL FU . 52.30 -138.42 45.12
CGA CHL FU . 53.42 -138.56 44.13
O1A CHL FU . 53.80 -137.71 43.38
O2A CHL FU . 53.94 -139.77 44.19
NB CHL FU . 51.75 -132.92 50.10
C1B CHL FU . 51.17 -134.05 50.55
C2B CHL FU . 50.93 -133.91 51.94
C3B CHL FU . 51.37 -132.67 52.35
C4B CHL FU . 51.90 -132.04 51.14
CMB CHL FU . 50.31 -134.96 52.83
CAB CHL FU . 51.31 -132.16 53.72
CBB CHL FU . 51.79 -130.84 54.27
NC CHL FU . 53.03 -130.58 48.60
C1C CHL FU . 52.96 -130.12 49.88
C2C CHL FU . 53.53 -128.77 49.89
C3C CHL FU . 53.90 -128.50 48.59
C4C CHL FU . 53.60 -129.64 47.78
CMC CHL FU . 53.69 -127.82 50.97
OMC CHL FU . 53.37 -128.02 52.13
CAC CHL FU . 54.54 -127.22 48.11
CBC CHL FU . 53.55 -126.31 47.42
ND CHL FU . 52.95 -132.00 46.31
C1D CHL FU . 53.48 -130.90 45.70
C2D CHL FU . 53.64 -131.13 44.32
C3D CHL FU . 53.20 -132.42 44.09
C4D CHL FU . 52.77 -132.93 45.32
CMD CHL FU . 54.19 -130.14 43.33
CAD CHL FU . 52.98 -133.45 43.09
OBD CHL FU . 53.22 -133.41 41.90
CBD CHL FU . 52.38 -134.65 43.79
CGD CHL FU . 51.03 -134.96 43.14
O1D CHL FU . 50.29 -134.16 42.69
O2D CHL FU . 50.81 -136.27 43.12
CED CHL FU . 49.56 -136.70 42.54
C1 CHL FU . 55.06 -140.20 43.35
C2 CHL FU . 55.17 -141.68 43.50
MG CHL GU . 50.22 -121.07 42.82
CHA CHL GU . 51.83 -124.09 42.51
CHB CHL GU . 51.86 -119.96 40.05
CHC CHL GU . 48.70 -118.17 43.18
CHD CHL GU . 48.67 -122.31 45.73
NA CHL GU . 51.56 -121.91 41.51
C1A CHL GU . 52.09 -123.19 41.51
C2A CHL GU . 53.04 -123.41 40.31
C3A CHL GU . 53.07 -122.06 39.64
C4A CHL GU . 52.09 -121.23 40.44
CMA CHL GU . 54.38 -121.41 39.20
CAA CHL GU . 52.62 -124.52 39.35
CBA CHL GU . 53.67 -124.88 38.31
CGA CHL GU . 53.41 -126.17 37.58
O1A CHL GU . 52.34 -126.52 37.17
O2A CHL GU . 54.51 -126.87 37.44
NB CHL GU . 50.26 -119.33 41.76
C1B CHL GU . 51.00 -119.06 40.67
C2B CHL GU . 50.76 -117.72 40.26
C3B CHL GU . 49.86 -117.16 41.13
C4B CHL GU . 49.54 -118.20 42.10
CMB CHL GU . 51.39 -117.05 39.08
CAB CHL GU . 49.35 -115.79 41.00
CBB CHL GU . 48.33 -115.08 41.84
NC CHL GU . 48.88 -120.40 44.23
C1C CHL GU . 48.37 -119.13 44.13
C2C CHL GU . 47.44 -118.96 45.25
C3C CHL GU . 47.44 -120.12 45.95
C4C CHL GU . 48.34 -121.04 45.32
CMC CHL GU . 46.62 -117.82 45.63
OMC CHL GU . 46.56 -116.76 45.05
CAC CHL GU . 46.63 -120.39 47.19
CBC CHL GU . 47.34 -120.02 48.46
ND CHL GU . 50.16 -122.79 43.92
C1D CHL GU . 49.54 -123.16 45.08
C2D CHL GU . 49.94 -124.48 45.44
C3D CHL GU . 50.83 -124.89 44.47
C4D CHL GU . 50.95 -123.85 43.54
CMD CHL GU . 49.47 -125.21 46.66
CAD CHL GU . 51.71 -125.96 44.03
OBD CHL GU . 51.88 -127.05 44.55
CBD CHL GU . 52.41 -125.50 42.78
CGD CHL GU . 53.91 -125.46 43.02
O1D CHL GU . 54.52 -124.50 43.42
O2D CHL GU . 54.47 -126.64 42.75
CED CHL GU . 55.89 -126.74 42.99
C1 CHL GU . 54.52 -128.16 36.77
C2 CHL GU . 55.08 -129.17 37.70
C3 CHL GU . 54.30 -130.02 38.36
C4 CHL GU . 52.81 -130.06 38.21
MG CHL HU . 45.81 -113.78 47.37
CHA CHL HU . 43.78 -114.01 50.10
CHB CHL HU . 43.59 -111.61 45.92
CHC CHL HU . 47.82 -113.53 44.84
CHD CHL HU . 48.05 -116.00 49.00
NA CHL HU . 44.00 -113.00 47.91
C1A CHL HU . 43.32 -113.16 49.11
C2A CHL HU . 42.06 -112.30 49.16
C3A CHL HU . 41.99 -111.67 47.79
C4A CHL HU . 43.28 -112.12 47.14
CMA CHL HU . 40.69 -111.60 47.00
CAA CHL HU . 42.10 -111.21 50.24
CBA CHL HU . 40.74 -110.83 50.83
CGA CHL HU . 40.17 -109.60 50.22
O1A CHL HU . 38.99 -109.38 50.10
O2A CHL HU . 41.11 -108.76 49.85
NB CHL HU . 45.68 -112.74 45.62
C1B CHL HU . 44.73 -111.91 45.19
C2B CHL HU . 45.10 -111.36 43.93
C3B CHL HU . 46.36 -111.89 43.60
C4B CHL HU . 46.70 -112.77 44.70
CMB CHL HU . 44.25 -110.41 43.13
CAB CHL HU . 47.23 -111.63 42.46
CBB CHL HU . 47.09 -110.76 41.23
NC CHL HU . 47.63 -114.65 47.01
C1C CHL HU . 48.26 -114.38 45.83
C2C CHL HU . 49.50 -115.15 45.79
C3C CHL HU . 49.57 -115.84 47.00
C4C CHL HU . 48.40 -115.53 47.75
CMC CHL HU . 50.42 -115.18 44.66
OMC CHL HU . 51.44 -115.85 44.58
CAC CHL HU . 50.68 -116.74 47.47
CBC CHL HU . 50.39 -118.20 47.29
ND CHL HU . 45.97 -114.83 49.11
C1D CHL HU . 46.89 -115.66 49.66
C2D CHL HU . 46.46 -116.08 50.95
C3D CHL HU . 45.24 -115.48 51.17
C4D CHL HU . 44.95 -114.71 50.03
CMD CHL HU . 47.24 -116.98 51.86
CAD CHL HU . 44.16 -115.32 52.10
OBD CHL HU . 44.01 -115.84 53.19
CBD CHL HU . 43.17 -114.35 51.47
CGD CHL HU . 41.77 -114.95 51.43
O1D CHL HU . 41.28 -115.50 50.48
O2D CHL HU . 41.15 -114.77 52.59
CED CHL HU . 39.80 -115.27 52.67
C1 CHL HU . 40.84 -107.46 49.23
C2 CHL HU . 40.41 -107.71 47.83
C3 CHL HU . 39.98 -106.71 47.07
C4 CHL HU . 39.90 -105.28 47.51
C5 CHL HU . 39.53 -106.97 45.65
C6 CHL HU . 40.46 -107.89 44.87
C7 CHL HU . 41.83 -107.28 44.59
C8 CHL HU . 42.03 -106.74 43.17
C9 CHL HU . 41.38 -105.37 42.99
C10 CHL HU . 43.55 -106.72 42.91
C11 CHL HU . 44.11 -105.44 42.29
C12 CHL HU . 45.58 -105.56 41.89
C13 CHL HU . 46.53 -105.91 43.02
C14 CHL HU . 47.07 -104.66 43.71
C15 CHL HU . 47.65 -106.91 42.69
C16 CHL HU . 48.82 -106.94 43.65
C17 CHL HU . 49.82 -108.05 43.38
C18 CHL HU . 50.51 -108.04 42.02
C19 CHL HU . 51.40 -109.24 41.85
C20 CHL HU . 51.31 -106.76 41.81
MG CHL IU . 59.11 -117.82 29.26
CHA CHL IU . 55.89 -116.79 29.06
CHB CHL IU . 58.12 -120.37 31.38
CHC CHL IU . 62.17 -118.82 29.36
CHD CHL IU . 59.98 -115.17 27.03
NA CHL IU . 57.34 -118.44 30.08
C1A CHL IU . 56.09 -117.93 29.82
C2A CHL IU . 55.00 -118.74 30.50
C3A CHL IU . 55.75 -119.69 31.38
C4A CHL IU . 57.19 -119.50 30.94
CMA CHL IU . 55.41 -119.83 32.87
CAA CHL IU . 54.09 -119.49 29.51
CBA CHL IU . 54.80 -120.50 28.63
CGA CHL IU . 54.46 -121.93 28.94
NB CHL IU . 60.00 -119.37 30.25
C1B CHL IU . 59.46 -120.32 31.06
C2B CHL IU . 60.49 -121.20 31.46
C3B CHL IU . 61.66 -120.81 30.88
C4B CHL IU . 61.34 -119.61 30.11
CMB CHL IU . 60.31 -122.36 32.39
CAB CHL IU . 62.93 -121.54 31.01
CBB CHL IU . 64.26 -121.28 30.34
NC CHL IU . 60.78 -117.06 28.35
C1C CHL IU . 61.96 -117.68 28.60
C2C CHL IU . 63.00 -116.95 27.86
C3C CHL IU . 62.38 -115.94 27.19
C4C CHL IU . 60.97 -116.00 27.49
CMC CHL IU . 64.43 -117.17 27.80
OMC CHL IU . 65.04 -118.06 28.37
CAC CHL IU . 63.03 -114.93 26.29
CBC CHL IU . 62.96 -115.31 24.84
ND CHL IU . 58.25 -116.27 28.24
C1D CHL IU . 58.66 -115.29 27.39
C2D CHL IU . 57.55 -114.51 26.97
C3D CHL IU . 56.46 -115.04 27.61
C4D CHL IU . 56.89 -116.13 28.37
CMD CHL IU . 57.62 -113.34 26.03
CAD CHL IU . 55.02 -114.93 27.79
OBD CHL IU . 54.26 -114.13 27.30
CBD CHL IU . 54.59 -116.04 28.73
CGD CHL IU . 53.93 -115.45 29.97
O1D CHL IU . 54.50 -114.86 30.84
O2D CHL IU . 52.62 -115.69 29.97
CED CHL IU . 51.87 -115.19 31.10
MG CHL JU . 56.05 -110.02 37.11
CHA CHL JU . 55.84 -107.56 34.79
CHB CHL JU . 59.47 -109.45 37.32
CHC CHL JU . 56.20 -112.30 39.33
CHD CHL JU . 52.53 -110.52 36.74
NA CHL JU . 57.40 -108.76 36.21
C1A CHL JU . 57.10 -107.75 35.32
C2A CHL JU . 58.33 -106.90 35.01
C3A CHL JU . 59.46 -107.69 35.60
C4A CHL JU . 58.75 -108.72 36.44
CMA CHL JU . 60.65 -108.09 34.73
CAA CHL JU . 58.24 -105.48 35.59
CBA CHL JU . 57.76 -105.44 37.04
CGA CHL JU . 57.59 -104.05 37.57
O1A CHL JU . 57.98 -103.05 37.03
O2A CHL JU . 56.93 -104.06 38.72
NB CHL JU . 57.63 -110.76 38.16
C1B CHL JU . 58.93 -110.42 38.15
C2B CHL JU . 59.62 -111.22 39.11
C3B CHL JU . 58.70 -112.05 39.72
C4B CHL JU . 57.42 -111.74 39.10
CMB CHL JU . 61.09 -111.15 39.40
CAB CHL JU . 59.01 -112.99 40.79
CBB CHL JU . 58.11 -113.94 41.56
NC CHL JU . 54.56 -111.20 37.87
C1C CHL JU . 54.93 -112.10 38.82
C2C CHL JU . 53.75 -112.83 39.25
C3C CHL JU . 52.69 -112.31 38.51
C4C CHL JU . 53.20 -111.30 37.65
CMC CHL JU . 53.76 -113.88 40.25
OMC CHL JU . 52.80 -114.52 40.64
CAC CHL JU . 51.24 -112.73 38.58
CBC CHL JU . 50.56 -112.29 39.86
ND CHL JU . 54.47 -109.31 36.04
C1D CHL JU . 53.14 -109.55 35.95
C2D CHL JU . 52.54 -108.70 35.00
C3D CHL JU . 53.55 -107.90 34.51
C4D CHL JU . 54.73 -108.29 35.15
CMD CHL JU . 51.08 -108.68 34.63
CAD CHL JU . 53.89 -106.82 33.61
OBD CHL JU . 53.15 -106.22 32.85
CBD CHL JU . 55.36 -106.53 33.76
CGD CHL JU . 56.07 -106.62 32.41
O1D CHL JU . 55.86 -107.45 31.58
O2D CHL JU . 56.99 -105.67 32.31
CED CHL JU . 57.84 -105.72 31.15
C1 CHL JU . 56.66 -102.88 39.52
C2 CHL JU . 55.21 -102.59 39.46
C3 CHL JU . 54.29 -103.30 40.12
C4 CHL JU . 54.60 -104.48 40.98
C5 CHL JU . 52.83 -102.89 40.06
C6 CHL JU . 52.08 -103.09 41.38
C7 CHL JU . 50.83 -102.22 41.50
C8 CHL JU . 49.75 -102.47 40.45
C9 CHL JU . 49.31 -103.93 40.43
C10 CHL JU . 48.59 -101.56 40.83
C11 CHL JU . 47.24 -101.93 40.23
C12 CHL JU . 46.08 -101.11 40.77
C13 CHL JU . 44.73 -101.43 40.13
C14 CHL JU . 44.39 -100.45 39.02
C15 CHL JU . 43.54 -101.66 41.09
C16 CHL JU . 42.16 -101.58 40.43
C17 CHL JU . 41.02 -102.05 41.33
C18 CHL JU . 40.82 -101.27 42.61
C19 CHL JU . 40.54 -99.80 42.34
C20 CHL JU . 39.70 -101.87 43.44
MG CLA KU . 49.78 -117.07 22.84
CHA CLA KU . 52.68 -117.21 21.01
CHB CLA KU . 47.93 -116.54 19.97
CHC CLA KU . 47.07 -117.03 24.70
CHD CLA KU . 51.71 -117.60 25.78
NA CLA KU . 50.23 -116.90 20.69
C1A CLA KU . 51.45 -116.99 20.16
C2A CLA KU . 51.41 -116.81 18.67
C3A CLA KU . 49.93 -116.55 18.39
C4A CLA KU . 49.30 -116.67 19.74
CMA CLA KU . 49.57 -115.36 17.52
CAA CLA KU . 51.77 -118.12 17.96
CBA CLA KU . 51.43 -119.40 18.74
CGA CLA KU . 50.08 -119.97 18.33
O1A CLA KU . 49.60 -119.61 17.27
O2A CLA KU . 49.47 -120.83 19.12
NB CLA KU . 47.81 -116.83 22.40
C1B CLA KU . 47.22 -116.61 21.18
C2B CLA KU . 45.79 -116.47 21.34
C3B CLA KU . 45.57 -116.61 22.68
C4B CLA KU . 46.86 -116.83 23.33
CMB CLA KU . 44.80 -116.22 20.23
CAB CLA KU . 44.27 -116.55 23.40
CBB CLA KU . 43.13 -117.50 23.07
NC CLA KU . 49.44 -117.38 24.89
C1C CLA KU . 48.25 -117.26 25.44
C2C CLA KU . 48.29 -117.38 26.92
C3C CLA KU . 49.61 -117.59 27.21
C4C CLA KU . 50.33 -117.57 25.94
CMC CLA KU . 47.12 -117.30 27.83
CAC CLA KU . 50.23 -117.78 28.57
CBC CLA KU . 50.45 -119.25 28.86
ND CLA KU . 51.67 -117.34 23.37
C1D CLA KU . 52.36 -117.55 24.53
C2D CLA KU . 53.80 -117.68 24.30
C3D CLA KU . 53.91 -117.55 22.91
C4D CLA KU . 52.63 -117.35 22.38
CMD CLA KU . 55.00 -117.92 25.19
CAD CLA KU . 54.88 -117.55 21.84
OBD CLA KU . 56.04 -117.87 21.91
CBD CLA KU . 54.12 -117.27 20.57
CGD CLA KU . 54.47 -115.90 20.11
O1D CLA KU . 54.49 -114.98 20.91
O2D CLA KU . 54.71 -115.67 18.82
CED CLA KU . 55.90 -116.27 18.31
C1 CLA KU . 48.01 -120.87 19.14
C2 CLA KU . 47.20 -120.58 20.39
C3 CLA KU . 45.88 -120.82 20.40
C4 CLA KU . 45.17 -121.37 19.20
C5 CLA KU . 45.01 -120.57 21.61
C6 CLA KU . 44.44 -121.90 22.10
C7 CLA KU . 43.14 -121.74 22.89
C8 CLA KU . 42.76 -123.03 23.60
C9 CLA KU . 41.55 -123.67 22.93
C10 CLA KU . 42.50 -122.77 25.07
C11 CLA KU . 43.54 -123.40 25.98
C12 CLA KU . 43.23 -123.11 27.45
C13 CLA KU . 44.31 -123.62 28.38
C14 CLA KU . 43.76 -124.69 29.32
C15 CLA KU . 44.91 -122.47 29.17
C16 CLA KU . 46.00 -122.93 30.15
C17 CLA KU . 47.28 -123.31 29.42
C18 CLA KU . 48.41 -123.61 30.39
C19 CLA KU . 49.54 -124.37 29.71
C20 CLA KU . 48.93 -122.31 31.03
MG CLA LU . 33.81 -109.81 16.91
CHA CLA LU . 36.73 -111.37 15.90
CHB CLA LU . 32.76 -109.57 13.64
CHC CLA LU . 31.02 -108.41 17.99
CHD CLA LU . 34.90 -110.06 20.26
NA CLA LU . 34.63 -110.42 14.95
C1A CLA LU . 35.80 -111.02 14.75
C2A CLA LU . 36.06 -111.27 13.29
C3A CLA LU . 34.82 -110.69 12.61
C4A CLA LU . 34.01 -110.19 13.78
CMA CLA LU . 34.97 -109.82 11.37
CAA CLA LU . 36.07 -112.77 12.97
CBA CLA LU . 35.05 -113.54 13.80
CGA CLA LU . 34.67 -114.83 13.13
O1A CLA LU . 35.46 -115.37 12.36
O2A CLA LU . 33.50 -115.38 13.42
NB CLA LU . 32.15 -109.12 15.97
C1B CLA LU . 31.90 -109.06 14.62
C2B CLA LU . 30.61 -108.45 14.39
C3B CLA LU . 30.14 -108.12 15.63
C4B CLA LU . 31.13 -108.55 16.61
CMB CLA LU . 29.97 -108.20 13.05
CAB CLA LU . 28.87 -107.46 15.98
CBB CLA LU . 27.55 -108.13 15.66
NC CLA LU . 33.05 -109.40 18.82
C1C CLA LU . 31.90 -108.76 19.03
C2C CLA LU . 31.66 -108.47 20.46
C3C CLA LU . 32.75 -108.98 21.10
C4C CLA LU . 33.62 -109.54 20.08
CMC CLA LU . 30.46 -107.76 21.06
CAC CLA LU . 32.99 -108.92 22.58
CBC CLA LU . 32.50 -110.21 23.23
ND CLA LU . 35.38 -110.49 17.93
C1D CLA LU . 35.73 -110.58 19.24
C2D CLA LU . 37.01 -111.27 19.39
C3D CLA LU . 37.38 -111.56 18.10
C4D CLA LU . 36.40 -111.09 17.23
CMD CLA LU . 37.87 -111.66 20.57
CAD CLA LU . 38.44 -112.19 17.33
OBD CLA LU . 39.21 -113.03 17.77
CBD CLA LU . 38.08 -112.04 15.88
CGD CLA LU . 39.06 -111.13 15.19
O1D CLA LU . 39.27 -110.01 15.61
O2D CLA LU . 39.71 -111.55 14.11
CED CLA LU . 41.10 -111.20 14.05
C1 CLA LU . 33.06 -115.52 14.81
C2 CLA LU . 33.88 -116.27 15.83
C3 CLA LU . 33.30 -117.08 16.73
C4 CLA LU . 31.80 -117.28 16.75
C5 CLA LU . 34.09 -117.84 17.76
C6 CLA LU . 33.43 -117.74 19.13
C7 CLA LU . 33.19 -119.12 19.73
C8 CLA LU . 34.30 -119.50 20.70
C9 CLA LU . 34.60 -121.00 20.64
C10 CLA LU . 33.94 -119.04 22.12
C11 CLA LU . 32.90 -119.92 22.81
C12 CLA LU . 32.78 -119.52 24.28
C13 CLA LU . 31.33 -119.19 24.65
C14 CLA LU . 30.78 -118.09 23.75
C15 CLA LU . 31.23 -118.79 26.12
C16 CLA LU . 29.78 -118.68 26.56
C17 CLA LU . 29.48 -117.31 27.18
C18 CLA LU . 28.54 -116.50 26.30
C19 CLA LU . 27.09 -116.65 26.74
C20 CLA LU . 28.95 -115.03 26.26
MG CLA MU . 36.94 -117.37 21.99
CHA CLA MU . 38.15 -116.93 18.77
CHB CLA MU . 39.24 -119.87 22.57
CHC CLA MU . 35.79 -117.57 25.08
CHD CLA MU . 34.57 -114.82 21.37
NA CLA MU . 38.56 -118.31 20.81
C1A CLA MU . 38.89 -118.00 19.55
C2A CLA MU . 40.02 -118.88 19.05
C3A CLA MU . 40.32 -119.78 20.26
C4A CLA MU . 39.33 -119.31 21.28
CMA CLA MU . 40.55 -121.27 20.05
CAA CLA MU . 41.25 -118.04 18.73
CBA CLA MU . 42.22 -118.81 17.86
CGA CLA MU . 41.48 -119.46 16.71
NB CLA MU . 37.45 -118.53 23.58
C1B CLA MU . 38.37 -119.52 23.63
C2B CLA MU . 38.34 -120.16 24.93
C3B CLA MU . 37.36 -119.51 25.62
C4B CLA MU . 36.81 -118.47 24.75
CMB CLA MU . 39.19 -121.29 25.41
CAB CLA MU . 36.94 -119.78 27.01
CBB CLA MU . 35.56 -120.34 27.29
NC CLA MU . 35.50 -116.29 23.08
C1C CLA MU . 35.14 -116.58 24.32
C2C CLA MU . 34.02 -115.74 24.80
C3C CLA MU . 33.72 -114.93 23.74
C4C CLA MU . 34.64 -115.29 22.68
CMC CLA MU . 33.37 -115.78 26.16
CAC CLA MU . 32.65 -113.87 23.68
CBC CLA MU . 31.35 -114.47 23.20
ND CLA MU . 36.45 -116.12 20.54
C1D CLA MU . 35.47 -115.19 20.34
C2D CLA MU . 35.46 -114.68 18.99
C3D CLA MU . 36.51 -115.36 18.38
C4D CLA MU . 37.10 -116.21 19.32
CMD CLA MU . 34.57 -113.70 18.29
CAD CLA MU . 37.21 -115.50 17.13
OBD CLA MU . 36.83 -115.08 16.05
CBD CLA MU . 38.33 -116.47 17.33
CGD CLA MU . 38.09 -117.59 16.37
O1D CLA MU . 38.44 -117.48 15.21
O2D CLA MU . 37.49 -118.72 16.76
CED CLA MU . 37.96 -119.92 16.16
MG CLA NU . 29.51 -106.88 35.43
CHA CLA NU . 26.89 -107.31 37.65
CHB CLA NU . 28.26 -109.39 33.40
CHC CLA NU . 32.02 -106.34 33.35
CHD CLA NU . 30.74 -104.29 37.49
NA CLA NU . 27.75 -108.22 35.48
C1A CLA NU . 26.82 -108.23 36.45
C2A CLA NU . 25.76 -109.26 36.19
C3A CLA NU . 26.21 -109.90 34.88
C4A CLA NU . 27.48 -109.15 34.54
CMA CLA NU . 26.14 -111.42 34.74
CAA CLA NU . 24.43 -108.54 35.92
CBA CLA NU . 24.59 -107.40 34.91
CGA CLA NU . 24.04 -106.12 35.50
O1A CLA NU . 22.93 -105.73 35.15
O2A CLA NU . 24.74 -105.47 36.40
NB CLA NU . 30.05 -107.73 33.65
C1B CLA NU . 29.44 -108.76 32.98
C2B CLA NU . 30.18 -109.06 31.77
C3B CLA NU . 31.24 -108.18 31.77
C4B CLA NU . 31.14 -107.36 32.97
CMB CLA NU . 29.86 -110.11 30.75
CAB CLA NU . 32.33 -108.06 30.78
CBB CLA NU . 33.29 -109.21 30.54
NC CLA NU . 31.08 -105.50 35.39
C1C CLA NU . 32.02 -105.46 34.45
C2C CLA NU . 33.03 -104.41 34.69
C3C CLA NU . 32.62 -103.81 35.85
C4C CLA NU . 31.42 -104.51 36.28
CMC CLA NU . 34.22 -104.08 33.82
CAC CLA NU . 33.31 -102.66 36.55
CBC CLA NU . 32.59 -101.37 36.23
ND CLA NU . 29.03 -105.96 37.10
C1D CLA NU . 29.57 -104.97 37.87
C2D CLA NU . 28.80 -104.73 39.08
C3D CLA NU . 27.75 -105.65 38.98
C4D CLA NU . 27.90 -106.37 37.80
CMD CLA NU . 28.92 -103.80 40.26
CAD CLA NU . 26.58 -106.13 39.69
OBD CLA NU . 26.35 -105.93 40.86
CBD CLA NU . 25.99 -107.22 38.85
CGD CLA NU . 26.02 -108.51 39.62
O1D CLA NU . 27.06 -108.95 40.08
O2D CLA NU . 24.90 -109.20 39.80
CED CLA NU . 24.37 -109.18 41.13
C1 CLA NU . 25.57 -104.32 36.03
C2 CLA NU . 26.67 -104.39 35.00
C3 CLA NU . 27.70 -103.52 35.07
C4 CLA NU . 27.77 -102.48 36.14
C5 CLA NU . 28.84 -103.53 34.08
C6 CLA NU . 28.29 -103.64 32.66
C7 CLA NU . 29.43 -103.84 31.67
C8 CLA NU . 28.92 -103.95 30.24
C9 CLA NU . 30.05 -104.34 29.29
C10 CLA NU . 28.28 -102.64 29.82
C11 CLA NU . 27.34 -102.82 28.63
C12 CLA NU . 26.16 -103.70 29.02
C13 CLA NU . 25.10 -103.77 27.92
C14 CLA NU . 25.68 -104.28 26.62
C15 CLA NU . 24.47 -102.39 27.73
C16 CLA NU . 22.97 -102.42 27.98
C17 CLA NU . 22.57 -101.37 29.02
C18 CLA NU . 21.15 -100.90 28.81
C19 CLA NU . 20.68 -100.08 30.00
C20 CLA NU . 21.03 -100.11 27.52
MG CLA OU . 21.24 -108.89 30.71
CHA CLA OU . 21.74 -105.50 31.20
CHB CLA OU . 17.83 -108.43 30.57
CHC CLA OU . 20.92 -112.13 30.17
CHD CLA OU . 24.75 -109.34 30.83
NA CLA OU . 19.89 -107.15 30.85
C1A CLA OU . 20.27 -105.88 31.05
C2A CLA OU . 19.08 -104.95 31.13
C3A CLA OU . 17.89 -105.90 30.94
C4A CLA OU . 18.54 -107.24 30.77
CMA CLA OU . 16.68 -105.78 31.86
CAA CLA OU . 19.06 -103.91 30.00
CBA CLA OU . 19.68 -104.42 28.71
CGA CLA OU . 18.62 -104.57 27.64
O1A CLA OU . 18.12 -103.56 27.16
O2A CLA OU . 18.24 -105.77 27.28
NB CLA OU . 19.63 -110.08 30.42
C1B CLA OU . 18.30 -109.75 30.40
C2B CLA OU . 17.50 -110.92 30.20
C3B CLA OU . 18.38 -111.96 30.09
C4B CLA OU . 19.73 -111.41 30.23
CMB CLA OU . 16.00 -110.98 30.13
CAB CLA OU . 18.10 -113.39 29.87
CBB CLA OU . 17.36 -114.18 30.93
NC CLA OU . 22.62 -110.46 30.47
C1C CLA OU . 22.27 -111.73 30.31
C2C CLA OU . 23.43 -112.65 30.27
C3C CLA OU . 24.51 -111.84 30.42
C4C CLA OU . 23.99 -110.47 30.56
CMC CLA OU . 23.41 -114.15 30.09
CAC CLA OU . 25.96 -112.26 30.47
CBC CLA OU . 26.59 -112.07 29.11
ND CLA OU . 22.88 -107.80 30.93
C1D CLA OU . 24.22 -108.05 30.98
C2D CLA OU . 24.99 -106.84 31.23
C3D CLA OU . 24.01 -105.86 31.31
C4D CLA OU . 22.76 -106.44 31.13
CMD CLA OU . 26.46 -106.55 31.39
CAD CLA OU . 23.84 -104.44 31.52
OBD CLA OU . 24.69 -103.69 31.96
CBD CLA OU . 22.36 -104.15 31.46
CGD CLA OU . 21.92 -103.58 32.78
O1D CLA OU . 21.19 -104.22 33.52
O2D CLA OU . 22.31 -102.36 33.15
CED CLA OU . 22.97 -102.27 34.41
C1 CLA OU . 19.18 -106.90 27.28
C2 CLA OU . 20.36 -106.96 26.34
C3 CLA OU . 20.92 -108.13 26.01
C4 CLA OU . 20.39 -109.43 26.54
C1 LUT PU . 29.91 -113.59 33.75
C2 LUT PU . 29.46 -113.51 35.22
C3 LUT PU . 29.70 -112.14 35.84
C4 LUT PU . 31.19 -111.85 35.76
C5 LUT PU . 31.60 -111.86 34.32
C6 LUT PU . 31.19 -112.82 33.49
C7 LUT PU . 31.96 -113.10 32.26
C8 LUT PU . 33.09 -113.80 32.26
C9 LUT PU . 33.81 -114.03 30.98
C10 LUT PU . 35.02 -114.61 31.01
C11 LUT PU . 35.80 -114.85 29.81
C12 LUT PU . 36.69 -115.84 29.86
C13 LUT PU . 37.56 -116.18 28.72
C14 LUT PU . 38.40 -117.21 28.86
C15 LUT PU . 39.32 -117.58 27.78
C16 LUT PU . 28.83 -113.00 32.86
C17 LUT PU . 30.08 -115.06 33.42
C18 LUT PU . 32.50 -110.75 33.84
C19 LUT PU . 33.21 -113.61 29.68
C20 LUT PU . 37.53 -115.36 27.46
O3 LUT PU . 29.30 -112.18 37.21
C21 LUT PU . 49.09 -123.77 22.51
C22 LUT PU . 49.95 -124.05 21.28
C23 LUT PU . 51.36 -123.53 21.43
C24 LUT PU . 51.30 -122.03 21.59
C25 LUT PU . 50.48 -121.71 22.81
C26 LUT PU . 49.33 -122.37 23.07
C27 LUT PU . 48.52 -121.95 24.25
C28 LUT PU . 47.49 -121.11 24.13
C29 LUT PU . 46.72 -120.73 25.32
C30 LUT PU . 45.45 -120.33 25.18
C31 LUT PU . 44.62 -119.97 26.33
C32 LUT PU . 43.39 -119.49 26.12
C33 LUT PU . 42.50 -119.14 27.24
C34 LUT PU . 41.24 -118.80 26.97
C35 LUT PU . 40.31 -118.44 28.03
C36 LUT PU . 49.44 -124.78 23.60
C37 LUT PU . 47.63 -123.95 22.12
C38 LUT PU . 50.98 -120.66 23.75
C39 LUT PU . 47.34 -120.82 26.68
C40 LUT PU . 43.01 -119.16 28.65
O23 LUT PU . 52.12 -123.86 20.27
C1 LUT QU . 43.54 -115.38 41.87
C2 LUT QU . 42.50 -116.32 42.47
C3 LUT QU . 42.94 -117.76 42.36
C4 LUT QU . 43.17 -118.15 40.91
C5 LUT QU . 43.58 -117.01 40.00
C6 LUT QU . 43.82 -115.76 40.43
C7 LUT QU . 44.42 -114.73 39.53
C8 LUT QU . 43.78 -113.94 38.65
C9 LUT QU . 44.59 -112.98 37.87
C10 LUT QU . 44.02 -112.06 37.08
C11 LUT QU . 44.81 -111.09 36.32
C12 LUT QU . 44.26 -109.91 36.04
C13 LUT QU . 44.95 -108.84 35.28
C14 LUT QU . 44.24 -107.76 34.91
C15 LUT QU . 44.84 -106.66 34.15
C16 LUT QU . 44.84 -115.44 42.65
C17 LUT QU . 42.98 -113.96 42.00
C18 LUT QU . 43.71 -117.35 38.54
C19 LUT QU . 46.09 -113.02 37.98
C20 LUT QU . 46.42 -108.93 34.94
O3 LUT QU . 41.88 -118.57 42.89
C21 LUT QU . 43.71 -94.96 28.94
C22 LUT QU . 43.73 -93.71 28.07
C23 LUT QU . 42.91 -93.89 26.83
C24 LUT QU . 43.59 -94.93 25.97
C25 LUT QU . 43.69 -96.21 26.75
C26 LUT QU . 43.60 -96.23 28.10
C27 LUT QU . 42.98 -97.43 28.72
C28 LUT QU . 43.72 -98.23 29.47
C29 LUT QU . 43.15 -99.41 30.12
C30 LUT QU . 43.98 -100.21 30.81
C31 LUT QU . 43.52 -101.40 31.52
C32 LUT QU . 44.35 -102.39 31.81
C33 LUT QU . 43.82 -103.55 32.55
C34 LUT QU . 44.64 -104.47 33.08
C35 LUT QU . 44.08 -105.60 33.82
C36 LUT QU . 42.51 -94.90 29.87
C37 LUT QU . 44.98 -94.98 29.77
C38 LUT QU . 43.89 -97.50 26.00
C39 LUT QU . 41.68 -99.69 30.04
C40 LUT QU . 42.34 -103.64 32.72
O23 LUT QU . 42.80 -92.65 26.11
C1 XAT RU . 47.45 -108.83 52.86
C2 XAT RU . 45.92 -108.67 52.90
C3 XAT RU . 45.24 -109.03 51.59
C4 XAT RU . 45.45 -110.51 51.35
C5 XAT RU . 46.93 -110.83 51.21
C6 XAT RU . 47.93 -110.02 51.95
C7 XAT RU . 49.33 -110.59 52.12
C8 XAT RU . 50.29 -110.41 51.23
C9 XAT RU . 51.62 -111.02 51.47
C10 XAT RU . 52.58 -111.02 50.52
C11 XAT RU . 53.92 -111.61 50.66
C12 XAT RU . 54.78 -111.63 49.63
C13 XAT RU . 56.19 -111.98 49.64
C14 XAT RU . 56.89 -112.01 48.49
C15 XAT RU . 58.33 -112.06 48.53
C16 XAT RU . 47.92 -109.07 54.29
C17 XAT RU . 48.06 -107.54 52.35
C18 XAT RU . 47.34 -112.21 50.71
C19 XAT RU . 51.91 -111.67 52.79
C20 XAT RU . 56.85 -112.32 50.95
O3 XAT RU . 43.85 -108.75 51.67
O4 XAT RU . 47.66 -109.76 50.55
C21 XAT RU . 70.85 -109.77 46.30
C22 XAT RU . 72.33 -110.09 46.54
C23 XAT RU . 72.88 -111.27 45.76
C24 XAT RU . 72.06 -112.54 45.99
C25 XAT RU . 70.56 -112.33 45.75
C26 XAT RU . 70.02 -110.94 45.79
C27 XAT RU . 68.71 -110.67 45.09
C28 XAT RU . 67.58 -110.65 45.79
C29 XAT RU . 66.20 -110.87 45.30
C30 XAT RU . 65.19 -111.00 46.19
C31 XAT RU . 63.82 -111.22 45.72
C32 XAT RU . 62.82 -111.36 46.61
C33 XAT RU . 61.37 -111.48 46.39
C34 XAT RU . 60.54 -111.71 47.44
C35 XAT RU . 59.09 -111.83 47.44
C36 XAT RU . 70.76 -108.63 45.30
C37 XAT RU . 70.25 -109.28 47.62
C38 XAT RU . 69.79 -113.35 44.91
C39 XAT RU . 65.93 -110.96 43.83
C40 XAT RU . 60.80 -111.34 45.01
O23 XAT RU . 72.90 -110.98 44.36
O24 XAT RU . 69.83 -111.86 46.87
C1 NEX SU . 70.20 -126.32 31.99
C2 NEX SU . 71.64 -126.61 31.59
C3 NEX SU . 72.61 -127.01 32.71
C4 NEX SU . 72.20 -126.60 34.13
C5 NEX SU . 71.33 -125.35 34.17
C6 NEX SU . 70.09 -125.67 33.36
C7 NEX SU . 68.95 -125.43 33.81
C8 NEX SU . 67.67 -125.22 34.35
C9 NEX SU . 66.69 -124.12 34.20
C10 NEX SU . 65.55 -124.26 34.68
C11 NEX SU . 64.48 -123.27 34.90
C12 NEX SU . 63.38 -123.58 35.21
C13 NEX SU . 62.23 -122.77 35.66
C14 NEX SU . 61.13 -123.33 35.84
C15 NEX SU . 59.81 -122.69 36.00
C16 NEX SU . 69.40 -127.60 32.03
C17 NEX SU . 69.59 -125.35 30.98
C18 NEX SU . 70.97 -125.07 35.62
C19 NEX SU . 67.05 -122.86 33.46
C20 NEX SU . 62.38 -121.30 35.89
O3 NEX SU . 72.79 -128.44 32.67
O4 NEX SU . 72.05 -124.22 33.64
C21 NEX SU . 48.08 -123.79 35.88
C22 NEX SU . 46.74 -124.27 36.41
C23 NEX SU . 46.84 -124.88 37.80
C24 NEX SU . 47.17 -123.77 38.79
C25 NEX SU . 48.41 -122.99 38.39
C26 NEX SU . 48.86 -122.99 36.92
C27 NEX SU . 49.78 -121.87 36.47
C28 NEX SU . 51.08 -122.07 36.24
C29 NEX SU . 51.86 -121.05 35.83
C30 NEX SU . 53.07 -121.18 35.60
C31 NEX SU . 54.01 -122.32 35.75
C32 NEX SU . 55.17 -122.13 35.76
C33 NEX SU . 56.34 -123.04 35.71
C34 NEX SU . 57.50 -122.55 35.78
C35 NEX SU . 58.79 -123.25 35.85
C36 NEX SU . 47.85 -122.91 34.65
C37 NEX SU . 48.91 -124.99 35.47
C38 NEX SU . 48.91 -121.88 39.28
C39 NEX SU . 51.28 -119.67 35.63
C40 NEX SU . 56.15 -124.52 35.57
O23 NEX SU . 45.59 -125.46 38.18
O24 NEX SU . 49.47 -123.84 37.92
O1 LHG TU . 32.02 -104.32 14.13
C1 LHG TU . 32.58 -105.63 13.97
C2 LHG TU . 33.72 -105.57 12.96
O2 LHG TU . 33.77 -106.80 12.23
C3 LHG TU . 35.05 -105.34 13.68
O3 LHG TU . 34.82 -105.03 15.05
P LHG TU . 35.66 -105.76 16.21
O4 LHG TU . 35.46 -107.24 16.05
O5 LHG TU . 37.06 -105.18 16.19
O6 LHG TU . 34.93 -105.29 17.57
C4 LHG TU . 35.70 -105.00 18.74
C5 LHG TU . 34.89 -105.24 20.01
C6 LHG TU . 35.56 -106.38 20.76
O7 LHG TU . 34.91 -104.08 20.85
C7 LHG TU . 33.73 -103.78 21.43
O9 LHG TU . 33.11 -104.66 22.00
C8 LHG TU . 33.18 -102.38 21.35
C9 LHG TU . 32.06 -102.21 22.38
C10 LHG TU . 32.29 -100.97 23.23
O8 LHG TU . 35.93 -105.91 22.07
C23 LHG TU . 37.20 -105.76 22.37
O10 LHG TU . 38.06 -106.19 21.63
C24 LHG TU . 37.57 -105.06 23.66
C11 LHG TU . 32.30 -101.31 24.72
C12 LHG TU . 31.68 -100.21 25.57
C13 LHG TU . 31.63 -100.61 27.04
C14 LHG TU . 32.05 -99.46 27.94
C15 LHG TU . 32.29 -99.91 29.38
C16 LHG TU . 31.12 -99.55 30.29
C17 LHG TU . 31.57 -99.37 31.74
C18 LHG TU . 32.15 -97.98 31.95
C19 LHG TU . 31.08 -96.99 32.39
C20 LHG TU . 30.50 -97.36 33.73
C21 LHG TU . 31.49 -97.07 34.85
C22 LHG TU . 30.93 -97.49 36.19
C25 LHG TU . 36.40 -104.15 24.06
C26 LHG TU . 35.70 -104.67 25.31
C27 LHG TU . 34.19 -104.66 25.13
C28 LHG TU . 33.48 -105.16 26.38
C29 LHG TU . 32.08 -105.70 26.05
C30 LHG TU . 31.10 -104.57 25.73
C31 LHG TU . 30.35 -104.85 24.42
C32 LHG TU . 29.07 -104.01 24.34
C33 LHG TU . 28.21 -104.41 23.14
C34 LHG TU . 27.21 -105.49 23.51
C35 LHG TU . 26.15 -105.65 22.42
C36 LHG TU . 25.82 -107.12 22.18
C37 LHG TU . 25.52 -107.37 20.71
C38 LHG TU . 26.76 -107.82 19.97
MG CLA UU . -14.27 50.00 49.76
CHA CLA UU . -11.69 52.04 48.69
CHB CLA UU . -13.30 47.53 47.56
CHC CLA UU . -16.70 48.11 50.95
CHD CLA UU . -15.22 52.54 52.05
NA CLA UU . -12.65 49.78 48.27
C1A CLA UU . -11.73 50.70 47.97
C2A CLA UU . -10.79 50.21 46.90
C3A CLA UU . -11.34 48.82 46.57
C4A CLA UU . -12.49 48.67 47.50
CMA CLA UU . -11.54 48.39 45.11
CAA CLA UU . -9.36 50.02 47.42
CBA CLA UU . -9.31 49.66 48.91
CGA CLA UU . -8.97 48.20 49.09
O1A CLA UU . -8.07 47.71 48.43
O2A CLA UU . -9.64 47.49 49.98
NB CLA UU . -14.89 48.11 49.33
C1B CLA UU . -14.41 47.25 48.38
C2B CLA UU . -15.18 46.03 48.38
C3B CLA UU . -16.14 46.22 49.34
C4B CLA UU . -15.94 47.54 49.93
CMB CLA UU . -14.98 44.84 47.48
CAB CLA UU . -17.22 45.29 49.76
CBB CLA UU . -16.91 43.90 50.27
NC CLA UU . -15.70 50.27 51.28
C1C CLA UU . -16.62 49.36 51.58
C2C CLA UU . -17.53 49.83 52.66
C3C CLA UU . -17.09 51.08 52.97
C4C CLA UU . -15.95 51.35 52.10
CMC CLA UU . -18.67 49.09 53.28
CAC CLA UU . -17.67 51.99 54.02
CBC CLA UU . -16.96 51.75 55.33
ND CLA UU . -13.67 51.80 50.33
C1D CLA UU . -14.12 52.77 51.20
C2D CLA UU . -13.35 53.99 51.11
C3D CLA UU . -12.41 53.71 50.13
C4D CLA UU . -12.61 52.39 49.67
CMD CLA UU . -13.43 55.33 51.80
CAD CLA UU . -11.30 54.28 49.42
OBD CLA UU . -11.04 55.48 49.34
CBD CLA UU . -10.69 53.20 48.56
CGD CLA UU . -10.51 53.74 47.17
O1D CLA UU . -9.63 54.56 46.98
O2D CLA UU . -11.25 53.37 46.14
CED CLA UU . -10.54 53.32 44.90
C1 CLA UU . -10.26 46.22 49.58
C2 CLA UU . -11.22 45.52 50.51
C3 CLA UU . -11.30 44.18 50.55
C4 CLA UU . -10.46 43.31 49.67
C5 CLA UU . -12.26 43.47 51.48
C6 CLA UU . -11.48 42.98 52.70
C7 CLA UU . -12.12 43.46 54.01
C8 CLA UU . -11.65 42.73 55.26
C9 CLA UU . -11.12 41.32 54.98
C10 CLA UU . -12.76 42.67 56.30
C11 CLA UU . -13.39 44.03 56.56
C12 CLA UU . -14.91 43.92 56.67
C13 CLA UU . -15.39 44.01 58.11
C14 CLA UU . -16.74 43.33 58.28
C15 CLA UU . -15.47 45.48 58.53
MG CLA VU . -19.33 39.09 50.62
CHA CLA VU . -15.98 39.07 49.79
CHB CLA VU . -20.06 37.19 47.84
CHC CLA VU . -22.50 39.09 51.56
CHD CLA VU . -18.56 41.02 53.48
NA CLA VU . -18.15 38.18 48.98
C1A CLA VU . -16.83 38.28 48.82
C2A CLA VU . -16.36 37.54 47.59
C3A CLA VU . -17.67 36.98 47.02
C4A CLA VU . -18.70 37.45 47.98
CMA CLA VU . -17.98 37.10 45.53
CAA CLA VU . -15.43 36.40 48.04
CBA CLA VU . -15.30 35.24 47.05
CGA CLA VU . -14.94 33.98 47.81
O1A CLA VU . -14.99 33.98 49.02
O2A CLA VU . -14.58 32.91 47.12
NB CLA VU . -21.02 38.26 49.84
C1B CLA VU . -21.15 37.56 48.67
C2B CLA VU . -22.53 37.25 48.44
C3B CLA VU . -23.21 37.79 49.49
C4B CLA VU . -22.23 38.43 50.37
CMB CLA VU . -23.12 36.50 47.28
CAB CLA VU . -24.66 37.74 49.73
CBB CLA VU . -25.51 38.94 49.38
NC CLA VU . -20.35 39.88 52.29
C1C CLA VU . -21.66 39.76 52.48
C2C CLA VU . -22.11 40.42 53.72
C3C CLA VU . -20.97 40.92 54.28
C4C CLA VU . -19.88 40.59 53.36
CMC CLA VU . -23.52 40.48 54.27
CAC CLA VU . -20.87 41.69 55.57
CBC CLA VU . -20.41 40.76 56.66
ND CLA VU . -17.75 39.88 51.49
C1D CLA VU . -17.51 40.61 52.61
C2D CLA VU . -16.10 40.91 52.77
C3D CLA VU . -15.51 40.30 51.67
C4D CLA VU . -16.50 39.69 50.91
CMD CLA VU . -15.29 41.65 53.80
CAD CLA VU . -14.23 40.08 51.04
OBD CLA VU . -13.14 40.31 51.53
CBD CLA VU . -14.50 39.39 49.73
CGD CLA VU . -14.27 40.35 48.61
O1D CLA VU . -14.23 41.55 48.81
O2D CLA VU . -14.12 39.89 47.36
CED CLA VU . -12.79 39.57 46.97
C1 CLA VU . -15.56 32.19 46.32
C2 CLA VU . -17.01 32.12 46.72
C3 CLA VU . -17.77 31.07 46.40
C4 CLA VU . -17.22 29.90 45.63
C5 CLA VU . -19.23 30.99 46.80
C6 CLA VU . -19.41 30.27 48.13
C7 CLA VU . -20.81 30.54 48.69
C8 CLA VU . -21.58 29.25 49.00
C9 CLA VU . -21.44 28.21 47.90
C10 CLA VU . -23.06 29.58 49.22
C11 CLA VU . -23.34 30.01 50.65
C12 CLA VU . -24.60 29.33 51.20
C13 CLA VU . -25.65 30.33 51.69
C14 CLA VU . -26.41 30.97 50.54
C15 CLA VU . -25.02 31.38 52.59
MG CLA WU . -38.88 41.89 48.01
CHA CLA WU . -41.52 40.71 49.92
CHB CLA WU . -36.91 39.22 48.99
CHC CLA WU . -36.45 43.07 46.10
CHD CLA WU . -40.92 44.60 46.97
NA CLA WU . -39.17 40.12 49.31
C1A CLA WU . -40.28 39.82 49.98
C2A CLA WU . -40.15 38.54 50.74
C3A CLA WU . -38.70 38.11 50.44
C4A CLA WU . -38.21 39.19 49.52
CMA CLA WU . -37.82 37.60 51.57
CAA CLA WU . -41.11 37.50 50.16
CBA CLA WU . -40.75 37.05 48.75
CGA CLA WU . -41.54 37.75 47.66
O1A CLA WU . -41.20 38.86 47.29
O2A CLA WU . -42.59 37.13 47.16
NB CLA WU . -37.00 41.24 47.60
C1B CLA WU . -36.34 40.16 48.11
C2B CLA WU . -35.00 40.10 47.59
C3B CLA WU . -34.88 41.19 46.79
C4B CLA WU . -36.15 41.91 46.80
CMB CLA WU . -33.96 39.07 47.90
CAB CLA WU . -33.71 41.63 46.00
CBB CLA WU . -32.47 42.11 46.73
NC CLA WU . -38.73 43.54 46.71
C1C CLA WU . -37.63 43.84 46.03
C2C CLA WU . -37.77 45.05 45.21
C3C CLA WU . -39.06 45.46 45.44
C4C CLA WU . -39.64 44.52 46.39
CMC CLA WU . -36.74 45.68 44.30
CAC CLA WU . -39.73 46.67 44.84
CBC CLA WU . -40.44 46.24 43.58
ND CLA WU . -40.72 42.56 48.28
C1D CLA WU . -41.46 43.63 47.86
C2D CLA WU . -42.80 43.64 48.44
C3D CLA WU . -42.80 42.50 49.24
C4D CLA WU . -41.56 41.86 49.14
CMD CLA WU . -43.99 44.55 48.34
CAD CLA WU . -43.65 41.74 50.13
OBD CLA WU . -44.86 41.80 50.14
CBD CLA WU . -42.85 40.57 50.63
CGD CLA WU . -42.67 40.66 52.12
O1D CLA WU . -42.78 41.73 52.69
O2D CLA WU . -42.36 39.58 52.83
CED CLA WU . -43.40 38.98 53.59
C1 CLA WU . -42.69 36.77 45.75
C2 CLA WU . -41.95 37.48 44.65
C3 CLA WU . -42.54 37.67 43.46
C4 CLA WU . -41.81 38.38 42.36
MG CHL XU . -36.96 35.09 45.75
CHA CHL XU . -39.43 34.89 43.36
CHB CHL XU . -34.72 35.91 43.32
CHC CHL XU . -34.69 35.44 48.08
CHD CHL XU . -39.31 33.99 48.13
NA CHL XU . -37.08 35.36 43.72
C1A CHL XU . -38.17 35.26 42.89
C2A CHL XU . -37.79 35.56 41.43
C3A CHL XU . -36.30 35.65 41.46
C4A CHL XU . -35.97 35.63 42.93
CMA CHL XU . -35.49 34.78 40.50
CAA CHL XU . -38.47 36.80 40.84
CBA CHL XU . -38.22 37.00 39.35
CGA CHL XU . -38.44 35.75 38.54
NB CHL XU . -34.98 35.62 45.70
C1B CHL XU . -34.24 35.92 44.62
C2B CHL XU . -32.92 36.22 45.03
C3B CHL XU . -32.85 36.12 46.40
C4B CHL XU . -34.20 35.71 46.82
CMB CHL XU . -31.79 36.59 44.12
CAB CHL XU . -31.66 36.44 47.19
CBB CHL XU . -31.51 36.50 48.69
NC CHL XU . -37.03 34.77 47.77
C1C CHL XU . -35.94 35.03 48.53
C2C CHL XU . -36.28 34.78 49.92
C3C CHL XU . -37.61 34.35 49.93
C4C CHL XU . -38.07 34.35 48.58
CMC CHL XU . -35.39 35.01 51.05
OMC CHL XU . -35.67 34.86 52.23
CAC CHL XU . -38.44 33.97 51.13
CBC CHL XU . -38.10 32.58 51.64
ND CHL XU . -38.92 34.54 45.82
C1D CHL XU . -39.73 34.04 46.80
C2D CHL XU . -40.99 33.70 46.27
C3D CHL XU . -40.94 34.02 44.93
C4D CHL XU . -39.65 34.52 44.66
CMD CHL XU . -42.14 33.12 47.04
CAD CHL XU . -41.68 34.09 43.68
OBD CHL XU . -42.83 33.74 43.47
CBD CHL XU . -40.77 34.71 42.63
CGD CHL XU . -40.79 33.95 41.32
O1D CHL XU . -41.57 34.14 40.42
O2D CHL XU . -39.82 33.04 41.27
CED CHL XU . -39.70 32.31 40.03
MG CHL YU . -32.53 33.51 54.85
CHA CHL YU . -33.79 32.74 57.92
CHB CHL YU . -30.30 35.66 56.34
CHC CHL YU . -31.26 34.09 51.91
CHD CHL YU . -34.90 31.28 53.44
NA CHL YU . -32.14 34.12 56.77
C1A CHL YU . -32.75 33.66 57.92
C2A CHL YU . -32.13 34.32 59.17
C3A CHL YU . -31.23 35.39 58.61
C4A CHL YU . -31.21 35.07 57.12
CMA CHL YU . -31.38 36.83 59.08
CAA CHL YU . -31.35 33.31 60.03
CBA CHL YU . -30.48 32.34 59.25
CGA CHL YU . -31.13 31.02 58.97
O1A CHL YU . -31.76 30.38 59.77
O2A CHL YU . -30.92 30.64 57.72
NB CHL YU . -30.99 34.70 54.23
C1B CHL YU . -30.17 35.47 54.97
C2B CHL YU . -29.19 36.05 54.12
C3B CHL YU . -29.41 35.61 52.84
C4B CHL YU . -30.59 34.75 52.92
CMB CHL YU . -28.09 36.97 54.56
CAB CHL YU . -28.55 35.93 51.69
CBB CHL YU . -28.63 35.44 50.27
NC CHL YU . -33.06 32.81 52.99
C1C CHL YU . -32.37 33.25 51.91
C2C CHL YU . -32.98 32.64 50.73
C3C CHL YU . -34.00 31.86 51.17
C4C CHL YU . -34.06 31.96 52.59
CMC CHL YU . -32.65 32.73 49.31
OMC CHL YU . -31.75 33.39 48.84
CAC CHL YU . -34.94 31.07 50.31
CBC CHL YU . -34.53 29.63 50.18
ND CHL YU . -34.06 32.29 55.43
C1D CHL YU . -34.90 31.42 54.81
C2D CHL YU . -35.70 30.74 55.77
C3D CHL YU . -35.33 31.24 56.99
C4D CHL YU . -34.31 32.19 56.78
CMD CHL YU . -36.71 29.66 55.45
CAD CHL YU . -35.54 31.16 58.43
OBD CHL YU . -36.33 30.47 59.04
CBD CHL YU . -34.56 32.12 59.08
CGD CHL YU . -35.28 33.14 59.96
O1D CHL YU . -36.27 33.73 59.65
O2D CHL YU . -34.65 33.28 61.13
CED CHL YU . -35.24 34.22 62.05
C1 CHL YU . -31.41 29.39 57.17
C2 CHL YU . -32.09 29.69 55.88
C3 CHL YU . -31.43 29.91 54.76
C4 CHL YU . -29.93 29.88 54.65
MG CLA ZU . -28.40 41.21 33.86
CHA CLA ZU . -27.96 42.88 36.86
CHB CLA ZU . -31.47 40.04 34.91
CHC CLA ZU . -28.78 39.78 30.89
CHD CLA ZU . -25.28 42.44 32.77
NA CLA ZU . -29.62 41.43 35.70
C1A CLA ZU . -29.27 42.13 36.79
C2A CLA ZU . -30.32 42.03 37.86
C3A CLA ZU . -31.39 41.11 37.23
C4A CLA ZU . -30.82 40.84 35.86
CMA CLA ZU . -31.98 39.97 38.04
CAA CLA ZU . -30.90 43.42 38.16
CBA CLA ZU . -32.31 43.72 37.61
CGA CLA ZU . -32.23 44.27 36.21
O1A CLA ZU . -31.14 44.51 35.71
O2A CLA ZU . -33.36 44.47 35.55
NB CLA ZU . -29.90 40.09 33.03
C1B CLA ZU . -31.06 39.69 33.61
C2B CLA ZU . -31.81 38.87 32.68
C3B CLA ZU . -31.04 38.79 31.56
C4B CLA ZU . -29.84 39.58 31.79
CMB CLA ZU . -33.14 38.23 32.94
CAB CLA ZU . -31.33 38.08 30.29
CBB CLA ZU . -32.59 38.35 29.49
NC CLA ZU . -27.22 41.12 32.12
C1C CLA ZU . -27.58 40.49 31.00
C2C CLA ZU . -26.58 40.63 29.92
C3C CLA ZU . -25.59 41.40 30.47
C4C CLA ZU . -26.00 41.69 31.84
CMC CLA ZU . -26.65 40.07 28.52
CAC CLA ZU . -24.32 41.84 29.79
CBC CLA ZU . -24.47 43.26 29.28
ND CLA ZU . -26.95 42.36 34.53
C1D CLA ZU . -25.74 42.79 34.06
C2D CLA ZU . -25.03 43.60 35.04
C3D CLA ZU . -25.90 43.63 36.12
C4D CLA ZU . -27.04 42.88 35.80
CMD CLA ZU . -23.70 44.31 35.08
CAD CLA ZU . -26.04 44.16 37.45
OBD CLA ZU . -25.26 44.92 38.01
CBD CLA ZU . -27.36 43.71 37.98
CGD CLA ZU . -27.16 42.85 39.20
O1D CLA ZU . -26.29 42.00 39.22
O2D CLA ZU . -27.96 43.02 40.25
CED CLA ZU . -27.37 43.69 41.36
C1 CLA ZU . -33.71 43.64 34.39
C2 CLA ZU . -33.07 43.87 33.05
C3 CLA ZU . -33.38 43.12 31.97
C4 CLA ZU . -34.37 42.01 32.05
C5 CLA ZU . -32.74 43.36 30.62
C6 CLA ZU . -32.13 42.07 30.08
C7 CLA ZU . -32.18 42.04 28.56
C8 CLA ZU . -30.81 41.86 27.90
C9 CLA ZU . -29.74 42.72 28.57
C10 CLA ZU . -30.93 42.18 26.42
C11 CLA ZU . -29.58 42.15 25.72
C12 CLA ZU . -29.72 41.84 24.25
C13 CLA ZU . -29.48 43.07 23.38
C14 CLA ZU . -30.61 43.27 22.39
C15 CLA ZU . -28.15 42.95 22.66
MG CLA AV . -23.10 35.85 42.10
CHA CLA AV . -20.24 37.78 42.24
CHB CLA AV . -21.63 33.75 39.79
CHC CLA AV . -25.82 33.98 42.18
CHD CLA AV . -24.63 38.05 44.40
NA CLA AV . -21.13 35.75 41.11
C1A CLA AV . -20.13 36.61 41.28
C2A CLA AV . -18.93 36.26 40.43
C3A CLA AV . -19.42 35.03 39.65
C4A CLA AV . -20.80 34.80 40.21
CMA CLA AV . -19.18 35.00 38.15
CAA CLA AV . -17.75 35.78 41.27
CBA CLA AV . -18.16 35.00 42.53
CGA CLA AV . -17.73 33.55 42.52
O1A CLA AV . -17.27 33.07 43.54
O2A CLA AV . -17.86 32.82 41.42
NB CLA AV . -23.63 34.13 41.15
C1B CLA AV . -22.93 33.41 40.21
C2B CLA AV . -23.71 32.30 39.76
C3B CLA AV . -24.90 32.38 40.43
C4B CLA AV . -24.83 33.54 41.31
CMB CLA AV . -23.28 31.28 38.72
CAB CLA AV . -26.09 31.50 40.37
CBB CLA AV . -25.98 29.99 40.49
NC CLA AV . -24.90 35.95 43.19
C1C CLA AV . -25.91 35.11 43.03
C2C CLA AV . -27.11 35.48 43.82
C3C CLA AV . -26.73 36.62 44.47
C4C CLA AV . -25.36 36.91 44.07
CMC CLA AV . -28.42 34.76 43.88
CAC CLA AV . -27.57 37.43 45.42
CBC CLA AV . -27.24 37.05 46.84
ND CLA AV . -22.66 37.48 43.12
C1D CLA AV . -23.30 38.30 44.00
C2D CLA AV . -22.47 39.42 44.41
C3D CLA AV . -21.28 39.21 43.72
C4D CLA AV . -21.41 38.05 42.95
CMD CLA AV . -22.70 40.59 45.32
CAD CLA AV . -19.97 39.78 43.52
OBD CLA AV . -19.69 40.96 43.66
CBD CLA AV . -19.22 38.83 42.62
CGD CLA AV . -18.70 39.54 41.40
O1D CLA AV . -19.37 40.37 40.85
O2D CLA AV . -17.51 39.22 40.92
CED CLA AV . -16.55 40.28 40.85
C1 CLA AV . -18.93 31.84 41.27
C2 CLA AV . -18.71 30.35 41.43
C3 CLA AV . -19.32 29.50 40.60
C4 CLA AV . -18.59 28.49 41.42
C5 CLA AV . -19.73 28.19 39.97
C6 CLA AV . -21.19 27.87 40.29
C7 CLA AV . -21.43 26.37 40.26
C8 CLA AV . -22.81 26.00 40.78
C9 CLA AV . -23.91 26.81 40.11
C10 CLA AV . -22.85 26.19 42.29
C11 CLA AV . -21.95 25.20 43.02
C12 CLA AV . -21.92 25.51 44.52
C13 CLA AV . -22.15 24.28 45.38
C14 CLA AV . -21.00 23.30 45.23
C15 CLA AV . -23.47 23.62 45.02
MG CLA BV . -27.22 51.82 39.15
CHA CLA BV . -26.33 51.99 35.82
CHB CLA BV . -26.29 55.11 39.63
CHC CLA BV . -28.26 51.58 42.29
CHD CLA BV . -28.16 48.44 38.65
NA CLA BV . -26.41 53.41 37.86
C1A CLA BV . -26.11 53.29 36.58
C2A CLA BV . -25.52 54.56 36.02
C3A CLA BV . -25.50 55.51 37.23
C4A CLA BV . -26.10 54.65 38.31
CMA CLA BV . -24.23 56.29 37.53
CAA CLA BV . -26.40 55.18 34.94
CBA CLA BV . -27.88 54.97 35.19
CGA CLA BV . -28.51 56.26 35.66
O1A CLA BV . -27.84 57.27 35.70
O2A CLA BV . -29.79 56.26 36.00
NB CLA BV . -27.28 53.14 40.70
C1B CLA BV . -26.83 54.43 40.73
C2B CLA BV . -26.99 54.99 42.04
C3B CLA BV . -27.55 53.99 42.81
C4B CLA BV . -27.72 52.82 41.93
CMB CLA BV . -26.60 56.40 42.42
CAB CLA BV . -27.94 53.95 44.23
CBB CLA BV . -28.43 55.15 45.02
NC CLA BV . -28.10 50.27 40.28
C1C CLA BV . -28.43 50.38 41.56
C2C CLA BV . -29.00 49.12 42.11
C3C CLA BV . -28.98 48.25 41.05
C4C CLA BV . -28.41 48.97 39.92
CMC CLA BV . -29.50 48.87 43.49
CAC CLA BV . -29.45 46.81 41.06
CBC CLA BV . -30.81 46.71 40.42
ND CLA BV . -27.30 50.49 37.69
C1D CLA BV . -27.65 49.18 37.57
C2D CLA BV . -27.42 48.66 36.22
C3D CLA BV . -26.90 49.77 35.55
C4D CLA BV . -26.84 50.85 36.44
CMD CLA BV . -27.61 47.32 35.57
CAD CLA BV . -26.41 50.21 34.26
OBD CLA BV . -26.48 49.60 33.21
CBD CLA BV . -26.04 51.66 34.37
CGD CLA BV . -24.58 51.84 34.10
O1D CLA BV . -23.80 50.97 34.43
O2D CLA BV . -24.13 52.94 33.51
CED CLA BV . -23.28 52.78 32.39
C1 CLA BV . -30.21 56.87 37.25
C2 CLA BV . -30.55 56.03 38.47
C3 CLA BV . -31.39 56.50 39.40
C4 CLA BV . -32.00 57.87 39.29
C5 CLA BV . -31.77 55.71 40.63
C6 CLA BV . -33.26 55.40 40.60
C7 CLA BV . -33.80 55.17 42.01
C8 CLA BV . -35.03 54.25 42.08
C9 CLA BV . -35.13 53.28 40.91
C10 CLA BV . -36.29 55.10 42.20
C11 CLA BV . -37.26 54.49 43.22
C12 CLA BV . -36.91 54.94 44.64
C13 CLA BV . -37.63 54.08 45.67
C14 CLA BV . -39.14 54.16 45.50
C15 CLA BV . -37.23 54.50 47.08
MG CLA CV . -29.22 60.90 47.78
CHA CLA CV . -27.01 63.51 47.28
CHB CLA CV . -29.67 60.54 44.39
CHC CLA CV . -31.23 58.36 48.41
CHD CLA CV . -28.74 61.27 51.28
NA CLA CV . -28.42 61.92 45.99
C1A CLA CV . -27.54 62.93 45.98
C2A CLA CV . -27.22 63.38 44.57
C3A CLA CV . -28.09 62.44 43.71
C4A CLA CV . -28.77 61.57 44.73
CMA CLA CV . -28.93 63.00 42.56
CAA CLA CV . -25.73 63.14 44.32
CBA CLA CV . -25.35 62.65 42.93
CGA CLA CV . -25.17 63.82 41.99
O1A CLA CV . -24.29 64.63 42.23
O2A CLA CV . -25.98 63.91 40.94
NB CLA CV . -30.28 59.63 46.59
C1B CLA CV . -30.38 59.66 45.22
C2B CLA CV . -31.30 58.63 44.79
C3B CLA CV . -31.74 58.02 45.92
C4B CLA CV . -31.07 58.67 47.06
CMB CLA CV . -31.70 58.30 43.37
CAB CLA CV . -32.69 56.89 46.01
CBB CLA CV . -34.02 57.04 46.73
NC CLA CV . -29.83 59.92 49.55
C1C CLA CV . -30.70 58.93 49.58
C2C CLA CV . -31.03 58.49 50.96
C3C CLA CV . -30.29 59.30 51.77
C4C CLA CV . -29.55 60.21 50.88
CMC CLA CV . -31.97 57.38 51.36
CAC CLA CV . -30.26 59.29 53.28
CBC CLA CV . -29.08 58.46 53.75
ND CLA CV . -28.21 62.05 49.04
C1D CLA CV . -28.02 62.12 50.39
C2D CLA CV . -27.05 63.12 50.77
C3D CLA CV . -26.67 63.66 49.55
C4D CLA CV . -27.35 63.01 48.53
CMD CLA CV . -26.47 63.61 52.08
CAD CLA CV . -25.78 64.66 48.97
OBD CLA CV . -24.74 65.04 49.48
CBD CLA CV . -26.09 64.70 47.50
CGD CLA CV . -26.84 65.97 47.23
O1D CLA CV . -26.25 67.02 46.97
O2D CLA CV . -28.17 65.99 47.27
CED CLA CV . -28.82 66.45 46.08
C1 CLA CV . -26.45 65.20 40.44
C2 CLA CV . -25.49 66.25 39.91
C3 CLA CV . -25.28 67.38 40.60
C4 CLA CV . -24.35 68.44 40.09
C5 CLA CV . -25.96 67.66 41.92
C6 CLA CV . -27.03 68.72 41.75
C7 CLA CV . -28.21 68.43 42.67
C8 CLA CV . -29.22 69.57 42.80
C9 CLA CV . -28.67 70.93 42.35
C10 CLA CV . -29.69 69.64 44.25
C11 CLA CV . -28.57 70.11 45.17
C12 CLA CV . -29.09 70.35 46.58
C13 CLA CV . -29.26 71.84 46.85
C14 CLA CV . -27.92 72.57 46.80
C15 CLA CV . -29.95 72.04 48.18
C1 LUT DV . -30.41 54.13 60.28
C2 LUT DV . -31.03 52.96 61.06
C3 LUT DV . -30.00 52.10 61.80
C4 LUT DV . -28.93 51.60 60.85
C5 LUT DV . -28.39 52.75 60.02
C6 LUT DV . -29.22 53.64 59.49
C7 LUT DV . -28.93 54.13 58.13
C8 LUT DV . -29.13 53.35 57.07
C9 LUT DV . -28.83 53.82 55.70
C10 LUT DV . -29.25 53.11 54.64
C11 LUT DV . -28.96 53.55 53.27
C12 LUT DV . -29.79 53.16 52.31
C13 LUT DV . -29.57 53.55 50.90
C14 LUT DV . -30.58 53.41 50.02
C15 LUT DV . -30.42 53.75 48.63
C16 LUT DV . -29.94 55.20 61.27
C17 LUT DV . -31.47 54.72 59.35
C18 LUT DV . -26.91 52.90 59.83
C19 LUT DV . -28.04 55.09 55.50
C20 LUT DV . -28.24 54.06 50.45
O3 LUT DV . -30.68 50.96 62.33
C21 LUT DV . -33.39 52.98 36.32
C22 LUT DV . -32.72 53.96 35.36
C23 LUT DV . -31.73 53.25 34.45
C24 LUT DV . -30.64 52.60 35.29
C25 LUT DV . -31.33 51.65 36.23
C26 LUT DV . -32.32 52.14 36.99
C27 LUT DV . -32.56 51.53 38.32
C28 LUT DV . -31.81 51.97 39.33
C29 LUT DV . -31.96 51.47 40.71
C30 LUT DV . -31.71 52.34 41.70
C31 LUT DV . -31.83 52.03 43.12
C32 LUT DV . -31.54 53.00 43.99
C33 LUT DV . -31.66 52.75 45.44
C34 LUT DV . -31.22 53.65 46.34
C35 LUT DV . -31.35 53.34 47.76
C36 LUT DV . -34.32 52.06 35.53
C37 LUT DV . -34.20 53.76 37.35
C38 LUT DV . -30.91 50.22 36.31
C39 LUT DV . -32.37 50.07 40.97
C40 LUT DV . -32.29 51.48 45.91
O23 LUT DV . -31.14 54.19 33.53
C1 XAT EV . -33.19 38.48 52.89
C2 XAT EV . -34.65 38.35 53.29
C3 XAT EV . -35.32 39.70 53.53
C4 XAT EV . -35.37 40.43 52.20
C5 XAT EV . -33.95 40.73 51.74
C6 XAT EV . -32.86 39.78 52.10
C7 XAT EV . -31.54 39.87 51.35
C8 XAT EV . -30.55 40.60 51.86
C9 XAT EV . -29.26 40.69 51.13
C10 XAT EV . -28.24 41.42 51.64
C11 XAT EV . -26.92 41.60 51.04
C12 XAT EV . -25.95 42.18 51.74
C13 XAT EV . -24.62 42.60 51.29
C14 XAT EV . -23.86 43.36 52.11
C15 XAT EV . -22.44 43.37 52.00
C16 XAT EV . -32.83 37.30 52.00
C17 XAT EV . -32.34 38.43 54.15
C18 XAT EV . -33.73 41.67 50.56
C19 XAT EV . -29.10 39.98 49.83
C20 XAT EV . -24.12 42.20 49.94
O3 XAT EV . -36.65 39.50 54.01
O4 XAT EV . -33.08 41.00 52.88
C21 XAT EV . -10.51 47.69 55.60
C22 XAT EV . -9.09 48.25 55.48
C23 XAT EV . -8.53 48.04 54.08
C24 XAT EV . -9.34 48.93 53.14
C25 XAT EV . -10.79 48.45 53.09
C26 XAT EV . -11.37 47.93 54.36
C27 XAT EV . -12.87 48.05 54.51
C28 XAT EV . -13.66 47.05 54.16
C29 XAT EV . -15.09 46.89 54.52
C30 XAT EV . -15.85 45.99 53.88
C31 XAT EV . -17.26 45.85 54.26
C32 XAT EV . -18.07 45.00 53.62
C33 XAT EV . -19.51 44.75 53.87
C34 XAT EV . -20.26 44.06 52.98
C35 XAT EV . -21.68 43.83 53.02
C36 XAT EV . -11.18 48.31 56.82
C37 XAT EV . -10.39 46.19 55.83
C38 XAT EV . -11.74 49.07 52.08
C39 XAT EV . -15.65 47.76 55.60
C40 XAT EV . -20.13 45.26 55.13
O23 XAT EV . -7.15 48.40 54.03
O24 XAT EV . -10.99 47.06 53.29
C1 NEX FV . -26.54 27.97 28.41
C2 NEX FV . -25.80 27.29 27.27
C3 NEX FV . -25.12 28.10 26.18
C4 NEX FV . -25.01 29.57 26.52
C5 NEX FV . -26.41 30.10 26.83
C6 NEX FV . -26.92 29.41 28.07
C7 NEX FV . -27.63 30.02 28.91
C8 NEX FV . -28.31 30.78 29.86
C9 NEX FV . -29.70 30.76 30.32
C10 NEX FV . -30.19 31.71 30.99
C11 NEX FV . -31.59 31.87 31.40
C12 NEX FV . -31.92 32.78 32.08
C13 NEX FV . -33.24 33.25 32.53
C14 NEX FV . -33.33 34.30 33.21
C15 NEX FV . -34.20 34.58 34.36
C16 NEX FV . -25.73 27.93 29.66
C17 NEX FV . -27.85 27.26 28.63
C18 NEX FV . -26.38 31.63 27.07
C19 NEX FV . -30.54 29.60 29.91
C20 NEX FV . -34.46 32.47 32.14
O3 NEX FV . -23.78 27.62 25.98
O4 NEX FV . -27.35 29.80 25.77
C21 NEX FV . -38.28 41.91 42.18
C22 NEX FV . -39.23 42.58 43.18
C23 NEX FV . -40.26 41.60 43.72
C24 NEX FV . -39.58 40.57 44.60
C25 NEX FV . -38.42 39.87 43.88
C26 NEX FV . -37.76 40.57 42.69
C27 NEX FV . -36.33 40.17 42.42
C28 NEX FV . -35.98 39.42 41.38
C29 NEX FV . -34.68 39.09 41.20
C30 NEX FV . -34.34 38.39 40.23
C31 NEX FV . -34.97 38.18 38.92
C32 NEX FV . -34.68 37.27 38.23
C33 NEX FV . -34.84 37.07 36.77
C34 NEX FV . -34.53 35.97 36.24
C35 NEX FV . -34.33 35.67 34.81
C36 NEX FV . -37.12 42.85 41.89
C37 NEX FV . -39.06 41.66 40.89
C38 NEX FV . -37.66 38.76 44.58
C39 NEX FV . -33.62 39.57 42.16
C40 NEX FV . -35.38 38.19 35.92
O23 NEX FV . -41.23 42.31 44.49
O24 NEX FV . -38.73 39.53 42.52
C1B LMT GV . -18.11 37.78 55.07
C2B LMT GV . -16.59 38.08 55.01
C3B LMT GV . -15.84 37.45 56.20
C4B LMT GV . -16.55 37.75 57.54
C5B LMT GV . -18.01 37.29 57.38
C6B LMT GV . -18.75 37.47 58.70
O1B LMT GV . -18.37 36.49 54.58
O2B LMT GV . -16.12 37.58 53.83
O3B LMT GV . -14.52 37.84 56.22
O4' LMT GV . -15.97 37.07 58.58
O5B LMT GV . -18.66 37.96 56.34
O6B LMT GV . -19.54 36.39 58.97
C1' LMT GV . -20.70 34.67 51.65
C2' LMT GV . -19.50 35.48 51.11
C3' LMT GV . -18.52 35.85 52.26
C4' LMT GV . -19.26 36.41 53.49
C5' LMT GV . -20.36 35.38 53.81
C6' LMT GV . -21.09 35.61 55.12
O1' LMT GV . -21.68 34.60 50.70
O2' LMT GV . -18.84 34.70 50.21
O3' LMT GV . -17.59 36.75 51.83
O5' LMT GV . -21.27 35.35 52.76
O6' LMT GV . -20.28 35.12 56.10
C1 LMT GV . -22.91 34.10 51.18
C2 LMT GV . -23.80 34.04 49.99
C3 LMT GV . -23.32 33.21 48.84
C4 LMT GV . -24.44 33.15 47.83
C5 LMT GV . -24.01 32.39 46.63
C6 LMT GV . -23.44 33.28 45.57
C7 LMT GV . -21.98 32.98 45.38
C8 LMT GV . -21.71 32.79 43.94
C9 LMT GV . -22.47 31.67 43.30
C10 LMT GV . -21.97 30.37 43.88
C11 LMT GV . -23.07 29.57 44.51
C12 LMT GV . -24.23 29.37 43.60
C1 ERG HV . -54.90 27.16 47.65
C2 ERG HV . -55.86 26.03 48.35
C3 ERG HV . -57.08 26.14 48.13
C4 ERG HV . -57.49 27.35 48.05
C5 ERG HV . -56.48 28.25 47.24
C6 ERG HV . -57.05 28.97 46.01
C7 ERG HV . -56.34 28.94 44.96
C8 ERG HV . -55.07 28.75 45.11
C9 ERG HV . -54.48 28.65 46.57
C10 ERG HV . -55.26 28.18 47.49
C11 ERG HV . -53.69 29.99 46.84
C12 ERG HV . -52.52 30.07 46.02
C13 ERG HV . -52.73 29.64 44.40
C14 ERG HV . -54.08 29.24 44.00
C15 ERG HV . -54.71 30.56 43.46
C16 ERG HV . -53.43 31.45 42.92
C17 ERG HV . -52.25 30.77 43.32
C18 ERG HV . -51.84 28.40 44.20
C19 ERG HV . -55.06 28.91 48.85
C20 ERG HV . -51.43 30.25 42.10
C21 ERG HV . -52.26 29.86 40.88
C22 ERG HV . -50.45 31.31 41.63
C23 ERG HV . -49.80 31.11 40.50
C24 ERG HV . -48.80 32.12 39.93
C25 ERG HV . -47.43 31.47 39.71
C26 ERG HV . -46.37 32.48 39.33
C27 ERG HV . -46.99 30.66 40.94
C28 ERG HV . -48.69 33.35 40.84
O1 ERG HV . -57.44 25.36 46.66
MG CHL IV . 67.67 -41.80 70.94
CHA CHL IV . 70.02 -43.08 73.06
CHB CHL IV . 66.83 -39.49 73.31
CHC CHL IV . 65.52 -40.53 68.83
CHD CHL IV . 68.57 -44.32 68.61
NA CHL IV . 68.33 -41.37 72.82
C1A CHL IV . 69.37 -41.96 73.51
C2A CHL IV . 69.62 -41.26 74.84
C3A CHL IV . 68.47 -40.29 74.97
C4A CHL IV . 67.81 -40.37 73.61
CMA CHL IV . 67.60 -40.27 76.23
CAA CHL IV . 70.97 -40.55 74.89
CBA CHL IV . 71.29 -39.88 76.23
CGA CHL IV . 72.51 -39.00 76.19
O1A CHL IV . 72.82 -38.29 75.27
O2A CHL IV . 73.21 -39.12 77.30
NB CHL IV . 66.36 -40.23 71.06
C1B CHL IV . 66.14 -39.42 72.12
C2B CHL IV . 65.11 -38.51 71.79
C3B CHL IV . 64.70 -38.76 70.50
C4B CHL IV . 65.52 -39.88 70.04
CMB CHL IV . 64.56 -37.44 72.70
CAB CHL IV . 63.65 -37.99 69.82
CBB CHL IV . 63.11 -38.14 68.42
NC CHL IV . 67.16 -42.37 69.03
C1C CHL IV . 66.26 -41.61 68.34
C2C CHL IV . 66.15 -42.20 67.00
C3C CHL IV . 66.98 -43.28 66.97
C4C CHL IV . 67.64 -43.39 68.24
CMC CHL IV . 65.39 -41.79 65.84
OMC CHL IV . 64.64 -40.82 65.79
CAC CHL IV . 67.15 -44.23 65.81
CBC CHL IV . 68.33 -43.88 64.95
ND CHL IV . 68.96 -43.36 70.77
C1D CHL IV . 69.19 -44.34 69.85
C2D CHL IV . 70.15 -45.26 70.33
C3D CHL IV . 70.51 -44.82 71.58
C4D CHL IV . 69.77 -43.65 71.84
CMD CHL IV . 70.62 -46.49 69.60
CAD CHL IV . 71.37 -45.06 72.72
OBD CHL IV . 72.15 -45.97 72.91
CBD CHL IV . 71.10 -43.96 73.73
CGD CHL IV . 70.69 -44.56 75.07
O1D CHL IV . 70.03 -45.56 75.19
O2D CHL IV . 71.15 -43.84 76.07
CED CHL IV . 70.83 -44.30 77.40
MG CLA JV . 79.00 -47.78 73.37
CHA CLA JV . 79.57 -45.69 70.67
CHB CLA JV . 82.37 -48.38 73.69
CHC CLA JV . 78.33 -49.65 76.01
CHD CLA JV . 75.54 -47.11 73.05
NA CLA JV . 80.82 -47.10 72.31
C1A CLA JV . 80.85 -46.28 71.26
C2A CLA JV . 82.25 -46.02 70.79
C3A CLA JV . 83.08 -46.89 71.73
C4A CLA JV . 82.05 -47.50 72.64
CMA CLA JV . 84.14 -47.79 71.12
CAA CLA JV . 82.68 -44.58 71.13
CBA CLA JV . 81.95 -43.97 72.33
CGA CLA JV . 82.84 -43.62 73.50
O1A CLA JV . 82.59 -42.60 74.12
O2A CLA JV . 83.85 -44.40 73.85
NB CLA JV . 80.17 -48.83 74.65
C1B CLA JV . 81.53 -49.01 74.62
C2B CLA JV . 81.94 -49.90 75.68
C3B CLA JV . 80.77 -50.25 76.31
C4B CLA JV . 79.67 -49.56 75.66
CMB CLA JV . 83.34 -50.35 75.98
CAB CLA JV . 80.60 -51.16 77.48
CBB CLA JV . 81.36 -50.95 78.77
NC CLA JV . 77.23 -48.28 74.38
C1C CLA JV . 77.17 -49.07 75.44
C2C CLA JV . 75.79 -49.26 75.93
C3C CLA JV . 75.02 -48.53 75.08
C4C CLA JV . 75.92 -47.92 74.11
CMC CLA JV . 75.33 -50.06 77.12
CAC CLA JV . 73.52 -48.36 75.13
CBC CLA JV . 73.18 -47.10 75.90
ND CLA JV . 77.79 -46.70 72.24
C1D CLA JV . 76.44 -46.52 72.14
C2D CLA JV . 76.07 -45.68 71.01
C3D CLA JV . 77.31 -45.36 70.45
C4D CLA JV . 78.32 -45.98 71.18
CMD CLA JV . 74.75 -45.19 70.46
CAD CLA JV . 77.92 -44.63 69.36
OBD CLA JV . 77.37 -44.46 68.28
CBD CLA JV . 79.39 -44.74 69.51
CGD CLA JV . 79.94 -45.29 68.22
O1D CLA JV . 80.08 -44.56 67.26
O2D CLA JV . 80.30 -46.56 68.10
CED CLA JV . 81.44 -46.80 67.29
C1 CLA JV . 83.72 -45.35 74.96
C2 CLA JV . 82.64 -45.24 76.00
C3 CLA JV . 82.65 -45.96 77.14
C4 CLA JV . 83.75 -46.93 77.41
C5 CLA JV . 81.57 -45.86 78.18
C6 CLA JV . 82.15 -45.68 79.58
C7 CLA JV . 81.20 -46.18 80.66
C8 CLA JV . 81.27 -45.34 81.94
C9 CLA JV . 82.36 -45.85 82.88
C10 CLA JV . 79.93 -45.28 82.67
C11 CLA JV . 79.21 -46.63 82.72
C12 CLA JV . 78.08 -46.59 83.75
C13 CLA JV . 76.71 -46.75 83.07
C14 CLA JV . 75.74 -45.68 83.57
C15 CLA JV . 76.17 -48.14 83.34
MG CLA KV . 84.09 -54.77 82.46
CHA CLA KV . 85.32 -51.65 81.56
CHB CLA KV . 87.23 -56.16 82.12
CHC CLA KV . 82.82 -57.69 83.38
CHD CLA KV . 80.87 -53.35 82.81
NA CLA KV . 86.08 -54.00 81.91
C1A CLA KV . 86.39 -52.74 81.58
C2A CLA KV . 87.86 -52.58 81.26
C3A CLA KV . 88.40 -54.01 81.44
C4A CLA KV . 87.19 -54.79 81.84
CMA CLA KV . 89.38 -54.58 80.42
CAA CLA KV . 88.55 -51.60 82.22
CBA CLA KV . 89.39 -52.21 83.35
CGA CLA KV . 90.88 -52.16 83.06
O1A CLA KV . 91.39 -51.09 82.78
O2A CLA KV . 91.56 -53.28 83.10
NB CLA KV . 84.89 -56.63 82.72
C1B CLA KV . 86.19 -57.02 82.52
C2B CLA KV . 86.32 -58.42 82.78
C3B CLA KV . 85.08 -58.85 83.14
C4B CLA KV . 84.18 -57.70 83.09
CMB CLA KV . 87.58 -59.24 82.70
CAB CLA KV . 84.69 -60.24 83.50
CBB CLA KV . 84.10 -60.56 84.86
NC CLA KV . 82.18 -55.39 83.08
C1C CLA KV . 81.87 -56.64 83.38
C2C CLA KV . 80.43 -56.83 83.71
C3C CLA KV . 79.91 -55.57 83.59
C4C CLA KV . 80.99 -54.69 83.18
CMC CLA KV . 79.74 -58.11 84.10
CAC CLA KV . 78.47 -55.19 83.82
CBC CLA KV . 78.29 -54.52 85.16
ND CLA KV . 83.21 -53.01 82.26
C1D CLA KV . 81.95 -52.51 82.43
C2D CLA KV . 81.88 -51.09 82.17
C3D CLA KV . 83.19 -50.78 81.83
C4D CLA KV . 83.98 -51.92 81.89
CMD CLA KV . 80.77 -50.06 82.19
CAD CLA KV . 84.01 -49.66 81.43
OBD CLA KV . 83.67 -48.49 81.39
CBD CLA KV . 85.41 -50.18 81.22
CGD CLA KV . 85.77 -49.92 79.79
O1D CLA KV . 85.61 -48.81 79.32
O2D CLA KV . 86.29 -50.85 78.99
CED CLA KV . 87.44 -50.41 78.28
C1 CLA KV . 92.82 -53.40 83.84
C2 CLA KV . 94.09 -52.73 83.39
C3 CLA KV . 95.30 -53.24 83.71
C4 CLA KV . 96.57 -52.57 83.26
C5 CLA KV . 95.45 -54.49 84.54
C6 CLA KV . 96.52 -55.41 83.97
C7 CLA KV . 95.99 -56.82 83.77
C8 CLA KV . 96.99 -57.88 84.23
C9 CLA KV . 98.22 -57.87 83.34
C10 CLA KV . 96.33 -59.25 84.23
C11 CLA KV . 95.10 -59.30 85.11
C12 CLA KV . 94.23 -60.50 84.77
C13 CLA KV . 92.77 -60.28 85.15
C14 CLA KV . 92.52 -60.73 86.58
C15 CLA KV . 91.88 -61.03 84.16
C16 CLA KV . 90.41 -60.95 84.54
C17 CLA KV . 89.80 -62.36 84.60
C18 CLA KV . 88.54 -62.47 85.46
C19 CLA KV . 88.49 -61.42 86.57
C20 CLA KV . 87.29 -62.42 84.61
MG CLA LV . 73.90 -71.86 80.36
CHA CLA LV . 72.77 -74.45 82.35
CHB CLA LV . 76.47 -71.22 82.56
CHC CLA LV . 74.94 -69.46 78.33
CHD CLA LV . 71.27 -72.52 78.10
NA CLA LV . 74.58 -72.74 82.27
C1A CLA LV . 74.00 -73.76 82.90
C2A CLA LV . 74.70 -74.08 84.21
C3A CLA LV . 75.84 -73.04 84.23
C4A CLA LV . 75.65 -72.28 82.96
CMA CLA LV . 76.13 -72.28 85.52
CAA CLA LV . 75.34 -75.46 84.23
CBA CLA LV . 75.85 -75.91 82.86
CGA CLA LV . 76.21 -77.37 82.97
O1A CLA LV . 75.47 -78.13 83.57
O2A CLA LV . 77.35 -77.81 82.46
NB CLA LV . 75.47 -70.55 80.43
C1B CLA LV . 76.41 -70.42 81.40
C2B CLA LV . 77.32 -69.35 81.05
C3B CLA LV . 76.87 -68.86 79.86
C4B CLA LV . 75.70 -69.63 79.49
CMB CLA LV . 78.51 -68.90 81.87
CAB CLA LV . 77.41 -67.76 79.02
CBB CLA LV . 77.76 -66.39 79.55
NC CLA LV . 73.26 -71.16 78.49
C1C CLA LV . 73.81 -70.14 77.85
C2C CLA LV . 73.12 -69.79 76.59
C3C CLA LV . 72.10 -70.70 76.51
C4C CLA LV . 72.19 -71.54 77.70
CMC CLA LV . 73.47 -68.72 75.60
CAC CLA LV . 71.09 -70.78 75.40
CBC CLA LV . 71.63 -71.63 74.28
ND CLA LV . 72.39 -73.11 80.17
C1D CLA LV . 71.40 -73.32 79.26
C2D CLA LV . 70.51 -74.41 79.66
C3D CLA LV . 71.07 -74.84 80.86
C4D CLA LV . 72.18 -74.06 81.16
CMD CLA LV . 69.29 -75.04 79.05
CAD CLA LV . 70.88 -75.82 81.91
OBD CLA LV . 69.87 -76.48 82.09
CBD CLA LV . 71.99 -75.64 82.90
CGD CLA LV . 71.42 -75.37 84.27
O1D CLA LV . 71.50 -76.23 85.13
O2D CLA LV . 70.82 -74.23 84.55
CED CLA LV . 71.26 -73.59 85.74
C1 CLA LV . 78.00 -77.12 81.34
C2 CLA LV . 77.51 -77.21 79.92
C3 CLA LV . 78.23 -77.91 79.01
C4 CLA LV . 79.50 -78.61 79.38
C5 CLA LV . 77.80 -78.02 77.57
C6 CLA LV . 78.62 -77.05 76.73
C7 CLA LV . 79.56 -77.77 75.77
C8 CLA LV . 79.24 -77.44 74.32
C9 CLA LV . 79.36 -78.68 73.45
C10 CLA LV . 80.17 -76.34 73.82
MG CLA MV . 70.28 -78.43 71.57
CHA CLA MV . 68.79 -75.50 72.64
CHB CLA MV . 68.06 -78.66 68.94
CHC CLA MV . 71.86 -81.16 70.57
CHD CLA MV . 72.56 -78.19 74.26
NA CLA MV . 68.59 -77.21 70.83
C1A CLA MV . 68.15 -76.08 71.39
C2A CLA MV . 66.95 -75.52 70.63
C3A CLA MV . 66.76 -76.55 69.50
C4A CLA MV . 67.86 -77.53 69.75
CMA CLA MV . 65.36 -77.05 69.16
CAA CLA MV . 67.22 -74.16 69.97
CBA CLA MV . 68.68 -73.75 69.79
CGA CLA MV . 69.33 -74.42 68.60
O1A CLA MV . 68.67 -74.59 67.60
O2A CLA MV . 70.60 -74.80 68.66
NB CLA MV . 70.01 -79.70 70.00
C1B CLA MV . 69.04 -79.67 69.04
C2B CLA MV . 69.19 -80.79 68.15
C3B CLA MV . 70.26 -81.49 68.63
C4B CLA MV . 70.77 -80.78 69.80
CMB CLA MV . 68.33 -81.13 66.96
CAB CLA MV . 70.86 -82.74 68.10
CBB CLA MV . 70.06 -84.02 68.13
NC CLA MV . 71.96 -79.48 72.29
C1C CLA MV . 72.45 -80.57 71.72
C2C CLA MV . 73.65 -81.09 72.41
C3C CLA MV . 73.85 -80.22 73.44
C4C CLA MV . 72.78 -79.22 73.36
CMC CLA MV . 74.45 -82.31 72.00
CAC CLA MV . 74.95 -80.25 74.47
CBC CLA MV . 74.74 -81.33 75.51
ND CLA MV . 70.68 -77.21 73.06
C1D CLA MV . 71.56 -77.20 74.11
C2D CLA MV . 71.32 -76.07 75.01
C3D CLA MV . 70.25 -75.42 74.42
C4D CLA MV . 69.87 -76.10 73.26
CMD CLA MV . 71.96 -75.58 76.27
CAD CLA MV . 69.38 -74.28 74.59
OBD CLA MV . 69.28 -73.62 75.61
CBD CLA MV . 68.43 -74.25 73.42
CGD CLA MV . 67.02 -74.30 73.92
O1D CLA MV . 66.74 -74.84 74.97
O2D CLA MV . 66.04 -73.73 73.22
CED CLA MV . 65.29 -72.72 73.88
C1 CLA MV . 71.20 -75.47 69.81
C2 CLA MV . 71.85 -74.72 70.97
C3 CLA MV . 72.93 -75.19 71.59
C4 CLA MV . 73.59 -76.47 71.16
C5 CLA MV . 73.59 -74.46 72.74
MG CHL NV . 80.66 -73.01 84.52
CHA CHL NV . 81.20 -76.08 83.13
CHB CHL NV . 82.36 -71.60 81.90
CHC CHL NV . 80.12 -70.09 85.86
CHD CHL NV . 78.95 -74.63 87.16
NA CHL NV . 81.59 -73.72 82.83
C1A CHL NV . 81.65 -75.02 82.39
C2A CHL NV . 82.35 -75.12 81.03
C3A CHL NV . 82.87 -73.74 80.80
C4A CHL NV . 82.24 -72.94 81.92
CMA CHL NV . 84.35 -73.54 80.50
CAA CHL NV . 81.37 -75.52 79.91
CBA CHL NV . 82.01 -75.64 78.54
CGA CHL NV . 82.76 -76.93 78.35
NB CHL NV . 81.17 -71.12 83.95
C1B CHL NV . 81.85 -70.74 82.85
C2B CHL NV . 81.95 -69.32 82.85
C3B CHL NV . 81.32 -68.83 83.96
C4B CHL NV . 80.82 -70.01 84.67
CMB CHL NV . 82.59 -68.50 81.78
CAB CHL NV . 81.19 -67.41 84.26
CBB CHL NV . 80.46 -66.76 85.40
NC CHL NV . 79.68 -72.48 86.25
C1C CHL NV . 79.62 -71.16 86.58
C2C CHL NV . 78.89 -71.08 87.85
C3C CHL NV . 78.56 -72.37 88.21
C4C CHL NV . 79.06 -73.26 87.20
CMC CHL NV . 78.52 -69.92 88.64
OMC CHL NV . 78.78 -68.77 88.38
CAC CHL NV . 77.82 -72.78 89.45
CBC CHL NV . 78.68 -72.74 90.70
ND CHL NV . 80.14 -74.90 85.10
C1D CHL NV . 79.46 -75.44 86.15
C2D CHL NV . 79.39 -76.84 86.03
C3D CHL NV . 80.07 -77.16 84.86
C4D CHL NV . 80.51 -75.95 84.30
CMD CHL NV . 78.70 -77.78 86.98
CAD CHL NV . 80.52 -78.22 83.98
OBD CHL NV . 80.33 -79.42 84.08
CBD CHL NV . 81.28 -77.58 82.84
CGD CHL NV . 82.71 -78.13 82.79
O1D CHL NV . 83.68 -77.54 83.19
O2D CHL NV . 82.74 -79.33 82.23
CED CHL NV . 84.04 -79.95 82.13
MG CHL OV . 78.99 -65.98 91.19
CHA CHL OV . 77.11 -66.26 93.99
CHB CHL OV . 77.28 -63.09 90.39
CHC CHL OV . 80.83 -65.71 88.57
CHD CHL OV . 80.57 -69.05 92.08
NA CHL OV . 77.49 -64.88 92.05
C1A CHL OV . 76.88 -65.11 93.26
C2A CHL OV . 75.88 -64.01 93.61
C3A CHL OV . 75.80 -63.20 92.34
C4A CHL OV . 76.93 -63.74 91.50
CMA CHL OV . 74.44 -62.92 91.70
CAA CHL OV . 76.29 -63.18 94.83
CBA CHL OV . 77.62 -62.45 94.70
NB CHL OV . 79.03 -64.58 89.71
C1B CHL OV . 78.29 -63.47 89.52
C2B CHL OV . 78.71 -62.81 88.34
C3B CHL OV . 79.75 -63.52 87.79
C4B CHL OV . 79.95 -64.67 88.68
CMB CHL OV . 78.12 -61.55 87.79
CAB CHL OV . 80.49 -63.09 86.61
CBB CHL OV . 81.72 -63.71 85.96
NC CHL OV . 80.47 -67.21 90.49
C1C CHL OV . 81.09 -66.84 89.33
C2C CHL OV . 82.09 -67.87 89.02
C3C CHL OV . 82.00 -68.80 90.02
C4C CHL OV . 80.99 -68.40 90.95
CMC CHL OV . 83.00 -67.98 87.91
OMC CHL OV . 83.11 -67.18 87.00
CAC CHL OV . 82.83 -70.05 90.12
CBC CHL OV . 84.19 -69.82 90.74
ND CHL OV . 78.95 -67.39 92.66
C1D CHL OV . 79.58 -68.57 92.92
C2D CHL OV . 79.07 -69.16 94.10
C3D CHL OV . 78.09 -68.29 94.57
C4D CHL OV . 78.04 -67.21 93.68
CMD CHL OV . 79.51 -70.47 94.69
CAD CHL OV . 77.10 -68.04 95.60
OBD CHL OV . 76.82 -68.75 96.56
CBD CHL OV . 76.43 -66.73 95.29
CGD CHL OV . 74.92 -66.93 95.13
O1D CHL OV . 74.40 -67.78 94.44
O2D CHL OV . 74.25 -66.07 95.87
CED CHL OV . 72.81 -66.17 95.84
MG CHL PV . 88.97 -67.60 70.11
CHA CHL PV . 86.03 -65.94 70.47
CHB CHL PV . 87.61 -70.34 71.67
CHC CHL PV . 91.74 -69.20 69.55
CHD CHL PV . 90.30 -64.65 68.62
NA CHL PV . 87.14 -68.05 70.93
C1A CHL PV . 86.03 -67.24 70.99
C2A CHL PV . 84.87 -67.94 71.69
C3A CHL PV . 85.50 -69.20 72.25
C4A CHL PV . 86.87 -69.21 71.60
CMA CHL PV . 85.35 -69.55 73.71
CAA CHL PV . 83.65 -68.22 70.80
CBA CHL PV . 83.96 -68.91 69.47
CGA CHL PV . 83.52 -70.35 69.41
O1A CHL PV . 83.47 -71.01 68.42
O2A CHL PV . 83.19 -70.79 70.61
NB CHL PV . 89.57 -69.50 70.55
C1B CHL PV . 88.88 -70.50 71.14
C2B CHL PV . 89.68 -71.66 71.15
C3B CHL PV . 90.86 -71.39 70.52
C4B CHL PV . 90.78 -69.98 70.14
CMB CHL PV . 89.30 -72.99 71.74
CAB CHL PV . 91.90 -72.39 70.23
CBB CHL PV . 93.17 -72.26 69.42
NC CHL PV . 90.72 -66.97 69.25
C1C CHL PV . 91.75 -67.86 69.16
C2C CHL PV . 92.87 -67.16 68.55
C3C CHL PV . 92.44 -65.88 68.28
C4C CHL PV . 91.10 -65.76 68.72
CMC CHL PV . 94.20 -67.64 68.24
OMC CHL PV . 94.61 -68.76 68.46
CAC CHL PV . 93.25 -64.78 67.63
CBC CHL PV . 92.96 -64.64 66.15
ND CHL PV . 88.41 -65.69 69.63
C1D CHL PV . 89.00 -64.60 69.06
C2D CHL PV . 88.09 -63.53 68.99
C3D CHL PV . 86.93 -63.99 69.53
C4D CHL PV . 87.13 -65.32 69.92
CMD CHL PV . 88.38 -62.17 68.43
CAD CHL PV . 85.56 -63.66 69.85
OBD CHL PV . 84.99 -62.58 69.74
CBD CHL PV . 84.91 -64.89 70.43
CGD CHL PV . 84.24 -64.58 71.76
O1D CHL PV . 84.76 -64.00 72.68
O2D CHL PV . 83.01 -65.05 71.78
CED CHL PV . 82.27 -64.83 73.00
C1 CHL PV . 82.86 -72.18 70.90
C2 CHL PV . 84.12 -72.96 70.86
C3 CHL PV . 84.24 -74.04 70.09
C4 CHL PV . 83.13 -74.58 69.24
C5 CHL PV . 85.56 -74.76 69.98
C6 CHL PV . 85.81 -75.84 71.04
C7 CHL PV . 85.19 -77.18 70.68
C8 CHL PV . 85.74 -78.36 71.48
C9 CHL PV . 87.24 -78.52 71.25
C10 CHL PV . 85.43 -78.11 72.95
C11 CHL PV . 84.47 -79.09 73.58
C12 CHL PV . 84.19 -78.85 75.06
C13 CHL PV . 85.27 -79.38 76.01
C14 CHL PV . 86.16 -78.25 76.55
C15 CHL PV . 86.10 -80.58 75.56
MG CLA QV . 88.71 -61.82 80.23
CHA CLA QV . 89.15 -58.73 78.76
CHB CLA QV . 92.12 -62.29 80.39
CHC CLA QV . 88.15 -64.75 81.65
CHD CLA QV . 85.22 -61.27 80.15
NA CLA QV . 90.48 -60.63 79.64
C1A CLA QV . 90.46 -59.41 79.09
C2A CLA QV . 91.85 -58.87 78.88
C3A CLA QV . 92.74 -60.02 79.37
C4A CLA QV . 91.75 -61.05 79.84
CMA CLA QV . 93.95 -60.44 78.55
CAA CLA QV . 92.13 -57.70 79.81
CBA CLA QV . 91.27 -57.70 81.08
CGA CLA QV . 91.96 -57.18 82.32
O1A CLA QV . 92.85 -56.35 82.21
O2A CLA QV . 91.56 -57.66 83.48
NB CLA QV . 89.94 -63.28 80.92
C1B CLA QV . 91.31 -63.33 80.87
C2B CLA QV . 91.76 -64.58 81.43
C3B CLA QV . 90.65 -65.26 81.78
C4B CLA QV . 89.49 -64.43 81.44
CMB CLA QV . 93.20 -65.03 81.57
CAB CLA QV . 90.58 -66.61 82.39
CBB CLA QV . 90.00 -66.83 83.77
NC CLA QV . 86.96 -62.81 80.87
C1C CLA QV . 86.97 -64.03 81.36
C2C CLA QV . 85.60 -64.57 81.55
C3C CLA QV . 84.78 -63.55 81.15
C4C CLA QV . 85.64 -62.46 80.72
CMC CLA QV . 85.22 -65.92 82.09
CAC CLA QV . 83.27 -63.57 81.14
CBC CLA QV . 82.75 -62.94 82.41
ND CLA QV . 87.43 -60.45 79.62
C1D CLA QV . 86.07 -60.26 79.65
C2D CLA QV . 85.68 -58.97 79.12
C3D CLA QV . 86.89 -58.38 78.77
C4D CLA QV . 87.91 -59.27 79.08
CMD CLA QV . 84.36 -58.26 78.91
CAD CLA QV . 87.44 -57.18 78.21
OBD CLA QV . 86.80 -56.35 77.59
CBD CLA QV . 88.92 -57.40 78.07
CGD CLA QV . 89.25 -57.54 76.62
O1D CLA QV . 88.71 -58.38 75.94
O2D CLA QV . 90.15 -56.75 76.04
CED CLA QV . 89.72 -56.06 74.88
C1 CLA QV . 90.35 -57.12 84.12
C2 CLA QV . 90.37 -55.79 84.83
C3 CLA QV . 89.54 -55.50 85.84
C4 CLA QV . 89.61 -54.17 86.51
C5 CLA QV . 88.49 -56.45 86.36
C6 CLA QV . 87.12 -56.12 85.75
C7 CLA QV . 86.16 -55.50 86.76
C8 CLA QV . 85.20 -54.51 86.07
C9 CLA QV . 85.19 -53.16 86.77
C10 CLA QV . 83.81 -55.12 85.96
C11 CLA QV . 83.00 -54.98 87.24
C12 CLA QV . 81.53 -54.70 86.93
C13 CLA QV . 80.59 -55.47 87.86
C14 CLA QV . 80.89 -55.18 89.32
C15 CLA QV . 80.69 -56.97 87.55
MG CLA RV . 79.39 -63.31 65.49
CHA CLA RV . 81.93 -63.80 63.22
CHB CLA RV . 77.61 -61.44 63.18
CHC CLA RV . 76.97 -63.04 67.68
CHD CLA RV . 81.22 -65.20 67.86
NA CLA RV . 79.72 -62.67 63.40
C1A CLA RV . 80.79 -62.95 62.66
C2A CLA RV . 80.71 -62.33 61.31
C3A CLA RV . 79.38 -61.57 61.34
C4A CLA RV . 78.86 -61.90 62.70
CMA CLA RV . 79.39 -60.13 60.87
CAA CLA RV . 80.63 -63.44 60.25
CBA CLA RV . 79.22 -63.90 59.85
CGA CLA RV . 78.72 -65.00 60.77
O1A CLA RV . 78.98 -66.15 60.49
O2A CLA RV . 78.01 -64.69 61.83
NB CLA RV . 77.57 -62.39 65.44
C1B CLA RV . 77.01 -61.67 64.43
C2B CLA RV . 75.72 -61.19 64.83
C3B CLA RV . 75.55 -61.63 66.10
C4B CLA RV . 76.74 -62.39 66.47
CMB CLA RV . 74.78 -60.36 64.00
CAB CLA RV . 74.38 -61.43 67.00
CBB CLA RV . 73.00 -61.89 66.61
NC CLA RV . 79.12 -64.06 67.43
C1C CLA RV . 78.05 -63.81 68.16
C2C CLA RV . 78.11 -64.42 69.50
C3C CLA RV . 79.31 -65.08 69.51
C4C CLA RV . 79.93 -64.83 68.23
CMC CLA RV . 77.09 -64.38 70.60
CAC CLA RV . 79.85 -65.87 70.67
CBC CLA RV . 79.64 -67.35 70.44
ND CLA RV . 81.10 -64.30 65.62
C1D CLA RV . 81.76 -64.99 66.58
C2D CLA RV . 83.07 -65.42 66.13
C3D CLA RV . 83.12 -64.95 64.81
C4D CLA RV . 81.94 -64.29 64.52
CMD CLA RV . 84.20 -66.18 66.78
CAD CLA RV . 83.98 -64.92 63.66
OBD CLA RV . 85.20 -64.92 63.74
CBD CLA RV . 83.23 -64.22 62.57
CGD CLA RV . 83.99 -62.99 62.15
O1D CLA RV . 84.51 -62.28 62.98
O2D CLA RV . 84.10 -62.68 60.87
CED CLA RV . 85.42 -62.57 60.35
C1 CLA RV . 76.56 -64.50 61.77
C2 CLA RV . 75.59 -65.52 62.33
C3 CLA RV . 74.28 -65.50 62.01
C4 CLA RV . 73.71 -64.49 61.07
C5 CLA RV . 73.30 -66.51 62.56
C6 CLA RV . 72.87 -66.17 63.97
C7 CLA RV . 73.22 -67.31 64.91
C8 CLA RV . 72.02 -67.92 65.62
C9 CLA RV . 71.15 -66.85 66.25
C10 CLA RV . 72.51 -68.90 66.68
C11 CLA RV . 72.07 -70.31 66.38
C12 CLA RV . 72.99 -71.00 65.37
C13 CLA RV . 73.55 -72.29 65.95
C14 CLA RV . 75.01 -72.11 66.36
C15 CLA RV . 73.38 -73.41 64.93
C16 CLA RV . 74.09 -74.69 65.38
C17 CLA RV . 73.13 -75.64 66.08
C18 CLA RV . 73.87 -76.72 66.86
C19 CLA RV . 72.91 -77.75 67.44
C20 CLA RV . 74.94 -77.40 66.02
MG CLA SV . 65.35 -52.13 64.53
CHA CLA SV . 67.49 -54.14 62.69
CHB CLA SV . 63.84 -51.01 61.65
CHC CLA SV . 63.32 -50.31 66.39
CHD CLA SV . 66.89 -53.27 67.49
NA CLA SV . 65.61 -52.53 62.37
C1A CLA SV . 66.51 -53.35 61.83
C2A CLA SV . 66.40 -53.37 60.33
C3A CLA SV . 65.25 -52.36 60.05
C4A CLA SV . 64.86 -51.93 61.42
CMA CLA SV . 65.40 -51.32 58.95
CAA CLA SV . 66.03 -54.78 59.84
CBA CLA SV . 64.56 -55.00 59.42
CGA CLA SV . 63.74 -55.50 60.58
O1A CLA SV . 64.05 -55.22 61.72
O2A CLA SV . 62.66 -56.22 60.34
NB CLA SV . 63.81 -50.87 64.09
C1B CLA SV . 63.35 -50.50 62.86
C2B CLA SV . 62.28 -49.55 63.00
C3B CLA SV . 62.14 -49.35 64.35
C4B CLA SV . 63.12 -50.19 65.02
CMB CLA SV . 61.50 -48.91 61.90
CAB CLA SV . 61.17 -48.45 65.02
CBB CLA SV . 60.17 -48.98 66.03
NC CLA SV . 65.08 -51.91 66.61
C1C CLA SV . 64.22 -51.06 67.14
C2C CLA SV . 64.31 -51.00 68.62
C3C CLA SV . 65.30 -51.88 68.93
C4C CLA SV . 65.78 -52.45 67.67
CMC CLA SV . 63.48 -50.13 69.54
CAC CLA SV . 65.78 -52.19 70.31
CBC CLA SV . 64.90 -53.27 70.90
ND CLA SV . 66.81 -53.34 65.07
C1D CLA SV . 67.33 -53.78 66.24
C2D CLA SV . 68.37 -54.77 66.04
C3D CLA SV . 68.42 -54.90 64.65
C4D CLA SV . 67.49 -54.04 64.08
CMD CLA SV . 69.25 -55.56 66.96
CAD CLA SV . 69.11 -55.62 63.60
OBD CLA SV . 69.66 -56.70 63.74
CBD CLA SV . 68.60 -55.10 62.29
CGD CLA SV . 69.70 -54.41 61.53
O1D CLA SV . 70.77 -54.17 62.06
O2D CLA SV . 69.52 -54.06 60.27
CED CLA SV . 70.35 -54.67 59.27
C1 CLA SV . 62.15 -57.13 61.37
C2 CLA SV . 62.96 -58.30 61.87
C3 CLA SV . 62.37 -59.34 62.48
C4 CLA SV . 60.88 -59.38 62.71
C5 CLA SV . 63.14 -60.53 62.98
C6 CLA SV . 63.69 -60.23 64.37
C7 CLA SV . 64.37 -61.45 64.99
C8 CLA SV . 63.62 -61.96 66.22
C9 CLA SV . 63.14 -60.81 67.10
C10 CLA SV . 64.52 -62.90 67.02
C11 CLA SV . 63.68 -63.80 67.92
C12 CLA SV . 64.03 -63.59 69.39
C13 CLA SV . 62.78 -63.48 70.24
C14 CLA SV . 62.43 -62.02 70.54
C15 CLA SV . 62.96 -64.27 71.53
C16 CLA SV . 64.13 -63.71 72.33
C17 CLA SV . 63.82 -63.71 73.83
C18 CLA SV . 65.09 -63.83 74.64
C19 CLA SV . 65.77 -65.17 74.42
C20 CLA SV . 66.04 -62.68 74.33
MG CLA TV . 67.22 -60.71 67.25
CHA CLA TV . 67.69 -59.77 63.95
CHB CLA TV . 69.18 -63.51 66.79
CHC CLA TV . 66.78 -61.43 70.43
CHD CLA TV . 65.25 -57.81 67.70
NA CLA TV . 68.34 -61.57 65.55
C1A CLA TV . 68.41 -61.05 64.33
C2A CLA TV . 69.23 -61.91 63.40
C3A CLA TV . 69.67 -63.07 64.31
C4A CLA TV . 69.04 -62.72 65.63
CMA CLA TV . 69.57 -64.51 63.81
CAA CLA TV . 70.48 -61.18 62.91
CBA CLA TV . 71.01 -61.87 61.67
CGA CLA TV . 69.90 -62.06 60.67
O1A CLA TV . 69.36 -61.09 60.18
O2A CLA TV . 69.52 -63.29 60.37
NB CLA TV . 67.89 -62.23 68.44
C1B CLA TV . 68.64 -63.31 68.08
C2B CLA TV . 68.82 -64.17 69.23
C3B CLA TV . 68.13 -63.57 70.26
C4B CLA TV . 67.55 -62.34 69.71
CMB CLA TV . 69.59 -65.46 69.25
CAB CLA TV . 67.93 -63.98 71.66
CBB CLA TV . 68.97 -64.65 72.55
NC CLA TV . 66.25 -59.72 68.83
C1C CLA TV . 66.11 -60.24 70.04
C2C CLA TV . 65.20 -59.47 70.90
C3C CLA TV . 64.80 -58.42 70.13
C4C CLA TV . 65.46 -58.59 68.84
CMC CLA TV . 64.81 -59.78 72.32
CAC CLA TV . 63.85 -57.32 70.51
CBC CLA TV . 62.42 -57.78 70.31
ND CLA TV . 66.62 -59.14 66.20
C1D CLA TV . 65.81 -58.07 66.43
C2D CLA TV . 65.59 -57.27 65.23
C3D CLA TV . 66.34 -57.95 64.28
C4D CLA TV . 66.95 -59.05 64.87
CMD CLA TV . 64.80 -56.03 64.92
CAD CLA TV . 66.70 -57.90 62.89
OBD CLA TV . 66.10 -57.26 62.03
CBD CLA TV . 67.59 -59.07 62.61
CGD CLA TV . 66.86 -59.94 61.62
O1D CLA TV . 66.83 -59.64 60.44
O2D CLA TV . 66.24 -61.04 62.03
CED CLA TV . 66.30 -62.17 61.16
MG CLA UV . 62.77 -53.18 83.00
CHA CLA UV . 60.70 -53.94 85.64
CHB CLA UV . 60.65 -54.77 80.80
CHC CLA UV . 64.76 -52.24 80.53
CHD CLA UV . 64.94 -51.53 85.26
NA CLA UV . 60.86 -54.25 83.18
C1A CLA UV . 60.18 -54.45 84.32
C2A CLA UV . 58.94 -55.26 84.10
C3A CLA UV . 58.95 -55.50 82.58
C4A CLA UV . 60.21 -54.81 82.14
CMA CLA UV . 58.61 -56.88 82.05
CAA CLA UV . 57.69 -54.43 84.44
CBA CLA UV . 57.69 -53.08 83.75
CGA CLA UV . 57.95 -51.99 84.77
O1A CLA UV . 57.64 -52.17 85.92
O2A CLA UV . 58.48 -50.85 84.35
NB CLA UV . 62.70 -53.46 80.99
C1B CLA UV . 61.79 -54.16 80.25
C2B CLA UV . 62.17 -54.14 78.86
C3B CLA UV . 63.33 -53.43 78.81
C4B CLA UV . 63.65 -53.00 80.16
CMB CLA UV . 61.46 -54.79 77.71
CAB CLA UV . 64.16 -53.10 77.62
CBB CLA UV . 64.87 -54.21 76.86
NC CLA UV . 64.54 -52.05 82.92
C1C CLA UV . 65.21 -51.82 81.79
C2C CLA UV . 66.46 -51.07 82.00
C3C CLA UV . 66.51 -50.86 83.36
C4C CLA UV . 65.31 -51.48 83.91
CMC CLA UV . 67.43 -50.64 80.93
CAC CLA UV . 67.59 -50.14 84.13
CBC CLA UV . 68.85 -50.98 84.21
ND CLA UV . 62.88 -52.77 84.93
C1D CLA UV . 63.76 -52.13 85.75
C2D CLA UV . 63.35 -52.20 87.15
C3D CLA UV . 62.15 -52.90 87.09
C4D CLA UV . 61.88 -53.23 85.76
CMD CLA UV . 63.94 -51.69 88.44
CAD CLA UV . 61.10 -53.41 87.94
OBD CLA UV . 61.22 -53.67 89.11
CBD CLA UV . 60.10 -54.07 87.04
CGD CLA UV . 59.97 -55.52 87.41
O1D CLA UV . 60.95 -56.23 87.57
O2D CLA UV . 58.76 -56.04 87.57
CED CLA UV . 58.24 -56.01 88.89
C1 CLA UV . 59.90 -50.75 84.01
C2 CLA UV . 60.90 -50.08 84.92
C3 CLA UV . 61.70 -49.12 84.42
C4 CLA UV . 62.71 -48.42 85.28
C5 CLA UV . 61.64 -48.67 82.97
C6 CLA UV . 62.83 -49.25 82.22
C7 CLA UV . 62.59 -49.24 80.72
C8 CLA UV . 62.93 -47.86 80.13
C9 CLA UV . 62.56 -47.79 78.66
C10 CLA UV . 64.42 -47.60 80.34
MG CLA VV . 53.75 -53.24 79.58
CHA CLA VV . 54.62 -50.53 81.51
CHB CLA VV . 50.41 -52.59 80.08
CHC CLA VV . 53.04 -55.84 77.67
CHD CLA VV . 57.19 -53.88 79.03
NA CLA VV . 52.60 -51.71 80.67
C1A CLA VV . 53.12 -50.71 81.37
C2A CLA VV . 52.05 -49.83 81.99
C3A CLA VV . 50.76 -50.52 81.54
C4A CLA VV . 51.25 -51.66 80.71
CMA CLA VV . 49.65 -50.81 82.56
CAA CLA VV . 52.15 -48.46 81.34
CBA CLA VV . 50.89 -47.61 81.43
CGA CLA VV . 50.79 -46.72 80.21
O1A CLA VV . 49.92 -45.86 80.18
O2A CLA VV . 51.64 -46.89 79.21
NB CLA VV . 51.99 -54.07 78.96
C1B CLA VV . 50.72 -53.69 79.28
C2B CLA VV . 49.78 -54.59 78.66
C3B CLA VV . 50.54 -55.51 77.99
C4B CLA VV . 51.94 -55.17 78.19
CMB CLA VV . 48.28 -54.53 78.77
CAB CLA VV . 50.08 -56.66 77.18
CBB CLA VV . 49.23 -56.47 75.95
NC CLA VV . 54.92 -54.59 78.47
C1C CLA VV . 54.42 -55.62 77.81
C2C CLA VV . 55.46 -56.52 77.26
C3C CLA VV . 56.64 -55.93 77.63
C4C CLA VV . 56.29 -54.73 78.38
CMC CLA VV . 55.24 -57.78 76.47
CAC CLA VV . 58.02 -56.45 77.32
CBC CLA VV . 58.43 -55.92 75.95
ND CLA VV . 55.51 -52.49 80.09
C1D CLA VV . 56.82 -52.77 79.83
C2D CLA VV . 57.71 -51.81 80.46
C3D CLA VV . 56.85 -50.94 81.11
C4D CLA VV . 55.53 -51.36 80.87
CMD CLA VV . 59.20 -51.62 80.51
CAD CLA VV . 56.82 -49.76 81.94
OBD CLA VV . 57.77 -49.04 82.18
CBD CLA VV . 55.40 -49.52 82.32
CGD CLA VV . 55.17 -49.82 83.78
O1D CLA VV . 55.12 -50.96 84.17
O2D CLA VV . 55.00 -48.83 84.64
CED CLA VV . 56.06 -48.61 85.57
C1 CLA VV . 51.19 -47.52 77.97
C2 CLA VV . 50.67 -48.94 77.97
C3 CLA VV . 50.66 -49.67 76.85
C4 CLA VV . 51.16 -49.13 75.54
C5 CLA VV . 50.15 -51.09 76.82
C6 CLA VV . 51.24 -52.01 76.25
C7 CLA VV . 50.64 -53.15 75.44
C8 CLA VV . 51.48 -53.44 74.20
C9 CLA VV . 50.85 -54.57 73.38
C10 CLA VV . 52.90 -53.79 74.60
MG CLA WV . 87.00 -77.64 66.94
CHA CLA WV . 89.25 -80.04 67.98
CHB CLA WV . 84.74 -80.06 66.02
CHC CLA WV . 84.90 -75.23 66.08
CHD CLA WV . 89.33 -75.15 67.89
NA CLA WV . 86.97 -79.84 66.99
C1A CLA WV . 87.96 -80.62 67.44
C2A CLA WV . 87.62 -82.09 67.29
C3A CLA WV . 86.21 -82.05 66.68
C4A CLA WV . 85.93 -80.58 66.55
CMA CLA WV . 85.84 -83.00 65.55
CAA CLA WV . 87.52 -82.80 68.64
CBA CLA WV . 87.01 -81.91 69.76
CGA CLA WV . 86.10 -82.72 70.66
O1A CLA WV . 86.27 -83.92 70.74
O2A CLA WV . 85.16 -82.10 71.35
NB CLA WV . 85.11 -77.65 66.18
C1B CLA WV . 84.35 -78.72 65.84
C2B CLA WV . 83.09 -78.27 65.29
C3B CLA WV . 83.16 -76.90 65.31
C4B CLA WV . 84.44 -76.53 65.88
CMB CLA WV . 81.95 -79.13 64.80
CAB CLA WV . 82.12 -75.93 64.88
CBB CLA WV . 80.83 -75.81 65.65
NC CLA WV . 87.07 -75.54 67.05
C1C CLA WV . 86.13 -74.73 66.57
C2C CLA WV . 86.51 -73.30 66.61
C3C CLA WV . 87.76 -73.30 67.17
C4C CLA WV . 88.10 -74.69 67.42
CMC CLA WV . 85.70 -72.11 66.16
CAC CLA WV . 88.64 -72.10 67.43
CBC CLA WV . 89.50 -71.85 66.21
ND CLA WV . 88.82 -77.51 67.71
C1D CLA WV . 89.66 -76.51 68.08
C2D CLA WV . 90.90 -77.01 68.67
C3D CLA WV . 90.72 -78.39 68.61
C4D CLA WV . 89.49 -78.67 68.05
CMD CLA WV . 92.12 -76.34 69.23
CAD CLA WV . 91.37 -79.64 68.95
OBD CLA WV . 92.33 -79.76 69.71
CBD CLA WV . 90.48 -80.75 68.49
CGD CLA WV . 91.13 -81.50 67.36
O1D CLA WV . 91.45 -80.91 66.33
O2D CLA WV . 91.36 -82.80 67.46
CED CLA WV . 92.72 -83.20 67.41
C1 CLA WV . 83.84 -81.82 70.77
C2 CLA WV . 83.64 -80.76 69.71
C3 CLA WV . 82.51 -80.03 69.70
C4 CLA WV . 82.29 -78.96 68.66
C5 CLA WV . 81.41 -80.21 70.72
C1 LUT XV . 62.44 -59.09 79.43
C2 LUT XV . 62.33 -59.48 80.89
C3 LUT XV . 62.54 -58.30 81.82
C4 LUT XV . 63.95 -57.79 81.62
C5 LUT XV . 64.19 -57.49 80.17
C6 LUT XV . 63.68 -58.24 79.18
C7 LUT XV . 64.32 -58.18 77.85
C8 LUT XV . 65.41 -58.85 77.50
C9 LUT XV . 65.98 -58.71 76.15
C10 LUT XV . 67.00 -59.49 75.77
C11 LUT XV . 67.63 -59.39 74.44
C12 LUT XV . 68.61 -60.24 74.15
C13 LUT XV . 69.32 -60.25 72.86
C14 LUT XV . 70.00 -61.35 72.53
C15 LUT XV . 70.77 -61.53 71.30
C16 LUT XV . 61.24 -58.26 79.03
C17 LUT XV . 62.49 -60.37 78.59
C18 LUT XV . 65.04 -56.29 79.83
C19 LUT XV . 65.44 -57.64 75.23
C20 LUT XV . 69.30 -59.05 71.94
O3 LUT XV . 62.40 -58.74 83.17
C21 LUT XV . 77.45 -69.28 63.43
C22 LUT XV . 78.13 -68.99 62.09
C23 LUT XV . 79.65 -68.91 62.24
C24 LUT XV . 79.99 -67.77 63.18
C25 LUT XV . 79.32 -68.08 64.50
C26 LUT XV . 78.02 -68.42 64.53
C27 LUT XV . 77.30 -68.30 65.83
C28 LUT XV . 76.67 -67.17 66.13
C29 LUT XV . 75.93 -67.01 67.40
C30 LUT XV . 75.10 -65.96 67.50
C31 LUT XV . 74.31 -65.69 68.70
C32 LUT XV . 73.80 -64.47 68.86
C33 LUT XV . 72.98 -64.12 70.03
C34 LUT XV . 72.19 -63.05 69.99
C35 LUT XV . 71.37 -62.71 71.15
C36 LUT XV . 77.72 -70.74 63.80
C37 LUT XV . 75.96 -69.06 63.27
C38 LUT XV . 80.14 -68.03 65.76
C39 LUT XV . 76.11 -67.99 68.52
C40 LUT XV . 73.04 -64.99 71.26
O23 LUT XV . 80.23 -68.68 60.95
C1 LUT YV . 76.35 -66.51 85.40
C2 LUT YV . 75.06 -66.84 86.14
C3 LUT YV . 74.13 -67.67 85.28
C4 LUT YV . 73.74 -66.86 84.06
C5 LUT YV . 74.99 -66.39 83.35
C6 LUT YV . 76.02 -65.93 84.04
C7 LUT YV . 76.87 -64.86 83.45
C8 LUT YV . 76.49 -63.59 83.36
C9 LUT YV . 77.43 -62.62 82.75
C10 LUT YV . 77.04 -61.37 82.49
C11 LUT YV . 77.92 -60.37 81.89
C12 LUT YV . 77.37 -59.24 81.46
C13 LUT YV . 78.14 -58.14 80.85
C14 LUT YV . 77.53 -56.95 80.73
C15 LUT YV . 78.18 -55.77 80.16
C16 LUT YV . 77.13 -67.79 85.19
C17 LUT YV . 77.17 -65.52 86.22
C18 LUT YV . 75.05 -66.48 81.86
C19 LUT YV . 78.82 -63.06 82.42
C20 LUT YV . 79.54 -58.36 80.37
O3 LUT YV . 72.95 -67.98 86.03
C21 LUT YV . 78.41 -42.69 78.72
C22 LUT YV . 79.49 -41.70 78.31
C23 LUT YV . 79.61 -41.58 76.80
C24 LUT YV . 80.03 -42.93 76.25
C25 LUT YV . 79.02 -43.97 76.65
C26 LUT YV . 78.48 -43.98 77.90
C27 LUT YV . 77.61 -45.12 78.29
C28 LUT YV . 78.15 -46.20 78.86
C29 LUT YV . 77.38 -47.39 79.29
C30 LUT YV . 78.06 -48.52 79.52
C31 LUT YV . 77.43 -49.77 79.97
C32 LUT YV . 77.98 -50.92 79.60
C33 LUT YV . 77.41 -52.20 80.04
C34 LUT YV . 78.17 -53.30 80.04
C35 LUT YV . 77.64 -54.59 80.49
C36 LUT YV . 77.05 -42.06 78.51
C37 LUT YV . 78.59 -43.03 80.18
C38 LUT YV . 78.60 -44.98 75.62
C39 LUT YV . 75.90 -47.32 79.49
C40 LUT YV . 75.98 -52.23 80.48
O23 LUT YV . 80.57 -40.58 76.44
C1 NEX ZV . 98.21 -80.43 73.58
C2 NEX ZV . 99.23 -81.56 73.57
C3 NEX ZV . 99.49 -82.33 72.27
C4 NEX ZV . 98.60 -81.94 71.10
C5 NEX ZV . 97.17 -81.73 71.54
C6 NEX ZV . 97.13 -80.59 72.52
C7 NEX ZV . 96.25 -79.70 72.41
C8 NEX ZV . 95.31 -78.67 72.24
C9 NEX ZV . 94.74 -77.71 73.19
C10 NEX ZV . 93.57 -77.27 73.03
C11 NEX ZV . 92.80 -76.36 73.89
C12 NEX ZV . 91.65 -76.17 73.77
C13 NEX ZV . 90.73 -75.29 74.53
C14 NEX ZV . 89.48 -75.42 74.40
C15 NEX ZV . 88.43 -74.63 75.03
C16 NEX ZV . 98.88 -79.11 73.39
C17 NEX ZV . 97.49 -80.45 74.92
C18 NEX ZV . 96.29 -81.44 70.33
C19 NEX ZV . 95.51 -77.26 74.39
C20 NEX ZV . 91.29 -74.24 75.45
O3 NEX ZV . 100.86 -82.13 71.89
O4 NEX ZV . 96.65 -82.94 72.20
C21 NEX ZV . 76.94 -72.72 76.52
C22 NEX ZV . 75.59 -73.11 77.11
C23 NEX ZV . 75.69 -74.27 78.08
C24 NEX ZV . 76.46 -73.83 79.32
C25 NEX ZV . 77.81 -73.21 78.97
C26 NEX ZV . 78.03 -72.63 77.57
C27 NEX ZV . 79.13 -71.61 77.42
C28 NEX ZV . 80.34 -71.97 76.99
C29 NEX ZV . 81.31 -71.05 76.85
C30 NEX ZV . 82.46 -71.37 76.45
C31 NEX ZV . 83.01 -72.66 75.97
C32 NEX ZV . 84.18 -72.85 75.97
C33 NEX ZV . 85.01 -73.84 75.23
C34 NEX ZV . 86.25 -73.83 75.37
C35 NEX ZV . 87.27 -74.69 74.77
C36 NEX ZV . 76.79 -71.39 75.80
C37 NEX ZV . 77.34 -73.79 75.50
C38 NEX ZV . 78.72 -72.73 80.09
C39 NEX ZV . 81.05 -69.61 77.18
C40 NEX ZV . 84.35 -74.81 74.30
O23 NEX ZV . 74.38 -74.67 78.47
O24 NEX ZV . 78.51 -73.92 77.96
O1 LHG AW . 63.83 -45.22 61.81
C1 LHG AW . 65.02 -45.81 61.26
C2 LHG AW . 65.39 -47.05 62.06
O2 LHG AW . 64.62 -47.11 63.27
C3 LHG AW . 66.87 -47.00 62.39
O3 LHG AW . 67.02 -46.83 63.79
P LHG AW . 67.37 -48.10 64.71
O4 LHG AW . 66.33 -49.16 64.47
O5 LHG AW . 68.83 -48.42 64.49
O6 LHG AW . 67.21 -47.53 66.21
C4 LHG AW . 66.29 -48.15 67.11
C5 LHG AW . 67.01 -48.77 68.30
C6 LHG AW . 68.06 -49.76 67.81
O7 LHG AW . 67.59 -47.79 69.14
C7 LHG AW . 66.94 -47.71 70.31
O9 LHG AW . 66.75 -48.74 70.93
C8 LHG AW . 66.44 -46.39 70.85
C9 LHG AW . 67.16 -46.06 72.15
C10 LHG AW . 66.63 -44.76 72.77
O8 LHG AW . 68.62 -50.48 68.91
C23 LHG AW . 69.93 -50.41 69.16
O10 LHG AW . 70.64 -49.72 68.45
C24 LHG AW . 70.51 -51.19 70.32
C11 LHG AW . 67.05 -44.59 74.22
C12 LHG AW . 66.58 -45.75 75.10
C13 LHG AW . 66.69 -45.39 76.58
C14 LHG AW . 67.66 -46.32 77.30
C15 LHG AW . 67.82 -45.96 78.77
C16 LHG AW . 68.04 -47.20 79.63
C17 LHG AW . 69.34 -47.90 79.25
C18 LHG AW . 70.56 -47.14 79.75
C25 LHG AW . 70.70 -50.25 71.51
C26 LHG AW . 69.47 -50.22 72.38
C27 LHG AW . 69.33 -48.88 73.09
C28 LHG AW . 68.33 -48.89 74.25
C29 LHG AW . 67.14 -49.80 73.99
C30 LHG AW . 66.12 -49.70 75.13
C31 LHG AW . 64.85 -49.00 74.65
C32 LHG AW . 63.59 -49.77 75.04
C33 LHG AW . 63.73 -51.26 74.73
C34 LHG AW . 62.41 -51.83 74.23
C35 LHG AW . 62.56 -53.30 73.84
C36 LHG AW . 61.21 -54.00 73.92
C37 LHG AW . 61.33 -55.48 73.55
C38 LHG AW . 60.18 -55.90 72.66
O7 LPX BW . 48.28 -61.95 75.31
C6 LPX BW . 49.06 -61.39 76.08
O6 LPX BW . 49.08 -61.75 77.40
C5 LPX BW . 48.09 -62.72 77.78
C4 LPX BW . 48.63 -63.50 79.01
O5 LPX BW . 48.46 -64.86 78.83
C3 LPX BW . 47.91 -62.97 80.29
O1 LPX BW . 47.21 -64.03 80.85
P1 LPX BW . 47.15 -64.15 82.54
O3 LPX BW . 48.39 -64.77 83.02
O2 LPX BW . 45.86 -65.22 82.73
C1 LPX BW . 46.13 -66.58 82.57
C2 LPX BW . 45.14 -67.37 83.45
N1 LPX BW . 43.77 -67.14 82.98
O4 LPX BW . 46.61 -62.82 83.00
C7 LPX BW . 50.03 -60.33 75.64
C8 LPX BW . 50.68 -60.78 74.32
C9 LPX BW . 52.04 -60.12 74.13
C10 LPX BW . 53.13 -61.18 74.00
C11 LPX BW . 54.40 -60.59 73.43
C12 LPX BW . 54.19 -60.16 71.98
C13 LPX BW . 53.85 -61.37 71.11
C14 LPX BW . 54.32 -61.14 69.68
C15 LPX BW . 55.80 -61.49 69.56
C16 LPX BW . 56.34 -61.04 68.20
C17 LPX BW . 56.88 -59.63 68.28
C18 LPX BW . 57.75 -59.33 67.07
C19 LPX BW . 58.12 -57.86 67.03
C20 LPX BW . 58.61 -57.46 65.64
C21 LPX BW . 57.50 -57.68 64.62
O13 3PH CW . 51.26 -65.39 86.57
P 3PH CW . 50.11 -66.34 86.82
O14 3PH CW . 48.80 -65.62 86.63
O12 3PH CW . 50.20 -66.90 88.22
O11 3PH CW . 50.20 -67.57 85.74
C1 3PH CW . 51.46 -67.88 85.21
C2 3PH CW . 51.25 -68.97 84.15
O21 3PH CW . 50.59 -68.43 83.04
C21 3PH CW . 51.06 -67.19 82.63
O22 3PH CW . 50.33 -67.45 81.73
C22 3PH CW . 51.24 -65.93 81.77
C23 3PH CW . 52.59 -65.97 81.07
C24 3PH CW . 52.57 -64.97 79.92
C25 3PH CW . 52.80 -65.73 78.61
C26 3PH CW . 52.51 -64.81 77.42
C27 3PH CW . 53.82 -64.48 76.70
C28 3PH CW . 53.90 -65.27 75.41
C29 3PH CW . 52.79 -64.82 74.46
C2A 3PH CW . 52.75 -65.75 73.24
C2B 3PH CW . 51.34 -65.74 72.63
C2C 3PH CW . 51.32 -64.85 71.39
C2D 3PH CW . 51.57 -65.71 70.14
C2E 3PH CW . 50.33 -65.66 69.25
C2F 3PH CW . 50.40 -64.44 68.33
C2G 3PH CW . 49.02 -63.78 68.22
C2H 3PH CW . 48.00 -64.80 67.71
C2I 3PH CW . 46.60 -64.20 67.80
C3 3PH CW . 50.37 -70.06 84.76
O31 3PH CW . 50.23 -71.10 83.85
C31 3PH CW . 50.44 -72.37 84.41
O32 3PH CW . 49.80 -72.71 85.34
C32 3PH CW . 51.50 -73.31 83.83
C33 3PH CW . 52.90 -72.72 83.97
C34 3PH CW . 53.25 -71.74 82.84
C35 3PH CW . 52.59 -72.13 81.52
C36 3PH CW . 51.83 -70.94 80.94
C37 3PH CW . 52.80 -69.76 80.75
C38 3PH CW . 53.68 -70.03 79.53
C39 3PH CW . 54.67 -68.89 79.33
C3A 3PH CW . 55.70 -69.31 78.28
C3B 3PH CW . 56.48 -68.10 77.78
C3C 3PH CW . 56.99 -68.38 76.37
C3D 3PH CW . 57.70 -67.15 75.81
C3E 3PH CW . 57.62 -67.16 74.28
C3F 3PH CW . 58.57 -68.23 73.73
C3G 3PH CW . 58.68 -68.09 72.21
C3H 3PH CW . 59.52 -69.24 71.65
C3I 3PH CW . 60.23 -68.79 70.37
MG CHL DW . 50.48 -70.23 44.26
CHA CHL DW . 49.21 -73.23 43.18
CHB CHL DW . 52.21 -71.89 46.65
CHC CHL DW . 51.65 -67.35 45.27
CHD CHL DW . 48.66 -68.67 41.69
NA CHL DW . 50.65 -72.20 44.79
C1A CHL DW . 50.13 -73.32 44.18
C2A CHL DW . 50.66 -74.61 44.80
C3A CHL DW . 51.40 -74.13 46.01
C4A CHL DW . 51.45 -72.63 45.83
CMA CHL DW . 51.08 -74.72 47.37
CAA CHL DW . 51.57 -75.36 43.80
CBA CHL DW . 52.37 -76.50 44.39
CGA CHL DW . 51.53 -77.63 44.91
O1A CHL DW . 50.47 -77.95 44.46
O2A CHL DW . 52.11 -78.23 45.93
NB CHL DW . 51.76 -69.71 45.75
C1B CHL DW . 52.38 -70.51 46.63
C2B CHL DW . 53.19 -69.73 47.49
C3B CHL DW . 53.05 -68.39 47.12
C4B CHL DW . 52.13 -68.42 46.00
CMB CHL DW . 54.04 -70.28 48.60
CAB CHL DW . 53.64 -67.17 47.68
CBB CHL DW . 54.61 -66.91 48.83
NC CHL DW . 50.19 -68.34 43.57
C1C CHL DW . 50.79 -67.29 44.20
C2C CHL DW . 50.38 -66.07 43.53
C3C CHL DW . 49.51 -66.45 42.51
C4C CHL DW . 49.40 -67.87 42.54
CMC CHL DW . 50.80 -64.73 43.91
OMC CHL DW . 50.47 -63.68 43.37
CAC CHL DW . 48.79 -65.55 41.54
CBC CHL DW . 49.46 -65.49 40.22
ND CHL DW . 49.21 -70.73 42.75
C1D CHL DW . 48.57 -70.04 41.76
C2D CHL DW . 47.84 -70.92 40.93
C3D CHL DW . 48.03 -72.19 41.45
C4D CHL DW . 48.89 -72.06 42.56
CMD CHL DW . 47.06 -70.53 39.71
CAD CHL DW . 47.69 -73.60 41.35
OBD CHL DW . 46.94 -74.13 40.56
CBD CHL DW . 48.43 -74.34 42.44
CGD CHL DW . 47.38 -75.02 43.32
O1D CHL DW . 46.26 -74.65 43.47
O2D CHL DW . 47.90 -76.11 43.88
CED CHL DW . 47.00 -76.86 44.74
C1 CHL DW . 51.48 -79.34 46.64
C2 CHL DW . 51.05 -78.85 47.96
C3 CHL DW . 51.28 -79.52 49.07
C4 CHL DW . 51.98 -80.85 49.10
C5 CHL DW . 50.86 -78.98 50.42
C6 CHL DW . 49.67 -79.71 51.03
C7 CHL DW . 49.22 -79.12 52.35
C8 CHL DW . 50.19 -79.27 53.51
C9 CHL DW . 49.95 -78.22 54.58
C10 CHL DW . 50.02 -80.68 54.07
C11 CHL DW . 48.70 -80.92 54.81
C12 CHL DW . 48.64 -82.27 55.51
C13 CHL DW . 47.31 -82.57 56.20
C14 CHL DW . 47.08 -81.67 57.41
C15 CHL DW . 47.03 -84.03 56.53
C16 CHL DW . 46.76 -84.93 55.33
C17 CHL DW . 46.67 -86.40 55.68
C18 CHL DW . 46.36 -87.34 54.52
C19 CHL DW . 46.40 -88.78 54.96
C20 CHL DW . 45.03 -87.00 53.89
MG CLA EW . 46.10 -78.35 35.24
CHA CLA EW . 48.76 -76.59 33.95
CHB CLA EW . 46.32 -80.61 32.66
CHC CLA EW . 43.65 -80.03 36.64
CHD CLA EW . 45.93 -76.00 37.90
NA CLA EW . 47.41 -78.60 33.48
C1A CLA EW . 48.40 -77.80 33.13
C2A CLA EW . 49.07 -78.22 31.84
C3A CLA EW . 48.26 -79.46 31.45
C4A CLA EW . 47.27 -79.59 32.58
CMA CLA EW . 47.79 -79.59 30.01
CAA CLA EW . 50.50 -78.68 32.08
CBA CLA EW . 50.67 -79.47 33.38
CGA CLA EW . 50.94 -80.93 33.04
O1A CLA EW . 51.53 -81.19 32.01
O2A CLA EW . 50.54 -81.89 33.87
NB CLA EW . 45.14 -80.06 34.73
C1B CLA EW . 45.35 -80.85 33.64
C2B CLA EW . 44.42 -81.94 33.64
C3B CLA EW . 43.66 -81.77 34.76
C4B CLA EW . 44.14 -80.58 35.45
CMB CLA EW . 44.34 -83.02 32.60
CAB CLA EW . 42.55 -82.63 35.25
CBB CLA EW . 42.77 -84.10 35.50
NC CLA EW . 45.00 -78.08 37.02
C1C CLA EW . 44.02 -78.89 37.39
C2C CLA EW . 43.36 -78.44 38.64
C3C CLA EW . 44.04 -77.31 38.99
C4C CLA EW . 45.06 -77.10 37.97
CMC CLA EW . 42.21 -79.09 39.38
CAC CLA EW . 43.78 -76.45 40.21
CBC CLA EW . 44.78 -76.79 41.30
ND CLA EW . 47.03 -76.71 35.87
C1D CLA EW . 46.93 -75.83 36.90
C2D CLA EW . 47.91 -74.76 36.82
C3D CLA EW . 48.62 -75.07 35.67
C4D CLA EW . 48.09 -76.23 35.11
CMD CLA EW . 48.24 -73.55 37.66
CAD CLA EW . 49.72 -74.62 34.83
OBD CLA EW . 50.56 -73.78 35.13
CBD CLA EW . 49.77 -75.52 33.64
CGD CLA EW . 49.26 -74.79 32.44
O1D CLA EW . 50.00 -74.14 31.74
O2D CLA EW . 47.96 -74.86 32.14
CED CLA EW . 47.65 -74.96 30.75
C1 CLA EW . 49.35 -82.68 33.58
C2 CLA EW . 48.25 -82.87 34.61
C3 CLA EW . 47.55 -84.02 34.65
C4 CLA EW . 47.81 -85.13 33.68
C5 CLA EW . 46.44 -84.26 35.65
C6 CLA EW . 46.68 -85.59 36.36
C7 CLA EW . 45.89 -85.71 37.66
C8 CLA EW . 46.61 -86.57 38.69
C9 CLA EW . 45.78 -87.82 39.02
C10 CLA EW . 46.94 -85.73 39.93
C11 CLA EW . 46.95 -86.53 41.24
C12 CLA EW . 47.47 -85.73 42.43
C13 CLA EW . 46.70 -84.44 42.68
C14 CLA EW . 47.60 -83.23 42.52
C15 CLA EW . 46.07 -84.47 44.06
C16 CLA EW . 44.73 -83.75 44.09
C17 CLA EW . 44.73 -82.61 45.09
C18 CLA EW . 45.10 -81.29 44.41
C19 CLA EW . 43.96 -80.80 43.54
C20 CLA EW . 45.51 -80.23 45.43
MG CLA FW . 39.31 -88.18 35.45
CHA CLA FW . 40.84 -89.29 32.57
CHB CLA FW . 42.37 -87.57 36.91
CHC CLA FW . 37.72 -86.99 38.08
CHD CLA FW . 36.17 -88.88 33.97
NA CLA FW . 41.42 -88.39 34.81
C1A CLA FW . 41.82 -88.85 33.63
C2A CLA FW . 43.33 -88.90 33.54
C3A CLA FW . 43.77 -88.36 34.91
C4A CLA FW . 42.47 -88.09 35.60
CMA CLA FW . 44.90 -89.06 35.65
CAA CLA FW . 43.85 -87.95 32.46
CBA CLA FW . 44.61 -88.71 31.37
CGA CLA FW . 45.91 -89.22 31.91
O1A CLA FW . 46.53 -88.54 32.72
O2A CLA FW . 46.38 -90.37 31.48
NB CLA FW . 39.95 -87.39 37.22
C1B CLA FW . 41.22 -87.25 37.68
C2B CLA FW . 41.20 -86.72 39.02
C3B CLA FW . 39.89 -86.57 39.33
C4B CLA FW . 39.10 -87.00 38.18
CMB CLA FW . 42.39 -86.41 39.90
CAB CLA FW . 39.32 -86.07 40.61
CBB CLA FW . 38.42 -86.96 41.43
NC CLA FW . 37.28 -87.89 35.91
C1C CLA FW . 36.84 -87.42 37.06
C2C CLA FW . 35.37 -87.38 37.16
C3C CLA FW . 34.95 -87.88 35.96
C4C CLA FW . 36.14 -88.20 35.19
CMC CLA FW . 34.53 -86.89 38.32
CAC CLA FW . 33.52 -88.05 35.52
CBC CLA FW . 33.09 -86.78 34.82
ND CLA FW . 38.58 -88.89 33.76
C1D CLA FW . 37.35 -89.12 33.24
C2D CLA FW . 37.42 -89.65 31.89
C3D CLA FW . 38.78 -89.71 31.64
C4D CLA FW . 39.47 -89.24 32.76
CMD CLA FW . 36.38 -90.08 30.89
CAD CLA FW . 39.74 -90.06 30.61
OBD CLA FW . 39.51 -89.90 29.43
CBD CLA FW . 41.09 -89.88 31.20
CGD CLA FW . 41.77 -91.22 31.34
O1D CLA FW . 42.42 -91.67 30.42
O2D CLA FW . 41.65 -91.94 32.45
CED CLA FW . 42.84 -92.57 32.92
C1 CLA FW . 46.39 -91.57 32.31
C2 CLA FW . 46.77 -91.53 33.77
C3 CLA FW . 47.56 -92.47 34.32
C4 CLA FW . 48.11 -93.61 33.51
C5 CLA FW . 47.94 -92.45 35.78
C6 CLA FW . 46.71 -92.14 36.62
C7 CLA FW . 45.87 -93.40 36.86
C8 CLA FW . 44.81 -93.22 37.94
C9 CLA FW . 45.15 -92.15 38.98
C10 CLA FW . 44.58 -94.56 38.64
C11 CLA FW . 43.14 -94.71 39.11
C12 CLA FW . 42.35 -95.61 38.17
C13 CLA FW . 41.30 -96.41 38.92
C14 CLA FW . 41.92 -97.60 39.64
C15 CLA FW . 40.20 -96.86 37.97
C16 CLA FW . 38.82 -96.65 38.60
C17 CLA FW . 37.77 -97.58 38.00
C18 CLA FW . 36.41 -96.89 37.96
C19 CLA FW . 35.98 -96.44 39.35
C20 CLA FW . 36.43 -95.72 37.00
MG CLA GW . 20.93 -80.91 38.09
CHA CLA GW . 18.01 -82.07 39.53
CHB CLA GW . 22.01 -84.14 37.57
CHC CLA GW . 23.63 -79.68 36.64
CHD CLA GW . 19.77 -77.61 38.58
NA CLA GW . 20.10 -82.92 38.50
C1A CLA GW . 18.94 -83.18 39.07
C2A CLA GW . 18.69 -84.66 39.22
C3A CLA GW . 19.96 -85.27 38.61
C4A CLA GW . 20.75 -84.07 38.19
CMA CLA GW . 20.67 -86.37 39.39
CAA CLA GW . 17.52 -85.10 38.35
CBA CLA GW . 17.48 -84.38 37.01
CGA CLA GW . 16.25 -84.79 36.26
O1A CLA GW . 15.18 -84.80 36.86
O2A CLA GW . 16.35 -85.11 34.99
NB CLA GW . 22.56 -81.78 37.23
C1B CLA GW . 22.86 -83.11 37.13
C2B CLA GW . 24.14 -83.27 36.49
C3B CLA GW . 24.59 -82.00 36.24
C4B CLA GW . 23.57 -81.08 36.71
CMB CLA GW . 24.81 -84.60 36.20
CAB CLA GW . 25.86 -81.53 35.61
CBB CLA GW . 26.57 -82.23 34.48
NC CLA GW . 21.55 -78.96 37.61
C1C CLA GW . 22.74 -78.69 37.09
C2C CLA GW . 23.02 -77.24 37.04
C3C CLA GW . 21.89 -76.65 37.56
C4C CLA GW . 21.00 -77.75 37.92
CMC CLA GW . 24.26 -76.56 36.51
CAC CLA GW . 21.65 -75.18 37.74
CBC CLA GW . 20.78 -74.67 36.61
ND CLA GW . 19.35 -79.98 38.83
C1D CLA GW . 18.96 -78.69 39.00
C2D CLA GW . 17.66 -78.58 39.65
C3D CLA GW . 17.31 -79.91 39.85
C4D CLA GW . 18.32 -80.73 39.36
CMD CLA GW . 16.79 -77.42 40.07
CAD CLA GW . 16.25 -80.74 40.39
OBD CLA GW . 15.09 -80.38 40.57
CBD CLA GW . 16.68 -82.16 40.24
CGD CLA GW . 16.82 -82.78 41.60
O1D CLA GW . 15.92 -83.42 42.09
O2D CLA GW . 17.95 -82.60 42.29
CED CLA GW . 18.51 -83.80 42.85
C1 CLA GW . 16.91 -84.16 34.02
C2 CLA GW . 16.47 -82.72 34.01
C3 CLA GW . 16.61 -81.94 32.92
C4 CLA GW . 17.19 -82.48 31.64
C5 CLA GW . 16.19 -80.51 32.89
C6 CLA GW . 14.83 -80.39 33.56
C7 CLA GW . 13.80 -79.72 32.66
C8 CLA GW . 12.47 -79.66 33.40
C9 CLA GW . 11.66 -80.93 33.14
C10 CLA GW . 11.75 -78.37 33.05
C11 CLA GW . 10.62 -78.55 32.04
C12 CLA GW . 10.95 -77.94 30.69
C13 CLA GW . 9.68 -77.49 29.96
C14 CLA GW . 8.96 -76.40 30.75
C15 CLA GW . 8.77 -78.70 29.73
C16 CLA GW . 9.42 -79.70 28.78
C17 CLA GW . 8.52 -80.01 27.58
C18 CLA GW . 9.00 -81.26 26.88
C19 CLA GW . 8.04 -81.70 25.77
C20 CLA GW . 10.41 -81.09 26.33
MG CHL HW . 8.50 -89.63 31.94
CHA CHL HW . 7.59 -86.49 30.99
CHB CHL HW . 5.34 -90.12 33.19
CHC CHL HW . 9.44 -92.58 32.91
CHD CHL HW . 11.76 -88.93 30.67
NA CHL HW . 6.77 -88.52 32.02
C1A CHL HW . 6.57 -87.23 31.53
C2A CHL HW . 5.12 -86.77 31.75
C3A CHL HW . 4.49 -87.89 32.55
C4A CHL HW . 5.60 -88.93 32.60
CMA CHL HW . 3.68 -87.58 33.80
CAA CHL HW . 4.34 -86.49 30.46
CBA CHL HW . 3.03 -85.73 30.65
CGA CHL HW . 2.95 -84.46 29.84
O1A CHL HW . 1.93 -83.98 29.42
O2A CHL HW . 4.15 -83.94 29.66
NB CHL HW . 7.51 -91.14 32.89
C1B CHL HW . 6.23 -91.17 33.33
C2B CHL HW . 6.01 -92.43 33.95
C3B CHL HW . 7.15 -93.17 33.89
C4B CHL HW . 8.12 -92.32 33.21
CMB CHL HW . 4.70 -92.86 34.57
CAB CHL HW . 7.30 -94.52 34.44
CBB CHL HW . 8.52 -95.42 34.46
NC CHL HW . 10.32 -90.56 31.78
C1C CHL HW . 10.43 -91.83 32.29
C2C CHL HW . 11.80 -92.27 32.04
C3C CHL HW . 12.43 -91.24 31.40
C4C CHL HW . 11.52 -90.16 31.24
CMC CHL HW . 12.45 -93.51 32.39
OMC CHL HW . 11.93 -94.45 32.97
CAC CHL HW . 13.87 -91.24 30.96
CBC CHL HW . 14.03 -91.66 29.52
ND CHL HW . 9.52 -88.13 31.01
C1D CHL HW . 10.80 -87.95 30.55
C2D CHL HW . 10.94 -86.65 30.00
C3D CHL HW . 9.72 -86.04 30.15
C4D CHL HW . 8.86 -86.96 30.77
CMD CHL HW . 12.20 -86.10 29.38
CAD CHL HW . 8.97 -84.82 29.93
OBD CHL HW . 9.35 -83.78 29.42
CBD CHL HW . 7.58 -85.04 30.47
CGD CHL HW . 7.27 -84.03 31.58
O1D CHL HW . 7.33 -84.26 32.75
O2D CHL HW . 6.92 -82.85 31.06
CED CHL HW . 6.62 -81.81 32.01
MG CHL IW . 20.83 -87.56 33.68
CHA CHL IW . 18.20 -86.90 31.61
CHB CHL IW . 22.97 -86.57 31.19
CHC CHL IW . 23.32 -88.22 35.68
CHD CHL IW . 18.51 -88.77 36.06
NA CHL IW . 20.61 -86.81 31.79
C1A CHL IW . 19.44 -86.60 31.10
C2A CHL IW . 19.70 -86.05 29.71
C3A CHL IW . 21.17 -86.19 29.53
C4A CHL IW . 21.64 -86.55 30.92
CMA CHL IW . 21.67 -86.95 28.32
CAA CHL IW . 19.24 -84.59 29.53
CBA CHL IW . 19.01 -84.19 28.07
CGA CHL IW . 17.56 -84.09 27.73
O1A CHL IW . 16.65 -84.23 28.50
O2A CHL IW . 17.39 -83.82 26.45
NB CHL IW . 22.85 -87.33 33.49
C1B CHL IW . 23.55 -86.91 32.41
C2B CHL IW . 24.93 -86.94 32.73
C3B CHL IW . 25.08 -87.39 34.02
C4B CHL IW . 23.73 -87.66 34.49
CMB CHL IW . 26.05 -86.54 31.80
CAB CHL IW . 26.36 -87.52 34.71
CBB CHL IW . 26.66 -87.95 36.13
NC CHL IW . 20.86 -88.34 35.58
C1C CHL IW . 22.05 -88.51 36.20
C2C CHL IW . 21.78 -89.12 37.50
C3C CHL IW . 20.44 -89.29 37.58
C4C CHL IW . 19.84 -88.80 36.38
CMC CHL IW . 22.66 -89.52 38.58
OMC CHL IW . 23.87 -89.41 38.57
CAC CHL IW . 19.71 -89.91 38.75
CBC CHL IW . 19.53 -91.40 38.61
ND CHL IW . 18.82 -87.80 33.90
C1D CHL IW . 18.00 -88.29 34.87
C2D CHL IW . 16.65 -88.21 34.46
C3D CHL IW . 16.67 -87.67 33.19
C4D CHL IW . 18.00 -87.43 32.87
CMD CHL IW . 15.47 -88.67 35.26
CAD CHL IW . 15.86 -87.27 32.06
OBD CHL IW . 14.65 -87.28 31.95
CBD CHL IW . 16.80 -86.78 30.97
CGD CHL IW . 16.63 -87.67 29.75
O1D CHL IW . 17.45 -88.45 29.35
O2D CHL IW . 15.45 -87.47 29.19
CED CHL IW . 15.16 -88.26 28.01
C1 CHL IW . 16.08 -83.60 25.83
C2 CHL IW . 16.28 -82.74 24.63
C3 CHL IW . 15.48 -81.73 24.33
C4 CHL IW . 14.27 -81.35 25.15
C5 CHL IW . 15.75 -80.85 23.12
C6 CHL IW . 14.50 -80.54 22.31
C7 CHL IW . 13.98 -81.73 21.50
C8 CHL IW . 14.90 -82.17 20.35
C9 CHL IW . 15.40 -83.60 20.56
C10 CHL IW . 14.08 -82.05 19.07
C11 CHL IW . 14.77 -82.59 17.83
C12 CHL IW . 13.92 -82.48 16.57
C13 CHL IW . 14.57 -83.08 15.32
C14 CHL IW . 14.86 -81.99 14.27
C15 CHL IW . 13.88 -84.29 14.69
C16 CHL IW . 13.30 -85.28 15.69
C17 CHL IW . 12.77 -86.55 15.04
C18 CHL IW . 11.68 -86.35 14.01
C19 CHL IW . 11.31 -87.66 13.32
C20 CHL IW . 10.44 -85.73 14.64
MG CHL JW . 25.56 -92.32 40.66
CHA CHL JW . 24.31 -93.73 43.51
CHB CHL JW . 28.12 -90.96 42.47
CHC CHL JW . 26.72 -91.02 37.91
CHD CHL JW . 22.81 -93.72 38.90
NA CHL JW . 26.10 -92.35 42.63
C1A CHL JW . 25.48 -93.01 43.68
C2A CHL JW . 26.24 -92.80 45.01
C3A CHL JW . 27.36 -91.86 44.62
C4A CHL JW . 27.20 -91.69 43.13
CMA CHL JW . 27.71 -90.64 45.47
CAA CHL JW . 26.79 -94.10 45.63
CBA CHL JW . 27.39 -93.95 47.02
CGA CHL JW . 28.84 -94.32 47.06
O1A CHL JW . 29.33 -95.26 46.48
O2A CHL JW . 29.54 -93.48 47.80
NB CHL JW . 27.20 -91.17 40.26
C1B CHL JW . 28.13 -90.70 41.10
C2B CHL JW . 29.09 -89.94 40.37
C3B CHL JW . 28.71 -89.96 39.03
C4B CHL JW . 27.50 -90.74 38.99
CMB CHL JW . 30.28 -89.26 40.98
CAB CHL JW . 29.33 -89.35 37.86
CBB CHL JW . 30.57 -88.50 37.67
NC CHL JW . 24.85 -92.40 38.73
C1C CHL JW . 25.55 -91.74 37.76
C2C CHL JW . 24.82 -91.91 36.51
C3C CHL JW . 23.72 -92.65 36.80
C4C CHL JW . 23.72 -92.98 38.19
CMC CHL JW . 25.11 -91.41 35.19
OMC CHL JW . 26.08 -90.74 34.88
CAC CHL JW . 22.67 -93.07 35.81
CBC CHL JW . 21.62 -92.01 35.56
ND CHL JW . 23.91 -93.46 41.02
C1D CHL JW . 22.90 -93.97 40.26
C2D CHL JW . 22.01 -94.73 41.06
C3D CHL JW . 22.52 -94.67 42.34
C4D CHL JW . 23.68 -93.88 42.30
CMD CHL JW . 20.79 -95.44 40.58
CAD CHL JW . 22.34 -95.10 43.72
OBD CHL JW . 21.46 -95.80 44.19
CBD CHL JW . 23.48 -94.53 44.52
CGD CHL JW . 22.92 -93.73 45.70
O1D CHL JW . 22.28 -92.73 45.61
O2D CHL JW . 23.26 -94.32 46.85
CED CHL JW . 22.76 -93.69 48.04
C1 CHL JW . 30.99 -93.56 47.89
C2 CHL JW . 31.56 -92.75 46.79
C3 CHL JW . 31.63 -91.43 46.83
C4 CHL JW . 31.18 -90.62 48.01
C5 CHL JW . 32.13 -90.63 45.66
C6 CHL JW . 33.16 -91.38 44.82
C7 CHL JW . 34.51 -90.66 44.78
C8 CHL JW . 35.54 -91.25 43.82
C9 CHL JW . 35.92 -92.67 44.20
C10 CHL JW . 34.95 -91.18 42.40
C11 CHL JW . 35.89 -90.63 41.33
C12 CHL JW . 35.20 -90.39 39.99
C13 CHL JW . 34.51 -91.63 39.42
C14 CHL JW . 35.54 -92.68 39.02
C15 CHL JW . 33.44 -91.42 38.35
C16 CHL JW . 33.85 -91.82 36.93
C17 CHL JW . 32.73 -91.73 35.92
C18 CHL JW . 33.10 -92.14 34.50
C19 CHL JW . 33.57 -93.59 34.45
C20 CHL JW . 31.98 -91.91 33.52
MG CLA KW . 29.81 -80.81 21.35
CHA CLA KW . 30.56 -79.90 24.60
CHB CLA KW . 26.53 -81.42 22.24
CHC CLA KW . 29.18 -81.53 18.19
CHD CLA KW . 33.17 -80.16 20.45
NA CLA KW . 28.64 -80.67 23.22
C1A CLA KW . 29.12 -80.30 24.42
C2A CLA KW . 28.06 -80.38 25.50
C3A CLA KW . 26.82 -80.87 24.72
C4A CLA KW . 27.33 -81.00 23.32
CMA CLA KW . 25.95 -81.96 25.31
CAA CLA KW . 27.73 -79.06 26.18
CBA CLA KW . 28.02 -77.83 25.33
CGA CLA KW . 26.72 -77.30 24.74
O1A CLA KW . 25.67 -77.79 25.10
O2A CLA KW . 26.79 -76.32 23.85
NB CLA KW . 28.12 -81.38 20.37
C1B CLA KW . 26.87 -81.60 20.89
C2B CLA KW . 25.98 -82.03 19.84
C3B CLA KW . 26.74 -82.08 18.70
C4B CLA KW . 28.09 -81.65 19.06
CMB CLA KW . 24.52 -82.38 19.99
CAB CLA KW . 26.33 -82.44 17.33
CBB CLA KW . 25.32 -81.59 16.59
NC CLA KW . 30.96 -80.76 19.59
C1C CLA KW . 30.52 -81.17 18.41
C2C CLA KW . 31.57 -81.19 17.37
C3C CLA KW . 32.69 -80.76 18.02
C4C CLA KW . 32.30 -80.50 19.41
CMC CLA KW . 31.43 -81.59 15.92
CAC CLA KW . 34.07 -80.60 17.42
CBC CLA KW . 34.25 -79.16 16.98
ND CLA KW . 31.48 -80.20 22.19
C1D CLA KW . 32.76 -79.97 21.79
C2D CLA KW . 33.62 -79.53 22.89
C3D CLA KW . 32.73 -79.51 23.97
C4D CLA KW . 31.47 -79.92 23.54
CMD CLA KW . 35.06 -79.15 23.05
CAD CLA KW . 32.69 -79.23 25.37
OBD CLA KW . 33.62 -78.85 26.04
CBD CLA KW . 31.29 -79.49 25.86
CGD CLA KW . 31.32 -80.61 26.85
O1D CLA KW . 32.06 -81.55 26.72
O2D CLA KW . 30.50 -80.59 27.91
CED CLA KW . 31.12 -80.70 29.18
C1 CLA KW . 26.66 -74.94 24.31
C2 CLA KW . 25.68 -74.57 25.39
C3 CLA KW . 24.91 -73.47 25.28
C4 CLA KW . 23.93 -73.09 26.34
C5 CLA KW . 24.99 -72.56 24.08
MG CHL LW . 33.53 -89.16 27.55
CHA CHL LW . 36.72 -88.15 27.39
CHB CHL LW . 34.00 -90.91 24.55
CHC CHL LW . 30.50 -90.09 27.69
CHD CHL LW . 33.20 -87.33 30.61
NA CHL LW . 35.07 -89.48 26.23
C1A CHL LW . 36.36 -89.04 26.42
C2A CHL LW . 37.30 -89.61 25.36
C3A CHL LW . 36.37 -90.26 24.36
C4A CHL LW . 35.05 -90.23 25.07
CMA CHL LW . 36.46 -89.90 22.89
CAA CHL LW . 38.28 -90.63 25.97
CBA CHL LW . 37.65 -91.62 26.94
CGA CHL LW . 38.64 -92.35 27.81
O1A CHL LW . 39.82 -92.36 27.63
O2A CHL LW . 38.04 -92.95 28.81
NB CHL LW . 32.44 -90.32 26.26
C1B CHL LW . 32.75 -90.95 25.11
C2B CHL LW . 31.60 -91.64 24.64
C3B CHL LW . 30.58 -91.45 25.52
C4B CHL LW . 31.12 -90.58 26.58
CMB CHL LW . 31.53 -92.45 23.38
CAB CHL LW . 29.25 -92.04 25.40
CBB CHL LW . 28.05 -91.97 26.31
NC CHL LW . 32.11 -88.75 28.96
C1C CHL LW . 30.89 -89.29 28.74
C2C CHL LW . 30.03 -88.91 29.87
C3C CHL LW . 30.81 -88.14 30.71
C4C CHL LW . 32.11 -88.03 30.14
CMC CHL LW . 28.62 -89.18 30.12
OMC CHL LW . 27.90 -89.85 29.41
CAC CHL LW . 30.37 -87.55 32.02
CBC CHL LW . 30.35 -88.55 33.15
ND CHL LW . 34.62 -88.00 28.82
C1D CHL LW . 34.42 -87.30 29.97
C2D CHL LW . 35.60 -86.60 30.33
C3D CHL LW . 36.53 -86.89 29.35
C4D CHL LW . 35.92 -87.76 28.43
CMD CHL LW . 35.75 -85.72 31.54
CAD CHL LW . 37.88 -86.67 28.89
OBD CHL LW . 38.74 -85.97 29.39
CBD CHL LW . 38.06 -87.44 27.61
CGD CHL LW . 38.38 -86.46 26.48
O1D CHL LW . 37.87 -85.39 26.33
O2D CHL LW . 39.30 -86.98 25.66
CED CHL LW . 39.66 -86.16 24.51
C1 CHL LW . 38.77 -93.75 29.78
C2 CHL LW . 38.50 -93.20 31.13
C3 CHL LW . 37.48 -93.61 31.87
C4 CHL LW . 36.50 -94.66 31.42
C5 CHL LW . 37.22 -93.01 33.23
C6 CHL LW . 38.43 -93.03 34.15
C7 CHL LW . 38.15 -92.40 35.50
C8 CHL LW . 39.34 -92.28 36.45
C9 CHL LW . 40.50 -91.55 35.78
C10 CHL LW . 38.82 -91.50 37.65
C11 CHL LW . 39.85 -91.22 38.74
C12 CHL LW . 39.32 -90.30 39.82
C13 CHL LW . 40.27 -90.02 40.99
C14 CHL LW . 41.73 -90.24 40.61
C15 CHL LW . 39.92 -90.67 42.33
C16 CHL LW . 39.75 -89.70 43.49
C17 CHL LW . 39.37 -90.37 44.80
C18 CHL LW . 39.25 -89.46 46.02
C19 CHL LW . 38.21 -88.38 45.81
C20 CHL LW . 38.99 -90.22 47.30
MG CLA MW . 32.60 -71.83 27.81
CHA CLA MW . 33.06 -71.30 24.45
CHB CLA MW . 34.25 -68.91 28.58
CHC CLA MW . 31.97 -72.41 30.98
CHD CLA MW . 30.91 -74.85 27.00
NA CLA MW . 33.56 -70.24 26.65
C1A CLA MW . 33.66 -70.22 25.32
C2A CLA MW . 34.42 -69.01 24.86
C3A CLA MW . 34.82 -68.32 26.17
C4A CLA MW . 34.18 -69.18 27.21
CMA CLA MW . 36.28 -67.99 26.31
CAA CLA MW . 33.47 -68.04 24.16
CBA CLA MW . 32.02 -68.04 24.67
CGA CLA MW . 31.79 -66.90 25.64
O1A CLA MW . 32.50 -65.90 25.55
O2A CLA MW . 30.84 -67.01 26.55
NB CLA MW . 33.03 -70.81 29.51
C1B CLA MW . 33.72 -69.65 29.66
C2B CLA MW . 33.82 -69.29 31.06
C3B CLA MW . 33.18 -70.30 31.72
C4B CLA MW . 32.68 -71.24 30.73
CMB CLA MW . 34.50 -68.07 31.64
CAB CLA MW . 32.97 -70.44 33.18
CBB CLA MW . 32.20 -69.40 33.97
NC CLA MW . 31.54 -73.35 28.81
C1C CLA MW . 31.44 -73.41 30.12
C2C CLA MW . 30.76 -74.62 30.58
C3C CLA MW . 30.44 -75.30 29.44
C4C CLA MW . 30.94 -74.49 28.34
CMC CLA MW . 30.50 -74.95 32.01
CAC CLA MW . 29.72 -76.61 29.31
CBC CLA MW . 28.27 -76.39 28.97
ND CLA MW . 32.05 -72.87 26.21
C1D CLA MW . 31.43 -74.06 25.96
C2D CLA MW . 31.40 -74.39 24.55
C3D CLA MW . 32.04 -73.30 23.97
C4D CLA MW . 32.42 -72.40 24.97
CMD CLA MW . 30.87 -75.56 23.77
CAD CLA MW . 32.45 -72.78 22.69
OBD CLA MW . 32.59 -73.43 21.66
CBD CLA MW . 33.05 -71.43 22.93
CGD CLA MW . 34.47 -71.42 22.45
O1D CLA MW . 35.20 -72.35 22.74
O2D CLA MW . 34.93 -70.40 21.75
CED CLA MW . 35.18 -70.62 20.36
C1 CLA MW . 31.13 -66.65 27.95
C2 CLA MW . 30.73 -67.54 29.10
C3 CLA MW . 30.14 -67.00 30.18
C4 CLA MW . 29.87 -65.52 30.27
C5 CLA MW . 29.70 -67.81 31.38
C6 CLA MW . 28.23 -67.50 31.65
C7 CLA MW . 27.71 -68.14 32.94
C8 CLA MW . 26.21 -68.34 32.82
C9 CLA MW . 25.50 -67.00 32.70
C10 CLA MW . 25.69 -69.12 34.02
C11 CLA MW . 24.43 -69.91 33.65
C12 CLA MW . 24.71 -71.40 33.62
C13 CLA MW . 23.59 -72.17 32.94
C14 CLA MW . 22.64 -72.78 33.96
C15 CLA MW . 24.18 -73.25 32.05
C16 CLA MW . 23.22 -73.60 30.92
C17 CLA MW . 23.90 -74.49 29.87
C18 CLA MW . 23.17 -75.82 29.71
C19 CLA MW . 22.11 -75.74 28.63
C20 CLA MW . 24.15 -76.96 29.45
MG CLA NW . 41.73 -63.87 41.38
CHA CLA NW . 40.53 -63.44 38.17
CHB CLA NW . 43.35 -60.82 41.23
CHC CLA NW . 42.74 -64.34 44.48
CHD CLA NW . 40.03 -66.97 41.53
NA CLA NW . 41.93 -62.27 39.87
C1A CLA NW . 41.39 -62.28 38.65
C2A CLA NW . 41.77 -61.06 37.86
C3A CLA NW . 42.67 -60.29 38.84
C4A CLA NW . 42.65 -61.15 40.06
CMA CLA NW . 44.03 -59.83 38.34
CAA CLA NW . 40.56 -60.17 37.55
CBA CLA NW . 39.50 -60.21 38.65
CGA CLA NW . 38.27 -59.48 38.19
O1A CLA NW . 37.88 -59.61 37.04
O2A CLA NW . 37.62 -58.72 39.05
NB CLA NW . 42.87 -62.76 42.65
C1B CLA NW . 43.45 -61.55 42.43
C2B CLA NW . 44.19 -61.13 43.60
C3B CLA NW . 44.01 -62.14 44.51
C4B CLA NW . 43.17 -63.16 43.90
CMB CLA NW . 44.97 -59.86 43.76
CAB CLA NW . 44.55 -62.23 45.89
CBB CLA NW . 44.13 -61.21 46.93
NC CLA NW . 41.37 -65.37 42.81
C1C CLA NW . 41.97 -65.40 43.99
C2C CLA NW . 41.73 -66.66 44.72
C3C CLA NW . 40.93 -67.39 43.88
C4C CLA NW . 40.72 -66.58 42.68
CMC CLA NW . 42.25 -67.03 46.08
CAC CLA NW . 40.40 -68.77 44.15
CBC CLA NW . 39.10 -68.68 44.93
ND CLA NW . 40.56 -64.99 40.24
C1D CLA NW . 39.95 -66.20 40.35
C2D CLA NW . 39.23 -66.55 39.13
C3D CLA NW . 39.47 -65.47 38.29
C4D CLA NW . 40.26 -64.54 38.96
CMD CLA NW . 38.40 -67.73 38.70
CAD CLA NW . 39.17 -64.97 36.97
OBD CLA NW . 38.22 -65.34 36.29
CBD CLA NW . 39.84 -63.63 36.84
CGD CLA NW . 40.86 -63.66 35.75
O1D CLA NW . 41.50 -64.67 35.52
O2D CLA NW . 41.10 -62.57 35.02
CED CLA NW . 41.07 -62.73 33.60
C1 CLA NW . 36.77 -59.34 40.06
C2 CLA NW . 35.56 -60.15 39.67
C3 CLA NW . 34.72 -60.62 40.61
C4 CLA NW . 34.96 -60.40 42.07
C5 CLA NW . 33.50 -61.43 40.25
C6 CLA NW . 33.46 -62.73 41.06
C7 CLA NW . 32.04 -63.04 41.55
C8 CLA NW . 31.49 -64.28 40.86
C9 CLA NW . 30.96 -63.95 39.47
C10 CLA NW . 30.38 -64.88 41.72
C11 CLA NW . 30.93 -65.73 42.85
C12 CLA NW . 29.94 -66.82 43.24
C13 CLA NW . 29.41 -66.62 44.66
C14 CLA NW . 30.53 -66.38 45.66
C15 CLA NW . 28.60 -67.86 45.07
C16 CLA NW . 27.39 -68.09 44.18
C17 CLA NW . 26.81 -69.47 44.40
C18 CLA NW . 25.48 -69.41 45.13
C19 CLA NW . 24.50 -70.45 44.60
C20 CLA NW . 25.68 -69.58 46.65
MG CLA OW . 32.63 -66.92 38.76
CHA CLA OW . 34.22 -64.60 36.74
CHB CLA OW . 30.28 -67.50 36.33
CHC CLA OW . 31.28 -69.19 40.73
CHD CLA OW . 35.08 -66.33 41.25
NA CLA OW . 32.27 -66.15 36.73
C1A CLA OW . 33.02 -65.23 36.09
C2A CLA OW . 32.43 -64.91 34.73
C3A CLA OW . 31.20 -65.84 34.65
C4A CLA OW . 31.24 -66.56 35.96
CMA CLA OW . 29.86 -65.32 34.18
CAA CLA OW . 33.40 -65.19 33.59
CBA CLA OW . 32.90 -64.60 32.26
CGA CLA OW . 32.88 -63.09 32.29
O1A CLA OW . 33.65 -62.47 33.00
O2A CLA OW . 32.01 -62.44 31.52
NB CLA OW . 31.04 -68.16 38.55
C1B CLA OW . 30.16 -68.24 37.51
C2B CLA OW . 29.13 -69.20 37.81
C3B CLA OW . 29.41 -69.66 39.06
C4B CLA OW . 30.64 -69.00 39.52
CMB CLA OW . 27.96 -69.58 36.94
CAB CLA OW . 28.65 -70.66 39.85
CBB CLA OW . 27.92 -70.23 41.09
NC CLA OW . 33.16 -67.70 40.64
C1C CLA OW . 32.41 -68.57 41.30
C2C CLA OW . 32.89 -68.81 42.68
C3C CLA OW . 33.99 -68.02 42.80
C4C CLA OW . 34.14 -67.33 41.53
CMC CLA OW . 32.27 -69.74 43.70
CAC CLA OW . 34.86 -67.87 44.01
CBC CLA OW . 34.25 -66.77 44.86
ND CLA OW . 34.27 -65.84 39.01
C1D CLA OW . 35.15 -65.61 40.02
C2D CLA OW . 36.11 -64.57 39.71
C3D CLA OW . 35.74 -64.19 38.42
C4D CLA OW . 34.65 -64.96 38.02
CMD CLA OW . 37.25 -63.93 40.45
CAD CLA OW . 36.10 -63.28 37.36
OBD CLA OW . 36.85 -62.32 37.47
CBD CLA OW . 35.13 -63.50 36.24
CGD CLA OW . 34.33 -62.24 36.08
O1D CLA OW . 34.78 -61.28 35.47
O2D CLA OW . 33.12 -62.14 36.61
CED CLA OW . 32.13 -61.44 35.85
C1 CLA OW . 30.85 -61.75 32.08
C2 CLA OW . 29.51 -62.44 32.22
C3 CLA OW . 28.43 -61.81 32.70
C4 CLA OW . 28.47 -60.38 33.14
C5 CLA OW . 27.09 -62.49 32.85
C6 CLA OW . 26.69 -62.46 34.33
C7 CLA OW . 25.23 -62.86 34.52
C8 CLA OW . 25.12 -64.22 35.20
C9 CLA OW . 23.66 -64.69 35.20
C10 CLA OW . 25.69 -64.17 36.61
C11 CLA OW . 26.59 -65.35 36.92
C12 CLA OW . 25.82 -66.54 37.49
C13 CLA OW . 25.94 -66.65 39.02
C14 CLA OW . 27.39 -66.52 39.46
C15 CLA OW . 25.35 -67.98 39.47
C16 CLA OW . 23.83 -67.91 39.63
C17 CLA OW . 23.14 -68.90 38.69
C18 CLA OW . 21.82 -69.40 39.27
C19 CLA OW . 20.72 -68.37 39.08
C20 CLA OW . 21.43 -70.74 38.65
MG CLA PW . 36.89 -78.57 52.10
CHA CLA PW . 35.64 -79.34 55.22
CHB CLA PW . 35.51 -75.41 52.27
CHC CLA PW . 38.20 -77.92 49.15
CHD CLA PW . 38.37 -81.77 51.98
NA CLA PW . 35.70 -77.46 53.59
C1A CLA PW . 35.30 -77.94 54.77
C2A CLA PW . 34.53 -76.91 55.55
C3A CLA PW . 34.49 -75.71 54.60
C4A CLA PW . 35.27 -76.19 53.40
CMA CLA PW . 33.21 -74.92 54.40
CAA CLA PW . 35.33 -76.51 56.78
CBA CLA PW . 36.81 -76.24 56.46
CGA CLA PW . 37.69 -77.26 57.13
O1A CLA PW . 37.95 -77.12 58.30
O2A CLA PW . 38.18 -78.28 56.44
NB CLA PW . 36.86 -76.93 50.91
C1B CLA PW . 36.24 -75.74 51.11
C2B CLA PW . 36.47 -74.86 49.99
C3B CLA PW . 37.23 -75.58 49.10
C4B CLA PW . 37.47 -76.88 49.71
CMB CLA PW . 35.94 -73.45 49.85
CAB CLA PW . 37.77 -75.22 47.77
CBB CLA PW . 36.97 -74.49 46.72
NC CLA PW . 38.11 -79.66 50.78
C1C CLA PW . 38.53 -79.20 49.61
C2C CLA PW . 39.37 -80.17 48.88
C3C CLA PW . 39.43 -81.24 49.72
C4C CLA PW . 38.64 -80.93 50.90
CMC CLA PW . 40.04 -79.99 47.54
CAC CLA PW . 40.18 -82.51 49.46
CBC CLA PW . 41.52 -82.47 50.15
ND CLA PW . 37.07 -80.17 53.25
C1D CLA PW . 37.60 -81.43 53.11
C2D CLA PW . 37.28 -82.27 54.25
C3D CLA PW . 36.52 -81.44 55.07
C4D CLA PW . 36.40 -80.21 54.45
CMD CLA PW . 37.59 -83.68 54.66
CAD CLA PW . 35.82 -81.44 56.32
OBD CLA PW . 35.69 -82.38 57.09
CBD CLA PW . 35.23 -80.07 56.49
CGD CLA PW . 33.74 -80.20 56.51
O1D CLA PW . 33.17 -81.00 55.80
O2D CLA PW . 33.02 -79.42 57.32
CED CLA PW . 32.19 -80.11 58.24
C1 CLA PW . 39.48 -78.24 55.77
C2 CLA PW . 39.62 -77.76 54.34
C3 CLA PW . 40.54 -78.30 53.52
C4 CLA PW . 41.46 -79.40 53.98
C5 CLA PW . 40.71 -77.85 52.09
C6 CLA PW . 41.95 -76.98 51.91
C7 CLA PW . 41.71 -75.54 52.35
C8 CLA PW . 41.79 -74.52 51.22
C9 CLA PW . 41.14 -74.99 49.93
C10 CLA PW . 43.25 -74.12 50.96
C11 CLA PW . 43.88 -73.52 52.20
C12 CLA PW . 43.81 -72.00 52.19
C13 CLA PW . 42.82 -71.51 53.24
C14 CLA PW . 41.78 -70.59 52.63
C15 CLA PW . 43.58 -70.84 54.39
C16 CLA PW . 43.48 -71.69 55.66
C17 CLA PW . 44.60 -72.72 55.72
C18 CLA PW . 45.81 -72.18 56.45
C19 CLA PW . 46.14 -73.03 57.67
C20 CLA PW . 47.02 -72.08 55.52
MG CLA QW . 37.12 -70.77 57.84
CHA CLA QW . 39.86 -72.86 58.01
CHB CLA QW . 37.91 -69.45 60.93
CHC CLA QW . 34.55 -68.74 57.53
CHD CLA QW . 36.35 -72.14 54.66
NA CLA QW . 38.72 -71.09 59.33
C1A CLA QW . 39.73 -71.96 59.21
C2A CLA QW . 40.65 -71.93 60.41
C3A CLA QW . 40.00 -70.87 61.31
C4A CLA QW . 38.82 -70.42 60.50
CMA CLA QW . 39.83 -71.14 62.80
CAA CLA QW . 42.04 -71.40 60.03
CBA CLA QW . 41.95 -70.33 58.95
CGA CLA QW . 43.12 -69.38 59.04
O1A CLA QW . 43.29 -68.72 60.06
O2A CLA QW . 43.94 -69.28 58.00
NB CLA QW . 36.36 -69.31 59.03
C1B CLA QW . 36.77 -68.94 60.27
C2B CLA QW . 35.91 -67.93 60.80
C3B CLA QW . 34.95 -67.73 59.83
C4B CLA QW . 35.26 -68.62 58.72
CMB CLA QW . 36.05 -67.27 62.14
CAB CLA QW . 33.82 -66.79 59.89
CBB CLA QW . 32.39 -67.30 59.86
NC CLA QW . 35.72 -70.46 56.31
C1C CLA QW . 34.71 -69.59 56.41
C2C CLA QW . 33.81 -69.63 55.23
C3C CLA QW . 34.35 -70.58 54.43
C4C CLA QW . 35.53 -71.10 55.11
CMC CLA QW . 32.58 -68.79 55.00
CAC CLA QW . 33.81 -71.03 53.09
CBC CLA QW . 34.54 -70.29 51.99
ND CLA QW . 37.83 -72.13 56.59
C1D CLA QW . 37.49 -72.60 55.36
C2D CLA QW . 38.43 -73.62 54.90
C3D CLA QW . 39.34 -73.71 55.94
C4D CLA QW . 38.98 -72.81 56.94
CMD CLA QW . 38.53 -74.46 53.67
CAD CLA QW . 40.54 -74.41 56.35
OBD CLA QW . 41.06 -75.34 55.77
CBD CLA QW . 40.88 -73.93 57.74
CGD CLA QW . 40.67 -75.03 58.73
O1D CLA QW . 39.63 -75.09 59.36
O2D CLA QW . 41.60 -75.95 58.95
CED CLA QW . 41.17 -77.30 58.97
C1 CLA QW . 44.37 -67.96 57.56
C2 CLA QW . 43.40 -66.81 57.40
C3 CLA QW . 43.65 -65.81 56.56
C4 CLA QW . 44.91 -65.77 55.73
C5 CLA QW . 42.70 -64.66 56.38
C6 CLA QW . 42.37 -64.47 54.89
C7 CLA QW . 41.02 -65.09 54.55
C8 CLA QW . 40.03 -64.07 53.99
C9 CLA QW . 40.67 -63.21 52.90
C10 CLA QW . 39.50 -63.19 55.12
C11 CLA QW . 37.97 -63.10 55.06
C12 CLA QW . 37.50 -61.92 54.23
C13 CLA QW . 35.99 -61.71 54.38
C14 CLA QW . 35.21 -62.77 53.59
C15 CLA QW . 35.61 -60.30 53.93
C16 CLA QW . 36.22 -59.94 52.57
C17 CLA QW . 35.71 -58.60 52.07
C18 CLA QW . 34.34 -58.75 51.42
C19 CLA QW . 33.36 -57.72 51.98
C20 CLA QW . 34.43 -58.62 49.91
C1 LUT RW . 31.46 -74.44 50.00
C2 LUT RW . 30.77 -75.51 50.85
C3 LUT RW . 31.80 -76.49 51.38
C4 LUT RW . 32.37 -77.25 50.21
C5 LUT RW . 32.88 -76.29 49.16
C6 LUT RW . 32.33 -75.10 48.95
C7 LUT RW . 32.61 -74.37 47.68
C8 LUT RW . 32.01 -74.64 46.51
C9 LUT RW . 32.37 -73.87 45.31
C10 LUT RW . 31.77 -74.17 44.14
C11 LUT RW . 32.06 -73.46 42.89
C12 LUT RW . 31.36 -73.81 41.82
C13 LUT RW . 31.55 -73.20 40.48
C14 LUT RW . 30.59 -73.35 39.56
C15 LUT RW . 30.73 -72.73 38.25
C16 LUT RW . 32.33 -73.58 50.88
C17 LUT RW . 30.37 -73.58 49.36
C18 LUT RW . 34.07 -76.76 48.36
C19 LUT RW . 33.41 -72.79 45.39
C20 LUT RW . 32.79 -72.44 40.15
O3 LUT RW . 31.16 -77.41 52.28
C21 LUT RW . 26.94 -68.44 26.97
C22 LUT RW . 27.24 -67.59 25.76
C23 LUT RW . 27.36 -68.44 24.51
C24 LUT RW . 28.59 -69.31 24.69
C25 LUT RW . 28.41 -70.17 25.90
C26 LUT RW . 27.79 -69.70 27.02
C27 LUT RW . 27.59 -70.64 28.16
C28 LUT RW . 28.42 -70.67 29.19
C29 LUT RW . 28.19 -71.59 30.33
C30 LUT RW . 28.67 -71.24 31.52
C31 LUT RW . 28.49 -72.01 32.74
C32 LUT RW . 29.41 -71.92 33.69
C33 LUT RW . 29.23 -72.67 34.95
C34 LUT RW . 29.97 -72.30 36.01
C35 LUT RW . 29.82 -72.95 37.31
C36 LUT RW . 25.48 -68.87 26.94
C37 LUT RW . 27.18 -67.57 28.20
C38 LUT RW . 28.91 -71.58 25.84
C39 LUT RW . 27.41 -72.86 30.14
C40 LUT RW . 28.24 -73.77 35.06
O23 LUT RW . 27.51 -67.61 23.36
C1 LUT SW . 26.14 -86.02 40.29
C2 LUT SW . 25.27 -85.99 41.54
C3 LUT SW . 24.16 -84.98 41.39
C4 LUT SW . 24.79 -83.61 41.30
C5 LUT SW . 25.81 -83.57 40.18
C6 LUT SW . 26.56 -84.64 39.86
C7 LUT SW . 27.78 -84.50 39.03
C8 LUT SW . 28.95 -84.02 39.45
C9 LUT SW . 30.10 -83.97 38.53
C10 LUT SW . 31.29 -83.50 38.96
C11 LUT SW . 32.48 -83.43 38.10
C12 LUT SW . 33.66 -83.37 38.71
C13 LUT SW . 34.95 -83.30 37.99
C14 LUT SW . 36.08 -83.30 38.72
C15 LUT SW . 37.42 -83.24 38.15
C16 LUT SW . 25.34 -86.63 39.16
C17 LUT SW . 27.36 -86.90 40.58
C18 LUT SW . 25.92 -82.29 39.42
C19 LUT SW . 29.94 -84.42 37.11
C20 LUT SW . 35.00 -83.24 36.50
O3 LUT SW . 23.31 -85.04 42.54
C21 LUT SW . 50.22 -82.63 38.39
C22 LUT SW . 51.68 -82.43 38.02
C23 LUT SW . 52.10 -80.98 38.08
C24 LUT SW . 51.31 -80.25 37.02
C25 LUT SW . 49.84 -80.39 37.33
C26 LUT SW . 49.34 -81.45 38.01
C27 LUT SW . 48.04 -81.25 38.72
C28 LUT SW . 46.95 -81.94 38.38
C29 LUT SW . 45.66 -81.78 39.08
C30 LUT SW . 44.64 -82.61 38.76
C31 LUT SW . 43.32 -82.57 39.39
C32 LUT SW . 42.23 -82.81 38.65
C33 LUT SW . 40.87 -82.82 39.21
C34 LUT SW . 39.84 -83.22 38.44
C35 LUT SW . 38.48 -83.26 38.96
C36 LUT SW . 50.15 -82.80 39.90
C37 LUT SW . 49.74 -83.90 37.70
C38 LUT SW . 48.93 -79.28 36.90
C39 LUT SW . 45.49 -80.73 40.13
C40 LUT SW . 40.64 -82.40 40.64
O23 LUT SW . 53.50 -80.86 37.78
C1 XAT TW . 28.10 -99.49 42.10
C2 XAT TW . 28.34 -99.04 43.55
C3 XAT TW . 28.73 -97.58 43.65
C4 XAT TW . 27.53 -96.75 43.24
C5 XAT TW . 27.18 -97.02 41.78
C6 XAT TW . 27.43 -98.38 41.22
C7 XAT TW . 26.81 -98.78 39.92
C8 XAT TW . 27.44 -98.55 38.77
C9 XAT TW . 26.79 -98.97 37.50
C10 XAT TW . 27.37 -98.75 36.32
C11 XAT TW . 26.80 -99.14 35.03
C12 XAT TW . 27.47 -98.93 33.90
C13 XAT TW . 27.17 -99.45 32.58
C14 XAT TW . 27.74 -98.89 31.49
C15 XAT TW . 27.38 -99.35 30.18
C16 XAT TW . 27.20 -100.73 42.11
C17 XAT TW . 29.43 -99.86 41.48
C18 XAT TW . 26.22 -96.08 41.06
C19 XAT TW . 25.46 -99.66 37.54
C20 XAT TW . 26.21 -100.59 32.43
O3 XAT TW . 29.06 -97.28 45.01
O4 XAT TW . 28.38 -97.29 41.00
C21 XAT TW . 29.45 -103.53 18.46
C22 XAT TW . 29.59 -104.21 17.10
C23 XAT TW . 28.39 -103.85 16.21
C24 XAT TW . 28.38 -102.36 15.92
C25 XAT TW . 28.35 -101.51 17.20
C26 XAT TW . 28.94 -102.07 18.44
C27 XAT TW . 29.33 -101.10 19.53
C28 XAT TW . 28.65 -101.05 20.66
C29 XAT TW . 28.72 -100.03 21.74
C30 XAT TW . 28.43 -100.38 23.00
C31 XAT TW . 28.48 -99.41 24.07
C32 XAT TW . 28.15 -99.74 25.32
C33 XAT TW . 28.31 -98.98 26.58
C34 XAT TW . 27.77 -99.42 27.73
C35 XAT TW . 27.95 -98.86 29.06
C36 XAT TW . 30.02 -104.15 19.73
C37 XAT TW . 30.90 -103.05 18.31
C38 XAT TW . 28.24 -100.00 17.09
C39 XAT TW . 29.11 -98.63 21.42
C40 XAT TW . 29.07 -97.68 26.56
O23 XAT TW . 28.45 -104.57 14.99
O24 XAT TW . 27.53 -102.06 18.22
C1 NEX UW . 20.38 -86.38 11.09
C2 NEX UW . 19.96 -86.35 9.59
C3 NEX UW . 20.41 -85.14 8.77
C4 NEX UW . 20.95 -83.97 9.59
C5 NEX UW . 20.28 -83.76 10.92
C6 NEX UW . 20.59 -85.05 11.69
C7 NEX UW . 20.95 -85.02 12.90
C8 NEX UW . 21.36 -84.93 14.24
C9 NEX UW . 21.20 -85.80 15.41
C10 NEX UW . 21.29 -85.26 16.55
C11 NEX UW . 21.72 -85.84 17.83
C12 NEX UW . 21.50 -85.25 18.82
C13 NEX UW . 22.18 -85.25 20.13
C14 NEX UW . 21.65 -84.62 21.09
C15 NEX UW . 22.30 -84.09 22.29
C16 NEX UW . 21.75 -87.10 11.24
C17 NEX UW . 19.32 -87.18 11.92
C18 NEX UW . 20.94 -82.58 11.58
C19 NEX UW . 21.05 -87.31 15.24
C20 NEX UW . 23.48 -85.97 20.30
O3 NEX UW . 21.38 -85.64 7.84
O4 NEX UW . 18.92 -83.50 10.74
C21 NEX UW . 21.05 -80.05 33.04
C22 NEX UW . 20.53 -79.86 34.46
C23 NEX UW . 19.48 -80.93 34.76
C24 NEX UW . 20.18 -82.27 34.94
C25 NEX UW . 21.04 -82.62 33.72
C26 NEX UW . 21.49 -81.50 32.79
C27 NEX UW . 22.74 -81.78 31.99
C28 NEX UW . 22.69 -82.04 30.69
C29 NEX UW . 23.83 -82.29 30.02
C30 NEX UW . 23.81 -82.53 28.80
C31 NEX UW . 22.74 -82.37 27.80
C32 NEX UW . 22.85 -82.84 26.72
C33 NEX UW . 22.02 -82.69 25.50
C34 NEX UW . 22.43 -83.22 24.44
C35 NEX UW . 21.74 -83.55 23.18
C36 NEX UW . 22.22 -79.10 32.82
C37 NEX UW . 19.93 -79.69 32.08
C38 NEX UW . 21.86 -83.90 33.72
C39 NEX UW . 25.14 -82.29 30.74
C40 NEX UW . 20.73 -81.93 25.54
O23 NEX UW . 18.79 -80.59 35.97
O24 NEX UW . 20.39 -82.37 32.47
O1 LHG VW . 49.14 -62.21 40.27
C1 LHG VW . 48.37 -61.12 40.80
C2 LHG VW . 46.93 -61.57 40.99
O2 LHG VW . 46.81 -62.14 42.29
C3 LHG VW . 46.59 -62.63 39.97
O3 LHG VW . 46.19 -63.81 40.68
P LHG VW . 45.38 -64.98 39.94
O4 LHG VW . 44.03 -64.45 39.53
O5 LHG VW . 46.27 -65.59 38.90
O6 LHG VW . 45.18 -66.06 41.11
C4 LHG VW . 45.42 -67.43 40.86
C5 LHG VW . 44.53 -68.26 41.77
C6 LHG VW . 43.21 -68.44 41.02
O7 LHG VW . 45.07 -69.54 42.06
C7 LHG VW . 45.06 -69.85 43.37
O9 LHG VW . 44.39 -69.19 44.15
C8 LHG VW . 45.87 -71.02 43.88
C9 LHG VW . 45.92 -71.03 45.40
C10 LHG VW . 46.76 -72.18 45.93
O8 LHG VW . 42.55 -69.62 41.46
C23 LHG VW . 42.46 -70.67 40.66
O10 LHG VW . 42.94 -70.61 39.54
C24 LHG VW . 41.75 -71.91 41.13
C11 LHG VW . 45.86 -73.32 46.42
C12 LHG VW . 46.45 -74.07 47.60
C13 LHG VW . 45.63 -75.30 47.91
C14 LHG VW . 46.48 -76.44 48.46
C15 LHG VW . 45.76 -77.77 48.36
C16 LHG VW . 45.11 -78.15 49.69
C17 LHG VW . 44.54 -79.56 49.64
C18 LHG VW . 45.67 -80.59 49.45
C19 LHG VW . 46.10 -81.20 50.77
C20 LHG VW . 44.91 -81.82 51.49
C21 LHG VW . 45.34 -82.82 52.55
C22 LHG VW . 44.13 -83.41 53.24
C25 LHG VW . 42.72 -73.09 41.11
C26 LHG VW . 43.21 -73.46 42.50
C27 LHG VW . 42.07 -73.90 43.40
C28 LHG VW . 42.45 -73.78 44.87
C29 LHG VW . 42.38 -72.33 45.34
C30 LHG VW . 42.36 -72.26 46.87
C31 LHG VW . 41.20 -71.38 47.35
C32 LHG VW . 41.69 -70.10 48.01
C33 LHG VW . 42.82 -70.34 49.00
C34 LHG VW . 44.06 -69.53 48.65
C35 LHG VW . 44.01 -68.10 49.18
C36 LHG VW . 43.55 -68.04 50.63
C37 LHG VW . 44.67 -68.46 51.58
C38 LHG VW . 45.29 -67.27 52.29
C1 SPH WW . 50.19 -57.30 41.98
O1 SPH WW . 51.41 -57.84 42.40
C2 SPH WW . 49.29 -57.05 43.18
N2 SPH WW . 47.90 -57.32 42.81
C3 SPH WW . 49.69 -58.00 44.31
O3 SPH WW . 50.84 -57.49 44.94
C4 SPH WW . 48.56 -58.10 45.33
C5 SPH WW . 48.67 -58.96 46.32
C6 SPH WW . 47.56 -59.09 47.36
C7 SPH WW . 48.17 -59.35 48.73
C8 SPH WW . 47.07 -59.51 49.78
C9 SPH WW . 47.53 -58.91 51.10
C10 SPH WW . 46.46 -59.13 52.16
C11 SPH WW . 46.93 -60.21 53.13
C12 SPH WW . 45.76 -61.07 53.59
C13 SPH WW . 44.63 -60.19 54.14
C14 SPH WW . 43.34 -61.02 54.19
C15 SPH WW . 42.17 -60.20 54.74
C16 SPH WW . 42.04 -58.87 54.00
C17 SPH WW . 40.75 -58.84 53.21
C18 SPH WW . 40.99 -59.43 51.82
C1 PTY XW . 42.06 -70.87 66.92
C2 PTY XW . 42.62 -77.45 69.31
C3 PTY XW . 42.75 -76.20 70.18
O4 PTY XW . 42.39 -69.51 66.89
C5 PTY XW . 40.26 -72.45 67.63
C6 PTY XW . 40.56 -71.01 67.23
O7 PTY XW . 39.83 -70.68 66.08
C8 PTY XW . 38.81 -69.75 66.31
O10 PTY XW . 38.01 -69.94 67.16
C11 PTY XW . 38.74 -68.49 65.46
C12 PTY XW . 37.87 -67.44 66.17
C13 PTY XW . 38.33 -66.05 65.77
C14 PTY XW . 37.14 -65.11 65.64
C15 PTY XW . 37.52 -63.90 64.79
C16 PTY XW . 38.04 -64.37 63.43
C17 PTY XW . 38.07 -63.21 62.44
C18 PTY XW . 37.99 -63.74 61.01
C19 PTY XW . 37.56 -62.63 60.05
C20 PTY XW . 37.18 -63.21 58.70
C21 PTY XW . 35.89 -64.01 58.81
C22 PTY XW . 35.14 -64.05 57.46
C23 PTY XW . 33.63 -64.04 57.73
C24 PTY XW . 32.86 -64.20 56.42
C25 PTY XW . 31.40 -63.78 56.63
C26 PTY XW . 30.77 -64.55 57.79
C27 PTY XW . 29.29 -64.21 57.92
C28 PTY XW . 28.49 -64.95 56.84
C29 PTY XW . 27.00 -64.93 57.17
C30 PTY XW . 42.46 -68.95 65.61
C31 PTY XW . 42.93 -67.51 65.43
O30 PTY XW . 42.13 -69.58 64.66
C32 PTY XW . 42.76 -67.09 63.97
C33 PTY XW . 41.42 -66.38 63.81
C34 PTY XW . 40.89 -66.56 62.40
C35 PTY XW . 41.87 -65.98 61.38
C36 PTY XW . 41.15 -65.71 60.06
C37 PTY XW . 40.49 -66.98 59.56
C38 PTY XW . 39.09 -66.65 59.00
C39 PTY XW . 39.18 -66.37 57.51
C40 PTY XW . 37.79 -66.59 56.90
C41 PTY XW . 37.91 -66.82 55.39
C42 PTY XW . 37.95 -68.32 55.11
C43 PTY XW . 39.35 -68.72 54.67
C44 PTY XW . 39.97 -69.63 55.73
P1 PTY XW . 41.23 -74.57 68.79
O11 PTY XW . 42.70 -75.06 69.36
O12 PTY XW . 40.19 -74.80 69.85
O13 PTY XW . 40.88 -75.36 67.54
O14 PTY XW . 41.29 -72.97 68.42
N1 PTY XW . 43.74 -78.34 69.56
C1 PTY YW . 21.70 -70.14 53.55
C2 PTY YW . 16.60 -74.59 58.00
C3 PTY YW . 17.19 -73.23 58.36
O4 PTY YW . 22.53 -71.20 53.94
C5 PTY YW . 19.54 -70.27 54.79
C6 PTY YW . 20.93 -69.63 54.77
O7 PTY YW . 20.81 -68.24 54.69
C8 PTY YW . 21.04 -67.59 55.91
O10 PTY YW . 20.38 -67.85 56.85
C11 PTY YW . 22.15 -66.54 56.01
C30 PTY YW . 23.89 -70.96 53.72
C31 PTY YW . 24.64 -69.97 54.61
O30 PTY YW . 24.46 -71.53 52.85
P1 PTY YW . 18.06 -71.51 56.56
O11 PTY YW . 18.18 -72.90 57.43
O12 PTY YW . 17.01 -71.69 55.49
O13 PTY YW . 17.68 -70.38 57.48
O14 PTY YW . 19.51 -71.18 55.85
N1 PTY YW . 16.13 -75.24 59.21
O1 OEX ZW . -66.11 -8.61 30.20
CA1 OEX ZW . -64.67 -6.68 30.31
MN1 OEX ZW . -65.45 -9.96 31.19
O2 OEX ZW . -66.09 -6.55 32.35
MN2 OEX ZW . -67.36 -8.07 31.64
O3 OEX ZW . -66.10 -9.32 32.76
MN3 OEX ZW . -65.19 -7.71 33.54
O4 OEX ZW . -64.18 -6.03 34.26
MN4 OEX ZW . -62.45 -6.77 33.35
O5 OEX ZW . -63.49 -8.52 32.05
FE FE2 AX . -32.23 -5.51 1.85
CL CL BX . -60.23 -11.63 35.99
CL CL CX . -73.20 -8.51 35.75
MG CLA DX . -53.09 -13.91 19.64
CHA CLA DX . -53.59 -10.50 19.43
CHB CLA DX . -50.65 -13.77 17.23
CHC CLA DX . -52.68 -17.18 19.98
CHD CLA DX . -55.64 -14.05 22.08
NA CLA DX . -52.18 -12.30 18.44
C1A CLA DX . -52.51 -11.00 18.50
C2A CLA DX . -51.71 -10.19 17.51
C3A CLA DX . -50.82 -11.25 16.83
C4A CLA DX . -51.22 -12.52 17.53
CMA CLA DX . -50.68 -11.27 15.32
CAA CLA DX . -50.88 -9.10 18.24
CBA CLA DX . -49.37 -9.19 18.10
CGA CLA DX . -48.77 -7.95 18.72
O1A CLA DX . -47.71 -8.03 19.29
O2A CLA DX . -49.45 -6.81 18.64
NB CLA DX . -51.85 -15.26 18.75
C1B CLA DX . -50.93 -15.04 17.78
C2B CLA DX . -50.28 -16.27 17.41
C3B CLA DX . -50.87 -17.24 18.21
C4B CLA DX . -51.86 -16.57 19.04
CMB CLA DX . -49.20 -16.44 16.39
CAB CLA DX . -50.61 -18.70 18.27
CBB CLA DX . -50.56 -19.57 17.03
NC CLA DX . -53.94 -15.35 20.91
C1C CLA DX . -53.65 -16.64 20.86
C2C CLA DX . -54.47 -17.44 21.80
C3C CLA DX . -55.25 -16.53 22.42
C4C CLA DX . -54.93 -15.23 21.86
CMC CLA DX . -54.45 -18.91 22.05
CAC CLA DX . -56.26 -16.86 23.50
CBC CLA DX . -55.74 -16.44 24.85
ND CLA DX . -54.34 -12.69 20.57
C1D CLA DX . -55.29 -12.81 21.53
C2D CLA DX . -55.88 -11.53 21.88
C3D CLA DX . -55.21 -10.64 21.06
C4D CLA DX . -54.29 -11.33 20.28
CMD CLA DX . -56.93 -11.07 22.85
CAD CLA DX . -55.14 -9.23 20.75
OBD CLA DX . -55.31 -8.36 21.58
CBD CLA DX . -54.14 -9.10 19.64
CGD CLA DX . -54.86 -8.61 18.42
O1D CLA DX . -55.87 -9.17 18.00
O2D CLA DX . -54.39 -7.54 17.77
CED CLA DX . -54.68 -6.31 18.42
C1 CLA DX . -48.85 -5.60 18.08
C2 CLA DX . -47.60 -4.95 18.64
C3 CLA DX . -47.67 -4.02 19.62
C4 CLA DX . -48.99 -3.62 20.21
C5 CLA DX . -46.45 -3.36 20.20
C6 CLA DX . -46.52 -1.85 19.98
C7 CLA DX . -45.13 -1.25 20.13
C8 CLA DX . -45.18 0.18 20.67
C9 CLA DX . -45.49 1.16 19.55
C10 CLA DX . -43.86 0.52 21.34
C11 CLA DX . -43.54 -0.44 22.47
C12 CLA DX . -42.75 0.28 23.58
C13 CLA DX . -41.55 -0.54 24.02
C14 CLA DX . -41.55 -0.74 25.52
C15 CLA DX . -40.27 0.17 23.58
C16 CLA DX . -39.02 -0.49 24.12
C17 CLA DX . -37.85 0.49 24.08
C18 CLA DX . -36.53 -0.20 24.39
C19 CLA DX . -36.50 -0.71 25.83
C20 CLA DX . -36.28 -1.34 23.40
MG CLA EX . -46.36 -8.43 24.67
CHA CLA EX . -44.46 -11.19 25.49
CHB CLA EX . -43.87 -6.30 25.76
CHC CLA EX . -48.25 -5.87 23.81
CHD CLA EX . -48.88 -10.60 23.49
NA CLA EX . -44.34 -8.69 25.53
C1A CLA EX . -43.77 -9.86 25.79
C2A CLA EX . -42.38 -9.68 26.35
C3A CLA EX . -42.24 -8.15 26.45
C4A CLA EX . -43.54 -7.66 25.89
CMA CLA EX . -41.68 -7.53 27.73
CAA CLA EX . -41.40 -10.24 25.31
CBA CLA EX . -40.97 -9.29 24.19
CGA CLA EX . -41.76 -9.54 22.93
O1A CLA EX . -42.96 -9.38 22.91
O2A CLA EX . -41.10 -9.92 21.84
NB CLA EX . -46.10 -6.41 24.76
C1B CLA EX . -45.04 -5.71 25.26
C2B CLA EX . -45.28 -4.29 25.16
C3B CLA EX . -46.53 -4.18 24.61
C4B CLA EX . -47.03 -5.53 24.36
CMB CLA EX . -44.34 -3.21 25.60
CAB CLA EX . -47.32 -2.96 24.27
CBB CLA EX . -46.74 -1.79 23.54
NC CLA EX . -48.23 -8.26 23.76
C1C CLA EX . -48.82 -7.11 23.45
C2C CLA EX . -50.09 -7.29 22.72
C3C CLA EX . -50.21 -8.64 22.62
C4C CLA EX . -49.06 -9.24 23.27
CMC CLA EX . -51.00 -6.21 22.20
CAC CLA EX . -51.30 -9.42 21.93
CBC CLA EX . -52.44 -9.54 22.89
ND CLA EX . -46.68 -10.37 24.47
C1D CLA EX . -47.70 -11.15 24.04
C2D CLA EX . -47.42 -12.57 24.22
C3D CLA EX . -46.14 -12.58 24.79
C4D CLA EX . -45.72 -11.25 24.93
CMD CLA EX . -48.18 -13.84 23.94
CAD CLA EX . -45.13 -13.46 25.28
OBD CLA EX . -45.27 -14.64 25.57
CBD CLA EX . -43.99 -12.61 25.74
CGD CLA EX . -43.75 -12.77 27.21
O1D CLA EX . -44.67 -12.91 27.99
O2D CLA EX . -42.50 -12.72 27.67
CED CLA EX . -42.32 -12.74 29.07
C1 CLA EX . -40.06 -9.06 21.28
C2 CLA EX . -40.24 -7.56 21.19
C3 CLA EX . -39.27 -6.79 20.66
C4 CLA EX . -37.99 -7.37 20.16
C5 CLA EX . -39.40 -5.29 20.55
C6 CLA EX . -38.60 -4.66 21.67
C7 CLA EX . -39.52 -4.14 22.77
C8 CLA EX . -39.19 -4.67 24.15
C9 CLA EX . -38.75 -6.13 24.14
C10 CLA EX . -40.40 -4.48 25.05
C11 CLA EX . -39.98 -4.29 26.50
C12 CLA EX . -41.16 -3.87 27.38
C13 CLA EX . -40.73 -3.67 28.84
C14 CLA EX . -41.95 -3.41 29.73
C15 CLA EX . -39.66 -2.57 28.91
C16 CLA EX . -40.16 -1.24 29.48
C17 CLA EX . -39.10 -0.16 29.36
C18 CLA EX . -38.78 0.49 30.70
C19 CLA EX . -37.92 1.73 30.51
C20 CLA EX . -40.04 0.83 31.49
MG CLA FX . -51.38 -23.45 11.56
CHA CLA FX . -53.47 -20.84 10.79
CHB CLA FX . -51.13 -24.30 8.21
CHC CLA FX . -49.32 -25.88 12.40
CHD CLA FX . -51.57 -22.53 14.97
NA CLA FX . -52.21 -22.66 9.67
C1A CLA FX . -53.02 -21.61 9.56
C2A CLA FX . -53.39 -21.35 8.11
C3A CLA FX . -52.66 -22.46 7.35
C4A CLA FX . -51.95 -23.20 8.46
CMA CLA FX . -53.36 -23.25 6.26
CAA CLA FX . -52.87 -19.99 7.64
CBA CLA FX . -51.44 -19.73 8.09
CGA CLA FX . -50.54 -19.68 6.88
O1A CLA FX . -51.01 -19.89 5.78
O2A CLA FX . -49.25 -19.40 7.04
NB CLA FX . -50.38 -24.85 10.47
C1B CLA FX . -50.40 -25.07 9.14
C2B CLA FX . -49.55 -26.20 8.79
C3B CLA FX . -49.05 -26.63 9.99
C4B CLA FX . -49.58 -25.77 11.04
CMB CLA FX . -49.32 -26.73 7.40
CAB CLA FX . -48.13 -27.75 10.26
CBB CLA FX . -48.40 -29.14 9.74
NC CLA FX . -50.55 -24.07 13.38
C1C CLA FX . -49.75 -25.12 13.50
C2C CLA FX . -49.39 -25.41 14.90
C3C CLA FX . -50.03 -24.44 15.62
C4C CLA FX . -50.75 -23.61 14.67
CMC CLA FX . -48.50 -26.52 15.39
CAC CLA FX . -49.99 -24.25 17.12
CBC CLA FX . -50.98 -25.20 17.76
ND CLA FX . -52.20 -22.05 12.69
C1D CLA FX . -52.31 -21.80 14.01
C2D CLA FX . -53.27 -20.74 14.31
C3D CLA FX . -53.72 -20.37 13.04
C4D CLA FX . -53.07 -21.16 12.08
CMD CLA FX . -53.78 -20.09 15.56
CAD CLA FX . -54.61 -19.46 12.37
OBD CLA FX . -55.61 -18.94 12.87
CBD CLA FX . -54.33 -19.59 10.91
CGD CLA FX . -55.60 -19.78 10.11
O1D CLA FX . -55.87 -18.98 9.25
O2D CLA FX . -56.39 -20.82 10.32
CED CLA FX . -56.84 -21.48 9.14
C1 CLA FX . -48.71 -18.10 6.63
C2 CLA FX . -48.95 -17.57 5.25
C3 CLA FX . -48.04 -16.77 4.66
C4 CLA FX . -48.29 -16.24 3.27
CHA PHO GX . -41.03 -0.03 16.33
CHB PHO GX . -42.00 -2.83 20.16
CHC PHO GX . -44.57 -5.95 17.37
CHD PHO GX . -43.50 -3.28 13.39
NA PHO GX . -41.59 -1.65 18.04
C1A PHO GX . -41.02 -0.40 17.62
C2A PHO GX . -40.45 0.35 18.82
C3A PHO GX . -40.57 -0.70 19.96
C4A PHO GX . -41.44 -1.79 19.34
CMA PHO GX . -39.21 -1.24 20.37
CAA PHO GX . -41.17 1.63 19.14
CBA PHO GX . -40.24 2.57 19.87
CGA PHO GX . -41.01 3.35 20.89
O1A PHO GX . -42.20 3.68 20.86
O2A PHO GX . -40.24 3.73 21.95
NB PHO GX . -43.22 -4.17 18.46
C1B PHO GX . -42.78 -3.87 19.75
C2B PHO GX . -43.33 -4.92 20.65
C3B PHO GX . -44.07 -5.81 19.89
C4B PHO GX . -43.99 -5.35 18.45
CMB PHO GX . -43.06 -4.90 22.10
CAB PHO GX . -44.78 -7.00 20.26
CBB PHO GX . -45.54 -7.16 21.35
NC PHO GX . -43.86 -4.40 15.58
C1C PHO GX . -44.50 -5.49 16.00
C2C PHO GX . -45.14 -6.18 14.84
C3C PHO GX . -44.84 -5.42 13.72
C4C PHO GX . -44.01 -4.28 14.17
CMC PHO GX . -45.93 -7.40 14.92
CAC PHO GX . -45.23 -5.68 12.32
CBC PHO GX . -46.33 -4.75 11.83
ND PHO GX . -42.47 -1.88 15.20
C1D PHO GX . -42.77 -2.13 13.84
C2D PHO GX . -42.21 -1.05 13.07
C3D PHO GX . -41.56 -0.20 13.98
C4D PHO GX . -41.72 -0.77 15.29
CMD PHO GX . -42.32 -0.88 11.62
CAD PHO GX . -40.78 1.02 14.10
OBD PHO GX . -40.47 1.84 13.25
CBD PHO GX . -40.37 1.13 15.62
CGD PHO GX . -38.88 1.11 15.80
O1D PHO GX . -38.06 2.03 15.81
O2D PHO GX . -38.43 -0.17 15.99
CED PHO GX . -37.09 -0.32 16.47
C1 PHO GX . -40.93 4.50 22.95
C2 PHO GX . -41.04 3.63 24.15
C3 PHO GX . -40.09 3.58 25.11
C4 PHO GX . -38.85 4.39 25.04
C5 PHO GX . -40.25 2.71 26.30
C6 PHO GX . -41.67 2.70 26.85
C7 PHO GX . -41.73 2.17 28.26
C8 PHO GX . -43.13 2.26 28.86
C9 PHO GX . -43.36 3.61 29.52
C10 PHO GX . -43.34 1.12 29.84
C11 PHO GX . -44.78 1.05 30.34
C12 PHO GX . -45.76 0.80 29.22
C13 PHO GX . -45.57 -0.56 28.58
C14 PHO GX . -46.46 -0.72 27.37
C15 PHO GX . -45.87 -1.64 29.62
C16 PHO GX . -45.71 -3.02 29.04
C17 PHO GX . -46.27 -4.05 30.00
C18 PHO GX . -46.31 -5.43 29.38
C19 PHO GX . -47.11 -5.42 28.09
C20 PHO GX . -44.90 -5.93 29.14
CHA PHO HX . -41.57 -22.36 3.03
CHB PHO HX . -46.06 -22.88 4.77
CHC PHO HX . -44.76 -20.77 9.01
CHD PHO HX . -40.23 -20.30 7.28
NA PHO HX . -43.72 -22.45 4.12
C1A PHO HX . -42.87 -22.74 3.02
C2A PHO HX . -43.63 -23.49 1.94
C3A PHO HX . -45.09 -23.56 2.51
C4A PHO HX . -44.93 -22.92 3.88
CMA PHO HX . -46.07 -22.80 1.66
CAA PHO HX . -43.06 -24.86 1.62
CBA PHO HX . -43.55 -25.97 2.54
CGA PHO HX . -43.82 -27.21 1.75
O1A PHO HX . -44.64 -27.39 0.86
O2A PHO HX . -43.00 -28.25 2.11
NB PHO HX . -45.05 -21.81 6.76
C1B PHO HX . -46.10 -22.35 6.02
C2B PHO HX . -47.32 -22.27 6.88
C3B PHO HX . -46.97 -21.67 8.07
C4B PHO HX . -45.50 -21.37 8.02
CMB PHO HX . -48.59 -22.76 6.36
CAB PHO HX . -47.74 -21.34 9.25
CBB PHO HX . -48.78 -22.02 9.76
NC PHO HX . -42.57 -20.76 7.89
C1C PHO HX . -43.35 -20.49 8.94
C2C PHO HX . -42.57 -19.79 10.00
C3C PHO HX . -41.29 -19.62 9.51
C4C PHO HX . -41.28 -20.24 8.14
CMC PHO HX . -43.13 -19.38 11.28
CAC PHO HX . -40.13 -18.99 10.15
CBC PHO HX . -39.02 -19.93 10.54
ND PHO HX . -41.09 -21.97 5.59
C1D PHO HX . -40.11 -21.08 6.09
C2D PHO HX . -39.01 -21.08 5.19
C3D PHO HX . -39.49 -21.68 4.00
C4D PHO HX . -40.86 -22.03 4.25
CMD PHO HX . -37.68 -20.56 5.44
CAD PHO HX . -39.16 -22.10 2.65
OBD PHO HX . -38.07 -22.35 2.13
CBD PHO HX . -40.54 -22.16 1.93
CGD PHO HX . -40.70 -20.86 1.21
O1D PHO HX . -39.95 -20.34 0.38
O2D PHO HX . -41.84 -20.20 1.54
CED PHO HX . -42.75 -19.90 0.48
C1 PHO HX . -43.21 -29.50 1.41
C2 PHO HX . -43.80 -30.45 2.39
C3 PHO HX . -45.07 -30.86 2.33
C4 PHO HX . -46.00 -30.40 1.27
C5 PHO HX . -45.62 -31.81 3.35
C6 PHO HX . -45.86 -31.08 4.66
C7 PHO HX . -47.29 -31.22 5.15
C8 PHO HX . -47.49 -30.85 6.63
C9 PHO HX . -46.21 -30.82 7.43
C10 PHO HX . -48.48 -31.82 7.25
C11 PHO HX . -49.86 -31.69 6.65
C12 PHO HX . -50.43 -30.29 6.84
C13 PHO HX . -51.66 -30.07 5.97
C14 PHO HX . -51.32 -30.28 4.50
C15 PHO HX . -52.22 -28.67 6.18
C16 PHO HX . -52.75 -28.44 7.58
C17 PHO HX . -53.34 -27.06 7.68
C18 PHO HX . -54.24 -26.86 8.90
C19 PHO HX . -55.16 -25.69 8.70
C20 PHO HX . -53.39 -26.65 10.14
MG CLA IX . -48.93 15.60 31.81
CHA CLA IX . -51.81 14.29 33.21
CHB CLA IX . -50.45 15.74 28.72
CHC CLA IX . -46.14 16.86 30.58
CHD CLA IX . -47.40 15.46 34.99
NA CLA IX . -50.93 15.08 31.03
C1A CLA IX . -51.95 14.58 31.74
C2A CLA IX . -53.16 14.34 30.88
C3A CLA IX . -52.69 14.79 29.49
C4A CLA IX . -51.28 15.23 29.73
CMA CLA IX . -52.99 13.92 28.30
CAA CLA IX . -54.33 15.24 31.27
CBA CLA IX . -53.88 16.63 31.69
CGA CLA IX . -55.12 17.43 32.04
O1A CLA IX . -56.18 16.85 32.19
O2A CLA IX . -55.04 18.74 32.18
NB CLA IX . -48.38 16.19 29.94
C1B CLA IX . -49.12 16.19 28.80
C2B CLA IX . -48.36 16.71 27.70
C3B CLA IX . -47.13 17.03 28.24
C4B CLA IX . -47.17 16.69 29.65
CMB CLA IX . -48.88 16.84 26.29
CAB CLA IX . -45.91 17.60 27.60
CBB CLA IX . -45.53 17.43 26.16
NC CLA IX . -47.12 16.20 32.67
C1C CLA IX . -46.06 16.61 31.96
C2C CLA IX . -44.85 16.76 32.78
C3C CLA IX . -45.24 16.42 34.04
C4C CLA IX . -46.65 16.06 33.97
CMC CLA IX . -43.48 17.20 32.30
CAC CLA IX . -44.36 16.39 35.28
CBC CLA IX . -44.70 17.55 36.20
ND CLA IX . -49.38 15.06 33.66
C1D CLA IX . -48.73 15.03 34.86
C2D CLA IX . -49.58 14.49 35.91
C3D CLA IX . -50.77 14.22 35.27
C4D CLA IX . -50.64 14.56 33.92
CMD CLA IX . -49.38 14.24 37.37
CAD CLA IX . -52.10 13.68 35.49
OBD CLA IX . -52.41 12.99 36.45
CBD CLA IX . -52.83 13.73 34.18
CGD CLA IX . -53.25 12.34 33.77
O1D CLA IX . -52.54 11.67 33.05
O2D CLA IX . -54.42 11.83 34.17
CED CLA IX . -54.41 10.47 34.55
C1 CLA IX . -55.67 19.63 31.20
C2 CLA IX . -54.83 20.40 30.21
C3 CLA IX . -55.35 21.45 29.53
C4 CLA IX . -56.77 21.88 29.73
C5 CLA IX . -54.52 22.24 28.55
C6 CLA IX . -54.79 21.77 27.13
C7 CLA IX . -53.55 21.96 26.26
C8 CLA IX . -53.82 22.90 25.08
C9 CLA IX . -54.20 24.31 25.55
C10 CLA IX . -54.91 22.30 24.20
C11 CLA IX . -54.40 21.06 23.47
C12 CLA IX . -55.38 20.63 22.39
C13 CLA IX . -56.69 20.13 22.99
C14 CLA IX . -56.61 18.64 23.28
C15 CLA IX . -57.83 20.44 22.03
C1 BCR JX . -37.04 19.77 25.38
C2 BCR JX . -37.84 20.78 24.57
C3 BCR JX . -39.17 21.14 25.21
C4 BCR JX . -38.95 21.74 26.58
C5 BCR JX . -37.82 21.09 27.34
C6 BCR JX . -37.25 19.97 26.87
C7 BCR JX . -36.76 18.93 27.81
C8 BCR JX . -37.52 18.18 28.57
C9 BCR JX . -37.07 17.15 29.49
C10 BCR JX . -37.93 16.04 29.85
C11 BCR JX . -38.79 15.45 30.81
C33 BCR JX . -37.35 21.71 28.62
C31 BCR JX . -35.56 19.90 25.09
C32 BCR JX . -37.52 18.37 25.02
C34 BCR JX . -35.68 17.23 30.06
C12 BCR JX . -39.57 14.93 31.58
C13 BCR JX . -39.99 14.31 32.78
C14 BCR JX . -41.33 14.12 32.96
C15 BCR JX . -41.89 13.49 34.10
C16 BCR JX . -42.95 13.21 34.89
C17 BCR JX . -42.88 12.47 35.93
C18 BCR JX . -43.81 12.34 36.90
C19 BCR JX . -43.59 11.44 38.02
C20 BCR JX . -44.10 10.58 38.90
C21 BCR JX . -44.21 9.62 39.95
C22 BCR JX . -45.20 9.51 40.85
C23 BCR JX . -45.10 8.43 41.84
C24 BCR JX . -46.25 7.70 42.46
C25 BCR JX . -45.96 6.63 43.41
C26 BCR JX . -45.84 5.38 42.95
C27 BCR JX . -45.01 4.36 43.69
C28 BCR JX . -45.10 4.51 45.21
C29 BCR JX . -46.00 5.65 45.69
C30 BCR JX . -45.80 6.94 44.90
C35 BCR JX . -39.02 13.85 33.82
C36 BCR JX . -45.09 13.11 36.82
C37 BCR JX . -46.36 10.47 40.84
C38 BCR JX . -46.50 4.94 41.68
C39 BCR JX . -44.44 7.57 45.19
C40 BCR JX . -46.91 7.90 45.31
O6 SQD KX . -43.82 -4.27 -8.46
C44 SQD KX . -45.17 -3.87 -8.33
C45 SQD KX . -45.55 -3.86 -6.83
C46 SQD KX . -46.70 -2.88 -6.53
O47 SQD KX . -46.07 -5.13 -6.54
C7 SQD KX . -45.46 -5.84 -5.54
O49 SQD KX . -44.67 -5.31 -4.79
C8 SQD KX . -45.93 -7.26 -5.52
C9 SQD KX . -46.87 -7.48 -4.33
C10 SQD KX . -48.18 -6.71 -4.47
C11 SQD KX . -49.01 -6.78 -3.18
C12 SQD KX . -49.16 -8.21 -2.68
C13 SQD KX . -50.35 -8.38 -1.72
C14 SQD KX . -50.44 -7.24 -0.69
C15 SQD KX . -51.69 -7.38 0.18
C16 SQD KX . -51.41 -8.19 1.46
C17 SQD KX . -52.67 -8.86 2.02
C18 SQD KX . -53.80 -7.84 2.24
C19 SQD KX . -54.69 -8.18 3.43
O48 SQD KX . -47.92 -3.55 -6.82
C23 SQD KX . -48.92 -3.43 -5.91
O10 SQD KX . -48.73 -2.86 -4.86
C24 SQD KX . -50.20 -4.09 -6.37
C25 SQD KX . -51.18 -4.25 -5.21
C26 SQD KX . -52.54 -4.79 -5.67
C27 SQD KX . -53.51 -3.68 -6.07
C28 SQD KX . -54.97 -4.10 -5.83
C29 SQD KX . -55.21 -4.55 -4.39
C30 SQD KX . -56.49 -5.40 -4.23
C31 SQD KX . -57.68 -4.77 -4.95
C32 SQD KX . -59.02 -5.29 -4.40
C33 SQD KX . -60.21 -4.43 -4.84
C34 SQD KX . -61.54 -5.07 -4.44
C35 SQD KX . -61.73 -5.11 -2.91
C36 SQD KX . -63.21 -5.20 -2.53
C37 SQD KX . -63.84 -6.50 -3.03
C38 SQD KX . -64.04 -7.51 -1.91
C1 SQD KX . -43.54 -4.78 -9.74
C2 SQD KX . -44.19 -6.18 -9.83
O2 SQD KX . -43.61 -7.06 -8.93
C3 SQD KX . -44.00 -6.69 -11.28
O3 SQD KX . -44.81 -7.83 -11.36
C4 SQD KX . -44.49 -5.64 -12.30
O4 SQD KX . -44.15 -6.11 -13.58
C5 SQD KX . -43.87 -4.25 -12.00
C6 SQD KX . -44.49 -3.19 -12.88
O5 SQD KX . -44.17 -3.92 -10.65
S SQD KX . -45.94 -2.36 -12.22
O7 SQD KX . -46.50 -1.72 -13.38
O8 SQD KX . -45.38 -1.44 -11.27
O9 SQD KX . -46.79 -3.36 -11.66
C1 LMG LX . -60.20 17.44 33.14
O1 LMG LX . -59.54 18.15 32.09
C2 LMG LX . -59.67 17.93 34.48
O2 LMG LX . -58.25 17.73 34.53
C3 LMG LX . -60.33 17.15 35.61
O3 LMG LX . -59.90 17.67 36.88
C4 LMG LX . -61.85 17.25 35.51
O4 LMG LX . -62.28 18.57 35.85
C5 LMG LX . -62.34 16.91 34.10
O5 LMG LX . -64.08 17.59 32.60
C6 LMG LX . -63.82 17.26 33.97
O6 LMG LX . -61.62 17.62 33.10
C7 LMG LX . -60.35 18.31 30.93
C8 LMG LX . -59.64 17.79 29.68
C9 LMG LX . -59.93 18.75 28.54
O7 LMG LX . -58.24 17.68 29.89
C10 LMG LX . -57.62 16.88 28.99
O9 LMG LX . -58.23 15.98 28.45
C11 LMG LX . -56.16 17.09 28.68
C12 LMG LX . -55.87 17.06 27.19
C13 LMG LX . -54.39 17.36 26.96
C14 LMG LX . -53.98 17.19 25.50
C15 LMG LX . -52.47 17.33 25.36
C16 LMG LX . -51.98 16.83 24.00
C17 LMG LX . -52.40 17.75 22.87
C18 LMG LX . -51.71 17.32 21.59
C19 LMG LX . -51.80 18.05 20.48
C20 LMG LX . -52.60 19.33 20.46
C21 LMG LX . -52.44 20.03 19.13
C22 LMG LX . -53.00 21.23 18.94
O8 LMG LX . -60.02 18.00 27.33
C28 LMG LX . -60.37 18.59 26.20
O10 LMG LX . -60.63 19.79 26.19
C29 LMG LX . -60.44 17.78 24.93
C30 LMG LX . -60.96 18.64 23.78
C31 LMG LX . -61.12 17.79 22.53
C32 LMG LX . -62.09 16.65 22.78
C33 LMG LX . -61.64 15.39 22.04
C34 LMG LX . -61.49 15.67 20.54
C35 LMG LX . -60.66 14.58 19.87
C36 LMG LX . -61.25 13.23 20.19
C37 LMG LX . -60.63 12.12 19.81
C38 LMG LX . -59.33 12.17 19.06
C39 LMG LX . -58.98 10.78 18.59
C40 LMG LX . -57.80 10.54 18.02
C41 LMG LX . -56.79 11.63 17.83
C42 LMG LX . -55.44 11.02 17.49
C43 LMG LX . -54.83 10.26 18.39
C1 SPH MX . -51.07 15.40 50.14
O1 SPH MX . -52.25 16.14 50.32
C2 SPH MX . -50.19 16.06 49.09
N2 SPH MX . -49.67 17.31 49.61
C3 SPH MX . -49.01 15.14 48.72
O3 SPH MX . -49.21 13.86 49.22
C4 SPH MX . -48.89 15.08 47.20
C5 SPH MX . -47.70 15.19 46.61
C6 SPH MX . -47.57 15.13 45.10
C7 SPH MX . -46.11 14.92 44.72
C8 SPH MX . -45.97 13.88 43.61
C9 SPH MX . -45.81 14.59 42.25
C10 SPH MX . -44.73 13.90 41.43
C11 SPH MX . -44.37 14.78 40.23
C12 SPH MX . -42.93 14.49 39.79
C13 SPH MX . -42.23 15.79 39.39
C14 SPH MX . -41.53 15.61 38.05
C15 SPH MX . -40.44 16.67 37.91
C16 SPH MX . -39.66 16.44 36.61
C17 SPH MX . -40.23 17.33 35.51
C18 SPH MX . -40.11 18.80 35.90
NA NA NX . -68.66 -13.49 38.48
MG CLA OX . -33.19 -64.90 14.00
CHA CLA OX . -33.45 -68.24 14.85
CHB CLA OX . -29.76 -65.13 13.84
CHC CLA OX . -33.10 -61.74 13.04
CHD CLA OX . -36.72 -64.64 14.19
NA CLA OX . -31.73 -66.53 14.31
C1A CLA OX . -32.01 -67.79 14.66
C2A CLA OX . -30.74 -68.60 14.85
C3A CLA OX . -29.63 -67.59 14.50
C4A CLA OX . -30.40 -66.34 14.20
CMA CLA OX . -28.37 -67.52 15.37
CAA CLA OX . -30.64 -69.88 14.00
CBA CLA OX . -30.59 -69.63 12.50
CGA CLA OX . -31.15 -70.86 11.81
O1A CLA OX . -31.75 -70.73 10.76
O2A CLA OX . -30.97 -72.03 12.37
NB CLA OX . -31.67 -63.63 13.51
C1B CLA OX . -30.32 -63.89 13.53
C2B CLA OX . -29.59 -62.70 13.16
C3B CLA OX . -30.55 -61.73 12.95
C4B CLA OX . -31.85 -62.35 13.17
CMB CLA OX . -28.10 -62.53 13.04
CAB CLA OX . -30.28 -60.33 12.53
CBB CLA OX . -30.85 -59.14 13.27
NC CLA OX . -34.67 -63.46 13.59
C1C CLA OX . -34.40 -62.20 13.28
C2C CLA OX . -35.61 -61.33 13.21
C3C CLA OX . -36.63 -62.19 13.51
C4C CLA OX . -36.04 -63.50 13.75
CMC CLA OX . -35.66 -59.87 12.91
CAC CLA OX . -38.09 -61.82 13.58
CBC CLA OX . -38.38 -61.18 14.92
ND CLA OX . -34.75 -66.06 14.39
C1D CLA OX . -36.10 -65.88 14.46
C2D CLA OX . -36.79 -67.11 14.86
C3D CLA OX . -35.74 -68.02 15.00
C4D CLA OX . -34.53 -67.37 14.73
CMD CLA OX . -38.22 -67.48 15.09
CAD CLA OX . -35.47 -69.40 15.36
OBD CLA OX . -36.22 -70.12 16.00
CBD CLA OX . -34.00 -69.61 15.22
CGD CLA OX . -33.43 -70.08 16.53
O1D CLA OX . -33.82 -69.59 17.59
O2D CLA OX . -32.50 -71.02 16.55
CED CLA OX . -32.89 -72.27 17.13
C1 CLA OX . -31.82 -73.17 11.99
C2 CLA OX . -33.29 -73.21 12.33
C3 CLA OX . -33.94 -74.38 12.45
C4 CLA OX . -33.24 -75.69 12.26
C5 CLA OX . -35.41 -74.44 12.79
C6 CLA OX . -36.22 -74.15 11.53
C7 CLA OX . -37.35 -73.16 11.84
C8 CLA OX . -36.80 -71.85 12.38
C9 CLA OX . -37.82 -71.17 13.28
C10 CLA OX . -36.41 -70.95 11.21
C11 CLA OX . -35.11 -70.18 11.50
C12 CLA OX . -35.37 -68.69 11.56
C13 CLA OX . -34.53 -67.88 10.57
C14 CLA OX . -34.36 -68.59 9.23
C15 CLA OX . -33.18 -67.55 11.22
C16 CLA OX . -32.55 -66.26 10.69
C17 CLA OX . -31.39 -66.54 9.74
C18 CLA OX . -30.34 -65.43 9.79
C19 CLA OX . -29.06 -65.95 10.42
C20 CLA OX . -30.07 -64.86 8.41
MG CLA PX . -30.46 -55.65 17.39
CHA CLA PX . -31.87 -52.68 18.44
CHB CLA PX . -31.98 -57.35 19.98
CHC CLA PX . -29.14 -58.44 16.24
CHD CLA PX . -28.90 -53.90 14.74
NA CLA PX . -31.81 -55.10 19.05
C1A CLA PX . -32.26 -53.86 19.31
C2A CLA PX . -33.06 -53.83 20.59
C3A CLA PX . -33.09 -55.32 21.02
C4A CLA PX . -32.26 -55.98 19.98
CMA CLA PX . -32.93 -55.68 22.49
CAA CLA PX . -34.46 -53.26 20.45
CBA CLA PX . -34.79 -52.42 21.67
CGA CLA PX . -35.17 -50.97 21.40
O1A CLA PX . -34.74 -50.12 22.15
O2A CLA PX . -36.02 -50.63 20.45
NB CLA PX . -30.55 -57.59 18.00
C1B CLA PX . -31.22 -58.11 19.07
C2B CLA PX . -30.97 -59.53 19.15
C3B CLA PX . -30.17 -59.83 18.09
C4B CLA PX . -29.90 -58.59 17.37
CMB CLA PX . -31.52 -60.46 20.20
CAB CLA PX . -29.61 -61.14 17.67
CBB CLA PX . -30.49 -62.34 17.42
NC CLA PX . -29.28 -56.11 15.71
C1C CLA PX . -28.77 -57.31 15.48
C2C CLA PX . -27.79 -57.33 14.36
C3C CLA PX . -27.76 -56.03 13.93
C4C CLA PX . -28.68 -55.28 14.79
CMC CLA PX . -27.03 -58.51 13.84
CAC CLA PX . -26.91 -55.46 12.82
CBC CLA PX . -25.50 -55.22 13.29
ND CLA PX . -30.34 -53.81 16.69
C1D CLA PX . -29.73 -53.19 15.64
C2D CLA PX . -30.02 -51.76 15.60
C3D CLA PX . -30.86 -51.58 16.69
C4D CLA PX . -31.05 -52.81 17.33
CMD CLA PX . -29.62 -50.62 14.69
CAD CLA PX . -31.61 -50.57 17.40
OBD CLA PX . -31.64 -49.38 17.14
CBD CLA PX . -32.20 -51.23 18.61
CGD CLA PX . -31.47 -50.74 19.83
O1D CLA PX . -30.28 -50.52 19.79
O2D CLA PX . -32.12 -50.53 20.96
CED CLA PX . -31.70 -49.33 21.62
C1 CLA PX . -35.69 -50.28 19.07
C2 CLA PX . -35.69 -48.89 18.51
C3 CLA PX . -36.62 -48.55 17.60
C4 CLA PX . -37.66 -49.53 17.15
C5 CLA PX . -36.69 -47.18 16.98
C6 CLA PX . -35.98 -47.15 15.64
C7 CLA PX . -36.54 -46.05 14.74
C8 CLA PX . -36.60 -44.70 15.46
C9 CLA PX . -37.96 -44.05 15.27
C10 CLA PX . -35.48 -43.82 14.94
C11 CLA PX . -35.41 -42.52 15.74
C12 CLA PX . -34.88 -41.38 14.88
C13 CLA PX . -35.75 -41.15 13.64
C14 CLA PX . -35.06 -40.21 12.65
C15 CLA PX . -37.11 -40.61 14.06
C16 CLA PX . -37.00 -39.19 14.62
C17 CLA PX . -37.93 -38.98 15.81
C18 CLA PX . -39.39 -39.00 15.39
C19 CLA PX . -40.30 -38.82 16.60
C20 CLA PX . -39.68 -37.94 14.34
MG CLA QX . -24.69 -50.78 23.16
CHA CLA QX . -26.33 -51.01 26.18
CHB CLA QX . -27.66 -51.09 21.45
CHC CLA QX . -22.99 -50.51 20.34
CHD CLA QX . -21.63 -50.41 24.93
NA CLA QX . -26.80 -51.02 23.74
C1A CLA QX . -27.26 -51.09 24.99
C2A CLA QX . -28.76 -51.25 25.03
C3A CLA QX . -29.12 -51.29 23.54
C4A CLA QX . -27.80 -51.12 22.85
CMA CLA QX . -30.11 -52.34 23.05
CAA CLA QX . -29.42 -50.02 25.63
CBA CLA QX . -28.68 -48.73 25.31
CGA CLA QX . -29.53 -47.85 24.42
O1A CLA QX . -30.75 -48.04 24.43
O2A CLA QX . -28.98 -46.91 23.69
NB CLA QX . -25.24 -50.79 21.20
C1B CLA QX . -26.49 -50.94 20.68
C2B CLA QX . -26.42 -50.92 19.24
C3B CLA QX . -25.10 -50.75 18.94
C4B CLA QX . -24.37 -50.68 20.19
CMB CLA QX . -27.56 -51.05 18.25
CAB CLA QX . -24.46 -50.67 17.61
CBB CLA QX . -24.57 -51.83 16.65
NC CLA QX . -22.67 -50.41 22.71
C1C CLA QX . -22.18 -50.39 21.48
C2C CLA QX . -20.71 -50.25 21.46
C3C CLA QX . -20.36 -50.17 22.77
C4C CLA QX . -21.58 -50.28 23.55
CMC CLA QX . -19.77 -50.20 20.28
CAC CLA QX . -18.95 -50.01 23.29
CBC CLA QX . -18.72 -48.56 23.61
ND CLA QX . -24.03 -50.70 25.03
C1D CLA QX . -22.84 -50.57 25.66
C2D CLA QX . -22.97 -50.61 27.11
C3D CLA QX . -24.33 -50.78 27.30
C4D CLA QX . -24.95 -50.84 26.05
CMD CLA QX . -22.00 -50.52 28.27
CAD CLA QX . -25.33 -50.93 28.33
OBD CLA QX . -25.09 -51.30 29.47
CBD CLA QX . -26.65 -51.09 27.65
CGD CLA QX . -27.22 -52.44 27.96
O1D CLA QX . -26.69 -53.45 27.55
O2D CLA QX . -28.31 -52.53 28.72
CED CLA QX . -28.10 -53.00 30.04
C1 CLA QX . -29.22 -46.80 22.25
C2 CLA QX . -28.13 -47.11 21.24
C3 CLA QX . -28.36 -47.19 19.92
C4 CLA QX . -29.74 -47.02 19.36
C5 CLA QX . -27.23 -47.49 18.96
C6 CLA QX . -27.65 -47.39 17.49
C7 CLA QX . -26.47 -46.98 16.62
C8 CLA QX . -26.60 -47.51 15.20
C9 CLA QX . -25.23 -47.87 14.64
C10 CLA QX . -27.32 -46.45 14.34
C11 CLA QX . -27.04 -46.59 12.84
C12 CLA QX . -26.88 -45.20 12.21
C13 CLA QX . -27.79 -44.96 11.02
C14 CLA QX . -27.97 -43.46 10.78
C15 CLA QX . -29.15 -45.63 11.22
C16 CLA QX . -30.07 -45.43 10.03
C17 CLA QX . -29.56 -46.19 8.80
C18 CLA QX . -30.69 -46.84 8.01
C19 CLA QX . -31.89 -45.90 7.85
C20 CLA QX . -30.21 -47.29 6.64
MG CLA RX . -26.09 -38.99 27.84
CHA CLA RX . -26.15 -42.43 28.11
CHB CLA RX . -25.79 -38.63 31.24
CHC CLA RX . -25.84 -35.72 27.42
CHD CLA RX . -26.37 -39.32 24.33
NA CLA RX . -25.97 -40.39 29.53
C1A CLA RX . -26.00 -41.73 29.45
C2A CLA RX . -25.84 -42.37 30.80
C3A CLA RX . -25.74 -41.14 31.74
C4A CLA RX . -25.84 -39.97 30.81
CMA CLA RX . -26.43 -41.08 33.08
CAA CLA RX . -24.53 -43.15 30.86
CBA CLA RX . -23.42 -42.42 30.09
CGA CLA RX . -22.19 -43.23 29.71
O1A CLA RX . -21.34 -42.65 29.05
O2A CLA RX . -22.05 -44.50 30.07
NB CLA RX . -25.83 -37.43 29.13
C1B CLA RX . -25.83 -37.44 30.48
C2B CLA RX . -25.79 -36.08 30.97
C3B CLA RX . -25.80 -35.29 29.87
C4B CLA RX . -25.83 -36.16 28.73
CMB CLA RX . -25.77 -35.58 32.38
CAB CLA RX . -25.79 -33.81 29.80
CBB CLA RX . -24.52 -33.09 29.39
NC CLA RX . -26.11 -37.73 26.16
C1C CLA RX . -25.99 -36.43 26.23
C2C CLA RX . -26.04 -35.75 24.93
C3C CLA RX . -26.19 -36.79 24.05
C4C CLA RX . -26.25 -38.02 24.82
CMC CLA RX . -25.90 -34.28 24.74
CAC CLA RX . -26.30 -36.72 22.56
CBC CLA RX . -27.78 -36.71 22.28
ND CLA RX . -26.19 -40.42 26.48
C1D CLA RX . -26.35 -40.49 25.13
C2D CLA RX . -26.53 -41.84 24.65
C3D CLA RX . -26.44 -42.59 25.82
C4D CLA RX . -26.25 -41.74 26.90
CMD CLA RX . -26.75 -42.46 23.29
CAD CLA RX . -26.50 -43.94 26.29
OBD CLA RX . -26.97 -44.88 25.65
CBD CLA RX . -26.18 -43.92 27.76
CGD CLA RX . -27.21 -44.70 28.52
O1D CLA RX . -26.93 -45.22 29.60
O2D CLA RX . -28.44 -44.86 28.04
CED CLA RX . -29.15 -45.99 28.54
C1 CLA RX . -20.78 -45.19 29.86
C2 CLA RX . -20.17 -45.43 28.49
C3 CLA RX . -19.19 -46.31 28.29
C4 CLA RX . -18.61 -47.12 29.42
C5 CLA RX . -18.59 -46.55 26.93
C6 CLA RX . -17.13 -46.13 26.93
C7 CLA RX . -16.35 -46.88 25.85
C8 CLA RX . -15.16 -47.70 26.36
C9 CLA RX . -15.27 -48.05 27.85
C10 CLA RX . -13.86 -46.97 26.07
C11 CLA RX . -12.72 -47.94 25.83
C12 CLA RX . -12.28 -47.95 24.37
C13 CLA RX . -11.00 -48.77 24.19
C14 CLA RX . -9.81 -48.04 24.78
C15 CLA RX . -10.78 -49.08 22.71
C16 CLA RX . -10.07 -50.42 22.52
C17 CLA RX . -11.08 -51.58 22.55
C18 CLA RX . -10.40 -52.86 23.02
C19 CLA RX . -10.62 -53.09 24.51
C20 CLA RX . -10.87 -54.05 22.20
MG CLA SX . -17.82 -44.64 31.94
CHA CLA SX . -20.86 -44.07 33.48
CHB CLA SX . -17.58 -47.72 33.45
CHC CLA SX . -14.95 -45.10 30.37
CHD CLA SX . -18.10 -41.49 30.37
NA CLA SX . -19.08 -45.80 33.32
C1A CLA SX . -20.27 -45.42 33.83
C2A CLA SX . -20.85 -46.45 34.74
C3A CLA SX . -19.79 -47.56 34.72
C4A CLA SX . -18.75 -47.03 33.78
CMA CLA SX . -19.32 -48.12 36.04
CAA CLA SX . -22.18 -47.03 34.19
CBA CLA SX . -22.25 -47.11 32.67
CGA CLA SX . -23.70 -47.11 32.21
O1A CLA SX . -24.52 -47.68 32.91
O2A CLA SX . -24.06 -46.51 31.08
NB CLA SX . -16.47 -46.17 31.91
C1B CLA SX . -16.53 -47.35 32.59
C2B CLA SX . -15.35 -48.14 32.28
C3B CLA SX . -14.62 -47.38 31.42
C4B CLA SX . -15.35 -46.14 31.19
CMB CLA SX . -15.09 -49.51 32.85
CAB CLA SX . -13.31 -47.64 30.74
CBB CLA SX . -12.21 -48.53 31.26
NC CLA SX . -16.76 -43.52 30.51
C1C CLA SX . -15.57 -43.86 30.05
C2C CLA SX . -14.96 -42.82 29.20
C3C CLA SX . -15.89 -41.82 29.16
C4C CLA SX . -17.01 -42.27 29.99
CMC CLA SX . -13.61 -42.88 28.52
CAC CLA SX . -15.80 -40.50 28.44
CBC CLA SX . -16.56 -40.58 27.13
ND CLA SX . -19.09 -43.12 31.87
C1D CLA SX . -19.14 -41.91 31.24
C2D CLA SX . -20.33 -41.17 31.60
C3D CLA SX . -20.99 -42.02 32.47
C4D CLA SX . -20.24 -43.18 32.62
CMD CLA SX . -20.88 -39.83 31.21
CAD CLA SX . -22.20 -42.11 33.28
OBD CLA SX . -22.88 -41.17 33.63
CBD CLA SX . -22.16 -43.45 33.95
CGD CLA SX . -22.17 -43.27 35.43
O1D CLA SX . -22.96 -43.86 36.13
O2D CLA SX . -21.28 -42.46 36.01
CED CLA SX . -20.34 -43.10 36.87
C1 CLA SX . -24.32 -47.24 29.83
C2 CLA SX . -23.54 -46.95 28.57
C3 CLA SX . -24.02 -47.04 27.32
C4 CLA SX . -25.44 -47.46 27.06
C5 CLA SX . -23.15 -46.72 26.13
C6 CLA SX . -23.88 -46.70 24.78
C7 CLA SX . -22.87 -46.77 23.63
C8 CLA SX . -23.50 -46.55 22.26
C9 CLA SX . -24.70 -47.47 22.06
C10 CLA SX . -22.45 -46.75 21.16
C11 CLA SX . -23.06 -46.85 19.77
C12 CLA SX . -22.08 -46.43 18.67
C13 CLA SX . -21.20 -47.58 18.18
C14 CLA SX . -19.84 -47.08 17.70
C15 CLA SX . -21.88 -48.38 17.07
C16 CLA SX . -21.13 -49.69 16.86
C17 CLA SX . -21.40 -50.32 15.49
C18 CLA SX . -21.23 -51.84 15.53
C19 CLA SX . -21.80 -52.49 14.28
C20 CLA SX . -19.78 -52.24 15.75
MG CLA TX . -17.33 -55.27 33.21
CHA CLA TX . -16.85 -55.91 36.56
CHB CLA TX . -18.49 -52.11 33.94
CHC CLA TX . -17.62 -54.70 29.97
CHD CLA TX . -16.13 -58.52 32.47
NA CLA TX . -17.63 -54.10 35.06
C1A CLA TX . -17.38 -54.53 36.29
C2A CLA TX . -17.67 -53.46 37.32
C3A CLA TX . -18.21 -52.31 36.47
C4A CLA TX . -18.11 -52.84 35.07
CMA CLA TX . -19.46 -51.61 36.93
CAA CLA TX . -16.39 -52.94 37.96
CBA CLA TX . -15.16 -53.03 37.05
CGA CLA TX . -14.74 -51.72 36.42
O1A CLA TX . -14.45 -51.73 35.24
O2A CLA TX . -14.70 -50.62 37.15
NB CLA TX . -17.94 -53.65 32.12
C1B CLA TX . -18.44 -52.47 32.58
C2B CLA TX . -18.86 -51.64 31.48
C3B CLA TX . -18.61 -52.40 30.35
C4B CLA TX . -18.03 -53.66 30.79
CMB CLA TX . -19.47 -50.27 31.57
CAB CLA TX . -18.85 -52.06 28.93
CBB CLA TX . -18.31 -50.80 28.31
NC CLA TX . -16.94 -56.42 31.50
C1C CLA TX . -17.10 -55.98 30.26
C2C CLA TX . -16.67 -56.96 29.26
C3C CLA TX . -16.24 -58.04 29.97
C4C CLA TX . -16.41 -57.70 31.38
CMC CLA TX . -16.67 -56.79 27.76
CAC CLA TX . -15.69 -59.33 29.41
CBC CLA TX . -14.17 -59.34 29.48
ND CLA TX . -16.67 -56.87 34.17
C1D CLA TX . -16.18 -58.09 33.82
C2D CLA TX . -15.74 -58.86 34.99
C3D CLA TX . -16.01 -58.00 36.05
C4D CLA TX . -16.55 -56.81 35.55
CMD CLA TX . -15.14 -60.23 35.17
CAD CLA TX . -15.91 -57.89 37.49
OBD CLA TX . -15.28 -58.61 38.23
CBD CLA TX . -16.59 -56.61 37.88
CGD CLA TX . -17.90 -56.94 38.51
O1D CLA TX . -18.34 -58.08 38.45
O2D CLA TX . -18.62 -56.02 39.15
CED CLA TX . -19.07 -56.37 40.45
C1 CLA TX . -14.50 -49.30 36.55
C2 CLA TX . -13.21 -48.92 35.84
C3 CLA TX . -13.04 -47.72 35.24
C4 CLA TX . -14.11 -46.69 35.22
C5 CLA TX . -11.76 -47.35 34.54
C6 CLA TX . -10.69 -46.91 35.53
C7 CLA TX . -9.35 -46.65 34.86
C8 CLA TX . -8.19 -46.86 35.84
C9 CLA TX . -8.43 -46.08 37.13
C10 CLA TX . -6.88 -46.46 35.20
C11 CLA TX . -5.70 -47.26 35.76
C12 CLA TX . -4.79 -46.37 36.61
C13 CLA TX . -3.43 -47.02 36.85
C14 CLA TX . -3.13 -47.03 38.35
C15 CLA TX . -2.36 -46.29 36.03
C16 CLA TX . -0.99 -46.25 36.68
C17 CLA TX . 0.00 -47.18 35.98
C18 CLA TX . 1.01 -47.75 36.97
C19 CLA TX . 0.33 -48.67 37.98
C20 CLA TX . 2.14 -48.48 36.24
MG CLA UX . -28.42 -32.87 37.22
CHA CLA UX . -29.72 -33.04 40.44
CHB CLA UX . -31.20 -34.47 35.95
CHC CLA UX . -27.10 -32.60 34.20
CHD CLA UX . -25.59 -31.20 38.53
NA CLA UX . -30.29 -33.68 38.08
C1A CLA UX . -30.63 -33.65 39.38
C2A CLA UX . -31.98 -34.28 39.59
C3A CLA UX . -32.39 -34.74 38.18
C4A CLA UX . -31.24 -34.28 37.34
CMA CLA UX . -32.94 -36.15 38.01
CAA CLA UX . -32.96 -33.21 40.10
CBA CLA UX . -33.83 -32.49 39.06
CGA CLA UX . -33.12 -31.29 38.46
O1A CLA UX . -32.30 -31.46 37.59
O2A CLA UX . -33.42 -30.08 38.89
NB CLA UX . -29.05 -33.44 35.37
C1B CLA UX . -30.19 -34.09 35.03
C2B CLA UX . -30.25 -34.30 33.61
C3B CLA UX . -29.08 -33.78 33.11
C4B CLA UX . -28.33 -33.24 34.25
CMB CLA UX . -31.39 -34.98 32.90
CAB CLA UX . -28.54 -33.68 31.73
CBB CLA UX . -28.97 -34.53 30.55
NC CLA UX . -26.69 -31.93 36.47
C1C CLA UX . -26.29 -32.04 35.22
C2C CLA UX . -24.93 -31.50 34.99
C3C CLA UX . -24.53 -31.06 36.22
C4C CLA UX . -25.64 -31.34 37.15
CMC CLA UX . -24.19 -31.49 33.69
CAC CLA UX . -23.21 -30.43 36.56
CBC CLA UX . -23.36 -28.92 36.63
ND CLA UX . -27.74 -32.24 38.97
C1D CLA UX . -26.62 -31.60 39.41
C2D CLA UX . -26.64 -31.41 40.86
C3D CLA UX . -27.86 -31.97 41.24
C4D CLA UX . -28.50 -32.47 40.11
CMD CLA UX . -25.70 -30.78 41.85
CAD CLA UX . -28.67 -32.22 42.40
OBD CLA UX . -28.48 -31.76 43.52
CBD CLA UX . -29.91 -32.93 41.94
CGD CLA UX . -29.95 -34.26 42.65
O1D CLA UX . -30.90 -35.03 42.54
O2D CLA UX . -28.95 -34.62 43.45
CED CLA UX . -28.37 -35.91 43.20
C1 CLA UX . -34.22 -29.14 38.10
C2 CLA UX . -34.18 -29.06 36.59
C3 CLA UX . -34.18 -27.88 35.95
C4 CLA UX . -34.19 -26.58 36.69
C5 CLA UX . -34.16 -27.82 34.43
C6 CLA UX . -33.48 -26.55 33.91
C7 CLA UX . -33.48 -26.53 32.38
C8 CLA UX . -32.17 -26.02 31.80
C9 CLA UX . -30.96 -26.62 32.51
C10 CLA UX . -32.15 -24.49 31.84
C11 CLA UX . -30.76 -23.91 31.60
C12 CLA UX . -30.71 -22.95 30.42
C13 CLA UX . -30.79 -21.48 30.84
C14 CLA UX . -30.38 -20.57 29.68
C15 CLA UX . -29.92 -21.21 32.07
C16 CLA UX . -30.29 -19.86 32.70
C17 CLA UX . -30.72 -20.02 34.16
C18 CLA UX . -30.00 -19.03 35.07
C19 CLA UX . -30.72 -17.68 35.11
C20 CLA UX . -29.86 -19.60 36.47
MG CLA VX . -29.14 -36.68 6.30
CHA CLA VX . -25.92 -37.03 5.03
CHB CLA VX . -29.77 -34.16 4.06
CHC CLA VX . -32.24 -36.45 7.52
CHD CLA VX . -28.52 -39.30 8.55
NA CLA VX . -27.98 -35.68 4.69
C1A CLA VX . -26.73 -35.95 4.33
C2A CLA VX . -26.28 -35.06 3.19
C3A CLA VX . -27.52 -34.16 2.94
C4A CLA VX . -28.48 -34.69 3.94
CMA CLA VX . -27.40 -32.66 2.81
CAA CLA VX . -25.91 -35.88 1.94
CBA CLA VX . -27.05 -36.23 0.98
CGA CLA VX . -27.94 -37.31 1.56
O1A CLA VX . -27.53 -38.46 1.64
O2A CLA VX . -29.14 -36.96 1.96
NB CLA VX . -30.74 -35.51 5.86
C1B CLA VX . -30.79 -34.53 4.94
C2B CLA VX . -32.07 -33.90 4.96
C3B CLA VX . -32.79 -34.53 5.92
C4B CLA VX . -31.92 -35.56 6.50
CMB CLA VX . -32.41 -32.79 4.03
CAB CLA VX . -34.18 -34.25 6.36
CBB CLA VX . -34.66 -32.85 6.62
NC CLA VX . -30.22 -37.75 7.74
C1C CLA VX . -31.46 -37.44 8.14
C2C CLA VX . -31.91 -38.25 9.29
C3C CLA VX . -30.85 -39.07 9.56
C4C CLA VX . -29.81 -38.75 8.59
CMC CLA VX . -33.25 -38.16 9.99
CAC CLA VX . -30.78 -40.10 10.65
CBC CLA VX . -30.35 -39.42 11.92
ND CLA VX . -27.68 -37.91 6.73
C1D CLA VX . -27.49 -38.90 7.65
C2D CLA VX . -26.13 -39.43 7.59
C3D CLA VX . -25.54 -38.70 6.57
C4D CLA VX . -26.46 -37.79 6.07
CMD CLA VX . -25.40 -40.49 8.36
CAD CLA VX . -24.29 -38.55 5.87
OBD CLA VX . -23.21 -38.84 6.35
CBD CLA VX . -24.50 -37.51 4.80
CGD CLA VX . -23.44 -36.44 4.91
O1D CLA VX . -22.26 -36.74 4.78
O2D CLA VX . -23.72 -35.16 5.12
CED CLA VX . -22.94 -34.26 4.32
C1 CLA VX . -29.95 -37.80 2.81
C2 CLA VX . -30.98 -38.74 2.22
C3 CLA VX . -32.27 -38.65 2.60
C4 CLA VX . -32.72 -37.63 3.61
C5 CLA VX . -33.34 -39.56 2.05
C6 CLA VX . -34.12 -40.17 3.20
C7 CLA VX . -35.30 -40.99 2.70
C8 CLA VX . -35.63 -42.14 3.65
C9 CLA VX . -34.41 -43.03 3.87
C10 CLA VX . -36.79 -42.95 3.07
C11 CLA VX . -37.22 -44.06 4.03
C12 CLA VX . -38.70 -44.33 3.90
C13 CLA VX . -39.04 -45.79 4.21
C14 CLA VX . -40.42 -46.15 3.68
C15 CLA VX . -38.92 -46.04 5.70
C16 CLA VX . -39.81 -45.10 6.52
C17 CLA VX . -40.38 -45.81 7.73
C18 CLA VX . -41.54 -45.04 8.35
C19 CLA VX . -42.35 -45.94 9.29
C20 CLA VX . -41.06 -43.80 9.07
MG CLA WX . -20.78 -50.76 5.79
CHA CLA WX . -19.68 -49.18 2.90
CHB CLA WX . -20.43 -47.87 7.59
CHC CLA WX . -21.94 -52.37 8.44
CHD CLA WX . -21.15 -53.76 3.94
NA CLA WX . -20.13 -48.71 5.31
C1A CLA WX . -19.72 -48.26 4.11
C2A CLA WX . -19.35 -46.81 4.18
C3A CLA WX . -19.55 -46.47 5.66
C4A CLA WX . -20.06 -47.74 6.24
CMA CLA WX . -18.42 -45.78 6.41
CAA CLA WX . -20.31 -46.00 3.31
CBA CLA WX . -21.03 -44.82 4.00
CGA CLA WX . -22.23 -44.39 3.19
O1A CLA WX . -22.06 -43.69 2.20
O2A CLA WX . -23.43 -44.78 3.57
NB CLA WX . -21.13 -50.19 7.71
C1B CLA WX . -20.91 -48.98 8.29
C2B CLA WX . -21.28 -49.03 9.69
C3B CLA WX . -21.69 -50.32 9.91
C4B CLA WX . -21.60 -51.03 8.64
CMB CLA WX . -21.20 -47.92 10.71
CAB CLA WX . -22.18 -50.94 11.16
CBB CLA WX . -23.44 -50.45 11.83
NC CLA WX . -21.49 -52.72 6.11
C1C CLA WX . -21.91 -53.18 7.28
C2C CLA WX . -22.33 -54.59 7.26
C3C CLA WX . -22.13 -54.97 5.96
C4C CLA WX . -21.61 -53.79 5.25
CMC CLA WX . -22.85 -55.40 8.41
CAC CLA WX . -22.39 -56.33 5.35
CBC CLA WX . -21.28 -57.30 5.68
ND CLA WX . -20.53 -51.41 3.94
C1D CLA WX . -20.69 -52.59 3.28
C2D CLA WX . -20.33 -52.48 1.88
C3D CLA WX . -19.94 -51.15 1.74
C4D CLA WX . -20.06 -50.52 2.98
CMD CLA WX . -20.32 -53.45 0.72
CAD CLA WX . -19.46 -50.21 0.76
OBD CLA WX . -19.43 -50.39 -0.45
CBD CLA WX . -19.27 -48.89 1.46
CGD CLA WX . -17.82 -48.48 1.28
O1D CLA WX . -17.41 -47.39 1.63
O2D CLA WX . -16.96 -49.32 0.70
CED CLA WX . -15.90 -49.80 1.52
C1 CLA WX . -24.63 -44.12 3.05
C2 CLA WX . -25.44 -43.15 3.88
C3 CLA WX . -26.52 -42.52 3.39
C4 CLA WX . -26.98 -42.74 1.99
C5 CLA WX . -27.32 -41.54 4.22
C6 CLA WX . -28.78 -41.98 4.21
C7 CLA WX . -29.69 -40.92 4.81
C8 CLA WX . -30.59 -41.46 5.92
C9 CLA WX . -31.08 -42.87 5.63
C10 CLA WX . -31.76 -40.51 6.12
C11 CLA WX . -32.66 -40.98 7.26
C12 CLA WX . -34.13 -40.88 6.89
C13 CLA WX . -35.04 -41.74 7.77
C14 CLA WX . -35.42 -41.00 9.04
C15 CLA WX . -34.38 -43.09 8.07
C16 CLA WX . -35.20 -43.88 9.08
C17 CLA WX . -36.04 -44.94 8.41
C18 CLA WX . -36.62 -45.88 9.46
C19 CLA WX . -37.71 -45.17 10.26
C20 CLA WX . -37.13 -47.17 8.84
MG CLA XX . -18.71 -43.11 10.36
CHA CLA XX . -17.11 -43.43 13.41
CHB CLA XX . -21.77 -43.50 11.88
CHC CLA XX . -20.12 -42.59 7.43
CHD CLA XX . -15.55 -42.72 8.82
NA CLA XX . -19.39 -43.42 12.44
C1A CLA XX . -18.61 -43.53 13.52
C2A CLA XX . -19.42 -43.75 14.77
C3A CLA XX . -20.87 -43.79 14.25
C4A CLA XX . -20.70 -43.54 12.78
CMA CLA XX . -21.80 -44.91 14.67
CAA CLA XX . -19.22 -42.55 15.70
CBA CLA XX . -20.33 -42.37 16.74
CGA CLA XX . -19.70 -42.05 18.08
O1A CLA XX . -18.78 -41.25 18.12
O2A CLA XX . -20.18 -42.63 19.16
NB CLA XX . -20.65 -43.04 9.76
C1B CLA XX . -21.77 -43.29 10.49
C2B CLA XX . -22.93 -43.27 9.64
C3B CLA XX . -22.48 -43.01 8.39
C4B CLA XX . -21.01 -42.86 8.47
CMB CLA XX . -24.34 -43.51 10.09
CAB CLA XX . -23.32 -42.93 7.17
CBB CLA XX . -23.13 -41.92 6.05
NC CLA XX . -17.96 -42.66 8.46
C1C CLA XX . -18.70 -42.53 7.38
C2C CLA XX . -17.92 -42.34 6.14
C3C CLA XX . -16.62 -42.36 6.57
C4C CLA XX . -16.66 -42.56 8.01
CMC CLA XX . -18.43 -42.16 4.74
CAC CLA XX . -15.37 -42.23 5.76
CBC CLA XX . -14.99 -43.55 5.13
ND CLA XX . -16.80 -43.08 10.86
C1D CLA XX . -15.62 -42.90 10.22
C2D CLA XX . -14.47 -42.93 11.13
C3D CLA XX . -15.07 -43.14 12.38
C4D CLA XX . -16.46 -43.22 12.20
CMD CLA XX . -12.99 -42.79 10.94
CAD CLA XX . -14.77 -43.30 13.78
OBD CLA XX . -13.67 -43.24 14.29
CBD CLA XX . -16.05 -43.64 14.48
CGD CLA XX . -16.04 -45.11 14.83
O1D CLA XX . -15.64 -45.49 15.91
O2D CLA XX . -16.48 -46.01 13.95
CED CLA XX . -17.45 -46.93 14.44
C1 CLA XX . -19.27 -43.22 20.14
C2 CLA XX . -18.57 -44.54 19.86
C3 CLA XX . -18.25 -45.37 20.86
C4 CLA XX . -18.56 -45.06 22.29
C5 CLA XX . -17.55 -46.69 20.61
C6 CLA XX . -16.19 -46.70 21.31
C7 CLA XX . -15.25 -45.70 20.64
C8 CLA XX . -14.71 -46.23 19.32
C9 CLA XX . -13.86 -47.47 19.55
C10 CLA XX . -13.92 -45.15 18.61
C11 CLA XX . -14.69 -43.83 18.55
C12 CLA XX . -14.08 -42.87 17.54
C13 CLA XX . -14.12 -41.44 18.07
C14 CLA XX . -15.53 -41.07 18.52
C15 CLA XX . -13.63 -40.46 17.00
C16 CLA XX . -12.37 -40.92 16.29
C17 CLA XX . -11.87 -39.86 15.32
C18 CLA XX . -12.01 -40.32 13.87
C19 CLA XX . -13.43 -40.07 13.35
C20 CLA XX . -11.00 -39.65 12.96
MG CLA YX . -21.02 -27.11 15.70
CHA CLA YX . -19.44 -24.37 14.36
CHB CLA YX . -18.01 -28.74 16.14
CHC CLA YX . -22.67 -29.62 17.05
CHD CLA YX . -24.11 -25.42 15.27
NA CLA YX . -18.90 -26.61 15.31
C1A CLA YX . -18.47 -25.47 14.79
C2A CLA YX . -16.97 -25.44 14.67
C3A CLA YX . -16.57 -26.82 15.21
C4A CLA YX . -17.87 -27.45 15.59
CMA CLA YX . -15.52 -27.64 14.46
CAA CLA YX . -16.40 -24.37 15.60
CBA CLA YX . -17.09 -24.36 16.97
CGA CLA YX . -16.79 -23.08 17.71
O1A CLA YX . -15.68 -22.59 17.65
O2A CLA YX . -17.75 -22.49 18.41
NB CLA YX . -20.42 -28.89 16.49
C1B CLA YX . -19.17 -29.42 16.55
C2B CLA YX . -19.23 -30.75 17.11
C3B CLA YX . -20.56 -31.00 17.37
C4B CLA YX . -21.29 -29.80 16.96
CMB CLA YX . -18.05 -31.64 17.33
CAB CLA YX . -21.23 -32.20 17.93
CBB CLA YX . -20.67 -33.10 19.01
NC CLA YX . -23.04 -27.43 16.12
C1C CLA YX . -23.49 -28.53 16.68
C2C CLA YX . -24.94 -28.50 16.88
C3C CLA YX . -25.35 -27.29 16.40
C4C CLA YX . -24.15 -26.63 15.93
CMC CLA YX . -25.76 -29.56 17.48
CAC CLA YX . -26.77 -26.79 16.38
CBC CLA YX . -27.03 -26.00 17.64
ND CLA YX . -21.71 -25.38 15.04
C1D CLA YX . -22.92 -24.78 14.88
C2D CLA YX . -22.82 -23.48 14.26
C3D CLA YX . -21.46 -23.33 14.06
C4D CLA YX . -20.81 -24.46 14.54
CMD CLA YX . -23.83 -22.45 13.86
CAD CLA YX . -20.48 -22.40 13.54
OBD CLA YX . -20.74 -21.45 12.81
CBD CLA YX . -19.15 -23.08 13.65
CGD CLA YX . -18.68 -23.41 12.27
O1D CLA YX . -19.47 -23.83 11.43
O2D CLA YX . -17.39 -23.27 11.94
CED CLA YX . -17.15 -22.38 10.86
C1 CLA YX . -17.48 -22.02 19.77
C2 CLA YX . -18.57 -21.87 20.82
C3 CLA YX . -18.37 -21.10 21.91
C4 CLA YX . -17.08 -20.40 22.14
C5 CLA YX . -19.42 -20.91 22.98
C6 CLA YX . -20.23 -22.18 23.18
C7 CLA YX . -20.89 -22.19 24.56
C8 CLA YX . -22.10 -23.13 24.58
C9 CLA YX . -23.07 -22.79 23.45
C10 CLA YX . -22.81 -23.05 25.92
C11 CLA YX . -22.05 -23.80 27.00
C12 CLA YX . -22.30 -25.30 26.93
C13 CLA YX . -21.78 -26.08 28.15
C14 CLA YX . -20.56 -25.42 28.79
C15 CLA YX . -21.44 -27.50 27.74
C16 CLA YX . -22.68 -28.39 27.62
C17 CLA YX . -22.79 -28.94 26.21
C18 CLA YX . -23.30 -30.37 26.19
C19 CLA YX . -24.62 -30.50 26.97
C20 CLA YX . -23.48 -30.87 24.76
MG CLA ZX . -15.02 -33.09 17.59
CHA CLA ZX . -16.52 -36.16 18.14
CHB CLA ZX . -15.69 -32.12 20.84
CHC CLA ZX . -13.43 -30.27 16.99
CHD CLA ZX . -14.37 -34.08 14.25
NA CLA ZX . -15.99 -34.04 19.33
C1A CLA ZX . -16.51 -35.26 19.35
C2A CLA ZX . -17.08 -35.60 20.71
C3A CLA ZX . -16.83 -34.32 21.52
C4A CLA ZX . -16.13 -33.42 20.53
CMA CLA ZX . -17.92 -33.76 22.43
CAA CLA ZX . -16.25 -36.73 21.33
CBA CLA ZX . -14.74 -36.51 21.20
CGA CLA ZX . -14.01 -37.80 20.84
O1A CLA ZX . -14.09 -38.23 19.70
O2A CLA ZX . -13.31 -38.41 21.78
NB CLA ZX . -14.61 -31.46 18.75
C1B CLA ZX . -15.01 -31.19 20.03
C2B CLA ZX . -14.57 -29.87 20.40
C3B CLA ZX . -13.95 -29.38 19.30
C4B CLA ZX . -13.98 -30.39 18.26
CMB CLA ZX . -14.76 -29.11 21.68
CAB CLA ZX . -13.33 -28.05 19.16
CBB CLA ZX . -12.08 -27.69 19.93
NC CLA ZX . -14.01 -32.33 15.91
C1C CLA ZX . -13.48 -31.11 15.88
C2C CLA ZX . -12.95 -30.76 14.54
C3C CLA ZX . -13.19 -31.86 13.78
C4C CLA ZX . -13.86 -32.83 14.64
CMC CLA ZX . -12.28 -29.47 14.17
CAC CLA ZX . -12.86 -32.03 12.32
CBC CLA ZX . -13.99 -31.48 11.49
ND CLA ZX . -15.30 -34.66 16.42
C1D CLA ZX . -15.03 -34.97 15.11
C2D CLA ZX . -15.55 -36.29 14.76
C3D CLA ZX . -16.11 -36.74 15.95
C4D CLA ZX . -15.96 -35.77 16.93
CMD CLA ZX . -15.56 -37.12 13.52
CAD CLA ZX . -16.81 -37.88 16.51
OBD CLA ZX . -16.98 -38.95 15.96
CBD CLA ZX . -17.11 -37.55 17.94
CGD CLA ZX . -18.59 -37.53 18.14
O1D CLA ZX . -19.09 -37.72 19.24
O2D CLA ZX . -19.40 -37.31 17.10
CED CLA ZX . -20.45 -36.37 17.35
C1 CLA ZX . -13.60 -39.80 22.11
C2 CLA ZX . -15.01 -40.34 21.97
C3 CLA ZX . -15.55 -41.24 22.80
C4 CLA ZX . -14.78 -41.81 23.96
C5 CLA ZX . -16.96 -41.75 22.61
C6 CLA ZX . -17.94 -40.92 23.44
C7 CLA ZX . -18.38 -39.67 22.67
C8 CLA ZX . -19.38 -38.83 23.46
C9 CLA ZX . -19.60 -37.49 22.77
C10 CLA ZX . -18.92 -38.62 24.90
C11 CLA ZX . -20.09 -38.68 25.87
C12 CLA ZX . -20.37 -40.11 26.33
C13 CLA ZX . -21.83 -40.47 26.13
C14 CLA ZX . -22.66 -40.04 27.33
C15 CLA ZX . -21.97 -41.98 25.90
C16 CLA ZX . -22.03 -42.30 24.40
C17 CLA ZX . -23.20 -41.57 23.76
C18 CLA ZX . -23.13 -41.55 22.24
C19 CLA ZX . -21.78 -41.07 21.74
C20 CLA ZX . -23.46 -42.92 21.64
MG CLA AY . -20.37 -32.11 25.66
CHA CLA AY . -18.89 -29.12 24.76
CHB CLA AY . -21.40 -32.63 22.42
CHC CLA AY . -21.61 -35.03 26.61
CHD CLA AY . -19.34 -31.56 29.00
NA CLA AY . -20.17 -31.00 23.76
C1A CLA AY . -19.58 -29.82 23.60
C2A CLA AY . -19.68 -29.32 22.18
C3A CLA AY . -20.49 -30.43 21.49
C4A CLA AY . -20.70 -31.42 22.60
CMA CLA AY . -21.70 -30.06 20.63
CAA CLA AY . -18.30 -29.23 21.54
CBA CLA AY . -18.29 -29.11 20.02
CGA CLA AY . -18.20 -27.67 19.58
O1A CLA AY . -17.28 -26.98 19.98
O2A CLA AY . -19.11 -27.20 18.75
NB CLA AY . -21.35 -33.59 24.67
C1B CLA AY . -21.70 -33.64 23.35
C2B CLA AY . -22.41 -34.85 23.07
C3B CLA AY . -22.47 -35.52 24.27
C4B CLA AY . -21.78 -34.71 25.27
CMB CLA AY . -22.96 -35.25 21.72
CAB CLA AY . -23.06 -36.83 24.63
CBB CLA AY . -22.99 -38.05 23.74
NC CLA AY . -20.38 -33.16 27.48
C1C CLA AY . -21.02 -34.31 27.67
C2C CLA AY . -21.02 -34.75 29.09
C3C CLA AY . -20.33 -33.77 29.74
C4C CLA AY . -19.95 -32.79 28.74
CMC CLA AY . -21.64 -36.00 29.66
CAC CLA AY . -20.02 -33.70 31.22
CBC CLA AY . -21.19 -33.06 31.94
ND CLA AY . -19.38 -30.76 26.71
C1D CLA AY . -19.02 -30.59 28.01
C2D CLA AY . -18.30 -29.35 28.23
C3D CLA AY . -18.25 -28.78 26.97
C4D CLA AY . -18.90 -29.63 26.06
CMD CLA AY . -17.68 -28.68 29.44
CAD CLA AY . -17.78 -27.61 26.26
OBD CLA AY . -17.48 -26.55 26.77
CBD CLA AY . -18.10 -27.82 24.81
CGD CLA AY . -18.92 -26.66 24.33
O1D CLA AY . -19.89 -26.29 24.97
O2D CLA AY . -18.59 -26.04 23.21
CED CLA AY . -17.78 -24.89 23.36
C1 CLA AY . -20.08 -26.21 19.22
C2 CLA AY . -20.50 -26.20 20.67
C3 CLA AY . -21.78 -26.27 21.04
C4 CLA AY . -22.89 -26.36 20.04
C5 CLA AY . -22.19 -26.24 22.50
C6 CLA AY . -23.19 -27.36 22.78
C7 CLA AY . -24.38 -26.82 23.58
C8 CLA AY . -25.45 -27.90 23.76
C9 CLA AY . -26.42 -27.93 22.59
C10 CLA AY . -26.18 -27.67 25.09
C11 CLA AY . -27.18 -26.54 25.03
C12 CLA AY . -27.12 -25.68 26.30
C13 CLA AY . -27.74 -24.30 26.10
C14 CLA AY . -27.29 -23.64 24.80
C15 CLA AY . -27.38 -23.43 27.31
C16 CLA AY . -28.01 -22.04 27.21
C17 CLA AY . -27.10 -20.98 27.84
C18 CLA AY . -26.88 -19.81 26.89
C19 CLA AY . -26.28 -18.62 27.62
C20 CLA AY . -25.99 -20.20 25.71
MG CLA BY . -11.95 -22.67 23.43
CHA CLA BY . -9.68 -20.71 21.75
CHB CLA BY . -10.01 -25.47 22.85
CHC CLA BY . -14.13 -24.46 25.16
CHD CLA BY . -13.94 -19.81 24.03
NA CLA BY . -10.02 -23.08 22.42
C1A CLA BY . -9.27 -22.17 21.78
C2A CLA BY . -8.04 -22.80 21.16
C3A CLA BY . -8.21 -24.29 21.51
C4A CLA BY . -9.47 -24.31 22.31
CMA CLA BY . -8.04 -25.33 20.42
CAA CLA BY . -6.75 -22.24 21.77
CBA CLA BY . -6.26 -22.94 23.04
CGA CLA BY . -6.93 -22.34 24.27
O1A CLA BY . -6.36 -21.44 24.85
O2A CLA BY . -8.11 -22.79 24.65
NB CLA BY . -12.05 -24.64 23.93
C1B CLA BY . -11.18 -25.64 23.61
C2B CLA BY . -11.64 -26.89 24.16
C3B CLA BY . -12.81 -26.59 24.80
C4B CLA BY . -13.04 -25.17 24.64
CMB CLA BY . -10.96 -28.22 24.02
CAB CLA BY . -13.70 -27.51 25.53
CBB CLA BY . -13.67 -27.54 27.04
NC CLA BY . -13.73 -22.21 24.45
C1C CLA BY . -14.47 -23.10 25.09
C2C CLA BY . -15.68 -22.51 25.72
C3C CLA BY . -15.60 -21.19 25.40
C4C CLA BY . -14.38 -21.00 24.61
CMC CLA BY . -16.72 -23.24 26.52
CAC CLA BY . -16.60 -20.13 25.81
CBC CLA BY . -16.26 -19.66 27.21
ND CLA BY . -11.93 -20.74 23.04
C1D CLA BY . -12.72 -19.67 23.30
C2D CLA BY . -12.17 -18.44 22.76
C3D CLA BY . -10.99 -18.86 22.15
C4D CLA BY . -10.85 -20.23 22.33
CMD CLA BY . -12.63 -16.99 22.74
CAD CLA BY . -9.86 -18.36 21.40
OBD CLA BY . -9.48 -17.21 21.45
CBD CLA BY . -8.96 -19.53 21.12
CGD CLA BY . -8.76 -19.72 19.65
O1D CLA BY . -9.68 -19.58 18.86
O2D CLA BY . -7.56 -20.07 19.18
CED CLA BY . -6.91 -19.12 18.34
C1 CLA BY . -9.03 -21.95 25.39
C2 CLA BY . -9.02 -21.88 26.90
C3 CLA BY . -10.16 -21.80 27.60
C4 CLA BY . -11.49 -21.77 26.90
C5 CLA BY . -10.16 -21.74 29.12
C6 CLA BY . -11.55 -21.55 29.70
C7 CLA BY . -11.69 -22.29 31.03
C8 CLA BY . -12.60 -21.53 31.99
C9 CLA BY . -12.16 -21.74 33.43
C10 CLA BY . -14.06 -21.98 31.77
C11 CLA BY . -14.99 -21.38 32.81
C12 CLA BY . -16.02 -22.41 33.28
C13 CLA BY . -15.75 -22.86 34.70
C14 CLA BY . -14.77 -24.04 34.73
C15 CLA BY . -17.06 -23.22 35.39
C16 CLA BY . -16.81 -23.85 36.76
C17 CLA BY . -17.99 -23.67 37.69
C18 CLA BY . -17.51 -23.45 39.12
C19 CLA BY . -16.62 -22.20 39.19
C20 CLA BY . -18.67 -23.34 40.09
MG CLA CY . -7.23 -43.98 16.98
CHA CLA CY . -9.29 -41.81 18.75
CHB CLA CY . -7.75 -46.44 19.34
CHC CLA CY . -5.35 -45.99 15.17
CHD CLA CY . -6.76 -41.45 14.55
NA CLA CY . -8.41 -44.13 18.86
C1A CLA CY . -9.16 -43.17 19.40
C2A CLA CY . -9.79 -43.61 20.70
C3A CLA CY . -9.27 -45.06 20.85
C4A CLA CY . -8.45 -45.24 19.62
CMA CLA CY . -8.70 -45.55 22.18
CAA CLA CY . -11.31 -43.56 20.61
CBA CLA CY . -12.04 -44.37 21.68
CGA CLA CY . -11.83 -43.81 23.06
O1A CLA CY . -11.63 -42.61 23.21
O2A CLA CY . -11.89 -44.64 24.09
NB CLA CY . -6.66 -45.91 17.21
C1B CLA CY . -6.93 -46.75 18.24
C2B CLA CY . -6.25 -48.01 18.05
C3B CLA CY . -5.58 -47.89 16.88
C4B CLA CY . -5.84 -46.55 16.35
CMB CLA CY . -6.29 -49.21 18.96
CAB CLA CY . -4.72 -48.93 16.26
CBB CLA CY . -4.90 -49.44 14.84
NC CLA CY . -6.26 -43.77 15.14
C1C CLA CY . -5.50 -44.71 14.60
C2C CLA CY . -4.84 -44.27 13.34
C3C CLA CY . -5.26 -42.98 13.17
C4C CLA CY . -6.15 -42.67 14.30
CMC CLA CY . -3.91 -45.08 12.46
CAC CLA CY . -4.88 -42.05 12.04
CBC CLA CY . -3.56 -41.36 12.35
ND CLA CY . -7.83 -42.12 16.62
C1D CLA CY . -7.59 -41.18 15.67
C2D CLA CY . -8.26 -39.92 15.95
C3D CLA CY . -8.92 -40.18 17.16
C4D CLA CY . -8.66 -41.49 17.54
CMD CLA CY . -8.34 -38.59 15.27
CAD CLA CY . -9.78 -39.56 18.14
OBD CLA CY . -10.00 -38.37 18.23
CBD CLA CY . -10.00 -40.56 19.24
CGD CLA CY . -9.30 -40.08 20.48
O1D CLA CY . -8.30 -39.37 20.40
O2D CLA CY . -9.76 -40.43 21.68
CED CLA CY . -9.96 -39.38 22.61
C1 CLA CY . -11.38 -44.29 25.40
C2 CLA CY . -9.92 -44.38 25.76
C3 CLA CY . -9.54 -44.74 27.00
C4 CLA CY . -10.56 -45.07 28.06
C5 CLA CY . -8.10 -44.86 27.41
C6 CLA CY . -7.63 -46.30 27.22
C7 CLA CY . -6.11 -46.43 27.19
C8 CLA CY . -5.48 -45.52 26.15
C9 CLA CY . -5.74 -46.02 24.74
C10 CLA CY . -4.00 -45.35 26.45
C11 CLA CY . -3.16 -46.51 25.93
C12 CLA CY . -1.80 -46.02 25.48
C13 CLA CY . -1.24 -46.90 24.35
C14 CLA CY . 0.00 -47.66 24.82
C15 CLA CY . -0.91 -46.02 23.15
C16 CLA CY . -2.18 -45.49 22.49
C17 CLA CY . -2.21 -45.88 21.02
C18 CLA CY . -3.39 -45.25 20.28
C19 CLA CY . -3.49 -45.83 18.87
C20 CLA CY . -4.69 -45.44 21.04
MG CLA DY . -1.13 -42.10 22.31
CHA CLA DY . 2.17 -42.56 23.14
CHB CLA DY . -2.03 -42.14 25.64
CHC CLA DY . -4.26 -41.69 21.38
CHD CLA DY . -0.21 -42.02 18.88
NA CLA DY . -0.04 -42.31 24.22
C1A CLA DY . 1.27 -42.49 24.35
C2A CLA DY . 1.67 -42.55 25.81
C3A CLA DY . 0.33 -42.45 26.55
C4A CLA DY . -0.66 -42.28 25.43
CMA CLA DY . 0.02 -43.41 27.67
CAA CLA DY . 2.50 -41.32 26.18
CBA CLA DY . 3.16 -41.49 27.54
CGA CLA DY . 4.59 -41.00 27.52
O1A CLA DY . 4.87 -40.02 26.85
O2A CLA DY . 5.47 -41.65 28.26
NB CLA DY . -2.87 -41.94 23.34
C1B CLA DY . -3.07 -41.99 24.70
C2B CLA DY . -4.49 -41.86 24.98
C3B CLA DY . -5.10 -41.74 23.75
C4B CLA DY . -4.05 -41.79 22.74
CMB CLA DY . -5.14 -41.86 26.33
CAB CLA DY . -6.52 -41.59 23.37
CBB CLA DY . -7.58 -42.54 23.89
NC CLA DY . -2.06 -41.78 20.44
C1C CLA DY . -3.36 -41.67 20.30
C2C CLA DY . -3.79 -41.51 18.90
C3C CLA DY . -2.62 -41.53 18.19
C4C CLA DY . -1.55 -41.71 19.17
CMC CLA DY . -5.23 -41.34 18.46
CAC CLA DY . -2.47 -41.38 16.68
CBC CLA DY . -3.00 -42.60 15.95
ND CLA DY . 0.49 -42.25 21.20
C1D CLA DY . 0.79 -42.20 19.87
C2D CLA DY . 2.22 -42.34 19.63
C3D CLA DY . 2.75 -42.49 20.92
C4D CLA DY . 1.70 -42.46 21.84
CMD CLA DY . 3.09 -42.35 18.40
CAD CLA DY . 3.99 -42.68 21.61
OBD CLA DY . 4.97 -43.21 21.13
CBD CLA DY . 3.69 -42.65 23.08
CGD CLA DY . 4.19 -43.90 23.71
O1D CLA DY . 4.89 -43.86 24.71
O2D CLA DY . 3.88 -45.09 23.19
CED CLA DY . 3.33 -46.04 24.08
C1 CLA DY . 6.86 -41.83 27.85
C2 CLA DY . 7.23 -42.00 26.39
C3 CLA DY . 7.81 -43.12 25.96
C4 CLA DY . 8.20 -43.31 24.52
C5 CLA DY . 8.11 -44.28 26.88
C6 CLA DY . 7.03 -45.36 26.68
C7 CLA DY . 6.42 -45.78 28.01
C8 CLA DY . 5.05 -45.13 28.24
C9 CLA DY . 4.96 -44.61 29.67
C10 CLA DY . 3.96 -46.15 27.92
C11 CLA DY . 2.61 -45.82 28.54
C12 CLA DY . 1.56 -46.86 28.18
C13 CLA DY . 0.34 -46.83 29.10
C14 CLA DY . 0.73 -47.11 30.54
C15 CLA DY . -0.69 -47.82 28.55
C16 CLA DY . -1.62 -48.45 29.60
C17 CLA DY . -2.06 -49.84 29.12
C18 CLA DY . -3.17 -50.42 29.98
C19 CLA DY . -4.54 -50.05 29.43
C20 CLA DY . -3.03 -51.94 30.07
C1 BCR EY . -25.15 -24.02 39.34
C2 BCR EY . -26.28 -24.09 38.32
C3 BCR EY . -26.57 -25.50 37.81
C4 BCR EY . -26.81 -26.45 38.97
C5 BCR EY . -25.75 -26.28 40.03
C6 BCR EY . -24.77 -25.40 39.84
C7 BCR EY . -23.38 -25.78 40.16
C8 BCR EY . -22.64 -26.55 39.39
C9 BCR EY . -21.27 -26.95 39.65
C10 BCR EY . -20.43 -27.48 38.59
C11 BCR EY . -19.74 -27.17 37.38
C33 BCR EY . -25.82 -27.09 41.29
C31 BCR EY . -25.61 -23.25 40.57
C32 BCR EY . -23.94 -23.35 38.72
C34 BCR EY . -20.71 -26.83 41.03
C12 BCR EY . -19.18 -26.94 36.34
C13 BCR EY . -18.07 -26.95 35.45
C14 BCR EY . -18.19 -26.47 34.19
C15 BCR EY . -17.09 -26.48 33.27
C16 BCR EY . -16.42 -26.04 32.19
C17 BCR EY . -15.29 -26.56 31.79
C18 BCR EY . -14.56 -26.19 30.70
C19 BCR EY . -13.31 -26.90 30.38
C20 BCR EY . -12.04 -26.88 29.96
C21 BCR EY . -10.76 -27.36 29.59
C22 BCR EY . -9.87 -26.78 28.74
C23 BCR EY . -8.58 -27.43 28.43
C24 BCR EY . -7.41 -26.78 27.76
C25 BCR EY . -6.19 -27.56 27.50
C26 BCR EY . -5.40 -27.95 28.50
C27 BCR EY . -4.84 -29.35 28.45
C28 BCR EY . -4.23 -29.64 27.07
C29 BCR EY . -4.41 -28.53 26.04
C30 BCR EY . -5.80 -27.92 26.07
C35 BCR EY . -16.76 -27.51 35.92
C36 BCR EY . -15.04 -25.08 29.82
C37 BCR EY . -10.22 -25.47 28.10
C38 BCR EY . -5.05 -27.07 29.67
C39 BCR EY . -6.83 -28.87 25.46
C40 BCR EY . -5.73 -26.63 25.26
C1 BCR FY . -26.29 -28.27 30.95
C2 BCR FY . -27.53 -28.57 31.79
C3 BCR FY . -27.29 -28.50 33.30
C4 BCR FY . -26.66 -27.16 33.69
C5 BCR FY . -25.58 -26.75 32.73
C6 BCR FY . -25.22 -27.62 31.79
C7 BCR FY . -23.79 -27.92 31.55
C8 BCR FY . -23.02 -28.37 32.52
C9 BCR FY . -21.61 -28.69 32.43
C10 BCR FY . -20.78 -28.75 33.62
C11 BCR FY . -19.84 -29.53 34.33
C33 BCR FY . -24.95 -25.40 32.82
C31 BCR FY . -26.63 -27.32 29.81
C32 BCR FY . -25.74 -29.57 30.39
C34 BCR FY . -21.01 -28.99 31.09
C12 BCR FY . -19.06 -30.17 34.99
C13 BCR FY . -17.87 -30.91 35.23
C14 BCR FY . -17.42 -31.02 36.52
C15 BCR FY . -16.24 -31.73 36.87
C16 BCR FY . -15.43 -32.28 37.80
C17 BCR FY . -14.31 -32.89 37.51
C18 BCR FY . -13.30 -33.18 38.36
C19 BCR FY . -12.09 -33.86 37.89
C20 BCR FY . -11.00 -34.59 38.19
C21 BCR FY . -9.79 -35.32 38.06
C22 BCR FY . -8.71 -35.27 38.87
C23 BCR FY . -7.52 -36.09 38.63
C24 BCR FY . -6.23 -36.03 39.39
C25 BCR FY . -5.09 -36.90 39.08
C26 BCR FY . -4.29 -36.61 38.04
C27 BCR FY . -3.31 -37.63 37.51
C28 BCR FY . -2.77 -38.50 38.62
C29 BCR FY . -3.91 -39.15 39.38
C30 BCR FY . -4.82 -38.09 40.01
C35 BCR FY . -17.13 -31.58 34.11
C36 BCR FY . -13.41 -32.80 39.81
C37 BCR FY . -8.72 -34.36 40.06
C38 BCR FY . -4.34 -35.28 37.36
C39 BCR FY . -4.19 -37.53 41.28
C40 BCR FY . -6.12 -38.82 40.36
C6 C7Z GY . -8.66 -51.50 33.46
C17 C7Z GY . -7.15 -52.70 31.96
C4 C7Z GY . -8.50 -52.67 35.76
C3 C7Z GY . -8.02 -53.99 34.86
O3 C7Z GY . -8.37 -55.16 35.60
C2 C7Z GY . -8.60 -54.09 33.62
C1 C7Z GY . -8.53 -52.73 32.69
C5 C7Z GY . -9.16 -51.67 34.96
C18 C7Z GY . -10.01 -50.56 35.65
C16 C7Z GY . -9.68 -52.80 31.62
O23 C7Z GY . 3.91 -30.26 27.57
C26 C7Z GY . 4.72 -33.33 28.86
C7 C7Z GY . -8.03 -50.14 32.98
C8 C7Z GY . -8.60 -49.44 31.97
C9 C7Z GY . -7.97 -48.10 31.51
C19 C7Z GY . -8.80 -47.15 30.65
C10 C7Z GY . -6.73 -47.80 31.87
C11 C7Z GY . -6.09 -46.44 31.40
C12 C7Z GY . -4.79 -46.37 31.03
C13 C7Z GY . -4.22 -44.98 30.59
C20 C7Z GY . -5.15 -43.98 29.84
C14 C7Z GY . -2.96 -44.61 30.85
C15 C7Z GY . -2.48 -43.22 30.39
C35 C7Z GY . -1.37 -42.67 30.93
C34 C7Z GY . -0.94 -41.27 30.44
C33 C7Z GY . 0.35 -40.91 30.37
C40 C7Z GY . 1.48 -41.88 30.81
C32 C7Z GY . 0.69 -39.48 29.87
C31 C7Z GY . 1.78 -38.85 30.31
C30 C7Z GY . 2.08 -37.39 29.82
C29 C7Z GY . 3.28 -37.01 29.38
C39 C7Z GY . 4.46 -37.96 29.34
C28 C7Z GY . 3.46 -35.51 28.93
C27 C7Z GY . 4.56 -34.84 29.29
C21 C7Z GY . 5.41 -32.95 27.59
C36 C7Z GY . 6.65 -33.86 27.44
C37 C7Z GY . 4.47 -33.22 26.39
C22 C7Z GY . 5.92 -31.36 27.51
C23 C7Z GY . 5.16 -30.45 28.20
C24 C7Z GY . 4.87 -30.94 29.82
C25 C7Z GY . 4.19 -32.19 29.87
C38 C7Z GY . 3.47 -32.62 31.19
O6 SQD HY . 0.74 -22.20 22.24
C44 SQD HY . -0.06 -23.16 22.91
C45 SQD HY . -0.87 -22.45 24.04
C46 SQD HY . -1.98 -23.34 24.63
O47 SQD HY . 0.04 -22.13 25.09
C7 SQD HY . 0.36 -23.08 26.03
O49 SQD HY . 0.80 -24.15 25.75
C8 SQD HY . 0.16 -22.51 27.41
C9 SQD HY . 0.21 -20.98 27.37
C10 SQD HY . -0.11 -20.34 28.72
C11 SQD HY . -1.62 -20.15 28.91
C12 SQD HY . -1.97 -20.00 30.39
C13 SQD HY . -2.69 -21.24 30.95
C14 SQD HY . -2.84 -21.20 32.47
C15 SQD HY . -3.43 -19.88 32.96
C16 SQD HY . -4.33 -20.07 34.20
C17 SQD HY . -3.64 -20.90 35.29
O48 SQD HY . -2.68 -22.58 25.59
C23 SQD HY . -3.15 -23.25 26.68
O10 SQD HY . -2.58 -24.24 27.09
C24 SQD HY . -4.42 -22.64 27.24
C25 SQD HY . -4.75 -23.25 28.61
C26 SQD HY . -6.24 -23.56 28.76
C27 SQD HY . -6.74 -23.39 30.20
C28 SQD HY . -7.62 -24.57 30.64
C29 SQD HY . -8.54 -24.18 31.81
C30 SQD HY . -9.26 -25.40 32.41
C31 SQD HY . -10.14 -25.00 33.62
C1 SQD HY . 2.11 -22.30 22.53
C2 SQD HY . 2.49 -20.98 23.28
O2 SQD HY . 2.41 -19.90 22.42
C3 SQD HY . 3.92 -21.12 23.86
O3 SQD HY . 4.05 -20.07 24.76
C4 SQD HY . 4.10 -22.47 24.60
O4 SQD HY . 5.45 -22.57 24.99
C5 SQD HY . 3.65 -23.62 23.68
C6 SQD HY . 3.78 -24.95 24.38
O5 SQD HY . 2.29 -23.40 23.38
S SQD HY . 5.25 -25.89 23.94
O7 SQD HY . 4.90 -26.44 22.66
O8 SQD HY . 6.27 -24.88 23.89
O9 SQD HY . 5.42 -26.87 24.95
C1 LMG IY . -32.01 -28.89 44.99
O1 LMG IY . -32.07 -28.51 43.62
C2 LMG IY . -33.35 -28.59 45.66
O2 LMG IY . -33.67 -27.20 45.55
C3 LMG IY . -33.32 -29.00 47.13
O3 LMG IY . -34.64 -28.92 47.65
C4 LMG IY . -32.79 -30.41 47.33
O4 LMG IY . -33.80 -31.35 46.99
C5 LMG IY . -31.52 -30.67 46.50
O5 LMG IY . -30.41 -32.47 45.33
C6 LMG IY . -31.16 -32.15 46.51
O6 LMG IY . -31.72 -30.27 45.13
C7 LMG IY . -31.58 -29.50 42.73
C8 LMG IY . -31.05 -28.84 41.47
C9 LMG IY . -30.20 -27.65 41.92
O7 LMG IY . -30.32 -29.81 40.71
C10 LMG IY . -29.65 -29.35 39.66
O9 LMG IY . -28.45 -29.19 39.73
C11 LMG IY . -30.36 -28.98 38.38
C12 LMG IY . -29.59 -29.59 37.22
C13 LMG IY . -30.11 -29.08 35.88
C14 LMG IY . -30.17 -30.20 34.86
C15 LMG IY . -31.62 -30.46 34.45
C16 LMG IY . -31.70 -31.22 33.13
C17 LMG IY . -30.89 -30.51 32.05
C18 LMG IY . -30.87 -31.37 30.80
C19 LMG IY . -30.72 -30.81 29.60
C20 LMG IY . -30.56 -29.31 29.47
C21 LMG IY . -30.50 -28.91 28.02
C22 LMG IY . -31.61 -28.83 27.30
C23 LMG IY . -31.50 -28.43 25.84
C24 LMG IY . -30.65 -27.19 25.72
C25 LMG IY . -31.11 -26.01 26.13
O8 LMG IY . -29.94 -26.69 40.90
C28 LMG IY . -30.81 -25.74 40.58
O10 LMG IY . -31.91 -25.71 41.11
C29 LMG IY . -30.42 -24.69 39.56
C30 LMG IY . -30.33 -25.29 38.17
C31 LMG IY . -29.97 -24.20 37.17
C32 LMG IY . -29.76 -24.75 35.77
C33 LMG IY . -29.18 -23.66 34.87
C34 LMG IY . -27.66 -23.77 34.78
C35 LMG IY . -27.06 -22.56 34.09
C36 LMG IY . -27.05 -21.39 35.05
C1A DGD JY . -10.28 -57.53 31.76
C2A DGD JY . -9.50 -57.04 30.56
C3A DGD JY . -10.05 -57.75 29.33
C4A DGD JY . -9.32 -57.33 28.06
C5A DGD JY . -9.99 -57.92 26.83
C6A DGD JY . -11.45 -57.46 26.73
C7A DGD JY . -12.18 -58.18 25.60
C8A DGD JY . -13.62 -57.68 25.49
O1A DGD JY . -10.47 -58.72 31.93
C1B DGD JY . -13.51 -55.21 33.57
C2B DGD JY . -13.08 -53.86 33.07
C3B DGD JY . -13.62 -53.68 31.65
C4B DGD JY . -13.36 -52.29 31.09
C5B DGD JY . -14.03 -52.14 29.73
O1B DGD JY . -14.21 -55.92 32.85
O1G DGD JY . -10.83 -56.60 32.74
C1G DGD JY . -11.43 -57.14 33.91
C2G DGD JY . -11.79 -56.06 34.91
O2G DGD JY . -13.16 -55.67 34.79
C3G DGD JY . -11.54 -56.63 36.31
O3G DGD JY . -12.36 -57.79 36.49
C1D DGD JY . -11.69 -58.86 37.16
C2D DGD JY . -11.35 -58.48 38.60
O2D DGD JY . -9.92 -58.39 38.75
C3D DGD JY . -11.91 -59.50 39.59
O3D DGD JY . -13.33 -59.36 39.65
C4D DGD JY . -11.54 -60.92 39.18
O4D DGD JY . -12.19 -61.85 40.05
C5D DGD JY . -11.93 -61.18 37.72
O5D DGD JY . -14.02 -62.33 38.37
C6D DGD JY . -12.85 -62.39 37.55
O6D DGD JY . -12.55 -60.01 37.16
C1E DGD JY . -14.53 -63.64 38.63
C2E DGD JY . -15.54 -64.09 37.57
O2E DGD JY . -15.98 -62.97 36.78
C3E DGD JY . -16.75 -64.75 38.20
O3E DGD JY . -17.48 -65.48 37.20
C4E DGD JY . -16.33 -65.72 39.30
O4E DGD JY . -15.59 -66.80 38.71
C5E DGD JY . -15.49 -65.00 40.35
O6E DGD JY . -15.16 -63.67 39.92
C6E DGD JY . -14.20 -65.76 40.66
O5E DGD JY . -14.51 -67.09 41.12
O13 3PH KY . -29.84 -26.84 52.15
P 3PH KY . -30.54 -26.19 50.98
O14 3PH KY . -30.53 -24.69 51.17
O12 3PH KY . -31.96 -26.66 50.91
O11 3PH KY . -29.75 -26.56 49.59
C1 3PH KY . -29.84 -27.87 49.09
C2 3PH KY . -28.51 -28.28 48.47
O21 3PH KY . -28.72 -29.24 47.47
C21 3PH KY . -27.66 -29.46 46.58
O22 3PH KY . -26.86 -30.32 46.81
C22 3PH KY . -27.53 -28.63 45.30
C23 3PH KY . -26.28 -27.73 45.35
C24 3PH KY . -25.05 -28.49 44.87
C25 3PH KY . -23.83 -28.02 45.65
C26 3PH KY . -22.61 -28.89 45.31
C27 3PH KY . -22.28 -28.76 43.82
C28 3PH KY . -21.04 -29.58 43.47
C29 3PH KY . -21.36 -31.07 43.55
C2A 3PH KY . -21.98 -31.54 42.24
C2B 3PH KY . -21.29 -32.81 41.77
C2C 3PH KY . -19.81 -32.50 41.50
C2D 3PH KY . -19.72 -31.59 40.28
C2E 3PH KY . -18.25 -31.38 39.92
C2F 3PH KY . -17.58 -30.53 41.00
C2G 3PH KY . -16.26 -30.00 40.47
C2H 3PH KY . -16.25 -28.48 40.50
C2I 3PH KY . -16.30 -27.99 41.95
C3 3PH KY . -27.62 -28.85 49.57
O31 3PH KY . -28.41 -29.52 50.52
C31 3PH KY . -27.73 -30.44 51.31
O32 3PH KY . -27.83 -30.40 52.49
C32 3PH KY . -26.85 -31.52 50.69
C33 3PH KY . -25.58 -31.74 51.50
C34 3PH KY . -24.43 -31.67 50.50
C35 3PH KY . -23.46 -32.82 50.73
C36 3PH KY . -22.82 -33.16 49.39
C37 3PH KY . -21.36 -33.56 49.61
C38 3PH KY . -20.84 -34.29 48.38
C39 3PH KY . -19.33 -34.47 48.48
C3A 3PH KY . -18.82 -35.00 47.14
C3B 3PH KY . -17.30 -35.01 47.13
C3C 3PH KY . -16.83 -34.80 45.69
C3D 3PH KY . -15.35 -34.44 45.67
C3E 3PH KY . -14.80 -34.66 44.26
C3F 3PH KY . -13.44 -33.99 44.11
C3G 3PH KY . -13.52 -32.52 44.54
C3H 3PH KY . -14.12 -31.68 43.42
C3I 3PH KY . -15.43 -31.07 43.92
CA1 DGA LY . -26.42 -32.20 -3.22
CA2 DGA LY . -27.52 -32.17 -2.13
CA3 DGA LY . -28.68 -33.17 -2.46
CA4 DGA LY . -28.11 -34.58 -2.70
CA5 DGA LY . -29.08 -35.40 -3.59
CA6 DGA LY . -30.48 -35.50 -2.91
CA7 DGA LY . -30.54 -36.78 -2.06
CA8 DGA LY . -32.02 -37.22 -1.87
CA9 DGA LY . -32.20 -38.67 -2.41
CAA DGA LY . -33.41 -39.33 -1.71
CBA DGA LY . -33.81 -40.61 -2.46
CCA DGA LY . -33.87 -41.80 -1.44
CDA DGA LY . -35.10 -42.69 -1.74
CEA DGA LY . -36.41 -41.87 -1.55
CFA DGA LY . -37.66 -42.81 -1.80
CGA DGA LY . -37.69 -43.86 -0.67
CHA DGA LY . -38.51 -45.09 -1.11
CIA DGA LY . -38.89 -45.92 0.13
OA1 DGA LY . -26.56 -31.63 -4.25
CB1 DGA LY . -23.62 -35.55 -3.25
CB2 DGA LY . -24.80 -36.18 -2.45
CB3 DGA LY . -24.26 -37.29 -1.50
CB4 DGA LY . -24.87 -38.66 -1.93
CB5 DGA LY . -26.41 -38.58 -1.89
CB6 DGA LY . -26.98 -39.88 -1.30
CB7 DGA LY . -28.49 -39.94 -1.52
CB8 DGA LY . -29.16 -40.62 -0.32
CB9 DGA LY . -30.19 -41.66 -0.81
CAB DGA LY . -29.83 -43.06 -0.27
CBB DGA LY . -31.13 -43.82 0.09
CCB DGA LY . -30.96 -44.53 1.45
CDB DGA LY . -32.47 -44.86 1.16
CEB DGA LY . -32.99 -45.94 2.15
CFB DGA LY . -33.61 -47.14 1.37
CGB DGA LY . -35.05 -47.41 1.89
CHB DGA LY . -35.74 -48.47 1.00
CIB DGA LY . -35.70 -49.85 1.70
OB1 DGA LY . -23.27 -36.06 -4.27
OG1 DGA LY . -25.22 -32.93 -2.97
CG1 DGA LY . -24.31 -32.92 -4.06
CG2 DGA LY . -22.92 -33.20 -3.48
OG2 DGA LY . -22.95 -34.38 -2.72
CG3 DGA LY . -21.85 -33.25 -4.57
OXT DGA LY . -20.59 -33.25 -3.97
O6 SQD MY . -12.85 -47.17 52.35
C44 SQD MY . -11.84 -46.21 52.15
C45 SQD MY . -11.40 -46.26 50.66
C46 SQD MY . -10.91 -44.89 50.16
O47 SQD MY . -10.28 -47.12 50.60
C7 SQD MY . -10.37 -48.18 49.75
O49 SQD MY . -11.25 -48.99 49.83
C8 SQD MY . -9.21 -48.17 48.75
C9 SQD MY . -9.35 -49.33 47.77
C10 SQD MY . -8.90 -50.67 48.34
C11 SQD MY . -7.45 -51.01 47.96
C12 SQD MY . -7.20 -50.79 46.47
C13 SQD MY . -5.74 -50.42 46.18
C14 SQD MY . -5.18 -49.41 47.19
C15 SQD MY . -4.22 -48.39 46.53
C16 SQD MY . -5.00 -47.23 45.90
C17 SQD MY . -4.09 -46.04 45.58
C18 SQD MY . -3.09 -46.38 44.47
C19 SQD MY . -2.11 -45.24 44.20
C20 SQD MY . -1.21 -45.53 42.99
C21 SQD MY . -0.10 -44.48 42.85
C22 SQD MY . -0.55 -43.27 42.04
O48 SQD MY . -10.48 -45.07 48.81
C23 SQD MY . -9.54 -44.20 48.33
O10 SQD MY . -9.24 -43.20 48.97
C24 SQD MY . -8.94 -44.65 47.02
C25 SQD MY . -8.43 -43.47 46.20
C26 SQD MY . -7.14 -43.80 45.44
C27 SQD MY . -6.73 -42.69 44.45
C28 SQD MY . -6.89 -41.29 45.06
C29 SQD MY . -6.01 -40.24 44.36
C30 SQD MY . -4.50 -40.56 44.46
C31 SQD MY . -3.65 -39.29 44.53
C32 SQD MY . -2.30 -39.46 43.82
C33 SQD MY . -1.54 -38.14 43.70
C34 SQD MY . -0.27 -38.28 42.84
C35 SQD MY . -0.52 -37.91 41.37
C36 SQD MY . 0.78 -37.82 40.57
C37 SQD MY . 0.79 -38.74 39.34
C38 SQD MY . 0.42 -40.18 39.69
C1 SQD MY . -12.42 -48.20 53.19
C2 SQD MY . -12.93 -47.83 54.61
O2 SQD MY . -11.90 -47.89 55.54
C3 SQD MY . -14.06 -48.81 55.02
O3 SQD MY . -15.11 -48.55 54.12
C4 SQD MY . -13.62 -50.29 54.87
O4 SQD MY . -12.90 -50.62 56.01
C5 SQD MY . -12.80 -50.48 53.56
C6 SQD MY . -13.23 -51.72 52.85
O5 SQD MY . -13.06 -49.37 52.74
S SQD MY . -12.12 -52.28 51.55
O7 SQD MY . -11.02 -51.36 51.66
O8 SQD MY . -11.80 -53.62 51.97
O9 SQD MY . -12.83 -52.18 50.32
MG CLA NY . -75.49 17.09 12.28
CHA CLA NY . -78.02 14.83 12.91
CHB CLA NY . -74.06 16.41 15.35
CHC CLA NY . -73.12 19.27 11.56
CHD CLA NY . -76.95 17.76 9.13
NA CLA NY . -75.97 15.75 13.97
C1A CLA NY . -77.01 14.92 14.04
C2A CLA NY . -77.01 14.13 15.33
C3A CLA NY . -75.78 14.67 16.06
C4A CLA NY . -75.22 15.67 15.10
CMA CLA NY . -75.88 15.00 17.55
CAA CLA NY . -76.76 12.63 15.07
CBA CLA NY . -76.03 12.33 13.76
CGA CLA NY . -74.54 12.18 13.93
O1A CLA NY . -74.13 11.43 14.79
O2A CLA NY . -73.72 12.85 13.13
NB CLA NY . -73.84 17.74 13.29
C1B CLA NY . -73.43 17.37 14.54
C2B CLA NY . -72.24 18.10 14.90
C3B CLA NY . -71.96 18.90 13.83
C4B CLA NY . -73.00 18.67 12.82
CMB CLA NY . -71.46 17.98 16.18
CAB CLA NY . -70.81 19.85 13.76
CBB CLA NY . -69.93 20.04 12.54
NC CLA NY . -75.05 18.25 10.59
C1C CLA NY . -74.05 19.11 10.51
C2C CLA NY . -74.02 19.86 9.24
C3C CLA NY . -75.09 19.38 8.54
C4C CLA NY . -75.73 18.38 9.39
CMC CLA NY . -73.02 20.90 8.82
CAC CLA NY . -75.53 19.80 7.16
CBC CLA NY . -75.02 18.82 6.14
ND CLA NY . -77.06 16.53 11.22
C1D CLA NY . -77.56 16.79 9.97
C2D CLA NY . -78.74 16.00 9.68
C3D CLA NY . -78.91 15.24 10.83
C4D CLA NY . -77.90 15.56 11.74
CMD CLA NY . -79.66 15.90 8.49
CAD CLA NY . -79.77 14.24 11.42
OBD CLA NY . -80.76 13.75 10.92
CBD CLA NY . -79.27 13.97 12.81
CGD CLA NY . -80.29 14.40 13.81
O1D CLA NY . -80.26 14.01 14.96
O2D CLA NY . -81.28 15.22 13.46
CED CLA NY . -81.47 16.34 14.33
C1 CLA NY . -72.46 13.35 13.66
C2 CLA NY . -71.83 14.66 13.22
C3 CLA NY . -70.54 14.92 13.54
C4 CLA NY . -69.74 13.94 14.33
C5 CLA NY . -69.82 16.19 13.13
C6 CLA NY . -68.74 16.58 14.14
C7 CLA NY . -67.69 17.52 13.57
C8 CLA NY . -66.68 17.97 14.62
C9 CLA NY . -67.34 18.29 15.96
C10 CLA NY . -65.90 19.18 14.11
C11 CLA NY . -64.88 18.77 13.05
C12 CLA NY . -63.87 19.90 12.77
C13 CLA NY . -63.01 19.57 11.56
C14 CLA NY . -62.20 18.30 11.79
C15 CLA NY . -62.09 20.75 11.27
C16 CLA NY . -62.37 21.36 9.90
C17 CLA NY . -62.35 22.88 9.95
C18 CLA NY . -61.05 23.40 10.55
C19 CLA NY . -60.11 23.91 9.47
C20 CLA NY . -61.33 24.50 11.56
MG CLA OY . -70.79 6.75 6.71
CHA CLA OY . -73.01 8.27 8.87
CHB CLA OY . -73.13 4.38 5.85
CHC CLA OY . -68.58 5.42 4.65
CHD CLA OY . -68.36 9.15 7.61
NA CLA OY . -72.87 6.35 7.29
C1A CLA OY . -73.59 7.06 8.15
C2A CLA OY . -74.99 6.51 8.29
C3A CLA OY . -74.99 5.30 7.35
C4A CLA OY . -73.60 5.32 6.78
CMA CLA OY . -75.60 3.99 7.80
CAA CLA OY . -76.00 7.50 7.73
CBA CLA OY . -75.50 8.18 6.47
CGA CLA OY . -75.74 9.65 6.59
O1A CLA OY . -76.89 10.07 6.55
O2A CLA OY . -74.69 10.44 6.75
NB CLA OY . -70.85 5.15 5.44
C1B CLA OY . -71.87 4.28 5.22
C2B CLA OY . -71.48 3.28 4.25
C3B CLA OY . -70.19 3.59 3.92
C4B CLA OY . -69.81 4.77 4.68
CMB CLA OY . -72.32 2.15 3.73
CAB CLA OY . -69.27 2.91 2.96
CBB CLA OY . -68.99 1.43 3.01
NC CLA OY . -68.85 7.30 6.11
C1C CLA OY . -68.11 6.56 5.32
C2C CLA OY . -66.72 7.03 5.21
C3C CLA OY . -66.68 8.15 6.00
C4C CLA OY . -68.02 8.30 6.57
CMC CLA OY . -65.67 6.35 4.39
CAC CLA OY . -65.50 9.06 6.27
CBC CLA OY . -64.74 8.65 7.50
ND CLA OY . -70.62 8.32 7.89
C1D CLA OY . -69.64 9.22 8.20
C2D CLA OY . -70.08 10.20 9.19
C3D CLA OY . -71.39 9.82 9.43
C4D CLA OY . -71.71 8.70 8.66
CMD CLA OY . -69.43 11.38 9.86
CAD CLA OY . -72.55 10.19 10.22
OBD CLA OY . -72.59 11.07 11.05
CBD CLA OY . -73.64 9.21 9.90
CGD CLA OY . -73.99 8.49 11.19
O1D CLA OY . -75.03 7.87 11.29
O2D CLA OY . -73.15 8.53 12.21
CED CLA OY . -72.34 7.38 12.42
C1 CLA OY . -74.71 11.80 6.24
C2 CLA OY . -75.25 12.11 4.87
C3 CLA OY . -74.98 13.28 4.28
C4 CLA OY . -74.13 14.33 4.93
C5 CLA OY . -75.52 13.61 2.91
C6 CLA OY . -76.48 14.78 3.05
C7 CLA OY . -77.75 14.36 3.79
C8 CLA OY . -78.64 15.55 4.12
C9 CLA OY . -77.95 16.58 4.98
C10 CLA OY . -79.91 15.02 4.78
C11 CLA OY . -80.96 16.10 4.74
C12 CLA OY . -82.29 15.60 5.29
C13 CLA OY . -83.23 16.80 5.45
C14 CLA OY . -82.83 17.65 6.64
C15 CLA OY . -84.66 16.28 5.55
C16 CLA OY . -85.63 17.45 5.67
C17 CLA OY . -87.03 17.06 5.21
C18 CLA OY . -87.95 18.28 5.08
C19 CLA OY . -88.59 18.65 6.41
C20 CLA OY . -87.27 19.45 4.38
MG CLA PY . -79.10 12.14 1.43
CHA CLA PY . -79.42 9.54 3.68
CHB CLA PY . -82.18 13.41 2.37
CHC CLA PY . -78.63 14.63 -0.68
CHD CLA PY . -75.94 10.85 0.50
NA CLA PY . -80.65 11.56 2.88
C1A CLA PY . -80.60 10.49 3.69
C2A CLA PY . -81.83 10.41 4.55
C3A CLA PY . -82.66 11.62 4.11
C4A CLA PY . -81.80 12.25 3.07
CMA CLA PY . -84.15 11.51 3.81
CAA CLA PY . -81.46 10.65 6.03
CBA CLA PY . -80.26 11.57 6.22
CGA CLA PY . -79.98 11.76 7.70
O1A CLA PY . -80.70 12.50 8.34
O2A CLA PY . -78.97 11.13 8.25
NB CLA PY . -80.22 13.76 0.93
C1B CLA PY . -81.47 14.11 1.38
C2B CLA PY . -81.91 15.30 0.71
C3B CLA PY . -80.91 15.63 -0.15
C4B CLA PY . -79.84 14.65 0.01
CMB CLA PY . -83.22 16.04 0.90
CAB CLA PY . -80.85 16.77 -1.08
CBB CLA PY . -80.31 18.10 -0.61
NC CLA PY . -77.51 12.68 0.15
C1C CLA PY . -77.54 13.73 -0.64
C2C CLA PY . -76.34 13.85 -1.48
C3C CLA PY . -75.56 12.80 -1.12
C4C CLA PY . -76.31 12.05 -0.10
CMC CLA PY . -76.03 14.93 -2.49
CAC CLA PY . -74.20 12.49 -1.70
CBC CLA PY . -73.12 13.03 -0.80
ND CLA PY . -77.90 10.64 1.90
C1D CLA PY . -76.68 10.18 1.49
C2D CLA PY . -76.29 8.96 2.19
C3D CLA PY . -77.37 8.71 3.04
C4D CLA PY . -78.32 9.73 2.85
CMD CLA PY . -75.09 8.04 2.14
CAD CLA PY . -77.85 7.79 4.03
OBD CLA PY . -77.43 6.66 4.21
CBD CLA PY . -79.19 8.29 4.51
CGD CLA PY . -80.22 7.24 4.23
O1D CLA PY . -80.82 6.70 5.15
O2D CLA PY . -80.51 6.89 2.99
CED CLA PY . -81.81 7.25 2.53
C1 CLA PY . -78.01 11.85 9.09
C2 CLA PY . -77.25 13.04 8.57
C3 CLA PY . -76.04 13.36 9.05
C4 CLA PY . -75.40 12.54 10.13
C5 CLA PY . -75.26 14.55 8.53
C6 CLA PY . -74.31 15.12 9.59
C7 CLA PY . -73.13 15.87 8.96
C8 CLA PY . -71.81 15.28 9.43
C9 CLA PY . -70.73 16.35 9.56
C10 CLA PY . -71.38 14.20 8.45
C11 CLA PY . -71.15 14.77 7.06
C12 CLA PY . -69.74 14.47 6.56
C13 CLA PY . -69.44 12.97 6.59
C14 CLA PY . -67.95 12.73 6.74
C15 CLA PY . -70.00 12.32 5.33
C16 CLA PY . -71.09 11.31 5.61
C17 CLA PY . -70.81 10.00 4.91
C18 CLA PY . -71.90 9.54 3.94
C19 CLA PY . -72.42 10.69 3.08
C20 CLA PY . -71.41 8.40 3.06
MG CLA QY . -74.82 -3.74 5.09
CHA CLA QY . -77.13 -6.23 5.73
CHB CLA QY . -74.54 -3.06 8.46
CHC CLA QY . -72.53 -1.47 4.37
CHD CLA QY . -75.12 -4.44 1.65
NA CLA QY . -75.72 -4.57 6.93
C1A CLA QY . -76.61 -5.56 6.98
C2A CLA QY . -76.98 -5.90 8.40
C3A CLA QY . -76.19 -4.87 9.21
C4A CLA QY . -75.43 -4.11 8.17
CMA CLA QY . -76.91 -4.10 10.31
CAA CLA QY . -76.44 -7.30 8.72
CBA CLA QY . -74.91 -7.41 8.64
CGA CLA QY . -74.41 -8.82 8.49
O1A CLA QY . -74.74 -9.67 9.29
O2A CLA QY . -73.61 -9.10 7.47
NB CLA QY . -73.70 -2.49 6.23
C1B CLA QY . -73.75 -2.29 7.58
C2B CLA QY . -72.87 -1.23 7.96
C3B CLA QY . -72.30 -0.79 6.81
C4B CLA QY . -72.84 -1.58 5.72
CMB CLA QY . -72.64 -0.74 9.36
CAB CLA QY . -71.31 0.31 6.66
CBB CLA QY . -69.93 0.05 6.11
NC CLA QY . -73.93 -3.10 3.30
C1C CLA QY . -73.02 -2.14 3.23
C2C CLA QY . -72.58 -1.86 1.84
C3C CLA QY . -73.30 -2.73 1.08
C4C CLA QY . -74.15 -3.49 2.00
CMC CLA QY . -71.55 -0.85 1.42
CAC CLA QY . -73.23 -2.86 -0.42
CBC CLA QY . -72.47 -4.13 -0.79
ND CLA QY . -75.81 -4.97 3.91
C1D CLA QY . -75.88 -5.20 2.56
C2D CLA QY . -76.81 -6.26 2.23
C3D CLA QY . -77.30 -6.66 3.47
C4D CLA QY . -76.68 -5.88 4.45
CMD CLA QY . -77.26 -6.90 0.94
CAD CLA QY . -78.20 -7.60 4.10
OBD CLA QY . -78.69 -8.59 3.58
CBD CLA QY . -78.22 -7.28 5.57
CGD CLA QY . -79.58 -6.71 5.87
O1D CLA QY . -79.81 -6.05 6.88
O2D CLA QY . -80.57 -6.91 5.03
CED CLA QY . -81.25 -5.74 4.57
C1 CLA QY . -72.33 -9.79 7.64
C2 CLA QY . -71.09 -9.13 8.19
C3 CLA QY . -69.96 -9.03 7.45
C4 CLA QY . -69.91 -9.57 6.06
C5 CLA QY . -68.69 -8.38 7.96
C6 CLA QY . -67.90 -7.72 6.82
C7 CLA QY . -66.49 -8.28 6.62
C8 CLA QY . -65.64 -7.37 5.72
C9 CLA QY . -66.41 -6.90 4.50
C10 CLA QY . -64.36 -8.08 5.30
C11 CLA QY . -63.12 -7.23 5.55
C12 CLA QY . -62.66 -6.45 4.33
C13 CLA QY . -61.36 -7.01 3.72
C14 CLA QY . -60.34 -7.37 4.80
C15 CLA QY . -60.77 -6.00 2.75
C16 CLA QY . -59.60 -6.61 1.98
C17 CLA QY . -58.61 -5.54 1.52
C18 CLA QY . -57.94 -5.90 0.19
C19 CLA QY . -56.84 -6.93 0.39
C20 CLA QY . -58.96 -6.42 -0.83
MG CLA RY . -51.54 15.75 11.17
CHA CLA RY . -50.27 17.95 8.83
CHB CLA RY . -48.63 13.93 11.12
CHC CLA RY . -52.82 13.80 13.53
CHD CLA RY . -54.54 17.64 11.23
NA CLA RY . -49.62 15.91 10.10
C1A CLA RY . -49.31 16.83 9.19
C2A CLA RY . -47.93 16.60 8.61
C3A CLA RY . -47.47 15.31 9.34
C4A CLA RY . -48.61 15.02 10.24
CMA CLA RY . -46.92 14.16 8.52
CAA CLA RY . -46.97 17.75 8.92
CBA CLA RY . -46.39 17.77 10.34
CGA CLA RY . -47.34 18.38 11.34
O1A CLA RY . -47.29 19.59 11.56
O2A CLA RY . -48.19 17.59 11.95
NB CLA RY . -50.83 14.13 12.17
C1B CLA RY . -49.62 13.52 12.01
C2B CLA RY . -49.54 12.38 12.87
C3B CLA RY . -50.72 12.34 13.55
C4B CLA RY . -51.53 13.46 13.09
CMB CLA RY . -48.39 11.44 12.99
CAB CLA RY . -51.12 11.35 14.57
CBB CLA RY . -51.00 11.70 16.04
NC CLA RY . -53.37 15.73 12.23
C1C CLA RY . -53.69 14.85 13.16
C2C CLA RY . -55.03 15.07 13.74
C3C CLA RY . -55.51 16.16 13.08
C4C CLA RY . -54.47 16.57 12.14
CMC CLA RY . -55.69 14.25 14.82
CAC CLA RY . -56.84 16.84 13.28
CBC CLA RY . -57.92 16.08 12.56
ND CLA RY . -52.30 17.36 10.32
C1D CLA RY . -53.48 18.03 10.38
C2D CLA RY . -53.51 19.15 9.46
C3D CLA RY . -52.25 19.12 8.86
C4D CLA RY . -51.54 18.04 9.39
CMD CLA RY . -54.54 20.19 9.12
CAD CLA RY . -51.45 19.80 7.89
OBD CLA RY . -51.64 20.96 7.55
CBD CLA RY . -50.10 19.14 7.90
CGD CLA RY . -49.66 18.78 6.51
O1D CLA RY . -48.51 19.02 6.16
O2D CLA RY . -50.50 18.21 5.64
CED CLA RY . -49.96 17.98 4.34
C1 CLA RY . -49.32 18.12 12.71
C2 CLA RY . -49.53 17.71 14.14
C3 CLA RY . -50.76 17.75 14.68
C4 CLA RY . -51.93 18.21 13.87
C5 CLA RY . -51.05 17.35 16.10
C6 CLA RY . -51.02 15.84 16.21
C7 CLA RY . -52.31 15.29 16.82
C8 CLA RY . -52.15 14.78 18.25
C9 CLA RY . -50.75 14.26 18.56
C10 CLA RY . -53.19 13.70 18.53
C11 CLA RY . -53.02 13.15 19.94
C12 CLA RY . -53.57 14.11 20.98
C13 CLA RY . -54.50 13.36 21.93
C14 CLA RY . -55.76 12.93 21.21
C15 CLA RY . -54.81 14.25 23.15
C16 CLA RY . -54.27 13.65 24.45
C17 CLA RY . -54.56 12.15 24.58
C18 CLA RY . -54.81 11.76 26.03
C19 CLA RY . -56.00 12.53 26.61
C20 CLA RY . -54.99 10.27 26.23
MG CLA SY . -61.63 28.85 8.58
CHA CLA SY . -58.61 30.52 8.91
CHB CLA SY . -60.09 26.32 6.84
CHC CLA SY . -64.53 27.28 8.45
CHD CLA SY . -63.19 31.46 10.39
NA CLA SY . -59.56 28.43 7.95
C1A CLA SY . -58.50 29.21 8.16
C2A CLA SY . -57.25 28.64 7.52
C3A CLA SY . -57.75 27.34 6.88
C4A CLA SY . -59.21 27.34 7.23
CMA CLA SY . -57.33 26.99 5.47
CAA CLA SY . -56.15 28.31 8.52
CBA CLA SY . -56.62 27.43 9.67
CGA CLA SY . -55.42 26.98 10.46
O1A CLA SY . -54.60 27.82 10.82
O2A CLA SY . -55.27 25.70 10.74
NB CLA SY . -62.21 27.08 7.78
C1B CLA SY . -61.47 26.18 7.08
C2B CLA SY . -62.29 25.08 6.65
C3B CLA SY . -63.55 25.37 7.10
C4B CLA SY . -63.48 26.63 7.83
CMB CLA SY . -61.85 23.89 5.86
CAB CLA SY . -64.80 24.58 6.94
CBB CLA SY . -64.87 23.15 7.43
NC CLA SY . -63.54 29.27 9.35
C1C CLA SY . -64.61 28.53 9.11
C2C CLA SY . -65.87 29.13 9.61
C3C CLA SY . -65.47 30.31 10.18
C4C CLA SY . -64.02 30.40 10.00
CMC CLA SY . -67.25 28.55 9.52
CAC CLA SY . -66.36 31.33 10.84
CBC CLA SY . -66.33 31.14 12.34
ND CLA SY . -61.14 30.56 9.46
C1D CLA SY . -61.80 31.53 10.15
C2D CLA SY . -60.91 32.60 10.58
C3D CLA SY . -59.67 32.19 10.10
C4D CLA SY . -59.82 30.97 9.44
CMD CLA SY . -61.11 33.88 11.35
CAD CLA SY . -58.28 32.59 10.03
OBD CLA SY . -57.84 33.67 10.39
CBD CLA SY . -57.56 31.58 9.19
CGD CLA SY . -57.10 32.24 7.92
O1D CLA SY . -56.22 31.73 7.24
O2D CLA SY . -57.63 33.38 7.50
CED CLA SY . -57.59 33.61 6.09
C1 CLA SY . -55.66 25.19 12.04
C2 CLA SY . -55.97 26.15 13.16
C3 CLA SY . -55.08 26.37 14.15
C4 CLA SY . -53.75 25.69 14.19
C5 CLA SY . -55.38 27.33 15.28
C6 CLA SY . -56.88 27.39 15.53
C7 CLA SY . -57.21 27.05 16.98
C8 CLA SY . -58.34 26.04 17.05
C9 CLA SY . -57.92 24.73 16.42
C10 CLA SY . -59.58 26.61 16.37
C11 CLA SY . -60.85 26.05 16.99
C12 CLA SY . -61.35 26.92 18.14
C13 CLA SY . -62.22 26.12 19.09
C14 CLA SY . -62.79 27.00 20.21
C15 CLA SY . -61.39 24.97 19.68
C16 CLA SY . -62.29 23.83 20.16
C17 CLA SY . -62.40 22.75 19.11
C18 CLA SY . -61.50 21.56 19.44
C19 CLA SY . -61.74 21.05 20.85
C20 CLA SY . -61.69 20.44 18.42
MG CLA TY . -60.33 21.92 3.53
CHA CLA TY . -63.27 20.71 2.17
CHB CLA TY . -60.97 20.23 6.47
CHC CLA TY . -57.48 23.09 4.73
CHD CLA TY . -59.67 23.59 0.48
NA CLA TY . -61.94 20.59 4.27
C1A CLA TY . -63.02 20.22 3.59
C2A CLA TY . -63.93 19.32 4.40
C3A CLA TY . -63.17 19.21 5.73
C4A CLA TY . -61.95 20.05 5.50
CMA CLA TY . -63.92 19.36 7.04
CAA CLA TY . -64.00 17.91 3.83
CBA CLA TY . -65.43 17.46 3.58
CGA CLA TY . -66.44 18.16 4.47
O1A CLA TY . -67.16 19.02 3.99
O2A CLA TY . -66.54 17.83 5.75
NB CLA TY . -59.37 21.69 5.31
C1B CLA TY . -59.78 20.99 6.42
C2B CLA TY . -58.83 21.12 7.48
C3B CLA TY . -57.85 21.93 6.98
C4B CLA TY . -58.21 22.29 5.61
CMB CLA TY . -58.93 20.48 8.84
CAB CLA TY . -56.62 22.40 7.65
CBB CLA TY . -56.65 23.07 9.01
NC CLA TY . -58.80 23.10 2.72
C1C CLA TY . -57.73 23.49 3.39
C2C CLA TY . -56.84 24.37 2.58
C3C CLA TY . -57.47 24.48 1.37
C4C CLA TY . -58.70 23.69 1.47
CMC CLA TY . -55.54 24.98 3.01
CAC CLA TY . -57.00 25.27 0.18
CBC CLA TY . -57.30 26.74 0.35
ND CLA TY . -61.16 22.16 1.75
C1D CLA TY . -60.85 22.81 0.60
C2D CLA TY . -61.87 22.62 -0.42
C3D CLA TY . -62.80 21.80 0.20
C4D CLA TY . -62.37 21.53 1.50
CMD CLA TY . -62.03 23.09 -1.84
CAD CLA TY . -64.06 21.12 -0.02
OBD CLA TY . -64.86 21.48 -0.87
CBD CLA TY . -64.44 20.45 1.27
CGD CLA TY . -65.61 21.21 1.82
O1D CLA TY . -66.75 20.96 1.46
O2D CLA TY . -65.42 22.16 2.71
CED CLA TY . -66.34 22.20 3.81
C1 CLA TY . -67.54 18.49 6.60
C2 CLA TY . -67.46 19.94 7.02
C3 CLA TY . -67.99 20.38 8.17
C4 CLA TY . -68.71 19.47 9.11
C5 CLA TY . -67.92 21.83 8.61
C6 CLA TY . -67.18 21.96 9.94
C7 CLA TY . -67.03 23.43 10.34
C8 CLA TY . -66.06 23.61 11.51
C9 CLA TY . -66.79 23.49 12.85
C10 CLA TY . -65.35 24.96 11.37
C11 CLA TY . -64.75 25.49 12.67
C12 CLA TY . -64.45 26.98 12.57
C13 CLA TY . -63.13 27.36 13.25
C14 CLA TY . -63.33 27.67 14.73
C15 CLA TY . -62.50 28.54 12.54
C16 CLA TY . -61.09 28.23 12.06
C17 CLA TY . -60.05 28.55 13.14
C18 CLA TY . -59.53 29.97 13.00
C19 CLA TY . -59.68 30.72 14.32
C20 CLA TY . -58.09 29.99 12.51
MG CLA UY . -55.13 6.74 -1.74
CHA CLA UY . -52.74 6.12 -4.14
CHB CLA UY . -56.67 9.06 -3.78
CHC CLA UY . -57.39 7.21 0.63
CHD CLA UY . -53.59 4.30 0.30
NA CLA UY . -54.77 7.52 -3.77
C1A CLA UY . -53.77 7.15 -4.56
C2A CLA UY . -53.81 7.88 -5.88
C3A CLA UY . -55.02 8.79 -5.73
C4A CLA UY . -55.53 8.46 -4.36
CMA CLA UY . -54.91 10.25 -6.15
CAA CLA UY . -54.09 6.87 -7.01
CBA CLA UY . -55.15 5.83 -6.64
CGA CLA UY . -55.23 4.79 -7.72
O1A CLA UY . -55.77 5.05 -8.78
O2A CLA UY . -54.70 3.60 -7.48
NB CLA UY . -56.78 7.95 -1.60
C1B CLA UY . -57.24 8.84 -2.51
C2B CLA UY . -58.41 9.52 -2.01
C3B CLA UY . -58.62 9.00 -0.75
C4B CLA UY . -57.57 8.00 -0.52
CMB CLA UY . -59.18 10.56 -2.77
CAB CLA UY . -59.67 9.31 0.26
CBB CLA UY . -61.10 9.68 -0.07
NC CLA UY . -55.47 5.85 0.13
C1C CLA UY . -56.45 6.20 0.96
C2C CLA UY . -56.42 5.41 2.21
C3C CLA UY . -55.35 4.57 2.08
C4C CLA UY . -54.76 4.86 0.78
CMC CLA UY . -57.36 5.49 3.37
CAC CLA UY . -54.87 3.54 3.07
CBC CLA UY . -53.89 4.14 4.05
ND CLA UY . -53.58 5.52 -1.79
C1D CLA UY . -53.06 4.57 -0.97
C2D CLA UY . -51.92 3.89 -1.58
C3D CLA UY . -51.80 4.51 -2.82
C4D CLA UY . -52.80 5.48 -2.92
CMD CLA UY . -51.02 2.79 -1.10
CAD CLA UY . -51.02 4.51 -4.04
OBD CLA UY . -50.40 3.56 -4.48
CBD CLA UY . -51.48 5.68 -4.86
CGD CLA UY . -50.54 6.83 -4.75
O1D CLA UY . -49.81 6.94 -3.78
O2D CLA UY . -50.51 7.75 -5.71
CED CLA UY . -49.54 8.80 -5.58
C1 CLA UY . -55.49 2.38 -7.60
C2 CLA UY . -56.60 2.05 -6.64
C3 CLA UY . -56.66 0.85 -6.05
C4 CLA UY . -55.64 -0.22 -6.34
C5 CLA UY . -57.77 0.50 -5.09
C6 CLA UY . -57.27 -0.37 -3.95
C7 CLA UY . -58.33 -1.41 -3.58
C8 CLA UY . -58.72 -1.29 -2.11
C9 CLA UY . -57.58 -1.75 -1.20
C10 CLA UY . -60.00 -2.08 -1.87
C11 CLA UY . -60.47 -1.98 -0.41
C12 CLA UY . -61.98 -2.01 -0.31
C13 CLA UY . -62.44 -2.77 0.93
C14 CLA UY . -63.81 -3.40 0.71
C15 CLA UY . -62.47 -1.84 2.13
C16 CLA UY . -62.83 -2.58 3.42
C17 CLA UY . -61.79 -2.35 4.51
C18 CLA UY . -62.42 -2.13 5.89
C19 CLA UY . -63.09 -0.76 5.97
C20 CLA UY . -63.41 -3.24 6.22
MG CLA VY . -61.13 13.13 -4.06
CHA CLA VY . -62.81 14.56 -1.40
CHB CLA VY . -63.49 10.62 -4.28
CHC CLA VY . -59.51 11.96 -6.68
CHD CLA VY . -58.74 15.76 -3.85
NA CLA VY . -62.98 12.63 -2.98
C1A CLA VY . -63.48 13.32 -1.95
C2A CLA VY . -64.76 12.69 -1.44
C3A CLA VY . -64.94 11.46 -2.34
C4A CLA VY . -63.75 11.55 -3.26
CMA CLA VY . -65.31 10.13 -1.71
CAA CLA VY . -65.92 13.64 -1.71
CBA CLA VY . -67.20 13.24 -0.98
CGA CLA VY . -67.00 13.31 0.51
O1A CLA VY . -66.24 14.14 0.99
O2A CLA VY . -67.70 12.48 1.26
NB CLA VY . -61.45 11.55 -5.30
C1B CLA VY . -62.42 10.59 -5.22
C2B CLA VY . -62.22 9.59 -6.25
C3B CLA VY . -61.08 9.98 -6.92
C4B CLA VY . -60.62 11.22 -6.29
CMB CLA VY . -63.08 8.38 -6.48
CAB CLA VY . -60.36 9.36 -8.07
CBB CLA VY . -61.01 8.56 -9.17
NC CLA VY . -59.44 13.79 -5.13
C1C CLA VY . -58.92 13.12 -6.14
C2C CLA VY . -57.65 13.70 -6.63
C3C CLA VY . -57.46 14.81 -5.83
C4C CLA VY . -58.57 14.85 -4.90
CMC CLA VY . -56.83 13.17 -7.76
CAC CLA VY . -56.30 15.78 -5.91
CBC CLA VY . -55.05 15.15 -5.36
ND CLA VY . -60.78 14.76 -2.98
C1D CLA VY . -59.83 15.74 -2.94
C2D CLA VY . -60.06 16.71 -1.87
C3D CLA VY . -61.23 16.23 -1.29
C4D CLA VY . -61.65 15.09 -1.95
CMD CLA VY . -59.36 17.95 -1.39
CAD CLA VY . -62.18 16.52 -0.23
OBD CLA VY . -62.22 17.55 0.42
CBD CLA VY . -63.18 15.42 -0.21
CGD CLA VY . -62.97 14.63 1.04
O1D CLA VY . -63.46 14.99 2.10
O2D CLA VY . -62.22 13.53 1.02
CED CLA VY . -62.76 12.38 1.67
C1 CLA VY . -68.93 12.98 1.86
C2 CLA VY . -68.88 14.30 2.57
C3 CLA VY . -69.87 15.20 2.45
C4 CLA VY . -71.09 14.95 1.63
C5 CLA VY . -69.81 16.54 3.16
C6 CLA VY . -69.59 17.63 2.12
C7 CLA VY . -68.29 17.45 1.34
C8 CLA VY . -68.11 18.36 0.13
C9 CLA VY . -69.26 19.35 -0.03
C10 CLA VY . -67.93 17.52 -1.11
C11 CLA VY . -67.20 18.32 -2.18
C12 CLA VY . -65.75 18.54 -1.79
C13 CLA VY . -64.82 18.26 -2.96
C14 CLA VY . -64.88 16.78 -3.31
C15 CLA VY . -63.41 18.68 -2.61
C16 CLA VY . -62.91 19.82 -3.50
C17 CLA VY . -62.88 19.39 -4.96
C18 CLA VY . -61.52 19.65 -5.58
C19 CLA VY . -60.88 18.35 -6.06
C20 CLA VY . -61.64 20.66 -6.72
MG CLA WY . -66.02 4.96 -1.67
CHA CLA WY . -63.60 3.78 -3.84
CHB CLA WY . -63.74 7.12 -0.24
CHC CLA WY . -68.41 6.02 0.33
CHD CLA WY . -68.36 2.76 -3.16
NA CLA WY . -63.89 5.43 -1.99
C1A CLA WY . -63.09 4.85 -2.89
C2A CLA WY . -61.68 5.39 -2.82
C3A CLA WY . -61.76 6.38 -1.66
C4A CLA WY . -63.20 6.34 -1.27
CMA CLA WY . -60.75 6.20 -0.54
CAA CLA WY . -61.36 6.17 -4.09
CBA CLA WY . -60.03 6.93 -4.01
CGA CLA WY . -58.93 6.06 -4.55
O1A CLA WY . -59.13 5.37 -5.55
O2A CLA WY . -57.75 6.04 -3.95
NB CLA WY . -66.07 6.35 -0.20
C1B CLA WY . -65.06 7.16 0.25
C2B CLA WY . -65.54 8.02 1.30
C3B CLA WY . -66.87 7.70 1.46
C4B CLA WY . -67.17 6.64 0.50
CMB CLA WY . -64.72 9.04 2.04
CAB CLA WY . -67.91 8.22 2.38
CBB CLA WY . -68.06 9.68 2.70
NC CLA WY . -68.07 4.53 -1.51
C1C CLA WY . -68.87 5.06 -0.59
C2C CLA WY . -70.25 4.54 -0.64
C3C CLA WY . -70.23 3.64 -1.68
C4C CLA WY . -68.86 3.63 -2.20
CMC CLA WY . -71.40 4.92 0.24
CAC CLA WY . -71.38 2.81 -2.18
CBC CLA WY . -71.44 1.53 -1.39
ND CLA WY . -66.09 3.60 -3.11
C1D CLA WY . -67.03 2.78 -3.64
C2D CLA WY . -66.48 1.96 -4.71
C3D CLA WY . -65.15 2.36 -4.78
C4D CLA WY . -64.93 3.35 -3.81
CMD CLA WY . -67.04 0.90 -5.62
CAD CLA WY . -63.92 2.11 -5.50
OBD CLA WY . -63.83 1.48 -6.54
CBD CLA WY . -62.87 2.98 -4.89
CGD CLA WY . -61.83 2.11 -4.27
O1D CLA WY . -60.86 1.74 -4.92
O2D CLA WY . -61.96 1.69 -3.01
CED CLA WY . -60.81 1.84 -2.18
C1 CLA WY . -57.12 4.74 -3.68
C2 CLA WY . -57.61 3.85 -2.57
C3 CLA WY . -56.85 2.88 -2.07
C4 CLA WY . -55.47 2.62 -2.61
C5 CLA WY . -57.32 1.97 -0.96
C6 CLA WY . -57.99 2.78 0.13
C7 CLA WY . -57.86 2.08 1.48
C8 CLA WY . -59.17 2.13 2.27
C9 CLA WY . -59.03 1.35 3.57
C10 CLA WY . -60.31 1.57 1.43
C11 CLA WY . -61.65 1.74 2.15
C12 CLA WY . -62.72 2.27 1.20
C13 CLA WY . -64.11 2.31 1.84
C14 CLA WY . -64.07 2.75 3.31
C15 CLA WY . -64.80 0.95 1.69
C16 CLA WY . -65.89 1.00 0.63
C17 CLA WY . -65.36 0.49 -0.70
C18 CLA WY . -66.01 -0.84 -1.08
C19 CLA WY . -67.47 -0.63 -1.47
C20 CLA WY . -65.24 -1.52 -2.20
MG CLA XY . -60.30 4.45 -12.13
CHA CLA XY . -58.86 5.85 -14.94
CHB CLA XY . -63.00 6.58 -12.39
CHC CLA XY . -61.64 2.95 -9.52
CHD CLA XY . -57.52 2.27 -11.88
NA CLA XY . -60.90 6.04 -13.54
C1A CLA XY . -60.21 6.46 -14.61
C2A CLA XY . -60.91 7.61 -15.29
C3A CLA XY . -62.18 7.80 -14.45
C4A CLA XY . -62.04 6.75 -13.39
CMA CLA XY . -62.61 9.19 -14.01
CAA CLA XY . -61.31 7.55 -16.78
CBA CLA XY . -60.92 6.35 -17.66
CGA CLA XY . -61.12 6.72 -19.11
O1A CLA XY . -61.29 7.89 -19.41
O2A CLA XY . -61.08 5.77 -20.04
NB CLA XY . -62.05 4.71 -11.12
C1B CLA XY . -63.02 5.65 -11.34
C2B CLA XY . -64.06 5.54 -10.35
C3B CLA XY . -63.67 4.50 -9.54
C4B CLA XY . -62.39 4.00 -10.04
CMB CLA XY . -65.30 6.40 -10.28
CAB CLA XY . -64.36 3.95 -8.35
CBB CLA XY . -64.88 4.83 -7.23
NC CLA XY . -59.70 2.83 -10.93
C1C CLA XY . -60.39 2.40 -9.89
C2C CLA XY . -59.72 1.29 -9.17
C3C CLA XY . -58.56 1.09 -9.88
C4C CLA XY . -58.56 2.06 -10.97
CMC CLA XY . -60.20 0.55 -7.96
CAC CLA XY . -57.49 0.07 -9.58
CBC CLA XY . -57.60 -1.12 -10.52
ND CLA XY . -58.62 4.06 -13.09
C1D CLA XY . -57.57 3.20 -12.94
C2D CLA XY . -56.55 3.39 -13.97
C3D CLA XY . -57.07 4.42 -14.74
C4D CLA XY . -58.30 4.81 -14.22
CMD CLA XY . -55.23 2.74 -14.28
CAD CLA XY . -56.78 5.23 -15.91
OBD CLA XY . -55.80 5.14 -16.62
CBD CLA XY . -57.84 6.28 -15.97
CGD CLA XY . -57.27 7.60 -15.54
O1D CLA XY . -56.87 7.76 -14.41
O2D CLA XY . -57.18 8.62 -16.40
CED CLA XY . -55.96 9.35 -16.36
C1 CLA XY . -62.27 5.00 -20.39
C2 CLA XY . -62.67 3.70 -19.72
C3 CLA XY . -63.60 2.92 -20.27
C4 CLA XY . -64.28 3.29 -21.56
C5 CLA XY . -64.06 1.60 -19.69
C6 CLA XY . -65.21 1.79 -18.71
C7 CLA XY . -66.57 1.41 -19.30
C8 CLA XY . -67.72 2.24 -18.71
C9 CLA XY . -67.28 3.64 -18.30
C10 CLA XY . -68.42 1.46 -17.59
C11 CLA XY . -69.24 2.38 -16.69
C12 CLA XY . -70.37 1.65 -15.98
C13 CLA XY . -71.39 2.66 -15.45
C14 CLA XY . -72.57 1.96 -14.76
C15 CLA XY . -71.86 3.52 -16.61
C16 CLA XY . -72.94 4.51 -16.19
C17 CLA XY . -73.84 4.80 -17.39
C18 CLA XY . -74.82 5.93 -17.13
C19 CLA XY . -75.89 5.94 -18.22
C20 CLA XY . -75.46 5.84 -15.75
MG CLA YY . -69.35 22.22 -6.31
CHA CLA YY . -69.90 19.03 -5.07
CHB CLA YY . -72.31 23.33 -4.95
CHC CLA YY . -68.64 25.24 -7.44
CHD CLA YY . -66.31 21.08 -7.71
NA CLA YY . -70.95 21.30 -5.11
C1A CLA YY . -71.01 20.02 -4.71
C2A CLA YY . -72.28 19.74 -3.93
C3A CLA YY . -72.98 21.11 -3.91
C4A CLA YY . -72.05 21.97 -4.70
CMA CLA YY . -74.48 21.23 -4.17
CAA CLA YY . -72.01 19.29 -2.51
CBA CLA YY . -72.84 18.04 -2.24
CGA CLA YY . -72.29 17.30 -1.06
O1A CLA YY . -71.17 16.82 -1.15
O2A CLA YY . -73.01 17.17 0.05
NB CLA YY . -70.32 24.01 -6.19
C1B CLA YY . -71.53 24.27 -5.65
C2B CLA YY . -71.89 25.65 -5.86
C3B CLA YY . -70.84 26.19 -6.57
C4B CLA YY . -69.86 25.13 -6.77
CMB CLA YY . -73.18 26.27 -5.38
CAB CLA YY . -70.62 27.56 -7.10
CBB CLA YY . -71.11 28.83 -6.43
NC CLA YY . -67.71 23.03 -7.35
C1C CLA YY . -67.65 24.30 -7.76
C2C CLA YY . -66.44 24.58 -8.57
C3C CLA YY . -65.78 23.39 -8.62
C4C CLA YY . -66.59 22.44 -7.87
CMC CLA YY . -66.07 25.91 -9.18
CAC CLA YY . -64.47 23.10 -9.33
CBC CLA YY . -64.75 22.53 -10.71
ND CLA YY . -68.31 20.55 -6.43
C1D CLA YY . -67.12 20.18 -6.98
C2D CLA YY . -66.81 18.78 -6.73
C3D CLA YY . -67.90 18.34 -5.98
C4D CLA YY . -68.79 19.40 -5.81
CMD CLA YY . -65.65 17.92 -7.12
CAD CLA YY . -68.44 17.17 -5.33
OBD CLA YY . -67.81 16.16 -5.06
CBD CLA YY . -69.76 17.56 -4.71
CGD CLA YY . -70.87 16.75 -5.33
O1D CLA YY . -71.31 15.78 -4.74
O2D CLA YY . -71.37 17.07 -6.51
CED CLA YY . -72.77 17.24 -6.60
C1 CLA YY . -74.41 17.58 0.14
C2 CLA YY . -74.83 18.96 0.59
C3 CLA YY . -76.02 19.16 1.19
C4 CLA YY . -76.98 18.04 1.44
C5 CLA YY . -76.47 20.52 1.66
C6 CLA YY . -77.81 20.89 1.03
C7 CLA YY . -77.61 21.84 -0.15
C8 CLA YY . -78.67 22.93 -0.20
C9 CLA YY . -80.06 22.34 -0.38
C10 CLA YY . -78.33 23.91 -1.32
C11 CLA YY . -78.05 25.31 -0.78
C12 CLA YY . -78.12 26.37 -1.88
C13 CLA YY . -78.04 27.78 -1.29
C14 CLA YY . -79.41 28.28 -0.88
C15 CLA YY . -77.39 28.72 -2.29
C16 CLA YY . -75.92 28.42 -2.50
C17 CLA YY . -75.17 29.70 -2.85
C18 CLA YY . -73.97 29.44 -3.74
C19 CLA YY . -73.68 30.64 -4.63
C20 CLA YY . -72.75 29.06 -2.91
MG CLA ZY . -71.75 19.46 -15.27
CHA CLA ZY . -71.01 20.91 -18.32
CHB CLA ZY . -69.47 21.48 -13.70
CHC CLA ZY . -72.60 18.02 -12.42
CHD CLA ZY . -74.13 17.41 -16.91
NA CLA ZY . -70.38 21.05 -15.93
C1A CLA ZY . -70.22 21.51 -17.18
C2A CLA ZY . -69.17 22.60 -17.24
C3A CLA ZY . -68.72 22.72 -15.78
C4A CLA ZY . -69.56 21.71 -15.07
CMA CLA ZY . -67.23 22.78 -15.47
CAA CLA ZY . -69.61 24.03 -17.61
CBA CLA ZY . -71.02 24.34 -18.11
CGA CLA ZY . -72.09 24.09 -17.06
O1A CLA ZY . -72.12 24.75 -16.03
O2A CLA ZY . -72.95 23.13 -17.32
NB CLA ZY . -71.13 19.71 -13.35
C1B CLA ZY . -70.18 20.57 -12.89
C2B CLA ZY . -70.01 20.41 -11.47
C3B CLA ZY . -70.90 19.44 -11.11
C4B CLA ZY . -71.61 19.00 -12.32
CMB CLA ZY . -69.06 21.19 -10.61
CAB CLA ZY . -71.14 18.87 -9.77
CBB CLA ZY . -70.00 18.34 -8.94
NC CLA ZY . -73.21 18.03 -14.74
C1C CLA ZY . -73.32 17.51 -13.52
C2C CLA ZY . -74.29 16.39 -13.46
C3C CLA ZY . -74.73 16.26 -14.75
C4C CLA ZY . -74.06 17.28 -15.53
CMC CLA ZY . -74.67 15.57 -12.26
CAC CLA ZY . -75.74 15.24 -15.25
CBC CLA ZY . -77.09 15.89 -15.44
ND CLA ZY . -72.49 19.17 -17.09
C1D CLA ZY . -73.38 18.33 -17.67
C2D CLA ZY . -73.44 18.50 -19.12
C3D CLA ZY . -72.52 19.52 -19.36
C4D CLA ZY . -71.95 19.90 -18.14
CMD CLA ZY . -74.23 17.85 -20.21
CAD CLA ZY . -71.94 20.30 -20.43
OBD CLA ZY . -71.99 20.00 -21.61
CBD CLA ZY . -70.93 21.21 -19.81
CGD CLA ZY . -69.56 20.84 -20.30
O1D CLA ZY . -69.04 19.80 -19.95
O2D CLA ZY . -68.90 21.63 -21.15
CED CLA ZY . -68.47 20.99 -22.35
C1 CLA ZY . -74.28 23.18 -16.74
C2 CLA ZY . -74.84 22.10 -15.86
C3 CLA ZY . -76.15 22.10 -15.57
C4 CLA ZY . -77.06 23.15 -16.12
C5 CLA ZY . -76.77 21.05 -14.68
C6 CLA ZY . -77.77 21.71 -13.72
C7 CLA ZY . -77.06 22.38 -12.54
C8 CLA ZY . -78.03 23.23 -11.75
C9 CLA ZY . -77.40 24.59 -11.42
C10 CLA ZY . -78.47 22.43 -10.52
C11 CLA ZY . -78.58 23.25 -9.23
C12 CLA ZY . -77.55 22.79 -8.21
C13 CLA ZY . -78.16 22.63 -6.83
C14 CLA ZY . -77.23 23.17 -5.75
C15 CLA ZY . -78.49 21.16 -6.58
C16 CLA ZY . -77.22 20.32 -6.45
C17 CLA ZY . -77.56 18.89 -6.08
C18 CLA ZY . -76.47 18.26 -5.23
C19 CLA ZY . -76.80 18.37 -3.74
C20 CLA ZY . -76.28 16.80 -5.62
C1 BCR AZ . -91.89 9.39 -6.06
C2 BCR AZ . -92.82 8.33 -5.49
C3 BCR AZ . -92.25 6.93 -5.57
C4 BCR AZ . -91.82 6.59 -7.00
C5 BCR AZ . -91.00 7.70 -7.62
C6 BCR AZ . -91.35 8.97 -7.41
C7 BCR AZ . -91.21 9.96 -8.50
C8 BCR AZ . -90.20 10.82 -8.59
C9 BCR AZ . -90.02 11.81 -9.64
C10 BCR AZ . -89.03 12.86 -9.46
C11 BCR AZ . -87.65 13.12 -9.25
C33 BCR AZ . -89.82 7.33 -8.46
C31 BCR AZ . -90.69 9.60 -5.15
C32 BCR AZ . -92.68 10.69 -6.19
C34 BCR AZ . -90.85 11.78 -10.88
C12 BCR AZ . -86.48 13.36 -9.05
C13 BCR AZ . -85.30 14.11 -9.28
C14 BCR AZ . -84.08 13.57 -8.99
C15 BCR AZ . -82.90 14.34 -9.21
C16 BCR AZ . -81.59 14.48 -9.46
C17 BCR AZ . -80.99 15.63 -9.50
C18 BCR AZ . -79.67 15.87 -9.32
C19 BCR AZ . -79.11 17.23 -9.39
C20 BCR AZ . -78.07 18.01 -9.68
C21 BCR AZ . -77.30 19.20 -9.82
C22 BCR AZ . -75.95 19.31 -9.79
C23 BCR AZ . -75.33 20.63 -9.94
C24 BCR AZ . -73.88 20.90 -10.20
C25 BCR AZ . -73.38 22.27 -10.31
C26 BCR AZ . -73.34 22.87 -11.50
C27 BCR AZ . -73.28 24.38 -11.62
C28 BCR AZ . -72.37 24.99 -10.55
C29 BCR AZ . -71.85 24.04 -9.48
C30 BCR AZ . -72.87 22.98 -9.06
C35 BCR AZ . -85.40 15.50 -9.83
C36 BCR AZ . -78.75 14.72 -9.03
C37 BCR AZ . -75.09 18.11 -9.59
C38 BCR AZ . -73.34 22.07 -12.76
C39 BCR AZ . -73.99 23.59 -8.22
C40 BCR AZ . -72.14 21.93 -8.24
C1 BCR BZ . -50.96 22.83 11.44
C2 BCR BZ . -50.41 24.26 11.35
C3 BCR BZ . -49.23 24.47 12.30
C4 BCR BZ . -49.68 24.20 13.72
C5 BCR BZ . -50.37 22.86 13.83
C6 BCR BZ . -51.21 22.46 12.89
C7 BCR BZ . -52.35 21.64 13.31
C8 BCR BZ . -53.47 22.12 13.84
C9 BCR BZ . -54.62 21.35 14.28
C10 BCR BZ . -55.93 21.47 13.66
C11 BCR BZ . -57.30 21.75 13.90
C33 BCR BZ . -50.09 22.02 15.02
C31 BCR BZ . -49.95 21.82 10.93
C32 BCR BZ . -52.25 22.72 10.64
C34 BCR BZ . -54.49 20.37 15.40
C12 BCR BZ . -58.46 22.02 14.04
C13 BCR BZ . -59.80 21.86 14.47
C14 BCR BZ . -60.58 22.95 14.74
C15 BCR BZ . -61.93 22.89 15.19
C16 BCR BZ . -63.05 23.53 15.59
C17 BCR BZ . -64.17 22.92 15.88
C18 BCR BZ . -65.35 23.51 16.24
C19 BCR BZ . -66.55 22.70 16.53
C20 BCR BZ . -67.87 22.51 16.46
C21 BCR BZ . -69.13 21.85 16.67
C22 BCR BZ . -70.34 22.41 16.81
C23 BCR BZ . -71.47 21.51 17.06
C24 BCR BZ . -72.88 21.92 17.40
C25 BCR BZ . -73.90 20.89 17.66
C26 BCR BZ . -74.61 20.36 16.65
C27 BCR BZ . -75.60 19.24 16.86
C28 BCR BZ . -75.57 18.63 18.27
C29 BCR BZ . -75.45 19.74 19.29
C30 BCR BZ . -74.12 20.46 19.12
C35 BCR BZ . -60.31 20.47 14.68
C36 BCR BZ . -65.44 25.00 16.34
C37 BCR BZ . -70.53 23.89 16.72
C38 BCR BZ . -74.49 20.85 15.25
C39 BCR BZ . -73.00 19.53 19.56
C40 BCR BZ . -74.15 21.70 20.01
C1 BCR CZ . -80.95 -1.09 -13.67
C2 BCR CZ . -82.41 -1.38 -13.35
C3 BCR CZ . -82.55 -2.16 -12.04
C4 BCR CZ . -81.94 -1.40 -10.87
C5 BCR CZ . -80.90 -0.39 -11.28
C6 BCR CZ . -80.27 -0.48 -12.46
C7 BCR CZ . -78.89 0.08 -12.56
C8 BCR CZ . -77.79 -0.62 -12.39
C9 BCR CZ . -76.44 -0.10 -12.47
C10 BCR CZ . -75.44 -0.71 -13.34
C11 BCR CZ . -74.38 -1.66 -13.44
C33 BCR CZ . -80.56 0.73 -10.34
C31 BCR CZ . -80.83 -0.12 -14.82
C32 BCR CZ . -80.28 -2.42 -14.04
C34 BCR CZ . -76.05 1.10 -11.66
C12 BCR CZ . -73.48 -2.45 -13.59
C13 BCR CZ . -72.35 -3.22 -13.21
C14 BCR CZ . -71.83 -4.13 -14.06
C15 BCR CZ . -70.70 -4.93 -13.72
C16 BCR CZ . -69.98 -6.06 -13.88
C17 BCR CZ . -68.87 -6.32 -13.24
C18 BCR CZ . -68.24 -7.50 -13.16
C19 BCR CZ . -66.99 -7.73 -12.42
C20 BCR CZ . -65.86 -8.44 -12.36
C21 BCR CZ . -64.61 -8.97 -11.93
C22 BCR CZ . -64.08 -10.16 -12.25
C23 BCR CZ . -62.76 -10.57 -11.71
C24 BCR CZ . -61.42 -10.06 -12.16
C25 BCR CZ . -60.20 -10.57 -11.53
C26 BCR CZ . -59.85 -10.19 -10.30
C27 BCR CZ . -59.02 -11.11 -9.43
C28 BCR CZ . -57.92 -11.84 -10.21
C29 BCR CZ . -57.93 -11.58 -11.72
C30 BCR CZ . -59.32 -11.53 -12.33
C35 BCR CZ . -71.70 -3.03 -11.86
C36 BCR CZ . -68.87 -8.66 -13.87
C37 BCR CZ . -64.85 -11.09 -13.13
C38 BCR CZ . -60.27 -8.88 -9.72
C39 BCR CZ . -59.96 -12.91 -12.40
C40 BCR CZ . -59.16 -10.99 -13.75
C1 BCR DZ . -86.91 -0.63 -9.25
C2 BCR DZ . -86.77 -0.52 -7.72
C3 BCR DZ . -87.84 0.38 -7.11
C4 BCR DZ . -87.79 1.76 -7.75
C5 BCR DZ . -87.77 1.67 -9.25
C6 BCR DZ . -87.02 0.77 -9.85
C7 BCR DZ . -86.29 1.16 -11.07
C8 BCR DZ . -85.24 1.95 -11.03
C9 BCR DZ . -84.46 2.37 -12.18
C10 BCR DZ . -83.47 3.40 -12.04
C11 BCR DZ . -82.10 3.74 -11.85
C33 BCR DZ . -88.62 2.60 -10.05
C31 BCR DZ . -88.17 -1.39 -9.62
C32 BCR DZ . -85.69 -1.36 -9.81
C34 BCR DZ . -84.70 1.75 -13.51
C12 BCR DZ . -80.98 4.07 -11.55
C13 BCR DZ . -79.59 4.20 -11.81
C14 BCR DZ . -78.74 4.56 -10.82
C15 BCR DZ . -77.34 4.74 -11.04
C16 BCR DZ . -76.05 4.80 -10.64
C17 BCR DZ . -75.06 5.06 -11.44
C18 BCR DZ . -73.79 5.35 -11.09
C19 BCR DZ . -72.75 5.63 -12.10
C20 BCR DZ . -71.46 5.53 -12.40
C21 BCR DZ . -70.17 5.55 -13.01
C22 BCR DZ . -68.97 5.59 -12.38
C23 BCR DZ . -67.69 5.58 -13.12
C24 BCR DZ . -67.35 4.70 -14.30
C25 BCR DZ . -66.05 4.65 -15.01
C26 BCR DZ . -65.64 5.64 -15.83
C27 BCR DZ . -64.31 5.56 -16.53
C28 BCR DZ . -63.36 4.63 -15.81
C29 BCR DZ . -64.01 3.28 -15.71
C30 BCR DZ . -65.19 3.39 -14.77
C35 BCR DZ . -79.02 4.03 -13.22
C36 BCR DZ . -73.43 5.39 -9.64
C37 BCR DZ . -68.96 5.61 -10.88
C38 BCR DZ . -66.46 6.86 -16.14
C39 BCR DZ . -64.65 3.43 -13.35
C40 BCR DZ . -66.01 2.13 -14.98
C1A DGD EZ . -62.80 8.48 25.19
C2A DGD EZ . -61.60 9.27 24.73
C3A DGD EZ . -60.36 8.38 24.74
C4A DGD EZ . -59.05 9.14 24.60
C5A DGD EZ . -58.62 9.36 23.15
C6A DGD EZ . -58.92 10.77 22.67
C7A DGD EZ . -58.33 11.82 23.61
C8A DGD EZ . -58.86 13.20 23.27
C9A DGD EZ . -58.22 14.23 24.17
O1A DGD EZ . -62.92 8.14 26.35
C1B DGD EZ . -65.78 10.85 22.33
C2B DGD EZ . -65.82 11.11 20.84
C3B DGD EZ . -64.46 11.56 20.35
C4B DGD EZ . -63.83 10.53 19.43
C5B DGD EZ . -63.37 9.30 20.19
C6B DGD EZ . -62.04 8.78 19.61
C7B DGD EZ . -61.82 7.31 19.92
C8B DGD EZ . -60.54 6.81 19.25
C9B DGD EZ . -59.36 7.36 20.02
CAB DGD EZ . -58.14 7.37 19.51
CBB DGD EZ . -57.82 6.85 18.12
CCB DGD EZ . -56.37 7.13 17.83
CDB DGD EZ . -55.91 7.02 16.59
CEB DGD EZ . -54.47 7.29 16.26
CFB DGD EZ . -53.56 6.34 16.99
CGB DGD EZ . -53.42 5.08 16.58
O1B DGD EZ . -65.70 11.79 23.10
O1G DGD EZ . -63.83 8.08 24.23
C1G DGD EZ . -65.22 8.12 24.58
C2G DGD EZ . -65.83 9.46 24.21
O2G DGD EZ . -65.84 9.59 22.78
C3G DGD EZ . -67.24 9.52 24.78
O3G DGD EZ . -67.18 9.59 26.20
C1D DGD EZ . -68.33 9.03 26.84
C2D DGD EZ . -68.05 8.88 28.33
O2D DGD EZ . -66.93 8.02 28.53
C3D DGD EZ . -69.27 8.32 29.02
O3D DGD EZ . -69.05 8.26 30.44
C4D DGD EZ . -70.51 9.17 28.73
O4D DGD EZ . -70.37 10.47 29.32
C5D DGD EZ . -70.67 9.31 27.22
O5D DGD EZ . -73.10 9.43 27.05
C6D DGD EZ . -71.89 10.18 26.89
O6D DGD EZ . -69.49 9.86 26.65
C1E DGD EZ . -74.00 10.06 27.95
C2E DGD EZ . -74.64 9.02 28.85
O2E DGD EZ . -73.61 8.27 29.49
C3E DGD EZ . -75.52 8.09 28.05
O3E DGD EZ . -76.24 7.22 28.94
C4E DGD EZ . -76.54 8.87 27.22
O4E DGD EZ . -77.51 9.47 28.09
C5E DGD EZ . -75.86 9.95 26.40
O6E DGD EZ . -75.03 10.76 27.22
C6E DGD EZ . -76.92 10.82 25.75
O5E DGD EZ . -77.74 10.03 24.90
C1A DGD FZ . -72.34 -11.50 3.02
C2A DGD FZ . -71.38 -12.02 1.99
C3A DGD FZ . -70.22 -11.05 1.74
C4A DGD FZ . -69.02 -11.40 2.62
C5A DGD FZ . -68.15 -10.17 2.89
C6A DGD FZ . -66.92 -10.12 2.00
C7A DGD FZ . -65.90 -11.13 2.48
C8A DGD FZ . -64.58 -11.02 1.71
C9A DGD FZ . -63.89 -9.71 2.02
CAA DGD FZ . -62.84 -9.31 1.31
CBA DGD FZ . -62.34 -10.19 0.18
CCA DGD FZ . -61.30 -9.50 -0.67
CDA DGD FZ . -60.87 -10.13 -1.75
CEA DGD FZ . -59.84 -9.53 -2.68
CFA DGD FZ . -59.58 -10.54 -3.78
CGA DGD FZ . -59.23 -11.78 -3.46
O1A DGD FZ . -71.95 -10.83 3.96
C1B DGD FZ . -74.67 -8.79 3.78
C2B DGD FZ . -73.73 -7.96 2.94
C3B DGD FZ . -72.43 -7.64 3.67
C4B DGD FZ . -72.53 -6.34 4.46
C5B DGD FZ . -71.31 -6.22 5.36
C6B DGD FZ . -70.07 -5.91 4.53
C7B DGD FZ . -69.87 -4.41 4.39
C8B DGD FZ . -69.83 -3.74 5.76
C9B DGD FZ . -68.66 -4.25 6.56
CAB DGD FZ . -68.62 -4.06 7.87
CBB DGD FZ . -67.45 -4.57 8.68
CCB DGD FZ . -67.82 -4.56 10.15
CDB DGD FZ . -66.95 -4.89 11.10
CEB DGD FZ . -65.54 -5.31 10.80
CFB DGD FZ . -65.49 -6.80 10.54
CGB DGD FZ . -65.60 -7.64 11.56
O1B DGD FZ . -74.85 -8.55 4.97
O1G DGD FZ . -73.77 -11.78 2.95
C1G DGD FZ . -74.50 -11.85 4.17
C2G DGD FZ . -75.64 -10.85 4.15
O2G DGD FZ . -75.34 -9.81 3.22
C3G DGD FZ . -76.94 -11.53 3.73
O3G DGD FZ . -77.17 -12.67 4.54
C1D DGD FZ . -78.17 -12.43 5.54
C2D DGD FZ . -78.74 -13.77 5.99
O2D DGD FZ . -79.38 -14.41 4.89
C3D DGD FZ . -79.74 -13.56 7.12
O3D DGD FZ . -80.19 -14.83 7.60
C4D DGD FZ . -79.10 -12.75 8.25
O4D DGD FZ . -78.06 -13.53 8.85
C5D DGD FZ . -78.52 -11.46 7.70
O5D DGD FZ . -78.62 -10.58 9.96
C6D DGD FZ . -77.81 -10.69 8.79
O6D DGD FZ . -77.59 -11.76 6.66
C1E DGD FZ . -79.47 -9.45 9.95
C2E DGD FZ . -79.38 -8.72 11.29
O2E DGD FZ . -78.05 -8.23 11.49
C3E DGD FZ . -79.74 -9.69 12.42
O3E DGD FZ . -79.82 -8.95 13.65
C4E DGD FZ . -81.07 -10.39 12.17
O4E DGD FZ . -82.15 -9.50 12.45
C5E DGD FZ . -81.17 -10.91 10.72
O6E DGD FZ . -80.82 -9.88 9.79
C6E DGD FZ . -82.57 -11.43 10.41
O5E DGD FZ . -82.86 -12.57 11.24
C1A DGD GZ . -67.79 -19.55 7.02
C2A DGD GZ . -66.62 -18.80 6.43
C3A DGD GZ . -65.32 -19.43 6.90
C4A DGD GZ . -64.11 -18.67 6.36
C5A DGD GZ . -64.00 -17.28 6.98
C6A DGD GZ . -63.21 -16.35 6.05
C7A DGD GZ . -61.88 -16.95 5.63
C8A DGD GZ . -60.73 -16.62 6.59
C9A DGD GZ . -59.46 -17.26 6.11
CAA DGD GZ . -58.37 -17.24 6.87
CBA DGD GZ . -57.07 -17.87 6.44
CCA DGD GZ . -56.43 -17.02 5.36
CDA DGD GZ . -55.10 -17.03 5.20
O1A DGD GZ . -67.86 -20.76 6.94
C1B DGD GZ . -71.15 -15.33 7.94
C2B DGD GZ . -71.30 -13.96 7.31
C3B DGD GZ . -70.36 -12.96 7.97
C4B DGD GZ . -68.92 -13.08 7.45
C5B DGD GZ . -68.04 -11.98 8.04
C6B DGD GZ . -66.55 -12.21 7.86
C7B DGD GZ . -66.03 -11.99 6.45
C8B DGD GZ . -64.52 -11.80 6.51
C9B DGD GZ . -63.85 -12.16 5.20
CAB DGD GZ . -62.52 -12.13 5.09
CBB DGD GZ . -61.85 -12.48 3.78
CCB DGD GZ . -61.92 -13.97 3.52
CDB DGD GZ . -61.26 -14.51 2.51
CEB DGD GZ . -60.40 -13.68 1.57
CFB DGD GZ . -58.94 -14.00 1.78
CGB DGD GZ . -58.04 -13.39 1.02
O1B DGD GZ . -71.26 -15.45 9.16
O1G DGD GZ . -68.86 -18.82 7.70
C1G DGD GZ . -70.15 -18.71 7.09
C2G DGD GZ . -70.97 -17.67 7.84
O2G DGD GZ . -70.88 -16.41 7.19
C3G DGD GZ . -72.41 -18.17 7.93
O3G DGD GZ . -72.42 -19.37 8.71
C1D DGD GZ . -73.73 -19.74 9.12
C2D DGD GZ . -73.68 -21.14 9.74
O2D DGD GZ . -73.37 -22.09 8.72
C3D DGD GZ . -75.00 -21.52 10.41
O3D DGD GZ . -74.84 -22.71 11.17
C4D DGD GZ . -75.48 -20.40 11.31
O4D DGD GZ . -74.57 -20.24 12.40
C5D DGD GZ . -75.56 -19.12 10.51
O5D DGD GZ . -77.35 -18.57 11.97
C6D DGD GZ . -76.20 -18.02 11.36
O6D DGD GZ . -74.24 -18.78 10.07
C1E DGD GZ . -78.24 -17.61 12.54
C2E DGD GZ . -79.04 -18.27 13.65
O2E DGD GZ . -78.15 -18.84 14.63
C3E DGD GZ . -79.93 -19.38 13.09
O3E DGD GZ . -80.78 -19.90 14.12
C4E DGD GZ . -80.78 -18.86 11.93
O4E DGD GZ . -81.75 -17.93 12.44
C5E DGD GZ . -79.90 -18.16 10.90
O6E DGD GZ . -79.14 -17.12 11.53
C6E DGD GZ . -80.74 -17.60 9.77
O5E DGD GZ . -80.11 -16.43 9.24
C1 LMG HZ . -81.83 -11.24 4.18
O1 LMG HZ . -81.32 -10.76 2.93
C2 LMG HZ . -81.74 -10.14 5.22
O2 LMG HZ . -80.38 -9.77 5.43
C3 LMG HZ . -82.34 -10.64 6.54
O3 LMG HZ . -82.37 -9.58 7.51
C4 LMG HZ . -83.75 -11.17 6.32
O4 LMG HZ . -84.62 -10.07 5.99
C5 LMG HZ . -83.77 -12.19 5.19
O5 LMG HZ . -85.88 -12.97 6.09
C6 LMG HZ . -85.20 -12.62 4.88
O6 LMG HZ . -83.20 -11.63 4.02
C7 LMG HZ . -81.15 -11.83 1.98
C8 LMG HZ . -81.06 -11.30 0.56
C9 LMG HZ . -79.69 -10.69 0.29
O7 LMG HZ . -81.30 -12.36 -0.37
C10 LMG HZ . -82.06 -11.99 -1.40
O9 LMG HZ . -83.20 -11.63 -1.19
C11 LMG HZ . -81.52 -12.03 -2.82
C12 LMG HZ . -80.09 -12.57 -2.84
C13 LMG HZ . -79.58 -12.78 -4.26
C14 LMG HZ . -79.14 -11.46 -4.90
C15 LMG HZ . -77.82 -10.96 -4.34
C16 LMG HZ . -76.67 -11.85 -4.84
C17 LMG HZ . -75.30 -11.29 -4.49
C18 LMG HZ . -74.29 -12.30 -4.98
C19 LMG HZ . -72.98 -12.06 -4.95
C20 LMG HZ . -72.41 -10.77 -4.44
C21 LMG HZ . -70.92 -10.81 -4.68
C22 LMG HZ . -70.09 -9.98 -4.08
C23 LMG HZ . -68.62 -10.09 -4.39
C24 LMG HZ . -67.82 -9.81 -3.14
C25 LMG HZ . -66.50 -9.96 -3.14
O8 LMG HZ . -78.73 -11.75 0.16
C28 LMG HZ . -77.54 -11.52 -0.42
O10 LMG HZ . -77.20 -12.23 -1.35
C29 LMG HZ . -76.64 -10.42 0.08
C30 LMG HZ . -75.43 -10.25 -0.84
C31 LMG HZ . -74.52 -9.13 -0.38
C32 LMG HZ . -73.06 -9.40 -0.72
C33 LMG HZ . -72.20 -8.16 -0.47
C34 LMG HZ . -70.72 -8.42 -0.78
C35 LMG HZ . -69.85 -7.23 -0.41
C36 LMG HZ . -68.39 -7.66 -0.37
C37 LMG HZ . -67.42 -6.80 -0.07
C38 LMG HZ . -67.70 -5.35 0.26
C39 LMG HZ . -66.96 -4.95 1.51
C40 LMG HZ . -67.19 -3.76 2.07
C41 LMG HZ . -66.46 -3.34 3.33
C42 LMG HZ . -67.12 -2.12 3.92
C43 LMG HZ . -66.79 -1.70 5.13
C1 LMG IZ . -53.45 40.39 8.15
O1 LMG IZ . -54.29 39.53 8.91
C2 LMG IZ . -52.02 39.89 8.23
O2 LMG IZ . -51.54 40.06 9.57
C3 LMG IZ . -51.09 40.63 7.28
O3 LMG IZ . -49.82 39.96 7.25
C4 LMG IZ . -51.68 40.69 5.88
O4 LMG IZ . -51.68 39.40 5.28
C5 LMG IZ . -53.11 41.20 5.91
O5 LMG IZ . -55.09 41.54 4.57
C6 LMG IZ . -53.71 41.16 4.51
O6 LMG IZ . -53.89 40.39 6.79
C7 LMG IZ . -55.18 40.26 9.78
C8 LMG IZ . -56.21 39.31 10.37
C9 LMG IZ . -55.58 37.95 10.64
O7 LMG IZ . -56.71 39.82 11.60
C10 LMG IZ . -57.67 40.75 11.46
O9 LMG IZ . -58.51 40.61 10.58
C11 LMG IZ . -57.73 41.91 12.41
C12 LMG IZ . -58.50 41.56 13.67
C13 LMG IZ . -60.01 41.52 13.44
C14 LMG IZ . -60.77 41.79 14.72
C15 LMG IZ . -62.27 41.60 14.52
C16 LMG IZ . -63.11 42.47 15.45
C17 LMG IZ . -63.05 42.01 16.91
C18 LMG IZ . -64.20 42.62 17.68
C19 LMG IZ . -64.35 42.43 18.99
C20 LMG IZ . -63.34 41.62 19.77
C21 LMG IZ . -63.84 41.35 21.17
C22 LMG IZ . -62.98 40.88 22.09
C23 LMG IZ . -63.44 40.60 23.50
C24 LMG IZ . -64.20 39.29 23.51
C25 LMG IZ . -64.36 38.62 24.65
C26 LMG IZ . -65.13 37.32 24.64
C27 LMG IZ . -65.03 36.67 26.00
O8 LMG IZ . -56.61 37.04 11.03
C28 LMG IZ . -56.34 36.00 11.81
O10 LMG IZ . -55.59 35.13 11.41
C29 LMG IZ . -56.95 35.90 13.19
C30 LMG IZ . -58.45 35.72 13.07
C31 LMG IZ . -59.19 36.20 14.31
C32 LMG IZ . -60.66 36.46 14.03
C33 LMG IZ . -60.84 37.38 12.82
C34 LMG IZ . -62.31 37.74 12.61
C35 LMG IZ . -62.53 38.28 11.20
C36 LMG IZ . -63.92 38.85 11.07
C37 LMG IZ . -64.29 39.44 9.94
C38 LMG IZ . -65.66 40.03 9.77
C39 LMG IZ . -65.68 40.81 8.48
C40 LMG IZ . -66.83 41.26 7.97
C41 LMG IZ . -66.82 42.03 6.67
C42 LMG IZ . -68.23 42.10 6.12
C43 LMG IZ . -68.47 42.49 4.87
C44 LMG IZ . -67.33 42.88 3.94
C45 LMG IZ . -67.90 43.40 2.63
CA1 DGA JZ . -51.03 32.78 14.50
CA2 DGA JZ . -51.58 31.41 14.03
CA3 DGA JZ . -52.98 31.17 14.68
CA4 DGA JZ . -53.89 32.40 14.46
CA5 DGA JZ . -55.39 31.96 14.38
CA6 DGA JZ . -55.74 31.08 15.63
CA7 DGA JZ . -56.86 31.78 16.44
CA8 DGA JZ . -56.49 31.73 17.96
CA9 DGA JZ . -57.66 31.09 18.77
CAA DGA JZ . -57.21 30.88 20.22
CBA DGA JZ . -58.44 30.83 21.15
CCA DGA JZ . -57.97 30.65 22.61
CDA DGA JZ . -57.68 29.15 22.90
CEA DGA JZ . -56.93 29.00 24.26
CFA DGA JZ . -57.74 29.68 25.42
CGA DGA JZ . -56.80 29.93 26.62
CHA DGA JZ . -57.62 30.27 27.88
CIA DGA JZ . -58.06 28.98 28.60
OA1 DGA JZ . -50.82 32.98 15.67
CB1 DGA JZ . -50.60 37.17 14.35
CB2 DGA JZ . -51.70 37.21 15.45
CB3 DGA JZ . -52.49 35.85 15.50
CB4 DGA JZ . -53.42 35.80 16.75
CB5 DGA JZ . -52.68 36.35 17.99
CB6 DGA JZ . -53.20 35.69 19.27
CB7 DGA JZ . -52.64 36.44 20.49
CB8 DGA JZ . -53.61 36.30 21.68
CB9 DGA JZ . -53.15 37.23 22.81
CAB DGA JZ . -52.53 36.39 23.95
CBB DGA JZ . -53.01 36.94 25.32
CCB DGA JZ . -52.53 38.41 25.49
CDB DGA JZ . -51.39 37.69 26.30
CEB DGA JZ . -51.02 38.52 27.57
CFB DGA JZ . -49.79 37.87 28.26
CGB DGA JZ . -48.49 38.51 27.70
CHB DGA JZ . -47.29 37.58 27.95
CIB DGA JZ . -47.12 37.33 29.47
OB1 DGA JZ . -50.67 37.90 13.42
OG1 DGA JZ . -50.75 33.80 13.55
CG1 DGA JZ . -49.37 34.11 13.42
CG2 DGA JZ . -49.20 35.61 13.25
OG2 DGA JZ . -49.49 36.27 14.46
CG3 DGA JZ . -47.77 35.92 12.84
OXT DGA JZ . -47.77 37.07 12.03
O1 LHG KZ . -69.36 34.02 -17.65
C1 LHG KZ . -68.02 34.36 -17.29
C2 LHG KZ . -67.94 34.51 -15.78
O2 LHG KZ . -66.85 35.37 -15.45
C3 LHG KZ . -67.69 33.14 -15.17
O3 LHG KZ . -68.94 32.57 -14.73
P LHG KZ . -69.60 31.38 -15.57
O4 LHG KZ . -70.30 31.97 -16.77
O5 LHG KZ . -68.57 30.29 -15.77
O6 LHG KZ . -70.74 30.81 -14.58
C4 LHG KZ . -70.93 29.40 -14.49
C5 LHG KZ . -72.19 29.04 -13.72
C6 LHG KZ . -72.97 28.04 -14.58
O7 LHG KZ . -71.87 28.39 -12.49
C7 LHG KZ . -71.96 29.17 -11.40
O9 LHG KZ . -71.76 30.38 -11.50
C8 LHG KZ . -72.25 28.57 -10.05
C9 LHG KZ . -73.64 28.96 -9.55
C10 LHG KZ . -74.57 27.75 -9.44
O8 LHG KZ . -74.31 28.47 -14.81
C23 LHG KZ . -75.28 27.80 -14.20
O10 LHG KZ . -75.20 27.62 -13.00
C24 LHG KZ . -76.44 27.24 -14.99
C11 LHG KZ . -75.27 27.74 -8.09
C12 LHG KZ . -76.33 26.63 -8.01
C13 LHG KZ . -77.13 26.75 -6.72
C14 LHG KZ . -78.51 27.35 -6.97
C15 LHG KZ . -79.51 26.30 -7.46
C16 LHG KZ . -80.03 26.63 -8.87
C17 LHG KZ . -81.45 27.15 -8.84
C18 LHG KZ . -82.47 26.04 -8.61
C19 LHG KZ . -82.26 24.87 -9.56
C20 LHG KZ . -82.79 25.20 -10.96
C25 LHG KZ . -77.69 27.19 -14.12
C26 LHG KZ . -78.89 27.80 -14.84
C27 LHG KZ . -79.54 26.80 -15.76
C28 LHG KZ . -80.61 26.00 -15.02
C29 LHG KZ . -80.36 24.50 -15.12
C30 LHG KZ . -80.55 24.01 -16.55
C31 LHG KZ . -81.69 23.00 -16.64
C32 LHG KZ . -81.15 21.59 -16.88
C33 LHG KZ . -80.83 20.88 -15.56
C34 LHG KZ . -80.03 19.61 -15.82
C35 LHG KZ . -79.83 18.78 -14.55
C36 LHG KZ . -81.06 18.78 -13.65
C37 LHG KZ . -82.09 17.77 -14.15
C38 LHG KZ . -81.96 16.45 -13.43
O6 SQD LZ . -68.91 34.46 -6.44
C44 SQD LZ . -69.72 35.60 -6.20
C45 SQD LZ . -71.12 35.12 -5.77
C46 SQD LZ . -71.37 33.65 -6.14
O47 SQD LZ . -71.13 35.15 -4.35
C7 SQD LZ . -71.70 36.24 -3.76
O49 SQD LZ . -71.97 37.24 -4.37
C8 SQD LZ . -71.94 35.99 -2.29
C9 SQD LZ . -73.33 35.39 -2.08
C10 SQD LZ . -73.41 34.52 -0.82
C11 SQD LZ . -74.81 34.58 -0.18
C12 SQD LZ . -75.04 33.41 0.78
C13 SQD LZ . -76.48 33.37 1.31
C14 SQD LZ . -76.77 32.10 2.13
C15 SQD LZ . -78.25 32.01 2.52
C16 SQD LZ . -78.51 30.87 3.51
C17 SQD LZ . -80.00 30.51 3.63
C18 SQD LZ . -80.21 29.27 4.51
C19 SQD LZ . -81.68 28.86 4.59
C20 SQD LZ . -81.91 27.41 4.14
C21 SQD LZ . -81.57 27.23 2.65
C22 SQD LZ . -81.66 25.78 2.22
O48 SQD LZ . -71.39 33.57 -7.56
C23 SQD LZ . -72.40 32.83 -8.11
O10 SQD LZ . -72.16 31.80 -8.70
C24 SQD LZ . -73.76 33.47 -7.89
C25 SQD LZ . -74.86 32.42 -7.88
C26 SQD LZ . -76.18 32.99 -7.35
C27 SQD LZ . -76.87 32.04 -6.37
C28 SQD LZ . -77.74 32.81 -5.36
C29 SQD LZ . -78.79 31.90 -4.69
C30 SQD LZ . -79.80 31.33 -5.69
C31 SQD LZ . -80.91 30.53 -5.01
C32 SQD LZ . -80.38 29.24 -4.39
C33 SQD LZ . -81.51 28.29 -3.99
C34 SQD LZ . -81.10 26.81 -4.15
C35 SQD LZ . -82.27 25.94 -4.65
C36 SQD LZ . -81.89 24.46 -4.65
C37 SQD LZ . -83.06 23.59 -5.10
C38 SQD LZ . -82.61 22.20 -5.54
C1 SQD LZ . -67.75 34.77 -7.18
C2 SQD LZ . -68.21 35.11 -8.63
O2 SQD LZ . -68.73 33.98 -9.25
C3 SQD LZ . -66.99 35.64 -9.42
O3 SQD LZ . -67.53 36.19 -10.58
C4 SQD LZ . -66.24 36.75 -8.62
O4 SQD LZ . -65.07 37.04 -9.33
C5 SQD LZ . -65.96 36.27 -7.17
C6 SQD LZ . -65.37 37.39 -6.35
O5 SQD LZ . -67.21 35.93 -6.60
S SQD LZ . -63.73 37.06 -5.66
O7 SQD LZ . -63.60 38.08 -4.67
O8 SQD LZ . -63.88 35.74 -5.16
O9 SQD LZ . -62.82 37.21 -6.75
C4 LMK MZ . -98.69 13.65 5.08
C5 LMK MZ . -97.03 11.95 6.94
C6 LMK MZ . -96.17 14.13 6.44
C7 LMK MZ . -96.00 10.61 1.89
C8 LMK MZ . -94.65 10.88 1.24
C10 LMK MZ . -94.91 12.37 -0.68
C1 LMK MZ . -97.97 11.70 2.62
C11 LMK MZ . -94.05 11.47 -1.55
C12 LMK MZ . -93.45 12.21 -2.72
C2 LMK MZ . -97.69 11.56 4.12
C3 LMK MZ . -97.38 12.92 4.72
C9 LMK MZ . -93.56 10.73 2.30
O1 LMK MZ . -96.74 11.84 1.94
O2 LMK MZ . -99.05 14.52 4.01
O3 LMK MZ . -99.74 12.69 5.26
C13 LMK MZ . -92.78 13.52 -2.26
C14 LMK MZ . -91.40 13.69 -2.85
C15 LMK MZ . -91.45 13.69 -4.38
C28 LMK MZ . -91.32 11.51 2.50
C29 LMK MZ . -90.02 11.67 1.71
C30 LMK MZ . -88.85 10.92 2.35
C31 LMK MZ . -87.86 11.87 3.01
C32 LMK MZ . -87.32 12.93 2.05
C33 LMK MZ . -86.42 12.37 0.95
C34 LMK MZ . -85.83 13.49 0.10
C46 LMK MZ . -95.20 12.19 5.42
N4 LMK MZ . -96.46 12.80 5.88
O10 LMK MZ . -91.06 10.84 3.74
O7 LMK MZ . -94.60 12.20 0.71
O8 LMK MZ . -92.26 10.78 1.70
O9 LMK MZ . -96.31 12.13 -0.94
C16 LMK MZ . -84.93 12.94 -0.99
C17 LMK MZ . -84.41 14.04 -1.92
C18 LMK MZ . -83.85 13.46 -3.22
C19 LMK MZ . -82.85 14.39 -3.90
C20 LMK MZ . -81.42 13.98 -3.56
C21 LMK MZ . -80.41 14.95 -4.14
C27 LMK MZ . -90.33 14.55 -4.95
C35 LMK MZ . -90.37 14.60 -6.48
C36 LMK MZ . -89.27 15.50 -7.00
C BCT NZ . -30.61 -5.04 -1.21
O1 BCT NZ . -30.13 -4.89 -0.10
O2 BCT NZ . -30.60 -4.34 -2.23
O3 BCT NZ . -31.65 -6.02 -1.20
MG CLA OZ . -48.09 -20.15 20.23
CHA CLA OZ . -46.87 -23.08 18.86
CHB CLA OZ . -46.04 -18.29 18.22
CHC CLA OZ . -49.41 -17.43 21.57
CHD CLA OZ . -50.20 -22.08 22.29
NA CLA OZ . -46.60 -20.61 18.68
C1A CLA OZ . -46.24 -21.83 18.28
C2A CLA OZ . -45.16 -21.79 17.22
C3A CLA OZ . -44.91 -20.28 17.07
C4A CLA OZ . -45.90 -19.67 18.02
CMA CLA OZ . -43.46 -19.80 17.11
CAA CLA OZ . -45.67 -22.33 15.89
CBA CLA OZ . -44.50 -22.50 14.92
CGA CLA OZ . -45.00 -22.59 13.49
O1A CLA OZ . -44.26 -22.25 12.58
O2A CLA OZ . -46.21 -23.04 13.24
NB CLA OZ . -47.79 -18.16 19.94
C1B CLA OZ . -46.89 -17.59 19.09
C2B CLA OZ . -46.96 -16.17 19.20
C3B CLA OZ . -47.91 -15.90 20.15
C4B CLA OZ . -48.43 -17.19 20.61
CMB CLA OZ . -46.14 -15.18 18.43
CAB CLA OZ . -48.31 -14.54 20.60
CBB CLA OZ . -49.74 -14.09 20.79
NC CLA OZ . -49.65 -19.81 21.62
C1C CLA OZ . -49.98 -18.61 22.08
C2C CLA OZ . -50.99 -18.68 23.16
C3C CLA OZ . -51.25 -20.01 23.32
C4C CLA OZ . -50.39 -20.70 22.35
CMC CLA OZ . -51.59 -17.52 23.91
CAC CLA OZ . -52.20 -20.66 24.29
CBC CLA OZ . -51.50 -21.12 25.55
ND CLA OZ . -48.50 -22.04 20.58
C1D CLA OZ . -49.34 -22.74 21.39
C2D CLA OZ . -49.23 -24.17 21.21
C3D CLA OZ . -48.26 -24.29 20.23
C4D CLA OZ . -47.84 -23.02 19.86
CMD CLA OZ . -49.92 -25.34 21.85
CAD CLA OZ . -47.53 -25.27 19.46
OBD CLA OZ . -47.79 -26.47 19.41
CBD CLA OZ . -46.55 -24.53 18.59
CGD CLA OZ . -45.15 -24.79 19.05
O1D CLA OZ . -44.89 -24.90 20.24
O2D CLA OZ . -44.17 -24.85 18.15
CED CLA OZ . -43.11 -25.75 18.46
C1 CLA OZ . -46.47 -23.67 11.95
C2 CLA OZ . -45.99 -25.07 11.66
C3 CLA OZ . -45.10 -25.34 10.69
C4 CLA OZ . -44.51 -24.23 9.88
C5 CLA OZ . -44.65 -26.76 10.43
C6 CLA OZ . -44.13 -26.96 9.01
C7 CLA OZ . -45.24 -27.23 8.00
C8 CLA OZ . -44.86 -26.86 6.56
C9 CLA OZ . -43.66 -25.92 6.45
C10 CLA OZ . -46.07 -26.25 5.86
C11 CLA OZ . -46.42 -27.01 4.59
C12 CLA OZ . -47.27 -26.15 3.67
C13 CLA OZ . -47.88 -27.00 2.55
C14 CLA OZ . -48.11 -26.19 1.29
C15 CLA OZ . -49.17 -27.64 3.05
C16 CLA OZ . -50.23 -26.59 3.36
C17 CLA OZ . -51.57 -26.98 2.74
C18 CLA OZ . -52.15 -25.83 1.92
C19 CLA OZ . -53.18 -26.35 0.91
C20 CLA OZ . -52.76 -24.76 2.82
MG CLA PZ . -46.43 -44.86 0.75
CHA CLA PZ . -47.48 -45.94 3.85
CHB CLA PZ . -43.33 -44.05 2.04
CHC CLA PZ . -45.49 -43.89 -2.26
CHD CLA PZ . -49.59 -45.71 -0.58
NA CLA PZ . -45.48 -44.99 2.74
C1A CLA PZ . -46.05 -45.45 3.86
C2A CLA PZ . -45.11 -45.39 5.04
C3A CLA PZ . -43.83 -44.81 4.41
C4A CLA PZ . -44.21 -44.59 2.98
CMA CLA PZ . -42.93 -43.78 5.09
CAA CLA PZ . -44.76 -46.77 5.59
CBA CLA PZ . -44.57 -47.80 4.48
CGA CLA PZ . -44.33 -49.14 5.12
O1A CLA PZ . -44.98 -49.44 6.12
O2A CLA PZ . -43.44 -49.96 4.62
NB CLA PZ . -44.69 -44.10 0.01
C1B CLA PZ . -43.53 -43.82 0.67
C2B CLA PZ . -42.54 -43.28 -0.22
C3B CLA PZ . -43.17 -43.23 -1.45
C4B CLA PZ . -44.52 -43.76 -1.27
CMB CLA PZ . -41.15 -42.86 0.20
CAB CLA PZ . -42.67 -42.76 -2.76
CBB CLA PZ . -41.72 -41.60 -2.93
NC CLA PZ . -47.35 -44.90 -1.13
C1C CLA PZ . -46.81 -44.40 -2.24
C2C CLA PZ . -47.72 -44.43 -3.40
C3C CLA PZ . -48.86 -44.99 -2.92
C4C CLA PZ . -48.63 -45.28 -1.50
CMC CLA PZ . -47.44 -43.95 -4.80
CAC CLA PZ . -50.11 -45.26 -3.71
CBC CLA PZ . -50.07 -46.65 -4.31
ND CLA PZ . -48.14 -45.62 1.37
C1D CLA PZ . -49.34 -45.93 0.80
C2D CLA PZ . -50.28 -46.49 1.78
C3D CLA PZ . -49.54 -46.48 2.96
C4D CLA PZ . -48.27 -45.97 2.71
CMD CLA PZ . -51.70 -46.98 1.72
CAD CLA PZ . -49.64 -46.83 4.37
OBD CLA PZ . -50.67 -47.08 4.97
CBD CLA PZ . -48.32 -46.47 5.00
CGD CLA PZ . -48.54 -45.38 6.00
O1D CLA PZ . -48.34 -44.22 5.69
O2D CLA PZ . -48.94 -45.68 7.23
CED CLA PZ . -50.15 -45.04 7.65
C1 CLA PZ . -42.22 -49.47 3.98
C2 CLA PZ . -41.88 -49.78 2.54
C3 CLA PZ . -40.61 -50.09 2.19
C4 CLA PZ . -39.52 -50.12 3.22
C5 CLA PZ . -40.23 -50.40 0.77
C6 CLA PZ . -38.99 -51.30 0.71
C7 CLA PZ . -39.15 -52.46 -0.28
C8 CLA PZ . -38.13 -53.56 0.01
C9 CLA PZ . -36.71 -53.03 -0.02
C10 CLA PZ . -38.30 -54.68 -1.02
C11 CLA PZ . -37.76 -56.01 -0.49
C12 CLA PZ . -38.89 -57.02 -0.36
C13 CLA PZ . -38.48 -58.39 -0.89
C14 CLA PZ . -38.24 -58.36 -2.40
C15 CLA PZ . -39.56 -59.40 -0.54
C16 CLA PZ . -39.14 -60.83 -0.88
C17 CLA PZ . -37.91 -61.25 -0.08
C18 CLA PZ . -37.23 -62.47 -0.70
C19 CLA PZ . -37.04 -62.31 -2.20
C20 CLA PZ . -35.90 -62.76 0.00
C1 BCR QZ . -55.00 -41.99 -1.78
C2 BCR QZ . -54.94 -43.09 -0.72
C3 BCR QZ . -54.25 -42.66 0.58
C4 BCR QZ . -54.88 -41.39 1.15
C5 BCR QZ . -55.30 -40.43 0.06
C6 BCR QZ . -54.79 -40.63 -1.16
C7 BCR QZ . -54.06 -39.58 -1.89
C8 BCR QZ . -54.64 -38.74 -2.73
C9 BCR QZ . -53.98 -37.69 -3.49
C10 BCR QZ . -54.72 -36.76 -4.30
C11 BCR QZ . -55.29 -35.46 -4.30
C33 BCR QZ . -56.28 -39.33 0.35
C31 BCR QZ . -56.38 -41.98 -2.43
C32 BCR QZ . -53.92 -42.23 -2.82
C34 BCR QZ . -52.49 -37.59 -3.47
C12 BCR QZ . -55.84 -34.39 -4.38
C13 BCR QZ . -56.07 -33.01 -4.12
C14 BCR QZ . -57.35 -32.59 -4.15
C15 BCR QZ . -57.80 -31.25 -3.91
C16 BCR QZ . -58.77 -30.44 -3.44
C17 BCR QZ . -58.71 -29.15 -3.46
C18 BCR QZ . -59.70 -28.29 -3.16
C19 BCR QZ . -59.52 -26.83 -3.23
C20 BCR QZ . -59.97 -25.63 -2.92
C21 BCR QZ . -60.07 -24.20 -2.83
C22 BCR QZ . -61.19 -23.47 -2.93
C23 BCR QZ . -61.13 -22.00 -2.84
C24 BCR QZ . -60.95 -21.05 -3.99
C25 BCR QZ . -60.90 -19.58 -3.83
C26 BCR QZ . -61.86 -18.88 -4.42
C27 BCR QZ . -61.57 -17.46 -4.88
C28 BCR QZ . -60.78 -16.74 -3.80
C29 BCR QZ . -59.49 -17.50 -3.55
C30 BCR QZ . -59.79 -18.89 -3.01
C35 BCR QZ . -54.91 -32.09 -3.85
C36 BCR QZ . -61.04 -28.84 -2.74
C37 BCR QZ . -62.51 -24.13 -3.13
C38 BCR QZ . -63.22 -19.44 -4.68
C39 BCR QZ . -60.26 -18.78 -1.56
C40 BCR QZ . -58.48 -19.67 -3.10
C2 PL9 RZ . -33.83 -1.17 8.99
C3 PL9 RZ . -33.25 -0.48 10.02
C4 PL9 RZ . -31.98 0.18 9.83
C5 PL9 RZ . -31.35 0.09 8.54
C6 PL9 RZ . -31.93 -0.60 7.50
C1 PL9 RZ . -33.21 -1.27 7.71
C7 PL9 RZ . -33.96 -0.43 11.30
C8 PL9 RZ . -34.32 -1.75 11.87
C9 PL9 RZ . -33.96 -2.11 13.11
C10 PL9 RZ . -33.02 -1.35 13.95
C11 PL9 RZ . -34.49 -3.39 13.65
C12 PL9 RZ . -35.14 -3.15 15.01
C13 PL9 RZ . -35.32 -4.49 15.61
C14 PL9 RZ . -35.95 -4.71 16.77
C15 PL9 RZ . -36.12 -3.66 17.80
C16 PL9 RZ . -36.36 -6.06 17.18
C17 PL9 RZ . -35.21 -7.07 17.30
C18 PL9 RZ . -35.76 -8.45 17.54
C19 PL9 RZ . -35.40 -9.24 18.56
C20 PL9 RZ . -34.33 -8.84 19.49
C21 PL9 RZ . -36.01 -10.61 18.67
C22 PL9 RZ . -35.03 -11.65 19.26
C23 PL9 RZ . -35.63 -13.01 19.09
C24 PL9 RZ . -34.86 -14.12 19.13
C25 PL9 RZ . -33.45 -14.14 18.70
C26 PL9 RZ . -35.34 -15.29 19.90
C27 PL9 RZ . -34.48 -15.49 21.15
C28 PL9 RZ . -34.94 -14.54 22.20
C29 PL9 RZ . -34.27 -14.37 23.34
C30 PL9 RZ . -33.14 -15.25 23.73
C31 PL9 RZ . -34.63 -13.37 24.37
C32 PL9 RZ . -36.02 -12.73 24.18
C33 PL9 RZ . -36.70 -12.91 25.50
C34 PL9 RZ . -37.66 -12.10 25.96
C35 PL9 RZ . -38.91 -12.65 26.52
C36 PL9 RZ . -37.17 -10.78 26.45
C37 PL9 RZ . -38.28 -9.91 27.01
C38 PL9 RZ . -37.77 -9.34 28.29
C39 PL9 RZ . -37.38 -8.09 28.42
C40 PL9 RZ . -35.99 -7.72 28.11
C41 PL9 RZ . -38.25 -7.15 29.19
C42 PL9 RZ . -39.01 -7.89 30.30
C43 PL9 RZ . -39.08 -7.03 31.51
C44 PL9 RZ . -40.18 -6.45 31.96
C45 PL9 RZ . -41.52 -6.72 31.38
C46 PL9 RZ . -40.19 -5.51 33.10
C47 PL9 RZ . -39.66 -4.13 32.70
C48 PL9 RZ . -39.62 -3.32 33.95
C49 PL9 RZ . -38.64 -2.46 34.22
C50 PL9 RZ . -38.90 -1.47 35.28
C51 PL9 RZ . -37.47 -2.24 33.37
C52 PL9 RZ . -30.05 0.77 8.37
C53 PL9 RZ . -31.34 -0.73 6.18
O1 PL9 RZ . -31.49 0.80 10.78
O2 PL9 RZ . -33.83 -1.92 6.84
O1 LHG SZ . -23.83 -12.51 6.89
C1 LHG SZ . -23.27 -13.81 7.15
C2 LHG SZ . -23.19 -14.01 8.66
O2 LHG SZ . -23.29 -12.75 9.33
C3 LHG SZ . -21.86 -14.67 9.03
O3 LHG SZ . -22.05 -15.34 10.27
P LHG SZ . -22.16 -16.95 10.33
O4 LHG SZ . -23.14 -17.37 9.26
O5 LHG SZ . -20.76 -17.51 10.35
O6 LHG SZ . -22.84 -17.20 11.76
C4 LHG SZ . -22.90 -18.51 12.31
C5 LHG SZ . -23.96 -18.55 13.40
C6 LHG SZ . -25.24 -19.16 12.83
O7 LHG SZ . -23.50 -19.32 14.51
C7 LHG SZ . -23.32 -18.59 15.61
O9 LHG SZ . -23.07 -17.39 15.50
C8 LHG SZ . -23.41 -19.23 16.97
C9 LHG SZ . -24.88 -19.33 17.37
C10 LHG SZ . -25.04 -19.14 18.89
O8 LHG SZ . -26.37 -18.98 13.68
C23 LHG SZ . -27.22 -20.01 13.86
O10 LHG SZ . -26.80 -21.15 13.81
C24 LHG SZ . -28.69 -19.74 14.09
C11 LHG SZ . -26.16 -18.17 19.21
C12 LHG SZ . -26.10 -17.74 20.68
C13 LHG SZ . -27.34 -16.95 21.09
C14 LHG SZ . -28.25 -17.77 21.99
C15 LHG SZ . -29.59 -17.07 22.17
C16 LHG SZ . -30.75 -17.94 21.68
C17 LHG SZ . -31.11 -19.01 22.72
C25 LHG SZ . -29.18 -20.58 15.27
C26 LHG SZ . -30.48 -21.30 14.93
C27 LHG SZ . -30.54 -22.68 15.59
C28 LHG SZ . -30.76 -22.59 17.09
C29 LHG SZ . -29.72 -23.42 17.83
C30 LHG SZ . -29.80 -23.18 19.34
C31 LHG SZ . -28.82 -22.10 19.78
C32 LHG SZ . -27.54 -22.70 20.36
C33 LHG SZ . -26.41 -22.63 19.34
C34 LHG SZ . -25.24 -23.52 19.76
C35 LHG SZ . -23.94 -22.73 19.74
C36 LHG SZ . -23.18 -22.95 18.43
C37 LHG SZ . -21.67 -22.85 18.66
C38 LHG SZ . -20.95 -22.33 17.44
O1 LHG TZ . -19.04 -4.05 12.34
C1 LHG TZ . -19.68 -5.20 11.76
C2 LHG TZ . -20.74 -5.71 12.71
O2 LHG TZ . -20.53 -7.11 12.98
C3 LHG TZ . -22.14 -5.51 12.13
O3 LHG TZ . -22.95 -4.91 13.13
P LHG TZ . -23.31 -3.34 13.08
O4 LHG TZ . -22.03 -2.57 12.81
O5 LHG TZ . -24.50 -3.13 12.18
O6 LHG TZ . -23.76 -3.11 14.61
C4 LHG TZ . -24.60 -2.03 15.02
C5 LHG TZ . -25.48 -2.55 16.15
C6 LHG TZ . -25.02 -1.94 17.47
O7 LHG TZ . -26.83 -2.14 15.89
C7 LHG TZ . -27.74 -3.09 16.19
O9 LHG TZ . -27.48 -3.96 17.00
C8 LHG TZ . -29.10 -3.05 15.53
C9 LHG TZ . -30.17 -2.81 16.59
C10 LHG TZ . -31.29 -3.84 16.45
O8 LHG TZ . -25.07 -2.95 18.48
C23 LHG TZ . -25.93 -2.81 19.50
O10 LHG TZ . -26.28 -1.69 19.82
C24 LHG TZ . -26.47 -4.01 20.22
C11 LHG TZ . -32.42 -3.63 17.46
C12 LHG TZ . -31.95 -3.55 18.92
C13 LHG TZ . -32.88 -4.33 19.83
C14 LHG TZ . -33.54 -3.45 20.89
C15 LHG TZ . -34.29 -4.28 21.93
C16 LHG TZ . -33.75 -4.05 23.34
C17 LHG TZ . -34.72 -4.57 24.39
C18 LHG TZ . -34.51 -3.83 25.71
C19 LHG TZ . -35.50 -4.28 26.79
C20 LHG TZ . -35.20 -3.58 28.11
C21 LHG TZ . -36.10 -4.10 29.23
C22 LHG TZ . -35.43 -3.93 30.58
C25 LHG TZ . -27.18 -3.54 21.49
C26 LHG TZ . -28.69 -3.75 21.39
C27 LHG TZ . -29.43 -2.90 22.41
C28 LHG TZ . -30.28 -1.84 21.74
C29 LHG TZ . -30.52 -0.63 22.64
C30 LHG TZ . -31.55 0.32 22.05
C31 LHG TZ . -32.69 0.55 23.04
C32 LHG TZ . -33.38 1.89 22.80
C33 LHG TZ . -33.90 2.49 24.10
C34 LHG TZ . -35.09 3.41 23.87
C35 LHG TZ . -34.63 4.72 23.23
C36 LHG TZ . -35.69 5.29 22.29
C37 LHG TZ . -36.42 6.45 22.94
C38 LHG TZ . -35.66 7.75 22.71
O1 LHG UZ . -46.65 4.89 -7.67
C1 LHG UZ . -47.42 5.93 -7.06
C2 LHG UZ . -46.96 6.16 -5.62
O2 LHG UZ . -45.74 6.91 -5.62
C3 LHG UZ . -46.75 4.83 -4.92
O3 LHG UZ . -45.88 4.00 -5.69
P LHG UZ . -44.30 4.02 -5.42
O4 LHG UZ . -43.59 3.93 -6.75
O5 LHG UZ . -43.98 5.15 -4.47
O6 LHG UZ . -44.09 2.62 -4.66
C4 LHG UZ . -43.54 2.61 -3.34
C5 LHG UZ . -44.17 1.48 -2.55
C6 LHG UZ . -43.25 1.06 -1.41
O7 LHG UZ . -45.47 1.83 -2.05
C7 LHG UZ . -46.44 1.14 -2.68
O9 LHG UZ . -46.22 0.00 -3.06
C8 LHG UZ . -47.78 1.78 -2.96
C9 LHG UZ . -48.66 0.80 -3.72
C10 LHG UZ . -49.51 -0.05 -2.77
O8 LHG UZ . -43.94 0.85 -0.19
C23 LHG UZ . -43.39 1.26 0.96
O10 LHG UZ . -42.84 2.34 1.00
C24 LHG UZ . -43.41 0.37 2.16
C11 LHG UZ . -50.90 -0.30 -3.35
C12 LHG UZ . -51.89 -0.64 -2.25
C13 LHG UZ . -51.40 -1.82 -1.41
C25 LHG UZ . -43.82 1.17 3.40
C26 LHG UZ . -44.95 0.46 4.14
C27 LHG UZ . -46.11 0.13 3.22
C28 LHG UZ . -47.44 0.20 3.96
C29 LHG UZ . -48.53 -0.53 3.17
C30 LHG UZ . -48.77 0.18 1.84
C31 LHG UZ . -50.25 0.25 1.45
C32 LHG UZ . -51.19 0.37 2.64
C33 LHG UZ . -52.44 -0.47 2.40
C34 LHG UZ . -53.64 0.11 3.15
C35 LHG UZ . -54.93 -0.50 2.63
C36 LHG UZ . -55.94 -0.68 3.76
C37 LHG UZ . -56.81 -1.92 3.52
C1 LMG VZ . -69.78 -24.83 3.73
O1 LMG VZ . -69.31 -24.17 2.56
C2 LMG VZ . -70.70 -23.91 4.51
O2 LMG VZ . -69.99 -22.72 4.88
C3 LMG VZ . -71.18 -24.63 5.76
O3 LMG VZ . -72.01 -23.80 6.56
C4 LMG VZ . -71.91 -25.91 5.37
O4 LMG VZ . -73.11 -25.56 4.69
C5 LMG VZ . -71.00 -26.76 4.47
O5 LMG VZ . -71.61 -29.04 4.88
C6 LMG VZ . -71.75 -27.97 3.95
O6 LMG VZ . -70.51 -26.00 3.37
C7 LMG VZ . -68.31 -24.93 1.90
C8 LMG VZ . -66.93 -24.41 2.31
C9 LMG VZ . -65.84 -25.13 1.53
O7 LMG VZ . -66.85 -23.02 2.02
C10 LMG VZ . -66.66 -22.26 3.10
O9 LMG VZ . -66.44 -22.78 4.18
C11 LMG VZ . -66.72 -20.75 3.00
C12 LMG VZ . -65.34 -20.16 3.23
C13 LMG VZ . -64.29 -20.90 2.41
C14 LMG VZ . -63.08 -19.98 2.19
C15 LMG VZ . -61.77 -20.72 2.43
C16 LMG VZ . -60.61 -19.78 2.13
C17 LMG VZ . -59.26 -20.38 2.49
C18 LMG VZ . -58.24 -19.29 2.31
C19 LMG VZ . -56.95 -19.43 2.61
C20 LMG VZ . -56.36 -20.70 3.18
C21 LMG VZ . -55.19 -20.30 4.05
C22 LMG VZ . -53.93 -20.34 3.63
C23 LMG VZ . -53.57 -20.83 2.25
C24 LMG VZ . -52.29 -20.15 1.80
C25 LMG VZ . -51.20 -20.17 2.57
O8 LMG VZ . -64.62 -24.42 1.66
C28 LMG VZ . -63.47 -24.96 1.28
O10 LMG VZ . -63.47 -26.00 0.64
C29 LMG VZ . -62.15 -24.32 1.65
C30 LMG VZ . -61.03 -25.31 1.31
C31 LMG VZ . -59.65 -24.73 1.60
C32 LMG VZ . -59.35 -23.57 0.66
C33 LMG VZ . -57.86 -23.22 0.67
C34 LMG VZ . -57.04 -24.30 -0.02
C35 LMG VZ . -55.68 -23.77 -0.45
C36 LMG VZ . -55.82 -22.96 -1.72
C37 LMG VZ . -56.15 -23.56 -2.86
C38 LMG VZ . -56.28 -22.75 -4.13
CHA HEM WZ . -53.40 -28.59 -20.92
CHB HEM WZ . -56.37 -32.40 -21.38
CHC HEM WZ . -58.50 -31.14 -17.23
CHD HEM WZ . -56.04 -26.96 -17.19
C1A HEM WZ . -54.05 -29.68 -21.45
C2A HEM WZ . -53.87 -30.22 -22.78
C3A HEM WZ . -54.69 -31.28 -22.91
C4A HEM WZ . -55.42 -31.43 -21.67
CMA HEM WZ . -54.83 -32.15 -24.18
CAA HEM WZ . -52.91 -29.68 -23.85
CBA HEM WZ . -53.51 -28.45 -24.51
CGA HEM WZ . -52.51 -27.83 -25.46
O1A HEM WZ . -51.36 -28.32 -25.52
O2A HEM WZ . -52.87 -26.84 -26.14
C1B HEM WZ . -57.14 -32.44 -20.24
C2B HEM WZ . -57.98 -33.55 -19.82
C3B HEM WZ . -58.58 -33.19 -18.66
C4B HEM WZ . -58.13 -31.86 -18.34
CMB HEM WZ . -58.10 -34.86 -20.65
CAB HEM WZ . -59.58 -33.95 -17.73
CBB HEM WZ . -60.04 -35.20 -17.88
C1C HEM WZ . -58.07 -29.88 -16.90
C2C HEM WZ . -58.63 -29.06 -15.84
C3C HEM WZ . -57.94 -27.89 -15.81
C4C HEM WZ . -56.95 -27.95 -16.87
CMC HEM WZ . -59.79 -29.57 -14.95
CAC HEM WZ . -58.09 -26.63 -14.90
CBC HEM WZ . -58.98 -26.45 -13.92
C1D HEM WZ . -55.02 -27.09 -18.11
C2D HEM WZ . -53.82 -26.29 -18.19
C3D HEM WZ . -53.09 -26.74 -19.21
C4D HEM WZ . -53.80 -27.85 -19.82
CMD HEM WZ . -53.44 -25.11 -17.27
CAD HEM WZ . -51.72 -26.16 -19.67
CBD HEM WZ . -50.60 -27.17 -19.41
CGD HEM WZ . -49.45 -26.90 -20.34
O1D HEM WZ . -49.53 -25.93 -21.14
O2D HEM WZ . -48.45 -27.67 -20.30
NA HEM WZ . -55.00 -30.44 -20.80
NB HEM WZ . -57.26 -31.43 -19.31
NC HEM WZ . -57.06 -29.17 -17.50
ND HEM WZ . -54.98 -28.03 -19.12
FE HEM WZ . -56.04 -29.79 -19.17
C1 RRX XZ . -40.59 -66.86 9.48
C2 RRX XZ . -41.90 -67.67 10.08
O2 RRX XZ . -23.12 -45.94 6.49
C3 RRX XZ . -41.93 -67.69 11.45
C40 RRX XZ . -25.52 -49.06 9.35
C30 RRX XZ . -25.37 -48.62 7.87
C39 RRX XZ . -26.69 -47.99 7.39
C29 RRX XZ . -24.24 -47.43 7.83
C28 RRX XZ . -24.03 -47.05 6.53
C27 RRX XZ . -23.37 -48.30 5.68
C26 RRX XZ . -23.93 -49.61 5.93
C38 RRX XZ . -24.01 -50.56 4.73
C25 RRX XZ . -25.07 -49.79 7.04
C24 RRX XZ . -26.28 -50.55 6.43
C23 RRX XZ . -26.79 -51.80 6.68
C22 RRX XZ . -26.44 -52.93 7.68
C37 RRX XZ . -25.55 -52.73 8.90
C21 RRX XZ . -27.03 -54.14 7.40
C20 RRX XZ . -26.92 -55.46 8.23
C19 RRX XZ . -28.08 -56.18 8.18
C18 RRX XZ . -28.43 -57.55 8.88
C36 RRX XZ . -27.83 -57.91 10.25
C17 RRX XZ . -29.29 -58.41 8.26
C16 RRX XZ . -29.73 -59.74 8.91
C15 RRX XZ . -31.07 -60.00 8.79
C14 RRX XZ . -31.87 -61.21 9.34
C13 RRX XZ . -32.62 -62.05 8.56
C35 RRX XZ . -32.67 -61.90 7.01
C12 RRX XZ . -33.41 -63.20 9.25
C11 RRX XZ . -34.78 -63.25 9.21
C10 RRX XZ . -35.50 -64.41 9.94
C9 RRX XZ . -36.85 -64.51 10.12
C34 RRX XZ . -37.77 -63.44 9.60
C8 RRX XZ . -37.35 -65.77 10.90
C7 RRX XZ . -38.60 -66.36 11.04
C6 RRX XZ . -39.97 -65.96 10.44
C32 RRX XZ . -39.54 -67.94 8.97
C31 RRX XZ . -41.07 -66.02 8.26
C5 RRX XZ . -40.97 -65.30 11.48
C33 RRX XZ . -40.72 -63.91 12.07
C4 RRX XZ . -42.00 -66.15 12.06
C1 LMG YZ . -46.25 -47.50 23.05
O1 LMG YZ . -45.68 -47.85 21.79
C2 LMG YZ . -47.76 -47.67 23.01
O2 LMG YZ . -48.32 -46.87 21.97
C3 LMG YZ . -48.35 -47.27 24.35
O3 LMG YZ . -49.77 -47.50 24.35
C4 LMG YZ . -47.70 -48.06 25.49
O4 LMG YZ . -48.09 -49.43 25.42
C5 LMG YZ . -46.18 -47.95 25.39
O5 LMG YZ . -45.82 -48.30 27.75
C6 LMG YZ . -45.50 -48.81 26.45
O6 LMG YZ . -45.73 -48.33 24.08
C7 LMG YZ . -44.28 -47.60 21.77
C8 LMG YZ . -43.82 -47.28 20.35
C9 LMG YZ . -44.58 -46.04 19.86
O7 LMG YZ . -42.41 -47.06 20.36
C10 LMG YZ . -41.79 -47.54 19.27
O9 LMG YZ . -42.28 -48.47 18.66
C11 LMG YZ . -40.50 -46.92 18.80
C12 LMG YZ . -39.99 -45.95 19.86
C13 LMG YZ . -38.55 -45.53 19.56
C14 LMG YZ . -38.48 -44.15 18.93
C15 LMG YZ . -38.54 -43.12 20.05
C16 LMG YZ . -38.57 -41.67 19.56
C17 LMG YZ . -38.51 -40.72 20.75
C18 LMG YZ . -39.30 -41.32 21.87
C19 LMG YZ . -39.89 -40.59 22.81
C20 LMG YZ . -40.67 -41.31 23.88
C21 LMG YZ . -41.61 -40.37 24.54
C22 LMG YZ . -41.13 -39.35 25.25
O8 LMG YZ . -43.77 -45.19 19.03
C28 LMG YZ . -43.75 -45.29 17.70
O10 LMG YZ . -44.04 -46.36 17.18
C29 LMG YZ . -43.36 -44.11 16.85
C30 LMG YZ . -43.43 -44.48 15.37
C31 LMG YZ . -43.31 -43.26 14.48
C32 LMG YZ . -41.96 -42.56 14.62
C33 LMG YZ . -41.85 -41.32 13.72
C34 LMG YZ . -42.03 -41.70 12.25
C35 LMG YZ . -41.87 -40.49 11.34
C36 LMG YZ . -40.45 -39.99 11.39
C37 LMG YZ . -40.08 -38.91 10.72
C38 LMG YZ . -38.65 -38.43 10.78
C39 LMG YZ . -38.54 -37.00 10.30
C40 LMG YZ . -37.72 -36.14 10.91
C41 LMG YZ . -36.88 -36.58 12.09
C42 LMG YZ . -36.42 -35.37 12.88
C43 LMG YZ . -35.72 -35.53 14.00
C10 4RF ZZ . -39.17 21.67 40.53
C13 4RF ZZ . -40.50 18.48 42.35
C15 4RF ZZ . -42.01 16.92 43.68
C20 4RF ZZ . -45.63 19.27 43.11
C22 4RF ZZ . -47.10 19.61 44.94
C24 4RF ZZ . -47.28 18.71 46.19
C26 4RF ZZ . -47.82 20.30 48.09
C28 4RF ZZ . -45.44 20.76 48.86
C01 4RF ZZ . -40.98 30.82 36.82
C02 4RF ZZ . -40.50 29.43 36.38
C03 4RF ZZ . -40.90 28.34 37.36
C04 4RF ZZ . -41.32 27.05 36.65
C05 4RF ZZ . -41.77 25.98 37.62
C06 4RF ZZ . -40.76 25.72 38.74
C07 4RF ZZ . -41.22 24.61 39.67
C08 4RF ZZ . -40.10 24.08 40.58
C09 4RF ZZ . -40.32 22.60 41.00
C11 4RF ZZ . -39.39 20.18 40.84
C12 4RF ZZ . -39.97 19.90 42.24
C14 4RF ZZ . -41.16 18.21 43.69
C16 4RF ZZ . -43.16 16.97 44.73
O17 4RF ZZ . -43.15 16.22 45.66
O18 4RF ZZ . -44.23 17.90 44.58
C19 4RF ZZ . -44.76 17.97 43.24
O21 4RF ZZ . -45.79 19.81 44.40
O23 4RF ZZ . -48.04 20.14 44.44
C25 4RF ZZ . -48.37 19.23 47.13
C27 4RF ZZ . -46.61 19.77 48.88
C29 4RF ZZ . -44.41 20.45 47.75
C30 4RF ZZ . -43.16 19.70 48.29
C31 4RF ZZ . -42.05 19.53 47.22
C32 4RF ZZ . -40.81 18.75 47.77
C33 4RF ZZ . -39.56 18.92 46.86
C34 4RF ZZ . -38.40 17.94 47.23
C35 4RF ZZ . -37.77 17.24 46.02
C36 4RF ZZ . -37.62 18.11 44.79
C37 4RF ZZ . -36.56 17.57 43.85
C38 4RF ZZ . -36.79 17.94 42.41
C39 4RF ZZ . -44.94 20.34 42.21
O40 4RF ZZ . -44.76 21.52 42.99
C41 4RF ZZ . -45.67 22.55 42.66
O42 4RF ZZ . -46.80 22.29 42.47
C43 4RF ZZ . -45.20 24.00 42.53
C44 4RF ZZ . -46.23 24.86 41.77
C45 4RF ZZ . -45.59 25.82 40.75
C46 4RF ZZ . -46.59 26.86 40.20
C47 4RF ZZ . -47.11 26.50 38.81
C48 4RF ZZ . -47.80 27.67 38.09
C49 4RF ZZ . -46.79 28.66 37.47
C50 4RF ZZ . -47.44 29.61 36.45
C51 4RF ZZ . -46.41 30.57 35.82
C52 4RF ZZ . -46.60 30.76 34.30
C53 4RF ZZ . -45.35 31.36 33.64
C54 4RF ZZ . -45.11 30.81 32.21
C55 4RF ZZ . -43.79 31.30 31.64
C56 4RF ZZ . -43.31 30.44 30.45
C57 4RF ZZ . -41.87 30.76 30.07
CA1 DGA AAA . -78.58 -16.12 2.24
CA2 DGA AAA . -77.92 -14.91 1.54
CA3 DGA AAA . -76.43 -14.79 2.00
CA4 DGA AAA . -75.54 -14.97 0.74
CA5 DGA AAA . -74.86 -13.63 0.38
CA6 DGA AAA . -74.19 -13.71 -1.03
CA7 DGA AAA . -72.67 -13.97 -0.83
CA8 DGA AAA . -71.80 -12.93 -1.57
CA9 DGA AAA . -70.29 -13.23 -1.30
CAA DGA AAA . -69.58 -13.44 -2.65
OA1 DGA AAA . -78.34 -16.35 3.38
CB1 DGA AAA . -82.58 -17.33 -0.67
CB2 DGA AAA . -82.48 -17.67 -2.18
CB3 DGA AAA . -81.43 -16.73 -2.87
CB4 DGA AAA . -81.27 -17.12 -4.35
CB5 DGA AAA . -79.95 -16.54 -4.90
CB6 DGA AAA . -79.44 -17.40 -6.07
CB7 DGA AAA . -77.92 -17.59 -5.96
CB8 DGA AAA . -77.25 -17.17 -7.29
CB9 DGA AAA . -75.80 -17.67 -7.28
CAB DGA AAA . -75.44 -18.30 -8.64
CBB DGA AAA . -73.92 -18.21 -8.88
OB1 DGA AAA . -83.54 -16.77 -0.26
OG1 DGA AAA . -79.47 -16.99 1.52
CG1 DGA AAA . -80.49 -17.51 2.37
CG2 DGA AAA . -81.79 -17.61 1.59
OG2 DGA AAA . -81.50 -17.68 0.21
CG3 DGA AAA . -82.52 -18.87 2.02
OXT DGA AAA . -83.91 -18.66 1.93
C10 4RF BAA . -49.33 -5.70 -13.06
C13 4RF BAA . -47.14 -5.15 -16.13
C15 4RF BAA . -49.30 -5.60 -17.39
C20 4RF BAA . -52.57 -8.22 -20.13
C22 4RF BAA . -53.90 -9.59 -18.71
C24 4RF BAA . -53.84 -10.25 -17.31
C26 4RF BAA . -55.16 -11.05 -15.29
C28 4RF BAA . -54.98 -13.03 -13.70
C01 4RF BAA . -56.45 -8.12 -6.82
C02 4RF BAA . -56.14 -8.32 -8.31
C03 4RF BAA . -54.79 -7.76 -8.72
C04 4RF BAA . -54.05 -8.69 -9.68
C05 4RF BAA . -53.13 -7.95 -10.62
C06 4RF BAA . -51.79 -8.65 -10.78
C07 4RF BAA . -50.78 -7.85 -11.59
C08 4RF BAA . -51.40 -7.20 -12.84
C09 4RF BAA . -50.31 -6.64 -13.80
C11 4RF BAA . -47.97 -5.63 -13.77
C12 4RF BAA . -48.00 -4.67 -14.96
C14 4RF BAA . -47.87 -5.06 -17.45
C16 4RF BAA . -49.83 -6.05 -18.78
O17 4RF BAA . -49.20 -5.82 -19.77
O18 4RF BAA . -51.09 -6.73 -18.90
C19 4RF BAA . -51.10 -7.72 -19.93
O21 4RF BAA . -52.70 -9.46 -19.47
O23 4RF BAA . -54.93 -9.20 -19.14
C25 4RF BAA . -55.23 -10.59 -16.76
C27 4RF BAA . -55.17 -12.58 -15.15
C29 4RF BAA . -53.49 -13.13 -13.32
C30 4RF BAA . -53.18 -12.40 -11.99
C31 4RF BAA . -52.01 -13.07 -11.20
C32 4RF BAA . -51.52 -12.19 -10.00
C33 4RF BAA . -52.04 -12.72 -8.64
C34 4RF BAA . -51.34 -12.02 -7.45
C35 4RF BAA . -52.27 -11.06 -6.71
C36 4RF BAA . -51.50 -9.95 -6.01
C37 4RF BAA . -51.92 -8.58 -6.49
C38 4RF BAA . -50.73 -7.78 -6.96
C39 4RF BAA . -52.93 -8.41 -21.63
O40 4RF BAA . -51.79 -8.89 -22.32
C41 4RF BAA . -51.80 -10.28 -22.58
O42 4RF BAA . -52.82 -10.84 -22.81
C43 4RF BAA . -50.49 -11.09 -22.57
C44 4RF BAA . -49.62 -10.81 -21.33
C45 4RF BAA . -48.90 -12.09 -20.86
C46 4RF BAA . -47.37 -11.98 -20.92
C47 4RF BAA . -46.76 -11.44 -19.62
C48 4RF BAA . -46.51 -12.54 -18.57
C49 4RF BAA . -46.11 -13.90 -19.18
C50 4RF BAA . -46.83 -15.08 -18.51
C51 4RF BAA . -48.28 -14.75 -18.11
C52 4RF BAA . -49.00 -15.93 -17.44
C53 4RF BAA . -50.22 -15.49 -16.62
C54 4RF BAA . -51.02 -16.69 -16.09
C55 4RF BAA . -52.00 -16.30 -15.01
C56 4RF BAA . -52.78 -17.51 -14.48
C57 4RF BAA . -53.76 -17.13 -13.38
O6 SQD CAA . -5.26 -16.16 22.25
C44 SQD CAA . -6.24 -17.14 22.49
C45 SQD CAA . -6.54 -17.19 24.01
C46 SQD CAA . -7.47 -18.37 24.39
O47 SQD CAA . -5.30 -17.39 24.71
C7 SQD CAA . -4.77 -18.65 24.82
O49 SQD CAA . -4.48 -19.33 23.86
C8 SQD CAA . -4.54 -19.02 26.28
C9 SQD CAA . -4.90 -17.86 27.20
C10 SQD CAA . -5.85 -18.24 28.33
C11 SQD CAA . -5.42 -19.56 29.00
C12 SQD CAA . -6.01 -19.69 30.42
C13 SQD CAA . -7.53 -19.51 30.43
C14 SQD CAA . -8.09 -19.45 31.86
C15 SQD CAA . -7.69 -20.67 32.69
C16 SQD CAA . -8.32 -20.66 34.08
C17 SQD CAA . -8.22 -22.01 34.79
O48 SQD CAA . -8.30 -17.92 25.47
C23 SQD CAA . -9.56 -17.53 25.16
O10 SQD CAA . -9.75 -16.69 24.29
C24 SQD CAA . -10.61 -18.23 25.99
C25 SQD CAA . -10.35 -18.03 27.49
C26 SQD CAA . -11.63 -18.21 28.33
C27 SQD CAA . -11.42 -17.84 29.79
C28 SQD CAA . -12.67 -18.11 30.65
C29 SQD CAA . -13.89 -17.29 30.18
C30 SQD CAA . -15.12 -17.52 31.06
C31 SQD CAA . -14.81 -17.31 32.55
C1 SQD CAA . -4.08 -16.72 21.77
C2 SQD CAA . -3.71 -15.96 20.47
O2 SQD CAA . -3.94 -16.76 19.36
C3 SQD CAA . -2.22 -15.53 20.54
O3 SQD CAA . -2.20 -14.41 21.36
C4 SQD CAA . -1.31 -16.64 21.16
O4 SQD CAA . -1.19 -17.65 20.21
C5 SQD CAA . -1.90 -17.14 22.51
C6 SQD CAA . -0.95 -16.84 23.63
O5 SQD CAA . -3.10 -16.45 22.74
S SQD CAA . 0.19 -18.17 24.04
O7 SQD CAA . -0.31 -19.26 23.24
O8 SQD CAA . 1.45 -17.64 23.60
O9 SQD CAA . 0.08 -18.39 25.44
O13 3PH DAA . -24.37 15.15 22.13
P 3PH DAA . -25.36 16.27 21.91
O14 3PH DAA . -25.33 16.70 20.45
O12 3PH DAA . -24.98 17.45 22.78
O11 3PH DAA . -26.87 15.77 22.30
C1 3PH DAA . -27.04 14.44 22.74
C2 3PH DAA . -28.39 14.31 23.43
O21 3PH DAA . -29.28 15.23 22.88
C21 3PH DAA . -30.64 15.02 23.22
O22 3PH DAA . -31.25 15.88 23.75
C22 3PH DAA . -31.31 13.68 22.90
C23 3PH DAA . -32.79 13.74 23.28
C24 3PH DAA . -33.40 12.34 23.31
C25 3PH DAA . -33.63 11.90 24.76
C26 3PH DAA . -33.92 10.40 24.82
C27 3PH DAA . -33.97 9.94 26.27
C28 3PH DAA . -33.30 8.58 26.41
C29 3PH DAA . -34.16 7.66 27.27
C2A 3PH DAA . -33.47 7.40 28.61
C2B 3PH DAA . -34.51 7.03 29.66
C2C 3PH DAA . -34.48 5.52 29.90
C2D 3PH DAA . -33.68 5.22 31.17
C2E 3PH DAA . -32.75 4.04 30.90
C2F 3PH DAA . -31.66 4.48 29.94
C2G 3PH DAA . -31.35 3.36 28.94
C2H 3PH DAA . -32.19 3.55 27.68
C2I 3PH DAA . -31.62 4.73 26.90
C3 3PH DAA . -28.23 14.59 24.93
O31 3PH DAA . -27.87 13.41 25.60
C31 3PH DAA . -28.92 12.78 26.27
O32 3PH DAA . -29.42 11.81 25.80
C32 3PH DAA . -29.46 13.34 27.60
C33 3PH DAA . -29.22 12.33 28.72
C34 3PH DAA . -30.47 11.46 28.92
C35 3PH DAA . -30.54 11.01 30.38
C36 3PH DAA . -31.60 9.90 30.52
C37 3PH DAA . -31.49 9.22 31.90
C38 3PH DAA . -31.05 7.76 31.74
C39 3PH DAA . -30.57 7.20 33.08
C3A 3PH DAA . -29.85 5.86 32.86
C3B 3PH DAA . -30.47 4.78 33.74
C3C 3PH DAA . -29.67 3.48 33.59
C3D 3PH DAA . -29.52 2.79 34.94
C3E 3PH DAA . -28.04 2.57 35.21
C3F 3PH DAA . -27.85 1.43 36.22
C3G 3PH DAA . -26.49 1.57 36.90
C3H 3PH DAA . -26.35 0.50 37.99
C3I 3PH DAA . -25.16 0.83 38.88
C1 LMG EAA . -65.06 29.36 35.65
O1 LMG EAA . -64.19 28.48 34.96
C2 LMG EAA . -66.28 28.58 36.13
O2 LMG EAA . -67.48 29.33 35.88
C3 LMG EAA . -66.16 28.25 37.61
O3 LMG EAA . -65.07 27.32 37.79
C4 LMG EAA . -65.92 29.48 38.48
O4 LMG EAA . -65.22 29.10 39.66
C5 LMG EAA . -65.12 30.57 37.74
O5 LMG EAA . -63.72 32.52 38.01
C6 LMG EAA . -64.24 31.36 38.69
O6 LMG EAA . -64.32 29.92 36.74
C7 LMG EAA . -62.94 29.11 34.69
C8 LMG EAA . -63.03 29.89 33.39
C9 LMG EAA . -62.06 31.07 33.43
O7 LMG EAA . -62.72 29.02 32.29
C10 LMG EAA . -63.81 28.68 31.59
O9 LMG EAA . -64.89 28.60 32.17
C11 LMG EAA . -63.72 28.40 30.11
C12 LMG EAA . -62.28 28.50 29.61
C13 LMG EAA . -62.26 28.70 28.10
C14 LMG EAA . -63.00 29.98 27.72
O8 LMG EAA . -60.80 30.70 32.88
C28 LMG EAA . -60.30 31.44 31.90
O10 LMG EAA . -60.39 31.04 30.76
C29 LMG EAA . -59.60 32.74 32.20
C30 LMG EAA . -58.95 33.30 30.94
C31 LMG EAA . -59.91 34.17 30.15
C32 LMG EAA . -59.20 34.86 28.99
C33 LMG EAA . -58.64 33.85 27.98
C34 LMG EAA . -58.00 34.60 26.82
C35 LMG EAA . -57.28 33.67 25.86
C36 LMG EAA . -56.48 34.53 24.90
C37 LMG EAA . -55.54 34.02 24.11
C38 LMG EAA . -55.20 32.54 24.13
C39 LMG EAA . -53.71 32.36 23.97
C40 LMG EAA . -53.11 32.28 22.78
C41 LMG EAA . -53.88 32.36 21.48
C42 LMG EAA . -52.91 32.26 20.32
MG CHL FAA . -83.06 88.46 10.89
CHA CHL FAA . -81.93 85.31 11.69
CHB CHL FAA . -82.33 89.49 14.05
CHC CHL FAA . -84.06 91.46 10.06
CHD CHL FAA . -83.82 87.24 7.66
NA CHL FAA . -82.27 87.55 12.55
C1A CHL FAA . -81.82 86.25 12.70
C2A CHL FAA . -81.24 86.01 14.10
C3A CHL FAA . -81.63 87.27 14.86
C4A CHL FAA . -82.14 88.19 13.77
CMA CHL FAA . -82.41 87.16 16.16
CAA CHL FAA . -79.72 85.77 14.07
CBA CHL FAA . -78.98 86.11 15.36
CGA CHL FAA . -79.23 85.18 16.51
O1A CHL FAA . -79.76 84.10 16.42
O2A CHL FAA . -78.79 85.68 17.64
NB CHL FAA . -83.17 90.23 11.91
C1B CHL FAA . -82.80 90.47 13.19
C2B CHL FAA . -82.99 91.86 13.46
C3B CHL FAA . -83.47 92.47 12.33
C4B CHL FAA . -83.59 91.39 11.33
CMB CHL FAA . -82.71 92.53 14.77
CAB CHL FAA . -83.73 93.90 12.21
CBB CHL FAA . -84.16 94.70 11.00
NC CHL FAA . -83.81 89.19 9.13
C1C CHL FAA . -84.19 90.50 9.07
C2C CHL FAA . -84.74 90.73 7.73
C3C CHL FAA . -84.67 89.54 7.07
C4C CHL FAA . -84.08 88.56 7.93
CMC CHL FAA . -85.30 91.93 7.15
OMC CHL FAA . -85.40 93.01 7.70
CAC CHL FAA . -85.12 89.30 5.65
CBC CHL FAA . -84.12 89.75 4.62
ND CHL FAA . -82.94 86.72 9.83
C1D CHL FAA . -83.26 86.34 8.55
C2D CHL FAA . -82.95 84.97 8.36
C3D CHL FAA . -82.43 84.52 9.55
C4D CHL FAA . -82.43 85.60 10.44
CMD CHL FAA . -83.15 84.21 7.08
CAD CHL FAA . -81.89 83.37 10.26
OBD CHL FAA . -81.73 82.23 9.85
CBD CHL FAA . -81.54 83.83 11.67
CGD CHL FAA . -82.27 82.97 12.70
O1D CHL FAA . -81.86 82.69 13.78
O2D CHL FAA . -83.44 82.54 12.20
CED CHL FAA . -84.21 81.68 13.07
C1 CHL FAA . -78.94 85.02 18.93
C2 CHL FAA . -80.23 85.47 19.52
C3 CHL FAA . -80.43 85.53 20.83
C4 CHL FAA . -79.39 85.12 21.85
C5 CHL FAA . -81.73 86.05 21.40
C6 CHL FAA . -82.16 85.38 22.70
C7 CHL FAA . -83.44 85.98 23.26
C8 CHL FAA . -83.98 85.31 24.53
C9 CHL FAA . -85.28 85.97 24.98
C10 CHL FAA . -84.19 83.84 24.18
C11 CHL FAA . -85.00 83.03 25.19
C12 CHL FAA . -84.27 82.75 26.49
C13 CHL FAA . -84.85 81.61 27.32
C14 CHL FAA . -85.99 82.07 28.21
C15 CHL FAA . -83.84 80.77 28.09
C16 CHL FAA . -83.91 79.27 27.82
C17 CHL FAA . -82.67 78.51 28.27
C18 CHL FAA . -82.29 78.63 29.74
C19 CHL FAA . -83.38 78.11 30.64
C20 CHL FAA . -80.98 77.94 30.05
MG CLA GAA . -76.70 77.77 8.31
CHA CLA GAA . -75.29 80.47 6.68
CHB CLA GAA . -73.88 75.89 7.72
CHC CLA GAA . -78.07 75.33 10.04
CHD CLA GAA . -79.59 79.73 8.91
NA CLA GAA . -74.76 78.13 7.32
C1A CLA GAA . -74.39 79.26 6.72
C2A CLA GAA . -73.02 79.14 6.11
C3A CLA GAA . -72.63 77.69 6.43
C4A CLA GAA . -73.79 77.18 7.21
CMA CLA GAA . -72.12 76.83 5.30
CAA CLA GAA . -72.01 80.07 6.79
CBA CLA GAA . -72.27 80.29 8.28
CGA CLA GAA . -71.29 79.53 9.13
O1A CLA GAA . -70.12 79.49 8.80
O2A CLA GAA . -71.71 78.91 10.23
NB CLA GAA . -76.06 75.91 8.82
C1B CLA GAA . -74.91 75.27 8.46
C2B CLA GAA . -74.91 73.92 8.95
C3B CLA GAA . -76.10 73.77 9.60
C4B CLA GAA . -76.82 75.04 9.51
CMB CLA GAA . -73.82 72.90 8.75
CAB CLA GAA . -76.66 72.58 10.30
CBB CLA GAA . -75.89 71.82 11.35
NC CLA GAA . -78.51 77.58 9.34
C1C CLA GAA . -78.90 76.46 9.95
C2C CLA GAA . -80.27 76.55 10.51
C3C CLA GAA . -80.67 77.82 10.19
C4C CLA GAA . -79.58 78.45 9.46
CMC CLA GAA . -81.01 75.49 11.27
CAC CLA GAA . -82.00 78.43 10.53
CBC CLA GAA . -81.87 79.12 11.86
ND CLA GAA . -77.36 79.61 7.96
C1D CLA GAA . -78.50 80.30 8.20
C2D CLA GAA . -78.45 81.65 7.63
C3D CLA GAA . -77.20 81.71 7.05
C4D CLA GAA . -76.56 80.47 7.25
CMD CLA GAA . -79.40 82.82 7.59
CAD CLA GAA . -76.31 82.58 6.30
OBD CLA GAA . -76.48 83.76 6.12
CBD CLA GAA . -75.05 81.80 6.02
CGD CLA GAA . -74.91 81.61 4.54
O1D CLA GAA . -74.13 82.30 3.90
O2D CLA GAA . -75.61 80.68 3.92
CED CLA GAA . -74.88 79.87 2.99
C1 CLA GAA . -71.85 77.46 10.22
C2 CLA GAA . -72.94 76.74 10.99
C3 CLA GAA . -72.77 75.46 11.35
C4 CLA GAA . -71.51 74.72 11.03
C5 CLA GAA . -73.80 74.68 12.13
C6 CLA GAA . -73.15 73.94 13.29
C7 CLA GAA . -74.17 73.53 14.34
C8 CLA GAA . -74.06 74.40 15.58
C9 CLA GAA . -72.69 74.27 16.22
C10 CLA GAA . -75.18 74.06 16.56
C11 CLA GAA . -75.84 75.34 17.07
C12 CLA GAA . -77.33 75.12 17.28
C13 CLA GAA . -77.90 76.22 18.17
C14 CLA GAA . -77.86 75.80 19.64
C15 CLA GAA . -79.33 76.55 17.73
C16 CLA GAA . -79.37 77.86 16.95
C17 CLA GAA . -80.75 78.15 16.40
C18 CLA GAA . -81.53 79.05 17.34
C19 CLA GAA . -82.07 80.28 16.62
C20 CLA GAA . -82.67 78.29 18.02
MG CLA HAA . -75.84 66.90 13.20
CHA CLA HAA . -72.53 66.76 12.21
CHB CLA HAA . -75.28 69.90 14.82
CHC CLA HAA . -79.04 66.96 14.04
CHD CLA HAA . -76.40 63.79 11.60
NA CLA HAA . -74.09 68.21 13.49
C1A CLA HAA . -72.86 67.98 13.03
C2A CLA HAA . -71.91 69.08 13.44
C3A CLA HAA . -72.80 70.03 14.26
C4A CLA HAA . -74.14 69.36 14.19
CMA CLA HAA . -72.28 70.58 15.58
CAA CLA HAA . -71.47 69.87 12.22
CBA CLA HAA . -69.96 69.88 12.07
CGA CLA HAA . -69.33 70.70 13.17
O1A CLA HAA . -69.90 71.70 13.58
O2A CLA HAA . -68.17 70.31 13.65
NB CLA HAA . -76.99 68.22 14.25
C1B CLA HAA . -76.59 69.39 14.86
C2B CLA HAA . -77.72 70.00 15.51
C3B CLA HAA . -78.77 69.17 15.29
C4B CLA HAA . -78.29 68.04 14.49
CMB CLA HAA . -77.71 71.30 16.29
CAB CLA HAA . -80.16 69.36 15.77
CBB CLA HAA . -80.85 68.34 16.64
NC CLA HAA . -77.48 65.65 12.76
C1C CLA HAA . -78.69 65.83 13.27
C2C CLA HAA . -79.63 64.72 12.96
C3C CLA HAA . -78.87 63.86 12.20
C4C CLA HAA . -77.53 64.44 12.09
CMC CLA HAA . -81.07 64.60 13.38
CAC CLA HAA . -79.34 62.55 11.61
CBC CLA HAA . -79.96 62.82 10.27
ND CLA HAA . -74.83 65.55 12.18
C1D CLA HAA . -75.11 64.37 11.54
C2D CLA HAA . -73.95 63.82 10.86
C3D CLA HAA . -72.95 64.75 11.12
C4D CLA HAA . -73.49 65.78 11.91
CMD CLA HAA . -73.70 62.58 10.04
CAD CLA HAA . -71.56 65.04 10.87
OBD CLA HAA . -70.90 64.52 9.98
CBD CLA HAA . -71.22 66.32 11.56
CGD CLA HAA . -70.13 66.05 12.56
O1D CLA HAA . -68.96 66.19 12.24
O2D CLA HAA . -70.42 65.63 13.78
CED CLA HAA . -69.54 66.10 14.80
C1 CLA HAA . -68.08 69.43 14.81
C2 CLA HAA . -68.79 69.74 16.10
C3 CLA HAA . -68.17 69.57 17.28
C4 CLA HAA . -66.76 69.07 17.36
C5 CLA HAA . -68.84 69.88 18.59
C6 CLA HAA . -69.33 68.60 19.26
C7 CLA HAA . -70.63 68.09 18.66
C8 CLA HAA . -71.72 67.94 19.71
C9 CLA HAA . -72.12 69.29 20.30
C10 CLA HAA . -71.24 66.99 20.81
C11 CLA HAA . -71.91 65.63 20.71
C12 CLA HAA . -72.52 65.21 22.04
C13 CLA HAA . -72.70 63.71 22.14
C14 CLA HAA . -71.37 62.98 22.15
C15 CLA HAA . -73.58 63.21 21.00
C16 CLA HAA . -74.87 62.61 21.54
C17 CLA HAA . -76.04 63.58 21.37
C18 CLA HAA . -77.30 63.09 22.08
C19 CLA HAA . -77.61 61.63 21.72
C20 CLA HAA . -77.19 63.27 23.59
MG CLA IAA . -92.73 58.42 8.07
CHA CLA IAA . -94.66 56.06 9.71
CHB CLA IAA . -89.85 56.96 9.25
CHC CLA IAA . -90.99 60.67 6.37
CHD CLA IAA . -95.69 59.87 6.82
NA CLA IAA . -92.28 56.68 9.34
C1A CLA IAA . -93.17 55.86 9.90
C2A CLA IAA . -92.50 54.77 10.71
C3A CLA IAA . -91.02 55.12 10.58
C4A CLA IAA . -91.02 56.30 9.67
CMA CLA IAA . -90.22 55.22 11.86
CAA CLA IAA . -92.79 53.41 10.06
CBA CLA IAA . -91.58 52.68 9.43
CGA CLA IAA . -91.93 52.11 8.07
O1A CLA IAA . -92.00 50.90 7.94
O2A CLA IAA . -92.18 52.94 7.08
NB CLA IAA . -90.73 58.74 7.83
C1B CLA IAA . -89.70 58.08 8.41
C2B CLA IAA . -88.45 58.68 8.02
C3B CLA IAA . -88.78 59.73 7.22
C4B CLA IAA . -90.23 59.75 7.10
CMB CLA IAA . -87.08 58.23 8.46
CAB CLA IAA . -87.88 60.70 6.54
CBB CLA IAA . -86.76 60.23 5.62
NC CLA IAA . -93.25 59.98 6.76
C1C CLA IAA . -92.38 60.81 6.21
C2C CLA IAA . -93.02 61.89 5.42
C3C CLA IAA . -94.36 61.63 5.54
C4C CLA IAA . -94.49 60.45 6.39
CMC CLA IAA . -92.35 63.00 4.65
CAC CLA IAA . -95.47 62.44 4.93
CBC CLA IAA . -95.96 61.76 3.66
ND CLA IAA . -94.68 58.12 8.15
C1D CLA IAA . -95.79 58.76 7.67
C2D CLA IAA . -97.02 58.14 8.15
C3D CLA IAA . -96.57 57.10 8.94
C4D CLA IAA . -95.17 57.09 8.93
CMD CLA IAA . -98.48 58.43 7.95
CAD CLA IAA . -97.05 56.03 9.77
OBD CLA IAA . -98.16 55.53 9.67
CBD CLA IAA . -95.84 55.28 10.27
CGD CLA IAA . -95.84 55.26 11.77
O1D CLA IAA . -95.30 54.34 12.38
O2D CLA IAA . -96.42 56.24 12.46
CED CLA IAA . -95.74 56.66 13.63
C1 CLA IAA . -92.65 52.46 5.79
C2 CLA IAA . -91.71 52.00 4.70
C3 CLA IAA . -92.05 52.16 3.41
C4 CLA IAA . -93.35 52.79 3.01
C5 CLA IAA . -91.14 51.71 2.28
C6 CLA IAA . -91.19 52.71 1.12
C7 CLA IAA . -89.82 53.35 0.88
C8 CLA IAA . -89.77 54.09 -0.46
C9 CLA IAA . -90.28 53.22 -1.59
C10 CLA IAA . -88.35 54.57 -0.73
C11 CLA IAA . -88.32 55.55 -1.90
C12 CLA IAA . -87.35 55.10 -2.99
C13 CLA IAA . -86.73 56.29 -3.70
C14 CLA IAA . -87.76 57.02 -4.56
C15 CLA IAA . -85.55 55.83 -4.55
C16 CLA IAA . -84.71 57.02 -4.99
C17 CLA IAA . -83.26 56.60 -5.30
C18 CLA IAA . -83.12 56.24 -6.77
C19 CLA IAA . -83.52 57.40 -7.67
C20 CLA IAA . -81.69 55.77 -7.08
MG CHL JAA . -92.55 42.01 6.14
CHA CHL JAA . -94.26 43.04 3.39
CHB CHL JAA . -95.10 39.77 6.83
CHC CHL JAA . -90.90 41.08 8.75
CHD CHL JAA . -90.05 44.41 5.34
NA CHL JAA . -94.34 41.50 5.27
C1A CHL JAA . -94.84 41.99 4.08
C2A CHL JAA . -96.10 41.27 3.66
C3A CHL JAA . -96.46 40.44 4.88
C4A CHL JAA . -95.23 40.56 5.74
CMA CHL JAA . -97.85 40.55 5.51
CAA CHL JAA . -95.86 40.41 2.42
CBA CHL JAA . -97.13 40.11 1.61
CGA CHL JAA . -97.01 40.46 0.16
O1A CHL JAA . -97.34 41.52 -0.32
O2A CHL JAA . -96.52 39.47 -0.56
NB CHL JAA . -92.96 40.62 7.57
C1B CHL JAA . -94.01 39.78 7.70
C2B CHL JAA . -93.81 38.97 8.85
C3B CHL JAA . -92.61 39.30 9.42
C4B CHL JAA . -92.07 40.37 8.58
CMB CHL JAA . -94.77 37.94 9.35
CAB CHL JAA . -92.04 38.64 10.59
CBB CHL JAA . -90.71 38.88 11.27
NC CHL JAA . -90.76 42.67 6.89
C1C CHL JAA . -90.30 42.09 8.03
C2C CHL JAA . -89.03 42.74 8.37
C3C CHL JAA . -88.80 43.67 7.39
C4C CHL JAA . -89.88 43.65 6.46
CMC CHL JAA . -88.14 42.52 9.48
OMC CHL JAA . -88.31 41.71 10.37
CAC CHL JAA . -87.59 44.57 7.30
CBC CHL JAA . -86.41 43.91 6.62
ND CHL JAA . -92.15 43.44 4.74
C1D CHL JAA . -91.14 44.32 4.49
C2D CHL JAA . -91.41 45.07 3.32
C3D CHL JAA . -92.62 44.62 2.85
C4D CHL JAA . -93.06 43.62 3.73
CMD CHL JAA . -90.51 46.12 2.73
CAD CHL JAA . -93.64 44.76 1.82
OBD CHL JAA . -93.64 45.52 0.87
CBD CHL JAA . -94.74 43.79 2.14
CGD CHL JAA . -96.06 44.53 2.35
O1D CHL JAA . -96.61 44.67 3.40
O2D CHL JAA . -96.51 45.03 1.20
CED CHL JAA . -97.76 45.75 1.27
C1 CHL JAA . -96.45 39.46 -2.01
C2 CHL JAA . -95.33 40.35 -2.43
C3 CHL JAA . -94.29 39.87 -3.11
C4 CHL JAA . -94.11 38.43 -3.47
C5 CHL JAA . -93.21 40.81 -3.61
C6 CHL JAA . -93.66 42.25 -3.70
C7 CHL JAA . -92.71 43.11 -4.54
C8 CHL JAA . -93.08 44.59 -4.62
C9 CHL JAA . -92.61 45.35 -3.38
C10 CHL JAA . -92.45 45.13 -5.90
C11 CHL JAA . -93.41 45.22 -7.07
C12 CHL JAA . -92.82 45.83 -8.34
C13 CHL JAA . -93.84 46.14 -9.43
C14 CHL JAA . -94.31 44.86 -10.13
C15 CHL JAA . -93.54 47.24 -10.44
C16 CHL JAA . -94.73 48.14 -10.72
C17 CHL JAA . -94.62 48.96 -12.00
C18 CHL JAA . -95.86 49.78 -12.34
C19 CHL JAA . -95.74 50.43 -13.70
C20 CHL JAA . -97.13 48.96 -12.26
MG CHL KAA . -86.80 52.55 8.36
CHA CHL KAA . -87.71 50.29 5.96
CHB CHL KAA . -84.85 54.16 6.11
CHC CHL KAA . -85.99 54.69 10.72
CHD CHL KAA . -88.80 50.74 10.65
NA CHL KAA . -86.40 52.27 6.37
C1A CHL KAA . -86.86 51.28 5.53
C2A CHL KAA . -86.24 51.40 4.13
C3A CHL KAA . -85.23 52.54 4.28
C4A CHL KAA . -85.49 53.04 5.68
CMA CHL KAA . -83.79 52.36 3.82
CAA CHL KAA . -87.24 51.66 2.99
CBA CHL KAA . -86.61 51.78 1.60
CGA CHL KAA . -87.25 50.94 0.54
O1A CHL KAA . -87.52 51.31 -0.56
O2A CHL KAA . -87.46 49.71 0.97
NB CHL KAA . -85.62 54.20 8.39
C1B CHL KAA . -84.94 54.74 7.36
C2B CHL KAA . -84.30 55.91 7.82
C3B CHL KAA . -84.56 56.08 9.16
C4B CHL KAA . -85.42 54.98 9.51
CMB CHL KAA . -83.50 56.85 6.98
CAB CHL KAA . -84.02 57.18 9.96
CBB CHL KAA . -84.23 57.49 11.43
NC CHL KAA . -87.32 52.65 10.35
C1C CHL KAA . -86.83 53.67 11.12
C2C CHL KAA . -87.37 53.49 12.47
C3C CHL KAA . -88.14 52.37 12.44
C4C CHL KAA . -88.12 51.84 11.10
CMC CHL KAA . -87.19 54.30 13.65
OMC CHL KAA . -86.52 55.31 13.74
CAC CHL KAA . -88.89 51.79 13.61
CBC CHL KAA . -88.21 50.60 14.21
ND CHL KAA . -88.00 50.91 8.40
C1D CHL KAA . -88.75 50.28 9.35
C2D CHL KAA . -89.42 49.16 8.80
C3D CHL KAA . -89.07 49.13 7.47
C4D CHL KAA . -88.19 50.20 7.24
CMD CHL KAA . -90.29 48.21 9.57
CAD CHL KAA . -89.22 48.42 6.21
OBD CHL KAA . -89.94 47.48 5.96
CBD CHL KAA . -88.32 49.09 5.20
CGD CHL KAA . -87.25 48.09 4.77
O1D CHL KAA . -86.19 47.95 5.30
O2D CHL KAA . -87.67 47.38 3.72
CED CHL KAA . -86.76 46.36 3.25
C1 CHL KAA . -88.06 48.67 0.15
C2 CHL KAA . -87.02 47.64 -0.13
C3 CHL KAA . -87.16 46.68 -1.02
C4 CHL KAA . -88.40 46.49 -1.86
C5 CHL KAA . -86.06 45.68 -1.27
C6 CHL KAA . -86.45 44.23 -0.99
C7 CHL KAA . -86.76 43.95 0.48
C8 CHL KAA . -86.73 42.47 0.87
C9 CHL KAA . -85.30 41.93 0.86
C10 CHL KAA . -87.38 42.30 2.24
C11 CHL KAA . -88.15 40.99 2.43
C12 CHL KAA . -88.69 40.78 3.84
C13 CHL KAA . -89.63 39.57 4.00
C14 CHL KAA . -91.06 39.93 3.64
C15 CHL KAA . -89.55 38.80 5.32
C16 CHL KAA . -90.78 37.94 5.64
C17 CHL KAA . -90.66 37.14 6.94
C18 CHL KAA . -91.91 36.38 7.34
C19 CHL KAA . -92.38 35.45 6.23
C20 CHL KAA . -91.73 35.60 8.63
MG CHL LAA . -85.08 55.99 17.30
CHA CHL LAA . -86.85 55.01 20.07
CHB CHL LAA . -85.00 59.17 18.50
CHC CHL LAA . -83.25 56.82 14.73
CHD CHL LAA . -85.27 52.65 16.17
NA CHL LAA . -85.85 56.90 18.96
C1A CHL LAA . -86.46 56.32 20.05
C2A CHL LAA . -86.67 57.33 21.18
C3A CHL LAA . -86.28 58.66 20.55
C4A CHL LAA . -85.66 58.25 19.24
CMA CHL LAA . -87.21 59.87 20.61
CAA CHL LAA . -85.80 56.97 22.40
CBA CHL LAA . -86.40 57.39 23.74
CGA CHL LAA . -86.12 58.83 24.07
O1A CHL LAA . -86.95 59.66 24.31
O2A CHL LAA . -84.82 59.07 24.05
NB CHL LAA . -84.28 57.76 16.71
C1B CHL LAA . -84.37 58.97 17.30
C2B CHL LAA . -83.65 59.93 16.53
C3B CHL LAA . -83.11 59.25 15.43
C4B CHL LAA . -83.54 57.88 15.56
CMB CHL LAA . -83.53 61.38 16.87
CAB CHL LAA . -82.28 59.74 14.32
CBB CHL LAA . -81.72 61.11 13.98
NC CHL LAA . -84.40 54.88 15.71
C1C CHL LAA . -83.60 55.48 14.77
C2C CHL LAA . -83.20 54.44 13.82
C3C CHL LAA . -83.76 53.26 14.25
C4C CHL LAA . -84.52 53.53 15.44
CMC CHL LAA . -82.36 54.52 12.64
OMC CHL LAA . -81.85 55.54 12.21
CAC CHL LAA . -83.52 51.90 13.66
CBC CHL LAA . -84.72 51.34 12.93
ND CHL LAA . -85.87 54.21 17.87
C1D CHL LAA . -85.97 52.97 17.31
C2D CHL LAA . -86.77 52.12 18.10
C3D CHL LAA . -87.14 52.85 19.20
C4D CHL LAA . -86.59 54.13 19.05
CMD CHL LAA . -87.12 50.70 17.76
CAD CHL LAA . -87.81 52.83 20.48
OBD CHL LAA . -88.44 51.91 20.98
CBD CHL LAA . -87.59 54.18 21.14
CGD CHL LAA . -88.89 54.73 21.70
O1D CHL LAA . -89.80 55.17 21.05
O2D CHL LAA . -88.87 54.68 23.03
CED CHL LAA . -90.03 55.22 23.71
C1 CHL LAA . -84.25 60.39 24.25
C2 CHL LAA . -84.53 61.20 23.03
C3 CHL LAA . -85.28 62.29 23.08
C4 CHL LAA . -85.89 62.81 24.35
C5 CHL LAA . -85.59 63.08 21.84
C6 CHL LAA . -84.65 64.25 21.61
C7 CHL LAA . -83.33 63.84 20.97
C8 CHL LAA . -82.23 64.90 21.04
C9 CHL LAA . -81.72 65.07 22.47
C10 CHL LAA . -81.11 64.46 20.10
C11 CHL LAA . -81.51 64.34 18.63
C12 CHL LAA . -80.33 64.13 17.69
C13 CHL LAA . -79.51 62.87 17.94
C14 CHL LAA . -78.07 63.22 18.32
C15 CHL LAA . -79.56 61.81 16.84
C16 CHL LAA . -78.41 60.80 16.84
C17 CHL LAA . -78.46 59.83 15.67
C18 CHL LAA . -77.28 58.88 15.55
C19 CHL LAA . -77.42 58.00 14.33
C20 CHL LAA . -75.96 59.64 15.51
MG CHL MAA . -78.54 58.87 -3.78
CHA CHL MAA . -80.17 61.12 -1.78
CHB CHL MAA . -80.72 56.43 -2.75
CHC CHL MAA . -77.01 56.79 -5.76
CHD CHL MAA . -76.33 61.47 -4.71
NA CHL MAA . -80.14 58.81 -2.50
C1A CHL MAA . -80.69 59.85 -1.76
C2A CHL MAA . -81.88 59.37 -0.92
C3A CHL MAA . -81.88 57.87 -1.13
C4A CHL MAA . -80.84 57.65 -2.19
CMA CHL MAA . -81.94 56.94 0.08
CAA CHL MAA . -83.23 60.00 -1.33
CBA CHL MAA . -83.62 59.74 -2.77
CGA CHL MAA . -83.66 60.98 -3.62
O1A CHL MAA . -83.20 62.05 -3.32
O2A CHL MAA . -84.27 60.74 -4.76
NB CHL MAA . -78.84 56.90 -4.18
C1B CHL MAA . -79.79 56.07 -3.73
C2B CHL MAA . -79.67 54.79 -4.35
C3B CHL MAA . -78.60 54.88 -5.26
C4B CHL MAA . -78.08 56.23 -5.12
CMB CHL MAA . -80.55 53.61 -4.10
CAB CHL MAA . -78.08 53.90 -6.21
CBB CHL MAA . -78.45 52.47 -6.54
NC CHL MAA . -76.91 59.11 -5.00
C1C CHL MAA . -76.45 58.05 -5.71
C2C CHL MAA . -75.29 58.50 -6.47
C3C CHL MAA . -75.11 59.82 -6.17
C4C CHL MAA . -76.12 60.23 -5.24
CMC CHL MAA . -74.44 57.77 -7.39
OMC CHL MAA . -74.56 56.60 -7.68
CAC CHL MAA . -74.04 60.71 -6.74
CBC CHL MAA . -74.44 61.33 -8.04
ND CHL MAA . -78.22 60.85 -3.38
C1D CHL MAA . -77.34 61.79 -3.82
C2D CHL MAA . -77.63 63.05 -3.24
C3D CHL MAA . -78.73 62.85 -2.43
C4D CHL MAA . -79.08 61.49 -2.54
CMD CHL MAA . -76.86 64.32 -3.48
CAD CHL MAA . -79.68 63.46 -1.53
OBD CHL MAA . -79.74 64.64 -1.18
CBD CHL MAA . -80.63 62.39 -1.05
CGD CHL MAA . -80.62 62.29 0.47
O1D CHL MAA . -79.83 61.64 1.11
O2D CHL MAA . -81.59 63.01 1.00
CED CHL MAA . -81.69 62.98 2.45
C1 CHL MAA . -84.50 61.73 -5.80
C2 CHL MAA . -85.32 61.09 -6.86
C3 CHL MAA . -86.64 61.06 -6.79
C4 CHL MAA . -87.44 61.66 -5.67
MG CHL NAA . -74.62 59.50 6.80
CHA CHL NAA . -73.32 62.54 6.21
CHB CHL NAA . -71.64 58.08 5.71
CHC CHL NAA . -75.85 56.60 7.44
CHD CHL NAA . -77.62 61.10 7.92
NA CHL NAA . -72.84 60.19 6.06
C1A CHL NAA . -72.45 61.50 6.01
C2A CHL NAA . -70.98 61.65 5.65
C3A CHL NAA . -70.59 60.25 5.21
C4A CHL NAA . -71.76 59.42 5.67
CMA CHL NAA . -69.97 60.03 3.84
CAA CHL NAA . -70.13 62.15 6.83
CBA CHL NAA . -69.97 61.16 7.99
CGA CHL NAA . -69.50 61.78 9.28
O1A CHL NAA . -68.75 62.72 9.36
O2A CHL NAA . -70.03 61.16 10.32
NB CHL NAA . -73.84 57.63 6.58
C1B CHL NAA . -72.64 57.22 6.12
C2B CHL NAA . -72.56 55.80 6.20
C3B CHL NAA . -73.76 55.33 6.75
C4B CHL NAA . -74.57 56.53 6.97
CMB CHL NAA . -71.40 54.98 5.72
CAB CHL NAA . -74.19 53.98 7.10
CBB CHL NAA . -73.53 52.62 6.97
NC CHL NAA . -76.46 58.98 7.54
C1C CHL NAA . -76.71 57.66 7.70
C2C CHL NAA . -78.07 57.53 8.21
C3C CHL NAA . -78.56 58.80 8.34
C4C CHL NAA . -77.55 59.73 7.92
CMC CHL NAA . -78.82 56.33 8.52
OMC CHL NAA . -78.43 55.19 8.42
CAC CHL NAA . -79.93 59.18 8.85
CBC CHL NAA . -80.04 59.12 10.35
ND CHL NAA . -75.42 61.37 7.02
C1D CHL NAA . -76.56 61.91 7.50
C2D CHL NAA . -76.48 63.33 7.46
C3D CHL NAA . -75.25 63.63 6.95
C4D CHL NAA . -74.60 62.41 6.69
CMD CHL NAA . -77.54 64.28 7.96
CAD CHL NAA . -74.34 64.70 6.56
OBD CHL NAA . -74.53 65.89 6.63
CBD CHL NAA . -73.07 64.06 6.06
CGD CHL NAA . -72.82 64.48 4.62
O1D CHL NAA . -73.64 64.41 3.73
O2D CHL NAA . -71.58 64.94 4.46
CED CHL NAA . -71.22 65.36 3.12
C1 CHL NAA . -69.75 61.51 11.70
C2 CHL NAA . -71.01 62.00 12.32
C3 CHL NAA . -71.75 61.27 13.15
C4 CHL NAA . -71.38 59.87 13.57
C5 CHL NAA . -73.03 61.80 13.72
C6 CHL NAA . -72.82 62.91 14.76
C7 CHL NAA . -74.13 63.51 15.24
C8 CHL NAA . -73.97 64.64 16.27
C9 CHL NAA . -73.08 65.75 15.74
C10 CHL NAA . -75.36 65.16 16.58
C11 CHL NAA . -75.38 66.50 17.33
C12 CHL NAA . -76.77 66.97 17.70
C13 CHL NAA . -76.81 68.27 18.49
C14 CHL NAA . -75.79 68.28 19.63
C15 CHL NAA . -78.19 68.71 19.00
C16 CHL NAA . -78.90 67.68 19.86
C17 CHL NAA . -80.32 68.09 20.26
C18 CHL NAA . -80.55 68.56 21.69
C19 CHL NAA . -79.79 69.83 22.03
C20 CHL NAA . -82.02 68.73 21.99
MG CLA OAA . -84.90 68.72 -3.79
CHA CLA OAA . -82.99 68.65 -6.65
CHB CLA OAA . -86.14 71.83 -4.64
CHC CLA OAA . -86.78 68.65 -1.08
CHD CLA OAA . -83.64 65.53 -2.92
NA CLA OAA . -84.61 70.12 -5.48
C1A CLA OAA . -83.81 69.91 -6.52
C2A CLA OAA . -83.87 71.07 -7.47
C3A CLA OAA . -84.84 72.05 -6.79
C4A CLA OAA . -85.24 71.30 -5.56
CMA CLA OAA . -84.47 73.51 -6.64
CAA CLA OAA . -84.59 70.73 -8.79
CBA CLA OAA . -85.42 69.44 -8.84
CGA CLA OAA . -86.63 69.38 -7.94
O1A CLA OAA . -86.58 68.65 -6.96
O2A CLA OAA . -87.70 70.09 -8.23
NB CLA OAA . -86.26 70.03 -3.00
C1B CLA OAA . -86.61 71.26 -3.45
C2B CLA OAA . -87.57 71.88 -2.57
C3B CLA OAA . -87.73 70.97 -1.55
C4B CLA OAA . -86.91 69.81 -1.85
CMB CLA OAA . -88.17 73.23 -2.75
CAB CLA OAA . -88.60 71.05 -0.34
CBB CLA OAA . -90.01 71.57 -0.38
NC CLA OAA . -85.22 67.28 -2.29
C1C CLA OAA . -85.98 67.50 -1.23
C2C CLA OAA . -85.92 66.39 -0.25
C3C CLA OAA . -85.04 65.50 -0.80
C4C CLA OAA . -84.60 66.06 -2.07
CMC CLA OAA . -86.66 66.31 1.05
CAC CLA OAA . -84.61 64.18 -0.19
CBC CLA OAA . -85.40 63.05 -0.82
ND CLA OAA . -83.66 67.36 -4.51
C1D CLA OAA . -83.20 66.13 -4.13
C2D CLA OAA . -82.25 65.59 -5.09
C3D CLA OAA . -82.17 66.57 -6.07
C4D CLA OAA . -83.02 67.63 -5.71
CMD CLA OAA . -81.45 64.31 -5.16
CAD CLA OAA . -81.52 66.90 -7.32
OBD CLA OAA . -80.86 66.14 -7.99
CBD CLA OAA . -82.07 68.22 -7.78
CGD CLA OAA . -80.95 69.22 -7.88
O1D CLA OAA . -80.13 69.34 -6.99
O2D CLA OAA . -80.87 69.99 -8.96
CED CLA OAA . -79.94 69.58 -9.95
C1 CLA OAA . -88.54 70.61 -7.15
C2 CLA OAA . -89.30 69.67 -6.26
C3 CLA OAA . -90.47 70.02 -5.72
C4 CLA OAA . -91.08 71.37 -5.96
C5 CLA OAA . -91.22 69.05 -4.84
C6 CLA OAA . -91.92 69.79 -3.70
C7 CLA OAA . -93.38 69.33 -3.60
C8 CLA OAA . -93.46 67.82 -3.47
C9 CLA OAA . -94.66 67.29 -4.27
C10 CLA OAA . -93.56 67.43 -2.00
C11 CLA OAA . -93.39 65.93 -1.81
C12 CLA OAA . -93.44 65.56 -0.33
C13 CLA OAA . -93.88 64.11 -0.13
C14 CLA OAA . -95.07 64.03 0.80
C15 CLA OAA . -92.72 63.27 0.39
C16 CLA OAA . -92.42 62.12 -0.55
C17 CLA OAA . -91.51 61.09 0.10
C18 CLA OAA . -90.78 60.26 -0.95
C19 CLA OAA . -91.76 59.58 -1.90
C20 CLA OAA . -89.78 61.12 -1.71
MG CLA PAA . -91.18 84.59 3.24
CHA CLA PAA . -90.32 83.16 0.22
CHB CLA PAA . -91.92 87.58 1.68
CHC CLA PAA . -92.06 85.81 6.18
CHD CLA PAA . -90.46 81.50 4.82
NA CLA PAA . -91.14 85.32 1.15
C1A CLA PAA . -90.77 84.60 0.09
C2A CLA PAA . -90.85 85.43 -1.18
C3A CLA PAA . -91.33 86.79 -0.67
C4A CLA PAA . -91.49 86.58 0.80
CMA CLA PAA . -90.64 88.07 -1.13
CAA CLA PAA . -91.94 84.85 -2.08
CBA CLA PAA . -92.06 85.61 -3.40
CGA CLA PAA . -93.48 85.61 -3.90
O1A CLA PAA . -93.99 84.55 -4.25
O2A CLA PAA . -94.14 86.75 -3.95
NB CLA PAA . -91.89 86.40 3.83
C1B CLA PAA . -92.11 87.52 3.07
C2B CLA PAA . -92.58 88.59 3.91
C3B CLA PAA . -92.61 88.08 5.17
C4B CLA PAA . -92.16 86.70 5.11
CMB CLA PAA . -92.95 89.99 3.48
CAB CLA PAA . -93.02 88.77 6.41
CBB CLA PAA . -94.44 88.66 6.91
NC CLA PAA . -91.31 83.77 5.17
C1C CLA PAA . -91.64 84.46 6.25
C2C CLA PAA . -91.52 83.67 7.50
C3C CLA PAA . -91.10 82.45 7.09
C4C CLA PAA . -90.96 82.52 5.63
CMC CLA PAA . -91.82 84.14 8.90
CAC CLA PAA . -90.81 81.24 7.95
CBC CLA PAA . -92.04 80.37 7.96
ND CLA PAA . -90.58 82.77 2.76
C1D CLA PAA . -90.30 81.61 3.42
C2D CLA PAA . -89.80 80.57 2.54
C3D CLA PAA . -89.82 81.19 1.28
C4D CLA PAA . -90.28 82.50 1.43
CMD CLA PAA . -89.35 79.15 2.74
CAD CLA PAA . -89.51 80.93 -0.10
OBD CLA PAA . -88.73 80.09 -0.48
CBD CLA PAA . -89.84 82.19 -0.85
CGD CLA PAA . -88.58 82.73 -1.46
O1D CLA PAA . -88.00 83.69 -0.99
O2D CLA PAA . -88.06 82.13 -2.53
CED CLA PAA . -86.64 81.91 -2.47
C1 CLA PAA . -94.35 87.54 -2.74
C2 CLA PAA . -94.88 86.92 -1.48
C3 CLA PAA . -95.39 87.68 -0.49
C4 CLA PAA . -95.44 89.17 -0.61
MG CLA QAA . -93.94 75.67 1.29
CHA CLA QAA . -93.06 77.56 -1.46
CHB CLA QAA . -93.66 72.77 -0.58
CHC CLA QAA . -94.71 73.95 4.00
CHD CLA QAA . -94.19 78.65 3.19
NA CLA QAA . -93.40 75.19 -0.81
C1A CLA QAA . -93.08 76.07 -1.75
C2A CLA QAA . -92.76 75.41 -3.07
C3A CLA QAA . -92.99 73.92 -2.76
C4A CLA QAA . -93.36 73.93 -1.31
CMA CLA QAA . -93.79 73.05 -3.72
CAA CLA QAA . -91.29 75.65 -3.42
CBA CLA QAA . -90.83 74.89 -4.66
CGA CLA QAA . -91.60 75.38 -5.86
O1A CLA QAA . -91.69 76.57 -6.06
O2A CLA QAA . -92.14 74.48 -6.67
NB CLA QAA . -94.14 73.68 1.65
C1B CLA QAA . -94.02 72.63 0.77
C2B CLA QAA . -94.30 71.39 1.45
C3B CLA QAA . -94.61 71.73 2.74
C4B CLA QAA . -94.49 73.18 2.86
CMB CLA QAA . -94.28 70.00 0.85
CAB CLA QAA . -94.97 70.81 3.84
CBB CLA QAA . -96.34 70.87 4.46
NC CLA QAA . -94.32 76.21 3.28
C1C CLA QAA . -94.65 75.34 4.23
C2C CLA QAA . -94.93 75.99 5.53
C3C CLA QAA . -94.74 77.33 5.30
C4C CLA QAA . -94.37 77.45 3.88
CMC CLA QAA . -95.32 75.31 6.82
CAC CLA QAA . -94.89 78.47 6.28
CBC CLA QAA . -96.34 78.86 6.44
ND CLA QAA . -93.70 77.61 1.05
C1D CLA QAA . -93.82 78.73 1.82
C2D CLA QAA . -93.54 79.95 1.08
C3D CLA QAA . -93.25 79.49 -0.20
C4D CLA QAA . -93.33 78.09 -0.20
CMD CLA QAA . -93.54 81.42 1.43
CAD CLA QAA . -92.87 79.93 -1.52
OBD CLA QAA . -92.86 81.09 -1.91
CBD CLA QAA . -92.83 78.73 -2.40
CGD CLA QAA . -94.00 78.80 -3.33
O1D CLA QAA . -93.92 79.40 -4.40
O2D CLA QAA . -95.14 78.20 -3.02
CED CLA QAA . -95.75 77.41 -4.03
MG CLA RAA . -91.61 75.94 19.84
CHA CLA RAA . -93.81 75.22 22.42
CHB CLA RAA . -94.23 76.68 17.73
CHC CLA RAA . -89.41 76.65 17.48
CHD CLA RAA . -88.92 75.21 22.02
NA CLA RAA . -93.81 75.97 20.04
C1A CLA RAA . -94.50 75.66 21.14
C2A CLA RAA . -96.00 75.83 20.91
C3A CLA RAA . -96.07 76.27 19.44
C4A CLA RAA . -94.64 76.32 19.03
CMA CLA RAA . -97.13 75.68 18.53
CAA CLA RAA . -96.73 76.98 21.62
CBA CLA RAA . -96.12 77.73 22.81
CGA CLA RAA . -94.87 78.50 22.49
O1A CLA RAA . -94.84 79.20 21.50
O2A CLA RAA . -93.85 78.34 23.31
NB CLA RAA . -91.79 76.58 17.92
C1B CLA RAA . -92.93 76.80 17.20
C2B CLA RAA . -92.61 77.18 15.85
C3B CLA RAA . -91.24 77.17 15.80
C4B CLA RAA . -90.74 76.78 17.11
CMB CLA RAA . -93.57 77.52 14.74
CAB CLA RAA . -90.37 77.47 14.64
CBB CLA RAA . -90.41 76.62 13.40
NC CLA RAA . -89.50 76.03 19.79
C1C CLA RAA . -88.80 76.28 18.70
C2C CLA RAA . -87.34 76.12 18.92
C3C CLA RAA . -87.22 75.77 20.22
C4C CLA RAA . -88.58 75.69 20.76
CMC CLA RAA . -86.24 76.33 17.91
CAC CLA RAA . -85.93 75.49 20.96
CBC CLA RAA . -85.56 76.71 21.78
ND CLA RAA . -91.32 75.38 21.71
C1D CLA RAA . -90.25 75.11 22.51
C2D CLA RAA . -90.63 74.71 23.84
C3D CLA RAA . -92.02 74.76 23.80
C4D CLA RAA . -92.43 75.16 22.52
CMD CLA RAA . -89.87 74.32 25.08
CAD CLA RAA . -93.20 74.54 24.62
OBD CLA RAA . -93.20 74.00 25.72
CBD CLA RAA . -94.39 74.79 23.75
CGD CLA RAA . -95.19 73.53 23.61
O1D CLA RAA . -94.64 72.46 23.41
O2D CLA RAA . -96.52 73.57 23.73
CED CLA RAA . -97.05 73.01 24.93
C1 CLA RAA . -92.78 79.32 23.44
C2 CLA RAA . -91.85 79.66 22.31
C3 CLA RAA . -90.56 79.30 22.34
C4 CLA RAA . -89.99 78.53 23.48
C5 CLA RAA . -89.60 79.61 21.22
C6 CLA RAA . -90.36 80.08 19.98
C7 CLA RAA . -89.69 81.29 19.36
C8 CLA RAA . -90.26 81.62 17.99
C9 CLA RAA . -90.15 80.43 17.05
C10 CLA RAA . -89.53 82.84 17.43
C11 CLA RAA . -90.50 83.85 16.83
C12 CLA RAA . -91.17 84.69 17.92
C13 CLA RAA . -92.67 84.80 17.68
C14 CLA RAA . -92.97 85.72 16.50
C15 CLA RAA . -93.37 85.24 18.97
C16 CLA RAA . -93.71 86.72 19.04
C17 CLA RAA . -92.70 87.50 19.87
C18 CLA RAA . -92.60 86.95 21.29
C19 CLA RAA . -91.17 87.07 21.81
C20 CLA RAA . -93.56 87.65 22.23
MG CLA SAA . -99.21 82.15 19.14
CHA CLA SAA . -96.57 83.06 21.15
CHB CLA SAA . -101.36 84.14 20.99
CHC CLA SAA . -101.65 81.31 17.09
CHD CLA SAA . -97.01 80.13 17.23
NA CLA SAA . -99.00 83.48 20.89
C1A CLA SAA . -97.86 83.72 21.55
C2A CLA SAA . -98.09 84.67 22.71
C3A CLA SAA . -99.60 84.97 22.64
C4A CLA SAA . -100.03 84.16 21.44
CMA CLA SAA . -100.45 84.98 23.90
CAA CLA SAA . -97.37 86.02 22.54
CBA CLA SAA . -96.88 86.39 21.14
CGA CLA SAA . -98.01 86.73 20.18
O1A CLA SAA . -98.70 87.71 20.40
O2A CLA SAA . -98.19 85.93 19.15
NB CLA SAA . -101.19 82.65 19.04
C1B CLA SAA . -101.91 83.44 19.90
C2B CLA SAA . -103.29 83.49 19.50
C3B CLA SAA . -103.37 82.68 18.40
C4B CLA SAA . -102.03 82.16 18.13
CMB CLA SAA . -104.40 84.25 20.18
CAB CLA SAA . -104.57 82.36 17.59
CBB CLA SAA . -105.75 81.67 18.22
NC CLA SAA . -99.30 80.97 17.39
C1C CLA SAA . -100.42 80.70 16.74
C2C CLA SAA . -100.23 79.73 15.65
C3C CLA SAA . -98.89 79.43 15.68
C4C CLA SAA . -98.33 80.20 16.79
CMC CLA SAA . -101.28 79.20 14.70
CAC CLA SAA . -98.15 78.47 14.78
CBC CLA SAA . -97.41 79.19 13.69
ND CLA SAA . -97.30 81.66 19.10
C1D CLA SAA . -96.49 80.87 18.33
C2D CLA SAA . -95.11 80.88 18.80
C3D CLA SAA . -95.15 81.74 19.89
C4D CLA SAA . -96.46 82.19 20.06
CMD CLA SAA . -93.84 80.21 18.34
CAD CLA SAA . -94.31 82.33 20.91
OBD CLA SAA . -93.10 82.28 20.94
CBD CLA SAA . -95.19 83.17 21.79
CGD CLA SAA . -95.24 82.57 23.15
O1D CLA SAA . -95.61 81.43 23.33
O2D CLA SAA . -94.83 83.29 24.20
CED CLA SAA . -93.60 82.87 24.79
C1 CLA SAA . -99.08 86.28 18.04
C2 CLA SAA . -100.57 86.47 18.24
C3 CLA SAA . -101.43 86.15 17.27
C4 CLA SAA . -102.90 86.35 17.47
C1 LUT TAA . -96.04 73.69 14.47
C2 LUT TAA . -96.40 72.65 15.53
C3 LUT TAA . -95.58 72.83 16.80
C4 LUT TAA . -94.09 72.74 16.51
C5 LUT TAA . -93.69 73.44 15.23
C6 LUT TAA . -94.54 73.68 14.21
C7 LUT TAA . -94.06 73.97 12.84
C8 LUT TAA . -93.54 73.04 12.02
C9 LUT TAA . -93.08 73.39 10.66
C10 LUT TAA . -92.43 72.48 9.93
C11 LUT TAA . -91.99 72.77 8.58
C12 LUT TAA . -92.00 71.74 7.72
C13 LUT TAA . -91.61 71.83 6.31
C14 LUT TAA . -91.52 70.70 5.60
C15 LUT TAA . -91.15 70.67 4.18
C16 LUT TAA . -96.45 75.08 14.93
C17 LUT TAA . -96.80 73.32 13.20
C18 LUT TAA . -92.25 73.86 15.14
C19 LUT TAA . -93.35 74.76 10.08
C20 LUT TAA . -91.32 73.17 5.68
O3 LUT TAA . -95.92 71.78 17.72
C21 LUT TAA . -89.80 65.33 -7.40
C22 LUT TAA . -89.54 65.95 -8.76
C23 LUT TAA . -88.24 65.38 -9.29
C24 LUT TAA . -87.09 65.90 -8.44
C25 LUT TAA . -87.34 65.54 -6.99
C26 LUT TAA . -88.60 65.55 -6.47
C27 LUT TAA . -88.80 65.34 -5.01
C28 LUT TAA . -88.96 66.38 -4.18
C29 LUT TAA . -89.18 66.19 -2.73
C30 LUT TAA . -89.86 67.14 -2.07
C31 LUT TAA . -90.16 67.05 -0.63
C32 LUT TAA . -90.36 68.19 0.05
C33 LUT TAA . -90.68 68.20 1.48
C34 LUT TAA . -90.83 69.38 2.12
C35 LUT TAA . -91.16 69.50 3.54
C36 LUT TAA . -90.00 63.83 -7.55
C37 LUT TAA . -91.09 65.94 -6.83
C38 LUT TAA . -86.18 65.18 -6.12
C39 LUT TAA . -88.68 64.95 -2.03
C40 LUT TAA . -90.85 66.90 2.21
O23 LUT TAA . -88.05 65.71 -10.67
C1 LUT UAA . -87.55 59.83 14.37
C2 LUT UAA . -88.89 59.37 14.94
C3 LUT UAA . -89.88 58.93 13.87
C4 LUT UAA . -90.12 60.11 12.95
C5 LUT UAA . -88.80 60.46 12.32
C6 LUT UAA . -87.70 60.58 13.06
C7 LUT UAA . -86.57 61.40 12.58
C8 LUT UAA . -86.55 62.73 12.53
C9 LUT UAA . -85.32 63.40 12.02
C10 LUT UAA . -85.28 64.72 11.84
C11 LUT UAA . -84.05 65.36 11.35
C12 LUT UAA . -83.73 66.53 11.87
C13 LUT UAA . -82.53 67.31 11.51
C14 LUT UAA . -82.33 68.46 12.15
C15 LUT UAA . -81.18 69.32 11.91
C16 LUT UAA . -86.67 58.61 14.13
C17 LUT UAA . -86.90 60.74 15.40
C18 LUT UAA . -88.76 60.65 10.83
C19 LUT UAA . -84.12 62.56 11.69
C20 LUT UAA . -81.56 66.81 10.46
O3 LUT UAA . -91.11 58.54 14.48
C21 LUT UAA . -73.60 79.34 14.24
C22 LUT UAA . -72.71 80.57 14.19
C23 LUT UAA . -73.42 81.73 13.52
C24 LUT UAA . -73.60 81.35 12.06
C25 LUT UAA . -74.40 80.07 11.98
C26 LUT UAA . -74.56 79.26 13.04
C27 LUT UAA . -75.86 78.59 13.21
C28 LUT UAA . -75.97 77.26 13.19
C29 LUT UAA . -77.26 76.57 13.36
C30 LUT UAA . -77.27 75.24 13.50
C31 LUT UAA . -78.48 74.45 13.69
C32 LUT UAA . -78.61 73.29 13.05
C33 LUT UAA . -79.80 72.43 13.21
C34 LUT UAA . -79.87 71.28 12.53
C35 LUT UAA . -81.02 70.38 12.69
C36 LUT UAA . -74.42 79.39 15.52
C37 LUT UAA . -72.71 78.10 14.27
C38 LUT UAA . -75.05 79.72 10.69
C39 LUT UAA . -78.54 77.36 13.42
C40 LUT UAA . -80.91 72.83 14.14
O23 LUT UAA . -72.65 82.94 13.63
C1 XAT VAA . -79.99 53.75 23.56
C2 XAT VAA . -80.66 54.72 24.53
C3 XAT VAA . -81.10 56.01 23.87
C4 XAT VAA . -82.22 55.69 22.89
C5 XAT VAA . -81.75 54.71 21.82
C6 XAT VAA . -80.68 53.72 22.17
C7 XAT VAA . -80.45 52.52 21.27
C8 XAT VAA . -79.56 52.60 20.29
C9 XAT VAA . -79.29 51.46 19.40
C10 XAT VAA . -78.48 51.62 18.34
C11 XAT VAA . -78.11 50.62 17.34
C12 XAT VAA . -77.43 50.98 16.24
C13 XAT VAA . -76.77 50.14 15.27
C14 XAT VAA . -76.24 50.67 14.14
C15 XAT VAA . -75.33 49.91 13.36
C16 XAT VAA . -80.01 52.36 24.16
C17 XAT VAA . -78.54 54.20 23.38
C18 XAT VAA . -82.65 54.41 20.63
C19 XAT VAA . -79.94 50.13 19.66
C20 XAT VAA . -76.65 48.66 15.52
O3 XAT VAA . -81.60 56.91 24.87
O4 XAT VAA . -80.37 54.94 21.42
C21 XAT VAA . -64.45 46.43 7.29
C22 XAT VAA . -63.31 46.06 6.34
C23 XAT VAA . -63.73 44.92 5.42
C24 XAT VAA . -64.78 45.47 4.45
C25 XAT VAA . -65.97 46.09 5.17
C26 XAT VAA . -65.76 46.65 6.53
C27 XAT VAA . -66.69 47.75 6.96
C28 XAT VAA . -67.65 47.57 7.86
C29 XAT VAA . -68.87 48.37 8.04
C30 XAT VAA . -69.49 48.45 9.23
C31 XAT VAA . -70.70 49.26 9.38
C32 XAT VAA . -71.35 49.31 10.55
C33 XAT VAA . -72.46 50.19 10.98
C34 XAT VAA . -73.29 49.79 11.96
C35 XAT VAA . -74.46 50.47 12.49
C36 XAT VAA . -64.06 47.69 8.04
C37 XAT VAA . -64.63 45.30 8.29
C38 XAT VAA . -67.08 46.72 4.34
C39 XAT VAA . -69.44 49.11 6.87
C40 XAT VAA . -72.67 51.52 10.31
O23 XAT VAA . -62.59 44.48 4.68
O24 XAT VAA . -66.44 45.40 6.33
C1 NEX WAA . -75.96 45.35 -9.99
C2 NEX WAA . -74.99 44.69 -10.97
C3 NEX WAA . -73.78 45.51 -11.39
C4 NEX WAA . -74.13 46.90 -11.94
C5 NEX WAA . -75.55 47.40 -11.54
C6 NEX WAA . -75.94 46.88 -10.21
C7 NEX WAA . -76.20 47.64 -9.24
C8 NEX WAA . -76.45 48.53 -8.18
C9 NEX WAA . -76.66 48.41 -6.71
C10 NEX WAA . -77.56 49.07 -6.16
C11 NEX WAA . -77.84 49.22 -4.72
C12 NEX WAA . -78.84 49.69 -4.30
C13 NEX WAA . -79.29 50.05 -2.93
C14 NEX WAA . -80.48 50.39 -2.72
C15 NEX WAA . -81.04 51.10 -1.56
C16 NEX WAA . -75.57 45.00 -8.58
C17 NEX WAA . -77.36 44.91 -10.25
C18 NEX WAA . -75.52 48.95 -11.51
C19 NEX WAA . -75.83 47.49 -5.92
C20 NEX WAA . -78.31 50.00 -1.79
O3 NEX WAA . -72.87 45.69 -10.29
O4 NEX WAA . -76.49 47.00 -12.56
C21 NEX WAA . -89.99 57.47 3.31
C22 NEX WAA . -91.26 57.60 4.13
C23 NEX WAA . -91.71 56.27 4.70
C24 NEX WAA . -90.73 55.86 5.78
C25 NEX WAA . -89.31 55.79 5.23
C26 NEX WAA . -88.93 56.58 3.98
C27 NEX WAA . -87.46 56.89 3.75
C28 NEX WAA . -86.67 56.16 2.97
C29 NEX WAA . -85.38 56.52 2.81
C30 NEX WAA . -84.58 55.86 2.09
C31 NEX WAA . -84.74 54.80 1.08
C32 NEX WAA . -83.84 54.10 0.76
C33 NEX WAA . -83.63 53.16 -0.37
C34 NEX WAA . -82.54 52.53 -0.46
C35 NEX WAA . -82.10 51.60 -1.52
C36 NEX WAA . -89.41 58.86 3.11
C37 NEX WAA . -90.35 56.89 1.96
C38 NEX WAA . -88.18 55.37 6.17
C39 NEX WAA . -84.84 57.73 3.53
C40 NEX WAA . -84.71 52.93 -1.38
O23 NEX WAA . -93.01 56.43 5.28
O24 NEX WAA . -89.24 55.18 3.94
O1 LHG XAA . -90.14 91.98 3.19
C1 LHG XAA . -89.07 91.19 2.65
C2 LHG XAA . -89.21 89.77 3.15
O2 LHG XAA . -89.78 89.78 4.45
C3 LHG XAA . -87.83 89.11 3.23
O3 LHG XAA . -87.84 88.10 4.24
P LHG XAA . -87.39 86.59 3.88
O4 LHG XAA . -88.41 86.01 2.92
O5 LHG XAA . -85.93 86.62 3.50
O6 LHG XAA . -87.53 85.80 5.28
C4 LHG XAA . -86.61 84.77 5.58
C5 LHG XAA . -87.17 83.88 6.69
C6 LHG XAA . -87.24 82.44 6.18
O7 LHG XAA . -86.32 83.92 7.83
C7 LHG XAA . -87.03 84.07 8.96
O9 LHG XAA . -87.67 83.13 9.38
C8 LHG XAA . -87.01 85.39 9.70
C9 LHG XAA . -85.86 85.35 10.70
C10 LHG XAA . -86.35 85.73 12.09
O8 LHG XAA . -86.53 81.58 7.06
C23 LHG XAA . -85.56 80.81 6.60
O10 LHG XAA . -85.40 80.71 5.39
C24 LHG XAA . -84.64 80.07 7.55
C11 LHG XAA . -85.46 85.14 13.17
C12 LHG XAA . -86.28 84.73 14.38
C13 LHG XAA . -85.39 84.31 15.54
C14 LHG XAA . -85.85 82.95 16.09
C15 LHG XAA . -85.03 82.53 17.31
C16 LHG XAA . -85.95 81.96 18.39
C17 LHG XAA . -85.27 80.80 19.12
C18 LHG XAA . -83.99 81.27 19.78
C19 LHG XAA . -84.31 81.91 21.13
C20 LHG XAA . -84.97 80.92 22.07
C21 LHG XAA . -83.96 79.98 22.71
C22 LHG XAA . -84.43 79.51 24.07
C25 LHG XAA . -84.95 80.50 8.98
C26 LHG XAA . -85.95 79.56 9.62
C27 LHG XAA . -86.71 80.26 10.74
C28 LHG XAA . -88.22 80.09 10.60
C29 LHG XAA . -88.96 80.98 11.60
C30 LHG XAA . -90.45 80.69 11.58
C31 LHG XAA . -90.99 80.45 12.99
C32 LHG XAA . -92.44 80.89 13.11
C33 LHG XAA . -92.80 81.25 14.55
C34 LHG XAA . -94.30 81.09 14.78
C35 LHG XAA . -95.09 82.09 13.95
C36 LHG XAA . -95.95 82.98 14.84
C37 LHG XAA . -97.12 83.56 14.05
C38 LHG XAA . -98.38 82.74 14.21
MG CHL YAA . -51.77 78.81 34.85
CHA CHL YAA . -54.98 78.65 33.72
CHB CHL YAA . -51.85 75.42 35.43
CHC CHL YAA . -48.70 79.00 35.88
CHD CHL YAA . -51.85 82.31 34.23
NA CHL YAA . -53.17 77.32 34.63
C1A CHL YAA . -54.42 77.43 34.06
C2A CHL YAA . -55.10 76.06 33.92
C3A CHL YAA . -54.17 75.12 34.66
C4A CHL YAA . -52.97 75.99 34.95
CMA CHL YAA . -54.74 74.19 35.73
CAA CHL YAA . -55.32 75.67 32.44
CBA CHL YAA . -54.72 74.34 31.99
CGA CHL YAA . -55.78 73.35 31.59
O1A CHL YAA . -56.89 73.64 31.28
O2A CHL YAA . -55.32 72.12 31.62
NB CHL YAA . -50.47 77.40 35.55
C1B CHL YAA . -50.66 76.07 35.72
C2B CHL YAA . -49.45 75.50 36.20
C3B CHL YAA . -48.51 76.49 36.32
C4B CHL YAA . -49.18 77.72 35.90
CMB CHL YAA . -49.25 74.05 36.53
CAB CHL YAA . -47.13 76.27 36.76
CBB CHL YAA . -45.99 77.25 36.87
NC CHL YAA . -50.52 80.42 35.02
C1C CHL YAA . -49.26 80.21 35.49
C2C CHL YAA . -48.60 81.51 35.55
C3C CHL YAA . -49.51 82.45 35.13
C4C CHL YAA . -50.72 81.76 34.77
CMC CHL YAA . -47.23 81.86 35.92
OMC CHL YAA . -46.38 81.08 36.29
CAC CHL YAA . -49.31 83.93 35.13
CBC CHL YAA . -48.78 84.46 33.83
ND CHL YAA . -53.05 80.24 34.16
C1D CHL YAA . -52.98 81.58 33.90
C2D CHL YAA . -54.20 82.03 33.33
C3D CHL YAA . -55.00 80.93 33.26
C4D CHL YAA . -54.30 79.84 33.76
CMD CHL YAA . -54.47 83.43 32.87
CAD CHL YAA . -56.31 80.47 32.87
OBD CHL YAA . -57.23 81.12 32.39
CBD CHL YAA . -56.37 78.98 33.16
CGD CHL YAA . -57.52 78.57 34.09
O1D CHL YAA . -57.83 79.15 35.08
O2D CHL YAA . -58.10 77.46 33.65
CED CHL YAA . -59.17 76.93 34.47
C1 CHL YAA . -56.20 70.98 31.39
C2 CHL YAA . -56.06 70.07 32.55
C3 CHL YAA . -56.60 70.30 33.74
C4 CHL YAA . -57.43 71.51 34.07
C5 CHL YAA . -56.40 69.34 34.88
C6 CHL YAA . -57.07 68.00 34.63
C7 CHL YAA . -58.37 67.83 35.40
C8 CHL YAA . -58.21 67.33 36.83
C9 CHL YAA . -58.50 68.42 37.85
C10 CHL YAA . -59.15 66.12 36.97
C11 CHL YAA . -60.62 66.48 37.17
C12 CHL YAA . -61.52 65.26 37.22
C13 CHL YAA . -62.97 65.53 37.65
C14 CHL YAA . -63.39 64.62 38.80
C15 CHL YAA . -64.02 65.59 36.54
C16 CHL YAA . -64.92 64.36 36.41
C17 CHL YAA . -65.98 64.52 35.34
C18 CHL YAA . -66.99 63.39 35.22
C19 CHL YAA . -67.67 63.14 36.54
C20 CHL YAA . -68.02 63.67 34.15
MG CLA ZAA . -60.26 82.51 25.66
CHA CLA ZAA . -57.20 83.17 24.18
CHB CLA ZAA . -61.88 82.99 22.66
CHC CLA ZAA . -63.10 81.73 27.17
CHD CLA ZAA . -58.57 82.03 28.74
NA CLA ZAA . -59.63 83.01 23.61
C1A CLA ZAA . -58.37 83.25 23.22
C2A CLA ZAA . -58.31 83.56 21.75
C3A CLA ZAA . -59.78 83.53 21.32
C4A CLA ZAA . -60.48 83.15 22.59
CMA CLA ZAA . -60.32 84.67 20.49
CAA CLA ZAA . -57.54 82.42 21.05
CBA CLA ZAA . -58.35 81.51 20.12
CGA CLA ZAA . -58.51 80.14 20.73
O1A CLA ZAA . -57.93 79.90 21.78
O2A CLA ZAA . -59.29 79.24 20.13
NB CLA ZAA . -62.18 82.37 25.01
C1B CLA ZAA . -62.67 82.63 23.76
C2B CLA ZAA . -64.11 82.48 23.74
C3B CLA ZAA . -64.45 82.12 25.02
C4B CLA ZAA . -63.21 82.05 25.82
CMB CLA ZAA . -65.00 82.69 22.56
CAB CLA ZAA . -65.79 81.84 25.57
CBB CLA ZAA . -66.71 80.81 24.95
NC CLA ZAA . -60.74 81.93 27.62
C1C CLA ZAA . -61.98 81.64 28.03
C2C CLA ZAA . -62.02 81.23 29.46
C3C CLA ZAA . -60.73 81.30 29.88
C4C CLA ZAA . -59.94 81.74 28.73
CMC CLA ZAA . -63.20 80.82 30.27
CAC CLA ZAA . -60.24 80.97 31.25
CBC CLA ZAA . -59.81 79.51 31.26
ND CLA ZAA . -58.41 82.53 26.37
C1D CLA ZAA . -57.83 82.38 27.60
C2D CLA ZAA . -56.40 82.61 27.55
C3D CLA ZAA . -56.17 82.92 26.22
C4D CLA ZAA . -57.38 82.87 25.53
CMD CLA ZAA . -55.31 82.59 28.59
CAD CLA ZAA . -55.10 83.28 25.29
OBD CLA ZAA . -53.91 83.16 25.51
CBD CLA ZAA . -55.73 83.45 23.95
CGD CLA ZAA . -55.55 84.87 23.51
O1D CLA ZAA . -54.67 85.16 22.72
O2D CLA ZAA . -56.35 85.83 23.97
CED CLA ZAA . -56.85 86.74 22.99
C1 CLA ZAA . -60.73 79.23 20.31
C2 CLA ZAA . -61.39 78.84 21.62
C3 CLA ZAA . -62.73 78.80 21.74
C4 CLA ZAA . -63.63 79.16 20.59
C5 CLA ZAA . -63.43 78.43 23.03
C6 CLA ZAA . -64.56 77.43 22.79
C7 CLA ZAA . -65.20 76.96 24.09
C8 CLA ZAA . -65.40 75.45 24.13
C9 CLA ZAA . -66.87 75.06 23.94
C10 CLA ZAA . -64.83 74.84 25.42
C11 CLA ZAA . -65.80 74.87 26.58
C12 CLA ZAA . -65.71 73.60 27.42
C13 CLA ZAA . -65.33 73.91 28.88
C14 CLA ZAA . -66.27 74.95 29.49
C15 CLA ZAA . -63.89 74.38 28.93
C16 CLA ZAA . -63.10 73.64 30.00
C17 CLA ZAA . -62.42 74.62 30.96
C18 CLA ZAA . -63.39 75.05 32.06
C19 CLA ZAA . -63.05 74.39 33.39
C20 CLA ZAA . -63.41 76.56 32.20
MG CLA ABA . -72.02 80.83 24.16
CHA CLA ABA . -71.57 81.30 20.77
CHB CLA ABA . -69.48 78.51 24.22
CHC CLA ABA . -72.48 80.54 27.44
CHD CLA ABA . -74.61 83.25 24.10
NA CLA ABA . -70.64 79.98 22.66
C1A CLA ABA . -70.61 80.29 21.35
C2A CLA ABA . -69.56 79.51 20.61
C3A CLA ABA . -68.94 78.65 21.72
C4A CLA ABA . -69.71 79.05 22.95
CMA CLA ABA . -68.64 77.17 21.45
CAA CLA ABA . -68.46 80.45 20.12
CBA CLA ABA . -68.39 80.53 18.60
CGA CLA ABA . -68.07 79.17 18.00
O1A CLA ABA . -66.92 78.77 18.04
O2A CLA ABA . -69.06 78.48 17.47
NB CLA ABA . -71.11 79.70 25.61
C1B CLA ABA . -70.11 78.79 25.44
C2B CLA ABA . -69.79 78.19 26.72
C3B CLA ABA . -70.65 78.76 27.62
C4B CLA ABA . -71.49 79.73 26.90
CMB CLA ABA . -68.75 77.15 27.00
CAB CLA ABA . -70.71 78.47 29.07
CBB CLA ABA . -71.97 77.98 29.73
NC CLA ABA . -73.29 81.79 25.55
C1C CLA ABA . -73.34 81.49 26.84
C2C CLA ABA . -74.37 82.27 27.58
C3C CLA ABA . -74.94 83.05 26.61
C4C CLA ABA . -74.26 82.75 25.35
CMC CLA ABA . -74.71 82.20 29.04
CAC CLA ABA . -76.04 84.05 26.81
CBC CLA ABA . -75.41 85.40 27.06
ND CLA ABA . -72.93 82.02 22.86
C1D CLA ABA . -73.93 82.93 22.90
C2D CLA ABA . -74.21 83.49 21.58
C3D CLA ABA . -73.28 82.86 20.76
C4D CLA ABA . -72.51 81.98 21.54
CMD CLA ABA . -75.18 84.51 21.05
CAD CLA ABA . -72.83 82.78 19.39
OBD CLA ABA . -73.07 83.60 18.52
CBD CLA ABA . -71.72 81.76 19.33
CGD CLA ABA . -72.13 80.60 18.49
O1D CLA ABA . -71.77 80.51 17.33
O2D CLA ABA . -72.92 79.65 18.99
CED CLA ABA . -72.53 78.30 18.72
C1 CLA ABA . -69.17 77.06 17.78
C2 CLA ABA . -68.30 76.00 17.16
C3 CLA ABA . -68.22 74.78 17.72
C4 CLA ABA . -67.36 73.70 17.14
C5 CLA ABA . -68.98 74.45 18.99
C6 CLA ABA . -70.07 73.42 18.73
C7 CLA ABA . -70.54 72.78 20.04
C8 CLA ABA . -71.49 73.69 20.80
C9 CLA ABA . -70.87 74.13 22.12
C10 CLA ABA . -72.81 72.97 21.03
C11 CLA ABA . -73.74 73.78 21.94
C12 CLA ABA . -75.15 73.81 21.37
C13 CLA ABA . -76.03 72.74 22.00
C14 CLA ABA . -76.89 72.05 20.95
C15 CLA ABA . -76.87 73.36 23.11
C16 CLA ABA . -76.91 72.48 24.35
C17 CLA ABA . -78.32 71.95 24.60
C18 CLA ABA . -78.84 72.32 25.98
C19 CLA ABA . -78.03 71.62 27.07
C20 CLA ABA . -78.86 73.83 26.18
MG CLA BBA . -79.83 92.23 38.05
CHA CLA BBA . -82.68 91.83 39.96
CHB CLA BBA . -81.28 90.46 35.46
CHC CLA BBA . -77.10 92.75 36.29
CHD CLA BBA . -78.41 94.11 40.70
NA CLA BBA . -81.78 91.24 37.72
C1A CLA BBA . -82.79 91.19 38.59
C2A CLA BBA . -83.98 90.43 38.05
C3A CLA BBA . -83.48 90.01 36.65
C4A CLA BBA . -82.10 90.59 36.58
CMA CLA BBA . -83.70 88.56 36.23
CAA CLA BBA . -85.17 91.35 37.85
CBA CLA BBA . -84.77 92.66 37.17
CGA CLA BBA . -85.74 93.77 37.51
O1A CLA BBA . -86.12 93.89 38.67
O2A CLA BBA . -86.15 94.56 36.55
NB CLA BBA . -79.28 91.70 36.17
C1B CLA BBA . -79.98 90.96 35.25
C2B CLA BBA . -79.20 90.79 34.06
C3B CLA BBA . -78.02 91.42 34.32
C4B CLA BBA . -78.09 92.00 35.65
CMB CLA BBA . -79.60 90.02 32.83
CAB CLA BBA . -76.84 91.56 33.44
CBB CLA BBA . -76.96 92.17 32.06
NC CLA BBA . -78.06 93.30 38.41
C1C CLA BBA . -77.04 93.34 37.57
C2C CLA BBA . -75.87 94.07 38.12
C3C CLA BBA . -76.26 94.45 39.36
C4C CLA BBA . -77.63 93.97 39.54
CMC CLA BBA . -74.55 94.30 37.42
CAC CLA BBA . -75.44 95.23 40.36
CBC CLA BBA . -75.78 96.70 40.26
ND CLA BBA . -80.32 92.89 39.85
C1D CLA BBA . -79.70 93.58 40.85
C2D CLA BBA . -80.53 93.67 42.05
C3D CLA BBA . -81.68 92.99 41.68
C4D CLA BBA . -81.54 92.53 40.38
CMD CLA BBA . -80.33 94.30 43.41
CAD CLA BBA . -82.97 92.58 42.20
OBD CLA BBA . -83.19 92.39 43.39
CBD CLA BBA . -83.69 91.86 41.10
CGD CLA BBA . -84.02 90.46 41.50
O1D CLA BBA . -85.10 89.97 41.20
O2D CLA BBA . -83.15 89.71 42.17
CED CLA BBA . -82.86 88.44 41.59
C1 CLA BBA . -85.33 95.71 36.20
C2 CLA BBA . -84.50 96.39 37.27
C3 CLA BBA . -84.35 97.72 37.30
C4 CLA BBA . -85.00 98.61 36.28
MG CHL CBA . -94.90 98.83 36.14
CHA CHL CBA . -92.88 101.38 37.22
CHB CHL CBA . -97.01 99.46 38.77
CHC CHL CBA . -96.82 96.45 35.05
CHD CHL CBA . -92.59 98.26 33.52
NA CHL CBA . -94.91 100.17 37.69
C1A CHL CBA . -94.05 101.22 37.92
C2A CHL CBA . -94.53 102.10 39.06
C3A CHL CBA . -95.62 101.30 39.69
C4A CHL CBA . -95.90 100.22 38.67
CMA CHL CBA . -96.78 101.99 40.40
CAA CHL CBA . -95.06 103.44 38.51
CBA CHL CBA . -94.25 104.67 38.92
CGA CHL CBA . -94.69 105.92 38.22
O1A CHL CBA . -94.52 106.16 37.06
O2A CHL CBA . -95.33 106.73 39.05
NB CHL CBA . -96.67 98.09 36.83
C1B CHL CBA . -97.39 98.46 37.90
C2B CHL CBA . -98.56 97.66 37.97
C3B CHL CBA . -98.56 96.79 36.90
C4B CHL CBA . -97.32 97.06 36.18
CMB CHL CBA . -99.61 97.76 39.03
CAB CHL CBA . -99.61 95.81 36.62
CBB CHL CBA . -99.72 94.81 35.49
NC CHL CBA . -94.70 97.57 34.53
C1C CHL CBA . -95.66 96.65 34.30
C2C CHL CBA . -95.28 95.89 33.12
C3C CHL CBA . -94.07 96.40 32.71
C4C CHL CBA . -93.70 97.47 33.59
CMC CHL CBA . -95.95 94.80 32.43
OMC CHL CBA . -97.01 94.32 32.76
CAC CHL CBA . -93.27 95.92 31.53
CBC CHL CBA . -92.16 94.98 31.92
ND CHL CBA . -93.12 99.57 35.46
C1D CHL CBA . -92.29 99.28 34.42
C2D CHL CBA . -91.17 100.15 34.43
C3D CHL CBA . -91.35 101.00 35.50
C4D CHL CBA . -92.55 100.63 36.12
CMD CHL CBA . -90.04 100.12 33.45
CAD CHL CBA . -90.81 102.12 36.25
OBD CHL CBA . -89.78 102.74 36.03
CBD CHL CBA . -91.75 102.42 37.39
CGD CHL CBA . -90.95 102.30 38.69
O1D CHL CBA . -89.97 101.63 38.83
O2D CHL CBA . -91.49 103.06 39.64
CED CHL CBA . -90.80 103.04 40.93
C1 CHL CBA . -95.88 108.01 38.63
C2 CHL CBA . -95.55 109.01 39.69
MG CHL DBA . -85.20 91.75 32.00
CHA CHL DBA . -86.62 94.85 32.17
CHB CHL DBA . -82.96 92.99 29.73
CHC CHL DBA . -83.85 88.79 31.87
CHD CHL DBA . -87.69 90.62 34.25
NA CHL DBA . -84.85 93.59 31.17
C1A CHL DBA . -85.46 94.79 31.43
C2A CHL DBA . -84.79 95.94 30.72
C3A CHL DBA . -84.00 95.24 29.66
C4A CHL DBA . -83.92 93.82 30.19
CMA CHL DBA . -84.30 95.49 28.19
CAA CHL DBA . -83.79 96.72 31.57
CBA CHL DBA . -84.33 97.43 32.81
CGA CHL DBA . -85.14 98.65 32.49
O1A CHL DBA . -86.06 99.04 33.14
O2A CHL DBA . -84.70 99.24 31.39
NB CHL DBA . -83.61 91.02 30.97
C1B CHL DBA . -82.78 91.66 30.13
C2B CHL DBA . -81.78 90.75 29.68
C3B CHL DBA . -82.00 89.54 30.27
C4B CHL DBA . -83.20 89.71 31.10
CMB CHL DBA . -80.67 91.08 28.74
CAB CHL DBA . -81.16 88.35 30.05
CBB CHL DBA . -81.29 86.96 30.64
NC CHL DBA . -85.72 90.00 32.95
C1C CHL DBA . -84.99 88.89 32.69
C2C CHL DBA . -85.59 87.79 33.45
C3C CHL DBA . -86.65 88.32 34.13
C4C CHL DBA . -86.75 89.71 33.80
CMC CHL DBA . -85.24 86.39 33.55
OMC CHL DBA . -84.31 85.85 32.96
CAC CHL DBA . -87.55 87.57 35.08
CBC CHL DBA . -88.89 87.22 34.46
ND CHL DBA . -86.79 92.48 33.05
C1D CHL DBA . -87.73 91.95 33.89
C2D CHL DBA . -88.65 92.96 34.28
C3D CHL DBA . -88.27 94.10 33.64
C4D CHL DBA . -87.13 93.80 32.89
CMD CHL DBA . -89.82 92.74 35.19
CAD CHL DBA . -88.59 95.50 33.41
OBD CHL DBA . -89.49 96.16 33.89
CBD CHL DBA . -87.57 96.04 32.43
CGD CHL DBA . -88.30 96.48 31.16
O1D CHL DBA . -88.35 95.85 30.15
O2D CHL DBA . -88.89 97.65 31.34
CED CHL DBA . -89.65 98.17 30.21
C1 CHL DBA . -85.31 100.46 30.87
C2 CHL DBA . -86.54 100.09 30.14
C3 CHL DBA . -87.46 100.98 29.82
C4 CHL DBA . -87.36 102.44 30.18
MG CHL EBA . -84.50 81.93 32.45
CHA CHL EBA . -86.39 80.14 34.67
CHB CHL EBA . -81.78 79.98 33.22
CHC CHL EBA . -82.76 83.66 30.33
CHD CHL EBA . -87.37 83.89 31.77
NA CHL EBA . -84.16 80.34 33.70
C1A CHL EBA . -85.09 79.69 34.52
C2A CHL EBA . -84.46 78.50 35.23
C3A CHL EBA . -83.00 78.55 34.82
C4A CHL EBA . -82.95 79.69 33.84
CMA CHL EBA . -81.88 78.37 35.84
CAA CHL EBA . -85.10 77.15 34.85
CBA CHL EBA . -85.27 76.17 36.00
CGA CHL EBA . -84.22 75.10 36.03
O1A CHL EBA . -83.94 74.43 36.99
O2A CHL EBA . -83.62 74.99 34.86
NB CHL EBA . -82.55 81.82 31.88
C1B CHL EBA . -81.57 80.99 32.29
C2B CHL EBA . -80.35 81.32 31.63
C3B CHL EBA . -80.62 82.40 30.76
C4B CHL EBA . -82.02 82.69 30.95
CMB CHL EBA . -79.04 80.63 31.85
CAB CHL EBA . -79.75 83.13 29.85
CBB CHL EBA . -78.28 83.00 29.51
NC CHL EBA . -85.03 83.50 31.26
C1C CHL EBA . -84.08 84.04 30.43
C2C CHL EBA . -84.70 85.12 29.68
C3C CHL EBA . -86.04 85.18 30.09
C4C CHL EBA . -86.23 84.18 31.08
CMC CHL EBA . -84.02 85.95 28.70
OMC CHL EBA . -84.50 86.85 28.05
CAC CHL EBA . -87.11 86.11 29.59
CBC CHL EBA . -87.22 87.38 30.39
ND CHL EBA . -86.46 82.06 33.01
C1D CHL EBA . -87.50 82.89 32.70
C2D CHL EBA . -88.65 82.55 33.48
C3D CHL EBA . -88.27 81.48 34.25
C4D CHL EBA . -86.92 81.19 33.97
CMD CHL EBA . -89.97 83.25 33.42
CAD CHL EBA . -88.70 80.52 35.26
OBD CHL EBA . -89.79 80.42 35.78
CBD CHL EBA . -87.52 79.62 35.58
CGD CHL EBA . -87.24 79.68 37.07
O1D CHL EBA . -86.27 80.18 37.57
O2D CHL EBA . -88.22 79.10 37.76
CED CHL EBA . -88.10 79.15 39.19
C1 CHL EBA . -82.54 74.05 34.60
C2 CHL EBA . -81.26 74.76 34.85
C3 CHL EBA . -80.11 74.31 34.36
C4 CHL EBA . -80.00 73.09 33.50
C5 CHL EBA . -78.80 74.99 34.70
C6 CHL EBA . -78.56 76.31 33.96
C7 CHL EBA . -78.41 76.13 32.45
C8 CHL EBA . -76.99 76.25 31.89
C9 CHL EBA . -76.05 75.17 32.42
C10 CHL EBA . -77.15 76.14 30.38
C11 CHL EBA . -77.26 77.47 29.64
C12 CHL EBA . -77.57 77.30 28.16
C13 CHL EBA . -77.55 78.61 27.38
C14 CHL EBA . -76.16 79.22 27.41
C15 CHL EBA . -78.61 79.63 27.75
C16 CHL EBA . -78.79 80.78 26.77
C17 CHL EBA . -79.41 80.38 25.44
C18 CHL EBA . -79.61 81.53 24.45
C19 CHL EBA . -80.53 82.60 25.00
C20 CHL EBA . -78.29 82.12 24.02
MG CHL FBA . -74.57 99.44 22.09
CHA CHL FBA . -72.83 97.44 24.25
CHB CHL FBA . -77.16 99.57 24.35
CHC CHL FBA . -76.15 101.37 20.03
CHD CHL FBA . -71.83 99.19 19.84
NA CHL FBA . -74.92 98.64 23.96
C1A CHL FBA . -74.08 97.83 24.71
C2A CHL FBA . -74.72 97.45 26.04
C3A CHL FBA . -76.11 98.00 25.95
C4A CHL FBA . -76.10 98.79 24.66
CMA CHL FBA . -77.31 97.12 26.30
CAA CHL FBA . -73.99 98.00 27.28
CBA CHL FBA . -73.89 99.51 27.32
CGA CHL FBA . -72.74 100.01 28.13
NB CHL FBA . -76.39 100.34 22.20
C1B CHL FBA . -77.30 100.32 23.20
C2B CHL FBA . -78.38 101.18 22.84
C3B CHL FBA . -78.13 101.72 21.61
C4B CHL FBA . -76.84 101.17 21.19
CMB CHL FBA . -79.58 101.47 23.69
CAB CHL FBA . -79.01 102.67 20.92
CBB CHL FBA . -78.80 103.34 19.59
NC CHL FBA . -74.04 100.12 20.23
C1C CHL FBA . -74.91 100.92 19.57
C2C CHL FBA . -74.32 101.23 18.26
C3C CHL FBA . -73.12 100.59 18.21
C4C CHL FBA . -72.92 99.91 19.45
CMC CHL FBA . -74.82 102.06 17.18
OMC CHL FBA . -75.89 102.65 17.16
CAC CHL FBA . -72.16 100.59 17.06
CBC CHL FBA . -70.96 101.50 17.28
ND CHL FBA . -72.74 98.56 21.95
C1D CHL FBA . -71.71 98.55 21.05
C2D CHL FBA . -70.62 97.81 21.55
C3D CHL FBA . -71.01 97.37 22.78
C4D CHL FBA . -72.30 97.83 23.04
CMD CHL FBA . -69.32 97.59 20.84
CAD CHL FBA . -70.60 96.59 23.93
OBD CHL FBA . -69.53 96.03 24.10
CBD CHL FBA . -71.76 96.57 24.91
CGD CHL FBA . -72.24 95.13 25.14
O1D CHL FBA . -72.44 94.34 24.27
O2D CHL FBA . -72.40 94.89 26.43
CED CHL FBA . -72.87 93.56 26.77
MG CHL GBA . -76.91 88.64 20.89
CHA CHL GBA . -73.78 87.91 19.85
CHB CHL GBA . -77.73 89.48 17.62
CHC CHL GBA . -79.89 89.27 21.88
CHD CHL GBA . -75.91 87.76 24.20
NA CHL GBA . -75.94 88.71 19.09
C1A CHL GBA . -74.65 88.26 18.85
C2A CHL GBA . -74.34 88.24 17.37
C3A CHL GBA . -75.44 89.05 16.77
C4A CHL GBA . -76.46 89.11 17.88
CMA CHL GBA . -75.11 90.33 15.99
CAA CHL GBA . -74.34 86.79 16.84
CBA CHL GBA . -75.33 85.85 17.54
CGA CHL GBA . -75.55 84.56 16.83
O1A CHL GBA . -75.49 84.40 15.63
O2A CHL GBA . -75.83 83.59 17.67
NB CHL GBA . -78.56 89.27 19.87
C1B CHL GBA . -78.74 89.54 18.57
C2B CHL GBA . -80.10 89.92 18.36
C3B CHL GBA . -80.75 89.84 19.56
C4B CHL GBA . -79.76 89.43 20.53
CMB CHL GBA . -80.68 90.34 17.05
CAB CHL GBA . -82.19 90.09 19.73
CBB CHL GBA . -83.05 89.97 20.97
NC CHL GBA . -77.72 88.53 22.76
C1C CHL GBA . -79.02 88.89 22.90
C2C CHL GBA . -79.39 88.78 24.30
C3C CHL GBA . -78.24 88.35 24.97
C4C CHL GBA . -77.20 88.19 23.99
CMC CHL GBA . -80.69 89.11 24.85
OMC CHL GBA . -81.03 89.07 26.02
CAC CHL GBA . -78.09 88.09 26.45
CBC CHL GBA . -78.80 86.84 26.90
ND CHL GBA . -75.26 88.01 21.91
C1D CHL GBA . -74.96 87.65 23.19
C2D CHL GBA . -73.62 87.21 23.28
C3D CHL GBA . -73.10 87.31 22.00
C4D CHL GBA . -74.12 87.80 21.16
CMD CHL GBA . -72.93 86.73 24.52
CAD CHL GBA . -71.93 87.10 21.16
OBD CHL GBA . -70.83 86.68 21.48
CBD CHL GBA . -72.30 87.51 19.74
CGD CHL GBA . -71.40 88.64 19.28
O1D CHL GBA . -71.38 89.73 19.78
O2D CHL GBA . -70.63 88.26 18.27
CED CHL GBA . -69.69 89.25 17.78
C1 CHL GBA . -76.15 82.24 17.23
C2 CHL GBA . -75.68 81.28 18.26
C3 CHL GBA . -76.39 81.00 19.35
C4 CHL GBA . -77.70 81.66 19.70
C5 CHL GBA . -75.92 79.93 20.33
C6 CHL GBA . -76.97 79.53 21.36
C7 CHL GBA . -76.60 78.28 22.14
C8 CHL GBA . -75.29 78.36 22.93
C9 CHL GBA . -75.31 79.56 23.88
C10 CHL GBA . -75.17 77.05 23.69
C11 CHL GBA . -73.95 76.93 24.60
C12 CHL GBA . -73.91 75.62 25.39
C13 CHL GBA . -72.73 75.51 26.35
C14 CHL GBA . -71.50 74.94 25.66
C15 CHL GBA . -72.99 74.81 27.69
C16 CHL GBA . -73.13 73.30 27.60
C17 CHL GBA . -72.94 72.60 28.95
C18 CHL GBA . -73.89 73.01 30.04
C19 CHL GBA . -75.32 72.60 29.72
C20 CHL GBA . -73.46 72.46 31.40
MG CLA HBA . -66.01 98.23 29.75
CHA CLA HBA . -65.32 100.52 27.28
CHB CLA HBA . -62.73 98.35 30.85
CHC CLA HBA . -66.80 96.08 32.12
CHD CLA HBA . -69.40 98.20 28.67
NA CLA HBA . -64.19 99.32 29.15
C1A CLA HBA . -64.11 100.20 28.14
C2A CLA HBA . -62.72 100.74 27.98
C3A CLA HBA . -61.94 100.01 29.08
C4A CLA HBA . -62.99 99.18 29.74
CMA CLA HBA . -60.61 99.36 28.71
CAA CLA HBA . -62.63 102.24 28.27
CBA CLA HBA . -63.71 102.75 29.21
CGA CLA HBA . -63.22 102.82 30.63
O1A CLA HBA . -62.17 103.41 30.87
O2A CLA HBA . -63.93 102.27 31.60
NB CLA HBA . -64.94 97.36 31.25
C1B CLA HBA . -63.62 97.52 31.56
C2B CLA HBA . -63.27 96.70 32.71
C3B CLA HBA . -64.43 96.07 33.05
C4B CLA HBA . -65.48 96.49 32.12
CMB CLA HBA . -61.91 96.61 33.36
CAB CLA HBA . -64.67 95.10 34.17
CBB CLA HBA . -64.30 95.41 35.60
NC CLA HBA . -67.83 97.35 30.35
C1C CLA HBA . -67.91 96.43 31.30
C2C CLA HBA . -69.26 95.83 31.40
C3C CLA HBA . -69.99 96.46 30.43
C4C CLA HBA . -69.08 97.40 29.78
CMC CLA HBA . -69.72 94.76 32.36
CAC CLA HBA . -71.44 96.22 30.08
CBC CLA HBA . -72.31 97.26 30.76
ND CLA HBA . -67.15 99.09 28.39
C1D CLA HBA . -68.46 99.02 27.99
C2D CLA HBA . -68.73 99.84 26.82
C3D CLA HBA . -67.50 100.42 26.57
C4D CLA HBA . -66.57 99.97 27.50
CMD CLA HBA . -69.95 100.15 25.98
CAD CLA HBA . -66.84 101.33 25.65
OBD CLA HBA . -67.37 101.94 24.74
CBD CLA HBA . -65.40 101.43 26.08
CGD CLA HBA . -64.52 100.87 25.00
O1D CLA HBA . -64.84 99.86 24.41
O2D CLA HBA . -63.38 101.48 24.72
CED CLA HBA . -63.44 102.47 23.70
C1 CLA HBA . -63.28 101.44 32.61
C2 CLA HBA . -64.06 100.42 33.41
C3 CLA HBA . -63.87 100.32 34.73
C4 CLA HBA . -62.89 101.18 35.46
C5 CLA HBA . -64.63 99.33 35.59
C6 CLA HBA . -65.53 100.12 36.54
C7 CLA HBA . -66.11 99.25 37.64
C8 CLA HBA . -66.95 100.09 38.61
C9 CLA HBA . -66.09 100.70 39.70
C10 CLA HBA . -68.06 99.22 39.21
C11 CLA HBA . -69.42 99.58 38.61
C12 CLA HBA . -70.24 98.33 38.29
C13 CLA HBA . -71.72 98.64 38.32
C14 CLA HBA . -72.29 98.44 39.72
C15 CLA HBA . -72.45 97.76 37.31
C16 CLA HBA . -73.61 98.51 36.69
C17 CLA HBA . -73.94 97.96 35.30
C18 CLA HBA . -74.46 99.06 34.37
C19 CLA HBA . -73.38 100.10 34.08
C20 CLA HBA . -75.02 98.47 33.09
MG CLA IBA . -53.08 89.05 39.32
CHA CLA IBA . -53.60 91.97 37.53
CHB CLA IBA . -49.81 89.95 39.94
CHC CLA IBA . -52.73 86.27 41.07
CHD CLA IBA . -56.45 88.14 38.67
NA CLA IBA . -51.81 90.78 38.81
C1A CLA IBA . -52.20 91.85 38.10
C2A CLA IBA . -51.07 92.85 37.94
C3A CLA IBA . -49.91 92.17 38.69
C4A CLA IBA . -50.52 90.89 39.19
CMA CLA IBA . -48.52 92.15 38.06
CAA CLA IBA . -51.36 94.15 38.68
CBA CLA IBA . -52.19 93.94 39.94
CGA CLA IBA . -51.84 94.95 41.01
O1A CLA IBA . -51.38 96.03 40.68
O2A CLA IBA . -52.06 94.64 42.28
NB CLA IBA . -51.52 88.24 40.34
C1B CLA IBA . -50.26 88.72 40.48
C2B CLA IBA . -49.45 87.81 41.26
C3B CLA IBA . -50.29 86.77 41.56
C4B CLA IBA . -51.60 87.07 40.98
CMB CLA IBA . -48.00 87.97 41.62
CAB CLA IBA . -49.98 85.55 42.34
CBB CLA IBA . -49.52 85.64 43.78
NC CLA IBA . -54.40 87.50 39.85
C1C CLA IBA . -54.04 86.43 40.53
C2C CLA IBA . -55.13 85.43 40.67
C3C CLA IBA . -56.18 86.00 40.01
C4C CLA IBA . -55.73 87.29 39.49
CMC CLA IBA . -55.06 84.11 41.37
CAC CLA IBA . -57.55 85.39 39.84
CBC CLA IBA . -58.47 85.92 40.92
ND CLA IBA . -54.67 89.78 38.38
C1D CLA IBA . -55.96 89.37 38.16
C2D CLA IBA . -56.70 90.34 37.36
C3D CLA IBA . -55.77 91.35 37.13
C4D CLA IBA . -54.57 91.00 37.74
CMD CLA IBA . -58.11 90.41 36.82
CAD CLA IBA . -55.61 92.63 36.47
OBD CLA IBA . -56.38 93.09 35.64
CBD CLA IBA . -54.21 93.08 36.70
CGD CLA IBA . -53.50 93.19 35.38
O1D CLA IBA . -53.67 92.35 34.51
O2D CLA IBA . -52.69 94.20 35.13
CED CLA IBA . -52.98 94.94 33.93
C1 CLA IBA . -53.32 94.02 42.69
C2 CLA IBA . -54.67 94.69 42.50
C3 CLA IBA . -55.68 94.51 43.36
C4 CLA IBA . -55.53 93.62 44.57
C5 CLA IBA . -57.03 95.18 43.19
C6 CLA IBA . -58.14 94.15 43.34
C7 CLA IBA . -59.23 94.60 44.31
C8 CLA IBA . -60.47 95.08 43.56
C9 CLA IBA . -60.90 96.46 44.02
C10 CLA IBA . -61.61 94.07 43.70
C11 CLA IBA . -61.82 93.60 45.14
C12 CLA IBA . -62.87 92.48 45.18
C13 CLA IBA . -62.77 91.58 46.41
C14 CLA IBA . -61.32 91.28 46.78
C15 CLA IBA . -63.53 90.29 46.14
C16 CLA IBA . -63.88 89.54 47.42
C17 CLA IBA . -64.15 88.07 47.15
C18 CLA IBA . -63.15 87.17 47.88
C19 CLA IBA . -63.56 86.96 49.33
C20 CLA IBA . -62.96 85.84 47.15
MG CLA JBA . -61.81 93.46 40.23
CHA CLA JBA . -59.04 95.14 39.02
CHB CLA JBA . -63.88 96.00 39.19
CHC CLA JBA . -64.39 91.68 41.27
CHD CLA JBA . -59.67 90.85 41.31
NA CLA JBA . -61.52 95.38 39.19
C1A CLA JBA . -60.35 95.89 38.78
C2A CLA JBA . -60.51 97.24 38.14
C3A CLA JBA . -62.03 97.48 38.23
C4A CLA JBA . -62.53 96.24 38.90
CMA CLA JBA . -62.57 98.83 38.69
CAA CLA JBA . -60.10 97.20 36.67
CBA CLA JBA . -59.98 98.60 36.09
CGA CLA JBA . -58.99 99.40 36.91
NB CLA JBA . -63.82 93.79 40.22
C1B CLA JBA . -64.49 94.90 39.80
C2B CLA JBA . -65.90 94.75 40.06
C3B CLA JBA . -66.03 93.53 40.66
C4B CLA JBA . -64.71 92.93 40.75
CMB CLA JBA . -67.00 95.74 39.77
CAB CLA JBA . -67.29 92.90 41.13
CBB CLA JBA . -67.51 92.59 42.59
NC CLA JBA . -62.00 91.55 41.10
C1C CLA JBA . -63.15 91.04 41.49
C2C CLA JBA . -63.00 89.73 42.18
C3C CLA JBA . -61.65 89.50 42.16
C4C CLA JBA . -61.03 90.64 41.49
CMC CLA JBA . -64.11 88.88 42.75
CAC CLA JBA . -60.93 88.30 42.74
CBC CLA JBA . -60.72 88.51 44.23
ND CLA JBA . -59.89 93.00 40.19
C1D CLA JBA . -59.11 91.98 40.67
C2D CLA JBA . -57.69 92.24 40.45
C3D CLA JBA . -57.68 93.46 39.80
C4D CLA JBA . -59.00 93.90 39.65
CMD CLA JBA . -56.42 91.49 40.77
CAD CLA JBA . -56.78 94.43 39.23
OBD CLA JBA . -55.57 94.48 39.40
CBD CLA JBA . -57.62 95.56 38.72
CGD CLA JBA . -57.26 96.79 39.51
O1D CLA JBA . -56.26 97.42 39.26
O2D CLA JBA . -58.03 97.18 40.52
CED CLA JBA . -58.17 98.59 40.69
MG CLA KBA . -66.65 75.84 42.65
CHA CLA KBA . -68.02 74.06 45.28
CHB CLA KBA . -65.47 78.26 44.83
CHC CLA KBA . -65.27 77.39 40.08
CHD CLA KBA . -67.83 73.35 40.44
NA CLA KBA . -66.72 76.15 44.83
C1A CLA KBA . -67.32 75.34 45.72
C2A CLA KBA . -67.21 75.86 47.12
C3A CLA KBA . -66.43 77.17 46.94
C4A CLA KBA . -66.19 77.22 45.46
CMA CLA KBA . -66.88 78.41 47.68
CAA CLA KBA . -66.34 74.92 47.96
CBA CLA KBA . -65.01 74.62 47.28
CGA CLA KBA . -64.89 73.13 47.07
O1A CLA KBA . -64.28 72.49 47.89
O2A CLA KBA . -65.46 72.57 46.02
NB CLA KBA . -65.54 77.55 42.48
C1B CLA KBA . -65.17 78.42 43.47
C2B CLA KBA . -64.41 79.51 42.90
C3B CLA KBA . -64.36 79.25 41.55
C4B CLA KBA . -65.08 78.01 41.32
CMB CLA KBA . -63.81 80.67 43.66
CAB CLA KBA . -63.72 80.03 40.48
CBB CLA KBA . -63.99 81.51 40.28
NC CLA KBA . -66.50 75.40 40.60
C1C CLA KBA . -65.95 76.20 39.71
C2C CLA KBA . -66.12 75.73 38.31
C3C CLA KBA . -66.83 74.56 38.45
C4C CLA KBA . -67.07 74.37 39.88
CMC CLA KBA . -65.64 76.39 37.05
CAC CLA KBA . -67.29 73.67 37.33
CBC CLA KBA . -66.37 72.47 37.22
ND CLA KBA . -67.65 74.14 42.73
C1D CLA KBA . -68.09 73.21 41.83
C2D CLA KBA . -68.84 72.14 42.46
C3D CLA KBA . -68.81 72.49 43.80
C4D CLA KBA . -68.10 73.68 43.95
CMD CLA KBA . -69.54 70.91 41.95
CAD CLA KBA . -69.26 72.04 45.10
OBD CLA KBA . -70.07 71.16 45.32
CBD CLA KBA . -68.73 73.01 46.11
CGD CLA KBA . -69.86 73.61 46.88
O1D CLA KBA . -70.89 73.95 46.33
O2D CLA KBA . -69.74 73.77 48.20
CED CLA KBA . -70.39 72.79 49.01
C1 CLA KBA . -64.74 72.39 44.77
C2 CLA KBA . -64.19 73.55 43.98
C3 CLA KBA . -64.08 73.50 42.64
C4 CLA KBA . -64.52 72.30 41.85
C5 CLA KBA . -63.54 74.67 41.86
C6 CLA KBA . -62.56 74.22 40.79
C7 CLA KBA . -61.84 75.43 40.23
C8 CLA KBA . -60.88 75.99 41.26
C9 CLA KBA . -60.47 77.41 40.89
C10 CLA KBA . -59.68 75.07 41.37
C11 CLA KBA . -58.53 75.70 42.16
C12 CLA KBA . -58.84 75.71 43.65
C13 CLA KBA . -57.55 75.62 44.46
C14 CLA KBA . -56.61 76.78 44.16
C15 CLA KBA . -56.88 74.28 44.18
C16 CLA KBA . -57.22 73.28 45.28
C17 CLA KBA . -57.37 71.88 44.71
C18 CLA KBA . -56.28 70.98 45.27
C19 CLA KBA . -56.74 69.53 45.29
C20 CLA KBA . -54.98 71.16 44.47
MG CLA LBA . -61.11 76.59 50.43
CHA CLA LBA . -60.50 73.84 48.40
CHB CLA LBA . -59.87 74.89 53.17
CHC CLA LBA . -61.64 79.29 52.24
CHD CLA LBA . -62.40 78.30 47.61
NA CLA LBA . -60.25 74.57 50.77
C1A CLA LBA . -60.10 73.62 49.84
C2A CLA LBA . -59.49 72.36 50.44
C3A CLA LBA . -59.33 72.74 51.93
C4A CLA LBA . -59.83 74.14 51.98
CMA CLA LBA . -59.74 71.74 53.01
CAA CLA LBA . -58.11 72.06 49.87
CBA CLA LBA . -57.29 73.32 49.64
CGA CLA LBA . -56.02 73.29 50.46
O1A CLA LBA . -55.15 72.48 50.16
O2A CLA LBA . -55.85 74.11 51.48
NB CLA LBA . -60.79 77.03 52.39
C1B CLA LBA . -60.31 76.22 53.38
C2B CLA LBA . -60.31 76.92 54.63
C3B CLA LBA . -60.80 78.15 54.36
C4B CLA LBA . -61.11 78.21 52.93
CMB CLA LBA . -59.84 76.38 55.97
CAB CLA LBA . -61.02 79.28 55.31
CBB CLA LBA . -62.01 79.14 56.44
NC CLA LBA . -61.82 78.51 49.97
C1C CLA LBA . -62.01 79.46 50.89
C2C CLA LBA . -62.66 80.67 50.33
C3C CLA LBA . -62.83 80.39 49.01
C4C CLA LBA . -62.30 79.04 48.79
CMC CLA LBA . -63.02 81.93 51.07
CAC CLA LBA . -63.44 81.29 47.97
CBC CLA LBA . -62.36 81.96 47.16
ND CLA LBA . -61.40 76.27 48.50
C1D CLA LBA . -61.92 76.98 47.46
C2D CLA LBA . -61.91 76.22 46.22
C3D CLA LBA . -61.36 75.00 46.60
C4D CLA LBA . -61.06 75.04 47.96
CMD CLA LBA . -62.35 76.51 44.81
CAD CLA LBA . -60.99 73.71 46.07
OBD CLA LBA . -60.92 73.42 44.88
CBD CLA LBA . -60.36 72.93 47.19
CGD CLA LBA . -61.06 71.60 47.37
O1D CLA LBA . -61.76 71.37 48.34
O2D CLA LBA . -60.91 70.65 46.45
CED CLA LBA . -62.11 69.99 46.03
C1 CLA LBA . -56.61 75.37 51.61
C2 CLA LBA . -56.40 76.54 50.68
C3 CLA LBA . -56.80 77.78 51.02
C4 CLA LBA . -57.47 78.04 52.35
C1 LUT MBA . -67.68 82.31 45.18
C2 LUT MBA . -68.95 81.55 45.55
C3 LUT MBA . -68.91 80.11 45.06
C4 LUT MBA . -68.81 80.10 43.54
C5 LUT MBA . -67.86 81.14 42.99
C6 LUT MBA . -67.44 82.21 43.69
C7 LUT MBA . -66.72 83.32 43.00
C8 LUT MBA . -67.34 84.27 42.28
C9 LUT MBA . -66.58 85.35 41.61
C10 LUT MBA . -67.26 86.25 40.87
C11 LUT MBA . -66.59 87.34 40.18
C12 LUT MBA . -67.35 88.32 39.69
C13 LUT MBA . -66.76 89.47 38.96
C14 LUT MBA . -67.53 90.54 38.69
C15 LUT MBA . -67.01 91.69 37.98
C16 LUT MBA . -66.51 81.70 45.93
C17 LUT MBA . -67.84 83.76 45.63
C18 LUT MBA . -67.39 80.89 41.59
C19 LUT MBA . -65.09 85.43 41.74
C20 LUT MBA . -65.33 89.42 38.51
O3 LUT MBA . -70.11 79.46 45.46
C21 LUT MBA . -67.39 103.43 33.13
C22 LUT MBA . -66.64 104.49 32.33
C23 LUT MBA . -67.32 104.79 31.02
C24 LUT MBA . -67.29 103.52 30.17
C25 LUT MBA . -68.03 102.46 30.93
C26 LUT MBA . -67.85 102.27 32.26
C27 LUT MBA . -68.53 101.11 32.89
C28 LUT MBA . -67.86 99.98 33.19
C29 LUT MBA . -68.56 98.85 33.83
C30 LUT MBA . -67.91 98.11 34.73
C31 LUT MBA . -68.49 96.97 35.41
C32 LUT MBA . -67.72 95.91 35.65
C33 LUT MBA . -68.25 94.71 36.34
C34 LUT MBA . -67.38 93.83 36.86
C35 LUT MBA . -67.85 92.64 37.57
C36 LUT MBA . -68.65 104.08 33.72
C37 LUT MBA . -66.48 102.97 34.26
C38 LUT MBA . -69.03 101.62 30.19
C39 LUT MBA . -69.99 98.54 33.49
C40 LUT MBA . -69.74 94.51 36.47
O23 LUT MBA . -66.61 105.85 30.35
C1 LUT NBA . -80.13 85.13 34.90
C2 LUT NBA . -80.66 84.91 36.31
C3 LUT NBA . -80.94 86.23 37.02
C4 LUT NBA . -79.69 87.08 37.09
C5 LUT NBA . -78.83 87.02 35.84
C6 LUT NBA . -78.94 86.06 34.91
C7 LUT NBA . -77.90 85.91 33.85
C8 LUT NBA . -76.69 85.36 34.03
C9 LUT NBA . -75.74 85.23 32.89
C10 LUT NBA . -74.61 84.53 33.04
C11 LUT NBA . -73.66 84.36 31.93
C12 LUT NBA . -72.73 83.41 32.06
C13 LUT NBA . -71.74 83.11 31.01
C14 LUT NBA . -70.96 82.01 31.17
C15 LUT NBA . -69.97 81.60 30.18
C16 LUT NBA . -81.22 85.74 34.04
C17 LUT NBA . -79.76 83.76 34.32
C18 LUT NBA . -77.82 88.13 35.72
C19 LUT NBA . -76.05 85.90 31.59
C20 LUT NBA . -71.60 83.98 29.80
O3 LUT NBA . -81.38 85.96 38.35
C21 LUT NBA . -60.51 75.35 24.35
C22 LUT NBA . -59.29 74.91 23.54
C23 LUT NBA . -58.04 75.75 23.78
C24 LUT NBA . -58.38 77.19 23.44
C25 LUT NBA . -59.51 77.65 24.34
C26 LUT NBA . -60.41 76.79 24.85
C27 LUT NBA . -61.04 77.13 26.14
C28 LUT NBA . -62.36 77.33 26.22
C29 LUT NBA . -63.04 77.67 27.47
C30 LUT NBA . -64.33 78.02 27.41
C31 LUT NBA . -65.16 78.39 28.56
C32 LUT NBA . -66.03 79.39 28.46
C33 LUT NBA . -66.88 79.75 29.62
C34 LUT NBA . -67.98 80.49 29.42
C35 LUT NBA . -68.90 80.88 30.49
C36 LUT NBA . -60.65 74.38 25.52
C37 LUT NBA . -61.71 75.21 23.42
C38 LUT NBA . -59.59 79.11 24.69
C39 LUT NBA . -62.27 77.63 28.77
C40 LUT NBA . -66.51 79.27 31.00
O23 LUT NBA . -56.98 75.29 22.93
C1 XAT OBA . -88.04 75.79 28.95
C2 XAT OBA . -87.74 74.92 30.17
C3 XAT OBA . -86.44 75.32 30.84
C4 XAT OBA . -86.62 76.70 31.46
C5 XAT OBA . -87.04 77.74 30.43
C6 XAT OBA . -87.77 77.31 29.21
C7 XAT OBA . -88.50 78.35 28.37
C8 XAT OBA . -87.88 78.97 27.37
C9 XAT OBA . -88.58 79.99 26.57
C10 XAT OBA . -87.97 80.60 25.54
C11 XAT OBA . -88.53 81.63 24.67
C12 XAT OBA . -87.93 81.99 23.52
C13 XAT OBA . -88.44 82.87 22.49
C14 XAT OBA . -87.62 83.32 21.50
C15 XAT OBA . -88.14 84.19 20.49
C16 XAT OBA . -89.51 75.58 28.59
C17 XAT OBA . -87.19 75.33 27.78
C18 XAT OBA . -87.13 79.20 30.85
C19 XAT OBA . -90.00 80.35 26.89
C20 XAT OBA . -89.88 83.28 22.50
O3 XAT OBA . -86.13 74.39 31.88
O4 XAT OBA . -86.34 77.56 29.17
C21 XAT OBA . -89.23 89.30 8.75
C22 XAT OBA . -90.01 90.05 7.67
C23 XAT OBA . -89.78 91.55 7.60
C24 XAT OBA . -90.02 92.25 8.94
C25 XAT OBA . -89.34 91.56 10.11
C26 XAT OBA . -88.87 90.15 9.97
C27 XAT OBA . -87.84 89.64 10.94
C28 XAT OBA . -88.23 88.99 12.03
C29 XAT OBA . -87.48 88.79 13.29
C30 XAT OBA . -88.04 88.14 14.33
C31 XAT OBA . -87.31 87.94 15.58
C32 XAT OBA . -87.79 87.09 16.50
C33 XAT OBA . -87.16 86.55 17.74
C34 XAT OBA . -87.84 85.68 18.52
C35 XAT OBA . -87.35 84.90 19.65
C36 XAT OBA . -87.95 88.74 8.14
C37 XAT OBA . -90.09 88.13 9.20
C38 XAT OBA . -88.64 92.41 11.16
C39 XAT OBA . -86.07 89.30 13.40
C40 XAT OBA . -85.76 86.97 18.11
O23 XAT OBA . -88.44 91.83 7.16
O24 XAT OBA . -90.08 90.47 10.67
C1 NEX PBA . -83.04 108.93 16.74
C2 NEX PBA . -83.17 110.01 15.68
C3 NEX PBA . -84.48 110.06 14.87
C4 NEX PBA . -85.32 108.77 14.88
C5 NEX PBA . -84.49 107.52 15.10
C6 NEX PBA . -83.79 107.69 16.44
C7 NEX PBA . -83.89 106.73 17.27
C8 NEX PBA . -84.05 105.86 18.36
C9 NEX PBA . -83.15 104.79 18.77
C10 NEX PBA . -83.47 104.01 19.70
C11 NEX PBA . -82.86 102.78 20.21
C12 NEX PBA . -83.19 102.28 21.23
C13 NEX PBA . -82.74 101.03 21.89
C14 NEX PBA . -83.06 100.79 23.09
C15 NEX PBA . -82.55 99.72 23.96
C16 NEX PBA . -83.50 109.44 18.09
C17 NEX PBA . -81.59 108.52 16.84
C18 NEX PBA . -85.37 106.26 15.11
C19 NEX PBA . -81.80 104.59 18.11
C20 NEX PBA . -81.91 100.05 21.11
O3 NEX PBA . -85.32 111.11 15.36
O4 NEX PBA . -83.51 107.35 14.04
C21 NEX PBA . -79.45 96.05 34.96
C22 NEX PBA . -79.71 95.44 36.33
C23 NEX PBA . -81.20 95.23 36.56
C24 NEX PBA . -81.67 94.11 35.66
C25 NEX PBA . -81.37 94.40 34.20
C26 NEX PBA . -80.24 95.37 33.85
C27 NEX PBA . -79.63 95.20 32.47
C28 NEX PBA . -79.90 96.03 31.45
C29 NEX PBA . -79.31 95.84 30.26
C30 NEX PBA . -79.53 96.58 29.27
C31 NEX PBA . -80.62 97.53 28.97
C32 NEX PBA . -80.87 97.79 27.85
C33 NEX PBA . -81.86 98.71 27.24
C34 NEX PBA . -81.87 98.82 25.98
C35 NEX PBA . -82.61 99.77 25.14
C36 NEX PBA . -77.97 95.97 34.66
C37 NEX PBA . -79.88 97.51 35.01
C38 NEX PBA . -81.79 93.40 33.13
C39 NEX PBA . -78.36 94.68 30.08
C40 NEX PBA . -82.83 99.48 28.08
O23 NEX PBA . -81.42 94.86 37.94
O24 NEX PBA . -81.62 95.76 33.83
O1 LHG QBA . -46.98 85.38 37.95
C1 LHG QBA . -47.86 86.47 38.22
C2 LHG QBA . -47.66 87.56 37.17
O2 LHG QBA . -47.70 88.85 37.79
C3 LHG QBA . -48.76 87.46 36.13
O3 LHG QBA . -49.88 86.73 36.63
P LHG QBA . -51.33 87.00 36.03
O4 LHG QBA . -51.83 88.32 36.58
O5 LHG QBA . -51.29 86.79 34.54
O6 LHG QBA . -52.24 85.81 36.66
C4 LHG QBA . -53.22 85.18 35.84
C5 LHG QBA . -54.30 84.48 36.68
C6 LHG QBA . -55.54 85.37 36.58
O7 LHG QBA . -54.58 83.19 36.15
C7 LHG QBA . -54.86 82.25 37.07
O9 LHG QBA . -55.88 82.35 37.75
C8 LHG QBA . -53.96 81.06 37.28
C9 LHG QBA . -54.64 80.06 38.20
C10 LHG QBA . -54.99 78.75 37.49
O8 LHG QBA . -56.67 84.61 36.13
C23 LHG QBA . -57.26 84.90 34.97
O10 LHG QBA . -56.66 85.55 34.14
C24 LHG QBA . -58.67 84.42 34.72
C11 LHG QBA . -56.34 78.22 37.97
C12 LHG QBA . -56.36 76.69 38.01
C13 LHG QBA . -57.77 76.16 38.30
C14 LHG QBA . -58.09 74.93 37.47
C15 LHG QBA . -59.60 74.67 37.40
C16 LHG QBA . -59.95 73.28 37.92
C17 LHG QBA . -61.38 72.89 37.57
C18 LHG QBA . -61.42 72.00 36.33
C19 LHG QBA . -61.34 70.53 36.72
C20 LHG QBA . -62.55 70.09 37.51
C21 LHG QBA . -63.78 69.92 36.62
C22 LHG QBA . -64.85 69.10 37.30
C25 LHG QBA . -58.90 83.14 35.52
C26 LHG QBA . -59.61 83.42 36.84
C27 LHG QBA . -59.13 82.43 37.89
C28 LHG QBA . -60.21 82.13 38.94
C29 LHG QBA . -59.58 81.91 40.32
C30 LHG QBA . -58.74 80.63 40.34
C31 LHG QBA . -57.34 80.92 40.85
C32 LHG QBA . -56.73 79.68 41.50
C33 LHG QBA . -55.26 79.91 41.86
C34 LHG QBA . -55.08 80.16 43.35
C35 LHG QBA . -53.61 80.27 43.73
C36 LHG QBA . -53.43 81.05 45.03
C37 LHG QBA . -52.08 81.76 45.08
C38 LHG QBA . -52.20 83.19 44.57
MG CLA RBA . -2.49 -68.92 3.78
CHA CLA RBA . -1.21 -69.14 0.57
CHB CLA RBA . -1.59 -65.60 3.99
CHC CLA RBA . -3.89 -68.82 6.76
CHD CLA RBA . -3.38 -72.35 3.57
NA CLA RBA . -1.52 -67.48 2.42
C1A CLA RBA . -1.07 -67.75 1.19
C2A CLA RBA . -0.44 -66.54 0.55
C3A CLA RBA . -0.55 -65.47 1.65
C4A CLA RBA . -1.27 -66.20 2.76
CMA CLA RBA . 0.66 -64.62 1.97
CAA CLA RBA . -1.24 -66.05 -0.66
CBA CLA RBA . -2.73 -66.34 -0.57
CGA CLA RBA . -3.49 -65.09 -0.17
O1A CLA RBA . -3.12 -64.01 -0.59
O2A CLA RBA . -4.55 -65.18 0.60
NB CLA RBA . -2.72 -67.43 5.15
C1B CLA RBA . -2.26 -66.15 5.10
C2B CLA RBA . -2.56 -65.46 6.33
C3B CLA RBA . -3.20 -66.38 7.11
C4B CLA RBA . -3.30 -67.63 6.35
CMB CLA RBA . -2.21 -64.04 6.65
CAB CLA RBA . -3.75 -66.22 8.48
CBB CLA RBA . -4.68 -65.10 8.86
NC CLA RBA . -3.53 -70.34 4.95
C1C CLA RBA . -4.00 -70.10 6.16
C2C CLA RBA . -4.63 -71.29 6.79
C3C CLA RBA . -4.50 -72.27 5.84
C4C CLA RBA . -3.80 -71.67 4.71
CMC CLA RBA . -5.28 -71.40 8.14
CAC CLA RBA . -4.99 -73.70 5.97
CBC CLA RBA . -6.33 -73.86 5.30
ND CLA RBA . -2.39 -70.41 2.48
C1D CLA RBA . -2.73 -71.73 2.47
C2D CLA RBA . -2.35 -72.39 1.23
C3D CLA RBA . -1.76 -71.37 0.50
C4D CLA RBA . -1.79 -70.19 1.26
CMD CLA RBA . -2.46 -73.80 0.71
CAD CLA RBA . -1.12 -71.09 -0.77
OBD CLA RBA . -0.98 -71.88 -1.68
CBD CLA RBA . -0.76 -69.63 -0.79
CGD CLA RBA . 0.72 -69.50 -0.95
O1D CLA RBA . 1.23 -69.59 -2.06
O2D CLA RBA . 1.51 -69.29 0.10
CED CLA RBA . 2.60 -68.40 -0.11
C1 CLA RBA . -4.44 -64.78 2.00
C2 CLA RBA . -5.33 -65.40 3.04
C3 CLA RBA . -5.87 -64.63 4.01
C4 CLA RBA . -5.59 -63.16 4.09
C5 CLA RBA . -6.78 -65.19 5.06
C6 CLA RBA . -8.17 -64.61 4.82
C7 CLA RBA . -9.26 -65.56 5.29
C8 CLA RBA . -10.62 -64.88 5.49
C9 CLA RBA . -10.49 -63.42 5.94
C10 CLA RBA . -11.47 -65.65 6.51
C11 CLA RBA . -11.31 -67.16 6.42
C12 CLA RBA . -10.99 -67.76 7.79
C13 CLA RBA . -12.26 -68.15 8.52
C14 CLA RBA . -11.93 -68.68 9.91
C15 CLA RBA . -13.01 -69.20 7.71
MG CLA SBA . -5.94 -62.84 13.43
CHA CLA SBA . -6.12 -61.13 10.43
CHB CLA SBA . -4.14 -60.27 14.84
CHC CLA SBA . -5.90 -64.53 16.26
CHD CLA SBA . -7.79 -65.48 11.97
NA CLA SBA . -5.20 -60.88 12.73
C1A CLA SBA . -5.37 -60.36 11.51
C2A CLA SBA . -4.74 -59.00 11.37
C3A CLA SBA . -4.11 -58.79 12.76
C4A CLA SBA . -4.49 -60.03 13.51
CMA CLA SBA . -2.66 -58.32 12.86
CAA CLA SBA . -5.82 -57.96 11.10
CBA CLA SBA . -5.64 -56.60 11.78
CGA CLA SBA . -7.00 -56.07 12.16
O1A CLA SBA . -7.94 -56.85 12.22
O2A CLA SBA . -7.16 -54.78 12.42
NB CLA SBA . -5.15 -62.45 15.27
C1B CLA SBA . -4.42 -61.37 15.66
C2B CLA SBA . -4.02 -61.53 17.03
C3B CLA SBA . -4.51 -62.74 17.43
C4B CLA SBA . -5.24 -63.31 16.29
CMB CLA SBA . -3.20 -60.56 17.82
CAB CLA SBA . -4.37 -63.35 18.76
CBB CLA SBA . -3.72 -64.72 18.94
NC CLA SBA . -6.79 -64.67 14.04
C1C CLA SBA . -6.62 -65.20 15.24
C2C CLA SBA . -7.22 -66.54 15.38
C3C CLA SBA . -7.80 -66.77 14.16
C4C CLA SBA . -7.51 -65.60 13.33
CMC CLA SBA . -7.22 -67.43 16.59
CAC CLA SBA . -8.56 -68.01 13.76
CBC CLA SBA . -10.04 -67.76 13.95
ND CLA SBA . -6.78 -63.29 11.70
C1D CLA SBA . -7.49 -64.34 11.19
C2D CLA SBA . -7.86 -64.12 9.81
C3D CLA SBA . -7.32 -62.86 9.52
C4D CLA SBA . -6.68 -62.38 10.66
CMD CLA SBA . -8.62 -64.93 8.80
CAD CLA SBA . -7.19 -61.88 8.46
OBD CLA SBA . -7.81 -61.89 7.41
CBD CLA SBA . -6.36 -60.76 8.99
CGD CLA SBA . -5.05 -60.70 8.26
O1D CLA SBA . -4.57 -61.71 7.76
O2D CLA SBA . -4.38 -59.55 8.16
CED CLA SBA . -4.10 -59.07 6.85
C1 CLA SBA . -6.32 -54.07 13.38
C2 CLA SBA . -5.95 -54.65 14.74
C3 CLA SBA . -6.02 -53.91 15.85
C4 CLA SBA . -6.48 -52.48 15.83
C5 CLA SBA . -5.64 -54.46 17.21
C6 CLA SBA . -6.80 -54.24 18.18
C7 CLA SBA . -6.76 -55.30 19.27
C8 CLA SBA . -7.65 -54.92 20.46
C9 CLA SBA . -7.31 -53.52 20.95
C10 CLA SBA . -7.47 -55.95 21.57
C11 CLA SBA . -8.47 -57.09 21.42
C12 CLA SBA . -9.15 -57.40 22.75
C13 CLA SBA . -9.34 -58.90 22.95
C14 CLA SBA . -8.02 -59.59 23.25
C15 CLA SBA . -10.01 -59.50 21.72
MG CLA TBA . 2.47 -72.14 28.72
CHA CLA TBA . 1.08 -73.07 31.75
CHB CLA TBA . 0.25 -69.53 28.43
CHC CLA TBA . 3.99 -71.27 25.92
CHD CLA TBA . 4.74 -74.84 29.02
NA CLA TBA . 0.82 -71.35 29.96
C1A CLA TBA . 0.42 -71.85 31.12
C2A CLA TBA . -0.74 -71.07 31.69
C3A CLA TBA . -0.99 -70.00 30.61
C4A CLA TBA . 0.08 -70.28 29.60
CMA CLA TBA . -2.40 -69.75 30.14
CAA CLA TBA . -0.34 -70.38 32.99
CBA CLA TBA . 0.74 -69.31 32.82
CGA CLA TBA . 2.08 -69.76 33.37
O1A CLA TBA . 2.66 -70.70 32.85
O2A CLA TBA . 2.60 -69.12 34.39
NB CLA TBA . 2.17 -70.63 27.39
C1B CLA TBA . 1.19 -69.68 27.39
C2B CLA TBA . 1.31 -68.85 26.22
C3B CLA TBA . 2.37 -69.36 25.52
C4B CLA TBA . 2.90 -70.48 26.28
CMB CLA TBA . 0.42 -67.69 25.85
CAB CLA TBA . 2.95 -68.91 24.23
CBB CLA TBA . 2.11 -68.84 22.97
NC CLA TBA . 4.12 -72.91 27.67
C1C CLA TBA . 4.58 -72.40 26.53
C2C CLA TBA . 5.74 -73.14 26.00
C3C CLA TBA . 5.95 -74.13 26.90
C4C CLA TBA . 4.93 -73.99 27.94
CMC CLA TBA . 6.49 -72.80 24.74
CAC CLA TBA . 7.03 -75.20 26.85
CBC CLA TBA . 8.30 -74.67 27.49
ND CLA TBA . 2.88 -73.62 29.97
C1D CLA TBA . 3.80 -74.62 30.06
C2D CLA TBA . 3.67 -75.40 31.28
C3D CLA TBA . 2.60 -74.78 31.93
C4D CLA TBA . 2.15 -73.72 31.14
CMD CLA TBA . 4.38 -76.58 31.86
CAD CLA TBA . 1.81 -74.85 33.14
OBD CLA TBA . 2.22 -75.28 34.20
CBD CLA TBA . 0.75 -73.80 33.03
CGD CLA TBA . -0.58 -74.47 32.92
O1D CLA TBA . -0.68 -75.61 32.50
O2D CLA TBA . -1.69 -73.81 33.26
CED CLA TBA . -2.23 -74.13 34.55
C1 CLA TBA . 3.74 -68.23 34.18
C2 CLA TBA . 5.05 -68.70 33.58
C3 CLA TBA . 6.19 -68.14 33.98
C4 CLA TBA . 7.50 -68.59 33.39
MG CHL UBA . 1.33 -64.51 30.45
CHA CHL UBA . 3.84 -64.06 32.73
CHB CHL UBA . 3.28 -63.01 28.08
CHC CHL UBA . -1.03 -65.09 28.26
CHD CHL UBA . -0.59 -65.99 33.00
NA CHL UBA . 3.21 -63.67 30.45
C1A CHL UBA . 4.11 -63.61 31.47
C2A CHL UBA . 5.43 -62.97 31.02
C3A CHL UBA . 5.10 -62.43 29.65
C4A CHL UBA . 3.76 -63.06 29.35
CMA CHL UBA . 5.34 -60.95 29.34
CAA CHL UBA . 6.59 -63.98 30.96
CBA CHL UBA . 7.90 -63.42 30.40
CGA CHL UBA . 8.45 -62.29 31.23
NB CHL UBA . 1.16 -64.11 28.46
C1B CHL UBA . 2.07 -63.53 27.66
C2B CHL UBA . 1.57 -63.51 26.33
C3B CHL UBA . 0.32 -64.08 26.32
C4B CHL UBA . 0.06 -64.47 27.71
CMB CHL UBA . 2.30 -62.98 25.13
CAB CHL UBA . -0.52 -64.23 25.12
CBB CHL UBA . -1.89 -64.85 24.99
NC CHL UBA . -0.52 -65.38 30.64
C1C CHL UBA . -1.32 -65.49 29.56
C2C CHL UBA . -2.56 -66.14 29.98
C3C CHL UBA . -2.44 -66.38 31.35
C4C CHL UBA . -1.15 -65.90 31.75
CMC CHL UBA . -3.65 -66.49 29.10
OMC CHL UBA . -4.66 -67.09 29.41
CAC CHL UBA . -3.45 -67.01 32.27
CBC CHL UBA . -4.18 -65.98 33.13
ND CHL UBA . 1.47 -64.93 32.43
C1D CHL UBA . 0.66 -65.52 33.34
C2D CHL UBA . 1.31 -65.59 34.60
C3D CHL UBA . 2.56 -65.03 34.42
C4D CHL UBA . 2.64 -64.62 33.09
CMD CHL UBA . 0.72 -66.17 35.86
CAD CHL UBA . 3.82 -64.71 35.05
OBD CHL UBA . 4.17 -64.92 36.19
CBD CHL UBA . 4.70 -64.07 34.00
CGD CHL UBA . 5.15 -62.70 34.48
O1D CHL UBA . 6.03 -62.50 35.27
O2D CHL UBA . 4.42 -61.75 33.92
CED CHL UBA . 4.79 -60.39 34.26
MG CHL VBA . -8.13 -66.10 27.97
CHA CHL VBA . -10.55 -67.78 29.73
CHB CHL VBA . -9.29 -67.54 25.10
CHC CHL VBA . -5.86 -64.42 26.33
CHD CHL VBA . -6.98 -64.79 31.04
NA CHL VBA . -9.64 -67.41 27.52
C1A CHL VBA . -10.57 -67.96 28.37
C2A CHL VBA . -11.58 -68.82 27.62
C3A CHL VBA . -11.00 -68.91 26.22
C4A CHL VBA . -9.89 -67.90 26.26
CMA CHL VBA . -10.78 -70.28 25.59
CAA CHL VBA . -12.99 -68.21 27.61
CBA CHL VBA . -13.13 -66.93 26.80
CGA CHL VBA . -13.00 -65.66 27.59
O1A CHL VBA . -13.78 -65.30 28.44
O2A CHL VBA . -11.93 -64.97 27.25
NB CHL VBA . -7.68 -65.98 25.99
C1B CHL VBA . -8.27 -66.62 24.96
C2B CHL VBA . -7.64 -66.22 23.75
C3B CHL VBA . -6.64 -65.31 24.05
C4B CHL VBA . -6.68 -65.16 25.51
CMB CHL VBA . -8.00 -66.70 22.38
CAB CHL VBA . -5.77 -64.68 23.06
CBB CHL VBA . -4.64 -63.70 23.27
NC CHL VBA . -6.68 -64.80 28.63
C1C CHL VBA . -5.83 -64.23 27.71
C2C CHL VBA . -4.87 -63.41 28.45
C3C CHL VBA . -5.16 -63.56 29.78
C4C CHL VBA . -6.31 -64.42 29.90
CMC CHL VBA . -3.78 -62.58 27.97
OMC CHL VBA . -3.48 -62.41 26.82
CAC CHL VBA . -4.35 -63.01 30.92
CBC CHL VBA . -5.10 -62.01 31.76
ND CHL VBA . -8.58 -66.20 29.96
C1D CHL VBA . -8.07 -65.63 31.08
C2D CHL VBA . -8.82 -66.03 32.23
C3D CHL VBA . -9.79 -66.88 31.76
C4D CHL VBA . -9.64 -66.97 30.36
CMD CHL VBA . -8.57 -65.56 33.63
CAD CHL VBA . -10.92 -67.72 32.12
OBD CHL VBA . -11.38 -67.93 33.23
CBD CHL VBA . -11.47 -68.32 30.83
CGD CHL VBA . -11.58 -69.85 30.94
O1D CHL VBA . -10.74 -70.57 31.38
O2D CHL VBA . -12.77 -70.26 30.49
CED CHL VBA . -13.03 -71.67 30.60
C1 CHL VBA . -11.64 -63.66 27.78
C2 CHL VBA . -10.52 -63.79 28.76
C3 CHL VBA . -9.53 -62.92 28.81
C4 CHL VBA . -9.41 -61.73 27.90
MG CLA WBA . 12.22 -60.38 19.41
CHA CLA WBA . 9.91 -62.77 18.45
CHB CLA WBA . 11.58 -61.04 22.74
CHC CLA WBA . 14.59 -58.23 20.20
CHD CLA WBA . 12.88 -59.72 16.00
NA CLA WBA . 10.89 -61.77 20.51
C1A CLA WBA . 10.03 -62.63 19.96
C2A CLA WBA . 9.27 -63.41 21.01
C3A CLA WBA . 9.80 -62.82 22.33
C4A CLA WBA . 10.83 -61.82 21.86
CMA CLA WBA . 8.84 -62.46 23.45
CAA CLA WBA . 9.60 -64.89 20.93
CBA CLA WBA . 10.78 -65.36 21.80
CGA CLA WBA . 12.10 -65.29 21.05
O1A CLA WBA . 12.15 -64.82 19.91
O2A CLA WBA . 13.19 -65.73 21.64
NB CLA WBA . 12.98 -59.74 21.20
C1B CLA WBA . 12.58 -60.08 22.45
C2B CLA WBA . 13.32 -59.32 23.42
C3B CLA WBA . 14.16 -58.53 22.71
C4B CLA WBA . 13.93 -58.81 21.28
CMB CLA WBA . 13.19 -59.37 24.92
CAB CLA WBA . 15.13 -57.54 23.24
CBB CLA WBA . 16.61 -57.64 22.94
NC CLA WBA . 13.54 -59.19 18.28
C1C CLA WBA . 14.41 -58.35 18.81
C2C CLA WBA . 15.17 -57.57 17.81
C3C CLA WBA . 14.68 -58.02 16.61
C4C CLA WBA . 13.66 -59.03 16.92
CMC CLA WBA . 16.23 -56.55 18.07
CAC CLA WBA . 15.12 -57.55 15.25
CBC CLA WBA . 16.33 -58.34 14.81
ND CLA WBA . 11.65 -61.03 17.63
C1D CLA WBA . 11.91 -60.70 16.34
C2D CLA WBA . 11.07 -61.44 15.40
C3D CLA WBA . 10.30 -62.25 16.24
C4D CLA WBA . 10.64 -61.99 17.57
CMD CLA WBA . 10.93 -61.48 13.90
CAD CLA WBA . 9.26 -63.24 16.20
OBD CLA WBA . 8.63 -63.60 15.22
CBD CLA WBA . 9.06 -63.71 17.62
CGD CLA WBA . 7.59 -63.64 17.97
O1D CLA WBA . 6.93 -62.64 17.73
O2D CLA WBA . 7.03 -64.69 18.55
CED CLA WBA . 6.47 -65.64 17.65
C1 CLA WBA . 14.04 -64.86 22.45
C2 CLA WBA . 14.42 -63.46 22.00
C3 CLA WBA . 15.70 -63.04 22.04
C4 CLA WBA . 16.79 -63.95 22.52
C5 CLA WBA . 16.11 -61.65 21.59
C6 CLA WBA . 17.43 -61.19 22.21
C7 CLA WBA . 18.53 -61.01 21.17
C8 CLA WBA . 18.49 -59.61 20.57
C9 CLA WBA . 17.99 -59.65 19.13
C10 CLA WBA . 19.88 -58.95 20.70
C11 CLA WBA . 20.77 -59.13 19.47
C12 CLA WBA . 21.15 -57.78 18.86
C13 CLA WBA . 22.66 -57.61 18.79
C14 CLA WBA . 23.14 -56.46 19.66
C15 CLA WBA . 23.06 -57.39 17.33
MG CLA XBA . 1.06 -58.18 18.01
CHA CLA XBA . 1.03 -58.40 14.55
CHB CLA XBA . 1.86 -54.83 17.83
CHC CLA XBA . 0.90 -58.05 21.29
CHD CLA XBA . 0.28 -61.63 18.18
NA CLA XBA . 1.41 -56.73 16.37
C1A CLA XBA . 1.36 -57.02 15.06
C2A CLA XBA . 1.68 -55.81 14.22
C3A CLA XBA . 1.96 -54.73 15.26
C4A CLA XBA . 1.73 -55.44 16.57
CMA CLA XBA . 3.20 -53.88 15.07
CAA CLA XBA . 0.45 -55.33 13.44
CBA CLA XBA . -0.85 -55.51 14.22
CGA CLA XBA . -1.59 -54.20 14.40
O1A CLA XBA . -2.79 -54.19 14.25
O2A CLA XBA . -0.91 -53.12 14.71
NB CLA XBA . 1.32 -56.67 19.35
C1B CLA XBA . 1.69 -55.37 19.11
C2B CLA XBA . 1.83 -54.68 20.38
C3B CLA XBA . 1.56 -55.61 21.34
C4B CLA XBA . 1.24 -56.86 20.67
CMB CLA XBA . 2.22 -53.24 20.58
CAB CLA XBA . 1.55 -55.47 22.81
CBB CLA XBA . 0.60 -54.50 23.49
NC CLA XBA . 0.59 -59.60 19.48
C1C CLA XBA . 0.65 -59.34 20.78
C2C CLA XBA . 0.43 -60.55 21.62
C3C CLA XBA . 0.22 -61.56 20.72
C4C CLA XBA . 0.33 -60.96 19.39
CMC CLA XBA . 0.43 -60.59 23.12
CAC CLA XBA . -0.04 -63.00 21.05
CBC CLA XBA . -1.52 -63.20 21.30
ND CLA XBA . 0.72 -59.69 16.78
C1D CLA XBA . 0.43 -61.02 16.91
C2D CLA XBA . 0.31 -61.68 15.61
C3D CLA XBA . 0.56 -60.65 14.71
C4D CLA XBA . 0.79 -59.47 15.41
CMD CLA XBA . 0.02 -63.09 15.20
CAD CLA XBA . 0.64 -60.38 13.29
OBD CLA XBA . 0.85 -61.23 12.42
CBD CLA XBA . 0.93 -58.91 13.14
CGD CLA XBA . 2.22 -58.72 12.40
O1D CLA XBA . 3.23 -59.33 12.71
O2D CLA XBA . 2.29 -57.83 11.41
CED CLA XBA . 2.12 -58.38 10.10
C1 CLA XBA . -0.87 -52.67 16.10
C2 CLA XBA . -1.82 -51.65 16.68
C3 CLA XBA . -1.52 -51.06 17.85
C4 CLA XBA . -0.26 -51.41 18.59
C5 CLA XBA . -2.39 -50.04 18.52
C6 CLA XBA . -2.83 -50.57 19.88
C7 CLA XBA . -3.01 -49.45 20.89
C8 CLA XBA . -2.22 -49.72 22.17
C9 CLA XBA . -0.73 -49.86 21.90
C10 CLA XBA . -2.77 -50.98 22.83
C11 CLA XBA . -3.16 -50.73 24.27
C12 CLA XBA . -4.43 -49.87 24.36
C13 CLA XBA . -5.58 -50.43 23.52
C14 CLA XBA . -6.59 -49.35 23.22
C15 CLA XBA . -6.22 -51.61 24.24
MG CLA YBA . 11.38 -70.63 13.25
CHA CLA YBA . 13.99 -68.72 12.04
CHB CLA YBA . 11.94 -72.99 10.79
CHC CLA YBA . 8.99 -72.46 14.58
CHD CLA YBA . 10.84 -68.19 15.76
NA CLA YBA . 12.82 -70.86 11.58
C1A CLA YBA . 13.78 -70.00 11.25
C2A CLA YBA . 14.56 -70.45 10.06
C3A CLA YBA . 13.87 -71.78 9.70
C4A CLA YBA . 12.82 -71.90 10.73
CMA CLA YBA . 13.47 -72.01 8.25
CAA CLA YBA . 16.01 -70.79 10.40
CBA CLA YBA . 16.18 -71.31 11.84
CGA CLA YBA . 16.45 -72.80 11.86
O1A CLA YBA . 16.54 -73.41 10.82
O2A CLA YBA . 16.58 -73.40 13.03
NB CLA YBA . 10.60 -72.45 12.77
C1B CLA YBA . 10.91 -73.25 11.71
C2B CLA YBA . 10.05 -74.41 11.69
C3B CLA YBA . 9.22 -74.25 12.77
C4B CLA YBA . 9.58 -73.00 13.44
CMB CLA YBA . 10.08 -75.54 10.70
CAB CLA YBA . 8.14 -75.16 13.21
CBB CLA YBA . 8.41 -76.61 13.58
NC CLA YBA . 10.16 -70.39 14.94
C1C CLA YBA . 9.21 -71.25 15.27
C2C CLA YBA . 8.41 -70.78 16.44
C3C CLA YBA . 8.97 -69.58 16.78
C4C CLA YBA . 10.06 -69.35 15.83
CMC CLA YBA . 7.25 -71.48 17.10
CAC CLA YBA . 8.54 -68.68 17.90
CBC CLA YBA . 9.46 -68.85 19.09
ND CLA YBA . 12.15 -68.91 13.85
C1D CLA YBA . 11.88 -68.00 14.82
C2D CLA YBA . 12.75 -66.83 14.73
C3D CLA YBA . 13.57 -67.13 13.64
C4D CLA YBA . 13.20 -68.36 13.13
CMD CLA YBA . 12.87 -65.57 15.53
CAD CLA YBA . 14.67 -66.60 12.86
OBD CLA YBA . 15.06 -65.45 12.87
CBD CLA YBA . 15.01 -67.62 11.81
CGD CLA YBA . 14.80 -67.01 10.46
O1D CLA YBA . 13.86 -66.26 10.28
O2D CLA YBA . 15.62 -67.33 9.46
CED CLA YBA . 16.56 -66.33 9.08
C1 CLA YBA . 16.15 -74.78 13.24
C2 CLA YBA . 14.99 -75.16 14.13
C3 CLA YBA . 14.92 -76.40 14.66
C4 CLA YBA . 15.98 -77.42 14.38
C5 CLA YBA . 13.77 -76.84 15.54
C6 CLA YBA . 14.23 -77.84 16.60
C7 CLA YBA . 13.17 -78.14 17.64
C8 CLA YBA . 13.54 -77.61 19.03
C9 CLA YBA . 14.99 -77.95 19.38
C10 CLA YBA . 12.62 -78.14 20.14
C11 CLA YBA . 11.23 -78.58 19.66
C12 CLA YBA . 10.85 -79.94 20.24
C13 CLA YBA . 9.90 -79.81 21.42
C14 CLA YBA . 10.65 -79.93 22.74
C15 CLA YBA . 8.82 -80.88 21.32
MG CLA ZBA . 7.77 -82.71 11.57
CHA CLA ZBA . 9.22 -83.35 8.49
CHB CLA ZBA . 10.49 -80.80 12.50
CHC CLA ZBA . 6.24 -82.08 14.44
CHD CLA ZBA . 4.97 -84.66 10.59
NA CLA ZBA . 9.67 -82.12 10.60
C1A CLA ZBA . 10.08 -82.46 9.38
C2A CLA ZBA . 11.45 -81.90 9.06
C3A CLA ZBA . 11.81 -81.14 10.34
C4A CLA ZBA . 10.60 -81.35 11.20
CMA CLA ZBA . 13.17 -81.32 10.99
CAA CLA ZBA . 11.37 -80.95 7.85
CBA CLA ZBA . 12.25 -79.71 7.92
CGA CLA ZBA . 13.62 -80.01 7.36
O1A CLA ZBA . 13.82 -79.94 6.16
O2A CLA ZBA . 14.59 -80.36 8.22
NB CLA ZBA . 8.28 -81.60 13.20
C1B CLA ZBA . 9.44 -80.91 13.43
C2B CLA ZBA . 9.40 -80.32 14.74
C3B CLA ZBA . 8.20 -80.69 15.27
C4B CLA ZBA . 7.51 -81.51 14.29
CMB CLA ZBA . 10.47 -79.47 15.38
CAB CLA ZBA . 7.65 -80.36 16.60
CBB CLA ZBA . 8.32 -80.87 17.85
NC CLA ZBA . 5.88 -83.22 12.35
C1C CLA ZBA . 5.50 -82.92 13.59
C2C CLA ZBA . 4.21 -83.55 13.95
C3C CLA ZBA . 3.84 -84.25 12.84
C4C CLA ZBA . 4.89 -84.05 11.84
CMC CLA ZBA . 3.47 -83.43 15.27
CAC CLA ZBA . 2.59 -85.10 12.70
CBC CLA ZBA . 1.46 -84.25 12.17
ND CLA ZBA . 7.16 -83.76 10.01
C1D CLA ZBA . 6.05 -84.48 9.69
C2D CLA ZBA . 6.13 -85.03 8.34
C3D CLA ZBA . 7.36 -84.58 7.89
C4D CLA ZBA . 7.97 -83.82 8.89
CMD CLA ZBA . 5.22 -85.87 7.48
CAD CLA ZBA . 8.25 -84.62 6.74
OBD CLA ZBA . 7.90 -84.89 5.59
CBD CLA ZBA . 9.52 -83.93 7.13
CGD CLA ZBA . 10.60 -84.97 7.23
O1D CLA ZBA . 11.45 -85.06 6.37
O2D CLA ZBA . 10.61 -85.81 8.26
CED CLA ZBA . 11.81 -85.86 9.03
C1 CLA ZBA . 15.43 -81.54 7.98
C2 CLA ZBA . 16.34 -81.66 6.79
C3 CLA ZBA . 16.01 -82.40 5.73
C4 CLA ZBA . 16.92 -82.52 4.54
C5 CLA ZBA . 14.68 -83.12 5.62
C6 CLA ZBA . 14.94 -84.59 5.33
C7 CLA ZBA . 14.68 -85.45 6.56
C8 CLA ZBA . 15.71 -86.55 6.78
C9 CLA ZBA . 16.37 -87.03 5.48
C10 CLA ZBA . 15.03 -87.72 7.49
C11 CLA ZBA . 13.88 -88.25 6.64
C12 CLA ZBA . 13.77 -89.77 6.79
C13 CLA ZBA . 14.31 -90.49 5.55
C14 CLA ZBA . 13.53 -90.09 4.29
C15 CLA ZBA . 14.23 -91.99 5.78
C1 LUT ACA . -5.26 -84.86 16.01
C2 LUT ACA . -5.98 -85.22 17.30
C3 LUT ACA . -7.07 -84.23 17.72
C4 LUT ACA . -6.54 -82.79 17.75
C5 LUT ACA . -5.73 -82.50 16.52
C6 LUT ACA . -4.87 -83.41 16.07
C7 LUT ACA . -3.52 -82.97 15.63
C8 LUT ACA . -2.66 -82.48 16.53
C9 LUT ACA . -1.33 -82.05 16.07
C10 LUT ACA . -0.72 -81.02 16.66
C11 LUT ACA . 0.61 -80.58 16.22
C12 LUT ACA . 1.27 -79.66 16.92
C13 LUT ACA . 2.61 -79.21 16.48
C14 LUT ACA . 3.31 -78.35 17.23
C15 LUT ACA . 4.62 -77.89 16.80
C16 LUT ACA . -6.19 -85.07 14.82
C17 LUT ACA . -4.02 -85.73 15.85
C18 LUT ACA . -5.92 -81.20 15.80
C19 LUT ACA . -0.67 -82.78 14.93
C20 LUT ACA . 3.16 -79.71 15.18
O3 LUT ACA . -7.49 -84.56 19.04
C21 LUT ACA . 16.58 -73.37 17.41
C22 LUT ACA . 17.64 -73.25 16.31
C23 LUT ACA . 17.91 -71.79 15.97
C24 LUT ACA . 16.63 -71.16 15.43
C25 LUT ACA . 15.54 -71.34 16.45
C26 LUT ACA . 15.37 -72.53 17.05
C27 LUT ACA . 14.07 -72.79 17.73
C28 LUT ACA . 13.09 -73.42 17.08
C29 LUT ACA . 11.80 -73.70 17.73
C30 LUT ACA . 10.97 -74.60 17.18
C31 LUT ACA . 9.68 -74.91 17.77
C32 LUT ACA . 8.67 -75.27 16.98
C33 LUT ACA . 7.35 -75.60 17.55
C34 LUT ACA . 6.62 -76.57 16.99
C35 LUT ACA . 5.30 -76.97 17.49
C36 LUT ACA . 17.13 -72.85 18.72
C37 LUT ACA . 16.24 -74.86 17.57
C38 LUT ACA . 14.65 -70.17 16.79
C39 LUT ACA . 11.42 -72.97 18.98
C40 LUT ACA . 6.83 -74.82 18.73
O23 LUT ACA . 18.97 -71.66 15.03
C1 XAT BCA . -4.30 -69.09 25.59
C2 XAT BCA . -4.38 -69.69 26.99
C3 XAT BCA . -4.04 -71.17 27.03
C4 XAT BCA . -2.57 -71.32 26.68
C5 XAT BCA . -2.29 -70.80 25.27
C6 XAT BCA . -3.14 -69.70 24.72
C7 XAT BCA . -2.65 -68.92 23.52
C8 XAT BCA . -3.02 -69.28 22.29
C9 XAT BCA . -2.54 -68.50 21.12
C10 XAT BCA . -3.09 -68.69 19.92
C11 XAT BCA . -2.76 -68.03 18.65
C12 XAT BCA . -3.49 -68.29 17.56
C13 XAT BCA . -3.40 -67.74 16.21
C14 XAT BCA . -3.99 -68.40 15.18
C15 XAT BCA . -4.16 -67.79 13.90
C16 XAT BCA . -4.08 -67.59 25.71
C17 XAT BCA . -5.63 -69.33 24.88
C18 XAT BCA . -0.93 -71.03 24.64
C19 XAT BCA . -1.44 -67.49 21.30
C20 XAT BCA . -2.66 -66.46 15.97
O3 XAT BCA . -4.29 -71.70 28.33
O4 XAT BCA . -3.40 -71.08 24.37
C21 XAT BCA . -9.54 -68.85 1.83
C22 XAT BCA . -9.60 -68.38 0.38
C23 XAT BCA . -8.46 -67.45 0.01
C24 XAT BCA . -7.18 -68.26 0.13
C25 XAT BCA . -6.94 -68.55 1.61
C26 XAT BCA . -8.13 -68.89 2.43
C27 XAT BCA . -7.92 -69.53 3.79
C28 XAT BCA . -7.75 -68.74 4.84
C29 XAT BCA . -7.85 -69.08 6.28
C30 XAT BCA . -7.33 -68.26 7.20
C31 XAT BCA . -7.41 -68.57 8.63
C32 XAT BCA . -6.54 -68.06 9.52
C33 XAT BCA . -6.15 -68.60 10.83
C34 XAT BCA . -5.33 -67.94 11.67
C35 XAT BCA . -4.80 -68.48 12.92
C36 XAT BCA . -10.12 -70.26 1.91
C37 XAT BCA . -10.42 -67.94 2.68
C38 XAT BCA . -5.58 -69.03 2.10
C39 XAT BCA . -8.53 -70.35 6.68
C40 XAT BCA . -6.68 -69.94 11.26
O23 XAT BCA . -8.62 -66.95 -1.32
O24 XAT BCA . -7.55 -67.57 2.46
C1 NEX CCA . 11.23 -46.88 24.67
C2 NEX CCA . 11.46 -45.39 24.35
C3 NEX CCA . 11.98 -45.00 22.97
C4 NEX CCA . 12.25 -46.20 22.04
C5 NEX CCA . 12.96 -47.33 22.74
C6 NEX CCA . 12.01 -47.83 23.82
C7 NEX CCA . 11.94 -49.04 24.18
C8 NEX CCA . 11.78 -50.46 24.19
C9 NEX CCA . 11.70 -51.31 25.41
C10 NEX CCA . 11.87 -52.56 25.35
C11 NEX CCA . 11.88 -53.52 26.45
C12 NEX CCA . 11.75 -54.68 26.29
C13 NEX CCA . 11.58 -55.77 27.27
C14 NEX CCA . 11.37 -56.95 26.89
C15 NEX CCA . 10.42 -57.93 27.43
C16 NEX CCA . 9.74 -47.22 24.51
C17 NEX CCA . 11.62 -47.10 26.15
C18 NEX CCA . 13.23 -48.44 21.76
C19 NEX CCA . 11.36 -50.71 26.77
C20 NEX CCA . 11.64 -55.46 28.74
O3 NEX CCA . 11.02 -44.14 22.35
O4 NEX CCA . 14.19 -46.88 23.31
C21 NEX CCA . 7.18 -68.79 28.12
C22 NEX CCA . 6.85 -70.11 28.80
C23 NEX CCA . 6.20 -69.89 30.15
C24 NEX CCA . 4.80 -69.35 29.93
C25 NEX CCA . 4.84 -68.05 29.12
C26 NEX CCA . 6.02 -67.78 28.21
C27 NEX CCA . 5.79 -66.84 27.05
C28 NEX CCA . 6.23 -65.58 27.10
C29 NEX CCA . 6.01 -64.75 26.06
C30 NEX CCA . 6.43 -63.56 26.10
C31 NEX CCA . 7.55 -62.98 26.86
C32 NEX CCA . 7.78 -61.82 26.90
C33 NEX CCA . 9.05 -61.12 27.22
C34 NEX CCA . 9.11 -59.87 27.20
C35 NEX CCA . 10.32 -59.05 27.05
C36 NEX CCA . 7.54 -69.05 26.66
C37 NEX CCA . 8.40 -68.19 28.81
C38 NEX CCA . 3.54 -67.30 28.85
C39 NEX CCA . 5.27 -65.23 24.85
C40 NEX CCA . 10.27 -61.92 27.58
O23 NEX CCA . 6.10 -71.15 30.82
O24 NEX CCA . 5.91 -67.18 29.50
C1B LMT DCA . -10.64 -63.59 13.14
C2B LMT DCA . -10.95 -63.03 11.73
C3B LMT DCA . -12.46 -62.76 11.55
C4B LMT DCA . -13.29 -63.96 12.00
C5B LMT DCA . -12.90 -64.24 13.46
C6B LMT DCA . -13.78 -65.33 14.03
O1B LMT DCA . -10.61 -62.56 14.08
O2B LMT DCA . -10.22 -61.88 11.60
O3B LMT DCA . -12.74 -62.39 10.25
O4' LMT DCA . -14.64 -63.68 11.96
O5B LMT DCA . -11.54 -64.60 13.53
O6B LMT DCA . -13.02 -66.38 14.49
C1' LMT DCA . -8.31 -60.78 16.97
C2' LMT DCA . -7.83 -60.47 15.54
C3' LMT DCA . -8.91 -60.94 14.51
C4' LMT DCA . -9.39 -62.38 14.79
C5' LMT DCA . -9.70 -62.47 16.31
C6' LMT DCA . -10.24 -63.79 16.76
O1' LMT DCA . -7.32 -60.51 17.88
O2' LMT DCA . -7.65 -59.12 15.42
O3' LMT DCA . -8.41 -60.86 13.24
O5' LMT DCA . -8.55 -62.16 17.05
O6' LMT DCA . -11.58 -63.76 16.49
C1 LMT DCA . -7.64 -60.90 19.20
C2 LMT DCA . -6.36 -60.77 19.97
C3 LMT DCA . -5.85 -59.37 20.18
C4 LMT DCA . -4.60 -59.46 21.02
C5 LMT DCA . -4.01 -58.10 21.22
C6 LMT DCA . -2.79 -57.88 20.39
C7 LMT DCA . -3.15 -57.17 19.12
C8 LMT DCA . -2.04 -56.25 18.76
C9 LMT DCA . -1.73 -55.22 19.79
C10 LMT DCA . -2.85 -54.21 19.80
C11 LMT DCA . -3.65 -54.19 21.07
C12 LMT DCA . -2.87 -54.59 22.28
C1 ERG ECA . 2.16 -70.70 48.69
C2 ERG ECA . 0.81 -71.15 49.48
C3 ERG ECA . 0.48 -70.41 50.42
C4 ERG ECA . 1.48 -70.05 51.14
C5 ERG ECA . 2.67 -69.56 50.23
C6 ERG ECA . 3.62 -68.55 50.88
C7 ERG ECA . 4.34 -67.85 50.10
C8 ERG ECA . 4.54 -68.32 48.93
C9 ERG ECA . 3.62 -69.48 48.36
C10 ERG ECA . 3.00 -70.21 49.23
C11 ERG ECA . 4.45 -70.25 47.27
C12 ERG ECA . 4.61 -69.42 46.12
C13 ERG ECA . 5.11 -67.82 46.43
C14 ERG ECA . 5.13 -67.37 47.83
C15 ERG ECA . 6.62 -67.35 48.27
C16 ERG ECA . 7.50 -67.39 46.88
C17 ERG ECA . 6.58 -67.47 45.80
C18 ERG ECA . 4.05 -66.96 45.75
C19 ERG ECA . 3.92 -71.34 49.72
C20 ERG ECA . 6.64 -66.23 44.88
C21 ERG ECA . 7.04 -64.93 45.59
C22 ERG ECA . 7.65 -66.50 43.77
C23 ERG ECA . 8.01 -65.53 42.96
C24 ERG ECA . 9.03 -65.78 41.85
C25 ERG ECA . 8.78 -64.77 40.72
C26 ERG ECA . 9.92 -64.86 39.70
C27 ERG ECA . 7.45 -65.04 40.03
C28 ERG ECA . 8.90 -67.21 41.32
O1 ERG ECA . -0.21 -69.00 49.78
MG CHL FCA . -81.67 23.87 -20.85
CHA CHL FCA . -84.69 24.66 -22.30
CHB CHL FCA . -82.58 20.60 -20.81
CHC CHL FCA . -78.68 23.16 -19.70
CHD CHL FCA . -80.91 27.32 -20.88
NA CHL FCA . -83.36 22.84 -21.43
C1A CHL FCA . -84.50 23.32 -22.03
C2A CHL FCA . -85.46 22.17 -22.35
C3A CHL FCA . -84.88 21.01 -21.60
C4A CHL FCA . -83.51 21.49 -21.23
CMA CHL FCA . -85.73 20.25 -20.59
CAA CHL FCA . -85.58 21.90 -23.86
CBA CHL FCA . -86.29 20.60 -24.22
CGA CHL FCA . -87.38 20.75 -25.24
O1A CHL FCA . -87.23 20.63 -26.42
O2A CHL FCA . -88.53 21.05 -24.67
NB CHL FCA . -80.76 22.12 -20.34
C1B CHL FCA . -81.27 20.87 -20.42
C2B CHL FCA . -80.29 19.95 -20.01
C3B CHL FCA . -79.14 20.64 -19.68
C4B CHL FCA . -79.46 22.06 -19.90
CMB CHL FCA . -80.46 18.46 -19.95
CAB CHL FCA . -77.91 20.01 -19.18
CBB CHL FCA . -76.62 20.65 -18.74
NC CHL FCA . -80.09 25.07 -20.36
C1C CHL FCA . -78.94 24.52 -19.90
C2C CHL FCA . -78.00 25.62 -19.61
C3C CHL FCA . -78.67 26.79 -19.89
C4C CHL FCA . -79.97 26.46 -20.39
CMC CHL FCA . -76.63 25.59 -19.19
OMC CHL FCA . -75.98 24.60 -18.96
CAC CHL FCA . -78.16 28.18 -19.62
CBC CHL FCA . -77.35 28.74 -20.77
ND CHL FCA . -82.54 25.64 -21.37
C1D CHL FCA . -82.15 26.94 -21.35
C2D CHL FCA . -83.16 27.78 -21.89
C3D CHL FCA . -84.18 26.94 -22.27
C4D CHL FCA . -83.79 25.63 -21.95
CMD CHL FCA . -83.06 29.27 -22.03
CAD CHL FCA . -85.48 26.85 -22.91
OBD CHL FCA . -86.19 27.76 -23.31
CBD CHL FCA . -85.85 25.38 -22.99
CGD CHL FCA . -87.25 25.16 -22.42
O1D CHL FCA . -87.58 25.41 -21.30
O2D CHL FCA . -88.05 24.64 -23.35
CED CHL FCA . -89.41 24.38 -22.95
MG CLA GCA . -89.53 31.95 -27.59
CHA CLA GCA . -86.52 31.81 -29.29
CHB CLA GCA . -91.07 33.32 -30.35
CHC CLA GCA . -92.37 31.87 -25.92
CHD CLA GCA . -87.89 30.58 -24.77
NA CLA GCA . -88.89 32.49 -29.62
C1A CLA GCA . -87.66 32.36 -30.12
C2A CLA GCA . -87.56 32.84 -31.53
C3A CLA GCA . -88.97 33.35 -31.81
C4A CLA GCA . -89.71 33.04 -30.55
CMA CLA GCA . -89.07 34.74 -32.37
CAA CLA GCA . -87.37 31.66 -32.49
CBA CLA GCA . -88.05 30.38 -32.00
CGA CLA GCA . -89.05 29.81 -32.99
O1A CLA GCA . -89.11 28.61 -33.13
O2A CLA GCA . -89.86 30.62 -33.66
NB CLA GCA . -91.43 32.49 -28.07
C1B CLA GCA . -91.88 33.08 -29.22
C2B CLA GCA . -93.27 33.40 -29.11
C3B CLA GCA . -93.64 32.99 -27.85
C4B CLA GCA . -92.46 32.41 -27.21
CMB CLA GCA . -94.10 34.05 -30.17
CAB CLA GCA . -94.97 33.08 -27.20
CBB CLA GCA . -96.23 32.57 -27.90
NC CLA GCA . -90.05 31.25 -25.68
C1C CLA GCA . -91.27 31.37 -25.17
C2C CLA GCA . -91.34 30.94 -23.74
C3C CLA GCA . -90.05 30.56 -23.46
C4C CLA GCA . -89.26 30.75 -24.66
CMC CLA GCA . -92.54 30.93 -22.84
CAC CLA GCA . -89.52 30.02 -22.15
CBC CLA GCA . -89.39 28.51 -22.20
ND CLA GCA . -87.72 31.32 -27.06
C1D CLA GCA . -87.14 30.79 -25.95
C2D CLA GCA . -85.73 30.52 -26.14
C3D CLA GCA . -85.51 30.92 -27.45
C4D CLA GCA . -86.69 31.39 -27.98
CMD CLA GCA . -84.64 29.97 -25.26
CAD CLA GCA . -84.46 31.02 -28.45
OBD CLA GCA . -83.30 30.72 -28.31
CBD CLA GCA . -85.07 31.66 -29.66
CGD CLA GCA . -84.45 33.01 -29.83
O1D CLA GCA . -83.31 33.11 -30.28
O2D CLA GCA . -85.12 34.11 -29.51
CED CLA GCA . -84.99 35.20 -30.41
C1 CLA GCA . -91.22 30.85 -33.18
C2 CLA GCA . -91.79 30.04 -32.05
C3 CLA GCA . -93.09 30.12 -31.70
C4 CLA GCA . -94.03 31.02 -32.44
C5 CLA GCA . -93.67 29.32 -30.57
C6 CLA GCA . -94.95 28.63 -31.02
C7 CLA GCA . -95.79 28.23 -29.82
C8 CLA GCA . -96.61 26.98 -30.14
C9 CLA GCA . -97.75 27.29 -31.09
C10 CLA GCA . -97.14 26.38 -28.84
C11 CLA GCA . -96.01 26.08 -27.86
C12 CLA GCA . -96.46 25.12 -26.77
C13 CLA GCA . -96.45 25.79 -25.40
C14 CLA GCA . -96.32 24.77 -24.29
C15 CLA GCA . -97.69 26.65 -25.22
MG CLA HCA . -101.84 34.97 -27.89
CHA CLA HCA . -100.08 33.51 -30.51
CHB CLA HCA . -102.87 37.54 -29.94
CHC CLA HCA . -103.56 36.21 -25.35
CHD CLA HCA . -100.80 32.32 -25.79
NA CLA HCA . -101.52 35.48 -30.02
C1A CLA HCA . -100.79 34.80 -30.90
C2A CLA HCA . -100.77 35.48 -32.26
C3A CLA HCA . -101.65 36.73 -32.02
C4A CLA HCA . -102.04 36.60 -30.58
CMA CLA HCA . -101.21 38.08 -32.57
CAA CLA HCA . -101.34 34.58 -33.37
CBA CLA HCA . -102.64 35.03 -34.04
CGA CLA HCA . -102.38 35.92 -35.24
O1A CLA HCA . -101.49 35.66 -36.03
O2A CLA HCA . -103.16 36.99 -35.38
NB CLA HCA . -103.04 36.61 -27.68
C1B CLA HCA . -103.33 37.57 -28.62
C2B CLA HCA . -104.19 38.58 -28.04
C3B CLA HCA . -104.37 38.19 -26.74
C4B CLA HCA . -103.63 36.95 -26.53
CMB CLA HCA . -104.75 39.79 -28.71
CAB CLA HCA . -105.17 38.90 -25.71
CBB CLA HCA . -106.38 38.25 -25.08
NC CLA HCA . -102.17 34.33 -25.92
C1C CLA HCA . -102.89 35.01 -25.03
C2C CLA HCA . -102.90 34.38 -23.69
C3C CLA HCA . -102.13 33.25 -23.83
C4C CLA HCA . -101.68 33.24 -25.22
CMC CLA HCA . -103.62 34.87 -22.46
CAC CLA HCA . -101.82 32.23 -22.76
CBC CLA HCA . -102.72 31.03 -22.90
ND CLA HCA . -100.76 33.32 -28.01
C1D CLA HCA . -100.38 32.33 -27.15
C2D CLA HCA . -99.51 31.35 -27.78
C3D CLA HCA . -99.41 31.82 -29.08
C4D CLA HCA . -100.15 32.99 -29.21
CMD CLA HCA . -98.82 30.10 -27.31
CAD CLA HCA . -98.78 31.51 -30.34
OBD CLA HCA . -97.84 30.75 -30.48
CBD CLA HCA . -99.25 32.54 -31.33
CGD CLA HCA . -98.03 33.14 -32.01
O1D CLA HCA . -97.32 32.45 -32.72
O2D CLA HCA . -97.70 34.42 -31.87
CED CLA HCA . -97.16 35.00 -33.06
C1 CLA HCA . -104.42 36.88 -36.09
C2 CLA HCA . -104.50 36.85 -37.59
C3 CLA HCA . -105.55 37.38 -38.23
C4 CLA HCA . -105.63 37.34 -39.73
C5 CLA HCA . -106.71 38.02 -37.50
C6 CLA HCA . -107.23 39.26 -38.23
C7 CLA HCA . -107.10 40.52 -37.37
C8 CLA HCA . -108.41 40.90 -36.70
C9 CLA HCA . -109.54 41.06 -37.71
C10 CLA HCA . -108.22 42.18 -35.90
C11 CLA HCA . -109.29 42.32 -34.81
C12 CLA HCA . -108.69 42.78 -33.50
C13 CLA HCA . -108.31 41.60 -32.62
C14 CLA HCA . -109.53 40.73 -32.30
C15 CLA HCA . -107.61 42.09 -31.35
C16 CLA HCA . -108.59 42.61 -30.30
C17 CLA HCA . -108.10 42.26 -28.90
C18 CLA HCA . -109.23 41.72 -28.04
C19 CLA HCA . -109.75 40.39 -28.60
C20 CLA HCA . -108.79 41.56 -26.59
MG CLA ICA . -103.74 44.79 -10.91
CHA CLA ICA . -106.19 45.06 -8.49
CHB CLA ICA . -106.13 44.17 -13.34
CHC CLA ICA . -101.33 44.65 -13.16
CHD CLA ICA . -101.31 45.43 -8.43
NA CLA ICA . -105.95 44.63 -10.93
C1A CLA ICA . -106.75 44.76 -9.87
C2A CLA ICA . -108.21 44.56 -10.23
C3A CLA ICA . -108.14 44.28 -11.74
C4A CLA ICA . -106.67 44.36 -12.04
CMA CLA ICA . -108.97 43.15 -12.32
CAA CLA ICA . -109.03 45.83 -10.04
CBA CLA ICA . -108.24 47.11 -10.34
CGA CLA ICA . -108.96 48.27 -9.72
O1A CLA ICA . -110.13 48.12 -9.39
O2A CLA ICA . -108.35 49.43 -9.55
NB CLA ICA . -103.74 44.47 -12.93
C1B CLA ICA . -104.78 44.21 -13.76
C2B CLA ICA . -104.30 44.00 -15.10
C3B CLA ICA . -102.95 44.14 -15.04
C4B CLA ICA . -102.61 44.44 -13.65
CMB CLA ICA . -105.12 43.69 -16.32
CAB CLA ICA . -101.95 44.03 -16.13
CBB CLA ICA . -101.77 42.73 -16.88
NC CLA ICA . -101.67 45.07 -10.83
C1C CLA ICA . -100.85 44.91 -11.86
C2C CLA ICA . -99.42 45.05 -11.50
C3C CLA ICA . -99.43 45.29 -10.16
C4C CLA ICA . -100.84 45.30 -9.75
CMC CLA ICA . -98.23 44.93 -12.42
CAC CLA ICA . -98.22 45.51 -9.29
CBC CLA ICA . -97.89 46.98 -9.24
ND CLA ICA . -103.66 45.15 -8.97
C1D CLA ICA . -102.67 45.40 -8.06
C2D CLA ICA . -103.21 45.63 -6.72
C3D CLA ICA . -104.58 45.49 -6.91
C4D CLA ICA . -104.83 45.21 -8.25
CMD CLA ICA . -102.60 45.94 -5.38
CAD CLA ICA . -105.83 45.54 -6.19
OBD CLA ICA . -105.96 45.53 -4.97
CBD CLA ICA . -106.92 45.22 -7.17
CGD CLA ICA . -107.57 43.93 -6.78
O1D CLA ICA . -108.41 43.91 -5.90
O2D CLA ICA . -107.23 42.79 -7.39
CED CLA ICA . -108.30 41.89 -7.67
C1 CLA ICA . -107.81 50.17 -10.68
C2 CLA ICA . -106.37 50.62 -10.70
C3 CLA ICA . -106.06 51.89 -11.03
C4 CLA ICA . -107.11 52.90 -11.38
C5 CLA ICA . -104.63 52.39 -11.05
C6 CLA ICA . -104.15 52.51 -12.49
C7 CLA ICA . -103.64 53.92 -12.79
C8 CLA ICA . -102.15 53.90 -13.11
C9 CLA ICA . -101.44 55.09 -12.47
C10 CLA ICA . -101.95 53.91 -14.62
MG CLA JCA . -97.78 52.74 -4.56
CHA CLA JCA . -97.28 49.32 -4.85
CHB CLA JCA . -94.92 53.04 -2.63
CHC CLA JCA . -98.30 56.01 -4.43
CHD CLA JCA . -100.68 52.45 -6.57
NA CLA JCA . -96.23 51.34 -3.82
C1A CLA JCA . -96.19 50.02 -4.04
C2A CLA JCA . -95.01 49.37 -3.36
C3A CLA JCA . -94.31 50.56 -2.68
C4A CLA JCA . -95.18 51.73 -3.06
CMA CLA JCA . -93.78 50.44 -1.25
CAA CLA JCA . -93.98 48.67 -4.27
CBA CLA JCA . -94.03 48.99 -5.76
CGA CLA JCA . -93.12 50.14 -6.13
O1A CLA JCA . -91.99 50.17 -5.68
O2A CLA JCA . -93.55 51.08 -6.96
NB CLA JCA . -96.77 54.28 -3.68
C1B CLA JCA . -95.63 54.22 -2.91
C2B CLA JCA . -95.29 55.54 -2.44
C3B CLA JCA . -96.26 56.37 -2.94
C4B CLA JCA . -97.18 55.55 -3.73
CMB CLA JCA . -94.13 55.92 -1.56
CAB CLA JCA . -96.38 57.83 -2.75
CBB CLA JCA . -97.53 58.41 -1.96
NC CLA JCA . -99.23 54.01 -5.40
C1C CLA JCA . -99.27 55.32 -5.19
C2C CLA JCA . -100.42 55.99 -5.83
C3C CLA JCA . -101.10 54.96 -6.46
C4C CLA JCA . -100.34 53.74 -6.17
CMC CLA JCA . -100.73 57.47 -5.79
CAC CLA JCA . -102.35 55.07 -7.29
CBC CLA JCA . -103.58 55.36 -6.45
ND CLA JCA . -98.78 51.34 -5.53
C1D CLA JCA . -99.93 51.28 -6.26
C2D CLA JCA . -100.26 49.92 -6.63
C3D CLA JCA . -99.23 49.17 -6.08
C4D CLA JCA . -98.34 50.03 -5.42
CMD CLA JCA . -101.38 49.28 -7.42
CAD CLA JCA . -98.74 47.81 -5.95
OBD CLA JCA . -99.37 46.81 -6.24
CBD CLA JCA . -97.45 47.85 -5.19
CGD CLA JCA . -97.57 47.00 -3.95
O1D CLA JCA . -98.67 46.73 -3.48
O2D CLA JCA . -96.49 46.51 -3.36
CED CLA JCA . -96.53 45.14 -3.00
C1 CLA JCA . -94.94 51.55 -6.99
C2 CLA JCA . -96.02 50.90 -7.85
C3 CLA JCA . -96.98 51.63 -8.43
C4 CLA JCA . -97.06 53.12 -8.26
C5 CLA JCA . -98.06 51.00 -9.28
MG CHL KCA . -109.91 46.66 -15.31
CHA CHL KCA . -109.92 49.87 -14.19
CHB CHL KCA . -107.63 47.56 -17.73
CHC CHL KCA . -109.88 43.58 -16.32
CHD CHL KCA . -112.29 45.88 -12.78
NA CHL KCA . -108.95 48.39 -15.84
C1A CHL KCA . -109.06 49.62 -15.24
C2A CHL KCA . -108.15 50.65 -15.90
C3A CHL KCA . -107.64 49.95 -17.13
C4A CHL KCA . -108.10 48.53 -16.91
CMA CHL KCA . -107.78 50.60 -18.50
CAA CHL KCA . -107.00 51.13 -14.99
CBA CHL KCA . -106.14 52.23 -15.60
CGA CHL KCA . -106.93 53.31 -16.27
NB CHL KCA . -108.88 45.72 -16.80
C1B CHL KCA . -107.97 46.23 -17.67
C2B CHL KCA . -107.46 45.18 -18.49
C3B CHL KCA . -108.10 43.99 -18.09
C4B CHL KCA . -109.00 44.37 -17.02
CMB CHL KCA . -106.43 45.37 -19.57
CAB CHL KCA . -107.91 42.62 -18.57
CBB CHL KCA . -107.02 42.02 -19.65
NC CHL KCA . -110.96 45.03 -14.63
C1C CHL KCA . -110.77 43.84 -15.28
C2C CHL KCA . -111.65 42.86 -14.64
C3C CHL KCA . -112.32 43.52 -13.63
C4C CHL KCA . -111.89 44.88 -13.62
CMC CHL KCA . -111.87 41.45 -14.93
OMC CHL KCA . -111.31 40.82 -15.81
CAC CHL KCA . -113.30 42.90 -12.68
CBC CHL KCA . -114.71 42.89 -13.22
ND CHL KCA . -110.94 47.58 -13.81
C1D CHL KCA . -111.84 47.19 -12.85
C2D CHL KCA . -112.18 48.30 -12.03
C3D CHL KCA . -111.47 49.38 -12.52
C4D CHL KCA . -110.71 48.91 -13.61
CMD CHL KCA . -113.13 48.27 -10.87
CAD CHL KCA . -111.18 50.79 -12.36
OBD CHL KCA . -111.64 51.56 -11.54
CBD CHL KCA . -110.20 51.18 -13.43
CGD CHL KCA . -110.78 52.28 -14.32
O1D CHL KCA . -111.89 52.27 -14.77
O2D CHL KCA . -109.88 53.23 -14.55
CED CHL KCA . -110.30 54.32 -15.40
MG CHL LCA . -112.62 37.22 -17.19
CHA CHL LCA . -114.74 35.31 -15.31
CHB CHL LCA . -110.42 34.60 -17.32
CHC CHL LCA . -110.64 39.05 -19.06
CHD CHL LCA . -114.95 39.85 -16.93
NA CHL LCA . -112.60 35.31 -16.44
C1A CHL LCA . -113.59 34.66 -15.73
C2A CHL LCA . -113.23 33.21 -15.45
C3A CHL LCA . -111.80 33.11 -15.91
C4A CHL LCA . -111.55 34.42 -16.60
CMA CHL LCA . -110.73 32.51 -14.99
CAA CHL LCA . -114.14 32.21 -16.18
CBA CHL LCA . -114.21 32.40 -17.68
NB CHL LCA . -110.79 36.87 -18.05
C1B CHL LCA . -110.05 35.73 -18.00
C2B CHL LCA . -108.88 35.92 -18.78
C3B CHL LCA . -108.91 37.18 -19.33
C4B CHL LCA . -110.15 37.79 -18.84
CMB CHL LCA . -107.79 34.91 -18.95
CAB CHL LCA . -107.90 37.70 -20.26
CBB CHL LCA . -107.85 39.01 -21.01
NC CHL LCA . -112.79 39.15 -17.86
C1C CHL LCA . -111.81 39.68 -18.64
C2C CHL LCA . -112.20 41.06 -18.94
C3C CHL LCA . -113.42 41.27 -18.34
C4C CHL LCA . -113.80 40.06 -17.65
CMC CHL LCA . -111.53 42.08 -19.72
OMC CHL LCA . -110.46 41.96 -20.28
CAC CHL LCA . -114.22 42.53 -18.38
CBC CHL LCA . -115.39 42.45 -19.34
ND CHL LCA . -114.43 37.59 -16.35
C1D CHL LCA . -115.27 38.67 -16.31
C2D CHL LCA . -116.43 38.36 -15.55
C3D CHL LCA . -116.28 37.06 -15.12
C4D CHL LCA . -115.05 36.60 -15.63
CMD CHL LCA . -117.57 39.30 -15.29
CAD CHL LCA . -116.86 35.96 -14.37
OBD CHL LCA . -117.92 35.94 -13.77
CBD CHL LCA . -115.89 34.79 -14.43
CGD CHL LCA . -115.45 34.40 -13.03
O1D CHL LCA . -114.98 35.14 -12.22
O2D CHL LCA . -115.67 33.10 -12.82
CED CHL LCA . -115.27 32.60 -11.51
MG CHL MCA . -97.60 52.46 -26.39
CHA CHL MCA . -96.73 49.74 -24.57
CHB CHL MCA . -99.56 53.54 -23.73
CHC CHL MCA . -98.31 55.13 -28.06
CHD CHL MCA . -95.57 51.23 -29.05
NA CHL MCA . -98.07 51.76 -24.52
C1A CHL MCA . -97.52 50.66 -23.91
C2A CHL MCA . -97.96 50.56 -22.45
C3A CHL MCA . -99.07 51.55 -22.35
C4A CHL MCA . -98.93 52.35 -23.62
CMA CHL MCA . -100.44 51.08 -21.89
CAA CHL MCA . -96.78 50.90 -21.53
CBA CHL MCA . -95.94 52.09 -21.98
CGA CHL MCA . -94.84 52.47 -21.03
O1A CHL MCA . -94.30 53.54 -20.99
O2A CHL MCA . -94.55 51.47 -20.23
NB CHL MCA . -98.78 54.07 -25.94
C1B CHL MCA . -99.50 54.36 -24.83
C2B CHL MCA . -100.12 55.63 -25.00
C3B CHL MCA . -99.78 56.11 -26.24
C4B CHL MCA . -98.92 55.10 -26.84
CMB CHL MCA . -100.98 56.30 -23.98
CAB CHL MCA . -100.23 57.41 -26.75
CBB CHL MCA . -99.90 58.08 -28.07
NC CHL MCA . -97.01 53.03 -28.28
C1C CHL MCA . -97.47 54.23 -28.73
C2C CHL MCA . -96.89 54.44 -30.06
C3C CHL MCA . -96.13 53.34 -30.32
C4C CHL MCA . -96.19 52.44 -29.20
CMC CHL MCA . -97.04 55.55 -30.97
OMC CHL MCA . -97.71 56.55 -30.78
CAC CHL MCA . -95.35 53.10 -31.59
CBC CHL MCA . -94.00 53.78 -31.60
ND CHL MCA . -96.41 50.86 -26.83
C1D CHL MCA . -95.70 50.43 -27.91
C2D CHL MCA . -95.12 49.16 -27.64
C3D CHL MCA . -95.50 48.85 -26.34
C4D CHL MCA . -96.29 49.89 -25.87
CMD CHL MCA . -94.25 48.39 -28.58
CAD CHL MCA . -95.38 47.86 -25.27
OBD CHL MCA . -94.81 46.79 -25.29
CBD CHL MCA . -96.13 48.42 -24.07
CGD CHL MCA . -97.16 47.41 -23.56
O1D CHL MCA . -98.34 47.46 -23.78
O2D CHL MCA . -96.58 46.47 -22.82
CED CHL MCA . -97.47 45.52 -22.19
C1 CHL MCA . -93.59 51.61 -19.15
C2 CHL MCA . -94.33 51.90 -17.90
C3 CHL MCA . -94.06 52.95 -17.14
C4 CHL MCA . -92.98 53.95 -17.44
C5 CHL MCA . -94.83 53.19 -15.87
C6 CHL MCA . -95.49 54.56 -15.80
C7 CHL MCA . -96.35 54.74 -14.57
C8 CHL MCA . -95.65 54.46 -13.24
C9 CHL MCA . -94.55 55.48 -12.96
C10 CHL MCA . -96.73 54.48 -12.15
C11 CHL MCA . -97.13 55.86 -11.66
C12 CHL MCA . -98.23 55.84 -10.61
C13 CHL MCA . -98.59 57.19 -10.00
C14 CHL MCA . -98.15 57.27 -8.54
C15 CHL MCA . -100.01 57.69 -10.17
MG CLA NCA . -103.99 43.49 -28.42
CHA CLA NCA . -101.54 42.00 -30.37
CHB CLA NCA . -105.22 45.16 -31.17
CHC CLA NCA . -106.35 44.76 -26.49
CHD CLA NCA . -102.72 41.76 -25.61
NA CLA NCA . -103.46 43.58 -30.57
C1A CLA NCA . -102.45 42.93 -31.16
C2A CLA NCA . -102.38 43.24 -32.64
C3A CLA NCA . -103.53 44.25 -32.83
C4A CLA NCA . -104.12 44.35 -31.46
CMA CLA NCA . -103.27 45.53 -33.62
CAA CLA NCA . -102.67 41.96 -33.44
CBA CLA NCA . -103.97 41.95 -34.24
CGA CLA NCA . -104.70 40.64 -34.08
O1A CLA NCA . -104.81 39.90 -35.04
O2A CLA NCA . -105.20 40.33 -32.89
NB CLA NCA . -105.55 44.75 -28.77
C1B CLA NCA . -105.89 45.37 -29.95
C2B CLA NCA . -107.04 46.22 -29.74
C3B CLA NCA . -107.34 46.10 -28.41
C4B CLA NCA . -106.39 45.16 -27.82
CMB CLA NCA . -107.72 47.07 -30.79
CAB CLA NCA . -108.42 46.75 -27.63
CBB CLA NCA . -109.87 46.67 -28.07
NC CLA NCA . -104.49 43.24 -26.39
C1C CLA NCA . -105.47 43.90 -25.79
C2C CLA NCA . -105.55 43.63 -24.34
C3C CLA NCA . -104.53 42.75 -24.11
C4C CLA NCA . -103.87 42.52 -25.39
CMC CLA NCA . -106.54 44.19 -23.35
CAC CLA NCA . -104.16 42.15 -22.77
CBC CLA NCA . -104.94 40.87 -22.57
ND CLA NCA . -102.56 42.19 -27.99
C1D CLA NCA . -102.09 41.58 -26.86
C2D CLA NCA . -100.89 40.79 -27.12
C3D CLA NCA . -100.69 40.95 -28.49
C4D CLA NCA . -101.69 41.79 -29.00
CMD CLA NCA . -100.00 39.95 -26.26
CAD CLA NCA . -99.79 40.57 -29.56
OBD CLA NCA . -98.61 40.29 -29.42
CBD CLA NCA . -100.36 41.16 -30.82
CGD CLA NCA . -99.33 42.01 -31.51
O1D CLA NCA . -99.18 43.17 -31.19
O2D CLA NCA . -98.56 41.52 -32.48
CED CLA NCA . -97.18 41.88 -32.43
C1 CLA NCA . -105.28 38.95 -32.42
C2 CLA NCA . -106.20 37.93 -33.05
C3 CLA NCA . -106.68 36.90 -32.34
C4 CLA NCA . -107.59 35.88 -32.96
C5 CLA NCA . -106.36 36.70 -30.88
C6 CLA NCA . -105.77 35.32 -30.65
C7 CLA NCA . -106.42 34.64 -29.46
C8 CLA NCA . -105.36 34.28 -28.42
C9 CLA NCA . -104.58 33.04 -28.86
C10 CLA NCA . -106.03 34.14 -27.04
C11 CLA NCA . -106.19 32.71 -26.55
C12 CLA NCA . -105.32 32.45 -25.32
C13 CLA NCA . -106.13 32.03 -24.11
C14 CLA NCA . -107.13 30.92 -24.45
C15 CLA NCA . -106.85 33.24 -23.52
MG CLA OCA . -89.43 47.94 -20.52
CHA CLA OCA . -88.20 50.30 -22.73
CHB CLA OCA . -86.23 47.02 -19.66
CHC CLA OCA . -90.71 45.80 -18.37
CHD CLA OCA . -92.72 48.87 -21.45
NA CLA OCA . -87.41 48.59 -21.11
C1A CLA OCA . -87.11 49.53 -22.01
C2A CLA OCA . -85.62 49.67 -22.20
C3A CLA OCA . -85.05 48.60 -21.26
C4A CLA OCA . -86.28 48.03 -20.63
CMA CLA OCA . -84.00 47.65 -21.83
CAA CLA OCA . -85.18 51.07 -21.74
CBA CLA OCA . -84.46 51.16 -20.38
CGA CLA OCA . -85.44 51.36 -19.25
O1A CLA OCA . -86.64 51.32 -19.49
O2A CLA OCA . -84.97 51.54 -18.04
NB CLA OCA . -88.61 46.62 -19.22
C1B CLA OCA . -87.29 46.37 -18.99
C2B CLA OCA . -87.14 45.35 -17.99
C3B CLA OCA . -88.42 45.01 -17.64
C4B CLA OCA . -89.33 45.82 -18.42
CMB CLA OCA . -85.86 44.78 -17.46
CAB CLA OCA . -88.85 44.01 -16.64
CBB CLA OCA . -88.55 44.24 -15.18
NC CLA OCA . -91.40 47.51 -19.92
C1C CLA OCA . -91.70 46.54 -19.07
C2C CLA OCA . -93.14 46.31 -18.92
C3C CLA OCA . -93.71 47.24 -19.75
C4C CLA OCA . -92.62 47.97 -20.38
CMC CLA OCA . -93.81 45.31 -18.03
CAC CLA OCA . -95.18 47.45 -19.98
CBC CLA OCA . -95.69 48.49 -18.99
ND CLA OCA . -90.34 49.23 -21.72
C1D CLA OCA . -91.62 49.52 -22.05
C2D CLA OCA . -91.69 50.54 -23.09
C3D CLA OCA . -90.36 50.84 -23.35
C4D CLA OCA . -89.56 50.05 -22.52
CMD CLA OCA . -92.83 51.22 -23.82
CAD CLA OCA . -89.51 51.69 -24.16
OBD CLA OCA . -89.84 52.25 -25.19
CBD CLA OCA . -88.09 51.40 -23.77
CGD CLA OCA . -87.36 50.85 -24.96
O1D CLA OCA . -87.88 50.01 -25.66
O2D CLA OCA . -86.13 51.28 -25.24
CED CLA OCA . -85.99 52.07 -26.43
C1 CLA OCA . -84.47 50.41 -17.27
C2 CLA OCA . -85.36 49.26 -16.86
C3 CLA OCA . -85.34 48.80 -15.60
C4 CLA OCA . -84.44 49.39 -14.57
C5 CLA OCA . -86.22 47.65 -15.16
C6 CLA OCA . -86.75 47.93 -13.75
C7 CLA OCA . -88.27 48.04 -13.71
C8 CLA OCA . -88.73 48.65 -12.38
C9 CLA OCA . -89.00 47.54 -11.36
C10 CLA OCA . -89.96 49.51 -12.62
C11 CLA OCA . -90.61 49.97 -11.31
C12 CLA OCA . -90.57 51.48 -11.14
C13 CLA OCA . -91.97 52.05 -10.94
C14 CLA OCA . -92.70 52.16 -12.27
C15 CLA OCA . -91.87 53.40 -10.24
C16 CLA OCA . -93.13 53.71 -9.43
C17 CLA OCA . -92.82 54.62 -8.25
C18 CLA OCA . -94.07 55.35 -7.76
C19 CLA OCA . -93.95 55.72 -6.29
C20 CLA OCA . -94.38 56.56 -8.62
MG CLA PCA . -79.45 33.95 -13.81
CHA CLA PCA . -79.23 37.10 -15.18
CHB CLA PCA . -76.02 33.81 -13.43
CHC CLA PCA . -79.82 30.99 -12.41
CHD CLA PCA . -82.98 34.14 -14.11
NA CLA PCA . -77.77 35.32 -14.24
C1A CLA PCA . -77.88 36.53 -14.79
C2A CLA PCA . -76.52 37.20 -14.96
C3A CLA PCA . -75.56 36.13 -14.42
C4A CLA PCA . -76.47 35.01 -14.00
CMA CLA PCA . -74.28 35.81 -15.18
CAA CLA PCA . -76.40 38.50 -14.15
CBA CLA PCA . -75.88 38.36 -12.72
CGA CLA PCA . -77.03 38.19 -11.76
O1A CLA PCA . -78.16 38.08 -12.20
O2A CLA PCA . -76.79 38.14 -10.47
NB CLA PCA . -78.14 32.61 -13.03
C1B CLA PCA . -76.77 32.71 -13.00
C2B CLA PCA . -76.23 31.51 -12.42
C3B CLA PCA . -77.30 30.70 -12.14
C4B CLA PCA . -78.50 31.43 -12.53
CMB CLA PCA . -74.77 31.21 -12.21
CAB CLA PCA . -77.26 29.36 -11.53
CBB CLA PCA . -77.85 29.13 -10.15
NC CLA PCA . -81.14 32.78 -13.30
C1C CLA PCA . -81.05 31.54 -12.83
C2C CLA PCA . -82.34 30.84 -12.80
C3C CLA PCA . -83.24 31.75 -13.30
C4C CLA PCA . -82.46 32.95 -13.60
CMC CLA PCA . -82.59 29.43 -12.34
CAC CLA PCA . -84.72 31.54 -13.51
CBC CLA PCA . -85.54 32.25 -12.46
ND CLA PCA . -80.83 35.20 -14.46
C1D CLA PCA . -82.19 35.24 -14.53
C2D CLA PCA . -82.69 36.49 -15.07
C3D CLA PCA . -81.52 37.21 -15.31
C4D CLA PCA . -80.42 36.42 -14.95
CMD CLA PCA . -84.06 37.05 -15.34
CAD CLA PCA . -81.06 38.47 -15.84
OBD CLA PCA . -81.61 38.96 -16.79
CBD CLA PCA . -79.57 38.42 -15.82
CGD CLA PCA . -79.08 38.38 -17.24
O1D CLA PCA . -79.39 37.46 -17.97
O2D CLA PCA . -78.31 39.35 -17.72
CED CLA PCA . -78.86 40.10 -18.80
C1 CLA PCA . -77.89 37.99 -9.52
C2 CLA PCA . -78.98 39.03 -9.38
C3 CLA PCA . -79.69 39.16 -8.25
C4 CLA PCA . -79.45 38.30 -7.04
C5 CLA PCA . -80.77 40.21 -8.12
C6 CLA PCA . -82.13 39.53 -8.00
C7 CLA PCA . -83.26 40.56 -8.07
C8 CLA PCA . -84.48 40.15 -7.25
C9 CLA PCA . -84.81 38.67 -7.43
C10 CLA PCA . -85.67 41.03 -7.65
C11 CLA PCA . -86.75 41.05 -6.58
C12 CLA PCA . -88.09 40.56 -7.13
C13 CLA PCA . -88.76 39.61 -6.14
C14 CLA PCA . -88.38 38.16 -6.42
C15 CLA PCA . -90.27 39.84 -6.13
C16 CLA PCA . -91.02 39.02 -7.20
C17 CLA PCA . -92.05 38.09 -6.55
C18 CLA PCA . -93.44 38.23 -7.17
C19 CLA PCA . -93.88 39.69 -7.23
C20 CLA PCA . -93.51 37.57 -8.53
MG CLA QCA . -86.08 40.65 -11.11
CHA CLA QCA . -82.94 41.94 -11.75
CHB CLA QCA . -87.48 43.79 -11.27
CHC CLA QCA . -89.03 39.28 -10.61
CHD CLA QCA . -84.64 37.41 -10.97
NA CLA QCA . -85.30 42.68 -11.49
C1A CLA QCA . -84.03 43.00 -11.71
C2A CLA QCA . -83.86 44.48 -11.90
C3A CLA QCA . -85.28 45.02 -11.73
C4A CLA QCA . -86.08 43.78 -11.49
CMA CLA QCA . -85.52 46.21 -10.80
CAA CLA QCA . -83.36 44.80 -13.31
CBA CLA QCA . -82.90 46.25 -13.41
CGA CLA QCA . -81.77 46.47 -12.44
O1A CLA QCA . -80.79 45.74 -12.48
O2A CLA QCA . -81.86 47.46 -11.57
NB CLA QCA . -87.95 41.42 -10.98
C1B CLA QCA . -88.35 42.72 -11.04
C2B CLA QCA . -89.77 42.82 -10.81
C3B CLA QCA . -90.20 41.53 -10.62
C4B CLA QCA . -89.03 40.66 -10.73
CMB CLA QCA . -90.55 44.11 -10.81
CAB CLA QCA . -91.54 40.93 -10.35
CBB CLA QCA . -92.82 41.67 -10.08
NC CLA QCA . -86.74 38.66 -10.95
C1C CLA QCA . -87.98 38.34 -10.63
C2C CLA QCA . -88.14 36.91 -10.27
C3C CLA QCA . -86.89 36.39 -10.42
C4C CLA QCA . -86.02 37.48 -10.84
CMC CLA QCA . -89.41 36.21 -9.86
CAC CLA QCA . -86.47 34.96 -10.18
CBC CLA QCA . -86.02 34.81 -8.74
ND CLA QCA . -84.30 39.79 -11.29
C1D CLA QCA . -83.81 38.52 -11.25
C2D CLA QCA . -82.37 38.48 -11.49
C3D CLA QCA . -82.05 39.81 -11.69
C4D CLA QCA . -83.20 40.58 -11.56
CMD CLA QCA . -81.35 37.38 -11.56
CAD CLA QCA . -80.93 40.68 -11.98
OBD CLA QCA . -79.88 40.34 -12.47
CBD CLA QCA . -81.44 42.09 -11.91
CGD CLA QCA . -80.83 42.69 -10.68
O1D CLA QCA . -79.64 42.54 -10.46
O2D CLA QCA . -81.57 43.38 -9.82
CED CLA QCA . -81.03 44.63 -9.39
MG CLA RCA . -95.25 24.92 -10.84
CHA CLA RCA . -97.42 23.43 -8.60
CHB CLA RCA . -93.48 26.37 -8.26
CHC CLA RCA . -93.15 26.19 -13.08
CHD CLA RCA . -97.03 23.42 -13.49
NA CLA RCA . -95.41 24.91 -8.64
C1A CLA RCA . -96.35 24.26 -7.93
C2A CLA RCA . -96.18 24.50 -6.44
C3A CLA RCA . -94.94 25.40 -6.38
C4A CLA RCA . -94.57 25.59 -7.83
CMA CLA RCA . -94.94 26.59 -5.43
CAA CLA RCA . -95.90 23.20 -5.67
CBA CLA RCA . -94.59 22.53 -6.07
CGA CLA RCA . -94.82 21.48 -7.13
O1A CLA RCA . -95.88 20.88 -7.15
O2A CLA RCA . -93.84 21.23 -7.98
NB CLA RCA . -93.57 26.09 -10.70
C1B CLA RCA . -93.01 26.62 -9.58
C2B CLA RCA . -91.87 27.42 -9.94
C3B CLA RCA . -91.80 27.36 -11.30
C4B CLA RCA . -92.88 26.52 -11.76
CMB CLA RCA . -90.95 28.19 -9.03
CAB CLA RCA . -90.82 28.03 -12.20
CBB CLA RCA . -90.77 29.53 -12.31
NC CLA RCA . -95.09 24.79 -12.95
C1C CLA RCA . -94.17 25.41 -13.67
C2C CLA RCA . -94.33 25.22 -15.13
C3C CLA RCA . -95.43 24.41 -15.23
C4C CLA RCA . -95.90 24.14 -13.86
CMC CLA RCA . -93.45 25.79 -16.20
CAC CLA RCA . -96.04 23.88 -16.51
CBC CLA RCA . -96.85 24.95 -17.21
ND CLA RCA . -96.79 23.73 -11.10
C1D CLA RCA . -97.45 23.19 -12.16
C2D CLA RCA . -98.62 22.40 -11.75
C3D CLA RCA . -98.59 22.51 -10.36
C4D CLA RCA . -97.49 23.29 -9.98
CMD CLA RCA . -99.67 21.63 -12.49
CAD CLA RCA . -99.30 22.09 -9.17
OBD CLA RCA . -100.40 21.56 -9.15
CBD CLA RCA . -98.56 22.62 -7.98
CGD CLA RCA . -99.47 23.46 -7.13
O1D CLA RCA . -100.40 24.08 -7.61
O2D CLA RCA . -99.27 23.51 -5.82
CED CLA RCA . -99.96 22.52 -5.06
C1 CLA RCA . -93.89 21.72 -9.35
C2 CLA RCA . -94.70 21.05 -10.43
C3 CLA RCA . -94.09 20.56 -11.52
C4 CLA RCA . -94.88 19.91 -12.61
C5 CLA RCA . -92.60 20.63 -11.72
C6 CLA RCA . -92.25 21.49 -12.94
C7 CLA RCA . -91.69 22.85 -12.52
C8 CLA RCA . -90.41 23.21 -13.27
C9 CLA RCA . -89.72 24.39 -12.63
C10 CLA RCA . -90.73 23.49 -14.73
MG CLA SCA . -89.80 23.23 -3.11
CHA CLA SCA . -90.41 20.50 -5.13
CHB CLA SCA . -89.42 21.18 -0.36
CHC CLA SCA . -89.17 25.92 -1.29
CHD CLA SCA . -90.23 25.34 -5.92
NA CLA SCA . -89.89 21.06 -2.76
C1A CLA SCA . -90.14 20.12 -3.69
C2A CLA SCA . -90.12 18.74 -3.12
C3A CLA SCA . -89.86 19.00 -1.63
C4A CLA SCA . -89.70 20.49 -1.56
CMA CLA SCA . -90.84 18.38 -0.66
CAA CLA SCA . -88.91 18.00 -3.69
CBA CLA SCA . -88.41 16.84 -2.83
CGA CLA SCA . -86.94 16.98 -2.52
O1A CLA SCA . -86.51 16.53 -1.47
O2A CLA SCA . -86.14 17.57 -3.39
NB CLA SCA . -89.35 23.51 -1.13
C1B CLA SCA . -89.26 22.57 -0.16
C2B CLA SCA . -88.94 23.21 1.10
C3B CLA SCA . -88.89 24.55 0.82
C4B CLA SCA . -89.14 24.72 -0.59
CMB CLA SCA . -88.75 22.53 2.43
CAB CLA SCA . -88.60 25.68 1.73
CBB CLA SCA . -87.33 25.73 2.56
NC CLA SCA . -89.59 25.28 -3.57
C1C CLA SCA . -89.40 26.22 -2.65
C2C CLA SCA . -89.48 27.59 -3.20
C3C CLA SCA . -89.72 27.40 -4.53
C4C CLA SCA . -89.81 25.96 -4.75
CMC CLA SCA . -89.31 28.88 -2.45
CAC CLA SCA . -89.88 28.50 -5.55
CBC CLA SCA . -88.56 28.67 -6.24
ND CLA SCA . -90.21 23.08 -5.03
C1D CLA SCA . -90.35 23.94 -6.07
C2D CLA SCA . -90.67 23.25 -7.31
C3D CLA SCA . -90.68 21.91 -6.94
C4D CLA SCA . -90.41 21.82 -5.57
CMD CLA SCA . -90.92 23.71 -8.73
CAD CLA SCA . -90.88 20.57 -7.47
OBD CLA SCA . -90.95 20.27 -8.66
CBD CLA SCA . -90.70 19.61 -6.34
CGD CLA SCA . -91.94 18.78 -6.16
O1D CLA SCA . -92.97 19.26 -5.70
O2D CLA SCA . -91.92 17.50 -6.51
CED CLA SCA . -92.77 17.08 -7.57
C1 CLA SCA . -84.89 18.19 -2.93
C2 CLA SCA . -84.93 19.29 -1.90
C3 CLA SCA . -83.89 20.12 -1.72
C4 CLA SCA . -82.63 20.00 -2.52
C5 CLA SCA . -83.93 21.23 -0.70
C6 CLA SCA . -84.42 22.51 -1.36
C7 CLA SCA . -84.73 23.60 -0.34
C8 CLA SCA . -84.32 24.98 -0.86
C9 CLA SCA . -84.71 26.07 0.12
C10 CLA SCA . -84.95 25.23 -2.22
MG CLA TCA . -98.52 61.18 -20.08
CHA CLA TCA . -101.06 63.40 -20.80
CHB CLA TCA . -98.27 62.41 -16.88
CHC CLA TCA . -96.17 58.93 -19.50
CHD CLA TCA . -98.80 59.92 -23.38
NA CLA TCA . -99.57 62.75 -18.92
C1A CLA TCA . -100.55 63.52 -19.38
C2A CLA TCA . -101.04 64.49 -18.32
C3A CLA TCA . -100.14 64.16 -17.12
C4A CLA TCA . -99.27 63.05 -17.64
CMA CLA TCA . -99.55 65.28 -16.27
CAA CLA TCA . -102.48 64.23 -17.87
CBA CLA TCA . -102.94 62.77 -18.09
CGA CLA TCA . -103.52 62.18 -16.83
O1A CLA TCA . -104.44 61.38 -16.94
O2A CLA TCA . -103.03 62.49 -15.65
NB CLA TCA . -97.41 60.74 -18.44
C1B CLA TCA . -97.40 61.36 -17.23
C2B CLA TCA . -96.41 60.77 -16.37
C3B CLA TCA . -95.81 59.79 -17.12
C4B CLA TCA . -96.46 59.78 -18.43
CMB CLA TCA . -96.10 61.19 -14.95
CAB CLA TCA . -94.73 58.86 -16.76
CBB CLA TCA . -94.77 58.02 -15.51
NC CLA TCA . -97.69 59.63 -21.23
C1C CLA TCA . -96.69 58.86 -20.81
C2C CLA TCA . -96.20 57.93 -21.87
C3C CLA TCA . -97.00 58.21 -22.94
C4C CLA TCA . -97.90 59.27 -22.54
CMC CLA TCA . -95.09 56.91 -21.75
CAC CLA TCA . -96.95 57.58 -24.31
CBC CLA TCA . -95.94 58.32 -25.15
ND CLA TCA . -99.59 61.49 -21.73
C1D CLA TCA . -99.67 60.96 -22.97
C2D CLA TCA . -100.70 61.60 -23.79
C3D CLA TCA . -101.24 62.54 -22.93
C4D CLA TCA . -100.57 62.47 -21.70
CMD CLA TCA . -101.20 61.40 -25.20
CAD CLA TCA . -102.26 63.57 -22.85
OBD CLA TCA . -103.26 63.60 -23.54
CBD CLA TCA . -102.14 64.20 -21.50
CGD CLA TCA . -101.67 65.62 -21.66
O1D CLA TCA . -100.66 65.86 -22.31
O2D CLA TCA . -102.34 66.59 -21.08
CED CLA TCA . -103.26 67.30 -21.93
C1 CLA TCA . -101.93 61.71 -15.10
C2 CLA TCA . -101.50 60.41 -15.74
C3 CLA TCA . -101.05 59.38 -15.02
C4 CLA TCA . -100.63 58.09 -15.67
C5 CLA TCA . -100.95 59.43 -13.51
C1 LUT UCA . -94.31 30.92 -6.99
C2 LUT UCA . -95.68 30.70 -6.35
C3 LUT UCA . -96.46 29.57 -7.02
C4 LUT UCA . -96.64 29.88 -8.50
C5 LUT UCA . -95.30 30.19 -9.12
C6 LUT UCA . -94.46 31.01 -8.49
C7 LUT UCA . -93.64 31.98 -9.26
C8 LUT UCA . -94.17 33.02 -9.89
C9 LUT UCA . -93.28 33.96 -10.63
C10 LUT UCA . -93.77 35.09 -11.17
C11 LUT UCA . -92.90 36.02 -11.87
C12 LUT UCA . -93.34 37.26 -12.12
C13 LUT UCA . -92.52 38.29 -12.79
C14 LUT UCA . -93.04 39.52 -12.94
C15 LUT UCA . -92.28 40.60 -13.56
C16 LUT UCA . -93.38 29.76 -6.65
C17 LUT UCA . -93.72 32.22 -6.45
C18 LUT UCA . -94.93 29.57 -10.43
C19 LUT UCA . -91.83 33.62 -10.77
C20 LUT UCA . -91.15 37.97 -13.29
O3 LUT UCA . -97.73 29.46 -6.39
C21 LUT UCA . -88.80 52.36 -15.69
C22 LUT UCA . -88.09 53.65 -16.07
C23 LUT UCA . -88.83 54.40 -17.14
C24 LUT UCA . -88.79 53.56 -18.40
C25 LUT UCA . -89.45 52.22 -18.12
C26 LUT UCA . -89.58 51.75 -16.86
C27 LUT UCA . -90.76 50.90 -16.55
C28 LUT UCA . -90.60 49.62 -16.23
C29 LUT UCA . -91.70 48.71 -15.87
C30 LUT UCA . -91.36 47.53 -15.35
C31 LUT UCA . -92.28 46.48 -14.90
C32 LUT UCA . -91.88 45.21 -14.97
C33 LUT UCA . -92.73 44.10 -14.50
C34 LUT UCA . -92.11 42.97 -14.12
C35 LUT UCA . -92.83 41.82 -13.57
C36 LUT UCA . -89.77 52.68 -14.57
C37 LUT UCA . -87.74 51.38 -15.20
C38 LUT UCA . -89.94 51.42 -19.28
C39 LUT UCA . -93.14 49.08 -16.07
C40 LUT UCA . -94.21 44.26 -14.41
O23 LUT UCA . -88.20 55.66 -17.40
C1 LUT VCA . -106.96 39.61 -15.36
C2 LUT VCA . -107.37 38.83 -14.11
C3 LUT VCA . -106.64 39.27 -12.85
C4 LUT VCA . -105.14 39.17 -13.04
C5 LUT VCA . -104.73 39.81 -14.35
C6 LUT VCA . -105.45 39.63 -15.45
C7 LUT VCA . -104.75 39.46 -16.75
C8 LUT VCA . -104.08 38.34 -17.08
C9 LUT VCA . -103.41 38.23 -18.38
C10 LUT VCA . -102.59 37.21 -18.65
C11 LUT VCA . -101.90 37.09 -19.94
C12 LUT VCA . -101.08 36.05 -20.13
C13 LUT VCA . -100.32 35.80 -21.37
C14 LUT VCA . -99.59 34.68 -21.46
C15 LUT VCA . -98.80 34.32 -22.64
C16 LUT VCA . -107.47 41.05 -15.24
C17 LUT VCA . -107.54 38.95 -16.59
C18 LUT VCA . -103.51 40.69 -14.39
C19 LUT VCA . -103.63 39.31 -19.41
C20 LUT VCA . -100.37 36.78 -22.52
O3 LUT VCA . -107.02 38.40 -11.77
C21 LUT VCA . -91.23 25.34 -28.68
C22 LUT VCA . -90.83 25.27 -30.15
C23 LUT VCA . -89.61 26.12 -30.47
C24 LUT VCA . -89.89 27.57 -30.11
C25 LUT VCA . -90.25 27.59 -28.65
C26 LUT VCA . -91.23 26.78 -28.22
C27 LUT VCA . -91.99 27.18 -27.02
C28 LUT VCA . -93.05 27.99 -27.15
C29 LUT VCA . -93.83 28.39 -25.97
C30 LUT VCA . -94.86 29.24 -26.11
C31 LUT VCA . -95.65 29.68 -24.96
C32 LUT VCA . -96.10 30.93 -24.92
C33 LUT VCA . -96.91 31.42 -23.78
C34 LUT VCA . -97.54 32.60 -23.87
C35 LUT VCA . -98.34 33.08 -22.74
C36 LUT VCA . -90.22 24.57 -27.84
C37 LUT VCA . -92.61 24.73 -28.48
C38 LUT VCA . -89.52 28.48 -27.70
C39 LUT VCA . -93.46 27.84 -24.62
C40 LUT VCA . -97.01 30.60 -22.53
O23 LUT VCA . -89.27 26.02 -31.86
C1 NEX WCA . -108.45 64.93 -27.60
C2 NEX WCA . -109.06 66.23 -28.06
C3 NEX WCA . -108.22 67.50 -28.21
C4 NEX WCA . -106.93 67.46 -27.36
C5 NEX WCA . -106.98 66.51 -26.15
C6 NEX WCA . -107.29 65.15 -26.68
C7 NEX WCA . -106.58 64.16 -26.40
C8 NEX WCA . -105.65 63.14 -26.18
C9 NEX WCA . -105.88 61.68 -26.20
C10 NEX WCA . -105.09 60.90 -25.64
C11 NEX WCA . -105.13 59.43 -25.57
C12 NEX WCA . -104.58 58.80 -24.73
C13 NEX WCA . -104.73 57.38 -24.37
C14 NEX WCA . -104.35 57.00 -23.24
C15 NEX WCA . -104.21 55.64 -22.73
C16 NEX WCA . -107.97 64.19 -28.87
C17 NEX WCA . -109.50 64.11 -26.93
C18 NEX WCA . -105.57 66.51 -25.49
C19 NEX WCA . -107.07 61.09 -26.87
C20 NEX WCA . -105.34 56.41 -25.35
O3 NEX WCA . -107.81 67.64 -29.58
O4 NEX WCA . -107.94 66.93 -25.19
C21 NEX WCA . -101.78 48.85 -13.67
C22 NEX WCA . -101.90 48.45 -12.21
C23 NEX WCA . -103.22 48.87 -11.58
C24 NEX WCA . -104.32 48.03 -12.21
C25 NEX WCA . -104.36 48.26 -13.71
C26 NEX WCA . -103.10 48.68 -14.43
C27 NEX WCA . -103.05 48.42 -15.92
C28 NEX WCA . -103.09 49.42 -16.81
C29 NEX WCA . -103.04 49.12 -18.13
C30 NEX WCA . -103.07 50.01 -19.00
C31 NEX WCA . -102.81 51.46 -18.97
C32 NEX WCA . -103.11 52.12 -19.88
C33 NEX WCA . -102.87 53.54 -20.26
C34 NEX WCA . -103.38 53.98 -21.32
C35 NEX WCA . -103.59 55.36 -21.76
C36 NEX WCA . -100.67 48.05 -14.33
C37 NEX WCA . -101.38 50.33 -13.71
C38 NEX WCA . -105.48 47.63 -14.54
C39 NEX WCA . -102.95 47.69 -18.58
C40 NEX WCA . -102.02 54.43 -19.37
O23 NEX WCA . -103.18 48.64 -10.17
O24 NEX WCA . -104.10 49.62 -14.06
O1 LHG XCA . -73.18 30.52 -16.68
C1 LHG XCA . -73.90 31.68 -17.11
C2 LHG XCA . -75.39 31.48 -16.84
O2 LHG XCA . -75.61 30.12 -16.46
C3 LHG XCA . -76.19 31.79 -18.10
O3 LHG XCA . -77.38 31.00 -18.10
P LHG XCA . -78.78 31.64 -17.65
O4 LHG XCA . -78.58 32.39 -16.36
O5 LHG XCA . -79.36 32.37 -18.84
O6 LHG XCA . -79.72 30.35 -17.36
C4 LHG XCA . -80.83 30.48 -16.47
C5 LHG XCA . -82.09 29.77 -16.99
C6 LHG XCA . -82.69 30.58 -18.12
O7 LHG XCA . -81.81 28.46 -17.48
C7 LHG XCA . -82.87 27.64 -17.30
O9 LHG XCA . -83.78 27.95 -16.55
C8 LHG XCA . -82.91 26.31 -18.01
C9 LHG XCA . -84.34 25.99 -18.45
C10 LHG XCA . -84.49 24.49 -18.64
O8 LHG XCA . -84.10 30.70 -17.87
C23 LHG XCA . -84.95 30.91 -18.87
O10 LHG XCA . -84.52 31.27 -19.95
C24 LHG XCA . -86.43 30.69 -18.66
C11 LHG XCA . -85.95 24.03 -18.72
C12 LHG XCA . -86.83 24.78 -17.74
C13 LHG XCA . -88.07 23.98 -17.36
C14 LHG XCA . -89.32 24.54 -18.00
C15 LHG XCA . -89.63 23.85 -19.31
C16 LHG XCA . -91.05 23.28 -19.33
C17 LHG XCA . -92.09 24.40 -19.29
C18 LHG XCA . -92.12 25.18 -20.61
C25 LHG XCA . -86.91 29.54 -19.54
C26 LHG XCA . -87.29 28.34 -18.69
C27 LHG XCA . -88.41 28.70 -17.72
C28 LHG XCA . -88.36 27.83 -16.47
C29 LHG XCA . -87.17 28.19 -15.61
C30 LHG XCA . -86.77 27.01 -14.74
C31 LHG XCA . -85.94 27.47 -13.54
C32 LHG XCA . -86.69 28.50 -12.70
C33 LHG XCA . -87.25 27.87 -11.42
C34 LHG XCA . -86.31 28.11 -10.24
C35 LHG XCA . -86.08 29.61 -10.01
C36 LHG XCA . -85.97 29.93 -8.53
C37 LHG XCA . -86.74 31.20 -8.19
C38 LHG XCA . -86.40 31.67 -6.79
O7 LPX YCA . -88.49 29.89 6.36
C6 LPX YCA . -89.03 29.32 5.43
O6 LPX YCA . -90.36 29.05 5.49
C5 LPX YCA . -90.81 28.56 6.76
C4 LPX YCA . -92.36 28.70 6.82
O5 LPX YCA . -92.71 29.92 7.37
C3 LPX YCA . -92.95 27.49 7.64
O1 LPX YCA . -94.10 27.94 8.26
P1 LPX YCA . -95.35 26.81 8.57
O3 LPX YCA . -96.57 27.28 7.87
O2 LPX YCA . -95.57 27.01 10.22
C1 LPX YCA . -96.30 26.06 10.91
C2 LPX YCA . -95.50 25.65 12.15
N1 LPX YCA . -95.37 26.80 13.04
O4 LPX YCA . -94.70 25.47 8.38
C7 LPX YCA . -88.29 28.85 4.21
C8 LPX YCA . -88.37 29.94 3.14
C9 LPX YCA . -87.24 29.79 2.12
C10 LPX YCA . -87.69 30.33 0.76
C11 LPX YCA . -86.49 30.53 -0.15
C12 LPX YCA . -85.89 31.92 0.07
C13 LPX YCA . -84.73 32.16 -0.89
C14 LPX YCA . -84.17 33.57 -0.71
C15 LPX YCA . -84.99 34.58 -1.51
C16 LPX YCA . -84.36 35.97 -1.41
C17 LPX YCA . -82.99 35.99 -2.06
C18 LPX YCA . -83.12 35.70 -3.56
C19 LPX YCA . -81.79 35.21 -4.12
C20 LPX YCA . -81.95 34.78 -5.57
C21 LPX YCA . -82.40 35.96 -6.41
O13 3PH ZCA . -101.31 26.47 6.16
P 3PH ZCA . -101.59 27.17 7.46
O14 3PH ZCA . -101.53 26.16 8.58
O12 3PH ZCA . -102.97 27.76 7.40
O11 3PH ZCA . -100.48 28.36 7.74
C1 3PH ZCA . -100.81 29.67 7.37
C2 3PH ZCA . -100.01 30.71 8.17
O21 3PH ZCA . -98.70 30.26 8.39
C21 3PH ZCA . -97.91 30.26 7.24
O22 3PH ZCA . -97.07 30.13 8.06
C22 3PH ZCA . -96.67 30.16 6.35
C23 3PH ZCA . -96.18 31.54 5.91
C24 3PH ZCA . -95.16 31.35 4.79
C25 3PH ZCA . -94.19 32.53 4.72
C26 3PH ZCA . -92.76 32.00 4.84
C27 3PH ZCA . -92.11 31.88 3.46
C28 3PH ZCA . -91.26 33.12 3.18
C29 3PH ZCA . -90.01 33.11 4.05
C2A 3PH ZCA . -89.44 34.51 4.16
C2B 3PH ZCA . -88.20 34.49 5.06
C2C 3PH ZCA . -86.95 34.26 4.20
C2D 3PH ZCA . -86.13 35.55 4.16
C2E 3PH ZCA . -85.12 35.52 5.31
C2F 3PH ZCA . -83.87 34.77 4.88
C2G 3PH ZCA . -82.78 34.93 5.95
C2H 3PH ZCA . -82.48 36.41 6.18
C2I 3PH ZCA . -81.48 36.57 7.33
C3 3PH ZCA . -100.70 30.99 9.50
O31 3PH ZCA . -100.49 32.33 9.85
C31 3PH ZCA . -101.67 33.06 10.08
O32 3PH ZCA . -102.59 32.54 10.62
C32 3PH ZCA . -101.77 34.51 9.62
C33 3PH ZCA . -101.45 34.58 8.13
C34 3PH ZCA . -100.61 35.82 7.81
C35 3PH ZCA . -99.34 35.89 8.67
C36 3PH ZCA . -98.27 34.89 8.22
C37 3PH ZCA . -98.10 34.91 6.69
C38 3PH ZCA . -96.97 35.85 6.27
C39 3PH ZCA . -96.76 35.70 4.76
C3A 3PH ZCA . -95.46 36.38 4.34
C3B 3PH ZCA . -95.07 35.89 2.95
C3C 3PH ZCA . -94.16 36.93 2.29
C3D 3PH ZCA . -93.96 36.59 0.81
C3E 3PH ZCA . -92.82 37.43 0.25
C3F 3PH ZCA . -93.23 38.90 0.24
C3G 3PH ZCA . -92.05 39.77 -0.20
C3H 3PH ZCA . -92.26 41.19 0.29
C3I 3PH ZCA . -91.25 42.13 -0.39
MG CHL ADA . -65.42 52.06 6.95
CHA CHL ADA . -65.26 54.28 9.59
CHB CHL ADA . -68.64 52.96 6.47
CHC CHL ADA . -65.52 50.05 4.34
CHD CHL ADA . -62.09 51.20 7.58
NA CHL ADA . -66.68 53.36 7.90
C1A CHL ADA . -66.45 54.25 8.91
C2A CHL ADA . -67.65 55.13 9.20
C3A CHL ADA . -68.75 54.48 8.41
C4A CHL ADA . -68.00 53.51 7.52
CMA CHL ADA . -70.03 54.05 9.10
CAA CHL ADA . -67.37 56.57 8.76
CBA CHL ADA . -68.60 57.46 8.60
CGA CHL ADA . -69.46 57.57 9.82
O1A CHL ADA . -69.06 57.60 10.96
O2A CHL ADA . -70.75 57.62 9.51
NB CHL ADA . -66.89 51.58 5.61
C1B CHL ADA . -68.14 52.06 5.56
C2B CHL ADA . -68.83 51.51 4.44
C3B CHL ADA . -67.94 50.65 3.78
C4B CHL ADA . -66.71 50.72 4.56
CMB CHL ADA . -70.25 51.82 4.08
CAB CHL ADA . -68.13 49.83 2.58
CBB CHL ADA . -69.31 49.63 1.65
NC CHL ADA . -64.02 50.82 6.13
C1C CHL ADA . -64.31 50.08 5.03
C2C CHL ADA . -63.14 49.30 4.69
C3C CHL ADA . -62.16 49.62 5.63
C4C CHL ADA . -62.72 50.58 6.53
CMC CHL ADA . -63.03 48.39 3.56
OMC CHL ADA . -62.05 47.75 3.22
CAC CHL ADA . -60.78 49.05 5.72
CBC CHL ADA . -59.82 49.68 4.76
ND CHL ADA . -63.95 52.55 8.27
C1D CHL ADA . -62.66 52.14 8.44
C2D CHL ADA . -62.07 52.83 9.55
C3D CHL ADA . -63.05 53.67 10.03
C4D CHL ADA . -64.19 53.49 9.24
CMD CHL ADA . -60.67 52.64 10.03
CAD CHL ADA . -63.38 54.68 11.03
OBD CHL ADA . -62.67 55.12 11.92
CBD CHL ADA . -64.80 55.13 10.78
CGD CHL ADA . -65.66 54.95 12.03
O1D CHL ADA . -65.60 54.02 12.78
O2D CHL ADA . -66.49 55.97 12.18
CED CHL ADA . -67.41 55.89 13.30
C1 CHL ADA . -71.80 57.75 10.50
C2 CHL ADA . -72.63 56.53 10.44
C3 CHL ADA . -73.93 56.56 10.75
C4 CHL ADA . -74.66 57.80 11.16
C5 CHL ADA . -74.76 55.30 10.70
C6 CHL ADA . -75.10 54.77 12.10
C7 CHL ADA . -76.03 53.57 12.06
C8 CHL ADA . -77.43 53.85 11.52
C9 CHL ADA . -78.21 52.55 11.28
C10 CHL ADA . -78.14 54.76 12.52
C11 CHL ADA . -78.62 54.05 13.78
C12 CHL ADA . -79.44 54.94 14.72
C13 CHL ADA . -79.94 54.25 15.99
C14 CHL ADA . -80.52 52.88 15.67
C15 CHL ADA . -80.88 55.04 16.91
C16 CHL ADA . -80.35 56.39 17.38
C17 CHL ADA . -81.27 57.07 18.38
C18 CHL ADA . -80.80 58.39 18.94
C19 CHL ADA . -81.76 58.92 19.99
C20 CHL ADA . -79.39 58.29 19.51
MG CLA BDA . -59.87 60.96 14.02
CHA CLA BDA . -59.04 61.43 10.70
CHB CLA BDA . -58.53 64.02 14.85
CHC CLA BDA . -60.82 60.44 17.15
CHD CLA BDA . -61.28 57.83 13.14
NA CLA BDA . -58.89 62.58 12.91
C1A CLA BDA . -58.64 62.60 11.60
C2A CLA BDA . -57.93 63.85 11.17
C3A CLA BDA . -57.77 64.62 12.50
C4A CLA BDA . -58.43 63.71 13.49
CMA CLA BDA . -56.46 65.29 12.87
CAA CLA BDA . -58.81 64.67 10.24
CBA CLA BDA . -60.27 64.67 10.67
CGA CLA BDA . -60.60 66.05 11.17
O1A CLA BDA . -59.98 66.99 10.70
O2A CLA BDA . -61.54 66.24 12.09
NB CLA BDA . -59.71 62.06 15.73
C1B CLA BDA . -59.11 63.27 15.88
C2B CLA BDA . -59.16 63.69 17.26
C3B CLA BDA . -59.80 62.67 17.92
C4B CLA BDA . -60.15 61.65 16.93
CMB CLA BDA . -58.58 64.98 17.76
CAB CLA BDA . -60.13 62.57 19.37
CBB CLA BDA . -60.59 63.73 20.22
NC CLA BDA . -60.92 59.41 14.98
C1C CLA BDA . -61.19 59.39 16.27
C2C CLA BDA . -61.92 58.16 16.67
C3C CLA BDA . -62.05 57.44 15.52
C4C CLA BDA . -61.42 58.22 14.47
CMC CLA BDA . -62.42 57.78 18.02
CAC CLA BDA . -62.73 56.11 15.36
CBC CLA BDA . -64.18 56.33 15.00
ND CLA BDA . -60.15 59.84 12.41
C1D CLA BDA . -60.71 58.63 12.13
C2D CLA BDA . -60.61 58.30 10.72
C3D CLA BDA . -59.96 59.40 10.17
C4D CLA BDA . -59.69 60.31 11.19
CMD CLA BDA . -61.05 57.13 9.90
CAD CLA BDA . -59.47 59.93 8.92
OBD CLA BDA . -59.58 59.42 7.83
CBD CLA BDA . -58.79 61.24 9.23
CGD CLA BDA . -57.33 61.08 8.94
O1D CLA BDA . -56.86 61.40 7.86
O2D CLA BDA . -56.50 60.59 9.86
CED CLA BDA . -55.33 61.34 10.13
C1 CLA BDA . -61.18 66.58 13.46
C2 CLA BDA . -61.71 65.82 14.65
C3 CLA BDA . -62.07 66.48 15.77
C4 CLA BDA . -61.94 67.97 15.88
C5 CLA BDA . -62.61 65.77 16.98
C6 CLA BDA . -64.04 66.25 17.26
C7 CLA BDA . -64.73 65.39 18.31
C8 CLA BDA . -66.26 65.48 18.21
C9 CLA BDA . -66.85 65.95 19.52
C10 CLA BDA . -66.84 64.13 17.80
C11 CLA BDA . -68.35 64.10 18.03
C12 CLA BDA . -69.05 63.21 17.00
C13 CLA BDA . -68.61 61.76 17.12
C14 CLA BDA . -68.30 61.17 15.76
C15 CLA BDA . -69.70 60.98 17.84
C16 CLA BDA . -69.12 60.01 18.85
C17 CLA BDA . -69.77 58.64 18.70
C18 CLA BDA . -69.37 57.99 17.39
C19 CLA BDA . -67.86 57.73 17.35
C20 CLA BDA . -70.16 56.72 17.15
MG CLA CDA . -62.09 65.74 24.86
CHA CLA CDA . -60.58 68.65 23.77
CHB CLA CDA . -64.03 65.62 22.02
CHC CLA CDA . -63.40 62.93 25.99
CHD CLA CDA . -60.07 65.88 27.77
NA CLA CDA . -62.30 67.00 23.05
C1A CLA CDA . -61.61 68.12 22.81
C2A CLA CDA . -62.01 68.73 21.49
C3A CLA CDA . -63.09 67.77 20.99
C4A CLA CDA . -63.17 66.73 22.06
CMA CLA CDA . -64.37 68.39 20.43
CAA CLA CDA . -60.86 68.61 20.51
CBA CLA CDA . -60.40 69.97 19.99
CGA CLA CDA . -61.55 70.66 19.27
O1A CLA CDA . -62.25 70.04 18.49
O2A CLA CDA . -61.72 71.95 19.49
NB CLA CDA . -63.49 64.46 24.11
C1B CLA CDA . -64.20 64.57 22.95
C2B CLA CDA . -65.11 63.45 22.83
C3B CLA CDA . -64.93 62.71 23.97
C4B CLA CDA . -63.89 63.37 24.76
CMB CLA CDA . -66.08 63.15 21.73
CAB CLA CDA . -65.62 61.45 24.31
CBB CLA CDA . -66.51 61.36 25.52
NC CLA CDA . -61.74 64.56 26.56
C1C CLA CDA . -62.41 63.44 26.84
C2C CLA CDA . -61.99 62.84 28.12
C3C CLA CDA . -61.02 63.67 28.59
C4C CLA CDA . -60.87 64.74 27.62
CMC CLA CDA . -62.54 61.58 28.74
CAC CLA CDA . -60.24 63.51 29.88
CBC CLA CDA . -58.99 62.71 29.59
ND CLA CDA . -60.68 66.89 25.66
C1D CLA CDA . -59.93 66.89 26.79
C2D CLA CDA . -59.02 68.02 26.85
C3D CLA CDA . -59.29 68.71 25.66
C4D CLA CDA . -60.28 68.02 24.96
CMD CLA CDA . -58.00 68.50 27.85
CAD CLA CDA . -58.89 69.88 24.91
OBD CLA CDA . -57.81 70.43 25.01
CBD CLA CDA . -59.74 69.91 23.67
CGD CLA CDA . -60.63 71.12 23.69
O1D CLA CDA . -60.46 72.01 22.87
O2D CLA CDA . -61.60 71.24 24.58
CED CLA CDA . -62.85 71.69 24.07
C1 CLA CDA . -62.69 72.43 20.47
C2 CLA CDA . -64.11 71.92 20.51
C3 CLA CDA . -65.14 72.76 20.59
C4 CLA CDA . -64.95 74.24 20.63
C5 CLA CDA . -66.57 72.28 20.64
C6 CLA CDA . -66.70 71.04 21.50
C7 CLA CDA . -66.61 71.38 22.98
C8 CLA CDA . -67.65 70.65 23.83
C9 CLA CDA . -67.98 69.26 23.31
C10 CLA CDA . -68.90 71.52 23.96
C11 CLA CDA . -69.61 71.29 25.30
C12 CLA CDA . -68.67 71.47 26.49
C13 CLA CDA . -68.71 70.24 27.39
C14 CLA CDA . -70.05 70.13 28.10
C15 CLA CDA . -67.56 70.29 28.39
C16 CLA CDA . -67.63 69.15 29.39
C17 CLA CDA . -66.35 69.07 30.22
C18 CLA CDA . -66.54 69.66 31.62
C19 CLA CDA . -67.58 68.86 32.40
C20 CLA CDA . -65.21 69.71 32.37
MG CLA DDA . -56.23 51.40 37.29
CHA CLA DDA . -57.24 50.39 40.43
CHB CLA DDA . -57.37 54.60 37.90
CHC CLA DDA . -55.10 52.30 34.30
CHD CLA DDA . -55.07 48.12 36.67
NA CLA DDA . -57.20 52.42 38.99
C1A CLA DDA . -57.52 51.85 40.15
C2A CLA DDA . -58.20 52.83 41.08
C3A CLA DDA . -58.24 54.11 40.24
C4A CLA DDA . -57.57 53.71 38.97
CMA CLA DDA . -59.54 54.90 40.16
CAA CLA DDA . -57.34 53.09 42.33
CBA CLA DDA . -55.86 53.17 42.01
CGA CLA DDA . -55.07 52.49 43.10
O1A CLA DDA . -55.39 51.38 43.46
O2A CLA DDA . -54.04 53.12 43.64
NB CLA DDA . -56.23 53.17 36.27
C1B CLA DDA . -56.77 54.37 36.65
C2B CLA DDA . -56.60 55.33 35.60
C3B CLA DDA . -55.96 54.67 34.59
C4B CLA DDA . -55.73 53.30 35.03
CMB CLA DDA . -57.06 56.77 35.63
CAB CLA DDA . -55.56 55.19 33.26
CBB CLA DDA . -54.60 56.36 33.16
NC CLA DDA . -55.18 50.38 35.76
C1C CLA DDA . -54.86 50.94 34.60
C2C CLA DDA . -54.24 49.97 33.67
C3C CLA DDA . -54.20 48.80 34.36
C4C CLA DDA . -54.80 49.07 35.66
CMC CLA DDA . -53.74 50.24 32.26
CAC CLA DDA . -53.65 47.48 33.86
CBC CLA DDA . -52.26 47.26 34.41
ND CLA DDA . -56.12 49.66 38.22
C1D CLA DDA . -55.66 48.41 37.91
C2D CLA DDA . -55.89 47.47 39.00
C3D CLA DDA . -56.50 48.25 39.98
C4D CLA DDA . -56.63 49.55 39.50
CMD CLA DDA . -55.59 46.01 39.19
CAD CLA DDA . -57.05 48.19 41.32
OBD CLA DDA . -56.82 47.30 42.13
CBD CLA DDA . -57.52 49.56 41.68
CGD CLA DDA . -58.99 49.53 42.03
O1D CLA DDA . -59.33 49.29 43.18
O2D CLA DDA . -59.93 49.76 41.12
CED CLA DDA . -61.02 50.56 41.56
C1 CLA DDA . -52.80 53.31 42.88
C2 CLA DDA . -51.97 52.15 42.39
C3 CLA DDA . -50.70 52.33 41.97
C4 CLA DDA . -50.06 53.68 41.96
C5 CLA DDA . -49.85 51.19 41.47
C6 CLA DDA . -48.55 51.14 42.24
C7 CLA DDA . -47.92 49.75 42.21
C8 CLA DDA . -47.87 49.04 43.57
C9 CLA DDA . -48.09 49.96 44.76
C10 CLA DDA . -46.52 48.32 43.70
C11 CLA DDA . -46.50 47.37 44.89
C12 CLA DDA . -45.38 47.73 45.87
C13 CLA DDA . -44.02 47.44 45.27
C14 CLA DDA . -43.86 45.96 44.95
C15 CLA DDA . -42.92 47.92 46.23
C16 CLA DDA . -42.55 49.38 45.96
C17 CLA DDA . -42.11 50.09 47.23
C18 CLA DDA . -43.01 51.28 47.53
C19 CLA DDA . -42.87 51.74 48.98
C20 CLA DDA . -42.72 52.43 46.57
MG CHL EDA . -50.63 56.02 52.15
CHA CHL EDA . -48.41 53.57 51.25
CHB CHL EDA . -50.78 54.70 55.30
CHC CHL EDA . -52.81 58.32 52.92
CHD CHL EDA . -50.40 57.26 48.83
NA CHL EDA . -49.73 54.44 53.10
C1A CHL EDA . -48.79 53.57 52.59
C2A CHL EDA . -48.30 52.58 53.64
C3A CHL EDA . -49.16 52.89 54.86
C4A CHL EDA . -49.95 54.10 54.41
CMA CHL EDA . -49.82 51.77 55.64
CAA CHL EDA . -46.79 52.72 53.96
CBA CHL EDA . -46.20 51.53 54.71
CGA CHL EDA . -45.13 50.80 53.93
O1A CHL EDA . -44.20 50.21 54.41
O2A CHL EDA . -45.35 50.89 52.64
NB CHL EDA . -51.64 56.45 53.87
C1B CHL EDA . -51.58 55.80 55.06
C2B CHL EDA . -52.47 56.45 55.96
C3B CHL EDA . -53.08 57.49 55.32
C4B CHL EDA . -52.55 57.48 53.96
CMB CHL EDA . -52.69 56.04 57.39
CAB CHL EDA . -54.11 58.35 55.92
CBB CHL EDA . -54.90 59.48 55.30
NC CHL EDA . -51.43 57.54 51.03
C1C CHL EDA . -52.34 58.38 51.62
C2C CHL EDA . -52.73 59.37 50.61
C3C CHL EDA . -52.05 59.06 49.48
C4C CHL EDA . -51.23 57.91 49.72
CMC CHL EDA . -53.65 60.48 50.70
OMC CHL EDA . -54.29 60.80 51.68
CAC CHL EDA . -52.13 59.81 48.17
CBC CHL EDA . -51.16 60.95 48.12
ND CHL EDA . -49.66 55.61 50.40
C1D CHL EDA . -49.64 56.16 49.14
C2D CHL EDA . -48.76 55.42 48.30
C3D CHL EDA . -48.27 54.40 49.07
C4D CHL EDA . -48.82 54.54 50.35
CMD CHL EDA . -48.46 55.74 46.86
CAD CHL EDA . -47.42 53.23 49.08
OBD CHL EDA . -46.76 52.76 48.17
CBD CHL EDA . -47.48 52.63 50.47
CGD CHL EDA . -48.02 51.21 50.38
O1D CHL EDA . -49.18 50.92 50.30
O2D CHL EDA . -47.02 50.33 50.37
CED CHL EDA . -47.40 48.94 50.32
MG CHL FDA . -54.50 58.55 40.71
CHA CHL FDA . -51.87 57.84 42.72
CHB CHL FDA . -52.29 59.71 38.31
CHC CHL FDA . -57.03 59.16 38.81
CHD CHL FDA . -56.65 57.41 43.33
NA CHL FDA . -52.47 58.73 40.55
C1A CHL FDA . -51.54 58.30 41.47
C2A CHL FDA . -50.12 58.48 40.95
C3A CHL FDA . -50.29 59.34 39.75
C4A CHL FDA . -51.79 59.28 39.49
CMA CHL FDA . -49.55 60.68 39.70
CAA CHL FDA . -49.47 57.13 40.62
CBA CHL FDA . -48.09 57.23 39.94
CGA CHL FDA . -46.95 57.16 40.90
O1A CHL FDA . -46.72 57.97 41.75
O2A CHL FDA . -46.20 56.08 40.69
NB CHL FDA . -54.63 59.33 38.83
C1B CHL FDA . -53.64 59.71 37.98
C2B CHL FDA . -54.24 60.12 36.76
C3B CHL FDA . -55.60 60.00 36.86
C4B CHL FDA . -55.84 59.47 38.20
CMB CHL FDA . -53.49 60.60 35.55
CAB CHL FDA . -56.55 60.34 35.79
CBB CHL FDA . -58.05 60.26 35.77
NC CHL FDA . -56.51 58.31 41.07
C1C CHL FDA . -57.36 58.67 40.07
C2C CHL FDA . -58.72 58.40 40.55
C3C CHL FDA . -58.60 57.91 41.83
C4C CHL FDA . -57.22 57.85 42.15
CMC CHL FDA . -59.98 58.57 39.88
OMC CHL FDA . -60.13 59.00 38.74
CAC CHL FDA . -59.73 57.49 42.72
CBC CHL FDA . -60.28 58.61 43.55
ND CHL FDA . -54.41 57.79 42.60
C1D CHL FDA . -55.29 57.39 43.55
C2D CHL FDA . -54.60 56.95 44.72
C3D CHL FDA . -53.27 57.09 44.43
C4D CHL FDA . -53.16 57.61 43.14
CMD CHL FDA . -55.23 56.47 45.98
CAD CHL FDA . -51.92 56.93 44.95
OBD CHL FDA . -51.57 56.46 46.02
CBD CHL FDA . -50.95 57.43 43.89
CGD CHL FDA . -50.15 58.59 44.47
O1D CHL FDA . -50.58 59.69 44.66
O2D CHL FDA . -48.91 58.21 44.74
CED CHL FDA . -48.05 59.22 45.34
C1 CHL FDA . -45.06 55.73 41.51
C2 CHL FDA . -43.88 56.48 41.00
C3 CHL FDA . -42.64 56.14 41.32
C4 CHL FDA . -42.30 54.97 42.21
C5 CHL FDA . -41.45 56.93 40.82
C6 CHL FDA . -41.05 58.08 41.73
C7 CHL FDA . -39.86 58.87 41.21
C8 CHL FDA . -38.54 58.12 41.20
C9 CHL FDA . -37.73 58.44 39.95
C10 CHL FDA . -37.80 58.51 42.48
C11 CHL FDA . -36.98 59.79 42.39
C12 CHL FDA . -36.18 60.09 43.66
C13 CHL FDA . -35.30 61.34 43.61
C14 CHL FDA . -34.08 61.13 42.73
C15 CHL FDA . -34.93 61.97 44.94
C16 CHL FDA . -34.15 63.29 44.83
C17 CHL FDA . -33.81 63.88 46.19
C18 CHL FDA . -34.98 64.23 47.08
C19 CHL FDA . -34.54 64.63 48.47
C20 CHL FDA . -35.84 65.32 46.47
MG CHL GDA . -63.90 60.91 39.05
CHA CHL GDA . -66.64 60.08 41.00
CHB CHL GDA . -65.66 60.14 36.26
CHC CHL GDA . -61.27 61.76 37.25
CHD CHL GDA . -62.14 61.57 42.01
NA CHL GDA . -65.81 60.25 38.72
C1A CHL GDA . -66.83 59.98 39.63
C2A CHL GDA . -68.11 59.51 38.92
C3A CHL GDA . -67.72 59.51 37.44
C4A CHL GDA . -66.28 60.00 37.45
CMA CHL GDA . -68.11 58.38 36.50
CAA CHL GDA . -69.36 60.37 39.19
CBA CHL GDA . -70.68 59.71 38.80
CGA CHL GDA . -71.30 60.34 37.58
O1A CHL GDA . -71.24 61.50 37.30
O2A CHL GDA . -71.91 59.43 36.85
NB CHL GDA . -63.53 60.94 37.04
C1B CHL GDA . -64.35 60.58 36.05
C2B CHL GDA . -63.69 60.74 34.80
C3B CHL GDA . -62.40 61.22 35.06
C4B CHL GDA . -62.33 61.34 36.49
CMB CHL GDA . -64.30 60.41 33.46
CAB CHL GDA . -61.30 61.57 34.16
CBB CHL GDA . -61.17 61.53 32.65
NC CHL GDA . -62.03 61.56 39.57
C1C CHL GDA . -61.11 61.89 38.62
C2C CHL GDA . -59.92 62.37 39.29
C3C CHL GDA . -60.17 62.29 40.64
C4C CHL GDA . -61.50 61.80 40.82
CMC CHL GDA . -58.66 62.84 38.75
OMC CHL GDA . -58.38 62.91 37.58
CAC CHL GDA . -59.22 62.69 41.73
CBC CHL GDA . -58.38 61.53 42.21
ND CHL GDA . -64.23 60.87 41.06
C1D CHL GDA . -63.43 61.10 42.14
C2D CHL GDA . -64.15 60.84 43.34
C3D CHL GDA . -65.41 60.46 42.96
C4D CHL GDA . -65.45 60.47 41.55
CMD CHL GDA . -63.58 60.93 44.73
CAD CHL GDA . -66.73 60.06 43.42
OBD CHL GDA . -67.13 59.95 44.56
CBD CHL GDA . -67.58 59.82 42.19
CGD CHL GDA . -68.22 58.43 42.22
O1D CHL GDA . -67.65 57.41 42.50
O2D CHL GDA . -69.51 58.50 41.94
CED CHL GDA . -70.26 57.26 42.02
C1 CHL GDA . -72.59 59.74 35.60
C2 CHL GDA . -71.56 59.78 34.52
C3 CHL GDA . -71.03 58.68 34.01
C4 CHL GDA . -71.39 57.29 34.45
C5 CHL GDA . -70.00 58.75 32.90
C6 CHL GDA . -69.80 60.15 32.35
C7 CHL GDA . -69.13 60.16 30.98
C8 CHL GDA . -68.95 61.53 30.32
C9 CHL GDA . -70.12 62.46 30.63
C10 CHL GDA . -67.62 62.10 30.80
C11 CHL GDA . -66.90 62.96 29.78
C12 CHL GDA . -65.51 63.38 30.22
C13 CHL GDA . -65.45 64.15 31.54
C14 CHL GDA . -66.18 65.48 31.43
C15 CHL GDA . -64.07 64.31 32.17
C16 CHL GDA . -63.35 65.60 31.82
C17 CHL GDA . -61.91 65.65 32.32
C18 CHL GDA . -61.16 66.92 31.98
C19 CHL GDA . -61.68 68.11 32.76
C20 CHL GDA . -59.65 66.77 32.12
MG CLA HDA . -43.85 63.46 28.71
CHA CLA HDA . -46.58 61.51 27.89
CHB CLA HDA . -43.92 62.30 31.94
CHC CLA HDA . -41.13 65.25 29.32
CHD CLA HDA . -43.82 64.69 25.40
NA CLA HDA . -45.11 62.03 29.83
C1A CLA HDA . -46.16 61.37 29.34
C2A CLA HDA . -46.83 60.53 30.41
C3A CLA HDA . -45.98 60.82 31.65
C4A CLA HDA . -44.94 61.77 31.14
CMA CLA HDA . -46.67 61.13 32.96
CAA CLA HDA . -46.75 59.04 30.11
CBA CLA HDA . -45.42 58.64 29.48
CGA CLA HDA . -44.73 57.63 30.36
O1A CLA HDA . -45.35 57.10 31.27
O2A CLA HDA . -43.47 57.33 30.11
NB CLA HDA . -42.70 63.72 30.37
C1B CLA HDA . -42.88 63.20 31.62
C2B CLA HDA . -41.87 63.68 32.52
C3B CLA HDA . -41.09 64.53 31.76
C4B CLA HDA . -41.63 64.53 30.41
CMB CLA HDA . -41.73 63.34 33.97
CAB CLA HDA . -39.90 65.30 32.18
CBB CLA HDA . -38.69 64.61 32.77
NC CLA HDA . -42.63 64.70 27.53
C1C CLA HDA . -41.59 65.37 27.99
C2C CLA HDA . -40.96 66.24 26.97
C3C CLA HDA . -41.72 66.04 25.85
C4C CLA HDA . -42.76 65.08 26.21
CMC CLA HDA . -39.76 67.13 27.13
CAC CLA HDA . -41.54 66.68 24.50
CBC CLA HDA . -40.62 65.82 23.66
ND CLA HDA . -44.86 63.23 27.03
C1D CLA HDA . -44.81 63.75 25.76
C2D CLA HDA . -45.85 63.21 24.91
C3D CLA HDA . -46.53 62.35 25.75
C4D CLA HDA . -45.94 62.37 27.01
CMD CLA HDA . -46.27 63.40 23.47
CAD CLA HDA . -47.65 61.43 25.77
OBD CLA HDA . -48.25 61.05 24.79
CBD CLA HDA . -47.71 60.82 27.13
CGD CLA HDA . -49.03 61.14 27.76
O1D CLA HDA . -49.54 62.23 27.59
O2D CLA HDA . -49.62 60.24 28.53
CED CLA HDA . -50.85 59.70 28.03
C1 CLA HDA . -43.14 56.13 29.34
C2 CLA HDA . -43.80 54.80 29.63
C3 CLA HDA . -43.06 53.69 29.75
C4 CLA HDA . -43.70 52.36 30.05
C5 CLA HDA . -41.56 53.69 29.62
MG CHL IDA . -53.91 67.91 30.16
CHA CHL IDA . -54.28 68.34 26.79
CHB CHL IDA . -52.08 70.82 30.26
CHC CHL IDA . -53.67 67.55 33.38
CHD CHL IDA . -55.79 64.92 29.88
NA CHL IDA . -53.28 69.29 28.77
C1A CHL IDA . -53.63 69.35 27.44
C2A CHL IDA . -53.15 70.64 26.80
C3A CHL IDA . -52.19 71.20 27.82
C4A CHL IDA . -52.51 70.39 29.06
CMA CHL IDA . -50.74 71.47 27.44
CAA CHL IDA . -54.34 71.56 26.53
CBA CHL IDA . -55.39 71.57 27.66
CGA CHL IDA . -56.68 72.23 27.31
O1A CHL IDA . -56.92 72.80 26.28
O2A CHL IDA . -57.55 72.12 28.30
NB CHL IDA . -52.98 69.03 31.59
C1B CHL IDA . -52.31 70.18 31.47
C2B CHL IDA . -51.89 70.61 32.77
C3B CHL IDA . -52.35 69.71 33.70
C4B CHL IDA . -53.05 68.69 32.92
CMB CHL IDA . -51.09 71.85 33.05
CAB CHL IDA . -52.20 69.87 35.14
CBB CHL IDA . -52.76 69.01 36.25
NC CHL IDA . -54.62 66.44 31.39
C1C CHL IDA . -54.36 66.54 32.73
C2C CHL IDA . -54.98 65.37 33.37
C3C CHL IDA . -55.59 64.65 32.38
C4C CHL IDA . -55.36 65.30 31.12
CMC CHL IDA . -55.00 64.97 34.77
OMC CHL IDA . -54.48 65.58 35.68
CAC CHL IDA . -56.36 63.38 32.58
CBC CHL IDA . -57.80 63.62 32.99
ND CHL IDA . -54.83 66.79 28.73
C1D CHL IDA . -55.54 65.62 28.70
C2D CHL IDA . -55.94 65.31 27.38
C3D CHL IDA . -55.47 66.33 26.59
C4D CHL IDA . -54.79 67.23 27.42
CMD CHL IDA . -56.71 64.08 26.97
CAD CHL IDA . -55.41 66.88 25.24
OBD CHL IDA . -55.88 66.40 24.21
CBD CHL IDA . -54.65 68.20 25.30
CGD CHL IDA . -53.45 68.17 24.36
O1D CHL IDA . -52.64 67.28 24.29
O2D CHL IDA . -53.41 69.28 23.62
CED CHL IDA . -52.29 69.39 22.71
C1 CHL IDA . -58.90 72.65 28.25
C2 CHL IDA . -59.84 71.50 28.28
C3 CHL IDA . -60.29 71.00 29.43
C4 CHL IDA . -59.94 71.56 30.78
C5 CHL IDA . -61.17 69.78 29.44
C6 CHL IDA . -62.25 69.77 28.37
C7 CHL IDA . -63.05 68.48 28.36
C8 CHL IDA . -64.18 68.41 27.34
C9 CHL IDA . -63.67 68.65 25.93
C10 CHL IDA . -64.79 67.02 27.48
C11 CHL IDA . -65.94 66.72 26.51
C12 CHL IDA . -66.43 65.28 26.61
C13 CHL IDA . -67.56 64.90 25.65
C14 CHL IDA . -67.51 65.70 24.35
C15 CHL IDA . -68.98 64.85 26.23
C16 CHL IDA . -69.67 63.50 26.08
C17 CHL IDA . -71.01 63.43 26.79
C18 CHL IDA . -71.78 62.12 26.63
C19 CHL IDA . -70.99 60.93 27.18
C20 CHL IDA . -73.15 62.20 27.29
MG CLA JDA . -47.09 54.47 22.93
CHA CLA JDA . -44.09 55.90 21.95
CHB CLA JDA . -47.16 52.56 20.06
CHC CLA JDA . -49.85 53.02 24.04
CHD CLA JDA . -47.01 56.44 25.86
NA CLA JDA . -45.78 54.23 21.18
C1A CLA JDA . -44.65 54.90 20.94
C2A CLA JDA . -44.06 54.55 19.60
C3A CLA JDA . -45.08 53.55 19.04
C4A CLA JDA . -46.06 53.41 20.14
CMA CLA JDA . -45.67 53.85 17.68
CAA CLA JDA . -42.72 53.84 19.72
CBA CLA JDA . -42.68 52.86 20.88
CGA CLA JDA . -42.58 51.44 20.35
O1A CLA JDA . -42.12 51.27 19.23
O2A CLA JDA . -42.97 50.43 21.10
NB CLA JDA . -48.31 53.01 22.17
C1B CLA JDA . -48.20 52.34 20.99
C2B CLA JDA . -49.29 51.43 20.83
C3B CLA JDA . -50.06 51.57 21.96
C4B CLA JDA . -49.41 52.58 22.80
CMB CLA JDA . -49.50 50.53 19.64
CAB CLA JDA . -51.31 50.87 22.34
CBB CLA JDA . -51.49 49.38 22.21
NC CLA JDA . -48.22 54.67 24.69
C1C CLA JDA . -49.34 54.01 24.91
C2C CLA JDA . -50.00 54.41 26.17
C3C CLA JDA . -49.18 55.38 26.69
C4C CLA JDA . -48.07 55.54 25.75
CMC CLA JDA . -51.27 53.82 26.70
CAC CLA JDA . -49.40 56.13 27.98
CBC CLA JDA . -48.53 55.60 29.09
ND CLA JDA . -45.91 55.80 23.79
C1D CLA JDA . -45.96 56.57 24.92
C2D CLA JDA . -44.85 57.50 24.99
C3D CLA JDA . -44.14 57.23 23.83
C4D CLA JDA . -44.78 56.22 23.13
CMD CLA JDA . -44.40 58.57 25.96
CAD CLA JDA . -42.95 57.63 23.10
OBD CLA JDA . -42.20 58.56 23.38
CBD CLA JDA . -42.80 56.69 21.93
CGD CLA JDA . -42.70 57.48 20.66
O1D CLA JDA . -43.38 58.47 20.50
O2D CLA JDA . -41.85 57.07 19.72
CED CLA JDA . -40.83 57.98 19.31
C1 CLA JDA . -44.10 49.59 20.70
C2 CLA JDA . -45.37 49.48 21.53
C3 CLA JDA . -45.96 48.29 21.72
C4 CLA JDA . -45.39 47.04 21.10
C5 CLA JDA . -47.21 48.10 22.54
C6 CLA JDA . -47.04 46.90 23.47
C7 CLA JDA . -48.12 46.80 24.54
C8 CLA JDA . -47.54 46.81 25.96
C9 CLA JDA . -46.31 45.92 26.08
C10 CLA JDA . -48.62 46.40 26.96
C11 CLA JDA . -48.23 46.76 28.38
C12 CLA JDA . -49.36 47.51 29.09
C13 CLA JDA . -48.84 48.33 30.27
C14 CLA JDA . -49.33 47.73 31.58
C15 CLA JDA . -49.29 49.78 30.12
C16 CLA JDA . -49.06 50.59 31.39
C17 CLA JDA . -48.33 51.91 31.10
C18 CLA JDA . -47.72 52.46 32.37
C19 CLA JDA . -46.42 51.73 32.70
C20 CLA JDA . -47.51 53.96 32.29
MG CLA KDA . -57.86 45.17 11.07
CHA CLA KDA . -54.62 46.16 11.73
CHB CLA KDA . -56.83 43.51 8.24
CHC CLA KDA . -60.98 44.20 10.59
CHD CLA KDA . -58.89 46.80 14.04
NA CLA KDA . -55.92 44.85 10.07
C1A CLA KDA . -54.74 45.32 10.47
C2A CLA KDA . -53.63 44.95 9.52
C3A CLA KDA . -54.37 44.15 8.43
C4A CLA KDA . -55.79 44.15 8.93
CMA CLA KDA . -54.11 44.49 6.98
CAA CLA KDA . -52.60 44.01 10.17
CBA CLA KDA . -53.25 43.07 11.18
CGA CLA KDA . -52.20 42.17 11.82
O1A CLA KDA . -51.07 42.61 11.99
O2A CLA KDA . -52.55 40.94 12.17
NB CLA KDA . -58.76 44.03 9.64
C1B CLA KDA . -58.20 43.44 8.55
C2B CLA KDA . -59.20 42.74 7.80
C3B CLA KDA . -60.37 42.96 8.47
C4B CLA KDA . -60.07 43.76 9.64
CMB CLA KDA . -58.98 41.97 6.52
CAB CLA KDA . -61.73 42.47 8.15
CBB CLA KDA . -61.99 40.99 8.00
NC CLA KDA . -59.64 45.41 12.17
C1C CLA KDA . -60.82 44.99 11.75
C2C CLA KDA . -61.93 45.43 12.61
C3C CLA KDA . -61.32 46.15 13.60
C4C CLA KDA . -59.89 46.14 13.32
CMC CLA KDA . -63.39 45.12 12.44
CAC CLA KDA . -62.01 46.83 14.76
CBC CLA KDA . -61.91 45.97 15.99
ND CLA KDA . -57.06 46.17 12.56
C1D CLA KDA . -57.54 46.85 13.65
C2D CLA KDA . -56.49 47.61 14.31
C3D CLA KDA . -55.37 47.33 13.56
C4D CLA KDA . -55.73 46.48 12.51
CMD CLA KDA . -56.45 48.51 15.51
CAD CLA KDA . -53.96 47.65 13.48
OBD CLA KDA . -53.55 48.78 13.65
CBD CLA KDA . -53.40 46.75 12.41
CGD CLA KDA . -52.55 47.56 11.47
O1D CLA KDA . -53.04 48.47 10.83
O2D CLA KDA . -51.26 47.27 11.35
CED CLA KDA . -50.34 48.16 11.96
C1 CLA KDA . -53.66 40.72 13.09
C2 CLA KDA . -53.46 40.54 14.58
C3 CLA KDA . -54.31 39.76 15.28
C4 CLA KDA . -55.46 39.08 14.62
C5 CLA KDA . -54.17 39.52 16.76
C6 CLA KDA . -54.10 40.84 17.52
C7 CLA KDA . -55.05 40.81 18.73
C8 CLA KDA . -54.29 41.18 20.00
C9 CLA KDA . -53.25 40.12 20.34
C10 CLA KDA . -55.29 41.39 21.14
C11 CLA KDA . -55.78 40.08 21.75
C12 CLA KDA . -56.21 40.30 23.20
C13 CLA KDA . -57.43 39.46 23.63
C14 CLA KDA . -58.37 39.16 22.47
C15 CLA KDA . -58.17 40.19 24.75
C16 CLA KDA . -57.26 40.52 25.93
C17 CLA KDA . -57.89 41.57 26.84
C18 CLA KDA . -57.62 41.25 28.32
C19 CLA KDA . -58.22 42.32 29.23
C20 CLA KDA . -58.14 39.87 28.70
MG CLA LDA . -54.02 44.69 20.21
CHA CLA LDA . -51.77 44.31 17.60
CHB CLA LDA . -51.43 45.22 22.42
CHC CLA LDA . -56.25 45.04 22.64
CHD CLA LDA . -56.67 44.17 17.94
NA CLA LDA . -51.82 44.77 20.05
C1A CLA LDA . -51.10 44.60 18.93
C2A CLA LDA . -49.62 44.72 19.19
C3A CLA LDA . -49.56 44.98 20.70
C4A CLA LDA . -51.01 45.00 21.10
CMA CLA LDA . -48.59 44.20 21.56
CAA CLA LDA . -49.02 45.90 18.46
CBA CLA LDA . -47.49 45.78 18.35
CGA CLA LDA . -47.11 44.70 17.36
O1A CLA LDA . -47.83 44.47 16.41
O2A CLA LDA . -45.97 44.04 17.53
NB CLA LDA . -53.87 45.08 22.21
C1B CLA LDA . -52.73 45.26 22.95
C2B CLA LDA . -53.08 45.49 24.33
C3B CLA LDA . -54.44 45.43 24.38
C4B CLA LDA . -54.92 45.17 23.02
CMB CLA LDA . -52.10 45.74 25.46
CAB CLA LDA . -55.32 45.60 25.55
CBB CLA LDA . -55.23 44.68 26.75
NC CLA LDA . -56.12 44.73 20.26
C1C CLA LDA . -56.84 44.81 21.37
C2C CLA LDA . -58.29 44.64 21.14
C3C CLA LDA . -58.39 44.44 19.79
C4C CLA LDA . -57.03 44.49 19.25
CMC CLA LDA . -59.39 44.67 22.17
CAC CLA LDA . -59.66 44.20 19.00
CBC CLA LDA . -59.93 42.71 18.96
ND CLA LDA . -54.27 44.31 18.29
C1D CLA LDA . -55.34 44.17 17.46
C2D CLA LDA . -54.92 44.00 16.07
C3D CLA LDA . -53.54 44.05 16.15
C4D CLA LDA . -53.16 44.22 17.47
CMD CLA LDA . -55.66 43.81 14.77
CAD CLA LDA . -52.36 43.99 15.32
OBD CLA LDA . -52.32 44.20 14.12
CBD CLA LDA . -51.17 44.08 16.23
CGD CLA LDA . -50.41 42.80 16.14
O1D CLA LDA . -49.78 42.53 15.14
O2D CLA LDA . -50.39 41.94 17.16
CED CLA LDA . -49.10 41.47 17.54
C1 CLA LDA . -45.86 42.98 18.53
C2 CLA LDA . -45.55 43.26 19.97
C3 CLA LDA . -45.38 42.26 20.85
C4 CLA LDA . -45.51 40.82 20.43
C5 CLA LDA . -45.07 42.51 22.30
C6 CLA LDA . -46.14 41.86 23.17
C7 CLA LDA . -45.74 41.85 24.65
C8 CLA LDA . -46.86 42.31 25.56
C9 CLA LDA . -46.44 42.28 27.03
C10 CLA LDA . -48.10 41.44 25.37
C11 CLA LDA . -49.31 42.30 24.98
C12 CLA LDA . -50.14 42.65 26.21
C13 CLA LDA . -51.51 41.95 26.17
C14 CLA LDA . -52.19 42.08 24.81
C15 CLA LDA . -52.40 42.53 27.27
C16 CLA LDA . -52.03 41.96 28.64
C17 CLA LDA . -51.99 43.07 29.68
C18 CLA LDA . -52.57 42.58 31.00
C19 CLA LDA . -51.75 41.43 31.57
C20 CLA LDA . -52.68 43.73 32.01
MG CLA MDA . -72.04 48.65 23.01
CHA CLA MDA . -74.67 47.27 24.78
CHB CLA MDA . -70.61 45.53 22.60
CHC CLA MDA . -69.64 50.07 21.24
CHD CLA MDA . -73.55 51.84 23.41
NA CLA MDA . -72.57 46.59 23.62
C1A CLA MDA . -73.65 46.24 24.32
C2A CLA MDA . -73.71 44.75 24.54
C3A CLA MDA . -72.41 44.26 23.85
C4A CLA MDA . -71.81 45.51 23.33
CMA CLA MDA . -71.53 43.23 24.57
CAA CLA MDA . -74.91 44.16 23.79
CBA CLA MDA . -74.77 44.14 22.25
CGA CLA MDA . -75.27 45.43 21.62
O1A CLA MDA . -76.44 45.55 21.34
O2A CLA MDA . -74.40 46.39 21.38
NB CLA MDA . -70.39 47.92 22.07
C1B CLA MDA . -69.93 46.64 22.03
C2B CLA MDA . -68.70 46.57 21.27
C3B CLA MDA . -68.44 47.86 20.90
C4B CLA MDA . -69.52 48.70 21.41
CMB CLA MDA . -67.88 45.34 20.98
CAB CLA MDA . -67.30 48.40 20.12
CBB CLA MDA . -65.87 48.16 20.53
NC CLA MDA . -71.70 50.62 22.37
C1C CLA MDA . -70.62 50.98 21.70
C2C CLA MDA . -70.55 52.44 21.47
C3C CLA MDA . -71.67 52.93 22.06
C4C CLA MDA . -72.39 51.79 22.63
CMC CLA MDA . -69.46 53.16 20.75
CAC CLA MDA . -72.10 54.37 22.13
CBC CLA MDA . -73.09 54.65 21.02
ND CLA MDA . -73.67 49.45 23.82
C1D CLA MDA . -74.18 50.70 23.97
C2D CLA MDA . -75.41 50.71 24.77
C3D CLA MDA . -75.58 49.37 25.07
C4D CLA MDA . -74.54 48.62 24.50
CMD CLA MDA . -76.36 51.76 25.24
CAD CLA MDA . -76.45 48.46 25.78
OBD CLA MDA . -77.38 48.79 26.51
CBD CLA MDA . -75.94 47.07 25.57
CGD CLA MDA . -75.67 46.44 26.90
O1D CLA MDA . -75.06 47.07 27.76
O2D CLA MDA . -76.08 45.21 27.16
CED CLA MDA . -76.97 45.05 28.26
C1 CLA MDA . -74.87 47.72 21.02
C2 CLA MDA . -74.24 48.46 19.86
C3 CLA MDA . -74.49 49.76 19.64
C4 CLA MDA . -75.42 50.55 20.51
C5 CLA MDA . -73.86 50.51 18.48
C6 CLA MDA . -72.35 50.55 18.67
C7 CLA MDA . -71.65 50.48 17.32
C8 CLA MDA . -71.33 49.03 16.94
C9 CLA MDA . -70.14 48.53 17.73
C10 CLA MDA . -71.08 48.93 15.45
C11 CLA MDA . -71.95 47.87 14.80
C12 CLA MDA . -71.12 46.72 14.25
C13 CLA MDA . -71.78 45.37 14.56
C14 CLA MDA . -70.80 44.41 15.22
C15 CLA MDA . -72.36 44.77 13.28
C16 CLA MDA . -73.71 44.11 13.53
C17 CLA MDA . -74.75 45.11 14.01
C18 CLA MDA . -75.99 45.10 13.14
C19 CLA MDA . -77.23 44.72 13.95
C20 CLA MDA . -76.18 46.44 12.45
MG CLA NDA . -73.61 40.10 19.34
CHA CLA NDA . -75.34 42.66 17.83
CHB CLA NDA . -76.00 37.82 18.28
CHC CLA NDA . -71.86 37.69 20.79
CHD CLA NDA . -71.16 42.43 20.38
NA CLA NDA . -75.48 40.21 18.16
C1A CLA NDA . -76.00 41.32 17.65
C2A CLA NDA . -77.27 41.05 16.89
C3A CLA NDA . -77.46 39.54 17.08
C4A CLA NDA . -76.26 39.14 17.88
CMA CLA NDA . -78.83 39.00 17.47
CAA CLA NDA . -77.06 41.28 15.39
CBA CLA NDA . -75.66 40.93 14.91
CGA CLA NDA . -75.57 40.93 13.40
O1A CLA NDA . -76.22 41.75 12.76
O2A CLA NDA . -74.77 40.05 12.82
NB CLA NDA . -73.88 38.08 19.51
C1B CLA NDA . -74.92 37.32 19.03
C2B CLA NDA . -74.72 35.94 19.39
C3B CLA NDA . -73.56 35.92 20.11
C4B CLA NDA . -73.04 37.27 20.16
CMB CLA NDA . -75.63 34.78 19.07
CAB CLA NDA . -72.92 34.74 20.71
CBB CLA NDA . -72.79 34.63 22.21
NC CLA NDA . -71.77 40.06 20.36
C1C CLA NDA . -71.25 38.97 20.90
C2C CLA NDA . -69.99 39.22 21.64
C3C CLA NDA . -69.79 40.56 21.49
C4C CLA NDA . -70.91 41.08 20.69
CMC CLA NDA . -69.13 38.24 22.37
CAC CLA NDA . -68.64 41.35 22.05
CBC CLA NDA . -67.60 41.57 20.97
ND CLA NDA . -73.25 42.04 19.22
C1D CLA NDA . -72.26 42.88 19.62
C2D CLA NDA . -72.51 44.25 19.17
C3D CLA NDA . -73.72 44.15 18.48
C4D CLA NDA . -74.13 42.83 18.52
CMD CLA NDA . -71.81 45.58 19.30
CAD CLA NDA . -74.68 44.93 17.74
OBD CLA NDA . -74.69 46.15 17.64
CBD CLA NDA . -75.82 44.02 17.39
CGD CLA NDA . -77.02 44.38 18.20
O1D CLA NDA . -77.27 43.80 19.24
O2D CLA NDA . -77.85 45.34 17.79
CED CLA NDA . -77.88 46.53 18.58
C1 CLA NDA . -73.83 40.48 11.78
C2 CLA NDA . -72.69 39.58 11.36
C3 CLA NDA . -71.48 40.09 11.08
C4 CLA NDA . -71.20 41.56 11.17
C5 CLA NDA . -70.32 39.21 10.67
C6 CLA NDA . -69.80 38.45 11.87
C7 CLA NDA . -68.46 38.98 12.36
C8 CLA NDA . -68.08 38.40 13.71
C9 CLA NDA . -66.75 38.94 14.21
C10 CLA NDA . -68.07 36.87 13.62
C11 CLA NDA . -67.65 36.21 14.94
C12 CLA NDA . -67.09 34.82 14.68
C13 CLA NDA . -66.58 34.11 15.93
C14 CLA NDA . -65.88 35.07 16.89
C15 CLA NDA . -65.64 32.98 15.52
C16 CLA NDA . -64.50 33.52 14.63
C17 CLA NDA . -63.18 32.81 14.91
C18 CLA NDA . -62.83 32.85 16.40
C19 CLA NDA . -62.39 31.47 16.90
C20 CLA NDA . -61.75 33.89 16.68
C1 LUT ODA . -67.01 44.66 25.50
C2 LUT ODA . -67.88 44.79 26.74
C3 LUT ODA . -69.03 45.76 26.52
C4 LUT ODA . -68.46 47.14 26.22
C5 LUT ODA . -67.40 47.08 25.14
C6 LUT ODA . -66.57 46.02 25.00
C7 LUT ODA . -65.26 46.19 24.34
C8 LUT ODA . -64.20 46.73 24.94
C9 LUT ODA . -62.92 46.86 24.20
C10 LUT ODA . -61.88 47.50 24.77
C11 LUT ODA . -60.59 47.67 24.11
C12 LUT ODA . -59.56 48.07 24.84
C13 LUT ODA . -58.20 48.30 24.32
C14 LUT ODA . -57.21 48.58 25.18
C15 LUT ODA . -55.83 48.80 24.74
C16 LUT ODA . -67.83 43.98 24.41
C17 LUT ODA . -65.81 43.77 25.82
C18 LUT ODA . -67.30 48.24 24.19
C19 LUT ODA . -62.78 46.30 22.81
C20 LUT ODA . -57.95 48.24 22.84
O3 LUT ODA . -69.82 45.83 27.70
C21 LUT ODA . -43.27 49.66 25.36
C22 LUT ODA . -41.94 49.77 24.62
C23 LUT ODA . -41.23 51.05 24.99
C24 LUT ODA . -42.06 52.20 24.45
C25 LUT ODA . -43.45 52.14 25.07
C26 LUT ODA . -44.05 50.96 25.34
C27 LUT ODA . -45.37 51.01 26.03
C28 LUT ODA . -46.52 50.84 25.38
C29 LUT ODA . -47.79 50.89 26.13
C30 LUT ODA . -48.80 50.11 25.71
C31 LUT ODA . -50.10 50.02 26.34
C32 LUT ODA . -51.13 49.63 25.58
C33 LUT ODA . -52.51 49.48 26.08
C34 LUT ODA . -53.48 49.17 25.21
C35 LUT ODA . -54.86 48.96 25.64
C36 LUT ODA . -42.98 49.32 26.82
C37 LUT ODA . -44.04 48.51 24.73
C38 LUT ODA . -44.12 53.44 25.40
C39 LUT ODA . -47.95 51.78 27.32
C40 LUT ODA . -52.80 49.63 27.54
O23 LUT ODA . -39.92 51.06 24.43
C1 LUT PDA . -61.47 56.42 35.34
C2 LUT PDA . -61.90 55.61 36.56
C3 LUT PDA . -61.17 54.29 36.77
C4 LUT PDA . -61.19 53.54 35.45
C5 LUT PDA . -60.34 54.35 34.52
C6 LUT PDA . -60.60 55.67 34.36
C7 LUT PDA . -60.00 56.42 33.23
C8 LUT PDA . -60.50 56.43 32.00
C9 LUT PDA . -59.88 57.22 30.93
C10 LUT PDA . -60.54 57.41 29.78
C11 LUT PDA . -60.03 58.18 28.65
C12 LUT PDA . -60.91 58.54 27.72
C13 LUT PDA . -60.59 59.33 26.51
C14 LUT PDA . -61.59 59.58 25.64
C15 LUT PDA . -61.42 60.37 24.43
C16 LUT PDA . -60.68 57.64 35.81
C17 LUT PDA . -62.74 56.89 34.66
C18 LUT PDA . -59.22 53.68 33.82
C19 LUT PDA . -58.51 57.81 31.12
C20 LUT PDA . -59.21 59.86 26.27
O3 LUT PDA . -61.87 53.52 37.76
C21 LUT PDA . -65.61 64.38 12.96
C22 LUT PDA . -65.80 64.91 11.55
C23 LUT PDA . -65.60 63.81 10.52
C24 LUT PDA . -64.13 63.43 10.59
C25 LUT PDA . -63.79 62.96 11.98
C26 LUT PDA . -64.55 63.28 13.05
C27 LUT PDA . -64.61 62.29 14.17
C28 LUT PDA . -64.19 62.59 15.40
C29 LUT PDA . -64.26 61.63 16.53
C30 LUT PDA . -63.92 62.04 17.75
C31 LUT PDA . -63.94 61.22 18.97
C32 LUT PDA . -63.21 61.59 20.01
C33 LUT PDA . -63.18 60.84 21.30
C34 LUT PDA . -62.40 61.22 22.33
C35 LUT PDA . -62.44 60.46 23.58
C36 LUT PDA . -66.93 63.78 13.43
C37 LUT PDA . -65.22 65.55 13.84
C38 LUT PDA . -62.58 62.11 12.17
C39 LUT PDA . -64.71 60.21 16.29
C40 LUT PDA . -64.07 59.65 21.45
O23 LUT PDA . -65.92 64.27 9.20
C1 XAT QDA . -69.13 66.81 40.41
C2 XAT QDA . -70.37 66.03 39.98
C3 XAT QDA . -70.08 64.87 39.05
C4 XAT QDA . -69.17 63.90 39.78
C5 XAT QDA . -67.81 64.55 40.00
C6 XAT QDA . -67.79 66.01 40.31
C7 XAT QDA . -66.56 66.55 41.01
C8 XAT QDA . -65.53 67.09 40.37
C9 XAT QDA . -64.39 67.59 41.15
C10 XAT QDA . -63.36 68.25 40.58
C11 XAT QDA . -62.19 68.78 41.28
C12 XAT QDA . -61.30 69.56 40.64
C13 XAT QDA . -60.27 70.41 41.23
C14 XAT QDA . -59.22 70.83 40.47
C15 XAT QDA . -58.27 71.76 41.01
C16 XAT QDA . -69.33 67.24 41.85
C17 XAT QDA . -69.02 68.05 39.54
C18 XAT QDA . -66.62 63.69 40.38
C19 XAT QDA . -64.36 67.36 42.63
C20 XAT QDA . -60.37 70.81 42.67
O3 XAT QDA . -71.31 64.20 38.71
O4 XAT QDA . -67.50 65.53 38.96
C21 XAT QDA . -50.27 81.88 40.11
C22 XAT QDA . -49.30 83.06 40.03
C23 XAT QDA . -48.06 82.74 40.85
C24 XAT QDA . -47.30 81.58 40.20
C25 XAT QDA . -48.17 80.34 40.09
C26 XAT QDA . -49.65 80.47 39.97
C27 XAT QDA . -50.44 79.32 39.39
C28 XAT QDA . -51.32 78.65 40.10
C29 XAT QDA . -51.72 77.22 39.93
C30 XAT QDA . -52.93 76.79 40.33
C31 XAT QDA . -53.30 75.38 40.14
C32 XAT QDA . -54.52 74.92 40.46
C33 XAT QDA . -55.16 73.62 40.12
C34 XAT QDA . -56.33 73.27 40.68
C35 XAT QDA . -57.17 72.12 40.35
C36 XAT QDA . -51.78 82.09 40.08
C37 XAT QDA . -50.42 81.96 38.58
C38 XAT QDA . -47.53 79.04 39.59
C39 XAT QDA . -50.75 76.26 39.32
C40 XAT QDA . -54.49 72.69 39.16
O23 XAT QDA . -47.21 83.88 40.95
O24 XAT QDA . -49.02 80.11 41.20
C1 NEX RDA . -34.81 69.35 38.79
C2 NEX RDA . -33.39 69.87 39.06
C3 NEX RDA . -32.17 69.19 38.39
C4 NEX RDA . -32.52 68.06 37.44
C5 NEX RDA . -33.60 67.15 38.05
C6 NEX RDA . -34.84 67.93 38.23
C7 NEX RDA . -35.94 67.49 37.82
C8 NEX RDA . -37.13 67.01 37.24
C9 NEX RDA . -38.53 66.92 37.76
C10 NEX RDA . -39.22 65.91 37.50
C11 NEX RDA . -40.64 65.70 37.77
C12 NEX RDA . -41.17 64.65 37.59
C13 NEX RDA . -42.58 64.26 37.33
C14 NEX RDA . -42.94 63.06 37.37
C15 NEX RDA . -44.17 62.46 36.86
C16 NEX RDA . -35.55 70.30 37.84
C17 NEX RDA . -35.55 69.25 40.09
C18 NEX RDA . -33.79 65.93 37.15
C19 NEX RDA . -39.03 68.03 38.56
C20 NEX RDA . -43.58 65.33 37.01
O3 NEX RDA . -31.46 70.20 37.66
O4 NEX RDA . -33.15 66.69 39.31
C21 NEX RDA . -51.45 53.23 36.55
C22 NEX RDA . -52.31 52.18 37.24
C23 NEX RDA . -52.59 52.54 38.69
C24 NEX RDA . -53.53 53.73 38.70
C25 NEX RDA . -52.90 54.91 37.98
C26 NEX RDA . -51.84 54.66 36.91
C27 NEX RDA . -51.58 55.77 35.90
C28 NEX RDA . -50.43 56.42 35.84
C29 NEX RDA . -50.25 57.40 34.93
C30 NEX RDA . -49.18 58.05 34.85
C31 NEX RDA . -48.03 58.21 35.76
C32 NEX RDA . -47.38 59.19 35.75
C33 NEX RDA . -46.12 59.58 36.46
C34 NEX RDA . -45.65 60.73 36.30
C35 NEX RDA . -44.42 61.30 36.88
C36 NEX RDA . -51.56 53.04 35.05
C37 NEX RDA . -50.00 53.00 36.97
C38 NEX RDA . -53.64 56.23 37.96
C39 NEX RDA . -51.36 57.74 33.98
C40 NEX RDA . -45.43 58.59 37.34
O23 NEX RDA . -53.21 51.44 39.36
O24 NEX RDA . -51.49 55.03 38.25
O1 LHG SDA . -57.97 47.02 3.57
C1 LHG SDA . -58.09 45.62 3.86
C2 LHG SDA . -58.22 45.41 5.36
O2 LHG SDA . -59.59 45.14 5.68
C3 LHG SDA . -57.78 46.65 6.11
O3 LHG SDA . -58.73 46.93 7.13
P LHG SDA . -58.34 47.87 8.37
O4 LHG SDA . -57.09 47.33 9.01
O5 LHG SDA . -58.36 49.31 7.90
O6 LHG SDA . -59.57 47.65 9.37
C4 LHG SDA . -60.68 48.55 9.32
C5 LHG SDA . -61.25 48.76 10.71
C6 LHG SDA . -60.10 49.12 11.64
O7 LHG SDA . -62.19 49.83 10.71
C7 LHG SDA . -63.42 49.45 11.08
O9 LHG SDA . -63.57 48.50 11.83
C8 LHG SDA . -64.61 50.22 10.57
C9 LHG SDA . -65.90 49.49 10.91
C10 LHG SDA . -67.07 50.46 10.85
O8 LHG SDA . -60.58 49.79 12.80
C23 LHG SDA . -59.98 50.91 13.22
O10 LHG SDA . -59.00 51.33 12.61
C24 LHG SDA . -60.50 51.64 14.44
C11 LHG SDA . -67.41 51.01 12.23
C12 LHG SDA . -68.91 51.01 12.47
C13 LHG SDA . -69.29 51.89 13.65
C14 LHG SDA . -70.40 52.86 13.26
C15 LHG SDA . -70.82 53.73 14.44
C16 LHG SDA . -72.16 53.27 14.98
C17 LHG SDA . -72.66 54.18 16.10
C18 LHG SDA . -73.74 55.14 15.58
C19 LHG SDA . -75.12 54.72 16.09
C20 LHG SDA . -75.14 54.70 17.61
C21 LHG SDA . -76.57 54.66 18.14
C22 LHG SDA . -76.57 54.48 19.65
C25 LHG SDA . -61.25 52.89 14.02
C26 LHG SDA . -62.75 52.63 13.97
C27 LHG SDA . -63.33 52.36 15.35
C28 LHG SDA . -64.73 51.75 15.25
C29 LHG SDA . -64.69 50.23 15.19
C30 LHG SDA . -66.08 49.63 15.36
C31 LHG SDA . -66.14 48.65 16.53
C32 LHG SDA . -66.25 47.20 16.07
C33 LHG SDA . -67.29 47.01 14.98
C34 LHG SDA . -66.65 46.45 13.70
C35 LHG SDA . -67.69 46.23 12.61
C36 LHG SDA . -68.15 44.78 12.60
C37 LHG SDA . -68.10 44.21 11.19
C38 LHG SDA . -66.77 43.53 10.93
C1 SPH TDA . -56.34 42.35 1.54
O1 SPH TDA . -55.95 43.27 2.52
C2 SPH TDA . -57.39 41.41 2.12
N2 SPH TDA . -57.45 41.64 3.56
C3 SPH TDA . -58.74 41.70 1.49
O3 SPH TDA . -58.99 40.77 0.48
C4 SPH TDA . -59.85 41.61 2.54
C5 SPH TDA . -61.12 41.67 2.20
C6 SPH TDA . -62.21 41.57 3.26
C7 SPH TDA . -63.37 40.71 2.76
C8 SPH TDA . -64.40 40.54 3.88
C9 SPH TDA . -64.77 39.06 4.00
C10 SPH TDA . -65.85 38.87 5.06
C11 SPH TDA . -67.16 38.48 4.39
C12 SPH TDA . -68.26 38.40 5.44
C13 SPH TDA . -67.91 37.32 6.47
C14 SPH TDA . -68.09 37.88 7.87
C15 SPH TDA . -67.82 36.80 8.91
C16 SPH TDA . -66.36 36.38 8.89
C17 SPH TDA . -66.02 35.71 10.22
C18 SPH TDA . -64.83 34.78 10.03
C1 PTY UDA . -81.93 37.72 15.77
C2 PTY UDA . -86.81 42.16 18.49
C3 PTY UDA . -85.56 41.70 19.23
O4 PTY UDA . -82.02 37.11 14.52
C5 PTY UDA . -83.42 37.31 17.75
C6 PTY UDA . -82.34 36.73 16.86
O7 PTY UDA . -81.23 36.39 17.64
C8 PTY UDA . -81.05 35.01 17.85
O10 PTY UDA . -81.99 34.29 17.89
C11 PTY UDA . -79.65 34.44 18.00
C12 PTY UDA . -79.63 33.02 17.42
C13 PTY UDA . -78.32 32.81 16.67
C14 PTY UDA . -77.72 31.46 17.04
C15 PTY UDA . -76.58 31.12 16.08
C16 PTY UDA . -75.53 32.23 16.09
C17 PTY UDA . -74.33 31.82 15.23
C18 PTY UDA . -73.50 33.05 14.87
C19 PTY UDA . -72.91 33.66 16.14
C20 PTY UDA . -71.58 34.34 15.83
C21 PTY UDA . -71.02 34.97 17.11
C22 PTY UDA . -70.07 33.99 17.80
C23 PTY UDA . -69.81 34.43 19.23
C24 PTY UDA . -68.47 33.88 19.73
C25 PTY UDA . -68.52 32.35 19.78
C26 PTY UDA . -67.72 31.86 20.98
C27 PTY UDA . -68.57 32.00 22.25
C28 PTY UDA . -67.98 31.18 23.38
C29 PTY UDA . -68.85 31.35 24.63
C30 PTY UDA . -80.85 37.15 13.75
C31 PTY UDA . -79.92 35.94 13.66
O30 PTY UDA . -80.57 38.15 13.16
C32 PTY UDA . -78.87 35.99 14.76
C33 PTY UDA . -77.71 36.89 14.37
C34 PTY UDA . -76.59 36.05 13.79
C35 PTY UDA . -75.32 36.89 13.61
C36 PTY UDA . -74.79 37.32 14.99
C37 PTY UDA . -73.35 37.84 14.86
C38 PTY UDA . -72.99 38.63 16.12
C39 PTY UDA . -71.54 39.13 16.00
C40 PTY UDA . -70.75 38.67 17.21
C41 PTY UDA . -69.32 39.23 17.17
C42 PTY UDA . -69.35 40.72 17.54
C43 PTY UDA . -67.97 41.33 17.27
C44 PTY UDA . -68.05 42.84 17.43
P1 PTY UDA . -84.96 39.38 18.15
O11 PTY UDA . -84.71 40.99 18.37
O12 PTY UDA . -86.12 39.17 17.21
O13 PTY UDA . -85.28 38.73 19.47
O14 PTY UDA . -83.62 38.67 17.50
N1 PTY UDA . -87.84 42.52 19.44
C1 PTY VDA . -64.31 36.19 33.41
C2 PTY VDA . -69.71 36.99 37.08
C3 PTY VDA . -69.01 35.66 37.39
O4 PTY VDA . -65.23 37.15 32.96
C5 PTY VDA . -65.36 34.30 34.70
C6 PTY VDA . -64.94 34.80 33.30
O7 PTY VDA . -64.02 33.92 32.74
C8 PTY VDA . -64.60 33.02 31.84
O10 PTY VDA . -65.27 32.12 32.24
C11 PTY VDA . -64.37 33.18 30.34
C30 PTY VDA . -65.09 37.51 31.62
C31 PTY VDA . -66.32 37.86 30.78
O30 PTY VDA . -64.02 37.54 31.13
P1 PTY VDA . -67.51 33.91 36.15
O11 PTY VDA . -68.76 34.98 36.20
O12 PTY VDA . -68.05 32.51 36.31
O13 PTY VDA . -66.54 34.21 37.27
O14 PTY VDA . -66.73 34.03 34.70
N1 PTY VDA . -69.83 37.77 38.30
#